data_9P4V
#
_entry.id   9P4V
#
_cell.length_a   1.00
_cell.length_b   1.00
_cell.length_c   1.00
_cell.angle_alpha   90.00
_cell.angle_beta   90.00
_cell.angle_gamma   90.00
#
_symmetry.space_group_name_H-M   'P 1'
#
loop_
_entity.id
_entity.type
_entity.pdbx_description
1 polymer 'Fatty acid synthase subunit beta'
2 polymer 'Fatty acid synthase subunit alpha'
3 non-polymer 'FLAVIN MONONUCLEOTIDE'
4 non-polymer Palmitoyl-CoA
5 non-polymer 'NADPH DIHYDRO-NICOTINAMIDE-ADENINE-DINUCLEOTIDE PHOSPHATE'
6 water water
#
loop_
_entity_poly.entity_id
_entity_poly.type
_entity_poly.pdbx_seq_one_letter_code
_entity_poly.pdbx_strand_id
1 'polypeptide(L)'
;MDAYSTRPLTLSHGSLEHVLLVPTASFFIASQLQEQFNKILPEPTEGFAADDEPTTPAELVGKFLGYVSSLVEPSKVGQF
DQVLNLCLTEFENCYLEGNDIHALAAKLLQENDTTLVKTKELIKNYITARIMAKRPFDKKSNSALFRAVGEGNAQLVAIF
GGQGNTDDYFEELRDLYQTYHVLVGDLIKFSAETLSELIRTTLDAEKVFTQGLNILEWLENPSNTPDKDYLLSIPISCPL
IGVIQLAHYVVTAKLLGFTPGELRSYLKGATGHSQGLVTAVAIAETDSWESFFVSVRKAITVLFFIGVRCYEAYPNTSLP
PSILEDSLENNEGVPSPMLSISNLTQEQVQDYVNKTNSHLPAGKQVEISLVNGAKNLVVSGPPQSLYGLNLTLRKAKAPS
GLDQSRIPFSERKLKFSNRFLPVASPFHSHLLVPASDLINKDLVKNNVSFNAKDIQIPVYDTFDGSDLRVLSGSISERIV
DCIIRLPVKWETTTQFKATHILDFGPGGASGLGVLTHRNKDGTGVRVIVAGTLDINPDDDYGFKQEIFDVTSNGLKKNPN
WLEEYHPKLIKNKSGKIFVETKFSKLIGRPPLLVPGMTPCTVSPDFVAATTNAGYTIELAGGGYFSAAGMTAAIDSVVSQ
IEKGSTFGINLIYVNPFMLQWGIPLIKELRSKGYPIQFLTIGAGVPSLEVASEYIETLGLKYLGLKPGSIDAISQVINIA
KAHPNFPIALQWTGGRGGGHHSFEDAHTPMLQMYSKIRRHPNIMLIFGSGFGSADDTYPYLTGEWSTKFDYPPMPFDGFL
FGSRVMIAKEVKTSPDAKKCIAACTGVPDDKWEQTYKKPTGGIVTVRSEMGEPIHKIATRGVMLWKEFDETIFNLPKNKL
VPTLEAKRDYIISRLNADFQKPWFATVNGQARDLATMTYEEVAKRLVELMFIRSTNSWFDVTWRTFTGDFLRRVEERFTK
SKTLSLIQSYSLLDKPDEAIEKVFNAYPAAREQFLNAQDIDHFLSMCQNPMQKPVPFVPVLDRRFEIFFKKDSLWQSEHL
EAVVDQDVQRTCILHGPVAAQFTKVIDEPIKSIMDGIHDGHIKKLLHQYYGDDESKIPAVEYFGGESPVDVQSQVDSSSV
SEDSAVFKATSSTDEESWFKALAGSEINWRHASFLCSFITQDKMFVSNPIRKVFKPSQGMVVEISNGNTSSKTVVTLSEP
VQGELKPTVILKLLKENIIQMEMIENRTMDGKPVSLPLLYNFNPDNGFAPISEVMEDRNQRIKEMYWKLWIDEPFNLDFD
PRDVIKGKDFEITAKEVYDFTHAVGNNCEDFVSRPDRTMLAPMDFAIVVGWRAIIKAIFPNTVDGDLLKLVHLSNGYKMI
PGAKPLQVGDVVSTTAVIESVVNQPTGKIVDVVGTLSRNGKPVMEVTSSFFYRGNYTDFENTFQKTVEPVYQMHIKTSKD
IAVLRSKEWFQLDDEDFDLLNKTLTFETETEVTFKNANIFSSVKCFGPIKVELPTKETVEIGIVDYEAGASHGNPVVDFL
KRNGSTLEQKVNLENPIPIAVLDSYTPSTNEPYARVSGDLNPIHVSRHFASYANLPGTITHGMFSSASVRALIENWAADS
VSSRVRGYTCQFVDMVLPNTALKTSIQHVGMINGRKLIKFETRNEDDVVVLTGEAEIEQPVTTFVFTGQGSQEQGMGMDL
YKTSKAAQDVWNRADNHFKDTYGFSILDIVINNPVNLTIHFGGEKGKRIRENYSAMIFETIVDGKLKTEKIFKEINEHST
SYTFRSEKGLLSATQFTQPALTLMEKAAFEDLKSKGLIPADATFAGHSLGEYAALASLADVMSIESLVEVVFYRGMTMQV
AVPRDELGRSNYGMIAINPGRVAASFSQEALQYVVERVGKRTGWLVEIVNYNVENQQYVAAGDLRALDTVTNVLNFIKLQ
KIDIIELQKSLSLEEVEGHLFEIIDEASKKSAVKPRPLKLERGFACIPLVGISVPFHSTYLMNGVKPFKSFLKKNIIKEN
VKVARLAGKYIPNLTAKPFQVTKEYFQDVYDLTGSEPIKEIIDNWEKYEQS
;
A,C,I,N,T,Z
2 'polypeptide(L)'
;MKPEVEQELAHILLTELLAYQFASPVRWIETQDVFLKDFNTERVVEIGPSPTLAGMAQRTLKNKYESYDAALSLHREILC
YSKDAKEIYYTPDPSELAAKEEPAKEEAPAPTPAASAPAPAAAAPAPVAAAAPAAAAAEIADEPVKASLLLHVLVAHKLK
KSLDSIPMSKTIKDLVGGKSTVQNEILGDLGKEFGTTPEKPEETPLEELAETFQDTFSGALGKQSSSLLSRLISSKMPGG
FTITVARKYLQTRWGLPSGRQDGVLLVALSNEPAARLGSEADAKAFLDSMAQKYASIVGVDLSSAASASGAAGAGAAAGA
AMIDAGALEEITKDHKVLARQQLQVLARYLKMDLDNGERKFLKEKDTVAELQAQLDYLNAELGEFFVNGVATSFSRKKAR
TFDSSWNWAKQSLLSLYFEIIHGVLKNVDREVVSEAINIMNRSNDALIKFMEYHISNTDETKGENYQLVKTLGEQLIENC
KQVLDVDPVYKDVAKPTGPKTAIDKNGNITYSEEPREKVRKLSQYVQEMALGGPITKESQPTIEEDLTRVYKAISAQADK
QDISSSTRVEFEKLYSDLMKFLESSKEIDPSQTTQLAGMDVEDALDKDSTKEVASLPNKSTISKTVSSTIPRETIPFLHL
RKKTPAGDWKYDRQLSSLFLDGLEKAAFNGVTFKDKYVLITGAGKGSIGAEVLQGLLQGGAKVVVTTSRFSKQVTDYYQS
IYAKYGAKGSTLIVVPFNQGSKQDVEALIEFIYDTEKNGGLGWDLDAIIPFAAIPEQGIELEHIDSKSEFAHRIMLTNIL
RMMGCVKKQKSARGIETRPAQVILPMSPNHGTFGGDGMYSESKLSLETLFNRWHSESWANQLTVCGAIIGWTRGTGLMSA
NNIIAEGIEKMGVRTFSQKEMAFNLLGLLTPEVVELCQKSPVMADLNGGLQFVPELKEFTAKLRKELVETSEVRKAVSIE
TALEHKVVNGNSADAAYAQVEIQPRANIQLDFPELKPYKQVKQIAPAELEGLLDLERVIVVTGFAEVGPWGSARTRWEME
AFGEFSLEGCVEMAWIMGFISYHNGNLKGRPYTGWVDSKTKEPVDDKDVKAKYETSILEHSGIRLIEPELFNGYNPEKKE
MIQEVIVEEDLEPFEASKETAEQFKHQHGDKVDIFEIPETGEYSVKLLKGATLYIPKALRFDRLVAGQIPTGWNAKTYGI
SDDIISQVDPITLFVLVSVVEAFIASGITDPYEMYKYVHVSEVGNCSGSGMGGVSALRGMFKDRFKDEPVQNDILQESFI
NTMSAWVNMLLISSSGPIKTPVGACATSVESVDIGVETILSGKARICIVGGYDDFQEEGSFEFGNMKATSNTLEEFEHGR
TPAEMSRPATTTRNGFMEAQGAGIQIIMQADLALKMGVPIYGIVAMAATATDKIGRSVPAPGKGILTTAREHHSSVKYAS
PNLNMKYRKRQLVTREAQIKDWVENELEALKLEAEEIPSEDQNEFLLERTREIHNEAESQLRAAQQQWGNDFYKRDPRIA
PLRGALATYGLTIDDLGVASFHGTSTKANDKNESATINEMMKHLGRSEGNPVIGVFQKFLTGHPKGAAGAWMMNGALQIL
NSGIIPGNRNADNVDKILEQFEYVLYPSKTLKTDGVRAVSITSFGFGQKGGQAIVVHPDYLYGAITEDRYNEYVAKVSAR
EKSAYKFFHNGMIYNKLFVSKEHAPYTDELEEDVYLDPLARVSKDKKSGSLTFNSKNIQSKDSYINANTIETAKMIENMT
KEKVSNGGVGVDVELITSINVENDTFIERNFTPQEIEYCSAQPSVQSSFAGTWSAKEAVFKSLGVKSLGGGAALKDIEIV
RVNKNAPAVELHGNAKKAAEEAGVTDVKVSISHDDLQAVAVAVSTKK
;
B,D,J,O,U,1
#
loop_
_chem_comp.id
_chem_comp.type
_chem_comp.name
_chem_comp.formula
FMN non-polymer 'FLAVIN MONONUCLEOTIDE' 'C17 H21 N4 O9 P'
NDP non-polymer 'NADPH DIHYDRO-NICOTINAMIDE-ADENINE-DINUCLEOTIDE PHOSPHATE' 'C21 H30 N7 O17 P3'
PKZ non-polymer Palmitoyl-CoA 'C37 H66 N7 O17 P3 S'
#
# COMPACT_ATOMS: atom_id res chain seq x y z
N SER A 5 66.20 -102.81 57.53
CA SER A 5 65.32 -101.64 57.54
C SER A 5 64.89 -101.30 56.12
N THR A 6 63.97 -100.35 55.99
CA THR A 6 63.44 -99.97 54.69
C THR A 6 63.01 -98.51 54.73
N ARG A 7 63.81 -97.64 54.12
CA ARG A 7 63.41 -96.25 53.99
C ARG A 7 62.29 -96.14 52.94
N PRO A 8 61.34 -95.23 53.14
CA PRO A 8 60.21 -95.12 52.20
C PRO A 8 60.45 -94.10 51.09
N LEU A 9 59.63 -94.25 50.04
CA LEU A 9 59.63 -93.31 48.93
C LEU A 9 58.21 -93.24 48.37
N THR A 10 57.93 -92.20 47.60
CA THR A 10 56.59 -91.91 47.10
C THR A 10 56.59 -91.82 45.58
N LEU A 11 56.15 -92.89 44.92
CA LEU A 11 55.79 -92.80 43.51
C LEU A 11 54.55 -91.93 43.41
N SER A 12 54.68 -90.74 42.85
CA SER A 12 53.62 -89.74 42.84
C SER A 12 53.34 -89.28 41.43
N HIS A 13 52.07 -88.95 41.19
CA HIS A 13 51.63 -88.40 39.89
C HIS A 13 50.68 -87.25 40.22
N GLY A 14 51.23 -86.05 40.38
CA GLY A 14 50.40 -84.90 40.66
C GLY A 14 49.57 -85.12 41.92
N SER A 15 48.27 -84.85 41.81
CA SER A 15 47.39 -84.95 42.97
C SER A 15 47.44 -86.34 43.60
N LEU A 16 47.23 -87.37 42.80
CA LEU A 16 47.29 -88.74 43.31
C LEU A 16 48.74 -89.17 43.44
N GLU A 17 49.03 -89.87 44.53
CA GLU A 17 50.38 -90.38 44.77
C GLU A 17 50.30 -91.58 45.70
N HIS A 18 51.33 -92.42 45.64
CA HIS A 18 51.41 -93.63 46.42
C HIS A 18 52.78 -93.74 47.07
N VAL A 19 52.81 -94.33 48.26
CA VAL A 19 54.04 -94.45 49.06
C VAL A 19 54.50 -95.90 49.05
N LEU A 20 55.78 -96.10 48.79
CA LEU A 20 56.39 -97.41 48.79
C LEU A 20 57.50 -97.47 49.83
N LEU A 21 57.65 -98.62 50.48
CA LEU A 21 58.61 -98.82 51.56
C LEU A 21 59.68 -99.79 51.06
N VAL A 22 60.69 -99.24 50.39
CA VAL A 22 61.75 -100.06 49.80
C VAL A 22 62.76 -100.40 50.88
N PRO A 23 63.41 -101.57 50.83
CA PRO A 23 64.50 -101.82 51.77
C PRO A 23 65.63 -100.82 51.57
N THR A 24 66.34 -100.53 52.67
CA THR A 24 67.47 -99.61 52.58
C THR A 24 68.56 -100.11 51.64
N ALA A 25 68.69 -101.42 51.46
CA ALA A 25 69.79 -101.95 50.66
C ALA A 25 69.72 -101.47 49.22
N SER A 26 68.52 -101.48 48.62
CA SER A 26 68.34 -101.12 47.22
C SER A 26 67.63 -99.77 47.08
N PHE A 27 67.76 -98.91 48.09
CA PHE A 27 67.06 -97.62 48.03
C PHE A 27 67.56 -96.79 46.86
N PHE A 28 68.86 -96.83 46.57
CA PHE A 28 69.37 -96.01 45.47
C PHE A 28 68.88 -96.52 44.12
N ILE A 29 68.82 -97.85 43.94
CA ILE A 29 68.29 -98.40 42.69
C ILE A 29 66.83 -97.99 42.55
N ALA A 30 66.07 -98.11 43.63
CA ALA A 30 64.66 -97.72 43.60
C ALA A 30 64.52 -96.25 43.28
N SER A 31 65.38 -95.40 43.85
CA SER A 31 65.26 -93.96 43.65
C SER A 31 65.62 -93.57 42.22
N GLN A 32 66.65 -94.19 41.64
CA GLN A 32 66.97 -93.88 40.25
C GLN A 32 65.84 -94.33 39.33
N LEU A 33 65.29 -95.52 39.57
CA LEU A 33 64.17 -95.97 38.75
C LEU A 33 62.97 -95.04 38.92
N GLN A 34 62.75 -94.58 40.14
CA GLN A 34 61.67 -93.63 40.39
C GLN A 34 61.88 -92.34 39.59
N GLU A 35 63.09 -91.80 39.62
CA GLU A 35 63.35 -90.57 38.88
C GLU A 35 63.13 -90.77 37.39
N GLN A 36 63.62 -91.88 36.85
CA GLN A 36 63.34 -92.18 35.45
C GLN A 36 61.84 -92.24 35.19
N PHE A 37 61.09 -92.84 36.13
CA PHE A 37 59.65 -92.98 35.96
C PHE A 37 58.95 -91.61 35.96
N ASN A 38 59.33 -90.72 36.87
CA ASN A 38 58.81 -89.35 36.79
C ASN A 38 59.22 -88.69 35.50
N LYS A 39 60.38 -89.05 34.97
CA LYS A 39 60.83 -88.43 33.73
C LYS A 39 59.98 -88.86 32.55
N ILE A 40 59.56 -90.12 32.53
CA ILE A 40 58.71 -90.61 31.44
C ILE A 40 57.22 -90.45 31.71
N LEU A 41 56.83 -89.81 32.82
CA LEU A 41 55.40 -89.71 33.16
C LEU A 41 54.92 -88.27 32.96
N PRO A 42 53.84 -88.05 32.20
CA PRO A 42 53.46 -86.69 31.80
C PRO A 42 52.81 -85.90 32.93
N GLU A 43 52.81 -84.57 32.79
CA GLU A 43 52.25 -83.73 33.83
C GLU A 43 50.82 -84.11 34.14
N PRO A 44 50.43 -83.99 35.41
CA PRO A 44 49.05 -84.30 35.79
C PRO A 44 48.08 -83.26 35.27
N THR A 45 46.82 -83.63 35.11
CA THR A 45 45.81 -82.71 34.63
C THR A 45 44.58 -82.78 35.52
N GLU A 46 43.80 -81.71 35.53
CA GLU A 46 42.58 -81.70 36.32
C GLU A 46 41.66 -82.80 35.84
N GLY A 47 41.09 -83.55 36.77
CA GLY A 47 40.21 -84.65 36.45
C GLY A 47 40.90 -85.85 35.84
N PHE A 48 42.18 -85.77 35.49
CA PHE A 48 42.91 -86.88 34.88
C PHE A 48 42.12 -87.51 33.75
N ALA A 49 41.28 -86.72 33.08
CA ALA A 49 40.46 -87.22 32.00
C ALA A 49 41.27 -87.50 30.74
N ALA A 50 42.55 -87.13 30.70
CA ALA A 50 43.38 -87.35 29.53
C ALA A 50 43.99 -88.75 29.57
N ASP A 51 44.71 -89.09 28.51
CA ASP A 51 45.36 -90.39 28.39
C ASP A 51 46.82 -90.28 28.80
N ASP A 52 47.43 -91.44 29.03
CA ASP A 52 48.84 -91.55 29.41
C ASP A 52 49.10 -91.04 30.82
N GLU A 53 48.05 -90.82 31.61
CA GLU A 53 48.20 -90.35 32.98
C GLU A 53 47.29 -91.19 33.87
N PRO A 54 47.82 -91.79 34.95
CA PRO A 54 46.95 -92.55 35.85
C PRO A 54 45.85 -91.68 36.44
N THR A 55 44.78 -92.34 36.86
CA THR A 55 43.70 -91.67 37.58
C THR A 55 43.57 -92.14 39.02
N THR A 56 44.12 -93.29 39.36
CA THR A 56 44.07 -93.82 40.71
C THR A 56 45.44 -94.39 41.08
N PRO A 57 45.75 -94.49 42.37
CA PRO A 57 47.07 -95.00 42.76
C PRO A 57 47.37 -96.39 42.22
N ALA A 58 46.35 -97.24 42.08
CA ALA A 58 46.58 -98.55 41.49
C ALA A 58 47.16 -98.43 40.09
N GLU A 59 46.61 -97.50 39.29
CA GLU A 59 47.12 -97.29 37.94
C GLU A 59 48.57 -96.83 37.97
N LEU A 60 48.90 -95.93 38.90
CA LEU A 60 50.27 -95.43 38.98
C LEU A 60 51.24 -96.56 39.34
N VAL A 61 50.88 -97.38 40.33
CA VAL A 61 51.76 -98.47 40.70
C VAL A 61 51.91 -99.44 39.54
N GLY A 62 50.82 -99.75 38.84
CA GLY A 62 50.92 -100.64 37.69
C GLY A 62 51.80 -100.07 36.59
N LYS A 63 51.73 -98.76 36.38
CA LYS A 63 52.55 -98.12 35.36
C LYS A 63 54.03 -98.18 35.74
N PHE A 64 54.34 -97.93 37.01
CA PHE A 64 55.71 -98.09 37.47
C PHE A 64 56.15 -99.53 37.28
N LEU A 65 55.26 -100.46 37.54
CA LEU A 65 55.57 -101.88 37.42
C LEU A 65 55.92 -102.22 35.98
N GLY A 66 55.11 -101.74 35.04
CA GLY A 66 55.38 -101.97 33.64
C GLY A 66 56.67 -101.33 33.18
N TYR A 67 56.96 -100.13 33.70
CA TYR A 67 58.22 -99.48 33.35
C TYR A 67 59.41 -100.31 33.83
N VAL A 68 59.35 -100.80 35.07
CA VAL A 68 60.44 -101.61 35.58
C VAL A 68 60.56 -102.90 34.78
N SER A 69 59.43 -103.48 34.39
CA SER A 69 59.46 -104.68 33.57
C SER A 69 60.14 -104.40 32.23
N SER A 70 59.88 -103.22 31.65
CA SER A 70 60.53 -102.87 30.39
C SER A 70 62.04 -102.80 30.56
N LEU A 71 62.51 -102.27 31.68
CA LEU A 71 63.95 -102.28 31.97
C LEU A 71 64.41 -103.65 32.43
N VAL A 72 63.56 -104.39 33.14
CA VAL A 72 63.91 -105.73 33.56
C VAL A 72 64.02 -106.64 32.34
N GLU A 73 65.10 -107.41 32.28
CA GLU A 73 65.33 -108.31 31.17
C GLU A 73 65.99 -109.59 31.67
N PRO A 74 65.27 -110.73 31.66
CA PRO A 74 65.89 -111.99 32.10
C PRO A 74 67.08 -112.38 31.24
N GLY A 78 68.61 -108.43 35.85
CA GLY A 78 69.16 -108.72 37.16
C GLY A 78 69.28 -107.49 38.03
N GLN A 79 69.60 -106.36 37.41
CA GLN A 79 69.77 -105.12 38.16
C GLN A 79 68.51 -104.77 38.94
N PHE A 80 67.42 -104.49 38.23
CA PHE A 80 66.20 -104.01 38.84
C PHE A 80 65.24 -105.13 39.21
N ASP A 81 65.70 -106.38 39.21
CA ASP A 81 64.82 -107.50 39.50
C ASP A 81 64.27 -107.44 40.92
N GLN A 82 65.14 -107.15 41.89
CA GLN A 82 64.70 -107.19 43.28
C GLN A 82 63.66 -106.12 43.56
N VAL A 83 63.87 -104.91 43.05
CA VAL A 83 62.86 -103.87 43.22
C VAL A 83 61.60 -104.23 42.47
N LEU A 84 61.74 -104.86 41.30
CA LEU A 84 60.55 -105.32 40.58
C LEU A 84 59.72 -106.22 41.48
N ASN A 85 60.35 -107.22 42.08
CA ASN A 85 59.62 -108.13 42.96
C ASN A 85 59.05 -107.41 44.16
N LEU A 86 59.81 -106.49 44.75
CA LEU A 86 59.34 -105.80 45.95
C LEU A 86 58.09 -104.98 45.65
N CYS A 87 58.11 -104.19 44.58
CA CYS A 87 56.94 -103.39 44.25
C CYS A 87 55.81 -104.25 43.71
N LEU A 88 56.13 -105.36 43.03
CA LEU A 88 55.10 -106.33 42.68
C LEU A 88 54.34 -106.79 43.90
N THR A 89 55.08 -107.19 44.94
CA THR A 89 54.43 -107.67 46.16
C THR A 89 53.66 -106.56 46.84
N GLU A 90 54.21 -105.35 46.89
CA GLU A 90 53.48 -104.25 47.53
C GLU A 90 52.16 -103.96 46.81
N PHE A 91 52.21 -103.92 45.47
CA PHE A 91 51.00 -103.69 44.69
C PHE A 91 49.99 -104.79 44.92
N GLU A 92 50.44 -106.04 44.93
CA GLU A 92 49.54 -107.16 45.16
C GLU A 92 48.89 -107.07 46.53
N ASN A 93 49.69 -106.77 47.56
CA ASN A 93 49.18 -106.82 48.93
C ASN A 93 48.27 -105.65 49.23
N CYS A 94 48.48 -104.51 48.59
CA CYS A 94 47.62 -103.36 48.85
C CYS A 94 46.36 -103.37 47.98
N TYR A 95 46.50 -103.72 46.70
CA TYR A 95 45.40 -103.59 45.75
C TYR A 95 44.79 -104.92 45.34
N LEU A 96 45.57 -106.00 45.31
CA LEU A 96 45.03 -107.33 44.99
C LEU A 96 44.89 -108.11 46.29
N GLU A 97 43.77 -107.86 46.98
CA GLU A 97 43.51 -108.50 48.26
C GLU A 97 43.16 -109.97 48.05
N GLY A 98 44.15 -110.77 47.67
CA GLY A 98 43.89 -112.18 47.41
C GLY A 98 42.85 -112.37 46.33
N ASN A 99 42.85 -111.51 45.31
CA ASN A 99 41.88 -111.57 44.24
C ASN A 99 42.60 -111.39 42.91
N ASP A 100 41.97 -111.88 41.85
CA ASP A 100 42.57 -111.84 40.53
C ASP A 100 42.69 -110.41 40.02
N ILE A 101 43.66 -110.19 39.12
CA ILE A 101 43.89 -108.86 38.57
C ILE A 101 42.64 -108.38 37.84
N HIS A 102 41.94 -109.29 37.17
CA HIS A 102 40.73 -108.91 36.44
C HIS A 102 39.67 -108.37 37.40
N ALA A 103 39.59 -108.94 38.60
CA ALA A 103 38.67 -108.40 39.60
C ALA A 103 39.04 -106.96 39.95
N LEU A 104 40.32 -106.68 40.10
CA LEU A 104 40.76 -105.31 40.38
C LEU A 104 40.41 -104.37 39.23
N ALA A 105 40.64 -104.82 37.98
CA ALA A 105 40.32 -103.98 36.84
C ALA A 105 38.82 -103.69 36.78
N ALA A 106 38.00 -104.71 37.02
CA ALA A 106 36.56 -104.52 37.03
C ALA A 106 36.16 -103.54 38.13
N LYS A 107 36.77 -103.66 39.31
CA LYS A 107 36.50 -102.72 40.39
C LYS A 107 36.83 -101.30 39.97
N LEU A 108 38.01 -101.12 39.36
CA LEU A 108 38.43 -99.78 38.96
C LEU A 108 37.47 -99.19 37.94
N LEU A 109 37.00 -100.01 37.00
CA LEU A 109 36.03 -99.53 36.02
C LEU A 109 34.72 -99.15 36.71
N GLN A 110 34.17 -100.06 37.51
CA GLN A 110 32.81 -99.87 38.01
C GLN A 110 32.74 -98.72 39.01
N GLU A 111 33.65 -98.70 39.98
CA GLU A 111 33.55 -97.73 41.07
C GLU A 111 34.32 -96.46 40.75
N ASN A 112 35.62 -96.58 40.49
CA ASN A 112 36.41 -95.41 40.14
C ASN A 112 36.12 -94.98 38.71
N ASP A 113 36.50 -93.75 38.39
CA ASP A 113 36.29 -93.19 37.05
C ASP A 113 37.55 -93.43 36.20
N THR A 114 37.75 -94.69 35.87
CA THR A 114 38.85 -95.11 35.02
C THR A 114 38.32 -95.60 33.68
N THR A 115 39.06 -95.30 32.61
CA THR A 115 38.68 -95.74 31.28
C THR A 115 39.04 -97.19 31.07
N LEU A 116 38.26 -97.86 30.21
CA LEU A 116 38.51 -99.27 29.92
C LEU A 116 39.92 -99.47 29.41
N VAL A 117 40.42 -98.53 28.61
CA VAL A 117 41.78 -98.64 28.06
C VAL A 117 42.81 -98.62 29.18
N LYS A 118 42.63 -97.74 30.16
CA LYS A 118 43.56 -97.67 31.28
C LYS A 118 43.56 -98.98 32.07
N THR A 119 42.38 -99.56 32.28
CA THR A 119 42.30 -100.83 33.00
C THR A 119 43.00 -101.94 32.23
N LYS A 120 42.80 -101.98 30.91
CA LYS A 120 43.52 -102.97 30.10
C LYS A 120 45.03 -102.77 30.21
N GLU A 121 45.47 -101.51 30.22
CA GLU A 121 46.90 -101.24 30.36
C GLU A 121 47.42 -101.71 31.71
N LEU A 122 46.64 -101.50 32.77
CA LEU A 122 47.04 -101.97 34.09
C LEU A 122 47.15 -103.48 34.11
N ILE A 123 46.18 -104.17 33.51
CA ILE A 123 46.24 -105.63 33.42
C ILE A 123 47.50 -106.05 32.69
N LYS A 124 47.78 -105.40 31.56
CA LYS A 124 48.97 -105.71 30.77
C LYS A 124 50.23 -105.55 31.61
N ASN A 125 50.37 -104.41 32.28
CA ASN A 125 51.56 -104.16 33.08
C ASN A 125 51.71 -105.24 34.14
N TYR A 126 50.65 -105.49 34.91
CA TYR A 126 50.77 -106.43 36.02
C TYR A 126 51.11 -107.83 35.53
N ILE A 127 50.46 -108.28 34.46
CA ILE A 127 50.66 -109.66 34.00
C ILE A 127 52.05 -109.81 33.40
N THR A 128 52.48 -108.84 32.59
CA THR A 128 53.81 -108.93 32.00
C THR A 128 54.88 -108.87 33.07
N ALA A 129 54.67 -108.06 34.11
CA ALA A 129 55.62 -108.04 35.22
C ALA A 129 55.65 -109.36 35.95
N ARG A 130 54.47 -109.93 36.23
CA ARG A 130 54.42 -111.21 36.93
C ARG A 130 55.21 -112.27 36.17
N ILE A 131 55.06 -112.32 34.85
CA ILE A 131 55.82 -113.29 34.09
C ILE A 131 57.30 -112.95 34.10
N MET A 132 57.64 -111.67 33.95
CA MET A 132 59.04 -111.27 33.88
C MET A 132 59.77 -111.51 35.19
N ALA A 133 59.05 -111.55 36.31
CA ALA A 133 59.66 -111.70 37.62
C ALA A 133 59.75 -113.16 38.06
N LYS A 134 59.69 -114.11 37.12
CA LYS A 134 59.78 -115.53 37.45
C LYS A 134 58.71 -115.94 38.46
N ARG A 135 57.54 -115.31 38.34
CA ARG A 135 56.39 -115.63 39.19
C ARG A 135 55.20 -115.96 38.31
N PRO A 136 55.29 -117.05 37.53
CA PRO A 136 54.18 -117.43 36.67
C PRO A 136 52.94 -117.79 37.46
N PHE A 137 51.87 -118.17 36.77
CA PHE A 137 50.62 -118.48 37.45
C PHE A 137 50.48 -119.99 37.58
N ASP A 138 51.59 -120.69 37.78
CA ASP A 138 51.57 -122.14 37.89
C ASP A 138 50.63 -122.61 39.01
N LYS A 139 50.67 -121.93 40.16
CA LYS A 139 49.76 -122.29 41.25
C LYS A 139 48.31 -122.15 40.79
N LYS A 140 47.52 -123.19 41.04
CA LYS A 140 46.12 -123.17 40.63
C LYS A 140 45.36 -122.09 41.39
N SER A 141 44.41 -121.48 40.69
CA SER A 141 43.57 -120.46 41.27
C SER A 141 42.50 -121.09 42.16
N ASN A 142 41.86 -120.26 42.97
CA ASN A 142 40.71 -120.64 43.78
C ASN A 142 39.49 -119.82 43.38
N SER A 143 39.31 -119.63 42.08
CA SER A 143 38.13 -118.90 41.60
C SER A 143 36.86 -119.57 42.09
N ALA A 144 35.89 -118.76 42.51
CA ALA A 144 34.67 -119.31 43.07
C ALA A 144 33.96 -120.23 42.06
N LEU A 145 33.96 -119.84 40.79
CA LEU A 145 33.23 -120.62 39.78
C LEU A 145 33.80 -122.03 39.66
N PHE A 146 35.12 -122.15 39.49
CA PHE A 146 35.70 -123.47 39.30
C PHE A 146 35.68 -124.28 40.59
N ARG A 147 35.78 -123.62 41.75
CA ARG A 147 35.57 -124.34 43.00
C ARG A 147 34.18 -124.94 43.05
N ALA A 148 33.16 -124.16 42.66
CA ALA A 148 31.80 -124.67 42.63
C ALA A 148 31.67 -125.84 41.68
N VAL A 149 32.30 -125.74 40.50
CA VAL A 149 32.24 -126.85 39.55
C VAL A 149 32.84 -128.10 40.16
N GLY A 150 34.02 -127.97 40.78
CA GLY A 150 34.65 -129.11 41.39
C GLY A 150 33.79 -129.73 42.48
N GLU A 151 33.14 -128.89 43.30
CA GLU A 151 32.28 -129.37 44.37
C GLU A 151 30.98 -129.96 43.85
N GLY A 152 30.70 -129.87 42.55
CA GLY A 152 29.46 -130.33 41.98
C GLY A 152 28.35 -129.31 41.99
N ASN A 153 28.61 -128.09 42.48
CA ASN A 153 27.56 -127.09 42.56
C ASN A 153 27.19 -126.53 41.19
N ALA A 154 28.12 -126.56 40.23
CA ALA A 154 27.90 -125.91 38.95
C ALA A 154 28.36 -126.82 37.80
N GLN A 155 27.75 -126.60 36.64
CA GLN A 155 28.10 -127.32 35.41
C GLN A 155 28.47 -126.31 34.34
N LEU A 156 29.57 -126.55 33.64
CA LEU A 156 30.09 -125.62 32.65
C LEU A 156 30.08 -126.25 31.27
N VAL A 157 29.59 -125.49 30.29
CA VAL A 157 29.66 -125.84 28.89
C VAL A 157 30.24 -124.66 28.14
N ALA A 158 31.19 -124.93 27.24
CA ALA A 158 31.87 -123.89 26.49
C ALA A 158 31.33 -123.82 25.08
N ILE A 159 31.03 -122.61 24.61
CA ILE A 159 30.48 -122.40 23.27
C ILE A 159 31.40 -121.44 22.52
N PHE A 160 31.53 -121.66 21.22
CA PHE A 160 32.38 -120.85 20.36
C PHE A 160 31.55 -120.31 19.21
N GLY A 161 31.63 -119.00 19.00
CA GLY A 161 30.88 -118.34 17.95
C GLY A 161 31.53 -118.54 16.59
N GLY A 162 31.11 -117.71 15.64
CA GLY A 162 31.64 -117.79 14.29
C GLY A 162 31.50 -116.48 13.55
N GLN A 163 31.23 -116.55 12.24
CA GLN A 163 31.09 -115.35 11.44
C GLN A 163 29.79 -114.63 11.77
N GLY A 164 29.80 -113.32 11.52
CA GLY A 164 28.61 -112.50 11.60
C GLY A 164 28.47 -111.72 12.89
N ASN A 165 29.23 -112.07 13.93
CA ASN A 165 29.05 -111.41 15.22
C ASN A 165 29.46 -109.95 15.16
N THR A 166 30.53 -109.63 14.42
CA THR A 166 31.02 -108.26 14.36
C THR A 166 31.75 -108.07 13.04
N ASP A 167 31.94 -106.80 12.69
CA ASP A 167 32.62 -106.42 11.46
C ASP A 167 34.08 -106.08 11.66
N ASP A 168 34.59 -106.14 12.89
CA ASP A 168 35.90 -105.59 13.19
C ASP A 168 36.67 -106.53 14.12
N TYR A 169 36.51 -107.84 13.89
CA TYR A 169 37.08 -108.85 14.78
C TYR A 169 38.59 -108.72 14.92
N PHE A 170 39.26 -108.29 13.86
CA PHE A 170 40.71 -108.16 13.95
C PHE A 170 41.12 -107.21 15.06
N GLU A 171 40.24 -106.29 15.45
CA GLU A 171 40.51 -105.45 16.60
C GLU A 171 40.57 -106.28 17.87
N GLU A 172 39.66 -107.24 18.01
CA GLU A 172 39.72 -108.14 19.15
C GLU A 172 41.01 -108.94 19.14
N LEU A 173 41.43 -109.42 17.97
CA LEU A 173 42.71 -110.11 17.90
C LEU A 173 43.86 -109.19 18.31
N ARG A 174 43.79 -107.92 17.87
CA ARG A 174 44.84 -106.96 18.22
C ARG A 174 44.91 -106.75 19.73
N ASP A 175 43.77 -106.54 20.37
CA ASP A 175 43.78 -106.34 21.82
C ASP A 175 44.28 -107.58 22.54
N LEU A 176 43.83 -108.75 22.12
CA LEU A 176 44.29 -109.99 22.75
C LEU A 176 45.77 -110.18 22.57
N TYR A 177 46.34 -109.66 21.47
CA TYR A 177 47.78 -109.72 21.27
C TYR A 177 48.51 -108.71 22.15
N GLN A 178 47.99 -107.49 22.25
CA GLN A 178 48.68 -106.42 22.95
C GLN A 178 48.67 -106.65 24.46
N THR A 179 47.48 -106.88 25.03
CA THR A 179 47.37 -106.98 26.48
C THR A 179 48.02 -108.27 26.99
N TYR A 180 47.77 -109.40 26.33
CA TYR A 180 48.24 -110.69 26.77
C TYR A 180 49.41 -111.19 25.93
N HIS A 181 50.23 -110.27 25.41
CA HIS A 181 51.34 -110.66 24.56
C HIS A 181 52.14 -111.79 25.20
N VAL A 182 52.39 -111.68 26.50
CA VAL A 182 53.24 -112.65 27.19
C VAL A 182 52.56 -113.99 27.41
N LEU A 183 51.25 -114.08 27.19
CA LEU A 183 50.53 -115.35 27.34
C LEU A 183 50.18 -116.03 26.03
N VAL A 184 49.93 -115.26 24.97
CA VAL A 184 49.47 -115.81 23.70
C VAL A 184 50.41 -115.47 22.55
N GLY A 185 51.59 -114.92 22.85
CA GLY A 185 52.51 -114.60 21.78
C GLY A 185 52.95 -115.83 21.01
N ASP A 186 53.31 -116.90 21.75
CA ASP A 186 53.73 -118.13 21.09
C ASP A 186 52.59 -118.72 20.27
N LEU A 187 51.37 -118.71 20.83
CA LEU A 187 50.21 -119.23 20.10
C LEU A 187 50.02 -118.49 18.79
N ILE A 188 50.02 -117.16 18.84
CA ILE A 188 49.78 -116.38 17.63
C ILE A 188 50.90 -116.55 16.63
N LYS A 189 52.15 -116.58 17.11
CA LYS A 189 53.28 -116.76 16.20
C LYS A 189 53.23 -118.11 15.51
N PHE A 190 52.92 -119.16 16.26
CA PHE A 190 52.76 -120.48 15.65
C PHE A 190 51.62 -120.47 14.64
N SER A 191 50.53 -119.75 14.95
CA SER A 191 49.42 -119.66 14.02
C SER A 191 49.84 -118.98 12.72
N ALA A 192 50.57 -117.88 12.82
CA ALA A 192 51.03 -117.19 11.63
C ALA A 192 51.97 -118.07 10.81
N GLU A 193 52.88 -118.75 11.48
CA GLU A 193 53.86 -119.57 10.76
C GLU A 193 53.16 -120.72 10.02
N THR A 194 52.26 -121.42 10.70
CA THR A 194 51.56 -122.52 10.05
C THR A 194 50.63 -122.01 8.95
N LEU A 195 50.01 -120.83 9.13
CA LEU A 195 49.19 -120.28 8.06
C LEU A 195 50.03 -119.96 6.83
N SER A 196 51.20 -119.35 7.02
CA SER A 196 52.07 -119.05 5.89
C SER A 196 52.53 -120.31 5.20
N GLU A 197 52.87 -121.34 5.98
CA GLU A 197 53.28 -122.61 5.37
C GLU A 197 52.14 -123.23 4.57
N LEU A 198 50.91 -123.19 5.10
CA LEU A 198 49.77 -123.72 4.36
C LEU A 198 49.55 -122.93 3.08
N ILE A 199 49.69 -121.61 3.14
CA ILE A 199 49.54 -120.79 1.94
C ILE A 199 50.56 -121.23 0.90
N ARG A 200 51.82 -121.35 1.31
CA ARG A 200 52.88 -121.68 0.37
C ARG A 200 52.66 -123.07 -0.23
N THR A 201 52.25 -124.03 0.59
CA THR A 201 52.07 -125.40 0.10
C THR A 201 50.79 -125.55 -0.70
N THR A 202 49.73 -124.81 -0.36
CA THR A 202 48.48 -124.89 -1.10
C THR A 202 48.65 -124.32 -2.50
N LEU A 203 47.95 -124.92 -3.47
CA LEU A 203 48.19 -124.60 -4.86
C LEU A 203 47.83 -123.15 -5.20
N ASP A 204 46.61 -122.73 -4.88
CA ASP A 204 46.12 -121.43 -5.31
C ASP A 204 45.85 -120.48 -4.15
N ALA A 205 46.43 -120.75 -2.99
CA ALA A 205 46.17 -119.89 -1.83
C ALA A 205 46.56 -118.45 -2.11
N GLU A 206 47.80 -118.24 -2.56
CA GLU A 206 48.26 -116.88 -2.81
C GLU A 206 47.37 -116.15 -3.80
N LYS A 207 46.74 -116.88 -4.73
CA LYS A 207 45.80 -116.24 -5.63
C LYS A 207 44.66 -115.60 -4.86
N VAL A 208 44.13 -116.32 -3.86
CA VAL A 208 43.08 -115.76 -3.03
C VAL A 208 43.65 -114.68 -2.12
N PHE A 209 44.77 -114.97 -1.46
CA PHE A 209 45.40 -114.01 -0.55
C PHE A 209 46.16 -112.98 -1.37
N THR A 210 45.42 -112.03 -1.93
CA THR A 210 46.03 -111.01 -2.76
C THR A 210 46.97 -110.12 -1.96
N GLN A 211 46.58 -109.76 -0.74
CA GLN A 211 47.37 -108.85 0.09
C GLN A 211 48.22 -109.57 1.13
N GLY A 212 48.29 -110.89 1.07
CA GLY A 212 49.12 -111.65 2.00
C GLY A 212 48.42 -111.93 3.31
N LEU A 213 49.07 -112.74 4.13
CA LEU A 213 48.56 -113.14 5.44
C LEU A 213 49.65 -113.02 6.49
N ASN A 214 50.31 -111.86 6.53
CA ASN A 214 51.33 -111.57 7.53
C ASN A 214 50.65 -110.93 8.73
N ILE A 215 50.02 -111.76 9.56
CA ILE A 215 49.25 -111.23 10.67
C ILE A 215 50.16 -110.57 11.70
N LEU A 216 51.38 -111.10 11.90
CA LEU A 216 52.31 -110.47 12.82
C LEU A 216 52.64 -109.05 12.39
N GLU A 217 52.87 -108.84 11.09
CA GLU A 217 53.14 -107.49 10.60
C GLU A 217 51.96 -106.57 10.84
N TRP A 218 50.73 -107.05 10.61
CA TRP A 218 49.57 -106.21 10.80
C TRP A 218 49.38 -105.85 12.27
N LEU A 219 49.56 -106.82 13.16
CA LEU A 219 49.44 -106.54 14.59
C LEU A 219 50.51 -105.56 15.04
N GLU A 220 51.72 -105.68 14.51
CA GLU A 220 52.79 -104.77 14.90
C GLU A 220 52.50 -103.35 14.44
N ASN A 221 52.07 -103.19 13.19
CA ASN A 221 51.85 -101.88 12.60
C ASN A 221 50.40 -101.76 12.13
N PRO A 222 49.52 -101.16 12.92
CA PRO A 222 48.14 -100.95 12.45
C PRO A 222 48.06 -100.12 11.18
N SER A 223 49.05 -99.24 10.96
CA SER A 223 48.98 -98.34 9.81
C SER A 223 49.01 -99.12 8.50
N ASN A 224 49.75 -100.23 8.46
CA ASN A 224 49.86 -101.05 7.26
C ASN A 224 49.06 -102.35 7.38
N THR A 225 47.93 -102.29 8.07
CA THR A 225 46.99 -103.43 8.10
C THR A 225 45.99 -103.27 6.97
N PRO A 226 45.72 -104.32 6.19
CA PRO A 226 44.75 -104.20 5.09
C PRO A 226 43.41 -103.65 5.57
N ASP A 227 42.58 -103.26 4.61
CA ASP A 227 41.30 -102.64 4.94
C ASP A 227 40.33 -103.68 5.49
N LYS A 228 39.21 -103.20 5.99
CA LYS A 228 38.27 -104.06 6.69
C LYS A 228 37.71 -105.14 5.77
N ASP A 229 37.39 -104.77 4.52
CA ASP A 229 36.75 -105.72 3.61
C ASP A 229 37.66 -106.89 3.30
N TYR A 230 38.96 -106.64 3.10
CA TYR A 230 39.88 -107.74 2.82
C TYR A 230 40.06 -108.63 4.03
N LEU A 231 40.11 -108.05 5.23
CA LEU A 231 40.17 -108.86 6.44
C LEU A 231 38.93 -109.73 6.57
N LEU A 232 37.77 -109.19 6.21
CA LEU A 232 36.51 -109.89 6.42
C LEU A 232 36.35 -111.04 5.43
N SER A 233 37.08 -111.05 4.32
CA SER A 233 36.99 -112.16 3.39
C SER A 233 37.31 -113.47 4.09
N ILE A 234 36.48 -114.48 3.84
CA ILE A 234 36.51 -115.69 4.67
C ILE A 234 37.86 -116.37 4.66
N PRO A 235 38.62 -116.41 3.56
CA PRO A 235 39.94 -117.06 3.64
C PRO A 235 40.83 -116.44 4.70
N ILE A 236 40.59 -115.18 5.04
CA ILE A 236 41.26 -114.55 6.18
C ILE A 236 40.52 -114.81 7.48
N SER A 237 39.22 -114.51 7.51
CA SER A 237 38.52 -114.40 8.80
C SER A 237 38.25 -115.76 9.42
N CYS A 238 38.19 -116.84 8.63
CA CYS A 238 37.94 -118.15 9.23
C CYS A 238 39.08 -118.57 10.15
N PRO A 239 40.30 -118.79 9.66
CA PRO A 239 41.39 -119.12 10.57
C PRO A 239 41.67 -118.05 11.61
N LEU A 240 41.49 -116.77 11.28
CA LEU A 240 41.75 -115.73 12.27
C LEU A 240 40.77 -115.82 13.44
N ILE A 241 39.49 -116.08 13.16
CA ILE A 241 38.53 -116.22 14.25
C ILE A 241 38.84 -117.47 15.05
N GLY A 242 39.26 -118.55 14.38
CA GLY A 242 39.71 -119.71 15.12
C GLY A 242 40.87 -119.40 16.06
N VAL A 243 41.84 -118.61 15.59
CA VAL A 243 42.98 -118.24 16.41
C VAL A 243 42.52 -117.39 17.58
N ILE A 244 41.59 -116.45 17.34
CA ILE A 244 41.09 -115.62 18.42
C ILE A 244 40.48 -116.48 19.52
N GLN A 245 39.66 -117.45 19.12
CA GLN A 245 39.02 -118.32 20.10
C GLN A 245 40.05 -119.16 20.86
N LEU A 246 41.04 -119.71 20.15
CA LEU A 246 42.07 -120.49 20.80
C LEU A 246 42.88 -119.64 21.77
N ALA A 247 43.17 -118.40 21.40
CA ALA A 247 43.92 -117.51 22.27
C ALA A 247 43.12 -117.18 23.53
N HIS A 248 41.83 -116.94 23.40
CA HIS A 248 41.01 -116.69 24.59
C HIS A 248 40.98 -117.91 25.50
N TYR A 249 40.84 -119.11 24.90
CA TYR A 249 40.90 -120.32 25.69
C TYR A 249 42.23 -120.43 26.42
N VAL A 250 43.31 -120.05 25.76
CA VAL A 250 44.64 -120.13 26.36
C VAL A 250 44.77 -119.19 27.56
N VAL A 251 44.31 -117.95 27.41
CA VAL A 251 44.44 -117.00 28.49
C VAL A 251 43.70 -117.50 29.72
N THR A 252 42.46 -117.94 29.53
CA THR A 252 41.69 -118.44 30.64
C THR A 252 42.47 -119.52 31.36
N ALA A 253 42.93 -120.53 30.63
CA ALA A 253 43.66 -121.62 31.25
C ALA A 253 44.88 -121.12 31.97
N LYS A 254 45.68 -120.32 31.29
CA LYS A 254 46.90 -119.80 31.88
C LYS A 254 46.65 -119.03 33.16
N LEU A 255 45.68 -118.12 33.16
CA LEU A 255 45.38 -117.31 34.34
C LEU A 255 44.90 -118.19 35.48
N LEU A 256 44.15 -119.23 35.16
CA LEU A 256 43.63 -120.12 36.18
C LEU A 256 44.70 -121.11 36.60
N GLY A 257 45.90 -120.94 36.07
CA GLY A 257 46.99 -121.83 36.43
C GLY A 257 46.62 -123.25 36.06
N PHE A 258 45.95 -123.42 34.94
CA PHE A 258 45.53 -124.74 34.51
C PHE A 258 46.05 -125.10 33.15
N THR A 259 46.22 -126.39 32.89
CA THR A 259 46.57 -126.83 31.55
C THR A 259 45.30 -126.91 30.71
N PRO A 260 45.44 -126.91 29.37
CA PRO A 260 44.23 -127.06 28.55
C PRO A 260 43.45 -128.32 28.88
N GLY A 261 44.15 -129.41 29.20
CA GLY A 261 43.45 -130.62 29.58
C GLY A 261 42.63 -130.47 30.84
N GLU A 262 43.19 -129.80 31.85
CA GLU A 262 42.45 -129.61 33.11
C GLU A 262 41.21 -128.75 32.89
N LEU A 263 41.37 -127.64 32.17
CA LEU A 263 40.24 -126.77 31.90
C LEU A 263 39.16 -127.52 31.13
N ARG A 264 39.56 -128.32 30.13
CA ARG A 264 38.57 -129.09 29.39
C ARG A 264 37.90 -130.14 30.28
N SER A 265 38.66 -130.72 31.22
CA SER A 265 38.07 -131.68 32.14
C SER A 265 37.04 -131.02 33.05
N TYR A 266 37.22 -129.74 33.35
CA TYR A 266 36.22 -129.01 34.13
C TYR A 266 34.92 -128.78 33.36
N LEU A 267 34.88 -129.05 32.06
CA LEU A 267 33.71 -128.71 31.25
C LEU A 267 32.82 -129.94 31.07
N LYS A 268 31.51 -129.71 31.18
CA LYS A 268 30.55 -130.78 30.95
C LYS A 268 30.43 -131.10 29.47
N GLY A 269 30.71 -130.14 28.61
CA GLY A 269 30.65 -130.35 27.18
C GLY A 269 31.04 -129.08 26.45
N ALA A 270 31.02 -129.16 25.13
CA ALA A 270 31.41 -128.04 24.29
C ALA A 270 30.67 -128.12 22.97
N THR A 271 30.54 -126.98 22.31
CA THR A 271 29.92 -126.92 21.00
C THR A 271 30.21 -125.56 20.40
N GLY A 272 29.81 -125.37 19.15
CA GLY A 272 30.15 -124.16 18.43
C GLY A 272 29.08 -123.80 17.44
N HIS A 273 29.05 -122.51 17.09
CA HIS A 273 28.04 -121.95 16.20
C HIS A 273 28.64 -121.86 14.80
N SER A 274 28.33 -122.84 13.96
CA SER A 274 28.88 -122.92 12.61
C SER A 274 30.40 -123.14 12.65
N GLN A 275 31.17 -122.10 12.37
CA GLN A 275 32.62 -122.25 12.33
C GLN A 275 33.20 -122.59 13.69
N GLY A 276 32.53 -122.19 14.77
CA GLY A 276 33.04 -122.44 16.11
C GLY A 276 33.11 -123.90 16.48
N LEU A 277 32.39 -124.76 15.77
CA LEU A 277 32.41 -126.18 16.07
C LEU A 277 33.80 -126.77 15.94
N VAL A 278 34.58 -126.28 14.96
CA VAL A 278 35.95 -126.76 14.80
C VAL A 278 36.77 -126.44 16.03
N THR A 279 36.68 -125.21 16.51
CA THR A 279 37.38 -124.85 17.73
C THR A 279 36.92 -125.70 18.89
N ALA A 280 35.62 -125.99 18.95
CA ALA A 280 35.09 -126.79 20.05
C ALA A 280 35.73 -128.17 20.07
N VAL A 281 35.76 -128.84 18.93
CA VAL A 281 36.32 -130.19 18.90
C VAL A 281 37.83 -130.14 19.13
N ALA A 282 38.51 -129.12 18.60
CA ALA A 282 39.95 -129.01 18.82
C ALA A 282 40.26 -128.81 20.30
N ILE A 283 39.51 -127.95 20.98
CA ILE A 283 39.70 -127.77 22.42
C ILE A 283 39.43 -129.07 23.15
N ALA A 284 38.36 -129.78 22.76
CA ALA A 284 38.10 -131.07 23.37
C ALA A 284 39.25 -132.05 23.16
N GLU A 285 40.08 -131.81 22.14
CA GLU A 285 41.22 -132.69 21.89
C GLU A 285 42.38 -132.47 22.86
N THR A 286 42.53 -131.27 23.40
CA THR A 286 43.75 -130.90 24.10
C THR A 286 43.96 -131.77 25.34
N ASP A 287 45.23 -132.03 25.65
CA ASP A 287 45.60 -132.77 26.86
C ASP A 287 46.61 -132.03 27.72
N SER A 288 47.64 -131.43 27.13
CA SER A 288 48.66 -130.71 27.87
C SER A 288 49.25 -129.64 26.96
N TRP A 289 50.11 -128.81 27.52
CA TRP A 289 50.65 -127.69 26.75
C TRP A 289 51.52 -128.12 25.58
N GLU A 290 52.05 -129.34 25.62
CA GLU A 290 52.83 -129.83 24.47
C GLU A 290 51.93 -130.15 23.28
N SER A 291 50.84 -130.89 23.51
CA SER A 291 49.93 -131.27 22.44
C SER A 291 48.97 -130.15 22.05
N PHE A 292 48.97 -129.04 22.79
CA PHE A 292 48.07 -127.95 22.43
C PHE A 292 48.38 -127.39 21.06
N PHE A 293 49.66 -127.24 20.72
CA PHE A 293 49.99 -126.75 19.39
C PHE A 293 49.57 -127.73 18.30
N VAL A 294 49.62 -129.04 18.58
CA VAL A 294 49.10 -130.01 17.63
C VAL A 294 47.62 -129.78 17.38
N SER A 295 46.86 -129.62 18.46
CA SER A 295 45.43 -129.36 18.31
C SER A 295 45.18 -128.07 17.56
N VAL A 296 45.97 -127.04 17.87
CA VAL A 296 45.80 -125.73 17.23
C VAL A 296 46.06 -125.84 15.74
N ARG A 297 47.11 -126.56 15.36
CA ARG A 297 47.40 -126.76 13.95
C ARG A 297 46.25 -127.47 13.26
N LYS A 298 45.71 -128.52 13.88
CA LYS A 298 44.54 -129.20 13.31
C LYS A 298 43.41 -128.20 13.04
N ALA A 299 43.06 -127.41 14.06
CA ALA A 299 41.92 -126.52 13.95
C ALA A 299 42.15 -125.47 12.86
N ILE A 300 43.27 -124.77 12.91
CA ILE A 300 43.48 -123.68 11.97
C ILE A 300 43.71 -124.21 10.57
N THR A 301 44.23 -125.44 10.42
CA THR A 301 44.28 -126.04 9.10
C THR A 301 42.89 -126.23 8.53
N VAL A 302 41.99 -126.80 9.34
CA VAL A 302 40.62 -127.01 8.88
C VAL A 302 39.98 -125.68 8.49
N LEU A 303 40.15 -124.67 9.34
CA LEU A 303 39.53 -123.37 9.06
C LEU A 303 40.14 -122.71 7.83
N PHE A 304 41.46 -122.78 7.68
CA PHE A 304 42.11 -122.20 6.52
C PHE A 304 41.58 -122.82 5.24
N PHE A 305 41.44 -124.14 5.22
CA PHE A 305 40.97 -124.78 4.00
C PHE A 305 39.48 -124.54 3.78
N ILE A 306 38.68 -124.47 4.85
CA ILE A 306 37.28 -124.08 4.69
C ILE A 306 37.21 -122.71 4.03
N GLY A 307 37.95 -121.73 4.56
CA GLY A 307 37.93 -120.41 3.97
C GLY A 307 38.34 -120.42 2.51
N VAL A 308 39.44 -121.11 2.20
CA VAL A 308 39.97 -121.09 0.84
C VAL A 308 38.99 -121.71 -0.14
N ARG A 309 38.52 -122.93 0.16
CA ARG A 309 37.66 -123.62 -0.80
C ARG A 309 36.28 -122.98 -0.88
N CYS A 310 35.75 -122.48 0.24
CA CYS A 310 34.44 -121.85 0.19
C CYS A 310 34.49 -120.50 -0.49
N TYR A 311 35.63 -119.82 -0.46
CA TYR A 311 35.76 -118.60 -1.24
C TYR A 311 35.94 -118.91 -2.71
N GLU A 312 36.67 -119.98 -3.03
CA GLU A 312 36.82 -120.37 -4.43
C GLU A 312 35.48 -120.79 -5.03
N ALA A 313 34.66 -121.51 -4.26
CA ALA A 313 33.40 -122.00 -4.80
C ALA A 313 32.46 -120.85 -5.14
N TYR A 314 32.31 -119.88 -4.25
CA TYR A 314 31.40 -118.75 -4.44
C TYR A 314 32.09 -117.44 -4.06
N PRO A 315 33.01 -116.96 -4.90
CA PRO A 315 33.67 -115.68 -4.62
C PRO A 315 32.71 -114.51 -4.73
N ASN A 316 32.98 -113.47 -3.96
CA ASN A 316 32.13 -112.30 -3.94
C ASN A 316 32.37 -111.44 -5.18
N THR A 317 31.31 -110.82 -5.68
CA THR A 317 31.35 -109.98 -6.85
C THR A 317 30.63 -108.68 -6.56
N SER A 318 30.99 -107.63 -7.30
CA SER A 318 30.43 -106.31 -7.05
C SER A 318 28.93 -106.31 -7.30
N LEU A 319 28.23 -105.55 -6.49
CA LEU A 319 26.80 -105.35 -6.66
C LEU A 319 26.54 -104.05 -7.41
N PRO A 320 25.49 -104.00 -8.24
CA PRO A 320 25.16 -102.76 -8.93
C PRO A 320 24.99 -101.61 -7.94
N PRO A 321 25.59 -100.45 -8.20
CA PRO A 321 25.48 -99.34 -7.24
C PRO A 321 24.06 -98.89 -6.99
N SER A 322 23.16 -99.08 -7.96
CA SER A 322 21.77 -98.69 -7.73
C SER A 322 21.18 -99.45 -6.56
N ILE A 323 21.48 -100.75 -6.47
CA ILE A 323 20.99 -101.56 -5.36
C ILE A 323 21.60 -101.11 -4.04
N LEU A 324 22.89 -100.79 -4.04
CA LEU A 324 23.53 -100.27 -2.84
C LEU A 324 22.82 -99.01 -2.37
N GLU A 325 22.55 -98.09 -3.30
CA GLU A 325 21.90 -96.84 -2.94
C GLU A 325 20.49 -97.09 -2.42
N ASP A 326 19.74 -97.96 -3.08
CA ASP A 326 18.38 -98.26 -2.63
C ASP A 326 18.39 -98.86 -1.23
N SER A 327 19.34 -99.77 -0.97
CA SER A 327 19.42 -100.37 0.36
C SER A 327 19.81 -99.36 1.42
N LEU A 328 20.76 -98.48 1.14
CA LEU A 328 21.15 -97.48 2.13
C LEU A 328 20.02 -96.50 2.41
N GLU A 329 19.30 -96.08 1.36
CA GLU A 329 18.29 -95.05 1.53
C GLU A 329 17.11 -95.49 2.39
N ASN A 330 16.97 -96.79 2.64
CA ASN A 330 15.88 -97.30 3.46
C ASN A 330 16.41 -97.91 4.75
N ASN A 331 17.34 -97.21 5.39
CA ASN A 331 17.84 -97.60 6.72
C ASN A 331 18.24 -99.07 6.75
N GLU A 332 18.71 -99.56 5.61
CA GLU A 332 19.15 -100.94 5.47
C GLU A 332 20.66 -100.95 5.32
N GLY A 333 21.27 -102.10 5.59
CA GLY A 333 22.71 -102.24 5.52
C GLY A 333 23.19 -102.55 4.11
N VAL A 334 24.50 -102.77 4.02
CA VAL A 334 25.10 -103.20 2.76
C VAL A 334 24.72 -104.65 2.51
N PRO A 335 24.20 -105.00 1.34
CA PRO A 335 23.87 -106.40 1.08
C PRO A 335 25.07 -107.31 1.22
N SER A 336 24.80 -108.53 1.65
CA SER A 336 25.81 -109.55 1.87
C SER A 336 25.14 -110.91 1.70
N PRO A 337 25.89 -112.02 1.77
CA PRO A 337 25.28 -113.34 1.57
C PRO A 337 24.53 -113.90 2.77
N MET A 338 24.24 -113.11 3.80
CA MET A 338 23.50 -113.61 4.96
C MET A 338 22.63 -112.51 5.53
N LEU A 339 21.32 -112.75 5.59
CA LEU A 339 20.36 -111.77 6.08
C LEU A 339 19.77 -112.22 7.41
N SER A 340 19.78 -111.32 8.39
CA SER A 340 19.24 -111.59 9.71
C SER A 340 17.84 -111.00 9.81
N ILE A 341 16.87 -111.85 10.15
CA ILE A 341 15.47 -111.45 10.27
C ILE A 341 15.03 -111.76 11.69
N SER A 342 14.58 -110.73 12.42
CA SER A 342 14.21 -110.86 13.81
C SER A 342 12.74 -110.56 14.01
N ASN A 343 12.15 -111.22 15.01
CA ASN A 343 10.76 -111.02 15.42
C ASN A 343 9.80 -111.63 14.41
N LEU A 344 10.10 -112.83 13.95
CA LEU A 344 9.22 -113.54 13.04
C LEU A 344 9.45 -115.04 13.20
N THR A 345 8.36 -115.81 13.14
CA THR A 345 8.48 -117.25 13.30
C THR A 345 9.17 -117.88 12.10
N GLN A 346 9.71 -119.07 12.31
CA GLN A 346 10.33 -119.80 11.21
C GLN A 346 9.33 -120.04 10.09
N GLU A 347 8.06 -120.29 10.44
CA GLU A 347 7.06 -120.52 9.40
C GLU A 347 6.88 -119.29 8.52
N GLN A 348 6.79 -118.10 9.11
CA GLN A 348 6.60 -116.90 8.33
C GLN A 348 7.80 -116.63 7.42
N VAL A 349 9.00 -116.74 7.97
CA VAL A 349 10.20 -116.52 7.17
C VAL A 349 10.29 -117.53 6.05
N GLN A 350 9.93 -118.78 6.34
CA GLN A 350 9.92 -119.80 5.29
C GLN A 350 8.90 -119.48 4.23
N ASP A 351 7.76 -118.91 4.63
CA ASP A 351 6.75 -118.49 3.66
C ASP A 351 7.30 -117.44 2.71
N TYR A 352 7.94 -116.41 3.27
CA TYR A 352 8.51 -115.37 2.42
C TYR A 352 9.63 -115.93 1.55
N VAL A 353 10.44 -116.83 2.11
CA VAL A 353 11.52 -117.43 1.34
C VAL A 353 10.97 -118.21 0.18
N ASN A 354 9.90 -118.98 0.40
CA ASN A 354 9.28 -119.74 -0.68
C ASN A 354 8.72 -118.81 -1.76
N LYS A 355 8.02 -117.75 -1.33
CA LYS A 355 7.49 -116.79 -2.30
C LYS A 355 8.60 -116.25 -3.18
N THR A 356 9.69 -115.80 -2.56
CA THR A 356 10.81 -115.27 -3.34
C THR A 356 11.41 -116.34 -4.24
N ASN A 357 11.59 -117.55 -3.71
CA ASN A 357 12.30 -118.59 -4.45
C ASN A 357 11.52 -119.10 -5.64
N SER A 358 10.19 -118.95 -5.64
CA SER A 358 9.41 -119.39 -6.78
C SER A 358 9.79 -118.64 -8.05
N HIS A 359 10.13 -117.36 -7.93
CA HIS A 359 10.45 -116.51 -9.08
C HIS A 359 11.89 -116.66 -9.55
N LEU A 360 12.72 -117.43 -8.84
CA LEU A 360 14.15 -117.45 -9.08
C LEU A 360 14.58 -118.81 -9.62
N PRO A 361 15.68 -118.87 -10.36
CA PRO A 361 16.19 -120.16 -10.83
C PRO A 361 16.87 -120.92 -9.70
N ALA A 362 17.20 -122.18 -9.98
CA ALA A 362 17.69 -123.08 -8.94
C ALA A 362 18.99 -122.57 -8.33
N GLY A 363 19.90 -122.05 -9.17
CA GLY A 363 21.21 -121.66 -8.68
C GLY A 363 21.23 -120.40 -7.84
N LYS A 364 20.15 -119.61 -7.88
CA LYS A 364 20.09 -118.36 -7.15
C LYS A 364 19.13 -118.41 -5.96
N GLN A 365 18.60 -119.58 -5.64
CA GLN A 365 17.63 -119.69 -4.55
C GLN A 365 18.28 -119.43 -3.20
N VAL A 366 17.48 -118.95 -2.26
CA VAL A 366 17.95 -118.67 -0.91
C VAL A 366 17.35 -119.72 0.04
N GLU A 367 17.83 -119.70 1.28
CA GLU A 367 17.35 -120.64 2.28
C GLU A 367 17.71 -120.14 3.67
N ILE A 368 17.02 -120.68 4.66
CA ILE A 368 17.32 -120.36 6.06
C ILE A 368 18.57 -121.13 6.46
N SER A 369 19.57 -120.40 6.96
CA SER A 369 20.83 -121.00 7.39
C SER A 369 20.91 -121.17 8.90
N LEU A 370 20.73 -120.10 9.66
CA LEU A 370 20.83 -120.15 11.12
C LEU A 370 19.43 -119.99 11.71
N VAL A 371 18.99 -121.00 12.44
CA VAL A 371 17.80 -120.89 13.28
C VAL A 371 18.34 -120.56 14.68
N ASN A 372 18.49 -119.27 14.94
CA ASN A 372 19.09 -118.82 16.20
C ASN A 372 18.11 -118.91 17.36
N GLY A 373 16.84 -118.61 17.12
CA GLY A 373 15.86 -118.65 18.17
C GLY A 373 14.47 -118.79 17.59
N ALA A 374 13.47 -118.64 18.46
CA ALA A 374 12.09 -118.70 17.99
C ALA A 374 11.79 -117.57 17.01
N LYS A 375 12.29 -116.36 17.31
CA LYS A 375 12.06 -115.17 16.49
C LYS A 375 13.33 -114.70 15.80
N ASN A 376 14.41 -115.48 15.83
CA ASN A 376 15.71 -115.06 15.32
C ASN A 376 16.16 -116.04 14.25
N LEU A 377 16.17 -115.60 13.01
CA LEU A 377 16.50 -116.46 11.88
C LEU A 377 17.46 -115.72 10.94
N VAL A 378 18.22 -116.50 10.19
CA VAL A 378 19.18 -115.96 9.23
C VAL A 378 19.01 -116.71 7.92
N VAL A 379 19.00 -115.97 6.82
CA VAL A 379 18.80 -116.52 5.48
C VAL A 379 20.09 -116.29 4.69
N SER A 380 20.61 -117.36 4.09
CA SER A 380 21.84 -117.31 3.33
C SER A 380 21.55 -117.55 1.85
N GLY A 381 22.22 -116.77 1.01
CA GLY A 381 22.07 -116.88 -0.43
C GLY A 381 22.82 -115.76 -1.12
N PRO A 382 22.68 -115.66 -2.43
CA PRO A 382 23.33 -114.57 -3.16
C PRO A 382 22.85 -113.22 -2.67
N PRO A 383 23.73 -112.22 -2.59
CA PRO A 383 23.28 -110.90 -2.13
C PRO A 383 22.14 -110.32 -2.95
N GLN A 384 22.09 -110.58 -4.26
CA GLN A 384 20.98 -110.10 -5.08
C GLN A 384 19.66 -110.71 -4.64
N SER A 385 19.64 -112.04 -4.44
CA SER A 385 18.42 -112.71 -4.01
C SER A 385 17.98 -112.22 -2.63
N LEU A 386 18.94 -112.04 -1.71
CA LEU A 386 18.60 -111.52 -0.40
C LEU A 386 18.05 -110.10 -0.49
N TYR A 387 18.58 -109.31 -1.42
CA TYR A 387 18.02 -107.97 -1.63
C TYR A 387 16.59 -108.05 -2.12
N GLY A 388 16.30 -108.96 -3.04
CA GLY A 388 14.92 -109.13 -3.47
C GLY A 388 14.00 -109.54 -2.33
N LEU A 389 14.46 -110.48 -1.51
CA LEU A 389 13.70 -110.86 -0.32
C LEU A 389 13.48 -109.66 0.58
N ASN A 390 14.49 -108.81 0.73
CA ASN A 390 14.34 -107.62 1.55
C ASN A 390 13.27 -106.69 0.98
N LEU A 391 13.23 -106.56 -0.35
CA LEU A 391 12.20 -105.74 -0.97
C LEU A 391 10.82 -106.27 -0.62
N THR A 392 10.64 -107.59 -0.74
CA THR A 392 9.37 -108.19 -0.34
C THR A 392 9.07 -107.90 1.12
N LEU A 393 10.05 -108.04 1.99
CA LEU A 393 9.82 -107.89 3.42
C LEU A 393 9.42 -106.46 3.77
N ARG A 394 10.11 -105.47 3.20
CA ARG A 394 9.76 -104.09 3.49
C ARG A 394 8.46 -103.68 2.82
N LYS A 395 8.01 -104.43 1.81
CA LYS A 395 6.66 -104.24 1.31
C LYS A 395 5.61 -104.79 2.25
N ALA A 396 6.00 -105.49 3.32
CA ALA A 396 5.07 -106.13 4.24
C ALA A 396 5.38 -105.80 5.70
N LYS A 397 6.14 -104.73 5.95
CA LYS A 397 6.52 -104.33 7.29
C LYS A 397 5.95 -102.96 7.60
N ALA A 398 5.45 -102.78 8.82
CA ALA A 398 4.96 -101.47 9.25
C ALA A 398 6.13 -100.59 9.69
N PRO A 399 5.99 -99.28 9.55
CA PRO A 399 7.02 -98.38 10.10
C PRO A 399 7.18 -98.59 11.60
N SER A 400 8.42 -98.46 12.06
CA SER A 400 8.67 -98.57 13.50
C SER A 400 7.92 -97.48 14.27
N GLY A 401 7.89 -96.26 13.73
CA GLY A 401 7.19 -95.17 14.37
C GLY A 401 5.72 -95.12 14.03
N LEU A 402 5.06 -96.29 14.05
CA LEU A 402 3.63 -96.38 13.87
C LEU A 402 2.98 -96.75 15.21
N ASP A 403 1.96 -96.00 15.60
CA ASP A 403 1.26 -96.25 16.85
C ASP A 403 0.04 -97.11 16.57
N GLN A 404 -0.02 -98.27 17.21
CA GLN A 404 -1.12 -99.21 17.05
C GLN A 404 -1.79 -99.54 18.38
N SER A 405 -1.61 -98.68 19.39
CA SER A 405 -2.20 -98.93 20.69
C SER A 405 -3.72 -98.87 20.66
N ARG A 406 -4.30 -98.17 19.68
CA ARG A 406 -5.74 -98.03 19.57
C ARG A 406 -6.36 -99.00 18.58
N ILE A 407 -5.58 -99.94 18.05
CA ILE A 407 -6.07 -100.92 17.08
C ILE A 407 -6.14 -102.27 17.78
N PRO A 408 -7.14 -103.10 17.50
CA PRO A 408 -7.19 -104.41 18.16
C PRO A 408 -5.96 -105.24 17.86
N PHE A 409 -5.52 -106.01 18.85
CA PHE A 409 -4.32 -106.81 18.72
C PHE A 409 -4.34 -107.77 17.54
N SER A 410 -5.47 -108.44 17.34
CA SER A 410 -5.53 -109.44 16.28
C SER A 410 -5.28 -108.82 14.91
N GLU A 411 -5.80 -107.61 14.68
CA GLU A 411 -5.70 -106.96 13.39
C GLU A 411 -4.42 -106.15 13.22
N ARG A 412 -3.58 -106.07 14.25
CA ARG A 412 -2.38 -105.25 14.15
C ARG A 412 -1.41 -105.75 13.09
N LYS A 413 -0.85 -104.83 12.32
CA LYS A 413 0.13 -105.16 11.30
C LYS A 413 1.45 -105.53 11.97
N LEU A 414 1.93 -106.74 11.69
CA LEU A 414 3.11 -107.24 12.36
C LEU A 414 4.34 -106.40 12.05
N LYS A 415 5.12 -106.12 13.08
CA LYS A 415 6.36 -105.35 12.98
C LYS A 415 7.54 -106.30 13.18
N PHE A 416 8.62 -106.04 12.44
CA PHE A 416 9.82 -106.85 12.54
C PHE A 416 10.98 -106.05 11.99
N SER A 417 12.17 -106.66 12.05
CA SER A 417 13.39 -105.99 11.64
C SER A 417 14.25 -106.95 10.82
N ASN A 418 15.11 -106.37 10.00
CA ASN A 418 16.00 -107.17 9.16
C ASN A 418 17.28 -106.38 8.91
N ARG A 419 18.38 -107.11 8.79
CA ARG A 419 19.67 -106.51 8.51
C ARG A 419 20.60 -107.56 7.93
N PHE A 420 21.64 -107.09 7.27
CA PHE A 420 22.64 -107.96 6.65
C PHE A 420 23.80 -108.14 7.62
N LEU A 421 24.21 -109.39 7.81
CA LEU A 421 25.29 -109.67 8.74
C LEU A 421 26.65 -109.29 8.16
N PRO A 422 27.63 -108.92 9.02
CA PRO A 422 28.96 -108.59 8.50
C PRO A 422 29.73 -109.85 8.11
N VAL A 423 29.33 -110.47 7.02
CA VAL A 423 29.97 -111.69 6.52
C VAL A 423 30.14 -111.55 5.01
N ALA A 424 30.91 -112.48 4.44
CA ALA A 424 31.19 -112.42 3.00
C ALA A 424 31.11 -113.78 2.33
N SER A 425 30.24 -114.67 2.81
CA SER A 425 30.05 -115.95 2.14
C SER A 425 28.76 -116.57 2.63
N PRO A 426 28.02 -117.26 1.76
CA PRO A 426 26.77 -117.91 2.18
C PRO A 426 27.02 -119.26 2.86
N PHE A 427 27.32 -119.21 4.16
CA PHE A 427 27.52 -120.45 4.88
C PHE A 427 26.20 -121.21 5.02
N HIS A 428 26.31 -122.52 5.16
CA HIS A 428 25.14 -123.40 5.27
C HIS A 428 24.20 -123.21 4.09
N SER A 429 24.76 -123.15 2.89
CA SER A 429 23.97 -122.90 1.68
C SER A 429 24.38 -123.88 0.59
N HIS A 430 23.44 -124.10 -0.33
CA HIS A 430 23.70 -124.99 -1.47
C HIS A 430 24.87 -124.50 -2.31
N LEU A 431 25.17 -123.19 -2.27
CA LEU A 431 26.22 -122.65 -3.10
C LEU A 431 27.60 -123.20 -2.73
N LEU A 432 27.86 -123.37 -1.44
CA LEU A 432 29.15 -123.89 -1.00
C LEU A 432 29.22 -125.40 -1.06
N VAL A 433 28.16 -126.08 -1.47
CA VAL A 433 28.14 -127.54 -1.46
C VAL A 433 29.28 -128.12 -2.30
N PRO A 434 29.63 -127.57 -3.48
CA PRO A 434 30.70 -128.18 -4.27
C PRO A 434 32.05 -128.22 -3.55
N ALA A 435 32.25 -127.40 -2.52
CA ALA A 435 33.53 -127.36 -1.83
C ALA A 435 33.69 -128.46 -0.78
N SER A 436 32.62 -129.18 -0.44
CA SER A 436 32.71 -130.19 0.62
C SER A 436 33.68 -131.29 0.24
N ASP A 437 33.55 -131.83 -0.97
CA ASP A 437 34.44 -132.89 -1.40
C ASP A 437 35.88 -132.40 -1.47
N LEU A 438 36.09 -131.19 -1.95
CA LEU A 438 37.44 -130.63 -2.00
C LEU A 438 38.05 -130.55 -0.60
N ILE A 439 37.27 -130.04 0.36
CA ILE A 439 37.78 -129.91 1.72
C ILE A 439 38.11 -131.28 2.30
N ASN A 440 37.21 -132.25 2.11
CA ASN A 440 37.45 -133.58 2.65
C ASN A 440 38.69 -134.21 2.02
N LYS A 441 38.87 -134.03 0.72
CA LYS A 441 40.01 -134.60 0.03
C LYS A 441 41.31 -133.92 0.44
N ASP A 442 41.25 -132.64 0.77
CA ASP A 442 42.42 -131.91 1.21
C ASP A 442 42.84 -132.23 2.65
N LEU A 443 41.87 -132.40 3.55
CA LEU A 443 42.22 -132.62 4.96
C LEU A 443 42.94 -133.94 5.14
N VAL A 444 42.57 -134.96 4.38
CA VAL A 444 43.25 -136.25 4.48
C VAL A 444 44.71 -136.11 4.07
N LYS A 445 45.00 -135.25 3.08
CA LYS A 445 46.38 -135.01 2.68
C LYS A 445 47.12 -134.20 3.74
N ASN A 446 46.48 -133.18 4.30
CA ASN A 446 47.14 -132.34 5.30
C ASN A 446 47.31 -133.03 6.64
N ASN A 447 46.75 -134.23 6.81
CA ASN A 447 46.92 -135.03 8.03
C ASN A 447 46.10 -134.49 9.19
N VAL A 448 44.94 -133.90 8.91
CA VAL A 448 44.01 -133.47 9.94
C VAL A 448 42.89 -134.48 10.05
N SER A 449 42.67 -135.00 11.25
CA SER A 449 41.60 -135.94 11.52
C SER A 449 41.29 -135.92 13.00
N PHE A 450 40.01 -136.09 13.33
CA PHE A 450 39.55 -136.12 14.72
C PHE A 450 39.04 -137.52 15.02
N ASN A 451 39.61 -138.16 16.04
CA ASN A 451 39.19 -139.48 16.47
C ASN A 451 38.25 -139.36 17.66
N ALA A 452 37.21 -140.21 17.67
CA ALA A 452 36.24 -140.16 18.76
C ALA A 452 36.89 -140.46 20.10
N LYS A 453 37.88 -141.37 20.11
CA LYS A 453 38.57 -141.68 21.37
C LYS A 453 39.31 -140.47 21.90
N ASP A 454 39.92 -139.68 21.02
CA ASP A 454 40.65 -138.49 21.46
C ASP A 454 39.73 -137.48 22.13
N ILE A 455 38.54 -137.26 21.56
CA ILE A 455 37.56 -136.39 22.19
C ILE A 455 37.07 -137.04 23.47
N GLN A 456 37.08 -136.29 24.57
CA GLN A 456 36.72 -136.84 25.87
C GLN A 456 35.63 -136.04 26.57
N ILE A 457 35.00 -135.09 25.90
CA ILE A 457 33.79 -134.45 26.42
C ILE A 457 32.76 -134.43 25.30
N PRO A 458 31.46 -134.44 25.60
CA PRO A 458 30.46 -134.37 24.52
C PRO A 458 30.61 -133.10 23.71
N VAL A 459 30.65 -133.26 22.39
CA VAL A 459 30.61 -132.15 21.45
C VAL A 459 29.36 -132.32 20.61
N TYR A 460 28.46 -131.34 20.68
CA TYR A 460 27.11 -131.50 20.15
C TYR A 460 27.06 -131.03 18.69
N ASP A 461 26.58 -131.90 17.82
CA ASP A 461 26.36 -131.55 16.43
C ASP A 461 25.38 -130.39 16.33
N THR A 462 25.64 -129.47 15.40
CA THR A 462 24.83 -128.27 15.26
C THR A 462 23.55 -128.48 14.47
N PHE A 463 23.40 -129.61 13.80
CA PHE A 463 22.16 -129.86 13.07
C PHE A 463 21.11 -130.54 13.93
N ASP A 464 21.51 -131.51 14.75
CA ASP A 464 20.57 -132.27 15.57
C ASP A 464 20.94 -132.24 17.04
N GLY A 465 21.99 -131.53 17.43
CA GLY A 465 22.37 -131.48 18.82
C GLY A 465 22.88 -132.79 19.37
N SER A 466 23.05 -133.79 18.52
CA SER A 466 23.55 -135.07 18.99
C SER A 466 25.04 -134.96 19.33
N ASP A 467 25.49 -135.90 20.16
CA ASP A 467 26.90 -135.93 20.52
C ASP A 467 27.74 -136.42 19.34
N LEU A 468 28.79 -135.66 19.01
CA LEU A 468 29.63 -136.02 17.87
C LEU A 468 30.46 -137.26 18.14
N ARG A 469 30.76 -137.53 19.41
CA ARG A 469 31.60 -138.68 19.75
C ARG A 469 30.94 -139.99 19.32
N VAL A 470 29.61 -140.03 19.25
CA VAL A 470 28.91 -141.24 18.84
C VAL A 470 28.68 -141.29 17.34
N LEU A 471 29.10 -140.27 16.61
CA LEU A 471 28.96 -140.29 15.15
C LEU A 471 29.69 -141.49 14.56
N SER A 472 29.03 -142.15 13.60
CA SER A 472 29.58 -143.36 13.02
C SER A 472 30.70 -143.08 12.01
N GLY A 473 30.59 -141.99 11.26
CA GLY A 473 31.54 -141.66 10.22
C GLY A 473 32.66 -140.77 10.70
N SER A 474 33.18 -139.95 9.78
CA SER A 474 34.27 -139.04 10.09
C SER A 474 33.72 -137.79 10.75
N ILE A 475 34.27 -137.44 11.91
CA ILE A 475 33.82 -136.24 12.61
C ILE A 475 34.18 -134.99 11.80
N SER A 476 35.34 -134.99 11.15
CA SER A 476 35.73 -133.85 10.34
C SER A 476 34.77 -133.65 9.17
N GLU A 477 34.35 -134.75 8.53
CA GLU A 477 33.38 -134.64 7.44
C GLU A 477 32.07 -134.04 7.94
N ARG A 478 31.61 -134.50 9.10
CA ARG A 478 30.37 -133.96 9.65
C ARG A 478 30.51 -132.50 10.01
N ILE A 479 31.67 -132.10 10.56
CA ILE A 479 31.87 -130.71 10.93
C ILE A 479 31.84 -129.82 9.70
N VAL A 480 32.53 -130.24 8.63
CA VAL A 480 32.54 -129.41 7.42
C VAL A 480 31.16 -129.37 6.80
N ASP A 481 30.45 -130.51 6.80
CA ASP A 481 29.09 -130.53 6.28
C ASP A 481 28.20 -129.58 7.05
N CYS A 482 28.31 -129.59 8.38
CA CYS A 482 27.50 -128.69 9.20
C CYS A 482 27.85 -127.24 8.91
N ILE A 483 29.12 -126.94 8.68
CA ILE A 483 29.51 -125.55 8.48
C ILE A 483 29.03 -125.04 7.12
N ILE A 484 29.20 -125.83 6.07
CA ILE A 484 29.00 -125.30 4.73
C ILE A 484 27.61 -125.61 4.19
N ARG A 485 27.01 -126.72 4.62
CA ARG A 485 25.76 -127.20 4.02
C ARG A 485 24.58 -127.15 4.96
N LEU A 486 24.66 -127.80 6.11
CA LEU A 486 23.46 -127.96 6.94
C LEU A 486 23.18 -126.69 7.74
N PRO A 487 21.90 -126.41 8.02
CA PRO A 487 21.58 -125.25 8.85
C PRO A 487 21.90 -125.50 10.31
N VAL A 488 22.08 -124.40 11.05
CA VAL A 488 22.35 -124.46 12.48
C VAL A 488 21.03 -124.32 13.22
N LYS A 489 20.68 -125.34 13.99
CA LYS A 489 19.52 -125.31 14.86
C LYS A 489 20.04 -125.07 16.27
N TRP A 490 20.27 -123.80 16.59
CA TRP A 490 20.96 -123.46 17.82
C TRP A 490 20.18 -123.91 19.05
N GLU A 491 18.86 -123.71 19.05
CA GLU A 491 18.06 -124.13 20.19
C GLU A 491 18.13 -125.65 20.37
N THR A 492 18.13 -126.40 19.27
CA THR A 492 18.33 -127.83 19.36
C THR A 492 19.70 -128.19 19.92
N THR A 493 20.75 -127.49 19.49
CA THR A 493 22.09 -127.77 19.98
C THR A 493 22.22 -127.50 21.47
N THR A 494 21.55 -126.46 21.95
CA THR A 494 21.75 -125.97 23.30
C THR A 494 20.89 -126.68 24.35
N GLN A 495 20.17 -127.73 23.97
CA GLN A 495 19.25 -128.38 24.88
C GLN A 495 19.94 -128.98 26.11
N PHE A 496 21.27 -129.02 26.14
CA PHE A 496 21.96 -129.56 27.31
C PHE A 496 21.55 -128.82 28.57
N LYS A 497 21.75 -129.48 29.71
CA LYS A 497 21.48 -128.89 31.02
C LYS A 497 22.80 -128.46 31.66
N ALA A 498 22.93 -127.17 31.92
CA ALA A 498 24.12 -126.63 32.56
C ALA A 498 23.76 -125.39 33.35
N THR A 499 24.61 -125.04 34.31
CA THR A 499 24.39 -123.85 35.11
C THR A 499 25.12 -122.64 34.56
N HIS A 500 26.30 -122.83 33.98
CA HIS A 500 27.09 -121.74 33.44
C HIS A 500 27.54 -122.08 32.03
N ILE A 501 27.62 -121.06 31.19
CA ILE A 501 28.04 -121.20 29.81
C ILE A 501 29.11 -120.14 29.56
N LEU A 502 30.28 -120.59 29.10
CA LEU A 502 31.39 -119.69 28.82
C LEU A 502 31.45 -119.41 27.32
N ASP A 503 31.43 -118.13 26.97
CA ASP A 503 31.45 -117.70 25.57
C ASP A 503 32.85 -117.19 25.26
N PHE A 504 33.62 -118.00 24.53
CA PHE A 504 34.93 -117.59 24.04
C PHE A 504 34.86 -116.89 22.69
N GLY A 505 33.78 -117.07 21.94
CA GLY A 505 33.70 -116.60 20.58
C GLY A 505 33.85 -115.10 20.49
N PRO A 506 34.10 -114.60 19.28
CA PRO A 506 34.21 -113.14 19.10
C PRO A 506 32.89 -112.43 19.32
N GLY A 507 32.92 -111.10 19.28
CA GLY A 507 31.74 -110.29 19.38
C GLY A 507 31.50 -109.67 20.74
N GLY A 508 32.11 -110.20 21.79
CA GLY A 508 31.87 -109.69 23.12
C GLY A 508 30.40 -109.66 23.46
N ALA A 509 29.90 -108.50 23.88
CA ALA A 509 28.50 -108.37 24.24
C ALA A 509 27.57 -108.56 23.06
N SER A 510 28.09 -108.51 21.83
CA SER A 510 27.29 -108.76 20.64
C SER A 510 27.49 -110.16 20.08
N GLY A 511 28.13 -111.04 20.82
CA GLY A 511 28.47 -112.37 20.35
C GLY A 511 27.38 -113.39 20.64
N LEU A 512 27.76 -114.66 20.52
CA LEU A 512 26.82 -115.76 20.69
C LEU A 512 26.36 -115.93 22.12
N GLY A 513 27.16 -115.51 23.10
CA GLY A 513 26.76 -115.67 24.49
C GLY A 513 25.51 -114.91 24.84
N VAL A 514 25.41 -113.67 24.37
CA VAL A 514 24.22 -112.87 24.68
C VAL A 514 22.99 -113.46 24.00
N LEU A 515 23.13 -113.92 22.76
CA LEU A 515 22.02 -114.59 22.10
C LEU A 515 21.57 -115.80 22.91
N THR A 516 22.52 -116.63 23.34
CA THR A 516 22.16 -117.82 24.09
C THR A 516 21.51 -117.46 25.42
N HIS A 517 21.96 -116.37 26.03
CA HIS A 517 21.37 -115.90 27.26
C HIS A 517 19.91 -115.49 27.05
N ARG A 518 19.65 -114.76 25.98
CA ARG A 518 18.26 -114.37 25.69
C ARG A 518 17.40 -115.58 25.41
N ASN A 519 17.94 -116.56 24.68
CA ASN A 519 17.19 -117.79 24.42
C ASN A 519 16.86 -118.52 25.71
N LYS A 520 17.78 -118.50 26.68
CA LYS A 520 17.71 -119.37 27.84
C LYS A 520 17.28 -118.63 29.10
N ASP A 521 16.80 -117.39 28.96
CA ASP A 521 16.44 -116.59 30.11
C ASP A 521 15.38 -117.29 30.97
N GLY A 522 15.54 -117.23 32.28
CA GLY A 522 14.56 -117.81 33.18
C GLY A 522 14.65 -119.30 33.40
N THR A 523 15.71 -119.93 32.89
CA THR A 523 15.88 -121.36 33.08
C THR A 523 17.00 -121.68 34.07
N GLY A 524 17.54 -120.69 34.77
CA GLY A 524 18.65 -120.95 35.67
C GLY A 524 19.97 -121.23 34.98
N VAL A 525 20.28 -120.52 33.90
CA VAL A 525 21.54 -120.68 33.20
C VAL A 525 22.23 -119.32 33.14
N ARG A 526 23.52 -119.31 33.46
CA ARG A 526 24.32 -118.09 33.47
C ARG A 526 25.32 -118.12 32.32
N VAL A 527 25.40 -117.01 31.59
CA VAL A 527 26.32 -116.88 30.46
C VAL A 527 27.44 -115.93 30.86
N ILE A 528 28.68 -116.37 30.68
CA ILE A 528 29.87 -115.54 30.90
C ILE A 528 30.58 -115.40 29.57
N VAL A 529 30.85 -114.16 29.18
CA VAL A 529 31.59 -113.86 27.95
C VAL A 529 33.05 -113.69 28.32
N ALA A 530 33.84 -114.74 28.14
CA ALA A 530 35.23 -114.75 28.56
C ALA A 530 36.12 -113.87 27.71
N GLY A 531 35.64 -113.39 26.58
CA GLY A 531 36.49 -112.67 25.65
C GLY A 531 36.69 -111.20 25.97
N THR A 532 35.82 -110.62 26.79
CA THR A 532 35.84 -109.18 27.03
C THR A 532 35.71 -108.86 28.51
N LEU A 533 36.22 -107.68 28.87
CA LEU A 533 36.17 -107.14 30.22
C LEU A 533 35.22 -105.94 30.19
N ASP A 534 34.18 -105.97 31.02
CA ASP A 534 33.23 -104.87 31.05
C ASP A 534 32.30 -105.04 32.24
N ILE A 535 31.40 -104.08 32.38
CA ILE A 535 30.39 -104.07 33.44
C ILE A 535 29.02 -104.06 32.79
N ASN A 536 28.17 -105.00 33.21
CA ASN A 536 26.80 -105.08 32.75
C ASN A 536 25.90 -104.39 33.77
N PRO A 537 25.29 -103.25 33.45
CA PRO A 537 24.35 -102.67 34.43
C PRO A 537 23.23 -103.62 34.81
N ASP A 538 22.68 -104.35 33.84
CA ASP A 538 21.63 -105.31 34.16
C ASP A 538 22.16 -106.44 35.02
N ASP A 539 23.43 -106.80 34.87
CA ASP A 539 24.05 -107.85 35.64
C ASP A 539 23.44 -109.23 35.33
N ASP A 540 22.72 -109.34 34.22
CA ASP A 540 22.09 -110.61 33.87
C ASP A 540 23.06 -111.62 33.31
N TYR A 541 24.24 -111.19 32.85
CA TYR A 541 25.26 -112.11 32.36
C TYR A 541 26.64 -111.57 32.71
N GLY A 542 27.60 -112.49 32.85
CA GLY A 542 28.90 -112.13 33.35
C GLY A 542 29.86 -111.68 32.26
N PHE A 543 31.04 -111.25 32.69
CA PHE A 543 32.12 -110.85 31.80
C PHE A 543 33.39 -111.60 32.18
N LYS A 544 34.53 -111.22 31.61
CA LYS A 544 35.75 -112.00 31.80
C LYS A 544 36.11 -112.11 33.28
N GLN A 545 35.84 -111.07 34.06
CA GLN A 545 36.26 -111.07 35.45
C GLN A 545 35.60 -112.19 36.25
N GLU A 546 34.33 -112.46 35.95
CA GLU A 546 33.58 -113.44 36.75
C GLU A 546 34.23 -114.81 36.71
N ILE A 547 35.01 -115.11 35.67
CA ILE A 547 35.65 -116.41 35.59
C ILE A 547 36.76 -116.57 36.61
N PHE A 548 37.35 -115.46 37.06
CA PHE A 548 38.52 -115.50 37.94
C PHE A 548 38.23 -115.00 39.34
N ASP A 549 37.08 -114.35 39.57
CA ASP A 549 36.78 -113.83 40.89
C ASP A 549 36.80 -114.95 41.93
N VAL A 550 37.32 -114.64 43.10
CA VAL A 550 37.44 -115.62 44.17
C VAL A 550 36.37 -115.46 45.23
N THR A 551 35.73 -114.29 45.31
CA THR A 551 34.69 -114.05 46.30
C THR A 551 33.40 -114.73 45.84
N SER A 552 32.29 -114.43 46.52
CA SER A 552 31.00 -114.89 46.03
C SER A 552 30.67 -114.26 44.68
N ASN A 553 31.28 -113.11 44.37
CA ASN A 553 31.01 -112.45 43.10
C ASN A 553 31.43 -113.30 41.91
N GLY A 554 32.27 -114.31 42.13
CA GLY A 554 32.59 -115.26 41.08
C GLY A 554 31.54 -116.33 40.86
N LEU A 555 30.62 -116.49 41.80
CA LEU A 555 29.54 -117.47 41.69
C LEU A 555 28.22 -116.72 41.69
N LYS A 556 27.70 -116.44 40.49
CA LYS A 556 26.41 -115.81 40.31
C LYS A 556 25.48 -116.81 39.61
N LYS A 557 24.30 -117.00 40.18
CA LYS A 557 23.28 -117.87 39.62
C LYS A 557 22.18 -117.01 39.00
N ASN A 558 21.76 -117.37 37.79
CA ASN A 558 20.70 -116.62 37.15
C ASN A 558 19.39 -117.16 37.66
N PRO A 559 18.35 -116.34 37.61
CA PRO A 559 17.07 -116.78 38.21
C PRO A 559 16.35 -117.90 37.48
N ASN A 560 15.87 -118.89 38.22
CA ASN A 560 15.05 -119.93 37.63
C ASN A 560 13.63 -119.67 38.14
N TRP A 561 12.77 -119.14 37.27
CA TRP A 561 11.46 -118.68 37.71
C TRP A 561 10.64 -119.81 38.31
N LEU A 562 10.65 -120.98 37.67
CA LEU A 562 9.85 -122.09 38.17
C LEU A 562 10.19 -122.42 39.61
N GLU A 563 11.44 -122.18 40.03
CA GLU A 563 11.87 -122.50 41.39
C GLU A 563 11.78 -121.30 42.33
N GLU A 564 12.13 -120.11 41.88
CA GLU A 564 12.08 -118.94 42.75
C GLU A 564 10.64 -118.60 43.14
N TYR A 565 9.73 -118.60 42.16
CA TYR A 565 8.36 -118.19 42.37
C TYR A 565 7.40 -119.37 42.43
N HIS A 566 7.91 -120.53 42.82
CA HIS A 566 7.08 -121.71 42.94
C HIS A 566 6.02 -121.50 44.01
N PRO A 567 4.74 -121.73 43.70
CA PRO A 567 3.73 -121.69 44.76
C PRO A 567 3.97 -122.76 45.81
N LYS A 568 3.60 -122.44 47.05
CA LYS A 568 3.78 -123.35 48.17
C LYS A 568 2.54 -123.31 49.04
N LEU A 569 2.42 -124.29 49.92
CA LEU A 569 1.35 -124.35 50.91
C LEU A 569 1.92 -124.14 52.31
N ILE A 570 1.15 -123.45 53.14
CA ILE A 570 1.55 -123.17 54.51
C ILE A 570 0.29 -123.06 55.36
N LYS A 571 0.41 -123.36 56.65
CA LYS A 571 -0.70 -123.22 57.56
C LYS A 571 -0.25 -122.52 58.83
N ASN A 572 -1.22 -121.92 59.51
CA ASN A 572 -0.98 -121.21 60.76
C ASN A 572 -1.35 -122.11 61.94
N LYS A 573 -1.28 -121.56 63.15
CA LYS A 573 -1.57 -122.35 64.35
C LYS A 573 -2.97 -122.95 64.30
N SER A 574 -3.96 -122.15 63.89
CA SER A 574 -5.33 -122.65 63.85
C SER A 574 -5.48 -123.87 62.95
N GLY A 575 -4.57 -124.05 62.00
CA GLY A 575 -4.66 -125.12 61.02
C GLY A 575 -5.18 -124.68 59.67
N LYS A 576 -5.45 -123.39 59.48
CA LYS A 576 -5.93 -122.91 58.19
C LYS A 576 -4.83 -122.99 57.15
N ILE A 577 -5.14 -123.65 56.02
CA ILE A 577 -4.22 -123.74 54.91
C ILE A 577 -4.23 -122.43 54.13
N PHE A 578 -3.05 -122.01 53.68
CA PHE A 578 -2.89 -120.83 52.86
C PHE A 578 -2.06 -121.17 51.64
N VAL A 579 -2.41 -120.59 50.49
CA VAL A 579 -1.58 -120.72 49.30
C VAL A 579 -0.47 -119.68 49.43
N GLU A 580 0.75 -120.14 49.69
CA GLU A 580 1.86 -119.24 49.96
C GLU A 580 2.38 -118.65 48.65
N THR A 581 2.42 -117.33 48.61
CA THR A 581 2.91 -116.59 47.46
C THR A 581 3.51 -115.29 47.96
N LYS A 582 4.24 -114.60 47.08
CA LYS A 582 4.80 -113.31 47.44
C LYS A 582 3.71 -112.36 47.95
N PHE A 583 2.64 -112.19 47.16
CA PHE A 583 1.52 -111.35 47.57
C PHE A 583 0.88 -111.88 48.84
N SER A 584 0.62 -113.19 48.88
CA SER A 584 0.00 -113.79 50.05
C SER A 584 0.90 -113.68 51.27
N LYS A 585 2.20 -113.85 51.08
CA LYS A 585 3.14 -113.69 52.18
C LYS A 585 3.09 -112.28 52.73
N LEU A 586 2.92 -111.28 51.85
CA LEU A 586 2.86 -109.90 52.32
C LEU A 586 1.57 -109.63 53.09
N ILE A 587 0.42 -110.01 52.53
CA ILE A 587 -0.85 -109.57 53.11
C ILE A 587 -1.44 -110.54 54.12
N GLY A 588 -0.90 -111.75 54.23
CA GLY A 588 -1.43 -112.68 55.21
C GLY A 588 -2.83 -113.18 54.91
N ARG A 589 -3.25 -113.15 53.66
CA ARG A 589 -4.55 -113.63 53.22
C ARG A 589 -4.35 -114.32 51.88
N PRO A 590 -5.32 -115.13 51.46
CA PRO A 590 -5.16 -115.85 50.18
C PRO A 590 -4.92 -114.89 49.04
N PRO A 591 -4.08 -115.25 48.07
CA PRO A 591 -3.67 -114.28 47.05
C PRO A 591 -4.74 -114.03 46.00
N LEU A 592 -5.95 -113.71 46.44
CA LEU A 592 -7.07 -113.44 45.53
C LEU A 592 -7.75 -112.16 45.99
N LEU A 593 -7.94 -111.23 45.06
CA LEU A 593 -8.53 -109.95 45.39
C LEU A 593 -9.66 -109.63 44.42
N VAL A 594 -10.63 -108.88 44.92
CA VAL A 594 -11.71 -108.33 44.11
C VAL A 594 -11.33 -106.90 43.75
N PRO A 595 -11.17 -106.57 42.47
CA PRO A 595 -10.70 -105.23 42.12
C PRO A 595 -11.78 -104.16 42.32
N GLY A 596 -11.32 -102.92 42.38
CA GLY A 596 -12.22 -101.78 42.48
C GLY A 596 -13.14 -101.69 41.29
N MET A 597 -14.44 -101.86 41.48
CA MET A 597 -15.39 -101.81 40.37
C MET A 597 -16.51 -100.82 40.57
N THR A 598 -16.56 -99.78 39.75
CA THR A 598 -17.67 -98.85 39.82
C THR A 598 -18.68 -99.30 38.78
N PRO A 599 -19.77 -99.93 39.23
CA PRO A 599 -20.49 -99.66 40.46
C PRO A 599 -20.51 -100.81 41.47
N CYS A 600 -20.01 -101.99 41.13
CA CYS A 600 -20.11 -103.16 42.01
C CYS A 600 -19.47 -103.01 43.41
N THR A 601 -18.28 -102.41 43.49
CA THR A 601 -17.60 -102.32 44.78
C THR A 601 -17.80 -100.94 45.40
N VAL A 602 -18.64 -100.10 44.79
CA VAL A 602 -18.96 -98.82 45.40
C VAL A 602 -19.72 -99.04 46.70
N SER A 603 -20.42 -100.15 46.82
CA SER A 603 -21.27 -100.39 47.98
C SER A 603 -20.45 -100.76 49.20
N PRO A 604 -20.56 -100.02 50.31
CA PRO A 604 -19.88 -100.45 51.54
C PRO A 604 -20.27 -101.83 52.03
N ASP A 605 -21.53 -102.25 51.82
CA ASP A 605 -21.96 -103.56 52.32
C ASP A 605 -21.20 -104.68 51.63
N PHE A 606 -20.98 -104.58 50.32
CA PHE A 606 -20.26 -105.63 49.61
C PHE A 606 -18.78 -105.61 49.97
N VAL A 607 -18.19 -104.43 50.13
CA VAL A 607 -16.81 -104.35 50.59
C VAL A 607 -16.68 -105.02 51.94
N ALA A 608 -17.62 -104.76 52.84
CA ALA A 608 -17.58 -105.37 54.17
C ALA A 608 -17.74 -106.88 54.09
N ALA A 609 -18.66 -107.36 53.25
CA ALA A 609 -18.88 -108.80 53.16
C ALA A 609 -17.67 -109.51 52.58
N THR A 610 -16.99 -108.87 51.63
CA THR A 610 -15.79 -109.47 51.06
C THR A 610 -14.63 -109.45 52.06
N THR A 611 -14.45 -108.33 52.77
CA THR A 611 -13.39 -108.27 53.77
C THR A 611 -13.62 -109.29 54.86
N ASN A 612 -14.85 -109.41 55.35
CA ASN A 612 -15.15 -110.33 56.44
C ASN A 612 -15.07 -111.78 56.00
N ALA A 613 -15.16 -112.05 54.70
CA ALA A 613 -14.91 -113.39 54.19
C ALA A 613 -13.43 -113.74 54.19
N GLY A 614 -12.54 -112.78 54.46
CA GLY A 614 -11.12 -113.03 54.51
C GLY A 614 -10.37 -112.74 53.23
N TYR A 615 -10.92 -111.92 52.35
CA TYR A 615 -10.34 -111.66 51.04
C TYR A 615 -10.21 -110.16 50.81
N THR A 616 -9.27 -109.80 49.96
CA THR A 616 -9.00 -108.40 49.67
C THR A 616 -10.01 -107.82 48.69
N ILE A 617 -10.38 -106.56 48.91
CA ILE A 617 -11.28 -105.84 48.01
C ILE A 617 -10.94 -104.36 48.07
N GLU A 618 -11.23 -103.66 46.98
CA GLU A 618 -10.94 -102.24 46.86
C GLU A 618 -12.25 -101.47 46.77
N LEU A 619 -12.43 -100.49 47.66
CA LEU A 619 -13.58 -99.60 47.56
C LEU A 619 -13.44 -98.72 46.33
N ALA A 620 -14.47 -98.69 45.49
CA ALA A 620 -14.39 -98.00 44.21
C ALA A 620 -14.64 -96.51 44.42
N GLY A 621 -13.65 -95.69 44.10
CA GLY A 621 -13.82 -94.26 44.16
C GLY A 621 -14.67 -93.69 43.05
N GLY A 622 -14.93 -94.46 42.00
CA GLY A 622 -15.73 -93.99 40.88
C GLY A 622 -17.17 -93.70 41.24
N GLY A 623 -17.66 -94.26 42.34
CA GLY A 623 -19.02 -94.04 42.79
C GLY A 623 -19.19 -92.94 43.81
N TYR A 624 -18.18 -92.12 44.04
CA TYR A 624 -18.25 -91.01 44.98
C TYR A 624 -17.69 -89.77 44.32
N PHE A 625 -18.25 -88.62 44.69
CA PHE A 625 -17.93 -87.35 44.03
C PHE A 625 -17.39 -86.29 44.97
N SER A 626 -17.23 -86.62 46.24
CA SER A 626 -16.68 -85.68 47.20
C SER A 626 -15.96 -86.42 48.31
N ALA A 627 -15.09 -85.73 49.02
CA ALA A 627 -14.43 -86.35 50.16
C ALA A 627 -15.44 -86.74 51.24
N ALA A 628 -16.54 -85.99 51.35
CA ALA A 628 -17.51 -86.26 52.41
C ALA A 628 -18.28 -87.56 52.14
N GLY A 629 -18.70 -87.77 50.89
CA GLY A 629 -19.42 -88.97 50.54
C GLY A 629 -18.58 -90.21 50.69
N MET A 630 -17.34 -90.17 50.20
CA MET A 630 -16.41 -91.28 50.39
C MET A 630 -16.10 -91.51 51.86
N THR A 631 -15.98 -90.43 52.63
CA THR A 631 -15.71 -90.58 54.05
C THR A 631 -16.85 -91.30 54.76
N ALA A 632 -18.09 -90.95 54.42
CA ALA A 632 -19.23 -91.66 54.98
C ALA A 632 -19.21 -93.13 54.59
N ALA A 633 -18.88 -93.43 53.32
CA ALA A 633 -18.81 -94.83 52.89
C ALA A 633 -17.72 -95.59 53.64
N ILE A 634 -16.56 -94.96 53.83
CA ILE A 634 -15.46 -95.61 54.53
C ILE A 634 -15.84 -95.88 55.98
N ASP A 635 -16.51 -94.92 56.63
CA ASP A 635 -16.95 -95.14 58.00
C ASP A 635 -17.95 -96.29 58.07
N SER A 636 -18.84 -96.38 57.09
CA SER A 636 -19.76 -97.52 57.06
C SER A 636 -18.99 -98.83 56.95
N VAL A 637 -18.01 -98.88 56.04
CA VAL A 637 -17.24 -100.11 55.88
C VAL A 637 -16.55 -100.48 57.19
N VAL A 638 -15.90 -99.50 57.82
CA VAL A 638 -15.18 -99.77 59.06
C VAL A 638 -16.13 -100.31 60.11
N SER A 639 -17.30 -99.69 60.25
CA SER A 639 -18.26 -100.19 61.23
C SER A 639 -18.72 -101.61 60.90
N GLN A 640 -18.69 -102.00 59.63
CA GLN A 640 -19.20 -103.31 59.26
C GLN A 640 -18.16 -104.43 59.35
N ILE A 641 -16.88 -104.11 59.42
CA ILE A 641 -15.82 -105.11 59.44
C ILE A 641 -15.41 -105.39 60.88
N GLU A 642 -14.71 -106.50 61.08
CA GLU A 642 -14.24 -106.87 62.41
C GLU A 642 -12.93 -106.15 62.74
N LYS A 643 -12.61 -106.15 64.03
CA LYS A 643 -11.38 -105.53 64.48
C LYS A 643 -10.18 -106.17 63.78
N GLY A 644 -9.26 -105.34 63.31
CA GLY A 644 -8.06 -105.83 62.66
C GLY A 644 -8.17 -106.05 61.17
N SER A 645 -9.36 -105.94 60.59
CA SER A 645 -9.50 -106.11 59.16
C SER A 645 -9.07 -104.86 58.42
N THR A 646 -8.81 -105.01 57.13
CA THR A 646 -8.36 -103.90 56.29
C THR A 646 -8.99 -104.03 54.92
N PHE A 647 -8.87 -102.97 54.14
CA PHE A 647 -9.39 -102.93 52.78
C PHE A 647 -8.68 -101.80 52.06
N GLY A 648 -8.84 -101.79 50.73
CA GLY A 648 -8.21 -100.79 49.88
C GLY A 648 -9.22 -99.87 49.22
N ILE A 649 -8.67 -98.91 48.49
CA ILE A 649 -9.46 -97.92 47.76
C ILE A 649 -8.91 -97.82 46.34
N ASN A 650 -9.81 -97.74 45.38
CA ASN A 650 -9.47 -97.64 43.96
C ASN A 650 -9.83 -96.26 43.45
N LEU A 651 -8.85 -95.56 42.87
CA LEU A 651 -9.05 -94.23 42.31
C LEU A 651 -8.70 -94.23 40.84
N ILE A 652 -9.50 -93.52 40.04
CA ILE A 652 -9.32 -93.47 38.60
C ILE A 652 -8.41 -92.29 38.28
N TYR A 653 -7.41 -92.52 37.45
CA TYR A 653 -6.42 -91.50 37.16
C TYR A 653 -6.82 -90.55 36.04
N VAL A 654 -7.96 -90.76 35.38
CA VAL A 654 -8.27 -89.92 34.23
C VAL A 654 -8.94 -88.62 34.66
N ASN A 655 -9.73 -88.64 35.74
CA ASN A 655 -10.41 -87.42 36.18
C ASN A 655 -9.59 -86.77 37.27
N PRO A 656 -8.96 -85.62 37.03
CA PRO A 656 -8.13 -84.99 38.07
C PRO A 656 -8.90 -84.56 39.30
N PHE A 657 -10.21 -84.31 39.19
CA PHE A 657 -10.99 -83.88 40.35
C PHE A 657 -11.09 -84.99 41.39
N MET A 658 -11.36 -86.22 40.93
CA MET A 658 -11.39 -87.37 41.82
C MET A 658 -10.09 -87.45 42.62
N LEU A 659 -8.95 -87.42 41.93
CA LEU A 659 -7.67 -87.46 42.62
C LEU A 659 -7.51 -86.28 43.56
N GLN A 660 -7.84 -85.09 43.07
CA GLN A 660 -7.58 -83.87 43.83
C GLN A 660 -8.26 -83.91 45.19
N TRP A 661 -9.47 -84.44 45.26
CA TRP A 661 -10.09 -84.57 46.58
C TRP A 661 -9.83 -85.92 47.24
N GLY A 662 -9.33 -86.92 46.52
CA GLY A 662 -9.17 -88.25 47.08
C GLY A 662 -7.83 -88.53 47.70
N ILE A 663 -6.75 -88.05 47.08
CA ILE A 663 -5.41 -88.24 47.65
C ILE A 663 -5.29 -87.54 49.01
N PRO A 664 -5.66 -86.27 49.16
CA PRO A 664 -5.67 -85.68 50.51
C PRO A 664 -6.55 -86.44 51.48
N LEU A 665 -7.69 -86.96 51.02
CA LEU A 665 -8.56 -87.71 51.91
C LEU A 665 -7.84 -88.96 52.42
N ILE A 666 -7.17 -89.69 51.54
CA ILE A 666 -6.46 -90.89 51.97
C ILE A 666 -5.36 -90.52 52.95
N LYS A 667 -4.60 -89.48 52.66
CA LYS A 667 -3.56 -89.07 53.59
C LYS A 667 -4.15 -88.74 54.95
N GLU A 668 -5.24 -87.99 54.97
CA GLU A 668 -5.86 -87.60 56.23
C GLU A 668 -6.36 -88.81 57.01
N LEU A 669 -7.04 -89.72 56.33
CA LEU A 669 -7.58 -90.90 57.00
C LEU A 669 -6.47 -91.79 57.53
N ARG A 670 -5.38 -91.94 56.77
CA ARG A 670 -4.26 -92.72 57.27
C ARG A 670 -3.57 -92.04 58.44
N SER A 671 -3.53 -90.71 58.45
CA SER A 671 -3.01 -89.99 59.61
C SER A 671 -3.86 -90.28 60.84
N LYS A 672 -5.18 -90.33 60.67
CA LYS A 672 -6.05 -90.73 61.77
C LYS A 672 -5.98 -92.22 62.05
N GLY A 673 -5.27 -92.98 61.22
CA GLY A 673 -5.08 -94.40 61.46
C GLY A 673 -6.13 -95.31 60.87
N TYR A 674 -6.87 -94.85 59.87
CA TYR A 674 -7.95 -95.66 59.30
C TYR A 674 -7.38 -96.90 58.61
N PRO A 675 -8.04 -98.06 58.72
CA PRO A 675 -7.46 -99.29 58.20
C PRO A 675 -7.49 -99.39 56.68
N ILE A 676 -6.76 -98.50 56.02
CA ILE A 676 -6.68 -98.48 54.57
C ILE A 676 -5.33 -99.08 54.19
N GLN A 677 -5.36 -100.31 53.70
CA GLN A 677 -4.12 -101.03 53.46
C GLN A 677 -3.39 -100.50 52.23
N PHE A 678 -4.11 -100.26 51.14
CA PHE A 678 -3.46 -99.99 49.87
C PHE A 678 -4.34 -99.10 49.01
N LEU A 679 -3.70 -98.45 48.04
CA LEU A 679 -4.37 -97.65 47.03
C LEU A 679 -4.08 -98.25 45.66
N THR A 680 -5.11 -98.45 44.86
CA THR A 680 -4.97 -98.89 43.49
C THR A 680 -5.37 -97.76 42.56
N ILE A 681 -4.49 -97.43 41.62
CA ILE A 681 -4.77 -96.42 40.61
C ILE A 681 -5.13 -97.13 39.32
N GLY A 682 -6.37 -96.96 38.87
CA GLY A 682 -6.81 -97.53 37.63
C GLY A 682 -6.80 -96.51 36.49
N ALA A 683 -7.02 -97.01 35.29
CA ALA A 683 -7.09 -96.17 34.10
C ALA A 683 -5.90 -95.22 34.01
N GLY A 684 -4.71 -95.79 33.93
CA GLY A 684 -3.50 -95.01 33.77
C GLY A 684 -2.53 -95.21 34.90
N VAL A 685 -1.25 -95.00 34.61
CA VAL A 685 -0.16 -95.15 35.57
C VAL A 685 0.37 -93.76 35.91
N PRO A 686 0.49 -93.41 37.19
CA PRO A 686 0.98 -92.06 37.52
C PRO A 686 2.42 -91.86 37.08
N SER A 687 2.79 -90.60 36.91
CA SER A 687 4.17 -90.25 36.63
C SER A 687 5.04 -90.57 37.84
N LEU A 688 6.35 -90.46 37.65
CA LEU A 688 7.28 -90.80 38.73
C LEU A 688 7.10 -89.89 39.93
N GLU A 689 6.93 -88.58 39.70
CA GLU A 689 6.80 -87.66 40.81
C GLU A 689 5.52 -87.93 41.61
N VAL A 690 4.41 -88.13 40.90
CA VAL A 690 3.15 -88.40 41.58
C VAL A 690 3.21 -89.72 42.33
N ALA A 691 3.83 -90.74 41.73
CA ALA A 691 3.95 -92.03 42.42
C ALA A 691 4.81 -91.89 43.67
N SER A 692 5.92 -91.14 43.58
CA SER A 692 6.75 -90.93 44.75
C SER A 692 6.00 -90.20 45.84
N GLU A 693 5.20 -89.20 45.47
CA GLU A 693 4.40 -88.49 46.45
C GLU A 693 3.41 -89.44 47.12
N TYR A 694 2.72 -90.27 46.33
CA TYR A 694 1.81 -91.25 46.91
C TYR A 694 2.53 -92.13 47.90
N ILE A 695 3.64 -92.75 47.47
CA ILE A 695 4.34 -93.73 48.29
C ILE A 695 4.85 -93.09 49.57
N GLU A 696 5.35 -91.86 49.49
CA GLU A 696 5.96 -91.22 50.64
C GLU A 696 4.91 -90.71 51.63
N THR A 697 3.92 -89.96 51.15
CA THR A 697 3.05 -89.25 52.06
C THR A 697 1.86 -90.10 52.50
N LEU A 698 1.31 -90.93 51.62
CA LEU A 698 0.05 -91.57 51.95
C LEU A 698 0.18 -92.58 53.10
N GLY A 699 1.37 -93.11 53.33
CA GLY A 699 1.57 -94.04 54.42
C GLY A 699 0.75 -95.32 54.30
N LEU A 700 0.78 -95.93 53.12
CA LEU A 700 0.07 -97.17 52.87
C LEU A 700 1.03 -98.36 52.92
N LYS A 701 0.45 -99.56 53.01
CA LYS A 701 1.27 -100.77 53.02
C LYS A 701 1.83 -101.06 51.64
N TYR A 702 1.02 -100.96 50.60
CA TYR A 702 1.50 -101.15 49.25
C TYR A 702 0.63 -100.38 48.27
N LEU A 703 1.18 -100.17 47.08
CA LEU A 703 0.53 -99.43 46.00
C LEU A 703 0.14 -100.40 44.90
N GLY A 704 -1.08 -100.27 44.40
CA GLY A 704 -1.56 -101.06 43.29
C GLY A 704 -1.56 -100.23 42.02
N LEU A 705 -1.07 -100.82 40.94
CA LEU A 705 -1.05 -100.17 39.64
C LEU A 705 -1.61 -101.11 38.60
N LYS A 706 -2.27 -100.54 37.59
CA LYS A 706 -2.92 -101.29 36.53
C LYS A 706 -2.40 -100.78 35.20
N PRO A 707 -1.21 -101.22 34.80
CA PRO A 707 -0.71 -100.85 33.47
C PRO A 707 -1.58 -101.45 32.37
N GLY A 708 -1.65 -100.78 31.25
CA GLY A 708 -2.48 -101.27 30.16
C GLY A 708 -1.70 -101.79 28.98
N SER A 709 -0.46 -101.34 28.80
CA SER A 709 0.32 -101.73 27.63
C SER A 709 1.76 -101.96 28.06
N ILE A 710 2.63 -102.19 27.08
CA ILE A 710 4.05 -102.41 27.36
C ILE A 710 4.66 -101.17 28.00
N ASP A 711 4.37 -99.99 27.46
CA ASP A 711 4.92 -98.76 28.00
C ASP A 711 4.45 -98.53 29.43
N ALA A 712 3.18 -98.82 29.71
CA ALA A 712 2.70 -98.70 31.09
C ALA A 712 3.46 -99.64 32.01
N ILE A 713 3.76 -100.85 31.56
CA ILE A 713 4.52 -101.78 32.39
C ILE A 713 5.92 -101.25 32.63
N SER A 714 6.53 -100.63 31.61
CA SER A 714 7.84 -100.01 31.81
C SER A 714 7.76 -98.90 32.84
N GLN A 715 6.71 -98.09 32.79
CA GLN A 715 6.55 -97.03 33.78
C GLN A 715 6.41 -97.60 35.18
N VAL A 716 5.66 -98.69 35.32
CA VAL A 716 5.51 -99.34 36.61
C VAL A 716 6.87 -99.85 37.10
N ILE A 717 7.66 -100.43 36.19
CA ILE A 717 8.99 -100.90 36.57
C ILE A 717 9.86 -99.75 37.05
N ASN A 718 9.80 -98.61 36.36
CA ASN A 718 10.58 -97.45 36.79
C ASN A 718 10.16 -96.98 38.18
N ILE A 719 8.85 -96.94 38.43
CA ILE A 719 8.36 -96.56 39.75
C ILE A 719 8.92 -97.52 40.80
N ALA A 720 8.80 -98.82 40.55
CA ALA A 720 9.29 -99.81 41.51
C ALA A 720 10.78 -99.67 41.73
N LYS A 721 11.53 -99.31 40.69
CA LYS A 721 12.96 -99.15 40.82
C LYS A 721 13.30 -97.93 41.67
N ALA A 722 12.54 -96.84 41.52
CA ALA A 722 12.80 -95.65 42.31
C ALA A 722 12.61 -95.88 43.80
N HIS A 723 11.80 -96.85 44.18
CA HIS A 723 11.50 -97.16 45.59
C HIS A 723 11.68 -98.66 45.80
N PRO A 724 12.94 -99.13 45.82
CA PRO A 724 13.16 -100.58 45.82
C PRO A 724 12.59 -101.31 47.02
N ASN A 725 12.34 -100.64 48.14
CA ASN A 725 11.82 -101.32 49.30
C ASN A 725 10.31 -101.34 49.38
N PHE A 726 9.63 -100.42 48.71
CA PHE A 726 8.18 -100.32 48.81
C PHE A 726 7.51 -101.37 47.94
N PRO A 727 6.59 -102.18 48.48
CA PRO A 727 5.90 -103.16 47.63
C PRO A 727 4.99 -102.48 46.61
N ILE A 728 5.04 -102.99 45.38
CA ILE A 728 4.20 -102.51 44.29
C ILE A 728 3.43 -103.70 43.73
N ALA A 729 2.12 -103.55 43.62
CA ALA A 729 1.26 -104.62 43.09
C ALA A 729 0.95 -104.29 41.63
N LEU A 730 1.61 -105.02 40.73
CA LEU A 730 1.37 -104.85 39.30
C LEU A 730 0.16 -105.68 38.93
N GLN A 731 -1.00 -105.04 38.84
CA GLN A 731 -2.25 -105.71 38.46
C GLN A 731 -2.34 -105.68 36.95
N TRP A 732 -2.04 -106.82 36.32
CA TRP A 732 -2.07 -106.92 34.88
C TRP A 732 -3.38 -107.49 34.38
N THR A 733 -3.97 -106.83 33.40
CA THR A 733 -5.21 -107.31 32.82
C THR A 733 -5.19 -107.05 31.34
N GLY A 734 -5.73 -107.98 30.56
CA GLY A 734 -5.79 -107.82 29.14
C GLY A 734 -7.00 -107.07 28.68
N GLY A 735 -7.18 -106.95 27.37
CA GLY A 735 -8.34 -106.28 26.82
C GLY A 735 -9.62 -107.06 26.93
N ARG A 736 -9.55 -108.29 27.41
CA ARG A 736 -10.71 -109.18 27.50
C ARG A 736 -11.48 -109.01 28.80
N GLY A 737 -11.08 -108.07 29.66
CA GLY A 737 -11.79 -107.86 30.92
C GLY A 737 -13.08 -107.10 30.73
N GLY A 738 -13.85 -107.04 31.82
CA GLY A 738 -15.10 -106.31 31.80
C GLY A 738 -14.90 -104.81 31.94
N GLY A 739 -15.94 -104.05 31.61
CA GLY A 739 -15.90 -102.62 31.75
C GLY A 739 -14.90 -101.98 30.80
N HIS A 740 -14.33 -100.86 31.24
CA HIS A 740 -13.30 -100.20 30.46
C HIS A 740 -12.15 -101.17 30.19
N HIS A 741 -11.73 -101.24 28.93
CA HIS A 741 -10.74 -102.23 28.54
C HIS A 741 -9.88 -101.66 27.41
N SER A 742 -8.77 -102.35 27.16
CA SER A 742 -7.85 -101.92 26.14
C SER A 742 -7.86 -102.86 24.98
N PHE A 743 -6.91 -102.69 24.07
CA PHE A 743 -6.82 -103.49 22.87
C PHE A 743 -5.75 -104.57 22.95
N GLU A 744 -5.20 -104.78 24.14
CA GLU A 744 -4.06 -105.70 24.26
C GLU A 744 -4.39 -107.15 24.49
N ASP A 745 -3.57 -108.03 23.94
CA ASP A 745 -3.74 -109.45 24.20
C ASP A 745 -3.40 -109.67 25.67
N ALA A 746 -3.91 -110.74 26.25
CA ALA A 746 -3.66 -111.02 27.66
C ALA A 746 -2.33 -111.71 27.91
N HIS A 747 -1.70 -112.27 26.89
CA HIS A 747 -0.54 -113.13 27.09
C HIS A 747 0.76 -112.58 26.54
N THR A 748 0.72 -111.94 25.38
CA THR A 748 1.95 -111.47 24.76
C THR A 748 2.69 -110.42 25.60
N PRO A 749 1.96 -109.46 26.19
CA PRO A 749 2.73 -108.46 26.93
C PRO A 749 3.43 -109.09 28.13
N MET A 750 2.82 -110.09 28.75
CA MET A 750 3.44 -110.78 29.87
C MET A 750 4.66 -111.58 29.42
N LEU A 751 4.54 -112.26 28.29
CA LEU A 751 5.66 -113.02 27.79
C LEU A 751 6.85 -112.10 27.46
N GLN A 752 6.57 -110.85 27.07
CA GLN A 752 7.64 -109.91 26.79
C GLN A 752 8.28 -109.36 28.07
N MET A 753 7.46 -109.05 29.08
CA MET A 753 7.92 -108.26 30.21
C MET A 753 8.11 -109.04 31.50
N TYR A 754 7.86 -110.34 31.51
CA TYR A 754 7.93 -111.10 32.77
C TYR A 754 9.32 -111.01 33.38
N SER A 755 10.36 -111.17 32.56
CA SER A 755 11.73 -111.10 33.06
C SER A 755 12.03 -109.74 33.67
N LYS A 756 11.71 -108.66 32.95
CA LYS A 756 11.94 -107.32 33.50
C LYS A 756 11.21 -107.14 34.81
N ILE A 757 9.97 -107.62 34.90
CA ILE A 757 9.21 -107.46 36.12
C ILE A 757 9.87 -108.21 37.27
N ARG A 758 10.31 -109.45 37.02
CA ARG A 758 10.94 -110.22 38.08
C ARG A 758 12.35 -109.75 38.40
N ARG A 759 12.94 -108.87 37.59
CA ARG A 759 14.19 -108.24 37.99
C ARG A 759 14.03 -107.50 39.32
N HIS A 760 12.81 -107.09 39.65
CA HIS A 760 12.54 -106.24 40.80
C HIS A 760 11.74 -107.00 41.85
N PRO A 761 12.35 -107.44 42.95
CA PRO A 761 11.63 -108.31 43.89
C PRO A 761 10.44 -107.66 44.56
N ASN A 762 10.39 -106.32 44.61
CA ASN A 762 9.30 -105.64 45.30
C ASN A 762 8.01 -105.60 44.49
N ILE A 763 8.03 -105.99 43.22
CA ILE A 763 6.82 -106.03 42.41
C ILE A 763 6.11 -107.35 42.64
N MET A 764 4.81 -107.27 42.94
CA MET A 764 3.95 -108.43 43.07
C MET A 764 3.08 -108.52 41.82
N LEU A 765 3.10 -109.67 41.16
CA LEU A 765 2.49 -109.84 39.84
C LEU A 765 1.10 -110.47 39.99
N ILE A 766 0.07 -109.70 39.68
CA ILE A 766 -1.31 -110.15 39.72
C ILE A 766 -1.81 -110.29 38.28
N PHE A 767 -2.54 -111.36 38.02
CA PHE A 767 -3.11 -111.63 36.71
C PHE A 767 -4.63 -111.59 36.81
N GLY A 768 -5.26 -110.82 35.91
CA GLY A 768 -6.71 -110.76 35.86
C GLY A 768 -7.25 -110.74 34.44
N SER A 769 -8.48 -110.28 34.26
CA SER A 769 -9.14 -110.21 32.95
C SER A 769 -9.35 -111.60 32.35
N GLY A 770 -10.30 -112.32 32.95
CA GLY A 770 -10.88 -113.46 32.27
C GLY A 770 -10.99 -114.71 33.11
N PHE A 771 -10.75 -114.59 34.40
CA PHE A 771 -10.67 -115.74 35.30
C PHE A 771 -11.94 -115.85 36.12
N GLY A 772 -12.39 -117.08 36.34
CA GLY A 772 -13.53 -117.31 37.21
C GLY A 772 -13.48 -118.59 38.02
N SER A 773 -12.36 -119.32 38.01
CA SER A 773 -12.32 -120.59 38.72
C SER A 773 -10.87 -120.98 38.99
N ALA A 774 -10.72 -121.94 39.91
CA ALA A 774 -9.40 -122.50 40.19
C ALA A 774 -8.83 -123.23 38.99
N ASP A 775 -9.67 -123.91 38.22
CA ASP A 775 -9.18 -124.67 37.07
C ASP A 775 -8.47 -123.77 36.07
N ASP A 776 -9.04 -122.61 35.77
CA ASP A 776 -8.48 -121.75 34.74
C ASP A 776 -7.41 -120.80 35.26
N THR A 777 -7.19 -120.74 36.58
CA THR A 777 -6.10 -119.95 37.13
C THR A 777 -4.91 -120.79 37.55
N TYR A 778 -5.11 -122.06 37.87
CA TYR A 778 -4.01 -122.89 38.33
C TYR A 778 -2.83 -122.92 37.37
N PRO A 779 -3.02 -123.02 36.06
CA PRO A 779 -1.85 -122.96 35.16
C PRO A 779 -1.03 -121.70 35.33
N TYR A 780 -1.68 -120.56 35.61
CA TYR A 780 -0.95 -119.32 35.83
C TYR A 780 -0.31 -119.27 37.20
N LEU A 781 -0.91 -119.95 38.19
CA LEU A 781 -0.28 -120.03 39.50
C LEU A 781 1.00 -120.85 39.46
N THR A 782 1.00 -121.94 38.70
CA THR A 782 2.18 -122.78 38.59
C THR A 782 3.14 -122.33 37.50
N GLY A 783 2.75 -121.38 36.66
CA GLY A 783 3.59 -120.92 35.59
C GLY A 783 3.57 -121.78 34.35
N GLU A 784 2.81 -122.88 34.37
CA GLU A 784 2.74 -123.80 33.24
C GLU A 784 2.07 -123.18 32.02
N TRP A 785 1.44 -122.02 32.16
CA TRP A 785 0.76 -121.38 31.03
C TRP A 785 1.75 -121.03 29.93
N SER A 786 2.91 -120.48 30.31
CA SER A 786 3.85 -119.97 29.31
C SER A 786 4.53 -121.07 28.52
N THR A 787 4.44 -122.33 28.95
CA THR A 787 5.06 -123.41 28.19
C THR A 787 4.34 -123.64 26.87
N LYS A 788 3.04 -123.35 26.81
CA LYS A 788 2.31 -123.51 25.56
C LYS A 788 2.82 -122.56 24.49
N PHE A 789 3.50 -121.48 24.89
CA PHE A 789 4.13 -120.55 23.98
C PHE A 789 5.61 -120.83 23.79
N ASP A 790 6.06 -122.02 24.18
CA ASP A 790 7.47 -122.40 24.10
C ASP A 790 8.33 -121.42 24.89
N TYR A 791 7.99 -121.26 26.16
CA TYR A 791 8.70 -120.42 27.12
C TYR A 791 8.90 -121.22 28.39
N PRO A 792 9.82 -120.79 29.25
CA PRO A 792 9.93 -121.40 30.57
C PRO A 792 8.75 -121.02 31.44
N PRO A 793 8.42 -121.83 32.45
CA PRO A 793 7.28 -121.49 33.30
C PRO A 793 7.44 -120.14 33.95
N MET A 794 6.34 -119.39 34.03
CA MET A 794 6.37 -118.05 34.61
C MET A 794 5.25 -117.89 35.62
N PRO A 795 5.46 -118.37 36.86
CA PRO A 795 4.41 -118.30 37.88
C PRO A 795 4.03 -116.86 38.22
N PHE A 796 2.79 -116.69 38.62
CA PHE A 796 2.27 -115.39 39.00
C PHE A 796 2.00 -115.34 40.49
N ASP A 797 1.89 -114.12 41.03
CA ASP A 797 1.76 -113.95 42.47
C ASP A 797 0.31 -113.95 42.95
N GLY A 798 -0.65 -113.63 42.09
CA GLY A 798 -2.03 -113.61 42.51
C GLY A 798 -2.95 -113.33 41.34
N PHE A 799 -4.25 -113.29 41.64
CA PHE A 799 -5.28 -113.11 40.64
C PHE A 799 -6.35 -112.17 41.14
N LEU A 800 -7.03 -111.51 40.20
CA LEU A 800 -8.17 -110.65 40.51
C LEU A 800 -9.37 -111.11 39.68
N PHE A 801 -10.55 -111.07 40.30
CA PHE A 801 -11.79 -111.52 39.67
C PHE A 801 -12.81 -110.38 39.73
N GLY A 802 -12.96 -109.66 38.63
CA GLY A 802 -13.96 -108.60 38.55
C GLY A 802 -15.35 -109.11 38.19
N SER A 803 -15.52 -109.63 36.98
CA SER A 803 -16.85 -110.02 36.52
C SER A 803 -17.39 -111.22 37.29
N ARG A 804 -16.52 -112.07 37.82
CA ARG A 804 -16.97 -113.34 38.37
C ARG A 804 -17.89 -113.17 39.57
N VAL A 805 -17.77 -112.04 40.29
CA VAL A 805 -18.51 -111.87 41.53
C VAL A 805 -19.71 -110.94 41.36
N MET A 806 -20.00 -110.49 40.15
CA MET A 806 -21.09 -109.54 39.97
C MET A 806 -22.45 -110.14 40.28
N ILE A 807 -22.55 -111.47 40.34
CA ILE A 807 -23.81 -112.12 40.74
C ILE A 807 -23.64 -112.75 42.11
N ALA A 808 -22.76 -112.19 42.93
CA ALA A 808 -22.65 -112.62 44.31
C ALA A 808 -23.85 -112.14 45.12
N LYS A 809 -24.15 -112.85 46.19
CA LYS A 809 -25.34 -112.54 46.98
C LYS A 809 -25.25 -111.17 47.62
N GLU A 810 -24.05 -110.70 47.95
CA GLU A 810 -23.91 -109.44 48.67
C GLU A 810 -23.75 -108.22 47.77
N VAL A 811 -23.63 -108.41 46.46
CA VAL A 811 -23.52 -107.28 45.55
C VAL A 811 -24.91 -106.71 45.32
N LYS A 812 -24.98 -105.42 44.95
CA LYS A 812 -26.24 -104.70 44.85
C LYS A 812 -26.88 -104.78 43.47
N THR A 813 -26.38 -105.65 42.60
CA THR A 813 -26.99 -105.81 41.29
C THR A 813 -28.44 -106.25 41.44
N SER A 814 -29.30 -105.69 40.60
CA SER A 814 -30.72 -106.02 40.68
C SER A 814 -30.95 -107.48 40.27
N PRO A 815 -31.94 -108.14 40.87
CA PRO A 815 -32.16 -109.56 40.54
C PRO A 815 -32.32 -109.82 39.05
N ASP A 816 -33.05 -108.96 38.34
CA ASP A 816 -33.16 -109.13 36.89
C ASP A 816 -31.81 -108.88 36.22
N ALA A 817 -31.03 -107.93 36.74
CA ALA A 817 -29.68 -107.74 36.23
C ALA A 817 -28.81 -108.96 36.47
N LYS A 818 -28.95 -109.59 37.64
CA LYS A 818 -28.19 -110.82 37.91
C LYS A 818 -28.59 -111.92 36.93
N LYS A 819 -29.88 -112.08 36.67
CA LYS A 819 -30.32 -113.07 35.70
C LYS A 819 -29.78 -112.76 34.32
N CYS A 820 -29.79 -111.49 33.93
CA CYS A 820 -29.25 -111.10 32.64
C CYS A 820 -27.78 -111.46 32.54
N ILE A 821 -27.01 -111.16 33.58
CA ILE A 821 -25.60 -111.47 33.59
C ILE A 821 -25.40 -112.98 33.43
N ALA A 822 -26.08 -113.75 34.26
CA ALA A 822 -25.94 -115.20 34.20
C ALA A 822 -26.29 -115.75 32.82
N ALA A 823 -27.30 -115.18 32.17
CA ALA A 823 -27.72 -115.68 30.86
C ALA A 823 -26.66 -115.50 29.79
N CYS A 824 -25.71 -114.58 29.99
CA CYS A 824 -24.61 -114.43 29.04
C CYS A 824 -23.77 -115.68 29.08
N THR A 825 -23.30 -116.13 27.93
CA THR A 825 -22.55 -117.39 27.85
C THR A 825 -21.06 -117.17 27.79
N GLY A 826 -20.65 -115.96 27.43
CA GLY A 826 -19.24 -115.67 27.31
C GLY A 826 -18.64 -116.36 26.10
N VAL A 827 -17.34 -116.13 25.92
CA VAL A 827 -16.62 -116.66 24.76
C VAL A 827 -15.20 -117.02 25.18
N PRO A 828 -14.60 -117.99 24.49
CA PRO A 828 -13.19 -118.29 24.75
C PRO A 828 -12.27 -117.15 24.33
N ASP A 829 -11.05 -117.18 24.87
CA ASP A 829 -10.13 -116.06 24.72
C ASP A 829 -9.79 -115.78 23.26
N ASP A 830 -9.73 -116.81 22.43
CA ASP A 830 -9.32 -116.61 21.03
C ASP A 830 -10.35 -115.84 20.22
N LYS A 831 -11.54 -115.59 20.76
CA LYS A 831 -12.58 -114.87 20.05
C LYS A 831 -13.07 -113.62 20.76
N TRP A 832 -12.49 -113.26 21.91
CA TRP A 832 -12.96 -112.07 22.63
C TRP A 832 -12.89 -110.83 21.75
N GLU A 833 -11.97 -110.80 20.78
CA GLU A 833 -11.83 -109.63 19.93
C GLU A 833 -13.08 -109.37 19.10
N GLN A 834 -13.97 -110.35 18.99
CA GLN A 834 -15.22 -110.15 18.26
C GLN A 834 -16.28 -109.52 19.15
N THR A 835 -15.92 -108.45 19.84
CA THR A 835 -16.86 -107.59 20.52
C THR A 835 -16.80 -106.16 19.99
N TYR A 836 -15.74 -105.81 19.25
CA TYR A 836 -15.68 -104.52 18.60
C TYR A 836 -16.69 -104.39 17.47
N LYS A 837 -17.27 -105.49 17.01
CA LYS A 837 -18.11 -105.48 15.82
C LYS A 837 -19.54 -105.93 16.10
N LYS A 838 -19.74 -106.94 16.94
CA LYS A 838 -21.07 -107.49 17.14
C LYS A 838 -21.10 -108.21 18.48
N PRO A 839 -22.29 -108.46 19.03
CA PRO A 839 -22.36 -109.23 20.28
C PRO A 839 -21.76 -110.61 20.12
N THR A 840 -21.04 -111.05 21.16
CA THR A 840 -20.43 -112.37 21.18
C THR A 840 -20.49 -112.89 22.60
N GLY A 841 -21.10 -114.05 22.78
CA GLY A 841 -21.32 -114.56 24.11
C GLY A 841 -22.21 -113.69 24.96
N GLY A 842 -22.97 -112.79 24.34
CA GLY A 842 -23.83 -111.88 25.06
C GLY A 842 -23.20 -110.55 25.43
N ILE A 843 -21.96 -110.30 25.02
CA ILE A 843 -21.26 -109.07 25.35
C ILE A 843 -20.83 -108.40 24.05
N VAL A 844 -20.72 -107.08 24.10
CA VAL A 844 -20.30 -106.26 22.96
C VAL A 844 -19.50 -105.09 23.50
N THR A 845 -18.80 -104.40 22.60
CA THR A 845 -17.98 -103.25 22.95
C THR A 845 -18.62 -101.98 22.41
N VAL A 846 -18.70 -100.95 23.24
CA VAL A 846 -19.21 -99.64 22.86
C VAL A 846 -18.26 -98.59 23.42
N ARG A 847 -18.34 -97.40 22.84
CA ARG A 847 -17.45 -96.31 23.21
C ARG A 847 -18.10 -95.44 24.28
N SER A 848 -17.28 -94.90 25.16
CA SER A 848 -17.74 -94.05 26.24
C SER A 848 -17.83 -92.60 25.78
N GLU A 849 -18.05 -91.68 26.70
CA GLU A 849 -18.15 -90.27 26.36
C GLU A 849 -16.85 -89.78 25.72
N MET A 850 -15.70 -90.18 26.29
CA MET A 850 -14.41 -89.77 25.77
C MET A 850 -13.93 -90.67 24.64
N GLY A 851 -14.65 -91.73 24.33
CA GLY A 851 -14.28 -92.62 23.25
C GLY A 851 -13.55 -93.88 23.66
N GLU A 852 -13.58 -94.26 24.94
CA GLU A 852 -12.85 -95.44 25.38
C GLU A 852 -13.73 -96.68 25.26
N PRO A 853 -13.19 -97.82 24.80
CA PRO A 853 -14.00 -99.03 24.72
C PRO A 853 -14.46 -99.48 26.09
N ILE A 854 -15.68 -100.01 26.14
CA ILE A 854 -16.24 -100.62 27.35
C ILE A 854 -16.93 -101.90 26.95
N HIS A 855 -16.75 -102.95 27.75
CA HIS A 855 -17.43 -104.21 27.56
C HIS A 855 -18.73 -104.20 28.35
N LYS A 856 -19.86 -104.25 27.65
CA LYS A 856 -21.17 -104.23 28.27
C LYS A 856 -22.02 -105.35 27.70
N ILE A 857 -22.99 -105.81 28.49
CA ILE A 857 -23.92 -106.82 28.02
C ILE A 857 -24.75 -106.23 26.88
N ALA A 858 -24.93 -107.02 25.82
CA ALA A 858 -25.64 -106.57 24.63
C ALA A 858 -27.14 -106.55 24.90
N THR A 859 -27.57 -105.57 25.68
CA THR A 859 -28.97 -105.28 25.88
C THR A 859 -29.46 -104.33 24.81
N ARG A 860 -30.79 -104.22 24.69
CA ARG A 860 -31.36 -103.32 23.69
C ARG A 860 -30.83 -101.90 23.87
N GLY A 861 -30.68 -101.46 25.12
CA GLY A 861 -30.10 -100.15 25.35
C GLY A 861 -28.66 -100.05 24.85
N VAL A 862 -27.86 -101.08 25.11
CA VAL A 862 -26.48 -101.06 24.64
C VAL A 862 -26.42 -101.17 23.12
N MET A 863 -27.33 -101.94 22.53
CA MET A 863 -27.36 -102.03 21.07
C MET A 863 -27.71 -100.69 20.45
N LEU A 864 -28.67 -99.97 21.04
CA LEU A 864 -28.93 -98.61 20.59
C LEU A 864 -27.72 -97.73 20.76
N TRP A 865 -27.01 -97.88 21.89
CA TRP A 865 -25.78 -97.14 22.12
C TRP A 865 -24.78 -97.37 21.00
N LYS A 866 -24.58 -98.63 20.62
CA LYS A 866 -23.64 -98.96 19.55
C LYS A 866 -24.09 -98.38 18.22
N GLU A 867 -25.38 -98.51 17.91
CA GLU A 867 -25.91 -97.95 16.68
C GLU A 867 -25.63 -96.46 16.59
N PHE A 868 -25.98 -95.72 17.65
CA PHE A 868 -25.71 -94.29 17.65
C PHE A 868 -24.21 -94.02 17.57
N ASP A 869 -23.39 -94.82 18.25
CA ASP A 869 -21.96 -94.63 18.17
C ASP A 869 -21.49 -94.61 16.72
N GLU A 870 -21.97 -95.57 15.93
CA GLU A 870 -21.51 -95.66 14.55
C GLU A 870 -22.33 -94.83 13.56
N THR A 871 -23.44 -94.21 14.00
CA THR A 871 -24.30 -93.48 13.05
C THR A 871 -24.46 -91.99 13.34
N ILE A 872 -24.34 -91.55 14.59
CA ILE A 872 -24.55 -90.16 14.98
C ILE A 872 -23.31 -89.56 15.62
N PHE A 873 -22.73 -90.26 16.60
CA PHE A 873 -21.69 -89.67 17.44
C PHE A 873 -20.35 -89.61 16.73
N ASN A 874 -20.17 -90.33 15.63
CA ASN A 874 -18.95 -90.24 14.83
C ASN A 874 -19.07 -89.20 13.73
N LEU A 875 -20.21 -88.52 13.62
CA LEU A 875 -20.37 -87.52 12.58
C LEU A 875 -19.57 -86.27 12.90
N PRO A 876 -19.10 -85.55 11.90
CA PRO A 876 -18.45 -84.25 12.15
C PRO A 876 -19.44 -83.24 12.71
N LYS A 877 -18.90 -82.19 13.30
CA LYS A 877 -19.75 -81.20 13.97
C LYS A 877 -20.75 -80.58 13.02
N ASN A 878 -20.30 -80.22 11.81
CA ASN A 878 -21.18 -79.55 10.85
C ASN A 878 -22.30 -80.45 10.34
N LYS A 879 -22.25 -81.75 10.61
CA LYS A 879 -23.29 -82.67 10.17
C LYS A 879 -24.15 -83.20 11.30
N LEU A 880 -23.76 -82.98 12.55
CA LEU A 880 -24.49 -83.58 13.66
C LEU A 880 -25.92 -83.08 13.72
N VAL A 881 -26.11 -81.76 13.74
CA VAL A 881 -27.45 -81.21 13.89
C VAL A 881 -28.36 -81.58 12.71
N PRO A 882 -27.94 -81.44 11.45
CA PRO A 882 -28.80 -81.89 10.36
C PRO A 882 -29.22 -83.34 10.49
N THR A 883 -28.31 -84.21 10.94
CA THR A 883 -28.67 -85.61 11.10
C THR A 883 -29.70 -85.80 12.21
N LEU A 884 -29.48 -85.17 13.35
CA LEU A 884 -30.47 -85.25 14.43
C LEU A 884 -31.83 -84.77 13.94
N GLU A 885 -31.84 -83.65 13.22
CA GLU A 885 -33.11 -83.11 12.71
C GLU A 885 -33.77 -84.07 11.73
N ALA A 886 -32.98 -84.69 10.86
CA ALA A 886 -33.55 -85.62 9.89
C ALA A 886 -34.09 -86.86 10.57
N LYS A 887 -33.51 -87.26 11.69
CA LYS A 887 -33.83 -88.53 12.33
C LYS A 887 -34.57 -88.36 13.64
N ARG A 888 -35.23 -87.21 13.84
CA ARG A 888 -35.85 -86.94 15.13
C ARG A 888 -36.85 -88.02 15.50
N ASP A 889 -37.71 -88.40 14.57
CA ASP A 889 -38.77 -89.36 14.89
C ASP A 889 -38.18 -90.72 15.24
N TYR A 890 -37.26 -91.21 14.41
CA TYR A 890 -36.64 -92.50 14.67
C TYR A 890 -35.88 -92.48 15.99
N ILE A 891 -35.12 -91.41 16.24
CA ILE A 891 -34.34 -91.32 17.48
C ILE A 891 -35.28 -91.31 18.68
N ILE A 892 -36.36 -90.53 18.62
CA ILE A 892 -37.28 -90.45 19.75
C ILE A 892 -37.93 -91.79 20.00
N SER A 893 -38.35 -92.48 18.94
CA SER A 893 -38.97 -93.78 19.13
C SER A 893 -37.99 -94.78 19.74
N ARG A 894 -36.74 -94.77 19.26
CA ARG A 894 -35.74 -95.66 19.83
C ARG A 894 -35.52 -95.35 21.30
N LEU A 895 -35.38 -94.07 21.65
CA LEU A 895 -35.19 -93.69 23.05
C LEU A 895 -36.33 -94.20 23.91
N ASN A 896 -37.56 -93.97 23.47
CA ASN A 896 -38.70 -94.34 24.30
C ASN A 896 -38.85 -95.85 24.39
N ALA A 897 -38.41 -96.58 23.38
CA ALA A 897 -38.62 -98.03 23.38
C ALA A 897 -37.51 -98.79 24.09
N ASP A 898 -36.25 -98.39 23.90
CA ASP A 898 -35.14 -99.30 24.15
C ASP A 898 -34.02 -98.72 25.01
N PHE A 899 -34.22 -97.60 25.69
CA PHE A 899 -33.13 -96.96 26.43
C PHE A 899 -33.56 -96.61 27.84
N GLN A 900 -32.56 -96.49 28.72
CA GLN A 900 -32.77 -96.14 30.11
C GLN A 900 -33.04 -94.66 30.33
N LYS A 901 -32.78 -93.81 29.33
CA LYS A 901 -33.07 -92.38 29.39
C LYS A 901 -34.05 -92.07 28.27
N PRO A 902 -35.35 -92.12 28.53
CA PRO A 902 -36.33 -91.91 27.47
C PRO A 902 -36.46 -90.45 27.07
N TRP A 903 -37.14 -90.24 25.94
CA TRP A 903 -37.49 -88.91 25.49
C TRP A 903 -38.42 -88.25 26.51
N PHE A 904 -38.01 -87.11 27.07
CA PHE A 904 -38.79 -86.51 28.14
C PHE A 904 -40.20 -86.14 27.68
N ALA A 905 -40.29 -85.43 26.55
CA ALA A 905 -41.57 -84.88 26.08
C ALA A 905 -42.36 -85.97 25.36
N THR A 906 -42.89 -86.89 26.16
CA THR A 906 -43.73 -87.97 25.67
C THR A 906 -44.94 -88.06 26.60
N VAL A 907 -46.10 -87.63 26.11
CA VAL A 907 -47.31 -87.57 26.90
C VAL A 907 -48.21 -88.71 26.48
N ASN A 908 -48.44 -89.65 27.39
CA ASN A 908 -49.31 -90.79 27.13
C ASN A 908 -48.92 -91.51 25.85
N GLY A 909 -47.61 -91.67 25.65
CA GLY A 909 -47.08 -92.40 24.51
C GLY A 909 -46.97 -91.60 23.23
N GLN A 910 -47.42 -90.35 23.21
CA GLN A 910 -47.34 -89.51 22.03
C GLN A 910 -46.10 -88.63 22.13
N ALA A 911 -45.21 -88.77 21.15
CA ALA A 911 -43.99 -87.96 21.15
C ALA A 911 -44.32 -86.49 20.90
N ARG A 912 -43.59 -85.62 21.57
CA ARG A 912 -43.89 -84.19 21.53
C ARG A 912 -42.57 -83.43 21.63
N ASP A 913 -42.66 -82.15 21.97
CA ASP A 913 -41.52 -81.32 22.32
C ASP A 913 -41.84 -80.59 23.61
N LEU A 914 -40.80 -80.03 24.23
CA LEU A 914 -41.02 -79.20 25.41
C LEU A 914 -41.93 -78.02 25.07
N ALA A 915 -41.79 -77.46 23.87
CA ALA A 915 -42.60 -76.32 23.46
C ALA A 915 -44.06 -76.69 23.24
N THR A 916 -44.36 -77.99 23.10
CA THR A 916 -45.70 -78.47 22.81
C THR A 916 -46.32 -79.15 24.02
N MET A 917 -45.73 -79.00 25.20
CA MET A 917 -46.25 -79.55 26.43
C MET A 917 -46.85 -78.46 27.31
N THR A 918 -47.86 -78.82 28.08
CA THR A 918 -48.42 -77.88 29.02
C THR A 918 -47.60 -77.98 30.29
N TYR A 919 -47.68 -76.96 31.13
CA TYR A 919 -46.96 -76.97 32.41
C TYR A 919 -47.37 -78.18 33.25
N GLU A 920 -48.66 -78.48 33.27
CA GLU A 920 -49.14 -79.61 34.04
C GLU A 920 -48.57 -80.91 33.49
N GLU A 921 -48.48 -81.05 32.18
CA GLU A 921 -47.92 -82.24 31.58
C GLU A 921 -46.46 -82.40 31.94
N VAL A 922 -45.73 -81.29 32.01
CA VAL A 922 -44.32 -81.33 32.39
C VAL A 922 -44.19 -81.78 33.84
N ALA A 923 -45.01 -81.21 34.74
CA ALA A 923 -44.92 -81.57 36.14
C ALA A 923 -45.24 -83.05 36.37
N LYS A 924 -46.28 -83.55 35.71
CA LYS A 924 -46.65 -84.95 35.85
C LYS A 924 -45.58 -85.86 35.28
N ARG A 925 -44.97 -85.47 34.16
CA ARG A 925 -43.90 -86.29 33.59
C ARG A 925 -42.70 -86.34 34.52
N LEU A 926 -42.35 -85.21 35.13
CA LEU A 926 -41.26 -85.21 36.10
C LEU A 926 -41.56 -86.15 37.26
N VAL A 927 -42.80 -86.11 37.77
CA VAL A 927 -43.15 -87.00 38.87
C VAL A 927 -43.11 -88.45 38.41
N GLU A 928 -43.52 -88.71 37.18
CA GLU A 928 -43.56 -90.09 36.69
C GLU A 928 -42.16 -90.66 36.52
N LEU A 929 -41.19 -89.81 36.14
CA LEU A 929 -39.86 -90.31 35.84
C LEU A 929 -38.89 -90.22 37.02
N MET A 930 -39.18 -89.42 38.04
CA MET A 930 -38.25 -89.24 39.15
C MET A 930 -38.75 -89.76 40.48
N PHE A 931 -40.04 -90.10 40.59
CA PHE A 931 -40.63 -90.54 41.84
C PHE A 931 -40.93 -92.02 41.76
N ILE A 932 -40.48 -92.77 42.76
CA ILE A 932 -40.67 -94.22 42.78
C ILE A 932 -41.92 -94.52 43.59
N ARG A 933 -42.87 -95.22 42.97
CA ARG A 933 -44.11 -95.56 43.66
C ARG A 933 -43.89 -96.70 44.64
N SER A 934 -43.05 -97.68 44.28
CA SER A 934 -42.84 -98.82 45.16
C SER A 934 -42.31 -98.38 46.51
N THR A 935 -41.30 -97.50 46.51
CA THR A 935 -40.72 -97.00 47.74
C THR A 935 -41.41 -95.73 48.24
N ASN A 936 -42.36 -95.19 47.47
CA ASN A 936 -43.11 -94.00 47.88
C ASN A 936 -42.18 -92.82 48.15
N SER A 937 -41.07 -92.75 47.42
CA SER A 937 -40.11 -91.69 47.65
C SER A 937 -39.50 -91.27 46.32
N TRP A 938 -38.92 -90.07 46.33
CA TRP A 938 -38.08 -89.65 45.24
C TRP A 938 -36.79 -90.45 45.24
N PHE A 939 -36.28 -90.78 44.04
CA PHE A 939 -35.06 -91.56 43.97
C PHE A 939 -33.90 -90.80 44.61
N ASP A 940 -33.86 -89.49 44.46
CA ASP A 940 -32.89 -88.70 45.20
C ASP A 940 -33.43 -87.29 45.37
N VAL A 941 -32.86 -86.57 46.34
CA VAL A 941 -33.45 -85.32 46.76
C VAL A 941 -33.20 -84.18 45.78
N THR A 942 -32.18 -84.31 44.92
CA THR A 942 -31.94 -83.27 43.94
C THR A 942 -33.01 -83.27 42.84
N TRP A 943 -33.56 -84.44 42.51
CA TRP A 943 -34.70 -84.50 41.61
C TRP A 943 -35.94 -83.90 42.26
N ARG A 944 -36.10 -84.12 43.56
CA ARG A 944 -37.15 -83.44 44.32
C ARG A 944 -37.01 -81.93 44.21
N THR A 945 -35.79 -81.43 44.40
CA THR A 945 -35.53 -80.00 44.28
C THR A 945 -35.83 -79.51 42.87
N PHE A 946 -35.47 -80.30 41.86
CA PHE A 946 -35.77 -79.94 40.47
C PHE A 946 -37.26 -79.73 40.27
N THR A 947 -38.07 -80.71 40.69
CA THR A 947 -39.51 -80.60 40.51
C THR A 947 -40.08 -79.42 41.29
N GLY A 948 -39.60 -79.20 42.52
CA GLY A 948 -40.06 -78.06 43.29
C GLY A 948 -39.70 -76.73 42.65
N ASP A 949 -38.50 -76.65 42.06
CA ASP A 949 -38.13 -75.44 41.35
C ASP A 949 -39.07 -75.19 40.18
N PHE A 950 -39.40 -76.25 39.46
CA PHE A 950 -40.32 -76.10 38.34
C PHE A 950 -41.69 -75.60 38.79
N LEU A 951 -42.21 -76.16 39.89
CA LEU A 951 -43.51 -75.72 40.39
C LEU A 951 -43.46 -74.26 40.87
N ARG A 952 -42.37 -73.85 41.51
CA ARG A 952 -42.24 -72.45 41.88
C ARG A 952 -42.26 -71.56 40.65
N ARG A 953 -41.60 -71.97 39.56
CA ARG A 953 -41.64 -71.18 38.34
C ARG A 953 -43.04 -71.15 37.76
N VAL A 954 -43.77 -72.26 37.83
CA VAL A 954 -45.16 -72.26 37.37
C VAL A 954 -45.95 -71.18 38.11
N GLU A 955 -45.85 -71.18 39.44
CA GLU A 955 -46.53 -70.17 40.23
C GLU A 955 -46.11 -68.76 39.80
N GLU A 956 -44.83 -68.55 39.57
CA GLU A 956 -44.36 -67.22 39.21
C GLU A 956 -44.94 -66.79 37.87
N ARG A 957 -45.00 -67.73 36.92
CA ARG A 957 -45.52 -67.40 35.59
C ARG A 957 -47.00 -67.03 35.66
N PHE A 958 -47.80 -67.79 36.41
CA PHE A 958 -49.24 -67.63 36.32
C PHE A 958 -49.85 -66.81 37.46
N THR A 959 -49.04 -66.18 38.29
CA THR A 959 -49.56 -65.34 39.36
C THR A 959 -49.60 -63.89 38.91
N LYS A 960 -50.59 -63.16 39.41
CA LYS A 960 -50.78 -61.77 39.00
C LYS A 960 -50.18 -60.76 39.97
N SER A 961 -49.83 -61.15 41.19
CA SER A 961 -49.28 -60.22 42.17
C SER A 961 -48.45 -61.00 43.17
N LYS A 962 -47.74 -60.26 44.04
CA LYS A 962 -47.04 -60.86 45.16
C LYS A 962 -47.95 -61.82 45.90
N THR A 963 -47.46 -63.02 46.16
CA THR A 963 -48.26 -64.02 46.86
C THR A 963 -47.33 -64.97 47.60
N LEU A 964 -47.89 -65.68 48.57
CA LEU A 964 -47.16 -66.74 49.26
C LEU A 964 -47.11 -67.98 48.38
N SER A 965 -45.93 -68.56 48.26
CA SER A 965 -45.79 -69.81 47.52
C SER A 965 -46.63 -70.90 48.16
N LEU A 966 -47.25 -71.71 47.33
CA LEU A 966 -48.00 -72.86 47.79
C LEU A 966 -47.11 -74.06 48.09
N ILE A 967 -45.85 -74.04 47.65
CA ILE A 967 -44.86 -75.02 48.07
C ILE A 967 -43.87 -74.31 48.98
N GLN A 968 -44.17 -74.30 50.29
CA GLN A 968 -43.30 -73.61 51.22
C GLN A 968 -42.03 -74.39 51.48
N SER A 969 -42.14 -75.70 51.64
CA SER A 969 -41.01 -76.59 51.78
C SER A 969 -41.14 -77.70 50.75
N TYR A 970 -40.05 -78.03 50.07
CA TYR A 970 -40.11 -79.09 49.08
C TYR A 970 -40.42 -80.43 49.70
N SER A 971 -40.30 -80.54 51.02
CA SER A 971 -40.72 -81.76 51.71
C SER A 971 -42.19 -82.08 51.46
N LEU A 972 -43.00 -81.07 51.10
CA LEU A 972 -44.38 -81.33 50.74
C LEU A 972 -44.49 -82.22 49.50
N LEU A 973 -43.44 -82.32 48.70
CA LEU A 973 -43.48 -83.12 47.50
C LEU A 973 -43.32 -84.61 47.76
N ASP A 974 -43.23 -85.02 49.03
CA ASP A 974 -43.23 -86.44 49.34
C ASP A 974 -44.56 -87.10 49.02
N LYS A 975 -45.59 -86.32 48.73
CA LYS A 975 -46.83 -86.80 48.13
C LYS A 975 -47.05 -85.98 46.86
N PRO A 976 -46.36 -86.33 45.77
CA PRO A 976 -46.32 -85.42 44.62
C PRO A 976 -47.68 -85.13 44.02
N ASP A 977 -48.58 -86.10 44.02
CA ASP A 977 -49.89 -85.90 43.41
C ASP A 977 -50.61 -84.74 44.06
N GLU A 978 -50.64 -84.70 45.39
CA GLU A 978 -51.36 -83.65 46.09
C GLU A 978 -50.73 -82.28 45.87
N ALA A 979 -49.40 -82.21 45.85
CA ALA A 979 -48.74 -80.94 45.61
C ALA A 979 -49.03 -80.42 44.20
N ILE A 980 -49.01 -81.33 43.21
CA ILE A 980 -49.34 -80.92 41.86
C ILE A 980 -50.77 -80.44 41.78
N GLU A 981 -51.69 -81.17 42.40
CA GLU A 981 -53.09 -80.77 42.40
C GLU A 981 -53.26 -79.40 43.02
N LYS A 982 -52.58 -79.16 44.14
CA LYS A 982 -52.66 -77.85 44.79
C LYS A 982 -52.16 -76.75 43.85
N VAL A 983 -50.99 -76.95 43.26
CA VAL A 983 -50.39 -75.90 42.43
C VAL A 983 -51.31 -75.58 41.25
N PHE A 984 -51.83 -76.60 40.60
CA PHE A 984 -52.61 -76.36 39.38
C PHE A 984 -54.08 -76.11 39.65
N ASN A 985 -54.55 -76.29 40.88
CA ASN A 985 -55.84 -75.74 41.27
C ASN A 985 -55.73 -74.26 41.57
N ALA A 986 -54.59 -73.82 42.10
CA ALA A 986 -54.41 -72.39 42.30
C ALA A 986 -54.23 -71.64 40.99
N TYR A 987 -53.64 -72.28 39.97
CA TYR A 987 -53.35 -71.66 38.69
C TYR A 987 -53.85 -72.56 37.57
N PRO A 988 -55.18 -72.65 37.42
CA PRO A 988 -55.74 -73.60 36.45
C PRO A 988 -55.36 -73.30 34.99
N ALA A 989 -54.97 -72.07 34.69
CA ALA A 989 -54.62 -71.73 33.31
C ALA A 989 -53.36 -72.45 32.86
N ALA A 990 -52.57 -72.98 33.79
CA ALA A 990 -51.35 -73.70 33.46
C ALA A 990 -51.62 -75.12 33.00
N ARG A 991 -52.85 -75.58 33.06
CA ARG A 991 -53.16 -76.92 32.60
C ARG A 991 -53.44 -76.97 31.10
N GLU A 992 -53.52 -75.81 30.44
CA GLU A 992 -53.87 -75.78 29.02
C GLU A 992 -53.11 -74.70 28.28
N GLN A 993 -51.90 -74.40 28.73
CA GLN A 993 -51.05 -73.45 28.02
C GLN A 993 -49.70 -74.10 27.88
N PHE A 994 -49.14 -74.05 26.68
CA PHE A 994 -47.82 -74.61 26.46
C PHE A 994 -46.81 -73.78 27.20
N LEU A 995 -45.64 -74.35 27.41
CA LEU A 995 -44.58 -73.65 28.11
C LEU A 995 -44.24 -72.35 27.37
N ASN A 996 -44.15 -71.27 28.12
CA ASN A 996 -43.51 -70.07 27.60
C ASN A 996 -42.10 -70.43 27.17
N ALA A 997 -41.66 -69.86 26.04
CA ALA A 997 -40.34 -70.18 25.52
C ALA A 997 -39.26 -69.93 26.58
N GLN A 998 -39.42 -68.88 27.37
CA GLN A 998 -38.47 -68.61 28.44
C GLN A 998 -38.42 -69.75 29.44
N ASP A 999 -39.56 -70.35 29.73
CA ASP A 999 -39.57 -71.45 30.69
C ASP A 999 -39.00 -72.73 30.09
N ILE A 1000 -39.11 -72.91 28.76
CA ILE A 1000 -38.36 -73.97 28.10
C ILE A 1000 -36.87 -73.78 28.34
N ASP A 1001 -36.39 -72.56 28.11
CA ASP A 1001 -34.97 -72.29 28.32
C ASP A 1001 -34.57 -72.54 29.77
N HIS A 1002 -35.42 -72.12 30.71
CA HIS A 1002 -35.12 -72.33 32.12
C HIS A 1002 -35.08 -73.82 32.46
N PHE A 1003 -36.03 -74.59 31.94
CA PHE A 1003 -36.05 -76.03 32.17
C PHE A 1003 -34.77 -76.67 31.67
N LEU A 1004 -34.38 -76.36 30.43
CA LEU A 1004 -33.16 -76.96 29.89
C LEU A 1004 -31.92 -76.47 30.63
N SER A 1005 -31.92 -75.23 31.10
CA SER A 1005 -30.82 -74.75 31.91
C SER A 1005 -30.66 -75.58 33.17
N MET A 1006 -31.75 -75.84 33.88
CA MET A 1006 -31.62 -76.58 35.12
C MET A 1006 -31.56 -78.08 34.90
N CYS A 1007 -31.71 -78.55 33.66
CA CYS A 1007 -31.27 -79.90 33.32
C CYS A 1007 -29.75 -80.01 33.26
N GLN A 1008 -29.04 -78.89 33.21
CA GLN A 1008 -27.59 -78.84 33.10
C GLN A 1008 -26.94 -78.34 34.38
N ASN A 1009 -27.58 -78.55 35.52
CA ASN A 1009 -27.09 -78.06 36.79
C ASN A 1009 -26.00 -78.98 37.32
N PRO A 1010 -24.76 -78.50 37.51
CA PRO A 1010 -23.70 -79.41 37.95
C PRO A 1010 -23.94 -80.03 39.33
N MET A 1011 -24.50 -79.28 40.27
CA MET A 1011 -24.71 -79.77 41.63
C MET A 1011 -26.06 -80.47 41.75
N GLN A 1012 -26.20 -81.53 40.96
CA GLN A 1012 -27.48 -82.20 40.80
C GLN A 1012 -27.24 -83.50 40.07
N LYS A 1013 -27.88 -84.56 40.53
CA LYS A 1013 -27.78 -85.83 39.83
C LYS A 1013 -28.35 -85.68 38.42
N PRO A 1014 -27.65 -86.12 37.38
CA PRO A 1014 -28.15 -85.92 36.01
C PRO A 1014 -29.56 -86.46 35.84
N VAL A 1015 -30.38 -85.70 35.13
CA VAL A 1015 -31.80 -86.06 34.98
C VAL A 1015 -31.93 -87.36 34.21
N PRO A 1016 -32.88 -88.22 34.54
CA PRO A 1016 -33.00 -89.52 33.89
C PRO A 1016 -33.82 -89.51 32.60
N PHE A 1017 -33.51 -88.58 31.70
CA PHE A 1017 -34.25 -88.48 30.45
C PHE A 1017 -33.48 -87.59 29.48
N VAL A 1018 -33.86 -87.65 28.22
CA VAL A 1018 -33.30 -86.79 27.17
C VAL A 1018 -34.29 -85.66 26.93
N PRO A 1019 -33.95 -84.41 27.24
CA PRO A 1019 -34.94 -83.33 27.13
C PRO A 1019 -34.94 -82.57 25.81
N VAL A 1020 -33.92 -82.75 24.97
CA VAL A 1020 -33.78 -81.98 23.74
C VAL A 1020 -32.78 -82.67 22.84
N LEU A 1021 -32.87 -82.43 21.54
CA LEU A 1021 -31.89 -82.91 20.57
C LEU A 1021 -31.10 -81.71 20.07
N ASP A 1022 -29.81 -81.68 20.36
CA ASP A 1022 -28.96 -80.56 19.99
C ASP A 1022 -27.51 -81.04 20.03
N ARG A 1023 -26.57 -80.08 20.04
CA ARG A 1023 -25.16 -80.43 19.99
C ARG A 1023 -24.70 -81.25 21.20
N ARG A 1024 -25.47 -81.24 22.29
CA ARG A 1024 -25.10 -81.98 23.50
C ARG A 1024 -25.90 -83.27 23.66
N PHE A 1025 -26.37 -83.83 22.55
CA PHE A 1025 -27.13 -85.07 22.63
C PHE A 1025 -26.27 -86.22 23.14
N GLU A 1026 -24.99 -86.24 22.77
CA GLU A 1026 -24.11 -87.30 23.25
C GLU A 1026 -23.99 -87.24 24.76
N ILE A 1027 -23.80 -86.04 25.32
CA ILE A 1027 -23.71 -85.90 26.76
C ILE A 1027 -25.01 -86.32 27.42
N PHE A 1028 -26.14 -85.89 26.87
CA PHE A 1028 -27.42 -86.26 27.46
C PHE A 1028 -27.62 -87.78 27.42
N PHE A 1029 -27.20 -88.41 26.33
CA PHE A 1029 -27.45 -89.83 26.13
C PHE A 1029 -26.55 -90.70 26.99
N LYS A 1030 -25.30 -90.28 27.21
CA LYS A 1030 -24.30 -91.16 27.80
C LYS A 1030 -24.06 -90.92 29.28
N LYS A 1031 -24.24 -89.70 29.77
CA LYS A 1031 -23.77 -89.37 31.11
C LYS A 1031 -24.53 -90.18 32.17
N ASP A 1032 -23.78 -90.65 33.17
CA ASP A 1032 -24.35 -91.29 34.36
C ASP A 1032 -25.20 -92.51 33.97
N SER A 1033 -24.55 -93.48 33.35
CA SER A 1033 -25.22 -94.61 32.75
C SER A 1033 -25.08 -95.90 33.53
N LEU A 1034 -24.37 -95.90 34.66
CA LEU A 1034 -24.00 -97.14 35.33
C LEU A 1034 -24.84 -97.47 36.56
N TRP A 1035 -25.52 -96.49 37.15
CA TRP A 1035 -26.24 -96.75 38.39
C TRP A 1035 -27.53 -97.54 38.15
N GLN A 1036 -28.10 -97.45 36.95
CA GLN A 1036 -29.42 -98.05 36.70
C GLN A 1036 -29.42 -99.57 36.86
N SER A 1037 -28.26 -100.22 36.77
CA SER A 1037 -28.23 -101.68 36.88
C SER A 1037 -28.62 -102.14 38.29
N GLU A 1038 -28.30 -101.35 39.29
CA GLU A 1038 -28.57 -101.70 40.68
C GLU A 1038 -29.87 -101.11 41.22
N HIS A 1039 -30.58 -100.33 40.42
CA HIS A 1039 -31.79 -99.64 40.88
C HIS A 1039 -32.88 -99.72 39.83
N LEU A 1040 -33.19 -100.94 39.38
CA LEU A 1040 -34.19 -101.10 38.32
C LEU A 1040 -35.54 -100.51 38.70
N GLU A 1041 -35.80 -100.30 40.00
CA GLU A 1041 -37.05 -99.67 40.40
C GLU A 1041 -37.17 -98.24 39.90
N ALA A 1042 -36.06 -97.63 39.47
CA ALA A 1042 -36.07 -96.28 38.92
C ALA A 1042 -35.93 -96.28 37.41
N VAL A 1043 -36.21 -97.40 36.76
CA VAL A 1043 -36.21 -97.49 35.31
C VAL A 1043 -37.65 -97.60 34.84
N VAL A 1044 -37.88 -97.26 33.56
CA VAL A 1044 -39.23 -96.96 33.09
C VAL A 1044 -40.18 -98.13 33.36
N ASP A 1045 -39.79 -99.33 32.93
CA ASP A 1045 -40.60 -100.52 33.18
C ASP A 1045 -39.90 -101.50 34.10
N GLN A 1046 -38.98 -101.02 34.92
CA GLN A 1046 -38.09 -101.90 35.69
C GLN A 1046 -37.37 -102.84 34.74
N ASP A 1047 -37.10 -102.36 33.53
CA ASP A 1047 -36.65 -103.21 32.44
C ASP A 1047 -35.13 -103.22 32.40
N VAL A 1048 -34.55 -104.40 32.64
CA VAL A 1048 -33.10 -104.53 32.60
C VAL A 1048 -32.59 -104.33 31.18
N GLN A 1049 -33.38 -104.71 30.18
CA GLN A 1049 -32.93 -104.59 28.80
C GLN A 1049 -32.67 -103.16 28.39
N ARG A 1050 -33.18 -102.19 29.15
CA ARG A 1050 -32.89 -100.78 28.87
C ARG A 1050 -31.56 -100.33 29.46
N THR A 1051 -30.97 -101.10 30.38
CA THR A 1051 -29.83 -100.64 31.17
C THR A 1051 -28.52 -101.15 30.59
N CYS A 1052 -27.42 -100.59 31.08
CA CYS A 1052 -26.09 -100.98 30.65
C CYS A 1052 -25.36 -101.66 31.82
N ILE A 1053 -24.90 -102.88 31.57
CA ILE A 1053 -24.25 -103.71 32.59
C ILE A 1053 -22.86 -104.07 32.08
N LEU A 1054 -21.84 -103.61 32.79
CA LEU A 1054 -20.47 -103.90 32.42
C LEU A 1054 -20.12 -105.35 32.76
N HIS A 1055 -19.56 -106.08 31.80
CA HIS A 1055 -19.20 -107.47 32.02
C HIS A 1055 -18.19 -107.92 31.00
N GLY A 1056 -17.23 -108.75 31.40
CA GLY A 1056 -16.20 -109.23 30.53
C GLY A 1056 -16.65 -110.41 29.70
N PRO A 1057 -16.24 -110.46 28.43
CA PRO A 1057 -16.70 -111.57 27.58
C PRO A 1057 -16.17 -112.92 28.01
N VAL A 1058 -14.87 -113.01 28.27
CA VAL A 1058 -14.27 -114.29 28.63
C VAL A 1058 -14.71 -114.73 30.02
N ALA A 1059 -14.70 -113.80 30.97
CA ALA A 1059 -15.09 -114.14 32.35
C ALA A 1059 -16.55 -114.55 32.45
N ALA A 1060 -17.37 -114.19 31.47
CA ALA A 1060 -18.78 -114.53 31.48
C ALA A 1060 -19.01 -116.04 31.47
N GLN A 1061 -18.11 -116.79 30.84
CA GLN A 1061 -18.25 -118.24 30.77
C GLN A 1061 -18.40 -118.93 32.13
N PHE A 1062 -17.80 -118.39 33.19
CA PHE A 1062 -17.81 -119.02 34.50
C PHE A 1062 -18.85 -118.42 35.44
N THR A 1063 -19.58 -117.41 34.98
CA THR A 1063 -20.56 -116.73 35.82
C THR A 1063 -21.92 -117.30 35.51
N LYS A 1064 -22.46 -118.13 36.40
CA LYS A 1064 -23.72 -118.79 36.15
C LYS A 1064 -24.58 -118.88 37.39
N VAL A 1065 -23.99 -119.29 38.51
CA VAL A 1065 -24.79 -119.49 39.72
C VAL A 1065 -25.12 -118.13 40.32
N ILE A 1066 -26.40 -117.87 40.52
CA ILE A 1066 -26.87 -116.57 40.98
C ILE A 1066 -26.93 -116.55 42.50
N ASP A 1067 -26.54 -115.42 43.08
CA ASP A 1067 -26.62 -115.19 44.52
C ASP A 1067 -25.86 -116.26 45.30
N GLU A 1068 -24.71 -116.65 44.77
CA GLU A 1068 -23.74 -117.42 45.54
C GLU A 1068 -22.97 -116.45 46.44
N PRO A 1069 -22.89 -116.70 47.75
CA PRO A 1069 -22.17 -115.76 48.61
C PRO A 1069 -20.72 -115.62 48.19
N ILE A 1070 -20.20 -114.40 48.35
CA ILE A 1070 -18.84 -114.11 47.92
C ILE A 1070 -17.85 -115.00 48.67
N LYS A 1071 -18.12 -115.24 49.95
CA LYS A 1071 -17.33 -116.19 50.72
C LYS A 1071 -17.22 -117.52 49.98
N SER A 1072 -18.34 -118.03 49.49
CA SER A 1072 -18.33 -119.32 48.79
C SER A 1072 -17.50 -119.26 47.52
N ILE A 1073 -17.64 -118.19 46.74
CA ILE A 1073 -16.92 -118.11 45.46
C ILE A 1073 -15.41 -118.07 45.71
N MET A 1074 -14.97 -117.18 46.58
CA MET A 1074 -13.54 -117.05 46.84
C MET A 1074 -12.99 -118.30 47.50
N ASP A 1075 -13.74 -118.88 48.45
CA ASP A 1075 -13.29 -120.11 49.09
C ASP A 1075 -13.20 -121.25 48.11
N GLY A 1076 -14.13 -121.33 47.16
CA GLY A 1076 -14.06 -122.36 46.15
C GLY A 1076 -12.81 -122.24 45.30
N ILE A 1077 -12.49 -121.02 44.87
CA ILE A 1077 -11.26 -120.83 44.09
C ILE A 1077 -10.04 -121.22 44.92
N HIS A 1078 -9.95 -120.71 46.15
CA HIS A 1078 -8.78 -120.97 46.97
C HIS A 1078 -8.64 -122.44 47.31
N ASP A 1079 -9.76 -123.11 47.60
CA ASP A 1079 -9.71 -124.54 47.93
C ASP A 1079 -9.35 -125.36 46.71
N GLY A 1080 -9.80 -124.96 45.52
CA GLY A 1080 -9.35 -125.64 44.32
C GLY A 1080 -7.85 -125.54 44.16
N HIS A 1081 -7.31 -124.34 44.38
CA HIS A 1081 -5.86 -124.17 44.29
C HIS A 1081 -5.16 -125.03 45.34
N ILE A 1082 -5.71 -125.06 46.55
CA ILE A 1082 -5.09 -125.84 47.63
C ILE A 1082 -5.08 -127.32 47.29
N LYS A 1083 -6.20 -127.84 46.79
CA LYS A 1083 -6.29 -129.26 46.49
C LYS A 1083 -5.37 -129.65 45.34
N LYS A 1084 -5.34 -128.84 44.28
CA LYS A 1084 -4.45 -129.14 43.17
C LYS A 1084 -2.99 -129.08 43.61
N LEU A 1085 -2.62 -128.06 44.39
CA LEU A 1085 -1.26 -127.98 44.89
C LEU A 1085 -0.91 -129.17 45.78
N LEU A 1086 -1.85 -129.59 46.62
CA LEU A 1086 -1.59 -130.74 47.48
C LEU A 1086 -1.31 -131.98 46.65
N HIS A 1087 -2.21 -132.30 45.72
CA HIS A 1087 -2.02 -133.48 44.89
C HIS A 1087 -0.73 -133.41 44.10
N GLN A 1088 -0.34 -132.21 43.65
CA GLN A 1088 0.81 -132.11 42.75
C GLN A 1088 2.13 -132.13 43.51
N TYR A 1089 2.28 -131.27 44.53
CA TYR A 1089 3.58 -131.03 45.14
C TYR A 1089 3.68 -131.53 46.58
N TYR A 1090 2.61 -132.05 47.18
CA TYR A 1090 2.65 -132.49 48.56
C TYR A 1090 2.17 -133.93 48.74
N GLY A 1091 2.00 -134.68 47.65
CA GLY A 1091 1.60 -136.07 47.76
C GLY A 1091 0.26 -136.27 48.43
N ASP A 1092 -0.64 -135.29 48.34
CA ASP A 1092 -1.98 -135.41 48.91
C ASP A 1092 -1.91 -135.63 50.42
N ASP A 1093 -0.88 -135.09 51.05
CA ASP A 1093 -0.67 -135.24 52.49
C ASP A 1093 -0.58 -133.85 53.12
N GLU A 1094 -1.49 -133.56 54.05
CA GLU A 1094 -1.45 -132.26 54.71
C GLU A 1094 -0.31 -132.16 55.70
N SER A 1095 0.15 -133.29 56.23
CA SER A 1095 1.25 -133.27 57.19
C SER A 1095 2.53 -132.72 56.56
N LYS A 1096 2.62 -132.70 55.24
CA LYS A 1096 3.79 -132.15 54.58
C LYS A 1096 3.81 -130.62 54.59
N ILE A 1097 2.68 -129.99 54.90
CA ILE A 1097 2.60 -128.53 54.83
C ILE A 1097 3.29 -127.92 56.05
N PRO A 1098 4.26 -127.03 55.86
CA PRO A 1098 4.90 -126.40 57.03
C PRO A 1098 3.93 -125.54 57.81
N ALA A 1099 4.19 -125.40 59.10
CA ALA A 1099 3.32 -124.66 60.01
C ALA A 1099 4.07 -123.50 60.62
N VAL A 1100 3.38 -122.36 60.73
CA VAL A 1100 3.91 -121.16 61.38
C VAL A 1100 2.89 -120.69 62.40
N GLU A 1101 3.34 -119.84 63.31
CA GLU A 1101 2.43 -119.23 64.28
C GLU A 1101 1.42 -118.34 63.58
N TYR A 1102 1.85 -117.51 62.64
CA TYR A 1102 0.94 -116.70 61.85
C TYR A 1102 1.53 -116.51 60.45
N PHE A 1103 0.65 -116.20 59.52
CA PHE A 1103 0.99 -116.06 58.10
C PHE A 1103 0.79 -114.60 57.71
N GLY A 1104 1.87 -113.92 57.35
CA GLY A 1104 1.76 -112.55 56.87
C GLY A 1104 2.79 -111.61 57.45
N GLY A 1105 2.84 -110.40 56.91
CA GLY A 1105 3.74 -109.38 57.39
C GLY A 1105 5.13 -109.39 56.77
N GLU A 1106 5.39 -110.24 55.78
CA GLU A 1106 6.71 -110.38 55.20
C GLU A 1106 6.82 -109.52 53.95
N SER A 1107 7.87 -108.72 53.88
CA SER A 1107 8.06 -107.84 52.73
C SER A 1107 8.52 -108.64 51.52
N PRO A 1108 8.04 -108.29 50.32
CA PRO A 1108 8.46 -109.05 49.13
C PRO A 1108 9.95 -108.97 48.84
N VAL A 1109 10.61 -107.91 49.33
CA VAL A 1109 12.03 -107.74 49.07
C VAL A 1109 12.87 -108.49 50.10
N ASP A 1123 19.52 -119.21 73.75
CA ASP A 1123 18.39 -118.91 74.63
C ASP A 1123 18.67 -117.65 75.45
N SER A 1124 19.95 -117.35 75.65
CA SER A 1124 20.39 -116.15 76.35
C SER A 1124 21.31 -115.36 75.44
N ALA A 1125 21.13 -114.04 75.41
CA ALA A 1125 21.95 -113.17 74.59
C ALA A 1125 21.87 -111.75 75.13
N VAL A 1126 22.90 -110.97 74.81
CA VAL A 1126 22.92 -109.54 75.13
C VAL A 1126 23.30 -108.79 73.86
N PHE A 1127 22.51 -107.79 73.51
CA PHE A 1127 22.76 -106.93 72.37
C PHE A 1127 23.00 -105.50 72.85
N LYS A 1128 23.88 -104.80 72.14
CA LYS A 1128 24.27 -103.45 72.52
C LYS A 1128 24.20 -102.55 71.31
N ALA A 1129 23.75 -101.32 71.52
CA ALA A 1129 23.55 -100.36 70.45
C ALA A 1129 24.66 -99.32 70.46
N THR A 1130 24.90 -98.74 69.28
CA THR A 1130 25.84 -97.65 69.13
C THR A 1130 25.17 -96.52 68.37
N SER A 1131 25.95 -95.53 67.93
CA SER A 1131 25.41 -94.46 67.12
C SER A 1131 25.33 -94.83 65.64
N SER A 1132 25.76 -96.03 65.27
CA SER A 1132 25.72 -96.50 63.89
C SER A 1132 25.03 -97.84 63.73
N THR A 1133 24.48 -98.43 64.79
CA THR A 1133 23.80 -99.71 64.66
C THR A 1133 22.68 -99.59 63.63
N ASP A 1134 22.68 -100.49 62.66
CA ASP A 1134 21.62 -100.50 61.67
C ASP A 1134 20.31 -100.90 62.33
N GLU A 1135 19.28 -100.07 62.13
CA GLU A 1135 18.00 -100.30 62.78
C GLU A 1135 17.43 -101.66 62.38
N GLU A 1136 17.45 -101.97 61.08
CA GLU A 1136 16.82 -103.20 60.60
C GLU A 1136 17.48 -104.44 61.20
N SER A 1137 18.81 -104.49 61.19
CA SER A 1137 19.51 -105.63 61.77
C SER A 1137 19.27 -105.70 63.27
N TRP A 1138 19.23 -104.54 63.94
CA TRP A 1138 18.93 -104.51 65.36
C TRP A 1138 17.59 -105.17 65.66
N PHE A 1139 16.55 -104.78 64.91
CA PHE A 1139 15.23 -105.33 65.15
C PHE A 1139 15.15 -106.79 64.72
N LYS A 1140 15.87 -107.17 63.67
CA LYS A 1140 15.90 -108.58 63.27
C LYS A 1140 16.50 -109.44 64.36
N ALA A 1141 17.61 -109.00 64.95
CA ALA A 1141 18.20 -109.74 66.05
C ALA A 1141 17.26 -109.81 67.25
N LEU A 1142 16.60 -108.69 67.56
CA LEU A 1142 15.66 -108.70 68.68
C LEU A 1142 14.50 -109.66 68.43
N ALA A 1143 13.99 -109.70 67.20
CA ALA A 1143 12.84 -110.55 66.90
C ALA A 1143 13.20 -112.03 67.02
N GLY A 1144 14.38 -112.41 66.54
CA GLY A 1144 14.72 -113.80 66.43
C GLY A 1144 14.42 -114.36 65.06
N SER A 1145 14.45 -115.69 64.99
CA SER A 1145 14.19 -116.41 63.74
C SER A 1145 12.83 -117.09 63.71
N GLU A 1146 12.41 -117.69 64.83
CA GLU A 1146 11.10 -118.32 64.87
C GLU A 1146 10.00 -117.28 64.81
N ILE A 1147 8.91 -117.63 64.13
CA ILE A 1147 7.74 -116.76 64.05
C ILE A 1147 6.91 -116.98 65.32
N ASN A 1148 6.77 -115.94 66.11
CA ASN A 1148 6.04 -116.02 67.38
C ASN A 1148 5.71 -114.60 67.82
N TRP A 1149 5.26 -114.46 69.07
CA TRP A 1149 4.86 -113.15 69.57
C TRP A 1149 6.02 -112.16 69.52
N ARG A 1150 7.23 -112.62 69.84
CA ARG A 1150 8.38 -111.73 69.80
C ARG A 1150 8.68 -111.26 68.39
N HIS A 1151 8.59 -112.18 67.43
CA HIS A 1151 8.77 -111.82 66.02
C HIS A 1151 7.83 -110.69 65.63
N ALA A 1152 6.54 -110.86 65.91
CA ALA A 1152 5.57 -109.83 65.58
C ALA A 1152 5.86 -108.54 66.32
N SER A 1153 6.19 -108.65 67.61
CA SER A 1153 6.38 -107.46 68.42
C SER A 1153 7.51 -106.60 67.88
N PHE A 1154 8.59 -107.23 67.43
CA PHE A 1154 9.75 -106.46 66.98
C PHE A 1154 9.78 -106.21 65.48
N LEU A 1155 8.89 -106.82 64.69
CA LEU A 1155 8.90 -106.63 63.25
C LEU A 1155 7.63 -106.05 62.67
N CYS A 1156 6.47 -106.26 63.29
CA CYS A 1156 5.23 -105.69 62.78
C CYS A 1156 5.35 -104.17 62.70
N SER A 1157 4.96 -103.61 61.56
CA SER A 1157 5.06 -102.16 61.39
C SER A 1157 3.97 -101.44 62.16
N PHE A 1158 2.75 -101.96 62.15
CA PHE A 1158 1.61 -101.36 62.83
C PHE A 1158 1.07 -102.30 63.90
N ILE A 1159 0.37 -101.72 64.86
CA ILE A 1159 -0.44 -102.47 65.80
C ILE A 1159 -1.87 -101.96 65.66
N THR A 1160 -2.80 -102.78 66.08
CA THR A 1160 -4.22 -102.51 65.92
C THR A 1160 -4.77 -101.90 67.21
N GLN A 1161 -5.34 -100.70 67.12
CA GLN A 1161 -6.00 -100.13 68.28
C GLN A 1161 -7.38 -100.76 68.35
N ASP A 1162 -8.43 -100.00 68.63
CA ASP A 1162 -9.77 -100.57 68.62
C ASP A 1162 -10.04 -101.09 67.23
N LYS A 1163 -10.06 -100.18 66.26
CA LYS A 1163 -10.25 -100.57 64.87
C LYS A 1163 -9.26 -99.86 63.95
N MET A 1164 -8.29 -99.15 64.52
CA MET A 1164 -7.38 -98.30 63.77
C MET A 1164 -5.98 -98.91 63.79
N PHE A 1165 -5.11 -98.35 62.96
CA PHE A 1165 -3.74 -98.81 62.81
C PHE A 1165 -2.78 -97.70 63.19
N VAL A 1166 -1.89 -98.00 64.13
CA VAL A 1166 -0.93 -97.04 64.63
C VAL A 1166 0.44 -97.69 64.64
N SER A 1167 1.47 -96.86 64.67
CA SER A 1167 2.83 -97.37 64.64
C SER A 1167 3.07 -98.29 65.83
N ASN A 1168 3.82 -99.35 65.61
CA ASN A 1168 4.09 -100.33 66.65
C ASN A 1168 4.86 -99.64 67.78
N PRO A 1169 4.27 -99.48 68.96
CA PRO A 1169 4.98 -98.81 70.05
C PRO A 1169 6.24 -99.53 70.49
N ILE A 1170 6.24 -100.87 70.41
CA ILE A 1170 7.39 -101.64 70.87
C ILE A 1170 8.63 -101.29 70.06
N ARG A 1171 8.49 -101.17 68.74
CA ARG A 1171 9.64 -100.84 67.90
C ARG A 1171 10.19 -99.47 68.25
N LYS A 1172 9.33 -98.48 68.50
CA LYS A 1172 9.83 -97.16 68.82
C LYS A 1172 10.46 -97.11 70.20
N VAL A 1173 9.95 -97.90 71.15
CA VAL A 1173 10.58 -97.94 72.47
C VAL A 1173 11.98 -98.53 72.39
N PHE A 1174 12.20 -99.50 71.51
CA PHE A 1174 13.47 -100.20 71.41
C PHE A 1174 14.38 -99.63 70.32
N LYS A 1175 14.01 -98.51 69.72
CA LYS A 1175 14.81 -97.94 68.65
C LYS A 1175 16.26 -97.76 69.11
N PRO A 1176 17.25 -98.31 68.40
CA PRO A 1176 18.60 -98.36 68.95
C PRO A 1176 19.23 -96.98 69.09
N SER A 1177 19.94 -96.79 70.19
CA SER A 1177 20.72 -95.58 70.43
C SER A 1177 21.85 -95.93 71.39
N GLN A 1178 22.85 -95.06 71.45
CA GLN A 1178 24.02 -95.33 72.27
C GLN A 1178 23.63 -95.54 73.72
N GLY A 1179 24.16 -96.60 74.33
CA GLY A 1179 23.94 -96.90 75.72
C GLY A 1179 22.85 -97.92 76.00
N MET A 1180 22.00 -98.22 75.03
CA MET A 1180 20.93 -99.18 75.25
C MET A 1180 21.48 -100.60 75.19
N VAL A 1181 21.13 -101.40 76.20
CA VAL A 1181 21.56 -102.79 76.31
C VAL A 1181 20.33 -103.65 76.42
N VAL A 1182 20.12 -104.53 75.43
CA VAL A 1182 18.96 -105.42 75.42
C VAL A 1182 19.42 -106.82 75.80
N GLU A 1183 18.82 -107.36 76.84
CA GLU A 1183 19.13 -108.70 77.34
C GLU A 1183 17.95 -109.61 77.03
N ILE A 1184 18.20 -110.66 76.26
CA ILE A 1184 17.19 -111.65 75.93
C ILE A 1184 17.47 -112.91 76.73
N SER A 1185 16.44 -113.43 77.39
CA SER A 1185 16.55 -114.67 78.14
C SER A 1185 15.49 -115.64 77.65
N ASN A 1186 15.85 -116.93 77.66
CA ASN A 1186 14.95 -117.99 77.22
C ASN A 1186 14.45 -117.75 75.80
N GLY A 1187 15.41 -117.48 74.91
CA GLY A 1187 15.05 -117.20 73.53
C GLY A 1187 14.34 -118.36 72.84
N ASN A 1188 14.73 -119.60 73.16
CA ASN A 1188 14.19 -120.73 72.42
C ASN A 1188 12.74 -121.02 72.79
N THR A 1189 12.40 -120.97 74.07
CA THR A 1189 11.04 -121.25 74.52
C THR A 1189 10.26 -119.94 74.55
N SER A 1190 9.49 -119.67 73.49
CA SER A 1190 8.83 -118.38 73.36
C SER A 1190 7.87 -118.12 74.52
N SER A 1191 7.25 -119.18 75.04
CA SER A 1191 6.26 -119.01 76.10
C SER A 1191 6.86 -118.36 77.34
N LYS A 1192 8.18 -118.42 77.50
CA LYS A 1192 8.86 -117.89 78.67
C LYS A 1192 9.96 -116.89 78.33
N THR A 1193 10.12 -116.54 77.06
CA THR A 1193 11.12 -115.55 76.69
C THR A 1193 10.80 -114.22 77.35
N VAL A 1194 11.84 -113.55 77.85
CA VAL A 1194 11.71 -112.23 78.45
C VAL A 1194 12.79 -111.35 77.85
N VAL A 1195 12.38 -110.21 77.29
CA VAL A 1195 13.31 -109.24 76.71
C VAL A 1195 13.40 -108.07 77.67
N THR A 1196 14.62 -107.80 78.15
CA THR A 1196 14.86 -106.74 79.12
C THR A 1196 15.76 -105.69 78.48
N LEU A 1197 15.29 -104.45 78.48
CA LEU A 1197 16.08 -103.32 78.01
C LEU A 1197 16.59 -102.55 79.20
N SER A 1198 17.89 -102.27 79.20
CA SER A 1198 18.51 -101.46 80.24
C SER A 1198 19.21 -100.27 79.60
N GLU A 1199 19.10 -99.12 80.24
CA GLU A 1199 19.69 -97.89 79.74
C GLU A 1199 20.46 -97.22 80.86
N PRO A 1200 21.40 -96.35 80.52
CA PRO A 1200 22.08 -95.58 81.58
C PRO A 1200 21.14 -94.58 82.21
N VAL A 1201 20.81 -94.79 83.48
CA VAL A 1201 20.04 -93.84 84.27
C VAL A 1201 20.93 -93.39 85.43
N GLN A 1202 21.10 -92.08 85.57
CA GLN A 1202 21.86 -91.53 86.69
C GLN A 1202 23.27 -92.11 86.74
N GLY A 1203 23.85 -92.29 85.56
CA GLY A 1203 25.17 -92.90 85.46
C GLY A 1203 25.12 -94.40 85.28
N GLU A 1204 24.50 -95.11 86.22
CA GLU A 1204 24.50 -96.57 86.19
C GLU A 1204 23.41 -97.08 85.24
N LEU A 1205 23.43 -98.39 85.01
CA LEU A 1205 22.54 -99.06 84.07
C LEU A 1205 21.45 -99.79 84.84
N LYS A 1206 20.20 -99.58 84.45
CA LYS A 1206 19.06 -100.15 85.15
C LYS A 1206 18.03 -100.62 84.14
N PRO A 1207 17.16 -101.56 84.51
CA PRO A 1207 16.11 -102.00 83.59
C PRO A 1207 15.04 -100.95 83.36
N THR A 1208 14.93 -100.45 82.13
CA THR A 1208 13.90 -99.45 81.83
C THR A 1208 12.64 -100.09 81.25
N VAL A 1209 12.78 -101.11 80.42
CA VAL A 1209 11.65 -101.75 79.76
C VAL A 1209 11.84 -103.26 79.80
N ILE A 1210 10.75 -103.98 80.06
CA ILE A 1210 10.71 -105.43 80.03
C ILE A 1210 9.59 -105.85 79.10
N LEU A 1211 9.76 -107.02 78.48
CA LEU A 1211 8.78 -107.53 77.53
C LEU A 1211 8.66 -109.04 77.70
N LYS A 1212 7.46 -109.51 77.95
CA LYS A 1212 7.21 -110.92 78.24
C LYS A 1212 5.79 -111.25 77.82
N LEU A 1213 5.32 -112.43 78.23
CA LEU A 1213 3.95 -112.88 77.96
C LEU A 1213 3.21 -113.00 79.29
N LEU A 1214 2.44 -111.96 79.62
CA LEU A 1214 1.68 -111.99 80.86
C LEU A 1214 0.60 -113.06 80.82
N LYS A 1215 0.27 -113.57 79.63
CA LYS A 1215 -0.63 -114.69 79.46
C LYS A 1215 -0.18 -115.48 78.24
N GLU A 1216 -1.04 -116.40 77.80
CA GLU A 1216 -0.78 -117.15 76.59
C GLU A 1216 -1.06 -116.31 75.33
N ASN A 1217 -1.87 -115.26 75.46
CA ASN A 1217 -2.25 -114.43 74.33
C ASN A 1217 -2.00 -112.95 74.59
N ILE A 1218 -1.52 -112.57 75.77
CA ILE A 1218 -1.35 -111.18 76.14
C ILE A 1218 0.13 -110.90 76.31
N ILE A 1219 0.62 -109.88 75.61
CA ILE A 1219 1.99 -109.39 75.76
C ILE A 1219 1.97 -108.21 76.71
N GLN A 1220 2.82 -108.24 77.72
CA GLN A 1220 2.96 -107.13 78.66
C GLN A 1220 4.29 -106.44 78.42
N MET A 1221 4.24 -105.14 78.17
CA MET A 1221 5.43 -104.29 78.10
C MET A 1221 5.41 -103.38 79.32
N GLU A 1222 6.25 -103.70 80.31
CA GLU A 1222 6.31 -102.96 81.57
C GLU A 1222 7.35 -101.86 81.41
N MET A 1223 6.90 -100.63 81.24
CA MET A 1223 7.77 -99.48 81.13
C MET A 1223 8.06 -98.95 82.53
N ILE A 1224 9.33 -98.84 82.87
CA ILE A 1224 9.78 -98.59 84.24
C ILE A 1224 10.35 -97.19 84.31
N GLU A 1225 9.90 -96.42 85.29
CA GLU A 1225 10.50 -95.14 85.63
C GLU A 1225 11.27 -95.33 86.93
N ASN A 1226 12.57 -95.02 86.90
CA ASN A 1226 13.42 -95.25 88.05
C ASN A 1226 13.56 -94.02 88.94
N ARG A 1227 13.44 -92.82 88.37
CA ARG A 1227 13.57 -91.58 89.13
C ARG A 1227 12.23 -91.27 89.79
N THR A 1228 11.94 -92.01 90.86
CA THR A 1228 10.72 -91.84 91.61
C THR A 1228 10.98 -91.02 92.85
N MET A 1229 9.91 -90.77 93.62
CA MET A 1229 10.07 -89.96 94.82
C MET A 1229 10.70 -90.76 95.95
N ASP A 1230 10.36 -92.03 96.06
CA ASP A 1230 10.87 -92.88 97.13
C ASP A 1230 12.18 -93.56 96.75
N GLY A 1231 12.51 -93.61 95.46
CA GLY A 1231 13.63 -94.35 94.95
C GLY A 1231 13.26 -95.73 94.44
N LYS A 1232 12.16 -96.29 94.93
CA LYS A 1232 11.64 -97.52 94.36
C LYS A 1232 11.13 -97.26 92.95
N PRO A 1233 11.46 -98.12 91.99
CA PRO A 1233 10.95 -97.91 90.62
C PRO A 1233 9.45 -98.14 90.54
N VAL A 1234 8.82 -97.47 89.57
CA VAL A 1234 7.40 -97.62 89.28
C VAL A 1234 7.25 -98.09 87.85
N SER A 1235 6.37 -99.06 87.64
CA SER A 1235 6.20 -99.70 86.35
C SER A 1235 4.81 -99.42 85.80
N LEU A 1236 4.74 -99.05 84.51
CA LEU A 1236 3.48 -98.89 83.80
C LEU A 1236 3.30 -100.10 82.89
N PRO A 1237 2.45 -101.06 83.24
CA PRO A 1237 2.27 -102.24 82.38
C PRO A 1237 1.37 -101.91 81.20
N LEU A 1238 1.91 -101.99 80.00
CA LEU A 1238 1.13 -101.87 78.78
C LEU A 1238 0.81 -103.26 78.27
N LEU A 1239 -0.47 -103.53 78.05
CA LEU A 1239 -0.94 -104.86 77.67
C LEU A 1239 -1.36 -104.87 76.21
N TYR A 1240 -1.01 -105.95 75.52
CA TYR A 1240 -1.37 -106.12 74.12
C TYR A 1240 -1.92 -107.53 73.93
N ASN A 1241 -2.80 -107.66 72.93
CA ASN A 1241 -3.33 -108.95 72.51
C ASN A 1241 -2.52 -109.44 71.33
N PHE A 1242 -2.13 -110.71 71.36
CA PHE A 1242 -1.45 -111.35 70.24
C PHE A 1242 -2.42 -112.34 69.61
N ASN A 1243 -2.83 -112.06 68.38
CA ASN A 1243 -3.79 -112.91 67.66
C ASN A 1243 -3.12 -113.51 66.44
N PRO A 1244 -2.67 -114.76 66.49
CA PRO A 1244 -1.99 -115.35 65.33
C PRO A 1244 -2.92 -115.52 64.12
N ASP A 1245 -4.24 -115.50 64.32
CA ASP A 1245 -5.15 -115.63 63.20
C ASP A 1245 -5.00 -114.45 62.23
N ASN A 1246 -4.87 -113.24 62.76
CA ASN A 1246 -4.66 -112.06 61.91
C ASN A 1246 -3.16 -111.90 61.71
N GLY A 1247 -2.65 -112.44 60.60
CA GLY A 1247 -1.23 -112.41 60.34
C GLY A 1247 -0.71 -111.07 59.86
N PHE A 1248 -1.58 -110.23 59.30
CA PHE A 1248 -1.13 -108.91 58.87
C PHE A 1248 -0.94 -107.98 60.05
N ALA A 1249 -1.71 -108.18 61.13
CA ALA A 1249 -1.61 -107.36 62.33
C ALA A 1249 -2.01 -108.21 63.53
N PRO A 1250 -1.13 -109.09 63.98
CA PRO A 1250 -1.48 -110.01 65.07
C PRO A 1250 -1.53 -109.33 66.43
N ILE A 1251 -1.01 -108.12 66.58
CA ILE A 1251 -0.86 -107.46 67.86
C ILE A 1251 -1.83 -106.28 67.94
N SER A 1252 -2.66 -106.26 68.96
CA SER A 1252 -3.56 -105.13 69.16
C SER A 1252 -3.35 -104.65 70.57
N GLU A 1253 -3.78 -103.43 70.86
CA GLU A 1253 -3.61 -102.88 72.19
C GLU A 1253 -4.84 -103.10 73.05
N VAL A 1254 -4.64 -103.45 74.31
CA VAL A 1254 -5.75 -103.63 75.23
C VAL A 1254 -6.13 -102.25 75.76
N MET A 1255 -7.28 -101.74 75.34
CA MET A 1255 -7.64 -100.38 75.71
C MET A 1255 -8.35 -100.26 77.05
N GLU A 1256 -9.05 -101.31 77.47
CA GLU A 1256 -9.83 -101.19 78.70
C GLU A 1256 -8.90 -100.97 79.89
N ASP A 1257 -9.06 -99.82 80.55
CA ASP A 1257 -8.32 -99.42 81.75
C ASP A 1257 -6.95 -98.86 81.43
N ARG A 1258 -6.62 -98.63 80.16
CA ARG A 1258 -5.32 -98.06 79.83
C ARG A 1258 -5.15 -96.71 80.51
N ASN A 1259 -6.19 -95.88 80.46
CA ASN A 1259 -6.12 -94.59 81.13
C ASN A 1259 -5.98 -94.76 82.63
N GLN A 1260 -6.66 -95.75 83.21
CA GLN A 1260 -6.53 -96.00 84.64
C GLN A 1260 -5.12 -96.44 85.01
N ARG A 1261 -4.51 -97.30 84.20
CA ARG A 1261 -3.14 -97.72 84.48
C ARG A 1261 -2.17 -96.55 84.40
N ILE A 1262 -2.31 -95.72 83.35
CA ILE A 1262 -1.44 -94.54 83.23
C ILE A 1262 -1.63 -93.62 84.43
N LYS A 1263 -2.89 -93.42 84.84
CA LYS A 1263 -3.16 -92.54 85.98
C LYS A 1263 -2.59 -93.13 87.26
N GLU A 1264 -2.62 -94.45 87.41
CA GLU A 1264 -2.04 -95.06 88.59
C GLU A 1264 -0.54 -94.83 88.64
N MET A 1265 0.14 -94.99 87.51
CA MET A 1265 1.56 -94.69 87.46
C MET A 1265 1.83 -93.24 87.84
N TYR A 1266 1.10 -92.31 87.23
CA TYR A 1266 1.36 -90.90 87.50
C TYR A 1266 0.99 -90.51 88.92
N TRP A 1267 -0.01 -91.18 89.51
CA TRP A 1267 -0.34 -90.96 90.91
C TRP A 1267 0.79 -91.41 91.81
N LYS A 1268 1.38 -92.56 91.53
CA LYS A 1268 2.56 -92.97 92.29
C LYS A 1268 3.68 -91.94 92.14
N LEU A 1269 3.86 -91.41 90.93
CA LEU A 1269 4.96 -90.49 90.69
C LEU A 1269 4.75 -89.14 91.37
N TRP A 1270 3.51 -88.64 91.39
CA TRP A 1270 3.22 -87.25 91.74
C TRP A 1270 2.62 -87.08 93.12
N ILE A 1271 1.65 -87.91 93.49
CA ILE A 1271 0.85 -87.71 94.68
C ILE A 1271 1.20 -88.79 95.69
N ASP A 1272 1.51 -88.38 96.91
CA ASP A 1272 1.92 -89.29 97.98
C ASP A 1272 0.76 -89.66 98.90
N GLU A 1273 -0.43 -89.80 98.32
CA GLU A 1273 -1.63 -90.22 99.03
C GLU A 1273 -2.13 -91.54 98.45
N PRO A 1274 -2.99 -92.26 99.17
CA PRO A 1274 -3.50 -93.51 98.63
C PRO A 1274 -4.20 -93.30 97.29
N PHE A 1275 -4.00 -94.24 96.38
CA PHE A 1275 -4.60 -94.14 95.06
C PHE A 1275 -6.11 -94.20 95.18
N ASN A 1276 -6.79 -93.18 94.67
CA ASN A 1276 -8.25 -93.16 94.65
C ASN A 1276 -8.70 -92.14 93.61
N LEU A 1277 -9.31 -92.61 92.53
CA LEU A 1277 -9.70 -91.73 91.44
C LEU A 1277 -11.17 -91.31 91.51
N ASP A 1278 -11.93 -91.81 92.47
CA ASP A 1278 -13.37 -91.55 92.53
C ASP A 1278 -13.63 -90.44 93.54
N PHE A 1279 -13.32 -89.21 93.12
CA PHE A 1279 -13.67 -88.02 93.87
C PHE A 1279 -14.21 -86.97 92.91
N ASP A 1280 -14.99 -86.04 93.45
CA ASP A 1280 -15.76 -85.11 92.62
C ASP A 1280 -14.87 -83.98 92.12
N PRO A 1281 -14.84 -83.71 90.81
CA PRO A 1281 -14.13 -82.52 90.33
C PRO A 1281 -14.71 -81.22 90.82
N ARG A 1282 -16.02 -81.15 91.07
CA ARG A 1282 -16.61 -79.92 91.57
C ARG A 1282 -16.09 -79.55 92.94
N ASP A 1283 -15.55 -80.50 93.69
CA ASP A 1283 -15.14 -80.25 95.06
C ASP A 1283 -13.78 -79.56 95.12
N VAL A 1284 -13.42 -79.11 96.32
CA VAL A 1284 -12.18 -78.39 96.55
C VAL A 1284 -11.12 -79.36 97.04
N ILE A 1285 -9.98 -79.36 96.38
CA ILE A 1285 -8.86 -80.21 96.77
C ILE A 1285 -7.99 -79.43 97.75
N LYS A 1286 -7.65 -80.06 98.87
CA LYS A 1286 -6.87 -79.42 99.92
C LYS A 1286 -5.46 -79.99 99.92
N GLY A 1287 -4.47 -79.10 99.89
CA GLY A 1287 -3.08 -79.50 99.85
C GLY A 1287 -2.43 -79.49 101.22
N LYS A 1288 -1.39 -80.31 101.34
CA LYS A 1288 -0.68 -80.45 102.61
C LYS A 1288 0.11 -79.18 102.93
N ASP A 1289 0.21 -78.88 104.23
CA ASP A 1289 0.97 -77.72 104.67
C ASP A 1289 2.43 -77.84 104.24
N PHE A 1290 3.00 -76.71 103.83
CA PHE A 1290 4.36 -76.66 103.32
C PHE A 1290 5.20 -75.70 104.16
N GLU A 1291 6.34 -76.19 104.64
CA GLU A 1291 7.28 -75.39 105.42
C GLU A 1291 8.44 -75.00 104.52
N ILE A 1292 8.59 -73.69 104.27
CA ILE A 1292 9.63 -73.17 103.39
C ILE A 1292 10.93 -73.11 104.17
N THR A 1293 12.00 -73.63 103.57
CA THR A 1293 13.31 -73.68 104.18
C THR A 1293 14.35 -73.04 103.26
N ALA A 1294 15.45 -72.58 103.87
CA ALA A 1294 16.52 -71.97 103.09
C ALA A 1294 17.08 -72.96 102.08
N LYS A 1295 17.18 -74.23 102.45
CA LYS A 1295 17.68 -75.25 101.51
C LYS A 1295 16.82 -75.31 100.27
N GLU A 1296 15.51 -75.35 100.44
CA GLU A 1296 14.62 -75.49 99.30
C GLU A 1296 14.72 -74.28 98.38
N VAL A 1297 14.76 -73.07 98.95
CA VAL A 1297 14.88 -71.88 98.13
C VAL A 1297 16.20 -71.88 97.37
N TYR A 1298 17.29 -72.24 98.05
CA TYR A 1298 18.58 -72.36 97.40
C TYR A 1298 18.53 -73.31 96.22
N ASP A 1299 18.02 -74.52 96.46
CA ASP A 1299 17.98 -75.52 95.40
C ASP A 1299 17.13 -75.05 94.23
N PHE A 1300 15.96 -74.49 94.51
CA PHE A 1300 15.08 -74.03 93.43
C PHE A 1300 15.75 -72.93 92.63
N THR A 1301 16.25 -71.92 93.32
CA THR A 1301 16.86 -70.80 92.63
C THR A 1301 18.01 -71.26 91.75
N HIS A 1302 18.79 -72.23 92.23
CA HIS A 1302 19.91 -72.71 91.42
C HIS A 1302 19.43 -73.54 90.24
N ALA A 1303 18.39 -74.34 90.44
CA ALA A 1303 17.87 -75.15 89.34
C ALA A 1303 17.32 -74.28 88.23
N VAL A 1304 16.63 -73.19 88.57
CA VAL A 1304 16.03 -72.34 87.53
C VAL A 1304 16.93 -71.18 87.13
N GLY A 1305 18.13 -71.07 87.71
CA GLY A 1305 19.05 -70.01 87.31
C GLY A 1305 18.59 -68.61 87.66
N ASN A 1306 18.06 -68.42 88.88
CA ASN A 1306 17.65 -67.10 89.33
C ASN A 1306 18.65 -66.59 90.34
N ASN A 1307 19.29 -65.47 90.05
CA ASN A 1307 20.35 -64.94 90.92
C ASN A 1307 19.96 -63.66 91.62
N CYS A 1308 18.66 -63.46 91.86
CA CYS A 1308 18.22 -62.28 92.56
C CYS A 1308 18.75 -62.32 93.98
N GLU A 1309 19.27 -61.21 94.47
CA GLU A 1309 19.85 -61.20 95.80
C GLU A 1309 18.82 -61.39 96.90
N ASP A 1310 17.54 -61.11 96.64
CA ASP A 1310 16.53 -61.22 97.67
C ASP A 1310 16.39 -62.65 98.18
N PHE A 1311 16.76 -63.62 97.35
CA PHE A 1311 16.59 -65.02 97.71
C PHE A 1311 17.88 -65.64 98.22
N VAL A 1312 18.98 -64.90 98.20
CA VAL A 1312 20.26 -65.41 98.70
C VAL A 1312 20.46 -65.02 100.15
N SER A 1313 20.74 -65.99 101.01
CA SER A 1313 20.89 -65.70 102.43
C SER A 1313 22.00 -64.68 102.64
N ARG A 1314 21.71 -63.67 103.45
CA ARG A 1314 22.64 -62.59 103.74
C ARG A 1314 22.48 -62.19 105.19
N PRO A 1315 23.51 -61.59 105.79
CA PRO A 1315 23.39 -61.16 107.18
C PRO A 1315 22.39 -60.02 107.33
N ASP A 1316 21.61 -60.08 108.40
CA ASP A 1316 20.66 -59.04 108.79
C ASP A 1316 19.44 -58.95 107.87
N ARG A 1317 19.28 -59.89 106.95
CA ARG A 1317 18.14 -59.85 106.03
C ARG A 1317 17.57 -61.25 105.89
N THR A 1318 16.28 -61.41 106.19
CA THR A 1318 15.62 -62.68 105.97
C THR A 1318 15.43 -62.91 104.48
N MET A 1319 15.60 -64.17 104.05
CA MET A 1319 15.60 -64.48 102.64
C MET A 1319 14.18 -64.77 102.15
N LEU A 1320 13.81 -64.14 101.05
CA LEU A 1320 12.52 -64.33 100.43
C LEU A 1320 12.52 -65.58 99.55
N ALA A 1321 11.33 -66.07 99.25
CA ALA A 1321 11.21 -67.14 98.27
C ALA A 1321 10.71 -66.58 96.95
N PRO A 1322 11.16 -67.10 95.81
CA PRO A 1322 10.71 -66.54 94.54
C PRO A 1322 9.25 -66.84 94.28
N MET A 1323 8.64 -65.98 93.44
CA MET A 1323 7.25 -66.17 93.06
C MET A 1323 7.04 -67.55 92.45
N ASP A 1324 8.00 -68.03 91.66
CA ASP A 1324 7.87 -69.33 91.00
C ASP A 1324 7.79 -70.47 92.00
N PHE A 1325 8.20 -70.24 93.24
CA PHE A 1325 8.11 -71.27 94.27
C PHE A 1325 6.66 -71.66 94.55
N ALA A 1326 5.69 -70.87 94.10
CA ALA A 1326 4.31 -71.21 94.33
C ALA A 1326 3.93 -72.52 93.64
N ILE A 1327 4.50 -72.80 92.47
CA ILE A 1327 4.26 -74.09 91.83
C ILE A 1327 4.82 -75.22 92.69
N VAL A 1328 6.02 -75.03 93.24
CA VAL A 1328 6.57 -76.06 94.12
C VAL A 1328 5.63 -76.29 95.29
N VAL A 1329 5.05 -75.21 95.81
CA VAL A 1329 4.19 -75.34 96.99
C VAL A 1329 2.88 -76.05 96.64
N GLY A 1330 2.25 -75.66 95.54
CA GLY A 1330 0.90 -76.11 95.23
C GLY A 1330 0.75 -77.10 94.09
N TRP A 1331 1.85 -77.69 93.61
CA TRP A 1331 1.74 -78.60 92.47
C TRP A 1331 0.89 -79.81 92.80
N ARG A 1332 1.03 -80.35 94.00
CA ARG A 1332 0.27 -81.55 94.35
C ARG A 1332 -1.22 -81.28 94.24
N ALA A 1333 -1.70 -80.23 94.90
CA ALA A 1333 -3.12 -79.90 94.85
C ALA A 1333 -3.55 -79.57 93.44
N ILE A 1334 -2.75 -78.80 92.71
CA ILE A 1334 -3.15 -78.38 91.36
C ILE A 1334 -3.30 -79.58 90.45
N ILE A 1335 -2.31 -80.49 90.48
CA ILE A 1335 -2.32 -81.62 89.55
C ILE A 1335 -3.28 -82.71 89.99
N LYS A 1336 -3.68 -82.75 91.25
CA LYS A 1336 -4.68 -83.73 91.64
C LYS A 1336 -6.04 -83.46 91.02
N ALA A 1337 -6.22 -82.29 90.39
CA ALA A 1337 -7.51 -81.96 89.80
C ALA A 1337 -7.79 -82.75 88.53
N ILE A 1338 -6.76 -83.07 87.75
CA ILE A 1338 -6.98 -83.72 86.46
C ILE A 1338 -7.11 -85.24 86.58
N PHE A 1339 -7.05 -85.78 87.79
CA PHE A 1339 -7.07 -87.23 87.98
C PHE A 1339 -8.46 -87.86 87.99
N PRO A 1340 -9.48 -87.23 88.59
CA PRO A 1340 -10.78 -87.93 88.76
C PRO A 1340 -11.22 -88.69 87.52
N ASN A 1341 -11.88 -89.82 87.73
CA ASN A 1341 -12.30 -90.63 86.59
C ASN A 1341 -13.37 -89.95 85.76
N THR A 1342 -14.11 -89.00 86.33
CA THR A 1342 -15.06 -88.23 85.53
C THR A 1342 -14.33 -87.32 84.54
N VAL A 1343 -13.21 -86.73 84.96
CA VAL A 1343 -12.33 -86.01 84.02
C VAL A 1343 -11.34 -87.06 83.51
N ASP A 1344 -11.78 -87.82 82.53
CA ASP A 1344 -10.99 -88.93 81.98
C ASP A 1344 -10.12 -88.44 80.83
N GLY A 1345 -8.88 -88.89 80.82
CA GLY A 1345 -7.97 -88.51 79.76
C GLY A 1345 -6.68 -89.29 79.86
N ASP A 1346 -5.92 -89.24 78.75
CA ASP A 1346 -4.62 -89.90 78.67
C ASP A 1346 -3.56 -88.95 79.19
N LEU A 1347 -2.98 -89.28 80.35
CA LEU A 1347 -2.00 -88.39 80.97
C LEU A 1347 -0.72 -88.27 80.14
N LEU A 1348 -0.40 -89.28 79.32
CA LEU A 1348 0.79 -89.19 78.48
C LEU A 1348 0.59 -88.23 77.32
N LYS A 1349 -0.65 -87.89 76.99
CA LYS A 1349 -0.95 -86.85 76.01
C LYS A 1349 -1.36 -85.55 76.69
N LEU A 1350 -1.25 -85.48 78.02
CA LEU A 1350 -1.57 -84.23 78.72
C LEU A 1350 -0.61 -83.14 78.30
N VAL A 1351 -1.15 -81.95 78.03
CA VAL A 1351 -0.37 -80.80 77.61
C VAL A 1351 -0.66 -79.65 78.57
N HIS A 1352 0.40 -79.02 79.07
CA HIS A 1352 0.29 -77.86 79.94
C HIS A 1352 0.20 -76.62 79.06
N LEU A 1353 -0.96 -75.98 79.02
CA LEU A 1353 -1.16 -74.87 78.10
C LEU A 1353 -0.61 -73.56 78.64
N SER A 1354 -0.76 -73.30 79.93
CA SER A 1354 -0.35 -72.03 80.48
C SER A 1354 -0.39 -72.09 82.00
N ASN A 1355 0.34 -71.17 82.61
CA ASN A 1355 0.42 -71.06 84.06
C ASN A 1355 0.45 -69.57 84.42
N GLY A 1356 -0.06 -69.24 85.58
CA GLY A 1356 -0.10 -67.86 86.02
C GLY A 1356 0.01 -67.72 87.52
N TYR A 1357 0.65 -66.63 87.93
CA TYR A 1357 0.72 -66.23 89.32
C TYR A 1357 0.06 -64.87 89.47
N LYS A 1358 -0.51 -64.63 90.65
CA LYS A 1358 -1.23 -63.38 90.89
C LYS A 1358 -1.20 -63.09 92.38
N MET A 1359 -0.37 -62.13 92.77
CA MET A 1359 -0.31 -61.70 94.16
C MET A 1359 -1.61 -61.01 94.54
N ILE A 1360 -2.11 -61.32 95.72
CA ILE A 1360 -3.32 -60.67 96.23
C ILE A 1360 -2.94 -59.29 96.77
N PRO A 1361 -3.63 -58.23 96.38
CA PRO A 1361 -3.19 -56.88 96.78
C PRO A 1361 -3.03 -56.74 98.28
N GLY A 1362 -1.92 -56.15 98.68
CA GLY A 1362 -1.61 -56.01 100.09
C GLY A 1362 -0.99 -57.23 100.73
N ALA A 1363 -0.72 -58.28 99.95
CA ALA A 1363 -0.05 -59.47 100.46
C ALA A 1363 1.44 -59.38 100.16
N LYS A 1364 2.24 -59.76 101.13
CA LYS A 1364 3.69 -59.72 100.98
C LYS A 1364 4.19 -60.98 100.28
N PRO A 1365 5.39 -60.92 99.70
CA PRO A 1365 5.95 -62.11 99.07
C PRO A 1365 6.24 -63.21 100.08
N LEU A 1366 6.32 -64.43 99.57
CA LEU A 1366 6.70 -65.56 100.41
C LEU A 1366 8.10 -65.35 100.97
N GLN A 1367 8.34 -65.86 102.16
CA GLN A 1367 9.65 -65.75 102.80
C GLN A 1367 9.98 -67.05 103.50
N VAL A 1368 11.27 -67.36 103.56
CA VAL A 1368 11.72 -68.53 104.30
C VAL A 1368 11.18 -68.45 105.72
N GLY A 1369 10.77 -69.59 106.26
CA GLY A 1369 10.15 -69.66 107.55
C GLY A 1369 8.62 -69.67 107.50
N ASP A 1370 8.03 -69.37 106.35
CA ASP A 1370 6.58 -69.39 106.23
C ASP A 1370 6.06 -70.82 106.18
N VAL A 1371 4.85 -71.00 106.69
CA VAL A 1371 4.08 -72.22 106.51
C VAL A 1371 2.91 -71.89 105.60
N VAL A 1372 2.82 -72.56 104.47
CA VAL A 1372 1.82 -72.25 103.45
C VAL A 1372 0.82 -73.37 103.38
N SER A 1373 -0.44 -72.99 103.12
CA SER A 1373 -1.51 -73.93 102.87
C SER A 1373 -2.04 -73.70 101.46
N THR A 1374 -2.31 -74.78 100.75
CA THR A 1374 -2.80 -74.74 99.39
C THR A 1374 -4.20 -75.34 99.31
N THR A 1375 -5.06 -74.69 98.54
CA THR A 1375 -6.37 -75.22 98.18
C THR A 1375 -6.53 -75.07 96.67
N ALA A 1376 -7.17 -76.05 96.05
CA ALA A 1376 -7.33 -76.06 94.61
C ALA A 1376 -8.76 -76.43 94.24
N VAL A 1377 -9.27 -75.77 93.20
CA VAL A 1377 -10.58 -76.07 92.64
C VAL A 1377 -10.47 -76.01 91.12
N ILE A 1378 -11.25 -76.84 90.45
CA ILE A 1378 -11.37 -76.77 89.00
C ILE A 1378 -12.31 -75.63 88.66
N GLU A 1379 -11.81 -74.64 87.92
CA GLU A 1379 -12.66 -73.55 87.47
C GLU A 1379 -13.58 -74.02 86.36
N SER A 1380 -13.03 -74.75 85.39
CA SER A 1380 -13.80 -75.16 84.22
C SER A 1380 -13.15 -76.39 83.61
N VAL A 1381 -13.98 -77.32 83.16
CA VAL A 1381 -13.56 -78.44 82.34
C VAL A 1381 -14.55 -78.59 81.21
N VAL A 1382 -14.13 -78.31 79.98
CA VAL A 1382 -15.00 -78.33 78.82
C VAL A 1382 -14.39 -79.23 77.76
N ASN A 1383 -15.26 -79.88 76.98
CA ASN A 1383 -14.84 -80.69 75.85
C ASN A 1383 -14.75 -79.82 74.62
N GLN A 1384 -13.62 -79.88 73.93
CA GLN A 1384 -13.39 -79.23 72.66
C GLN A 1384 -13.09 -80.25 71.58
N PRO A 1385 -13.28 -79.89 70.31
CA PRO A 1385 -13.09 -80.89 69.25
C PRO A 1385 -11.71 -81.50 69.24
N THR A 1386 -10.68 -80.75 69.61
CA THR A 1386 -9.32 -81.26 69.67
C THR A 1386 -8.99 -81.92 71.00
N GLY A 1387 -9.87 -81.84 71.99
CA GLY A 1387 -9.65 -82.50 73.26
C GLY A 1387 -10.40 -81.80 74.37
N LYS A 1388 -9.94 -82.04 75.59
CA LYS A 1388 -10.59 -81.56 76.81
C LYS A 1388 -9.66 -80.63 77.55
N ILE A 1389 -10.13 -79.43 77.85
CA ILE A 1389 -9.37 -78.44 78.60
C ILE A 1389 -9.85 -78.46 80.04
N VAL A 1390 -8.90 -78.39 80.97
CA VAL A 1390 -9.19 -78.33 82.40
C VAL A 1390 -8.46 -77.10 82.95
N ASP A 1391 -9.22 -76.18 83.54
CA ASP A 1391 -8.67 -74.96 84.11
C ASP A 1391 -8.77 -75.06 85.63
N VAL A 1392 -7.64 -74.94 86.31
CA VAL A 1392 -7.55 -75.14 87.75
C VAL A 1392 -7.06 -73.83 88.39
N VAL A 1393 -7.56 -73.55 89.59
CA VAL A 1393 -7.17 -72.36 90.33
C VAL A 1393 -6.73 -72.79 91.72
N GLY A 1394 -5.49 -72.49 92.07
CA GLY A 1394 -4.94 -72.77 93.39
C GLY A 1394 -4.82 -71.49 94.19
N THR A 1395 -5.03 -71.60 95.50
CA THR A 1395 -4.93 -70.45 96.40
C THR A 1395 -3.96 -70.81 97.51
N LEU A 1396 -2.85 -70.09 97.59
CA LEU A 1396 -1.85 -70.29 98.63
C LEU A 1396 -2.15 -69.32 99.78
N SER A 1397 -2.28 -69.88 100.98
CA SER A 1397 -2.67 -69.12 102.16
C SER A 1397 -1.58 -69.19 103.21
N ARG A 1398 -1.17 -68.03 103.72
CA ARG A 1398 -0.17 -67.93 104.77
C ARG A 1398 -0.83 -67.36 106.02
N ASN A 1399 -0.73 -68.11 107.12
CA ASN A 1399 -1.23 -67.69 108.44
C ASN A 1399 -2.74 -67.57 108.49
N GLY A 1400 -3.45 -68.07 107.48
CA GLY A 1400 -4.89 -67.91 107.39
C GLY A 1400 -5.34 -66.87 106.39
N LYS A 1401 -4.43 -66.05 105.89
CA LYS A 1401 -4.75 -65.10 104.84
C LYS A 1401 -4.23 -65.57 103.50
N PRO A 1402 -4.95 -65.35 102.41
CA PRO A 1402 -4.44 -65.78 101.10
C PRO A 1402 -3.38 -64.84 100.56
N VAL A 1403 -2.35 -65.42 99.97
CA VAL A 1403 -1.17 -64.69 99.51
C VAL A 1403 -1.19 -64.49 98.00
N MET A 1404 -1.36 -65.56 97.25
CA MET A 1404 -1.40 -65.48 95.80
C MET A 1404 -2.31 -66.57 95.26
N GLU A 1405 -2.68 -66.42 93.99
CA GLU A 1405 -3.50 -67.39 93.29
C GLU A 1405 -2.74 -67.92 92.09
N VAL A 1406 -2.82 -69.23 91.87
CA VAL A 1406 -2.16 -69.90 90.75
C VAL A 1406 -3.24 -70.41 89.81
N THR A 1407 -3.12 -70.05 88.53
CA THR A 1407 -4.03 -70.52 87.50
C THR A 1407 -3.25 -71.41 86.54
N SER A 1408 -3.70 -72.66 86.41
CA SER A 1408 -3.07 -73.62 85.51
C SER A 1408 -4.13 -74.17 84.56
N SER A 1409 -3.81 -74.18 83.27
CA SER A 1409 -4.69 -74.70 82.24
C SER A 1409 -4.04 -75.93 81.62
N PHE A 1410 -4.74 -77.06 81.66
CA PHE A 1410 -4.25 -78.32 81.12
C PHE A 1410 -5.09 -78.75 79.92
N PHE A 1411 -4.51 -79.65 79.12
CA PHE A 1411 -5.14 -80.10 77.89
C PHE A 1411 -4.98 -81.60 77.75
N TYR A 1412 -6.11 -82.30 77.71
CA TYR A 1412 -6.16 -83.73 77.40
C TYR A 1412 -6.48 -83.86 75.93
N ARG A 1413 -5.48 -84.10 75.10
CA ARG A 1413 -5.73 -84.26 73.68
C ARG A 1413 -6.50 -85.55 73.42
N GLY A 1414 -7.49 -85.49 72.54
CA GLY A 1414 -8.28 -86.65 72.20
C GLY A 1414 -9.63 -86.23 71.67
N ASN A 1415 -10.56 -87.20 71.65
CA ASN A 1415 -11.93 -86.98 71.21
C ASN A 1415 -12.84 -87.38 72.37
N TYR A 1416 -13.54 -86.38 72.93
CA TYR A 1416 -14.40 -86.60 74.08
C TYR A 1416 -15.80 -86.11 73.77
N THR A 1417 -16.79 -86.83 74.29
CA THR A 1417 -18.19 -86.45 74.11
C THR A 1417 -19.00 -86.65 75.39
N ASP A 1418 -18.34 -86.66 76.55
CA ASP A 1418 -19.02 -86.89 77.82
C ASP A 1418 -19.38 -85.54 78.44
N PHE A 1419 -20.27 -84.83 77.74
CA PHE A 1419 -20.61 -83.47 78.11
C PHE A 1419 -21.32 -83.38 79.45
N GLU A 1420 -21.85 -84.48 79.97
CA GLU A 1420 -22.51 -84.44 81.27
C GLU A 1420 -21.52 -84.23 82.41
N ASN A 1421 -20.24 -84.45 82.17
CA ASN A 1421 -19.21 -84.20 83.17
C ASN A 1421 -18.60 -82.81 83.07
N THR A 1422 -18.95 -82.04 82.04
CA THR A 1422 -18.29 -80.78 81.76
C THR A 1422 -19.07 -79.61 82.35
N PHE A 1423 -18.36 -78.51 82.57
CA PHE A 1423 -18.94 -77.27 83.05
C PHE A 1423 -17.93 -76.17 82.79
N GLN A 1424 -18.35 -74.93 83.04
CA GLN A 1424 -17.47 -73.80 82.76
C GLN A 1424 -17.88 -72.64 83.64
N LYS A 1425 -16.90 -71.79 83.94
CA LYS A 1425 -17.10 -70.60 84.76
C LYS A 1425 -16.26 -69.47 84.18
N THR A 1426 -16.90 -68.34 83.88
CA THR A 1426 -16.20 -67.20 83.30
C THR A 1426 -16.60 -65.94 84.04
N VAL A 1427 -15.61 -65.17 84.47
CA VAL A 1427 -15.84 -63.86 85.08
C VAL A 1427 -15.94 -62.86 83.94
N GLU A 1428 -17.12 -62.31 83.73
CA GLU A 1428 -17.33 -61.44 82.59
C GLU A 1428 -16.64 -60.10 82.83
N PRO A 1429 -16.29 -59.39 81.76
CA PRO A 1429 -15.81 -58.02 81.94
C PRO A 1429 -16.90 -57.16 82.56
N VAL A 1430 -16.49 -56.15 83.32
CA VAL A 1430 -17.46 -55.23 83.91
C VAL A 1430 -18.06 -54.38 82.79
N TYR A 1431 -19.38 -54.27 82.79
CA TYR A 1431 -20.11 -53.51 81.78
C TYR A 1431 -20.69 -52.26 82.40
N GLN A 1432 -20.64 -51.17 81.65
CA GLN A 1432 -21.10 -49.86 82.10
C GLN A 1432 -22.22 -49.36 81.20
N MET A 1433 -23.21 -48.71 81.81
CA MET A 1433 -24.35 -48.17 81.09
C MET A 1433 -24.70 -46.81 81.67
N HIS A 1434 -24.81 -45.80 80.83
CA HIS A 1434 -25.28 -44.48 81.21
C HIS A 1434 -26.78 -44.40 80.90
N ILE A 1435 -27.60 -44.40 81.93
CA ILE A 1435 -29.05 -44.36 81.76
C ILE A 1435 -29.46 -42.93 81.43
N LYS A 1436 -29.79 -42.67 80.17
CA LYS A 1436 -30.09 -41.32 79.71
C LYS A 1436 -31.58 -41.01 79.74
N THR A 1437 -32.37 -41.79 79.00
CA THR A 1437 -33.77 -41.52 78.76
C THR A 1437 -34.65 -42.52 79.51
N SER A 1438 -35.95 -42.23 79.56
CA SER A 1438 -36.88 -43.14 80.20
C SER A 1438 -37.00 -44.42 79.40
N LYS A 1439 -36.67 -44.37 78.11
CA LYS A 1439 -36.66 -45.59 77.31
C LYS A 1439 -35.71 -46.62 77.90
N ASP A 1440 -34.50 -46.19 78.27
CA ASP A 1440 -33.54 -47.12 78.85
C ASP A 1440 -34.05 -47.71 80.14
N ILE A 1441 -34.65 -46.88 80.99
CA ILE A 1441 -35.21 -47.38 82.24
C ILE A 1441 -36.28 -48.43 81.94
N ALA A 1442 -37.18 -48.13 81.00
CA ALA A 1442 -38.25 -49.07 80.69
C ALA A 1442 -37.69 -50.39 80.19
N VAL A 1443 -36.73 -50.33 79.27
CA VAL A 1443 -36.16 -51.56 78.72
C VAL A 1443 -35.49 -52.37 79.82
N LEU A 1444 -34.69 -51.72 80.66
CA LEU A 1444 -34.02 -52.42 81.74
C LEU A 1444 -35.02 -53.08 82.68
N ARG A 1445 -36.08 -52.36 83.04
CA ARG A 1445 -37.09 -52.93 83.92
C ARG A 1445 -37.88 -54.05 83.25
N SER A 1446 -37.83 -54.15 81.92
CA SER A 1446 -38.48 -55.27 81.25
C SER A 1446 -37.72 -56.57 81.48
N LYS A 1447 -36.38 -56.51 81.53
CA LYS A 1447 -35.60 -57.72 81.70
C LYS A 1447 -35.89 -58.36 83.05
N GLU A 1448 -36.32 -59.60 83.04
CA GLU A 1448 -36.67 -60.28 84.28
C GLU A 1448 -35.47 -60.40 85.22
N TRP A 1449 -34.26 -60.51 84.67
CA TRP A 1449 -33.09 -60.71 85.51
C TRP A 1449 -32.65 -59.45 86.22
N PHE A 1450 -32.93 -58.27 85.67
CA PHE A 1450 -32.53 -57.01 86.27
C PHE A 1450 -33.38 -56.74 87.50
N GLN A 1451 -32.80 -56.91 88.68
CA GLN A 1451 -33.53 -56.78 89.95
C GLN A 1451 -32.85 -55.73 90.81
N LEU A 1452 -33.61 -54.72 91.20
CA LEU A 1452 -33.13 -53.68 92.10
C LEU A 1452 -33.80 -53.87 93.46
N ASP A 1453 -33.01 -53.76 94.52
CA ASP A 1453 -33.58 -53.89 95.86
C ASP A 1453 -34.60 -52.79 96.13
N ASP A 1454 -34.28 -51.55 95.74
CA ASP A 1454 -35.16 -50.40 95.92
C ASP A 1454 -35.95 -50.21 94.63
N GLU A 1455 -37.19 -50.70 94.63
CA GLU A 1455 -38.03 -50.61 93.44
C GLU A 1455 -38.24 -49.17 92.98
N ASP A 1456 -38.17 -48.20 93.90
CA ASP A 1456 -38.36 -46.80 93.57
C ASP A 1456 -37.04 -46.06 93.35
N PHE A 1457 -35.97 -46.78 93.04
CA PHE A 1457 -34.70 -46.13 92.72
C PHE A 1457 -34.81 -45.35 91.42
N ASP A 1458 -34.13 -44.20 91.38
CA ASP A 1458 -34.18 -43.31 90.22
C ASP A 1458 -32.96 -43.60 89.34
N LEU A 1459 -33.16 -44.40 88.30
CA LEU A 1459 -32.08 -44.72 87.38
C LEU A 1459 -31.77 -43.57 86.43
N LEU A 1460 -32.61 -42.54 86.39
CA LEU A 1460 -32.47 -41.50 85.37
C LEU A 1460 -31.18 -40.72 85.57
N ASN A 1461 -30.41 -40.58 84.48
CA ASN A 1461 -29.11 -39.91 84.51
C ASN A 1461 -28.18 -40.55 85.55
N LYS A 1462 -28.18 -41.87 85.62
CA LYS A 1462 -27.29 -42.62 86.50
C LYS A 1462 -26.38 -43.50 85.67
N THR A 1463 -25.16 -43.72 86.19
CA THR A 1463 -24.23 -44.68 85.61
C THR A 1463 -24.28 -45.97 86.41
N LEU A 1464 -24.52 -47.07 85.73
CA LEU A 1464 -24.59 -48.38 86.35
C LEU A 1464 -23.48 -49.26 85.82
N THR A 1465 -22.94 -50.09 86.70
CA THR A 1465 -21.91 -51.07 86.33
C THR A 1465 -22.42 -52.45 86.71
N PHE A 1466 -22.26 -53.40 85.80
CA PHE A 1466 -22.64 -54.79 86.02
C PHE A 1466 -21.39 -55.64 86.04
N GLU A 1467 -21.17 -56.36 87.14
CA GLU A 1467 -20.06 -57.29 87.27
C GLU A 1467 -20.66 -58.67 87.56
N THR A 1468 -20.65 -59.54 86.56
CA THR A 1468 -21.38 -60.81 86.60
C THR A 1468 -20.44 -61.99 86.42
N GLU A 1469 -20.92 -63.16 86.82
CA GLU A 1469 -20.27 -64.43 86.58
C GLU A 1469 -21.27 -65.40 85.95
N THR A 1470 -20.82 -66.14 84.93
CA THR A 1470 -21.66 -67.10 84.24
C THR A 1470 -21.18 -68.51 84.56
N GLU A 1471 -22.06 -69.34 85.11
CA GLU A 1471 -21.82 -70.77 85.29
C GLU A 1471 -22.71 -71.52 84.30
N VAL A 1472 -22.11 -72.33 83.45
CA VAL A 1472 -22.86 -73.10 82.47
C VAL A 1472 -22.44 -74.56 82.54
N THR A 1473 -23.40 -75.43 82.25
CA THR A 1473 -23.16 -76.83 81.92
C THR A 1473 -23.47 -77.02 80.45
N PHE A 1474 -23.05 -78.17 79.91
CA PHE A 1474 -23.14 -78.43 78.49
C PHE A 1474 -23.99 -79.64 78.19
N LYS A 1475 -24.70 -79.60 77.07
CA LYS A 1475 -25.37 -80.76 76.50
C LYS A 1475 -24.63 -81.30 75.29
N ASN A 1476 -23.93 -80.44 74.56
CA ASN A 1476 -23.09 -80.85 73.44
C ASN A 1476 -22.15 -79.70 73.14
N ALA A 1477 -21.41 -79.82 72.02
CA ALA A 1477 -20.41 -78.81 71.69
C ALA A 1477 -21.04 -77.44 71.47
N ASN A 1478 -22.26 -77.41 70.92
CA ASN A 1478 -22.87 -76.17 70.47
C ASN A 1478 -23.88 -75.58 71.46
N ILE A 1479 -24.54 -76.40 72.26
CA ILE A 1479 -25.66 -75.97 73.08
C ILE A 1479 -25.33 -76.14 74.55
N PHE A 1480 -25.96 -75.31 75.38
CA PHE A 1480 -25.83 -75.40 76.83
C PHE A 1480 -27.05 -76.12 77.41
N SER A 1481 -26.83 -76.79 78.53
CA SER A 1481 -27.89 -77.46 79.26
C SER A 1481 -28.30 -76.72 80.52
N SER A 1482 -27.63 -75.63 80.85
CA SER A 1482 -27.97 -74.80 81.99
C SER A 1482 -27.11 -73.55 81.95
N VAL A 1483 -27.71 -72.41 82.22
CA VAL A 1483 -27.00 -71.13 82.20
C VAL A 1483 -27.39 -70.36 83.45
N LYS A 1484 -26.40 -69.80 84.14
CA LYS A 1484 -26.65 -69.06 85.37
C LYS A 1484 -25.70 -67.86 85.39
N CYS A 1485 -26.27 -66.66 85.21
CA CYS A 1485 -25.52 -65.42 85.27
C CYS A 1485 -25.99 -64.67 86.50
N PHE A 1486 -25.04 -64.21 87.33
CA PHE A 1486 -25.39 -63.57 88.58
C PHE A 1486 -24.29 -62.59 88.98
N GLY A 1487 -24.63 -61.71 89.90
CA GLY A 1487 -23.68 -60.74 90.41
C GLY A 1487 -24.36 -59.48 90.90
N PRO A 1488 -23.58 -58.55 91.41
CA PRO A 1488 -24.14 -57.29 91.91
C PRO A 1488 -24.26 -56.23 90.81
N ILE A 1489 -25.20 -55.31 91.04
CA ILE A 1489 -25.37 -54.12 90.22
C ILE A 1489 -25.01 -52.92 91.09
N LYS A 1490 -24.21 -52.01 90.55
CA LYS A 1490 -23.68 -50.89 91.31
C LYS A 1490 -23.94 -49.59 90.56
N VAL A 1491 -24.06 -48.50 91.33
CA VAL A 1491 -24.34 -47.18 90.79
C VAL A 1491 -23.21 -46.24 91.19
N GLU A 1492 -22.76 -45.44 90.23
CA GLU A 1492 -21.74 -44.43 90.52
C GLU A 1492 -22.33 -43.28 91.30
N LEU A 1493 -21.55 -42.72 92.21
CA LEU A 1493 -21.95 -41.61 93.05
C LEU A 1493 -21.26 -40.33 92.61
N PRO A 1494 -21.69 -39.18 93.13
CA PRO A 1494 -20.98 -37.94 92.81
C PRO A 1494 -19.51 -37.97 93.17
N THR A 1495 -19.11 -38.76 94.16
CA THR A 1495 -17.72 -38.91 94.55
C THR A 1495 -16.99 -39.98 93.73
N LYS A 1496 -17.61 -40.47 92.66
CA LYS A 1496 -17.06 -41.50 91.79
C LYS A 1496 -16.90 -42.86 92.49
N GLU A 1497 -17.47 -43.01 93.69
CA GLU A 1497 -17.52 -44.30 94.36
C GLU A 1497 -18.82 -45.01 93.98
N THR A 1498 -18.71 -46.28 93.60
CA THR A 1498 -19.86 -47.07 93.17
C THR A 1498 -20.39 -47.91 94.32
N VAL A 1499 -21.70 -47.96 94.46
CA VAL A 1499 -22.38 -48.64 95.55
C VAL A 1499 -23.39 -49.62 94.97
N GLU A 1500 -23.49 -50.79 95.59
CA GLU A 1500 -24.40 -51.81 95.10
C GLU A 1500 -25.85 -51.37 95.29
N ILE A 1501 -26.66 -51.54 94.25
CA ILE A 1501 -28.08 -51.21 94.30
C ILE A 1501 -28.98 -52.38 93.94
N GLY A 1502 -28.42 -53.50 93.51
CA GLY A 1502 -29.22 -54.63 93.10
C GLY A 1502 -28.32 -55.76 92.62
N ILE A 1503 -28.96 -56.86 92.24
CA ILE A 1503 -28.26 -58.06 91.81
C ILE A 1503 -28.78 -58.49 90.45
N VAL A 1504 -27.85 -58.81 89.55
CA VAL A 1504 -28.22 -59.54 88.33
C VAL A 1504 -28.51 -60.98 88.71
N ASP A 1505 -29.57 -61.54 88.13
CA ASP A 1505 -29.98 -62.90 88.48
C ASP A 1505 -30.67 -63.52 87.27
N TYR A 1506 -29.93 -64.29 86.50
CA TYR A 1506 -30.45 -65.00 85.33
C TYR A 1506 -30.18 -66.48 85.48
N GLU A 1507 -31.24 -67.28 85.38
CA GLU A 1507 -31.11 -68.73 85.42
C GLU A 1507 -31.97 -69.32 84.31
N ALA A 1508 -31.39 -70.21 83.51
CA ALA A 1508 -32.08 -70.79 82.38
C ALA A 1508 -31.64 -72.23 82.22
N GLY A 1509 -32.50 -73.02 81.59
CA GLY A 1509 -32.17 -74.39 81.25
C GLY A 1509 -31.47 -74.46 79.92
N ALA A 1510 -31.91 -75.36 79.05
CA ALA A 1510 -31.28 -75.48 77.74
C ALA A 1510 -31.34 -74.15 77.01
N SER A 1511 -30.21 -73.74 76.45
CA SER A 1511 -30.10 -72.46 75.77
C SER A 1511 -28.95 -72.51 74.80
N HIS A 1512 -28.92 -71.54 73.89
CA HIS A 1512 -27.84 -71.40 72.93
C HIS A 1512 -26.87 -70.28 73.27
N GLY A 1513 -27.15 -69.52 74.34
CA GLY A 1513 -26.30 -68.39 74.68
C GLY A 1513 -26.76 -67.78 75.98
N ASN A 1514 -26.04 -66.73 76.39
CA ASN A 1514 -26.39 -65.97 77.58
C ASN A 1514 -27.00 -64.64 77.17
N PRO A 1515 -28.28 -64.40 77.41
CA PRO A 1515 -28.89 -63.13 76.96
C PRO A 1515 -28.40 -61.93 77.74
N VAL A 1516 -28.01 -62.11 79.01
CA VAL A 1516 -27.58 -61.00 79.84
C VAL A 1516 -26.33 -60.36 79.27
N VAL A 1517 -25.33 -61.18 78.95
CA VAL A 1517 -24.07 -60.66 78.44
C VAL A 1517 -24.29 -60.00 77.09
N ASP A 1518 -25.15 -60.56 76.24
CA ASP A 1518 -25.42 -59.95 74.95
C ASP A 1518 -26.07 -58.57 75.11
N PHE A 1519 -27.05 -58.47 76.02
CA PHE A 1519 -27.68 -57.19 76.27
C PHE A 1519 -26.66 -56.16 76.73
N LEU A 1520 -25.82 -56.54 77.71
CA LEU A 1520 -24.85 -55.60 78.24
C LEU A 1520 -23.82 -55.21 77.19
N LYS A 1521 -23.41 -56.15 76.34
CA LYS A 1521 -22.48 -55.82 75.27
C LYS A 1521 -23.09 -54.81 74.31
N ARG A 1522 -24.34 -55.01 73.91
CA ARG A 1522 -24.91 -54.16 72.89
C ARG A 1522 -25.31 -52.79 73.41
N ASN A 1523 -25.74 -52.70 74.67
CA ASN A 1523 -26.25 -51.45 75.21
C ASN A 1523 -25.23 -50.69 76.04
N GLY A 1524 -24.38 -51.38 76.77
CA GLY A 1524 -23.36 -50.76 77.59
C GLY A 1524 -22.03 -50.65 76.88
N SER A 1525 -21.00 -50.43 77.67
CA SER A 1525 -19.62 -50.48 77.21
C SER A 1525 -18.83 -51.27 78.24
N THR A 1526 -17.75 -51.91 77.78
CA THR A 1526 -16.94 -52.73 78.66
C THR A 1526 -15.80 -51.90 79.23
N LEU A 1527 -15.63 -51.96 80.55
CA LEU A 1527 -14.50 -51.31 81.21
C LEU A 1527 -13.29 -52.22 81.17
N GLU A 1528 -12.18 -51.71 80.66
CA GLU A 1528 -10.94 -52.47 80.55
C GLU A 1528 -9.90 -51.87 81.49
N GLN A 1529 -9.38 -52.69 82.39
CA GLN A 1529 -8.38 -52.22 83.35
C GLN A 1529 -7.07 -51.88 82.66
N LYS A 1530 -6.62 -52.74 81.76
CA LYS A 1530 -5.36 -52.51 81.08
C LYS A 1530 -5.47 -51.35 80.12
N VAL A 1531 -4.46 -50.49 80.12
CA VAL A 1531 -4.43 -49.30 79.28
C VAL A 1531 -3.12 -49.29 78.54
N ASN A 1532 -3.19 -49.34 77.21
CA ASN A 1532 -1.99 -49.47 76.39
C ASN A 1532 -1.33 -48.12 76.18
N LEU A 1533 0.00 -48.10 76.29
CA LEU A 1533 0.77 -46.95 75.85
C LEU A 1533 0.63 -46.79 74.35
N GLU A 1534 0.78 -45.54 73.88
CA GLU A 1534 0.68 -45.29 72.44
C GLU A 1534 1.80 -45.96 71.67
N ASN A 1535 2.93 -46.25 72.31
CA ASN A 1535 4.03 -46.94 71.68
C ASN A 1535 4.68 -47.82 72.73
N PRO A 1536 4.94 -49.10 72.45
CA PRO A 1536 5.66 -49.93 73.41
C PRO A 1536 7.06 -49.41 73.64
N ILE A 1537 7.55 -49.60 74.86
CA ILE A 1537 8.90 -49.21 75.25
C ILE A 1537 9.74 -50.47 75.36
N PRO A 1538 10.65 -50.75 74.43
CA PRO A 1538 11.49 -51.94 74.57
C PRO A 1538 12.37 -51.85 75.80
N ILE A 1539 12.51 -52.97 76.50
CA ILE A 1539 13.28 -53.06 77.72
C ILE A 1539 14.62 -53.77 77.48
N ALA A 1540 14.57 -54.94 76.86
CA ALA A 1540 15.80 -55.69 76.59
C ALA A 1540 15.47 -56.92 75.76
N VAL A 1541 16.48 -57.41 75.04
CA VAL A 1541 16.45 -58.69 74.36
C VAL A 1541 17.57 -59.53 74.96
N LEU A 1542 17.21 -60.67 75.54
CA LEU A 1542 18.13 -61.43 76.37
C LEU A 1542 18.31 -62.85 75.83
N ASP A 1543 19.45 -63.44 76.15
CA ASP A 1543 19.77 -64.80 75.77
C ASP A 1543 19.71 -65.70 76.99
N SER A 1544 19.15 -66.89 76.79
CA SER A 1544 18.99 -67.88 77.85
C SER A 1544 19.15 -69.27 77.24
N TYR A 1545 19.48 -70.23 78.09
CA TYR A 1545 19.74 -71.58 77.63
C TYR A 1545 19.08 -72.58 78.56
N THR A 1546 18.57 -73.64 77.97
CA THR A 1546 17.99 -74.74 78.72
C THR A 1546 19.08 -75.66 79.26
N PRO A 1547 18.90 -76.23 80.45
CA PRO A 1547 19.92 -77.13 80.98
C PRO A 1547 20.05 -78.38 80.13
N SER A 1548 21.15 -79.11 80.37
CA SER A 1548 21.40 -80.34 79.63
C SER A 1548 20.66 -81.53 80.23
N THR A 1549 20.17 -81.42 81.45
CA THR A 1549 19.35 -82.45 82.06
C THR A 1549 18.17 -81.80 82.76
N ASN A 1550 17.01 -82.45 82.66
CA ASN A 1550 15.80 -81.98 83.32
C ASN A 1550 15.64 -82.54 84.73
N GLU A 1551 16.58 -83.38 85.17
CA GLU A 1551 16.44 -84.05 86.46
C GLU A 1551 16.46 -83.07 87.64
N PRO A 1552 17.40 -82.13 87.73
CA PRO A 1552 17.40 -81.26 88.93
C PRO A 1552 16.12 -80.46 89.10
N TYR A 1553 15.55 -79.93 88.02
CA TYR A 1553 14.29 -79.21 88.14
C TYR A 1553 13.18 -80.14 88.60
N ALA A 1554 13.13 -81.35 88.06
CA ALA A 1554 12.14 -82.31 88.50
C ALA A 1554 12.28 -82.60 89.99
N ARG A 1555 13.51 -82.79 90.45
CA ARG A 1555 13.72 -83.15 91.84
C ARG A 1555 13.36 -82.01 92.78
N VAL A 1556 13.65 -80.78 92.39
CA VAL A 1556 13.33 -79.65 93.25
C VAL A 1556 11.82 -79.39 93.25
N SER A 1557 11.18 -79.48 92.07
CA SER A 1557 9.77 -79.15 91.96
C SER A 1557 8.84 -80.30 92.32
N GLY A 1558 9.34 -81.53 92.36
CA GLY A 1558 8.48 -82.68 92.56
C GLY A 1558 7.74 -83.14 91.33
N ASP A 1559 7.96 -82.50 90.18
CA ASP A 1559 7.30 -82.87 88.93
C ASP A 1559 8.11 -83.98 88.27
N LEU A 1560 7.79 -85.22 88.62
CA LEU A 1560 8.54 -86.38 88.17
C LEU A 1560 7.91 -87.01 86.93
N ASN A 1561 7.38 -86.20 86.02
CA ASN A 1561 6.83 -86.73 84.79
C ASN A 1561 7.94 -87.42 84.00
N PRO A 1562 7.79 -88.70 83.65
CA PRO A 1562 8.90 -89.39 82.97
C PRO A 1562 9.30 -88.77 81.65
N ILE A 1563 8.40 -88.06 80.98
CA ILE A 1563 8.70 -87.61 79.62
C ILE A 1563 9.90 -86.67 79.61
N HIS A 1564 10.20 -86.03 80.74
CA HIS A 1564 11.31 -85.09 80.80
C HIS A 1564 12.65 -85.77 81.05
N VAL A 1565 12.64 -87.00 81.56
CA VAL A 1565 13.88 -87.64 82.02
C VAL A 1565 14.12 -88.98 81.34
N SER A 1566 13.05 -89.68 80.97
CA SER A 1566 13.13 -91.06 80.48
C SER A 1566 12.97 -91.08 78.96
N ARG A 1567 14.01 -91.56 78.27
CA ARG A 1567 13.97 -91.59 76.81
C ARG A 1567 12.85 -92.46 76.29
N HIS A 1568 12.65 -93.64 76.88
CA HIS A 1568 11.64 -94.55 76.36
C HIS A 1568 10.23 -93.99 76.55
N PHE A 1569 9.96 -93.33 77.67
CA PHE A 1569 8.65 -92.71 77.87
C PHE A 1569 8.42 -91.60 76.86
N ALA A 1570 9.45 -90.80 76.58
CA ALA A 1570 9.30 -89.71 75.63
C ALA A 1570 9.11 -90.22 74.21
N SER A 1571 9.79 -91.32 73.84
CA SER A 1571 9.55 -91.92 72.54
C SER A 1571 8.13 -92.48 72.46
N TYR A 1572 7.68 -93.17 73.51
CA TYR A 1572 6.34 -93.72 73.49
C TYR A 1572 5.29 -92.63 73.33
N ALA A 1573 5.55 -91.44 73.87
CA ALA A 1573 4.62 -90.32 73.77
C ALA A 1573 4.76 -89.56 72.46
N ASN A 1574 5.65 -89.97 71.57
CA ASN A 1574 5.83 -89.33 70.27
C ASN A 1574 6.31 -87.88 70.40
N LEU A 1575 7.05 -87.60 71.45
CA LEU A 1575 7.64 -86.30 71.67
C LEU A 1575 8.97 -86.19 70.93
N PRO A 1576 9.41 -84.96 70.64
CA PRO A 1576 10.71 -84.80 69.95
C PRO A 1576 11.91 -85.15 70.81
N GLY A 1577 11.70 -85.62 72.03
CA GLY A 1577 12.80 -85.95 72.92
C GLY A 1577 12.36 -85.81 74.35
N THR A 1578 13.35 -85.75 75.26
CA THR A 1578 13.07 -85.45 76.66
C THR A 1578 12.98 -83.94 76.80
N ILE A 1579 11.79 -83.41 76.51
CA ILE A 1579 11.59 -81.98 76.49
C ILE A 1579 11.77 -81.41 77.90
N THR A 1580 12.35 -80.21 77.96
CA THR A 1580 12.48 -79.54 79.25
C THR A 1580 11.11 -79.14 79.79
N HIS A 1581 11.00 -79.13 81.11
CA HIS A 1581 9.75 -78.73 81.74
C HIS A 1581 9.36 -77.34 81.28
N GLY A 1582 8.08 -77.16 80.95
CA GLY A 1582 7.58 -75.84 80.67
C GLY A 1582 7.72 -74.90 81.85
N MET A 1583 7.58 -75.43 83.07
CA MET A 1583 7.66 -74.57 84.24
C MET A 1583 9.09 -74.09 84.49
N PHE A 1584 10.10 -74.88 84.11
CA PHE A 1584 11.45 -74.36 84.17
C PHE A 1584 11.60 -73.15 83.27
N SER A 1585 11.09 -73.24 82.03
CA SER A 1585 11.20 -72.12 81.12
C SER A 1585 10.46 -70.91 81.67
N SER A 1586 9.30 -71.13 82.26
CA SER A 1586 8.55 -70.03 82.84
C SER A 1586 9.34 -69.35 83.95
N ALA A 1587 9.92 -70.15 84.85
CA ALA A 1587 10.71 -69.57 85.94
C ALA A 1587 11.93 -68.84 85.42
N SER A 1588 12.60 -69.39 84.42
CA SER A 1588 13.79 -68.74 83.86
C SER A 1588 13.43 -67.39 83.25
N VAL A 1589 12.35 -67.34 82.47
CA VAL A 1589 11.97 -66.08 81.86
C VAL A 1589 11.47 -65.10 82.91
N ARG A 1590 10.81 -65.58 83.96
CA ARG A 1590 10.40 -64.65 85.02
C ARG A 1590 11.62 -64.11 85.75
N ALA A 1591 12.65 -64.93 85.93
CA ALA A 1591 13.88 -64.41 86.52
C ALA A 1591 14.48 -63.32 85.64
N LEU A 1592 14.46 -63.51 84.33
CA LEU A 1592 14.92 -62.45 83.42
C LEU A 1592 14.11 -61.17 83.62
N ILE A 1593 12.78 -61.30 83.60
CA ILE A 1593 11.91 -60.11 83.68
C ILE A 1593 12.15 -59.39 84.99
N GLU A 1594 12.24 -60.15 86.08
CA GLU A 1594 12.47 -59.57 87.40
C GLU A 1594 13.80 -58.84 87.44
N ASN A 1595 14.85 -59.43 86.88
CA ASN A 1595 16.14 -58.75 86.88
C ASN A 1595 16.06 -57.45 86.09
N TRP A 1596 15.42 -57.46 84.93
CA TRP A 1596 15.47 -56.29 84.05
C TRP A 1596 14.27 -55.36 84.24
N ALA A 1597 13.06 -55.88 84.06
CA ALA A 1597 11.89 -55.02 84.14
C ALA A 1597 11.69 -54.47 85.55
N ALA A 1598 11.99 -55.26 86.56
CA ALA A 1598 11.83 -54.85 87.96
C ALA A 1598 13.15 -54.43 88.60
N ASP A 1599 14.22 -54.31 87.82
CA ASP A 1599 15.52 -53.89 88.34
C ASP A 1599 15.94 -54.77 89.52
N SER A 1600 15.66 -56.06 89.42
CA SER A 1600 16.09 -57.05 90.41
C SER A 1600 15.49 -56.79 91.80
N VAL A 1601 14.37 -56.09 91.86
CA VAL A 1601 13.61 -55.91 93.09
C VAL A 1601 12.46 -56.91 93.05
N SER A 1602 12.56 -57.97 93.86
CA SER A 1602 11.62 -59.08 93.75
C SER A 1602 10.19 -58.64 94.04
N SER A 1603 9.99 -57.85 95.10
CA SER A 1603 8.62 -57.48 95.49
C SER A 1603 7.89 -56.70 94.43
N ARG A 1604 8.60 -56.10 93.46
CA ARG A 1604 7.94 -55.30 92.44
C ARG A 1604 7.06 -56.14 91.53
N VAL A 1605 7.32 -57.44 91.39
CA VAL A 1605 6.58 -58.28 90.47
C VAL A 1605 5.35 -58.80 91.19
N ARG A 1606 4.16 -58.37 90.75
CA ARG A 1606 2.91 -58.76 91.38
C ARG A 1606 2.12 -59.79 90.58
N GLY A 1607 2.34 -59.84 89.27
CA GLY A 1607 1.67 -60.84 88.45
C GLY A 1607 2.56 -61.34 87.33
N TYR A 1608 2.41 -62.61 86.96
CA TYR A 1608 3.18 -63.17 85.86
C TYR A 1608 2.41 -64.31 85.25
N THR A 1609 2.13 -64.22 83.97
CA THR A 1609 1.42 -65.29 83.29
C THR A 1609 2.18 -65.68 82.04
N CYS A 1610 2.20 -66.97 81.73
CA CYS A 1610 2.93 -67.47 80.57
C CYS A 1610 2.08 -68.47 79.81
N GLN A 1611 2.24 -68.51 78.50
CA GLN A 1611 1.62 -69.50 77.65
C GLN A 1611 2.71 -70.31 76.98
N PHE A 1612 2.58 -71.63 77.01
CA PHE A 1612 3.55 -72.54 76.40
C PHE A 1612 3.09 -72.85 74.98
N VAL A 1613 3.60 -72.10 74.00
CA VAL A 1613 3.12 -72.27 72.64
C VAL A 1613 3.85 -73.36 71.87
N ASP A 1614 5.01 -73.80 72.34
CA ASP A 1614 5.73 -74.87 71.66
C ASP A 1614 6.73 -75.51 72.61
N MET A 1615 7.16 -76.72 72.25
CA MET A 1615 8.04 -77.50 73.10
C MET A 1615 9.49 -77.03 72.96
N VAL A 1616 10.28 -77.32 73.99
CA VAL A 1616 11.67 -76.91 74.06
C VAL A 1616 12.51 -78.10 74.50
N LEU A 1617 13.63 -78.30 73.81
CA LEU A 1617 14.55 -79.38 74.13
C LEU A 1617 15.75 -78.84 74.89
N PRO A 1618 16.42 -79.68 75.67
CA PRO A 1618 17.60 -79.21 76.42
C PRO A 1618 18.71 -78.71 75.51
N ASN A 1619 19.57 -77.87 76.08
CA ASN A 1619 20.72 -77.30 75.38
C ASN A 1619 20.28 -76.44 74.19
N THR A 1620 19.20 -75.69 74.37
CA THR A 1620 18.69 -74.81 73.33
C THR A 1620 18.87 -73.36 73.74
N ALA A 1621 19.34 -72.55 72.80
CA ALA A 1621 19.47 -71.11 73.03
C ALA A 1621 18.13 -70.43 72.82
N LEU A 1622 17.64 -69.77 73.85
CA LEU A 1622 16.41 -69.01 73.79
C LEU A 1622 16.73 -67.53 73.72
N LYS A 1623 15.83 -66.78 73.08
CA LYS A 1623 15.97 -65.33 72.93
C LYS A 1623 14.63 -64.70 73.27
N THR A 1624 14.54 -64.06 74.44
CA THR A 1624 13.31 -63.45 74.91
C THR A 1624 13.41 -61.93 74.75
N SER A 1625 12.36 -61.32 74.22
CA SER A 1625 12.25 -59.89 74.03
C SER A 1625 11.23 -59.32 75.00
N ILE A 1626 11.61 -58.28 75.74
CA ILE A 1626 10.80 -57.71 76.81
C ILE A 1626 10.36 -56.32 76.40
N GLN A 1627 9.07 -56.02 76.58
CA GLN A 1627 8.51 -54.74 76.19
C GLN A 1627 7.55 -54.24 77.26
N HIS A 1628 7.62 -52.94 77.54
CA HIS A 1628 6.63 -52.26 78.37
C HIS A 1628 5.54 -51.72 77.42
N VAL A 1629 4.32 -52.23 77.58
CA VAL A 1629 3.25 -51.96 76.63
C VAL A 1629 2.13 -51.14 77.24
N GLY A 1630 1.83 -51.32 78.52
CA GLY A 1630 0.70 -50.61 79.09
C GLY A 1630 0.78 -50.51 80.59
N MET A 1631 -0.27 -49.94 81.17
CA MET A 1631 -0.40 -49.83 82.61
C MET A 1631 -1.69 -50.52 83.04
N ILE A 1632 -1.71 -50.96 84.29
CA ILE A 1632 -2.95 -51.46 84.87
C ILE A 1632 -2.95 -51.15 86.37
N ASN A 1633 -3.83 -50.25 86.80
CA ASN A 1633 -4.01 -49.96 88.22
C ASN A 1633 -2.69 -49.52 88.87
N GLY A 1634 -1.91 -48.73 88.14
CA GLY A 1634 -0.66 -48.23 88.66
C GLY A 1634 0.53 -49.16 88.52
N ARG A 1635 0.37 -50.28 87.82
CA ARG A 1635 1.44 -51.24 87.60
C ARG A 1635 1.80 -51.29 86.12
N LYS A 1636 3.09 -51.45 85.84
CA LYS A 1636 3.53 -51.60 84.46
C LYS A 1636 3.08 -52.95 83.91
N LEU A 1637 2.71 -52.97 82.64
CA LEU A 1637 2.38 -54.20 81.93
C LEU A 1637 3.51 -54.54 80.98
N ILE A 1638 4.19 -55.66 81.25
CA ILE A 1638 5.30 -56.11 80.43
C ILE A 1638 4.85 -57.33 79.64
N LYS A 1639 5.05 -57.28 78.33
CA LYS A 1639 4.88 -58.46 77.48
C LYS A 1639 6.25 -59.05 77.18
N PHE A 1640 6.28 -60.37 76.99
CA PHE A 1640 7.50 -61.03 76.57
C PHE A 1640 7.17 -62.12 75.56
N GLU A 1641 8.16 -62.43 74.73
CA GLU A 1641 8.04 -63.45 73.70
C GLU A 1641 9.38 -64.13 73.56
N THR A 1642 9.41 -65.45 73.72
CA THR A 1642 10.65 -66.23 73.69
C THR A 1642 10.69 -67.10 72.45
N ARG A 1643 11.77 -66.97 71.68
CA ARG A 1643 11.99 -67.76 70.48
C ARG A 1643 13.22 -68.65 70.64
N ASN A 1644 13.26 -69.73 69.87
CA ASN A 1644 14.37 -70.67 69.88
C ASN A 1644 15.26 -70.42 68.67
N GLU A 1645 16.26 -71.29 68.47
CA GLU A 1645 17.22 -71.07 67.40
C GLU A 1645 16.54 -70.95 66.05
N ASP A 1646 15.58 -71.80 65.78
CA ASP A 1646 14.82 -71.75 64.54
C ASP A 1646 13.94 -70.52 64.43
N ASP A 1647 13.92 -69.62 65.41
CA ASP A 1647 13.13 -68.40 65.35
C ASP A 1647 11.64 -68.67 65.54
N VAL A 1648 11.33 -69.72 66.28
CA VAL A 1648 9.95 -70.15 66.51
C VAL A 1648 9.55 -69.73 67.91
N VAL A 1649 8.40 -69.07 68.03
CA VAL A 1649 7.93 -68.67 69.36
C VAL A 1649 7.66 -69.92 70.18
N VAL A 1650 8.23 -69.96 71.39
CA VAL A 1650 8.03 -71.09 72.28
C VAL A 1650 7.37 -70.69 73.59
N LEU A 1651 7.29 -69.41 73.92
CA LEU A 1651 6.74 -68.98 75.20
C LEU A 1651 6.36 -67.52 75.09
N THR A 1652 5.16 -67.18 75.57
CA THR A 1652 4.68 -65.82 75.63
C THR A 1652 3.97 -65.62 76.95
N GLY A 1653 3.77 -64.35 77.33
CA GLY A 1653 3.09 -64.06 78.56
C GLY A 1653 3.22 -62.59 78.91
N GLU A 1654 2.75 -62.26 80.10
CA GLU A 1654 2.81 -60.88 80.53
C GLU A 1654 3.13 -60.78 82.00
N ALA A 1655 3.58 -59.62 82.42
CA ALA A 1655 3.89 -59.42 83.82
C ALA A 1655 3.35 -58.10 84.30
N GLU A 1656 3.10 -58.01 85.60
CA GLU A 1656 2.65 -56.78 86.22
C GLU A 1656 3.70 -56.32 87.22
N ILE A 1657 4.41 -55.25 86.90
CA ILE A 1657 5.51 -54.74 87.70
C ILE A 1657 5.05 -53.46 88.38
N GLU A 1658 5.12 -53.43 89.71
CA GLU A 1658 4.80 -52.23 90.45
C GLU A 1658 5.81 -51.13 90.14
N GLN A 1659 5.33 -49.90 90.17
CA GLN A 1659 6.19 -48.74 89.91
C GLN A 1659 7.09 -48.46 91.10
N PRO A 1660 8.15 -47.69 90.90
CA PRO A 1660 8.98 -47.26 92.04
C PRO A 1660 8.17 -46.44 93.03
N VAL A 1661 8.51 -46.56 94.31
CA VAL A 1661 7.81 -45.86 95.38
C VAL A 1661 7.59 -44.41 94.97
N THR A 1662 6.35 -43.95 95.07
CA THR A 1662 5.94 -42.67 94.51
C THR A 1662 5.30 -41.79 95.58
N THR A 1663 5.44 -40.49 95.39
CA THR A 1663 4.77 -39.48 96.19
C THR A 1663 4.22 -38.41 95.26
N PHE A 1664 2.93 -38.14 95.38
CA PHE A 1664 2.29 -37.07 94.63
C PHE A 1664 2.17 -35.84 95.51
N VAL A 1665 2.60 -34.70 95.00
CA VAL A 1665 2.68 -33.47 95.76
C VAL A 1665 1.94 -32.38 94.99
N PHE A 1666 1.05 -31.68 95.68
CA PHE A 1666 0.09 -30.77 95.04
C PHE A 1666 0.46 -29.33 95.36
N THR A 1667 0.70 -28.53 94.33
CA THR A 1667 1.11 -27.16 94.52
C THR A 1667 0.02 -26.27 95.08
N GLY A 1668 0.41 -25.28 95.86
CA GLY A 1668 -0.57 -24.36 96.43
C GLY A 1668 -0.74 -23.10 95.63
N GLN A 1669 -1.20 -22.03 96.29
CA GLN A 1669 -1.42 -20.75 95.63
C GLN A 1669 -0.10 -20.16 95.17
N GLY A 1670 -0.09 -19.54 94.00
CA GLY A 1670 1.13 -18.96 93.46
C GLY A 1670 0.91 -18.11 92.23
N SER A 1671 1.66 -18.38 91.16
CA SER A 1671 1.49 -17.64 89.91
C SER A 1671 0.49 -18.40 89.05
N GLN A 1672 -0.78 -18.05 89.19
CA GLN A 1672 -1.83 -18.67 88.39
C GLN A 1672 -1.88 -17.99 87.03
N GLU A 1673 -1.59 -18.75 85.99
CA GLU A 1673 -1.46 -18.20 84.65
C GLU A 1673 -2.75 -18.41 83.86
N GLN A 1674 -3.06 -17.43 83.02
CA GLN A 1674 -4.16 -17.56 82.09
C GLN A 1674 -3.96 -18.80 81.23
N GLY A 1675 -5.03 -19.56 81.05
CA GLY A 1675 -4.99 -20.75 80.22
C GLY A 1675 -4.47 -21.98 80.90
N MET A 1676 -4.29 -21.97 82.22
CA MET A 1676 -3.77 -23.15 82.91
C MET A 1676 -4.74 -24.31 82.81
N GLY A 1677 -4.21 -25.50 82.49
CA GLY A 1677 -5.04 -26.69 82.41
C GLY A 1677 -5.90 -26.78 81.19
N MET A 1678 -5.72 -25.88 80.23
CA MET A 1678 -6.64 -25.85 79.10
C MET A 1678 -6.22 -26.79 77.98
N ASP A 1679 -4.92 -27.07 77.82
CA ASP A 1679 -4.50 -28.07 76.84
C ASP A 1679 -5.04 -29.45 77.22
N LEU A 1680 -4.92 -29.81 78.49
CA LEU A 1680 -5.47 -31.08 78.94
C LEU A 1680 -6.96 -31.06 78.77
N TYR A 1681 -7.57 -29.92 79.03
CA TYR A 1681 -9.01 -29.80 78.88
C TYR A 1681 -9.40 -30.10 77.44
N LYS A 1682 -8.60 -29.66 76.49
CA LYS A 1682 -8.89 -29.91 75.08
C LYS A 1682 -8.71 -31.37 74.73
N THR A 1683 -7.66 -32.01 75.25
CA THR A 1683 -7.34 -33.37 74.82
C THR A 1683 -8.00 -34.46 75.65
N SER A 1684 -8.08 -34.31 76.98
CA SER A 1684 -8.45 -35.40 77.86
C SER A 1684 -9.94 -35.40 78.17
N LYS A 1685 -10.53 -36.59 78.18
CA LYS A 1685 -11.95 -36.73 78.50
C LYS A 1685 -12.22 -36.63 80.00
N ALA A 1686 -11.32 -37.18 80.82
CA ALA A 1686 -11.50 -37.04 82.27
C ALA A 1686 -11.35 -35.59 82.72
N ALA A 1687 -10.41 -34.87 82.10
CA ALA A 1687 -10.25 -33.46 82.40
C ALA A 1687 -11.51 -32.72 82.02
N GLN A 1688 -12.07 -33.05 80.85
CA GLN A 1688 -13.30 -32.42 80.40
C GLN A 1688 -14.42 -32.67 81.38
N ASP A 1689 -14.54 -33.91 81.88
CA ASP A 1689 -15.58 -34.21 82.85
C ASP A 1689 -15.44 -33.31 84.07
N VAL A 1690 -14.23 -33.21 84.62
CA VAL A 1690 -14.02 -32.39 85.82
C VAL A 1690 -14.39 -30.93 85.53
N TRP A 1691 -13.77 -30.34 84.53
CA TRP A 1691 -14.02 -28.93 84.24
C TRP A 1691 -15.47 -28.63 83.89
N ASN A 1692 -16.14 -29.51 83.14
CA ASN A 1692 -17.51 -29.23 82.74
C ASN A 1692 -18.46 -29.35 83.92
N ARG A 1693 -18.27 -30.36 84.78
CA ARG A 1693 -19.11 -30.42 85.97
C ARG A 1693 -18.94 -29.17 86.81
N ALA A 1694 -17.69 -28.73 87.01
CA ALA A 1694 -17.47 -27.53 87.82
C ALA A 1694 -18.07 -26.30 87.16
N ASP A 1695 -17.89 -26.14 85.86
CA ASP A 1695 -18.40 -24.96 85.17
C ASP A 1695 -19.91 -24.92 85.16
N ASN A 1696 -20.55 -26.08 84.97
CA ASN A 1696 -22.00 -26.14 85.04
C ASN A 1696 -22.50 -25.73 86.42
N HIS A 1697 -21.86 -26.25 87.47
CA HIS A 1697 -22.28 -25.88 88.81
C HIS A 1697 -22.12 -24.37 89.04
N PHE A 1698 -20.99 -23.81 88.60
CA PHE A 1698 -20.76 -22.38 88.80
C PHE A 1698 -21.75 -21.54 88.02
N LYS A 1699 -22.06 -21.91 86.79
CA LYS A 1699 -23.03 -21.17 86.00
C LYS A 1699 -24.40 -21.22 86.65
N ASP A 1700 -24.84 -22.42 87.06
CA ASP A 1700 -26.17 -22.56 87.63
C ASP A 1700 -26.29 -21.83 88.96
N THR A 1701 -25.24 -21.84 89.78
CA THR A 1701 -25.34 -21.33 91.14
C THR A 1701 -25.00 -19.86 91.26
N TYR A 1702 -23.97 -19.38 90.55
CA TYR A 1702 -23.47 -18.03 90.75
C TYR A 1702 -23.36 -17.25 89.44
N GLY A 1703 -23.92 -17.77 88.35
CA GLY A 1703 -24.00 -17.02 87.12
C GLY A 1703 -22.68 -16.61 86.52
N PHE A 1704 -21.65 -17.43 86.70
CA PHE A 1704 -20.36 -17.16 86.09
C PHE A 1704 -19.67 -18.47 85.74
N SER A 1705 -18.88 -18.47 84.69
CA SER A 1705 -18.12 -19.66 84.30
C SER A 1705 -16.66 -19.58 84.74
N ILE A 1706 -16.22 -20.54 85.54
CA ILE A 1706 -14.82 -20.58 85.92
C ILE A 1706 -13.93 -20.83 84.71
N LEU A 1707 -14.40 -21.62 83.74
CA LEU A 1707 -13.63 -21.82 82.52
C LEU A 1707 -13.40 -20.50 81.81
N ASP A 1708 -14.39 -19.63 81.79
CA ASP A 1708 -14.23 -18.33 81.18
C ASP A 1708 -13.17 -17.48 81.88
N ILE A 1709 -13.17 -17.52 83.20
CA ILE A 1709 -12.19 -16.77 83.96
C ILE A 1709 -10.79 -17.30 83.69
N VAL A 1710 -10.64 -18.63 83.62
CA VAL A 1710 -9.32 -19.20 83.33
C VAL A 1710 -8.87 -18.84 81.92
N ILE A 1711 -9.78 -18.91 80.95
CA ILE A 1711 -9.38 -18.73 79.55
C ILE A 1711 -9.11 -17.27 79.24
N ASN A 1712 -10.00 -16.36 79.66
CA ASN A 1712 -9.95 -14.97 79.24
C ASN A 1712 -9.44 -14.01 80.30
N ASN A 1713 -9.52 -14.36 81.58
CA ASN A 1713 -9.04 -13.52 82.67
C ASN A 1713 -9.56 -12.08 82.54
N PRO A 1714 -10.86 -11.86 82.75
CA PRO A 1714 -11.40 -10.52 82.61
C PRO A 1714 -11.02 -9.64 83.79
N VAL A 1715 -10.90 -8.33 83.53
CA VAL A 1715 -10.62 -7.39 84.61
C VAL A 1715 -11.85 -7.24 85.50
N ASN A 1716 -13.03 -7.13 84.90
CA ASN A 1716 -14.28 -6.99 85.64
C ASN A 1716 -15.26 -8.04 85.17
N LEU A 1717 -16.15 -8.44 86.08
CA LEU A 1717 -17.18 -9.45 85.79
C LEU A 1717 -18.47 -9.06 86.47
N THR A 1718 -19.52 -8.85 85.70
CA THR A 1718 -20.81 -8.42 86.22
C THR A 1718 -21.78 -9.60 86.21
N ILE A 1719 -22.48 -9.77 87.33
CA ILE A 1719 -23.54 -10.77 87.45
C ILE A 1719 -24.87 -10.03 87.43
N HIS A 1720 -25.80 -10.51 86.60
CA HIS A 1720 -27.10 -9.87 86.41
C HIS A 1720 -28.18 -10.73 87.05
N PHE A 1721 -28.98 -10.13 87.92
CA PHE A 1721 -30.04 -10.83 88.64
C PHE A 1721 -31.41 -10.60 87.99
N GLY A 1722 -31.53 -10.76 86.68
CA GLY A 1722 -32.80 -10.55 85.98
C GLY A 1722 -33.50 -11.88 85.76
N GLY A 1723 -34.82 -11.84 85.86
CA GLY A 1723 -35.63 -13.03 85.65
C GLY A 1723 -35.60 -13.98 86.84
N GLU A 1724 -36.24 -15.13 86.66
CA GLU A 1724 -36.33 -16.10 87.75
C GLU A 1724 -34.97 -16.69 88.08
N LYS A 1725 -34.21 -17.07 87.05
CA LYS A 1725 -32.87 -17.59 87.27
C LYS A 1725 -31.98 -16.53 87.92
N GLY A 1726 -32.08 -15.29 87.46
CA GLY A 1726 -31.33 -14.21 88.08
C GLY A 1726 -31.69 -14.04 89.55
N LYS A 1727 -32.97 -14.15 89.88
CA LYS A 1727 -33.37 -14.03 91.28
C LYS A 1727 -32.85 -15.17 92.13
N ARG A 1728 -32.85 -16.40 91.59
CA ARG A 1728 -32.28 -17.51 92.34
C ARG A 1728 -30.77 -17.30 92.58
N ILE A 1729 -30.06 -16.84 91.56
CA ILE A 1729 -28.63 -16.58 91.72
C ILE A 1729 -28.40 -15.49 92.77
N ARG A 1730 -29.23 -14.45 92.73
CA ARG A 1730 -29.11 -13.38 93.72
C ARG A 1730 -29.34 -13.92 95.13
N GLU A 1731 -30.32 -14.79 95.30
CA GLU A 1731 -30.52 -15.40 96.61
C GLU A 1731 -29.29 -16.16 97.05
N ASN A 1732 -28.70 -16.94 96.15
CA ASN A 1732 -27.46 -17.64 96.48
C ASN A 1732 -26.41 -16.66 97.00
N TYR A 1733 -26.23 -15.54 96.29
CA TYR A 1733 -25.25 -14.56 96.74
C TYR A 1733 -25.59 -14.01 98.11
N SER A 1734 -26.88 -13.74 98.34
CA SER A 1734 -27.30 -13.12 99.59
C SER A 1734 -27.06 -14.04 100.78
N ALA A 1735 -27.25 -15.35 100.59
CA ALA A 1735 -27.22 -16.27 101.72
C ALA A 1735 -25.84 -16.31 102.39
N MET A 1736 -24.77 -16.36 101.59
CA MET A 1736 -23.46 -16.64 102.15
C MET A 1736 -23.01 -15.54 103.12
N ILE A 1737 -22.26 -15.95 104.14
CA ILE A 1737 -21.86 -15.07 105.24
C ILE A 1737 -20.43 -15.39 105.63
N PHE A 1738 -19.85 -14.52 106.46
CA PHE A 1738 -18.53 -14.73 107.04
C PHE A 1738 -18.68 -14.69 108.56
N GLU A 1739 -19.00 -15.84 109.15
CA GLU A 1739 -19.07 -15.94 110.60
C GLU A 1739 -17.67 -15.86 111.20
N THR A 1740 -17.57 -15.27 112.39
CA THR A 1740 -16.29 -15.13 113.07
C THR A 1740 -16.53 -15.13 114.57
N ILE A 1741 -15.45 -15.39 115.32
CA ILE A 1741 -15.51 -15.45 116.78
C ILE A 1741 -14.79 -14.23 117.34
N VAL A 1742 -15.50 -13.44 118.12
CA VAL A 1742 -14.94 -12.26 118.77
C VAL A 1742 -15.10 -12.44 120.28
N ASP A 1743 -13.97 -12.52 120.97
CA ASP A 1743 -13.97 -12.67 122.43
C ASP A 1743 -14.88 -13.81 122.87
N GLY A 1744 -14.81 -14.93 122.14
CA GLY A 1744 -15.67 -16.05 122.43
C GLY A 1744 -17.14 -15.81 122.14
N LYS A 1745 -17.46 -15.18 121.01
CA LYS A 1745 -18.84 -14.94 120.62
C LYS A 1745 -18.92 -14.89 119.09
N LEU A 1746 -19.99 -15.46 118.55
CA LEU A 1746 -20.20 -15.44 117.11
C LEU A 1746 -20.52 -14.03 116.62
N LYS A 1747 -20.00 -13.70 115.44
CA LYS A 1747 -20.23 -12.40 114.80
C LYS A 1747 -20.50 -12.68 113.32
N THR A 1748 -21.78 -12.86 112.99
CA THR A 1748 -22.19 -13.21 111.64
C THR A 1748 -22.22 -11.96 110.77
N GLU A 1749 -21.17 -11.76 109.98
CA GLU A 1749 -21.17 -10.74 108.96
C GLU A 1749 -21.89 -11.27 107.72
N LYS A 1750 -21.92 -10.49 106.64
CA LYS A 1750 -22.47 -10.93 105.36
C LYS A 1750 -21.51 -10.53 104.27
N ILE A 1751 -21.08 -11.53 103.48
CA ILE A 1751 -20.32 -11.22 102.27
C ILE A 1751 -21.29 -10.63 101.24
N PHE A 1752 -20.81 -9.72 100.42
CA PHE A 1752 -21.66 -8.99 99.49
C PHE A 1752 -22.73 -8.21 100.24
N LYS A 1753 -22.27 -7.23 101.02
CA LYS A 1753 -23.20 -6.31 101.66
C LYS A 1753 -23.89 -5.41 100.64
N GLU A 1754 -23.34 -5.31 99.43
CA GLU A 1754 -23.98 -4.50 98.40
C GLU A 1754 -25.19 -5.18 97.79
N ILE A 1755 -25.35 -6.49 97.98
CA ILE A 1755 -26.40 -7.26 97.33
C ILE A 1755 -27.58 -7.37 98.27
N ASN A 1756 -28.71 -6.77 97.89
CA ASN A 1756 -29.96 -6.87 98.60
C ASN A 1756 -31.05 -7.29 97.62
N GLU A 1757 -32.28 -7.39 98.13
CA GLU A 1757 -33.39 -7.86 97.31
C GLU A 1757 -33.84 -6.83 96.28
N HIS A 1758 -33.20 -5.66 96.24
CA HIS A 1758 -33.44 -4.67 95.20
C HIS A 1758 -32.27 -4.52 94.26
N SER A 1759 -31.27 -5.39 94.36
CA SER A 1759 -30.11 -5.33 93.49
C SER A 1759 -30.40 -6.02 92.18
N THR A 1760 -29.99 -5.39 91.08
CA THR A 1760 -30.18 -5.95 89.75
C THR A 1760 -28.89 -6.51 89.17
N SER A 1761 -27.74 -6.20 89.76
CA SER A 1761 -26.49 -6.78 89.30
C SER A 1761 -25.45 -6.65 90.41
N TYR A 1762 -24.29 -7.26 90.17
CA TYR A 1762 -23.14 -7.16 91.04
C TYR A 1762 -21.90 -7.33 90.19
N THR A 1763 -20.86 -6.55 90.48
CA THR A 1763 -19.64 -6.55 89.70
C THR A 1763 -18.48 -6.99 90.56
N PHE A 1764 -17.75 -7.99 90.09
CA PHE A 1764 -16.44 -8.33 90.65
C PHE A 1764 -15.40 -7.44 89.99
N ARG A 1765 -14.47 -6.94 90.79
CA ARG A 1765 -13.47 -5.99 90.31
C ARG A 1765 -12.08 -6.53 90.55
N SER A 1766 -11.13 -5.92 89.87
CA SER A 1766 -9.71 -6.27 90.00
C SER A 1766 -8.92 -5.20 89.26
N GLU A 1767 -7.60 -5.37 89.22
CA GLU A 1767 -6.72 -4.42 88.57
C GLU A 1767 -6.27 -4.88 87.19
N LYS A 1768 -5.80 -6.12 87.07
CA LYS A 1768 -5.27 -6.64 85.82
C LYS A 1768 -5.91 -7.95 85.39
N GLY A 1769 -6.88 -8.46 86.15
CA GLY A 1769 -7.52 -9.72 85.82
C GLY A 1769 -8.02 -10.43 87.07
N LEU A 1770 -9.22 -10.99 87.00
CA LEU A 1770 -9.84 -11.61 88.18
C LEU A 1770 -9.27 -12.98 88.48
N LEU A 1771 -8.53 -13.59 87.56
CA LEU A 1771 -7.87 -14.85 87.87
C LEU A 1771 -6.91 -14.71 89.05
N SER A 1772 -6.43 -13.50 89.31
CA SER A 1772 -5.58 -13.25 90.48
C SER A 1772 -6.37 -13.16 91.77
N ALA A 1773 -7.65 -12.84 91.69
CA ALA A 1773 -8.48 -12.74 92.89
C ALA A 1773 -8.54 -14.07 93.59
N THR A 1774 -8.66 -14.07 94.91
CA THR A 1774 -8.61 -15.30 95.68
C THR A 1774 -9.77 -16.23 95.32
N GLN A 1775 -10.99 -15.69 95.36
CA GLN A 1775 -12.17 -16.54 95.21
C GLN A 1775 -12.21 -17.25 93.87
N PHE A 1776 -11.55 -16.70 92.85
CA PHE A 1776 -11.47 -17.34 91.55
C PHE A 1776 -10.19 -18.11 91.34
N THR A 1777 -9.10 -17.70 92.00
CA THR A 1777 -7.84 -18.41 91.82
C THR A 1777 -7.85 -19.75 92.54
N GLN A 1778 -8.42 -19.80 93.74
CA GLN A 1778 -8.44 -21.05 94.49
C GLN A 1778 -9.22 -22.16 93.78
N PRO A 1779 -10.49 -21.96 93.40
CA PRO A 1779 -11.19 -23.03 92.67
C PRO A 1779 -10.53 -23.39 91.35
N ALA A 1780 -9.96 -22.42 90.65
CA ALA A 1780 -9.34 -22.71 89.37
C ALA A 1780 -8.12 -23.61 89.53
N LEU A 1781 -7.29 -23.33 90.55
CA LEU A 1781 -6.13 -24.16 90.80
C LEU A 1781 -6.56 -25.54 91.25
N THR A 1782 -7.54 -25.60 92.14
CA THR A 1782 -8.06 -26.90 92.58
C THR A 1782 -8.53 -27.73 91.39
N LEU A 1783 -9.26 -27.11 90.45
CA LEU A 1783 -9.75 -27.83 89.29
C LEU A 1783 -8.61 -28.24 88.37
N MET A 1784 -7.62 -27.38 88.17
CA MET A 1784 -6.50 -27.75 87.31
C MET A 1784 -5.82 -29.00 87.85
N GLU A 1785 -5.56 -29.02 89.16
CA GLU A 1785 -4.86 -30.16 89.74
C GLU A 1785 -5.73 -31.41 89.73
N LYS A 1786 -7.01 -31.27 90.07
CA LYS A 1786 -7.91 -32.42 90.06
C LYS A 1786 -8.05 -33.00 88.66
N ALA A 1787 -8.14 -32.14 87.66
CA ALA A 1787 -8.26 -32.60 86.29
C ALA A 1787 -7.00 -33.34 85.86
N ALA A 1788 -5.83 -32.81 86.19
CA ALA A 1788 -4.59 -33.48 85.85
C ALA A 1788 -4.52 -34.86 86.51
N PHE A 1789 -4.89 -34.94 87.78
CA PHE A 1789 -4.82 -36.22 88.46
C PHE A 1789 -5.85 -37.20 87.90
N GLU A 1790 -7.04 -36.72 87.53
CA GLU A 1790 -8.03 -37.61 86.94
C GLU A 1790 -7.54 -38.15 85.61
N ASP A 1791 -6.88 -37.31 84.81
CA ASP A 1791 -6.28 -37.83 83.58
C ASP A 1791 -5.23 -38.89 83.88
N LEU A 1792 -4.38 -38.65 84.88
CA LEU A 1792 -3.39 -39.66 85.24
C LEU A 1792 -4.07 -40.97 85.66
N LYS A 1793 -5.14 -40.86 86.45
CA LYS A 1793 -5.85 -42.05 86.91
C LYS A 1793 -6.48 -42.80 85.74
N SER A 1794 -7.01 -42.06 84.76
CA SER A 1794 -7.66 -42.68 83.63
C SER A 1794 -6.69 -43.44 82.74
N LYS A 1795 -5.39 -43.26 82.94
CA LYS A 1795 -4.38 -43.98 82.18
C LYS A 1795 -3.72 -45.08 83.00
N GLY A 1796 -4.21 -45.36 84.20
CA GLY A 1796 -3.66 -46.42 85.03
C GLY A 1796 -2.35 -46.10 85.69
N LEU A 1797 -2.00 -44.82 85.86
CA LEU A 1797 -0.67 -44.42 86.27
C LEU A 1797 -0.54 -44.16 87.76
N ILE A 1798 -1.55 -44.43 88.57
CA ILE A 1798 -1.55 -44.05 89.98
C ILE A 1798 -1.26 -45.30 90.81
N PRO A 1799 -0.09 -45.42 91.44
CA PRO A 1799 0.15 -46.55 92.33
C PRO A 1799 -0.85 -46.57 93.48
N ALA A 1800 -1.24 -47.78 93.89
CA ALA A 1800 -2.24 -47.92 94.94
C ALA A 1800 -1.70 -47.52 96.30
N ASP A 1801 -0.39 -47.58 96.50
CA ASP A 1801 0.23 -47.23 97.78
C ASP A 1801 0.86 -45.85 97.76
N ALA A 1802 0.58 -45.03 96.75
CA ALA A 1802 1.20 -43.73 96.64
C ALA A 1802 0.80 -42.85 97.81
N THR A 1803 1.79 -42.38 98.55
CA THR A 1803 1.58 -41.37 99.58
C THR A 1803 1.48 -39.99 98.93
N PHE A 1804 0.88 -39.05 99.65
CA PHE A 1804 0.60 -37.75 99.05
C PHE A 1804 0.55 -36.66 100.10
N ALA A 1805 0.75 -35.43 99.64
CA ALA A 1805 0.68 -34.25 100.48
C ALA A 1805 0.45 -33.04 99.57
N GLY A 1806 -0.03 -31.95 100.16
CA GLY A 1806 -0.27 -30.74 99.41
C GLY A 1806 0.25 -29.52 100.13
N HIS A 1807 0.85 -28.60 99.39
CA HIS A 1807 1.40 -27.39 99.97
C HIS A 1807 0.35 -26.28 100.00
N SER A 1808 -0.14 -25.98 101.20
CA SER A 1808 -1.22 -24.99 101.34
C SER A 1808 -2.53 -25.42 100.65
N LEU A 1809 -2.96 -24.72 99.59
CA LEU A 1809 -4.18 -25.08 98.88
C LEU A 1809 -4.09 -26.49 98.30
N GLY A 1810 -2.89 -26.90 97.93
CA GLY A 1810 -2.71 -28.21 97.32
C GLY A 1810 -3.23 -29.33 98.20
N GLU A 1811 -3.18 -29.14 99.51
CA GLU A 1811 -3.62 -30.20 100.41
C GLU A 1811 -5.07 -30.50 100.18
N TYR A 1812 -5.87 -29.45 100.04
CA TYR A 1812 -7.30 -29.62 99.82
C TYR A 1812 -7.54 -30.35 98.51
N ALA A 1813 -6.80 -29.97 97.48
CA ALA A 1813 -6.93 -30.60 96.17
C ALA A 1813 -6.47 -32.04 96.21
N ALA A 1814 -5.40 -32.33 96.94
CA ALA A 1814 -4.87 -33.68 97.03
C ALA A 1814 -5.88 -34.63 97.65
N LEU A 1815 -6.57 -34.18 98.69
CA LEU A 1815 -7.58 -35.02 99.31
C LEU A 1815 -8.72 -35.33 98.32
N ALA A 1816 -9.15 -34.35 97.54
CA ALA A 1816 -10.20 -34.61 96.55
C ALA A 1816 -9.70 -35.56 95.47
N SER A 1817 -8.41 -35.53 95.15
CA SER A 1817 -7.91 -36.32 94.03
C SER A 1817 -7.64 -37.76 94.43
N LEU A 1818 -6.99 -37.98 95.57
CA LEU A 1818 -6.62 -39.33 95.98
C LEU A 1818 -7.58 -39.92 97.00
N ALA A 1819 -8.21 -39.11 97.83
CA ALA A 1819 -9.14 -39.62 98.83
C ALA A 1819 -10.59 -39.54 98.38
N ASP A 1820 -10.90 -38.70 97.40
CA ASP A 1820 -12.27 -38.55 96.90
C ASP A 1820 -13.25 -38.37 98.05
N VAL A 1821 -12.97 -37.39 98.90
CA VAL A 1821 -13.83 -37.13 100.05
C VAL A 1821 -15.05 -36.30 99.69
N MET A 1822 -15.01 -35.60 98.57
CA MET A 1822 -16.12 -34.76 98.16
C MET A 1822 -16.20 -34.73 96.64
N SER A 1823 -17.43 -34.60 96.14
CA SER A 1823 -17.64 -34.53 94.70
C SER A 1823 -17.08 -33.23 94.14
N ILE A 1824 -17.03 -33.15 92.81
CA ILE A 1824 -16.49 -31.98 92.14
C ILE A 1824 -17.30 -30.74 92.50
N GLU A 1825 -18.63 -30.85 92.50
CA GLU A 1825 -19.46 -29.69 92.78
C GLU A 1825 -19.25 -29.19 94.21
N SER A 1826 -19.15 -30.11 95.17
CA SER A 1826 -18.89 -29.70 96.55
C SER A 1826 -17.49 -29.10 96.68
N LEU A 1827 -16.51 -29.67 95.97
CA LEU A 1827 -15.14 -29.19 96.08
C LEU A 1827 -15.02 -27.73 95.66
N VAL A 1828 -15.52 -27.41 94.47
CA VAL A 1828 -15.40 -26.04 93.98
C VAL A 1828 -16.29 -25.10 94.79
N GLU A 1829 -17.39 -25.62 95.32
CA GLU A 1829 -18.28 -24.79 96.14
C GLU A 1829 -17.58 -24.33 97.42
N VAL A 1830 -16.95 -25.26 98.13
CA VAL A 1830 -16.31 -24.90 99.39
C VAL A 1830 -15.11 -24.00 99.13
N VAL A 1831 -14.34 -24.28 98.08
CA VAL A 1831 -13.17 -23.46 97.79
C VAL A 1831 -13.59 -22.06 97.40
N PHE A 1832 -14.71 -21.91 96.69
CA PHE A 1832 -15.20 -20.57 96.37
C PHE A 1832 -15.67 -19.85 97.62
N TYR A 1833 -16.36 -20.55 98.52
CA TYR A 1833 -16.79 -19.93 99.76
C TYR A 1833 -15.59 -19.47 100.58
N ARG A 1834 -14.58 -20.32 100.69
CA ARG A 1834 -13.39 -19.96 101.46
C ARG A 1834 -12.65 -18.79 100.81
N GLY A 1835 -12.54 -18.80 99.48
CA GLY A 1835 -11.87 -17.72 98.81
C GLY A 1835 -12.56 -16.39 99.01
N MET A 1836 -13.89 -16.38 98.96
CA MET A 1836 -14.62 -15.14 99.22
C MET A 1836 -14.44 -14.70 100.66
N THR A 1837 -14.44 -15.65 101.60
CA THR A 1837 -14.20 -15.31 102.99
C THR A 1837 -12.88 -14.57 103.16
N MET A 1838 -11.83 -15.03 102.48
CA MET A 1838 -10.53 -14.38 102.61
C MET A 1838 -10.58 -12.95 102.11
N GLN A 1839 -11.26 -12.71 101.01
CA GLN A 1839 -11.40 -11.35 100.52
C GLN A 1839 -11.92 -10.44 101.61
N VAL A 1840 -12.92 -10.88 102.37
CA VAL A 1840 -13.54 -10.05 103.40
C VAL A 1840 -12.86 -10.20 104.75
N ALA A 1841 -11.82 -11.04 104.86
CA ALA A 1841 -11.09 -11.14 106.12
C ALA A 1841 -10.18 -9.95 106.34
N VAL A 1842 -9.68 -9.35 105.26
CA VAL A 1842 -8.78 -8.20 105.34
C VAL A 1842 -9.51 -6.99 104.75
N PRO A 1843 -9.37 -5.80 105.33
CA PRO A 1843 -9.95 -4.62 104.68
C PRO A 1843 -9.32 -4.40 103.32
N ARG A 1844 -10.14 -3.99 102.37
CA ARG A 1844 -9.67 -3.79 101.02
C ARG A 1844 -10.10 -2.46 100.43
N ASP A 1845 -9.90 -2.30 99.14
CA ASP A 1845 -10.26 -1.07 98.43
C ASP A 1845 -10.83 -1.47 97.07
N GLU A 1846 -11.02 -0.49 96.20
CA GLU A 1846 -11.39 -0.79 94.83
C GLU A 1846 -10.26 -1.53 94.15
N LEU A 1847 -10.63 -2.43 93.23
CA LEU A 1847 -9.74 -3.32 92.51
C LEU A 1847 -9.30 -4.50 93.38
N GLY A 1848 -9.89 -4.66 94.56
CA GLY A 1848 -9.57 -5.82 95.38
C GLY A 1848 -8.14 -5.91 95.87
N ARG A 1849 -7.73 -5.01 96.76
CA ARG A 1849 -6.38 -5.02 97.32
C ARG A 1849 -6.46 -5.17 98.85
N SER A 1850 -5.32 -5.08 99.51
CA SER A 1850 -5.27 -5.29 100.96
C SER A 1850 -4.06 -4.58 101.53
N ASN A 1851 -4.04 -4.47 102.87
CA ASN A 1851 -2.93 -3.89 103.60
C ASN A 1851 -1.87 -4.92 103.98
N TYR A 1852 -2.23 -6.21 103.96
CA TYR A 1852 -1.31 -7.26 104.36
C TYR A 1852 -0.55 -7.78 103.14
N GLY A 1853 0.45 -8.62 103.39
CA GLY A 1853 1.24 -9.20 102.31
C GLY A 1853 2.12 -10.33 102.81
N MET A 1854 2.87 -10.90 101.87
CA MET A 1854 3.76 -12.01 102.17
C MET A 1854 5.06 -11.86 101.37
N ILE A 1855 6.16 -12.32 101.95
CA ILE A 1855 7.46 -12.31 101.28
C ILE A 1855 8.17 -13.62 101.56
N ALA A 1856 8.96 -14.07 100.60
CA ALA A 1856 9.83 -15.23 100.78
C ALA A 1856 11.18 -14.77 101.30
N ILE A 1857 11.73 -15.51 102.27
CA ILE A 1857 12.96 -15.14 102.93
C ILE A 1857 13.96 -16.27 102.77
N ASN A 1858 15.17 -15.93 102.33
CA ASN A 1858 16.28 -16.87 102.21
C ASN A 1858 17.29 -16.58 103.31
N PRO A 1859 17.21 -17.24 104.47
CA PRO A 1859 18.14 -16.89 105.56
C PRO A 1859 19.59 -17.10 105.20
N GLY A 1860 19.88 -17.94 104.21
CA GLY A 1860 21.25 -18.13 103.77
C GLY A 1860 21.79 -17.02 102.91
N ARG A 1861 21.01 -15.96 102.68
CA ARG A 1861 21.43 -14.86 101.84
C ARG A 1861 21.80 -13.62 102.64
N VAL A 1862 21.24 -13.46 103.83
CA VAL A 1862 21.64 -12.35 104.68
C VAL A 1862 23.03 -12.57 105.23
N ALA A 1863 23.34 -13.80 105.62
CA ALA A 1863 24.66 -14.20 106.06
C ALA A 1863 24.74 -15.71 105.95
N ALA A 1864 25.95 -16.22 105.67
CA ALA A 1864 26.11 -17.66 105.55
C ALA A 1864 25.93 -18.39 106.87
N SER A 1865 25.87 -17.67 107.99
CA SER A 1865 25.73 -18.27 109.31
C SER A 1865 24.44 -17.89 110.01
N PHE A 1866 23.40 -17.52 109.26
CA PHE A 1866 22.13 -17.06 109.83
C PHE A 1866 21.17 -18.25 109.88
N SER A 1867 21.07 -18.87 111.04
CA SER A 1867 20.23 -20.05 111.20
C SER A 1867 18.75 -19.68 111.19
N GLN A 1868 17.92 -20.68 110.90
CA GLN A 1868 16.47 -20.48 110.96
C GLN A 1868 16.06 -19.97 112.33
N GLU A 1869 16.53 -20.64 113.39
CA GLU A 1869 16.16 -20.23 114.74
C GLU A 1869 16.57 -18.79 115.01
N ALA A 1870 17.58 -18.29 114.30
CA ALA A 1870 17.91 -16.88 114.40
C ALA A 1870 16.85 -16.01 113.74
N LEU A 1871 16.42 -16.37 112.54
CA LEU A 1871 15.37 -15.60 111.88
C LEU A 1871 14.07 -15.67 112.67
N GLN A 1872 13.69 -16.89 113.08
CA GLN A 1872 12.49 -17.04 113.91
C GLN A 1872 12.61 -16.22 115.19
N TYR A 1873 13.83 -15.96 115.64
CA TYR A 1873 14.04 -15.08 116.78
C TYR A 1873 13.87 -13.62 116.39
N VAL A 1874 14.43 -13.21 115.26
CA VAL A 1874 14.37 -11.81 114.84
C VAL A 1874 12.93 -11.42 114.52
N VAL A 1875 12.25 -12.22 113.71
CA VAL A 1875 10.86 -11.90 113.36
C VAL A 1875 9.99 -11.88 114.61
N GLU A 1876 10.19 -12.84 115.50
CA GLU A 1876 9.40 -12.89 116.71
C GLU A 1876 9.59 -11.63 117.54
N ARG A 1877 10.84 -11.17 117.69
CA ARG A 1877 11.10 -9.95 118.44
C ARG A 1877 10.62 -8.72 117.68
N VAL A 1878 10.80 -8.70 116.36
CA VAL A 1878 10.42 -7.52 115.58
C VAL A 1878 8.95 -7.22 115.76
N GLY A 1879 8.11 -8.25 115.68
CA GLY A 1879 6.70 -8.06 115.98
C GLY A 1879 6.48 -7.64 117.42
N LYS A 1880 7.12 -8.35 118.35
CA LYS A 1880 6.98 -8.00 119.76
C LYS A 1880 7.55 -6.62 120.05
N ARG A 1881 8.74 -6.33 119.52
CA ARG A 1881 9.37 -5.03 119.70
C ARG A 1881 8.69 -3.94 118.87
N THR A 1882 7.59 -4.26 118.19
CA THR A 1882 6.85 -3.26 117.43
C THR A 1882 5.34 -3.36 117.59
N GLY A 1883 4.81 -4.44 118.16
CA GLY A 1883 3.40 -4.52 118.47
C GLY A 1883 2.48 -4.77 117.31
N TRP A 1884 3.01 -5.09 116.13
CA TRP A 1884 2.19 -5.39 114.98
C TRP A 1884 2.16 -6.89 114.76
N LEU A 1885 1.57 -7.33 113.66
CA LEU A 1885 1.42 -8.74 113.34
C LEU A 1885 2.39 -9.11 112.23
N VAL A 1886 3.25 -10.09 112.51
CA VAL A 1886 4.19 -10.63 111.54
C VAL A 1886 4.74 -11.93 112.10
N GLU A 1887 4.89 -12.94 111.26
CA GLU A 1887 5.39 -14.23 111.70
C GLU A 1887 5.87 -15.03 110.49
N ILE A 1888 6.19 -16.29 110.71
CA ILE A 1888 6.65 -17.21 109.66
C ILE A 1888 5.52 -18.18 109.40
N VAL A 1889 5.16 -18.34 108.13
CA VAL A 1889 3.99 -19.11 107.75
C VAL A 1889 4.36 -20.39 107.01
N ASN A 1890 5.41 -20.37 106.20
CA ASN A 1890 5.79 -21.54 105.41
C ASN A 1890 7.28 -21.81 105.59
N TYR A 1891 7.60 -22.93 106.22
CA TYR A 1891 8.97 -23.45 106.24
C TYR A 1891 9.10 -24.34 105.02
N ASN A 1892 9.76 -23.84 103.98
CA ASN A 1892 9.80 -24.52 102.69
C ASN A 1892 11.09 -25.32 102.48
N VAL A 1893 12.25 -24.66 102.55
CA VAL A 1893 13.54 -25.31 102.38
C VAL A 1893 14.44 -24.94 103.55
N GLU A 1894 15.12 -25.94 104.12
CA GLU A 1894 15.94 -25.72 105.30
C GLU A 1894 16.90 -24.56 105.10
N ASN A 1895 16.83 -23.58 106.01
CA ASN A 1895 17.72 -22.42 106.00
C ASN A 1895 17.83 -21.78 104.62
N GLN A 1896 16.82 -21.96 103.78
CA GLN A 1896 16.91 -21.41 102.42
C GLN A 1896 15.61 -20.76 101.96
N GLN A 1897 14.48 -21.14 102.55
CA GLN A 1897 13.19 -20.64 102.08
C GLN A 1897 12.23 -20.62 103.26
N TYR A 1898 11.95 -19.42 103.77
CA TYR A 1898 10.90 -19.22 104.75
C TYR A 1898 10.05 -18.04 104.27
N VAL A 1899 8.73 -18.16 104.46
CA VAL A 1899 7.79 -17.13 104.04
C VAL A 1899 7.20 -16.50 105.29
N ALA A 1900 7.19 -15.17 105.32
CA ALA A 1900 6.58 -14.43 106.41
C ALA A 1900 5.34 -13.71 105.90
N ALA A 1901 4.30 -13.65 106.72
CA ALA A 1901 3.05 -13.00 106.40
C ALA A 1901 2.74 -11.94 107.45
N GLY A 1902 2.16 -10.84 107.01
CA GLY A 1902 1.77 -9.80 107.94
C GLY A 1902 1.57 -8.48 107.22
N ASP A 1903 1.65 -7.41 108.00
CA ASP A 1903 1.43 -6.06 107.48
C ASP A 1903 2.45 -5.75 106.39
N LEU A 1904 1.96 -5.25 105.25
CA LEU A 1904 2.84 -4.93 104.15
C LEU A 1904 3.88 -3.89 104.54
N ARG A 1905 3.52 -3.01 105.49
CA ARG A 1905 4.53 -2.11 106.06
C ARG A 1905 5.50 -2.88 106.94
N ALA A 1906 4.98 -3.70 107.84
CA ALA A 1906 5.84 -4.43 108.76
C ALA A 1906 6.79 -5.35 108.01
N LEU A 1907 6.28 -6.05 106.99
CA LEU A 1907 7.15 -6.87 106.17
C LEU A 1907 8.21 -6.00 105.48
N ASP A 1908 7.87 -4.76 105.13
CA ASP A 1908 8.85 -3.89 104.49
C ASP A 1908 9.99 -3.55 105.44
N THR A 1909 9.70 -3.42 106.74
CA THR A 1909 10.78 -3.23 107.70
C THR A 1909 11.61 -4.49 107.83
N VAL A 1910 10.95 -5.66 107.86
CA VAL A 1910 11.65 -6.92 108.05
C VAL A 1910 12.75 -7.07 107.01
N THR A 1911 12.43 -6.80 105.75
CA THR A 1911 13.45 -6.86 104.71
C THR A 1911 14.56 -5.85 104.97
N ASN A 1912 14.19 -4.63 105.37
CA ASN A 1912 15.18 -3.60 105.63
C ASN A 1912 16.13 -4.03 106.75
N VAL A 1913 15.56 -4.54 107.84
CA VAL A 1913 16.38 -4.97 108.97
C VAL A 1913 17.35 -6.06 108.53
N LEU A 1914 16.83 -7.11 107.89
CA LEU A 1914 17.71 -8.16 107.39
C LEU A 1914 18.70 -7.60 106.37
N ASN A 1915 18.29 -6.57 105.63
CA ASN A 1915 19.23 -5.90 104.74
C ASN A 1915 20.29 -5.16 105.53
N PHE A 1916 19.95 -4.68 106.73
CA PHE A 1916 20.95 -4.08 107.59
C PHE A 1916 21.80 -5.15 108.29
N ILE A 1917 21.18 -6.28 108.64
CA ILE A 1917 21.96 -7.39 109.19
C ILE A 1917 22.97 -7.89 108.17
N LYS A 1918 22.54 -8.03 106.92
CA LYS A 1918 23.44 -8.49 105.87
C LYS A 1918 24.51 -7.47 105.55
N LEU A 1919 24.34 -6.23 106.00
CA LEU A 1919 25.35 -5.20 105.78
C LEU A 1919 26.47 -5.26 106.82
N GLN A 1920 26.29 -6.03 107.88
CA GLN A 1920 27.30 -6.20 108.92
C GLN A 1920 27.47 -7.69 109.22
N LYS A 1921 28.19 -7.99 110.29
CA LYS A 1921 28.42 -9.37 110.70
C LYS A 1921 27.30 -9.84 111.62
N ARG A 1962 12.04 -6.48 94.63
CA ARG A 1962 12.81 -7.59 95.18
C ARG A 1962 13.59 -7.15 96.42
N GLY A 1963 14.63 -7.90 96.75
CA GLY A 1963 15.46 -7.59 97.90
C GLY A 1963 16.67 -8.50 97.94
N PHE A 1964 17.58 -8.19 98.86
CA PHE A 1964 18.78 -8.98 99.00
C PHE A 1964 18.44 -10.40 99.43
N ALA A 1965 17.57 -10.55 100.44
CA ALA A 1965 17.15 -11.86 100.92
C ALA A 1965 15.63 -11.97 101.04
N CYS A 1966 14.88 -11.01 100.50
CA CYS A 1966 13.42 -11.00 100.63
C CYS A 1966 12.79 -10.68 99.27
N ILE A 1967 12.31 -11.70 98.58
CA ILE A 1967 11.61 -11.51 97.32
C ILE A 1967 10.11 -11.50 97.62
N PRO A 1968 9.32 -10.65 96.96
CA PRO A 1968 7.87 -10.61 97.27
C PRO A 1968 7.07 -11.64 96.49
N LEU A 1969 6.31 -12.46 97.20
CA LEU A 1969 5.51 -13.51 96.58
C LEU A 1969 4.26 -12.89 95.98
N VAL A 1970 4.24 -12.74 94.65
CA VAL A 1970 3.06 -12.20 93.99
C VAL A 1970 1.91 -13.19 94.08
N GLY A 1971 0.69 -12.67 93.96
CA GLY A 1971 -0.51 -13.47 93.96
C GLY A 1971 -1.14 -13.71 95.30
N ILE A 1972 -0.54 -13.24 96.39
CA ILE A 1972 -1.09 -13.39 97.74
C ILE A 1972 -1.44 -12.02 98.28
N SER A 1973 -2.61 -11.91 98.91
CA SER A 1973 -3.07 -10.65 99.47
C SER A 1973 -3.71 -10.82 100.84
N VAL A 1974 -3.44 -11.93 101.53
CA VAL A 1974 -3.98 -12.17 102.87
C VAL A 1974 -2.93 -12.88 103.70
N PRO A 1975 -2.90 -12.61 105.02
CA PRO A 1975 -1.89 -13.31 105.86
C PRO A 1975 -2.27 -14.76 106.18
N PHE A 1976 -2.17 -15.60 105.16
CA PHE A 1976 -2.49 -17.01 105.32
C PHE A 1976 -1.56 -17.67 106.34
N HIS A 1977 -2.11 -18.67 107.05
CA HIS A 1977 -1.32 -19.48 107.98
C HIS A 1977 -0.79 -18.63 109.14
N SER A 1978 -1.45 -17.51 109.43
CA SER A 1978 -1.02 -16.59 110.47
C SER A 1978 -2.01 -16.62 111.62
N THR A 1979 -1.55 -16.20 112.79
CA THR A 1979 -2.43 -16.08 113.95
C THR A 1979 -3.50 -15.03 113.76
N TYR A 1980 -3.36 -14.18 112.73
CA TYR A 1980 -4.41 -13.22 112.39
C TYR A 1980 -5.73 -13.91 112.10
N LEU A 1981 -5.70 -15.06 111.42
CA LEU A 1981 -6.90 -15.74 110.96
C LEU A 1981 -7.41 -16.77 111.96
N MET A 1982 -6.98 -16.71 113.22
CA MET A 1982 -7.34 -17.75 114.17
C MET A 1982 -8.83 -17.76 114.45
N ASN A 1983 -9.50 -16.61 114.37
CA ASN A 1983 -10.93 -16.59 114.61
C ASN A 1983 -11.69 -17.46 113.62
N GLY A 1984 -11.36 -17.36 112.33
CA GLY A 1984 -12.09 -18.11 111.33
C GLY A 1984 -12.04 -19.60 111.56
N VAL A 1985 -10.98 -20.08 112.21
CA VAL A 1985 -10.79 -21.52 112.42
C VAL A 1985 -12.03 -22.13 113.05
N LYS A 1986 -12.75 -21.36 113.85
CA LYS A 1986 -13.94 -21.88 114.51
C LYS A 1986 -15.07 -22.02 113.49
N PRO A 1987 -15.49 -20.94 112.83
CA PRO A 1987 -16.49 -21.10 111.75
C PRO A 1987 -16.04 -22.02 110.64
N PHE A 1988 -14.76 -21.99 110.25
CA PHE A 1988 -14.30 -22.83 109.16
C PHE A 1988 -14.52 -24.30 109.50
N LYS A 1989 -14.21 -24.68 110.74
CA LYS A 1989 -14.39 -26.06 111.17
C LYS A 1989 -15.86 -26.48 111.03
N SER A 1990 -16.78 -25.60 111.42
CA SER A 1990 -18.20 -25.88 111.29
C SER A 1990 -18.60 -26.04 109.83
N PHE A 1991 -18.07 -25.17 108.97
CA PHE A 1991 -18.42 -25.23 107.55
C PHE A 1991 -17.90 -26.50 106.89
N LEU A 1992 -16.69 -26.93 107.25
CA LEU A 1992 -16.16 -28.17 106.70
C LEU A 1992 -16.87 -29.39 107.27
N LYS A 1993 -17.07 -29.41 108.59
CA LYS A 1993 -17.78 -30.53 109.21
C LYS A 1993 -19.15 -30.70 108.57
N LYS A 1994 -19.73 -29.62 108.07
CA LYS A 1994 -20.96 -29.71 107.30
C LYS A 1994 -20.71 -30.38 105.95
N ASN A 1995 -19.79 -29.82 105.16
CA ASN A 1995 -19.67 -30.22 103.76
C ASN A 1995 -18.95 -31.56 103.61
N ILE A 1996 -18.02 -31.88 104.52
CA ILE A 1996 -17.33 -33.15 104.42
C ILE A 1996 -18.25 -34.25 104.92
N ILE A 1997 -18.72 -35.08 104.00
CA ILE A 1997 -19.67 -36.14 104.33
C ILE A 1997 -18.96 -37.19 105.17
N LYS A 1998 -19.67 -37.71 106.18
CA LYS A 1998 -19.12 -38.75 107.03
C LYS A 1998 -18.77 -40.00 106.24
N GLU A 1999 -19.64 -40.40 105.33
CA GLU A 1999 -19.51 -41.67 104.63
C GLU A 1999 -18.56 -41.61 103.45
N ASN A 2000 -18.06 -40.42 103.11
CA ASN A 2000 -17.18 -40.27 101.96
C ASN A 2000 -15.70 -40.31 102.34
N VAL A 2001 -15.39 -40.53 103.62
CA VAL A 2001 -14.01 -40.57 104.08
C VAL A 2001 -13.64 -42.03 104.30
N LYS A 2002 -12.68 -42.52 103.52
CA LYS A 2002 -12.20 -43.89 103.63
C LYS A 2002 -10.82 -43.86 104.27
N VAL A 2003 -10.70 -44.43 105.47
CA VAL A 2003 -9.43 -44.41 106.17
C VAL A 2003 -8.35 -45.09 105.34
N ALA A 2004 -8.70 -46.20 104.69
CA ALA A 2004 -7.71 -46.93 103.90
C ALA A 2004 -7.09 -46.04 102.84
N ARG A 2005 -7.82 -45.02 102.39
CA ARG A 2005 -7.27 -44.09 101.40
C ARG A 2005 -6.37 -43.04 102.04
N LEU A 2006 -6.43 -42.86 103.36
CA LEU A 2006 -5.68 -41.83 104.06
C LEU A 2006 -4.60 -42.37 104.99
N ALA A 2007 -4.84 -43.51 105.65
CA ALA A 2007 -3.95 -43.97 106.70
C ALA A 2007 -2.56 -44.27 106.14
N GLY A 2008 -1.56 -43.58 106.69
CA GLY A 2008 -0.18 -43.80 106.28
C GLY A 2008 0.18 -43.20 104.95
N LYS A 2009 -0.76 -42.58 104.24
CA LYS A 2009 -0.51 -41.97 102.95
C LYS A 2009 -0.59 -40.46 102.98
N TYR A 2010 -1.57 -39.92 103.70
CA TYR A 2010 -1.77 -38.48 103.72
C TYR A 2010 -0.92 -37.82 104.78
N ILE A 2011 -0.10 -36.85 104.40
CA ILE A 2011 0.67 -36.11 105.40
C ILE A 2011 0.14 -34.67 105.48
N PRO A 2012 -0.54 -34.35 106.59
CA PRO A 2012 -1.12 -33.00 106.67
C PRO A 2012 -0.06 -31.93 106.92
N ASN A 2013 -0.36 -30.68 106.58
CA ASN A 2013 0.57 -29.58 106.85
C ASN A 2013 0.53 -29.20 108.33
N LEU A 2014 -0.59 -29.45 108.99
CA LEU A 2014 -0.73 -29.10 110.40
C LEU A 2014 0.23 -29.93 111.25
N THR A 2015 0.26 -31.24 111.03
CA THR A 2015 1.27 -32.13 111.60
C THR A 2015 1.93 -32.86 110.44
N ALA A 2016 3.24 -32.66 110.29
CA ALA A 2016 3.98 -33.34 109.21
C ALA A 2016 4.22 -34.79 109.61
N LYS A 2017 3.12 -35.54 109.69
CA LYS A 2017 3.16 -36.94 110.06
C LYS A 2017 2.03 -37.65 109.30
N PRO A 2018 2.29 -38.83 108.75
CA PRO A 2018 1.24 -39.52 108.00
C PRO A 2018 -0.01 -39.74 108.85
N PHE A 2019 -1.16 -39.56 108.22
CA PHE A 2019 -2.44 -39.62 108.92
C PHE A 2019 -2.62 -40.98 109.58
N GLN A 2020 -3.07 -40.97 110.84
CA GLN A 2020 -3.34 -42.18 111.58
C GLN A 2020 -4.46 -41.90 112.59
N VAL A 2021 -5.36 -42.85 112.74
CA VAL A 2021 -6.44 -42.71 113.75
C VAL A 2021 -5.92 -43.41 115.00
N THR A 2022 -5.11 -42.67 115.78
CA THR A 2022 -4.54 -43.19 117.00
C THR A 2022 -4.43 -42.07 118.03
N LYS A 2023 -4.48 -42.46 119.30
CA LYS A 2023 -4.41 -41.47 120.38
C LYS A 2023 -3.15 -40.62 120.28
N GLU A 2024 -2.06 -41.20 119.78
CA GLU A 2024 -0.83 -40.44 119.67
C GLU A 2024 -0.97 -39.33 118.63
N TYR A 2025 -1.69 -39.62 117.54
CA TYR A 2025 -1.91 -38.60 116.53
C TYR A 2025 -2.80 -37.48 117.06
N PHE A 2026 -3.92 -37.85 117.69
CA PHE A 2026 -4.79 -36.84 118.29
C PHE A 2026 -4.08 -36.09 119.40
N GLN A 2027 -3.19 -36.76 120.14
CA GLN A 2027 -2.43 -36.07 121.17
C GLN A 2027 -1.55 -35.00 120.56
N ASP A 2028 -0.85 -35.33 119.48
CA ASP A 2028 -0.02 -34.34 118.79
C ASP A 2028 -0.87 -33.19 118.27
N VAL A 2029 -2.05 -33.51 117.72
CA VAL A 2029 -2.94 -32.46 117.21
C VAL A 2029 -3.33 -31.51 118.34
N TYR A 2030 -3.74 -32.07 119.47
CA TYR A 2030 -4.11 -31.23 120.61
C TYR A 2030 -2.92 -30.42 121.11
N ASP A 2031 -1.73 -31.03 121.14
CA ASP A 2031 -0.56 -30.34 121.68
C ASP A 2031 -0.32 -29.02 120.95
N LEU A 2032 -0.25 -29.07 119.62
CA LEU A 2032 0.10 -27.88 118.85
C LEU A 2032 -1.05 -26.88 118.83
N THR A 2033 -2.27 -27.36 118.60
CA THR A 2033 -3.45 -26.49 118.46
C THR A 2033 -4.57 -27.13 119.26
N GLY A 2034 -4.78 -26.65 120.49
CA GLY A 2034 -5.81 -27.21 121.33
C GLY A 2034 -7.17 -27.12 120.69
N SER A 2035 -7.88 -28.26 120.63
CA SER A 2035 -9.24 -28.31 120.12
C SER A 2035 -10.08 -29.18 121.04
N GLU A 2036 -11.26 -28.67 121.40
CA GLU A 2036 -12.11 -29.39 122.35
C GLU A 2036 -12.60 -30.72 121.81
N PRO A 2037 -13.17 -30.80 120.60
CA PRO A 2037 -13.57 -32.13 120.10
C PRO A 2037 -12.42 -33.12 120.09
N ILE A 2038 -11.21 -32.64 119.78
CA ILE A 2038 -10.05 -33.51 119.77
C ILE A 2038 -9.86 -34.17 121.13
N LYS A 2039 -9.85 -33.35 122.19
CA LYS A 2039 -9.61 -33.92 123.51
C LYS A 2039 -10.81 -34.69 124.04
N GLU A 2040 -12.00 -34.43 123.52
CA GLU A 2040 -13.13 -35.33 123.79
C GLU A 2040 -12.82 -36.71 123.24
N ILE A 2041 -12.15 -36.77 122.09
CA ILE A 2041 -11.66 -38.04 121.57
C ILE A 2041 -10.58 -38.59 122.49
N ILE A 2042 -9.66 -37.72 122.93
CA ILE A 2042 -8.56 -38.15 123.79
C ILE A 2042 -9.11 -38.68 125.11
N ASP A 2043 -9.80 -37.82 125.87
CA ASP A 2043 -10.22 -38.17 127.21
C ASP A 2043 -11.20 -39.33 127.23
N ASN A 2044 -11.89 -39.61 126.13
CA ASN A 2044 -12.85 -40.70 126.05
C ASN A 2044 -12.38 -41.80 125.11
N TRP A 2045 -11.07 -41.91 124.88
CA TRP A 2045 -10.57 -42.85 123.89
C TRP A 2045 -10.99 -44.29 124.21
N GLU A 2046 -10.88 -44.68 125.48
CA GLU A 2046 -11.27 -46.04 125.86
C GLU A 2046 -12.69 -46.35 125.45
N LYS A 2047 -13.57 -45.34 125.52
CA LYS A 2047 -14.96 -45.55 125.12
C LYS A 2047 -15.06 -45.81 123.62
N TYR A 2048 -14.34 -45.04 122.80
CA TYR A 2048 -14.41 -45.21 121.35
C TYR A 2048 -13.62 -46.44 120.90
N GLU A 2049 -12.44 -46.67 121.47
CA GLU A 2049 -11.65 -47.83 121.06
C GLU A 2049 -12.42 -49.12 121.28
N GLN A 2050 -13.08 -49.25 122.43
CA GLN A 2050 -13.91 -50.40 122.71
C GLN A 2050 -15.13 -50.40 121.79
N MET B 1 -10.39 -50.56 116.82
CA MET B 1 -11.73 -49.92 116.85
C MET B 1 -12.56 -50.38 115.65
N LYS B 2 -13.88 -50.31 115.79
CA LYS B 2 -14.77 -50.75 114.72
C LYS B 2 -14.58 -49.87 113.48
N PRO B 3 -14.83 -50.41 112.29
CA PRO B 3 -14.68 -49.59 111.07
C PRO B 3 -15.54 -48.35 111.08
N GLU B 4 -16.75 -48.43 111.65
CA GLU B 4 -17.63 -47.26 111.69
C GLU B 4 -17.11 -46.22 112.68
N VAL B 5 -16.70 -46.65 113.87
CA VAL B 5 -16.11 -45.74 114.83
C VAL B 5 -14.80 -45.19 114.29
N GLU B 6 -14.03 -46.03 113.61
CA GLU B 6 -12.79 -45.57 112.98
C GLU B 6 -13.08 -44.49 111.96
N GLN B 7 -14.11 -44.68 111.13
CA GLN B 7 -14.46 -43.67 110.14
C GLN B 7 -14.92 -42.39 110.81
N GLU B 8 -15.69 -42.49 111.89
CA GLU B 8 -16.12 -41.30 112.63
C GLU B 8 -14.90 -40.52 113.13
N LEU B 9 -13.96 -41.22 113.76
CA LEU B 9 -12.76 -40.56 114.26
C LEU B 9 -11.94 -39.95 113.13
N ALA B 10 -11.83 -40.68 112.02
CA ALA B 10 -11.07 -40.16 110.89
C ALA B 10 -11.71 -38.90 110.34
N HIS B 11 -13.03 -38.86 110.26
CA HIS B 11 -13.73 -37.67 109.80
C HIS B 11 -13.45 -36.49 110.73
N ILE B 12 -13.52 -36.73 112.05
CA ILE B 12 -13.24 -35.65 112.98
C ILE B 12 -11.82 -35.14 112.80
N LEU B 13 -10.86 -36.07 112.69
CA LEU B 13 -9.46 -35.68 112.53
C LEU B 13 -9.25 -34.88 111.24
N LEU B 14 -9.85 -35.33 110.14
CA LEU B 14 -9.66 -34.64 108.87
C LEU B 14 -10.27 -33.25 108.90
N THR B 15 -11.47 -33.12 109.46
CA THR B 15 -12.08 -31.80 109.55
C THR B 15 -11.24 -30.87 110.40
N GLU B 16 -10.73 -31.36 111.53
CA GLU B 16 -9.90 -30.52 112.40
C GLU B 16 -8.62 -30.09 111.69
N LEU B 17 -7.97 -31.04 111.00
CA LEU B 17 -6.72 -30.72 110.32
C LEU B 17 -6.93 -29.66 109.25
N LEU B 18 -7.97 -29.85 108.41
CA LEU B 18 -8.25 -28.87 107.38
C LEU B 18 -8.63 -27.52 107.99
N ALA B 19 -9.42 -27.52 109.07
CA ALA B 19 -9.83 -26.26 109.67
C ALA B 19 -8.65 -25.47 110.18
N TYR B 20 -7.74 -26.13 110.91
CA TYR B 20 -6.63 -25.42 111.52
C TYR B 20 -5.47 -25.18 110.57
N GLN B 21 -5.44 -25.82 109.42
CA GLN B 21 -4.28 -25.68 108.55
C GLN B 21 -4.05 -24.27 108.08
N PHE B 22 -5.09 -23.57 107.67
CA PHE B 22 -4.91 -22.27 107.05
C PHE B 22 -4.56 -21.18 108.06
N ALA B 23 -4.70 -21.47 109.36
CA ALA B 23 -4.36 -20.52 110.42
C ALA B 23 -3.11 -20.90 111.18
N SER B 24 -2.35 -21.88 110.69
CA SER B 24 -1.12 -22.35 111.31
C SER B 24 -0.07 -22.56 110.24
N PRO B 25 1.21 -22.48 110.61
CA PRO B 25 2.26 -22.48 109.58
C PRO B 25 2.36 -23.82 108.85
N VAL B 26 2.86 -23.74 107.62
CA VAL B 26 2.99 -24.91 106.75
C VAL B 26 4.38 -25.49 106.94
N ARG B 27 4.45 -26.71 107.48
CA ARG B 27 5.73 -27.36 107.75
C ARG B 27 6.12 -28.24 106.58
N TRP B 28 6.48 -27.59 105.47
CA TRP B 28 6.96 -28.34 104.31
C TRP B 28 8.30 -29.01 104.57
N ILE B 29 9.09 -28.50 105.52
CA ILE B 29 10.38 -29.11 105.81
C ILE B 29 10.20 -30.53 106.32
N GLU B 30 9.34 -30.69 107.33
CA GLU B 30 9.13 -32.01 107.90
C GLU B 30 8.47 -32.94 106.89
N THR B 31 7.58 -32.42 106.06
CA THR B 31 6.94 -33.25 105.04
C THR B 31 7.95 -33.75 104.02
N GLN B 32 8.83 -32.88 103.56
CA GLN B 32 9.87 -33.31 102.64
C GLN B 32 10.77 -34.33 103.29
N ASP B 33 11.13 -34.12 104.55
CA ASP B 33 11.89 -35.15 105.27
C ASP B 33 11.15 -36.48 105.24
N VAL B 34 9.87 -36.46 105.59
CA VAL B 34 9.11 -37.70 105.72
C VAL B 34 9.12 -38.45 104.41
N PHE B 35 8.75 -37.79 103.32
CA PHE B 35 8.57 -38.52 102.07
C PHE B 35 9.85 -38.66 101.26
N LEU B 36 10.96 -38.08 101.70
CA LEU B 36 12.24 -38.33 101.05
C LEU B 36 13.13 -39.29 101.83
N LYS B 37 12.91 -39.45 103.13
CA LYS B 37 13.73 -40.31 103.96
C LYS B 37 12.96 -41.43 104.63
N ASP B 38 11.85 -41.13 105.30
CA ASP B 38 11.16 -42.18 106.03
C ASP B 38 10.50 -43.18 105.10
N PHE B 39 10.03 -42.72 103.93
CA PHE B 39 9.53 -43.63 102.90
C PHE B 39 10.51 -43.82 101.75
N ASN B 40 11.43 -42.87 101.54
CA ASN B 40 12.24 -42.85 100.33
C ASN B 40 11.30 -42.66 99.15
N THR B 41 11.79 -42.15 98.04
CA THR B 41 10.91 -41.98 96.89
C THR B 41 11.72 -41.81 95.61
N GLU B 42 11.65 -42.80 94.72
CA GLU B 42 12.37 -42.72 93.46
C GLU B 42 11.71 -41.79 92.46
N ARG B 43 10.42 -41.54 92.59
CA ARG B 43 9.73 -40.57 91.74
C ARG B 43 8.83 -39.70 92.61
N VAL B 44 9.06 -38.40 92.57
CA VAL B 44 8.19 -37.40 93.18
C VAL B 44 7.53 -36.65 92.05
N VAL B 45 6.20 -36.70 92.00
CA VAL B 45 5.42 -36.14 90.90
C VAL B 45 4.67 -34.93 91.43
N GLU B 46 4.95 -33.76 90.86
CA GLU B 46 4.30 -32.53 91.27
C GLU B 46 3.10 -32.27 90.37
N ILE B 47 1.95 -32.11 90.99
CA ILE B 47 0.71 -31.83 90.27
C ILE B 47 0.44 -30.34 90.43
N GLY B 48 0.68 -29.57 89.37
CA GLY B 48 0.47 -28.16 89.41
C GLY B 48 0.85 -27.46 88.12
N PRO B 49 0.58 -26.15 88.07
CA PRO B 49 0.86 -25.38 86.84
C PRO B 49 2.33 -24.99 86.66
N SER B 50 3.17 -25.17 87.67
CA SER B 50 4.55 -24.75 87.59
C SER B 50 5.38 -25.60 88.54
N PRO B 51 6.71 -25.68 88.32
CA PRO B 51 7.58 -26.52 89.19
C PRO B 51 8.06 -25.80 90.44
N THR B 52 7.14 -25.52 91.36
CA THR B 52 7.51 -24.88 92.61
C THR B 52 8.00 -25.91 93.63
N LEU B 53 7.13 -26.87 93.98
CA LEU B 53 7.52 -27.88 94.95
C LEU B 53 8.59 -28.81 94.37
N ALA B 54 8.63 -28.98 93.06
CA ALA B 54 9.72 -29.74 92.44
C ALA B 54 11.05 -29.08 92.70
N GLY B 55 11.12 -27.76 92.52
CA GLY B 55 12.33 -27.03 92.85
C GLY B 55 12.67 -27.12 94.32
N MET B 56 11.66 -27.01 95.18
CA MET B 56 11.90 -27.16 96.61
C MET B 56 12.54 -28.50 96.93
N ALA B 57 11.97 -29.58 96.39
CA ALA B 57 12.48 -30.91 96.68
C ALA B 57 13.87 -31.11 96.10
N GLN B 58 14.13 -30.57 94.91
CA GLN B 58 15.46 -30.69 94.34
C GLN B 58 16.49 -29.99 95.21
N ARG B 59 16.18 -28.79 95.72
CA ARG B 59 17.10 -28.12 96.63
C ARG B 59 17.29 -28.92 97.91
N THR B 60 16.20 -29.47 98.46
CA THR B 60 16.32 -30.25 99.69
C THR B 60 17.22 -31.46 99.49
N LEU B 61 17.05 -32.13 98.36
CA LEU B 61 17.92 -33.27 98.05
C LEU B 61 19.36 -32.82 97.90
N LYS B 62 19.59 -31.70 97.21
CA LYS B 62 20.95 -31.22 97.00
C LYS B 62 21.62 -30.83 98.31
N ASN B 63 20.84 -30.42 99.31
CA ASN B 63 21.40 -29.86 100.53
C ASN B 63 21.35 -30.79 101.73
N LYS B 64 20.62 -31.90 101.65
CA LYS B 64 20.47 -32.76 102.83
C LYS B 64 20.60 -34.25 102.56
N TYR B 65 20.63 -34.70 101.30
CA TYR B 65 20.62 -36.14 101.03
C TYR B 65 21.59 -36.56 99.94
N GLU B 66 22.58 -35.74 99.61
CA GLU B 66 23.54 -36.14 98.59
C GLU B 66 24.30 -37.40 99.00
N SER B 67 24.86 -37.40 100.21
CA SER B 67 25.66 -38.55 100.64
C SER B 67 24.77 -39.76 100.91
N TYR B 68 23.62 -39.55 101.53
CA TYR B 68 22.71 -40.65 101.82
C TYR B 68 22.18 -41.28 100.53
N ASP B 69 21.78 -40.44 99.57
CA ASP B 69 21.30 -40.96 98.30
C ASP B 69 22.39 -41.72 97.56
N ALA B 70 23.61 -41.17 97.53
CA ALA B 70 24.71 -41.84 96.86
C ALA B 70 25.02 -43.18 97.52
N ALA B 71 25.05 -43.20 98.85
CA ALA B 71 25.42 -44.43 99.56
C ALA B 71 24.38 -45.51 99.34
N LEU B 72 23.10 -45.17 99.42
CA LEU B 72 22.06 -46.17 99.24
C LEU B 72 21.66 -46.37 97.78
N SER B 73 22.29 -45.66 96.85
CA SER B 73 22.05 -45.86 95.43
C SER B 73 20.58 -45.67 95.07
N LEU B 74 20.08 -44.45 95.27
CA LEU B 74 18.74 -44.07 94.86
C LEU B 74 18.82 -43.17 93.63
N HIS B 75 18.10 -43.57 92.58
CA HIS B 75 18.01 -42.77 91.36
C HIS B 75 16.78 -41.88 91.38
N ARG B 76 16.69 -41.02 92.38
CA ARG B 76 15.52 -40.19 92.58
C ARG B 76 15.16 -39.44 91.31
N GLU B 77 13.86 -39.20 91.13
CA GLU B 77 13.33 -38.57 89.93
C GLU B 77 12.29 -37.56 90.39
N ILE B 78 12.58 -36.28 90.21
CA ILE B 78 11.65 -35.21 90.54
C ILE B 78 10.98 -34.75 89.24
N LEU B 79 9.68 -34.98 89.14
CA LEU B 79 8.93 -34.66 87.94
C LEU B 79 7.78 -33.71 88.28
N CYS B 80 7.56 -32.73 87.42
CA CYS B 80 6.44 -31.82 87.53
C CYS B 80 5.51 -32.03 86.35
N TYR B 81 4.21 -32.09 86.62
CA TYR B 81 3.24 -32.35 85.56
C TYR B 81 3.37 -31.34 84.43
N SER B 82 3.75 -30.10 84.74
CA SER B 82 3.74 -29.06 83.72
C SER B 82 4.82 -29.30 82.66
N LYS B 83 6.01 -29.75 83.08
CA LYS B 83 7.14 -29.86 82.17
C LYS B 83 7.57 -31.28 81.86
N ASP B 84 7.22 -32.26 82.69
CA ASP B 84 7.75 -33.62 82.59
C ASP B 84 6.70 -34.62 82.12
N ALA B 85 5.89 -34.23 81.13
CA ALA B 85 4.78 -35.07 80.71
C ALA B 85 5.25 -36.44 80.23
N LYS B 86 6.33 -36.48 79.45
CA LYS B 86 6.78 -37.73 78.85
C LYS B 86 7.13 -38.77 79.90
N GLU B 87 7.83 -38.36 80.96
CA GLU B 87 8.25 -39.31 81.98
C GLU B 87 7.09 -39.71 82.88
N ILE B 88 6.10 -38.85 83.04
CA ILE B 88 4.92 -39.19 83.82
C ILE B 88 4.06 -40.21 83.08
N TYR B 89 3.89 -40.02 81.78
CA TYR B 89 3.01 -40.85 80.97
C TYR B 89 3.72 -41.99 80.26
N TYR B 90 5.04 -42.11 80.40
CA TYR B 90 5.83 -43.10 79.69
C TYR B 90 5.59 -42.99 78.18
N THR B 91 5.79 -41.79 77.66
CA THR B 91 5.63 -41.57 76.24
C THR B 91 6.88 -40.92 75.67
N PRO B 92 8.05 -41.53 75.83
CA PRO B 92 9.26 -40.96 75.20
C PRO B 92 9.10 -40.91 73.70
N ASP B 93 9.57 -39.80 73.11
CA ASP B 93 9.48 -39.64 71.67
C ASP B 93 10.40 -40.65 70.98
N PRO B 94 10.15 -40.95 69.70
CA PRO B 94 10.89 -41.98 68.98
C PRO B 94 12.28 -41.52 68.54
N GLU B 329 11.65 -14.03 16.36
CA GLU B 329 10.70 -13.59 15.35
C GLU B 329 10.75 -12.08 15.20
N GLU B 330 11.95 -11.55 14.98
CA GLU B 330 12.11 -10.11 14.77
C GLU B 330 11.57 -9.67 13.42
N ILE B 331 11.80 -10.47 12.37
CA ILE B 331 11.37 -10.08 11.03
C ILE B 331 9.86 -10.05 10.93
N THR B 332 9.20 -11.10 11.45
CA THR B 332 7.75 -11.16 11.40
C THR B 332 7.13 -10.03 12.22
N LYS B 333 7.71 -9.75 13.39
CA LYS B 333 7.19 -8.66 14.20
C LYS B 333 7.36 -7.32 13.51
N ASP B 334 8.52 -7.10 12.89
CA ASP B 334 8.74 -5.83 12.21
C ASP B 334 7.76 -5.65 11.05
N HIS B 335 7.51 -6.73 10.31
CA HIS B 335 6.53 -6.65 9.23
C HIS B 335 5.12 -6.42 9.76
N LYS B 336 4.74 -7.09 10.84
CA LYS B 336 3.41 -6.86 11.40
C LYS B 336 3.28 -5.43 11.92
N VAL B 337 4.36 -4.86 12.45
CA VAL B 337 4.34 -3.47 12.88
C VAL B 337 4.11 -2.56 11.69
N LEU B 338 4.81 -2.81 10.58
CA LEU B 338 4.61 -2.01 9.38
C LEU B 338 3.15 -2.13 8.89
N ALA B 339 2.62 -3.34 8.90
CA ALA B 339 1.22 -3.54 8.49
C ALA B 339 0.28 -2.76 9.40
N ARG B 340 0.52 -2.80 10.71
CA ARG B 340 -0.33 -2.09 11.65
C ARG B 340 -0.29 -0.59 11.39
N GLN B 341 0.89 -0.05 11.11
CA GLN B 341 0.98 1.38 10.83
C GLN B 341 0.26 1.74 9.54
N GLN B 342 0.35 0.89 8.51
CA GLN B 342 -0.39 1.15 7.29
C GLN B 342 -1.89 1.09 7.51
N LEU B 343 -2.34 0.12 8.29
CA LEU B 343 -3.76 0.04 8.64
C LEU B 343 -4.21 1.30 9.38
N GLN B 344 -3.40 1.78 10.32
CA GLN B 344 -3.75 3.00 11.04
C GLN B 344 -3.85 4.20 10.11
N VAL B 345 -2.91 4.33 9.17
CA VAL B 345 -2.97 5.43 8.22
C VAL B 345 -4.27 5.37 7.42
N LEU B 346 -4.61 4.18 6.94
CA LEU B 346 -5.87 4.04 6.19
C LEU B 346 -7.07 4.38 7.07
N ALA B 347 -7.09 3.89 8.30
CA ALA B 347 -8.23 4.14 9.17
C ALA B 347 -8.41 5.63 9.40
N ARG B 348 -7.31 6.34 9.60
CA ARG B 348 -7.39 7.79 9.80
C ARG B 348 -7.87 8.49 8.54
N TYR B 349 -7.42 8.03 7.37
CA TYR B 349 -7.91 8.61 6.12
C TYR B 349 -9.41 8.43 5.97
N LEU B 350 -9.92 7.24 6.31
CA LEU B 350 -11.33 6.95 6.18
C LEU B 350 -12.17 7.51 7.33
N LYS B 351 -11.53 8.05 8.36
CA LYS B 351 -12.24 8.61 9.51
C LYS B 351 -13.00 7.53 10.24
N MET B 352 -12.41 6.35 10.35
CA MET B 352 -13.06 5.25 11.05
C MET B 352 -12.40 5.03 12.39
N ASP B 353 -13.18 5.14 13.46
CA ASP B 353 -12.65 4.97 14.80
C ASP B 353 -12.63 3.51 15.15
N LEU B 354 -11.45 2.92 15.20
CA LEU B 354 -11.36 1.49 15.43
C LEU B 354 -11.70 1.13 16.87
N ASP B 355 -11.72 2.09 17.79
CA ASP B 355 -11.97 1.82 19.20
C ASP B 355 -13.38 2.17 19.64
N ASN B 356 -14.24 2.56 18.72
CA ASN B 356 -15.59 2.94 19.08
C ASN B 356 -16.34 1.81 19.77
N GLY B 357 -16.26 0.61 19.23
CA GLY B 357 -17.00 -0.51 19.80
C GLY B 357 -16.57 -0.83 21.22
N GLU B 358 -15.27 -0.82 21.48
CA GLU B 358 -14.79 -1.10 22.83
C GLU B 358 -15.23 -0.02 23.82
N ARG B 359 -15.27 1.23 23.36
CA ARG B 359 -15.69 2.31 24.23
C ARG B 359 -17.13 2.11 24.62
N LYS B 360 -17.98 1.86 23.64
CA LYS B 360 -19.39 1.64 23.91
C LYS B 360 -19.59 0.43 24.81
N PHE B 361 -18.81 -0.62 24.60
CA PHE B 361 -18.94 -1.82 25.43
C PHE B 361 -18.58 -1.52 26.88
N LEU B 362 -17.51 -0.76 27.11
CA LEU B 362 -17.13 -0.45 28.49
C LEU B 362 -18.20 0.39 29.18
N LYS B 363 -18.79 1.36 28.47
CA LYS B 363 -19.91 2.10 29.05
C LYS B 363 -21.06 1.16 29.39
N GLU B 364 -21.40 0.24 28.50
CA GLU B 364 -22.50 -0.69 28.75
C GLU B 364 -22.21 -1.57 29.95
N LYS B 365 -20.96 -1.98 30.10
CA LYS B 365 -20.59 -2.81 31.24
C LYS B 365 -20.73 -2.04 32.55
N ASP B 366 -20.39 -0.74 32.54
CA ASP B 366 -20.65 0.08 33.72
C ASP B 366 -22.14 0.11 34.03
N THR B 367 -22.98 0.27 33.01
CA THR B 367 -24.42 0.28 33.24
C THR B 367 -24.90 -1.03 33.83
N VAL B 368 -24.37 -2.16 33.33
CA VAL B 368 -24.74 -3.46 33.83
C VAL B 368 -24.38 -3.58 35.31
N ALA B 369 -23.19 -3.09 35.68
CA ALA B 369 -22.79 -3.16 37.08
C ALA B 369 -23.71 -2.33 37.96
N GLU B 370 -24.12 -1.16 37.48
CA GLU B 370 -25.04 -0.32 38.26
C GLU B 370 -26.37 -1.05 38.51
N LEU B 371 -26.96 -1.58 37.44
CA LEU B 371 -28.24 -2.27 37.57
C LEU B 371 -28.12 -3.49 38.47
N GLN B 372 -27.01 -4.22 38.35
CA GLN B 372 -26.82 -5.39 39.19
C GLN B 372 -26.68 -4.98 40.66
N ALA B 373 -26.05 -3.85 40.93
CA ALA B 373 -25.97 -3.40 42.33
C ALA B 373 -27.35 -3.09 42.87
N GLN B 374 -28.19 -2.42 42.07
CA GLN B 374 -29.56 -2.17 42.53
C GLN B 374 -30.32 -3.46 42.82
N LEU B 375 -30.22 -4.44 41.92
CA LEU B 375 -30.93 -5.70 42.13
C LEU B 375 -30.38 -6.44 43.35
N ASP B 376 -29.06 -6.41 43.53
CA ASP B 376 -28.46 -7.04 44.70
C ASP B 376 -28.96 -6.38 45.98
N TYR B 377 -29.12 -5.06 45.97
CA TYR B 377 -29.62 -4.40 47.16
C TYR B 377 -31.05 -4.83 47.46
N LEU B 378 -31.90 -4.88 46.43
CA LEU B 378 -33.27 -5.31 46.67
C LEU B 378 -33.32 -6.74 47.18
N ASN B 379 -32.45 -7.61 46.67
CA ASN B 379 -32.40 -8.99 47.16
C ASN B 379 -31.87 -9.08 48.58
N ALA B 380 -30.99 -8.17 48.98
CA ALA B 380 -30.53 -8.17 50.37
C ALA B 380 -31.60 -7.61 51.30
N GLU B 381 -32.40 -6.65 50.85
CA GLU B 381 -33.46 -6.10 51.69
C GLU B 381 -34.64 -7.06 51.82
N LEU B 382 -35.04 -7.72 50.73
CA LEU B 382 -36.25 -8.52 50.71
C LEU B 382 -36.01 -10.02 50.81
N GLY B 383 -34.84 -10.50 50.44
CA GLY B 383 -34.60 -11.92 50.53
C GLY B 383 -35.01 -12.67 49.28
N GLU B 384 -34.36 -13.79 49.02
CA GLU B 384 -34.63 -14.52 47.79
C GLU B 384 -36.03 -15.08 47.75
N PHE B 385 -36.53 -15.60 48.87
CA PHE B 385 -37.86 -16.20 48.86
C PHE B 385 -38.92 -15.21 48.41
N PHE B 386 -38.91 -14.00 48.99
CA PHE B 386 -39.90 -12.98 48.62
C PHE B 386 -39.77 -12.59 47.15
N VAL B 387 -38.55 -12.25 46.73
CA VAL B 387 -38.33 -11.79 45.36
C VAL B 387 -38.75 -12.80 44.32
N ASN B 388 -38.37 -14.05 44.50
CA ASN B 388 -38.80 -15.09 43.59
C ASN B 388 -40.29 -15.38 43.74
N GLY B 389 -40.85 -15.18 44.92
CA GLY B 389 -42.24 -15.52 45.15
C GLY B 389 -43.25 -14.52 44.61
N VAL B 390 -42.83 -13.28 44.35
CA VAL B 390 -43.77 -12.30 43.78
C VAL B 390 -43.85 -12.40 42.26
N ALA B 391 -43.28 -13.45 41.67
CA ALA B 391 -43.38 -13.64 40.22
C ALA B 391 -44.82 -13.93 39.81
N THR B 392 -45.25 -13.33 38.69
CA THR B 392 -46.63 -13.49 38.24
C THR B 392 -46.91 -14.90 37.77
N SER B 393 -48.18 -15.29 37.89
CA SER B 393 -48.65 -16.58 37.41
C SER B 393 -49.88 -16.42 36.54
N PHE B 394 -50.69 -15.42 36.83
CA PHE B 394 -51.94 -15.30 36.11
C PHE B 394 -51.90 -14.77 34.71
N SER B 395 -52.60 -15.44 33.82
CA SER B 395 -52.84 -14.89 32.50
C SER B 395 -54.21 -15.34 32.06
N ARG B 396 -54.91 -14.49 31.33
CA ARG B 396 -56.26 -14.82 30.89
C ARG B 396 -56.33 -16.05 29.97
N LYS B 397 -55.35 -16.22 29.10
CA LYS B 397 -55.41 -17.32 28.14
C LYS B 397 -55.33 -18.68 28.80
N LYS B 398 -54.84 -18.76 30.02
CA LYS B 398 -54.73 -20.03 30.71
C LYS B 398 -56.00 -20.45 31.43
N ALA B 399 -57.03 -19.62 31.44
CA ALA B 399 -58.28 -19.96 32.12
C ALA B 399 -58.96 -21.16 31.46
N ARG B 400 -59.43 -22.09 32.28
CA ARG B 400 -60.12 -23.30 31.82
C ARG B 400 -61.55 -23.30 32.32
N THR B 401 -62.50 -23.41 31.42
CA THR B 401 -63.92 -23.36 31.75
C THR B 401 -64.51 -24.76 31.72
N PHE B 402 -65.36 -25.04 32.71
CA PHE B 402 -66.06 -26.29 32.77
C PHE B 402 -67.53 -25.94 32.98
N ASP B 403 -68.40 -26.25 32.02
CA ASP B 403 -69.83 -26.01 32.18
C ASP B 403 -70.73 -27.05 31.53
N SER B 404 -70.21 -28.18 31.06
CA SER B 404 -71.03 -29.11 30.29
C SER B 404 -71.60 -30.22 31.19
N SER B 405 -72.38 -29.77 32.20
CA SER B 405 -73.04 -30.67 33.12
C SER B 405 -74.14 -31.44 32.41
N TRP B 406 -74.69 -30.88 31.34
CA TRP B 406 -75.69 -31.57 30.53
C TRP B 406 -75.21 -32.94 29.98
N ASN B 407 -73.92 -33.19 29.91
CA ASN B 407 -73.34 -34.44 29.43
C ASN B 407 -72.84 -35.34 30.55
N TRP B 408 -72.25 -34.73 31.57
CA TRP B 408 -71.72 -35.51 32.67
C TRP B 408 -72.80 -36.25 33.42
N ALA B 409 -74.02 -35.71 33.43
CA ALA B 409 -75.09 -36.40 34.11
C ALA B 409 -75.36 -37.79 33.49
N LYS B 410 -75.46 -37.87 32.17
CA LYS B 410 -75.66 -39.17 31.54
C LYS B 410 -74.47 -40.08 31.77
N GLN B 411 -73.25 -39.55 31.77
CA GLN B 411 -72.10 -40.41 32.09
C GLN B 411 -72.20 -41.01 33.47
N SER B 412 -72.59 -40.19 34.45
CA SER B 412 -72.75 -40.67 35.81
C SER B 412 -73.82 -41.76 35.89
N LEU B 413 -74.96 -41.52 35.24
CA LEU B 413 -76.04 -42.50 35.26
C LEU B 413 -75.56 -43.84 34.74
N LEU B 414 -74.85 -43.83 33.61
CA LEU B 414 -74.39 -45.10 33.03
C LEU B 414 -73.39 -45.80 33.95
N SER B 415 -72.48 -45.03 34.53
CA SER B 415 -71.50 -45.63 35.43
C SER B 415 -72.20 -46.34 36.59
N LEU B 416 -73.19 -45.67 37.19
CA LEU B 416 -73.95 -46.28 38.27
C LEU B 416 -74.69 -47.53 37.80
N TYR B 417 -75.33 -47.44 36.65
CA TYR B 417 -76.13 -48.54 36.12
C TYR B 417 -75.30 -49.79 35.94
N PHE B 418 -74.14 -49.66 35.31
CA PHE B 418 -73.33 -50.85 35.05
C PHE B 418 -72.60 -51.32 36.29
N GLU B 419 -72.20 -50.42 37.19
CA GLU B 419 -71.63 -50.87 38.45
C GLU B 419 -72.63 -51.73 39.23
N ILE B 420 -73.90 -51.33 39.23
CA ILE B 420 -74.91 -52.13 39.93
C ILE B 420 -75.14 -53.45 39.20
N ILE B 421 -75.18 -53.43 37.86
CA ILE B 421 -75.39 -54.68 37.14
C ILE B 421 -74.24 -55.64 37.39
N HIS B 422 -73.02 -55.14 37.59
CA HIS B 422 -71.86 -55.99 37.79
C HIS B 422 -71.65 -56.37 39.25
N GLY B 423 -72.53 -55.94 40.15
CA GLY B 423 -72.41 -56.29 41.55
C GLY B 423 -71.38 -55.49 42.31
N VAL B 424 -70.74 -54.49 41.69
CA VAL B 424 -69.79 -53.68 42.43
C VAL B 424 -70.49 -52.95 43.56
N LEU B 425 -71.66 -52.39 43.30
CA LEU B 425 -72.49 -51.78 44.35
C LEU B 425 -73.63 -52.75 44.64
N LYS B 426 -73.60 -53.35 45.83
CA LYS B 426 -74.65 -54.25 46.28
C LYS B 426 -75.73 -53.54 47.08
N ASN B 427 -75.40 -52.41 47.69
CA ASN B 427 -76.31 -51.74 48.62
C ASN B 427 -76.33 -50.25 48.33
N VAL B 428 -77.41 -49.61 48.76
CA VAL B 428 -77.56 -48.16 48.59
C VAL B 428 -76.84 -47.53 49.78
N ASP B 429 -75.53 -47.42 49.65
CA ASP B 429 -74.70 -46.81 50.68
C ASP B 429 -74.66 -45.30 50.46
N ARG B 430 -73.89 -44.60 51.28
CA ARG B 430 -73.89 -43.15 51.22
C ARG B 430 -73.34 -42.64 49.89
N GLU B 431 -72.36 -43.32 49.31
CA GLU B 431 -71.85 -42.89 48.01
C GLU B 431 -72.92 -42.97 46.93
N VAL B 432 -73.74 -44.02 46.95
CA VAL B 432 -74.83 -44.13 45.98
C VAL B 432 -75.83 -43.00 46.17
N VAL B 433 -76.20 -42.71 47.41
CA VAL B 433 -77.15 -41.64 47.67
C VAL B 433 -76.59 -40.31 47.19
N SER B 434 -75.30 -40.08 47.44
CA SER B 434 -74.68 -38.84 46.97
C SER B 434 -74.69 -38.76 45.46
N GLU B 435 -74.43 -39.88 44.79
CA GLU B 435 -74.48 -39.90 43.33
C GLU B 435 -75.88 -39.58 42.83
N ALA B 436 -76.90 -40.16 43.46
CA ALA B 436 -78.28 -39.87 43.06
C ALA B 436 -78.63 -38.41 43.31
N ILE B 437 -78.11 -37.82 44.38
CA ILE B 437 -78.33 -36.39 44.61
C ILE B 437 -77.70 -35.57 43.50
N ASN B 438 -76.46 -35.91 43.11
CA ASN B 438 -75.82 -35.17 42.03
C ASN B 438 -76.54 -35.36 40.71
N ILE B 439 -77.17 -36.52 40.49
CA ILE B 439 -77.96 -36.72 39.28
C ILE B 439 -79.22 -35.87 39.32
N MET B 440 -79.90 -35.84 40.47
CA MET B 440 -81.07 -34.99 40.62
C MET B 440 -80.73 -33.52 40.39
N ASN B 441 -79.53 -33.10 40.81
CA ASN B 441 -79.11 -31.72 40.62
C ASN B 441 -78.91 -31.35 39.15
N ARG B 442 -78.85 -32.31 38.25
CA ARG B 442 -78.70 -32.05 36.82
C ARG B 442 -79.89 -32.57 36.03
N SER B 443 -81.00 -32.83 36.67
CA SER B 443 -82.14 -33.43 35.98
C SER B 443 -82.85 -32.50 35.01
N ASN B 444 -83.26 -33.03 33.87
CA ASN B 444 -84.01 -32.25 32.90
C ASN B 444 -84.84 -33.27 32.12
N ASP B 445 -85.64 -32.83 31.17
CA ASP B 445 -86.53 -33.75 30.46
C ASP B 445 -85.75 -34.80 29.68
N ALA B 446 -84.67 -34.38 29.02
CA ALA B 446 -83.86 -35.33 28.26
C ALA B 446 -83.29 -36.41 29.15
N LEU B 447 -82.82 -36.03 30.34
CA LEU B 447 -82.27 -37.02 31.27
C LEU B 447 -83.34 -38.01 31.70
N ILE B 448 -84.56 -37.53 31.90
CA ILE B 448 -85.66 -38.42 32.26
C ILE B 448 -85.91 -39.43 31.15
N LYS B 449 -85.92 -38.96 29.89
CA LYS B 449 -86.10 -39.89 28.79
C LYS B 449 -84.97 -40.92 28.76
N PHE B 450 -83.73 -40.47 28.97
CA PHE B 450 -82.58 -41.37 29.01
C PHE B 450 -82.76 -42.47 30.05
N MET B 451 -83.06 -42.07 31.29
CA MET B 451 -83.23 -43.04 32.37
C MET B 451 -84.41 -43.98 32.09
N GLU B 452 -85.52 -43.42 31.62
CA GLU B 452 -86.69 -44.26 31.36
C GLU B 452 -86.41 -45.28 30.27
N TYR B 453 -85.74 -44.87 29.21
CA TYR B 453 -85.37 -45.82 28.17
C TYR B 453 -84.54 -46.94 28.71
N HIS B 454 -83.49 -46.61 29.47
CA HIS B 454 -82.58 -47.64 29.92
C HIS B 454 -83.19 -48.54 30.99
N ILE B 455 -84.18 -48.09 31.75
CA ILE B 455 -84.81 -48.98 32.74
C ILE B 455 -85.88 -49.86 32.13
N SER B 456 -86.74 -49.30 31.30
CA SER B 456 -87.76 -50.10 30.62
C SER B 456 -87.12 -51.20 29.81
N ASN B 457 -85.89 -51.00 29.38
CA ASN B 457 -85.22 -51.98 28.54
C ASN B 457 -84.28 -52.88 29.32
N THR B 458 -84.36 -52.87 30.65
CA THR B 458 -83.57 -53.77 31.49
C THR B 458 -84.38 -55.03 31.72
N ASP B 459 -83.77 -56.19 31.43
CA ASP B 459 -84.44 -57.48 31.54
C ASP B 459 -84.24 -58.01 32.95
N GLU B 460 -85.24 -57.81 33.80
CA GLU B 460 -85.12 -58.19 35.20
C GLU B 460 -84.92 -59.69 35.38
N THR B 461 -85.23 -60.49 34.35
CA THR B 461 -85.08 -61.94 34.46
C THR B 461 -83.63 -62.38 34.48
N LYS B 462 -82.70 -61.55 34.04
CA LYS B 462 -81.31 -61.97 33.94
C LYS B 462 -80.58 -61.94 35.28
N GLY B 463 -81.20 -62.45 36.33
CA GLY B 463 -80.57 -62.47 37.63
C GLY B 463 -80.97 -61.30 38.52
N GLU B 464 -80.54 -61.39 39.78
CA GLU B 464 -81.01 -60.46 40.80
C GLU B 464 -80.46 -59.06 40.59
N ASN B 465 -79.26 -58.93 40.01
CA ASN B 465 -78.68 -57.61 39.82
C ASN B 465 -79.52 -56.77 38.86
N TYR B 466 -80.12 -57.40 37.87
CA TYR B 466 -80.95 -56.65 36.93
C TYR B 466 -82.25 -56.21 37.58
N GLN B 467 -82.87 -57.07 38.38
CA GLN B 467 -84.05 -56.66 39.14
C GLN B 467 -83.71 -55.50 40.08
N LEU B 468 -82.56 -55.58 40.75
CA LEU B 468 -82.15 -54.53 41.66
C LEU B 468 -81.96 -53.20 40.91
N VAL B 469 -81.29 -53.24 39.76
CA VAL B 469 -81.08 -52.02 39.01
C VAL B 469 -82.41 -51.46 38.53
N LYS B 470 -83.36 -52.32 38.21
CA LYS B 470 -84.64 -51.85 37.75
C LYS B 470 -85.41 -51.16 38.86
N THR B 471 -85.37 -51.72 40.06
CA THR B 471 -86.06 -51.13 41.19
C THR B 471 -85.43 -49.80 41.58
N LEU B 472 -84.11 -49.76 41.69
CA LEU B 472 -83.43 -48.53 42.06
C LEU B 472 -83.62 -47.45 41.00
N GLY B 473 -83.62 -47.86 39.73
CA GLY B 473 -83.83 -46.89 38.67
C GLY B 473 -85.21 -46.30 38.68
N GLU B 474 -86.21 -47.12 38.99
CA GLU B 474 -87.58 -46.63 39.07
C GLU B 474 -87.73 -45.61 40.20
N GLN B 475 -87.09 -45.86 41.33
CA GLN B 475 -87.13 -44.88 42.42
C GLN B 475 -86.42 -43.62 41.98
N LEU B 476 -85.24 -43.75 41.38
CA LEU B 476 -84.49 -42.57 40.99
C LEU B 476 -85.27 -41.73 40.00
N ILE B 477 -85.93 -42.36 39.03
CA ILE B 477 -86.73 -41.64 38.06
C ILE B 477 -87.85 -40.87 38.77
N GLU B 478 -88.52 -41.51 39.72
CA GLU B 478 -89.59 -40.81 40.43
C GLU B 478 -89.04 -39.59 41.16
N ASN B 479 -87.90 -39.74 41.82
CA ASN B 479 -87.30 -38.60 42.51
C ASN B 479 -86.93 -37.49 41.53
N CYS B 480 -86.33 -37.85 40.39
CA CYS B 480 -85.86 -36.85 39.44
C CYS B 480 -87.02 -36.10 38.81
N LYS B 481 -88.15 -36.77 38.61
CA LYS B 481 -89.32 -36.07 38.07
C LYS B 481 -89.78 -34.94 38.98
N GLN B 482 -89.58 -35.08 40.29
CA GLN B 482 -90.08 -34.05 41.22
C GLN B 482 -89.28 -32.76 41.11
N VAL B 483 -88.00 -32.83 40.79
CA VAL B 483 -87.09 -31.70 40.93
C VAL B 483 -86.74 -31.09 39.57
N LEU B 484 -87.60 -31.28 38.56
CA LEU B 484 -87.28 -30.77 37.22
C LEU B 484 -87.12 -29.27 37.23
N ASP B 485 -88.04 -28.56 37.88
CA ASP B 485 -88.01 -27.10 37.92
C ASP B 485 -87.46 -26.55 39.23
N VAL B 486 -86.85 -27.42 40.04
CA VAL B 486 -86.33 -27.01 41.34
C VAL B 486 -84.85 -26.70 41.29
N ASP B 487 -84.41 -25.72 42.06
CA ASP B 487 -83.00 -25.36 42.08
C ASP B 487 -82.16 -26.48 42.68
N PRO B 488 -80.97 -26.70 42.13
CA PRO B 488 -80.07 -27.72 42.68
C PRO B 488 -79.63 -27.34 44.08
N VAL B 489 -79.35 -28.35 44.89
CA VAL B 489 -79.04 -28.14 46.29
C VAL B 489 -77.71 -28.79 46.64
N TYR B 490 -77.03 -28.18 47.61
CA TYR B 490 -75.84 -28.76 48.16
C TYR B 490 -76.43 -29.52 49.33
N LYS B 491 -76.11 -30.80 49.45
CA LYS B 491 -76.70 -31.65 50.46
C LYS B 491 -75.72 -32.79 50.71
N ASP B 492 -74.99 -32.72 51.82
CA ASP B 492 -74.00 -33.72 52.14
C ASP B 492 -74.62 -34.87 52.90
N VAL B 493 -74.41 -36.08 52.43
CA VAL B 493 -74.98 -37.27 53.05
C VAL B 493 -73.92 -38.19 53.61
N ALA B 494 -72.66 -37.77 53.60
CA ALA B 494 -71.59 -38.63 54.08
C ALA B 494 -71.77 -38.96 55.55
N LYS B 495 -71.24 -40.09 55.98
CA LYS B 495 -71.30 -40.41 57.40
C LYS B 495 -70.18 -39.68 58.12
N PRO B 496 -70.53 -38.88 59.13
CA PRO B 496 -69.52 -38.14 59.89
C PRO B 496 -68.52 -39.10 60.52
N THR B 497 -67.26 -38.65 60.60
CA THR B 497 -66.17 -39.46 61.11
C THR B 497 -65.44 -38.72 62.21
N GLY B 498 -65.00 -39.47 63.22
CA GLY B 498 -64.22 -38.92 64.31
C GLY B 498 -62.80 -39.42 64.27
N PRO B 499 -61.92 -38.78 65.04
CA PRO B 499 -60.52 -39.21 65.05
C PRO B 499 -60.33 -40.50 65.86
N LYS B 500 -59.29 -41.24 65.49
CA LYS B 500 -59.00 -42.50 66.16
C LYS B 500 -57.52 -42.81 65.99
N THR B 501 -56.80 -42.88 67.09
CA THR B 501 -55.40 -43.25 67.10
C THR B 501 -55.23 -44.52 67.91
N ALA B 502 -54.44 -45.45 67.38
CA ALA B 502 -54.20 -46.73 68.04
C ALA B 502 -52.71 -47.03 68.02
N ILE B 503 -52.25 -47.71 69.07
CA ILE B 503 -50.84 -48.07 69.22
C ILE B 503 -50.76 -49.59 69.30
N ASP B 504 -50.08 -50.19 68.33
CA ASP B 504 -50.02 -51.64 68.24
C ASP B 504 -49.14 -52.20 69.36
N LYS B 505 -48.95 -53.52 69.33
CA LYS B 505 -48.12 -54.17 70.34
C LYS B 505 -46.68 -53.69 70.24
N ASN B 506 -46.16 -53.56 69.02
CA ASN B 506 -44.80 -53.12 68.76
C ASN B 506 -44.65 -51.59 68.76
N GLY B 507 -45.63 -50.86 69.29
CA GLY B 507 -45.55 -49.42 69.30
C GLY B 507 -45.61 -48.76 67.93
N ASN B 508 -46.43 -49.30 67.03
CA ASN B 508 -46.69 -48.64 65.75
C ASN B 508 -47.88 -47.69 65.94
N ILE B 509 -47.73 -46.46 65.45
CA ILE B 509 -48.77 -45.45 65.59
C ILE B 509 -49.53 -45.37 64.27
N THR B 510 -50.84 -45.52 64.35
CA THR B 510 -51.72 -45.40 63.20
C THR B 510 -52.90 -44.49 63.55
N TYR B 511 -53.27 -43.66 62.59
CA TYR B 511 -54.42 -42.79 62.77
C TYR B 511 -55.47 -43.13 61.74
N SER B 512 -56.71 -43.21 62.14
CA SER B 512 -57.82 -43.54 61.26
C SER B 512 -58.98 -42.60 61.51
N GLU B 513 -59.81 -42.41 60.48
CA GLU B 513 -61.01 -41.59 60.60
C GLU B 513 -62.19 -42.52 60.70
N GLU B 514 -62.48 -43.01 61.90
CA GLU B 514 -63.58 -43.92 62.14
C GLU B 514 -64.91 -43.18 62.15
N PRO B 515 -65.98 -43.81 61.66
CA PRO B 515 -67.31 -43.20 61.80
C PRO B 515 -67.67 -43.00 63.27
N ARG B 516 -68.40 -41.92 63.53
CA ARG B 516 -68.80 -41.62 64.89
C ARG B 516 -70.00 -42.46 65.30
N GLU B 517 -70.01 -42.91 66.55
CA GLU B 517 -70.98 -43.89 66.97
C GLU B 517 -72.38 -43.30 67.08
N LYS B 518 -72.50 -42.10 67.64
CA LYS B 518 -73.81 -41.51 67.89
C LYS B 518 -74.26 -40.55 66.80
N VAL B 519 -73.35 -40.07 65.97
CA VAL B 519 -73.66 -39.12 64.90
C VAL B 519 -73.42 -39.83 63.58
N ARG B 520 -74.51 -40.14 62.88
CA ARG B 520 -74.44 -40.81 61.60
C ARG B 520 -75.12 -40.04 60.48
N LYS B 521 -75.60 -38.83 60.74
CA LYS B 521 -76.11 -37.93 59.72
C LYS B 521 -75.65 -36.53 60.06
N LEU B 522 -75.79 -35.62 59.09
CA LEU B 522 -75.45 -34.23 59.37
C LEU B 522 -76.50 -33.53 60.22
N SER B 523 -77.75 -34.00 60.17
CA SER B 523 -78.78 -33.44 61.02
C SER B 523 -78.46 -33.74 62.46
N GLN B 524 -78.07 -34.97 62.75
CA GLN B 524 -77.64 -35.34 64.10
C GLN B 524 -76.41 -34.55 64.51
N TYR B 525 -75.51 -34.29 63.57
CA TYR B 525 -74.35 -33.45 63.85
C TYR B 525 -74.78 -32.04 64.27
N VAL B 526 -75.76 -31.46 63.61
CA VAL B 526 -76.21 -30.12 63.93
C VAL B 526 -76.85 -30.10 65.30
N GLN B 527 -77.55 -31.17 65.65
CA GLN B 527 -78.16 -31.29 66.95
C GLN B 527 -77.08 -31.38 68.01
N GLU B 528 -76.04 -32.17 67.75
CA GLU B 528 -74.91 -32.25 68.66
C GLU B 528 -74.26 -30.90 68.87
N MET B 529 -74.03 -30.16 67.77
CA MET B 529 -73.41 -28.85 67.89
C MET B 529 -74.28 -27.92 68.74
N ALA B 530 -75.59 -27.94 68.51
CA ALA B 530 -76.47 -27.05 69.26
C ALA B 530 -76.47 -27.39 70.75
N LEU B 531 -76.34 -28.67 71.09
CA LEU B 531 -76.35 -29.04 72.50
C LEU B 531 -75.14 -28.47 73.23
N GLY B 532 -73.99 -28.42 72.58
CA GLY B 532 -72.80 -28.02 73.30
C GLY B 532 -72.37 -29.14 74.25
N GLY B 533 -71.67 -28.75 75.30
CA GLY B 533 -71.18 -29.70 76.26
C GLY B 533 -70.95 -29.11 77.63
N PRO B 534 -70.57 -29.95 78.58
CA PRO B 534 -70.26 -29.43 79.93
C PRO B 534 -69.16 -28.38 79.91
N ILE B 535 -68.19 -28.50 79.01
CA ILE B 535 -67.08 -27.55 79.01
C ILE B 535 -67.52 -26.18 78.50
N THR B 536 -68.51 -26.12 77.61
CA THR B 536 -69.02 -24.86 77.08
C THR B 536 -70.16 -24.30 77.91
N LYS B 537 -70.25 -24.65 79.19
CA LYS B 537 -71.31 -24.17 80.07
C LYS B 537 -70.74 -23.11 81.00
N GLU B 538 -71.43 -21.98 81.09
CA GLU B 538 -71.04 -20.92 82.00
C GLU B 538 -71.89 -20.98 83.27
N LYS B 624 -90.23 -28.46 66.57
CA LYS B 624 -89.59 -27.15 66.52
C LYS B 624 -88.15 -27.26 66.03
N THR B 625 -87.52 -26.11 65.77
CA THR B 625 -86.19 -26.11 65.18
C THR B 625 -85.15 -26.57 66.20
N VAL B 626 -83.93 -26.78 65.71
CA VAL B 626 -82.84 -27.25 66.56
C VAL B 626 -82.49 -26.22 67.63
N SER B 627 -82.66 -24.93 67.31
CA SER B 627 -82.29 -23.89 68.26
C SER B 627 -83.14 -23.91 69.53
N SER B 628 -84.29 -24.59 69.51
CA SER B 628 -85.07 -24.74 70.72
C SER B 628 -84.34 -25.57 71.76
N THR B 629 -83.42 -26.43 71.33
CA THR B 629 -82.76 -27.37 72.21
C THR B 629 -81.46 -26.84 72.81
N ILE B 630 -81.08 -25.60 72.52
CA ILE B 630 -79.85 -25.06 73.07
C ILE B 630 -80.04 -24.86 74.57
N PRO B 631 -79.30 -25.57 75.43
CA PRO B 631 -79.61 -25.51 76.87
C PRO B 631 -79.34 -24.14 77.44
N ARG B 632 -80.05 -23.83 78.52
CA ARG B 632 -79.83 -22.58 79.23
C ARG B 632 -78.44 -22.58 79.86
N GLU B 633 -77.70 -21.49 79.69
CA GLU B 633 -76.37 -21.30 80.26
C GLU B 633 -75.30 -22.19 79.64
N THR B 634 -75.46 -22.66 78.41
CA THR B 634 -74.38 -23.33 77.72
C THR B 634 -74.23 -22.76 76.32
N ILE B 635 -72.99 -22.68 75.87
CA ILE B 635 -72.64 -22.13 74.57
C ILE B 635 -72.68 -23.27 73.55
N PRO B 636 -73.36 -23.09 72.41
CA PRO B 636 -73.24 -24.10 71.35
C PRO B 636 -71.81 -24.20 70.84
N PHE B 637 -71.46 -25.39 70.35
CA PHE B 637 -70.15 -25.59 69.76
C PHE B 637 -69.91 -24.67 68.57
N LEU B 638 -70.96 -24.36 67.81
CA LEU B 638 -70.91 -23.35 66.77
C LEU B 638 -71.89 -22.23 67.14
N HIS B 639 -71.43 -20.99 67.09
CA HIS B 639 -72.29 -19.88 67.48
C HIS B 639 -71.80 -18.60 66.82
N LEU B 640 -72.67 -17.60 66.82
CA LEU B 640 -72.35 -16.25 66.38
C LEU B 640 -72.16 -15.34 67.57
N ARG B 641 -71.43 -14.25 67.36
CA ARG B 641 -71.16 -13.29 68.41
C ARG B 641 -71.67 -11.91 68.02
N LYS B 642 -71.97 -11.10 69.03
CA LYS B 642 -72.43 -9.75 68.79
C LYS B 642 -71.49 -8.81 69.53
N LYS B 643 -71.14 -7.70 68.90
CA LYS B 643 -70.25 -6.74 69.54
C LYS B 643 -71.01 -5.91 70.56
N THR B 644 -70.46 -5.80 71.75
CA THR B 644 -71.09 -5.02 72.82
C THR B 644 -70.77 -3.54 72.64
N PRO B 645 -71.48 -2.67 73.35
CA PRO B 645 -71.13 -1.24 73.29
C PRO B 645 -69.67 -0.97 73.62
N ALA B 646 -69.10 -1.71 74.56
CA ALA B 646 -67.68 -1.62 74.87
C ALA B 646 -66.79 -2.18 73.77
N GLY B 647 -67.35 -2.87 72.78
CA GLY B 647 -66.59 -3.31 71.63
C GLY B 647 -66.01 -4.70 71.70
N ASP B 648 -66.43 -5.52 72.66
CA ASP B 648 -66.02 -6.90 72.74
C ASP B 648 -67.09 -7.80 72.11
N TRP B 649 -66.64 -8.87 71.45
CA TRP B 649 -67.55 -9.78 70.80
C TRP B 649 -67.96 -10.88 71.74
N LYS B 650 -69.24 -10.97 72.02
CA LYS B 650 -69.77 -11.94 72.96
C LYS B 650 -70.78 -12.84 72.27
N TYR B 651 -70.93 -14.05 72.79
CA TYR B 651 -71.88 -14.99 72.25
C TYR B 651 -73.29 -14.42 72.28
N ASP B 652 -73.98 -14.51 71.14
CA ASP B 652 -75.36 -14.04 71.01
C ASP B 652 -76.28 -15.22 70.75
N ARG B 653 -77.28 -15.38 71.60
CA ARG B 653 -78.18 -16.52 71.50
C ARG B 653 -79.05 -16.42 70.24
N GLN B 654 -79.62 -15.25 69.96
CA GLN B 654 -80.53 -15.13 68.83
C GLN B 654 -79.82 -15.33 67.50
N LEU B 655 -78.66 -14.69 67.32
CA LEU B 655 -77.92 -14.85 66.08
C LEU B 655 -77.47 -16.30 65.90
N SER B 656 -77.00 -16.93 66.98
CA SER B 656 -76.59 -18.33 66.89
C SER B 656 -77.78 -19.22 66.58
N SER B 657 -78.96 -18.88 67.09
CA SER B 657 -80.15 -19.64 66.75
C SER B 657 -80.46 -19.53 65.26
N LEU B 658 -80.34 -18.32 64.72
CA LEU B 658 -80.49 -18.15 63.28
C LEU B 658 -79.51 -19.05 62.52
N PHE B 659 -78.24 -19.00 62.90
CA PHE B 659 -77.22 -19.77 62.20
C PHE B 659 -77.50 -21.27 62.27
N LEU B 660 -77.85 -21.76 63.46
CA LEU B 660 -78.04 -23.19 63.64
C LEU B 660 -79.32 -23.67 62.98
N ASP B 661 -80.37 -22.86 62.95
CA ASP B 661 -81.56 -23.21 62.18
C ASP B 661 -81.24 -23.31 60.70
N GLY B 662 -80.45 -22.36 60.18
CA GLY B 662 -80.02 -22.46 58.80
C GLY B 662 -79.26 -23.75 58.54
N LEU B 663 -78.37 -24.12 59.46
CA LEU B 663 -77.63 -25.38 59.29
C LEU B 663 -78.56 -26.58 59.31
N GLU B 664 -79.56 -26.56 60.17
CA GLU B 664 -80.49 -27.66 60.25
C GLU B 664 -81.22 -27.81 58.94
N LYS B 665 -81.73 -26.72 58.40
CA LYS B 665 -82.39 -26.76 57.10
C LYS B 665 -81.44 -27.29 56.03
N ALA B 666 -80.19 -26.82 56.04
CA ALA B 666 -79.25 -27.27 55.04
C ALA B 666 -79.05 -28.78 55.13
N ALA B 667 -78.98 -29.33 56.33
CA ALA B 667 -78.73 -30.75 56.47
C ALA B 667 -79.90 -31.59 55.99
N PHE B 668 -81.12 -31.09 56.18
CA PHE B 668 -82.30 -31.85 55.81
C PHE B 668 -82.71 -31.62 54.37
N ASN B 669 -83.00 -30.38 54.00
CA ASN B 669 -83.48 -30.11 52.65
C ASN B 669 -82.37 -29.73 51.68
N GLY B 670 -81.16 -29.50 52.16
CA GLY B 670 -80.12 -28.98 51.29
C GLY B 670 -80.32 -27.50 51.02
N VAL B 671 -79.34 -26.86 50.39
CA VAL B 671 -79.35 -25.42 50.19
C VAL B 671 -78.85 -25.13 48.79
N THR B 672 -79.48 -24.17 48.13
CA THR B 672 -79.13 -23.81 46.76
C THR B 672 -78.25 -22.57 46.75
N PHE B 673 -77.26 -22.58 45.86
CA PHE B 673 -76.41 -21.43 45.58
C PHE B 673 -76.58 -20.96 44.15
N LYS B 674 -77.77 -21.16 43.59
CA LYS B 674 -78.05 -20.70 42.24
C LYS B 674 -77.86 -19.19 42.14
N ASP B 675 -77.25 -18.75 41.04
CA ASP B 675 -77.03 -17.35 40.75
C ASP B 675 -76.03 -16.67 41.69
N LYS B 676 -75.26 -17.46 42.42
CA LYS B 676 -74.19 -16.90 43.26
C LYS B 676 -72.86 -16.98 42.53
N TYR B 677 -72.16 -15.88 42.40
CA TYR B 677 -70.84 -15.84 41.76
C TYR B 677 -69.84 -15.81 42.89
N VAL B 678 -68.80 -16.61 42.83
CA VAL B 678 -67.87 -16.78 43.93
C VAL B 678 -66.45 -16.86 43.39
N LEU B 679 -65.53 -16.20 44.08
CA LEU B 679 -64.10 -16.39 43.86
C LEU B 679 -63.51 -17.03 45.11
N ILE B 680 -62.81 -18.14 44.93
CA ILE B 680 -62.18 -18.85 46.05
C ILE B 680 -60.71 -19.10 45.70
N THR B 681 -59.85 -18.81 46.65
CA THR B 681 -58.43 -19.09 46.52
C THR B 681 -58.06 -20.10 47.58
N GLY B 682 -57.00 -20.88 47.37
CA GLY B 682 -56.57 -21.88 48.34
C GLY B 682 -57.44 -23.11 48.47
N ALA B 683 -58.08 -23.53 47.38
CA ALA B 683 -58.98 -24.69 47.41
C ALA B 683 -58.38 -25.92 46.73
N GLY B 684 -57.09 -26.11 46.87
CA GLY B 684 -56.45 -27.27 46.30
C GLY B 684 -56.84 -28.57 46.97
N LYS B 685 -56.48 -29.70 46.37
CA LYS B 685 -56.84 -30.99 46.92
C LYS B 685 -56.31 -31.16 48.34
N GLY B 686 -57.15 -31.68 49.22
CA GLY B 686 -56.76 -31.88 50.61
C GLY B 686 -56.97 -30.67 51.50
N SER B 687 -57.70 -29.68 51.02
CA SER B 687 -57.93 -28.46 51.81
C SER B 687 -59.38 -28.29 52.18
N ILE B 688 -59.66 -27.38 53.10
CA ILE B 688 -61.04 -27.08 53.44
C ILE B 688 -61.69 -26.44 52.23
N GLY B 689 -60.91 -25.65 51.49
CA GLY B 689 -61.42 -24.97 50.33
C GLY B 689 -61.95 -25.90 49.26
N ALA B 690 -61.30 -27.05 49.08
CA ALA B 690 -61.77 -28.04 48.13
C ALA B 690 -63.16 -28.52 48.49
N GLU B 691 -63.42 -28.78 49.77
CA GLU B 691 -64.74 -29.21 50.21
C GLU B 691 -65.77 -28.09 50.07
N VAL B 692 -65.36 -26.85 50.37
CA VAL B 692 -66.26 -25.72 50.15
C VAL B 692 -66.62 -25.60 48.67
N LEU B 693 -65.64 -25.80 47.79
CA LEU B 693 -65.86 -25.65 46.35
C LEU B 693 -66.83 -26.71 45.85
N GLN B 694 -66.68 -27.95 46.30
CA GLN B 694 -67.59 -28.98 45.84
C GLN B 694 -69.00 -28.72 46.35
N GLY B 695 -69.13 -28.25 47.60
CA GLY B 695 -70.44 -27.83 48.07
C GLY B 695 -71.04 -26.72 47.23
N LEU B 696 -70.23 -25.72 46.86
CA LEU B 696 -70.74 -24.62 46.05
C LEU B 696 -71.24 -25.12 44.70
N LEU B 697 -70.45 -25.97 44.03
CA LEU B 697 -70.83 -26.48 42.72
C LEU B 697 -72.07 -27.35 42.80
N GLN B 698 -72.24 -28.11 43.88
CA GLN B 698 -73.46 -28.89 44.02
C GLN B 698 -74.71 -28.02 44.07
N GLY B 699 -74.61 -26.83 44.62
CA GLY B 699 -75.73 -25.93 44.72
C GLY B 699 -75.94 -25.02 43.53
N GLY B 700 -75.17 -25.17 42.47
CA GLY B 700 -75.39 -24.41 41.25
C GLY B 700 -74.59 -23.13 41.10
N ALA B 701 -73.54 -22.93 41.89
CA ALA B 701 -72.80 -21.68 41.88
C ALA B 701 -71.91 -21.55 40.63
N LYS B 702 -71.59 -20.31 40.31
CA LYS B 702 -70.57 -19.97 39.32
C LYS B 702 -69.30 -19.63 40.09
N VAL B 703 -68.24 -20.41 39.91
CA VAL B 703 -67.08 -20.36 40.79
C VAL B 703 -65.83 -20.15 39.95
N VAL B 704 -65.01 -19.19 40.34
CA VAL B 704 -63.64 -19.05 39.85
C VAL B 704 -62.73 -19.58 40.95
N VAL B 705 -61.90 -20.55 40.62
CA VAL B 705 -61.04 -21.19 41.58
C VAL B 705 -59.60 -20.99 41.12
N THR B 706 -58.78 -20.46 41.99
CA THR B 706 -57.39 -20.21 41.65
C THR B 706 -56.49 -21.35 42.03
N THR B 707 -55.27 -21.36 41.51
CA THR B 707 -54.31 -22.38 41.87
C THR B 707 -52.91 -21.87 41.70
N SER B 708 -52.04 -22.22 42.61
CA SER B 708 -50.66 -21.80 42.57
C SER B 708 -49.81 -22.88 41.90
N ARG B 709 -50.39 -24.04 41.61
CA ARG B 709 -49.67 -25.14 40.92
C ARG B 709 -50.39 -25.59 39.65
N PHE B 710 -50.60 -24.68 38.73
CA PHE B 710 -51.32 -25.01 37.52
C PHE B 710 -50.60 -26.09 36.71
N SER B 711 -51.27 -27.20 36.46
CA SER B 711 -50.65 -28.31 35.74
C SER B 711 -51.72 -29.18 35.12
N LYS B 712 -51.34 -30.15 34.29
CA LYS B 712 -52.30 -31.09 33.74
C LYS B 712 -52.98 -31.82 34.88
N GLN B 713 -52.21 -32.24 35.86
CA GLN B 713 -52.77 -32.98 36.98
C GLN B 713 -53.84 -32.17 37.71
N VAL B 714 -53.59 -30.89 37.95
CA VAL B 714 -54.54 -30.06 38.67
C VAL B 714 -55.78 -29.76 37.84
N THR B 715 -55.62 -29.51 36.55
CA THR B 715 -56.76 -29.26 35.67
C THR B 715 -57.61 -30.52 35.52
N ASP B 716 -57.00 -31.69 35.47
CA ASP B 716 -57.74 -32.95 35.41
C ASP B 716 -58.47 -33.16 36.72
N TYR B 717 -57.82 -32.87 37.84
CA TYR B 717 -58.50 -32.99 39.14
C TYR B 717 -59.76 -32.14 39.18
N TYR B 718 -59.69 -30.89 38.73
CA TYR B 718 -60.86 -30.02 38.75
C TYR B 718 -61.90 -30.46 37.72
N GLN B 719 -61.48 -30.97 36.58
CA GLN B 719 -62.43 -31.46 35.60
C GLN B 719 -63.25 -32.60 36.19
N SER B 720 -62.60 -33.48 36.93
CA SER B 720 -63.30 -34.60 37.54
C SER B 720 -64.21 -34.11 38.66
N ILE B 721 -63.78 -33.11 39.42
CA ILE B 721 -64.66 -32.53 40.43
C ILE B 721 -65.92 -31.98 39.78
N TYR B 722 -65.76 -31.21 38.70
CA TYR B 722 -66.93 -30.64 38.03
C TYR B 722 -67.82 -31.73 37.45
N ALA B 723 -67.24 -32.76 36.86
CA ALA B 723 -68.02 -33.83 36.27
C ALA B 723 -68.80 -34.55 37.34
N LYS B 724 -68.27 -34.59 38.56
CA LYS B 724 -68.96 -35.29 39.63
C LYS B 724 -70.03 -34.42 40.30
N TYR B 725 -69.73 -33.15 40.57
CA TYR B 725 -70.58 -32.33 41.43
C TYR B 725 -71.24 -31.15 40.74
N GLY B 726 -70.83 -30.80 39.53
CA GLY B 726 -71.35 -29.61 38.89
C GLY B 726 -72.82 -29.71 38.54
N ALA B 727 -73.68 -29.00 39.27
CA ALA B 727 -75.11 -29.05 39.04
C ALA B 727 -75.50 -28.19 37.85
N LYS B 728 -76.75 -28.32 37.44
CA LYS B 728 -77.26 -27.49 36.36
C LYS B 728 -77.08 -26.02 36.60
N GLY B 729 -76.60 -25.30 35.61
CA GLY B 729 -76.36 -23.89 35.73
C GLY B 729 -75.07 -23.51 36.42
N SER B 730 -74.31 -24.47 36.92
CA SER B 730 -73.05 -24.18 37.58
C SER B 730 -71.91 -24.10 36.58
N THR B 731 -70.91 -23.30 36.90
CA THR B 731 -69.71 -23.13 36.09
C THR B 731 -68.50 -23.14 37.00
N LEU B 732 -67.40 -23.69 36.50
CA LEU B 732 -66.13 -23.66 37.21
C LEU B 732 -65.07 -23.09 36.27
N ILE B 733 -64.38 -22.06 36.73
CA ILE B 733 -63.28 -21.44 35.99
C ILE B 733 -62.02 -21.64 36.81
N VAL B 734 -61.02 -22.30 36.24
CA VAL B 734 -59.75 -22.57 36.92
C VAL B 734 -58.69 -21.66 36.30
N VAL B 735 -58.06 -20.83 37.13
CA VAL B 735 -57.01 -19.94 36.66
C VAL B 735 -55.73 -20.13 37.48
N PRO B 736 -54.56 -19.99 36.88
CA PRO B 736 -53.35 -19.90 37.69
C PRO B 736 -53.30 -18.56 38.41
N PHE B 737 -52.73 -18.57 39.61
CA PHE B 737 -52.78 -17.38 40.44
C PHE B 737 -51.68 -17.45 41.47
N ASN B 738 -50.99 -16.34 41.66
CA ASN B 738 -50.07 -16.16 42.78
C ASN B 738 -50.64 -15.04 43.64
N GLN B 739 -51.31 -15.41 44.72
CA GLN B 739 -51.85 -14.42 45.64
C GLN B 739 -50.76 -13.54 46.24
N GLY B 740 -49.51 -13.99 46.19
CA GLY B 740 -48.38 -13.19 46.65
C GLY B 740 -47.98 -12.05 45.74
N SER B 741 -48.56 -11.96 44.54
CA SER B 741 -48.23 -10.91 43.58
C SER B 741 -49.41 -9.96 43.46
N LYS B 742 -49.14 -8.67 43.70
CA LYS B 742 -50.22 -7.69 43.62
C LYS B 742 -50.68 -7.49 42.17
N GLN B 743 -49.78 -7.64 41.20
CA GLN B 743 -50.19 -7.57 39.80
C GLN B 743 -51.12 -8.73 39.45
N ASP B 744 -50.86 -9.92 40.00
CA ASP B 744 -51.77 -11.05 39.79
C ASP B 744 -53.14 -10.75 40.36
N VAL B 745 -53.20 -10.18 41.58
CA VAL B 745 -54.48 -9.87 42.20
C VAL B 745 -55.26 -8.88 41.35
N GLU B 746 -54.61 -7.85 40.92
CA GLU B 746 -55.28 -6.83 40.13
C GLU B 746 -55.74 -7.38 38.79
N ALA B 747 -54.89 -8.14 38.13
CA ALA B 747 -55.26 -8.75 36.86
C ALA B 747 -56.40 -9.77 36.99
N LEU B 748 -56.42 -10.54 38.07
CA LEU B 748 -57.49 -11.51 38.25
C LEU B 748 -58.83 -10.82 38.45
N ILE B 749 -58.88 -9.80 39.29
CA ILE B 749 -60.16 -9.10 39.49
C ILE B 749 -60.58 -8.38 38.22
N GLU B 750 -59.63 -7.76 37.54
CA GLU B 750 -59.93 -7.12 36.28
C GLU B 750 -60.50 -8.15 35.28
N PHE B 751 -59.92 -9.33 35.21
CA PHE B 751 -60.42 -10.39 34.33
C PHE B 751 -61.82 -10.79 34.71
N ILE B 752 -62.11 -10.91 36.00
CA ILE B 752 -63.44 -11.32 36.44
C ILE B 752 -64.47 -10.28 36.02
N TYR B 753 -64.17 -9.00 36.13
CA TYR B 753 -65.15 -7.96 35.84
C TYR B 753 -65.18 -7.45 34.39
N ASP B 754 -64.16 -7.73 33.60
CA ASP B 754 -64.12 -7.29 32.21
C ASP B 754 -65.21 -7.96 31.39
N THR B 755 -65.74 -7.24 30.43
CA THR B 755 -66.73 -7.82 29.53
C THR B 755 -66.14 -8.93 28.72
N GLU B 756 -66.99 -9.82 28.24
CA GLU B 756 -66.53 -10.95 27.45
C GLU B 756 -65.93 -10.54 26.12
N LYS B 757 -66.43 -9.47 25.55
CA LYS B 757 -65.88 -8.97 24.30
C LYS B 757 -64.49 -8.51 24.56
N ASN B 758 -64.24 -8.05 25.77
CA ASN B 758 -62.92 -7.61 26.17
C ASN B 758 -62.05 -8.75 26.70
N GLY B 759 -62.54 -9.99 26.65
CA GLY B 759 -61.76 -11.12 27.10
C GLY B 759 -61.94 -11.48 28.56
N GLY B 760 -62.84 -10.83 29.29
CA GLY B 760 -63.12 -11.18 30.66
C GLY B 760 -64.34 -12.08 30.79
N LEU B 761 -64.76 -12.28 32.03
CA LEU B 761 -65.92 -13.12 32.32
C LEU B 761 -67.23 -12.38 32.31
N GLY B 762 -67.21 -11.08 32.55
CA GLY B 762 -68.43 -10.30 32.66
C GLY B 762 -69.20 -10.59 33.93
N TRP B 763 -68.52 -11.02 34.98
CA TRP B 763 -69.18 -11.37 36.24
C TRP B 763 -69.17 -10.22 37.22
N ASP B 764 -69.98 -10.36 38.28
CA ASP B 764 -69.99 -9.40 39.39
C ASP B 764 -70.03 -10.38 40.57
N LEU B 765 -69.08 -10.33 41.49
CA LEU B 765 -68.93 -11.33 42.54
C LEU B 765 -69.95 -11.14 43.66
N ASP B 766 -70.46 -12.24 44.18
CA ASP B 766 -71.35 -12.20 45.32
C ASP B 766 -70.61 -12.67 46.57
N ALA B 767 -69.43 -13.25 46.40
CA ALA B 767 -68.64 -13.75 47.52
C ALA B 767 -67.17 -13.96 47.21
N ILE B 768 -66.29 -13.67 48.16
CA ILE B 768 -64.86 -13.89 48.02
C ILE B 768 -64.42 -14.75 49.19
N ILE B 769 -63.67 -15.81 48.91
CA ILE B 769 -63.27 -16.77 49.93
C ILE B 769 -61.76 -16.91 49.85
N PRO B 770 -60.98 -15.98 50.41
CA PRO B 770 -59.52 -15.98 50.22
C PRO B 770 -58.77 -16.85 51.23
N PHE B 771 -58.77 -18.15 50.97
CA PHE B 771 -58.17 -19.10 51.91
C PHE B 771 -56.72 -19.49 51.59
N ALA B 772 -56.14 -18.94 50.53
CA ALA B 772 -54.76 -19.24 50.20
C ALA B 772 -53.83 -18.93 51.38
N ALA B 773 -52.87 -19.82 51.62
CA ALA B 773 -51.91 -19.63 52.70
C ALA B 773 -50.70 -20.48 52.44
N ILE B 774 -49.60 -20.20 53.13
CA ILE B 774 -48.40 -21.02 52.99
C ILE B 774 -47.90 -21.37 54.38
N PRO B 775 -47.34 -22.56 54.55
CA PRO B 775 -46.93 -23.01 55.89
C PRO B 775 -45.68 -22.37 56.49
N GLU B 776 -45.74 -22.01 57.76
CA GLU B 776 -44.58 -21.48 58.46
C GLU B 776 -44.37 -22.36 59.68
N GLN B 777 -43.34 -23.19 59.65
CA GLN B 777 -43.07 -24.12 60.75
C GLN B 777 -41.67 -23.89 61.30
N GLY B 778 -41.55 -23.87 62.63
CA GLY B 778 -40.25 -23.67 63.24
C GLY B 778 -39.69 -22.27 63.09
N ILE B 779 -40.52 -21.33 62.69
CA ILE B 779 -40.09 -19.95 62.56
C ILE B 779 -40.51 -19.20 63.79
N GLU B 780 -39.59 -19.03 64.71
CA GLU B 780 -39.88 -18.28 65.92
C GLU B 780 -39.59 -16.80 65.66
N LEU B 781 -39.70 -15.98 66.70
CA LEU B 781 -39.54 -14.53 66.54
C LEU B 781 -38.24 -14.17 65.86
N GLU B 782 -37.13 -14.81 66.24
CA GLU B 782 -35.83 -14.41 65.71
C GLU B 782 -35.55 -14.98 64.32
N HIS B 783 -36.37 -15.91 63.85
CA HIS B 783 -36.19 -16.46 62.52
C HIS B 783 -37.03 -15.75 61.47
N ILE B 784 -37.85 -14.79 61.87
CA ILE B 784 -38.74 -14.12 60.93
C ILE B 784 -37.91 -13.44 59.86
N ASP B 785 -38.10 -13.85 58.61
CA ASP B 785 -37.23 -13.45 57.53
C ASP B 785 -38.07 -13.40 56.26
N SER B 786 -37.41 -13.55 55.11
CA SER B 786 -38.04 -13.38 53.81
C SER B 786 -39.32 -14.20 53.67
N LYS B 787 -39.26 -15.49 54.01
CA LYS B 787 -40.42 -16.35 53.84
C LYS B 787 -41.60 -15.85 54.66
N SER B 788 -41.36 -15.46 55.92
CA SER B 788 -42.47 -15.01 56.75
C SER B 788 -43.06 -13.71 56.21
N GLU B 789 -42.22 -12.82 55.69
CA GLU B 789 -42.74 -11.58 55.11
C GLU B 789 -43.60 -11.86 53.88
N PHE B 790 -43.18 -12.81 53.05
CA PHE B 790 -43.96 -13.18 51.87
C PHE B 790 -45.28 -13.84 52.28
N ALA B 791 -45.25 -14.73 53.26
CA ALA B 791 -46.48 -15.33 53.76
C ALA B 791 -47.42 -14.27 54.31
N HIS B 792 -46.87 -13.29 55.02
CA HIS B 792 -47.69 -12.19 55.52
C HIS B 792 -48.33 -11.44 54.36
N ARG B 793 -47.57 -11.19 53.30
CA ARG B 793 -48.15 -10.55 52.12
C ARG B 793 -49.35 -11.34 51.61
N ILE B 794 -49.17 -12.63 51.38
CA ILE B 794 -50.25 -13.46 50.84
C ILE B 794 -51.48 -13.40 51.73
N MET B 795 -51.28 -13.60 53.04
CA MET B 795 -52.39 -13.89 53.91
C MET B 795 -53.03 -12.67 54.54
N LEU B 796 -52.50 -11.51 54.26
CA LEU B 796 -53.13 -10.33 54.77
C LEU B 796 -53.08 -9.16 53.83
N THR B 797 -51.92 -8.83 53.29
CA THR B 797 -51.83 -7.57 52.58
C THR B 797 -52.56 -7.66 51.26
N ASN B 798 -52.33 -8.75 50.54
CA ASN B 798 -52.96 -8.92 49.24
C ASN B 798 -54.40 -9.35 49.38
N ILE B 799 -54.82 -9.86 50.53
CA ILE B 799 -56.25 -10.03 50.78
C ILE B 799 -56.92 -8.66 50.88
N LEU B 800 -56.29 -7.72 51.57
CA LEU B 800 -56.84 -6.37 51.61
C LEU B 800 -56.83 -5.76 50.22
N ARG B 801 -55.78 -5.98 49.45
CA ARG B 801 -55.74 -5.49 48.07
C ARG B 801 -56.85 -6.13 47.19
N MET B 802 -57.13 -7.40 47.39
CA MET B 802 -58.19 -8.04 46.63
C MET B 802 -59.55 -7.45 46.97
N MET B 803 -59.81 -7.23 48.26
CA MET B 803 -61.02 -6.51 48.65
C MET B 803 -61.09 -5.15 47.99
N GLY B 804 -59.98 -4.40 48.02
CA GLY B 804 -59.95 -3.08 47.41
C GLY B 804 -60.22 -3.12 45.92
N CYS B 805 -59.63 -4.08 45.21
CA CYS B 805 -59.84 -4.22 43.78
C CYS B 805 -61.31 -4.50 43.46
N VAL B 806 -61.94 -5.36 44.24
CA VAL B 806 -63.35 -5.63 44.02
C VAL B 806 -64.18 -4.37 44.29
N LYS B 807 -63.82 -3.62 45.33
CA LYS B 807 -64.54 -2.40 45.64
C LYS B 807 -64.44 -1.40 44.49
N LYS B 808 -63.25 -1.27 43.91
CA LYS B 808 -63.06 -0.34 42.80
C LYS B 808 -63.82 -0.79 41.55
N GLN B 809 -63.84 -2.07 41.25
CA GLN B 809 -64.56 -2.54 40.08
C GLN B 809 -66.04 -2.29 40.26
N LYS B 810 -66.58 -2.60 41.43
CA LYS B 810 -67.99 -2.40 41.68
C LYS B 810 -68.36 -0.92 41.63
N SER B 811 -67.51 -0.04 42.15
CA SER B 811 -67.85 1.39 42.17
C SER B 811 -67.68 2.03 40.81
N ALA B 812 -66.70 1.61 40.02
CA ALA B 812 -66.56 2.16 38.68
C ALA B 812 -67.80 1.91 37.84
N ARG B 813 -68.58 0.90 38.20
CA ARG B 813 -69.79 0.58 37.47
C ARG B 813 -71.02 1.01 38.24
N GLY B 814 -70.85 1.80 39.29
CA GLY B 814 -71.97 2.30 40.05
C GLY B 814 -72.81 1.24 40.74
N ILE B 815 -72.22 0.07 41.00
CA ILE B 815 -72.93 -1.02 41.67
C ILE B 815 -72.95 -0.77 43.18
N GLU B 816 -74.11 -0.46 43.74
CA GLU B 816 -74.23 -0.16 45.15
C GLU B 816 -75.14 -1.10 45.90
N THR B 817 -75.81 -2.03 45.22
CA THR B 817 -76.83 -2.86 45.84
C THR B 817 -76.54 -4.34 45.67
N ARG B 818 -75.34 -4.67 45.24
CA ARG B 818 -74.94 -6.07 45.09
C ARG B 818 -73.62 -6.29 45.80
N PRO B 819 -73.63 -6.31 47.13
CA PRO B 819 -72.37 -6.45 47.88
C PRO B 819 -71.74 -7.87 47.84
N ALA B 820 -70.42 -7.97 47.84
CA ALA B 820 -69.73 -9.25 47.86
C ALA B 820 -69.41 -9.61 49.32
N GLN B 821 -69.89 -10.77 49.74
CA GLN B 821 -69.60 -11.24 51.08
C GLN B 821 -68.21 -11.85 51.16
N VAL B 822 -67.38 -11.27 52.00
CA VAL B 822 -66.02 -11.77 52.18
C VAL B 822 -65.99 -12.68 53.40
N ILE B 823 -65.59 -13.92 53.18
CA ILE B 823 -65.53 -14.93 54.23
C ILE B 823 -64.07 -14.99 54.69
N LEU B 824 -63.76 -14.34 55.79
CA LEU B 824 -62.38 -14.22 56.23
C LEU B 824 -61.96 -15.46 57.01
N PRO B 825 -60.87 -16.13 56.64
CA PRO B 825 -60.43 -17.28 57.44
C PRO B 825 -59.67 -16.83 58.67
N MET B 826 -60.34 -16.81 59.82
CA MET B 826 -59.74 -16.31 61.04
C MET B 826 -59.32 -17.44 61.95
N SER B 827 -58.42 -17.15 62.87
CA SER B 827 -57.90 -18.17 63.76
C SER B 827 -58.26 -17.85 65.20
N PRO B 828 -58.51 -18.89 66.00
CA PRO B 828 -58.83 -18.67 67.41
C PRO B 828 -57.61 -18.56 68.32
N ASN B 829 -56.41 -18.84 67.80
CA ASN B 829 -55.21 -18.91 68.61
C ASN B 829 -54.18 -17.95 68.01
N HIS B 830 -53.99 -16.82 68.66
CA HIS B 830 -53.03 -15.83 68.19
C HIS B 830 -51.78 -15.89 69.03
N GLY B 831 -50.74 -16.50 68.50
CA GLY B 831 -49.46 -16.61 69.18
C GLY B 831 -49.39 -17.68 70.25
N THR B 832 -50.43 -18.51 70.38
CA THR B 832 -50.52 -19.44 71.49
C THR B 832 -49.59 -20.64 71.32
N PHE B 833 -49.26 -21.01 70.09
CA PHE B 833 -48.40 -22.17 69.87
C PHE B 833 -46.97 -21.79 69.56
N GLY B 834 -46.73 -20.66 68.91
CA GLY B 834 -45.39 -20.23 68.58
C GLY B 834 -44.83 -21.01 67.40
N GLY B 835 -43.72 -20.51 66.89
CA GLY B 835 -43.02 -21.18 65.82
C GLY B 835 -43.64 -21.06 64.45
N ASP B 836 -44.62 -20.18 64.26
CA ASP B 836 -45.34 -20.08 63.00
C ASP B 836 -45.09 -18.76 62.28
N GLY B 837 -43.92 -18.16 62.49
CA GLY B 837 -43.57 -16.98 61.71
C GLY B 837 -44.49 -15.82 62.02
N MET B 838 -45.16 -15.32 60.97
CA MET B 838 -46.10 -14.21 61.09
C MET B 838 -47.54 -14.66 60.85
N TYR B 839 -47.81 -15.94 60.97
CA TYR B 839 -49.17 -16.44 60.80
C TYR B 839 -50.14 -15.76 61.73
N SER B 840 -49.81 -15.71 63.01
CA SER B 840 -50.73 -15.16 63.99
C SER B 840 -50.90 -13.65 63.80
N GLU B 841 -49.85 -12.96 63.40
CA GLU B 841 -49.97 -11.54 63.09
C GLU B 841 -50.96 -11.30 61.93
N SER B 842 -50.81 -12.05 60.84
CA SER B 842 -51.75 -11.97 59.73
C SER B 842 -53.19 -12.21 60.19
N LYS B 843 -53.40 -13.32 60.90
CA LYS B 843 -54.76 -13.68 61.31
C LYS B 843 -55.39 -12.65 62.21
N LEU B 844 -54.63 -12.16 63.18
CA LEU B 844 -55.16 -11.14 64.08
C LEU B 844 -55.41 -9.83 63.35
N SER B 845 -54.58 -9.49 62.37
CA SER B 845 -54.78 -8.25 61.64
C SER B 845 -56.09 -8.22 60.84
N LEU B 846 -56.54 -9.38 60.36
CA LEU B 846 -57.77 -9.44 59.60
C LEU B 846 -58.93 -8.91 60.43
N GLU B 847 -58.83 -9.00 61.74
CA GLU B 847 -59.97 -8.57 62.55
C GLU B 847 -60.27 -7.07 62.54
N THR B 848 -59.38 -6.24 62.03
CA THR B 848 -59.65 -4.81 61.91
C THR B 848 -60.82 -4.55 60.98
N LEU B 849 -61.07 -5.43 60.04
CA LEU B 849 -62.11 -5.24 59.05
C LEU B 849 -63.52 -5.15 59.63
N PHE B 850 -63.72 -5.74 60.79
CA PHE B 850 -65.02 -5.64 61.45
C PHE B 850 -65.35 -4.18 61.70
N ASN B 851 -64.35 -3.40 62.10
CA ASN B 851 -64.57 -1.99 62.40
C ASN B 851 -64.39 -1.09 61.18
N ARG B 852 -63.48 -1.43 60.27
CA ARG B 852 -63.30 -0.63 59.08
C ARG B 852 -64.51 -0.65 58.16
N TRP B 853 -65.35 -1.66 58.28
CA TRP B 853 -66.56 -1.74 57.49
C TRP B 853 -67.43 -0.55 57.87
N HIS B 854 -67.50 -0.26 59.16
CA HIS B 854 -68.27 0.87 59.63
C HIS B 854 -67.58 2.22 59.49
N SER B 855 -66.25 2.27 59.49
CA SER B 855 -65.59 3.57 59.51
C SER B 855 -65.18 4.10 58.13
N GLU B 856 -65.34 3.31 57.08
CA GLU B 856 -64.91 3.76 55.76
C GLU B 856 -66.08 3.85 54.78
N SER B 857 -65.80 3.82 53.49
CA SER B 857 -66.85 3.97 52.47
C SER B 857 -67.01 2.82 51.49
N TRP B 858 -66.75 1.60 51.93
CA TRP B 858 -66.83 0.44 51.04
C TRP B 858 -67.88 -0.55 51.49
N ALA B 859 -68.69 -0.21 52.49
CA ALA B 859 -69.67 -1.14 53.02
C ALA B 859 -70.79 -1.56 52.04
N ASN B 860 -71.09 -0.76 51.03
CA ASN B 860 -72.09 -1.13 50.03
C ASN B 860 -71.55 -2.10 48.98
N GLN B 861 -70.22 -2.20 48.86
CA GLN B 861 -69.62 -3.10 47.90
C GLN B 861 -69.13 -4.39 48.53
N LEU B 862 -68.90 -4.40 49.84
CA LEU B 862 -68.36 -5.57 50.51
C LEU B 862 -68.99 -5.71 51.88
N THR B 863 -69.20 -6.95 52.28
CA THR B 863 -69.68 -7.24 53.61
C THR B 863 -68.62 -8.12 54.25
N VAL B 864 -68.62 -8.26 55.56
CA VAL B 864 -67.58 -8.95 56.31
C VAL B 864 -68.23 -10.09 57.07
N CYS B 865 -67.74 -11.31 56.85
CA CYS B 865 -68.17 -12.48 57.62
C CYS B 865 -66.92 -13.15 58.14
N GLY B 866 -66.64 -12.97 59.42
CA GLY B 866 -65.47 -13.57 60.02
C GLY B 866 -65.75 -14.96 60.51
N ALA B 867 -64.99 -15.94 60.02
CA ALA B 867 -65.15 -17.32 60.42
C ALA B 867 -63.92 -17.72 61.23
N ILE B 868 -64.12 -17.95 62.52
CA ILE B 868 -63.05 -18.42 63.40
C ILE B 868 -63.02 -19.93 63.26
N ILE B 869 -62.12 -20.44 62.42
CA ILE B 869 -62.10 -21.87 62.10
C ILE B 869 -61.44 -22.72 63.17
N GLY B 870 -62.12 -23.79 63.56
CA GLY B 870 -61.62 -24.66 64.61
C GLY B 870 -60.67 -25.75 64.18
N TRP B 871 -60.30 -26.61 65.11
CA TRP B 871 -59.40 -27.71 64.81
C TRP B 871 -59.94 -28.59 63.70
N THR B 872 -59.32 -28.53 62.54
CA THR B 872 -59.82 -29.25 61.38
C THR B 872 -58.79 -30.31 60.98
N ARG B 873 -59.11 -31.57 61.19
CA ARG B 873 -58.18 -32.65 60.90
C ARG B 873 -57.96 -32.88 59.42
N GLY B 874 -56.71 -32.98 58.98
CA GLY B 874 -56.42 -33.34 57.60
C GLY B 874 -55.87 -32.32 56.63
N THR B 875 -55.63 -31.09 57.08
CA THR B 875 -55.20 -30.05 56.14
C THR B 875 -53.70 -29.87 56.10
N GLY B 876 -53.23 -28.99 55.22
CA GLY B 876 -51.81 -28.71 55.15
C GLY B 876 -51.41 -27.89 56.36
N LEU B 877 -52.39 -27.31 57.04
CA LEU B 877 -52.12 -26.49 58.20
C LEU B 877 -52.25 -27.25 59.51
N MET B 878 -52.85 -28.44 59.48
CA MET B 878 -53.09 -29.14 60.74
C MET B 878 -52.85 -30.65 60.71
N SER B 879 -52.49 -31.18 59.55
CA SER B 879 -52.30 -32.62 59.41
C SER B 879 -51.41 -33.26 60.47
N ALA B 880 -50.32 -32.60 60.82
CA ALA B 880 -49.39 -33.15 61.81
C ALA B 880 -49.97 -33.37 63.20
N ASN B 881 -51.22 -32.99 63.44
CA ASN B 881 -51.81 -33.10 64.76
C ASN B 881 -52.97 -34.08 64.81
N ASN B 882 -53.20 -34.87 63.76
CA ASN B 882 -54.32 -35.80 63.79
C ASN B 882 -54.22 -36.77 64.97
N ILE B 883 -53.01 -37.07 65.44
CA ILE B 883 -52.82 -38.15 66.40
C ILE B 883 -53.26 -37.78 67.81
N ILE B 884 -53.40 -36.50 68.13
CA ILE B 884 -53.87 -36.09 69.46
C ILE B 884 -55.31 -35.63 69.45
N ALA B 885 -55.99 -35.70 68.30
CA ALA B 885 -57.36 -35.22 68.21
C ALA B 885 -58.28 -36.00 69.15
N GLU B 886 -58.03 -37.30 69.31
CA GLU B 886 -58.87 -38.12 70.17
C GLU B 886 -58.80 -37.67 71.63
N GLY B 887 -57.59 -37.41 72.14
CA GLY B 887 -57.48 -36.94 73.51
C GLY B 887 -58.06 -35.54 73.67
N ILE B 888 -57.82 -34.68 72.69
CA ILE B 888 -58.44 -33.35 72.74
C ILE B 888 -59.94 -33.49 72.87
N GLU B 889 -60.54 -34.40 72.10
CA GLU B 889 -61.97 -34.62 72.20
C GLU B 889 -62.36 -35.20 73.55
N LYS B 890 -61.50 -36.06 74.11
CA LYS B 890 -61.77 -36.58 75.45
C LYS B 890 -61.94 -35.45 76.45
N MET B 891 -61.27 -34.32 76.20
CA MET B 891 -61.54 -33.17 77.07
C MET B 891 -62.95 -32.60 76.93
N GLY B 892 -63.79 -33.15 76.06
CA GLY B 892 -65.12 -32.61 75.85
C GLY B 892 -65.20 -31.58 74.75
N VAL B 893 -64.20 -31.49 73.90
CA VAL B 893 -64.14 -30.53 72.83
C VAL B 893 -64.35 -31.27 71.51
N ARG B 894 -64.72 -30.54 70.47
CA ARG B 894 -65.02 -31.13 69.17
C ARG B 894 -63.99 -30.70 68.15
N THR B 895 -63.35 -31.67 67.50
CA THR B 895 -62.58 -31.44 66.29
C THR B 895 -63.45 -31.74 65.08
N PHE B 896 -63.05 -31.19 63.93
CA PHE B 896 -63.87 -31.25 62.72
C PHE B 896 -63.11 -31.90 61.58
N SER B 897 -63.80 -32.73 60.81
CA SER B 897 -63.30 -33.11 59.51
C SER B 897 -63.46 -31.95 58.53
N GLN B 898 -62.70 -31.99 57.45
CA GLN B 898 -62.76 -30.93 56.45
C GLN B 898 -64.16 -30.83 55.86
N LYS B 899 -64.85 -31.96 55.73
CA LYS B 899 -66.21 -31.93 55.22
C LYS B 899 -67.13 -31.22 56.18
N GLU B 900 -66.98 -31.47 57.48
CA GLU B 900 -67.77 -30.78 58.50
C GLU B 900 -67.48 -29.29 58.52
N MET B 901 -66.21 -28.90 58.46
CA MET B 901 -65.90 -27.48 58.46
C MET B 901 -66.43 -26.79 57.21
N ALA B 902 -66.33 -27.46 56.05
CA ALA B 902 -66.91 -26.88 54.85
C ALA B 902 -68.41 -26.70 54.98
N PHE B 903 -69.09 -27.65 55.60
CA PHE B 903 -70.53 -27.51 55.83
C PHE B 903 -70.78 -26.33 56.75
N ASN B 904 -69.97 -26.15 57.79
CA ASN B 904 -70.10 -24.99 58.67
C ASN B 904 -69.96 -23.69 57.89
N LEU B 905 -68.93 -23.61 57.04
CA LEU B 905 -68.68 -22.39 56.30
C LEU B 905 -69.78 -22.11 55.29
N LEU B 906 -70.20 -23.13 54.55
CA LEU B 906 -71.31 -22.95 53.61
C LEU B 906 -72.58 -22.52 54.33
N GLY B 907 -72.70 -22.84 55.62
CA GLY B 907 -73.77 -22.26 56.42
C GLY B 907 -73.76 -20.74 56.43
N LEU B 908 -72.61 -20.12 56.19
CA LEU B 908 -72.55 -18.66 56.17
C LEU B 908 -72.93 -18.07 54.82
N LEU B 909 -73.29 -18.89 53.85
CA LEU B 909 -73.69 -18.38 52.54
C LEU B 909 -75.19 -18.53 52.32
N THR B 910 -75.92 -18.99 53.34
CA THR B 910 -77.36 -19.07 53.23
C THR B 910 -77.95 -17.67 53.16
N PRO B 911 -79.17 -17.53 52.65
CA PRO B 911 -79.76 -16.18 52.52
C PRO B 911 -79.86 -15.44 53.83
N GLU B 912 -80.15 -16.13 54.93
CA GLU B 912 -80.37 -15.47 56.21
C GLU B 912 -79.06 -14.86 56.74
N VAL B 913 -77.98 -15.63 56.71
CA VAL B 913 -76.70 -15.10 57.15
C VAL B 913 -76.21 -14.02 56.18
N VAL B 914 -76.51 -14.16 54.90
CA VAL B 914 -76.12 -13.15 53.93
C VAL B 914 -76.81 -11.82 54.24
N GLU B 915 -78.09 -11.85 54.55
CA GLU B 915 -78.80 -10.64 54.94
C GLU B 915 -78.24 -10.09 56.25
N LEU B 916 -77.95 -10.97 57.20
CA LEU B 916 -77.35 -10.55 58.45
C LEU B 916 -76.04 -9.79 58.21
N CYS B 917 -75.18 -10.31 57.35
CA CYS B 917 -73.92 -9.65 57.04
C CYS B 917 -74.16 -8.29 56.40
N GLN B 918 -75.19 -8.15 55.58
CA GLN B 918 -75.48 -6.86 54.99
C GLN B 918 -75.96 -5.88 56.05
N LYS B 919 -76.48 -6.38 57.17
CA LYS B 919 -76.87 -5.48 58.26
C LYS B 919 -75.64 -4.96 59.00
N SER B 920 -74.73 -5.87 59.36
CA SER B 920 -73.50 -5.49 60.03
C SER B 920 -72.61 -6.72 60.05
N PRO B 921 -71.30 -6.53 60.20
CA PRO B 921 -70.40 -7.69 60.13
C PRO B 921 -70.77 -8.77 61.14
N VAL B 922 -70.64 -10.00 60.68
CA VAL B 922 -70.95 -11.14 61.52
C VAL B 922 -69.68 -11.86 61.88
N MET B 923 -69.62 -12.40 63.08
CA MET B 923 -68.46 -13.15 63.52
C MET B 923 -68.95 -14.53 63.92
N ALA B 924 -68.48 -15.54 63.21
CA ALA B 924 -68.90 -16.92 63.43
C ALA B 924 -67.78 -17.66 64.14
N ASP B 925 -68.11 -18.26 65.29
CA ASP B 925 -67.19 -19.08 66.06
C ASP B 925 -67.43 -20.54 65.70
N LEU B 926 -66.55 -21.11 64.89
CA LEU B 926 -66.63 -22.50 64.48
C LEU B 926 -65.56 -23.33 65.18
N ASN B 927 -65.30 -23.03 66.44
CA ASN B 927 -64.17 -23.59 67.17
C ASN B 927 -64.52 -24.81 68.02
N GLY B 928 -65.79 -25.17 68.16
CA GLY B 928 -66.14 -26.39 68.87
C GLY B 928 -65.72 -26.41 70.32
N GLY B 929 -65.73 -25.25 70.99
CA GLY B 929 -65.39 -25.18 72.40
C GLY B 929 -63.93 -25.32 72.73
N LEU B 930 -63.03 -25.30 71.73
CA LEU B 930 -61.61 -25.45 72.03
C LEU B 930 -61.10 -24.30 72.88
N GLN B 931 -61.71 -23.12 72.78
CA GLN B 931 -61.26 -21.97 73.56
C GLN B 931 -61.42 -22.20 75.06
N PHE B 932 -62.21 -23.19 75.47
CA PHE B 932 -62.43 -23.42 76.89
C PHE B 932 -61.39 -24.33 77.52
N VAL B 933 -60.48 -24.89 76.73
CA VAL B 933 -59.38 -25.70 77.27
C VAL B 933 -58.27 -24.75 77.70
N PRO B 934 -57.87 -24.72 78.97
CA PRO B 934 -56.80 -23.82 79.38
C PRO B 934 -55.42 -24.38 79.08
N GLU B 935 -54.47 -23.47 78.88
CA GLU B 935 -53.09 -23.81 78.58
C GLU B 935 -53.02 -24.82 77.43
N LEU B 936 -53.55 -24.40 76.29
CA LEU B 936 -53.75 -25.33 75.18
C LEU B 936 -52.43 -25.89 74.66
N LYS B 937 -51.41 -25.03 74.55
CA LYS B 937 -50.12 -25.49 74.04
C LYS B 937 -49.55 -26.60 74.90
N GLU B 938 -49.53 -26.40 76.22
CA GLU B 938 -48.99 -27.42 77.11
C GLU B 938 -49.83 -28.67 77.09
N PHE B 939 -51.16 -28.53 77.06
CA PHE B 939 -52.02 -29.70 76.99
C PHE B 939 -51.73 -30.54 75.76
N THR B 940 -51.63 -29.90 74.59
CA THR B 940 -51.40 -30.68 73.37
C THR B 940 -50.00 -31.26 73.35
N ALA B 941 -49.01 -30.53 73.87
CA ALA B 941 -47.66 -31.09 73.97
C ALA B 941 -47.64 -32.30 74.88
N LYS B 942 -48.39 -32.27 75.98
CA LYS B 942 -48.44 -33.40 76.88
C LYS B 942 -49.06 -34.61 76.19
N LEU B 943 -50.15 -34.41 75.44
CA LEU B 943 -50.75 -35.50 74.70
C LEU B 943 -49.76 -36.08 73.72
N ARG B 944 -49.07 -35.23 72.99
CA ARG B 944 -48.13 -35.70 71.97
C ARG B 944 -46.99 -36.49 72.59
N LYS B 945 -46.44 -36.00 73.71
CA LYS B 945 -45.33 -36.71 74.33
C LYS B 945 -45.80 -38.02 74.94
N GLU B 946 -47.01 -38.06 75.47
CA GLU B 946 -47.54 -39.31 75.98
C GLU B 946 -47.53 -40.35 74.89
N LEU B 947 -48.06 -39.99 73.72
CA LEU B 947 -48.14 -40.94 72.62
C LEU B 947 -46.77 -41.35 72.13
N VAL B 948 -45.89 -40.37 71.95
CA VAL B 948 -44.56 -40.69 71.43
C VAL B 948 -43.81 -41.61 72.39
N GLU B 949 -43.95 -41.34 73.68
CA GLU B 949 -43.24 -42.16 74.66
C GLU B 949 -43.80 -43.59 74.61
N THR B 950 -45.11 -43.73 74.65
CA THR B 950 -45.68 -45.07 74.63
C THR B 950 -45.18 -45.83 73.40
N SER B 951 -45.21 -45.19 72.23
CA SER B 951 -44.76 -45.86 71.02
C SER B 951 -43.31 -46.28 71.13
N GLU B 952 -42.42 -45.36 71.54
CA GLU B 952 -40.99 -45.67 71.58
C GLU B 952 -40.69 -46.74 72.61
N VAL B 953 -41.28 -46.65 73.79
CA VAL B 953 -41.04 -47.66 74.80
C VAL B 953 -41.42 -49.02 74.27
N ARG B 954 -42.64 -49.14 73.76
CA ARG B 954 -43.10 -50.44 73.28
C ARG B 954 -42.19 -50.97 72.20
N LYS B 955 -41.79 -50.13 71.24
CA LYS B 955 -40.92 -50.60 70.18
C LYS B 955 -39.59 -51.11 70.74
N ALA B 956 -38.98 -50.35 71.66
CA ALA B 956 -37.67 -50.74 72.19
C ALA B 956 -37.78 -52.04 72.96
N VAL B 957 -38.79 -52.15 73.82
CA VAL B 957 -38.97 -53.37 74.60
C VAL B 957 -39.17 -54.57 73.68
N SER B 958 -39.99 -54.40 72.64
CA SER B 958 -40.24 -55.51 71.72
C SER B 958 -38.97 -55.94 71.02
N ILE B 959 -38.17 -54.97 70.56
CA ILE B 959 -36.91 -55.31 69.89
C ILE B 959 -36.01 -56.09 70.84
N GLU B 960 -35.91 -55.65 72.09
CA GLU B 960 -35.00 -56.30 73.02
C GLU B 960 -35.48 -57.71 73.36
N THR B 961 -36.80 -57.88 73.53
CA THR B 961 -37.33 -59.21 73.79
C THR B 961 -37.08 -60.15 72.61
N ALA B 962 -37.26 -59.64 71.39
CA ALA B 962 -36.99 -60.46 70.21
C ALA B 962 -35.52 -60.87 70.15
N LEU B 963 -34.62 -59.93 70.44
CA LEU B 963 -33.20 -60.24 70.36
C LEU B 963 -32.81 -61.26 71.43
N GLU B 964 -33.37 -61.12 72.63
CA GLU B 964 -33.10 -62.11 73.68
C GLU B 964 -33.60 -63.48 73.26
N HIS B 965 -34.79 -63.54 72.67
CA HIS B 965 -35.29 -64.83 72.20
C HIS B 965 -34.37 -65.42 71.13
N LYS B 966 -33.90 -64.58 70.22
CA LYS B 966 -33.07 -65.04 69.12
C LYS B 966 -31.70 -65.51 69.60
N VAL B 967 -31.22 -65.00 70.72
CA VAL B 967 -29.93 -65.46 71.24
C VAL B 967 -30.10 -66.69 72.14
N VAL B 968 -31.18 -66.76 72.92
CA VAL B 968 -31.38 -67.88 73.81
C VAL B 968 -31.74 -69.14 73.02
N ASN B 969 -32.62 -69.02 72.03
CA ASN B 969 -33.10 -70.16 71.30
C ASN B 969 -32.43 -70.35 69.95
N GLY B 970 -31.61 -69.40 69.51
CA GLY B 970 -30.87 -69.56 68.28
C GLY B 970 -31.77 -69.47 67.06
N ASN B 971 -31.19 -69.79 65.91
CA ASN B 971 -31.91 -69.72 64.64
C ASN B 971 -32.78 -70.95 64.41
N GLN B 979 -41.28 -66.87 55.24
CA GLN B 979 -42.05 -67.43 54.14
C GLN B 979 -41.44 -67.07 52.80
N VAL B 980 -41.45 -68.01 51.87
CA VAL B 980 -40.97 -67.76 50.52
C VAL B 980 -42.05 -67.05 49.73
N GLU B 981 -41.69 -65.92 49.14
CA GLU B 981 -42.62 -65.08 48.38
C GLU B 981 -42.34 -65.24 46.89
N ILE B 982 -43.39 -65.20 46.08
CA ILE B 982 -43.30 -65.42 44.65
C ILE B 982 -43.60 -64.11 43.92
N GLN B 983 -42.70 -63.75 43.01
CA GLN B 983 -42.83 -62.51 42.24
C GLN B 983 -43.54 -62.81 40.94
N PRO B 984 -44.48 -61.99 40.49
CA PRO B 984 -45.09 -62.21 39.18
C PRO B 984 -44.07 -62.11 38.05
N ARG B 985 -44.24 -62.98 37.05
CA ARG B 985 -43.52 -62.89 35.79
C ARG B 985 -44.52 -62.63 34.67
N ALA B 986 -44.18 -61.71 33.77
CA ALA B 986 -45.08 -61.34 32.69
C ALA B 986 -45.40 -62.53 31.81
N ASN B 987 -46.69 -62.75 31.54
CA ASN B 987 -47.17 -63.83 30.68
C ASN B 987 -48.07 -63.21 29.62
N ILE B 988 -47.46 -62.70 28.55
CA ILE B 988 -48.22 -62.00 27.52
C ILE B 988 -49.13 -62.94 26.74
N GLN B 989 -50.41 -62.59 26.67
CA GLN B 989 -51.38 -63.42 25.97
C GLN B 989 -51.74 -62.83 24.62
N LEU B 990 -52.25 -63.66 23.73
CA LEU B 990 -52.66 -63.20 22.40
C LEU B 990 -54.08 -62.65 22.45
N ASP B 991 -54.86 -63.01 23.45
CA ASP B 991 -56.21 -62.48 23.61
C ASP B 991 -57.17 -62.87 22.50
N PHE B 992 -57.31 -64.16 22.23
CA PHE B 992 -58.28 -64.61 21.25
C PHE B 992 -59.65 -64.48 21.90
N PRO B 993 -60.69 -64.27 21.08
CA PRO B 993 -62.04 -64.14 21.61
C PRO B 993 -62.48 -65.35 22.41
N GLU B 994 -63.20 -65.15 23.50
CA GLU B 994 -63.72 -66.26 24.27
C GLU B 994 -64.89 -66.89 23.55
N LEU B 995 -64.94 -68.22 23.52
CA LEU B 995 -66.03 -68.93 22.85
C LEU B 995 -66.94 -69.61 23.85
N LYS B 996 -68.21 -69.25 23.87
CA LYS B 996 -69.15 -69.79 24.84
C LYS B 996 -69.65 -71.18 24.50
N PRO B 997 -70.42 -71.79 25.41
CA PRO B 997 -71.02 -73.07 25.06
C PRO B 997 -72.09 -72.84 24.02
N TYR B 998 -72.37 -73.81 23.18
CA TYR B 998 -73.32 -73.61 22.11
C TYR B 998 -74.69 -73.18 22.62
N LYS B 999 -75.01 -73.50 23.86
CA LYS B 999 -76.31 -73.16 24.42
C LYS B 999 -76.48 -71.66 24.58
N GLN B 1000 -75.51 -71.01 25.21
CA GLN B 1000 -75.57 -69.56 25.38
C GLN B 1000 -75.50 -68.85 24.03
N VAL B 1001 -74.56 -69.26 23.17
CA VAL B 1001 -74.40 -68.58 21.89
C VAL B 1001 -75.68 -68.73 21.09
N LYS B 1002 -76.34 -69.88 21.20
CA LYS B 1002 -77.64 -70.07 20.57
C LYS B 1002 -78.67 -69.14 21.17
N GLN B 1003 -78.58 -68.86 22.47
CA GLN B 1003 -79.53 -67.94 23.08
C GLN B 1003 -79.41 -66.54 22.49
N ILE B 1004 -78.23 -66.08 22.11
CA ILE B 1004 -78.08 -64.67 21.68
C ILE B 1004 -78.77 -64.28 20.36
N ALA B 1005 -78.73 -65.13 19.36
CA ALA B 1005 -79.29 -64.78 18.06
C ALA B 1005 -80.57 -65.52 17.83
N PRO B 1006 -81.48 -64.93 17.03
CA PRO B 1006 -82.76 -65.57 16.75
C PRO B 1006 -82.61 -67.03 16.36
N ALA B 1007 -83.56 -67.87 16.78
CA ALA B 1007 -83.51 -69.29 16.44
C ALA B 1007 -83.65 -69.53 14.94
N GLU B 1008 -84.28 -68.61 14.22
CA GLU B 1008 -84.48 -68.76 12.78
C GLU B 1008 -83.22 -68.50 11.96
N LEU B 1009 -82.15 -68.01 12.60
CA LEU B 1009 -80.95 -67.67 11.85
C LEU B 1009 -80.19 -68.89 11.36
N GLU B 1010 -80.40 -70.05 11.98
CA GLU B 1010 -79.64 -71.24 11.62
C GLU B 1010 -79.97 -71.69 10.20
N GLY B 1011 -78.95 -71.75 9.35
CA GLY B 1011 -79.13 -72.16 7.97
C GLY B 1011 -79.79 -71.13 7.09
N LEU B 1012 -79.99 -69.91 7.59
CA LEU B 1012 -80.55 -68.85 6.77
C LEU B 1012 -79.49 -68.06 6.03
N LEU B 1013 -78.28 -68.04 6.56
CA LEU B 1013 -77.24 -67.24 5.96
C LEU B 1013 -76.24 -67.98 5.11
N ASP B 1014 -75.88 -67.41 3.98
CA ASP B 1014 -74.82 -67.96 3.14
C ASP B 1014 -73.48 -67.50 3.71
N LEU B 1015 -72.80 -68.39 4.43
CA LEU B 1015 -71.60 -68.01 5.15
C LEU B 1015 -70.43 -67.71 4.23
N GLU B 1016 -70.53 -68.02 2.94
CA GLU B 1016 -69.54 -67.53 1.99
C GLU B 1016 -69.71 -66.04 1.72
N ARG B 1017 -70.83 -65.46 2.09
CA ARG B 1017 -71.11 -64.05 1.87
C ARG B 1017 -71.03 -63.21 3.13
N VAL B 1018 -70.56 -63.80 4.21
CA VAL B 1018 -70.41 -63.08 5.47
C VAL B 1018 -68.94 -62.82 5.70
N ILE B 1019 -68.54 -61.58 5.83
CA ILE B 1019 -67.15 -61.22 6.01
C ILE B 1019 -66.84 -61.02 7.48
N VAL B 1020 -65.77 -61.62 7.96
CA VAL B 1020 -65.36 -61.53 9.35
C VAL B 1020 -63.90 -61.07 9.43
N VAL B 1021 -63.56 -60.46 10.56
CA VAL B 1021 -62.19 -60.07 10.87
C VAL B 1021 -61.58 -61.16 11.73
N THR B 1022 -60.51 -61.79 11.25
CA THR B 1022 -59.86 -62.88 11.98
C THR B 1022 -58.52 -62.50 12.59
N GLY B 1023 -58.06 -61.28 12.39
CA GLY B 1023 -56.84 -60.84 13.03
C GLY B 1023 -56.61 -59.37 12.74
N PHE B 1024 -55.85 -58.71 13.60
CA PHE B 1024 -55.58 -57.29 13.43
C PHE B 1024 -54.32 -56.92 14.19
N ALA B 1025 -53.72 -55.81 13.82
CA ALA B 1025 -52.49 -55.39 14.45
C ALA B 1025 -52.24 -53.96 14.11
N GLU B 1026 -51.31 -53.34 14.80
CA GLU B 1026 -50.96 -51.98 14.47
C GLU B 1026 -49.61 -51.57 14.98
N VAL B 1027 -48.97 -50.65 14.29
CA VAL B 1027 -47.76 -50.03 14.78
C VAL B 1027 -48.06 -48.55 14.94
N GLY B 1028 -47.97 -48.04 16.16
CA GLY B 1028 -48.35 -46.68 16.42
C GLY B 1028 -47.60 -46.04 17.57
N PRO B 1029 -48.02 -44.83 17.95
CA PRO B 1029 -47.33 -44.13 19.05
C PRO B 1029 -47.36 -44.81 20.40
N TRP B 1030 -48.30 -45.71 20.64
CA TRP B 1030 -48.34 -46.46 21.90
C TRP B 1030 -47.98 -47.90 21.71
N GLY B 1031 -47.13 -48.20 20.73
CA GLY B 1031 -46.68 -49.55 20.48
C GLY B 1031 -47.66 -50.35 19.67
N SER B 1032 -47.85 -51.60 20.07
CA SER B 1032 -48.77 -52.49 19.38
C SER B 1032 -50.22 -52.20 19.71
N ALA B 1033 -51.11 -53.07 19.24
CA ALA B 1033 -52.53 -52.92 19.54
C ALA B 1033 -52.82 -53.33 20.98
N ARG B 1034 -52.06 -54.28 21.52
CA ARG B 1034 -52.21 -54.67 22.92
C ARG B 1034 -51.85 -53.54 23.87
N THR B 1035 -50.70 -52.91 23.69
CA THR B 1035 -50.27 -51.85 24.59
C THR B 1035 -51.09 -50.58 24.37
N ARG B 1036 -51.43 -50.28 23.11
CA ARG B 1036 -52.28 -49.14 22.84
C ARG B 1036 -53.64 -49.32 23.49
N TRP B 1037 -54.18 -50.51 23.48
CA TRP B 1037 -55.48 -50.74 24.09
C TRP B 1037 -55.39 -50.62 25.60
N GLU B 1038 -54.33 -51.14 26.20
CA GLU B 1038 -54.17 -50.96 27.64
C GLU B 1038 -54.15 -49.49 27.99
N MET B 1039 -53.37 -48.71 27.25
CA MET B 1039 -53.32 -47.28 27.52
C MET B 1039 -54.67 -46.61 27.28
N GLU B 1040 -55.38 -47.00 26.22
CA GLU B 1040 -56.66 -46.39 25.86
C GLU B 1040 -57.74 -46.69 26.89
N ALA B 1041 -57.87 -47.96 27.28
CA ALA B 1041 -58.97 -48.35 28.14
C ALA B 1041 -58.68 -48.09 29.62
N PHE B 1042 -57.45 -48.38 30.06
CA PHE B 1042 -57.15 -48.30 31.49
C PHE B 1042 -56.22 -47.18 31.92
N GLY B 1043 -55.60 -46.47 30.99
CA GLY B 1043 -54.77 -45.34 31.32
C GLY B 1043 -53.40 -45.67 31.86
N GLU B 1044 -53.05 -46.94 32.00
CA GLU B 1044 -51.72 -47.30 32.48
C GLU B 1044 -51.45 -48.76 32.16
N PHE B 1045 -50.17 -49.13 32.23
CA PHE B 1045 -49.73 -50.42 31.75
C PHE B 1045 -49.75 -51.47 32.85
N SER B 1046 -50.27 -52.65 32.51
CA SER B 1046 -50.10 -53.82 33.36
C SER B 1046 -48.64 -54.29 33.30
N LEU B 1047 -48.36 -55.40 33.98
CA LEU B 1047 -47.02 -55.98 33.92
C LEU B 1047 -46.71 -56.47 32.52
N GLU B 1048 -47.65 -57.19 31.90
CA GLU B 1048 -47.44 -57.66 30.54
C GLU B 1048 -47.31 -56.48 29.57
N GLY B 1049 -48.09 -55.42 29.75
CA GLY B 1049 -47.95 -54.25 28.91
C GLY B 1049 -46.62 -53.54 29.13
N CYS B 1050 -46.19 -53.42 30.38
CA CYS B 1050 -44.92 -52.76 30.65
C CYS B 1050 -43.76 -53.53 30.04
N VAL B 1051 -43.76 -54.86 30.18
CA VAL B 1051 -42.70 -55.67 29.60
C VAL B 1051 -42.73 -55.57 28.08
N GLU B 1052 -43.91 -55.58 27.48
CA GLU B 1052 -43.98 -55.46 26.03
C GLU B 1052 -43.47 -54.09 25.56
N MET B 1053 -43.83 -53.02 26.26
CA MET B 1053 -43.34 -51.71 25.87
C MET B 1053 -41.83 -51.61 26.04
N ALA B 1054 -41.30 -52.17 27.13
CA ALA B 1054 -39.85 -52.16 27.35
C ALA B 1054 -39.13 -52.91 26.25
N TRP B 1055 -39.65 -54.07 25.86
CA TRP B 1055 -39.05 -54.84 24.78
C TRP B 1055 -39.19 -54.12 23.42
N ILE B 1056 -40.33 -53.49 23.16
CA ILE B 1056 -40.50 -52.75 21.91
C ILE B 1056 -39.49 -51.62 21.82
N MET B 1057 -39.33 -50.87 22.90
CA MET B 1057 -38.46 -49.71 22.89
C MET B 1057 -36.99 -50.07 23.02
N GLY B 1058 -36.64 -51.35 23.13
CA GLY B 1058 -35.27 -51.76 23.24
C GLY B 1058 -34.63 -51.53 24.60
N PHE B 1059 -35.42 -51.28 25.64
CA PHE B 1059 -34.85 -51.13 26.97
C PHE B 1059 -34.33 -52.46 27.51
N ILE B 1060 -35.03 -53.56 27.21
CA ILE B 1060 -34.68 -54.87 27.72
C ILE B 1060 -34.52 -55.83 26.55
N SER B 1061 -33.73 -56.87 26.78
CA SER B 1061 -33.53 -57.89 25.79
C SER B 1061 -33.41 -59.20 26.52
N TYR B 1062 -33.69 -60.29 25.85
CA TYR B 1062 -33.66 -61.61 26.45
C TYR B 1062 -32.24 -62.17 26.40
N HIS B 1063 -31.88 -62.91 27.44
CA HIS B 1063 -30.58 -63.56 27.54
C HIS B 1063 -30.77 -65.00 27.99
N ASN B 1064 -30.00 -65.91 27.40
CA ASN B 1064 -29.99 -67.30 27.83
C ASN B 1064 -28.56 -67.82 27.73
N GLY B 1065 -27.89 -67.90 28.87
CA GLY B 1065 -26.53 -68.39 28.91
C GLY B 1065 -25.84 -67.92 30.17
N ASN B 1066 -24.52 -68.00 30.14
CA ASN B 1066 -23.71 -67.56 31.27
C ASN B 1066 -23.61 -66.05 31.27
N LEU B 1067 -23.87 -65.45 32.43
CA LEU B 1067 -23.81 -64.00 32.60
C LEU B 1067 -23.03 -63.73 33.86
N LYS B 1068 -21.84 -63.14 33.72
CA LYS B 1068 -20.90 -63.00 34.83
C LYS B 1068 -20.55 -64.36 35.42
N GLY B 1069 -20.37 -65.34 34.55
CA GLY B 1069 -20.07 -66.71 34.96
C GLY B 1069 -21.30 -67.54 35.25
N ARG B 1070 -22.18 -67.05 36.11
CA ARG B 1070 -23.37 -67.82 36.47
C ARG B 1070 -24.32 -67.91 35.28
N PRO B 1071 -25.03 -69.02 35.12
CA PRO B 1071 -26.06 -69.09 34.06
C PRO B 1071 -27.23 -68.18 34.37
N TYR B 1072 -27.82 -67.63 33.32
CA TYR B 1072 -28.97 -66.74 33.46
C TYR B 1072 -29.94 -66.96 32.31
N THR B 1073 -31.23 -66.99 32.64
CA THR B 1073 -32.31 -67.06 31.66
C THR B 1073 -33.33 -66.00 32.05
N GLY B 1074 -33.46 -64.96 31.24
CA GLY B 1074 -34.41 -63.91 31.52
C GLY B 1074 -34.02 -62.61 30.84
N TRP B 1075 -34.67 -61.55 31.29
CA TRP B 1075 -34.46 -60.22 30.72
C TRP B 1075 -33.21 -59.59 31.30
N VAL B 1076 -32.45 -58.91 30.44
CA VAL B 1076 -31.34 -58.07 30.87
C VAL B 1076 -31.54 -56.69 30.29
N ASP B 1077 -31.01 -55.69 31.00
CA ASP B 1077 -30.98 -54.34 30.46
C ASP B 1077 -30.14 -54.32 29.18
N SER B 1078 -30.68 -53.75 28.12
CA SER B 1078 -30.03 -53.84 26.82
C SER B 1078 -28.67 -53.15 26.83
N LYS B 1079 -28.55 -52.05 27.56
CA LYS B 1079 -27.31 -51.29 27.56
C LYS B 1079 -26.27 -51.93 28.49
N THR B 1080 -26.58 -52.03 29.78
CA THR B 1080 -25.62 -52.54 30.75
C THR B 1080 -25.52 -54.06 30.78
N LYS B 1081 -26.51 -54.77 30.24
CA LYS B 1081 -26.61 -56.22 30.27
C LYS B 1081 -26.81 -56.79 31.66
N GLU B 1082 -27.18 -55.97 32.63
CA GLU B 1082 -27.47 -56.48 33.96
C GLU B 1082 -28.84 -57.17 34.00
N PRO B 1083 -28.98 -58.24 34.78
CA PRO B 1083 -30.28 -58.91 34.86
C PRO B 1083 -31.38 -57.97 35.36
N VAL B 1084 -32.58 -58.18 34.83
CA VAL B 1084 -33.76 -57.42 35.23
C VAL B 1084 -34.87 -58.41 35.49
N ASP B 1085 -35.47 -58.33 36.67
CA ASP B 1085 -36.66 -59.10 36.97
C ASP B 1085 -37.89 -58.41 36.40
N ASP B 1086 -38.89 -59.23 36.04
CA ASP B 1086 -40.12 -58.67 35.50
C ASP B 1086 -40.75 -57.68 36.46
N LYS B 1087 -40.73 -58.00 37.76
CA LYS B 1087 -41.34 -57.12 38.75
C LYS B 1087 -40.66 -55.75 38.77
N ASP B 1088 -39.38 -55.68 38.40
CA ASP B 1088 -38.62 -54.44 38.46
C ASP B 1088 -38.71 -53.62 37.19
N VAL B 1089 -39.36 -54.14 36.14
CA VAL B 1089 -39.40 -53.43 34.86
C VAL B 1089 -40.14 -52.11 35.03
N LYS B 1090 -41.27 -52.11 35.72
CA LYS B 1090 -41.98 -50.87 35.94
C LYS B 1090 -41.12 -49.81 36.62
N ALA B 1091 -40.50 -50.16 37.74
CA ALA B 1091 -39.68 -49.20 38.46
C ALA B 1091 -38.51 -48.72 37.64
N LYS B 1092 -37.85 -49.63 36.94
CA LYS B 1092 -36.68 -49.25 36.15
C LYS B 1092 -37.05 -48.36 34.98
N TYR B 1093 -38.16 -48.65 34.29
CA TYR B 1093 -38.36 -48.14 32.95
C TYR B 1093 -39.63 -47.35 32.70
N GLU B 1094 -40.71 -47.66 33.40
CA GLU B 1094 -41.99 -47.03 33.15
C GLU B 1094 -41.91 -45.53 32.89
N THR B 1095 -41.17 -44.80 33.69
CA THR B 1095 -41.11 -43.35 33.52
C THR B 1095 -40.54 -42.96 32.17
N SER B 1096 -39.49 -43.65 31.73
CA SER B 1096 -38.90 -43.37 30.42
C SER B 1096 -39.79 -43.89 29.30
N ILE B 1097 -40.47 -45.01 29.51
CA ILE B 1097 -41.42 -45.51 28.52
C ILE B 1097 -42.50 -44.47 28.27
N LEU B 1098 -43.09 -43.93 29.34
CA LEU B 1098 -44.14 -42.94 29.18
C LEU B 1098 -43.61 -41.64 28.63
N GLU B 1099 -42.38 -41.25 28.93
CA GLU B 1099 -41.83 -40.02 28.41
C GLU B 1099 -41.56 -40.08 26.91
N HIS B 1100 -41.34 -41.27 26.38
CA HIS B 1100 -40.97 -41.42 24.97
C HIS B 1100 -42.00 -42.23 24.19
N SER B 1101 -43.28 -42.07 24.54
CA SER B 1101 -44.39 -42.74 23.86
C SER B 1101 -45.51 -41.73 23.66
N GLY B 1102 -46.39 -42.00 22.70
CA GLY B 1102 -47.53 -41.12 22.46
C GLY B 1102 -47.23 -39.73 21.96
N ILE B 1103 -48.17 -38.81 22.10
CA ILE B 1103 -48.00 -37.44 21.64
C ILE B 1103 -46.97 -36.75 22.49
N ARG B 1104 -45.94 -36.22 21.87
CA ARG B 1104 -44.84 -35.61 22.60
C ARG B 1104 -44.05 -34.71 21.70
N LEU B 1105 -43.12 -33.98 22.25
CA LEU B 1105 -42.26 -33.13 21.44
C LEU B 1105 -41.56 -33.94 20.35
N ILE B 1106 -41.45 -33.35 19.18
CA ILE B 1106 -40.82 -34.03 18.05
C ILE B 1106 -39.35 -34.28 18.37
N GLU B 1107 -38.91 -35.51 18.17
CA GLU B 1107 -37.54 -35.90 18.46
C GLU B 1107 -36.73 -35.97 17.17
N PRO B 1108 -35.81 -35.03 16.92
CA PRO B 1108 -35.14 -34.99 15.60
C PRO B 1108 -34.46 -36.29 15.21
N GLU B 1109 -33.96 -37.05 16.15
CA GLU B 1109 -33.26 -38.27 15.82
C GLU B 1109 -34.17 -39.29 15.12
N LEU B 1110 -35.48 -39.16 15.29
CA LEU B 1110 -36.42 -40.08 14.67
C LEU B 1110 -36.81 -39.64 13.27
N PHE B 1111 -36.41 -38.43 12.87
CA PHE B 1111 -36.79 -37.89 11.56
C PHE B 1111 -35.59 -37.27 10.86
N ASN B 1112 -34.50 -38.01 10.80
CA ASN B 1112 -33.32 -37.56 10.04
C ASN B 1112 -32.87 -36.18 10.41
N GLY B 1113 -32.83 -35.89 11.70
CA GLY B 1113 -32.36 -34.62 12.16
C GLY B 1113 -33.35 -33.48 12.07
N TYR B 1114 -34.57 -33.73 11.65
CA TYR B 1114 -35.55 -32.67 11.51
C TYR B 1114 -35.81 -31.99 12.84
N ASN B 1115 -35.65 -30.68 12.90
CA ASN B 1115 -35.92 -29.93 14.10
C ASN B 1115 -36.82 -28.78 13.69
N PRO B 1116 -38.07 -28.81 14.17
CA PRO B 1116 -39.00 -27.72 13.80
C PRO B 1116 -38.60 -26.37 14.35
N GLU B 1117 -37.72 -26.31 15.35
CA GLU B 1117 -37.27 -25.02 15.86
C GLU B 1117 -36.23 -24.37 14.97
N LYS B 1118 -35.51 -25.17 14.17
CA LYS B 1118 -34.54 -24.64 13.22
C LYS B 1118 -34.76 -25.35 11.90
N LYS B 1119 -35.60 -24.80 11.06
CA LYS B 1119 -35.97 -25.42 9.79
C LYS B 1119 -35.14 -24.82 8.67
N GLU B 1120 -34.37 -25.65 7.98
CA GLU B 1120 -33.47 -25.14 6.96
C GLU B 1120 -34.12 -24.68 5.68
N MET B 1121 -33.71 -23.51 5.21
CA MET B 1121 -34.19 -22.97 3.96
C MET B 1121 -32.98 -22.49 3.19
N ILE B 1122 -33.19 -22.15 1.93
CA ILE B 1122 -32.15 -21.63 1.04
C ILE B 1122 -32.64 -20.32 0.44
N GLN B 1123 -31.77 -19.32 0.42
CA GLN B 1123 -32.11 -18.00 -0.14
C GLN B 1123 -31.18 -17.66 -1.29
N GLU B 1124 -31.74 -17.28 -2.43
CA GLU B 1124 -30.92 -16.91 -3.58
C GLU B 1124 -30.35 -15.52 -3.40
N VAL B 1125 -29.04 -15.39 -3.54
CA VAL B 1125 -28.40 -14.08 -3.43
C VAL B 1125 -27.50 -13.86 -4.63
N ILE B 1126 -27.59 -12.69 -5.26
CA ILE B 1126 -26.67 -12.39 -6.35
C ILE B 1126 -25.35 -11.92 -5.76
N VAL B 1127 -24.25 -12.56 -6.18
CA VAL B 1127 -22.93 -12.18 -5.72
C VAL B 1127 -22.62 -10.75 -6.12
N GLU B 1128 -22.18 -9.96 -5.16
CA GLU B 1128 -21.82 -8.56 -5.42
C GLU B 1128 -20.35 -8.40 -5.78
N GLU B 1129 -19.48 -9.27 -5.29
CA GLU B 1129 -18.06 -9.24 -5.60
C GLU B 1129 -17.55 -10.65 -5.81
N ASP B 1130 -16.53 -10.77 -6.66
CA ASP B 1130 -15.93 -12.07 -6.93
C ASP B 1130 -15.65 -12.81 -5.63
N LEU B 1131 -15.84 -14.13 -5.67
CA LEU B 1131 -15.50 -14.97 -4.55
C LEU B 1131 -14.02 -15.34 -4.59
N GLU B 1132 -13.55 -15.91 -3.50
CA GLU B 1132 -12.22 -16.50 -3.50
C GLU B 1132 -12.26 -17.83 -4.26
N PRO B 1133 -11.28 -18.09 -5.12
CA PRO B 1133 -11.29 -19.36 -5.86
C PRO B 1133 -11.26 -20.56 -4.92
N PHE B 1134 -11.95 -21.62 -5.33
CA PHE B 1134 -11.94 -22.89 -4.62
C PHE B 1134 -11.71 -24.01 -5.61
N GLU B 1135 -11.14 -25.11 -5.12
CA GLU B 1135 -10.73 -26.19 -6.00
C GLU B 1135 -11.87 -27.18 -6.21
N ALA B 1136 -11.82 -27.89 -7.33
CA ALA B 1136 -12.83 -28.88 -7.67
C ALA B 1136 -12.28 -29.76 -8.78
N SER B 1137 -12.86 -30.95 -8.89
CA SER B 1137 -12.48 -31.85 -9.96
C SER B 1137 -12.94 -31.31 -11.30
N LYS B 1138 -12.36 -31.86 -12.37
CA LYS B 1138 -12.63 -31.34 -13.71
C LYS B 1138 -14.10 -31.45 -14.07
N GLU B 1139 -14.73 -32.58 -13.77
CA GLU B 1139 -16.15 -32.75 -14.06
C GLU B 1139 -16.99 -31.75 -13.28
N THR B 1140 -16.71 -31.59 -11.98
CA THR B 1140 -17.45 -30.61 -11.19
C THR B 1140 -17.26 -29.21 -11.75
N ALA B 1141 -16.03 -28.86 -12.09
CA ALA B 1141 -15.75 -27.53 -12.60
C ALA B 1141 -16.51 -27.28 -13.89
N GLU B 1142 -16.57 -28.28 -14.77
CA GLU B 1142 -17.32 -28.11 -16.00
C GLU B 1142 -18.81 -27.95 -15.73
N GLN B 1143 -19.32 -28.65 -14.72
CA GLN B 1143 -20.73 -28.45 -14.35
C GLN B 1143 -20.99 -27.04 -13.87
N PHE B 1144 -20.08 -26.48 -13.06
CA PHE B 1144 -20.20 -25.10 -12.64
C PHE B 1144 -20.17 -24.16 -13.84
N LYS B 1145 -19.24 -24.39 -14.77
CA LYS B 1145 -19.16 -23.54 -15.95
C LYS B 1145 -20.43 -23.64 -16.79
N HIS B 1146 -20.95 -24.83 -16.97
CA HIS B 1146 -22.19 -25.01 -17.70
C HIS B 1146 -23.32 -24.23 -17.06
N GLN B 1147 -23.42 -24.28 -15.73
CA GLN B 1147 -24.47 -23.55 -15.05
C GLN B 1147 -24.32 -22.04 -15.25
N HIS B 1148 -23.14 -21.51 -14.97
CA HIS B 1148 -22.97 -20.07 -14.80
C HIS B 1148 -22.50 -19.35 -16.05
N GLY B 1149 -22.03 -20.06 -17.06
CA GLY B 1149 -21.59 -19.40 -18.28
C GLY B 1149 -20.39 -18.50 -17.99
N ASP B 1150 -20.51 -17.24 -18.34
CA ASP B 1150 -19.38 -16.32 -18.21
C ASP B 1150 -19.27 -15.71 -16.82
N LYS B 1151 -20.22 -15.97 -15.91
CA LYS B 1151 -20.12 -15.50 -14.54
C LYS B 1151 -19.28 -16.42 -13.66
N VAL B 1152 -18.51 -17.33 -14.25
CA VAL B 1152 -17.57 -18.14 -13.51
C VAL B 1152 -16.35 -18.37 -14.41
N ASP B 1153 -15.19 -18.48 -13.80
CA ASP B 1153 -13.95 -18.80 -14.49
C ASP B 1153 -13.37 -20.07 -13.91
N ILE B 1154 -13.07 -21.04 -14.77
CA ILE B 1154 -12.47 -22.29 -14.35
C ILE B 1154 -11.15 -22.44 -15.10
N PHE B 1155 -10.10 -22.82 -14.38
CA PHE B 1155 -8.78 -22.96 -14.97
C PHE B 1155 -8.14 -24.22 -14.43
N GLU B 1156 -7.63 -25.05 -15.32
CA GLU B 1156 -6.90 -26.22 -14.90
C GLU B 1156 -5.68 -25.81 -14.09
N ILE B 1157 -5.35 -26.60 -13.08
CA ILE B 1157 -4.12 -26.44 -12.31
C ILE B 1157 -3.09 -27.39 -12.91
N PRO B 1158 -2.03 -26.91 -13.53
CA PRO B 1158 -1.14 -27.82 -14.26
C PRO B 1158 -0.55 -28.91 -13.39
N GLU B 1159 -0.24 -28.62 -12.13
CA GLU B 1159 0.46 -29.58 -11.30
C GLU B 1159 -0.39 -30.83 -11.05
N THR B 1160 -1.65 -30.65 -10.67
CA THR B 1160 -2.47 -31.73 -10.13
C THR B 1160 -3.56 -32.22 -11.06
N GLY B 1161 -4.04 -31.37 -11.98
CA GLY B 1161 -5.16 -31.72 -12.82
C GLY B 1161 -6.51 -31.28 -12.28
N GLU B 1162 -6.58 -30.84 -11.03
CA GLU B 1162 -7.79 -30.23 -10.52
C GLU B 1162 -8.00 -28.88 -11.19
N TYR B 1163 -9.08 -28.22 -10.80
CA TYR B 1163 -9.46 -26.94 -11.38
C TYR B 1163 -9.75 -25.96 -10.26
N SER B 1164 -9.55 -24.68 -10.55
CA SER B 1164 -9.94 -23.61 -9.68
C SER B 1164 -11.24 -23.01 -10.19
N VAL B 1165 -12.17 -22.74 -9.27
CA VAL B 1165 -13.47 -22.22 -9.62
C VAL B 1165 -13.60 -20.85 -8.98
N LYS B 1166 -13.85 -19.84 -9.79
CA LYS B 1166 -13.95 -18.46 -9.33
C LYS B 1166 -15.26 -17.88 -9.82
N LEU B 1167 -16.22 -17.76 -8.92
CA LEU B 1167 -17.46 -17.06 -9.23
C LEU B 1167 -17.21 -15.57 -9.33
N LEU B 1168 -17.92 -14.93 -10.24
CA LEU B 1168 -17.71 -13.52 -10.56
C LEU B 1168 -18.93 -12.70 -10.16
N LYS B 1169 -18.80 -11.39 -10.29
CA LYS B 1169 -19.93 -10.51 -9.99
C LYS B 1169 -21.14 -10.89 -10.83
N GLY B 1170 -22.31 -10.87 -10.21
CA GLY B 1170 -23.54 -11.20 -10.87
C GLY B 1170 -23.90 -12.67 -10.84
N ALA B 1171 -23.03 -13.53 -10.34
CA ALA B 1171 -23.34 -14.94 -10.24
C ALA B 1171 -24.35 -15.20 -9.12
N THR B 1172 -25.19 -16.21 -9.31
CA THR B 1172 -26.21 -16.58 -8.35
C THR B 1172 -25.67 -17.57 -7.33
N LEU B 1173 -26.05 -17.37 -6.08
CA LEU B 1173 -25.65 -18.25 -4.98
C LEU B 1173 -26.86 -18.49 -4.09
N TYR B 1174 -26.76 -19.51 -3.26
CA TYR B 1174 -27.82 -19.87 -2.32
C TYR B 1174 -27.21 -19.92 -0.92
N ILE B 1175 -27.77 -19.13 -0.01
CA ILE B 1175 -27.27 -19.02 1.36
C ILE B 1175 -28.28 -19.70 2.28
N PRO B 1176 -27.88 -20.73 3.02
CA PRO B 1176 -28.82 -21.33 3.98
C PRO B 1176 -29.28 -20.34 5.03
N LYS B 1177 -30.56 -20.42 5.37
CA LYS B 1177 -31.15 -19.67 6.47
C LYS B 1177 -32.10 -20.60 7.20
N ALA B 1178 -32.40 -20.25 8.45
CA ALA B 1178 -33.18 -21.12 9.32
C ALA B 1178 -34.47 -20.44 9.71
N LEU B 1179 -35.50 -21.24 9.90
CA LEU B 1179 -36.84 -20.76 10.22
C LEU B 1179 -37.34 -21.47 11.46
N ARG B 1180 -38.13 -20.76 12.24
CA ARG B 1180 -38.80 -21.32 13.40
C ARG B 1180 -40.21 -21.72 13.01
N PHE B 1181 -40.51 -23.00 13.14
CA PHE B 1181 -41.85 -23.50 12.83
C PHE B 1181 -42.55 -23.69 14.16
N ASP B 1182 -43.86 -23.52 14.19
CA ASP B 1182 -44.63 -23.54 15.42
C ASP B 1182 -45.42 -24.84 15.63
N ARG B 1183 -45.07 -25.91 14.90
CA ARG B 1183 -45.67 -27.23 15.15
C ARG B 1183 -44.50 -28.01 15.74
N LEU B 1184 -44.55 -28.32 17.03
CA LEU B 1184 -43.45 -28.91 17.76
C LEU B 1184 -43.76 -30.28 18.34
N VAL B 1185 -44.98 -30.76 18.21
CA VAL B 1185 -45.45 -31.97 18.89
C VAL B 1185 -46.09 -32.89 17.86
N ALA B 1186 -45.88 -34.19 18.01
CA ALA B 1186 -46.49 -35.16 17.13
C ALA B 1186 -46.63 -36.48 17.87
N GLY B 1187 -47.59 -37.28 17.42
CA GLY B 1187 -47.69 -38.66 17.85
C GLY B 1187 -46.65 -39.51 17.16
N GLN B 1188 -45.63 -39.95 17.89
CA GLN B 1188 -44.50 -40.65 17.30
C GLN B 1188 -44.43 -42.07 17.81
N ILE B 1189 -43.99 -42.96 16.93
CA ILE B 1189 -43.78 -44.34 17.34
C ILE B 1189 -42.74 -44.36 18.47
N PRO B 1190 -42.88 -45.20 19.48
CA PRO B 1190 -42.04 -45.06 20.68
C PRO B 1190 -40.56 -45.05 20.36
N THR B 1191 -39.83 -44.14 21.00
CA THR B 1191 -38.39 -44.04 20.83
C THR B 1191 -37.73 -45.38 21.14
N GLY B 1192 -36.88 -45.83 20.24
CA GLY B 1192 -36.25 -47.12 20.36
C GLY B 1192 -36.89 -48.21 19.54
N TRP B 1193 -38.09 -47.97 19.01
CA TRP B 1193 -38.72 -48.93 18.12
C TRP B 1193 -37.76 -49.23 16.99
N ASN B 1194 -37.59 -50.49 16.67
CA ASN B 1194 -36.65 -50.89 15.64
C ASN B 1194 -37.11 -52.17 14.97
N ALA B 1195 -37.16 -52.15 13.64
CA ALA B 1195 -37.62 -53.32 12.91
C ALA B 1195 -36.73 -54.53 13.12
N LYS B 1196 -35.47 -54.33 13.46
CA LYS B 1196 -34.60 -55.46 13.77
C LYS B 1196 -35.12 -56.25 14.98
N THR B 1197 -35.78 -55.58 15.93
CA THR B 1197 -36.33 -56.27 17.08
C THR B 1197 -37.38 -57.29 16.66
N TYR B 1198 -38.12 -56.99 15.61
CA TYR B 1198 -39.13 -57.90 15.10
C TYR B 1198 -38.55 -58.96 14.17
N GLY B 1199 -37.30 -58.81 13.75
CA GLY B 1199 -36.64 -59.81 12.91
C GLY B 1199 -36.39 -59.45 11.46
N ILE B 1200 -36.52 -58.16 11.11
CA ILE B 1200 -36.34 -57.75 9.72
C ILE B 1200 -34.87 -57.46 9.49
N SER B 1201 -34.29 -58.14 8.51
CA SER B 1201 -32.87 -58.00 8.19
C SER B 1201 -32.56 -56.58 7.70
N ASP B 1202 -31.30 -56.20 7.84
CA ASP B 1202 -30.92 -54.83 7.52
C ASP B 1202 -30.75 -54.57 6.03
N ASP B 1203 -30.66 -55.60 5.18
CA ASP B 1203 -30.74 -55.33 3.74
C ASP B 1203 -32.11 -54.78 3.37
N ILE B 1204 -33.17 -55.37 3.93
CA ILE B 1204 -34.51 -54.81 3.75
C ILE B 1204 -34.56 -53.41 4.35
N ILE B 1205 -34.04 -53.24 5.56
CA ILE B 1205 -34.16 -51.95 6.24
C ILE B 1205 -33.50 -50.86 5.43
N SER B 1206 -32.33 -51.15 4.84
CA SER B 1206 -31.65 -50.18 4.00
C SER B 1206 -32.28 -50.05 2.63
N GLN B 1207 -33.12 -51.01 2.21
CA GLN B 1207 -33.75 -50.87 0.90
C GLN B 1207 -35.00 -49.99 0.96
N VAL B 1208 -35.91 -50.24 1.89
CA VAL B 1208 -37.27 -49.73 1.80
C VAL B 1208 -37.45 -48.44 2.58
N ASP B 1209 -38.56 -47.76 2.33
CA ASP B 1209 -38.92 -46.56 3.09
C ASP B 1209 -39.43 -47.05 4.45
N PRO B 1210 -39.21 -46.24 5.50
CA PRO B 1210 -39.65 -46.61 6.87
C PRO B 1210 -41.11 -47.03 7.00
N ILE B 1211 -42.02 -46.37 6.29
CA ILE B 1211 -43.44 -46.74 6.32
C ILE B 1211 -43.59 -48.21 6.00
N THR B 1212 -42.75 -48.72 5.09
CA THR B 1212 -42.83 -50.11 4.70
C THR B 1212 -42.48 -51.03 5.87
N LEU B 1213 -41.53 -50.64 6.70
CA LEU B 1213 -41.24 -51.42 7.89
C LEU B 1213 -42.43 -51.45 8.84
N PHE B 1214 -43.15 -50.33 8.97
CA PHE B 1214 -44.33 -50.32 9.83
C PHE B 1214 -45.36 -51.29 9.29
N VAL B 1215 -45.53 -51.30 7.97
CA VAL B 1215 -46.51 -52.21 7.37
C VAL B 1215 -46.07 -53.66 7.52
N LEU B 1216 -44.79 -53.96 7.31
CA LEU B 1216 -44.34 -55.35 7.38
C LEU B 1216 -44.55 -55.92 8.77
N VAL B 1217 -44.19 -55.15 9.80
CA VAL B 1217 -44.44 -55.58 11.17
C VAL B 1217 -45.94 -55.75 11.40
N SER B 1218 -46.76 -54.80 10.92
CA SER B 1218 -48.19 -54.88 11.19
C SER B 1218 -48.83 -56.09 10.54
N VAL B 1219 -48.43 -56.42 9.30
CA VAL B 1219 -48.98 -57.58 8.61
C VAL B 1219 -48.59 -58.85 9.34
N VAL B 1220 -47.32 -58.97 9.73
CA VAL B 1220 -46.89 -60.15 10.47
C VAL B 1220 -47.68 -60.29 11.76
N GLU B 1221 -47.81 -59.22 12.53
CA GLU B 1221 -48.56 -59.28 13.77
C GLU B 1221 -50.03 -59.61 13.54
N ALA B 1222 -50.62 -59.03 12.50
CA ALA B 1222 -52.02 -59.32 12.21
C ALA B 1222 -52.21 -60.79 11.93
N PHE B 1223 -51.27 -61.42 11.23
CA PHE B 1223 -51.38 -62.85 10.99
C PHE B 1223 -51.19 -63.65 12.29
N ILE B 1224 -50.30 -63.19 13.18
CA ILE B 1224 -50.20 -63.83 14.49
C ILE B 1224 -51.54 -63.75 15.23
N ALA B 1225 -52.19 -62.58 15.22
CA ALA B 1225 -53.52 -62.42 15.86
C ALA B 1225 -54.55 -63.31 15.21
N SER B 1226 -54.34 -63.72 13.97
CA SER B 1226 -55.22 -64.69 13.34
C SER B 1226 -54.82 -66.12 13.63
N GLY B 1227 -53.74 -66.34 14.38
CA GLY B 1227 -53.24 -67.68 14.61
C GLY B 1227 -52.53 -68.31 13.43
N ILE B 1228 -52.18 -67.52 12.42
CA ILE B 1228 -51.50 -68.01 11.23
C ILE B 1228 -50.05 -67.55 11.35
N THR B 1229 -49.17 -68.46 11.72
CA THR B 1229 -47.75 -68.14 11.91
C THR B 1229 -46.99 -68.32 10.59
N ASP B 1230 -47.39 -69.27 9.76
CA ASP B 1230 -46.82 -69.43 8.43
C ASP B 1230 -47.88 -69.07 7.40
N PRO B 1231 -47.73 -67.98 6.65
CA PRO B 1231 -48.80 -67.61 5.71
C PRO B 1231 -49.08 -68.67 4.63
N TYR B 1232 -48.11 -69.51 4.30
CA TYR B 1232 -48.32 -70.55 3.29
C TYR B 1232 -49.41 -71.53 3.71
N GLU B 1233 -49.72 -71.60 4.99
CA GLU B 1233 -50.82 -72.44 5.43
C GLU B 1233 -52.12 -72.03 4.75
N MET B 1234 -52.23 -70.77 4.33
CA MET B 1234 -53.42 -70.33 3.63
C MET B 1234 -53.66 -71.14 2.38
N TYR B 1235 -52.60 -71.55 1.69
CA TYR B 1235 -52.71 -72.26 0.43
C TYR B 1235 -53.06 -73.73 0.60
N LYS B 1236 -53.31 -74.18 1.82
CA LYS B 1236 -53.80 -75.53 2.01
C LYS B 1236 -55.32 -75.47 1.86
N TYR B 1237 -55.92 -74.29 1.94
CA TYR B 1237 -57.36 -74.12 1.88
C TYR B 1237 -57.84 -73.38 0.64
N VAL B 1238 -57.00 -72.51 0.11
CA VAL B 1238 -57.39 -71.70 -1.02
C VAL B 1238 -56.32 -71.69 -2.09
N HIS B 1239 -56.68 -71.36 -3.32
CA HIS B 1239 -55.71 -71.24 -4.38
C HIS B 1239 -54.89 -69.97 -4.23
N VAL B 1240 -53.72 -69.92 -4.86
CA VAL B 1240 -52.85 -68.75 -4.77
C VAL B 1240 -53.44 -67.52 -5.45
N SER B 1241 -54.49 -67.66 -6.23
CA SER B 1241 -55.14 -66.50 -6.81
C SER B 1241 -56.21 -65.90 -5.90
N GLU B 1242 -56.39 -66.43 -4.70
CA GLU B 1242 -57.49 -66.02 -3.81
C GLU B 1242 -57.08 -65.35 -2.50
N VAL B 1243 -55.90 -64.81 -2.46
CA VAL B 1243 -55.47 -64.04 -1.29
C VAL B 1243 -55.14 -62.64 -1.77
N GLY B 1244 -55.91 -61.66 -1.30
CA GLY B 1244 -55.77 -60.30 -1.77
C GLY B 1244 -55.07 -59.39 -0.79
N ASN B 1245 -54.69 -58.21 -1.26
CA ASN B 1245 -54.19 -57.18 -0.39
C ASN B 1245 -54.86 -55.90 -0.88
N CYS B 1246 -55.73 -55.33 -0.07
CA CYS B 1246 -56.44 -54.11 -0.44
C CYS B 1246 -56.06 -52.91 0.41
N SER B 1247 -55.01 -53.04 1.20
CA SER B 1247 -54.56 -51.94 2.07
C SER B 1247 -53.98 -50.78 1.28
N GLY B 1248 -54.01 -49.56 1.81
CA GLY B 1248 -53.54 -48.41 1.09
C GLY B 1248 -52.95 -47.33 1.96
N SER B 1249 -52.71 -46.16 1.36
CA SER B 1249 -52.01 -45.09 2.03
C SER B 1249 -52.47 -43.76 1.47
N GLY B 1250 -52.40 -42.73 2.32
CA GLY B 1250 -52.69 -41.38 1.84
C GLY B 1250 -51.57 -40.83 0.96
N MET B 1251 -50.32 -41.10 1.34
CA MET B 1251 -49.18 -40.48 0.69
C MET B 1251 -48.03 -41.43 0.37
N GLY B 1252 -48.01 -42.63 0.92
CA GLY B 1252 -46.94 -43.56 0.59
C GLY B 1252 -45.60 -43.17 1.20
N GLY B 1253 -44.53 -43.51 0.49
CA GLY B 1253 -43.19 -43.37 1.01
C GLY B 1253 -42.64 -41.95 0.92
N VAL B 1254 -43.09 -41.08 1.81
CA VAL B 1254 -42.77 -39.65 1.69
C VAL B 1254 -41.28 -39.41 1.88
N SER B 1255 -40.59 -40.28 2.59
CA SER B 1255 -39.15 -40.13 2.76
C SER B 1255 -38.43 -40.38 1.44
N ALA B 1256 -38.91 -41.31 0.63
CA ALA B 1256 -38.35 -41.53 -0.69
C ALA B 1256 -38.62 -40.31 -1.57
N LEU B 1257 -39.78 -39.69 -1.40
CA LEU B 1257 -40.10 -38.47 -2.14
C LEU B 1257 -39.14 -37.35 -1.77
N ARG B 1258 -38.84 -37.21 -0.48
CA ARG B 1258 -37.84 -36.24 -0.06
C ARG B 1258 -36.50 -36.54 -0.73
N GLY B 1259 -36.10 -37.80 -0.76
CA GLY B 1259 -34.90 -38.19 -1.47
C GLY B 1259 -34.88 -37.59 -2.86
N MET B 1260 -35.89 -37.95 -3.66
CA MET B 1260 -35.92 -37.56 -5.07
C MET B 1260 -35.95 -36.05 -5.24
N PHE B 1261 -36.76 -35.35 -4.45
CA PHE B 1261 -37.00 -33.94 -4.71
C PHE B 1261 -35.97 -33.02 -4.05
N LYS B 1262 -35.37 -33.41 -2.94
CA LYS B 1262 -34.42 -32.56 -2.23
C LYS B 1262 -33.03 -33.17 -2.17
N ASP B 1263 -32.88 -34.42 -1.69
CA ASP B 1263 -31.53 -34.94 -1.51
C ASP B 1263 -30.81 -35.03 -2.85
N ARG B 1264 -31.51 -35.41 -3.90
CA ARG B 1264 -30.90 -35.47 -5.22
C ARG B 1264 -30.56 -34.08 -5.72
N PHE B 1265 -31.40 -33.10 -5.43
CA PHE B 1265 -31.14 -31.73 -5.86
C PHE B 1265 -29.87 -31.17 -5.23
N LYS B 1266 -29.47 -31.68 -4.08
CA LYS B 1266 -28.25 -31.26 -3.41
C LYS B 1266 -27.10 -32.23 -3.63
N ASP B 1267 -27.28 -33.17 -4.54
CA ASP B 1267 -26.24 -34.14 -4.86
C ASP B 1267 -25.82 -34.96 -3.66
N GLU B 1268 -26.77 -35.34 -2.84
CA GLU B 1268 -26.46 -36.21 -1.72
C GLU B 1268 -26.49 -37.62 -2.29
N PRO B 1269 -25.91 -38.59 -1.57
CA PRO B 1269 -26.03 -39.97 -2.06
C PRO B 1269 -27.45 -40.49 -1.88
N VAL B 1270 -28.13 -40.83 -2.97
CA VAL B 1270 -29.46 -41.37 -2.92
C VAL B 1270 -29.46 -42.67 -3.70
N GLN B 1271 -30.03 -43.74 -3.15
CA GLN B 1271 -30.05 -45.01 -3.84
C GLN B 1271 -30.68 -44.86 -5.22
N ASN B 1272 -30.21 -45.63 -6.19
CA ASN B 1272 -30.69 -45.44 -7.57
C ASN B 1272 -32.15 -45.79 -7.83
N ASP B 1273 -32.71 -46.70 -7.04
CA ASP B 1273 -34.10 -47.12 -7.24
C ASP B 1273 -35.04 -46.44 -6.23
N ILE B 1274 -34.62 -45.31 -5.70
CA ILE B 1274 -35.43 -44.59 -4.72
C ILE B 1274 -36.87 -44.39 -5.19
N LEU B 1275 -37.08 -44.15 -6.47
CA LEU B 1275 -38.41 -43.87 -6.98
C LEU B 1275 -39.43 -44.98 -6.71
N GLN B 1276 -39.03 -46.22 -6.89
CA GLN B 1276 -39.95 -47.32 -6.61
C GLN B 1276 -40.39 -47.34 -5.16
N GLU B 1277 -39.53 -46.93 -4.24
CA GLU B 1277 -39.84 -46.98 -2.81
C GLU B 1277 -40.83 -45.90 -2.38
N SER B 1278 -41.18 -44.96 -3.24
CA SER B 1278 -42.14 -43.93 -2.88
C SER B 1278 -43.58 -44.31 -3.22
N PHE B 1279 -43.79 -45.26 -4.11
CA PHE B 1279 -45.16 -45.55 -4.55
C PHE B 1279 -46.06 -46.04 -3.42
N ILE B 1280 -47.29 -45.59 -3.44
CA ILE B 1280 -48.23 -45.99 -2.40
C ILE B 1280 -48.44 -47.51 -2.42
N ASN B 1281 -48.33 -48.12 -3.60
CA ASN B 1281 -48.54 -49.57 -3.71
C ASN B 1281 -47.28 -50.41 -3.50
N THR B 1282 -46.13 -49.79 -3.33
CA THR B 1282 -44.89 -50.51 -3.07
C THR B 1282 -44.90 -51.22 -1.72
N MET B 1283 -45.55 -50.64 -0.71
CA MET B 1283 -45.65 -51.31 0.60
C MET B 1283 -46.31 -52.67 0.43
N SER B 1284 -47.41 -52.72 -0.30
CA SER B 1284 -48.09 -53.99 -0.53
C SER B 1284 -47.26 -54.89 -1.43
N ALA B 1285 -46.46 -54.32 -2.32
CA ALA B 1285 -45.62 -55.13 -3.16
C ALA B 1285 -44.58 -55.86 -2.31
N TRP B 1286 -44.00 -55.15 -1.34
CA TRP B 1286 -43.01 -55.77 -0.47
C TRP B 1286 -43.65 -56.81 0.44
N VAL B 1287 -44.87 -56.55 0.92
CA VAL B 1287 -45.56 -57.54 1.74
C VAL B 1287 -45.70 -58.84 0.98
N ASN B 1288 -46.14 -58.77 -0.28
CA ASN B 1288 -46.24 -59.96 -1.11
C ASN B 1288 -44.87 -60.57 -1.41
N MET B 1289 -43.87 -59.75 -1.66
CA MET B 1289 -42.57 -60.28 -2.08
C MET B 1289 -41.78 -60.90 -0.94
N LEU B 1290 -42.12 -60.59 0.32
CA LEU B 1290 -41.38 -61.10 1.46
C LEU B 1290 -42.15 -62.09 2.31
N LEU B 1291 -43.49 -62.04 2.33
CA LEU B 1291 -44.27 -62.89 3.23
C LEU B 1291 -45.29 -63.75 2.52
N ILE B 1292 -46.11 -63.17 1.64
CA ILE B 1292 -47.36 -63.81 1.23
C ILE B 1292 -47.19 -64.65 -0.02
N SER B 1293 -46.55 -64.11 -1.05
CA SER B 1293 -46.34 -64.82 -2.31
C SER B 1293 -47.65 -65.25 -2.95
N SER B 1294 -48.66 -64.40 -2.92
CA SER B 1294 -49.91 -64.71 -3.59
C SER B 1294 -49.92 -64.11 -4.99
N SER B 1295 -50.87 -64.58 -5.79
CA SER B 1295 -51.20 -63.96 -7.07
C SER B 1295 -52.67 -63.58 -7.08
N GLY B 1296 -53.14 -63.00 -5.98
CA GLY B 1296 -54.50 -62.56 -5.84
C GLY B 1296 -54.68 -61.12 -6.24
N PRO B 1297 -55.88 -60.58 -6.04
CA PRO B 1297 -56.11 -59.17 -6.37
C PRO B 1297 -55.23 -58.25 -5.55
N ILE B 1298 -54.85 -57.12 -6.13
CA ILE B 1298 -54.06 -56.12 -5.42
C ILE B 1298 -54.66 -54.77 -5.76
N LYS B 1299 -55.55 -54.27 -4.92
CA LYS B 1299 -56.20 -53.00 -5.17
C LYS B 1299 -55.78 -52.04 -4.07
N THR B 1300 -54.91 -51.08 -4.36
CA THR B 1300 -54.42 -50.15 -3.35
C THR B 1300 -55.19 -48.83 -3.37
N PRO B 1301 -56.03 -48.59 -2.36
CA PRO B 1301 -56.75 -47.31 -2.31
C PRO B 1301 -55.87 -46.17 -1.85
N VAL B 1302 -56.30 -44.96 -2.21
CA VAL B 1302 -55.73 -43.72 -1.71
C VAL B 1302 -56.91 -42.85 -1.33
N GLY B 1303 -57.12 -42.65 -0.03
CA GLY B 1303 -58.30 -41.96 0.42
C GLY B 1303 -58.02 -40.94 1.51
N ALA B 1304 -56.84 -40.31 1.44
CA ALA B 1304 -56.39 -39.39 2.48
C ALA B 1304 -56.63 -39.97 3.87
N CYS B 1305 -57.47 -39.33 4.68
CA CYS B 1305 -57.68 -39.77 6.05
C CYS B 1305 -58.76 -40.84 6.19
N ALA B 1306 -59.47 -41.18 5.11
CA ALA B 1306 -60.44 -42.27 5.10
C ALA B 1306 -59.91 -43.51 4.37
N THR B 1307 -58.59 -43.61 4.21
CA THR B 1307 -57.99 -44.69 3.44
C THR B 1307 -58.35 -46.06 4.01
N SER B 1308 -58.27 -46.22 5.33
CA SER B 1308 -58.51 -47.52 5.92
C SER B 1308 -59.94 -47.99 5.73
N VAL B 1309 -60.90 -47.08 5.83
CA VAL B 1309 -62.29 -47.46 5.62
C VAL B 1309 -62.54 -47.79 4.17
N GLU B 1310 -61.97 -47.01 3.25
CA GLU B 1310 -62.04 -47.36 1.84
C GLU B 1310 -61.44 -48.74 1.59
N SER B 1311 -60.33 -49.04 2.27
CA SER B 1311 -59.67 -50.32 2.13
C SER B 1311 -60.58 -51.46 2.55
N VAL B 1312 -61.26 -51.29 3.68
CA VAL B 1312 -62.21 -52.30 4.12
C VAL B 1312 -63.32 -52.49 3.08
N ASP B 1313 -63.85 -51.38 2.57
CA ASP B 1313 -64.92 -51.47 1.58
C ASP B 1313 -64.46 -52.28 0.36
N ILE B 1314 -63.26 -51.99 -0.13
CA ILE B 1314 -62.74 -52.68 -1.30
C ILE B 1314 -62.51 -54.16 -0.99
N GLY B 1315 -61.92 -54.48 0.15
CA GLY B 1315 -61.66 -55.87 0.47
C GLY B 1315 -62.94 -56.68 0.58
N VAL B 1316 -63.97 -56.08 1.15
CA VAL B 1316 -65.25 -56.76 1.25
C VAL B 1316 -65.84 -56.96 -0.14
N GLU B 1317 -65.75 -55.95 -0.98
CA GLU B 1317 -66.27 -56.09 -2.34
C GLU B 1317 -65.52 -57.18 -3.10
N THR B 1318 -64.20 -57.24 -2.92
CA THR B 1318 -63.38 -58.25 -3.58
C THR B 1318 -63.77 -59.64 -3.14
N ILE B 1319 -63.94 -59.88 -1.85
CA ILE B 1319 -64.33 -61.19 -1.38
C ILE B 1319 -65.75 -61.55 -1.83
N LEU B 1320 -66.68 -60.62 -1.76
CA LEU B 1320 -68.05 -60.92 -2.16
C LEU B 1320 -68.19 -61.08 -3.68
N SER B 1321 -67.27 -60.53 -4.45
CA SER B 1321 -67.29 -60.73 -5.89
C SER B 1321 -66.70 -62.07 -6.31
N GLY B 1322 -66.19 -62.85 -5.35
CA GLY B 1322 -65.61 -64.14 -5.65
C GLY B 1322 -64.18 -64.10 -6.16
N LYS B 1323 -63.55 -62.94 -6.13
CA LYS B 1323 -62.17 -62.84 -6.61
C LYS B 1323 -61.15 -63.23 -5.56
N ALA B 1324 -61.52 -63.19 -4.29
CA ALA B 1324 -60.63 -63.62 -3.20
C ALA B 1324 -61.44 -64.19 -2.07
N ARG B 1325 -60.81 -64.99 -1.22
CA ARG B 1325 -61.49 -65.51 -0.04
C ARG B 1325 -60.83 -64.95 1.23
N ILE B 1326 -59.65 -64.36 1.09
CA ILE B 1326 -58.94 -63.74 2.20
C ILE B 1326 -58.38 -62.42 1.69
N CYS B 1327 -58.41 -61.39 2.51
CA CYS B 1327 -57.83 -60.11 2.13
C CYS B 1327 -57.11 -59.46 3.30
N ILE B 1328 -56.01 -58.78 3.00
CA ILE B 1328 -55.33 -57.90 3.93
C ILE B 1328 -55.85 -56.48 3.69
N VAL B 1329 -56.46 -55.89 4.70
CA VAL B 1329 -56.96 -54.52 4.59
C VAL B 1329 -56.28 -53.67 5.66
N GLY B 1330 -56.34 -52.38 5.49
CA GLY B 1330 -55.79 -51.45 6.46
C GLY B 1330 -55.17 -50.26 5.78
N GLY B 1331 -54.37 -49.53 6.55
CA GLY B 1331 -53.82 -48.26 6.11
C GLY B 1331 -52.57 -47.89 6.88
N TYR B 1332 -51.85 -46.94 6.31
CA TYR B 1332 -50.59 -46.53 6.87
C TYR B 1332 -50.14 -45.21 6.28
N ASP B 1333 -49.39 -44.42 7.03
CA ASP B 1333 -48.80 -43.17 6.61
C ASP B 1333 -47.71 -42.78 7.58
N ASP B 1334 -46.78 -41.99 7.07
CA ASP B 1334 -45.67 -41.55 7.89
C ASP B 1334 -45.75 -40.08 8.20
N PHE B 1335 -44.85 -39.61 9.03
CA PHE B 1335 -44.75 -38.21 9.43
C PHE B 1335 -43.37 -37.71 9.04
N GLN B 1336 -43.32 -36.62 8.29
CA GLN B 1336 -42.06 -36.05 7.88
C GLN B 1336 -42.17 -34.55 7.84
N GLU B 1337 -41.04 -33.86 7.80
CA GLU B 1337 -41.03 -32.40 7.84
C GLU B 1337 -41.91 -31.66 6.87
N GLU B 1338 -41.85 -32.01 5.59
CA GLU B 1338 -42.58 -31.22 4.61
C GLU B 1338 -44.09 -31.31 4.82
N GLY B 1339 -44.61 -32.51 5.08
CA GLY B 1339 -46.03 -32.66 5.32
C GLY B 1339 -46.48 -31.87 6.54
N SER B 1340 -45.69 -31.86 7.60
CA SER B 1340 -46.04 -31.08 8.78
C SER B 1340 -46.12 -29.59 8.46
N PHE B 1341 -45.10 -29.07 7.78
CA PHE B 1341 -45.13 -27.68 7.38
C PHE B 1341 -46.37 -27.38 6.55
N GLU B 1342 -46.69 -28.24 5.59
CA GLU B 1342 -47.80 -27.91 4.71
C GLU B 1342 -49.13 -27.99 5.46
N PHE B 1343 -49.27 -28.93 6.40
CA PHE B 1343 -50.48 -28.99 7.19
C PHE B 1343 -50.60 -27.73 8.05
N GLY B 1344 -49.48 -27.19 8.51
CA GLY B 1344 -49.50 -25.97 9.29
C GLY B 1344 -49.87 -24.79 8.42
N ASN B 1345 -49.40 -24.75 7.18
CA ASN B 1345 -49.76 -23.69 6.25
C ASN B 1345 -51.26 -23.70 5.97
N MET B 1346 -51.84 -24.88 5.83
CA MET B 1346 -53.28 -24.98 5.68
C MET B 1346 -54.03 -24.76 6.99
N LYS B 1347 -53.32 -24.66 8.11
CA LYS B 1347 -53.95 -24.45 9.42
C LYS B 1347 -54.85 -25.61 9.80
N ALA B 1348 -54.49 -26.81 9.40
CA ALA B 1348 -55.23 -28.01 9.79
C ALA B 1348 -54.80 -28.53 11.15
N THR B 1349 -53.53 -28.39 11.48
CA THR B 1349 -53.01 -28.88 12.75
C THR B 1349 -52.98 -27.80 13.82
N SER B 1350 -52.93 -28.21 15.07
CA SER B 1350 -52.88 -27.26 16.18
C SER B 1350 -51.54 -26.51 16.26
N ASN B 1351 -51.59 -25.20 16.42
CA ASN B 1351 -50.36 -24.42 16.60
C ASN B 1351 -49.86 -24.69 18.01
N THR B 1352 -48.64 -25.18 18.14
CA THR B 1352 -48.11 -25.55 19.44
C THR B 1352 -47.76 -24.32 20.30
N LEU B 1353 -47.26 -23.24 19.72
CA LEU B 1353 -46.97 -22.05 20.51
C LEU B 1353 -48.25 -21.50 21.12
N GLU B 1354 -49.33 -21.49 20.36
CA GLU B 1354 -50.63 -21.09 20.89
C GLU B 1354 -51.10 -22.02 21.99
N GLU B 1355 -50.85 -23.32 21.86
CA GLU B 1355 -51.24 -24.28 22.89
C GLU B 1355 -50.48 -24.01 24.16
N PHE B 1356 -49.19 -23.72 24.05
CA PHE B 1356 -48.41 -23.36 25.23
C PHE B 1356 -48.97 -22.11 25.87
N GLU B 1357 -49.35 -21.12 25.06
CA GLU B 1357 -49.91 -19.89 25.62
C GLU B 1357 -51.15 -20.16 26.45
N HIS B 1358 -51.86 -21.25 26.18
CA HIS B 1358 -53.05 -21.64 26.92
C HIS B 1358 -52.74 -22.63 28.02
N GLY B 1359 -51.47 -22.89 28.31
CA GLY B 1359 -51.09 -23.79 29.36
C GLY B 1359 -51.22 -25.26 29.06
N ARG B 1360 -51.43 -25.62 27.81
CA ARG B 1360 -51.61 -27.01 27.43
C ARG B 1360 -50.30 -27.74 27.25
N THR B 1361 -50.17 -28.91 27.84
CA THR B 1361 -49.02 -29.77 27.63
C THR B 1361 -49.25 -30.68 26.44
N PRO B 1362 -48.19 -31.32 25.91
CA PRO B 1362 -48.38 -32.15 24.70
C PRO B 1362 -49.48 -33.20 24.84
N ALA B 1363 -49.64 -33.80 26.01
CA ALA B 1363 -50.67 -34.82 26.23
C ALA B 1363 -52.11 -34.30 26.33
N GLU B 1364 -52.34 -33.01 26.17
CA GLU B 1364 -53.70 -32.50 26.14
C GLU B 1364 -54.00 -31.71 24.87
N MET B 1365 -53.12 -31.76 23.89
CA MET B 1365 -53.33 -30.99 22.68
C MET B 1365 -54.35 -31.65 21.75
N SER B 1366 -54.55 -32.95 21.89
CA SER B 1366 -55.58 -33.64 21.11
C SER B 1366 -56.78 -33.82 22.01
N ARG B 1367 -57.79 -32.98 21.82
CA ARG B 1367 -58.97 -33.01 22.67
C ARG B 1367 -60.22 -32.96 21.80
N PRO B 1368 -60.60 -34.08 21.18
CA PRO B 1368 -61.78 -34.08 20.30
C PRO B 1368 -63.04 -33.66 21.06
N ALA B 1369 -63.88 -32.88 20.38
CA ALA B 1369 -65.23 -32.51 20.78
C ALA B 1369 -65.28 -31.51 21.93
N THR B 1370 -64.17 -30.89 22.32
CA THR B 1370 -64.17 -29.94 23.41
C THR B 1370 -64.32 -28.51 22.90
N THR B 1371 -64.68 -27.61 23.81
CA THR B 1371 -64.93 -26.22 23.45
C THR B 1371 -63.72 -25.58 22.79
N THR B 1372 -62.52 -25.88 23.28
CA THR B 1372 -61.33 -25.16 22.87
C THR B 1372 -60.53 -25.86 21.76
N ARG B 1373 -61.00 -27.00 21.25
CA ARG B 1373 -60.27 -27.71 20.20
C ARG B 1373 -59.97 -26.77 19.04
N ASN B 1374 -58.76 -26.86 18.50
CA ASN B 1374 -58.34 -25.99 17.41
C ASN B 1374 -57.24 -26.59 16.54
N GLY B 1375 -57.48 -27.76 15.98
CA GLY B 1375 -56.50 -28.38 15.09
C GLY B 1375 -56.13 -29.77 15.50
N PHE B 1376 -55.81 -30.61 14.53
CA PHE B 1376 -55.48 -31.99 14.85
C PHE B 1376 -54.02 -32.22 15.13
N MET B 1377 -53.73 -33.31 15.83
CA MET B 1377 -52.36 -33.66 16.16
C MET B 1377 -51.90 -34.69 15.16
N GLU B 1378 -50.79 -34.49 14.50
CA GLU B 1378 -50.28 -35.41 13.49
C GLU B 1378 -49.58 -36.59 14.15
N ALA B 1379 -49.77 -37.77 13.57
CA ALA B 1379 -49.17 -38.99 14.09
C ALA B 1379 -48.62 -39.80 12.93
N GLN B 1380 -48.20 -41.02 13.23
CA GLN B 1380 -47.68 -41.92 12.21
C GLN B 1380 -47.88 -43.37 12.62
N GLY B 1381 -47.93 -44.27 11.66
CA GLY B 1381 -47.97 -45.70 11.92
C GLY B 1381 -48.82 -46.42 10.91
N ALA B 1382 -49.16 -47.66 11.23
CA ALA B 1382 -49.91 -48.54 10.36
C ALA B 1382 -50.91 -49.34 11.16
N GLY B 1383 -52.02 -49.67 10.52
CA GLY B 1383 -52.96 -50.64 11.05
C GLY B 1383 -53.40 -51.63 10.00
N ILE B 1384 -53.47 -52.90 10.34
CA ILE B 1384 -53.79 -53.97 9.40
C ILE B 1384 -54.86 -54.87 10.00
N GLN B 1385 -55.77 -55.33 9.17
CA GLN B 1385 -56.69 -56.40 9.53
C GLN B 1385 -56.68 -57.48 8.47
N ILE B 1386 -56.93 -58.71 8.89
CA ILE B 1386 -57.18 -59.83 8.01
C ILE B 1386 -58.68 -60.08 7.98
N ILE B 1387 -59.29 -60.05 6.80
CA ILE B 1387 -60.69 -60.37 6.64
C ILE B 1387 -60.81 -61.59 5.73
N MET B 1388 -61.91 -62.31 5.86
CA MET B 1388 -62.11 -63.49 5.03
C MET B 1388 -63.57 -63.93 5.14
N GLN B 1389 -63.96 -64.85 4.27
CA GLN B 1389 -65.29 -65.40 4.31
C GLN B 1389 -65.49 -66.17 5.59
N ALA B 1390 -66.65 -66.02 6.21
CA ALA B 1390 -66.92 -66.69 7.46
C ALA B 1390 -66.82 -68.21 7.32
N ASP B 1391 -67.25 -68.74 6.19
CA ASP B 1391 -67.18 -70.16 5.94
C ASP B 1391 -65.73 -70.65 5.99
N LEU B 1392 -64.83 -69.95 5.30
CA LEU B 1392 -63.43 -70.32 5.34
C LEU B 1392 -62.85 -70.16 6.73
N ALA B 1393 -63.25 -69.11 7.45
CA ALA B 1393 -62.74 -68.92 8.81
C ALA B 1393 -63.15 -70.06 9.72
N LEU B 1394 -64.35 -70.58 9.56
CA LEU B 1394 -64.78 -71.69 10.37
C LEU B 1394 -63.95 -72.89 10.00
N LYS B 1395 -63.80 -73.13 8.71
CA LYS B 1395 -63.07 -74.31 8.27
C LYS B 1395 -61.62 -74.29 8.76
N MET B 1396 -60.97 -73.14 8.70
CA MET B 1396 -59.59 -73.02 9.13
C MET B 1396 -59.42 -73.04 10.63
N GLY B 1397 -60.47 -72.74 11.39
CA GLY B 1397 -60.33 -72.61 12.83
C GLY B 1397 -59.51 -71.42 13.27
N VAL B 1398 -59.67 -70.27 12.61
CA VAL B 1398 -59.01 -69.05 13.04
C VAL B 1398 -59.97 -68.29 13.95
N PRO B 1399 -59.47 -67.46 14.86
CA PRO B 1399 -60.38 -66.69 15.72
C PRO B 1399 -61.16 -65.67 14.89
N ILE B 1400 -62.41 -65.44 15.29
CA ILE B 1400 -63.26 -64.45 14.64
C ILE B 1400 -63.52 -63.33 15.64
N TYR B 1401 -63.03 -62.13 15.34
CA TYR B 1401 -63.16 -61.01 16.25
C TYR B 1401 -64.39 -60.14 15.99
N GLY B 1402 -64.98 -60.23 14.81
CA GLY B 1402 -66.17 -59.46 14.51
C GLY B 1402 -66.61 -59.67 13.07
N ILE B 1403 -67.86 -59.35 12.80
CA ILE B 1403 -68.38 -59.49 11.46
C ILE B 1403 -68.43 -58.12 10.83
N VAL B 1404 -67.91 -57.98 9.62
CA VAL B 1404 -68.01 -56.71 8.92
C VAL B 1404 -69.38 -56.68 8.28
N ALA B 1405 -70.35 -56.06 8.93
CA ALA B 1405 -71.72 -56.06 8.45
C ALA B 1405 -71.96 -55.07 7.32
N MET B 1406 -71.19 -53.98 7.31
CA MET B 1406 -71.34 -52.98 6.27
C MET B 1406 -70.12 -52.12 6.08
N ALA B 1407 -69.86 -51.71 4.85
CA ALA B 1407 -68.80 -50.76 4.57
C ALA B 1407 -69.20 -49.97 3.34
N ALA B 1408 -69.03 -48.64 3.43
CA ALA B 1408 -69.43 -47.79 2.35
C ALA B 1408 -68.63 -46.52 2.27
N THR B 1409 -68.52 -45.91 1.09
CA THR B 1409 -67.87 -44.63 0.92
C THR B 1409 -68.85 -43.68 0.22
N ALA B 1410 -68.57 -42.38 0.34
CA ALA B 1410 -69.43 -41.39 -0.25
C ALA B 1410 -68.78 -40.03 -0.43
N THR B 1411 -68.93 -39.40 -1.58
CA THR B 1411 -68.52 -38.02 -1.81
C THR B 1411 -69.65 -37.07 -1.45
N ASP B 1412 -69.39 -35.78 -1.49
CA ASP B 1412 -70.38 -34.81 -1.05
C ASP B 1412 -71.13 -34.09 -2.16
N LYS B 1413 -70.60 -32.97 -2.66
CA LYS B 1413 -71.35 -32.17 -3.63
C LYS B 1413 -70.51 -31.06 -4.23
N ILE B 1414 -71.12 -30.24 -5.08
CA ILE B 1414 -70.40 -29.12 -5.66
C ILE B 1414 -69.86 -28.22 -4.56
N GLY B 1415 -68.60 -27.82 -4.69
CA GLY B 1415 -67.98 -26.96 -3.70
C GLY B 1415 -66.65 -26.44 -4.21
N ARG B 1416 -65.94 -25.68 -3.40
CA ARG B 1416 -64.62 -25.18 -3.76
C ARG B 1416 -63.58 -25.40 -2.66
N SER B 1417 -63.94 -26.14 -1.62
CA SER B 1417 -63.01 -26.41 -0.52
C SER B 1417 -62.70 -27.89 -0.48
N VAL B 1418 -61.48 -28.25 -0.91
CA VAL B 1418 -61.09 -29.66 -0.91
C VAL B 1418 -61.08 -30.24 0.50
N PRO B 1419 -60.57 -29.53 1.50
CA PRO B 1419 -60.47 -30.15 2.84
C PRO B 1419 -61.78 -30.14 3.65
N ALA B 1420 -62.81 -29.42 3.23
CA ALA B 1420 -64.04 -29.32 4.02
C ALA B 1420 -64.74 -30.68 4.09
N PRO B 1421 -65.08 -31.16 5.30
CA PRO B 1421 -65.83 -32.41 5.40
C PRO B 1421 -67.32 -32.21 5.11
N GLY B 1422 -67.98 -33.22 4.56
CA GLY B 1422 -69.38 -33.10 4.19
C GLY B 1422 -70.26 -34.20 4.73
N LYS B 1423 -71.52 -34.23 4.34
CA LYS B 1423 -72.47 -35.20 4.88
C LYS B 1423 -72.97 -36.25 3.88
N GLY B 1424 -72.21 -36.51 2.83
CA GLY B 1424 -72.57 -37.55 1.88
C GLY B 1424 -72.74 -38.94 2.48
N ILE B 1425 -71.97 -39.27 3.50
CA ILE B 1425 -72.05 -40.59 4.14
C ILE B 1425 -73.41 -40.80 4.76
N LEU B 1426 -74.16 -39.73 4.96
CA LEU B 1426 -75.51 -39.86 5.49
C LEU B 1426 -76.38 -40.76 4.61
N THR B 1427 -76.05 -40.91 3.35
CA THR B 1427 -76.81 -41.76 2.43
C THR B 1427 -76.89 -43.22 2.88
N THR B 1428 -75.97 -43.63 3.73
CA THR B 1428 -76.01 -44.96 4.29
C THR B 1428 -77.31 -45.23 5.04
N ALA B 1429 -78.00 -44.20 5.50
CA ALA B 1429 -79.25 -44.32 6.23
C ALA B 1429 -80.48 -44.08 5.37
N ARG B 1430 -80.31 -43.90 4.08
CA ARG B 1430 -81.43 -43.58 3.18
C ARG B 1430 -82.55 -44.59 3.25
N GLU B 1431 -83.76 -44.09 3.33
CA GLU B 1431 -84.91 -44.95 3.55
C GLU B 1431 -86.16 -44.18 3.16
N HIS B 1432 -87.03 -44.82 2.40
CA HIS B 1432 -88.26 -44.19 1.92
C HIS B 1432 -89.38 -44.46 2.93
N HIS B 1433 -89.96 -43.39 3.47
CA HIS B 1433 -90.98 -43.50 4.51
C HIS B 1433 -92.35 -43.01 4.06
N SER B 1434 -92.51 -42.67 2.79
CA SER B 1434 -93.77 -42.11 2.34
C SER B 1434 -94.91 -43.04 2.68
N SER B 1435 -94.61 -44.33 2.74
CA SER B 1435 -95.61 -45.32 3.07
C SER B 1435 -95.06 -46.26 4.11
N VAL B 1436 -95.44 -46.06 5.35
CA VAL B 1436 -94.93 -46.90 6.43
C VAL B 1436 -96.05 -47.28 7.41
N LYS B 1437 -97.29 -47.19 6.97
CA LYS B 1437 -98.42 -47.48 7.85
C LYS B 1437 -98.39 -48.93 8.33
N TYR B 1438 -98.13 -49.86 7.42
CA TYR B 1438 -98.04 -51.27 7.75
C TYR B 1438 -96.61 -51.77 7.56
N ALA B 1439 -96.22 -52.73 8.39
CA ALA B 1439 -94.86 -53.24 8.39
C ALA B 1439 -94.60 -54.13 7.19
N SER B 1440 -93.37 -54.09 6.70
CA SER B 1440 -92.95 -54.98 5.62
C SER B 1440 -92.59 -56.34 6.21
N PRO B 1441 -93.18 -57.43 5.70
CA PRO B 1441 -92.73 -58.76 6.15
C PRO B 1441 -91.27 -59.03 5.85
N ASN B 1442 -90.71 -58.34 4.84
CA ASN B 1442 -89.31 -58.54 4.50
C ASN B 1442 -88.40 -58.30 5.70
N LEU B 1443 -88.78 -57.40 6.59
CA LEU B 1443 -87.98 -57.11 7.77
C LEU B 1443 -88.12 -58.17 8.85
N ASN B 1444 -89.09 -59.07 8.75
CA ASN B 1444 -89.32 -60.09 9.76
C ASN B 1444 -88.57 -61.36 9.39
N MET B 1445 -87.69 -61.82 10.29
CA MET B 1445 -86.84 -62.96 9.97
C MET B 1445 -87.63 -64.27 9.95
N LYS B 1446 -88.68 -64.38 10.75
CA LYS B 1446 -89.49 -65.60 10.70
C LYS B 1446 -90.13 -65.78 9.34
N TYR B 1447 -90.47 -64.68 8.67
CA TYR B 1447 -91.07 -64.76 7.35
C TYR B 1447 -90.04 -65.14 6.30
N ARG B 1448 -88.83 -64.60 6.40
CA ARG B 1448 -87.79 -64.93 5.45
C ARG B 1448 -87.39 -66.40 5.59
N LYS B 1449 -87.36 -66.93 6.81
CA LYS B 1449 -86.99 -68.33 7.00
C LYS B 1449 -88.03 -69.27 6.43
N ARG B 1450 -89.30 -68.87 6.41
CA ARG B 1450 -90.32 -69.73 5.79
C ARG B 1450 -90.09 -69.85 4.29
N GLN B 1451 -89.76 -68.75 3.63
CA GLN B 1451 -89.51 -68.81 2.19
C GLN B 1451 -88.31 -69.67 1.88
N LEU B 1452 -87.25 -69.56 2.68
CA LEU B 1452 -86.06 -70.35 2.44
C LEU B 1452 -86.35 -71.85 2.53
N VAL B 1453 -87.14 -72.25 3.52
CA VAL B 1453 -87.46 -73.67 3.67
C VAL B 1453 -88.33 -74.17 2.52
N THR B 1454 -89.26 -73.34 2.06
CA THR B 1454 -90.03 -73.68 0.86
C THR B 1454 -89.11 -73.85 -0.34
N ARG B 1455 -88.26 -72.88 -0.60
CA ARG B 1455 -87.36 -72.95 -1.74
C ARG B 1455 -86.41 -74.14 -1.62
N GLU B 1456 -86.00 -74.49 -0.40
CA GLU B 1456 -85.08 -75.60 -0.21
C GLU B 1456 -85.73 -76.93 -0.62
N ALA B 1457 -87.03 -77.08 -0.35
CA ALA B 1457 -87.73 -78.28 -0.79
C ALA B 1457 -87.74 -78.38 -2.30
N GLN B 1458 -87.99 -77.26 -2.99
CA GLN B 1458 -88.03 -77.29 -4.44
C GLN B 1458 -86.69 -77.71 -5.03
N ILE B 1459 -85.58 -77.37 -4.38
CA ILE B 1459 -84.28 -77.68 -4.94
C ILE B 1459 -84.03 -79.19 -4.92
N LYS B 1460 -84.31 -79.83 -3.78
CA LYS B 1460 -84.09 -81.27 -3.70
C LYS B 1460 -85.00 -82.02 -4.64
N ASP B 1461 -86.16 -81.45 -4.98
CA ASP B 1461 -86.95 -81.98 -6.07
C ASP B 1461 -86.19 -81.88 -7.38
N TRP B 1462 -85.59 -80.72 -7.64
CA TRP B 1462 -84.80 -80.52 -8.85
C TRP B 1462 -83.63 -81.50 -8.89
N VAL B 1463 -83.02 -81.79 -7.74
CA VAL B 1463 -81.88 -82.69 -7.70
C VAL B 1463 -82.29 -84.08 -8.14
N GLU B 1464 -83.44 -84.57 -7.69
CA GLU B 1464 -83.82 -85.94 -8.00
C GLU B 1464 -84.13 -86.13 -9.47
N ASN B 1465 -84.65 -85.10 -10.14
CA ASN B 1465 -84.89 -85.20 -11.57
C ASN B 1465 -83.58 -85.29 -12.35
N GLU B 1466 -82.64 -84.40 -12.06
CA GLU B 1466 -81.38 -84.40 -12.80
C GLU B 1466 -80.57 -85.66 -12.52
N LEU B 1467 -80.68 -86.23 -11.31
CA LEU B 1467 -79.97 -87.47 -11.01
C LEU B 1467 -80.51 -88.62 -11.86
N GLU B 1468 -81.83 -88.77 -11.91
CA GLU B 1468 -82.41 -89.88 -12.66
C GLU B 1468 -82.19 -89.72 -14.16
N ALA B 1469 -82.22 -88.49 -14.65
CA ALA B 1469 -81.92 -88.26 -16.07
C ALA B 1469 -80.50 -88.69 -16.40
N LEU B 1470 -79.55 -88.40 -15.50
CA LEU B 1470 -78.19 -88.86 -15.71
C LEU B 1470 -78.12 -90.38 -15.72
N LYS B 1471 -78.86 -91.04 -14.82
CA LYS B 1471 -78.84 -92.50 -14.77
C LYS B 1471 -79.19 -93.09 -16.12
N LEU B 1472 -80.10 -92.45 -16.86
CA LEU B 1472 -80.46 -92.92 -18.20
C LEU B 1472 -79.41 -92.54 -19.23
N GLU B 1473 -78.79 -91.37 -19.08
CA GLU B 1473 -77.68 -91.00 -19.96
C GLU B 1473 -76.52 -91.98 -19.85
N ALA B 1474 -76.46 -92.75 -18.76
CA ALA B 1474 -75.43 -93.76 -18.58
C ALA B 1474 -75.81 -95.05 -19.32
N GLN B 1482 -68.87 -96.75 -17.38
CA GLN B 1482 -69.91 -95.90 -16.80
C GLN B 1482 -69.38 -95.15 -15.57
N ASN B 1483 -68.35 -95.70 -14.94
CA ASN B 1483 -67.83 -95.11 -13.71
C ASN B 1483 -67.33 -93.70 -13.95
N GLU B 1484 -66.48 -93.50 -14.97
CA GLU B 1484 -65.96 -92.18 -15.25
C GLU B 1484 -67.08 -91.22 -15.63
N PHE B 1485 -68.01 -91.67 -16.46
CA PHE B 1485 -69.11 -90.81 -16.88
C PHE B 1485 -69.94 -90.36 -15.69
N LEU B 1486 -70.23 -91.28 -14.76
CA LEU B 1486 -71.13 -90.96 -13.66
C LEU B 1486 -70.46 -90.01 -12.66
N LEU B 1487 -69.21 -90.27 -12.30
CA LEU B 1487 -68.53 -89.42 -11.33
C LEU B 1487 -68.40 -87.99 -11.83
N GLU B 1488 -68.09 -87.81 -13.12
CA GLU B 1488 -67.91 -86.45 -13.63
C GLU B 1488 -69.24 -85.71 -13.68
N ARG B 1489 -70.30 -86.37 -14.15
CA ARG B 1489 -71.60 -85.73 -14.22
C ARG B 1489 -72.20 -85.54 -12.84
N THR B 1490 -72.03 -86.51 -11.95
CA THR B 1490 -72.62 -86.40 -10.61
C THR B 1490 -72.03 -85.21 -9.84
N ARG B 1491 -70.72 -85.02 -9.94
CA ARG B 1491 -70.11 -83.87 -9.26
C ARG B 1491 -70.75 -82.57 -9.70
N GLU B 1492 -71.12 -82.46 -10.97
CA GLU B 1492 -71.67 -81.21 -11.49
C GLU B 1492 -73.09 -80.96 -10.99
N ILE B 1493 -73.94 -82.00 -11.02
CA ILE B 1493 -75.33 -81.82 -10.59
C ILE B 1493 -75.39 -81.40 -9.13
N HIS B 1494 -74.60 -82.04 -8.26
CA HIS B 1494 -74.59 -81.64 -6.86
C HIS B 1494 -73.99 -80.26 -6.69
N ASN B 1495 -73.01 -79.90 -7.53
CA ASN B 1495 -72.48 -78.54 -7.50
C ASN B 1495 -73.56 -77.54 -7.92
N GLU B 1496 -74.38 -77.90 -8.90
CA GLU B 1496 -75.50 -77.04 -9.27
C GLU B 1496 -76.48 -76.89 -8.13
N ALA B 1497 -76.76 -77.99 -7.41
CA ALA B 1497 -77.71 -77.95 -6.31
C ALA B 1497 -77.21 -77.06 -5.17
N GLU B 1498 -75.91 -77.12 -4.87
CA GLU B 1498 -75.38 -76.24 -3.84
C GLU B 1498 -75.53 -74.78 -4.25
N SER B 1499 -75.33 -74.49 -5.54
CA SER B 1499 -75.46 -73.12 -6.02
C SER B 1499 -76.88 -72.60 -5.84
N GLN B 1500 -77.88 -73.44 -6.09
CA GLN B 1500 -79.25 -72.99 -5.91
C GLN B 1500 -79.58 -72.76 -4.45
N LEU B 1501 -79.08 -73.62 -3.55
CA LEU B 1501 -79.28 -73.40 -2.12
C LEU B 1501 -78.63 -72.09 -1.69
N ARG B 1502 -77.39 -71.87 -2.08
CA ARG B 1502 -76.70 -70.66 -1.66
C ARG B 1502 -77.35 -69.42 -2.25
N ALA B 1503 -77.87 -69.50 -3.47
CA ALA B 1503 -78.60 -68.38 -4.03
C ALA B 1503 -79.87 -68.10 -3.25
N ALA B 1504 -80.55 -69.16 -2.80
CA ALA B 1504 -81.73 -68.98 -1.95
C ALA B 1504 -81.36 -68.32 -0.63
N GLN B 1505 -80.25 -68.74 -0.02
CA GLN B 1505 -79.81 -68.15 1.24
C GLN B 1505 -79.42 -66.70 1.05
N GLN B 1506 -78.78 -66.38 -0.06
CA GLN B 1506 -78.45 -64.99 -0.35
C GLN B 1506 -79.70 -64.15 -0.55
N GLN B 1507 -80.75 -64.75 -1.11
CA GLN B 1507 -82.00 -64.03 -1.34
C GLN B 1507 -82.67 -63.66 -0.01
N TRP B 1508 -82.83 -64.63 0.88
CA TRP B 1508 -83.63 -64.44 2.08
C TRP B 1508 -82.82 -64.16 3.33
N GLY B 1509 -81.52 -64.44 3.35
CA GLY B 1509 -80.75 -64.23 4.55
C GLY B 1509 -79.76 -63.10 4.46
N ASN B 1510 -79.05 -62.96 3.36
CA ASN B 1510 -77.98 -61.98 3.29
C ASN B 1510 -78.40 -60.68 2.61
N ASP B 1511 -79.21 -60.75 1.57
CA ASP B 1511 -79.47 -59.60 0.70
C ASP B 1511 -80.96 -59.31 0.59
N PHE B 1512 -81.75 -59.74 1.55
CA PHE B 1512 -83.21 -59.57 1.44
C PHE B 1512 -83.65 -58.14 1.29
N TYR B 1513 -82.82 -57.17 1.61
CA TYR B 1513 -83.21 -55.77 1.66
C TYR B 1513 -82.60 -54.93 0.55
N LYS B 1514 -81.68 -55.49 -0.24
CA LYS B 1514 -80.96 -54.68 -1.22
C LYS B 1514 -81.90 -54.06 -2.25
N ARG B 1515 -83.01 -54.73 -2.56
CA ARG B 1515 -83.98 -54.22 -3.51
C ARG B 1515 -85.11 -53.44 -2.85
N ASP B 1516 -85.08 -53.27 -1.53
CA ASP B 1516 -86.21 -52.71 -0.82
C ASP B 1516 -85.91 -51.26 -0.44
N PRO B 1517 -86.50 -50.27 -1.11
CA PRO B 1517 -86.19 -48.87 -0.76
C PRO B 1517 -86.64 -48.48 0.63
N ARG B 1518 -87.50 -49.26 1.28
CA ARG B 1518 -87.96 -48.96 2.62
C ARG B 1518 -87.03 -49.52 3.70
N ILE B 1519 -85.87 -50.05 3.32
CA ILE B 1519 -84.89 -50.55 4.27
C ILE B 1519 -83.55 -49.88 3.94
N ALA B 1520 -83.06 -49.05 4.85
CA ALA B 1520 -81.77 -48.44 4.65
C ALA B 1520 -80.66 -49.49 4.71
N PRO B 1521 -79.55 -49.28 4.00
CA PRO B 1521 -78.43 -50.23 4.10
C PRO B 1521 -77.96 -50.48 5.53
N LEU B 1522 -77.87 -49.44 6.36
CA LEU B 1522 -77.48 -49.62 7.76
C LEU B 1522 -78.44 -50.54 8.50
N ARG B 1523 -79.74 -50.25 8.39
CA ARG B 1523 -80.75 -51.08 9.05
C ARG B 1523 -80.71 -52.51 8.55
N GLY B 1524 -80.56 -52.70 7.24
CA GLY B 1524 -80.51 -54.06 6.71
C GLY B 1524 -79.28 -54.81 7.17
N ALA B 1525 -78.13 -54.14 7.20
CA ALA B 1525 -76.92 -54.74 7.71
C ALA B 1525 -77.13 -55.29 9.12
N LEU B 1526 -77.79 -54.51 9.98
CA LEU B 1526 -78.04 -55.00 11.33
C LEU B 1526 -79.12 -56.10 11.34
N ALA B 1527 -80.21 -55.90 10.61
CA ALA B 1527 -81.32 -56.84 10.63
C ALA B 1527 -80.95 -58.20 10.08
N THR B 1528 -79.87 -58.29 9.32
CA THR B 1528 -79.42 -59.58 8.83
C THR B 1528 -79.22 -60.54 10.00
N TYR B 1529 -78.74 -60.02 11.13
CA TYR B 1529 -78.48 -60.85 12.29
C TYR B 1529 -79.50 -60.68 13.38
N GLY B 1530 -80.64 -60.09 13.08
CA GLY B 1530 -81.67 -59.90 14.07
C GLY B 1530 -81.52 -58.70 14.99
N LEU B 1531 -80.52 -57.87 14.74
CA LEU B 1531 -80.36 -56.65 15.52
C LEU B 1531 -81.20 -55.52 14.94
N THR B 1532 -81.40 -54.49 15.76
CA THR B 1532 -82.16 -53.31 15.37
C THR B 1532 -81.28 -52.08 15.52
N ILE B 1533 -81.80 -50.95 15.04
CA ILE B 1533 -81.05 -49.70 15.11
C ILE B 1533 -80.64 -49.37 16.54
N ASP B 1534 -81.45 -49.75 17.52
CA ASP B 1534 -81.11 -49.50 18.92
C ASP B 1534 -79.96 -50.37 19.44
N ASP B 1535 -79.58 -51.41 18.71
CA ASP B 1535 -78.48 -52.28 19.14
C ASP B 1535 -77.08 -51.74 18.81
N LEU B 1536 -76.98 -50.70 17.99
CA LEU B 1536 -75.70 -50.11 17.64
C LEU B 1536 -75.23 -49.24 18.81
N GLY B 1537 -74.37 -49.79 19.66
CA GLY B 1537 -74.07 -49.17 20.93
C GLY B 1537 -73.01 -48.10 20.93
N VAL B 1538 -72.03 -48.22 20.05
CA VAL B 1538 -70.86 -47.35 20.05
C VAL B 1538 -70.63 -46.81 18.65
N ALA B 1539 -70.32 -45.53 18.57
CA ALA B 1539 -69.87 -44.89 17.35
C ALA B 1539 -68.45 -44.40 17.59
N SER B 1540 -67.49 -44.99 16.88
CA SER B 1540 -66.12 -44.53 16.95
C SER B 1540 -65.96 -43.37 15.97
N PHE B 1541 -65.80 -42.18 16.50
CA PHE B 1541 -65.75 -41.00 15.65
C PHE B 1541 -64.39 -40.71 15.08
N HIS B 1542 -64.37 -40.31 13.82
CA HIS B 1542 -63.11 -39.84 13.24
C HIS B 1542 -62.45 -38.87 14.20
N GLY B 1543 -63.28 -38.14 14.98
CA GLY B 1543 -62.81 -37.28 16.07
C GLY B 1543 -61.43 -36.78 15.90
N THR B 1544 -61.24 -35.70 15.18
CA THR B 1544 -59.92 -35.22 14.85
C THR B 1544 -59.48 -34.03 15.69
N SER B 1545 -60.39 -33.44 16.46
CA SER B 1545 -60.10 -32.25 17.27
C SER B 1545 -60.00 -30.98 16.43
N THR B 1546 -60.70 -30.97 15.31
CA THR B 1546 -60.80 -29.77 14.51
C THR B 1546 -62.24 -29.33 14.73
N LYS B 1547 -62.50 -28.04 14.62
CA LYS B 1547 -63.83 -27.51 14.83
C LYS B 1547 -64.85 -28.08 13.84
N ALA B 1548 -64.57 -27.94 12.54
CA ALA B 1548 -65.51 -28.39 11.52
C ALA B 1548 -65.78 -29.89 11.52
N ASN B 1549 -64.75 -30.71 11.68
CA ASN B 1549 -64.94 -32.14 11.63
C ASN B 1549 -65.81 -32.62 12.76
N ASP B 1550 -65.46 -32.24 13.99
CA ASP B 1550 -66.20 -32.80 15.12
C ASP B 1550 -67.67 -32.39 15.05
N LYS B 1551 -67.95 -31.14 14.68
CA LYS B 1551 -69.35 -30.75 14.53
C LYS B 1551 -70.02 -31.51 13.38
N ASN B 1552 -69.39 -31.51 12.22
CA ASN B 1552 -69.95 -32.21 11.05
C ASN B 1552 -70.28 -33.63 11.35
N GLU B 1553 -69.33 -34.36 11.94
CA GLU B 1553 -69.54 -35.76 12.22
C GLU B 1553 -70.62 -36.02 13.25
N SER B 1554 -70.67 -35.23 14.31
CA SER B 1554 -71.75 -35.39 15.27
C SER B 1554 -73.10 -35.18 14.60
N ALA B 1555 -73.24 -34.14 13.81
CA ALA B 1555 -74.49 -33.86 13.13
C ALA B 1555 -74.87 -35.01 12.19
N THR B 1556 -73.90 -35.55 11.48
CA THR B 1556 -74.17 -36.65 10.57
C THR B 1556 -74.68 -37.88 11.31
N ILE B 1557 -73.98 -38.32 12.34
CA ILE B 1557 -74.42 -39.48 13.11
C ILE B 1557 -75.78 -39.23 13.73
N ASN B 1558 -76.03 -38.01 14.19
CA ASN B 1558 -77.31 -37.67 14.80
C ASN B 1558 -78.46 -37.80 13.80
N GLU B 1559 -78.28 -37.29 12.59
CA GLU B 1559 -79.30 -37.39 11.55
C GLU B 1559 -79.51 -38.84 11.16
N MET B 1560 -78.43 -39.60 11.00
CA MET B 1560 -78.59 -41.02 10.73
C MET B 1560 -79.53 -41.66 11.75
N MET B 1561 -79.27 -41.41 13.04
CA MET B 1561 -80.11 -42.01 14.07
C MET B 1561 -81.53 -41.47 14.03
N LYS B 1562 -81.70 -40.17 13.81
CA LYS B 1562 -83.04 -39.60 13.76
C LYS B 1562 -83.87 -40.24 12.66
N HIS B 1563 -83.31 -40.29 11.44
CA HIS B 1563 -84.07 -40.81 10.31
C HIS B 1563 -84.45 -42.27 10.50
N LEU B 1564 -83.60 -43.06 11.15
CA LEU B 1564 -83.83 -44.48 11.30
C LEU B 1564 -84.65 -44.83 12.54
N GLY B 1565 -85.25 -43.84 13.20
CA GLY B 1565 -86.12 -44.12 14.33
C GLY B 1565 -85.43 -44.73 15.53
N ARG B 1566 -84.22 -44.29 15.84
CA ARG B 1566 -83.60 -44.65 17.10
C ARG B 1566 -84.46 -44.14 18.26
N SER B 1567 -84.56 -44.94 19.32
CA SER B 1567 -85.39 -44.57 20.46
C SER B 1567 -84.82 -43.34 21.16
N GLU B 1568 -85.70 -42.38 21.45
CA GLU B 1568 -85.29 -41.25 22.26
C GLU B 1568 -84.89 -41.74 23.65
N GLY B 1569 -83.88 -41.09 24.22
CA GLY B 1569 -83.30 -41.55 25.46
C GLY B 1569 -82.23 -42.61 25.28
N ASN B 1570 -81.93 -43.00 24.05
CA ASN B 1570 -80.97 -44.06 23.75
C ASN B 1570 -79.91 -43.52 22.80
N PRO B 1571 -79.02 -42.68 23.30
CA PRO B 1571 -77.94 -42.14 22.46
C PRO B 1571 -76.83 -43.16 22.26
N VAL B 1572 -76.11 -42.97 21.18
CA VAL B 1572 -74.92 -43.77 20.90
C VAL B 1572 -73.74 -43.18 21.66
N ILE B 1573 -72.87 -44.04 22.15
CA ILE B 1573 -71.73 -43.61 22.96
C ILE B 1573 -70.55 -43.36 22.03
N GLY B 1574 -70.09 -42.11 21.99
CA GLY B 1574 -69.00 -41.74 21.13
C GLY B 1574 -67.66 -42.15 21.71
N VAL B 1575 -66.77 -42.58 20.82
CA VAL B 1575 -65.39 -42.92 21.16
C VAL B 1575 -64.48 -42.10 20.27
N PHE B 1576 -63.46 -41.50 20.85
CA PHE B 1576 -62.56 -40.64 20.11
C PHE B 1576 -61.14 -41.03 20.40
N GLN B 1577 -60.70 -42.15 19.84
CA GLN B 1577 -59.35 -42.67 20.09
C GLN B 1577 -58.19 -41.72 19.80
N LYS B 1578 -58.39 -40.76 18.90
CA LYS B 1578 -57.30 -39.86 18.52
C LYS B 1578 -56.86 -38.96 19.66
N PHE B 1579 -57.69 -38.79 20.70
CA PHE B 1579 -57.22 -38.03 21.85
C PHE B 1579 -55.89 -38.56 22.35
N LEU B 1580 -55.69 -39.87 22.27
CA LEU B 1580 -54.48 -40.50 22.75
C LEU B 1580 -53.40 -40.70 21.68
N THR B 1581 -53.78 -41.07 20.47
CA THR B 1581 -52.79 -41.38 19.45
C THR B 1581 -52.49 -40.31 18.43
N GLY B 1582 -53.28 -39.26 18.39
CA GLY B 1582 -53.13 -38.30 17.31
C GLY B 1582 -53.65 -38.86 15.99
N HIS B 1583 -53.50 -38.07 14.94
CA HIS B 1583 -54.12 -38.38 13.66
C HIS B 1583 -53.08 -38.93 12.68
N PRO B 1584 -53.04 -40.22 12.40
CA PRO B 1584 -52.29 -40.69 11.24
C PRO B 1584 -53.14 -40.43 10.01
N LYS B 1585 -52.49 -40.18 8.89
CA LYS B 1585 -53.21 -39.68 7.73
C LYS B 1585 -53.61 -40.78 6.76
N GLY B 1586 -54.28 -41.81 7.25
CA GLY B 1586 -54.55 -42.95 6.40
C GLY B 1586 -54.58 -44.25 7.17
N ALA B 1587 -53.84 -44.33 8.28
CA ALA B 1587 -54.00 -45.41 9.23
C ALA B 1587 -55.12 -45.15 10.24
N ALA B 1588 -55.78 -43.99 10.18
CA ALA B 1588 -56.72 -43.59 11.23
C ALA B 1588 -57.86 -44.59 11.36
N GLY B 1589 -58.52 -44.90 10.24
CA GLY B 1589 -59.62 -45.82 10.27
C GLY B 1589 -59.22 -47.22 10.69
N ALA B 1590 -57.99 -47.64 10.36
CA ALA B 1590 -57.53 -48.96 10.78
C ALA B 1590 -57.32 -49.02 12.29
N TRP B 1591 -56.79 -47.97 12.87
CA TRP B 1591 -56.63 -47.92 14.32
C TRP B 1591 -58.02 -47.93 14.97
N MET B 1592 -58.97 -47.21 14.39
CA MET B 1592 -60.32 -47.23 14.91
C MET B 1592 -60.95 -48.61 14.78
N MET B 1593 -60.72 -49.29 13.67
CA MET B 1593 -61.28 -50.62 13.47
C MET B 1593 -60.74 -51.59 14.52
N ASN B 1594 -59.45 -51.49 14.82
CA ASN B 1594 -58.84 -52.29 15.87
C ASN B 1594 -59.47 -51.98 17.22
N GLY B 1595 -59.60 -50.69 17.54
CA GLY B 1595 -60.26 -50.31 18.77
C GLY B 1595 -61.68 -50.84 18.86
N ALA B 1596 -62.40 -50.82 17.74
CA ALA B 1596 -63.79 -51.27 17.74
C ALA B 1596 -63.88 -52.77 17.99
N LEU B 1597 -62.98 -53.55 17.41
CA LEU B 1597 -62.97 -54.97 17.69
C LEU B 1597 -62.62 -55.24 19.15
N GLN B 1598 -61.67 -54.51 19.70
CA GLN B 1598 -61.32 -54.67 21.11
C GLN B 1598 -62.53 -54.32 21.98
N ILE B 1599 -63.25 -53.26 21.66
CA ILE B 1599 -64.47 -52.88 22.38
C ILE B 1599 -65.47 -54.02 22.34
N LEU B 1600 -65.73 -54.55 21.14
CA LEU B 1600 -66.72 -55.61 20.99
C LEU B 1600 -66.36 -56.82 21.85
N ASN B 1601 -65.11 -57.26 21.85
CA ASN B 1601 -64.79 -58.51 22.53
C ASN B 1601 -64.54 -58.38 24.03
N SER B 1602 -64.42 -57.15 24.53
CA SER B 1602 -64.24 -56.92 25.95
C SER B 1602 -65.45 -56.31 26.59
N GLY B 1603 -66.26 -55.61 25.81
CA GLY B 1603 -67.37 -54.89 26.39
C GLY B 1603 -66.99 -53.59 27.04
N ILE B 1604 -65.73 -53.19 26.99
CA ILE B 1604 -65.24 -51.99 27.66
C ILE B 1604 -65.21 -50.85 26.65
N ILE B 1605 -65.76 -49.71 27.04
CA ILE B 1605 -65.88 -48.54 26.17
C ILE B 1605 -64.93 -47.46 26.70
N PRO B 1606 -63.80 -47.20 26.05
CA PRO B 1606 -62.85 -46.22 26.60
C PRO B 1606 -63.39 -44.80 26.58
N GLY B 1607 -63.02 -44.04 27.60
CA GLY B 1607 -63.40 -42.64 27.69
C GLY B 1607 -62.37 -41.70 27.09
N ASN B 1608 -62.86 -40.60 26.52
CA ASN B 1608 -62.02 -39.53 26.02
C ASN B 1608 -61.49 -38.74 27.21
N ARG B 1609 -60.29 -39.08 27.68
CA ARG B 1609 -59.76 -38.44 28.89
C ARG B 1609 -59.35 -36.99 28.67
N ASN B 1610 -59.27 -36.55 27.43
CA ASN B 1610 -58.98 -35.14 27.14
C ASN B 1610 -60.27 -34.34 26.92
N ALA B 1611 -61.43 -34.97 27.07
CA ALA B 1611 -62.70 -34.24 26.94
C ALA B 1611 -62.98 -33.48 28.24
N ASP B 1612 -62.26 -32.38 28.45
CA ASP B 1612 -62.44 -31.60 29.66
C ASP B 1612 -63.77 -30.88 29.68
N ASN B 1613 -64.12 -30.24 28.58
CA ASN B 1613 -65.39 -29.53 28.50
C ASN B 1613 -66.01 -29.77 27.13
N VAL B 1614 -67.08 -30.56 27.09
CA VAL B 1614 -67.75 -30.84 25.83
C VAL B 1614 -68.34 -29.57 25.27
N ASP B 1615 -68.05 -29.29 24.00
CA ASP B 1615 -68.54 -28.09 23.35
C ASP B 1615 -70.06 -27.98 23.46
N LYS B 1616 -70.54 -26.77 23.75
CA LYS B 1616 -71.96 -26.54 23.98
C LYS B 1616 -72.79 -26.72 22.70
N ILE B 1617 -72.20 -26.44 21.53
CA ILE B 1617 -72.90 -26.61 20.27
C ILE B 1617 -73.31 -28.05 20.01
N LEU B 1618 -72.63 -29.02 20.64
CA LEU B 1618 -72.96 -30.43 20.44
C LEU B 1618 -74.11 -30.89 21.30
N GLU B 1619 -74.57 -30.08 22.24
CA GLU B 1619 -75.72 -30.46 23.06
C GLU B 1619 -76.97 -30.66 22.21
N GLN B 1620 -77.05 -29.99 21.06
CA GLN B 1620 -78.22 -30.13 20.18
C GLN B 1620 -78.37 -31.53 19.61
N PHE B 1621 -77.28 -32.30 19.58
CA PHE B 1621 -77.33 -33.66 19.04
C PHE B 1621 -77.68 -34.64 20.13
N GLU B 1622 -78.97 -34.85 20.35
CA GLU B 1622 -79.43 -35.72 21.43
C GLU B 1622 -79.11 -37.20 21.34
N TYR B 1623 -78.73 -37.69 20.18
CA TYR B 1623 -78.48 -39.12 20.02
C TYR B 1623 -77.01 -39.49 20.21
N VAL B 1624 -76.17 -38.53 20.62
CA VAL B 1624 -74.74 -38.74 20.83
C VAL B 1624 -74.39 -38.42 22.27
N LEU B 1625 -73.62 -39.30 22.90
CA LEU B 1625 -73.10 -39.10 24.24
C LEU B 1625 -71.57 -39.07 24.19
N TYR B 1626 -70.97 -38.15 24.95
CA TYR B 1626 -69.52 -37.94 24.94
C TYR B 1626 -68.95 -38.26 26.31
N PRO B 1627 -68.56 -39.50 26.56
CA PRO B 1627 -68.00 -39.84 27.88
C PRO B 1627 -66.55 -39.39 28.01
N SER B 1628 -66.13 -39.17 29.25
CA SER B 1628 -64.75 -38.78 29.51
C SER B 1628 -63.99 -39.89 30.23
N LYS B 1629 -64.67 -40.97 30.61
CA LYS B 1629 -64.01 -42.04 31.31
C LYS B 1629 -64.54 -43.39 30.85
N THR B 1630 -63.73 -44.41 31.06
CA THR B 1630 -64.03 -45.74 30.56
C THR B 1630 -65.27 -46.31 31.24
N LEU B 1631 -66.07 -47.04 30.48
CA LEU B 1631 -67.26 -47.70 30.98
C LEU B 1631 -67.15 -49.19 30.74
N LYS B 1632 -67.39 -49.97 31.78
CA LYS B 1632 -67.45 -51.42 31.69
C LYS B 1632 -68.92 -51.80 31.54
N THR B 1633 -69.32 -52.18 30.34
CA THR B 1633 -70.70 -52.56 30.10
C THR B 1633 -70.84 -54.07 30.18
N ASP B 1634 -72.09 -54.54 30.12
CA ASP B 1634 -72.36 -55.96 30.02
C ASP B 1634 -72.49 -56.44 28.58
N GLY B 1635 -71.92 -55.70 27.63
CA GLY B 1635 -71.95 -56.14 26.26
C GLY B 1635 -72.22 -55.13 25.18
N VAL B 1636 -71.30 -54.98 24.24
CA VAL B 1636 -71.51 -54.10 23.09
C VAL B 1636 -71.82 -55.01 21.92
N ARG B 1637 -72.93 -54.77 21.24
CA ARG B 1637 -73.36 -55.64 20.15
C ARG B 1637 -72.95 -55.17 18.74
N ALA B 1638 -72.73 -53.88 18.54
CA ALA B 1638 -72.30 -53.37 17.25
C ALA B 1638 -71.60 -52.04 17.44
N VAL B 1639 -70.61 -51.77 16.60
CA VAL B 1639 -69.89 -50.51 16.61
C VAL B 1639 -69.90 -49.89 15.22
N SER B 1640 -70.07 -48.58 15.16
CA SER B 1640 -69.96 -47.81 13.93
C SER B 1640 -68.58 -47.16 13.87
N ILE B 1641 -68.01 -47.11 12.67
CA ILE B 1641 -66.73 -46.46 12.42
C ILE B 1641 -66.93 -45.51 11.25
N THR B 1642 -66.62 -44.24 11.46
CA THR B 1642 -66.75 -43.25 10.40
C THR B 1642 -65.44 -42.51 10.23
N SER B 1643 -65.15 -42.09 9.00
CA SER B 1643 -63.97 -41.30 8.74
C SER B 1643 -64.25 -40.33 7.60
N PHE B 1644 -63.56 -39.19 7.64
CA PHE B 1644 -63.78 -38.17 6.65
C PHE B 1644 -62.42 -37.71 6.19
N GLY B 1645 -62.12 -37.87 4.91
CA GLY B 1645 -60.82 -37.52 4.40
C GLY B 1645 -60.83 -36.34 3.47
N PHE B 1646 -59.73 -35.62 3.39
CA PHE B 1646 -59.63 -34.54 2.44
C PHE B 1646 -60.08 -35.04 1.08
N GLY B 1647 -60.67 -34.16 0.28
CA GLY B 1647 -61.17 -34.54 -1.02
C GLY B 1647 -62.49 -35.26 -0.98
N GLN B 1648 -63.38 -34.84 -0.07
CA GLN B 1648 -64.71 -35.45 0.07
C GLN B 1648 -64.72 -36.97 0.24
N LYS B 1649 -63.74 -37.51 0.94
CA LYS B 1649 -63.70 -38.95 1.18
C LYS B 1649 -64.42 -39.25 2.48
N GLY B 1650 -65.68 -39.65 2.38
CA GLY B 1650 -66.43 -40.06 3.54
C GLY B 1650 -66.59 -41.56 3.52
N GLY B 1651 -66.59 -42.19 4.68
CA GLY B 1651 -66.71 -43.63 4.77
C GLY B 1651 -67.34 -44.04 6.09
N GLN B 1652 -68.00 -45.20 6.06
CA GLN B 1652 -68.57 -45.79 7.26
C GLN B 1652 -68.46 -47.30 7.20
N ALA B 1653 -68.20 -47.91 8.34
CA ALA B 1653 -68.23 -49.36 8.50
C ALA B 1653 -68.99 -49.71 9.77
N ILE B 1654 -69.64 -50.86 9.76
CA ILE B 1654 -70.36 -51.39 10.91
C ILE B 1654 -69.80 -52.77 11.22
N VAL B 1655 -69.36 -52.96 12.46
CA VAL B 1655 -68.82 -54.23 12.91
C VAL B 1655 -69.75 -54.77 13.98
N VAL B 1656 -70.13 -56.03 13.84
CA VAL B 1656 -71.09 -56.67 14.72
C VAL B 1656 -70.37 -57.72 15.56
N HIS B 1657 -70.87 -57.94 16.77
CA HIS B 1657 -70.25 -58.91 17.68
C HIS B 1657 -70.16 -60.29 17.06
N PRO B 1658 -68.99 -60.92 17.17
CA PRO B 1658 -68.79 -62.22 16.51
C PRO B 1658 -69.73 -63.34 16.95
N ASP B 1659 -70.32 -63.24 18.13
CA ASP B 1659 -71.17 -64.31 18.62
C ASP B 1659 -72.46 -64.46 17.80
N TYR B 1660 -72.87 -63.42 17.10
CA TYR B 1660 -74.05 -63.53 16.23
C TYR B 1660 -73.80 -64.45 15.04
N LEU B 1661 -72.55 -64.63 14.65
CA LEU B 1661 -72.24 -65.57 13.58
C LEU B 1661 -72.64 -66.99 13.97
N TYR B 1662 -72.27 -67.40 15.17
CA TYR B 1662 -72.48 -68.80 15.59
C TYR B 1662 -73.93 -69.25 15.62
N GLY B 1663 -74.87 -68.34 15.76
CA GLY B 1663 -76.26 -68.72 15.67
C GLY B 1663 -76.65 -69.28 14.31
N ALA B 1664 -75.80 -69.10 13.30
CA ALA B 1664 -76.10 -69.52 11.94
C ALA B 1664 -75.69 -70.96 11.64
N ILE B 1665 -75.00 -71.63 12.55
CA ILE B 1665 -74.43 -72.95 12.28
C ILE B 1665 -74.97 -73.95 13.30
N THR B 1666 -74.78 -75.23 12.99
CA THR B 1666 -75.21 -76.30 13.88
C THR B 1666 -74.25 -76.46 15.05
N GLU B 1667 -74.69 -77.24 16.04
CA GLU B 1667 -73.86 -77.47 17.23
C GLU B 1667 -72.59 -78.23 16.89
N ASP B 1668 -72.67 -79.26 16.04
CA ASP B 1668 -71.49 -80.05 15.71
C ASP B 1668 -70.44 -79.20 15.00
N ARG B 1669 -70.88 -78.36 14.07
CA ARG B 1669 -69.96 -77.49 13.37
C ARG B 1669 -69.33 -76.50 14.32
N TYR B 1670 -70.12 -75.97 15.24
CA TYR B 1670 -69.59 -75.03 16.22
C TYR B 1670 -68.55 -75.68 17.11
N ASN B 1671 -68.83 -76.89 17.59
CA ASN B 1671 -67.90 -77.57 18.48
C ASN B 1671 -66.60 -77.93 17.80
N GLU B 1672 -66.67 -78.35 16.54
CA GLU B 1672 -65.46 -78.65 15.82
C GLU B 1672 -64.64 -77.38 15.58
N TYR B 1673 -65.32 -76.27 15.35
CA TYR B 1673 -64.63 -75.00 15.20
C TYR B 1673 -63.93 -74.66 16.48
N VAL B 1674 -64.62 -74.82 17.60
CA VAL B 1674 -64.04 -74.44 18.89
C VAL B 1674 -62.77 -75.23 19.16
N ALA B 1675 -62.81 -76.54 18.91
CA ALA B 1675 -61.62 -77.37 19.12
C ALA B 1675 -60.47 -76.91 18.22
N LYS B 1676 -60.75 -76.65 16.96
CA LYS B 1676 -59.71 -76.22 16.06
C LYS B 1676 -59.11 -74.90 16.49
N VAL B 1677 -59.95 -73.97 16.93
CA VAL B 1677 -59.46 -72.66 17.33
C VAL B 1677 -58.56 -72.78 18.55
N SER B 1678 -58.95 -73.60 19.51
CA SER B 1678 -58.16 -73.78 20.73
C SER B 1678 -56.78 -74.30 20.41
N ALA B 1679 -56.71 -75.31 19.56
CA ALA B 1679 -55.40 -75.84 19.14
C ALA B 1679 -54.56 -74.77 18.45
N ARG B 1680 -55.19 -74.03 17.53
CA ARG B 1680 -54.47 -72.98 16.82
C ARG B 1680 -53.96 -71.91 17.77
N GLU B 1681 -54.74 -71.56 18.78
CA GLU B 1681 -54.34 -70.53 19.72
C GLU B 1681 -53.12 -70.97 20.53
N LYS B 1682 -53.06 -72.24 20.93
CA LYS B 1682 -51.90 -72.73 21.66
C LYS B 1682 -50.65 -72.69 20.80
N SER B 1683 -50.77 -73.09 19.54
CA SER B 1683 -49.63 -72.97 18.64
C SER B 1683 -49.20 -71.52 18.46
N ALA B 1684 -50.17 -70.61 18.38
CA ALA B 1684 -49.85 -69.20 18.16
C ALA B 1684 -49.10 -68.62 19.36
N TYR B 1685 -49.47 -69.04 20.57
CA TYR B 1685 -48.78 -68.58 21.76
C TYR B 1685 -47.33 -69.06 21.75
N LYS B 1686 -47.14 -70.32 21.45
CA LYS B 1686 -45.79 -70.87 21.37
C LYS B 1686 -44.94 -70.06 20.38
N PHE B 1687 -45.48 -69.82 19.19
CA PHE B 1687 -44.75 -69.09 18.18
C PHE B 1687 -44.50 -67.66 18.60
N PHE B 1688 -45.48 -67.03 19.20
CA PHE B 1688 -45.33 -65.63 19.56
C PHE B 1688 -44.19 -65.44 20.55
N HIS B 1689 -44.14 -66.29 21.58
CA HIS B 1689 -43.12 -66.07 22.61
C HIS B 1689 -41.73 -66.43 22.11
N ASN B 1690 -41.61 -67.53 21.35
CA ASN B 1690 -40.32 -67.82 20.72
C ASN B 1690 -39.86 -66.63 19.86
N GLY B 1691 -40.74 -66.15 18.98
CA GLY B 1691 -40.36 -65.05 18.10
C GLY B 1691 -40.03 -63.80 18.85
N MET B 1692 -40.71 -63.55 19.97
CA MET B 1692 -40.45 -62.34 20.74
C MET B 1692 -39.05 -62.39 21.36
N ILE B 1693 -38.73 -63.48 22.05
CA ILE B 1693 -37.47 -63.46 22.79
C ILE B 1693 -36.27 -63.64 21.86
N TYR B 1694 -36.46 -64.25 20.70
CA TYR B 1694 -35.34 -64.43 19.78
C TYR B 1694 -35.34 -63.44 18.64
N ASN B 1695 -36.18 -62.41 18.70
CA ASN B 1695 -36.24 -61.39 17.65
C ASN B 1695 -36.45 -61.99 16.28
N LYS B 1696 -37.38 -62.92 16.16
CA LYS B 1696 -37.67 -63.54 14.87
C LYS B 1696 -39.17 -63.75 14.69
N LEU B 1697 -39.98 -62.80 15.15
CA LEU B 1697 -41.40 -62.83 14.80
C LEU B 1697 -41.59 -62.70 13.30
N PHE B 1698 -40.86 -61.77 12.67
CA PHE B 1698 -40.82 -61.64 11.22
C PHE B 1698 -39.76 -62.59 10.67
N VAL B 1699 -40.17 -63.47 9.78
CA VAL B 1699 -39.24 -64.37 9.13
C VAL B 1699 -39.49 -64.25 7.64
N SER B 1700 -38.53 -63.71 6.91
CA SER B 1700 -38.69 -63.48 5.48
C SER B 1700 -38.67 -64.79 4.72
N LYS B 1701 -39.57 -64.92 3.76
CA LYS B 1701 -39.61 -66.10 2.91
C LYS B 1701 -38.53 -65.98 1.84
N GLU B 1702 -37.78 -67.05 1.63
CA GLU B 1702 -36.72 -67.05 0.62
C GLU B 1702 -37.20 -67.58 -0.72
N HIS B 1703 -38.09 -68.57 -0.74
CA HIS B 1703 -38.63 -69.11 -1.97
C HIS B 1703 -40.15 -69.14 -1.91
N ALA B 1704 -40.77 -69.05 -3.08
CA ALA B 1704 -42.20 -69.25 -3.21
C ALA B 1704 -42.56 -70.69 -2.84
N PRO B 1705 -43.86 -70.97 -2.64
CA PRO B 1705 -44.27 -72.34 -2.35
C PRO B 1705 -44.09 -73.29 -3.55
N TYR B 1706 -43.85 -72.77 -4.74
CA TYR B 1706 -43.63 -73.56 -5.94
C TYR B 1706 -42.27 -73.20 -6.52
N THR B 1707 -41.67 -74.15 -7.23
CA THR B 1707 -40.45 -73.84 -7.96
C THR B 1707 -40.78 -73.08 -9.24
N ASP B 1708 -39.76 -72.48 -9.83
CA ASP B 1708 -39.95 -71.80 -11.10
C ASP B 1708 -40.48 -72.75 -12.16
N GLU B 1709 -40.19 -74.05 -12.03
CA GLU B 1709 -40.65 -75.02 -13.02
C GLU B 1709 -42.14 -75.31 -12.88
N LEU B 1710 -42.68 -75.24 -11.67
CA LEU B 1710 -44.08 -75.56 -11.43
C LEU B 1710 -44.99 -74.34 -11.38
N GLU B 1711 -44.44 -73.14 -11.49
CA GLU B 1711 -45.21 -71.94 -11.17
C GLU B 1711 -46.42 -71.79 -12.09
N GLU B 1712 -46.23 -71.93 -13.39
CA GLU B 1712 -47.35 -71.77 -14.32
C GLU B 1712 -48.38 -72.88 -14.13
N ASP B 1713 -47.92 -74.11 -13.89
CA ASP B 1713 -48.84 -75.19 -13.58
C ASP B 1713 -49.70 -74.84 -12.37
N VAL B 1714 -49.09 -74.29 -11.31
CA VAL B 1714 -49.84 -73.91 -10.12
C VAL B 1714 -50.85 -72.83 -10.47
N TYR B 1715 -50.42 -71.82 -11.22
CA TYR B 1715 -51.32 -70.73 -11.61
C TYR B 1715 -52.53 -71.24 -12.38
N LEU B 1716 -52.35 -72.28 -13.20
CA LEU B 1716 -53.42 -72.71 -14.08
C LEU B 1716 -54.30 -73.81 -13.51
N ASP B 1717 -54.01 -74.29 -12.29
CA ASP B 1717 -54.80 -75.35 -11.67
C ASP B 1717 -55.54 -74.80 -10.46
N PRO B 1718 -56.83 -74.50 -10.57
CA PRO B 1718 -57.54 -73.88 -9.44
C PRO B 1718 -57.63 -74.75 -8.17
N LEU B 1719 -57.47 -76.05 -8.30
CA LEU B 1719 -57.51 -76.96 -7.16
C LEU B 1719 -56.14 -77.29 -6.60
N ALA B 1720 -55.09 -76.66 -7.12
CA ALA B 1720 -53.75 -76.87 -6.59
C ALA B 1720 -53.62 -76.38 -5.15
N ARG B 1721 -53.11 -77.21 -4.25
CA ARG B 1721 -52.96 -76.85 -2.86
C ARG B 1721 -51.62 -77.34 -2.37
N VAL B 1722 -51.01 -76.62 -1.45
CA VAL B 1722 -49.71 -77.01 -0.94
C VAL B 1722 -49.86 -78.17 0.03
N SER B 1723 -48.73 -78.71 0.47
CA SER B 1723 -48.75 -79.83 1.39
C SER B 1723 -47.41 -79.85 2.09
N LYS B 1724 -47.33 -80.54 3.21
CA LYS B 1724 -46.09 -80.51 3.98
C LYS B 1724 -45.02 -81.33 3.29
N ASP B 1725 -43.87 -80.72 3.07
CA ASP B 1725 -42.76 -81.39 2.41
C ASP B 1725 -42.04 -82.29 3.41
N LYS B 1726 -41.96 -83.58 3.07
CA LYS B 1726 -41.40 -84.56 4.00
C LYS B 1726 -39.97 -84.21 4.40
N LYS B 1727 -39.11 -83.95 3.42
CA LYS B 1727 -37.72 -83.66 3.72
C LYS B 1727 -37.58 -82.35 4.49
N SER B 1728 -37.95 -81.23 3.86
CA SER B 1728 -37.72 -79.93 4.45
C SER B 1728 -38.75 -79.58 5.53
N GLY B 1729 -39.86 -80.30 5.61
CA GLY B 1729 -40.89 -79.96 6.57
C GLY B 1729 -41.47 -78.58 6.37
N SER B 1730 -41.62 -78.18 5.12
CA SER B 1730 -42.17 -76.87 4.79
C SER B 1730 -43.27 -76.99 3.76
N LEU B 1731 -44.23 -76.06 3.80
CA LEU B 1731 -45.35 -76.12 2.88
C LEU B 1731 -44.91 -75.77 1.47
N THR B 1732 -45.23 -76.65 0.53
CA THR B 1732 -44.82 -76.42 -0.84
C THR B 1732 -45.78 -77.11 -1.77
N PHE B 1733 -45.80 -76.68 -3.02
CA PHE B 1733 -46.63 -77.35 -4.01
C PHE B 1733 -45.92 -78.60 -4.52
N ASN B 1734 -46.67 -79.68 -4.69
CA ASN B 1734 -46.14 -80.96 -5.10
C ASN B 1734 -46.67 -81.31 -6.48
N SER B 1735 -45.77 -81.76 -7.36
CA SER B 1735 -46.15 -81.99 -8.75
C SER B 1735 -47.26 -83.02 -8.88
N LYS B 1736 -47.27 -84.03 -8.02
CA LYS B 1736 -48.33 -85.04 -8.07
C LYS B 1736 -49.68 -84.49 -7.65
N ASN B 1737 -49.73 -83.31 -7.05
CA ASN B 1737 -50.98 -82.70 -6.64
C ASN B 1737 -51.48 -81.61 -7.58
N ILE B 1738 -50.93 -81.54 -8.78
CA ILE B 1738 -51.30 -80.51 -9.75
C ILE B 1738 -52.00 -81.16 -10.93
N GLN B 1739 -53.23 -80.72 -11.21
CA GLN B 1739 -54.08 -81.29 -12.24
C GLN B 1739 -54.31 -82.79 -12.00
N SER B 1740 -54.65 -83.13 -10.76
CA SER B 1740 -54.82 -84.52 -10.35
C SER B 1740 -56.29 -84.83 -10.15
N LYS B 1741 -56.65 -86.09 -10.42
CA LYS B 1741 -58.03 -86.52 -10.23
C LYS B 1741 -58.45 -86.47 -8.78
N ASP B 1742 -57.50 -86.60 -7.86
CA ASP B 1742 -57.83 -86.60 -6.44
C ASP B 1742 -58.41 -85.26 -5.99
N SER B 1743 -57.82 -84.16 -6.45
CA SER B 1743 -58.29 -82.84 -6.07
C SER B 1743 -59.72 -82.61 -6.53
N TYR B 1744 -60.05 -83.05 -7.73
CA TYR B 1744 -61.37 -82.85 -8.28
C TYR B 1744 -62.40 -83.70 -7.56
N SER C 5 83.74 -88.61 58.31
CA SER C 5 83.42 -87.44 57.49
C SER C 5 81.97 -87.03 57.70
N THR C 6 81.59 -85.88 57.15
CA THR C 6 80.23 -85.37 57.33
C THR C 6 79.86 -84.53 56.10
N ARG C 7 79.02 -85.09 55.23
CA ARG C 7 78.49 -84.31 54.12
C ARG C 7 77.48 -83.29 54.63
N PRO C 8 77.41 -82.11 54.03
CA PRO C 8 76.50 -81.07 54.54
C PRO C 8 75.15 -81.08 53.84
N LEU C 9 74.19 -80.43 54.51
CA LEU C 9 72.85 -80.23 53.96
C LEU C 9 72.32 -78.90 54.48
N THR C 10 71.28 -78.39 53.82
CA THR C 10 70.75 -77.07 54.10
C THR C 10 69.26 -77.15 54.43
N LEU C 11 68.94 -77.09 55.72
CA LEU C 11 67.56 -76.82 56.13
C LEU C 11 67.23 -75.39 55.74
N SER C 12 66.34 -75.22 54.77
CA SER C 12 66.08 -73.93 54.18
C SER C 12 64.59 -73.63 54.22
N HIS C 13 64.27 -72.34 54.37
CA HIS C 13 62.89 -71.85 54.35
C HIS C 13 62.89 -70.58 53.50
N GLY C 14 62.70 -70.76 52.19
CA GLY C 14 62.64 -69.60 51.31
C GLY C 14 63.91 -68.79 51.42
N SER C 15 63.74 -67.47 51.59
CA SER C 15 64.90 -66.58 51.61
C SER C 15 65.90 -66.98 52.69
N LEU C 16 65.43 -67.13 53.93
CA LEU C 16 66.30 -67.55 55.02
C LEU C 16 66.55 -69.05 54.94
N GLU C 17 67.80 -69.46 55.19
CA GLU C 17 68.15 -70.86 55.19
C GLU C 17 69.38 -71.06 56.05
N HIS C 18 69.55 -72.29 56.52
CA HIS C 18 70.65 -72.67 57.40
C HIS C 18 71.28 -73.96 56.91
N VAL C 19 72.59 -74.08 57.12
CA VAL C 19 73.37 -75.21 56.63
C VAL C 19 73.77 -76.07 57.82
N LEU C 20 73.56 -77.38 57.70
CA LEU C 20 73.94 -78.35 58.72
C LEU C 20 74.94 -79.33 58.13
N LEU C 21 75.88 -79.76 58.97
CA LEU C 21 76.96 -80.65 58.57
C LEU C 21 76.74 -82.00 59.27
N VAL C 22 75.93 -82.85 58.67
CA VAL C 22 75.59 -84.14 59.25
C VAL C 22 76.71 -85.12 58.96
N PRO C 23 77.00 -86.09 59.84
CA PRO C 23 77.95 -87.13 59.50
C PRO C 23 77.47 -87.94 58.31
N THR C 24 78.42 -88.45 57.52
CA THR C 24 78.06 -89.26 56.37
C THR C 24 77.28 -90.52 56.76
N ALA C 25 77.48 -91.03 57.98
CA ALA C 25 76.86 -92.30 58.35
C ALA C 25 75.35 -92.20 58.34
N SER C 26 74.78 -91.11 58.87
CA SER C 26 73.35 -90.93 58.96
C SER C 26 72.83 -89.87 58.00
N PHE C 27 73.54 -89.67 56.89
CA PHE C 27 73.14 -88.65 55.94
C PHE C 27 71.77 -88.96 55.35
N PHE C 28 71.49 -90.24 55.08
CA PHE C 28 70.19 -90.56 54.49
C PHE C 28 69.06 -90.35 55.48
N ILE C 29 69.27 -90.69 56.75
CA ILE C 29 68.22 -90.43 57.75
C ILE C 29 67.99 -88.93 57.86
N ALA C 30 69.08 -88.16 57.90
CA ALA C 30 68.95 -86.71 57.96
C ALA C 30 68.22 -86.17 56.75
N SER C 31 68.52 -86.70 55.56
CA SER C 31 67.91 -86.19 54.33
C SER C 31 66.43 -86.52 54.27
N GLN C 32 66.04 -87.73 54.69
CA GLN C 32 64.61 -88.04 54.70
C GLN C 32 63.87 -87.17 55.70
N LEU C 33 64.45 -86.97 56.88
CA LEU C 33 63.80 -86.09 57.85
C LEU C 33 63.72 -84.68 57.31
N GLN C 34 64.76 -84.22 56.62
CA GLN C 34 64.74 -82.90 56.00
C GLN C 34 63.61 -82.80 55.00
N GLU C 35 63.46 -83.79 54.12
CA GLU C 35 62.40 -83.74 53.13
C GLU C 35 61.03 -83.70 53.79
N GLN C 36 60.81 -84.53 54.80
CA GLN C 36 59.57 -84.45 55.56
C GLN C 36 59.37 -83.05 56.12
N PHE C 37 60.44 -82.43 56.63
CA PHE C 37 60.34 -81.12 57.23
C PHE C 37 59.96 -80.06 56.20
N ASN C 38 60.57 -80.09 55.01
CA ASN C 38 60.12 -79.21 53.95
C ASN C 38 58.66 -79.50 53.58
N LYS C 39 58.24 -80.76 53.70
CA LYS C 39 56.87 -81.10 53.34
C LYS C 39 55.89 -80.49 54.32
N ILE C 40 56.23 -80.45 55.61
CA ILE C 40 55.34 -79.86 56.61
C ILE C 40 55.57 -78.38 56.83
N LEU C 41 56.46 -77.74 56.05
CA LEU C 41 56.77 -76.33 56.29
C LEU C 41 56.16 -75.47 55.18
N PRO C 42 55.39 -74.42 55.51
CA PRO C 42 54.62 -73.69 54.49
C PRO C 42 55.49 -72.76 53.65
N GLU C 43 54.98 -72.40 52.48
CA GLU C 43 55.75 -71.55 51.58
C GLU C 43 56.16 -70.26 52.27
N PRO C 44 57.35 -69.76 51.93
CA PRO C 44 57.81 -68.50 52.51
C PRO C 44 57.02 -67.32 51.99
N THR C 45 57.00 -66.23 52.75
CA THR C 45 56.29 -65.03 52.34
C THR C 45 57.19 -63.82 52.54
N GLU C 46 56.90 -62.76 51.78
CA GLU C 46 57.67 -61.54 51.92
C GLU C 46 57.52 -61.01 53.33
N GLY C 47 58.64 -60.62 53.92
CA GLY C 47 58.65 -60.13 55.29
C GLY C 47 58.42 -61.17 56.35
N PHE C 48 58.03 -62.39 55.98
CA PHE C 48 57.75 -63.46 56.95
C PHE C 48 56.86 -62.96 58.08
N ALA C 49 56.01 -61.99 57.80
CA ALA C 49 55.11 -61.43 58.79
C ALA C 49 53.99 -62.38 59.16
N ALA C 50 53.82 -63.49 58.44
CA ALA C 50 52.76 -64.44 58.73
C ALA C 50 53.19 -65.41 59.80
N ASP C 51 52.26 -66.29 60.20
CA ASP C 51 52.52 -67.28 61.22
C ASP C 51 52.86 -68.63 60.58
N ASP C 52 53.40 -69.53 61.40
CA ASP C 52 53.79 -70.87 60.98
C ASP C 52 54.98 -70.87 60.03
N GLU C 53 55.70 -69.75 59.92
CA GLU C 53 56.87 -69.64 59.07
C GLU C 53 57.98 -68.96 59.87
N PRO C 54 59.17 -69.55 59.96
CA PRO C 54 60.27 -68.88 60.66
C PRO C 54 60.58 -67.53 60.03
N THR C 55 61.19 -66.67 60.84
CA THR C 55 61.71 -65.40 60.36
C THR C 55 63.22 -65.30 60.42
N THR C 56 63.87 -66.14 61.21
CA THR C 56 65.32 -66.15 61.34
C THR C 56 65.81 -67.58 61.34
N PRO C 57 67.08 -67.80 61.00
CA PRO C 57 67.58 -69.19 60.96
C PRO C 57 67.45 -69.92 62.28
N ALA C 58 67.58 -69.21 63.41
CA ALA C 58 67.39 -69.84 64.70
C ALA C 58 66.00 -70.46 64.80
N GLU C 59 64.98 -69.73 64.34
CA GLU C 59 63.62 -70.26 64.36
C GLU C 59 63.50 -71.50 63.50
N LEU C 60 64.13 -71.50 62.32
CA LEU C 60 64.05 -72.66 61.43
C LEU C 60 64.69 -73.87 62.08
N VAL C 61 65.88 -73.69 62.66
CA VAL C 61 66.54 -74.82 63.30
C VAL C 61 65.70 -75.34 64.46
N GLY C 62 65.14 -74.43 65.26
CA GLY C 62 64.29 -74.87 66.36
C GLY C 62 63.06 -75.63 65.88
N LYS C 63 62.48 -75.19 64.77
CA LYS C 63 61.31 -75.88 64.22
C LYS C 63 61.68 -77.27 63.73
N PHE C 64 62.82 -77.39 63.05
CA PHE C 64 63.30 -78.73 62.66
C PHE C 64 63.51 -79.58 63.90
N LEU C 65 64.05 -78.97 64.95
CA LEU C 65 64.32 -79.69 66.18
C LEU C 65 63.04 -80.22 66.79
N GLY C 66 62.01 -79.37 66.84
CA GLY C 66 60.73 -79.81 67.37
C GLY C 66 60.10 -80.89 66.51
N TYR C 67 60.24 -80.78 65.19
CA TYR C 67 59.71 -81.82 64.32
C TYR C 67 60.39 -83.16 64.60
N VAL C 68 61.72 -83.15 64.72
CA VAL C 68 62.43 -84.40 64.99
C VAL C 68 62.04 -84.94 66.35
N SER C 69 61.84 -84.06 67.34
CA SER C 69 61.39 -84.50 68.65
C SER C 69 60.02 -85.15 68.56
N SER C 70 59.13 -84.62 67.73
CA SER C 70 57.82 -85.22 67.54
C SER C 70 57.94 -86.64 67.01
N LEU C 71 58.85 -86.86 66.05
CA LEU C 71 59.12 -88.19 65.56
C LEU C 71 59.95 -89.00 66.55
N VAL C 72 60.84 -88.35 67.28
CA VAL C 72 61.64 -89.05 68.28
C VAL C 72 60.72 -89.51 69.40
N GLU C 73 60.88 -90.76 69.82
CA GLU C 73 60.06 -91.32 70.88
C GLU C 73 60.89 -92.28 71.72
N PRO C 74 61.23 -91.93 72.98
CA PRO C 74 61.99 -92.85 73.81
C PRO C 74 61.27 -94.17 74.06
N GLY C 78 64.54 -94.14 68.72
CA GLY C 78 65.87 -94.65 68.46
C GLY C 78 66.35 -94.35 67.05
N GLN C 79 65.42 -94.37 66.10
CA GLN C 79 65.78 -94.13 64.70
C GLN C 79 66.45 -92.76 64.54
N PHE C 80 65.71 -91.70 64.82
CA PHE C 80 66.17 -90.33 64.57
C PHE C 80 66.85 -89.72 65.78
N ASP C 81 67.21 -90.53 66.78
CA ASP C 81 67.81 -89.98 67.99
C ASP C 81 69.16 -89.34 67.69
N GLN C 82 70.00 -90.01 66.92
CA GLN C 82 71.35 -89.51 66.70
C GLN C 82 71.32 -88.18 65.95
N VAL C 83 70.49 -88.07 64.93
CA VAL C 83 70.37 -86.79 64.21
C VAL C 83 69.76 -85.75 65.13
N LEU C 84 68.82 -86.15 66.00
CA LEU C 84 68.29 -85.20 66.96
C LEU C 84 69.40 -84.60 67.80
N ASN C 85 70.27 -85.45 68.36
CA ASN C 85 71.38 -84.95 69.16
C ASN C 85 72.33 -84.09 68.33
N LEU C 86 72.62 -84.52 67.10
CA LEU C 86 73.58 -83.79 66.28
C LEU C 86 73.08 -82.37 66.00
N CYS C 87 71.83 -82.25 65.56
CA CYS C 87 71.29 -80.93 65.26
C CYS C 87 71.03 -80.14 66.54
N LEU C 88 70.70 -80.82 67.65
CA LEU C 88 70.63 -80.14 68.94
C LEU C 88 71.96 -79.46 69.24
N THR C 89 73.06 -80.19 69.09
CA THR C 89 74.37 -79.63 69.39
C THR C 89 74.73 -78.52 68.42
N GLU C 90 74.40 -78.68 67.14
CA GLU C 90 74.71 -77.63 66.17
C GLU C 90 73.96 -76.35 66.50
N PHE C 91 72.67 -76.47 66.81
CA PHE C 91 71.86 -75.31 67.18
C PHE C 91 72.42 -74.65 68.43
N GLU C 92 72.77 -75.45 69.44
CA GLU C 92 73.32 -74.89 70.66
C GLU C 92 74.63 -74.14 70.39
N ASN C 93 75.51 -74.73 69.60
CA ASN C 93 76.85 -74.16 69.42
C ASN C 93 76.82 -72.93 68.53
N CYS C 94 75.86 -72.85 67.61
CA CYS C 94 75.80 -71.68 66.75
C CYS C 94 74.98 -70.55 67.37
N TYR C 95 73.86 -70.88 68.00
CA TYR C 95 72.93 -69.85 68.47
C TYR C 95 72.92 -69.69 69.99
N LEU C 96 73.18 -70.74 70.75
CA LEU C 96 73.27 -70.64 72.20
C LEU C 96 74.74 -70.63 72.60
N GLU C 97 75.34 -69.45 72.51
CA GLU C 97 76.76 -69.29 72.83
C GLU C 97 76.98 -69.39 74.33
N GLY C 98 76.84 -70.59 74.88
CA GLY C 98 76.99 -70.77 76.31
C GLY C 98 76.02 -69.91 77.09
N ASN C 99 74.80 -69.75 76.59
CA ASN C 99 73.81 -68.92 77.22
C ASN C 99 72.47 -69.65 77.23
N ASP C 100 71.59 -69.25 78.15
CA ASP C 100 70.31 -69.92 78.29
C ASP C 100 69.41 -69.66 77.09
N ILE C 101 68.49 -70.59 76.86
CA ILE C 101 67.57 -70.46 75.73
C ILE C 101 66.75 -69.20 75.86
N HIS C 102 66.37 -68.83 77.09
CA HIS C 102 65.58 -67.62 77.29
C HIS C 102 66.36 -66.39 76.86
N ALA C 103 67.68 -66.38 77.07
CA ALA C 103 68.49 -65.28 76.57
C ALA C 103 68.40 -65.18 75.06
N LEU C 104 68.46 -66.33 74.37
CA LEU C 104 68.33 -66.32 72.91
C LEU C 104 66.96 -65.80 72.49
N ALA C 105 65.89 -66.24 73.16
CA ALA C 105 64.56 -65.78 72.80
C ALA C 105 64.43 -64.27 73.00
N ALA C 106 64.97 -63.77 74.12
CA ALA C 106 64.94 -62.34 74.36
C ALA C 106 65.73 -61.59 73.29
N LYS C 107 66.88 -62.12 72.89
CA LYS C 107 67.65 -61.50 71.82
C LYS C 107 66.84 -61.45 70.54
N LEU C 108 66.19 -62.56 70.19
CA LEU C 108 65.42 -62.61 68.95
C LEU C 108 64.28 -61.60 68.98
N LEU C 109 63.61 -61.46 70.12
CA LEU C 109 62.56 -60.46 70.25
C LEU C 109 63.12 -59.05 70.09
N GLN C 110 64.15 -58.72 70.87
CA GLN C 110 64.60 -57.34 70.97
C GLN C 110 65.22 -56.87 69.66
N GLU C 111 66.14 -57.65 69.11
CA GLU C 111 66.91 -57.20 67.94
C GLU C 111 66.22 -57.58 66.64
N ASN C 112 66.00 -58.88 66.44
CA ASN C 112 65.32 -59.33 65.24
C ASN C 112 63.83 -59.02 65.32
N ASP C 113 63.17 -59.06 64.17
CA ASP C 113 61.73 -58.81 64.08
C ASP C 113 60.96 -60.12 64.16
N THR C 114 61.00 -60.71 65.35
CA THR C 114 60.30 -61.96 65.64
C THR C 114 59.16 -61.68 66.62
N THR C 115 58.05 -62.38 66.42
CA THR C 115 56.89 -62.24 67.30
C THR C 115 57.11 -63.02 68.59
N LEU C 116 56.48 -62.53 69.65
CA LEU C 116 56.60 -63.20 70.95
C LEU C 116 56.16 -64.66 70.86
N VAL C 117 55.11 -64.92 70.06
CA VAL C 117 54.61 -66.28 69.92
C VAL C 117 55.67 -67.17 69.29
N LYS C 118 56.35 -66.67 68.27
CA LYS C 118 57.39 -67.47 67.62
C LYS C 118 58.51 -67.78 68.59
N THR C 119 58.90 -66.80 69.42
CA THR C 119 59.96 -67.04 70.40
C THR C 119 59.52 -68.08 71.42
N LYS C 120 58.28 -68.02 71.88
CA LYS C 120 57.78 -69.04 72.79
C LYS C 120 57.81 -70.41 72.13
N GLU C 121 57.45 -70.48 70.84
CA GLU C 121 57.48 -71.75 70.13
C GLU C 121 58.90 -72.28 70.03
N LEU C 122 59.87 -71.39 69.78
CA LEU C 122 61.27 -71.81 69.73
C LEU C 122 61.72 -72.36 71.07
N ILE C 123 61.34 -71.68 72.16
CA ILE C 123 61.68 -72.16 73.49
C ILE C 123 61.09 -73.55 73.71
N LYS C 124 59.81 -73.70 73.34
CA LYS C 124 59.14 -74.98 73.50
C LYS C 124 59.88 -76.08 72.74
N ASN C 125 60.18 -75.83 71.46
CA ASN C 125 60.87 -76.83 70.66
C ASN C 125 62.19 -77.21 71.31
N TYR C 126 63.02 -76.22 71.64
CA TYR C 126 64.35 -76.53 72.16
C TYR C 126 64.26 -77.29 73.47
N ILE C 127 63.39 -76.88 74.37
CA ILE C 127 63.34 -77.50 75.69
C ILE C 127 62.79 -78.92 75.59
N THR C 128 61.73 -79.11 74.81
CA THR C 128 61.16 -80.44 74.65
C THR C 128 62.17 -81.38 73.98
N ALA C 129 62.94 -80.86 73.02
CA ALA C 129 63.97 -81.67 72.40
C ALA C 129 65.06 -82.03 73.40
N ARG C 130 65.50 -81.06 74.20
CA ARG C 130 66.54 -81.33 75.18
C ARG C 130 66.11 -82.44 76.12
N ILE C 131 64.85 -82.40 76.57
CA ILE C 131 64.40 -83.46 77.46
C ILE C 131 64.29 -84.78 76.71
N MET C 132 63.79 -84.74 75.47
CA MET C 132 63.58 -85.97 74.71
C MET C 132 64.90 -86.65 74.35
N ALA C 133 65.99 -85.89 74.28
CA ALA C 133 67.28 -86.42 73.88
C ALA C 133 68.12 -86.89 75.06
N LYS C 134 67.49 -87.17 76.21
CA LYS C 134 68.21 -87.64 77.39
C LYS C 134 69.30 -86.66 77.80
N ARG C 135 69.03 -85.38 77.63
CA ARG C 135 69.95 -84.31 78.01
C ARG C 135 69.21 -83.33 78.92
N PRO C 136 68.79 -83.79 80.09
CA PRO C 136 68.07 -82.90 81.01
C PRO C 136 68.95 -81.77 81.49
N PHE C 137 68.41 -80.90 82.34
CA PHE C 137 69.16 -79.76 82.82
C PHE C 137 69.73 -80.03 84.20
N ASP C 138 70.11 -81.29 84.45
CA ASP C 138 70.63 -81.68 85.76
C ASP C 138 71.84 -80.84 86.15
N LYS C 139 72.74 -80.60 85.21
CA LYS C 139 73.90 -79.76 85.50
C LYS C 139 73.45 -78.37 85.94
N LYS C 140 73.99 -77.90 87.05
CA LYS C 140 73.62 -76.58 87.56
C LYS C 140 74.03 -75.49 86.60
N SER C 141 73.21 -74.46 86.51
CA SER C 141 73.49 -73.31 85.66
C SER C 141 74.54 -72.41 86.32
N ASN C 142 75.08 -71.50 85.52
CA ASN C 142 75.97 -70.45 86.00
C ASN C 142 75.37 -69.08 85.71
N SER C 143 74.07 -68.94 85.96
CA SER C 143 73.41 -67.65 85.77
C SER C 143 74.09 -66.59 86.63
N ALA C 144 74.27 -65.40 86.06
CA ALA C 144 74.97 -64.35 86.78
C ALA C 144 74.29 -64.02 88.10
N LEU C 145 72.95 -64.00 88.11
CA LEU C 145 72.22 -63.61 89.30
C LEU C 145 72.51 -64.56 90.46
N PHE C 146 72.36 -65.86 90.23
CA PHE C 146 72.55 -66.82 91.31
C PHE C 146 74.02 -66.94 91.70
N ARG C 147 74.93 -66.76 90.75
CA ARG C 147 76.35 -66.67 91.12
C ARG C 147 76.57 -65.51 92.07
N ALA C 148 75.99 -64.34 91.76
CA ALA C 148 76.13 -63.19 92.65
C ALA C 148 75.55 -63.49 94.02
N VAL C 149 74.40 -64.14 94.06
CA VAL C 149 73.80 -64.47 95.35
C VAL C 149 74.74 -65.36 96.15
N GLY C 150 75.27 -66.40 95.51
CA GLY C 150 76.19 -67.29 96.19
C GLY C 150 77.42 -66.56 96.72
N GLU C 151 77.96 -65.65 95.91
CA GLU C 151 79.13 -64.88 96.32
C GLU C 151 78.82 -63.85 97.39
N GLY C 152 77.56 -63.66 97.75
CA GLY C 152 77.16 -62.64 98.70
C GLY C 152 76.89 -61.29 98.09
N ASN C 153 77.00 -61.15 96.76
CA ASN C 153 76.81 -59.85 96.13
C ASN C 153 75.34 -59.43 96.12
N ALA C 154 74.42 -60.40 96.13
CA ALA C 154 73.00 -60.11 95.95
C ALA C 154 72.16 -60.89 96.96
N GLN C 155 71.00 -60.34 97.28
CA GLN C 155 70.02 -60.97 98.17
C GLN C 155 68.69 -61.10 97.43
N LEU C 156 68.08 -62.27 97.52
CA LEU C 156 66.87 -62.58 96.78
C LEU C 156 65.72 -62.85 97.74
N VAL C 157 64.57 -62.23 97.46
CA VAL C 157 63.32 -62.50 98.16
C VAL C 157 62.27 -62.79 97.11
N ALA C 158 61.47 -63.82 97.32
CA ALA C 158 60.45 -64.23 96.38
C ALA C 158 59.07 -63.79 96.87
N ILE C 159 58.29 -63.21 95.98
CA ILE C 159 56.95 -62.71 96.32
C ILE C 159 55.95 -63.37 95.38
N PHE C 160 54.76 -63.65 95.89
CA PHE C 160 53.69 -64.30 95.15
C PHE C 160 52.45 -63.44 95.21
N GLY C 161 51.87 -63.14 94.05
CA GLY C 161 50.69 -62.31 93.97
C GLY C 161 49.44 -63.09 94.34
N GLY C 162 48.29 -62.53 93.96
CA GLY C 162 47.02 -63.15 94.24
C GLY C 162 45.92 -62.69 93.29
N GLN C 163 44.70 -62.55 93.81
CA GLN C 163 43.59 -62.14 92.98
C GLN C 163 43.72 -60.66 92.60
N GLY C 164 43.10 -60.31 91.49
CA GLY C 164 42.96 -58.94 91.05
C GLY C 164 43.97 -58.48 90.03
N ASN C 165 45.06 -59.23 89.84
CA ASN C 165 46.11 -58.78 88.93
C ASN C 165 45.63 -58.75 87.49
N THR C 166 44.82 -59.72 87.09
CA THR C 166 44.37 -59.81 85.71
C THR C 166 43.03 -60.55 85.67
N ASP C 167 42.33 -60.38 84.56
CA ASP C 167 41.03 -61.01 84.36
C ASP C 167 41.11 -62.30 83.55
N ASP C 168 42.30 -62.71 83.11
CA ASP C 168 42.42 -63.79 82.14
C ASP C 168 43.57 -64.71 82.51
N TYR C 169 43.73 -64.95 83.82
CA TYR C 169 44.86 -65.73 84.33
C TYR C 169 44.94 -67.13 83.72
N PHE C 170 43.78 -67.72 83.41
CA PHE C 170 43.81 -69.06 82.84
C PHE C 170 44.60 -69.09 81.55
N GLU C 171 44.71 -67.95 80.85
CA GLU C 171 45.58 -67.89 79.68
C GLU C 171 47.04 -68.09 80.08
N GLU C 172 47.45 -67.49 81.19
CA GLU C 172 48.81 -67.72 81.68
C GLU C 172 49.01 -69.18 82.03
N LEU C 173 48.02 -69.80 82.67
CA LEU C 173 48.14 -71.24 82.93
C LEU C 173 48.26 -72.03 81.63
N ARG C 174 47.47 -71.64 80.62
CA ARG C 174 47.52 -72.33 79.34
C ARG C 174 48.90 -72.23 78.71
N ASP C 175 49.48 -71.03 78.67
CA ASP C 175 50.81 -70.88 78.08
C ASP C 175 51.84 -71.66 78.87
N LEU C 176 51.78 -71.60 80.19
CA LEU C 176 52.73 -72.33 81.01
C LEU C 176 52.60 -73.84 80.79
N TYR C 177 51.39 -74.30 80.46
CA TYR C 177 51.20 -75.71 80.13
C TYR C 177 51.74 -76.05 78.75
N GLN C 178 51.48 -75.19 77.77
CA GLN C 178 51.85 -75.50 76.39
C GLN C 178 53.36 -75.43 76.18
N THR C 179 53.99 -74.33 76.59
CA THR C 179 55.41 -74.15 76.32
C THR C 179 56.26 -75.10 77.16
N TYR C 180 55.94 -75.23 78.44
CA TYR C 180 56.74 -76.03 79.36
C TYR C 180 56.06 -77.34 79.71
N HIS C 181 55.29 -77.90 78.77
CA HIS C 181 54.57 -79.14 79.03
C HIS C 181 55.50 -80.18 79.64
N VAL C 182 56.71 -80.30 79.11
CA VAL C 182 57.63 -81.34 79.55
C VAL C 182 58.25 -81.05 80.91
N LEU C 183 58.07 -79.85 81.45
CA LEU C 183 58.58 -79.52 82.78
C LEU C 183 57.52 -79.47 83.87
N VAL C 184 56.30 -79.08 83.53
CA VAL C 184 55.24 -78.91 84.53
C VAL C 184 54.03 -79.79 84.25
N GLY C 185 54.15 -80.74 83.32
CA GLY C 185 53.01 -81.60 83.05
C GLY C 185 52.64 -82.43 84.25
N ASP C 186 53.63 -83.02 84.91
CA ASP C 186 53.35 -83.83 86.10
C ASP C 186 52.75 -82.97 87.20
N LEU C 187 53.30 -81.76 87.41
CA LEU C 187 52.77 -80.88 88.43
C LEU C 187 51.29 -80.58 88.16
N ILE C 188 50.97 -80.18 86.93
CA ILE C 188 49.60 -79.81 86.62
C ILE C 188 48.67 -81.01 86.73
N LYS C 189 49.12 -82.17 86.26
CA LYS C 189 48.28 -83.37 86.33
C LYS C 189 48.01 -83.76 87.77
N PHE C 190 49.03 -83.71 88.61
CA PHE C 190 48.84 -83.99 90.03
C PHE C 190 47.86 -82.98 90.64
N SER C 191 47.97 -81.70 90.24
CA SER C 191 47.06 -80.68 90.74
C SER C 191 45.62 -80.99 90.35
N ALA C 192 45.40 -81.36 89.09
CA ALA C 192 44.05 -81.68 88.66
C ALA C 192 43.51 -82.89 89.40
N GLU C 193 44.33 -83.92 89.58
CA GLU C 193 43.86 -85.14 90.23
C GLU C 193 43.50 -84.86 91.69
N THR C 194 44.37 -84.15 92.41
CA THR C 194 44.06 -83.84 93.80
C THR C 194 42.87 -82.90 93.92
N LEU C 195 42.71 -81.95 92.98
CA LEU C 195 41.53 -81.09 93.01
C LEU C 195 40.26 -81.88 92.82
N SER C 196 40.26 -82.81 91.86
CA SER C 196 39.08 -83.64 91.62
C SER C 196 38.77 -84.50 92.84
N GLU C 197 39.80 -85.07 93.47
CA GLU C 197 39.58 -85.86 94.67
C GLU C 197 39.01 -85.02 95.80
N LEU C 198 39.52 -83.79 95.97
CA LEU C 198 38.97 -82.91 97.00
C LEU C 198 37.52 -82.56 96.71
N ILE C 199 37.20 -82.31 95.44
CA ILE C 199 35.82 -82.02 95.07
C ILE C 199 34.93 -83.19 95.45
N ARG C 200 35.35 -84.41 95.07
CA ARG C 200 34.53 -85.59 95.32
C ARG C 200 34.36 -85.83 96.82
N THR C 201 35.42 -85.65 97.60
CA THR C 201 35.34 -85.90 99.03
C THR C 201 34.63 -84.78 99.79
N THR C 202 34.76 -83.53 99.32
CA THR C 202 34.10 -82.42 99.97
C THR C 202 32.58 -82.51 99.78
N LEU C 203 31.84 -82.10 100.81
CA LEU C 203 30.40 -82.33 100.84
C LEU C 203 29.68 -81.61 99.72
N ASP C 204 29.88 -80.30 99.61
CA ASP C 204 29.10 -79.47 98.68
C ASP C 204 29.94 -78.87 97.58
N ALA C 205 31.13 -79.41 97.32
CA ALA C 205 31.99 -78.82 96.30
C ALA C 205 31.31 -78.81 94.94
N GLU C 206 30.80 -79.96 94.50
CA GLU C 206 30.16 -80.02 93.19
C GLU C 206 29.02 -79.03 93.07
N LYS C 207 28.35 -78.72 94.18
CA LYS C 207 27.30 -77.70 94.12
C LYS C 207 27.88 -76.37 93.66
N VAL C 208 29.03 -76.00 94.21
CA VAL C 208 29.70 -74.77 93.78
C VAL C 208 30.25 -74.93 92.37
N PHE C 209 30.94 -76.04 92.11
CA PHE C 209 31.56 -76.30 90.80
C PHE C 209 30.46 -76.80 89.86
N THR C 210 29.66 -75.84 89.36
CA THR C 210 28.56 -76.20 88.48
C THR C 210 29.06 -76.77 87.17
N GLN C 211 30.13 -76.21 86.62
CA GLN C 211 30.65 -76.64 85.32
C GLN C 211 31.85 -77.57 85.44
N GLY C 212 32.17 -78.03 86.64
CA GLY C 212 33.26 -78.97 86.84
C GLY C 212 34.61 -78.28 86.93
N LEU C 213 35.62 -79.09 87.25
CA LEU C 213 36.99 -78.62 87.41
C LEU C 213 37.96 -79.55 86.68
N ASN C 214 37.65 -79.84 85.42
CA ASN C 214 38.51 -80.66 84.56
C ASN C 214 39.50 -79.73 83.84
N ILE C 215 40.53 -79.31 84.57
CA ILE C 215 41.46 -78.34 84.00
C ILE C 215 42.25 -78.94 82.85
N LEU C 216 42.56 -80.24 82.91
CA LEU C 216 43.26 -80.87 81.81
C LEU C 216 42.43 -80.81 80.53
N GLU C 217 41.13 -81.07 80.63
CA GLU C 217 40.27 -80.97 79.46
C GLU C 217 40.25 -79.56 78.89
N TRP C 218 40.18 -78.55 79.77
CA TRP C 218 40.15 -77.17 79.29
C TRP C 218 41.44 -76.79 78.61
N LEU C 219 42.58 -77.17 79.20
CA LEU C 219 43.86 -76.88 78.58
C LEU C 219 44.00 -77.57 77.24
N GLU C 220 43.51 -78.81 77.15
CA GLU C 220 43.62 -79.54 75.88
C GLU C 220 42.77 -78.88 74.80
N ASN C 221 41.53 -78.52 75.13
CA ASN C 221 40.59 -77.97 74.14
C ASN C 221 40.12 -76.60 74.61
N PRO C 222 40.72 -75.52 74.10
CA PRO C 222 40.23 -74.18 74.45
C PRO C 222 38.78 -73.96 74.06
N SER C 223 38.30 -74.66 73.03
CA SER C 223 36.95 -74.42 72.55
C SER C 223 35.91 -74.77 73.62
N ASN C 224 36.18 -75.80 74.42
CA ASN C 224 35.27 -76.23 75.47
C ASN C 224 35.76 -75.83 76.86
N THR C 225 36.42 -74.68 76.96
CA THR C 225 36.79 -74.12 78.25
C THR C 225 35.67 -73.19 78.73
N PRO C 226 35.22 -73.30 79.99
CA PRO C 226 34.14 -72.43 80.47
C PRO C 226 34.47 -70.96 80.23
N ASP C 227 33.45 -70.12 80.39
CA ASP C 227 33.61 -68.70 80.12
C ASP C 227 34.43 -68.03 81.20
N LYS C 228 34.79 -66.78 80.95
CA LYS C 228 35.72 -66.08 81.83
C LYS C 228 35.15 -65.93 83.23
N ASP C 229 33.86 -65.60 83.35
CA ASP C 229 33.27 -65.33 84.65
C ASP C 229 33.29 -66.57 85.54
N TYR C 230 33.01 -67.75 84.97
CA TYR C 230 33.04 -68.96 85.79
C TYR C 230 34.46 -69.30 86.21
N LEU C 231 35.44 -69.10 85.33
CA LEU C 231 36.83 -69.30 85.71
C LEU C 231 37.21 -68.36 86.84
N LEU C 232 36.74 -67.12 86.79
CA LEU C 232 37.15 -66.11 87.75
C LEU C 232 36.54 -66.35 89.13
N SER C 233 35.47 -67.14 89.22
CA SER C 233 34.89 -67.44 90.52
C SER C 233 35.93 -68.08 91.44
N ILE C 234 35.99 -67.58 92.67
CA ILE C 234 37.13 -67.91 93.54
C ILE C 234 37.30 -69.40 93.76
N PRO C 235 36.25 -70.21 93.87
CA PRO C 235 36.50 -71.65 94.06
C PRO C 235 37.33 -72.24 92.92
N ILE C 236 37.30 -71.63 91.75
CA ILE C 236 38.20 -72.01 90.66
C ILE C 236 39.53 -71.28 90.76
N SER C 237 39.49 -69.95 90.86
CA SER C 237 40.70 -69.15 90.62
C SER C 237 41.69 -69.23 91.78
N CYS C 238 41.24 -69.54 93.00
CA CYS C 238 42.19 -69.64 94.10
C CYS C 238 43.18 -70.78 93.89
N PRO C 239 42.75 -72.04 93.87
CA PRO C 239 43.71 -73.12 93.58
C PRO C 239 44.39 -73.00 92.23
N LEU C 240 43.72 -72.49 91.22
CA LEU C 240 44.36 -72.36 89.91
C LEU C 240 45.52 -71.37 89.97
N ILE C 241 45.34 -70.24 90.66
CA ILE C 241 46.43 -69.29 90.78
C ILE C 241 47.57 -69.88 91.60
N GLY C 242 47.22 -70.64 92.64
CA GLY C 242 48.26 -71.36 93.36
C GLY C 242 49.05 -72.29 92.48
N VAL C 243 48.36 -73.02 91.61
CA VAL C 243 49.04 -73.94 90.69
C VAL C 243 49.91 -73.18 89.72
N ILE C 244 49.43 -72.05 89.22
CA ILE C 244 50.23 -71.24 88.31
C ILE C 244 51.53 -70.83 88.97
N GLN C 245 51.44 -70.36 90.22
CA GLN C 245 52.64 -69.92 90.92
C GLN C 245 53.59 -71.09 91.18
N LEU C 246 53.06 -72.24 91.58
CA LEU C 246 53.90 -73.41 91.80
C LEU C 246 54.58 -73.86 90.52
N ALA C 247 53.86 -73.81 89.41
CA ALA C 247 54.43 -74.20 88.13
C ALA C 247 55.54 -73.26 87.71
N HIS C 248 55.38 -71.95 87.91
CA HIS C 248 56.45 -71.02 87.60
C HIS C 248 57.67 -71.27 88.49
N TYR C 249 57.44 -71.53 89.77
CA TYR C 249 58.55 -71.89 90.65
C TYR C 249 59.26 -73.13 90.15
N VAL C 250 58.50 -74.10 89.66
CA VAL C 250 59.09 -75.34 89.18
C VAL C 250 59.96 -75.12 87.95
N VAL C 251 59.48 -74.33 87.00
CA VAL C 251 60.24 -74.09 85.79
C VAL C 251 61.56 -73.44 86.12
N THR C 252 61.52 -72.41 86.95
CA THR C 252 62.74 -71.72 87.33
C THR C 252 63.73 -72.73 87.88
N ALA C 253 63.32 -73.51 88.86
CA ALA C 253 64.21 -74.48 89.48
C ALA C 253 64.74 -75.45 88.45
N LYS C 254 63.85 -76.03 87.67
CA LYS C 254 64.25 -77.00 86.67
C LYS C 254 65.27 -76.44 85.69
N LEU C 255 65.01 -75.25 85.15
CA LEU C 255 65.91 -74.65 84.17
C LEU C 255 67.27 -74.36 84.80
N LEU C 256 67.26 -73.96 86.06
CA LEU C 256 68.50 -73.66 86.75
C LEU C 256 69.18 -74.93 87.21
N GLY C 257 68.61 -76.07 86.85
CA GLY C 257 69.19 -77.33 87.25
C GLY C 257 69.26 -77.42 88.75
N PHE C 258 68.24 -76.90 89.42
CA PHE C 258 68.20 -76.93 90.87
C PHE C 258 67.00 -77.62 91.42
N THR C 259 67.11 -78.18 92.61
CA THR C 259 65.95 -78.74 93.28
C THR C 259 65.18 -77.61 93.96
N PRO C 260 63.91 -77.84 94.29
CA PRO C 260 63.16 -76.79 95.02
C PRO C 260 63.85 -76.39 96.31
N GLY C 261 64.47 -77.34 97.01
CA GLY C 261 65.19 -77.00 98.23
C GLY C 261 66.36 -76.08 97.98
N GLU C 262 67.13 -76.34 96.92
CA GLU C 262 68.28 -75.49 96.63
C GLU C 262 67.84 -74.07 96.26
N LEU C 263 66.84 -73.96 95.40
CA LEU C 263 66.34 -72.65 95.02
C LEU C 263 65.83 -71.89 96.24
N ARG C 264 65.10 -72.57 97.12
CA ARG C 264 64.63 -71.92 98.34
C ARG C 264 65.79 -71.52 99.23
N SER C 265 66.84 -72.33 99.28
CA SER C 265 68.01 -71.98 100.09
C SER C 265 68.70 -70.75 99.54
N TYR C 266 68.62 -70.52 98.23
CA TYR C 266 69.17 -69.30 97.65
C TYR C 266 68.39 -68.05 98.04
N LEU C 267 67.22 -68.18 98.65
CA LEU C 267 66.36 -67.04 98.91
C LEU C 267 66.55 -66.55 100.35
N LYS C 268 66.62 -65.22 100.51
CA LYS C 268 66.70 -64.63 101.84
C LYS C 268 65.38 -64.73 102.57
N GLY C 269 64.27 -64.79 101.84
CA GLY C 269 62.96 -64.88 102.45
C GLY C 269 61.90 -64.94 101.38
N ALA C 270 60.65 -65.05 101.83
CA ALA C 270 59.53 -65.15 100.91
C ALA C 270 58.30 -64.57 101.57
N THR C 271 57.34 -64.16 100.74
CA THR C 271 56.07 -63.65 101.25
C THR C 271 55.10 -63.58 100.08
N GLY C 272 53.87 -63.24 100.37
CA GLY C 272 52.82 -63.27 99.36
C GLY C 272 51.77 -62.21 99.62
N HIS C 273 51.08 -61.83 98.56
CA HIS C 273 50.08 -60.77 98.59
C HIS C 273 48.71 -61.44 98.72
N SER C 274 48.19 -61.49 99.94
CA SER C 274 46.91 -62.13 100.23
C SER C 274 46.98 -63.63 99.97
N GLN C 275 46.41 -64.09 98.86
CA GLN C 275 46.40 -65.53 98.57
C GLN C 275 47.79 -66.07 98.33
N GLY C 276 48.72 -65.23 97.86
CA GLY C 276 50.07 -65.70 97.57
C GLY C 276 50.84 -66.16 98.79
N LEU C 277 50.41 -65.77 99.99
CA LEU C 277 51.12 -66.18 101.19
C LEU C 277 51.13 -67.69 101.35
N VAL C 278 50.06 -68.36 100.95
CA VAL C 278 50.01 -69.81 101.03
C VAL C 278 51.09 -70.43 100.14
N THR C 279 51.19 -69.95 98.90
CA THR C 279 52.26 -70.42 98.03
C THR C 279 53.62 -70.14 98.63
N ALA C 280 53.77 -68.97 99.26
CA ALA C 280 55.07 -68.62 99.84
C ALA C 280 55.47 -69.64 100.91
N VAL C 281 54.57 -69.94 101.84
CA VAL C 281 54.92 -70.87 102.90
C VAL C 281 55.11 -72.27 102.34
N ALA C 282 54.29 -72.67 101.36
CA ALA C 282 54.46 -74.00 100.77
C ALA C 282 55.82 -74.13 100.09
N ILE C 283 56.23 -73.10 99.33
CA ILE C 283 57.55 -73.13 98.72
C ILE C 283 58.63 -73.19 99.78
N ALA C 284 58.47 -72.41 100.85
CA ALA C 284 59.42 -72.49 101.95
C ALA C 284 59.49 -73.88 102.55
N GLU C 285 58.44 -74.68 102.36
CA GLU C 285 58.43 -76.04 102.89
C GLU C 285 59.29 -77.01 102.09
N THR C 286 59.46 -76.77 100.79
CA THR C 286 60.02 -77.77 99.89
C THR C 286 61.45 -78.13 100.29
N ASP C 287 61.80 -79.40 100.07
CA ASP C 287 63.17 -79.87 100.29
C ASP C 287 63.77 -80.56 99.08
N SER C 288 63.02 -81.41 98.39
CA SER C 288 63.51 -82.13 97.23
C SER C 288 62.33 -82.46 96.33
N TRP C 289 62.62 -82.98 95.14
CA TRP C 289 61.55 -83.24 94.18
C TRP C 289 60.54 -84.28 94.64
N GLU C 290 60.91 -85.14 95.59
CA GLU C 290 59.96 -86.10 96.12
C GLU C 290 58.91 -85.42 97.01
N SER C 291 59.36 -84.58 97.94
CA SER C 291 58.45 -83.90 98.86
C SER C 291 57.77 -82.69 98.22
N PHE C 292 58.15 -82.32 97.01
CA PHE C 292 57.53 -81.17 96.39
C PHE C 292 56.04 -81.40 96.15
N PHE C 293 55.65 -82.61 95.74
CA PHE C 293 54.23 -82.88 95.56
C PHE C 293 53.48 -82.85 96.89
N VAL C 294 54.12 -83.25 97.98
CA VAL C 294 53.49 -83.11 99.29
C VAL C 294 53.20 -81.64 99.58
N SER C 295 54.21 -80.78 99.38
CA SER C 295 54.01 -79.36 99.60
C SER C 295 52.92 -78.81 98.69
N VAL C 296 52.91 -79.24 97.43
CA VAL C 296 51.93 -78.75 96.47
C VAL C 296 50.52 -79.14 96.90
N ARG C 297 50.36 -80.37 97.36
CA ARG C 297 49.05 -80.82 97.84
C ARG C 297 48.61 -79.97 99.02
N LYS C 298 49.51 -79.72 99.97
CA LYS C 298 49.18 -78.84 101.09
C LYS C 298 48.65 -77.49 100.59
N ALA C 299 49.40 -76.86 99.70
CA ALA C 299 49.06 -75.51 99.25
C ALA C 299 47.72 -75.50 98.53
N ILE C 300 47.55 -76.38 97.54
CA ILE C 300 46.33 -76.33 96.74
C ILE C 300 45.14 -76.81 97.55
N THR C 301 45.34 -77.66 98.55
CA THR C 301 44.25 -77.99 99.46
C THR C 301 43.78 -76.75 100.20
N VAL C 302 44.72 -76.00 100.77
CA VAL C 302 44.34 -74.80 101.49
C VAL C 302 43.62 -73.83 100.57
N LEU C 303 44.13 -73.63 99.36
CA LEU C 303 43.50 -72.69 98.44
C LEU C 303 42.13 -73.16 97.99
N PHE C 304 41.99 -74.46 97.71
CA PHE C 304 40.70 -75.00 97.30
C PHE C 304 39.65 -74.76 98.39
N PHE C 305 40.02 -75.02 99.63
CA PHE C 305 39.04 -74.84 100.70
C PHE C 305 38.77 -73.36 100.99
N ILE C 306 39.79 -72.50 100.86
CA ILE C 306 39.54 -71.07 100.96
C ILE C 306 38.51 -70.65 99.92
N GLY C 307 38.74 -71.04 98.67
CA GLY C 307 37.79 -70.67 97.63
C GLY C 307 36.40 -71.18 97.92
N VAL C 308 36.28 -72.45 98.31
CA VAL C 308 34.97 -73.06 98.50
C VAL C 308 34.22 -72.37 99.63
N ARG C 309 34.85 -72.25 100.80
CA ARG C 309 34.16 -71.70 101.95
C ARG C 309 33.90 -70.21 101.80
N CYS C 310 34.84 -69.47 101.19
CA CYS C 310 34.63 -68.04 101.03
C CYS C 310 33.59 -67.74 99.96
N TYR C 311 33.41 -68.65 98.99
CA TYR C 311 32.31 -68.47 98.05
C TYR C 311 30.99 -68.84 98.69
N GLU C 312 30.98 -69.87 99.54
CA GLU C 312 29.75 -70.24 100.24
C GLU C 312 29.32 -69.12 101.19
N ALA C 313 30.26 -68.49 101.87
CA ALA C 313 29.91 -67.46 102.84
C ALA C 313 29.26 -66.26 102.17
N TYR C 314 29.85 -65.77 101.08
CA TYR C 314 29.34 -64.60 100.38
C TYR C 314 29.33 -64.84 98.88
N PRO C 315 28.37 -65.64 98.39
CA PRO C 315 28.27 -65.88 96.95
C PRO C 315 27.84 -64.64 96.20
N ASN C 316 28.28 -64.55 94.95
CA ASN C 316 27.96 -63.39 94.13
C ASN C 316 26.53 -63.47 93.61
N THR C 317 25.90 -62.31 93.50
CA THR C 317 24.52 -62.20 93.04
C THR C 317 24.44 -61.10 91.99
N SER C 318 23.43 -61.21 91.13
CA SER C 318 23.28 -60.27 90.02
C SER C 318 23.07 -58.85 90.54
N LEU C 319 23.64 -57.90 89.83
CA LEU C 319 23.44 -56.49 90.12
C LEU C 319 22.35 -55.92 89.22
N PRO C 320 21.55 -54.97 89.71
CA PRO C 320 20.54 -54.34 88.87
C PRO C 320 21.18 -53.79 87.59
N PRO C 321 20.58 -54.04 86.43
CA PRO C 321 21.18 -53.55 85.18
C PRO C 321 21.30 -52.04 85.12
N SER C 322 20.44 -51.31 85.83
CA SER C 322 20.57 -49.85 85.83
C SER C 322 21.92 -49.43 86.37
N ILE C 323 22.38 -50.08 87.44
CA ILE C 323 23.67 -49.75 88.03
C ILE C 323 24.80 -50.10 87.06
N LEU C 324 24.68 -51.26 86.39
CA LEU C 324 25.68 -51.62 85.40
C LEU C 324 25.78 -50.55 84.32
N GLU C 325 24.63 -50.09 83.81
CA GLU C 325 24.62 -49.08 82.76
C GLU C 325 25.22 -47.78 83.27
N ASP C 326 24.84 -47.35 84.48
CA ASP C 326 25.37 -46.11 85.04
C ASP C 326 26.89 -46.19 85.19
N SER C 327 27.39 -47.34 85.67
CA SER C 327 28.83 -47.49 85.83
C SER C 327 29.55 -47.48 84.50
N LEU C 328 29.01 -48.17 83.49
CA LEU C 328 29.68 -48.17 82.19
C LEU C 328 29.67 -46.79 81.55
N GLU C 329 28.56 -46.07 81.67
CA GLU C 329 28.45 -44.79 80.97
C GLU C 329 29.41 -43.73 81.50
N ASN C 330 30.02 -43.95 82.65
CA ASN C 330 30.97 -43.00 83.22
C ASN C 330 32.37 -43.58 83.26
N ASN C 331 32.78 -44.23 82.17
CA ASN C 331 34.14 -44.71 82.01
C ASN C 331 34.59 -45.51 83.23
N GLU C 332 33.64 -46.19 83.85
CA GLU C 332 33.90 -47.02 85.01
C GLU C 332 33.74 -48.48 84.61
N GLY C 333 34.31 -49.37 85.40
CA GLY C 333 34.27 -50.79 85.13
C GLY C 333 33.01 -51.45 85.65
N VAL C 334 32.96 -52.76 85.49
CA VAL C 334 31.87 -53.55 86.05
C VAL C 334 32.05 -53.62 87.56
N PRO C 335 31.03 -53.32 88.36
CA PRO C 335 31.18 -53.42 89.82
C PRO C 335 31.58 -54.83 90.24
N SER C 336 32.35 -54.89 91.32
CA SER C 336 32.83 -56.14 91.90
C SER C 336 33.07 -55.90 93.39
N PRO C 337 33.44 -56.93 94.15
CA PRO C 337 33.63 -56.75 95.59
C PRO C 337 34.95 -56.10 95.99
N MET C 338 35.71 -55.51 95.08
CA MET C 338 36.97 -54.87 95.44
C MET C 338 37.21 -53.68 94.53
N LEU C 339 37.36 -52.50 95.12
CA LEU C 339 37.55 -51.26 94.37
C LEU C 339 38.97 -50.73 94.60
N SER C 340 39.65 -50.40 93.51
CA SER C 340 41.00 -49.86 93.54
C SER C 340 40.94 -48.35 93.40
N ILE C 341 41.52 -47.64 94.36
CA ILE C 341 41.55 -46.18 94.38
C ILE C 341 43.00 -45.74 94.40
N SER C 342 43.40 -44.97 93.40
CA SER C 342 44.78 -44.56 93.24
C SER C 342 44.91 -43.04 93.35
N ASN C 343 46.07 -42.60 93.85
CA ASN C 343 46.41 -41.19 93.96
C ASN C 343 45.63 -40.51 95.09
N LEU C 344 45.54 -41.19 96.24
CA LEU C 344 44.87 -40.62 97.39
C LEU C 344 45.45 -41.26 98.65
N THR C 345 45.62 -40.45 99.69
CA THR C 345 46.20 -40.97 100.92
C THR C 345 45.21 -41.90 101.63
N GLN C 346 45.75 -42.74 102.50
CA GLN C 346 44.90 -43.62 103.28
C GLN C 346 43.91 -42.82 104.12
N GLU C 347 44.32 -41.65 104.61
CA GLU C 347 43.41 -40.84 105.42
C GLU C 347 42.22 -40.38 104.59
N GLN C 348 42.45 -39.91 103.37
CA GLN C 348 41.35 -39.44 102.54
C GLN C 348 40.38 -40.56 102.19
N VAL C 349 40.93 -41.72 101.79
CA VAL C 349 40.07 -42.85 101.44
C VAL C 349 39.30 -43.32 102.66
N GLN C 350 39.94 -43.31 103.83
CA GLN C 350 39.23 -43.68 105.05
C GLN C 350 38.12 -42.68 105.35
N ASP C 351 38.37 -41.40 105.05
CA ASP C 351 37.33 -40.39 105.25
C ASP C 351 36.12 -40.69 104.38
N TYR C 352 36.34 -40.95 103.10
CA TYR C 352 35.23 -41.26 102.21
C TYR C 352 34.54 -42.54 102.63
N VAL C 353 35.32 -43.54 103.05
CA VAL C 353 34.74 -44.80 103.49
C VAL C 353 33.86 -44.60 104.70
N ASN C 354 34.30 -43.78 105.65
CA ASN C 354 33.49 -43.49 106.83
C ASN C 354 32.21 -42.76 106.45
N LYS C 355 32.32 -41.76 105.57
CA LYS C 355 31.13 -41.04 105.12
C LYS C 355 30.12 -42.01 104.53
N THR C 356 30.56 -42.88 103.62
CA THR C 356 29.66 -43.85 103.03
C THR C 356 29.09 -44.80 104.07
N ASN C 357 29.93 -45.28 104.99
CA ASN C 357 29.52 -46.31 105.92
C ASN C 357 28.54 -45.80 106.96
N SER C 358 28.51 -44.50 107.21
CA SER C 358 27.55 -43.96 108.17
C SER C 358 26.12 -44.20 107.71
N HIS C 359 25.86 -44.15 106.41
CA HIS C 359 24.52 -44.29 105.86
C HIS C 359 24.09 -45.75 105.70
N LEU C 360 24.98 -46.71 105.95
CA LEU C 360 24.73 -48.10 105.61
C LEU C 360 24.60 -48.94 106.88
N PRO C 361 23.89 -50.06 106.81
CA PRO C 361 23.81 -50.96 107.96
C PRO C 361 25.10 -51.75 108.14
N ALA C 362 25.19 -52.44 109.28
CA ALA C 362 26.43 -53.09 109.66
C ALA C 362 26.85 -54.13 108.63
N GLY C 363 25.90 -54.92 108.13
CA GLY C 363 26.23 -56.02 107.25
C GLY C 363 26.67 -55.61 105.85
N LYS C 364 26.43 -54.36 105.47
CA LYS C 364 26.78 -53.88 104.13
C LYS C 364 27.94 -52.90 104.14
N GLN C 365 28.58 -52.70 105.28
CA GLN C 365 29.67 -51.72 105.38
C GLN C 365 30.88 -52.18 104.57
N VAL C 366 31.66 -51.21 104.10
CA VAL C 366 32.87 -51.47 103.34
C VAL C 366 34.08 -51.14 104.21
N GLU C 367 35.27 -51.48 103.70
CA GLU C 367 36.50 -51.22 104.44
C GLU C 367 37.67 -51.32 103.48
N ILE C 368 38.79 -50.74 103.90
CA ILE C 368 40.03 -50.84 103.15
C ILE C 368 40.63 -52.22 103.35
N SER C 369 40.89 -52.93 102.26
CA SER C 369 41.45 -54.27 102.30
C SER C 369 42.94 -54.29 102.03
N LEU C 370 43.37 -53.76 100.89
CA LEU C 370 44.77 -53.75 100.50
C LEU C 370 45.32 -52.33 100.61
N VAL C 371 46.31 -52.14 101.46
CA VAL C 371 47.11 -50.92 101.48
C VAL C 371 48.33 -51.22 100.63
N ASN C 372 48.22 -50.97 99.33
CA ASN C 372 49.29 -51.33 98.41
C ASN C 372 50.44 -50.34 98.44
N GLY C 373 50.15 -49.06 98.62
CA GLY C 373 51.17 -48.05 98.66
C GLY C 373 50.67 -46.81 99.37
N ALA C 374 51.47 -45.75 99.28
CA ALA C 374 51.05 -44.48 99.87
C ALA C 374 49.80 -43.95 99.20
N LYS C 375 49.73 -44.05 97.87
CA LYS C 375 48.61 -43.56 97.08
C LYS C 375 47.79 -44.67 96.45
N ASN C 376 48.04 -45.92 96.85
CA ASN C 376 47.42 -47.07 96.21
C ASN C 376 46.67 -47.87 97.27
N LEU C 377 45.34 -47.84 97.21
CA LEU C 377 44.51 -48.50 98.21
C LEU C 377 43.38 -49.26 97.51
N VAL C 378 42.87 -50.28 98.20
CA VAL C 378 41.79 -51.10 97.69
C VAL C 378 40.75 -51.27 98.79
N VAL C 379 39.49 -51.12 98.41
CA VAL C 379 38.37 -51.20 99.35
C VAL C 379 37.53 -52.41 98.98
N SER C 380 37.25 -53.25 99.96
CA SER C 380 36.49 -54.48 99.76
C SER C 380 35.14 -54.37 100.47
N GLY C 381 34.10 -54.85 99.80
CA GLY C 381 32.77 -54.85 100.34
C GLY C 381 31.78 -55.29 99.29
N PRO C 382 30.48 -55.22 99.59
CA PRO C 382 29.47 -55.59 98.61
C PRO C 382 29.56 -54.70 97.38
N PRO C 383 29.34 -55.25 96.18
CA PRO C 383 29.41 -54.40 94.99
C PRO C 383 28.47 -53.20 95.02
N GLN C 384 27.29 -53.33 95.63
CA GLN C 384 26.38 -52.20 95.76
C GLN C 384 27.00 -51.08 96.59
N SER C 385 27.56 -51.42 97.75
CA SER C 385 28.19 -50.42 98.60
C SER C 385 29.38 -49.76 97.91
N LEU C 386 30.19 -50.56 97.20
CA LEU C 386 31.31 -49.98 96.46
C LEU C 386 30.81 -49.07 95.36
N TYR C 387 29.69 -49.40 94.74
CA TYR C 387 29.11 -48.51 93.74
C TYR C 387 28.69 -47.19 94.37
N GLY C 388 28.07 -47.24 95.55
CA GLY C 388 27.72 -46.01 96.23
C GLY C 388 28.94 -45.16 96.56
N LEU C 389 29.99 -45.81 97.06
CA LEU C 389 31.25 -45.11 97.31
C LEU C 389 31.77 -44.48 96.03
N ASN C 390 31.66 -45.19 94.90
CA ASN C 390 32.10 -44.64 93.63
C ASN C 390 31.31 -43.41 93.26
N LEU C 391 29.99 -43.43 93.52
CA LEU C 391 29.18 -42.24 93.25
C LEU C 391 29.69 -41.06 94.05
N THR C 392 29.94 -41.27 95.34
CA THR C 392 30.52 -40.21 96.16
C THR C 392 31.84 -39.72 95.58
N LEU C 393 32.70 -40.65 95.17
CA LEU C 393 34.02 -40.27 94.70
C LEU C 393 33.96 -39.46 93.43
N ARG C 394 33.13 -39.87 92.47
CA ARG C 394 33.01 -39.11 91.23
C ARG C 394 32.27 -37.80 91.44
N LYS C 395 31.51 -37.67 92.54
CA LYS C 395 31.00 -36.36 92.90
C LYS C 395 32.07 -35.44 93.46
N ALA C 396 33.29 -35.94 93.68
CA ALA C 396 34.37 -35.17 94.29
C ALA C 396 35.67 -35.26 93.49
N LYS C 397 35.60 -35.66 92.23
CA LYS C 397 36.77 -35.81 91.36
C LYS C 397 36.67 -34.84 90.20
N ALA C 398 37.80 -34.22 89.85
CA ALA C 398 37.84 -33.36 88.69
C ALA C 398 37.99 -34.18 87.41
N PRO C 399 37.48 -33.68 86.28
CA PRO C 399 37.74 -34.36 85.01
C PRO C 399 39.24 -34.46 84.74
N SER C 400 39.63 -35.58 84.12
CA SER C 400 41.03 -35.74 83.75
C SER C 400 41.47 -34.64 82.77
N GLY C 401 40.61 -34.32 81.81
CA GLY C 401 40.92 -33.28 80.84
C GLY C 401 40.59 -31.89 81.34
N LEU C 402 40.96 -31.59 82.58
CA LEU C 402 40.83 -30.26 83.15
C LEU C 402 42.22 -29.66 83.31
N ASP C 403 42.38 -28.44 82.82
CA ASP C 403 43.67 -27.75 82.90
C ASP C 403 43.66 -26.86 84.14
N GLN C 404 44.61 -27.08 85.04
CA GLN C 404 44.74 -26.31 86.27
C GLN C 404 46.12 -25.67 86.39
N SER C 405 46.83 -25.52 85.27
CA SER C 405 48.16 -24.93 85.33
C SER C 405 48.13 -23.46 85.73
N ARG C 406 47.01 -22.79 85.54
CA ARG C 406 46.87 -21.37 85.86
C ARG C 406 46.21 -21.14 87.21
N ILE C 407 45.95 -22.19 87.98
CA ILE C 407 45.32 -22.08 89.29
C ILE C 407 46.37 -22.35 90.36
N PRO C 408 46.36 -21.66 91.50
CA PRO C 408 47.36 -21.94 92.52
C PRO C 408 47.31 -23.39 92.99
N PHE C 409 48.47 -23.94 93.29
CA PHE C 409 48.55 -25.34 93.70
C PHE C 409 47.70 -25.67 94.91
N SER C 410 47.71 -24.82 95.92
CA SER C 410 46.98 -25.12 97.15
C SER C 410 45.48 -25.27 96.88
N GLU C 411 44.93 -24.45 96.00
CA GLU C 411 43.50 -24.46 95.72
C GLU C 411 43.10 -25.45 94.65
N ARG C 412 44.05 -26.15 94.06
CA ARG C 412 43.70 -27.06 92.97
C ARG C 412 42.82 -28.21 93.43
N LYS C 413 41.80 -28.54 92.63
CA LYS C 413 40.91 -29.65 92.93
C LYS C 413 41.65 -30.96 92.69
N LEU C 414 41.71 -31.80 93.72
CA LEU C 414 42.49 -33.03 93.65
C LEU C 414 41.94 -33.97 92.60
N LYS C 415 42.84 -34.56 91.82
CA LYS C 415 42.52 -35.53 90.78
C LYS C 415 42.94 -36.91 91.23
N PHE C 416 42.16 -37.92 90.88
CA PHE C 416 42.48 -39.30 91.24
C PHE C 416 41.71 -40.22 90.32
N SER C 417 41.92 -41.52 90.48
CA SER C 417 41.32 -42.53 89.64
C SER C 417 40.79 -43.68 90.49
N ASN C 418 39.84 -44.40 89.93
CA ASN C 418 39.25 -45.53 90.62
C ASN C 418 38.78 -46.55 89.59
N ARG C 419 38.85 -47.82 89.97
CA ARG C 419 38.39 -48.90 89.10
C ARG C 419 38.13 -50.13 89.94
N PHE C 420 37.34 -51.04 89.39
CA PHE C 420 36.99 -52.29 90.05
C PHE C 420 37.95 -53.38 89.61
N LEU C 421 38.49 -54.12 90.58
CA LEU C 421 39.45 -55.17 90.26
C LEU C 421 38.76 -56.39 89.66
N PRO C 422 39.47 -57.15 88.79
CA PRO C 422 38.87 -58.37 88.24
C PRO C 422 38.84 -59.50 89.26
N VAL C 423 37.97 -59.38 90.26
CA VAL C 423 37.84 -60.36 91.32
C VAL C 423 36.35 -60.61 91.56
N ALA C 424 36.05 -61.66 92.34
CA ALA C 424 34.66 -62.01 92.59
C ALA C 424 34.41 -62.38 94.05
N SER C 425 35.14 -61.78 94.99
CA SER C 425 34.86 -62.00 96.40
C SER C 425 35.52 -60.91 97.21
N PRO C 426 34.90 -60.49 98.31
CA PRO C 426 35.50 -59.45 99.16
C PRO C 426 36.54 -60.01 100.13
N PHE C 427 37.76 -60.19 99.64
CA PHE C 427 38.81 -60.69 100.51
C PHE C 427 39.16 -59.64 101.55
N HIS C 428 39.69 -60.11 102.69
CA HIS C 428 40.06 -59.25 103.80
C HIS C 428 38.88 -58.37 104.23
N SER C 429 37.70 -58.98 104.35
CA SER C 429 36.50 -58.25 104.69
C SER C 429 35.72 -58.99 105.76
N HIS C 430 34.91 -58.24 106.51
CA HIS C 430 34.07 -58.83 107.55
C HIS C 430 33.10 -59.86 106.99
N LEU C 431 32.77 -59.77 105.69
CA LEU C 431 31.80 -60.67 105.11
C LEU C 431 32.29 -62.12 105.10
N LEU C 432 33.57 -62.33 104.82
CA LEU C 432 34.14 -63.67 104.79
C LEU C 432 34.52 -64.19 106.17
N VAL C 433 34.32 -63.38 107.22
CA VAL C 433 34.74 -63.80 108.56
C VAL C 433 34.10 -65.11 108.96
N PRO C 434 32.82 -65.38 108.69
CA PRO C 434 32.22 -66.64 109.16
C PRO C 434 32.90 -67.88 108.59
N ALA C 435 33.65 -67.76 107.50
CA ALA C 435 34.28 -68.93 106.89
C ALA C 435 35.60 -69.32 107.56
N SER C 436 36.14 -68.48 108.44
CA SER C 436 37.44 -68.76 109.04
C SER C 436 37.39 -70.05 109.86
N ASP C 437 36.39 -70.16 110.73
CA ASP C 437 36.26 -71.35 111.56
C ASP C 437 36.05 -72.59 110.70
N LEU C 438 35.23 -72.48 109.65
CA LEU C 438 35.01 -73.61 108.77
C LEU C 438 36.31 -74.06 108.12
N ILE C 439 37.11 -73.10 107.62
CA ILE C 439 38.36 -73.44 106.97
C ILE C 439 39.31 -74.12 107.96
N ASN C 440 39.41 -73.56 109.16
CA ASN C 440 40.31 -74.12 110.16
C ASN C 440 39.87 -75.54 110.54
N LYS C 441 38.57 -75.74 110.68
CA LYS C 441 38.05 -77.06 111.06
C LYS C 441 38.25 -78.07 109.94
N ASP C 442 38.19 -77.62 108.69
CA ASP C 442 38.39 -78.50 107.55
C ASP C 442 39.85 -78.87 107.32
N LEU C 443 40.77 -77.93 107.51
CA LEU C 443 42.17 -78.22 107.22
C LEU C 443 42.73 -79.28 108.17
N VAL C 444 42.28 -79.28 109.42
CA VAL C 444 42.75 -80.29 110.36
C VAL C 444 42.30 -81.68 109.92
N LYS C 445 41.11 -81.77 109.31
CA LYS C 445 40.64 -83.05 108.80
C LYS C 445 41.41 -83.46 107.55
N ASN C 446 41.66 -82.50 106.65
CA ASN C 446 42.36 -82.82 105.41
C ASN C 446 43.85 -83.08 105.62
N ASN C 447 44.37 -82.88 106.84
CA ASN C 447 45.75 -83.18 107.18
C ASN C 447 46.73 -82.15 106.61
N VAL C 448 46.30 -80.91 106.50
CA VAL C 448 47.17 -79.81 106.09
C VAL C 448 47.59 -79.03 107.32
N SER C 449 48.89 -78.88 107.51
CA SER C 449 49.43 -78.11 108.63
C SER C 449 50.85 -77.70 108.30
N PHE C 450 51.22 -76.50 108.74
CA PHE C 450 52.57 -75.98 108.52
C PHE C 450 53.27 -75.87 109.87
N ASN C 451 54.42 -76.51 109.99
CA ASN C 451 55.21 -76.46 111.21
C ASN C 451 56.33 -75.45 111.05
N ALA C 452 56.59 -74.70 112.13
CA ALA C 452 57.64 -73.68 112.08
C ALA C 452 59.01 -74.29 111.79
N LYS C 453 59.27 -75.49 112.32
CA LYS C 453 60.54 -76.15 112.05
C LYS C 453 60.71 -76.47 110.57
N ASP C 454 59.61 -76.88 109.91
CA ASP C 454 59.69 -77.21 108.49
C ASP C 454 60.07 -75.98 107.66
N ILE C 455 59.46 -74.83 107.97
CA ILE C 455 59.83 -73.60 107.29
C ILE C 455 61.26 -73.22 107.68
N GLN C 456 62.09 -72.93 106.68
CA GLN C 456 63.49 -72.64 106.93
C GLN C 456 63.96 -71.32 106.33
N ILE C 457 63.04 -70.50 105.84
CA ILE C 457 63.37 -69.12 105.47
C ILE C 457 62.30 -68.21 106.07
N PRO C 458 62.62 -66.96 106.39
CA PRO C 458 61.58 -66.06 106.92
C PRO C 458 60.43 -65.89 105.93
N VAL C 459 59.21 -66.08 106.44
CA VAL C 459 57.99 -65.79 105.69
C VAL C 459 57.25 -64.71 106.45
N TYR C 460 57.06 -63.56 105.81
CA TYR C 460 56.60 -62.36 106.49
C TYR C 460 55.08 -62.29 106.48
N ASP C 461 54.50 -62.14 107.67
CA ASP C 461 53.06 -61.93 107.80
C ASP C 461 52.64 -60.67 107.06
N THR C 462 51.49 -60.73 106.40
CA THR C 462 51.03 -59.62 105.58
C THR C 462 50.35 -58.51 106.37
N PHE C 463 50.02 -58.74 107.63
CA PHE C 463 49.40 -57.70 108.44
C PHE C 463 50.44 -56.82 109.13
N ASP C 464 51.49 -57.42 109.68
CA ASP C 464 52.51 -56.67 110.42
C ASP C 464 53.92 -56.91 109.88
N GLY C 465 54.07 -57.67 108.80
CA GLY C 465 55.38 -57.92 108.26
C GLY C 465 56.29 -58.75 109.16
N SER C 466 55.75 -59.27 110.25
CA SER C 466 56.56 -60.08 111.15
C SER C 466 56.84 -61.44 110.51
N ASP C 467 57.88 -62.08 111.00
CA ASP C 467 58.23 -63.41 110.51
C ASP C 467 57.22 -64.43 111.03
N LEU C 468 56.68 -65.25 110.12
CA LEU C 468 55.68 -66.23 110.51
C LEU C 468 56.29 -67.37 111.32
N ARG C 469 57.58 -67.64 111.13
CA ARG C 469 58.21 -68.74 111.84
C ARG C 469 58.19 -68.53 113.35
N VAL C 470 58.16 -67.28 113.80
CA VAL C 470 58.11 -66.98 115.23
C VAL C 470 56.70 -66.89 115.76
N LEU C 471 55.69 -67.06 114.90
CA LEU C 471 54.31 -67.04 115.36
C LEU C 471 54.07 -68.12 116.41
N SER C 472 53.35 -67.76 117.47
CA SER C 472 53.13 -68.68 118.58
C SER C 472 52.07 -69.72 118.26
N GLY C 473 51.05 -69.37 117.50
CA GLY C 473 49.94 -70.25 117.21
C GLY C 473 50.13 -71.03 115.93
N SER C 474 49.01 -71.37 115.29
CA SER C 474 49.04 -72.12 114.04
C SER C 474 49.31 -71.18 112.87
N ILE C 475 50.32 -71.52 112.07
CA ILE C 475 50.64 -70.69 110.92
C ILE C 475 49.52 -70.74 109.90
N SER C 476 48.88 -71.89 109.73
CA SER C 476 47.76 -71.98 108.79
C SER C 476 46.60 -71.09 109.23
N GLU C 477 46.30 -71.07 110.52
CA GLU C 477 45.25 -70.19 111.01
C GLU C 477 45.57 -68.74 110.73
N ARG C 478 46.82 -68.33 110.96
CA ARG C 478 47.21 -66.96 110.68
C ARG C 478 47.13 -66.64 109.20
N ILE C 479 47.53 -67.59 108.35
CA ILE C 479 47.49 -67.36 106.91
C ILE C 479 46.05 -67.16 106.45
N VAL C 480 45.13 -68.02 106.91
CA VAL C 480 43.74 -67.89 106.50
C VAL C 480 43.15 -66.60 107.05
N ASP C 481 43.48 -66.25 108.30
CA ASP C 481 43.01 -65.00 108.87
C ASP C 481 43.48 -63.81 108.05
N CYS C 482 44.76 -63.82 107.66
CA CYS C 482 45.30 -62.74 106.85
C CYS C 482 44.60 -62.65 105.50
N ILE C 483 44.28 -63.81 104.91
CA ILE C 483 43.69 -63.79 103.57
C ILE C 483 42.26 -63.28 103.64
N ILE C 484 41.47 -63.75 104.59
CA ILE C 484 40.03 -63.51 104.55
C ILE C 484 39.62 -62.31 105.40
N ARG C 485 40.36 -62.03 106.47
CA ARG C 485 39.93 -61.03 107.44
C ARG C 485 40.83 -59.81 107.48
N LEU C 486 42.12 -59.98 107.73
CA LEU C 486 42.97 -58.83 108.01
C LEU C 486 43.39 -58.13 106.71
N PRO C 487 43.59 -56.82 106.76
CA PRO C 487 44.06 -56.11 105.57
C PRO C 487 45.53 -56.38 105.30
N VAL C 488 45.91 -56.19 104.04
CA VAL C 488 47.30 -56.35 103.61
C VAL C 488 47.98 -55.00 103.67
N LYS C 489 49.01 -54.90 104.50
CA LYS C 489 49.86 -53.71 104.58
C LYS C 489 51.13 -54.04 103.80
N TRP C 490 51.07 -53.88 102.49
CA TRP C 490 52.15 -54.34 101.63
C TRP C 490 53.46 -53.64 101.94
N GLU C 491 53.42 -52.32 102.15
CA GLU C 491 54.64 -51.58 102.46
C GLU C 491 55.25 -52.09 103.76
N THR C 492 54.41 -52.38 104.76
CA THR C 492 54.91 -52.98 105.99
C THR C 492 55.52 -54.35 105.75
N THR C 493 54.90 -55.18 104.91
CA THR C 493 55.43 -56.51 104.64
C THR C 493 56.78 -56.43 103.94
N THR C 494 56.96 -55.46 103.05
CA THR C 494 58.11 -55.42 102.17
C THR C 494 59.32 -54.73 102.79
N GLN C 495 59.27 -54.36 104.07
CA GLN C 495 60.35 -53.60 104.69
C GLN C 495 61.69 -54.34 104.69
N PHE C 496 61.71 -55.62 104.32
CA PHE C 496 62.96 -56.35 104.28
C PHE C 496 63.97 -55.65 103.38
N LYS C 497 65.25 -55.95 103.61
CA LYS C 497 66.35 -55.42 102.79
C LYS C 497 66.81 -56.51 101.82
N ALA C 498 66.69 -56.24 100.53
CA ALA C 498 67.13 -57.19 99.51
C ALA C 498 67.53 -56.41 98.27
N THR C 499 68.35 -57.05 97.44
CA THR C 499 68.78 -56.45 96.18
C THR C 499 67.90 -56.82 95.02
N HIS C 500 67.38 -58.05 95.00
CA HIS C 500 66.55 -58.53 93.91
C HIS C 500 65.29 -59.18 94.48
N ILE C 501 64.19 -59.01 93.75
CA ILE C 501 62.90 -59.55 94.14
C ILE C 501 62.35 -60.30 92.93
N LEU C 502 62.02 -61.57 93.11
CA LEU C 502 61.48 -62.39 92.04
C LEU C 502 59.97 -62.47 92.18
N ASP C 503 59.26 -62.12 91.12
CA ASP C 503 57.80 -62.11 91.09
C ASP C 503 57.33 -63.33 90.30
N PHE C 504 56.86 -64.35 91.01
CA PHE C 504 56.25 -65.51 90.38
C PHE C 504 54.77 -65.35 90.14
N GLY C 505 54.11 -64.42 90.84
CA GLY C 505 52.67 -64.31 90.80
C GLY C 505 52.15 -64.02 89.42
N PRO C 506 50.85 -64.21 89.21
CA PRO C 506 50.26 -63.91 87.90
C PRO C 506 50.29 -62.43 87.58
N GLY C 507 49.86 -62.08 86.37
CA GLY C 507 49.74 -60.70 85.95
C GLY C 507 50.87 -60.20 85.08
N GLY C 508 52.02 -60.86 85.09
CA GLY C 508 53.15 -60.38 84.33
C GLY C 508 53.49 -58.94 84.65
N ALA C 509 53.56 -58.10 83.62
CA ALA C 509 53.89 -56.70 83.82
C ALA C 509 52.82 -55.95 84.60
N SER C 510 51.62 -56.53 84.75
CA SER C 510 50.56 -55.93 85.53
C SER C 510 50.42 -56.55 86.91
N GLY C 511 51.38 -57.37 87.32
CA GLY C 511 51.31 -58.11 88.56
C GLY C 511 51.89 -57.35 89.73
N LEU C 512 52.13 -58.08 90.82
CA LEU C 512 52.61 -57.50 92.06
C LEU C 512 54.05 -57.00 91.96
N GLY C 513 54.85 -57.56 91.06
CA GLY C 513 56.24 -57.14 90.95
C GLY C 513 56.37 -55.69 90.53
N VAL C 514 55.57 -55.27 89.55
CA VAL C 514 55.65 -53.88 89.08
C VAL C 514 55.18 -52.93 90.18
N LEU C 515 54.12 -53.29 90.90
CA LEU C 515 53.69 -52.47 92.03
C LEU C 515 54.82 -52.33 93.04
N THR C 516 55.46 -53.44 93.40
CA THR C 516 56.52 -53.39 94.39
C THR C 516 57.70 -52.57 93.88
N HIS C 517 57.97 -52.64 92.57
CA HIS C 517 59.03 -51.83 91.99
C HIS C 517 58.72 -50.36 92.12
N ARG C 518 57.48 -49.96 91.82
CA ARG C 518 57.12 -48.55 91.95
C ARG C 518 57.21 -48.10 93.39
N ASN C 519 56.78 -48.95 94.33
CA ASN C 519 56.89 -48.61 95.75
C ASN C 519 58.34 -48.41 96.15
N LYS C 520 59.25 -49.21 95.60
CA LYS C 520 60.62 -49.31 96.10
C LYS C 520 61.62 -48.59 95.19
N ASP C 521 61.13 -47.78 94.25
CA ASP C 521 62.02 -47.12 93.30
C ASP C 521 63.04 -46.25 94.02
N GLY C 522 64.29 -46.29 93.55
CA GLY C 522 65.33 -45.46 94.13
C GLY C 522 65.95 -45.96 95.40
N THR C 523 65.65 -47.18 95.81
CA THR C 523 66.24 -47.76 97.01
C THR C 523 67.25 -48.85 96.70
N GLY C 524 67.64 -49.01 95.44
CA GLY C 524 68.55 -50.08 95.08
C GLY C 524 67.97 -51.47 95.15
N VAL C 525 66.71 -51.64 94.71
CA VAL C 525 66.08 -52.95 94.67
C VAL C 525 65.62 -53.22 93.24
N ARG C 526 65.91 -54.42 92.75
CA ARG C 526 65.57 -54.83 91.40
C ARG C 526 64.46 -55.88 91.44
N VAL C 527 63.44 -55.70 90.61
CA VAL C 527 62.31 -56.62 90.53
C VAL C 527 62.40 -57.38 89.21
N ILE C 528 62.34 -58.71 89.30
CA ILE C 528 62.30 -59.58 88.13
C ILE C 528 60.97 -60.32 88.15
N VAL C 529 60.25 -60.26 87.04
CA VAL C 529 58.98 -60.96 86.90
C VAL C 529 59.26 -62.28 86.20
N ALA C 530 59.38 -63.35 86.97
CA ALA C 530 59.78 -64.64 86.45
C ALA C 530 58.69 -65.30 85.61
N GLY C 531 57.48 -64.79 85.64
CA GLY C 531 56.36 -65.46 84.99
C GLY C 531 56.25 -65.20 83.50
N THR C 532 56.89 -64.14 82.99
CA THR C 532 56.70 -63.73 81.61
C THR C 532 58.03 -63.41 80.94
N LEU C 533 58.03 -63.53 79.62
CA LEU C 533 59.17 -63.23 78.76
C LEU C 533 58.81 -61.98 77.96
N ASP C 534 59.63 -60.93 78.07
CA ASP C 534 59.35 -59.70 77.34
C ASP C 534 60.56 -58.78 77.43
N ILE C 535 60.42 -57.62 76.79
CA ILE C 535 61.45 -56.58 76.79
C ILE C 535 60.84 -55.32 77.36
N ASN C 536 61.52 -54.75 78.36
CA ASN C 536 61.13 -53.49 78.97
C ASN C 536 61.91 -52.37 78.32
N PRO C 537 61.29 -51.47 77.55
CA PRO C 537 62.07 -50.34 77.03
C PRO C 537 62.72 -49.52 78.12
N ASP C 538 62.01 -49.27 79.23
CA ASP C 538 62.60 -48.52 80.33
C ASP C 538 63.74 -49.28 80.97
N ASP C 539 63.68 -50.62 80.95
CA ASP C 539 64.72 -51.46 81.53
C ASP C 539 64.82 -51.30 83.04
N ASP C 540 63.79 -50.73 83.67
CA ASP C 540 63.83 -50.51 85.12
C ASP C 540 63.57 -51.78 85.91
N TYR C 541 63.00 -52.81 85.30
CA TYR C 541 62.78 -54.08 85.97
C TYR C 541 62.94 -55.22 84.97
N GLY C 542 63.32 -56.39 85.47
CA GLY C 542 63.67 -57.49 84.61
C GLY C 542 62.49 -58.37 84.22
N PHE C 543 62.78 -59.33 83.35
CA PHE C 543 61.80 -60.31 82.92
C PHE C 543 62.37 -61.71 83.12
N LYS C 544 61.68 -62.73 82.60
CA LYS C 544 62.07 -64.11 82.89
C LYS C 544 63.52 -64.38 82.47
N GLN C 545 63.98 -63.76 81.39
CA GLN C 545 65.31 -64.06 80.87
C GLN C 545 66.40 -63.69 81.88
N GLU C 546 66.21 -62.58 82.59
CA GLU C 546 67.26 -62.09 83.48
C GLU C 546 67.61 -63.10 84.55
N ILE C 547 66.69 -64.01 84.88
CA ILE C 547 66.97 -65.00 85.91
C ILE C 547 67.99 -66.03 85.43
N PHE C 548 68.09 -66.25 84.12
CA PHE C 548 68.93 -67.30 83.57
C PHE C 548 70.13 -66.78 82.80
N ASP C 549 70.18 -65.49 82.49
CA ASP C 549 71.31 -64.94 81.74
C ASP C 549 72.62 -65.21 82.48
N VAL C 550 73.65 -65.54 81.70
CA VAL C 550 74.95 -65.85 82.27
C VAL C 550 75.93 -64.70 82.14
N THR C 551 75.68 -63.74 81.25
CA THR C 551 76.58 -62.61 81.07
C THR C 551 76.34 -61.61 82.20
N SER C 552 76.93 -60.42 82.07
CA SER C 552 76.59 -59.36 83.01
C SER C 552 75.13 -58.96 82.91
N ASN C 553 74.49 -59.22 81.76
CA ASN C 553 73.09 -58.88 81.58
C ASN C 553 72.19 -59.60 82.57
N GLY C 554 72.68 -60.68 83.18
CA GLY C 554 71.95 -61.35 84.24
C GLY C 554 72.06 -60.67 85.59
N LEU C 555 73.01 -59.76 85.76
CA LEU C 555 73.20 -59.03 87.01
C LEU C 555 73.00 -57.55 86.72
N LYS C 556 71.77 -57.07 86.94
CA LYS C 556 71.43 -55.66 86.80
C LYS C 556 71.06 -55.12 88.17
N LYS C 557 71.68 -54.00 88.54
CA LYS C 557 71.41 -53.32 89.80
C LYS C 557 70.58 -52.07 89.52
N ASN C 558 69.53 -51.86 90.29
CA ASN C 558 68.71 -50.68 90.12
C ASN C 558 69.37 -49.55 90.86
N PRO C 559 69.10 -48.32 90.43
CA PRO C 559 69.81 -47.18 91.05
C PRO C 559 69.45 -46.87 92.48
N ASN C 560 70.45 -46.66 93.33
CA ASN C 560 70.19 -46.20 94.69
C ASN C 560 70.62 -44.74 94.73
N TRP C 561 69.64 -43.84 94.76
CA TRP C 561 69.95 -42.41 94.59
C TRP C 561 70.85 -41.91 95.70
N LEU C 562 70.59 -42.31 96.95
CA LEU C 562 71.38 -41.83 98.06
C LEU C 562 72.87 -42.14 97.86
N GLU C 563 73.18 -43.23 97.17
CA GLU C 563 74.56 -43.64 96.94
C GLU C 563 75.12 -43.13 95.62
N GLU C 564 74.34 -43.16 94.54
CA GLU C 564 74.85 -42.70 93.26
C GLU C 564 75.14 -41.21 93.26
N TYR C 565 74.22 -40.41 93.81
CA TYR C 565 74.32 -38.96 93.78
C TYR C 565 74.73 -38.39 95.13
N HIS C 566 75.42 -39.18 95.92
CA HIS C 566 75.88 -38.72 97.22
C HIS C 566 76.86 -37.56 97.05
N PRO C 567 76.65 -36.44 97.73
CA PRO C 567 77.67 -35.37 97.69
C PRO C 567 78.98 -35.85 98.31
N LYS C 568 80.07 -35.30 97.79
CA LYS C 568 81.40 -35.65 98.26
C LYS C 568 82.24 -34.39 98.34
N LEU C 569 83.37 -34.50 99.03
CA LEU C 569 84.34 -33.42 99.13
C LEU C 569 85.61 -33.80 98.39
N ILE C 570 86.23 -32.81 97.75
CA ILE C 570 87.46 -33.00 97.00
C ILE C 570 88.25 -31.71 97.05
N LYS C 571 89.56 -31.82 96.92
CA LYS C 571 90.43 -30.65 96.88
C LYS C 571 91.43 -30.79 95.75
N ASN C 572 91.92 -29.63 95.30
CA ASN C 572 92.91 -29.57 94.24
C ASN C 572 94.31 -29.39 94.85
N LYS C 573 95.30 -29.20 93.98
CA LYS C 573 96.68 -29.06 94.46
C LYS C 573 96.83 -27.90 95.44
N SER C 574 96.22 -26.76 95.12
CA SER C 574 96.34 -25.60 96.00
C SER C 574 95.83 -25.88 97.40
N GLY C 575 94.96 -26.88 97.56
CA GLY C 575 94.32 -27.16 98.83
C GLY C 575 92.91 -26.64 98.96
N LYS C 576 92.36 -26.03 97.92
CA LYS C 576 91.00 -25.53 97.97
C LYS C 576 90.00 -26.67 98.02
N ILE C 577 89.12 -26.64 99.01
CA ILE C 577 88.07 -27.64 99.14
C ILE C 577 86.94 -27.31 98.16
N PHE C 578 86.38 -28.35 97.55
CA PHE C 578 85.26 -28.21 96.64
C PHE C 578 84.18 -29.20 97.05
N VAL C 579 82.92 -28.78 96.95
CA VAL C 579 81.80 -29.69 97.13
C VAL C 579 81.61 -30.44 95.82
N GLU C 580 81.98 -31.72 95.80
CA GLU C 580 81.96 -32.51 94.58
C GLU C 580 80.54 -32.92 94.25
N THR C 581 80.12 -32.59 93.04
CA THR C 581 78.79 -32.93 92.54
C THR C 581 78.90 -33.08 91.03
N LYS C 582 77.84 -33.65 90.43
CA LYS C 582 77.82 -33.78 88.98
C LYS C 582 78.04 -32.43 88.30
N PHE C 583 77.25 -31.43 88.67
CA PHE C 583 77.42 -30.08 88.12
C PHE C 583 78.79 -29.53 88.46
N SER C 584 79.21 -29.66 89.72
CA SER C 584 80.51 -29.14 90.13
C SER C 584 81.64 -29.88 89.42
N LYS C 585 81.49 -31.19 89.23
CA LYS C 585 82.49 -31.96 88.51
C LYS C 585 82.61 -31.47 87.08
N LEU C 586 81.49 -31.08 86.47
CA LEU C 586 81.55 -30.59 85.09
C LEU C 586 82.21 -29.22 85.02
N ILE C 587 81.81 -28.27 85.87
CA ILE C 587 82.24 -26.89 85.68
C ILE C 587 83.50 -26.53 86.46
N GLY C 588 83.95 -27.39 87.37
CA GLY C 588 85.15 -27.08 88.12
C GLY C 588 85.03 -25.91 89.07
N ARG C 589 83.83 -25.60 89.51
CA ARG C 589 83.56 -24.52 90.45
C ARG C 589 82.48 -25.01 91.40
N PRO C 590 82.31 -24.37 92.55
CA PRO C 590 81.30 -24.80 93.51
C PRO C 590 79.92 -24.85 92.87
N PRO C 591 79.09 -25.82 93.23
CA PRO C 591 77.83 -26.01 92.51
C PRO C 591 76.76 -24.99 92.89
N LEU C 592 77.10 -23.71 92.83
CA LEU C 592 76.18 -22.64 93.17
C LEU C 592 76.26 -21.59 92.07
N LEU C 593 75.10 -21.21 91.53
CA LEU C 593 75.05 -20.24 90.45
C LEU C 593 74.05 -19.15 90.77
N VAL C 594 74.32 -17.97 90.23
CA VAL C 594 73.40 -16.84 90.27
C VAL C 594 72.64 -16.81 88.95
N PRO C 595 71.33 -16.96 88.95
CA PRO C 595 70.60 -17.05 87.68
C PRO C 595 70.50 -15.70 86.98
N GLY C 596 70.20 -15.77 85.68
CA GLY C 596 69.98 -14.57 84.89
C GLY C 596 68.82 -13.76 85.41
N MET C 597 69.07 -12.55 85.91
CA MET C 597 68.00 -11.71 86.45
C MET C 597 67.93 -10.34 85.82
N THR C 598 66.84 -10.06 85.11
CA THR C 598 66.65 -8.72 84.57
C THR C 598 65.80 -7.97 85.57
N PRO C 599 66.42 -7.08 86.36
CA PRO C 599 67.55 -6.22 85.98
C PRO C 599 68.84 -6.47 86.75
N CYS C 600 68.83 -7.30 87.77
CA CYS C 600 70.02 -7.48 88.63
C CYS C 600 71.30 -7.94 87.92
N THR C 601 71.20 -8.89 87.00
CA THR C 601 72.39 -9.43 86.35
C THR C 601 72.60 -8.79 84.98
N VAL C 602 71.79 -7.79 84.64
CA VAL C 602 72.01 -7.07 83.39
C VAL C 602 73.33 -6.32 83.46
N SER C 603 73.77 -5.95 84.65
CA SER C 603 74.95 -5.12 84.80
C SER C 603 76.22 -5.93 84.54
N PRO C 604 77.08 -5.53 83.60
CA PRO C 604 78.37 -6.21 83.45
C PRO C 604 79.24 -6.19 84.70
N ASP C 605 79.17 -5.13 85.51
CA ASP C 605 80.03 -5.07 86.69
C ASP C 605 79.68 -6.17 87.69
N PHE C 606 78.39 -6.44 87.89
CA PHE C 606 78.00 -7.49 88.83
C PHE C 606 78.33 -8.87 88.28
N VAL C 607 78.13 -9.07 86.98
CA VAL C 607 78.52 -10.34 86.36
C VAL C 607 80.02 -10.56 86.56
N ALA C 608 80.82 -9.52 86.37
CA ALA C 608 82.27 -9.64 86.53
C ALA C 608 82.62 -9.93 87.99
N ALA C 609 81.97 -9.24 88.92
CA ALA C 609 82.29 -9.45 90.34
C ALA C 609 81.92 -10.86 90.78
N THR C 610 80.83 -11.40 90.26
CA THR C 610 80.44 -12.77 90.60
C THR C 610 81.37 -13.78 89.96
N THR C 611 81.73 -13.58 88.69
CA THR C 611 82.66 -14.49 88.04
C THR C 611 84.00 -14.50 88.75
N ASN C 612 84.52 -13.32 89.08
CA ASN C 612 85.83 -13.22 89.72
C ASN C 612 85.83 -13.74 91.14
N ALA C 613 84.66 -13.83 91.77
CA ALA C 613 84.55 -14.49 93.06
C ALA C 613 84.63 -16.02 92.94
N GLY C 614 84.60 -16.56 91.73
CA GLY C 614 84.71 -17.98 91.52
C GLY C 614 83.39 -18.71 91.38
N TYR C 615 82.31 -18.01 91.03
CA TYR C 615 80.99 -18.60 90.99
C TYR C 615 80.33 -18.30 89.64
N THR C 616 79.40 -19.15 89.27
CA THR C 616 78.72 -19.03 87.99
C THR C 616 77.62 -17.97 88.03
N ILE C 617 77.48 -17.24 86.93
CA ILE C 617 76.42 -16.24 86.79
C ILE C 617 76.05 -16.14 85.33
N GLU C 618 74.82 -15.73 85.06
CA GLU C 618 74.29 -15.60 83.72
C GLU C 618 74.00 -14.14 83.42
N LEU C 619 74.57 -13.62 82.34
CA LEU C 619 74.24 -12.27 81.90
C LEU C 619 72.80 -12.24 81.39
N ALA C 620 72.01 -11.32 81.91
CA ALA C 620 70.58 -11.28 81.60
C ALA C 620 70.36 -10.60 80.26
N GLY C 621 69.80 -11.34 79.30
CA GLY C 621 69.46 -10.76 78.02
C GLY C 621 68.25 -9.86 78.07
N GLY C 622 67.46 -9.92 79.15
CA GLY C 622 66.26 -9.09 79.25
C GLY C 622 66.53 -7.61 79.33
N GLY C 623 67.76 -7.22 79.67
CA GLY C 623 68.14 -5.83 79.76
C GLY C 623 68.80 -5.27 78.53
N TYR C 624 68.77 -5.99 77.41
CA TYR C 624 69.36 -5.53 76.16
C TYR C 624 68.37 -5.74 75.03
N PHE C 625 68.40 -4.85 74.05
CA PHE C 625 67.40 -4.84 72.99
C PHE C 625 67.99 -4.98 71.59
N SER C 626 69.31 -5.13 71.49
CA SER C 626 69.95 -5.33 70.20
C SER C 626 71.21 -6.14 70.36
N ALA C 627 71.69 -6.72 69.27
CA ALA C 627 72.95 -7.45 69.33
C ALA C 627 74.10 -6.51 69.68
N ALA C 628 74.01 -5.24 69.29
CA ALA C 628 75.10 -4.30 69.54
C ALA C 628 75.23 -3.98 71.03
N GLY C 629 74.11 -3.72 71.69
CA GLY C 629 74.12 -3.41 73.11
C GLY C 629 74.61 -4.56 73.94
N MET C 630 74.11 -5.76 73.67
CA MET C 630 74.60 -6.96 74.36
C MET C 630 76.07 -7.21 74.07
N THR C 631 76.50 -6.96 72.83
CA THR C 631 77.90 -7.16 72.50
C THR C 631 78.79 -6.22 73.30
N ALA C 632 78.38 -4.97 73.44
CA ALA C 632 79.14 -4.03 74.28
C ALA C 632 79.19 -4.51 75.72
N ALA C 633 78.05 -5.01 76.24
CA ALA C 633 78.05 -5.50 77.62
C ALA C 633 78.97 -6.71 77.78
N ILE C 634 78.95 -7.62 76.81
CA ILE C 634 79.80 -8.81 76.88
C ILE C 634 81.26 -8.42 76.84
N ASP C 635 81.62 -7.46 75.98
CA ASP C 635 83.00 -7.00 75.93
C ASP C 635 83.41 -6.37 77.26
N SER C 636 82.52 -5.61 77.89
CA SER C 636 82.82 -5.07 79.21
C SER C 636 83.08 -6.19 80.21
N VAL C 637 82.21 -7.20 80.22
CA VAL C 637 82.39 -8.32 81.15
C VAL C 637 83.75 -8.97 80.92
N VAL C 638 84.06 -9.27 79.66
CA VAL C 638 85.32 -9.94 79.35
C VAL C 638 86.49 -9.12 79.84
N SER C 639 86.47 -7.81 79.58
CA SER C 639 87.56 -6.96 80.05
C SER C 639 87.65 -6.96 81.57
N GLN C 640 86.55 -7.20 82.27
CA GLN C 640 86.58 -7.11 83.73
C GLN C 640 86.97 -8.42 84.41
N ILE C 641 86.93 -9.55 83.71
CA ILE C 641 87.21 -10.85 84.32
C ILE C 641 88.67 -11.21 84.04
N GLU C 642 89.17 -12.18 84.80
CA GLU C 642 90.55 -12.64 84.63
C GLU C 642 90.64 -13.66 83.49
N LYS C 643 91.88 -13.87 83.03
CA LYS C 643 92.11 -14.83 81.98
C LYS C 643 91.62 -16.21 82.40
N GLY C 644 90.91 -16.89 81.50
CA GLY C 644 90.42 -18.22 81.77
C GLY C 644 89.05 -18.29 82.42
N SER C 645 88.49 -17.17 82.83
CA SER C 645 87.17 -17.18 83.42
C SER C 645 86.09 -17.29 82.35
N THR C 646 84.89 -17.68 82.77
CA THR C 646 83.77 -17.85 81.86
C THR C 646 82.50 -17.39 82.54
N PHE C 647 81.45 -17.25 81.75
CA PHE C 647 80.14 -16.85 82.25
C PHE C 647 79.11 -17.25 81.21
N GLY C 648 77.84 -17.20 81.60
CA GLY C 648 76.75 -17.57 80.75
C GLY C 648 75.85 -16.39 80.38
N ILE C 649 74.87 -16.70 79.56
CA ILE C 649 73.90 -15.71 79.09
C ILE C 649 72.51 -16.31 79.21
N ASN C 650 71.56 -15.49 79.68
CA ASN C 650 70.18 -15.89 79.88
C ASN C 650 69.29 -15.19 78.87
N LEU C 651 68.53 -15.96 78.10
CA LEU C 651 67.62 -15.43 77.10
C LEU C 651 66.20 -15.88 77.40
N ILE C 652 65.25 -14.97 77.21
CA ILE C 652 63.84 -15.23 77.50
C ILE C 652 63.20 -15.79 76.25
N TYR C 653 62.45 -16.87 76.39
CA TYR C 653 61.86 -17.54 75.24
C TYR C 653 60.53 -16.97 74.81
N VAL C 654 59.96 -15.99 75.52
CA VAL C 654 58.62 -15.54 75.16
C VAL C 654 58.68 -14.48 74.05
N ASN C 655 59.72 -13.66 74.01
CA ASN C 655 59.80 -12.63 72.98
C ASN C 655 60.66 -13.13 71.82
N PRO C 656 60.09 -13.43 70.66
CA PRO C 656 60.90 -13.96 69.56
C PRO C 656 61.96 -13.01 69.05
N PHE C 657 61.80 -11.69 69.24
CA PHE C 657 62.79 -10.74 68.76
C PHE C 657 64.11 -10.89 69.52
N MET C 658 64.03 -11.02 70.84
CA MET C 658 65.20 -11.26 71.65
C MET C 658 65.98 -12.46 71.13
N LEU C 659 65.30 -13.59 70.96
CA LEU C 659 65.96 -14.78 70.41
C LEU C 659 66.52 -14.51 69.03
N GLN C 660 65.71 -13.88 68.16
CA GLN C 660 66.08 -13.73 66.77
C GLN C 660 67.41 -13.00 66.63
N TRP C 661 67.65 -11.99 67.46
CA TRP C 661 68.95 -11.34 67.40
C TRP C 661 69.97 -11.92 68.37
N GLY C 662 69.56 -12.74 69.34
CA GLY C 662 70.47 -13.23 70.35
C GLY C 662 71.13 -14.55 70.03
N ILE C 663 70.39 -15.49 69.44
CA ILE C 663 70.98 -16.77 69.06
C ILE C 663 72.07 -16.58 68.01
N PRO C 664 71.86 -15.86 66.92
CA PRO C 664 72.99 -15.58 66.00
C PRO C 664 74.14 -14.89 66.69
N LEU C 665 73.86 -13.99 67.63
CA LEU C 665 74.94 -13.31 68.33
C LEU C 665 75.78 -14.30 69.13
N ILE C 666 75.13 -15.24 69.83
CA ILE C 666 75.88 -16.22 70.60
C ILE C 666 76.71 -17.09 69.68
N LYS C 667 76.11 -17.54 68.56
CA LYS C 667 76.88 -18.35 67.62
C LYS C 667 78.09 -17.59 67.12
N GLU C 668 77.91 -16.32 66.75
CA GLU C 668 79.02 -15.53 66.24
C GLU C 668 80.11 -15.36 67.28
N LEU C 669 79.73 -15.00 68.50
CA LEU C 669 80.72 -14.78 69.55
C LEU C 669 81.47 -16.06 69.89
N ARG C 670 80.77 -17.20 69.90
CA ARG C 670 81.46 -18.46 70.15
C ARG C 670 82.38 -18.84 69.00
N SER C 671 82.00 -18.49 67.77
CA SER C 671 82.91 -18.69 66.64
C SER C 671 84.18 -17.88 66.82
N LYS C 672 84.04 -16.63 67.29
CA LYS C 672 85.21 -15.84 67.62
C LYS C 672 85.91 -16.33 68.88
N GLY C 673 85.33 -17.29 69.60
CA GLY C 673 85.97 -17.85 70.78
C GLY C 673 85.66 -17.16 72.08
N TYR C 674 84.59 -16.39 72.16
CA TYR C 674 84.29 -15.64 73.38
C TYR C 674 83.98 -16.60 74.53
N PRO C 675 84.41 -16.28 75.75
CA PRO C 675 84.27 -17.24 76.86
C PRO C 675 82.84 -17.35 77.36
N ILE C 676 81.94 -17.84 76.52
CA ILE C 676 80.54 -18.01 76.88
C ILE C 676 80.34 -19.50 77.13
N GLN C 677 80.23 -19.87 78.40
CA GLN C 677 80.18 -21.28 78.76
C GLN C 677 78.85 -21.91 78.39
N PHE C 678 77.74 -21.24 78.70
CA PHE C 678 76.44 -21.87 78.60
C PHE C 678 75.36 -20.84 78.29
N LEU C 679 74.25 -21.33 77.76
CA LEU C 679 73.06 -20.54 77.52
C LEU C 679 71.92 -21.09 78.35
N THR C 680 71.22 -20.22 79.07
CA THR C 680 70.03 -20.59 79.81
C THR C 680 68.81 -19.95 79.16
N ILE C 681 67.81 -20.76 78.85
CA ILE C 681 66.56 -20.28 78.29
C ILE C 681 65.54 -20.24 79.40
N GLY C 682 65.07 -19.04 79.75
CA GLY C 682 64.04 -18.87 80.75
C GLY C 682 62.67 -18.67 80.11
N ALA C 683 61.65 -18.70 80.97
CA ALA C 683 60.27 -18.47 80.56
C ALA C 683 59.91 -19.34 79.35
N GLY C 684 59.98 -20.64 79.54
CA GLY C 684 59.58 -21.59 78.52
C GLY C 684 60.72 -22.50 78.10
N VAL C 685 60.36 -23.67 77.60
CA VAL C 685 61.31 -24.69 77.15
C VAL C 685 61.23 -24.76 75.63
N PRO C 686 62.35 -24.69 74.92
CA PRO C 686 62.29 -24.74 73.45
C PRO C 686 61.78 -26.09 72.96
N SER C 687 61.26 -26.08 71.75
CA SER C 687 60.87 -27.32 71.09
C SER C 687 62.12 -28.16 70.79
N LEU C 688 61.88 -29.40 70.35
CA LEU C 688 63.00 -30.30 70.09
C LEU C 688 63.89 -29.77 68.98
N GLU C 689 63.30 -29.25 67.90
CA GLU C 689 64.11 -28.77 66.78
C GLU C 689 64.96 -27.58 67.20
N VAL C 690 64.36 -26.63 67.90
CA VAL C 690 65.09 -25.45 68.34
C VAL C 690 66.19 -25.83 69.32
N ALA C 691 65.90 -26.77 70.23
CA ALA C 691 66.93 -27.21 71.17
C ALA C 691 68.08 -27.89 70.45
N SER C 692 67.76 -28.74 69.46
CA SER C 692 68.82 -29.39 68.70
C SER C 692 69.67 -28.37 67.95
N GLU C 693 69.02 -27.35 67.37
CA GLU C 693 69.78 -26.30 66.70
C GLU C 693 70.70 -25.58 67.67
N TYR C 694 70.19 -25.23 68.85
CA TYR C 694 71.03 -24.60 69.86
C TYR C 694 72.23 -25.47 70.18
N ILE C 695 71.98 -26.74 70.53
CA ILE C 695 73.04 -27.62 70.99
C ILE C 695 74.08 -27.83 69.91
N GLU C 696 73.62 -27.96 68.65
CA GLU C 696 74.55 -28.27 67.56
C GLU C 696 75.37 -27.06 67.15
N THR C 697 74.70 -25.93 66.89
CA THR C 697 75.39 -24.82 66.25
C THR C 697 76.06 -23.89 67.25
N LEU C 698 75.47 -23.68 68.42
CA LEU C 698 75.98 -22.63 69.29
C LEU C 698 77.37 -22.96 69.84
N GLY C 699 77.72 -24.24 69.92
CA GLY C 699 79.04 -24.62 70.40
C GLY C 699 79.29 -24.22 71.85
N LEU C 700 78.34 -24.51 72.73
CA LEU C 700 78.46 -24.21 74.15
C LEU C 700 78.83 -25.46 74.93
N LYS C 701 79.28 -25.25 76.17
CA LYS C 701 79.62 -26.38 77.03
C LYS C 701 78.37 -27.11 77.51
N TYR C 702 77.36 -26.36 77.96
CA TYR C 702 76.11 -26.99 78.36
C TYR C 702 74.96 -26.01 78.19
N LEU C 703 73.76 -26.56 78.15
CA LEU C 703 72.53 -25.81 77.97
C LEU C 703 71.75 -25.80 79.27
N GLY C 704 71.25 -24.63 79.66
CA GLY C 704 70.42 -24.49 80.83
C GLY C 704 68.97 -24.34 80.43
N LEU C 705 68.10 -25.05 81.12
CA LEU C 705 66.67 -24.99 80.87
C LEU C 705 65.94 -24.80 82.20
N LYS C 706 64.82 -24.08 82.13
CA LYS C 706 64.02 -23.76 83.33
C LYS C 706 62.59 -24.20 83.07
N PRO C 707 62.32 -25.50 83.23
CA PRO C 707 60.94 -25.97 83.11
C PRO C 707 60.08 -25.39 84.21
N GLY C 708 58.80 -25.21 83.94
CA GLY C 708 57.91 -24.64 84.93
C GLY C 708 56.92 -25.63 85.51
N SER C 709 56.60 -26.69 84.77
CA SER C 709 55.58 -27.63 85.21
C SER C 709 56.04 -29.05 84.89
N ILE C 710 55.14 -30.02 85.10
CA ILE C 710 55.47 -31.41 84.79
C ILE C 710 55.73 -31.58 83.31
N ASP C 711 54.86 -31.00 82.47
CA ASP C 711 55.03 -31.14 81.03
C ASP C 711 56.33 -30.52 80.56
N ALA C 712 56.71 -29.37 81.12
CA ALA C 712 57.99 -28.78 80.78
C ALA C 712 59.14 -29.71 81.15
N ILE C 713 59.05 -30.37 82.30
CA ILE C 713 60.10 -31.30 82.70
C ILE C 713 60.16 -32.47 81.73
N SER C 714 59.00 -32.94 81.26
CA SER C 714 59.00 -34.00 80.25
C SER C 714 59.67 -33.54 78.97
N GLN C 715 59.40 -32.30 78.56
CA GLN C 715 60.05 -31.77 77.36
C GLN C 715 61.56 -31.70 77.54
N VAL C 716 62.01 -31.28 78.72
CA VAL C 716 63.44 -31.24 79.00
C VAL C 716 64.03 -32.64 78.93
N ILE C 717 63.32 -33.63 79.47
CA ILE C 717 63.80 -35.01 79.41
C ILE C 717 63.92 -35.46 77.96
N ASN C 718 62.93 -35.13 77.12
CA ASN C 718 63.01 -35.51 75.72
C ASN C 718 64.20 -34.87 75.03
N ILE C 719 64.45 -33.59 75.31
CA ILE C 719 65.62 -32.92 74.74
C ILE C 719 66.89 -33.65 75.16
N ALA C 720 67.02 -33.94 76.46
CA ALA C 720 68.22 -34.61 76.95
C ALA C 720 68.37 -35.98 76.32
N LYS C 721 67.26 -36.66 76.06
CA LYS C 721 67.32 -37.98 75.44
C LYS C 721 67.78 -37.89 73.99
N ALA C 722 67.34 -36.86 73.27
CA ALA C 722 67.75 -36.70 71.88
C ALA C 722 69.25 -36.47 71.74
N HIS C 723 69.90 -35.95 72.77
CA HIS C 723 71.33 -35.65 72.74
C HIS C 723 71.97 -36.25 73.99
N PRO C 724 72.11 -37.57 74.04
CA PRO C 724 72.52 -38.21 75.30
C PRO C 724 73.88 -37.79 75.81
N ASN C 725 74.76 -37.27 74.96
CA ASN C 725 76.09 -36.89 75.41
C ASN C 725 76.18 -35.44 75.87
N PHE C 726 75.29 -34.58 75.41
CA PHE C 726 75.38 -33.16 75.72
C PHE C 726 74.84 -32.88 77.12
N PRO C 727 75.60 -32.20 77.99
CA PRO C 727 75.08 -31.89 79.33
C PRO C 727 73.92 -30.90 79.26
N ILE C 728 72.90 -31.18 80.05
CA ILE C 728 71.72 -30.32 80.17
C ILE C 728 71.53 -29.98 81.64
N ALA C 729 71.40 -28.68 81.93
CA ALA C 729 71.21 -28.21 83.29
C ALA C 729 69.73 -27.94 83.51
N LEU C 730 69.05 -28.84 84.22
CA LEU C 730 67.64 -28.67 84.53
C LEU C 730 67.54 -27.78 85.76
N GLN C 731 67.28 -26.50 85.54
CA GLN C 731 67.14 -25.54 86.62
C GLN C 731 65.67 -25.54 87.05
N TRP C 732 65.40 -26.21 88.17
CA TRP C 732 64.04 -26.31 88.66
C TRP C 732 63.74 -25.27 89.71
N THR C 733 62.61 -24.58 89.56
CA THR C 733 62.21 -23.58 90.52
C THR C 733 60.71 -23.63 90.70
N GLY C 734 60.25 -23.44 91.92
CA GLY C 734 58.84 -23.46 92.19
C GLY C 734 58.20 -22.10 91.98
N GLY C 735 56.92 -22.00 92.30
CA GLY C 735 56.21 -20.74 92.18
C GLY C 735 56.56 -19.73 93.23
N ARG C 736 57.36 -20.12 94.22
CA ARG C 736 57.72 -19.28 95.34
C ARG C 736 58.94 -18.39 95.06
N GLY C 737 59.48 -18.43 93.84
CA GLY C 737 60.62 -17.60 93.51
C GLY C 737 60.25 -16.16 93.26
N GLY C 738 61.28 -15.32 93.14
CA GLY C 738 61.07 -13.93 92.83
C GLY C 738 60.77 -13.69 91.37
N GLY C 739 60.26 -12.48 91.09
CA GLY C 739 59.97 -12.10 89.72
C GLY C 739 58.87 -12.94 89.11
N HIS C 740 58.97 -13.14 87.79
CA HIS C 740 58.02 -13.98 87.09
C HIS C 740 58.02 -15.37 87.71
N HIS C 741 56.84 -15.89 88.01
CA HIS C 741 56.72 -17.16 88.71
C HIS C 741 55.48 -17.90 88.25
N SER C 742 55.42 -19.17 88.62
CA SER C 742 54.32 -20.00 88.24
C SER C 742 53.46 -20.35 89.42
N PHE C 743 52.53 -21.27 89.22
CA PHE C 743 51.60 -21.68 90.27
C PHE C 743 51.99 -23.00 90.91
N GLU C 744 53.17 -23.51 90.61
CA GLU C 744 53.55 -24.85 91.08
C GLU C 744 54.18 -24.93 92.44
N ASP C 745 53.90 -26.02 93.16
CA ASP C 745 54.55 -26.24 94.43
C ASP C 745 56.01 -26.52 94.12
N ALA C 746 56.88 -26.30 95.09
CA ALA C 746 58.31 -26.51 94.88
C ALA C 746 58.73 -27.97 95.05
N HIS C 747 57.91 -28.81 95.66
CA HIS C 747 58.34 -30.14 96.04
C HIS C 747 57.64 -31.26 95.30
N THR C 748 56.34 -31.13 95.04
CA THR C 748 55.60 -32.22 94.41
C THR C 748 56.09 -32.55 93.01
N PRO C 749 56.39 -31.54 92.19
CA PRO C 749 56.81 -31.92 90.84
C PRO C 749 58.12 -32.69 90.88
N MET C 750 59.01 -32.35 91.80
CA MET C 750 60.28 -33.06 91.92
C MET C 750 60.07 -34.48 92.43
N LEU C 751 59.18 -34.66 93.39
CA LEU C 751 58.90 -35.99 93.89
C LEU C 751 58.30 -36.87 92.79
N GLN C 752 57.58 -36.27 91.84
CA GLN C 752 57.02 -37.05 90.74
C GLN C 752 58.08 -37.40 89.70
N MET C 753 58.97 -36.46 89.38
CA MET C 753 59.83 -36.59 88.19
C MET C 753 61.28 -36.90 88.49
N TYR C 754 61.66 -37.03 89.76
CA TYR C 754 63.08 -37.23 90.09
C TYR C 754 63.63 -38.47 89.42
N SER C 755 62.88 -39.58 89.49
CA SER C 755 63.32 -40.82 88.88
C SER C 755 63.52 -40.67 87.38
N LYS C 756 62.53 -40.11 86.67
CA LYS C 756 62.66 -39.91 85.24
C LYS C 756 63.88 -39.06 84.92
N ILE C 757 64.11 -38.00 85.71
CA ILE C 757 65.26 -37.14 85.45
C ILE C 757 66.55 -37.91 85.62
N ARG C 758 66.66 -38.70 86.69
CA ARG C 758 67.89 -39.45 86.91
C ARG C 758 68.04 -40.64 85.98
N ARG C 759 67.01 -41.00 85.23
CA ARG C 759 67.20 -41.98 84.16
C ARG C 759 68.26 -41.52 83.17
N HIS C 760 68.48 -40.21 83.06
CA HIS C 760 69.35 -39.63 82.04
C HIS C 760 70.57 -39.01 82.70
N PRO C 761 71.74 -39.63 82.61
CA PRO C 761 72.90 -39.12 83.36
C PRO C 761 73.38 -37.75 82.93
N ASN C 762 73.04 -37.31 81.71
CA ASN C 762 73.52 -36.02 81.22
C ASN C 762 72.75 -34.84 81.79
N ILE C 763 71.64 -35.07 82.49
CA ILE C 763 70.89 -33.98 83.11
C ILE C 763 71.50 -33.66 84.47
N MET C 764 71.78 -32.38 84.70
CA MET C 764 72.25 -31.88 85.99
C MET C 764 71.09 -31.18 86.67
N LEU C 765 70.78 -31.58 87.90
CA LEU C 765 69.57 -31.13 88.60
C LEU C 765 69.92 -29.99 89.54
N ILE C 766 69.41 -28.80 89.24
CA ILE C 766 69.59 -27.62 90.05
C ILE C 766 68.26 -27.29 90.72
N PHE C 767 68.32 -26.91 92.00
CA PHE C 767 67.15 -26.54 92.77
C PHE C 767 67.25 -25.07 93.15
N GLY C 768 66.18 -24.32 92.90
CA GLY C 768 66.13 -22.92 93.28
C GLY C 768 64.78 -22.51 93.83
N SER C 769 64.48 -21.20 93.81
CA SER C 769 63.22 -20.66 94.31
C SER C 769 63.05 -20.91 95.81
N GLY C 770 63.84 -20.16 96.59
CA GLY C 770 63.52 -19.99 97.98
C GLY C 770 64.69 -20.18 98.93
N PHE C 771 65.89 -20.28 98.39
CA PHE C 771 67.07 -20.62 99.17
C PHE C 771 67.90 -19.38 99.42
N GLY C 772 68.47 -19.30 100.62
CA GLY C 772 69.38 -18.21 100.92
C GLY C 772 70.53 -18.57 101.85
N SER C 773 70.71 -19.83 102.19
CA SER C 773 71.77 -20.19 103.14
C SER C 773 72.11 -21.66 103.00
N ALA C 774 73.26 -22.03 103.57
CA ALA C 774 73.68 -23.42 103.61
C ALA C 774 72.73 -24.27 104.44
N ASP C 775 72.19 -23.71 105.52
CA ASP C 775 71.30 -24.49 106.39
C ASP C 775 70.08 -24.98 105.64
N ASP C 776 69.46 -24.13 104.83
CA ASP C 776 68.23 -24.50 104.17
C ASP C 776 68.45 -25.20 102.83
N THR C 777 69.68 -25.29 102.35
CA THR C 777 69.97 -26.06 101.14
C THR C 777 70.60 -27.40 101.44
N TYR C 778 71.27 -27.55 102.58
CA TYR C 778 71.95 -28.82 102.88
C TYR C 778 71.02 -30.02 102.81
N PRO C 779 69.78 -29.97 103.33
CA PRO C 779 68.89 -31.14 103.17
C PRO C 779 68.68 -31.53 101.73
N TYR C 780 68.64 -30.58 100.81
CA TYR C 780 68.49 -30.90 99.40
C TYR C 780 69.78 -31.39 98.79
N LEU C 781 70.93 -30.95 99.30
CA LEU C 781 72.20 -31.45 98.83
C LEU C 781 72.38 -32.92 99.21
N THR C 782 71.96 -33.30 100.42
CA THR C 782 72.09 -34.68 100.86
C THR C 782 70.90 -35.55 100.47
N GLY C 783 69.83 -34.96 99.94
CA GLY C 783 68.65 -35.70 99.56
C GLY C 783 67.72 -36.02 100.71
N GLU C 784 68.05 -35.62 101.93
CA GLU C 784 67.24 -35.89 103.11
C GLU C 784 65.90 -35.16 103.08
N TRP C 785 65.71 -34.22 102.16
CA TRP C 785 64.46 -33.48 102.10
C TRP C 785 63.29 -34.41 101.78
N SER C 786 63.48 -35.32 100.83
CA SER C 786 62.38 -36.14 100.36
C SER C 786 61.92 -37.18 101.38
N THR C 787 62.69 -37.41 102.44
CA THR C 787 62.26 -38.37 103.45
C THR C 787 61.08 -37.85 104.25
N LYS C 788 60.94 -36.54 104.38
CA LYS C 788 59.80 -35.98 105.09
C LYS C 788 58.50 -36.27 104.36
N PHE C 789 58.57 -36.58 103.07
CA PHE C 789 57.41 -36.97 102.28
C PHE C 789 57.30 -38.49 102.16
N ASP C 790 58.01 -39.24 103.00
CA ASP C 790 58.03 -40.69 102.95
C ASP C 790 58.49 -41.17 101.57
N TYR C 791 59.66 -40.70 101.17
CA TYR C 791 60.33 -41.07 99.94
C TYR C 791 61.78 -41.39 100.25
N PRO C 792 62.46 -42.09 99.35
CA PRO C 792 63.91 -42.27 99.51
C PRO C 792 64.65 -40.97 99.27
N PRO C 793 65.85 -40.81 99.84
CA PRO C 793 66.58 -39.57 99.64
C PRO C 793 66.81 -39.28 98.16
N MET C 794 66.69 -38.01 97.79
CA MET C 794 66.86 -37.61 96.40
C MET C 794 67.80 -36.41 96.30
N PRO C 795 69.11 -36.66 96.34
CA PRO C 795 70.09 -35.56 96.30
C PRO C 795 70.01 -34.77 95.02
N PHE C 796 70.36 -33.50 95.10
CA PHE C 796 70.36 -32.60 93.97
C PHE C 796 71.78 -32.21 93.59
N ASP C 797 71.95 -31.73 92.36
CA ASP C 797 73.27 -31.43 91.84
C ASP C 797 73.75 -30.02 92.14
N GLY C 798 72.85 -29.08 92.39
CA GLY C 798 73.27 -27.71 92.67
C GLY C 798 72.08 -26.84 92.99
N PHE C 799 72.37 -25.57 93.26
CA PHE C 799 71.36 -24.61 93.68
C PHE C 799 71.59 -23.27 93.00
N LEU C 800 70.52 -22.51 92.86
CA LEU C 800 70.57 -21.14 92.34
C LEU C 800 69.94 -20.20 93.34
N PHE C 801 70.52 -19.02 93.49
CA PHE C 801 70.07 -18.01 94.44
C PHE C 801 69.81 -16.71 93.69
N GLY C 802 68.55 -16.43 93.37
CA GLY C 802 68.18 -15.19 92.74
C GLY C 802 68.01 -14.02 93.70
N SER C 803 66.99 -14.11 94.57
CA SER C 803 66.68 -12.99 95.46
C SER C 803 67.77 -12.74 96.49
N ARG C 804 68.51 -13.79 96.87
CA ARG C 804 69.41 -13.69 98.01
C ARG C 804 70.52 -12.67 97.79
N VAL C 805 70.88 -12.41 96.53
CA VAL C 805 72.02 -11.56 96.24
C VAL C 805 71.62 -10.16 95.80
N MET C 806 70.33 -9.83 95.81
CA MET C 806 69.90 -8.53 95.31
C MET C 806 70.39 -7.39 96.19
N ILE C 807 70.82 -7.66 97.42
CA ILE C 807 71.40 -6.63 98.27
C ILE C 807 72.90 -6.87 98.42
N ALA C 808 73.51 -7.49 97.41
CA ALA C 808 74.96 -7.62 97.40
C ALA C 808 75.60 -6.27 97.09
N LYS C 809 76.86 -6.11 97.54
CA LYS C 809 77.53 -4.83 97.38
C LYS C 809 77.74 -4.46 95.93
N GLU C 810 77.92 -5.45 95.05
CA GLU C 810 78.24 -5.17 93.66
C GLU C 810 77.03 -5.05 92.75
N VAL C 811 75.83 -5.32 93.24
CA VAL C 811 74.63 -5.15 92.43
C VAL C 811 74.26 -3.67 92.39
N LYS C 812 73.55 -3.27 91.34
CA LYS C 812 73.27 -1.86 91.08
C LYS C 812 71.97 -1.38 91.73
N THR C 813 71.37 -2.17 92.61
CA THR C 813 70.17 -1.74 93.31
C THR C 813 70.46 -0.47 94.09
N SER C 814 69.50 0.46 94.07
CA SER C 814 69.69 1.73 94.77
C SER C 814 69.73 1.49 96.28
N PRO C 815 70.50 2.29 97.02
CA PRO C 815 70.59 2.06 98.47
C PRO C 815 69.24 2.04 99.17
N ASP C 816 68.32 2.92 98.80
CA ASP C 816 66.98 2.87 99.39
C ASP C 816 66.25 1.61 98.95
N ALA C 817 66.47 1.17 97.70
CA ALA C 817 65.90 -0.10 97.27
C ALA C 817 66.48 -1.27 98.06
N LYS C 818 67.78 -1.23 98.35
CA LYS C 818 68.37 -2.27 99.17
C LYS C 818 67.76 -2.30 100.56
N LYS C 819 67.57 -1.11 101.16
CA LYS C 819 66.93 -1.07 102.48
C LYS C 819 65.51 -1.60 102.41
N CYS C 820 64.77 -1.24 101.36
CA CYS C 820 63.42 -1.75 101.21
C CYS C 820 63.41 -3.26 101.12
N ILE C 821 64.31 -3.83 100.33
CA ILE C 821 64.39 -5.28 100.19
C ILE C 821 64.66 -5.90 101.54
N ALA C 822 65.69 -5.41 102.23
CA ALA C 822 66.05 -5.97 103.52
C ALA C 822 64.90 -5.90 104.52
N ALA C 823 64.11 -4.82 104.47
CA ALA C 823 63.01 -4.66 105.42
C ALA C 823 61.92 -5.71 105.23
N CYS C 824 61.84 -6.33 104.06
CA CYS C 824 60.88 -7.40 103.85
C CYS C 824 61.26 -8.56 104.74
N THR C 825 60.27 -9.23 105.33
CA THR C 825 60.56 -10.31 106.27
C THR C 825 60.41 -11.67 105.65
N GLY C 826 59.71 -11.74 104.52
CA GLY C 826 59.49 -13.01 103.87
C GLY C 826 58.53 -13.88 104.65
N VAL C 827 58.27 -15.06 104.11
CA VAL C 827 57.31 -15.99 104.70
C VAL C 827 57.80 -17.41 104.49
N PRO C 828 57.40 -18.32 105.39
CA PRO C 828 57.72 -19.74 105.17
C PRO C 828 56.98 -20.32 103.97
N ASP C 829 57.49 -21.45 103.49
CA ASP C 829 57.02 -22.02 102.23
C ASP C 829 55.54 -22.37 102.27
N ASP C 830 55.03 -22.78 103.43
CA ASP C 830 53.64 -23.22 103.50
C ASP C 830 52.65 -22.08 103.33
N LYS C 831 53.12 -20.82 103.31
CA LYS C 831 52.24 -19.68 103.17
C LYS C 831 52.57 -18.79 101.97
N TRP C 832 53.55 -19.16 101.15
CA TRP C 832 53.90 -18.32 100.01
C TRP C 832 52.70 -18.09 99.09
N GLU C 833 51.76 -19.03 99.06
CA GLU C 833 50.60 -18.89 98.18
C GLU C 833 49.76 -17.69 98.55
N GLN C 834 49.94 -17.11 99.74
CA GLN C 834 49.20 -15.93 100.14
C GLN C 834 49.88 -14.67 99.63
N THR C 835 50.24 -14.66 98.35
CA THR C 835 50.65 -13.45 97.65
C THR C 835 49.74 -13.15 96.48
N TYR C 836 48.91 -14.11 96.05
CA TYR C 836 47.93 -13.83 95.03
C TYR C 836 46.81 -12.93 95.52
N LYS C 837 46.69 -12.72 96.83
CA LYS C 837 45.57 -12.00 97.40
C LYS C 837 45.98 -10.74 98.16
N LYS C 838 47.07 -10.78 98.91
CA LYS C 838 47.45 -9.65 99.75
C LYS C 838 48.93 -9.73 100.05
N PRO C 839 49.54 -8.64 100.48
CA PRO C 839 50.95 -8.69 100.85
C PRO C 839 51.19 -9.68 101.98
N THR C 840 52.30 -10.41 101.89
CA THR C 840 52.69 -11.38 102.90
C THR C 840 54.21 -11.37 103.00
N GLY C 841 54.72 -11.11 104.20
CA GLY C 841 56.15 -10.95 104.36
C GLY C 841 56.72 -9.78 103.60
N GLY C 842 55.88 -8.84 103.17
CA GLY C 842 56.32 -7.70 102.40
C GLY C 842 56.28 -7.90 100.89
N ILE C 843 55.81 -9.04 100.41
CA ILE C 843 55.75 -9.32 98.98
C ILE C 843 54.32 -9.64 98.61
N VAL C 844 53.98 -9.35 97.35
CA VAL C 844 52.66 -9.60 96.79
C VAL C 844 52.83 -9.99 95.33
N THR C 845 51.76 -10.52 94.75
CA THR C 845 51.76 -10.95 93.35
C THR C 845 50.87 -10.01 92.54
N VAL C 846 51.39 -9.57 91.38
CA VAL C 846 50.65 -8.75 90.45
C VAL C 846 50.86 -9.29 89.05
N ARG C 847 49.98 -8.92 88.14
CA ARG C 847 50.01 -9.43 86.78
C ARG C 847 50.79 -8.48 85.88
N SER C 848 51.47 -9.05 84.89
CA SER C 848 52.28 -8.27 83.97
C SER C 848 51.41 -7.82 82.79
N GLU C 849 52.04 -7.25 81.77
CA GLU C 849 51.31 -6.79 80.59
C GLU C 849 50.54 -7.93 79.94
N MET C 850 51.18 -9.10 79.81
CA MET C 850 50.56 -10.26 79.20
C MET C 850 49.72 -11.06 80.18
N GLY C 851 49.74 -10.70 81.46
CA GLY C 851 48.96 -11.39 82.46
C GLY C 851 49.70 -12.42 83.27
N GLU C 852 51.03 -12.40 83.27
CA GLU C 852 51.78 -13.41 84.02
C GLU C 852 52.03 -12.94 85.45
N PRO C 853 51.90 -13.82 86.44
CA PRO C 853 52.20 -13.40 87.82
C PRO C 853 53.65 -12.99 87.99
N ILE C 854 53.86 -11.97 88.83
CA ILE C 854 55.19 -11.53 89.21
C ILE C 854 55.19 -11.27 90.71
N HIS C 855 56.26 -11.69 91.38
CA HIS C 855 56.43 -11.41 92.79
C HIS C 855 57.21 -10.11 92.95
N LYS C 856 56.56 -9.10 93.52
CA LYS C 856 57.18 -7.79 93.72
C LYS C 856 56.97 -7.35 95.16
N ILE C 857 57.86 -6.50 95.65
CA ILE C 857 57.70 -5.93 96.98
C ILE C 857 56.46 -5.06 97.01
N ALA C 858 55.67 -5.19 98.08
CA ALA C 858 54.40 -4.47 98.19
C ALA C 858 54.67 -3.02 98.57
N THR C 859 55.15 -2.27 97.57
CA THR C 859 55.28 -0.83 97.67
C THR C 859 53.98 -0.16 97.25
N ARG C 860 53.86 1.12 97.57
CA ARG C 860 52.65 1.85 97.20
C ARG C 860 52.41 1.77 95.69
N GLY C 861 53.48 1.84 94.90
CA GLY C 861 53.31 1.68 93.46
C GLY C 861 52.78 0.32 93.08
N VAL C 862 53.32 -0.73 93.71
CA VAL C 862 52.86 -2.08 93.41
C VAL C 862 51.42 -2.28 93.92
N MET C 863 51.09 -1.67 95.06
CA MET C 863 49.72 -1.78 95.55
C MET C 863 48.74 -1.11 94.61
N LEU C 864 49.12 0.05 94.06
CA LEU C 864 48.29 0.68 93.03
C LEU C 864 48.20 -0.23 91.81
N TRP C 865 49.31 -0.85 91.43
CA TRP C 865 49.31 -1.80 90.31
C TRP C 865 48.29 -2.91 90.54
N LYS C 866 48.27 -3.49 91.74
CA LYS C 866 47.34 -4.56 92.06
C LYS C 866 45.90 -4.07 92.03
N GLU C 867 45.66 -2.88 92.62
CA GLU C 867 44.32 -2.31 92.61
C GLU C 867 43.81 -2.15 91.18
N PHE C 868 44.61 -1.53 90.33
CA PHE C 868 44.21 -1.38 88.94
C PHE C 868 44.03 -2.73 88.27
N ASP C 869 44.90 -3.69 88.56
CA ASP C 869 44.76 -5.03 87.99
C ASP C 869 43.36 -5.56 88.23
N GLU C 870 42.88 -5.45 89.47
CA GLU C 870 41.57 -6.02 89.79
C GLU C 870 40.41 -5.06 89.54
N THR C 871 40.65 -3.79 89.19
CA THR C 871 39.56 -2.84 89.05
C THR C 871 39.41 -2.23 87.66
N ILE C 872 40.48 -2.12 86.86
CA ILE C 872 40.45 -1.48 85.56
C ILE C 872 40.88 -2.46 84.46
N PHE C 873 42.02 -3.13 84.65
CA PHE C 873 42.63 -3.89 83.57
C PHE C 873 41.92 -5.21 83.31
N ASN C 874 41.08 -5.67 84.22
CA ASN C 874 40.26 -6.86 84.00
C ASN C 874 38.92 -6.54 83.39
N LEU C 875 38.62 -5.26 83.15
CA LEU C 875 37.35 -4.90 82.57
C LEU C 875 37.30 -5.28 81.09
N PRO C 876 36.11 -5.59 80.56
CA PRO C 876 35.98 -5.82 79.13
C PRO C 876 36.23 -4.54 78.34
N LYS C 877 36.48 -4.71 77.05
CA LYS C 877 36.87 -3.56 76.22
C LYS C 877 35.78 -2.50 76.21
N ASN C 878 34.52 -2.90 76.08
CA ASN C 878 33.43 -1.95 76.00
C ASN C 878 33.20 -1.17 77.29
N LYS C 879 33.83 -1.58 78.40
CA LYS C 879 33.68 -0.89 79.66
C LYS C 879 34.93 -0.14 80.10
N LEU C 880 36.06 -0.35 79.42
CA LEU C 880 37.31 0.25 79.88
C LEU C 880 37.24 1.77 79.85
N VAL C 881 36.87 2.33 78.69
CA VAL C 881 36.88 3.79 78.54
C VAL C 881 35.88 4.45 79.47
N PRO C 882 34.62 4.00 79.57
CA PRO C 882 33.71 4.62 80.54
C PRO C 882 34.26 4.61 81.95
N THR C 883 34.93 3.53 82.36
CA THR C 883 35.48 3.47 83.70
C THR C 883 36.61 4.48 83.87
N LEU C 884 37.53 4.54 82.92
CA LEU C 884 38.58 5.54 82.99
C LEU C 884 38.00 6.94 83.09
N GLU C 885 36.99 7.23 82.27
CA GLU C 885 36.37 8.54 82.28
C GLU C 885 35.71 8.83 83.62
N ALA C 886 35.04 7.84 84.20
CA ALA C 886 34.39 8.03 85.49
C ALA C 886 35.39 8.25 86.60
N LYS C 887 36.59 7.65 86.49
CA LYS C 887 37.55 7.64 87.57
C LYS C 887 38.78 8.50 87.27
N ARG C 888 38.65 9.47 86.37
CA ARG C 888 39.81 10.23 85.94
C ARG C 888 40.50 10.91 87.12
N ASP C 889 39.72 11.55 87.99
CA ASP C 889 40.32 12.31 89.08
C ASP C 889 41.02 11.38 90.06
N TYR C 890 40.36 10.30 90.45
CA TYR C 890 40.98 9.35 91.38
C TYR C 890 42.22 8.73 90.77
N ILE C 891 42.15 8.33 89.50
CA ILE C 891 43.30 7.72 88.84
C ILE C 891 44.46 8.69 88.77
N ILE C 892 44.19 9.94 88.39
CA ILE C 892 45.26 10.93 88.29
C ILE C 892 45.90 11.18 89.64
N SER C 893 45.08 11.30 90.69
CA SER C 893 45.65 11.54 92.01
C SER C 893 46.50 10.36 92.46
N ARG C 894 46.02 9.13 92.22
CA ARG C 894 46.82 7.96 92.58
C ARG C 894 48.13 7.94 91.81
N LEU C 895 48.09 8.22 90.51
CA LEU C 895 49.32 8.23 89.72
C LEU C 895 50.31 9.25 90.27
N ASN C 896 49.83 10.46 90.55
CA ASN C 896 50.75 11.49 91.01
C ASN C 896 51.26 11.22 92.41
N ALA C 897 50.50 10.51 93.23
CA ALA C 897 50.92 10.29 94.61
C ALA C 897 51.82 9.07 94.78
N ASP C 898 51.50 7.96 94.09
CA ASP C 898 51.99 6.65 94.52
C ASP C 898 52.63 5.81 93.43
N PHE C 899 52.96 6.38 92.27
CA PHE C 899 53.48 5.58 91.17
C PHE C 899 54.73 6.20 90.57
N GLN C 900 55.52 5.34 89.92
CA GLN C 900 56.76 5.75 89.28
C GLN C 900 56.54 6.46 87.95
N LYS C 901 55.35 6.37 87.37
CA LYS C 901 54.99 7.07 86.13
C LYS C 901 53.85 8.02 86.44
N PRO C 902 54.12 9.26 86.81
CA PRO C 902 53.06 10.18 87.21
C PRO C 902 52.26 10.69 86.03
N TRP C 903 51.13 11.31 86.35
CA TRP C 903 50.32 12.00 85.35
C TRP C 903 51.13 13.16 84.75
N PHE C 904 51.32 13.13 83.43
CA PHE C 904 52.19 14.14 82.82
C PHE C 904 51.65 15.54 83.03
N ALA C 905 50.37 15.76 82.73
CA ALA C 905 49.79 17.10 82.73
C ALA C 905 49.41 17.50 84.16
N THR C 906 50.45 17.80 84.94
CA THR C 906 50.31 18.24 86.32
C THR C 906 51.23 19.44 86.49
N VAL C 907 50.66 20.63 86.58
CA VAL C 907 51.42 21.88 86.67
C VAL C 907 51.34 22.36 88.10
N ASN C 908 52.49 22.37 88.78
CA ASN C 908 52.57 22.86 90.15
C ASN C 908 51.55 22.18 91.05
N GLY C 909 51.38 20.87 90.86
CA GLY C 909 50.49 20.08 91.67
C GLY C 909 49.04 20.11 91.27
N GLN C 910 48.67 20.89 90.27
CA GLN C 910 47.29 20.98 89.80
C GLN C 910 47.13 20.05 88.61
N ALA C 911 46.22 19.08 88.73
CA ALA C 911 45.97 18.15 87.63
C ALA C 911 45.33 18.88 86.46
N ARG C 912 45.69 18.49 85.25
CA ARG C 912 45.25 19.17 84.05
C ARG C 912 45.12 18.15 82.93
N ASP C 913 45.07 18.63 81.69
CA ASP C 913 45.17 17.80 80.51
C ASP C 913 46.20 18.41 79.57
N LEU C 914 46.61 17.63 78.58
CA LEU C 914 47.50 18.17 77.56
C LEU C 914 46.86 19.36 76.85
N ALA C 915 45.55 19.29 76.62
CA ALA C 915 44.85 20.37 75.94
C ALA C 915 44.76 21.64 76.77
N THR C 916 44.99 21.54 78.08
CA THR C 916 44.87 22.65 79.01
C THR C 916 46.24 23.14 79.49
N MET C 917 47.31 22.71 78.84
CA MET C 917 48.66 23.14 79.16
C MET C 917 49.19 24.09 78.10
N THR C 918 50.05 25.00 78.52
CA THR C 918 50.68 25.88 77.57
C THR C 918 51.92 25.17 77.05
N TYR C 919 52.44 25.59 75.92
CA TYR C 919 53.65 25.00 75.37
C TYR C 919 54.81 25.11 76.36
N GLU C 920 54.93 26.26 77.01
CA GLU C 920 55.99 26.45 77.97
C GLU C 920 55.84 25.48 79.14
N GLU C 921 54.62 25.27 79.60
CA GLU C 921 54.37 24.34 80.70
C GLU C 921 54.75 22.92 80.30
N VAL C 922 54.48 22.55 79.05
CA VAL C 922 54.85 21.23 78.56
C VAL C 922 56.37 21.07 78.53
N ALA C 923 57.07 22.09 78.01
CA ALA C 923 58.52 22.01 77.92
C ALA C 923 59.16 21.89 79.30
N LYS C 924 58.69 22.71 80.25
CA LYS C 924 59.23 22.66 81.60
C LYS C 924 58.93 21.33 82.28
N ARG C 925 57.74 20.77 82.06
CA ARG C 925 57.41 19.48 82.64
C ARG C 925 58.30 18.38 82.07
N LEU C 926 58.56 18.43 80.77
CA LEU C 926 59.48 17.45 80.18
C LEU C 926 60.86 17.56 80.80
N VAL C 927 61.35 18.78 80.99
CA VAL C 927 62.67 18.94 81.60
C VAL C 927 62.65 18.46 83.05
N GLU C 928 61.55 18.68 83.75
CA GLU C 928 61.47 18.28 85.14
C GLU C 928 61.44 16.77 85.30
N LEU C 929 60.83 16.06 84.35
CA LEU C 929 60.67 14.63 84.47
C LEU C 929 61.76 13.82 83.78
N MET C 930 62.51 14.40 82.85
CA MET C 930 63.52 13.64 82.11
C MET C 930 64.94 14.08 82.36
N PHE C 931 65.17 15.21 83.03
CA PHE C 931 66.50 15.74 83.26
C PHE C 931 66.85 15.60 84.73
N ILE C 932 68.01 15.02 85.00
CA ILE C 932 68.45 14.79 86.37
C ILE C 932 69.33 15.95 86.80
N ARG C 933 68.94 16.61 87.88
CA ARG C 933 69.71 17.74 88.39
C ARG C 933 70.98 17.28 89.09
N SER C 934 70.90 16.17 89.83
CA SER C 934 72.07 15.70 90.57
C SER C 934 73.23 15.42 89.63
N THR C 935 72.97 14.71 88.53
CA THR C 935 74.00 14.41 87.55
C THR C 935 74.12 15.46 86.47
N ASN C 936 73.24 16.47 86.47
CA ASN C 936 73.31 17.55 85.49
C ASN C 936 73.21 17.03 84.06
N SER C 937 72.49 15.93 83.87
CA SER C 937 72.38 15.35 82.55
C SER C 937 70.98 14.78 82.35
N TRP C 938 70.64 14.57 81.09
CA TRP C 938 69.46 13.81 80.74
C TRP C 938 69.68 12.35 81.11
N PHE C 939 68.62 11.69 81.57
CA PHE C 939 68.76 10.29 81.94
C PHE C 939 69.14 9.44 80.74
N ASP C 940 68.62 9.77 79.56
CA ASP C 940 69.09 9.14 78.35
C ASP C 940 68.85 10.06 77.18
N VAL C 941 69.57 9.81 76.08
CA VAL C 941 69.63 10.76 74.99
C VAL C 941 68.35 10.78 74.15
N THR C 942 67.55 9.71 74.21
CA THR C 942 66.31 9.71 73.45
C THR C 942 65.28 10.65 74.07
N TRP C 943 65.31 10.80 75.39
CA TRP C 943 64.46 11.81 76.03
C TRP C 943 64.93 13.21 75.68
N ARG C 944 66.25 13.41 75.57
CA ARG C 944 66.80 14.66 75.06
C ARG C 944 66.26 14.94 73.66
N THR C 945 66.28 13.94 72.79
CA THR C 945 65.76 14.10 71.44
C THR C 945 64.27 14.41 71.47
N PHE C 946 63.52 13.78 72.37
CA PHE C 946 62.09 14.06 72.50
C PHE C 946 61.86 15.53 72.82
N THR C 947 62.54 16.05 73.83
CA THR C 947 62.35 17.44 74.22
C THR C 947 62.78 18.39 73.09
N GLY C 948 63.89 18.07 72.42
CA GLY C 948 64.30 18.90 71.29
C GLY C 948 63.30 18.89 70.15
N ASP C 949 62.71 17.74 69.87
CA ASP C 949 61.67 17.67 68.85
C ASP C 949 60.49 18.57 69.23
N PHE C 950 60.10 18.52 70.50
CA PHE C 950 59.00 19.35 70.95
C PHE C 950 59.32 20.84 70.78
N LEU C 951 60.53 21.26 71.13
CA LEU C 951 60.89 22.66 70.98
C LEU C 951 60.95 23.08 69.51
N ARG C 952 61.41 22.20 68.63
CA ARG C 952 61.37 22.50 67.21
C ARG C 952 59.93 22.68 66.74
N ARG C 953 59.01 21.87 67.21
CA ARG C 953 57.61 22.03 66.85
C ARG C 953 57.07 23.34 67.40
N VAL C 954 57.46 23.72 68.60
CA VAL C 954 57.04 25.01 69.14
C VAL C 954 57.45 26.13 68.20
N GLU C 955 58.72 26.14 67.79
CA GLU C 955 59.20 27.15 66.86
C GLU C 955 58.38 27.12 65.57
N GLU C 956 58.08 25.94 65.04
CA GLU C 956 57.35 25.84 63.79
C GLU C 956 55.95 26.43 63.96
N ARG C 957 55.30 26.13 65.09
CA ARG C 957 53.95 26.63 65.30
C ARG C 957 53.92 28.15 65.39
N PHE C 958 54.87 28.75 66.11
CA PHE C 958 54.75 30.17 66.42
C PHE C 958 55.62 31.07 65.54
N THR C 959 56.22 30.54 64.49
CA THR C 959 57.01 31.36 63.59
C THR C 959 56.17 31.78 62.40
N LYS C 960 56.45 32.97 61.88
CA LYS C 960 55.67 33.52 60.79
C LYS C 960 56.30 33.32 59.41
N SER C 961 57.57 32.97 59.33
CA SER C 961 58.24 32.78 58.06
C SER C 961 59.42 31.83 58.24
N LYS C 962 60.02 31.44 57.11
CA LYS C 962 61.26 30.67 57.14
C LYS C 962 62.26 31.33 58.09
N THR C 963 62.85 30.53 58.96
CA THR C 963 63.81 31.05 59.92
C THR C 963 64.78 29.95 60.30
N LEU C 964 65.91 30.35 60.85
CA LEU C 964 66.86 29.41 61.41
C LEU C 964 66.38 28.93 62.78
N SER C 965 66.42 27.62 62.99
CA SER C 965 66.07 27.07 64.28
C SER C 965 67.01 27.61 65.35
N LEU C 966 66.44 27.90 66.52
CA LEU C 966 67.23 28.32 67.66
C LEU C 966 67.84 27.14 68.41
N ILE C 967 67.40 25.92 68.14
CA ILE C 967 68.07 24.72 68.62
C ILE C 967 68.74 24.05 67.43
N GLN C 968 69.98 24.43 67.15
CA GLN C 968 70.66 23.87 65.99
C GLN C 968 71.13 22.45 66.25
N SER C 969 71.65 22.20 67.45
CA SER C 969 72.03 20.86 67.88
C SER C 969 71.36 20.59 69.22
N TYR C 970 70.79 19.40 69.38
CA TYR C 970 70.14 19.09 70.65
C TYR C 970 71.14 19.03 71.79
N SER C 971 72.43 19.00 71.49
CA SER C 971 73.44 19.10 72.54
C SER C 971 73.31 20.39 73.33
N LEU C 972 72.68 21.42 72.75
CA LEU C 972 72.43 22.65 73.51
C LEU C 972 71.50 22.40 74.69
N LEU C 973 70.75 21.30 74.68
CA LEU C 973 69.82 21.02 75.76
C LEU C 973 70.51 20.46 77.00
N ASP C 974 71.83 20.35 77.00
CA ASP C 974 72.54 19.95 78.22
C ASP C 974 72.45 21.01 79.31
N LYS C 975 71.93 22.20 78.98
CA LYS C 975 71.52 23.20 79.95
C LYS C 975 70.07 23.55 79.62
N PRO C 976 69.12 22.72 80.03
CA PRO C 976 67.75 22.85 79.51
C PRO C 976 67.12 24.20 79.81
N ASP C 977 67.42 24.77 80.98
CA ASP C 977 66.78 26.03 81.35
C ASP C 977 67.08 27.11 80.33
N GLU C 978 68.35 27.23 79.93
CA GLU C 978 68.72 28.29 78.99
C GLU C 978 68.11 28.07 77.62
N ALA C 979 68.06 26.82 77.16
CA ALA C 979 67.46 26.54 75.87
C ALA C 979 65.97 26.85 75.88
N ILE C 980 65.28 26.51 76.96
CA ILE C 980 63.86 26.83 77.07
C ILE C 980 63.66 28.33 77.08
N GLU C 981 64.49 29.04 77.85
CA GLU C 981 64.39 30.50 77.89
C GLU C 981 64.59 31.10 76.51
N LYS C 982 65.59 30.61 75.78
CA LYS C 982 65.83 31.11 74.44
C LYS C 982 64.61 30.89 73.55
N VAL C 983 64.09 29.66 73.54
CA VAL C 983 62.99 29.33 72.64
C VAL C 983 61.78 30.21 72.93
N PHE C 984 61.45 30.37 74.22
CA PHE C 984 60.23 31.09 74.57
C PHE C 984 60.43 32.59 74.69
N ASN C 985 61.66 33.07 74.65
CA ASN C 985 61.90 34.49 74.43
C ASN C 985 61.76 34.83 72.96
N ALA C 986 62.13 33.91 72.07
CA ALA C 986 61.91 34.17 70.65
C ALA C 986 60.43 34.12 70.28
N TYR C 987 59.64 33.30 70.97
CA TYR C 987 58.23 33.10 70.67
C TYR C 987 57.42 33.24 71.96
N PRO C 988 57.32 34.46 72.48
CA PRO C 988 56.66 34.66 73.78
C PRO C 988 55.18 34.28 73.80
N ALA C 989 54.53 34.24 72.65
CA ALA C 989 53.12 33.89 72.60
C ALA C 989 52.87 32.45 73.01
N ALA C 990 53.90 31.62 73.00
CA ALA C 990 53.78 30.21 73.38
C ALA C 990 53.74 30.02 74.90
N ARG C 991 53.94 31.08 75.66
CA ARG C 991 53.89 30.95 77.11
C ARG C 991 52.47 31.09 77.65
N GLU C 992 51.51 31.46 76.81
CA GLU C 992 50.15 31.70 77.27
C GLU C 992 49.11 31.22 76.26
N GLN C 993 49.45 30.19 75.50
CA GLN C 993 48.49 29.61 74.57
C GLN C 993 48.51 28.11 74.81
N PHE C 994 47.35 27.51 74.92
CA PHE C 994 47.29 26.07 75.09
C PHE C 994 47.75 25.39 73.84
N LEU C 995 48.10 24.13 73.96
CA LEU C 995 48.55 23.37 72.80
C LEU C 995 47.47 23.36 71.73
N ASN C 996 47.88 23.65 70.50
CA ASN C 996 47.03 23.35 69.35
C ASN C 996 46.70 21.86 69.38
N ALA C 997 45.45 21.53 69.05
CA ALA C 997 45.02 20.14 69.08
C ALA C 997 45.95 19.25 68.26
N GLN C 998 46.42 19.78 67.11
CA GLN C 998 47.36 19.02 66.29
C GLN C 998 48.64 18.71 67.04
N ASP C 999 49.12 19.65 67.85
CA ASP C 999 50.34 19.42 68.60
C ASP C 999 50.11 18.45 69.75
N ILE C 1000 48.91 18.42 70.32
CA ILE C 1000 48.57 17.33 71.25
C ILE C 1000 48.72 15.99 70.57
N ASP C 1001 48.15 15.87 69.37
CA ASP C 1001 48.24 14.60 68.64
C ASP C 1001 49.70 14.26 68.35
N HIS C 1002 50.49 15.26 67.95
CA HIS C 1002 51.91 15.02 67.68
C HIS C 1002 52.66 14.57 68.93
N PHE C 1003 52.39 15.23 70.06
CA PHE C 1003 53.03 14.84 71.32
C PHE C 1003 52.71 13.39 71.66
N LEU C 1004 51.43 13.02 71.59
CA LEU C 1004 51.07 11.65 71.93
C LEU C 1004 51.62 10.66 70.92
N SER C 1005 51.72 11.06 69.66
CA SER C 1005 52.35 10.21 68.65
C SER C 1005 53.78 9.90 69.02
N MET C 1006 54.55 10.92 69.39
CA MET C 1006 55.95 10.68 69.69
C MET C 1006 56.17 10.17 71.11
N CYS C 1007 55.12 10.08 71.91
CA CYS C 1007 55.17 9.25 73.11
C CYS C 1007 55.13 7.76 72.78
N GLN C 1008 54.75 7.41 71.55
CA GLN C 1008 54.62 6.02 71.11
C GLN C 1008 55.69 5.65 70.10
N ASN C 1009 56.86 6.28 70.18
CA ASN C 1009 57.93 6.04 69.22
C ASN C 1009 58.68 4.78 69.59
N PRO C 1010 58.71 3.75 68.73
CA PRO C 1010 59.39 2.50 69.13
C PRO C 1010 60.87 2.65 69.38
N MET C 1011 61.57 3.47 68.60
CA MET C 1011 63.02 3.64 68.73
C MET C 1011 63.34 4.73 69.75
N GLN C 1012 62.90 4.51 70.98
CA GLN C 1012 62.96 5.52 72.00
C GLN C 1012 62.62 4.86 73.33
N LYS C 1013 63.37 5.20 74.37
CA LYS C 1013 63.06 4.69 75.70
C LYS C 1013 61.67 5.17 76.12
N PRO C 1014 60.79 4.29 76.61
CA PRO C 1014 59.43 4.73 76.94
C PRO C 1014 59.44 5.90 77.91
N VAL C 1015 58.55 6.86 77.65
CA VAL C 1015 58.54 8.10 78.43
C VAL C 1015 58.16 7.79 79.87
N PRO C 1016 58.74 8.48 80.85
CA PRO C 1016 58.49 8.16 82.26
C PRO C 1016 57.26 8.86 82.85
N PHE C 1017 56.13 8.76 82.16
CA PHE C 1017 54.91 9.40 82.64
C PHE C 1017 53.73 8.85 81.84
N VAL C 1018 52.53 9.11 82.38
CA VAL C 1018 51.28 8.74 81.72
C VAL C 1018 50.73 10.00 81.04
N PRO C 1019 50.66 10.05 79.71
CA PRO C 1019 50.27 11.30 79.05
C PRO C 1019 48.79 11.42 78.73
N VAL C 1020 48.01 10.34 78.82
CA VAL C 1020 46.62 10.34 78.41
C VAL C 1020 45.95 9.11 78.99
N LEU C 1021 44.63 9.17 79.15
CA LEU C 1021 43.82 8.03 79.56
C LEU C 1021 42.99 7.58 78.37
N ASP C 1022 43.24 6.38 77.89
CA ASP C 1022 42.56 5.86 76.71
C ASP C 1022 42.71 4.34 76.70
N ARG C 1023 42.43 3.73 75.56
CA ARG C 1023 42.48 2.27 75.46
C ARG C 1023 43.87 1.70 75.74
N ARG C 1024 44.92 2.50 75.66
CA ARG C 1024 46.28 2.03 75.88
C ARG C 1024 46.82 2.43 77.26
N PHE C 1025 45.92 2.64 78.22
CA PHE C 1025 46.36 3.01 79.56
C PHE C 1025 47.16 1.89 80.20
N GLU C 1026 46.79 0.64 79.95
CA GLU C 1026 47.56 -0.47 80.52
C GLU C 1026 48.99 -0.47 80.01
N ILE C 1027 49.16 -0.25 78.71
CA ILE C 1027 50.52 -0.19 78.16
C ILE C 1027 51.28 0.98 78.75
N PHE C 1028 50.65 2.14 78.84
CA PHE C 1028 51.34 3.30 79.40
C PHE C 1028 51.72 3.05 80.85
N PHE C 1029 50.86 2.38 81.60
CA PHE C 1029 51.07 2.20 83.04
C PHE C 1029 52.14 1.15 83.32
N LYS C 1030 52.21 0.10 82.51
CA LYS C 1030 53.02 -1.07 82.85
C LYS C 1030 54.37 -1.11 82.15
N LYS C 1031 54.49 -0.57 80.95
CA LYS C 1031 55.68 -0.80 80.14
C LYS C 1031 56.93 -0.24 80.81
N ASP C 1032 58.01 -1.01 80.73
CA ASP C 1032 59.34 -0.57 81.16
C ASP C 1032 59.33 -0.14 82.63
N SER C 1033 59.00 -1.09 83.50
CA SER C 1033 58.76 -0.81 84.91
C SER C 1033 59.88 -1.27 85.83
N LEU C 1034 60.95 -1.86 85.30
CA LEU C 1034 61.94 -2.52 86.14
C LEU C 1034 63.22 -1.72 86.35
N TRP C 1035 63.51 -0.74 85.49
CA TRP C 1035 64.79 -0.04 85.61
C TRP C 1035 64.80 0.95 86.77
N GLN C 1036 63.64 1.43 87.21
CA GLN C 1036 63.59 2.48 88.21
C GLN C 1036 64.17 2.06 89.55
N SER C 1037 64.26 0.76 89.83
CA SER C 1037 64.78 0.32 91.12
C SER C 1037 66.26 0.65 91.27
N GLU C 1038 67.00 0.65 90.17
CA GLU C 1038 68.43 0.92 90.19
C GLU C 1038 68.78 2.36 89.89
N HIS C 1039 67.81 3.22 89.60
CA HIS C 1039 68.06 4.60 89.20
C HIS C 1039 67.09 5.54 89.89
N LEU C 1040 67.03 5.46 91.23
CA LEU C 1040 66.07 6.28 91.96
C LEU C 1040 66.28 7.77 91.72
N GLU C 1041 67.46 8.18 91.25
CA GLU C 1041 67.68 9.58 90.94
C GLU C 1041 66.79 10.07 89.80
N ALA C 1042 66.20 9.16 89.04
CA ALA C 1042 65.29 9.51 87.96
C ALA C 1042 63.83 9.26 88.33
N VAL C 1043 63.53 9.16 89.62
CA VAL C 1043 62.16 9.03 90.10
C VAL C 1043 61.76 10.34 90.76
N VAL C 1044 60.45 10.55 90.88
CA VAL C 1044 59.93 11.90 91.14
C VAL C 1044 60.53 12.48 92.41
N ASP C 1045 60.47 11.74 93.51
CA ASP C 1045 61.05 12.19 94.76
C ASP C 1045 62.20 11.30 95.20
N GLN C 1046 62.84 10.62 94.25
CA GLN C 1046 63.81 9.57 94.58
C GLN C 1046 63.17 8.55 95.49
N ASP C 1047 61.87 8.33 95.31
CA ASP C 1047 61.07 7.58 96.25
C ASP C 1047 61.01 6.12 95.82
N VAL C 1048 61.58 5.25 96.66
CA VAL C 1048 61.55 3.82 96.35
C VAL C 1048 60.13 3.29 96.41
N GLN C 1049 59.28 3.86 97.28
CA GLN C 1049 57.92 3.36 97.42
C GLN C 1049 57.12 3.50 96.13
N ARG C 1050 57.57 4.33 95.19
CA ARG C 1050 56.91 4.43 93.90
C ARG C 1050 57.33 3.34 92.93
N THR C 1051 58.42 2.62 93.20
CA THR C 1051 59.03 1.73 92.23
C THR C 1051 58.60 0.28 92.46
N CYS C 1052 58.90 -0.57 91.49
CA CYS C 1052 58.58 -1.99 91.55
C CYS C 1052 59.88 -2.78 91.64
N ILE C 1053 59.99 -3.60 92.69
CA ILE C 1053 61.19 -4.38 92.97
C ILE C 1053 60.80 -5.84 93.03
N LEU C 1054 61.34 -6.64 92.11
CA LEU C 1054 61.04 -8.07 92.07
C LEU C 1054 61.78 -8.78 93.19
N HIS C 1055 61.06 -9.60 93.95
CA HIS C 1055 61.67 -10.33 95.06
C HIS C 1055 60.80 -11.51 95.45
N GLY C 1056 61.41 -12.62 95.82
CA GLY C 1056 60.69 -13.82 96.19
C GLY C 1056 60.26 -13.79 97.64
N PRO C 1057 59.05 -14.28 97.91
CA PRO C 1057 58.55 -14.23 99.29
C PRO C 1057 59.35 -15.10 100.25
N VAL C 1058 59.61 -16.35 99.87
CA VAL C 1058 60.31 -17.26 100.76
C VAL C 1058 61.76 -16.87 100.90
N ALA C 1059 62.43 -16.53 99.79
CA ALA C 1059 63.83 -16.16 99.85
C ALA C 1059 64.06 -14.88 100.62
N ALA C 1060 63.04 -14.07 100.81
CA ALA C 1060 63.18 -12.81 101.54
C ALA C 1060 63.60 -13.03 102.98
N GLN C 1061 63.19 -14.15 103.58
CA GLN C 1061 63.55 -14.44 104.97
C GLN C 1061 65.04 -14.40 105.26
N PHE C 1062 65.89 -14.75 104.30
CA PHE C 1062 67.33 -14.81 104.51
C PHE C 1062 68.07 -13.58 104.02
N THR C 1063 67.36 -12.62 103.43
CA THR C 1063 67.97 -11.43 102.88
C THR C 1063 67.85 -10.31 103.89
N LYS C 1064 68.96 -9.98 104.55
CA LYS C 1064 68.92 -8.98 105.61
C LYS C 1064 70.14 -8.10 105.60
N VAL C 1065 71.32 -8.70 105.49
CA VAL C 1065 72.54 -7.90 105.57
C VAL C 1065 72.75 -7.16 104.27
N ILE C 1066 72.87 -5.84 104.36
CA ILE C 1066 72.96 -4.97 103.19
C ILE C 1066 74.41 -4.80 102.77
N ASP C 1067 74.63 -4.80 101.46
CA ASP C 1067 75.95 -4.56 100.87
C ASP C 1067 76.99 -5.53 101.41
N GLU C 1068 76.58 -6.78 101.57
CA GLU C 1068 77.52 -7.87 101.76
C GLU C 1068 78.10 -8.26 100.40
N PRO C 1069 79.42 -8.30 100.25
CA PRO C 1069 79.98 -8.66 98.94
C PRO C 1069 79.50 -10.03 98.49
N ILE C 1070 79.31 -10.18 97.18
CA ILE C 1070 78.80 -11.43 96.63
C ILE C 1070 79.76 -12.57 96.92
N LYS C 1071 81.06 -12.28 96.88
CA LYS C 1071 82.05 -13.25 97.30
C LYS C 1071 81.72 -13.80 98.68
N SER C 1072 81.41 -12.91 99.63
CA SER C 1072 81.12 -13.34 100.98
C SER C 1072 79.86 -14.21 101.04
N ILE C 1073 78.81 -13.84 100.32
CA ILE C 1073 77.56 -14.58 100.38
C ILE C 1073 77.77 -16.00 99.84
N MET C 1074 78.34 -16.09 98.64
CA MET C 1074 78.53 -17.40 98.03
C MET C 1074 79.52 -18.24 98.83
N ASP C 1075 80.60 -17.62 99.32
CA ASP C 1075 81.57 -18.36 100.12
C ASP C 1075 80.96 -18.85 101.41
N GLY C 1076 80.07 -18.05 102.02
CA GLY C 1076 79.40 -18.50 103.23
C GLY C 1076 78.54 -19.71 102.98
N ILE C 1077 77.77 -19.70 101.88
CA ILE C 1077 76.95 -20.87 101.56
C ILE C 1077 77.84 -22.09 101.32
N HIS C 1078 78.88 -21.94 100.50
CA HIS C 1078 79.72 -23.07 100.15
C HIS C 1078 80.48 -23.60 101.36
N ASP C 1079 80.96 -22.72 102.23
CA ASP C 1079 81.67 -23.15 103.42
C ASP C 1079 80.73 -23.81 104.41
N GLY C 1080 79.48 -23.35 104.51
CA GLY C 1080 78.53 -24.07 105.32
C GLY C 1080 78.32 -25.49 104.83
N HIS C 1081 78.18 -25.64 103.51
CA HIS C 1081 78.04 -26.98 102.96
C HIS C 1081 79.28 -27.81 103.24
N ILE C 1082 80.47 -27.22 103.09
CA ILE C 1082 81.71 -27.96 103.32
C ILE C 1082 81.80 -28.41 104.76
N LYS C 1083 81.49 -27.53 105.72
CA LYS C 1083 81.61 -27.89 107.13
C LYS C 1083 80.60 -28.96 107.52
N LYS C 1084 79.36 -28.83 107.07
CA LYS C 1084 78.37 -29.85 107.38
C LYS C 1084 78.75 -31.19 106.78
N LEU C 1085 79.22 -31.19 105.52
CA LEU C 1085 79.65 -32.43 104.89
C LEU C 1085 80.83 -33.03 105.63
N LEU C 1086 81.77 -32.21 106.07
CA LEU C 1086 82.92 -32.73 106.79
C LEU C 1086 82.47 -33.40 108.08
N HIS C 1087 81.69 -32.70 108.90
CA HIS C 1087 81.23 -33.28 110.15
C HIS C 1087 80.43 -34.56 109.91
N GLN C 1088 79.66 -34.62 108.83
CA GLN C 1088 78.77 -35.76 108.64
C GLN C 1088 79.48 -36.97 108.06
N TYR C 1089 80.19 -36.79 106.95
CA TYR C 1089 80.71 -37.90 106.17
C TYR C 1089 82.23 -38.05 106.19
N TYR C 1090 82.96 -37.12 106.82
CA TYR C 1090 84.41 -37.20 106.84
C TYR C 1090 85.00 -37.13 108.25
N GLY C 1091 84.17 -37.26 109.27
CA GLY C 1091 84.67 -37.27 110.64
C GLY C 1091 85.40 -36.01 111.03
N ASP C 1092 85.03 -34.88 110.44
CA ASP C 1092 85.63 -33.59 110.78
C ASP C 1092 87.14 -33.60 110.56
N ASP C 1093 87.58 -34.38 109.57
CA ASP C 1093 89.00 -34.52 109.25
C ASP C 1093 89.20 -34.17 107.78
N GLU C 1094 90.02 -33.14 107.52
CA GLU C 1094 90.28 -32.74 106.15
C GLU C 1094 91.19 -33.74 105.44
N SER C 1095 92.02 -34.47 106.19
CA SER C 1095 92.90 -35.44 105.58
C SER C 1095 92.14 -36.54 104.87
N LYS C 1096 90.86 -36.72 105.19
CA LYS C 1096 90.05 -37.74 104.51
C LYS C 1096 89.64 -37.31 103.11
N ILE C 1097 89.77 -36.03 102.78
CA ILE C 1097 89.27 -35.53 101.50
C ILE C 1097 90.27 -35.93 100.41
N PRO C 1098 89.83 -36.62 99.36
CA PRO C 1098 90.75 -36.95 98.26
C PRO C 1098 91.25 -35.72 97.54
N ALA C 1099 92.45 -35.83 96.98
CA ALA C 1099 93.12 -34.72 96.32
C ALA C 1099 93.36 -35.06 94.86
N VAL C 1100 93.15 -34.06 93.99
CA VAL C 1100 93.43 -34.17 92.57
C VAL C 1100 94.29 -32.98 92.16
N GLU C 1101 94.91 -33.10 90.99
CA GLU C 1101 95.67 -31.99 90.43
C GLU C 1101 94.76 -30.81 90.12
N TYR C 1102 93.62 -31.07 89.49
CA TYR C 1102 92.64 -30.01 89.24
C TYR C 1102 91.25 -30.62 89.28
N PHE C 1103 90.27 -29.76 89.52
CA PHE C 1103 88.87 -30.15 89.68
C PHE C 1103 88.07 -29.56 88.51
N GLY C 1104 87.53 -30.43 87.67
CA GLY C 1104 86.68 -29.97 86.59
C GLY C 1104 86.95 -30.64 85.26
N GLY C 1105 86.08 -30.38 84.28
CA GLY C 1105 86.24 -30.91 82.95
C GLY C 1105 85.64 -32.28 82.72
N GLU C 1106 84.93 -32.84 83.69
CA GLU C 1106 84.39 -34.19 83.59
C GLU C 1106 82.95 -34.14 83.12
N SER C 1107 82.63 -34.92 82.09
CA SER C 1107 81.29 -34.93 81.54
C SER C 1107 80.35 -35.68 82.48
N PRO C 1108 79.10 -35.22 82.63
CA PRO C 1108 78.17 -35.92 83.53
C PRO C 1108 77.86 -37.34 83.08
N VAL C 1109 78.01 -37.63 81.80
CA VAL C 1109 77.70 -38.95 81.28
C VAL C 1109 78.88 -39.90 81.44
N ASP C 1123 104.54 -47.59 82.71
CA ASP C 1123 105.30 -46.36 82.52
C ASP C 1123 105.73 -46.20 81.07
N SER C 1124 105.82 -47.33 80.36
CA SER C 1124 106.13 -47.35 78.94
C SER C 1124 105.02 -48.07 78.19
N ALA C 1125 104.63 -47.51 77.05
CA ALA C 1125 103.58 -48.10 76.24
C ALA C 1125 103.69 -47.58 74.81
N VAL C 1126 103.15 -48.35 73.87
CA VAL C 1126 103.05 -47.95 72.48
C VAL C 1126 101.62 -48.18 72.03
N PHE C 1127 101.00 -47.15 71.45
CA PHE C 1127 99.66 -47.23 70.90
C PHE C 1127 99.72 -47.02 69.40
N LYS C 1128 98.83 -47.71 68.69
CA LYS C 1128 98.80 -47.66 67.23
C LYS C 1128 97.37 -47.43 66.76
N ALA C 1129 97.23 -46.61 65.73
CA ALA C 1129 95.93 -46.23 65.20
C ALA C 1129 95.63 -47.00 63.92
N THR C 1130 94.33 -47.14 63.64
CA THR C 1130 93.86 -47.74 62.40
C THR C 1130 92.81 -46.84 61.78
N SER C 1131 92.11 -47.32 60.76
CA SER C 1131 91.02 -46.56 60.17
C SER C 1131 89.72 -46.70 60.95
N SER C 1132 89.71 -47.48 62.02
CA SER C 1132 88.52 -47.68 62.84
C SER C 1132 88.75 -47.42 64.32
N THR C 1133 89.95 -46.99 64.72
CA THR C 1133 90.19 -46.72 66.13
C THR C 1133 89.19 -45.69 66.64
N ASP C 1134 88.51 -46.03 67.74
CA ASP C 1134 87.58 -45.09 68.33
C ASP C 1134 88.34 -43.91 68.90
N GLU C 1135 87.93 -42.70 68.50
CA GLU C 1135 88.64 -41.49 68.93
C GLU C 1135 88.64 -41.36 70.44
N GLU C 1136 87.50 -41.58 71.08
CA GLU C 1136 87.39 -41.36 72.52
C GLU C 1136 88.31 -42.30 73.28
N SER C 1137 88.29 -43.59 72.94
CA SER C 1137 89.17 -44.54 73.61
C SER C 1137 90.63 -44.22 73.34
N TRP C 1138 90.93 -43.80 72.11
CA TRP C 1138 92.30 -43.41 71.78
C TRP C 1138 92.78 -42.29 72.69
N PHE C 1139 91.97 -41.25 72.85
CA PHE C 1139 92.38 -40.13 73.69
C PHE C 1139 92.39 -40.49 75.16
N LYS C 1140 91.48 -41.38 75.59
CA LYS C 1140 91.50 -41.84 76.98
C LYS C 1140 92.79 -42.58 77.28
N ALA C 1141 93.21 -43.47 76.38
CA ALA C 1141 94.47 -44.17 76.58
C ALA C 1141 95.63 -43.20 76.59
N LEU C 1142 95.63 -42.22 75.68
CA LEU C 1142 96.72 -41.25 75.66
C LEU C 1142 96.77 -40.44 76.95
N ALA C 1143 95.61 -40.05 77.47
CA ALA C 1143 95.57 -39.23 78.68
C ALA C 1143 96.10 -39.98 79.89
N GLY C 1144 95.74 -41.25 80.02
CA GLY C 1144 96.04 -41.99 81.22
C GLY C 1144 94.89 -41.96 82.21
N SER C 1145 95.19 -42.39 83.43
CA SER C 1145 94.21 -42.44 84.51
C SER C 1145 94.40 -41.33 85.54
N GLU C 1146 95.64 -41.03 85.91
CA GLU C 1146 95.88 -39.96 86.86
C GLU C 1146 95.53 -38.61 86.25
N ILE C 1147 95.00 -37.72 87.08
CA ILE C 1147 94.69 -36.36 86.65
C ILE C 1147 95.97 -35.54 86.76
N ASN C 1148 96.44 -35.04 85.63
CA ASN C 1148 97.68 -34.28 85.58
C ASN C 1148 97.70 -33.51 84.25
N TRP C 1149 98.87 -32.95 83.91
CA TRP C 1149 98.97 -32.16 82.70
C TRP C 1149 98.63 -32.98 81.46
N ARG C 1150 99.05 -34.25 81.43
CA ARG C 1150 98.75 -35.09 80.28
C ARG C 1150 97.26 -35.35 80.17
N HIS C 1151 96.60 -35.60 81.29
CA HIS C 1151 95.15 -35.77 81.30
C HIS C 1151 94.46 -34.58 80.65
N ALA C 1152 94.79 -33.37 81.12
CA ALA C 1152 94.20 -32.17 80.56
C ALA C 1152 94.53 -32.02 79.09
N SER C 1153 95.79 -32.27 78.73
CA SER C 1153 96.22 -32.05 77.36
C SER C 1153 95.45 -32.92 76.39
N PHE C 1154 95.19 -34.17 76.76
CA PHE C 1154 94.52 -35.09 75.84
C PHE C 1154 93.01 -35.16 76.02
N LEU C 1155 92.45 -34.54 77.06
CA LEU C 1155 91.00 -34.61 77.28
C LEU C 1155 90.30 -33.26 77.30
N CYS C 1156 90.97 -32.17 77.65
CA CYS C 1156 90.32 -30.87 77.64
C CYS C 1156 89.82 -30.53 76.25
N SER C 1157 88.57 -30.09 76.15
CA SER C 1157 87.99 -29.77 74.86
C SER C 1157 88.54 -28.47 74.30
N PHE C 1158 88.69 -27.46 75.16
CA PHE C 1158 89.19 -26.15 74.75
C PHE C 1158 90.48 -25.83 75.48
N ILE C 1159 91.25 -24.93 74.89
CA ILE C 1159 92.37 -24.29 75.56
C ILE C 1159 92.11 -22.80 75.55
N THR C 1160 92.76 -22.11 76.48
CA THR C 1160 92.55 -20.69 76.69
C THR C 1160 93.61 -19.89 75.94
N GLN C 1161 93.19 -19.01 75.04
CA GLN C 1161 94.15 -18.13 74.38
C GLN C 1161 94.41 -16.99 75.36
N ASP C 1162 94.48 -15.75 74.90
CA ASP C 1162 94.64 -14.63 75.82
C ASP C 1162 93.45 -14.62 76.76
N LYS C 1163 92.27 -14.40 76.20
CA LYS C 1163 91.06 -14.45 77.01
C LYS C 1163 89.97 -15.25 76.31
N MET C 1164 90.28 -15.94 75.22
CA MET C 1164 89.32 -16.62 74.38
C MET C 1164 89.49 -18.13 74.51
N PHE C 1165 88.53 -18.86 73.97
CA PHE C 1165 88.50 -20.30 74.04
C PHE C 1165 88.54 -20.87 72.63
N VAL C 1166 89.51 -21.75 72.38
CA VAL C 1166 89.70 -22.34 71.07
C VAL C 1166 89.89 -23.84 71.25
N SER C 1167 89.66 -24.58 70.18
CA SER C 1167 89.77 -26.03 70.25
C SER C 1167 91.17 -26.43 70.68
N ASN C 1168 91.24 -27.47 71.49
CA ASN C 1168 92.52 -27.94 72.01
C ASN C 1168 93.40 -28.39 70.85
N PRO C 1169 94.49 -27.68 70.55
CA PRO C 1169 95.34 -28.10 69.42
C PRO C 1169 95.94 -29.48 69.59
N ILE C 1170 96.24 -29.88 70.83
CA ILE C 1170 96.90 -31.15 71.06
C ILE C 1170 96.01 -32.30 70.60
N ARG C 1171 94.71 -32.22 70.90
CA ARG C 1171 93.80 -33.28 70.49
C ARG C 1171 93.73 -33.40 68.97
N LYS C 1172 93.70 -32.26 68.27
CA LYS C 1172 93.61 -32.34 66.81
C LYS C 1172 94.92 -32.82 66.19
N VAL C 1173 96.06 -32.50 66.80
CA VAL C 1173 97.32 -33.01 66.28
C VAL C 1173 97.41 -34.52 66.43
N PHE C 1174 96.84 -35.07 67.50
CA PHE C 1174 96.93 -36.50 67.79
C PHE C 1174 95.71 -37.28 67.30
N LYS C 1175 94.82 -36.66 66.55
CA LYS C 1175 93.61 -37.33 66.09
C LYS C 1175 93.99 -38.62 65.36
N PRO C 1176 93.45 -39.78 65.77
CA PRO C 1176 93.98 -41.05 65.26
C PRO C 1176 93.71 -41.24 63.77
N SER C 1177 94.71 -41.78 63.09
CA SER C 1177 94.59 -42.16 61.69
C SER C 1177 95.59 -43.26 61.39
N GLN C 1178 95.38 -43.96 60.28
CA GLN C 1178 96.23 -45.10 59.96
C GLN C 1178 97.68 -44.68 59.86
N GLY C 1179 98.56 -45.45 60.52
CA GLY C 1179 99.99 -45.22 60.46
C GLY C 1179 100.56 -44.45 61.63
N MET C 1180 99.72 -43.80 62.44
CA MET C 1180 100.22 -43.04 63.58
C MET C 1180 100.57 -43.98 64.73
N VAL C 1181 101.76 -43.80 65.28
CA VAL C 1181 102.26 -44.61 66.39
C VAL C 1181 102.63 -43.67 67.53
N VAL C 1182 101.95 -43.80 68.65
CA VAL C 1182 102.19 -42.95 69.81
C VAL C 1182 102.95 -43.77 70.85
N GLU C 1183 104.12 -43.27 71.24
CA GLU C 1183 104.96 -43.91 72.23
C GLU C 1183 104.96 -43.08 73.49
N ILE C 1184 104.51 -43.67 74.59
CA ILE C 1184 104.48 -43.03 75.90
C ILE C 1184 105.62 -43.60 76.73
N SER C 1185 106.40 -42.72 77.35
CA SER C 1185 107.48 -43.13 78.23
C SER C 1185 107.30 -42.43 79.57
N ASN C 1186 107.67 -43.13 80.64
CA ASN C 1186 107.58 -42.62 81.99
C ASN C 1186 106.15 -42.18 82.31
N GLY C 1187 105.20 -43.08 82.04
CA GLY C 1187 103.80 -42.77 82.27
C GLY C 1187 103.49 -42.47 83.72
N ASN C 1188 104.14 -43.17 84.65
CA ASN C 1188 103.76 -43.04 86.05
C ASN C 1188 104.21 -41.71 86.65
N THR C 1189 105.43 -41.28 86.35
CA THR C 1189 105.96 -40.02 86.89
C THR C 1189 105.63 -38.91 85.91
N SER C 1190 104.55 -38.17 86.19
CA SER C 1190 104.06 -37.17 85.24
C SER C 1190 105.10 -36.10 84.97
N SER C 1191 105.91 -35.78 85.98
CA SER C 1191 106.89 -34.70 85.82
C SER C 1191 107.89 -34.99 84.71
N LYS C 1192 108.04 -36.27 84.33
CA LYS C 1192 109.00 -36.67 83.32
C LYS C 1192 108.38 -37.45 82.17
N THR C 1193 107.06 -37.60 82.15
CA THR C 1193 106.41 -38.30 81.05
C THR C 1193 106.67 -37.55 79.74
N VAL C 1194 106.95 -38.32 78.69
CA VAL C 1194 107.14 -37.78 77.35
C VAL C 1194 106.29 -38.60 76.40
N VAL C 1195 105.43 -37.92 75.64
CA VAL C 1195 104.59 -38.55 74.63
C VAL C 1195 105.19 -38.25 73.27
N THR C 1196 105.54 -39.29 72.53
CA THR C 1196 106.16 -39.15 71.23
C THR C 1196 105.24 -39.74 70.17
N LEU C 1197 104.90 -38.94 69.18
CA LEU C 1197 104.11 -39.39 68.04
C LEU C 1197 105.03 -39.58 66.85
N SER C 1198 104.93 -40.73 66.21
CA SER C 1198 105.69 -41.02 65.00
C SER C 1198 104.72 -41.39 63.89
N GLU C 1199 105.00 -40.90 62.69
CA GLU C 1199 104.17 -41.15 61.52
C GLU C 1199 105.05 -41.61 60.37
N PRO C 1200 104.46 -42.28 59.38
CA PRO C 1200 105.24 -42.63 58.19
C PRO C 1200 105.57 -41.40 57.37
N VAL C 1201 106.86 -41.05 57.33
CA VAL C 1201 107.35 -39.98 56.45
C VAL C 1201 108.32 -40.61 55.47
N GLN C 1202 108.09 -40.39 54.18
CA GLN C 1202 108.99 -40.87 53.14
C GLN C 1202 109.18 -42.38 53.24
N GLY C 1203 108.09 -43.08 53.55
CA GLY C 1203 108.15 -44.51 53.75
C GLY C 1203 108.41 -44.92 55.19
N GLU C 1204 109.53 -44.46 55.76
CA GLU C 1204 109.92 -44.87 57.10
C GLU C 1204 109.16 -44.07 58.15
N LEU C 1205 109.31 -44.48 59.41
CA LEU C 1205 108.61 -43.89 60.54
C LEU C 1205 109.58 -43.00 61.32
N LYS C 1206 109.17 -41.78 61.61
CA LYS C 1206 110.01 -40.81 62.28
C LYS C 1206 109.19 -40.03 63.29
N PRO C 1207 109.82 -39.44 64.31
CA PRO C 1207 109.08 -38.64 65.29
C PRO C 1207 108.57 -37.33 64.69
N THR C 1208 107.25 -37.17 64.61
CA THR C 1208 106.69 -35.93 64.09
C THR C 1208 106.34 -34.94 65.21
N VAL C 1209 105.83 -35.44 66.34
CA VAL C 1209 105.40 -34.59 67.45
C VAL C 1209 105.86 -35.20 68.75
N ILE C 1210 106.33 -34.35 69.65
CA ILE C 1210 106.72 -34.75 71.00
C ILE C 1210 105.97 -33.86 71.98
N LEU C 1211 105.70 -34.41 73.17
CA LEU C 1211 104.95 -33.68 74.19
C LEU C 1211 105.53 -34.00 75.56
N LYS C 1212 105.93 -32.96 76.27
CA LYS C 1212 106.62 -33.11 77.56
C LYS C 1212 106.33 -31.89 78.40
N LEU C 1213 107.06 -31.74 79.51
CA LEU C 1213 106.95 -30.59 80.41
C LEU C 1213 108.26 -29.81 80.35
N LEU C 1214 108.29 -28.75 79.55
CA LEU C 1214 109.50 -27.94 79.46
C LEU C 1214 109.78 -27.23 80.77
N LYS C 1215 108.79 -27.14 81.66
CA LYS C 1215 108.96 -26.63 83.01
C LYS C 1215 108.00 -27.37 83.92
N GLU C 1216 107.86 -26.84 85.14
CA GLU C 1216 106.90 -27.40 86.08
C GLU C 1216 105.47 -26.99 85.75
N ASN C 1217 105.31 -25.91 85.00
CA ASN C 1217 103.99 -25.39 84.66
C ASN C 1217 103.81 -25.18 83.17
N ILE C 1218 104.83 -25.44 82.36
CA ILE C 1218 104.79 -25.18 80.93
C ILE C 1218 104.85 -26.50 80.18
N ILE C 1219 103.88 -26.72 79.31
CA ILE C 1219 103.86 -27.87 78.41
C ILE C 1219 104.43 -27.44 77.07
N GLN C 1220 105.40 -28.19 76.56
CA GLN C 1220 105.98 -27.93 75.25
C GLN C 1220 105.54 -29.03 74.28
N MET C 1221 104.94 -28.62 73.17
CA MET C 1221 104.61 -29.52 72.08
C MET C 1221 105.52 -29.14 70.91
N GLU C 1222 106.55 -29.96 70.68
CA GLU C 1222 107.53 -29.70 69.64
C GLU C 1222 107.06 -30.39 68.37
N MET C 1223 106.55 -29.61 67.42
CA MET C 1223 106.10 -30.13 66.13
C MET C 1223 107.28 -30.14 65.18
N ILE C 1224 107.57 -31.31 64.61
CA ILE C 1224 108.80 -31.55 63.88
C ILE C 1224 108.46 -31.69 62.40
N GLU C 1225 109.18 -30.97 61.56
CA GLU C 1225 109.14 -31.15 60.12
C GLU C 1225 110.43 -31.84 59.71
N ASN C 1226 110.30 -33.00 59.05
CA ASN C 1226 111.47 -33.79 58.68
C ASN C 1226 111.95 -33.50 57.27
N ARG C 1227 111.06 -33.08 56.37
CA ARG C 1227 111.44 -32.79 54.98
C ARG C 1227 112.00 -31.37 54.92
N THR C 1228 113.24 -31.24 55.38
CA THR C 1228 113.93 -29.95 55.39
C THR C 1228 114.88 -29.88 54.20
N MET C 1229 115.55 -28.74 54.08
CA MET C 1229 116.47 -28.55 52.97
C MET C 1229 117.77 -29.32 53.20
N ASP C 1230 118.26 -29.34 54.44
CA ASP C 1230 119.51 -30.00 54.76
C ASP C 1230 119.32 -31.47 55.10
N GLY C 1231 118.09 -31.90 55.41
CA GLY C 1231 117.81 -33.22 55.88
C GLY C 1231 117.72 -33.29 57.40
N LYS C 1232 118.36 -32.38 58.10
CA LYS C 1232 118.18 -32.28 59.54
C LYS C 1232 116.75 -31.82 59.84
N PRO C 1233 116.07 -32.45 60.80
CA PRO C 1233 114.71 -32.01 61.13
C PRO C 1233 114.71 -30.65 61.81
N VAL C 1234 113.60 -29.94 61.66
CA VAL C 1234 113.39 -28.64 62.29
C VAL C 1234 112.15 -28.73 63.16
N SER C 1235 112.23 -28.19 64.37
CA SER C 1235 111.18 -28.31 65.37
C SER C 1235 110.59 -26.94 65.67
N LEU C 1236 109.26 -26.87 65.71
CA LEU C 1236 108.55 -25.68 66.14
C LEU C 1236 108.03 -25.91 67.55
N PRO C 1237 108.65 -25.35 68.59
CA PRO C 1237 108.16 -25.58 69.95
C PRO C 1237 106.95 -24.71 70.25
N LEU C 1238 105.81 -25.35 70.49
CA LEU C 1238 104.61 -24.66 70.95
C LEU C 1238 104.53 -24.80 72.46
N LEU C 1239 104.42 -23.66 73.15
CA LEU C 1239 104.44 -23.62 74.60
C LEU C 1239 103.05 -23.33 75.15
N TYR C 1240 102.69 -24.03 76.22
CA TYR C 1240 101.40 -23.84 76.88
C TYR C 1240 101.62 -23.73 78.37
N ASN C 1241 100.72 -23.02 79.03
CA ASN C 1241 100.70 -22.91 80.48
C ASN C 1241 99.69 -23.92 81.01
N PHE C 1242 100.07 -24.66 82.05
CA PHE C 1242 99.18 -25.57 82.75
C PHE C 1242 98.87 -24.97 84.11
N ASN C 1243 97.62 -24.59 84.33
CA ASN C 1243 97.19 -23.98 85.57
C ASN C 1243 96.17 -24.87 86.26
N PRO C 1244 96.58 -25.67 87.25
CA PRO C 1244 95.62 -26.56 87.92
C PRO C 1244 94.54 -25.83 88.68
N ASP C 1245 94.73 -24.54 89.00
CA ASP C 1245 93.70 -23.79 89.70
C ASP C 1245 92.44 -23.66 88.86
N ASN C 1246 92.59 -23.40 87.56
CA ASN C 1246 91.45 -23.33 86.66
C ASN C 1246 91.19 -24.72 86.12
N GLY C 1247 90.27 -25.44 86.76
CA GLY C 1247 90.00 -26.81 86.39
C GLY C 1247 89.16 -26.96 85.15
N PHE C 1248 88.38 -25.93 84.79
CA PHE C 1248 87.58 -26.01 83.56
C PHE C 1248 88.45 -25.83 82.33
N ALA C 1249 89.54 -25.08 82.44
CA ALA C 1249 90.46 -24.85 81.33
C ALA C 1249 91.85 -24.62 81.91
N PRO C 1250 92.52 -25.69 82.32
CA PRO C 1250 93.85 -25.53 82.96
C PRO C 1250 94.96 -25.19 81.98
N ILE C 1251 94.74 -25.32 80.68
CA ILE C 1251 95.78 -25.17 79.67
C ILE C 1251 95.53 -23.91 78.87
N SER C 1252 96.51 -23.03 78.81
CA SER C 1252 96.38 -21.84 78.00
C SER C 1252 97.61 -21.79 77.10
N GLU C 1253 97.54 -21.02 76.03
CA GLU C 1253 98.65 -20.92 75.12
C GLU C 1253 99.55 -19.74 75.45
N VAL C 1254 100.85 -19.94 75.35
CA VAL C 1254 101.80 -18.86 75.60
C VAL C 1254 101.92 -18.07 74.30
N MET C 1255 101.38 -16.86 74.29
CA MET C 1255 101.36 -16.08 73.05
C MET C 1255 102.61 -15.27 72.78
N GLU C 1256 103.32 -14.87 73.83
CA GLU C 1256 104.49 -14.01 73.62
C GLU C 1256 105.55 -14.74 72.82
N ASP C 1257 105.85 -14.21 71.63
CA ASP C 1257 106.88 -14.71 70.72
C ASP C 1257 106.39 -15.88 69.88
N ARG C 1258 105.11 -16.22 69.92
CA ARG C 1258 104.61 -17.32 69.11
C ARG C 1258 104.87 -17.04 67.63
N ASN C 1259 104.60 -15.82 67.20
CA ASN C 1259 104.87 -15.45 65.81
C ASN C 1259 106.37 -15.53 65.51
N GLN C 1260 107.20 -15.12 66.46
CA GLN C 1260 108.64 -15.21 66.25
C GLN C 1260 109.10 -16.66 66.13
N ARG C 1261 108.57 -17.56 66.96
CA ARG C 1261 108.94 -18.97 66.86
C ARG C 1261 108.51 -19.55 65.52
N ILE C 1262 107.28 -19.26 65.09
CA ILE C 1262 106.82 -19.75 63.80
C ILE C 1262 107.70 -19.22 62.69
N LYS C 1263 108.05 -17.93 62.75
CA LYS C 1263 108.89 -17.34 61.72
C LYS C 1263 110.29 -17.95 61.73
N GLU C 1264 110.80 -18.29 62.91
CA GLU C 1264 112.11 -18.93 62.97
C GLU C 1264 112.07 -20.29 62.29
N MET C 1265 111.02 -21.07 62.54
CA MET C 1265 110.88 -22.35 61.86
C MET C 1265 110.82 -22.15 60.35
N TYR C 1266 109.98 -21.24 59.89
CA TYR C 1266 109.83 -21.05 58.45
C TYR C 1266 111.10 -20.49 57.82
N TRP C 1267 111.85 -19.68 58.56
CA TRP C 1267 113.13 -19.20 58.07
C TRP C 1267 114.11 -20.34 57.89
N LYS C 1268 114.17 -21.26 58.84
CA LYS C 1268 114.99 -22.45 58.66
C LYS C 1268 114.55 -23.23 57.43
N LEU C 1269 113.23 -23.35 57.22
CA LEU C 1269 112.72 -24.14 56.11
C LEU C 1269 113.00 -23.49 54.76
N TRP C 1270 112.88 -22.17 54.67
CA TRP C 1270 112.82 -21.48 53.39
C TRP C 1270 114.11 -20.74 53.02
N ILE C 1271 114.71 -20.03 53.98
CA ILE C 1271 115.81 -19.12 53.70
C ILE C 1271 117.08 -19.70 54.30
N ASP C 1272 118.12 -19.79 53.49
CA ASP C 1272 119.40 -20.35 53.92
C ASP C 1272 120.40 -19.29 54.34
N GLU C 1273 119.91 -18.23 54.99
CA GLU C 1273 120.72 -17.16 55.53
C GLU C 1273 120.55 -17.11 57.05
N PRO C 1274 121.45 -16.43 57.75
CA PRO C 1274 121.30 -16.34 59.21
C PRO C 1274 119.96 -15.72 59.58
N PHE C 1275 119.36 -16.25 60.64
CA PHE C 1275 118.08 -15.75 61.11
C PHE C 1275 118.22 -14.31 61.57
N ASN C 1276 117.44 -13.40 60.97
CA ASN C 1276 117.44 -12.01 61.41
C ASN C 1276 116.17 -11.37 60.88
N LEU C 1277 115.27 -11.01 61.80
CA LEU C 1277 113.97 -10.45 61.42
C LEU C 1277 113.94 -8.93 61.44
N ASP C 1278 115.02 -8.26 61.88
CA ASP C 1278 115.01 -6.82 62.05
C ASP C 1278 115.66 -6.17 60.82
N PHE C 1279 114.91 -6.14 59.73
CA PHE C 1279 115.29 -5.40 58.53
C PHE C 1279 114.07 -4.66 58.00
N ASP C 1280 114.34 -3.61 57.24
CA ASP C 1280 113.30 -2.67 56.85
C ASP C 1280 112.47 -3.22 55.68
N PRO C 1281 111.14 -3.28 55.80
CA PRO C 1281 110.34 -3.66 54.63
C PRO C 1281 110.44 -2.67 53.47
N ARG C 1282 110.67 -1.39 53.73
CA ARG C 1282 110.80 -0.43 52.65
C ARG C 1282 112.01 -0.72 51.77
N ASP C 1283 112.99 -1.46 52.27
CA ASP C 1283 114.24 -1.68 51.54
C ASP C 1283 114.07 -2.77 50.49
N VAL C 1284 115.09 -2.89 49.65
CA VAL C 1284 115.08 -3.85 48.55
C VAL C 1284 115.83 -5.11 48.99
N ILE C 1285 115.18 -6.25 48.84
CA ILE C 1285 115.78 -7.54 49.17
C ILE C 1285 116.49 -8.06 47.92
N LYS C 1286 117.73 -8.50 48.08
CA LYS C 1286 118.54 -8.97 46.98
C LYS C 1286 118.69 -10.49 47.08
N GLY C 1287 118.40 -11.17 45.98
CA GLY C 1287 118.45 -12.61 45.95
C GLY C 1287 119.75 -13.13 45.36
N LYS C 1288 120.10 -14.35 45.77
CA LYS C 1288 121.34 -14.97 45.33
C LYS C 1288 121.28 -15.34 43.85
N ASP C 1289 122.43 -15.26 43.19
CA ASP C 1289 122.51 -15.61 41.78
C ASP C 1289 122.12 -17.07 41.57
N PHE C 1290 121.40 -17.32 40.48
CA PHE C 1290 120.88 -18.64 40.17
C PHE C 1290 121.40 -19.10 38.81
N GLU C 1291 121.99 -20.29 38.78
CA GLU C 1291 122.49 -20.90 37.56
C GLU C 1291 121.50 -21.96 37.11
N ILE C 1292 120.90 -21.74 35.94
CA ILE C 1292 119.89 -22.66 35.39
C ILE C 1292 120.60 -23.83 34.73
N THR C 1293 120.16 -25.04 35.06
CA THR C 1293 120.74 -26.26 34.54
C THR C 1293 119.66 -27.13 33.90
N ALA C 1294 120.10 -28.00 32.99
CA ALA C 1294 119.16 -28.91 32.34
C ALA C 1294 118.47 -29.80 33.35
N LYS C 1295 119.19 -30.24 34.38
CA LYS C 1295 118.58 -31.08 35.40
C LYS C 1295 117.42 -30.38 36.07
N GLU C 1296 117.60 -29.12 36.45
CA GLU C 1296 116.57 -28.39 37.15
C GLU C 1296 115.33 -28.21 36.27
N VAL C 1297 115.54 -27.86 35.01
CA VAL C 1297 114.40 -27.68 34.11
C VAL C 1297 113.66 -29.00 33.92
N TYR C 1298 114.41 -30.09 33.75
CA TYR C 1298 113.80 -31.41 33.63
C TYR C 1298 112.95 -31.73 34.85
N ASP C 1299 113.53 -31.58 36.04
CA ASP C 1299 112.80 -31.89 37.27
C ASP C 1299 111.55 -31.04 37.41
N PHE C 1300 111.67 -29.73 37.17
CA PHE C 1300 110.52 -28.85 37.31
C PHE C 1300 109.42 -29.22 36.33
N THR C 1301 109.80 -29.36 35.07
CA THR C 1301 108.81 -29.66 34.05
C THR C 1301 108.08 -30.97 34.37
N HIS C 1302 108.81 -31.96 34.89
CA HIS C 1302 108.16 -33.23 35.21
C HIS C 1302 107.27 -33.10 36.45
N ALA C 1303 107.70 -32.31 37.44
CA ALA C 1303 106.89 -32.14 38.63
C ALA C 1303 105.57 -31.44 38.31
N VAL C 1304 105.60 -30.44 37.43
CA VAL C 1304 104.38 -29.70 37.11
C VAL C 1304 103.64 -30.26 35.90
N GLY C 1305 104.15 -31.32 35.28
CA GLY C 1305 103.46 -31.92 34.15
C GLY C 1305 103.40 -31.06 32.91
N ASN C 1306 104.51 -30.42 32.56
CA ASN C 1306 104.57 -29.59 31.35
C ASN C 1306 105.39 -30.33 30.30
N ASN C 1307 104.77 -30.64 29.16
CA ASN C 1307 105.45 -31.43 28.14
C ASN C 1307 105.76 -30.64 26.88
N CYS C 1308 105.95 -29.33 27.02
CA CYS C 1308 106.28 -28.51 25.87
C CYS C 1308 107.65 -28.93 25.37
N GLU C 1309 107.80 -29.07 24.06
CA GLU C 1309 109.07 -29.52 23.51
C GLU C 1309 110.19 -28.51 23.68
N ASP C 1310 109.86 -27.23 23.88
CA ASP C 1310 110.91 -26.21 24.00
C ASP C 1310 111.80 -26.45 25.22
N PHE C 1311 111.27 -27.15 26.22
CA PHE C 1311 112.03 -27.36 27.44
C PHE C 1311 112.67 -28.74 27.50
N VAL C 1312 112.43 -29.58 26.49
CA VAL C 1312 113.04 -30.91 26.44
C VAL C 1312 114.32 -30.88 25.62
N SER C 1313 115.41 -31.37 26.19
CA SER C 1313 116.68 -31.32 25.48
C SER C 1313 116.58 -32.06 24.16
N ARG C 1314 117.07 -31.44 23.10
CA ARG C 1314 117.02 -31.99 21.75
C ARG C 1314 118.31 -31.62 21.04
N PRO C 1315 118.69 -32.38 20.01
CA PRO C 1315 119.91 -32.04 19.27
C PRO C 1315 119.73 -30.75 18.48
N ASP C 1316 120.79 -29.94 18.48
CA ASP C 1316 120.88 -28.70 17.70
C ASP C 1316 119.99 -27.59 18.24
N ARG C 1317 119.37 -27.76 19.40
CA ARG C 1317 118.49 -26.74 19.95
C ARG C 1317 118.77 -26.61 21.44
N THR C 1318 119.11 -25.40 21.88
CA THR C 1318 119.28 -25.15 23.31
C THR C 1318 117.92 -25.15 24.00
N MET C 1319 117.87 -25.71 25.20
CA MET C 1319 116.60 -25.90 25.88
C MET C 1319 116.24 -24.66 26.71
N LEU C 1320 115.00 -24.21 26.54
CA LEU C 1320 114.48 -23.07 27.27
C LEU C 1320 113.99 -23.50 28.65
N ALA C 1321 113.87 -22.53 29.54
CA ALA C 1321 113.23 -22.81 30.82
C ALA C 1321 111.81 -22.27 30.83
N PRO C 1322 110.87 -22.92 31.49
CA PRO C 1322 109.49 -22.43 31.47
C PRO C 1322 109.34 -21.13 32.25
N MET C 1323 108.31 -20.38 31.86
CA MET C 1323 108.01 -19.14 32.57
C MET C 1323 107.82 -19.37 34.06
N ASP C 1324 107.18 -20.49 34.43
CA ASP C 1324 106.94 -20.78 35.83
C ASP C 1324 108.23 -20.96 36.62
N PHE C 1325 109.34 -21.21 35.94
CA PHE C 1325 110.62 -21.33 36.63
C PHE C 1325 111.02 -20.05 37.34
N ALA C 1326 110.36 -18.93 37.04
CA ALA C 1326 110.69 -17.67 37.70
C ALA C 1326 110.42 -17.75 39.19
N ILE C 1327 109.38 -18.46 39.60
CA ILE C 1327 109.14 -18.65 41.03
C ILE C 1327 110.28 -19.45 41.65
N VAL C 1328 110.73 -20.50 40.98
CA VAL C 1328 111.86 -21.26 41.51
C VAL C 1328 113.07 -20.34 41.67
N VAL C 1329 113.27 -19.43 40.72
CA VAL C 1329 114.44 -18.56 40.77
C VAL C 1329 114.32 -17.55 41.90
N GLY C 1330 113.17 -16.91 42.03
CA GLY C 1330 113.01 -15.78 42.94
C GLY C 1330 112.21 -16.00 44.20
N TRP C 1331 111.89 -17.26 44.55
CA TRP C 1331 111.07 -17.50 45.73
C TRP C 1331 111.74 -17.01 47.00
N ARG C 1332 113.05 -17.22 47.12
CA ARG C 1332 113.74 -16.81 48.34
C ARG C 1332 113.58 -15.32 48.58
N ALA C 1333 113.91 -14.51 47.56
CA ALA C 1333 113.78 -13.06 47.70
C ALA C 1333 112.34 -12.66 47.93
N ILE C 1334 111.41 -13.25 47.18
CA ILE C 1334 110.00 -12.85 47.29
C ILE C 1334 109.47 -13.13 48.68
N ILE C 1335 109.75 -14.32 49.21
CA ILE C 1335 109.19 -14.71 50.50
C ILE C 1335 109.92 -14.08 51.66
N LYS C 1336 111.15 -13.62 51.47
CA LYS C 1336 111.83 -12.92 52.55
C LYS C 1336 111.16 -11.59 52.89
N ALA C 1337 110.23 -11.13 52.05
CA ALA C 1337 109.58 -9.84 52.29
C ALA C 1337 108.60 -9.89 53.45
N ILE C 1338 107.92 -11.03 53.65
CA ILE C 1338 106.88 -11.11 54.67
C ILE C 1338 107.43 -11.40 56.05
N PHE C 1339 108.74 -11.54 56.20
CA PHE C 1339 109.34 -11.93 57.48
C PHE C 1339 109.54 -10.77 58.47
N PRO C 1340 109.96 -9.57 58.03
CA PRO C 1340 110.33 -8.52 59.00
C PRO C 1340 109.37 -8.40 60.17
N ASN C 1341 109.90 -8.09 61.35
CA ASN C 1341 109.05 -8.01 62.53
C ASN C 1341 108.06 -6.85 62.45
N THR C 1342 108.35 -5.83 61.64
CA THR C 1342 107.38 -4.76 61.45
C THR C 1342 106.16 -5.27 60.67
N VAL C 1343 106.38 -6.13 59.68
CA VAL C 1343 105.27 -6.84 59.03
C VAL C 1343 105.06 -8.13 59.83
N ASP C 1344 104.34 -8.01 60.93
CA ASP C 1344 104.13 -9.10 61.86
C ASP C 1344 102.89 -9.89 61.47
N GLY C 1345 102.98 -11.20 61.52
CA GLY C 1345 101.85 -12.04 61.19
C GLY C 1345 102.15 -13.50 61.48
N ASP C 1346 101.07 -14.28 61.53
CA ASP C 1346 101.15 -15.72 61.76
C ASP C 1346 101.37 -16.42 60.43
N LEU C 1347 102.57 -16.97 60.24
CA LEU C 1347 102.90 -17.61 58.96
C LEU C 1347 102.06 -18.86 58.71
N LEU C 1348 101.56 -19.51 59.76
CA LEU C 1348 100.71 -20.69 59.55
C LEU C 1348 99.32 -20.31 59.05
N LYS C 1349 98.93 -19.06 59.21
CA LYS C 1349 97.70 -18.53 58.62
C LYS C 1349 97.98 -17.72 57.36
N LEU C 1350 99.23 -17.70 56.90
CA LEU C 1350 99.55 -16.98 55.66
C LEU C 1350 98.81 -17.62 54.50
N VAL C 1351 98.22 -16.78 53.64
CA VAL C 1351 97.49 -17.23 52.47
C VAL C 1351 98.08 -16.54 51.25
N HIS C 1352 98.37 -17.34 50.22
CA HIS C 1352 98.86 -16.83 48.95
C HIS C 1352 97.67 -16.47 48.09
N LEU C 1353 97.47 -15.16 47.86
CA LEU C 1353 96.27 -14.73 47.16
C LEU C 1353 96.41 -14.83 45.65
N SER C 1354 97.58 -14.51 45.11
CA SER C 1354 97.73 -14.50 43.66
C SER C 1354 99.20 -14.36 43.31
N ASN C 1355 99.51 -14.75 42.08
CA ASN C 1355 100.87 -14.68 41.55
C ASN C 1355 100.78 -14.26 40.09
N GLY C 1356 101.82 -13.59 39.62
CA GLY C 1356 101.83 -13.12 38.25
C GLY C 1356 103.23 -13.08 37.66
N TYR C 1357 103.31 -13.33 36.37
CA TYR C 1357 104.52 -13.19 35.59
C TYR C 1357 104.29 -12.15 34.51
N LYS C 1358 105.36 -11.45 34.14
CA LYS C 1358 105.23 -10.39 33.14
C LYS C 1358 106.58 -10.22 32.46
N MET C 1359 106.67 -10.71 31.22
CA MET C 1359 107.89 -10.53 30.44
C MET C 1359 108.07 -9.07 30.08
N ILE C 1360 109.29 -8.59 30.19
CA ILE C 1360 109.60 -7.22 29.81
C ILE C 1360 109.72 -7.14 28.29
N PRO C 1361 109.05 -6.20 27.63
CA PRO C 1361 109.03 -6.20 26.16
C PRO C 1361 110.44 -6.20 25.57
N GLY C 1362 110.64 -7.06 24.59
CA GLY C 1362 111.95 -7.22 23.98
C GLY C 1362 112.90 -8.11 24.73
N ALA C 1363 112.46 -8.73 25.82
CA ALA C 1363 113.28 -9.67 26.57
C ALA C 1363 112.95 -11.09 26.13
N LYS C 1364 113.97 -11.91 25.96
CA LYS C 1364 113.80 -13.28 25.54
C LYS C 1364 113.48 -14.17 26.73
N PRO C 1365 112.89 -15.35 26.49
CA PRO C 1365 112.62 -16.27 27.58
C PRO C 1365 113.90 -16.79 28.21
N LEU C 1366 113.77 -17.26 29.45
CA LEU C 1366 114.89 -17.89 30.13
C LEU C 1366 115.34 -19.12 29.37
N GLN C 1367 116.63 -19.41 29.43
CA GLN C 1367 117.19 -20.57 28.77
C GLN C 1367 118.24 -21.21 29.66
N VAL C 1368 118.37 -22.54 29.54
CA VAL C 1368 119.41 -23.25 30.28
C VAL C 1368 120.75 -22.61 29.98
N GLY C 1369 121.59 -22.51 31.00
CA GLY C 1369 122.85 -21.82 30.89
C GLY C 1369 122.83 -20.38 31.36
N ASP C 1370 121.65 -19.81 31.58
CA ASP C 1370 121.56 -18.44 32.06
C ASP C 1370 121.92 -18.37 33.53
N VAL C 1371 122.48 -17.22 33.92
CA VAL C 1371 122.67 -16.86 35.32
C VAL C 1371 121.72 -15.71 35.60
N VAL C 1372 120.83 -15.90 36.57
CA VAL C 1372 119.77 -14.94 36.85
C VAL C 1372 120.03 -14.30 38.21
N SER C 1373 119.69 -13.02 38.30
CA SER C 1373 119.74 -12.28 39.55
C SER C 1373 118.33 -11.81 39.88
N THR C 1374 117.96 -11.92 41.16
CA THR C 1374 116.65 -11.54 41.64
C THR C 1374 116.77 -10.39 42.61
N THR C 1375 115.85 -9.44 42.50
CA THR C 1375 115.68 -8.36 43.47
C THR C 1375 114.19 -8.28 43.80
N ALA C 1376 113.88 -7.99 45.06
CA ALA C 1376 112.50 -7.95 45.51
C ALA C 1376 112.26 -6.72 46.39
N VAL C 1377 111.09 -6.12 46.22
CA VAL C 1377 110.65 -4.99 47.04
C VAL C 1377 109.19 -5.20 47.37
N ILE C 1378 108.79 -4.75 48.56
CA ILE C 1378 107.38 -4.72 48.92
C ILE C 1378 106.74 -3.52 48.24
N GLU C 1379 105.74 -3.76 47.40
CA GLU C 1379 105.01 -2.67 46.79
C GLU C 1379 104.09 -2.01 47.80
N SER C 1380 103.36 -2.81 48.57
CA SER C 1380 102.37 -2.29 49.49
C SER C 1380 102.13 -3.31 50.59
N VAL C 1381 101.97 -2.81 51.82
CA VAL C 1381 101.50 -3.61 52.95
C VAL C 1381 100.47 -2.77 53.68
N VAL C 1382 99.22 -3.20 53.64
CA VAL C 1382 98.12 -2.45 54.24
C VAL C 1382 97.34 -3.38 55.18
N ASN C 1383 96.81 -2.79 56.24
CA ASN C 1383 95.95 -3.52 57.18
C ASN C 1383 94.51 -3.44 56.69
N GLN C 1384 93.86 -4.58 56.60
CA GLN C 1384 92.46 -4.70 56.29
C GLN C 1384 91.71 -5.37 57.43
N PRO C 1385 90.39 -5.19 57.51
CA PRO C 1385 89.66 -5.73 58.66
C PRO C 1385 89.81 -7.23 58.81
N THR C 1386 89.93 -7.96 57.70
CA THR C 1386 90.12 -9.40 57.75
C THR C 1386 91.58 -9.81 57.88
N GLY C 1387 92.52 -8.87 57.82
CA GLY C 1387 93.92 -9.18 58.00
C GLY C 1387 94.80 -8.18 57.27
N LYS C 1388 96.02 -8.60 57.01
CA LYS C 1388 97.06 -7.75 56.44
C LYS C 1388 97.49 -8.32 55.11
N ILE C 1389 97.44 -7.50 54.06
CA ILE C 1389 97.87 -7.88 52.73
C ILE C 1389 99.26 -7.32 52.48
N VAL C 1390 100.12 -8.13 51.89
CA VAL C 1390 101.47 -7.74 51.51
C VAL C 1390 101.64 -8.03 50.03
N ASP C 1391 101.95 -7.00 49.25
CA ASP C 1391 102.15 -7.13 47.82
C ASP C 1391 103.63 -6.96 47.53
N VAL C 1392 104.23 -7.95 46.88
CA VAL C 1392 105.68 -7.98 46.63
C VAL C 1392 105.91 -8.02 45.13
N VAL C 1393 106.98 -7.38 44.67
CA VAL C 1393 107.35 -7.37 43.26
C VAL C 1393 108.80 -7.80 43.15
N GLY C 1394 109.03 -8.87 42.41
CA GLY C 1394 110.37 -9.37 42.14
C GLY C 1394 110.76 -9.06 40.71
N THR C 1395 112.05 -8.79 40.50
CA THR C 1395 112.58 -8.50 39.19
C THR C 1395 113.74 -9.44 38.91
N LEU C 1396 113.60 -10.28 37.90
CA LEU C 1396 114.64 -11.21 37.49
C LEU C 1396 115.47 -10.57 36.39
N SER C 1397 116.78 -10.52 36.60
CA SER C 1397 117.69 -9.84 35.70
C SER C 1397 118.71 -10.82 35.14
N ARG C 1398 118.86 -10.83 33.82
CA ARG C 1398 119.83 -11.69 33.14
C ARG C 1398 120.87 -10.80 32.48
N ASN C 1399 122.14 -11.04 32.81
CA ASN C 1399 123.28 -10.34 32.22
C ASN C 1399 123.31 -8.86 32.55
N GLY C 1400 122.50 -8.39 33.51
CA GLY C 1400 122.39 -6.99 33.81
C GLY C 1400 121.14 -6.33 33.27
N LYS C 1401 120.41 -6.99 32.39
CA LYS C 1401 119.14 -6.48 31.90
C LYS C 1401 117.98 -7.23 32.55
N PRO C 1402 116.88 -6.55 32.86
CA PRO C 1402 115.75 -7.26 33.47
C PRO C 1402 114.96 -8.04 32.44
N VAL C 1403 114.53 -9.24 32.84
CA VAL C 1403 113.87 -10.19 31.93
C VAL C 1403 112.37 -10.22 32.17
N MET C 1404 111.96 -10.42 33.42
CA MET C 1404 110.54 -10.47 33.76
C MET C 1404 110.35 -9.95 35.17
N GLU C 1405 109.10 -9.66 35.50
CA GLU C 1405 108.72 -9.20 36.82
C GLU C 1405 107.70 -10.16 37.41
N VAL C 1406 107.87 -10.48 38.69
CA VAL C 1406 106.98 -11.39 39.41
C VAL C 1406 106.23 -10.58 40.46
N THR C 1407 104.91 -10.69 40.45
CA THR C 1407 104.06 -10.03 41.43
C THR C 1407 103.39 -11.10 42.29
N SER C 1408 103.63 -11.04 43.59
CA SER C 1408 103.04 -11.99 44.53
C SER C 1408 102.30 -11.21 45.61
N SER C 1409 101.06 -11.61 45.88
CA SER C 1409 100.23 -11.00 46.91
C SER C 1409 99.98 -12.02 48.00
N PHE C 1410 100.35 -11.68 49.24
CA PHE C 1410 100.18 -12.55 50.39
C PHE C 1410 99.18 -11.96 51.36
N PHE C 1411 98.65 -12.82 52.24
CA PHE C 1411 97.61 -12.44 53.17
C PHE C 1411 97.91 -13.04 54.54
N TYR C 1412 98.09 -12.18 55.53
CA TYR C 1412 98.20 -12.56 56.93
C TYR C 1412 96.82 -12.39 57.56
N ARG C 1413 96.09 -13.49 57.71
CA ARG C 1413 94.77 -13.39 58.32
C ARG C 1413 94.91 -13.07 59.80
N GLY C 1414 94.06 -12.16 60.28
CA GLY C 1414 94.07 -11.77 61.66
C GLY C 1414 93.47 -10.38 61.84
N ASN C 1415 93.73 -9.80 63.01
CA ASN C 1415 93.27 -8.45 63.34
C ASN C 1415 94.50 -7.62 63.65
N TYR C 1416 94.76 -6.62 62.79
CA TYR C 1416 95.94 -5.76 62.93
C TYR C 1416 95.52 -4.31 62.98
N THR C 1417 96.23 -3.54 63.80
CA THR C 1417 95.97 -2.10 63.92
C THR C 1417 97.26 -1.30 63.99
N ASP C 1418 98.37 -1.85 63.48
CA ASP C 1418 99.67 -1.17 63.53
C ASP C 1418 99.87 -0.38 62.25
N PHE C 1419 99.01 0.61 62.05
CA PHE C 1419 98.98 1.36 60.81
C PHE C 1419 100.24 2.17 60.56
N GLU C 1420 101.07 2.38 61.59
CA GLU C 1420 102.30 3.13 61.39
C GLU C 1420 103.32 2.34 60.58
N ASN C 1421 103.13 1.03 60.47
CA ASN C 1421 104.01 0.20 59.66
C ASN C 1421 103.51 0.01 58.23
N THR C 1422 102.31 0.48 57.92
CA THR C 1422 101.67 0.20 56.65
C THR C 1422 101.92 1.32 55.65
N PHE C 1423 101.81 0.97 54.38
CA PHE C 1423 101.93 1.92 53.28
C PHE C 1423 101.34 1.26 52.04
N GLN C 1424 101.23 2.03 50.96
CA GLN C 1424 100.64 1.50 49.75
C GLN C 1424 101.15 2.29 48.56
N LYS C 1425 101.18 1.63 47.41
CA LYS C 1425 101.62 2.22 46.15
C LYS C 1425 100.73 1.70 45.04
N THR C 1426 100.14 2.62 44.28
CA THR C 1426 99.24 2.25 43.19
C THR C 1426 99.59 3.04 41.95
N VAL C 1427 99.77 2.35 40.84
CA VAL C 1427 99.98 2.98 39.54
C VAL C 1427 98.61 3.28 38.97
N GLU C 1428 98.26 4.56 38.88
CA GLU C 1428 96.93 4.93 38.47
C GLU C 1428 96.76 4.68 36.97
N PRO C 1429 95.54 4.46 36.51
CA PRO C 1429 95.30 4.41 35.06
C PRO C 1429 95.67 5.75 34.44
N VAL C 1430 96.10 5.71 33.17
CA VAL C 1430 96.41 6.93 32.46
C VAL C 1430 95.11 7.68 32.17
N TYR C 1431 95.09 8.96 32.48
CA TYR C 1431 93.91 9.80 32.28
C TYR C 1431 94.15 10.77 31.13
N GLN C 1432 93.12 10.98 30.32
CA GLN C 1432 93.19 11.84 29.15
C GLN C 1432 92.19 12.98 29.27
N MET C 1433 92.61 14.15 28.81
CA MET C 1433 91.77 15.35 28.84
C MET C 1433 91.95 16.12 27.55
N HIS C 1434 90.85 16.45 26.89
CA HIS C 1434 90.85 17.31 25.71
C HIS C 1434 90.54 18.74 26.17
N ILE C 1435 91.55 19.61 26.14
CA ILE C 1435 91.39 20.98 26.58
C ILE C 1435 90.67 21.77 25.48
N LYS C 1436 89.39 22.06 25.69
CA LYS C 1436 88.57 22.70 24.68
C LYS C 1436 88.52 24.22 24.84
N THR C 1437 88.05 24.69 25.99
CA THR C 1437 87.76 26.09 26.22
C THR C 1437 88.77 26.69 27.18
N SER C 1438 88.75 28.02 27.29
CA SER C 1438 89.65 28.70 28.22
C SER C 1438 89.24 28.38 29.66
N LYS C 1439 87.99 27.99 29.87
CA LYS C 1439 87.57 27.57 31.20
C LYS C 1439 88.42 26.41 31.69
N ASP C 1440 88.63 25.40 30.84
CA ASP C 1440 89.44 24.25 31.25
C ASP C 1440 90.85 24.67 31.58
N ILE C 1441 91.44 25.54 30.76
CA ILE C 1441 92.79 26.03 31.04
C ILE C 1441 92.81 26.72 32.40
N ALA C 1442 91.84 27.59 32.65
CA ALA C 1442 91.83 28.32 33.92
C ALA C 1442 91.71 27.37 35.10
N VAL C 1443 90.80 26.39 35.02
CA VAL C 1443 90.62 25.46 36.12
C VAL C 1443 91.90 24.67 36.35
N LEU C 1444 92.51 24.17 35.28
CA LEU C 1444 93.74 23.40 35.43
C LEU C 1444 94.83 24.24 36.07
N ARG C 1445 94.98 25.48 35.63
CA ARG C 1445 96.01 26.35 36.20
C ARG C 1445 95.70 26.72 37.65
N SER C 1446 94.46 26.55 38.09
CA SER C 1446 94.14 26.79 39.49
C SER C 1446 94.72 25.72 40.39
N LYS C 1447 94.73 24.46 39.94
CA LYS C 1447 95.23 23.36 40.76
C LYS C 1447 96.71 23.56 41.05
N GLU C 1448 97.07 23.61 42.32
CA GLU C 1448 98.45 23.83 42.69
C GLU C 1448 99.36 22.74 42.19
N TRP C 1449 98.85 21.51 42.08
CA TRP C 1449 99.70 20.39 41.69
C TRP C 1449 100.03 20.39 40.19
N PHE C 1450 99.16 20.95 39.37
CA PHE C 1450 99.36 20.98 37.92
C PHE C 1450 100.47 21.97 37.60
N GLN C 1451 101.65 21.45 37.25
CA GLN C 1451 102.84 22.28 37.00
C GLN C 1451 103.37 22.00 35.60
N LEU C 1452 103.45 23.05 34.78
CA LEU C 1452 104.01 22.96 33.45
C LEU C 1452 105.37 23.64 33.45
N ASP C 1453 106.35 23.00 32.82
CA ASP C 1453 107.68 23.60 32.74
C ASP C 1453 107.64 24.91 31.95
N ASP C 1454 106.90 24.93 30.84
CA ASP C 1454 106.76 26.13 30.00
C ASP C 1454 105.47 26.84 30.42
N GLU C 1455 105.63 27.88 31.24
CA GLU C 1455 104.47 28.61 31.74
C GLU C 1455 103.64 29.20 30.61
N ASP C 1456 104.23 29.47 29.45
CA ASP C 1456 103.51 30.03 28.31
C ASP C 1456 103.08 28.98 27.30
N PHE C 1457 102.97 27.72 27.72
CA PHE C 1457 102.46 26.68 26.84
C PHE C 1457 101.00 26.91 26.52
N ASP C 1458 100.61 26.59 25.30
CA ASP C 1458 99.26 26.81 24.81
C ASP C 1458 98.48 25.50 24.95
N LEU C 1459 97.72 25.38 26.03
CA LEU C 1459 96.91 24.19 26.26
C LEU C 1459 95.67 24.15 25.38
N LEU C 1460 95.34 25.25 24.70
CA LEU C 1460 94.07 25.34 23.99
C LEU C 1460 94.03 24.35 22.83
N ASN C 1461 92.94 23.58 22.77
CA ASN C 1461 92.75 22.53 21.77
C ASN C 1461 93.92 21.54 21.79
N LYS C 1462 94.36 21.15 22.98
CA LYS C 1462 95.41 20.15 23.15
C LYS C 1462 94.85 18.97 23.92
N THR C 1463 95.40 17.79 23.61
CA THR C 1463 95.10 16.58 24.37
C THR C 1463 96.24 16.31 25.34
N LEU C 1464 95.90 16.16 26.61
CA LEU C 1464 96.88 15.91 27.66
C LEU C 1464 96.62 14.55 28.28
N THR C 1465 97.68 13.85 28.63
CA THR C 1465 97.61 12.57 29.31
C THR C 1465 98.36 12.68 30.63
N PHE C 1466 97.76 12.18 31.70
CA PHE C 1466 98.38 12.17 33.02
C PHE C 1466 98.62 10.73 33.41
N GLU C 1467 99.88 10.40 33.71
CA GLU C 1467 100.26 9.07 34.21
C GLU C 1467 100.94 9.27 35.55
N THR C 1468 100.23 8.94 36.62
CA THR C 1468 100.64 9.27 37.98
C THR C 1468 100.79 8.02 38.83
N GLU C 1469 101.52 8.17 39.93
CA GLU C 1469 101.64 7.17 40.97
C GLU C 1469 101.32 7.79 42.32
N THR C 1470 100.56 7.08 43.14
CA THR C 1470 100.18 7.54 44.48
C THR C 1470 100.88 6.69 45.53
N GLU C 1471 101.65 7.35 46.39
CA GLU C 1471 102.23 6.72 47.58
C GLU C 1471 101.52 7.27 48.80
N VAL C 1472 100.92 6.40 49.60
CA VAL C 1472 100.21 6.82 50.80
C VAL C 1472 100.69 6.01 51.99
N THR C 1473 100.68 6.66 53.15
CA THR C 1473 100.77 6.00 54.44
C THR C 1473 99.40 6.12 55.12
N PHE C 1474 99.22 5.35 56.19
CA PHE C 1474 97.92 5.26 56.84
C PHE C 1474 98.01 5.71 58.30
N LYS C 1475 96.92 6.31 58.77
CA LYS C 1475 96.72 6.56 60.19
C LYS C 1475 95.70 5.62 60.80
N ASN C 1476 94.74 5.15 60.01
CA ASN C 1476 93.78 4.14 60.44
C ASN C 1476 93.15 3.54 59.20
N ALA C 1477 92.12 2.73 59.40
CA ALA C 1477 91.50 2.04 58.27
C ALA C 1477 90.89 3.02 57.27
N ASN C 1478 90.38 4.15 57.74
CA ASN C 1478 89.60 5.07 56.91
C ASN C 1478 90.39 6.26 56.41
N ILE C 1479 91.41 6.72 57.14
CA ILE C 1479 92.08 7.98 56.85
C ILE C 1479 93.53 7.72 56.50
N PHE C 1480 94.10 8.62 55.69
CA PHE C 1480 95.50 8.58 55.34
C PHE C 1480 96.28 9.57 56.20
N SER C 1481 97.55 9.25 56.45
CA SER C 1481 98.45 10.13 57.17
C SER C 1481 99.45 10.83 56.27
N SER C 1482 99.44 10.52 54.97
CA SER C 1482 100.31 11.18 54.00
C SER C 1482 99.90 10.70 52.62
N VAL C 1483 99.84 11.64 51.68
CA VAL C 1483 99.45 11.33 50.30
C VAL C 1483 100.42 12.02 49.37
N LYS C 1484 100.92 11.29 48.38
CA LYS C 1484 101.87 11.82 47.42
C LYS C 1484 101.55 11.27 46.05
N CYS C 1485 101.04 12.14 45.18
CA CYS C 1485 100.73 11.79 43.80
C CYS C 1485 101.71 12.54 42.91
N PHE C 1486 102.35 11.84 41.98
CA PHE C 1486 103.37 12.45 41.15
C PHE C 1486 103.46 11.71 39.82
N GLY C 1487 104.10 12.36 38.85
CA GLY C 1487 104.29 11.77 37.55
C GLY C 1487 104.41 12.82 36.47
N PRO C 1488 104.63 12.38 35.24
CA PRO C 1488 104.75 13.32 34.12
C PRO C 1488 103.40 13.65 33.49
N ILE C 1489 103.37 14.83 32.87
CA ILE C 1489 102.24 15.28 32.06
C ILE C 1489 102.72 15.34 30.61
N LYS C 1490 101.94 14.80 29.69
CA LYS C 1490 102.33 14.68 28.30
C LYS C 1490 101.25 15.25 27.40
N VAL C 1491 101.68 15.74 26.24
CA VAL C 1491 100.80 16.34 25.26
C VAL C 1491 100.89 15.57 23.95
N GLU C 1492 99.74 15.29 23.35
CA GLU C 1492 99.70 14.63 22.05
C GLU C 1492 100.14 15.60 20.95
N LEU C 1493 100.84 15.08 19.96
CA LEU C 1493 101.34 15.84 18.84
C LEU C 1493 100.54 15.52 17.58
N PRO C 1494 100.71 16.29 16.50
CA PRO C 1494 100.04 15.95 15.25
C PRO C 1494 100.38 14.57 14.75
N THR C 1495 101.55 14.04 15.07
CA THR C 1495 101.94 12.69 14.68
C THR C 1495 101.47 11.63 15.67
N LYS C 1496 100.58 12.00 16.61
CA LYS C 1496 100.04 11.10 17.62
C LYS C 1496 101.10 10.62 18.61
N GLU C 1497 102.28 11.21 18.59
CA GLU C 1497 103.30 10.93 19.60
C GLU C 1497 103.15 11.93 20.74
N THR C 1498 103.16 11.44 21.97
CA THR C 1498 102.98 12.27 23.16
C THR C 1498 104.34 12.62 23.76
N VAL C 1499 104.49 13.88 24.16
CA VAL C 1499 105.74 14.40 24.69
C VAL C 1499 105.48 15.04 26.04
N GLU C 1500 106.41 14.84 26.97
CA GLU C 1500 106.25 15.38 28.31
C GLU C 1500 106.32 16.91 28.28
N ILE C 1501 105.38 17.55 28.97
CA ILE C 1501 105.35 19.01 29.07
C ILE C 1501 105.35 19.49 30.51
N GLY C 1502 105.25 18.61 31.50
CA GLY C 1502 105.20 19.03 32.89
C GLY C 1502 105.04 17.80 33.77
N ILE C 1503 105.01 18.07 35.08
CA ILE C 1503 104.93 17.02 36.08
C ILE C 1503 103.75 17.29 37.00
N VAL C 1504 102.97 16.24 37.27
CA VAL C 1504 102.02 16.28 38.39
C VAL C 1504 102.80 16.19 39.68
N ASP C 1505 102.42 16.99 40.67
CA ASP C 1505 103.15 17.02 41.94
C ASP C 1505 102.16 17.41 43.04
N TYR C 1506 101.64 16.42 43.74
CA TYR C 1506 100.73 16.63 44.86
C TYR C 1506 101.29 15.95 46.09
N GLU C 1507 101.45 16.72 47.17
CA GLU C 1507 101.88 16.18 48.45
C GLU C 1507 101.00 16.75 49.55
N ALA C 1508 100.49 15.87 50.40
CA ALA C 1508 99.58 16.29 51.45
C ALA C 1508 99.83 15.45 52.69
N GLY C 1509 99.46 15.99 53.84
CA GLY C 1509 99.53 15.25 55.09
C GLY C 1509 98.26 14.47 55.31
N ALA C 1510 97.69 14.56 56.50
CA ALA C 1510 96.47 13.84 56.79
C ALA C 1510 95.39 14.22 55.79
N SER C 1511 94.72 13.21 55.23
CA SER C 1511 93.70 13.44 54.22
C SER C 1511 92.77 12.24 54.20
N HIS C 1512 91.62 12.42 53.55
CA HIS C 1512 90.64 11.37 53.37
C HIS C 1512 90.65 10.80 51.96
N GLY C 1513 91.44 11.34 51.05
CA GLY C 1513 91.44 10.89 49.67
C GLY C 1513 92.52 11.60 48.89
N ASN C 1514 92.60 11.26 47.61
CA ASN C 1514 93.54 11.89 46.68
C ASN C 1514 92.76 12.83 45.76
N PRO C 1515 92.94 14.14 45.86
CA PRO C 1515 92.17 15.05 45.00
C PRO C 1515 92.56 14.98 43.55
N VAL C 1516 93.82 14.66 43.25
CA VAL C 1516 94.29 14.64 41.87
C VAL C 1516 93.54 13.58 41.07
N VAL C 1517 93.47 12.36 41.61
CA VAL C 1517 92.81 11.28 40.91
C VAL C 1517 91.32 11.57 40.73
N ASP C 1518 90.69 12.18 41.74
CA ASP C 1518 89.28 12.52 41.62
C ASP C 1518 89.05 13.54 40.51
N PHE C 1519 89.90 14.57 40.46
CA PHE C 1519 89.78 15.57 39.41
C PHE C 1519 89.92 14.93 38.04
N LEU C 1520 90.95 14.09 37.87
CA LEU C 1520 91.19 13.47 36.57
C LEU C 1520 90.05 12.52 36.20
N LYS C 1521 89.50 11.80 37.17
CA LYS C 1521 88.37 10.92 36.89
C LYS C 1521 87.17 11.72 36.41
N ARG C 1522 86.86 12.82 37.08
CA ARG C 1522 85.64 13.55 36.75
C ARG C 1522 85.76 14.36 35.48
N ASN C 1523 86.95 14.88 35.18
CA ASN C 1523 87.10 15.78 34.03
C ASN C 1523 87.67 15.08 32.81
N GLY C 1524 88.56 14.13 32.98
CA GLY C 1524 89.15 13.40 31.88
C GLY C 1524 88.42 12.10 31.59
N SER C 1525 89.11 11.24 30.85
CA SER C 1525 88.67 9.88 30.62
C SER C 1525 89.87 8.98 30.83
N THR C 1526 89.60 7.73 31.21
CA THR C 1526 90.67 6.78 31.47
C THR C 1526 90.97 5.97 30.22
N LEU C 1527 92.24 5.88 29.86
CA LEU C 1527 92.67 5.05 28.74
C LEU C 1527 92.88 3.63 29.23
N GLU C 1528 92.23 2.67 28.58
CA GLU C 1528 92.33 1.27 28.93
C GLU C 1528 93.04 0.52 27.81
N GLN C 1529 94.14 -0.15 28.16
CA GLN C 1529 94.91 -0.90 27.16
C GLN C 1529 94.13 -2.09 26.65
N LYS C 1530 93.51 -2.85 27.55
CA LYS C 1530 92.78 -4.04 27.15
C LYS C 1530 91.53 -3.66 26.39
N VAL C 1531 91.27 -4.38 25.30
CA VAL C 1531 90.12 -4.12 24.44
C VAL C 1531 89.39 -5.43 24.25
N ASN C 1532 88.14 -5.48 24.68
CA ASN C 1532 87.37 -6.72 24.67
C ASN C 1532 86.78 -6.97 23.29
N LEU C 1533 86.86 -8.23 22.85
CA LEU C 1533 86.10 -8.67 21.70
C LEU C 1533 84.61 -8.59 22.01
N GLU C 1534 83.81 -8.42 20.96
CA GLU C 1534 82.37 -8.35 21.15
C GLU C 1534 81.80 -9.68 21.65
N ASN C 1535 82.49 -10.79 21.39
CA ASN C 1535 82.06 -12.09 21.86
C ASN C 1535 83.32 -12.88 22.18
N PRO C 1536 83.40 -13.52 23.36
CA PRO C 1536 84.55 -14.38 23.64
C PRO C 1536 84.61 -15.55 22.68
N ILE C 1537 85.83 -15.98 22.37
CA ILE C 1537 86.07 -17.12 21.50
C ILE C 1537 86.53 -18.28 22.38
N PRO C 1538 85.70 -19.29 22.61
CA PRO C 1538 86.17 -20.43 23.41
C PRO C 1538 87.32 -21.16 22.73
N ILE C 1539 88.31 -21.55 23.51
CA ILE C 1539 89.50 -22.24 23.03
C ILE C 1539 89.45 -23.73 23.35
N ALA C 1540 89.19 -24.07 24.61
CA ALA C 1540 89.12 -25.48 25.00
C ALA C 1540 88.68 -25.58 26.45
N VAL C 1541 88.13 -26.73 26.79
CA VAL C 1541 87.84 -27.14 28.16
C VAL C 1541 88.65 -28.40 28.43
N LEU C 1542 89.52 -28.36 29.42
CA LEU C 1542 90.53 -29.38 29.61
C LEU C 1542 90.42 -30.00 31.00
N ASP C 1543 90.88 -31.23 31.11
CA ASP C 1543 90.90 -31.97 32.36
C ASP C 1543 92.33 -32.08 32.87
N SER C 1544 92.49 -31.90 34.18
CA SER C 1544 93.78 -31.96 34.83
C SER C 1544 93.60 -32.54 36.22
N TYR C 1545 94.68 -33.09 36.77
CA TYR C 1545 94.62 -33.76 38.05
C TYR C 1545 95.80 -33.34 38.91
N THR C 1546 95.55 -33.22 40.19
CA THR C 1546 96.60 -32.91 41.17
C THR C 1546 97.37 -34.18 41.52
N PRO C 1547 98.67 -34.08 41.78
CA PRO C 1547 99.43 -35.28 42.15
C PRO C 1547 98.95 -35.83 43.48
N SER C 1548 99.38 -37.08 43.76
CA SER C 1548 99.03 -37.72 45.01
C SER C 1548 99.94 -37.32 46.16
N THR C 1549 101.09 -36.72 45.85
CA THR C 1549 101.99 -36.20 46.88
C THR C 1549 102.49 -34.83 46.44
N ASN C 1550 102.59 -33.92 47.39
CA ASN C 1550 103.10 -32.58 47.16
C ASN C 1550 104.61 -32.49 47.33
N GLU C 1551 105.26 -33.59 47.70
CA GLU C 1551 106.69 -33.55 47.99
C GLU C 1551 107.54 -33.21 46.77
N PRO C 1552 107.35 -33.82 45.60
CA PRO C 1552 108.24 -33.49 44.47
C PRO C 1552 108.20 -32.01 44.07
N TYR C 1553 107.01 -31.40 44.06
CA TYR C 1553 106.94 -29.99 43.74
C TYR C 1553 107.66 -29.16 44.79
N ALA C 1554 107.49 -29.51 46.07
CA ALA C 1554 108.20 -28.80 47.12
C ALA C 1554 109.70 -28.90 46.92
N ARG C 1555 110.19 -30.10 46.60
CA ARG C 1555 111.62 -30.30 46.50
C ARG C 1555 112.20 -29.56 45.29
N VAL C 1556 111.47 -29.51 44.18
CA VAL C 1556 111.98 -28.81 43.01
C VAL C 1556 111.92 -27.30 43.22
N SER C 1557 110.83 -26.79 43.83
CA SER C 1557 110.64 -25.36 43.98
C SER C 1557 111.32 -24.78 45.20
N GLY C 1558 111.71 -25.61 46.17
CA GLY C 1558 112.25 -25.11 47.42
C GLY C 1558 111.19 -24.63 48.40
N ASP C 1559 109.91 -24.73 48.07
CA ASP C 1559 108.83 -24.30 48.95
C ASP C 1559 108.51 -25.45 49.90
N LEU C 1560 109.20 -25.47 51.03
CA LEU C 1560 109.09 -26.57 51.99
C LEU C 1560 108.10 -26.24 53.10
N ASN C 1561 107.01 -25.56 52.78
CA ASN C 1561 105.97 -25.28 53.76
C ASN C 1561 105.41 -26.59 54.28
N PRO C 1562 105.43 -26.85 55.59
CA PRO C 1562 104.97 -28.15 56.07
C PRO C 1562 103.52 -28.46 55.75
N ILE C 1563 102.68 -27.44 55.57
CA ILE C 1563 101.25 -27.70 55.43
C ILE C 1563 100.96 -28.58 54.23
N HIS C 1564 101.86 -28.59 53.24
CA HIS C 1564 101.63 -29.37 52.03
C HIS C 1564 102.04 -30.82 52.19
N VAL C 1565 102.89 -31.15 53.17
CA VAL C 1565 103.48 -32.48 53.26
C VAL C 1565 103.23 -33.14 54.60
N SER C 1566 103.08 -32.34 55.66
CA SER C 1566 103.01 -32.87 57.03
C SER C 1566 101.57 -32.83 57.51
N ARG C 1567 101.03 -34.01 57.84
CA ARG C 1567 99.63 -34.09 58.27
C ARG C 1567 99.40 -33.31 59.56
N HIS C 1568 100.31 -33.42 60.53
CA HIS C 1568 100.08 -32.75 61.81
C HIS C 1568 100.11 -31.23 61.66
N PHE C 1569 101.01 -30.71 60.83
CA PHE C 1569 101.03 -29.27 60.60
C PHE C 1569 99.75 -28.79 59.93
N ALA C 1570 99.23 -29.56 58.98
CA ALA C 1570 98.02 -29.16 58.28
C ALA C 1570 96.81 -29.25 59.19
N SER C 1571 96.77 -30.23 60.10
CA SER C 1571 95.69 -30.27 61.08
C SER C 1571 95.78 -29.10 62.04
N TYR C 1572 96.99 -28.79 62.51
CA TYR C 1572 97.16 -27.66 63.41
C TYR C 1572 96.70 -26.36 62.78
N ALA C 1573 96.87 -26.22 61.47
CA ALA C 1573 96.47 -25.02 60.75
C ALA C 1573 94.99 -25.02 60.37
N ASN C 1574 94.24 -26.07 60.72
CA ASN C 1574 92.81 -26.15 60.44
C ASN C 1574 92.53 -26.18 58.96
N LEU C 1575 93.45 -26.73 58.18
CA LEU C 1575 93.27 -26.90 56.75
C LEU C 1575 92.51 -28.19 56.46
N PRO C 1576 91.86 -28.29 55.29
CA PRO C 1576 91.15 -29.52 54.95
C PRO C 1576 92.07 -30.71 54.68
N GLY C 1577 93.38 -30.56 54.82
CA GLY C 1577 94.30 -31.63 54.55
C GLY C 1577 95.64 -31.07 54.15
N THR C 1578 96.48 -31.92 53.56
CA THR C 1578 97.75 -31.47 52.99
C THR C 1578 97.44 -30.93 51.58
N ILE C 1579 97.03 -29.66 51.55
CA ILE C 1579 96.60 -29.06 50.30
C ILE C 1579 97.79 -28.97 49.33
N THR C 1580 97.50 -29.17 48.05
CA THR C 1580 98.53 -29.00 47.04
C THR C 1580 98.96 -27.54 46.94
N HIS C 1581 100.23 -27.33 46.59
CA HIS C 1581 100.73 -25.98 46.42
C HIS C 1581 99.89 -25.24 45.40
N GLY C 1582 99.55 -23.99 45.71
CA GLY C 1582 98.90 -23.15 44.72
C GLY C 1582 99.77 -22.93 43.50
N MET C 1583 101.08 -22.86 43.69
CA MET C 1583 101.96 -22.60 42.55
C MET C 1583 102.04 -23.81 41.63
N PHE C 1584 101.89 -25.03 42.15
CA PHE C 1584 101.78 -26.16 41.26
C PHE C 1584 100.57 -26.03 40.35
N SER C 1585 99.42 -25.66 40.93
CA SER C 1585 98.22 -25.50 40.12
C SER C 1585 98.42 -24.41 39.08
N SER C 1586 99.06 -23.31 39.48
CA SER C 1586 99.31 -22.23 38.53
C SER C 1586 100.17 -22.72 37.37
N ALA C 1587 101.26 -23.44 37.67
CA ALA C 1587 102.13 -23.93 36.62
C ALA C 1587 101.40 -24.93 35.72
N SER C 1588 100.58 -25.81 36.31
CA SER C 1588 99.86 -26.79 35.51
C SER C 1588 98.89 -26.11 34.55
N VAL C 1589 98.14 -25.12 35.05
CA VAL C 1589 97.19 -24.44 34.18
C VAL C 1589 97.92 -23.61 33.13
N ARG C 1590 99.08 -23.03 33.47
CA ARG C 1590 99.83 -22.29 32.47
C ARG C 1590 100.36 -23.23 31.40
N ALA C 1591 100.75 -24.45 31.79
CA ALA C 1591 101.16 -25.44 30.79
C ALA C 1591 100.00 -25.75 29.85
N LEU C 1592 98.79 -25.88 30.40
CA LEU C 1592 97.63 -26.08 29.54
C LEU C 1592 97.45 -24.92 28.57
N ILE C 1593 97.47 -23.69 29.08
CA ILE C 1593 97.23 -22.53 28.23
C ILE C 1593 98.28 -22.44 27.15
N GLU C 1594 99.54 -22.66 27.51
CA GLU C 1594 100.63 -22.62 26.55
C GLU C 1594 100.45 -23.67 25.46
N ASN C 1595 100.07 -24.90 25.85
CA ASN C 1595 99.86 -25.93 24.84
C ASN C 1595 98.72 -25.54 23.89
N TRP C 1596 97.63 -25.01 24.42
CA TRP C 1596 96.45 -24.78 23.59
C TRP C 1596 96.39 -23.36 23.04
N ALA C 1597 96.37 -22.36 23.92
CA ALA C 1597 96.21 -20.98 23.46
C ALA C 1597 97.41 -20.55 22.62
N ALA C 1598 98.61 -20.99 22.98
CA ALA C 1598 99.82 -20.60 22.27
C ALA C 1598 100.31 -21.70 21.32
N ASP C 1599 99.52 -22.75 21.10
CA ASP C 1599 99.88 -23.83 20.19
C ASP C 1599 101.25 -24.39 20.53
N SER C 1600 101.53 -24.51 21.82
CA SER C 1600 102.76 -25.13 22.32
C SER C 1600 104.01 -24.38 21.89
N VAL C 1601 103.88 -23.10 21.56
CA VAL C 1601 105.02 -22.23 21.28
C VAL C 1601 105.29 -21.43 22.56
N SER C 1602 106.37 -21.76 23.26
CA SER C 1602 106.59 -21.20 24.59
C SER C 1602 106.76 -19.69 24.54
N SER C 1603 107.55 -19.19 23.59
CA SER C 1603 107.84 -17.75 23.54
C SER C 1603 106.60 -16.90 23.33
N ARG C 1604 105.50 -17.48 22.85
CA ARG C 1604 104.31 -16.69 22.60
C ARG C 1604 103.66 -16.16 23.87
N VAL C 1605 103.90 -16.80 25.02
CA VAL C 1605 103.28 -16.40 26.27
C VAL C 1605 104.14 -15.32 26.91
N ARG C 1606 103.60 -14.10 27.00
CA ARG C 1606 104.34 -12.97 27.55
C ARG C 1606 103.87 -12.57 28.95
N GLY C 1607 102.63 -12.89 29.29
CA GLY C 1607 102.14 -12.61 30.63
C GLY C 1607 101.20 -13.68 31.12
N TYR C 1608 101.21 -13.93 32.44
CA TYR C 1608 100.30 -14.91 33.03
C TYR C 1608 100.05 -14.54 34.47
N THR C 1609 98.80 -14.35 34.83
CA THR C 1609 98.46 -14.03 36.21
C THR C 1609 97.38 -14.96 36.68
N CYS C 1610 97.44 -15.38 37.93
CA CYS C 1610 96.47 -16.30 38.49
C CYS C 1610 96.04 -15.83 39.87
N GLN C 1611 94.78 -16.10 40.22
CA GLN C 1611 94.26 -15.85 41.55
C GLN C 1611 93.83 -17.18 42.15
N PHE C 1612 94.25 -17.43 43.39
CA PHE C 1612 93.92 -18.68 44.09
C PHE C 1612 92.66 -18.43 44.91
N VAL C 1613 91.49 -18.77 44.34
CA VAL C 1613 90.24 -18.46 45.01
C VAL C 1613 89.81 -19.54 46.01
N ASP C 1614 90.37 -20.73 45.93
CA ASP C 1614 90.01 -21.78 46.89
C ASP C 1614 91.10 -22.85 46.92
N MET C 1615 91.09 -23.63 47.98
CA MET C 1615 92.12 -24.63 48.20
C MET C 1615 91.83 -25.89 47.38
N VAL C 1616 92.89 -26.65 47.13
CA VAL C 1616 92.82 -27.86 46.31
C VAL C 1616 93.57 -28.97 47.03
N LEU C 1617 92.96 -30.14 47.08
CA LEU C 1617 93.58 -31.32 47.69
C LEU C 1617 94.12 -32.25 46.63
N PRO C 1618 95.11 -33.07 46.98
CA PRO C 1618 95.68 -34.00 46.00
C PRO C 1618 94.64 -34.98 45.47
N ASN C 1619 94.94 -35.52 44.27
CA ASN C 1619 94.09 -36.51 43.61
C ASN C 1619 92.71 -35.93 43.28
N THR C 1620 92.68 -34.67 42.87
CA THR C 1620 91.44 -34.01 42.51
C THR C 1620 91.42 -33.73 41.01
N ALA C 1621 90.28 -34.00 40.39
CA ALA C 1621 90.08 -33.71 38.98
C ALA C 1621 89.71 -32.24 38.81
N LEU C 1622 90.52 -31.51 38.07
CA LEU C 1622 90.25 -30.12 37.76
C LEU C 1622 89.75 -30.00 36.33
N LYS C 1623 88.94 -28.98 36.09
CA LYS C 1623 88.37 -28.70 34.78
C LYS C 1623 88.54 -27.21 34.50
N THR C 1624 89.48 -26.86 33.62
CA THR C 1624 89.77 -25.47 33.29
C THR C 1624 89.19 -25.14 31.92
N SER C 1625 88.51 -23.99 31.83
CA SER C 1625 87.92 -23.51 30.59
C SER C 1625 88.70 -22.28 30.12
N ILE C 1626 89.11 -22.30 28.85
CA ILE C 1626 89.98 -21.27 28.28
C ILE C 1626 89.19 -20.49 27.24
N GLN C 1627 89.29 -19.16 27.30
CA GLN C 1627 88.56 -18.28 26.41
C GLN C 1627 89.46 -17.14 25.94
N HIS C 1628 89.35 -16.81 24.66
CA HIS C 1628 89.95 -15.60 24.10
C HIS C 1628 88.92 -14.48 24.20
N VAL C 1629 89.23 -13.45 24.98
CA VAL C 1629 88.25 -12.42 25.33
C VAL C 1629 88.61 -11.06 24.73
N GLY C 1630 89.90 -10.74 24.63
CA GLY C 1630 90.26 -9.41 24.16
C GLY C 1630 91.67 -9.35 23.64
N MET C 1631 92.07 -8.14 23.26
CA MET C 1631 93.42 -7.87 22.80
C MET C 1631 94.04 -6.82 23.70
N ILE C 1632 95.37 -6.82 23.76
CA ILE C 1632 96.09 -5.75 24.42
C ILE C 1632 97.43 -5.55 23.74
N ASN C 1633 97.59 -4.42 23.06
CA ASN C 1633 98.87 -4.06 22.45
C ASN C 1633 99.35 -5.13 21.47
N GLY C 1634 98.43 -5.71 20.72
CA GLY C 1634 98.76 -6.73 19.74
C GLY C 1634 98.87 -8.13 20.28
N ARG C 1635 98.52 -8.36 21.54
CA ARG C 1635 98.58 -9.68 22.16
C ARG C 1635 97.18 -10.14 22.51
N LYS C 1636 96.93 -11.44 22.35
CA LYS C 1636 95.65 -11.99 22.74
C LYS C 1636 95.52 -12.01 24.25
N LEU C 1637 94.30 -11.74 24.74
CA LEU C 1637 93.99 -11.84 26.15
C LEU C 1637 93.16 -13.10 26.38
N ILE C 1638 93.72 -14.04 27.13
CA ILE C 1638 93.06 -15.30 27.44
C ILE C 1638 92.66 -15.28 28.92
N LYS C 1639 91.38 -15.55 29.18
CA LYS C 1639 90.90 -15.79 30.52
C LYS C 1639 90.77 -17.29 30.75
N PHE C 1640 90.96 -17.72 31.99
CA PHE C 1640 90.74 -19.11 32.35
C PHE C 1640 90.09 -19.17 33.73
N GLU C 1641 89.37 -20.27 33.95
CA GLU C 1641 88.67 -20.53 35.20
C GLU C 1641 88.73 -22.02 35.45
N THR C 1642 89.25 -22.41 36.61
CA THR C 1642 89.43 -23.82 36.96
C THR C 1642 88.48 -24.21 38.08
N ARG C 1643 87.70 -25.26 37.86
CA ARG C 1643 86.77 -25.78 38.86
C ARG C 1643 87.17 -27.20 39.25
N ASN C 1644 86.74 -27.61 40.44
CA ASN C 1644 87.00 -28.94 40.97
C ASN C 1644 85.76 -29.81 40.80
N GLU C 1645 85.80 -31.02 41.35
CA GLU C 1645 84.70 -31.98 41.17
C GLU C 1645 83.39 -31.37 41.63
N ASP C 1646 83.39 -30.72 42.78
CA ASP C 1646 82.19 -30.08 43.30
C ASP C 1646 81.75 -28.89 42.47
N ASP C 1647 82.43 -28.54 41.38
CA ASP C 1647 82.02 -27.44 40.52
C ASP C 1647 82.31 -26.09 41.15
N VAL C 1648 83.32 -26.03 42.00
CA VAL C 1648 83.67 -24.82 42.73
C VAL C 1648 84.91 -24.21 42.08
N VAL C 1649 84.85 -22.92 41.79
CA VAL C 1649 86.00 -22.25 41.21
C VAL C 1649 87.15 -22.30 42.20
N VAL C 1650 88.31 -22.77 41.74
CA VAL C 1650 89.50 -22.84 42.56
C VAL C 1650 90.65 -21.99 42.04
N LEU C 1651 90.60 -21.52 40.80
CA LEU C 1651 91.71 -20.78 40.22
C LEU C 1651 91.20 -19.99 39.03
N THR C 1652 91.57 -18.72 38.95
CA THR C 1652 91.24 -17.87 37.83
C THR C 1652 92.46 -17.03 37.49
N GLY C 1653 92.45 -16.45 36.30
CA GLY C 1653 93.57 -15.62 35.89
C GLY C 1653 93.48 -15.29 34.42
N GLU C 1654 94.53 -14.66 33.91
CA GLU C 1654 94.55 -14.29 32.52
C GLU C 1654 95.92 -14.46 31.93
N ALA C 1655 95.99 -14.53 30.61
CA ALA C 1655 97.27 -14.66 29.95
C ALA C 1655 97.36 -13.73 28.77
N GLU C 1656 98.58 -13.37 28.41
CA GLU C 1656 98.82 -12.53 27.25
C GLU C 1656 99.64 -13.33 26.25
N ILE C 1657 99.01 -13.71 25.13
CA ILE C 1657 99.63 -14.55 24.12
C ILE C 1657 99.92 -13.69 22.90
N GLU C 1658 101.18 -13.66 22.50
CA GLU C 1658 101.55 -12.96 21.28
C GLU C 1658 100.93 -13.63 20.06
N GLN C 1659 100.61 -12.81 19.06
CA GLN C 1659 100.02 -13.32 17.84
C GLN C 1659 101.08 -14.01 16.97
N PRO C 1660 100.65 -14.82 16.01
CA PRO C 1660 101.60 -15.39 15.06
C PRO C 1660 102.32 -14.30 14.27
N VAL C 1661 103.58 -14.58 13.93
CA VAL C 1661 104.41 -13.62 13.20
C VAL C 1661 103.62 -13.03 12.05
N THR C 1662 103.59 -11.70 11.97
CA THR C 1662 102.69 -10.98 11.09
C THR C 1662 103.48 -10.04 10.18
N THR C 1663 102.91 -9.81 8.99
CA THR C 1663 103.40 -8.82 8.05
C THR C 1663 102.22 -8.05 7.49
N PHE C 1664 102.27 -6.73 7.59
CA PHE C 1664 101.24 -5.87 7.02
C PHE C 1664 101.74 -5.34 5.69
N VAL C 1665 100.92 -5.46 4.66
CA VAL C 1665 101.30 -5.12 3.30
C VAL C 1665 100.25 -4.16 2.73
N PHE C 1666 100.73 -3.04 2.18
CA PHE C 1666 99.86 -1.92 1.81
C PHE C 1666 99.76 -1.83 0.29
N THR C 1667 98.53 -1.91 -0.22
CA THR C 1667 98.33 -1.90 -1.66
C THR C 1667 98.61 -0.55 -2.30
N GLY C 1668 99.07 -0.58 -3.53
CA GLY C 1668 99.37 0.66 -4.23
C GLY C 1668 98.25 1.13 -5.13
N GLN C 1669 98.58 1.93 -6.13
CA GLN C 1669 97.58 2.45 -7.05
C GLN C 1669 96.96 1.32 -7.86
N GLY C 1670 95.66 1.42 -8.12
CA GLY C 1670 94.97 0.38 -8.86
C GLY C 1670 93.55 0.75 -9.23
N SER C 1671 92.59 -0.12 -8.91
CA SER C 1671 91.18 0.15 -9.18
C SER C 1671 90.58 0.82 -7.96
N GLN C 1672 90.63 2.15 -7.94
CA GLN C 1672 90.06 2.92 -6.84
C GLN C 1672 88.56 3.05 -7.07
N GLU C 1673 87.77 2.49 -6.16
CA GLU C 1673 86.34 2.43 -6.34
C GLU C 1673 85.65 3.53 -5.56
N GLN C 1674 84.58 4.05 -6.13
CA GLN C 1674 83.73 4.99 -5.41
C GLN C 1674 83.26 4.38 -4.10
N GLY C 1675 83.32 5.17 -3.03
CA GLY C 1675 82.87 4.72 -1.74
C GLY C 1675 83.87 3.92 -0.94
N MET C 1676 85.12 3.85 -1.37
CA MET C 1676 86.11 3.07 -0.65
C MET C 1676 86.36 3.65 0.73
N GLY C 1677 86.38 2.78 1.75
CA GLY C 1677 86.67 3.22 3.11
C GLY C 1677 85.52 3.93 3.77
N MET C 1678 84.34 3.94 3.16
CA MET C 1678 83.27 4.74 3.73
C MET C 1678 82.46 3.98 4.77
N ASP C 1679 82.37 2.66 4.68
CA ASP C 1679 81.72 1.89 5.75
C ASP C 1679 82.48 2.03 7.06
N LEU C 1680 83.80 1.90 7.00
CA LEU C 1680 84.60 2.10 8.21
C LEU C 1680 84.45 3.53 8.67
N TYR C 1681 84.37 4.46 7.73
CA TYR C 1681 84.22 5.85 8.10
C TYR C 1681 82.93 6.03 8.88
N LYS C 1682 81.89 5.31 8.51
CA LYS C 1682 80.61 5.43 9.21
C LYS C 1682 80.69 4.79 10.60
N THR C 1683 81.36 3.65 10.72
CA THR C 1683 81.33 2.92 11.99
C THR C 1683 82.45 3.29 12.95
N SER C 1684 83.67 3.51 12.47
CA SER C 1684 84.84 3.63 13.33
C SER C 1684 85.14 5.07 13.69
N LYS C 1685 85.51 5.29 14.96
CA LYS C 1685 85.87 6.62 15.43
C LYS C 1685 87.28 7.02 14.98
N ALA C 1686 88.22 6.08 14.99
CA ALA C 1686 89.57 6.38 14.52
C ALA C 1686 89.57 6.69 13.03
N ALA C 1687 88.78 5.96 12.26
CA ALA C 1687 88.66 6.23 10.85
C ALA C 1687 88.09 7.62 10.65
N GLN C 1688 87.07 7.97 11.43
CA GLN C 1688 86.48 9.29 11.35
C GLN C 1688 87.51 10.37 11.65
N ASP C 1689 88.32 10.17 12.68
CA ASP C 1689 89.37 11.14 12.98
C ASP C 1689 90.27 11.36 11.79
N VAL C 1690 90.76 10.27 11.19
CA VAL C 1690 91.66 10.40 10.04
C VAL C 1690 90.98 11.14 8.90
N TRP C 1691 89.84 10.65 8.45
CA TRP C 1691 89.16 11.27 7.33
C TRP C 1691 88.77 12.72 7.57
N ASN C 1692 88.30 13.05 8.78
CA ASN C 1692 87.87 14.41 9.04
C ASN C 1692 89.04 15.37 9.12
N ARG C 1693 90.15 14.96 9.74
CA ARG C 1693 91.31 15.83 9.73
C ARG C 1693 91.75 16.10 8.29
N ALA C 1694 91.81 15.04 7.46
CA ALA C 1694 92.24 15.24 6.08
C ALA C 1694 91.27 16.13 5.30
N ASP C 1695 89.97 15.90 5.48
CA ASP C 1695 88.97 16.67 4.73
C ASP C 1695 88.97 18.12 5.16
N ASN C 1696 89.13 18.39 6.46
CA ASN C 1696 89.22 19.76 6.92
C ASN C 1696 90.44 20.46 6.32
N HIS C 1697 91.59 19.77 6.31
CA HIS C 1697 92.77 20.39 5.72
C HIS C 1697 92.56 20.67 4.24
N PHE C 1698 91.96 19.73 3.51
CA PHE C 1698 91.75 19.93 2.08
C PHE C 1698 90.77 21.08 1.82
N LYS C 1699 89.69 21.16 2.60
CA LYS C 1699 88.74 22.26 2.43
C LYS C 1699 89.40 23.59 2.71
N ASP C 1700 90.14 23.69 3.81
CA ASP C 1700 90.74 24.96 4.18
C ASP C 1700 91.81 25.39 3.18
N THR C 1701 92.58 24.44 2.66
CA THR C 1701 93.74 24.78 1.85
C THR C 1701 93.43 24.90 0.36
N TYR C 1702 92.61 24.00 -0.19
CA TYR C 1702 92.40 23.93 -1.63
C TYR C 1702 90.92 23.96 -2.01
N GLY C 1703 90.04 24.25 -1.07
CA GLY C 1703 88.64 24.46 -1.38
C GLY C 1703 87.93 23.26 -1.98
N PHE C 1704 88.33 22.06 -1.59
CA PHE C 1704 87.64 20.86 -2.05
C PHE C 1704 87.69 19.81 -0.96
N SER C 1705 86.66 18.97 -0.91
CA SER C 1705 86.62 17.87 0.05
C SER C 1705 87.00 16.54 -0.58
N ILE C 1706 88.04 15.90 -0.04
CA ILE C 1706 88.40 14.57 -0.54
C ILE C 1706 87.30 13.57 -0.24
N LEU C 1707 86.61 13.72 0.90
CA LEU C 1707 85.48 12.84 1.18
C LEU C 1707 84.42 12.94 0.10
N ASP C 1708 84.15 14.13 -0.40
CA ASP C 1708 83.20 14.32 -1.47
C ASP C 1708 83.63 13.60 -2.74
N ILE C 1709 84.90 13.68 -3.07
CA ILE C 1709 85.39 13.02 -4.26
C ILE C 1709 85.26 11.51 -4.12
N VAL C 1710 85.58 10.98 -2.93
CA VAL C 1710 85.46 9.54 -2.71
C VAL C 1710 83.99 9.11 -2.79
N ILE C 1711 83.09 9.88 -2.20
CA ILE C 1711 81.70 9.45 -2.09
C ILE C 1711 80.97 9.59 -3.42
N ASN C 1712 81.14 10.73 -4.10
CA ASN C 1712 80.33 11.05 -5.26
C ASN C 1712 81.07 10.92 -6.58
N ASN C 1713 82.40 11.01 -6.60
CA ASN C 1713 83.19 10.86 -7.81
C ASN C 1713 82.66 11.76 -8.93
N PRO C 1714 82.81 13.09 -8.80
CA PRO C 1714 82.30 13.98 -9.84
C PRO C 1714 83.18 13.96 -11.07
N VAL C 1715 82.56 14.19 -12.23
CA VAL C 1715 83.32 14.29 -13.47
C VAL C 1715 84.14 15.56 -13.50
N ASN C 1716 83.55 16.68 -13.08
CA ASN C 1716 84.22 17.97 -13.04
C ASN C 1716 84.09 18.57 -11.65
N LEU C 1717 85.09 19.37 -11.27
CA LEU C 1717 85.11 20.03 -9.97
C LEU C 1717 85.67 21.43 -10.12
N THR C 1718 84.88 22.44 -9.79
CA THR C 1718 85.28 23.82 -9.94
C THR C 1718 85.62 24.42 -8.57
N ILE C 1719 86.74 25.12 -8.52
CA ILE C 1719 87.16 25.85 -7.32
C ILE C 1719 86.94 27.33 -7.60
N HIS C 1720 86.30 28.02 -6.66
CA HIS C 1720 85.96 29.42 -6.80
C HIS C 1720 86.81 30.26 -5.87
N PHE C 1721 87.50 31.26 -6.42
CA PHE C 1721 88.39 32.13 -5.67
C PHE C 1721 87.73 33.44 -5.28
N GLY C 1722 86.52 33.42 -4.74
CA GLY C 1722 85.81 34.63 -4.36
C GLY C 1722 85.97 34.91 -2.88
N GLY C 1723 86.08 36.20 -2.54
CA GLY C 1723 86.23 36.60 -1.15
C GLY C 1723 87.64 36.40 -0.64
N GLU C 1724 87.81 36.65 0.66
CA GLU C 1724 89.12 36.54 1.27
C GLU C 1724 89.60 35.09 1.32
N LYS C 1725 88.71 34.18 1.72
CA LYS C 1725 89.05 32.76 1.73
C LYS C 1725 89.37 32.27 0.32
N GLY C 1726 88.56 32.69 -0.66
CA GLY C 1726 88.84 32.34 -2.03
C GLY C 1726 90.21 32.83 -2.48
N LYS C 1727 90.57 34.05 -2.10
CA LYS C 1727 91.88 34.58 -2.48
C LYS C 1727 93.01 33.81 -1.83
N ARG C 1728 92.85 33.42 -0.56
CA ARG C 1728 93.87 32.60 0.08
C ARG C 1728 94.03 31.25 -0.62
N ILE C 1729 92.91 30.61 -0.97
CA ILE C 1729 92.98 29.34 -1.68
C ILE C 1729 93.66 29.52 -3.04
N ARG C 1730 93.34 30.61 -3.74
CA ARG C 1730 93.98 30.88 -5.02
C ARG C 1730 95.48 31.04 -4.86
N GLU C 1731 95.92 31.74 -3.80
CA GLU C 1731 97.35 31.86 -3.55
C GLU C 1731 97.98 30.49 -3.34
N ASN C 1732 97.32 29.63 -2.57
CA ASN C 1732 97.82 28.28 -2.39
C ASN C 1732 98.03 27.59 -3.73
N TYR C 1733 97.03 27.69 -4.60
CA TYR C 1733 97.17 27.07 -5.92
C TYR C 1733 98.32 27.67 -6.71
N SER C 1734 98.49 28.99 -6.63
CA SER C 1734 99.51 29.66 -7.42
C SER C 1734 100.91 29.26 -6.97
N ALA C 1735 101.10 29.04 -5.66
CA ALA C 1735 102.45 28.82 -5.15
C ALA C 1735 103.08 27.55 -5.71
N MET C 1736 102.32 26.46 -5.76
CA MET C 1736 102.92 25.16 -6.06
C MET C 1736 103.53 25.13 -7.46
N ILE C 1737 104.62 24.37 -7.59
CA ILE C 1737 105.41 24.32 -8.82
C ILE C 1737 105.87 22.90 -9.07
N PHE C 1738 106.41 22.65 -10.25
CA PHE C 1738 107.01 21.37 -10.62
C PHE C 1738 108.46 21.64 -11.04
N GLU C 1739 109.35 21.65 -10.05
CA GLU C 1739 110.77 21.80 -10.34
C GLU C 1739 111.30 20.53 -10.99
N THR C 1740 112.27 20.70 -11.88
CA THR C 1740 112.87 19.57 -12.58
C THR C 1740 114.31 19.90 -12.94
N ILE C 1741 115.09 18.86 -13.22
CA ILE C 1741 116.50 19.00 -13.56
C ILE C 1741 116.68 18.71 -15.04
N VAL C 1742 117.21 19.68 -15.77
CA VAL C 1742 117.49 19.53 -17.19
C VAL C 1742 118.98 19.74 -17.40
N ASP C 1743 119.67 18.69 -17.85
CA ASP C 1743 121.11 18.76 -18.11
C ASP C 1743 121.86 19.33 -16.92
N GLY C 1744 121.49 18.89 -15.72
CA GLY C 1744 122.10 19.41 -14.52
C GLY C 1744 121.77 20.85 -14.22
N LYS C 1745 120.51 21.26 -14.40
CA LYS C 1745 120.07 22.61 -14.09
C LYS C 1745 118.60 22.59 -13.69
N LEU C 1746 118.26 23.41 -12.70
CA LEU C 1746 116.87 23.51 -12.26
C LEU C 1746 116.01 24.18 -13.31
N LYS C 1747 114.77 23.69 -13.45
CA LYS C 1747 113.79 24.24 -14.39
C LYS C 1747 112.46 24.32 -13.65
N THR C 1748 112.21 25.46 -13.01
CA THR C 1748 111.02 25.65 -12.18
C THR C 1748 109.83 25.97 -13.08
N GLU C 1749 109.00 24.97 -13.36
CA GLU C 1749 107.73 25.19 -14.01
C GLU C 1749 106.70 25.63 -12.96
N LYS C 1750 105.45 25.81 -13.37
CA LYS C 1750 104.36 26.11 -12.46
C LYS C 1750 103.17 25.22 -12.80
N ILE C 1751 102.70 24.47 -11.81
CA ILE C 1751 101.44 23.75 -11.97
C ILE C 1751 100.31 24.76 -11.92
N PHE C 1752 99.26 24.50 -12.69
CA PHE C 1752 98.16 25.46 -12.84
C PHE C 1752 98.67 26.76 -13.45
N LYS C 1753 99.14 26.66 -14.69
CA LYS C 1753 99.50 27.86 -15.43
C LYS C 1753 98.28 28.70 -15.76
N GLU C 1754 97.07 28.12 -15.69
CA GLU C 1754 95.86 28.89 -15.95
C GLU C 1754 95.49 29.80 -14.80
N ILE C 1755 96.06 29.59 -13.61
CA ILE C 1755 95.66 30.32 -12.41
C ILE C 1755 96.60 31.49 -12.22
N ASN C 1756 96.07 32.71 -12.33
CA ASN C 1756 96.81 33.93 -12.06
C ASN C 1756 96.00 34.78 -11.08
N GLU C 1757 96.54 35.95 -10.76
CA GLU C 1757 95.89 36.82 -9.78
C GLU C 1757 94.62 37.46 -10.30
N HIS C 1758 94.24 37.20 -11.54
CA HIS C 1758 92.97 37.64 -12.10
C HIS C 1758 92.00 36.48 -12.32
N SER C 1759 92.34 35.29 -11.84
CA SER C 1759 91.47 34.14 -12.02
C SER C 1759 90.41 34.12 -10.93
N THR C 1760 89.18 33.83 -11.33
CA THR C 1760 88.08 33.75 -10.39
C THR C 1760 87.65 32.32 -10.10
N SER C 1761 88.11 31.35 -10.89
CA SER C 1761 87.83 29.95 -10.60
C SER C 1761 88.84 29.08 -11.34
N TYR C 1762 88.77 27.78 -11.05
CA TYR C 1762 89.56 26.77 -11.74
C TYR C 1762 88.79 25.47 -11.71
N THR C 1763 88.83 24.73 -12.81
CA THR C 1763 88.06 23.51 -12.97
C THR C 1763 89.00 22.34 -13.15
N PHE C 1764 88.82 21.32 -12.32
CA PHE C 1764 89.44 20.02 -12.56
C PHE C 1764 88.54 19.23 -13.49
N ARG C 1765 89.15 18.55 -14.45
CA ARG C 1765 88.41 17.84 -15.47
C ARG C 1765 88.78 16.37 -15.47
N SER C 1766 87.95 15.57 -16.12
CA SER C 1766 88.15 14.14 -16.26
C SER C 1766 87.13 13.64 -17.28
N GLU C 1767 87.12 12.32 -17.50
CA GLU C 1767 86.21 11.71 -18.45
C GLU C 1767 85.01 11.04 -17.78
N LYS C 1768 85.25 10.22 -16.75
CA LYS C 1768 84.19 9.48 -16.09
C LYS C 1768 84.17 9.68 -14.59
N GLY C 1769 85.05 10.52 -14.04
CA GLY C 1769 85.11 10.74 -12.61
C GLY C 1769 86.51 11.11 -12.15
N LEU C 1770 86.62 12.09 -11.26
CA LEU C 1770 87.92 12.58 -10.84
C LEU C 1770 88.61 11.67 -9.84
N LEU C 1771 87.89 10.72 -9.25
CA LEU C 1771 88.55 9.75 -8.38
C LEU C 1771 89.61 8.96 -9.12
N SER C 1772 89.52 8.86 -10.44
CA SER C 1772 90.55 8.21 -11.24
C SER C 1772 91.77 9.08 -11.45
N ALA C 1773 91.62 10.40 -11.35
CA ALA C 1773 92.75 11.31 -11.52
C ALA C 1773 93.80 11.03 -10.47
N THR C 1774 95.07 11.25 -10.81
CA THR C 1774 96.16 10.90 -9.91
C THR C 1774 96.10 11.71 -8.62
N GLN C 1775 96.00 13.04 -8.75
CA GLN C 1775 96.11 13.92 -7.59
C GLN C 1775 95.02 13.64 -6.56
N PHE C 1776 93.88 13.10 -6.97
CA PHE C 1776 92.82 12.74 -6.05
C PHE C 1776 92.84 11.27 -5.67
N THR C 1777 93.33 10.39 -6.55
CA THR C 1777 93.34 8.97 -6.23
C THR C 1777 94.42 8.65 -5.21
N GLN C 1778 95.59 9.27 -5.31
CA GLN C 1778 96.67 8.98 -4.37
C GLN C 1778 96.31 9.36 -2.94
N PRO C 1779 95.91 10.60 -2.64
CA PRO C 1779 95.52 10.90 -1.25
C PRO C 1779 94.36 10.08 -0.76
N ALA C 1780 93.39 9.76 -1.61
CA ALA C 1780 92.24 8.99 -1.18
C ALA C 1780 92.64 7.58 -0.77
N LEU C 1781 93.52 6.94 -1.55
CA LEU C 1781 93.99 5.61 -1.21
C LEU C 1781 94.82 5.65 0.06
N THR C 1782 95.70 6.65 0.17
CA THR C 1782 96.49 6.80 1.38
C THR C 1782 95.60 6.91 2.61
N LEU C 1783 94.54 7.72 2.51
CA LEU C 1783 93.64 7.89 3.64
C LEU C 1783 92.86 6.61 3.94
N MET C 1784 92.40 5.91 2.90
CA MET C 1784 91.68 4.67 3.15
C MET C 1784 92.55 3.70 3.95
N GLU C 1785 93.80 3.53 3.52
CA GLU C 1785 94.67 2.59 4.19
C GLU C 1785 95.04 3.06 5.60
N LYS C 1786 95.33 4.35 5.76
CA LYS C 1786 95.66 4.87 7.07
C LYS C 1786 94.49 4.74 8.04
N ALA C 1787 93.28 4.99 7.55
CA ALA C 1787 92.11 4.86 8.39
C ALA C 1787 91.90 3.42 8.82
N ALA C 1788 92.04 2.48 7.88
CA ALA C 1788 91.90 1.08 8.22
C ALA C 1788 92.91 0.67 9.27
N PHE C 1789 94.16 1.09 9.11
CA PHE C 1789 95.18 0.71 10.07
C PHE C 1789 94.95 1.36 11.43
N GLU C 1790 94.46 2.60 11.45
CA GLU C 1790 94.16 3.25 12.72
C GLU C 1790 93.03 2.53 13.43
N ASP C 1791 92.02 2.08 12.69
CA ASP C 1791 90.98 1.27 13.32
C ASP C 1791 91.56 -0.01 13.90
N LEU C 1792 92.44 -0.68 13.15
CA LEU C 1792 93.07 -1.89 13.69
C LEU C 1792 93.86 -1.59 14.96
N LYS C 1793 94.59 -0.49 14.96
CA LYS C 1793 95.38 -0.11 16.14
C LYS C 1793 94.47 0.19 17.33
N SER C 1794 93.33 0.84 17.08
CA SER C 1794 92.44 1.20 18.15
C SER C 1794 91.79 -0.02 18.80
N LYS C 1795 91.91 -1.20 18.20
CA LYS C 1795 91.39 -2.43 18.77
C LYS C 1795 92.48 -3.32 19.35
N GLY C 1796 93.71 -2.84 19.41
CA GLY C 1796 94.79 -3.60 19.99
C GLY C 1796 95.32 -4.72 19.12
N LEU C 1797 95.11 -4.67 17.82
CA LEU C 1797 95.38 -5.79 16.94
C LEU C 1797 96.74 -5.73 16.24
N ILE C 1798 97.60 -4.77 16.57
CA ILE C 1798 98.84 -4.57 15.84
C ILE C 1798 99.99 -5.14 16.66
N PRO C 1799 100.61 -6.24 16.25
CA PRO C 1799 101.80 -6.74 16.95
C PRO C 1799 102.90 -5.70 16.95
N ALA C 1800 103.65 -5.65 18.06
CA ALA C 1800 104.70 -4.66 18.19
C ALA C 1800 105.89 -4.96 17.30
N ASP C 1801 106.09 -6.21 16.91
CA ASP C 1801 107.20 -6.61 16.05
C ASP C 1801 106.78 -6.82 14.60
N ALA C 1802 105.57 -6.38 14.22
CA ALA C 1802 105.09 -6.60 12.87
C ALA C 1802 105.97 -5.87 11.86
N THR C 1803 106.53 -6.64 10.94
CA THR C 1803 107.24 -6.08 9.79
C THR C 1803 106.22 -5.63 8.74
N PHE C 1804 106.64 -4.73 7.86
CA PHE C 1804 105.69 -4.13 6.93
C PHE C 1804 106.40 -3.67 5.66
N ALA C 1805 105.60 -3.56 4.60
CA ALA C 1805 106.06 -3.09 3.31
C ALA C 1805 104.86 -2.59 2.52
N GLY C 1806 105.12 -1.76 1.51
CA GLY C 1806 104.04 -1.25 0.68
C GLY C 1806 104.38 -1.34 -0.78
N HIS C 1807 103.40 -1.70 -1.60
CA HIS C 1807 103.61 -1.83 -3.04
C HIS C 1807 103.33 -0.51 -3.74
N SER C 1808 104.40 0.14 -4.21
CA SER C 1808 104.26 1.46 -4.84
C SER C 1808 103.75 2.55 -3.85
N LEU C 1809 102.54 3.07 -4.07
CA LEU C 1809 101.96 4.08 -3.19
C LEU C 1809 101.82 3.55 -1.77
N GLY C 1810 101.56 2.25 -1.63
CA GLY C 1810 101.36 1.65 -0.33
C GLY C 1810 102.52 1.90 0.61
N GLU C 1811 103.72 2.00 0.06
CA GLU C 1811 104.90 2.18 0.90
C GLU C 1811 104.77 3.47 1.68
N TYR C 1812 104.36 4.52 1.00
CA TYR C 1812 104.21 5.81 1.64
C TYR C 1812 103.16 5.74 2.74
N ALA C 1813 102.06 5.07 2.45
CA ALA C 1813 101.00 4.92 3.43
C ALA C 1813 101.44 4.06 4.61
N ALA C 1814 102.20 3.01 4.34
CA ALA C 1814 102.67 2.12 5.39
C ALA C 1814 103.55 2.85 6.38
N LEU C 1815 104.42 3.72 5.89
CA LEU C 1815 105.26 4.50 6.79
C LEU C 1815 104.42 5.41 7.69
N ALA C 1816 103.40 6.05 7.14
CA ALA C 1816 102.54 6.90 7.96
C ALA C 1816 101.76 6.08 8.98
N SER C 1817 101.44 4.83 8.66
CA SER C 1817 100.58 4.04 9.53
C SER C 1817 101.37 3.38 10.66
N LEU C 1818 102.52 2.79 10.36
CA LEU C 1818 103.31 2.08 11.36
C LEU C 1818 104.46 2.90 11.91
N ALA C 1819 105.03 3.80 11.13
CA ALA C 1819 106.15 4.62 11.59
C ALA C 1819 105.71 5.99 12.08
N ASP C 1820 104.53 6.45 11.68
CA ASP C 1820 104.02 7.77 12.08
C ASP C 1820 105.08 8.85 11.89
N VAL C 1821 105.62 8.92 10.67
CA VAL C 1821 106.66 9.90 10.37
C VAL C 1821 106.09 11.27 10.08
N MET C 1822 104.81 11.36 9.74
CA MET C 1822 104.19 12.64 9.42
C MET C 1822 102.73 12.61 9.84
N SER C 1823 102.22 13.78 10.22
CA SER C 1823 100.83 13.89 10.62
C SER C 1823 99.91 13.70 9.42
N ILE C 1824 98.62 13.57 9.71
CA ILE C 1824 97.63 13.35 8.66
C ILE C 1824 97.64 14.49 7.66
N GLU C 1825 97.69 15.73 8.16
CA GLU C 1825 97.64 16.89 7.27
C GLU C 1825 98.86 16.94 6.36
N SER C 1826 100.04 16.65 6.89
CA SER C 1826 101.24 16.61 6.06
C SER C 1826 101.17 15.46 5.07
N LEU C 1827 100.65 14.32 5.49
CA LEU C 1827 100.60 13.14 4.61
C LEU C 1827 99.78 13.43 3.36
N VAL C 1828 98.55 13.91 3.54
CA VAL C 1828 97.68 14.15 2.39
C VAL C 1828 98.21 15.33 1.58
N GLU C 1829 98.87 16.28 2.23
CA GLU C 1829 99.43 17.42 1.51
C GLU C 1829 100.51 16.98 0.53
N VAL C 1830 101.46 16.17 1.00
CA VAL C 1830 102.56 15.75 0.14
C VAL C 1830 102.04 14.84 -0.98
N VAL C 1831 101.10 13.95 -0.66
CA VAL C 1831 100.57 13.05 -1.68
C VAL C 1831 99.81 13.84 -2.74
N PHE C 1832 99.10 14.88 -2.33
CA PHE C 1832 98.41 15.72 -3.32
C PHE C 1832 99.41 16.47 -4.19
N TYR C 1833 100.48 16.99 -3.59
CA TYR C 1833 101.49 17.68 -4.38
C TYR C 1833 102.13 16.72 -5.38
N ARG C 1834 102.48 15.51 -4.93
CA ARG C 1834 103.08 14.54 -5.84
C ARG C 1834 102.12 14.13 -6.94
N GLY C 1835 100.85 13.92 -6.59
CA GLY C 1835 99.89 13.54 -7.60
C GLY C 1835 99.71 14.60 -8.66
N MET C 1836 99.68 15.87 -8.26
CA MET C 1836 99.58 16.95 -9.24
C MET C 1836 100.84 17.01 -10.10
N THR C 1837 101.99 16.80 -9.49
CA THR C 1837 103.24 16.78 -10.26
C THR C 1837 103.18 15.73 -11.37
N MET C 1838 102.64 14.54 -11.07
CA MET C 1838 102.55 13.51 -12.09
C MET C 1838 101.67 13.94 -13.25
N GLN C 1839 100.55 14.58 -12.96
CA GLN C 1839 99.70 15.07 -14.03
C GLN C 1839 100.49 15.90 -15.01
N VAL C 1840 101.36 16.78 -14.52
CA VAL C 1840 102.12 17.69 -15.37
C VAL C 1840 103.45 17.10 -15.81
N ALA C 1841 103.78 15.88 -15.39
CA ALA C 1841 105.00 15.24 -15.85
C ALA C 1841 104.86 14.74 -17.28
N VAL C 1842 103.65 14.35 -17.68
CA VAL C 1842 103.39 13.83 -19.01
C VAL C 1842 102.48 14.83 -19.74
N PRO C 1843 102.70 15.09 -21.03
CA PRO C 1843 101.75 15.93 -21.76
C PRO C 1843 100.37 15.29 -21.77
N ARG C 1844 99.35 16.13 -21.65
CA ARG C 1844 97.99 15.63 -21.58
C ARG C 1844 97.06 16.38 -22.51
N ASP C 1845 95.77 16.14 -22.36
CA ASP C 1845 94.74 16.78 -23.18
C ASP C 1845 93.57 17.12 -22.27
N GLU C 1846 92.45 17.52 -22.87
CA GLU C 1846 91.23 17.68 -22.11
C GLU C 1846 90.77 16.34 -21.57
N LEU C 1847 90.16 16.36 -20.39
CA LEU C 1847 89.70 15.21 -19.63
C LEU C 1847 90.87 14.51 -18.94
N GLY C 1848 92.06 15.10 -18.95
CA GLY C 1848 93.18 14.53 -18.21
C GLY C 1848 93.65 13.18 -18.68
N ARG C 1849 94.24 13.10 -19.87
CA ARG C 1849 94.77 11.86 -20.42
C ARG C 1849 96.27 12.01 -20.67
N SER C 1850 96.87 10.99 -21.30
CA SER C 1850 98.31 10.99 -21.51
C SER C 1850 98.65 10.08 -22.69
N ASN C 1851 99.89 10.20 -23.16
CA ASN C 1851 100.42 9.36 -24.22
C ASN C 1851 101.06 8.09 -23.69
N TYR C 1852 101.42 8.05 -22.41
CA TYR C 1852 102.08 6.89 -21.83
C TYR C 1852 101.05 5.92 -21.25
N GLY C 1853 101.53 4.75 -20.84
CA GLY C 1853 100.65 3.76 -20.26
C GLY C 1853 101.44 2.62 -19.62
N MET C 1854 100.69 1.67 -19.06
CA MET C 1854 101.28 0.52 -18.40
C MET C 1854 100.46 -0.73 -18.70
N ILE C 1855 101.13 -1.88 -18.77
CA ILE C 1855 100.48 -3.16 -18.99
C ILE C 1855 101.11 -4.20 -18.08
N ALA C 1856 100.30 -5.15 -17.63
CA ALA C 1856 100.80 -6.30 -16.87
C ALA C 1856 101.16 -7.42 -17.85
N ILE C 1857 102.29 -8.08 -17.59
CA ILE C 1857 102.80 -9.11 -18.49
C ILE C 1857 102.95 -10.41 -17.71
N ASN C 1858 102.43 -11.49 -18.27
CA ASN C 1858 102.57 -12.83 -17.70
C ASN C 1858 103.52 -13.63 -18.57
N PRO C 1859 104.82 -13.66 -18.27
CA PRO C 1859 105.76 -14.37 -19.16
C PRO C 1859 105.45 -15.84 -19.31
N GLY C 1860 104.74 -16.43 -18.35
CA GLY C 1860 104.36 -17.82 -18.47
C GLY C 1860 103.21 -18.08 -19.40
N ARG C 1861 102.69 -17.04 -20.06
CA ARG C 1861 101.56 -17.20 -20.98
C ARG C 1861 101.97 -17.13 -22.44
N VAL C 1862 103.08 -16.46 -22.75
CA VAL C 1862 103.57 -16.44 -24.12
C VAL C 1862 104.14 -17.82 -24.48
N ALA C 1863 104.87 -18.43 -23.55
CA ALA C 1863 105.39 -19.77 -23.70
C ALA C 1863 105.71 -20.30 -22.32
N ALA C 1864 105.57 -21.61 -22.13
CA ALA C 1864 105.87 -22.20 -20.83
C ALA C 1864 107.34 -22.14 -20.48
N SER C 1865 108.22 -21.78 -21.42
CA SER C 1865 109.65 -21.73 -21.19
C SER C 1865 110.22 -20.33 -21.36
N PHE C 1866 109.41 -19.28 -21.18
CA PHE C 1866 109.85 -17.91 -21.37
C PHE C 1866 110.24 -17.32 -20.02
N SER C 1867 111.54 -17.32 -19.74
CA SER C 1867 112.04 -16.85 -18.45
C SER C 1867 111.94 -15.34 -18.36
N GLN C 1868 111.96 -14.85 -17.11
CA GLN C 1868 111.97 -13.41 -16.88
C GLN C 1868 113.15 -12.77 -17.61
N GLU C 1869 114.35 -13.33 -17.42
CA GLU C 1869 115.54 -12.76 -18.06
C GLU C 1869 115.37 -12.70 -19.57
N ALA C 1870 114.53 -13.58 -20.13
CA ALA C 1870 114.23 -13.49 -21.55
C ALA C 1870 113.36 -12.27 -21.85
N LEU C 1871 112.31 -12.05 -21.05
CA LEU C 1871 111.47 -10.88 -21.26
C LEU C 1871 112.26 -9.61 -21.03
N GLN C 1872 113.02 -9.55 -19.93
CA GLN C 1872 113.87 -8.40 -19.66
C GLN C 1872 114.85 -8.18 -20.79
N TYR C 1873 115.20 -9.24 -21.52
CA TYR C 1873 116.04 -9.10 -22.70
C TYR C 1873 115.25 -8.53 -23.87
N VAL C 1874 114.04 -9.05 -24.10
CA VAL C 1874 113.25 -8.61 -25.24
C VAL C 1874 112.85 -7.14 -25.09
N VAL C 1875 112.31 -6.78 -23.92
CA VAL C 1875 111.89 -5.40 -23.71
C VAL C 1875 113.08 -4.47 -23.81
N GLU C 1876 114.22 -4.87 -23.24
CA GLU C 1876 115.41 -4.04 -23.30
C GLU C 1876 115.83 -3.79 -24.74
N ARG C 1877 115.82 -4.84 -25.57
CA ARG C 1877 116.20 -4.67 -26.97
C ARG C 1877 115.12 -3.93 -27.73
N VAL C 1878 113.85 -4.19 -27.44
CA VAL C 1878 112.77 -3.55 -28.19
C VAL C 1878 112.88 -2.04 -28.08
N GLY C 1879 113.10 -1.54 -26.87
CA GLY C 1879 113.35 -0.11 -26.71
C GLY C 1879 114.62 0.32 -27.41
N LYS C 1880 115.70 -0.43 -27.22
CA LYS C 1880 116.96 -0.09 -27.88
C LYS C 1880 116.83 -0.21 -29.40
N ARG C 1881 116.23 -1.31 -29.87
CA ARG C 1881 116.02 -1.51 -31.29
C ARG C 1881 114.93 -0.61 -31.86
N THR C 1882 114.37 0.29 -31.06
CA THR C 1882 113.36 1.23 -31.52
C THR C 1882 113.57 2.65 -31.04
N GLY C 1883 114.42 2.88 -30.05
CA GLY C 1883 114.77 4.23 -29.64
C GLY C 1883 113.74 4.95 -28.82
N TRP C 1884 112.69 4.27 -28.36
CA TRP C 1884 111.67 4.88 -27.53
C TRP C 1884 111.90 4.45 -26.08
N LEU C 1885 110.97 4.81 -25.20
CA LEU C 1885 111.08 4.53 -23.78
C LEU C 1885 110.11 3.42 -23.41
N VAL C 1886 110.65 2.32 -22.86
CA VAL C 1886 109.86 1.20 -22.37
C VAL C 1886 110.76 0.35 -21.51
N GLU C 1887 110.24 -0.15 -20.39
CA GLU C 1887 111.04 -0.97 -19.49
C GLU C 1887 110.09 -1.75 -18.57
N ILE C 1888 110.66 -2.41 -17.57
CA ILE C 1888 109.92 -3.18 -16.58
C ILE C 1888 109.96 -2.40 -15.28
N VAL C 1889 108.79 -2.20 -14.68
CA VAL C 1889 108.65 -1.33 -13.52
C VAL C 1889 108.32 -2.11 -12.26
N ASN C 1890 107.52 -3.17 -12.36
CA ASN C 1890 107.09 -3.93 -11.20
C ASN C 1890 107.32 -5.41 -11.44
N TYR C 1891 108.25 -5.99 -10.69
CA TYR C 1891 108.40 -7.45 -10.62
C TYR C 1891 107.48 -7.93 -9.51
N ASN C 1892 106.33 -8.49 -9.88
CA ASN C 1892 105.29 -8.82 -8.90
C ASN C 1892 105.31 -10.29 -8.52
N VAL C 1893 105.18 -11.20 -9.48
CA VAL C 1893 105.17 -12.64 -9.22
C VAL C 1893 106.18 -13.30 -10.15
N GLU C 1894 106.99 -14.19 -9.60
CA GLU C 1894 108.06 -14.84 -10.36
C GLU C 1894 107.52 -15.44 -11.66
N ASN C 1895 108.12 -15.01 -12.78
CA ASN C 1895 107.77 -15.53 -14.11
C ASN C 1895 106.26 -15.55 -14.34
N GLN C 1896 105.52 -14.70 -13.65
CA GLN C 1896 104.06 -14.72 -13.80
C GLN C 1896 103.44 -13.33 -13.88
N GLN C 1897 104.13 -12.32 -13.36
CA GLN C 1897 103.56 -10.97 -13.30
C GLN C 1897 104.69 -9.96 -13.36
N TYR C 1898 104.84 -9.32 -14.51
CA TYR C 1898 105.73 -8.18 -14.65
C TYR C 1898 104.94 -7.07 -15.33
N VAL C 1899 105.18 -5.84 -14.90
CA VAL C 1899 104.49 -4.66 -15.43
C VAL C 1899 105.51 -3.82 -16.18
N ALA C 1900 105.18 -3.43 -17.41
CA ALA C 1900 106.00 -2.55 -18.20
C ALA C 1900 105.32 -1.20 -18.35
N ALA C 1901 106.11 -0.14 -18.32
CA ALA C 1901 105.63 1.22 -18.45
C ALA C 1901 106.34 1.91 -19.61
N GLY C 1902 105.61 2.74 -20.34
CA GLY C 1902 106.20 3.49 -21.43
C GLY C 1902 105.13 4.01 -22.37
N ASP C 1903 105.58 4.30 -23.59
CA ASP C 1903 104.70 4.85 -24.61
C ASP C 1903 103.55 3.89 -24.89
N LEU C 1904 102.33 4.42 -24.89
CA LEU C 1904 101.16 3.58 -25.13
C LEU C 1904 101.23 2.93 -26.51
N ARG C 1905 101.89 3.60 -27.48
CA ARG C 1905 102.17 2.95 -28.75
C ARG C 1905 103.22 1.85 -28.58
N ALA C 1906 104.34 2.19 -27.91
CA ALA C 1906 105.41 1.21 -27.76
C ALA C 1906 104.93 -0.02 -27.00
N LEU C 1907 104.17 0.19 -25.93
CA LEU C 1907 103.60 -0.93 -25.22
C LEU C 1907 102.69 -1.75 -26.13
N ASP C 1908 102.00 -1.09 -27.06
CA ASP C 1908 101.12 -1.81 -27.98
C ASP C 1908 101.92 -2.74 -28.90
N THR C 1909 103.13 -2.33 -29.28
CA THR C 1909 103.98 -3.23 -30.05
C THR C 1909 104.46 -4.38 -29.17
N VAL C 1910 104.83 -4.08 -27.92
CA VAL C 1910 105.38 -5.10 -27.03
C VAL C 1910 104.41 -6.27 -26.93
N THR C 1911 103.13 -5.98 -26.73
CA THR C 1911 102.14 -7.06 -26.69
C THR C 1911 102.06 -7.80 -28.02
N ASN C 1912 102.11 -7.05 -29.13
CA ASN C 1912 102.05 -7.70 -30.44
C ASN C 1912 103.24 -8.63 -30.64
N VAL C 1913 104.43 -8.17 -30.30
CA VAL C 1913 105.63 -8.99 -30.47
C VAL C 1913 105.51 -10.26 -29.64
N LEU C 1914 105.21 -10.12 -28.35
CA LEU C 1914 105.01 -11.29 -27.51
C LEU C 1914 103.87 -12.15 -28.03
N ASN C 1915 102.87 -11.52 -28.65
CA ASN C 1915 101.80 -12.28 -29.30
C ASN C 1915 102.34 -13.02 -30.51
N PHE C 1916 103.36 -12.48 -31.17
CA PHE C 1916 104.01 -13.20 -32.27
C PHE C 1916 104.97 -14.26 -31.73
N ILE C 1917 105.63 -13.98 -30.61
CA ILE C 1917 106.47 -15.00 -29.98
C ILE C 1917 105.62 -16.18 -29.54
N LYS C 1918 104.46 -15.90 -28.95
CA LYS C 1918 103.58 -16.98 -28.50
C LYS C 1918 102.97 -17.73 -29.67
N LEU C 1919 103.05 -17.16 -30.87
CA LEU C 1919 102.53 -17.85 -32.05
C LEU C 1919 103.53 -18.85 -32.61
N GLN C 1920 104.77 -18.84 -32.16
CA GLN C 1920 105.80 -19.77 -32.59
C GLN C 1920 106.51 -20.33 -31.36
N LYS C 1921 107.61 -21.04 -31.60
CA LYS C 1921 108.40 -21.61 -30.51
C LYS C 1921 109.44 -20.61 -30.01
N ARG C 1962 92.38 -6.34 -23.83
CA ARG C 1962 93.21 -7.36 -23.20
C ARG C 1962 94.27 -7.88 -24.18
N GLY C 1963 94.79 -9.07 -23.89
CA GLY C 1963 95.79 -9.69 -24.74
C GLY C 1963 96.07 -11.10 -24.28
N PHE C 1964 96.85 -11.80 -25.10
CA PHE C 1964 97.20 -13.18 -24.77
C PHE C 1964 98.03 -13.23 -23.48
N ALA C 1965 99.04 -12.37 -23.37
CA ALA C 1965 99.88 -12.31 -22.18
C ALA C 1965 100.04 -10.88 -21.66
N CYS C 1966 99.27 -9.92 -22.16
CA CYS C 1966 99.41 -8.52 -21.77
C CYS C 1966 98.02 -7.93 -21.52
N ILE C 1967 97.65 -7.81 -20.24
CA ILE C 1967 96.40 -7.18 -19.84
C ILE C 1967 96.70 -5.73 -19.51
N PRO C 1968 95.83 -4.77 -19.85
CA PRO C 1968 96.14 -3.36 -19.55
C PRO C 1968 95.70 -2.95 -18.15
N LEU C 1969 96.63 -2.40 -17.37
CA LEU C 1969 96.34 -2.00 -16.00
C LEU C 1969 95.60 -0.66 -16.03
N VAL C 1970 94.29 -0.70 -15.80
CA VAL C 1970 93.51 0.53 -15.76
C VAL C 1970 93.89 1.35 -14.53
N GLY C 1971 93.65 2.65 -14.62
CA GLY C 1971 93.89 3.56 -13.52
C GLY C 1971 95.26 4.21 -13.48
N ILE C 1972 96.16 3.84 -14.40
CA ILE C 1972 97.49 4.42 -14.47
C ILE C 1972 97.62 5.20 -15.76
N SER C 1973 98.21 6.39 -15.68
CA SER C 1973 98.39 7.23 -16.87
C SER C 1973 99.77 7.90 -16.89
N VAL C 1974 100.74 7.37 -16.15
CA VAL C 1974 102.10 7.92 -16.14
C VAL C 1974 103.08 6.77 -16.03
N PRO C 1975 104.26 6.91 -16.66
CA PRO C 1975 105.26 5.82 -16.55
C PRO C 1975 105.99 5.79 -15.20
N PHE C 1976 105.26 5.37 -14.17
CA PHE C 1976 105.81 5.28 -12.84
C PHE C 1976 106.97 4.28 -12.79
N HIS C 1977 107.94 4.57 -11.92
CA HIS C 1977 109.05 3.65 -11.68
C HIS C 1977 109.92 3.47 -12.92
N SER C 1978 109.87 4.44 -13.82
CA SER C 1978 110.61 4.38 -15.08
C SER C 1978 111.72 5.41 -15.09
N THR C 1979 112.73 5.17 -15.94
CA THR C 1979 113.82 6.13 -16.10
C THR C 1979 113.34 7.44 -16.68
N TYR C 1980 112.11 7.48 -17.21
CA TYR C 1980 111.53 8.72 -17.69
C TYR C 1980 111.46 9.77 -16.58
N LEU C 1981 111.14 9.35 -15.35
CA LEU C 1981 110.91 10.27 -14.24
C LEU C 1981 112.16 10.54 -13.42
N MET C 1982 113.34 10.23 -13.96
CA MET C 1982 114.57 10.34 -13.17
C MET C 1982 114.85 11.79 -12.79
N ASN C 1983 114.45 12.76 -13.62
CA ASN C 1983 114.70 14.15 -13.29
C ASN C 1983 114.01 14.54 -11.99
N GLY C 1984 112.74 14.16 -11.82
CA GLY C 1984 112.00 14.57 -10.64
C GLY C 1984 112.65 14.11 -9.35
N VAL C 1985 113.39 13.01 -9.41
CA VAL C 1985 114.00 12.43 -8.21
C VAL C 1985 114.80 13.48 -7.46
N LYS C 1986 115.36 14.45 -8.17
CA LYS C 1986 116.15 15.48 -7.52
C LYS C 1986 115.23 16.44 -6.78
N PRO C 1987 114.28 17.11 -7.45
CA PRO C 1987 113.31 17.93 -6.72
C PRO C 1987 112.51 17.16 -5.70
N PHE C 1988 112.11 15.92 -6.00
CA PHE C 1988 111.31 15.14 -5.06
C PHE C 1988 112.05 14.96 -3.75
N LYS C 1989 113.34 14.64 -3.84
CA LYS C 1989 114.15 14.46 -2.64
C LYS C 1989 114.15 15.72 -1.78
N SER C 1990 114.28 16.89 -2.43
CA SER C 1990 114.27 18.14 -1.70
C SER C 1990 112.91 18.38 -1.04
N PHE C 1991 111.84 18.06 -1.74
CA PHE C 1991 110.50 18.28 -1.20
C PHE C 1991 110.22 17.37 -0.01
N LEU C 1992 110.67 16.11 -0.07
CA LEU C 1992 110.49 15.20 1.05
C LEU C 1992 111.40 15.57 2.22
N LYS C 1993 112.68 15.85 1.93
CA LYS C 1993 113.58 16.26 2.99
C LYS C 1993 113.05 17.46 3.74
N LYS C 1994 112.26 18.30 3.06
CA LYS C 1994 111.57 19.39 3.73
C LYS C 1994 110.46 18.86 4.62
N ASN C 1995 109.53 18.08 4.06
CA ASN C 1995 108.31 17.75 4.78
C ASN C 1995 108.53 16.66 5.82
N ILE C 1996 109.48 15.75 5.60
CA ILE C 1996 109.75 14.71 6.58
C ILE C 1996 110.56 15.32 7.72
N ILE C 1997 109.91 15.45 8.87
CA ILE C 1997 110.54 16.08 10.03
C ILE C 1997 111.64 15.16 10.55
N LYS C 1998 112.76 15.76 10.94
CA LYS C 1998 113.88 15.00 11.49
C LYS C 1998 113.47 14.25 12.75
N GLU C 1999 112.72 14.89 13.64
CA GLU C 1999 112.42 14.35 14.95
C GLU C 1999 111.25 13.37 14.93
N ASN C 2000 110.58 13.21 13.80
CA ASN C 2000 109.43 12.33 13.71
C ASN C 2000 109.78 10.94 13.21
N VAL C 2001 111.06 10.67 12.96
CA VAL C 2001 111.50 9.37 12.46
C VAL C 2001 112.14 8.61 13.62
N LYS C 2002 111.52 7.50 14.00
CA LYS C 2002 112.00 6.65 15.09
C LYS C 2002 112.59 5.40 14.47
N VAL C 2003 113.90 5.21 14.62
CA VAL C 2003 114.56 4.05 14.03
C VAL C 2003 113.94 2.77 14.56
N ALA C 2004 113.63 2.72 15.86
CA ALA C 2004 113.07 1.51 16.44
C ALA C 2004 111.79 1.10 15.74
N ARG C 2005 111.07 2.06 15.15
CA ARG C 2005 109.87 1.72 14.42
C ARG C 2005 110.16 1.23 13.01
N LEU C 2006 111.38 1.42 12.50
CA LEU C 2006 111.75 1.06 11.14
C LEU C 2006 112.78 -0.05 11.05
N ALA C 2007 113.74 -0.10 11.97
CA ALA C 2007 114.87 -1.02 11.85
C ALA C 2007 114.40 -2.46 11.85
N GLY C 2008 114.72 -3.19 10.79
CA GLY C 2008 114.37 -4.58 10.68
C GLY C 2008 112.91 -4.86 10.40
N LYS C 2009 112.08 -3.84 10.31
CA LYS C 2009 110.65 -4.01 10.03
C LYS C 2009 110.25 -3.48 8.66
N TYR C 2010 110.80 -2.34 8.26
CA TYR C 2010 110.41 -1.73 6.99
C TYR C 2010 111.23 -2.26 5.85
N ILE C 2011 110.58 -2.80 4.82
CA ILE C 2011 111.31 -3.25 3.65
C ILE C 2011 111.00 -2.33 2.47
N PRO C 2012 111.96 -1.49 2.07
CA PRO C 2012 111.67 -0.55 0.98
C PRO C 2012 111.59 -1.23 -0.38
N ASN C 2013 110.91 -0.61 -1.34
CA ASN C 2013 110.84 -1.16 -2.69
C ASN C 2013 112.14 -0.91 -3.44
N LEU C 2014 112.86 0.14 -3.05
CA LEU C 2014 114.11 0.48 -3.72
C LEU C 2014 115.16 -0.61 -3.49
N THR C 2015 115.32 -1.03 -2.23
CA THR C 2015 116.11 -2.21 -1.88
C THR C 2015 115.20 -3.14 -1.09
N ALA C 2016 114.98 -4.35 -1.62
CA ALA C 2016 114.14 -5.32 -0.93
C ALA C 2016 114.93 -5.95 0.23
N LYS C 2017 115.23 -5.11 1.21
CA LYS C 2017 115.99 -5.51 2.38
C LYS C 2017 115.48 -4.72 3.57
N PRO C 2018 115.28 -5.34 4.73
CA PRO C 2018 114.77 -4.58 5.88
C PRO C 2018 115.67 -3.40 6.22
N PHE C 2019 115.02 -2.29 6.57
CA PHE C 2019 115.73 -1.04 6.82
C PHE C 2019 116.75 -1.20 7.93
N GLN C 2020 117.95 -0.68 7.69
CA GLN C 2020 119.03 -0.72 8.69
C GLN C 2020 119.91 0.50 8.48
N VAL C 2021 120.35 1.11 9.57
CA VAL C 2021 121.29 2.24 9.49
C VAL C 2021 122.68 1.64 9.62
N THR C 2022 123.20 1.15 8.50
CA THR C 2022 124.52 0.54 8.46
C THR C 2022 125.18 0.83 7.12
N LYS C 2023 126.51 0.87 7.13
CA LYS C 2023 127.27 1.16 5.92
C LYS C 2023 126.90 0.20 4.79
N GLU C 2024 126.58 -1.05 5.13
CA GLU C 2024 126.24 -2.02 4.10
C GLU C 2024 124.93 -1.63 3.42
N TYR C 2025 123.98 -1.11 4.20
CA TYR C 2025 122.72 -0.68 3.61
C TYR C 2025 122.93 0.53 2.70
N PHE C 2026 123.64 1.54 3.21
CA PHE C 2026 123.93 2.70 2.38
C PHE C 2026 124.78 2.33 1.17
N GLN C 2027 125.67 1.34 1.32
CA GLN C 2027 126.45 0.89 0.17
C GLN C 2027 125.55 0.31 -0.91
N ASP C 2028 124.59 -0.53 -0.51
CA ASP C 2028 123.65 -1.08 -1.47
C ASP C 2028 122.83 0.02 -2.12
N VAL C 2029 122.41 1.01 -1.33
CA VAL C 2029 121.64 2.12 -1.89
C VAL C 2029 122.44 2.85 -2.94
N TYR C 2030 123.70 3.17 -2.63
CA TYR C 2030 124.55 3.85 -3.60
C TYR C 2030 124.78 2.99 -4.82
N ASP C 2031 124.97 1.68 -4.63
CA ASP C 2031 125.27 0.80 -5.76
C ASP C 2031 124.19 0.89 -6.83
N LEU C 2032 122.94 0.72 -6.44
CA LEU C 2032 121.86 0.67 -7.42
C LEU C 2032 121.56 2.05 -7.98
N THR C 2033 121.49 3.06 -7.13
CA THR C 2033 121.13 4.43 -7.53
C THR C 2033 122.09 5.36 -6.83
N GLY C 2034 123.12 5.80 -7.54
CA GLY C 2034 124.11 6.68 -6.96
C GLY C 2034 123.49 7.97 -6.45
N SER C 2035 123.76 8.31 -5.20
CA SER C 2035 123.31 9.55 -4.59
C SER C 2035 124.45 10.18 -3.81
N GLU C 2036 124.67 11.48 -4.02
CA GLU C 2036 125.79 12.15 -3.37
C GLU C 2036 125.66 12.19 -1.86
N PRO C 2037 124.53 12.61 -1.28
CA PRO C 2037 124.44 12.59 0.19
C PRO C 2037 124.69 11.20 0.76
N ILE C 2038 124.24 10.16 0.05
CA ILE C 2038 124.46 8.80 0.50
C ILE C 2038 125.96 8.53 0.66
N LYS C 2039 126.74 8.84 -0.38
CA LYS C 2039 128.16 8.54 -0.30
C LYS C 2039 128.90 9.50 0.62
N GLU C 2040 128.35 10.68 0.88
CA GLU C 2040 128.87 11.51 1.96
C GLU C 2040 128.74 10.77 3.28
N ILE C 2041 127.65 10.03 3.45
CA ILE C 2041 127.51 9.16 4.61
C ILE C 2041 128.53 8.04 4.53
N ILE C 2042 128.69 7.45 3.35
CA ILE C 2042 129.63 6.34 3.17
C ILE C 2042 131.06 6.80 3.46
N ASP C 2043 131.54 7.76 2.65
CA ASP C 2043 132.93 8.17 2.74
C ASP C 2043 133.30 8.77 4.09
N ASN C 2044 132.33 9.26 4.85
CA ASN C 2044 132.58 9.85 6.16
C ASN C 2044 131.98 9.02 7.30
N TRP C 2045 131.78 7.73 7.05
CA TRP C 2045 131.09 6.90 8.05
C TRP C 2045 131.82 6.92 9.39
N GLU C 2046 133.15 6.78 9.37
CA GLU C 2046 133.90 6.79 10.62
C GLU C 2046 133.61 8.04 11.44
N LYS C 2047 133.40 9.17 10.76
CA LYS C 2047 133.09 10.41 11.47
C LYS C 2047 131.74 10.30 12.16
N TYR C 2048 130.73 9.80 11.46
CA TYR C 2048 129.39 9.69 12.04
C TYR C 2048 129.30 8.56 13.06
N GLU C 2049 129.89 7.41 12.76
CA GLU C 2049 129.82 6.29 13.69
C GLU C 2049 130.41 6.65 15.04
N GLN C 2050 131.56 7.33 15.03
CA GLN C 2050 132.16 7.81 16.27
C GLN C 2050 131.30 8.92 16.88
N MET D 1 126.52 3.98 16.98
CA MET D 1 126.39 5.45 16.79
C MET D 1 125.39 6.02 17.79
N LYS D 2 125.52 7.31 18.08
CA LYS D 2 124.62 7.95 19.03
C LYS D 2 123.18 7.92 18.52
N PRO D 3 122.19 7.93 19.42
CA PRO D 3 120.80 7.93 18.97
C PRO D 3 120.45 9.12 18.08
N GLU D 4 121.03 10.28 18.36
CA GLU D 4 120.75 11.46 17.54
C GLU D 4 121.39 11.35 16.17
N VAL D 5 122.66 10.91 16.12
CA VAL D 5 123.31 10.70 14.83
C VAL D 5 122.62 9.55 14.09
N GLU D 6 122.20 8.52 14.82
CA GLU D 6 121.46 7.43 14.20
C GLU D 6 120.17 7.93 13.58
N GLN D 7 119.45 8.81 14.29
CA GLN D 7 118.21 9.36 13.75
C GLN D 7 118.47 10.22 12.53
N GLU D 8 119.56 11.00 12.56
CA GLU D 8 119.93 11.80 11.39
C GLU D 8 120.18 10.93 10.18
N LEU D 9 120.96 9.86 10.36
CA LEU D 9 121.25 8.94 9.27
C LEU D 9 119.98 8.26 8.78
N ALA D 10 119.11 7.85 9.71
CA ALA D 10 117.87 7.19 9.33
C ALA D 10 116.99 8.13 8.52
N HIS D 11 116.92 9.40 8.91
CA HIS D 11 116.15 10.37 8.14
C HIS D 11 116.71 10.51 6.73
N ILE D 12 118.02 10.61 6.60
CA ILE D 12 118.62 10.72 5.28
C ILE D 12 118.27 9.49 4.44
N LEU D 13 118.42 8.30 5.02
CA LEU D 13 118.15 7.07 4.31
C LEU D 13 116.69 7.01 3.86
N LEU D 14 115.76 7.37 4.76
CA LEU D 14 114.34 7.29 4.43
C LEU D 14 113.99 8.27 3.32
N THR D 15 114.51 9.51 3.41
CA THR D 15 114.22 10.48 2.37
C THR D 15 114.75 10.00 1.02
N GLU D 16 115.97 9.46 1.01
CA GLU D 16 116.55 8.97 -0.24
C GLU D 16 115.74 7.81 -0.82
N LEU D 17 115.34 6.87 0.03
CA LEU D 17 114.58 5.72 -0.44
C LEU D 17 113.25 6.15 -1.04
N LEU D 18 112.52 7.03 -0.34
CA LEU D 18 111.25 7.50 -0.87
C LEU D 18 111.45 8.28 -2.15
N ALA D 19 112.49 9.13 -2.21
CA ALA D 19 112.72 9.94 -3.40
C ALA D 19 112.97 9.06 -4.62
N TYR D 20 113.84 8.08 -4.49
CA TYR D 20 114.21 7.26 -5.63
C TYR D 20 113.22 6.15 -5.94
N GLN D 21 112.30 5.85 -5.04
CA GLN D 21 111.40 4.72 -5.27
C GLN D 21 110.55 4.87 -6.51
N PHE D 22 109.97 6.04 -6.72
CA PHE D 22 109.00 6.20 -7.79
C PHE D 22 109.66 6.26 -9.17
N ALA D 23 110.98 6.40 -9.22
CA ALA D 23 111.72 6.43 -10.48
C ALA D 23 112.55 5.18 -10.71
N SER D 24 112.34 4.14 -9.91
CA SER D 24 113.06 2.88 -10.03
C SER D 24 112.08 1.73 -9.86
N PRO D 25 112.39 0.56 -10.41
CA PRO D 25 111.40 -0.52 -10.43
C PRO D 25 111.08 -1.05 -9.04
N VAL D 26 109.88 -1.60 -8.92
CA VAL D 26 109.38 -2.12 -7.66
C VAL D 26 109.71 -3.61 -7.58
N ARG D 27 110.57 -3.98 -6.64
CA ARG D 27 111.01 -5.38 -6.51
C ARG D 27 110.12 -6.09 -5.49
N TRP D 28 108.88 -6.33 -5.88
CA TRP D 28 107.97 -7.08 -5.03
C TRP D 28 108.39 -8.54 -4.88
N ILE D 29 109.14 -9.08 -5.85
CA ILE D 29 109.58 -10.47 -5.76
C ILE D 29 110.48 -10.66 -4.54
N GLU D 30 111.51 -9.81 -4.42
CA GLU D 30 112.43 -9.96 -3.31
C GLU D 30 111.75 -9.68 -1.98
N THR D 31 110.80 -8.73 -1.97
CA THR D 31 110.08 -8.43 -0.73
C THR D 31 109.23 -9.62 -0.29
N GLN D 32 108.52 -10.24 -1.23
CA GLN D 32 107.75 -11.43 -0.89
C GLN D 32 108.66 -12.54 -0.40
N ASP D 33 109.80 -12.73 -1.05
CA ASP D 33 110.78 -13.69 -0.54
C ASP D 33 111.14 -13.37 0.90
N VAL D 34 111.48 -12.12 1.17
CA VAL D 34 111.97 -11.75 2.49
C VAL D 34 110.94 -12.07 3.55
N PHE D 35 109.70 -11.60 3.35
CA PHE D 35 108.72 -11.73 4.41
C PHE D 35 107.96 -13.05 4.38
N LEU D 36 108.21 -13.92 3.40
CA LEU D 36 107.65 -15.25 3.43
C LEU D 36 108.65 -16.32 3.83
N LYS D 37 109.94 -16.06 3.68
CA LYS D 37 110.97 -17.04 3.98
C LYS D 37 111.95 -16.58 5.06
N ASP D 38 112.52 -15.38 4.93
CA ASP D 38 113.53 -14.98 5.89
C ASP D 38 112.93 -14.70 7.27
N PHE D 39 111.69 -14.21 7.31
CA PHE D 39 110.96 -14.06 8.56
C PHE D 39 109.91 -15.14 8.76
N ASN D 40 109.42 -15.76 7.68
CA ASN D 40 108.25 -16.61 7.75
C ASN D 40 107.08 -15.74 8.19
N THR D 41 105.85 -16.15 7.88
CA THR D 41 104.71 -15.35 8.31
C THR D 41 103.43 -16.17 8.27
N GLU D 42 102.86 -16.45 9.44
CA GLU D 42 101.62 -17.21 9.50
C GLU D 42 100.41 -16.39 9.13
N ARG D 43 100.46 -15.07 9.25
CA ARG D 43 99.39 -14.20 8.80
C ARG D 43 99.99 -13.03 8.04
N VAL D 44 99.58 -12.87 6.79
CA VAL D 44 99.89 -11.71 5.97
C VAL D 44 98.59 -10.94 5.79
N VAL D 45 98.57 -9.69 6.25
CA VAL D 45 97.37 -8.87 6.27
C VAL D 45 97.54 -7.77 5.24
N GLU D 46 96.66 -7.75 4.25
CA GLU D 46 96.70 -6.73 3.21
C GLU D 46 95.78 -5.59 3.57
N ILE D 47 96.34 -4.38 3.59
CA ILE D 47 95.59 -3.17 3.91
C ILE D 47 95.32 -2.47 2.59
N GLY D 48 94.08 -2.57 2.11
CA GLY D 48 93.72 -1.95 0.86
C GLY D 48 92.27 -2.20 0.48
N PRO D 49 91.85 -1.57 -0.63
CA PRO D 49 90.46 -1.71 -1.08
C PRO D 49 90.16 -3.00 -1.82
N SER D 50 91.17 -3.78 -2.19
CA SER D 50 90.96 -4.99 -2.96
C SER D 50 92.09 -5.96 -2.69
N PRO D 51 91.90 -7.27 -2.95
CA PRO D 51 92.95 -8.27 -2.68
C PRO D 51 93.94 -8.44 -3.84
N THR D 52 94.75 -7.41 -4.07
CA THR D 52 95.77 -7.47 -5.11
C THR D 52 97.03 -8.17 -4.60
N LEU D 53 97.65 -7.60 -3.56
CA LEU D 53 98.87 -8.20 -3.02
C LEU D 53 98.56 -9.52 -2.33
N ALA D 54 97.35 -9.70 -1.82
CA ALA D 54 96.97 -11.01 -1.27
C ALA D 54 97.00 -12.07 -2.37
N GLY D 55 96.45 -11.76 -3.53
CA GLY D 55 96.55 -12.69 -4.66
C GLY D 55 97.98 -12.93 -5.08
N MET D 56 98.78 -11.87 -5.11
CA MET D 56 100.20 -12.03 -5.45
C MET D 56 100.87 -13.01 -4.50
N ALA D 57 100.67 -12.82 -3.20
CA ALA D 57 101.33 -13.67 -2.21
C ALA D 57 100.82 -15.10 -2.28
N GLN D 58 99.51 -15.28 -2.53
CA GLN D 58 98.98 -16.62 -2.66
C GLN D 58 99.61 -17.34 -3.85
N ARG D 59 99.76 -16.65 -4.98
CA ARG D 59 100.42 -17.27 -6.12
C ARG D 59 101.88 -17.59 -5.80
N THR D 60 102.58 -16.66 -5.13
CA THR D 60 103.98 -16.92 -4.80
C THR D 60 104.11 -18.14 -3.90
N LEU D 61 103.23 -18.27 -2.92
CA LEU D 61 103.25 -19.44 -2.05
C LEU D 61 102.96 -20.70 -2.86
N LYS D 62 101.97 -20.64 -3.75
CA LYS D 62 101.62 -21.82 -4.53
C LYS D 62 102.75 -22.25 -5.46
N ASN D 63 103.60 -21.31 -5.88
CA ASN D 63 104.60 -21.60 -6.90
C ASN D 63 106.01 -21.73 -6.36
N LYS D 64 106.27 -21.36 -5.11
CA LYS D 64 107.65 -21.36 -4.61
C LYS D 64 107.81 -21.95 -3.20
N TYR D 65 106.74 -22.20 -2.46
CA TYR D 65 106.90 -22.62 -1.07
C TYR D 65 105.95 -23.75 -0.66
N GLU D 66 105.39 -24.48 -1.61
CA GLU D 66 104.51 -25.60 -1.25
C GLU D 66 105.26 -26.64 -0.44
N SER D 67 106.42 -27.10 -0.95
CA SER D 67 107.14 -28.16 -0.25
C SER D 67 107.77 -27.64 1.04
N TYR D 68 108.31 -26.44 1.02
CA TYR D 68 108.92 -25.87 2.23
C TYR D 68 107.87 -25.64 3.30
N ASP D 69 106.72 -25.09 2.93
CA ASP D 69 105.64 -24.87 3.90
C ASP D 69 105.15 -26.18 4.47
N ALA D 70 104.95 -27.19 3.61
CA ALA D 70 104.48 -28.48 4.09
C ALA D 70 105.49 -29.11 5.03
N ALA D 71 106.77 -29.07 4.67
CA ALA D 71 107.80 -29.71 5.48
C ALA D 71 107.91 -29.04 6.85
N LEU D 72 107.90 -27.72 6.90
CA LEU D 72 108.03 -27.03 8.17
C LEU D 72 106.70 -26.80 8.88
N SER D 73 105.60 -27.28 8.30
CA SER D 73 104.28 -27.21 8.94
C SER D 73 103.91 -25.77 9.32
N LEU D 74 103.76 -24.95 8.29
CA LEU D 74 103.28 -23.58 8.44
C LEU D 74 101.85 -23.48 7.96
N HIS D 75 100.96 -22.99 8.81
CA HIS D 75 99.56 -22.77 8.46
C HIS D 75 99.33 -21.33 8.00
N ARG D 76 100.06 -20.93 6.96
CA ARG D 76 100.02 -19.55 6.49
C ARG D 76 98.59 -19.08 6.27
N GLU D 77 98.37 -17.79 6.48
CA GLU D 77 97.05 -17.19 6.41
C GLU D 77 97.20 -15.86 5.66
N ILE D 78 96.66 -15.79 4.45
CA ILE D 78 96.68 -14.57 3.67
C ILE D 78 95.32 -13.89 3.80
N LEU D 79 95.30 -12.72 4.42
CA LEU D 79 94.07 -12.00 4.70
C LEU D 79 94.14 -10.62 4.08
N CYS D 80 93.04 -10.19 3.48
CA CYS D 80 92.89 -8.84 2.94
C CYS D 80 91.84 -8.10 3.75
N TYR D 81 92.14 -6.85 4.11
CA TYR D 81 91.20 -6.08 4.93
C TYR D 81 89.82 -6.00 4.29
N SER D 82 89.76 -5.98 2.96
CA SER D 82 88.48 -5.75 2.29
C SER D 82 87.53 -6.92 2.47
N LYS D 83 88.04 -8.16 2.43
CA LYS D 83 87.19 -9.34 2.44
C LYS D 83 87.30 -10.19 3.69
N ASP D 84 88.38 -10.08 4.46
CA ASP D 84 88.66 -10.98 5.57
C ASP D 84 88.51 -10.29 6.92
N ALA D 85 87.46 -9.49 7.09
CA ALA D 85 87.32 -8.70 8.31
C ALA D 85 87.23 -9.58 9.55
N LYS D 86 86.49 -10.69 9.48
CA LYS D 86 86.27 -11.52 10.65
C LYS D 86 87.57 -12.07 11.21
N GLU D 87 88.46 -12.55 10.32
CA GLU D 87 89.70 -13.14 10.80
C GLU D 87 90.69 -12.09 11.26
N ILE D 88 90.61 -10.87 10.71
CA ILE D 88 91.47 -9.80 11.17
C ILE D 88 91.07 -9.33 12.55
N TYR D 89 89.76 -9.21 12.79
CA TYR D 89 89.24 -8.67 14.04
C TYR D 89 88.87 -9.72 15.06
N TYR D 90 89.03 -11.01 14.74
CA TYR D 90 88.61 -12.09 15.61
C TYR D 90 87.14 -11.95 16.01
N THR D 91 86.30 -11.83 14.99
CA THR D 91 84.87 -11.72 15.23
C THR D 91 84.13 -12.77 14.42
N PRO D 92 84.44 -14.05 14.58
CA PRO D 92 83.67 -15.08 13.88
C PRO D 92 82.20 -15.03 14.29
N ASP D 93 81.32 -15.21 13.31
CA ASP D 93 79.91 -15.18 13.58
C ASP D 93 79.52 -16.41 14.42
N PRO D 94 78.38 -16.34 15.12
CA PRO D 94 77.97 -17.40 16.04
C PRO D 94 77.41 -18.63 15.33
N GLU D 329 19.55 -13.95 4.84
CA GLU D 329 18.47 -12.99 4.99
C GLU D 329 17.89 -12.61 3.64
N GLU D 330 17.50 -13.62 2.86
CA GLU D 330 16.91 -13.37 1.56
C GLU D 330 15.49 -12.83 1.69
N ILE D 331 14.70 -13.36 2.64
CA ILE D 331 13.31 -12.95 2.78
C ILE D 331 13.24 -11.49 3.23
N THR D 332 14.04 -11.13 4.25
CA THR D 332 14.02 -9.77 4.74
C THR D 332 14.50 -8.79 3.67
N LYS D 333 15.53 -9.17 2.92
CA LYS D 333 16.01 -8.30 1.85
C LYS D 333 14.96 -8.13 0.77
N ASP D 334 14.28 -9.21 0.39
CA ASP D 334 13.26 -9.12 -0.65
C ASP D 334 12.12 -8.21 -0.19
N HIS D 335 11.72 -8.34 1.08
CA HIS D 335 10.67 -7.46 1.60
C HIS D 335 11.13 -6.00 1.64
N LYS D 336 12.36 -5.76 2.08
CA LYS D 336 12.85 -4.39 2.10
C LYS D 336 12.94 -3.81 0.70
N VAL D 337 13.28 -4.63 -0.29
CA VAL D 337 13.28 -4.18 -1.67
C VAL D 337 11.88 -3.78 -2.12
N LEU D 338 10.89 -4.61 -1.78
CA LEU D 338 9.51 -4.27 -2.12
C LEU D 338 9.09 -2.96 -1.45
N ALA D 339 9.45 -2.80 -0.18
CA ALA D 339 9.13 -1.55 0.53
C ALA D 339 9.80 -0.35 -0.15
N ARG D 340 11.06 -0.50 -0.55
CA ARG D 340 11.77 0.58 -1.21
C ARG D 340 11.09 0.96 -2.52
N GLN D 341 10.65 -0.03 -3.28
CA GLN D 341 9.97 0.27 -4.54
C GLN D 341 8.64 0.97 -4.29
N GLN D 342 7.90 0.56 -3.26
CA GLN D 342 6.65 1.26 -2.94
C GLN D 342 6.91 2.69 -2.49
N LEU D 343 7.95 2.90 -1.69
CA LEU D 343 8.32 4.25 -1.30
C LEU D 343 8.68 5.10 -2.51
N GLN D 344 9.42 4.54 -3.46
CA GLN D 344 9.78 5.27 -4.67
C GLN D 344 8.54 5.65 -5.48
N VAL D 345 7.59 4.72 -5.61
CA VAL D 345 6.36 5.02 -6.34
C VAL D 345 5.63 6.18 -5.67
N LEU D 346 5.51 6.14 -4.35
CA LEU D 346 4.85 7.24 -3.65
C LEU D 346 5.60 8.55 -3.84
N ALA D 347 6.93 8.52 -3.72
CA ALA D 347 7.71 9.75 -3.85
C ALA D 347 7.51 10.36 -5.23
N ARG D 348 7.48 9.53 -6.27
CA ARG D 348 7.25 10.03 -7.61
C ARG D 348 5.85 10.61 -7.76
N TYR D 349 4.86 9.96 -7.15
CA TYR D 349 3.50 10.50 -7.19
C TYR D 349 3.43 11.86 -6.54
N LEU D 350 4.10 12.03 -5.40
CA LEU D 350 4.09 13.29 -4.67
C LEU D 350 5.03 14.34 -5.26
N LYS D 351 5.86 13.96 -6.23
CA LYS D 351 6.81 14.89 -6.84
C LYS D 351 7.83 15.36 -5.82
N MET D 352 8.25 14.46 -4.95
CA MET D 352 9.24 14.82 -3.95
C MET D 352 10.59 14.22 -4.32
N ASP D 353 11.59 15.07 -4.48
CA ASP D 353 12.92 14.61 -4.85
C ASP D 353 13.67 14.20 -3.62
N LEU D 354 13.86 12.91 -3.45
CA LEU D 354 14.51 12.43 -2.24
C LEU D 354 15.99 12.76 -2.19
N ASP D 355 16.59 13.12 -3.32
CA ASP D 355 18.03 13.38 -3.39
C ASP D 355 18.37 14.86 -3.42
N ASN D 356 17.38 15.73 -3.26
CA ASN D 356 17.63 17.16 -3.32
C ASN D 356 18.63 17.59 -2.25
N GLY D 357 18.46 17.13 -1.01
CA GLY D 357 19.32 17.55 0.07
C GLY D 357 20.76 17.17 -0.16
N GLU D 358 21.00 15.94 -0.64
CA GLU D 358 22.37 15.51 -0.89
C GLU D 358 23.01 16.30 -2.02
N ARG D 359 22.22 16.67 -3.02
CA ARG D 359 22.75 17.45 -4.12
C ARG D 359 23.20 18.80 -3.62
N LYS D 360 22.34 19.47 -2.88
CA LYS D 360 22.68 20.76 -2.33
C LYS D 360 23.90 20.68 -1.41
N PHE D 361 23.98 19.62 -0.62
CA PHE D 361 25.12 19.45 0.27
C PHE D 361 26.42 19.30 -0.50
N LEU D 362 26.42 18.52 -1.58
CA LEU D 362 27.64 18.35 -2.35
C LEU D 362 28.08 19.66 -3.00
N LYS D 363 27.12 20.44 -3.51
CA LYS D 363 27.47 21.76 -4.01
C LYS D 363 28.09 22.63 -2.90
N GLU D 364 27.50 22.62 -1.71
CA GLU D 364 28.02 23.42 -0.61
C GLU D 364 29.41 22.97 -0.22
N LYS D 365 29.67 21.67 -0.27
CA LYS D 365 30.99 21.16 0.06
C LYS D 365 32.03 21.62 -0.97
N ASP D 366 31.64 21.67 -2.23
CA ASP D 366 32.54 22.24 -3.23
C ASP D 366 32.85 23.71 -2.91
N THR D 367 31.84 24.47 -2.53
CA THR D 367 32.07 25.86 -2.17
C THR D 367 33.02 25.98 -0.98
N VAL D 368 32.84 25.12 0.02
CA VAL D 368 33.72 25.14 1.19
C VAL D 368 35.16 24.86 0.78
N ALA D 369 35.36 23.90 -0.12
CA ALA D 369 36.71 23.59 -0.57
C ALA D 369 37.33 24.78 -1.29
N GLU D 370 36.55 25.48 -2.12
CA GLU D 370 37.06 26.65 -2.81
C GLU D 370 37.51 27.72 -1.82
N LEU D 371 36.66 28.06 -0.86
CA LEU D 371 37.00 29.10 0.10
C LEU D 371 38.20 28.70 0.94
N GLN D 372 38.29 27.42 1.31
CA GLN D 372 39.43 26.96 2.08
C GLN D 372 40.71 27.05 1.27
N ALA D 373 40.65 26.80 -0.03
CA ALA D 373 41.84 26.95 -0.85
C ALA D 373 42.30 28.40 -0.88
N GLN D 374 41.36 29.34 -1.01
CA GLN D 374 41.74 30.75 -0.97
C GLN D 374 42.40 31.12 0.36
N LEU D 375 41.81 30.69 1.47
CA LEU D 375 42.38 31.01 2.78
C LEU D 375 43.74 30.36 2.95
N ASP D 376 43.91 29.12 2.48
CA ASP D 376 45.20 28.46 2.56
C ASP D 376 46.24 29.22 1.75
N TYR D 377 45.86 29.75 0.60
CA TYR D 377 46.81 30.50 -0.20
C TYR D 377 47.23 31.76 0.54
N LEU D 378 46.28 32.49 1.13
CA LEU D 378 46.65 33.70 1.87
C LEU D 378 47.54 33.36 3.05
N ASN D 379 47.29 32.24 3.73
CA ASN D 379 48.15 31.83 4.82
C ASN D 379 49.54 31.41 4.36
N ALA D 380 49.65 30.87 3.16
CA ALA D 380 50.97 30.53 2.64
C ALA D 380 51.72 31.77 2.19
N GLU D 381 51.02 32.79 1.68
CA GLU D 381 51.69 34.01 1.26
C GLU D 381 52.10 34.87 2.46
N LEU D 382 51.25 34.99 3.47
CA LEU D 382 51.48 35.91 4.57
C LEU D 382 51.99 35.25 5.84
N GLY D 383 51.76 33.98 6.03
CA GLY D 383 52.25 33.33 7.23
C GLY D 383 51.27 33.42 8.38
N GLU D 384 51.34 32.46 9.29
CA GLU D 384 50.38 32.40 10.38
C GLU D 384 50.51 33.59 11.32
N PHE D 385 51.74 33.99 11.62
CA PHE D 385 51.92 35.09 12.58
C PHE D 385 51.22 36.36 12.11
N PHE D 386 51.42 36.74 10.85
CA PHE D 386 50.79 37.94 10.31
C PHE D 386 49.26 37.82 10.32
N VAL D 387 48.76 36.73 9.77
CA VAL D 387 47.30 36.55 9.66
C VAL D 387 46.60 36.59 11.00
N ASN D 388 47.13 35.88 11.97
CA ASN D 388 46.56 35.92 13.30
C ASN D 388 46.80 37.26 13.97
N GLY D 389 47.88 37.95 13.63
CA GLY D 389 48.22 39.20 14.29
C GLY D 389 47.43 40.40 13.82
N VAL D 390 46.82 40.35 12.64
CA VAL D 390 46.00 41.48 12.19
C VAL D 390 44.58 41.41 12.72
N ALA D 391 44.31 40.52 13.67
CA ALA D 391 42.98 40.45 14.27
C ALA D 391 42.68 41.72 15.08
N THR D 392 41.45 42.21 14.97
CA THR D 392 41.08 43.46 15.64
C THR D 392 41.04 43.28 17.16
N SER D 393 41.27 44.39 17.86
CA SER D 393 41.19 44.42 19.31
C SER D 393 40.33 45.59 19.77
N PHE D 394 40.31 46.67 19.02
CA PHE D 394 39.61 47.84 19.47
C PHE D 394 38.12 47.86 19.37
N SER D 395 37.46 48.27 20.43
CA SER D 395 36.05 48.55 20.38
C SER D 395 35.77 49.70 21.32
N ARG D 396 34.85 50.56 20.95
CA ARG D 396 34.53 51.71 21.78
C ARG D 396 34.00 51.37 23.16
N LYS D 397 33.20 50.31 23.28
CA LYS D 397 32.59 49.99 24.56
C LYS D 397 33.62 49.57 25.60
N LYS D 398 34.81 49.17 25.19
CA LYS D 398 35.83 48.73 26.12
C LYS D 398 36.66 49.88 26.69
N ALA D 399 36.44 51.11 26.22
CA ALA D 399 37.21 52.25 26.73
C ALA D 399 36.92 52.51 28.21
N ARG D 400 37.99 52.75 28.97
CA ARG D 400 37.89 53.02 30.40
C ARG D 400 38.39 54.42 30.70
N THR D 401 37.57 55.24 31.34
CA THR D 401 37.89 56.64 31.61
C THR D 401 38.27 56.80 33.07
N PHE D 402 39.30 57.58 33.31
CA PHE D 402 39.73 57.90 34.65
C PHE D 402 39.84 59.42 34.71
N ASP D 403 39.03 60.09 35.52
CA ASP D 403 39.13 61.53 35.67
C ASP D 403 38.82 62.05 37.08
N SER D 404 38.68 61.18 38.08
CA SER D 404 38.22 61.64 39.40
C SER D 404 39.41 61.93 40.32
N SER D 405 40.25 62.88 39.88
CA SER D 405 41.41 63.33 40.64
C SER D 405 40.96 64.10 41.86
N TRP D 406 39.78 64.70 41.81
CA TRP D 406 39.21 65.40 42.96
C TRP D 406 39.07 64.51 44.22
N ASN D 407 39.06 63.19 44.09
CA ASN D 407 38.94 62.24 45.19
C ASN D 407 40.28 61.59 45.55
N TRP D 408 41.07 61.29 44.54
CA TRP D 408 42.34 60.62 44.77
C TRP D 408 43.28 61.50 45.58
N ALA D 409 43.16 62.82 45.44
CA ALA D 409 44.02 63.70 46.20
C ALA D 409 43.82 63.51 47.72
N LYS D 410 42.58 63.49 48.19
CA LYS D 410 42.36 63.26 49.62
C LYS D 410 42.83 61.87 50.03
N GLN D 411 42.66 60.86 49.19
CA GLN D 411 43.18 59.53 49.53
C GLN D 411 44.69 59.56 49.73
N SER D 412 45.39 60.24 48.83
CA SER D 412 46.84 60.36 48.94
C SER D 412 47.24 61.07 50.22
N LEU D 413 46.56 62.18 50.53
CA LEU D 413 46.88 62.93 51.74
C LEU D 413 46.76 62.05 52.97
N LEU D 414 45.66 61.28 53.07
CA LEU D 414 45.47 60.44 54.24
C LEU D 414 46.53 59.35 54.33
N SER D 415 46.85 58.74 53.20
CA SER D 415 47.88 57.70 53.20
C SER D 415 49.20 58.25 53.74
N LEU D 416 49.59 59.44 53.26
CA LEU D 416 50.82 60.07 53.74
C LEU D 416 50.74 60.38 55.23
N TYR D 417 49.61 60.93 55.66
CA TYR D 417 49.43 61.34 57.05
C TYR D 417 49.61 60.16 58.00
N PHE D 418 48.95 59.05 57.71
CA PHE D 418 49.03 57.92 58.62
C PHE D 418 50.35 57.18 58.49
N GLU D 419 50.95 57.12 57.29
CA GLU D 419 52.28 56.54 57.20
C GLU D 419 53.28 57.31 58.06
N ILE D 420 53.18 58.63 58.07
CA ILE D 420 54.08 59.41 58.91
C ILE D 420 53.77 59.20 60.39
N ILE D 421 52.49 59.14 60.76
CA ILE D 421 52.14 58.92 62.15
C ILE D 421 52.66 57.57 62.62
N HIS D 422 52.69 56.57 61.75
CA HIS D 422 53.12 55.23 62.13
C HIS D 422 54.62 55.03 62.01
N GLY D 423 55.37 56.06 61.62
CA GLY D 423 56.80 55.94 61.52
C GLY D 423 57.29 55.24 60.28
N VAL D 424 56.40 54.89 59.35
CA VAL D 424 56.86 54.26 58.11
C VAL D 424 57.75 55.23 57.33
N LEU D 425 57.36 56.50 57.25
CA LEU D 425 58.19 57.53 56.66
C LEU D 425 58.77 58.36 57.79
N LYS D 426 60.08 58.25 58.00
CA LYS D 426 60.77 59.02 59.02
C LYS D 426 61.36 60.32 58.47
N ASN D 427 61.61 60.38 57.16
CA ASN D 427 62.32 61.50 56.57
C ASN D 427 61.62 61.94 55.29
N VAL D 428 61.86 63.18 54.91
CA VAL D 428 61.28 63.72 53.68
C VAL D 428 62.25 63.31 52.57
N ASP D 429 62.07 62.08 52.10
CA ASP D 429 62.87 61.55 51.02
C ASP D 429 62.22 61.93 49.69
N ARG D 430 62.81 61.46 48.59
CA ARG D 430 62.32 61.88 47.27
C ARG D 430 60.90 61.41 47.02
N GLU D 431 60.53 60.22 47.51
CA GLU D 431 59.15 59.76 47.33
C GLU D 431 58.16 60.68 48.01
N VAL D 432 58.48 61.16 49.21
CA VAL D 432 57.61 62.09 49.90
C VAL D 432 57.47 63.39 49.13
N VAL D 433 58.58 63.92 48.62
CA VAL D 433 58.53 65.15 47.86
C VAL D 433 57.69 64.97 46.61
N SER D 434 57.84 63.82 45.94
CA SER D 434 57.04 63.55 44.76
C SER D 434 55.56 63.47 45.11
N GLU D 435 55.23 62.85 46.23
CA GLU D 435 53.84 62.79 46.67
C GLU D 435 53.29 64.18 46.94
N ALA D 436 54.07 65.03 47.59
CA ALA D 436 53.64 66.40 47.85
C ALA D 436 53.45 67.19 46.55
N ILE D 437 54.30 66.93 45.56
CA ILE D 437 54.12 67.57 44.25
C ILE D 437 52.81 67.13 43.62
N ASN D 438 52.52 65.82 43.67
CA ASN D 438 51.26 65.33 43.11
C ASN D 438 50.05 65.88 43.87
N ILE D 439 50.19 66.12 45.16
CA ILE D 439 49.10 66.72 45.91
C ILE D 439 48.91 68.18 45.51
N MET D 440 50.01 68.92 45.37
CA MET D 440 49.92 70.30 44.89
C MET D 440 49.28 70.36 43.52
N ASN D 441 49.55 69.38 42.66
CA ASN D 441 48.96 69.37 41.32
C ASN D 441 47.45 69.18 41.33
N ARG D 442 46.86 68.77 42.45
CA ARG D 442 45.41 68.60 42.55
C ARG D 442 44.81 69.52 43.61
N SER D 443 45.52 70.56 44.00
CA SER D 443 45.05 71.42 45.07
C SER D 443 43.86 72.30 44.70
N ASN D 444 42.92 72.45 45.62
CA ASN D 444 41.77 73.33 45.41
C ASN D 444 41.34 73.76 46.80
N ASP D 445 40.31 74.59 46.91
CA ASP D 445 39.91 75.11 48.20
C ASP D 445 39.45 74.01 49.15
N ALA D 446 38.68 73.05 48.63
CA ALA D 446 38.21 71.95 49.46
C ALA D 446 39.37 71.15 50.02
N LEU D 447 40.40 70.89 49.21
CA LEU D 447 41.56 70.16 49.70
C LEU D 447 42.27 70.93 50.80
N ILE D 448 42.33 72.25 50.67
CA ILE D 448 42.95 73.06 51.71
C ILE D 448 42.17 72.93 53.01
N LYS D 449 40.85 72.99 52.93
CA LYS D 449 40.05 72.80 54.14
C LYS D 449 40.31 71.43 54.76
N PHE D 450 40.36 70.39 53.92
CA PHE D 450 40.64 69.03 54.39
C PHE D 450 41.96 68.96 55.16
N MET D 451 43.04 69.46 54.54
CA MET D 451 44.35 69.42 55.18
C MET D 451 44.36 70.25 56.45
N GLU D 452 43.77 71.44 56.43
CA GLU D 452 43.77 72.30 57.60
C GLU D 452 43.02 71.65 58.76
N TYR D 453 41.88 71.04 58.47
CA TYR D 453 41.14 70.35 59.51
C TYR D 453 41.98 69.27 60.15
N HIS D 454 42.59 68.43 59.33
CA HIS D 454 43.31 67.29 59.88
C HIS D 454 44.60 67.69 60.58
N ILE D 455 45.21 68.83 60.24
CA ILE D 455 46.42 69.24 60.96
C ILE D 455 46.11 69.97 62.26
N SER D 456 45.15 70.88 62.24
CA SER D 456 44.75 71.57 63.46
C SER D 456 44.28 70.59 64.50
N ASN D 457 43.79 69.44 64.07
CA ASN D 457 43.26 68.45 65.01
C ASN D 457 44.26 67.34 65.31
N THR D 458 45.52 67.53 64.97
CA THR D 458 46.57 66.59 65.32
C THR D 458 47.17 67.00 66.66
N ASP D 459 47.22 66.08 67.61
CA ASP D 459 47.69 66.34 68.96
C ASP D 459 49.20 66.11 68.99
N GLU D 460 49.98 67.18 68.87
CA GLU D 460 51.42 67.05 68.80
C GLU D 460 52.02 66.44 70.06
N THR D 461 51.28 66.43 71.16
CA THR D 461 51.78 65.89 72.42
C THR D 461 51.91 64.37 72.39
N LYS D 462 51.24 63.69 71.46
CA LYS D 462 51.25 62.23 71.47
C LYS D 462 52.51 61.65 70.85
N GLY D 463 53.68 62.17 71.21
CA GLY D 463 54.93 61.65 70.68
C GLY D 463 55.44 62.44 69.49
N GLU D 464 56.66 62.11 69.10
CA GLU D 464 57.38 62.88 68.10
C GLU D 464 56.77 62.76 66.71
N ASN D 465 56.17 61.61 66.40
CA ASN D 465 55.59 61.41 65.07
C ASN D 465 54.46 62.39 64.82
N TYR D 466 53.68 62.71 65.85
CA TYR D 466 52.59 63.65 65.69
C TYR D 466 53.09 65.07 65.48
N GLN D 467 54.12 65.47 66.23
CA GLN D 467 54.74 66.77 65.99
C GLN D 467 55.31 66.85 64.57
N LEU D 468 55.95 65.78 64.12
CA LEU D 468 56.51 65.75 62.78
C LEU D 468 55.42 65.91 61.72
N VAL D 469 54.32 65.16 61.87
CA VAL D 469 53.25 65.27 60.90
C VAL D 469 52.65 66.67 60.92
N LYS D 470 52.60 67.29 62.08
CA LYS D 470 52.04 68.62 62.16
C LYS D 470 52.92 69.64 61.44
N THR D 471 54.22 69.52 61.62
CA THR D 471 55.15 70.43 60.97
C THR D 471 55.14 70.24 59.45
N LEU D 472 55.22 69.00 59.00
CA LEU D 472 55.21 68.74 57.57
C LEU D 472 53.89 69.15 56.94
N GLY D 473 52.78 68.95 57.66
CA GLY D 473 51.49 69.35 57.13
C GLY D 473 51.35 70.84 57.01
N GLU D 474 51.90 71.58 57.96
CA GLU D 474 51.84 73.03 57.90
C GLU D 474 52.64 73.55 56.70
N GLN D 475 53.79 72.96 56.42
CA GLN D 475 54.55 73.35 55.24
C GLN D 475 53.76 73.01 54.00
N LEU D 476 53.21 71.80 53.93
CA LEU D 476 52.49 71.40 52.74
C LEU D 476 51.31 72.31 52.48
N ILE D 477 50.57 72.69 53.53
CA ILE D 477 49.44 73.59 53.37
C ILE D 477 49.91 74.92 52.81
N GLU D 478 51.02 75.45 53.33
CA GLU D 478 51.51 76.73 52.81
C GLU D 478 51.85 76.61 51.33
N ASN D 479 52.51 75.53 50.93
CA ASN D 479 52.83 75.33 49.53
C ASN D 479 51.57 75.23 48.67
N CYS D 480 50.59 74.46 49.14
CA CYS D 480 49.38 74.24 48.35
C CYS D 480 48.58 75.52 48.18
N LYS D 481 48.59 76.39 49.19
CA LYS D 481 47.89 77.67 49.05
C LYS D 481 48.44 78.50 47.90
N GLN D 482 49.74 78.37 47.60
CA GLN D 482 50.33 79.21 46.56
C GLN D 482 49.86 78.81 45.16
N VAL D 483 49.55 77.55 44.95
CA VAL D 483 49.35 77.01 43.61
C VAL D 483 47.88 76.76 43.31
N LEU D 484 46.97 77.45 44.02
CA LEU D 484 45.54 77.19 43.84
C LEU D 484 45.11 77.47 42.40
N ASP D 485 45.54 78.61 41.86
CA ASP D 485 45.17 79.00 40.51
C ASP D 485 46.25 78.73 39.48
N VAL D 486 47.28 77.96 39.86
CA VAL D 486 48.40 77.68 38.97
C VAL D 486 48.23 76.35 38.27
N ASP D 487 48.69 76.27 37.03
CA ASP D 487 48.59 75.03 36.28
C ASP D 487 49.48 73.95 36.88
N PRO D 488 49.00 72.70 36.87
CA PRO D 488 49.80 71.59 37.39
C PRO D 488 51.03 71.38 36.53
N VAL D 489 52.10 70.89 37.13
CA VAL D 489 53.38 70.75 36.46
C VAL D 489 53.88 69.33 36.57
N TYR D 490 54.62 68.92 35.53
CA TYR D 490 55.31 67.66 35.57
C TYR D 490 56.64 68.09 36.11
N LYS D 491 57.12 67.44 37.14
CA LYS D 491 58.35 67.82 37.82
C LYS D 491 58.89 66.57 38.51
N ASP D 492 59.93 65.97 37.91
CA ASP D 492 60.51 64.76 38.44
C ASP D 492 61.58 65.08 39.48
N VAL D 493 61.47 64.49 40.64
CA VAL D 493 62.40 64.75 41.72
C VAL D 493 63.19 63.51 42.10
N ALA D 494 63.06 62.43 41.35
CA ALA D 494 63.74 61.19 41.68
C ALA D 494 65.25 61.38 41.62
N LYS D 495 65.99 60.58 42.38
CA LYS D 495 67.43 60.64 42.30
C LYS D 495 67.90 59.85 41.10
N PRO D 496 68.64 60.49 40.19
CA PRO D 496 69.15 59.78 39.01
C PRO D 496 70.01 58.59 39.40
N THR D 497 69.94 57.54 38.60
CA THR D 497 70.65 56.30 38.87
C THR D 497 71.49 55.90 37.68
N GLY D 498 72.67 55.34 37.95
CA GLY D 498 73.54 54.84 36.91
C GLY D 498 73.64 53.33 36.95
N PRO D 499 74.17 52.73 35.90
CA PRO D 499 74.30 51.27 35.87
C PRO D 499 75.42 50.78 36.77
N LYS D 500 75.27 49.55 37.24
CA LYS D 500 76.28 48.95 38.13
C LYS D 500 76.18 47.44 38.01
N THR D 501 77.25 46.81 37.56
CA THR D 501 77.34 45.37 37.47
C THR D 501 78.49 44.90 38.35
N ALA D 502 78.24 43.84 39.12
CA ALA D 502 79.22 43.29 40.03
C ALA D 502 79.27 41.78 39.87
N ILE D 503 80.47 41.22 40.05
CA ILE D 503 80.70 39.79 39.92
C ILE D 503 81.21 39.28 41.26
N ASP D 504 80.45 38.39 41.89
CA ASP D 504 80.78 37.89 43.22
C ASP D 504 81.99 36.97 43.16
N LYS D 505 82.34 36.41 44.32
CA LYS D 505 83.48 35.50 44.39
C LYS D 505 83.24 34.25 43.54
N ASN D 506 82.02 33.72 43.59
CA ASN D 506 81.63 32.52 42.86
C ASN D 506 81.20 32.82 41.43
N GLY D 507 81.50 34.00 40.91
CA GLY D 507 81.09 34.35 39.56
C GLY D 507 79.60 34.49 39.37
N ASN D 508 78.90 35.05 40.34
CA ASN D 508 77.50 35.40 40.17
C ASN D 508 77.40 36.82 39.62
N ILE D 509 76.59 37.00 38.58
CA ILE D 509 76.44 38.29 37.91
C ILE D 509 75.17 38.94 38.44
N THR D 510 75.31 40.15 38.94
CA THR D 510 74.18 40.95 39.42
C THR D 510 74.27 42.35 38.84
N TYR D 511 73.12 42.89 38.45
CA TYR D 511 73.05 44.24 37.95
C TYR D 511 72.17 45.07 38.87
N SER D 512 72.61 46.26 39.19
CA SER D 512 71.86 47.16 40.08
C SER D 512 71.85 48.57 39.49
N GLU D 513 70.82 49.33 39.86
CA GLU D 513 70.72 50.72 39.43
C GLU D 513 71.09 51.59 40.61
N GLU D 514 72.38 51.80 40.80
CA GLU D 514 72.89 52.61 41.90
C GLU D 514 72.70 54.10 41.60
N PRO D 515 72.43 54.90 42.64
CA PRO D 515 72.40 56.36 42.44
C PRO D 515 73.74 56.87 41.96
N ARG D 516 73.71 57.90 41.12
CA ARG D 516 74.93 58.47 40.57
C ARG D 516 75.57 59.41 41.59
N GLU D 517 76.89 59.37 41.66
CA GLU D 517 77.60 60.04 42.74
C GLU D 517 77.55 61.56 42.58
N LYS D 518 77.74 62.06 41.37
CA LYS D 518 77.83 63.50 41.14
C LYS D 518 76.52 64.13 40.71
N VAL D 519 75.57 63.34 40.22
CA VAL D 519 74.29 63.83 39.75
C VAL D 519 73.22 63.31 40.68
N ARG D 520 72.65 64.20 41.48
CA ARG D 520 71.60 63.83 42.43
C ARG D 520 70.32 64.63 42.26
N LYS D 521 70.23 65.45 41.21
CA LYS D 521 69.01 66.13 40.83
C LYS D 521 68.92 66.12 39.30
N LEU D 522 67.74 66.44 38.78
CA LEU D 522 67.59 66.54 37.34
C LEU D 522 68.23 67.80 36.78
N SER D 523 68.33 68.85 37.59
CA SER D 523 68.99 70.08 37.16
C SER D 523 70.47 69.79 36.94
N GLN D 524 71.09 69.07 37.86
CA GLN D 524 72.48 68.66 37.70
C GLN D 524 72.63 67.75 36.50
N TYR D 525 71.64 66.89 36.25
CA TYR D 525 71.66 66.05 35.07
C TYR D 525 71.67 66.89 33.79
N VAL D 526 70.87 67.95 33.74
CA VAL D 526 70.81 68.78 32.55
C VAL D 526 72.13 69.50 32.35
N GLN D 527 72.77 69.89 33.44
CA GLN D 527 74.06 70.53 33.37
C GLN D 527 75.08 69.55 32.83
N GLU D 528 75.04 68.32 33.31
CA GLU D 528 75.94 67.28 32.80
C GLU D 528 75.73 67.07 31.31
N MET D 529 74.47 66.98 30.88
CA MET D 529 74.21 66.79 29.46
C MET D 529 74.76 67.94 28.64
N ALA D 530 74.57 69.16 29.11
CA ALA D 530 75.04 70.32 28.36
C ALA D 530 76.55 70.33 28.24
N LEU D 531 77.25 69.86 29.29
CA LEU D 531 78.71 69.86 29.24
C LEU D 531 79.23 68.93 28.16
N GLY D 532 78.58 67.79 27.95
CA GLY D 532 79.14 66.84 27.03
C GLY D 532 80.36 66.17 27.66
N GLY D 533 81.25 65.69 26.79
CA GLY D 533 82.44 65.01 27.26
C GLY D 533 83.58 65.07 26.27
N PRO D 534 84.74 64.53 26.67
CA PRO D 534 85.86 64.49 25.72
C PRO D 534 85.53 63.76 24.44
N ILE D 535 84.70 62.72 24.51
CA ILE D 535 84.41 61.94 23.31
C ILE D 535 83.54 62.72 22.33
N THR D 536 82.67 63.61 22.82
CA THR D 536 81.82 64.42 21.97
C THR D 536 82.46 65.74 21.57
N LYS D 537 83.79 65.81 21.56
CA LYS D 537 84.50 67.02 21.19
C LYS D 537 85.08 66.86 19.80
N GLU D 538 84.86 67.85 18.94
CA GLU D 538 85.42 67.85 17.61
C GLU D 538 86.67 68.73 17.56
N LYS D 624 73.03 82.84 34.48
CA LYS D 624 72.60 82.61 33.10
C LYS D 624 72.15 81.17 32.91
N THR D 625 71.56 80.88 31.76
CA THR D 625 70.99 79.57 31.52
C THR D 625 72.08 78.52 31.35
N VAL D 626 71.66 77.25 31.30
CA VAL D 626 72.59 76.14 31.18
C VAL D 626 73.30 76.20 29.84
N SER D 627 72.65 76.71 28.80
CA SER D 627 73.25 76.71 27.47
C SER D 627 74.47 77.61 27.39
N SER D 628 74.66 78.51 28.36
CA SER D 628 75.88 79.30 28.40
C SER D 628 77.11 78.44 28.65
N THR D 629 76.93 77.29 29.28
CA THR D 629 78.04 76.44 29.71
C THR D 629 78.44 75.41 28.67
N ILE D 630 77.80 75.38 27.49
CA ILE D 630 78.17 74.40 26.48
C ILE D 630 79.54 74.74 25.95
N PRO D 631 80.56 73.90 26.14
CA PRO D 631 81.92 74.32 25.78
C PRO D 631 82.08 74.50 24.28
N ARG D 632 83.03 75.35 23.91
CA ARG D 632 83.36 75.55 22.51
C ARG D 632 83.94 74.28 21.92
N GLU D 633 83.45 73.88 20.76
CA GLU D 633 83.92 72.71 20.03
C GLU D 633 83.59 71.37 20.69
N THR D 634 82.53 71.31 21.51
CA THR D 634 82.05 70.02 21.99
C THR D 634 80.54 69.94 21.81
N ILE D 635 80.08 68.75 21.49
CA ILE D 635 78.66 68.48 21.24
C ILE D 635 78.01 68.12 22.58
N PRO D 636 76.88 68.72 22.94
CA PRO D 636 76.15 68.25 24.11
C PRO D 636 75.68 66.81 23.92
N PHE D 637 75.54 66.11 25.05
CA PHE D 637 75.03 64.74 24.99
C PHE D 637 73.61 64.70 24.42
N LEU D 638 72.81 65.73 24.66
CA LEU D 638 71.52 65.90 24.00
C LEU D 638 71.58 67.18 23.17
N HIS D 639 71.16 67.10 21.91
CA HIS D 639 71.23 68.27 21.04
C HIS D 639 70.23 68.12 19.91
N LEU D 640 69.95 69.25 19.26
CA LEU D 640 69.13 69.29 18.06
C LEU D 640 70.02 69.46 16.84
N ARG D 641 69.50 69.07 15.68
CA ARG D 641 70.22 69.17 14.43
C ARG D 641 69.46 70.02 13.43
N LYS D 642 70.20 70.61 12.51
CA LYS D 642 69.59 71.43 11.47
C LYS D 642 70.02 70.86 10.13
N LYS D 643 69.09 70.79 9.18
CA LYS D 643 69.42 70.27 7.87
C LYS D 643 70.16 71.32 7.04
N THR D 644 71.28 70.91 6.45
CA THR D 644 72.08 71.81 5.63
C THR D 644 71.48 71.92 4.24
N PRO D 645 71.92 72.90 3.46
CA PRO D 645 71.45 72.97 2.07
C PRO D 645 71.67 71.68 1.29
N ALA D 646 72.78 71.00 1.54
CA ALA D 646 73.03 69.69 0.95
C ALA D 646 72.12 68.60 1.49
N GLY D 647 71.39 68.86 2.57
CA GLY D 647 70.39 67.92 3.06
C GLY D 647 70.86 66.98 4.14
N ASP D 648 72.00 67.21 4.74
CA ASP D 648 72.48 66.43 5.87
C ASP D 648 72.15 67.13 7.17
N TRP D 649 71.81 66.35 8.20
CA TRP D 649 71.45 66.90 9.50
C TRP D 649 72.69 67.05 10.36
N LYS D 650 72.99 68.27 10.74
CA LYS D 650 74.18 68.56 11.52
C LYS D 650 73.78 69.22 12.84
N TYR D 651 74.64 69.05 13.85
CA TYR D 651 74.39 69.65 15.15
C TYR D 651 74.27 71.16 15.03
N ASP D 652 73.22 71.71 15.63
CA ASP D 652 72.98 73.14 15.64
C ASP D 652 73.08 73.66 17.07
N ARG D 653 73.96 74.64 17.28
CA ARG D 653 74.18 75.16 18.62
C ARG D 653 72.97 75.92 19.14
N GLN D 654 72.37 76.79 18.32
CA GLN D 654 71.26 77.61 18.78
C GLN D 654 70.04 76.76 19.12
N LEU D 655 69.67 75.84 18.24
CA LEU D 655 68.52 74.98 18.52
C LEU D 655 68.75 74.13 19.75
N SER D 656 69.96 73.58 19.90
CA SER D 656 70.27 72.79 21.07
C SER D 656 70.24 73.63 22.33
N SER D 657 70.66 74.89 22.24
CA SER D 657 70.56 75.79 23.37
C SER D 657 69.11 76.00 23.78
N LEU D 658 68.23 76.19 22.79
CA LEU D 658 66.81 76.28 23.08
C LEU D 658 66.33 75.03 23.82
N PHE D 659 66.66 73.86 23.28
CA PHE D 659 66.20 72.61 23.89
C PHE D 659 66.70 72.45 25.31
N LEU D 660 67.98 72.74 25.54
CA LEU D 660 68.57 72.52 26.85
C LEU D 660 68.09 73.55 27.86
N ASP D 661 67.85 74.79 27.43
CA ASP D 661 67.22 75.76 28.33
C ASP D 661 65.82 75.32 28.72
N GLY D 662 65.05 74.80 27.77
CA GLY D 662 63.75 74.25 28.10
C GLY D 662 63.85 73.14 29.13
N LEU D 663 64.83 72.25 28.96
CA LEU D 663 65.03 71.18 29.92
C LEU D 663 65.40 71.71 31.30
N GLU D 664 66.23 72.74 31.34
CA GLU D 664 66.63 73.32 32.61
C GLU D 664 65.43 73.87 33.33
N LYS D 665 64.61 74.64 32.62
CA LYS D 665 63.38 75.16 33.22
C LYS D 665 62.49 74.02 33.70
N ALA D 666 62.35 72.97 32.91
CA ALA D 666 61.51 71.85 33.32
C ALA D 666 62.02 71.23 34.61
N ALA D 667 63.33 71.11 34.76
CA ALA D 667 63.87 70.46 35.95
C ALA D 667 63.66 71.30 37.19
N PHE D 668 63.72 72.62 37.05
CA PHE D 668 63.60 73.50 38.19
C PHE D 668 62.15 73.86 38.50
N ASN D 669 61.45 74.48 37.56
CA ASN D 669 60.09 74.90 37.83
C ASN D 669 59.03 73.87 37.41
N GLY D 670 59.40 72.81 36.71
CA GLY D 670 58.42 71.91 36.17
C GLY D 670 57.74 72.51 34.96
N VAL D 671 56.94 71.72 34.26
CA VAL D 671 56.34 72.12 32.99
C VAL D 671 54.91 71.63 32.97
N THR D 672 54.00 72.46 32.46
CA THR D 672 52.59 72.14 32.41
C THR D 672 52.21 71.64 31.02
N PHE D 673 51.34 70.63 30.97
CA PHE D 673 50.75 70.13 29.74
C PHE D 673 49.23 70.33 29.77
N LYS D 674 48.77 71.36 30.45
CA LYS D 674 47.34 71.66 30.50
C LYS D 674 46.82 71.90 29.09
N ASP D 675 45.64 71.36 28.81
CA ASP D 675 44.94 71.54 27.54
C ASP D 675 45.65 70.86 26.37
N LYS D 676 46.57 69.94 26.64
CA LYS D 676 47.19 69.15 25.59
C LYS D 676 46.51 67.80 25.47
N TYR D 677 46.05 67.44 24.29
CA TYR D 677 45.42 66.16 24.05
C TYR D 677 46.47 65.29 23.40
N VAL D 678 46.64 64.06 23.84
CA VAL D 678 47.73 63.20 23.41
C VAL D 678 47.21 61.78 23.21
N LEU D 679 47.67 61.14 22.15
CA LEU D 679 47.50 59.70 21.95
C LEU D 679 48.87 59.05 22.01
N ILE D 680 49.02 58.05 22.87
CA ILE D 680 50.28 57.32 23.02
C ILE D 680 50.00 55.83 22.91
N THR D 681 50.82 55.15 22.12
CA THR D 681 50.74 53.71 21.99
C THR D 681 52.06 53.15 22.51
N GLY D 682 52.06 51.90 22.97
CA GLY D 682 53.27 51.28 23.48
C GLY D 682 53.76 51.76 24.83
N ALA D 683 52.84 52.17 25.71
CA ALA D 683 53.21 52.69 27.03
C ALA D 683 52.90 51.71 28.16
N GLY D 684 53.08 50.42 27.91
CA GLY D 684 52.86 49.44 28.95
C GLY D 684 53.88 49.50 30.07
N LYS D 685 53.62 48.78 31.15
CA LYS D 685 54.53 48.78 32.28
C LYS D 685 55.93 48.34 31.88
N GLY D 686 56.93 49.05 32.36
CA GLY D 686 58.31 48.73 32.04
C GLY D 686 58.81 49.35 30.76
N SER D 687 58.09 50.30 30.20
CA SER D 687 58.49 50.92 28.94
C SER D 687 58.81 52.39 29.11
N ILE D 688 59.44 52.99 28.11
CA ILE D 688 59.70 54.41 28.16
C ILE D 688 58.36 55.12 28.10
N GLY D 689 57.43 54.56 27.35
CA GLY D 689 56.13 55.16 27.20
C GLY D 689 55.37 55.30 28.50
N ALA D 690 55.52 54.34 29.41
CA ALA D 690 54.89 54.44 30.71
C ALA D 690 55.40 55.65 31.48
N GLU D 691 56.70 55.92 31.43
CA GLU D 691 57.27 57.09 32.10
C GLU D 691 56.82 58.38 31.42
N VAL D 692 56.74 58.38 30.09
CA VAL D 692 56.22 59.54 29.38
C VAL D 692 54.77 59.81 29.78
N LEU D 693 53.97 58.75 29.91
CA LEU D 693 52.56 58.90 30.25
C LEU D 693 52.39 59.48 31.65
N GLN D 694 53.17 59.01 32.61
CA GLN D 694 53.04 59.55 33.95
C GLN D 694 53.48 61.01 33.99
N GLY D 695 54.53 61.36 33.25
CA GLY D 695 54.88 62.77 33.13
C GLY D 695 53.78 63.61 32.52
N LEU D 696 53.13 63.09 31.48
CA LEU D 696 52.04 63.82 30.84
C LEU D 696 50.89 64.06 31.82
N LEU D 697 50.48 63.02 32.55
CA LEU D 697 49.37 63.14 33.49
C LEU D 697 49.71 64.08 34.63
N GLN D 698 50.98 64.10 35.08
CA GLN D 698 51.35 65.05 36.12
C GLN D 698 51.16 66.49 35.69
N GLY D 699 51.35 66.78 34.42
CA GLY D 699 51.19 68.12 33.90
C GLY D 699 49.81 68.50 33.45
N GLY D 700 48.81 67.63 33.66
CA GLY D 700 47.44 67.97 33.36
C GLY D 700 46.91 67.57 32.01
N ALA D 701 47.60 66.69 31.29
CA ALA D 701 47.21 66.34 29.93
C ALA D 701 45.98 65.44 29.89
N LYS D 702 45.31 65.47 28.74
CA LYS D 702 44.26 64.51 28.41
C LYS D 702 44.88 63.46 27.50
N VAL D 703 44.92 62.22 27.96
CA VAL D 703 45.72 61.19 27.31
C VAL D 703 44.84 59.99 26.98
N VAL D 704 44.94 59.51 25.75
CA VAL D 704 44.42 58.22 25.35
C VAL D 704 45.61 57.28 25.26
N VAL D 705 45.55 56.17 25.99
CA VAL D 705 46.65 55.22 26.06
C VAL D 705 46.13 53.88 25.58
N THR D 706 46.82 53.31 24.60
CA THR D 706 46.39 52.05 24.05
C THR D 706 47.08 50.88 24.72
N THR D 707 46.56 49.68 24.51
CA THR D 707 47.19 48.48 25.07
C THR D 707 46.86 47.28 24.22
N SER D 708 47.83 46.42 24.03
CA SER D 708 47.64 45.23 23.25
C SER D 708 47.30 44.04 24.17
N ARG D 709 47.36 44.25 25.48
CA ARG D 709 47.01 43.19 26.45
C ARG D 709 45.94 43.64 27.43
N PHE D 710 44.79 44.05 26.92
CA PHE D 710 43.73 44.56 27.78
C PHE D 710 43.25 43.50 28.77
N SER D 711 43.34 43.79 30.06
CA SER D 711 42.96 42.82 31.09
C SER D 711 42.63 43.55 32.37
N LYS D 712 42.12 42.84 33.36
CA LYS D 712 41.87 43.45 34.66
C LYS D 712 43.18 43.97 35.22
N GLN D 713 44.24 43.19 35.11
CA GLN D 713 45.52 43.60 35.63
C GLN D 713 46.00 44.90 35.02
N VAL D 714 45.85 45.04 33.71
CA VAL D 714 46.32 46.24 33.02
C VAL D 714 45.46 47.46 33.36
N THR D 715 44.15 47.28 33.44
CA THR D 715 43.26 48.38 33.78
C THR D 715 43.47 48.82 35.23
N ASP D 716 43.76 47.89 36.14
CA ASP D 716 44.07 48.23 37.52
C ASP D 716 45.39 48.96 37.58
N TYR D 717 46.37 48.52 36.81
CA TYR D 717 47.65 49.21 36.76
C TYR D 717 47.46 50.67 36.34
N TYR D 718 46.68 50.93 35.31
CA TYR D 718 46.47 52.30 34.85
C TYR D 718 45.62 53.09 35.84
N GLN D 719 44.67 52.45 36.51
CA GLN D 719 43.88 53.15 37.51
C GLN D 719 44.78 53.65 38.62
N SER D 720 45.73 52.83 39.04
CA SER D 720 46.64 53.22 40.10
C SER D 720 47.59 54.32 39.61
N ILE D 721 48.03 54.25 38.36
CA ILE D 721 48.84 55.33 37.82
C ILE D 721 48.07 56.64 37.86
N TYR D 722 46.81 56.64 37.41
CA TYR D 722 46.03 57.86 37.43
C TYR D 722 45.80 58.35 38.85
N ALA D 723 45.51 57.45 39.78
CA ALA D 723 45.27 57.85 41.16
C ALA D 723 46.50 58.47 41.76
N LYS D 724 47.68 58.04 41.29
CA LYS D 724 48.92 58.58 41.84
C LYS D 724 49.33 59.90 41.17
N TYR D 725 49.22 60.00 39.85
CA TYR D 725 49.81 61.11 39.11
C TYR D 725 48.82 62.03 38.43
N GLY D 726 47.55 61.66 38.32
CA GLY D 726 46.61 62.44 37.57
C GLY D 726 46.31 63.79 38.20
N ALA D 727 46.82 64.86 37.60
CA ALA D 727 46.64 66.20 38.14
C ALA D 727 45.26 66.74 37.78
N LYS D 728 44.92 67.86 38.39
CA LYS D 728 43.65 68.51 38.09
C LYS D 728 43.46 68.79 36.62
N GLY D 729 42.29 68.45 36.10
CA GLY D 729 42.01 68.65 34.70
C GLY D 729 42.54 67.57 33.78
N SER D 730 43.29 66.60 34.30
CA SER D 730 43.83 65.54 33.47
C SER D 730 42.83 64.39 33.34
N THR D 731 42.90 63.70 32.22
CA THR D 731 42.05 62.55 31.93
C THR D 731 42.91 61.44 31.33
N LEU D 732 42.58 60.20 31.64
CA LEU D 732 43.22 59.05 31.04
C LEU D 732 42.15 58.14 30.47
N ILE D 733 42.29 57.80 29.18
CA ILE D 733 41.39 56.88 28.50
C ILE D 733 42.22 55.68 28.08
N VAL D 734 41.85 54.50 28.54
CA VAL D 734 42.56 53.26 28.22
C VAL D 734 41.70 52.47 27.25
N VAL D 735 42.26 52.16 26.08
CA VAL D 735 41.53 51.38 25.07
C VAL D 735 42.35 50.17 24.64
N PRO D 736 41.73 49.04 24.34
CA PRO D 736 42.46 47.97 23.65
C PRO D 736 42.76 48.37 22.22
N PHE D 737 43.91 47.91 21.72
CA PHE D 737 44.38 48.37 20.42
C PHE D 737 45.37 47.36 19.88
N ASN D 738 45.22 47.04 18.60
CA ASN D 738 46.23 46.30 17.86
C ASN D 738 46.73 47.24 16.77
N GLN D 739 47.89 47.86 17.00
CA GLN D 739 48.49 48.72 16.00
C GLN D 739 48.80 47.98 14.72
N GLY D 740 48.87 46.65 14.76
CA GLY D 740 49.06 45.84 13.57
C GLY D 740 47.86 45.71 12.66
N SER D 741 46.70 46.21 13.07
CA SER D 741 45.47 46.12 12.30
C SER D 741 45.10 47.51 11.80
N LYS D 742 44.95 47.65 10.49
CA LYS D 742 44.60 48.95 9.94
C LYS D 742 43.18 49.35 10.29
N GLN D 743 42.28 48.37 10.43
CA GLN D 743 40.92 48.69 10.88
C GLN D 743 40.93 49.21 12.31
N ASP D 744 41.78 48.65 13.16
CA ASP D 744 41.93 49.18 14.52
C ASP D 744 42.40 50.62 14.50
N VAL D 745 43.40 50.93 13.66
CA VAL D 745 43.93 52.29 13.59
C VAL D 745 42.84 53.26 13.16
N GLU D 746 42.11 52.90 12.13
CA GLU D 746 41.09 53.77 11.63
C GLU D 746 39.96 53.96 12.64
N ALA D 747 39.53 52.88 13.26
CA ALA D 747 38.49 52.96 14.27
C ALA D 747 38.92 53.75 15.52
N LEU D 748 40.18 53.63 15.92
CA LEU D 748 40.66 54.38 17.07
C LEU D 748 40.66 55.89 16.79
N ILE D 749 41.17 56.30 15.64
CA ILE D 749 41.18 57.72 15.33
C ILE D 749 39.76 58.24 15.15
N GLU D 750 38.92 57.48 14.48
CA GLU D 750 37.53 57.85 14.35
C GLU D 750 36.87 58.02 15.73
N PHE D 751 37.14 57.11 16.66
CA PHE D 751 36.61 57.22 18.00
C PHE D 751 37.10 58.48 18.69
N ILE D 752 38.39 58.81 18.52
CA ILE D 752 38.92 59.99 19.17
C ILE D 752 38.24 61.25 18.65
N TYR D 753 37.99 61.33 17.36
CA TYR D 753 37.42 62.55 16.78
C TYR D 753 35.88 62.62 16.73
N ASP D 754 35.20 61.51 16.90
CA ASP D 754 33.74 61.50 16.86
C ASP D 754 33.16 62.28 18.03
N THR D 755 32.03 62.93 17.79
CA THR D 755 31.35 63.64 18.86
C THR D 755 30.88 62.69 19.93
N GLU D 756 30.70 63.21 21.13
CA GLU D 756 30.26 62.39 22.24
C GLU D 756 28.85 61.84 22.06
N LYS D 757 28.00 62.57 21.38
CA LYS D 757 26.65 62.10 21.12
C LYS D 757 26.76 60.93 20.21
N ASN D 758 27.79 60.91 19.38
CA ASN D 758 28.02 59.81 18.47
C ASN D 758 28.84 58.70 19.10
N GLY D 759 29.16 58.79 20.39
CA GLY D 759 29.91 57.77 21.07
C GLY D 759 31.41 57.92 21.06
N GLY D 760 31.93 59.03 20.53
CA GLY D 760 33.34 59.31 20.55
C GLY D 760 33.74 60.22 21.70
N LEU D 761 34.99 60.65 21.67
CA LEU D 761 35.53 61.52 22.70
C LEU D 761 35.32 63.00 22.41
N GLY D 762 35.19 63.37 21.15
CA GLY D 762 35.08 64.77 20.78
C GLY D 762 36.39 65.53 20.92
N TRP D 763 37.51 64.83 20.82
CA TRP D 763 38.82 65.44 21.00
C TRP D 763 39.43 65.84 19.65
N ASP D 764 40.50 66.65 19.73
CA ASP D 764 41.29 67.01 18.56
C ASP D 764 42.70 66.87 19.13
N LEU D 765 43.56 66.03 18.55
CA LEU D 765 44.84 65.69 19.14
C LEU D 765 45.87 66.79 18.95
N ASP D 766 46.70 67.00 19.97
CA ASP D 766 47.79 67.95 19.89
C ASP D 766 49.11 67.20 19.75
N ALA D 767 49.10 65.89 19.96
CA ALA D 767 50.31 65.08 19.89
C ALA D 767 50.05 63.59 19.71
N ILE D 768 50.86 62.91 18.94
CA ILE D 768 50.78 61.46 18.75
C ILE D 768 52.14 60.88 19.08
N ILE D 769 52.16 59.85 19.90
CA ILE D 769 53.41 59.26 20.36
C ILE D 769 53.36 57.76 20.07
N PRO D 770 53.62 57.34 18.84
CA PRO D 770 53.43 55.93 18.46
C PRO D 770 54.63 55.04 18.75
N PHE D 771 54.75 54.64 20.01
CA PHE D 771 55.91 53.85 20.43
C PHE D 771 55.70 52.35 20.45
N ALA D 772 54.52 51.87 20.06
CA ALA D 772 54.28 50.44 20.02
C ALA D 772 55.31 49.73 19.14
N ALA D 773 55.77 48.58 19.59
CA ALA D 773 56.74 47.80 18.84
C ALA D 773 56.72 46.37 19.33
N ILE D 774 57.29 45.46 18.55
CA ILE D 774 57.38 44.06 18.99
C ILE D 774 58.81 43.59 18.76
N PRO D 775 59.30 42.73 19.64
CA PRO D 775 60.71 42.30 19.56
C PRO D 775 61.08 41.34 18.43
N GLU D 776 62.20 41.59 17.77
CA GLU D 776 62.70 40.68 16.74
C GLU D 776 64.12 40.32 17.16
N GLN D 777 64.33 39.09 17.61
CA GLN D 777 65.64 38.65 18.07
C GLN D 777 66.09 37.43 17.29
N GLY D 778 67.34 37.41 16.88
CA GLY D 778 67.86 36.28 16.14
C GLY D 778 67.32 36.14 14.74
N ILE D 779 66.66 37.18 14.23
CA ILE D 779 66.14 37.15 12.88
C ILE D 779 67.11 37.87 11.98
N GLU D 780 67.93 37.10 11.29
CA GLU D 780 68.88 37.68 10.36
C GLU D 780 68.20 37.81 8.99
N LEU D 781 68.97 38.23 7.98
CA LEU D 781 68.40 38.49 6.66
C LEU D 781 67.62 37.29 6.13
N GLU D 782 68.16 36.08 6.28
CA GLU D 782 67.52 34.92 5.68
C GLU D 782 66.35 34.39 6.49
N HIS D 783 66.18 34.86 7.72
CA HIS D 783 65.06 34.43 8.54
C HIS D 783 63.86 35.36 8.43
N ILE D 784 63.98 36.45 7.69
CA ILE D 784 62.89 37.42 7.59
C ILE D 784 61.66 36.74 7.02
N ASP D 785 60.59 36.72 7.80
CA ASP D 785 59.43 35.92 7.49
C ASP D 785 58.20 36.65 8.04
N SER D 786 57.14 35.89 8.29
CA SER D 786 55.85 36.44 8.69
C SER D 786 55.97 37.42 9.85
N LYS D 787 56.67 37.02 10.92
CA LYS D 787 56.75 37.86 12.10
C LYS D 787 57.42 39.19 11.76
N SER D 788 58.51 39.17 10.99
CA SER D 788 59.19 40.42 10.68
C SER D 788 58.31 41.32 9.82
N GLU D 789 57.54 40.74 8.90
CA GLU D 789 56.64 41.54 8.08
C GLU D 789 55.57 42.18 8.94
N PHE D 790 55.02 41.46 9.91
CA PHE D 790 54.01 42.01 10.80
C PHE D 790 54.61 43.11 11.68
N ALA D 791 55.80 42.89 12.22
CA ALA D 791 56.47 43.93 13.00
C ALA D 791 56.70 45.18 12.16
N HIS D 792 57.10 44.99 10.90
CA HIS D 792 57.26 46.12 10.00
C HIS D 792 55.95 46.87 9.83
N ARG D 793 54.85 46.13 9.67
CA ARG D 793 53.55 46.78 9.57
C ARG D 793 53.31 47.67 10.79
N ILE D 794 53.44 47.10 11.99
CA ILE D 794 53.18 47.85 13.22
C ILE D 794 54.04 49.10 13.28
N MET D 795 55.34 48.96 13.04
CA MET D 795 56.29 50.00 13.40
C MET D 795 56.54 51.01 12.30
N LEU D 796 55.93 50.82 11.16
CA LEU D 796 56.09 51.79 10.13
C LEU D 796 54.86 52.01 9.30
N THR D 797 54.23 50.96 8.81
CA THR D 797 53.19 51.19 7.82
C THR D 797 51.95 51.76 8.49
N ASN D 798 51.57 51.17 9.61
CA ASN D 798 50.39 51.63 10.32
C ASN D 798 50.66 52.90 11.11
N ILE D 799 51.92 53.24 11.39
CA ILE D 799 52.22 54.58 11.88
C ILE D 799 51.94 55.61 10.82
N LEU D 800 52.31 55.34 9.57
CA LEU D 800 51.97 56.25 8.50
C LEU D 800 50.46 56.31 8.32
N ARG D 801 49.77 55.18 8.42
CA ARG D 801 48.31 55.19 8.34
C ARG D 801 47.67 55.99 9.49
N MET D 802 48.24 55.91 10.68
CA MET D 802 47.69 56.68 11.80
C MET D 802 47.87 58.17 11.56
N MET D 803 49.04 58.59 11.08
CA MET D 803 49.22 59.99 10.69
C MET D 803 48.20 60.39 9.63
N GLY D 804 48.01 59.55 8.62
CA GLY D 804 47.04 59.85 7.58
C GLY D 804 45.63 59.99 8.10
N CYS D 805 45.21 59.10 8.99
CA CYS D 805 43.89 59.15 9.58
C CYS D 805 43.68 60.45 10.37
N VAL D 806 44.69 60.87 11.12
CA VAL D 806 44.56 62.12 11.85
C VAL D 806 44.47 63.28 10.88
N LYS D 807 45.25 63.24 9.80
CA LYS D 807 45.21 64.31 8.81
C LYS D 807 43.82 64.41 8.18
N LYS D 808 43.21 63.27 7.87
CA LYS D 808 41.88 63.28 7.27
C LYS D 808 40.83 63.78 8.25
N GLN D 809 40.90 63.40 9.51
CA GLN D 809 39.93 63.87 10.47
C GLN D 809 40.04 65.37 10.64
N LYS D 810 41.27 65.88 10.77
CA LYS D 810 41.45 67.31 10.93
C LYS D 810 40.99 68.08 9.70
N SER D 811 41.23 67.56 8.50
CA SER D 811 40.85 68.30 7.30
C SER D 811 39.35 68.23 7.04
N ALA D 812 38.71 67.11 7.35
CA ALA D 812 37.26 67.02 7.18
C ALA D 812 36.54 68.08 8.00
N ARG D 813 37.18 68.56 9.05
CA ARG D 813 36.59 69.58 9.91
C ARG D 813 37.22 70.92 9.67
N GLY D 814 37.99 71.07 8.61
CA GLY D 814 38.60 72.33 8.28
C GLY D 814 39.57 72.87 9.30
N ILE D 815 40.15 72.01 10.12
CA ILE D 815 41.11 72.42 11.14
C ILE D 815 42.49 72.62 10.51
N GLU D 816 42.94 73.86 10.41
CA GLU D 816 44.21 74.16 9.79
C GLU D 816 45.22 74.81 10.71
N THR D 817 44.83 75.13 11.95
CA THR D 817 45.67 75.91 12.84
C THR D 817 45.94 75.20 14.15
N ARG D 818 45.61 73.92 14.21
CA ARG D 818 45.86 73.14 15.41
C ARG D 818 46.59 71.85 15.03
N PRO D 819 47.88 71.96 14.68
CA PRO D 819 48.61 70.77 14.24
C PRO D 819 48.97 69.76 15.34
N ALA D 820 48.98 68.47 15.04
CA ALA D 820 49.36 67.45 16.00
C ALA D 820 50.85 67.14 15.84
N GLN D 821 51.60 67.30 16.91
CA GLN D 821 53.02 66.98 16.89
C GLN D 821 53.24 65.48 17.00
N VAL D 822 53.87 64.92 16.00
CA VAL D 822 54.17 63.49 16.00
C VAL D 822 55.59 63.29 16.49
N ILE D 823 55.75 62.54 17.56
CA ILE D 823 57.04 62.26 18.18
C ILE D 823 57.47 60.89 17.67
N LEU D 824 58.33 60.87 16.68
CA LEU D 824 58.71 59.62 16.03
C LEU D 824 59.81 58.92 16.82
N PRO D 825 59.63 57.65 17.22
CA PRO D 825 60.72 56.95 17.92
C PRO D 825 61.76 56.46 16.93
N MET D 826 62.86 57.18 16.80
CA MET D 826 63.89 56.84 15.84
C MET D 826 65.08 56.18 16.49
N SER D 827 65.86 55.47 15.69
CA SER D 827 67.01 54.75 16.22
C SER D 827 68.30 55.29 15.64
N PRO D 828 69.36 55.28 16.46
CA PRO D 828 70.66 55.76 15.95
C PRO D 828 71.47 54.69 15.24
N ASN D 829 71.04 53.44 15.29
CA ASN D 829 71.83 52.33 14.75
C ASN D 829 70.97 51.59 13.74
N HIS D 830 71.27 51.77 12.46
CA HIS D 830 70.52 51.10 11.42
C HIS D 830 71.32 49.96 10.86
N GLY D 831 70.98 48.75 11.25
CA GLY D 831 71.65 47.55 10.78
C GLY D 831 72.97 47.25 11.44
N THR D 832 73.34 48.01 12.48
CA THR D 832 74.68 47.91 13.05
C THR D 832 74.85 46.66 13.91
N PHE D 833 73.77 46.15 14.49
CA PHE D 833 73.88 44.99 15.36
C PHE D 833 73.46 43.70 14.67
N GLY D 834 72.51 43.75 13.75
CA GLY D 834 72.06 42.57 13.06
C GLY D 834 71.14 41.73 13.91
N GLY D 835 70.49 40.77 13.27
CA GLY D 835 69.65 39.83 13.97
C GLY D 835 68.32 40.36 14.42
N ASP D 836 67.90 41.54 13.97
CA ASP D 836 66.67 42.16 14.44
C ASP D 836 65.60 42.24 13.35
N GLY D 837 65.61 41.32 12.41
CA GLY D 837 64.53 41.26 11.43
C GLY D 837 64.49 42.50 10.57
N MET D 838 63.36 43.21 10.60
CA MET D 838 63.17 44.43 9.83
C MET D 838 63.09 45.66 10.73
N TYR D 839 63.57 45.56 11.96
CA TYR D 839 63.56 46.70 12.86
C TYR D 839 64.27 47.89 12.27
N SER D 840 65.48 47.69 11.78
CA SER D 840 66.27 48.79 11.27
C SER D 840 65.66 49.38 10.01
N GLU D 841 65.06 48.54 9.17
CA GLU D 841 64.36 49.04 7.99
C GLU D 841 63.20 49.98 8.39
N SER D 842 62.37 49.53 9.33
CA SER D 842 61.29 50.38 9.85
C SER D 842 61.82 51.71 10.38
N LYS D 843 62.82 51.65 11.24
CA LYS D 843 63.33 52.87 11.86
C LYS D 843 63.91 53.83 10.86
N LEU D 844 64.69 53.32 9.91
CA LEU D 844 65.27 54.19 8.90
C LEU D 844 64.18 54.75 7.98
N SER D 845 63.15 53.99 7.69
CA SER D 845 62.09 54.48 6.82
C SER D 845 61.34 55.67 7.41
N LEU D 846 61.21 55.74 8.73
CA LEU D 846 60.51 56.84 9.36
C LEU D 846 61.17 58.17 9.00
N GLU D 847 62.45 58.14 8.69
CA GLU D 847 63.13 59.42 8.40
C GLU D 847 62.69 60.13 7.13
N THR D 848 61.95 59.48 6.26
CA THR D 848 61.43 60.15 5.06
C THR D 848 60.48 61.28 5.42
N LEU D 849 59.82 61.18 6.56
CA LEU D 849 58.84 62.16 6.97
C LEU D 849 59.39 63.57 7.14
N PHE D 850 60.68 63.68 7.43
CA PHE D 850 61.28 65.00 7.54
C PHE D 850 61.11 65.75 6.24
N ASN D 851 61.26 65.05 5.12
CA ASN D 851 61.15 65.69 3.80
C ASN D 851 59.72 65.68 3.27
N ARG D 852 58.94 64.65 3.55
CA ARG D 852 57.56 64.62 3.10
C ARG D 852 56.70 65.71 3.74
N TRP D 853 57.12 66.22 4.88
CA TRP D 853 56.40 67.30 5.52
C TRP D 853 56.43 68.49 4.60
N HIS D 854 57.58 68.75 4.00
CA HIS D 854 57.73 69.85 3.06
C HIS D 854 57.19 69.57 1.66
N SER D 855 57.16 68.32 1.22
CA SER D 855 56.80 68.05 -0.17
C SER D 855 55.33 67.72 -0.40
N GLU D 856 54.55 67.56 0.66
CA GLU D 856 53.14 67.18 0.49
C GLU D 856 52.20 68.26 1.03
N SER D 857 50.96 67.89 1.33
CA SER D 857 49.96 68.85 1.78
C SER D 857 49.35 68.60 3.16
N TRP D 858 50.12 68.04 4.08
CA TRP D 858 49.61 67.70 5.40
C TRP D 858 50.32 68.47 6.50
N ALA D 859 51.19 69.40 6.15
CA ALA D 859 51.98 70.11 7.15
C ALA D 859 51.18 70.98 8.14
N ASN D 860 49.98 71.43 7.77
CA ASN D 860 49.15 72.20 8.67
C ASN D 860 48.42 71.32 9.70
N GLN D 861 48.31 70.03 9.43
CA GLN D 861 47.63 69.12 10.35
C GLN D 861 48.61 68.32 11.20
N LEU D 862 49.86 68.20 10.77
CA LEU D 862 50.83 67.39 11.50
C LEU D 862 52.18 68.06 11.44
N THR D 863 52.93 67.92 12.52
CA THR D 863 54.29 68.40 12.56
C THR D 863 55.14 67.18 12.87
N VAL D 864 56.44 67.24 12.64
CA VAL D 864 57.33 66.10 12.75
C VAL D 864 58.41 66.45 13.77
N CYS D 865 58.53 65.62 14.80
CA CYS D 865 59.60 65.75 15.79
C CYS D 865 60.29 64.39 15.88
N GLY D 866 61.46 64.28 15.29
CA GLY D 866 62.19 63.03 15.31
C GLY D 866 63.06 62.94 16.54
N ALA D 867 62.87 61.90 17.33
CA ALA D 867 63.65 61.66 18.54
C ALA D 867 64.52 60.45 18.31
N ILE D 868 65.83 60.66 18.23
CA ILE D 868 66.79 59.57 18.09
C ILE D 868 67.08 59.10 19.51
N ILE D 869 66.42 58.02 19.94
CA ILE D 869 66.53 57.56 21.32
C ILE D 869 67.79 56.77 21.61
N GLY D 870 68.47 57.14 22.68
CA GLY D 870 69.72 56.49 23.03
C GLY D 870 69.60 55.24 23.86
N TRP D 871 70.74 54.71 24.28
CA TRP D 871 70.76 53.49 25.10
C TRP D 871 69.94 53.69 26.36
N THR D 872 68.80 53.02 26.45
CA THR D 872 67.91 53.20 27.59
C THR D 872 67.83 51.89 28.35
N ARG D 873 68.39 51.85 29.54
CA ARG D 873 68.41 50.64 30.33
C ARG D 873 67.05 50.24 30.89
N GLY D 874 66.64 48.98 30.73
CA GLY D 874 65.41 48.51 31.35
C GLY D 874 64.20 48.20 30.52
N THR D 875 64.27 48.37 29.20
CA THR D 875 63.06 48.19 28.39
C THR D 875 62.95 46.80 27.79
N GLY D 876 61.85 46.54 27.08
CA GLY D 876 61.69 45.26 26.42
C GLY D 876 62.62 45.20 25.22
N LEU D 877 63.10 46.36 24.79
CA LEU D 877 63.98 46.42 23.64
C LEU D 877 65.46 46.42 24.02
N MET D 878 65.78 46.66 25.28
CA MET D 878 67.20 46.77 25.65
C MET D 878 67.58 46.10 26.97
N SER D 879 66.62 45.52 27.67
CA SER D 879 66.89 44.91 28.97
C SER D 879 68.08 43.96 28.99
N ALA D 880 68.22 43.13 27.96
CA ALA D 880 69.31 42.15 27.91
C ALA D 880 70.72 42.75 27.91
N ASN D 881 70.84 44.07 27.87
CA ASN D 881 72.16 44.70 27.78
C ASN D 881 72.50 45.54 29.00
N ASN D 882 71.73 45.43 30.08
CA ASN D 882 72.03 46.24 31.27
C ASN D 882 73.44 45.96 31.80
N ILE D 883 73.95 44.75 31.57
CA ILE D 883 75.18 44.33 32.23
C ILE D 883 76.44 44.95 31.64
N ILE D 884 76.39 45.49 30.42
CA ILE D 884 77.54 46.15 29.82
C ILE D 884 77.41 47.67 29.84
N ALA D 885 76.34 48.20 30.42
CA ALA D 885 76.13 49.64 30.42
C ALA D 885 77.26 50.36 31.15
N GLU D 886 77.80 49.75 32.21
CA GLU D 886 78.87 50.39 32.97
C GLU D 886 80.12 50.56 32.13
N GLY D 887 80.53 49.51 31.40
CA GLY D 887 81.69 49.64 30.54
C GLY D 887 81.47 50.62 29.41
N ILE D 888 80.28 50.57 28.80
CA ILE D 888 79.95 51.54 27.77
C ILE D 888 80.14 52.96 28.31
N GLU D 889 79.67 53.19 29.53
CA GLU D 889 79.83 54.51 30.14
C GLU D 889 81.30 54.82 30.40
N LYS D 890 82.08 53.80 30.78
CA LYS D 890 83.51 54.00 30.97
C LYS D 890 84.14 54.56 29.70
N MET D 891 83.59 54.23 28.54
CA MET D 891 84.09 54.87 27.33
C MET D 891 83.81 56.37 27.27
N GLY D 892 83.15 56.96 28.26
CA GLY D 892 82.80 58.37 28.22
C GLY D 892 81.45 58.67 27.61
N VAL D 893 80.61 57.66 27.46
CA VAL D 893 79.30 57.81 26.87
C VAL D 893 78.26 57.70 27.98
N ARG D 894 77.05 58.18 27.70
CA ARG D 894 75.98 58.21 28.69
C ARG D 894 74.86 57.27 28.27
N THR D 895 74.52 56.34 29.15
CA THR D 895 73.29 55.57 29.04
C THR D 895 72.21 56.22 29.92
N PHE D 896 70.96 55.92 29.61
CA PHE D 896 69.82 56.60 30.24
C PHE D 896 68.91 55.60 30.92
N SER D 897 68.42 55.96 32.10
CA SER D 897 67.27 55.28 32.66
C SER D 897 66.00 55.70 31.92
N GLN D 898 64.97 54.87 32.03
CA GLN D 898 63.71 55.17 31.36
C GLN D 898 63.12 56.49 31.84
N LYS D 899 63.33 56.81 33.11
CA LYS D 899 62.85 58.07 33.65
C LYS D 899 63.58 59.23 32.98
N GLU D 900 64.90 59.11 32.82
CA GLU D 900 65.69 60.14 32.14
C GLU D 900 65.27 60.30 30.69
N MET D 901 65.08 59.20 29.97
CA MET D 901 64.68 59.31 28.57
C MET D 901 63.29 59.91 28.46
N ALA D 902 62.37 59.55 29.36
CA ALA D 902 61.06 60.17 29.33
C ALA D 902 61.16 61.67 29.58
N PHE D 903 62.03 62.10 30.48
CA PHE D 903 62.23 63.52 30.71
C PHE D 903 62.77 64.17 29.45
N ASN D 904 63.71 63.52 28.77
CA ASN D 904 64.22 64.05 27.50
C ASN D 904 63.10 64.23 26.49
N LEU D 905 62.26 63.21 26.35
CA LEU D 905 61.19 63.26 25.36
C LEU D 905 60.16 64.34 25.71
N LEU D 906 59.74 64.39 26.97
CA LEU D 906 58.81 65.42 27.40
C LEU D 906 59.39 66.80 27.18
N GLY D 907 60.71 66.93 27.15
CA GLY D 907 61.33 68.16 26.72
C GLY D 907 60.91 68.61 25.33
N LEU D 908 60.49 67.68 24.48
CA LEU D 908 60.05 68.02 23.14
C LEU D 908 58.59 68.47 23.08
N LEU D 909 57.89 68.50 24.21
CA LEU D 909 56.52 68.93 24.23
C LEU D 909 56.36 70.30 24.87
N THR D 910 57.47 70.94 25.22
CA THR D 910 57.40 72.29 25.76
C THR D 910 56.94 73.25 24.67
N PRO D 911 56.43 74.42 25.06
CA PRO D 911 55.93 75.35 24.03
C PRO D 911 56.98 75.76 23.02
N GLU D 912 58.22 75.94 23.44
CA GLU D 912 59.27 76.41 22.54
C GLU D 912 59.59 75.39 21.45
N VAL D 913 59.77 74.12 21.84
CA VAL D 913 60.01 73.09 20.84
C VAL D 913 58.77 72.87 19.99
N VAL D 914 57.59 73.02 20.56
CA VAL D 914 56.37 72.87 19.79
C VAL D 914 56.29 73.93 18.70
N GLU D 915 56.61 75.17 19.02
CA GLU D 915 56.65 76.22 18.00
C GLU D 915 57.74 75.94 16.97
N LEU D 916 58.90 75.49 17.44
CA LEU D 916 59.97 75.13 16.53
C LEU D 916 59.50 74.09 15.51
N CYS D 917 58.82 73.04 15.97
CA CYS D 917 58.33 72.01 15.07
C CYS D 917 57.33 72.57 14.08
N GLN D 918 56.52 73.54 14.49
CA GLN D 918 55.57 74.15 13.56
C GLN D 918 56.32 74.98 12.51
N LYS D 919 57.53 75.40 12.81
CA LYS D 919 58.32 76.11 11.80
C LYS D 919 58.89 75.15 10.77
N SER D 920 59.47 74.05 11.21
CA SER D 920 60.00 73.02 10.32
C SER D 920 60.35 71.83 11.18
N PRO D 921 60.43 70.64 10.57
CA PRO D 921 60.68 69.44 11.38
C PRO D 921 61.95 69.56 12.20
N VAL D 922 61.87 69.05 13.42
CA VAL D 922 63.00 69.08 14.31
C VAL D 922 63.53 67.68 14.49
N MET D 923 64.84 67.55 14.63
CA MET D 923 65.46 66.26 14.85
C MET D 923 66.25 66.35 16.15
N ALA D 924 65.85 65.57 17.12
CA ALA D 924 66.46 65.59 18.44
C ALA D 924 67.34 64.35 18.60
N ASP D 925 68.61 64.58 18.93
CA ASP D 925 69.57 63.53 19.19
C ASP D 925 69.65 63.31 20.70
N LEU D 926 69.02 62.25 21.18
CA LEU D 926 69.03 61.89 22.59
C LEU D 926 69.92 60.67 22.83
N ASN D 927 71.05 60.61 22.13
CA ASN D 927 71.89 59.43 22.11
C ASN D 927 73.07 59.47 23.09
N GLY D 928 73.31 60.58 23.76
CA GLY D 928 74.35 60.62 24.78
C GLY D 928 75.74 60.32 24.27
N GLY D 929 76.05 60.71 23.03
CA GLY D 929 77.37 60.52 22.48
C GLY D 929 77.72 59.11 22.07
N LEU D 930 76.75 58.18 22.07
CA LEU D 930 77.06 56.81 21.70
C LEU D 930 77.53 56.71 20.25
N GLN D 931 77.10 57.64 19.39
CA GLN D 931 77.51 57.59 18.00
C GLN D 931 79.02 57.79 17.82
N PHE D 932 79.71 58.28 18.85
CA PHE D 932 81.13 58.53 18.74
C PHE D 932 81.99 57.32 19.09
N VAL D 933 81.39 56.23 19.56
CA VAL D 933 82.12 55.00 19.82
C VAL D 933 82.24 54.24 18.50
N PRO D 934 83.45 53.97 18.00
CA PRO D 934 83.57 53.23 16.74
C PRO D 934 83.42 51.72 16.92
N GLU D 935 82.96 51.07 15.86
CA GLU D 935 82.76 49.62 15.85
C GLU D 935 81.94 49.19 17.07
N LEU D 936 80.73 49.72 17.17
CA LEU D 936 79.94 49.57 18.38
C LEU D 936 79.58 48.11 18.62
N LYS D 937 79.23 47.38 17.58
CA LYS D 937 78.85 45.97 17.75
C LYS D 937 79.99 45.18 18.36
N GLU D 938 81.19 45.31 17.81
CA GLU D 938 82.34 44.57 18.33
C GLU D 938 82.68 45.01 19.73
N PHE D 939 82.62 46.30 20.00
CA PHE D 939 82.92 46.79 21.35
C PHE D 939 81.96 46.18 22.37
N THR D 940 80.66 46.18 22.08
CA THR D 940 79.71 45.64 23.06
C THR D 940 79.84 44.14 23.18
N ALA D 941 80.12 43.44 22.07
CA ALA D 941 80.35 42.01 22.15
C ALA D 941 81.57 41.70 23.01
N LYS D 942 82.62 42.50 22.89
CA LYS D 942 83.81 42.30 23.70
C LYS D 942 83.50 42.49 25.18
N LEU D 943 82.75 43.53 25.52
CA LEU D 943 82.35 43.74 26.91
C LEU D 943 81.56 42.55 27.41
N ARG D 944 80.62 42.07 26.62
CA ARG D 944 79.77 40.98 27.06
C ARG D 944 80.57 39.71 27.27
N LYS D 945 81.49 39.40 26.35
CA LYS D 945 82.28 38.19 26.50
C LYS D 945 83.25 38.30 27.66
N GLU D 946 83.78 39.48 27.91
CA GLU D 946 84.63 39.67 29.07
C GLU D 946 83.87 39.27 30.32
N LEU D 947 82.67 39.80 30.48
CA LEU D 947 81.88 39.51 31.67
C LEU D 947 81.51 38.04 31.77
N VAL D 948 81.05 37.47 30.67
CA VAL D 948 80.63 36.08 30.70
C VAL D 948 81.80 35.18 31.06
N GLU D 949 82.97 35.47 30.50
CA GLU D 949 84.13 34.64 30.77
C GLU D 949 84.50 34.75 32.24
N THR D 950 84.59 35.97 32.75
CA THR D 950 84.95 36.12 34.15
C THR D 950 84.00 35.33 35.04
N SER D 951 82.70 35.46 34.78
CA SER D 951 81.71 34.75 35.59
C SER D 951 81.93 33.24 35.52
N GLU D 952 82.05 32.70 34.30
CA GLU D 952 82.15 31.25 34.15
C GLU D 952 83.45 30.72 34.75
N VAL D 953 84.56 31.40 34.53
CA VAL D 953 85.81 30.96 35.09
C VAL D 953 85.70 30.90 36.60
N ARG D 954 85.25 31.99 37.21
CA ARG D 954 85.17 32.01 38.66
C ARG D 954 84.27 30.91 39.18
N LYS D 955 83.12 30.70 38.56
CA LYS D 955 82.22 29.64 39.02
C LYS D 955 82.89 28.27 38.93
N ALA D 956 83.54 27.98 37.80
CA ALA D 956 84.14 26.67 37.63
C ALA D 956 85.27 26.44 38.62
N VAL D 957 86.13 27.44 38.80
CA VAL D 957 87.23 27.31 39.75
C VAL D 957 86.68 27.10 41.16
N SER D 958 85.65 27.85 41.53
CA SER D 958 85.11 27.70 42.88
C SER D 958 84.52 26.31 43.09
N ILE D 959 83.80 25.79 42.10
CA ILE D 959 83.25 24.45 42.21
C ILE D 959 84.37 23.42 42.39
N GLU D 960 85.44 23.56 41.60
CA GLU D 960 86.51 22.56 41.68
C GLU D 960 87.23 22.64 43.02
N THR D 961 87.47 23.86 43.52
CA THR D 961 88.11 24.00 44.82
C THR D 961 87.24 23.41 45.93
N ALA D 962 85.93 23.63 45.86
CA ALA D 962 85.03 23.05 46.85
C ALA D 962 85.06 21.53 46.79
N LEU D 963 85.05 20.96 45.59
CA LEU D 963 85.06 19.51 45.48
C LEU D 963 86.37 18.92 46.01
N GLU D 964 87.49 19.58 45.70
CA GLU D 964 88.77 19.13 46.23
C GLU D 964 88.78 19.17 47.76
N HIS D 965 88.24 20.24 48.33
CA HIS D 965 88.15 20.32 49.79
C HIS D 965 87.30 19.19 50.34
N LYS D 966 86.18 18.91 49.69
CA LYS D 966 85.24 17.90 50.16
C LYS D 966 85.82 16.50 50.06
N VAL D 967 86.74 16.27 49.12
CA VAL D 967 87.36 14.95 49.03
C VAL D 967 88.57 14.83 49.96
N VAL D 968 89.35 15.89 50.11
CA VAL D 968 90.53 15.81 50.96
C VAL D 968 90.14 15.74 52.43
N ASN D 969 89.17 16.55 52.85
CA ASN D 969 88.79 16.63 54.26
C ASN D 969 87.55 15.82 54.60
N GLY D 970 86.85 15.28 53.61
CA GLY D 970 85.70 14.45 53.88
C GLY D 970 84.52 15.24 54.40
N ASN D 971 83.50 14.51 54.84
CA ASN D 971 82.28 15.11 55.34
C ASN D 971 82.41 15.58 56.78
N GLN D 979 72.57 24.19 58.12
CA GLN D 979 71.69 24.69 59.17
C GLN D 979 70.29 24.11 59.02
N VAL D 980 69.67 23.78 60.16
CA VAL D 980 68.30 23.28 60.15
C VAL D 980 67.34 24.46 60.04
N GLU D 981 66.44 24.41 59.06
CA GLU D 981 65.50 25.48 58.79
C GLU D 981 64.12 25.05 59.26
N ILE D 982 63.34 26.01 59.76
CA ILE D 982 62.03 25.75 60.33
C ILE D 982 60.96 26.36 59.43
N GLN D 983 59.97 25.54 59.07
CA GLN D 983 58.89 25.96 58.20
C GLN D 983 57.73 26.46 59.05
N PRO D 984 57.08 27.57 58.70
CA PRO D 984 55.89 27.98 59.46
C PRO D 984 54.76 26.95 59.37
N ARG D 985 54.06 26.79 60.48
CA ARG D 985 52.82 26.04 60.54
C ARG D 985 51.68 26.98 60.91
N ALA D 986 50.55 26.85 60.21
CA ALA D 986 49.43 27.75 60.44
C ALA D 986 48.93 27.64 61.88
N ASN D 987 48.75 28.79 62.52
CA ASN D 987 48.25 28.87 63.89
C ASN D 987 47.06 29.83 63.89
N ILE D 988 45.88 29.31 63.54
CA ILE D 988 44.71 30.16 63.41
C ILE D 988 44.23 30.71 64.76
N GLN D 989 44.08 32.03 64.83
CA GLN D 989 43.66 32.66 66.08
C GLN D 989 42.20 33.07 66.02
N LEU D 990 41.59 33.26 67.18
CA LEU D 990 40.19 33.68 67.24
C LEU D 990 40.09 35.20 67.15
N ASP D 991 41.17 35.91 67.44
CA ASP D 991 41.19 37.37 67.31
C ASP D 991 40.24 38.09 68.26
N PHE D 992 40.37 37.83 69.56
CA PHE D 992 39.57 38.55 70.53
C PHE D 992 40.16 39.94 70.63
N PRO D 993 39.34 40.93 70.98
CA PRO D 993 39.81 42.30 71.12
C PRO D 993 40.93 42.43 72.14
N GLU D 994 41.93 43.26 71.86
CA GLU D 994 43.00 43.50 72.82
C GLU D 994 42.49 44.37 73.95
N LEU D 995 42.85 44.04 75.18
CA LEU D 995 42.43 44.81 76.35
C LEU D 995 43.60 45.56 76.96
N LYS D 996 43.51 46.88 77.00
CA LYS D 996 44.62 47.69 77.50
C LYS D 996 44.70 47.75 79.02
N PRO D 997 45.75 48.37 79.55
CA PRO D 997 45.79 48.54 81.00
C PRO D 997 44.73 49.56 81.38
N TYR D 998 44.22 49.48 82.60
CA TYR D 998 43.14 50.37 82.99
C TYR D 998 43.52 51.84 82.87
N LYS D 999 44.81 52.14 82.91
CA LYS D 999 45.27 53.52 82.83
C LYS D 999 45.00 54.13 81.47
N GLN D 1000 45.40 53.44 80.41
CA GLN D 1000 45.14 53.94 79.06
C GLN D 1000 43.65 53.98 78.76
N VAL D 1001 42.94 52.89 79.09
CA VAL D 1001 41.51 52.85 78.78
C VAL D 1001 40.80 53.96 79.53
N LYS D 1002 41.24 54.26 80.74
CA LYS D 1002 40.70 55.40 81.47
C LYS D 1002 41.02 56.71 80.76
N GLN D 1003 42.20 56.79 80.12
CA GLN D 1003 42.52 58.02 79.40
C GLN D 1003 41.57 58.26 78.24
N ILE D 1004 41.05 57.22 77.57
CA ILE D 1004 40.23 57.46 76.36
C ILE D 1004 38.87 58.13 76.57
N ALA D 1005 38.14 57.78 77.62
CA ALA D 1005 36.81 58.31 77.83
C ALA D 1005 36.81 59.32 78.95
N PRO D 1006 35.89 60.28 78.90
CA PRO D 1006 35.82 61.30 79.94
C PRO D 1006 35.86 60.72 81.35
N ALA D 1007 36.52 61.41 82.28
CA ALA D 1007 36.60 60.93 83.65
C ALA D 1007 35.24 60.88 84.32
N GLU D 1008 34.28 61.70 83.87
CA GLU D 1008 32.95 61.73 84.47
C GLU D 1008 32.09 60.55 84.08
N LEU D 1009 32.54 59.71 83.15
CA LEU D 1009 31.71 58.61 82.68
C LEU D 1009 31.58 57.49 83.71
N GLU D 1010 32.50 57.40 84.65
CA GLU D 1010 32.50 56.30 85.61
C GLU D 1010 31.27 56.39 86.52
N GLY D 1011 30.46 55.34 86.50
CA GLY D 1011 29.26 55.29 87.31
C GLY D 1011 28.12 56.15 86.80
N LEU D 1012 28.26 56.73 85.62
CA LEU D 1012 27.18 57.51 85.04
C LEU D 1012 26.22 56.68 84.21
N LEU D 1013 26.72 55.56 83.69
CA LEU D 1013 25.90 54.75 82.81
C LEU D 1013 25.28 53.52 83.43
N ASP D 1014 24.04 53.25 83.10
CA ASP D 1014 23.36 52.03 83.53
C ASP D 1014 23.76 50.92 82.55
N LEU D 1015 24.70 50.08 82.97
CA LEU D 1015 25.26 49.08 82.06
C LEU D 1015 24.29 47.99 81.69
N GLU D 1016 23.14 47.91 82.36
CA GLU D 1016 22.09 47.03 81.87
C GLU D 1016 21.40 47.59 80.64
N ARG D 1017 21.61 48.87 80.34
CA ARG D 1017 20.99 49.53 79.21
C ARG D 1017 21.96 49.78 78.06
N VAL D 1018 23.16 49.24 78.16
CA VAL D 1018 24.16 49.40 77.11
C VAL D 1018 24.29 48.09 76.37
N ILE D 1019 24.04 48.08 75.08
CA ILE D 1019 24.10 46.86 74.29
C ILE D 1019 25.45 46.73 73.61
N VAL D 1020 26.06 45.57 73.71
CA VAL D 1020 27.37 45.31 73.10
C VAL D 1020 27.29 44.07 72.23
N VAL D 1021 28.19 44.00 71.26
CA VAL D 1021 28.36 42.83 70.41
C VAL D 1021 29.50 41.99 71.00
N THR D 1022 29.21 40.75 71.38
CA THR D 1022 30.20 39.87 71.98
C THR D 1022 30.66 38.76 71.06
N GLY D 1023 30.11 38.64 69.86
CA GLY D 1023 30.58 37.65 68.92
C GLY D 1023 29.89 37.85 67.59
N PHE D 1024 30.51 37.37 66.52
CA PHE D 1024 29.95 37.51 65.20
C PHE D 1024 30.55 36.48 64.28
N ALA D 1025 29.87 36.19 63.18
CA ALA D 1025 30.33 35.18 62.26
C ALA D 1025 29.60 35.34 60.97
N GLU D 1026 30.07 34.67 59.93
CA GLU D 1026 29.37 34.70 58.69
C GLU D 1026 29.71 33.57 57.76
N VAL D 1027 28.78 33.18 56.93
CA VAL D 1027 29.06 32.24 55.86
C VAL D 1027 28.79 32.97 54.55
N GLY D 1028 29.82 33.12 53.73
CA GLY D 1028 29.68 33.89 52.51
C GLY D 1028 30.59 33.45 51.40
N PRO D 1029 30.62 34.22 50.31
CA PRO D 1029 31.46 33.85 49.15
C PRO D 1029 32.95 33.78 49.43
N TRP D 1030 33.45 34.44 50.46
CA TRP D 1030 34.86 34.35 50.80
C TRP D 1030 35.09 33.58 52.07
N GLY D 1031 34.23 32.62 52.36
CA GLY D 1031 34.36 31.77 53.52
C GLY D 1031 33.84 32.42 54.78
N SER D 1032 34.58 32.27 55.86
CA SER D 1032 34.18 32.83 57.13
C SER D 1032 34.44 34.33 57.22
N ALA D 1033 34.26 34.89 58.40
CA ALA D 1033 34.52 36.31 58.61
C ALA D 1033 36.01 36.58 58.67
N ARG D 1034 36.78 35.61 59.16
CA ARG D 1034 38.24 35.75 59.18
C ARG D 1034 38.84 35.81 57.77
N THR D 1035 38.46 34.88 56.91
CA THR D 1035 39.01 34.84 55.56
C THR D 1035 38.44 35.97 54.70
N ARG D 1036 37.16 36.29 54.87
CA ARG D 1036 36.58 37.42 54.17
C ARG D 1036 37.28 38.71 54.55
N TRP D 1037 37.62 38.88 55.81
CA TRP D 1037 38.28 40.10 56.23
C TRP D 1037 39.70 40.16 55.68
N GLU D 1038 40.40 39.04 55.68
CA GLU D 1038 41.72 39.04 55.07
C GLU D 1038 41.65 39.48 53.62
N MET D 1039 40.70 38.90 52.88
CA MET D 1039 40.55 39.28 51.48
C MET D 1039 40.15 40.76 51.34
N GLU D 1040 39.25 41.24 52.20
CA GLU D 1040 38.74 42.60 52.12
C GLU D 1040 39.83 43.63 52.43
N ALA D 1041 40.56 43.41 53.52
CA ALA D 1041 41.52 44.42 53.97
C ALA D 1041 42.85 44.32 53.24
N PHE D 1042 43.35 43.10 53.02
CA PHE D 1042 44.69 42.94 52.46
C PHE D 1042 44.77 42.41 51.03
N GLY D 1043 43.67 41.95 50.46
CA GLY D 1043 43.65 41.51 49.09
C GLY D 1043 44.25 40.15 48.84
N GLU D 1044 44.75 39.46 49.85
CA GLU D 1044 45.29 38.12 49.65
C GLU D 1044 45.40 37.42 50.99
N PHE D 1045 45.55 36.10 50.93
CA PHE D 1045 45.46 35.26 52.11
C PHE D 1045 46.81 35.07 52.77
N SER D 1046 46.83 35.19 54.09
CA SER D 1046 47.98 34.76 54.88
C SER D 1046 48.03 33.24 54.89
N LEU D 1047 49.00 32.68 55.64
CA LEU D 1047 49.09 31.24 55.79
C LEU D 1047 47.88 30.69 56.53
N GLU D 1048 47.51 31.33 57.63
CA GLU D 1048 46.34 30.90 58.37
C GLU D 1048 45.07 31.04 57.53
N GLY D 1049 44.95 32.11 56.75
CA GLY D 1049 43.81 32.25 55.86
C GLY D 1049 43.80 31.20 54.76
N CYS D 1050 44.96 30.92 54.17
CA CYS D 1050 45.01 29.92 53.12
C CYS D 1050 44.64 28.54 53.65
N VAL D 1051 45.15 28.17 54.83
CA VAL D 1051 44.82 26.89 55.41
C VAL D 1051 43.34 26.82 55.74
N GLU D 1052 42.77 27.90 56.27
CA GLU D 1052 41.35 27.90 56.58
C GLU D 1052 40.51 27.77 55.32
N MET D 1053 40.87 28.48 54.25
CA MET D 1053 40.12 28.36 53.02
C MET D 1053 40.23 26.96 52.42
N ALA D 1054 41.43 26.37 52.47
CA ALA D 1054 41.62 25.01 51.97
C ALA D 1054 40.77 24.02 52.74
N TRP D 1055 40.74 24.15 54.07
CA TRP D 1055 39.91 23.28 54.90
C TRP D 1055 38.41 23.52 54.65
N ILE D 1056 37.99 24.77 54.49
CA ILE D 1056 36.59 25.06 54.21
C ILE D 1056 36.16 24.41 52.90
N MET D 1057 36.98 24.55 51.87
CA MET D 1057 36.63 24.06 50.55
C MET D 1057 36.84 22.55 50.41
N GLY D 1058 37.32 21.87 51.44
CA GLY D 1058 37.52 20.45 51.38
C GLY D 1058 38.74 20.00 50.61
N PHE D 1059 39.68 20.91 50.33
CA PHE D 1059 40.90 20.51 49.65
C PHE D 1059 41.79 19.66 50.57
N ILE D 1060 41.83 19.99 51.84
CA ILE D 1060 42.68 19.31 52.81
C ILE D 1060 41.84 18.80 53.96
N SER D 1061 42.35 17.76 54.61
CA SER D 1061 41.68 17.20 55.76
C SER D 1061 42.76 16.77 56.72
N TYR D 1062 42.43 16.67 57.98
CA TYR D 1062 43.38 16.30 59.01
C TYR D 1062 43.48 14.79 59.11
N HIS D 1063 44.68 14.30 59.40
CA HIS D 1063 44.94 12.88 59.58
C HIS D 1063 45.80 12.68 60.82
N ASN D 1064 45.49 11.64 61.58
CA ASN D 1064 46.29 11.26 62.75
C ASN D 1064 46.33 9.74 62.81
N GLY D 1065 47.43 9.16 62.37
CA GLY D 1065 47.59 7.72 62.40
C GLY D 1065 48.66 7.29 61.42
N ASN D 1066 48.64 6.00 61.10
CA ASN D 1066 49.59 5.45 60.16
C ASN D 1066 49.15 5.78 58.74
N LEU D 1067 50.09 6.29 57.95
CA LEU D 1067 49.84 6.67 56.56
C LEU D 1067 50.97 6.09 55.74
N LYS D 1068 50.65 5.12 54.88
CA LYS D 1068 51.66 4.34 54.16
C LYS D 1068 52.60 3.66 55.14
N GLY D 1069 52.05 3.14 56.21
CA GLY D 1069 52.84 2.49 57.26
C GLY D 1069 53.36 3.45 58.31
N ARG D 1070 54.06 4.49 57.89
CA ARG D 1070 54.63 5.42 58.84
C ARG D 1070 53.53 6.22 59.54
N PRO D 1071 53.70 6.57 60.82
CA PRO D 1071 52.72 7.44 61.47
C PRO D 1071 52.78 8.85 60.90
N TYR D 1072 51.61 9.50 60.88
CA TYR D 1072 51.51 10.87 60.37
C TYR D 1072 50.49 11.65 61.18
N THR D 1073 50.82 12.89 61.49
CA THR D 1073 49.92 13.83 62.14
C THR D 1073 50.00 15.14 61.38
N GLY D 1074 48.93 15.50 60.68
CA GLY D 1074 48.91 16.73 59.94
C GLY D 1074 47.87 16.68 58.83
N TRP D 1075 48.02 17.65 57.92
CA TRP D 1075 47.09 17.79 56.80
C TRP D 1075 47.45 16.81 55.68
N VAL D 1076 46.42 16.24 55.08
CA VAL D 1076 46.57 15.44 53.87
C VAL D 1076 45.64 15.99 52.82
N ASP D 1077 46.02 15.82 51.55
CA ASP D 1077 45.11 16.14 50.46
C ASP D 1077 43.88 15.25 50.55
N SER D 1078 42.70 15.86 50.48
CA SER D 1078 41.47 15.11 50.74
C SER D 1078 41.27 14.01 49.69
N LYS D 1079 41.65 14.27 48.45
CA LYS D 1079 41.42 13.30 47.38
C LYS D 1079 42.48 12.19 47.40
N THR D 1080 43.75 12.55 47.24
CA THR D 1080 44.82 11.56 47.14
C THR D 1080 45.27 11.04 48.49
N LYS D 1081 44.97 11.74 49.58
CA LYS D 1081 45.42 11.41 50.94
C LYS D 1081 46.92 11.55 51.13
N GLU D 1082 47.61 12.21 50.22
CA GLU D 1082 49.04 12.43 50.41
C GLU D 1082 49.29 13.54 51.42
N PRO D 1083 50.34 13.43 52.23
CA PRO D 1083 50.63 14.48 53.21
C PRO D 1083 50.85 15.83 52.54
N VAL D 1084 50.41 16.88 53.23
CA VAL D 1084 50.60 18.25 52.78
C VAL D 1084 51.15 19.05 53.95
N ASP D 1085 52.26 19.74 53.73
CA ASP D 1085 52.79 20.67 54.71
C ASP D 1085 52.05 22.01 54.60
N ASP D 1086 51.96 22.70 55.74
CA ASP D 1086 51.29 23.99 55.75
C ASP D 1086 51.94 24.94 54.76
N LYS D 1087 53.27 24.93 54.69
CA LYS D 1087 53.98 25.84 53.79
C LYS D 1087 53.60 25.59 52.34
N ASP D 1088 53.21 24.36 52.00
CA ASP D 1088 52.90 24.00 50.62
C ASP D 1088 51.45 24.23 50.25
N VAL D 1089 50.60 24.62 51.21
CA VAL D 1089 49.18 24.77 50.92
C VAL D 1089 48.96 25.87 49.89
N LYS D 1090 49.64 26.99 50.03
CA LYS D 1090 49.51 28.06 49.05
C LYS D 1090 49.84 27.59 47.64
N ALA D 1091 51.01 26.97 47.46
CA ALA D 1091 51.42 26.53 46.14
C ALA D 1091 50.47 25.48 45.58
N LYS D 1092 50.06 24.54 46.41
CA LYS D 1092 49.18 23.47 45.94
C LYS D 1092 47.80 23.99 45.57
N TYR D 1093 47.25 24.92 46.34
CA TYR D 1093 45.82 25.16 46.31
C TYR D 1093 45.38 26.59 46.03
N GLU D 1094 46.14 27.57 46.45
CA GLU D 1094 45.73 28.96 46.32
C GLU D 1094 45.05 29.30 45.00
N THR D 1095 45.60 28.85 43.88
CA THR D 1095 45.03 29.22 42.60
C THR D 1095 43.62 28.68 42.44
N SER D 1096 43.38 27.44 42.88
CA SER D 1096 42.04 26.87 42.82
C SER D 1096 41.12 27.49 43.85
N ILE D 1097 41.65 27.82 45.03
CA ILE D 1097 40.86 28.51 46.04
C ILE D 1097 40.33 29.82 45.49
N LEU D 1098 41.21 30.61 44.87
CA LEU D 1098 40.79 31.90 44.32
C LEU D 1098 39.88 31.73 43.13
N GLU D 1099 40.05 30.69 42.33
CA GLU D 1099 39.19 30.48 41.18
C GLU D 1099 37.76 30.09 41.57
N HIS D 1100 37.59 29.50 42.73
CA HIS D 1100 36.28 29.00 43.16
C HIS D 1100 35.79 29.70 44.42
N SER D 1101 36.09 30.98 44.55
CA SER D 1101 35.64 31.80 45.68
C SER D 1101 35.17 33.15 45.15
N GLY D 1102 34.34 33.84 45.92
CA GLY D 1102 33.88 35.17 45.52
C GLY D 1102 32.99 35.24 44.30
N ILE D 1103 32.87 36.42 43.71
CA ILE D 1103 32.04 36.61 42.54
C ILE D 1103 32.65 35.90 41.35
N ARG D 1104 31.88 35.02 40.73
CA ARG D 1104 32.39 34.20 39.66
C ARG D 1104 31.26 33.64 38.84
N LEU D 1105 31.57 32.99 37.74
CA LEU D 1105 30.55 32.37 36.94
C LEU D 1105 29.72 31.39 37.77
N ILE D 1106 28.43 31.36 37.53
CA ILE D 1106 27.54 30.48 38.27
C ILE D 1106 27.89 29.03 37.97
N GLU D 1107 28.04 28.24 39.03
CA GLU D 1107 28.42 26.83 38.89
C GLU D 1107 27.19 25.95 39.07
N PRO D 1108 26.67 25.32 38.01
CA PRO D 1108 25.39 24.60 38.13
C PRO D 1108 25.37 23.55 39.22
N GLU D 1109 26.50 22.93 39.51
CA GLU D 1109 26.51 21.87 40.52
C GLU D 1109 26.16 22.40 41.90
N LEU D 1110 26.29 23.70 42.13
CA LEU D 1110 25.97 24.29 43.42
C LEU D 1110 24.51 24.68 43.52
N PHE D 1111 23.78 24.62 42.41
CA PHE D 1111 22.38 25.04 42.40
C PHE D 1111 21.51 24.02 41.67
N ASN D 1112 21.65 22.75 42.03
CA ASN D 1112 20.78 21.71 41.48
C ASN D 1112 20.74 21.70 39.98
N GLY D 1113 21.89 21.84 39.35
CA GLY D 1113 21.96 21.80 37.92
C GLY D 1113 21.56 23.06 37.20
N TYR D 1114 21.24 24.13 37.91
CA TYR D 1114 20.82 25.36 37.27
C TYR D 1114 21.90 25.91 36.35
N ASN D 1115 21.57 26.13 35.09
CA ASN D 1115 22.51 26.70 34.15
C ASN D 1115 21.81 27.85 33.49
N PRO D 1116 22.28 29.08 33.76
CA PRO D 1116 21.64 30.25 33.14
C PRO D 1116 21.77 30.29 31.63
N GLU D 1117 22.70 29.55 31.04
CA GLU D 1117 22.81 29.53 29.59
C GLU D 1117 21.76 28.66 28.94
N LYS D 1118 21.22 27.69 29.66
CA LYS D 1118 20.14 26.83 29.15
C LYS D 1118 19.08 26.74 30.24
N LYS D 1119 18.13 27.65 30.23
CA LYS D 1119 17.10 27.72 31.25
C LYS D 1119 15.84 27.02 30.76
N GLU D 1120 15.41 26.00 31.49
CA GLU D 1120 14.27 25.22 31.02
C GLU D 1120 12.92 25.87 31.15
N MET D 1121 12.14 25.79 30.09
CA MET D 1121 10.78 26.30 30.09
C MET D 1121 9.89 25.22 29.50
N ILE D 1122 8.59 25.44 29.59
CA ILE D 1122 7.58 24.53 29.07
C ILE D 1122 6.64 25.33 28.19
N GLN D 1123 6.32 24.79 27.01
CA GLN D 1123 5.41 25.44 26.07
C GLN D 1123 4.20 24.57 25.79
N GLU D 1124 3.01 25.13 25.92
CA GLU D 1124 1.80 24.37 25.66
C GLU D 1124 1.55 24.25 24.17
N VAL D 1125 1.37 23.03 23.70
CA VAL D 1125 1.09 22.79 22.29
C VAL D 1125 -0.12 21.91 22.15
N ILE D 1126 -1.06 22.28 21.28
CA ILE D 1126 -2.21 21.41 21.04
C ILE D 1126 -1.79 20.33 20.05
N VAL D 1127 -2.03 19.08 20.42
CA VAL D 1127 -1.70 17.95 19.56
C VAL D 1127 -2.51 18.05 18.27
N GLU D 1128 -1.82 17.92 17.14
CA GLU D 1128 -2.47 17.96 15.83
C GLU D 1128 -2.90 16.58 15.35
N GLU D 1129 -2.17 15.53 15.75
CA GLU D 1129 -2.49 14.17 15.37
C GLU D 1129 -2.30 13.26 16.58
N ASP D 1130 -3.09 12.18 16.62
CA ASP D 1130 -2.98 11.21 17.70
C ASP D 1130 -1.53 10.83 17.94
N LEU D 1131 -1.19 10.63 19.20
CA LEU D 1131 0.12 10.14 19.57
C LEU D 1131 0.17 8.62 19.47
N GLU D 1132 1.37 8.09 19.55
CA GLU D 1132 1.52 6.66 19.69
C GLU D 1132 1.17 6.25 21.13
N PRO D 1133 0.41 5.18 21.32
CA PRO D 1133 0.07 4.75 22.68
C PRO D 1133 1.31 4.46 23.51
N PHE D 1134 1.23 4.78 24.80
CA PHE D 1134 2.28 4.46 25.76
C PHE D 1134 1.64 3.83 26.99
N GLU D 1135 2.42 3.01 27.69
CA GLU D 1135 1.88 2.24 28.80
C GLU D 1135 1.97 3.03 30.10
N ALA D 1136 1.10 2.69 31.04
CA ALA D 1136 1.08 3.35 32.34
C ALA D 1136 0.26 2.48 33.29
N SER D 1137 0.50 2.68 34.58
CA SER D 1137 -0.27 1.98 35.59
C SER D 1137 -1.71 2.48 35.60
N LYS D 1138 -2.58 1.69 36.21
CA LYS D 1138 -4.01 1.99 36.19
C LYS D 1138 -4.30 3.35 36.83
N GLU D 1139 -3.68 3.64 37.98
CA GLU D 1139 -3.90 4.92 38.63
C GLU D 1139 -3.43 6.08 37.75
N THR D 1140 -2.24 5.95 37.16
CA THR D 1140 -1.75 7.00 36.28
C THR D 1140 -2.68 7.18 35.09
N ALA D 1141 -3.13 6.07 34.50
CA ALA D 1141 -4.00 6.16 33.35
C ALA D 1141 -5.30 6.88 33.70
N GLU D 1142 -5.85 6.57 34.87
CA GLU D 1142 -7.07 7.24 35.28
C GLU D 1142 -6.83 8.72 35.50
N GLN D 1143 -5.66 9.09 36.01
CA GLN D 1143 -5.35 10.52 36.15
C GLN D 1143 -5.29 11.20 34.80
N PHE D 1144 -4.69 10.56 33.81
CA PHE D 1144 -4.67 11.11 32.46
C PHE D 1144 -6.10 11.26 31.92
N LYS D 1145 -6.93 10.24 32.10
CA LYS D 1145 -8.31 10.31 31.64
C LYS D 1145 -9.07 11.44 32.32
N HIS D 1146 -8.89 11.58 33.64
CA HIS D 1146 -9.53 12.65 34.37
C HIS D 1146 -9.12 14.01 33.81
N GLN D 1147 -7.84 14.18 33.53
CA GLN D 1147 -7.37 15.45 32.98
C GLN D 1147 -7.99 15.73 31.62
N HIS D 1148 -7.90 14.78 30.69
CA HIS D 1148 -8.16 15.03 29.29
C HIS D 1148 -9.57 14.70 28.83
N GLY D 1149 -10.33 13.97 29.63
CA GLY D 1149 -11.69 13.65 29.22
C GLY D 1149 -11.69 12.80 27.97
N ASP D 1150 -12.39 13.26 26.94
CA ASP D 1150 -12.53 12.45 25.74
C ASP D 1150 -11.37 12.62 24.76
N LYS D 1151 -10.42 13.51 25.03
CA LYS D 1151 -9.24 13.66 24.18
C LYS D 1151 -8.15 12.66 24.53
N VAL D 1152 -8.46 11.62 25.30
CA VAL D 1152 -7.54 10.53 25.56
C VAL D 1152 -8.35 9.26 25.65
N ASP D 1153 -7.74 8.14 25.24
CA ASP D 1153 -8.34 6.83 25.35
C ASP D 1153 -7.41 5.95 26.18
N ILE D 1154 -7.97 5.32 27.21
CA ILE D 1154 -7.22 4.41 28.07
C ILE D 1154 -7.91 3.05 28.02
N PHE D 1155 -7.13 2.00 27.85
CA PHE D 1155 -7.66 0.66 27.74
C PHE D 1155 -6.79 -0.28 28.54
N GLU D 1156 -7.41 -1.07 29.40
CA GLU D 1156 -6.68 -2.08 30.14
C GLU D 1156 -6.04 -3.07 29.18
N ILE D 1157 -4.85 -3.54 29.53
CA ILE D 1157 -4.18 -4.60 28.80
C ILE D 1157 -4.48 -5.91 29.54
N PRO D 1158 -5.23 -6.83 28.93
CA PRO D 1158 -5.68 -8.00 29.72
C PRO D 1158 -4.54 -8.81 30.30
N GLU D 1159 -3.42 -8.92 29.58
CA GLU D 1159 -2.36 -9.81 30.03
C GLU D 1159 -1.76 -9.34 31.34
N THR D 1160 -1.43 -8.06 31.45
CA THR D 1160 -0.60 -7.56 32.54
C THR D 1160 -1.33 -6.71 33.56
N GLY D 1161 -2.44 -6.09 33.19
CA GLY D 1161 -3.14 -5.17 34.07
C GLY D 1161 -2.73 -3.73 33.93
N GLU D 1162 -1.66 -3.44 33.20
CA GLU D 1162 -1.33 -2.06 32.87
C GLU D 1162 -2.35 -1.52 31.88
N TYR D 1163 -2.16 -0.27 31.49
CA TYR D 1163 -3.07 0.42 30.59
C TYR D 1163 -2.29 1.06 29.47
N SER D 1164 -2.94 1.21 28.33
CA SER D 1164 -2.39 1.96 27.22
C SER D 1164 -3.04 3.34 27.20
N VAL D 1165 -2.23 4.36 26.98
CA VAL D 1165 -2.68 5.75 26.99
C VAL D 1165 -2.46 6.31 25.60
N LYS D 1166 -3.54 6.77 24.97
CA LYS D 1166 -3.48 7.30 23.61
C LYS D 1166 -4.10 8.69 23.62
N LEU D 1167 -3.26 9.70 23.54
CA LEU D 1167 -3.74 11.07 23.36
C LEU D 1167 -4.27 11.25 21.95
N LEU D 1168 -5.32 12.05 21.82
CA LEU D 1168 -6.03 12.23 20.56
C LEU D 1168 -5.86 13.66 20.07
N LYS D 1169 -6.36 13.91 18.87
CA LYS D 1169 -6.31 15.25 18.31
C LYS D 1169 -7.01 16.24 19.25
N GLY D 1170 -6.39 17.41 19.41
CA GLY D 1170 -6.91 18.44 20.27
C GLY D 1170 -6.47 18.37 21.70
N ALA D 1171 -5.75 17.32 22.10
CA ALA D 1171 -5.24 17.21 23.45
C ALA D 1171 -4.08 18.19 23.67
N THR D 1172 -3.98 18.67 24.91
CA THR D 1172 -2.94 19.62 25.28
C THR D 1172 -1.68 18.89 25.73
N LEU D 1173 -0.53 19.41 25.33
CA LEU D 1173 0.76 18.86 25.70
C LEU D 1173 1.70 20.00 26.04
N TYR D 1174 2.79 19.67 26.72
CA TYR D 1174 3.81 20.64 27.09
C TYR D 1174 5.16 20.16 26.58
N ILE D 1175 5.81 20.99 25.77
CA ILE D 1175 7.08 20.66 25.14
C ILE D 1175 8.17 21.47 25.81
N PRO D 1176 9.17 20.86 26.42
CA PRO D 1176 10.28 21.65 26.99
C PRO D 1176 11.00 22.45 25.92
N LYS D 1177 11.37 23.68 26.29
CA LYS D 1177 12.21 24.54 25.47
C LYS D 1177 13.20 25.23 26.40
N ALA D 1178 14.29 25.71 25.83
CA ALA D 1178 15.38 26.26 26.61
C ALA D 1178 15.58 27.72 26.26
N LEU D 1179 16.00 28.49 27.26
CA LEU D 1179 16.18 29.93 27.13
C LEU D 1179 17.58 30.30 27.57
N ARG D 1180 18.13 31.32 26.95
CA ARG D 1180 19.42 31.87 27.34
C ARG D 1180 19.17 33.07 28.24
N PHE D 1181 19.66 33.01 29.47
CA PHE D 1181 19.54 34.12 30.40
C PHE D 1181 20.86 34.84 30.42
N ASP D 1182 20.87 36.13 30.64
CA ASP D 1182 22.06 36.95 30.56
C ASP D 1182 22.64 37.35 31.92
N ARG D 1183 22.25 36.65 32.99
CA ARG D 1183 22.87 36.85 34.31
C ARG D 1183 23.65 35.57 34.51
N LEU D 1184 24.97 35.63 34.44
CA LEU D 1184 25.82 34.45 34.46
C LEU D 1184 26.78 34.39 35.64
N VAL D 1185 26.81 35.42 36.48
CA VAL D 1185 27.80 35.56 37.54
C VAL D 1185 27.08 35.82 38.86
N ALA D 1186 27.60 35.26 39.93
CA ALA D 1186 27.05 35.50 41.25
C ALA D 1186 28.13 35.31 42.30
N GLY D 1187 27.94 35.95 43.44
CA GLY D 1187 28.75 35.69 44.60
C GLY D 1187 28.32 34.40 45.27
N GLN D 1188 29.12 33.36 45.16
CA GLN D 1188 28.75 32.03 45.62
C GLN D 1188 29.65 31.59 46.76
N ILE D 1189 29.06 30.85 47.69
CA ILE D 1189 29.84 30.28 48.77
C ILE D 1189 30.91 29.36 48.17
N PRO D 1190 32.13 29.33 48.69
CA PRO D 1190 33.23 28.66 47.98
C PRO D 1190 32.90 27.22 47.63
N THR D 1191 33.25 26.84 46.40
CA THR D 1191 33.03 25.48 45.93
C THR D 1191 33.71 24.48 46.86
N GLY D 1192 32.97 23.47 47.27
CA GLY D 1192 33.44 22.51 48.23
C GLY D 1192 32.97 22.75 49.65
N TRP D 1193 32.41 23.92 49.92
CA TRP D 1193 31.83 24.18 51.24
C TRP D 1193 30.83 23.10 51.54
N ASN D 1194 30.88 22.55 52.74
CA ASN D 1194 30.00 21.45 53.10
C ASN D 1194 29.72 21.48 54.59
N ALA D 1195 28.46 21.42 54.96
CA ALA D 1195 28.08 21.47 56.36
C ALA D 1195 28.62 20.29 57.15
N LYS D 1196 28.88 19.16 56.49
CA LYS D 1196 29.50 18.04 57.17
C LYS D 1196 30.87 18.39 57.72
N THR D 1197 31.60 19.28 57.05
CA THR D 1197 32.92 19.70 57.52
C THR D 1197 32.82 20.38 58.88
N TYR D 1198 31.73 21.10 59.12
CA TYR D 1198 31.51 21.75 60.39
C TYR D 1198 30.91 20.82 61.45
N GLY D 1199 30.45 19.64 61.05
CA GLY D 1199 29.94 18.67 62.00
C GLY D 1199 28.44 18.42 61.99
N ILE D 1200 27.75 18.89 60.96
CA ILE D 1200 26.29 18.74 60.91
C ILE D 1200 25.96 17.40 60.26
N SER D 1201 25.20 16.58 61.00
CA SER D 1201 24.84 15.24 60.53
C SER D 1201 23.96 15.32 59.28
N ASP D 1202 23.98 14.23 58.52
CA ASP D 1202 23.27 14.24 57.24
C ASP D 1202 21.77 14.04 57.35
N ASP D 1203 21.24 13.60 58.51
CA ASP D 1203 19.80 13.65 58.68
C ASP D 1203 19.31 15.08 58.70
N ILE D 1204 20.02 15.97 59.39
CA ILE D 1204 19.71 17.39 59.33
C ILE D 1204 19.88 17.89 57.90
N ILE D 1205 20.98 17.53 57.25
CA ILE D 1205 21.26 18.07 55.92
C ILE D 1205 20.16 17.69 54.95
N SER D 1206 19.67 16.46 55.04
CA SER D 1206 18.59 16.02 54.18
C SER D 1206 17.23 16.56 54.63
N GLN D 1207 17.11 17.05 55.86
CA GLN D 1207 15.84 17.59 56.30
C GLN D 1207 15.65 19.05 55.85
N VAL D 1208 16.63 19.90 56.09
CA VAL D 1208 16.41 21.35 56.05
C VAL D 1208 16.79 21.96 54.70
N ASP D 1209 16.38 23.20 54.49
CA ASP D 1209 16.76 23.93 53.30
C ASP D 1209 18.21 24.39 53.51
N PRO D 1210 18.98 24.49 52.42
CA PRO D 1210 20.40 24.90 52.51
C PRO D 1210 20.67 26.19 53.29
N ILE D 1211 19.82 27.19 53.15
CA ILE D 1211 19.96 28.44 53.90
C ILE D 1211 20.08 28.13 55.39
N THR D 1212 19.34 27.12 55.86
CA THR D 1212 19.37 26.76 57.26
C THR D 1212 20.74 26.26 57.66
N LEU D 1213 21.42 25.52 56.80
CA LEU D 1213 22.77 25.11 57.10
C LEU D 1213 23.71 26.31 57.21
N PHE D 1214 23.53 27.33 56.36
CA PHE D 1214 24.36 28.52 56.47
C PHE D 1214 24.13 29.19 57.82
N VAL D 1215 22.88 29.25 58.24
CA VAL D 1215 22.56 29.87 59.53
C VAL D 1215 23.12 29.04 60.68
N LEU D 1216 23.00 27.72 60.63
CA LEU D 1216 23.45 26.89 61.75
C LEU D 1216 24.95 27.03 61.95
N VAL D 1217 25.71 26.99 60.85
CA VAL D 1217 27.15 27.20 60.95
C VAL D 1217 27.45 28.60 61.47
N SER D 1218 26.72 29.61 61.00
CA SER D 1218 27.01 30.99 61.41
C SER D 1218 26.74 31.20 62.89
N VAL D 1219 25.65 30.63 63.40
CA VAL D 1219 25.33 30.77 64.83
C VAL D 1219 26.39 30.08 65.68
N VAL D 1220 26.77 28.87 65.29
CA VAL D 1220 27.83 28.16 66.04
C VAL D 1220 29.11 28.97 66.05
N GLU D 1221 29.54 29.46 64.90
CA GLU D 1221 30.76 30.25 64.84
C GLU D 1221 30.63 31.55 65.63
N ALA D 1222 29.49 32.20 65.57
CA ALA D 1222 29.31 33.44 66.33
C ALA D 1222 29.47 33.17 67.82
N PHE D 1223 28.95 32.04 68.29
CA PHE D 1223 29.16 31.71 69.71
C PHE D 1223 30.62 31.39 70.01
N ILE D 1224 31.32 30.74 69.09
CA ILE D 1224 32.76 30.57 69.28
C ILE D 1224 33.46 31.91 69.40
N ALA D 1225 33.14 32.87 68.52
CA ALA D 1225 33.71 34.23 68.60
C ALA D 1225 33.37 34.92 69.90
N SER D 1226 32.29 34.51 70.56
CA SER D 1226 31.97 35.02 71.88
C SER D 1226 32.66 34.24 72.99
N GLY D 1227 33.42 33.20 72.66
CA GLY D 1227 34.02 32.36 73.67
C GLY D 1227 33.06 31.42 74.35
N ILE D 1228 31.86 31.24 73.81
CA ILE D 1228 30.85 30.36 74.38
C ILE D 1228 30.81 29.12 73.50
N THR D 1229 31.43 28.03 73.97
CA THR D 1229 31.49 26.79 73.20
C THR D 1229 30.28 25.92 73.50
N ASP D 1230 29.75 25.96 74.71
CA ASP D 1230 28.51 25.27 75.06
C ASP D 1230 27.44 26.31 75.33
N PRO D 1231 26.41 26.43 74.50
CA PRO D 1231 25.40 27.48 74.74
C PRO D 1231 24.69 27.37 76.08
N TYR D 1232 24.61 26.17 76.67
CA TYR D 1232 23.93 26.00 77.96
C TYR D 1232 24.61 26.78 79.05
N GLU D 1233 25.88 27.15 78.86
CA GLU D 1233 26.55 28.00 79.83
C GLU D 1233 25.80 29.31 80.03
N MET D 1234 25.04 29.74 79.03
CA MET D 1234 24.26 30.97 79.17
C MET D 1234 23.29 30.86 80.34
N TYR D 1235 22.74 29.67 80.58
CA TYR D 1235 21.74 29.49 81.62
C TYR D 1235 22.32 29.41 83.02
N LYS D 1236 23.62 29.60 83.17
CA LYS D 1236 24.19 29.70 84.50
C LYS D 1236 24.06 31.15 84.94
N TYR D 1237 23.79 32.07 84.00
CA TYR D 1237 23.70 33.48 84.31
C TYR D 1237 22.32 34.08 84.10
N VAL D 1238 21.54 33.48 83.22
CA VAL D 1238 20.23 33.99 82.90
C VAL D 1238 19.20 32.90 82.87
N HIS D 1239 17.94 33.26 83.02
CA HIS D 1239 16.87 32.29 82.90
C HIS D 1239 16.64 31.88 81.46
N VAL D 1240 16.01 30.73 81.24
CA VAL D 1240 15.75 30.24 79.89
C VAL D 1240 14.76 31.11 79.13
N SER D 1241 14.06 32.01 79.79
CA SER D 1241 13.18 32.93 79.07
C SER D 1241 13.89 34.19 78.60
N GLU D 1242 15.20 34.29 78.81
CA GLU D 1242 15.95 35.53 78.52
C GLU D 1242 17.01 35.43 77.43
N VAL D 1243 16.87 34.47 76.55
CA VAL D 1243 17.77 34.35 75.41
C VAL D 1243 16.91 34.42 74.16
N GLY D 1244 17.08 35.47 73.37
CA GLY D 1244 16.24 35.69 72.21
C GLY D 1244 16.91 35.37 70.89
N ASN D 1245 16.11 35.31 69.84
CA ASN D 1245 16.66 35.18 68.50
C ASN D 1245 15.83 36.16 67.67
N CYS D 1246 16.44 37.23 67.19
CA CYS D 1246 15.75 38.22 66.39
C CYS D 1246 16.22 38.26 64.94
N SER D 1247 17.01 37.29 64.53
CA SER D 1247 17.51 37.25 63.16
C SER D 1247 16.41 36.97 62.14
N GLY D 1248 16.58 37.38 60.89
CA GLY D 1248 15.54 37.21 59.89
C GLY D 1248 16.07 37.03 58.49
N SER D 1249 15.17 37.09 57.52
CA SER D 1249 15.49 36.77 56.14
C SER D 1249 14.58 37.56 55.21
N GLY D 1250 15.09 37.87 54.02
CA GLY D 1250 14.25 38.48 53.02
C GLY D 1250 13.25 37.52 52.41
N MET D 1251 13.66 36.28 52.18
CA MET D 1251 12.84 35.31 51.46
C MET D 1251 12.80 33.92 52.07
N GLY D 1252 13.67 33.58 53.02
CA GLY D 1252 13.60 32.28 53.63
C GLY D 1252 14.06 31.16 52.70
N GLY D 1253 13.46 29.98 52.89
CA GLY D 1253 13.90 28.78 52.23
C GLY D 1253 13.41 28.66 50.80
N VAL D 1254 14.02 29.41 49.88
CA VAL D 1254 13.50 29.51 48.52
C VAL D 1254 13.57 28.16 47.80
N SER D 1255 14.51 27.31 48.19
CA SER D 1255 14.61 25.99 47.58
C SER D 1255 13.40 25.13 47.95
N ALA D 1256 12.91 25.27 49.17
CA ALA D 1256 11.69 24.56 49.58
C ALA D 1256 10.51 25.12 48.78
N LEU D 1257 10.50 26.41 48.51
CA LEU D 1257 9.46 27.02 47.69
C LEU D 1257 9.48 26.44 46.29
N ARG D 1258 10.67 26.30 45.71
CA ARG D 1258 10.77 25.65 44.41
C ARG D 1258 10.21 24.24 44.47
N GLY D 1259 10.53 23.49 45.51
CA GLY D 1259 9.95 22.18 45.71
C GLY D 1259 8.44 22.23 45.54
N MET D 1260 7.79 23.02 46.40
CA MET D 1260 6.33 23.07 46.43
C MET D 1260 5.74 23.53 45.10
N PHE D 1261 6.30 24.56 44.49
CA PHE D 1261 5.65 25.17 43.34
C PHE D 1261 6.01 24.51 42.01
N LYS D 1262 7.19 23.91 41.89
CA LYS D 1262 7.60 23.29 40.63
C LYS D 1262 7.82 21.79 40.76
N ASP D 1263 8.63 21.33 41.72
CA ASP D 1263 8.94 19.91 41.75
C ASP D 1263 7.67 19.09 41.98
N ARG D 1264 6.78 19.57 42.83
CA ARG D 1264 5.53 18.88 43.07
C ARG D 1264 4.65 18.90 41.83
N PHE D 1265 4.66 20.02 41.11
CA PHE D 1265 3.85 20.13 39.90
C PHE D 1265 4.28 19.13 38.84
N LYS D 1266 5.53 18.69 38.86
CA LYS D 1266 6.03 17.69 37.93
C LYS D 1266 6.08 16.30 38.54
N ASP D 1267 5.47 16.13 39.70
CA ASP D 1267 5.43 14.82 40.37
C ASP D 1267 6.81 14.28 40.65
N GLU D 1268 7.72 15.15 41.06
CA GLU D 1268 9.04 14.68 41.46
C GLU D 1268 8.90 14.26 42.91
N PRO D 1269 9.86 13.48 43.42
CA PRO D 1269 9.79 13.16 44.85
C PRO D 1269 10.12 14.37 45.70
N VAL D 1270 9.18 14.83 46.52
CA VAL D 1270 9.41 15.97 47.40
C VAL D 1270 9.02 15.53 48.80
N GLN D 1271 9.86 15.81 49.79
CA GLN D 1271 9.58 15.40 51.15
C GLN D 1271 8.22 15.95 51.58
N ASN D 1272 7.49 15.21 52.41
CA ASN D 1272 6.13 15.61 52.76
C ASN D 1272 6.00 16.89 53.59
N ASP D 1273 7.02 17.22 54.38
CA ASP D 1273 6.97 18.41 55.22
C ASP D 1273 7.75 19.57 54.60
N ILE D 1274 7.93 19.55 53.29
CA ILE D 1274 8.67 20.60 52.62
C ILE D 1274 8.19 22.00 52.98
N LEU D 1275 6.89 22.17 53.18
CA LEU D 1275 6.34 23.49 53.47
C LEU D 1275 6.93 24.16 54.71
N GLN D 1276 7.11 23.39 55.77
CA GLN D 1276 7.69 23.97 56.98
C GLN D 1276 9.10 24.51 56.73
N GLU D 1277 9.85 23.87 55.84
CA GLU D 1277 11.23 24.26 55.58
C GLU D 1277 11.36 25.54 54.78
N SER D 1278 10.26 26.09 54.26
CA SER D 1278 10.33 27.34 53.50
C SER D 1278 10.12 28.57 54.36
N PHE D 1279 9.55 28.44 55.55
CA PHE D 1279 9.24 29.62 56.35
C PHE D 1279 10.45 30.42 56.75
N ILE D 1280 10.33 31.73 56.71
CA ILE D 1280 11.45 32.58 57.07
C ILE D 1280 11.86 32.34 58.51
N ASN D 1281 10.91 31.98 59.37
CA ASN D 1281 11.22 31.75 60.79
C ASN D 1281 11.65 30.31 61.13
N THR D 1282 11.62 29.41 60.16
CA THR D 1282 12.07 28.04 60.39
C THR D 1282 13.56 27.95 60.65
N MET D 1283 14.37 28.81 60.05
CA MET D 1283 15.80 28.81 60.33
C MET D 1283 16.06 29.03 61.81
N SER D 1284 15.39 30.01 62.39
CA SER D 1284 15.54 30.27 63.81
C SER D 1284 14.92 29.16 64.65
N ALA D 1285 13.91 28.50 64.13
CA ALA D 1285 13.31 27.39 64.85
C ALA D 1285 14.32 26.25 64.96
N TRP D 1286 15.04 25.98 63.87
CA TRP D 1286 16.04 24.92 63.92
C TRP D 1286 17.22 25.30 64.80
N VAL D 1287 17.62 26.57 64.78
CA VAL D 1287 18.69 27.01 65.66
C VAL D 1287 18.33 26.70 67.12
N ASN D 1288 17.11 27.06 67.52
CA ASN D 1288 16.67 26.75 68.88
C ASN D 1288 16.54 25.25 69.12
N MET D 1289 16.04 24.49 68.13
CA MET D 1289 15.77 23.08 68.34
C MET D 1289 17.04 22.23 68.36
N LEU D 1290 18.15 22.73 67.83
CA LEU D 1290 19.39 21.96 67.77
C LEU D 1290 20.50 22.48 68.66
N LEU D 1291 20.52 23.77 69.01
CA LEU D 1291 21.63 24.35 69.76
C LEU D 1291 21.21 25.02 71.05
N ILE D 1292 20.22 25.90 71.01
CA ILE D 1292 20.02 26.88 72.08
C ILE D 1292 19.06 26.37 73.14
N SER D 1293 17.91 25.85 72.74
CA SER D 1293 16.90 25.35 73.68
C SER D 1293 16.43 26.43 74.65
N SER D 1294 16.22 27.64 74.15
CA SER D 1294 15.68 28.70 74.99
C SER D 1294 14.17 28.78 74.84
N SER D 1295 13.55 29.48 75.76
CA SER D 1295 12.16 29.88 75.66
C SER D 1295 12.06 31.40 75.75
N GLY D 1296 12.95 32.09 75.06
CA GLY D 1296 12.98 33.53 75.03
C GLY D 1296 12.18 34.08 73.87
N PRO D 1297 12.23 35.40 73.68
CA PRO D 1297 11.52 36.01 72.56
C PRO D 1297 12.03 35.48 71.22
N ILE D 1298 11.14 35.42 70.23
CA ILE D 1298 11.53 35.00 68.90
C ILE D 1298 10.81 35.93 67.93
N LYS D 1299 11.51 36.99 67.51
CA LYS D 1299 10.91 37.95 66.61
C LYS D 1299 11.68 37.93 65.30
N THR D 1300 11.11 37.34 64.25
CA THR D 1300 11.81 37.21 62.97
C THR D 1300 11.42 38.33 62.01
N PRO D 1301 12.34 39.28 61.75
CA PRO D 1301 12.03 40.34 60.79
C PRO D 1301 12.12 39.87 59.34
N VAL D 1302 11.44 40.59 58.48
CA VAL D 1302 11.55 40.45 57.04
C VAL D 1302 11.69 41.87 56.48
N GLY D 1303 12.87 42.21 56.00
CA GLY D 1303 13.13 43.57 55.59
C GLY D 1303 13.86 43.67 54.28
N ALA D 1304 13.61 42.73 53.37
CA ALA D 1304 14.34 42.64 52.11
C ALA D 1304 15.83 42.81 52.34
N CYS D 1305 16.44 43.86 51.78
CA CYS D 1305 17.88 44.03 51.86
C CYS D 1305 18.33 44.76 53.12
N ALA D 1306 17.41 45.26 53.94
CA ALA D 1306 17.72 45.86 55.22
C ALA D 1306 17.37 44.95 56.41
N THR D 1307 17.24 43.64 56.15
CA THR D 1307 16.80 42.71 57.17
C THR D 1307 17.75 42.70 58.37
N SER D 1308 19.05 42.68 58.13
CA SER D 1308 20.00 42.57 59.22
C SER D 1308 19.96 43.79 60.13
N VAL D 1309 19.80 44.97 59.55
CA VAL D 1309 19.73 46.18 60.38
C VAL D 1309 18.44 46.20 61.16
N GLU D 1310 17.33 45.83 60.52
CA GLU D 1310 16.07 45.68 61.26
C GLU D 1310 16.23 44.69 62.41
N SER D 1311 16.95 43.61 62.16
CA SER D 1311 17.16 42.59 63.17
C SER D 1311 17.91 43.16 64.36
N VAL D 1312 18.96 43.94 64.11
CA VAL D 1312 19.68 44.59 65.20
C VAL D 1312 18.75 45.51 65.98
N ASP D 1313 17.95 46.31 65.27
CA ASP D 1313 17.03 47.22 65.94
C ASP D 1313 16.09 46.47 66.88
N ILE D 1314 15.53 45.37 66.39
CA ILE D 1314 14.60 44.58 67.19
C ILE D 1314 15.30 43.96 68.39
N GLY D 1315 16.49 43.38 68.19
CA GLY D 1315 17.20 42.76 69.30
C GLY D 1315 17.55 43.77 70.38
N VAL D 1316 17.94 44.97 69.99
CA VAL D 1316 18.24 45.98 70.95
C VAL D 1316 16.98 46.39 71.71
N GLU D 1317 15.87 46.53 70.99
CA GLU D 1317 14.62 46.89 71.65
C GLU D 1317 14.20 45.80 72.63
N THR D 1318 14.38 44.53 72.24
CA THR D 1318 14.01 43.42 73.10
C THR D 1318 14.83 43.41 74.38
N ILE D 1319 16.13 43.61 74.28
CA ILE D 1319 16.98 43.64 75.47
C ILE D 1319 16.67 44.85 76.34
N LEU D 1320 16.47 46.02 75.76
CA LEU D 1320 16.20 47.21 76.54
C LEU D 1320 14.79 47.19 77.15
N SER D 1321 13.88 46.40 76.59
CA SER D 1321 12.56 46.26 77.18
C SER D 1321 12.54 45.28 78.34
N GLY D 1322 13.67 44.64 78.63
CA GLY D 1322 13.73 43.69 79.72
C GLY D 1322 13.21 42.30 79.40
N LYS D 1323 12.91 42.02 78.14
CA LYS D 1323 12.41 40.71 77.78
C LYS D 1323 13.51 39.70 77.54
N ALA D 1324 14.73 40.16 77.25
CA ALA D 1324 15.86 39.26 77.08
C ALA D 1324 17.15 39.96 77.53
N ARG D 1325 18.16 39.20 77.84
CA ARG D 1325 19.47 39.78 78.19
C ARG D 1325 20.51 39.40 77.14
N ILE D 1326 20.19 38.45 76.28
CA ILE D 1326 21.06 38.03 75.19
C ILE D 1326 20.19 37.82 73.97
N CYS D 1327 20.69 38.23 72.80
CA CYS D 1327 19.95 38.00 71.57
C CYS D 1327 20.88 37.59 70.44
N ILE D 1328 20.38 36.72 69.57
CA ILE D 1328 21.01 36.39 68.30
C ILE D 1328 20.38 37.27 67.24
N VAL D 1329 21.18 38.11 66.59
CA VAL D 1329 20.70 38.96 65.52
C VAL D 1329 21.48 38.64 64.25
N GLY D 1330 20.93 39.06 63.13
CA GLY D 1330 21.59 38.88 61.86
C GLY D 1330 20.59 38.58 60.77
N GLY D 1331 21.11 38.08 59.65
CA GLY D 1331 20.32 37.90 58.45
C GLY D 1331 20.94 36.86 57.53
N TYR D 1332 20.11 36.42 56.59
CA TYR D 1332 20.52 35.37 55.70
C TYR D 1332 19.57 35.28 54.52
N ASP D 1333 20.06 34.85 53.37
CA ASP D 1333 19.28 34.62 52.16
C ASP D 1333 20.09 33.75 51.20
N ASP D 1334 19.37 33.06 50.35
CA ASP D 1334 20.00 32.18 49.40
C ASP D 1334 19.89 32.71 48.00
N PHE D 1335 20.54 32.05 47.06
CA PHE D 1335 20.52 32.38 45.65
C PHE D 1335 19.98 31.19 44.89
N GLN D 1336 18.95 31.40 44.09
CA GLN D 1336 18.38 30.32 43.30
C GLN D 1336 17.92 30.87 41.96
N GLU D 1337 17.67 29.98 41.02
CA GLU D 1337 17.29 30.40 39.67
C GLU D 1337 16.16 31.38 39.53
N GLU D 1338 15.03 31.13 40.18
CA GLU D 1338 13.87 31.98 39.95
C GLU D 1338 14.12 33.41 40.43
N GLY D 1339 14.72 33.57 41.60
CA GLY D 1339 15.01 34.90 42.09
C GLY D 1339 15.95 35.65 41.18
N SER D 1340 16.96 34.98 40.63
CA SER D 1340 17.87 35.63 39.70
C SER D 1340 17.13 36.11 38.44
N PHE D 1341 16.32 35.25 37.85
CA PHE D 1341 15.55 35.64 36.71
C PHE D 1341 14.68 36.84 37.03
N GLU D 1342 14.01 36.83 38.17
CA GLU D 1342 13.10 37.93 38.45
C GLU D 1342 13.84 39.23 38.71
N PHE D 1343 15.00 39.16 39.35
CA PHE D 1343 15.81 40.34 39.55
C PHE D 1343 16.27 40.89 38.20
N GLY D 1344 16.53 40.01 37.24
CA GLY D 1344 16.94 40.44 35.92
C GLY D 1344 15.78 41.07 35.19
N ASN D 1345 14.57 40.54 35.36
CA ASN D 1345 13.38 41.13 34.75
C ASN D 1345 13.14 42.53 35.28
N MET D 1346 13.34 42.75 36.58
CA MET D 1346 13.25 44.08 37.14
C MET D 1346 14.45 44.95 36.80
N LYS D 1347 15.48 44.39 36.19
CA LYS D 1347 16.68 45.14 35.82
C LYS D 1347 17.40 45.70 37.04
N ALA D 1348 17.35 44.97 38.14
CA ALA D 1348 18.07 45.36 39.34
C ALA D 1348 19.52 44.90 39.32
N THR D 1349 19.78 43.75 38.72
CA THR D 1349 21.12 43.22 38.66
C THR D 1349 21.84 43.57 37.38
N SER D 1350 23.17 43.51 37.40
CA SER D 1350 23.95 43.80 36.20
C SER D 1350 23.80 42.75 35.10
N ASN D 1351 23.58 43.19 33.86
CA ASN D 1351 23.52 42.26 32.74
C ASN D 1351 24.93 41.80 32.44
N THR D 1352 25.18 40.51 32.50
CA THR D 1352 26.53 40.00 32.30
C THR D 1352 27.00 40.07 30.84
N LEU D 1353 26.12 39.87 29.87
CA LEU D 1353 26.54 40.00 28.49
C LEU D 1353 26.98 41.42 28.18
N GLU D 1354 26.26 42.40 28.71
CA GLU D 1354 26.66 43.80 28.58
C GLU D 1354 28.00 44.05 29.28
N GLU D 1355 28.24 43.44 30.42
CA GLU D 1355 29.50 43.61 31.13
C GLU D 1355 30.64 43.04 30.30
N PHE D 1356 30.44 41.89 29.69
CA PHE D 1356 31.45 41.35 28.80
C PHE D 1356 31.71 42.29 27.64
N GLU D 1357 30.66 42.87 27.07
CA GLU D 1357 30.85 43.80 25.96
C GLU D 1357 31.74 44.98 26.35
N HIS D 1358 31.79 45.31 27.64
CA HIS D 1358 32.64 46.40 28.14
C HIS D 1358 33.97 45.89 28.66
N GLY D 1359 34.31 44.63 28.43
CA GLY D 1359 35.58 44.08 28.84
C GLY D 1359 35.70 43.76 30.31
N ARG D 1360 34.60 43.77 31.05
CA ARG D 1360 34.65 43.50 32.47
C ARG D 1360 34.67 42.03 32.81
N THR D 1361 35.57 41.61 33.68
CA THR D 1361 35.60 40.24 34.17
C THR D 1361 34.71 40.13 35.40
N PRO D 1362 34.38 38.89 35.82
CA PRO D 1362 33.45 38.74 36.96
C PRO D 1362 33.90 39.49 38.21
N ALA D 1363 35.20 39.56 38.49
CA ALA D 1363 35.72 40.26 39.67
C ALA D 1363 35.68 41.79 39.60
N GLU D 1364 35.16 42.38 38.52
CA GLU D 1364 35.01 43.82 38.48
C GLU D 1364 33.56 44.24 38.19
N MET D 1365 32.63 43.32 38.24
CA MET D 1365 31.25 43.64 37.94
C MET D 1365 30.56 44.35 39.10
N SER D 1366 31.07 44.18 40.31
CA SER D 1366 30.53 44.90 41.47
C SER D 1366 31.45 46.07 41.74
N ARG D 1367 31.05 47.26 41.33
CA ARG D 1367 31.88 48.45 41.47
C ARG D 1367 31.06 49.59 42.05
N PRO D 1368 30.79 49.58 43.34
CA PRO D 1368 29.97 50.64 43.94
C PRO D 1368 30.58 52.02 43.73
N ALA D 1369 29.72 53.00 43.45
CA ALA D 1369 30.02 54.42 43.40
C ALA D 1369 30.83 54.85 42.18
N THR D 1370 31.01 53.99 41.18
CA THR D 1370 31.79 54.35 40.01
C THR D 1370 30.89 54.87 38.89
N THR D 1371 31.51 55.54 37.93
CA THR D 1371 30.76 56.15 36.83
C THR D 1371 29.94 55.13 36.07
N THR D 1372 30.47 53.94 35.85
CA THR D 1372 29.86 52.97 34.95
C THR D 1372 29.00 51.93 35.65
N ARG D 1373 28.83 52.01 36.97
CA ARG D 1373 28.02 51.03 37.70
C ARG D 1373 26.64 50.93 37.07
N ASN D 1374 26.13 49.71 36.95
CA ASN D 1374 24.84 49.47 36.32
C ASN D 1374 24.15 48.19 36.79
N GLY D 1375 23.96 48.04 38.08
CA GLY D 1375 23.28 46.87 38.60
C GLY D 1375 24.06 46.13 39.64
N PHE D 1376 23.37 45.51 40.58
CA PHE D 1376 24.06 44.84 41.67
C PHE D 1376 24.38 43.38 41.36
N MET D 1377 25.35 42.85 42.07
CA MET D 1377 25.75 41.46 41.89
C MET D 1377 25.09 40.65 42.98
N GLU D 1378 24.39 39.59 42.65
CA GLU D 1378 23.68 38.77 43.61
C GLU D 1378 24.64 37.82 44.30
N ALA D 1379 24.42 37.62 45.59
CA ALA D 1379 25.27 36.73 46.39
C ALA D 1379 24.37 35.88 47.28
N GLN D 1380 25.00 35.15 48.19
CA GLN D 1380 24.29 34.31 49.14
C GLN D 1380 25.09 34.12 50.41
N GLY D 1381 24.42 33.83 51.52
CA GLY D 1381 25.09 33.48 52.75
C GLY D 1381 24.33 34.01 53.95
N ALA D 1382 25.01 34.00 55.09
CA ALA D 1382 24.42 34.39 56.36
C ALA D 1382 25.44 35.19 57.16
N GLY D 1383 24.94 36.09 57.99
CA GLY D 1383 25.73 36.76 59.00
C GLY D 1383 25.00 36.81 60.33
N ILE D 1384 25.70 36.52 61.42
CA ILE D 1384 25.10 36.46 62.74
C ILE D 1384 25.96 37.26 63.72
N GLN D 1385 25.30 37.94 64.64
CA GLN D 1385 25.98 38.53 65.79
C GLN D 1385 25.26 38.14 67.07
N ILE D 1386 26.02 38.04 68.15
CA ILE D 1386 25.50 37.90 69.50
C ILE D 1386 25.56 39.26 70.18
N ILE D 1387 24.43 39.75 70.66
CA ILE D 1387 24.38 40.99 71.43
C ILE D 1387 23.84 40.69 72.81
N MET D 1388 24.19 41.54 73.76
CA MET D 1388 23.76 41.33 75.14
C MET D 1388 24.00 42.60 75.94
N GLN D 1389 23.43 42.64 77.14
CA GLN D 1389 23.65 43.76 78.02
C GLN D 1389 25.09 43.82 78.43
N ALA D 1390 25.65 45.01 78.47
CA ALA D 1390 27.06 45.17 78.82
C ALA D 1390 27.35 44.63 80.21
N ASP D 1391 26.41 44.81 81.14
CA ASP D 1391 26.60 44.31 82.49
C ASP D 1391 26.76 42.79 82.49
N LEU D 1392 25.90 42.08 81.78
CA LEU D 1392 26.01 40.63 81.69
C LEU D 1392 27.30 40.23 80.97
N ALA D 1393 27.69 40.97 79.93
CA ALA D 1393 28.92 40.64 79.23
C ALA D 1393 30.13 40.77 80.15
N LEU D 1394 30.14 41.76 81.02
CA LEU D 1394 31.23 41.91 81.94
C LEU D 1394 31.23 40.74 82.89
N LYS D 1395 30.06 40.43 83.43
CA LYS D 1395 29.96 39.36 84.41
C LYS D 1395 30.40 38.01 83.82
N MET D 1396 30.02 37.73 82.59
CA MET D 1396 30.36 36.47 81.94
C MET D 1396 31.82 36.42 81.50
N GLY D 1397 32.47 37.56 81.34
CA GLY D 1397 33.81 37.58 80.78
C GLY D 1397 33.88 37.17 79.32
N VAL D 1398 32.93 37.60 78.51
CA VAL D 1398 32.98 37.35 77.07
C VAL D 1398 33.64 38.56 76.41
N PRO D 1399 34.28 38.40 75.26
CA PRO D 1399 34.87 39.54 74.57
C PRO D 1399 33.81 40.52 74.11
N ILE D 1400 34.14 41.81 74.17
CA ILE D 1400 33.25 42.87 73.69
C ILE D 1400 33.88 43.51 72.47
N TYR D 1401 33.25 43.36 71.32
CA TYR D 1401 33.81 43.88 70.07
C TYR D 1401 33.32 45.29 69.71
N GLY D 1402 32.21 45.74 70.30
CA GLY D 1402 31.73 47.08 70.03
C GLY D 1402 30.42 47.31 70.76
N ILE D 1403 30.07 48.59 70.91
CA ILE D 1403 28.84 48.96 71.56
C ILE D 1403 27.85 49.34 70.50
N VAL D 1404 26.65 48.79 70.56
CA VAL D 1404 25.61 49.20 69.62
C VAL D 1404 24.99 50.48 70.18
N ALA D 1405 25.45 51.63 69.71
CA ALA D 1405 25.01 52.91 70.26
C ALA D 1405 23.66 53.34 69.73
N MET D 1406 23.32 52.91 68.52
CA MET D 1406 22.04 53.27 67.95
C MET D 1406 21.59 52.34 66.85
N ALA D 1407 20.29 52.12 66.73
CA ALA D 1407 19.75 51.36 65.62
C ALA D 1407 18.35 51.87 65.35
N ALA D 1408 18.05 52.10 64.08
CA ALA D 1408 16.76 52.65 63.71
C ALA D 1408 16.33 52.25 62.32
N THR D 1409 15.03 52.23 62.07
CA THR D 1409 14.48 51.97 60.75
C THR D 1409 13.55 53.12 60.37
N ALA D 1410 13.29 53.23 59.07
CA ALA D 1410 12.45 54.31 58.57
C ALA D 1410 11.90 54.06 57.19
N THR D 1411 10.62 54.31 56.98
CA THR D 1411 9.98 54.29 55.67
C THR D 1411 10.08 55.68 55.04
N ASP D 1412 9.67 55.79 53.79
CA ASP D 1412 9.81 57.05 53.07
C ASP D 1412 8.55 57.90 52.94
N LYS D 1413 7.74 57.68 51.91
CA LYS D 1413 6.61 58.54 51.67
C LYS D 1413 5.71 58.03 50.57
N ILE D 1414 4.66 58.78 50.24
CA ILE D 1414 3.77 58.38 49.16
C ILE D 1414 4.57 58.19 47.88
N GLY D 1415 4.32 57.11 47.17
CA GLY D 1415 4.99 56.83 45.92
C GLY D 1415 4.36 55.67 45.20
N ARG D 1416 4.90 55.29 44.05
CA ARG D 1416 4.40 54.14 43.31
C ARG D 1416 5.50 53.17 42.90
N SER D 1417 6.71 53.37 43.40
CA SER D 1417 7.83 52.49 43.05
C SER D 1417 8.29 51.77 44.30
N VAL D 1418 7.97 50.48 44.39
CA VAL D 1418 8.37 49.69 45.56
C VAL D 1418 9.88 49.61 45.71
N PRO D 1419 10.64 49.40 44.62
CA PRO D 1419 12.09 49.24 44.79
C PRO D 1419 12.88 50.55 44.94
N ALA D 1420 12.29 51.71 44.72
CA ALA D 1420 13.03 52.96 44.77
C ALA D 1420 13.50 53.24 46.19
N PRO D 1421 14.80 53.52 46.40
CA PRO D 1421 15.26 53.88 47.75
C PRO D 1421 14.93 55.34 48.09
N GLY D 1422 14.70 55.64 49.35
CA GLY D 1422 14.34 56.98 49.77
C GLY D 1422 15.19 57.54 50.89
N LYS D 1423 14.82 58.71 51.40
CA LYS D 1423 15.63 59.38 52.41
C LYS D 1423 14.99 59.47 53.80
N GLY D 1424 14.05 58.59 54.10
CA GLY D 1424 13.44 58.57 55.42
C GLY D 1424 14.41 58.38 56.58
N ILE D 1425 15.48 57.61 56.37
CA ILE D 1425 16.46 57.36 57.41
C ILE D 1425 17.14 58.65 57.85
N LEU D 1426 17.03 59.69 57.03
CA LEU D 1426 17.59 60.97 57.41
C LEU D 1426 17.03 61.48 58.73
N THR D 1427 15.85 61.03 59.12
CA THR D 1427 15.22 61.44 60.39
C THR D 1427 16.07 61.14 61.61
N THR D 1428 16.99 60.21 61.47
CA THR D 1428 17.91 59.89 62.56
C THR D 1428 18.72 61.11 62.98
N ALA D 1429 18.87 62.11 62.11
CA ALA D 1429 19.63 63.31 62.40
C ALA D 1429 18.74 64.50 62.77
N ARG D 1430 17.46 64.28 62.91
CA ARG D 1430 16.51 65.38 63.21
C ARG D 1430 16.88 66.16 64.45
N GLU D 1431 16.83 67.48 64.33
CA GLU D 1431 17.30 68.34 65.40
C GLU D 1431 16.72 69.72 65.18
N HIS D 1432 16.18 70.31 66.23
CA HIS D 1432 15.58 71.64 66.15
C HIS D 1432 16.62 72.69 66.45
N HIS D 1433 16.84 73.61 65.50
CA HIS D 1433 17.89 74.62 65.61
C HIS D 1433 17.33 76.03 65.70
N SER D 1434 16.02 76.20 65.79
CA SER D 1434 15.43 77.53 65.78
C SER D 1434 16.05 78.37 66.87
N SER D 1435 16.47 77.71 67.94
CA SER D 1435 17.07 78.41 69.06
C SER D 1435 18.33 77.68 69.47
N VAL D 1436 19.48 78.20 69.05
CA VAL D 1436 20.75 77.56 69.36
C VAL D 1436 21.80 78.58 69.76
N LYS D 1437 21.37 79.77 70.19
CA LYS D 1437 22.31 80.82 70.54
C LYS D 1437 23.18 80.41 71.72
N TYR D 1438 22.58 79.82 72.75
CA TYR D 1438 23.29 79.35 73.92
C TYR D 1438 23.24 77.83 74.00
N ALA D 1439 24.30 77.24 74.53
CA ALA D 1439 24.44 75.79 74.59
C ALA D 1439 23.54 75.20 75.67
N SER D 1440 23.04 74.00 75.40
CA SER D 1440 22.26 73.27 76.38
C SER D 1440 23.20 72.57 77.36
N PRO D 1441 23.04 72.78 78.66
CA PRO D 1441 23.85 72.01 79.62
C PRO D 1441 23.61 70.51 79.51
N ASN D 1442 22.44 70.10 79.00
CA ASN D 1442 22.15 68.68 78.86
C ASN D 1442 23.21 67.96 78.04
N LEU D 1443 23.83 68.66 77.08
CA LEU D 1443 24.87 68.07 76.26
C LEU D 1443 26.21 67.97 76.96
N ASN D 1444 26.37 68.64 78.11
CA ASN D 1444 27.63 68.63 78.83
C ASN D 1444 27.64 67.52 79.87
N MET D 1445 28.62 66.62 79.77
CA MET D 1445 28.63 65.45 80.65
C MET D 1445 29.00 65.82 82.08
N LYS D 1446 29.81 66.86 82.29
CA LYS D 1446 30.12 67.28 83.64
C LYS D 1446 28.87 67.74 84.38
N TYR D 1447 27.92 68.31 83.66
CA TYR D 1447 26.69 68.78 84.29
C TYR D 1447 25.77 67.60 84.61
N ARG D 1448 25.70 66.62 83.72
CA ARG D 1448 24.87 65.46 83.99
C ARG D 1448 25.42 64.66 85.18
N LYS D 1449 26.74 64.56 85.30
CA LYS D 1449 27.32 63.82 86.42
C LYS D 1449 27.05 64.50 87.75
N ARG D 1450 26.94 65.83 87.77
CA ARG D 1450 26.61 66.51 89.02
C ARG D 1450 25.20 66.15 89.48
N GLN D 1451 24.25 66.10 88.56
CA GLN D 1451 22.88 65.74 88.93
C GLN D 1451 22.82 64.31 89.46
N LEU D 1452 23.54 63.40 88.82
CA LEU D 1452 23.52 62.00 89.25
C LEU D 1452 24.04 61.87 90.68
N VAL D 1453 25.11 62.59 91.02
CA VAL D 1453 25.67 62.49 92.36
C VAL D 1453 24.72 63.08 93.38
N THR D 1454 24.05 64.18 93.04
CA THR D 1454 23.01 64.73 93.91
C THR D 1454 21.90 63.72 94.13
N ARG D 1455 21.36 63.16 93.05
CA ARG D 1455 20.28 62.19 93.17
C ARG D 1455 20.72 60.95 93.94
N GLU D 1456 21.98 60.56 93.80
CA GLU D 1456 22.47 59.37 94.50
C GLU D 1456 22.47 59.58 96.00
N ALA D 1457 22.79 60.79 96.46
CA ALA D 1457 22.72 61.08 97.89
C ALA D 1457 21.29 60.95 98.40
N GLN D 1458 20.33 61.46 97.64
CA GLN D 1458 18.93 61.38 98.08
C GLN D 1458 18.48 59.94 98.23
N ILE D 1459 19.00 59.03 97.41
CA ILE D 1459 18.52 57.65 97.46
C ILE D 1459 18.98 56.99 98.75
N LYS D 1460 20.26 57.15 99.11
CA LYS D 1460 20.74 56.52 100.33
C LYS D 1460 20.06 57.11 101.56
N ASP D 1461 19.59 58.35 101.47
CA ASP D 1461 18.70 58.89 102.50
C ASP D 1461 17.40 58.08 102.54
N TRP D 1462 16.83 57.83 101.36
CA TRP D 1462 15.60 57.03 101.29
C TRP D 1462 15.82 55.63 101.85
N VAL D 1463 17.00 55.06 101.61
CA VAL D 1463 17.29 53.72 102.08
C VAL D 1463 17.26 53.67 103.60
N GLU D 1464 17.85 54.66 104.26
CA GLU D 1464 17.96 54.59 105.71
C GLU D 1464 16.59 54.73 106.39
N ASN D 1465 15.67 55.48 105.78
CA ASN D 1465 14.33 55.56 106.35
C ASN D 1465 13.60 54.24 106.25
N GLU D 1466 13.61 53.62 105.07
CA GLU D 1466 12.88 52.37 104.91
C GLU D 1466 13.50 51.24 105.74
N LEU D 1467 14.81 51.27 105.96
CA LEU D 1467 15.45 50.26 106.80
C LEU D 1467 14.98 50.38 108.24
N GLU D 1468 14.99 51.59 108.79
CA GLU D 1468 14.60 51.77 110.19
C GLU D 1468 13.12 51.50 110.39
N ALA D 1469 12.28 51.84 109.40
CA ALA D 1469 10.86 51.53 109.50
C ALA D 1469 10.66 50.02 109.56
N LEU D 1470 11.42 49.26 108.77
CA LEU D 1470 11.34 47.81 108.84
C LEU D 1470 11.75 47.30 110.20
N LYS D 1471 12.81 47.88 110.78
CA LYS D 1471 13.28 47.46 112.09
C LYS D 1471 12.15 47.51 113.11
N LEU D 1472 11.28 48.51 113.01
CA LEU D 1472 10.14 48.63 113.91
C LEU D 1472 9.02 47.66 113.54
N GLU D 1473 8.83 47.41 112.23
CA GLU D 1473 7.87 46.39 111.81
C GLU D 1473 8.24 45.02 112.34
N ALA D 1474 9.49 44.81 112.72
CA ALA D 1474 9.94 43.55 113.29
C ALA D 1474 9.61 43.49 114.78
N GLN D 1482 11.88 36.52 113.74
CA GLN D 1482 12.21 37.79 113.11
C GLN D 1482 13.15 37.60 111.92
N ASN D 1483 13.91 36.49 111.95
CA ASN D 1483 14.91 36.27 110.91
C ASN D 1483 14.27 36.17 109.53
N GLU D 1484 13.24 35.35 109.39
CA GLU D 1484 12.57 35.22 108.10
C GLU D 1484 11.95 36.53 107.66
N PHE D 1485 11.30 37.23 108.58
CA PHE D 1485 10.66 38.50 108.24
C PHE D 1485 11.68 39.51 107.75
N LEU D 1486 12.84 39.59 108.42
CA LEU D 1486 13.82 40.61 108.09
C LEU D 1486 14.49 40.33 106.74
N LEU D 1487 14.89 39.08 106.51
CA LEU D 1487 15.57 38.75 105.27
C LEU D 1487 14.69 39.00 104.06
N GLU D 1488 13.40 38.66 104.15
CA GLU D 1488 12.52 38.85 103.00
C GLU D 1488 12.26 40.32 102.73
N ARG D 1489 12.02 41.11 103.79
CA ARG D 1489 11.78 42.54 103.60
C ARG D 1489 13.06 43.28 103.22
N THR D 1490 14.19 42.89 103.82
CA THR D 1490 15.44 43.57 103.52
C THR D 1490 15.83 43.42 102.06
N ARG D 1491 15.67 42.22 101.49
CA ARG D 1491 15.99 42.01 100.09
C ARG D 1491 15.20 42.98 99.21
N GLU D 1492 13.95 43.27 99.58
CA GLU D 1492 13.10 44.11 98.74
C GLU D 1492 13.54 45.58 98.80
N ILE D 1493 13.81 46.09 100.01
CA ILE D 1493 14.19 47.49 100.13
C ILE D 1493 15.47 47.78 99.37
N HIS D 1494 16.47 46.91 99.48
CA HIS D 1494 17.70 47.12 98.72
C HIS D 1494 17.46 46.95 97.23
N ASN D 1495 16.54 46.07 96.85
CA ASN D 1495 16.17 45.96 95.45
C ASN D 1495 15.50 47.24 94.96
N GLU D 1496 14.67 47.85 95.81
CA GLU D 1496 14.08 49.13 95.45
C GLU D 1496 15.15 50.19 95.30
N ALA D 1497 16.15 50.20 96.19
CA ALA D 1497 17.21 51.20 96.12
C ALA D 1497 18.04 51.07 94.85
N GLU D 1498 18.33 49.84 94.44
CA GLU D 1498 19.06 49.65 93.18
C GLU D 1498 18.25 50.19 92.01
N SER D 1499 16.93 49.98 92.04
CA SER D 1499 16.08 50.46 90.97
C SER D 1499 16.12 51.99 90.87
N GLN D 1500 16.13 52.68 92.00
CA GLN D 1500 16.19 54.13 91.96
C GLN D 1500 17.53 54.62 91.42
N LEU D 1501 18.63 53.97 91.82
CA LEU D 1501 19.93 54.32 91.28
C LEU D 1501 19.97 54.12 89.78
N ARG D 1502 19.52 52.96 89.30
CA ARG D 1502 19.57 52.69 87.88
C ARG D 1502 18.66 53.62 87.11
N ALA D 1503 17.52 54.01 87.68
CA ALA D 1503 16.67 54.99 87.01
C ALA D 1503 17.35 56.34 86.93
N ALA D 1504 18.09 56.71 87.97
CA ALA D 1504 18.87 57.95 87.92
C ALA D 1504 19.94 57.89 86.84
N GLN D 1505 20.63 56.75 86.73
CA GLN D 1505 21.67 56.60 85.72
C GLN D 1505 21.06 56.62 84.31
N GLN D 1506 19.90 56.03 84.15
CA GLN D 1506 19.22 56.10 82.86
C GLN D 1506 18.80 57.52 82.52
N GLN D 1507 18.45 58.30 83.54
CA GLN D 1507 18.04 59.68 83.31
C GLN D 1507 19.22 60.53 82.81
N TRP D 1508 20.35 60.47 83.51
CA TRP D 1508 21.45 61.37 83.23
C TRP D 1508 22.56 60.77 82.38
N GLY D 1509 22.64 59.46 82.26
CA GLY D 1509 23.72 58.87 81.50
C GLY D 1509 23.31 58.25 80.19
N ASN D 1510 22.20 57.53 80.16
CA ASN D 1510 21.84 56.78 78.96
C ASN D 1510 20.83 57.51 78.08
N ASP D 1511 19.86 58.19 78.67
CA ASP D 1511 18.70 58.70 77.95
C ASP D 1511 18.53 60.20 78.15
N PHE D 1512 19.58 60.91 78.52
CA PHE D 1512 19.45 62.33 78.83
C PHE D 1512 18.89 63.16 77.70
N TYR D 1513 18.93 62.67 76.48
CA TYR D 1513 18.57 63.45 75.30
C TYR D 1513 17.26 63.02 74.65
N LYS D 1514 16.65 61.93 75.11
CA LYS D 1514 15.47 61.40 74.43
C LYS D 1514 14.32 62.40 74.43
N ARG D 1515 14.23 63.24 75.46
CA ARG D 1515 13.18 64.25 75.54
C ARG D 1515 13.60 65.60 74.98
N ASP D 1516 14.82 65.71 74.45
CA ASP D 1516 15.36 67.02 74.08
C ASP D 1516 15.30 67.17 72.57
N PRO D 1517 14.39 67.98 72.02
CA PRO D 1517 14.31 68.11 70.56
C PRO D 1517 15.55 68.75 69.93
N ARG D 1518 16.39 69.40 70.72
CA ARG D 1518 17.60 70.02 70.22
C ARG D 1518 18.77 69.06 70.15
N ILE D 1519 18.56 67.77 70.40
CA ILE D 1519 19.59 66.76 70.30
C ILE D 1519 19.07 65.66 69.39
N ALA D 1520 19.70 65.48 68.24
CA ALA D 1520 19.31 64.41 67.33
C ALA D 1520 19.66 63.06 67.95
N PRO D 1521 18.91 62.01 67.62
CA PRO D 1521 19.26 60.67 68.14
C PRO D 1521 20.69 60.25 67.84
N LEU D 1522 21.20 60.54 66.62
CA LEU D 1522 22.58 60.20 66.29
C LEU D 1522 23.57 60.92 67.21
N ARG D 1523 23.38 62.23 67.36
CA ARG D 1523 24.27 63.00 68.23
C ARG D 1523 24.21 62.51 69.67
N GLY D 1524 23.01 62.22 70.17
CA GLY D 1524 22.88 61.74 71.53
C GLY D 1524 23.53 60.38 71.73
N ALA D 1525 23.35 59.49 70.75
CA ALA D 1525 24.00 58.18 70.82
C ALA D 1525 25.50 58.34 70.99
N LEU D 1526 26.11 59.26 70.23
CA LEU D 1526 27.55 59.45 70.39
C LEU D 1526 27.88 60.17 71.70
N ALA D 1527 27.14 61.21 72.05
CA ALA D 1527 27.44 62.01 73.23
C ALA D 1527 27.29 61.22 74.52
N THR D 1528 26.58 60.10 74.48
CA THR D 1528 26.48 59.26 75.67
C THR D 1528 27.87 58.88 76.16
N TYR D 1529 28.80 58.65 75.23
CA TYR D 1529 30.15 58.25 75.59
C TYR D 1529 31.16 59.36 75.44
N GLY D 1530 30.71 60.60 75.31
CA GLY D 1530 31.62 61.71 75.19
C GLY D 1530 32.15 61.97 73.79
N LEU D 1531 31.66 61.25 72.79
CA LEU D 1531 32.07 61.50 71.42
C LEU D 1531 31.20 62.58 70.79
N THR D 1532 31.69 63.14 69.69
CA THR D 1532 30.99 64.18 68.95
C THR D 1532 30.77 63.71 67.52
N ILE D 1533 29.99 64.48 66.77
CA ILE D 1533 29.69 64.13 65.39
C ILE D 1533 30.96 63.96 64.57
N ASP D 1534 32.02 64.69 64.89
CA ASP D 1534 33.28 64.54 64.17
C ASP D 1534 34.02 63.23 64.48
N ASP D 1535 33.61 62.51 65.51
CA ASP D 1535 34.26 61.23 65.86
C ASP D 1535 33.77 60.03 65.04
N LEU D 1536 32.68 60.18 64.29
CA LEU D 1536 32.17 59.09 63.46
C LEU D 1536 33.03 58.98 62.21
N GLY D 1537 33.99 58.07 62.21
CA GLY D 1537 35.04 58.06 61.21
C GLY D 1537 34.71 57.35 59.92
N VAL D 1538 33.88 56.32 59.98
CA VAL D 1538 33.64 55.46 58.84
C VAL D 1538 32.13 55.29 58.66
N ALA D 1539 31.68 55.36 57.42
CA ALA D 1539 30.32 55.02 57.04
C ALA D 1539 30.40 53.82 56.11
N SER D 1540 29.88 52.70 56.56
CA SER D 1540 29.79 51.51 55.71
C SER D 1540 28.53 51.63 54.87
N PHE D 1541 28.68 51.85 53.59
CA PHE D 1541 27.53 52.08 52.73
C PHE D 1541 26.89 50.83 52.22
N HIS D 1542 25.57 50.83 52.19
CA HIS D 1542 24.86 49.73 51.55
C HIS D 1542 25.49 49.44 50.19
N GLY D 1543 26.04 50.51 49.57
CA GLY D 1543 26.84 50.37 48.34
C GLY D 1543 26.51 49.19 47.52
N THR D 1544 25.51 49.28 46.68
CA THR D 1544 25.05 48.13 45.94
C THR D 1544 25.50 48.12 44.47
N SER D 1545 26.09 49.22 44.00
CA SER D 1545 26.50 49.33 42.61
C SER D 1545 25.34 49.55 41.65
N THR D 1546 24.28 50.14 42.16
CA THR D 1546 23.17 50.53 41.31
C THR D 1546 23.27 52.04 41.28
N LYS D 1547 22.80 52.65 40.21
CA LYS D 1547 22.86 54.09 40.06
C LYS D 1547 22.08 54.82 41.16
N ALA D 1548 20.81 54.50 41.30
CA ALA D 1548 19.97 55.19 42.29
C ALA D 1548 20.41 55.02 43.74
N ASN D 1549 20.77 53.81 44.12
CA ASN D 1549 21.14 53.58 45.50
C ASN D 1549 22.37 54.35 45.88
N ASP D 1550 23.43 54.22 45.11
CA ASP D 1550 24.69 54.85 45.53
C ASP D 1550 24.53 56.36 45.60
N LYS D 1551 23.80 56.95 44.65
CA LYS D 1551 23.57 58.39 44.74
C LYS D 1551 22.70 58.74 45.95
N ASN D 1552 21.57 58.04 46.11
CA ASN D 1552 20.66 58.29 47.22
C ASN D 1552 21.36 58.21 48.55
N GLU D 1553 22.12 57.16 48.75
CA GLU D 1553 22.79 56.96 50.03
C GLU D 1553 23.87 58.00 50.30
N SER D 1554 24.66 58.34 49.30
CA SER D 1554 25.65 59.40 49.50
C SER D 1554 24.96 60.70 49.90
N ALA D 1555 23.90 61.08 49.20
CA ALA D 1555 23.18 62.29 49.51
C ALA D 1555 22.61 62.27 50.93
N THR D 1556 22.08 61.13 51.34
CA THR D 1556 21.52 61.00 52.68
C THR D 1556 22.59 61.20 53.74
N ILE D 1557 23.70 60.46 53.64
CA ILE D 1557 24.77 60.61 54.63
C ILE D 1557 25.31 62.04 54.63
N ASN D 1558 25.41 62.65 53.47
CA ASN D 1558 25.90 64.02 53.37
C ASN D 1558 25.00 65.00 54.11
N GLU D 1559 23.69 64.89 53.92
CA GLU D 1559 22.75 65.76 54.61
C GLU D 1559 22.78 65.51 56.10
N MET D 1560 22.83 64.25 56.52
CA MET D 1560 22.99 63.96 57.94
C MET D 1560 24.15 64.75 58.52
N MET D 1561 25.31 64.68 57.86
CA MET D 1561 26.49 65.38 58.37
C MET D 1561 26.30 66.89 58.32
N LYS D 1562 25.73 67.40 57.23
CA LYS D 1562 25.52 68.85 57.12
C LYS D 1562 24.66 69.37 58.26
N HIS D 1563 23.51 68.75 58.48
CA HIS D 1563 22.59 69.23 59.49
C HIS D 1563 23.19 69.18 60.89
N LEU D 1564 24.02 68.20 61.17
CA LEU D 1564 24.58 68.02 62.50
C LEU D 1564 25.88 68.78 62.71
N GLY D 1565 26.24 69.69 61.82
CA GLY D 1565 27.40 70.53 62.01
C GLY D 1565 28.72 69.78 62.04
N ARG D 1566 28.88 68.78 61.18
CA ARG D 1566 30.19 68.18 60.99
C ARG D 1566 31.16 69.23 60.45
N SER D 1567 32.40 69.17 60.92
CA SER D 1567 33.40 70.15 60.52
C SER D 1567 33.71 70.03 59.03
N GLU D 1568 33.72 71.16 58.33
CA GLU D 1568 34.18 71.15 56.95
C GLU D 1568 35.65 70.74 56.89
N GLY D 1569 36.00 70.01 55.84
CA GLY D 1569 37.30 69.40 55.75
C GLY D 1569 37.41 68.06 56.45
N ASN D 1570 36.34 67.58 57.06
CA ASN D 1570 36.36 66.33 57.83
C ASN D 1570 35.28 65.41 57.27
N PRO D 1571 35.51 64.84 56.10
CA PRO D 1571 34.53 63.90 55.53
C PRO D 1571 34.61 62.53 56.17
N VAL D 1572 33.52 61.82 56.09
CA VAL D 1572 33.47 60.43 56.55
C VAL D 1572 34.02 59.54 55.44
N ILE D 1573 34.72 58.49 55.83
CA ILE D 1573 35.36 57.58 54.88
C ILE D 1573 34.37 56.46 54.55
N GLY D 1574 33.98 56.38 53.28
CA GLY D 1574 33.03 55.38 52.85
C GLY D 1574 33.69 54.02 52.69
N VAL D 1575 32.95 52.98 53.05
CA VAL D 1575 33.36 51.60 52.85
C VAL D 1575 32.25 50.89 52.08
N PHE D 1576 32.63 50.14 51.07
CA PHE D 1576 31.66 49.48 50.22
C PHE D 1576 32.03 48.03 50.07
N GLN D 1577 31.82 47.24 51.12
CA GLN D 1577 32.19 45.83 51.12
C GLN D 1577 31.62 44.97 49.99
N LYS D 1578 30.49 45.36 49.42
CA LYS D 1578 29.86 44.56 48.38
C LYS D 1578 30.69 44.49 47.11
N PHE D 1579 31.65 45.41 46.91
CA PHE D 1579 32.53 45.26 45.76
C PHE D 1579 33.13 43.86 45.71
N LEU D 1580 33.43 43.30 46.87
CA LEU D 1580 34.05 41.99 46.95
C LEU D 1580 33.08 40.83 47.11
N THR D 1581 32.02 41.00 47.88
CA THR D 1581 31.12 39.88 48.16
C THR D 1581 29.84 39.83 47.38
N GLY D 1582 29.50 40.88 46.66
CA GLY D 1582 28.19 40.95 46.04
C GLY D 1582 27.09 41.18 47.07
N HIS D 1583 25.86 41.18 46.60
CA HIS D 1583 24.73 41.59 47.42
C HIS D 1583 23.94 40.37 47.88
N PRO D 1584 24.04 39.95 49.13
CA PRO D 1584 23.06 39.01 49.66
C PRO D 1584 21.82 39.81 50.01
N LYS D 1585 20.67 39.16 49.90
CA LYS D 1585 19.40 39.91 49.97
C LYS D 1585 18.81 39.90 51.37
N GLY D 1586 19.57 40.28 52.38
CA GLY D 1586 19.09 40.13 53.74
C GLY D 1586 20.20 39.85 54.72
N ALA D 1587 21.27 39.21 54.26
CA ALA D 1587 22.50 39.12 55.03
C ALA D 1587 23.41 40.34 54.85
N ALA D 1588 23.02 41.30 54.00
CA ALA D 1588 23.93 42.38 53.64
C ALA D 1588 24.34 43.20 54.85
N GLY D 1589 23.37 43.66 55.63
CA GLY D 1589 23.67 44.44 56.80
C GLY D 1589 24.47 43.69 57.84
N ALA D 1590 24.27 42.38 57.95
CA ALA D 1590 25.03 41.58 58.90
C ALA D 1590 26.51 41.47 58.49
N TRP D 1591 26.76 41.30 57.20
CA TRP D 1591 28.13 41.28 56.71
C TRP D 1591 28.77 42.64 56.95
N MET D 1592 28.02 43.72 56.73
CA MET D 1592 28.55 45.05 57.01
C MET D 1592 28.81 45.25 58.49
N MET D 1593 27.95 44.74 59.36
CA MET D 1593 28.15 44.88 60.80
C MET D 1593 29.42 44.17 61.23
N ASN D 1594 29.66 42.99 60.67
CA ASN D 1594 30.89 42.25 60.93
C ASN D 1594 32.10 43.03 60.45
N GLY D 1595 32.04 43.56 59.23
CA GLY D 1595 33.12 44.39 58.74
C GLY D 1595 33.37 45.60 59.62
N ALA D 1596 32.31 46.20 60.12
CA ALA D 1596 32.45 47.40 60.95
C ALA D 1596 33.12 47.07 62.28
N LEU D 1597 32.77 45.94 62.89
CA LEU D 1597 33.45 45.54 64.11
C LEU D 1597 34.92 45.24 63.84
N GLN D 1598 35.24 44.59 62.74
CA GLN D 1598 36.62 44.31 62.38
C GLN D 1598 37.38 45.64 62.19
N ILE D 1599 36.77 46.61 61.52
CA ILE D 1599 37.37 47.93 61.35
C ILE D 1599 37.66 48.56 62.71
N LEU D 1600 36.66 48.56 63.58
CA LEU D 1600 36.84 49.18 64.88
C LEU D 1600 38.00 48.56 65.64
N ASN D 1601 38.11 47.24 65.68
CA ASN D 1601 39.13 46.61 66.54
C ASN D 1601 40.52 46.52 65.93
N SER D 1602 40.64 46.80 64.64
CA SER D 1602 41.94 46.80 63.98
C SER D 1602 42.39 48.19 63.61
N GLY D 1603 41.45 49.11 63.42
CA GLY D 1603 41.82 50.42 62.93
C GLY D 1603 42.06 50.48 61.44
N ILE D 1604 41.89 49.39 60.72
CA ILE D 1604 42.17 49.30 59.29
C ILE D 1604 40.88 49.54 58.52
N ILE D 1605 40.93 50.42 57.54
CA ILE D 1605 39.77 50.81 56.74
C ILE D 1605 39.96 50.26 55.33
N PRO D 1606 39.25 49.20 54.93
CA PRO D 1606 39.47 48.62 53.61
C PRO D 1606 39.07 49.54 52.47
N GLY D 1607 39.81 49.48 51.38
CA GLY D 1607 39.51 50.26 50.20
C GLY D 1607 38.65 49.50 49.20
N ASN D 1608 37.81 50.24 48.51
CA ASN D 1608 37.00 49.72 47.41
C ASN D 1608 37.91 49.53 46.20
N ARG D 1609 38.44 48.32 46.03
CA ARG D 1609 39.41 48.08 44.95
C ARG D 1609 38.79 48.11 43.56
N ASN D 1610 37.46 48.06 43.47
CA ASN D 1610 36.78 48.17 42.18
C ASN D 1610 36.35 49.61 41.90
N ALA D 1611 36.69 50.55 42.77
CA ALA D 1611 36.38 51.96 42.52
C ALA D 1611 37.40 52.54 41.55
N ASP D 1612 37.28 52.18 40.28
CA ASP D 1612 38.22 52.67 39.28
C ASP D 1612 38.05 54.16 39.02
N ASN D 1613 36.82 54.59 38.83
CA ASN D 1613 36.56 56.01 38.59
C ASN D 1613 35.33 56.42 39.37
N VAL D 1614 35.52 57.22 40.42
CA VAL D 1614 34.41 57.68 41.24
C VAL D 1614 33.51 58.57 40.40
N ASP D 1615 32.21 58.29 40.40
CA ASP D 1615 31.24 59.05 39.63
C ASP D 1615 31.34 60.54 39.95
N LYS D 1616 31.28 61.37 38.91
CA LYS D 1616 31.45 62.81 39.06
C LYS D 1616 30.29 63.45 39.83
N ILE D 1617 29.08 62.88 39.72
CA ILE D 1617 27.93 63.42 40.44
C ILE D 1617 28.11 63.37 41.95
N LEU D 1618 28.97 62.48 42.46
CA LEU D 1618 29.19 62.37 43.89
C LEU D 1618 30.17 63.40 44.43
N GLU D 1619 30.83 64.15 43.56
CA GLU D 1619 31.73 65.19 44.02
C GLU D 1619 30.99 66.27 44.82
N GLN D 1620 29.70 66.45 44.55
CA GLN D 1620 28.91 67.46 45.25
C GLN D 1620 28.76 67.16 46.74
N PHE D 1621 28.95 65.90 47.14
CA PHE D 1621 28.82 65.51 48.54
C PHE D 1621 30.16 65.64 49.24
N GLU D 1622 30.43 66.83 49.75
CA GLU D 1622 31.72 67.10 50.38
C GLU D 1622 32.06 66.36 51.67
N TYR D 1623 31.08 65.77 52.32
CA TYR D 1623 31.35 65.10 53.59
C TYR D 1623 31.61 63.61 53.43
N VAL D 1624 31.71 63.11 52.20
CA VAL D 1624 31.96 61.71 51.92
C VAL D 1624 33.24 61.57 51.12
N LEU D 1625 34.08 60.63 51.52
CA LEU D 1625 35.31 60.29 50.80
C LEU D 1625 35.24 58.84 50.34
N TYR D 1626 35.69 58.58 49.11
CA TYR D 1626 35.60 57.26 48.48
C TYR D 1626 37.01 56.72 48.23
N PRO D 1627 37.60 56.01 49.18
CA PRO D 1627 38.94 55.47 48.96
C PRO D 1627 38.93 54.22 48.08
N SER D 1628 40.04 53.99 47.41
CA SER D 1628 40.16 52.80 46.58
C SER D 1628 41.16 51.81 47.16
N LYS D 1629 41.85 52.18 48.24
CA LYS D 1629 42.82 51.28 48.83
C LYS D 1629 42.76 51.37 50.35
N THR D 1630 43.25 50.31 50.98
CA THR D 1630 43.16 50.17 52.43
C THR D 1630 43.99 51.24 53.13
N LEU D 1631 43.48 51.73 54.25
CA LEU D 1631 44.16 52.73 55.06
C LEU D 1631 44.35 52.18 56.46
N LYS D 1632 45.57 52.25 56.95
CA LYS D 1632 45.91 51.89 58.33
C LYS D 1632 45.89 53.18 59.14
N THR D 1633 44.85 53.36 59.94
CA THR D 1633 44.73 54.54 60.77
C THR D 1633 45.27 54.24 62.17
N ASP D 1634 45.34 55.29 62.99
CA ASP D 1634 45.67 55.14 64.39
C ASP D 1634 44.42 55.02 65.27
N GLY D 1635 43.29 54.62 64.68
CA GLY D 1635 42.09 54.42 65.48
C GLY D 1635 40.78 54.89 64.93
N VAL D 1636 39.82 53.98 64.78
CA VAL D 1636 38.48 54.35 64.36
C VAL D 1636 37.62 54.30 65.60
N ARG D 1637 36.91 55.38 65.91
CA ARG D 1637 36.12 55.45 67.13
C ARG D 1637 34.64 55.09 66.98
N ALA D 1638 34.08 55.24 65.78
CA ALA D 1638 32.68 54.87 65.55
C ALA D 1638 32.48 54.62 64.07
N VAL D 1639 31.58 53.69 63.76
CA VAL D 1639 31.23 53.35 62.38
C VAL D 1639 29.72 53.46 62.22
N SER D 1640 29.28 53.99 61.09
CA SER D 1640 27.89 54.00 60.68
C SER D 1640 27.62 52.88 59.69
N ILE D 1641 26.45 52.26 59.81
CA ILE D 1641 26.02 51.20 58.91
C ILE D 1641 24.63 51.58 58.42
N THR D 1642 24.46 51.68 57.11
CA THR D 1642 23.16 52.00 56.53
C THR D 1642 22.77 50.95 55.51
N SER D 1643 21.47 50.71 55.39
CA SER D 1643 20.97 49.79 54.39
C SER D 1643 19.61 50.25 53.90
N PHE D 1644 19.32 49.92 52.65
CA PHE D 1644 18.07 50.36 52.05
C PHE D 1644 17.49 49.15 51.35
N GLY D 1645 16.31 48.73 51.76
CA GLY D 1645 15.70 47.55 51.19
C GLY D 1645 14.47 47.83 50.37
N PHE D 1646 14.18 46.98 49.41
CA PHE D 1646 12.96 47.13 48.66
C PHE D 1646 11.80 47.32 49.63
N GLY D 1647 10.78 48.07 49.22
CA GLY D 1647 9.65 48.34 50.08
C GLY D 1647 9.91 49.40 51.11
N GLN D 1648 10.68 50.43 50.75
CA GLN D 1648 11.01 51.55 51.66
C GLN D 1648 11.60 51.13 53.00
N LYS D 1649 12.42 50.08 53.01
CA LYS D 1649 13.04 49.65 54.25
C LYS D 1649 14.40 50.35 54.38
N GLY D 1650 14.43 51.43 55.15
CA GLY D 1650 15.67 52.12 55.42
C GLY D 1650 16.08 51.82 56.84
N GLY D 1651 17.37 51.74 57.10
CA GLY D 1651 17.88 51.44 58.43
C GLY D 1651 19.25 52.02 58.63
N GLN D 1652 19.57 52.32 59.89
CA GLN D 1652 20.90 52.78 60.27
C GLN D 1652 21.27 52.22 61.63
N ALA D 1653 22.55 51.88 61.80
CA ALA D 1653 23.10 51.50 63.08
C ALA D 1653 24.42 52.23 63.28
N ILE D 1654 24.75 52.52 64.53
CA ILE D 1654 26.01 53.14 64.91
C ILE D 1654 26.71 52.23 65.91
N VAL D 1655 27.93 51.84 65.62
CA VAL D 1655 28.73 50.98 66.49
C VAL D 1655 29.92 51.80 66.96
N VAL D 1656 30.15 51.79 68.27
CA VAL D 1656 31.19 52.59 68.90
C VAL D 1656 32.29 51.66 69.41
N HIS D 1657 33.52 52.16 69.42
CA HIS D 1657 34.66 51.36 69.87
C HIS D 1657 34.46 50.83 71.28
N PRO D 1658 34.74 49.54 71.48
CA PRO D 1658 34.47 48.92 72.79
C PRO D 1658 35.22 49.53 73.96
N ASP D 1659 36.32 50.21 73.73
CA ASP D 1659 37.11 50.75 74.83
C ASP D 1659 36.39 51.87 75.56
N TYR D 1660 35.42 52.51 74.93
CA TYR D 1660 34.63 53.54 75.63
C TYR D 1660 33.76 52.95 76.73
N LEU D 1661 33.41 51.67 76.62
CA LEU D 1661 32.65 51.03 77.68
C LEU D 1661 33.43 51.03 78.99
N TYR D 1662 34.70 50.65 78.93
CA TYR D 1662 35.51 50.48 80.15
C TYR D 1662 35.68 51.73 80.99
N GLY D 1663 35.57 52.90 80.40
CA GLY D 1663 35.61 54.11 81.19
C GLY D 1663 34.47 54.22 82.19
N ALA D 1664 33.44 53.39 82.05
CA ALA D 1664 32.26 53.45 82.89
C ALA D 1664 32.38 52.62 84.17
N ILE D 1665 33.44 51.83 84.33
CA ILE D 1665 33.54 50.90 85.43
C ILE D 1665 34.81 51.19 86.24
N THR D 1666 34.89 50.62 87.43
CA THR D 1666 36.05 50.79 88.29
C THR D 1666 37.20 49.90 87.83
N GLU D 1667 38.38 50.17 88.39
CA GLU D 1667 39.57 49.41 88.03
C GLU D 1667 39.45 47.95 88.44
N ASP D 1668 38.94 47.67 89.64
CA ASP D 1668 38.83 46.29 90.10
C ASP D 1668 37.90 45.48 89.21
N ARG D 1669 36.77 46.07 88.83
CA ARG D 1669 35.84 45.40 87.96
C ARG D 1669 36.46 45.15 86.60
N TYR D 1670 37.20 46.13 86.09
CA TYR D 1670 37.85 45.97 84.81
C TYR D 1670 38.88 44.84 84.85
N ASN D 1671 39.69 44.81 85.90
CA ASN D 1671 40.73 43.79 86.01
C ASN D 1671 40.17 42.39 86.14
N GLU D 1672 39.08 42.25 86.89
CA GLU D 1672 38.46 40.94 87.00
C GLU D 1672 37.86 40.51 85.66
N TYR D 1673 37.33 41.47 84.90
CA TYR D 1673 36.81 41.17 83.58
C TYR D 1673 37.94 40.69 82.72
N VAL D 1674 39.07 41.38 82.76
CA VAL D 1674 40.19 41.04 81.88
C VAL D 1674 40.65 39.61 82.15
N ALA D 1675 40.78 39.25 83.43
CA ALA D 1675 41.20 37.90 83.77
C ALA D 1675 40.21 36.86 83.26
N LYS D 1676 38.92 37.11 83.45
CA LYS D 1676 37.92 36.17 83.00
C LYS D 1676 37.96 36.02 81.49
N VAL D 1677 38.12 37.12 80.77
CA VAL D 1677 38.13 37.05 79.31
C VAL D 1677 39.32 36.26 78.82
N SER D 1678 40.48 36.46 79.42
CA SER D 1678 41.69 35.75 79.01
C SER D 1678 41.52 34.25 79.17
N ALA D 1679 40.98 33.83 80.30
CA ALA D 1679 40.72 32.41 80.51
C ALA D 1679 39.74 31.87 79.47
N ARG D 1680 38.66 32.60 79.24
CA ARG D 1680 37.66 32.17 78.26
C ARG D 1680 38.27 32.06 76.87
N GLU D 1681 39.14 32.98 76.51
CA GLU D 1681 39.74 32.96 75.19
C GLU D 1681 40.63 31.73 75.00
N LYS D 1682 41.37 31.34 76.02
CA LYS D 1682 42.20 30.15 75.92
C LYS D 1682 41.34 28.90 75.75
N SER D 1683 40.26 28.80 76.51
CA SER D 1683 39.35 27.67 76.31
C SER D 1683 38.76 27.68 74.90
N ALA D 1684 38.43 28.86 74.39
CA ALA D 1684 37.82 28.95 73.07
C ALA D 1684 38.78 28.49 71.99
N TYR D 1685 40.06 28.81 72.13
CA TYR D 1685 41.07 28.37 71.17
C TYR D 1685 41.18 26.86 71.20
N LYS D 1686 41.27 26.29 72.38
CA LYS D 1686 41.32 24.83 72.49
C LYS D 1686 40.12 24.19 71.78
N PHE D 1687 38.92 24.67 72.05
CA PHE D 1687 37.73 24.12 71.43
C PHE D 1687 37.72 24.31 69.94
N PHE D 1688 38.14 25.48 69.50
CA PHE D 1688 38.07 25.77 68.07
C PHE D 1688 38.96 24.81 67.29
N HIS D 1689 40.18 24.59 67.75
CA HIS D 1689 41.09 23.76 66.96
C HIS D 1689 40.70 22.29 67.02
N ASN D 1690 40.29 21.80 68.20
CA ASN D 1690 39.75 20.45 68.26
C ASN D 1690 38.59 20.28 67.28
N GLY D 1691 37.61 21.19 67.34
CA GLY D 1691 36.46 21.08 66.47
C GLY D 1691 36.81 21.19 65.01
N MET D 1692 37.81 21.99 64.67
CA MET D 1692 38.20 22.15 63.27
C MET D 1692 38.79 20.85 62.74
N ILE D 1693 39.77 20.27 63.45
CA ILE D 1693 40.47 19.13 62.86
C ILE D 1693 39.61 17.87 62.91
N TYR D 1694 38.66 17.78 63.85
CA TYR D 1694 37.83 16.59 63.93
C TYR D 1694 36.44 16.79 63.34
N ASN D 1695 36.22 17.90 62.63
CA ASN D 1695 34.93 18.18 62.01
C ASN D 1695 33.78 18.09 63.01
N LYS D 1696 33.95 18.71 64.16
CA LYS D 1696 32.89 18.72 65.17
C LYS D 1696 32.80 20.08 65.86
N LEU D 1697 32.97 21.16 65.11
CA LEU D 1697 32.67 22.48 65.64
C LEU D 1697 31.19 22.58 66.00
N PHE D 1698 30.32 22.11 65.12
CA PHE D 1698 28.89 22.01 65.39
C PHE D 1698 28.62 20.68 66.09
N VAL D 1699 28.03 20.75 67.26
CA VAL D 1699 27.64 19.55 67.99
C VAL D 1699 26.18 19.72 68.36
N SER D 1700 25.32 18.90 67.79
CA SER D 1700 23.89 19.02 68.02
C SER D 1700 23.54 18.56 69.42
N LYS D 1701 22.66 19.31 70.07
CA LYS D 1701 22.18 18.94 71.40
C LYS D 1701 21.12 17.86 71.26
N GLU D 1702 21.20 16.83 72.07
CA GLU D 1702 20.24 15.74 72.05
C GLU D 1702 19.10 15.94 73.04
N HIS D 1703 19.39 16.50 74.22
CA HIS D 1703 18.36 16.78 75.21
C HIS D 1703 18.45 18.23 75.67
N ALA D 1704 17.31 18.75 76.10
CA ALA D 1704 17.25 20.04 76.74
C ALA D 1704 18.03 20.00 78.06
N PRO D 1705 18.30 21.18 78.65
CA PRO D 1705 18.98 21.19 79.95
C PRO D 1705 18.11 20.67 81.09
N TYR D 1706 16.81 20.50 80.87
CA TYR D 1706 15.89 19.97 81.86
C TYR D 1706 15.22 18.73 81.30
N THR D 1707 14.79 17.84 82.18
CA THR D 1707 14.00 16.70 81.73
C THR D 1707 12.56 17.14 81.49
N ASP D 1708 11.81 16.30 80.79
CA ASP D 1708 10.39 16.58 80.58
C ASP D 1708 9.66 16.73 81.90
N GLU D 1709 10.16 16.09 82.97
CA GLU D 1709 9.49 16.17 84.26
C GLU D 1709 9.73 17.52 84.93
N LEU D 1710 10.86 18.16 84.70
CA LEU D 1710 11.21 19.41 85.34
C LEU D 1710 10.93 20.64 84.48
N GLU D 1711 10.46 20.45 83.25
CA GLU D 1711 10.43 21.56 82.30
C GLU D 1711 9.53 22.69 82.78
N GLU D 1712 8.30 22.37 83.20
CA GLU D 1712 7.40 23.41 83.65
C GLU D 1712 7.90 24.08 84.92
N ASP D 1713 8.48 23.31 85.84
CA ASP D 1713 9.11 23.91 87.01
C ASP D 1713 10.18 24.92 86.62
N VAL D 1714 11.02 24.57 85.65
CA VAL D 1714 12.06 25.48 85.19
C VAL D 1714 11.43 26.73 84.60
N TYR D 1715 10.41 26.56 83.76
CA TYR D 1715 9.75 27.70 83.13
C TYR D 1715 9.17 28.66 84.18
N LEU D 1716 8.68 28.12 85.29
CA LEU D 1716 7.95 28.96 86.26
C LEU D 1716 8.85 29.52 87.36
N ASP D 1717 10.13 29.19 87.38
CA ASP D 1717 11.06 29.69 88.41
C ASP D 1717 12.07 30.64 87.78
N PRO D 1718 11.89 31.96 87.94
CA PRO D 1718 12.80 32.90 87.27
C PRO D 1718 14.26 32.82 87.73
N LEU D 1719 14.51 32.28 88.92
CA LEU D 1719 15.87 32.15 89.44
C LEU D 1719 16.47 30.78 89.18
N ALA D 1720 15.79 29.92 88.43
CA ALA D 1720 16.34 28.62 88.07
C ALA D 1720 17.57 28.75 87.19
N ARG D 1721 18.66 28.09 87.55
CA ARG D 1721 19.90 28.15 86.79
C ARG D 1721 20.50 26.76 86.71
N VAL D 1722 21.17 26.46 85.61
CA VAL D 1722 21.75 25.15 85.44
C VAL D 1722 23.00 25.03 86.27
N SER D 1723 23.57 23.83 86.31
CA SER D 1723 24.77 23.59 87.09
C SER D 1723 25.43 22.35 86.52
N LYS D 1724 26.71 22.16 86.80
CA LYS D 1724 27.42 21.04 86.19
C LYS D 1724 26.98 19.74 86.82
N ASP D 1725 26.57 18.80 85.98
CA ASP D 1725 26.12 17.49 86.44
C ASP D 1725 27.31 16.63 86.78
N LYS D 1726 27.37 16.15 88.03
CA LYS D 1726 28.54 15.40 88.50
C LYS D 1726 28.80 14.17 87.64
N LYS D 1727 27.77 13.35 87.42
CA LYS D 1727 27.97 12.12 86.66
C LYS D 1727 28.33 12.43 85.20
N SER D 1728 27.40 13.05 84.47
CA SER D 1728 27.60 13.27 83.04
C SER D 1728 28.54 14.42 82.73
N GLY D 1729 28.84 15.28 83.70
CA GLY D 1729 29.68 16.42 83.43
C GLY D 1729 29.10 17.37 82.40
N SER D 1730 27.78 17.54 82.42
CA SER D 1730 27.10 18.41 81.47
C SER D 1730 26.16 19.36 82.20
N LEU D 1731 25.95 20.53 81.63
CA LEU D 1731 25.09 21.52 82.28
C LEU D 1731 23.64 21.11 82.21
N THR D 1732 22.99 21.08 83.36
CA THR D 1732 21.61 20.65 83.42
C THR D 1732 20.93 21.30 84.59
N PHE D 1733 19.60 21.35 84.56
CA PHE D 1733 18.87 21.88 85.69
C PHE D 1733 18.72 20.80 86.75
N ASN D 1734 18.88 21.20 88.01
CA ASN D 1734 18.85 20.28 89.15
C ASN D 1734 17.62 20.59 90.00
N SER D 1735 16.91 19.54 90.38
CA SER D 1735 15.64 19.72 91.10
C SER D 1735 15.82 20.48 92.40
N LYS D 1736 16.94 20.27 93.09
CA LYS D 1736 17.20 20.98 94.33
C LYS D 1736 17.45 22.46 94.13
N ASN D 1737 17.69 22.88 92.89
CA ASN D 1737 17.93 24.29 92.59
C ASN D 1737 16.72 25.01 92.00
N ILE D 1738 15.53 24.42 92.12
CA ILE D 1738 14.33 25.00 91.54
C ILE D 1738 13.38 25.39 92.68
N GLN D 1739 13.02 26.67 92.72
CA GLN D 1739 12.19 27.24 93.79
C GLN D 1739 12.86 27.04 95.15
N SER D 1740 14.14 27.36 95.22
CA SER D 1740 14.94 27.16 96.43
C SER D 1740 15.24 28.49 97.10
N LYS D 1741 15.34 28.45 98.42
CA LYS D 1741 15.66 29.66 99.18
C LYS D 1741 17.05 30.17 98.85
N ASP D 1742 17.96 29.30 98.43
CA ASP D 1742 19.32 29.72 98.14
C ASP D 1742 19.37 30.69 96.97
N SER D 1743 18.61 30.42 95.91
CA SER D 1743 18.60 31.27 94.74
C SER D 1743 18.12 32.67 95.08
N TYR D 1744 17.09 32.77 95.91
CA TYR D 1744 16.52 34.05 96.28
C TYR D 1744 17.48 34.84 97.17
N SER E 5 80.18 -101.20 39.91
CA SER E 5 79.08 -100.61 39.16
C SER E 5 79.17 -99.09 39.17
N THR E 6 78.32 -98.44 38.38
CA THR E 6 78.36 -96.98 38.27
C THR E 6 76.96 -96.49 37.96
N ARG E 7 76.29 -95.91 38.95
CA ARG E 7 75.01 -95.26 38.70
C ARG E 7 75.22 -93.96 37.93
N PRO E 8 74.31 -93.60 37.03
CA PRO E 8 74.51 -92.40 36.22
C PRO E 8 73.86 -91.15 36.82
N LEU E 9 74.32 -90.00 36.34
CA LEU E 9 73.75 -88.71 36.70
C LEU E 9 73.88 -87.78 35.50
N THR E 10 73.12 -86.69 35.53
CA THR E 10 73.01 -85.78 34.40
C THR E 10 73.37 -84.36 34.82
N LEU E 11 74.60 -83.93 34.50
CA LEU E 11 74.92 -82.51 34.57
C LEU E 11 74.14 -81.81 33.46
N SER E 12 73.18 -80.99 33.84
CA SER E 12 72.24 -80.41 32.90
C SER E 12 72.22 -78.89 33.05
N HIS E 13 71.99 -78.21 31.93
CA HIS E 13 71.86 -76.76 31.90
C HIS E 13 70.67 -76.44 30.99
N GLY E 14 69.48 -76.41 31.56
CA GLY E 14 68.31 -76.10 30.77
C GLY E 14 68.16 -77.07 29.61
N SER E 15 67.95 -76.52 28.41
CA SER E 15 67.70 -77.35 27.24
C SER E 15 68.83 -78.34 27.02
N LEU E 16 70.07 -77.85 26.95
CA LEU E 16 71.22 -78.72 26.77
C LEU E 16 71.57 -79.40 28.09
N GLU E 17 71.92 -80.68 28.02
CA GLU E 17 72.31 -81.43 29.20
C GLU E 17 73.18 -82.59 28.78
N HIS E 18 73.98 -83.07 29.73
CA HIS E 18 74.92 -84.17 29.49
C HIS E 18 74.80 -85.18 30.63
N VAL E 19 75.02 -86.45 30.29
CA VAL E 19 74.88 -87.56 31.22
C VAL E 19 76.25 -88.10 31.56
N LEU E 20 76.51 -88.28 32.85
CA LEU E 20 77.76 -88.85 33.34
C LEU E 20 77.47 -90.13 34.10
N LEU E 21 78.39 -91.09 33.98
CA LEU E 21 78.25 -92.41 34.59
C LEU E 21 79.30 -92.54 35.68
N VAL E 22 78.97 -92.06 36.88
CA VAL E 22 79.91 -92.06 37.99
C VAL E 22 79.89 -93.44 38.64
N PRO E 23 81.02 -93.92 39.19
CA PRO E 23 80.98 -95.17 39.96
C PRO E 23 80.07 -95.02 41.17
N THR E 24 79.46 -96.14 41.57
CA THR E 24 78.59 -96.12 42.74
C THR E 24 79.33 -95.70 44.01
N ALA E 25 80.63 -95.96 44.09
CA ALA E 25 81.37 -95.69 45.32
C ALA E 25 81.34 -94.22 45.68
N SER E 26 81.54 -93.33 44.70
CA SER E 26 81.60 -91.90 44.95
C SER E 26 80.38 -91.18 44.40
N PHE E 27 79.24 -91.88 44.31
CA PHE E 27 78.05 -91.27 43.76
C PHE E 27 77.60 -90.09 44.61
N PHE E 28 77.71 -90.21 45.94
CA PHE E 28 77.25 -89.12 46.79
C PHE E 28 78.15 -87.90 46.66
N ILE E 29 79.46 -88.10 46.56
CA ILE E 29 80.35 -86.96 46.35
C ILE E 29 80.04 -86.30 45.02
N ALA E 30 79.85 -87.11 43.97
CA ALA E 30 79.49 -86.56 42.68
C ALA E 30 78.18 -85.79 42.73
N SER E 31 77.19 -86.32 43.46
CA SER E 31 75.88 -85.69 43.51
C SER E 31 75.93 -84.37 44.28
N GLN E 32 76.68 -84.31 45.38
CA GLN E 32 76.79 -83.04 46.10
C GLN E 32 77.51 -82.01 45.23
N LEU E 33 78.58 -82.41 44.56
CA LEU E 33 79.27 -81.47 43.67
C LEU E 33 78.35 -81.03 42.55
N GLN E 34 77.54 -81.95 42.02
CA GLN E 34 76.58 -81.59 41.00
C GLN E 34 75.59 -80.55 41.51
N GLU E 35 75.05 -80.76 42.71
CA GLU E 35 74.08 -79.80 43.25
C GLU E 35 74.73 -78.44 43.43
N GLN E 36 75.94 -78.40 43.98
CA GLN E 36 76.65 -77.13 44.07
C GLN E 36 76.80 -76.49 42.70
N PHE E 37 77.10 -77.30 41.69
CA PHE E 37 77.30 -76.78 40.33
C PHE E 37 76.02 -76.19 39.76
N ASN E 38 74.88 -76.86 39.94
CA ASN E 38 73.61 -76.25 39.56
C ASN E 38 73.35 -74.99 40.36
N LYS E 39 73.83 -74.94 41.60
CA LYS E 39 73.61 -73.76 42.43
C LYS E 39 74.38 -72.56 41.90
N ILE E 40 75.60 -72.79 41.40
CA ILE E 40 76.40 -71.68 40.86
C ILE E 40 76.18 -71.47 39.36
N LEU E 41 75.25 -72.19 38.73
CA LEU E 41 75.07 -72.06 37.28
C LEU E 41 73.77 -71.31 36.98
N PRO E 42 73.79 -70.25 36.17
CA PRO E 42 72.62 -69.39 36.02
C PRO E 42 71.54 -70.01 35.13
N GLU E 43 70.31 -69.50 35.28
CA GLU E 43 69.20 -70.05 34.52
C GLU E 43 69.49 -70.02 33.03
N PRO E 44 69.00 -71.04 32.31
CA PRO E 44 69.19 -71.08 30.86
C PRO E 44 68.38 -70.02 30.16
N THR E 45 68.80 -69.62 28.97
CA THR E 45 68.06 -68.63 28.19
C THR E 45 67.88 -69.13 26.77
N GLU E 46 66.87 -68.60 26.10
CA GLU E 46 66.64 -68.97 24.71
C GLU E 46 67.84 -68.58 23.88
N GLY E 47 68.29 -69.48 23.02
CA GLY E 47 69.45 -69.26 22.19
C GLY E 47 70.77 -69.25 22.92
N PHE E 48 70.77 -69.27 24.26
CA PHE E 48 72.00 -69.24 25.04
C PHE E 48 72.97 -68.16 24.55
N ALA E 49 72.41 -67.09 23.99
CA ALA E 49 73.22 -65.99 23.47
C ALA E 49 73.86 -65.17 24.57
N ALA E 50 73.49 -65.38 25.83
CA ALA E 50 74.04 -64.62 26.94
C ALA E 50 75.36 -65.23 27.41
N ASP E 51 76.00 -64.57 28.36
CA ASP E 51 77.26 -65.03 28.93
C ASP E 51 77.02 -65.78 30.22
N ASP E 52 78.06 -66.51 30.66
CA ASP E 52 78.03 -67.29 31.89
C ASP E 52 77.11 -68.50 31.79
N GLU E 53 76.68 -68.87 30.58
CA GLU E 53 75.82 -70.02 30.37
C GLU E 53 76.37 -70.82 29.21
N PRO E 54 76.62 -72.12 29.37
CA PRO E 54 77.08 -72.92 28.23
C PRO E 54 76.08 -72.88 27.08
N THR E 55 76.60 -73.15 25.89
CA THR E 55 75.78 -73.32 24.70
C THR E 55 75.79 -74.72 24.14
N THR E 56 76.78 -75.54 24.49
CA THR E 56 76.89 -76.91 24.03
C THR E 56 77.30 -77.78 25.20
N PRO E 57 77.01 -79.09 25.12
CA PRO E 57 77.36 -79.97 26.25
C PRO E 57 78.84 -79.96 26.59
N ALA E 58 79.71 -79.80 25.59
CA ALA E 58 81.15 -79.70 25.87
C ALA E 58 81.43 -78.54 26.82
N GLU E 59 80.79 -77.40 26.59
CA GLU E 59 80.98 -76.25 27.46
C GLU E 59 80.52 -76.55 28.87
N LEU E 60 79.38 -77.24 29.01
CA LEU E 60 78.85 -77.56 30.33
C LEU E 60 79.81 -78.48 31.08
N VAL E 61 80.31 -79.52 30.40
CA VAL E 61 81.24 -80.43 31.06
C VAL E 61 82.51 -79.69 31.46
N GLY E 62 83.02 -78.83 30.58
CA GLY E 62 84.21 -78.07 30.93
C GLY E 62 83.98 -77.15 32.11
N LYS E 63 82.79 -76.55 32.20
CA LYS E 63 82.49 -75.68 33.33
C LYS E 63 82.40 -76.47 34.63
N PHE E 64 81.77 -77.64 34.58
CA PHE E 64 81.79 -78.51 35.76
C PHE E 64 83.21 -78.87 36.14
N LEU E 65 84.03 -79.13 35.13
CA LEU E 65 85.41 -79.51 35.36
C LEU E 65 86.17 -78.40 36.07
N GLY E 66 85.99 -77.16 35.59
CA GLY E 66 86.63 -76.02 36.23
C GLY E 66 86.13 -75.79 37.64
N TYR E 67 84.83 -76.00 37.86
CA TYR E 67 84.30 -75.86 39.20
C TYR E 67 84.93 -76.88 40.14
N VAL E 68 85.03 -78.12 39.72
CA VAL E 68 85.64 -79.15 40.56
C VAL E 68 87.11 -78.82 40.80
N SER E 69 87.80 -78.31 39.78
CA SER E 69 89.19 -77.91 39.96
C SER E 69 89.31 -76.80 40.98
N SER E 70 88.37 -75.86 40.98
CA SER E 70 88.39 -74.79 41.98
C SER E 70 88.27 -75.36 43.39
N LEU E 71 87.40 -76.37 43.58
CA LEU E 71 87.32 -77.03 44.86
C LEU E 71 88.48 -77.99 45.08
N VAL E 72 88.98 -78.61 44.01
CA VAL E 72 90.14 -79.49 44.14
C VAL E 72 91.36 -78.66 44.51
N GLU E 73 92.11 -79.14 45.51
CA GLU E 73 93.29 -78.45 45.96
C GLU E 73 94.36 -79.46 46.36
N PRO E 74 95.46 -79.58 45.59
CA PRO E 74 96.52 -80.52 45.98
C PRO E 74 97.14 -80.19 47.33
N GLY E 78 91.97 -83.70 47.80
CA GLY E 78 91.85 -85.13 47.95
C GLY E 78 90.42 -85.61 47.92
N GLN E 79 89.52 -84.80 48.47
CA GLN E 79 88.11 -85.17 48.53
C GLN E 79 87.56 -85.43 47.13
N PHE E 80 87.52 -84.40 46.30
CA PHE E 80 86.89 -84.46 44.99
C PHE E 80 87.87 -84.85 43.89
N ASP E 81 89.05 -85.35 44.25
CA ASP E 81 90.05 -85.68 43.23
C ASP E 81 89.56 -86.80 42.32
N GLN E 82 89.00 -87.85 42.91
CA GLN E 82 88.63 -89.01 42.10
C GLN E 82 87.53 -88.66 41.10
N VAL E 83 86.53 -87.91 41.54
CA VAL E 83 85.49 -87.47 40.60
C VAL E 83 86.07 -86.53 39.57
N LEU E 84 87.03 -85.68 39.98
CA LEU E 84 87.69 -84.82 39.01
C LEU E 84 88.31 -85.65 37.89
N ASN E 85 89.07 -86.69 38.26
CA ASN E 85 89.68 -87.54 37.25
C ASN E 85 88.64 -88.26 36.41
N LEU E 86 87.58 -88.76 37.06
CA LEU E 86 86.57 -89.52 36.33
C LEU E 86 85.90 -88.65 35.26
N CYS E 87 85.46 -87.46 35.64
CA CYS E 87 84.80 -86.58 34.68
C CYS E 87 85.81 -86.01 33.68
N LEU E 88 87.06 -85.81 34.09
CA LEU E 88 88.11 -85.46 33.14
C LEU E 88 88.19 -86.50 32.04
N THR E 89 88.24 -87.77 32.42
CA THR E 89 88.35 -88.84 31.44
C THR E 89 87.10 -88.94 30.57
N GLU E 90 85.92 -88.77 31.18
CA GLU E 90 84.70 -88.84 30.39
C GLU E 90 84.65 -87.72 29.35
N PHE E 91 85.00 -86.49 29.77
CA PHE E 91 85.03 -85.37 28.84
C PHE E 91 86.03 -85.61 27.73
N GLU E 92 87.22 -86.11 28.07
CA GLU E 92 88.23 -86.39 27.06
C GLU E 92 87.73 -87.43 26.06
N ASN E 93 87.14 -88.51 26.56
CA ASN E 93 86.79 -89.63 25.69
C ASN E 93 85.58 -89.30 24.82
N CYS E 94 84.69 -88.44 25.28
CA CYS E 94 83.53 -88.11 24.47
C CYS E 94 83.81 -86.95 23.52
N TYR E 95 84.52 -85.93 23.97
CA TYR E 95 84.69 -84.70 23.19
C TYR E 95 86.09 -84.55 22.61
N LEU E 96 87.13 -85.04 23.29
CA LEU E 96 88.49 -84.99 22.77
C LEU E 96 88.85 -86.36 22.21
N GLU E 97 88.42 -86.60 20.97
CA GLU E 97 88.66 -87.88 20.33
C GLU E 97 90.12 -88.01 19.94
N GLY E 98 90.99 -88.18 20.93
CA GLY E 98 92.42 -88.27 20.64
C GLY E 98 92.92 -87.04 19.93
N ASN E 99 92.42 -85.87 20.29
CA ASN E 99 92.80 -84.63 19.65
C ASN E 99 93.03 -83.57 20.72
N ASP E 100 93.80 -82.55 20.36
CA ASP E 100 94.15 -81.51 21.31
C ASP E 100 92.94 -80.66 21.67
N ILE E 101 92.99 -80.06 22.86
CA ILE E 101 91.88 -79.23 23.34
C ILE E 101 91.65 -78.07 22.38
N HIS E 102 92.73 -77.52 21.83
CA HIS E 102 92.59 -76.40 20.89
C HIS E 102 91.82 -76.82 19.65
N ALA E 103 92.00 -78.06 19.20
CA ALA E 103 91.20 -78.55 18.09
C ALA E 103 89.72 -78.56 18.45
N LEU E 104 89.39 -78.99 19.66
CA LEU E 104 87.99 -78.97 20.10
C LEU E 104 87.45 -77.55 20.15
N ALA E 105 88.23 -76.61 20.68
CA ALA E 105 87.78 -75.23 20.75
C ALA E 105 87.54 -74.66 19.36
N ALA E 106 88.46 -74.94 18.43
CA ALA E 106 88.28 -74.48 17.07
C ALA E 106 87.03 -75.09 16.44
N LYS E 107 86.78 -76.38 16.69
CA LYS E 107 85.57 -77.02 16.20
C LYS E 107 84.34 -76.32 16.75
N LEU E 108 84.33 -76.04 18.06
CA LEU E 108 83.17 -75.41 18.67
C LEU E 108 82.92 -74.03 18.08
N LEU E 109 83.99 -73.27 17.84
CA LEU E 109 83.83 -71.97 17.20
C LEU E 109 83.28 -72.11 15.78
N GLN E 110 83.91 -72.94 14.96
CA GLN E 110 83.60 -72.96 13.54
C GLN E 110 82.21 -73.52 13.28
N GLU E 111 81.89 -74.67 13.88
CA GLU E 111 80.64 -75.35 13.56
C GLU E 111 79.51 -74.90 14.48
N ASN E 112 79.69 -75.08 15.79
CA ASN E 112 78.67 -74.65 16.73
C ASN E 112 78.68 -73.13 16.88
N ASP E 113 77.60 -72.60 17.43
CA ASP E 113 77.46 -71.16 17.64
C ASP E 113 77.93 -70.81 19.06
N THR E 114 79.23 -70.93 19.26
CA THR E 114 79.88 -70.58 20.51
C THR E 114 80.75 -69.35 20.33
N THR E 115 80.77 -68.50 21.35
CA THR E 115 81.59 -67.30 21.34
C THR E 115 83.04 -67.63 21.62
N LEU E 116 83.94 -66.81 21.07
CA LEU E 116 85.36 -67.02 21.28
C LEU E 116 85.69 -67.03 22.77
N VAL E 117 85.02 -66.17 23.54
CA VAL E 117 85.28 -66.08 24.98
C VAL E 117 84.92 -67.40 25.65
N LYS E 118 83.78 -67.98 25.28
CA LYS E 118 83.38 -69.26 25.86
C LYS E 118 84.38 -70.35 25.54
N THR E 119 84.90 -70.37 24.32
CA THR E 119 85.89 -71.37 23.95
C THR E 119 87.17 -71.19 24.75
N LYS E 120 87.61 -69.95 24.92
CA LYS E 120 88.78 -69.70 25.76
C LYS E 120 88.54 -70.17 27.19
N GLU E 121 87.33 -69.93 27.71
CA GLU E 121 87.01 -70.39 29.06
C GLU E 121 87.05 -71.91 29.15
N LEU E 122 86.54 -72.60 28.12
CA LEU E 122 86.60 -74.05 28.11
C LEU E 122 88.04 -74.54 28.10
N ILE E 123 88.89 -73.92 27.28
CA ILE E 123 90.30 -74.27 27.25
C ILE E 123 90.91 -74.09 28.64
N LYS E 124 90.62 -72.95 29.26
CA LYS E 124 91.14 -72.66 30.59
C LYS E 124 90.72 -73.74 31.58
N ASN E 125 89.42 -74.05 31.61
CA ASN E 125 88.93 -75.06 32.55
C ASN E 125 89.64 -76.38 32.33
N TYR E 126 89.67 -76.85 31.08
CA TYR E 126 90.24 -78.17 30.82
C TYR E 126 91.71 -78.22 31.18
N ILE E 127 92.47 -77.19 30.81
CA ILE E 127 93.91 -77.24 31.03
C ILE E 127 94.23 -77.13 32.51
N THR E 128 93.55 -76.22 33.22
CA THR E 128 93.78 -76.09 34.65
C THR E 128 93.40 -77.37 35.39
N ALA E 129 92.31 -78.02 34.96
CA ALA E 129 91.94 -79.29 35.56
C ALA E 129 92.99 -80.36 35.29
N ARG E 130 93.47 -80.43 34.05
CA ARG E 130 94.48 -81.43 33.71
C ARG E 130 95.71 -81.26 34.60
N ILE E 131 96.14 -80.02 34.81
CA ILE E 131 97.30 -79.84 35.68
C ILE E 131 96.95 -80.17 37.12
N MET E 132 95.76 -79.76 37.57
CA MET E 132 95.39 -79.98 38.97
C MET E 132 95.22 -81.46 39.29
N ALA E 133 94.93 -82.28 38.29
CA ALA E 133 94.68 -83.71 38.50
C ALA E 133 95.94 -84.55 38.37
N LYS E 134 97.12 -83.95 38.50
CA LYS E 134 98.38 -84.68 38.38
C LYS E 134 98.48 -85.42 37.05
N ARG E 135 97.94 -84.80 36.00
CA ARG E 135 98.01 -85.33 34.64
C ARG E 135 98.60 -84.28 33.72
N PRO E 136 99.86 -83.92 33.95
CA PRO E 136 100.50 -82.91 33.09
C PRO E 136 100.62 -83.40 31.65
N PHE E 137 101.21 -82.56 30.80
CA PHE E 137 101.31 -82.91 29.39
C PHE E 137 102.72 -83.43 29.10
N ASP E 138 103.31 -84.13 30.06
CA ASP E 138 104.67 -84.65 29.89
C ASP E 138 104.79 -85.53 28.66
N LYS E 139 103.81 -86.40 28.43
CA LYS E 139 103.83 -87.24 27.23
C LYS E 139 103.85 -86.37 25.98
N LYS E 140 104.79 -86.67 25.08
CA LYS E 140 104.90 -85.89 23.85
C LYS E 140 103.66 -86.05 22.99
N SER E 141 103.29 -84.97 22.32
CA SER E 141 102.15 -84.97 21.42
C SER E 141 102.51 -85.66 20.11
N ASN E 142 101.47 -85.98 19.33
CA ASN E 142 101.61 -86.49 17.98
C ASN E 142 100.97 -85.54 16.98
N SER E 143 101.17 -84.24 17.18
CA SER E 143 100.63 -83.26 16.25
C SER E 143 101.15 -83.54 14.84
N ALA E 144 100.25 -83.41 13.86
CA ALA E 144 100.64 -83.73 12.49
C ALA E 144 101.81 -82.87 12.02
N LEU E 145 101.83 -81.59 12.40
CA LEU E 145 102.87 -80.69 11.93
C LEU E 145 104.26 -81.15 12.39
N PHE E 146 104.40 -81.41 13.70
CA PHE E 146 105.71 -81.78 14.21
C PHE E 146 106.10 -83.19 13.78
N ARG E 147 105.13 -84.08 13.60
CA ARG E 147 105.44 -85.37 13.00
C ARG E 147 106.01 -85.19 11.61
N ALA E 148 105.39 -84.32 10.80
CA ALA E 148 105.91 -84.06 9.47
C ALA E 148 107.32 -83.49 9.52
N VAL E 149 107.56 -82.57 10.45
CA VAL E 149 108.90 -81.99 10.58
C VAL E 149 109.91 -83.09 10.90
N GLY E 150 109.58 -83.95 11.86
CA GLY E 150 110.48 -85.03 12.20
C GLY E 150 110.76 -85.96 11.03
N GLU E 151 109.72 -86.27 10.25
CA GLU E 151 109.88 -87.13 9.10
C GLU E 151 110.62 -86.46 7.95
N GLY E 152 110.91 -85.17 8.06
CA GLY E 152 111.54 -84.42 6.98
C GLY E 152 110.57 -83.83 5.98
N ASN E 153 109.27 -83.98 6.20
CA ASN E 153 108.29 -83.48 5.24
C ASN E 153 108.17 -81.95 5.30
N ALA E 154 108.47 -81.35 6.45
CA ALA E 154 108.24 -79.93 6.65
C ALA E 154 109.44 -79.28 7.34
N GLN E 155 109.60 -77.99 7.10
CA GLN E 155 110.64 -77.17 7.72
C GLN E 155 109.99 -76.00 8.44
N LEU E 156 110.41 -75.74 9.67
CA LEU E 156 109.81 -74.73 10.52
C LEU E 156 110.82 -73.64 10.84
N VAL E 157 110.39 -72.39 10.70
CA VAL E 157 111.15 -71.22 11.12
C VAL E 157 110.23 -70.37 11.98
N ALA E 158 110.75 -69.90 13.11
CA ALA E 158 109.97 -69.11 14.06
C ALA E 158 110.34 -67.63 13.92
N ILE E 159 109.34 -66.77 13.86
CA ILE E 159 109.52 -65.34 13.73
C ILE E 159 108.82 -64.64 14.88
N PHE E 160 109.41 -63.55 15.35
CA PHE E 160 108.90 -62.77 16.46
C PHE E 160 108.72 -61.32 16.02
N GLY E 161 107.54 -60.78 16.26
CA GLY E 161 107.24 -59.41 15.88
C GLY E 161 107.82 -58.42 16.85
N GLY E 162 107.31 -57.20 16.78
CA GLY E 162 107.78 -56.14 17.65
C GLY E 162 106.76 -55.03 17.82
N GLN E 163 107.22 -53.78 17.92
CA GLN E 163 106.32 -52.66 18.10
C GLN E 163 105.54 -52.38 16.82
N GLY E 164 104.37 -51.77 16.99
CA GLY E 164 103.58 -51.28 15.88
C GLY E 164 102.44 -52.19 15.46
N ASN E 165 102.46 -53.46 15.87
CA ASN E 165 101.45 -54.39 15.39
C ASN E 165 100.07 -54.04 15.91
N THR E 166 99.98 -53.57 17.15
CA THR E 166 98.68 -53.26 17.74
C THR E 166 98.87 -52.21 18.82
N ASP E 167 97.77 -51.58 19.19
CA ASP E 167 97.77 -50.53 20.21
C ASP E 167 97.37 -51.04 21.59
N ASP E 168 97.04 -52.32 21.73
CA ASP E 168 96.42 -52.82 22.95
C ASP E 168 97.03 -54.16 23.35
N TYR E 169 98.35 -54.29 23.16
CA TYR E 169 99.04 -55.55 23.39
C TYR E 169 98.86 -56.08 24.81
N PHE E 170 98.74 -55.18 25.78
CA PHE E 170 98.59 -55.63 27.16
C PHE E 170 97.34 -56.49 27.31
N GLU E 171 96.35 -56.31 26.43
CA GLU E 171 95.20 -57.21 26.43
C GLU E 171 95.63 -58.63 26.07
N GLU E 172 96.52 -58.77 25.09
CA GLU E 172 97.03 -60.10 24.76
C GLU E 172 97.78 -60.69 25.95
N LEU E 173 98.58 -59.87 26.64
CA LEU E 173 99.24 -60.38 27.83
C LEU E 173 98.23 -60.81 28.88
N ARG E 174 97.15 -60.03 29.04
CA ARG E 174 96.12 -60.37 30.01
C ARG E 174 95.47 -61.70 29.68
N ASP E 175 95.08 -61.91 28.42
CA ASP E 175 94.46 -63.18 28.06
C ASP E 175 95.43 -64.33 28.24
N LEU E 176 96.68 -64.15 27.84
CA LEU E 176 97.67 -65.22 28.00
C LEU E 176 97.88 -65.54 29.47
N TYR E 177 97.70 -64.55 30.36
CA TYR E 177 97.81 -64.79 31.79
C TYR E 177 96.57 -65.51 32.32
N GLN E 178 95.39 -65.10 31.88
CA GLN E 178 94.14 -65.64 32.43
C GLN E 178 93.91 -67.08 31.99
N THR E 179 93.98 -67.32 30.68
CA THR E 179 93.65 -68.64 30.16
C THR E 179 94.71 -69.67 30.54
N TYR E 180 95.99 -69.31 30.40
CA TYR E 180 97.09 -70.23 30.64
C TYR E 180 97.80 -69.94 31.95
N HIS E 181 97.07 -69.43 32.94
CA HIS E 181 97.68 -69.09 34.22
C HIS E 181 98.55 -70.23 34.73
N VAL E 182 98.06 -71.46 34.62
CA VAL E 182 98.78 -72.60 35.17
C VAL E 182 99.99 -73.01 34.35
N LEU E 183 100.17 -72.44 33.16
CA LEU E 183 101.34 -72.75 32.33
C LEU E 183 102.38 -71.64 32.30
N VAL E 184 101.97 -70.39 32.41
CA VAL E 184 102.88 -69.26 32.28
C VAL E 184 102.88 -68.38 33.52
N GLY E 185 102.25 -68.82 34.62
CA GLY E 185 102.26 -68.01 35.82
C GLY E 185 103.66 -67.80 36.36
N ASP E 186 104.45 -68.88 36.43
CA ASP E 186 105.81 -68.75 36.90
C ASP E 186 106.64 -67.86 36.00
N LEU E 187 106.47 -68.01 34.68
CA LEU E 187 107.21 -67.17 33.75
C LEU E 187 106.89 -65.70 33.98
N ILE E 188 105.60 -65.36 34.06
CA ILE E 188 105.22 -63.96 34.21
C ILE E 188 105.67 -63.42 35.56
N LYS E 189 105.54 -64.22 36.61
CA LYS E 189 105.96 -63.77 37.94
C LYS E 189 107.46 -63.51 37.98
N PHE E 190 108.24 -64.41 37.40
CA PHE E 190 109.69 -64.19 37.31
C PHE E 190 109.99 -62.93 36.51
N SER E 191 109.23 -62.70 35.43
CA SER E 191 109.44 -61.50 34.63
C SER E 191 109.17 -60.24 35.44
N ALA E 192 108.07 -60.22 36.19
CA ALA E 192 107.76 -59.07 37.01
C ALA E 192 108.84 -58.84 38.07
N GLU E 193 109.29 -59.91 38.72
CA GLU E 193 110.26 -59.77 39.79
C GLU E 193 111.59 -59.23 39.24
N THR E 194 112.07 -59.80 38.14
CA THR E 194 113.32 -59.31 37.56
C THR E 194 113.17 -57.90 37.02
N LEU E 195 112.00 -57.54 36.46
CA LEU E 195 111.81 -56.17 36.01
C LEU E 195 111.86 -55.19 37.18
N SER E 196 111.20 -55.53 38.29
CA SER E 196 111.23 -54.66 39.46
C SER E 196 112.65 -54.53 40.00
N GLU E 197 113.39 -55.63 40.05
CA GLU E 197 114.77 -55.56 40.50
C GLU E 197 115.62 -54.68 39.59
N LEU E 198 115.43 -54.81 38.27
CA LEU E 198 116.18 -53.95 37.35
C LEU E 198 115.81 -52.49 37.53
N ILE E 199 114.52 -52.21 37.75
CA ILE E 199 114.11 -50.83 38.00
C ILE E 199 114.82 -50.29 39.23
N ARG E 200 114.80 -51.07 40.32
CA ARG E 200 115.39 -50.61 41.57
C ARG E 200 116.89 -50.40 41.43
N THR E 201 117.57 -51.31 40.74
CA THR E 201 119.02 -51.20 40.59
C THR E 201 119.43 -50.15 39.57
N THR E 202 118.62 -49.94 38.52
CA THR E 202 118.94 -48.94 37.53
C THR E 202 118.81 -47.53 38.11
N LEU E 203 119.68 -46.63 37.67
CA LEU E 203 119.79 -45.32 38.31
C LEU E 203 118.52 -44.50 38.17
N ASP E 204 118.03 -44.33 36.93
CA ASP E 204 116.93 -43.41 36.67
C ASP E 204 115.68 -44.11 36.18
N ALA E 205 115.57 -45.43 36.40
CA ALA E 205 114.42 -46.16 35.87
C ALA E 205 113.12 -45.61 36.44
N GLU E 206 113.03 -45.49 37.76
CA GLU E 206 111.80 -45.00 38.38
C GLU E 206 111.42 -43.62 37.85
N LYS E 207 112.40 -42.81 37.46
CA LYS E 207 112.06 -41.53 36.85
C LYS E 207 111.24 -41.73 35.59
N VAL E 208 111.63 -42.69 34.76
CA VAL E 208 110.86 -42.99 33.56
C VAL E 208 109.55 -43.67 33.93
N PHE E 209 109.61 -44.67 34.81
CA PHE E 209 108.43 -45.42 35.22
C PHE E 209 107.68 -44.59 36.26
N THR E 210 106.95 -43.59 35.76
CA THR E 210 106.21 -42.71 36.66
C THR E 210 105.11 -43.46 37.40
N GLN E 211 104.41 -44.35 36.73
CA GLN E 211 103.29 -45.07 37.32
C GLN E 211 103.66 -46.47 37.78
N GLY E 212 104.93 -46.82 37.77
CA GLY E 212 105.37 -48.12 38.25
C GLY E 212 105.26 -49.20 37.20
N LEU E 213 105.77 -50.38 37.55
CA LEU E 213 105.78 -51.53 36.66
C LEU E 213 105.34 -52.78 37.42
N ASN E 214 104.21 -52.67 38.14
CA ASN E 214 103.62 -53.79 38.85
C ASN E 214 102.65 -54.51 37.92
N ILE E 215 103.22 -55.32 37.03
CA ILE E 215 102.38 -55.97 36.01
C ILE E 215 101.44 -56.98 36.65
N LEU E 216 101.87 -57.66 37.72
CA LEU E 216 100.98 -58.58 38.41
C LEU E 216 99.74 -57.87 38.95
N GLU E 217 99.94 -56.70 39.55
CA GLU E 217 98.80 -55.93 40.04
C GLU E 217 97.85 -55.55 38.90
N TRP E 218 98.40 -55.12 37.76
CA TRP E 218 97.55 -54.73 36.65
C TRP E 218 96.76 -55.91 36.10
N LEU E 219 97.43 -57.06 35.94
CA LEU E 219 96.74 -58.25 35.46
C LEU E 219 95.65 -58.68 36.43
N GLU E 220 95.92 -58.58 37.73
CA GLU E 220 94.92 -58.98 38.71
C GLU E 220 93.70 -58.06 38.67
N ASN E 221 93.93 -56.75 38.62
CA ASN E 221 92.84 -55.76 38.66
C ASN E 221 92.90 -54.89 37.42
N PRO E 222 92.10 -55.18 36.40
CA PRO E 222 92.06 -54.30 35.22
C PRO E 222 91.63 -52.88 35.56
N SER E 223 90.86 -52.71 36.63
CA SER E 223 90.35 -51.38 36.95
C SER E 223 91.48 -50.41 37.27
N ASN E 224 92.53 -50.91 37.92
CA ASN E 224 93.68 -50.09 38.29
C ASN E 224 94.89 -50.34 37.40
N THR E 225 94.65 -50.63 36.12
CA THR E 225 95.72 -50.72 35.14
C THR E 225 95.93 -49.34 34.49
N PRO E 226 97.16 -48.86 34.39
CA PRO E 226 97.39 -47.55 33.77
C PRO E 226 96.74 -47.45 32.40
N ASP E 227 96.66 -46.22 31.89
CA ASP E 227 96.00 -45.98 30.63
C ASP E 227 96.84 -46.50 29.46
N LYS E 228 96.24 -46.50 28.28
CA LYS E 228 96.87 -47.11 27.12
C LYS E 228 98.18 -46.42 26.76
N ASP E 229 98.20 -45.09 26.83
CA ASP E 229 99.38 -44.35 26.39
C ASP E 229 100.58 -44.66 27.27
N TYR E 230 100.39 -44.77 28.59
CA TYR E 230 101.51 -45.09 29.47
C TYR E 230 102.00 -46.52 29.23
N LEU E 231 101.08 -47.46 29.00
CA LEU E 231 101.49 -48.82 28.66
C LEU E 231 102.30 -48.83 27.38
N LEU E 232 101.90 -48.02 26.40
CA LEU E 232 102.53 -48.05 25.09
C LEU E 232 103.92 -47.44 25.11
N SER E 233 104.25 -46.64 26.13
CA SER E 233 105.59 -46.07 26.22
C SER E 233 106.63 -47.18 26.23
N ILE E 234 107.68 -47.00 25.42
CA ILE E 234 108.58 -48.12 25.14
C ILE E 234 109.23 -48.70 26.39
N PRO E 235 109.58 -47.92 27.42
CA PRO E 235 110.16 -48.57 28.61
C PRO E 235 109.23 -49.61 29.21
N ILE E 236 107.94 -49.49 28.99
CA ILE E 236 106.99 -50.53 29.36
C ILE E 236 106.86 -51.59 28.27
N SER E 237 106.58 -51.16 27.04
CA SER E 237 106.11 -52.09 26.02
C SER E 237 107.23 -52.98 25.48
N CYS E 238 108.49 -52.55 25.56
CA CYS E 238 109.56 -53.41 25.06
C CYS E 238 109.67 -54.70 25.87
N PRO E 239 110.01 -54.66 27.15
CA PRO E 239 110.04 -55.90 27.93
C PRO E 239 108.71 -56.62 27.98
N LEU E 240 107.59 -55.90 28.00
CA LEU E 240 106.30 -56.58 28.05
C LEU E 240 106.05 -57.39 26.78
N ILE E 241 106.39 -56.84 25.62
CA ILE E 241 106.22 -57.61 24.39
C ILE E 241 107.17 -58.79 24.37
N GLY E 242 108.39 -58.61 24.88
CA GLY E 242 109.27 -59.75 25.02
C GLY E 242 108.68 -60.85 25.89
N VAL E 243 108.06 -60.47 27.00
CA VAL E 243 107.44 -61.44 27.89
C VAL E 243 106.28 -62.13 27.20
N ILE E 244 105.48 -61.38 26.45
CA ILE E 244 104.36 -61.98 25.73
C ILE E 244 104.87 -63.05 24.77
N GLN E 245 105.93 -62.74 24.03
CA GLN E 245 106.47 -63.70 23.08
C GLN E 245 107.03 -64.93 23.80
N LEU E 246 107.75 -64.72 24.91
CA LEU E 246 108.30 -65.84 25.64
C LEU E 246 107.19 -66.71 26.21
N ALA E 247 106.11 -66.10 26.69
CA ALA E 247 104.99 -66.85 27.23
C ALA E 247 104.31 -67.68 26.15
N HIS E 248 104.14 -67.12 24.96
CA HIS E 248 103.54 -67.90 23.87
C HIS E 248 104.46 -69.07 23.49
N TYR E 249 105.77 -68.84 23.45
CA TYR E 249 106.70 -69.93 23.20
C TYR E 249 106.56 -71.01 24.25
N VAL E 250 106.38 -70.59 25.51
CA VAL E 250 106.26 -71.55 26.60
C VAL E 250 105.02 -72.41 26.47
N VAL E 251 103.89 -71.79 26.16
CA VAL E 251 102.64 -72.54 26.05
C VAL E 251 102.77 -73.59 24.97
N THR E 252 103.27 -73.19 23.81
CA THR E 252 103.41 -74.13 22.71
C THR E 252 104.22 -75.33 23.18
N ALA E 253 105.39 -75.08 23.75
CA ALA E 253 106.25 -76.17 24.20
C ALA E 253 105.53 -77.03 25.21
N LYS E 254 104.96 -76.40 26.23
CA LYS E 254 104.28 -77.14 27.27
C LYS E 254 103.17 -78.02 26.72
N LEU E 255 102.31 -77.48 25.86
CA LEU E 255 101.20 -78.24 25.31
C LEU E 255 101.69 -79.40 24.48
N LEU E 256 102.79 -79.19 23.76
CA LEU E 256 103.34 -80.24 22.92
C LEU E 256 104.15 -81.21 23.76
N GLY E 257 104.13 -81.02 25.07
CA GLY E 257 104.87 -81.91 25.95
C GLY E 257 106.33 -81.89 25.58
N PHE E 258 106.83 -80.71 25.24
CA PHE E 258 108.23 -80.58 24.86
C PHE E 258 108.97 -79.59 25.71
N THR E 259 110.28 -79.77 25.85
CA THR E 259 111.08 -78.78 26.52
C THR E 259 111.43 -77.67 25.54
N PRO E 260 111.83 -76.49 26.03
CA PRO E 260 112.23 -75.43 25.09
C PRO E 260 113.35 -75.87 24.16
N GLY E 261 114.28 -76.68 24.65
CA GLY E 261 115.34 -77.19 23.80
C GLY E 261 114.82 -78.06 22.67
N GLU E 262 113.87 -78.94 22.98
CA GLU E 262 113.34 -79.82 21.93
C GLU E 262 112.59 -79.02 20.87
N LEU E 263 111.74 -78.08 21.31
CA LEU E 263 111.01 -77.26 20.36
C LEU E 263 111.96 -76.47 19.48
N ARG E 264 113.01 -75.91 20.08
CA ARG E 264 114.00 -75.17 19.28
C ARG E 264 114.73 -76.10 18.33
N SER E 265 114.99 -77.33 18.75
CA SER E 265 115.65 -78.29 17.86
C SER E 265 114.76 -78.63 16.67
N TYR E 266 113.44 -78.59 16.85
CA TYR E 266 112.54 -78.80 15.73
C TYR E 266 112.56 -77.67 14.71
N LEU E 267 113.19 -76.54 15.01
CA LEU E 267 113.14 -75.37 14.14
C LEU E 267 114.36 -75.31 13.25
N LYS E 268 114.14 -74.98 11.98
CA LYS E 268 115.24 -74.79 11.04
C LYS E 268 115.99 -73.50 11.32
N GLY E 269 115.32 -72.51 11.91
CA GLY E 269 115.95 -71.25 12.22
C GLY E 269 114.95 -70.33 12.89
N ALA E 270 115.43 -69.14 13.22
CA ALA E 270 114.59 -68.16 13.91
C ALA E 270 115.07 -66.77 13.56
N THR E 271 114.17 -65.80 13.70
CA THR E 271 114.53 -64.40 13.48
C THR E 271 113.40 -63.55 14.03
N GLY E 272 113.60 -62.25 14.00
CA GLY E 272 112.65 -61.33 14.61
C GLY E 272 112.61 -60.00 13.90
N HIS E 273 111.50 -59.31 14.04
CA HIS E 273 111.23 -58.04 13.37
C HIS E 273 111.56 -56.92 14.34
N SER E 274 112.75 -56.35 14.20
CA SER E 274 113.22 -55.30 15.10
C SER E 274 113.40 -55.82 16.52
N GLN E 275 112.48 -55.49 17.42
CA GLN E 275 112.62 -55.91 18.81
C GLN E 275 112.52 -57.42 18.96
N GLY E 276 111.83 -58.09 18.05
CA GLY E 276 111.66 -59.53 18.16
C GLY E 276 112.94 -60.32 18.00
N LEU E 277 113.99 -59.70 17.45
CA LEU E 277 115.26 -60.40 17.27
C LEU E 277 115.84 -60.84 18.61
N VAL E 278 115.66 -60.04 19.66
CA VAL E 278 116.15 -60.41 20.98
C VAL E 278 115.47 -61.69 21.46
N THR E 279 114.14 -61.74 21.33
CA THR E 279 113.42 -62.96 21.70
C THR E 279 113.91 -64.13 20.86
N ALA E 280 114.17 -63.89 19.57
CA ALA E 280 114.61 -64.98 18.71
C ALA E 280 115.92 -65.59 19.21
N VAL E 281 116.91 -64.74 19.50
CA VAL E 281 118.19 -65.26 19.96
C VAL E 281 118.05 -65.90 21.34
N ALA E 282 117.23 -65.30 22.21
CA ALA E 282 117.05 -65.88 23.54
C ALA E 282 116.42 -67.27 23.45
N ILE E 283 115.40 -67.42 22.60
CA ILE E 283 114.79 -68.74 22.39
C ILE E 283 115.82 -69.70 21.84
N ALA E 284 116.62 -69.26 20.87
CA ALA E 284 117.68 -70.10 20.36
C ALA E 284 118.66 -70.52 21.44
N GLU E 285 118.72 -69.76 22.54
CA GLU E 285 119.62 -70.11 23.64
C GLU E 285 119.12 -71.27 24.49
N THR E 286 117.80 -71.46 24.57
CA THR E 286 117.23 -72.34 25.58
C THR E 286 117.69 -73.78 25.38
N ASP E 287 117.83 -74.50 26.48
CA ASP E 287 118.16 -75.93 26.45
C ASP E 287 117.19 -76.80 27.23
N SER E 288 116.79 -76.37 28.43
CA SER E 288 115.86 -77.14 29.26
C SER E 288 115.12 -76.17 30.15
N TRP E 289 114.13 -76.69 30.88
CA TRP E 289 113.28 -75.81 31.69
C TRP E 289 114.04 -75.11 32.83
N GLU E 290 115.19 -75.65 33.24
CA GLU E 290 115.99 -74.97 34.26
C GLU E 290 116.66 -73.71 33.69
N SER E 291 117.30 -73.83 32.54
CA SER E 291 118.00 -72.70 31.93
C SER E 291 117.05 -71.74 31.21
N PHE E 292 115.78 -72.09 31.09
CA PHE E 292 114.86 -71.20 30.39
C PHE E 292 114.72 -69.87 31.11
N PHE E 293 114.68 -69.88 32.44
CA PHE E 293 114.59 -68.62 33.17
C PHE E 293 115.87 -67.80 32.99
N VAL E 294 117.03 -68.44 32.87
CA VAL E 294 118.26 -67.70 32.57
C VAL E 294 118.11 -66.98 31.23
N SER E 295 117.65 -67.71 30.21
CA SER E 295 117.47 -67.09 28.90
C SER E 295 116.45 -65.96 28.97
N VAL E 296 115.37 -66.17 29.71
CA VAL E 296 114.31 -65.16 29.82
C VAL E 296 114.86 -63.90 30.47
N ARG E 297 115.65 -64.07 31.53
CA ARG E 297 116.25 -62.91 32.19
C ARG E 297 117.15 -62.16 31.22
N LYS E 298 117.98 -62.88 30.45
CA LYS E 298 118.80 -62.22 29.45
C LYS E 298 117.95 -61.36 28.51
N ALA E 299 116.89 -61.97 27.96
CA ALA E 299 116.09 -61.28 26.95
C ALA E 299 115.41 -60.05 27.54
N ILE E 300 114.72 -60.22 28.67
CA ILE E 300 113.95 -59.10 29.21
C ILE E 300 114.88 -58.04 29.78
N THR E 301 116.08 -58.40 30.22
CA THR E 301 117.05 -57.39 30.61
C THR E 301 117.42 -56.53 29.40
N VAL E 302 117.73 -57.17 28.28
CA VAL E 302 118.09 -56.41 27.08
C VAL E 302 116.94 -55.49 26.66
N LEU E 303 115.72 -56.02 26.67
CA LEU E 303 114.57 -55.22 26.25
C LEU E 303 114.30 -54.07 27.22
N PHE E 304 114.40 -54.34 28.53
CA PHE E 304 114.18 -53.29 29.52
C PHE E 304 115.16 -52.15 29.31
N PHE E 305 116.43 -52.48 29.10
CA PHE E 305 117.41 -51.42 28.92
C PHE E 305 117.27 -50.71 27.58
N ILE E 306 116.90 -51.44 26.52
CA ILE E 306 116.57 -50.78 25.26
C ILE E 306 115.47 -49.76 25.46
N GLY E 307 114.38 -50.18 26.11
CA GLY E 307 113.28 -49.25 26.34
C GLY E 307 113.73 -48.04 27.14
N VAL E 308 114.46 -48.27 28.23
CA VAL E 308 114.84 -47.17 29.11
C VAL E 308 115.74 -46.18 28.40
N ARG E 309 116.81 -46.66 27.77
CA ARG E 309 117.77 -45.75 27.16
C ARG E 309 117.20 -45.09 25.92
N CYS E 310 116.40 -45.81 25.14
CA CYS E 310 115.83 -45.22 23.93
C CYS E 310 114.74 -44.22 24.27
N TYR E 311 114.06 -44.39 25.41
CA TYR E 311 113.12 -43.35 25.84
C TYR E 311 113.87 -42.14 26.39
N GLU E 312 114.97 -42.37 27.11
CA GLU E 312 115.76 -41.26 27.60
C GLU E 312 116.36 -40.44 26.47
N ALA E 313 116.82 -41.12 25.40
CA ALA E 313 117.46 -40.41 24.30
C ALA E 313 116.49 -39.49 23.59
N TYR E 314 115.29 -40.00 23.28
CA TYR E 314 114.28 -39.22 22.54
C TYR E 314 112.92 -39.39 23.19
N PRO E 315 112.70 -38.74 24.33
CA PRO E 315 111.38 -38.83 24.99
C PRO E 315 110.32 -38.11 24.18
N ASN E 316 109.08 -38.60 24.32
CA ASN E 316 107.97 -38.02 23.57
C ASN E 316 107.51 -36.71 24.22
N THR E 317 107.09 -35.78 23.38
CA THR E 317 106.62 -34.47 23.81
C THR E 317 105.31 -34.16 23.13
N SER E 318 104.53 -33.29 23.76
CA SER E 318 103.20 -32.96 23.25
C SER E 318 103.29 -32.31 21.88
N LEU E 319 102.34 -32.63 21.03
CA LEU E 319 102.20 -32.01 19.73
C LEU E 319 101.20 -30.87 19.79
N PRO E 320 101.41 -29.80 19.02
CA PRO E 320 100.43 -28.72 18.97
C PRO E 320 99.05 -29.25 18.63
N PRO E 321 98.01 -28.84 19.37
CA PRO E 321 96.67 -29.37 19.07
C PRO E 321 96.18 -29.06 17.68
N SER E 322 96.65 -27.97 17.07
CA SER E 322 96.23 -27.66 15.71
C SER E 322 96.62 -28.80 14.76
N ILE E 323 97.82 -29.34 14.92
CA ILE E 323 98.27 -30.44 14.08
C ILE E 323 97.44 -31.68 14.34
N LEU E 324 97.12 -31.97 15.60
CA LEU E 324 96.27 -33.10 15.91
C LEU E 324 94.92 -32.96 15.20
N GLU E 325 94.33 -31.77 15.27
CA GLU E 325 93.04 -31.54 14.64
C GLU E 325 93.13 -31.70 13.12
N ASP E 326 94.17 -31.13 12.52
CA ASP E 326 94.35 -31.24 11.07
C ASP E 326 94.50 -32.69 10.66
N SER E 327 95.27 -33.47 11.42
CA SER E 327 95.47 -34.87 11.09
C SER E 327 94.17 -35.66 11.23
N LEU E 328 93.41 -35.42 12.30
CA LEU E 328 92.16 -36.15 12.46
C LEU E 328 91.15 -35.80 11.38
N GLU E 329 91.06 -34.52 11.01
CA GLU E 329 90.04 -34.08 10.08
C GLU E 329 90.22 -34.67 8.68
N ASN E 330 91.38 -35.23 8.37
CA ASN E 330 91.65 -35.81 7.07
C ASN E 330 91.84 -37.31 7.17
N ASN E 331 90.97 -37.97 7.95
CA ASN E 331 90.94 -39.43 8.02
C ASN E 331 92.34 -39.99 8.27
N GLU E 332 93.13 -39.24 9.01
CA GLU E 332 94.48 -39.63 9.37
C GLU E 332 94.52 -39.93 10.86
N GLY E 333 95.53 -40.68 11.28
CA GLY E 333 95.66 -41.07 12.68
C GLY E 333 96.37 -40.02 13.50
N VAL E 334 96.59 -40.36 14.77
CA VAL E 334 97.37 -39.51 15.65
C VAL E 334 98.84 -39.59 15.25
N PRO E 335 99.53 -38.48 15.06
CA PRO E 335 100.95 -38.54 14.71
C PRO E 335 101.76 -39.29 15.75
N SER E 336 102.80 -39.95 15.28
CA SER E 336 103.71 -40.73 16.12
C SER E 336 105.05 -40.79 15.42
N PRO E 337 106.08 -41.38 16.03
CA PRO E 337 107.41 -41.41 15.42
C PRO E 337 107.59 -42.44 14.32
N MET E 338 106.53 -43.07 13.81
CA MET E 338 106.68 -44.07 12.75
C MET E 338 105.46 -44.02 11.84
N LEU E 339 105.69 -43.78 10.55
CA LEU E 339 104.62 -43.66 9.57
C LEU E 339 104.66 -44.83 8.61
N SER E 340 103.52 -45.47 8.41
CA SER E 340 103.39 -46.60 7.50
C SER E 340 102.81 -46.13 6.17
N ILE E 341 103.53 -46.40 5.08
CA ILE E 341 103.12 -46.00 3.74
C ILE E 341 103.01 -47.26 2.90
N SER E 342 101.82 -47.50 2.35
CA SER E 342 101.53 -48.71 1.61
C SER E 342 101.20 -48.39 0.16
N ASN E 343 101.54 -49.33 -0.73
CA ASN E 343 101.24 -49.23 -2.15
C ASN E 343 102.13 -48.21 -2.86
N LEU E 344 103.42 -48.22 -2.53
CA LEU E 344 104.38 -47.34 -3.17
C LEU E 344 105.76 -47.99 -3.11
N THR E 345 106.53 -47.84 -4.18
CA THR E 345 107.84 -48.45 -4.22
C THR E 345 108.79 -47.72 -3.28
N GLN E 346 109.87 -48.43 -2.90
CA GLN E 346 110.88 -47.80 -2.06
C GLN E 346 111.47 -46.56 -2.72
N GLU E 347 111.60 -46.59 -4.06
CA GLU E 347 112.15 -45.42 -4.75
C GLU E 347 111.25 -44.21 -4.58
N GLN E 348 109.93 -44.39 -4.74
CA GLN E 348 109.02 -43.26 -4.63
C GLN E 348 109.02 -42.69 -3.21
N VAL E 349 108.95 -43.56 -2.21
CA VAL E 349 108.96 -43.12 -0.83
C VAL E 349 110.26 -42.42 -0.50
N GLN E 350 111.38 -42.94 -1.02
CA GLN E 350 112.66 -42.28 -0.81
C GLN E 350 112.68 -40.91 -1.48
N ASP E 351 112.03 -40.79 -2.63
CA ASP E 351 111.93 -39.51 -3.31
C ASP E 351 111.21 -38.49 -2.43
N TYR E 352 110.05 -38.87 -1.90
CA TYR E 352 109.29 -37.98 -1.04
C TYR E 352 110.08 -37.65 0.22
N VAL E 353 110.76 -38.65 0.78
CA VAL E 353 111.54 -38.44 1.99
C VAL E 353 112.66 -37.44 1.73
N ASN E 354 113.33 -37.56 0.58
CA ASN E 354 114.38 -36.62 0.23
C ASN E 354 113.82 -35.21 0.06
N LYS E 355 112.70 -35.09 -0.65
CA LYS E 355 112.08 -33.78 -0.83
C LYS E 355 111.80 -33.14 0.52
N THR E 356 111.17 -33.88 1.43
CA THR E 356 110.89 -33.34 2.76
C THR E 356 112.17 -33.00 3.51
N ASN E 357 113.17 -33.87 3.44
CA ASN E 357 114.37 -33.70 4.25
C ASN E 357 115.23 -32.54 3.79
N SER E 358 115.09 -32.12 2.53
CA SER E 358 115.88 -30.98 2.07
C SER E 358 115.52 -29.70 2.83
N HIS E 359 114.26 -29.55 3.22
CA HIS E 359 113.79 -28.35 3.91
C HIS E 359 114.06 -28.38 5.41
N LEU E 360 114.56 -29.48 5.95
CA LEU E 360 114.64 -29.68 7.39
C LEU E 360 116.09 -29.70 7.85
N PRO E 361 116.35 -29.35 9.11
CA PRO E 361 117.72 -29.44 9.63
C PRO E 361 118.10 -30.89 9.92
N ALA E 362 119.39 -31.09 10.21
CA ALA E 362 119.93 -32.44 10.33
C ALA E 362 119.24 -33.22 11.44
N GLY E 363 118.99 -32.57 12.58
CA GLY E 363 118.46 -33.27 13.73
C GLY E 363 116.99 -33.68 13.61
N LYS E 364 116.27 -33.11 12.65
CA LYS E 364 114.85 -33.40 12.47
C LYS E 364 114.56 -34.22 11.23
N GLN E 365 115.59 -34.70 10.54
CA GLN E 365 115.39 -35.45 9.30
C GLN E 365 114.73 -36.79 9.58
N VAL E 366 114.01 -37.30 8.58
CA VAL E 366 113.33 -38.58 8.67
C VAL E 366 114.04 -39.59 7.77
N GLU E 367 113.65 -40.84 7.88
CA GLU E 367 114.27 -41.90 7.07
C GLU E 367 113.36 -43.12 7.07
N ILE E 368 113.58 -43.98 6.10
CA ILE E 368 112.88 -45.25 6.03
C ILE E 368 113.47 -46.20 7.05
N SER E 369 112.61 -46.74 7.93
CA SER E 369 113.04 -47.65 8.98
C SER E 369 112.76 -49.11 8.61
N LEU E 370 111.51 -49.45 8.32
CA LEU E 370 111.11 -50.81 8.00
C LEU E 370 110.80 -50.91 6.51
N VAL E 371 111.56 -51.75 5.81
CA VAL E 371 111.23 -52.15 4.45
C VAL E 371 110.48 -53.47 4.59
N ASN E 372 109.16 -53.39 4.77
CA ASN E 372 108.36 -54.57 5.03
C ASN E 372 108.10 -55.38 3.77
N GLY E 373 107.91 -54.72 2.63
CA GLY E 373 107.64 -55.41 1.40
C GLY E 373 107.97 -54.53 0.22
N ALA E 374 107.57 -54.98 -0.97
CA ALA E 374 107.79 -54.18 -2.16
C ALA E 374 107.01 -52.88 -2.09
N LYS E 375 105.76 -52.94 -1.61
CA LYS E 375 104.88 -51.79 -1.51
C LYS E 375 104.61 -51.38 -0.07
N ASN E 376 105.34 -51.93 0.89
CA ASN E 376 105.06 -51.72 2.31
C ASN E 376 106.32 -51.16 2.96
N LEU E 377 106.27 -49.89 3.35
CA LEU E 377 107.42 -49.22 3.92
C LEU E 377 106.98 -48.42 5.14
N VAL E 378 107.94 -48.17 6.02
CA VAL E 378 107.70 -47.41 7.25
C VAL E 378 108.82 -46.39 7.40
N VAL E 379 108.43 -45.16 7.74
CA VAL E 379 109.36 -44.05 7.89
C VAL E 379 109.36 -43.63 9.35
N SER E 380 110.55 -43.53 9.93
CA SER E 380 110.71 -43.17 11.34
C SER E 380 111.38 -41.81 11.45
N GLY E 381 110.89 -41.00 12.37
CA GLY E 381 111.41 -39.68 12.63
C GLY E 381 110.55 -38.94 13.62
N PRO E 382 110.84 -37.67 13.85
CA PRO E 382 110.02 -36.88 14.76
C PRO E 382 108.59 -36.80 14.26
N PRO E 383 107.60 -36.83 15.16
CA PRO E 383 106.20 -36.74 14.70
C PRO E 383 105.90 -35.50 13.88
N GLN E 384 106.55 -34.37 14.17
CA GLN E 384 106.35 -33.17 13.37
C GLN E 384 106.82 -33.37 11.94
N SER E 385 108.02 -33.92 11.76
CA SER E 385 108.54 -34.17 10.43
C SER E 385 107.67 -35.16 9.67
N LEU E 386 107.22 -36.22 10.34
CA LEU E 386 106.33 -37.17 9.68
C LEU E 386 105.02 -36.52 9.29
N TYR E 387 104.53 -35.59 10.11
CA TYR E 387 103.33 -34.85 9.75
C TYR E 387 103.56 -34.02 8.49
N GLY E 388 104.72 -33.36 8.40
CA GLY E 388 105.02 -32.61 7.19
C GLY E 388 105.08 -33.50 5.96
N LEU E 389 105.73 -34.67 6.11
CA LEU E 389 105.75 -35.65 5.02
C LEU E 389 104.33 -36.07 4.64
N ASN E 390 103.47 -36.24 5.64
CA ASN E 390 102.08 -36.60 5.36
C ASN E 390 101.38 -35.50 4.56
N LEU E 391 101.65 -34.25 4.89
CA LEU E 391 101.07 -33.14 4.14
C LEU E 391 101.50 -33.23 2.68
N THR E 392 102.78 -33.43 2.45
CA THR E 392 103.26 -33.61 1.07
C THR E 392 102.54 -34.78 0.40
N LEU E 393 102.41 -35.91 1.10
CA LEU E 393 101.84 -37.09 0.48
C LEU E 393 100.38 -36.89 0.11
N ARG E 394 99.59 -36.28 1.00
CA ARG E 394 98.19 -36.05 0.69
C ARG E 394 98.03 -34.94 -0.34
N LYS E 395 99.05 -34.11 -0.54
CA LYS E 395 99.03 -33.21 -1.69
C LYS E 395 99.29 -33.92 -3.00
N ALA E 396 99.63 -35.22 -2.96
CA ALA E 396 99.98 -35.98 -4.16
C ALA E 396 99.22 -37.30 -4.25
N LYS E 397 98.13 -37.45 -3.51
CA LYS E 397 97.34 -38.66 -3.48
C LYS E 397 95.93 -38.38 -4.01
N ALA E 398 95.41 -39.31 -4.82
CA ALA E 398 94.05 -39.18 -5.30
C ALA E 398 93.06 -39.66 -4.24
N PRO E 399 91.84 -39.11 -4.23
CA PRO E 399 90.82 -39.65 -3.34
C PRO E 399 90.56 -41.13 -3.61
N SER E 400 90.29 -41.88 -2.55
CA SER E 400 89.95 -43.29 -2.71
C SER E 400 88.71 -43.45 -3.57
N GLY E 401 87.70 -42.61 -3.35
CA GLY E 401 86.48 -42.68 -4.12
C GLY E 401 86.56 -41.93 -5.43
N LEU E 402 87.65 -42.10 -6.15
CA LEU E 402 87.82 -41.55 -7.49
C LEU E 402 87.79 -42.69 -8.50
N ASP E 403 86.97 -42.54 -9.53
CA ASP E 403 86.84 -43.55 -10.57
C ASP E 403 87.76 -43.20 -11.72
N GLN E 404 88.67 -44.10 -12.04
CA GLN E 404 89.63 -43.91 -13.13
C GLN E 404 89.55 -45.03 -14.15
N SER E 405 88.43 -45.76 -14.20
CA SER E 405 88.29 -46.86 -15.15
C SER E 405 88.27 -46.36 -16.59
N ARG E 406 87.90 -45.12 -16.82
CA ARG E 406 87.81 -44.55 -18.16
C ARG E 406 89.04 -43.75 -18.55
N ILE E 407 90.08 -43.76 -17.73
CA ILE E 407 91.31 -43.02 -18.00
C ILE E 407 92.40 -44.03 -18.37
N PRO E 408 93.29 -43.73 -19.30
CA PRO E 408 94.34 -44.69 -19.64
C PRO E 408 95.21 -45.02 -18.42
N PHE E 409 95.64 -46.27 -18.35
CA PHE E 409 96.43 -46.72 -17.21
C PHE E 409 97.70 -45.91 -16.98
N SER E 410 98.41 -45.60 -18.04
CA SER E 410 99.68 -44.91 -17.89
C SER E 410 99.50 -43.54 -17.23
N GLU E 411 98.42 -42.84 -17.57
CA GLU E 411 98.17 -41.50 -17.06
C GLU E 411 97.44 -41.48 -15.73
N ARG E 412 97.05 -42.62 -15.22
CA ARG E 412 96.28 -42.65 -13.98
C ARG E 412 97.06 -42.10 -12.79
N LYS E 413 96.40 -41.29 -11.98
CA LYS E 413 97.02 -40.73 -10.78
C LYS E 413 97.15 -41.83 -9.73
N LEU E 414 98.38 -42.06 -9.27
CA LEU E 414 98.65 -43.16 -8.36
C LEU E 414 97.92 -42.98 -7.04
N LYS E 415 97.33 -44.07 -6.55
CA LYS E 415 96.62 -44.12 -5.29
C LYS E 415 97.44 -44.90 -4.28
N PHE E 416 97.41 -44.46 -3.03
CA PHE E 416 98.14 -45.14 -1.96
C PHE E 416 97.53 -44.73 -0.63
N SER E 417 98.06 -45.30 0.45
CA SER E 417 97.54 -45.08 1.78
C SER E 417 98.69 -44.85 2.75
N ASN E 418 98.38 -44.19 3.86
CA ASN E 418 99.37 -43.90 4.88
C ASN E 418 98.68 -43.82 6.22
N ARG E 419 99.40 -44.23 7.27
CA ARG E 419 98.88 -44.16 8.62
C ARG E 419 100.04 -44.21 9.59
N PHE E 420 99.78 -43.76 10.81
CA PHE E 420 100.78 -43.74 11.87
C PHE E 420 100.66 -45.01 12.70
N LEU E 421 101.79 -45.66 12.96
CA LEU E 421 101.77 -46.91 13.71
C LEU E 421 101.56 -46.64 15.20
N PRO E 422 100.94 -47.59 15.92
CA PRO E 422 100.77 -47.41 17.37
C PRO E 422 102.07 -47.64 18.13
N VAL E 423 102.99 -46.71 18.00
CA VAL E 423 104.30 -46.78 18.65
C VAL E 423 104.61 -45.42 19.25
N ALA E 424 105.66 -45.38 20.08
CA ALA E 424 106.02 -44.13 20.75
C ALA E 424 107.53 -43.89 20.75
N SER E 425 108.25 -44.34 19.73
CA SER E 425 109.66 -44.04 19.63
C SER E 425 110.13 -44.29 18.21
N PRO E 426 111.06 -43.50 17.70
CA PRO E 426 111.58 -43.71 16.33
C PRO E 426 112.64 -44.79 16.28
N PHE E 427 112.22 -46.04 16.22
CA PHE E 427 113.19 -47.13 16.12
C PHE E 427 113.88 -47.08 14.76
N HIS E 428 115.10 -47.63 14.72
CA HIS E 428 115.90 -47.65 13.51
C HIS E 428 116.08 -46.24 12.95
N SER E 429 116.39 -45.29 13.82
CA SER E 429 116.52 -43.90 13.42
C SER E 429 117.77 -43.29 14.03
N HIS E 430 118.27 -42.24 13.38
CA HIS E 430 119.45 -41.54 13.88
C HIS E 430 119.21 -40.95 15.26
N LEU E 431 117.96 -40.72 15.64
CA LEU E 431 117.67 -40.08 16.92
C LEU E 431 118.07 -40.98 18.09
N LEU E 432 117.85 -42.28 17.98
CA LEU E 432 118.19 -43.21 19.05
C LEU E 432 119.66 -43.62 19.03
N VAL E 433 120.43 -43.12 18.06
CA VAL E 433 121.83 -43.55 17.95
C VAL E 433 122.61 -43.27 19.23
N PRO E 434 122.44 -42.16 19.92
CA PRO E 434 123.25 -41.91 21.13
C PRO E 434 123.06 -42.96 22.22
N ALA E 435 121.96 -43.73 22.18
CA ALA E 435 121.71 -44.71 23.22
C ALA E 435 122.44 -46.03 23.01
N SER E 436 123.04 -46.24 21.83
CA SER E 436 123.67 -47.52 21.54
C SER E 436 124.83 -47.78 22.51
N ASP E 437 125.70 -46.79 22.66
CA ASP E 437 126.84 -46.96 23.56
C ASP E 437 126.39 -47.16 25.00
N LEU E 438 125.35 -46.42 25.42
CA LEU E 438 124.83 -46.62 26.77
C LEU E 438 124.33 -48.04 26.97
N ILE E 439 123.57 -48.55 26.00
CA ILE E 439 123.02 -49.91 26.11
C ILE E 439 124.15 -50.92 26.18
N ASN E 440 125.15 -50.77 25.30
CA ASN E 440 126.25 -51.72 25.28
C ASN E 440 127.02 -51.68 26.60
N LYS E 441 127.24 -50.48 27.14
CA LYS E 441 127.97 -50.35 28.38
C LYS E 441 127.19 -50.91 29.56
N ASP E 442 125.87 -50.81 29.52
CA ASP E 442 125.02 -51.34 30.56
C ASP E 442 124.90 -52.86 30.54
N LEU E 443 124.80 -53.46 29.35
CA LEU E 443 124.59 -54.90 29.29
C LEU E 443 125.79 -55.67 29.82
N VAL E 444 126.99 -55.15 29.61
CA VAL E 444 128.18 -55.82 30.13
C VAL E 444 128.16 -55.81 31.65
N LYS E 445 127.62 -54.75 32.26
CA LYS E 445 127.50 -54.72 33.72
C LYS E 445 126.41 -55.66 34.20
N ASN E 446 125.27 -55.69 33.50
CA ASN E 446 124.16 -56.54 33.92
C ASN E 446 124.42 -58.02 33.67
N ASN E 447 125.52 -58.37 32.99
CA ASN E 447 125.92 -59.75 32.76
C ASN E 447 125.07 -60.43 31.68
N VAL E 448 124.61 -59.67 30.70
CA VAL E 448 123.89 -60.21 29.56
C VAL E 448 124.85 -60.30 28.37
N SER E 449 124.98 -61.48 27.80
CA SER E 449 125.81 -61.68 26.62
C SER E 449 125.36 -62.95 25.92
N PHE E 450 125.44 -62.93 24.59
CA PHE E 450 125.07 -64.08 23.76
C PHE E 450 126.32 -64.61 23.10
N ASN E 451 126.60 -65.89 23.30
CA ASN E 451 127.75 -66.55 22.68
C ASN E 451 127.30 -67.33 21.46
N ALA E 452 128.10 -67.29 20.41
CA ALA E 452 127.76 -67.99 19.18
C ALA E 452 127.64 -69.49 19.41
N LYS E 453 128.48 -70.05 20.28
CA LYS E 453 128.40 -71.47 20.57
C LYS E 453 127.07 -71.83 21.24
N ASP E 454 126.57 -70.97 22.11
CA ASP E 454 125.30 -71.23 22.78
C ASP E 454 124.16 -71.30 21.78
N ILE E 455 124.12 -70.38 20.82
CA ILE E 455 123.11 -70.41 19.77
C ILE E 455 123.36 -71.63 18.91
N GLN E 456 122.32 -72.42 18.66
CA GLN E 456 122.46 -73.66 17.91
C GLN E 456 121.50 -73.76 16.74
N ILE E 457 120.80 -72.69 16.38
CA ILE E 457 120.05 -72.63 15.14
C ILE E 457 120.37 -71.30 14.46
N PRO E 458 120.32 -71.22 13.13
CA PRO E 458 120.58 -69.93 12.47
C PRO E 458 119.60 -68.86 12.94
N VAL E 459 120.15 -67.72 13.33
CA VAL E 459 119.37 -66.52 13.63
C VAL E 459 119.80 -65.45 12.65
N TYR E 460 118.86 -64.98 11.84
CA TYR E 460 119.18 -64.14 10.69
C TYR E 460 119.17 -62.67 11.08
N ASP E 461 120.28 -61.99 10.78
CA ASP E 461 120.35 -60.55 10.99
C ASP E 461 119.29 -59.83 10.16
N THR E 462 118.68 -58.79 10.74
CA THR E 462 117.58 -58.10 10.10
C THR E 462 118.03 -57.07 9.07
N PHE E 463 119.31 -56.73 9.02
CA PHE E 463 119.80 -55.78 8.03
C PHE E 463 120.20 -56.47 6.73
N ASP E 464 120.88 -57.61 6.81
CA ASP E 464 121.36 -58.31 5.62
C ASP E 464 120.89 -59.76 5.58
N GLY E 465 120.08 -60.20 6.52
CA GLY E 465 119.61 -61.57 6.51
C GLY E 465 120.69 -62.60 6.74
N SER E 466 121.91 -62.17 7.08
CA SER E 466 122.98 -63.10 7.34
C SER E 466 122.76 -63.81 8.67
N ASP E 467 123.40 -64.96 8.81
CA ASP E 467 123.30 -65.71 10.05
C ASP E 467 124.11 -65.00 11.15
N LEU E 468 123.48 -64.78 12.30
CA LEU E 468 124.15 -64.08 13.39
C LEU E 468 125.24 -64.93 14.02
N ARG E 469 125.12 -66.26 13.93
CA ARG E 469 126.10 -67.13 14.56
C ARG E 469 127.49 -66.94 13.96
N VAL E 470 127.56 -66.51 12.69
CA VAL E 470 128.85 -66.28 12.05
C VAL E 470 129.35 -64.86 12.24
N LEU E 471 128.59 -64.01 12.93
CA LEU E 471 129.03 -62.64 13.19
C LEU E 471 130.35 -62.66 13.96
N SER E 472 131.27 -61.80 13.55
CA SER E 472 132.60 -61.77 14.15
C SER E 472 132.61 -61.07 15.52
N GLY E 473 131.80 -60.05 15.70
CA GLY E 473 131.78 -59.27 16.92
C GLY E 473 130.77 -59.77 17.93
N SER E 474 130.27 -58.85 18.75
CA SER E 474 129.29 -59.19 19.77
C SER E 474 127.90 -59.26 19.15
N ILE E 475 127.22 -60.38 19.39
CA ILE E 475 125.87 -60.54 18.85
C ILE E 475 124.92 -59.54 19.50
N SER E 476 125.10 -59.29 20.80
CA SER E 476 124.24 -58.31 21.48
C SER E 476 124.41 -56.92 20.90
N GLU E 477 125.65 -56.54 20.59
CA GLU E 477 125.88 -55.24 19.98
C GLU E 477 125.19 -55.15 18.63
N ARG E 478 125.29 -56.20 17.82
CA ARG E 478 124.62 -56.20 16.52
C ARG E 478 123.10 -56.14 16.68
N ILE E 479 122.56 -56.86 17.67
CA ILE E 479 121.12 -56.86 17.86
C ILE E 479 120.64 -55.46 18.23
N VAL E 480 121.34 -54.80 19.16
CA VAL E 480 120.92 -53.47 19.56
C VAL E 480 121.09 -52.49 18.41
N ASP E 481 122.17 -52.62 17.65
CA ASP E 481 122.36 -51.75 16.49
C ASP E 481 121.24 -51.93 15.48
N CYS E 482 120.85 -53.17 15.23
CA CYS E 482 119.76 -53.45 14.30
C CYS E 482 118.46 -52.85 14.81
N ILE E 483 118.23 -52.92 16.12
CA ILE E 483 116.95 -52.45 16.65
C ILE E 483 116.88 -50.93 16.60
N ILE E 484 117.94 -50.24 17.00
CA ILE E 484 117.84 -48.80 17.21
C ILE E 484 118.31 -48.00 16.01
N ARG E 485 119.26 -48.55 15.23
CA ARG E 485 119.91 -47.78 14.18
C ARG E 485 119.58 -48.29 12.78
N LEU E 486 119.86 -49.55 12.49
CA LEU E 486 119.78 -50.00 11.10
C LEU E 486 118.34 -50.30 10.70
N PRO E 487 118.01 -50.11 9.43
CA PRO E 487 116.65 -50.44 8.97
C PRO E 487 116.45 -51.94 8.85
N VAL E 488 115.19 -52.34 8.92
CA VAL E 488 114.80 -53.74 8.77
C VAL E 488 114.47 -54.00 7.31
N LYS E 489 115.22 -54.89 6.68
CA LYS E 489 114.95 -55.36 5.33
C LYS E 489 114.28 -56.72 5.46
N TRP E 490 112.97 -56.71 5.68
CA TRP E 490 112.27 -57.94 6.03
C TRP E 490 112.35 -58.97 4.91
N GLU E 491 112.19 -58.53 3.66
CA GLU E 491 112.26 -59.45 2.54
C GLU E 491 113.64 -60.09 2.46
N THR E 492 114.68 -59.31 2.71
CA THR E 492 116.03 -59.86 2.76
C THR E 492 116.18 -60.86 3.89
N THR E 493 115.63 -60.56 5.07
CA THR E 493 115.73 -61.48 6.20
C THR E 493 115.04 -62.79 5.93
N THR E 494 113.90 -62.76 5.23
CA THR E 494 113.04 -63.90 5.08
C THR E 494 113.41 -64.81 3.92
N GLN E 495 114.54 -64.57 3.25
CA GLN E 495 114.90 -65.33 2.07
C GLN E 495 115.09 -66.81 2.35
N PHE E 496 115.11 -67.24 3.61
CA PHE E 496 115.26 -68.65 3.91
C PHE E 496 114.18 -69.48 3.23
N LYS E 497 114.48 -70.77 3.04
CA LYS E 497 113.53 -71.72 2.48
C LYS E 497 112.91 -72.55 3.59
N ALA E 498 111.59 -72.45 3.75
CA ALA E 498 110.88 -73.22 4.75
C ALA E 498 109.46 -73.48 4.27
N THR E 499 108.84 -74.50 4.84
CA THR E 499 107.46 -74.83 4.50
C THR E 499 106.45 -74.18 5.44
N HIS E 500 106.80 -74.05 6.72
CA HIS E 500 105.91 -73.46 7.71
C HIS E 500 106.65 -72.41 8.51
N ILE E 501 105.92 -71.36 8.89
CA ILE E 501 106.45 -70.26 9.67
C ILE E 501 105.52 -70.04 10.85
N LEU E 502 106.06 -70.08 12.05
CA LEU E 502 105.28 -69.88 13.27
C LEU E 502 105.45 -68.45 13.75
N ASP E 503 104.34 -67.75 13.92
CA ASP E 503 104.34 -66.36 14.36
C ASP E 503 103.94 -66.32 15.83
N PHE E 504 104.91 -66.12 16.70
CA PHE E 504 104.65 -65.92 18.12
C PHE E 504 104.39 -64.47 18.48
N GLY E 505 104.79 -63.52 17.64
CA GLY E 505 104.74 -62.12 17.98
C GLY E 505 103.34 -61.64 18.26
N PRO E 506 103.22 -60.47 18.86
CA PRO E 506 101.88 -59.92 19.13
C PRO E 506 101.16 -59.53 17.86
N GLY E 507 99.90 -59.13 18.00
CA GLY E 507 99.10 -58.64 16.90
C GLY E 507 98.11 -59.64 16.34
N GLY E 508 98.30 -60.92 16.60
CA GLY E 508 97.42 -61.92 16.04
C GLY E 508 97.31 -61.81 14.53
N ALA E 509 96.08 -61.70 14.03
CA ALA E 509 95.87 -61.60 12.59
C ALA E 509 96.41 -60.31 12.01
N SER E 510 96.73 -59.33 12.85
CA SER E 510 97.33 -58.07 12.40
C SER E 510 98.83 -58.02 12.64
N GLY E 511 99.44 -59.14 12.99
CA GLY E 511 100.85 -59.20 13.33
C GLY E 511 101.74 -59.44 12.15
N LEU E 512 102.99 -59.81 12.44
CA LEU E 512 104.00 -60.01 11.42
C LEU E 512 103.75 -61.24 10.57
N GLY E 513 103.04 -62.23 11.10
CA GLY E 513 102.79 -63.45 10.33
C GLY E 513 101.98 -63.18 9.07
N VAL E 514 100.93 -62.37 9.20
CA VAL E 514 100.08 -62.07 8.04
C VAL E 514 100.87 -61.28 7.00
N LEU E 515 101.67 -60.32 7.45
CA LEU E 515 102.53 -59.59 6.52
C LEU E 515 103.45 -60.54 5.77
N THR E 516 104.09 -61.45 6.50
CA THR E 516 105.02 -62.38 5.86
C THR E 516 104.28 -63.30 4.90
N HIS E 517 103.05 -63.67 5.25
CA HIS E 517 102.24 -64.50 4.36
C HIS E 517 101.94 -63.77 3.06
N ARG E 518 101.56 -62.50 3.15
CA ARG E 518 101.28 -61.73 1.94
C ARG E 518 102.54 -61.57 1.10
N ASN E 519 103.69 -61.35 1.75
CA ASN E 519 104.94 -61.25 1.01
C ASN E 519 105.27 -62.54 0.28
N LYS E 520 104.95 -63.68 0.90
CA LYS E 520 105.43 -64.99 0.44
C LYS E 520 104.35 -65.80 -0.25
N ASP E 521 103.22 -65.17 -0.59
CA ASP E 521 102.11 -65.89 -1.20
C ASP E 521 102.54 -66.57 -2.50
N GLY E 522 102.09 -67.81 -2.70
CA GLY E 522 102.39 -68.51 -3.94
C GLY E 522 103.75 -69.16 -4.02
N THR E 523 104.49 -69.19 -2.91
CA THR E 523 105.80 -69.82 -2.90
C THR E 523 105.79 -71.13 -2.13
N GLY E 524 104.64 -71.64 -1.73
CA GLY E 524 104.59 -72.85 -0.94
C GLY E 524 105.05 -72.69 0.50
N VAL E 525 104.70 -71.58 1.14
CA VAL E 525 105.04 -71.35 2.54
C VAL E 525 103.76 -71.10 3.31
N ARG E 526 103.62 -71.76 4.47
CA ARG E 526 102.45 -71.65 5.32
C ARG E 526 102.81 -70.90 6.59
N VAL E 527 101.97 -69.93 6.95
CA VAL E 527 102.17 -69.12 8.15
C VAL E 527 101.12 -69.53 9.19
N ILE E 528 101.59 -69.84 10.40
CA ILE E 528 100.72 -70.14 11.53
C ILE E 528 100.97 -69.09 12.60
N VAL E 529 99.90 -68.46 13.05
CA VAL E 529 99.98 -67.46 14.11
C VAL E 529 99.67 -68.17 15.43
N ALA E 530 100.73 -68.53 16.16
CA ALA E 530 100.59 -69.32 17.37
C ALA E 530 99.98 -68.54 18.53
N GLY E 531 99.87 -67.23 18.41
CA GLY E 531 99.45 -66.41 19.53
C GLY E 531 97.96 -66.34 19.75
N THR E 532 97.17 -66.68 18.73
CA THR E 532 95.72 -66.48 18.80
C THR E 532 94.99 -67.71 18.30
N LEU E 533 93.74 -67.84 18.76
CA LEU E 533 92.82 -68.91 18.37
C LEU E 533 91.70 -68.26 17.56
N ASP E 534 91.49 -68.73 16.34
CA ASP E 534 90.45 -68.17 15.50
C ASP E 534 90.26 -69.04 14.27
N ILE E 535 89.31 -68.63 13.44
CA ILE E 535 89.01 -69.30 12.18
C ILE E 535 89.21 -68.32 11.04
N ASN E 536 89.98 -68.73 10.04
CA ASN E 536 90.21 -67.95 8.85
C ASN E 536 89.26 -68.42 7.77
N PRO E 537 88.27 -67.62 7.35
CA PRO E 537 87.45 -68.07 6.22
C PRO E 537 88.25 -68.38 4.98
N ASP E 538 89.24 -67.55 4.66
CA ASP E 538 90.08 -67.82 3.49
C ASP E 538 90.90 -69.08 3.67
N ASP E 539 91.26 -69.41 4.91
CA ASP E 539 92.04 -70.59 5.22
C ASP E 539 93.44 -70.54 4.61
N ASP E 540 93.90 -69.34 4.23
CA ASP E 540 95.21 -69.21 3.62
C ASP E 540 96.34 -69.27 4.64
N TYR E 541 96.05 -69.06 5.92
CA TYR E 541 97.07 -69.17 6.96
C TYR E 541 96.43 -69.74 8.22
N GLY E 542 97.25 -70.39 9.04
CA GLY E 542 96.73 -71.11 10.19
C GLY E 542 96.62 -70.27 11.44
N PHE E 543 96.07 -70.89 12.47
CA PHE E 543 95.94 -70.26 13.78
C PHE E 543 96.53 -71.19 14.83
N LYS E 544 96.32 -70.88 16.12
CA LYS E 544 96.99 -71.62 17.18
C LYS E 544 96.65 -73.11 17.12
N GLN E 545 95.43 -73.45 16.71
CA GLN E 545 95.01 -74.85 16.73
C GLN E 545 95.85 -75.71 15.79
N GLU E 546 96.22 -75.15 14.62
CA GLU E 546 96.91 -75.95 13.63
C GLU E 546 98.23 -76.50 14.15
N ILE E 547 98.82 -75.85 15.17
CA ILE E 547 100.09 -76.33 15.71
C ILE E 547 99.92 -77.63 16.48
N PHE E 548 98.71 -77.89 17.01
CA PHE E 548 98.47 -79.04 17.87
C PHE E 548 97.58 -80.10 17.25
N ASP E 549 96.91 -79.79 16.14
CA ASP E 549 96.02 -80.76 15.52
C ASP E 549 96.79 -82.03 15.16
N VAL E 550 96.13 -83.17 15.37
CA VAL E 550 96.75 -84.46 15.12
C VAL E 550 96.27 -85.08 13.80
N THR E 551 95.15 -84.64 13.25
CA THR E 551 94.64 -85.17 12.00
C THR E 551 95.45 -84.57 10.84
N SER E 552 94.98 -84.79 9.61
CA SER E 552 95.57 -84.10 8.48
C SER E 552 95.38 -82.60 8.58
N ASN E 553 94.36 -82.15 9.33
CA ASN E 553 94.11 -80.73 9.49
C ASN E 553 95.27 -80.01 10.14
N GLY E 554 96.16 -80.74 10.82
CA GLY E 554 97.38 -80.15 11.34
C GLY E 554 98.47 -79.96 10.33
N LEU E 555 98.37 -80.59 9.16
CA LEU E 555 99.35 -80.47 8.09
C LEU E 555 98.66 -79.87 6.87
N LYS E 556 98.75 -78.55 6.74
CA LYS E 556 98.21 -77.83 5.59
C LYS E 556 99.38 -77.22 4.83
N LYS E 557 99.40 -77.46 3.52
CA LYS E 557 100.42 -76.91 2.63
C LYS E 557 99.80 -75.78 1.81
N ASN E 558 100.50 -74.66 1.72
CA ASN E 558 100.00 -73.55 0.94
C ASN E 558 100.37 -73.80 -0.50
N PRO E 559 99.63 -73.21 -1.43
CA PRO E 559 99.87 -73.52 -2.84
C PRO E 559 101.17 -72.98 -3.42
N ASN E 560 101.91 -73.80 -4.14
CA ASN E 560 103.09 -73.32 -4.86
C ASN E 560 102.70 -73.31 -6.34
N TRP E 561 102.48 -72.12 -6.88
CA TRP E 561 101.91 -72.01 -8.22
C TRP E 561 102.82 -72.65 -9.26
N LEU E 562 104.13 -72.41 -9.15
CA LEU E 562 105.04 -72.96 -10.14
C LEU E 562 104.93 -74.47 -10.24
N GLU E 563 104.56 -75.14 -9.15
CA GLU E 563 104.45 -76.59 -9.13
C GLU E 563 103.04 -77.09 -9.39
N GLU E 564 102.02 -76.42 -8.84
CA GLU E 564 100.65 -76.88 -9.04
C GLU E 564 100.23 -76.71 -10.50
N TYR E 565 100.53 -75.57 -11.10
CA TYR E 565 100.08 -75.24 -12.45
C TYR E 565 101.22 -75.36 -13.47
N HIS E 566 102.20 -76.20 -13.17
CA HIS E 566 103.30 -76.41 -14.09
C HIS E 566 102.79 -77.03 -15.39
N PRO E 567 103.12 -76.45 -16.54
CA PRO E 567 102.77 -77.11 -17.80
C PRO E 567 103.48 -78.46 -17.94
N LYS E 568 102.82 -79.38 -18.61
CA LYS E 568 103.35 -80.72 -18.82
C LYS E 568 103.06 -81.15 -20.25
N LEU E 569 103.74 -82.21 -20.68
CA LEU E 569 103.52 -82.82 -21.98
C LEU E 569 102.90 -84.19 -21.80
N ILE E 570 101.99 -84.55 -22.72
CA ILE E 570 101.31 -85.83 -22.70
C ILE E 570 100.98 -86.21 -24.13
N LYS E 571 100.87 -87.51 -24.39
CA LYS E 571 100.49 -88.00 -25.71
C LYS E 571 99.43 -89.07 -25.57
N ASN E 572 98.66 -89.24 -26.64
CA ASN E 572 97.61 -90.25 -26.70
C ASN E 572 98.14 -91.48 -27.45
N LYS E 573 97.24 -92.45 -27.69
CA LYS E 573 97.64 -93.69 -28.35
C LYS E 573 98.24 -93.42 -29.72
N SER E 574 97.62 -92.53 -30.49
CA SER E 574 98.12 -92.25 -31.83
C SER E 574 99.55 -91.73 -31.81
N GLY E 575 100.01 -91.17 -30.69
CA GLY E 575 101.31 -90.56 -30.60
C GLY E 575 101.30 -89.05 -30.68
N LYS E 576 100.13 -88.43 -30.79
CA LYS E 576 100.05 -86.97 -30.86
C LYS E 576 100.45 -86.35 -29.53
N ILE E 577 101.40 -85.43 -29.56
CA ILE E 577 101.82 -84.70 -28.37
C ILE E 577 100.80 -83.61 -28.07
N PHE E 578 100.52 -83.41 -26.79
CA PHE E 578 99.62 -82.37 -26.32
C PHE E 578 100.31 -81.59 -25.21
N VAL E 579 100.11 -80.28 -25.19
CA VAL E 579 100.56 -79.46 -24.07
C VAL E 579 99.52 -79.59 -22.97
N GLU E 580 99.87 -80.31 -21.91
CA GLU E 580 98.93 -80.62 -20.86
C GLU E 580 98.73 -79.41 -19.95
N THR E 581 97.48 -79.00 -19.80
CA THR E 581 97.12 -77.86 -18.95
C THR E 581 95.72 -78.12 -18.43
N LYS E 582 95.32 -77.32 -17.43
CA LYS E 582 93.96 -77.44 -16.89
C LYS E 582 92.93 -77.33 -18.01
N PHE E 583 93.01 -76.25 -18.80
CA PHE E 583 92.10 -76.06 -19.92
C PHE E 583 92.24 -77.19 -20.94
N SER E 584 93.48 -77.53 -21.29
CA SER E 584 93.71 -78.59 -22.25
C SER E 584 93.23 -79.93 -21.72
N LYS E 585 93.42 -80.18 -20.43
CA LYS E 585 92.94 -81.42 -19.83
C LYS E 585 91.42 -81.49 -19.91
N LEU E 586 90.74 -80.35 -19.77
CA LEU E 586 89.28 -80.37 -19.85
C LEU E 586 88.81 -80.62 -21.28
N ILE E 587 89.36 -79.89 -22.26
CA ILE E 587 88.78 -79.92 -23.60
C ILE E 587 89.42 -80.96 -24.52
N GLY E 588 90.52 -81.57 -24.12
CA GLY E 588 91.13 -82.58 -24.97
C GLY E 588 91.71 -82.05 -26.27
N ARG E 589 92.07 -80.78 -26.31
CA ARG E 589 92.66 -80.15 -27.47
C ARG E 589 93.73 -79.18 -26.97
N PRO E 590 94.64 -78.75 -27.83
CA PRO E 590 95.69 -77.84 -27.39
C PRO E 590 95.12 -76.59 -26.77
N PRO E 591 95.74 -76.04 -25.72
CA PRO E 591 95.12 -74.94 -24.98
C PRO E 591 95.20 -73.61 -25.69
N LEU E 592 94.78 -73.56 -26.94
CA LEU E 592 94.81 -72.35 -27.76
C LEU E 592 93.46 -72.20 -28.43
N LEU E 593 92.85 -71.04 -28.29
CA LEU E 593 91.54 -70.79 -28.86
C LEU E 593 91.53 -69.50 -29.64
N VAL E 594 90.68 -69.45 -30.65
CA VAL E 594 90.42 -68.24 -31.43
C VAL E 594 89.14 -67.61 -30.86
N PRO E 595 89.21 -66.39 -30.32
CA PRO E 595 88.02 -65.82 -29.68
C PRO E 595 86.96 -65.39 -30.69
N GLY E 596 85.75 -65.22 -30.18
CA GLY E 596 84.65 -64.72 -30.98
C GLY E 596 84.93 -63.33 -31.52
N MET E 597 85.06 -63.19 -32.85
CA MET E 597 85.34 -61.89 -33.44
C MET E 597 84.36 -61.47 -34.51
N THR E 598 83.60 -60.40 -34.24
CA THR E 598 82.71 -59.88 -35.25
C THR E 598 83.46 -58.77 -35.96
N PRO E 599 83.96 -59.05 -37.18
CA PRO E 599 83.33 -59.90 -38.18
C PRO E 599 84.13 -61.15 -38.58
N CYS E 600 85.35 -61.31 -38.08
CA CYS E 600 86.20 -62.44 -38.52
C CYS E 600 85.64 -63.84 -38.28
N THR E 601 85.03 -64.08 -37.12
CA THR E 601 84.54 -65.43 -36.81
C THR E 601 83.05 -65.55 -37.07
N VAL E 602 82.45 -64.51 -37.65
CA VAL E 602 81.04 -64.60 -38.03
C VAL E 602 80.87 -65.64 -39.13
N SER E 603 81.91 -65.87 -39.92
CA SER E 603 81.79 -66.75 -41.07
C SER E 603 81.77 -68.21 -40.65
N PRO E 604 80.74 -68.99 -41.00
CA PRO E 604 80.78 -70.42 -40.72
C PRO E 604 81.96 -71.15 -41.34
N ASP E 605 82.43 -70.73 -42.52
CA ASP E 605 83.53 -71.43 -43.16
C ASP E 605 84.81 -71.35 -42.33
N PHE E 606 85.10 -70.18 -41.75
CA PHE E 606 86.30 -70.04 -40.94
C PHE E 606 86.17 -70.79 -39.62
N VAL E 607 84.98 -70.76 -39.01
CA VAL E 607 84.74 -71.55 -37.82
C VAL E 607 84.98 -73.02 -38.11
N ALA E 608 84.48 -73.51 -39.24
CA ALA E 608 84.67 -74.91 -39.61
C ALA E 608 86.14 -75.22 -39.85
N ALA E 609 86.85 -74.33 -40.55
CA ALA E 609 88.25 -74.59 -40.84
C ALA E 609 89.08 -74.61 -39.57
N THR E 610 88.75 -73.77 -38.60
CA THR E 610 89.48 -73.76 -37.33
C THR E 610 89.15 -74.99 -36.52
N THR E 611 87.86 -75.37 -36.44
CA THR E 611 87.49 -76.56 -35.71
C THR E 611 88.16 -77.80 -36.31
N ASN E 612 88.14 -77.92 -37.63
CA ASN E 612 88.69 -79.10 -38.27
C ASN E 612 90.21 -79.15 -38.19
N ALA E 613 90.85 -78.01 -37.94
CA ALA E 613 92.28 -78.00 -37.65
C ALA E 613 92.60 -78.53 -36.26
N GLY E 614 91.60 -78.74 -35.42
CA GLY E 614 91.79 -79.27 -34.09
C GLY E 614 91.89 -78.23 -33.00
N TYR E 615 91.37 -77.03 -33.22
CA TYR E 615 91.51 -75.94 -32.28
C TYR E 615 90.14 -75.33 -31.98
N THR E 616 90.04 -74.70 -30.82
CA THR E 616 88.79 -74.12 -30.38
C THR E 616 88.55 -72.77 -31.03
N ILE E 617 87.27 -72.50 -31.34
CA ILE E 617 86.88 -71.21 -31.91
C ILE E 617 85.44 -70.94 -31.49
N GLU E 618 85.09 -69.66 -31.41
CA GLU E 618 83.76 -69.21 -31.00
C GLU E 618 83.07 -68.54 -32.18
N LEU E 619 81.88 -69.01 -32.52
CA LEU E 619 81.08 -68.34 -33.53
C LEU E 619 80.60 -67.00 -32.99
N ALA E 620 80.83 -65.93 -33.74
CA ALA E 620 80.55 -64.59 -33.26
C ALA E 620 79.07 -64.27 -33.44
N GLY E 621 78.38 -64.03 -32.34
CA GLY E 621 76.99 -63.63 -32.42
C GLY E 621 76.78 -62.21 -32.89
N GLY E 622 77.84 -61.38 -32.90
CA GLY E 622 77.73 -60.00 -33.33
C GLY E 622 77.37 -59.83 -34.79
N GLY E 623 77.58 -60.87 -35.60
CA GLY E 623 77.26 -60.82 -37.01
C GLY E 623 75.91 -61.38 -37.38
N TYR E 624 75.04 -61.64 -36.40
CA TYR E 624 73.71 -62.17 -36.66
C TYR E 624 72.70 -61.37 -35.84
N PHE E 625 71.50 -61.21 -36.40
CA PHE E 625 70.49 -60.33 -35.82
C PHE E 625 69.19 -61.04 -35.48
N SER E 626 69.12 -62.34 -35.71
CA SER E 626 67.94 -63.11 -35.37
C SER E 626 68.31 -64.53 -35.05
N ALA E 627 67.42 -65.24 -34.35
CA ALA E 627 67.67 -66.65 -34.09
C ALA E 627 67.72 -67.46 -35.37
N ALA E 628 66.99 -67.03 -36.41
CA ALA E 628 66.95 -67.79 -37.65
C ALA E 628 68.27 -67.70 -38.40
N GLY E 629 68.85 -66.50 -38.48
CA GLY E 629 70.12 -66.32 -39.16
C GLY E 629 71.25 -67.06 -38.49
N MET E 630 71.32 -66.96 -37.16
CA MET E 630 72.33 -67.71 -36.41
C MET E 630 72.10 -69.21 -36.53
N THR E 631 70.83 -69.64 -36.55
CA THR E 631 70.56 -71.06 -36.70
C THR E 631 71.05 -71.59 -38.04
N ALA E 632 70.83 -70.82 -39.10
CA ALA E 632 71.36 -71.21 -40.41
C ALA E 632 72.88 -71.29 -40.39
N ALA E 633 73.53 -70.31 -39.74
CA ALA E 633 74.99 -70.34 -39.66
C ALA E 633 75.48 -71.55 -38.88
N ILE E 634 74.81 -71.88 -37.78
CA ILE E 634 75.22 -73.02 -36.96
C ILE E 634 75.04 -74.31 -37.74
N ASP E 635 73.94 -74.43 -38.49
CA ASP E 635 73.75 -75.63 -39.31
C ASP E 635 74.83 -75.74 -40.38
N SER E 636 75.23 -74.62 -40.97
CA SER E 636 76.33 -74.66 -41.93
C SER E 636 77.61 -75.15 -41.25
N VAL E 637 77.92 -74.61 -40.07
CA VAL E 637 79.13 -75.04 -39.37
C VAL E 637 79.08 -76.54 -39.10
N VAL E 638 77.95 -77.02 -38.58
CA VAL E 638 77.82 -78.43 -38.25
C VAL E 638 78.05 -79.28 -39.50
N SER E 639 77.43 -78.90 -40.61
CA SER E 639 77.63 -79.66 -41.84
C SER E 639 79.08 -79.64 -42.29
N GLN E 640 79.84 -78.59 -41.94
CA GLN E 640 81.21 -78.49 -42.42
C GLN E 640 82.22 -79.19 -41.54
N ILE E 641 81.88 -79.53 -40.29
CA ILE E 641 82.83 -80.14 -39.37
C ILE E 641 82.65 -81.66 -39.39
N GLU E 642 83.65 -82.36 -38.86
CA GLU E 642 83.60 -83.81 -38.80
C GLU E 642 82.80 -84.28 -37.59
N LYS E 643 82.40 -85.56 -37.64
CA LYS E 643 81.66 -86.14 -36.53
C LYS E 643 82.48 -86.03 -35.25
N GLY E 644 81.81 -85.62 -34.17
CA GLY E 644 82.46 -85.52 -32.88
C GLY E 644 83.11 -84.19 -32.59
N SER E 645 83.19 -83.29 -33.56
CA SER E 645 83.79 -81.98 -33.31
C SER E 645 82.80 -81.07 -32.60
N THR E 646 83.33 -80.01 -32.00
CA THR E 646 82.51 -79.06 -31.27
C THR E 646 83.05 -77.66 -31.50
N PHE E 647 82.26 -76.68 -31.09
CA PHE E 647 82.65 -75.27 -31.20
C PHE E 647 81.78 -74.48 -30.25
N GLY E 648 82.16 -73.22 -30.02
CA GLY E 648 81.46 -72.36 -29.12
C GLY E 648 80.78 -71.19 -29.83
N ILE E 649 80.08 -70.40 -29.03
CA ILE E 649 79.36 -69.22 -29.51
C ILE E 649 79.68 -68.05 -28.59
N ASN E 650 79.90 -66.89 -29.18
CA ASN E 650 80.22 -65.67 -28.45
C ASN E 650 79.07 -64.68 -28.55
N LEU E 651 78.56 -64.24 -27.41
CA LEU E 651 77.46 -63.29 -27.34
C LEU E 651 77.89 -62.04 -26.59
N ILE E 652 77.47 -60.89 -27.09
CA ILE E 652 77.84 -59.60 -26.52
C ILE E 652 76.80 -59.24 -25.47
N TYR E 653 77.26 -58.82 -24.30
CA TYR E 653 76.35 -58.55 -23.20
C TYR E 653 75.79 -57.14 -23.19
N VAL E 654 76.20 -56.26 -24.12
CA VAL E 654 75.73 -54.89 -24.03
C VAL E 654 74.37 -54.71 -24.70
N ASN E 655 74.08 -55.48 -25.76
CA ASN E 655 72.80 -55.33 -26.44
C ASN E 655 71.83 -56.38 -25.91
N PRO E 656 70.81 -56.00 -25.15
CA PRO E 656 69.89 -57.01 -24.61
C PRO E 656 69.12 -57.79 -25.65
N PHE E 657 68.93 -57.24 -26.85
CA PHE E 657 68.19 -57.95 -27.89
C PHE E 657 68.94 -59.20 -28.36
N MET E 658 70.25 -59.05 -28.57
CA MET E 658 71.08 -60.19 -28.93
C MET E 658 70.91 -61.31 -27.92
N LEU E 659 71.07 -61.00 -26.64
CA LEU E 659 70.89 -62.02 -25.61
C LEU E 659 69.47 -62.57 -25.62
N GLN E 660 68.48 -61.68 -25.72
CA GLN E 660 67.09 -62.10 -25.59
C GLN E 660 66.73 -63.17 -26.61
N TRP E 661 67.24 -63.04 -27.83
CA TRP E 661 66.98 -64.10 -28.80
C TRP E 661 68.07 -65.17 -28.84
N GLY E 662 69.23 -64.94 -28.24
CA GLY E 662 70.33 -65.88 -28.34
C GLY E 662 70.38 -66.92 -27.24
N ILE E 663 70.10 -66.52 -26.00
CA ILE E 663 70.09 -67.48 -24.90
C ILE E 663 69.03 -68.55 -25.10
N PRO E 664 67.77 -68.22 -25.40
CA PRO E 664 66.81 -69.28 -25.73
C PRO E 664 67.26 -70.13 -26.91
N LEU E 665 67.90 -69.54 -27.91
CA LEU E 665 68.37 -70.32 -29.04
C LEU E 665 69.40 -71.34 -28.60
N ILE E 666 70.35 -70.95 -27.75
CA ILE E 666 71.36 -71.89 -27.29
C ILE E 666 70.71 -72.99 -26.48
N LYS E 667 69.78 -72.64 -25.59
CA LYS E 667 69.10 -73.67 -24.81
C LYS E 667 68.39 -74.66 -25.73
N GLU E 668 67.67 -74.14 -26.74
CA GLU E 668 66.94 -75.01 -27.65
C GLU E 668 67.87 -75.93 -28.42
N LEU E 669 68.96 -75.36 -28.97
CA LEU E 669 69.88 -76.16 -29.76
C LEU E 669 70.57 -77.22 -28.91
N ARG E 670 70.91 -76.89 -27.66
CA ARG E 670 71.50 -77.89 -26.78
C ARG E 670 70.49 -78.96 -26.39
N SER E 671 69.22 -78.60 -26.26
CA SER E 671 68.19 -79.60 -26.03
C SER E 671 68.11 -80.57 -27.20
N LYS E 672 68.21 -80.04 -28.42
CA LYS E 672 68.27 -80.91 -29.59
C LYS E 672 69.62 -81.62 -29.71
N GLY E 673 70.59 -81.29 -28.86
CA GLY E 673 71.87 -81.97 -28.85
C GLY E 673 72.93 -81.39 -29.75
N TYR E 674 72.79 -80.14 -30.16
CA TYR E 674 73.74 -79.54 -31.08
C TYR E 674 75.13 -79.43 -30.44
N PRO E 675 76.21 -79.66 -31.20
CA PRO E 675 77.54 -79.72 -30.59
C PRO E 675 78.08 -78.36 -30.20
N ILE E 676 77.42 -77.70 -29.26
CA ILE E 676 77.83 -76.39 -28.77
C ILE E 676 78.50 -76.60 -27.42
N GLN E 677 79.82 -76.51 -27.41
CA GLN E 677 80.57 -76.85 -26.20
C GLN E 677 80.42 -75.78 -25.12
N PHE E 678 80.52 -74.51 -25.49
CA PHE E 678 80.64 -73.45 -24.50
C PHE E 678 80.05 -72.16 -25.03
N LEU E 679 79.70 -71.28 -24.11
CA LEU E 679 79.25 -69.93 -24.41
C LEU E 679 80.23 -68.93 -23.80
N THR E 680 80.67 -67.97 -24.59
CA THR E 680 81.51 -66.87 -24.10
C THR E 680 80.70 -65.58 -24.14
N ILE E 681 80.66 -64.88 -23.01
CA ILE E 681 79.99 -63.59 -22.92
C ILE E 681 81.07 -62.52 -22.96
N GLY E 682 81.06 -61.71 -24.02
CA GLY E 682 81.98 -60.60 -24.15
C GLY E 682 81.33 -59.28 -23.75
N ALA E 683 82.18 -58.25 -23.65
CA ALA E 683 81.73 -56.90 -23.33
C ALA E 683 80.83 -56.89 -22.10
N GLY E 684 81.38 -57.33 -20.98
CA GLY E 684 80.68 -57.29 -19.71
C GLY E 684 80.52 -58.68 -19.10
N VAL E 685 80.38 -58.71 -17.80
CA VAL E 685 80.23 -59.94 -17.02
C VAL E 685 78.80 -60.00 -16.51
N PRO E 686 78.08 -61.10 -16.71
CA PRO E 686 76.69 -61.16 -16.24
C PRO E 686 76.61 -61.10 -14.73
N SER E 687 75.45 -60.69 -14.24
CA SER E 687 75.18 -60.74 -12.81
C SER E 687 75.12 -62.18 -12.33
N LEU E 688 75.05 -62.35 -11.01
CA LEU E 688 75.05 -63.69 -10.44
C LEU E 688 73.82 -64.48 -10.89
N GLU E 689 72.65 -63.84 -10.88
CA GLU E 689 71.43 -64.56 -11.26
C GLU E 689 71.47 -65.00 -12.71
N VAL E 690 71.89 -64.09 -13.60
CA VAL E 690 71.96 -64.42 -15.02
C VAL E 690 73.00 -65.52 -15.27
N ALA E 691 74.15 -65.43 -14.59
CA ALA E 691 75.16 -66.47 -14.74
C ALA E 691 74.65 -67.82 -14.26
N SER E 692 73.94 -67.83 -13.12
CA SER E 692 73.39 -69.08 -12.62
C SER E 692 72.37 -69.66 -13.61
N GLU E 693 71.53 -68.79 -14.18
CA GLU E 693 70.58 -69.26 -15.18
C GLU E 693 71.30 -69.86 -16.38
N TYR E 694 72.34 -69.18 -16.87
CA TYR E 694 73.10 -69.73 -17.98
C TYR E 694 73.65 -71.10 -17.63
N ILE E 695 74.35 -71.20 -16.50
CA ILE E 695 75.03 -72.44 -16.13
C ILE E 695 74.04 -73.57 -15.95
N GLU E 696 72.87 -73.27 -15.35
CA GLU E 696 71.91 -74.32 -15.04
C GLU E 696 71.16 -74.78 -16.28
N THR E 697 70.59 -73.84 -17.04
CA THR E 697 69.65 -74.22 -18.07
C THR E 697 70.34 -74.53 -19.41
N LEU E 698 71.41 -73.81 -19.74
CA LEU E 698 71.94 -73.93 -21.10
C LEU E 698 72.54 -75.30 -21.35
N GLY E 699 72.97 -76.01 -20.32
CA GLY E 699 73.53 -77.34 -20.50
C GLY E 699 74.80 -77.36 -21.34
N LEU E 700 75.74 -76.47 -21.03
CA LEU E 700 77.01 -76.40 -21.74
C LEU E 700 78.12 -77.05 -20.92
N LYS E 701 79.23 -77.33 -21.59
CA LYS E 701 80.38 -77.92 -20.90
C LYS E 701 81.06 -76.90 -19.99
N TYR E 702 81.28 -75.68 -20.50
CA TYR E 702 81.86 -74.64 -19.66
C TYR E 702 81.44 -73.27 -20.16
N LEU E 703 81.58 -72.29 -19.29
CA LEU E 703 81.20 -70.91 -19.57
C LEU E 703 82.46 -70.06 -19.70
N GLY E 704 82.49 -69.23 -20.73
CA GLY E 704 83.59 -68.30 -20.93
C GLY E 704 83.17 -66.90 -20.53
N LEU E 705 84.06 -66.22 -19.80
CA LEU E 705 83.82 -64.86 -19.38
C LEU E 705 85.04 -64.01 -19.69
N LYS E 706 84.80 -62.74 -20.01
CA LYS E 706 85.84 -61.81 -20.39
C LYS E 706 85.75 -60.59 -19.48
N PRO E 707 86.27 -60.68 -18.26
CA PRO E 707 86.30 -59.51 -17.40
C PRO E 707 87.22 -58.44 -17.96
N GLY E 708 86.92 -57.18 -17.67
CA GLY E 708 87.71 -56.10 -18.21
C GLY E 708 88.56 -55.40 -17.17
N SER E 709 88.16 -55.45 -15.90
CA SER E 709 88.87 -54.72 -14.86
C SER E 709 88.95 -55.60 -13.61
N ILE E 710 89.44 -55.01 -12.52
CA ILE E 710 89.56 -55.73 -11.25
C ILE E 710 88.17 -56.15 -10.76
N ASP E 711 87.22 -55.21 -10.80
CA ASP E 711 85.86 -55.52 -10.33
C ASP E 711 85.22 -56.62 -11.16
N ALA E 712 85.44 -56.60 -12.47
CA ALA E 712 84.92 -57.69 -13.31
C ALA E 712 85.52 -59.02 -12.90
N ILE E 713 86.82 -59.04 -12.59
CA ILE E 713 87.45 -60.28 -12.16
C ILE E 713 86.86 -60.75 -10.84
N SER E 714 86.56 -59.81 -9.92
CA SER E 714 85.90 -60.20 -8.69
C SER E 714 84.52 -60.80 -8.95
N GLN E 715 83.78 -60.21 -9.89
CA GLN E 715 82.47 -60.76 -10.23
C GLN E 715 82.61 -62.17 -10.80
N VAL E 716 83.61 -62.40 -11.65
CA VAL E 716 83.85 -63.72 -12.19
C VAL E 716 84.18 -64.70 -11.06
N ILE E 717 84.99 -64.26 -10.10
CA ILE E 717 85.32 -65.12 -8.95
C ILE E 717 84.06 -65.48 -8.18
N ASN E 718 83.17 -64.50 -7.96
CA ASN E 718 81.93 -64.79 -7.24
C ASN E 718 81.08 -65.80 -8.00
N ILE E 719 80.97 -65.64 -9.31
CA ILE E 719 80.23 -66.60 -10.12
C ILE E 719 80.82 -68.00 -9.94
N ALA E 720 82.14 -68.11 -10.08
CA ALA E 720 82.79 -69.41 -9.96
C ALA E 720 82.57 -70.00 -8.57
N LYS E 721 82.54 -69.15 -7.54
CA LYS E 721 82.32 -69.64 -6.20
C LYS E 721 80.90 -70.17 -6.02
N ALA E 722 79.92 -69.50 -6.63
CA ALA E 722 78.54 -69.95 -6.50
C ALA E 722 78.32 -71.32 -7.12
N HIS E 723 79.15 -71.72 -8.08
CA HIS E 723 79.02 -73.01 -8.77
C HIS E 723 80.38 -73.69 -8.76
N PRO E 724 80.81 -74.20 -7.61
CA PRO E 724 82.19 -74.68 -7.49
C PRO E 724 82.54 -75.82 -8.43
N ASN E 725 81.57 -76.57 -8.93
CA ASN E 725 81.88 -77.70 -9.81
C ASN E 725 81.90 -77.34 -11.28
N PHE E 726 81.23 -76.27 -11.67
CA PHE E 726 81.12 -75.92 -13.08
C PHE E 726 82.39 -75.22 -13.55
N PRO E 727 83.01 -75.69 -14.65
CA PRO E 727 84.21 -75.00 -15.14
C PRO E 727 83.87 -73.62 -15.68
N ILE E 728 84.73 -72.66 -15.34
CA ILE E 728 84.60 -71.28 -15.81
C ILE E 728 85.92 -70.89 -16.47
N ALA E 729 85.83 -70.37 -17.70
CA ALA E 729 87.01 -69.95 -18.45
C ALA E 729 87.14 -68.45 -18.31
N LEU E 730 88.09 -68.01 -17.49
CA LEU E 730 88.36 -66.58 -17.31
C LEU E 730 89.29 -66.14 -18.44
N GLN E 731 88.71 -65.54 -19.46
CA GLN E 731 89.48 -65.04 -20.60
C GLN E 731 89.90 -63.62 -20.27
N TRP E 732 91.17 -63.47 -19.90
CA TRP E 732 91.69 -62.16 -19.54
C TRP E 732 92.40 -61.49 -20.69
N THR E 733 92.08 -60.23 -20.94
CA THR E 733 92.71 -59.50 -22.00
C THR E 733 92.92 -58.06 -21.55
N GLY E 734 94.04 -57.48 -21.93
CA GLY E 734 94.32 -56.11 -21.57
C GLY E 734 93.74 -55.13 -22.56
N GLY E 735 94.03 -53.85 -22.36
CA GLY E 735 93.56 -52.82 -23.26
C GLY E 735 94.28 -52.78 -24.58
N ARG E 736 95.33 -53.59 -24.74
CA ARG E 736 96.16 -53.61 -25.93
C ARG E 736 95.62 -54.52 -27.02
N GLY E 737 94.46 -55.15 -26.81
CA GLY E 737 93.89 -56.02 -27.81
C GLY E 737 93.23 -55.27 -28.95
N GLY E 738 92.87 -56.03 -29.99
CA GLY E 738 92.19 -55.44 -31.12
C GLY E 738 90.71 -55.19 -30.85
N GLY E 739 90.11 -54.39 -31.71
CA GLY E 739 88.69 -54.10 -31.59
C GLY E 739 88.35 -53.33 -30.33
N HIS E 740 87.15 -53.58 -29.82
CA HIS E 740 86.73 -52.97 -28.58
C HIS E 740 87.73 -53.32 -27.47
N HIS E 741 88.18 -52.33 -26.73
CA HIS E 741 89.21 -52.53 -25.73
C HIS E 741 89.00 -51.59 -24.56
N SER E 742 89.72 -51.87 -23.48
CA SER E 742 89.60 -51.08 -22.28
C SER E 742 90.85 -50.28 -22.04
N PHE E 743 90.92 -49.68 -20.86
CA PHE E 743 92.06 -48.84 -20.51
C PHE E 743 93.05 -49.52 -19.59
N GLU E 744 92.90 -50.83 -19.39
CA GLU E 744 93.72 -51.54 -18.42
C GLU E 744 95.04 -52.07 -18.90
N ASP E 745 96.04 -52.06 -18.02
CA ASP E 745 97.31 -52.66 -18.36
C ASP E 745 97.08 -54.15 -18.47
N ALA E 746 97.94 -54.85 -19.20
CA ALA E 746 97.78 -56.29 -19.37
C ALA E 746 98.35 -57.10 -18.20
N HIS E 747 99.18 -56.51 -17.36
CA HIS E 747 99.93 -57.27 -16.37
C HIS E 747 99.55 -56.98 -14.94
N THR E 748 99.28 -55.73 -14.61
CA THR E 748 99.00 -55.38 -13.22
C THR E 748 97.74 -56.05 -12.67
N PRO E 749 96.66 -56.11 -13.46
CA PRO E 749 95.47 -56.72 -12.86
C PRO E 749 95.71 -58.19 -12.55
N MET E 750 96.49 -58.87 -13.38
CA MET E 750 96.79 -60.28 -13.15
C MET E 750 97.68 -60.45 -11.93
N LEU E 751 98.67 -59.58 -11.76
CA LEU E 751 99.54 -59.65 -10.61
C LEU E 751 98.73 -59.43 -9.32
N GLN E 752 97.67 -58.63 -9.39
CA GLN E 752 96.84 -58.41 -8.21
C GLN E 752 95.92 -59.60 -7.92
N MET E 753 95.34 -60.21 -8.95
CA MET E 753 94.24 -61.13 -8.76
C MET E 753 94.59 -62.60 -8.99
N TYR E 754 95.83 -62.91 -9.34
CA TYR E 754 96.19 -64.29 -9.68
C TYR E 754 95.90 -65.22 -8.50
N SER E 755 96.29 -64.83 -7.30
CA SER E 755 96.06 -65.65 -6.12
C SER E 755 94.57 -65.90 -5.90
N LYS E 756 93.75 -64.85 -5.93
CA LYS E 756 92.32 -65.02 -5.76
C LYS E 756 91.76 -65.96 -6.81
N ILE E 757 92.21 -65.82 -8.06
CA ILE E 757 91.70 -66.69 -9.12
C ILE E 757 92.07 -68.13 -8.84
N ARG E 758 93.31 -68.39 -8.45
CA ARG E 758 93.73 -69.76 -8.20
C ARG E 758 93.17 -70.32 -6.89
N ARG E 759 92.56 -69.49 -6.05
CA ARG E 759 91.82 -70.04 -4.91
C ARG E 759 90.73 -70.99 -5.38
N HIS E 760 90.25 -70.82 -6.61
CA HIS E 760 89.10 -71.56 -7.12
C HIS E 760 89.53 -72.50 -8.24
N PRO E 761 89.61 -73.81 -7.98
CA PRO E 761 90.17 -74.71 -9.00
C PRO E 761 89.36 -74.80 -10.28
N ASN E 762 88.07 -74.44 -10.24
CA ASN E 762 87.23 -74.56 -11.43
C ASN E 762 87.44 -73.44 -12.43
N ILE E 763 88.20 -72.40 -12.09
CA ILE E 763 88.48 -71.33 -13.03
C ILE E 763 89.69 -71.72 -13.88
N MET E 764 89.54 -71.60 -15.19
CA MET E 764 90.62 -71.80 -16.15
C MET E 764 91.09 -70.44 -16.63
N LEU E 765 92.39 -70.17 -16.52
CA LEU E 765 92.94 -68.84 -16.76
C LEU E 765 93.52 -68.76 -18.17
N ILE E 766 92.89 -67.96 -19.01
CA ILE E 766 93.33 -67.73 -20.38
C ILE E 766 93.90 -66.32 -20.47
N PHE E 767 95.01 -66.17 -21.18
CA PHE E 767 95.66 -64.89 -21.39
C PHE E 767 95.60 -64.54 -22.86
N GLY E 768 95.16 -63.32 -23.16
CA GLY E 768 95.12 -62.84 -24.53
C GLY E 768 95.54 -61.38 -24.65
N SER E 769 95.16 -60.73 -25.76
CA SER E 769 95.50 -59.33 -26.01
C SER E 769 97.00 -59.12 -26.16
N GLY E 770 97.53 -59.60 -27.28
CA GLY E 770 98.82 -59.14 -27.74
C GLY E 770 99.77 -60.25 -28.16
N PHE E 771 99.27 -61.46 -28.28
CA PHE E 771 100.09 -62.63 -28.54
C PHE E 771 99.97 -63.05 -30.00
N GLY E 772 101.10 -63.48 -30.57
CA GLY E 772 101.06 -64.01 -31.91
C GLY E 772 102.03 -65.14 -32.20
N SER E 773 102.72 -65.66 -31.18
CA SER E 773 103.72 -66.68 -31.43
C SER E 773 104.00 -67.47 -30.15
N ALA E 774 104.64 -68.62 -30.31
CA ALA E 774 105.07 -69.42 -29.18
C ALA E 774 106.13 -68.70 -28.35
N ASP E 775 107.01 -67.93 -29.00
CA ASP E 775 108.07 -67.26 -28.26
C ASP E 775 107.50 -66.29 -27.24
N ASP E 776 106.49 -65.51 -27.62
CA ASP E 776 105.97 -64.48 -26.73
C ASP E 776 104.90 -65.00 -25.78
N THR E 777 104.44 -66.24 -25.93
CA THR E 777 103.51 -66.82 -24.98
C THR E 777 104.17 -67.79 -24.02
N TYR E 778 105.29 -68.39 -24.40
CA TYR E 778 105.94 -69.38 -23.53
C TYR E 778 106.23 -68.84 -22.14
N PRO E 779 106.72 -67.61 -21.95
CA PRO E 779 106.92 -67.11 -20.59
C PRO E 779 105.65 -67.13 -19.76
N TYR E 780 104.50 -66.88 -20.37
CA TYR E 780 103.24 -66.93 -19.64
C TYR E 780 102.77 -68.36 -19.40
N LEU E 781 103.14 -69.28 -20.29
CA LEU E 781 102.80 -70.68 -20.08
C LEU E 781 103.59 -71.24 -18.89
N THR E 782 104.85 -70.87 -18.76
CA THR E 782 105.68 -71.36 -17.66
C THR E 782 105.57 -70.50 -16.40
N GLY E 783 104.91 -69.35 -16.48
CA GLY E 783 104.77 -68.46 -15.34
C GLY E 783 105.97 -67.58 -15.08
N GLU E 784 107.02 -67.69 -15.90
CA GLU E 784 108.23 -66.91 -15.72
C GLU E 784 108.02 -65.42 -15.98
N TRP E 785 106.87 -65.04 -16.55
CA TRP E 785 106.62 -63.64 -16.82
C TRP E 785 106.58 -62.80 -15.54
N SER E 786 105.94 -63.32 -14.50
CA SER E 786 105.73 -62.54 -13.29
C SER E 786 107.02 -62.32 -12.49
N THR E 787 108.08 -63.05 -12.79
CA THR E 787 109.33 -62.85 -12.08
C THR E 787 109.96 -61.50 -12.42
N LYS E 788 109.72 -60.99 -13.62
CA LYS E 788 110.25 -59.69 -13.98
C LYS E 788 109.66 -58.58 -13.13
N PHE E 789 108.51 -58.84 -12.51
CA PHE E 789 107.87 -57.91 -11.59
C PHE E 789 108.19 -58.25 -10.14
N ASP E 790 109.20 -59.08 -9.90
CA ASP E 790 109.57 -59.51 -8.56
C ASP E 790 108.38 -60.20 -7.87
N TYR E 791 107.85 -61.21 -8.55
CA TYR E 791 106.76 -62.04 -8.07
C TYR E 791 107.14 -63.49 -8.29
N PRO E 792 106.47 -64.42 -7.61
CA PRO E 792 106.66 -65.83 -7.90
C PRO E 792 106.04 -66.18 -9.26
N PRO E 793 106.53 -67.24 -9.91
CA PRO E 793 105.97 -67.60 -11.22
C PRO E 793 104.47 -67.84 -11.14
N MET E 794 103.75 -67.40 -12.16
CA MET E 794 102.30 -67.55 -12.20
C MET E 794 101.85 -68.10 -13.54
N PRO E 795 101.94 -69.42 -13.71
CA PRO E 795 101.58 -70.04 -14.99
C PRO E 795 100.13 -69.83 -15.34
N PHE E 796 99.85 -69.79 -16.64
CA PHE E 796 98.50 -69.61 -17.14
C PHE E 796 98.01 -70.89 -17.81
N ASP E 797 96.70 -71.00 -17.96
CA ASP E 797 96.10 -72.21 -18.48
C ASP E 797 95.97 -72.24 -20.00
N GLY E 798 95.94 -71.09 -20.65
CA GLY E 798 95.83 -71.07 -22.11
C GLY E 798 95.90 -69.66 -22.64
N PHE E 799 95.78 -69.56 -23.96
CA PHE E 799 95.92 -68.28 -24.65
C PHE E 799 94.88 -68.17 -25.76
N LEU E 800 94.55 -66.93 -26.10
CA LEU E 800 93.66 -66.63 -27.22
C LEU E 800 94.35 -65.67 -28.17
N PHE E 801 94.15 -65.89 -29.47
CA PHE E 801 94.79 -65.08 -30.51
C PHE E 801 93.69 -64.52 -31.42
N GLY E 802 93.33 -63.27 -31.21
CA GLY E 802 92.37 -62.60 -32.06
C GLY E 802 92.96 -62.03 -33.34
N SER E 803 93.82 -61.01 -33.20
CA SER E 803 94.35 -60.33 -34.37
C SER E 803 95.26 -61.23 -35.21
N ARG E 804 95.92 -62.21 -34.57
CA ARG E 804 96.98 -62.94 -35.24
C ARG E 804 96.46 -63.73 -36.45
N VAL E 805 95.18 -64.09 -36.45
CA VAL E 805 94.64 -64.96 -37.50
C VAL E 805 93.82 -64.21 -38.52
N MET E 806 93.75 -62.87 -38.44
CA MET E 806 92.90 -62.13 -39.37
C MET E 806 93.42 -62.20 -40.79
N ILE E 807 94.67 -62.60 -41.01
CA ILE E 807 95.18 -62.79 -42.36
C ILE E 807 95.37 -64.28 -42.63
N ALA E 808 94.58 -65.12 -41.98
CA ALA E 808 94.59 -66.54 -42.29
C ALA E 808 93.89 -66.79 -43.62
N LYS E 809 94.26 -67.90 -44.25
CA LYS E 809 93.74 -68.18 -45.59
C LYS E 809 92.24 -68.40 -45.59
N GLU E 810 91.68 -68.90 -44.49
CA GLU E 810 90.26 -69.25 -44.46
C GLU E 810 89.37 -68.11 -43.97
N VAL E 811 89.94 -67.01 -43.50
CA VAL E 811 89.13 -65.88 -43.07
C VAL E 811 88.67 -65.10 -44.29
N LYS E 812 87.55 -64.39 -44.16
CA LYS E 812 86.91 -63.72 -45.29
C LYS E 812 87.41 -62.30 -45.52
N THR E 813 88.48 -61.89 -44.86
CA THR E 813 89.04 -60.57 -45.10
C THR E 813 89.43 -60.43 -46.56
N SER E 814 89.15 -59.25 -47.12
CA SER E 814 89.46 -59.01 -48.53
C SER E 814 90.97 -58.99 -48.74
N PRO E 815 91.44 -59.44 -49.91
CA PRO E 815 92.90 -59.50 -50.12
C PRO E 815 93.59 -58.16 -49.89
N ASP E 816 93.00 -57.05 -50.32
CA ASP E 816 93.58 -55.75 -50.04
C ASP E 816 93.54 -55.45 -48.55
N ALA E 817 92.47 -55.86 -47.87
CA ALA E 817 92.41 -55.73 -46.42
C ALA E 817 93.50 -56.56 -45.74
N LYS E 818 93.75 -57.77 -46.25
CA LYS E 818 94.84 -58.58 -45.69
C LYS E 818 96.18 -57.89 -45.88
N LYS E 819 96.42 -57.33 -47.06
CA LYS E 819 97.68 -56.61 -47.28
C LYS E 819 97.79 -55.41 -46.35
N CYS E 820 96.68 -54.68 -46.17
CA CYS E 820 96.69 -53.54 -45.27
C CYS E 820 97.05 -53.98 -43.85
N ILE E 821 96.43 -55.06 -43.38
CA ILE E 821 96.72 -55.57 -42.05
C ILE E 821 98.19 -55.91 -41.93
N ALA E 822 98.70 -56.70 -42.87
CA ALA E 822 100.09 -57.11 -42.82
C ALA E 822 101.04 -55.91 -42.83
N ALA E 823 100.70 -54.85 -43.57
CA ALA E 823 101.57 -53.68 -43.65
C ALA E 823 101.70 -52.96 -42.31
N CYS E 824 100.76 -53.15 -41.39
CA CYS E 824 100.88 -52.55 -40.06
C CYS E 824 102.05 -53.19 -39.36
N THR E 825 102.82 -52.40 -38.63
CA THR E 825 104.03 -52.90 -37.99
C THR E 825 103.82 -53.21 -36.53
N GLY E 826 102.77 -52.65 -35.95
CA GLY E 826 102.52 -52.86 -34.54
C GLY E 826 103.53 -52.13 -33.68
N VAL E 827 103.34 -52.27 -32.36
CA VAL E 827 104.19 -51.57 -31.40
C VAL E 827 104.38 -52.45 -30.18
N PRO E 828 105.50 -52.27 -29.48
CA PRO E 828 105.70 -53.01 -28.22
C PRO E 828 104.73 -52.56 -27.14
N ASP E 829 104.59 -53.41 -26.13
CA ASP E 829 103.55 -53.22 -25.12
C ASP E 829 103.71 -51.90 -24.37
N ASP E 830 104.94 -51.44 -24.16
CA ASP E 830 105.16 -50.24 -23.36
C ASP E 830 104.68 -48.98 -24.07
N LYS E 831 104.29 -49.05 -25.34
CA LYS E 831 103.83 -47.90 -26.09
C LYS E 831 102.43 -48.05 -26.66
N TRP E 832 101.73 -49.16 -26.40
CA TRP E 832 100.40 -49.33 -26.96
C TRP E 832 99.47 -48.20 -26.56
N GLU E 833 99.71 -47.57 -25.40
CA GLU E 833 98.85 -46.49 -24.95
C GLU E 833 98.87 -45.30 -25.89
N GLN E 834 99.85 -45.23 -26.80
CA GLN E 834 99.90 -44.15 -27.77
C GLN E 834 99.04 -44.48 -28.99
N THR E 835 97.80 -44.91 -28.75
CA THR E 835 96.79 -45.00 -29.79
C THR E 835 95.59 -44.13 -29.47
N TYR E 836 95.47 -43.66 -28.23
CA TYR E 836 94.42 -42.70 -27.89
C TYR E 836 94.64 -41.35 -28.53
N LYS E 837 95.84 -41.07 -29.05
CA LYS E 837 96.19 -39.74 -29.53
C LYS E 837 96.55 -39.72 -31.01
N LYS E 838 97.27 -40.72 -31.50
CA LYS E 838 97.75 -40.69 -32.88
C LYS E 838 98.04 -42.11 -33.32
N PRO E 839 98.13 -42.35 -34.63
CA PRO E 839 98.49 -43.68 -35.11
C PRO E 839 99.86 -44.11 -34.59
N THR E 840 99.95 -45.39 -34.22
CA THR E 840 101.20 -45.97 -33.74
C THR E 840 101.29 -47.40 -34.22
N GLY E 841 102.34 -47.73 -34.95
CA GLY E 841 102.44 -49.03 -35.57
C GLY E 841 101.36 -49.30 -36.58
N GLY E 842 100.70 -48.25 -37.08
CA GLY E 842 99.62 -48.40 -38.03
C GLY E 842 98.24 -48.53 -37.43
N ILE E 843 98.11 -48.45 -36.11
CA ILE E 843 96.83 -48.58 -35.44
C ILE E 843 96.57 -47.33 -34.62
N VAL E 844 95.28 -47.02 -34.44
CA VAL E 844 94.84 -45.87 -33.66
C VAL E 844 93.55 -46.25 -32.95
N THR E 845 93.16 -45.43 -31.98
CA THR E 845 91.95 -45.65 -31.20
C THR E 845 90.90 -44.60 -31.58
N VAL E 846 89.67 -45.05 -31.81
CA VAL E 846 88.55 -44.17 -32.09
C VAL E 846 87.36 -44.65 -31.27
N ARG E 847 86.39 -43.75 -31.09
CA ARG E 847 85.23 -44.03 -30.26
C ARG E 847 84.09 -44.57 -31.12
N SER E 848 83.29 -45.46 -30.53
CA SER E 848 82.17 -46.07 -31.21
C SER E 848 80.93 -45.20 -31.05
N GLU E 849 79.78 -45.72 -31.47
CA GLU E 849 78.53 -44.97 -31.35
C GLU E 849 78.25 -44.61 -29.90
N MET E 850 78.45 -45.57 -28.99
CA MET E 850 78.19 -45.35 -27.57
C MET E 850 79.38 -44.71 -26.86
N GLY E 851 80.51 -44.53 -27.54
CA GLY E 851 81.67 -43.92 -26.96
C GLY E 851 82.73 -44.86 -26.46
N GLU E 852 82.71 -46.13 -26.88
CA GLU E 852 83.70 -47.08 -26.39
C GLU E 852 84.93 -47.08 -27.28
N PRO E 853 86.14 -47.14 -26.72
CA PRO E 853 87.34 -47.19 -27.57
C PRO E 853 87.37 -48.45 -28.42
N ILE E 854 87.87 -48.29 -29.65
CA ILE E 854 88.10 -49.41 -30.55
C ILE E 854 89.46 -49.22 -31.21
N HIS E 855 90.21 -50.30 -31.34
CA HIS E 855 91.48 -50.29 -32.03
C HIS E 855 91.25 -50.64 -33.50
N LYS E 856 91.52 -49.69 -34.38
CA LYS E 856 91.33 -49.88 -35.81
C LYS E 856 92.59 -49.45 -36.54
N ILE E 857 92.79 -50.02 -37.73
CA ILE E 857 93.91 -49.61 -38.57
C ILE E 857 93.70 -48.17 -39.01
N ALA E 858 94.77 -47.38 -38.94
CA ALA E 858 94.69 -45.95 -39.25
C ALA E 858 94.63 -45.76 -40.76
N THR E 859 93.46 -46.07 -41.31
CA THR E 859 93.14 -45.77 -42.70
C THR E 859 92.56 -44.37 -42.81
N ARG E 860 92.50 -43.86 -44.04
CA ARG E 860 91.95 -42.52 -44.24
C ARG E 860 90.54 -42.42 -43.68
N GLY E 861 89.75 -43.49 -43.84
CA GLY E 861 88.41 -43.48 -43.25
C GLY E 861 88.45 -43.41 -41.74
N VAL E 862 89.34 -44.17 -41.11
CA VAL E 862 89.46 -44.14 -39.66
C VAL E 862 90.01 -42.79 -39.20
N MET E 863 90.93 -42.21 -39.96
CA MET E 863 91.46 -40.90 -39.59
C MET E 863 90.36 -39.85 -39.65
N LEU E 864 89.51 -39.90 -40.67
CA LEU E 864 88.35 -39.01 -40.71
C LEU E 864 87.44 -39.27 -39.52
N TRP E 865 87.24 -40.54 -39.17
CA TRP E 865 86.45 -40.90 -38.00
C TRP E 865 86.99 -40.22 -36.75
N LYS E 866 88.31 -40.29 -36.55
CA LYS E 866 88.93 -39.69 -35.37
C LYS E 866 88.77 -38.17 -35.39
N GLU E 867 89.01 -37.56 -36.56
CA GLU E 867 88.85 -36.12 -36.67
C GLU E 867 87.44 -35.69 -36.28
N PHE E 868 86.44 -36.34 -36.85
CA PHE E 868 85.07 -36.01 -36.48
C PHE E 868 84.81 -36.28 -35.01
N ASP E 869 85.36 -37.37 -34.48
CA ASP E 869 85.19 -37.66 -33.05
C ASP E 869 85.60 -36.46 -32.21
N GLU E 870 86.75 -35.87 -32.52
CA GLU E 870 87.23 -34.77 -31.70
C GLU E 870 86.74 -33.40 -32.16
N THR E 871 86.04 -33.30 -33.29
CA THR E 871 85.65 -31.99 -33.81
C THR E 871 84.14 -31.77 -33.93
N ILE E 872 83.34 -32.82 -34.13
CA ILE E 872 81.91 -32.71 -34.34
C ILE E 872 81.12 -33.47 -33.27
N PHE E 873 81.49 -34.73 -33.05
CA PHE E 873 80.66 -35.63 -32.24
C PHE E 873 80.80 -35.35 -30.75
N ASN E 874 81.82 -34.61 -30.33
CA ASN E 874 81.95 -34.20 -28.94
C ASN E 874 81.29 -32.86 -28.66
N LEU E 875 80.69 -32.22 -29.67
CA LEU E 875 80.04 -30.94 -29.47
C LEU E 875 78.75 -31.12 -28.69
N PRO E 876 78.34 -30.11 -27.91
CA PRO E 876 77.04 -30.17 -27.27
C PRO E 876 75.92 -30.09 -28.30
N LYS E 877 74.72 -30.48 -27.87
CA LYS E 877 73.60 -30.58 -28.79
C LYS E 877 73.29 -29.23 -29.43
N ASN E 878 73.30 -28.16 -28.65
CA ASN E 878 72.96 -26.84 -29.17
C ASN E 878 73.98 -26.31 -30.18
N LYS E 879 75.15 -26.95 -30.29
CA LYS E 879 76.16 -26.51 -31.23
C LYS E 879 76.35 -27.45 -32.42
N LEU E 880 75.75 -28.64 -32.38
CA LEU E 880 76.01 -29.63 -33.42
C LEU E 880 75.53 -29.13 -34.78
N VAL E 881 74.27 -28.70 -34.86
CA VAL E 881 73.72 -28.29 -36.15
C VAL E 881 74.43 -27.07 -36.71
N PRO E 882 74.67 -26.01 -35.95
CA PRO E 882 75.43 -24.88 -36.52
C PRO E 882 76.78 -25.31 -37.06
N THR E 883 77.47 -26.22 -36.38
CA THR E 883 78.77 -26.67 -36.86
C THR E 883 78.64 -27.43 -38.18
N LEU E 884 77.69 -28.38 -38.24
CA LEU E 884 77.46 -29.09 -39.50
C LEU E 884 77.16 -28.11 -40.62
N GLU E 885 76.30 -27.13 -40.36
CA GLU E 885 75.95 -26.15 -41.38
C GLU E 885 77.16 -25.34 -41.81
N ALA E 886 78.01 -24.95 -40.87
CA ALA E 886 79.19 -24.17 -41.20
C ALA E 886 80.18 -24.99 -42.01
N LYS E 887 80.23 -26.31 -41.79
CA LYS E 887 81.26 -27.16 -42.37
C LYS E 887 80.71 -28.10 -43.43
N ARG E 888 79.57 -27.76 -44.03
CA ARG E 888 78.92 -28.69 -44.96
C ARG E 888 79.86 -29.05 -46.10
N ASP E 889 80.52 -28.06 -46.70
CA ASP E 889 81.34 -28.33 -47.87
C ASP E 889 82.53 -29.20 -47.51
N TYR E 890 83.23 -28.85 -46.43
CA TYR E 890 84.37 -29.65 -46.00
C TYR E 890 83.95 -31.07 -45.63
N ILE E 891 82.85 -31.20 -44.90
CA ILE E 891 82.38 -32.52 -44.49
C ILE E 891 82.03 -33.36 -45.72
N ILE E 892 81.31 -32.76 -46.67
CA ILE E 892 80.91 -33.50 -47.86
C ILE E 892 82.14 -33.94 -48.66
N SER E 893 83.10 -33.05 -48.82
CA SER E 893 84.31 -33.43 -49.57
C SER E 893 85.06 -34.54 -48.86
N ARG E 894 85.19 -34.46 -47.53
CA ARG E 894 85.85 -35.53 -46.80
C ARG E 894 85.11 -36.85 -46.97
N LEU E 895 83.78 -36.83 -46.85
CA LEU E 895 83.01 -38.06 -47.01
C LEU E 895 83.24 -38.67 -48.38
N ASN E 896 83.16 -37.85 -49.43
CA ASN E 896 83.29 -38.39 -50.77
C ASN E 896 84.70 -38.86 -51.06
N ALA E 897 85.71 -38.27 -50.41
CA ALA E 897 87.08 -38.63 -50.72
C ALA E 897 87.58 -39.83 -49.90
N ASP E 898 87.25 -39.89 -48.61
CA ASP E 898 88.03 -40.71 -47.68
C ASP E 898 87.21 -41.64 -46.80
N PHE E 899 85.93 -41.88 -47.10
CA PHE E 899 85.10 -42.67 -46.22
C PHE E 899 84.34 -43.75 -47.00
N GLN E 900 83.94 -44.79 -46.27
CA GLN E 900 83.20 -45.91 -46.84
C GLN E 900 81.72 -45.60 -47.04
N LYS E 901 81.21 -44.53 -46.45
CA LYS E 901 79.83 -44.08 -46.65
C LYS E 901 79.88 -42.68 -47.25
N PRO E 902 79.87 -42.56 -48.58
CA PRO E 902 80.00 -41.25 -49.21
C PRO E 902 78.72 -40.42 -49.10
N TRP E 903 78.88 -39.15 -49.43
CA TRP E 903 77.73 -38.25 -49.55
C TRP E 903 76.81 -38.73 -50.67
N PHE E 904 75.56 -39.02 -50.34
CA PHE E 904 74.67 -39.61 -51.35
C PHE E 904 74.47 -38.67 -52.53
N ALA E 905 74.14 -37.41 -52.26
CA ALA E 905 73.77 -36.47 -53.32
C ALA E 905 75.03 -35.88 -53.96
N THR E 906 75.68 -36.73 -54.76
CA THR E 906 76.86 -36.36 -55.51
C THR E 906 76.68 -36.88 -56.92
N VAL E 907 76.43 -35.98 -57.87
CA VAL E 907 76.15 -36.34 -59.25
C VAL E 907 77.39 -36.03 -60.07
N ASN E 908 78.02 -37.06 -60.61
CA ASN E 908 79.19 -36.91 -61.46
C ASN E 908 80.26 -36.06 -60.78
N GLY E 909 80.45 -36.30 -59.48
CA GLY E 909 81.48 -35.62 -58.73
C GLY E 909 81.10 -34.25 -58.20
N GLN E 910 79.92 -33.74 -58.53
CA GLN E 910 79.46 -32.44 -58.07
C GLN E 910 78.59 -32.63 -56.84
N ALA E 911 78.99 -32.04 -55.72
CA ALA E 911 78.21 -32.15 -54.50
C ALA E 911 76.89 -31.41 -54.64
N ARG E 912 75.83 -31.97 -54.06
CA ARG E 912 74.49 -31.44 -54.22
C ARG E 912 73.72 -31.69 -52.94
N ASP E 913 72.39 -31.60 -53.03
CA ASP E 913 71.49 -32.02 -51.96
C ASP E 913 70.41 -32.89 -52.57
N LEU E 914 69.67 -33.59 -51.71
CA LEU E 914 68.53 -34.36 -52.18
C LEU E 914 67.52 -33.45 -52.88
N ALA E 915 67.34 -32.24 -52.38
CA ALA E 915 66.39 -31.30 -52.95
C ALA E 915 66.83 -30.79 -54.32
N THR E 916 68.10 -30.95 -54.65
CA THR E 916 68.67 -30.44 -55.89
C THR E 916 68.98 -31.56 -56.88
N MET E 917 68.46 -32.77 -56.63
CA MET E 917 68.64 -33.91 -57.52
C MET E 917 67.34 -34.22 -58.24
N THR E 918 67.47 -34.73 -59.46
CA THR E 918 66.30 -35.17 -60.18
C THR E 918 65.99 -36.58 -59.75
N TYR E 919 64.77 -37.04 -59.99
CA TYR E 919 64.40 -38.41 -59.66
C TYR E 919 65.31 -39.41 -60.36
N GLU E 920 65.60 -39.15 -61.63
CA GLU E 920 66.47 -40.03 -62.38
C GLU E 920 67.85 -40.09 -61.78
N GLU E 921 68.37 -38.95 -61.35
CA GLU E 921 69.69 -38.90 -60.73
C GLU E 921 69.72 -39.70 -59.44
N VAL E 922 68.62 -39.65 -58.68
CA VAL E 922 68.53 -40.41 -57.44
C VAL E 922 68.53 -41.91 -57.75
N ALA E 923 67.73 -42.32 -58.74
CA ALA E 923 67.65 -43.74 -59.07
C ALA E 923 69.00 -44.27 -59.54
N LYS E 924 69.68 -43.52 -60.41
CA LYS E 924 70.98 -43.95 -60.90
C LYS E 924 72.01 -44.01 -59.78
N ARG E 925 71.97 -43.04 -58.85
CA ARG E 925 72.91 -43.06 -57.74
C ARG E 925 72.66 -44.26 -56.84
N LEU E 926 71.39 -44.60 -56.60
CA LEU E 926 71.09 -45.79 -55.82
C LEU E 926 71.66 -47.04 -56.50
N VAL E 927 71.47 -47.15 -57.81
CA VAL E 927 72.00 -48.30 -58.53
C VAL E 927 73.52 -48.33 -58.47
N GLU E 928 74.14 -47.16 -58.54
CA GLU E 928 75.60 -47.09 -58.54
C GLU E 928 76.18 -47.49 -57.20
N LEU E 929 75.47 -47.18 -56.11
CA LEU E 929 76.02 -47.43 -54.78
C LEU E 929 75.57 -48.76 -54.17
N MET E 930 74.50 -49.38 -54.67
CA MET E 930 74.00 -50.61 -54.07
C MET E 930 74.10 -51.83 -54.97
N PHE E 931 74.41 -51.66 -56.24
CA PHE E 931 74.46 -52.77 -57.19
C PHE E 931 75.90 -53.04 -57.57
N ILE E 932 76.32 -54.29 -57.47
CA ILE E 932 77.69 -54.67 -57.77
C ILE E 932 77.76 -55.14 -59.21
N ARG E 933 78.62 -54.50 -60.00
CA ARG E 933 78.76 -54.88 -61.39
C ARG E 933 79.56 -56.16 -61.55
N SER E 934 80.58 -56.36 -60.72
CA SER E 934 81.41 -57.56 -60.83
C SER E 934 80.57 -58.81 -60.67
N THR E 935 79.72 -58.84 -59.64
CA THR E 935 78.87 -59.99 -59.39
C THR E 935 77.52 -59.88 -60.10
N ASN E 936 77.25 -58.75 -60.76
CA ASN E 936 75.99 -58.57 -61.49
C ASN E 936 74.78 -58.74 -60.59
N SER E 937 74.92 -58.38 -59.32
CA SER E 937 73.82 -58.54 -58.39
C SER E 937 73.81 -57.39 -57.40
N TRP E 938 72.66 -57.23 -56.77
CA TRP E 938 72.56 -56.34 -55.62
C TRP E 938 73.33 -56.94 -54.45
N PHE E 939 73.98 -56.09 -53.67
CA PHE E 939 74.73 -56.60 -52.52
C PHE E 939 73.81 -57.30 -51.53
N ASP E 940 72.59 -56.80 -51.35
CA ASP E 940 71.61 -57.52 -50.58
C ASP E 940 70.23 -57.11 -51.03
N VAL E 941 69.24 -57.95 -50.71
CA VAL E 941 67.92 -57.81 -51.29
C VAL E 941 67.13 -56.65 -50.70
N THR E 942 67.50 -56.19 -49.50
CA THR E 942 66.79 -55.06 -48.91
C THR E 942 67.13 -53.75 -49.64
N TRP E 943 68.35 -53.63 -50.15
CA TRP E 943 68.69 -52.49 -51.00
C TRP E 943 67.94 -52.57 -52.33
N ARG E 944 67.76 -53.77 -52.86
CA ARG E 944 66.91 -53.97 -54.02
C ARG E 944 65.49 -53.48 -53.75
N THR E 945 64.95 -53.86 -52.59
CA THR E 945 63.62 -53.40 -52.21
C THR E 945 63.57 -51.90 -52.06
N PHE E 946 64.63 -51.29 -51.50
CA PHE E 946 64.69 -49.84 -51.37
C PHE E 946 64.57 -49.17 -52.74
N THR E 947 65.39 -49.60 -53.69
CA THR E 947 65.36 -48.99 -55.02
C THR E 947 64.01 -49.20 -55.69
N GLY E 948 63.44 -50.40 -55.55
CA GLY E 948 62.12 -50.64 -56.13
C GLY E 948 61.04 -49.78 -55.51
N ASP E 949 61.11 -49.56 -54.19
CA ASP E 949 60.16 -48.67 -53.54
C ASP E 949 60.28 -47.26 -54.11
N PHE E 950 61.52 -46.81 -54.30
CA PHE E 950 61.73 -45.48 -54.86
C PHE E 950 61.13 -45.37 -56.26
N LEU E 951 61.33 -46.38 -57.10
CA LEU E 951 60.78 -46.33 -58.46
C LEU E 951 59.25 -46.37 -58.45
N ARG E 952 58.65 -47.14 -57.54
CA ARG E 952 57.20 -47.11 -57.41
C ARG E 952 56.72 -45.72 -57.02
N ARG E 953 57.42 -45.04 -56.12
CA ARG E 953 57.04 -43.68 -55.76
C ARG E 953 57.19 -42.75 -56.95
N VAL E 954 58.24 -42.93 -57.75
CA VAL E 954 58.40 -42.11 -58.95
C VAL E 954 57.17 -42.25 -59.83
N GLU E 955 56.76 -43.48 -60.10
CA GLU E 955 55.57 -43.72 -60.91
C GLU E 955 54.35 -43.04 -60.28
N GLU E 956 54.19 -43.14 -58.97
CA GLU E 956 53.03 -42.56 -58.32
C GLU E 956 53.04 -41.04 -58.48
N ARG E 957 54.21 -40.42 -58.33
CA ARG E 957 54.29 -38.97 -58.44
C ARG E 957 53.94 -38.50 -59.85
N PHE E 958 54.45 -39.18 -60.87
CA PHE E 958 54.34 -38.64 -62.22
C PHE E 958 53.24 -39.27 -63.06
N THR E 959 52.37 -40.07 -62.47
CA THR E 959 51.26 -40.66 -63.20
C THR E 959 50.00 -39.82 -63.01
N LYS E 960 49.17 -39.78 -64.04
CA LYS E 960 47.97 -38.96 -64.01
C LYS E 960 46.71 -39.72 -63.63
N SER E 961 46.71 -41.05 -63.66
CA SER E 961 45.53 -41.83 -63.33
C SER E 961 45.97 -43.21 -62.87
N LYS E 962 45.00 -43.99 -62.38
CA LYS E 962 45.23 -45.40 -62.07
C LYS E 962 45.93 -46.08 -63.21
N THR E 963 47.00 -46.81 -62.90
CA THR E 963 47.75 -47.51 -63.94
C THR E 963 48.42 -48.72 -63.32
N LEU E 964 48.82 -49.65 -64.17
CA LEU E 964 49.61 -50.79 -63.74
C LEU E 964 51.06 -50.37 -63.55
N SER E 965 51.64 -50.76 -62.43
CA SER E 965 53.05 -50.49 -62.18
C SER E 965 53.90 -51.16 -63.24
N LEU E 966 54.94 -50.44 -63.66
CA LEU E 966 55.91 -50.99 -64.60
C LEU E 966 56.95 -51.86 -63.91
N ILE E 967 57.04 -51.81 -62.59
CA ILE E 967 57.85 -52.76 -61.82
C ILE E 967 56.89 -53.68 -61.08
N GLN E 968 56.49 -54.77 -61.72
CA GLN E 968 55.54 -55.68 -61.10
C GLN E 968 56.19 -56.51 -60.00
N SER E 969 57.40 -56.99 -60.26
CA SER E 969 58.19 -57.70 -59.27
C SER E 969 59.56 -57.05 -59.20
N TYR E 970 60.07 -56.83 -57.99
CA TYR E 970 61.37 -56.21 -57.84
C TYR E 970 62.47 -57.10 -58.41
N SER E 971 62.18 -58.36 -58.69
CA SER E 971 63.15 -59.21 -59.36
C SER E 971 63.54 -58.66 -60.73
N LEU E 972 62.70 -57.81 -61.32
CA LEU E 972 63.07 -57.16 -62.57
C LEU E 972 64.28 -56.25 -62.40
N LEU E 973 64.60 -55.85 -61.17
CA LEU E 973 65.73 -54.97 -60.94
C LEU E 973 67.08 -55.69 -60.97
N ASP E 974 67.08 -56.99 -61.26
CA ASP E 974 68.35 -57.69 -61.45
C ASP E 974 69.09 -57.21 -62.69
N LYS E 975 68.45 -56.41 -63.54
CA LYS E 975 69.10 -55.65 -64.60
C LYS E 975 68.70 -54.19 -64.39
N PRO E 976 69.35 -53.49 -63.46
CA PRO E 976 68.82 -52.19 -63.04
C PRO E 976 68.73 -51.17 -64.15
N ASP E 977 69.68 -51.20 -65.09
CA ASP E 977 69.68 -50.21 -66.16
C ASP E 977 68.39 -50.26 -66.95
N GLU E 978 67.96 -51.46 -67.33
CA GLU E 978 66.75 -51.59 -68.15
C GLU E 978 65.51 -51.16 -67.38
N ALA E 979 65.43 -51.51 -66.10
CA ALA E 979 64.28 -51.11 -65.31
C ALA E 979 64.21 -49.59 -65.15
N ILE E 980 65.36 -48.96 -64.92
CA ILE E 980 65.39 -47.50 -64.82
C ILE E 980 64.97 -46.88 -66.15
N GLU E 981 65.50 -47.40 -67.26
CA GLU E 981 65.13 -46.88 -68.57
C GLU E 981 63.63 -47.01 -68.79
N LYS E 982 63.06 -48.16 -68.44
CA LYS E 982 61.62 -48.35 -68.60
C LYS E 982 60.85 -47.31 -67.79
N VAL E 983 61.19 -47.17 -66.50
CA VAL E 983 60.44 -46.28 -65.64
C VAL E 983 60.48 -44.85 -66.15
N PHE E 984 61.67 -44.39 -66.56
CA PHE E 984 61.81 -43.00 -66.95
C PHE E 984 61.50 -42.74 -68.41
N ASN E 985 61.32 -43.79 -69.22
CA ASN E 985 60.70 -43.61 -70.51
C ASN E 985 59.19 -43.49 -70.39
N ALA E 986 58.59 -44.18 -69.41
CA ALA E 986 57.17 -44.00 -69.18
C ALA E 986 56.85 -42.63 -68.59
N TYR E 987 57.75 -42.06 -67.80
CA TYR E 987 57.53 -40.79 -67.12
C TYR E 987 58.74 -39.89 -67.36
N PRO E 988 58.89 -39.41 -68.60
CA PRO E 988 60.08 -38.62 -68.93
C PRO E 988 60.24 -37.31 -68.15
N ALA E 989 59.14 -36.79 -67.60
CA ALA E 989 59.22 -35.54 -66.85
C ALA E 989 60.03 -35.69 -65.57
N ALA E 990 60.24 -36.92 -65.11
CA ALA E 990 61.02 -37.18 -63.90
C ALA E 990 62.51 -37.08 -64.14
N ARG E 991 62.95 -36.91 -65.37
CA ARG E 991 64.37 -36.80 -65.65
C ARG E 991 64.86 -35.36 -65.50
N GLU E 992 63.96 -34.40 -65.31
CA GLU E 992 64.36 -33.00 -65.26
C GLU E 992 63.54 -32.23 -64.23
N GLN E 993 63.10 -32.89 -63.17
CA GLN E 993 62.39 -32.22 -62.10
C GLN E 993 63.05 -32.66 -60.81
N PHE E 994 63.34 -31.71 -59.93
CA PHE E 994 63.92 -32.05 -58.65
C PHE E 994 62.90 -32.78 -57.83
N LEU E 995 63.37 -33.47 -56.81
CA LEU E 995 62.48 -34.20 -55.93
C LEU E 995 61.46 -33.26 -55.31
N ASN E 996 60.20 -33.66 -55.34
CA ASN E 996 59.20 -33.02 -54.51
C ASN E 996 59.65 -33.13 -53.06
N ALA E 997 59.45 -32.06 -52.29
CA ALA E 997 59.88 -32.05 -50.90
C ALA E 997 59.32 -33.25 -50.14
N GLN E 998 58.08 -33.63 -50.44
CA GLN E 998 57.50 -34.81 -49.81
C GLN E 998 58.29 -36.06 -50.11
N ASP E 999 58.79 -36.18 -51.33
CA ASP E 999 59.56 -37.36 -51.69
C ASP E 999 60.95 -37.34 -51.07
N ILE E 1000 61.51 -36.16 -50.82
CA ILE E 1000 62.71 -36.07 -49.99
C ILE E 1000 62.44 -36.66 -48.62
N ASP E 1001 61.34 -36.24 -48.00
CA ASP E 1001 61.01 -36.75 -46.68
C ASP E 1001 60.80 -38.26 -46.72
N HIS E 1002 60.13 -38.76 -47.76
CA HIS E 1002 59.91 -40.20 -47.89
C HIS E 1002 61.23 -40.95 -48.04
N PHE E 1003 62.13 -40.43 -48.88
CA PHE E 1003 63.44 -41.05 -49.06
C PHE E 1003 64.19 -41.14 -47.73
N LEU E 1004 64.24 -40.03 -47.00
CA LEU E 1004 64.97 -40.06 -45.73
C LEU E 1004 64.27 -40.94 -44.71
N SER E 1005 62.94 -41.02 -44.76
CA SER E 1005 62.22 -41.93 -43.88
C SER E 1005 62.64 -43.37 -44.14
N MET E 1006 62.69 -43.78 -45.40
CA MET E 1006 63.03 -45.16 -45.68
C MET E 1006 64.53 -45.41 -45.67
N CYS E 1007 65.34 -44.38 -45.50
CA CYS E 1007 66.73 -44.58 -45.09
C CYS E 1007 66.84 -44.99 -43.62
N GLN E 1008 65.77 -44.82 -42.85
CA GLN E 1008 65.74 -45.13 -41.42
C GLN E 1008 64.87 -46.34 -41.12
N ASN E 1009 64.75 -47.26 -42.06
CA ASN E 1009 63.88 -48.42 -41.90
C ASN E 1009 64.59 -49.48 -41.07
N PRO E 1010 64.07 -49.87 -39.91
CA PRO E 1010 64.80 -50.85 -39.07
C PRO E 1010 64.98 -52.20 -39.72
N MET E 1011 63.98 -52.69 -40.47
CA MET E 1011 64.04 -54.02 -41.09
C MET E 1011 64.69 -53.93 -42.46
N GLN E 1012 65.94 -53.49 -42.46
CA GLN E 1012 66.64 -53.17 -43.69
C GLN E 1012 68.11 -52.94 -43.36
N LYS E 1013 69.00 -53.48 -44.18
CA LYS E 1013 70.42 -53.23 -43.97
C LYS E 1013 70.70 -51.74 -44.13
N PRO E 1014 71.43 -51.12 -43.19
CA PRO E 1014 71.64 -49.67 -43.28
C PRO E 1014 72.23 -49.27 -44.63
N VAL E 1015 71.72 -48.16 -45.17
CA VAL E 1015 72.11 -47.73 -46.50
C VAL E 1015 73.59 -47.36 -46.51
N PRO E 1016 74.32 -47.64 -47.58
CA PRO E 1016 75.77 -47.38 -47.61
C PRO E 1016 76.15 -45.97 -48.04
N PHE E 1017 75.53 -44.96 -47.42
CA PHE E 1017 75.82 -43.58 -47.77
C PHE E 1017 75.23 -42.67 -46.71
N VAL E 1018 75.68 -41.41 -46.73
CA VAL E 1018 75.17 -40.38 -45.84
C VAL E 1018 74.17 -39.54 -46.64
N PRO E 1019 72.88 -39.56 -46.31
CA PRO E 1019 71.89 -38.86 -47.14
C PRO E 1019 71.57 -37.44 -46.72
N VAL E 1020 71.97 -37.01 -45.52
CA VAL E 1020 71.59 -35.71 -45.00
C VAL E 1020 72.52 -35.38 -43.84
N LEU E 1021 72.67 -34.09 -43.55
CA LEU E 1021 73.40 -33.62 -42.37
C LEU E 1021 72.40 -33.04 -41.39
N ASP E 1022 72.27 -33.67 -40.23
CA ASP E 1022 71.30 -33.25 -39.23
C ASP E 1022 71.72 -33.84 -37.88
N ARG E 1023 70.81 -33.83 -36.92
CA ARG E 1023 71.12 -34.31 -35.57
C ARG E 1023 71.54 -35.77 -35.54
N ARG E 1024 71.23 -36.56 -36.57
CA ARG E 1024 71.56 -37.97 -36.61
C ARG E 1024 72.76 -38.27 -37.51
N PHE E 1025 73.62 -37.28 -37.71
CA PHE E 1025 74.79 -37.49 -38.54
C PHE E 1025 75.73 -38.53 -37.93
N GLU E 1026 75.85 -38.56 -36.62
CA GLU E 1026 76.70 -39.57 -35.98
C GLU E 1026 76.20 -40.97 -36.27
N ILE E 1027 74.88 -41.18 -36.17
CA ILE E 1027 74.32 -42.49 -36.46
C ILE E 1027 74.54 -42.83 -37.93
N PHE E 1028 74.30 -41.89 -38.82
CA PHE E 1028 74.50 -42.17 -40.25
C PHE E 1028 75.96 -42.50 -40.54
N PHE E 1029 76.89 -41.82 -39.88
CA PHE E 1029 78.30 -41.97 -40.17
C PHE E 1029 78.86 -43.27 -39.60
N LYS E 1030 78.38 -43.70 -38.45
CA LYS E 1030 79.04 -44.79 -37.72
C LYS E 1030 78.36 -46.14 -37.88
N LYS E 1031 77.05 -46.19 -38.08
CA LYS E 1031 76.33 -47.45 -37.99
C LYS E 1031 76.80 -48.43 -39.06
N ASP E 1032 76.94 -49.69 -38.67
CA ASP E 1032 77.20 -50.80 -39.59
C ASP E 1032 78.48 -50.56 -40.38
N SER E 1033 79.59 -50.45 -39.65
CA SER E 1033 80.87 -50.03 -40.22
C SER E 1033 81.87 -51.17 -40.39
N LEU E 1034 81.52 -52.40 -40.02
CA LEU E 1034 82.50 -53.48 -39.95
C LEU E 1034 82.45 -54.45 -41.12
N TRP E 1035 81.35 -54.51 -41.87
CA TRP E 1035 81.25 -55.52 -42.92
C TRP E 1035 82.08 -55.16 -44.14
N GLN E 1036 82.37 -53.88 -44.35
CA GLN E 1036 83.02 -53.45 -45.58
C GLN E 1036 84.42 -54.03 -45.75
N SER E 1037 85.07 -54.46 -44.66
CA SER E 1037 86.43 -54.99 -44.77
C SER E 1037 86.45 -56.29 -45.56
N GLU E 1038 85.39 -57.09 -45.47
CA GLU E 1038 85.32 -58.38 -46.15
C GLU E 1038 84.61 -58.32 -47.48
N HIS E 1039 84.10 -57.16 -47.90
CA HIS E 1039 83.32 -57.04 -49.12
C HIS E 1039 83.72 -55.79 -49.90
N LEU E 1040 85.03 -55.64 -50.16
CA LEU E 1040 85.51 -54.44 -50.83
C LEU E 1040 84.85 -54.23 -52.19
N GLU E 1041 84.27 -55.28 -52.79
CA GLU E 1041 83.57 -55.10 -54.05
C GLU E 1041 82.35 -54.20 -53.92
N ALA E 1042 81.88 -53.95 -52.68
CA ALA E 1042 80.76 -53.06 -52.44
C ALA E 1042 81.20 -51.71 -51.89
N VAL E 1043 82.47 -51.36 -52.06
CA VAL E 1043 82.99 -50.06 -51.67
C VAL E 1043 83.26 -49.25 -52.93
N VAL E 1044 83.30 -47.93 -52.76
CA VAL E 1044 83.19 -47.03 -53.91
C VAL E 1044 84.23 -47.33 -54.97
N ASP E 1045 85.50 -47.40 -54.58
CA ASP E 1045 86.56 -47.73 -55.51
C ASP E 1045 87.22 -49.06 -55.16
N GLN E 1046 86.51 -49.94 -54.47
CA GLN E 1046 87.10 -51.14 -53.90
C GLN E 1046 88.28 -50.77 -53.02
N ASP E 1047 88.18 -49.60 -52.38
CA ASP E 1047 89.30 -48.97 -51.72
C ASP E 1047 89.31 -49.38 -50.25
N VAL E 1048 90.36 -50.10 -49.84
CA VAL E 1048 90.48 -50.52 -48.46
C VAL E 1048 90.70 -49.31 -47.56
N GLN E 1049 91.38 -48.27 -48.07
CA GLN E 1049 91.66 -47.10 -47.24
C GLN E 1049 90.40 -46.40 -46.78
N ARG E 1050 89.27 -46.66 -47.41
CA ARG E 1050 88.02 -46.09 -46.95
C ARG E 1050 87.38 -46.88 -45.81
N THR E 1051 87.83 -48.09 -45.55
CA THR E 1051 87.15 -49.01 -44.65
C THR E 1051 87.80 -49.01 -43.27
N CYS E 1052 87.10 -49.61 -42.31
CA CYS E 1052 87.58 -49.71 -40.94
C CYS E 1052 87.87 -51.17 -40.61
N ILE E 1053 89.11 -51.44 -40.19
CA ILE E 1053 89.58 -52.80 -39.92
C ILE E 1053 90.06 -52.83 -38.47
N LEU E 1054 89.40 -53.64 -37.66
CA LEU E 1054 89.78 -53.78 -36.25
C LEU E 1054 91.05 -54.60 -36.13
N HIS E 1055 92.02 -54.10 -35.37
CA HIS E 1055 93.28 -54.81 -35.20
C HIS E 1055 94.01 -54.29 -33.98
N GLY E 1056 94.66 -55.18 -33.24
CA GLY E 1056 95.37 -54.80 -32.03
C GLY E 1056 96.75 -54.27 -32.34
N PRO E 1057 97.18 -53.23 -31.60
CA PRO E 1057 98.49 -52.64 -31.88
C PRO E 1057 99.65 -53.58 -31.58
N VAL E 1058 99.63 -54.23 -30.41
CA VAL E 1058 100.74 -55.09 -30.04
C VAL E 1058 100.75 -56.35 -30.87
N ALA E 1059 99.58 -56.97 -31.07
CA ALA E 1059 99.51 -58.21 -31.84
C ALA E 1059 99.88 -58.00 -33.30
N ALA E 1060 99.84 -56.76 -33.78
CA ALA E 1060 100.19 -56.48 -35.17
C ALA E 1060 101.63 -56.84 -35.50
N GLN E 1061 102.51 -56.74 -34.52
CA GLN E 1061 103.93 -57.04 -34.74
C GLN E 1061 104.18 -58.45 -35.30
N PHE E 1062 103.34 -59.42 -34.98
CA PHE E 1062 103.55 -60.80 -35.41
C PHE E 1062 102.72 -61.20 -36.61
N THR E 1063 101.89 -60.28 -37.12
CA THR E 1063 101.01 -60.56 -38.24
C THR E 1063 101.67 -60.05 -39.50
N LYS E 1064 102.19 -60.95 -40.32
CA LYS E 1064 102.92 -60.56 -41.50
C LYS E 1064 102.64 -61.47 -42.68
N VAL E 1065 102.69 -62.79 -42.45
CA VAL E 1065 102.53 -63.71 -43.57
C VAL E 1065 101.06 -63.77 -43.95
N ILE E 1066 100.77 -63.52 -45.21
CA ILE E 1066 99.40 -63.43 -45.70
C ILE E 1066 98.92 -64.79 -46.18
N ASP E 1067 97.67 -65.11 -45.88
CA ASP E 1067 97.02 -66.34 -46.33
C ASP E 1067 97.81 -67.57 -45.90
N GLU E 1068 98.32 -67.54 -44.69
CA GLU E 1068 98.81 -68.73 -44.03
C GLU E 1068 97.61 -69.50 -43.47
N PRO E 1069 97.45 -70.79 -43.77
CA PRO E 1069 96.29 -71.52 -43.25
C PRO E 1069 96.26 -71.49 -41.73
N ILE E 1070 95.04 -71.45 -41.18
CA ILE E 1070 94.89 -71.36 -39.73
C ILE E 1070 95.50 -72.58 -39.06
N LYS E 1071 95.35 -73.75 -39.69
CA LYS E 1071 96.02 -74.94 -39.22
C LYS E 1071 97.50 -74.69 -39.00
N SER E 1072 98.15 -74.06 -39.99
CA SER E 1072 99.58 -73.80 -39.88
C SER E 1072 99.90 -72.86 -38.73
N ILE E 1073 99.12 -71.80 -38.57
CA ILE E 1073 99.40 -70.81 -37.52
C ILE E 1073 99.29 -71.46 -36.13
N MET E 1074 98.16 -72.12 -35.89
CA MET E 1074 97.95 -72.73 -34.58
C MET E 1074 98.93 -73.86 -34.33
N ASP E 1075 99.22 -74.67 -35.35
CA ASP E 1075 100.19 -75.74 -35.19
C ASP E 1075 101.57 -75.21 -34.92
N GLY E 1076 101.93 -74.09 -35.55
CA GLY E 1076 103.23 -73.49 -35.28
C GLY E 1076 103.35 -73.03 -33.84
N ILE E 1077 102.30 -72.38 -33.32
CA ILE E 1077 102.33 -71.96 -31.92
C ILE E 1077 102.45 -73.18 -31.00
N HIS E 1078 101.60 -74.18 -31.22
CA HIS E 1078 101.58 -75.34 -30.34
C HIS E 1078 102.88 -76.13 -30.42
N ASP E 1079 103.46 -76.27 -31.61
CA ASP E 1079 104.72 -76.98 -31.76
C ASP E 1079 105.87 -76.21 -31.15
N GLY E 1080 105.84 -74.88 -31.22
CA GLY E 1080 106.84 -74.11 -30.51
C GLY E 1080 106.77 -74.36 -29.02
N HIS E 1081 105.56 -74.36 -28.46
CA HIS E 1081 105.41 -74.66 -27.05
C HIS E 1081 105.90 -76.06 -26.72
N ILE E 1082 105.58 -77.03 -27.58
CA ILE E 1082 106.00 -78.40 -27.35
C ILE E 1082 107.51 -78.52 -27.35
N LYS E 1083 108.17 -77.90 -28.32
CA LYS E 1083 109.62 -78.02 -28.43
C LYS E 1083 110.32 -77.33 -27.26
N LYS E 1084 109.86 -76.14 -26.89
CA LYS E 1084 110.46 -75.47 -25.75
C LYS E 1084 110.26 -76.27 -24.46
N LEU E 1085 109.05 -76.81 -24.26
CA LEU E 1085 108.80 -77.62 -23.08
C LEU E 1085 109.68 -78.86 -23.08
N LEU E 1086 109.83 -79.50 -24.24
CA LEU E 1086 110.68 -80.69 -24.32
C LEU E 1086 112.10 -80.36 -23.91
N HIS E 1087 112.69 -79.36 -24.55
CA HIS E 1087 114.06 -78.99 -24.22
C HIS E 1087 114.22 -78.61 -22.76
N GLN E 1088 113.21 -77.97 -22.17
CA GLN E 1088 113.35 -77.46 -20.82
C GLN E 1088 113.14 -78.53 -19.75
N TYR E 1089 112.02 -79.25 -19.83
CA TYR E 1089 111.58 -80.12 -18.74
C TYR E 1089 111.64 -81.60 -19.08
N TYR E 1090 111.96 -81.99 -20.31
CA TYR E 1090 111.97 -83.41 -20.68
C TYR E 1090 113.29 -83.84 -21.30
N GLY E 1091 114.33 -83.01 -21.22
CA GLY E 1091 115.63 -83.39 -21.73
C GLY E 1091 115.64 -83.69 -23.22
N ASP E 1092 114.75 -83.06 -23.98
CA ASP E 1092 114.71 -83.23 -25.43
C ASP E 1092 114.48 -84.69 -25.81
N ASP E 1093 113.75 -85.41 -24.95
CA ASP E 1093 113.46 -86.83 -25.16
C ASP E 1093 111.96 -87.03 -25.14
N GLU E 1094 111.41 -87.53 -26.24
CA GLU E 1094 109.97 -87.77 -26.31
C GLU E 1094 109.57 -88.98 -25.47
N SER E 1095 110.48 -89.92 -25.26
CA SER E 1095 110.16 -91.10 -24.47
C SER E 1095 109.80 -90.74 -23.04
N LYS E 1096 110.18 -89.55 -22.58
CA LYS E 1096 109.83 -89.11 -21.22
C LYS E 1096 108.38 -88.70 -21.11
N ILE E 1097 107.69 -88.47 -22.22
CA ILE E 1097 106.32 -87.96 -22.18
C ILE E 1097 105.38 -89.10 -21.81
N PRO E 1098 104.58 -88.96 -20.75
CA PRO E 1098 103.62 -90.02 -20.42
C PRO E 1098 102.56 -90.19 -21.50
N ALA E 1099 102.04 -91.41 -21.59
CA ALA E 1099 101.08 -91.78 -22.63
C ALA E 1099 99.77 -92.22 -21.99
N VAL E 1100 98.66 -91.79 -22.60
CA VAL E 1100 97.33 -92.20 -22.19
C VAL E 1100 96.58 -92.70 -23.42
N GLU E 1101 95.48 -93.42 -23.16
CA GLU E 1101 94.63 -93.86 -24.26
C GLU E 1101 94.01 -92.68 -24.97
N TYR E 1102 93.49 -91.71 -24.23
CA TYR E 1102 92.96 -90.49 -24.83
C TYR E 1102 93.19 -89.32 -23.87
N PHE E 1103 93.18 -88.13 -24.43
CA PHE E 1103 93.46 -86.90 -23.70
C PHE E 1103 92.19 -86.05 -23.68
N GLY E 1104 91.64 -85.84 -22.49
CA GLY E 1104 90.48 -84.98 -22.36
C GLY E 1104 89.39 -85.53 -21.46
N GLY E 1105 88.40 -84.70 -21.18
CA GLY E 1105 87.27 -85.10 -20.37
C GLY E 1105 87.44 -84.94 -18.88
N GLU E 1106 88.55 -84.36 -18.42
CA GLU E 1106 88.84 -84.24 -17.00
C GLU E 1106 88.39 -82.87 -16.48
N SER E 1107 87.63 -82.88 -15.40
CA SER E 1107 87.13 -81.64 -14.83
C SER E 1107 88.25 -80.89 -14.12
N PRO E 1108 88.28 -79.55 -14.21
CA PRO E 1108 89.35 -78.81 -13.54
C PRO E 1108 89.34 -78.95 -12.03
N VAL E 1109 88.19 -79.27 -11.46
CA VAL E 1109 88.07 -79.39 -10.01
C VAL E 1109 88.48 -80.78 -9.54
N ASP E 1123 91.59 -107.40 -10.51
CA ASP E 1123 91.05 -107.79 -11.81
C ASP E 1123 89.60 -108.26 -11.67
N SER E 1124 89.24 -108.72 -10.48
CA SER E 1124 87.88 -109.14 -10.16
C SER E 1124 87.38 -108.34 -8.97
N ALA E 1125 86.13 -107.89 -9.04
CA ALA E 1125 85.54 -107.12 -7.96
C ALA E 1125 84.02 -107.17 -8.08
N VAL E 1126 83.35 -106.96 -6.96
CA VAL E 1126 81.90 -106.84 -6.92
C VAL E 1126 81.56 -105.58 -6.15
N PHE E 1127 80.71 -104.73 -6.74
CA PHE E 1127 80.23 -103.52 -6.12
C PHE E 1127 78.73 -103.62 -5.91
N LYS E 1128 78.25 -103.02 -4.82
CA LYS E 1128 76.84 -103.09 -4.45
C LYS E 1128 76.35 -101.70 -4.12
N ALA E 1129 75.12 -101.41 -4.52
CA ALA E 1129 74.52 -100.10 -4.35
C ALA E 1129 73.52 -100.12 -3.20
N THR E 1130 73.31 -98.94 -2.61
CA THR E 1130 72.30 -98.76 -1.58
C THR E 1130 71.46 -97.54 -1.92
N SER E 1131 70.63 -97.09 -0.99
CA SER E 1131 69.86 -95.88 -1.19
C SER E 1131 70.66 -94.61 -0.90
N SER E 1132 71.91 -94.75 -0.46
CA SER E 1132 72.76 -93.61 -0.16
C SER E 1132 74.10 -93.65 -0.87
N THR E 1133 74.35 -94.63 -1.73
CA THR E 1133 75.62 -94.69 -2.45
C THR E 1133 75.83 -93.40 -3.22
N ASP E 1134 76.98 -92.77 -3.02
CA ASP E 1134 77.29 -91.56 -3.77
C ASP E 1134 77.50 -91.90 -5.23
N GLU E 1135 76.78 -91.19 -6.10
CA GLU E 1135 76.82 -91.49 -7.53
C GLU E 1135 78.24 -91.34 -8.08
N GLU E 1136 78.93 -90.26 -7.72
CA GLU E 1136 80.25 -89.99 -8.27
C GLU E 1136 81.24 -91.09 -7.90
N SER E 1137 81.28 -91.47 -6.62
CA SER E 1137 82.18 -92.52 -6.20
C SER E 1137 81.81 -93.85 -6.85
N TRP E 1138 80.51 -94.12 -6.99
CA TRP E 1138 80.06 -95.33 -7.67
C TRP E 1138 80.61 -95.39 -9.08
N PHE E 1139 80.47 -94.31 -9.84
CA PHE E 1139 80.95 -94.30 -11.21
C PHE E 1139 82.46 -94.32 -11.28
N LYS E 1140 83.15 -93.67 -10.33
CA LYS E 1140 84.60 -93.72 -10.29
C LYS E 1140 85.09 -95.14 -10.08
N ALA E 1141 84.48 -95.86 -9.15
CA ALA E 1141 84.86 -97.26 -8.95
C ALA E 1141 84.57 -98.10 -10.18
N LEU E 1142 83.42 -97.86 -10.82
CA LEU E 1142 83.11 -98.63 -12.03
C LEU E 1142 84.12 -98.34 -13.13
N ALA E 1143 84.52 -97.09 -13.29
CA ALA E 1143 85.44 -96.73 -14.37
C ALA E 1143 86.81 -97.37 -14.17
N GLY E 1144 87.30 -97.38 -12.93
CA GLY E 1144 88.66 -97.78 -12.68
C GLY E 1144 89.60 -96.61 -12.63
N SER E 1145 90.90 -96.92 -12.68
CA SER E 1145 91.96 -95.92 -12.63
C SER E 1145 92.63 -95.70 -13.98
N GLU E 1146 92.88 -96.77 -14.73
CA GLU E 1146 93.49 -96.62 -16.05
C GLU E 1146 92.52 -95.95 -17.01
N ILE E 1147 93.07 -95.12 -17.89
CA ILE E 1147 92.28 -94.46 -18.93
C ILE E 1147 92.13 -95.44 -20.09
N ASN E 1148 90.89 -95.83 -20.37
CA ASN E 1148 90.60 -96.80 -21.42
C ASN E 1148 89.12 -96.70 -21.76
N TRP E 1149 88.62 -97.68 -22.53
CA TRP E 1149 87.23 -97.64 -22.95
C TRP E 1149 86.28 -97.64 -21.76
N ARG E 1150 86.61 -98.41 -20.72
CA ARG E 1150 85.76 -98.45 -19.53
C ARG E 1150 85.73 -97.11 -18.82
N HIS E 1151 86.90 -96.46 -18.71
CA HIS E 1151 86.97 -95.13 -18.12
C HIS E 1151 86.01 -94.18 -18.83
N ALA E 1152 86.11 -94.11 -20.15
CA ALA E 1152 85.25 -93.23 -20.92
C ALA E 1152 83.78 -93.62 -20.76
N SER E 1153 83.49 -94.92 -20.80
CA SER E 1153 82.11 -95.37 -20.76
C SER E 1153 81.45 -94.96 -19.46
N PHE E 1154 82.16 -95.04 -18.34
CA PHE E 1154 81.55 -94.74 -17.05
C PHE E 1154 81.77 -93.30 -16.58
N LEU E 1155 82.59 -92.51 -17.27
CA LEU E 1155 82.83 -91.14 -16.84
C LEU E 1155 82.47 -90.07 -17.86
N CYS E 1156 82.49 -90.38 -19.16
CA CYS E 1156 82.12 -89.38 -20.15
C CYS E 1156 80.70 -88.91 -19.92
N SER E 1157 80.50 -87.59 -19.94
CA SER E 1157 79.17 -87.05 -19.69
C SER E 1157 78.25 -87.23 -20.89
N PHE E 1158 78.78 -87.02 -22.09
CA PHE E 1158 78.02 -87.15 -23.32
C PHE E 1158 78.61 -88.24 -24.20
N ILE E 1159 77.77 -88.75 -25.09
CA ILE E 1159 78.22 -89.59 -26.19
C ILE E 1159 77.78 -88.91 -27.49
N THR E 1160 78.46 -89.27 -28.57
CA THR E 1160 78.27 -88.64 -29.86
C THR E 1160 77.31 -89.47 -30.69
N GLN E 1161 76.19 -88.89 -31.13
CA GLN E 1161 75.31 -89.60 -32.03
C GLN E 1161 75.91 -89.45 -33.42
N ASP E 1162 75.11 -89.19 -34.45
CA ASP E 1162 75.68 -88.95 -35.77
C ASP E 1162 76.59 -87.75 -35.69
N LYS E 1163 76.01 -86.59 -35.38
CA LYS E 1163 76.81 -85.38 -35.19
C LYS E 1163 76.38 -84.63 -33.94
N MET E 1164 75.52 -85.22 -33.11
CA MET E 1164 74.93 -84.55 -31.97
C MET E 1164 75.49 -85.14 -30.68
N PHE E 1165 75.19 -84.47 -29.57
CA PHE E 1165 75.66 -84.85 -28.26
C PHE E 1165 74.48 -85.16 -27.37
N VAL E 1166 74.47 -86.36 -26.78
CA VAL E 1166 73.39 -86.81 -25.94
C VAL E 1166 73.99 -87.41 -24.68
N SER E 1167 73.18 -87.48 -23.63
CA SER E 1167 73.65 -88.00 -22.36
C SER E 1167 74.17 -89.42 -22.54
N ASN E 1168 75.24 -89.73 -21.83
CA ASN E 1168 75.86 -91.04 -21.92
C ASN E 1168 74.86 -92.11 -21.45
N PRO E 1169 74.36 -92.96 -22.34
CA PRO E 1169 73.39 -93.98 -21.91
C PRO E 1169 73.94 -94.94 -20.87
N ILE E 1170 75.24 -95.25 -20.94
CA ILE E 1170 75.82 -96.23 -20.03
C ILE E 1170 75.71 -95.74 -18.60
N ARG E 1171 75.99 -94.46 -18.36
CA ARG E 1171 75.91 -93.93 -17.01
C ARG E 1171 74.50 -94.00 -16.46
N LYS E 1172 73.49 -93.70 -17.29
CA LYS E 1172 72.12 -93.75 -16.80
C LYS E 1172 71.65 -95.18 -16.57
N VAL E 1173 72.13 -96.14 -17.37
CA VAL E 1173 71.77 -97.52 -17.15
C VAL E 1173 72.34 -98.04 -15.83
N PHE E 1174 73.53 -97.57 -15.44
CA PHE E 1174 74.21 -98.04 -14.24
C PHE E 1174 73.98 -97.14 -13.04
N LYS E 1175 73.09 -96.16 -13.14
CA LYS E 1175 72.86 -95.25 -12.03
C LYS E 1175 72.52 -96.03 -10.76
N PRO E 1176 73.25 -95.81 -9.66
CA PRO E 1176 73.12 -96.73 -8.52
C PRO E 1176 71.76 -96.64 -7.84
N SER E 1177 71.24 -97.80 -7.46
CA SER E 1177 70.01 -97.89 -6.69
C SER E 1177 70.03 -99.19 -5.91
N GLN E 1178 69.17 -99.27 -4.90
CA GLN E 1178 69.17 -100.43 -4.02
C GLN E 1178 68.94 -101.71 -4.81
N GLY E 1179 69.77 -102.73 -4.55
CA GLY E 1179 69.64 -104.03 -5.17
C GLY E 1179 70.54 -104.26 -6.37
N MET E 1180 71.13 -103.21 -6.93
CA MET E 1180 72.00 -103.38 -8.09
C MET E 1180 73.36 -103.91 -7.65
N VAL E 1181 73.83 -104.95 -8.33
CA VAL E 1181 75.12 -105.57 -8.04
C VAL E 1181 75.94 -105.58 -9.32
N VAL E 1182 77.07 -104.87 -9.31
CA VAL E 1182 77.93 -104.78 -10.49
C VAL E 1182 79.14 -105.66 -10.25
N GLU E 1183 79.36 -106.60 -11.16
CA GLU E 1183 80.49 -107.53 -11.09
C GLU E 1183 81.46 -107.18 -12.21
N ILE E 1184 82.69 -106.85 -11.84
CA ILE E 1184 83.76 -106.54 -12.79
C ILE E 1184 84.70 -107.72 -12.83
N SER E 1185 85.02 -108.17 -14.03
CA SER E 1185 85.98 -109.25 -14.23
C SER E 1185 87.07 -108.78 -15.18
N ASN E 1186 88.29 -109.26 -14.94
CA ASN E 1186 89.44 -108.92 -15.76
C ASN E 1186 89.63 -107.40 -15.82
N GLY E 1187 89.64 -106.78 -14.63
CA GLY E 1187 89.79 -105.34 -14.57
C GLY E 1187 91.10 -104.85 -15.16
N ASN E 1188 92.18 -105.61 -14.96
CA ASN E 1188 93.50 -105.09 -15.35
C ASN E 1188 93.68 -105.10 -16.87
N THR E 1189 93.26 -106.16 -17.54
CA THR E 1189 93.41 -106.27 -19.00
C THR E 1189 92.16 -105.70 -19.65
N SER E 1190 92.23 -104.43 -20.07
CA SER E 1190 91.04 -103.75 -20.58
C SER E 1190 90.46 -104.45 -21.80
N SER E 1191 91.32 -105.06 -22.62
CA SER E 1191 90.85 -105.70 -23.85
C SER E 1191 89.86 -106.81 -23.56
N LYS E 1192 89.85 -107.36 -22.35
CA LYS E 1192 88.99 -108.47 -21.99
C LYS E 1192 88.12 -108.18 -20.76
N THR E 1193 88.16 -106.97 -20.23
CA THR E 1193 87.32 -106.63 -19.10
C THR E 1193 85.84 -106.76 -19.49
N VAL E 1194 85.05 -107.32 -18.59
CA VAL E 1194 83.62 -107.45 -18.77
C VAL E 1194 82.94 -106.95 -17.51
N VAL E 1195 82.03 -105.99 -17.65
CA VAL E 1195 81.26 -105.45 -16.55
C VAL E 1195 79.86 -106.02 -16.64
N THR E 1196 79.44 -106.72 -15.59
CA THR E 1196 78.14 -107.37 -15.53
C THR E 1196 77.33 -106.74 -14.42
N LEU E 1197 76.14 -106.25 -14.78
CA LEU E 1197 75.19 -105.71 -13.81
C LEU E 1197 74.09 -106.74 -13.59
N SER E 1198 73.80 -107.02 -12.33
CA SER E 1198 72.72 -107.92 -11.96
C SER E 1198 71.78 -107.19 -11.02
N GLU E 1199 70.48 -107.40 -11.22
CA GLU E 1199 69.44 -106.76 -10.43
C GLU E 1199 68.46 -107.81 -9.95
N PRO E 1200 67.72 -107.53 -8.89
CA PRO E 1200 66.66 -108.45 -8.47
C PRO E 1200 65.53 -108.48 -9.48
N VAL E 1201 65.36 -109.61 -10.16
CA VAL E 1201 64.22 -109.83 -11.04
C VAL E 1201 63.44 -111.01 -10.48
N GLN E 1202 62.15 -110.82 -10.25
CA GLN E 1202 61.28 -111.90 -9.80
C GLN E 1202 61.79 -112.51 -8.50
N GLY E 1203 62.32 -111.66 -7.63
CA GLY E 1203 62.91 -112.11 -6.39
C GLY E 1203 64.40 -112.37 -6.49
N GLU E 1204 64.81 -113.26 -7.39
CA GLU E 1204 66.20 -113.65 -7.51
C GLU E 1204 66.99 -112.61 -8.32
N LEU E 1205 68.31 -112.79 -8.33
CA LEU E 1205 69.23 -111.86 -8.97
C LEU E 1205 69.71 -112.47 -10.28
N LYS E 1206 69.65 -111.71 -11.36
CA LYS E 1206 70.01 -112.18 -12.69
C LYS E 1206 70.76 -111.09 -13.43
N PRO E 1207 71.56 -111.45 -14.44
CA PRO E 1207 72.27 -110.44 -15.23
C PRO E 1207 71.34 -109.63 -16.10
N THR E 1208 71.22 -108.32 -15.84
CA THR E 1208 70.39 -107.46 -16.66
C THR E 1208 71.18 -106.77 -17.76
N VAL E 1209 72.41 -106.34 -17.47
CA VAL E 1209 73.23 -105.60 -18.42
C VAL E 1209 74.65 -106.12 -18.37
N ILE E 1210 75.27 -106.26 -19.54
CA ILE E 1210 76.66 -106.64 -19.66
C ILE E 1210 77.36 -105.60 -20.51
N LEU E 1211 78.66 -105.41 -20.26
CA LEU E 1211 79.44 -104.40 -20.98
C LEU E 1211 80.83 -104.96 -21.24
N LYS E 1212 81.22 -104.99 -22.52
CA LYS E 1212 82.48 -105.59 -22.92
C LYS E 1212 82.95 -104.89 -24.20
N LEU E 1213 83.95 -105.47 -24.85
CA LEU E 1213 84.49 -104.97 -26.12
C LEU E 1213 84.20 -105.99 -27.22
N LEU E 1214 83.12 -105.78 -27.96
CA LEU E 1214 82.79 -106.70 -29.04
C LEU E 1214 83.85 -106.67 -30.14
N LYS E 1215 84.68 -105.64 -30.16
CA LYS E 1215 85.82 -105.55 -31.05
C LYS E 1215 86.92 -104.78 -30.35
N GLU E 1216 87.94 -104.40 -31.12
CA GLU E 1216 89.01 -103.58 -30.59
C GLU E 1216 88.59 -102.12 -30.44
N ASN E 1217 87.57 -101.70 -31.18
CA ASN E 1217 87.11 -100.33 -31.18
C ASN E 1217 85.62 -100.20 -30.90
N ILE E 1218 84.91 -101.31 -30.74
CA ILE E 1218 83.46 -101.30 -30.57
C ILE E 1218 83.14 -101.79 -29.17
N ILE E 1219 82.36 -101.00 -28.44
CA ILE E 1219 81.83 -101.38 -27.13
C ILE E 1219 80.42 -101.90 -27.34
N GLN E 1220 80.13 -103.09 -26.79
CA GLN E 1220 78.79 -103.67 -26.84
C GLN E 1220 78.19 -103.62 -25.44
N MET E 1221 77.02 -103.01 -25.33
CA MET E 1221 76.22 -103.04 -24.10
C MET E 1221 74.99 -103.89 -24.40
N GLU E 1222 74.99 -105.12 -23.89
CA GLU E 1222 73.90 -106.07 -24.13
C GLU E 1222 72.90 -105.91 -23.00
N MET E 1223 71.77 -105.26 -23.30
CA MET E 1223 70.70 -105.08 -22.35
C MET E 1223 69.77 -106.29 -22.42
N ILE E 1224 69.55 -106.94 -21.29
CA ILE E 1224 68.90 -108.23 -21.23
C ILE E 1224 67.53 -108.06 -20.59
N GLU E 1225 66.51 -108.61 -21.24
CA GLU E 1225 65.18 -108.73 -20.65
C GLU E 1225 64.97 -110.19 -20.29
N ASN E 1226 64.67 -110.44 -19.02
CA ASN E 1226 64.53 -111.81 -18.53
C ASN E 1226 63.09 -112.29 -18.56
N ARG E 1227 62.12 -111.39 -18.43
CA ARG E 1227 60.71 -111.78 -18.42
C ARG E 1227 60.23 -111.90 -19.87
N THR E 1228 60.62 -113.00 -20.49
CA THR E 1228 60.25 -113.29 -21.87
C THR E 1228 59.08 -114.27 -21.89
N MET E 1229 58.64 -114.60 -23.10
CA MET E 1229 57.50 -115.50 -23.23
C MET E 1229 57.92 -116.94 -22.99
N ASP E 1230 59.12 -117.32 -23.45
CA ASP E 1230 59.59 -118.68 -23.31
C ASP E 1230 60.34 -118.91 -22.00
N GLY E 1231 60.77 -117.83 -21.34
CA GLY E 1231 61.61 -117.90 -20.18
C GLY E 1231 63.08 -117.73 -20.49
N LYS E 1232 63.49 -118.03 -21.72
CA LYS E 1232 64.84 -117.71 -22.15
C LYS E 1232 65.01 -116.20 -22.23
N PRO E 1233 66.12 -115.66 -21.71
CA PRO E 1233 66.33 -114.22 -21.81
C PRO E 1233 66.59 -113.77 -23.25
N VAL E 1234 66.25 -112.52 -23.52
CA VAL E 1234 66.49 -111.89 -24.82
C VAL E 1234 67.37 -110.67 -24.60
N SER E 1235 68.38 -110.51 -25.45
CA SER E 1235 69.37 -109.46 -25.31
C SER E 1235 69.27 -108.48 -26.47
N LEU E 1236 69.32 -107.19 -26.15
CA LEU E 1236 69.39 -106.13 -27.14
C LEU E 1236 70.82 -105.60 -27.16
N PRO E 1237 71.64 -105.95 -28.14
CA PRO E 1237 73.02 -105.45 -28.17
C PRO E 1237 73.07 -104.02 -28.68
N LEU E 1238 73.50 -103.10 -27.83
CA LEU E 1238 73.76 -101.73 -28.23
C LEU E 1238 75.24 -101.57 -28.50
N LEU E 1239 75.58 -101.09 -29.69
CA LEU E 1239 76.97 -100.99 -30.13
C LEU E 1239 77.42 -99.53 -30.13
N TYR E 1240 78.65 -99.31 -29.69
CA TYR E 1240 79.24 -97.99 -29.66
C TYR E 1240 80.64 -98.05 -30.24
N ASN E 1241 81.08 -96.93 -30.81
CA ASN E 1241 82.43 -96.77 -31.29
C ASN E 1241 83.25 -96.06 -30.22
N PHE E 1242 84.45 -96.57 -29.96
CA PHE E 1242 85.39 -95.93 -29.04
C PHE E 1242 86.53 -95.36 -29.87
N ASN E 1243 86.64 -94.04 -29.91
CA ASN E 1243 87.67 -93.36 -30.69
C ASN E 1243 88.60 -92.60 -29.76
N PRO E 1244 89.76 -93.14 -29.43
CA PRO E 1244 90.67 -92.43 -28.50
C PRO E 1244 91.20 -91.13 -29.07
N ASP E 1245 91.14 -90.92 -30.39
CA ASP E 1245 91.61 -89.67 -30.96
C ASP E 1245 90.78 -88.49 -30.47
N ASN E 1246 89.46 -88.66 -30.39
CA ASN E 1246 88.59 -87.61 -29.87
C ASN E 1246 88.47 -87.80 -28.36
N GLY E 1247 89.31 -87.09 -27.62
CA GLY E 1247 89.34 -87.25 -26.18
C GLY E 1247 88.20 -86.58 -25.45
N PHE E 1248 87.57 -85.57 -26.06
CA PHE E 1248 86.44 -84.92 -25.42
C PHE E 1248 85.19 -85.79 -25.49
N ALA E 1249 85.07 -86.61 -26.53
CA ALA E 1249 83.93 -87.50 -26.72
C ALA E 1249 84.40 -88.72 -27.50
N PRO E 1250 85.10 -89.64 -26.84
CA PRO E 1250 85.64 -90.81 -27.55
C PRO E 1250 84.60 -91.84 -27.92
N ILE E 1251 83.39 -91.76 -27.37
CA ILE E 1251 82.37 -92.80 -27.54
C ILE E 1251 81.24 -92.25 -28.40
N SER E 1252 80.93 -92.94 -29.48
CA SER E 1252 79.80 -92.54 -30.30
C SER E 1252 78.91 -93.75 -30.46
N GLU E 1253 77.67 -93.54 -30.86
CA GLU E 1253 76.75 -94.65 -31.03
C GLU E 1253 76.72 -95.14 -32.46
N VAL E 1254 76.67 -96.44 -32.63
CA VAL E 1254 76.58 -97.02 -33.98
C VAL E 1254 75.11 -97.00 -34.38
N MET E 1255 74.76 -96.14 -35.33
CA MET E 1255 73.36 -95.99 -35.68
C MET E 1255 72.85 -96.96 -36.72
N GLU E 1256 73.73 -97.45 -37.59
CA GLU E 1256 73.27 -98.33 -38.67
C GLU E 1256 72.70 -99.62 -38.09
N ASP E 1257 71.41 -99.84 -38.33
CA ASP E 1257 70.65 -101.04 -37.94
C ASP E 1257 70.20 -100.97 -36.48
N ARG E 1258 70.35 -99.83 -35.80
CA ARG E 1258 69.89 -99.74 -34.43
C ARG E 1258 68.40 -100.02 -34.35
N ASN E 1259 67.63 -99.44 -35.26
CA ASN E 1259 66.19 -99.69 -35.30
C ASN E 1259 65.92 -101.16 -35.58
N GLN E 1260 66.70 -101.78 -36.47
CA GLN E 1260 66.50 -103.19 -36.77
C GLN E 1260 66.80 -104.06 -35.54
N ARG E 1261 67.86 -103.74 -34.80
CA ARG E 1261 68.16 -104.52 -33.59
C ARG E 1261 67.05 -104.37 -32.56
N ILE E 1262 66.57 -103.15 -32.34
CA ILE E 1262 65.48 -102.95 -31.40
C ILE E 1262 64.24 -103.71 -31.83
N LYS E 1263 63.93 -103.67 -33.14
CA LYS E 1263 62.77 -104.39 -33.64
C LYS E 1263 62.94 -105.89 -33.50
N GLU E 1264 64.16 -106.40 -33.67
CA GLU E 1264 64.38 -107.82 -33.49
C GLU E 1264 64.12 -108.23 -32.04
N MET E 1265 64.60 -107.43 -31.09
CA MET E 1265 64.31 -107.71 -29.69
C MET E 1265 62.81 -107.71 -29.44
N TYR E 1266 62.11 -106.67 -29.90
CA TYR E 1266 60.68 -106.59 -29.62
C TYR E 1266 59.90 -107.68 -30.34
N TRP E 1267 60.38 -108.11 -31.51
CA TRP E 1267 59.76 -109.23 -32.20
C TRP E 1267 59.89 -110.52 -31.40
N LYS E 1268 61.07 -110.76 -30.83
CA LYS E 1268 61.22 -111.91 -29.94
C LYS E 1268 60.27 -111.80 -28.75
N LEU E 1269 60.13 -110.59 -28.21
CA LEU E 1269 59.29 -110.42 -27.02
C LEU E 1269 57.81 -110.60 -27.32
N TRP E 1270 57.34 -110.11 -28.47
CA TRP E 1270 55.93 -109.94 -28.73
C TRP E 1270 55.34 -110.98 -29.68
N ILE E 1271 56.05 -111.27 -30.77
CA ILE E 1271 55.51 -112.08 -31.86
C ILE E 1271 56.24 -113.42 -31.88
N ASP E 1272 55.47 -114.51 -31.89
CA ASP E 1272 56.03 -115.87 -31.86
C ASP E 1272 56.12 -116.47 -33.25
N GLU E 1273 56.44 -115.65 -34.24
CA GLU E 1273 56.64 -116.08 -35.62
C GLU E 1273 58.08 -115.79 -36.03
N PRO E 1274 58.55 -116.40 -37.12
CA PRO E 1274 59.93 -116.12 -37.55
C PRO E 1274 60.13 -114.65 -37.83
N PHE E 1275 61.30 -114.14 -37.46
CA PHE E 1275 61.61 -112.73 -37.66
C PHE E 1275 61.64 -112.43 -39.15
N ASN E 1276 60.83 -111.47 -39.58
CA ASN E 1276 60.84 -111.03 -40.97
C ASN E 1276 60.17 -109.66 -41.04
N LEU E 1277 60.96 -108.63 -41.36
CA LEU E 1277 60.45 -107.27 -41.37
C LEU E 1277 60.03 -106.80 -42.75
N ASP E 1278 60.25 -107.59 -43.80
CA ASP E 1278 60.00 -107.16 -45.18
C ASP E 1278 58.63 -107.68 -45.62
N PHE E 1279 57.59 -107.04 -45.12
CA PHE E 1279 56.22 -107.28 -45.57
C PHE E 1279 55.52 -105.95 -45.74
N ASP E 1280 54.48 -105.95 -46.57
CA ASP E 1280 53.86 -104.71 -47.02
C ASP E 1280 52.90 -104.17 -45.95
N PRO E 1281 53.05 -102.91 -45.53
CA PRO E 1281 52.04 -102.33 -44.62
C PRO E 1281 50.66 -102.24 -45.22
N ARG E 1282 50.54 -102.07 -46.53
CA ARG E 1282 49.22 -101.99 -47.15
C ARG E 1282 48.44 -103.30 -47.01
N ASP E 1283 49.13 -104.41 -46.76
CA ASP E 1283 48.48 -105.71 -46.73
C ASP E 1283 47.78 -105.96 -45.39
N VAL E 1284 46.99 -107.03 -45.35
CA VAL E 1284 46.22 -107.38 -44.17
C VAL E 1284 46.99 -108.41 -43.36
N ILE E 1285 47.18 -108.14 -42.09
CA ILE E 1285 47.85 -109.06 -41.18
C ILE E 1285 46.80 -109.98 -40.56
N LYS E 1286 47.07 -111.27 -40.59
CA LYS E 1286 46.13 -112.27 -40.09
C LYS E 1286 46.66 -112.84 -38.77
N GLY E 1287 45.81 -112.84 -37.76
CA GLY E 1287 46.18 -113.31 -36.44
C GLY E 1287 45.76 -114.75 -36.19
N LYS E 1288 46.49 -115.40 -35.30
CA LYS E 1288 46.23 -116.79 -34.98
C LYS E 1288 44.92 -116.95 -34.22
N ASP E 1289 44.26 -118.08 -34.45
CA ASP E 1289 43.01 -118.37 -33.77
C ASP E 1289 43.22 -118.42 -32.26
N PHE E 1290 42.26 -117.89 -31.51
CA PHE E 1290 42.34 -117.80 -30.06
C PHE E 1290 41.18 -118.53 -29.43
N GLU E 1291 41.48 -119.42 -28.50
CA GLU E 1291 40.48 -120.18 -27.76
C GLU E 1291 40.36 -119.57 -26.37
N ILE E 1292 39.18 -119.02 -26.07
CA ILE E 1292 38.93 -118.36 -24.78
C ILE E 1292 38.62 -119.43 -23.74
N THR E 1293 39.28 -119.33 -22.59
CA THR E 1293 39.13 -120.27 -21.50
C THR E 1293 38.78 -119.55 -20.21
N ALA E 1294 38.16 -120.28 -19.30
CA ALA E 1294 37.80 -119.70 -18.01
C ALA E 1294 39.03 -119.23 -17.26
N LYS E 1295 40.14 -119.96 -17.36
CA LYS E 1295 41.37 -119.55 -16.69
C LYS E 1295 41.82 -118.18 -17.18
N GLU E 1296 41.82 -117.97 -18.50
CA GLU E 1296 42.30 -116.71 -19.04
C GLU E 1296 41.42 -115.55 -18.60
N VAL E 1297 40.10 -115.74 -18.62
CA VAL E 1297 39.19 -114.68 -18.20
C VAL E 1297 39.41 -114.36 -16.72
N TYR E 1298 39.54 -115.40 -15.90
CA TYR E 1298 39.82 -115.21 -14.47
C TYR E 1298 41.09 -114.39 -14.27
N ASP E 1299 42.19 -114.81 -14.91
CA ASP E 1299 43.45 -114.12 -14.75
C ASP E 1299 43.36 -112.67 -15.20
N PHE E 1300 42.76 -112.44 -16.36
CA PHE E 1300 42.66 -111.08 -16.86
C PHE E 1300 41.83 -110.21 -15.93
N THR E 1301 40.66 -110.69 -15.56
CA THR E 1301 39.79 -109.91 -14.70
C THR E 1301 40.47 -109.57 -13.39
N HIS E 1302 41.25 -110.51 -12.83
CA HIS E 1302 41.93 -110.23 -11.58
C HIS E 1302 43.07 -109.26 -11.77
N ALA E 1303 43.80 -109.37 -12.89
CA ALA E 1303 44.90 -108.45 -13.14
C ALA E 1303 44.41 -107.02 -13.30
N VAL E 1304 43.28 -106.82 -13.98
CA VAL E 1304 42.78 -105.45 -14.20
C VAL E 1304 41.79 -105.02 -13.14
N GLY E 1305 41.50 -105.85 -12.15
CA GLY E 1305 40.59 -105.46 -11.08
C GLY E 1305 39.15 -105.23 -11.51
N ASN E 1306 38.62 -106.13 -12.33
CA ASN E 1306 37.23 -106.04 -12.76
C ASN E 1306 36.42 -107.11 -12.04
N ASN E 1307 35.43 -106.71 -11.26
CA ASN E 1307 34.66 -107.66 -10.46
C ASN E 1307 33.23 -107.82 -10.92
N CYS E 1308 32.99 -107.60 -12.22
CA CYS E 1308 31.65 -107.78 -12.74
C CYS E 1308 31.27 -109.23 -12.64
N GLU E 1309 30.06 -109.51 -12.19
CA GLU E 1309 29.64 -110.89 -11.99
C GLU E 1309 29.50 -111.66 -13.31
N ASP E 1310 29.34 -110.96 -14.43
CA ASP E 1310 29.14 -111.66 -15.70
C ASP E 1310 30.36 -112.49 -16.09
N PHE E 1311 31.53 -112.12 -15.56
CA PHE E 1311 32.76 -112.81 -15.93
C PHE E 1311 33.19 -113.82 -14.89
N VAL E 1312 32.47 -113.90 -13.77
CA VAL E 1312 32.79 -114.87 -12.73
C VAL E 1312 31.99 -116.15 -12.90
N SER E 1313 32.66 -117.28 -12.94
CA SER E 1313 31.95 -118.54 -13.17
C SER E 1313 30.90 -118.76 -12.09
N ARG E 1314 29.70 -119.12 -12.51
CA ARG E 1314 28.57 -119.34 -11.62
C ARG E 1314 27.75 -120.51 -12.15
N PRO E 1315 26.99 -121.17 -11.28
CA PRO E 1315 26.16 -122.28 -11.76
C PRO E 1315 25.04 -121.81 -12.66
N ASP E 1316 24.80 -122.58 -13.72
CA ASP E 1316 23.70 -122.36 -14.66
C ASP E 1316 23.89 -121.15 -15.56
N ARG E 1317 25.07 -120.53 -15.55
CA ARG E 1317 25.33 -119.36 -16.37
C ARG E 1317 26.71 -119.48 -16.98
N THR E 1318 26.78 -119.42 -18.31
CA THR E 1318 28.08 -119.39 -18.98
C THR E 1318 28.75 -118.05 -18.76
N MET E 1319 30.07 -118.07 -18.58
CA MET E 1319 30.78 -116.87 -18.20
C MET E 1319 31.22 -116.10 -19.45
N LEU E 1320 30.96 -114.80 -19.45
CA LEU E 1320 31.34 -113.92 -20.54
C LEU E 1320 32.78 -113.49 -20.38
N ALA E 1321 33.37 -113.01 -21.48
CA ALA E 1321 34.67 -112.40 -21.41
C ALA E 1321 34.54 -110.88 -21.48
N PRO E 1322 35.37 -110.12 -20.77
CA PRO E 1322 35.23 -108.66 -20.80
C PRO E 1322 35.61 -108.09 -22.16
N MET E 1323 35.04 -106.91 -22.43
CA MET E 1323 35.36 -106.21 -23.68
C MET E 1323 36.86 -105.99 -23.82
N ASP E 1324 37.54 -105.68 -22.72
CA ASP E 1324 38.97 -105.42 -22.76
C ASP E 1324 39.77 -106.65 -23.20
N PHE E 1325 39.17 -107.84 -23.12
CA PHE E 1325 39.85 -109.04 -23.57
C PHE E 1325 40.16 -109.00 -25.06
N ALA E 1326 39.55 -108.08 -25.81
CA ALA E 1326 39.83 -107.98 -27.23
C ALA E 1326 41.28 -107.63 -27.50
N ILE E 1327 41.89 -106.81 -26.64
CA ILE E 1327 43.32 -106.52 -26.80
C ILE E 1327 44.13 -107.80 -26.57
N VAL E 1328 43.78 -108.59 -25.56
CA VAL E 1328 44.49 -109.84 -25.36
C VAL E 1328 44.37 -110.72 -26.60
N VAL E 1329 43.19 -110.71 -27.22
CA VAL E 1329 42.97 -111.58 -28.38
C VAL E 1329 43.78 -111.09 -29.59
N GLY E 1330 43.74 -109.79 -29.87
CA GLY E 1330 44.28 -109.26 -31.10
C GLY E 1330 45.56 -108.46 -31.00
N TRP E 1331 46.26 -108.49 -29.87
CA TRP E 1331 47.46 -107.69 -29.72
C TRP E 1331 48.53 -108.09 -30.72
N ARG E 1332 48.70 -109.40 -30.95
CA ARG E 1332 49.74 -109.84 -31.86
C ARG E 1332 49.54 -109.24 -33.25
N ALA E 1333 48.34 -109.40 -33.80
CA ALA E 1333 48.06 -108.86 -35.13
C ALA E 1333 48.17 -107.34 -35.13
N ILE E 1334 47.63 -106.67 -34.10
CA ILE E 1334 47.64 -105.22 -34.08
C ILE E 1334 49.07 -104.69 -34.05
N ILE E 1335 49.91 -105.25 -33.19
CA ILE E 1335 51.26 -104.73 -33.02
C ILE E 1335 52.20 -105.18 -34.14
N LYS E 1336 51.85 -106.22 -34.89
CA LYS E 1336 52.69 -106.59 -36.02
C LYS E 1336 52.63 -105.54 -37.13
N ALA E 1337 51.71 -104.58 -37.05
CA ALA E 1337 51.57 -103.58 -38.10
C ALA E 1337 52.71 -102.57 -38.07
N ILE E 1338 53.24 -102.23 -36.89
CA ILE E 1338 54.25 -101.19 -36.79
C ILE E 1338 55.66 -101.69 -37.06
N PHE E 1339 55.82 -102.97 -37.37
CA PHE E 1339 57.15 -103.56 -37.55
C PHE E 1339 57.77 -103.35 -38.93
N PRO E 1340 57.00 -103.43 -40.04
CA PRO E 1340 57.63 -103.41 -41.37
C PRO E 1340 58.72 -102.37 -41.52
N ASN E 1341 59.76 -102.70 -42.29
CA ASN E 1341 60.87 -101.77 -42.43
C ASN E 1341 60.49 -100.51 -43.18
N THR E 1342 59.41 -100.54 -43.98
CA THR E 1342 58.93 -99.32 -44.60
C THR E 1342 58.34 -98.37 -43.57
N VAL E 1343 57.64 -98.90 -42.57
CA VAL E 1343 57.23 -98.09 -41.41
C VAL E 1343 58.36 -98.21 -40.39
N ASP E 1344 59.40 -97.40 -40.60
CA ASP E 1344 60.60 -97.46 -39.78
C ASP E 1344 60.47 -96.51 -38.60
N GLY E 1345 60.89 -96.98 -37.43
CA GLY E 1345 60.83 -96.16 -36.24
C GLY E 1345 61.53 -96.85 -35.08
N ASP E 1346 61.80 -96.04 -34.06
CA ASP E 1346 62.43 -96.52 -32.83
C ASP E 1346 61.36 -97.03 -31.88
N LEU E 1347 61.32 -98.35 -31.68
CA LEU E 1347 60.28 -98.94 -30.84
C LEU E 1347 60.40 -98.52 -29.38
N LEU E 1348 61.60 -98.15 -28.93
CA LEU E 1348 61.75 -97.69 -27.55
C LEU E 1348 61.18 -96.31 -27.34
N LYS E 1349 60.98 -95.55 -28.41
CA LYS E 1349 60.27 -94.28 -28.35
C LYS E 1349 58.84 -94.40 -28.84
N LEU E 1350 58.36 -95.61 -29.10
CA LEU E 1350 56.98 -95.80 -29.51
C LEU E 1350 56.04 -95.37 -28.38
N VAL E 1351 55.00 -94.64 -28.74
CA VAL E 1351 54.01 -94.14 -27.79
C VAL E 1351 52.64 -94.61 -28.26
N HIS E 1352 51.88 -95.18 -27.34
CA HIS E 1352 50.51 -95.61 -27.59
C HIS E 1352 49.59 -94.42 -27.33
N LEU E 1353 49.00 -93.88 -28.39
CA LEU E 1353 48.22 -92.65 -28.25
C LEU E 1353 46.81 -92.93 -27.77
N SER E 1354 46.18 -93.99 -28.26
CA SER E 1354 44.79 -94.24 -27.92
C SER E 1354 44.39 -95.63 -28.38
N ASN E 1355 43.33 -96.14 -27.78
CA ASN E 1355 42.78 -97.45 -28.10
C ASN E 1355 41.27 -97.36 -28.06
N GLY E 1356 40.60 -98.18 -28.85
CA GLY E 1356 39.16 -98.16 -28.90
C GLY E 1356 38.57 -99.52 -29.20
N TYR E 1357 37.39 -99.77 -28.63
CA TYR E 1357 36.60 -100.96 -28.91
C TYR E 1357 35.27 -100.51 -29.49
N LYS E 1358 34.70 -101.34 -30.35
CA LYS E 1358 33.45 -100.99 -31.01
C LYS E 1358 32.72 -102.29 -31.37
N MET E 1359 31.68 -102.61 -30.60
CA MET E 1359 30.86 -103.77 -30.91
C MET E 1359 30.10 -103.54 -32.20
N ILE E 1360 30.05 -104.57 -33.04
CA ILE E 1360 29.29 -104.50 -34.29
C ILE E 1360 27.81 -104.71 -33.97
N PRO E 1361 26.91 -103.84 -34.44
CA PRO E 1361 25.52 -103.94 -34.03
C PRO E 1361 24.93 -105.32 -34.29
N GLY E 1362 24.23 -105.84 -33.29
CA GLY E 1362 23.67 -107.17 -33.37
C GLY E 1362 24.64 -108.29 -33.04
N ALA E 1363 25.87 -107.97 -32.65
CA ALA E 1363 26.84 -108.96 -32.24
C ALA E 1363 26.84 -109.08 -30.72
N LYS E 1364 26.89 -110.31 -30.24
CA LYS E 1364 26.89 -110.57 -28.81
C LYS E 1364 28.29 -110.44 -28.22
N PRO E 1365 28.39 -110.23 -26.91
CA PRO E 1365 29.71 -110.17 -26.28
C PRO E 1365 30.45 -111.49 -26.38
N LEU E 1366 31.76 -111.40 -26.25
CA LEU E 1366 32.58 -112.61 -26.20
C LEU E 1366 32.20 -113.45 -24.99
N GLN E 1367 32.33 -114.76 -25.13
CA GLN E 1367 32.02 -115.68 -24.04
C GLN E 1367 33.04 -116.79 -24.02
N VAL E 1368 33.31 -117.31 -22.81
CA VAL E 1368 34.21 -118.44 -22.68
C VAL E 1368 33.72 -119.56 -23.58
N GLY E 1369 34.65 -120.26 -24.21
CA GLY E 1369 34.33 -121.29 -25.18
C GLY E 1369 34.38 -120.81 -26.62
N ASP E 1370 34.44 -119.50 -26.85
CA ASP E 1370 34.51 -118.99 -28.20
C ASP E 1370 35.90 -119.20 -28.80
N VAL E 1371 35.93 -119.38 -30.11
CA VAL E 1371 37.17 -119.34 -30.89
C VAL E 1371 37.13 -118.09 -31.73
N VAL E 1372 38.11 -117.22 -31.56
CA VAL E 1372 38.12 -115.91 -32.20
C VAL E 1372 39.23 -115.88 -33.23
N SER E 1373 38.96 -115.18 -34.33
CA SER E 1373 39.94 -114.91 -35.37
C SER E 1373 40.16 -113.41 -35.47
N THR E 1374 41.40 -113.00 -35.61
CA THR E 1374 41.77 -111.59 -35.70
C THR E 1374 42.38 -111.31 -37.06
N THR E 1375 42.00 -110.16 -37.62
CA THR E 1375 42.63 -109.61 -38.81
C THR E 1375 42.94 -108.15 -38.55
N ALA E 1376 44.08 -107.68 -39.06
CA ALA E 1376 44.51 -106.32 -38.82
C ALA E 1376 45.00 -105.67 -40.10
N VAL E 1377 44.68 -104.39 -40.27
CA VAL E 1377 45.15 -103.58 -41.39
C VAL E 1377 45.54 -102.22 -40.85
N ILE E 1378 46.55 -101.63 -41.47
CA ILE E 1378 46.91 -100.24 -41.18
C ILE E 1378 45.93 -99.33 -41.91
N GLU E 1379 45.21 -98.51 -41.14
CA GLU E 1379 44.31 -97.54 -41.76
C GLU E 1379 45.10 -96.40 -42.37
N SER E 1380 46.08 -95.88 -41.64
CA SER E 1380 46.82 -94.71 -42.06
C SER E 1380 48.18 -94.70 -41.37
N VAL E 1381 49.21 -94.31 -42.12
CA VAL E 1381 50.52 -94.01 -41.56
C VAL E 1381 51.01 -92.73 -42.22
N VAL E 1382 51.11 -91.66 -41.45
CA VAL E 1382 51.48 -90.36 -41.96
C VAL E 1382 52.64 -89.82 -41.15
N ASN E 1383 53.51 -89.05 -41.82
CA ASN E 1383 54.62 -88.37 -41.16
C ASN E 1383 54.14 -87.01 -40.67
N GLN E 1384 54.40 -86.73 -39.40
CA GLN E 1384 54.15 -85.45 -38.79
C GLN E 1384 55.44 -84.84 -38.28
N PRO E 1385 55.48 -83.53 -38.07
CA PRO E 1385 56.76 -82.89 -37.67
C PRO E 1385 57.32 -83.46 -36.39
N THR E 1386 56.47 -83.87 -35.46
CA THR E 1386 56.93 -84.47 -34.20
C THR E 1386 57.15 -85.96 -34.31
N GLY E 1387 56.81 -86.59 -35.42
CA GLY E 1387 57.05 -88.00 -35.60
C GLY E 1387 56.06 -88.61 -36.58
N LYS E 1388 55.92 -89.92 -36.50
CA LYS E 1388 55.12 -90.71 -37.42
C LYS E 1388 53.99 -91.38 -36.66
N ILE E 1389 52.75 -91.18 -37.11
CA ILE E 1389 51.57 -91.79 -36.51
C ILE E 1389 51.17 -92.98 -37.37
N VAL E 1390 50.82 -94.08 -36.72
CA VAL E 1390 50.33 -95.28 -37.38
C VAL E 1390 49.00 -95.65 -36.75
N ASP E 1391 47.95 -95.69 -37.58
CA ASP E 1391 46.60 -96.03 -37.12
C ASP E 1391 46.26 -97.41 -37.64
N VAL E 1392 45.92 -98.33 -36.73
CA VAL E 1392 45.67 -99.72 -37.06
C VAL E 1392 44.24 -100.07 -36.68
N VAL E 1393 43.62 -100.95 -37.46
CA VAL E 1393 42.25 -101.40 -37.20
C VAL E 1393 42.25 -102.91 -37.19
N GLY E 1394 41.84 -103.50 -36.08
CA GLY E 1394 41.71 -104.94 -35.95
C GLY E 1394 40.25 -105.34 -35.95
N THR E 1395 39.96 -106.50 -36.53
CA THR E 1395 38.60 -107.02 -36.59
C THR E 1395 38.61 -108.42 -35.99
N LEU E 1396 37.87 -108.60 -34.91
CA LEU E 1396 37.73 -109.89 -34.25
C LEU E 1396 36.48 -110.59 -34.78
N SER E 1397 36.65 -111.80 -35.29
CA SER E 1397 35.58 -112.54 -35.92
C SER E 1397 35.32 -113.84 -35.18
N ARG E 1398 34.07 -114.08 -34.84
CA ARG E 1398 33.63 -115.30 -34.16
C ARG E 1398 32.74 -116.09 -35.10
N ASN E 1399 33.11 -117.34 -35.36
CA ASN E 1399 32.33 -118.28 -36.17
C ASN E 1399 32.22 -117.85 -37.62
N GLY E 1400 33.01 -116.88 -38.07
CA GLY E 1400 32.90 -116.34 -39.40
C GLY E 1400 32.21 -115.00 -39.48
N LYS E 1401 31.56 -114.56 -38.42
CA LYS E 1401 30.96 -113.24 -38.37
C LYS E 1401 31.82 -112.30 -37.53
N PRO E 1402 31.93 -111.03 -37.90
CA PRO E 1402 32.73 -110.10 -37.09
C PRO E 1402 31.98 -109.65 -35.84
N VAL E 1403 32.71 -109.57 -34.73
CA VAL E 1403 32.12 -109.27 -33.42
C VAL E 1403 32.38 -107.83 -33.02
N MET E 1404 33.64 -107.40 -33.06
CA MET E 1404 33.99 -106.04 -32.67
C MET E 1404 35.19 -105.61 -33.49
N GLU E 1405 35.45 -104.31 -33.47
CA GLU E 1405 36.59 -103.70 -34.14
C GLU E 1405 37.43 -102.97 -33.11
N VAL E 1406 38.75 -103.13 -33.23
CA VAL E 1406 39.71 -102.49 -32.34
C VAL E 1406 40.49 -101.46 -33.14
N THR E 1407 40.54 -100.23 -32.65
CA THR E 1407 41.30 -99.16 -33.27
C THR E 1407 42.43 -98.76 -32.33
N SER E 1408 43.67 -98.88 -32.81
CA SER E 1408 44.85 -98.53 -32.04
C SER E 1408 45.66 -97.51 -32.83
N SER E 1409 46.05 -96.43 -32.16
CA SER E 1409 46.87 -95.39 -32.76
C SER E 1409 48.21 -95.35 -32.06
N PHE E 1410 49.30 -95.51 -32.82
CA PHE E 1410 50.65 -95.52 -32.30
C PHE E 1410 51.43 -94.32 -32.80
N PHE E 1411 52.51 -94.01 -32.10
CA PHE E 1411 53.31 -92.83 -32.39
C PHE E 1411 54.79 -93.19 -32.32
N TYR E 1412 55.49 -93.03 -33.43
CA TYR E 1412 56.94 -93.15 -33.50
C TYR E 1412 57.51 -91.74 -33.42
N ARG E 1413 57.97 -91.34 -32.24
CA ARG E 1413 58.56 -90.01 -32.10
C ARG E 1413 59.88 -89.94 -32.85
N GLY E 1414 60.08 -88.84 -33.56
CA GLY E 1414 61.30 -88.62 -34.30
C GLY E 1414 61.09 -87.64 -35.43
N ASN E 1415 62.02 -87.64 -36.37
CA ASN E 1415 61.97 -86.78 -37.56
C ASN E 1415 62.01 -87.69 -38.78
N TYR E 1416 60.90 -87.72 -39.53
CA TYR E 1416 60.78 -88.59 -40.69
C TYR E 1416 60.42 -87.75 -41.91
N THR E 1417 60.96 -88.16 -43.06
CA THR E 1417 60.67 -87.48 -44.31
C THR E 1417 60.50 -88.48 -45.46
N ASP E 1418 60.15 -89.73 -45.16
CA ASP E 1418 60.00 -90.77 -46.17
C ASP E 1418 58.53 -90.84 -46.59
N PHE E 1419 58.07 -89.74 -47.19
CA PHE E 1419 56.66 -89.58 -47.51
C PHE E 1419 56.18 -90.58 -48.57
N GLU E 1420 57.10 -91.22 -49.29
CA GLU E 1420 56.68 -92.20 -50.29
C GLU E 1420 56.11 -93.47 -49.65
N ASN E 1421 56.38 -93.68 -48.37
CA ASN E 1421 55.84 -94.82 -47.64
C ASN E 1421 54.53 -94.49 -46.92
N THR E 1422 54.12 -93.24 -46.91
CA THR E 1422 52.98 -92.80 -46.11
C THR E 1422 51.70 -92.79 -46.94
N PHE E 1423 50.58 -92.87 -46.23
CA PHE E 1423 49.26 -92.80 -46.83
C PHE E 1423 48.26 -92.51 -45.71
N GLN E 1424 47.02 -92.27 -46.09
CA GLN E 1424 46.01 -91.95 -45.09
C GLN E 1424 44.63 -92.29 -45.63
N LYS E 1425 43.72 -92.60 -44.72
CA LYS E 1425 42.35 -92.95 -45.04
C LYS E 1425 41.44 -92.33 -44.00
N THR E 1426 40.45 -91.55 -44.44
CA THR E 1426 39.54 -90.88 -43.53
C THR E 1426 38.11 -91.08 -44.03
N VAL E 1427 37.24 -91.54 -43.14
CA VAL E 1427 35.81 -91.65 -43.42
C VAL E 1427 35.20 -90.30 -43.13
N GLU E 1428 34.75 -89.60 -44.17
CA GLU E 1428 34.26 -88.25 -43.99
C GLU E 1428 32.90 -88.29 -43.29
N PRO E 1429 32.54 -87.20 -42.61
CA PRO E 1429 31.17 -87.12 -42.10
C PRO E 1429 30.18 -87.12 -43.26
N VAL E 1430 28.99 -87.63 -43.00
CA VAL E 1430 27.94 -87.62 -44.02
C VAL E 1430 27.48 -86.19 -44.22
N TYR E 1431 27.39 -85.78 -45.48
CA TYR E 1431 26.97 -84.43 -45.84
C TYR E 1431 25.60 -84.46 -46.47
N GLN E 1432 24.78 -83.48 -46.13
CA GLN E 1432 23.41 -83.38 -46.62
C GLN E 1432 23.21 -82.09 -47.40
N MET E 1433 22.42 -82.19 -48.47
CA MET E 1433 22.12 -81.04 -49.33
C MET E 1433 20.65 -81.08 -49.72
N HIS E 1434 19.95 -79.98 -49.51
CA HIS E 1434 18.57 -79.82 -49.98
C HIS E 1434 18.61 -79.09 -51.31
N ILE E 1435 18.32 -79.79 -52.40
CA ILE E 1435 18.35 -79.21 -53.73
C ILE E 1435 17.09 -78.39 -53.92
N LYS E 1436 17.21 -77.07 -53.88
CA LYS E 1436 16.07 -76.16 -53.93
C LYS E 1436 15.79 -75.67 -55.35
N THR E 1437 16.77 -75.01 -55.96
CA THR E 1437 16.59 -74.30 -57.22
C THR E 1437 17.32 -75.02 -58.34
N SER E 1438 17.05 -74.61 -59.57
CA SER E 1438 17.74 -75.20 -60.71
C SER E 1438 19.21 -74.79 -60.69
N LYS E 1439 19.54 -73.69 -60.02
CA LYS E 1439 20.93 -73.32 -59.88
C LYS E 1439 21.73 -74.43 -59.21
N ASP E 1440 21.21 -74.98 -58.12
CA ASP E 1440 21.91 -76.06 -57.43
C ASP E 1440 22.09 -77.27 -58.33
N ILE E 1441 21.05 -77.64 -59.07
CA ILE E 1441 21.16 -78.76 -59.99
C ILE E 1441 22.27 -78.48 -61.00
N ALA E 1442 22.28 -77.28 -61.58
CA ALA E 1442 23.27 -76.96 -62.59
C ALA E 1442 24.68 -77.04 -62.02
N VAL E 1443 24.89 -76.47 -60.83
CA VAL E 1443 26.22 -76.48 -60.23
C VAL E 1443 26.65 -77.91 -59.95
N LEU E 1444 25.76 -78.72 -59.38
CA LEU E 1444 26.12 -80.10 -59.08
C LEU E 1444 26.47 -80.86 -60.35
N ARG E 1445 25.69 -80.67 -61.42
CA ARG E 1445 25.99 -81.36 -62.67
C ARG E 1445 27.26 -80.85 -63.31
N SER E 1446 27.76 -79.68 -62.91
CA SER E 1446 29.03 -79.20 -63.43
C SER E 1446 30.19 -80.00 -62.86
N LYS E 1447 30.12 -80.42 -61.60
CA LYS E 1447 31.20 -81.14 -60.97
C LYS E 1447 31.41 -82.47 -61.67
N GLU E 1448 32.61 -82.71 -62.18
CA GLU E 1448 32.89 -83.94 -62.90
C GLU E 1448 32.71 -85.17 -62.02
N TRP E 1449 32.97 -85.03 -60.72
CA TRP E 1449 32.89 -86.20 -59.84
C TRP E 1449 31.47 -86.61 -59.53
N PHE E 1450 30.52 -85.69 -59.55
CA PHE E 1450 29.12 -85.99 -59.24
C PHE E 1450 28.51 -86.79 -60.38
N GLN E 1451 28.31 -88.08 -60.16
CA GLN E 1451 27.82 -88.99 -61.20
C GLN E 1451 26.56 -89.68 -60.72
N LEU E 1452 25.48 -89.52 -61.48
CA LEU E 1452 24.22 -90.18 -61.19
C LEU E 1452 24.00 -91.28 -62.22
N ASP E 1453 23.57 -92.45 -61.75
CA ASP E 1453 23.30 -93.55 -62.67
C ASP E 1453 22.18 -93.19 -63.63
N ASP E 1454 21.12 -92.57 -63.14
CA ASP E 1454 19.97 -92.14 -63.95
C ASP E 1454 20.18 -90.68 -64.34
N GLU E 1455 20.67 -90.47 -65.56
CA GLU E 1455 20.95 -89.11 -66.02
C GLU E 1455 19.71 -88.23 -66.00
N ASP E 1456 18.52 -88.80 -66.09
CA ASP E 1456 17.28 -88.04 -66.09
C ASP E 1456 16.62 -88.00 -64.72
N PHE E 1457 17.39 -88.24 -63.65
CA PHE E 1457 16.84 -88.12 -62.31
C PHE E 1457 16.49 -86.67 -62.00
N ASP E 1458 15.40 -86.49 -61.24
CA ASP E 1458 14.89 -85.16 -60.90
C ASP E 1458 15.41 -84.80 -59.52
N LEU E 1459 16.49 -84.03 -59.48
CA LEU E 1459 17.06 -83.58 -58.22
C LEU E 1459 16.23 -82.48 -57.57
N LEU E 1460 15.28 -81.90 -58.29
CA LEU E 1460 14.60 -80.72 -57.80
C LEU E 1460 13.77 -81.03 -56.56
N ASN E 1461 13.94 -80.22 -55.51
CA ASN E 1461 13.28 -80.43 -54.21
C ASN E 1461 13.57 -81.82 -53.66
N LYS E 1462 14.81 -82.26 -53.78
CA LYS E 1462 15.25 -83.54 -53.21
C LYS E 1462 16.34 -83.30 -52.18
N THR E 1463 16.38 -84.18 -51.19
CA THR E 1463 17.44 -84.19 -50.20
C THR E 1463 18.44 -85.29 -50.57
N LEU E 1464 19.70 -84.91 -50.69
CA LEU E 1464 20.76 -85.84 -51.03
C LEU E 1464 21.75 -85.93 -49.87
N THR E 1465 22.28 -87.13 -49.65
CA THR E 1465 23.31 -87.38 -48.65
C THR E 1465 24.52 -87.96 -49.34
N PHE E 1466 25.69 -87.45 -49.00
CA PHE E 1466 26.95 -87.95 -49.54
C PHE E 1466 27.75 -88.57 -48.40
N GLU E 1467 28.10 -89.84 -48.55
CA GLU E 1467 28.95 -90.56 -47.60
C GLU E 1467 30.19 -91.05 -48.35
N THR E 1468 31.31 -90.38 -48.14
CA THR E 1468 32.51 -90.58 -48.94
C THR E 1468 33.68 -91.02 -48.08
N GLU E 1469 34.69 -91.59 -48.73
CA GLU E 1469 35.97 -91.92 -48.12
C GLU E 1469 37.09 -91.35 -48.98
N THR E 1470 38.09 -90.76 -48.33
CA THR E 1470 39.23 -90.17 -49.02
C THR E 1470 40.48 -90.99 -48.74
N GLU E 1471 41.11 -91.47 -49.80
CA GLU E 1471 42.41 -92.12 -49.73
C GLU E 1471 43.44 -91.20 -50.36
N VAL E 1472 44.47 -90.81 -49.61
CA VAL E 1472 45.50 -89.92 -50.11
C VAL E 1472 46.86 -90.53 -49.84
N THR E 1473 47.79 -90.24 -50.75
CA THR E 1473 49.22 -90.42 -50.53
C THR E 1473 49.86 -89.04 -50.43
N PHE E 1474 51.10 -89.01 -49.97
CA PHE E 1474 51.76 -87.74 -49.67
C PHE E 1474 53.03 -87.59 -50.51
N LYS E 1475 53.32 -86.34 -50.87
CA LYS E 1475 54.61 -85.97 -51.43
C LYS E 1475 55.49 -85.22 -50.43
N ASN E 1476 54.87 -84.52 -49.50
CA ASN E 1476 55.58 -83.85 -48.42
C ASN E 1476 54.57 -83.51 -47.33
N ALA E 1477 55.00 -82.75 -46.34
CA ALA E 1477 54.13 -82.44 -45.22
C ALA E 1477 52.90 -81.65 -45.65
N ASN E 1478 53.04 -80.80 -46.67
CA ASN E 1478 51.99 -79.85 -47.04
C ASN E 1478 51.15 -80.30 -48.23
N ILE E 1479 51.72 -81.08 -49.15
CA ILE E 1479 51.07 -81.37 -50.42
C ILE E 1479 50.79 -82.87 -50.52
N PHE E 1480 49.75 -83.21 -51.28
CA PHE E 1480 49.40 -84.59 -51.58
C PHE E 1480 49.94 -84.98 -52.95
N SER E 1481 50.25 -86.27 -53.10
CA SER E 1481 50.69 -86.82 -54.37
C SER E 1481 49.60 -87.64 -55.06
N SER E 1482 48.45 -87.82 -54.42
CA SER E 1482 47.33 -88.52 -55.02
C SER E 1482 46.14 -88.37 -54.08
N VAL E 1483 44.96 -88.11 -54.64
CA VAL E 1483 43.75 -87.94 -53.87
C VAL E 1483 42.64 -88.74 -54.53
N LYS E 1484 41.90 -89.49 -53.74
CA LYS E 1484 40.82 -90.32 -54.24
C LYS E 1484 39.66 -90.27 -53.27
N CYS E 1485 38.58 -89.60 -53.66
CA CYS E 1485 37.36 -89.51 -52.87
C CYS E 1485 36.29 -90.29 -53.61
N PHE E 1486 35.59 -91.17 -52.89
CA PHE E 1486 34.61 -92.04 -53.53
C PHE E 1486 33.55 -92.43 -52.51
N GLY E 1487 32.43 -92.93 -53.02
CA GLY E 1487 31.34 -93.38 -52.19
C GLY E 1487 30.00 -93.26 -52.88
N PRO E 1488 28.94 -93.69 -52.21
CA PRO E 1488 27.60 -93.62 -52.78
C PRO E 1488 26.93 -92.28 -52.52
N ILE E 1489 25.99 -91.95 -53.42
CA ILE E 1489 25.09 -90.81 -53.26
C ILE E 1489 23.70 -91.36 -53.07
N LYS E 1490 22.98 -90.84 -52.08
CA LYS E 1490 21.67 -91.35 -51.71
C LYS E 1490 20.66 -90.23 -51.65
N VAL E 1491 19.39 -90.57 -51.90
CA VAL E 1491 18.30 -89.62 -51.92
C VAL E 1491 17.27 -90.03 -50.88
N GLU E 1492 16.78 -89.06 -50.12
CA GLU E 1492 15.73 -89.32 -49.16
C GLU E 1492 14.39 -89.54 -49.85
N LEU E 1493 13.59 -90.44 -49.31
CA LEU E 1493 12.27 -90.77 -49.85
C LEU E 1493 11.18 -90.19 -48.97
N PRO E 1494 9.93 -90.22 -49.43
CA PRO E 1494 8.83 -89.76 -48.57
C PRO E 1494 8.73 -90.52 -47.27
N THR E 1495 9.19 -91.77 -47.22
CA THR E 1495 9.20 -92.56 -45.99
C THR E 1495 10.45 -92.33 -45.16
N LYS E 1496 11.25 -91.32 -45.49
CA LYS E 1496 12.50 -90.99 -44.80
C LYS E 1496 13.57 -92.06 -44.95
N GLU E 1497 13.37 -93.03 -45.84
CA GLU E 1497 14.39 -94.01 -46.17
C GLU E 1497 15.21 -93.48 -47.35
N THR E 1498 16.53 -93.55 -47.24
CA THR E 1498 17.42 -93.05 -48.26
C THR E 1498 17.88 -94.20 -49.16
N VAL E 1499 17.91 -93.95 -50.47
CA VAL E 1499 18.24 -94.95 -51.46
C VAL E 1499 19.36 -94.42 -52.34
N GLU E 1500 20.29 -95.29 -52.70
CA GLU E 1500 21.44 -94.88 -53.51
C GLU E 1500 20.97 -94.51 -54.92
N ILE E 1501 21.46 -93.39 -55.42
CA ILE E 1501 21.13 -92.92 -56.77
C ILE E 1501 22.38 -92.68 -57.62
N GLY E 1502 23.58 -92.77 -57.05
CA GLY E 1502 24.79 -92.50 -57.79
C GLY E 1502 25.98 -92.63 -56.88
N ILE E 1503 27.16 -92.43 -57.47
CA ILE E 1503 28.43 -92.58 -56.77
C ILE E 1503 29.23 -91.31 -56.91
N VAL E 1504 29.82 -90.84 -55.80
CA VAL E 1504 30.87 -89.85 -55.86
C VAL E 1504 32.14 -90.52 -56.36
N ASP E 1505 32.86 -89.84 -57.27
CA ASP E 1505 34.06 -90.44 -57.85
C ASP E 1505 35.01 -89.31 -58.23
N TYR E 1506 35.97 -89.04 -57.35
CA TYR E 1506 37.00 -88.03 -57.59
C TYR E 1506 38.37 -88.67 -57.47
N GLU E 1507 39.18 -88.52 -58.52
CA GLU E 1507 40.55 -89.00 -58.52
C GLU E 1507 41.45 -87.91 -59.07
N ALA E 1508 42.53 -87.60 -58.36
CA ALA E 1508 43.43 -86.55 -58.76
C ALA E 1508 44.85 -86.94 -58.40
N GLY E 1509 45.80 -86.34 -59.11
CA GLY E 1509 47.20 -86.53 -58.79
C GLY E 1509 47.66 -85.53 -57.76
N ALA E 1510 48.78 -84.87 -58.00
CA ALA E 1510 49.28 -83.88 -57.06
C ALA E 1510 48.22 -82.82 -56.81
N SER E 1511 47.99 -82.52 -55.54
CA SER E 1511 46.97 -81.54 -55.16
C SER E 1511 47.30 -81.00 -53.78
N HIS E 1512 46.63 -79.91 -53.43
CA HIS E 1512 46.77 -79.30 -52.13
C HIS E 1512 45.59 -79.57 -51.22
N GLY E 1513 44.56 -80.24 -51.71
CA GLY E 1513 43.36 -80.47 -50.92
C GLY E 1513 42.40 -81.35 -51.67
N ASN E 1514 41.27 -81.61 -51.02
CA ASN E 1514 40.18 -82.40 -51.61
C ASN E 1514 39.05 -81.45 -51.99
N PRO E 1515 38.76 -81.24 -53.28
CA PRO E 1515 37.70 -80.30 -53.63
C PRO E 1515 36.31 -80.80 -53.28
N VAL E 1516 36.11 -82.12 -53.28
CA VAL E 1516 34.78 -82.68 -53.02
C VAL E 1516 34.33 -82.33 -51.62
N VAL E 1517 35.20 -82.57 -50.63
CA VAL E 1517 34.84 -82.30 -49.24
C VAL E 1517 34.60 -80.82 -49.02
N ASP E 1518 35.41 -79.97 -49.66
CA ASP E 1518 35.21 -78.52 -49.52
C ASP E 1518 33.86 -78.10 -50.09
N PHE E 1519 33.50 -78.61 -51.26
CA PHE E 1519 32.21 -78.28 -51.84
C PHE E 1519 31.08 -78.72 -50.92
N LEU E 1520 31.14 -79.95 -50.42
CA LEU E 1520 30.08 -80.44 -49.57
C LEU E 1520 30.00 -79.67 -48.25
N LYS E 1521 31.15 -79.28 -47.70
CA LYS E 1521 31.14 -78.46 -46.49
C LYS E 1521 30.46 -77.13 -46.73
N ARG E 1522 30.80 -76.47 -47.83
CA ARG E 1522 30.30 -75.11 -48.04
C ARG E 1522 28.83 -75.09 -48.46
N ASN E 1523 28.39 -76.10 -49.21
CA ASN E 1523 27.04 -76.08 -49.75
C ASN E 1523 26.05 -76.90 -48.95
N GLY E 1524 26.48 -78.02 -48.39
CA GLY E 1524 25.62 -78.87 -47.59
C GLY E 1524 25.72 -78.58 -46.12
N SER E 1525 25.26 -79.53 -45.33
CA SER E 1525 25.43 -79.52 -43.89
C SER E 1525 25.88 -80.92 -43.48
N THR E 1526 26.60 -80.99 -42.36
CA THR E 1526 27.12 -82.26 -41.89
C THR E 1526 26.13 -82.87 -40.89
N LEU E 1527 25.80 -84.14 -41.09
CA LEU E 1527 24.97 -84.87 -40.15
C LEU E 1527 25.84 -85.44 -39.05
N GLU E 1528 25.49 -85.15 -37.80
CA GLU E 1528 26.23 -85.62 -36.64
C GLU E 1528 25.36 -86.60 -35.86
N GLN E 1529 25.87 -87.81 -35.67
CA GLN E 1529 25.12 -88.85 -34.95
C GLN E 1529 24.98 -88.49 -33.47
N LYS E 1530 26.07 -88.04 -32.85
CA LYS E 1530 26.05 -87.73 -31.44
C LYS E 1530 25.22 -86.47 -31.20
N VAL E 1531 24.38 -86.51 -30.17
CA VAL E 1531 23.49 -85.42 -29.83
C VAL E 1531 23.70 -85.10 -28.35
N ASN E 1532 24.15 -83.89 -28.06
CA ASN E 1532 24.49 -83.52 -26.69
C ASN E 1532 23.25 -83.13 -25.90
N LEU E 1533 23.19 -83.59 -24.66
CA LEU E 1533 22.22 -83.08 -23.71
C LEU E 1533 22.51 -81.62 -23.42
N GLU E 1534 21.46 -80.89 -23.05
CA GLU E 1534 21.65 -79.47 -22.73
C GLU E 1534 22.50 -79.27 -21.49
N ASN E 1535 22.57 -80.27 -20.61
CA ASN E 1535 23.41 -80.20 -19.43
C ASN E 1535 23.93 -81.61 -19.17
N PRO E 1536 25.23 -81.79 -18.94
CA PRO E 1536 25.73 -83.12 -18.57
C PRO E 1536 25.14 -83.57 -17.25
N ILE E 1537 24.96 -84.88 -17.13
CA ILE E 1537 24.45 -85.51 -15.93
C ILE E 1537 25.61 -86.22 -15.25
N PRO E 1538 26.15 -85.71 -14.14
CA PRO E 1538 27.22 -86.43 -13.45
C PRO E 1538 26.76 -87.78 -12.95
N ILE E 1539 27.62 -88.78 -13.10
CA ILE E 1539 27.33 -90.14 -12.69
C ILE E 1539 28.06 -90.51 -11.41
N ALA E 1540 29.37 -90.27 -11.36
CA ALA E 1540 30.15 -90.58 -10.17
C ALA E 1540 31.58 -90.09 -10.34
N VAL E 1541 32.24 -89.86 -9.21
CA VAL E 1541 33.67 -89.60 -9.15
C VAL E 1541 34.28 -90.71 -8.30
N LEU E 1542 35.21 -91.46 -8.88
CA LEU E 1542 35.67 -92.71 -8.30
C LEU E 1542 37.18 -92.67 -8.07
N ASP E 1543 37.63 -93.47 -7.11
CA ASP E 1543 39.05 -93.61 -6.80
C ASP E 1543 39.54 -94.96 -7.27
N SER E 1544 40.74 -94.97 -7.84
CA SER E 1544 41.36 -96.17 -8.35
C SER E 1544 42.87 -96.06 -8.14
N TYR E 1545 43.54 -97.21 -8.12
CA TYR E 1545 44.96 -97.25 -7.84
C TYR E 1545 45.65 -98.19 -8.82
N THR E 1546 46.85 -97.83 -9.21
CA THR E 1546 47.67 -98.66 -10.06
C THR E 1546 48.37 -99.74 -9.23
N PRO E 1547 48.57 -100.94 -9.78
CA PRO E 1547 49.26 -101.97 -9.02
C PRO E 1547 50.70 -101.59 -8.73
N SER E 1548 51.31 -102.33 -7.81
CA SER E 1548 52.71 -102.09 -7.46
C SER E 1548 53.68 -102.77 -8.42
N THR E 1549 53.20 -103.71 -9.22
CA THR E 1549 54.03 -104.34 -10.25
C THR E 1549 53.21 -104.45 -11.53
N ASN E 1550 53.86 -104.21 -12.66
CA ASN E 1550 53.24 -104.33 -13.96
C ASN E 1550 53.37 -105.72 -14.54
N GLU E 1551 54.02 -106.64 -13.84
CA GLU E 1551 54.27 -107.97 -14.38
C GLU E 1551 53.00 -108.78 -14.61
N PRO E 1552 52.05 -108.85 -13.67
CA PRO E 1552 50.87 -109.69 -13.93
C PRO E 1552 50.07 -109.26 -15.15
N TYR E 1553 49.88 -107.95 -15.35
CA TYR E 1553 49.17 -107.50 -16.54
C TYR E 1553 49.94 -107.87 -17.80
N ALA E 1554 51.27 -107.71 -17.78
CA ALA E 1554 52.06 -108.11 -18.94
C ALA E 1554 51.89 -109.59 -19.23
N ARG E 1555 51.92 -110.42 -18.19
CA ARG E 1555 51.85 -111.86 -18.41
C ARG E 1555 50.48 -112.28 -18.92
N VAL E 1556 49.42 -111.65 -18.44
CA VAL E 1556 48.08 -112.03 -18.92
C VAL E 1556 47.86 -111.51 -20.33
N SER E 1557 48.31 -110.29 -20.63
CA SER E 1557 48.05 -109.68 -21.92
C SER E 1557 49.05 -110.07 -23.00
N GLY E 1558 50.20 -110.61 -22.63
CA GLY E 1558 51.24 -110.88 -23.59
C GLY E 1558 52.07 -109.68 -23.99
N ASP E 1559 51.79 -108.50 -23.42
CA ASP E 1559 52.53 -107.28 -23.74
C ASP E 1559 53.77 -107.22 -22.85
N LEU E 1560 54.85 -107.81 -23.35
CA LEU E 1560 56.09 -107.95 -22.59
C LEU E 1560 57.07 -106.83 -22.89
N ASN E 1561 56.58 -105.61 -23.10
CA ASN E 1561 57.45 -104.47 -23.32
C ASN E 1561 58.32 -104.27 -22.09
N PRO E 1562 59.65 -104.29 -22.22
CA PRO E 1562 60.50 -104.18 -21.02
C PRO E 1562 60.30 -102.90 -20.24
N ILE E 1563 59.83 -101.82 -20.86
CA ILE E 1563 59.80 -100.54 -20.15
C ILE E 1563 58.90 -100.61 -18.94
N HIS E 1564 57.95 -101.54 -18.92
CA HIS E 1564 57.02 -101.63 -17.80
C HIS E 1564 57.58 -102.45 -16.64
N VAL E 1565 58.60 -103.27 -16.87
CA VAL E 1565 59.05 -104.22 -15.86
C VAL E 1565 60.54 -104.07 -15.56
N SER E 1566 61.33 -103.62 -16.52
CA SER E 1566 62.78 -103.59 -16.40
C SER E 1566 63.26 -102.17 -16.14
N ARG E 1567 63.91 -101.97 -14.99
CA ARG E 1567 64.37 -100.64 -14.62
C ARG E 1567 65.38 -100.09 -15.63
N HIS E 1568 66.33 -100.92 -16.07
CA HIS E 1568 67.37 -100.41 -16.96
C HIS E 1568 66.79 -100.01 -18.32
N PHE E 1569 65.84 -100.78 -18.83
CA PHE E 1569 65.20 -100.41 -20.10
C PHE E 1569 64.45 -99.09 -19.96
N ALA E 1570 63.75 -98.89 -18.84
CA ALA E 1570 62.99 -97.67 -18.65
C ALA E 1570 63.90 -96.46 -18.46
N SER E 1571 65.05 -96.65 -17.79
CA SER E 1571 66.01 -95.56 -17.71
C SER E 1571 66.60 -95.23 -19.08
N TYR E 1572 66.94 -96.27 -19.85
CA TYR E 1572 67.49 -96.04 -21.18
C TYR E 1572 66.51 -95.27 -22.06
N ALA E 1573 65.22 -95.49 -21.88
CA ALA E 1573 64.19 -94.81 -22.66
C ALA E 1573 63.84 -93.43 -22.11
N ASN E 1574 64.49 -92.99 -21.03
CA ASN E 1574 64.26 -91.67 -20.45
C ASN E 1574 62.84 -91.52 -19.91
N LEU E 1575 62.25 -92.61 -19.49
CA LEU E 1575 60.93 -92.60 -18.88
C LEU E 1575 61.03 -92.27 -17.40
N PRO E 1576 59.95 -91.77 -16.79
CA PRO E 1576 59.98 -91.47 -15.36
C PRO E 1576 60.05 -92.71 -14.47
N GLY E 1577 60.13 -93.89 -15.04
CA GLY E 1577 60.17 -95.11 -14.25
C GLY E 1577 59.60 -96.26 -15.05
N THR E 1578 59.27 -97.34 -14.36
CA THR E 1578 58.58 -98.47 -15.00
C THR E 1578 57.09 -98.13 -15.01
N ILE E 1579 56.70 -97.37 -16.03
CA ILE E 1579 55.32 -96.89 -16.11
C ILE E 1579 54.36 -98.06 -16.28
N THR E 1580 53.20 -97.94 -15.66
CA THR E 1580 52.16 -98.95 -15.84
C THR E 1580 51.65 -98.94 -17.28
N HIS E 1581 51.25 -100.11 -17.74
CA HIS E 1581 50.69 -100.22 -19.08
C HIS E 1581 49.49 -99.28 -19.22
N GLY E 1582 49.44 -98.57 -20.35
CA GLY E 1582 48.26 -97.78 -20.65
C GLY E 1582 47.01 -98.63 -20.78
N MET E 1583 47.17 -99.86 -21.28
CA MET E 1583 46.00 -100.70 -21.46
C MET E 1583 45.45 -101.19 -20.14
N PHE E 1584 46.30 -101.36 -19.12
CA PHE E 1584 45.78 -101.66 -17.80
C PHE E 1584 44.88 -100.53 -17.32
N SER E 1585 45.35 -99.28 -17.47
CA SER E 1585 44.54 -98.15 -17.03
C SER E 1585 43.23 -98.10 -17.80
N SER E 1586 43.28 -98.36 -19.11
CA SER E 1586 42.06 -98.37 -19.91
C SER E 1586 41.08 -99.41 -19.40
N ALA E 1587 41.56 -100.64 -19.15
CA ALA E 1587 40.68 -101.69 -18.66
C ALA E 1587 40.12 -101.34 -17.29
N SER E 1588 40.94 -100.78 -16.40
CA SER E 1588 40.47 -100.42 -15.06
C SER E 1588 39.37 -99.37 -15.14
N VAL E 1589 39.57 -98.34 -15.95
CA VAL E 1589 38.55 -97.30 -16.06
C VAL E 1589 37.31 -97.83 -16.75
N ARG E 1590 37.45 -98.74 -17.72
CA ARG E 1590 36.27 -99.33 -18.33
C ARG E 1590 35.51 -100.19 -17.33
N ALA E 1591 36.22 -100.88 -16.44
CA ALA E 1591 35.54 -101.63 -15.39
C ALA E 1591 34.75 -100.69 -14.49
N LEU E 1592 35.33 -99.53 -14.17
CA LEU E 1592 34.58 -98.53 -13.41
C LEU E 1592 33.31 -98.11 -14.14
N ILE E 1593 33.46 -97.74 -15.42
CA ILE E 1593 32.31 -97.23 -16.17
C ILE E 1593 31.23 -98.29 -16.26
N GLU E 1594 31.64 -99.53 -16.53
CA GLU E 1594 30.68 -100.63 -16.63
C GLU E 1594 29.95 -100.85 -15.32
N ASN E 1595 30.67 -100.80 -14.20
CA ASN E 1595 30.00 -100.97 -12.91
C ASN E 1595 28.99 -99.85 -12.66
N TRP E 1596 29.36 -98.61 -12.97
CA TRP E 1596 28.51 -97.48 -12.59
C TRP E 1596 27.57 -97.05 -13.72
N ALA E 1597 28.14 -96.68 -14.87
CA ALA E 1597 27.31 -96.17 -15.95
C ALA E 1597 26.36 -97.24 -16.48
N ALA E 1598 26.81 -98.49 -16.54
CA ALA E 1598 26.01 -99.59 -17.04
C ALA E 1598 25.41 -100.44 -15.93
N ASP E 1599 25.51 -100.00 -14.68
CA ASP E 1599 24.94 -100.72 -13.55
C ASP E 1599 25.41 -102.18 -13.53
N SER E 1600 26.68 -102.38 -13.87
CA SER E 1600 27.32 -103.69 -13.80
C SER E 1600 26.68 -104.71 -14.74
N VAL E 1601 26.00 -104.24 -15.79
CA VAL E 1601 25.48 -105.10 -16.84
C VAL E 1601 26.45 -105.03 -18.00
N SER E 1602 27.22 -106.11 -18.21
CA SER E 1602 28.32 -106.05 -19.16
C SER E 1602 27.84 -105.77 -20.58
N SER E 1603 26.77 -106.46 -21.02
CA SER E 1603 26.32 -106.32 -22.40
C SER E 1603 25.89 -104.91 -22.75
N ARG E 1604 25.60 -104.07 -21.76
CA ARG E 1604 25.15 -102.72 -22.05
C ARG E 1604 26.24 -101.86 -22.70
N VAL E 1605 27.51 -102.19 -22.50
CA VAL E 1605 28.61 -101.37 -23.03
C VAL E 1605 28.90 -101.85 -24.45
N ARG E 1606 28.64 -100.96 -25.42
CA ARG E 1606 28.84 -101.30 -26.83
C ARG E 1606 30.07 -100.64 -27.44
N GLY E 1607 30.50 -99.52 -26.88
CA GLY E 1607 31.71 -98.87 -27.36
C GLY E 1607 32.51 -98.25 -26.24
N TYR E 1608 33.83 -98.23 -26.36
CA TYR E 1608 34.68 -97.61 -25.37
C TYR E 1608 35.96 -97.16 -26.03
N THR E 1609 36.27 -95.88 -25.94
CA THR E 1609 37.50 -95.36 -26.50
C THR E 1609 38.23 -94.56 -25.45
N CYS E 1610 39.55 -94.65 -25.44
CA CYS E 1610 40.36 -93.94 -24.46
C CYS E 1610 41.56 -93.30 -25.15
N GLN E 1611 41.98 -92.15 -24.63
CA GLN E 1611 43.20 -91.48 -25.06
C GLN E 1611 44.16 -91.42 -23.89
N PHE E 1612 45.41 -91.79 -24.12
CA PHE E 1612 46.45 -91.77 -23.09
C PHE E 1612 47.17 -90.44 -23.16
N VAL E 1613 46.74 -89.48 -22.35
CA VAL E 1613 47.30 -88.13 -22.44
C VAL E 1613 48.57 -87.96 -21.61
N ASP E 1614 48.84 -88.85 -20.66
CA ASP E 1614 50.06 -88.74 -19.86
C ASP E 1614 50.38 -90.08 -19.21
N MET E 1615 51.62 -90.23 -18.79
CA MET E 1615 52.11 -91.48 -18.24
C MET E 1615 51.68 -91.63 -16.79
N VAL E 1616 51.64 -92.88 -16.33
CA VAL E 1616 51.21 -93.23 -14.99
C VAL E 1616 52.21 -94.21 -14.39
N LEU E 1617 52.60 -93.96 -13.15
CA LEU E 1617 53.51 -94.83 -12.44
C LEU E 1617 52.75 -95.71 -11.45
N PRO E 1618 53.32 -96.86 -11.09
CA PRO E 1618 52.64 -97.74 -10.13
C PRO E 1618 52.41 -97.08 -8.78
N ASN E 1619 51.42 -97.60 -8.05
CA ASN E 1619 51.08 -97.12 -6.71
C ASN E 1619 50.62 -95.67 -6.73
N THR E 1620 49.86 -95.30 -7.76
CA THR E 1620 49.34 -93.95 -7.90
C THR E 1620 47.82 -93.96 -7.74
N ALA E 1621 47.32 -93.00 -6.98
CA ALA E 1621 45.89 -92.84 -6.79
C ALA E 1621 45.31 -92.06 -7.97
N LEU E 1622 44.38 -92.68 -8.69
CA LEU E 1622 43.69 -92.05 -9.79
C LEU E 1622 42.29 -91.64 -9.35
N LYS E 1623 41.78 -90.59 -9.98
CA LYS E 1623 40.44 -90.07 -9.70
C LYS E 1623 39.75 -89.82 -11.04
N THR E 1624 38.80 -90.68 -11.39
CA THR E 1624 38.08 -90.58 -12.66
C THR E 1624 36.68 -90.03 -12.41
N SER E 1625 36.28 -89.07 -13.22
CA SER E 1625 34.97 -88.45 -13.16
C SER E 1625 34.15 -88.87 -14.37
N ILE E 1626 32.94 -89.37 -14.13
CA ILE E 1626 32.08 -89.94 -15.16
C ILE E 1626 30.87 -89.04 -15.36
N GLN E 1627 30.56 -88.75 -16.63
CA GLN E 1627 29.45 -87.85 -16.97
C GLN E 1627 28.67 -88.42 -18.14
N HIS E 1628 27.34 -88.32 -18.07
CA HIS E 1628 26.46 -88.60 -19.19
C HIS E 1628 26.24 -87.28 -19.93
N VAL E 1629 26.69 -87.21 -21.18
CA VAL E 1629 26.74 -85.96 -21.92
C VAL E 1629 25.79 -85.96 -23.11
N GLY E 1630 25.58 -87.10 -23.76
CA GLY E 1630 24.74 -87.09 -24.94
C GLY E 1630 24.20 -88.46 -25.29
N MET E 1631 23.49 -88.52 -26.40
CA MET E 1631 22.96 -89.76 -26.92
C MET E 1631 23.50 -89.99 -28.32
N ILE E 1632 23.56 -91.25 -28.73
CA ILE E 1632 23.88 -91.58 -30.11
C ILE E 1632 23.14 -92.85 -30.50
N ASN E 1633 22.16 -92.73 -31.39
CA ASN E 1633 21.46 -93.89 -31.93
C ASN E 1633 20.84 -94.74 -30.83
N GLY E 1634 20.28 -94.07 -29.81
CA GLY E 1634 19.63 -94.76 -28.72
C GLY E 1634 20.56 -95.23 -27.61
N ARG E 1635 21.83 -94.87 -27.65
CA ARG E 1635 22.80 -95.26 -26.64
C ARG E 1635 23.28 -94.02 -25.89
N LYS E 1636 23.50 -94.18 -24.59
CA LYS E 1636 24.06 -93.09 -23.80
C LYS E 1636 25.51 -92.84 -24.17
N LEU E 1637 25.91 -91.58 -24.18
CA LEU E 1637 27.30 -91.19 -24.39
C LEU E 1637 27.90 -90.76 -23.05
N ILE E 1638 28.87 -91.51 -22.57
CA ILE E 1638 29.54 -91.21 -21.32
C ILE E 1638 30.94 -90.72 -21.62
N LYS E 1639 31.29 -89.57 -21.07
CA LYS E 1639 32.66 -89.07 -21.07
C LYS E 1639 33.31 -89.36 -19.72
N PHE E 1640 34.61 -89.58 -19.74
CA PHE E 1640 35.36 -89.73 -18.50
C PHE E 1640 36.70 -89.05 -18.62
N GLU E 1641 37.23 -88.65 -17.47
CA GLU E 1641 38.51 -87.97 -17.38
C GLU E 1641 39.19 -88.43 -16.09
N THR E 1642 40.40 -88.96 -16.21
CA THR E 1642 41.13 -89.51 -15.08
C THR E 1642 42.33 -88.63 -14.75
N ARG E 1643 42.43 -88.21 -13.50
CA ARG E 1643 43.54 -87.40 -13.02
C ARG E 1643 44.33 -88.16 -11.95
N ASN E 1644 45.59 -87.77 -11.78
CA ASN E 1644 46.47 -88.37 -10.79
C ASN E 1644 46.57 -87.45 -9.58
N GLU E 1645 47.45 -87.80 -8.62
CA GLU E 1645 47.55 -87.04 -7.39
C GLU E 1645 47.84 -85.57 -7.67
N ASP E 1646 48.75 -85.30 -8.58
CA ASP E 1646 49.08 -83.93 -8.96
C ASP E 1646 47.96 -83.23 -9.68
N ASP E 1647 46.80 -83.87 -9.90
CA ASP E 1647 45.66 -83.22 -10.54
C ASP E 1647 45.89 -83.05 -12.04
N VAL E 1648 46.68 -83.93 -12.64
CA VAL E 1648 47.03 -83.87 -14.05
C VAL E 1648 46.21 -84.92 -14.78
N VAL E 1649 45.56 -84.52 -15.88
CA VAL E 1649 44.80 -85.47 -16.66
C VAL E 1649 45.75 -86.52 -17.24
N VAL E 1650 45.42 -87.78 -17.03
CA VAL E 1650 46.23 -88.88 -17.55
C VAL E 1650 45.47 -89.77 -18.52
N LEU E 1651 44.14 -89.67 -18.59
CA LEU E 1651 43.36 -90.56 -19.44
C LEU E 1651 42.00 -89.94 -19.67
N THR E 1652 41.57 -89.93 -20.92
CA THR E 1652 40.24 -89.46 -21.30
C THR E 1652 39.66 -90.41 -22.34
N GLY E 1653 38.35 -90.32 -22.52
CA GLY E 1653 37.71 -91.17 -23.50
C GLY E 1653 36.21 -91.10 -23.38
N GLU E 1654 35.53 -91.96 -24.13
CA GLU E 1654 34.09 -91.97 -24.08
C GLU E 1654 33.57 -93.38 -24.18
N ALA E 1655 32.32 -93.55 -23.77
CA ALA E 1655 31.71 -94.86 -23.84
C ALA E 1655 30.31 -94.77 -24.40
N GLU E 1656 29.84 -95.86 -24.99
CA GLU E 1656 28.49 -95.93 -25.51
C GLU E 1656 27.74 -97.02 -24.75
N ILE E 1657 26.80 -96.62 -23.90
CA ILE E 1657 26.06 -97.52 -23.03
C ILE E 1657 24.65 -97.64 -23.56
N GLU E 1658 24.22 -98.86 -23.86
CA GLU E 1658 22.85 -99.10 -24.28
C GLU E 1658 21.88 -98.80 -23.15
N GLN E 1659 20.70 -98.33 -23.52
CA GLN E 1659 19.67 -98.00 -22.54
C GLN E 1659 19.03 -99.27 -21.99
N PRO E 1660 18.35 -99.16 -20.85
CA PRO E 1660 17.58 -100.31 -20.35
C PRO E 1660 16.52 -100.76 -21.34
N VAL E 1661 16.25 -102.06 -21.37
CA VAL E 1661 15.27 -102.63 -22.29
C VAL E 1661 14.01 -101.78 -22.27
N THR E 1662 13.55 -101.39 -23.46
CA THR E 1662 12.51 -100.38 -23.61
C THR E 1662 11.36 -100.92 -24.45
N THR E 1663 10.17 -100.41 -24.16
CA THR E 1663 8.98 -100.66 -24.95
C THR E 1663 8.24 -99.34 -25.15
N PHE E 1664 7.95 -99.00 -26.40
CA PHE E 1664 7.17 -97.83 -26.72
C PHE E 1664 5.74 -98.24 -26.99
N VAL E 1665 4.79 -97.57 -26.35
CA VAL E 1665 3.39 -97.93 -26.38
C VAL E 1665 2.59 -96.70 -26.81
N PHE E 1666 1.73 -96.87 -27.81
CA PHE E 1666 1.07 -95.75 -28.47
C PHE E 1666 -0.41 -95.74 -28.11
N THR E 1667 -0.86 -94.63 -27.53
CA THR E 1667 -2.25 -94.53 -27.08
C THR E 1667 -3.24 -94.47 -28.22
N GLY E 1668 -4.43 -95.00 -28.00
CA GLY E 1668 -5.46 -94.98 -29.02
C GLY E 1668 -6.43 -93.84 -28.86
N GLN E 1669 -7.63 -94.01 -29.41
CA GLN E 1669 -8.65 -92.97 -29.35
C GLN E 1669 -9.10 -92.76 -27.91
N GLY E 1670 -9.35 -91.50 -27.54
CA GLY E 1670 -9.76 -91.20 -26.18
C GLY E 1670 -10.19 -89.77 -25.98
N SER E 1671 -9.63 -89.08 -24.98
CA SER E 1671 -9.95 -87.68 -24.74
C SER E 1671 -8.96 -86.83 -25.52
N GLN E 1672 -9.32 -86.48 -26.75
CA GLN E 1672 -8.48 -85.63 -27.58
C GLN E 1672 -8.72 -84.19 -27.20
N GLU E 1673 -7.69 -83.53 -26.70
CA GLU E 1673 -7.83 -82.18 -26.16
C GLU E 1673 -7.37 -81.16 -27.19
N GLN E 1674 -8.06 -80.02 -27.18
CA GLN E 1674 -7.63 -78.89 -27.99
C GLN E 1674 -6.20 -78.52 -27.65
N GLY E 1675 -5.40 -78.27 -28.69
CA GLY E 1675 -4.03 -77.87 -28.51
C GLY E 1675 -3.05 -78.99 -28.29
N MET E 1676 -3.46 -80.25 -28.49
CA MET E 1676 -2.56 -81.36 -28.25
C MET E 1676 -1.40 -81.34 -29.24
N GLY E 1677 -0.18 -81.53 -28.74
CA GLY E 1677 1.00 -81.57 -29.60
C GLY E 1677 1.45 -80.23 -30.08
N MET E 1678 0.88 -79.14 -29.58
CA MET E 1678 1.20 -77.84 -30.15
C MET E 1678 2.43 -77.21 -29.51
N ASP E 1679 2.72 -77.53 -28.25
CA ASP E 1679 3.96 -77.04 -27.64
C ASP E 1679 5.17 -77.63 -28.36
N LEU E 1680 5.14 -78.93 -28.63
CA LEU E 1680 6.22 -79.54 -29.37
C LEU E 1680 6.27 -78.96 -30.76
N TYR E 1681 5.11 -78.69 -31.32
CA TYR E 1681 5.06 -78.11 -32.65
C TYR E 1681 5.78 -76.77 -32.65
N LYS E 1682 5.63 -76.01 -31.59
CA LYS E 1682 6.29 -74.70 -31.50
C LYS E 1682 7.80 -74.85 -31.33
N THR E 1683 8.24 -75.82 -30.52
CA THR E 1683 9.65 -75.90 -30.19
C THR E 1683 10.46 -76.79 -31.13
N SER E 1684 9.92 -77.93 -31.57
CA SER E 1684 10.70 -78.95 -32.25
C SER E 1684 10.63 -78.80 -33.76
N LYS E 1685 11.77 -78.99 -34.42
CA LYS E 1685 11.83 -78.92 -35.88
C LYS E 1685 11.28 -80.18 -36.54
N ALA E 1686 11.56 -81.36 -35.96
CA ALA E 1686 11.00 -82.59 -36.50
C ALA E 1686 9.48 -82.61 -36.39
N ALA E 1687 8.96 -82.11 -35.26
CA ALA E 1687 7.52 -82.03 -35.09
C ALA E 1687 6.95 -81.10 -36.14
N GLN E 1688 7.61 -79.97 -36.36
CA GLN E 1688 7.16 -79.03 -37.37
C GLN E 1688 7.13 -79.67 -38.75
N ASP E 1689 8.16 -80.45 -39.09
CA ASP E 1689 8.17 -81.13 -40.38
C ASP E 1689 6.94 -82.03 -40.51
N VAL E 1690 6.67 -82.84 -39.49
CA VAL E 1690 5.53 -83.76 -39.56
C VAL E 1690 4.22 -82.98 -39.73
N TRP E 1691 3.95 -82.06 -38.82
CA TRP E 1691 2.70 -81.32 -38.87
C TRP E 1691 2.53 -80.50 -40.15
N ASN E 1692 3.60 -79.88 -40.63
CA ASN E 1692 3.47 -79.04 -41.83
C ASN E 1692 3.25 -79.88 -43.07
N ARG E 1693 3.96 -81.01 -43.21
CA ARG E 1693 3.67 -81.88 -44.34
C ARG E 1693 2.22 -82.34 -44.32
N ALA E 1694 1.73 -82.75 -43.15
CA ALA E 1694 0.34 -83.20 -43.07
C ALA E 1694 -0.64 -82.08 -43.37
N ASP E 1695 -0.40 -80.88 -42.82
CA ASP E 1695 -1.32 -79.77 -43.03
C ASP E 1695 -1.32 -79.32 -44.48
N ASN E 1696 -0.16 -79.29 -45.12
CA ASN E 1696 -0.11 -78.96 -46.54
C ASN E 1696 -0.90 -79.96 -47.36
N HIS E 1697 -0.73 -81.25 -47.07
CA HIS E 1697 -1.48 -82.26 -47.83
C HIS E 1697 -2.98 -82.07 -47.62
N PHE E 1698 -3.41 -81.82 -46.37
CA PHE E 1698 -4.83 -81.67 -46.10
C PHE E 1698 -5.39 -80.43 -46.79
N LYS E 1699 -4.66 -79.32 -46.76
CA LYS E 1699 -5.12 -78.11 -47.43
C LYS E 1699 -5.25 -78.33 -48.92
N ASP E 1700 -4.23 -78.92 -49.53
CA ASP E 1700 -4.24 -79.10 -50.98
C ASP E 1700 -5.34 -80.08 -51.40
N THR E 1701 -5.58 -81.12 -50.63
CA THR E 1701 -6.46 -82.19 -51.07
C THR E 1701 -7.92 -81.97 -50.67
N TYR E 1702 -8.17 -81.49 -49.44
CA TYR E 1702 -9.53 -81.41 -48.92
C TYR E 1702 -9.88 -80.02 -48.40
N GLY E 1703 -9.06 -79.02 -48.67
CA GLY E 1703 -9.40 -77.65 -48.35
C GLY E 1703 -9.63 -77.37 -46.89
N PHE E 1704 -8.92 -78.07 -46.01
CA PHE E 1704 -9.00 -77.79 -44.59
C PHE E 1704 -7.66 -78.06 -43.94
N SER E 1705 -7.36 -77.32 -42.87
CA SER E 1705 -6.12 -77.52 -42.13
C SER E 1705 -6.35 -78.32 -40.86
N ILE E 1706 -5.67 -79.45 -40.72
CA ILE E 1706 -5.77 -80.22 -39.48
C ILE E 1706 -5.17 -79.44 -38.32
N LEU E 1707 -4.12 -78.65 -38.57
CA LEU E 1707 -3.58 -77.81 -37.50
C LEU E 1707 -4.63 -76.84 -36.98
N ASP E 1708 -5.45 -76.29 -37.86
CA ASP E 1708 -6.51 -75.40 -37.44
C ASP E 1708 -7.54 -76.10 -36.56
N ILE E 1709 -7.89 -77.32 -36.94
CA ILE E 1709 -8.85 -78.07 -36.13
C ILE E 1709 -8.27 -78.38 -34.76
N VAL E 1710 -7.00 -78.74 -34.70
CA VAL E 1710 -6.37 -79.02 -33.40
C VAL E 1710 -6.30 -77.77 -32.55
N ILE E 1711 -5.95 -76.64 -33.16
CA ILE E 1711 -5.70 -75.42 -32.38
C ILE E 1711 -7.01 -74.79 -31.92
N ASN E 1712 -7.99 -74.66 -32.83
CA ASN E 1712 -9.19 -73.89 -32.55
C ASN E 1712 -10.43 -74.72 -32.29
N ASN E 1713 -10.47 -75.97 -32.76
CA ASN E 1713 -11.61 -76.85 -32.53
C ASN E 1713 -12.93 -76.18 -32.88
N PRO E 1714 -13.19 -75.93 -34.17
CA PRO E 1714 -14.43 -75.26 -34.55
C PRO E 1714 -15.62 -76.19 -34.45
N VAL E 1715 -16.79 -75.62 -34.16
CA VAL E 1715 -18.01 -76.41 -34.13
C VAL E 1715 -18.40 -76.83 -35.53
N ASN E 1716 -18.33 -75.92 -36.50
CA ASN E 1716 -18.66 -76.18 -37.89
C ASN E 1716 -17.50 -75.78 -38.78
N LEU E 1717 -17.38 -76.47 -39.92
CA LEU E 1717 -16.32 -76.21 -40.88
C LEU E 1717 -16.88 -76.34 -42.28
N THR E 1718 -16.84 -75.27 -43.06
CA THR E 1718 -17.38 -75.27 -44.41
C THR E 1718 -16.25 -75.31 -45.43
N ILE E 1719 -16.40 -76.19 -46.42
CA ILE E 1719 -15.48 -76.29 -47.54
C ILE E 1719 -16.16 -75.66 -48.75
N HIS E 1720 -15.45 -74.79 -49.45
CA HIS E 1720 -15.98 -74.06 -50.60
C HIS E 1720 -15.33 -74.58 -51.87
N PHE E 1721 -16.15 -74.98 -52.83
CA PHE E 1721 -15.69 -75.52 -54.10
C PHE E 1721 -15.70 -74.48 -55.22
N GLY E 1722 -15.16 -73.29 -54.98
CA GLY E 1722 -15.13 -72.24 -55.99
C GLY E 1722 -13.79 -72.21 -56.70
N GLY E 1723 -13.83 -71.91 -58.00
CA GLY E 1723 -12.63 -71.84 -58.80
C GLY E 1723 -12.08 -73.20 -59.17
N GLU E 1724 -10.92 -73.19 -59.82
CA GLU E 1724 -10.31 -74.44 -60.28
C GLU E 1724 -9.86 -75.29 -59.10
N LYS E 1725 -9.21 -74.68 -58.12
CA LYS E 1725 -8.79 -75.42 -56.93
C LYS E 1725 -10.01 -75.97 -56.18
N GLY E 1726 -11.06 -75.16 -56.05
CA GLY E 1726 -12.28 -75.63 -55.44
C GLY E 1726 -12.87 -76.81 -56.16
N LYS E 1727 -12.86 -76.79 -57.50
CA LYS E 1727 -13.39 -77.90 -58.26
C LYS E 1727 -12.55 -79.17 -58.08
N ARG E 1728 -11.22 -79.03 -58.02
CA ARG E 1728 -10.39 -80.20 -57.76
C ARG E 1728 -10.67 -80.79 -56.38
N ILE E 1729 -10.83 -79.93 -55.37
CA ILE E 1729 -11.14 -80.41 -54.03
C ILE E 1729 -12.49 -81.11 -54.02
N ARG E 1730 -13.47 -80.55 -54.73
CA ARG E 1730 -14.79 -81.18 -54.80
C ARG E 1730 -14.69 -82.55 -55.45
N GLU E 1731 -13.89 -82.68 -56.50
CA GLU E 1731 -13.71 -83.99 -57.11
C GLU E 1731 -13.12 -84.98 -56.11
N ASN E 1732 -12.12 -84.54 -55.34
CA ASN E 1732 -11.56 -85.40 -54.29
C ASN E 1732 -12.66 -85.89 -53.37
N TYR E 1733 -13.52 -84.98 -52.92
CA TYR E 1733 -14.60 -85.38 -52.03
C TYR E 1733 -15.54 -86.37 -52.70
N SER E 1734 -15.85 -86.14 -53.97
CA SER E 1734 -16.80 -86.99 -54.68
C SER E 1734 -16.28 -88.40 -54.84
N ALA E 1735 -14.97 -88.54 -55.07
CA ALA E 1735 -14.42 -89.86 -55.41
C ALA E 1735 -14.60 -90.87 -54.29
N MET E 1736 -14.34 -90.46 -53.05
CA MET E 1736 -14.25 -91.44 -51.95
C MET E 1736 -15.59 -92.12 -51.73
N ILE E 1737 -15.52 -93.39 -51.32
CA ILE E 1737 -16.69 -94.25 -51.17
C ILE E 1737 -16.52 -95.12 -49.94
N PHE E 1738 -17.60 -95.80 -49.55
CA PHE E 1738 -17.59 -96.76 -48.45
C PHE E 1738 -18.08 -98.10 -49.01
N GLU E 1739 -17.16 -98.88 -49.56
CA GLU E 1739 -17.49 -100.20 -50.04
C GLU E 1739 -17.76 -101.14 -48.86
N THR E 1740 -18.68 -102.09 -49.05
CA THR E 1740 -19.03 -103.03 -48.00
C THR E 1740 -19.48 -104.33 -48.64
N ILE E 1741 -19.46 -105.40 -47.85
CA ILE E 1741 -19.84 -106.74 -48.30
C ILE E 1741 -21.18 -107.10 -47.67
N VAL E 1742 -22.17 -107.38 -48.52
CA VAL E 1742 -23.49 -107.79 -48.08
C VAL E 1742 -23.76 -109.17 -48.65
N ASP E 1743 -23.91 -110.16 -47.78
CA ASP E 1743 -24.20 -111.53 -48.19
C ASP E 1743 -23.22 -112.00 -49.27
N GLY E 1744 -21.94 -111.69 -49.08
CA GLY E 1744 -20.95 -112.03 -50.07
C GLY E 1744 -21.07 -111.27 -51.38
N LYS E 1745 -21.34 -109.97 -51.32
CA LYS E 1745 -21.43 -109.13 -52.51
C LYS E 1745 -21.03 -107.71 -52.17
N LEU E 1746 -20.30 -107.07 -53.09
CA LEU E 1746 -19.88 -105.69 -52.89
C LEU E 1746 -21.08 -104.75 -52.96
N LYS E 1747 -21.06 -103.72 -52.10
CA LYS E 1747 -22.10 -102.70 -52.05
C LYS E 1747 -21.40 -101.34 -51.92
N THR E 1748 -21.11 -100.73 -53.07
CA THR E 1748 -20.36 -99.48 -53.12
C THR E 1748 -21.30 -98.32 -52.81
N GLU E 1749 -21.28 -97.84 -51.58
CA GLU E 1749 -21.93 -96.60 -51.21
C GLU E 1749 -21.04 -95.42 -51.61
N LYS E 1750 -21.48 -94.21 -51.27
CA LYS E 1750 -20.68 -93.00 -51.49
C LYS E 1750 -20.73 -92.16 -50.22
N ILE E 1751 -19.57 -91.85 -49.67
CA ILE E 1751 -19.50 -90.87 -48.59
C ILE E 1751 -19.73 -89.49 -49.19
N PHE E 1752 -20.38 -88.62 -48.43
CA PHE E 1752 -20.78 -87.31 -48.94
C PHE E 1752 -21.74 -87.46 -50.11
N LYS E 1753 -22.91 -88.03 -49.82
CA LYS E 1753 -23.96 -88.08 -50.81
C LYS E 1753 -24.51 -86.69 -51.13
N GLU E 1754 -24.27 -85.71 -50.26
CA GLU E 1754 -24.71 -84.35 -50.52
C GLU E 1754 -23.86 -83.65 -51.57
N ILE E 1755 -22.67 -84.15 -51.87
CA ILE E 1755 -21.74 -83.48 -52.75
C ILE E 1755 -21.90 -84.03 -54.16
N ASN E 1756 -22.34 -83.19 -55.08
CA ASN E 1756 -22.44 -83.52 -56.49
C ASN E 1756 -21.73 -82.43 -57.29
N GLU E 1757 -21.77 -82.57 -58.62
CA GLU E 1757 -21.07 -81.64 -59.49
C GLU E 1757 -21.73 -80.27 -59.56
N HIS E 1758 -22.85 -80.08 -58.85
CA HIS E 1758 -23.49 -78.78 -58.72
C HIS E 1758 -23.36 -78.21 -57.32
N SER E 1759 -22.57 -78.84 -56.46
CA SER E 1759 -22.39 -78.36 -55.11
C SER E 1759 -21.34 -77.27 -55.07
N THR E 1760 -21.62 -76.21 -54.33
CA THR E 1760 -20.68 -75.10 -54.18
C THR E 1760 -19.99 -75.08 -52.83
N SER E 1761 -20.47 -75.87 -51.86
CA SER E 1761 -19.80 -75.98 -50.58
C SER E 1761 -20.26 -77.26 -49.88
N TYR E 1762 -19.61 -77.54 -48.76
CA TYR E 1762 -20.00 -78.63 -47.88
C TYR E 1762 -19.60 -78.27 -46.47
N THR E 1763 -20.44 -78.61 -45.50
CA THR E 1763 -20.22 -78.24 -44.11
C THR E 1763 -20.07 -79.49 -43.26
N PHE E 1764 -18.98 -79.56 -42.51
CA PHE E 1764 -18.85 -80.54 -41.44
C PHE E 1764 -19.51 -79.98 -40.20
N ARG E 1765 -20.24 -80.82 -39.49
CA ARG E 1765 -21.01 -80.39 -38.34
C ARG E 1765 -20.58 -81.17 -37.11
N SER E 1766 -20.98 -80.65 -35.95
CA SER E 1766 -20.71 -81.27 -34.67
C SER E 1766 -21.52 -80.51 -33.63
N GLU E 1767 -21.36 -80.90 -32.36
CA GLU E 1767 -22.08 -80.28 -31.25
C GLU E 1767 -21.23 -79.29 -30.48
N LYS E 1768 -20.02 -79.67 -30.10
CA LYS E 1768 -19.16 -78.83 -29.28
C LYS E 1768 -17.77 -78.64 -29.87
N GLY E 1769 -17.50 -79.18 -31.06
CA GLY E 1769 -16.19 -79.08 -31.67
C GLY E 1769 -15.88 -80.27 -32.54
N LEU E 1770 -15.31 -80.02 -33.72
CA LEU E 1770 -15.06 -81.10 -34.67
C LEU E 1770 -13.86 -81.94 -34.32
N LEU E 1771 -13.00 -81.50 -33.40
CA LEU E 1771 -11.90 -82.33 -32.95
C LEU E 1771 -12.40 -83.63 -32.34
N SER E 1772 -13.64 -83.67 -31.86
CA SER E 1772 -14.22 -84.90 -31.35
C SER E 1772 -14.69 -85.83 -32.46
N ALA E 1773 -14.97 -85.30 -33.64
CA ALA E 1773 -15.40 -86.12 -34.76
C ALA E 1773 -14.33 -87.14 -35.11
N THR E 1774 -14.73 -88.30 -35.59
CA THR E 1774 -13.78 -89.38 -35.84
C THR E 1774 -12.78 -89.00 -36.93
N GLN E 1775 -13.28 -88.53 -38.08
CA GLN E 1775 -12.43 -88.29 -39.23
C GLN E 1775 -11.34 -87.26 -38.94
N PHE E 1776 -11.57 -86.36 -37.99
CA PHE E 1776 -10.57 -85.38 -37.59
C PHE E 1776 -9.79 -85.78 -36.37
N THR E 1777 -10.38 -86.57 -35.47
CA THR E 1777 -9.68 -86.98 -34.27
C THR E 1777 -8.61 -88.02 -34.57
N GLN E 1778 -8.91 -88.97 -35.46
CA GLN E 1778 -7.93 -90.01 -35.78
C GLN E 1778 -6.66 -89.46 -36.41
N PRO E 1779 -6.73 -88.69 -37.51
CA PRO E 1779 -5.48 -88.13 -38.05
C PRO E 1779 -4.75 -87.22 -37.09
N ALA E 1780 -5.48 -86.46 -36.28
CA ALA E 1780 -4.83 -85.54 -35.34
C ALA E 1780 -4.03 -86.31 -34.29
N LEU E 1781 -4.61 -87.38 -33.76
CA LEU E 1781 -3.91 -88.19 -32.77
C LEU E 1781 -2.72 -88.88 -33.41
N THR E 1782 -2.90 -89.43 -34.61
CA THR E 1782 -1.80 -90.05 -35.32
C THR E 1782 -0.65 -89.07 -35.50
N LEU E 1783 -0.96 -87.84 -35.89
CA LEU E 1783 0.09 -86.83 -36.09
C LEU E 1783 0.75 -86.44 -34.78
N MET E 1784 -0.03 -86.29 -33.71
CA MET E 1784 0.56 -85.94 -32.43
C MET E 1784 1.59 -86.98 -32.02
N GLU E 1785 1.22 -88.26 -32.12
CA GLU E 1785 2.13 -89.32 -31.71
C GLU E 1785 3.33 -89.42 -32.64
N LYS E 1786 3.11 -89.32 -33.94
CA LYS E 1786 4.22 -89.39 -34.90
C LYS E 1786 5.19 -88.23 -34.69
N ALA E 1787 4.67 -87.05 -34.42
CA ALA E 1787 5.52 -85.90 -34.18
C ALA E 1787 6.35 -86.08 -32.93
N ALA E 1788 5.71 -86.56 -31.85
CA ALA E 1788 6.45 -86.80 -30.61
C ALA E 1788 7.57 -87.82 -30.83
N PHE E 1789 7.27 -88.90 -31.55
CA PHE E 1789 8.29 -89.91 -31.77
C PHE E 1789 9.39 -89.40 -32.67
N GLU E 1790 9.07 -88.57 -33.67
CA GLU E 1790 10.11 -88.00 -34.52
C GLU E 1790 11.02 -87.08 -33.72
N ASP E 1791 10.44 -86.30 -32.80
CA ASP E 1791 11.29 -85.50 -31.93
C ASP E 1791 12.20 -86.38 -31.09
N LEU E 1792 11.66 -87.47 -30.54
CA LEU E 1792 12.51 -88.38 -29.76
C LEU E 1792 13.64 -88.94 -30.62
N LYS E 1793 13.32 -89.33 -31.86
CA LYS E 1793 14.33 -89.88 -32.76
C LYS E 1793 15.39 -88.85 -33.08
N SER E 1794 14.99 -87.60 -33.27
CA SER E 1794 15.93 -86.55 -33.63
C SER E 1794 16.90 -86.23 -32.51
N LYS E 1795 16.66 -86.74 -31.30
CA LYS E 1795 17.56 -86.54 -30.18
C LYS E 1795 18.36 -87.80 -29.85
N GLY E 1796 18.27 -88.83 -30.68
CA GLY E 1796 19.03 -90.05 -30.46
C GLY E 1796 18.51 -90.94 -29.36
N LEU E 1797 17.24 -90.82 -28.98
CA LEU E 1797 16.72 -91.46 -27.79
C LEU E 1797 16.02 -92.79 -28.06
N ILE E 1798 16.05 -93.32 -29.28
CA ILE E 1798 15.27 -94.50 -29.63
C ILE E 1798 16.21 -95.70 -29.68
N PRO E 1799 16.13 -96.64 -28.74
CA PRO E 1799 16.93 -97.85 -28.84
C PRO E 1799 16.62 -98.63 -30.11
N ALA E 1800 17.65 -99.24 -30.69
CA ALA E 1800 17.49 -99.95 -31.94
C ALA E 1800 16.70 -101.23 -31.78
N ASP E 1801 16.68 -101.81 -30.58
CA ASP E 1801 15.96 -103.05 -30.32
C ASP E 1801 14.64 -102.81 -29.60
N ALA E 1802 14.17 -101.57 -29.54
CA ALA E 1802 12.94 -101.28 -28.82
C ALA E 1802 11.76 -101.98 -29.46
N THR E 1803 11.08 -102.80 -28.68
CA THR E 1803 9.81 -103.39 -29.08
C THR E 1803 8.69 -102.37 -28.90
N PHE E 1804 7.58 -102.58 -29.60
CA PHE E 1804 6.53 -101.57 -29.62
C PHE E 1804 5.17 -102.21 -29.88
N ALA E 1805 4.14 -101.49 -29.46
CA ALA E 1805 2.76 -101.89 -29.68
C ALA E 1805 1.88 -100.66 -29.55
N GLY E 1806 0.67 -100.74 -30.10
CA GLY E 1806 -0.26 -99.63 -30.02
C GLY E 1806 -1.64 -100.09 -29.63
N HIS E 1807 -2.31 -99.32 -28.79
CA HIS E 1807 -3.66 -99.66 -28.33
C HIS E 1807 -4.70 -99.07 -29.27
N SER E 1808 -5.35 -99.93 -30.05
CA SER E 1808 -6.32 -99.46 -31.04
C SER E 1808 -5.69 -98.58 -32.14
N LEU E 1809 -6.03 -97.30 -32.21
CA LEU E 1809 -5.46 -96.40 -33.20
C LEU E 1809 -3.95 -96.31 -33.06
N GLY E 1810 -3.45 -96.41 -31.85
CA GLY E 1810 -2.03 -96.31 -31.60
C GLY E 1810 -1.21 -97.27 -32.42
N GLU E 1811 -1.77 -98.43 -32.73
CA GLU E 1811 -1.04 -99.43 -33.47
C GLU E 1811 -0.66 -98.89 -34.82
N TYR E 1812 -1.61 -98.24 -35.48
CA TYR E 1812 -1.36 -97.68 -36.80
C TYR E 1812 -0.28 -96.62 -36.71
N ALA E 1813 -0.35 -95.77 -35.69
CA ALA E 1813 0.65 -94.73 -35.51
C ALA E 1813 2.01 -95.32 -35.19
N ALA E 1814 2.05 -96.37 -34.37
CA ALA E 1814 3.31 -97.00 -33.99
C ALA E 1814 4.05 -97.54 -35.20
N LEU E 1815 3.31 -98.17 -36.12
CA LEU E 1815 3.94 -98.68 -37.33
C LEU E 1815 4.55 -97.55 -38.16
N ALA E 1816 3.84 -96.43 -38.29
CA ALA E 1816 4.40 -95.30 -39.03
C ALA E 1816 5.62 -94.72 -38.34
N SER E 1817 5.68 -94.79 -37.01
CA SER E 1817 6.75 -94.14 -36.27
C SER E 1817 8.01 -95.00 -36.23
N LEU E 1818 7.88 -96.29 -35.94
CA LEU E 1818 9.03 -97.17 -35.80
C LEU E 1818 9.32 -97.99 -37.04
N ALA E 1819 8.29 -98.34 -37.82
CA ALA E 1819 8.50 -99.14 -39.02
C ALA E 1819 8.57 -98.29 -40.28
N ASP E 1820 8.06 -97.06 -40.24
CA ASP E 1820 8.09 -96.16 -41.40
C ASP E 1820 7.58 -96.88 -42.65
N VAL E 1821 6.39 -97.46 -42.55
CA VAL E 1821 5.81 -98.19 -43.67
C VAL E 1821 5.15 -97.27 -44.68
N MET E 1822 4.81 -96.04 -44.28
CA MET E 1822 4.15 -95.12 -45.17
C MET E 1822 4.57 -93.70 -44.83
N SER E 1823 4.61 -92.85 -45.84
CA SER E 1823 4.97 -91.46 -45.65
C SER E 1823 3.89 -90.73 -44.86
N ILE E 1824 4.22 -89.51 -44.45
CA ILE E 1824 3.29 -88.71 -43.65
C ILE E 1824 2.00 -88.45 -44.43
N GLU E 1825 2.13 -88.10 -45.72
CA GLU E 1825 0.95 -87.78 -46.51
C GLU E 1825 0.04 -89.01 -46.66
N SER E 1826 0.63 -90.18 -46.90
CA SER E 1826 -0.18 -91.39 -46.99
C SER E 1826 -0.80 -91.75 -45.65
N LEU E 1827 -0.06 -91.54 -44.56
CA LEU E 1827 -0.56 -91.89 -43.24
C LEU E 1827 -1.83 -91.12 -42.90
N VAL E 1828 -1.79 -89.79 -43.02
CA VAL E 1828 -2.94 -89.00 -42.67
C VAL E 1828 -4.07 -89.20 -43.68
N GLU E 1829 -3.72 -89.53 -44.93
CA GLU E 1829 -4.75 -89.78 -45.93
C GLU E 1829 -5.57 -91.01 -45.59
N VAL E 1830 -4.90 -92.11 -45.25
CA VAL E 1830 -5.63 -93.34 -44.96
C VAL E 1830 -6.43 -93.19 -43.68
N VAL E 1831 -5.86 -92.54 -42.66
CA VAL E 1831 -6.56 -92.36 -41.40
C VAL E 1831 -7.80 -91.48 -41.60
N PHE E 1832 -7.70 -90.47 -42.46
CA PHE E 1832 -8.87 -89.65 -42.74
C PHE E 1832 -9.94 -90.45 -43.49
N TYR E 1833 -9.52 -91.28 -44.44
CA TYR E 1833 -10.48 -92.11 -45.16
C TYR E 1833 -11.18 -93.07 -44.20
N ARG E 1834 -10.42 -93.71 -43.32
CA ARG E 1834 -11.01 -94.64 -42.36
C ARG E 1834 -11.93 -93.92 -41.40
N GLY E 1835 -11.52 -92.74 -40.92
CA GLY E 1835 -12.37 -92.01 -40.00
C GLY E 1835 -13.69 -91.61 -40.62
N MET E 1836 -13.67 -91.18 -41.89
CA MET E 1836 -14.92 -90.85 -42.57
C MET E 1836 -15.77 -92.09 -42.78
N THR E 1837 -15.14 -93.23 -43.09
CA THR E 1837 -15.88 -94.47 -43.22
C THR E 1837 -16.66 -94.79 -41.95
N MET E 1838 -16.03 -94.60 -40.79
CA MET E 1838 -16.70 -94.90 -39.53
C MET E 1838 -17.92 -94.02 -39.34
N GLN E 1839 -17.81 -92.74 -39.67
CA GLN E 1839 -18.96 -91.87 -39.57
C GLN E 1839 -20.16 -92.45 -40.30
N VAL E 1840 -19.95 -92.99 -41.50
CA VAL E 1840 -21.03 -93.51 -42.31
C VAL E 1840 -21.31 -94.98 -42.05
N ALA E 1841 -20.55 -95.62 -41.15
CA ALA E 1841 -20.84 -97.01 -40.81
C ALA E 1841 -22.05 -97.13 -39.90
N VAL E 1842 -22.31 -96.11 -39.09
CA VAL E 1842 -23.44 -96.11 -38.17
C VAL E 1842 -24.41 -95.02 -38.60
N PRO E 1843 -25.72 -95.24 -38.55
CA PRO E 1843 -26.65 -94.15 -38.83
C PRO E 1843 -26.46 -93.01 -37.84
N ARG E 1844 -26.57 -91.79 -38.32
CA ARG E 1844 -26.35 -90.63 -37.49
C ARG E 1844 -27.43 -89.59 -37.64
N ASP E 1845 -27.22 -88.41 -37.07
CA ASP E 1845 -28.16 -87.32 -37.13
C ASP E 1845 -27.38 -86.04 -37.34
N GLU E 1846 -28.05 -84.90 -37.21
CA GLU E 1846 -27.35 -83.62 -37.22
C GLU E 1846 -26.45 -83.53 -35.98
N LEU E 1847 -25.32 -82.85 -36.16
CA LEU E 1847 -24.25 -82.70 -35.16
C LEU E 1847 -23.40 -83.96 -35.09
N GLY E 1848 -23.60 -84.92 -35.96
CA GLY E 1848 -22.73 -86.10 -35.98
C GLY E 1848 -22.81 -86.98 -34.75
N ARG E 1849 -23.94 -87.65 -34.54
CA ARG E 1849 -24.12 -88.55 -33.40
C ARG E 1849 -24.43 -89.97 -33.92
N SER E 1850 -24.72 -90.88 -33.00
CA SER E 1850 -24.95 -92.26 -33.37
C SER E 1850 -25.82 -92.94 -32.30
N ASN E 1851 -26.32 -94.12 -32.67
CA ASN E 1851 -27.11 -94.95 -31.76
C ASN E 1851 -26.24 -95.89 -30.92
N TYR E 1852 -25.02 -96.15 -31.35
CA TYR E 1852 -24.13 -97.07 -30.66
C TYR E 1852 -23.29 -96.32 -29.62
N GLY E 1853 -22.57 -97.09 -28.81
CA GLY E 1853 -21.72 -96.50 -27.80
C GLY E 1853 -20.79 -97.52 -27.17
N MET E 1854 -19.97 -97.05 -26.23
CA MET E 1854 -19.01 -97.90 -25.54
C MET E 1854 -18.94 -97.50 -24.08
N ILE E 1855 -18.68 -98.47 -23.21
CA ILE E 1855 -18.51 -98.24 -21.77
C ILE E 1855 -17.35 -99.07 -21.27
N ALA E 1856 -16.63 -98.54 -20.28
CA ALA E 1856 -15.60 -99.30 -19.59
C ALA E 1856 -16.21 -100.02 -18.41
N ILE E 1857 -15.79 -101.27 -18.21
CA ILE E 1857 -16.36 -102.13 -17.17
C ILE E 1857 -15.25 -102.60 -16.25
N ASN E 1858 -15.47 -102.44 -14.95
CA ASN E 1858 -14.55 -102.93 -13.93
C ASN E 1858 -15.16 -104.13 -13.23
N PRO E 1859 -14.88 -105.37 -13.67
CA PRO E 1859 -15.54 -106.52 -13.07
C PRO E 1859 -15.25 -106.67 -11.59
N GLY E 1860 -14.16 -106.09 -11.10
CA GLY E 1860 -13.87 -106.14 -9.68
C GLY E 1860 -14.67 -105.17 -8.85
N ARG E 1861 -15.61 -104.44 -9.46
CA ARG E 1861 -16.41 -103.47 -8.73
C ARG E 1861 -17.84 -103.95 -8.51
N VAL E 1862 -18.35 -104.83 -9.36
CA VAL E 1862 -19.66 -105.41 -9.14
C VAL E 1862 -19.62 -106.38 -7.96
N ALA E 1863 -18.57 -107.17 -7.87
CA ALA E 1863 -18.34 -108.06 -6.76
C ALA E 1863 -16.86 -108.43 -6.75
N ALA E 1864 -16.31 -108.66 -5.56
CA ALA E 1864 -14.90 -109.01 -5.47
C ALA E 1864 -14.60 -110.38 -6.07
N SER E 1865 -15.61 -111.17 -6.39
CA SER E 1865 -15.43 -112.52 -6.93
C SER E 1865 -15.99 -112.67 -8.34
N PHE E 1866 -16.12 -111.58 -9.09
CA PHE E 1866 -16.70 -111.62 -10.44
C PHE E 1866 -15.58 -111.73 -11.46
N SER E 1867 -15.32 -112.95 -11.93
CA SER E 1867 -14.23 -113.18 -12.85
C SER E 1867 -14.57 -112.64 -14.24
N GLN E 1868 -13.52 -112.43 -15.03
CA GLN E 1868 -13.70 -112.01 -16.42
C GLN E 1868 -14.59 -113.01 -17.16
N GLU E 1869 -14.27 -114.30 -17.05
CA GLU E 1869 -15.06 -115.30 -17.75
C GLU E 1869 -16.52 -115.25 -17.33
N ALA E 1870 -16.80 -114.75 -16.12
CA ALA E 1870 -18.18 -114.53 -15.72
C ALA E 1870 -18.80 -113.38 -16.50
N LEU E 1871 -18.09 -112.25 -16.61
CA LEU E 1871 -18.61 -111.13 -17.37
C LEU E 1871 -18.77 -111.50 -18.84
N GLN E 1872 -17.73 -112.12 -19.42
CA GLN E 1872 -17.83 -112.58 -20.79
C GLN E 1872 -18.98 -113.54 -20.98
N TYR E 1873 -19.37 -114.23 -19.91
CA TYR E 1873 -20.56 -115.08 -19.96
C TYR E 1873 -21.84 -114.25 -19.92
N VAL E 1874 -21.89 -113.25 -19.03
CA VAL E 1874 -23.10 -112.47 -18.87
C VAL E 1874 -23.37 -111.65 -20.13
N VAL E 1875 -22.36 -110.94 -20.62
CA VAL E 1875 -22.54 -110.12 -21.82
C VAL E 1875 -22.91 -111.00 -23.00
N GLU E 1876 -22.26 -112.17 -23.12
CA GLU E 1876 -22.57 -113.07 -24.23
C GLU E 1876 -24.03 -113.49 -24.18
N ARG E 1877 -24.52 -113.86 -22.99
CA ARG E 1877 -25.91 -114.27 -22.87
C ARG E 1877 -26.86 -113.07 -23.02
N VAL E 1878 -26.49 -111.91 -22.48
CA VAL E 1878 -27.39 -110.76 -22.54
C VAL E 1878 -27.70 -110.41 -23.98
N GLY E 1879 -26.68 -110.40 -24.84
CA GLY E 1879 -26.94 -110.22 -26.26
C GLY E 1879 -27.75 -111.34 -26.84
N LYS E 1880 -27.37 -112.59 -26.53
CA LYS E 1880 -28.12 -113.74 -27.03
C LYS E 1880 -29.52 -113.76 -26.46
N ARG E 1881 -29.65 -113.54 -25.15
CA ARG E 1881 -30.97 -113.50 -24.51
C ARG E 1881 -31.75 -112.25 -24.85
N THR E 1882 -31.23 -111.40 -25.73
CA THR E 1882 -31.94 -110.20 -26.15
C THR E 1882 -31.89 -109.94 -27.66
N GLY E 1883 -31.01 -110.63 -28.40
CA GLY E 1883 -31.02 -110.54 -29.84
C GLY E 1883 -30.41 -109.28 -30.43
N TRP E 1884 -29.77 -108.45 -29.61
CA TRP E 1884 -29.13 -107.24 -30.10
C TRP E 1884 -27.62 -107.47 -30.17
N LEU E 1885 -26.87 -106.41 -30.47
CA LEU E 1885 -25.42 -106.49 -30.64
C LEU E 1885 -24.75 -105.86 -29.43
N VAL E 1886 -23.92 -106.65 -28.76
CA VAL E 1886 -23.13 -106.18 -27.63
C VAL E 1886 -22.05 -107.23 -27.35
N GLU E 1887 -20.84 -106.79 -27.05
CA GLU E 1887 -19.75 -107.72 -26.78
C GLU E 1887 -18.65 -106.97 -26.05
N ILE E 1888 -17.49 -107.64 -25.89
CA ILE E 1888 -16.33 -107.07 -25.23
C ILE E 1888 -15.30 -106.80 -26.32
N VAL E 1889 -14.76 -105.58 -26.32
CA VAL E 1889 -13.90 -105.11 -27.39
C VAL E 1889 -12.47 -104.92 -26.94
N ASN E 1890 -12.25 -104.47 -25.69
CA ASN E 1890 -10.91 -104.19 -25.20
C ASN E 1890 -10.72 -104.85 -23.85
N TYR E 1891 -9.84 -105.86 -23.80
CA TYR E 1891 -9.37 -106.41 -22.53
C TYR E 1891 -8.15 -105.60 -22.13
N ASN E 1892 -8.34 -104.68 -21.17
CA ASN E 1892 -7.30 -103.72 -20.83
C ASN E 1892 -6.49 -104.13 -19.59
N VAL E 1893 -7.16 -104.34 -18.45
CA VAL E 1893 -6.50 -104.73 -17.21
C VAL E 1893 -7.22 -105.95 -16.65
N GLU E 1894 -6.44 -106.95 -16.24
CA GLU E 1894 -7.00 -108.20 -15.75
C GLU E 1894 -8.07 -107.96 -14.69
N ASN E 1895 -9.27 -108.49 -14.93
CA ASN E 1895 -10.39 -108.41 -14.00
C ASN E 1895 -10.58 -106.99 -13.46
N GLN E 1896 -10.17 -105.97 -14.21
CA GLN E 1896 -10.27 -104.61 -13.72
C GLN E 1896 -10.75 -103.62 -14.78
N GLN E 1897 -10.55 -103.95 -16.05
CA GLN E 1897 -10.87 -103.02 -17.13
C GLN E 1897 -11.23 -103.80 -18.38
N TYR E 1898 -12.52 -103.85 -18.69
CA TYR E 1898 -12.99 -104.38 -19.96
C TYR E 1898 -13.95 -103.36 -20.54
N VAL E 1899 -13.89 -103.18 -21.86
CA VAL E 1899 -14.73 -102.24 -22.58
C VAL E 1899 -15.69 -103.03 -23.44
N ALA E 1900 -16.98 -102.67 -23.36
CA ALA E 1900 -18.00 -103.28 -24.20
C ALA E 1900 -18.52 -102.24 -25.19
N ALA E 1901 -18.81 -102.70 -26.40
CA ALA E 1901 -19.32 -101.85 -27.47
C ALA E 1901 -20.63 -102.41 -27.98
N GLY E 1902 -21.56 -101.53 -28.33
CA GLY E 1902 -22.82 -101.96 -28.88
C GLY E 1902 -23.86 -100.86 -28.79
N ASP E 1903 -25.11 -101.30 -28.83
CA ASP E 1903 -26.23 -100.37 -28.81
C ASP E 1903 -26.23 -99.58 -27.50
N LEU E 1904 -26.37 -98.25 -27.62
CA LEU E 1904 -26.34 -97.40 -26.44
C LEU E 1904 -27.48 -97.75 -25.49
N ARG E 1905 -28.59 -98.26 -26.02
CA ARG E 1905 -29.63 -98.81 -25.16
C ARG E 1905 -29.17 -100.12 -24.53
N ALA E 1906 -28.65 -101.03 -25.34
CA ALA E 1906 -28.23 -102.33 -24.82
C ALA E 1906 -27.14 -102.17 -23.76
N LEU E 1907 -26.17 -101.31 -24.03
CA LEU E 1907 -25.15 -101.03 -23.02
C LEU E 1907 -25.79 -100.46 -21.75
N ASP E 1908 -26.87 -99.69 -21.89
CA ASP E 1908 -27.52 -99.13 -20.72
C ASP E 1908 -28.15 -100.23 -19.85
N THR E 1909 -28.65 -101.29 -20.48
CA THR E 1909 -29.13 -102.42 -19.70
C THR E 1909 -27.97 -103.15 -19.03
N VAL E 1910 -26.86 -103.32 -19.77
CA VAL E 1910 -25.72 -104.06 -19.24
C VAL E 1910 -25.29 -103.47 -17.90
N THR E 1911 -25.16 -102.14 -17.84
CA THR E 1911 -24.79 -101.51 -16.58
C THR E 1911 -25.86 -101.76 -15.52
N ASN E 1912 -27.14 -101.67 -15.90
CA ASN E 1912 -28.21 -101.89 -14.93
C ASN E 1912 -28.16 -103.32 -14.38
N VAL E 1913 -27.97 -104.30 -15.26
CA VAL E 1913 -27.91 -105.69 -14.80
C VAL E 1913 -26.75 -105.87 -13.84
N LEU E 1914 -25.56 -105.45 -14.24
CA LEU E 1914 -24.42 -105.55 -13.34
C LEU E 1914 -24.66 -104.75 -12.07
N ASN E 1915 -25.41 -103.64 -12.18
CA ASN E 1915 -25.80 -102.90 -10.99
C ASN E 1915 -26.76 -103.72 -10.12
N PHE E 1916 -27.56 -104.58 -10.76
CA PHE E 1916 -28.40 -105.49 -9.98
C PHE E 1916 -27.61 -106.68 -9.45
N ILE E 1917 -26.61 -107.14 -10.22
CA ILE E 1917 -25.74 -108.19 -9.71
C ILE E 1917 -24.96 -107.69 -8.50
N LYS E 1918 -24.46 -106.46 -8.57
CA LYS E 1918 -23.71 -105.90 -7.45
C LYS E 1918 -24.62 -105.61 -6.26
N LEU E 1919 -25.93 -105.61 -6.46
CA LEU E 1919 -26.85 -105.41 -5.36
C LEU E 1919 -27.11 -106.68 -4.57
N GLN E 1920 -26.70 -107.83 -5.09
CA GLN E 1920 -26.86 -109.12 -4.43
C GLN E 1920 -25.52 -109.87 -4.47
N LYS E 1921 -25.57 -111.14 -4.08
CA LYS E 1921 -24.37 -111.98 -4.09
C LYS E 1921 -24.19 -112.65 -5.45
N ARG E 1962 -22.15 -91.79 -15.12
CA ARG E 1962 -21.27 -92.82 -14.61
C ARG E 1962 -22.06 -94.06 -14.18
N GLY E 1963 -21.45 -94.88 -13.33
CA GLY E 1963 -22.11 -96.07 -12.83
C GLY E 1963 -21.27 -96.71 -11.75
N PHE E 1964 -21.86 -97.73 -11.11
CA PHE E 1964 -21.14 -98.43 -10.05
C PHE E 1964 -19.91 -99.14 -10.60
N ALA E 1965 -20.07 -99.85 -11.72
CA ALA E 1965 -18.95 -100.54 -12.36
C ALA E 1965 -18.86 -100.25 -13.86
N CYS E 1966 -19.60 -99.27 -14.36
CA CYS E 1966 -19.64 -98.96 -15.80
C CYS E 1966 -19.53 -97.45 -15.99
N ILE E 1967 -18.35 -96.98 -16.33
CA ILE E 1967 -18.13 -95.57 -16.65
C ILE E 1967 -18.23 -95.41 -18.16
N PRO E 1968 -18.83 -94.33 -18.69
CA PRO E 1968 -18.94 -94.20 -20.15
C PRO E 1968 -17.71 -93.56 -20.77
N LEU E 1969 -17.13 -94.23 -21.77
CA LEU E 1969 -15.94 -93.73 -22.44
C LEU E 1969 -16.34 -92.64 -23.43
N VAL E 1970 -16.08 -91.38 -23.06
CA VAL E 1970 -16.39 -90.28 -23.97
C VAL E 1970 -15.46 -90.32 -25.17
N GLY E 1971 -15.90 -89.72 -26.26
CA GLY E 1971 -15.11 -89.60 -27.46
C GLY E 1971 -15.28 -90.72 -28.47
N ILE E 1972 -16.07 -91.75 -28.16
CA ILE E 1972 -16.31 -92.87 -29.06
C ILE E 1972 -17.78 -92.86 -29.45
N SER E 1973 -18.05 -93.08 -30.74
CA SER E 1973 -19.42 -93.09 -31.24
C SER E 1973 -19.66 -94.21 -32.25
N VAL E 1974 -18.81 -95.24 -32.26
CA VAL E 1974 -18.98 -96.38 -33.17
C VAL E 1974 -18.55 -97.64 -32.44
N PRO E 1975 -19.20 -98.77 -32.76
CA PRO E 1975 -18.80 -100.02 -32.08
C PRO E 1975 -17.51 -100.63 -32.64
N PHE E 1976 -16.39 -99.98 -32.32
CA PHE E 1976 -15.10 -100.44 -32.78
C PHE E 1976 -14.78 -101.82 -32.22
N HIS E 1977 -14.04 -102.60 -33.01
CA HIS E 1977 -13.56 -103.91 -32.57
C HIS E 1977 -14.71 -104.88 -32.33
N SER E 1978 -15.85 -104.63 -32.95
CA SER E 1978 -17.05 -105.44 -32.76
C SER E 1978 -17.36 -106.22 -34.03
N THR E 1979 -18.12 -107.30 -33.88
CA THR E 1979 -18.56 -108.07 -35.03
C THR E 1979 -19.50 -107.28 -35.93
N TYR E 1980 -19.99 -106.14 -35.45
CA TYR E 1980 -20.80 -105.25 -36.28
C TYR E 1980 -20.04 -104.80 -37.53
N LEU E 1981 -18.75 -104.53 -37.40
CA LEU E 1981 -17.94 -103.96 -38.47
C LEU E 1981 -17.24 -105.02 -39.32
N MET E 1982 -17.68 -106.28 -39.23
CA MET E 1982 -16.97 -107.36 -39.92
C MET E 1982 -17.02 -107.18 -41.43
N ASN E 1983 -18.09 -106.58 -41.96
CA ASN E 1983 -18.17 -106.38 -43.40
C ASN E 1983 -17.03 -105.52 -43.92
N GLY E 1984 -16.75 -104.41 -43.23
CA GLY E 1984 -15.72 -103.50 -43.72
C GLY E 1984 -14.37 -104.15 -43.85
N VAL E 1985 -14.11 -105.19 -43.04
CA VAL E 1985 -12.81 -105.84 -43.03
C VAL E 1985 -12.39 -106.25 -44.44
N LYS E 1986 -13.36 -106.56 -45.28
CA LYS E 1986 -13.04 -106.96 -46.64
C LYS E 1986 -12.60 -105.75 -47.46
N PRO E 1987 -13.42 -104.71 -47.60
CA PRO E 1987 -12.94 -103.49 -48.26
C PRO E 1987 -11.73 -102.87 -47.60
N PHE E 1988 -11.67 -102.86 -46.27
CA PHE E 1988 -10.54 -102.26 -45.58
C PHE E 1988 -9.24 -102.92 -45.99
N LYS E 1989 -9.24 -104.25 -46.07
CA LYS E 1989 -8.05 -104.98 -46.47
C LYS E 1989 -7.60 -104.56 -47.86
N SER E 1990 -8.55 -104.40 -48.79
CA SER E 1990 -8.21 -103.96 -50.14
C SER E 1990 -7.63 -102.56 -50.13
N PHE E 1991 -8.20 -101.67 -49.32
CA PHE E 1991 -7.72 -100.29 -49.27
C PHE E 1991 -6.31 -100.21 -48.68
N LEU E 1992 -6.03 -101.00 -47.65
CA LEU E 1992 -4.69 -101.01 -47.07
C LEU E 1992 -3.70 -101.68 -48.01
N LYS E 1993 -4.06 -102.84 -48.56
CA LYS E 1993 -3.18 -103.52 -49.50
C LYS E 1993 -2.80 -102.60 -50.65
N LYS E 1994 -3.67 -101.66 -50.98
CA LYS E 1994 -3.33 -100.63 -51.96
C LYS E 1994 -2.31 -99.66 -51.40
N ASN E 1995 -2.61 -99.05 -50.26
CA ASN E 1995 -1.81 -97.91 -49.78
C ASN E 1995 -0.51 -98.36 -49.14
N ILE E 1996 -0.48 -99.55 -48.54
CA ILE E 1996 0.76 -100.03 -47.94
C ILE E 1996 1.67 -100.54 -49.04
N ILE E 1997 2.74 -99.81 -49.30
CA ILE E 1997 3.67 -100.14 -50.38
C ILE E 1997 4.42 -101.41 -50.01
N LYS E 1998 4.60 -102.28 -51.00
CA LYS E 1998 5.35 -103.52 -50.79
C LYS E 1998 6.77 -103.25 -50.32
N GLU E 1999 7.44 -102.29 -50.95
CA GLU E 1999 8.85 -102.07 -50.72
C GLU E 1999 9.13 -101.24 -49.47
N ASN E 2000 8.09 -100.72 -48.81
CA ASN E 2000 8.27 -99.89 -47.64
C ASN E 2000 8.19 -100.67 -46.34
N VAL E 2001 8.01 -101.98 -46.41
CA VAL E 2001 7.90 -102.81 -45.21
C VAL E 2001 9.22 -103.55 -45.03
N LYS E 2002 9.91 -103.25 -43.93
CA LYS E 2002 11.18 -103.88 -43.60
C LYS E 2002 10.94 -104.85 -42.45
N VAL E 2003 11.13 -106.14 -42.71
CA VAL E 2003 10.88 -107.15 -41.69
C VAL E 2003 11.77 -106.89 -40.48
N ALA E 2004 13.03 -106.51 -40.71
CA ALA E 2004 13.95 -106.29 -39.59
C ALA E 2004 13.40 -105.23 -38.64
N ARG E 2005 12.57 -104.32 -39.13
CA ARG E 2005 11.97 -103.32 -38.27
C ARG E 2005 10.77 -103.84 -37.51
N LEU E 2006 10.22 -104.98 -37.93
CA LEU E 2006 9.01 -105.54 -37.32
C LEU E 2006 9.24 -106.86 -36.59
N ALA E 2007 10.12 -107.72 -37.08
CA ALA E 2007 10.24 -109.07 -36.55
C ALA E 2007 10.68 -109.04 -35.08
N GLY E 2008 9.85 -109.63 -34.22
CA GLY E 2008 10.15 -109.72 -32.82
C GLY E 2008 9.99 -108.42 -32.05
N LYS E 2009 9.61 -107.33 -32.71
CA LYS E 2009 9.41 -106.05 -32.07
C LYS E 2009 7.95 -105.61 -32.04
N TYR E 2010 7.24 -105.83 -33.13
CA TYR E 2010 5.86 -105.39 -33.23
C TYR E 2010 4.89 -106.41 -32.66
N ILE E 2011 4.07 -106.02 -31.70
CA ILE E 2011 3.06 -106.92 -31.19
C ILE E 2011 1.68 -106.44 -31.60
N PRO E 2012 1.05 -107.15 -32.54
CA PRO E 2012 -0.25 -106.69 -33.02
C PRO E 2012 -1.37 -106.90 -32.00
N ASN E 2013 -2.46 -106.15 -32.09
CA ASN E 2013 -3.60 -106.35 -31.19
C ASN E 2013 -4.40 -107.57 -31.61
N LEU E 2014 -4.34 -107.93 -32.88
CA LEU E 2014 -5.09 -109.07 -33.38
C LEU E 2014 -4.57 -110.36 -32.77
N THR E 2015 -3.26 -110.54 -32.77
CA THR E 2015 -2.59 -111.61 -32.03
C THR E 2015 -1.55 -110.96 -31.13
N ALA E 2016 -1.71 -111.13 -29.82
CA ALA E 2016 -0.76 -110.56 -28.86
C ALA E 2016 0.51 -111.40 -28.84
N LYS E 2017 1.22 -111.38 -29.97
CA LYS E 2017 2.44 -112.13 -30.16
C LYS E 2017 3.36 -111.33 -31.06
N PRO E 2018 4.65 -111.24 -30.75
CA PRO E 2018 5.54 -110.44 -31.61
C PRO E 2018 5.52 -110.93 -33.04
N PHE E 2019 5.54 -109.97 -33.97
CA PHE E 2019 5.41 -110.26 -35.39
C PHE E 2019 6.52 -111.22 -35.85
N GLN E 2020 6.13 -112.23 -36.62
CA GLN E 2020 7.07 -113.18 -37.18
C GLN E 2020 6.52 -113.70 -38.51
N VAL E 2021 7.39 -113.85 -39.50
CA VAL E 2021 6.97 -114.44 -40.79
C VAL E 2021 7.25 -115.92 -40.69
N THR E 2022 6.31 -116.65 -40.07
CA THR E 2022 6.44 -118.08 -39.90
C THR E 2022 5.06 -118.73 -40.01
N LYS E 2023 5.05 -119.99 -40.43
CA LYS E 2023 3.79 -120.71 -40.59
C LYS E 2023 2.98 -120.72 -39.30
N GLU E 2024 3.67 -120.76 -38.15
CA GLU E 2024 2.97 -120.78 -36.88
C GLU E 2024 2.23 -119.48 -36.65
N TYR E 2025 2.83 -118.35 -37.05
CA TYR E 2025 2.15 -117.07 -36.92
C TYR E 2025 0.95 -117.00 -37.84
N PHE E 2026 1.12 -117.34 -39.11
CA PHE E 2026 0.00 -117.35 -40.03
C PHE E 2026 -1.06 -118.35 -39.60
N GLN E 2027 -0.65 -119.47 -39.01
CA GLN E 2027 -1.63 -120.44 -38.51
C GLN E 2027 -2.49 -119.82 -37.42
N ASP E 2028 -1.85 -119.12 -36.48
CA ASP E 2028 -2.60 -118.46 -35.42
C ASP E 2028 -3.53 -117.41 -36.00
N VAL E 2029 -3.06 -116.65 -37.01
CA VAL E 2029 -3.90 -115.63 -37.63
C VAL E 2029 -5.13 -116.28 -38.24
N TYR E 2030 -4.93 -117.36 -39.00
CA TYR E 2030 -6.07 -118.05 -39.61
C TYR E 2030 -7.00 -118.61 -38.54
N ASP E 2031 -6.44 -119.16 -37.46
CA ASP E 2031 -7.27 -119.78 -36.44
C ASP E 2031 -8.31 -118.81 -35.91
N LEU E 2032 -7.87 -117.63 -35.47
CA LEU E 2032 -8.79 -116.68 -34.84
C LEU E 2032 -9.72 -116.04 -35.86
N THR E 2033 -9.18 -115.62 -37.00
CA THR E 2033 -9.96 -114.91 -38.02
C THR E 2033 -9.57 -115.50 -39.36
N GLY E 2034 -10.38 -116.41 -39.87
CA GLY E 2034 -10.09 -117.06 -41.13
C GLY E 2034 -9.96 -116.06 -42.26
N SER E 2035 -8.87 -116.13 -43.00
CA SER E 2035 -8.64 -115.29 -44.17
C SER E 2035 -8.07 -116.14 -45.30
N GLU E 2036 -8.65 -115.99 -46.49
CA GLU E 2036 -8.24 -116.82 -47.62
C GLU E 2036 -6.80 -116.57 -48.04
N PRO E 2037 -6.35 -115.33 -48.25
CA PRO E 2037 -4.93 -115.14 -48.60
C PRO E 2037 -4.00 -115.74 -47.57
N ILE E 2038 -4.38 -115.66 -46.29
CA ILE E 2038 -3.55 -116.23 -45.23
C ILE E 2038 -3.35 -117.73 -45.48
N LYS E 2039 -4.44 -118.47 -45.70
CA LYS E 2039 -4.28 -119.90 -45.87
C LYS E 2039 -3.70 -120.27 -47.23
N GLU E 2040 -3.78 -119.37 -48.21
CA GLU E 2040 -2.99 -119.56 -49.42
C GLU E 2040 -1.51 -119.55 -49.08
N ILE E 2041 -1.12 -118.70 -48.14
CA ILE E 2041 0.25 -118.73 -47.61
C ILE E 2041 0.48 -120.05 -46.86
N ILE E 2042 -0.49 -120.45 -46.04
CA ILE E 2042 -0.35 -121.68 -45.26
C ILE E 2042 -0.24 -122.88 -46.19
N ASP E 2043 -1.27 -123.13 -46.99
CA ASP E 2043 -1.34 -124.33 -47.80
C ASP E 2043 -0.20 -124.41 -48.82
N ASN E 2044 0.39 -123.29 -49.20
CA ASN E 2044 1.46 -123.26 -50.18
C ASN E 2044 2.80 -122.84 -49.56
N TRP E 2045 2.95 -123.05 -48.25
CA TRP E 2045 4.14 -122.56 -47.56
C TRP E 2045 5.41 -123.14 -48.17
N GLU E 2046 5.41 -124.45 -48.43
CA GLU E 2046 6.60 -125.08 -49.01
C GLU E 2046 7.02 -124.38 -50.29
N LYS E 2047 6.06 -123.90 -51.08
CA LYS E 2047 6.40 -123.20 -52.31
C LYS E 2047 7.11 -121.87 -52.01
N TYR E 2048 6.59 -121.11 -51.04
CA TYR E 2048 7.19 -119.82 -50.71
C TYR E 2048 8.48 -119.99 -49.93
N GLU E 2049 8.53 -120.91 -48.97
CA GLU E 2049 9.74 -121.09 -48.18
C GLU E 2049 10.92 -121.45 -49.08
N GLN E 2050 10.71 -122.35 -50.03
CA GLN E 2050 11.74 -122.70 -50.99
C GLN E 2050 12.02 -121.51 -51.91
N MET F 1 13.59 -118.38 -46.00
CA MET F 1 12.99 -117.83 -47.25
C MET F 1 13.80 -116.63 -47.75
N LYS F 2 13.71 -116.36 -49.05
CA LYS F 2 14.45 -115.26 -49.62
C LYS F 2 13.98 -113.92 -49.04
N PRO F 3 14.86 -112.92 -48.99
CA PRO F 3 14.43 -111.62 -48.45
C PRO F 3 13.26 -111.01 -49.19
N GLU F 4 13.17 -111.21 -50.51
CA GLU F 4 12.06 -110.66 -51.27
C GLU F 4 10.77 -111.41 -50.98
N VAL F 5 10.83 -112.74 -50.94
CA VAL F 5 9.65 -113.53 -50.58
C VAL F 5 9.27 -113.25 -49.13
N GLU F 6 10.27 -113.09 -48.27
CA GLU F 6 10.00 -112.74 -46.88
C GLU F 6 9.28 -111.41 -46.78
N GLN F 7 9.72 -110.42 -47.56
CA GLN F 7 9.06 -109.12 -47.55
C GLN F 7 7.64 -109.22 -48.07
N GLU F 8 7.43 -110.02 -49.12
CA GLU F 8 6.09 -110.22 -49.64
C GLU F 8 5.17 -110.81 -48.57
N LEU F 9 5.63 -111.86 -47.89
CA LEU F 9 4.84 -112.47 -46.83
C LEU F 9 4.59 -111.49 -45.69
N ALA F 10 5.61 -110.72 -45.32
CA ALA F 10 5.45 -109.75 -44.24
C ALA F 10 4.41 -108.69 -44.61
N HIS F 11 4.42 -108.24 -45.86
CA HIS F 11 3.42 -107.28 -46.31
C HIS F 11 2.02 -107.87 -46.22
N ILE F 12 1.85 -109.12 -46.65
CA ILE F 12 0.54 -109.75 -46.58
C ILE F 12 0.09 -109.84 -45.12
N LEU F 13 0.99 -110.27 -44.24
CA LEU F 13 0.66 -110.42 -42.82
C LEU F 13 0.28 -109.08 -42.21
N LEU F 14 1.04 -108.03 -42.51
CA LEU F 14 0.76 -106.72 -41.93
C LEU F 14 -0.57 -106.18 -42.42
N THR F 15 -0.85 -106.30 -43.72
CA THR F 15 -2.13 -105.83 -44.23
C THR F 15 -3.28 -106.58 -43.59
N GLU F 16 -3.15 -107.90 -43.44
CA GLU F 16 -4.22 -108.68 -42.83
C GLU F 16 -4.43 -108.28 -41.37
N LEU F 17 -3.34 -108.11 -40.63
CA LEU F 17 -3.46 -107.75 -39.22
C LEU F 17 -4.14 -106.40 -39.06
N LEU F 18 -3.70 -105.41 -39.83
CA LEU F 18 -4.33 -104.10 -39.74
C LEU F 18 -5.79 -104.15 -40.16
N ALA F 19 -6.09 -104.91 -41.22
CA ALA F 19 -7.47 -104.99 -41.70
C ALA F 19 -8.39 -105.56 -40.64
N TYR F 20 -8.00 -106.67 -40.03
CA TYR F 20 -8.88 -107.35 -39.09
C TYR F 20 -8.84 -106.74 -37.69
N GLN F 21 -7.87 -105.89 -37.38
CA GLN F 21 -7.76 -105.37 -36.03
C GLN F 21 -8.97 -104.61 -35.56
N PHE F 22 -9.50 -103.74 -36.41
CA PHE F 22 -10.57 -102.84 -35.96
C PHE F 22 -11.91 -103.56 -35.83
N ALA F 23 -12.02 -104.78 -36.34
CA ALA F 23 -13.25 -105.57 -36.23
C ALA F 23 -13.12 -106.74 -35.28
N SER F 24 -12.05 -106.78 -34.49
CA SER F 24 -11.81 -107.84 -33.52
C SER F 24 -11.31 -107.22 -32.23
N PRO F 25 -11.50 -107.89 -31.10
CA PRO F 25 -11.20 -107.26 -29.81
C PRO F 25 -9.72 -107.01 -29.62
N VAL F 26 -9.43 -106.01 -28.79
CA VAL F 26 -8.06 -105.58 -28.51
C VAL F 26 -7.57 -106.33 -27.27
N ARG F 27 -6.58 -107.19 -27.45
CA ARG F 27 -6.05 -108.00 -26.34
C ARG F 27 -4.85 -107.29 -25.70
N TRP F 28 -5.15 -106.19 -25.01
CA TRP F 28 -4.11 -105.49 -24.29
C TRP F 28 -3.56 -106.30 -23.11
N ILE F 29 -4.33 -107.24 -22.58
CA ILE F 29 -3.85 -108.06 -21.47
C ILE F 29 -2.65 -108.89 -21.90
N GLU F 30 -2.79 -109.60 -23.01
CA GLU F 30 -1.70 -110.45 -23.46
C GLU F 30 -0.49 -109.61 -23.88
N THR F 31 -0.74 -108.43 -24.46
CA THR F 31 0.37 -107.56 -24.86
C THR F 31 1.15 -107.07 -23.66
N GLN F 32 0.43 -106.64 -22.62
CA GLN F 32 1.10 -106.22 -21.39
C GLN F 32 1.88 -107.38 -20.78
N ASP F 33 1.29 -108.58 -20.77
CA ASP F 33 2.05 -109.74 -20.32
C ASP F 33 3.34 -109.88 -21.12
N VAL F 34 3.22 -109.83 -22.45
CA VAL F 34 4.38 -110.10 -23.30
C VAL F 34 5.50 -109.12 -22.98
N PHE F 35 5.19 -107.83 -22.99
CA PHE F 35 6.26 -106.84 -22.88
C PHE F 35 6.62 -106.51 -21.43
N LEU F 36 5.91 -107.06 -20.45
CA LEU F 36 6.34 -106.90 -19.06
C LEU F 36 7.01 -108.15 -18.49
N LYS F 37 6.78 -109.32 -19.08
CA LYS F 37 7.34 -110.57 -18.57
C LYS F 37 8.22 -111.28 -19.58
N ASP F 38 7.75 -111.49 -20.81
CA ASP F 38 8.55 -112.26 -21.75
C ASP F 38 9.79 -111.50 -22.21
N PHE F 39 9.71 -110.18 -22.29
CA PHE F 39 10.88 -109.35 -22.55
C PHE F 39 11.38 -108.64 -21.31
N ASN F 40 10.54 -108.44 -20.31
CA ASN F 40 10.86 -107.56 -19.19
C ASN F 40 11.05 -106.16 -19.75
N THR F 41 10.88 -105.12 -18.93
CA THR F 41 11.08 -103.78 -19.45
C THR F 41 11.29 -102.80 -18.30
N GLU F 42 12.50 -102.25 -18.20
CA GLU F 42 12.79 -101.28 -17.16
C GLU F 42 12.20 -99.91 -17.44
N ARG F 43 11.95 -99.57 -18.70
CA ARG F 43 11.28 -98.33 -19.04
C ARG F 43 10.21 -98.61 -20.09
N VAL F 44 8.97 -98.27 -19.76
CA VAL F 44 7.85 -98.29 -20.69
C VAL F 44 7.47 -96.84 -20.96
N VAL F 45 7.55 -96.44 -22.22
CA VAL F 45 7.35 -95.05 -22.63
C VAL F 45 6.05 -94.97 -23.40
N GLU F 46 5.11 -94.19 -22.88
CA GLU F 46 3.82 -94.02 -23.53
C GLU F 46 3.84 -92.78 -24.40
N ILE F 47 3.51 -92.96 -25.67
CA ILE F 47 3.48 -91.87 -26.64
C ILE F 47 2.02 -91.51 -26.83
N GLY F 48 1.60 -90.40 -26.25
CA GLY F 48 0.24 -89.97 -26.36
C GLY F 48 -0.04 -88.69 -25.59
N PRO F 49 -1.27 -88.19 -25.73
CA PRO F 49 -1.64 -86.93 -25.07
C PRO F 49 -1.99 -87.07 -23.59
N SER F 50 -2.12 -88.29 -23.08
CA SER F 50 -2.52 -88.49 -21.69
C SER F 50 -2.00 -89.84 -21.23
N PRO F 51 -1.87 -90.04 -19.91
CA PRO F 51 -1.35 -91.32 -19.38
C PRO F 51 -2.41 -92.40 -19.19
N THR F 52 -2.93 -92.89 -20.32
CA THR F 52 -3.93 -93.96 -20.26
C THR F 52 -3.25 -95.33 -20.15
N LEU F 53 -2.43 -95.67 -21.15
CA LEU F 53 -1.75 -96.96 -21.11
C LEU F 53 -0.72 -97.02 -20.00
N ALA F 54 -0.16 -95.86 -19.61
CA ALA F 54 0.74 -95.84 -18.46
C ALA F 54 0.01 -96.26 -17.19
N GLY F 55 -1.20 -95.73 -17.00
CA GLY F 55 -2.01 -96.17 -15.86
C GLY F 55 -2.37 -97.63 -15.95
N MET F 56 -2.71 -98.11 -17.16
CA MET F 56 -3.01 -99.53 -17.33
C MET F 56 -1.82 -100.39 -16.91
N ALA F 57 -0.62 -100.04 -17.38
CA ALA F 57 0.56 -100.84 -17.07
C ALA F 57 0.91 -100.76 -15.60
N GLN F 58 0.73 -99.59 -14.97
CA GLN F 58 0.99 -99.48 -13.54
C GLN F 58 0.06 -100.38 -12.75
N ARG F 59 -1.23 -100.40 -13.11
CA ARG F 59 -2.15 -101.30 -12.43
C ARG F 59 -1.76 -102.76 -12.66
N THR F 60 -1.40 -103.12 -13.89
CA THR F 60 -1.03 -104.49 -14.18
C THR F 60 0.18 -104.91 -13.35
N LEU F 61 1.17 -104.03 -13.24
CA LEU F 61 2.33 -104.33 -12.41
C LEU F 61 1.93 -104.47 -10.94
N LYS F 62 1.06 -103.59 -10.46
CA LYS F 62 0.66 -103.64 -9.07
C LYS F 62 -0.13 -104.91 -8.75
N ASN F 63 -0.80 -105.49 -9.75
CA ASN F 63 -1.71 -106.60 -9.51
C ASN F 63 -1.16 -107.95 -9.96
N LYS F 64 -0.08 -108.00 -10.71
CA LYS F 64 0.39 -109.27 -11.25
C LYS F 64 1.88 -109.49 -11.16
N TYR F 65 2.70 -108.49 -10.81
CA TYR F 65 4.14 -108.66 -10.86
C TYR F 65 4.86 -108.05 -9.66
N GLU F 66 4.18 -107.79 -8.55
CA GLU F 66 4.85 -107.25 -7.39
C GLU F 66 5.91 -108.21 -6.88
N SER F 67 5.55 -109.48 -6.66
CA SER F 67 6.50 -110.43 -6.10
C SER F 67 7.59 -110.78 -7.11
N TYR F 68 7.21 -110.95 -8.38
CA TYR F 68 8.20 -111.28 -9.41
C TYR F 68 9.18 -110.13 -9.61
N ASP F 69 8.67 -108.90 -9.66
CA ASP F 69 9.55 -107.75 -9.81
C ASP F 69 10.49 -107.60 -8.61
N ALA F 70 9.95 -107.76 -7.40
CA ALA F 70 10.79 -107.66 -6.21
C ALA F 70 11.86 -108.73 -6.19
N ALA F 71 11.49 -109.96 -6.52
CA ALA F 71 12.43 -111.07 -6.47
C ALA F 71 13.55 -110.89 -7.48
N LEU F 72 13.22 -110.49 -8.71
CA LEU F 72 14.24 -110.33 -9.74
C LEU F 72 14.87 -108.94 -9.72
N SER F 73 14.46 -108.06 -8.81
CA SER F 73 15.08 -106.74 -8.65
C SER F 73 15.03 -105.94 -9.95
N LEU F 74 13.81 -105.63 -10.39
CA LEU F 74 13.58 -104.77 -11.54
C LEU F 74 13.10 -103.41 -11.06
N HIS F 75 13.79 -102.35 -11.48
CA HIS F 75 13.39 -100.98 -11.17
C HIS F 75 12.56 -100.39 -12.30
N ARG F 76 11.43 -101.04 -12.59
CA ARG F 76 10.59 -100.64 -13.71
C ARG F 76 10.27 -99.16 -13.65
N GLU F 77 10.11 -98.56 -14.83
CA GLU F 77 9.86 -97.13 -14.96
C GLU F 77 8.77 -96.95 -16.01
N ILE F 78 7.60 -96.51 -15.58
CA ILE F 78 6.50 -96.23 -16.49
C ILE F 78 6.46 -94.73 -16.73
N LEU F 79 6.72 -94.32 -17.97
CA LEU F 79 6.78 -92.91 -18.34
C LEU F 79 5.79 -92.63 -19.45
N CYS F 80 5.11 -91.50 -19.35
CA CYS F 80 4.22 -91.01 -20.39
C CYS F 80 4.79 -89.73 -20.97
N TYR F 81 4.78 -89.62 -22.31
CA TYR F 81 5.35 -88.46 -22.96
C TYR F 81 4.73 -87.15 -22.45
N SER F 82 3.45 -87.19 -22.08
CA SER F 82 2.76 -85.96 -21.72
C SER F 82 3.28 -85.38 -20.41
N LYS F 83 3.59 -86.23 -19.42
CA LYS F 83 3.93 -85.76 -18.10
C LYS F 83 5.38 -86.00 -17.70
N ASP F 84 6.07 -86.94 -18.33
CA ASP F 84 7.40 -87.40 -17.91
C ASP F 84 8.50 -86.95 -18.86
N ALA F 85 8.44 -85.70 -19.33
CA ALA F 85 9.39 -85.24 -20.35
C ALA F 85 10.83 -85.34 -19.85
N LYS F 86 11.08 -84.94 -18.60
CA LYS F 86 12.44 -84.88 -18.10
C LYS F 86 13.11 -86.25 -18.13
N GLU F 87 12.40 -87.30 -17.73
CA GLU F 87 13.00 -88.62 -17.69
C GLU F 87 13.13 -89.23 -19.07
N ILE F 88 12.27 -88.84 -20.00
CA ILE F 88 12.38 -89.32 -21.36
C ILE F 88 13.58 -88.69 -22.06
N TYR F 89 13.79 -87.39 -21.85
CA TYR F 89 14.84 -86.64 -22.53
C TYR F 89 16.13 -86.53 -21.74
N TYR F 90 16.18 -87.07 -20.52
CA TYR F 90 17.35 -86.93 -19.64
C TYR F 90 17.69 -85.45 -19.45
N THR F 91 16.69 -84.68 -19.02
CA THR F 91 16.91 -83.27 -18.76
C THR F 91 16.43 -82.93 -17.36
N PRO F 92 16.96 -83.59 -16.32
CA PRO F 92 16.59 -83.20 -14.96
C PRO F 92 16.98 -81.76 -14.69
N ASP F 93 16.10 -81.04 -14.00
CA ASP F 93 16.37 -79.65 -13.67
C ASP F 93 17.54 -79.58 -12.67
N PRO F 94 18.20 -78.42 -12.59
CA PRO F 94 19.39 -78.27 -11.74
C PRO F 94 19.07 -78.13 -10.26
N GLU F 329 8.37 -22.33 5.60
CA GLU F 329 8.26 -21.02 4.99
C GLU F 329 6.86 -20.45 5.20
N GLU F 330 6.42 -20.43 6.46
CA GLU F 330 5.10 -19.89 6.76
C GLU F 330 5.09 -18.37 6.66
N ILE F 331 6.16 -17.71 7.11
CA ILE F 331 6.19 -16.25 7.10
C ILE F 331 6.21 -15.72 5.67
N THR F 332 7.07 -16.31 4.83
CA THR F 332 7.16 -15.86 3.44
C THR F 332 5.85 -16.10 2.71
N LYS F 333 5.22 -17.26 2.95
CA LYS F 333 3.94 -17.54 2.31
C LYS F 333 2.87 -16.57 2.77
N ASP F 334 2.83 -16.27 4.07
CA ASP F 334 1.81 -15.34 4.56
C ASP F 334 2.01 -13.95 3.96
N HIS F 335 3.26 -13.51 3.84
CA HIS F 335 3.52 -12.23 3.20
C HIS F 335 3.15 -12.24 1.73
N LYS F 336 3.48 -13.31 1.01
CA LYS F 336 3.10 -13.38 -0.39
C LYS F 336 1.60 -13.40 -0.56
N VAL F 337 0.88 -14.04 0.37
CA VAL F 337 -0.58 -14.02 0.33
C VAL F 337 -1.09 -12.60 0.52
N LEU F 338 -0.53 -11.86 1.48
CA LEU F 338 -0.93 -10.46 1.66
C LEU F 338 -0.66 -9.65 0.41
N ALA F 339 0.51 -9.85 -0.20
CA ALA F 339 0.83 -9.14 -1.44
C ALA F 339 -0.17 -9.47 -2.54
N ARG F 340 -0.52 -10.75 -2.67
CA ARG F 340 -1.47 -11.16 -3.70
C ARG F 340 -2.82 -10.50 -3.47
N GLN F 341 -3.27 -10.43 -2.22
CA GLN F 341 -4.55 -9.79 -1.95
C GLN F 341 -4.50 -8.29 -2.26
N GLN F 342 -3.38 -7.63 -1.96
CA GLN F 342 -3.26 -6.22 -2.30
C GLN F 342 -3.26 -6.01 -3.81
N LEU F 343 -2.56 -6.88 -4.54
CA LEU F 343 -2.57 -6.81 -5.99
C LEU F 343 -3.98 -7.00 -6.54
N GLN F 344 -4.73 -7.95 -5.99
CA GLN F 344 -6.11 -8.16 -6.43
C GLN F 344 -6.97 -6.93 -6.18
N VAL F 345 -6.82 -6.31 -5.01
CA VAL F 345 -7.60 -5.10 -4.72
C VAL F 345 -7.28 -4.02 -5.74
N LEU F 346 -6.00 -3.82 -6.04
CA LEU F 346 -5.63 -2.82 -7.04
C LEU F 346 -6.19 -3.17 -8.40
N ALA F 347 -6.09 -4.43 -8.81
CA ALA F 347 -6.58 -4.84 -10.12
C ALA F 347 -8.08 -4.56 -10.24
N ARG F 348 -8.83 -4.86 -9.19
CA ARG F 348 -10.26 -4.59 -9.22
C ARG F 348 -10.55 -3.10 -9.28
N TYR F 349 -9.77 -2.30 -8.56
CA TYR F 349 -9.95 -0.85 -8.63
C TYR F 349 -9.71 -0.34 -10.05
N LEU F 350 -8.67 -0.85 -10.70
CA LEU F 350 -8.33 -0.42 -12.06
C LEU F 350 -9.21 -1.05 -13.14
N LYS F 351 -10.04 -2.03 -12.77
CA LYS F 351 -10.90 -2.71 -13.73
C LYS F 351 -10.08 -3.47 -14.74
N MET F 352 -8.99 -4.07 -14.29
CA MET F 352 -8.14 -4.85 -15.19
C MET F 352 -8.35 -6.33 -14.94
N ASP F 353 -8.75 -7.04 -15.98
CA ASP F 353 -8.99 -8.48 -15.85
C ASP F 353 -7.71 -9.22 -16.04
N LEU F 354 -7.17 -9.77 -14.96
CA LEU F 354 -5.88 -10.43 -15.05
C LEU F 354 -5.95 -11.75 -15.80
N ASP F 355 -7.15 -12.30 -16.00
CA ASP F 355 -7.30 -13.60 -16.64
C ASP F 355 -7.75 -13.51 -18.09
N ASN F 356 -7.85 -12.30 -18.64
CA ASN F 356 -8.30 -12.13 -20.01
C ASN F 356 -7.42 -12.88 -21.00
N GLY F 357 -6.11 -12.75 -20.86
CA GLY F 357 -5.20 -13.37 -21.80
C GLY F 357 -5.33 -14.89 -21.81
N GLU F 358 -5.43 -15.51 -20.64
CA GLU F 358 -5.57 -16.95 -20.57
C GLU F 358 -6.89 -17.41 -21.18
N ARG F 359 -7.94 -16.63 -21.00
CA ARG F 359 -9.23 -16.99 -21.57
C ARG F 359 -9.13 -16.99 -23.07
N LYS F 360 -8.60 -15.93 -23.64
CA LYS F 360 -8.45 -15.83 -25.07
C LYS F 360 -7.56 -16.94 -25.60
N PHE F 361 -6.50 -17.29 -24.88
CA PHE F 361 -5.61 -18.35 -25.32
C PHE F 361 -6.32 -19.70 -25.36
N LEU F 362 -7.13 -19.99 -24.34
CA LEU F 362 -7.84 -21.27 -24.33
C LEU F 362 -8.85 -21.35 -25.49
N LYS F 363 -9.54 -20.25 -25.77
CA LYS F 363 -10.40 -20.24 -26.95
C LYS F 363 -9.61 -20.50 -28.23
N GLU F 364 -8.46 -19.85 -28.37
CA GLU F 364 -7.64 -20.03 -29.56
C GLU F 364 -7.15 -21.47 -29.69
N LYS F 365 -6.81 -22.09 -28.56
CA LYS F 365 -6.37 -23.48 -28.57
C LYS F 365 -7.50 -24.41 -29.01
N ASP F 366 -8.73 -24.12 -28.60
CA ASP F 366 -9.86 -24.88 -29.12
C ASP F 366 -9.97 -24.74 -30.63
N THR F 367 -9.81 -23.52 -31.13
CA THR F 367 -9.87 -23.31 -32.57
C THR F 367 -8.78 -24.09 -33.29
N VAL F 368 -7.57 -24.11 -32.73
CA VAL F 368 -6.47 -24.85 -33.33
C VAL F 368 -6.81 -26.33 -33.39
N ALA F 369 -7.38 -26.87 -32.32
CA ALA F 369 -7.75 -28.28 -32.32
C ALA F 369 -8.79 -28.58 -33.40
N GLU F 370 -9.77 -27.69 -33.56
CA GLU F 370 -10.77 -27.89 -34.60
C GLU F 370 -10.14 -27.94 -35.99
N LEU F 371 -9.30 -26.96 -36.30
CA LEU F 371 -8.68 -26.91 -37.62
C LEU F 371 -7.78 -28.12 -37.84
N GLN F 372 -7.06 -28.54 -36.81
CA GLN F 372 -6.20 -29.71 -36.94
C GLN F 372 -7.02 -30.97 -37.19
N ALA F 373 -8.20 -31.07 -36.57
CA ALA F 373 -9.05 -32.23 -36.84
C ALA F 373 -9.49 -32.25 -38.30
N GLN F 374 -9.86 -31.09 -38.83
CA GLN F 374 -10.24 -31.04 -40.25
C GLN F 374 -9.07 -31.47 -41.15
N LEU F 375 -7.88 -30.94 -40.88
CA LEU F 375 -6.72 -31.30 -41.71
C LEU F 375 -6.39 -32.78 -41.57
N ASP F 376 -6.49 -33.32 -40.36
CA ASP F 376 -6.24 -34.75 -40.17
C ASP F 376 -7.25 -35.58 -40.94
N TYR F 377 -8.51 -35.14 -40.98
CA TYR F 377 -9.48 -35.89 -41.75
C TYR F 377 -9.15 -35.88 -43.23
N LEU F 378 -8.77 -34.72 -43.76
CA LEU F 378 -8.42 -34.66 -45.19
C LEU F 378 -7.20 -35.54 -45.47
N ASN F 379 -6.24 -35.57 -44.56
CA ASN F 379 -5.07 -36.42 -44.75
C ASN F 379 -5.41 -37.90 -44.65
N ALA F 380 -6.40 -38.25 -43.85
CA ALA F 380 -6.83 -39.65 -43.79
C ALA F 380 -7.62 -40.05 -45.03
N GLU F 381 -8.39 -39.12 -45.60
CA GLU F 381 -9.15 -39.43 -46.81
C GLU F 381 -8.26 -39.48 -48.05
N LEU F 382 -7.31 -38.57 -48.18
CA LEU F 382 -6.52 -38.44 -49.40
C LEU F 382 -5.12 -39.02 -49.30
N GLY F 383 -4.58 -39.16 -48.11
CA GLY F 383 -3.24 -39.73 -48.00
C GLY F 383 -2.15 -38.68 -48.11
N GLU F 384 -1.01 -38.95 -47.50
CA GLU F 384 0.06 -37.97 -47.47
C GLU F 384 0.62 -37.68 -48.86
N PHE F 385 0.78 -38.71 -49.67
CA PHE F 385 1.38 -38.50 -50.98
C PHE F 385 0.57 -37.50 -51.80
N PHE F 386 -0.75 -37.69 -51.87
CA PHE F 386 -1.59 -36.78 -52.64
C PHE F 386 -1.54 -35.34 -52.08
N VAL F 387 -1.74 -35.21 -50.77
CA VAL F 387 -1.79 -33.89 -50.14
C VAL F 387 -0.50 -33.11 -50.34
N ASN F 388 0.64 -33.75 -50.11
CA ASN F 388 1.90 -33.09 -50.35
C ASN F 388 2.16 -32.89 -51.84
N GLY F 389 1.61 -33.75 -52.69
CA GLY F 389 1.89 -33.65 -54.12
C GLY F 389 1.11 -32.59 -54.85
N VAL F 390 0.00 -32.10 -54.29
CA VAL F 390 -0.75 -31.05 -54.96
C VAL F 390 -0.20 -29.66 -54.62
N ALA F 391 0.96 -29.58 -53.99
CA ALA F 391 1.58 -28.30 -53.70
C ALA F 391 1.99 -27.58 -54.98
N THR F 392 1.77 -26.27 -55.04
CA THR F 392 2.06 -25.50 -56.25
C THR F 392 3.56 -25.41 -56.50
N SER F 393 3.90 -25.26 -57.77
CA SER F 393 5.29 -25.06 -58.18
C SER F 393 5.41 -23.87 -59.12
N PHE F 394 4.37 -23.61 -59.90
CA PHE F 394 4.49 -22.57 -60.89
C PHE F 394 4.39 -21.14 -60.42
N SER F 395 5.31 -20.33 -60.90
CA SER F 395 5.19 -18.89 -60.72
C SER F 395 5.77 -18.22 -61.96
N ARG F 396 5.19 -17.11 -62.35
CA ARG F 396 5.65 -16.43 -63.55
C ARG F 396 7.08 -15.91 -63.45
N LYS F 397 7.51 -15.44 -62.28
CA LYS F 397 8.84 -14.87 -62.15
C LYS F 397 9.94 -15.89 -62.37
N LYS F 398 9.64 -17.17 -62.25
CA LYS F 398 10.65 -18.20 -62.41
C LYS F 398 10.85 -18.62 -63.86
N ALA F 399 10.07 -18.09 -64.80
CA ALA F 399 10.21 -18.45 -66.20
C ALA F 399 11.56 -18.00 -66.76
N ARG F 400 12.21 -18.89 -67.51
CA ARG F 400 13.50 -18.61 -68.12
C ARG F 400 13.37 -18.66 -69.64
N THR F 401 13.76 -17.60 -70.31
CA THR F 401 13.63 -17.48 -71.76
C THR F 401 14.98 -17.69 -72.42
N PHE F 402 14.97 -18.43 -73.52
CA PHE F 402 16.16 -18.65 -74.31
C PHE F 402 15.77 -18.31 -75.75
N ASP F 403 16.37 -17.28 -76.34
CA ASP F 403 16.11 -16.95 -77.73
C ASP F 403 17.30 -16.40 -78.49
N SER F 404 18.51 -16.44 -77.94
CA SER F 404 19.65 -15.78 -78.59
C SER F 404 20.43 -16.76 -79.46
N SER F 405 19.73 -17.32 -80.46
CA SER F 405 20.32 -18.23 -81.42
C SER F 405 21.28 -17.50 -82.33
N TRP F 406 21.07 -16.20 -82.52
CA TRP F 406 21.98 -15.36 -83.30
C TRP F 406 23.44 -15.40 -82.80
N ASN F 407 23.70 -15.77 -81.55
CA ASN F 407 25.02 -15.86 -80.96
C ASN F 407 25.53 -17.30 -80.85
N TRP F 408 24.64 -18.21 -80.53
CA TRP F 408 25.04 -19.60 -80.37
C TRP F 408 25.55 -20.19 -81.68
N ALA F 409 25.04 -19.70 -82.81
CA ALA F 409 25.51 -20.21 -84.08
C ALA F 409 27.02 -19.96 -84.26
N LYS F 410 27.50 -18.75 -84.00
CA LYS F 410 28.93 -18.49 -84.12
C LYS F 410 29.71 -19.32 -83.11
N GLN F 411 29.20 -19.51 -81.90
CA GLN F 411 29.91 -20.37 -80.94
C GLN F 411 30.06 -21.79 -81.47
N SER F 412 29.00 -22.32 -82.05
CA SER F 412 29.06 -23.67 -82.62
C SER F 412 30.07 -23.74 -83.75
N LEU F 413 30.05 -22.76 -84.64
CA LEU F 413 31.00 -22.75 -85.75
C LEU F 413 32.43 -22.80 -85.25
N LEU F 414 32.76 -21.98 -84.26
CA LEU F 414 34.13 -21.94 -83.75
C LEU F 414 34.51 -23.26 -83.10
N SER F 415 33.59 -23.83 -82.33
CA SER F 415 33.89 -25.11 -81.68
C SER F 415 34.22 -26.17 -82.72
N LEU F 416 33.42 -26.23 -83.79
CA LEU F 416 33.69 -27.19 -84.87
C LEU F 416 35.03 -26.91 -85.54
N TYR F 417 35.29 -25.64 -85.82
CA TYR F 417 36.51 -25.25 -86.53
C TYR F 417 37.76 -25.69 -85.77
N PHE F 418 37.80 -25.40 -84.47
CA PHE F 418 39.00 -25.74 -83.72
C PHE F 418 39.07 -27.22 -83.39
N GLU F 419 37.94 -27.90 -83.20
CA GLU F 419 38.00 -29.35 -83.03
C GLU F 419 38.59 -30.01 -84.27
N ILE F 420 38.23 -29.54 -85.46
CA ILE F 420 38.79 -30.11 -86.68
C ILE F 420 40.27 -29.77 -86.79
N ILE F 421 40.65 -28.54 -86.46
CA ILE F 421 42.06 -28.16 -86.54
C ILE F 421 42.90 -29.01 -85.59
N HIS F 422 42.34 -29.39 -84.44
CA HIS F 422 43.08 -30.16 -83.45
C HIS F 422 43.00 -31.65 -83.68
N GLY F 423 42.33 -32.10 -84.73
CA GLY F 423 42.25 -33.51 -85.03
C GLY F 423 41.25 -34.28 -84.20
N VAL F 424 40.47 -33.60 -83.35
CA VAL F 424 39.47 -34.31 -82.57
C VAL F 424 38.43 -34.94 -83.50
N LEU F 425 37.99 -34.20 -84.52
CA LEU F 425 37.12 -34.75 -85.55
C LEU F 425 37.96 -34.97 -86.79
N LYS F 426 38.18 -36.24 -87.15
CA LYS F 426 38.92 -36.60 -88.34
C LYS F 426 38.02 -36.83 -89.54
N ASN F 427 36.75 -37.15 -89.31
CA ASN F 427 35.85 -37.54 -90.38
C ASN F 427 34.52 -36.84 -90.22
N VAL F 428 33.79 -36.74 -91.32
CA VAL F 428 32.46 -36.13 -91.32
C VAL F 428 31.50 -37.24 -90.90
N ASP F 429 31.40 -37.47 -89.61
CA ASP F 429 30.51 -38.47 -89.05
C ASP F 429 29.14 -37.84 -88.85
N ARG F 430 28.21 -38.61 -88.28
CA ARG F 430 26.83 -38.13 -88.16
C ARG F 430 26.74 -36.92 -87.23
N GLU F 431 27.57 -36.87 -86.17
CA GLU F 431 27.53 -35.71 -85.29
C GLU F 431 27.93 -34.45 -86.02
N VAL F 432 28.94 -34.53 -86.89
CA VAL F 432 29.36 -33.36 -87.67
C VAL F 432 28.24 -32.92 -88.61
N VAL F 433 27.59 -33.87 -89.28
CA VAL F 433 26.51 -33.53 -90.19
C VAL F 433 25.37 -32.86 -89.42
N SER F 434 25.06 -33.39 -88.23
CA SER F 434 24.01 -32.79 -87.42
C SER F 434 24.38 -31.37 -87.00
N GLU F 435 25.65 -31.16 -86.65
CA GLU F 435 26.10 -29.81 -86.30
C GLU F 435 25.97 -28.87 -87.48
N ALA F 436 26.34 -29.32 -88.67
CA ALA F 436 26.20 -28.49 -89.86
C ALA F 436 24.73 -28.18 -90.17
N ILE F 437 23.84 -29.14 -89.91
CA ILE F 437 22.42 -28.87 -90.08
C ILE F 437 21.95 -27.80 -89.10
N ASN F 438 22.38 -27.89 -87.84
CA ASN F 438 21.99 -26.88 -86.87
C ASN F 438 22.58 -25.51 -87.22
N ILE F 439 23.75 -25.47 -87.84
CA ILE F 439 24.31 -24.20 -88.27
C ILE F 439 23.51 -23.64 -89.44
N MET F 440 23.15 -24.48 -90.40
CA MET F 440 22.30 -24.03 -91.50
C MET F 440 20.97 -23.51 -90.99
N ASN F 441 20.42 -24.11 -89.94
CA ASN F 441 19.16 -23.65 -89.38
C ASN F 441 19.24 -22.26 -88.76
N ARG F 442 20.43 -21.74 -88.52
CA ARG F 442 20.59 -20.40 -87.96
C ARG F 442 21.35 -19.47 -88.92
N SER F 443 21.42 -19.83 -90.18
CA SER F 443 22.20 -19.05 -91.13
C SER F 443 21.61 -17.69 -91.47
N ASN F 444 22.46 -16.68 -91.58
CA ASN F 444 22.03 -15.34 -91.99
C ASN F 444 23.24 -14.70 -92.64
N ASP F 445 23.11 -13.48 -93.11
CA ASP F 445 24.20 -12.84 -93.83
C ASP F 445 25.44 -12.65 -92.94
N ALA F 446 25.23 -12.23 -91.70
CA ALA F 446 26.35 -12.04 -90.79
C ALA F 446 27.10 -13.34 -90.56
N LEU F 447 26.38 -14.45 -90.40
CA LEU F 447 27.04 -15.73 -90.21
C LEU F 447 27.87 -16.11 -91.43
N ILE F 448 27.36 -15.80 -92.62
CA ILE F 448 28.12 -16.09 -93.84
C ILE F 448 29.42 -15.28 -93.85
N LYS F 449 29.34 -14.00 -93.48
CA LYS F 449 30.57 -13.20 -93.40
C LYS F 449 31.54 -13.80 -92.39
N PHE F 450 31.04 -14.21 -91.23
CA PHE F 450 31.87 -14.84 -90.21
C PHE F 450 32.61 -16.06 -90.75
N MET F 451 31.86 -16.99 -91.35
CA MET F 451 32.47 -18.21 -91.89
C MET F 451 33.46 -17.88 -93.00
N GLU F 452 33.10 -16.98 -93.90
CA GLU F 452 33.97 -16.65 -95.01
C GLU F 452 35.28 -16.03 -94.51
N TYR F 453 35.19 -15.13 -93.54
CA TYR F 453 36.40 -14.55 -92.98
C TYR F 453 37.30 -15.62 -92.41
N HIS F 454 36.74 -16.52 -91.60
CA HIS F 454 37.59 -17.49 -90.92
C HIS F 454 38.13 -18.54 -91.87
N ILE F 455 37.49 -18.83 -93.00
CA ILE F 455 38.04 -19.81 -93.93
C ILE F 455 39.08 -19.20 -94.87
N SER F 456 38.81 -18.03 -95.41
CA SER F 456 39.78 -17.35 -96.26
C SER F 456 41.07 -17.11 -95.52
N ASN F 457 40.99 -17.01 -94.19
CA ASN F 457 42.17 -16.72 -93.39
C ASN F 457 42.77 -17.96 -92.76
N THR F 458 42.38 -19.15 -93.21
CA THR F 458 42.98 -20.40 -92.77
C THR F 458 44.13 -20.75 -93.69
N ASP F 459 45.30 -20.99 -93.12
CA ASP F 459 46.51 -21.27 -93.88
C ASP F 459 46.59 -22.77 -94.12
N GLU F 460 46.17 -23.21 -95.31
CA GLU F 460 46.11 -24.64 -95.59
C GLU F 460 47.49 -25.29 -95.56
N THR F 461 48.55 -24.49 -95.64
CA THR F 461 49.90 -25.04 -95.64
C THR F 461 50.31 -25.60 -94.29
N LYS F 462 49.63 -25.23 -93.20
CA LYS F 462 50.06 -25.66 -91.88
C LYS F 462 49.61 -27.08 -91.55
N GLY F 463 49.79 -28.02 -92.47
CA GLY F 463 49.42 -29.40 -92.23
C GLY F 463 48.04 -29.75 -92.76
N GLU F 464 47.74 -31.04 -92.71
CA GLU F 464 46.57 -31.57 -93.37
C GLU F 464 45.28 -31.13 -92.68
N ASN F 465 45.31 -30.92 -91.37
CA ASN F 465 44.11 -30.52 -90.65
C ASN F 465 43.59 -29.17 -91.14
N TYR F 466 44.50 -28.26 -91.49
CA TYR F 466 44.09 -26.96 -91.96
C TYR F 466 43.48 -27.05 -93.36
N GLN F 467 44.06 -27.86 -94.24
CA GLN F 467 43.46 -28.09 -95.55
C GLN F 467 42.08 -28.71 -95.40
N LEU F 468 41.94 -29.67 -94.49
CA LEU F 468 40.66 -30.31 -94.26
C LEU F 468 39.61 -29.31 -93.78
N VAL F 469 39.98 -28.46 -92.82
CA VAL F 469 39.03 -27.48 -92.32
C VAL F 469 38.66 -26.50 -93.42
N LYS F 470 39.59 -26.19 -94.30
CA LYS F 470 39.30 -25.26 -95.37
C LYS F 470 38.31 -25.86 -96.37
N THR F 471 38.50 -27.13 -96.70
CA THR F 471 37.60 -27.79 -97.63
C THR F 471 36.20 -27.96 -97.04
N LEU F 472 36.12 -28.41 -95.81
CA LEU F 472 34.82 -28.59 -95.16
C LEU F 472 34.13 -27.26 -94.97
N GLY F 473 34.88 -26.21 -94.64
CA GLY F 473 34.28 -24.90 -94.48
C GLY F 473 33.73 -24.35 -95.78
N GLU F 474 34.43 -24.58 -96.87
CA GLU F 474 33.95 -24.12 -98.16
C GLU F 474 32.64 -24.82 -98.55
N GLN F 475 32.53 -26.11 -98.27
CA GLN F 475 31.29 -26.81 -98.53
C GLN F 475 30.19 -26.24 -97.63
N LEU F 476 30.49 -26.07 -96.36
CA LEU F 476 29.47 -25.59 -95.44
C LEU F 476 28.97 -24.22 -95.85
N ILE F 477 29.88 -23.32 -96.27
CA ILE F 477 29.48 -22.00 -96.71
C ILE F 477 28.55 -22.11 -97.92
N GLU F 478 28.89 -22.97 -98.87
CA GLU F 478 28.02 -23.11 -100.04
C GLU F 478 26.64 -23.58 -99.63
N ASN F 479 26.56 -24.55 -98.72
CA ASN F 479 25.26 -25.02 -98.26
C ASN F 479 24.49 -23.91 -97.55
N CYS F 480 25.16 -23.15 -96.68
CA CYS F 480 24.49 -22.12 -95.90
C CYS F 480 23.97 -21.00 -96.77
N LYS F 481 24.68 -20.69 -97.86
CA LYS F 481 24.19 -19.65 -98.78
C LYS F 481 22.85 -20.03 -99.39
N GLN F 482 22.59 -21.33 -99.57
CA GLN F 482 21.34 -21.73 -100.22
C GLN F 482 20.13 -21.50 -99.34
N VAL F 483 20.28 -21.59 -98.02
CA VAL F 483 19.15 -21.64 -97.11
C VAL F 483 18.96 -20.33 -96.36
N LEU F 484 19.45 -19.22 -96.91
CA LEU F 484 19.36 -17.95 -96.20
C LEU F 484 17.92 -17.56 -95.94
N ASP F 485 17.07 -17.68 -96.95
CA ASP F 485 15.66 -17.31 -96.83
C ASP F 485 14.75 -18.50 -96.62
N VAL F 486 15.32 -19.67 -96.32
CA VAL F 486 14.54 -20.88 -96.15
C VAL F 486 14.23 -21.16 -94.69
N ASP F 487 13.07 -21.72 -94.42
CA ASP F 487 12.70 -22.04 -93.04
C ASP F 487 13.58 -23.15 -92.49
N PRO F 488 13.94 -23.05 -91.21
CA PRO F 488 14.74 -24.10 -90.57
C PRO F 488 13.96 -25.40 -90.51
N VAL F 489 14.67 -26.51 -90.54
CA VAL F 489 14.04 -27.83 -90.61
C VAL F 489 14.55 -28.71 -89.49
N TYR F 490 13.67 -29.61 -89.05
CA TYR F 490 14.05 -30.63 -88.12
C TYR F 490 14.43 -31.74 -89.06
N LYS F 491 15.61 -32.30 -88.89
CA LYS F 491 16.13 -33.32 -89.79
C LYS F 491 17.13 -34.15 -89.00
N ASP F 492 16.72 -35.35 -88.60
CA ASP F 492 17.58 -36.22 -87.82
C ASP F 492 18.45 -37.07 -88.71
N VAL F 493 19.75 -37.05 -88.46
CA VAL F 493 20.70 -37.79 -89.27
C VAL F 493 21.40 -38.87 -88.48
N ALA F 494 20.98 -39.11 -87.24
CA ALA F 494 21.65 -40.10 -86.41
C ALA F 494 21.52 -41.49 -87.01
N LYS F 495 22.46 -42.36 -86.71
CA LYS F 495 22.36 -43.73 -87.18
C LYS F 495 21.43 -44.49 -86.25
N PRO F 496 20.37 -45.08 -86.81
CA PRO F 496 19.43 -45.86 -85.99
C PRO F 496 20.14 -47.00 -85.27
N THR F 497 19.68 -47.29 -84.07
CA THR F 497 20.29 -48.31 -83.21
C THR F 497 19.23 -49.32 -82.77
N GLY F 498 19.65 -50.58 -82.69
CA GLY F 498 18.78 -51.63 -82.21
C GLY F 498 19.26 -52.16 -80.86
N PRO F 499 18.41 -52.92 -80.19
CA PRO F 499 18.80 -53.47 -78.88
C PRO F 499 19.78 -54.61 -79.02
N LYS F 500 20.59 -54.79 -77.98
CA LYS F 500 21.60 -55.85 -77.98
C LYS F 500 21.92 -56.22 -76.53
N THR F 501 21.65 -57.45 -76.15
CA THR F 501 21.97 -57.96 -74.83
C THR F 501 22.96 -59.11 -74.99
N ALA F 502 23.99 -59.13 -74.16
CA ALA F 502 25.01 -60.17 -74.20
C ALA F 502 25.29 -60.66 -72.79
N ILE F 503 25.60 -61.95 -72.69
CA ILE F 503 25.89 -62.60 -71.41
C ILE F 503 27.31 -63.14 -71.47
N ASP F 504 28.17 -62.60 -70.60
CA ASP F 504 29.59 -62.97 -70.62
C ASP F 504 29.78 -64.40 -70.13
N LYS F 505 31.04 -64.81 -70.04
CA LYS F 505 31.36 -66.15 -69.56
C LYS F 505 30.91 -66.34 -68.12
N ASN F 506 31.13 -65.33 -67.27
CA ASN F 506 30.77 -65.35 -65.87
C ASN F 506 29.32 -64.96 -65.61
N GLY F 507 28.47 -64.95 -66.64
CA GLY F 507 27.09 -64.56 -66.46
C GLY F 507 26.88 -63.11 -66.09
N ASN F 508 27.66 -62.21 -66.67
CA ASN F 508 27.42 -60.78 -66.53
C ASN F 508 26.48 -60.33 -67.64
N ILE F 509 25.45 -59.58 -67.28
CA ILE F 509 24.45 -59.11 -68.22
C ILE F 509 24.77 -57.67 -68.58
N THR F 510 24.91 -57.41 -69.87
CA THR F 510 25.16 -56.07 -70.40
C THR F 510 24.20 -55.80 -71.54
N TYR F 511 23.68 -54.58 -71.58
CA TYR F 511 22.82 -54.16 -72.67
C TYR F 511 23.46 -53.00 -73.41
N SER F 512 23.44 -53.05 -74.72
CA SER F 512 24.03 -52.01 -75.56
C SER F 512 23.07 -51.63 -76.68
N GLU F 513 23.21 -50.41 -77.17
CA GLU F 513 22.41 -49.94 -78.29
C GLU F 513 23.28 -49.97 -79.52
N GLU F 514 23.39 -51.12 -80.16
CA GLU F 514 24.20 -51.29 -81.35
C GLU F 514 23.50 -50.69 -82.57
N PRO F 515 24.26 -50.13 -83.52
CA PRO F 515 23.66 -49.69 -84.77
C PRO F 515 23.04 -50.88 -85.51
N ARG F 516 21.94 -50.60 -86.21
CA ARG F 516 21.24 -51.64 -86.95
C ARG F 516 21.94 -51.90 -88.28
N GLU F 517 22.00 -53.17 -88.66
CA GLU F 517 22.84 -53.57 -89.78
C GLU F 517 22.25 -53.10 -91.11
N LYS F 518 20.93 -53.23 -91.29
CA LYS F 518 20.30 -52.92 -92.56
C LYS F 518 19.74 -51.51 -92.63
N VAL F 519 19.50 -50.88 -91.48
CA VAL F 519 18.92 -49.54 -91.42
C VAL F 519 19.99 -48.60 -90.88
N ARG F 520 20.50 -47.74 -91.76
CA ARG F 520 21.52 -46.78 -91.36
C ARG F 520 21.14 -45.34 -91.67
N LYS F 521 19.92 -45.09 -92.10
CA LYS F 521 19.36 -43.76 -92.25
C LYS F 521 17.91 -43.79 -91.80
N LEU F 522 17.33 -42.61 -91.60
CA LEU F 522 15.92 -42.55 -91.25
C LEU F 522 15.02 -42.83 -92.44
N SER F 523 15.49 -42.57 -93.65
CA SER F 523 14.72 -42.88 -94.83
C SER F 523 14.57 -44.38 -94.95
N GLN F 524 15.66 -45.11 -94.74
CA GLN F 524 15.60 -46.57 -94.73
C GLN F 524 14.71 -47.08 -93.61
N TYR F 525 14.72 -46.39 -92.47
CA TYR F 525 13.83 -46.74 -91.37
C TYR F 525 12.37 -46.60 -91.79
N VAL F 526 12.03 -45.54 -92.51
CA VAL F 526 10.65 -45.32 -92.92
C VAL F 526 10.23 -46.39 -93.93
N GLN F 527 11.17 -46.81 -94.77
CA GLN F 527 10.89 -47.86 -95.72
C GLN F 527 10.65 -49.16 -94.97
N GLU F 528 11.47 -49.45 -93.97
CA GLU F 528 11.26 -50.64 -93.16
C GLU F 528 9.90 -50.61 -92.48
N MET F 529 9.52 -49.47 -91.90
CA MET F 529 8.22 -49.38 -91.25
C MET F 529 7.10 -49.63 -92.25
N ALA F 530 7.20 -49.05 -93.44
CA ALA F 530 6.15 -49.23 -94.42
C ALA F 530 6.02 -50.68 -94.86
N LEU F 531 7.14 -51.40 -94.93
CA LEU F 531 7.07 -52.80 -95.35
C LEU F 531 6.30 -53.65 -94.36
N GLY F 532 6.43 -53.37 -93.06
CA GLY F 532 5.82 -54.26 -92.10
C GLY F 532 6.59 -55.56 -92.03
N GLY F 533 5.89 -56.61 -91.62
CA GLY F 533 6.52 -57.90 -91.48
C GLY F 533 5.54 -59.05 -91.60
N PRO F 534 6.06 -60.27 -91.56
CA PRO F 534 5.16 -61.44 -91.59
C PRO F 534 4.14 -61.43 -90.47
N ILE F 535 4.51 -60.92 -89.30
CA ILE F 535 3.59 -60.96 -88.16
C ILE F 535 2.44 -59.98 -88.34
N THR F 536 2.67 -58.87 -89.04
CA THR F 536 1.63 -57.88 -89.28
C THR F 536 0.86 -58.14 -90.57
N LYS F 537 0.81 -59.38 -91.04
CA LYS F 537 0.10 -59.75 -92.26
C LYS F 537 -1.19 -60.45 -91.89
N GLU F 538 -2.29 -60.00 -92.49
CA GLU F 538 -3.58 -60.65 -92.30
C GLU F 538 -3.89 -61.59 -93.46
N LYS F 624 8.45 -43.25 -106.97
CA LYS F 624 7.21 -43.01 -106.25
C LYS F 624 7.44 -43.00 -104.74
N THR F 625 6.42 -42.61 -103.98
CA THR F 625 6.58 -42.45 -102.55
C THR F 625 6.70 -43.81 -101.87
N VAL F 626 7.03 -43.77 -100.57
CA VAL F 626 7.21 -45.00 -99.81
C VAL F 626 5.90 -45.76 -99.69
N SER F 627 4.77 -45.06 -99.68
CA SER F 627 3.49 -45.74 -99.49
C SER F 627 3.14 -46.66 -100.65
N SER F 628 3.80 -46.50 -101.80
CA SER F 628 3.60 -47.44 -102.91
C SER F 628 4.08 -48.83 -102.55
N THR F 629 5.01 -48.95 -101.62
CA THR F 629 5.64 -50.23 -101.29
C THR F 629 4.94 -50.99 -100.17
N ILE F 630 3.83 -50.48 -99.65
CA ILE F 630 3.14 -51.17 -98.56
C ILE F 630 2.52 -52.43 -99.15
N PRO F 631 2.93 -53.63 -98.74
CA PRO F 631 2.45 -54.84 -99.42
C PRO F 631 0.96 -55.05 -99.22
N ARG F 632 0.34 -55.73 -100.18
CA ARG F 632 -1.06 -56.09 -100.07
C ARG F 632 -1.26 -57.07 -98.92
N GLU F 633 -2.26 -56.80 -98.09
CA GLU F 633 -2.64 -57.65 -96.96
C GLU F 633 -1.60 -57.65 -95.83
N THR F 634 -0.80 -56.60 -95.66
CA THR F 634 0.05 -56.48 -94.49
C THR F 634 -0.10 -55.08 -93.91
N ILE F 635 -0.05 -55.00 -92.60
CA ILE F 635 -0.19 -53.74 -91.87
C ILE F 635 1.19 -53.13 -91.70
N PRO F 636 1.38 -51.86 -92.02
CA PRO F 636 2.66 -51.20 -91.69
C PRO F 636 2.89 -51.19 -90.20
N PHE F 637 4.17 -51.18 -89.81
CA PHE F 637 4.51 -51.08 -88.40
C PHE F 637 4.00 -49.78 -87.78
N LEU F 638 3.93 -48.70 -88.54
CA LEU F 638 3.28 -47.46 -88.14
C LEU F 638 2.11 -47.22 -89.10
N HIS F 639 0.93 -46.93 -88.55
CA HIS F 639 -0.24 -46.73 -89.40
C HIS F 639 -1.26 -45.90 -88.66
N LEU F 640 -2.20 -45.36 -89.42
CA LEU F 640 -3.36 -44.66 -88.87
C LEU F 640 -4.60 -45.54 -88.97
N ARG F 641 -5.57 -45.23 -88.13
CA ARG F 641 -6.81 -46.00 -88.08
C ARG F 641 -8.01 -45.09 -88.36
N LYS F 642 -9.07 -45.70 -88.87
CA LYS F 642 -10.29 -44.96 -89.15
C LYS F 642 -11.42 -45.63 -88.38
N LYS F 643 -12.29 -44.84 -87.79
CA LYS F 643 -13.41 -45.40 -87.05
C LYS F 643 -14.50 -45.87 -87.99
N THR F 644 -14.97 -47.09 -87.79
CA THR F 644 -16.01 -47.66 -88.62
C THR F 644 -17.37 -47.16 -88.16
N PRO F 645 -18.42 -47.35 -88.97
CA PRO F 645 -19.76 -46.98 -88.52
C PRO F 645 -20.14 -47.63 -87.20
N ALA F 646 -19.72 -48.87 -86.96
CA ALA F 646 -19.92 -49.53 -85.68
C ALA F 646 -19.06 -48.93 -84.56
N GLY F 647 -18.11 -48.07 -84.88
CA GLY F 647 -17.36 -47.36 -83.87
C GLY F 647 -16.06 -47.99 -83.43
N ASP F 648 -15.56 -48.99 -84.16
CA ASP F 648 -14.26 -49.58 -83.88
C ASP F 648 -13.21 -48.95 -84.80
N TRP F 649 -12.00 -48.79 -84.26
CA TRP F 649 -10.91 -48.20 -85.03
C TRP F 649 -10.14 -49.26 -85.76
N LYS F 650 -10.12 -49.18 -87.08
CA LYS F 650 -9.47 -50.16 -87.91
C LYS F 650 -8.40 -49.51 -88.75
N TYR F 651 -7.39 -50.29 -89.14
CA TYR F 651 -6.32 -49.79 -89.97
C TYR F 651 -6.85 -49.24 -91.29
N ASP F 652 -6.43 -48.03 -91.64
CA ASP F 652 -6.83 -47.40 -92.89
C ASP F 652 -5.61 -47.23 -93.78
N ARG F 653 -5.69 -47.78 -94.99
CA ARG F 653 -4.57 -47.74 -95.90
C ARG F 653 -4.26 -46.32 -96.39
N GLN F 654 -5.30 -45.56 -96.77
CA GLN F 654 -5.07 -44.23 -97.32
C GLN F 654 -4.48 -43.28 -96.28
N LEU F 655 -5.05 -43.26 -95.07
CA LEU F 655 -4.53 -42.38 -94.03
C LEU F 655 -3.11 -42.76 -93.66
N SER F 656 -2.84 -44.07 -93.56
CA SER F 656 -1.49 -44.51 -93.25
C SER F 656 -0.52 -44.15 -94.36
N SER F 657 -0.98 -44.18 -95.61
CA SER F 657 -0.13 -43.75 -96.72
C SER F 657 0.20 -42.27 -96.59
N LEU F 658 -0.79 -41.45 -96.23
CA LEU F 658 -0.52 -40.05 -95.96
C LEU F 658 0.55 -39.89 -94.88
N PHE F 659 0.38 -40.59 -93.77
CA PHE F 659 1.30 -40.46 -92.65
C PHE F 659 2.71 -40.88 -93.05
N LEU F 660 2.84 -42.01 -93.75
CA LEU F 660 4.14 -42.53 -94.10
C LEU F 660 4.83 -41.70 -95.18
N ASP F 661 4.07 -41.14 -96.11
CA ASP F 661 4.64 -40.20 -97.06
C ASP F 661 5.16 -38.96 -96.35
N GLY F 662 4.41 -38.45 -95.39
CA GLY F 662 4.92 -37.33 -94.59
C GLY F 662 6.21 -37.68 -93.90
N LEU F 663 6.29 -38.89 -93.32
CA LEU F 663 7.51 -39.31 -92.66
C LEU F 663 8.68 -39.41 -93.64
N GLU F 664 8.41 -39.90 -94.84
CA GLU F 664 9.46 -40.02 -95.84
C GLU F 664 10.00 -38.66 -96.18
N LYS F 665 9.12 -37.70 -96.45
CA LYS F 665 9.56 -36.34 -96.71
C LYS F 665 10.36 -35.78 -95.56
N ALA F 666 9.90 -36.02 -94.33
CA ALA F 666 10.62 -35.50 -93.16
C ALA F 666 12.03 -36.07 -93.11
N ALA F 667 12.20 -37.35 -93.43
CA ALA F 667 13.51 -37.97 -93.33
C ALA F 667 14.47 -37.43 -94.39
N PHE F 668 13.95 -37.12 -95.56
CA PHE F 668 14.79 -36.66 -96.66
C PHE F 668 15.01 -35.16 -96.63
N ASN F 669 13.94 -34.37 -96.72
CA ASN F 669 14.09 -32.93 -96.77
C ASN F 669 14.00 -32.26 -95.42
N GLY F 670 13.62 -32.97 -94.36
CA GLY F 670 13.38 -32.32 -93.09
C GLY F 670 12.05 -31.60 -93.11
N VAL F 671 11.61 -31.12 -91.95
CA VAL F 671 10.30 -30.52 -91.79
C VAL F 671 10.43 -29.29 -90.90
N THR F 672 9.71 -28.23 -91.26
CA THR F 672 9.77 -26.97 -90.52
C THR F 672 8.59 -26.86 -89.57
N PHE F 673 8.85 -26.33 -88.39
CA PHE F 673 7.82 -25.99 -87.41
C PHE F 673 7.81 -24.49 -87.13
N LYS F 674 8.17 -23.69 -88.14
CA LYS F 674 8.15 -22.25 -88.00
C LYS F 674 6.73 -21.78 -87.67
N ASP F 675 6.63 -20.83 -86.76
CA ASP F 675 5.37 -20.21 -86.36
C ASP F 675 4.44 -21.16 -85.61
N LYS F 676 4.96 -22.29 -85.13
CA LYS F 676 4.16 -23.20 -84.30
C LYS F 676 4.45 -22.93 -82.83
N TYR F 677 3.42 -22.70 -82.04
CA TYR F 677 3.56 -22.47 -80.61
C TYR F 677 3.18 -23.79 -79.95
N VAL F 678 3.95 -24.26 -79.00
CA VAL F 678 3.77 -25.58 -78.42
C VAL F 678 3.99 -25.52 -76.91
N LEU F 679 3.15 -26.21 -76.17
CA LEU F 679 3.38 -26.48 -74.76
C LEU F 679 3.60 -27.98 -74.58
N ILE F 680 4.71 -28.34 -73.95
CA ILE F 680 5.05 -29.74 -73.71
C ILE F 680 5.37 -29.91 -72.23
N THR F 681 4.80 -30.96 -71.64
CA THR F 681 5.09 -31.30 -70.26
C THR F 681 5.73 -32.68 -70.28
N GLY F 682 6.52 -33.01 -69.27
CA GLY F 682 7.17 -34.32 -69.20
C GLY F 682 8.34 -34.54 -70.16
N ALA F 683 9.06 -33.48 -70.50
CA ALA F 683 10.18 -33.58 -71.45
C ALA F 683 11.54 -33.49 -70.78
N GLY F 684 11.67 -34.05 -69.59
CA GLY F 684 12.95 -34.05 -68.92
C GLY F 684 13.99 -34.92 -69.57
N LYS F 685 15.23 -34.79 -69.14
CA LYS F 685 16.31 -35.57 -69.72
C LYS F 685 16.04 -37.07 -69.63
N GLY F 686 16.29 -37.78 -70.71
CA GLY F 686 16.05 -39.22 -70.73
C GLY F 686 14.64 -39.63 -71.09
N SER F 687 13.84 -38.69 -71.59
CA SER F 687 12.45 -38.99 -71.94
C SER F 687 12.19 -38.86 -73.42
N ILE F 688 11.06 -39.36 -73.89
CA ILE F 688 10.69 -39.20 -75.28
C ILE F 688 10.44 -37.72 -75.51
N GLY F 689 9.90 -37.05 -74.50
CA GLY F 689 9.60 -35.63 -74.62
C GLY F 689 10.81 -34.79 -74.90
N ALA F 690 11.95 -35.14 -74.31
CA ALA F 690 13.19 -34.41 -74.57
C ALA F 690 13.57 -34.48 -76.04
N GLU F 691 13.44 -35.65 -76.66
CA GLU F 691 13.73 -35.80 -78.08
C GLU F 691 12.72 -35.06 -78.94
N VAL F 692 11.43 -35.08 -78.54
CA VAL F 692 10.43 -34.31 -79.26
C VAL F 692 10.76 -32.82 -79.18
N LEU F 693 11.20 -32.34 -78.01
CA LEU F 693 11.49 -30.93 -77.83
C LEU F 693 12.66 -30.50 -78.69
N GLN F 694 13.72 -31.30 -78.76
CA GLN F 694 14.84 -30.92 -79.58
C GLN F 694 14.46 -30.92 -81.06
N GLY F 695 13.64 -31.88 -81.49
CA GLY F 695 13.11 -31.82 -82.85
C GLY F 695 12.31 -30.56 -83.11
N LEU F 696 11.46 -30.17 -82.16
CA LEU F 696 10.66 -28.96 -82.33
C LEU F 696 11.55 -27.72 -82.48
N LEU F 697 12.54 -27.59 -81.60
CA LEU F 697 13.42 -26.43 -81.65
C LEU F 697 14.24 -26.39 -82.92
N GLN F 698 14.65 -27.56 -83.44
CA GLN F 698 15.38 -27.56 -84.71
C GLN F 698 14.55 -27.00 -85.85
N GLY F 699 13.24 -27.19 -85.81
CA GLY F 699 12.36 -26.69 -86.85
C GLY F 699 11.85 -25.30 -86.65
N GLY F 700 12.31 -24.58 -85.63
CA GLY F 700 11.94 -23.19 -85.45
C GLY F 700 10.76 -22.91 -84.55
N ALA F 701 10.32 -23.87 -83.75
CA ALA F 701 9.12 -23.70 -82.94
C ALA F 701 9.35 -22.79 -81.74
N LYS F 702 8.26 -22.22 -81.25
CA LYS F 702 8.23 -21.52 -79.97
C LYS F 702 7.64 -22.48 -78.94
N VAL F 703 8.44 -22.85 -77.95
CA VAL F 703 8.12 -23.97 -77.06
C VAL F 703 8.15 -23.49 -75.62
N VAL F 704 7.10 -23.81 -74.87
CA VAL F 704 7.10 -23.72 -73.42
C VAL F 704 7.26 -25.13 -72.88
N VAL F 705 8.28 -25.34 -72.07
CA VAL F 705 8.60 -26.66 -71.55
C VAL F 705 8.52 -26.59 -70.03
N THR F 706 7.76 -27.47 -69.44
CA THR F 706 7.59 -27.48 -68.01
C THR F 706 8.55 -28.42 -67.33
N THR F 707 8.71 -28.30 -66.02
CA THR F 707 9.57 -29.20 -65.28
C THR F 707 9.11 -29.29 -63.84
N SER F 708 9.16 -30.48 -63.30
CA SER F 708 8.76 -30.71 -61.93
C SER F 708 9.98 -30.65 -61.00
N ARG F 709 11.18 -30.56 -61.56
CA ARG F 709 12.41 -30.45 -60.77
C ARG F 709 13.24 -29.22 -61.14
N PHE F 710 12.65 -28.05 -61.03
CA PHE F 710 13.33 -26.82 -61.41
C PHE F 710 14.59 -26.60 -60.57
N SER F 711 15.75 -26.51 -61.22
CA SER F 711 17.01 -26.35 -60.52
C SER F 711 18.03 -25.73 -61.43
N LYS F 712 19.20 -25.36 -60.91
CA LYS F 712 20.27 -24.86 -61.75
C LYS F 712 20.64 -25.91 -62.77
N GLN F 713 20.74 -27.16 -62.33
CA GLN F 713 21.12 -28.22 -63.23
C GLN F 713 20.15 -28.35 -64.39
N VAL F 714 18.85 -28.27 -64.12
CA VAL F 714 17.85 -28.42 -65.17
C VAL F 714 17.84 -27.23 -66.12
N THR F 715 17.98 -26.02 -65.59
CA THR F 715 18.00 -24.82 -66.41
C THR F 715 19.26 -24.80 -67.29
N ASP F 716 20.39 -25.27 -66.77
CA ASP F 716 21.61 -25.36 -67.55
C ASP F 716 21.45 -26.41 -68.64
N TYR F 717 20.83 -27.54 -68.31
CA TYR F 717 20.56 -28.56 -69.31
C TYR F 717 19.74 -27.99 -70.47
N TYR F 718 18.69 -27.25 -70.19
CA TYR F 718 17.87 -26.68 -71.25
C TYR F 718 18.60 -25.57 -72.00
N GLN F 719 19.42 -24.80 -71.32
CA GLN F 719 20.20 -23.76 -71.99
C GLN F 719 21.12 -24.41 -73.03
N SER F 720 21.73 -25.51 -72.68
CA SER F 720 22.63 -26.19 -73.59
C SER F 720 21.83 -26.81 -74.75
N ILE F 721 20.65 -27.35 -74.46
CA ILE F 721 19.81 -27.85 -75.55
C ILE F 721 19.49 -26.73 -76.53
N TYR F 722 19.08 -25.57 -76.02
CA TYR F 722 18.75 -24.46 -76.91
C TYR F 722 19.98 -23.99 -77.69
N ALA F 723 21.13 -23.91 -77.03
CA ALA F 723 22.33 -23.46 -77.71
C ALA F 723 22.71 -24.42 -78.81
N LYS F 724 22.38 -25.70 -78.64
CA LYS F 724 22.73 -26.69 -79.65
C LYS F 724 21.72 -26.74 -80.79
N TYR F 725 20.42 -26.71 -80.49
CA TYR F 725 19.39 -27.02 -81.47
C TYR F 725 18.48 -25.85 -81.84
N GLY F 726 18.51 -24.76 -81.08
CA GLY F 726 17.57 -23.68 -81.32
C GLY F 726 17.79 -22.97 -82.63
N ALA F 727 16.90 -23.19 -83.60
CA ALA F 727 17.03 -22.58 -84.91
C ALA F 727 16.56 -21.14 -84.89
N LYS F 728 16.83 -20.44 -85.98
CA LYS F 728 16.38 -19.07 -86.13
C LYS F 728 14.88 -18.91 -85.91
N GLY F 729 14.50 -17.94 -85.12
CA GLY F 729 13.10 -17.71 -84.82
C GLY F 729 12.52 -18.60 -83.75
N SER F 730 13.29 -19.55 -83.22
CA SER F 730 12.79 -20.43 -82.17
C SER F 730 13.01 -19.82 -80.80
N THR F 731 12.12 -20.17 -79.88
CA THR F 731 12.19 -19.72 -78.50
C THR F 731 11.92 -20.91 -77.58
N LEU F 732 12.58 -20.92 -76.43
CA LEU F 732 12.32 -21.92 -75.41
C LEU F 732 12.04 -21.21 -74.09
N ILE F 733 10.91 -21.52 -73.46
CA ILE F 733 10.53 -20.99 -72.17
C ILE F 733 10.46 -22.15 -71.21
N VAL F 734 11.24 -22.11 -70.14
CA VAL F 734 11.28 -23.16 -69.14
C VAL F 734 10.59 -22.65 -67.88
N VAL F 735 9.55 -23.35 -67.44
CA VAL F 735 8.81 -22.95 -66.23
C VAL F 735 8.73 -24.12 -65.26
N PRO F 736 8.78 -23.87 -63.95
CA PRO F 736 8.42 -24.93 -63.01
C PRO F 736 6.93 -25.21 -63.06
N PHE F 737 6.57 -26.47 -62.85
CA PHE F 737 5.20 -26.89 -63.05
C PHE F 737 4.94 -28.16 -62.27
N ASN F 738 3.82 -28.21 -61.58
CA ASN F 738 3.30 -29.44 -61.00
C ASN F 738 1.98 -29.73 -61.71
N GLN F 739 2.02 -30.64 -62.68
CA GLN F 739 0.81 -31.03 -63.37
C GLN F 739 -0.21 -31.65 -62.43
N GLY F 740 0.20 -32.09 -61.25
CA GLY F 740 -0.71 -32.60 -60.24
C GLY F 740 -1.53 -31.55 -59.52
N SER F 741 -1.26 -30.27 -59.74
CA SER F 741 -1.96 -29.18 -59.07
C SER F 741 -2.83 -28.46 -60.08
N LYS F 742 -4.13 -28.39 -59.82
CA LYS F 742 -5.02 -27.71 -60.75
C LYS F 742 -4.79 -26.21 -60.78
N GLN F 743 -4.36 -25.62 -59.66
CA GLN F 743 -4.00 -24.21 -59.66
C GLN F 743 -2.78 -23.95 -60.54
N ASP F 744 -1.82 -24.87 -60.53
CA ASP F 744 -0.68 -24.75 -61.43
C ASP F 744 -1.11 -24.80 -62.88
N VAL F 745 -2.01 -25.71 -63.23
CA VAL F 745 -2.48 -25.83 -64.61
C VAL F 745 -3.15 -24.55 -65.05
N GLU F 746 -4.02 -24.04 -64.22
CA GLU F 746 -4.75 -22.84 -64.57
C GLU F 746 -3.81 -21.64 -64.69
N ALA F 747 -2.90 -21.50 -63.74
CA ALA F 747 -1.94 -20.40 -63.79
C ALA F 747 -0.99 -20.49 -64.99
N LEU F 748 -0.58 -21.70 -65.36
CA LEU F 748 0.30 -21.85 -66.52
C LEU F 748 -0.39 -21.44 -67.81
N ILE F 749 -1.63 -21.89 -68.01
CA ILE F 749 -2.33 -21.52 -69.24
C ILE F 749 -2.63 -20.02 -69.24
N GLU F 750 -3.04 -19.49 -68.10
CA GLU F 750 -3.27 -18.06 -67.99
C GLU F 750 -1.98 -17.29 -68.33
N PHE F 751 -0.83 -17.74 -67.84
CA PHE F 751 0.44 -17.10 -68.15
C PHE F 751 0.72 -17.15 -69.64
N ILE F 752 0.46 -18.29 -70.27
CA ILE F 752 0.74 -18.42 -71.70
C ILE F 752 -0.12 -17.44 -72.49
N TYR F 753 -1.38 -17.27 -72.14
CA TYR F 753 -2.27 -16.42 -72.93
C TYR F 753 -2.33 -14.94 -72.52
N ASP F 754 -1.83 -14.59 -71.34
CA ASP F 754 -1.85 -13.21 -70.90
C ASP F 754 -0.94 -12.34 -71.76
N THR F 755 -1.35 -11.10 -71.95
CA THR F 755 -0.51 -10.15 -72.69
C THR F 755 0.79 -9.90 -71.97
N GLU F 756 1.79 -9.49 -72.72
CA GLU F 756 3.10 -9.22 -72.16
C GLU F 756 3.10 -8.06 -71.19
N LYS F 757 2.25 -7.08 -71.42
CA LYS F 757 2.14 -5.95 -70.51
C LYS F 757 1.61 -6.46 -69.22
N ASN F 758 0.80 -7.51 -69.29
CA ASN F 758 0.25 -8.12 -68.09
C ASN F 758 1.16 -9.17 -67.49
N GLY F 759 2.36 -9.36 -68.03
CA GLY F 759 3.30 -10.32 -67.50
C GLY F 759 3.22 -11.70 -68.09
N GLY F 760 2.39 -11.92 -69.11
CA GLY F 760 2.32 -13.19 -69.80
C GLY F 760 3.15 -13.22 -71.07
N LEU F 761 2.98 -14.29 -71.82
CA LEU F 761 3.72 -14.47 -73.06
C LEU F 761 3.02 -13.89 -74.27
N GLY F 762 1.71 -13.73 -74.22
CA GLY F 762 0.96 -13.25 -75.37
C GLY F 762 0.86 -14.27 -76.48
N TRP F 763 0.95 -15.55 -76.16
CA TRP F 763 0.92 -16.61 -77.15
C TRP F 763 -0.48 -17.19 -77.32
N ASP F 764 -0.65 -17.95 -78.41
CA ASP F 764 -1.89 -18.70 -78.65
C ASP F 764 -1.32 -20.04 -79.09
N LEU F 765 -1.65 -21.15 -78.42
CA LEU F 765 -1.00 -22.43 -78.66
C LEU F 765 -1.51 -23.11 -79.92
N ASP F 766 -0.60 -23.76 -80.64
CA ASP F 766 -0.96 -24.53 -81.81
C ASP F 766 -0.90 -26.01 -81.47
N ALA F 767 -0.32 -26.37 -80.33
CA ALA F 767 -0.17 -27.76 -79.93
C ALA F 767 0.09 -27.96 -78.45
N ILE F 768 -0.48 -29.00 -77.86
CA ILE F 768 -0.24 -29.35 -76.46
C ILE F 768 0.22 -30.78 -76.42
N ILE F 769 1.30 -31.04 -75.71
CA ILE F 769 1.90 -32.37 -75.67
C ILE F 769 2.05 -32.77 -74.21
N PRO F 770 0.99 -33.23 -73.56
CA PRO F 770 1.03 -33.49 -72.10
C PRO F 770 1.56 -34.87 -71.74
N PHE F 771 2.87 -35.02 -71.75
CA PHE F 771 3.49 -36.32 -71.50
C PHE F 771 3.93 -36.55 -70.06
N ALA F 772 3.72 -35.58 -69.17
CA ALA F 772 4.09 -35.77 -67.77
C ALA F 772 3.44 -37.02 -67.18
N ALA F 773 4.20 -37.76 -66.41
CA ALA F 773 3.69 -38.97 -65.77
C ALA F 773 4.56 -39.33 -64.59
N ILE F 774 4.07 -40.19 -63.71
CA ILE F 774 4.89 -40.66 -62.59
C ILE F 774 4.78 -42.16 -62.51
N PRO F 775 5.88 -42.83 -62.12
CA PRO F 775 5.90 -44.29 -62.12
C PRO F 775 5.08 -45.01 -61.05
N GLU F 776 4.37 -46.05 -61.43
CA GLU F 776 3.64 -46.87 -60.47
C GLU F 776 4.12 -48.30 -60.67
N GLN F 777 4.91 -48.82 -59.74
CA GLN F 777 5.45 -50.16 -59.85
C GLN F 777 5.06 -51.00 -58.66
N GLY F 778 4.64 -52.23 -58.89
CA GLY F 778 4.26 -53.11 -57.81
C GLY F 778 2.96 -52.74 -57.14
N ILE F 779 2.19 -51.84 -57.75
CA ILE F 779 0.91 -51.46 -57.20
C ILE F 779 -0.17 -52.24 -57.88
N GLU F 780 -0.62 -53.31 -57.25
CA GLU F 780 -1.69 -54.11 -57.80
C GLU F 780 -3.03 -53.53 -57.33
N LEU F 781 -4.13 -54.21 -57.67
CA LEU F 781 -5.46 -53.69 -57.38
C LEU F 781 -5.62 -53.33 -55.90
N GLU F 782 -5.14 -54.18 -54.99
CA GLU F 782 -5.36 -53.96 -53.57
C GLU F 782 -4.42 -52.94 -52.97
N HIS F 783 -3.38 -52.54 -53.68
CA HIS F 783 -2.46 -51.53 -53.19
C HIS F 783 -2.82 -50.12 -53.64
N ILE F 784 -3.84 -49.98 -54.48
CA ILE F 784 -4.19 -48.68 -55.01
C ILE F 784 -4.53 -47.74 -53.87
N ASP F 785 -3.76 -46.67 -53.74
CA ASP F 785 -3.83 -45.80 -52.58
C ASP F 785 -3.50 -44.39 -53.03
N SER F 786 -3.03 -43.57 -52.10
CA SER F 786 -2.78 -42.15 -52.32
C SER F 786 -1.95 -41.90 -53.57
N LYS F 787 -0.82 -42.60 -53.70
CA LYS F 787 0.06 -42.35 -54.83
C LYS F 787 -0.64 -42.63 -56.16
N SER F 788 -1.38 -43.73 -56.24
CA SER F 788 -2.05 -44.04 -57.49
C SER F 788 -3.13 -43.02 -57.82
N GLU F 789 -3.84 -42.51 -56.81
CA GLU F 789 -4.83 -41.48 -57.05
C GLU F 789 -4.18 -40.20 -57.56
N PHE F 790 -3.05 -39.82 -56.99
CA PHE F 790 -2.32 -38.64 -57.45
C PHE F 790 -1.80 -38.83 -58.87
N ALA F 791 -1.24 -39.98 -59.18
CA ALA F 791 -0.80 -40.26 -60.54
C ALA F 791 -1.96 -40.19 -61.51
N HIS F 792 -3.13 -40.72 -61.11
CA HIS F 792 -4.30 -40.61 -61.95
C HIS F 792 -4.67 -39.16 -62.19
N ARG F 793 -4.60 -38.33 -61.14
CA ARG F 793 -4.86 -36.91 -61.34
C ARG F 793 -3.95 -36.32 -62.40
N ILE F 794 -2.63 -36.54 -62.26
CA ILE F 794 -1.67 -35.97 -63.21
C ILE F 794 -1.98 -36.43 -64.62
N MET F 795 -2.19 -37.72 -64.81
CA MET F 795 -2.14 -38.30 -66.14
C MET F 795 -3.50 -38.34 -66.84
N LEU F 796 -4.53 -37.90 -66.16
CA LEU F 796 -5.80 -37.84 -66.82
C LEU F 796 -6.64 -36.67 -66.43
N THR F 797 -6.80 -36.40 -65.14
CA THR F 797 -7.80 -35.42 -64.77
C THR F 797 -7.31 -34.03 -65.11
N ASN F 798 -6.06 -33.75 -64.77
CA ASN F 798 -5.50 -32.44 -65.02
C ASN F 798 -5.10 -32.26 -66.48
N ILE F 799 -4.95 -33.35 -67.24
CA ILE F 799 -4.86 -33.21 -68.69
C ILE F 799 -6.19 -32.73 -69.26
N LEU F 800 -7.30 -33.25 -68.77
CA LEU F 800 -8.59 -32.75 -69.21
C LEU F 800 -8.76 -31.30 -68.77
N ARG F 801 -8.33 -30.96 -67.56
CA ARG F 801 -8.39 -29.56 -67.11
C ARG F 801 -7.51 -28.64 -67.97
N MET F 802 -6.35 -29.11 -68.39
CA MET F 802 -5.49 -28.29 -69.24
C MET F 802 -6.14 -28.04 -70.59
N MET F 803 -6.74 -29.07 -71.19
CA MET F 803 -7.52 -28.89 -72.41
C MET F 803 -8.63 -27.86 -72.18
N GLY F 804 -9.36 -28.00 -71.09
CA GLY F 804 -10.43 -27.07 -70.78
C GLY F 804 -9.96 -25.64 -70.63
N CYS F 805 -8.84 -25.43 -69.94
CA CYS F 805 -8.27 -24.10 -69.76
C CYS F 805 -7.89 -23.48 -71.10
N VAL F 806 -7.30 -24.27 -71.98
CA VAL F 806 -6.96 -23.72 -73.30
C VAL F 806 -8.23 -23.38 -74.07
N LYS F 807 -9.26 -24.21 -73.96
CA LYS F 807 -10.51 -23.94 -74.65
C LYS F 807 -11.12 -22.64 -74.15
N LYS F 808 -11.09 -22.40 -72.84
CA LYS F 808 -11.64 -21.17 -72.29
C LYS F 808 -10.84 -19.95 -72.70
N GLN F 809 -9.52 -20.03 -72.73
CA GLN F 809 -8.71 -18.89 -73.14
C GLN F 809 -8.99 -18.56 -74.59
N LYS F 810 -9.03 -19.57 -75.44
CA LYS F 810 -9.29 -19.33 -76.86
C LYS F 810 -10.68 -18.75 -77.09
N SER F 811 -11.68 -19.23 -76.36
CA SER F 811 -13.04 -18.74 -76.57
C SER F 811 -13.26 -17.34 -76.00
N ALA F 812 -12.63 -17.03 -74.86
CA ALA F 812 -12.75 -15.69 -74.31
C ALA F 812 -12.25 -14.63 -75.29
N ARG F 813 -11.40 -15.03 -76.21
CA ARG F 813 -10.85 -14.11 -77.20
C ARG F 813 -11.47 -14.34 -78.55
N GLY F 814 -12.54 -15.12 -78.62
CA GLY F 814 -13.23 -15.35 -79.86
C GLY F 814 -12.41 -16.05 -80.93
N ILE F 815 -11.39 -16.80 -80.53
CA ILE F 815 -10.55 -17.51 -81.49
C ILE F 815 -11.22 -18.82 -81.90
N GLU F 816 -11.67 -18.89 -83.14
CA GLU F 816 -12.38 -20.08 -83.62
C GLU F 816 -11.69 -20.78 -84.77
N THR F 817 -10.60 -20.23 -85.30
CA THR F 817 -9.97 -20.74 -86.51
C THR F 817 -8.52 -21.10 -86.30
N ARG F 818 -8.08 -21.14 -85.05
CA ARG F 818 -6.72 -21.53 -84.73
C ARG F 818 -6.73 -22.62 -83.67
N PRO F 819 -7.10 -23.84 -84.06
CA PRO F 819 -7.20 -24.92 -83.07
C PRO F 819 -5.86 -25.47 -82.56
N ALA F 820 -5.77 -25.88 -81.30
CA ALA F 820 -4.56 -26.47 -80.74
C ALA F 820 -4.66 -27.99 -80.85
N GLN F 821 -3.67 -28.58 -81.52
CA GLN F 821 -3.62 -30.02 -81.64
C GLN F 821 -3.09 -30.66 -80.38
N VAL F 822 -3.89 -31.50 -79.77
CA VAL F 822 -3.49 -32.20 -78.56
C VAL F 822 -2.99 -33.58 -78.94
N ILE F 823 -1.74 -33.86 -78.59
CA ILE F 823 -1.09 -35.13 -78.88
C ILE F 823 -1.19 -35.97 -77.63
N LEU F 824 -2.15 -36.88 -77.59
CA LEU F 824 -2.40 -37.64 -76.38
C LEU F 824 -1.46 -38.84 -76.29
N PRO F 825 -0.73 -39.01 -75.19
CA PRO F 825 0.14 -40.20 -75.06
C PRO F 825 -0.67 -41.41 -74.64
N MET F 826 -1.02 -42.25 -75.61
CA MET F 826 -1.87 -43.40 -75.33
C MET F 826 -1.07 -44.68 -75.26
N SER F 827 -1.63 -45.69 -74.63
CA SER F 827 -0.93 -46.95 -74.46
C SER F 827 -1.66 -48.08 -75.18
N PRO F 828 -0.90 -49.04 -75.71
CA PRO F 828 -1.53 -50.17 -76.40
C PRO F 828 -1.91 -51.31 -75.46
N ASN F 829 -1.50 -51.26 -74.20
CA ASN F 829 -1.71 -52.36 -73.27
C ASN F 829 -2.45 -51.83 -72.06
N HIS F 830 -3.73 -52.16 -71.97
CA HIS F 830 -4.53 -51.72 -70.84
C HIS F 830 -4.75 -52.86 -69.87
N GLY F 831 -4.03 -52.85 -68.77
CA GLY F 831 -4.14 -53.87 -67.76
C GLY F 831 -3.43 -55.16 -68.06
N THR F 832 -2.67 -55.23 -69.15
CA THR F 832 -2.11 -56.50 -69.62
C THR F 832 -0.93 -56.95 -68.77
N PHE F 833 -0.21 -56.02 -68.14
CA PHE F 833 0.95 -56.40 -67.34
C PHE F 833 0.66 -56.43 -65.85
N GLY F 834 -0.23 -55.58 -65.36
CA GLY F 834 -0.55 -55.53 -63.96
C GLY F 834 0.53 -54.84 -63.15
N GLY F 835 0.19 -54.54 -61.90
CA GLY F 835 1.14 -53.95 -60.99
C GLY F 835 1.44 -52.49 -61.20
N ASP F 836 0.68 -51.79 -62.02
CA ASP F 836 0.97 -50.40 -62.37
C ASP F 836 -0.09 -49.43 -61.82
N GLY F 837 -0.74 -49.78 -60.72
CA GLY F 837 -1.63 -48.84 -60.07
C GLY F 837 -2.82 -48.51 -60.95
N MET F 838 -2.98 -47.23 -61.26
CA MET F 838 -4.06 -46.74 -62.11
C MET F 838 -3.54 -46.25 -63.46
N TYR F 839 -2.35 -46.64 -63.86
CA TYR F 839 -1.81 -46.24 -65.15
C TYR F 839 -2.73 -46.62 -66.29
N SER F 840 -3.16 -47.87 -66.32
CA SER F 840 -3.96 -48.34 -67.42
C SER F 840 -5.35 -47.69 -67.43
N GLU F 841 -5.91 -47.42 -66.25
CA GLU F 841 -7.16 -46.68 -66.18
C GLU F 841 -7.03 -45.29 -66.80
N SER F 842 -5.99 -44.55 -66.41
CA SER F 842 -5.72 -43.23 -67.00
C SER F 842 -5.60 -43.32 -68.52
N LYS F 843 -4.77 -44.23 -69.00
CA LYS F 843 -4.53 -44.32 -70.44
C LYS F 843 -5.78 -44.66 -71.21
N LEU F 844 -6.54 -45.62 -70.71
CA LEU F 844 -7.77 -46.00 -71.41
C LEU F 844 -8.79 -44.88 -71.34
N SER F 845 -8.84 -44.13 -70.25
CA SER F 845 -9.80 -43.04 -70.15
C SER F 845 -9.57 -41.93 -71.17
N LEU F 846 -8.32 -41.69 -71.56
CA LEU F 846 -8.03 -40.66 -72.54
C LEU F 846 -8.76 -40.93 -73.84
N GLU F 847 -9.07 -42.19 -74.12
CA GLU F 847 -9.71 -42.49 -75.39
C GLU F 847 -11.14 -41.96 -75.58
N THR F 848 -11.78 -41.50 -74.52
CA THR F 848 -13.11 -40.91 -74.63
C THR F 848 -13.08 -39.64 -75.49
N LEU F 849 -11.94 -38.97 -75.52
CA LEU F 849 -11.82 -37.70 -76.23
C LEU F 849 -12.07 -37.81 -77.73
N PHE F 850 -11.84 -38.98 -78.30
CA PHE F 850 -12.11 -39.18 -79.72
C PHE F 850 -13.58 -38.91 -79.99
N ASN F 851 -14.45 -39.32 -79.09
CA ASN F 851 -15.88 -39.13 -79.26
C ASN F 851 -16.37 -37.81 -78.69
N ARG F 852 -15.80 -37.33 -77.60
CA ARG F 852 -16.22 -36.06 -77.04
C ARG F 852 -15.91 -34.88 -77.95
N TRP F 853 -14.96 -35.04 -78.86
CA TRP F 853 -14.65 -34.00 -79.81
C TRP F 853 -15.87 -33.76 -80.66
N HIS F 854 -16.54 -34.83 -81.06
CA HIS F 854 -17.76 -34.71 -81.84
C HIS F 854 -19.00 -34.39 -81.05
N SER F 855 -19.07 -34.75 -79.78
CA SER F 855 -20.32 -34.60 -79.03
C SER F 855 -20.43 -33.29 -78.24
N GLU F 856 -19.36 -32.51 -78.15
CA GLU F 856 -19.39 -31.31 -77.34
C GLU F 856 -19.17 -30.05 -78.19
N SER F 857 -18.77 -28.95 -77.57
CA SER F 857 -18.60 -27.68 -78.28
C SER F 857 -17.19 -27.08 -78.24
N TRP F 858 -16.16 -27.91 -78.20
CA TRP F 858 -14.79 -27.41 -78.12
C TRP F 858 -13.97 -27.80 -79.32
N ALA F 859 -14.59 -28.37 -80.34
CA ALA F 859 -13.84 -28.85 -81.51
C ALA F 859 -13.13 -27.76 -82.34
N ASN F 860 -13.59 -26.52 -82.28
CA ASN F 860 -12.93 -25.43 -83.00
C ASN F 860 -11.70 -24.91 -82.26
N GLN F 861 -11.59 -25.20 -80.97
CA GLN F 861 -10.44 -24.74 -80.20
C GLN F 861 -9.41 -25.85 -79.99
N LEU F 862 -9.80 -27.11 -80.13
CA LEU F 862 -8.88 -28.21 -79.88
C LEU F 862 -9.16 -29.32 -80.88
N THR F 863 -8.08 -29.99 -81.27
CA THR F 863 -8.19 -31.14 -82.13
C THR F 863 -7.55 -32.28 -81.35
N VAL F 864 -7.81 -33.53 -81.72
CA VAL F 864 -7.38 -34.71 -80.99
C VAL F 864 -6.53 -35.55 -81.91
N CYS F 865 -5.30 -35.83 -81.47
CA CYS F 865 -4.41 -36.75 -82.18
C CYS F 865 -3.94 -37.78 -81.17
N GLY F 866 -4.50 -38.98 -81.25
CA GLY F 866 -4.12 -40.04 -80.33
C GLY F 866 -2.92 -40.81 -80.85
N ALA F 867 -1.87 -40.86 -80.06
CA ALA F 867 -0.65 -41.58 -80.41
C ALA F 867 -0.54 -42.78 -79.50
N ILE F 868 -0.69 -43.97 -80.06
CA ILE F 868 -0.52 -45.22 -79.31
C ILE F 868 0.97 -45.54 -79.36
N ILE F 869 1.69 -45.18 -78.30
CA ILE F 869 3.15 -45.31 -78.29
C ILE F 869 3.64 -46.71 -78.02
N GLY F 870 4.54 -47.19 -78.86
CA GLY F 870 5.05 -48.54 -78.73
C GLY F 870 6.21 -48.73 -77.78
N TRP F 871 6.76 -49.94 -77.75
CA TRP F 871 7.88 -50.24 -76.88
C TRP F 871 9.05 -49.31 -77.16
N THR F 872 9.34 -48.41 -76.24
CA THR F 872 10.39 -47.42 -76.45
C THR F 872 11.50 -47.67 -75.44
N ARG F 873 12.64 -48.13 -75.90
CA ARG F 873 13.74 -48.43 -75.00
C ARG F 873 14.40 -47.21 -74.40
N GLY F 874 14.62 -47.20 -73.08
CA GLY F 874 15.37 -46.11 -72.46
C GLY F 874 14.67 -45.10 -71.58
N THR F 875 13.36 -45.22 -71.39
CA THR F 875 12.65 -44.18 -70.65
C THR F 875 12.48 -44.53 -69.17
N GLY F 876 11.88 -43.60 -68.42
CA GLY F 876 11.62 -43.87 -67.02
C GLY F 876 10.47 -44.85 -66.91
N LEU F 877 9.73 -45.01 -68.00
CA LEU F 877 8.59 -45.92 -67.99
C LEU F 877 8.93 -47.31 -68.54
N MET F 878 10.07 -47.45 -69.20
CA MET F 878 10.38 -48.74 -69.83
C MET F 878 11.83 -49.20 -69.69
N SER F 879 12.67 -48.41 -69.07
CA SER F 879 14.10 -48.75 -68.96
C SER F 879 14.37 -50.15 -68.45
N ALA F 880 13.61 -50.60 -67.44
CA ALA F 880 13.84 -51.92 -66.86
C ALA F 880 13.65 -53.10 -67.82
N ASN F 881 13.23 -52.84 -69.06
CA ASN F 881 12.95 -53.92 -70.00
C ASN F 881 13.88 -53.91 -71.21
N ASN F 882 14.95 -53.13 -71.18
CA ASN F 882 15.85 -53.10 -72.33
C ASN F 882 16.43 -54.48 -72.64
N ILE F 883 16.54 -55.34 -71.63
CA ILE F 883 17.29 -56.59 -71.79
C ILE F 883 16.53 -57.65 -72.58
N ILE F 884 15.20 -57.53 -72.71
CA ILE F 884 14.43 -58.49 -73.49
C ILE F 884 14.00 -57.93 -74.84
N ALA F 885 14.42 -56.71 -75.18
CA ALA F 885 14.02 -56.10 -76.43
C ALA F 885 14.50 -56.91 -77.63
N GLU F 886 15.68 -57.52 -77.53
CA GLU F 886 16.21 -58.29 -78.64
C GLU F 886 15.34 -59.51 -78.94
N GLY F 887 14.94 -60.25 -77.90
CA GLY F 887 14.07 -61.39 -78.13
C GLY F 887 12.70 -60.98 -78.63
N ILE F 888 12.16 -59.90 -78.07
CA ILE F 888 10.89 -59.38 -78.57
C ILE F 888 11.00 -59.11 -80.07
N GLU F 889 12.12 -58.50 -80.49
CA GLU F 889 12.31 -58.24 -81.91
C GLU F 889 12.47 -59.54 -82.69
N LYS F 890 13.10 -60.54 -82.10
CA LYS F 890 13.21 -61.83 -82.76
C LYS F 890 11.83 -62.37 -83.11
N MET F 891 10.81 -62.02 -82.32
CA MET F 891 9.47 -62.41 -82.72
C MET F 891 8.99 -61.71 -84.00
N GLY F 892 9.78 -60.84 -84.61
CA GLY F 892 9.33 -60.10 -85.78
C GLY F 892 8.69 -58.77 -85.49
N VAL F 893 8.84 -58.26 -84.27
CA VAL F 893 8.25 -57.02 -83.86
C VAL F 893 9.35 -55.97 -83.74
N ARG F 894 8.97 -54.70 -83.75
CA ARG F 894 9.91 -53.59 -83.74
C ARG F 894 9.79 -52.83 -82.43
N THR F 895 10.90 -52.70 -81.72
CA THR F 895 11.04 -51.76 -80.62
C THR F 895 11.70 -50.49 -81.14
N PHE F 896 11.52 -49.40 -80.40
CA PHE F 896 11.94 -48.08 -80.85
C PHE F 896 12.89 -47.43 -79.86
N SER F 897 13.92 -46.78 -80.38
CA SER F 897 14.66 -45.84 -79.56
C SER F 897 13.84 -44.56 -79.36
N GLN F 898 14.21 -43.81 -78.33
CA GLN F 898 13.48 -42.57 -78.04
C GLN F 898 13.59 -41.59 -79.21
N LYS F 899 14.71 -41.59 -79.91
CA LYS F 899 14.85 -40.74 -81.07
C LYS F 899 13.89 -41.15 -82.17
N GLU F 900 13.75 -42.46 -82.40
CA GLU F 900 12.79 -42.96 -83.38
C GLU F 900 11.36 -42.62 -83.02
N MET F 901 10.99 -42.82 -81.75
CA MET F 901 9.64 -42.51 -81.34
C MET F 901 9.36 -41.02 -81.45
N ALA F 902 10.34 -40.18 -81.09
CA ALA F 902 10.14 -38.74 -81.26
C ALA F 902 9.96 -38.38 -82.73
N PHE F 903 10.69 -39.03 -83.63
CA PHE F 903 10.50 -38.79 -85.04
C PHE F 903 9.09 -39.22 -85.46
N ASN F 904 8.62 -40.35 -84.96
CA ASN F 904 7.25 -40.78 -85.24
C ASN F 904 6.24 -39.73 -84.79
N LEU F 905 6.41 -39.23 -83.57
CA LEU F 905 5.45 -38.27 -83.02
C LEU F 905 5.49 -36.95 -83.80
N LEU F 906 6.69 -36.44 -84.07
CA LEU F 906 6.82 -35.23 -84.85
C LEU F 906 6.21 -35.39 -86.23
N GLY F 907 6.14 -36.63 -86.73
CA GLY F 907 5.35 -36.89 -87.93
C GLY F 907 3.90 -36.47 -87.82
N LEU F 908 3.36 -36.39 -86.62
CA LEU F 908 1.98 -35.97 -86.42
C LEU F 908 1.82 -34.46 -86.38
N LEU F 909 2.90 -33.70 -86.51
CA LEU F 909 2.81 -32.25 -86.49
C LEU F 909 3.03 -31.66 -87.89
N THR F 910 3.17 -32.52 -88.90
CA THR F 910 3.31 -32.01 -90.25
C THR F 910 1.99 -31.39 -90.71
N PRO F 911 2.03 -30.53 -91.72
CA PRO F 911 0.79 -29.85 -92.15
C PRO F 911 -0.31 -30.81 -92.55
N GLU F 912 0.03 -31.93 -93.18
CA GLU F 912 -0.99 -32.85 -93.69
C GLU F 912 -1.73 -33.52 -92.55
N VAL F 913 -1.00 -34.04 -91.56
CA VAL F 913 -1.67 -34.64 -90.41
C VAL F 913 -2.41 -33.58 -89.60
N VAL F 914 -1.88 -32.38 -89.54
CA VAL F 914 -2.57 -31.31 -88.82
C VAL F 914 -3.92 -31.02 -89.47
N GLU F 915 -3.97 -30.93 -90.79
CA GLU F 915 -5.23 -30.74 -91.48
C GLU F 915 -6.16 -31.93 -91.27
N LEU F 916 -5.60 -33.13 -91.32
CA LEU F 916 -6.39 -34.34 -91.07
C LEU F 916 -7.06 -34.27 -89.70
N CYS F 917 -6.31 -33.89 -88.66
CA CYS F 917 -6.87 -33.77 -87.32
C CYS F 917 -7.97 -32.73 -87.27
N GLN F 918 -7.84 -31.65 -88.02
CA GLN F 918 -8.89 -30.64 -88.04
C GLN F 918 -10.14 -31.20 -88.72
N LYS F 919 -9.99 -32.21 -89.56
CA LYS F 919 -11.17 -32.83 -90.17
C LYS F 919 -11.90 -33.72 -89.17
N SER F 920 -11.16 -34.56 -88.46
CA SER F 920 -11.73 -35.43 -87.43
C SER F 920 -10.57 -36.04 -86.68
N PRO F 921 -10.82 -36.51 -85.44
CA PRO F 921 -9.70 -37.03 -84.66
C PRO F 921 -8.96 -38.15 -85.37
N VAL F 922 -7.65 -38.14 -85.21
CA VAL F 922 -6.82 -39.13 -85.82
C VAL F 922 -6.24 -40.04 -84.75
N MET F 923 -6.10 -41.31 -85.07
CA MET F 923 -5.52 -42.26 -84.13
C MET F 923 -4.32 -42.89 -84.81
N ALA F 924 -3.15 -42.66 -84.25
CA ALA F 924 -1.89 -43.15 -84.81
C ALA F 924 -1.41 -44.33 -83.99
N ASP F 925 -1.18 -45.45 -84.67
CA ASP F 925 -0.64 -46.66 -84.06
C ASP F 925 0.87 -46.68 -84.30
N LEU F 926 1.64 -46.35 -83.28
CA LEU F 926 3.10 -46.36 -83.35
C LEU F 926 3.67 -47.54 -82.57
N ASN F 927 3.00 -48.69 -82.65
CA ASN F 927 3.31 -49.83 -81.81
C ASN F 927 4.22 -50.87 -82.47
N GLY F 928 4.55 -50.73 -83.75
CA GLY F 928 5.50 -51.64 -84.37
C GLY F 928 5.07 -53.09 -84.37
N GLY F 929 3.78 -53.36 -84.48
CA GLY F 929 3.28 -54.73 -84.54
C GLY F 929 3.31 -55.49 -83.24
N LEU F 930 3.57 -54.84 -82.11
CA LEU F 930 3.60 -55.55 -80.84
C LEU F 930 2.24 -56.14 -80.50
N GLN F 931 1.16 -55.53 -80.97
CA GLN F 931 -0.18 -56.04 -80.67
C GLN F 931 -0.42 -57.43 -81.25
N PHE F 932 0.42 -57.87 -82.20
CA PHE F 932 0.22 -59.17 -82.82
C PHE F 932 0.90 -60.30 -82.06
N VAL F 933 1.66 -60.01 -81.01
CA VAL F 933 2.25 -61.04 -80.17
C VAL F 933 1.20 -61.48 -79.15
N PRO F 934 0.79 -62.74 -79.13
CA PRO F 934 -0.20 -63.17 -78.15
C PRO F 934 0.40 -63.45 -76.78
N GLU F 935 -0.43 -63.28 -75.75
CA GLU F 935 -0.01 -63.50 -74.36
C GLU F 935 1.29 -62.76 -74.05
N LEU F 936 1.24 -61.44 -74.21
CA LEU F 936 2.45 -60.64 -74.17
C LEU F 936 3.11 -60.70 -72.80
N LYS F 937 2.33 -60.65 -71.73
CA LYS F 937 2.90 -60.68 -70.39
C LYS F 937 3.70 -61.95 -70.16
N GLU F 938 3.11 -63.11 -70.49
CA GLU F 938 3.80 -64.37 -70.29
C GLU F 938 5.02 -64.47 -71.20
N PHE F 939 4.92 -64.02 -72.44
CA PHE F 939 6.07 -64.06 -73.34
C PHE F 939 7.23 -63.25 -72.78
N THR F 940 6.97 -62.03 -72.31
CA THR F 940 8.06 -61.21 -71.81
C THR F 940 8.62 -61.76 -70.51
N ALA F 941 7.74 -62.31 -69.65
CA ALA F 941 8.23 -62.93 -68.43
C ALA F 941 9.12 -64.12 -68.75
N LYS F 942 8.76 -64.90 -69.76
CA LYS F 942 9.59 -66.04 -70.16
C LYS F 942 10.96 -65.58 -70.64
N LEU F 943 10.99 -64.54 -71.46
CA LEU F 943 12.26 -63.99 -71.92
C LEU F 943 13.09 -63.55 -70.74
N ARG F 944 12.49 -62.84 -69.80
CA ARG F 944 13.24 -62.31 -68.67
C ARG F 944 13.78 -63.42 -67.80
N LYS F 945 12.98 -64.46 -67.55
CA LYS F 945 13.45 -65.56 -66.71
C LYS F 945 14.54 -66.36 -67.43
N GLU F 946 14.43 -66.51 -68.73
CA GLU F 946 15.48 -67.18 -69.48
C GLU F 946 16.79 -66.48 -69.23
N LEU F 947 16.82 -65.17 -69.40
CA LEU F 947 18.04 -64.41 -69.23
C LEU F 947 18.56 -64.47 -67.82
N VAL F 948 17.68 -64.28 -66.85
CA VAL F 948 18.11 -64.28 -65.46
C VAL F 948 18.70 -65.63 -65.08
N GLU F 949 18.06 -66.70 -65.54
CA GLU F 949 18.54 -68.03 -65.20
C GLU F 949 19.92 -68.24 -65.82
N THR F 950 20.06 -67.94 -67.10
CA THR F 950 21.36 -68.14 -67.74
C THR F 950 22.45 -67.39 -66.98
N SER F 951 22.17 -66.13 -66.64
CA SER F 951 23.17 -65.34 -65.91
C SER F 951 23.53 -65.98 -64.58
N GLU F 952 22.51 -66.34 -63.79
CA GLU F 952 22.78 -66.87 -62.45
C GLU F 952 23.49 -68.22 -62.52
N VAL F 953 23.07 -69.09 -63.41
CA VAL F 953 23.71 -70.38 -63.53
C VAL F 953 25.18 -70.17 -63.86
N ARG F 954 25.46 -69.38 -64.90
CA ARG F 954 26.84 -69.20 -65.30
C ARG F 954 27.68 -68.63 -64.16
N LYS F 955 27.15 -67.63 -63.45
CA LYS F 955 27.91 -67.04 -62.36
C LYS F 955 28.21 -68.08 -61.28
N ALA F 956 27.20 -68.87 -60.89
CA ALA F 956 27.40 -69.83 -59.82
C ALA F 956 28.40 -70.90 -60.23
N VAL F 957 28.28 -71.43 -61.44
CA VAL F 957 29.21 -72.44 -61.92
C VAL F 957 30.63 -71.88 -61.95
N SER F 958 30.78 -70.64 -62.43
CA SER F 958 32.12 -70.07 -62.50
C SER F 958 32.73 -69.90 -61.11
N ILE F 959 31.93 -69.44 -60.15
CA ILE F 959 32.43 -69.28 -58.79
C ILE F 959 32.88 -70.63 -58.24
N GLU F 960 32.08 -71.67 -58.46
CA GLU F 960 32.42 -72.98 -57.89
C GLU F 960 33.67 -73.54 -58.55
N THR F 961 33.81 -73.38 -59.86
CA THR F 961 35.00 -73.85 -60.55
C THR F 961 36.24 -73.12 -60.06
N ALA F 962 36.14 -71.80 -59.85
CA ALA F 962 37.26 -71.04 -59.33
C ALA F 962 37.64 -71.52 -57.94
N LEU F 963 36.65 -71.76 -57.08
CA LEU F 963 36.96 -72.20 -55.72
C LEU F 963 37.61 -73.58 -55.72
N GLU F 964 37.12 -74.48 -56.57
CA GLU F 964 37.75 -75.79 -56.69
C GLU F 964 39.19 -75.67 -57.15
N HIS F 965 39.45 -74.81 -58.13
CA HIS F 965 40.81 -74.59 -58.58
C HIS F 965 41.68 -74.06 -57.45
N LYS F 966 41.15 -73.12 -56.68
CA LYS F 966 41.90 -72.49 -55.61
C LYS F 966 42.20 -73.45 -54.47
N VAL F 967 41.36 -74.47 -54.27
CA VAL F 967 41.63 -75.44 -53.22
C VAL F 967 42.54 -76.56 -53.72
N VAL F 968 42.38 -76.99 -54.98
CA VAL F 968 43.21 -78.08 -55.50
C VAL F 968 44.64 -77.62 -55.72
N ASN F 969 44.82 -76.42 -56.28
CA ASN F 969 46.14 -75.94 -56.63
C ASN F 969 46.72 -74.96 -55.62
N GLY F 970 45.94 -74.52 -54.64
CA GLY F 970 46.45 -73.65 -53.61
C GLY F 970 46.73 -72.26 -54.13
N ASN F 971 47.37 -71.46 -53.28
CA ASN F 971 47.70 -70.08 -53.61
C ASN F 971 48.95 -69.97 -54.47
N GLN F 979 47.89 -57.98 -59.77
CA GLN F 979 48.76 -56.92 -60.26
C GLN F 979 48.80 -55.76 -59.27
N VAL F 980 49.99 -55.18 -59.10
CA VAL F 980 50.13 -54.02 -58.23
C VAL F 980 49.71 -52.78 -59.00
N GLU F 981 48.80 -52.00 -58.41
CA GLU F 981 48.23 -50.81 -59.02
C GLU F 981 48.83 -49.58 -58.36
N ILE F 982 49.04 -48.53 -59.15
CA ILE F 982 49.69 -47.31 -58.68
C ILE F 982 48.65 -46.18 -58.66
N GLN F 983 48.56 -45.50 -57.52
CA GLN F 983 47.62 -44.41 -57.34
C GLN F 983 48.30 -43.10 -57.69
N PRO F 984 47.65 -42.19 -58.40
CA PRO F 984 48.28 -40.87 -58.64
C PRO F 984 48.50 -40.10 -57.35
N ARG F 985 49.63 -39.39 -57.29
CA ARG F 985 49.91 -38.42 -56.25
C ARG F 985 50.01 -37.04 -56.88
N ALA F 986 49.39 -36.05 -56.23
CA ALA F 986 49.37 -34.70 -56.77
C ALA F 986 50.78 -34.15 -56.92
N ASN F 987 51.08 -33.59 -58.10
CA ASN F 987 52.37 -32.99 -58.40
C ASN F 987 52.11 -31.58 -58.92
N ILE F 988 51.94 -30.63 -58.01
CA ILE F 988 51.59 -29.27 -58.40
C ILE F 988 52.72 -28.56 -59.13
N GLN F 989 52.42 -28.03 -60.31
CA GLN F 989 53.43 -27.35 -61.10
C GLN F 989 53.27 -25.84 -61.03
N LEU F 990 54.35 -25.12 -61.34
CA LEU F 990 54.30 -23.66 -61.33
C LEU F 990 53.77 -23.14 -62.66
N ASP F 991 53.84 -23.94 -63.71
CA ASP F 991 53.30 -23.56 -65.01
C ASP F 991 54.02 -22.36 -65.65
N PHE F 992 55.33 -22.47 -65.81
CA PHE F 992 56.06 -21.42 -66.49
C PHE F 992 55.76 -21.57 -67.97
N PRO F 993 55.82 -20.47 -68.73
CA PRO F 993 55.55 -20.53 -70.16
C PRO F 993 56.48 -21.48 -70.90
N GLU F 994 55.97 -22.22 -71.88
CA GLU F 994 56.81 -23.09 -72.67
C GLU F 994 57.64 -22.28 -73.63
N LEU F 995 58.91 -22.63 -73.78
CA LEU F 995 59.80 -21.90 -74.68
C LEU F 995 60.17 -22.76 -75.88
N LYS F 996 59.84 -22.30 -77.07
CA LYS F 996 60.07 -23.08 -78.28
C LYS F 996 61.51 -23.03 -78.78
N PRO F 997 61.83 -23.81 -79.81
CA PRO F 997 63.17 -23.70 -80.37
C PRO F 997 63.25 -22.37 -81.10
N TYR F 998 64.45 -21.81 -81.21
CA TYR F 998 64.59 -20.49 -81.81
C TYR F 998 64.03 -20.44 -83.23
N LYS F 999 63.98 -21.57 -83.90
CA LYS F 999 63.50 -21.63 -85.27
C LYS F 999 62.02 -21.29 -85.37
N GLN F 1000 61.20 -21.95 -84.57
CA GLN F 1000 59.77 -21.67 -84.57
C GLN F 1000 59.49 -20.25 -84.09
N VAL F 1001 60.13 -19.85 -82.97
CA VAL F 1001 59.86 -18.53 -82.42
C VAL F 1001 60.27 -17.48 -83.43
N LYS F 1002 61.34 -17.72 -84.18
CA LYS F 1002 61.71 -16.82 -85.26
C LYS F 1002 60.66 -16.81 -86.35
N GLN F 1003 60.01 -17.95 -86.60
CA GLN F 1003 58.96 -17.96 -87.61
C GLN F 1003 57.79 -17.06 -87.23
N ILE F 1004 57.46 -16.92 -85.95
CA ILE F 1004 56.23 -16.15 -85.58
C ILE F 1004 56.26 -14.64 -85.85
N ALA F 1005 57.38 -13.99 -85.60
CA ALA F 1005 57.43 -12.54 -85.76
C ALA F 1005 58.22 -12.17 -86.98
N PRO F 1006 57.92 -11.01 -87.57
CA PRO F 1006 58.63 -10.57 -88.78
C PRO F 1006 60.13 -10.68 -88.64
N ALA F 1007 60.82 -11.05 -89.72
CA ALA F 1007 62.27 -11.15 -89.69
C ALA F 1007 62.95 -9.81 -89.43
N GLU F 1008 62.29 -8.70 -89.75
CA GLU F 1008 62.87 -7.37 -89.56
C GLU F 1008 62.85 -6.92 -88.12
N LEU F 1009 62.19 -7.66 -87.23
CA LEU F 1009 62.06 -7.22 -85.84
C LEU F 1009 63.37 -7.35 -85.07
N GLU F 1010 64.29 -8.19 -85.52
CA GLU F 1010 65.52 -8.42 -84.78
C GLU F 1010 66.38 -7.17 -84.75
N GLY F 1011 66.67 -6.69 -83.54
CA GLY F 1011 67.48 -5.50 -83.36
C GLY F 1011 66.76 -4.21 -83.66
N LEU F 1012 65.46 -4.25 -83.91
CA LEU F 1012 64.69 -3.04 -84.15
C LEU F 1012 64.15 -2.43 -82.87
N LEU F 1013 63.97 -3.26 -81.85
CA LEU F 1013 63.35 -2.78 -80.63
C LEU F 1013 64.31 -2.50 -79.48
N ASP F 1014 64.10 -1.41 -78.78
CA ASP F 1014 64.87 -1.09 -77.58
C ASP F 1014 64.23 -1.87 -76.42
N LEU F 1015 64.87 -2.98 -76.04
CA LEU F 1015 64.27 -3.87 -75.05
C LEU F 1015 64.24 -3.28 -73.65
N GLU F 1016 64.92 -2.16 -73.42
CA GLU F 1016 64.72 -1.44 -72.18
C GLU F 1016 63.38 -0.70 -72.14
N ARG F 1017 62.73 -0.57 -73.29
CA ARG F 1017 61.47 0.13 -73.39
C ARG F 1017 60.29 -0.81 -73.60
N VAL F 1018 60.52 -2.10 -73.49
CA VAL F 1018 59.45 -3.08 -73.64
C VAL F 1018 59.13 -3.64 -72.28
N ILE F 1019 57.89 -3.51 -71.85
CA ILE F 1019 57.48 -3.98 -70.53
C ILE F 1019 56.85 -5.35 -70.62
N VAL F 1020 57.26 -6.26 -69.77
CA VAL F 1020 56.75 -7.63 -69.76
C VAL F 1020 56.27 -7.98 -68.35
N VAL F 1021 55.35 -8.93 -68.28
CA VAL F 1021 54.87 -9.50 -67.04
C VAL F 1021 55.65 -10.78 -66.77
N THR F 1022 56.37 -10.83 -65.65
CA THR F 1022 57.19 -11.98 -65.31
C THR F 1022 56.62 -12.82 -64.18
N GLY F 1023 55.52 -12.42 -63.58
CA GLY F 1023 54.89 -13.22 -62.56
C GLY F 1023 53.57 -12.59 -62.16
N PHE F 1024 52.68 -13.41 -61.61
CA PHE F 1024 51.38 -12.93 -61.20
C PHE F 1024 50.77 -13.87 -60.19
N ALA F 1025 49.82 -13.39 -59.42
CA ALA F 1025 49.22 -14.19 -58.38
C ALA F 1025 47.94 -13.54 -57.95
N GLU F 1026 47.14 -14.26 -57.20
CA GLU F 1026 45.94 -13.67 -56.66
C GLU F 1026 45.38 -14.40 -55.49
N VAL F 1027 44.70 -13.68 -54.62
CA VAL F 1027 43.95 -14.30 -53.54
C VAL F 1027 42.48 -13.93 -53.77
N GLY F 1028 41.64 -14.93 -53.98
CA GLY F 1028 40.26 -14.66 -54.32
C GLY F 1028 39.30 -15.74 -53.87
N PRO F 1029 38.03 -15.62 -54.29
CA PRO F 1029 37.03 -16.62 -53.88
C PRO F 1029 37.28 -18.04 -54.34
N TRP F 1030 38.08 -18.26 -55.37
CA TRP F 1030 38.42 -19.60 -55.81
C TRP F 1030 39.85 -19.95 -55.52
N GLY F 1031 40.41 -19.38 -54.46
CA GLY F 1031 41.77 -19.67 -54.05
C GLY F 1031 42.80 -18.88 -54.84
N SER F 1032 43.87 -19.55 -55.22
CA SER F 1032 44.93 -18.92 -55.97
C SER F 1032 44.58 -18.73 -57.43
N ALA F 1033 45.56 -18.31 -58.22
CA ALA F 1033 45.35 -18.13 -59.65
C ALA F 1033 45.31 -19.47 -60.35
N ARG F 1034 46.05 -20.45 -59.84
CA ARG F 1034 46.01 -21.80 -60.40
C ARG F 1034 44.64 -22.45 -60.25
N THR F 1035 44.08 -22.43 -59.05
CA THR F 1035 42.79 -23.07 -58.80
C THR F 1035 41.66 -22.26 -59.43
N ARG F 1036 41.75 -20.93 -59.39
CA ARG F 1036 40.75 -20.11 -60.04
C ARG F 1036 40.74 -20.38 -61.55
N TRP F 1037 41.90 -20.55 -62.15
CA TRP F 1037 41.93 -20.81 -63.58
C TRP F 1037 41.38 -22.18 -63.90
N GLU F 1038 41.68 -23.17 -63.09
CA GLU F 1038 41.08 -24.48 -63.32
C GLU F 1038 39.57 -24.39 -63.29
N MET F 1039 39.03 -23.71 -62.28
CA MET F 1039 37.59 -23.55 -62.19
C MET F 1039 37.03 -22.76 -63.37
N GLU F 1040 37.74 -21.69 -63.79
CA GLU F 1040 37.28 -20.82 -64.87
C GLU F 1040 37.27 -21.55 -66.21
N ALA F 1041 38.37 -22.23 -66.54
CA ALA F 1041 38.50 -22.81 -67.87
C ALA F 1041 37.81 -24.17 -67.97
N PHE F 1042 37.94 -25.01 -66.94
CA PHE F 1042 37.43 -26.38 -67.03
C PHE F 1042 36.21 -26.72 -66.18
N GLY F 1043 35.82 -25.83 -65.28
CA GLY F 1043 34.62 -26.05 -64.50
C GLY F 1043 34.77 -27.03 -63.35
N GLU F 1044 35.93 -27.64 -63.16
CA GLU F 1044 36.11 -28.55 -62.04
C GLU F 1044 37.60 -28.76 -61.80
N PHE F 1045 37.91 -29.29 -60.62
CA PHE F 1045 39.29 -29.35 -60.15
C PHE F 1045 39.95 -30.65 -60.57
N SER F 1046 41.19 -30.54 -61.05
CA SER F 1046 42.05 -31.70 -61.21
C SER F 1046 42.50 -32.19 -59.84
N LEU F 1047 43.36 -33.22 -59.83
CA LEU F 1047 43.91 -33.71 -58.57
C LEU F 1047 44.80 -32.66 -57.92
N GLU F 1048 45.67 -32.05 -58.70
CA GLU F 1048 46.52 -30.99 -58.17
C GLU F 1048 45.69 -29.80 -57.68
N GLY F 1049 44.64 -29.43 -58.41
CA GLY F 1049 43.76 -28.37 -57.94
C GLY F 1049 43.01 -28.74 -56.69
N CYS F 1050 42.52 -29.97 -56.61
CA CYS F 1050 41.79 -30.40 -55.42
C CYS F 1050 42.69 -30.40 -54.19
N VAL F 1051 43.92 -30.91 -54.34
CA VAL F 1051 44.85 -30.92 -53.22
C VAL F 1051 45.20 -29.50 -52.81
N GLU F 1052 45.41 -28.61 -53.79
CA GLU F 1052 45.73 -27.23 -53.44
C GLU F 1052 44.56 -26.55 -52.73
N MET F 1053 43.33 -26.78 -53.18
CA MET F 1053 42.19 -26.19 -52.50
C MET F 1053 42.02 -26.74 -51.10
N ALA F 1054 42.22 -28.05 -50.93
CA ALA F 1054 42.13 -28.66 -49.60
C ALA F 1054 43.17 -28.08 -48.67
N TRP F 1055 44.40 -27.91 -49.14
CA TRP F 1055 45.45 -27.32 -48.33
C TRP F 1055 45.17 -25.83 -48.02
N ILE F 1056 44.66 -25.08 -49.00
CA ILE F 1056 44.33 -23.67 -48.77
C ILE F 1056 43.26 -23.55 -47.69
N MET F 1057 42.23 -24.37 -47.78
CA MET F 1057 41.10 -24.28 -46.85
C MET F 1057 41.39 -24.92 -45.50
N GLY F 1058 42.58 -25.50 -45.31
CA GLY F 1058 42.92 -26.11 -44.06
C GLY F 1058 42.30 -27.45 -43.80
N PHE F 1059 41.74 -28.11 -44.82
CA PHE F 1059 41.20 -29.45 -44.64
C PHE F 1059 42.30 -30.47 -44.38
N ILE F 1060 43.44 -30.31 -45.04
CA ILE F 1060 44.55 -31.26 -44.95
C ILE F 1060 45.81 -30.52 -44.55
N SER F 1061 46.72 -31.25 -43.93
CA SER F 1061 48.00 -30.69 -43.54
C SER F 1061 49.03 -31.77 -43.73
N TYR F 1062 50.27 -31.40 -43.89
CA TYR F 1062 51.35 -32.34 -44.12
C TYR F 1062 51.87 -32.86 -42.79
N HIS F 1063 52.28 -34.13 -42.79
CA HIS F 1063 52.85 -34.77 -41.61
C HIS F 1063 54.09 -35.55 -42.03
N ASN F 1064 55.12 -35.50 -41.19
CA ASN F 1064 56.33 -36.28 -41.41
C ASN F 1064 56.83 -36.76 -40.05
N GLY F 1065 56.56 -38.01 -39.73
CA GLY F 1065 57.00 -38.58 -38.47
C GLY F 1065 56.17 -39.80 -38.12
N ASN F 1066 56.23 -40.17 -36.85
CA ASN F 1066 55.47 -41.31 -36.37
C ASN F 1066 54.02 -40.90 -36.16
N LEU F 1067 53.11 -41.71 -36.68
CA LEU F 1067 51.68 -41.46 -36.57
C LEU F 1067 51.03 -42.77 -36.15
N LYS F 1068 50.49 -42.81 -34.93
CA LYS F 1068 50.02 -44.05 -34.31
C LYS F 1068 51.14 -45.08 -34.25
N GLY F 1069 52.33 -44.62 -33.90
CA GLY F 1069 53.51 -45.47 -33.83
C GLY F 1069 54.23 -45.62 -35.15
N ARG F 1070 53.52 -46.02 -36.20
CA ARG F 1070 54.16 -46.23 -37.48
C ARG F 1070 54.61 -44.89 -38.07
N PRO F 1071 55.73 -44.87 -38.80
CA PRO F 1071 56.12 -43.63 -39.49
C PRO F 1071 55.18 -43.32 -40.64
N TYR F 1072 54.97 -42.02 -40.87
CA TYR F 1072 54.10 -41.56 -41.95
C TYR F 1072 54.67 -40.30 -42.58
N THR F 1073 54.60 -40.24 -43.91
CA THR F 1073 54.97 -39.07 -44.68
C THR F 1073 53.86 -38.82 -45.68
N GLY F 1074 53.11 -37.74 -45.50
CA GLY F 1074 52.04 -37.43 -46.42
C GLY F 1074 51.00 -36.53 -45.76
N TRP F 1075 49.86 -36.45 -46.43
CA TRP F 1075 48.76 -35.61 -45.97
C TRP F 1075 47.97 -36.31 -44.88
N VAL F 1076 47.56 -35.54 -43.88
CA VAL F 1076 46.63 -36.02 -42.86
C VAL F 1076 45.47 -35.04 -42.79
N ASP F 1077 44.30 -35.55 -42.41
CA ASP F 1077 43.17 -34.67 -42.13
C ASP F 1077 43.53 -33.75 -40.97
N SER F 1078 43.31 -32.45 -41.15
CA SER F 1078 43.78 -31.47 -40.17
C SER F 1078 43.10 -31.67 -38.82
N LYS F 1079 41.82 -32.05 -38.83
CA LYS F 1079 41.08 -32.20 -37.58
C LYS F 1079 41.41 -33.52 -36.89
N THR F 1080 41.13 -34.64 -37.55
CA THR F 1080 41.31 -35.95 -36.93
C THR F 1080 42.74 -36.44 -36.96
N LYS F 1081 43.59 -35.87 -37.82
CA LYS F 1081 44.98 -36.29 -38.02
C LYS F 1081 45.11 -37.67 -38.64
N GLU F 1082 44.04 -38.21 -39.22
CA GLU F 1082 44.14 -39.49 -39.89
C GLU F 1082 44.80 -39.33 -41.26
N PRO F 1083 45.58 -40.31 -41.70
CA PRO F 1083 46.22 -40.21 -43.01
C PRO F 1083 45.20 -40.08 -44.13
N VAL F 1084 45.55 -39.30 -45.15
CA VAL F 1084 44.73 -39.12 -46.33
C VAL F 1084 45.62 -39.33 -47.55
N ASP F 1085 45.19 -40.21 -48.44
CA ASP F 1085 45.85 -40.38 -49.72
C ASP F 1085 45.39 -39.30 -50.70
N ASP F 1086 46.28 -38.92 -51.61
CA ASP F 1086 45.92 -37.90 -52.59
C ASP F 1086 44.70 -38.32 -53.39
N LYS F 1087 44.61 -39.60 -53.75
CA LYS F 1087 43.49 -40.08 -54.54
C LYS F 1087 42.17 -39.90 -53.81
N ASP F 1088 42.21 -39.91 -52.47
CA ASP F 1088 41.00 -39.82 -51.67
C ASP F 1088 40.59 -38.39 -51.34
N VAL F 1089 41.40 -37.40 -51.71
CA VAL F 1089 41.10 -36.02 -51.35
C VAL F 1089 39.80 -35.58 -52.01
N LYS F 1090 39.61 -35.89 -53.27
CA LYS F 1090 38.36 -35.53 -53.93
C LYS F 1090 37.14 -36.09 -53.20
N ALA F 1091 37.13 -37.39 -52.95
CA ALA F 1091 35.99 -38.01 -52.30
C ALA F 1091 35.77 -37.45 -50.91
N LYS F 1092 36.84 -37.26 -50.15
CA LYS F 1092 36.70 -36.77 -48.79
C LYS F 1092 36.20 -35.33 -48.75
N TYR F 1093 36.69 -34.48 -49.64
CA TYR F 1093 36.61 -33.04 -49.42
C TYR F 1093 35.95 -32.23 -50.52
N GLU F 1094 36.05 -32.65 -51.76
CA GLU F 1094 35.54 -31.86 -52.88
C GLU F 1094 34.18 -31.22 -52.62
N THR F 1095 33.24 -31.95 -52.07
CA THR F 1095 31.90 -31.39 -51.87
C THR F 1095 31.92 -30.21 -50.91
N SER F 1096 32.70 -30.31 -49.84
CA SER F 1096 32.82 -29.21 -48.89
C SER F 1096 33.65 -28.07 -49.48
N ILE F 1097 34.67 -28.40 -50.26
CA ILE F 1097 35.46 -27.36 -50.93
C ILE F 1097 34.56 -26.52 -51.83
N LEU F 1098 33.73 -27.17 -52.64
CA LEU F 1098 32.84 -26.45 -53.54
C LEU F 1098 31.76 -25.71 -52.78
N GLU F 1099 31.29 -26.23 -51.67
CA GLU F 1099 30.26 -25.56 -50.90
C GLU F 1099 30.76 -24.28 -50.23
N HIS F 1100 32.05 -24.20 -49.96
CA HIS F 1100 32.61 -23.06 -49.23
C HIS F 1100 33.63 -22.30 -50.07
N SER F 1101 33.39 -22.20 -51.36
CA SER F 1101 34.23 -21.46 -52.28
C SER F 1101 33.35 -20.66 -53.24
N GLY F 1102 33.90 -19.61 -53.83
CA GLY F 1102 33.14 -18.81 -54.79
C GLY F 1102 31.96 -18.04 -54.26
N ILE F 1103 31.06 -17.63 -55.14
CA ILE F 1103 29.88 -16.87 -54.75
C ILE F 1103 28.96 -17.73 -53.95
N ARG F 1104 28.62 -17.30 -52.74
CA ARG F 1104 27.81 -18.11 -51.85
C ARG F 1104 27.21 -17.26 -50.77
N LEU F 1105 26.34 -17.82 -49.98
CA LEU F 1105 25.76 -17.08 -48.87
C LEU F 1105 26.84 -16.52 -47.96
N ILE F 1106 26.64 -15.30 -47.49
CA ILE F 1106 27.61 -14.66 -46.63
C ILE F 1106 27.73 -15.43 -45.32
N GLU F 1107 28.96 -15.73 -44.93
CA GLU F 1107 29.23 -16.50 -43.72
C GLU F 1107 29.67 -15.58 -42.60
N PRO F 1108 28.84 -15.34 -41.57
CA PRO F 1108 29.19 -14.31 -40.58
C PRO F 1108 30.53 -14.52 -39.91
N GLU F 1109 30.98 -15.75 -39.75
CA GLU F 1109 32.23 -16.00 -39.07
C GLU F 1109 33.42 -15.40 -39.83
N LEU F 1110 33.26 -15.13 -41.12
CA LEU F 1110 34.33 -14.56 -41.91
C LEU F 1110 34.33 -13.05 -41.86
N PHE F 1111 33.30 -12.45 -41.29
CA PHE F 1111 33.18 -11.00 -41.25
C PHE F 1111 32.78 -10.51 -39.86
N ASN F 1112 33.50 -10.98 -38.85
CA ASN F 1112 33.28 -10.50 -37.48
C ASN F 1112 31.84 -10.57 -37.05
N GLY F 1113 31.18 -11.67 -37.34
CA GLY F 1113 29.82 -11.86 -36.93
C GLY F 1113 28.77 -11.17 -37.76
N TYR F 1114 29.16 -10.51 -38.85
CA TYR F 1114 28.19 -9.79 -39.66
C TYR F 1114 27.14 -10.73 -40.23
N ASN F 1115 25.88 -10.45 -39.99
CA ASN F 1115 24.81 -11.25 -40.53
C ASN F 1115 23.85 -10.31 -41.19
N PRO F 1116 23.75 -10.39 -42.53
CA PRO F 1116 22.84 -9.47 -43.24
C PRO F 1116 21.37 -9.69 -42.89
N GLU F 1117 21.01 -10.84 -42.34
CA GLU F 1117 19.62 -11.07 -41.96
C GLU F 1117 19.26 -10.36 -40.65
N LYS F 1118 20.24 -10.06 -39.81
CA LYS F 1118 20.01 -9.32 -38.58
C LYS F 1118 21.08 -8.26 -38.47
N LYS F 1119 20.82 -7.09 -39.01
CA LYS F 1119 21.79 -6.01 -39.05
C LYS F 1119 21.55 -5.05 -37.90
N GLU F 1120 22.53 -4.88 -37.03
CA GLU F 1120 22.33 -4.05 -35.86
C GLU F 1120 22.27 -2.56 -36.09
N MET F 1121 21.30 -1.92 -35.49
CA MET F 1121 21.17 -0.48 -35.55
C MET F 1121 20.92 0.02 -34.14
N ILE F 1122 20.97 1.33 -33.97
CA ILE F 1122 20.73 1.99 -32.70
C ILE F 1122 19.67 3.06 -32.90
N GLN F 1123 18.71 3.12 -31.99
CA GLN F 1123 17.62 4.10 -32.05
C GLN F 1123 17.62 4.99 -30.82
N GLU F 1124 17.61 6.30 -31.01
CA GLU F 1124 17.59 7.22 -29.88
C GLU F 1124 16.21 7.30 -29.29
N VAL F 1125 16.10 7.09 -28.00
CA VAL F 1125 14.82 7.18 -27.31
C VAL F 1125 14.94 8.08 -26.10
N ILE F 1126 14.02 9.02 -25.91
CA ILE F 1126 14.06 9.84 -24.71
C ILE F 1126 13.41 9.06 -23.58
N VAL F 1127 14.13 8.95 -22.46
CA VAL F 1127 13.62 8.25 -21.29
C VAL F 1127 12.37 8.96 -20.79
N GLU F 1128 11.31 8.18 -20.56
CA GLU F 1128 10.06 8.71 -20.04
C GLU F 1128 9.99 8.67 -18.52
N GLU F 1129 10.67 7.72 -17.89
CA GLU F 1129 10.70 7.61 -16.45
C GLU F 1129 12.12 7.24 -16.00
N ASP F 1130 12.47 7.69 -14.80
CA ASP F 1130 13.78 7.39 -14.24
C ASP F 1130 14.10 5.91 -14.39
N LEU F 1131 15.36 5.63 -14.67
CA LEU F 1131 15.84 4.26 -14.70
C LEU F 1131 16.18 3.77 -13.30
N GLU F 1132 16.39 2.47 -13.19
CA GLU F 1132 16.93 1.93 -11.97
C GLU F 1132 18.43 2.25 -11.90
N PRO F 1133 18.93 2.68 -10.74
CA PRO F 1133 20.36 2.98 -10.63
C PRO F 1133 21.22 1.77 -10.95
N PHE F 1134 22.38 2.03 -11.57
CA PHE F 1134 23.37 1.02 -11.86
C PHE F 1134 24.74 1.54 -11.44
N GLU F 1135 25.63 0.61 -11.12
CA GLU F 1135 26.93 0.98 -10.56
C GLU F 1135 27.93 1.22 -11.67
N ALA F 1136 28.95 2.02 -11.36
CA ALA F 1136 30.01 2.33 -12.31
C ALA F 1136 31.18 2.93 -11.55
N SER F 1137 32.35 2.85 -12.15
CA SER F 1137 33.52 3.46 -11.55
C SER F 1137 33.41 4.98 -11.58
N LYS F 1138 34.25 5.63 -10.78
CA LYS F 1138 34.15 7.08 -10.63
C LYS F 1138 34.38 7.79 -11.96
N GLU F 1139 35.38 7.37 -12.72
CA GLU F 1139 35.64 8.00 -14.00
C GLU F 1139 34.47 7.82 -14.96
N THR F 1140 33.93 6.61 -15.04
CA THR F 1140 32.77 6.38 -15.89
C THR F 1140 31.60 7.23 -15.45
N ALA F 1141 31.35 7.30 -14.14
CA ALA F 1141 30.22 8.06 -13.64
C ALA F 1141 30.37 9.53 -14.01
N GLU F 1142 31.59 10.06 -13.88
CA GLU F 1142 31.81 11.45 -14.25
C GLU F 1142 31.60 11.67 -15.74
N GLN F 1143 31.97 10.70 -16.57
CA GLN F 1143 31.69 10.81 -18.00
C GLN F 1143 30.20 10.86 -18.28
N PHE F 1144 29.42 10.03 -17.58
CA PHE F 1144 27.97 10.07 -17.72
C PHE F 1144 27.43 11.43 -17.30
N LYS F 1145 27.91 11.94 -16.15
CA LYS F 1145 27.46 13.25 -15.68
C LYS F 1145 27.81 14.35 -16.68
N HIS F 1146 29.02 14.32 -17.22
CA HIS F 1146 29.42 15.29 -18.22
C HIS F 1146 28.49 15.26 -19.42
N GLN F 1147 28.16 14.05 -19.89
CA GLN F 1147 27.26 13.94 -21.03
C GLN F 1147 25.88 14.51 -20.72
N HIS F 1148 25.27 14.08 -19.62
CA HIS F 1148 23.85 14.29 -19.40
C HIS F 1148 23.53 15.51 -18.55
N GLY F 1149 24.50 16.09 -17.87
CA GLY F 1149 24.22 17.26 -17.07
C GLY F 1149 23.28 16.92 -15.94
N ASP F 1150 22.16 17.64 -15.86
CA ASP F 1150 21.24 17.46 -14.75
C ASP F 1150 20.24 16.33 -14.98
N LYS F 1151 20.23 15.70 -16.15
CA LYS F 1151 19.37 14.55 -16.41
C LYS F 1151 19.97 13.25 -15.91
N VAL F 1152 21.01 13.31 -15.08
CA VAL F 1152 21.56 12.12 -14.43
C VAL F 1152 22.03 12.53 -13.05
N ASP F 1153 21.93 11.60 -12.10
CA ASP F 1153 22.43 11.80 -10.75
C ASP F 1153 23.47 10.73 -10.45
N ILE F 1154 24.63 11.15 -10.00
CA ILE F 1154 25.71 10.24 -9.63
C ILE F 1154 26.06 10.50 -8.17
N PHE F 1155 26.18 9.44 -7.39
CA PHE F 1155 26.48 9.55 -5.97
C PHE F 1155 27.51 8.50 -5.60
N GLU F 1156 28.56 8.93 -4.93
CA GLU F 1156 29.55 8.00 -4.43
C GLU F 1156 28.91 7.04 -3.45
N ILE F 1157 29.36 5.79 -3.49
CA ILE F 1157 28.95 4.79 -2.51
C ILE F 1157 30.03 4.76 -1.42
N PRO F 1158 29.73 5.16 -0.19
CA PRO F 1158 30.82 5.32 0.79
C PRO F 1158 31.60 4.04 1.03
N GLU F 1159 30.94 2.88 1.00
CA GLU F 1159 31.60 1.64 1.37
C GLU F 1159 32.72 1.30 0.40
N THR F 1160 32.45 1.36 -0.90
CA THR F 1160 33.33 0.79 -1.90
C THR F 1160 34.08 1.82 -2.74
N GLY F 1161 33.57 3.03 -2.88
CA GLY F 1161 34.16 4.02 -3.75
C GLY F 1161 33.60 4.04 -5.15
N GLU F 1162 32.81 3.05 -5.54
CA GLU F 1162 32.09 3.11 -6.80
C GLU F 1162 31.00 4.16 -6.72
N TYR F 1163 30.27 4.32 -7.80
CA TYR F 1163 29.22 5.31 -7.91
C TYR F 1163 27.95 4.66 -8.42
N SER F 1164 26.82 5.24 -8.06
CA SER F 1164 25.53 4.86 -8.59
C SER F 1164 25.14 5.87 -9.65
N VAL F 1165 24.62 5.38 -10.77
CA VAL F 1165 24.24 6.22 -11.90
C VAL F 1165 22.74 6.06 -12.10
N LYS F 1166 22.02 7.18 -12.03
CA LYS F 1166 20.57 7.17 -12.15
C LYS F 1166 20.18 8.16 -13.24
N LEU F 1167 19.81 7.65 -14.40
CA LEU F 1167 19.25 8.49 -15.45
C LEU F 1167 17.85 8.95 -15.06
N LEU F 1168 17.52 10.16 -15.44
CA LEU F 1168 16.27 10.79 -15.05
C LEU F 1168 15.39 11.02 -16.27
N LYS F 1169 14.17 11.48 -16.02
CA LYS F 1169 13.26 11.78 -17.11
C LYS F 1169 13.87 12.79 -18.06
N GLY F 1170 13.69 12.56 -19.35
CA GLY F 1170 14.22 13.42 -20.38
C GLY F 1170 15.61 13.08 -20.84
N ALA F 1171 16.28 12.12 -20.21
CA ALA F 1171 17.61 11.71 -20.65
C ALA F 1171 17.52 10.90 -21.93
N THR F 1172 18.56 11.02 -22.76
CA THR F 1172 18.64 10.33 -24.03
C THR F 1172 19.27 8.96 -23.86
N LEU F 1173 18.72 7.98 -24.58
CA LEU F 1173 19.22 6.62 -24.55
C LEU F 1173 19.19 6.07 -25.97
N TYR F 1174 19.94 4.99 -26.19
CA TYR F 1174 20.00 4.33 -27.48
C TYR F 1174 19.63 2.86 -27.30
N ILE F 1175 18.61 2.42 -28.03
CA ILE F 1175 18.09 1.07 -27.93
C ILE F 1175 18.48 0.31 -29.19
N PRO F 1176 19.23 -0.78 -29.09
CA PRO F 1176 19.53 -1.56 -30.29
C PRO F 1176 18.27 -2.11 -30.95
N LYS F 1177 18.27 -2.07 -32.28
CA LYS F 1177 17.23 -2.69 -33.10
C LYS F 1177 17.91 -3.36 -34.27
N ALA F 1178 17.22 -4.31 -34.88
CA ALA F 1178 17.79 -5.13 -35.92
C ALA F 1178 17.04 -4.93 -37.23
N LEU F 1179 17.77 -5.04 -38.32
CA LEU F 1179 17.23 -4.80 -39.65
C LEU F 1179 17.53 -6.00 -40.54
N ARG F 1180 16.63 -6.27 -41.46
CA ARG F 1180 16.84 -7.32 -42.46
C ARG F 1180 17.36 -6.66 -43.73
N PHE F 1181 18.54 -7.06 -44.15
CA PHE F 1181 19.13 -6.55 -45.39
C PHE F 1181 18.92 -7.61 -46.44
N ASP F 1182 18.76 -7.22 -47.69
CA ASP F 1182 18.43 -8.13 -48.78
C ASP F 1182 19.62 -8.47 -49.69
N ARG F 1183 20.85 -8.22 -49.22
CA ARG F 1183 22.05 -8.65 -49.95
C ARG F 1183 22.60 -9.75 -49.08
N LEU F 1184 22.51 -11.00 -49.51
CA LEU F 1184 22.84 -12.16 -48.68
C LEU F 1184 23.98 -13.00 -49.25
N VAL F 1185 24.50 -12.66 -50.42
CA VAL F 1185 25.45 -13.50 -51.14
C VAL F 1185 26.64 -12.64 -51.53
N ALA F 1186 27.84 -13.21 -51.46
CA ALA F 1186 29.03 -12.52 -51.88
C ALA F 1186 30.08 -13.53 -52.32
N GLY F 1187 30.99 -13.08 -53.17
CA GLY F 1187 32.17 -13.83 -53.49
C GLY F 1187 33.19 -13.75 -52.37
N GLN F 1188 33.36 -14.83 -51.63
CA GLN F 1188 34.19 -14.82 -50.43
C GLN F 1188 35.40 -15.72 -50.61
N ILE F 1189 36.51 -15.30 -50.01
CA ILE F 1189 37.70 -16.14 -50.03
C ILE F 1189 37.37 -17.46 -49.34
N PRO F 1190 37.87 -18.60 -49.82
CA PRO F 1190 37.37 -19.89 -49.33
C PRO F 1190 37.44 -20.02 -47.81
N THR F 1191 36.38 -20.55 -47.24
CA THR F 1191 36.31 -20.77 -45.80
C THR F 1191 37.48 -21.64 -45.35
N GLY F 1192 38.17 -21.20 -44.32
CA GLY F 1192 39.36 -21.86 -43.84
C GLY F 1192 40.65 -21.23 -44.31
N TRP F 1193 40.59 -20.33 -45.29
CA TRP F 1193 41.79 -19.61 -45.73
C TRP F 1193 42.40 -18.95 -44.52
N ASN F 1194 43.70 -19.07 -44.37
CA ASN F 1194 44.37 -18.51 -43.20
C ASN F 1194 45.79 -18.13 -43.55
N ALA F 1195 46.18 -16.91 -43.23
CA ALA F 1195 47.52 -16.43 -43.56
C ALA F 1195 48.60 -17.23 -42.85
N LYS F 1196 48.29 -17.85 -41.72
CA LYS F 1196 49.26 -18.71 -41.07
C LYS F 1196 49.66 -19.89 -41.95
N THR F 1197 48.76 -20.37 -42.79
CA THR F 1197 49.07 -21.48 -43.70
C THR F 1197 50.18 -21.09 -44.66
N TYR F 1198 50.22 -19.82 -45.06
CA TYR F 1198 51.26 -19.32 -45.94
C TYR F 1198 52.53 -18.95 -45.21
N GLY F 1199 52.50 -18.88 -43.88
CA GLY F 1199 53.70 -18.60 -43.10
C GLY F 1199 53.78 -17.24 -42.44
N ILE F 1200 52.66 -16.52 -42.36
CA ILE F 1200 52.68 -15.18 -41.78
C ILE F 1200 52.45 -15.29 -40.28
N SER F 1201 53.39 -14.76 -39.50
CA SER F 1201 53.33 -14.84 -38.05
C SER F 1201 52.12 -14.06 -37.51
N ASP F 1202 51.70 -14.45 -36.31
CA ASP F 1202 50.48 -13.87 -35.75
C ASP F 1202 50.67 -12.48 -35.16
N ASP F 1203 51.90 -12.03 -34.92
CA ASP F 1203 52.08 -10.62 -34.58
C ASP F 1203 51.68 -9.73 -35.75
N ILE F 1204 52.09 -10.10 -36.96
CA ILE F 1204 51.62 -9.40 -38.14
C ILE F 1204 50.11 -9.52 -38.26
N ILE F 1205 49.58 -10.73 -38.08
CA ILE F 1205 48.15 -10.94 -38.30
C ILE F 1205 47.34 -10.07 -37.35
N SER F 1206 47.79 -9.95 -36.10
CA SER F 1206 47.10 -9.11 -35.14
C SER F 1206 47.39 -7.63 -35.36
N GLN F 1207 48.43 -7.28 -36.11
CA GLN F 1207 48.71 -5.88 -36.35
C GLN F 1207 47.87 -5.30 -37.49
N VAL F 1208 47.84 -5.97 -38.64
CA VAL F 1208 47.40 -5.35 -39.89
C VAL F 1208 45.92 -5.64 -40.17
N ASP F 1209 45.37 -4.90 -41.13
CA ASP F 1209 44.01 -5.15 -41.59
C ASP F 1209 44.07 -6.38 -42.49
N PRO F 1210 42.99 -7.17 -42.52
CA PRO F 1210 42.94 -8.40 -43.33
C PRO F 1210 43.32 -8.23 -44.81
N ILE F 1211 42.91 -7.13 -45.44
CA ILE F 1211 43.26 -6.86 -46.82
C ILE F 1211 44.78 -6.94 -46.99
N THR F 1212 45.52 -6.50 -45.98
CA THR F 1212 46.97 -6.52 -46.03
C THR F 1212 47.48 -7.95 -46.10
N LEU F 1213 46.86 -8.87 -45.39
CA LEU F 1213 47.25 -10.26 -45.50
C LEU F 1213 47.00 -10.80 -46.91
N PHE F 1214 45.90 -10.40 -47.55
CA PHE F 1214 45.65 -10.84 -48.92
C PHE F 1214 46.75 -10.33 -49.82
N VAL F 1215 47.16 -9.08 -49.63
CA VAL F 1215 48.21 -8.51 -50.46
C VAL F 1215 49.55 -9.20 -50.20
N LEU F 1216 49.89 -9.46 -48.93
CA LEU F 1216 51.18 -10.05 -48.61
C LEU F 1216 51.32 -11.43 -49.25
N VAL F 1217 50.26 -12.25 -49.13
CA VAL F 1217 50.29 -13.56 -49.78
C VAL F 1217 50.38 -13.39 -51.29
N SER F 1218 49.64 -12.45 -51.87
CA SER F 1218 49.64 -12.29 -53.32
C SER F 1218 51.00 -11.86 -53.84
N VAL F 1219 51.67 -10.95 -53.15
CA VAL F 1219 53.00 -10.49 -53.57
C VAL F 1219 54.00 -11.64 -53.48
N VAL F 1220 53.97 -12.39 -52.40
CA VAL F 1220 54.88 -13.54 -52.27
C VAL F 1220 54.64 -14.54 -53.40
N GLU F 1221 53.39 -14.89 -53.65
CA GLU F 1221 53.08 -15.83 -54.72
C GLU F 1221 53.49 -15.27 -56.09
N ALA F 1222 53.25 -13.99 -56.32
CA ALA F 1222 53.63 -13.41 -57.60
C ALA F 1222 55.12 -13.54 -57.82
N PHE F 1223 55.91 -13.34 -56.78
CA PHE F 1223 57.36 -13.50 -56.92
C PHE F 1223 57.72 -14.97 -57.15
N ILE F 1224 57.02 -15.91 -56.50
CA ILE F 1224 57.24 -17.32 -56.83
C ILE F 1224 56.95 -17.59 -58.31
N ALA F 1225 55.85 -17.07 -58.84
CA ALA F 1225 55.52 -17.22 -60.27
C ALA F 1225 56.58 -16.59 -61.16
N SER F 1226 57.34 -15.64 -60.64
CA SER F 1226 58.45 -15.08 -61.38
C SER F 1226 59.74 -15.89 -61.18
N GLY F 1227 59.71 -16.92 -60.37
CA GLY F 1227 60.91 -17.67 -60.05
C GLY F 1227 61.85 -16.98 -59.10
N ILE F 1228 61.40 -15.93 -58.43
CA ILE F 1228 62.20 -15.18 -57.48
C ILE F 1228 61.72 -15.57 -56.10
N THR F 1229 62.47 -16.42 -55.41
CA THR F 1229 62.09 -16.91 -54.08
C THR F 1229 62.64 -15.98 -53.00
N ASP F 1230 63.80 -15.37 -53.23
CA ASP F 1230 64.34 -14.37 -52.33
C ASP F 1230 64.32 -13.02 -53.03
N PRO F 1231 63.50 -12.06 -52.60
CA PRO F 1231 63.44 -10.78 -53.33
C PRO F 1231 64.76 -10.03 -53.38
N TYR F 1232 65.67 -10.26 -52.43
CA TYR F 1232 66.96 -9.57 -52.43
C TYR F 1232 67.78 -9.91 -53.65
N GLU F 1233 67.47 -11.03 -54.31
CA GLU F 1233 68.15 -11.35 -55.55
C GLU F 1233 67.98 -10.24 -56.58
N MET F 1234 66.91 -9.46 -56.47
CA MET F 1234 66.71 -8.35 -57.40
C MET F 1234 67.86 -7.37 -57.34
N TYR F 1235 68.44 -7.17 -56.16
CA TYR F 1235 69.50 -6.18 -55.97
C TYR F 1235 70.85 -6.67 -56.46
N LYS F 1236 70.93 -7.85 -57.06
CA LYS F 1236 72.16 -8.27 -57.69
C LYS F 1236 72.18 -7.69 -59.10
N TYR F 1237 71.02 -7.24 -59.61
CA TYR F 1237 70.90 -6.71 -60.96
C TYR F 1237 70.56 -5.24 -61.03
N VAL F 1238 69.89 -4.74 -60.01
CA VAL F 1238 69.45 -3.36 -60.00
C VAL F 1238 69.74 -2.69 -58.68
N HIS F 1239 69.81 -1.37 -58.66
CA HIS F 1239 69.99 -0.64 -57.43
C HIS F 1239 68.73 -0.65 -56.60
N VAL F 1240 68.86 -0.40 -55.30
CA VAL F 1240 67.70 -0.39 -54.40
C VAL F 1240 66.74 0.75 -54.70
N SER F 1241 67.11 1.73 -55.48
CA SER F 1241 66.18 2.79 -55.86
C SER F 1241 65.36 2.43 -57.10
N GLU F 1242 65.51 1.23 -57.64
CA GLU F 1242 64.87 0.85 -58.91
C GLU F 1242 63.84 -0.27 -58.83
N VAL F 1243 63.28 -0.49 -57.67
CA VAL F 1243 62.21 -1.46 -57.52
C VAL F 1243 61.00 -0.72 -56.98
N GLY F 1244 59.93 -0.63 -57.78
CA GLY F 1244 58.78 0.15 -57.41
C GLY F 1244 57.60 -0.69 -56.95
N ASN F 1245 56.61 -0.02 -56.36
CA ASN F 1245 55.36 -0.67 -56.04
C ASN F 1245 54.30 0.34 -56.45
N CYS F 1246 53.52 0.02 -57.47
CA CYS F 1246 52.48 0.92 -57.96
C CYS F 1246 51.07 0.37 -57.74
N SER F 1247 50.95 -0.69 -56.96
CA SER F 1247 49.64 -1.29 -56.69
C SER F 1247 48.76 -0.39 -55.83
N GLY F 1248 47.44 -0.53 -55.92
CA GLY F 1248 46.54 0.33 -55.17
C GLY F 1248 45.24 -0.32 -54.78
N SER F 1249 44.31 0.49 -54.29
CA SER F 1249 43.08 -0.01 -53.73
C SER F 1249 41.98 1.01 -53.92
N GLY F 1250 40.74 0.53 -54.01
CA GLY F 1250 39.61 1.43 -54.05
C GLY F 1250 39.32 2.07 -52.71
N MET F 1251 39.45 1.29 -51.63
CA MET F 1251 39.03 1.74 -50.30
C MET F 1251 40.02 1.43 -49.19
N GLY F 1252 41.02 0.56 -49.41
CA GLY F 1252 41.98 0.31 -48.36
C GLY F 1252 41.41 -0.53 -47.22
N GLY F 1253 41.94 -0.28 -46.03
CA GLY F 1253 41.64 -1.10 -44.87
C GLY F 1253 40.31 -0.77 -44.21
N VAL F 1254 39.20 -1.20 -44.83
CA VAL F 1254 37.88 -0.77 -44.38
C VAL F 1254 37.57 -1.29 -42.98
N SER F 1255 38.17 -2.40 -42.59
CA SER F 1255 37.97 -2.93 -41.25
C SER F 1255 38.59 -1.99 -40.20
N ALA F 1256 39.73 -1.38 -40.51
CA ALA F 1256 40.32 -0.41 -39.62
C ALA F 1256 39.43 0.83 -39.56
N LEU F 1257 38.79 1.19 -40.67
CA LEU F 1257 37.84 2.30 -40.67
C LEU F 1257 36.66 2.01 -39.77
N ARG F 1258 36.14 0.79 -39.83
CA ARG F 1258 35.08 0.41 -38.92
C ARG F 1258 35.55 0.55 -37.48
N GLY F 1259 36.76 0.10 -37.18
CA GLY F 1259 37.32 0.29 -35.86
C GLY F 1259 37.17 1.73 -35.41
N MET F 1260 37.77 2.64 -36.18
CA MET F 1260 37.81 4.05 -35.79
C MET F 1260 36.41 4.66 -35.66
N PHE F 1261 35.52 4.36 -36.61
CA PHE F 1261 34.25 5.08 -36.66
C PHE F 1261 33.16 4.45 -35.79
N LYS F 1262 33.20 3.14 -35.55
CA LYS F 1262 32.17 2.48 -34.77
C LYS F 1262 32.72 1.84 -33.50
N ASP F 1263 33.76 1.01 -33.59
CA ASP F 1263 34.20 0.30 -32.38
C ASP F 1263 34.66 1.29 -31.32
N ARG F 1264 35.35 2.34 -31.73
CA ARG F 1264 35.79 3.36 -30.79
C ARG F 1264 34.62 4.12 -30.21
N PHE F 1265 33.60 4.38 -31.03
CA PHE F 1265 32.42 5.09 -30.56
C PHE F 1265 31.68 4.31 -29.48
N LYS F 1266 31.82 3.00 -29.46
CA LYS F 1266 31.20 2.16 -28.43
C LYS F 1266 32.18 1.75 -27.35
N ASP F 1267 33.35 2.37 -27.33
CA ASP F 1267 34.36 2.08 -26.31
C ASP F 1267 34.78 0.63 -26.31
N GLU F 1268 34.90 0.04 -27.48
CA GLU F 1268 35.41 -1.32 -27.56
C GLU F 1268 36.92 -1.20 -27.53
N PRO F 1269 37.63 -2.30 -27.25
CA PRO F 1269 39.09 -2.22 -27.33
C PRO F 1269 39.55 -2.13 -28.78
N VAL F 1270 40.21 -1.05 -29.14
CA VAL F 1270 40.72 -0.86 -30.48
C VAL F 1270 42.20 -0.52 -30.36
N GLN F 1271 43.06 -1.17 -31.14
CA GLN F 1271 44.48 -0.91 -31.05
C GLN F 1271 44.76 0.58 -31.27
N ASN F 1272 45.77 1.11 -30.61
CA ASN F 1272 46.01 2.57 -30.67
C ASN F 1272 46.44 3.12 -32.03
N ASP F 1273 47.09 2.29 -32.85
CA ASP F 1273 47.55 2.75 -34.16
C ASP F 1273 46.61 2.29 -35.28
N ILE F 1274 45.37 2.01 -34.95
CA ILE F 1274 44.41 1.56 -35.94
C ILE F 1274 44.37 2.46 -37.18
N LEU F 1275 44.53 3.76 -37.01
CA LEU F 1275 44.43 4.69 -38.12
C LEU F 1275 45.42 4.41 -39.26
N GLN F 1276 46.66 4.09 -38.91
CA GLN F 1276 47.63 3.80 -39.94
C GLN F 1276 47.22 2.59 -40.78
N GLU F 1277 46.54 1.62 -40.17
CA GLU F 1277 46.17 0.40 -40.87
C GLU F 1277 45.04 0.59 -41.85
N SER F 1278 44.39 1.75 -41.89
CA SER F 1278 43.31 1.99 -42.84
C SER F 1278 43.78 2.61 -44.14
N PHE F 1279 44.97 3.20 -44.18
CA PHE F 1279 45.39 3.91 -45.38
C PHE F 1279 45.54 3.00 -46.58
N ILE F 1280 45.12 3.50 -47.73
CA ILE F 1280 45.21 2.70 -48.95
C ILE F 1280 46.67 2.35 -49.25
N ASN F 1281 47.60 3.21 -48.87
CA ASN F 1281 49.02 2.96 -49.14
C ASN F 1281 49.75 2.16 -48.06
N THR F 1282 49.08 1.85 -46.96
CA THR F 1282 49.69 1.05 -45.89
C THR F 1282 49.95 -0.39 -46.33
N MET F 1283 49.11 -0.95 -47.19
CA MET F 1283 49.36 -2.31 -47.69
C MET F 1283 50.72 -2.38 -48.38
N SER F 1284 51.00 -1.41 -49.24
CA SER F 1284 52.29 -1.36 -49.93
C SER F 1284 53.41 -1.04 -48.95
N ALA F 1285 53.12 -0.30 -47.90
CA ALA F 1285 54.13 0.00 -46.91
C ALA F 1285 54.55 -1.28 -46.21
N TRP F 1286 53.58 -2.13 -45.87
CA TRP F 1286 53.91 -3.39 -45.21
C TRP F 1286 54.63 -4.33 -46.15
N VAL F 1287 54.25 -4.35 -47.43
CA VAL F 1287 54.96 -5.18 -48.39
C VAL F 1287 56.44 -4.82 -48.40
N ASN F 1288 56.74 -3.53 -48.48
CA ASN F 1288 58.14 -3.09 -48.44
C ASN F 1288 58.79 -3.38 -47.09
N MET F 1289 58.06 -3.20 -45.99
CA MET F 1289 58.68 -3.33 -44.67
C MET F 1289 58.93 -4.79 -44.28
N LEU F 1290 58.26 -5.75 -44.92
CA LEU F 1290 58.40 -7.15 -44.57
C LEU F 1290 59.10 -7.99 -45.62
N LEU F 1291 59.07 -7.61 -46.90
CA LEU F 1291 59.60 -8.45 -47.96
C LEU F 1291 60.66 -7.77 -48.81
N ILE F 1292 60.38 -6.56 -49.31
CA ILE F 1292 61.13 -6.01 -50.44
C ILE F 1292 62.30 -5.17 -49.99
N SER F 1293 62.07 -4.24 -49.05
CA SER F 1293 63.13 -3.36 -48.55
C SER F 1293 63.76 -2.53 -49.67
N SER F 1294 62.94 -2.02 -50.58
CA SER F 1294 63.45 -1.13 -51.61
C SER F 1294 63.30 0.32 -51.19
N SER F 1295 64.00 1.19 -51.90
CA SER F 1295 63.79 2.62 -51.84
C SER F 1295 63.44 3.17 -53.22
N GLY F 1296 62.58 2.46 -53.92
CA GLY F 1296 62.13 2.84 -55.23
C GLY F 1296 60.88 3.68 -55.18
N PRO F 1297 60.32 4.00 -56.35
CA PRO F 1297 59.07 4.77 -56.37
C PRO F 1297 57.94 4.04 -55.68
N ILE F 1298 57.02 4.79 -55.09
CA ILE F 1298 55.85 4.21 -54.45
C ILE F 1298 54.67 5.07 -54.83
N LYS F 1299 53.95 4.70 -55.88
CA LYS F 1299 52.83 5.48 -56.33
C LYS F 1299 51.57 4.64 -56.18
N THR F 1300 50.74 4.93 -55.18
CA THR F 1300 49.55 4.13 -54.92
C THR F 1300 48.30 4.76 -55.56
N PRO F 1301 47.77 4.14 -56.62
CA PRO F 1301 46.56 4.67 -57.24
C PRO F 1301 45.31 4.33 -56.44
N VAL F 1302 44.28 5.13 -56.65
CA VAL F 1302 42.93 4.87 -56.16
C VAL F 1302 42.00 5.11 -57.34
N GLY F 1303 41.42 4.04 -57.87
CA GLY F 1303 40.64 4.16 -59.08
C GLY F 1303 39.34 3.39 -59.03
N ALA F 1304 38.75 3.29 -57.84
CA ALA F 1304 37.55 2.48 -57.62
C ALA F 1304 37.71 1.12 -58.29
N CYS F 1305 36.86 0.80 -59.27
CA CYS F 1305 36.87 -0.52 -59.89
C CYS F 1305 37.87 -0.64 -61.04
N ALA F 1306 38.53 0.45 -61.44
CA ALA F 1306 39.58 0.41 -62.44
C ALA F 1306 40.97 0.58 -61.82
N THR F 1307 41.09 0.30 -60.53
CA THR F 1307 42.36 0.53 -59.83
C THR F 1307 43.50 -0.29 -60.43
N SER F 1308 43.24 -1.56 -60.73
CA SER F 1308 44.32 -2.42 -61.21
C SER F 1308 44.84 -1.96 -62.57
N VAL F 1309 43.95 -1.52 -63.46
CA VAL F 1309 44.39 -1.04 -64.76
C VAL F 1309 45.16 0.27 -64.61
N GLU F 1310 44.66 1.17 -63.75
CA GLU F 1310 45.43 2.38 -63.46
C GLU F 1310 46.81 2.03 -62.91
N SER F 1311 46.87 1.01 -62.07
CA SER F 1311 48.13 0.59 -61.48
C SER F 1311 49.10 0.13 -62.55
N VAL F 1312 48.61 -0.66 -63.51
CA VAL F 1312 49.48 -1.08 -64.61
C VAL F 1312 49.97 0.13 -65.40
N ASP F 1313 49.07 1.07 -65.70
CA ASP F 1313 49.46 2.26 -66.44
C ASP F 1313 50.59 3.00 -65.73
N ILE F 1314 50.45 3.19 -64.42
CA ILE F 1314 51.45 3.91 -63.64
C ILE F 1314 52.77 3.14 -63.63
N GLY F 1315 52.73 1.83 -63.40
CA GLY F 1315 53.96 1.06 -63.34
C GLY F 1315 54.70 1.10 -64.66
N VAL F 1316 53.97 1.04 -65.77
CA VAL F 1316 54.61 1.11 -67.06
C VAL F 1316 55.22 2.50 -67.26
N GLU F 1317 54.51 3.54 -66.86
CA GLU F 1317 55.05 4.89 -67.00
C GLU F 1317 56.31 5.06 -66.14
N THR F 1318 56.29 4.49 -64.94
CA THR F 1318 57.45 4.57 -64.05
C THR F 1318 58.66 3.88 -64.64
N ILE F 1319 58.49 2.68 -65.18
CA ILE F 1319 59.61 1.97 -65.79
C ILE F 1319 60.11 2.70 -67.04
N LEU F 1320 59.22 3.17 -67.88
CA LEU F 1320 59.63 3.84 -69.11
C LEU F 1320 60.24 5.23 -68.83
N SER F 1321 59.94 5.83 -67.70
CA SER F 1321 60.56 7.08 -67.32
C SER F 1321 61.95 6.90 -66.75
N GLY F 1322 62.40 5.67 -66.59
CA GLY F 1322 63.72 5.41 -66.05
C GLY F 1322 63.81 5.48 -64.53
N LYS F 1323 62.68 5.59 -63.83
CA LYS F 1323 62.71 5.67 -62.38
C LYS F 1323 62.77 4.30 -61.72
N ALA F 1324 62.35 3.25 -62.43
CA ALA F 1324 62.43 1.89 -61.91
C ALA F 1324 62.65 0.92 -63.04
N ARG F 1325 63.14 -0.26 -62.74
CA ARG F 1325 63.30 -1.31 -63.74
C ARG F 1325 62.38 -2.48 -63.42
N ILE F 1326 61.84 -2.52 -62.22
CA ILE F 1326 60.91 -3.56 -61.79
C ILE F 1326 59.80 -2.88 -61.01
N CYS F 1327 58.56 -3.32 -61.20
CA CYS F 1327 57.46 -2.78 -60.44
C CYS F 1327 56.48 -3.86 -60.04
N ILE F 1328 55.91 -3.70 -58.84
CA ILE F 1328 54.78 -4.49 -58.38
C ILE F 1328 53.51 -3.72 -58.71
N VAL F 1329 52.64 -4.29 -59.53
CA VAL F 1329 51.38 -3.66 -59.87
C VAL F 1329 50.24 -4.59 -59.45
N GLY F 1330 49.06 -4.03 -59.37
CA GLY F 1330 47.88 -4.81 -59.05
C GLY F 1330 46.92 -4.02 -58.18
N GLY F 1331 46.00 -4.74 -57.56
CA GLY F 1331 44.91 -4.14 -56.83
C GLY F 1331 44.32 -5.09 -55.82
N TYR F 1332 43.56 -4.50 -54.90
CA TYR F 1332 42.99 -5.25 -53.81
C TYR F 1332 41.90 -4.46 -53.12
N ASP F 1333 40.92 -5.14 -52.56
CA ASP F 1333 39.83 -4.56 -51.78
C ASP F 1333 39.16 -5.64 -50.96
N ASP F 1334 38.55 -5.22 -49.89
CA ASP F 1334 37.88 -6.15 -49.01
C ASP F 1334 36.38 -5.99 -49.07
N PHE F 1335 35.67 -6.87 -48.40
CA PHE F 1335 34.23 -6.85 -48.31
C PHE F 1335 33.84 -6.75 -46.85
N GLN F 1336 33.02 -5.77 -46.52
CA GLN F 1336 32.59 -5.59 -45.14
C GLN F 1336 31.16 -5.09 -45.13
N GLU F 1337 30.51 -5.17 -43.99
CA GLU F 1337 29.10 -4.79 -43.88
C GLU F 1337 28.70 -3.44 -44.40
N GLU F 1338 29.40 -2.39 -44.01
CA GLU F 1338 28.95 -1.05 -44.39
C GLU F 1338 29.00 -0.84 -45.90
N GLY F 1339 30.07 -1.28 -46.55
CA GLY F 1339 30.16 -1.14 -47.98
C GLY F 1339 29.06 -1.89 -48.70
N SER F 1340 28.71 -3.09 -48.25
CA SER F 1340 27.62 -3.84 -48.85
C SER F 1340 26.30 -3.09 -48.71
N PHE F 1341 25.98 -2.60 -47.52
CA PHE F 1341 24.78 -1.83 -47.33
C PHE F 1341 24.75 -0.64 -48.26
N GLU F 1342 25.87 0.08 -48.37
CA GLU F 1342 25.83 1.29 -49.17
C GLU F 1342 25.70 0.97 -50.66
N PHE F 1343 26.32 -0.10 -51.12
CA PHE F 1343 26.16 -0.52 -52.50
C PHE F 1343 24.70 -0.90 -52.77
N GLY F 1344 24.03 -1.48 -51.77
CA GLY F 1344 22.63 -1.84 -51.92
C GLY F 1344 21.77 -0.60 -51.95
N ASN F 1345 22.10 0.41 -51.15
CA ASN F 1345 21.36 1.67 -51.16
C ASN F 1345 21.48 2.35 -52.52
N MET F 1346 22.65 2.31 -53.12
CA MET F 1346 22.81 2.83 -54.48
C MET F 1346 22.22 1.91 -55.54
N LYS F 1347 21.78 0.72 -55.16
CA LYS F 1347 21.20 -0.24 -56.11
C LYS F 1347 22.20 -0.67 -57.17
N ALA F 1348 23.47 -0.76 -56.79
CA ALA F 1348 24.50 -1.24 -57.70
C ALA F 1348 24.59 -2.76 -57.71
N THR F 1349 24.34 -3.39 -56.57
CA THR F 1349 24.42 -4.82 -56.46
C THR F 1349 23.08 -5.50 -56.64
N SER F 1350 23.09 -6.79 -56.97
CA SER F 1350 21.86 -7.54 -57.16
C SER F 1350 21.10 -7.78 -55.84
N ASN F 1351 19.81 -7.53 -55.83
CA ASN F 1351 18.99 -7.83 -54.65
C ASN F 1351 18.82 -9.33 -54.58
N THR F 1352 19.24 -9.94 -53.49
CA THR F 1352 19.19 -11.38 -53.36
C THR F 1352 17.76 -11.92 -53.17
N LEU F 1353 16.90 -11.21 -52.46
CA LEU F 1353 15.52 -11.68 -52.32
C LEU F 1353 14.82 -11.71 -53.66
N GLU F 1354 15.06 -10.69 -54.49
CA GLU F 1354 14.53 -10.70 -55.85
C GLU F 1354 15.10 -11.85 -56.67
N GLU F 1355 16.38 -12.16 -56.51
CA GLU F 1355 16.99 -13.27 -57.23
C GLU F 1355 16.35 -14.58 -56.82
N PHE F 1356 16.09 -14.76 -55.54
CA PHE F 1356 15.39 -15.96 -55.10
C PHE F 1356 14.00 -16.02 -55.71
N GLU F 1357 13.30 -14.89 -55.78
CA GLU F 1357 11.97 -14.89 -56.38
C GLU F 1357 12.00 -15.37 -57.82
N HIS F 1358 13.13 -15.22 -58.51
CA HIS F 1358 13.28 -15.68 -59.88
C HIS F 1358 13.91 -17.06 -59.96
N GLY F 1359 14.05 -17.76 -58.84
CA GLY F 1359 14.60 -19.10 -58.84
C GLY F 1359 16.09 -19.20 -58.99
N ARG F 1360 16.81 -18.09 -58.87
CA ARG F 1360 18.24 -18.11 -59.03
C ARG F 1360 18.98 -18.53 -57.78
N THR F 1361 19.93 -19.45 -57.91
CA THR F 1361 20.79 -19.83 -56.80
C THR F 1361 22.02 -18.93 -56.77
N PRO F 1362 22.77 -18.94 -55.66
CA PRO F 1362 23.91 -18.02 -55.57
C PRO F 1362 24.91 -18.13 -56.74
N ALA F 1363 25.14 -19.33 -57.26
CA ALA F 1363 26.05 -19.54 -58.38
C ALA F 1363 25.54 -19.07 -59.75
N GLU F 1364 24.36 -18.47 -59.83
CA GLU F 1364 23.89 -17.92 -61.09
C GLU F 1364 23.52 -16.45 -60.97
N MET F 1365 23.86 -15.82 -59.85
CA MET F 1365 23.48 -14.42 -59.66
C MET F 1365 24.40 -13.47 -60.43
N SER F 1366 25.60 -13.92 -60.76
CA SER F 1366 26.51 -13.11 -61.58
C SER F 1366 26.44 -13.64 -62.99
N ARG F 1367 25.69 -12.94 -63.84
CA ARG F 1367 25.49 -13.39 -65.22
C ARG F 1367 25.72 -12.21 -66.17
N PRO F 1368 26.97 -11.87 -66.44
CA PRO F 1368 27.25 -10.73 -67.34
C PRO F 1368 26.64 -10.94 -68.71
N ALA F 1369 26.11 -9.85 -69.27
CA ALA F 1369 25.65 -9.73 -70.66
C ALA F 1369 24.35 -10.47 -70.95
N THR F 1370 23.64 -10.96 -69.95
CA THR F 1370 22.40 -11.69 -70.18
C THR F 1370 21.19 -10.76 -70.07
N THR F 1371 20.07 -11.24 -70.60
CA THR F 1371 18.85 -10.43 -70.64
C THR F 1371 18.43 -9.99 -69.24
N THR F 1372 18.54 -10.87 -68.26
CA THR F 1372 17.96 -10.63 -66.94
C THR F 1372 18.95 -10.04 -65.93
N ARG F 1373 20.19 -9.77 -66.32
CA ARG F 1373 21.17 -9.23 -65.38
C ARG F 1373 20.62 -7.98 -64.71
N ASN F 1374 20.86 -7.86 -63.41
CA ASN F 1374 20.34 -6.74 -62.64
C ASN F 1374 21.16 -6.42 -61.39
N GLY F 1375 22.45 -6.19 -61.55
CA GLY F 1375 23.29 -5.83 -60.42
C GLY F 1375 24.49 -6.72 -60.27
N PHE F 1376 25.57 -6.17 -59.75
CA PHE F 1376 26.80 -6.93 -59.64
C PHE F 1376 26.93 -7.68 -58.33
N MET F 1377 27.74 -8.72 -58.32
CA MET F 1377 27.96 -9.51 -57.13
C MET F 1377 29.24 -9.04 -56.49
N GLU F 1378 29.23 -8.70 -55.22
CA GLU F 1378 30.40 -8.18 -54.53
C GLU F 1378 31.32 -9.32 -54.12
N ALA F 1379 32.62 -9.08 -54.24
CA ALA F 1379 33.63 -10.08 -53.90
C ALA F 1379 34.74 -9.40 -53.10
N GLN F 1380 35.82 -10.15 -52.88
CA GLN F 1380 36.96 -9.64 -52.15
C GLN F 1380 38.23 -10.37 -52.57
N GLY F 1381 39.38 -9.73 -52.42
CA GLY F 1381 40.66 -10.37 -52.63
C GLY F 1381 41.66 -9.41 -53.22
N ALA F 1382 42.75 -9.97 -53.73
CA ALA F 1382 43.86 -9.21 -54.27
C ALA F 1382 44.39 -9.89 -55.51
N GLY F 1383 44.92 -9.08 -56.43
CA GLY F 1383 45.70 -9.57 -57.55
C GLY F 1383 46.97 -8.77 -57.76
N ILE F 1384 48.08 -9.44 -58.00
CA ILE F 1384 49.38 -8.79 -58.12
C ILE F 1384 50.07 -9.31 -59.38
N GLN F 1385 50.78 -8.41 -60.07
CA GLN F 1385 51.70 -8.80 -61.13
C GLN F 1385 53.04 -8.13 -60.90
N ILE F 1386 54.10 -8.81 -61.34
CA ILE F 1386 55.44 -8.25 -61.43
C ILE F 1386 55.70 -7.86 -62.88
N ILE F 1387 56.03 -6.61 -63.12
CA ILE F 1387 56.41 -6.15 -64.45
C ILE F 1387 57.83 -5.63 -64.40
N MET F 1388 58.50 -5.64 -65.55
CA MET F 1388 59.88 -5.18 -65.61
C MET F 1388 60.27 -4.98 -67.06
N GLN F 1389 61.42 -4.35 -67.26
CA GLN F 1389 61.95 -4.16 -68.59
C GLN F 1389 62.30 -5.50 -69.19
N ALA F 1390 62.00 -5.68 -70.45
CA ALA F 1390 62.27 -6.95 -71.11
C ALA F 1390 63.75 -7.28 -71.09
N ASP F 1391 64.60 -6.27 -71.23
CA ASP F 1391 66.04 -6.49 -71.20
C ASP F 1391 66.47 -7.07 -69.86
N LEU F 1392 65.99 -6.52 -68.76
CA LEU F 1392 66.32 -7.05 -67.45
C LEU F 1392 65.74 -8.44 -67.26
N ALA F 1393 64.53 -8.69 -67.77
CA ALA F 1393 63.94 -10.01 -67.64
C ALA F 1393 64.76 -11.06 -68.37
N LEU F 1394 65.32 -10.71 -69.52
CA LEU F 1394 66.14 -11.65 -70.24
C LEU F 1394 67.39 -11.91 -69.44
N LYS F 1395 68.00 -10.84 -68.94
CA LYS F 1395 69.25 -10.99 -68.21
C LYS F 1395 69.07 -11.84 -66.96
N MET F 1396 67.97 -11.65 -66.24
CA MET F 1396 67.71 -12.39 -65.01
C MET F 1396 67.28 -13.83 -65.28
N GLY F 1397 66.79 -14.13 -66.47
CA GLY F 1397 66.24 -15.44 -66.73
C GLY F 1397 64.96 -15.74 -65.97
N VAL F 1398 64.07 -14.76 -65.85
CA VAL F 1398 62.75 -15.00 -65.25
C VAL F 1398 61.77 -15.32 -66.37
N PRO F 1399 60.71 -16.07 -66.08
CA PRO F 1399 59.72 -16.35 -67.13
C PRO F 1399 59.00 -15.08 -67.57
N ILE F 1400 58.69 -15.03 -68.87
CA ILE F 1400 57.94 -13.90 -69.43
C ILE F 1400 56.57 -14.41 -69.87
N TYR F 1401 55.53 -13.94 -69.23
CA TYR F 1401 54.17 -14.42 -69.52
C TYR F 1401 53.43 -13.56 -70.56
N GLY F 1402 53.88 -12.34 -70.81
CA GLY F 1402 53.25 -11.50 -71.81
C GLY F 1402 53.89 -10.14 -71.84
N ILE F 1403 53.68 -9.43 -72.95
CA ILE F 1403 54.21 -8.10 -73.09
C ILE F 1403 53.10 -7.12 -72.86
N VAL F 1404 53.32 -6.12 -72.02
CA VAL F 1404 52.31 -5.08 -71.81
C VAL F 1404 52.50 -4.09 -72.95
N ALA F 1405 51.72 -4.23 -74.02
CA ALA F 1405 51.88 -3.40 -75.20
C ALA F 1405 51.26 -2.02 -75.05
N MET F 1406 50.23 -1.91 -74.23
CA MET F 1406 49.59 -0.63 -74.00
C MET F 1406 48.81 -0.55 -72.73
N ALA F 1407 48.78 0.62 -72.10
CA ALA F 1407 47.93 0.83 -70.94
C ALA F 1407 47.55 2.31 -70.92
N ALA F 1408 46.27 2.56 -70.69
CA ALA F 1408 45.77 3.91 -70.71
C ALA F 1408 44.57 4.12 -69.82
N THR F 1409 44.35 5.33 -69.35
CA THR F 1409 43.16 5.68 -68.59
C THR F 1409 42.48 6.87 -69.26
N ALA F 1410 41.20 7.05 -68.92
CA ALA F 1410 40.43 8.13 -69.51
C ALA F 1410 39.18 8.48 -68.74
N THR F 1411 38.92 9.77 -68.52
CA THR F 1411 37.67 10.26 -67.95
C THR F 1411 36.68 10.52 -69.08
N ASP F 1412 35.46 10.86 -68.71
CA ASP F 1412 34.41 11.03 -69.72
C ASP F 1412 34.06 12.47 -70.08
N LYS F 1413 33.14 13.10 -69.35
CA LYS F 1413 32.67 14.42 -69.73
C LYS F 1413 31.78 15.05 -68.69
N ILE F 1414 31.26 16.24 -68.97
CA ILE F 1414 30.34 16.89 -68.05
C ILE F 1414 29.16 15.97 -67.76
N GLY F 1415 28.80 15.86 -66.49
CA GLY F 1415 27.68 15.04 -66.11
C GLY F 1415 27.32 15.26 -64.65
N ARG F 1416 26.33 14.54 -64.14
CA ARG F 1416 25.96 14.64 -62.74
C ARG F 1416 25.82 13.27 -62.07
N SER F 1417 26.23 12.21 -62.74
CA SER F 1417 26.14 10.87 -62.18
C SER F 1417 27.54 10.31 -62.00
N VAL F 1418 27.99 10.25 -60.75
CA VAL F 1418 29.33 9.73 -60.48
C VAL F 1418 29.48 8.27 -60.89
N PRO F 1419 28.48 7.41 -60.62
CA PRO F 1419 28.67 5.99 -60.96
C PRO F 1419 28.44 5.63 -62.44
N ALA F 1420 27.90 6.51 -63.26
CA ALA F 1420 27.58 6.18 -64.64
C ALA F 1420 28.87 5.91 -65.43
N PRO F 1421 28.96 4.76 -66.12
CA PRO F 1421 30.14 4.52 -66.97
C PRO F 1421 30.06 5.28 -68.29
N GLY F 1422 31.20 5.69 -68.85
CA GLY F 1422 31.21 6.45 -70.08
C GLY F 1422 32.11 5.89 -71.16
N LYS F 1423 32.27 6.60 -72.26
CA LYS F 1423 33.04 6.10 -73.39
C LYS F 1423 34.34 6.84 -73.67
N GLY F 1424 34.90 7.51 -72.67
CA GLY F 1424 36.18 8.19 -72.83
C GLY F 1424 37.34 7.29 -73.26
N ILE F 1425 37.33 6.02 -72.83
CA ILE F 1425 38.40 5.10 -73.18
C ILE F 1425 38.44 4.85 -74.67
N LEU F 1426 37.36 5.20 -75.37
CA LEU F 1426 37.34 5.07 -76.81
C LEU F 1426 38.48 5.84 -77.48
N THR F 1427 39.00 6.86 -76.82
CA THR F 1427 40.09 7.67 -77.35
C THR F 1427 41.34 6.88 -77.67
N THR F 1428 41.47 5.72 -77.06
CA THR F 1428 42.59 4.83 -77.35
C THR F 1428 42.63 4.43 -78.81
N ALA F 1429 41.51 4.52 -79.52
CA ALA F 1429 41.42 4.17 -80.93
C ALA F 1429 41.47 5.38 -81.86
N ARG F 1430 41.68 6.55 -81.32
CA ARG F 1430 41.66 7.79 -82.12
C ARG F 1430 42.61 7.75 -83.29
N GLU F 1431 42.13 8.18 -84.44
CA GLU F 1431 42.91 8.06 -85.66
C GLU F 1431 42.30 8.99 -86.69
N HIS F 1432 43.14 9.75 -87.37
CA HIS F 1432 42.70 10.71 -88.37
C HIS F 1432 42.67 10.04 -89.74
N HIS F 1433 41.50 10.03 -90.37
CA HIS F 1433 41.30 9.33 -91.64
C HIS F 1433 40.98 10.27 -92.78
N SER F 1434 41.04 11.57 -92.57
CA SER F 1434 40.66 12.53 -93.61
C SER F 1434 41.46 12.26 -94.86
N SER F 1435 42.67 11.74 -94.68
CA SER F 1435 43.53 11.45 -95.81
C SER F 1435 44.11 10.07 -95.63
N VAL F 1436 43.55 9.09 -96.34
CA VAL F 1436 44.02 7.72 -96.21
C VAL F 1436 44.10 7.04 -97.58
N LYS F 1437 44.17 7.83 -98.64
CA LYS F 1437 44.20 7.26 -99.98
C LYS F 1437 45.43 6.40 -100.19
N TYR F 1438 46.60 6.88 -99.76
CA TYR F 1438 47.85 6.15 -99.87
C TYR F 1438 48.36 5.76 -98.49
N ALA F 1439 49.02 4.62 -98.42
CA ALA F 1439 49.49 4.08 -97.15
C ALA F 1439 50.71 4.84 -96.64
N SER F 1440 50.79 4.96 -95.31
CA SER F 1440 51.96 5.56 -94.68
C SER F 1440 53.08 4.53 -94.59
N PRO F 1441 54.28 4.84 -95.10
CA PRO F 1441 55.40 3.92 -94.89
C PRO F 1441 55.72 3.71 -93.43
N ASN F 1442 55.36 4.66 -92.57
CA ASN F 1442 55.64 4.52 -91.15
C ASN F 1442 55.04 3.24 -90.57
N LEU F 1443 53.92 2.79 -91.14
CA LEU F 1443 53.29 1.56 -90.67
C LEU F 1443 53.98 0.30 -91.18
N ASN F 1444 54.88 0.42 -92.15
CA ASN F 1444 55.56 -0.73 -92.73
C ASN F 1444 56.87 -0.98 -91.99
N MET F 1445 57.03 -2.18 -91.44
CA MET F 1445 58.21 -2.46 -90.62
C MET F 1445 59.47 -2.59 -91.46
N LYS F 1446 59.35 -3.06 -92.71
CA LYS F 1446 60.53 -3.14 -93.55
C LYS F 1446 61.12 -1.76 -93.80
N TYR F 1447 60.27 -0.73 -93.86
CA TYR F 1447 60.76 0.62 -94.08
C TYR F 1447 61.42 1.19 -92.83
N ARG F 1448 60.85 0.91 -91.66
CA ARG F 1448 61.44 1.37 -90.43
C ARG F 1448 62.80 0.71 -90.19
N LYS F 1449 62.93 -0.57 -90.53
CA LYS F 1449 64.21 -1.26 -90.34
C LYS F 1449 65.30 -0.71 -91.24
N ARG F 1450 64.94 -0.21 -92.43
CA ARG F 1450 65.94 0.39 -93.30
C ARG F 1450 66.51 1.67 -92.67
N GLN F 1451 65.65 2.51 -92.10
CA GLN F 1451 66.12 3.73 -91.46
C GLN F 1451 67.03 3.42 -90.28
N LEU F 1452 66.67 2.41 -89.49
CA LEU F 1452 67.49 2.06 -88.33
C LEU F 1452 68.89 1.63 -88.75
N VAL F 1453 68.99 0.84 -89.81
CA VAL F 1453 70.30 0.37 -90.26
C VAL F 1453 71.13 1.53 -90.80
N THR F 1454 70.49 2.47 -91.51
CA THR F 1454 71.18 3.67 -91.95
C THR F 1454 71.70 4.46 -90.75
N ARG F 1455 70.83 4.74 -89.78
CA ARG F 1455 71.24 5.50 -88.61
C ARG F 1455 72.32 4.77 -87.82
N GLU F 1456 72.28 3.44 -87.80
CA GLU F 1456 73.29 2.69 -87.05
C GLU F 1456 74.67 2.86 -87.66
N ALA F 1457 74.76 2.94 -88.98
CA ALA F 1457 76.04 3.20 -89.63
C ALA F 1457 76.59 4.55 -89.23
N GLN F 1458 75.73 5.58 -89.19
CA GLN F 1458 76.19 6.91 -88.83
C GLN F 1458 76.75 6.94 -87.42
N ILE F 1459 76.21 6.13 -86.52
CA ILE F 1459 76.67 6.18 -85.13
C ILE F 1459 78.09 5.65 -85.01
N LYS F 1460 78.37 4.51 -85.63
CA LYS F 1460 79.71 3.95 -85.55
C LYS F 1460 80.73 4.86 -86.23
N ASP F 1461 80.29 5.66 -87.20
CA ASP F 1461 81.13 6.74 -87.70
C ASP F 1461 81.42 7.75 -86.59
N TRP F 1462 80.38 8.14 -85.85
CA TRP F 1462 80.55 9.08 -84.76
C TRP F 1462 81.48 8.50 -83.69
N VAL F 1463 81.40 7.20 -83.46
CA VAL F 1463 82.23 6.57 -82.44
C VAL F 1463 83.70 6.69 -82.81
N GLU F 1464 84.04 6.46 -84.07
CA GLU F 1464 85.45 6.45 -84.45
C GLU F 1464 86.07 7.83 -84.36
N ASN F 1465 85.29 8.89 -84.59
CA ASN F 1465 85.82 10.24 -84.44
C ASN F 1465 86.13 10.55 -82.97
N GLU F 1466 85.17 10.27 -82.08
CA GLU F 1466 85.38 10.59 -80.67
C GLU F 1466 86.49 9.74 -80.06
N LEU F 1467 86.68 8.50 -80.55
CA LEU F 1467 87.77 7.67 -80.05
C LEU F 1467 89.12 8.27 -80.40
N GLU F 1468 89.30 8.64 -81.68
CA GLU F 1468 90.58 9.17 -82.11
C GLU F 1468 90.87 10.52 -81.47
N ALA F 1469 89.85 11.35 -81.26
CA ALA F 1469 90.05 12.61 -80.58
C ALA F 1469 90.53 12.39 -79.16
N LEU F 1470 89.99 11.38 -78.48
CA LEU F 1470 90.46 11.05 -77.14
C LEU F 1470 91.92 10.60 -77.18
N LYS F 1471 92.29 9.80 -78.18
CA LYS F 1471 93.66 9.33 -78.29
C LYS F 1471 94.64 10.49 -78.30
N LEU F 1472 94.26 11.61 -78.91
CA LEU F 1472 95.10 12.80 -78.93
C LEU F 1472 95.04 13.56 -77.61
N GLU F 1473 93.87 13.57 -76.96
CA GLU F 1473 93.77 14.16 -75.63
C GLU F 1473 94.66 13.45 -74.63
N ALA F 1474 95.06 12.22 -74.92
CA ALA F 1474 95.97 11.47 -74.06
C ALA F 1474 97.41 11.88 -74.32
N GLN F 1482 98.38 7.63 -68.35
CA GLN F 1482 97.41 7.64 -69.43
C GLN F 1482 96.33 6.59 -69.21
N ASN F 1483 96.65 5.56 -68.43
CA ASN F 1483 95.71 4.46 -68.23
C ASN F 1483 94.42 4.94 -67.58
N GLU F 1484 94.54 5.67 -66.48
CA GLU F 1484 93.34 6.17 -65.79
C GLU F 1484 92.55 7.11 -66.69
N PHE F 1485 93.25 8.01 -67.40
CA PHE F 1485 92.56 8.96 -68.26
C PHE F 1485 91.79 8.23 -69.36
N LEU F 1486 92.40 7.20 -69.97
CA LEU F 1486 91.76 6.55 -71.10
C LEU F 1486 90.56 5.72 -70.67
N LEU F 1487 90.69 4.96 -69.59
CA LEU F 1487 89.58 4.12 -69.14
C LEU F 1487 88.36 4.95 -68.77
N GLU F 1488 88.57 6.09 -68.10
CA GLU F 1488 87.41 6.89 -67.69
C GLU F 1488 86.74 7.54 -68.89
N ARG F 1489 87.53 8.08 -69.83
CA ARG F 1489 86.95 8.71 -71.01
C ARG F 1489 86.36 7.67 -71.96
N THR F 1490 87.03 6.53 -72.11
CA THR F 1490 86.53 5.51 -73.03
C THR F 1490 85.17 4.98 -72.59
N ARG F 1491 84.98 4.75 -71.29
CA ARG F 1491 83.68 4.28 -70.81
C ARG F 1491 82.57 5.24 -71.21
N GLU F 1492 82.85 6.55 -71.21
CA GLU F 1492 81.83 7.54 -71.49
C GLU F 1492 81.46 7.56 -72.98
N ILE F 1493 82.46 7.53 -73.86
CA ILE F 1493 82.18 7.59 -75.30
C ILE F 1493 81.35 6.38 -75.73
N HIS F 1494 81.69 5.18 -75.25
CA HIS F 1494 80.89 4.02 -75.60
C HIS F 1494 79.51 4.09 -74.97
N ASN F 1495 79.42 4.68 -73.79
CA ASN F 1495 78.10 4.90 -73.19
C ASN F 1495 77.29 5.88 -74.02
N GLU F 1496 77.93 6.91 -74.57
CA GLU F 1496 77.23 7.81 -75.47
C GLU F 1496 76.76 7.09 -76.72
N ALA F 1497 77.60 6.19 -77.26
CA ALA F 1497 77.24 5.47 -78.47
C ALA F 1497 76.05 4.55 -78.25
N GLU F 1498 76.00 3.88 -77.09
CA GLU F 1498 74.84 3.04 -76.80
C GLU F 1498 73.58 3.88 -76.72
N SER F 1499 73.69 5.08 -76.15
CA SER F 1499 72.52 5.96 -76.04
C SER F 1499 71.99 6.35 -77.41
N GLN F 1500 72.88 6.62 -78.36
CA GLN F 1500 72.42 6.98 -79.69
C GLN F 1500 71.76 5.80 -80.40
N LEU F 1501 72.31 4.60 -80.24
CA LEU F 1501 71.68 3.42 -80.79
C LEU F 1501 70.29 3.21 -80.20
N ARG F 1502 70.18 3.27 -78.88
CA ARG F 1502 68.90 3.04 -78.25
C ARG F 1502 67.89 4.12 -78.62
N ALA F 1503 68.34 5.36 -78.79
CA ALA F 1503 67.44 6.41 -79.25
C ALA F 1503 66.96 6.14 -80.66
N ALA F 1504 67.84 5.61 -81.52
CA ALA F 1504 67.43 5.23 -82.87
C ALA F 1504 66.41 4.11 -82.83
N GLN F 1505 66.61 3.12 -81.97
CA GLN F 1505 65.67 2.00 -81.85
C GLN F 1505 64.33 2.48 -81.31
N GLN F 1506 64.35 3.42 -80.38
CA GLN F 1506 63.11 3.98 -79.87
C GLN F 1506 62.38 4.76 -80.96
N GLN F 1507 63.13 5.41 -81.85
CA GLN F 1507 62.52 6.18 -82.94
C GLN F 1507 61.80 5.27 -83.91
N TRP F 1508 62.46 4.21 -84.39
CA TRP F 1508 61.93 3.40 -85.47
C TRP F 1508 61.27 2.11 -85.01
N GLY F 1509 61.53 1.64 -83.80
CA GLY F 1509 60.96 0.40 -83.38
C GLY F 1509 59.88 0.50 -82.32
N ASN F 1510 60.07 1.34 -81.33
CA ASN F 1510 59.14 1.39 -80.21
C ASN F 1510 58.11 2.50 -80.33
N ASP F 1511 58.50 3.67 -80.82
CA ASP F 1511 57.67 4.87 -80.76
C ASP F 1511 57.44 5.48 -82.12
N PHE F 1512 57.58 4.71 -83.18
CA PHE F 1512 57.46 5.27 -84.53
C PHE F 1512 56.14 5.96 -84.81
N TYR F 1513 55.11 5.69 -84.03
CA TYR F 1513 53.77 6.18 -84.31
C TYR F 1513 53.29 7.25 -83.35
N LYS F 1514 54.04 7.55 -82.29
CA LYS F 1514 53.55 8.48 -81.27
C LYS F 1514 53.30 9.86 -81.84
N ARG F 1515 54.03 10.26 -82.87
CA ARG F 1515 53.84 11.57 -83.51
C ARG F 1515 52.91 11.51 -84.71
N ASP F 1516 52.35 10.34 -85.04
CA ASP F 1516 51.62 10.17 -86.27
C ASP F 1516 50.13 10.16 -85.98
N PRO F 1517 49.39 11.23 -86.30
CA PRO F 1517 47.94 11.22 -85.99
C PRO F 1517 47.15 10.19 -86.77
N ARG F 1518 47.71 9.63 -87.84
CA ARG F 1518 47.04 8.61 -88.63
C ARG F 1518 47.23 7.21 -88.07
N ILE F 1519 47.84 7.07 -86.91
CA ILE F 1519 48.02 5.78 -86.26
C ILE F 1519 47.47 5.89 -84.84
N ALA F 1520 46.40 5.15 -84.55
CA ALA F 1520 45.86 5.14 -83.21
C ALA F 1520 46.84 4.47 -82.25
N PRO F 1521 46.82 4.86 -80.98
CA PRO F 1521 47.69 4.18 -80.00
C PRO F 1521 47.50 2.67 -79.96
N LEU F 1522 46.26 2.18 -80.03
CA LEU F 1522 46.00 0.74 -80.05
C LEU F 1522 46.68 0.06 -81.25
N ARG F 1523 46.45 0.63 -82.45
CA ARG F 1523 47.05 0.08 -83.65
C ARG F 1523 48.57 0.09 -83.58
N GLY F 1524 49.15 1.20 -83.09
CA GLY F 1524 50.59 1.28 -82.99
C GLY F 1524 51.16 0.28 -82.00
N ALA F 1525 50.49 0.13 -80.86
CA ALA F 1525 50.91 -0.87 -79.88
C ALA F 1525 51.01 -2.25 -80.52
N LEU F 1526 50.02 -2.62 -81.33
CA LEU F 1526 50.10 -3.92 -81.99
C LEU F 1526 51.15 -3.94 -83.09
N ALA F 1527 51.19 -2.90 -83.92
CA ALA F 1527 52.09 -2.87 -85.07
C ALA F 1527 53.56 -2.86 -84.65
N THR F 1528 53.85 -2.51 -83.41
CA THR F 1528 55.22 -2.57 -82.94
C THR F 1528 55.79 -3.97 -83.14
N TYR F 1529 54.95 -4.99 -82.96
CA TYR F 1529 55.39 -6.36 -83.09
C TYR F 1529 54.91 -7.02 -84.37
N GLY F 1530 54.45 -6.24 -85.33
CA GLY F 1530 54.00 -6.80 -86.58
C GLY F 1530 52.58 -7.33 -86.60
N LEU F 1531 51.83 -7.15 -85.51
CA LEU F 1531 50.45 -7.57 -85.48
C LEU F 1531 49.54 -6.47 -86.04
N THR F 1532 48.32 -6.87 -86.39
CA THR F 1532 47.32 -5.95 -86.92
C THR F 1532 46.09 -5.98 -86.03
N ILE F 1533 45.16 -5.07 -86.31
CA ILE F 1533 43.94 -4.99 -85.50
C ILE F 1533 43.19 -6.31 -85.50
N ASP F 1534 43.28 -7.08 -86.57
CA ASP F 1534 42.61 -8.39 -86.61
C ASP F 1534 43.28 -9.45 -85.73
N ASP F 1535 44.48 -9.19 -85.23
CA ASP F 1535 45.17 -10.15 -84.35
C ASP F 1535 44.74 -10.09 -82.88
N LEU F 1536 43.99 -9.07 -82.48
CA LEU F 1536 43.51 -8.95 -81.11
C LEU F 1536 42.33 -9.89 -80.93
N GLY F 1537 42.58 -11.08 -80.37
CA GLY F 1537 41.62 -12.15 -80.40
C GLY F 1537 40.58 -12.14 -79.29
N VAL F 1538 40.95 -11.65 -78.12
CA VAL F 1538 40.10 -11.74 -76.95
C VAL F 1538 39.99 -10.37 -76.30
N ALA F 1539 38.80 -10.01 -75.89
CA ALA F 1539 38.54 -8.83 -75.06
C ALA F 1539 38.00 -9.33 -73.74
N SER F 1540 38.75 -9.12 -72.67
CA SER F 1540 38.27 -9.45 -71.34
C SER F 1540 37.45 -8.26 -70.83
N PHE F 1541 36.16 -8.45 -70.73
CA PHE F 1541 35.29 -7.35 -70.36
C PHE F 1541 35.17 -7.12 -68.88
N HIS F 1542 35.16 -5.86 -68.48
CA HIS F 1542 34.86 -5.56 -67.08
C HIS F 1542 33.64 -6.34 -66.64
N GLY F 1543 32.72 -6.61 -67.60
CA GLY F 1543 31.58 -7.50 -67.38
C GLY F 1543 31.13 -7.59 -65.97
N THR F 1544 30.31 -6.67 -65.52
CA THR F 1544 29.94 -6.62 -64.12
C THR F 1544 28.53 -7.16 -63.84
N SER F 1545 27.76 -7.43 -64.89
CA SER F 1545 26.39 -7.90 -64.74
C SER F 1545 25.43 -6.80 -64.33
N THR F 1546 25.76 -5.58 -64.69
CA THR F 1546 24.84 -4.48 -64.48
C THR F 1546 24.38 -4.14 -65.88
N LYS F 1547 23.18 -3.59 -66.00
CA LYS F 1547 22.63 -3.24 -67.30
C LYS F 1547 23.48 -2.21 -68.03
N ALA F 1548 23.73 -1.07 -67.41
CA ALA F 1548 24.49 0.00 -68.06
C ALA F 1548 25.92 -0.36 -68.44
N ASN F 1549 26.63 -1.03 -67.54
CA ASN F 1549 28.01 -1.34 -67.82
C ASN F 1549 28.14 -2.27 -68.99
N ASP F 1550 27.42 -3.38 -68.98
CA ASP F 1550 27.63 -4.36 -70.04
C ASP F 1550 27.27 -3.76 -71.40
N LYS F 1551 26.20 -2.98 -71.47
CA LYS F 1551 25.88 -2.33 -72.74
C LYS F 1551 26.95 -1.31 -73.13
N ASN F 1552 27.30 -0.42 -72.20
CA ASN F 1552 28.31 0.60 -72.46
C ASN F 1552 29.60 0.01 -72.97
N GLU F 1553 30.09 -1.01 -72.28
CA GLU F 1553 31.35 -1.61 -72.65
C GLU F 1553 31.31 -2.31 -73.99
N SER F 1554 30.24 -3.06 -74.27
CA SER F 1554 30.13 -3.67 -75.59
C SER F 1554 30.14 -2.61 -76.68
N ALA F 1555 29.37 -1.54 -76.52
CA ALA F 1555 29.33 -0.47 -77.50
C ALA F 1555 30.71 0.16 -77.70
N THR F 1556 31.44 0.38 -76.61
CA THR F 1556 32.77 0.96 -76.70
C THR F 1556 33.71 0.09 -77.49
N ILE F 1557 33.81 -1.20 -77.12
CA ILE F 1557 34.71 -2.11 -77.85
C ILE F 1557 34.29 -2.21 -79.31
N ASN F 1558 33.00 -2.21 -79.59
CA ASN F 1558 32.50 -2.30 -80.96
C ASN F 1558 32.94 -1.09 -81.80
N GLU F 1559 32.81 0.11 -81.25
CA GLU F 1559 33.23 1.32 -81.95
C GLU F 1559 34.73 1.32 -82.14
N MET F 1560 35.49 0.93 -81.12
CA MET F 1560 36.93 0.81 -81.30
C MET F 1560 37.25 -0.02 -82.53
N MET F 1561 36.63 -1.21 -82.63
CA MET F 1561 36.90 -2.09 -83.76
C MET F 1561 36.42 -1.49 -85.07
N LYS F 1562 35.24 -0.87 -85.07
CA LYS F 1562 34.72 -0.26 -86.29
C LYS F 1562 35.68 0.80 -86.84
N HIS F 1563 36.08 1.73 -85.97
CA HIS F 1563 36.92 2.84 -86.42
C HIS F 1563 38.26 2.34 -86.94
N LEU F 1564 38.80 1.29 -86.36
CA LEU F 1564 40.13 0.80 -86.74
C LEU F 1564 40.10 -0.20 -87.88
N GLY F 1565 38.97 -0.35 -88.56
CA GLY F 1565 38.91 -1.20 -89.74
C GLY F 1565 39.13 -2.67 -89.46
N ARG F 1566 38.59 -3.18 -88.35
CA ARG F 1566 38.56 -4.62 -88.14
C ARG F 1566 37.74 -5.28 -89.24
N SER F 1567 38.18 -6.44 -89.68
CA SER F 1567 37.50 -7.15 -90.77
C SER F 1567 36.11 -7.60 -90.34
N GLU F 1568 35.12 -7.34 -91.18
CA GLU F 1568 33.79 -7.87 -90.92
C GLU F 1568 33.84 -9.39 -90.97
N GLY F 1569 33.04 -10.02 -90.12
CA GLY F 1569 33.11 -11.44 -89.92
C GLY F 1569 34.16 -11.89 -88.94
N ASN F 1570 34.89 -10.96 -88.33
CA ASN F 1570 35.99 -11.28 -87.41
C ASN F 1570 35.74 -10.55 -86.09
N PRO F 1571 34.77 -11.02 -85.31
CA PRO F 1571 34.50 -10.41 -84.01
C PRO F 1571 35.51 -10.83 -82.96
N VAL F 1572 35.65 -9.99 -81.96
CA VAL F 1572 36.49 -10.32 -80.81
C VAL F 1572 35.67 -11.18 -79.84
N ILE F 1573 36.34 -12.12 -79.20
CA ILE F 1573 35.69 -13.07 -78.30
C ILE F 1573 35.70 -12.48 -76.90
N GLY F 1574 34.51 -12.21 -76.36
CA GLY F 1574 34.40 -11.62 -75.04
C GLY F 1574 34.61 -12.67 -73.94
N VAL F 1575 35.27 -12.23 -72.88
CA VAL F 1575 35.47 -13.04 -71.68
C VAL F 1575 34.95 -12.24 -70.50
N PHE F 1576 34.19 -12.89 -69.64
CA PHE F 1576 33.57 -12.22 -68.52
C PHE F 1576 33.84 -13.01 -67.26
N GLN F 1577 35.08 -12.95 -66.77
CA GLN F 1577 35.49 -13.71 -65.59
C GLN F 1577 34.64 -13.50 -64.31
N LYS F 1578 34.00 -12.35 -64.18
CA LYS F 1578 33.24 -12.06 -62.97
C LYS F 1578 32.03 -12.96 -62.81
N PHE F 1579 31.57 -13.63 -63.88
CA PHE F 1579 30.50 -14.59 -63.68
C PHE F 1579 30.85 -15.58 -62.58
N LEU F 1580 32.11 -15.95 -62.47
CA LEU F 1580 32.55 -16.90 -61.48
C LEU F 1580 33.04 -16.30 -60.17
N THR F 1581 33.76 -15.18 -60.23
CA THR F 1581 34.35 -14.63 -59.01
C THR F 1581 33.63 -13.48 -58.37
N GLY F 1582 32.65 -12.91 -59.03
CA GLY F 1582 32.05 -11.68 -58.52
C GLY F 1582 32.99 -10.49 -58.70
N HIS F 1583 32.55 -9.35 -58.21
CA HIS F 1583 33.23 -8.09 -58.47
C HIS F 1583 34.03 -7.65 -57.24
N PRO F 1584 35.35 -7.78 -57.23
CA PRO F 1584 36.13 -7.07 -56.23
C PRO F 1584 36.26 -5.63 -56.68
N LYS F 1585 36.36 -4.73 -55.73
CA LYS F 1585 36.23 -3.30 -56.05
C LYS F 1585 37.58 -2.63 -56.25
N GLY F 1586 38.42 -3.18 -57.11
CA GLY F 1586 39.77 -2.67 -57.21
C GLY F 1586 40.78 -3.73 -57.55
N ALA F 1587 40.51 -4.97 -57.16
CA ALA F 1587 41.26 -6.12 -57.65
C ALA F 1587 40.73 -6.64 -58.98
N ALA F 1588 39.65 -6.06 -59.51
CA ALA F 1588 38.97 -6.64 -60.67
C ALA F 1588 39.90 -6.71 -61.88
N GLY F 1589 40.52 -5.58 -62.22
CA GLY F 1589 41.42 -5.57 -63.35
C GLY F 1589 42.62 -6.47 -63.19
N ALA F 1590 43.10 -6.64 -61.96
CA ALA F 1590 44.23 -7.53 -61.72
C ALA F 1590 43.85 -9.00 -61.94
N TRP F 1591 42.65 -9.38 -61.52
CA TRP F 1591 42.18 -10.74 -61.76
C TRP F 1591 42.01 -10.94 -63.27
N MET F 1592 41.51 -9.93 -63.96
CA MET F 1592 41.39 -10.03 -65.41
C MET F 1592 42.75 -10.11 -66.09
N MET F 1593 43.74 -9.37 -65.60
CA MET F 1593 45.07 -9.41 -66.18
C MET F 1593 45.67 -10.79 -66.03
N ASN F 1594 45.46 -11.41 -64.86
CA ASN F 1594 45.92 -12.78 -64.64
C ASN F 1594 45.22 -13.75 -65.59
N GLY F 1595 43.90 -13.62 -65.71
CA GLY F 1595 43.17 -14.45 -66.65
C GLY F 1595 43.67 -14.28 -68.07
N ALA F 1596 43.99 -13.04 -68.45
CA ALA F 1596 44.44 -12.78 -69.81
C ALA F 1596 45.80 -13.42 -70.08
N LEU F 1597 46.71 -13.35 -69.11
CA LEU F 1597 47.99 -14.04 -69.29
C LEU F 1597 47.80 -15.55 -69.38
N GLN F 1598 46.93 -16.12 -68.57
CA GLN F 1598 46.65 -17.54 -68.63
C GLN F 1598 46.07 -17.90 -70.01
N ILE F 1599 45.17 -17.09 -70.53
CA ILE F 1599 44.61 -17.29 -71.87
C ILE F 1599 45.73 -17.29 -72.90
N LEU F 1600 46.59 -16.27 -72.86
CA LEU F 1600 47.65 -16.17 -73.85
C LEU F 1600 48.54 -17.40 -73.82
N ASN F 1601 48.95 -17.88 -72.67
CA ASN F 1601 49.94 -18.96 -72.63
C ASN F 1601 49.37 -20.37 -72.80
N SER F 1602 48.05 -20.50 -72.73
CA SER F 1602 47.40 -21.79 -72.93
C SER F 1602 46.64 -21.84 -74.23
N GLY F 1603 46.21 -20.70 -74.74
CA GLY F 1603 45.37 -20.70 -75.91
C GLY F 1603 43.92 -21.03 -75.64
N ILE F 1604 43.54 -21.23 -74.38
CA ILE F 1604 42.20 -21.63 -73.99
C ILE F 1604 41.40 -20.39 -73.61
N ILE F 1605 40.21 -20.26 -74.16
CA ILE F 1605 39.35 -19.09 -73.95
C ILE F 1605 38.15 -19.54 -73.11
N PRO F 1606 38.08 -19.19 -71.82
CA PRO F 1606 36.97 -19.68 -70.99
C PRO F 1606 35.63 -19.11 -71.41
N GLY F 1607 34.59 -19.92 -71.27
CA GLY F 1607 33.24 -19.49 -71.56
C GLY F 1607 32.51 -18.96 -70.33
N ASN F 1608 31.64 -17.99 -70.56
CA ASN F 1608 30.75 -17.46 -69.54
C ASN F 1608 29.63 -18.47 -69.30
N ARG F 1609 29.81 -19.34 -68.32
CA ARG F 1609 28.83 -20.41 -68.09
C ARG F 1609 27.50 -19.91 -67.54
N ASN F 1610 27.44 -18.67 -67.08
CA ASN F 1610 26.18 -18.09 -66.62
C ASN F 1610 25.51 -17.28 -67.72
N ALA F 1611 26.07 -17.27 -68.93
CA ALA F 1611 25.43 -16.57 -70.06
C ALA F 1611 24.33 -17.46 -70.63
N ASP F 1612 23.21 -17.54 -69.91
CA ASP F 1612 22.10 -18.38 -70.36
C ASP F 1612 21.43 -17.80 -71.60
N ASN F 1613 21.14 -16.51 -71.58
CA ASN F 1613 20.50 -15.87 -72.72
C ASN F 1613 21.15 -14.52 -72.95
N VAL F 1614 21.92 -14.40 -74.03
CA VAL F 1614 22.59 -13.14 -74.33
C VAL F 1614 21.54 -12.09 -74.65
N ASP F 1615 21.65 -10.93 -74.01
CA ASP F 1615 20.70 -9.85 -74.21
C ASP F 1615 20.58 -9.48 -75.68
N LYS F 1616 19.34 -9.27 -76.14
CA LYS F 1616 19.08 -8.99 -77.54
C LYS F 1616 19.64 -7.65 -77.99
N ILE F 1617 19.72 -6.67 -77.09
CA ILE F 1617 20.26 -5.36 -77.44
C ILE F 1617 21.72 -5.43 -77.86
N LEU F 1618 22.45 -6.47 -77.44
CA LEU F 1618 23.85 -6.61 -77.81
C LEU F 1618 24.07 -7.20 -79.19
N GLU F 1619 23.01 -7.69 -79.83
CA GLU F 1619 23.14 -8.22 -81.18
C GLU F 1619 23.61 -7.13 -82.16
N GLN F 1620 23.32 -5.87 -81.87
CA GLN F 1620 23.70 -4.78 -82.75
C GLN F 1620 25.22 -4.61 -82.84
N PHE F 1621 25.96 -5.12 -81.86
CA PHE F 1621 27.41 -5.01 -81.85
C PHE F 1621 28.04 -6.19 -82.56
N GLU F 1622 28.18 -6.07 -83.87
CA GLU F 1622 28.69 -7.18 -84.68
C GLU F 1622 30.13 -7.63 -84.46
N TYR F 1623 30.94 -6.81 -83.81
CA TYR F 1623 32.35 -7.16 -83.62
C TYR F 1623 32.62 -7.86 -82.30
N VAL F 1624 31.57 -8.19 -81.54
CA VAL F 1624 31.71 -8.84 -80.24
C VAL F 1624 30.95 -10.17 -80.27
N LEU F 1625 31.60 -11.22 -79.78
CA LEU F 1625 31.00 -12.54 -79.63
C LEU F 1625 30.97 -12.92 -78.16
N TYR F 1626 29.86 -13.52 -77.72
CA TYR F 1626 29.64 -13.87 -76.31
C TYR F 1626 29.53 -15.38 -76.17
N PRO F 1627 30.64 -16.08 -75.96
CA PRO F 1627 30.57 -17.53 -75.80
C PRO F 1627 30.08 -17.94 -74.42
N SER F 1628 29.49 -19.13 -74.34
CA SER F 1628 29.03 -19.65 -73.07
C SER F 1628 29.86 -20.84 -72.62
N LYS F 1629 30.79 -21.31 -73.47
CA LYS F 1629 31.59 -22.45 -73.10
C LYS F 1629 33.03 -22.26 -73.58
N THR F 1630 33.93 -22.98 -72.93
CA THR F 1630 35.35 -22.84 -73.18
C THR F 1630 35.71 -23.27 -74.60
N LEU F 1631 36.65 -22.55 -75.21
CA LEU F 1631 37.13 -22.85 -76.54
C LEU F 1631 38.63 -23.09 -76.48
N LYS F 1632 39.07 -24.20 -77.05
CA LYS F 1632 40.49 -24.52 -77.20
C LYS F 1632 40.90 -24.07 -78.60
N THR F 1633 41.63 -22.97 -78.68
CA THR F 1633 42.08 -22.46 -79.95
C THR F 1633 43.50 -22.95 -80.23
N ASP F 1634 43.99 -22.65 -81.43
CA ASP F 1634 45.37 -22.90 -81.77
C ASP F 1634 46.26 -21.69 -81.54
N GLY F 1635 45.83 -20.76 -80.68
CA GLY F 1635 46.65 -19.63 -80.35
C GLY F 1635 46.01 -18.27 -80.23
N VAL F 1636 46.14 -17.63 -79.08
CA VAL F 1636 45.65 -16.28 -78.90
C VAL F 1636 46.86 -15.37 -78.94
N ARG F 1637 46.85 -14.37 -79.80
CA ARG F 1637 48.02 -13.50 -79.98
C ARG F 1637 47.99 -12.20 -79.16
N ALA F 1638 46.81 -11.71 -78.79
CA ALA F 1638 46.71 -10.50 -77.99
C ALA F 1638 45.36 -10.48 -77.28
N VAL F 1639 45.34 -9.93 -76.07
CA VAL F 1639 44.13 -9.78 -75.29
C VAL F 1639 43.96 -8.32 -74.88
N SER F 1640 42.72 -7.85 -74.93
CA SER F 1640 42.35 -6.54 -74.42
C SER F 1640 41.73 -6.68 -73.04
N ILE F 1641 42.04 -5.74 -72.16
CA ILE F 1641 41.47 -5.69 -70.81
C ILE F 1641 40.91 -4.30 -70.61
N THR F 1642 39.64 -4.20 -70.28
CA THR F 1642 39.01 -2.90 -70.03
C THR F 1642 38.34 -2.92 -68.67
N SER F 1643 38.30 -1.75 -68.03
CA SER F 1643 37.61 -1.62 -66.76
C SER F 1643 37.03 -0.22 -66.65
N PHE F 1644 35.92 -0.13 -65.92
CA PHE F 1644 35.24 1.14 -65.78
C PHE F 1644 34.92 1.30 -64.31
N GLY F 1645 35.45 2.33 -63.68
CA GLY F 1645 35.25 2.53 -62.28
C GLY F 1645 34.40 3.72 -61.94
N PHE F 1646 33.72 3.68 -60.80
CA PHE F 1646 32.98 4.84 -60.37
C PHE F 1646 33.87 6.07 -60.46
N GLY F 1647 33.27 7.22 -60.74
CA GLY F 1647 34.03 8.45 -60.88
C GLY F 1647 34.72 8.59 -62.21
N GLN F 1648 34.07 8.13 -63.28
CA GLN F 1648 34.62 8.20 -64.65
C GLN F 1648 36.01 7.61 -64.81
N LYS F 1649 36.31 6.53 -64.10
CA LYS F 1649 37.61 5.89 -64.24
C LYS F 1649 37.52 4.82 -65.32
N GLY F 1650 37.95 5.15 -66.52
CA GLY F 1650 38.00 4.19 -67.60
C GLY F 1650 39.44 3.82 -67.84
N GLY F 1651 39.70 2.59 -68.22
CA GLY F 1651 41.04 2.11 -68.47
C GLY F 1651 41.06 0.98 -69.46
N GLN F 1652 42.17 0.86 -70.18
CA GLN F 1652 42.39 -0.25 -71.10
C GLN F 1652 43.85 -0.66 -71.08
N ALA F 1653 44.09 -1.96 -71.20
CA ALA F 1653 45.43 -2.52 -71.37
C ALA F 1653 45.39 -3.55 -72.48
N ILE F 1654 46.51 -3.68 -73.19
CA ILE F 1654 46.67 -4.69 -74.23
C ILE F 1654 47.89 -5.53 -73.88
N VAL F 1655 47.70 -6.84 -73.81
CA VAL F 1655 48.77 -7.79 -73.52
C VAL F 1655 48.98 -8.65 -74.75
N VAL F 1656 50.23 -8.77 -75.17
CA VAL F 1656 50.59 -9.49 -76.38
C VAL F 1656 51.33 -10.76 -76.00
N HIS F 1657 51.19 -11.79 -76.82
CA HIS F 1657 51.83 -13.08 -76.56
C HIS F 1657 53.33 -12.95 -76.40
N PRO F 1658 53.89 -13.56 -75.35
CA PRO F 1658 55.33 -13.39 -75.08
C PRO F 1658 56.28 -13.84 -76.19
N ASP F 1659 55.83 -14.72 -77.07
CA ASP F 1659 56.72 -15.23 -78.11
C ASP F 1659 57.12 -14.17 -79.12
N TYR F 1660 56.34 -13.10 -79.24
CA TYR F 1660 56.72 -12.00 -80.13
C TYR F 1660 57.95 -11.25 -79.63
N LEU F 1661 58.23 -11.30 -78.34
CA LEU F 1661 59.44 -10.68 -77.82
C LEU F 1661 60.68 -11.33 -78.41
N TYR F 1662 60.71 -12.66 -78.42
CA TYR F 1662 61.92 -13.38 -78.85
C TYR F 1662 62.37 -13.13 -80.27
N GLY F 1663 61.46 -12.72 -81.15
CA GLY F 1663 61.88 -12.36 -82.48
C GLY F 1663 62.82 -11.17 -82.52
N ALA F 1664 62.94 -10.44 -81.42
CA ALA F 1664 63.74 -9.23 -81.35
C ALA F 1664 65.20 -9.49 -80.99
N ILE F 1665 65.56 -10.71 -80.63
CA ILE F 1665 66.89 -11.00 -80.11
C ILE F 1665 67.55 -12.06 -80.98
N THR F 1666 68.87 -12.21 -80.80
CA THR F 1666 69.62 -13.21 -81.55
C THR F 1666 69.42 -14.60 -80.95
N GLU F 1667 69.88 -15.61 -81.70
CA GLU F 1667 69.73 -16.99 -81.26
C GLU F 1667 70.54 -17.27 -80.00
N ASP F 1668 71.77 -16.77 -79.93
CA ASP F 1668 72.61 -17.04 -78.76
C ASP F 1668 72.00 -16.43 -77.50
N ARG F 1669 71.48 -15.22 -77.60
CA ARG F 1669 70.85 -14.60 -76.46
C ARG F 1669 69.61 -15.35 -76.05
N TYR F 1670 68.85 -15.82 -77.02
CA TYR F 1670 67.65 -16.58 -76.71
C TYR F 1670 67.99 -17.89 -76.01
N ASN F 1671 69.01 -18.58 -76.50
CA ASN F 1671 69.39 -19.87 -75.92
C ASN F 1671 69.92 -19.72 -74.51
N GLU F 1672 70.68 -18.68 -74.25
CA GLU F 1672 71.18 -18.45 -72.90
C GLU F 1672 70.02 -18.11 -71.97
N TYR F 1673 69.03 -17.38 -72.47
CA TYR F 1673 67.86 -17.05 -71.67
C TYR F 1673 67.14 -18.34 -71.34
N VAL F 1674 66.98 -19.22 -72.32
CA VAL F 1674 66.23 -20.45 -72.09
C VAL F 1674 66.88 -21.28 -71.00
N ALA F 1675 68.21 -21.42 -71.07
CA ALA F 1675 68.92 -22.18 -70.05
C ALA F 1675 68.74 -21.58 -68.66
N LYS F 1676 68.87 -20.26 -68.56
CA LYS F 1676 68.71 -19.61 -67.28
C LYS F 1676 67.31 -19.80 -66.73
N VAL F 1677 66.30 -19.69 -67.59
CA VAL F 1677 64.93 -19.83 -67.13
C VAL F 1677 64.67 -21.23 -66.61
N SER F 1678 65.17 -22.24 -67.32
CA SER F 1678 64.97 -23.62 -66.91
C SER F 1678 65.55 -23.88 -65.53
N ALA F 1679 66.76 -23.40 -65.31
CA ALA F 1679 67.38 -23.55 -63.99
C ALA F 1679 66.55 -22.85 -62.92
N ARG F 1680 66.12 -21.61 -63.20
CA ARG F 1680 65.33 -20.87 -62.24
C ARG F 1680 64.01 -21.59 -61.93
N GLU F 1681 63.39 -22.18 -62.94
CA GLU F 1681 62.12 -22.86 -62.73
C GLU F 1681 62.28 -24.07 -61.81
N LYS F 1682 63.37 -24.81 -61.97
CA LYS F 1682 63.61 -25.96 -61.10
C LYS F 1682 63.81 -25.51 -59.66
N SER F 1683 64.58 -24.45 -59.45
CA SER F 1683 64.71 -23.92 -58.10
C SER F 1683 63.37 -23.46 -57.54
N ALA F 1684 62.55 -22.84 -58.38
CA ALA F 1684 61.26 -22.33 -57.90
C ALA F 1684 60.35 -23.47 -57.47
N TYR F 1685 60.38 -24.58 -58.18
CA TYR F 1685 59.57 -25.74 -57.82
C TYR F 1685 60.02 -26.29 -56.48
N LYS F 1686 61.33 -26.44 -56.30
CA LYS F 1686 61.85 -26.90 -55.02
C LYS F 1686 61.36 -26.01 -53.89
N PHE F 1687 61.50 -24.70 -54.05
CA PHE F 1687 61.08 -23.76 -53.02
C PHE F 1687 59.60 -23.81 -52.78
N PHE F 1688 58.83 -23.90 -53.85
CA PHE F 1688 57.38 -23.86 -53.69
C PHE F 1688 56.90 -25.04 -52.87
N HIS F 1689 57.39 -26.24 -53.16
CA HIS F 1689 56.86 -27.41 -52.45
C HIS F 1689 57.34 -27.46 -51.01
N ASN F 1690 58.61 -27.11 -50.76
CA ASN F 1690 59.06 -26.99 -49.38
C ASN F 1690 58.18 -26.00 -48.61
N GLY F 1691 57.99 -24.80 -49.18
CA GLY F 1691 57.21 -23.80 -48.49
C GLY F 1691 55.77 -24.21 -48.29
N MET F 1692 55.21 -24.96 -49.23
CA MET F 1692 53.82 -25.39 -49.10
C MET F 1692 53.68 -26.37 -47.95
N ILE F 1693 54.50 -27.41 -47.90
CA ILE F 1693 54.26 -28.45 -46.89
C ILE F 1693 54.68 -27.99 -45.51
N TYR F 1694 55.62 -27.05 -45.41
CA TYR F 1694 56.04 -26.58 -44.09
C TYR F 1694 55.44 -25.25 -43.70
N ASN F 1695 54.44 -24.77 -44.45
CA ASN F 1695 53.79 -23.50 -44.15
C ASN F 1695 54.78 -22.36 -44.01
N LYS F 1696 55.71 -22.25 -44.94
CA LYS F 1696 56.68 -21.17 -44.91
C LYS F 1696 56.95 -20.64 -46.31
N LEU F 1697 55.92 -20.55 -47.14
CA LEU F 1697 56.07 -19.84 -48.41
C LEU F 1697 56.40 -18.36 -48.16
N PHE F 1698 55.70 -17.73 -47.23
CA PHE F 1698 56.00 -16.39 -46.78
C PHE F 1698 57.05 -16.46 -45.68
N VAL F 1699 58.17 -15.78 -45.89
CA VAL F 1699 59.21 -15.71 -44.88
C VAL F 1699 59.54 -14.24 -44.70
N SER F 1700 59.23 -13.69 -43.54
CA SER F 1700 59.43 -12.28 -43.28
C SER F 1700 60.91 -11.96 -43.14
N LYS F 1701 61.34 -10.87 -43.75
CA LYS F 1701 62.71 -10.43 -43.64
C LYS F 1701 62.90 -9.72 -42.31
N GLU F 1702 63.98 -10.05 -41.60
CA GLU F 1702 64.27 -9.44 -40.31
C GLU F 1702 65.18 -8.22 -40.44
N HIS F 1703 66.14 -8.24 -41.36
CA HIS F 1703 67.03 -7.12 -41.59
C HIS F 1703 67.06 -6.74 -43.06
N ALA F 1704 67.34 -5.47 -43.32
CA ALA F 1704 67.58 -5.01 -44.66
C ALA F 1704 68.85 -5.66 -45.22
N PRO F 1705 69.07 -5.54 -46.54
CA PRO F 1705 70.31 -6.08 -47.11
C PRO F 1705 71.56 -5.31 -46.68
N TYR F 1706 71.41 -4.14 -46.08
CA TYR F 1706 72.53 -3.34 -45.60
C TYR F 1706 72.34 -3.10 -44.11
N THR F 1707 73.44 -2.89 -43.41
CA THR F 1707 73.36 -2.49 -42.02
C THR F 1707 73.02 -1.01 -41.92
N ASP F 1708 72.60 -0.58 -40.73
CA ASP F 1708 72.33 0.83 -40.51
C ASP F 1708 73.56 1.67 -40.80
N GLU F 1709 74.76 1.10 -40.66
CA GLU F 1709 75.98 1.85 -40.90
C GLU F 1709 76.25 2.06 -42.38
N LEU F 1710 75.82 1.14 -43.23
CA LEU F 1710 76.08 1.23 -44.66
C LEU F 1710 74.90 1.78 -45.45
N GLU F 1711 73.78 2.08 -44.81
CA GLU F 1711 72.55 2.36 -45.56
C GLU F 1711 72.70 3.59 -46.45
N GLU F 1712 73.21 4.69 -45.91
CA GLU F 1712 73.36 5.89 -46.71
C GLU F 1712 74.38 5.70 -47.83
N ASP F 1713 75.47 4.98 -47.55
CA ASP F 1713 76.42 4.65 -48.60
C ASP F 1713 75.73 3.89 -49.73
N VAL F 1714 74.90 2.92 -49.39
CA VAL F 1714 74.18 2.15 -50.42
C VAL F 1714 73.26 3.08 -51.21
N TYR F 1715 72.51 3.93 -50.52
CA TYR F 1715 71.61 4.85 -51.19
C TYR F 1715 72.34 5.76 -52.17
N LEU F 1716 73.57 6.16 -51.86
CA LEU F 1716 74.26 7.15 -52.67
C LEU F 1716 75.15 6.55 -53.75
N ASP F 1717 75.24 5.22 -53.85
CA ASP F 1717 76.07 4.57 -54.86
C ASP F 1717 75.20 3.82 -55.86
N PRO F 1718 74.97 4.39 -57.04
CA PRO F 1718 74.04 3.74 -58.00
C PRO F 1718 74.49 2.36 -58.47
N LEU F 1719 75.78 2.05 -58.39
CA LEU F 1719 76.30 0.76 -58.82
C LEU F 1719 76.44 -0.23 -57.67
N ALA F 1720 75.98 0.11 -56.49
CA ALA F 1720 76.00 -0.81 -55.36
C ALA F 1720 75.10 -2.02 -55.60
N ARG F 1721 75.62 -3.22 -55.42
CA ARG F 1721 74.86 -4.44 -55.63
C ARG F 1721 75.17 -5.42 -54.51
N VAL F 1722 74.20 -6.23 -54.14
CA VAL F 1722 74.40 -7.18 -53.07
C VAL F 1722 75.22 -8.34 -53.56
N SER F 1723 75.59 -9.23 -52.64
CA SER F 1723 76.39 -10.39 -53.00
C SER F 1723 76.19 -11.42 -51.91
N LYS F 1724 76.50 -12.67 -52.19
CA LYS F 1724 76.22 -13.71 -51.22
C LYS F 1724 77.21 -13.63 -50.06
N ASP F 1725 76.67 -13.58 -48.85
CA ASP F 1725 77.50 -13.47 -47.65
C ASP F 1725 78.05 -14.85 -47.31
N LYS F 1726 79.39 -14.95 -47.23
CA LYS F 1726 80.04 -16.24 -47.03
C LYS F 1726 79.57 -16.91 -45.74
N LYS F 1727 79.60 -16.19 -44.63
CA LYS F 1727 79.21 -16.79 -43.35
C LYS F 1727 77.73 -17.15 -43.34
N SER F 1728 76.86 -16.14 -43.43
CA SER F 1728 75.43 -16.36 -43.29
C SER F 1728 74.79 -16.95 -44.54
N GLY F 1729 75.47 -16.92 -45.68
CA GLY F 1729 74.87 -17.40 -46.91
C GLY F 1729 73.62 -16.66 -47.31
N SER F 1730 73.61 -15.35 -47.07
CA SER F 1730 72.47 -14.52 -47.41
C SER F 1730 72.90 -13.29 -48.20
N LEU F 1731 72.02 -12.80 -49.06
CA LEU F 1731 72.37 -11.65 -49.88
C LEU F 1731 72.44 -10.39 -49.04
N THR F 1732 73.56 -9.69 -49.15
CA THR F 1732 73.75 -8.49 -48.36
C THR F 1732 74.70 -7.56 -49.07
N PHE F 1733 74.67 -6.28 -48.71
CA PHE F 1733 75.61 -5.35 -49.29
C PHE F 1733 76.95 -5.44 -48.56
N ASN F 1734 78.03 -5.38 -49.32
CA ASN F 1734 79.38 -5.53 -48.78
C ASN F 1734 80.12 -4.22 -48.94
N SER F 1735 80.79 -3.80 -47.86
CA SER F 1735 81.44 -2.49 -47.85
C SER F 1735 82.48 -2.36 -48.97
N LYS F 1736 83.19 -3.43 -49.29
CA LYS F 1736 84.18 -3.37 -50.36
C LYS F 1736 83.55 -3.21 -51.74
N ASN F 1737 82.23 -3.40 -51.85
CA ASN F 1737 81.55 -3.25 -53.13
C ASN F 1737 80.80 -1.92 -53.26
N ILE F 1738 81.08 -0.95 -52.40
CA ILE F 1738 80.38 0.33 -52.41
C ILE F 1738 81.37 1.41 -52.80
N GLN F 1739 81.04 2.14 -53.86
CA GLN F 1739 81.91 3.16 -54.44
C GLN F 1739 83.27 2.58 -54.83
N SER F 1740 83.23 1.45 -55.53
CA SER F 1740 84.43 0.72 -55.92
C SER F 1740 84.69 0.87 -57.41
N LYS F 1741 85.98 0.86 -57.76
CA LYS F 1741 86.35 0.96 -59.17
C LYS F 1741 85.86 -0.24 -59.97
N ASP F 1742 85.71 -1.39 -59.31
CA ASP F 1742 85.29 -2.59 -60.03
C ASP F 1742 83.89 -2.45 -60.61
N SER F 1743 82.97 -1.88 -59.84
CA SER F 1743 81.60 -1.72 -60.30
C SER F 1743 81.52 -0.81 -61.52
N TYR F 1744 82.31 0.25 -61.53
CA TYR F 1744 82.30 1.19 -62.65
C TYR F 1744 82.92 0.57 -63.89
N SER G 5 -66.09 103.26 -56.85
CA SER G 5 -65.08 102.65 -55.99
C SER G 5 -64.92 101.18 -56.30
N THR G 6 -63.91 100.55 -55.70
CA THR G 6 -63.64 99.14 -55.96
C THR G 6 -63.01 98.52 -54.71
N ARG G 7 -63.78 97.74 -53.98
CA ARG G 7 -63.23 96.99 -52.86
C ARG G 7 -62.36 95.84 -53.39
N PRO G 8 -61.27 95.51 -52.70
CA PRO G 8 -60.37 94.46 -53.21
C PRO G 8 -60.69 93.08 -52.66
N LEU G 9 -60.16 92.07 -53.35
CA LEU G 9 -60.25 90.68 -52.92
C LEU G 9 -59.00 89.95 -53.39
N THR G 10 -58.76 88.79 -52.79
CA THR G 10 -57.52 88.04 -53.01
C THR G 10 -57.84 86.63 -53.50
N LEU G 11 -57.70 86.40 -54.80
CA LEU G 11 -57.66 85.04 -55.31
C LEU G 11 -56.35 84.42 -54.85
N SER G 12 -56.45 83.44 -53.95
CA SER G 12 -55.27 82.88 -53.29
C SER G 12 -55.24 81.37 -53.45
N HIS G 13 -54.02 80.83 -53.52
CA HIS G 13 -53.79 79.40 -53.60
C HIS G 13 -52.65 79.08 -52.65
N GLY G 14 -52.98 78.81 -51.39
CA GLY G 14 -51.94 78.49 -50.42
C GLY G 14 -50.90 79.59 -50.35
N SER G 15 -49.63 79.19 -50.43
CA SER G 15 -48.54 80.16 -50.27
C SER G 15 -48.66 81.30 -51.27
N LEU G 16 -48.77 80.97 -52.55
CA LEU G 16 -48.92 81.98 -53.59
C LEU G 16 -50.34 82.50 -53.60
N GLU G 17 -50.49 83.81 -53.76
CA GLU G 17 -51.81 84.43 -53.84
C GLU G 17 -51.70 85.74 -54.60
N HIS G 18 -52.83 86.17 -55.15
CA HIS G 18 -52.91 87.38 -55.93
C HIS G 18 -54.11 88.21 -55.50
N VAL G 19 -53.97 89.53 -55.58
CA VAL G 19 -54.99 90.47 -55.12
C VAL G 19 -55.65 91.12 -56.33
N LEU G 20 -56.98 91.14 -56.33
CA LEU G 20 -57.75 91.77 -57.39
C LEU G 20 -58.60 92.89 -56.79
N LEU G 21 -58.76 93.97 -57.57
CA LEU G 21 -59.49 95.16 -57.14
C LEU G 21 -60.77 95.26 -57.95
N VAL G 22 -61.81 94.57 -57.50
CA VAL G 22 -63.09 94.52 -58.22
C VAL G 22 -63.88 95.78 -57.90
N PRO G 23 -64.68 96.31 -58.83
CA PRO G 23 -65.56 97.42 -58.48
C PRO G 23 -66.55 96.99 -57.40
N THR G 24 -66.97 97.96 -56.59
CA THR G 24 -67.93 97.67 -55.53
C THR G 24 -69.27 97.18 -56.10
N ALA G 25 -69.61 97.57 -57.32
CA ALA G 25 -70.92 97.22 -57.87
C ALA G 25 -71.10 95.71 -57.99
N SER G 26 -70.08 95.01 -58.48
CA SER G 26 -70.16 93.57 -58.70
C SER G 26 -69.30 92.79 -57.70
N PHE G 27 -69.09 93.37 -56.52
CA PHE G 27 -68.25 92.69 -55.53
C PHE G 27 -68.87 91.37 -55.11
N PHE G 28 -70.19 91.31 -54.97
CA PHE G 28 -70.80 90.06 -54.54
C PHE G 28 -70.69 88.98 -55.62
N ILE G 29 -70.87 89.35 -56.88
CA ILE G 29 -70.70 88.37 -57.95
C ILE G 29 -69.26 87.87 -57.97
N ALA G 30 -68.31 88.79 -57.83
CA ALA G 30 -66.91 88.39 -57.80
C ALA G 30 -66.63 87.48 -56.61
N SER G 31 -67.21 87.79 -55.45
CA SER G 31 -66.94 86.99 -54.26
C SER G 31 -67.54 85.60 -54.36
N GLN G 32 -68.75 85.47 -54.91
CA GLN G 32 -69.31 84.14 -55.08
C GLN G 32 -68.49 83.33 -56.08
N LEU G 33 -68.08 83.95 -57.18
CA LEU G 33 -67.23 83.24 -58.14
C LEU G 33 -65.92 82.84 -57.49
N GLN G 34 -65.36 83.73 -56.67
CA GLN G 34 -64.13 83.41 -55.95
C GLN G 34 -64.32 82.19 -55.05
N GLU G 35 -65.42 82.17 -54.28
CA GLU G 35 -65.65 81.04 -53.40
C GLU G 35 -65.78 79.74 -54.18
N GLN G 36 -66.54 79.77 -55.28
CA GLN G 36 -66.61 78.60 -56.14
C GLN G 36 -65.22 78.18 -56.61
N PHE G 37 -64.39 79.16 -56.96
CA PHE G 37 -63.05 78.86 -57.46
C PHE G 37 -62.18 78.20 -56.39
N ASN G 38 -62.22 78.72 -55.15
CA ASN G 38 -61.53 78.01 -54.07
C ASN G 38 -62.12 76.63 -53.87
N LYS G 39 -63.42 76.46 -54.12
CA LYS G 39 -64.03 75.16 -53.93
C LYS G 39 -63.52 74.15 -54.95
N ILE G 40 -63.29 74.59 -56.19
CA ILE G 40 -62.79 73.68 -57.22
C ILE G 40 -61.26 73.65 -57.30
N LEU G 41 -60.55 74.34 -56.39
CA LEU G 41 -59.10 74.39 -56.49
C LEU G 41 -58.46 73.56 -55.37
N PRO G 42 -57.55 72.62 -55.69
CA PRO G 42 -57.07 71.66 -54.70
C PRO G 42 -56.09 72.26 -53.69
N GLU G 43 -55.94 71.60 -52.56
CA GLU G 43 -55.05 72.11 -51.53
C GLU G 43 -53.65 72.34 -52.07
N PRO G 44 -52.98 73.38 -51.57
CA PRO G 44 -51.61 73.65 -52.01
C PRO G 44 -50.64 72.61 -51.47
N THR G 45 -49.51 72.44 -52.14
CA THR G 45 -48.50 71.50 -51.70
C THR G 45 -47.14 72.17 -51.70
N GLU G 46 -46.23 71.61 -50.90
CA GLU G 46 -44.87 72.15 -50.86
C GLU G 46 -44.25 72.03 -52.24
N GLY G 47 -43.60 73.10 -52.69
CA GLY G 47 -42.98 73.13 -53.99
C GLY G 47 -43.95 73.18 -55.16
N PHE G 48 -45.25 73.00 -54.93
CA PHE G 48 -46.25 73.00 -56.00
C PHE G 48 -45.82 72.13 -57.17
N ALA G 49 -45.04 71.09 -56.89
CA ALA G 49 -44.56 70.20 -57.92
C ALA G 49 -45.66 69.29 -58.47
N ALA G 50 -46.84 69.28 -57.87
CA ALA G 50 -47.93 68.43 -58.32
C ALA G 50 -48.71 69.13 -59.44
N ASP G 51 -49.69 68.42 -59.99
CA ASP G 51 -50.53 68.93 -61.06
C ASP G 51 -51.83 69.47 -60.50
N ASP G 52 -52.54 70.23 -61.32
CA ASP G 52 -53.83 70.83 -60.98
C ASP G 52 -53.70 71.93 -59.92
N GLU G 53 -52.49 72.41 -59.66
CA GLU G 53 -52.26 73.47 -58.69
C GLU G 53 -51.31 74.49 -59.31
N PRO G 54 -51.68 75.77 -59.34
CA PRO G 54 -50.75 76.77 -59.87
C PRO G 54 -49.44 76.78 -59.11
N THR G 55 -48.40 77.28 -59.79
CA THR G 55 -47.11 77.51 -59.15
C THR G 55 -46.74 78.98 -59.06
N THR G 56 -47.36 79.84 -59.85
CA THR G 56 -47.09 81.27 -59.83
C THR G 56 -48.41 82.02 -59.91
N PRO G 57 -48.44 83.28 -59.46
CA PRO G 57 -49.71 84.02 -59.48
C PRO G 57 -50.31 84.14 -60.87
N ALA G 58 -49.49 84.22 -61.91
CA ALA G 58 -50.02 84.25 -63.27
C ALA G 58 -50.87 83.02 -63.55
N GLU G 59 -50.38 81.85 -63.14
CA GLU G 59 -51.13 80.62 -63.33
C GLU G 59 -52.46 80.66 -62.59
N LEU G 60 -52.46 81.17 -61.36
CA LEU G 60 -53.69 81.25 -60.58
C LEU G 60 -54.71 82.17 -61.25
N VAL G 61 -54.26 83.33 -61.71
CA VAL G 61 -55.19 84.24 -62.37
C VAL G 61 -55.73 83.62 -63.64
N GLY G 62 -54.87 82.95 -64.41
CA GLY G 62 -55.34 82.29 -65.62
C GLY G 62 -56.34 81.19 -65.33
N LYS G 63 -56.13 80.46 -64.25
CA LYS G 63 -57.07 79.40 -63.87
C LYS G 63 -58.41 79.98 -63.46
N PHE G 64 -58.40 81.06 -62.68
CA PHE G 64 -59.64 81.74 -62.36
C PHE G 64 -60.33 82.21 -63.64
N LEU G 65 -59.53 82.71 -64.57
CA LEU G 65 -60.07 83.22 -65.82
C LEU G 65 -60.76 82.11 -66.60
N GLY G 66 -60.12 80.95 -66.69
CA GLY G 66 -60.72 79.82 -67.37
C GLY G 66 -61.97 79.33 -66.67
N TYR G 67 -61.96 79.34 -65.34
CA TYR G 67 -63.16 78.95 -64.61
C TYR G 67 -64.32 79.89 -64.92
N VAL G 68 -64.07 81.20 -64.91
CA VAL G 68 -65.13 82.15 -65.21
C VAL G 68 -65.60 81.97 -66.65
N SER G 69 -64.67 81.69 -67.57
CA SER G 69 -65.06 81.45 -68.95
C SER G 69 -65.96 80.22 -69.05
N SER G 70 -65.68 79.18 -68.27
CA SER G 70 -66.51 78.00 -68.27
C SER G 70 -67.93 78.33 -67.82
N LEU G 71 -68.07 79.19 -66.81
CA LEU G 71 -69.39 79.66 -66.42
C LEU G 71 -69.93 80.71 -67.38
N VAL G 72 -69.06 81.53 -67.96
CA VAL G 72 -69.50 82.51 -68.93
C VAL G 72 -70.01 81.79 -70.18
N GLU G 73 -71.17 82.20 -70.66
CA GLU G 73 -71.76 81.59 -71.85
C GLU G 73 -72.47 82.67 -72.67
N PRO G 74 -71.94 83.03 -73.86
CA PRO G 74 -72.62 84.02 -74.69
C PRO G 74 -74.02 83.57 -75.10
N GLY G 78 -73.93 86.34 -69.49
CA GLY G 78 -74.22 87.72 -69.15
C GLY G 78 -73.97 88.01 -67.68
N GLN G 79 -74.26 87.04 -66.82
CA GLN G 79 -74.08 87.23 -65.38
C GLN G 79 -72.65 87.61 -65.05
N PHE G 80 -71.70 86.71 -65.31
CA PHE G 80 -70.32 86.88 -64.92
C PHE G 80 -69.47 87.54 -66.00
N ASP G 81 -70.10 88.11 -67.02
CA ASP G 81 -69.35 88.70 -68.11
C ASP G 81 -68.50 89.88 -67.64
N GLN G 82 -69.08 90.76 -66.84
CA GLN G 82 -68.37 91.98 -66.45
C GLN G 82 -67.15 91.64 -65.60
N VAL G 83 -67.28 90.72 -64.66
CA VAL G 83 -66.13 90.31 -63.87
C VAL G 83 -65.13 89.59 -64.75
N LEU G 84 -65.60 88.81 -65.74
CA LEU G 84 -64.68 88.18 -66.67
C LEU G 84 -63.81 89.24 -67.34
N ASN G 85 -64.43 90.29 -67.87
CA ASN G 85 -63.66 91.34 -68.53
C ASN G 85 -62.74 92.05 -67.54
N LEU G 86 -63.22 92.32 -66.33
CA LEU G 86 -62.41 93.05 -65.36
C LEU G 86 -61.14 92.27 -65.01
N CYS G 87 -61.29 90.99 -64.69
CA CYS G 87 -60.13 90.20 -64.35
C CYS G 87 -59.27 89.89 -65.57
N LEU G 88 -59.89 89.79 -66.75
CA LEU G 88 -59.11 89.70 -67.99
C LEU G 88 -58.17 90.89 -68.11
N THR G 89 -58.71 92.10 -67.91
CA THR G 89 -57.90 93.30 -68.03
C THR G 89 -56.83 93.36 -66.95
N GLU G 90 -57.18 92.98 -65.73
CA GLU G 90 -56.19 93.01 -64.65
C GLU G 90 -55.04 92.05 -64.95
N PHE G 91 -55.37 90.83 -65.39
CA PHE G 91 -54.33 89.86 -65.74
C PHE G 91 -53.46 90.37 -66.87
N GLU G 92 -54.09 90.96 -67.90
CA GLU G 92 -53.32 91.49 -69.02
C GLU G 92 -52.37 92.61 -68.56
N ASN G 93 -52.88 93.53 -67.73
CA ASN G 93 -52.10 94.70 -67.38
C ASN G 93 -50.98 94.38 -66.40
N CYS G 94 -51.17 93.35 -65.58
CA CYS G 94 -50.11 93.00 -64.64
C CYS G 94 -49.10 92.04 -65.23
N TYR G 95 -49.56 91.05 -66.00
CA TYR G 95 -48.68 89.99 -66.47
C TYR G 95 -48.36 90.07 -67.96
N LEU G 96 -49.28 90.59 -68.78
CA LEU G 96 -49.03 90.77 -70.21
C LEU G 96 -48.71 92.24 -70.46
N GLU G 97 -47.45 92.60 -70.21
CA GLU G 97 -47.01 93.98 -70.38
C GLU G 97 -46.93 94.34 -71.85
N GLY G 98 -48.08 94.47 -72.50
CA GLY G 98 -48.08 94.77 -73.93
C GLY G 98 -47.33 93.73 -74.73
N ASN G 99 -47.45 92.46 -74.33
CA ASN G 99 -46.75 91.37 -75.00
C ASN G 99 -47.71 90.21 -75.18
N ASP G 100 -47.39 89.35 -76.15
CA ASP G 100 -48.26 88.23 -76.47
C ASP G 100 -48.28 87.20 -75.35
N ILE G 101 -49.38 86.46 -75.29
CA ILE G 101 -49.52 85.43 -74.24
C ILE G 101 -48.42 84.40 -74.34
N HIS G 102 -48.01 84.07 -75.58
CA HIS G 102 -46.95 83.09 -75.75
C HIS G 102 -45.64 83.58 -75.16
N ALA G 103 -45.38 84.88 -75.24
CA ALA G 103 -44.20 85.43 -74.58
C ALA G 103 -44.27 85.21 -73.07
N LEU G 104 -45.45 85.42 -72.47
CA LEU G 104 -45.60 85.17 -71.05
C LEU G 104 -45.39 83.70 -70.71
N ALA G 105 -45.94 82.81 -71.52
CA ALA G 105 -45.76 81.38 -71.26
C ALA G 105 -44.30 80.99 -71.34
N ALA G 106 -43.59 81.51 -72.35
CA ALA G 106 -42.17 81.24 -72.48
C ALA G 106 -41.40 81.77 -71.29
N LYS G 107 -41.76 82.98 -70.82
CA LYS G 107 -41.12 83.53 -69.63
C LYS G 107 -41.34 82.61 -68.43
N LEU G 108 -42.58 82.17 -68.24
CA LEU G 108 -42.88 81.31 -67.09
C LEU G 108 -42.09 80.02 -67.16
N LEU G 109 -41.97 79.43 -68.34
CA LEU G 109 -41.16 78.21 -68.48
C LEU G 109 -39.69 78.50 -68.17
N GLN G 110 -39.12 79.50 -68.81
CA GLN G 110 -37.67 79.70 -68.74
C GLN G 110 -37.23 80.12 -67.35
N GLU G 111 -37.88 81.11 -66.78
CA GLU G 111 -37.41 81.68 -65.51
C GLU G 111 -38.05 80.97 -64.32
N ASN G 112 -39.37 80.98 -64.24
CA ASN G 112 -40.05 80.31 -63.15
C ASN G 112 -40.01 78.79 -63.36
N ASP G 113 -40.27 78.06 -62.28
CA ASP G 113 -40.28 76.60 -62.32
C ASP G 113 -41.71 76.11 -62.57
N THR G 114 -42.17 76.36 -63.80
CA THR G 114 -43.47 75.91 -64.26
C THR G 114 -43.32 74.83 -65.32
N THR G 115 -44.22 73.85 -65.28
CA THR G 115 -44.21 72.77 -66.25
C THR G 115 -44.81 73.23 -67.58
N LEU G 116 -44.34 72.61 -68.66
CA LEU G 116 -44.85 72.96 -69.98
C LEU G 116 -46.35 72.79 -70.05
N VAL G 117 -46.88 71.75 -69.38
CA VAL G 117 -48.31 71.50 -69.40
C VAL G 117 -49.06 72.65 -68.74
N LYS G 118 -48.55 73.15 -67.62
CA LYS G 118 -49.20 74.25 -66.94
C LYS G 118 -49.21 75.50 -67.83
N THR G 119 -48.10 75.76 -68.53
CA THR G 119 -48.07 76.91 -69.42
C THR G 119 -49.06 76.77 -70.55
N LYS G 120 -49.17 75.58 -71.13
CA LYS G 120 -50.18 75.35 -72.16
C LYS G 120 -51.58 75.58 -71.61
N GLU G 121 -51.83 75.14 -70.39
CA GLU G 121 -53.14 75.35 -69.77
C GLU G 121 -53.41 76.84 -69.58
N LEU G 122 -52.39 77.59 -69.17
CA LEU G 122 -52.56 79.03 -69.00
C LEU G 122 -52.89 79.69 -70.35
N ILE G 123 -52.18 79.29 -71.40
CA ILE G 123 -52.46 79.82 -72.73
C ILE G 123 -53.90 79.50 -73.12
N LYS G 124 -54.32 78.26 -72.88
CA LYS G 124 -55.68 77.85 -73.20
C LYS G 124 -56.70 78.72 -72.48
N ASN G 125 -56.53 78.86 -71.16
CA ASN G 125 -57.45 79.67 -70.38
C ASN G 125 -57.53 81.09 -70.92
N TYR G 126 -56.37 81.73 -71.09
CA TYR G 126 -56.38 83.13 -71.50
C TYR G 126 -57.02 83.30 -72.87
N ILE G 127 -56.68 82.43 -73.82
CA ILE G 127 -57.18 82.61 -75.18
C ILE G 127 -58.67 82.32 -75.25
N THR G 128 -59.12 81.26 -74.59
CA THR G 128 -60.55 80.95 -74.60
C THR G 128 -61.34 82.05 -73.92
N ALA G 129 -60.80 82.63 -72.84
CA ALA G 129 -61.47 83.75 -72.19
C ALA G 129 -61.53 84.96 -73.12
N ARG G 130 -60.42 85.28 -73.78
CA ARG G 130 -60.40 86.42 -74.68
C ARG G 130 -61.48 86.28 -75.74
N ILE G 131 -61.62 85.08 -76.31
CA ILE G 131 -62.66 84.91 -77.31
C ILE G 131 -64.03 84.99 -76.68
N MET G 132 -64.21 84.39 -75.50
CA MET G 132 -65.52 84.35 -74.87
C MET G 132 -65.98 85.73 -74.44
N ALA G 133 -65.05 86.66 -74.21
CA ALA G 133 -65.37 87.99 -73.73
C ALA G 133 -65.58 88.99 -74.85
N LYS G 134 -65.85 88.53 -76.07
CA LYS G 134 -66.08 89.41 -77.22
C LYS G 134 -64.88 90.33 -77.43
N ARG G 135 -63.68 89.81 -77.18
CA ARG G 135 -62.43 90.55 -77.39
C ARG G 135 -61.53 89.71 -78.29
N PRO G 136 -61.94 89.47 -79.53
CA PRO G 136 -61.10 88.68 -80.43
C PRO G 136 -59.78 89.37 -80.73
N PHE G 137 -58.95 88.75 -81.57
CA PHE G 137 -57.66 89.31 -81.87
C PHE G 137 -57.69 90.02 -83.22
N ASP G 138 -58.82 90.65 -83.52
CA ASP G 138 -58.99 91.34 -84.81
C ASP G 138 -57.91 92.41 -85.00
N LYS G 139 -57.59 93.17 -83.96
CA LYS G 139 -56.54 94.17 -84.08
C LYS G 139 -55.22 93.49 -84.44
N LYS G 140 -54.55 94.02 -85.45
CA LYS G 140 -53.29 93.46 -85.89
C LYS G 140 -52.23 93.58 -84.80
N SER G 141 -51.38 92.57 -84.71
CA SER G 141 -50.28 92.57 -83.76
C SER G 141 -49.16 93.48 -84.23
N ASN G 142 -48.24 93.77 -83.31
CA ASN G 142 -47.02 94.49 -83.61
C ASN G 142 -45.80 93.62 -83.27
N SER G 143 -45.87 92.34 -83.63
CA SER G 143 -44.75 91.45 -83.41
C SER G 143 -43.51 91.98 -84.12
N ALA G 144 -42.36 91.88 -83.43
CA ALA G 144 -41.14 92.43 -83.99
C ALA G 144 -40.81 91.81 -85.34
N LEU G 145 -41.04 90.50 -85.48
CA LEU G 145 -40.66 89.81 -86.70
C LEU G 145 -41.43 90.35 -87.90
N PHE G 146 -42.76 90.44 -87.79
CA PHE G 146 -43.54 90.89 -88.92
C PHE G 146 -43.37 92.38 -89.18
N ARG G 147 -43.12 93.16 -88.13
CA ARG G 147 -42.74 94.56 -88.34
C ARG G 147 -41.47 94.64 -89.18
N ALA G 148 -40.47 93.83 -88.84
CA ALA G 148 -39.23 93.82 -89.60
C ALA G 148 -39.49 93.43 -91.05
N VAL G 149 -40.33 92.42 -91.25
CA VAL G 149 -40.64 91.99 -92.61
C VAL G 149 -41.27 93.15 -93.39
N GLY G 150 -42.25 93.82 -92.79
CA GLY G 150 -42.88 94.94 -93.46
C GLY G 150 -41.90 96.04 -93.79
N GLU G 151 -40.99 96.33 -92.87
CA GLU G 151 -39.99 97.37 -93.10
C GLU G 151 -38.92 96.96 -94.11
N GLY G 152 -38.94 95.71 -94.57
CA GLY G 152 -37.92 95.20 -95.46
C GLY G 152 -36.69 94.65 -94.78
N ASN G 153 -36.68 94.62 -93.45
CA ASN G 153 -35.50 94.14 -92.73
C ASN G 153 -35.36 92.63 -92.82
N ALA G 154 -36.46 91.90 -93.00
CA ALA G 154 -36.45 90.45 -92.95
C ALA G 154 -37.27 89.86 -94.09
N GLN G 155 -36.91 88.63 -94.47
CA GLN G 155 -37.61 87.87 -95.49
C GLN G 155 -38.04 86.54 -94.91
N LEU G 156 -39.30 86.17 -95.14
CA LEU G 156 -39.89 84.97 -94.55
C LEU G 156 -40.26 83.98 -95.64
N VAL G 157 -39.90 82.72 -95.43
CA VAL G 157 -40.31 81.59 -96.26
C VAL G 157 -40.88 80.53 -95.34
N ALA G 158 -42.02 79.96 -95.72
CA ALA G 158 -42.70 78.96 -94.91
C ALA G 158 -42.46 77.58 -95.51
N ILE G 159 -42.11 76.62 -94.66
CA ILE G 159 -41.85 75.26 -95.07
C ILE G 159 -42.76 74.32 -94.29
N PHE G 160 -43.20 73.26 -94.94
CA PHE G 160 -44.09 72.26 -94.35
C PHE G 160 -43.46 70.89 -94.47
N GLY G 161 -43.39 70.18 -93.36
CA GLY G 161 -42.81 68.85 -93.32
C GLY G 161 -43.75 67.81 -93.87
N GLY G 162 -43.43 66.55 -93.56
CA GLY G 162 -44.25 65.44 -94.01
C GLY G 162 -44.09 64.21 -93.14
N GLN G 163 -44.12 63.03 -93.76
CA GLN G 163 -43.99 61.80 -93.01
C GLN G 163 -42.56 61.61 -92.51
N GLY G 164 -42.43 60.85 -91.43
CA GLY G 164 -41.16 60.43 -90.92
C GLY G 164 -40.63 61.25 -89.75
N ASN G 165 -41.18 62.43 -89.52
CA ASN G 165 -40.64 63.30 -88.48
C ASN G 165 -40.84 62.71 -87.10
N THR G 166 -41.98 62.07 -86.86
CA THR G 166 -42.27 61.53 -85.54
C THR G 166 -43.25 60.36 -85.69
N ASP G 167 -43.32 59.55 -84.64
CA ASP G 167 -44.18 58.38 -84.61
C ASP G 167 -45.50 58.64 -83.91
N ASP G 168 -45.74 59.84 -83.40
CA ASP G 168 -46.87 60.08 -82.51
C ASP G 168 -47.53 61.41 -82.84
N TYR G 169 -47.63 61.72 -84.14
CA TYR G 169 -48.12 63.02 -84.59
C TYR G 169 -49.54 63.29 -84.10
N PHE G 170 -50.35 62.26 -83.94
CA PHE G 170 -51.71 62.49 -83.49
C PHE G 170 -51.73 63.16 -82.13
N GLU G 171 -50.66 63.01 -81.35
CA GLU G 171 -50.56 63.76 -80.09
C GLU G 171 -50.45 65.25 -80.35
N GLU G 172 -49.69 65.63 -81.38
CA GLU G 172 -49.62 67.04 -81.74
C GLU G 172 -50.98 67.54 -82.20
N LEU G 173 -51.71 66.74 -82.97
CA LEU G 173 -53.06 67.14 -83.35
C LEU G 173 -53.94 67.30 -82.10
N ARG G 174 -53.80 66.38 -81.15
CA ARG G 174 -54.59 66.45 -79.92
C ARG G 174 -54.32 67.73 -79.15
N ASP G 175 -53.04 68.07 -78.96
CA ASP G 175 -52.71 69.29 -78.23
C ASP G 175 -53.22 70.52 -78.98
N LEU G 176 -53.04 70.55 -80.30
CA LEU G 176 -53.50 71.69 -81.07
C LEU G 176 -55.02 71.82 -80.99
N TYR G 177 -55.72 70.69 -80.80
CA TYR G 177 -57.16 70.75 -80.62
C TYR G 177 -57.55 71.23 -79.23
N GLN G 178 -56.83 70.75 -78.21
CA GLN G 178 -57.21 71.04 -76.82
C GLN G 178 -56.90 72.49 -76.47
N THR G 179 -55.66 72.93 -76.73
CA THR G 179 -55.26 74.27 -76.31
C THR G 179 -55.95 75.35 -77.12
N TYR G 180 -56.01 75.17 -78.45
CA TYR G 180 -56.57 76.17 -79.35
C TYR G 180 -57.94 75.78 -79.86
N HIS G 181 -58.71 75.05 -79.05
CA HIS G 181 -60.03 74.60 -79.48
C HIS G 181 -60.83 75.75 -80.08
N VAL G 182 -60.77 76.92 -79.45
CA VAL G 182 -61.58 78.06 -79.87
C VAL G 182 -61.06 78.70 -81.14
N LEU G 183 -59.86 78.35 -81.60
CA LEU G 183 -59.32 78.90 -82.85
C LEU G 183 -59.35 77.94 -84.02
N VAL G 184 -59.23 76.65 -83.77
CA VAL G 184 -59.15 75.67 -84.84
C VAL G 184 -60.25 74.62 -84.77
N GLY G 185 -61.25 74.82 -83.91
CA GLY G 185 -62.33 73.86 -83.81
C GLY G 185 -63.09 73.75 -85.12
N ASP G 186 -63.43 74.89 -85.72
CA ASP G 186 -64.14 74.86 -87.00
C ASP G 186 -63.30 74.20 -88.07
N LEU G 187 -62.02 74.52 -88.13
CA LEU G 187 -61.13 73.92 -89.11
C LEU G 187 -61.13 72.40 -88.97
N ILE G 188 -60.93 71.91 -87.75
CA ILE G 188 -60.83 70.46 -87.56
C ILE G 188 -62.17 69.79 -87.84
N LYS G 189 -63.28 70.41 -87.42
CA LYS G 189 -64.58 69.82 -87.66
C LYS G 189 -64.88 69.75 -89.16
N PHE G 190 -64.57 70.81 -89.89
CA PHE G 190 -64.73 70.77 -91.34
C PHE G 190 -63.85 69.69 -91.96
N SER G 191 -62.63 69.53 -91.45
CA SER G 191 -61.75 68.48 -91.95
C SER G 191 -62.35 67.10 -91.73
N ALA G 192 -62.86 66.84 -90.53
CA ALA G 192 -63.46 65.55 -90.25
C ALA G 192 -64.68 65.30 -91.15
N GLU G 193 -65.52 66.33 -91.33
CA GLU G 193 -66.73 66.15 -92.12
C GLU G 193 -66.38 65.86 -93.57
N THR G 194 -65.46 66.63 -94.15
CA THR G 194 -65.07 66.38 -95.53
C THR G 194 -64.35 65.04 -95.69
N LEU G 195 -63.55 64.64 -94.70
CA LEU G 195 -62.91 63.33 -94.78
C LEU G 195 -63.94 62.22 -94.77
N SER G 196 -64.94 62.31 -93.89
CA SER G 196 -65.98 61.29 -93.84
C SER G 196 -66.76 61.24 -95.15
N GLU G 197 -67.07 62.41 -95.71
CA GLU G 197 -67.77 62.45 -96.99
C GLU G 197 -66.94 61.82 -98.09
N LEU G 198 -65.64 62.10 -98.13
CA LEU G 198 -64.77 61.49 -99.13
C LEU G 198 -64.72 59.97 -98.95
N ILE G 199 -64.65 59.52 -97.70
CA ILE G 199 -64.66 58.08 -97.45
C ILE G 199 -65.92 57.46 -98.00
N ARG G 200 -67.07 58.06 -97.68
CA ARG G 200 -68.34 57.50 -98.12
C ARG G 200 -68.46 57.49 -99.63
N THR G 201 -68.02 58.57 -100.29
CA THR G 201 -68.15 58.65 -101.74
C THR G 201 -67.10 57.80 -102.46
N THR G 202 -65.91 57.67 -101.88
CA THR G 202 -64.87 56.85 -102.51
C THR G 202 -65.25 55.39 -102.48
N LEU G 203 -64.88 54.66 -103.53
CA LEU G 203 -65.37 53.30 -103.72
C LEU G 203 -64.89 52.35 -102.62
N ASP G 204 -63.58 52.30 -102.38
CA ASP G 204 -63.01 51.31 -101.48
C ASP G 204 -62.37 51.93 -100.25
N ALA G 205 -62.71 53.18 -99.92
CA ALA G 205 -62.08 53.83 -98.79
C ALA G 205 -62.32 53.05 -97.50
N GLU G 206 -63.58 52.74 -97.20
CA GLU G 206 -63.89 52.02 -95.97
C GLU G 206 -63.14 50.70 -95.88
N LYS G 207 -62.84 50.07 -97.02
CA LYS G 207 -62.04 48.85 -96.98
C LYS G 207 -60.67 49.13 -96.37
N VAL G 208 -60.05 50.24 -96.76
CA VAL G 208 -58.77 50.63 -96.17
C VAL G 208 -58.96 51.08 -94.73
N PHE G 209 -59.95 51.95 -94.49
CA PHE G 209 -60.22 52.48 -93.16
C PHE G 209 -60.99 51.43 -92.37
N THR G 210 -60.25 50.43 -91.89
CA THR G 210 -60.88 49.35 -91.14
C THR G 210 -61.48 49.84 -89.84
N GLN G 211 -60.81 50.75 -89.14
CA GLN G 211 -61.25 51.22 -87.84
C GLN G 211 -61.94 52.58 -87.92
N GLY G 212 -62.22 53.08 -89.12
CA GLY G 212 -62.92 54.33 -89.28
C GLY G 212 -62.00 55.54 -89.19
N LEU G 213 -62.58 56.71 -89.47
CA LEU G 213 -61.85 57.97 -89.46
C LEU G 213 -62.66 59.03 -88.71
N ASN G 214 -63.12 58.68 -87.52
CA ASN G 214 -63.85 59.62 -86.65
C ASN G 214 -62.84 60.34 -85.76
N ILE G 215 -62.17 61.33 -86.35
CA ILE G 215 -61.11 62.02 -85.62
C ILE G 215 -61.66 62.80 -84.44
N LEU G 216 -62.88 63.36 -84.59
CA LEU G 216 -63.48 64.08 -83.47
C LEU G 216 -63.69 63.16 -82.28
N GLU G 217 -64.17 61.93 -82.54
CA GLU G 217 -64.34 60.98 -81.45
C GLU G 217 -63.02 60.66 -80.77
N TRP G 218 -61.96 60.46 -81.56
CA TRP G 218 -60.66 60.12 -80.98
C TRP G 218 -60.13 61.28 -80.14
N LEU G 219 -60.23 62.50 -80.65
CA LEU G 219 -59.77 63.66 -79.89
C LEU G 219 -60.56 63.82 -78.60
N GLU G 220 -61.87 63.57 -78.65
CA GLU G 220 -62.69 63.69 -77.45
C GLU G 220 -62.31 62.66 -76.41
N ASN G 221 -62.13 61.40 -76.82
CA ASN G 221 -61.86 60.30 -75.90
C ASN G 221 -60.55 59.62 -76.29
N PRO G 222 -59.44 59.97 -75.64
CA PRO G 222 -58.19 59.26 -75.93
C PRO G 222 -58.27 57.77 -75.67
N SER G 223 -59.13 57.34 -74.75
CA SER G 223 -59.20 55.93 -74.38
C SER G 223 -59.61 55.07 -75.56
N ASN G 224 -60.50 55.59 -76.42
CA ASN G 224 -60.98 54.88 -77.59
C ASN G 224 -60.37 55.39 -78.88
N THR G 225 -59.12 55.83 -78.83
CA THR G 225 -58.37 56.19 -80.03
C THR G 225 -57.62 54.96 -80.55
N PRO G 226 -57.69 54.64 -81.84
CA PRO G 226 -56.97 53.47 -82.35
C PRO G 226 -55.50 53.49 -81.97
N ASP G 227 -54.85 52.35 -82.15
CA ASP G 227 -53.46 52.21 -81.75
C ASP G 227 -52.55 52.99 -82.70
N LYS G 228 -51.28 53.08 -82.31
CA LYS G 228 -50.34 53.93 -83.04
C LYS G 228 -50.16 53.45 -84.47
N ASP G 229 -50.07 52.14 -84.68
CA ASP G 229 -49.78 51.62 -86.01
C ASP G 229 -50.91 51.94 -86.99
N TYR G 230 -52.16 51.85 -86.55
CA TYR G 230 -53.27 52.17 -87.45
C TYR G 230 -53.30 53.65 -87.77
N LEU G 231 -53.01 54.50 -86.78
CA LEU G 231 -52.92 55.93 -87.03
C LEU G 231 -51.82 56.23 -88.05
N LEU G 232 -50.70 55.52 -87.94
CA LEU G 232 -49.54 55.81 -88.77
C LEU G 232 -49.76 55.37 -90.22
N SER G 233 -50.70 54.48 -90.47
CA SER G 233 -50.99 54.06 -91.84
C SER G 233 -51.33 55.28 -92.70
N ILE G 234 -50.72 55.35 -93.89
CA ILE G 234 -50.74 56.59 -94.66
C ILE G 234 -52.15 57.06 -94.98
N PRO G 235 -53.13 56.19 -95.27
CA PRO G 235 -54.47 56.72 -95.54
C PRO G 235 -55.01 57.56 -94.38
N ILE G 236 -54.53 57.32 -93.17
CA ILE G 236 -54.84 58.17 -92.04
C ILE G 236 -53.88 59.34 -91.95
N SER G 237 -52.57 59.07 -91.94
CA SER G 237 -51.61 60.08 -91.52
C SER G 237 -51.40 61.16 -92.58
N CYS G 238 -51.67 60.88 -93.86
CA CYS G 238 -51.48 61.92 -94.86
C CYS G 238 -52.43 63.08 -94.65
N PRO G 239 -53.76 62.90 -94.77
CA PRO G 239 -54.66 64.02 -94.49
C PRO G 239 -54.56 64.55 -93.08
N LEU G 240 -54.27 63.71 -92.08
CA LEU G 240 -54.16 64.22 -90.72
C LEU G 240 -52.98 65.17 -90.58
N ILE G 241 -51.84 64.84 -91.19
CA ILE G 241 -50.69 65.74 -91.12
C ILE G 241 -50.99 67.03 -91.88
N GLY G 242 -51.71 66.92 -93.00
CA GLY G 242 -52.15 68.12 -93.69
C GLY G 242 -53.00 69.01 -92.81
N VAL G 243 -53.93 68.40 -92.07
CA VAL G 243 -54.80 69.15 -91.17
C VAL G 243 -53.98 69.79 -90.05
N ILE G 244 -53.01 69.06 -89.51
CA ILE G 244 -52.16 69.63 -88.46
C ILE G 244 -51.46 70.87 -88.97
N GLN G 245 -50.90 70.79 -90.17
CA GLN G 245 -50.19 71.96 -90.72
C GLN G 245 -51.14 73.12 -90.97
N LEU G 246 -52.33 72.83 -91.52
CA LEU G 246 -53.29 73.91 -91.76
C LEU G 246 -53.73 74.54 -90.45
N ALA G 247 -53.92 73.73 -89.41
CA ALA G 247 -54.33 74.27 -88.11
C ALA G 247 -53.25 75.16 -87.52
N HIS G 248 -51.98 74.76 -87.64
CA HIS G 248 -50.91 75.62 -87.14
C HIS G 248 -50.84 76.92 -87.92
N TYR G 249 -51.02 76.85 -89.24
CA TYR G 249 -51.08 78.07 -90.04
C TYR G 249 -52.23 78.97 -89.57
N VAL G 250 -53.36 78.36 -89.24
CA VAL G 250 -54.52 79.14 -88.79
C VAL G 250 -54.25 79.84 -87.48
N VAL G 251 -53.66 79.15 -86.52
CA VAL G 251 -53.41 79.75 -85.22
C VAL G 251 -52.51 80.95 -85.38
N THR G 252 -51.42 80.78 -86.12
CA THR G 252 -50.49 81.88 -86.32
C THR G 252 -51.24 83.08 -86.85
N ALA G 253 -51.99 82.90 -87.92
CA ALA G 253 -52.72 84.00 -88.53
C ALA G 253 -53.67 84.62 -87.54
N LYS G 254 -54.48 83.79 -86.90
CA LYS G 254 -55.46 84.30 -85.95
C LYS G 254 -54.81 85.10 -84.83
N LEU G 255 -53.75 84.59 -84.22
CA LEU G 255 -53.10 85.28 -83.12
C LEU G 255 -52.51 86.59 -83.58
N LEU G 256 -52.01 86.63 -84.81
CA LEU G 256 -51.42 87.85 -85.34
C LEU G 256 -52.49 88.77 -85.84
N GLY G 257 -53.75 88.41 -85.63
CA GLY G 257 -54.85 89.24 -86.07
C GLY G 257 -54.77 89.44 -87.55
N PHE G 258 -54.38 88.40 -88.28
CA PHE G 258 -54.27 88.49 -89.72
C PHE G 258 -55.12 87.48 -90.44
N THR G 259 -55.52 87.79 -91.65
CA THR G 259 -56.21 86.82 -92.47
C THR G 259 -55.19 85.91 -93.15
N PRO G 260 -55.60 84.73 -93.61
CA PRO G 260 -54.64 83.87 -94.32
C PRO G 260 -53.99 84.57 -95.50
N GLY G 261 -54.74 85.40 -96.21
CA GLY G 261 -54.17 86.14 -97.32
C GLY G 261 -53.08 87.11 -96.89
N GLU G 262 -53.30 87.83 -95.78
CA GLU G 262 -52.29 88.76 -95.31
C GLU G 262 -51.02 88.04 -94.88
N LEU G 263 -51.17 86.96 -94.11
CA LEU G 263 -50.00 86.20 -93.68
C LEU G 263 -49.25 85.66 -94.88
N ARG G 264 -49.95 85.15 -95.88
CA ARG G 264 -49.28 84.65 -97.07
C ARG G 264 -48.59 85.79 -97.82
N SER G 265 -49.20 86.97 -97.82
CA SER G 265 -48.57 88.11 -98.48
C SER G 265 -47.29 88.51 -97.77
N TYR G 266 -47.21 88.30 -96.46
CA TYR G 266 -45.97 88.55 -95.74
C TYR G 266 -44.84 87.59 -96.09
N LEU G 267 -45.12 86.51 -96.83
CA LEU G 267 -44.13 85.48 -97.09
C LEU G 267 -43.48 85.69 -98.44
N LYS G 268 -42.15 85.52 -98.49
CA LYS G 268 -41.44 85.60 -99.76
C LYS G 268 -41.69 84.38 -100.62
N GLY G 269 -42.01 83.25 -100.00
CA GLY G 269 -42.29 82.03 -100.75
C GLY G 269 -42.64 80.92 -99.78
N ALA G 270 -42.93 79.76 -100.36
CA ALA G 270 -43.32 78.61 -99.57
C ALA G 270 -42.90 77.35 -100.30
N THR G 271 -42.76 76.26 -99.54
CA THR G 271 -42.43 74.96 -100.13
C THR G 271 -42.66 73.91 -99.05
N GLY G 272 -42.52 72.65 -99.43
CA GLY G 272 -42.82 71.56 -98.55
C GLY G 272 -41.96 70.36 -98.82
N HIS G 273 -41.81 69.52 -97.80
CA HIS G 273 -40.96 68.34 -97.84
C HIS G 273 -41.83 67.13 -98.15
N SER G 274 -41.85 66.73 -99.42
CA SER G 274 -42.69 65.62 -99.87
C SER G 274 -44.17 65.97 -99.73
N GLN G 275 -44.83 65.40 -98.72
CA GLN G 275 -46.26 65.62 -98.56
C GLN G 275 -46.57 67.08 -98.23
N GLY G 276 -45.64 67.79 -97.61
CA GLY G 276 -45.88 69.18 -97.22
C GLY G 276 -46.06 70.12 -98.39
N LEU G 277 -45.65 69.72 -99.59
CA LEU G 277 -45.80 70.58 -100.76
C LEU G 277 -47.27 70.90 -101.03
N VAL G 278 -48.15 69.93 -100.78
CA VAL G 278 -49.58 70.17 -100.99
C VAL G 278 -50.07 71.27 -100.05
N THR G 279 -49.69 71.18 -98.78
CA THR G 279 -50.06 72.24 -97.84
C THR G 279 -49.47 73.57 -98.29
N ALA G 280 -48.25 73.55 -98.81
CA ALA G 280 -47.62 74.80 -99.23
C ALA G 280 -48.43 75.47 -100.32
N VAL G 281 -48.79 74.72 -101.36
CA VAL G 281 -49.55 75.32 -102.46
C VAL G 281 -50.95 75.73 -102.00
N ALA G 282 -51.57 74.92 -101.14
CA ALA G 282 -52.90 75.28 -100.64
C ALA G 282 -52.85 76.58 -99.84
N ILE G 283 -51.85 76.74 -98.97
CA ILE G 283 -51.69 77.98 -98.23
C ILE G 283 -51.46 79.14 -99.19
N ALA G 284 -50.62 78.93 -100.21
CA ALA G 284 -50.41 79.96 -101.21
C ALA G 284 -51.71 80.32 -101.92
N GLU G 285 -52.70 79.44 -101.89
CA GLU G 285 -53.99 79.73 -102.53
C GLU G 285 -54.86 80.69 -101.73
N THR G 286 -54.71 80.70 -100.40
CA THR G 286 -55.69 81.36 -99.55
C THR G 286 -55.75 82.86 -99.82
N ASP G 287 -56.94 83.43 -99.66
CA ASP G 287 -57.13 84.87 -99.80
C ASP G 287 -57.83 85.50 -98.59
N SER G 288 -58.86 84.86 -98.06
CA SER G 288 -59.57 85.38 -96.90
C SER G 288 -60.21 84.21 -96.15
N TRP G 289 -60.79 84.50 -94.99
CA TRP G 289 -61.32 83.43 -94.16
C TRP G 289 -62.48 82.68 -94.79
N GLU G 290 -63.16 83.27 -95.78
CA GLU G 290 -64.22 82.55 -96.46
C GLU G 290 -63.65 81.48 -97.40
N SER G 291 -62.67 81.84 -98.21
CA SER G 291 -62.07 80.90 -99.16
C SER G 291 -61.07 79.95 -98.50
N PHE G 292 -60.75 80.16 -97.22
CA PHE G 292 -59.80 79.27 -96.57
C PHE G 292 -60.32 77.85 -96.51
N PHE G 293 -61.61 77.66 -96.23
CA PHE G 293 -62.15 76.30 -96.21
C PHE G 293 -62.11 75.67 -97.59
N VAL G 294 -62.30 76.46 -98.66
CA VAL G 294 -62.14 75.92 -100.01
C VAL G 294 -60.72 75.39 -100.20
N SER G 295 -59.73 76.20 -99.83
CA SER G 295 -58.34 75.75 -99.97
C SER G 295 -58.08 74.51 -99.12
N VAL G 296 -58.63 74.48 -97.90
CA VAL G 296 -58.42 73.35 -97.01
C VAL G 296 -59.01 72.08 -97.61
N ARG G 297 -60.21 72.19 -98.17
CA ARG G 297 -60.83 71.03 -98.80
C ARG G 297 -59.96 70.54 -99.96
N LYS G 298 -59.46 71.45 -100.79
CA LYS G 298 -58.56 71.05 -101.86
C LYS G 298 -57.38 70.24 -101.31
N ALA G 299 -56.71 70.78 -100.29
CA ALA G 299 -55.50 70.16 -99.78
C ALA G 299 -55.79 68.78 -99.19
N ILE G 300 -56.78 68.70 -98.30
CA ILE G 300 -57.03 67.43 -97.62
C ILE G 300 -57.63 66.42 -98.57
N THR G 301 -58.34 66.87 -99.62
CA THR G 301 -58.77 65.92 -100.65
C THR G 301 -57.57 65.30 -101.33
N VAL G 302 -56.61 66.12 -101.74
CA VAL G 302 -55.42 65.59 -102.40
C VAL G 302 -54.69 64.62 -101.49
N LEU G 303 -54.53 64.98 -100.22
CA LEU G 303 -53.80 64.12 -99.28
C LEU G 303 -54.56 62.84 -99.02
N PHE G 304 -55.88 62.91 -98.85
CA PHE G 304 -56.68 61.72 -98.61
C PHE G 304 -56.53 60.75 -99.77
N PHE G 305 -56.60 61.24 -101.00
CA PHE G 305 -56.49 60.34 -102.15
C PHE G 305 -55.07 59.83 -102.33
N ILE G 306 -54.06 60.64 -102.04
CA ILE G 306 -52.69 60.15 -102.04
C ILE G 306 -52.56 58.98 -101.08
N GLY G 307 -53.03 59.16 -99.84
CA GLY G 307 -52.94 58.09 -98.87
C GLY G 307 -53.65 56.84 -99.34
N VAL G 308 -54.88 57.01 -99.83
CA VAL G 308 -55.69 55.84 -100.20
C VAL G 308 -55.04 55.07 -101.35
N ARG G 309 -54.70 55.77 -102.43
CA ARG G 309 -54.17 55.08 -103.60
C ARG G 309 -52.78 54.53 -103.35
N CYS G 310 -51.94 55.26 -102.61
CA CYS G 310 -50.60 54.78 -102.33
C CYS G 310 -50.60 53.62 -101.35
N TYR G 311 -51.60 53.53 -100.49
CA TYR G 311 -51.72 52.35 -99.64
C TYR G 311 -52.26 51.17 -100.45
N GLU G 312 -53.19 51.43 -101.36
CA GLU G 312 -53.69 50.35 -102.21
C GLU G 312 -52.59 49.79 -103.11
N ALA G 313 -51.73 50.65 -103.63
CA ALA G 313 -50.69 50.20 -104.56
C ALA G 313 -49.71 49.28 -103.86
N TYR G 314 -49.23 49.67 -102.67
CA TYR G 314 -48.23 48.91 -101.93
C TYR G 314 -48.62 48.81 -100.46
N PRO G 315 -49.62 47.99 -100.14
CA PRO G 315 -50.01 47.82 -98.74
C PRO G 315 -48.94 47.10 -97.94
N ASN G 316 -48.90 47.41 -96.65
CA ASN G 316 -47.90 46.83 -95.77
C ASN G 316 -48.29 45.39 -95.40
N THR G 317 -47.27 44.54 -95.27
CA THR G 317 -47.46 43.14 -94.92
C THR G 317 -46.51 42.77 -93.80
N SER G 318 -46.87 41.73 -93.06
CA SER G 318 -46.08 41.34 -91.90
C SER G 318 -44.69 40.90 -92.32
N LEU G 319 -43.72 41.22 -91.49
CA LEU G 319 -42.35 40.78 -91.68
C LEU G 319 -42.08 39.53 -90.84
N PRO G 320 -41.25 38.62 -91.33
CA PRO G 320 -40.89 37.45 -90.54
C PRO G 320 -40.35 37.85 -89.18
N PRO G 321 -40.82 37.21 -88.09
CA PRO G 321 -40.35 37.62 -86.76
C PRO G 321 -38.86 37.45 -86.57
N SER G 322 -38.23 36.52 -87.29
CA SER G 322 -36.78 36.38 -87.16
C SER G 322 -36.06 37.67 -87.54
N ILE G 323 -36.53 38.32 -88.61
CA ILE G 323 -35.91 39.58 -89.03
C ILE G 323 -36.16 40.67 -88.00
N LEU G 324 -37.37 40.73 -87.44
CA LEU G 324 -37.63 41.68 -86.38
C LEU G 324 -36.67 41.49 -85.21
N GLU G 325 -36.49 40.24 -84.79
CA GLU G 325 -35.60 39.95 -83.67
C GLU G 325 -34.17 40.34 -84.01
N ASP G 326 -33.70 39.98 -85.21
CA ASP G 326 -32.35 40.32 -85.61
C ASP G 326 -32.14 41.83 -85.62
N SER G 327 -33.11 42.57 -86.13
CA SER G 327 -32.99 44.03 -86.17
C SER G 327 -32.99 44.63 -84.78
N LEU G 328 -33.85 44.14 -83.88
CA LEU G 328 -33.86 44.70 -82.53
C LEU G 328 -32.57 44.38 -81.79
N GLU G 329 -32.05 43.17 -81.95
CA GLU G 329 -30.89 42.75 -81.18
C GLU G 329 -29.63 43.54 -81.51
N ASN G 330 -29.61 44.27 -82.62
CA ASN G 330 -28.46 45.06 -83.02
C ASN G 330 -28.78 46.55 -82.97
N ASN G 331 -29.44 46.99 -81.89
CA ASN G 331 -29.68 48.40 -81.64
C ASN G 331 -30.27 49.08 -82.87
N GLU G 332 -31.05 48.34 -83.63
CA GLU G 332 -31.70 48.83 -84.83
C GLU G 332 -33.20 48.91 -84.56
N GLY G 333 -33.89 49.71 -85.37
CA GLY G 333 -35.31 49.91 -85.21
C GLY G 333 -36.13 48.84 -85.90
N VAL G 334 -37.44 49.03 -85.85
CA VAL G 334 -38.36 48.15 -86.58
C VAL G 334 -38.25 48.47 -88.08
N PRO G 335 -38.06 47.47 -88.93
CA PRO G 335 -37.99 47.76 -90.37
C PRO G 335 -39.25 48.44 -90.88
N SER G 336 -39.07 49.29 -91.88
CA SER G 336 -40.15 50.05 -92.50
C SER G 336 -39.73 50.36 -93.93
N PRO G 337 -40.60 50.97 -94.74
CA PRO G 337 -40.25 51.25 -96.13
C PRO G 337 -39.34 52.45 -96.35
N MET G 338 -38.71 53.01 -95.33
CA MET G 338 -37.82 54.15 -95.51
C MET G 338 -36.70 54.09 -94.48
N LEU G 339 -35.46 54.06 -94.96
CA LEU G 339 -34.28 53.97 -94.11
C LEU G 339 -33.49 55.26 -94.14
N SER G 340 -33.15 55.78 -92.97
CA SER G 340 -32.39 57.00 -92.83
C SER G 340 -30.92 56.66 -92.57
N ILE G 341 -30.04 57.17 -93.42
CA ILE G 341 -28.61 56.93 -93.31
C ILE G 341 -27.91 58.26 -93.16
N SER G 342 -27.17 58.43 -92.06
CA SER G 342 -26.54 59.70 -91.72
C SER G 342 -25.03 59.54 -91.72
N ASN G 343 -24.34 60.64 -92.05
CA ASN G 343 -22.88 60.71 -92.03
C ASN G 343 -22.24 59.91 -93.16
N LEU G 344 -22.81 60.04 -94.36
CA LEU G 344 -22.27 59.37 -95.53
C LEU G 344 -22.66 60.16 -96.77
N THR G 345 -21.75 60.27 -97.72
CA THR G 345 -22.03 61.03 -98.92
C THR G 345 -23.04 60.29 -99.80
N GLN G 346 -23.69 61.05 -100.68
CA GLN G 346 -24.63 60.45 -101.60
C GLN G 346 -23.95 59.39 -102.47
N GLU G 347 -22.68 59.62 -102.83
CA GLU G 347 -21.97 58.64 -103.65
C GLU G 347 -21.81 57.32 -102.92
N GLN G 348 -21.43 57.35 -101.64
CA GLN G 348 -21.24 56.13 -100.88
C GLN G 348 -22.55 55.36 -100.73
N VAL G 349 -23.62 56.08 -100.35
CA VAL G 349 -24.92 55.44 -100.19
C VAL G 349 -25.39 54.86 -101.51
N GLN G 350 -25.15 55.57 -102.62
CA GLN G 350 -25.53 55.04 -103.91
C GLN G 350 -24.72 53.80 -104.24
N ASP G 351 -23.45 53.77 -103.83
CA ASP G 351 -22.63 52.59 -104.04
C ASP G 351 -23.22 51.38 -103.32
N TYR G 352 -23.57 51.55 -102.04
CA TYR G 352 -24.15 50.45 -101.30
C TYR G 352 -25.49 50.05 -101.88
N VAL G 353 -26.29 51.03 -102.31
CA VAL G 353 -27.59 50.74 -102.90
C VAL G 353 -27.42 49.93 -104.16
N ASN G 354 -26.45 50.29 -105.00
CA ASN G 354 -26.19 49.54 -106.23
C ASN G 354 -25.76 48.11 -105.91
N LYS G 355 -24.83 47.97 -104.95
CA LYS G 355 -24.39 46.64 -104.57
C LYS G 355 -25.57 45.77 -104.15
N THR G 356 -26.44 46.30 -103.29
CA THR G 356 -27.60 45.55 -102.85
C THR G 356 -28.54 45.25 -104.03
N ASN G 357 -28.77 46.24 -104.88
CA ASN G 357 -29.77 46.10 -105.94
C ASN G 357 -29.33 45.13 -107.02
N SER G 358 -28.03 44.88 -107.17
CA SER G 358 -27.59 43.92 -108.17
C SER G 358 -28.12 42.52 -107.88
N HIS G 359 -28.26 42.16 -106.60
CA HIS G 359 -28.69 40.83 -106.21
C HIS G 359 -30.20 40.66 -106.20
N LEU G 360 -30.96 41.73 -106.44
CA LEU G 360 -32.40 41.72 -106.24
C LEU G 360 -33.11 41.86 -107.58
N PRO G 361 -34.36 41.37 -107.67
CA PRO G 361 -35.14 41.55 -108.89
C PRO G 361 -35.65 42.97 -109.01
N ALA G 362 -36.20 43.28 -110.18
CA ALA G 362 -36.58 44.65 -110.50
C ALA G 362 -37.64 45.17 -109.53
N GLY G 363 -38.62 44.34 -109.17
CA GLY G 363 -39.72 44.81 -108.35
C GLY G 363 -39.38 45.05 -106.90
N LYS G 364 -38.23 44.55 -106.44
CA LYS G 364 -37.84 44.69 -105.05
C LYS G 364 -36.67 45.64 -104.86
N GLN G 365 -36.25 46.33 -105.91
CA GLN G 365 -35.09 47.22 -105.82
C GLN G 365 -35.39 48.42 -104.93
N VAL G 366 -34.34 48.98 -104.33
CA VAL G 366 -34.45 50.14 -103.47
C VAL G 366 -33.83 51.33 -104.18
N GLU G 367 -34.02 52.51 -103.60
CA GLU G 367 -33.46 53.73 -104.18
C GLU G 367 -33.45 54.83 -103.13
N ILE G 368 -32.64 55.85 -103.39
CA ILE G 368 -32.58 57.02 -102.52
C ILE G 368 -33.81 57.88 -102.79
N SER G 369 -34.56 58.17 -101.74
CA SER G 369 -35.78 58.98 -101.84
C SER G 369 -35.55 60.42 -101.42
N LEU G 370 -35.06 60.65 -100.20
CA LEU G 370 -34.83 61.99 -99.68
C LEU G 370 -33.34 62.27 -99.61
N VAL G 371 -32.89 63.28 -100.36
CA VAL G 371 -31.55 63.82 -100.21
C VAL G 371 -31.71 65.01 -99.26
N ASN G 372 -31.63 64.75 -97.97
CA ASN G 372 -31.87 65.79 -96.97
C ASN G 372 -30.69 66.73 -96.81
N GLY G 373 -29.46 66.22 -96.92
CA GLY G 373 -28.29 67.04 -96.78
C GLY G 373 -27.10 66.38 -97.42
N ALA G 374 -25.93 66.95 -97.17
CA ALA G 374 -24.70 66.36 -97.71
C ALA G 374 -24.47 64.97 -97.11
N LYS G 375 -24.71 64.81 -95.81
CA LYS G 375 -24.50 63.56 -95.09
C LYS G 375 -25.81 62.92 -94.65
N ASN G 376 -26.94 63.43 -95.11
CA ASN G 376 -28.25 62.99 -94.63
C ASN G 376 -29.06 62.49 -95.82
N LEU G 377 -29.28 61.18 -95.88
CA LEU G 377 -29.97 60.56 -97.01
C LEU G 377 -30.98 59.56 -96.48
N VAL G 378 -32.00 59.30 -97.30
CA VAL G 378 -33.05 58.35 -96.97
C VAL G 378 -33.29 57.45 -98.17
N VAL G 379 -33.41 56.16 -97.92
CA VAL G 379 -33.59 55.14 -98.95
C VAL G 379 -34.97 54.52 -98.77
N SER G 380 -35.76 54.49 -99.84
CA SER G 380 -37.10 53.95 -99.81
C SER G 380 -37.18 52.68 -100.64
N GLY G 381 -37.89 51.70 -100.11
CA GLY G 381 -38.08 50.43 -100.77
C GLY G 381 -38.79 49.46 -99.86
N PRO G 382 -38.93 48.21 -100.29
CA PRO G 382 -39.56 47.20 -99.44
C PRO G 382 -38.79 47.02 -98.14
N PRO G 383 -39.49 46.81 -97.02
CA PRO G 383 -38.76 46.63 -95.75
C PRO G 383 -37.76 45.48 -95.78
N GLN G 384 -38.04 44.41 -96.52
CA GLN G 384 -37.07 43.31 -96.64
C GLN G 384 -35.79 43.77 -97.31
N SER G 385 -35.92 44.49 -98.43
CA SER G 385 -34.74 44.98 -99.14
C SER G 385 -33.94 45.96 -98.28
N LEU G 386 -34.64 46.85 -97.57
CA LEU G 386 -33.95 47.78 -96.68
C LEU G 386 -33.25 47.03 -95.56
N TYR G 387 -33.84 45.95 -95.08
CA TYR G 387 -33.17 45.13 -94.07
C TYR G 387 -31.88 44.52 -94.63
N GLY G 388 -31.94 44.02 -95.87
CA GLY G 388 -30.73 43.50 -96.48
C GLY G 388 -29.65 44.57 -96.62
N LEU G 389 -30.05 45.76 -97.06
CA LEU G 389 -29.12 46.88 -97.13
C LEU G 389 -28.53 47.17 -95.76
N ASN G 390 -29.35 47.10 -94.71
CA ASN G 390 -28.85 47.33 -93.36
C ASN G 390 -27.82 46.29 -92.97
N LEU G 391 -28.05 45.04 -93.36
CA LEU G 391 -27.07 43.99 -93.08
C LEU G 391 -25.74 44.33 -93.73
N THR G 392 -25.78 44.72 -94.99
CA THR G 392 -24.56 45.15 -95.67
C THR G 392 -23.89 46.30 -94.92
N LEU G 393 -24.69 47.28 -94.51
CA LEU G 393 -24.13 48.48 -93.89
C LEU G 393 -23.47 48.15 -92.56
N ARG G 394 -24.11 47.34 -91.73
CA ARG G 394 -23.51 46.99 -90.45
C ARG G 394 -22.35 46.03 -90.61
N LYS G 395 -22.25 45.36 -91.76
CA LYS G 395 -21.02 44.64 -92.08
C LYS G 395 -19.87 45.56 -92.45
N ALA G 396 -20.13 46.86 -92.59
CA ALA G 396 -19.12 47.82 -93.03
C ALA G 396 -19.05 49.05 -92.12
N LYS G 397 -19.57 48.96 -90.90
CA LYS G 397 -19.60 50.05 -89.95
C LYS G 397 -18.78 49.69 -88.72
N ALA G 398 -18.00 50.65 -88.22
CA ALA G 398 -17.26 50.43 -86.99
C ALA G 398 -18.16 50.63 -85.77
N PRO G 399 -17.88 49.95 -84.67
CA PRO G 399 -18.62 50.23 -83.43
C PRO G 399 -18.48 51.69 -83.02
N SER G 400 -19.56 52.23 -82.46
CA SER G 400 -19.50 53.61 -81.97
C SER G 400 -18.45 53.75 -80.87
N GLY G 401 -18.37 52.76 -79.98
CA GLY G 401 -17.40 52.80 -78.90
C GLY G 401 -16.04 52.26 -79.32
N LEU G 402 -15.58 52.66 -80.49
CA LEU G 402 -14.24 52.34 -80.96
C LEU G 402 -13.39 53.60 -80.93
N ASP G 403 -12.21 53.50 -80.33
CA ASP G 403 -11.29 54.63 -80.23
C ASP G 403 -10.30 54.54 -81.39
N GLN G 404 -10.27 55.60 -82.20
CA GLN G 404 -9.36 55.67 -83.35
C GLN G 404 -8.49 56.91 -83.29
N SER G 405 -8.32 57.50 -82.10
CA SER G 405 -7.49 58.70 -81.98
C SER G 405 -6.02 58.42 -82.26
N ARG G 406 -5.58 57.17 -82.12
CA ARG G 406 -4.19 56.81 -82.35
C ARG G 406 -3.95 56.22 -83.72
N ILE G 407 -4.95 56.24 -84.60
CA ILE G 407 -4.83 55.70 -85.95
C ILE G 407 -4.81 56.87 -86.93
N PRO G 408 -4.01 56.81 -88.00
CA PRO G 408 -4.01 57.93 -88.95
C PRO G 408 -5.39 58.18 -89.54
N PHE G 409 -5.70 59.45 -89.77
CA PHE G 409 -7.00 59.82 -90.27
C PHE G 409 -7.37 59.15 -91.59
N SER G 410 -6.43 59.08 -92.51
CA SER G 410 -6.74 58.53 -93.82
C SER G 410 -7.19 57.07 -93.72
N GLU G 411 -6.56 56.30 -92.83
CA GLU G 411 -6.85 54.88 -92.70
C GLU G 411 -8.00 54.58 -91.76
N ARG G 412 -8.57 55.59 -91.13
CA ARG G 412 -9.64 55.34 -90.16
C ARG G 412 -10.87 54.73 -90.79
N LYS G 413 -11.45 53.74 -90.13
CA LYS G 413 -12.67 53.10 -90.60
C LYS G 413 -13.85 54.05 -90.39
N LEU G 414 -14.56 54.34 -91.48
CA LEU G 414 -15.62 55.33 -91.43
C LEU G 414 -16.76 54.88 -90.52
N LYS G 415 -17.25 55.81 -89.71
CA LYS G 415 -18.35 55.58 -88.79
C LYS G 415 -19.59 56.31 -89.30
N PHE G 416 -20.74 55.69 -89.12
CA PHE G 416 -22.00 56.29 -89.55
C PHE G 416 -23.13 55.63 -88.78
N SER G 417 -24.35 56.09 -89.04
CA SER G 417 -25.53 55.63 -88.33
C SER G 417 -26.66 55.40 -89.32
N ASN G 418 -27.60 54.56 -88.92
CA ASN G 418 -28.75 54.25 -89.76
C ASN G 418 -29.92 53.89 -88.86
N ARG G 419 -31.12 54.23 -89.33
CA ARG G 419 -32.34 53.91 -88.60
C ARG G 419 -33.51 53.96 -89.57
N PHE G 420 -34.60 53.32 -89.17
CA PHE G 420 -35.82 53.25 -89.96
C PHE G 420 -36.75 54.37 -89.52
N LEU G 421 -37.29 55.11 -90.47
CA LEU G 421 -38.17 56.22 -90.15
C LEU G 421 -39.56 55.73 -89.72
N PRO G 422 -40.26 56.48 -88.85
CA PRO G 422 -41.62 56.08 -88.47
C PRO G 422 -42.62 56.35 -89.58
N VAL G 423 -42.56 55.57 -90.64
CA VAL G 423 -43.45 55.70 -91.79
C VAL G 423 -43.93 54.31 -92.18
N ALA G 424 -44.93 54.27 -93.06
CA ALA G 424 -45.51 53.00 -93.49
C ALA G 424 -45.77 52.94 -94.98
N SER G 425 -44.96 53.61 -95.80
CA SER G 425 -45.10 53.50 -97.24
C SER G 425 -43.83 54.00 -97.90
N PRO G 426 -43.41 53.41 -99.01
CA PRO G 426 -42.20 53.87 -99.71
C PRO G 426 -42.49 55.07 -100.62
N PHE G 427 -42.48 56.26 -100.03
CA PHE G 427 -42.70 57.45 -100.82
C PHE G 427 -41.51 57.69 -101.75
N HIS G 428 -41.77 58.38 -102.86
CA HIS G 428 -40.74 58.67 -103.85
C HIS G 428 -40.06 57.39 -104.32
N SER G 429 -40.85 56.36 -104.61
CA SER G 429 -40.31 55.06 -105.00
C SER G 429 -41.09 54.53 -106.21
N HIS G 430 -40.42 53.65 -106.95
CA HIS G 430 -41.04 53.03 -108.12
C HIS G 430 -42.28 52.23 -107.74
N LEU G 431 -42.37 51.79 -106.48
CA LEU G 431 -43.50 50.96 -106.07
C LEU G 431 -44.82 51.72 -106.13
N LEU G 432 -44.82 52.98 -105.75
CA LEU G 432 -46.05 53.77 -105.77
C LEU G 432 -46.34 54.36 -107.14
N VAL G 433 -45.49 54.11 -108.13
CA VAL G 433 -45.69 54.70 -109.45
C VAL G 433 -47.06 54.35 -110.03
N PRO G 434 -47.56 53.12 -109.91
CA PRO G 434 -48.87 52.82 -110.52
C PRO G 434 -50.01 53.66 -110.00
N ALA G 435 -49.86 54.29 -108.83
CA ALA G 435 -50.95 55.07 -108.26
C ALA G 435 -51.03 56.49 -108.83
N SER G 436 -50.02 56.93 -109.58
CA SER G 436 -50.03 58.32 -110.07
C SER G 436 -51.21 58.56 -110.99
N ASP G 437 -51.42 57.68 -111.96
CA ASP G 437 -52.51 57.84 -112.90
C ASP G 437 -53.86 57.78 -112.17
N LEU G 438 -53.99 56.89 -111.19
CA LEU G 438 -55.23 56.81 -110.43
C LEU G 438 -55.50 58.12 -109.70
N ILE G 439 -54.46 58.68 -109.05
CA ILE G 439 -54.63 59.93 -108.31
C ILE G 439 -55.03 61.04 -109.26
N ASN G 440 -54.35 61.14 -110.39
CA ASN G 440 -54.65 62.21 -111.34
C ASN G 440 -56.07 62.08 -111.87
N LYS G 441 -56.50 60.85 -112.16
CA LYS G 441 -57.84 60.62 -112.69
C LYS G 441 -58.90 60.91 -111.63
N ASP G 442 -58.59 60.67 -110.37
CA ASP G 442 -59.52 60.94 -109.29
C ASP G 442 -59.66 62.42 -108.96
N LEU G 443 -58.55 63.17 -108.97
CA LEU G 443 -58.62 64.57 -108.58
C LEU G 443 -59.46 65.38 -109.55
N VAL G 444 -59.42 65.06 -110.84
CA VAL G 444 -60.24 65.77 -111.80
C VAL G 444 -61.72 65.55 -111.52
N LYS G 445 -62.07 64.36 -111.05
CA LYS G 445 -63.46 64.10 -110.68
C LYS G 445 -63.84 64.83 -109.39
N ASN G 446 -62.95 64.83 -108.40
CA ASN G 446 -63.26 65.47 -107.13
C ASN G 446 -63.23 66.99 -107.22
N ASN G 447 -62.82 67.55 -108.35
CA ASN G 447 -62.83 69.00 -108.58
C ASN G 447 -61.70 69.71 -107.85
N VAL G 448 -60.57 69.05 -107.68
CA VAL G 448 -59.38 69.67 -107.09
C VAL G 448 -58.42 70.02 -108.21
N SER G 449 -58.03 71.29 -108.27
CA SER G 449 -57.06 71.76 -109.26
C SER G 449 -56.44 73.04 -108.76
N PHE G 450 -55.16 73.22 -109.06
CA PHE G 450 -54.42 74.42 -108.68
C PHE G 450 -54.06 75.20 -109.93
N ASN G 451 -54.48 76.46 -110.00
CA ASN G 451 -54.17 77.32 -111.12
C ASN G 451 -52.98 78.21 -110.78
N ALA G 452 -52.10 78.43 -111.76
CA ALA G 452 -50.92 79.25 -111.52
C ALA G 452 -51.30 80.67 -111.15
N LYS G 453 -52.38 81.20 -111.75
CA LYS G 453 -52.82 82.55 -111.42
C LYS G 453 -53.25 82.65 -109.96
N ASP G 454 -53.91 81.62 -109.44
CA ASP G 454 -54.36 81.63 -108.05
C ASP G 454 -53.17 81.70 -107.09
N ILE G 455 -52.11 80.92 -107.36
CA ILE G 455 -50.91 80.99 -106.56
C ILE G 455 -50.25 82.34 -106.77
N GLN G 456 -49.92 83.03 -105.68
CA GLN G 456 -49.36 84.37 -105.78
C GLN G 456 -48.05 84.53 -105.02
N ILE G 457 -47.45 83.44 -104.55
CA ILE G 457 -46.07 83.47 -104.04
C ILE G 457 -45.32 82.30 -104.66
N PRO G 458 -44.00 82.41 -104.85
CA PRO G 458 -43.26 81.26 -105.40
C PRO G 458 -43.40 80.03 -104.53
N VAL G 459 -43.75 78.91 -105.16
CA VAL G 459 -43.76 77.60 -104.51
C VAL G 459 -42.75 76.73 -105.26
N TYR G 460 -41.73 76.28 -104.54
CA TYR G 460 -40.57 75.66 -105.18
C TYR G 460 -40.77 74.16 -105.30
N ASP G 461 -40.61 73.66 -106.53
CA ASP G 461 -40.66 72.22 -106.77
C ASP G 461 -39.56 71.52 -105.98
N THR G 462 -39.89 70.34 -105.45
CA THR G 462 -38.97 69.62 -104.58
C THR G 462 -37.93 68.81 -105.34
N PHE G 463 -38.09 68.64 -106.65
CA PHE G 463 -37.10 67.90 -107.43
C PHE G 463 -35.99 68.81 -107.94
N ASP G 464 -36.33 70.00 -108.43
CA ASP G 464 -35.36 70.91 -109.00
C ASP G 464 -35.38 72.29 -108.35
N GLY G 465 -36.21 72.50 -107.34
CA GLY G 465 -36.27 73.79 -106.68
C GLY G 465 -36.82 74.89 -107.55
N SER G 466 -37.33 74.56 -108.73
CA SER G 466 -37.90 75.57 -109.61
C SER G 466 -39.24 76.04 -109.05
N ASP G 467 -39.63 77.23 -109.50
CA ASP G 467 -40.92 77.78 -109.08
C ASP G 467 -42.05 77.03 -109.78
N LEU G 468 -43.02 76.58 -108.99
CA LEU G 468 -44.13 75.81 -109.56
C LEU G 468 -45.06 76.68 -110.39
N ARG G 469 -45.11 77.98 -110.10
CA ARG G 469 -46.01 78.87 -110.83
C ARG G 469 -45.66 78.93 -112.31
N VAL G 470 -44.39 78.70 -112.67
CA VAL G 470 -43.97 78.72 -114.07
C VAL G 470 -44.08 77.35 -114.72
N LEU G 471 -44.51 76.33 -113.98
CA LEU G 471 -44.69 75.01 -114.56
C LEU G 471 -45.70 75.07 -115.71
N SER G 472 -45.36 74.38 -116.81
CA SER G 472 -46.20 74.43 -118.01
C SER G 472 -47.45 73.56 -117.88
N GLY G 473 -47.35 72.42 -117.20
CA GLY G 473 -48.45 71.49 -117.08
C GLY G 473 -49.30 71.72 -115.86
N SER G 474 -49.89 70.62 -115.36
CA SER G 474 -50.74 70.70 -114.17
C SER G 474 -49.89 70.69 -112.92
N ILE G 475 -50.12 71.68 -112.06
CA ILE G 475 -49.35 71.74 -110.81
C ILE G 475 -49.70 70.57 -109.91
N SER G 476 -50.97 70.14 -109.90
CA SER G 476 -51.36 69.00 -109.09
C SER G 476 -50.64 67.74 -109.56
N GLU G 477 -50.54 67.55 -110.87
CA GLU G 477 -49.83 66.38 -111.39
C GLU G 477 -48.37 66.40 -110.95
N ARG G 478 -47.73 67.56 -111.04
CA ARG G 478 -46.34 67.67 -110.61
C ARG G 478 -46.20 67.42 -109.12
N ILE G 479 -47.14 67.91 -108.31
CA ILE G 479 -47.05 67.70 -106.88
C ILE G 479 -47.16 66.22 -106.54
N VAL G 480 -48.12 65.54 -107.16
CA VAL G 480 -48.27 64.11 -106.87
C VAL G 480 -47.08 63.34 -107.38
N ASP G 481 -46.54 63.70 -108.55
CA ASP G 481 -45.35 63.04 -109.06
C ASP G 481 -44.19 63.22 -108.11
N CYS G 482 -44.01 64.44 -107.59
CA CYS G 482 -42.92 64.70 -106.66
C CYS G 482 -43.10 63.90 -105.38
N ILE G 483 -44.34 63.75 -104.91
CA ILE G 483 -44.56 63.06 -103.65
C ILE G 483 -44.32 61.56 -103.81
N ILE G 484 -44.83 60.96 -104.87
CA ILE G 484 -44.85 59.50 -104.94
C ILE G 484 -43.67 58.94 -105.73
N ARG G 485 -43.15 59.70 -106.69
CA ARG G 485 -42.16 59.17 -107.62
C ARG G 485 -40.79 59.84 -107.48
N LEU G 486 -40.71 61.15 -107.62
CA LEU G 486 -39.41 61.78 -107.71
C LEU G 486 -38.77 61.96 -106.33
N PRO G 487 -37.45 61.91 -106.25
CA PRO G 487 -36.78 62.14 -104.97
C PRO G 487 -36.81 63.60 -104.58
N VAL G 488 -36.68 63.84 -103.27
CA VAL G 488 -36.63 65.20 -102.73
C VAL G 488 -35.18 65.62 -102.61
N LYS G 489 -34.82 66.68 -103.33
CA LYS G 489 -33.49 67.29 -103.23
C LYS G 489 -33.66 68.54 -102.37
N TRP G 490 -33.64 68.34 -101.04
CA TRP G 490 -33.98 69.42 -100.13
C TRP G 490 -33.02 70.59 -100.25
N GLU G 491 -31.73 70.32 -100.36
CA GLU G 491 -30.76 71.40 -100.49
C GLU G 491 -31.01 72.20 -101.76
N THR G 492 -31.36 71.51 -102.86
CA THR G 492 -31.73 72.21 -104.08
C THR G 492 -32.99 73.05 -103.89
N THR G 493 -33.99 72.52 -103.19
CA THR G 493 -35.22 73.28 -102.97
C THR G 493 -34.98 74.53 -102.14
N THR G 494 -34.08 74.45 -101.17
CA THR G 494 -33.92 75.49 -100.17
C THR G 494 -32.96 76.60 -100.61
N GLN G 495 -32.49 76.58 -101.86
CA GLN G 495 -31.49 77.55 -102.30
C GLN G 495 -31.98 78.99 -102.24
N PHE G 496 -33.26 79.23 -101.97
CA PHE G 496 -33.76 80.59 -101.88
C PHE G 496 -32.99 81.38 -100.83
N LYS G 497 -33.02 82.71 -100.95
CA LYS G 497 -32.39 83.60 -99.99
C LYS G 497 -33.46 84.18 -99.08
N ALA G 498 -33.35 83.91 -97.78
CA ALA G 498 -34.29 84.45 -96.81
C ALA G 498 -33.59 84.60 -95.47
N THR G 499 -34.15 85.44 -94.61
CA THR G 499 -33.60 85.66 -93.28
C THR G 499 -34.24 84.76 -92.24
N HIS G 500 -35.53 84.49 -92.37
CA HIS G 500 -36.26 83.67 -91.41
C HIS G 500 -37.06 82.60 -92.15
N ILE G 501 -37.17 81.44 -91.53
CA ILE G 501 -37.90 80.30 -92.07
C ILE G 501 -38.84 79.81 -90.99
N LEU G 502 -40.13 79.74 -91.30
CA LEU G 502 -41.13 79.28 -90.35
C LEU G 502 -41.46 77.83 -90.65
N ASP G 503 -41.34 76.98 -89.64
CA ASP G 503 -41.61 75.55 -89.76
C ASP G 503 -42.96 75.26 -89.12
N PHE G 504 -43.97 75.04 -89.95
CA PHE G 504 -45.28 74.62 -89.48
C PHE G 504 -45.40 73.11 -89.37
N GLY G 505 -44.55 72.35 -90.05
CA GLY G 505 -44.71 70.92 -90.15
C GLY G 505 -44.65 70.24 -88.80
N PRO G 506 -45.08 68.98 -88.73
CA PRO G 506 -45.03 68.24 -87.47
C PRO G 506 -43.60 67.97 -87.02
N GLY G 507 -43.45 67.39 -85.84
CA GLY G 507 -42.18 66.97 -85.33
C GLY G 507 -41.56 67.91 -84.32
N GLY G 508 -42.00 69.17 -84.28
CA GLY G 508 -41.40 70.13 -83.36
C GLY G 508 -39.90 70.21 -83.53
N ALA G 509 -39.17 70.04 -82.43
CA ALA G 509 -37.71 70.12 -82.49
C ALA G 509 -37.10 68.99 -83.31
N SER G 510 -37.85 67.95 -83.61
CA SER G 510 -37.38 66.85 -84.45
C SER G 510 -37.89 66.95 -85.88
N GLY G 511 -38.49 68.08 -86.25
CA GLY G 511 -39.09 68.24 -87.55
C GLY G 511 -38.13 68.77 -88.61
N LEU G 512 -38.71 69.23 -89.71
CA LEU G 512 -37.92 69.68 -90.85
C LEU G 512 -37.18 70.99 -90.57
N GLY G 513 -37.69 71.80 -89.64
CA GLY G 513 -37.03 73.07 -89.36
C GLY G 513 -35.63 72.91 -88.82
N VAL G 514 -35.45 71.96 -87.88
CA VAL G 514 -34.13 71.74 -87.32
C VAL G 514 -33.17 71.20 -88.37
N LEU G 515 -33.65 70.29 -89.21
CA LEU G 515 -32.81 69.80 -90.31
C LEU G 515 -32.38 70.96 -91.20
N THR G 516 -33.31 71.82 -91.58
CA THR G 516 -32.98 72.94 -92.45
C THR G 516 -32.01 73.90 -91.76
N HIS G 517 -32.16 74.07 -90.45
CA HIS G 517 -31.24 74.90 -89.70
C HIS G 517 -29.83 74.33 -89.74
N ARG G 518 -29.70 73.03 -89.53
CA ARG G 518 -28.38 72.41 -89.59
C ARG G 518 -27.78 72.53 -90.97
N ASN G 519 -28.58 72.35 -92.01
CA ASN G 519 -28.10 72.51 -93.37
C ASN G 519 -27.60 73.93 -93.63
N LYS G 520 -28.27 74.92 -93.05
CA LYS G 520 -28.08 76.31 -93.41
C LYS G 520 -27.29 77.09 -92.36
N ASP G 521 -26.68 76.39 -91.42
CA ASP G 521 -25.96 77.05 -90.33
C ASP G 521 -24.86 77.94 -90.87
N GLY G 522 -24.72 79.14 -90.28
CA GLY G 522 -23.65 80.05 -90.69
C GLY G 522 -23.91 80.86 -91.94
N THR G 523 -25.13 80.82 -92.47
CA THR G 523 -25.47 81.59 -93.65
C THR G 523 -26.38 82.77 -93.33
N GLY G 524 -26.59 83.08 -92.06
CA GLY G 524 -27.51 84.15 -91.70
C GLY G 524 -28.97 83.83 -91.94
N VAL G 525 -29.41 82.62 -91.63
CA VAL G 525 -30.81 82.23 -91.76
C VAL G 525 -31.29 81.72 -90.41
N ARG G 526 -32.46 82.19 -89.99
CA ARG G 526 -33.06 81.82 -88.71
C ARG G 526 -34.27 80.94 -88.95
N VAL G 527 -34.37 79.83 -88.22
CA VAL G 527 -35.48 78.89 -88.31
C VAL G 527 -36.33 79.02 -87.07
N ILE G 528 -37.63 79.21 -87.25
CA ILE G 528 -38.61 79.25 -86.18
C ILE G 528 -39.57 78.09 -86.38
N VAL G 529 -39.74 77.27 -85.35
CA VAL G 529 -40.67 76.15 -85.39
C VAL G 529 -41.98 76.63 -84.77
N ALA G 530 -42.93 77.00 -85.63
CA ALA G 530 -44.19 77.59 -85.16
C ALA G 530 -45.11 76.58 -84.50
N GLY G 531 -44.81 75.29 -84.59
CA GLY G 531 -45.73 74.28 -84.11
C GLY G 531 -45.65 74.01 -82.63
N THR G 532 -44.56 74.39 -81.98
CA THR G 532 -44.32 74.01 -80.59
C THR G 532 -43.83 75.21 -79.77
N LEU G 533 -44.07 75.12 -78.47
CA LEU G 533 -43.64 76.10 -77.48
C LEU G 533 -42.56 75.46 -76.63
N ASP G 534 -41.39 76.08 -76.56
CA ASP G 534 -40.30 75.52 -75.77
C ASP G 534 -39.17 76.53 -75.67
N ILE G 535 -38.12 76.12 -74.95
CA ILE G 535 -36.92 76.93 -74.77
C ILE G 535 -35.73 76.15 -75.30
N ASN G 536 -34.97 76.80 -76.17
CA ASN G 536 -33.75 76.21 -76.71
C ASN G 536 -32.58 76.72 -75.91
N PRO G 537 -31.89 75.89 -75.12
CA PRO G 537 -30.68 76.39 -74.44
C PRO G 537 -29.66 76.97 -75.41
N ASP G 538 -29.43 76.30 -76.54
CA ASP G 538 -28.48 76.84 -77.51
C ASP G 538 -28.97 78.15 -78.11
N ASP G 539 -30.28 78.34 -78.20
CA ASP G 539 -30.87 79.56 -78.74
C ASP G 539 -30.55 79.75 -80.21
N ASP G 540 -30.11 78.69 -80.90
CA ASP G 540 -29.74 78.80 -82.31
C ASP G 540 -30.97 78.85 -83.22
N TYR G 541 -32.13 78.44 -82.75
CA TYR G 541 -33.35 78.50 -83.54
C TYR G 541 -34.52 78.80 -82.62
N GLY G 542 -35.56 79.44 -83.19
CA GLY G 542 -36.66 79.92 -82.39
C GLY G 542 -37.76 78.89 -82.18
N PHE G 543 -38.74 79.29 -81.37
CA PHE G 543 -39.93 78.47 -81.12
C PHE G 543 -41.17 79.30 -81.38
N LYS G 544 -42.34 78.78 -81.00
CA LYS G 544 -43.59 79.45 -81.36
C LYS G 544 -43.64 80.88 -80.84
N GLN G 545 -43.05 81.13 -79.67
CA GLN G 545 -43.16 82.45 -79.04
C GLN G 545 -42.50 83.51 -79.91
N GLU G 546 -41.38 83.19 -80.55
CA GLU G 546 -40.63 84.19 -81.28
C GLU G 546 -41.46 84.81 -82.40
N ILE G 547 -42.48 84.11 -82.89
CA ILE G 547 -43.30 84.66 -83.96
C ILE G 547 -44.17 85.79 -83.47
N PHE G 548 -44.49 85.83 -82.18
CA PHE G 548 -45.42 86.81 -81.63
C PHE G 548 -44.77 87.83 -80.70
N ASP G 549 -43.53 87.62 -80.29
CA ASP G 549 -42.87 88.55 -79.39
C ASP G 549 -42.82 89.94 -80.02
N VAL G 550 -43.04 90.95 -79.18
CA VAL G 550 -43.06 92.33 -79.65
C VAL G 550 -41.76 93.07 -79.32
N THR G 551 -40.96 92.57 -78.39
CA THR G 551 -39.71 93.22 -78.03
C THR G 551 -38.66 92.89 -79.09
N SER G 552 -37.41 93.23 -78.82
CA SER G 552 -36.32 92.78 -79.68
C SER G 552 -36.21 91.27 -79.70
N ASN G 553 -36.69 90.61 -78.64
CA ASN G 553 -36.63 89.15 -78.58
C ASN G 553 -37.40 88.49 -79.71
N GLY G 554 -38.32 89.22 -80.35
CA GLY G 554 -38.98 88.71 -81.52
C GLY G 554 -38.18 88.79 -82.80
N LEU G 555 -37.10 89.56 -82.79
CA LEU G 555 -36.22 89.72 -83.96
C LEU G 555 -34.84 89.22 -83.58
N LYS G 556 -34.57 87.96 -83.87
CA LYS G 556 -33.27 87.34 -83.65
C LYS G 556 -32.66 86.99 -85.00
N LYS G 557 -31.43 87.42 -85.23
CA LYS G 557 -30.69 87.12 -86.45
C LYS G 557 -29.64 86.06 -86.14
N ASN G 558 -29.55 85.06 -87.00
CA ASN G 558 -28.56 84.02 -86.81
C ASN G 558 -27.25 84.51 -87.39
N PRO G 559 -26.13 83.98 -86.89
CA PRO G 559 -24.85 84.52 -87.34
C PRO G 559 -24.46 84.22 -88.78
N ASN G 560 -23.99 85.21 -89.50
CA ASN G 560 -23.46 84.99 -90.84
C ASN G 560 -21.95 85.15 -90.72
N TRP G 561 -21.23 84.02 -90.76
CA TRP G 561 -19.81 84.05 -90.46
C TRP G 561 -19.05 84.93 -91.44
N LEU G 562 -19.37 84.83 -92.72
CA LEU G 562 -18.64 85.62 -93.72
C LEU G 562 -18.70 87.11 -93.40
N GLU G 563 -19.78 87.57 -92.76
CA GLU G 563 -19.95 88.97 -92.44
C GLU G 563 -19.48 89.33 -91.03
N GLU G 564 -19.75 88.47 -90.04
CA GLU G 564 -19.34 88.78 -88.68
C GLU G 564 -17.83 88.78 -88.54
N TYR G 565 -17.16 87.78 -89.10
CA TYR G 565 -15.72 87.61 -88.94
C TYR G 565 -14.96 88.00 -90.20
N HIS G 566 -15.53 88.89 -90.99
CA HIS G 566 -14.88 89.37 -92.19
C HIS G 566 -13.59 90.10 -91.83
N PRO G 567 -12.44 89.74 -92.44
CA PRO G 567 -11.23 90.54 -92.22
C PRO G 567 -11.40 91.95 -92.73
N LYS G 568 -10.72 92.89 -92.08
CA LYS G 568 -10.78 94.29 -92.44
C LYS G 568 -9.38 94.87 -92.34
N LEU G 569 -9.23 96.06 -92.91
CA LEU G 569 -7.99 96.82 -92.85
C LEU G 569 -8.20 98.08 -92.01
N ILE G 570 -7.18 98.43 -91.24
CA ILE G 570 -7.22 99.61 -90.39
C ILE G 570 -5.81 100.16 -90.26
N LYS G 571 -5.70 101.46 -90.01
CA LYS G 571 -4.39 102.07 -89.79
C LYS G 571 -4.46 102.99 -88.58
N ASN G 572 -3.29 103.22 -87.99
CA ASN G 572 -3.15 104.10 -86.85
C ASN G 572 -2.66 105.47 -87.29
N LYS G 573 -2.39 106.35 -86.33
CA LYS G 573 -1.96 107.71 -86.65
C LYS G 573 -0.71 107.71 -87.52
N SER G 574 0.27 106.88 -87.17
CA SER G 574 1.52 106.84 -87.93
C SER G 574 1.29 106.51 -89.39
N GLY G 575 0.17 105.85 -89.72
CA GLY G 575 -0.08 105.39 -91.06
C GLY G 575 0.18 103.92 -91.28
N LYS G 576 0.58 103.19 -90.25
CA LYS G 576 0.84 101.76 -90.41
C LYS G 576 -0.46 101.01 -90.63
N ILE G 577 -0.50 100.21 -91.71
CA ILE G 577 -1.66 99.38 -92.01
C ILE G 577 -1.63 98.14 -91.13
N PHE G 578 -2.80 97.73 -90.66
CA PHE G 578 -2.96 96.53 -89.86
C PHE G 578 -4.08 95.70 -90.45
N VAL G 579 -3.90 94.38 -90.43
CA VAL G 579 -4.98 93.47 -90.80
C VAL G 579 -5.88 93.32 -89.58
N GLU G 580 -7.07 93.92 -89.64
CA GLU G 580 -7.96 93.95 -88.48
C GLU G 580 -8.65 92.61 -88.33
N THR G 581 -8.52 92.03 -87.13
CA THR G 581 -9.14 90.77 -86.80
C THR G 581 -9.42 90.77 -85.31
N LYS G 582 -10.21 89.79 -84.86
CA LYS G 582 -10.49 89.67 -83.43
C LYS G 582 -9.20 89.59 -82.62
N PHE G 583 -8.32 88.66 -83.00
CA PHE G 583 -7.03 88.53 -82.33
C PHE G 583 -6.20 89.80 -82.48
N SER G 584 -6.13 90.33 -83.69
CA SER G 584 -5.36 91.54 -83.93
C SER G 584 -5.94 92.72 -83.18
N LYS G 585 -7.27 92.81 -83.12
CA LYS G 585 -7.92 93.86 -82.36
C LYS G 585 -7.56 93.78 -80.90
N LEU G 586 -7.43 92.57 -80.36
CA LEU G 586 -7.07 92.42 -78.95
C LEU G 586 -5.63 92.81 -78.71
N ILE G 587 -4.69 92.30 -79.51
CA ILE G 587 -3.27 92.46 -79.17
C ILE G 587 -2.62 93.68 -79.80
N GLY G 588 -3.29 94.36 -80.73
CA GLY G 588 -2.70 95.54 -81.32
C GLY G 588 -1.48 95.28 -82.19
N ARG G 589 -1.36 94.08 -82.72
CA ARG G 589 -0.26 93.69 -83.59
C ARG G 589 -0.84 92.79 -84.67
N PRO G 590 -0.12 92.60 -85.77
CA PRO G 590 -0.64 91.77 -86.86
C PRO G 590 -0.98 90.37 -86.37
N PRO G 591 -2.06 89.77 -86.88
CA PRO G 591 -2.53 88.52 -86.29
C PRO G 591 -1.70 87.31 -86.69
N LEU G 592 -0.39 87.39 -86.50
CA LEU G 592 0.54 86.32 -86.85
C LEU G 592 1.46 86.11 -85.66
N LEU G 593 1.58 84.87 -85.21
CA LEU G 593 2.41 84.56 -84.06
C LEU G 593 3.34 83.39 -84.39
N VAL G 594 4.49 83.39 -83.72
CA VAL G 594 5.43 82.29 -83.78
C VAL G 594 5.20 81.44 -82.54
N PRO G 595 4.81 80.18 -82.68
CA PRO G 595 4.48 79.37 -81.49
C PRO G 595 5.70 78.97 -80.70
N GLY G 596 5.46 78.57 -79.45
CA GLY G 596 6.51 78.08 -78.59
C GLY G 596 7.16 76.83 -79.15
N MET G 597 8.43 76.89 -79.52
CA MET G 597 9.10 75.74 -80.09
C MET G 597 10.38 75.35 -79.36
N THR G 598 10.39 74.18 -78.74
CA THR G 598 11.61 73.69 -78.12
C THR G 598 12.30 72.81 -79.13
N PRO G 599 13.36 73.31 -79.78
CA PRO G 599 14.36 74.22 -79.22
C PRO G 599 14.43 75.59 -79.89
N CYS G 600 13.70 75.83 -80.98
CA CYS G 600 13.83 77.10 -81.72
C CYS G 600 13.54 78.37 -80.93
N THR G 601 12.49 78.38 -80.10
CA THR G 601 12.12 79.60 -79.38
C THR G 601 12.65 79.57 -77.96
N VAL G 602 13.45 78.56 -77.61
CA VAL G 602 14.08 78.54 -76.30
C VAL G 602 15.06 79.70 -76.16
N SER G 603 15.60 80.16 -77.28
CA SER G 603 16.65 81.17 -77.24
C SER G 603 16.06 82.55 -76.94
N PRO G 604 16.51 83.23 -75.89
CA PRO G 604 16.05 84.62 -75.67
C PRO G 604 16.36 85.55 -76.82
N ASP G 605 17.46 85.36 -77.55
CA ASP G 605 17.79 86.28 -78.63
C ASP G 605 16.76 86.23 -79.74
N PHE G 606 16.27 85.03 -80.08
CA PHE G 606 15.27 84.93 -81.14
C PHE G 606 13.92 85.46 -80.68
N VAL G 607 13.56 85.19 -79.42
CA VAL G 607 12.34 85.78 -78.88
C VAL G 607 12.40 87.30 -78.95
N ALA G 608 13.55 87.87 -78.58
CA ALA G 608 13.71 89.32 -78.62
C ALA G 608 13.63 89.84 -80.05
N ALA G 609 14.27 89.15 -80.99
CA ALA G 609 14.27 89.61 -82.38
C ALA G 609 12.86 89.55 -82.98
N THR G 610 12.09 88.54 -82.60
CA THR G 610 10.71 88.44 -83.09
C THR G 610 9.83 89.50 -82.45
N THR G 611 9.96 89.70 -81.13
CA THR G 611 9.17 90.72 -80.47
C THR G 611 9.48 92.11 -81.05
N ASN G 612 10.76 92.41 -81.24
CA ASN G 612 11.15 93.73 -81.72
C ASN G 612 10.76 93.95 -83.18
N ALA G 613 10.54 92.87 -83.93
CA ALA G 613 9.99 92.99 -85.27
C ALA G 613 8.51 93.35 -85.26
N GLY G 614 7.86 93.32 -84.10
CA GLY G 614 6.46 93.67 -84.01
C GLY G 614 5.50 92.51 -84.05
N TYR G 615 5.96 91.29 -83.76
CA TYR G 615 5.14 90.10 -83.88
C TYR G 615 5.18 89.30 -82.60
N THR G 616 4.15 88.51 -82.38
CA THR G 616 4.01 87.72 -81.17
C THR G 616 4.86 86.46 -81.24
N ILE G 617 5.44 86.09 -80.09
CA ILE G 617 6.22 84.86 -79.99
C ILE G 617 6.12 84.35 -78.55
N GLU G 618 6.27 83.04 -78.38
CA GLU G 618 6.16 82.40 -77.09
C GLU G 618 7.52 81.82 -76.71
N LEU G 619 8.02 82.19 -75.54
CA LEU G 619 9.24 81.58 -75.02
C LEU G 619 8.96 80.13 -74.65
N ALA G 620 9.77 79.21 -75.16
CA ALA G 620 9.52 77.78 -75.00
C ALA G 620 10.02 77.33 -73.63
N GLY G 621 9.10 76.85 -72.80
CA GLY G 621 9.49 76.30 -71.52
C GLY G 621 10.16 74.94 -71.60
N GLY G 622 10.07 74.27 -72.75
CA GLY G 622 10.67 72.96 -72.92
C GLY G 622 12.17 72.96 -72.85
N GLY G 623 12.81 74.12 -73.03
CA GLY G 623 14.25 74.23 -72.97
C GLY G 623 14.80 74.67 -71.64
N TYR G 624 13.98 74.70 -70.58
CA TYR G 624 14.41 75.08 -69.25
C TYR G 624 13.90 74.05 -68.24
N PHE G 625 14.70 73.84 -67.20
CA PHE G 625 14.42 72.78 -66.24
C PHE G 625 14.25 73.27 -64.81
N SER G 626 14.33 74.58 -64.60
CA SER G 626 14.13 75.14 -63.27
C SER G 626 13.58 76.53 -63.37
N ALA G 627 12.99 77.02 -62.30
CA ALA G 627 12.52 78.40 -62.28
C ALA G 627 13.67 79.38 -62.45
N ALA G 628 14.86 79.03 -61.97
CA ALA G 628 15.99 79.94 -62.04
C ALA G 628 16.48 80.13 -63.47
N GLY G 629 16.60 79.03 -64.21
CA GLY G 629 17.04 79.10 -65.60
C GLY G 629 16.07 79.86 -66.47
N MET G 630 14.79 79.58 -66.34
CA MET G 630 13.78 80.32 -67.08
C MET G 630 13.76 81.78 -66.66
N THR G 631 13.97 82.07 -65.37
CA THR G 631 13.99 83.45 -64.92
C THR G 631 15.15 84.21 -65.56
N ALA G 632 16.32 83.59 -65.64
CA ALA G 632 17.44 84.22 -66.32
C ALA G 632 17.12 84.48 -67.79
N ALA G 633 16.49 83.51 -68.45
CA ALA G 633 16.13 83.69 -69.85
C ALA G 633 15.13 84.84 -70.03
N ILE G 634 14.14 84.92 -69.14
CA ILE G 634 13.14 85.96 -69.22
C ILE G 634 13.78 87.33 -69.00
N ASP G 635 14.70 87.43 -68.05
CA ASP G 635 15.38 88.69 -67.83
C ASP G 635 16.21 89.09 -69.05
N SER G 636 16.85 88.11 -69.70
CA SER G 636 17.56 88.42 -70.93
C SER G 636 16.61 88.96 -71.99
N VAL G 637 15.46 88.30 -72.17
CA VAL G 637 14.49 88.76 -73.17
C VAL G 637 14.08 90.19 -72.86
N VAL G 638 13.72 90.45 -71.60
CA VAL G 638 13.25 91.78 -71.23
C VAL G 638 14.33 92.82 -71.52
N SER G 639 15.58 92.52 -71.18
CA SER G 639 16.64 93.47 -71.47
C SER G 639 16.80 93.69 -72.97
N GLN G 640 16.45 92.70 -73.78
CA GLN G 640 16.68 92.84 -75.21
C GLN G 640 15.54 93.52 -75.97
N ILE G 641 14.35 93.64 -75.37
CA ILE G 641 13.19 94.21 -76.05
C ILE G 641 13.07 95.68 -75.66
N GLU G 642 12.28 96.43 -76.44
CA GLU G 642 12.06 97.84 -76.17
C GLU G 642 10.98 98.02 -75.11
N LYS G 643 10.94 99.23 -74.56
CA LYS G 643 9.93 99.56 -73.57
C LYS G 643 8.54 99.37 -74.15
N GLY G 644 7.66 98.73 -73.39
CA GLY G 644 6.30 98.52 -73.79
C GLY G 644 6.05 97.26 -74.58
N SER G 645 7.09 96.51 -74.95
CA SER G 645 6.89 95.28 -75.68
C SER G 645 6.50 94.15 -74.72
N THR G 646 5.94 93.09 -75.28
CA THR G 646 5.48 91.95 -74.50
C THR G 646 5.78 90.68 -75.27
N PHE G 647 5.65 89.55 -74.57
CA PHE G 647 5.85 88.25 -75.17
C PHE G 647 5.18 87.22 -74.27
N GLY G 648 5.03 86.01 -74.78
CA GLY G 648 4.39 84.93 -74.06
C GLY G 648 5.34 83.81 -73.69
N ILE G 649 4.80 82.83 -72.99
CA ILE G 649 5.53 81.66 -72.53
C ILE G 649 4.72 80.42 -72.85
N ASN G 650 5.40 79.38 -73.33
CA ASN G 650 4.77 78.12 -73.71
C ASN G 650 5.21 77.03 -72.72
N LEU G 651 4.23 76.38 -72.10
CA LEU G 651 4.49 75.30 -71.14
C LEU G 651 3.82 74.01 -71.63
N ILE G 652 4.53 72.90 -71.46
CA ILE G 652 4.05 71.61 -71.91
C ILE G 652 3.27 70.96 -70.77
N TYR G 653 2.09 70.46 -71.07
CA TYR G 653 1.22 69.92 -70.04
C TYR G 653 1.49 68.46 -69.69
N VAL G 654 2.42 67.79 -70.38
CA VAL G 654 2.59 66.36 -70.12
C VAL G 654 3.52 66.13 -68.93
N ASN G 655 4.52 66.99 -68.71
CA ASN G 655 5.44 66.79 -67.60
C ASN G 655 4.98 67.64 -66.42
N PRO G 656 4.48 67.03 -65.34
CA PRO G 656 4.00 67.84 -64.21
C PRO G 656 5.08 68.66 -63.52
N PHE G 657 6.35 68.27 -63.62
CA PHE G 657 7.42 69.02 -62.97
C PHE G 657 7.57 70.41 -63.61
N MET G 658 7.56 70.45 -64.94
CA MET G 658 7.62 71.72 -65.65
C MET G 658 6.53 72.66 -65.15
N LEU G 659 5.28 72.19 -65.14
CA LEU G 659 4.19 73.02 -64.63
C LEU G 659 4.41 73.39 -63.18
N GLN G 660 4.80 72.42 -62.35
CA GLN G 660 4.88 72.65 -60.92
C GLN G 660 5.82 73.80 -60.60
N TRP G 661 6.93 73.91 -61.32
CA TRP G 661 7.79 75.06 -61.07
C TRP G 661 7.50 76.25 -61.99
N GLY G 662 6.72 76.07 -63.05
CA GLY G 662 6.50 77.14 -64.01
C GLY G 662 5.30 78.02 -63.73
N ILE G 663 4.19 77.40 -63.30
CA ILE G 663 3.00 78.19 -62.96
C ILE G 663 3.27 79.14 -61.81
N PRO G 664 3.85 78.71 -60.67
CA PRO G 664 4.23 79.68 -59.65
C PRO G 664 5.18 80.74 -60.15
N LEU G 665 6.11 80.38 -61.04
CA LEU G 665 7.02 81.37 -61.58
C LEU G 665 6.28 82.44 -62.36
N ILE G 666 5.33 82.03 -63.20
CA ILE G 666 4.56 83.01 -63.97
C ILE G 666 3.77 83.91 -63.05
N LYS G 667 3.12 83.33 -62.03
CA LYS G 667 2.37 84.15 -61.09
C LYS G 667 3.29 85.15 -60.41
N GLU G 668 4.46 84.71 -59.97
CA GLU G 668 5.39 85.60 -59.27
C GLU G 668 5.86 86.73 -60.19
N LEU G 669 6.24 86.38 -61.42
CA LEU G 669 6.74 87.39 -62.34
C LEU G 669 5.65 88.40 -62.71
N ARG G 670 4.41 87.93 -62.89
CA ARG G 670 3.32 88.86 -63.16
C ARG G 670 3.01 89.74 -61.96
N SER G 671 3.17 89.20 -60.75
CA SER G 671 3.02 90.03 -59.56
C SER G 671 4.07 91.14 -59.54
N LYS G 672 5.30 90.81 -59.93
CA LYS G 672 6.32 91.84 -60.08
C LYS G 672 6.10 92.72 -61.30
N GLY G 673 5.12 92.39 -62.14
CA GLY G 673 4.80 93.20 -63.29
C GLY G 673 5.55 92.89 -64.56
N TYR G 674 6.11 91.69 -64.68
CA TYR G 674 6.91 91.37 -65.86
C TYR G 674 6.04 91.32 -67.11
N PRO G 675 6.54 91.80 -68.26
CA PRO G 675 5.68 91.93 -69.44
C PRO G 675 5.36 90.58 -70.10
N ILE G 676 4.64 89.73 -69.39
CA ILE G 676 4.25 88.41 -69.88
C ILE G 676 2.79 88.51 -70.27
N GLN G 677 2.53 88.58 -71.58
CA GLN G 677 1.18 88.83 -72.05
C GLN G 677 0.29 87.61 -71.87
N PHE G 678 0.78 86.43 -72.22
CA PHE G 678 -0.08 85.26 -72.30
C PHE G 678 0.70 83.99 -72.01
N LEU G 679 -0.04 82.95 -71.65
CA LEU G 679 0.51 81.61 -71.45
C LEU G 679 -0.17 80.67 -72.44
N THR G 680 0.64 79.88 -73.15
CA THR G 680 0.13 78.84 -74.04
C THR G 680 0.48 77.48 -73.45
N ILE G 681 -0.52 76.62 -73.30
CA ILE G 681 -0.32 75.26 -72.82
C ILE G 681 -0.37 74.34 -74.03
N GLY G 682 0.76 73.69 -74.32
CA GLY G 682 0.85 72.73 -75.39
C GLY G 682 0.73 71.31 -74.89
N ALA G 683 0.60 70.39 -75.83
CA ALA G 683 0.54 68.96 -75.54
C ALA G 683 -0.49 68.66 -74.46
N GLY G 684 -1.75 69.00 -74.74
CA GLY G 684 -2.84 68.70 -73.84
C GLY G 684 -3.56 69.95 -73.38
N VAL G 685 -4.83 69.77 -73.02
CA VAL G 685 -5.70 70.86 -72.57
C VAL G 685 -5.93 70.67 -71.07
N PRO G 686 -5.72 71.70 -70.24
CA PRO G 686 -5.92 71.52 -68.80
C PRO G 686 -7.38 71.25 -68.48
N SER G 687 -7.59 70.63 -67.32
CA SER G 687 -8.94 70.44 -66.81
C SER G 687 -9.57 71.79 -66.46
N LEU G 688 -10.86 71.76 -66.15
CA LEU G 688 -11.57 72.99 -65.84
C LEU G 688 -11.00 73.68 -64.62
N GLU G 689 -10.71 72.92 -63.57
CA GLU G 689 -10.19 73.53 -62.34
C GLU G 689 -8.83 74.17 -62.56
N VAL G 690 -7.95 73.46 -63.26
CA VAL G 690 -6.62 74.00 -63.52
C VAL G 690 -6.70 75.22 -64.41
N ALA G 691 -7.57 75.19 -65.42
CA ALA G 691 -7.73 76.35 -66.29
C ALA G 691 -8.27 77.55 -65.52
N SER G 692 -9.25 77.32 -64.64
CA SER G 692 -9.77 78.41 -63.84
C SER G 692 -8.69 78.98 -62.93
N GLU G 693 -7.88 78.12 -62.34
CA GLU G 693 -6.77 78.60 -61.50
C GLU G 693 -5.81 79.46 -62.33
N TYR G 694 -5.44 78.98 -63.52
CA TYR G 694 -4.57 79.77 -64.38
C TYR G 694 -5.18 81.14 -64.66
N ILE G 695 -6.42 81.15 -65.13
CA ILE G 695 -7.06 82.39 -65.56
C ILE G 695 -7.19 83.36 -64.39
N GLU G 696 -7.51 82.85 -63.20
CA GLU G 696 -7.77 83.72 -62.06
C GLU G 696 -6.47 84.25 -61.47
N THR G 697 -5.52 83.38 -61.18
CA THR G 697 -4.36 83.78 -60.39
C THR G 697 -3.24 84.36 -61.25
N LEU G 698 -3.03 83.83 -62.45
CA LEU G 698 -1.82 84.21 -63.18
C LEU G 698 -1.84 85.67 -63.62
N GLY G 699 -3.02 86.27 -63.76
CA GLY G 699 -3.10 87.66 -64.15
C GLY G 699 -2.53 87.94 -65.52
N LEU G 700 -2.89 87.14 -66.52
CA LEU G 700 -2.44 87.32 -67.88
C LEU G 700 -3.53 87.99 -68.72
N LYS G 701 -3.12 88.48 -69.90
CA LYS G 701 -4.08 89.09 -70.80
C LYS G 701 -4.97 88.05 -71.45
N TYR G 702 -4.38 86.95 -71.94
CA TYR G 702 -5.18 85.87 -72.51
C TYR G 702 -4.44 84.56 -72.37
N LEU G 703 -5.21 83.47 -72.49
CA LEU G 703 -4.71 82.12 -72.38
C LEU G 703 -4.70 81.46 -73.75
N GLY G 704 -3.61 80.78 -74.08
CA GLY G 704 -3.51 80.03 -75.32
C GLY G 704 -3.66 78.55 -75.04
N LEU G 705 -4.46 77.89 -75.87
CA LEU G 705 -4.67 76.45 -75.76
C LEU G 705 -4.48 75.82 -77.13
N LYS G 706 -3.99 74.58 -77.13
CA LYS G 706 -3.69 73.84 -78.34
C LYS G 706 -4.41 72.50 -78.28
N PRO G 707 -5.71 72.48 -78.56
CA PRO G 707 -6.43 71.22 -78.61
C PRO G 707 -5.92 70.35 -79.75
N GLY G 708 -5.99 69.04 -79.59
CA GLY G 708 -5.50 68.15 -80.61
C GLY G 708 -6.58 67.42 -81.35
N SER G 709 -7.76 67.24 -80.75
CA SER G 709 -8.82 66.45 -81.36
C SER G 709 -10.15 67.14 -81.10
N ILE G 710 -11.24 66.47 -81.48
CA ILE G 710 -12.58 67.02 -81.26
C ILE G 710 -12.85 67.19 -79.78
N ASP G 711 -12.51 66.17 -78.98
CA ASP G 711 -12.77 66.23 -77.54
C ASP G 711 -11.96 67.35 -76.90
N ALA G 712 -10.72 67.55 -77.34
CA ALA G 712 -9.94 68.67 -76.82
C ALA G 712 -10.61 69.99 -77.15
N ILE G 713 -11.16 70.13 -78.36
CA ILE G 713 -11.84 71.35 -78.72
C ILE G 713 -13.07 71.56 -77.84
N SER G 714 -13.79 70.48 -77.54
CA SER G 714 -14.92 70.60 -76.62
C SER G 714 -14.48 71.06 -75.25
N GLN G 715 -13.35 70.54 -74.77
CA GLN G 715 -12.82 70.97 -73.47
C GLN G 715 -12.47 72.44 -73.49
N VAL G 716 -11.86 72.90 -74.59
CA VAL G 716 -11.55 74.32 -74.72
C VAL G 716 -12.82 75.16 -74.71
N ILE G 717 -13.86 74.69 -75.40
CA ILE G 717 -15.13 75.41 -75.39
C ILE G 717 -15.70 75.49 -73.98
N ASN G 718 -15.62 74.40 -73.22
CA ASN G 718 -16.12 74.43 -71.85
C ASN G 718 -15.34 75.43 -71.00
N ILE G 719 -14.02 75.45 -71.15
CA ILE G 719 -13.22 76.43 -70.42
C ILE G 719 -13.66 77.84 -70.77
N ALA G 720 -13.79 78.12 -72.06
CA ALA G 720 -14.18 79.46 -72.49
C ALA G 720 -15.57 79.82 -71.97
N LYS G 721 -16.45 78.84 -71.87
CA LYS G 721 -17.79 79.09 -71.35
C LYS G 721 -17.75 79.41 -69.87
N ALA G 722 -16.90 78.73 -69.11
CA ALA G 722 -16.82 78.99 -67.68
C ALA G 722 -16.34 80.40 -67.37
N HIS G 723 -15.61 81.03 -68.29
CA HIS G 723 -15.07 82.37 -68.10
C HIS G 723 -15.41 83.20 -69.33
N PRO G 724 -16.67 83.59 -69.48
CA PRO G 724 -17.11 84.22 -70.74
C PRO G 724 -16.40 85.51 -71.07
N ASN G 725 -15.82 86.21 -70.10
CA ASN G 725 -15.16 87.48 -70.40
C ASN G 725 -13.68 87.33 -70.72
N PHE G 726 -13.04 86.25 -70.28
CA PHE G 726 -11.60 86.10 -70.47
C PHE G 726 -11.30 85.64 -71.89
N PRO G 727 -10.40 86.33 -72.62
CA PRO G 727 -10.06 85.86 -73.97
C PRO G 727 -9.31 84.55 -73.94
N ILE G 728 -9.69 83.65 -74.84
CA ILE G 728 -9.06 82.35 -75.00
C ILE G 728 -8.61 82.23 -76.45
N ALA G 729 -7.34 81.88 -76.65
CA ALA G 729 -6.78 81.71 -77.99
C ALA G 729 -6.75 80.22 -78.31
N LEU G 730 -7.68 79.79 -79.16
CA LEU G 730 -7.74 78.39 -79.59
C LEU G 730 -6.77 78.24 -80.74
N GLN G 731 -5.57 77.72 -80.45
CA GLN G 731 -4.55 77.49 -81.47
C GLN G 731 -4.78 76.09 -82.02
N TRP G 732 -5.38 76.03 -83.22
CA TRP G 732 -5.67 74.76 -83.85
C TRP G 732 -4.60 74.36 -84.84
N THR G 733 -4.15 73.12 -84.74
CA THR G 733 -3.15 72.61 -85.65
C THR G 733 -3.45 71.18 -85.98
N GLY G 734 -3.23 70.79 -87.22
CA GLY G 734 -3.46 69.42 -87.63
C GLY G 734 -2.28 68.53 -87.37
N GLY G 735 -2.37 67.28 -87.80
CA GLY G 735 -1.29 66.34 -87.65
C GLY G 735 -0.13 66.58 -88.58
N ARG G 736 -0.27 67.53 -89.51
CA ARG G 736 0.73 67.80 -90.52
C ARG G 736 1.79 68.80 -90.05
N GLY G 737 1.73 69.25 -88.79
CA GLY G 737 2.70 70.18 -88.29
C GLY G 737 4.03 69.53 -87.96
N GLY G 738 5.03 70.37 -87.66
CA GLY G 738 6.33 69.88 -87.28
C GLY G 738 6.36 69.42 -85.84
N GLY G 739 7.42 68.67 -85.51
CA GLY G 739 7.61 68.22 -84.15
C GLY G 739 6.53 67.23 -83.71
N HIS G 740 6.23 67.26 -82.42
CA HIS G 740 5.16 66.44 -81.88
C HIS G 740 3.86 66.76 -82.61
N HIS G 741 3.17 65.71 -83.05
CA HIS G 741 1.98 65.89 -83.88
C HIS G 741 0.99 64.77 -83.59
N SER G 742 -0.23 64.99 -84.08
CA SER G 742 -1.29 64.02 -83.86
C SER G 742 -1.66 63.35 -85.14
N PHE G 743 -2.75 62.60 -85.12
CA PHE G 743 -3.21 61.85 -86.28
C PHE G 743 -4.37 62.53 -86.99
N GLU G 744 -4.69 63.75 -86.62
CA GLU G 744 -5.88 64.41 -87.15
C GLU G 744 -5.72 65.16 -88.44
N ASP G 745 -6.76 65.14 -89.27
CA ASP G 745 -6.75 65.93 -90.49
C ASP G 745 -6.79 67.39 -90.06
N ALA G 746 -6.32 68.28 -90.93
CA ALA G 746 -6.29 69.69 -90.59
C ALA G 746 -7.63 70.39 -90.83
N HIS G 747 -8.54 69.79 -91.58
CA HIS G 747 -9.73 70.49 -92.04
C HIS G 747 -11.03 69.96 -91.45
N THR G 748 -11.15 68.64 -91.32
CA THR G 748 -12.41 68.07 -90.85
C THR G 748 -12.78 68.51 -89.44
N PRO G 749 -11.82 68.54 -88.52
CA PRO G 749 -12.26 68.92 -87.17
C PRO G 749 -12.77 70.35 -87.14
N MET G 750 -12.19 71.22 -87.94
CA MET G 750 -12.64 72.61 -87.99
C MET G 750 -14.02 72.71 -88.63
N LEU G 751 -14.25 71.95 -89.69
CA LEU G 751 -15.56 71.96 -90.32
C LEU G 751 -16.63 71.46 -89.36
N GLN G 752 -16.28 70.57 -88.44
CA GLN G 752 -17.24 70.07 -87.46
C GLN G 752 -17.49 71.09 -86.35
N MET G 753 -16.44 71.76 -85.87
CA MET G 753 -16.53 72.52 -84.63
C MET G 753 -16.55 74.03 -84.81
N TYR G 754 -16.48 74.54 -86.04
CA TYR G 754 -16.40 75.99 -86.24
C TYR G 754 -17.58 76.70 -85.63
N SER G 755 -18.78 76.18 -85.85
CA SER G 755 -19.99 76.79 -85.31
C SER G 755 -19.95 76.83 -83.78
N LYS G 756 -19.65 75.71 -83.15
CA LYS G 756 -19.56 75.69 -81.69
C LYS G 756 -18.54 76.69 -81.19
N ILE G 757 -17.40 76.79 -81.86
CA ILE G 757 -16.37 77.72 -81.43
C ILE G 757 -16.87 79.15 -81.53
N ARG G 758 -17.53 79.49 -82.64
CA ARG G 758 -18.02 80.86 -82.81
C ARG G 758 -19.24 81.14 -81.96
N ARG G 759 -19.85 80.14 -81.34
CA ARG G 759 -20.89 80.42 -80.34
C ARG G 759 -20.34 81.31 -79.22
N HIS G 760 -19.03 81.26 -78.99
CA HIS G 760 -18.40 81.91 -77.84
C HIS G 760 -17.51 83.06 -78.33
N PRO G 761 -17.93 84.31 -78.18
CA PRO G 761 -17.15 85.41 -78.77
C PRO G 761 -15.76 85.58 -78.18
N ASN G 762 -15.51 85.08 -76.98
CA ASN G 762 -14.21 85.27 -76.34
C ASN G 762 -13.13 84.33 -76.87
N ILE G 763 -13.49 83.34 -77.70
CA ILE G 763 -12.50 82.47 -78.31
C ILE G 763 -11.94 83.11 -79.57
N MET G 764 -10.62 83.16 -79.67
CA MET G 764 -9.92 83.63 -80.85
C MET G 764 -9.37 82.41 -81.59
N LEU G 765 -9.69 82.29 -82.87
CA LEU G 765 -9.41 81.08 -83.64
C LEU G 765 -8.14 81.28 -84.45
N ILE G 766 -7.10 80.53 -84.10
CA ILE G 766 -5.82 80.56 -84.80
C ILE G 766 -5.67 79.25 -85.56
N PHE G 767 -5.18 79.35 -86.79
CA PHE G 767 -4.95 78.19 -87.65
C PHE G 767 -3.46 78.04 -87.90
N GLY G 768 -2.93 76.83 -87.68
CA GLY G 768 -1.54 76.55 -87.96
C GLY G 768 -1.32 75.19 -88.59
N SER G 769 -0.10 74.66 -88.50
CA SER G 769 0.25 73.36 -89.07
C SER G 769 0.13 73.36 -90.60
N GLY G 770 1.08 74.06 -91.23
CA GLY G 770 1.33 73.82 -92.64
C GLY G 770 1.44 75.07 -93.48
N PHE G 771 1.50 76.23 -92.83
CA PHE G 771 1.46 77.51 -93.51
C PHE G 771 2.84 78.12 -93.59
N GLY G 772 3.16 78.76 -94.72
CA GLY G 772 4.40 79.47 -94.84
C GLY G 772 4.36 80.74 -95.68
N SER G 773 3.17 81.18 -96.11
CA SER G 773 3.10 82.34 -96.97
C SER G 773 1.71 82.95 -96.91
N ALA G 774 1.63 84.19 -97.40
CA ALA G 774 0.33 84.87 -97.51
C ALA G 774 -0.58 84.16 -98.50
N ASP G 775 -0.03 83.62 -99.58
CA ASP G 775 -0.87 82.96 -100.59
C ASP G 775 -1.65 81.80 -100.00
N ASP G 776 -1.00 80.97 -99.19
CA ASP G 776 -1.64 79.77 -98.67
C ASP G 776 -2.42 80.01 -97.39
N THR G 777 -2.33 81.21 -96.80
CA THR G 777 -3.15 81.53 -95.64
C THR G 777 -4.34 82.42 -95.98
N TYR G 778 -4.25 83.21 -97.05
CA TYR G 778 -5.33 84.12 -97.40
C TYR G 778 -6.68 83.43 -97.51
N PRO G 779 -6.81 82.26 -98.13
CA PRO G 779 -8.12 81.59 -98.16
C PRO G 779 -8.69 81.33 -96.78
N TYR G 780 -7.85 81.04 -95.80
CA TYR G 780 -8.32 80.84 -94.44
C TYR G 780 -8.63 82.15 -93.75
N LEU G 781 -7.95 83.23 -94.12
CA LEU G 781 -8.27 84.54 -93.56
C LEU G 781 -9.62 85.01 -94.04
N THR G 782 -9.95 84.78 -95.31
CA THR G 782 -11.24 85.19 -95.85
C THR G 782 -12.34 84.16 -95.64
N GLY G 783 -12.01 82.96 -95.18
CA GLY G 783 -12.99 81.92 -94.98
C GLY G 783 -13.35 81.16 -96.23
N GLU G 784 -12.78 81.51 -97.38
CA GLU G 784 -13.08 80.86 -98.65
C GLU G 784 -12.61 79.41 -98.69
N TRP G 785 -11.80 78.98 -97.72
CA TRP G 785 -11.32 77.60 -97.72
C TRP G 785 -12.46 76.60 -97.58
N SER G 786 -13.42 76.88 -96.71
CA SER G 786 -14.46 75.92 -96.41
C SER G 786 -15.46 75.74 -97.55
N THR G 787 -15.45 76.63 -98.55
CA THR G 787 -16.37 76.47 -99.67
C THR G 787 -15.99 75.28 -100.53
N LYS G 788 -14.70 74.92 -100.57
CA LYS G 788 -14.31 73.75 -101.34
C LYS G 788 -14.89 72.47 -100.77
N PHE G 789 -15.30 72.49 -99.51
CA PHE G 789 -15.98 71.37 -98.87
C PHE G 789 -17.49 71.53 -98.88
N ASP G 790 -18.01 72.44 -99.70
CA ASP G 790 -19.44 72.71 -99.76
C ASP G 790 -19.96 73.15 -98.40
N TYR G 791 -19.33 74.19 -97.85
CA TYR G 791 -19.69 74.80 -96.58
C TYR G 791 -19.72 76.30 -96.78
N PRO G 792 -20.37 77.04 -95.88
CA PRO G 792 -20.28 78.49 -95.91
C PRO G 792 -18.89 78.96 -95.51
N PRO G 793 -18.47 80.14 -95.93
CA PRO G 793 -17.13 80.62 -95.56
C PRO G 793 -16.95 80.67 -94.05
N MET G 794 -15.76 80.29 -93.59
CA MET G 794 -15.47 80.27 -92.15
C MET G 794 -14.15 80.95 -91.88
N PRO G 795 -14.16 82.29 -91.80
CA PRO G 795 -12.91 83.04 -91.59
C PRO G 795 -12.27 82.70 -90.25
N PHE G 796 -10.95 82.82 -90.21
CA PHE G 796 -10.17 82.55 -89.01
C PHE G 796 -9.59 83.85 -88.47
N ASP G 797 -9.20 83.82 -87.20
CA ASP G 797 -8.73 85.01 -86.52
C ASP G 797 -7.23 85.25 -86.66
N GLY G 798 -6.44 84.20 -86.91
CA GLY G 798 -5.01 84.38 -87.04
C GLY G 798 -4.34 83.07 -87.40
N PHE G 799 -3.01 83.16 -87.55
CA PHE G 799 -2.21 82.02 -87.97
C PHE G 799 -0.93 81.95 -87.18
N LEU G 800 -0.38 80.73 -87.08
CA LEU G 800 0.90 80.49 -86.45
C LEU G 800 1.82 79.77 -87.43
N PHE G 801 3.10 80.14 -87.42
CA PHE G 801 4.10 79.58 -88.33
C PHE G 801 5.26 79.02 -87.50
N GLY G 802 5.27 77.71 -87.29
CA GLY G 802 6.36 77.06 -86.60
C GLY G 802 7.56 76.75 -87.48
N SER G 803 7.38 75.85 -88.44
CA SER G 803 8.51 75.41 -89.25
C SER G 803 9.03 76.51 -90.16
N ARG G 804 8.18 77.45 -90.54
CA ARG G 804 8.55 78.41 -91.58
C ARG G 804 9.72 79.29 -91.17
N VAL G 805 9.93 79.49 -89.87
CA VAL G 805 10.95 80.43 -89.40
C VAL G 805 12.19 79.74 -88.89
N MET G 806 12.27 78.41 -89.00
CA MET G 806 13.43 77.72 -88.45
C MET G 806 14.72 78.04 -89.18
N ILE G 807 14.64 78.63 -90.37
CA ILE G 807 15.84 79.07 -91.08
C ILE G 807 15.90 80.59 -91.10
N ALA G 808 15.30 81.23 -90.09
CA ALA G 808 15.43 82.66 -89.95
C ALA G 808 16.84 83.02 -89.47
N LYS G 809 17.26 84.24 -89.78
CA LYS G 809 18.62 84.66 -89.46
C LYS G 809 18.88 84.68 -87.96
N GLU G 810 17.86 84.95 -87.15
CA GLU G 810 18.04 85.12 -85.72
C GLU G 810 17.87 83.83 -84.93
N VAL G 811 17.44 82.75 -85.55
CA VAL G 811 17.31 81.47 -84.85
C VAL G 811 18.68 80.83 -84.74
N LYS G 812 18.85 79.97 -83.72
CA LYS G 812 20.15 79.41 -83.38
C LYS G 812 20.45 78.11 -84.11
N THR G 813 19.65 77.74 -85.10
CA THR G 813 19.94 76.54 -85.88
C THR G 813 21.31 76.65 -86.53
N SER G 814 22.05 75.54 -86.52
CA SER G 814 23.38 75.55 -87.10
C SER G 814 23.30 75.74 -88.61
N PRO G 815 24.30 76.41 -89.21
CA PRO G 815 24.23 76.66 -90.65
C PRO G 815 24.03 75.40 -91.48
N ASP G 816 24.70 74.30 -91.14
CA ASP G 816 24.47 73.05 -91.85
C ASP G 816 23.05 72.53 -91.58
N ALA G 817 22.55 72.72 -90.37
CA ALA G 817 21.16 72.38 -90.08
C ALA G 817 20.20 73.22 -90.91
N LYS G 818 20.49 74.52 -91.07
CA LYS G 818 19.64 75.36 -91.91
C LYS G 818 19.66 74.88 -93.36
N LYS G 819 20.84 74.52 -93.88
CA LYS G 819 20.90 73.99 -95.24
C LYS G 819 20.11 72.70 -95.35
N CYS G 820 20.23 71.81 -94.36
CA CYS G 820 19.49 70.57 -94.38
C CYS G 820 17.98 70.84 -94.41
N ILE G 821 17.52 71.77 -93.58
CA ILE G 821 16.10 72.10 -93.56
C ILE G 821 15.67 72.60 -94.92
N ALA G 822 16.40 73.56 -95.47
CA ALA G 822 16.04 74.12 -96.76
C ALA G 822 16.01 73.06 -97.85
N ALA G 823 16.91 72.09 -97.79
CA ALA G 823 16.97 71.06 -98.83
C ALA G 823 15.72 70.18 -98.83
N CYS G 824 14.99 70.11 -97.72
CA CYS G 824 13.75 69.35 -97.70
C CYS G 824 12.76 70.02 -98.64
N THR G 825 12.00 69.22 -99.37
CA THR G 825 11.08 69.78 -100.37
C THR G 825 9.66 69.84 -99.87
N GLY G 826 9.35 69.08 -98.83
CA GLY G 826 8.01 69.05 -98.30
C GLY G 826 7.07 68.33 -99.25
N VAL G 827 5.81 68.26 -98.83
CA VAL G 827 4.79 67.54 -99.58
C VAL G 827 3.46 68.26 -99.44
N PRO G 828 2.58 68.12 -100.43
CA PRO G 828 1.23 68.68 -100.30
C PRO G 828 0.42 67.97 -99.23
N ASP G 829 -0.65 68.64 -98.80
CA ASP G 829 -1.41 68.18 -97.64
C ASP G 829 -2.01 66.80 -97.86
N ASP G 830 -2.40 66.47 -99.09
CA ASP G 830 -3.06 65.20 -99.34
C ASP G 830 -2.14 64.00 -99.17
N LYS G 831 -0.83 64.22 -99.00
CA LYS G 831 0.12 63.14 -98.85
C LYS G 831 0.93 63.20 -97.56
N TRP G 832 0.66 64.17 -96.68
CA TRP G 832 1.43 64.26 -95.45
C TRP G 832 1.36 62.98 -94.63
N GLU G 833 0.26 62.22 -94.77
CA GLU G 833 0.11 60.99 -94.00
C GLU G 833 1.17 59.96 -94.35
N GLN G 834 1.88 60.14 -95.47
CA GLN G 834 2.95 59.22 -95.83
C GLN G 834 4.25 59.61 -95.16
N THR G 835 4.21 59.86 -93.85
CA THR G 835 5.39 59.98 -93.03
C THR G 835 5.42 58.93 -91.93
N TYR G 836 4.29 58.27 -91.67
CA TYR G 836 4.27 57.17 -90.73
C TYR G 836 5.01 55.94 -91.24
N LYS G 837 5.31 55.89 -92.54
CA LYS G 837 5.88 54.71 -93.15
C LYS G 837 7.26 54.93 -93.77
N LYS G 838 7.48 56.07 -94.41
CA LYS G 838 8.74 56.29 -95.12
C LYS G 838 8.95 57.79 -95.28
N PRO G 839 10.18 58.22 -95.56
CA PRO G 839 10.41 59.65 -95.80
C PRO G 839 9.60 60.15 -96.97
N THR G 840 9.07 61.37 -96.82
CA THR G 840 8.29 62.02 -97.87
C THR G 840 8.59 63.50 -97.83
N GLY G 841 9.06 64.05 -98.94
CA GLY G 841 9.48 65.43 -98.95
C GLY G 841 10.65 65.71 -98.04
N GLY G 842 11.38 64.68 -97.62
CA GLY G 842 12.50 64.83 -96.72
C GLY G 842 12.15 64.71 -95.25
N ILE G 843 10.90 64.42 -94.91
CA ILE G 843 10.47 64.31 -93.52
C ILE G 843 9.87 62.93 -93.31
N VAL G 844 9.97 62.45 -92.07
CA VAL G 844 9.43 61.15 -91.67
C VAL G 844 8.95 61.27 -90.24
N THR G 845 8.17 60.28 -89.81
CA THR G 845 7.62 60.24 -88.46
C THR G 845 8.30 59.14 -87.66
N VAL G 846 8.70 59.47 -86.43
CA VAL G 846 9.30 58.51 -85.51
C VAL G 846 8.66 58.72 -84.14
N ARG G 847 8.77 57.70 -83.29
CA ARG G 847 8.15 57.72 -81.98
C ARG G 847 9.14 58.24 -80.94
N SER G 848 8.61 58.93 -79.94
CA SER G 848 9.42 59.50 -78.88
C SER G 848 9.60 58.46 -77.76
N GLU G 849 10.16 58.90 -76.63
CA GLU G 849 10.37 58.00 -75.51
C GLU G 849 9.05 57.41 -75.03
N MET G 850 8.02 58.24 -74.93
CA MET G 850 6.71 57.80 -74.47
C MET G 850 5.87 57.21 -75.60
N GLY G 851 6.35 57.26 -76.84
CA GLY G 851 5.63 56.70 -77.96
C GLY G 851 4.83 57.70 -78.78
N GLU G 852 5.08 59.00 -78.65
CA GLU G 852 4.31 59.98 -79.39
C GLU G 852 4.95 60.26 -80.76
N PRO G 853 4.17 60.37 -81.82
CA PRO G 853 4.76 60.69 -83.13
C PRO G 853 5.44 62.04 -83.12
N ILE G 854 6.55 62.13 -83.84
CA ILE G 854 7.26 63.38 -84.07
C ILE G 854 7.66 63.45 -85.53
N HIS G 855 7.52 64.63 -86.12
CA HIS G 855 7.95 64.86 -87.49
C HIS G 855 9.38 65.40 -87.46
N LYS G 856 10.32 64.61 -88.01
CA LYS G 856 11.72 64.99 -88.05
C LYS G 856 12.25 64.81 -89.46
N ILE G 857 13.30 65.57 -89.78
CA ILE G 857 13.95 65.42 -91.07
C ILE G 857 14.59 64.04 -91.15
N ALA G 858 14.42 63.38 -92.29
CA ALA G 858 14.90 62.02 -92.48
C ALA G 858 16.42 62.03 -92.70
N THR G 859 17.13 62.28 -91.60
CA THR G 859 18.58 62.15 -91.59
C THR G 859 18.96 60.71 -91.24
N ARG G 860 20.23 60.38 -91.46
CA ARG G 860 20.69 59.03 -91.15
C ARG G 860 20.42 58.69 -89.69
N GLY G 861 20.60 59.65 -88.78
CA GLY G 861 20.28 59.41 -87.39
C GLY G 861 18.81 59.13 -87.18
N VAL G 862 17.94 59.90 -87.84
CA VAL G 862 16.50 59.66 -87.69
C VAL G 862 16.10 58.34 -88.36
N MET G 863 16.74 57.99 -89.47
CA MET G 863 16.44 56.71 -90.10
C MET G 863 16.84 55.55 -89.20
N LEU G 864 18.00 55.66 -88.53
CA LEU G 864 18.35 54.66 -87.54
C LEU G 864 17.33 54.63 -86.40
N TRP G 865 16.88 55.81 -85.97
CA TRP G 865 15.85 55.89 -84.94
C TRP G 865 14.60 55.12 -85.36
N LYS G 866 14.15 55.31 -86.60
CA LYS G 866 12.96 54.62 -87.08
C LYS G 866 13.19 53.12 -87.16
N GLU G 867 14.35 52.71 -87.67
CA GLU G 867 14.67 51.29 -87.75
C GLU G 867 14.59 50.64 -86.37
N PHE G 868 15.26 51.25 -85.39
CA PHE G 868 15.21 50.71 -84.03
C PHE G 868 13.79 50.73 -83.50
N ASP G 869 13.04 51.79 -83.79
CA ASP G 869 11.65 51.85 -83.33
C ASP G 869 10.89 50.60 -83.75
N GLU G 870 11.04 50.21 -85.02
CA GLU G 870 10.29 49.07 -85.51
C GLU G 870 10.99 47.72 -85.31
N THR G 871 12.22 47.70 -84.83
CA THR G 871 12.96 46.43 -84.72
C THR G 871 13.39 46.06 -83.31
N ILE G 872 13.61 47.03 -82.41
CA ILE G 872 14.10 46.78 -81.06
C ILE G 872 13.12 47.29 -80.01
N PHE G 873 12.68 48.54 -80.15
CA PHE G 873 11.94 49.20 -79.08
C PHE G 873 10.50 48.73 -78.99
N ASN G 874 9.99 48.06 -80.01
CA ASN G 874 8.65 47.48 -79.97
C ASN G 874 8.68 46.04 -79.47
N LEU G 875 9.84 45.50 -79.15
CA LEU G 875 9.92 44.13 -78.67
C LEU G 875 9.38 44.03 -77.23
N PRO G 876 8.83 42.90 -76.86
CA PRO G 876 8.44 42.69 -75.46
C PRO G 876 9.66 42.63 -74.56
N LYS G 877 9.42 42.81 -73.26
CA LYS G 877 10.52 42.90 -72.31
C LYS G 877 11.37 41.64 -72.32
N ASN G 878 10.73 40.46 -72.35
CA ASN G 878 11.46 39.21 -72.30
C ASN G 878 12.30 38.96 -73.54
N LYS G 879 12.13 39.73 -74.60
CA LYS G 879 12.91 39.56 -75.82
C LYS G 879 13.91 40.68 -76.07
N LEU G 880 13.84 41.77 -75.31
CA LEU G 880 14.69 42.92 -75.59
C LEU G 880 16.16 42.56 -75.45
N VAL G 881 16.53 42.01 -74.29
CA VAL G 881 17.94 41.73 -74.02
C VAL G 881 18.51 40.69 -74.99
N PRO G 882 17.85 39.56 -75.24
CA PRO G 882 18.38 38.63 -76.25
C PRO G 882 18.60 39.29 -77.59
N THR G 883 17.71 40.18 -78.01
CA THR G 883 17.88 40.83 -79.30
C THR G 883 19.09 41.76 -79.28
N LEU G 884 19.22 42.58 -78.23
CA LEU G 884 20.40 43.43 -78.12
C LEU G 884 21.67 42.61 -78.17
N GLU G 885 21.70 41.49 -77.43
CA GLU G 885 22.88 40.64 -77.40
C GLU G 885 23.16 40.05 -78.78
N ALA G 886 22.13 39.63 -79.49
CA ALA G 886 22.32 39.05 -80.81
C ALA G 886 22.83 40.09 -81.80
N LYS G 887 22.45 41.35 -81.62
CA LYS G 887 22.72 42.40 -82.60
C LYS G 887 23.75 43.41 -82.11
N ARG G 888 24.59 43.02 -81.15
CA ARG G 888 25.50 43.99 -80.55
C ARG G 888 26.40 44.62 -81.60
N ASP G 889 26.97 43.81 -82.49
CA ASP G 889 27.92 44.35 -83.46
C ASP G 889 27.24 45.29 -84.43
N TYR G 890 26.10 44.88 -84.98
CA TYR G 890 25.37 45.73 -85.91
C TYR G 890 24.92 47.02 -85.22
N ILE G 891 24.40 46.91 -84.01
CA ILE G 891 23.94 48.11 -83.30
C ILE G 891 25.10 49.05 -83.04
N ILE G 892 26.23 48.53 -82.59
CA ILE G 892 27.38 49.38 -82.30
C ILE G 892 27.87 50.07 -83.57
N SER G 893 27.95 49.33 -84.67
CA SER G 893 28.41 49.94 -85.91
C SER G 893 27.45 51.04 -86.37
N ARG G 894 26.14 50.78 -86.27
CA ARG G 894 25.18 51.80 -86.64
C ARG G 894 25.32 53.03 -85.76
N LEU G 895 25.45 52.84 -84.45
CA LEU G 895 25.62 53.98 -83.54
C LEU G 895 26.83 54.80 -83.92
N ASN G 896 27.96 54.14 -84.14
CA ASN G 896 29.19 54.87 -84.42
C ASN G 896 29.15 55.55 -85.78
N ALA G 897 28.39 54.99 -86.73
CA ALA G 897 28.39 55.56 -88.07
C ALA G 897 27.37 56.67 -88.25
N ASP G 898 26.16 56.51 -87.70
CA ASP G 898 25.01 57.26 -88.18
C ASP G 898 24.20 57.96 -87.10
N PHE G 899 24.70 58.09 -85.86
CA PHE G 899 23.90 58.65 -84.79
C PHE G 899 24.67 59.72 -84.03
N GLN G 900 23.91 60.60 -83.37
CA GLN G 900 24.48 61.69 -82.58
C GLN G 900 24.99 61.24 -81.23
N LYS G 901 24.64 60.04 -80.77
CA LYS G 901 25.14 59.46 -79.53
C LYS G 901 25.89 58.19 -79.87
N PRO G 902 27.19 58.26 -80.11
CA PRO G 902 27.94 57.07 -80.54
C PRO G 902 28.18 56.10 -79.39
N TRP G 903 28.62 54.90 -79.77
CA TRP G 903 29.06 53.90 -78.80
C TRP G 903 30.27 54.42 -78.05
N PHE G 904 30.16 54.51 -76.72
CA PHE G 904 31.23 55.13 -75.95
C PHE G 904 32.54 54.36 -76.09
N ALA G 905 32.49 53.03 -75.89
CA ALA G 905 33.70 52.21 -75.85
C ALA G 905 34.16 51.89 -77.27
N THR G 906 34.71 52.91 -77.92
CA THR G 906 35.26 52.79 -79.26
C THR G 906 36.61 53.49 -79.25
N VAL G 907 37.69 52.71 -79.30
CA VAL G 907 39.04 53.23 -79.20
C VAL G 907 39.65 53.18 -80.60
N ASN G 908 39.93 54.36 -81.16
CA ASN G 908 40.56 54.45 -82.47
C ASN G 908 39.79 53.66 -83.52
N GLY G 909 38.47 53.72 -83.44
CA GLY G 909 37.61 53.07 -84.41
C GLY G 909 37.34 51.61 -84.15
N GLN G 910 37.94 51.01 -83.12
CA GLN G 910 37.73 49.62 -82.79
C GLN G 910 36.68 49.53 -81.69
N ALA G 911 35.59 48.83 -81.98
CA ALA G 911 34.52 48.67 -81.00
C ALA G 911 35.00 47.80 -79.84
N ARG G 912 34.57 48.15 -78.64
CA ARG G 912 35.04 47.49 -77.42
C ARG G 912 33.89 47.45 -76.42
N ASP G 913 34.25 47.23 -75.16
CA ASP G 913 33.34 47.38 -74.03
C ASP G 913 34.03 48.19 -72.96
N LEU G 914 33.25 48.68 -72.00
CA LEU G 914 33.83 49.36 -70.86
C LEU G 914 34.81 48.45 -70.12
N ALA G 915 34.49 47.16 -70.02
CA ALA G 915 35.35 46.21 -69.33
C ALA G 915 36.65 45.96 -70.07
N THR G 916 36.73 46.31 -71.35
CA THR G 916 37.89 46.05 -72.18
C THR G 916 38.66 47.34 -72.49
N MET G 917 38.38 48.42 -71.78
CA MET G 917 39.06 49.69 -71.93
C MET G 917 39.98 49.94 -70.75
N THR G 918 41.07 50.64 -71.01
CA THR G 918 41.95 51.03 -69.93
C THR G 918 41.43 52.32 -69.36
N TYR G 919 41.83 52.67 -68.15
CA TYR G 919 41.41 53.92 -67.53
C TYR G 919 41.82 55.11 -68.39
N GLU G 920 43.03 55.07 -68.92
CA GLU G 920 43.50 56.15 -69.77
C GLU G 920 42.63 56.28 -71.02
N GLU G 921 42.25 55.16 -71.61
CA GLU G 921 41.40 55.19 -72.80
C GLU G 921 40.05 55.78 -72.48
N VAL G 922 39.52 55.50 -71.31
CA VAL G 922 38.23 56.06 -70.89
C VAL G 922 38.36 57.57 -70.72
N ALA G 923 39.42 58.03 -70.06
CA ALA G 923 39.60 59.46 -69.83
C ALA G 923 39.74 60.22 -71.16
N LYS G 924 40.53 59.68 -72.08
CA LYS G 924 40.72 60.33 -73.36
C LYS G 924 39.43 60.33 -74.17
N ARG G 925 38.66 59.26 -74.11
CA ARG G 925 37.39 59.22 -74.82
C ARG G 925 36.41 60.25 -74.26
N LEU G 926 36.38 60.39 -72.94
CA LEU G 926 35.53 61.42 -72.35
C LEU G 926 35.94 62.80 -72.82
N VAL G 927 37.25 63.08 -72.86
CA VAL G 927 37.70 64.39 -73.32
C VAL G 927 37.36 64.57 -74.80
N GLU G 928 37.45 63.51 -75.59
CA GLU G 928 37.18 63.62 -77.02
C GLU G 928 35.71 63.89 -77.29
N LEU G 929 34.82 63.34 -76.46
CA LEU G 929 33.39 63.47 -76.72
C LEU G 929 32.73 64.64 -75.99
N MET G 930 33.34 65.18 -74.95
CA MET G 930 32.71 66.24 -74.19
C MET G 930 33.41 67.59 -74.25
N PHE G 931 34.63 67.65 -74.81
CA PHE G 931 35.41 68.87 -74.85
C PHE G 931 35.47 69.35 -76.29
N ILE G 932 35.14 70.63 -76.49
CA ILE G 932 35.13 71.21 -77.83
C ILE G 932 36.47 71.88 -78.09
N ARG G 933 37.15 71.47 -79.15
CA ARG G 933 38.44 72.05 -79.47
C ARG G 933 38.28 73.43 -80.09
N SER G 934 37.26 73.63 -80.92
CA SER G 934 37.08 74.92 -81.57
C SER G 934 36.92 76.04 -80.55
N THR G 935 36.08 75.82 -79.55
CA THR G 935 35.86 76.80 -78.49
C THR G 935 36.81 76.64 -77.33
N ASN G 936 37.64 75.59 -77.33
CA ASN G 936 38.62 75.37 -76.26
C ASN G 936 37.95 75.27 -74.91
N SER G 937 36.73 74.74 -74.86
CA SER G 937 36.01 74.65 -73.61
C SER G 937 35.18 73.37 -73.61
N TRP G 938 34.80 72.97 -72.39
CA TRP G 938 33.81 71.93 -72.23
C TRP G 938 32.45 72.44 -72.69
N PHE G 939 31.66 71.57 -73.31
CA PHE G 939 30.35 71.99 -73.77
C PHE G 939 29.47 72.43 -72.61
N ASP G 940 29.59 71.76 -71.47
CA ASP G 940 28.92 72.25 -70.27
C ASP G 940 29.68 71.74 -69.05
N VAL G 941 29.45 72.41 -67.92
CA VAL G 941 30.29 72.20 -66.74
C VAL G 941 29.99 70.88 -66.05
N THR G 942 28.81 70.30 -66.25
CA THR G 942 28.52 69.02 -65.63
C THR G 942 29.30 67.89 -66.27
N TRP G 943 29.60 67.99 -67.58
CA TRP G 943 30.49 67.04 -68.21
C TRP G 943 31.93 67.20 -67.69
N ARG G 944 32.33 68.44 -67.44
CA ARG G 944 33.60 68.70 -66.78
C ARG G 944 33.65 68.01 -65.42
N THR G 945 32.58 68.15 -64.64
CA THR G 945 32.52 67.50 -63.34
C THR G 945 32.57 65.98 -63.49
N PHE G 946 31.88 65.44 -64.50
CA PHE G 946 31.93 64.01 -64.75
C PHE G 946 33.36 63.51 -64.97
N THR G 947 34.09 64.18 -65.87
CA THR G 947 35.45 63.77 -66.15
C THR G 947 36.34 63.91 -64.93
N GLY G 948 36.18 65.00 -64.17
CA GLY G 948 36.95 65.16 -62.95
C GLY G 948 36.66 64.09 -61.91
N ASP G 949 35.38 63.70 -61.79
CA ASP G 949 35.04 62.62 -60.88
C ASP G 949 35.73 61.33 -61.30
N PHE G 950 35.74 61.06 -62.60
CA PHE G 950 36.41 59.86 -63.08
C PHE G 950 37.90 59.87 -62.76
N LEU G 951 38.56 61.02 -62.96
CA LEU G 951 39.99 61.09 -62.66
C LEU G 951 40.27 60.95 -61.16
N ARG G 952 39.40 61.51 -60.32
CA ARG G 952 39.55 61.29 -58.89
C ARG G 952 39.43 59.81 -58.55
N ARG G 953 38.50 59.10 -59.17
CA ARG G 953 38.38 57.67 -58.93
C ARG G 953 39.62 56.93 -59.41
N VAL G 954 40.18 57.35 -60.56
CA VAL G 954 41.42 56.74 -61.03
C VAL G 954 42.50 56.85 -59.96
N GLU G 955 42.69 58.06 -59.43
CA GLU G 955 43.67 58.25 -58.37
C GLU G 955 43.37 57.37 -57.18
N GLU G 956 42.11 57.25 -56.79
CA GLU G 956 41.76 56.45 -55.62
C GLU G 956 42.10 54.98 -55.87
N ARG G 957 41.81 54.49 -57.07
CA ARG G 957 42.07 53.10 -57.39
C ARG G 957 43.56 52.80 -57.36
N PHE G 958 44.39 53.67 -57.93
CA PHE G 958 45.79 53.32 -58.14
C PHE G 958 46.74 53.93 -57.10
N THR G 959 46.24 54.52 -56.04
CA THR G 959 47.09 55.07 -55.01
C THR G 959 47.23 54.08 -53.87
N LYS G 960 48.41 54.08 -53.24
CA LYS G 960 48.70 53.13 -52.19
C LYS G 960 48.47 53.67 -50.78
N SER G 961 48.35 54.98 -50.61
CA SER G 961 48.16 55.56 -49.28
C SER G 961 47.46 56.91 -49.43
N LYS G 962 47.08 57.48 -48.29
CA LYS G 962 46.56 58.84 -48.25
C LYS G 962 47.46 59.77 -49.04
N THR G 963 46.87 60.57 -49.91
CA THR G 963 47.65 61.48 -50.72
C THR G 963 46.78 62.67 -51.10
N LEU G 964 47.43 63.75 -51.50
CA LEU G 964 46.72 64.91 -52.04
C LEU G 964 46.31 64.63 -53.48
N SER G 965 45.06 64.94 -53.80
CA SER G 965 44.58 64.79 -55.16
C SER G 965 45.37 65.70 -56.09
N LEU G 966 45.68 65.19 -57.27
CA LEU G 966 46.34 65.98 -58.31
C LEU G 966 45.37 66.86 -59.08
N ILE G 967 44.07 66.63 -58.94
CA ILE G 967 43.06 67.55 -59.46
C ILE G 967 42.41 68.23 -58.27
N GLN G 968 42.98 69.35 -57.83
CA GLN G 968 42.44 70.04 -56.66
C GLN G 968 41.15 70.78 -57.01
N SER G 969 41.11 71.43 -58.15
CA SER G 969 39.92 72.09 -58.66
C SER G 969 39.68 71.59 -60.07
N TYR G 970 38.42 71.26 -60.38
CA TYR G 970 38.11 70.79 -61.72
C TYR G 970 38.35 71.87 -62.77
N SER G 971 38.52 73.12 -62.34
CA SER G 971 38.89 74.17 -63.28
C SER G 971 40.22 73.87 -63.97
N LEU G 972 41.05 73.02 -63.38
CA LEU G 972 42.28 72.60 -64.05
C LEU G 972 42.00 71.82 -65.33
N LEU G 973 40.79 71.30 -65.49
CA LEU G 973 40.44 70.53 -66.68
C LEU G 973 40.14 71.40 -67.89
N ASP G 974 40.27 72.73 -67.77
CA ASP G 974 40.13 73.58 -68.93
C ASP G 974 41.25 73.38 -69.93
N LYS G 975 42.29 72.64 -69.56
CA LYS G 975 43.29 72.13 -70.49
C LYS G 975 43.35 70.61 -70.28
N PRO G 976 42.39 69.87 -70.85
CA PRO G 976 42.24 68.47 -70.44
C PRO G 976 43.46 67.62 -70.70
N ASP G 977 44.19 67.89 -71.77
CA ASP G 977 45.35 67.07 -72.11
C ASP G 977 46.36 67.07 -70.97
N GLU G 978 46.67 68.26 -70.44
CA GLU G 978 47.67 68.36 -69.40
C GLU G 978 47.22 67.69 -68.12
N ALA G 979 45.94 67.84 -67.77
CA ALA G 979 45.43 67.19 -66.56
C ALA G 979 45.47 65.67 -66.68
N ILE G 980 45.12 65.15 -67.86
CA ILE G 980 45.19 63.71 -68.08
C ILE G 980 46.63 63.24 -67.98
N GLU G 981 47.55 63.98 -68.61
CA GLU G 981 48.95 63.61 -68.56
C GLU G 981 49.44 63.59 -67.12
N LYS G 982 49.07 64.59 -66.34
CA LYS G 982 49.47 64.64 -64.93
C LYS G 982 48.96 63.41 -64.19
N VAL G 983 47.65 63.13 -64.33
CA VAL G 983 47.06 62.03 -63.57
C VAL G 983 47.72 60.71 -63.91
N PHE G 984 47.94 60.46 -65.20
CA PHE G 984 48.47 59.16 -65.60
C PHE G 984 49.98 59.08 -65.59
N ASN G 985 50.67 60.20 -65.40
CA ASN G 985 52.08 60.14 -65.04
C ASN G 985 52.25 59.83 -63.57
N ALA G 986 51.33 60.28 -62.72
CA ALA G 986 51.40 59.91 -61.31
C ALA G 986 51.07 58.44 -61.09
N TYR G 987 50.18 57.88 -61.92
CA TYR G 987 49.70 56.50 -61.77
C TYR G 987 49.82 55.79 -63.11
N PRO G 988 51.05 55.51 -63.55
CA PRO G 988 51.25 54.93 -64.87
C PRO G 988 50.62 53.56 -65.08
N ALA G 989 50.35 52.83 -63.99
CA ALA G 989 49.75 51.50 -64.12
C ALA G 989 48.33 51.57 -64.66
N ALA G 990 47.69 52.74 -64.62
CA ALA G 990 46.35 52.91 -65.14
C ALA G 990 46.30 53.03 -66.65
N ARG G 991 47.44 53.10 -67.30
CA ARG G 991 47.44 53.19 -68.75
C ARG G 991 47.39 51.81 -69.42
N GLU G 992 47.48 50.74 -68.64
CA GLU G 992 47.52 49.40 -69.22
C GLU G 992 46.77 48.40 -68.36
N GLN G 993 45.75 48.85 -67.65
CA GLN G 993 44.92 47.95 -66.88
C GLN G 993 43.48 48.27 -67.22
N PHE G 994 42.68 47.25 -67.50
CA PHE G 994 41.29 47.47 -67.80
C PHE G 994 40.59 47.95 -66.55
N LEU G 995 39.42 48.53 -66.74
CA LEU G 995 38.65 49.03 -65.62
C LEU G 995 38.34 47.88 -64.65
N ASN G 996 38.57 48.12 -63.37
CA ASN G 996 38.03 47.27 -62.35
C ASN G 996 36.51 47.22 -62.52
N ALA G 997 35.93 46.03 -62.34
CA ALA G 997 34.49 45.88 -62.53
C ALA G 997 33.71 46.89 -61.68
N GLN G 998 34.20 47.16 -60.48
CA GLN G 998 33.55 48.14 -59.62
C GLN G 998 33.54 49.52 -60.27
N ASP G 999 34.63 49.87 -60.95
CA ASP G 999 34.69 51.18 -61.59
C ASP G 999 33.82 51.23 -62.84
N ILE G 1000 33.61 50.10 -63.52
CA ILE G 1000 32.59 50.04 -64.56
C ILE G 1000 31.24 50.39 -63.98
N ASP G 1001 30.90 49.75 -62.85
CA ASP G 1001 29.61 50.04 -62.23
C ASP G 1001 29.50 51.50 -61.82
N HIS G 1002 30.58 52.06 -61.28
CA HIS G 1002 30.57 53.46 -60.88
C HIS G 1002 30.39 54.38 -62.08
N PHE G 1003 31.09 54.09 -63.18
CA PHE G 1003 30.96 54.88 -64.40
C PHE G 1003 29.51 54.87 -64.88
N LEU G 1004 28.91 53.68 -64.97
CA LEU G 1004 27.54 53.61 -65.45
C LEU G 1004 26.57 54.26 -64.48
N SER G 1005 26.85 54.18 -63.18
CA SER G 1005 26.04 54.86 -62.19
C SER G 1005 26.03 56.37 -62.43
N MET G 1006 27.21 56.95 -62.65
CA MET G 1006 27.24 58.40 -62.82
C MET G 1006 26.92 58.82 -64.25
N CYS G 1007 26.72 57.87 -65.17
CA CYS G 1007 26.04 58.17 -66.42
C CYS G 1007 24.54 58.38 -66.21
N GLN G 1008 24.01 57.99 -65.06
CA GLN G 1008 22.59 58.07 -64.74
C GLN G 1008 22.31 59.12 -63.66
N ASN G 1009 23.15 60.14 -63.59
CA ASN G 1009 23.02 61.16 -62.54
C ASN G 1009 21.95 62.17 -62.94
N PRO G 1010 20.86 62.31 -62.18
CA PRO G 1010 19.80 63.24 -62.60
C PRO G 1010 20.24 64.69 -62.70
N MET G 1011 21.09 65.16 -61.79
CA MET G 1011 21.52 66.55 -61.77
C MET G 1011 22.76 66.75 -62.65
N GLN G 1012 22.57 66.46 -63.93
CA GLN G 1012 23.68 66.41 -64.86
C GLN G 1012 23.10 66.30 -66.27
N LYS G 1013 23.67 67.05 -67.19
CA LYS G 1013 23.24 66.95 -68.58
C LYS G 1013 23.50 65.55 -69.10
N PRO G 1014 22.53 64.89 -69.73
CA PRO G 1014 22.75 63.51 -70.16
C PRO G 1014 24.00 63.37 -71.02
N VAL G 1015 24.74 62.30 -70.78
CA VAL G 1015 26.04 62.11 -71.45
C VAL G 1015 25.80 61.93 -72.95
N PRO G 1016 26.67 62.44 -73.81
CA PRO G 1016 26.46 62.36 -75.26
C PRO G 1016 26.97 61.08 -75.91
N PHE G 1017 26.61 59.93 -75.34
CA PHE G 1017 27.06 58.66 -75.88
C PHE G 1017 26.24 57.54 -75.26
N VAL G 1018 26.32 56.37 -75.87
CA VAL G 1018 25.68 55.16 -75.36
C VAL G 1018 26.75 54.33 -74.65
N PRO G 1019 26.66 54.15 -73.34
CA PRO G 1019 27.74 53.47 -72.61
C PRO G 1019 27.57 51.97 -72.43
N VAL G 1020 26.38 51.42 -72.68
CA VAL G 1020 26.09 50.02 -72.41
C VAL G 1020 24.82 49.64 -73.15
N LEU G 1021 24.66 48.36 -73.44
CA LEU G 1021 23.44 47.81 -74.02
C LEU G 1021 22.74 46.98 -72.96
N ASP G 1022 21.55 47.43 -72.54
CA ASP G 1022 20.81 46.76 -71.49
C ASP G 1022 19.36 47.18 -71.59
N ARG G 1023 18.59 46.94 -70.52
CA ARG G 1023 17.16 47.25 -70.54
C ARG G 1023 16.87 48.74 -70.73
N ARG G 1024 17.85 49.61 -70.48
CA ARG G 1024 17.65 51.05 -70.61
C ARG G 1024 18.27 51.60 -71.89
N PHE G 1025 18.41 50.77 -72.91
CA PHE G 1025 18.98 51.23 -74.18
C PHE G 1025 18.09 52.28 -74.82
N GLU G 1026 16.77 52.14 -74.71
CA GLU G 1026 15.88 53.13 -75.29
C GLU G 1026 16.10 54.50 -74.64
N ILE G 1027 16.21 54.53 -73.32
CA ILE G 1027 16.45 55.79 -72.63
C ILE G 1027 17.79 56.37 -73.05
N PHE G 1028 18.83 55.53 -73.11
CA PHE G 1028 20.14 56.04 -73.51
C PHE G 1028 20.11 56.59 -74.93
N PHE G 1029 19.37 55.93 -75.81
CA PHE G 1029 19.37 56.29 -77.23
C PHE G 1029 18.56 57.55 -77.49
N LYS G 1030 17.46 57.75 -76.77
CA LYS G 1030 16.50 58.78 -77.11
C LYS G 1030 16.63 60.05 -76.29
N LYS G 1031 17.07 59.97 -75.04
CA LYS G 1031 16.97 61.12 -74.15
C LYS G 1031 17.81 62.29 -74.65
N ASP G 1032 17.24 63.50 -74.53
CA ASP G 1032 17.95 64.75 -74.79
C ASP G 1032 18.52 64.77 -76.21
N SER G 1033 17.61 64.70 -77.18
CA SER G 1033 17.97 64.52 -78.58
C SER G 1033 17.82 65.78 -79.43
N LEU G 1034 17.38 66.89 -78.85
CA LEU G 1034 16.99 68.06 -79.64
C LEU G 1034 18.02 69.18 -79.65
N TRP G 1035 18.95 69.22 -78.69
CA TRP G 1035 19.88 70.34 -78.63
C TRP G 1035 20.96 70.26 -79.70
N GLN G 1036 21.26 69.06 -80.20
CA GLN G 1036 22.40 68.90 -81.12
C GLN G 1036 22.21 69.65 -82.43
N SER G 1037 20.98 70.00 -82.80
CA SER G 1037 20.77 70.71 -84.07
C SER G 1037 21.39 72.10 -84.05
N GLU G 1038 21.40 72.74 -82.88
CA GLU G 1038 21.91 74.10 -82.74
C GLU G 1038 23.37 74.14 -82.29
N HIS G 1039 24.00 73.01 -82.04
CA HIS G 1039 25.36 72.97 -81.50
C HIS G 1039 26.18 71.90 -82.21
N LEU G 1040 26.21 71.95 -83.54
CA LEU G 1040 26.92 70.92 -84.29
C LEU G 1040 28.39 70.82 -83.92
N GLU G 1041 28.95 71.87 -83.31
CA GLU G 1041 30.34 71.79 -82.86
C GLU G 1041 30.55 70.75 -81.79
N ALA G 1042 29.47 70.27 -81.15
CA ALA G 1042 29.55 69.23 -80.13
C ALA G 1042 29.08 67.87 -80.67
N VAL G 1043 29.06 67.70 -81.99
CA VAL G 1043 28.72 66.43 -82.61
C VAL G 1043 30.00 65.85 -83.20
N VAL G 1044 29.99 64.53 -83.42
CA VAL G 1044 31.24 63.79 -83.62
C VAL G 1044 32.04 64.37 -84.77
N ASP G 1045 31.41 64.54 -85.93
CA ASP G 1045 32.08 65.12 -87.10
C ASP G 1045 31.46 66.46 -87.49
N GLN G 1046 30.82 67.14 -86.53
CA GLN G 1046 30.00 68.31 -86.85
C GLN G 1046 28.96 67.94 -87.90
N ASP G 1047 28.50 66.70 -87.85
CA ASP G 1047 27.72 66.12 -88.93
C ASP G 1047 26.24 66.31 -88.63
N VAL G 1048 25.56 67.09 -89.47
CA VAL G 1048 24.13 67.31 -89.29
C VAL G 1048 23.35 66.02 -89.53
N GLN G 1049 23.85 65.16 -90.42
CA GLN G 1049 23.13 63.93 -90.74
C GLN G 1049 22.99 63.02 -89.52
N ARG G 1050 23.79 63.23 -88.49
CA ARG G 1050 23.65 62.45 -87.27
C ARG G 1050 22.56 62.99 -86.34
N THR G 1051 22.09 64.21 -86.57
CA THR G 1051 21.22 64.90 -85.61
C THR G 1051 19.76 64.77 -86.00
N CYS G 1052 18.88 65.15 -85.07
CA CYS G 1052 17.44 65.10 -85.29
C CYS G 1052 16.90 66.53 -85.32
N ILE G 1053 16.22 66.88 -86.40
CA ILE G 1053 15.70 68.22 -86.64
C ILE G 1053 14.20 68.12 -86.85
N LEU G 1054 13.43 68.71 -85.95
CA LEU G 1054 11.98 68.68 -86.05
C LEU G 1054 11.52 69.63 -87.15
N HIS G 1055 10.65 69.15 -88.04
CA HIS G 1055 10.16 69.97 -89.14
C HIS G 1055 8.90 69.38 -89.71
N GLY G 1056 7.95 70.22 -90.10
CA GLY G 1056 6.69 69.76 -90.63
C GLY G 1056 6.78 69.44 -92.11
N PRO G 1057 6.11 68.37 -92.54
CA PRO G 1057 6.20 67.99 -93.96
C PRO G 1057 5.59 69.00 -94.90
N VAL G 1058 4.37 69.46 -94.59
CA VAL G 1058 3.68 70.39 -95.49
C VAL G 1058 4.35 71.76 -95.46
N ALA G 1059 4.70 72.25 -94.26
CA ALA G 1059 5.31 73.57 -94.14
C ALA G 1059 6.69 73.62 -94.79
N ALA G 1060 7.32 72.47 -95.00
CA ALA G 1060 8.64 72.43 -95.62
C ALA G 1060 8.64 73.00 -97.03
N GLN G 1061 7.53 72.86 -97.75
CA GLN G 1061 7.44 73.37 -99.11
C GLN G 1061 7.77 74.85 -99.26
N PHE G 1062 7.50 75.67 -98.25
CA PHE G 1062 7.72 77.11 -98.33
C PHE G 1062 9.01 77.57 -97.67
N THR G 1063 9.75 76.64 -97.07
CA THR G 1063 10.99 76.98 -96.37
C THR G 1063 12.15 76.73 -97.30
N LYS G 1064 12.73 77.80 -97.82
CA LYS G 1064 13.81 77.66 -98.79
C LYS G 1064 14.89 78.69 -98.60
N VAL G 1065 14.51 79.95 -98.41
CA VAL G 1065 15.51 81.01 -98.32
C VAL G 1065 16.15 80.96 -96.94
N ILE G 1066 17.48 80.85 -96.91
CA ILE G 1066 18.22 80.67 -95.67
C ILE G 1066 18.62 82.02 -95.10
N ASP G 1067 18.52 82.14 -93.78
CA ASP G 1067 18.95 83.33 -93.05
C ASP G 1067 18.23 84.58 -93.56
N GLU G 1068 16.95 84.42 -93.86
CA GLU G 1068 16.07 85.57 -94.05
C GLU G 1068 15.66 86.10 -92.68
N PRO G 1069 15.83 87.39 -92.39
CA PRO G 1069 15.46 87.89 -91.07
C PRO G 1069 13.98 87.66 -90.78
N ILE G 1070 13.68 87.38 -89.51
CA ILE G 1070 12.31 87.07 -89.11
C ILE G 1070 11.40 88.24 -89.41
N LYS G 1071 11.91 89.46 -89.22
CA LYS G 1071 11.17 90.66 -89.61
C LYS G 1071 10.71 90.55 -91.06
N SER G 1072 11.62 90.15 -91.96
CA SER G 1072 11.28 90.05 -93.37
C SER G 1072 10.20 89.00 -93.62
N ILE G 1073 10.32 87.83 -92.98
CA ILE G 1073 9.36 86.75 -93.22
C ILE G 1073 7.97 87.17 -92.78
N MET G 1074 7.86 87.66 -91.54
CA MET G 1074 6.56 88.05 -91.02
C MET G 1074 5.99 89.24 -91.78
N ASP G 1075 6.83 90.22 -92.11
CA ASP G 1075 6.36 91.36 -92.87
C ASP G 1075 5.90 90.95 -94.26
N GLY G 1076 6.59 89.99 -94.88
CA GLY G 1076 6.14 89.51 -96.17
C GLY G 1076 4.78 88.88 -96.11
N ILE G 1077 4.54 88.04 -95.10
CA ILE G 1077 3.21 87.43 -94.95
C ILE G 1077 2.15 88.51 -94.73
N HIS G 1078 2.41 89.43 -93.80
CA HIS G 1078 1.41 90.44 -93.46
C HIS G 1078 1.15 91.37 -94.64
N ASP G 1079 2.20 91.75 -95.38
CA ASP G 1079 2.02 92.62 -96.53
C ASP G 1079 1.29 91.91 -97.66
N GLY G 1080 1.52 90.61 -97.83
CA GLY G 1080 0.74 89.87 -98.79
C GLY G 1080 -0.74 89.90 -98.43
N HIS G 1081 -1.04 89.68 -97.15
CA HIS G 1081 -2.43 89.75 -96.72
C HIS G 1081 -3.00 91.14 -96.96
N ILE G 1082 -2.22 92.18 -96.65
CA ILE G 1082 -2.70 93.55 -96.81
C ILE G 1082 -3.00 93.84 -98.27
N LYS G 1083 -2.09 93.45 -99.17
CA LYS G 1083 -2.27 93.75 -100.58
C LYS G 1083 -3.47 92.99 -101.16
N LYS G 1084 -3.61 91.72 -100.82
CA LYS G 1084 -4.76 90.96 -101.32
C LYS G 1084 -6.05 91.55 -100.78
N LEU G 1085 -6.09 91.89 -99.49
CA LEU G 1085 -7.30 92.50 -98.92
C LEU G 1085 -7.60 93.82 -99.59
N LEU G 1086 -6.58 94.63 -99.87
CA LEU G 1086 -6.81 95.91 -100.52
C LEU G 1086 -7.44 95.70 -101.89
N HIS G 1087 -6.81 94.87 -102.73
CA HIS G 1087 -7.33 94.63 -104.06
C HIS G 1087 -8.75 94.07 -104.00
N GLN G 1088 -9.05 93.23 -103.01
CA GLN G 1088 -10.34 92.56 -103.00
C GLN G 1088 -11.46 93.43 -102.46
N TYR G 1089 -11.26 94.01 -101.26
CA TYR G 1089 -12.34 94.66 -100.54
C TYR G 1089 -12.20 96.17 -100.42
N TYR G 1090 -11.10 96.77 -100.91
CA TYR G 1090 -10.92 98.21 -100.78
C TYR G 1090 -10.61 98.89 -102.11
N GLY G 1091 -10.79 98.19 -103.23
CA GLY G 1091 -10.58 98.79 -104.52
C GLY G 1091 -9.17 99.29 -104.75
N ASP G 1092 -8.19 98.67 -104.10
CA ASP G 1092 -6.78 99.04 -104.29
C ASP G 1092 -6.55 100.51 -103.91
N ASP G 1093 -7.33 101.01 -102.96
CA ASP G 1093 -7.25 102.39 -102.52
C ASP G 1093 -7.00 102.41 -101.01
N GLU G 1094 -5.88 103.00 -100.59
CA GLU G 1094 -5.58 103.07 -99.17
C GLU G 1094 -6.45 104.09 -98.46
N SER G 1095 -6.94 105.10 -99.19
CA SER G 1095 -7.80 106.10 -98.56
C SER G 1095 -9.09 105.50 -98.03
N LYS G 1096 -9.47 104.31 -98.48
CA LYS G 1096 -10.66 103.65 -97.98
C LYS G 1096 -10.45 103.05 -96.60
N ILE G 1097 -9.21 102.91 -96.15
CA ILE G 1097 -8.93 102.23 -94.88
C ILE G 1097 -9.26 103.18 -93.73
N PRO G 1098 -10.10 102.80 -92.79
CA PRO G 1098 -10.38 103.68 -91.64
C PRO G 1098 -9.14 103.88 -90.78
N ALA G 1099 -9.10 105.03 -90.11
CA ALA G 1099 -7.96 105.43 -89.30
C ALA G 1099 -8.38 105.61 -87.85
N VAL G 1100 -7.53 105.15 -86.94
CA VAL G 1100 -7.72 105.33 -85.51
C VAL G 1100 -6.45 105.92 -84.92
N GLU G 1101 -6.58 106.45 -83.71
CA GLU G 1101 -5.40 106.94 -83.00
C GLU G 1101 -4.43 105.80 -82.68
N TYR G 1102 -4.95 104.67 -82.18
CA TYR G 1102 -4.12 103.51 -81.95
C TYR G 1102 -4.96 102.26 -82.18
N PHE G 1103 -4.27 101.15 -82.43
CA PHE G 1103 -4.89 99.87 -82.76
C PHE G 1103 -4.57 98.90 -81.64
N GLY G 1104 -5.59 98.44 -80.92
CA GLY G 1104 -5.40 97.45 -79.89
C GLY G 1104 -6.15 97.73 -78.60
N GLY G 1105 -6.14 96.75 -77.70
CA GLY G 1105 -6.76 96.90 -76.40
C GLY G 1105 -8.23 96.55 -76.34
N GLU G 1106 -8.80 96.03 -77.42
CA GLU G 1106 -10.23 95.76 -77.48
C GLU G 1106 -10.50 94.29 -77.15
N SER G 1107 -11.41 94.05 -76.22
CA SER G 1107 -11.72 92.69 -75.82
C SER G 1107 -12.52 91.98 -76.89
N PRO G 1108 -12.29 90.69 -77.13
CA PRO G 1108 -13.05 89.98 -78.16
C PRO G 1108 -14.54 89.91 -77.86
N VAL G 1109 -14.92 90.02 -76.60
CA VAL G 1109 -16.31 89.91 -76.23
C VAL G 1109 -17.03 91.26 -76.34
N ASP G 1123 -19.83 117.91 -75.73
CA ASP G 1123 -18.52 118.42 -75.37
C ASP G 1123 -18.43 118.69 -73.87
N SER G 1124 -19.58 118.93 -73.26
CA SER G 1124 -19.67 119.13 -71.81
C SER G 1124 -20.65 118.11 -71.23
N ALA G 1125 -20.29 117.53 -70.09
CA ALA G 1125 -21.14 116.55 -69.44
C ALA G 1125 -20.74 116.45 -67.98
N VAL G 1126 -21.68 115.99 -67.17
CA VAL G 1126 -21.44 115.69 -65.76
C VAL G 1126 -21.98 114.30 -65.47
N PHE G 1127 -21.14 113.47 -64.87
CA PHE G 1127 -21.50 112.12 -64.46
C PHE G 1127 -21.44 112.01 -62.95
N LYS G 1128 -22.33 111.21 -62.38
CA LYS G 1128 -22.43 111.06 -60.94
C LYS G 1128 -22.51 109.59 -60.60
N ALA G 1129 -21.84 109.22 -59.51
CA ALA G 1129 -21.75 107.83 -59.08
C ALA G 1129 -22.67 107.57 -57.91
N THR G 1130 -23.07 106.30 -57.77
CA THR G 1130 -23.87 105.85 -56.64
C THR G 1130 -23.22 104.61 -56.04
N SER G 1131 -23.93 103.93 -55.15
CA SER G 1131 -23.43 102.68 -54.60
C SER G 1131 -23.73 101.49 -55.51
N SER G 1132 -24.40 101.71 -56.63
CA SER G 1132 -24.72 100.64 -57.57
C SER G 1132 -24.29 100.94 -59.01
N THR G 1133 -23.62 102.07 -59.25
CA THR G 1133 -23.16 102.37 -60.60
C THR G 1133 -22.29 101.24 -61.13
N ASP G 1134 -22.63 100.72 -62.30
CA ASP G 1134 -21.82 99.69 -62.91
C ASP G 1134 -20.47 100.25 -63.31
N GLU G 1135 -19.40 99.59 -62.86
CA GLU G 1135 -18.06 100.10 -63.11
C GLU G 1135 -17.77 100.20 -64.60
N GLU G 1136 -18.13 99.17 -65.37
CA GLU G 1136 -17.80 99.15 -66.78
C GLU G 1136 -18.48 100.28 -67.53
N SER G 1137 -19.78 100.47 -67.29
CA SER G 1137 -20.48 101.57 -67.96
C SER G 1137 -19.94 102.92 -67.51
N TRP G 1138 -19.58 103.04 -66.23
CA TRP G 1138 -18.99 104.27 -65.74
C TRP G 1138 -17.73 104.61 -66.51
N PHE G 1139 -16.83 103.64 -66.66
CA PHE G 1139 -15.58 103.88 -67.36
C PHE G 1139 -15.80 104.09 -68.85
N LYS G 1140 -16.78 103.40 -69.44
CA LYS G 1140 -17.10 103.62 -70.84
C LYS G 1140 -17.56 105.04 -71.08
N ALA G 1141 -18.44 105.55 -70.22
CA ALA G 1141 -18.88 106.93 -70.35
C ALA G 1141 -17.72 107.88 -70.17
N LEU G 1142 -16.85 107.62 -69.19
CA LEU G 1142 -15.71 108.50 -68.98
C LEU G 1142 -14.79 108.51 -70.20
N ALA G 1143 -14.56 107.35 -70.80
CA ALA G 1143 -13.64 107.25 -71.93
C ALA G 1143 -14.17 108.00 -73.14
N GLY G 1144 -15.47 107.91 -73.40
CA GLY G 1144 -16.03 108.43 -74.63
C GLY G 1144 -16.10 107.37 -75.71
N SER G 1145 -16.33 107.85 -76.93
CA SER G 1145 -16.46 106.99 -78.11
C SER G 1145 -15.26 107.05 -79.01
N GLU G 1146 -14.69 108.23 -79.24
CA GLU G 1146 -13.52 108.34 -80.08
C GLU G 1146 -12.31 107.70 -79.40
N ILE G 1147 -11.45 107.08 -80.20
CA ILE G 1147 -10.22 106.49 -79.70
C ILE G 1147 -9.18 107.59 -79.61
N ASN G 1148 -8.71 107.88 -78.40
CA ASN G 1148 -7.75 108.94 -78.16
C ASN G 1148 -7.12 108.72 -76.79
N TRP G 1149 -6.40 109.72 -76.29
CA TRP G 1149 -5.72 109.58 -75.02
C TRP G 1149 -6.70 109.30 -73.89
N ARG G 1150 -7.88 109.94 -73.92
CA ARG G 1150 -8.87 109.72 -72.88
C ARG G 1150 -9.40 108.29 -72.92
N HIS G 1151 -9.65 107.78 -74.13
CA HIS G 1151 -10.08 106.40 -74.29
C HIS G 1151 -9.10 105.45 -73.61
N ALA G 1152 -7.82 105.59 -73.95
CA ALA G 1152 -6.80 104.73 -73.36
C ALA G 1152 -6.73 104.91 -71.85
N SER G 1153 -6.79 106.16 -71.40
CA SER G 1153 -6.63 106.44 -69.97
C SER G 1153 -7.71 105.76 -69.16
N PHE G 1154 -8.95 105.76 -69.66
CA PHE G 1154 -10.05 105.21 -68.88
C PHE G 1154 -10.38 103.77 -69.22
N LEU G 1155 -9.78 103.18 -70.24
CA LEU G 1155 -10.08 101.80 -70.61
C LEU G 1155 -8.88 100.85 -70.58
N CYS G 1156 -7.66 101.34 -70.79
CA CYS G 1156 -6.50 100.46 -70.74
C CYS G 1156 -6.40 99.80 -69.38
N SER G 1157 -6.19 98.48 -69.38
CA SER G 1157 -6.12 97.75 -68.11
C SER G 1157 -4.79 97.99 -67.41
N PHE G 1158 -3.70 98.03 -68.16
CA PHE G 1158 -2.37 98.24 -67.60
C PHE G 1158 -1.76 99.51 -68.17
N ILE G 1159 -0.79 100.03 -67.43
CA ILE G 1159 0.10 101.06 -67.94
C ILE G 1159 1.52 100.53 -67.84
N THR G 1160 2.40 101.11 -68.63
CA THR G 1160 3.78 100.66 -68.75
C THR G 1160 4.67 101.49 -67.83
N GLN G 1161 5.37 100.83 -66.91
CA GLN G 1161 6.34 101.55 -66.10
C GLN G 1161 7.60 101.68 -66.95
N ASP G 1162 8.78 101.49 -66.39
CA ASP G 1162 9.99 101.51 -67.20
C ASP G 1162 9.88 100.42 -68.24
N LYS G 1163 9.82 99.18 -67.79
CA LYS G 1163 9.64 98.05 -68.70
C LYS G 1163 8.59 97.08 -68.19
N MET G 1164 7.87 97.43 -67.12
CA MET G 1164 6.95 96.54 -66.44
C MET G 1164 5.51 97.01 -66.68
N PHE G 1165 4.58 96.16 -66.30
CA PHE G 1165 3.16 96.41 -66.48
C PHE G 1165 2.47 96.43 -65.13
N VAL G 1166 1.77 97.53 -64.85
CA VAL G 1166 1.09 97.73 -63.58
C VAL G 1166 -0.32 98.21 -63.88
N SER G 1167 -1.19 98.03 -62.90
CA SER G 1167 -2.58 98.41 -63.06
C SER G 1167 -2.68 99.89 -63.39
N ASN G 1168 -3.60 100.23 -64.27
CA ASN G 1168 -3.79 101.60 -64.70
C ASN G 1168 -4.19 102.46 -63.50
N PRO G 1169 -3.33 103.37 -63.04
CA PRO G 1169 -3.69 104.19 -61.88
C PRO G 1169 -4.91 105.06 -62.10
N ILE G 1170 -5.13 105.52 -63.32
CA ILE G 1170 -6.24 106.43 -63.59
C ILE G 1170 -7.56 105.73 -63.31
N ARG G 1171 -7.69 104.47 -63.73
CA ARG G 1171 -8.94 103.74 -63.50
C ARG G 1171 -9.20 103.57 -62.01
N LYS G 1172 -8.17 103.28 -61.22
CA LYS G 1172 -8.40 103.09 -59.79
C LYS G 1172 -8.70 104.41 -59.09
N VAL G 1173 -8.12 105.51 -59.56
CA VAL G 1173 -8.44 106.81 -58.96
C VAL G 1173 -9.90 107.18 -59.22
N PHE G 1174 -10.43 106.81 -60.38
CA PHE G 1174 -11.79 107.18 -60.77
C PHE G 1174 -12.82 106.10 -60.47
N LYS G 1175 -12.44 105.06 -59.76
CA LYS G 1175 -13.36 103.96 -59.47
C LYS G 1175 -14.63 104.51 -58.82
N PRO G 1176 -15.82 104.23 -59.37
CA PRO G 1176 -17.01 104.94 -58.91
C PRO G 1176 -17.40 104.60 -57.49
N SER G 1177 -17.81 105.62 -56.75
CA SER G 1177 -18.34 105.45 -55.41
C SER G 1177 -19.27 106.63 -55.10
N GLN G 1178 -20.10 106.46 -54.09
CA GLN G 1178 -21.10 107.48 -53.76
C GLN G 1178 -20.43 108.82 -53.50
N GLY G 1179 -20.96 109.87 -54.11
CA GLY G 1179 -20.48 111.22 -53.91
C GLY G 1179 -19.52 111.74 -54.95
N MET G 1180 -18.96 110.86 -55.78
CA MET G 1180 -18.01 111.29 -56.81
C MET G 1180 -18.75 111.90 -57.98
N VAL G 1181 -18.32 113.08 -58.40
CA VAL G 1181 -18.91 113.82 -59.52
C VAL G 1181 -17.81 114.09 -60.53
N VAL G 1182 -17.95 113.54 -61.73
CA VAL G 1182 -16.97 113.72 -62.79
C VAL G 1182 -17.53 114.69 -63.81
N GLU G 1183 -16.80 115.77 -64.04
CA GLU G 1183 -17.18 116.80 -65.00
C GLU G 1183 -16.23 116.74 -66.18
N ILE G 1184 -16.79 116.51 -67.36
CA ILE G 1184 -16.03 116.46 -68.61
C ILE G 1184 -16.31 117.74 -69.37
N SER G 1185 -15.26 118.40 -69.83
CA SER G 1185 -15.37 119.59 -70.64
C SER G 1185 -14.59 119.41 -71.93
N ASN G 1186 -15.11 119.98 -73.01
CA ASN G 1186 -14.48 119.90 -74.32
C ASN G 1186 -14.29 118.44 -74.74
N GLY G 1187 -15.36 117.66 -74.64
CA GLY G 1187 -15.29 116.25 -74.98
C GLY G 1187 -14.91 116.01 -76.42
N ASN G 1188 -15.39 116.85 -77.33
CA ASN G 1188 -15.20 116.57 -78.76
C ASN G 1188 -13.76 116.81 -79.19
N THR G 1189 -13.14 117.90 -78.74
CA THR G 1189 -11.77 118.23 -79.14
C THR G 1189 -10.82 117.62 -78.10
N SER G 1190 -10.28 116.45 -78.42
CA SER G 1190 -9.48 115.70 -77.45
C SER G 1190 -8.27 116.50 -77.00
N SER G 1191 -7.71 117.32 -77.89
CA SER G 1191 -6.50 118.06 -77.55
C SER G 1191 -6.71 118.99 -76.37
N LYS G 1192 -7.96 119.35 -76.08
CA LYS G 1192 -8.27 120.29 -75.01
C LYS G 1192 -9.27 119.73 -74.01
N THR G 1193 -9.66 118.47 -74.13
CA THR G 1193 -10.56 117.87 -73.15
C THR G 1193 -9.92 117.89 -71.77
N VAL G 1194 -10.71 118.21 -70.76
CA VAL G 1194 -10.28 118.20 -69.37
C VAL G 1194 -11.33 117.44 -68.57
N VAL G 1195 -10.89 116.42 -67.85
CA VAL G 1195 -11.76 115.63 -66.99
C VAL G 1195 -11.49 116.04 -65.56
N THR G 1196 -12.51 116.53 -64.87
CA THR G 1196 -12.40 117.00 -63.50
C THR G 1196 -13.24 116.13 -62.59
N LEU G 1197 -12.62 115.56 -61.57
CA LEU G 1197 -13.31 114.78 -60.56
C LEU G 1197 -13.44 115.61 -59.31
N SER G 1198 -14.65 115.69 -58.77
CA SER G 1198 -14.92 116.39 -57.52
C SER G 1198 -15.56 115.42 -56.54
N GLU G 1199 -15.15 115.51 -55.29
CA GLU G 1199 -15.65 114.65 -54.23
C GLU G 1199 -16.06 115.48 -53.04
N PRO G 1200 -16.91 114.97 -52.18
CA PRO G 1200 -17.23 115.70 -50.94
C PRO G 1200 -16.05 115.73 -50.00
N VAL G 1201 -15.48 116.91 -49.79
CA VAL G 1201 -14.44 117.13 -48.80
C VAL G 1201 -14.97 118.11 -47.78
N GLN G 1202 -14.92 117.74 -46.50
CA GLN G 1202 -15.33 118.64 -45.43
C GLN G 1202 -16.76 119.10 -45.62
N GLY G 1203 -17.62 118.20 -46.10
CA GLY G 1203 -18.99 118.54 -46.40
C GLY G 1203 -19.21 118.99 -47.83
N GLU G 1204 -18.50 120.05 -48.25
CA GLU G 1204 -18.70 120.60 -49.58
C GLU G 1204 -17.94 119.79 -50.63
N LEU G 1205 -18.19 120.12 -51.90
CA LEU G 1205 -17.63 119.42 -53.05
C LEU G 1205 -16.52 120.26 -53.65
N LYS G 1206 -15.37 119.65 -53.88
CA LYS G 1206 -14.20 120.35 -54.38
C LYS G 1206 -13.49 119.48 -55.41
N PRO G 1207 -12.70 120.09 -56.30
CA PRO G 1207 -11.95 119.29 -57.28
C PRO G 1207 -10.82 118.49 -56.64
N THR G 1208 -10.90 117.17 -56.67
CA THR G 1208 -9.84 116.34 -56.11
C THR G 1208 -8.83 115.91 -57.17
N VAL G 1209 -9.29 115.59 -58.38
CA VAL G 1209 -8.44 115.10 -59.46
C VAL G 1209 -8.82 115.77 -60.76
N ILE G 1210 -7.82 116.14 -61.54
CA ILE G 1210 -8.01 116.70 -62.87
C ILE G 1210 -7.18 115.89 -63.84
N LEU G 1211 -7.64 115.81 -65.08
CA LEU G 1211 -6.98 115.02 -66.12
C LEU G 1211 -7.05 115.77 -67.44
N LYS G 1212 -5.88 116.03 -68.04
CA LYS G 1212 -5.78 116.83 -69.24
C LYS G 1212 -4.55 116.37 -70.02
N LEU G 1213 -4.17 117.16 -71.03
CA LEU G 1213 -2.98 116.92 -71.84
C LEU G 1213 -2.00 118.04 -71.60
N LEU G 1214 -1.03 117.81 -70.71
CA LEU G 1214 -0.02 118.83 -70.44
C LEU G 1214 0.85 119.08 -71.66
N LYS G 1215 0.83 118.16 -72.62
CA LYS G 1215 1.51 118.34 -73.90
C LYS G 1215 0.70 117.62 -74.96
N GLU G 1216 1.30 117.49 -76.14
CA GLU G 1216 0.68 116.73 -77.22
C GLU G 1216 0.79 115.23 -76.99
N ASN G 1217 1.76 114.79 -76.18
CA ASN G 1217 2.00 113.39 -75.94
C ASN G 1217 2.02 113.05 -74.45
N ILE G 1218 1.88 114.03 -73.56
CA ILE G 1218 1.98 113.81 -72.12
C ILE G 1218 0.62 114.07 -71.50
N ILE G 1219 0.15 113.10 -70.74
CA ILE G 1219 -1.07 113.22 -69.94
C ILE G 1219 -0.67 113.60 -68.52
N GLN G 1220 -1.29 114.64 -67.97
CA GLN G 1220 -1.05 115.05 -66.60
C GLN G 1220 -2.30 114.74 -65.78
N MET G 1221 -2.12 113.98 -64.71
CA MET G 1221 -3.15 113.75 -63.71
C MET G 1221 -2.74 114.48 -62.44
N GLU G 1222 -3.38 115.61 -62.17
CA GLU G 1222 -3.06 116.45 -61.03
C GLU G 1222 -3.95 116.01 -59.87
N MET G 1223 -3.36 115.29 -58.92
CA MET G 1223 -4.07 114.85 -57.73
C MET G 1223 -3.96 115.93 -56.67
N ILE G 1224 -5.11 116.37 -56.17
CA ILE G 1224 -5.20 117.57 -55.34
C ILE G 1224 -5.54 117.15 -53.92
N GLU G 1225 -4.78 117.65 -52.96
CA GLU G 1225 -5.12 117.52 -51.54
C GLU G 1225 -5.60 118.88 -51.07
N ASN G 1226 -6.81 118.92 -50.52
CA ASN G 1226 -7.42 120.17 -50.11
C ASN G 1226 -7.19 120.48 -48.64
N ARG G 1227 -7.02 119.47 -47.79
CA ARG G 1227 -6.80 119.67 -46.36
C ARG G 1227 -5.32 119.95 -46.13
N THR G 1228 -4.92 121.17 -46.45
CA THR G 1228 -3.54 121.61 -46.29
C THR G 1228 -3.41 122.43 -45.02
N MET G 1229 -2.19 122.86 -44.75
CA MET G 1229 -1.95 123.64 -43.54
C MET G 1229 -2.43 125.08 -43.69
N ASP G 1230 -2.26 125.65 -44.88
CA ASP G 1230 -2.65 127.03 -45.13
C ASP G 1230 -4.09 127.14 -45.61
N GLY G 1231 -4.69 126.05 -46.06
CA GLY G 1231 -6.00 126.06 -46.67
C GLY G 1231 -5.94 126.10 -48.19
N LYS G 1232 -4.86 126.62 -48.75
CA LYS G 1232 -4.65 126.54 -50.18
C LYS G 1232 -4.43 125.08 -50.58
N PRO G 1233 -5.08 124.61 -51.65
CA PRO G 1233 -4.85 123.22 -52.08
C PRO G 1233 -3.45 123.03 -52.65
N VAL G 1234 -2.96 121.79 -52.54
CA VAL G 1234 -1.67 121.39 -53.09
C VAL G 1234 -1.91 120.26 -54.08
N SER G 1235 -1.25 120.34 -55.23
CA SER G 1235 -1.45 119.42 -56.33
C SER G 1235 -0.19 118.61 -56.57
N LEU G 1236 -0.34 117.29 -56.75
CA LEU G 1236 0.73 116.40 -57.14
C LEU G 1236 0.54 116.06 -58.61
N PRO G 1237 1.31 116.64 -59.52
CA PRO G 1237 1.12 116.32 -60.95
C PRO G 1237 1.79 114.99 -61.29
N LEU G 1238 0.98 114.02 -61.69
CA LEU G 1238 1.49 112.75 -62.20
C LEU G 1238 1.49 112.82 -63.73
N LEU G 1239 2.64 112.55 -64.33
CA LEU G 1239 2.82 112.68 -65.77
C LEU G 1239 2.91 111.31 -66.42
N TYR G 1240 2.27 111.17 -67.57
CA TYR G 1240 2.29 109.94 -68.33
C TYR G 1240 2.58 110.25 -69.79
N ASN G 1241 3.19 109.28 -70.47
CA ASN G 1241 3.42 109.36 -71.90
C ASN G 1241 2.31 108.60 -72.61
N PHE G 1242 1.76 109.20 -73.66
CA PHE G 1242 0.77 108.56 -74.51
C PHE G 1242 1.44 108.25 -75.84
N ASN G 1243 1.60 106.97 -76.15
CA ASN G 1243 2.25 106.53 -77.38
C ASN G 1243 1.25 105.77 -78.23
N PRO G 1244 0.64 106.39 -79.25
CA PRO G 1244 -0.33 105.67 -80.07
C PRO G 1244 0.27 104.53 -80.87
N ASP G 1245 1.59 104.51 -81.06
CA ASP G 1245 2.20 103.42 -81.80
C ASP G 1245 2.02 102.09 -81.07
N ASN G 1246 2.18 102.09 -79.76
CA ASN G 1246 1.96 100.88 -78.96
C ASN G 1246 0.49 100.84 -78.56
N GLY G 1247 -0.31 100.13 -79.35
CA GLY G 1247 -1.74 100.09 -79.12
C GLY G 1247 -2.15 99.19 -77.97
N PHE G 1248 -1.32 98.22 -77.61
CA PHE G 1248 -1.66 97.35 -76.48
C PHE G 1248 -1.45 98.07 -75.17
N ALA G 1249 -0.51 99.00 -75.11
CA ALA G 1249 -0.22 99.77 -73.89
C ALA G 1249 0.31 101.13 -74.31
N PRO G 1250 -0.59 102.03 -74.74
CA PRO G 1250 -0.13 103.34 -75.23
C PRO G 1250 0.31 104.29 -74.13
N ILE G 1251 0.01 103.99 -72.86
CA ILE G 1251 0.25 104.91 -71.76
C ILE G 1251 1.37 104.35 -70.88
N SER G 1252 2.39 105.15 -70.66
CA SER G 1252 3.45 104.74 -69.76
C SER G 1252 3.64 105.85 -68.76
N GLU G 1253 4.28 105.54 -67.64
CA GLU G 1253 4.49 106.55 -66.62
C GLU G 1253 5.83 107.23 -66.76
N VAL G 1254 5.85 108.54 -66.56
CA VAL G 1254 7.11 109.29 -66.62
C VAL G 1254 7.79 109.15 -65.26
N MET G 1255 8.87 108.40 -65.20
CA MET G 1255 9.51 108.12 -63.92
C MET G 1255 10.50 109.18 -63.47
N GLU G 1256 11.12 109.89 -64.40
CA GLU G 1256 12.15 110.85 -64.01
C GLU G 1256 11.55 111.97 -63.17
N ASP G 1257 12.01 112.07 -61.92
CA ASP G 1257 11.62 113.09 -60.94
C ASP G 1257 10.29 112.77 -60.26
N ARG G 1258 9.74 111.57 -60.46
CA ARG G 1258 8.50 111.22 -59.78
C ARG G 1258 8.67 111.32 -58.28
N ASN G 1259 9.77 110.78 -57.76
CA ASN G 1259 10.05 110.87 -56.34
C ASN G 1259 10.21 112.32 -55.91
N GLN G 1260 10.85 113.14 -56.73
CA GLN G 1260 11.00 114.55 -56.39
C GLN G 1260 9.66 115.26 -56.34
N ARG G 1261 8.76 114.98 -57.29
CA ARG G 1261 7.44 115.59 -57.27
C ARG G 1261 6.65 115.18 -56.03
N ILE G 1262 6.68 113.88 -55.70
CA ILE G 1262 5.99 113.41 -54.50
C ILE G 1262 6.57 114.09 -53.26
N LYS G 1263 7.90 114.20 -53.20
CA LYS G 1263 8.52 114.82 -52.04
C LYS G 1263 8.18 116.31 -51.97
N GLU G 1264 8.05 116.97 -53.11
CA GLU G 1264 7.66 118.37 -53.10
C GLU G 1264 6.25 118.54 -52.54
N MET G 1265 5.33 117.67 -52.96
CA MET G 1265 3.99 117.72 -52.40
C MET G 1265 4.01 117.50 -50.89
N TYR G 1266 4.72 116.46 -50.44
CA TYR G 1266 4.73 116.18 -49.01
C TYR G 1266 5.46 117.25 -48.21
N TRP G 1267 6.45 117.91 -48.81
CA TRP G 1267 7.11 119.03 -48.17
C TRP G 1267 6.14 120.19 -47.98
N LYS G 1268 5.34 120.49 -49.00
CA LYS G 1268 4.31 121.51 -48.83
C LYS G 1268 3.35 121.12 -47.71
N LEU G 1269 2.99 119.83 -47.65
CA LEU G 1269 2.00 119.40 -46.66
C LEU G 1269 2.55 119.44 -45.23
N TRP G 1270 3.82 119.07 -45.06
CA TRP G 1270 4.38 118.77 -43.73
C TRP G 1270 5.28 119.87 -43.19
N ILE G 1271 6.18 120.40 -44.01
CA ILE G 1271 7.24 121.28 -43.56
C ILE G 1271 6.96 122.67 -44.08
N ASP G 1272 6.99 123.66 -43.19
CA ASP G 1272 6.69 125.05 -43.52
C ASP G 1272 7.97 125.86 -43.76
N GLU G 1273 8.97 125.23 -44.37
CA GLU G 1273 10.21 125.87 -44.74
C GLU G 1273 10.39 125.82 -46.26
N PRO G 1274 11.27 126.63 -46.82
CA PRO G 1274 11.47 126.59 -48.27
C PRO G 1274 11.88 125.19 -48.72
N PHE G 1275 11.36 124.79 -49.87
CA PHE G 1275 11.67 123.47 -50.41
C PHE G 1275 13.15 123.39 -50.74
N ASN G 1276 13.84 122.41 -50.16
CA ASN G 1276 15.25 122.18 -50.47
C ASN G 1276 15.59 120.76 -50.03
N LEU G 1277 15.88 119.89 -50.99
CA LEU G 1277 16.15 118.49 -50.69
C LEU G 1277 17.63 118.18 -50.60
N ASP G 1278 18.52 119.14 -50.86
CA ASP G 1278 19.95 118.88 -50.92
C ASP G 1278 20.58 119.29 -49.60
N PHE G 1279 20.37 118.46 -48.58
CA PHE G 1279 21.04 118.61 -47.30
C PHE G 1279 21.50 117.23 -46.83
N ASP G 1280 22.51 117.23 -45.96
CA ASP G 1280 23.20 116.00 -45.60
C ASP G 1280 22.40 115.21 -44.58
N PRO G 1281 22.12 113.92 -44.82
CA PRO G 1281 21.49 113.10 -43.76
C PRO G 1281 22.35 112.93 -42.53
N ARG G 1282 23.68 112.94 -42.66
CA ARG G 1282 24.54 112.80 -41.50
C ARG G 1282 24.39 113.97 -40.53
N ASP G 1283 23.88 115.11 -40.99
CA ASP G 1283 23.82 116.30 -40.16
C ASP G 1283 22.62 116.27 -39.23
N VAL G 1284 22.60 117.22 -38.29
CA VAL G 1284 21.56 117.30 -37.29
C VAL G 1284 20.50 118.30 -37.75
N ILE G 1285 19.26 117.87 -37.75
CA ILE G 1285 18.13 118.72 -38.12
C ILE G 1285 17.62 119.41 -36.87
N LYS G 1286 17.45 120.72 -36.94
CA LYS G 1286 17.01 121.52 -35.81
C LYS G 1286 15.57 121.96 -36.02
N GLY G 1287 14.73 121.71 -35.01
CA GLY G 1287 13.32 122.03 -35.08
C GLY G 1287 13.00 123.35 -34.43
N LYS G 1288 11.91 123.95 -34.89
CA LYS G 1288 11.48 125.25 -34.38
C LYS G 1288 10.96 125.14 -32.95
N ASP G 1289 11.19 126.20 -32.17
CA ASP G 1289 10.72 126.24 -30.80
C ASP G 1289 9.20 126.10 -30.75
N PHE G 1290 8.72 125.35 -29.76
CA PHE G 1290 7.30 125.07 -29.61
C PHE G 1290 6.81 125.55 -28.25
N GLU G 1291 5.75 126.34 -28.26
CA GLU G 1291 5.12 126.85 -27.05
C GLU G 1291 3.87 126.05 -26.78
N ILE G 1292 3.85 125.32 -25.66
CA ILE G 1292 2.73 124.47 -25.29
C ILE G 1292 1.65 125.32 -24.66
N THR G 1293 0.42 125.14 -25.12
CA THR G 1293 -0.73 125.90 -24.65
C THR G 1293 -1.84 124.96 -24.20
N ALA G 1294 -2.70 125.48 -23.31
CA ALA G 1294 -3.82 124.67 -22.83
C ALA G 1294 -4.72 124.25 -23.97
N LYS G 1295 -4.92 125.12 -24.96
CA LYS G 1295 -5.75 124.77 -26.11
C LYS G 1295 -5.21 123.55 -26.83
N GLU G 1296 -3.90 123.53 -27.08
CA GLU G 1296 -3.30 122.42 -27.82
C GLU G 1296 -3.43 121.11 -27.05
N VAL G 1297 -3.18 121.15 -25.75
CA VAL G 1297 -3.30 119.94 -24.95
C VAL G 1297 -4.74 119.44 -24.94
N TYR G 1298 -5.70 120.36 -24.79
CA TYR G 1298 -7.11 120.00 -24.83
C TYR G 1298 -7.45 119.32 -26.16
N ASP G 1299 -7.08 119.95 -27.27
CA ASP G 1299 -7.41 119.40 -28.59
C ASP G 1299 -6.78 118.03 -28.77
N PHE G 1300 -5.50 117.89 -28.42
CA PHE G 1300 -4.83 116.61 -28.61
C PHE G 1300 -5.48 115.52 -27.76
N THR G 1301 -5.67 115.81 -26.49
CA THR G 1301 -6.25 114.82 -25.60
C THR G 1301 -7.63 114.38 -26.09
N HIS G 1302 -8.41 115.31 -26.62
CA HIS G 1302 -9.73 114.94 -27.11
C HIS G 1302 -9.64 114.15 -28.40
N ALA G 1303 -8.71 114.51 -29.28
CA ALA G 1303 -8.57 113.77 -30.53
C ALA G 1303 -8.15 112.33 -30.28
N VAL G 1304 -7.25 112.09 -29.32
CA VAL G 1304 -6.78 110.73 -29.07
C VAL G 1304 -7.57 110.02 -27.98
N GLY G 1305 -8.58 110.67 -27.40
CA GLY G 1305 -9.41 110.02 -26.40
C GLY G 1305 -8.69 109.69 -25.10
N ASN G 1306 -7.90 110.63 -24.59
CA ASN G 1306 -7.20 110.44 -23.32
C ASN G 1306 -7.88 111.29 -22.27
N ASN G 1307 -8.40 110.66 -21.22
CA ASN G 1307 -9.16 111.39 -20.20
C ASN G 1307 -8.45 111.44 -18.86
N CYS G 1308 -7.12 111.39 -18.88
CA CYS G 1308 -6.37 111.47 -17.64
C CYS G 1308 -6.58 112.85 -17.04
N GLU G 1309 -6.81 112.92 -15.74
CA GLU G 1309 -7.09 114.19 -15.11
C GLU G 1309 -5.88 115.12 -15.09
N ASP G 1310 -4.66 114.57 -15.22
CA ASP G 1310 -3.47 115.42 -15.15
C ASP G 1310 -3.43 116.43 -16.28
N PHE G 1311 -4.11 116.13 -17.38
CA PHE G 1311 -4.06 117.01 -18.55
C PHE G 1311 -5.29 117.91 -18.64
N VAL G 1312 -6.25 117.74 -17.74
CA VAL G 1312 -7.44 118.58 -17.73
C VAL G 1312 -7.27 119.76 -16.80
N SER G 1313 -7.50 120.97 -17.29
CA SER G 1313 -7.29 122.14 -16.47
C SER G 1313 -8.17 122.09 -15.23
N ARG G 1314 -7.57 122.36 -14.08
CA ARG G 1314 -8.25 122.31 -12.79
C ARG G 1314 -7.73 123.44 -11.93
N PRO G 1315 -8.50 123.87 -10.93
CA PRO G 1315 -8.02 124.94 -10.05
C PRO G 1315 -6.86 124.47 -9.18
N ASP G 1316 -5.88 125.34 -9.01
CA ASP G 1316 -4.73 125.14 -8.13
C ASP G 1316 -3.75 124.10 -8.66
N ARG G 1317 -3.92 123.62 -9.88
CA ARG G 1317 -3.02 122.62 -10.44
C ARG G 1317 -2.69 122.98 -11.88
N THR G 1318 -1.41 123.13 -12.19
CA THR G 1318 -1.01 123.36 -13.56
C THR G 1318 -1.18 122.09 -14.38
N MET G 1319 -1.61 122.23 -15.62
CA MET G 1319 -1.96 121.08 -16.44
C MET G 1319 -0.74 120.57 -17.19
N LEU G 1320 -0.53 119.25 -17.11
CA LEU G 1320 0.56 118.59 -17.79
C LEU G 1320 0.18 118.31 -19.24
N ALA G 1321 1.20 118.07 -20.06
CA ALA G 1321 0.95 117.61 -21.42
C ALA G 1321 1.22 116.12 -21.52
N PRO G 1322 0.47 115.37 -22.32
CA PRO G 1322 0.70 113.93 -22.38
C PRO G 1322 2.02 113.59 -23.07
N MET G 1323 2.55 112.42 -22.73
CA MET G 1323 3.78 111.94 -23.35
C MET G 1323 3.65 111.93 -24.87
N ASP G 1324 2.49 111.54 -25.39
CA ASP G 1324 2.29 111.46 -26.83
C ASP G 1324 2.42 112.82 -27.51
N PHE G 1325 2.32 113.91 -26.74
CA PHE G 1325 2.49 115.25 -27.31
C PHE G 1325 3.89 115.45 -27.87
N ALA G 1326 4.83 114.58 -27.54
CA ALA G 1326 6.18 114.72 -28.07
C ALA G 1326 6.20 114.58 -29.59
N ILE G 1327 5.36 113.73 -30.15
CA ILE G 1327 5.27 113.65 -31.60
C ILE G 1327 4.76 114.95 -32.17
N VAL G 1328 3.74 115.55 -31.54
CA VAL G 1328 3.26 116.84 -32.03
C VAL G 1328 4.38 117.86 -31.99
N VAL G 1329 5.21 117.81 -30.95
CA VAL G 1329 6.29 118.79 -30.82
C VAL G 1329 7.36 118.58 -31.87
N GLY G 1330 7.80 117.34 -32.07
CA GLY G 1330 8.97 117.05 -32.89
C GLY G 1330 8.72 116.41 -34.23
N TRP G 1331 7.47 116.37 -34.71
CA TRP G 1331 7.21 115.69 -35.98
C TRP G 1331 7.92 116.36 -37.13
N ARG G 1332 7.96 117.69 -37.14
CA ARG G 1332 8.60 118.39 -38.26
C ARG G 1332 10.06 117.97 -38.38
N ALA G 1333 10.81 118.07 -37.29
CA ALA G 1333 12.22 117.68 -37.32
C ALA G 1333 12.38 116.21 -37.64
N ILE G 1334 11.56 115.35 -37.04
CA ILE G 1334 11.71 113.91 -37.26
C ILE G 1334 11.48 113.56 -38.72
N ILE G 1335 10.41 114.09 -39.30
CA ILE G 1335 10.06 113.72 -40.67
C ILE G 1335 10.91 114.41 -41.71
N LYS G 1336 11.58 115.51 -41.35
CA LYS G 1336 12.48 116.13 -42.31
C LYS G 1336 13.70 115.26 -42.60
N ALA G 1337 13.90 114.20 -41.82
CA ALA G 1337 15.08 113.35 -42.02
C ALA G 1337 14.96 112.48 -43.26
N ILE G 1338 13.74 112.05 -43.62
CA ILE G 1338 13.57 111.13 -44.74
C ILE G 1338 13.52 111.83 -46.09
N PHE G 1339 13.64 113.15 -46.11
CA PHE G 1339 13.50 113.91 -47.35
C PHE G 1339 14.75 113.98 -48.22
N PRO G 1340 15.96 114.13 -47.65
CA PRO G 1340 17.15 114.37 -48.49
C PRO G 1340 17.20 113.50 -49.74
N ASN G 1341 17.72 114.05 -50.84
CA ASN G 1341 17.76 113.30 -52.09
C ASN G 1341 18.71 112.12 -52.01
N THR G 1342 19.68 112.14 -51.09
CA THR G 1342 20.54 110.96 -50.91
C THR G 1342 19.75 109.82 -50.30
N VAL G 1343 18.85 110.11 -49.37
CA VAL G 1343 17.89 109.09 -48.89
C VAL G 1343 16.67 109.21 -49.79
N ASP G 1344 16.77 108.57 -50.95
CA ASP G 1344 15.74 108.64 -51.98
C ASP G 1344 14.72 107.53 -51.77
N GLY G 1345 13.45 107.87 -51.92
CA GLY G 1345 12.39 106.90 -51.78
C GLY G 1345 11.05 107.48 -52.15
N ASP G 1346 10.09 106.58 -52.36
CA ASP G 1346 8.73 106.95 -52.71
C ASP G 1346 7.95 107.19 -51.42
N LEU G 1347 7.60 108.45 -51.16
CA LEU G 1347 6.91 108.78 -49.92
C LEU G 1347 5.51 108.18 -49.84
N LEU G 1348 4.89 107.88 -50.99
CA LEU G 1348 3.57 107.27 -50.96
C LEU G 1348 3.64 105.80 -50.57
N LYS G 1349 4.82 105.18 -50.67
CA LYS G 1349 5.04 103.84 -50.15
C LYS G 1349 5.78 103.86 -48.81
N LEU G 1350 5.97 105.04 -48.23
CA LEU G 1350 6.61 105.12 -46.92
C LEU G 1350 5.74 104.43 -45.88
N VAL G 1351 6.37 103.63 -45.02
CA VAL G 1351 5.69 102.89 -43.97
C VAL G 1351 6.34 103.25 -42.64
N HIS G 1352 5.52 103.59 -41.66
CA HIS G 1352 5.98 103.88 -40.31
C HIS G 1352 6.05 102.57 -39.54
N LEU G 1353 7.26 102.12 -39.22
CA LEU G 1353 7.41 100.80 -38.61
C LEU G 1353 7.18 100.84 -37.11
N SER G 1354 7.65 101.87 -36.43
CA SER G 1354 7.55 101.91 -34.98
C SER G 1354 7.91 103.29 -34.48
N ASN G 1355 7.47 103.58 -33.26
CA ASN G 1355 7.73 104.84 -32.60
C ASN G 1355 7.98 104.57 -31.13
N GLY G 1356 8.78 105.42 -30.50
CA GLY G 1356 9.11 105.23 -29.10
C GLY G 1356 9.34 106.55 -28.39
N TYR G 1357 8.98 106.57 -27.11
CA TYR G 1357 9.27 107.67 -26.22
C TYR G 1357 10.13 107.16 -25.08
N LYS G 1358 10.97 108.04 -24.55
CA LYS G 1358 11.89 107.63 -23.49
C LYS G 1358 12.23 108.87 -22.66
N MET G 1359 11.65 108.95 -21.48
CA MET G 1359 11.96 110.04 -20.56
C MET G 1359 13.40 109.92 -20.07
N ILE G 1360 14.09 111.04 -20.02
CA ILE G 1360 15.46 111.05 -19.51
C ILE G 1360 15.41 111.04 -17.99
N PRO G 1361 16.15 110.14 -17.31
CA PRO G 1361 16.00 110.01 -15.86
C PRO G 1361 16.19 111.34 -15.15
N GLY G 1362 15.29 111.63 -14.21
CA GLY G 1362 15.31 112.88 -13.49
C GLY G 1362 14.68 114.04 -14.22
N ALA G 1363 14.10 113.81 -15.39
CA ALA G 1363 13.40 114.85 -16.13
C ALA G 1363 11.91 114.75 -15.84
N LYS G 1364 11.28 115.91 -15.64
CA LYS G 1364 9.86 115.95 -15.35
C LYS G 1364 9.04 115.90 -16.64
N PRO G 1365 7.77 115.53 -16.54
CA PRO G 1365 6.92 115.53 -17.73
C PRO G 1365 6.70 116.93 -18.28
N LEU G 1366 6.34 116.98 -19.55
CA LEU G 1366 5.99 118.26 -20.17
C LEU G 1366 4.79 118.86 -19.47
N GLN G 1367 4.75 120.19 -19.44
CA GLN G 1367 3.64 120.90 -18.81
C GLN G 1367 3.28 122.11 -19.65
N VAL G 1368 2.00 122.48 -19.63
CA VAL G 1368 1.57 123.68 -20.31
C VAL G 1368 2.41 124.86 -19.83
N GLY G 1369 2.75 125.75 -20.75
CA GLY G 1369 3.64 126.84 -20.46
C GLY G 1369 5.09 126.60 -20.82
N ASP G 1370 5.46 125.35 -21.11
CA ASP G 1370 6.82 125.04 -21.48
C ASP G 1370 7.12 125.51 -22.91
N VAL G 1371 8.37 125.87 -23.14
CA VAL G 1371 8.89 126.09 -24.48
C VAL G 1371 9.88 124.97 -24.76
N VAL G 1372 9.62 124.22 -25.82
CA VAL G 1372 10.41 123.03 -26.13
C VAL G 1372 11.20 123.27 -27.39
N SER G 1373 12.41 122.70 -27.42
CA SER G 1373 13.26 122.71 -28.59
C SER G 1373 13.51 121.26 -29.02
N THR G 1374 13.45 121.04 -30.33
CA THR G 1374 13.63 119.72 -30.90
C THR G 1374 14.88 119.70 -31.77
N THR G 1375 15.64 118.61 -31.67
CA THR G 1375 16.75 118.32 -32.56
C THR G 1375 16.60 116.88 -33.03
N ALA G 1376 16.94 116.61 -34.28
CA ALA G 1376 16.79 115.29 -34.86
C ALA G 1376 18.03 114.91 -35.64
N VAL G 1377 18.39 113.63 -35.55
CA VAL G 1377 19.50 113.06 -36.31
C VAL G 1377 19.07 111.68 -36.80
N ILE G 1378 19.55 111.30 -37.98
CA ILE G 1378 19.36 109.95 -38.48
C ILE G 1378 20.36 109.05 -37.77
N GLU G 1379 19.85 108.05 -37.05
CA GLU G 1379 20.74 107.08 -36.42
C GLU G 1379 21.32 106.13 -37.46
N SER G 1380 20.47 105.63 -38.36
CA SER G 1380 20.90 104.64 -39.33
C SER G 1380 19.97 104.68 -40.53
N VAL G 1381 20.54 104.54 -41.72
CA VAL G 1381 19.79 104.31 -42.95
C VAL G 1381 20.50 103.22 -43.72
N VAL G 1382 19.85 102.06 -43.83
CA VAL G 1382 20.44 100.89 -44.47
C VAL G 1382 19.49 100.39 -45.55
N ASN G 1383 20.07 99.82 -46.61
CA ASN G 1383 19.30 99.20 -47.67
C ASN G 1383 19.07 97.74 -47.33
N GLN G 1384 17.82 97.32 -47.39
CA GLN G 1384 17.41 95.93 -47.23
C GLN G 1384 16.74 95.42 -48.49
N PRO G 1385 16.70 94.10 -48.69
CA PRO G 1385 16.15 93.57 -49.94
C PRO G 1385 14.72 94.02 -50.19
N THR G 1386 13.92 94.19 -49.15
CA THR G 1386 12.55 94.64 -49.29
C THR G 1386 12.43 96.16 -49.32
N GLY G 1387 13.50 96.89 -49.07
CA GLY G 1387 13.46 98.34 -49.15
C GLY G 1387 14.54 98.95 -48.26
N LYS G 1388 14.32 100.22 -47.92
CA LYS G 1388 15.28 101.02 -47.19
C LYS G 1388 14.66 101.44 -45.86
N ILE G 1389 15.37 101.16 -44.77
CA ILE G 1389 14.93 101.54 -43.42
C ILE G 1389 15.71 102.78 -43.01
N VAL G 1390 15.01 103.73 -42.40
CA VAL G 1390 15.60 104.94 -41.87
C VAL G 1390 15.20 105.05 -40.40
N ASP G 1391 16.18 105.09 -39.52
CA ASP G 1391 15.96 105.20 -38.08
C ASP G 1391 16.37 106.59 -37.64
N VAL G 1392 15.44 107.31 -37.01
CA VAL G 1392 15.64 108.71 -36.64
C VAL G 1392 15.49 108.82 -35.12
N VAL G 1393 16.27 109.71 -34.52
CA VAL G 1393 16.22 109.96 -33.08
C VAL G 1393 16.04 111.45 -32.86
N GLY G 1394 14.97 111.82 -32.19
CA GLY G 1394 14.69 113.20 -31.83
C GLY G 1394 14.91 113.41 -30.35
N THR G 1395 15.40 114.60 -30.00
CA THR G 1395 15.65 114.97 -28.62
C THR G 1395 14.91 116.26 -28.31
N LEU G 1396 13.95 116.19 -27.39
CA LEU G 1396 13.20 117.35 -26.96
C LEU G 1396 13.86 117.95 -25.74
N SER G 1397 14.17 119.25 -25.81
CA SER G 1397 14.92 119.94 -24.77
C SER G 1397 14.08 121.08 -24.20
N ARG G 1398 13.97 121.12 -22.88
CA ARG G 1398 13.24 122.16 -22.17
C ARG G 1398 14.23 122.97 -21.35
N ASN G 1399 14.26 124.29 -21.58
CA ASN G 1399 15.09 125.23 -20.82
C ASN G 1399 16.57 124.99 -21.02
N GLY G 1400 16.97 124.21 -22.01
CA GLY G 1400 18.36 123.85 -22.21
C GLY G 1400 18.73 122.46 -21.74
N LYS G 1401 17.87 121.80 -20.99
CA LYS G 1401 18.10 120.42 -20.59
C LYS G 1401 17.21 119.48 -21.42
N PRO G 1402 17.71 118.31 -21.77
CA PRO G 1402 16.87 117.37 -22.55
C PRO G 1402 15.86 116.65 -21.66
N VAL G 1403 14.65 116.50 -22.19
CA VAL G 1403 13.52 115.96 -21.44
C VAL G 1403 13.24 114.52 -21.82
N MET G 1404 13.09 114.25 -23.12
CA MET G 1404 12.83 112.90 -23.59
C MET G 1404 13.44 112.73 -24.97
N GLU G 1405 13.53 111.48 -25.39
CA GLU G 1405 14.04 111.12 -26.71
C GLU G 1405 12.97 110.36 -27.46
N VAL G 1406 12.80 110.68 -28.74
CA VAL G 1406 11.84 110.04 -29.62
C VAL G 1406 12.59 109.24 -30.66
N THR G 1407 12.25 107.97 -30.80
CA THR G 1407 12.84 107.10 -31.80
C THR G 1407 11.76 106.71 -32.80
N SER G 1408 11.98 107.03 -34.06
CA SER G 1408 11.04 106.71 -35.14
C SER G 1408 11.78 105.93 -36.21
N SER G 1409 11.19 104.81 -36.63
CA SER G 1409 11.74 103.97 -37.68
C SER G 1409 10.80 104.00 -38.88
N PHE G 1410 11.33 104.39 -40.03
CA PHE G 1410 10.55 104.49 -41.27
C PHE G 1410 11.04 103.48 -42.28
N PHE G 1411 10.19 103.20 -43.27
CA PHE G 1411 10.46 102.18 -44.27
C PHE G 1411 10.07 102.69 -45.64
N TYR G 1412 11.04 102.77 -46.54
CA TYR G 1412 10.82 103.08 -47.95
C TYR G 1412 10.79 101.75 -48.69
N ARG G 1413 9.61 101.25 -48.99
CA ARG G 1413 9.52 99.99 -49.73
C ARG G 1413 10.02 100.19 -51.16
N GLY G 1414 10.80 99.22 -51.64
CA GLY G 1414 11.32 99.27 -52.98
C GLY G 1414 12.57 98.43 -53.10
N ASN G 1415 13.32 98.68 -54.17
CA ASN G 1415 14.58 98.00 -54.45
C ASN G 1415 15.66 99.07 -54.56
N TYR G 1416 16.59 99.07 -53.63
CA TYR G 1416 17.65 100.08 -53.57
C TYR G 1416 19.00 99.39 -53.55
N THR G 1417 19.97 100.01 -54.22
CA THR G 1417 21.34 99.50 -54.25
C THR G 1417 22.37 100.62 -54.13
N ASP G 1418 21.98 101.76 -53.56
CA ASP G 1418 22.88 102.91 -53.43
C ASP G 1418 23.56 102.86 -52.07
N PHE G 1419 24.37 101.81 -51.89
CA PHE G 1419 24.96 101.54 -50.59
C PHE G 1419 25.96 102.62 -50.16
N GLU G 1420 26.42 103.46 -51.08
CA GLU G 1420 27.35 104.51 -50.71
C GLU G 1420 26.67 105.60 -49.87
N ASN G 1421 25.35 105.66 -49.87
CA ASN G 1421 24.61 106.60 -49.05
C ASN G 1421 24.20 106.03 -47.72
N THR G 1422 24.42 104.74 -47.48
CA THR G 1422 23.91 104.07 -46.30
C THR G 1422 24.95 104.02 -45.19
N PHE G 1423 24.47 103.86 -43.97
CA PHE G 1423 25.31 103.72 -42.79
C PHE G 1423 24.44 103.17 -41.68
N GLN G 1424 25.07 102.84 -40.56
CA GLN G 1424 24.33 102.25 -39.45
C GLN G 1424 25.08 102.50 -38.15
N LYS G 1425 24.32 102.57 -37.07
CA LYS G 1425 24.85 102.80 -35.73
C LYS G 1425 24.09 101.93 -34.75
N THR G 1426 24.79 101.11 -33.99
CA THR G 1426 24.16 100.22 -33.02
C THR G 1426 24.89 100.31 -31.69
N VAL G 1427 24.13 100.54 -30.62
CA VAL G 1427 24.67 100.51 -29.27
C VAL G 1427 24.66 99.06 -28.81
N GLU G 1428 25.84 98.48 -28.66
CA GLU G 1428 25.92 97.07 -28.34
C GLU G 1428 25.49 96.84 -26.89
N PRO G 1429 25.02 95.64 -26.57
CA PRO G 1429 24.80 95.31 -25.16
C PRO G 1429 26.10 95.36 -24.40
N VAL G 1430 26.02 95.69 -23.11
CA VAL G 1430 27.21 95.71 -22.27
C VAL G 1430 27.67 94.27 -22.05
N TYR G 1431 28.96 94.02 -22.24
CA TYR G 1431 29.56 92.71 -22.10
C TYR G 1431 30.43 92.67 -20.86
N GLN G 1432 30.37 91.55 -20.14
CA GLN G 1432 31.11 91.37 -18.91
C GLN G 1432 32.07 90.19 -19.03
N MET G 1433 33.24 90.33 -18.43
CA MET G 1433 34.27 89.30 -18.46
C MET G 1433 34.92 89.23 -17.08
N HIS G 1434 34.99 88.03 -16.52
CA HIS G 1434 35.72 87.78 -15.28
C HIS G 1434 37.10 87.25 -15.65
N ILE G 1435 38.13 88.06 -15.46
CA ILE G 1435 39.49 87.68 -15.79
C ILE G 1435 40.02 86.75 -14.70
N LYS G 1436 40.11 85.46 -15.02
CA LYS G 1436 40.48 84.45 -14.05
C LYS G 1436 41.98 84.14 -14.08
N THR G 1437 42.46 83.68 -15.23
CA THR G 1437 43.81 83.14 -15.38
C THR G 1437 44.68 84.10 -16.18
N SER G 1438 45.98 83.85 -16.19
CA SER G 1438 46.89 84.67 -16.98
C SER G 1438 46.65 84.44 -18.45
N LYS G 1439 46.05 83.31 -18.81
CA LYS G 1439 45.70 83.09 -20.21
C LYS G 1439 44.76 84.18 -20.71
N ASP G 1440 43.74 84.51 -19.93
CA ASP G 1440 42.80 85.54 -20.34
C ASP G 1440 43.50 86.88 -20.51
N ILE G 1441 44.37 87.21 -19.57
CA ILE G 1441 45.12 88.47 -19.68
C ILE G 1441 45.93 88.48 -20.97
N ALA G 1442 46.64 87.37 -21.24
CA ALA G 1442 47.46 87.33 -22.44
C ALA G 1442 46.63 87.50 -23.69
N VAL G 1443 45.51 86.77 -23.78
CA VAL G 1443 44.67 86.86 -24.97
C VAL G 1443 44.14 88.28 -25.14
N LEU G 1444 43.66 88.90 -24.06
CA LEU G 1444 43.14 90.25 -24.15
C LEU G 1444 44.22 91.22 -24.61
N ARG G 1445 45.42 91.10 -24.06
CA ARG G 1445 46.50 91.98 -24.46
C ARG G 1445 46.95 91.72 -25.89
N SER G 1446 46.60 90.57 -26.47
CA SER G 1446 46.92 90.33 -27.87
C SER G 1446 46.06 91.17 -28.79
N LYS G 1447 44.79 91.39 -28.44
CA LYS G 1447 43.89 92.14 -29.29
C LYS G 1447 44.37 93.58 -29.42
N GLU G 1448 44.62 94.02 -30.64
CA GLU G 1448 45.12 95.36 -30.85
C GLU G 1448 44.15 96.42 -30.36
N TRP G 1449 42.85 96.15 -30.41
CA TRP G 1449 41.87 97.15 -30.02
C TRP G 1449 41.78 97.35 -28.52
N PHE G 1450 42.10 96.32 -27.73
CA PHE G 1450 42.02 96.41 -26.26
C PHE G 1450 43.16 97.29 -25.76
N GLN G 1451 42.83 98.51 -25.34
CA GLN G 1451 43.82 99.49 -24.91
C GLN G 1451 43.51 99.95 -23.50
N LEU G 1452 44.46 99.77 -22.59
CA LEU G 1452 44.35 100.23 -21.22
C LEU G 1452 45.26 101.43 -21.03
N ASP G 1453 44.75 102.46 -20.36
CA ASP G 1453 45.57 103.64 -20.10
C ASP G 1453 46.77 103.29 -19.23
N ASP G 1454 46.55 102.48 -18.20
CA ASP G 1454 47.61 102.05 -17.28
C ASP G 1454 48.12 100.70 -17.75
N GLU G 1455 49.24 100.71 -18.47
CA GLU G 1455 49.80 99.48 -19.02
C GLU G 1455 50.12 98.47 -17.94
N ASP G 1456 50.38 98.90 -16.70
CA ASP G 1456 50.70 97.99 -15.60
C ASP G 1456 49.48 97.69 -14.73
N PHE G 1457 48.27 97.86 -15.26
CA PHE G 1457 47.07 97.49 -14.52
C PHE G 1457 47.01 95.97 -14.32
N ASP G 1458 46.51 95.57 -13.17
CA ASP G 1458 46.42 94.15 -12.80
C ASP G 1458 45.02 93.65 -13.12
N LEU G 1459 44.88 93.02 -14.29
CA LEU G 1459 43.59 92.47 -14.68
C LEU G 1459 43.24 91.19 -13.93
N LEU G 1460 44.19 90.61 -13.20
CA LEU G 1460 43.99 89.30 -12.61
C LEU G 1460 42.89 89.34 -11.56
N ASN G 1461 41.95 88.41 -11.65
CA ASN G 1461 40.78 88.35 -10.77
C ASN G 1461 40.02 89.67 -10.74
N LYS G 1462 39.84 90.28 -11.92
CA LYS G 1462 39.07 91.49 -12.06
C LYS G 1462 37.88 91.24 -12.98
N THR G 1463 36.80 91.97 -12.72
CA THR G 1463 35.62 91.97 -13.59
C THR G 1463 35.67 93.21 -14.46
N LEU G 1464 35.58 93.01 -15.77
CA LEU G 1464 35.61 94.10 -16.73
C LEU G 1464 34.29 94.14 -17.48
N THR G 1465 33.84 95.35 -17.79
CA THR G 1465 32.64 95.57 -18.58
C THR G 1465 33.00 96.39 -19.80
N PHE G 1466 32.52 95.98 -20.96
CA PHE G 1466 32.74 96.70 -22.21
C PHE G 1466 31.41 97.24 -22.70
N GLU G 1467 31.33 98.55 -22.90
CA GLU G 1467 30.16 99.21 -23.45
C GLU G 1467 30.61 99.95 -24.71
N THR G 1468 30.26 99.41 -25.87
CA THR G 1468 30.79 99.86 -27.15
C THR G 1468 29.67 100.31 -28.07
N GLU G 1469 30.07 101.08 -29.09
CA GLU G 1469 29.19 101.46 -30.19
C GLU G 1469 29.88 101.15 -31.51
N THR G 1470 29.12 100.61 -32.46
CA THR G 1470 29.65 100.25 -33.77
C THR G 1470 29.05 101.18 -34.82
N GLU G 1471 29.90 101.89 -35.56
CA GLU G 1471 29.51 102.67 -36.72
C GLU G 1471 30.05 101.96 -37.96
N VAL G 1472 29.15 101.60 -38.88
CA VAL G 1472 29.56 100.93 -40.11
C VAL G 1472 28.97 101.65 -41.31
N THR G 1473 29.71 101.60 -42.41
CA THR G 1473 29.21 101.91 -43.73
C THR G 1473 29.15 100.62 -44.54
N PHE G 1474 28.47 100.66 -45.67
CA PHE G 1474 28.21 99.47 -46.45
C PHE G 1474 28.80 99.58 -47.84
N LYS G 1475 29.25 98.45 -48.37
CA LYS G 1475 29.60 98.32 -49.78
C LYS G 1475 28.55 97.54 -50.57
N ASN G 1476 27.83 96.63 -49.90
CA ASN G 1476 26.72 95.92 -50.51
C ASN G 1476 25.90 95.29 -49.38
N ALA G 1477 24.94 94.46 -49.74
CA ALA G 1477 24.04 93.89 -48.75
C ALA G 1477 24.79 93.04 -47.74
N ASN G 1478 25.86 92.36 -48.16
CA ASN G 1478 26.53 91.36 -47.34
C ASN G 1478 27.80 91.86 -46.67
N ILE G 1479 28.49 92.83 -47.26
CA ILE G 1479 29.82 93.23 -46.81
C ILE G 1479 29.79 94.68 -46.34
N PHE G 1480 30.70 95.00 -45.41
CA PHE G 1480 30.88 96.36 -44.93
C PHE G 1480 32.08 97.00 -45.62
N SER G 1481 32.01 98.31 -45.77
CA SER G 1481 33.10 99.09 -46.33
C SER G 1481 33.87 99.87 -45.28
N SER G 1482 33.45 99.83 -44.02
CA SER G 1482 34.15 100.46 -42.92
C SER G 1482 33.49 100.04 -41.63
N VAL G 1483 34.29 99.73 -40.62
CA VAL G 1483 33.79 99.29 -39.32
C VAL G 1483 34.55 100.05 -38.25
N LYS G 1484 33.82 100.59 -37.28
CA LYS G 1484 34.43 101.35 -36.20
C LYS G 1484 33.70 101.03 -34.90
N CYS G 1485 34.37 100.29 -34.02
CA CYS G 1485 33.83 99.94 -32.70
C CYS G 1485 34.67 100.68 -31.67
N PHE G 1486 33.99 101.37 -30.75
CA PHE G 1486 34.69 102.20 -29.77
C PHE G 1486 33.86 102.31 -28.51
N GLY G 1487 34.51 102.73 -27.43
CA GLY G 1487 33.85 102.92 -26.17
C GLY G 1487 34.79 102.76 -24.99
N PRO G 1488 34.28 102.96 -23.79
CA PRO G 1488 35.12 102.80 -22.60
C PRO G 1488 35.14 101.37 -22.07
N ILE G 1489 36.22 101.07 -21.37
CA ILE G 1489 36.38 99.82 -20.63
C ILE G 1489 36.40 100.17 -19.15
N LYS G 1490 35.63 99.42 -18.36
CA LYS G 1490 35.45 99.73 -16.95
C LYS G 1490 35.72 98.48 -16.11
N VAL G 1491 36.16 98.71 -14.88
CA VAL G 1491 36.50 97.65 -13.94
C VAL G 1491 35.63 97.79 -12.70
N GLU G 1492 35.10 96.67 -12.23
CA GLU G 1492 34.32 96.65 -11.00
C GLU G 1492 35.24 96.80 -9.80
N LEU G 1493 34.76 97.52 -8.79
CA LEU G 1493 35.49 97.76 -7.56
C LEU G 1493 34.91 96.95 -6.42
N PRO G 1494 35.60 96.89 -5.27
CA PRO G 1494 35.01 96.17 -4.12
C PRO G 1494 33.67 96.73 -3.70
N THR G 1495 33.39 98.01 -3.95
CA THR G 1495 32.10 98.61 -3.64
C THR G 1495 31.08 98.42 -4.74
N LYS G 1496 31.37 97.57 -5.73
CA LYS G 1496 30.49 97.28 -6.87
C LYS G 1496 30.32 98.49 -7.78
N GLU G 1497 31.10 99.54 -7.61
CA GLU G 1497 31.11 100.67 -8.53
C GLU G 1497 32.17 100.43 -9.59
N THR G 1498 31.81 100.63 -10.85
CA THR G 1498 32.70 100.39 -11.98
C THR G 1498 33.35 101.70 -12.41
N VAL G 1499 34.65 101.65 -12.69
CA VAL G 1499 35.43 102.82 -13.05
C VAL G 1499 36.14 102.55 -14.37
N GLU G 1500 36.21 103.58 -15.22
CA GLU G 1500 36.84 103.42 -16.52
C GLU G 1500 38.34 103.20 -16.36
N ILE G 1501 38.87 102.22 -17.09
CA ILE G 1501 40.29 101.93 -17.07
C ILE G 1501 40.92 101.95 -18.45
N GLY G 1502 40.13 102.10 -19.51
CA GLY G 1502 40.65 102.08 -20.86
C GLY G 1502 39.53 102.24 -21.86
N ILE G 1503 39.90 102.25 -23.13
CA ILE G 1503 38.96 102.46 -24.22
C ILE G 1503 39.10 101.32 -25.22
N VAL G 1504 37.96 100.77 -25.66
CA VAL G 1504 37.94 99.92 -26.85
C VAL G 1504 38.11 100.81 -28.07
N ASP G 1505 38.93 100.37 -29.02
CA ASP G 1505 39.20 101.18 -30.20
C ASP G 1505 39.53 100.24 -31.36
N TYR G 1506 38.52 99.96 -32.19
CA TYR G 1506 38.68 99.12 -33.37
C TYR G 1506 38.24 99.90 -34.60
N GLU G 1507 39.12 99.99 -35.58
CA GLU G 1507 38.80 100.63 -36.86
C GLU G 1507 39.30 99.74 -37.98
N ALA G 1508 38.44 99.47 -38.95
CA ALA G 1508 38.78 98.59 -40.05
C ALA G 1508 38.12 99.10 -41.32
N GLY G 1509 38.69 98.72 -42.46
CA GLY G 1509 38.10 99.03 -43.74
C GLY G 1509 37.13 97.95 -44.14
N ALA G 1510 37.24 97.47 -45.38
CA ALA G 1510 36.33 96.43 -45.84
C ALA G 1510 36.42 95.22 -44.93
N SER G 1511 35.26 94.71 -44.52
CA SER G 1511 35.20 93.59 -43.59
C SER G 1511 33.86 92.90 -43.76
N HIS G 1512 33.78 91.68 -43.21
CA HIS G 1512 32.55 90.92 -43.22
C HIS G 1512 31.85 90.91 -41.86
N GLY G 1513 32.45 91.52 -40.84
CA GLY G 1513 31.87 91.49 -39.51
C GLY G 1513 32.68 92.36 -38.57
N ASN G 1514 32.23 92.39 -37.32
CA ASN G 1514 32.92 93.11 -36.26
C ASN G 1514 33.62 92.10 -35.35
N PRO G 1515 34.95 92.05 -35.33
CA PRO G 1515 35.61 91.04 -34.48
C PRO G 1515 35.48 91.32 -33.00
N VAL G 1516 35.36 92.59 -32.60
CA VAL G 1516 35.28 92.95 -31.19
C VAL G 1516 34.04 92.35 -30.56
N VAL G 1517 32.89 92.54 -31.20
CA VAL G 1517 31.63 92.04 -30.65
C VAL G 1517 31.65 90.53 -30.60
N ASP G 1518 32.21 89.87 -31.61
CA ASP G 1518 32.28 88.41 -31.61
C ASP G 1518 33.14 87.92 -30.44
N PHE G 1519 34.29 88.55 -30.23
CA PHE G 1519 35.14 88.15 -29.11
C PHE G 1519 34.41 88.31 -27.79
N LEU G 1520 33.75 89.46 -27.59
CA LEU G 1520 33.06 89.70 -26.33
C LEU G 1520 31.90 88.73 -26.14
N LYS G 1521 31.18 88.41 -27.22
CA LYS G 1521 30.10 87.44 -27.13
C LYS G 1521 30.62 86.08 -26.70
N ARG G 1522 31.71 85.62 -27.31
CA ARG G 1522 32.17 84.27 -27.05
C ARG G 1522 32.86 84.13 -25.70
N ASN G 1523 33.56 85.17 -25.24
CA ASN G 1523 34.35 85.07 -24.02
C ASN G 1523 33.65 85.65 -22.81
N GLY G 1524 32.89 86.72 -22.97
CA GLY G 1524 32.18 87.34 -21.87
C GLY G 1524 30.75 86.85 -21.76
N SER G 1525 29.96 87.62 -21.04
CA SER G 1525 28.52 87.43 -20.96
C SER G 1525 27.87 88.78 -21.13
N THR G 1526 26.64 88.78 -21.63
CA THR G 1526 25.93 90.02 -21.86
C THR G 1526 25.07 90.38 -20.65
N LEU G 1527 25.18 91.61 -20.18
CA LEU G 1527 24.33 92.10 -19.10
C LEU G 1527 23.02 92.61 -19.68
N GLU G 1528 21.91 92.09 -19.17
CA GLU G 1528 20.58 92.48 -19.63
C GLU G 1528 19.87 93.23 -18.51
N GLN G 1529 19.45 94.46 -18.79
CA GLN G 1529 18.76 95.27 -17.79
C GLN G 1529 17.39 94.69 -17.46
N LYS G 1530 16.63 94.30 -18.47
CA LYS G 1530 15.30 93.78 -18.25
C LYS G 1530 15.37 92.41 -17.58
N VAL G 1531 14.52 92.21 -16.59
CA VAL G 1531 14.48 90.98 -15.82
C VAL G 1531 13.05 90.48 -15.81
N ASN G 1532 12.81 89.30 -16.37
CA ASN G 1532 11.46 88.79 -16.52
C ASN G 1532 10.98 88.13 -15.24
N LEU G 1533 9.73 88.42 -14.89
CA LEU G 1533 9.04 87.66 -13.85
C LEU G 1533 8.88 86.21 -14.30
N GLU G 1534 8.81 85.31 -13.32
CA GLU G 1534 8.63 83.91 -13.65
C GLU G 1534 7.28 83.63 -14.29
N ASN G 1535 6.28 84.50 -14.08
CA ASN G 1535 4.98 84.36 -14.70
C ASN G 1535 4.46 85.77 -14.95
N PRO G 1536 3.98 86.05 -16.16
CA PRO G 1536 3.37 87.37 -16.40
C PRO G 1536 2.13 87.57 -15.53
N ILE G 1537 1.90 88.81 -15.14
CA ILE G 1537 0.74 89.20 -14.35
C ILE G 1537 -0.23 89.94 -15.27
N PRO G 1538 -1.34 89.34 -15.66
CA PRO G 1538 -2.30 90.07 -16.50
C PRO G 1538 -2.87 91.27 -15.76
N ILE G 1539 -3.00 92.38 -16.48
CA ILE G 1539 -3.51 93.63 -15.94
C ILE G 1539 -4.94 93.90 -16.39
N ALA G 1540 -5.21 93.81 -17.69
CA ALA G 1540 -6.56 94.04 -18.19
C ALA G 1540 -6.59 93.74 -19.68
N VAL G 1541 -7.79 93.44 -20.17
CA VAL G 1541 -8.10 93.35 -21.60
C VAL G 1541 -9.16 94.38 -21.88
N LEU G 1542 -8.86 95.32 -22.77
CA LEU G 1542 -9.68 96.51 -22.95
C LEU G 1542 -10.16 96.62 -24.39
N ASP G 1543 -11.28 97.32 -24.55
CA ASP G 1543 -11.87 97.59 -25.85
C ASP G 1543 -11.67 99.05 -26.22
N SER G 1544 -11.35 99.27 -27.49
CA SER G 1544 -11.10 100.60 -28.02
C SER G 1544 -11.58 100.63 -29.46
N TYR G 1545 -11.87 101.84 -29.94
CA TYR G 1545 -12.41 102.02 -31.28
C TYR G 1545 -11.70 103.16 -31.98
N THR G 1546 -11.50 103.01 -33.27
CA THR G 1546 -10.92 104.03 -34.11
C THR G 1546 -11.99 105.06 -34.48
N PRO G 1547 -11.65 106.34 -34.60
CA PRO G 1547 -12.64 107.34 -34.99
C PRO G 1547 -13.14 107.09 -36.41
N SER G 1548 -14.24 107.76 -36.74
CA SER G 1548 -14.82 107.64 -38.08
C SER G 1548 -14.15 108.55 -39.09
N THR G 1549 -13.40 109.54 -38.63
CA THR G 1549 -12.62 110.40 -39.51
C THR G 1549 -11.23 110.59 -38.92
N ASN G 1550 -10.23 110.60 -39.78
CA ASN G 1550 -8.85 110.82 -39.39
C ASN G 1550 -8.48 112.30 -39.40
N GLU G 1551 -9.40 113.18 -39.80
CA GLU G 1551 -9.07 114.59 -39.94
C GLU G 1551 -8.70 115.26 -38.62
N PRO G 1552 -9.45 115.10 -37.54
CA PRO G 1552 -9.08 115.82 -36.29
C PRO G 1552 -7.69 115.47 -35.79
N TYR G 1553 -7.30 114.20 -35.84
CA TYR G 1553 -5.95 113.84 -35.42
C TYR G 1553 -4.91 114.46 -36.33
N ALA G 1554 -5.16 114.46 -37.63
CA ALA G 1554 -4.24 115.11 -38.55
C ALA G 1554 -4.08 116.59 -38.22
N ARG G 1555 -5.20 117.26 -37.95
CA ARG G 1555 -5.16 118.70 -37.72
C ARG G 1555 -4.44 119.02 -36.42
N VAL G 1556 -4.64 118.21 -35.38
CA VAL G 1556 -3.97 118.49 -34.11
C VAL G 1556 -2.48 118.16 -34.21
N SER G 1557 -2.13 117.05 -34.86
CA SER G 1557 -0.75 116.61 -34.92
C SER G 1557 0.07 117.27 -36.03
N GLY G 1558 -0.58 117.88 -37.02
CA GLY G 1558 0.13 118.40 -38.16
C GLY G 1558 0.51 117.37 -39.19
N ASP G 1559 0.14 116.11 -39.00
CA ASP G 1559 0.45 115.04 -39.95
C ASP G 1559 -0.63 115.01 -41.01
N LEU G 1560 -0.43 115.78 -42.07
CA LEU G 1560 -1.42 115.96 -43.12
C LEU G 1560 -1.16 115.01 -44.30
N ASN G 1561 -0.73 113.79 -44.02
CA ASN G 1561 -0.55 112.81 -45.07
C ASN G 1561 -1.88 112.54 -45.75
N PRO G 1562 -2.01 112.72 -47.06
CA PRO G 1562 -3.32 112.55 -47.70
C PRO G 1562 -3.91 111.17 -47.55
N ILE G 1563 -3.08 110.14 -47.36
CA ILE G 1563 -3.60 108.77 -47.39
C ILE G 1563 -4.63 108.55 -46.29
N HIS G 1564 -4.57 109.36 -45.22
CA HIS G 1564 -5.50 109.19 -44.12
C HIS G 1564 -6.84 109.88 -44.35
N VAL G 1565 -6.90 110.84 -45.26
CA VAL G 1565 -8.09 111.68 -45.39
C VAL G 1565 -8.65 111.66 -46.81
N SER G 1566 -7.80 111.45 -47.81
CA SER G 1566 -8.19 111.59 -49.21
C SER G 1566 -8.36 110.21 -49.84
N ARG G 1567 -9.58 109.93 -50.30
CA ARG G 1567 -9.87 108.62 -50.87
C ARG G 1567 -9.02 108.35 -52.11
N HIS G 1568 -8.87 109.34 -53.00
CA HIS G 1568 -8.14 109.09 -54.23
C HIS G 1568 -6.66 108.83 -53.97
N PHE G 1569 -6.06 109.53 -53.00
CA PHE G 1569 -4.67 109.27 -52.65
C PHE G 1569 -4.50 107.87 -52.09
N ALA G 1570 -5.44 107.44 -51.24
CA ALA G 1570 -5.34 106.12 -50.64
C ALA G 1570 -5.54 105.02 -51.68
N SER G 1571 -6.43 105.23 -52.66
CA SER G 1571 -6.57 104.27 -53.74
C SER G 1571 -5.31 104.22 -54.58
N TYR G 1572 -4.74 105.38 -54.90
CA TYR G 1572 -3.52 105.41 -55.70
C TYR G 1572 -2.39 104.66 -55.01
N ALA G 1573 -2.36 104.70 -53.67
CA ALA G 1573 -1.32 104.02 -52.91
C ALA G 1573 -1.63 102.55 -52.68
N ASN G 1574 -2.75 102.04 -53.18
CA ASN G 1574 -3.11 100.63 -53.05
C ASN G 1574 -3.34 100.23 -51.60
N LEU G 1575 -3.78 101.17 -50.79
CA LEU G 1575 -4.12 100.92 -49.41
C LEU G 1575 -5.54 100.40 -49.30
N PRO G 1576 -5.87 99.69 -48.20
CA PRO G 1576 -7.24 99.20 -48.03
C PRO G 1576 -8.27 100.29 -47.76
N GLY G 1577 -7.86 101.55 -47.78
CA GLY G 1577 -8.78 102.64 -47.50
C GLY G 1577 -8.02 103.81 -46.93
N THR G 1578 -8.77 104.74 -46.33
CA THR G 1578 -8.16 105.85 -45.60
C THR G 1578 -7.82 105.34 -44.20
N ILE G 1579 -6.66 104.70 -44.10
CA ILE G 1579 -6.26 104.08 -42.85
C ILE G 1579 -6.05 105.13 -41.77
N THR G 1580 -6.43 104.78 -40.55
CA THR G 1580 -6.18 105.69 -39.43
C THR G 1580 -4.68 105.82 -39.17
N HIS G 1581 -4.28 106.99 -38.69
CA HIS G 1581 -2.88 107.23 -38.35
C HIS G 1581 -2.41 106.17 -37.36
N GLY G 1582 -1.22 105.63 -37.61
CA GLY G 1582 -0.61 104.76 -36.62
C GLY G 1582 -0.36 105.47 -35.31
N MET G 1583 -0.03 106.76 -35.36
CA MET G 1583 0.26 107.48 -34.13
C MET G 1583 -0.99 107.71 -33.30
N PHE G 1584 -2.16 107.83 -33.93
CA PHE G 1584 -3.38 107.87 -33.15
C PHE G 1584 -3.55 106.58 -32.36
N SER G 1585 -3.34 105.43 -33.02
CA SER G 1585 -3.48 104.17 -32.32
C SER G 1585 -2.47 104.06 -31.18
N SER G 1586 -1.25 104.53 -31.41
CA SER G 1586 -0.24 104.49 -30.36
C SER G 1586 -0.67 105.33 -29.17
N ALA G 1587 -1.15 106.55 -29.42
CA ALA G 1587 -1.59 107.41 -28.33
C ALA G 1587 -2.78 106.82 -27.59
N SER G 1588 -3.73 106.23 -28.32
CA SER G 1588 -4.89 105.63 -27.68
C SER G 1588 -4.49 104.47 -26.77
N VAL G 1589 -3.61 103.61 -27.26
CA VAL G 1589 -3.19 102.47 -26.43
C VAL G 1589 -2.35 102.95 -25.25
N ARG G 1590 -1.55 104.00 -25.44
CA ARG G 1590 -0.79 104.52 -24.31
C ARG G 1590 -1.73 105.13 -23.27
N ALA G 1591 -2.80 105.77 -23.72
CA ALA G 1591 -3.80 106.27 -22.78
C ALA G 1591 -4.40 105.12 -21.97
N LEU G 1592 -4.69 104.01 -22.65
CA LEU G 1592 -5.18 102.84 -21.93
C LEU G 1592 -4.17 102.37 -20.88
N ILE G 1593 -2.91 102.20 -21.29
CA ILE G 1593 -1.90 101.68 -20.38
C ILE G 1593 -1.73 102.61 -19.19
N GLU G 1594 -1.69 103.92 -19.45
CA GLU G 1594 -1.55 104.90 -18.38
C GLU G 1594 -2.72 104.82 -17.41
N ASN G 1595 -3.94 104.71 -17.93
CA ASN G 1595 -5.08 104.61 -17.03
C ASN G 1595 -5.00 103.36 -16.17
N TRP G 1596 -4.63 102.23 -16.75
CA TRP G 1596 -4.70 100.97 -16.02
C TRP G 1596 -3.37 100.59 -15.37
N ALA G 1597 -2.31 100.46 -16.16
CA ALA G 1597 -1.04 100.01 -15.61
C ALA G 1597 -0.46 101.03 -14.63
N ALA G 1598 -0.66 102.32 -14.91
CA ALA G 1598 -0.14 103.38 -14.05
C ALA G 1598 -1.21 103.99 -13.15
N ASP G 1599 -2.40 103.38 -13.10
CA ASP G 1599 -3.48 103.87 -12.25
C ASP G 1599 -3.75 105.34 -12.50
N SER G 1600 -3.70 105.75 -13.77
CA SER G 1600 -4.03 107.10 -14.20
C SER G 1600 -3.11 108.16 -13.57
N VAL G 1601 -1.91 107.76 -13.16
CA VAL G 1601 -0.89 108.70 -12.70
C VAL G 1601 0.07 108.91 -13.87
N SER G 1602 0.00 110.08 -14.50
CA SER G 1602 0.72 110.30 -15.75
C SER G 1602 2.23 110.18 -15.55
N SER G 1603 2.76 110.78 -14.50
CA SER G 1603 4.22 110.80 -14.31
C SER G 1603 4.81 109.41 -14.15
N ARG G 1604 4.00 108.40 -13.82
CA ARG G 1604 4.53 107.06 -13.63
C ARG G 1604 5.06 106.44 -14.91
N VAL G 1605 4.59 106.88 -16.08
CA VAL G 1605 4.99 106.30 -17.35
C VAL G 1605 6.27 106.99 -17.82
N ARG G 1606 7.37 106.25 -17.85
CA ARG G 1606 8.67 106.79 -18.24
C ARG G 1606 9.11 106.38 -19.64
N GLY G 1607 8.62 105.24 -20.13
CA GLY G 1607 8.92 104.82 -21.48
C GLY G 1607 7.76 104.14 -22.15
N TYR G 1608 7.63 104.31 -23.46
CA TYR G 1608 6.57 103.65 -24.22
C TYR G 1608 7.02 103.46 -25.64
N THR G 1609 7.04 102.22 -26.10
CA THR G 1609 7.42 101.94 -27.47
C THR G 1609 6.35 101.09 -28.12
N CYS G 1610 6.08 101.33 -29.40
CA CYS G 1610 5.06 100.59 -30.12
C CYS G 1610 5.57 100.20 -31.50
N GLN G 1611 5.12 99.05 -31.98
CA GLN G 1611 5.40 98.60 -33.34
C GLN G 1611 4.08 98.48 -34.08
N PHE G 1612 4.02 99.03 -35.30
CA PHE G 1612 2.83 98.99 -36.12
C PHE G 1612 2.92 97.77 -37.04
N VAL G 1613 2.32 96.66 -36.61
CA VAL G 1613 2.47 95.42 -37.37
C VAL G 1613 1.43 95.28 -38.48
N ASP G 1614 0.35 96.06 -38.46
CA ASP G 1614 -0.65 95.98 -39.52
C ASP G 1614 -1.49 97.24 -39.53
N MET G 1615 -2.16 97.47 -40.65
CA MET G 1615 -2.94 98.68 -40.85
C MET G 1615 -4.30 98.57 -40.17
N VAL G 1616 -4.88 99.73 -39.87
CA VAL G 1616 -6.15 99.83 -39.17
C VAL G 1616 -7.04 100.82 -39.90
N LEU G 1617 -8.29 100.45 -40.10
CA LEU G 1617 -9.26 101.31 -40.75
C LEU G 1617 -10.19 101.94 -39.72
N PRO G 1618 -10.78 103.09 -40.03
CA PRO G 1618 -11.69 103.74 -39.08
C PRO G 1618 -12.88 102.86 -38.72
N ASN G 1619 -13.46 103.16 -37.56
CA ASN G 1619 -14.65 102.46 -37.07
C ASN G 1619 -14.37 100.98 -36.83
N THR G 1620 -13.18 100.68 -36.32
CA THR G 1620 -12.79 99.31 -36.03
C THR G 1620 -12.67 99.12 -34.52
N ALA G 1621 -13.20 97.99 -34.04
CA ALA G 1621 -13.09 97.64 -32.63
C ALA G 1621 -11.74 96.98 -32.39
N LEU G 1622 -10.94 97.58 -31.51
CA LEU G 1622 -9.65 97.02 -31.12
C LEU G 1622 -9.77 96.40 -29.73
N LYS G 1623 -8.94 95.39 -29.49
CA LYS G 1623 -8.89 94.69 -28.22
C LYS G 1623 -7.43 94.55 -27.82
N THR G 1624 -7.01 95.33 -26.83
CA THR G 1624 -5.63 95.33 -26.36
C THR G 1624 -5.54 94.59 -25.03
N SER G 1625 -4.55 93.70 -24.91
CA SER G 1625 -4.29 92.94 -23.71
C SER G 1625 -3.01 93.44 -23.06
N ILE G 1626 -3.07 93.73 -21.77
CA ILE G 1626 -1.97 94.34 -21.03
C ILE G 1626 -1.44 93.35 -20.01
N GLN G 1627 -0.11 93.20 -19.95
CA GLN G 1627 0.54 92.24 -19.06
C GLN G 1627 1.76 92.88 -18.43
N HIS G 1628 1.95 92.60 -17.13
CA HIS G 1628 3.18 92.93 -16.42
C HIS G 1628 4.10 91.72 -16.53
N VAL G 1629 5.24 91.88 -17.19
CA VAL G 1629 6.11 90.77 -17.55
C VAL G 1629 7.44 90.82 -16.82
N GLY G 1630 7.98 92.01 -16.56
CA GLY G 1630 9.30 92.07 -15.96
C GLY G 1630 9.55 93.40 -15.29
N MET G 1631 10.77 93.54 -14.79
CA MET G 1631 11.25 94.77 -14.18
C MET G 1631 12.47 95.26 -14.92
N ILE G 1632 12.71 96.56 -14.86
CA ILE G 1632 13.95 97.11 -15.36
C ILE G 1632 14.32 98.34 -14.53
N ASN G 1633 15.38 98.23 -13.75
CA ASN G 1633 15.91 99.37 -12.98
C ASN G 1633 14.85 99.96 -12.06
N GLY G 1634 14.04 99.10 -11.45
CA GLY G 1634 13.02 99.55 -10.53
C GLY G 1634 11.72 99.96 -11.16
N ARG G 1635 11.55 99.75 -12.47
CA ARG G 1635 10.33 100.11 -13.19
C ARG G 1635 9.66 98.85 -13.70
N LYS G 1636 8.33 98.84 -13.67
CA LYS G 1636 7.60 97.72 -14.23
C LYS G 1636 7.71 97.71 -15.75
N LEU G 1637 7.80 96.51 -16.33
CA LEU G 1637 7.77 96.34 -17.77
C LEU G 1637 6.42 95.78 -18.18
N ILE G 1638 5.67 96.57 -18.94
CA ILE G 1638 4.35 96.18 -19.42
C ILE G 1638 4.44 95.90 -20.91
N LYS G 1639 3.97 94.72 -21.32
CA LYS G 1639 3.78 94.41 -22.72
C LYS G 1639 2.31 94.57 -23.08
N PHE G 1640 2.05 94.94 -24.33
CA PHE G 1640 0.68 95.02 -24.82
C PHE G 1640 0.64 94.51 -26.25
N GLU G 1641 -0.54 94.02 -26.62
CA GLU G 1641 -0.80 93.49 -27.96
C GLU G 1641 -2.23 93.84 -28.33
N THR G 1642 -2.40 94.52 -29.46
CA THR G 1642 -3.72 94.99 -29.90
C THR G 1642 -4.15 94.23 -31.14
N ARG G 1643 -5.34 93.63 -31.08
CA ARG G 1643 -5.93 92.91 -32.20
C ARG G 1643 -7.21 93.59 -32.66
N ASN G 1644 -7.57 93.34 -33.91
CA ASN G 1644 -8.77 93.89 -34.52
C ASN G 1644 -9.86 92.82 -34.55
N GLU G 1645 -10.99 93.14 -35.20
CA GLU G 1645 -12.13 92.22 -35.18
C GLU G 1645 -11.74 90.85 -35.72
N ASP G 1646 -10.98 90.83 -36.80
CA ASP G 1646 -10.52 89.58 -37.39
C ASP G 1646 -9.52 88.86 -36.52
N ASP G 1647 -9.16 89.37 -35.34
CA ASP G 1647 -8.24 88.70 -34.43
C ASP G 1647 -6.80 88.77 -34.93
N VAL G 1648 -6.48 89.82 -35.67
CA VAL G 1648 -5.16 90.00 -36.26
C VAL G 1648 -4.42 91.04 -35.45
N VAL G 1649 -3.18 90.72 -35.06
CA VAL G 1649 -2.38 91.68 -34.32
C VAL G 1649 -2.13 92.90 -35.19
N VAL G 1650 -2.41 94.08 -34.66
CA VAL G 1650 -2.19 95.33 -35.38
C VAL G 1650 -1.21 96.25 -34.68
N LEU G 1651 -0.89 96.01 -33.41
CA LEU G 1651 -0.01 96.91 -32.66
C LEU G 1651 0.54 96.17 -31.47
N THR G 1652 1.86 96.30 -31.25
CA THR G 1652 2.52 95.72 -30.10
C THR G 1652 3.54 96.73 -29.58
N GLY G 1653 3.98 96.52 -28.35
CA GLY G 1653 4.95 97.41 -27.77
C GLY G 1653 5.11 97.16 -26.28
N GLU G 1654 5.87 98.03 -25.64
CA GLU G 1654 6.10 97.86 -24.22
C GLU G 1654 6.12 99.18 -23.53
N ALA G 1655 5.95 99.15 -22.21
CA ALA G 1655 5.98 100.38 -21.44
C ALA G 1655 6.79 100.21 -20.19
N GLU G 1656 7.32 101.31 -19.68
CA GLU G 1656 8.08 101.29 -18.44
C GLU G 1656 7.34 102.16 -17.43
N ILE G 1657 6.74 101.52 -16.43
CA ILE G 1657 5.94 102.21 -15.42
C ILE G 1657 6.71 102.23 -14.11
N GLU G 1658 6.93 103.42 -13.59
CA GLU G 1658 7.57 103.56 -12.28
C GLU G 1658 6.68 102.98 -11.19
N GLN G 1659 7.33 102.43 -10.16
CA GLN G 1659 6.61 101.85 -9.05
C GLN G 1659 6.04 102.94 -8.14
N PRO G 1660 5.08 102.59 -7.29
CA PRO G 1660 4.59 103.56 -6.31
C PRO G 1660 5.71 104.00 -5.36
N VAL G 1661 5.63 105.26 -4.93
CA VAL G 1661 6.65 105.82 -4.05
C VAL G 1661 6.97 104.85 -2.94
N THR G 1662 8.26 104.58 -2.75
CA THR G 1662 8.73 103.49 -1.91
C THR G 1662 9.69 104.00 -0.85
N THR G 1663 9.70 103.31 0.29
CA THR G 1663 10.66 103.53 1.35
C THR G 1663 11.15 102.18 1.85
N PHE G 1664 12.46 101.99 1.86
CA PHE G 1664 13.06 100.78 2.40
C PHE G 1664 13.55 101.06 3.81
N VAL G 1665 13.18 100.19 4.74
CA VAL G 1665 13.44 100.39 6.16
C VAL G 1665 14.15 99.15 6.70
N PHE G 1666 15.27 99.35 7.38
CA PHE G 1666 16.18 98.27 7.75
C PHE G 1666 16.10 98.03 9.26
N THR G 1667 15.75 96.80 9.64
CA THR G 1667 15.59 96.48 11.05
C THR G 1667 16.90 96.46 11.81
N GLY G 1668 16.84 96.82 13.09
CA GLY G 1668 18.03 96.82 13.91
C GLY G 1668 18.20 95.56 14.72
N GLN G 1669 18.95 95.65 15.81
CA GLN G 1669 19.19 94.51 16.67
C GLN G 1669 17.90 94.05 17.32
N GLY G 1670 17.73 92.73 17.47
CA GLY G 1670 16.52 92.19 18.05
C GLY G 1670 16.59 90.69 18.30
N SER G 1671 15.59 89.94 17.83
CA SER G 1671 15.58 88.49 17.98
C SER G 1671 16.25 87.89 16.77
N GLN G 1672 17.56 87.68 16.85
CA GLN G 1672 18.32 87.08 15.77
C GLN G 1672 18.17 85.56 15.86
N GLU G 1673 17.55 84.97 14.85
CA GLU G 1673 17.21 83.55 14.87
C GLU G 1673 18.26 82.75 14.12
N GLN G 1674 18.51 81.55 14.62
CA GLN G 1674 19.35 80.60 13.91
C GLN G 1674 18.80 80.36 12.51
N GLY G 1675 19.69 80.36 11.52
CA GLY G 1675 19.31 80.10 10.16
C GLY G 1675 18.76 81.30 9.40
N MET G 1676 18.89 82.50 9.95
CA MET G 1676 18.35 83.67 9.26
C MET G 1676 19.10 83.92 7.96
N GLY G 1677 18.36 84.19 6.89
CA GLY G 1677 18.97 84.50 5.60
C GLY G 1677 19.52 83.29 4.88
N MET G 1678 19.27 82.09 5.37
CA MET G 1678 19.92 80.93 4.78
C MET G 1678 19.13 80.37 3.59
N ASP G 1679 17.81 80.52 3.58
CA ASP G 1679 17.04 80.12 2.40
C ASP G 1679 17.44 80.93 1.18
N LEU G 1680 17.56 82.25 1.35
CA LEU G 1680 18.00 83.10 0.26
C LEU G 1680 19.42 82.72 -0.11
N TYR G 1681 20.22 82.39 0.89
CA TYR G 1681 21.60 82.01 0.63
C TYR G 1681 21.62 80.78 -0.27
N LYS G 1682 20.69 79.85 -0.05
CA LYS G 1682 20.64 78.65 -0.86
C LYS G 1682 20.17 78.94 -2.28
N THR G 1683 19.18 79.83 -2.43
CA THR G 1683 18.59 80.03 -3.75
C THR G 1683 19.25 81.15 -4.58
N SER G 1684 19.63 82.26 -3.96
CA SER G 1684 20.04 83.45 -4.69
C SER G 1684 21.55 83.51 -4.90
N LYS G 1685 21.94 83.92 -6.10
CA LYS G 1685 23.35 84.07 -6.42
C LYS G 1685 23.95 85.34 -5.82
N ALA G 1686 23.20 86.44 -5.81
CA ALA G 1686 23.69 87.66 -5.19
C ALA G 1686 23.86 87.49 -3.68
N ALA G 1687 22.92 86.79 -3.06
CA ALA G 1687 23.04 86.51 -1.63
C ALA G 1687 24.28 85.67 -1.39
N GLN G 1688 24.50 84.67 -2.24
CA GLN G 1688 25.69 83.83 -2.10
C GLN G 1688 26.96 84.67 -2.22
N ASP G 1689 27.00 85.59 -3.17
CA ASP G 1689 28.18 86.45 -3.30
C ASP G 1689 28.43 87.20 -2.00
N VAL G 1690 27.39 87.83 -1.44
CA VAL G 1690 27.56 88.60 -0.21
C VAL G 1690 28.07 87.71 0.91
N TRP G 1691 27.34 86.64 1.20
CA TRP G 1691 27.71 85.77 2.31
C TRP G 1691 29.09 85.13 2.14
N ASN G 1692 29.44 84.71 0.92
CA ASN G 1692 30.72 84.06 0.73
C ASN G 1692 31.88 85.03 0.85
N ARG G 1693 31.74 86.23 0.31
CA ARG G 1693 32.80 87.22 0.50
C ARG G 1693 33.00 87.49 2.00
N ALA G 1694 31.89 87.67 2.73
CA ALA G 1694 32.02 87.94 4.16
C ALA G 1694 32.65 86.76 4.90
N ASP G 1695 32.20 85.54 4.60
CA ASP G 1695 32.71 84.36 5.29
C ASP G 1695 34.18 84.14 4.99
N ASN G 1696 34.59 84.34 3.73
CA ASN G 1696 36.01 84.21 3.40
C ASN G 1696 36.83 85.22 4.17
N HIS G 1697 36.37 86.47 4.23
CA HIS G 1697 37.13 87.47 4.99
C HIS G 1697 37.22 87.09 6.46
N PHE G 1698 36.12 86.62 7.05
CA PHE G 1698 36.14 86.25 8.46
C PHE G 1698 37.07 85.07 8.71
N LYS G 1699 37.03 84.05 7.85
CA LYS G 1699 37.92 82.91 8.02
C LYS G 1699 39.38 83.32 7.91
N ASP G 1700 39.70 84.11 6.89
CA ASP G 1700 41.09 84.50 6.69
C ASP G 1700 41.60 85.38 7.81
N THR G 1701 40.76 86.27 8.34
CA THR G 1701 41.23 87.29 9.28
C THR G 1701 41.14 86.83 10.74
N TYR G 1702 40.06 86.16 11.12
CA TYR G 1702 39.81 85.84 12.53
C TYR G 1702 39.54 84.37 12.77
N GLY G 1703 39.76 83.52 11.77
CA GLY G 1703 39.68 82.08 11.96
C GLY G 1703 38.32 81.57 12.39
N PHE G 1704 37.26 82.22 11.94
CA PHE G 1704 35.92 81.74 12.24
C PHE G 1704 35.00 82.06 11.08
N SER G 1705 34.00 81.21 10.86
CA SER G 1705 33.01 81.47 9.81
C SER G 1705 31.72 82.04 10.37
N ILE G 1706 31.32 83.21 9.89
CA ILE G 1706 30.04 83.77 10.30
C ILE G 1706 28.89 82.90 9.81
N LEU G 1707 29.03 82.30 8.63
CA LEU G 1707 27.99 81.37 8.17
C LEU G 1707 27.79 80.23 9.14
N ASP G 1708 28.87 79.72 9.71
CA ASP G 1708 28.77 78.66 10.70
C ASP G 1708 28.03 79.11 11.94
N ILE G 1709 28.30 80.31 12.39
CA ILE G 1709 27.62 80.82 13.58
C ILE G 1709 26.13 80.99 13.30
N VAL G 1710 25.79 81.49 12.11
CA VAL G 1710 24.38 81.66 11.76
C VAL G 1710 23.69 80.30 11.66
N ILE G 1711 24.34 79.32 11.05
CA ILE G 1711 23.68 78.05 10.78
C ILE G 1711 23.55 77.20 12.04
N ASN G 1712 24.64 77.10 12.81
CA ASN G 1712 24.70 76.15 13.92
C ASN G 1712 24.57 76.79 15.29
N ASN G 1713 24.89 78.07 15.44
CA ASN G 1713 24.77 78.78 16.71
C ASN G 1713 25.46 78.01 17.84
N PRO G 1714 26.78 77.92 17.84
CA PRO G 1714 27.46 77.16 18.89
C PRO G 1714 27.49 77.93 20.20
N VAL G 1715 27.49 77.17 21.30
CA VAL G 1715 27.59 77.81 22.61
C VAL G 1715 29.00 78.38 22.82
N ASN G 1716 30.02 77.62 22.44
CA ASN G 1716 31.40 78.04 22.57
C ASN G 1716 32.11 77.91 21.23
N LEU G 1717 33.10 78.77 21.02
CA LEU G 1717 33.88 78.77 19.78
C LEU G 1717 35.34 79.04 20.10
N THR G 1718 36.21 78.11 19.78
CA THR G 1718 37.63 78.23 20.08
C THR G 1718 38.40 78.56 18.80
N ILE G 1719 39.30 79.53 18.91
CA ILE G 1719 40.21 79.90 17.82
C ILE G 1719 41.58 79.39 18.19
N HIS G 1720 42.23 78.71 17.25
CA HIS G 1720 43.53 78.10 17.47
C HIS G 1720 44.60 78.85 16.69
N PHE G 1721 45.65 79.29 17.39
CA PHE G 1721 46.74 80.07 16.80
C PHE G 1721 47.94 79.21 16.46
N GLY G 1722 47.75 78.07 15.81
CA GLY G 1722 48.84 77.18 15.46
C GLY G 1722 49.30 77.41 14.03
N GLY G 1723 50.61 77.30 13.81
CA GLY G 1723 51.16 77.48 12.48
C GLY G 1723 51.26 78.94 12.09
N GLU G 1724 51.68 79.16 10.84
CA GLU G 1724 51.86 80.52 10.35
C GLU G 1724 50.53 81.26 10.22
N LYS G 1725 49.51 80.59 9.67
CA LYS G 1725 48.19 81.20 9.58
C LYS G 1725 47.62 81.48 10.97
N GLY G 1726 47.80 80.53 11.89
CA GLY G 1726 47.38 80.77 13.26
C GLY G 1726 48.05 81.97 13.88
N LYS G 1727 49.36 82.13 13.63
CA LYS G 1727 50.07 83.28 14.18
C LYS G 1727 49.58 84.59 13.58
N ARG G 1728 49.29 84.60 12.27
CA ARG G 1728 48.73 85.82 11.67
C ARG G 1728 47.37 86.16 12.28
N ILE G 1729 46.53 85.15 12.47
CA ILE G 1729 45.21 85.40 13.07
C ILE G 1729 45.38 85.92 14.50
N ARG G 1730 46.32 85.35 15.25
CA ARG G 1730 46.57 85.83 16.60
C ARG G 1730 47.01 87.28 16.60
N GLU G 1731 47.87 87.66 15.66
CA GLU G 1731 48.28 89.06 15.55
C GLU G 1731 47.07 89.94 15.30
N ASN G 1732 46.19 89.53 14.40
CA ASN G 1732 44.97 90.28 14.15
C ASN G 1732 44.20 90.51 15.45
N TYR G 1733 44.04 89.45 16.23
CA TYR G 1733 43.32 89.58 17.50
C TYR G 1733 44.04 90.54 18.44
N SER G 1734 45.36 90.46 18.48
CA SER G 1734 46.14 91.28 19.42
C SER G 1734 46.04 92.75 19.08
N ALA G 1735 45.99 93.09 17.79
CA ALA G 1735 46.06 94.50 17.39
C ALA G 1735 44.88 95.30 17.91
N MET G 1736 43.66 94.76 17.80
CA MET G 1736 42.47 95.56 18.04
C MET G 1736 42.41 96.05 19.49
N ILE G 1737 41.85 97.25 19.66
CA ILE G 1737 41.83 97.94 20.95
C ILE G 1737 40.50 98.63 21.12
N PHE G 1738 40.24 99.11 22.34
CA PHE G 1738 39.06 99.90 22.66
C PHE G 1738 39.54 101.24 23.23
N GLU G 1739 39.80 102.18 22.35
CA GLU G 1739 40.17 103.53 22.78
C GLU G 1739 38.96 104.24 23.38
N THR G 1740 39.22 105.09 24.37
CA THR G 1740 38.14 105.82 25.03
C THR G 1740 38.70 107.14 25.54
N ILE G 1741 37.79 108.08 25.82
CA ILE G 1741 38.14 109.41 26.30
C ILE G 1741 37.74 109.52 27.76
N VAL G 1742 38.72 109.80 28.62
CA VAL G 1742 38.49 109.98 30.04
C VAL G 1742 38.95 111.39 30.41
N ASP G 1743 38.00 112.22 30.84
CA ASP G 1743 38.29 113.59 31.25
C ASP G 1743 39.10 114.33 30.18
N GLY G 1744 38.72 114.14 28.93
CA GLY G 1744 39.45 114.73 27.82
C GLY G 1744 40.84 114.16 27.62
N LYS G 1745 40.99 112.84 27.71
CA LYS G 1745 42.26 112.18 27.47
C LYS G 1745 42.03 110.79 26.93
N LEU G 1746 42.86 110.36 25.98
CA LEU G 1746 42.75 109.03 25.41
C LEU G 1746 43.16 107.97 26.43
N LYS G 1747 42.45 106.85 26.40
CA LYS G 1747 42.71 105.70 27.29
C LYS G 1747 42.61 104.44 26.43
N THR G 1748 43.75 104.04 25.86
CA THR G 1748 43.81 102.91 24.94
C THR G 1748 43.82 101.61 25.74
N GLU G 1749 42.67 100.97 25.86
CA GLU G 1749 42.58 99.62 26.40
C GLU G 1749 42.94 98.62 25.30
N LYS G 1750 42.84 97.33 25.60
CA LYS G 1750 43.04 96.28 24.61
C LYS G 1750 41.93 95.26 24.76
N ILE G 1751 41.19 95.01 23.66
CA ILE G 1751 40.25 93.91 23.66
C ILE G 1751 41.04 92.62 23.58
N PHE G 1752 40.53 91.56 24.21
CA PHE G 1752 41.26 90.30 24.33
C PHE G 1752 42.56 90.51 25.09
N LYS G 1753 42.43 90.88 26.36
CA LYS G 1753 43.60 90.95 27.23
C LYS G 1753 44.17 89.57 27.50
N GLU G 1754 43.39 88.51 27.27
CA GLU G 1754 43.90 87.16 27.47
C GLU G 1754 44.84 86.71 26.36
N ILE G 1755 44.84 87.40 25.22
CA ILE G 1755 45.60 86.97 24.06
C ILE G 1755 46.94 87.70 24.05
N ASN G 1756 48.02 86.94 24.21
CA ASN G 1756 49.38 87.46 24.11
C ASN G 1756 50.16 86.58 23.13
N GLU G 1757 51.44 86.92 22.95
CA GLU G 1757 52.27 86.20 21.99
C GLU G 1757 52.62 84.79 22.43
N HIS G 1758 52.17 84.37 23.62
CA HIS G 1758 52.33 83.00 24.07
C HIS G 1758 51.00 82.25 24.11
N SER G 1759 49.94 82.84 23.57
CA SER G 1759 48.64 82.20 23.56
C SER G 1759 48.54 81.25 22.38
N THR G 1760 47.99 80.06 22.63
CA THR G 1760 47.80 79.07 21.58
C THR G 1760 46.35 78.95 21.15
N SER G 1761 45.41 79.52 21.90
CA SER G 1761 44.02 79.53 21.47
C SER G 1761 43.28 80.62 22.22
N TYR G 1762 42.02 80.82 21.84
CA TYR G 1762 41.11 81.72 22.51
C TYR G 1762 39.70 81.21 22.31
N THR G 1763 38.88 81.31 23.34
CA THR G 1763 37.53 80.76 23.32
C THR G 1763 36.52 81.89 23.50
N PHE G 1764 35.58 81.98 22.57
CA PHE G 1764 34.40 82.80 22.76
C PHE G 1764 33.37 81.99 23.54
N ARG G 1765 32.72 82.64 24.50
CA ARG G 1765 31.79 81.97 25.39
C ARG G 1765 30.41 82.61 25.30
N SER G 1766 29.42 81.89 25.80
CA SER G 1766 28.05 82.34 25.84
C SER G 1766 27.27 81.36 26.71
N GLU G 1767 25.97 81.57 26.81
CA GLU G 1767 25.10 80.72 27.63
C GLU G 1767 24.31 79.73 26.79
N LYS G 1768 23.64 80.20 25.73
CA LYS G 1768 22.80 79.36 24.91
C LYS G 1768 23.14 79.42 23.43
N GLY G 1769 24.17 80.16 23.04
CA GLY G 1769 24.53 80.29 21.64
C GLY G 1769 25.18 81.63 21.36
N LEU G 1770 26.25 81.63 20.56
CA LEU G 1770 27.01 82.85 20.32
C LEU G 1770 26.34 83.78 19.32
N LEU G 1771 25.33 83.30 18.59
CA LEU G 1771 24.58 84.18 17.71
C LEU G 1771 23.94 85.33 18.48
N SER G 1772 23.69 85.13 19.78
CA SER G 1772 23.16 86.20 20.62
C SER G 1772 24.21 87.23 21.01
N ALA G 1773 25.48 86.83 20.99
CA ALA G 1773 26.55 87.76 21.35
C ALA G 1773 26.58 88.93 20.40
N THR G 1774 26.98 90.10 20.87
CA THR G 1774 26.93 91.30 20.05
C THR G 1774 27.84 91.20 18.84
N GLN G 1775 29.11 90.83 19.06
CA GLN G 1775 30.09 90.87 17.99
C GLN G 1775 29.73 89.95 16.84
N PHE G 1776 28.96 88.90 17.10
CA PHE G 1776 28.50 88.00 16.05
C PHE G 1776 27.10 88.31 15.55
N THR G 1777 26.26 88.89 16.40
CA THR G 1777 24.90 89.20 15.97
C THR G 1777 24.87 90.40 15.04
N GLN G 1778 25.68 91.42 15.31
CA GLN G 1778 25.68 92.61 14.45
C GLN G 1778 26.12 92.30 13.03
N PRO G 1779 27.29 91.70 12.80
CA PRO G 1779 27.66 91.38 11.40
C PRO G 1779 26.68 90.43 10.73
N ALA G 1780 26.12 89.48 11.47
CA ALA G 1780 25.20 88.52 10.86
C ALA G 1780 23.93 89.22 10.38
N LEU G 1781 23.39 90.13 11.18
CA LEU G 1781 22.20 90.87 10.78
C LEU G 1781 22.52 91.78 9.61
N THR G 1782 23.66 92.46 9.67
CA THR G 1782 24.07 93.31 8.55
C THR G 1782 24.14 92.51 7.26
N LEU G 1783 24.73 91.31 7.32
CA LEU G 1783 24.84 90.48 6.12
C LEU G 1783 23.49 89.98 5.65
N MET G 1784 22.61 89.59 6.57
CA MET G 1784 21.30 89.13 6.16
C MET G 1784 20.58 90.23 5.39
N GLU G 1785 20.60 91.45 5.91
CA GLU G 1785 19.90 92.54 5.25
C GLU G 1785 20.55 92.92 3.92
N LYS G 1786 21.89 92.98 3.90
CA LYS G 1786 22.59 93.31 2.67
C LYS G 1786 22.34 92.27 1.59
N ALA G 1787 22.32 90.99 1.98
CA ALA G 1787 22.07 89.93 1.02
C ALA G 1787 20.66 90.04 0.46
N ALA G 1788 19.68 90.28 1.33
CA ALA G 1788 18.31 90.43 0.86
C ALA G 1788 18.19 91.58 -0.12
N PHE G 1789 18.81 92.71 0.21
CA PHE G 1789 18.72 93.87 -0.68
C PHE G 1789 19.45 93.62 -2.00
N GLU G 1790 20.57 92.91 -1.96
CA GLU G 1790 21.28 92.60 -3.21
C GLU G 1790 20.45 91.69 -4.08
N ASP G 1791 19.74 90.72 -3.48
CA ASP G 1791 18.83 89.91 -4.26
C ASP G 1791 17.74 90.76 -4.90
N LEU G 1792 17.16 91.69 -4.12
CA LEU G 1792 16.15 92.58 -4.69
C LEU G 1792 16.71 93.39 -5.84
N LYS G 1793 17.92 93.91 -5.69
CA LYS G 1793 18.54 94.69 -6.74
C LYS G 1793 18.79 93.85 -7.99
N SER G 1794 19.19 92.60 -7.80
CA SER G 1794 19.49 91.73 -8.93
C SER G 1794 18.25 91.39 -9.74
N LYS G 1795 17.05 91.67 -9.22
CA LYS G 1795 15.81 91.43 -9.93
C LYS G 1795 15.19 92.71 -10.48
N GLY G 1796 15.89 93.84 -10.38
CA GLY G 1796 15.39 95.08 -10.91
C GLY G 1796 14.31 95.75 -10.09
N LEU G 1797 14.20 95.42 -8.80
CA LEU G 1797 13.06 95.82 -8.00
C LEU G 1797 13.29 97.09 -7.18
N ILE G 1798 14.42 97.78 -7.34
CA ILE G 1798 14.77 98.89 -6.47
C ILE G 1798 14.50 100.19 -7.22
N PRO G 1799 13.48 100.97 -6.84
CA PRO G 1799 13.28 102.28 -7.47
C PRO G 1799 14.49 103.18 -7.27
N ALA G 1800 14.78 103.99 -8.30
CA ALA G 1800 15.96 104.84 -8.26
C ALA G 1800 15.79 106.00 -7.27
N ASP G 1801 14.56 106.38 -6.96
CA ASP G 1801 14.29 107.48 -6.04
C ASP G 1801 13.87 106.98 -4.65
N ALA G 1802 14.05 105.70 -4.37
CA ALA G 1802 13.61 105.16 -3.09
C ALA G 1802 14.37 105.80 -1.94
N THR G 1803 13.64 106.43 -1.03
CA THR G 1803 14.21 106.91 0.22
C THR G 1803 14.35 105.74 1.19
N PHE G 1804 15.23 105.92 2.19
CA PHE G 1804 15.56 104.80 3.06
C PHE G 1804 16.00 105.30 4.43
N ALA G 1805 15.87 104.41 5.42
CA ALA G 1805 16.29 104.68 6.78
C ALA G 1805 16.49 103.35 7.48
N GLY G 1806 17.25 103.36 8.57
CA GLY G 1806 17.48 102.15 9.33
C GLY G 1806 17.30 102.37 10.82
N HIS G 1807 16.70 101.42 11.50
CA HIS G 1807 16.47 101.53 12.93
C HIS G 1807 17.64 100.95 13.71
N SER G 1808 18.42 101.84 14.33
CA SER G 1808 19.64 101.41 15.05
C SER G 1808 20.69 100.78 14.10
N LEU G 1809 20.97 99.49 14.25
CA LEU G 1809 21.94 98.80 13.39
C LEU G 1809 21.53 98.88 11.94
N GLY G 1810 20.23 98.87 11.67
CA GLY G 1810 19.75 98.90 10.31
C GLY G 1810 20.27 100.06 9.51
N GLU G 1811 20.54 101.17 10.17
CA GLU G 1811 21.00 102.36 9.47
C GLU G 1811 22.32 102.06 8.80
N TYR G 1812 23.21 101.40 9.51
CA TYR G 1812 24.51 101.07 8.96
C TYR G 1812 24.36 100.14 7.78
N ALA G 1813 23.47 99.16 7.90
CA ALA G 1813 23.23 98.23 6.81
C ALA G 1813 22.59 98.92 5.61
N ALA G 1814 21.67 99.84 5.87
CA ALA G 1814 20.98 100.54 4.80
C ALA G 1814 21.95 101.36 3.95
N LEU G 1815 22.91 102.01 4.59
CA LEU G 1815 23.91 102.75 3.85
C LEU G 1815 24.74 101.83 2.96
N ALA G 1816 25.13 100.67 3.46
CA ALA G 1816 25.89 99.74 2.62
C ALA G 1816 25.04 99.21 1.47
N SER G 1817 23.73 99.10 1.65
CA SER G 1817 22.89 98.48 0.65
C SER G 1817 22.50 99.47 -0.46
N LEU G 1818 22.11 100.68 -0.09
CA LEU G 1818 21.64 101.66 -1.06
C LEU G 1818 22.70 102.68 -1.44
N ALA G 1819 23.61 103.02 -0.52
CA ALA G 1819 24.66 103.99 -0.82
C ALA G 1819 25.97 103.35 -1.22
N ASP G 1820 26.18 102.07 -0.90
CA ASP G 1820 27.40 101.35 -1.25
C ASP G 1820 28.63 102.18 -0.87
N VAL G 1821 28.68 102.59 0.40
CA VAL G 1821 29.80 103.41 0.87
C VAL G 1821 31.01 102.57 1.22
N MET G 1822 30.84 101.27 1.44
CA MET G 1822 31.95 100.40 1.79
C MET G 1822 31.69 99.01 1.24
N SER G 1823 32.78 98.32 0.90
CA SER G 1823 32.69 96.98 0.38
C SER G 1823 32.22 96.01 1.47
N ILE G 1824 31.89 94.80 1.04
CA ILE G 1824 31.39 93.78 1.98
C ILE G 1824 32.42 93.50 3.05
N GLU G 1825 33.69 93.34 2.67
CA GLU G 1825 34.73 93.01 3.64
C GLU G 1825 34.90 94.12 4.66
N SER G 1826 34.88 95.38 4.23
CA SER G 1826 34.98 96.48 5.17
C SER G 1826 33.74 96.57 6.06
N LEU G 1827 32.58 96.30 5.49
CA LEU G 1827 31.34 96.40 6.25
C LEU G 1827 31.34 95.44 7.44
N VAL G 1828 31.60 94.16 7.19
CA VAL G 1828 31.58 93.18 8.27
C VAL G 1828 32.75 93.40 9.21
N GLU G 1829 33.86 93.93 8.71
CA GLU G 1829 35.00 94.20 9.57
C GLU G 1829 34.67 95.27 10.61
N VAL G 1830 34.10 96.39 10.17
CA VAL G 1830 33.79 97.47 11.10
C VAL G 1830 32.71 97.04 12.08
N VAL G 1831 31.70 96.31 11.60
CA VAL G 1831 30.63 95.88 12.49
C VAL G 1831 31.15 94.90 13.53
N PHE G 1832 32.09 94.03 13.14
CA PHE G 1832 32.68 93.13 14.13
C PHE G 1832 33.52 93.90 15.14
N TYR G 1833 34.28 94.90 14.69
CA TYR G 1833 35.06 95.70 15.63
C TYR G 1833 34.14 96.43 16.61
N ARG G 1834 33.06 97.02 16.11
CA ARG G 1834 32.12 97.73 16.98
C ARG G 1834 31.45 96.77 17.94
N GLY G 1835 31.05 95.59 17.46
CA GLY G 1835 30.40 94.64 18.34
C GLY G 1835 31.30 94.19 19.47
N MET G 1836 32.58 93.95 19.17
CA MET G 1836 33.53 93.58 20.22
C MET G 1836 33.73 94.72 21.20
N THR G 1837 33.79 95.95 20.68
CA THR G 1837 33.91 97.10 21.56
C THR G 1837 32.78 97.14 22.58
N MET G 1838 31.55 96.87 22.13
CA MET G 1838 30.41 96.90 23.05
C MET G 1838 30.56 95.87 24.14
N GLN G 1839 31.02 94.67 23.80
CA GLN G 1839 31.24 93.66 24.82
C GLN G 1839 32.10 94.19 25.94
N VAL G 1840 33.17 94.92 25.60
CA VAL G 1840 34.11 95.42 26.60
C VAL G 1840 33.73 96.80 27.12
N ALA G 1841 32.63 97.39 26.63
CA ALA G 1841 32.19 98.67 27.16
C ALA G 1841 31.52 98.50 28.52
N VAL G 1842 30.89 97.36 28.77
CA VAL G 1842 30.21 97.10 30.03
C VAL G 1842 30.95 95.97 30.74
N PRO G 1843 31.12 96.03 32.06
CA PRO G 1843 31.71 94.88 32.76
C PRO G 1843 30.83 93.65 32.58
N ARG G 1844 31.48 92.50 32.43
CA ARG G 1844 30.75 91.27 32.20
C ARG G 1844 31.24 90.14 33.08
N ASP G 1845 30.77 88.93 32.79
CA ASP G 1845 31.14 87.75 33.56
C ASP G 1845 31.35 86.61 32.57
N GLU G 1846 31.49 85.39 33.08
CA GLU G 1846 31.50 84.22 32.22
C GLU G 1846 30.15 84.07 31.54
N LEU G 1847 30.18 83.56 30.31
CA LEU G 1847 29.04 83.39 29.43
C LEU G 1847 28.64 84.72 28.78
N GLY G 1848 29.43 85.77 28.96
CA GLY G 1848 29.14 87.03 28.29
C GLY G 1848 27.85 87.71 28.70
N ARG G 1849 27.77 88.20 29.93
CA ARG G 1849 26.60 88.92 30.43
C ARG G 1849 26.99 90.34 30.84
N SER G 1850 26.04 91.06 31.42
CA SER G 1850 26.27 92.45 31.78
C SER G 1850 25.33 92.86 32.90
N ASN G 1851 25.63 94.02 33.50
CA ASN G 1851 24.79 94.60 34.54
C ASN G 1851 23.71 95.51 33.98
N TYR G 1852 23.86 95.97 32.74
CA TYR G 1852 22.91 96.88 32.13
C TYR G 1852 21.84 96.11 31.37
N GLY G 1853 20.81 96.83 30.93
CA GLY G 1853 19.73 96.20 30.17
C GLY G 1853 18.83 97.23 29.53
N MET G 1854 17.82 96.73 28.83
CA MET G 1854 16.85 97.57 28.13
C MET G 1854 15.46 96.98 28.25
N ILE G 1855 14.45 97.85 28.30
CA ILE G 1855 13.05 97.43 28.35
C ILE G 1855 12.24 98.31 27.41
N ALA G 1856 11.20 97.74 26.82
CA ALA G 1856 10.25 98.50 26.03
C ALA G 1856 9.12 98.99 26.93
N ILE G 1857 8.69 100.23 26.74
CA ILE G 1857 7.70 100.86 27.59
C ILE G 1857 6.53 101.31 26.73
N ASN G 1858 5.32 100.95 27.15
CA ASN G 1858 4.09 101.38 26.49
C ASN G 1858 3.39 102.40 27.38
N PRO G 1859 3.62 103.70 27.20
CA PRO G 1859 3.01 104.68 28.12
C PRO G 1859 1.50 104.64 28.12
N GLY G 1860 0.89 104.13 27.05
CA GLY G 1860 -0.56 104.01 27.02
C GLY G 1860 -1.10 102.85 27.81
N ARG G 1861 -0.24 102.11 28.51
CA ARG G 1861 -0.68 100.96 29.29
C ARG G 1861 -0.70 101.23 30.78
N VAL G 1862 0.14 102.17 31.25
CA VAL G 1862 0.10 102.53 32.66
C VAL G 1862 -1.17 103.31 32.96
N ALA G 1863 -1.55 104.22 32.05
CA ALA G 1863 -2.79 104.96 32.15
C ALA G 1863 -3.11 105.49 30.77
N ALA G 1864 -4.40 105.61 30.46
CA ALA G 1864 -4.80 106.12 29.16
C ALA G 1864 -4.44 107.57 28.95
N SER G 1865 -4.03 108.29 30.01
CA SER G 1865 -3.70 109.71 29.92
C SER G 1865 -2.24 110.00 30.26
N PHE G 1866 -1.35 109.01 30.09
CA PHE G 1866 0.07 109.17 30.43
C PHE G 1866 0.84 109.56 29.18
N SER G 1867 1.09 110.85 29.03
CA SER G 1867 1.77 111.35 27.83
C SER G 1867 3.25 110.98 27.85
N GLN G 1868 3.85 111.01 26.65
CA GLN G 1868 5.29 110.77 26.55
C GLN G 1868 6.05 111.75 27.42
N GLU G 1869 5.74 113.04 27.32
CA GLU G 1869 6.44 114.04 28.10
C GLU G 1869 6.32 113.75 29.59
N ALA G 1870 5.26 113.05 30.00
CA ALA G 1870 5.16 112.61 31.39
C ALA G 1870 6.17 111.52 31.70
N LEU G 1871 6.27 110.51 30.82
CA LEU G 1871 7.24 109.45 31.04
C LEU G 1871 8.66 110.01 30.99
N GLN G 1872 8.96 110.82 29.97
CA GLN G 1872 10.26 111.47 29.89
C GLN G 1872 10.54 112.29 31.12
N TYR G 1873 9.49 112.77 31.79
CA TYR G 1873 9.66 113.47 33.06
C TYR G 1873 9.96 112.50 34.19
N VAL G 1874 9.22 111.39 34.25
CA VAL G 1874 9.40 110.45 35.35
C VAL G 1874 10.77 109.79 35.28
N VAL G 1875 11.15 109.28 34.10
CA VAL G 1875 12.44 108.64 33.96
C VAL G 1875 13.56 109.63 34.24
N GLU G 1876 13.42 110.86 33.76
CA GLU G 1876 14.46 111.87 33.99
C GLU G 1876 14.63 112.11 35.49
N ARG G 1877 13.53 112.24 36.23
CA ARG G 1877 13.62 112.45 37.66
C ARG G 1877 14.07 111.20 38.38
N VAL G 1878 13.61 110.02 37.94
CA VAL G 1878 13.98 108.79 38.65
C VAL G 1878 15.49 108.63 38.66
N GLY G 1879 16.14 108.84 37.51
CA GLY G 1879 17.58 108.84 37.49
C GLY G 1879 18.18 109.94 38.35
N LYS G 1880 17.65 111.16 38.21
CA LYS G 1880 18.15 112.27 39.02
C LYS G 1880 17.85 112.04 40.50
N ARG G 1881 16.63 111.62 40.81
CA ARG G 1881 16.25 111.34 42.19
C ARG G 1881 16.88 110.06 42.72
N THR G 1882 17.75 109.41 41.94
CA THR G 1882 18.43 108.21 42.39
C THR G 1882 19.91 108.18 42.04
N GLY G 1883 20.40 109.06 41.16
CA GLY G 1883 21.82 109.18 40.90
C GLY G 1883 22.42 108.10 40.03
N TRP G 1884 21.61 107.25 39.43
CA TRP G 1884 22.10 106.19 38.55
C TRP G 1884 21.87 106.62 37.10
N LEU G 1885 22.14 105.71 36.17
CA LEU G 1885 22.01 105.98 34.75
C LEU G 1885 20.79 105.27 34.20
N VAL G 1886 19.87 106.05 33.62
CA VAL G 1886 18.68 105.53 32.96
C VAL G 1886 18.09 106.64 32.12
N GLU G 1887 17.61 106.31 30.93
CA GLU G 1887 17.04 107.32 30.04
C GLU G 1887 16.20 106.61 28.99
N ILE G 1888 15.75 107.37 27.99
CA ILE G 1888 14.96 106.87 26.87
C ILE G 1888 15.86 106.87 25.65
N VAL G 1889 15.90 105.73 24.95
CA VAL G 1889 16.84 105.53 23.86
C VAL G 1889 16.14 105.45 22.52
N ASN G 1890 14.95 104.86 22.46
CA ASN G 1890 14.24 104.67 21.19
C ASN G 1890 12.80 105.15 21.34
N TYR G 1891 12.47 106.23 20.64
CA TYR G 1891 11.09 106.67 20.47
C TYR G 1891 10.56 105.94 19.24
N ASN G 1892 9.77 104.89 19.44
CA ASN G 1892 9.36 104.01 18.36
C ASN G 1892 7.95 104.33 17.85
N VAL G 1893 6.95 104.30 18.72
CA VAL G 1893 5.57 104.59 18.35
C VAL G 1893 5.00 105.62 19.31
N GLU G 1894 4.33 106.63 18.77
CA GLU G 1894 3.82 107.73 19.58
C GLU G 1894 3.01 107.22 20.77
N ASN G 1895 3.42 107.62 21.97
CA ASN G 1895 2.73 107.27 23.21
C ASN G 1895 2.41 105.78 23.29
N GLN G 1896 3.18 104.95 22.61
CA GLN G 1896 2.88 103.51 22.60
C GLN G 1896 4.12 102.65 22.75
N GLN G 1897 5.29 103.17 22.37
CA GLN G 1897 6.51 102.37 22.37
C GLN G 1897 7.69 103.28 22.63
N TYR G 1898 8.24 103.21 23.84
CA TYR G 1898 9.50 103.85 24.15
C TYR G 1898 10.39 102.83 24.84
N VAL G 1899 11.67 102.86 24.53
CA VAL G 1899 12.65 101.92 25.09
C VAL G 1899 13.58 102.71 25.99
N ALA G 1900 13.78 102.21 27.21
CA ALA G 1900 14.72 102.78 28.15
C ALA G 1900 15.90 101.85 28.33
N ALA G 1901 17.09 102.44 28.47
CA ALA G 1901 18.33 101.70 28.67
C ALA G 1901 19.00 102.17 29.94
N GLY G 1902 19.62 101.24 30.66
CA GLY G 1902 20.35 101.60 31.85
C GLY G 1902 20.58 100.38 32.73
N ASP G 1903 20.82 100.66 34.01
CA ASP G 1903 21.11 99.61 34.97
C ASP G 1903 19.94 98.64 35.07
N LEU G 1904 20.24 97.35 34.99
CA LEU G 1904 19.18 96.34 35.06
C LEU G 1904 18.43 96.42 36.37
N ARG G 1905 19.09 96.86 37.44
CA ARG G 1905 18.38 97.15 38.68
C ARG G 1905 17.52 98.40 38.53
N ALA G 1906 18.11 99.48 38.00
CA ALA G 1906 17.37 100.73 37.88
C ALA G 1906 16.15 100.55 36.98
N LEU G 1907 16.32 99.86 35.86
CA LEU G 1907 15.19 99.56 35.01
C LEU G 1907 14.14 98.75 35.75
N ASP G 1908 14.56 97.88 36.67
CA ASP G 1908 13.61 97.09 37.44
C ASP G 1908 12.77 97.96 38.35
N THR G 1909 13.34 99.04 38.88
CA THR G 1909 12.54 99.99 39.65
C THR G 1909 11.59 100.74 38.73
N VAL G 1910 12.06 101.14 37.56
CA VAL G 1910 11.25 101.94 36.64
C VAL G 1910 9.94 101.21 36.36
N THR G 1911 10.01 99.92 36.05
CA THR G 1911 8.79 99.16 35.83
C THR G 1911 7.92 99.12 37.09
N ASN G 1912 8.55 98.94 38.25
CA ASN G 1912 7.78 98.89 39.49
C ASN G 1912 7.06 100.21 39.73
N VAL G 1913 7.76 101.32 39.55
CA VAL G 1913 7.15 102.64 39.76
C VAL G 1913 5.96 102.82 38.83
N LEU G 1914 6.18 102.60 37.52
CA LEU G 1914 5.08 102.70 36.58
C LEU G 1914 3.98 101.70 36.93
N ASN G 1915 4.35 100.55 37.48
CA ASN G 1915 3.36 99.60 37.96
C ASN G 1915 2.61 100.17 39.16
N PHE G 1916 3.27 101.01 39.96
CA PHE G 1916 2.57 101.69 41.05
C PHE G 1916 1.76 102.87 40.52
N ILE G 1917 2.25 103.56 39.50
CA ILE G 1917 1.47 104.62 38.87
C ILE G 1917 0.20 104.05 38.27
N LYS G 1918 0.33 102.91 37.57
CA LYS G 1918 -0.84 102.28 36.96
C LYS G 1918 -1.79 101.73 38.01
N LEU G 1919 -1.35 101.61 39.26
CA LEU G 1919 -2.23 101.13 40.32
C LEU G 1919 -3.10 102.24 40.89
N GLN G 1920 -2.80 103.50 40.56
CA GLN G 1920 -3.57 104.65 41.01
C GLN G 1920 -3.88 105.55 39.82
N LYS G 1921 -4.40 106.74 40.10
CA LYS G 1921 -4.72 107.71 39.05
C LYS G 1921 -3.50 108.58 38.74
N ARG G 1962 8.02 89.70 32.11
CA ARG G 1962 7.23 90.76 31.47
C ARG G 1962 6.82 91.81 32.50
N GLY G 1963 5.78 92.57 32.17
CA GLY G 1963 5.26 93.60 33.07
C GLY G 1963 3.98 94.17 32.53
N PHE G 1964 3.34 95.01 33.36
CA PHE G 1964 2.10 95.63 32.95
C PHE G 1964 2.32 96.54 31.75
N ALA G 1965 3.35 97.39 31.81
CA ALA G 1965 3.68 98.30 30.72
C ALA G 1965 5.16 98.23 30.33
N CYS G 1966 5.91 97.25 30.82
CA CYS G 1966 7.34 97.16 30.58
C CYS G 1966 7.70 95.71 30.23
N ILE G 1967 7.86 95.43 28.93
CA ILE G 1967 8.30 94.11 28.48
C ILE G 1967 9.81 94.16 28.28
N PRO G 1968 10.56 93.12 28.62
CA PRO G 1968 12.02 93.18 28.47
C PRO G 1968 12.48 92.78 27.06
N LEU G 1969 13.26 93.65 26.43
CA LEU G 1969 13.75 93.40 25.08
C LEU G 1969 14.92 92.42 25.14
N VAL G 1970 14.66 91.16 24.77
CA VAL G 1970 15.73 90.17 24.76
C VAL G 1970 16.72 90.50 23.64
N GLY G 1971 17.94 90.01 23.82
CA GLY G 1971 18.98 90.16 22.82
C GLY G 1971 19.86 91.38 22.97
N ILE G 1972 19.58 92.26 23.94
CA ILE G 1972 20.38 93.45 24.18
C ILE G 1972 21.03 93.33 25.54
N SER G 1973 22.33 93.69 25.62
CA SER G 1973 23.06 93.62 26.88
C SER G 1973 23.96 94.83 27.08
N VAL G 1974 23.68 95.94 26.40
CA VAL G 1974 24.47 97.17 26.57
C VAL G 1974 23.53 98.36 26.47
N PRO G 1975 23.82 99.44 27.21
CA PRO G 1975 22.94 100.63 27.11
C PRO G 1975 23.16 101.45 25.84
N PHE G 1976 22.73 100.90 24.72
CA PHE G 1976 22.87 101.57 23.44
C PHE G 1976 22.10 102.89 23.43
N HIS G 1977 22.64 103.85 22.68
CA HIS G 1977 21.97 105.15 22.47
C HIS G 1977 21.83 105.92 23.77
N SER G 1978 22.69 105.62 24.75
CA SER G 1978 22.62 106.25 26.06
C SER G 1978 23.83 107.15 26.26
N THR G 1979 23.70 108.10 27.18
CA THR G 1979 24.82 108.98 27.52
C THR G 1979 25.95 108.22 28.16
N TYR G 1980 25.72 106.97 28.57
CA TYR G 1980 26.79 106.13 29.09
C TYR G 1980 27.91 105.96 28.07
N LEU G 1981 27.56 105.81 26.78
CA LEU G 1981 28.53 105.51 25.74
C LEU G 1981 29.10 106.76 25.07
N MET G 1982 28.95 107.92 25.69
CA MET G 1982 29.36 109.16 25.03
C MET G 1982 30.87 109.21 24.79
N ASN G 1983 31.66 108.56 25.66
CA ASN G 1983 33.10 108.57 25.46
C ASN G 1983 33.49 107.92 24.14
N GLY G 1984 32.90 106.76 23.82
CA GLY G 1984 33.28 106.06 22.62
C GLY G 1984 33.08 106.90 21.36
N VAL G 1985 32.13 107.82 21.40
CA VAL G 1985 31.79 108.62 20.22
C VAL G 1985 33.04 109.26 19.64
N LYS G 1986 34.01 109.58 20.48
CA LYS G 1986 35.22 110.20 19.99
C LYS G 1986 36.08 109.18 19.24
N PRO G 1987 36.49 108.08 19.88
CA PRO G 1987 37.20 107.04 19.13
C PRO G 1987 36.40 106.48 17.96
N PHE G 1988 35.08 106.29 18.13
CA PHE G 1988 34.27 105.73 17.06
C PHE G 1988 34.35 106.59 15.81
N LYS G 1989 34.27 107.91 16.00
CA LYS G 1989 34.34 108.83 14.87
C LYS G 1989 35.67 108.66 14.13
N SER G 1990 36.76 108.53 14.87
CA SER G 1990 38.06 108.34 14.25
C SER G 1990 38.12 107.02 13.48
N PHE G 1991 37.53 105.97 14.05
CA PHE G 1991 37.56 104.66 13.40
C PHE G 1991 36.74 104.66 12.12
N LEU G 1992 35.59 105.33 12.13
CA LEU G 1992 34.77 105.41 10.92
C LEU G 1992 35.41 106.33 9.88
N LYS G 1993 35.88 107.50 10.31
CA LYS G 1993 36.55 108.40 9.39
C LYS G 1993 37.70 107.70 8.70
N LYS G 1994 38.31 106.72 9.36
CA LYS G 1994 39.32 105.89 8.71
C LYS G 1994 38.70 104.99 7.67
N ASN G 1995 37.71 104.18 8.08
CA ASN G 1995 37.23 103.10 7.22
C ASN G 1995 36.31 103.61 6.12
N ILE G 1996 35.57 104.69 6.36
CA ILE G 1996 34.69 105.22 5.32
C ILE G 1996 35.54 105.99 4.31
N ILE G 1997 35.68 105.43 3.12
CA ILE G 1997 36.51 106.02 2.09
C ILE G 1997 35.87 107.31 1.61
N LYS G 1998 36.69 108.33 1.37
CA LYS G 1998 36.19 109.60 0.87
C LYS G 1998 35.50 109.45 -0.47
N GLU G 1999 36.10 108.66 -1.38
CA GLU G 1999 35.63 108.58 -2.76
C GLU G 1999 34.47 107.62 -2.92
N ASN G 2000 34.08 106.90 -1.88
CA ASN G 2000 33.00 105.93 -1.97
C ASN G 2000 31.65 106.49 -1.56
N VAL G 2001 31.59 107.78 -1.21
CA VAL G 2001 30.36 108.42 -0.77
C VAL G 2001 29.84 109.27 -1.92
N LYS G 2002 28.68 108.90 -2.45
CA LYS G 2002 28.03 109.62 -3.54
C LYS G 2002 26.85 110.38 -2.98
N VAL G 2003 26.92 111.72 -3.02
CA VAL G 2003 25.85 112.52 -2.45
C VAL G 2003 24.52 112.20 -3.15
N ALA G 2004 24.55 112.01 -4.47
CA ALA G 2004 23.33 111.74 -5.20
C ALA G 2004 22.62 110.51 -4.66
N ARG G 2005 23.38 109.58 -4.07
CA ARG G 2005 22.76 108.41 -3.48
C ARG G 2005 22.19 108.66 -2.10
N LEU G 2006 22.55 109.78 -1.47
CA LEU G 2006 22.13 110.10 -0.10
C LEU G 2006 21.22 111.32 -0.01
N ALA G 2007 21.43 112.34 -0.83
CA ALA G 2007 20.72 113.60 -0.68
C ALA G 2007 19.22 113.41 -0.84
N GLY G 2008 18.48 113.77 0.19
CA GLY G 2008 17.03 113.69 0.14
C GLY G 2008 16.47 112.29 0.26
N LYS G 2009 17.32 111.27 0.36
CA LYS G 2009 16.87 109.89 0.48
C LYS G 2009 17.17 109.28 1.83
N TYR G 2010 18.35 109.58 2.38
CA TYR G 2010 18.76 108.98 3.65
C TYR G 2010 18.27 109.79 4.83
N ILE G 2011 17.53 109.17 5.74
CA ILE G 2011 17.11 109.88 6.93
C ILE G 2011 17.84 109.30 8.15
N PRO G 2012 18.79 110.06 8.71
CA PRO G 2012 19.56 109.51 9.83
C PRO G 2012 18.74 109.45 11.12
N ASN G 2013 19.13 108.58 12.06
CA ASN G 2013 18.45 108.51 13.35
C ASN G 2013 18.86 109.68 14.23
N LEU G 2014 20.05 110.22 14.00
CA LEU G 2014 20.53 111.33 14.81
C LEU G 2014 19.68 112.58 14.60
N THR G 2015 19.42 112.91 13.34
CA THR G 2015 18.44 113.93 12.97
C THR G 2015 17.45 113.28 12.03
N ALA G 2016 16.18 113.24 12.43
CA ALA G 2016 15.13 112.66 11.58
C ALA G 2016 14.78 113.65 10.47
N LYS G 2017 15.75 113.86 9.59
CA LYS G 2017 15.61 114.78 8.47
C LYS G 2017 16.41 114.22 7.30
N PRO G 2018 15.88 114.24 6.09
CA PRO G 2018 16.64 113.69 4.95
C PRO G 2018 17.99 114.38 4.79
N PHE G 2019 18.99 113.57 4.48
CA PHE G 2019 20.37 114.03 4.40
C PHE G 2019 20.51 115.17 3.38
N GLN G 2020 21.20 116.23 3.78
CA GLN G 2020 21.46 117.35 2.89
C GLN G 2020 22.79 117.98 3.28
N VAL G 2021 23.57 118.39 2.29
CA VAL G 2021 24.83 119.09 2.55
C VAL G 2021 24.51 120.58 2.51
N THR G 2022 24.01 121.08 3.64
CA THR G 2022 23.64 122.49 3.75
C THR G 2022 23.92 122.97 5.16
N LYS G 2023 24.20 124.27 5.29
CA LYS G 2023 24.50 124.86 6.59
C LYS G 2023 23.39 124.58 7.59
N GLU G 2024 22.14 124.53 7.12
CA GLU G 2024 21.03 124.29 8.03
C GLU G 2024 21.11 122.89 8.60
N TYR G 2025 21.51 121.92 7.79
CA TYR G 2025 21.66 120.56 8.29
C TYR G 2025 22.80 120.47 9.30
N PHE G 2026 23.96 121.02 8.96
CA PHE G 2026 25.08 121.02 9.90
C PHE G 2026 24.74 121.82 11.15
N GLN G 2027 23.94 122.88 11.01
CA GLN G 2027 23.53 123.64 12.18
C GLN G 2027 22.70 122.78 13.12
N ASP G 2028 21.74 122.04 12.56
CA ASP G 2028 20.94 121.14 13.39
C ASP G 2028 21.81 120.07 14.03
N VAL G 2029 22.78 119.54 13.30
CA VAL G 2029 23.67 118.53 13.86
C VAL G 2029 24.43 119.10 15.05
N TYR G 2030 25.00 120.30 14.88
CA TYR G 2030 25.72 120.93 15.98
C TYR G 2030 24.80 121.22 17.16
N ASP G 2031 23.58 121.66 16.88
CA ASP G 2031 22.65 122.03 17.94
C ASP G 2031 22.45 120.87 18.91
N LEU G 2032 22.09 119.70 18.39
CA LEU G 2032 21.76 118.57 19.25
C LEU G 2032 23.00 117.98 19.90
N THR G 2033 24.06 117.79 19.12
CA THR G 2033 25.29 117.15 19.60
C THR G 2033 26.46 117.97 19.07
N GLY G 2034 26.99 118.85 19.91
CA GLY G 2034 28.09 119.69 19.51
C GLY G 2034 29.29 118.88 19.04
N SER G 2035 29.79 119.19 17.84
CA SER G 2035 30.98 118.56 17.32
C SER G 2035 31.88 119.63 16.69
N GLU G 2036 33.17 119.58 17.03
CA GLU G 2036 34.09 120.60 16.55
C GLU G 2036 34.25 120.59 15.04
N PRO G 2037 34.53 119.46 14.38
CA PRO G 2037 34.62 119.50 12.92
C PRO G 2037 33.37 120.04 12.27
N ILE G 2038 32.20 119.73 12.85
CA ILE G 2038 30.95 120.24 12.31
C ILE G 2038 30.96 121.77 12.28
N LYS G 2039 31.31 122.40 13.41
CA LYS G 2039 31.28 123.85 13.44
C LYS G 2039 32.44 124.47 12.68
N GLU G 2040 33.53 123.73 12.46
CA GLU G 2040 34.54 124.17 11.51
C GLU G 2040 33.93 124.29 10.12
N ILE G 2041 33.02 123.37 9.78
CA ILE G 2041 32.25 123.49 8.56
C ILE G 2041 31.32 124.69 8.64
N ILE G 2042 30.66 124.87 9.79
CA ILE G 2042 29.73 125.98 9.97
C ILE G 2042 30.46 127.31 9.86
N ASP G 2043 31.41 127.54 10.76
CA ASP G 2043 32.07 128.83 10.86
C ASP G 2043 32.85 129.19 9.59
N ASN G 2044 33.23 128.21 8.79
CA ASN G 2044 33.99 128.44 7.57
C ASN G 2044 33.18 128.12 6.32
N TRP G 2045 31.85 128.14 6.43
CA TRP G 2045 31.02 127.70 5.31
C TRP G 2045 31.29 128.52 4.06
N GLU G 2046 31.40 129.83 4.19
CA GLU G 2046 31.65 130.68 3.03
C GLU G 2046 32.90 130.23 2.29
N LYS G 2047 33.91 129.75 3.02
CA LYS G 2047 35.14 129.27 2.39
C LYS G 2047 34.87 128.03 1.56
N TYR G 2048 34.11 127.07 2.12
CA TYR G 2048 33.83 125.83 1.41
C TYR G 2048 32.81 126.03 0.30
N GLU G 2049 31.75 126.81 0.56
CA GLU G 2049 30.73 127.02 -0.46
C GLU G 2049 31.33 127.65 -1.71
N GLN G 2050 32.20 128.63 -1.54
CA GLN G 2050 32.90 129.24 -2.67
C GLN G 2050 33.89 128.24 -3.26
N MET H 1 28.20 124.49 -4.23
CA MET H 1 29.60 124.06 -3.94
C MET H 1 30.07 123.06 -4.98
N LYS H 2 31.39 122.96 -5.15
CA LYS H 2 31.95 122.05 -6.14
C LYS H 2 31.61 120.61 -5.76
N PRO H 3 31.53 119.71 -6.76
CA PRO H 3 31.23 118.31 -6.44
C PRO H 3 32.26 117.68 -5.51
N GLU H 4 33.53 118.05 -5.62
CA GLU H 4 34.55 117.49 -4.74
C GLU H 4 34.41 118.02 -3.33
N VAL H 5 34.22 119.33 -3.19
CA VAL H 5 33.99 119.92 -1.87
C VAL H 5 32.68 119.40 -1.29
N GLU H 6 31.67 119.23 -2.14
CA GLU H 6 30.41 118.67 -1.69
C GLU H 6 30.60 117.25 -1.17
N GLN H 7 31.40 116.45 -1.86
CA GLN H 7 31.67 115.08 -1.41
C GLN H 7 32.44 115.09 -0.09
N GLU H 8 33.40 116.00 0.04
CA GLU H 8 34.14 116.12 1.30
C GLU H 8 33.20 116.43 2.46
N LEU H 9 32.32 117.41 2.27
CA LEU H 9 31.36 117.77 3.31
C LEU H 9 30.42 116.62 3.61
N ALA H 10 29.96 115.92 2.57
CA ALA H 10 29.05 114.80 2.78
C ALA H 10 29.73 113.70 3.57
N HIS H 11 31.01 113.43 3.28
CA HIS H 11 31.75 112.43 4.05
C HIS H 11 31.85 112.83 5.51
N ILE H 12 32.16 114.09 5.78
CA ILE H 12 32.25 114.55 7.16
C ILE H 12 30.90 114.37 7.86
N LEU H 13 29.82 114.78 7.19
CA LEU H 13 28.49 114.69 7.78
C LEU H 13 28.14 113.24 8.07
N LEU H 14 28.40 112.34 7.12
CA LEU H 14 28.04 110.94 7.31
C LEU H 14 28.84 110.31 8.45
N THR H 15 30.14 110.59 8.52
CA THR H 15 30.95 110.04 9.61
C THR H 15 30.44 110.55 10.95
N GLU H 16 30.12 111.85 11.03
CA GLU H 16 29.63 112.40 12.28
C GLU H 16 28.29 111.78 12.69
N LEU H 17 27.38 111.63 11.73
CA LEU H 17 26.08 111.07 12.03
C LEU H 17 26.21 109.64 12.53
N LEU H 18 27.00 108.82 11.83
CA LEU H 18 27.18 107.44 12.27
C LEU H 18 27.86 107.39 13.63
N ALA H 19 28.87 108.24 13.86
CA ALA H 19 29.59 108.22 15.12
C ALA H 19 28.66 108.52 16.29
N TYR H 20 27.86 109.58 16.17
CA TYR H 20 27.02 110.01 17.28
C TYR H 20 25.72 109.21 17.40
N GLN H 21 25.35 108.44 16.40
CA GLN H 21 24.06 107.75 16.44
C GLN H 21 23.93 106.79 17.59
N PHE H 22 24.96 105.99 17.83
CA PHE H 22 24.83 104.93 18.82
C PHE H 22 24.87 105.45 20.26
N ALA H 23 25.24 106.71 20.46
CA ALA H 23 25.28 107.33 21.77
C ALA H 23 24.18 108.35 21.99
N SER H 24 23.20 108.41 21.09
CA SER H 24 22.09 109.35 21.17
C SER H 24 20.80 108.61 20.81
N PRO H 25 19.66 109.09 21.30
CA PRO H 25 18.43 108.32 21.13
C PRO H 25 17.98 108.21 19.68
N VAL H 26 17.24 107.15 19.39
CA VAL H 26 16.76 106.86 18.05
C VAL H 26 15.38 107.47 17.89
N ARG H 27 15.25 108.46 17.02
CA ARG H 27 13.99 109.15 16.81
C ARG H 27 13.22 108.51 15.65
N TRP H 28 12.73 107.30 15.90
CA TRP H 28 11.92 106.63 14.91
C TRP H 28 10.58 107.32 14.68
N ILE H 29 10.08 108.08 15.67
CA ILE H 29 8.81 108.78 15.52
C ILE H 29 8.91 109.79 14.38
N GLU H 30 9.93 110.65 14.43
CA GLU H 30 10.06 111.67 13.41
C GLU H 30 10.35 111.05 12.05
N THR H 31 11.10 109.95 12.01
CA THR H 31 11.38 109.28 10.75
C THR H 31 10.12 108.72 10.12
N GLN H 32 9.29 108.06 10.93
CA GLN H 32 8.02 107.55 10.43
C GLN H 32 7.14 108.69 9.94
N ASP H 33 7.10 109.80 10.69
CA ASP H 33 6.38 110.97 10.19
C ASP H 33 6.90 111.38 8.83
N VAL H 34 8.21 111.50 8.70
CA VAL H 34 8.80 112.02 7.47
C VAL H 34 8.39 111.16 6.29
N PHE H 35 8.61 109.85 6.40
CA PHE H 35 8.41 108.99 5.24
C PHE H 35 6.98 108.49 5.09
N LEU H 36 6.08 108.81 6.02
CA LEU H 36 4.67 108.51 5.83
C LEU H 36 3.85 109.73 5.45
N LYS H 37 4.32 110.93 5.74
CA LYS H 37 3.58 112.15 5.45
C LYS H 37 4.31 113.11 4.53
N ASP H 38 5.57 113.43 4.80
CA ASP H 38 6.24 114.43 3.97
C ASP H 38 6.54 113.89 2.58
N PHE H 39 6.80 112.59 2.46
CA PHE H 39 6.93 111.95 1.16
C PHE H 39 5.71 111.13 0.77
N ASN H 40 4.91 110.69 1.74
CA ASN H 40 3.87 109.71 1.49
C ASN H 40 4.55 108.43 1.01
N THR H 41 3.90 107.29 1.16
CA THR H 41 4.53 106.05 0.69
C THR H 41 3.49 104.95 0.54
N GLU H 42 3.23 104.54 -0.69
CA GLU H 42 2.27 103.48 -0.94
C GLU H 42 2.81 102.10 -0.62
N ARG H 43 4.13 101.92 -0.63
CA ARG H 43 4.75 100.67 -0.21
C ARG H 43 5.93 100.97 0.68
N VAL H 44 5.89 100.43 1.90
CA VAL H 44 7.01 100.46 2.84
C VAL H 44 7.50 99.03 2.95
N VAL H 45 8.77 98.82 2.60
CA VAL H 45 9.36 97.50 2.53
C VAL H 45 10.38 97.36 3.65
N GLU H 46 10.14 96.43 4.56
CA GLU H 46 11.04 96.19 5.67
C GLU H 46 12.03 95.11 5.32
N ILE H 47 13.31 95.42 5.44
CA ILE H 47 14.39 94.49 5.16
C ILE H 47 14.90 93.99 6.50
N GLY H 48 14.54 92.76 6.84
CA GLY H 48 14.96 92.19 8.10
C GLY H 48 14.41 90.79 8.32
N PRO H 49 14.84 90.17 9.42
CA PRO H 49 14.42 88.80 9.72
C PRO H 49 13.02 88.68 10.32
N SER H 50 12.41 89.79 10.72
CA SER H 50 11.11 89.75 11.38
C SER H 50 10.39 91.05 11.14
N PRO H 51 9.06 91.09 11.28
CA PRO H 51 8.29 92.34 11.03
C PRO H 51 8.19 93.24 12.25
N THR H 52 9.32 93.82 12.65
CA THR H 52 9.34 94.75 13.78
C THR H 52 8.94 96.15 13.33
N LEU H 53 9.70 96.74 12.41
CA LEU H 53 9.39 98.07 11.94
C LEU H 53 8.11 98.09 11.12
N ALA H 54 7.75 96.97 10.48
CA ALA H 54 6.47 96.89 9.81
C ALA H 54 5.32 97.04 10.80
N GLY H 55 5.41 96.35 11.93
CA GLY H 55 4.41 96.51 12.97
C GLY H 55 4.39 97.93 13.52
N MET H 56 5.57 98.52 13.72
CA MET H 56 5.63 99.90 14.17
C MET H 56 4.89 100.83 13.21
N ALA H 57 5.17 100.70 11.91
CA ALA H 57 4.55 101.58 10.93
C ALA H 57 3.05 101.34 10.84
N GLN H 58 2.63 100.08 10.94
CA GLN H 58 1.20 99.80 10.92
C GLN H 58 0.49 100.45 12.09
N ARG H 59 1.07 100.37 13.29
CA ARG H 59 0.48 101.05 14.44
C ARG H 59 0.47 102.56 14.23
N THR H 60 1.55 103.13 13.72
CA THR H 60 1.59 104.57 13.50
C THR H 60 0.51 105.01 12.52
N LEU H 61 0.32 104.25 11.45
CA LEU H 61 -0.74 104.55 10.50
C LEU H 61 -2.10 104.44 11.17
N LYS H 62 -2.31 103.39 11.97
CA LYS H 62 -3.60 103.20 12.61
C LYS H 62 -3.92 104.31 13.61
N ASN H 63 -2.89 104.94 14.18
CA ASN H 63 -3.08 105.89 15.26
C ASN H 63 -2.91 107.34 14.85
N LYS H 64 -2.37 107.63 13.67
CA LYS H 64 -2.09 109.02 13.30
C LYS H 64 -2.49 109.40 11.89
N TYR H 65 -2.86 108.45 11.02
CA TYR H 65 -3.11 108.80 9.62
C TYR H 65 -4.35 108.12 9.03
N GLU H 66 -5.26 107.62 9.86
CA GLU H 66 -6.47 107.01 9.33
C GLU H 66 -7.28 108.00 8.52
N SER H 67 -7.57 109.17 9.09
CA SER H 67 -8.40 110.15 8.39
C SER H 67 -7.67 110.76 7.21
N TYR H 68 -6.39 111.07 7.38
CA TYR H 68 -5.60 111.65 6.30
C TYR H 68 -5.46 110.67 5.13
N ASP H 69 -5.17 109.40 5.45
CA ASP H 69 -5.05 108.40 4.40
C ASP H 69 -6.37 108.20 3.68
N ALA H 70 -7.47 108.11 4.42
CA ALA H 70 -8.78 107.94 3.80
C ALA H 70 -9.13 109.13 2.91
N ALA H 71 -8.88 110.35 3.39
CA ALA H 71 -9.25 111.53 2.63
C ALA H 71 -8.45 111.63 1.35
N LEU H 72 -7.14 111.38 1.41
CA LEU H 72 -6.32 111.48 0.21
C LEU H 72 -6.28 110.19 -0.60
N SER H 73 -6.99 109.14 -0.17
CA SER H 73 -7.10 107.91 -0.93
C SER H 73 -5.73 107.30 -1.22
N LEU H 74 -5.04 106.92 -0.16
CA LEU H 74 -3.77 106.20 -0.25
C LEU H 74 -3.98 104.74 0.11
N HIS H 75 -3.58 103.84 -0.79
CA HIS H 75 -3.65 102.41 -0.55
C HIS H 75 -2.32 101.88 -0.01
N ARG H 76 -1.90 102.43 1.13
CA ARG H 76 -0.60 102.10 1.70
C ARG H 76 -0.42 100.60 1.83
N GLU H 77 0.83 100.15 1.69
CA GLU H 77 1.18 98.74 1.69
C GLU H 77 2.43 98.59 2.55
N ILE H 78 2.28 97.94 3.71
CA ILE H 78 3.41 97.67 4.59
C ILE H 78 3.83 96.22 4.37
N LEU H 79 5.03 96.04 3.85
CA LEU H 79 5.55 94.72 3.51
C LEU H 79 6.86 94.48 4.24
N CYS H 80 7.02 93.27 4.77
CA CYS H 80 8.26 92.83 5.39
C CYS H 80 8.88 91.72 4.55
N TYR H 81 10.19 91.81 4.33
CA TYR H 81 10.86 90.82 3.48
C TYR H 81 10.63 89.40 3.99
N SER H 82 10.51 89.23 5.30
CA SER H 82 10.44 87.88 5.86
C SER H 82 9.13 87.19 5.50
N LYS H 83 8.02 87.92 5.49
CA LYS H 83 6.70 87.31 5.31
C LYS H 83 6.01 87.67 4.00
N ASP H 84 6.39 88.77 3.35
CA ASP H 84 5.67 89.30 2.20
C ASP H 84 6.45 89.14 0.90
N ALA H 85 7.06 87.97 0.71
CA ALA H 85 7.93 87.78 -0.47
C ALA H 85 7.17 87.97 -1.76
N LYS H 86 5.94 87.44 -1.85
CA LYS H 86 5.21 87.46 -3.11
C LYS H 86 4.94 88.89 -3.57
N GLU H 87 4.57 89.78 -2.66
CA GLU H 87 4.25 91.15 -3.05
C GLU H 87 5.50 91.96 -3.33
N ILE H 88 6.62 91.60 -2.70
CA ILE H 88 7.88 92.29 -2.98
C ILE H 88 8.40 91.90 -4.35
N TYR H 89 8.30 90.63 -4.71
CA TYR H 89 8.87 90.11 -5.95
C TYR H 89 7.86 90.03 -7.09
N TYR H 90 6.60 90.41 -6.86
CA TYR H 90 5.54 90.27 -7.86
C TYR H 90 5.46 88.84 -8.36
N THR H 91 5.32 87.91 -7.43
CA THR H 91 5.21 86.50 -7.80
C THR H 91 3.96 85.91 -7.16
N PRO H 92 2.78 86.47 -7.40
CA PRO H 92 1.57 85.86 -6.85
C PRO H 92 1.39 84.44 -7.39
N ASP H 93 0.97 83.54 -6.52
CA ASP H 93 0.76 82.16 -6.93
C ASP H 93 -0.42 82.08 -7.90
N PRO H 94 -0.50 81.01 -8.70
CA PRO H 94 -1.52 80.88 -9.74
C PRO H 94 -2.89 80.51 -9.19
N GLU H 329 -9.68 22.13 -4.01
CA GLU H 329 -8.92 20.91 -4.20
C GLU H 329 -8.79 20.16 -2.88
N GLU H 330 -9.93 19.91 -2.23
CA GLU H 330 -9.91 19.17 -0.98
C GLU H 330 -9.62 17.69 -1.20
N ILE H 331 -10.19 17.11 -2.26
CA ILE H 331 -10.02 15.68 -2.50
C ILE H 331 -8.56 15.37 -2.85
N THR H 332 -7.98 16.16 -3.74
CA THR H 332 -6.58 15.93 -4.12
C THR H 332 -5.66 16.13 -2.94
N LYS H 333 -5.91 17.15 -2.12
CA LYS H 333 -5.08 17.37 -0.95
C LYS H 333 -5.21 16.23 0.04
N ASP H 334 -6.43 15.73 0.27
CA ASP H 334 -6.61 14.63 1.20
C ASP H 334 -5.89 13.39 0.71
N HIS H 335 -5.96 13.11 -0.60
CA HIS H 335 -5.24 11.97 -1.14
C HIS H 335 -3.73 12.15 -1.03
N LYS H 336 -3.22 13.35 -1.33
CA LYS H 336 -1.79 13.57 -1.19
C LYS H 336 -1.34 13.44 0.26
N VAL H 337 -2.19 13.84 1.20
CA VAL H 337 -1.88 13.65 2.62
C VAL H 337 -1.79 12.16 2.95
N LEU H 338 -2.74 11.37 2.46
CA LEU H 338 -2.69 9.93 2.68
C LEU H 338 -1.41 9.33 2.08
N ALA H 339 -1.06 9.75 0.87
CA ALA H 339 0.16 9.28 0.24
C ALA H 339 1.39 9.65 1.07
N ARG H 340 1.43 10.87 1.58
CA ARG H 340 2.57 11.31 2.39
C ARG H 340 2.69 10.47 3.65
N GLN H 341 1.56 10.17 4.30
CA GLN H 341 1.61 9.35 5.50
C GLN H 341 2.08 7.92 5.18
N GLN H 342 1.64 7.36 4.05
CA GLN H 342 2.13 6.04 3.66
C GLN H 342 3.63 6.06 3.38
N LEU H 343 4.10 7.10 2.69
CA LEU H 343 5.53 7.24 2.45
C LEU H 343 6.31 7.33 3.75
N GLN H 344 5.80 8.10 4.71
CA GLN H 344 6.47 8.20 6.01
C GLN H 344 6.52 6.86 6.72
N VAL H 345 5.43 6.10 6.69
CA VAL H 345 5.44 4.77 7.33
C VAL H 345 6.51 3.89 6.68
N LEU H 346 6.58 3.90 5.35
CA LEU H 346 7.59 3.10 4.68
C LEU H 346 9.00 3.57 5.04
N ALA H 347 9.22 4.89 5.06
CA ALA H 347 10.54 5.41 5.36
C ALA H 347 10.98 4.99 6.76
N ARG H 348 10.05 5.03 7.72
CA ARG H 348 10.38 4.61 9.07
C ARG H 348 10.68 3.12 9.12
N TYR H 349 9.93 2.31 8.38
CA TYR H 349 10.20 0.88 8.33
C TYR H 349 11.59 0.61 7.78
N LEU H 350 11.98 1.33 6.73
CA LEU H 350 13.29 1.14 6.11
C LEU H 350 14.42 1.82 6.87
N LYS H 351 14.11 2.62 7.88
CA LYS H 351 15.13 3.32 8.65
C LYS H 351 15.87 4.32 7.78
N MET H 352 15.15 4.97 6.88
CA MET H 352 15.78 5.95 6.01
C MET H 352 15.39 7.36 6.47
N ASP H 353 16.39 8.17 6.79
CA ASP H 353 16.16 9.52 7.26
C ASP H 353 16.00 10.44 6.07
N LEU H 354 14.78 10.88 5.82
CA LEU H 354 14.54 11.70 4.63
C LEU H 354 15.14 13.09 4.77
N ASP H 355 15.49 13.53 5.97
CA ASP H 355 15.99 14.87 6.20
C ASP H 355 17.50 14.93 6.38
N ASN H 356 18.19 13.81 6.20
CA ASN H 356 19.63 13.78 6.39
C ASN H 356 20.35 14.77 5.46
N GLY H 357 19.97 14.78 4.19
CA GLY H 357 20.64 15.64 3.23
C GLY H 357 20.50 17.10 3.57
N GLU H 358 19.31 17.53 3.96
CA GLU H 358 19.09 18.93 4.32
C GLU H 358 19.88 19.31 5.56
N ARG H 359 20.00 18.39 6.51
CA ARG H 359 20.75 18.67 7.71
C ARG H 359 22.21 18.90 7.37
N LYS H 360 22.78 17.99 6.60
CA LYS H 360 24.16 18.13 6.19
C LYS H 360 24.38 19.41 5.40
N PHE H 361 23.44 19.76 4.53
CA PHE H 361 23.57 20.97 3.74
C PHE H 361 23.57 22.22 4.62
N LEU H 362 22.71 22.26 5.63
CA LEU H 362 22.68 23.43 6.50
C LEU H 362 23.98 23.57 7.29
N LYS H 363 24.52 22.44 7.77
CA LYS H 363 25.83 22.50 8.40
C LYS H 363 26.90 23.04 7.44
N GLU H 364 26.90 22.55 6.20
CA GLU H 364 27.88 23.00 5.23
C GLU H 364 27.74 24.49 4.94
N LYS H 365 26.51 24.97 4.90
CA LYS H 365 26.28 26.39 4.66
C LYS H 365 26.80 27.23 5.81
N ASP H 366 26.66 26.73 7.05
CA ASP H 366 27.29 27.43 8.16
C ASP H 366 28.80 27.49 8.00
N THR H 367 29.41 26.38 7.58
CA THR H 367 30.85 26.37 7.36
C THR H 367 31.26 27.38 6.28
N VAL H 368 30.47 27.46 5.21
CA VAL H 368 30.76 28.40 4.13
C VAL H 368 30.72 29.82 4.65
N ALA H 369 29.71 30.14 5.49
CA ALA H 369 29.62 31.49 6.04
C ALA H 369 30.82 31.81 6.91
N GLU H 370 31.27 30.84 7.71
CA GLU H 370 32.45 31.06 8.55
C GLU H 370 33.68 31.39 7.69
N LEU H 371 33.95 30.56 6.69
CA LEU H 371 35.13 30.78 5.85
C LEU H 371 35.03 32.11 5.10
N GLN H 372 33.82 32.46 4.64
CA GLN H 372 33.66 33.73 3.94
C GLN H 372 33.90 34.90 4.88
N ALA H 373 33.51 34.78 6.15
CA ALA H 373 33.79 35.86 7.10
C ALA H 373 35.30 36.02 7.28
N GLN H 374 36.03 34.91 7.38
CA GLN H 374 37.49 35.02 7.50
C GLN H 374 38.09 35.71 6.28
N LEU H 375 37.67 35.31 5.08
CA LEU H 375 38.21 35.91 3.86
C LEU H 375 37.84 37.38 3.78
N ASP H 376 36.61 37.73 4.15
CA ASP H 376 36.21 39.13 4.16
C ASP H 376 37.05 39.94 5.12
N TYR H 377 37.38 39.37 6.27
CA TYR H 377 38.23 40.09 7.21
C TYR H 377 39.61 40.33 6.63
N LEU H 378 40.20 39.31 6.00
CA LEU H 378 41.51 39.51 5.40
C LEU H 378 41.46 40.55 4.29
N ASN H 379 40.40 40.57 3.51
CA ASN H 379 40.25 41.57 2.46
C ASN H 379 40.05 42.97 3.03
N ALA H 380 39.41 43.09 4.19
CA ALA H 380 39.28 44.40 4.81
C ALA H 380 40.58 44.87 5.42
N GLU H 381 41.39 43.95 5.94
CA GLU H 381 42.68 44.34 6.51
C GLU H 381 43.71 44.67 5.45
N LEU H 382 43.77 43.90 4.36
CA LEU H 382 44.82 44.04 3.37
C LEU H 382 44.39 44.78 2.11
N GLY H 383 43.11 44.80 1.79
CA GLY H 383 42.69 45.50 0.60
C GLY H 383 42.71 44.61 -0.63
N GLU H 384 41.87 44.94 -1.61
CA GLU H 384 41.75 44.09 -2.78
C GLU H 384 43.03 44.08 -3.61
N PHE H 385 43.68 45.22 -3.76
CA PHE H 385 44.87 45.28 -4.60
C PHE H 385 45.94 44.32 -4.10
N PHE H 386 46.23 44.34 -2.80
CA PHE H 386 47.24 43.45 -2.23
C PHE H 386 46.85 41.99 -2.39
N VAL H 387 45.64 41.64 -1.99
CA VAL H 387 45.18 40.25 -2.03
C VAL H 387 45.23 39.66 -3.43
N ASN H 388 44.73 40.39 -4.40
CA ASN H 388 44.79 39.93 -5.77
C ASN H 388 46.21 39.97 -6.31
N GLY H 389 47.05 40.88 -5.80
CA GLY H 389 48.39 41.02 -6.33
C GLY H 389 49.38 39.99 -5.84
N VAL H 390 49.11 39.30 -4.73
CA VAL H 390 50.03 38.26 -4.27
C VAL H 390 49.76 36.92 -4.95
N ALA H 391 48.93 36.90 -5.99
CA ALA H 391 48.69 35.65 -6.71
C ALA H 391 49.94 35.19 -7.44
N THR H 392 50.21 33.88 -7.42
CA THR H 392 51.41 33.34 -8.01
C THR H 392 51.38 33.45 -9.53
N SER H 393 52.57 33.53 -10.12
CA SER H 393 52.74 33.56 -11.56
C SER H 393 53.78 32.54 -12.01
N PHE H 394 54.76 32.27 -11.18
CA PHE H 394 55.82 31.41 -11.61
C PHE H 394 55.56 29.93 -11.64
N SER H 395 55.95 29.30 -12.73
CA SER H 395 55.97 27.84 -12.79
C SER H 395 57.13 27.44 -13.66
N ARG H 396 57.77 26.34 -13.31
CA ARG H 396 58.92 25.89 -14.07
C ARG H 396 58.62 25.54 -15.52
N LYS H 397 57.46 24.96 -15.80
CA LYS H 397 57.16 24.54 -17.16
C LYS H 397 57.04 25.70 -18.13
N LYS H 398 56.82 26.91 -17.63
CA LYS H 398 56.66 28.07 -18.50
C LYS H 398 58.00 28.70 -18.88
N ALA H 399 59.11 28.23 -18.35
CA ALA H 399 60.42 28.80 -18.68
C ALA H 399 60.76 28.59 -20.15
N ARG H 400 61.26 29.65 -20.79
CA ARG H 400 61.64 29.63 -22.19
C ARG H 400 63.14 29.87 -22.32
N THR H 401 63.85 28.97 -22.97
CA THR H 401 65.30 29.05 -23.10
C THR H 401 65.67 29.51 -24.50
N PHE H 402 66.65 30.38 -24.58
CA PHE H 402 67.17 30.86 -25.84
C PHE H 402 68.68 30.69 -25.76
N ASP H 403 69.26 29.84 -26.59
CA ASP H 403 70.72 29.67 -26.62
C ASP H 403 71.30 29.39 -28.00
N SER H 404 70.53 29.48 -29.08
CA SER H 404 71.02 29.07 -30.39
C SER H 404 71.61 30.25 -31.17
N SER H 405 72.64 30.85 -30.56
CA SER H 405 73.36 31.97 -31.18
C SER H 405 74.16 31.49 -32.38
N TRP H 406 74.53 30.22 -32.39
CA TRP H 406 75.22 29.62 -33.53
C TRP H 406 74.45 29.74 -34.86
N ASN H 407 73.15 29.96 -34.84
CA ASN H 407 72.30 30.13 -36.02
C ASN H 407 71.94 31.58 -36.30
N TRP H 408 71.68 32.33 -35.24
CA TRP H 408 71.29 33.71 -35.40
C TRP H 408 72.40 34.54 -36.04
N ALA H 409 73.65 34.16 -35.81
CA ALA H 409 74.73 34.90 -36.40
C ALA H 409 74.65 34.87 -37.95
N LYS H 410 74.46 33.69 -38.55
CA LYS H 410 74.34 33.62 -40.00
C LYS H 410 73.10 34.39 -40.47
N GLN H 411 72.00 34.34 -39.74
CA GLN H 411 70.83 35.13 -40.13
C GLN H 411 71.15 36.61 -40.17
N SER H 412 71.85 37.11 -39.16
CA SER H 412 72.24 38.51 -39.12
C SER H 412 73.13 38.86 -40.30
N LEU H 413 74.12 38.03 -40.58
CA LEU H 413 75.03 38.28 -41.69
C LEU H 413 74.26 38.43 -42.99
N LEU H 414 73.34 37.52 -43.26
CA LEU H 414 72.59 37.58 -44.51
C LEU H 414 71.72 38.82 -44.58
N SER H 415 71.06 39.17 -43.48
CA SER H 415 70.24 40.36 -43.46
C SER H 415 71.07 41.60 -43.82
N LEU H 416 72.24 41.72 -43.22
CA LEU H 416 73.12 42.85 -43.52
C LEU H 416 73.56 42.82 -44.98
N TYR H 417 73.94 41.64 -45.47
CA TYR H 417 74.45 41.51 -46.83
C TYR H 417 73.42 41.99 -47.85
N PHE H 418 72.18 41.52 -47.72
CA PHE H 418 71.17 41.89 -48.71
C PHE H 418 70.67 43.31 -48.51
N GLU H 419 70.62 43.81 -47.27
CA GLU H 419 70.27 45.22 -47.09
C GLU H 419 71.28 46.12 -47.79
N ILE H 420 72.57 45.77 -47.71
CA ILE H 420 73.58 46.58 -48.39
C ILE H 420 73.45 46.44 -49.90
N ILE H 421 73.20 45.22 -50.38
CA ILE H 421 73.06 45.04 -51.83
C ILE H 421 71.88 45.83 -52.36
N HIS H 422 70.83 45.97 -51.56
CA HIS H 422 69.63 46.67 -52.01
C HIS H 422 69.68 48.17 -51.76
N GLY H 423 70.79 48.68 -51.22
CA GLY H 423 70.92 50.10 -50.98
C GLY H 423 70.20 50.61 -49.76
N VAL H 424 69.60 49.74 -48.96
CA VAL H 424 68.95 50.19 -47.74
C VAL H 424 69.98 50.82 -46.81
N LEU H 425 71.14 50.20 -46.65
CA LEU H 425 72.25 50.77 -45.90
C LEU H 425 73.28 51.26 -46.91
N LYS H 426 73.41 52.59 -46.99
CA LYS H 426 74.40 53.22 -47.87
C LYS H 426 75.72 53.49 -47.18
N ASN H 427 75.70 53.63 -45.85
CA ASN H 427 76.87 54.06 -45.10
C ASN H 427 77.04 53.19 -43.87
N VAL H 428 78.27 53.17 -43.36
CA VAL H 428 78.58 52.41 -42.15
C VAL H 428 78.24 53.33 -40.99
N ASP H 429 76.96 53.35 -40.64
CA ASP H 429 76.47 54.15 -39.53
C ASP H 429 76.60 53.33 -38.24
N ARG H 430 76.14 53.90 -37.13
CA ARG H 430 76.33 53.25 -35.84
C ARG H 430 75.59 51.92 -35.77
N GLU H 431 74.41 51.81 -36.39
CA GLU H 431 73.69 50.55 -36.38
C GLU H 431 74.49 49.45 -37.07
N VAL H 432 75.13 49.79 -38.19
CA VAL H 432 75.95 48.80 -38.89
C VAL H 432 77.12 48.36 -38.03
N VAL H 433 77.79 49.32 -37.38
CA VAL H 433 78.93 48.97 -36.53
C VAL H 433 78.47 48.08 -35.38
N SER H 434 77.31 48.38 -34.80
CA SER H 434 76.78 47.56 -33.72
C SER H 434 76.47 46.15 -34.22
N GLU H 435 75.91 46.04 -35.42
CA GLU H 435 75.64 44.73 -35.99
C GLU H 435 76.94 43.94 -36.20
N ALA H 436 77.98 44.61 -36.70
CA ALA H 436 79.26 43.94 -36.89
C ALA H 436 79.87 43.51 -35.56
N ILE H 437 79.68 44.31 -34.50
CA ILE H 437 80.14 43.90 -33.19
C ILE H 437 79.41 42.66 -32.72
N ASN H 438 78.08 42.62 -32.91
CA ASN H 438 77.32 41.44 -32.51
C ASN H 438 77.72 40.21 -33.33
N ILE H 439 78.10 40.40 -34.59
CA ILE H 439 78.58 39.28 -35.38
C ILE H 439 79.93 38.80 -34.90
N MET H 440 80.84 39.72 -34.58
CA MET H 440 82.13 39.34 -34.01
C MET H 440 81.94 38.58 -32.70
N ASN H 441 80.94 38.96 -31.90
CA ASN H 441 80.70 38.29 -30.64
C ASN H 441 80.25 36.84 -30.80
N ARG H 442 79.85 36.44 -32.00
CA ARG H 442 79.42 35.06 -32.25
C ARG H 442 80.33 34.37 -33.28
N SER H 443 81.50 34.92 -33.52
CA SER H 443 82.38 34.37 -34.56
C SER H 443 82.98 33.02 -34.24
N ASN H 444 83.04 32.14 -35.23
CA ASN H 444 83.68 30.84 -35.07
C ASN H 444 84.16 30.44 -36.45
N ASP H 445 84.80 29.29 -36.59
CA ASP H 445 85.37 28.90 -37.87
C ASP H 445 84.29 28.73 -38.95
N ALA H 446 83.16 28.12 -38.58
CA ALA H 446 82.09 27.93 -39.54
C ALA H 446 81.57 29.27 -40.06
N LEU H 447 81.42 30.25 -39.17
CA LEU H 447 80.96 31.56 -39.60
C LEU H 447 81.94 32.20 -40.56
N ILE H 448 83.23 32.01 -40.32
CA ILE H 448 84.24 32.54 -41.22
C ILE H 448 84.11 31.91 -42.60
N LYS H 449 83.91 30.60 -42.65
CA LYS H 449 83.70 29.96 -43.94
C LYS H 449 82.47 30.51 -44.64
N PHE H 450 81.38 30.70 -43.89
CA PHE H 450 80.15 31.26 -44.44
C PHE H 450 80.39 32.62 -45.07
N MET H 451 81.01 33.54 -44.32
CA MET H 451 81.26 34.87 -44.83
C MET H 451 82.20 34.84 -46.03
N GLU H 452 83.26 34.03 -45.95
CA GLU H 452 84.21 33.97 -47.05
C GLU H 452 83.57 33.45 -48.32
N TYR H 453 82.73 32.41 -48.20
CA TYR H 453 82.03 31.92 -49.37
C TYR H 453 81.17 32.98 -49.99
N HIS H 454 80.39 33.67 -49.19
CA HIS H 454 79.45 34.63 -49.75
C HIS H 454 80.15 35.88 -50.28
N ILE H 455 81.33 36.23 -49.81
CA ILE H 455 82.02 37.40 -50.37
C ILE H 455 82.81 37.07 -51.63
N SER H 456 83.53 35.96 -51.63
CA SER H 456 84.25 35.54 -52.82
C SER H 456 83.31 35.34 -53.99
N ASN H 457 82.04 35.04 -53.70
CA ASN H 457 81.08 34.78 -54.76
C ASN H 457 80.21 35.99 -55.05
N THR H 458 80.57 37.17 -54.57
CA THR H 458 79.88 38.41 -54.90
C THR H 458 80.52 39.02 -56.13
N ASP H 459 79.71 39.31 -57.15
CA ASP H 459 80.19 39.84 -58.42
C ASP H 459 80.23 41.36 -58.32
N GLU H 460 81.42 41.91 -58.04
CA GLU H 460 81.55 43.35 -57.83
C GLU H 460 81.18 44.14 -59.08
N THR H 461 81.14 43.50 -60.25
CA THR H 461 80.82 44.21 -61.48
C THR H 461 79.36 44.61 -61.57
N LYS H 462 78.47 44.01 -60.77
CA LYS H 462 77.05 44.29 -60.89
C LYS H 462 76.64 45.59 -60.21
N GLY H 463 77.40 46.66 -60.40
CA GLY H 463 77.07 47.93 -59.80
C GLY H 463 77.81 48.19 -58.50
N GLU H 464 77.65 49.42 -58.02
CA GLU H 464 78.46 49.89 -56.90
C GLU H 464 78.09 49.21 -55.59
N ASN H 465 76.83 48.83 -55.44
CA ASN H 465 76.40 48.18 -54.20
C ASN H 465 77.14 46.87 -53.97
N TYR H 466 77.40 46.13 -55.05
CA TYR H 466 78.12 44.86 -54.91
C TYR H 466 79.58 45.08 -54.55
N GLN H 467 80.22 46.07 -55.16
CA GLN H 467 81.58 46.42 -54.75
C GLN H 467 81.63 46.84 -53.28
N LEU H 468 80.65 47.64 -52.86
CA LEU H 468 80.60 48.08 -51.48
C LEU H 468 80.44 46.91 -50.52
N VAL H 469 79.53 45.98 -50.84
CA VAL H 469 79.34 44.83 -49.97
C VAL H 469 80.61 43.99 -49.94
N LYS H 470 81.33 43.91 -51.04
CA LYS H 470 82.54 43.12 -51.07
C LYS H 470 83.62 43.73 -50.19
N THR H 471 83.76 45.04 -50.25
CA THR H 471 84.76 45.72 -49.44
C THR H 471 84.43 45.63 -47.95
N LEU H 472 83.18 45.90 -47.59
CA LEU H 472 82.78 45.84 -46.20
C LEU H 472 82.89 44.40 -45.67
N GLY H 473 82.56 43.41 -46.50
CA GLY H 473 82.66 42.04 -46.07
C GLY H 473 84.10 41.61 -45.84
N GLU H 474 85.00 42.08 -46.68
CA GLU H 474 86.40 41.76 -46.50
C GLU H 474 86.95 42.35 -45.19
N GLN H 475 86.54 43.56 -44.85
CA GLN H 475 86.95 44.13 -43.58
C GLN H 475 86.34 43.33 -42.44
N LEU H 476 85.07 43.00 -42.54
CA LEU H 476 84.43 42.28 -41.45
C LEU H 476 85.08 40.93 -41.22
N ILE H 477 85.42 40.23 -42.31
CA ILE H 477 86.09 38.94 -42.19
C ILE H 477 87.42 39.10 -41.48
N GLU H 478 88.19 40.13 -41.85
CA GLU H 478 89.47 40.33 -41.19
C GLU H 478 89.28 40.56 -39.69
N ASN H 479 88.29 41.39 -39.33
CA ASN H 479 88.03 41.62 -37.91
C ASN H 479 87.62 40.35 -37.20
N CYS H 480 86.74 39.55 -37.82
CA CYS H 480 86.23 38.35 -37.17
C CYS H 480 87.32 37.30 -36.98
N LYS H 481 88.28 37.24 -37.91
CA LYS H 481 89.38 36.30 -37.73
C LYS H 481 90.18 36.60 -36.47
N GLN H 482 90.26 37.86 -36.06
CA GLN H 482 91.08 38.22 -34.90
C GLN H 482 90.48 37.71 -33.59
N VAL H 483 89.15 37.63 -33.51
CA VAL H 483 88.47 37.42 -32.24
C VAL H 483 87.93 36.00 -32.12
N LEU H 484 88.51 35.05 -32.85
CA LEU H 484 87.98 33.68 -32.82
C LEU H 484 88.05 33.09 -31.43
N ASP H 485 89.17 33.25 -30.75
CA ASP H 485 89.37 32.70 -29.42
C ASP H 485 89.20 33.74 -28.31
N VAL H 486 88.67 34.91 -28.65
CA VAL H 486 88.50 35.98 -27.69
C VAL H 486 87.10 36.02 -27.11
N ASP H 487 86.98 36.39 -25.85
CA ASP H 487 85.67 36.46 -25.21
C ASP H 487 84.84 37.57 -25.80
N PRO H 488 83.54 37.33 -25.95
CA PRO H 488 82.64 38.38 -26.47
C PRO H 488 82.57 39.54 -25.51
N VAL H 489 82.33 40.73 -26.06
CA VAL H 489 82.38 41.96 -25.27
C VAL H 489 81.07 42.73 -25.44
N TYR H 490 80.71 43.44 -24.39
CA TYR H 490 79.60 44.35 -24.44
C TYR H 490 80.31 45.63 -24.82
N LYS H 491 79.86 46.30 -25.86
CA LYS H 491 80.52 47.49 -26.37
C LYS H 491 79.46 48.31 -27.10
N ASP H 492 79.01 49.38 -26.45
CA ASP H 492 77.97 50.22 -27.03
C ASP H 492 78.59 51.29 -27.92
N VAL H 493 78.10 51.38 -29.14
CA VAL H 493 78.62 52.34 -30.10
C VAL H 493 77.58 53.38 -30.50
N ALA H 494 76.43 53.39 -29.85
CA ALA H 494 75.37 54.32 -30.21
C ALA H 494 75.82 55.75 -29.99
N LYS H 495 75.24 56.68 -30.73
CA LYS H 495 75.56 58.07 -30.51
C LYS H 495 74.74 58.58 -29.34
N PRO H 496 75.42 59.12 -28.32
CA PRO H 496 74.70 59.66 -27.15
C PRO H 496 73.73 60.75 -27.55
N THR H 497 72.61 60.82 -26.85
CA THR H 497 71.54 61.77 -27.15
C THR H 497 71.19 62.56 -25.92
N GLY H 498 70.87 63.84 -26.11
CA GLY H 498 70.45 64.71 -25.05
C GLY H 498 68.99 65.09 -25.20
N PRO H 499 68.40 65.65 -24.15
CA PRO H 499 66.98 66.04 -24.23
C PRO H 499 66.79 67.30 -25.05
N LYS H 500 65.61 67.43 -25.63
CA LYS H 500 65.29 68.58 -26.46
C LYS H 500 63.78 68.76 -26.47
N THR H 501 63.32 69.90 -25.96
CA THR H 501 61.90 70.25 -25.98
C THR H 501 61.74 71.52 -26.79
N ALA H 502 60.74 71.55 -27.66
CA ALA H 502 60.45 72.69 -28.51
C ALA H 502 58.98 73.01 -28.48
N ILE H 503 58.66 74.30 -28.59
CA ILE H 503 57.29 74.78 -28.56
C ILE H 503 57.00 75.48 -29.88
N ASP H 504 56.05 74.95 -30.63
CA ASP H 504 55.77 75.47 -31.96
C ASP H 504 55.08 76.84 -31.86
N LYS H 505 54.70 77.38 -33.02
CA LYS H 505 54.02 78.66 -33.05
C LYS H 505 52.67 78.59 -32.34
N ASN H 506 51.93 77.50 -32.56
CA ASN H 506 50.62 77.28 -31.97
C ASN H 506 50.70 76.68 -30.56
N GLY H 507 51.86 76.73 -29.91
CA GLY H 507 51.99 76.15 -28.59
C GLY H 507 51.85 74.65 -28.52
N ASN H 508 52.37 73.93 -29.52
CA ASN H 508 52.45 72.48 -29.46
C ASN H 508 53.76 72.08 -28.81
N ILE H 509 53.69 71.18 -27.84
CA ILE H 509 54.86 70.73 -27.09
C ILE H 509 55.32 69.40 -27.68
N THR H 510 56.58 69.34 -28.07
CA THR H 510 57.20 68.14 -28.60
C THR H 510 58.53 67.92 -27.89
N TYR H 511 58.81 66.66 -27.57
CA TYR H 511 60.09 66.30 -26.97
C TYR H 511 60.82 65.36 -27.90
N SER H 512 62.10 65.59 -28.09
CA SER H 512 62.93 64.76 -28.96
C SER H 512 64.25 64.44 -28.27
N GLU H 513 64.85 63.31 -28.68
CA GLU H 513 66.14 62.92 -28.15
C GLU H 513 67.18 63.23 -29.20
N GLU H 514 67.64 64.46 -29.25
CA GLU H 514 68.63 64.89 -30.22
C GLU H 514 70.02 64.40 -29.85
N PRO H 515 70.86 64.07 -30.83
CA PRO H 515 72.26 63.75 -30.51
C PRO H 515 72.96 64.94 -29.87
N ARG H 516 73.87 64.64 -28.95
CA ARG H 516 74.60 65.68 -28.25
C ARG H 516 75.73 66.21 -29.13
N GLU H 517 75.94 67.53 -29.06
CA GLU H 517 76.84 68.18 -30.01
C GLU H 517 78.30 67.83 -29.74
N LYS H 518 78.70 67.83 -28.47
CA LYS H 518 80.10 67.64 -28.12
C LYS H 518 80.45 66.19 -27.78
N VAL H 519 79.45 65.38 -27.44
CA VAL H 519 79.66 63.98 -27.05
C VAL H 519 79.04 63.12 -28.14
N ARG H 520 79.89 62.46 -28.91
CA ARG H 520 79.44 61.59 -29.98
C ARG H 520 79.97 60.16 -29.87
N LYS H 521 80.65 59.84 -28.77
CA LYS H 521 81.06 58.48 -28.46
C LYS H 521 80.89 58.27 -26.96
N LEU H 522 80.95 57.01 -26.53
CA LEU H 522 80.87 56.73 -25.10
C LEU H 522 82.18 57.07 -24.38
N SER H 523 83.30 57.05 -25.10
CA SER H 523 84.57 57.43 -24.50
C SER H 523 84.53 58.91 -24.16
N GLN H 524 84.04 59.72 -25.08
CA GLN H 524 83.86 61.14 -24.81
C GLN H 524 82.88 61.38 -23.68
N TYR H 525 81.84 60.54 -23.59
CA TYR H 525 80.91 60.62 -22.49
C TYR H 525 81.59 60.37 -21.16
N VAL H 526 82.49 59.39 -21.10
CA VAL H 526 83.18 59.07 -19.85
C VAL H 526 84.10 60.22 -19.47
N GLN H 527 84.71 60.86 -20.46
CA GLN H 527 85.56 62.01 -20.21
C GLN H 527 84.73 63.13 -19.66
N GLU H 528 83.56 63.37 -20.24
CA GLU H 528 82.66 64.40 -19.73
C GLU H 528 82.26 64.11 -18.29
N MET H 529 81.91 62.87 -17.99
CA MET H 529 81.53 62.53 -16.62
C MET H 529 82.67 62.79 -15.66
N ALA H 530 83.89 62.40 -16.04
CA ALA H 530 85.04 62.59 -15.16
C ALA H 530 85.31 64.07 -14.91
N LEU H 531 85.08 64.91 -15.91
CA LEU H 531 85.34 66.34 -15.71
C LEU H 531 84.42 66.94 -14.66
N GLY H 532 83.17 66.49 -14.62
CA GLY H 532 82.23 67.15 -13.73
C GLY H 532 81.86 68.52 -14.28
N GLY H 533 81.46 69.41 -13.38
CA GLY H 533 81.06 70.74 -13.78
C GLY H 533 81.22 71.76 -12.69
N PRO H 534 80.95 73.02 -13.00
CA PRO H 534 81.01 74.06 -11.97
C PRO H 534 80.11 73.78 -10.79
N ILE H 535 78.95 73.16 -11.01
CA ILE H 535 78.01 72.92 -9.93
C ILE H 535 78.53 71.85 -8.98
N THR H 536 79.29 70.87 -9.47
CA THR H 536 79.85 69.82 -8.64
C THR H 536 81.22 70.17 -8.07
N LYS H 537 81.52 71.45 -7.93
CA LYS H 537 82.80 71.90 -7.40
C LYS H 537 82.62 72.39 -5.97
N GLU H 538 83.46 71.90 -5.07
CA GLU H 538 83.44 72.36 -3.68
C GLU H 538 84.51 73.40 -3.45
N LYS H 624 97.53 58.78 -20.41
CA LYS H 624 97.10 58.29 -19.11
C LYS H 624 95.58 58.10 -19.09
N THR H 625 95.09 57.48 -18.02
CA THR H 625 93.67 57.15 -17.95
C THR H 625 92.82 58.40 -17.76
N VAL H 626 91.51 58.21 -17.86
CA VAL H 626 90.58 59.33 -17.73
C VAL H 626 90.62 59.91 -16.33
N SER H 627 90.90 59.09 -15.32
CA SER H 627 90.89 59.57 -13.93
C SER H 627 91.98 60.59 -13.67
N SER H 628 92.99 60.69 -14.54
CA SER H 628 93.99 61.74 -14.39
C SER H 628 93.39 63.12 -14.60
N THR H 629 92.28 63.22 -15.33
CA THR H 629 91.70 64.49 -15.71
C THR H 629 90.66 64.99 -14.72
N ILE H 630 90.41 64.29 -13.63
CA ILE H 630 89.40 64.73 -12.66
C ILE H 630 89.95 65.98 -11.97
N PRO H 631 89.32 67.15 -12.14
CA PRO H 631 89.93 68.37 -11.61
C PRO H 631 90.00 68.37 -10.09
N ARG H 632 90.96 69.12 -9.57
CA ARG H 632 91.09 69.28 -8.13
C ARG H 632 89.88 70.05 -7.60
N GLU H 633 89.29 69.55 -6.52
CA GLU H 633 88.15 70.18 -5.84
C GLU H 633 86.86 70.14 -6.64
N THR H 634 86.67 69.19 -7.56
CA THR H 634 85.39 69.00 -8.19
C THR H 634 85.02 67.53 -8.16
N ILE H 635 83.73 67.27 -7.99
CA ILE H 635 83.20 65.91 -7.91
C ILE H 635 82.85 65.44 -9.31
N PRO H 636 83.28 64.26 -9.73
CA PRO H 636 82.79 63.73 -11.01
C PRO H 636 81.29 63.52 -10.98
N PHE H 637 80.68 63.60 -12.17
CA PHE H 637 79.25 63.35 -12.29
C PHE H 637 78.90 61.93 -11.85
N LEU H 638 79.78 60.97 -12.07
CA LEU H 638 79.66 59.62 -11.54
C LEU H 638 80.84 59.37 -10.61
N HIS H 639 80.57 58.87 -9.40
CA HIS H 639 81.64 58.66 -8.45
C HIS H 639 81.21 57.61 -7.43
N LEU H 640 82.19 57.07 -6.72
CA LEU H 640 81.97 56.17 -5.60
C LEU H 640 82.18 56.92 -4.29
N ARG H 641 81.58 56.38 -3.22
CA ARG H 641 81.69 56.97 -1.91
C ARG H 641 82.29 55.98 -0.92
N LYS H 642 82.92 56.52 0.12
CA LYS H 642 83.49 55.69 1.16
C LYS H 642 82.89 56.11 2.48
N LYS H 643 82.57 55.14 3.33
CA LYS H 643 81.99 55.45 4.61
C LYS H 643 83.06 55.91 5.59
N THR H 644 82.81 57.02 6.25
CA THR H 644 83.75 57.58 7.20
C THR H 644 83.62 56.86 8.54
N PRO H 645 84.58 57.05 9.45
CA PRO H 645 84.44 56.46 10.79
C PRO H 645 83.14 56.86 11.47
N ALA H 646 82.69 58.09 11.27
CA ALA H 646 81.40 58.54 11.78
C ALA H 646 80.22 57.89 11.06
N GLY H 647 80.45 57.20 9.94
CA GLY H 647 79.41 56.45 9.29
C GLY H 647 78.66 57.16 8.19
N ASP H 648 79.16 58.30 7.71
CA ASP H 648 78.58 59.00 6.58
C ASP H 648 79.33 58.64 5.31
N TRP H 649 78.60 58.55 4.21
CA TRP H 649 79.22 58.21 2.93
C TRP H 649 79.66 59.45 2.20
N LYS H 650 80.95 59.56 1.95
CA LYS H 650 81.52 60.73 1.30
C LYS H 650 82.23 60.32 0.02
N TYR H 651 82.31 61.27 -0.91
CA TYR H 651 82.97 61.02 -2.17
C TYR H 651 84.42 60.61 -1.95
N ASP H 652 84.83 59.53 -2.60
CA ASP H 652 86.20 59.02 -2.51
C ASP H 652 86.86 59.14 -3.88
N ARG H 653 88.00 59.83 -3.92
CA ARG H 653 88.68 60.07 -5.20
C ARG H 653 89.27 58.78 -5.76
N GLN H 654 89.92 57.97 -4.93
CA GLN H 654 90.57 56.76 -5.45
C GLN H 654 89.56 55.74 -5.97
N LEU H 655 88.49 55.49 -5.20
CA LEU H 655 87.49 54.54 -5.66
C LEU H 655 86.80 55.03 -6.93
N SER H 656 86.50 56.33 -7.00
CA SER H 656 85.89 56.88 -8.20
C SER H 656 86.84 56.79 -9.38
N SER H 657 88.13 56.94 -9.14
CA SER H 657 89.10 56.78 -10.21
C SER H 657 89.10 55.35 -10.73
N LEU H 658 89.03 54.38 -9.82
CA LEU H 658 88.88 52.99 -10.24
C LEU H 658 87.66 52.81 -11.12
N PHE H 659 86.51 53.32 -10.66
CA PHE H 659 85.26 53.14 -11.39
C PHE H 659 85.33 53.78 -12.78
N LEU H 660 85.86 55.01 -12.85
CA LEU H 660 85.89 55.73 -14.11
C LEU H 660 86.90 55.15 -15.08
N ASP H 661 88.04 54.64 -14.58
CA ASP H 661 88.96 53.92 -15.45
C ASP H 661 88.31 52.66 -16.01
N GLY H 662 87.58 51.92 -15.18
CA GLY H 662 86.84 50.79 -15.70
C GLY H 662 85.87 51.18 -16.79
N LEU H 663 85.16 52.28 -16.59
CA LEU H 663 84.23 52.75 -17.62
C LEU H 663 84.96 53.13 -18.90
N GLU H 664 86.11 53.76 -18.78
CA GLU H 664 86.88 54.15 -19.95
C GLU H 664 87.28 52.91 -20.73
N LYS H 665 87.81 51.92 -20.06
CA LYS H 665 88.16 50.66 -20.72
C LYS H 665 86.93 50.05 -21.39
N ALA H 666 85.79 50.04 -20.70
CA ALA H 666 84.59 49.46 -21.28
C ALA H 666 84.20 50.17 -22.55
N ALA H 667 84.33 51.50 -22.60
CA ALA H 667 83.91 52.25 -23.77
C ALA H 667 84.83 51.98 -24.95
N PHE H 668 86.10 51.78 -24.70
CA PHE H 668 87.06 51.59 -25.77
C PHE H 668 87.18 50.13 -26.19
N ASN H 669 87.56 49.25 -25.28
CA ASN H 669 87.76 47.86 -25.64
C ASN H 669 86.53 46.98 -25.41
N GLY H 670 85.49 47.49 -24.76
CA GLY H 670 84.38 46.65 -24.39
C GLY H 670 84.73 45.78 -23.21
N VAL H 671 83.74 45.09 -22.66
CA VAL H 671 83.91 44.32 -21.44
C VAL H 671 83.16 43.01 -21.58
N THR H 672 83.77 41.93 -21.11
CA THR H 672 83.18 40.60 -21.22
C THR H 672 82.50 40.20 -19.91
N PHE H 673 81.35 39.54 -20.03
CA PHE H 673 80.64 38.95 -18.91
C PHE H 673 80.56 37.44 -19.07
N LYS H 674 81.56 36.85 -19.71
CA LYS H 674 81.59 35.40 -19.86
C LYS H 674 81.61 34.72 -18.50
N ASP H 675 80.84 33.64 -18.38
CA ASP H 675 80.76 32.83 -17.17
C ASP H 675 80.10 33.56 -16.00
N LYS H 676 79.41 34.65 -16.26
CA LYS H 676 78.64 35.32 -15.22
C LYS H 676 77.18 34.89 -15.28
N TYR H 677 76.63 34.42 -14.17
CA TYR H 677 75.23 34.02 -14.10
C TYR H 677 74.51 35.17 -13.42
N VAL H 678 73.38 35.59 -13.94
CA VAL H 678 72.69 36.79 -13.49
C VAL H 678 71.19 36.53 -13.44
N LEU H 679 70.54 37.01 -12.40
CA LEU H 679 69.10 37.10 -12.34
C LEU H 679 68.71 38.57 -12.31
N ILE H 680 67.84 38.97 -13.23
CA ILE H 680 67.36 40.34 -13.32
C ILE H 680 65.84 40.35 -13.37
N THR H 681 65.25 41.21 -12.55
CA THR H 681 63.80 41.40 -12.55
C THR H 681 63.54 42.84 -12.98
N GLY H 682 62.37 43.11 -13.54
CA GLY H 682 62.02 44.45 -13.97
C GLY H 682 62.70 44.94 -15.23
N ALA H 683 63.03 44.04 -16.16
CA ALA H 683 63.74 44.41 -17.39
C ALA H 683 62.84 44.39 -18.62
N GLY H 684 61.59 44.77 -18.46
CA GLY H 684 60.68 44.83 -19.58
C GLY H 684 61.03 45.91 -20.59
N LYS H 685 60.38 45.87 -21.74
CA LYS H 685 60.66 46.86 -22.78
C LYS H 685 60.44 48.27 -22.29
N GLY H 686 61.36 49.17 -22.61
CA GLY H 686 61.26 50.54 -22.18
C GLY H 686 61.83 50.83 -20.81
N SER H 687 62.58 49.89 -20.25
CA SER H 687 63.14 50.06 -18.92
C SER H 687 64.65 50.13 -18.94
N ILE H 688 65.25 50.55 -17.84
CA ILE H 688 66.70 50.53 -17.74
C ILE H 688 67.15 49.08 -17.75
N GLY H 689 66.36 48.21 -17.15
CA GLY H 689 66.69 46.82 -17.07
C GLY H 689 66.83 46.17 -18.43
N ALA H 690 66.00 46.55 -19.38
CA ALA H 690 66.11 46.03 -20.73
C ALA H 690 67.46 46.36 -21.36
N GLU H 691 67.95 47.57 -21.16
CA GLU H 691 69.27 47.97 -21.67
C GLU H 691 70.39 47.23 -20.93
N VAL H 692 70.24 47.05 -19.62
CA VAL H 692 71.22 46.27 -18.87
C VAL H 692 71.26 44.83 -19.40
N LEU H 693 70.09 44.26 -19.68
CA LEU H 693 70.02 42.87 -20.15
C LEU H 693 70.70 42.71 -21.50
N GLN H 694 70.46 43.64 -22.41
CA GLN H 694 71.09 43.52 -23.71
C GLN H 694 72.61 43.68 -23.59
N GLY H 695 73.07 44.60 -22.73
CA GLY H 695 74.49 44.66 -22.45
C GLY H 695 75.06 43.36 -21.90
N LEU H 696 74.34 42.74 -20.96
CA LEU H 696 74.80 41.48 -20.39
C LEU H 696 74.93 40.39 -21.44
N LEU H 697 73.90 40.25 -22.29
CA LEU H 697 73.90 39.22 -23.33
C LEU H 697 75.00 39.47 -24.35
N GLN H 698 75.29 40.73 -24.67
CA GLN H 698 76.39 41.02 -25.59
C GLN H 698 77.73 40.52 -25.06
N GLY H 699 77.92 40.54 -23.75
CA GLY H 699 79.15 40.11 -23.15
C GLY H 699 79.23 38.64 -22.81
N GLY H 700 78.23 37.84 -23.19
CA GLY H 700 78.28 36.41 -23.00
C GLY H 700 77.66 35.87 -21.74
N ALA H 701 76.85 36.64 -21.02
CA ALA H 701 76.31 36.23 -19.75
C ALA H 701 75.19 35.19 -19.89
N LYS H 702 75.00 34.42 -18.83
CA LYS H 702 73.84 33.55 -18.67
C LYS H 702 72.84 34.29 -17.79
N VAL H 703 71.67 34.59 -18.34
CA VAL H 703 70.74 35.52 -17.71
C VAL H 703 69.38 34.85 -17.57
N VAL H 704 68.81 34.93 -16.37
CA VAL H 704 67.41 34.64 -16.13
C VAL H 704 66.69 35.97 -16.01
N VAL H 705 65.68 36.19 -16.82
CA VAL H 705 64.94 37.44 -16.86
C VAL H 705 63.50 37.14 -16.53
N THR H 706 62.96 37.83 -15.55
CA THR H 706 61.60 37.62 -15.15
C THR H 706 60.64 38.56 -15.83
N THR H 707 59.36 38.27 -15.78
CA THR H 707 58.36 39.14 -16.36
C THR H 707 57.04 38.98 -15.66
N SER H 708 56.35 40.08 -15.44
CA SER H 708 55.06 40.05 -14.79
C SER H 708 53.94 40.01 -15.82
N ARG H 709 54.27 40.14 -17.10
CA ARG H 709 53.27 40.07 -18.18
C ARG H 709 53.62 39.02 -19.22
N PHE H 710 53.76 37.78 -18.79
CA PHE H 710 54.15 36.71 -19.71
C PHE H 710 53.13 36.53 -20.83
N SER H 711 53.56 36.66 -22.07
CA SER H 711 52.65 36.55 -23.21
C SER H 711 53.42 36.21 -24.45
N LYS H 712 52.73 35.90 -25.54
CA LYS H 712 53.41 35.65 -26.80
C LYS H 712 54.21 36.88 -27.19
N GLN H 713 53.61 38.05 -27.03
CA GLN H 713 54.29 39.27 -27.40
C GLN H 713 55.59 39.45 -26.64
N VAL H 714 55.58 39.19 -25.34
CA VAL H 714 56.78 39.35 -24.52
C VAL H 714 57.85 38.31 -24.84
N THR H 715 57.44 37.07 -25.07
CA THR H 715 58.39 36.01 -25.40
C THR H 715 59.00 36.27 -26.79
N ASP H 716 58.23 36.80 -27.73
CA ASP H 716 58.75 37.15 -29.04
C ASP H 716 59.71 38.31 -28.92
N TYR H 717 59.38 39.29 -28.09
CA TYR H 717 60.28 40.40 -27.86
C TYR H 717 61.64 39.92 -27.35
N TYR H 718 61.65 39.01 -26.37
CA TYR H 718 62.92 38.51 -25.84
C TYR H 718 63.63 37.62 -26.84
N GLN H 719 62.91 36.86 -27.64
CA GLN H 719 63.54 36.04 -28.66
C GLN H 719 64.30 36.92 -29.63
N SER H 720 63.70 38.04 -30.02
CA SER H 720 64.35 38.94 -30.95
C SER H 720 65.55 39.62 -30.28
N ILE H 721 65.44 39.97 -29.00
CA ILE H 721 66.59 40.51 -28.30
C ILE H 721 67.74 39.52 -28.31
N TYR H 722 67.46 38.25 -27.99
CA TYR H 722 68.52 37.25 -27.99
C TYR H 722 69.11 37.05 -29.38
N ALA H 723 68.26 37.01 -30.40
CA ALA H 723 68.74 36.81 -31.75
C ALA H 723 69.63 37.96 -32.18
N LYS H 724 69.38 39.14 -31.64
CA LYS H 724 70.18 40.30 -32.02
C LYS H 724 71.47 40.39 -31.21
N TYR H 725 71.43 40.17 -29.90
CA TYR H 725 72.54 40.49 -29.02
C TYR H 725 73.20 39.28 -28.37
N GLY H 726 72.59 38.10 -28.42
CA GLY H 726 73.14 36.97 -27.70
C GLY H 726 74.46 36.48 -28.24
N ALA H 727 75.54 36.73 -27.51
CA ALA H 727 76.86 36.34 -27.95
C ALA H 727 77.11 34.86 -27.69
N LYS H 728 78.21 34.37 -28.24
CA LYS H 728 78.59 32.99 -28.02
C LYS H 728 78.68 32.63 -26.56
N GLY H 729 78.10 31.50 -26.17
CA GLY H 729 78.11 31.08 -24.80
C GLY H 729 77.06 31.73 -23.92
N SER H 730 76.30 32.68 -24.44
CA SER H 730 75.26 33.34 -23.65
C SER H 730 73.95 32.57 -23.72
N THR H 731 73.18 32.67 -22.65
CA THR H 731 71.87 32.04 -22.54
C THR H 731 70.89 33.04 -21.95
N LEU H 732 69.64 32.96 -22.39
CA LEU H 732 68.56 33.77 -21.82
C LEU H 732 67.43 32.85 -21.43
N ILE H 733 67.00 32.93 -20.18
CA ILE H 733 65.87 32.19 -19.65
C ILE H 733 64.81 33.18 -19.25
N VAL H 734 63.63 33.07 -19.85
CA VAL H 734 62.51 33.98 -19.56
C VAL H 734 61.48 33.21 -18.74
N VAL H 735 61.16 33.71 -17.55
CA VAL H 735 60.18 33.06 -16.69
C VAL H 735 59.10 34.06 -16.28
N PRO H 736 57.85 33.63 -16.12
CA PRO H 736 56.86 34.50 -15.46
C PRO H 736 57.17 34.61 -13.98
N PHE H 737 56.88 35.77 -13.42
CA PHE H 737 57.29 36.04 -12.04
C PHE H 737 56.43 37.15 -11.48
N ASN H 738 55.96 36.96 -10.26
CA ASN H 738 55.34 38.03 -9.48
C ASN H 738 56.25 38.27 -8.28
N GLN H 739 57.08 39.30 -8.36
CA GLN H 739 57.94 39.65 -7.23
C GLN H 739 57.14 39.99 -5.98
N GLY H 740 55.85 40.30 -6.13
CA GLY H 740 54.98 40.55 -5.00
C GLY H 740 54.55 39.32 -4.22
N SER H 741 54.87 38.12 -4.70
CA SER H 741 54.49 36.87 -4.06
C SER H 741 55.73 36.21 -3.49
N LYS H 742 55.72 35.94 -2.18
CA LYS H 742 56.88 35.31 -1.56
C LYS H 742 57.05 33.86 -2.02
N GLN H 743 55.94 33.17 -2.33
CA GLN H 743 56.04 31.82 -2.89
C GLN H 743 56.70 31.86 -4.26
N ASP H 744 56.39 32.87 -5.07
CA ASP H 744 57.06 33.01 -6.35
C ASP H 744 58.56 33.21 -6.18
N VAL H 745 58.96 34.06 -5.22
CA VAL H 745 60.38 34.32 -4.99
C VAL H 745 61.09 33.04 -4.59
N GLU H 746 60.51 32.31 -3.67
CA GLU H 746 61.13 31.11 -3.20
C GLU H 746 61.21 30.05 -4.30
N ALA H 747 60.13 29.88 -5.04
CA ALA H 747 60.13 28.93 -6.14
C ALA H 747 61.11 29.30 -7.27
N LEU H 748 61.25 30.58 -7.55
CA LEU H 748 62.19 31.00 -8.59
C LEU H 748 63.63 30.70 -8.20
N ILE H 749 64.01 31.04 -6.96
CA ILE H 749 65.38 30.75 -6.54
C ILE H 749 65.61 29.24 -6.46
N GLU H 750 64.64 28.52 -5.95
CA GLU H 750 64.75 27.07 -5.91
C GLU H 750 64.94 26.51 -7.33
N PHE H 751 64.19 27.02 -8.30
CA PHE H 751 64.32 26.59 -9.69
C PHE H 751 65.71 26.89 -10.22
N ILE H 752 66.24 28.08 -9.89
CA ILE H 752 67.57 28.42 -10.39
C ILE H 752 68.62 27.48 -9.84
N TYR H 753 68.54 27.11 -8.57
CA TYR H 753 69.57 26.28 -7.96
C TYR H 753 69.36 24.75 -8.05
N ASP H 754 68.16 24.31 -8.38
CA ASP H 754 67.89 22.88 -8.48
C ASP H 754 68.66 22.26 -9.63
N THR H 755 69.08 21.02 -9.45
CA THR H 755 69.75 20.30 -10.53
C THR H 755 68.84 20.11 -11.71
N GLU H 756 69.43 19.93 -12.87
CA GLU H 756 68.66 19.74 -14.08
C GLU H 756 67.85 18.46 -14.09
N LYS H 757 68.36 17.42 -13.44
CA LYS H 757 67.63 16.17 -13.34
C LYS H 757 66.41 16.42 -12.52
N ASN H 758 66.50 17.37 -11.60
CA ASN H 758 65.37 17.73 -10.77
C ASN H 758 64.48 18.79 -11.41
N GLY H 759 64.76 19.18 -12.64
CA GLY H 759 63.95 20.16 -13.34
C GLY H 759 64.38 21.60 -13.16
N GLY H 760 65.51 21.87 -12.49
CA GLY H 760 66.03 23.20 -12.36
C GLY H 760 67.11 23.52 -13.38
N LEU H 761 67.76 24.65 -13.19
CA LEU H 761 68.80 25.10 -14.10
C LEU H 761 70.19 24.61 -13.71
N GLY H 762 70.40 24.30 -12.44
CA GLY H 762 71.72 23.90 -11.97
C GLY H 762 72.70 25.05 -11.92
N TRP H 763 72.21 26.27 -11.78
CA TRP H 763 73.06 27.45 -11.77
C TRP H 763 73.43 27.87 -10.34
N ASP H 764 74.42 28.77 -10.26
CA ASP H 764 74.81 29.38 -8.99
C ASP H 764 74.97 30.84 -9.43
N LEU H 765 74.25 31.78 -8.84
CA LEU H 765 74.20 33.15 -9.32
C LEU H 765 75.45 33.95 -8.94
N ASP H 766 75.90 34.79 -9.87
CA ASP H 766 77.02 35.67 -9.60
C ASP H 766 76.50 37.10 -9.39
N ALA H 767 75.23 37.35 -9.72
CA ALA H 767 74.66 38.68 -9.58
C ALA H 767 73.13 38.69 -9.56
N ILE H 768 72.54 39.56 -8.76
CA ILE H 768 71.09 39.72 -8.70
C ILE H 768 70.80 41.20 -8.94
N ILE H 769 69.86 41.47 -9.84
CA ILE H 769 69.55 42.85 -10.22
C ILE H 769 68.06 43.05 -10.06
N PRO H 770 67.57 43.28 -8.85
CA PRO H 770 66.11 43.32 -8.59
C PRO H 770 65.49 44.70 -8.85
N PHE H 771 65.25 44.99 -10.12
CA PHE H 771 64.73 46.31 -10.48
C PHE H 771 63.21 46.39 -10.64
N ALA H 772 62.50 45.28 -10.40
CA ALA H 772 61.05 45.31 -10.51
C ALA H 772 60.46 46.38 -9.60
N ALA H 773 59.45 47.09 -10.10
CA ALA H 773 58.79 48.12 -9.32
C ALA H 773 57.43 48.41 -9.92
N ILE H 774 56.56 49.07 -9.17
CA ILE H 774 55.26 49.46 -9.70
C ILE H 774 55.02 50.93 -9.37
N PRO H 775 54.36 51.65 -10.27
CA PRO H 775 54.18 53.10 -10.09
C PRO H 775 53.21 53.55 -9.01
N GLU H 776 53.58 54.54 -8.22
CA GLU H 776 52.68 55.13 -7.23
C GLU H 776 52.62 56.61 -7.53
N GLN H 777 51.51 57.08 -8.06
CA GLN H 777 51.35 58.49 -8.43
C GLN H 777 50.17 59.08 -7.71
N GLY H 778 50.33 60.28 -7.18
CA GLY H 778 49.23 60.94 -6.49
C GLY H 778 48.87 60.33 -5.16
N ILE H 779 49.71 59.45 -4.64
CA ILE H 779 49.46 58.84 -3.35
C ILE H 779 50.25 59.59 -2.31
N GLU H 780 49.59 60.47 -1.61
CA GLU H 780 50.23 61.22 -0.54
C GLU H 780 50.10 60.43 0.76
N LEU H 781 50.56 61.01 1.86
CA LEU H 781 50.58 60.30 3.14
C LEU H 781 49.21 59.72 3.50
N GLU H 782 48.14 60.48 3.31
CA GLU H 782 46.83 60.03 3.75
C GLU H 782 46.18 59.05 2.78
N HIS H 783 46.73 58.88 1.58
CA HIS H 783 46.19 57.94 0.63
C HIS H 783 46.87 56.58 0.70
N ILE H 784 47.89 56.44 1.54
CA ILE H 784 48.64 55.18 1.60
C ILE H 784 47.69 54.06 2.00
N ASP H 785 47.55 53.08 1.12
CA ASP H 785 46.54 52.06 1.26
C ASP H 785 47.09 50.77 0.64
N SER H 786 46.17 49.89 0.23
CA SER H 786 46.52 48.56 -0.25
C SER H 786 47.61 48.60 -1.31
N LYS H 787 47.44 49.43 -2.34
CA LYS H 787 48.42 49.45 -3.42
C LYS H 787 49.79 49.83 -2.94
N SER H 788 49.89 50.84 -2.07
CA SER H 788 51.20 51.24 -1.57
C SER H 788 51.84 50.15 -0.73
N GLU H 789 51.05 49.43 0.05
CA GLU H 789 51.59 48.33 0.84
C GLU H 789 52.12 47.22 -0.06
N PHE H 790 51.39 46.90 -1.13
CA PHE H 790 51.85 45.89 -2.08
C PHE H 790 53.12 46.34 -2.80
N ALA H 791 53.16 47.59 -3.24
CA ALA H 791 54.38 48.11 -3.86
C ALA H 791 55.56 48.04 -2.90
N HIS H 792 55.33 48.36 -1.63
CA HIS H 792 56.38 48.24 -0.64
C HIS H 792 56.85 46.80 -0.53
N ARG H 793 55.93 45.85 -0.54
CA ARG H 793 56.32 44.45 -0.52
C ARG H 793 57.26 44.13 -1.68
N ILE H 794 56.85 44.48 -2.90
CA ILE H 794 57.65 44.17 -4.08
C ILE H 794 59.04 44.78 -3.95
N MET H 795 59.10 46.06 -3.61
CA MET H 795 60.33 46.82 -3.79
C MET H 795 61.26 46.80 -2.59
N LEU H 796 60.85 46.15 -1.53
CA LEU H 796 61.74 46.03 -0.41
C LEU H 796 61.65 44.72 0.31
N THR H 797 60.46 44.26 0.64
CA THR H 797 60.41 43.12 1.54
C THR H 797 60.80 41.86 0.80
N ASN H 798 60.26 41.69 -0.39
CA ASN H 798 60.57 40.51 -1.17
C ASN H 798 61.94 40.59 -1.83
N ILE H 799 62.52 41.77 -1.95
CA ILE H 799 63.93 41.87 -2.31
C ILE H 799 64.80 41.31 -1.18
N LEU H 800 64.47 41.63 0.05
CA LEU H 800 65.20 41.04 1.17
C LEU H 800 64.98 39.53 1.20
N ARG H 801 63.77 39.08 0.95
CA ARG H 801 63.49 37.64 0.88
C ARG H 801 64.28 36.96 -0.26
N MET H 802 64.42 37.62 -1.39
CA MET H 802 65.17 37.03 -2.49
C MET H 802 66.65 36.90 -2.13
N MET H 803 67.22 37.94 -1.50
CA MET H 803 68.57 37.83 -0.98
C MET H 803 68.68 36.66 0.00
N GLY H 804 67.73 36.55 0.92
CA GLY H 804 67.76 35.47 1.88
C GLY H 804 67.69 34.11 1.24
N CYS H 805 66.83 33.94 0.25
CA CYS H 805 66.70 32.67 -0.47
C CYS H 805 68.01 32.29 -1.16
N VAL H 806 68.67 33.26 -1.77
CA VAL H 806 69.95 32.96 -2.41
C VAL H 806 70.98 32.58 -1.36
N LYS H 807 70.97 33.26 -0.22
CA LYS H 807 71.91 32.94 0.85
C LYS H 807 71.70 31.51 1.34
N LYS H 808 70.44 31.10 1.50
CA LYS H 808 70.16 29.74 1.97
C LYS H 808 70.55 28.70 0.93
N GLN H 809 70.32 28.94 -0.34
CA GLN H 809 70.70 27.98 -1.35
C GLN H 809 72.20 27.83 -1.39
N LYS H 810 72.93 28.93 -1.35
CA LYS H 810 74.38 28.87 -1.37
C LYS H 810 74.94 28.17 -0.14
N SER H 811 74.36 28.41 1.03
CA SER H 811 74.88 27.80 2.24
C SER H 811 74.52 26.32 2.35
N ALA H 812 73.34 25.92 1.90
CA ALA H 812 72.99 24.51 1.91
C ALA H 812 73.97 23.68 1.11
N ARG H 813 74.67 24.30 0.18
CA ARG H 813 75.63 23.60 -0.66
C ARG H 813 77.05 23.94 -0.25
N GLY H 814 77.22 24.60 0.89
CA GLY H 814 78.54 24.92 1.38
C GLY H 814 79.34 25.85 0.50
N ILE H 815 78.66 26.65 -0.33
CA ILE H 815 79.35 27.59 -1.20
C ILE H 815 79.72 28.85 -0.43
N GLU H 816 81.01 29.06 -0.19
CA GLU H 816 81.47 30.20 0.58
C GLU H 816 82.38 31.13 -0.19
N THR H 817 82.75 30.79 -1.43
CA THR H 817 83.75 31.55 -2.16
C THR H 817 83.22 32.05 -3.49
N ARG H 818 81.92 31.96 -3.70
CA ARG H 818 81.31 32.45 -4.93
C ARG H 818 80.15 33.38 -4.58
N PRO H 819 80.45 34.59 -4.10
CA PRO H 819 79.37 35.50 -3.68
C PRO H 819 78.56 36.12 -4.83
N ALA H 820 77.27 36.36 -4.63
CA ALA H 820 76.42 37.00 -5.63
C ALA H 820 76.37 38.49 -5.34
N GLN H 821 76.77 39.29 -6.32
CA GLN H 821 76.71 40.73 -6.19
C GLN H 821 75.29 41.25 -6.40
N VAL H 822 74.76 41.89 -5.39
CA VAL H 822 73.42 42.44 -5.48
C VAL H 822 73.52 43.91 -5.84
N ILE H 823 72.91 44.29 -6.96
CA ILE H 823 72.93 45.65 -7.46
C ILE H 823 71.62 46.30 -7.02
N LEU H 824 71.66 47.06 -5.96
CA LEU H 824 70.44 47.61 -5.39
C LEU H 824 70.03 48.89 -6.12
N PRO H 825 68.79 48.99 -6.63
CA PRO H 825 68.37 50.23 -7.27
C PRO H 825 67.98 51.27 -6.24
N MET H 826 68.87 52.20 -5.95
CA MET H 826 68.63 53.18 -4.91
C MET H 826 68.26 54.52 -5.50
N SER H 827 67.62 55.36 -4.69
CA SER H 827 67.18 56.66 -5.16
C SER H 827 67.88 57.78 -4.41
N PRO H 828 68.15 58.89 -5.11
CA PRO H 828 68.80 60.03 -4.45
C PRO H 828 67.82 60.96 -3.76
N ASN H 829 66.53 60.79 -3.94
CA ASN H 829 65.52 61.72 -3.43
C ASN H 829 64.54 60.93 -2.58
N HIS H 830 64.65 61.09 -1.26
CA HIS H 830 63.77 60.39 -0.35
C HIS H 830 62.74 61.36 0.19
N GLY H 831 61.52 61.27 -0.33
CA GLY H 831 60.43 62.12 0.10
C GLY H 831 60.44 63.52 -0.45
N THR H 832 61.34 63.83 -1.38
CA THR H 832 61.55 65.20 -1.82
C THR H 832 60.44 65.66 -2.75
N PHE H 833 59.80 64.76 -3.49
CA PHE H 833 58.77 65.14 -4.42
C PHE H 833 57.36 64.93 -3.88
N GLY H 834 57.16 63.91 -3.05
CA GLY H 834 55.85 63.63 -2.51
C GLY H 834 54.95 62.96 -3.53
N GLY H 835 53.82 62.46 -3.02
CA GLY H 835 52.82 61.86 -3.87
C GLY H 835 53.15 60.50 -4.41
N ASP H 836 54.18 59.83 -3.91
CA ASP H 836 54.62 58.54 -4.45
C ASP H 836 54.40 57.39 -3.46
N GLY H 837 53.41 57.50 -2.59
CA GLY H 837 53.06 56.38 -1.74
C GLY H 837 54.18 56.03 -0.78
N MET H 838 54.67 54.80 -0.86
CA MET H 838 55.76 54.32 -0.02
C MET H 838 57.03 54.08 -0.83
N TYR H 839 57.15 54.67 -2.01
CA TYR H 839 58.36 54.52 -2.81
C TYR H 839 59.59 54.95 -2.06
N SER H 840 59.55 56.13 -1.47
CA SER H 840 60.74 56.66 -0.80
C SER H 840 61.07 55.85 0.44
N GLU H 841 60.06 55.35 1.15
CA GLU H 841 60.32 54.46 2.29
C GLU H 841 61.06 53.20 1.86
N SER H 842 60.57 52.54 0.80
CA SER H 842 61.25 51.37 0.25
C SER H 842 62.70 51.69 -0.10
N LYS H 843 62.90 52.74 -0.87
CA LYS H 843 64.25 53.06 -1.35
C LYS H 843 65.20 53.37 -0.21
N LEU H 844 64.75 54.15 0.76
CA LEU H 844 65.60 54.47 1.89
C LEU H 844 65.88 53.24 2.74
N SER H 845 64.92 52.35 2.87
CA SER H 845 65.12 51.15 3.66
C SER H 845 66.21 50.22 3.11
N LEU H 846 66.38 50.19 1.78
CA LEU H 846 67.41 49.35 1.18
C LEU H 846 68.78 49.72 1.71
N GLU H 847 68.95 50.96 2.15
CA GLU H 847 70.28 51.36 2.59
C GLU H 847 70.79 50.70 3.88
N THR H 848 69.94 50.01 4.62
CA THR H 848 70.38 49.30 5.82
C THR H 848 71.34 48.19 5.45
N LEU H 849 71.25 47.65 4.24
CA LEU H 849 72.07 46.53 3.82
C LEU H 849 73.56 46.82 3.83
N PHE H 850 73.94 48.08 3.68
CA PHE H 850 75.34 48.44 3.73
C PHE H 850 75.92 48.03 5.06
N ASN H 851 75.15 48.21 6.12
CA ASN H 851 75.62 47.88 7.48
C ASN H 851 75.32 46.44 7.86
N ARG H 852 74.20 45.89 7.42
CA ARG H 852 73.87 44.51 7.74
C ARG H 852 74.85 43.51 7.11
N TRP H 853 75.54 43.92 6.06
CA TRP H 853 76.52 43.06 5.43
C TRP H 853 77.62 42.80 6.45
N HIS H 854 78.01 43.84 7.18
CA HIS H 854 79.01 43.69 8.22
C HIS H 854 78.52 43.10 9.53
N SER H 855 77.24 43.27 9.86
CA SER H 855 76.77 42.86 11.18
C SER H 855 76.17 41.46 11.24
N GLU H 856 75.97 40.82 10.10
CA GLU H 856 75.34 39.50 10.10
C GLU H 856 76.27 38.41 9.56
N SER H 857 75.71 37.29 9.12
CA SER H 857 76.53 36.17 8.65
C SER H 857 76.30 35.73 7.20
N TRP H 858 75.97 36.66 6.32
CA TRP H 858 75.70 36.33 4.93
C TRP H 858 76.67 36.98 3.97
N ALA H 859 77.71 37.63 4.48
CA ALA H 859 78.64 38.34 3.62
C ALA H 859 79.45 37.48 2.63
N ASN H 860 79.63 36.20 2.92
CA ASN H 860 80.33 35.30 2.00
C ASN H 860 79.43 34.84 0.84
N GLN H 861 78.12 34.95 0.99
CA GLN H 861 77.20 34.53 -0.05
C GLN H 861 76.68 35.70 -0.86
N LEU H 862 76.74 36.92 -0.34
CA LEU H 862 76.19 38.07 -1.03
C LEU H 862 77.08 39.27 -0.78
N THR H 863 77.18 40.12 -1.79
CA THR H 863 77.91 41.37 -1.66
C THR H 863 76.90 42.45 -1.99
N VAL H 864 77.16 43.69 -1.62
CA VAL H 864 76.22 44.80 -1.74
C VAL H 864 76.85 45.86 -2.62
N CYS H 865 76.16 46.22 -3.70
CA CYS H 865 76.58 47.32 -4.56
C CYS H 865 75.38 48.26 -4.70
N GLY H 866 75.42 49.38 -4.00
CA GLY H 866 74.33 50.33 -4.05
C GLY H 866 74.51 51.30 -5.20
N ALA H 867 73.54 51.36 -6.09
CA ALA H 867 73.57 52.26 -7.23
C ALA H 867 72.51 53.33 -7.02
N ILE H 868 72.94 54.57 -6.79
CA ILE H 868 72.04 55.70 -6.65
C ILE H 868 71.77 56.19 -8.06
N ILE H 869 70.64 55.78 -8.63
CA ILE H 869 70.33 56.08 -10.03
C ILE H 869 69.82 57.47 -10.27
N GLY H 870 70.40 58.17 -11.23
CA GLY H 870 70.03 59.54 -11.51
C GLY H 870 68.86 59.73 -12.44
N TRP H 871 68.59 60.97 -12.80
CA TRP H 871 67.48 61.28 -13.70
C TRP H 871 67.65 60.55 -15.02
N THR H 872 66.80 59.57 -15.27
CA THR H 872 66.93 58.76 -16.48
C THR H 872 65.70 58.97 -17.34
N ARG H 873 65.88 59.63 -18.47
CA ARG H 873 64.76 59.94 -19.35
C ARG H 873 64.19 58.73 -20.07
N GLY H 874 62.87 58.55 -20.05
CA GLY H 874 62.24 57.49 -20.83
C GLY H 874 61.65 56.28 -20.14
N THR H 875 61.70 56.23 -18.82
CA THR H 875 61.22 55.02 -18.14
C THR H 875 59.79 55.11 -17.68
N GLY H 876 59.27 54.03 -17.10
CA GLY H 876 57.92 54.06 -16.56
C GLY H 876 57.92 54.87 -15.29
N LEU H 877 59.09 55.10 -14.72
CA LEU H 877 59.20 55.86 -13.49
C LEU H 877 59.51 57.33 -13.72
N MET H 878 59.92 57.70 -14.92
CA MET H 878 60.32 59.10 -15.14
C MET H 878 59.85 59.71 -16.47
N SER H 879 59.18 58.93 -17.29
CA SER H 879 58.76 59.42 -18.61
C SER H 879 58.04 60.77 -18.59
N ALA H 880 57.15 60.97 -17.63
CA ALA H 880 56.39 62.21 -17.55
C ALA H 880 57.23 63.49 -17.36
N ASN H 881 58.54 63.36 -17.20
CA ASN H 881 59.39 64.52 -16.93
C ASN H 881 60.38 64.80 -18.05
N ASN H 882 60.25 64.14 -19.20
CA ASN H 882 61.20 64.39 -20.28
C ASN H 882 61.23 65.85 -20.69
N ILE H 883 60.12 66.57 -20.51
CA ILE H 883 59.99 67.91 -21.09
C ILE H 883 60.78 68.97 -20.33
N ILE H 884 61.17 68.72 -19.08
CA ILE H 884 61.96 69.68 -18.32
C ILE H 884 63.43 69.28 -18.23
N ALA H 885 63.81 68.18 -18.87
CA ALA H 885 65.19 67.70 -18.77
C ALA H 885 66.16 68.73 -19.32
N GLU H 886 65.77 69.44 -20.37
CA GLU H 886 66.67 70.44 -20.97
C GLU H 886 66.97 71.57 -20.00
N GLY H 887 65.95 72.11 -19.34
CA GLY H 887 66.20 73.16 -18.35
C GLY H 887 67.00 72.67 -17.17
N ILE H 888 66.68 71.46 -16.69
CA ILE H 888 67.48 70.86 -15.62
C ILE H 888 68.95 70.83 -16.03
N GLU H 889 69.22 70.41 -17.27
CA GLU H 889 70.59 70.39 -17.73
C GLU H 889 71.17 71.78 -17.84
N LYS H 890 70.36 72.78 -18.21
CA LYS H 890 70.83 74.15 -18.25
C LYS H 890 71.36 74.56 -16.89
N MET H 891 70.83 73.99 -15.81
CA MET H 891 71.44 74.26 -14.51
C MET H 891 72.85 73.70 -14.35
N GLY H 892 73.40 73.02 -15.36
CA GLY H 892 74.71 72.42 -15.23
C GLY H 892 74.71 71.00 -14.74
N VAL H 893 73.56 70.33 -14.76
CA VAL H 893 73.41 68.98 -14.28
C VAL H 893 73.21 68.07 -15.49
N ARG H 894 73.45 66.78 -15.30
CA ARG H 894 73.38 65.81 -16.37
C ARG H 894 72.22 64.85 -16.14
N THR H 895 71.33 64.76 -17.12
CA THR H 895 70.35 63.68 -17.20
C THR H 895 70.88 62.59 -18.12
N PHE H 896 70.34 61.39 -17.96
CA PHE H 896 70.85 60.21 -18.64
C PHE H 896 69.77 59.55 -19.49
N SER H 897 70.16 59.10 -20.68
CA SER H 897 69.34 58.15 -21.39
C SER H 897 69.45 56.77 -20.75
N GLN H 898 68.47 55.92 -21.03
CA GLN H 898 68.47 54.58 -20.46
C GLN H 898 69.69 53.79 -20.90
N LYS H 899 70.18 54.05 -22.10
CA LYS H 899 71.38 53.38 -22.57
C LYS H 899 72.58 53.82 -21.76
N GLU H 900 72.68 55.12 -21.48
CA GLU H 900 73.77 55.64 -20.64
C GLU H 900 73.71 55.09 -19.24
N MET H 901 72.52 55.06 -18.63
CA MET H 901 72.42 54.53 -17.27
C MET H 901 72.74 53.05 -17.25
N ALA H 902 72.33 52.29 -18.25
CA ALA H 902 72.69 50.89 -18.30
C ALA H 902 74.21 50.72 -18.42
N PHE H 903 74.86 51.56 -19.20
CA PHE H 903 76.31 51.51 -19.29
C PHE H 903 76.92 51.82 -17.93
N ASN H 904 76.39 52.80 -17.21
CA ASN H 904 76.87 53.11 -15.88
C ASN H 904 76.75 51.90 -14.96
N LEU H 905 75.59 51.24 -14.99
CA LEU H 905 75.36 50.11 -14.10
C LEU H 905 76.25 48.93 -14.46
N LEU H 906 76.35 48.62 -15.75
CA LEU H 906 77.24 47.54 -16.18
C LEU H 906 78.68 47.83 -15.81
N GLY H 907 79.04 49.11 -15.64
CA GLY H 907 80.32 49.45 -15.04
C GLY H 907 80.54 48.83 -13.67
N LEU H 908 79.47 48.53 -12.94
CA LEU H 908 79.60 47.92 -11.62
C LEU H 908 79.76 46.41 -11.68
N LEU H 909 79.78 45.81 -12.86
CA LEU H 909 79.96 44.38 -12.97
C LEU H 909 81.34 44.03 -13.52
N THR H 910 82.20 45.02 -13.70
CA THR H 910 83.55 44.75 -14.14
C THR H 910 84.31 44.03 -13.03
N PRO H 911 85.40 43.34 -13.36
CA PRO H 911 86.13 42.58 -12.32
C PRO H 911 86.61 43.45 -11.18
N GLU H 912 87.04 44.68 -11.47
CA GLU H 912 87.62 45.54 -10.43
C GLU H 912 86.56 45.96 -9.40
N VAL H 913 85.39 46.41 -9.88
CA VAL H 913 84.32 46.76 -8.95
C VAL H 913 83.81 45.52 -8.23
N VAL H 914 83.79 44.38 -8.91
CA VAL H 914 83.35 43.15 -8.27
C VAL H 914 84.27 42.79 -7.11
N GLU H 915 85.58 42.90 -7.30
CA GLU H 915 86.51 42.65 -6.21
C GLU H 915 86.34 43.69 -5.10
N LEU H 916 86.15 44.94 -5.49
CA LEU H 916 85.90 45.99 -4.50
C LEU H 916 84.69 45.65 -3.62
N CYS H 917 83.59 45.20 -4.23
CA CYS H 917 82.40 44.84 -3.46
C CYS H 917 82.69 43.67 -2.53
N GLN H 918 83.52 42.73 -2.94
CA GLN H 918 83.86 41.63 -2.07
C GLN H 918 84.70 42.11 -0.89
N LYS H 919 85.37 43.25 -1.03
CA LYS H 919 86.10 43.81 0.10
C LYS H 919 85.16 44.45 1.11
N SER H 920 84.23 45.28 0.63
CA SER H 920 83.24 45.90 1.49
C SER H 920 82.21 46.55 0.57
N PRO H 921 81.00 46.79 1.09
CA PRO H 921 79.95 47.33 0.22
C PRO H 921 80.38 48.62 -0.46
N VAL H 922 79.98 48.73 -1.72
CA VAL H 922 80.30 49.91 -2.50
C VAL H 922 79.04 50.70 -2.74
N MET H 923 79.17 52.02 -2.76
CA MET H 923 78.03 52.89 -3.03
C MET H 923 78.40 53.74 -4.22
N ALA H 924 77.65 53.58 -5.30
CA ALA H 924 77.90 54.28 -6.54
C ALA H 924 76.87 55.39 -6.71
N ASP H 925 77.35 56.60 -6.89
CA ASP H 925 76.52 57.78 -7.14
C ASP H 925 76.47 58.01 -8.65
N LEU H 926 75.36 57.64 -9.27
CA LEU H 926 75.14 57.82 -10.71
C LEU H 926 74.14 58.94 -10.96
N ASN H 927 74.21 60.00 -10.16
CA ASN H 927 73.20 61.05 -10.15
C ASN H 927 73.55 62.27 -11.00
N GLY H 928 74.75 62.35 -11.55
CA GLY H 928 75.07 63.44 -12.46
C GLY H 928 74.98 64.83 -11.84
N GLY H 929 75.30 64.95 -10.56
CA GLY H 929 75.29 66.23 -9.90
C GLY H 929 73.92 66.80 -9.58
N LEU H 930 72.85 66.03 -9.74
CA LEU H 930 71.52 66.56 -9.45
C LEU H 930 71.37 66.93 -7.98
N GLN H 931 72.12 66.26 -7.09
CA GLN H 931 72.01 66.57 -5.67
C GLN H 931 72.46 67.99 -5.34
N PHE H 932 73.16 68.65 -6.25
CA PHE H 932 73.65 69.99 -5.98
C PHE H 932 72.66 71.08 -6.35
N VAL H 933 71.53 70.73 -6.95
CA VAL H 933 70.48 71.70 -7.23
C VAL H 933 69.62 71.86 -5.98
N PRO H 934 69.52 73.04 -5.39
CA PRO H 934 68.70 73.20 -4.19
C PRO H 934 67.23 73.36 -4.50
N GLU H 935 66.40 72.95 -3.55
CA GLU H 935 64.95 73.01 -3.67
C GLU H 935 64.49 72.40 -4.99
N LEU H 936 64.80 71.11 -5.16
CA LEU H 936 64.62 70.47 -6.46
C LEU H 936 63.15 70.41 -6.86
N LYS H 937 62.28 70.12 -5.91
CA LYS H 937 60.86 70.02 -6.24
C LYS H 937 60.34 71.33 -6.80
N GLU H 938 60.63 72.44 -6.11
CA GLU H 938 60.16 73.74 -6.58
C GLU H 938 60.79 74.12 -7.90
N PHE H 939 62.08 73.83 -8.07
CA PHE H 939 62.73 74.13 -9.34
C PHE H 939 62.06 73.40 -10.51
N THR H 940 61.80 72.10 -10.34
CA THR H 940 61.20 71.35 -11.44
C THR H 940 59.77 71.78 -11.67
N ALA H 941 59.02 72.08 -10.60
CA ALA H 941 57.67 72.59 -10.78
C ALA H 941 57.67 73.91 -11.53
N LYS H 942 58.63 74.77 -11.24
CA LYS H 942 58.72 76.05 -11.95
C LYS H 942 59.00 75.84 -13.43
N LEU H 943 59.91 74.92 -13.76
CA LEU H 943 60.18 74.60 -15.16
C LEU H 943 58.93 74.11 -15.83
N ARG H 944 58.21 73.20 -15.18
CA ARG H 944 57.03 72.61 -15.79
C ARG H 944 55.95 73.65 -16.01
N LYS H 945 55.73 74.53 -15.04
CA LYS H 945 54.69 75.55 -15.20
C LYS H 945 55.08 76.56 -16.26
N GLU H 946 56.37 76.89 -16.36
CA GLU H 946 56.82 77.78 -17.42
C GLU H 946 56.41 77.21 -18.75
N LEU H 947 56.73 75.95 -18.99
CA LEU H 947 56.42 75.33 -20.27
C LEU H 947 54.94 75.24 -20.52
N VAL H 948 54.18 74.80 -19.52
CA VAL H 948 52.74 74.66 -19.71
C VAL H 948 52.10 76.01 -20.02
N GLU H 949 52.54 77.05 -19.33
CA GLU H 949 51.97 78.37 -19.54
C GLU H 949 52.28 78.82 -20.97
N THR H 950 53.54 78.72 -21.37
CA THR H 950 53.89 79.17 -22.71
C THR H 950 53.04 78.44 -23.75
N SER H 951 52.90 77.13 -23.61
CA SER H 951 52.11 76.37 -24.56
C SER H 951 50.67 76.85 -24.60
N GLU H 952 50.04 76.97 -23.41
CA GLU H 952 48.62 77.34 -23.37
C GLU H 952 48.40 78.74 -23.89
N VAL H 953 49.25 79.69 -23.50
CA VAL H 953 49.08 81.04 -23.97
C VAL H 953 49.15 81.07 -25.48
N ARG H 954 50.19 80.47 -26.04
CA ARG H 954 50.35 80.51 -27.49
C ARG H 954 49.16 79.88 -28.18
N LYS H 955 48.68 78.74 -27.69
CA LYS H 955 47.54 78.10 -28.32
C LYS H 955 46.31 79.00 -28.28
N ALA H 956 46.03 79.60 -27.12
CA ALA H 956 44.83 80.42 -27.00
C ALA H 956 44.91 81.65 -27.89
N VAL H 957 46.06 82.31 -27.90
CA VAL H 957 46.22 83.49 -28.75
C VAL H 957 46.05 83.12 -30.21
N SER H 958 46.64 81.99 -30.63
CA SER H 958 46.53 81.59 -32.03
C SER H 958 45.08 81.30 -32.40
N ILE H 959 44.35 80.61 -31.53
CA ILE H 959 42.94 80.33 -31.81
C ILE H 959 42.16 81.62 -31.96
N GLU H 960 42.40 82.59 -31.06
CA GLU H 960 41.63 83.82 -31.12
C GLU H 960 41.97 84.63 -32.37
N THR H 961 43.25 84.67 -32.74
CA THR H 961 43.64 85.38 -33.96
C THR H 961 43.00 84.73 -35.19
N ALA H 962 42.98 83.40 -35.23
CA ALA H 962 42.35 82.71 -36.35
C ALA H 962 40.85 83.02 -36.42
N LEU H 963 40.18 83.02 -35.27
CA LEU H 963 38.75 83.30 -35.27
C LEU H 963 38.47 84.72 -35.70
N GLU H 964 39.28 85.68 -35.25
CA GLU H 964 39.12 87.06 -35.70
C GLU H 964 39.31 87.17 -37.19
N HIS H 965 40.32 86.49 -37.74
CA HIS H 965 40.52 86.51 -39.18
C HIS H 965 39.32 85.94 -39.91
N LYS H 966 38.78 84.83 -39.38
CA LYS H 966 37.67 84.15 -40.03
C LYS H 966 36.40 84.97 -39.99
N VAL H 967 36.24 85.84 -38.99
CA VAL H 967 35.04 86.68 -38.94
C VAL H 967 35.22 87.96 -39.75
N VAL H 968 36.43 88.54 -39.75
CA VAL H 968 36.65 89.78 -40.49
C VAL H 968 36.65 89.52 -41.98
N ASN H 969 37.30 88.46 -42.43
CA ASN H 969 37.46 88.19 -43.86
C ASN H 969 36.48 87.15 -44.38
N GLY H 970 35.72 86.49 -43.50
CA GLY H 970 34.73 85.54 -43.95
C GLY H 970 35.34 84.27 -44.52
N ASN H 971 34.48 83.46 -45.12
CA ASN H 971 34.92 82.18 -45.67
C ASN H 971 35.53 82.35 -47.06
N GLN H 979 42.32 71.20 -48.65
CA GLN H 979 42.75 70.33 -49.74
C GLN H 979 41.92 69.05 -49.78
N VAL H 980 41.60 68.60 -50.98
CA VAL H 980 40.87 67.35 -51.15
C VAL H 980 41.84 66.20 -51.04
N GLU H 981 41.53 65.25 -50.16
CA GLU H 981 42.38 64.09 -49.89
C GLU H 981 41.76 62.86 -50.53
N ILE H 982 42.62 61.97 -51.03
CA ILE H 982 42.19 60.77 -51.74
C ILE H 982 42.50 59.55 -50.90
N GLN H 983 41.49 58.69 -50.71
CA GLN H 983 41.61 57.48 -49.92
C GLN H 983 41.99 56.33 -50.83
N PRO H 984 42.91 55.45 -50.45
CA PRO H 984 43.18 54.27 -51.28
C PRO H 984 41.96 53.36 -51.39
N ARG H 985 41.79 52.79 -52.58
CA ARG H 985 40.83 51.72 -52.82
C ARG H 985 41.59 50.45 -53.21
N ALA H 986 41.19 49.32 -52.65
CA ALA H 986 41.89 48.07 -52.91
C ALA H 986 41.83 47.72 -54.39
N ASN H 987 42.99 47.37 -54.96
CA ASN H 987 43.11 46.98 -56.36
C ASN H 987 43.84 45.64 -56.39
N ILE H 988 43.09 44.56 -56.20
CA ILE H 988 43.70 43.23 -56.13
C ILE H 988 44.28 42.77 -57.45
N GLN H 989 45.54 42.39 -57.45
CA GLN H 989 46.21 41.96 -58.67
C GLN H 989 46.35 40.45 -58.71
N LEU H 990 46.53 39.90 -59.91
CA LEU H 990 46.71 38.46 -60.07
C LEU H 990 48.17 38.08 -59.87
N ASP H 991 49.08 39.03 -60.00
CA ASP H 991 50.51 38.76 -59.75
C ASP H 991 51.13 37.77 -60.73
N PHE H 992 51.03 38.05 -62.02
CA PHE H 992 51.68 37.21 -63.00
C PHE H 992 53.16 37.53 -62.93
N PRO H 993 54.02 36.57 -63.28
CA PRO H 993 55.46 36.79 -63.26
C PRO H 993 55.88 37.95 -64.16
N GLU H 994 56.84 38.75 -63.72
CA GLU H 994 57.35 39.83 -64.55
C GLU H 994 58.23 39.26 -65.64
N LEU H 995 58.09 39.77 -66.85
CA LEU H 995 58.89 39.30 -67.98
C LEU H 995 59.89 40.36 -68.42
N LYS H 996 61.17 40.03 -68.38
CA LYS H 996 62.21 41.00 -68.69
C LYS H 996 62.43 41.19 -70.18
N PRO H 997 63.28 42.15 -70.56
CA PRO H 997 63.60 42.27 -71.98
C PRO H 997 64.44 41.09 -72.39
N TYR H 998 64.39 40.69 -73.64
CA TYR H 998 65.10 39.50 -74.07
C TYR H 998 66.59 39.59 -73.78
N LYS H 999 67.13 40.79 -73.68
CA LYS H 999 68.55 40.98 -73.45
C LYS H 999 68.97 40.49 -72.07
N GLN H 1000 68.26 40.92 -71.04
CA GLN H 1000 68.56 40.48 -69.68
C GLN H 1000 68.31 38.98 -69.53
N VAL H 1001 67.16 38.51 -70.01
CA VAL H 1001 66.83 37.11 -69.85
C VAL H 1001 67.85 36.25 -70.57
N LYS H 1002 68.35 36.73 -71.71
CA LYS H 1002 69.44 36.05 -72.39
C LYS H 1002 70.70 36.06 -71.55
N GLN H 1003 70.94 37.14 -70.80
CA GLN H 1003 72.12 37.18 -69.95
C GLN H 1003 72.08 36.10 -68.87
N ILE H 1004 70.91 35.73 -68.35
CA ILE H 1004 70.88 34.78 -67.20
C ILE H 1004 71.31 33.35 -67.48
N ALA H 1005 70.94 32.79 -68.62
CA ALA H 1005 71.24 31.40 -68.91
C ALA H 1005 72.34 31.31 -69.95
N PRO H 1006 73.11 30.21 -69.91
CA PRO H 1006 74.20 30.04 -70.88
C PRO H 1006 73.77 30.31 -72.31
N ALA H 1007 74.65 30.91 -73.11
CA ALA H 1007 74.33 31.17 -74.50
C ALA H 1007 74.10 29.90 -75.30
N GLU H 1008 74.69 28.78 -74.89
CA GLU H 1008 74.55 27.52 -75.61
C GLU H 1008 73.18 26.87 -75.40
N LEU H 1009 72.35 27.38 -74.50
CA LEU H 1009 71.09 26.74 -74.20
C LEU H 1009 70.08 26.91 -75.32
N GLU H 1010 70.24 27.91 -76.18
CA GLU H 1010 69.26 28.18 -77.22
C GLU H 1010 69.21 27.04 -78.23
N GLY H 1011 68.04 26.43 -78.38
CA GLY H 1011 67.86 25.34 -79.30
C GLY H 1011 68.44 24.02 -78.84
N LEU H 1012 68.91 23.94 -77.61
CA LEU H 1012 69.44 22.70 -77.07
C LEU H 1012 68.36 21.86 -76.41
N LEU H 1013 67.31 22.50 -75.93
CA LEU H 1013 66.29 21.78 -75.21
C LEU H 1013 65.03 21.46 -75.98
N ASP H 1014 64.51 20.27 -75.80
CA ASP H 1014 63.24 19.87 -76.39
C ASP H 1014 62.14 20.39 -75.47
N LEU H 1015 61.52 21.50 -75.86
CA LEU H 1015 60.56 22.17 -74.98
C LEU H 1015 59.27 21.38 -74.80
N GLU H 1016 59.05 20.33 -75.58
CA GLU H 1016 57.96 19.42 -75.27
C GLU H 1016 58.26 18.54 -74.07
N ARG H 1017 59.52 18.48 -73.65
CA ARG H 1017 59.94 17.67 -72.53
C ARG H 1017 60.24 18.48 -71.28
N VAL H 1018 59.95 19.76 -71.30
CA VAL H 1018 60.19 20.62 -70.16
C VAL H 1018 58.85 20.93 -69.51
N ILE H 1019 58.67 20.59 -68.26
CA ILE H 1019 57.42 20.81 -67.57
C ILE H 1019 57.46 22.10 -66.77
N VAL H 1020 56.45 22.93 -66.90
CA VAL H 1020 56.37 24.20 -66.20
C VAL H 1020 55.04 24.29 -65.45
N VAL H 1021 55.04 25.11 -64.40
CA VAL H 1021 53.84 25.43 -63.63
C VAL H 1021 53.30 26.74 -64.17
N THR H 1022 52.06 26.72 -64.67
CA THR H 1022 51.44 27.90 -65.26
C THR H 1022 50.34 28.50 -64.39
N GLY H 1023 50.01 27.89 -63.26
CA GLY H 1023 49.03 28.46 -62.35
C GLY H 1023 48.97 27.63 -61.09
N PHE H 1024 48.51 28.25 -60.01
CA PHE H 1024 48.42 27.55 -58.73
C PHE H 1024 47.43 28.27 -57.85
N ALA H 1025 46.92 27.57 -56.85
CA ALA H 1025 45.92 28.13 -55.98
C ALA H 1025 45.81 27.28 -54.75
N GLU H 1026 45.15 27.78 -53.73
CA GLU H 1026 44.93 26.98 -52.56
C GLU H 1026 43.80 27.46 -51.70
N VAL H 1027 43.17 26.55 -51.00
CA VAL H 1027 42.19 26.93 -49.99
C VAL H 1027 42.73 26.42 -48.65
N GLY H 1028 42.98 27.32 -47.72
CA GLY H 1028 43.60 26.95 -46.47
C GLY H 1028 43.21 27.83 -45.31
N PRO H 1029 43.87 27.63 -44.16
CA PRO H 1029 43.55 28.42 -42.97
C PRO H 1029 43.78 29.92 -43.10
N TRP H 1030 44.61 30.38 -44.02
CA TRP H 1030 44.81 31.80 -44.23
C TRP H 1030 44.21 32.27 -45.53
N GLY H 1031 43.15 31.62 -45.97
CA GLY H 1031 42.46 32.01 -47.19
C GLY H 1031 43.13 31.47 -48.43
N SER H 1032 43.21 32.31 -49.44
CA SER H 1032 43.82 31.93 -50.69
C SER H 1032 45.33 31.90 -50.64
N ALA H 1033 45.97 31.72 -51.79
CA ALA H 1033 47.43 31.72 -51.85
C ALA H 1033 47.95 33.14 -51.74
N ARG H 1034 47.20 34.12 -52.23
CA ARG H 1034 47.60 35.52 -52.10
C ARG H 1034 47.62 35.98 -50.64
N THR H 1035 46.56 35.72 -49.90
CA THR H 1035 46.49 36.15 -48.50
C THR H 1035 47.42 35.32 -47.62
N ARG H 1036 47.51 34.01 -47.90
CA ARG H 1036 48.45 33.18 -47.15
C ARG H 1036 49.88 33.65 -47.36
N TRP H 1037 50.23 34.04 -48.57
CA TRP H 1037 51.57 34.51 -48.82
C TRP H 1037 51.84 35.83 -48.13
N GLU H 1038 50.86 36.73 -48.16
CA GLU H 1038 51.05 37.98 -47.43
C GLU H 1038 51.32 37.71 -45.96
N MET H 1039 50.52 36.83 -45.35
CA MET H 1039 50.72 36.49 -43.95
C MET H 1039 52.08 35.81 -43.72
N GLU H 1040 52.47 34.91 -44.63
CA GLU H 1040 53.71 34.16 -44.49
C GLU H 1040 54.94 35.05 -44.62
N ALA H 1041 54.97 35.90 -45.64
CA ALA H 1041 56.17 36.69 -45.92
C ALA H 1041 56.23 37.95 -45.07
N PHE H 1042 55.12 38.64 -44.90
CA PHE H 1042 55.14 39.95 -44.22
C PHE H 1042 54.50 40.02 -42.85
N GLY H 1043 53.79 38.97 -42.43
CA GLY H 1043 53.23 38.93 -41.10
C GLY H 1043 51.97 39.74 -40.91
N GLU H 1044 51.49 40.45 -41.92
CA GLU H 1044 50.26 41.21 -41.77
C GLU H 1044 49.72 41.55 -43.15
N PHE H 1045 48.45 41.94 -43.18
CA PHE H 1045 47.73 42.10 -44.43
C PHE H 1045 47.85 43.52 -44.97
N SER H 1046 48.10 43.62 -46.27
CA SER H 1046 47.95 44.89 -46.97
C SER H 1046 46.47 45.24 -47.10
N LEU H 1047 46.18 46.33 -47.79
CA LEU H 1047 44.79 46.71 -48.04
C LEU H 1047 44.11 45.69 -48.95
N GLU H 1048 44.78 45.30 -50.02
CA GLU H 1048 44.23 44.28 -50.91
C GLU H 1048 44.05 42.95 -50.17
N GLY H 1049 45.00 42.57 -49.34
CA GLY H 1049 44.84 41.36 -48.55
C GLY H 1049 43.72 41.45 -47.55
N CYS H 1050 43.59 42.60 -46.89
CA CYS H 1050 42.51 42.75 -45.90
C CYS H 1050 41.14 42.69 -46.57
N VAL H 1051 41.00 43.35 -47.72
CA VAL H 1051 39.73 43.31 -48.44
C VAL H 1051 39.43 41.90 -48.92
N GLU H 1052 40.45 41.19 -49.41
CA GLU H 1052 40.22 39.82 -49.85
C GLU H 1052 39.82 38.92 -48.70
N MET H 1053 40.46 39.06 -47.54
CA MET H 1053 40.10 38.24 -46.39
C MET H 1053 38.68 38.57 -45.91
N ALA H 1054 38.33 39.86 -45.90
CA ALA H 1054 37.00 40.25 -45.49
C ALA H 1054 35.94 39.67 -46.42
N TRP H 1055 36.20 39.72 -47.72
CA TRP H 1055 35.28 39.14 -48.70
C TRP H 1055 35.21 37.60 -48.58
N ILE H 1056 36.35 36.95 -48.35
CA ILE H 1056 36.35 35.50 -48.20
C ILE H 1056 35.51 35.10 -46.99
N MET H 1057 35.70 35.79 -45.87
CA MET H 1057 35.02 35.44 -44.64
C MET H 1057 33.57 35.91 -44.60
N GLY H 1058 33.10 36.58 -45.64
CA GLY H 1058 31.73 37.05 -45.67
C GLY H 1058 31.44 38.26 -44.82
N PHE H 1059 32.46 38.99 -44.38
CA PHE H 1059 32.22 40.21 -43.62
C PHE H 1059 31.65 41.31 -44.50
N ILE H 1060 32.10 41.38 -45.75
CA ILE H 1060 31.69 42.42 -46.68
C ILE H 1060 31.14 41.79 -47.94
N SER H 1061 30.28 42.53 -48.62
CA SER H 1061 29.73 42.08 -49.87
C SER H 1061 29.58 43.29 -50.75
N TYR H 1062 29.56 43.09 -52.05
CA TYR H 1062 29.46 44.18 -53.00
C TYR H 1062 28.00 44.57 -53.22
N HIS H 1063 27.77 45.86 -53.43
CA HIS H 1063 26.45 46.39 -53.69
C HIS H 1063 26.52 47.36 -54.86
N ASN H 1064 25.52 47.31 -55.73
CA ASN H 1064 25.41 48.26 -56.83
C ASN H 1064 23.93 48.60 -57.02
N GLY H 1065 23.53 49.74 -56.52
CA GLY H 1065 22.15 50.17 -56.65
C GLY H 1065 21.81 51.22 -55.61
N ASN H 1066 20.52 51.42 -55.40
CA ASN H 1066 20.06 52.38 -54.42
C ASN H 1066 20.17 51.77 -53.02
N LEU H 1067 20.76 52.54 -52.11
CA LEU H 1067 20.95 52.10 -50.73
C LEU H 1067 20.50 53.25 -49.83
N LYS H 1068 19.41 53.05 -49.10
CA LYS H 1068 18.77 54.13 -48.35
C LYS H 1068 18.36 55.26 -49.29
N GLY H 1069 17.86 54.90 -50.45
CA GLY H 1069 17.47 55.88 -51.46
C GLY H 1069 18.59 56.30 -52.39
N ARG H 1070 19.70 56.75 -51.81
CA ARG H 1070 20.82 57.21 -52.63
C ARG H 1070 21.45 56.04 -53.36
N PRO H 1071 21.96 56.25 -54.58
CA PRO H 1071 22.71 55.18 -55.25
C PRO H 1071 24.04 54.92 -54.57
N TYR H 1072 24.46 53.65 -54.60
CA TYR H 1072 25.73 53.26 -54.00
C TYR H 1072 26.39 52.18 -54.84
N THR H 1073 27.70 52.29 -55.01
CA THR H 1073 28.51 51.30 -55.68
C THR H 1073 29.74 51.07 -54.79
N GLY H 1074 29.82 49.89 -54.19
CA GLY H 1074 30.96 49.58 -53.35
C GLY H 1074 30.64 48.49 -52.35
N TRP H 1075 31.51 48.37 -51.36
CA TRP H 1075 31.36 47.35 -50.33
C TRP H 1075 30.37 47.80 -49.27
N VAL H 1076 29.55 46.85 -48.81
CA VAL H 1076 28.68 47.05 -47.66
C VAL H 1076 28.96 45.94 -46.66
N ASP H 1077 28.74 46.24 -45.39
CA ASP H 1077 28.79 45.21 -44.37
C ASP H 1077 27.70 44.18 -44.65
N SER H 1078 28.08 42.90 -44.64
CA SER H 1078 27.14 41.87 -45.07
C SER H 1078 25.94 41.79 -44.16
N LYS H 1079 26.14 42.01 -42.86
CA LYS H 1079 25.04 41.89 -41.91
C LYS H 1079 24.15 43.13 -41.90
N THR H 1080 24.72 44.29 -41.58
CA THR H 1080 23.93 45.51 -41.47
C THR H 1080 23.62 46.16 -42.81
N LYS H 1081 24.36 45.83 -43.87
CA LYS H 1081 24.25 46.43 -45.19
C LYS H 1081 24.67 47.89 -45.22
N GLU H 1082 25.36 48.38 -44.20
CA GLU H 1082 25.85 49.74 -44.24
C GLU H 1082 27.08 49.86 -45.13
N PRO H 1083 27.23 50.98 -45.84
CA PRO H 1083 28.42 51.15 -46.70
C PRO H 1083 29.71 51.06 -45.90
N VAL H 1084 30.73 50.48 -46.54
CA VAL H 1084 32.06 50.37 -45.97
C VAL H 1084 33.06 50.86 -47.01
N ASP H 1085 33.90 51.80 -46.62
CA ASP H 1085 35.01 52.22 -47.47
C ASP H 1085 36.17 51.24 -47.32
N ASP H 1086 36.94 51.11 -48.41
CA ASP H 1086 38.09 50.21 -48.37
C ASP H 1086 39.05 50.59 -47.25
N LYS H 1087 39.26 51.90 -47.06
CA LYS H 1087 40.19 52.35 -46.03
C LYS H 1087 39.74 51.91 -44.64
N ASP H 1088 38.44 51.72 -44.44
CA ASP H 1088 37.89 51.38 -43.14
C ASP H 1088 37.82 49.88 -42.89
N VAL H 1089 38.14 49.07 -43.89
CA VAL H 1089 38.01 47.61 -43.73
C VAL H 1089 38.94 47.12 -42.64
N LYS H 1090 40.17 47.59 -42.62
CA LYS H 1090 41.10 47.17 -41.58
C LYS H 1090 40.57 47.47 -40.18
N ALA H 1091 40.15 48.71 -39.94
CA ALA H 1091 39.67 49.09 -38.63
C ALA H 1091 38.42 48.31 -38.25
N LYS H 1092 37.49 48.16 -39.20
CA LYS H 1092 36.25 47.46 -38.89
C LYS H 1092 36.48 45.98 -38.62
N TYR H 1093 37.37 45.32 -39.37
CA TYR H 1093 37.33 43.87 -39.45
C TYR H 1093 38.63 43.16 -39.11
N GLU H 1094 39.77 43.77 -39.36
CA GLU H 1094 41.04 43.08 -39.16
C GLU H 1094 41.12 42.25 -37.89
N THR H 1095 40.68 42.78 -36.77
CA THR H 1095 40.81 42.05 -35.52
C THR H 1095 40.00 40.76 -35.54
N SER H 1096 38.80 40.79 -36.10
CA SER H 1096 37.99 39.58 -36.21
C SER H 1096 38.54 38.65 -37.29
N ILE H 1097 39.07 39.20 -38.36
CA ILE H 1097 39.70 38.38 -39.40
C ILE H 1097 40.84 37.57 -38.79
N LEU H 1098 41.71 38.23 -38.04
CA LEU H 1098 42.84 37.54 -37.43
C LEU H 1098 42.40 36.58 -36.34
N GLU H 1099 41.33 36.87 -35.63
CA GLU H 1099 40.86 35.98 -34.58
C GLU H 1099 40.27 34.69 -35.13
N HIS H 1100 39.77 34.72 -36.35
CA HIS H 1100 39.09 33.57 -36.94
C HIS H 1100 39.80 33.06 -38.19
N SER H 1101 41.13 33.11 -38.19
CA SER H 1101 41.95 32.63 -39.28
C SER H 1101 43.14 31.87 -38.70
N GLY H 1102 43.75 30.99 -39.48
CA GLY H 1102 44.91 30.25 -39.03
C GLY H 1102 44.71 29.27 -37.89
N ILE H 1103 45.79 28.90 -37.22
CA ILE H 1103 45.72 27.94 -36.12
C ILE H 1103 45.01 28.58 -34.96
N ARG H 1104 43.95 27.94 -34.48
CA ARG H 1104 43.15 28.51 -33.42
C ARG H 1104 42.31 27.44 -32.78
N LEU H 1105 41.62 27.78 -31.71
CA LEU H 1105 40.75 26.83 -31.06
C LEU H 1105 39.72 26.27 -32.04
N ILE H 1106 39.45 24.98 -31.94
CA ILE H 1106 38.50 24.34 -32.83
C ILE H 1106 37.11 24.93 -32.60
N GLU H 1107 36.45 25.32 -33.70
CA GLU H 1107 35.13 25.93 -33.65
C GLU H 1107 34.07 24.91 -34.02
N PRO H 1108 33.26 24.43 -33.06
CA PRO H 1108 32.34 23.33 -33.37
C PRO H 1108 31.41 23.60 -34.53
N GLU H 1109 31.02 24.84 -34.77
CA GLU H 1109 30.10 25.14 -35.85
C GLU H 1109 30.68 24.79 -37.22
N LEU H 1110 32.00 24.69 -37.31
CA LEU H 1110 32.64 24.37 -38.58
C LEU H 1110 32.78 22.88 -38.79
N PHE H 1111 32.48 22.09 -37.77
CA PHE H 1111 32.64 20.63 -37.85
C PHE H 1111 31.42 19.93 -37.30
N ASN H 1112 30.24 20.33 -37.76
CA ASN H 1112 29.01 19.63 -37.38
C ASN H 1112 28.84 19.46 -35.89
N GLY H 1113 29.12 20.51 -35.14
CA GLY H 1113 28.95 20.48 -33.71
C GLY H 1113 30.05 19.78 -32.94
N TYR H 1114 31.11 19.33 -33.59
CA TYR H 1114 32.17 18.63 -32.89
C TYR H 1114 32.81 19.52 -31.83
N ASN H 1115 32.86 19.07 -30.60
CA ASN H 1115 33.49 19.80 -29.53
C ASN H 1115 34.43 18.85 -28.85
N PRO H 1116 35.73 19.10 -28.97
CA PRO H 1116 36.70 18.20 -28.33
C PRO H 1116 36.63 18.19 -26.81
N GLU H 1117 36.01 19.20 -26.21
CA GLU H 1117 35.88 19.19 -24.75
C GLU H 1117 34.76 18.27 -24.27
N LYS H 1118 33.78 17.98 -25.13
CA LYS H 1118 32.72 17.05 -24.79
C LYS H 1118 32.54 16.11 -25.97
N LYS H 1119 33.25 15.02 -25.98
CA LYS H 1119 33.23 14.07 -27.09
C LYS H 1119 32.28 12.94 -26.80
N GLU H 1120 31.27 12.76 -27.64
CA GLU H 1120 30.25 11.76 -27.35
C GLU H 1120 30.66 10.32 -27.54
N MET H 1121 30.34 9.48 -26.59
CA MET H 1121 30.60 8.06 -26.67
C MET H 1121 29.33 7.35 -26.26
N ILE H 1122 29.31 6.04 -26.47
CA ILE H 1122 28.19 5.18 -26.12
C ILE H 1122 28.72 4.03 -25.27
N GLN H 1123 28.02 3.72 -24.18
CA GLN H 1123 28.41 2.64 -23.28
C GLN H 1123 27.31 1.59 -23.19
N GLU H 1124 27.66 0.32 -23.39
CA GLU H 1124 26.67 -0.74 -23.31
C GLU H 1124 26.37 -1.07 -21.87
N VAL H 1125 25.09 -1.06 -21.52
CA VAL H 1125 24.68 -1.40 -20.16
C VAL H 1125 23.58 -2.44 -20.21
N ILE H 1126 23.69 -3.49 -19.41
CA ILE H 1126 22.61 -4.46 -19.35
C ILE H 1126 21.53 -3.94 -18.43
N VAL H 1127 20.30 -3.91 -18.91
CA VAL H 1127 19.17 -3.46 -18.11
C VAL H 1127 19.00 -4.37 -16.91
N GLU H 1128 18.88 -3.76 -15.73
CA GLU H 1128 18.67 -4.51 -14.50
C GLU H 1128 17.20 -4.70 -14.16
N GLU H 1129 16.35 -3.77 -14.58
CA GLU H 1129 14.92 -3.85 -14.35
C GLU H 1129 14.17 -3.40 -15.60
N ASP H 1130 13.00 -3.97 -15.80
CA ASP H 1130 12.17 -3.60 -16.94
C ASP H 1130 12.07 -2.08 -17.06
N LEU H 1131 12.06 -1.61 -18.30
CA LEU H 1131 11.86 -0.20 -18.57
C LEU H 1131 10.36 0.11 -18.59
N GLU H 1132 10.06 1.40 -18.60
CA GLU H 1132 8.70 1.83 -18.85
C GLU H 1132 8.38 1.68 -20.34
N PRO H 1133 7.21 1.15 -20.69
CA PRO H 1133 6.87 1.00 -22.10
C PRO H 1133 6.88 2.34 -22.83
N PHE H 1134 7.31 2.31 -24.09
CA PHE H 1134 7.27 3.47 -24.97
C PHE H 1134 6.66 3.06 -26.30
N GLU H 1135 6.07 4.03 -26.98
CA GLU H 1135 5.33 3.75 -28.20
C GLU H 1135 6.25 3.79 -29.41
N ALA H 1136 5.84 3.08 -30.46
CA ALA H 1136 6.61 3.04 -31.70
C ALA H 1136 5.71 2.48 -32.79
N SER H 1137 6.08 2.78 -34.04
CA SER H 1137 5.34 2.24 -35.16
C SER H 1137 5.57 0.73 -35.27
N LYS H 1138 4.71 0.07 -36.04
CA LYS H 1138 4.76 -1.39 -36.13
C LYS H 1138 6.09 -1.87 -36.68
N GLU H 1139 6.59 -1.22 -37.73
CA GLU H 1139 7.87 -1.63 -38.29
C GLU H 1139 9.00 -1.46 -37.28
N THR H 1140 9.04 -0.31 -36.61
CA THR H 1140 10.06 -0.10 -35.59
C THR H 1140 9.96 -1.15 -34.49
N ALA H 1141 8.74 -1.43 -34.04
CA ALA H 1141 8.56 -2.39 -32.96
C ALA H 1141 9.05 -3.76 -33.38
N GLU H 1142 8.77 -4.14 -34.63
CA GLU H 1142 9.24 -5.43 -35.10
C GLU H 1142 10.76 -5.46 -35.17
N GLN H 1143 11.39 -4.35 -35.54
CA GLN H 1143 12.85 -4.29 -35.54
C GLN H 1143 13.41 -4.48 -34.13
N PHE H 1144 12.78 -3.84 -33.14
CA PHE H 1144 13.19 -4.04 -31.75
C PHE H 1144 13.04 -5.51 -31.34
N LYS H 1145 11.90 -6.12 -31.69
CA LYS H 1145 11.68 -7.52 -31.36
C LYS H 1145 12.71 -8.42 -32.02
N HIS H 1146 13.00 -8.16 -33.29
CA HIS H 1146 14.02 -8.93 -33.99
C HIS H 1146 15.37 -8.82 -33.30
N GLN H 1147 15.75 -7.63 -32.88
CA GLN H 1147 17.02 -7.45 -32.18
C GLN H 1147 17.04 -8.23 -30.86
N HIS H 1148 16.03 -8.02 -30.02
CA HIS H 1148 16.11 -8.44 -28.62
C HIS H 1148 15.48 -9.80 -28.34
N GLY H 1149 14.71 -10.35 -29.26
CA GLY H 1149 14.12 -11.65 -29.01
C GLY H 1149 13.15 -11.58 -27.85
N ASP H 1150 13.37 -12.44 -26.85
CA ASP H 1150 12.45 -12.53 -25.73
C ASP H 1150 12.72 -11.50 -24.64
N LYS H 1151 13.79 -10.72 -24.74
CA LYS H 1151 14.07 -9.65 -23.79
C LYS H 1151 13.32 -8.37 -24.10
N VAL H 1152 12.32 -8.42 -24.97
CA VAL H 1152 11.44 -7.29 -25.23
C VAL H 1152 10.06 -7.83 -25.50
N ASP H 1153 9.04 -7.08 -25.12
CA ASP H 1153 7.66 -7.40 -25.41
C ASP H 1153 7.04 -6.26 -26.20
N ILE H 1154 6.42 -6.60 -27.33
CA ILE H 1154 5.74 -5.63 -28.19
C ILE H 1154 4.29 -6.06 -28.31
N PHE H 1155 3.38 -5.11 -28.14
CA PHE H 1155 1.96 -5.40 -28.21
C PHE H 1155 1.29 -4.29 -29.00
N GLU H 1156 0.48 -4.69 -29.98
CA GLU H 1156 -0.31 -3.71 -30.72
C GLU H 1156 -1.25 -2.99 -29.78
N ILE H 1157 -1.46 -1.71 -30.05
CA ILE H 1157 -2.46 -0.91 -29.34
C ILE H 1157 -3.72 -0.91 -30.20
N PRO H 1158 -4.82 -1.51 -29.76
CA PRO H 1158 -5.95 -1.68 -30.67
C PRO H 1158 -6.49 -0.35 -31.20
N GLU H 1159 -6.47 0.70 -30.40
CA GLU H 1159 -7.11 1.95 -30.81
C GLU H 1159 -6.42 2.55 -32.02
N THR H 1160 -5.08 2.64 -31.99
CA THR H 1160 -4.34 3.45 -32.94
C THR H 1160 -3.55 2.66 -33.96
N GLY H 1161 -3.17 1.42 -33.65
CA GLY H 1161 -2.31 0.64 -34.52
C GLY H 1161 -0.84 0.75 -34.21
N GLU H 1162 -0.44 1.69 -33.37
CA GLU H 1162 0.94 1.74 -32.89
C GLU H 1162 1.19 0.55 -31.97
N TYR H 1163 2.41 0.47 -31.46
CA TYR H 1163 2.83 -0.62 -30.61
C TYR H 1163 3.49 -0.06 -29.36
N SER H 1164 3.41 -0.82 -28.29
CA SER H 1164 4.14 -0.52 -27.07
C SER H 1164 5.37 -1.41 -27.00
N VAL H 1165 6.49 -0.82 -26.62
CA VAL H 1165 7.76 -1.53 -26.57
C VAL H 1165 8.22 -1.53 -25.12
N LYS H 1166 8.42 -2.72 -24.56
CA LYS H 1166 8.82 -2.88 -23.17
C LYS H 1166 10.06 -3.74 -23.11
N LEU H 1167 11.21 -3.11 -22.87
CA LEU H 1167 12.44 -3.86 -22.64
C LEU H 1167 12.37 -4.52 -21.27
N LEU H 1168 12.96 -5.71 -21.18
CA LEU H 1168 12.89 -6.53 -19.99
C LEU H 1168 14.27 -6.68 -19.37
N LYS H 1169 14.31 -7.32 -18.20
CA LYS H 1169 15.58 -7.56 -17.54
C LYS H 1169 16.51 -8.34 -18.45
N GLY H 1170 17.78 -7.95 -18.46
CA GLY H 1170 18.78 -8.59 -19.28
C GLY H 1170 18.93 -8.02 -20.68
N ALA H 1171 18.07 -7.09 -21.07
CA ALA H 1171 18.20 -6.47 -22.38
C ALA H 1171 19.37 -5.49 -22.41
N THR H 1172 19.99 -5.38 -23.58
CA THR H 1172 21.14 -4.51 -23.78
C THR H 1172 20.69 -3.11 -24.16
N LEU H 1173 21.37 -2.11 -23.61
CA LEU H 1173 21.09 -0.72 -23.90
C LEU H 1173 22.41 0.02 -24.04
N TYR H 1174 22.35 1.20 -24.65
CA TYR H 1174 23.52 2.05 -24.83
C TYR H 1174 23.24 3.41 -24.23
N ILE H 1175 24.09 3.84 -23.31
CA ILE H 1175 23.93 5.09 -22.58
C ILE H 1175 25.00 6.06 -23.06
N PRO H 1176 24.63 7.21 -23.63
CA PRO H 1176 25.65 8.18 -24.02
C PRO H 1176 26.47 8.65 -22.83
N LYS H 1177 27.77 8.81 -23.05
CA LYS H 1177 28.68 9.41 -22.10
C LYS H 1177 29.63 10.32 -22.86
N ALA H 1178 30.24 11.26 -22.16
CA ALA H 1178 31.05 12.28 -22.78
C ALA H 1178 32.49 12.18 -22.30
N LEU H 1179 33.41 12.53 -23.18
CA LEU H 1179 34.83 12.42 -22.92
C LEU H 1179 35.48 13.77 -23.20
N ARG H 1180 36.53 14.07 -22.44
CA ARG H 1180 37.35 15.26 -22.66
C ARG H 1180 38.56 14.85 -23.48
N PHE H 1181 38.70 15.45 -24.65
CA PHE H 1181 39.85 15.18 -25.50
C PHE H 1181 40.80 16.37 -25.33
N ASP H 1182 42.09 16.14 -25.45
CA ASP H 1182 43.10 17.15 -25.19
C ASP H 1182 43.72 17.74 -26.44
N ARG H 1183 43.07 17.58 -27.60
CA ARG H 1183 43.50 18.25 -28.83
C ARG H 1183 42.41 19.28 -29.06
N LEU H 1184 42.69 20.56 -28.87
CA LEU H 1184 41.70 21.62 -28.89
C LEU H 1184 41.93 22.65 -29.97
N VAL H 1185 43.02 22.55 -30.72
CA VAL H 1185 43.44 23.59 -31.66
C VAL H 1185 43.70 22.94 -33.02
N ALA H 1186 43.34 23.65 -34.08
CA ALA H 1186 43.61 23.16 -35.42
C ALA H 1186 43.70 24.35 -36.37
N GLY H 1187 44.43 24.12 -37.47
CA GLY H 1187 44.42 25.06 -38.57
C GLY H 1187 43.14 24.94 -39.37
N GLN H 1188 42.25 25.91 -39.27
CA GLN H 1188 40.94 25.83 -39.87
C GLN H 1188 40.77 26.88 -40.95
N ILE H 1189 40.04 26.51 -41.99
CA ILE H 1189 39.72 27.49 -43.04
C ILE H 1189 38.96 28.64 -42.41
N PRO H 1190 39.20 29.89 -42.81
CA PRO H 1190 38.66 31.03 -42.06
C PRO H 1190 37.16 30.95 -41.85
N THR H 1191 36.74 31.27 -40.63
CA THR H 1191 35.31 31.27 -40.30
C THR H 1191 34.56 32.20 -41.24
N GLY H 1192 33.47 31.70 -41.79
CA GLY H 1192 32.70 32.42 -42.78
C GLY H 1192 32.99 32.02 -44.20
N TRP H 1193 34.06 31.28 -44.44
CA TRP H 1193 34.35 30.77 -45.78
C TRP H 1193 33.15 30.01 -46.26
N ASN H 1194 32.73 30.27 -47.50
CA ASN H 1194 31.53 29.64 -48.03
C ASN H 1194 31.66 29.48 -49.53
N ALA H 1195 31.41 28.27 -50.02
CA ALA H 1195 31.53 28.01 -51.45
C ALA H 1195 30.54 28.84 -52.27
N LYS H 1196 29.42 29.24 -51.68
CA LYS H 1196 28.50 30.11 -52.40
C LYS H 1196 29.14 31.43 -52.76
N THR H 1197 30.08 31.92 -51.97
CA THR H 1197 30.77 33.18 -52.27
C THR H 1197 31.55 33.06 -53.57
N TYR H 1198 32.08 31.88 -53.86
CA TYR H 1198 32.81 31.64 -55.09
C TYR H 1198 31.89 31.32 -56.26
N GLY H 1199 30.61 31.06 -56.01
CA GLY H 1199 29.66 30.82 -57.09
C GLY H 1199 29.15 29.39 -57.24
N ILE H 1200 29.38 28.54 -56.25
CA ILE H 1200 28.98 27.14 -56.35
C ILE H 1200 27.54 27.01 -55.86
N SER H 1201 26.67 26.50 -56.72
CA SER H 1201 25.25 26.34 -56.40
C SER H 1201 25.05 25.38 -55.25
N ASP H 1202 23.91 25.52 -54.56
CA ASP H 1202 23.67 24.74 -53.37
C ASP H 1202 23.22 23.31 -53.65
N ASP H 1203 22.80 22.98 -54.87
CA ASP H 1203 22.61 21.55 -55.19
C ASP H 1203 23.93 20.80 -55.13
N ILE H 1204 24.99 21.40 -55.68
CA ILE H 1204 26.32 20.82 -55.53
C ILE H 1204 26.70 20.77 -54.05
N ILE H 1205 26.48 21.87 -53.34
CA ILE H 1205 26.93 21.95 -51.95
C ILE H 1205 26.27 20.86 -51.12
N SER H 1206 24.98 20.62 -51.35
CA SER H 1206 24.27 19.56 -50.64
C SER H 1206 24.61 18.18 -51.17
N GLN H 1207 25.18 18.07 -52.38
CA GLN H 1207 25.54 16.76 -52.89
C GLN H 1207 26.87 16.26 -52.35
N VAL H 1208 27.92 17.07 -52.41
CA VAL H 1208 29.29 16.59 -52.28
C VAL H 1208 29.81 16.74 -50.86
N ASP H 1209 30.94 16.09 -50.59
CA ASP H 1209 31.62 16.23 -49.31
C ASP H 1209 32.33 17.58 -49.34
N PRO H 1210 32.46 18.23 -48.18
CA PRO H 1210 33.13 19.55 -48.09
C PRO H 1210 34.51 19.63 -48.74
N ILE H 1211 35.34 18.60 -48.61
CA ILE H 1211 36.65 18.57 -49.23
C ILE H 1211 36.53 18.85 -50.73
N THR H 1212 35.45 18.36 -51.33
CA THR H 1212 35.23 18.57 -52.76
C THR H 1212 35.02 20.04 -53.07
N LEU H 1213 34.34 20.76 -52.19
CA LEU H 1213 34.20 22.20 -52.40
C LEU H 1213 35.56 22.90 -52.31
N PHE H 1214 36.44 22.47 -51.42
CA PHE H 1214 37.77 23.07 -51.35
C PHE H 1214 38.51 22.82 -52.66
N VAL H 1215 38.39 21.62 -53.19
CA VAL H 1215 39.07 21.30 -54.45
C VAL H 1215 38.47 22.10 -55.61
N LEU H 1216 37.15 22.21 -55.67
CA LEU H 1216 36.52 22.91 -56.80
C LEU H 1216 36.96 24.37 -56.84
N VAL H 1217 36.94 25.03 -55.68
CA VAL H 1217 37.41 26.40 -55.62
C VAL H 1217 38.89 26.47 -56.01
N SER H 1218 39.71 25.53 -55.52
CA SER H 1218 41.14 25.59 -55.79
C SER H 1218 41.44 25.41 -57.27
N VAL H 1219 40.75 24.49 -57.93
CA VAL H 1219 40.95 24.26 -59.36
C VAL H 1219 40.55 25.49 -60.15
N VAL H 1220 39.40 26.08 -59.84
CA VAL H 1220 38.97 27.29 -60.54
C VAL H 1220 40.00 28.40 -60.35
N GLU H 1221 40.44 28.63 -59.12
CA GLU H 1221 41.43 29.68 -58.88
C GLU H 1221 42.75 29.39 -59.58
N ALA H 1222 43.18 28.13 -59.57
CA ALA H 1222 44.42 27.78 -60.25
C ALA H 1222 44.35 28.11 -61.73
N PHE H 1223 43.19 27.87 -62.35
CA PHE H 1223 43.03 28.22 -63.75
C PHE H 1223 43.02 29.74 -63.94
N ILE H 1224 42.42 30.48 -63.00
CA ILE H 1224 42.52 31.94 -63.07
C ILE H 1224 43.99 32.38 -63.01
N ALA H 1225 44.78 31.81 -62.10
CA ALA H 1225 46.22 32.12 -62.00
C ALA H 1225 46.96 31.76 -63.28
N SER H 1226 46.42 30.84 -64.06
CA SER H 1226 46.99 30.53 -65.36
C SER H 1226 46.47 31.45 -66.46
N GLY H 1227 45.55 32.36 -66.15
CA GLY H 1227 44.94 33.18 -67.16
C GLY H 1227 43.91 32.47 -68.01
N ILE H 1228 43.47 31.29 -67.61
CA ILE H 1228 42.47 30.51 -68.33
C ILE H 1228 41.17 30.65 -67.57
N THR H 1229 40.26 31.48 -68.06
CA THR H 1229 38.98 31.71 -67.39
C THR H 1229 37.93 30.72 -67.88
N ASP H 1230 38.01 30.30 -69.13
CA ASP H 1230 37.14 29.24 -69.64
C ASP H 1230 37.99 28.02 -69.95
N PRO H 1231 37.84 26.92 -69.20
CA PRO H 1231 38.72 25.76 -69.46
C PRO H 1231 38.60 25.18 -70.86
N TYR H 1232 37.48 25.37 -71.54
CA TYR H 1232 37.31 24.85 -72.90
C TYR H 1232 38.31 25.47 -73.86
N GLU H 1233 38.88 26.61 -73.51
CA GLU H 1233 39.92 27.19 -74.35
C GLU H 1233 41.08 26.23 -74.51
N MET H 1234 41.28 25.32 -73.56
CA MET H 1234 42.35 24.34 -73.68
C MET H 1234 42.19 23.50 -74.94
N TYR H 1235 40.95 23.20 -75.33
CA TYR H 1235 40.70 22.34 -76.47
C TYR H 1235 40.85 23.05 -77.81
N LYS H 1236 41.29 24.30 -77.81
CA LYS H 1236 41.62 24.94 -79.06
C LYS H 1236 43.06 24.57 -79.40
N TYR H 1237 43.82 24.07 -78.43
CA TYR H 1237 45.22 23.74 -78.61
C TYR H 1237 45.53 22.26 -78.51
N VAL H 1238 44.72 21.54 -77.74
CA VAL H 1238 44.97 20.13 -77.53
C VAL H 1238 43.70 19.32 -77.68
N HIS H 1239 43.83 18.02 -77.92
CA HIS H 1239 42.68 17.16 -77.99
C HIS H 1239 42.10 16.89 -76.61
N VAL H 1240 40.85 16.47 -76.55
CA VAL H 1240 40.20 16.20 -75.28
C VAL H 1240 40.79 15.01 -74.55
N SER H 1241 41.61 14.20 -75.18
CA SER H 1241 42.28 13.12 -74.50
C SER H 1241 43.60 13.53 -73.86
N GLU H 1242 43.96 14.81 -73.93
CA GLU H 1242 45.27 15.29 -73.47
C GLU H 1242 45.25 16.25 -72.29
N VAL H 1243 44.20 16.25 -71.52
CA VAL H 1243 44.15 17.05 -70.30
C VAL H 1243 43.94 16.09 -69.14
N GLY H 1244 44.92 16.00 -68.26
CA GLY H 1244 44.86 15.04 -67.17
C GLY H 1244 44.55 15.66 -65.83
N ASN H 1245 44.25 14.79 -64.86
CA ASN H 1245 44.08 15.24 -63.49
C ASN H 1245 44.81 14.18 -62.67
N CYS H 1246 45.92 14.56 -62.04
CA CYS H 1246 46.69 13.62 -61.23
C CYS H 1246 46.67 13.96 -59.75
N SER H 1247 45.82 14.87 -59.34
CA SER H 1247 45.73 15.27 -57.94
C SER H 1247 45.17 14.15 -57.06
N GLY H 1248 45.49 14.14 -55.76
CA GLY H 1248 45.03 13.09 -54.89
C GLY H 1248 44.81 13.52 -53.47
N SER H 1249 44.61 12.54 -52.58
CA SER H 1249 44.23 12.81 -51.21
C SER H 1249 44.75 11.69 -50.32
N GLY H 1250 45.02 12.03 -49.06
CA GLY H 1250 45.37 11.02 -48.08
C GLY H 1250 44.19 10.18 -47.68
N MET H 1251 43.03 10.80 -47.50
CA MET H 1251 41.87 10.12 -46.93
C MET H 1251 40.56 10.39 -47.66
N GLY H 1252 40.48 11.38 -48.54
CA GLY H 1252 39.24 11.60 -49.27
C GLY H 1252 38.14 12.18 -48.40
N GLY H 1253 36.90 11.84 -48.74
CA GLY H 1253 35.73 12.44 -48.13
C GLY H 1253 35.39 11.86 -46.78
N VAL H 1254 36.15 12.23 -45.74
CA VAL H 1254 36.01 11.59 -44.43
C VAL H 1254 34.65 11.87 -43.82
N SER H 1255 34.02 12.98 -44.18
CA SER H 1255 32.68 13.28 -43.67
C SER H 1255 31.66 12.28 -44.23
N ALA H 1256 31.83 11.88 -45.49
CA ALA H 1256 30.95 10.84 -46.06
C ALA H 1256 31.21 9.52 -45.34
N LEU H 1257 32.45 9.25 -44.97
CA LEU H 1257 32.77 8.04 -44.21
C LEU H 1257 32.08 8.06 -42.85
N ARG H 1258 32.09 9.21 -42.18
CA ARG H 1258 31.36 9.32 -40.94
C ARG H 1258 29.89 9.04 -41.16
N GLY H 1259 29.31 9.59 -42.22
CA GLY H 1259 27.94 9.27 -42.58
C GLY H 1259 27.70 7.77 -42.56
N MET H 1260 28.45 7.06 -43.41
CA MET H 1260 28.23 5.62 -43.57
C MET H 1260 28.44 4.85 -42.28
N PHE H 1261 29.50 5.16 -41.53
CA PHE H 1261 29.88 4.32 -40.41
C PHE H 1261 29.16 4.69 -39.11
N LYS H 1262 28.76 5.94 -38.92
CA LYS H 1262 28.10 6.35 -37.69
C LYS H 1262 26.69 6.86 -37.91
N ASP H 1263 26.48 7.82 -38.81
CA ASP H 1263 25.15 8.39 -38.93
C ASP H 1263 24.14 7.32 -39.35
N ARG H 1264 24.54 6.43 -40.25
CA ARG H 1264 23.66 5.35 -40.67
C ARG H 1264 23.40 4.39 -39.51
N PHE H 1265 24.43 4.12 -38.71
CA PHE H 1265 24.28 3.21 -37.58
C PHE H 1265 23.26 3.73 -36.55
N LYS H 1266 23.06 5.05 -36.50
CA LYS H 1266 22.09 5.64 -35.61
C LYS H 1266 20.79 6.00 -36.31
N ASP H 1267 20.62 5.53 -37.54
CA ASP H 1267 19.41 5.79 -38.31
C ASP H 1267 19.15 7.27 -38.51
N GLU H 1268 20.20 8.04 -38.75
CA GLU H 1268 20.03 9.44 -39.06
C GLU H 1268 19.72 9.50 -40.54
N PRO H 1269 19.18 10.62 -41.02
CA PRO H 1269 19.00 10.73 -42.47
C PRO H 1269 20.34 10.90 -43.19
N VAL H 1270 20.69 9.96 -44.05
CA VAL H 1270 21.92 10.04 -44.81
C VAL H 1270 21.56 9.85 -46.27
N GLN H 1271 22.08 10.71 -47.15
CA GLN H 1271 21.76 10.61 -48.56
C GLN H 1271 22.10 9.22 -49.08
N ASN H 1272 21.32 8.71 -50.04
CA ASN H 1272 21.51 7.32 -50.48
C ASN H 1272 22.81 7.03 -51.21
N ASP H 1273 23.40 8.03 -51.86
CA ASP H 1273 24.64 7.82 -52.61
C ASP H 1273 25.85 8.33 -51.83
N ILE H 1274 25.73 8.39 -50.51
CA ILE H 1274 26.84 8.87 -49.69
C ILE H 1274 28.15 8.17 -49.99
N LEU H 1275 28.11 6.89 -50.30
CA LEU H 1275 29.32 6.11 -50.51
C LEU H 1275 30.21 6.67 -51.64
N GLN H 1276 29.60 7.07 -52.74
CA GLN H 1276 30.39 7.64 -53.83
C GLN H 1276 31.13 8.90 -53.40
N GLU H 1277 30.56 9.68 -52.50
CA GLU H 1277 31.16 10.94 -52.08
C GLU H 1277 32.37 10.75 -51.17
N SER H 1278 32.65 9.54 -50.71
CA SER H 1278 33.81 9.31 -49.86
C SER H 1278 35.06 8.95 -50.64
N PHE H 1279 34.95 8.50 -51.87
CA PHE H 1279 36.12 8.04 -52.60
C PHE H 1279 37.16 9.12 -52.82
N ILE H 1280 38.43 8.74 -52.68
CA ILE H 1280 39.49 9.71 -52.87
C ILE H 1280 39.47 10.28 -54.28
N ASN H 1281 39.03 9.48 -55.25
CA ASN H 1281 39.00 9.94 -56.63
C ASN H 1281 37.70 10.66 -57.05
N THR H 1282 36.72 10.73 -56.17
CA THR H 1282 35.48 11.43 -56.46
C THR H 1282 35.68 12.94 -56.59
N MET H 1283 36.61 13.51 -55.84
CA MET H 1283 36.90 14.94 -55.98
C MET H 1283 37.30 15.27 -57.40
N SER H 1284 38.20 14.48 -57.97
CA SER H 1284 38.63 14.69 -59.34
C SER H 1284 37.50 14.36 -60.32
N ALA H 1285 36.62 13.45 -59.96
CA ALA H 1285 35.51 13.13 -60.82
C ALA H 1285 34.58 14.34 -60.92
N TRP H 1286 34.33 15.01 -59.80
CA TRP H 1286 33.48 16.19 -59.83
C TRP H 1286 34.15 17.34 -60.56
N VAL H 1287 35.46 17.49 -60.41
CA VAL H 1287 36.17 18.53 -61.14
C VAL H 1287 35.95 18.36 -62.63
N ASN H 1288 36.11 17.13 -63.13
CA ASN H 1288 35.87 16.86 -64.55
C ASN H 1288 34.39 17.03 -64.92
N MET H 1289 33.47 16.62 -64.04
CA MET H 1289 32.06 16.63 -64.39
C MET H 1289 31.46 18.03 -64.36
N LEU H 1290 32.10 18.99 -63.68
CA LEU H 1290 31.56 20.33 -63.56
C LEU H 1290 32.35 21.40 -64.30
N LEU H 1291 33.66 21.20 -64.53
CA LEU H 1291 34.48 22.24 -65.13
C LEU H 1291 35.20 21.82 -66.40
N ILE H 1292 35.87 20.68 -66.39
CA ILE H 1292 36.90 20.38 -67.38
C ILE H 1292 36.34 19.62 -68.58
N SER H 1293 35.58 18.55 -68.33
CA SER H 1293 35.00 17.74 -69.39
C SER H 1293 36.07 17.15 -70.32
N SER H 1294 37.17 16.69 -69.74
CA SER H 1294 38.19 16.03 -70.54
C SER H 1294 37.98 14.52 -70.53
N SER H 1295 38.65 13.86 -71.46
CA SER H 1295 38.79 12.41 -71.46
C SER H 1295 40.26 12.03 -71.43
N GLY H 1296 41.03 12.72 -70.60
CA GLY H 1296 42.44 12.49 -70.46
C GLY H 1296 42.73 11.50 -69.34
N PRO H 1297 44.01 11.28 -69.05
CA PRO H 1297 44.36 10.38 -67.95
C PRO H 1297 43.81 10.87 -66.61
N ILE H 1298 43.49 9.94 -65.73
CA ILE H 1298 43.02 10.29 -64.39
C ILE H 1298 43.72 9.34 -63.43
N LYS H 1299 44.84 9.78 -62.86
CA LYS H 1299 45.58 8.94 -61.94
C LYS H 1299 45.57 9.60 -60.57
N THR H 1300 44.80 9.06 -59.64
CA THR H 1300 44.66 9.67 -58.31
C THR H 1300 45.60 9.00 -57.30
N PRO H 1301 46.66 9.70 -56.88
CA PRO H 1301 47.56 9.12 -55.88
C PRO H 1301 46.97 9.19 -54.47
N VAL H 1302 47.47 8.31 -53.62
CA VAL H 1302 47.21 8.34 -52.19
C VAL H 1302 48.56 8.16 -51.51
N GLY H 1303 49.07 9.21 -50.89
CA GLY H 1303 50.41 9.19 -50.35
C GLY H 1303 50.51 9.78 -48.97
N ALA H 1304 49.45 9.64 -48.17
CA ALA H 1304 49.38 10.25 -46.85
C ALA H 1304 49.83 11.71 -46.92
N CYS H 1305 50.91 12.07 -46.23
CA CYS H 1305 51.35 13.45 -46.16
C CYS H 1305 52.27 13.86 -47.30
N ALA H 1306 52.66 12.92 -48.16
CA ALA H 1306 53.44 13.21 -49.36
C ALA H 1306 52.59 13.14 -50.64
N THR H 1307 51.28 13.24 -50.50
CA THR H 1307 50.38 13.06 -51.64
C THR H 1307 50.66 14.09 -52.73
N SER H 1308 50.84 15.34 -52.35
CA SER H 1308 51.02 16.39 -53.37
C SER H 1308 52.28 16.19 -54.17
N VAL H 1309 53.36 15.78 -53.52
CA VAL H 1309 54.61 15.55 -54.24
C VAL H 1309 54.49 14.33 -55.15
N GLU H 1310 53.85 13.27 -54.65
CA GLU H 1310 53.55 12.12 -55.52
C GLU H 1310 52.73 12.56 -56.72
N SER H 1311 51.77 13.44 -56.49
CA SER H 1311 50.90 13.93 -57.56
C SER H 1311 51.71 14.65 -58.62
N VAL H 1312 52.64 15.51 -58.20
CA VAL H 1312 53.52 16.18 -59.16
C VAL H 1312 54.32 15.15 -59.95
N ASP H 1313 54.90 14.16 -59.26
CA ASP H 1313 55.69 13.15 -59.95
C ASP H 1313 54.87 12.46 -61.02
N ILE H 1314 53.65 12.07 -60.68
CA ILE H 1314 52.79 11.37 -61.63
C ILE H 1314 52.42 12.27 -62.81
N GLY H 1315 52.05 13.52 -62.53
CA GLY H 1315 51.68 14.42 -63.62
C GLY H 1315 52.83 14.67 -64.58
N VAL H 1316 54.03 14.79 -64.05
CA VAL H 1316 55.18 14.97 -64.90
C VAL H 1316 55.43 13.72 -65.73
N GLU H 1317 55.30 12.55 -65.11
CA GLU H 1317 55.48 11.32 -65.86
C GLU H 1317 54.44 11.18 -66.96
N THR H 1318 53.19 11.56 -66.66
CA THR H 1318 52.12 11.49 -67.65
C THR H 1318 52.39 12.39 -68.83
N ILE H 1319 52.80 13.63 -68.59
CA ILE H 1319 53.10 14.54 -69.68
C ILE H 1319 54.32 14.08 -70.48
N LEU H 1320 55.37 13.62 -69.83
CA LEU H 1320 56.55 13.18 -70.54
C LEU H 1320 56.34 11.86 -71.28
N SER H 1321 55.36 11.07 -70.88
CA SER H 1321 55.03 9.85 -71.60
C SER H 1321 54.17 10.12 -72.84
N GLY H 1322 53.79 11.36 -73.07
CA GLY H 1322 52.98 11.70 -74.22
C GLY H 1322 51.49 11.42 -74.06
N LYS H 1323 51.05 11.08 -72.86
CA LYS H 1323 49.63 10.80 -72.66
C LYS H 1323 48.82 12.05 -72.39
N ALA H 1324 49.46 13.13 -71.95
CA ALA H 1324 48.77 14.41 -71.75
C ALA H 1324 49.72 15.55 -72.02
N ARG H 1325 49.20 16.73 -72.29
CA ARG H 1325 50.03 17.91 -72.46
C ARG H 1325 49.74 18.91 -71.34
N ILE H 1326 48.67 18.73 -70.60
CA ILE H 1326 48.30 19.57 -69.47
C ILE H 1326 47.83 18.65 -68.35
N CYS H 1327 48.20 18.97 -67.12
CA CYS H 1327 47.73 18.19 -65.99
C CYS H 1327 47.38 19.08 -64.81
N ILE H 1328 46.35 18.69 -64.07
CA ILE H 1328 46.02 19.27 -62.77
C ILE H 1328 46.68 18.39 -61.71
N VAL H 1329 47.57 18.98 -60.92
CA VAL H 1329 48.22 18.25 -59.83
C VAL H 1329 47.92 18.97 -58.53
N GLY H 1330 48.13 18.27 -57.43
CA GLY H 1330 47.94 18.84 -56.12
C GLY H 1330 47.36 17.84 -55.16
N GLY H 1331 46.85 18.35 -54.05
CA GLY H 1331 46.42 17.52 -52.94
C GLY H 1331 45.43 18.24 -52.06
N TYR H 1332 44.75 17.43 -51.24
CA TYR H 1332 43.71 17.96 -50.39
C TYR H 1332 43.34 16.96 -49.33
N ASP H 1333 42.89 17.41 -48.17
CA ASP H 1333 42.41 16.60 -47.07
C ASP H 1333 41.61 17.48 -46.12
N ASP H 1334 40.72 16.84 -45.40
CA ASP H 1334 39.90 17.54 -44.46
C ASP H 1334 40.25 17.22 -43.04
N PHE H 1335 39.62 17.90 -42.11
CA PHE H 1335 39.82 17.70 -40.68
C PHE H 1335 38.47 17.35 -40.07
N GLN H 1336 38.41 16.24 -39.35
CA GLN H 1336 37.18 15.81 -38.72
C GLN H 1336 37.50 15.14 -37.39
N GLU H 1337 36.50 14.98 -36.55
CA GLU H 1337 36.71 14.44 -35.22
C GLU H 1337 37.46 13.13 -35.11
N GLU H 1338 37.06 12.13 -35.88
CA GLU H 1338 37.67 10.82 -35.70
C GLU H 1338 39.16 10.83 -36.03
N GLY H 1339 39.54 11.49 -37.12
CA GLY H 1339 40.95 11.55 -37.47
C GLY H 1339 41.77 12.26 -36.42
N SER H 1340 41.24 13.34 -35.83
CA SER H 1340 41.93 14.03 -34.76
C SER H 1340 42.15 13.12 -33.56
N PHE H 1341 41.11 12.44 -33.12
CA PHE H 1341 41.24 11.50 -32.02
C PHE H 1341 42.30 10.46 -32.32
N GLU H 1342 42.28 9.91 -33.54
CA GLU H 1342 43.21 8.82 -33.80
C GLU H 1342 44.64 9.33 -33.89
N PHE H 1343 44.84 10.53 -34.41
CA PHE H 1343 46.18 11.12 -34.43
C PHE H 1343 46.66 11.36 -33.01
N GLY H 1344 45.76 11.70 -32.10
CA GLY H 1344 46.11 11.91 -30.70
C GLY H 1344 46.46 10.60 -30.05
N ASN H 1345 45.73 9.53 -30.39
CA ASN H 1345 46.04 8.20 -29.85
C ASN H 1345 47.42 7.75 -30.29
N MET H 1346 47.79 8.01 -31.53
CA MET H 1346 49.13 7.71 -32.00
C MET H 1346 50.17 8.69 -31.47
N LYS H 1347 49.74 9.77 -30.81
CA LYS H 1347 50.66 10.77 -30.26
C LYS H 1347 51.45 11.47 -31.37
N ALA H 1348 50.85 11.64 -32.52
CA ALA H 1348 51.46 12.38 -33.61
C ALA H 1348 51.29 13.88 -33.48
N THR H 1349 50.15 14.29 -32.96
CA THR H 1349 49.85 15.71 -32.81
C THR H 1349 50.20 16.24 -31.43
N SER H 1350 50.38 17.55 -31.33
CA SER H 1350 50.69 18.16 -30.04
C SER H 1350 49.52 18.14 -29.04
N ASN H 1351 49.78 17.73 -27.82
CA ASN H 1351 48.76 17.76 -26.78
C ASN H 1351 48.54 19.20 -26.39
N THR H 1352 47.32 19.68 -26.51
CA THR H 1352 47.05 21.09 -26.24
C THR H 1352 47.06 21.43 -24.73
N LEU H 1353 46.61 20.52 -23.88
CA LEU H 1353 46.68 20.79 -22.45
C LEU H 1353 48.12 20.94 -21.99
N GLU H 1354 49.00 20.09 -22.51
CA GLU H 1354 50.42 20.21 -22.22
C GLU H 1354 50.99 21.53 -22.76
N GLU H 1355 50.54 21.97 -23.93
CA GLU H 1355 51.00 23.23 -24.49
C GLU H 1355 50.57 24.39 -23.60
N PHE H 1356 49.34 24.35 -23.11
CA PHE H 1356 48.91 25.37 -22.18
C PHE H 1356 49.76 25.37 -20.92
N GLU H 1357 50.09 24.17 -20.42
CA GLU H 1357 50.93 24.10 -19.22
C GLU H 1357 52.28 24.79 -19.43
N HIS H 1358 52.74 24.88 -20.67
CA HIS H 1358 53.99 25.54 -20.99
C HIS H 1358 53.80 26.98 -21.41
N GLY H 1359 52.60 27.52 -21.26
CA GLY H 1359 52.33 28.91 -21.60
C GLY H 1359 52.17 29.21 -23.07
N ARG H 1360 52.06 28.19 -23.91
CA ARG H 1360 51.94 28.40 -25.33
C ARG H 1360 50.53 28.72 -25.78
N THR H 1361 50.37 29.75 -26.58
CA THR H 1361 49.09 30.08 -27.19
C THR H 1361 48.94 29.33 -28.51
N PRO H 1362 47.71 29.27 -29.06
CA PRO H 1362 47.51 28.48 -30.28
C PRO H 1362 48.45 28.88 -31.43
N ALA H 1363 48.78 30.16 -31.56
CA ALA H 1363 49.67 30.63 -32.63
C ALA H 1363 51.15 30.31 -32.43
N GLU H 1364 51.52 29.59 -31.38
CA GLU H 1364 52.92 29.17 -31.22
C GLU H 1364 53.04 27.67 -31.04
N MET H 1365 51.97 26.93 -31.27
CA MET H 1365 52.01 25.48 -31.06
C MET H 1365 52.69 24.78 -32.23
N SER H 1366 52.74 25.40 -33.41
CA SER H 1366 53.46 24.84 -34.54
C SER H 1366 54.79 25.54 -34.63
N ARG H 1367 55.84 24.88 -34.16
CA ARG H 1367 57.17 25.50 -34.13
C ARG H 1367 58.20 24.51 -34.69
N PRO H 1368 58.26 24.36 -36.00
CA PRO H 1368 59.21 23.41 -36.59
C PRO H 1368 60.65 23.72 -36.20
N ALA H 1369 61.42 22.68 -35.94
CA ALA H 1369 62.87 22.71 -35.74
C ALA H 1369 63.32 23.32 -34.41
N THR H 1370 62.41 23.57 -33.48
CA THR H 1370 62.79 24.17 -32.21
C THR H 1370 63.02 23.11 -31.15
N THR H 1371 63.70 23.51 -30.07
CA THR H 1371 64.06 22.58 -29.01
C THR H 1371 62.84 21.89 -28.42
N THR H 1372 61.74 22.63 -28.24
CA THR H 1372 60.60 22.14 -27.49
C THR H 1372 59.50 21.55 -28.36
N ARG H 1373 59.68 21.48 -29.67
CA ARG H 1373 58.64 20.92 -30.54
C ARG H 1373 58.24 19.54 -30.06
N ASN H 1374 56.93 19.27 -30.09
CA ASN H 1374 56.42 17.99 -29.62
C ASN H 1374 55.08 17.60 -30.26
N GLY H 1375 55.02 17.54 -31.57
CA GLY H 1375 53.81 17.13 -32.23
C GLY H 1375 53.33 18.11 -33.25
N PHE H 1376 52.68 17.64 -34.31
CA PHE H 1376 52.24 18.52 -35.37
C PHE H 1376 50.86 19.08 -35.16
N MET H 1377 50.57 20.19 -35.81
CA MET H 1377 49.27 20.82 -35.70
C MET H 1377 48.47 20.43 -36.91
N GLU H 1378 47.28 19.90 -36.73
CA GLU H 1378 46.44 19.44 -37.82
C GLU H 1378 45.74 20.61 -38.50
N ALA H 1379 45.62 20.54 -39.82
CA ALA H 1379 45.00 21.60 -40.59
C ALA H 1379 44.08 20.95 -41.64
N GLN H 1380 43.57 21.78 -42.54
CA GLN H 1380 42.71 21.31 -43.61
C GLN H 1380 42.79 22.24 -44.81
N GLY H 1381 42.50 21.73 -46.00
CA GLY H 1381 42.40 22.54 -47.18
C GLY H 1381 42.90 21.80 -48.41
N ALA H 1382 43.11 22.56 -49.47
CA ALA H 1382 43.52 22.02 -50.75
C ALA H 1382 44.56 22.92 -51.39
N GLY H 1383 45.44 22.33 -52.18
CA GLY H 1383 46.32 23.07 -53.05
C GLY H 1383 46.39 22.45 -54.44
N ILE H 1384 46.33 23.28 -55.47
CA ILE H 1384 46.28 22.82 -56.85
C ILE H 1384 47.32 23.57 -57.67
N GLN H 1385 47.95 22.88 -58.61
CA GLN H 1385 48.77 23.52 -59.63
C GLN H 1385 48.38 22.99 -60.99
N ILE H 1386 48.53 23.85 -62.00
CA ILE H 1386 48.42 23.47 -63.41
C ILE H 1386 49.83 23.33 -63.96
N ILE H 1387 50.16 22.17 -64.51
CA ILE H 1387 51.44 21.95 -65.17
C ILE H 1387 51.18 21.60 -66.63
N MET H 1388 52.17 21.87 -67.47
CA MET H 1388 52.02 21.58 -68.89
C MET H 1388 53.38 21.64 -69.56
N GLN H 1389 53.44 21.18 -70.80
CA GLN H 1389 54.66 21.26 -71.57
C GLN H 1389 55.01 22.69 -71.82
N ALA H 1390 56.29 23.01 -71.72
CA ALA H 1390 56.73 24.39 -71.91
C ALA H 1390 56.39 24.89 -73.31
N ASP H 1391 56.48 24.02 -74.30
CA ASP H 1391 56.15 24.40 -75.67
C ASP H 1391 54.70 24.84 -75.78
N LEU H 1392 53.79 24.07 -75.20
CA LEU H 1392 52.38 24.45 -75.21
C LEU H 1392 52.14 25.73 -74.42
N ALA H 1393 52.83 25.88 -73.30
CA ALA H 1393 52.67 27.10 -72.50
C ALA H 1393 53.09 28.34 -73.28
N LEU H 1394 54.15 28.23 -74.07
CA LEU H 1394 54.58 29.35 -74.86
C LEU H 1394 53.54 29.63 -75.90
N LYS H 1395 53.07 28.59 -76.57
CA LYS H 1395 52.10 28.76 -77.64
C LYS H 1395 50.81 29.41 -77.13
N MET H 1396 50.33 28.98 -75.96
CA MET H 1396 49.11 29.51 -75.39
C MET H 1396 49.27 30.91 -74.81
N GLY H 1397 50.49 31.32 -74.49
CA GLY H 1397 50.68 32.58 -73.81
C GLY H 1397 50.17 32.61 -72.39
N VAL H 1398 50.34 31.53 -71.64
CA VAL H 1398 49.97 31.51 -70.23
C VAL H 1398 51.20 31.88 -69.41
N PRO H 1399 51.04 32.44 -68.22
CA PRO H 1399 52.20 32.76 -67.40
C PRO H 1399 52.92 31.49 -66.95
N ILE H 1400 54.25 31.58 -66.87
CA ILE H 1400 55.07 30.46 -66.41
C ILE H 1400 55.71 30.87 -65.08
N TYR H 1401 55.33 30.18 -64.01
CA TYR H 1401 55.82 30.53 -62.68
C TYR H 1401 57.07 29.76 -62.26
N GLY H 1402 57.37 28.65 -62.92
CA GLY H 1402 58.57 27.90 -62.59
C GLY H 1402 58.65 26.63 -63.41
N ILE H 1403 59.84 26.07 -63.50
CA ILE H 1403 60.04 24.84 -64.23
C ILE H 1403 60.15 23.72 -63.24
N VAL H 1404 59.40 22.64 -63.46
CA VAL H 1404 59.52 21.47 -62.60
C VAL H 1404 60.70 20.68 -63.11
N ALA H 1405 61.87 20.88 -62.52
CA ALA H 1405 63.10 20.25 -62.99
C ALA H 1405 63.22 18.80 -62.57
N MET H 1406 62.64 18.46 -61.44
CA MET H 1406 62.70 17.08 -60.95
C MET H 1406 61.61 16.74 -59.99
N ALA H 1407 61.14 15.49 -60.01
CA ALA H 1407 60.19 15.02 -59.02
C ALA H 1407 60.42 13.53 -58.85
N ALA H 1408 60.47 13.08 -57.60
CA ALA H 1408 60.74 11.70 -57.32
C ALA H 1408 60.14 11.23 -56.02
N THR H 1409 59.86 9.95 -55.89
CA THR H 1409 59.37 9.35 -54.66
C THR H 1409 60.30 8.20 -54.28
N ALA H 1410 60.24 7.81 -53.00
CA ALA H 1410 61.08 6.75 -52.51
C ALA H 1410 60.61 6.14 -51.20
N THR H 1411 60.60 4.82 -51.10
CA THR H 1411 60.35 4.09 -49.86
C THR H 1411 61.67 3.88 -49.12
N ASP H 1412 61.58 3.36 -47.90
CA ASP H 1412 62.77 3.20 -47.08
C ASP H 1412 63.36 1.81 -47.01
N LYS H 1413 62.90 0.98 -46.08
CA LYS H 1413 63.52 -0.33 -45.88
C LYS H 1413 62.75 -1.19 -44.92
N ILE H 1414 63.26 -2.38 -44.63
CA ILE H 1414 62.61 -3.27 -43.68
C ILE H 1414 62.45 -2.56 -42.35
N GLY H 1415 61.26 -2.66 -41.75
CA GLY H 1415 60.99 -2.04 -40.48
C GLY H 1415 59.67 -2.52 -39.91
N ARG H 1416 59.28 -2.00 -38.75
CA ARG H 1416 58.00 -2.34 -38.17
C ARG H 1416 57.21 -1.11 -37.73
N SER H 1417 57.66 0.07 -38.08
CA SER H 1417 56.98 1.31 -37.70
C SER H 1417 56.47 2.00 -38.96
N VAL H 1418 55.15 1.94 -39.19
CA VAL H 1418 54.57 2.58 -40.37
C VAL H 1418 54.78 4.07 -40.37
N PRO H 1419 54.60 4.76 -39.24
CA PRO H 1419 54.72 6.23 -39.27
C PRO H 1419 56.16 6.77 -39.25
N ALA H 1420 57.17 5.96 -38.99
CA ALA H 1420 58.54 6.45 -38.87
C ALA H 1420 59.03 6.98 -40.21
N PRO H 1421 59.55 8.22 -40.26
CA PRO H 1421 60.13 8.70 -41.53
C PRO H 1421 61.52 8.14 -41.78
N GLY H 1422 61.90 7.95 -43.03
CA GLY H 1422 63.19 7.38 -43.37
C GLY H 1422 64.00 8.20 -44.35
N LYS H 1423 65.12 7.67 -44.80
CA LYS H 1423 66.02 8.42 -45.68
C LYS H 1423 66.14 7.88 -47.11
N GLY H 1424 65.14 7.15 -47.58
CA GLY H 1424 65.13 6.66 -48.94
C GLY H 1424 65.23 7.74 -50.01
N ILE H 1425 64.65 8.91 -49.76
CA ILE H 1425 64.68 10.01 -50.72
C ILE H 1425 66.11 10.47 -50.99
N LEU H 1426 67.03 10.10 -50.10
CA LEU H 1426 68.42 10.44 -50.32
C LEU H 1426 68.95 9.90 -51.64
N THR H 1427 68.34 8.86 -52.18
CA THR H 1427 68.74 8.27 -53.46
C THR H 1427 68.71 9.26 -54.62
N THR H 1428 67.96 10.33 -54.47
CA THR H 1428 67.93 11.36 -55.48
C THR H 1428 69.29 11.98 -55.73
N ALA H 1429 70.21 11.85 -54.76
CA ALA H 1429 71.55 12.39 -54.87
C ALA H 1429 72.59 11.34 -55.24
N ARG H 1430 72.17 10.13 -55.52
CA ARG H 1430 73.11 9.03 -55.81
C ARG H 1430 74.07 9.35 -56.94
N GLU H 1431 75.32 9.04 -56.73
CA GLU H 1431 76.36 9.42 -57.68
C GLU H 1431 77.59 8.58 -57.40
N HIS H 1432 78.18 8.03 -58.45
CA HIS H 1432 79.35 7.18 -58.32
C HIS H 1432 80.60 8.03 -58.43
N HIS H 1433 81.44 8.00 -57.40
CA HIS H 1433 82.63 8.83 -57.33
C HIS H 1433 83.93 8.03 -57.35
N SER H 1434 83.86 6.73 -57.55
CA SER H 1434 85.06 5.91 -57.49
C SER H 1434 86.09 6.44 -58.45
N SER H 1435 85.63 7.07 -59.52
CA SER H 1435 86.53 7.60 -60.52
C SER H 1435 86.09 9.01 -60.85
N VAL H 1436 86.76 10.01 -60.28
CA VAL H 1436 86.38 11.40 -60.53
C VAL H 1436 87.61 12.27 -60.74
N LYS H 1437 88.73 11.66 -61.11
CA LYS H 1437 89.97 12.40 -61.28
C LYS H 1437 89.84 13.43 -62.40
N TYR H 1438 89.25 13.03 -63.52
CA TYR H 1438 89.04 13.91 -64.66
C TYR H 1438 87.55 14.15 -64.86
N ALA H 1439 87.22 15.35 -65.33
CA ALA H 1439 85.83 15.75 -65.50
C ALA H 1439 85.19 15.08 -66.71
N SER H 1440 83.91 14.78 -66.58
CA SER H 1440 83.14 14.24 -67.68
C SER H 1440 82.72 15.37 -68.62
N PRO H 1441 83.03 15.28 -69.91
CA PRO H 1441 82.50 16.29 -70.86
C PRO H 1441 80.98 16.32 -70.89
N ASN H 1442 80.32 15.23 -70.52
CA ASN H 1442 78.87 15.20 -70.53
C ASN H 1442 78.28 16.30 -69.66
N LEU H 1443 78.97 16.69 -68.61
CA LEU H 1443 78.50 17.76 -67.74
C LEU H 1443 78.72 19.15 -68.31
N ASN H 1444 79.50 19.28 -69.37
CA ASN H 1444 79.80 20.57 -69.97
C ASN H 1444 78.81 20.86 -71.09
N MET H 1445 78.10 21.98 -70.98
CA MET H 1445 77.05 22.29 -71.94
C MET H 1445 77.61 22.68 -73.29
N LYS H 1446 78.79 23.30 -73.33
CA LYS H 1446 79.39 23.64 -74.61
C LYS H 1446 79.67 22.39 -75.43
N TYR H 1447 80.01 21.29 -74.76
CA TYR H 1447 80.30 20.06 -75.46
C TYR H 1447 79.02 19.40 -75.97
N ARG H 1448 77.96 19.44 -75.18
CA ARG H 1448 76.70 18.87 -75.60
C ARG H 1448 76.14 19.65 -76.80
N LYS H 1449 76.28 20.98 -76.80
CA LYS H 1449 75.77 21.77 -77.92
C LYS H 1449 76.52 21.49 -79.21
N ARG H 1450 77.80 21.13 -79.13
CA ARG H 1450 78.53 20.78 -80.34
C ARG H 1450 77.97 19.52 -80.98
N GLN H 1451 77.66 18.50 -80.16
CA GLN H 1451 77.10 17.26 -80.69
C GLN H 1451 75.74 17.51 -81.33
N LEU H 1452 74.92 18.35 -80.70
CA LEU H 1452 73.59 18.62 -81.25
C LEU H 1452 73.69 19.27 -82.62
N VAL H 1453 74.61 20.22 -82.79
CA VAL H 1453 74.75 20.88 -84.07
C VAL H 1453 75.26 19.92 -85.14
N THR H 1454 76.18 19.03 -84.77
CA THR H 1454 76.62 17.99 -85.69
C THR H 1454 75.45 17.11 -86.11
N ARG H 1455 74.70 16.59 -85.12
CA ARG H 1455 73.57 15.72 -85.43
C ARG H 1455 72.51 16.45 -86.25
N GLU H 1456 72.33 17.76 -86.02
CA GLU H 1456 71.33 18.51 -86.76
C GLU H 1456 71.68 18.60 -88.24
N ALA H 1457 72.97 18.71 -88.57
CA ALA H 1457 73.38 18.71 -89.97
C ALA H 1457 73.05 17.37 -90.62
N GLN H 1458 73.30 16.27 -89.93
CA GLN H 1458 73.02 14.96 -90.49
C GLN H 1458 71.54 14.79 -90.81
N ILE H 1459 70.66 15.40 -90.02
CA ILE H 1459 69.22 15.21 -90.23
C ILE H 1459 68.78 15.88 -91.52
N LYS H 1460 69.20 17.13 -91.74
CA LYS H 1460 68.80 17.82 -92.95
C LYS H 1460 69.37 17.14 -94.18
N ASP H 1461 70.50 16.44 -94.04
CA ASP H 1461 70.96 15.55 -95.11
C ASP H 1461 69.94 14.44 -95.34
N TRP H 1462 69.47 13.83 -94.25
CA TRP H 1462 68.48 12.76 -94.37
C TRP H 1462 67.19 13.29 -95.00
N VAL H 1463 66.82 14.53 -94.70
CA VAL H 1463 65.60 15.10 -95.24
C VAL H 1463 65.69 15.21 -96.77
N GLU H 1464 66.84 15.65 -97.27
CA GLU H 1464 66.94 15.89 -98.71
C GLU H 1464 66.90 14.58 -99.50
N ASN H 1465 67.40 13.48 -98.93
CA ASN H 1465 67.30 12.21 -99.61
C ASN H 1465 65.87 11.73 -99.70
N GLU H 1466 65.14 11.76 -98.58
CA GLU H 1466 63.77 11.26 -98.59
C GLU H 1466 62.86 12.15 -99.44
N LEU H 1467 63.15 13.45 -99.53
CA LEU H 1467 62.36 14.33 -100.38
C LEU H 1467 62.52 13.96 -101.85
N GLU H 1468 63.76 13.80 -102.29
CA GLU H 1468 64.01 13.49 -103.71
C GLU H 1468 63.49 12.10 -104.07
N ALA H 1469 63.59 11.14 -103.15
CA ALA H 1469 63.03 9.82 -103.41
C ALA H 1469 61.52 9.90 -103.61
N LEU H 1470 60.85 10.73 -102.81
CA LEU H 1470 59.41 10.92 -103.00
C LEU H 1470 59.12 11.53 -104.36
N LYS H 1471 59.94 12.52 -104.78
CA LYS H 1471 59.73 13.16 -106.07
C LYS H 1471 59.68 12.13 -107.20
N LEU H 1472 60.49 11.07 -107.09
CA LEU H 1472 60.49 10.01 -108.08
C LEU H 1472 59.30 9.07 -107.90
N GLU H 1473 58.90 8.82 -106.65
CA GLU H 1473 57.69 8.04 -106.40
C GLU H 1473 56.45 8.70 -107.01
N ALA H 1474 56.52 10.00 -107.28
CA ALA H 1474 55.43 10.72 -107.89
C ALA H 1474 55.45 10.53 -109.41
N GLN H 1482 48.92 13.96 -108.73
CA GLN H 1482 50.17 14.00 -107.96
C GLN H 1482 50.04 14.86 -106.72
N ASN H 1483 49.10 15.81 -106.75
CA ASN H 1483 48.95 16.75 -105.64
C ASN H 1483 48.62 16.03 -104.34
N GLU H 1484 47.61 15.16 -104.37
CA GLU H 1484 47.23 14.44 -103.16
C GLU H 1484 48.37 13.54 -102.68
N PHE H 1485 49.02 12.84 -103.60
CA PHE H 1485 50.12 11.95 -103.22
C PHE H 1485 51.25 12.73 -102.56
N LEU H 1486 51.59 13.89 -103.11
CA LEU H 1486 52.74 14.64 -102.60
C LEU H 1486 52.45 15.24 -101.22
N LEU H 1487 51.28 15.85 -101.06
CA LEU H 1487 50.95 16.48 -99.78
C LEU H 1487 50.92 15.46 -98.65
N GLU H 1488 50.37 14.28 -98.89
CA GLU H 1488 50.28 13.29 -97.82
C GLU H 1488 51.66 12.74 -97.46
N ARG H 1489 52.49 12.45 -98.46
CA ARG H 1489 53.82 11.92 -98.18
C ARG H 1489 54.73 13.00 -97.63
N THR H 1490 54.61 14.24 -98.14
CA THR H 1490 55.49 15.31 -97.67
C THR H 1490 55.26 15.60 -96.19
N ARG H 1491 54.00 15.63 -95.76
CA ARG H 1491 53.72 15.86 -94.34
C ARG H 1491 54.44 14.84 -93.46
N GLU H 1492 54.54 13.59 -93.93
CA GLU H 1492 55.13 12.53 -93.11
C GLU H 1492 56.64 12.68 -93.01
N ILE H 1493 57.32 12.96 -94.13
CA ILE H 1493 58.77 13.08 -94.11
C ILE H 1493 59.20 14.21 -93.20
N HIS H 1494 58.54 15.37 -93.29
CA HIS H 1494 58.89 16.47 -92.40
C HIS H 1494 58.54 16.14 -90.96
N ASN H 1495 57.47 15.38 -90.75
CA ASN H 1495 57.17 14.93 -89.39
C ASN H 1495 58.25 13.98 -88.88
N GLU H 1496 58.78 13.14 -89.75
CA GLU H 1496 59.90 12.28 -89.35
C GLU H 1496 61.12 13.12 -89.01
N ALA H 1497 61.39 14.17 -89.79
CA ALA H 1497 62.55 15.01 -89.55
C ALA H 1497 62.44 15.74 -88.21
N GLU H 1498 61.24 16.24 -87.88
CA GLU H 1498 61.08 16.88 -86.57
C GLU H 1498 61.34 15.90 -85.45
N SER H 1499 60.91 14.63 -85.63
CA SER H 1499 61.13 13.63 -84.60
C SER H 1499 62.61 13.38 -84.37
N GLN H 1500 63.40 13.35 -85.43
CA GLN H 1500 64.83 13.14 -85.28
C GLN H 1500 65.49 14.32 -84.58
N LEU H 1501 65.09 15.54 -84.92
CA LEU H 1501 65.63 16.71 -84.22
C LEU H 1501 65.28 16.67 -82.74
N ARG H 1502 64.02 16.39 -82.42
CA ARG H 1502 63.62 16.38 -81.02
C ARG H 1502 64.30 15.25 -80.27
N ALA H 1503 64.53 14.11 -80.90
CA ALA H 1503 65.27 13.04 -80.26
C ALA H 1503 66.72 13.46 -79.99
N ALA H 1504 67.31 14.19 -80.92
CA ALA H 1504 68.65 14.72 -80.70
C ALA H 1504 68.68 15.69 -79.53
N GLN H 1505 67.69 16.57 -79.45
CA GLN H 1505 67.62 17.53 -78.34
C GLN H 1505 67.40 16.82 -77.02
N GLN H 1506 66.59 15.77 -77.02
CA GLN H 1506 66.41 14.99 -75.80
C GLN H 1506 67.69 14.30 -75.39
N GLN H 1507 68.50 13.88 -76.37
CA GLN H 1507 69.76 13.21 -76.06
C GLN H 1507 70.75 14.16 -75.39
N TRP H 1508 70.95 15.34 -75.97
CA TRP H 1508 72.02 16.23 -75.52
C TRP H 1508 71.54 17.36 -74.63
N GLY H 1509 70.27 17.67 -74.60
CA GLY H 1509 69.80 18.77 -73.79
C GLY H 1509 68.99 18.39 -72.58
N ASN H 1510 68.09 17.44 -72.71
CA ASN H 1510 67.17 17.12 -71.62
C ASN H 1510 67.62 15.92 -70.78
N ASP H 1511 68.17 14.89 -71.41
CA ASP H 1511 68.40 13.61 -70.77
C ASP H 1511 69.85 13.17 -70.86
N PHE H 1512 70.77 14.10 -71.07
CA PHE H 1512 72.17 13.72 -71.28
C PHE H 1512 72.77 12.94 -70.14
N TYR H 1513 72.18 12.97 -68.96
CA TYR H 1513 72.76 12.37 -67.77
C TYR H 1513 72.04 11.12 -67.29
N LYS H 1514 70.90 10.77 -67.88
CA LYS H 1514 70.11 9.65 -67.36
C LYS H 1514 70.89 8.34 -67.41
N ARG H 1515 71.80 8.18 -68.36
CA ARG H 1515 72.61 6.97 -68.47
C ARG H 1515 73.95 7.08 -67.75
N ASP H 1516 74.23 8.21 -67.12
CA ASP H 1516 75.56 8.46 -66.59
C ASP H 1516 75.56 8.26 -65.08
N PRO H 1517 76.13 7.16 -64.56
CA PRO H 1517 76.10 6.95 -63.10
C PRO H 1517 76.88 7.99 -62.31
N ARG H 1518 77.75 8.76 -62.96
CA ARG H 1518 78.53 9.79 -62.30
C ARG H 1518 77.78 11.12 -62.19
N ILE H 1519 76.51 11.16 -62.56
CA ILE H 1519 75.69 12.36 -62.44
C ILE H 1519 74.43 11.98 -61.68
N ALA H 1520 74.26 12.53 -60.48
CA ALA H 1520 73.06 12.29 -59.72
C ALA H 1520 71.86 12.92 -60.41
N PRO H 1521 70.66 12.36 -60.24
CA PRO H 1521 69.47 12.99 -60.81
C PRO H 1521 69.28 14.45 -60.41
N LEU H 1522 69.53 14.80 -59.15
CA LEU H 1522 69.42 16.18 -58.69
C LEU H 1522 70.39 17.09 -59.46
N ARG H 1523 71.66 16.68 -59.53
CA ARG H 1523 72.65 17.47 -60.24
C ARG H 1523 72.30 17.62 -61.70
N GLY H 1524 71.85 16.53 -62.35
CA GLY H 1524 71.49 16.62 -63.75
C GLY H 1524 70.30 17.52 -63.99
N ALA H 1525 69.30 17.44 -63.11
CA ALA H 1525 68.15 18.31 -63.22
C ALA H 1525 68.58 19.78 -63.23
N LEU H 1526 69.52 20.14 -62.35
CA LEU H 1526 69.99 21.52 -62.34
C LEU H 1526 70.86 21.83 -63.55
N ALA H 1527 71.79 20.93 -63.89
CA ALA H 1527 72.73 21.17 -64.97
C ALA H 1527 72.06 21.28 -66.33
N THR H 1528 70.84 20.79 -66.45
CA THR H 1528 70.12 20.94 -67.70
C THR H 1528 70.04 22.41 -68.08
N TYR H 1529 69.89 23.29 -67.10
CA TYR H 1529 69.77 24.71 -67.35
C TYR H 1529 71.03 25.49 -67.01
N GLY H 1530 72.14 24.80 -66.83
CA GLY H 1530 73.39 25.47 -66.53
C GLY H 1530 73.60 25.82 -65.07
N LEU H 1531 72.70 25.41 -64.18
CA LEU H 1531 72.89 25.64 -62.76
C LEU H 1531 73.73 24.54 -62.14
N THR H 1532 74.26 24.83 -60.95
CA THR H 1532 75.08 23.88 -60.20
C THR H 1532 74.44 23.65 -58.84
N ILE H 1533 74.99 22.68 -58.11
CA ILE H 1533 74.46 22.33 -56.80
C ILE H 1533 74.43 23.55 -55.87
N ASP H 1534 75.36 24.48 -56.04
CA ASP H 1534 75.38 25.68 -55.21
C ASP H 1534 74.26 26.68 -55.56
N ASP H 1535 73.58 26.50 -56.67
CA ASP H 1535 72.48 27.39 -57.06
C ASP H 1535 71.13 27.07 -56.39
N LEU H 1536 71.02 25.92 -55.74
CA LEU H 1536 69.78 25.56 -55.05
C LEU H 1536 69.71 26.32 -53.73
N GLY H 1537 68.98 27.43 -53.73
CA GLY H 1537 69.07 28.37 -52.64
C GLY H 1537 68.19 28.08 -51.44
N VAL H 1538 67.04 27.47 -51.66
CA VAL H 1538 66.04 27.29 -50.62
C VAL H 1538 65.59 25.84 -50.61
N ALA H 1539 65.45 25.29 -49.42
CA ALA H 1539 64.85 23.99 -49.19
C ALA H 1539 63.59 24.21 -48.36
N SER H 1540 62.44 23.94 -48.95
CA SER H 1540 61.18 24.01 -48.20
C SER H 1540 60.98 22.69 -47.49
N PHE H 1541 61.11 22.70 -46.18
CA PHE H 1541 61.04 21.47 -45.42
C PHE H 1541 59.65 21.01 -45.09
N HIS H 1542 59.41 19.73 -45.19
CA HIS H 1542 58.15 19.20 -44.71
C HIS H 1542 57.85 19.76 -43.32
N GLY H 1543 58.93 20.04 -42.56
CA GLY H 1543 58.82 20.74 -41.28
C GLY H 1543 57.52 20.58 -40.59
N THR H 1544 57.36 19.51 -39.85
CA THR H 1544 56.07 19.22 -39.25
C THR H 1544 56.00 19.54 -37.75
N SER H 1545 57.13 19.88 -37.14
CA SER H 1545 57.18 20.15 -35.71
C SER H 1545 57.10 18.89 -34.86
N THR H 1546 57.54 17.78 -35.41
CA THR H 1546 57.63 16.57 -34.64
C THR H 1546 59.12 16.37 -34.47
N LYS H 1547 59.54 15.71 -33.42
CA LYS H 1547 60.94 15.50 -33.15
C LYS H 1547 61.62 14.68 -34.25
N ALA H 1548 61.09 13.50 -34.55
CA ALA H 1548 61.72 12.62 -35.55
C ALA H 1548 61.77 13.21 -36.96
N ASN H 1549 60.69 13.82 -37.40
CA ASN H 1549 60.65 14.34 -38.76
C ASN H 1549 61.66 15.43 -38.95
N ASP H 1550 61.66 16.44 -38.09
CA ASP H 1550 62.54 17.57 -38.33
C ASP H 1550 64.00 17.13 -38.30
N LYS H 1551 64.36 16.24 -37.38
CA LYS H 1551 65.73 15.76 -37.38
C LYS H 1551 66.04 14.93 -38.64
N ASN H 1552 65.17 13.97 -38.95
CA ASN H 1552 65.35 13.12 -40.12
C ASN H 1552 65.54 13.93 -41.38
N GLU H 1553 64.66 14.89 -41.59
CA GLU H 1553 64.71 15.68 -42.81
C GLU H 1553 65.94 16.56 -42.89
N SER H 1554 66.33 17.20 -41.79
CA SER H 1554 67.56 17.98 -41.82
C SER H 1554 68.75 17.09 -42.18
N ALA H 1555 68.86 15.94 -41.55
CA ALA H 1555 69.95 15.02 -41.83
C ALA H 1555 69.96 14.59 -43.30
N THR H 1556 68.78 14.31 -43.84
CA THR H 1556 68.69 13.90 -45.24
C THR H 1556 69.18 15.00 -46.18
N ILE H 1557 68.65 16.20 -46.03
CA ILE H 1557 69.08 17.31 -46.90
C ILE H 1557 70.58 17.57 -46.73
N ASN H 1558 71.08 17.46 -45.51
CA ASN H 1558 72.50 17.69 -45.26
C ASN H 1558 73.37 16.67 -45.99
N GLU H 1559 73.01 15.40 -45.95
CA GLU H 1559 73.76 14.37 -46.65
C GLU H 1559 73.66 14.56 -48.15
N MET H 1560 72.49 14.89 -48.66
CA MET H 1560 72.37 15.20 -50.07
C MET H 1560 73.40 16.24 -50.47
N MET H 1561 73.48 17.34 -49.71
CA MET H 1561 74.43 18.40 -50.05
C MET H 1561 75.87 17.94 -49.89
N LYS H 1562 76.16 17.19 -48.83
CA LYS H 1562 77.52 16.71 -48.62
C LYS H 1562 77.99 15.87 -49.80
N HIS H 1563 77.19 14.87 -50.17
CA HIS H 1563 77.60 13.96 -51.23
C HIS H 1563 77.81 14.67 -52.55
N LEU H 1564 77.01 15.69 -52.83
CA LEU H 1564 77.06 16.37 -54.12
C LEU H 1564 78.06 17.52 -54.15
N GLY H 1565 78.93 17.63 -53.14
CA GLY H 1565 79.98 18.63 -53.16
C GLY H 1565 79.49 20.06 -53.11
N ARG H 1566 78.46 20.33 -52.33
CA ARG H 1566 78.09 21.71 -52.06
C ARG H 1566 79.23 22.42 -51.35
N SER H 1567 79.44 23.69 -51.70
CA SER H 1567 80.55 24.45 -51.12
C SER H 1567 80.34 24.65 -49.63
N GLU H 1568 81.38 24.40 -48.84
CA GLU H 1568 81.31 24.74 -47.42
C GLU H 1568 81.17 26.25 -47.26
N GLY H 1569 80.41 26.64 -46.24
CA GLY H 1569 80.04 28.02 -46.07
C GLY H 1569 78.83 28.45 -46.87
N ASN H 1570 78.20 27.54 -47.61
CA ASN H 1570 77.07 27.84 -48.48
C ASN H 1570 75.92 26.92 -48.10
N PRO H 1571 75.28 27.16 -46.96
CA PRO H 1571 74.14 26.33 -46.56
C PRO H 1571 72.87 26.72 -47.31
N VAL H 1572 71.96 25.77 -47.39
CA VAL H 1572 70.65 26.02 -47.95
C VAL H 1572 69.77 26.63 -46.89
N ILE H 1573 68.90 27.55 -47.28
CA ILE H 1573 68.03 28.26 -46.36
C ILE H 1573 66.73 27.49 -46.21
N GLY H 1574 66.46 27.02 -45.00
CA GLY H 1574 65.27 26.24 -44.75
C GLY H 1574 64.03 27.12 -44.62
N VAL H 1575 62.92 26.62 -45.15
CA VAL H 1575 61.62 27.27 -45.02
C VAL H 1575 60.66 26.26 -44.42
N PHE H 1576 59.90 26.67 -43.44
CA PHE H 1576 59.00 25.78 -42.74
C PHE H 1576 57.62 26.42 -42.68
N GLN H 1577 56.92 26.43 -43.80
CA GLN H 1577 55.60 27.06 -43.89
C GLN H 1577 54.55 26.57 -42.88
N LYS H 1578 54.67 25.35 -42.40
CA LYS H 1578 53.67 24.79 -41.50
C LYS H 1578 53.63 25.52 -40.15
N PHE H 1579 54.68 26.27 -39.80
CA PHE H 1579 54.58 27.05 -38.57
C PHE H 1579 53.32 27.91 -38.58
N LEU H 1580 52.94 28.41 -39.74
CA LEU H 1580 51.77 29.27 -39.87
C LEU H 1580 50.48 28.54 -40.21
N THR H 1581 50.53 27.53 -41.08
CA THR H 1581 49.29 26.89 -41.53
C THR H 1581 48.94 25.58 -40.89
N GLY H 1582 49.85 24.99 -40.11
CA GLY H 1582 49.60 23.65 -39.63
C GLY H 1582 49.74 22.62 -40.74
N HIS H 1583 49.47 21.37 -40.38
CA HIS H 1583 49.76 20.25 -41.27
C HIS H 1583 48.47 19.74 -41.90
N PRO H 1584 48.19 20.03 -43.17
CA PRO H 1584 47.15 19.27 -43.86
C PRO H 1584 47.73 17.93 -44.27
N LYS H 1585 46.89 16.92 -44.33
CA LYS H 1585 47.40 15.55 -44.46
C LYS H 1585 47.42 15.09 -45.91
N GLY H 1586 48.03 15.84 -46.80
CA GLY H 1586 47.93 15.51 -48.20
C GLY H 1586 47.95 16.73 -49.10
N ALA H 1587 47.47 17.86 -48.60
CA ALA H 1587 47.68 19.15 -49.24
C ALA H 1587 49.01 19.79 -48.88
N ALA H 1588 49.80 19.17 -47.99
CA ALA H 1588 51.00 19.82 -47.46
C ALA H 1588 51.99 20.18 -48.56
N GLY H 1589 52.33 19.20 -49.39
CA GLY H 1589 53.28 19.44 -50.45
C GLY H 1589 52.77 20.45 -51.47
N ALA H 1590 51.47 20.50 -51.70
CA ALA H 1590 50.91 21.48 -52.64
C ALA H 1590 51.03 22.90 -52.09
N TRP H 1591 50.79 23.08 -50.80
CA TRP H 1591 50.96 24.39 -50.18
C TRP H 1591 52.44 24.77 -50.25
N MET H 1592 53.33 23.83 -50.01
CA MET H 1592 54.75 24.11 -50.13
C MET H 1592 55.14 24.46 -51.57
N MET H 1593 54.57 23.77 -52.55
CA MET H 1593 54.88 24.06 -53.95
C MET H 1593 54.46 25.47 -54.31
N ASN H 1594 53.28 25.88 -53.83
CA ASN H 1594 52.81 27.25 -54.03
C ASN H 1594 53.76 28.25 -53.37
N GLY H 1595 54.14 27.99 -52.13
CA GLY H 1595 55.10 28.85 -51.46
C GLY H 1595 56.41 28.95 -52.21
N ALA H 1596 56.87 27.83 -52.77
CA ALA H 1596 58.13 27.81 -53.49
C ALA H 1596 58.06 28.64 -54.76
N LEU H 1597 56.96 28.55 -55.49
CA LEU H 1597 56.81 29.39 -56.67
C LEU H 1597 56.75 30.88 -56.28
N GLN H 1598 56.06 31.21 -55.21
CA GLN H 1598 56.01 32.59 -54.76
C GLN H 1598 57.42 33.06 -54.37
N ILE H 1599 58.19 32.23 -53.69
CA ILE H 1599 59.57 32.56 -53.36
C ILE H 1599 60.38 32.83 -54.62
N LEU H 1600 60.28 31.94 -55.59
CA LEU H 1600 61.05 32.10 -56.81
C LEU H 1600 60.73 33.41 -57.50
N ASN H 1601 59.45 33.77 -57.63
CA ASN H 1601 59.11 34.95 -58.44
C ASN H 1601 59.22 36.28 -57.70
N SER H 1602 59.38 36.24 -56.39
CA SER H 1602 59.55 37.46 -55.61
C SER H 1602 60.95 37.61 -55.08
N GLY H 1603 61.67 36.51 -54.92
CA GLY H 1603 62.96 36.58 -54.30
C GLY H 1603 62.94 36.69 -52.79
N ILE H 1604 61.75 36.66 -52.17
CA ILE H 1604 61.59 36.84 -50.74
C ILE H 1604 61.51 35.48 -50.08
N ILE H 1605 62.29 35.27 -49.03
CA ILE H 1605 62.37 34.00 -48.33
C ILE H 1605 61.74 34.18 -46.94
N PRO H 1606 60.53 33.65 -46.71
CA PRO H 1606 59.87 33.88 -45.41
C PRO H 1606 60.60 33.21 -44.25
N GLY H 1607 60.57 33.86 -43.11
CA GLY H 1607 61.15 33.32 -41.90
C GLY H 1607 60.17 32.54 -41.05
N ASN H 1608 60.68 31.52 -40.38
CA ASN H 1608 59.91 30.74 -39.41
C ASN H 1608 59.77 31.57 -38.14
N ARG H 1609 58.66 32.31 -38.02
CA ARG H 1609 58.50 33.20 -36.87
C ARG H 1609 58.27 32.49 -35.56
N ASN H 1610 57.98 31.19 -35.60
CA ASN H 1610 57.85 30.40 -34.37
C ASN H 1610 59.15 29.68 -34.02
N ALA H 1611 60.22 29.91 -34.77
CA ALA H 1611 61.52 29.32 -34.45
C ALA H 1611 62.17 30.13 -33.34
N ASP H 1612 61.67 29.98 -32.12
CA ASP H 1612 62.22 30.74 -31.00
C ASP H 1612 63.63 30.26 -30.63
N ASN H 1613 63.82 28.96 -30.53
CA ASN H 1613 65.14 28.42 -30.21
C ASN H 1613 65.40 27.21 -31.07
N VAL H 1614 66.31 27.34 -32.02
CA VAL H 1614 66.64 26.21 -32.91
C VAL H 1614 67.28 25.10 -32.08
N ASP H 1615 66.76 23.89 -32.24
CA ASP H 1615 67.26 22.73 -31.51
C ASP H 1615 68.76 22.57 -31.70
N LYS H 1616 69.46 22.28 -30.60
CA LYS H 1616 70.92 22.18 -30.62
C LYS H 1616 71.41 20.99 -31.45
N ILE H 1617 70.63 19.91 -31.51
CA ILE H 1617 71.02 18.73 -32.27
C ILE H 1617 71.14 19.04 -33.77
N LEU H 1618 70.48 20.08 -34.25
CA LEU H 1618 70.55 20.45 -35.66
C LEU H 1618 71.79 21.25 -36.01
N GLU H 1619 72.56 21.69 -35.03
CA GLU H 1619 73.78 22.42 -35.32
C GLU H 1619 74.78 21.56 -36.09
N GLN H 1620 74.71 20.23 -35.94
CA GLN H 1620 75.61 19.33 -36.64
C GLN H 1620 75.43 19.36 -38.15
N PHE H 1621 74.28 19.82 -38.63
CA PHE H 1621 74.01 19.87 -40.06
C PHE H 1621 74.45 21.21 -40.62
N GLU H 1622 75.70 21.30 -41.00
CA GLU H 1622 76.26 22.57 -41.47
C GLU H 1622 75.73 23.14 -42.78
N TYR H 1623 75.03 22.34 -43.58
CA TYR H 1623 74.55 22.82 -44.85
C TYR H 1623 73.12 23.35 -44.79
N VAL H 1624 72.54 23.45 -43.61
CA VAL H 1624 71.18 23.93 -43.42
C VAL H 1624 71.20 25.15 -42.51
N LEU H 1625 70.47 26.18 -42.89
CA LEU H 1625 70.29 27.38 -42.09
C LEU H 1625 68.81 27.54 -41.76
N TYR H 1626 68.52 27.94 -40.52
CA TYR H 1626 67.15 28.05 -40.01
C TYR H 1626 66.84 29.50 -39.67
N PRO H 1627 66.34 30.30 -40.61
CA PRO H 1627 66.03 31.69 -40.30
C PRO H 1627 64.74 31.84 -39.53
N SER H 1628 64.62 32.92 -38.78
CA SER H 1628 63.40 33.19 -38.03
C SER H 1628 62.67 34.41 -38.60
N LYS H 1629 63.26 35.09 -39.57
CA LYS H 1629 62.61 36.26 -40.14
C LYS H 1629 62.84 36.31 -41.64
N THR H 1630 61.95 37.04 -42.31
CA THR H 1630 61.95 37.09 -43.76
C THR H 1630 63.21 37.76 -44.29
N LEU H 1631 63.71 37.25 -45.41
CA LEU H 1631 64.88 37.79 -46.07
C LEU H 1631 64.51 38.21 -47.49
N LYS H 1632 64.85 39.43 -47.85
CA LYS H 1632 64.69 39.93 -49.21
C LYS H 1632 66.03 39.74 -49.92
N THR H 1633 66.09 38.76 -50.79
CA THR H 1633 67.31 38.49 -51.54
C THR H 1633 67.26 39.18 -52.90
N ASP H 1634 68.37 39.12 -53.61
CA ASP H 1634 68.42 39.58 -54.99
C ASP H 1634 68.16 38.46 -55.99
N GLY H 1635 67.52 37.38 -55.56
CA GLY H 1635 67.17 36.31 -56.47
C GLY H 1635 67.34 34.89 -56.02
N VAL H 1636 66.27 34.11 -56.04
CA VAL H 1636 66.35 32.69 -55.72
C VAL H 1636 66.27 31.96 -57.04
N ARG H 1637 67.23 31.09 -57.32
CA ARG H 1637 67.28 30.40 -58.61
C ARG H 1637 66.65 29.00 -58.62
N ALA H 1638 66.57 28.32 -57.48
CA ALA H 1638 65.95 27.01 -57.41
C ALA H 1638 65.52 26.74 -55.98
N VAL H 1639 64.42 26.01 -55.84
CA VAL H 1639 63.89 25.62 -54.54
C VAL H 1639 63.69 24.10 -54.51
N SER H 1640 64.04 23.49 -53.38
CA SER H 1640 63.76 22.09 -53.12
C SER H 1640 62.51 21.97 -52.26
N ILE H 1641 61.71 20.94 -52.55
CA ILE H 1641 60.51 20.64 -51.77
C ILE H 1641 60.59 19.17 -51.39
N THR H 1642 60.51 18.88 -50.10
CA THR H 1642 60.55 17.50 -49.63
C THR H 1642 59.35 17.23 -48.75
N SER H 1643 58.87 16.00 -48.76
CA SER H 1643 57.78 15.60 -47.88
C SER H 1643 57.95 14.14 -47.51
N PHE H 1644 57.46 13.81 -46.32
CA PHE H 1644 57.59 12.46 -45.81
C PHE H 1644 56.24 12.06 -45.27
N GLY H 1645 55.66 11.02 -45.82
CA GLY H 1645 54.34 10.60 -45.41
C GLY H 1645 54.32 9.28 -44.71
N PHE H 1646 53.34 9.08 -43.84
CA PHE H 1646 53.19 7.79 -43.20
C PHE H 1646 53.26 6.69 -44.26
N GLY H 1647 53.78 5.53 -43.89
CA GLY H 1647 53.92 4.44 -44.84
C GLY H 1647 55.11 4.58 -45.75
N GLN H 1648 56.22 5.10 -45.23
CA GLN H 1648 57.44 5.29 -46.01
C GLN H 1648 57.28 6.06 -47.32
N LYS H 1649 56.41 7.06 -47.33
CA LYS H 1649 56.21 7.86 -48.54
C LYS H 1649 57.16 9.06 -48.48
N GLY H 1650 58.29 8.95 -49.15
CA GLY H 1650 59.22 10.05 -49.25
C GLY H 1650 59.14 10.63 -50.64
N GLY H 1651 59.30 11.92 -50.78
CA GLY H 1651 59.24 12.59 -52.07
C GLY H 1651 60.08 13.85 -52.09
N GLN H 1652 60.54 14.20 -53.28
CA GLN H 1652 61.27 15.44 -53.49
C GLN H 1652 60.93 16.02 -54.86
N ALA H 1653 60.84 17.34 -54.92
CA ALA H 1653 60.69 18.06 -56.18
C ALA H 1653 61.65 19.24 -56.18
N ILE H 1654 62.11 19.61 -57.37
CA ILE H 1654 62.98 20.76 -57.56
C ILE H 1654 62.31 21.69 -58.57
N VAL H 1655 62.12 22.94 -58.19
CA VAL H 1655 61.52 23.94 -59.05
C VAL H 1655 62.57 25.00 -59.34
N VAL H 1656 62.73 25.33 -60.61
CA VAL H 1656 63.76 26.25 -61.06
C VAL H 1656 63.10 27.54 -61.54
N HIS H 1657 63.81 28.64 -61.40
CA HIS H 1657 63.28 29.95 -61.80
C HIS H 1657 62.86 29.97 -63.26
N PRO H 1658 61.66 30.49 -63.53
CA PRO H 1658 61.14 30.46 -64.91
C PRO H 1658 61.98 31.18 -65.96
N ASP H 1659 62.83 32.11 -65.56
CA ASP H 1659 63.61 32.87 -66.52
C ASP H 1659 64.65 32.01 -67.23
N TYR H 1660 65.04 30.89 -66.65
CA TYR H 1660 65.97 29.98 -67.33
C TYR H 1660 65.34 29.32 -68.55
N LEU H 1661 64.02 29.22 -68.59
CA LEU H 1661 63.35 28.68 -69.76
C LEU H 1661 63.62 29.55 -70.99
N TYR H 1662 63.47 30.86 -70.83
CA TYR H 1662 63.57 31.78 -71.98
C TYR H 1662 64.91 31.78 -72.70
N GLY H 1663 65.97 31.41 -72.02
CA GLY H 1663 67.24 31.28 -72.71
C GLY H 1663 67.24 30.23 -73.80
N ALA H 1664 66.23 29.36 -73.83
CA ALA H 1664 66.15 28.27 -74.78
C ALA H 1664 65.50 28.64 -76.10
N ILE H 1665 64.93 29.84 -76.21
CA ILE H 1665 64.14 30.21 -77.38
C ILE H 1665 64.74 31.46 -78.02
N THR H 1666 64.30 31.73 -79.25
CA THR H 1666 64.77 32.91 -79.98
C THR H 1666 64.06 34.16 -79.47
N GLU H 1667 64.59 35.32 -79.90
CA GLU H 1667 64.02 36.59 -79.49
C GLU H 1667 62.60 36.79 -80.03
N ASP H 1668 62.36 36.43 -81.28
CA ASP H 1668 61.03 36.62 -81.86
C ASP H 1668 59.99 35.79 -81.14
N ARG H 1669 60.33 34.54 -80.82
CA ARG H 1669 59.41 33.68 -80.10
C ARG H 1669 59.15 34.23 -78.71
N TYR H 1670 60.19 34.73 -78.06
CA TYR H 1670 60.02 35.30 -76.74
C TYR H 1670 59.12 36.52 -76.77
N ASN H 1671 59.32 37.40 -77.74
CA ASN H 1671 58.53 38.62 -77.83
C ASN H 1671 57.06 38.33 -78.12
N GLU H 1672 56.80 37.36 -78.97
CA GLU H 1672 55.42 37.00 -79.26
C GLU H 1672 54.77 36.39 -78.02
N TYR H 1673 55.53 35.63 -77.24
CA TYR H 1673 55.02 35.07 -76.02
C TYR H 1673 54.68 36.20 -75.08
N VAL H 1674 55.55 37.18 -74.95
CA VAL H 1674 55.33 38.27 -74.00
C VAL H 1674 54.04 39.01 -74.35
N ALA H 1675 53.84 39.31 -75.62
CA ALA H 1675 52.62 40.00 -76.04
C ALA H 1675 51.38 39.18 -75.70
N LYS H 1676 51.41 37.90 -76.00
CA LYS H 1676 50.27 37.05 -75.73
C LYS H 1676 49.97 36.99 -74.24
N VAL H 1677 51.02 36.88 -73.42
CA VAL H 1677 50.81 36.79 -71.98
C VAL H 1677 50.20 38.06 -71.44
N SER H 1678 50.67 39.20 -71.90
CA SER H 1678 50.14 40.49 -71.44
C SER H 1678 48.66 40.62 -71.73
N ALA H 1679 48.26 40.26 -72.94
CA ALA H 1679 46.84 40.30 -73.29
C ALA H 1679 46.04 39.35 -72.40
N ARG H 1680 46.55 38.13 -72.21
CA ARG H 1680 45.84 37.16 -71.38
C ARG H 1680 45.71 37.66 -69.95
N GLU H 1681 46.73 38.31 -69.43
CA GLU H 1681 46.69 38.80 -68.06
C GLU H 1681 45.63 39.88 -67.88
N LYS H 1682 45.48 40.76 -68.86
CA LYS H 1682 44.44 41.79 -68.78
C LYS H 1682 43.06 41.18 -68.80
N SER H 1683 42.84 40.19 -69.66
CA SER H 1683 41.56 39.49 -69.64
C SER H 1683 41.32 38.80 -68.30
N ALA H 1684 42.37 38.22 -67.72
CA ALA H 1684 42.21 37.50 -66.46
C ALA H 1684 41.83 38.44 -65.34
N TYR H 1685 42.39 39.64 -65.33
CA TYR H 1685 42.04 40.64 -64.32
C TYR H 1685 40.59 41.03 -64.45
N LYS H 1686 40.16 41.31 -65.66
CA LYS H 1686 38.75 41.64 -65.89
C LYS H 1686 37.84 40.55 -65.35
N PHE H 1687 38.12 39.29 -65.69
CA PHE H 1687 37.31 38.18 -65.24
C PHE H 1687 37.36 38.02 -63.75
N PHE H 1688 38.53 38.17 -63.17
CA PHE H 1688 38.66 37.94 -61.74
C PHE H 1688 37.80 38.92 -60.96
N HIS H 1689 37.85 40.20 -61.33
CA HIS H 1689 37.13 41.18 -60.52
C HIS H 1689 35.62 41.08 -60.73
N ASN H 1690 35.18 40.86 -61.98
CA ASN H 1690 33.77 40.59 -62.19
C ASN H 1690 33.31 39.40 -61.35
N GLY H 1691 34.02 38.29 -61.43
CA GLY H 1691 33.63 37.10 -60.68
C GLY H 1691 33.65 37.31 -59.19
N MET H 1692 34.59 38.11 -58.70
CA MET H 1692 34.67 38.36 -57.27
C MET H 1692 33.46 39.13 -56.78
N ILE H 1693 33.14 40.25 -57.44
CA ILE H 1693 32.08 41.10 -56.88
C ILE H 1693 30.70 40.49 -57.11
N TYR H 1694 30.54 39.68 -58.15
CA TYR H 1694 29.23 39.08 -58.40
C TYR H 1694 29.13 37.63 -57.93
N ASN H 1695 30.10 37.16 -57.17
CA ASN H 1695 30.08 35.79 -56.65
C ASN H 1695 29.89 34.77 -57.75
N LYS H 1696 30.63 34.91 -58.84
CA LYS H 1696 30.55 33.96 -59.94
C LYS H 1696 31.93 33.67 -60.53
N LEU H 1697 32.94 33.57 -59.67
CA LEU H 1697 34.23 33.07 -60.13
C LEU H 1697 34.10 31.63 -60.62
N PHE H 1698 33.40 30.80 -59.86
CA PHE H 1698 33.08 29.43 -60.28
C PHE H 1698 31.79 29.47 -61.10
N VAL H 1699 31.87 28.98 -62.33
CA VAL H 1699 30.69 28.88 -63.18
C VAL H 1699 30.63 27.46 -63.67
N SER H 1700 29.62 26.72 -63.26
CA SER H 1700 29.51 25.31 -63.61
C SER H 1700 29.12 25.16 -65.08
N LYS H 1701 29.77 24.21 -65.75
CA LYS H 1701 29.45 23.93 -67.13
C LYS H 1701 28.20 23.08 -67.20
N GLU H 1702 27.27 23.43 -68.08
CA GLU H 1702 26.04 22.67 -68.23
C GLU H 1702 26.13 21.61 -69.31
N HIS H 1703 26.84 21.87 -70.40
CA HIS H 1703 27.02 20.90 -71.47
C HIS H 1703 28.50 20.75 -71.80
N ALA H 1704 28.85 19.56 -72.29
CA ALA H 1704 30.17 19.33 -72.83
C ALA H 1704 30.40 20.20 -74.06
N PRO H 1705 31.65 20.30 -74.53
CA PRO H 1705 31.92 21.06 -75.75
C PRO H 1705 31.35 20.40 -77.01
N TYR H 1706 30.93 19.15 -76.93
CA TYR H 1706 30.34 18.42 -78.05
C TYR H 1706 28.96 17.95 -77.64
N THR H 1707 28.09 17.77 -78.64
CA THR H 1707 26.80 17.16 -78.36
C THR H 1707 26.96 15.66 -78.23
N ASP H 1708 25.92 15.02 -77.68
CA ASP H 1708 25.92 13.57 -77.59
C ASP H 1708 26.08 12.92 -78.96
N GLU H 1709 25.64 13.62 -80.01
CA GLU H 1709 25.72 13.06 -81.35
C GLU H 1709 27.15 13.09 -81.89
N LEU H 1710 27.95 14.07 -81.49
CA LEU H 1710 29.30 14.22 -81.99
C LEU H 1710 30.37 13.64 -81.07
N GLU H 1711 29.99 13.12 -79.91
CA GLU H 1711 30.97 12.82 -78.88
C GLU H 1711 31.96 11.76 -79.35
N GLU H 1712 31.47 10.66 -79.92
CA GLU H 1712 32.38 9.60 -80.37
C GLU H 1712 33.25 10.07 -81.52
N ASP H 1713 32.69 10.86 -82.44
CA ASP H 1713 33.49 11.46 -83.50
C ASP H 1713 34.63 12.28 -82.92
N VAL H 1714 34.34 13.10 -81.90
CA VAL H 1714 35.38 13.91 -81.27
C VAL H 1714 36.44 13.01 -80.64
N TYR H 1715 36.01 11.98 -79.92
CA TYR H 1715 36.95 11.06 -79.28
C TYR H 1715 37.88 10.39 -80.29
N LEU H 1716 37.38 10.11 -81.49
CA LEU H 1716 38.15 9.32 -82.45
C LEU H 1716 38.97 10.18 -83.42
N ASP H 1717 38.88 11.51 -83.34
CA ASP H 1717 39.64 12.39 -84.23
C ASP H 1717 40.68 13.16 -83.44
N PRO H 1718 41.97 12.74 -83.50
CA PRO H 1718 42.99 13.41 -82.66
C PRO H 1718 43.21 14.89 -82.99
N LEU H 1719 42.84 15.33 -84.18
CA LEU H 1719 43.01 16.72 -84.59
C LEU H 1719 41.75 17.55 -84.38
N ALA H 1720 40.72 16.98 -83.77
CA ALA H 1720 39.50 17.74 -83.47
C ALA H 1720 39.76 18.86 -82.46
N ARG H 1721 39.34 20.07 -82.77
CA ARG H 1721 39.56 21.22 -81.89
C ARG H 1721 38.30 22.04 -81.86
N VAL H 1722 38.01 22.68 -80.73
CA VAL H 1722 36.82 23.47 -80.61
C VAL H 1722 37.00 24.80 -81.33
N SER H 1723 35.93 25.56 -81.41
CA SER H 1723 35.98 26.86 -82.08
C SER H 1723 34.85 27.69 -81.54
N LYS H 1724 34.92 28.99 -81.73
CA LYS H 1724 33.90 29.86 -81.14
C LYS H 1724 32.59 29.72 -81.90
N ASP H 1725 31.52 29.43 -81.19
CA ASP H 1725 30.20 29.26 -81.80
C ASP H 1725 29.60 30.64 -82.09
N LYS H 1726 29.27 30.87 -83.35
CA LYS H 1726 28.79 32.19 -83.77
C LYS H 1726 27.54 32.61 -82.99
N LYS H 1727 26.54 31.74 -82.94
CA LYS H 1727 25.30 32.09 -82.27
C LYS H 1727 25.51 32.28 -80.76
N SER H 1728 25.89 31.19 -80.07
CA SER H 1728 25.99 31.23 -78.62
C SER H 1728 27.27 31.91 -78.13
N GLY H 1729 28.26 32.12 -78.99
CA GLY H 1729 29.51 32.71 -78.54
C GLY H 1729 30.22 31.88 -77.51
N SER H 1730 30.15 30.55 -77.64
CA SER H 1730 30.79 29.65 -76.70
C SER H 1730 31.62 28.62 -77.43
N LEU H 1731 32.69 28.14 -76.80
CA LEU H 1731 33.55 27.17 -77.44
C LEU H 1731 32.88 25.83 -77.55
N THR H 1732 32.85 25.28 -78.76
CA THR H 1732 32.20 24.01 -78.98
C THR H 1732 32.82 23.32 -80.15
N PHE H 1733 32.63 22.01 -80.25
CA PHE H 1733 33.12 21.29 -81.40
C PHE H 1733 32.14 21.43 -82.56
N ASN H 1734 32.69 21.61 -83.75
CA ASN H 1734 31.90 21.84 -84.95
C ASN H 1734 32.06 20.66 -85.90
N SER H 1735 30.94 20.18 -86.43
CA SER H 1735 30.96 18.96 -87.24
C SER H 1735 31.86 19.11 -88.46
N LYS H 1736 31.91 20.30 -89.06
CA LYS H 1736 32.78 20.51 -90.21
C LYS H 1736 34.26 20.47 -89.86
N ASN H 1737 34.60 20.52 -88.58
CA ASN H 1737 35.99 20.47 -88.15
C ASN H 1737 36.42 19.11 -87.62
N ILE H 1738 35.65 18.07 -87.89
CA ILE H 1738 35.94 16.72 -87.40
C ILE H 1738 36.26 15.82 -88.59
N GLN H 1739 37.45 15.22 -88.55
CA GLN H 1739 37.97 14.40 -89.64
C GLN H 1739 38.03 15.19 -90.95
N SER H 1740 38.57 16.41 -90.87
CA SER H 1740 38.63 17.32 -92.00
C SER H 1740 40.06 17.41 -92.53
N LYS H 1741 40.16 17.62 -93.84
CA LYS H 1741 41.48 17.77 -94.47
C LYS H 1741 42.20 19.01 -93.97
N ASP H 1742 41.46 20.03 -93.53
CA ASP H 1742 42.10 21.26 -93.07
C ASP H 1742 42.94 21.03 -91.82
N SER H 1743 42.43 20.27 -90.88
CA SER H 1743 43.15 19.99 -89.64
C SER H 1743 44.47 19.28 -89.92
N TYR H 1744 44.46 18.33 -90.83
CA TYR H 1744 45.66 17.57 -91.15
C TYR H 1744 46.67 18.43 -91.88
N SER I 5 -80.82 100.66 -39.97
CA SER I 5 -80.53 99.41 -39.28
C SER I 5 -79.02 99.22 -39.15
N THR I 6 -78.61 98.20 -38.40
CA THR I 6 -77.19 97.95 -38.17
C THR I 6 -76.98 96.47 -37.95
N ARG I 7 -76.44 95.79 -38.97
CA ARG I 7 -76.06 94.39 -38.79
C ARG I 7 -74.82 94.29 -37.90
N PRO I 8 -74.72 93.26 -37.06
CA PRO I 8 -73.58 93.16 -36.15
C PRO I 8 -72.42 92.35 -36.70
N LEU I 9 -71.26 92.54 -36.08
CA LEU I 9 -70.07 91.78 -36.39
C LEU I 9 -69.26 91.63 -35.11
N THR I 10 -68.31 90.68 -35.13
CA THR I 10 -67.55 90.31 -33.94
C THR I 10 -66.05 90.43 -34.22
N LEU I 11 -65.45 91.53 -33.75
CA LEU I 11 -63.99 91.59 -33.66
C LEU I 11 -63.56 90.60 -32.58
N SER I 12 -62.90 89.53 -32.99
CA SER I 12 -62.57 88.44 -32.10
C SER I 12 -61.09 88.14 -32.12
N HIS I 13 -60.57 87.70 -30.98
CA HIS I 13 -59.17 87.30 -30.85
C HIS I 13 -59.16 86.00 -30.03
N GLY I 14 -59.29 84.87 -30.72
CA GLY I 14 -59.27 83.59 -30.02
C GLY I 14 -60.36 83.54 -28.97
N SER I 15 -59.97 83.15 -27.75
CA SER I 15 -60.95 82.96 -26.68
C SER I 15 -61.73 84.24 -26.43
N LEU I 16 -61.04 85.35 -26.20
CA LEU I 16 -61.70 86.62 -25.98
C LEU I 16 -62.18 87.20 -27.31
N GLU I 17 -63.37 87.78 -27.31
CA GLU I 17 -63.92 88.39 -28.51
C GLU I 17 -64.95 89.43 -28.09
N HIS I 18 -65.18 90.38 -29.00
CA HIS I 18 -66.12 91.48 -28.77
C HIS I 18 -67.01 91.65 -29.98
N VAL I 19 -68.25 92.08 -29.73
CA VAL I 19 -69.27 92.22 -30.75
C VAL I 19 -69.52 93.69 -31.00
N LEU I 20 -69.53 94.09 -32.27
CA LEU I 20 -69.82 95.45 -32.67
C LEU I 20 -71.04 95.48 -33.57
N LEU I 21 -71.83 96.53 -33.44
CA LEU I 21 -73.10 96.70 -34.17
C LEU I 21 -72.92 97.84 -35.15
N VAL I 22 -72.39 97.52 -36.33
CA VAL I 22 -72.12 98.53 -37.35
C VAL I 22 -73.41 98.84 -38.11
N PRO I 23 -73.62 100.06 -38.57
CA PRO I 23 -74.77 100.32 -39.45
C PRO I 23 -74.67 99.49 -40.73
N THR I 24 -75.84 99.15 -41.27
CA THR I 24 -75.86 98.38 -42.51
C THR I 24 -75.20 99.13 -43.66
N ALA I 25 -75.21 100.46 -43.63
CA ALA I 25 -74.70 101.23 -44.77
C ALA I 25 -73.23 100.96 -45.02
N SER I 26 -72.41 100.91 -43.95
CA SER I 26 -70.98 100.72 -44.06
C SER I 26 -70.54 99.35 -43.59
N PHE I 27 -71.45 98.36 -43.66
CA PHE I 27 -71.12 97.03 -43.18
C PHE I 27 -69.96 96.43 -43.98
N PHE I 28 -69.93 96.67 -45.29
CA PHE I 28 -68.86 96.09 -46.10
C PHE I 28 -67.51 96.73 -45.78
N ILE I 29 -67.49 98.05 -45.57
CA ILE I 29 -66.24 98.70 -45.18
C ILE I 29 -65.77 98.15 -43.85
N ALA I 30 -66.69 98.03 -42.89
CA ALA I 30 -66.35 97.48 -41.59
C ALA I 30 -65.83 96.05 -41.72
N SER I 31 -66.45 95.24 -42.57
CA SER I 31 -66.06 93.84 -42.70
C SER I 31 -64.69 93.71 -43.34
N GLN I 32 -64.39 94.51 -44.37
CA GLN I 32 -63.06 94.45 -44.95
C GLN I 32 -62.00 94.89 -43.95
N LEU I 33 -62.27 95.96 -43.20
CA LEU I 33 -61.32 96.38 -42.19
C LEU I 33 -61.15 95.31 -41.13
N GLN I 34 -62.24 94.65 -40.76
CA GLN I 34 -62.17 93.55 -39.80
C GLN I 34 -61.28 92.43 -40.33
N GLU I 35 -61.47 92.03 -41.58
CA GLU I 35 -60.65 90.96 -42.14
C GLU I 35 -59.18 91.35 -42.15
N GLN I 36 -58.87 92.57 -42.57
CA GLN I 36 -57.49 93.04 -42.48
C GLN I 36 -56.97 92.96 -41.05
N PHE I 37 -57.81 93.32 -40.09
CA PHE I 37 -57.39 93.31 -38.69
C PHE I 37 -57.10 91.89 -38.20
N ASN I 38 -57.95 90.92 -38.54
CA ASN I 38 -57.62 89.54 -38.23
C ASN I 38 -56.35 89.11 -38.95
N LYS I 39 -56.09 89.67 -40.13
CA LYS I 39 -54.89 89.29 -40.88
C LYS I 39 -53.64 89.79 -40.17
N ILE I 40 -53.69 90.98 -39.59
CA ILE I 40 -52.52 91.52 -38.88
C ILE I 40 -52.49 91.15 -37.40
N LEU I 41 -53.43 90.31 -36.92
CA LEU I 41 -53.47 89.99 -35.50
C LEU I 41 -53.01 88.55 -35.26
N PRO I 42 -52.04 88.32 -34.38
CA PRO I 42 -51.42 86.99 -34.26
C PRO I 42 -52.30 85.98 -33.55
N GLU I 43 -52.01 84.69 -33.77
CA GLU I 43 -52.82 83.65 -33.16
C GLU I 43 -52.89 83.80 -31.66
N PRO I 44 -54.04 83.46 -31.07
CA PRO I 44 -54.19 83.54 -29.62
C PRO I 44 -53.37 82.48 -28.92
N THR I 45 -53.01 82.72 -27.67
CA THR I 45 -52.26 81.76 -26.88
C THR I 45 -52.91 81.56 -25.53
N GLU I 46 -52.64 80.41 -24.92
CA GLU I 46 -53.18 80.14 -23.60
C GLU I 46 -52.66 81.18 -22.62
N GLY I 47 -53.55 81.72 -21.80
CA GLY I 47 -53.20 82.75 -20.85
C GLY I 47 -52.88 84.10 -21.44
N PHE I 48 -52.78 84.21 -22.77
CA PHE I 48 -52.44 85.48 -23.43
C PHE I 48 -51.26 86.17 -22.75
N ALA I 49 -50.37 85.39 -22.16
CA ALA I 49 -49.21 85.94 -21.49
C ALA I 49 -48.17 86.50 -22.45
N ALA I 50 -48.33 86.27 -23.75
CA ALA I 50 -47.38 86.76 -24.73
C ALA I 50 -47.69 88.20 -25.12
N ASP I 51 -46.84 88.78 -25.95
CA ASP I 51 -47.01 90.15 -26.43
C ASP I 51 -47.67 90.16 -27.80
N ASP I 52 -48.15 91.34 -28.19
CA ASP I 52 -48.79 91.57 -29.47
C ASP I 52 -50.16 90.89 -29.56
N GLU I 53 -50.71 90.44 -28.43
CA GLU I 53 -52.01 89.80 -28.41
C GLU I 53 -52.81 90.39 -27.26
N PRO I 54 -54.02 90.88 -27.50
CA PRO I 54 -54.83 91.39 -26.39
C PRO I 54 -55.08 90.32 -25.35
N THR I 55 -55.38 90.78 -24.13
CA THR I 55 -55.80 89.91 -23.05
C THR I 55 -57.22 90.14 -22.61
N THR I 56 -57.81 91.29 -22.93
CA THR I 56 -59.18 91.61 -22.57
C THR I 56 -59.85 92.27 -23.75
N PRO I 57 -61.18 92.23 -23.81
CA PRO I 57 -61.88 92.83 -24.96
C PRO I 57 -61.57 94.30 -25.15
N ALA I 58 -61.36 95.05 -24.07
CA ALA I 58 -60.97 96.45 -24.20
C ALA I 58 -59.70 96.58 -25.02
N GLU I 59 -58.71 95.73 -24.77
CA GLU I 59 -57.47 95.77 -25.52
C GLU I 59 -57.72 95.49 -26.98
N LEU I 60 -58.57 94.51 -27.29
CA LEU I 60 -58.86 94.17 -28.67
C LEU I 60 -59.52 95.34 -29.40
N VAL I 61 -60.50 95.96 -28.76
CA VAL I 61 -61.18 97.09 -29.40
C VAL I 61 -60.19 98.23 -29.61
N GLY I 62 -59.33 98.50 -28.62
CA GLY I 62 -58.34 99.55 -28.79
C GLY I 62 -57.37 99.25 -29.91
N LYS I 63 -56.98 97.98 -30.07
CA LYS I 63 -56.08 97.61 -31.14
C LYS I 63 -56.74 97.79 -32.50
N PHE I 64 -58.00 97.38 -32.62
CA PHE I 64 -58.73 97.65 -33.86
C PHE I 64 -58.80 99.14 -34.12
N LEU I 65 -59.00 99.91 -33.06
CA LEU I 65 -59.10 101.36 -33.19
C LEU I 65 -57.80 101.94 -33.73
N GLY I 66 -56.68 101.50 -33.17
CA GLY I 66 -55.38 101.97 -33.65
C GLY I 66 -55.11 101.55 -35.07
N TYR I 67 -55.53 100.34 -35.44
CA TYR I 67 -55.35 99.89 -36.81
C TYR I 67 -56.14 100.78 -37.77
N VAL I 68 -57.39 101.08 -37.43
CA VAL I 68 -58.20 101.94 -38.29
C VAL I 68 -57.60 103.33 -38.37
N SER I 69 -57.07 103.83 -37.24
CA SER I 69 -56.41 105.13 -37.25
C SER I 69 -55.20 105.12 -38.17
N SER I 70 -54.45 104.02 -38.18
CA SER I 70 -53.31 103.92 -39.08
C SER I 70 -53.75 104.03 -40.54
N LEU I 71 -54.87 103.39 -40.89
CA LEU I 71 -55.41 103.53 -42.23
C LEU I 71 -56.11 104.87 -42.41
N VAL I 72 -56.74 105.39 -41.35
CA VAL I 72 -57.38 106.69 -41.43
C VAL I 72 -56.31 107.76 -41.62
N GLU I 73 -56.56 108.66 -42.58
CA GLU I 73 -55.62 109.74 -42.85
C GLU I 73 -56.38 111.00 -43.22
N PRO I 74 -56.38 112.03 -42.37
CA PRO I 74 -57.07 113.28 -42.71
C PRO I 74 -56.50 113.94 -43.97
N GLY I 78 -60.81 109.57 -45.23
CA GLY I 78 -62.23 109.73 -45.51
C GLY I 78 -62.95 108.41 -45.65
N GLN I 79 -62.27 107.43 -46.23
CA GLN I 79 -62.88 106.12 -46.45
C GLN I 79 -63.36 105.52 -45.13
N PHE I 80 -62.44 105.22 -44.24
CA PHE I 80 -62.75 104.51 -43.00
C PHE I 80 -63.05 105.45 -41.84
N ASP I 81 -63.30 106.73 -42.12
CA ASP I 81 -63.54 107.69 -41.05
C ASP I 81 -64.81 107.35 -40.28
N GLN I 82 -65.89 107.04 -41.00
CA GLN I 82 -67.17 106.83 -40.33
C GLN I 82 -67.12 105.61 -39.42
N VAL I 83 -66.52 104.52 -39.88
CA VAL I 83 -66.37 103.35 -39.02
C VAL I 83 -65.44 103.66 -37.86
N LEU I 84 -64.40 104.47 -38.11
CA LEU I 84 -63.54 104.88 -37.01
C LEU I 84 -64.36 105.55 -35.92
N ASN I 85 -65.19 106.52 -36.29
CA ASN I 85 -66.01 107.20 -35.30
C ASN I 85 -66.98 106.24 -34.63
N LEU I 86 -67.60 105.35 -35.41
CA LEU I 86 -68.60 104.44 -34.84
C LEU I 86 -67.98 103.53 -33.78
N CYS I 87 -66.84 102.91 -34.11
CA CYS I 87 -66.20 102.04 -33.14
C CYS I 87 -65.55 102.83 -32.01
N LEU I 88 -65.10 104.05 -32.28
CA LEU I 88 -64.66 104.92 -31.20
C LEU I 88 -65.77 105.12 -30.18
N THR I 89 -66.96 105.44 -30.66
CA THR I 89 -68.09 105.67 -29.76
C THR I 89 -68.49 104.39 -29.04
N GLU I 90 -68.48 103.25 -29.74
CA GLU I 90 -68.85 102.00 -29.08
C GLU I 90 -67.86 101.66 -27.96
N PHE I 91 -66.56 101.81 -28.24
CA PHE I 91 -65.54 101.55 -27.23
C PHE I 91 -65.70 102.49 -26.05
N GLU I 92 -65.95 103.77 -26.31
CA GLU I 92 -66.13 104.73 -25.23
C GLU I 92 -67.35 104.36 -24.37
N ASN I 93 -68.46 104.01 -25.02
CA ASN I 93 -69.70 103.82 -24.28
C ASN I 93 -69.68 102.51 -23.51
N CYS I 94 -68.95 101.50 -23.98
CA CYS I 94 -68.91 100.24 -23.27
C CYS I 94 -67.83 100.22 -22.19
N TYR I 95 -66.65 100.77 -22.49
CA TYR I 95 -65.50 100.64 -21.60
C TYR I 95 -65.15 101.94 -20.88
N LEU I 96 -65.38 103.09 -21.50
CA LEU I 96 -65.13 104.39 -20.84
C LEU I 96 -66.47 104.95 -20.36
N GLU I 97 -66.90 104.46 -19.20
CA GLU I 97 -68.18 104.89 -18.64
C GLU I 97 -68.08 106.32 -18.12
N GLY I 98 -68.00 107.28 -19.03
CA GLY I 98 -67.86 108.66 -18.62
C GLY I 98 -66.63 108.87 -17.76
N ASN I 99 -65.54 108.19 -18.06
CA ASN I 99 -64.31 108.28 -17.29
C ASN I 99 -63.13 108.39 -18.25
N ASP I 100 -62.03 108.93 -17.74
CA ASP I 100 -60.85 109.15 -18.57
C ASP I 100 -60.21 107.84 -18.98
N ILE I 101 -59.50 107.87 -20.10
CA ILE I 101 -58.84 106.67 -20.61
C ILE I 101 -57.83 106.16 -19.59
N HIS I 102 -57.16 107.06 -18.89
CA HIS I 102 -56.18 106.64 -17.88
C HIS I 102 -56.85 105.86 -16.76
N ALA I 103 -58.07 106.24 -16.40
CA ALA I 103 -58.81 105.45 -15.41
C ALA I 103 -59.05 104.03 -15.91
N LEU I 104 -59.41 103.89 -17.18
CA LEU I 104 -59.59 102.56 -17.75
C LEU I 104 -58.30 101.76 -17.75
N ALA I 105 -57.18 102.40 -18.11
CA ALA I 105 -55.90 101.70 -18.12
C ALA I 105 -55.53 101.24 -16.72
N ALA I 106 -55.73 102.12 -15.73
CA ALA I 106 -55.44 101.74 -14.35
C ALA I 106 -56.33 100.59 -13.90
N LYS I 107 -57.60 100.62 -14.28
CA LYS I 107 -58.49 99.50 -13.97
C LYS I 107 -57.97 98.21 -14.57
N LEU I 108 -57.58 98.25 -15.85
CA LEU I 108 -57.12 97.05 -16.52
C LEU I 108 -55.87 96.50 -15.84
N LEU I 109 -54.95 97.38 -15.44
CA LEU I 109 -53.77 96.93 -14.72
C LEU I 109 -54.14 96.31 -13.38
N GLN I 110 -54.93 97.02 -12.57
CA GLN I 110 -55.15 96.60 -11.19
C GLN I 110 -55.96 95.32 -11.11
N GLU I 111 -57.08 95.27 -11.83
CA GLU I 111 -58.01 94.15 -11.69
C GLU I 111 -57.68 93.04 -12.68
N ASN I 112 -57.69 93.35 -13.97
CA ASN I 112 -57.36 92.34 -14.97
C ASN I 112 -55.85 92.09 -14.98
N ASP I 113 -55.48 90.97 -15.59
CA ASP I 113 -54.07 90.59 -15.70
C ASP I 113 -53.51 91.09 -17.03
N THR I 114 -53.37 92.41 -17.11
CA THR I 114 -52.80 93.07 -18.28
C THR I 114 -51.45 93.68 -17.90
N THR I 115 -50.51 93.62 -18.85
CA THR I 115 -49.20 94.19 -18.66
C THR I 115 -49.23 95.71 -18.83
N LEU I 116 -48.32 96.38 -18.12
CA LEU I 116 -48.25 97.83 -18.22
C LEU I 116 -48.05 98.28 -19.67
N VAL I 117 -47.26 97.53 -20.42
CA VAL I 117 -46.99 97.88 -21.81
C VAL I 117 -48.27 97.83 -22.63
N LYS I 118 -49.09 96.79 -22.41
CA LYS I 118 -50.35 96.68 -23.14
C LYS I 118 -51.27 97.85 -22.81
N THR I 119 -51.32 98.25 -21.54
CA THR I 119 -52.16 99.38 -21.16
C THR I 119 -51.67 100.67 -21.82
N LYS I 120 -50.36 100.88 -21.84
CA LYS I 120 -49.82 102.05 -22.55
C LYS I 120 -50.19 102.02 -24.03
N GLU I 121 -50.12 100.83 -24.63
CA GLU I 121 -50.50 100.72 -26.04
C GLU I 121 -51.98 101.04 -26.25
N LEU I 122 -52.83 100.59 -25.34
CA LEU I 122 -54.25 100.91 -25.43
C LEU I 122 -54.47 102.41 -25.32
N ILE I 123 -53.78 103.06 -24.38
CA ILE I 123 -53.88 104.51 -24.25
C ILE I 123 -53.46 105.19 -25.54
N LYS I 124 -52.34 104.72 -26.10
CA LYS I 124 -51.83 105.30 -27.35
C LYS I 124 -52.86 105.17 -28.46
N ASN I 125 -53.40 103.96 -28.64
CA ASN I 125 -54.38 103.74 -29.70
C ASN I 125 -55.58 104.66 -29.51
N TYR I 126 -56.16 104.68 -28.31
CA TYR I 126 -57.37 105.47 -28.10
C TYR I 126 -57.11 106.94 -28.33
N ILE I 127 -56.01 107.47 -27.80
CA ILE I 127 -55.78 108.91 -27.88
C ILE I 127 -55.46 109.32 -29.31
N THR I 128 -54.64 108.53 -30.01
CA THR I 128 -54.32 108.86 -31.40
C THR I 128 -55.56 108.78 -32.27
N ALA I 129 -56.44 107.81 -32.00
CA ALA I 129 -57.69 107.72 -32.74
C ALA I 129 -58.58 108.94 -32.44
N ARG I 130 -58.69 109.31 -31.18
CA ARG I 130 -59.52 110.47 -30.83
C ARG I 130 -59.05 111.71 -31.57
N ILE I 131 -57.74 111.91 -31.64
CA ILE I 131 -57.26 113.09 -32.37
C ILE I 131 -57.51 112.92 -33.86
N MET I 132 -57.28 111.71 -34.40
CA MET I 132 -57.42 111.51 -35.83
C MET I 132 -58.87 111.65 -36.29
N ALA I 133 -59.82 111.43 -35.40
CA ALA I 133 -61.24 111.47 -35.74
C ALA I 133 -61.86 112.85 -35.55
N LYS I 134 -61.04 113.90 -35.51
CA LYS I 134 -61.54 115.27 -35.34
C LYS I 134 -62.38 115.39 -34.06
N ARG I 135 -61.98 114.67 -33.03
CA ARG I 135 -62.62 114.72 -31.72
C ARG I 135 -61.57 115.03 -30.67
N PRO I 136 -60.97 116.22 -30.73
CA PRO I 136 -59.95 116.58 -29.74
C PRO I 136 -60.54 116.68 -28.35
N PHE I 137 -59.70 117.02 -27.36
CA PHE I 137 -60.16 117.08 -25.99
C PHE I 137 -60.45 118.53 -25.61
N ASP I 138 -60.94 119.32 -26.55
CA ASP I 138 -61.22 120.73 -26.31
C ASP I 138 -62.18 120.91 -25.15
N LYS I 139 -63.23 120.10 -25.07
CA LYS I 139 -64.16 120.18 -23.96
C LYS I 139 -63.43 119.94 -22.65
N LYS I 140 -63.64 120.83 -21.68
CA LYS I 140 -62.98 120.71 -20.39
C LYS I 140 -63.44 119.44 -19.67
N SER I 141 -62.51 118.83 -18.95
CA SER I 141 -62.80 117.64 -18.17
C SER I 141 -63.54 118.01 -16.90
N ASN I 142 -64.11 117.00 -16.25
CA ASN I 142 -64.72 117.12 -14.94
C ASN I 142 -64.01 116.23 -13.93
N SER I 143 -62.68 116.20 -14.00
CA SER I 143 -61.90 115.42 -13.05
C SER I 143 -62.22 115.86 -11.63
N ALA I 144 -62.35 114.88 -10.73
CA ALA I 144 -62.73 115.20 -9.36
C ALA I 144 -61.73 116.15 -8.71
N LEU I 145 -60.44 115.96 -8.99
CA LEU I 145 -59.41 116.78 -8.33
C LEU I 145 -59.57 118.26 -8.71
N PHE I 146 -59.66 118.55 -10.00
CA PHE I 146 -59.75 119.95 -10.41
C PHE I 146 -61.10 120.56 -10.07
N ARG I 147 -62.17 119.76 -10.06
CA ARG I 147 -63.43 120.25 -9.53
C ARG I 147 -63.28 120.67 -8.08
N ALA I 148 -62.62 119.85 -7.27
CA ALA I 148 -62.40 120.18 -5.87
C ALA I 148 -61.59 121.46 -5.75
N VAL I 149 -60.55 121.60 -6.57
CA VAL I 149 -59.74 122.82 -6.52
C VAL I 149 -60.60 124.03 -6.83
N GLY I 150 -61.40 123.96 -7.88
CA GLY I 150 -62.26 125.07 -8.22
C GLY I 150 -63.24 125.42 -7.11
N GLU I 151 -63.80 124.40 -6.46
CA GLU I 151 -64.74 124.62 -5.38
C GLU I 151 -64.06 125.12 -4.11
N GLY I 152 -62.73 125.18 -4.08
CA GLY I 152 -61.99 125.57 -2.89
C GLY I 152 -61.68 124.42 -1.95
N ASN I 153 -62.05 123.20 -2.30
CA ASN I 153 -61.82 122.07 -1.41
C ASN I 153 -60.35 121.68 -1.36
N ALA I 154 -59.59 121.95 -2.42
CA ALA I 154 -58.21 121.47 -2.53
C ALA I 154 -57.30 122.58 -3.03
N GLN I 155 -56.02 122.47 -2.69
CA GLN I 155 -54.98 123.39 -3.13
C GLN I 155 -53.88 122.59 -3.81
N LEU I 156 -53.44 123.06 -4.96
CA LEU I 156 -52.47 122.35 -5.79
C LEU I 156 -51.19 123.16 -5.92
N VAL I 157 -50.05 122.49 -5.72
CA VAL I 157 -48.73 123.05 -5.97
C VAL I 157 -47.98 122.06 -6.85
N ALA I 158 -47.31 122.57 -7.88
CA ALA I 158 -46.59 121.74 -8.83
C ALA I 158 -45.09 121.81 -8.54
N ILE I 159 -44.44 120.66 -8.51
CA ILE I 159 -43.01 120.57 -8.24
C ILE I 159 -42.35 119.84 -9.39
N PHE I 160 -41.12 120.26 -9.71
CA PHE I 160 -40.35 119.69 -10.81
C PHE I 160 -39.00 119.22 -10.26
N GLY I 161 -38.66 117.97 -10.57
CA GLY I 161 -37.41 117.39 -10.11
C GLY I 161 -36.23 117.86 -10.94
N GLY I 162 -35.13 117.12 -10.82
CA GLY I 162 -33.93 117.46 -11.56
C GLY I 162 -33.02 116.26 -11.73
N GLN I 163 -31.71 116.49 -11.68
CA GLN I 163 -30.75 115.41 -11.86
C GLN I 163 -30.74 114.49 -10.64
N GLY I 164 -30.34 113.25 -10.88
CA GLY I 164 -30.10 112.29 -9.82
C GLY I 164 -31.24 111.32 -9.58
N ASN I 165 -32.43 111.61 -10.09
CA ASN I 165 -33.58 110.76 -9.79
C ASN I 165 -33.43 109.37 -10.41
N THR I 166 -32.88 109.29 -11.62
CA THR I 166 -32.74 108.02 -12.30
C THR I 166 -31.58 108.10 -13.27
N ASP I 167 -31.11 106.92 -13.69
CA ASP I 167 -30.00 106.81 -14.62
C ASP I 167 -30.43 106.62 -16.07
N ASP I 168 -31.73 106.56 -16.34
CA ASP I 168 -32.20 106.14 -17.64
C ASP I 168 -33.37 107.02 -18.10
N TYR I 169 -33.28 108.32 -17.79
CA TYR I 169 -34.37 109.25 -18.05
C TYR I 169 -34.77 109.29 -19.52
N PHE I 170 -33.82 109.08 -20.43
CA PHE I 170 -34.15 109.13 -21.84
C PHE I 170 -35.21 108.08 -22.18
N GLU I 171 -35.30 107.01 -21.39
CA GLU I 171 -36.39 106.05 -21.57
C GLU I 171 -37.74 106.70 -21.30
N GLU I 172 -37.81 107.52 -20.24
CA GLU I 172 -39.04 108.25 -19.98
C GLU I 172 -39.37 109.18 -21.13
N LEU I 173 -38.36 109.87 -21.67
CA LEU I 173 -38.63 110.71 -22.83
C LEU I 173 -39.13 109.89 -24.00
N ARG I 174 -38.55 108.70 -24.20
CA ARG I 174 -38.96 107.83 -25.30
C ARG I 174 -40.42 107.41 -25.14
N ASP I 175 -40.81 106.98 -23.95
CA ASP I 175 -42.20 106.58 -23.75
C ASP I 175 -43.15 107.75 -23.93
N LEU I 176 -42.78 108.91 -23.39
CA LEU I 176 -43.63 110.08 -23.54
C LEU I 176 -43.76 110.48 -25.01
N TYR I 177 -42.75 110.19 -25.81
CA TYR I 177 -42.82 110.45 -27.25
C TYR I 177 -43.69 109.42 -27.96
N GLN I 178 -43.55 108.14 -27.60
CA GLN I 178 -44.24 107.08 -28.31
C GLN I 178 -45.72 107.08 -28.01
N THR I 179 -46.09 107.09 -26.72
CA THR I 179 -47.49 106.97 -26.35
C THR I 179 -48.27 108.23 -26.71
N TYR I 180 -47.70 109.40 -26.41
CA TYR I 180 -48.38 110.68 -26.62
C TYR I 180 -47.85 111.42 -27.82
N HIS I 181 -47.38 110.69 -28.84
CA HIS I 181 -46.81 111.33 -30.02
C HIS I 181 -47.72 112.44 -30.54
N VAL I 182 -49.02 112.18 -30.57
CA VAL I 182 -49.96 113.13 -31.14
C VAL I 182 -50.22 114.34 -30.24
N LEU I 183 -49.76 114.31 -28.99
CA LEU I 183 -49.92 115.45 -28.08
C LEU I 183 -48.65 116.25 -27.87
N VAL I 184 -47.49 115.61 -27.91
CA VAL I 184 -46.24 116.29 -27.61
C VAL I 184 -45.25 116.23 -28.77
N GLY I 185 -45.69 115.79 -29.94
CA GLY I 185 -44.79 115.74 -31.08
C GLY I 185 -44.27 117.11 -31.46
N ASP I 186 -45.18 118.09 -31.53
CA ASP I 186 -44.77 119.45 -31.86
C ASP I 186 -43.83 120.01 -30.81
N LEU I 187 -44.13 119.78 -29.54
CA LEU I 187 -43.27 120.25 -28.47
C LEU I 187 -41.87 119.69 -28.61
N ILE I 188 -41.76 118.37 -28.79
CA ILE I 188 -40.45 117.75 -28.86
C ILE I 188 -39.70 118.19 -30.12
N LYS I 189 -40.41 118.31 -31.24
CA LYS I 189 -39.75 118.74 -32.47
C LYS I 189 -39.23 120.17 -32.34
N PHE I 190 -40.03 121.06 -31.76
CA PHE I 190 -39.57 122.42 -31.52
C PHE I 190 -38.36 122.41 -30.59
N SER I 191 -38.37 121.54 -29.58
CA SER I 191 -37.24 121.46 -28.67
C SER I 191 -35.97 121.02 -29.40
N ALA I 192 -36.08 120.00 -30.25
CA ALA I 192 -34.91 119.54 -31.00
C ALA I 192 -34.41 120.64 -31.93
N GLU I 193 -35.32 121.34 -32.61
CA GLU I 193 -34.90 122.36 -33.56
C GLU I 193 -34.18 123.50 -32.86
N THR I 194 -34.76 123.99 -31.76
CA THR I 194 -34.12 125.08 -31.03
C THR I 194 -32.81 124.63 -30.39
N LEU I 195 -32.72 123.37 -29.93
CA LEU I 195 -31.47 122.88 -29.38
C LEU I 195 -30.38 122.85 -30.46
N SER I 196 -30.72 122.36 -31.65
CA SER I 196 -29.75 122.32 -32.73
C SER I 196 -29.31 123.72 -33.12
N GLU I 197 -30.25 124.66 -33.18
CA GLU I 197 -29.90 126.03 -33.50
C GLU I 197 -28.98 126.64 -32.43
N LEU I 198 -29.26 126.37 -31.15
CA LEU I 198 -28.38 126.86 -30.09
C LEU I 198 -26.99 126.24 -30.21
N ILE I 199 -26.92 124.95 -30.53
CA ILE I 199 -25.63 124.30 -30.71
C ILE I 199 -24.85 125.00 -31.81
N ARG I 200 -25.51 125.21 -32.95
CA ARG I 200 -24.83 125.80 -34.09
C ARG I 200 -24.37 127.22 -33.80
N THR I 201 -25.21 128.00 -33.10
CA THR I 201 -24.86 129.39 -32.82
C THR I 201 -23.85 129.50 -31.69
N THR I 202 -23.90 128.60 -30.71
CA THR I 202 -22.95 128.63 -29.60
C THR I 202 -21.55 128.29 -30.09
N LEU I 203 -20.55 128.94 -29.49
CA LEU I 203 -19.19 128.85 -30.01
C LEU I 203 -18.63 127.43 -29.92
N ASP I 204 -18.66 126.83 -28.74
CA ASP I 204 -17.98 125.57 -28.51
C ASP I 204 -18.95 124.43 -28.19
N ALA I 205 -20.23 124.59 -28.52
CA ALA I 205 -21.21 123.56 -28.19
C ALA I 205 -20.84 122.23 -28.82
N GLU I 206 -20.61 122.23 -30.14
CA GLU I 206 -20.29 120.98 -30.83
C GLU I 206 -19.07 120.31 -30.23
N LYS I 207 -18.13 121.08 -29.67
CA LYS I 207 -17.00 120.46 -29.01
C LYS I 207 -17.46 119.59 -27.86
N VAL I 208 -18.41 120.10 -27.06
CA VAL I 208 -18.97 119.30 -25.98
C VAL I 208 -19.83 118.18 -26.53
N PHE I 209 -20.72 118.49 -27.47
CA PHE I 209 -21.62 117.50 -28.06
C PHE I 209 -20.84 116.70 -29.09
N THR I 210 -20.04 115.75 -28.60
CA THR I 210 -19.21 114.95 -29.49
C THR I 210 -20.07 114.07 -30.39
N GLN I 211 -21.15 113.49 -29.85
CA GLN I 211 -21.99 112.57 -30.60
C GLN I 211 -23.25 113.23 -31.15
N GLY I 212 -23.37 114.55 -31.04
CA GLY I 212 -24.51 115.25 -31.58
C GLY I 212 -25.70 115.26 -30.64
N LEU I 213 -26.72 116.02 -31.02
CA LEU I 213 -27.94 116.17 -30.24
C LEU I 213 -29.16 116.03 -31.13
N ASN I 214 -29.18 114.96 -31.94
CA ASN I 214 -30.32 114.65 -32.80
C ASN I 214 -31.29 113.77 -32.03
N ILE I 215 -32.07 114.39 -31.15
CA ILE I 215 -32.95 113.62 -30.28
C ILE I 215 -34.05 112.93 -31.09
N LEU I 216 -34.52 113.57 -32.16
CA LEU I 216 -35.53 112.93 -33.00
C LEU I 216 -35.00 111.64 -33.60
N GLU I 217 -33.75 111.65 -34.08
CA GLU I 217 -33.16 110.43 -34.62
C GLU I 217 -33.08 109.34 -33.56
N TRP I 218 -32.67 109.70 -32.34
CA TRP I 218 -32.53 108.70 -31.28
C TRP I 218 -33.89 108.12 -30.91
N LEU I 219 -34.91 108.97 -30.78
CA LEU I 219 -36.25 108.48 -30.46
C LEU I 219 -36.76 107.57 -31.57
N GLU I 220 -36.50 107.92 -32.83
CA GLU I 220 -36.96 107.09 -33.93
C GLU I 220 -36.29 105.73 -33.93
N ASN I 221 -34.98 105.70 -33.75
CA ASN I 221 -34.20 104.46 -33.82
C ASN I 221 -33.46 104.24 -32.51
N PRO I 222 -33.98 103.44 -31.60
CA PRO I 222 -33.24 103.14 -30.37
C PRO I 222 -31.90 102.49 -30.63
N SER I 223 -31.76 101.78 -31.76
CA SER I 223 -30.52 101.05 -32.02
C SER I 223 -29.35 102.00 -32.15
N ASN I 224 -29.57 103.19 -32.73
CA ASN I 224 -28.53 104.18 -32.91
C ASN I 224 -28.65 105.34 -31.93
N THR I 225 -29.10 105.06 -30.71
CA THR I 225 -29.08 106.05 -29.63
C THR I 225 -27.77 105.94 -28.87
N PRO I 226 -27.08 107.06 -28.60
CA PRO I 226 -25.82 106.98 -27.86
C PRO I 226 -25.98 106.22 -26.55
N ASP I 227 -24.84 105.87 -25.96
CA ASP I 227 -24.84 105.06 -24.75
C ASP I 227 -25.31 105.89 -23.55
N LYS I 228 -25.53 105.21 -22.44
CA LYS I 228 -26.14 105.85 -21.28
C LYS I 228 -25.26 106.97 -20.75
N ASP I 229 -23.95 106.75 -20.70
CA ASP I 229 -23.05 107.73 -20.10
C ASP I 229 -23.05 109.04 -20.87
N TYR I 230 -23.07 108.98 -22.21
CA TYR I 230 -23.10 110.20 -22.99
C TYR I 230 -24.43 110.93 -22.83
N LEU I 231 -25.54 110.19 -22.77
CA LEU I 231 -26.82 110.81 -22.49
C LEU I 231 -26.82 111.51 -21.14
N LEU I 232 -26.19 110.88 -20.15
CA LEU I 232 -26.23 111.40 -18.80
C LEU I 232 -25.38 112.65 -18.63
N SER I 233 -24.45 112.90 -19.53
CA SER I 233 -23.64 114.12 -19.46
C SER I 233 -24.54 115.34 -19.45
N ILE I 234 -24.26 116.28 -18.53
CA ILE I 234 -25.22 117.35 -18.25
C ILE I 234 -25.55 118.18 -19.48
N PRO I 235 -24.62 118.47 -20.41
CA PRO I 235 -25.03 119.24 -21.58
C PRO I 235 -26.15 118.60 -22.35
N ILE I 236 -26.30 117.27 -22.24
CA ILE I 236 -27.45 116.58 -22.80
C ILE I 236 -28.61 116.57 -21.81
N SER I 237 -28.36 116.11 -20.58
CA SER I 237 -29.47 115.74 -19.70
C SER I 237 -30.18 116.95 -19.13
N CYS I 238 -29.53 118.11 -19.05
CA CYS I 238 -30.23 119.28 -18.51
C CYS I 238 -31.39 119.71 -19.40
N PRO I 239 -31.17 120.13 -20.65
CA PRO I 239 -32.30 120.46 -21.51
C PRO I 239 -33.24 119.29 -21.75
N LEU I 240 -32.73 118.05 -21.82
CA LEU I 240 -33.62 116.93 -22.05
C LEU I 240 -34.59 116.73 -20.89
N ILE I 241 -34.10 116.87 -19.66
CA ILE I 241 -34.99 116.74 -18.51
C ILE I 241 -35.99 117.90 -18.49
N GLY I 242 -35.55 119.09 -18.87
CA GLY I 242 -36.49 120.19 -19.01
C GLY I 242 -37.58 119.88 -20.02
N VAL I 243 -37.21 119.29 -21.16
CA VAL I 243 -38.18 118.94 -22.18
C VAL I 243 -39.15 117.88 -21.66
N ILE I 244 -38.62 116.90 -20.94
CA ILE I 244 -39.48 115.86 -20.37
C ILE I 244 -40.54 116.47 -19.47
N GLN I 245 -40.11 117.40 -18.60
CA GLN I 245 -41.05 118.03 -17.68
C GLN I 245 -42.08 118.86 -18.44
N LEU I 246 -41.63 119.62 -19.44
CA LEU I 246 -42.56 120.43 -20.22
C LEU I 246 -43.56 119.54 -20.97
N ALA I 247 -43.11 118.41 -21.49
CA ALA I 247 -43.99 117.51 -22.19
C ALA I 247 -45.03 116.90 -21.26
N HIS I 248 -44.63 116.54 -20.04
CA HIS I 248 -45.61 116.01 -19.09
C HIS I 248 -46.63 117.09 -18.72
N TYR I 249 -46.16 118.33 -18.53
CA TYR I 249 -47.08 119.42 -18.27
C TYR I 249 -48.07 119.58 -19.42
N VAL I 250 -47.57 119.43 -20.65
CA VAL I 250 -48.43 119.57 -21.82
C VAL I 250 -49.51 118.51 -21.88
N VAL I 251 -49.13 117.25 -21.64
CA VAL I 251 -50.10 116.17 -21.71
C VAL I 251 -51.21 116.40 -20.71
N THR I 252 -50.84 116.71 -19.48
CA THR I 252 -51.84 116.95 -18.45
C THR I 252 -52.82 118.00 -18.94
N ALA I 253 -52.32 119.15 -19.37
CA ALA I 253 -53.19 120.23 -19.82
C ALA I 253 -54.06 119.78 -20.96
N LYS I 254 -53.45 119.18 -21.97
CA LYS I 254 -54.19 118.73 -23.14
C LYS I 254 -55.30 117.76 -22.77
N LEU I 255 -55.01 116.75 -21.96
CA LEU I 255 -56.00 115.76 -21.59
C LEU I 255 -57.13 116.40 -20.80
N LEU I 256 -56.80 117.37 -19.97
CA LEU I 256 -57.80 118.05 -19.16
C LEU I 256 -58.54 119.09 -19.99
N GLY I 257 -58.23 119.14 -21.28
CA GLY I 257 -58.88 120.09 -22.15
C GLY I 257 -58.63 121.49 -21.65
N PHE I 258 -57.43 121.74 -21.16
CA PHE I 258 -57.09 123.05 -20.64
C PHE I 258 -55.90 123.66 -21.33
N THR I 259 -55.83 124.98 -21.35
CA THR I 259 -54.64 125.63 -21.86
C THR I 259 -53.59 125.70 -20.76
N PRO I 260 -52.32 125.90 -21.11
CA PRO I 260 -51.30 126.02 -20.06
C PRO I 260 -51.63 127.12 -19.07
N GLY I 261 -52.20 128.23 -19.53
CA GLY I 261 -52.59 129.29 -18.62
C GLY I 261 -53.64 128.86 -17.62
N GLU I 262 -54.66 128.12 -18.08
CA GLU I 262 -55.71 127.67 -17.18
C GLU I 262 -55.16 126.70 -16.14
N LEU I 263 -54.36 125.73 -16.58
CA LEU I 263 -53.78 124.79 -15.64
C LEU I 263 -52.91 125.51 -14.61
N ARG I 264 -52.12 126.47 -15.05
CA ARG I 264 -51.30 127.23 -14.11
C ARG I 264 -52.16 128.05 -13.16
N SER I 265 -53.29 128.57 -13.65
CA SER I 265 -54.19 129.32 -12.78
C SER I 265 -54.80 128.41 -11.72
N TYR I 266 -54.98 127.13 -12.03
CA TYR I 266 -55.46 126.20 -11.02
C TYR I 266 -54.44 125.92 -9.92
N LEU I 267 -53.20 126.36 -10.07
CA LEU I 267 -52.14 126.02 -9.12
C LEU I 267 -51.96 127.13 -8.10
N LYS I 268 -51.78 126.74 -6.83
CA LYS I 268 -51.50 127.72 -5.78
C LYS I 268 -50.07 128.23 -5.88
N GLY I 269 -49.18 127.43 -6.45
CA GLY I 269 -47.79 127.84 -6.60
C GLY I 269 -47.01 126.75 -7.27
N ALA I 270 -45.72 127.01 -7.48
CA ALA I 270 -44.85 126.07 -8.16
C ALA I 270 -43.43 126.26 -7.65
N THR I 271 -42.63 125.21 -7.80
CA THR I 271 -41.23 125.27 -7.42
C THR I 271 -40.54 124.05 -8.01
N GLY I 272 -39.22 124.00 -7.87
CA GLY I 272 -38.44 122.95 -8.48
C GLY I 272 -37.22 122.61 -7.67
N HIS I 273 -36.73 121.39 -7.88
CA HIS I 273 -35.60 120.85 -7.13
C HIS I 273 -34.34 121.04 -7.97
N SER I 274 -33.58 122.09 -7.67
CA SER I 274 -32.38 122.42 -8.43
C SER I 274 -32.73 122.81 -9.86
N GLN I 275 -32.48 121.91 -10.82
CA GLN I 275 -32.73 122.24 -12.22
C GLN I 275 -34.21 122.45 -12.49
N GLY I 276 -35.09 121.82 -11.71
CA GLY I 276 -36.52 121.92 -11.95
C GLY I 276 -37.07 123.32 -11.75
N LEU I 277 -36.33 124.19 -11.04
CA LEU I 277 -36.81 125.54 -10.80
C LEU I 277 -37.01 126.30 -12.10
N VAL I 278 -36.15 126.06 -13.10
CA VAL I 278 -36.30 126.72 -14.39
C VAL I 278 -37.63 126.33 -15.03
N THR I 279 -37.93 125.03 -15.03
CA THR I 279 -39.20 124.58 -15.56
C THR I 279 -40.35 125.20 -14.79
N ALA I 280 -40.19 125.32 -13.47
CA ALA I 280 -41.27 125.89 -12.66
C ALA I 280 -41.57 127.31 -13.07
N VAL I 281 -40.54 128.15 -13.20
CA VAL I 281 -40.78 129.55 -13.57
C VAL I 281 -41.29 129.64 -15.01
N ALA I 282 -40.77 128.80 -15.90
CA ALA I 282 -41.24 128.82 -17.28
C ALA I 282 -42.72 128.45 -17.37
N ILE I 283 -43.14 127.42 -16.64
CA ILE I 283 -44.56 127.06 -16.60
C ILE I 283 -45.37 128.20 -16.02
N ALA I 284 -44.88 128.83 -14.95
CA ALA I 284 -45.58 129.98 -14.40
C ALA I 284 -45.70 131.11 -15.42
N GLU I 285 -44.84 131.11 -16.44
CA GLU I 285 -44.91 132.15 -17.47
C GLU I 285 -46.06 131.93 -18.46
N THR I 286 -46.46 130.69 -18.69
CA THR I 286 -47.34 130.38 -19.81
C THR I 286 -48.69 131.08 -19.68
N ASP I 287 -49.26 131.44 -20.83
CA ASP I 287 -50.59 132.04 -20.87
C ASP I 287 -51.54 131.31 -21.81
N SER I 288 -51.08 130.93 -23.01
CA SER I 288 -51.92 130.24 -23.98
C SER I 288 -51.01 129.39 -24.86
N TRP I 289 -51.63 128.58 -25.72
CA TRP I 289 -50.85 127.66 -26.55
C TRP I 289 -49.92 128.36 -27.54
N GLU I 290 -50.19 129.62 -27.86
CA GLU I 290 -49.29 130.35 -28.75
C GLU I 290 -47.99 130.72 -28.03
N SER I 291 -48.10 131.29 -26.83
CA SER I 291 -46.93 131.71 -26.07
C SER I 291 -46.23 130.55 -25.36
N PHE I 292 -46.82 129.35 -25.40
CA PHE I 292 -46.18 128.23 -24.73
C PHE I 292 -44.83 127.91 -25.35
N PHE I 293 -44.72 127.97 -26.67
CA PHE I 293 -43.43 127.71 -27.29
C PHE I 293 -42.41 128.78 -26.93
N VAL I 294 -42.84 130.04 -26.75
CA VAL I 294 -41.93 131.08 -26.27
C VAL I 294 -41.39 130.69 -24.89
N SER I 295 -42.27 130.30 -23.99
CA SER I 295 -41.83 129.90 -22.66
C SER I 295 -40.90 128.70 -22.73
N VAL I 296 -41.22 127.74 -23.59
CA VAL I 296 -40.41 126.53 -23.72
C VAL I 296 -39.02 126.87 -24.22
N ARG I 297 -38.94 127.77 -25.21
CA ARG I 297 -37.64 128.19 -25.70
C ARG I 297 -36.83 128.85 -24.60
N LYS I 298 -37.46 129.74 -23.81
CA LYS I 298 -36.77 130.34 -22.68
C LYS I 298 -36.17 129.27 -21.76
N ALA I 299 -37.01 128.29 -21.37
CA ALA I 299 -36.57 127.30 -20.40
C ALA I 299 -35.43 126.46 -20.94
N ILE I 300 -35.61 125.89 -22.13
CA ILE I 300 -34.60 124.99 -22.66
C ILE I 300 -33.34 125.74 -23.04
N THR I 301 -33.44 127.02 -23.40
CA THR I 301 -32.24 127.82 -23.60
C THR I 301 -31.44 127.91 -22.31
N VAL I 302 -32.13 128.25 -21.20
CA VAL I 302 -31.44 128.36 -19.93
C VAL I 302 -30.79 127.03 -19.56
N LEU I 303 -31.53 125.93 -19.73
CA LEU I 303 -30.99 124.63 -19.36
C LEU I 303 -29.82 124.22 -20.25
N PHE I 304 -29.94 124.47 -21.56
CA PHE I 304 -28.86 124.14 -22.48
C PHE I 304 -27.58 124.87 -22.08
N PHE I 305 -27.69 126.17 -21.77
CA PHE I 305 -26.50 126.91 -21.42
C PHE I 305 -25.97 126.52 -20.04
N ILE I 306 -26.84 126.21 -19.08
CA ILE I 306 -26.38 125.67 -17.81
C ILE I 306 -25.56 124.42 -18.04
N GLY I 307 -26.09 123.48 -18.82
CA GLY I 307 -25.36 122.25 -19.09
C GLY I 307 -24.02 122.53 -19.73
N VAL I 308 -24.01 123.38 -20.76
CA VAL I 308 -22.78 123.61 -21.52
C VAL I 308 -21.71 124.24 -20.64
N ARG I 309 -22.06 125.34 -19.96
CA ARG I 309 -21.05 126.06 -19.18
C ARG I 309 -20.63 125.27 -17.94
N CYS I 310 -21.56 124.57 -17.31
CA CYS I 310 -21.20 123.80 -16.12
C CYS I 310 -20.38 122.57 -16.48
N TYR I 311 -20.54 122.03 -17.70
CA TYR I 311 -19.66 120.96 -18.13
C TYR I 311 -18.30 121.50 -18.51
N GLU I 312 -18.25 122.68 -19.13
CA GLU I 312 -16.97 123.29 -19.45
C GLU I 312 -16.18 123.63 -18.20
N ALA I 313 -16.86 124.12 -17.15
CA ALA I 313 -16.16 124.53 -15.94
C ALA I 313 -15.51 123.34 -15.25
N TYR I 314 -16.24 122.24 -15.10
CA TYR I 314 -15.74 121.05 -14.40
C TYR I 314 -16.07 119.80 -15.20
N PRO I 315 -15.38 119.55 -16.30
CA PRO I 315 -15.64 118.34 -17.08
C PRO I 315 -15.19 117.09 -16.33
N ASN I 316 -15.88 115.98 -16.61
CA ASN I 316 -15.59 114.73 -15.95
C ASN I 316 -14.33 114.09 -16.53
N THR I 317 -13.57 113.43 -15.66
CA THR I 317 -12.33 112.77 -16.03
C THR I 317 -12.33 111.36 -15.45
N SER I 318 -11.55 110.48 -16.09
CA SER I 318 -11.52 109.09 -15.68
C SER I 318 -11.01 108.95 -14.26
N LEU I 319 -11.57 108.00 -13.54
CA LEU I 319 -11.11 107.65 -12.21
C LEU I 319 -10.16 106.46 -12.27
N PRO I 320 -9.16 106.40 -11.41
CA PRO I 320 -8.28 105.23 -11.37
C PRO I 320 -9.08 103.96 -11.20
N PRO I 321 -8.79 102.92 -12.00
CA PRO I 321 -9.58 101.68 -11.88
C PRO I 321 -9.50 101.03 -10.53
N SER I 322 -8.41 101.25 -9.78
CA SER I 322 -8.32 100.67 -8.45
C SER I 322 -9.45 101.18 -7.56
N ILE I 323 -9.75 102.47 -7.66
CA ILE I 323 -10.83 103.05 -6.87
C ILE I 323 -12.17 102.49 -7.30
N LEU I 324 -12.38 102.34 -8.61
CA LEU I 324 -13.61 101.73 -9.10
C LEU I 324 -13.78 100.34 -8.51
N GLU I 325 -12.72 99.53 -8.54
CA GLU I 325 -12.79 98.18 -8.02
C GLU I 325 -13.07 98.18 -6.52
N ASP I 326 -12.39 99.04 -5.77
CA ASP I 326 -12.61 99.12 -4.33
C ASP I 326 -14.04 99.51 -4.02
N SER I 327 -14.59 100.47 -4.76
CA SER I 327 -15.95 100.89 -4.52
C SER I 327 -16.96 99.78 -4.86
N LEU I 328 -16.75 99.08 -5.97
CA LEU I 328 -17.68 98.00 -6.31
C LEU I 328 -17.61 96.87 -5.31
N GLU I 329 -16.41 96.51 -4.85
CA GLU I 329 -16.26 95.35 -3.98
C GLU I 329 -16.92 95.52 -2.62
N ASN I 330 -17.30 96.75 -2.26
CA ASN I 330 -17.95 97.01 -0.98
C ASN I 330 -19.39 97.48 -1.19
N ASN I 331 -20.10 96.81 -2.09
CA ASN I 331 -21.53 97.07 -2.29
C ASN I 331 -21.81 98.56 -2.46
N GLU I 332 -20.85 99.25 -3.05
CA GLU I 332 -20.96 100.68 -3.31
C GLU I 332 -21.11 100.89 -4.80
N GLY I 333 -21.62 102.06 -5.18
CA GLY I 333 -21.83 102.37 -6.57
C GLY I 333 -20.60 102.93 -7.25
N VAL I 334 -20.78 103.32 -8.51
CA VAL I 334 -19.71 104.00 -9.24
C VAL I 334 -19.58 105.41 -8.71
N PRO I 335 -18.36 105.86 -8.36
CA PRO I 335 -18.22 107.23 -7.88
C PRO I 335 -18.69 108.25 -8.90
N SER I 336 -19.21 109.36 -8.39
CA SER I 336 -19.73 110.45 -9.18
C SER I 336 -19.62 111.74 -8.37
N PRO I 337 -19.94 112.90 -8.92
CA PRO I 337 -19.80 114.16 -8.19
C PRO I 337 -20.89 114.44 -7.17
N MET I 338 -21.74 113.48 -6.81
CA MET I 338 -22.79 113.72 -5.83
C MET I 338 -23.05 112.45 -5.04
N LEU I 339 -22.90 112.52 -3.72
CA LEU I 339 -23.07 111.38 -2.83
C LEU I 339 -24.31 111.56 -1.97
N SER I 340 -25.16 110.54 -1.94
CA SER I 340 -26.37 110.55 -1.14
C SER I 340 -26.14 109.79 0.16
N ILE I 341 -26.39 110.45 1.28
CA ILE I 341 -26.20 109.88 2.61
C ILE I 341 -27.54 109.93 3.33
N SER I 342 -28.03 108.77 3.75
CA SER I 342 -29.35 108.65 4.35
C SER I 342 -29.22 108.16 5.78
N ASN I 343 -30.18 108.58 6.62
CA ASN I 343 -30.27 108.17 8.02
C ASN I 343 -29.18 108.79 8.87
N LEU I 344 -28.94 110.08 8.68
CA LEU I 344 -27.95 110.81 9.48
C LEU I 344 -28.34 112.28 9.50
N THR I 345 -28.17 112.91 10.65
CA THR I 345 -28.53 114.31 10.77
C THR I 345 -27.55 115.19 9.99
N GLN I 346 -28.01 116.39 9.66
CA GLN I 346 -27.14 117.34 8.97
C GLN I 346 -25.89 117.63 9.79
N GLU I 347 -26.01 117.66 11.12
CA GLU I 347 -24.84 117.92 11.95
C GLU I 347 -23.80 116.82 11.80
N GLN I 348 -24.23 115.56 11.81
CA GLN I 348 -23.27 114.46 11.70
C GLN I 348 -22.58 114.47 10.34
N VAL I 349 -23.35 114.65 9.27
CA VAL I 349 -22.77 114.67 7.93
C VAL I 349 -21.83 115.86 7.80
N GLN I 350 -22.18 117.01 8.38
CA GLN I 350 -21.29 118.15 8.35
C GLN I 350 -20.01 117.85 9.12
N ASP I 351 -20.12 117.11 10.22
CA ASP I 351 -18.95 116.72 10.98
C ASP I 351 -17.99 115.89 10.13
N TYR I 352 -18.53 114.87 9.46
CA TYR I 352 -17.70 114.03 8.60
C TYR I 352 -17.12 114.84 7.45
N VAL I 353 -17.92 115.74 6.88
CA VAL I 353 -17.46 116.56 5.78
C VAL I 353 -16.31 117.44 6.22
N ASN I 354 -16.41 118.03 7.42
CA ASN I 354 -15.34 118.86 7.94
C ASN I 354 -14.08 118.03 8.17
N LYS I 355 -14.23 116.86 8.78
CA LYS I 355 -13.08 115.99 9.00
C LYS I 355 -12.36 115.70 7.68
N THR I 356 -13.12 115.31 6.66
CA THR I 356 -12.52 115.03 5.36
C THR I 356 -11.87 116.28 4.78
N ASN I 357 -12.56 117.42 4.86
CA ASN I 357 -12.10 118.63 4.19
C ASN I 357 -10.85 119.21 4.83
N SER I 358 -10.59 118.90 6.10
CA SER I 358 -9.37 119.41 6.72
C SER I 358 -8.11 118.89 6.03
N HIS I 359 -8.15 117.66 5.53
CA HIS I 359 -6.99 117.03 4.90
C HIS I 359 -6.82 117.41 3.44
N LEU I 360 -7.76 118.16 2.86
CA LEU I 360 -7.80 118.40 1.43
C LEU I 360 -7.52 119.86 1.11
N PRO I 361 -7.01 120.15 -0.08
CA PRO I 361 -6.80 121.55 -0.48
C PRO I 361 -8.13 122.22 -0.84
N ALA I 362 -8.06 123.53 -1.02
CA ALA I 362 -9.27 124.32 -1.19
C ALA I 362 -10.04 123.89 -2.43
N GLY I 363 -9.35 123.60 -3.53
CA GLY I 363 -10.02 123.32 -4.78
C GLY I 363 -10.68 121.95 -4.83
N LYS I 364 -10.36 121.06 -3.91
CA LYS I 364 -10.91 119.71 -3.90
C LYS I 364 -11.89 119.48 -2.75
N GLN I 365 -12.25 120.52 -2.01
CA GLN I 365 -13.14 120.36 -0.86
C GLN I 365 -14.54 119.98 -1.31
N VAL I 366 -15.26 119.29 -0.43
CA VAL I 366 -16.63 118.88 -0.69
C VAL I 366 -17.56 119.69 0.19
N GLU I 367 -18.86 119.55 -0.06
CA GLU I 367 -19.86 120.28 0.72
C GLU I 367 -21.22 119.63 0.53
N ILE I 368 -22.12 119.93 1.45
CA ILE I 368 -23.50 119.46 1.35
C ILE I 368 -24.22 120.31 0.31
N SER I 369 -24.82 119.64 -0.68
CA SER I 369 -25.53 120.32 -1.75
C SER I 369 -27.04 120.29 -1.54
N LEU I 370 -27.63 119.10 -1.40
CA LEU I 370 -29.07 118.94 -1.23
C LEU I 370 -29.37 118.54 0.21
N VAL I 371 -30.11 119.37 0.91
CA VAL I 371 -30.71 119.01 2.20
C VAL I 371 -32.12 118.54 1.87
N ASN I 372 -32.25 117.25 1.58
CA ASN I 372 -33.53 116.71 1.15
C ASN I 372 -34.49 116.50 2.30
N GLY I 373 -33.99 116.10 3.47
CA GLY I 373 -34.83 115.87 4.62
C GLY I 373 -34.02 115.93 5.89
N ALA I 374 -34.65 115.53 6.99
CA ALA I 374 -33.95 115.50 8.26
C ALA I 374 -32.80 114.50 8.22
N LYS I 375 -33.04 113.33 7.61
CA LYS I 375 -32.06 112.26 7.52
C LYS I 375 -31.56 112.03 6.10
N ASN I 376 -31.89 112.92 5.17
CA ASN I 376 -31.59 112.73 3.76
C ASN I 376 -30.76 113.91 3.28
N LEU I 377 -29.48 113.65 2.99
CA LEU I 377 -28.56 114.70 2.59
C LEU I 377 -27.74 114.22 1.40
N VAL I 378 -27.24 115.18 0.63
CA VAL I 378 -26.42 114.90 -0.54
C VAL I 378 -25.20 115.82 -0.50
N VAL I 379 -24.03 115.24 -0.79
CA VAL I 379 -22.77 115.95 -0.74
C VAL I 379 -22.21 116.00 -2.16
N SER I 380 -21.84 117.19 -2.62
CA SER I 380 -21.32 117.39 -3.96
C SER I 380 -19.87 117.80 -3.90
N GLY I 381 -19.08 117.23 -4.80
CA GLY I 381 -17.67 117.53 -4.88
C GLY I 381 -17.00 116.63 -5.90
N PRO I 382 -15.68 116.69 -5.99
CA PRO I 382 -14.97 115.81 -6.92
C PRO I 382 -15.19 114.35 -6.56
N PRO I 383 -15.31 113.47 -7.54
CA PRO I 383 -15.52 112.04 -7.21
C PRO I 383 -14.44 111.45 -6.32
N GLN I 384 -13.18 111.89 -6.47
CA GLN I 384 -12.12 111.41 -5.60
C GLN I 384 -12.38 111.79 -4.14
N SER I 385 -12.72 113.06 -3.90
CA SER I 385 -12.98 113.50 -2.54
C SER I 385 -14.20 112.78 -1.95
N LEU I 386 -15.24 112.59 -2.75
CA LEU I 386 -16.40 111.85 -2.27
C LEU I 386 -16.04 110.41 -1.95
N TYR I 387 -15.14 109.82 -2.74
CA TYR I 387 -14.66 108.48 -2.43
C TYR I 387 -13.93 108.44 -1.09
N GLY I 388 -13.09 109.45 -0.84
CA GLY I 388 -12.42 109.51 0.45
C GLY I 388 -13.40 109.63 1.60
N LEU I 389 -14.40 110.49 1.43
CA LEU I 389 -15.47 110.61 2.43
C LEU I 389 -16.16 109.28 2.63
N ASN I 390 -16.40 108.54 1.55
CA ASN I 390 -17.03 107.23 1.66
C ASN I 390 -16.15 106.28 2.47
N LEU I 391 -14.84 106.33 2.27
CA LEU I 391 -13.95 105.49 3.05
C LEU I 391 -14.09 105.80 4.54
N THR I 392 -14.09 107.09 4.88
CA THR I 392 -14.31 107.47 6.26
C THR I 392 -15.64 106.94 6.77
N LEU I 393 -16.70 107.07 5.97
CA LEU I 393 -18.03 106.69 6.43
C LEU I 393 -18.12 105.19 6.68
N ARG I 394 -17.58 104.38 5.76
CA ARG I 394 -17.63 102.94 5.95
C ARG I 394 -16.69 102.49 7.05
N LYS I 395 -15.70 103.32 7.41
CA LYS I 395 -14.94 103.03 8.63
C LYS I 395 -15.72 103.31 9.89
N ALA I 396 -16.93 103.89 9.79
CA ALA I 396 -17.72 104.28 10.95
C ALA I 396 -19.16 103.78 10.85
N LYS I 397 -19.42 102.79 10.01
CA LYS I 397 -20.76 102.25 9.80
C LYS I 397 -20.78 100.79 10.22
N ALA I 398 -21.86 100.38 10.89
CA ALA I 398 -22.03 98.99 11.25
C ALA I 398 -22.57 98.19 10.06
N PRO I 399 -22.25 96.90 9.98
CA PRO I 399 -22.88 96.06 8.95
C PRO I 399 -24.39 96.08 9.08
N SER I 400 -25.07 96.03 7.93
CA SER I 400 -26.53 95.96 7.95
C SER I 400 -27.00 94.70 8.66
N GLY I 401 -26.34 93.57 8.41
CA GLY I 401 -26.70 92.32 9.05
C GLY I 401 -26.07 92.16 10.42
N LEU I 402 -26.12 93.20 11.24
CA LEU I 402 -25.68 93.16 12.62
C LEU I 402 -26.90 93.26 13.52
N ASP I 403 -26.99 92.34 14.48
CA ASP I 403 -28.10 92.32 15.42
C ASP I 403 -27.71 93.06 16.68
N GLN I 404 -28.47 94.10 17.02
CA GLN I 404 -28.21 94.91 18.19
C GLN I 404 -29.42 94.96 19.11
N SER I 405 -30.34 94.00 19.00
CA SER I 405 -31.53 94.00 19.84
C SER I 405 -31.20 93.76 21.30
N ARG I 406 -30.05 93.14 21.59
CA ARG I 406 -29.65 92.84 22.96
C ARG I 406 -28.69 93.87 23.53
N ILE I 407 -28.43 94.95 22.81
CA ILE I 407 -27.51 96.00 23.27
C ILE I 407 -28.34 97.22 23.65
N PRO I 408 -27.98 97.97 24.70
CA PRO I 408 -28.77 99.15 25.05
C PRO I 408 -28.81 100.16 23.91
N PHE I 409 -29.95 100.81 23.77
CA PHE I 409 -30.14 101.77 22.68
C PHE I 409 -29.10 102.87 22.64
N SER I 410 -28.77 103.43 23.79
CA SER I 410 -27.84 104.56 23.82
C SER I 410 -26.48 104.17 23.26
N GLU I 411 -26.02 102.96 23.55
CA GLU I 411 -24.69 102.52 23.13
C GLU I 411 -24.68 101.90 21.74
N ARG I 412 -25.83 101.78 21.09
CA ARG I 412 -25.87 101.12 19.80
C ARG I 412 -25.08 101.88 18.74
N LYS I 413 -24.32 101.15 17.93
CA LYS I 413 -23.55 101.74 16.85
C LYS I 413 -24.50 102.16 15.73
N LEU I 414 -24.46 103.44 15.37
CA LEU I 414 -25.40 103.99 14.41
C LEU I 414 -25.22 103.35 13.04
N LYS I 415 -26.35 103.01 12.41
CA LYS I 415 -26.40 102.43 11.08
C LYS I 415 -26.92 103.46 10.10
N PHE I 416 -26.37 103.45 8.88
CA PHE I 416 -26.80 104.38 7.85
C PHE I 416 -26.38 103.80 6.50
N SER I 417 -26.74 104.53 5.45
CA SER I 417 -26.49 104.08 4.08
C SER I 417 -25.96 105.24 3.26
N ASN I 418 -25.26 104.90 2.18
CA ASN I 418 -24.71 105.90 1.29
C ASN I 418 -24.62 105.32 -0.12
N ARG I 419 -24.79 106.19 -1.11
CA ARG I 419 -24.69 105.78 -2.49
C ARG I 419 -24.42 107.01 -3.34
N PHE I 420 -23.92 106.76 -4.55
CA PHE I 420 -23.61 107.82 -5.50
C PHE I 420 -24.80 108.00 -6.44
N LEU I 421 -25.21 109.25 -6.63
CA LEU I 421 -26.35 109.52 -7.48
C LEU I 421 -25.99 109.39 -8.97
N PRO I 422 -26.97 109.02 -9.82
CA PRO I 422 -26.68 108.93 -11.26
C PRO I 422 -26.60 110.31 -11.90
N VAL I 423 -25.53 111.04 -11.60
CA VAL I 423 -25.30 112.38 -12.13
C VAL I 423 -23.86 112.47 -12.59
N ALA I 424 -23.55 113.56 -13.30
CA ALA I 424 -22.20 113.74 -13.82
C ALA I 424 -21.70 115.17 -13.67
N SER I 425 -22.10 115.87 -12.62
CA SER I 425 -21.56 117.20 -12.36
C SER I 425 -21.86 117.59 -10.93
N PRO I 426 -20.97 118.31 -10.26
CA PRO I 426 -21.21 118.73 -8.87
C PRO I 426 -22.08 119.99 -8.81
N PHE I 427 -23.40 119.79 -8.89
CA PHE I 427 -24.29 120.93 -8.78
C PHE I 427 -24.26 121.50 -7.36
N HIS I 428 -24.59 122.79 -7.26
CA HIS I 428 -24.58 123.48 -5.97
C HIS I 428 -23.22 123.35 -5.29
N SER I 429 -22.15 123.55 -6.05
CA SER I 429 -20.80 123.38 -5.52
C SER I 429 -19.92 124.54 -5.97
N HIS I 430 -18.86 124.78 -5.18
CA HIS I 430 -17.93 125.84 -5.51
C HIS I 430 -17.26 125.61 -6.85
N LEU I 431 -17.20 124.37 -7.32
CA LEU I 431 -16.52 124.08 -8.57
C LEU I 431 -17.21 124.73 -9.77
N LEU I 432 -18.54 124.74 -9.78
CA LEU I 432 -19.27 125.34 -10.89
C LEU I 432 -19.42 126.84 -10.75
N VAL I 433 -18.89 127.44 -9.69
CA VAL I 433 -19.07 128.88 -9.47
C VAL I 433 -18.54 129.69 -10.64
N PRO I 434 -17.39 129.37 -11.25
CA PRO I 434 -16.90 130.22 -12.35
C PRO I 434 -17.85 130.31 -13.53
N ALA I 435 -18.80 129.39 -13.67
CA ALA I 435 -19.71 129.39 -14.81
C ALA I 435 -20.89 130.34 -14.63
N SER I 436 -21.11 130.87 -13.42
CA SER I 436 -22.27 131.72 -13.18
C SER I 436 -22.22 132.97 -14.03
N ASP I 437 -21.08 133.67 -14.03
CA ASP I 437 -20.96 134.88 -14.82
C ASP I 437 -21.11 134.58 -16.31
N LEU I 438 -20.52 133.47 -16.78
CA LEU I 438 -20.67 133.09 -18.17
C LEU I 438 -22.14 132.89 -18.53
N ILE I 439 -22.87 132.16 -17.69
CA ILE I 439 -24.28 131.90 -17.96
C ILE I 439 -25.07 133.20 -18.00
N ASN I 440 -24.83 134.07 -17.02
CA ASN I 440 -25.56 135.33 -16.97
C ASN I 440 -25.26 136.18 -18.20
N LYS I 441 -24.00 136.21 -18.62
CA LYS I 441 -23.60 137.01 -19.77
C LYS I 441 -24.18 136.45 -21.06
N ASP I 442 -24.33 135.13 -21.13
CA ASP I 442 -24.90 134.48 -22.30
C ASP I 442 -26.41 134.64 -22.41
N LEU I 443 -27.12 134.56 -21.29
CA LEU I 443 -28.58 134.62 -21.36
C LEU I 443 -29.06 135.98 -21.84
N VAL I 444 -28.37 137.05 -21.47
CA VAL I 444 -28.75 138.38 -21.92
C VAL I 444 -28.61 138.47 -23.44
N LYS I 445 -27.60 137.80 -24.01
CA LYS I 445 -27.45 137.80 -25.46
C LYS I 445 -28.52 136.93 -26.11
N ASN I 446 -28.83 135.77 -25.54
CA ASN I 446 -29.82 134.88 -26.13
C ASN I 446 -31.24 135.39 -25.98
N ASN I 447 -31.45 136.48 -25.23
CA ASN I 447 -32.76 137.11 -25.08
C ASN I 447 -33.68 136.31 -24.14
N VAL I 448 -33.11 135.65 -23.15
CA VAL I 448 -33.89 134.95 -22.13
C VAL I 448 -33.90 135.81 -20.87
N SER I 449 -35.10 136.11 -20.38
CA SER I 449 -35.26 136.87 -19.15
C SER I 449 -36.65 136.60 -18.60
N PHE I 450 -36.75 136.58 -17.28
CA PHE I 450 -38.02 136.35 -16.58
C PHE I 450 -38.39 137.63 -15.84
N ASN I 451 -39.56 138.16 -16.13
CA ASN I 451 -40.07 139.35 -15.45
C ASN I 451 -41.03 138.96 -14.34
N ALA I 452 -40.94 139.66 -13.21
CA ALA I 452 -41.81 139.36 -12.09
C ALA I 452 -43.29 139.53 -12.45
N LYS I 453 -43.59 140.54 -13.28
CA LYS I 453 -44.97 140.75 -13.70
C LYS I 453 -45.49 139.56 -14.50
N ASP I 454 -44.65 138.99 -15.35
CA ASP I 454 -45.08 137.85 -16.15
C ASP I 454 -45.44 136.65 -15.29
N ILE I 455 -44.63 136.38 -14.26
CA ILE I 455 -44.96 135.30 -13.32
C ILE I 455 -46.20 135.71 -12.54
N GLN I 456 -47.17 134.81 -12.47
CA GLN I 456 -48.43 135.13 -11.80
C GLN I 456 -48.83 134.10 -10.74
N ILE I 457 -47.93 133.20 -10.37
CA ILE I 457 -48.13 132.35 -9.20
C ILE I 457 -46.84 132.36 -8.39
N PRO I 458 -46.89 132.18 -7.07
CA PRO I 458 -45.66 132.15 -6.29
C PRO I 458 -44.73 131.03 -6.76
N VAL I 459 -43.47 131.38 -7.00
CA VAL I 459 -42.42 130.42 -7.28
C VAL I 459 -41.38 130.57 -6.18
N TYR I 460 -41.17 129.49 -5.43
CA TYR I 460 -40.41 129.55 -4.18
C TYR I 460 -38.93 129.30 -4.46
N ASP I 461 -38.09 130.22 -4.00
CA ASP I 461 -36.66 130.05 -4.09
C ASP I 461 -36.22 128.80 -3.31
N THR I 462 -35.26 128.07 -3.86
CA THR I 462 -34.84 126.81 -3.27
C THR I 462 -33.84 126.97 -2.13
N PHE I 463 -33.29 128.16 -1.92
CA PHE I 463 -32.38 128.38 -0.82
C PHE I 463 -33.10 128.79 0.46
N ASP I 464 -34.09 129.68 0.35
CA ASP I 464 -34.80 130.18 1.52
C ASP I 464 -36.31 130.00 1.41
N GLY I 465 -36.80 129.36 0.35
CA GLY I 465 -38.22 129.16 0.21
C GLY I 465 -39.01 130.43 -0.01
N SER I 466 -38.34 131.56 -0.18
CA SER I 466 -39.03 132.81 -0.41
C SER I 466 -39.63 132.83 -1.81
N ASP I 467 -40.63 133.68 -1.98
CA ASP I 467 -41.26 133.83 -3.29
C ASP I 467 -40.32 134.57 -4.24
N LEU I 468 -40.11 134.01 -5.42
CA LEU I 468 -39.20 134.62 -6.38
C LEU I 468 -39.77 135.89 -6.97
N ARG I 469 -41.10 136.02 -7.00
CA ARG I 469 -41.72 137.20 -7.59
C ARG I 469 -41.34 138.47 -6.85
N VAL I 470 -41.03 138.37 -5.55
CA VAL I 470 -40.64 139.53 -4.77
C VAL I 470 -39.13 139.76 -4.79
N LEU I 471 -38.38 138.92 -5.49
CA LEU I 471 -36.94 139.12 -5.59
C LEU I 471 -36.64 140.47 -6.23
N SER I 472 -35.67 141.19 -5.66
CA SER I 472 -35.34 142.53 -6.13
C SER I 472 -34.53 142.52 -7.42
N GLY I 473 -33.65 141.54 -7.60
CA GLY I 473 -32.78 141.48 -8.75
C GLY I 473 -33.35 140.67 -9.90
N SER I 474 -32.46 140.07 -10.68
CA SER I 474 -32.87 139.26 -11.81
C SER I 474 -33.24 137.86 -11.35
N ILE I 475 -34.44 137.42 -11.72
CA ILE I 475 -34.89 136.08 -11.34
C ILE I 475 -34.03 135.02 -12.00
N SER I 476 -33.62 135.25 -13.26
CA SER I 476 -32.75 134.29 -13.93
C SER I 476 -31.42 134.15 -13.22
N GLU I 477 -30.84 135.27 -12.77
CA GLU I 477 -29.58 135.20 -12.03
C GLU I 477 -29.75 134.39 -10.76
N ARG I 478 -30.84 134.61 -10.03
CA ARG I 478 -31.09 133.86 -8.81
C ARG I 478 -31.29 132.38 -9.10
N ILE I 479 -31.99 132.06 -10.19
CA ILE I 479 -32.23 130.66 -10.53
C ILE I 479 -30.92 129.96 -10.83
N VAL I 480 -30.06 130.60 -11.62
CA VAL I 480 -28.79 129.97 -11.96
C VAL I 480 -27.91 129.87 -10.72
N ASP I 481 -27.91 130.89 -9.87
CA ASP I 481 -27.15 130.82 -8.63
C ASP I 481 -27.62 129.67 -7.76
N CYS I 482 -28.93 129.50 -7.64
CA CYS I 482 -29.48 128.41 -6.85
C CYS I 482 -29.08 127.07 -7.43
N ILE I 483 -29.07 126.96 -8.76
CA ILE I 483 -28.78 125.66 -9.37
C ILE I 483 -27.31 125.30 -9.21
N ILE I 484 -26.41 126.25 -9.45
CA ILE I 484 -25.00 125.90 -9.55
C ILE I 484 -24.25 126.12 -8.25
N ARG I 485 -24.69 127.06 -7.42
CA ARG I 485 -23.93 127.48 -6.26
C ARG I 485 -24.61 127.15 -4.93
N LEU I 486 -25.83 127.63 -4.72
CA LEU I 486 -26.42 127.53 -3.40
C LEU I 486 -27.00 126.14 -3.17
N PRO I 487 -27.00 125.68 -1.92
CA PRO I 487 -27.61 124.37 -1.62
C PRO I 487 -29.13 124.45 -1.65
N VAL I 488 -29.75 123.29 -1.86
CA VAL I 488 -31.19 123.17 -1.87
C VAL I 488 -31.65 122.76 -0.47
N LYS I 489 -32.45 123.63 0.15
CA LYS I 489 -33.08 123.33 1.43
C LYS I 489 -34.53 122.95 1.12
N TRP I 490 -34.73 121.68 0.78
CA TRP I 490 -36.03 121.26 0.26
C TRP I 490 -37.12 121.43 1.31
N GLU I 491 -36.84 121.08 2.56
CA GLU I 491 -37.85 121.24 3.60
C GLU I 491 -38.24 122.71 3.76
N THR I 492 -37.25 123.60 3.68
CA THR I 492 -37.55 125.03 3.72
C THR I 492 -38.40 125.45 2.52
N THR I 493 -38.08 124.95 1.33
CA THR I 493 -38.85 125.32 0.15
C THR I 493 -40.29 124.86 0.24
N THR I 494 -40.52 123.68 0.83
CA THR I 494 -41.82 123.04 0.79
C THR I 494 -42.76 123.47 1.91
N GLN I 495 -42.37 124.48 2.71
CA GLN I 495 -43.17 124.88 3.85
C GLN I 495 -44.57 125.38 3.48
N PHE I 496 -44.86 125.57 2.19
CA PHE I 496 -46.18 126.01 1.79
C PHE I 496 -47.25 125.06 2.30
N LYS I 497 -48.48 125.57 2.40
CA LYS I 497 -49.63 124.77 2.79
C LYS I 497 -50.45 124.41 1.56
N ALA I 498 -50.58 123.12 1.29
CA ALA I 498 -51.36 122.64 0.16
C ALA I 498 -51.90 121.27 0.48
N THR I 499 -52.98 120.89 -0.23
CA THR I 499 -53.57 119.57 -0.06
C THR I 499 -53.02 118.55 -1.03
N HIS I 500 -52.71 118.96 -2.26
CA HIS I 500 -52.21 118.06 -3.27
C HIS I 500 -50.96 118.65 -3.91
N ILE I 501 -50.03 117.77 -4.28
CA ILE I 501 -48.78 118.16 -4.91
C ILE I 501 -48.61 117.30 -6.15
N LEU I 502 -48.44 117.93 -7.30
CA LEU I 502 -48.27 117.22 -8.56
C LEU I 502 -46.79 117.17 -8.90
N ASP I 503 -46.28 115.96 -9.13
CA ASP I 503 -44.88 115.73 -9.45
C ASP I 503 -44.77 115.45 -10.94
N PHE I 504 -44.31 116.44 -11.70
CA PHE I 504 -44.02 116.26 -13.12
C PHE I 504 -42.61 115.76 -13.39
N GLY I 505 -41.70 115.91 -12.43
CA GLY I 505 -40.30 115.63 -12.67
C GLY I 505 -40.07 114.19 -13.03
N PRO I 506 -38.87 113.90 -13.56
CA PRO I 506 -38.54 112.51 -13.91
C PRO I 506 -38.43 111.62 -12.69
N GLY I 507 -38.24 110.33 -12.91
CA GLY I 507 -38.01 109.37 -11.86
C GLY I 507 -39.22 108.54 -11.47
N GLY I 508 -40.42 108.99 -11.82
CA GLY I 508 -41.61 108.27 -11.43
C GLY I 508 -41.66 108.02 -9.94
N ALA I 509 -41.84 106.75 -9.54
CA ALA I 509 -41.92 106.41 -8.14
C ALA I 509 -40.60 106.66 -7.40
N SER I 510 -39.50 106.85 -8.12
CA SER I 510 -38.21 107.16 -7.52
C SER I 510 -37.87 108.64 -7.61
N GLY I 511 -38.83 109.48 -7.99
CA GLY I 511 -38.59 110.90 -8.20
C GLY I 511 -38.78 111.72 -6.94
N LEU I 512 -38.89 113.03 -7.16
CA LEU I 512 -39.00 113.98 -6.06
C LEU I 512 -40.34 113.88 -5.33
N GLY I 513 -41.39 113.43 -6.01
CA GLY I 513 -42.69 113.35 -5.37
C GLY I 513 -42.70 112.40 -4.19
N VAL I 514 -42.09 111.23 -4.35
CA VAL I 514 -42.06 110.26 -3.25
C VAL I 514 -41.25 110.79 -2.08
N LEU I 515 -40.11 111.43 -2.37
CA LEU I 515 -39.33 112.06 -1.30
C LEU I 515 -40.18 113.08 -0.55
N THR I 516 -40.88 113.94 -1.28
CA THR I 516 -41.68 114.96 -0.64
C THR I 516 -42.82 114.34 0.17
N HIS I 517 -43.36 113.23 -0.32
CA HIS I 517 -44.41 112.53 0.41
C HIS I 517 -43.87 111.99 1.73
N ARG I 518 -42.68 111.38 1.70
CA ARG I 518 -42.10 110.88 2.94
C ARG I 518 -41.81 112.01 3.91
N ASN I 519 -41.32 113.14 3.40
CA ASN I 519 -41.07 114.29 4.27
C ASN I 519 -42.35 114.79 4.91
N LYS I 520 -43.46 114.74 4.18
CA LYS I 520 -44.69 115.43 4.57
C LYS I 520 -45.75 114.46 5.09
N ASP I 521 -45.37 113.21 5.37
CA ASP I 521 -46.33 112.21 5.80
C ASP I 521 -47.04 112.65 7.08
N GLY I 522 -48.35 112.43 7.14
CA GLY I 522 -49.12 112.75 8.33
C GLY I 522 -49.51 114.20 8.50
N THR I 523 -49.30 115.02 7.47
CA THR I 523 -49.69 116.42 7.53
C THR I 523 -50.91 116.72 6.65
N GLY I 524 -51.56 115.71 6.11
CA GLY I 524 -52.68 115.96 5.22
C GLY I 524 -52.30 116.50 3.86
N VAL I 525 -51.21 115.99 3.27
CA VAL I 525 -50.79 116.40 1.93
C VAL I 525 -50.70 115.15 1.06
N ARG I 526 -51.26 115.24 -0.14
CA ARG I 526 -51.28 114.14 -1.09
C ARG I 526 -50.34 114.45 -2.25
N VAL I 527 -49.52 113.48 -2.63
CA VAL I 527 -48.58 113.62 -3.73
C VAL I 527 -49.06 112.76 -4.89
N ILE I 528 -49.17 113.37 -6.07
CA ILE I 528 -49.51 112.67 -7.30
C ILE I 528 -48.33 112.80 -8.25
N VAL I 529 -47.86 111.67 -8.76
CA VAL I 529 -46.77 111.65 -9.72
C VAL I 529 -47.39 111.59 -11.11
N ALA I 530 -47.47 112.75 -11.76
CA ALA I 530 -48.16 112.85 -13.05
C ALA I 530 -47.39 112.22 -14.19
N GLY I 531 -46.13 111.85 -13.98
CA GLY I 531 -45.31 111.38 -15.07
C GLY I 531 -45.48 109.92 -15.42
N THR I 532 -46.05 109.12 -14.51
CA THR I 532 -46.11 107.68 -14.70
C THR I 532 -47.50 107.14 -14.37
N LEU I 533 -47.80 105.99 -14.97
CA LEU I 533 -49.04 105.26 -14.76
C LEU I 533 -48.69 103.97 -14.01
N ASP I 534 -49.31 103.76 -12.85
CA ASP I 534 -49.03 102.56 -12.08
C ASP I 534 -50.04 102.44 -10.94
N ILE I 535 -49.88 101.37 -10.17
CA ILE I 535 -50.72 101.10 -9.01
C ILE I 535 -49.83 101.01 -7.78
N ASN I 536 -50.19 101.78 -6.76
CA ASN I 536 -49.49 101.76 -5.49
C ASN I 536 -50.24 100.82 -4.54
N PRO I 537 -49.68 99.67 -4.16
CA PRO I 537 -50.37 98.86 -3.16
C PRO I 537 -50.65 99.61 -1.87
N ASP I 538 -49.69 100.40 -1.39
CA ASP I 538 -49.92 101.17 -0.17
C ASP I 538 -50.99 102.21 -0.38
N ASP I 539 -51.11 102.74 -1.59
CA ASP I 539 -52.11 103.75 -1.92
C ASP I 539 -51.87 105.06 -1.19
N ASP I 540 -50.66 105.25 -0.66
CA ASP I 540 -50.35 106.46 0.09
C ASP I 540 -50.11 107.67 -0.81
N TYR I 541 -49.83 107.45 -2.10
CA TYR I 541 -49.65 108.54 -3.05
C TYR I 541 -50.20 108.13 -4.41
N GLY I 542 -50.62 109.12 -5.18
CA GLY I 542 -51.30 108.85 -6.43
C GLY I 542 -50.37 108.68 -7.61
N PHE I 543 -50.98 108.33 -8.75
CA PHE I 543 -50.26 108.19 -10.02
C PHE I 543 -50.96 109.04 -11.08
N LYS I 544 -50.57 108.88 -12.34
CA LYS I 544 -51.08 109.75 -13.39
C LYS I 544 -52.60 109.70 -13.47
N GLN I 545 -53.19 108.52 -13.22
CA GLN I 545 -54.63 108.38 -13.39
C GLN I 545 -55.41 109.28 -12.45
N GLU I 546 -54.92 109.45 -11.22
CA GLU I 546 -55.66 110.21 -10.22
C GLU I 546 -55.91 111.64 -10.66
N ILE I 547 -55.09 112.17 -11.56
CA ILE I 547 -55.27 113.54 -12.01
C ILE I 547 -56.50 113.68 -12.90
N PHE I 548 -56.92 112.60 -13.56
CA PHE I 548 -58.00 112.65 -14.53
C PHE I 548 -59.26 111.91 -14.09
N ASP I 549 -59.19 111.11 -13.02
CA ASP I 549 -60.36 110.38 -12.57
C ASP I 549 -61.50 111.34 -12.25
N VAL I 550 -62.71 110.93 -12.61
CA VAL I 550 -63.89 111.74 -12.40
C VAL I 550 -64.71 111.30 -11.20
N THR I 551 -64.53 110.07 -10.72
CA THR I 551 -65.26 109.57 -9.57
C THR I 551 -64.64 110.15 -8.30
N SER I 552 -65.07 109.64 -7.14
CA SER I 552 -64.39 110.00 -5.90
C SER I 552 -62.94 109.53 -5.91
N ASN I 553 -62.62 108.52 -6.71
CA ASN I 553 -61.25 108.02 -6.78
C ASN I 553 -60.27 109.07 -7.25
N GLY I 554 -60.77 110.13 -7.89
CA GLY I 554 -59.92 111.26 -8.25
C GLY I 554 -59.63 112.21 -7.12
N LEU I 555 -60.39 112.13 -6.03
CA LEU I 555 -60.20 112.98 -4.86
C LEU I 555 -59.85 112.10 -3.67
N LYS I 556 -58.56 111.92 -3.42
CA LYS I 556 -58.06 111.18 -2.28
C LYS I 556 -57.33 112.14 -1.35
N LYS I 557 -57.68 112.10 -0.08
CA LYS I 557 -57.05 112.92 0.95
C LYS I 557 -56.14 112.04 1.79
N ASN I 558 -54.91 112.51 2.04
CA ASN I 558 -54.00 111.75 2.86
C ASN I 558 -54.32 112.04 4.30
N PRO I 559 -53.97 111.13 5.20
CA PRO I 559 -54.36 111.32 6.60
C PRO I 559 -53.66 112.43 7.34
N ASN I 560 -54.40 113.26 8.07
CA ASN I 560 -53.79 114.26 8.93
C ASN I 560 -54.00 113.76 10.36
N TRP I 561 -52.92 113.27 10.96
CA TRP I 561 -53.05 112.60 12.25
C TRP I 561 -53.60 113.52 13.32
N LEU I 562 -53.13 114.76 13.36
CA LEU I 562 -53.60 115.68 14.39
C LEU I 562 -55.11 115.85 14.35
N GLU I 563 -55.72 115.70 13.18
CA GLU I 563 -57.16 115.86 13.03
C GLU I 563 -57.92 114.55 13.11
N GLU I 564 -57.39 113.48 12.52
CA GLU I 564 -58.11 112.20 12.56
C GLU I 564 -58.17 111.64 13.97
N TYR I 565 -57.06 111.67 14.69
CA TYR I 565 -56.95 111.07 16.01
C TYR I 565 -56.96 112.11 17.12
N HIS I 566 -57.58 113.25 16.85
CA HIS I 566 -57.67 114.30 17.85
C HIS I 566 -58.50 113.81 19.05
N PRO I 567 -57.99 113.93 20.27
CA PRO I 567 -58.82 113.61 21.43
C PRO I 567 -60.02 114.55 21.53
N LYS I 568 -61.12 114.02 22.06
CA LYS I 568 -62.34 114.77 22.21
C LYS I 568 -62.95 114.46 23.56
N LEU I 569 -63.91 115.28 23.96
CA LEU I 569 -64.67 115.08 25.19
C LEU I 569 -66.12 114.73 24.84
N ILE I 570 -66.71 113.85 25.63
CA ILE I 570 -68.08 113.42 25.44
C ILE I 570 -68.65 113.05 26.80
N LYS I 571 -69.98 113.17 26.94
CA LYS I 571 -70.64 112.78 28.17
C LYS I 571 -71.88 111.95 27.85
N ASN I 572 -72.29 111.15 28.81
CA ASN I 572 -73.46 110.30 28.70
C ASN I 572 -74.65 110.98 29.39
N LYS I 573 -75.78 110.27 29.46
CA LYS I 573 -76.99 110.84 30.05
C LYS I 573 -76.75 111.27 31.49
N SER I 574 -76.06 110.44 32.27
CA SER I 574 -75.83 110.76 33.67
C SER I 574 -75.06 112.07 33.84
N GLY I 575 -74.33 112.50 32.81
CA GLY I 575 -73.49 113.66 32.89
C GLY I 575 -72.02 113.37 33.10
N LYS I 576 -71.63 112.10 33.14
CA LYS I 576 -70.23 111.75 33.33
C LYS I 576 -69.42 112.12 32.09
N ILE I 577 -68.35 112.88 32.29
CA ILE I 577 -67.45 113.24 31.21
C ILE I 577 -66.52 112.07 30.91
N PHE I 578 -66.26 111.86 29.61
CA PHE I 578 -65.35 110.83 29.15
C PHE I 578 -64.37 111.44 28.18
N VAL I 579 -63.12 111.00 28.25
CA VAL I 579 -62.13 111.39 27.25
C VAL I 579 -62.33 110.48 26.04
N GLU I 580 -62.86 111.04 24.97
CA GLU I 580 -63.23 110.25 23.79
C GLU I 580 -61.99 109.92 22.99
N THR I 581 -61.80 108.63 22.74
CA THR I 581 -60.68 108.13 21.96
C THR I 581 -61.12 106.85 21.28
N LYS I 582 -60.32 106.39 20.32
CA LYS I 582 -60.63 105.13 19.65
C LYS I 582 -60.81 104.00 20.67
N PHE I 583 -59.82 103.81 21.54
CA PHE I 583 -59.91 102.80 22.58
C PHE I 583 -61.08 103.06 23.51
N SER I 584 -61.23 104.31 23.95
CA SER I 584 -62.32 104.66 24.85
C SER I 584 -63.66 104.48 24.17
N LYS I 585 -63.74 104.82 22.88
CA LYS I 585 -64.98 104.63 22.14
C LYS I 585 -65.34 103.15 22.07
N LEU I 586 -64.34 102.28 21.95
CA LEU I 586 -64.62 100.85 21.90
C LEU I 586 -65.09 100.32 23.24
N ILE I 587 -64.37 100.64 24.32
CA ILE I 587 -64.65 99.97 25.59
C ILE I 587 -65.62 100.72 26.49
N GLY I 588 -65.99 101.95 26.15
CA GLY I 588 -66.95 102.67 26.97
C GLY I 588 -66.46 103.02 28.35
N ARG I 589 -65.15 103.13 28.54
CA ARG I 589 -64.53 103.50 29.80
C ARG I 589 -63.35 104.40 29.48
N PRO I 590 -62.85 105.15 30.45
CA PRO I 590 -61.73 106.05 30.19
C PRO I 590 -60.54 105.29 29.62
N PRO I 591 -59.80 105.89 28.70
CA PRO I 591 -58.77 105.14 27.98
C PRO I 591 -57.51 104.91 28.81
N LEU I 592 -57.67 104.38 30.02
CA LEU I 592 -56.55 104.13 30.91
C LEU I 592 -56.71 102.72 31.46
N LEU I 593 -55.66 101.92 31.36
CA LEU I 593 -55.71 100.53 31.81
C LEU I 593 -54.52 100.23 32.70
N VAL I 594 -54.73 99.31 33.62
CA VAL I 594 -53.67 98.77 34.46
C VAL I 594 -53.22 97.45 33.83
N PRO I 595 -51.97 97.32 33.41
CA PRO I 595 -51.56 96.10 32.69
C PRO I 595 -51.43 94.91 33.62
N GLY I 596 -51.42 93.72 33.01
CA GLY I 596 -51.20 92.49 33.75
C GLY I 596 -49.86 92.46 34.43
N MET I 597 -49.82 92.45 35.75
CA MET I 597 -48.55 92.44 36.48
C MET I 597 -48.42 91.31 37.47
N THR I 598 -47.49 90.40 37.23
CA THR I 598 -47.23 89.34 38.18
C THR I 598 -46.08 89.81 39.06
N PRO I 599 -46.39 90.25 40.28
CA PRO I 599 -47.43 89.72 41.15
C PRO I 599 -48.55 90.70 41.51
N CYS I 600 -48.44 91.96 41.13
CA CYS I 600 -49.43 92.98 41.55
C CYS I 600 -50.88 92.71 41.15
N THR I 601 -51.12 92.26 39.93
CA THR I 601 -52.49 92.05 39.46
C THR I 601 -52.90 90.59 39.57
N VAL I 602 -52.05 89.76 40.16
CA VAL I 602 -52.43 88.37 40.39
C VAL I 602 -53.58 88.31 41.39
N SER I 603 -53.70 89.29 42.25
CA SER I 603 -54.69 89.26 43.32
C SER I 603 -56.08 89.54 42.77
N PRO I 604 -57.06 88.65 42.97
CA PRO I 604 -58.44 88.99 42.57
C PRO I 604 -59.00 90.22 43.25
N ASP I 605 -58.61 90.51 44.49
CA ASP I 605 -59.17 91.67 45.18
C ASP I 605 -58.77 92.97 44.48
N PHE I 606 -57.53 93.08 44.03
CA PHE I 606 -57.09 94.30 43.36
C PHE I 606 -57.72 94.42 41.98
N VAL I 607 -57.84 93.30 41.26
CA VAL I 607 -58.54 93.32 39.98
C VAL I 607 -59.98 93.79 40.17
N ALA I 608 -60.64 93.30 41.21
CA ALA I 608 -62.01 93.72 41.47
C ALA I 608 -62.09 95.19 41.84
N ALA I 609 -61.15 95.67 42.68
CA ALA I 609 -61.19 97.07 43.08
C ALA I 609 -60.94 97.99 41.88
N THR I 610 -60.07 97.58 40.97
CA THR I 610 -59.81 98.40 39.79
C THR I 610 -61.00 98.36 38.84
N THR I 611 -61.59 97.19 38.62
CA THR I 611 -62.76 97.10 37.75
C THR I 611 -63.91 97.95 38.31
N ASN I 612 -64.16 97.84 39.61
CA ASN I 612 -65.28 98.55 40.22
C ASN I 612 -65.04 100.04 40.27
N ALA I 613 -63.78 100.49 40.18
CA ALA I 613 -63.50 101.92 40.03
C ALA I 613 -63.82 102.43 38.64
N GLY I 614 -64.13 101.55 37.69
CA GLY I 614 -64.47 101.96 36.35
C GLY I 614 -63.34 101.94 35.36
N TYR I 615 -62.28 101.19 35.62
CA TYR I 615 -61.09 101.20 34.78
C TYR I 615 -60.71 99.77 34.42
N THR I 616 -60.00 99.65 33.30
CA THR I 616 -59.62 98.35 32.78
C THR I 616 -58.40 97.80 33.52
N ILE I 617 -58.39 96.49 33.74
CA ILE I 617 -57.26 95.81 34.35
C ILE I 617 -57.21 94.38 33.82
N GLU I 618 -56.01 93.81 33.82
CA GLU I 618 -55.77 92.47 33.32
C GLU I 618 -55.34 91.57 34.47
N LEU I 619 -56.05 90.45 34.65
CA LEU I 619 -55.64 89.47 35.63
C LEU I 619 -54.36 88.78 35.15
N ALA I 620 -53.35 88.76 36.01
CA ALA I 620 -52.04 88.27 35.62
C ALA I 620 -52.02 86.75 35.69
N GLY I 621 -51.79 86.11 34.54
CA GLY I 621 -51.66 84.66 34.51
C GLY I 621 -50.35 84.16 35.08
N GLY I 622 -49.36 85.05 35.26
CA GLY I 622 -48.06 84.64 35.78
C GLY I 622 -48.11 84.15 37.21
N GLY I 623 -49.15 84.47 37.95
CA GLY I 623 -49.30 84.03 39.32
C GLY I 623 -50.13 82.79 39.51
N TYR I 624 -50.45 82.07 38.44
CA TYR I 624 -51.23 80.83 38.51
C TYR I 624 -50.54 79.77 37.68
N PHE I 625 -50.66 78.52 38.12
CA PHE I 625 -49.92 77.42 37.52
C PHE I 625 -50.82 76.30 37.00
N SER I 626 -52.13 76.46 37.11
CA SER I 626 -53.05 75.47 36.60
C SER I 626 -54.35 76.13 36.20
N ALA I 627 -55.12 75.44 35.37
CA ALA I 627 -56.44 75.97 35.01
C ALA I 627 -57.35 76.07 36.24
N ALA I 628 -57.16 75.19 37.22
CA ALA I 628 -58.03 75.20 38.39
C ALA I 628 -57.79 76.42 39.27
N GLY I 629 -56.52 76.75 39.50
CA GLY I 629 -56.18 77.90 40.32
C GLY I 629 -56.64 79.19 39.70
N MET I 630 -56.39 79.37 38.40
CA MET I 630 -56.88 80.54 37.69
C MET I 630 -58.39 80.59 37.67
N THR I 631 -59.05 79.44 37.53
CA THR I 631 -60.50 79.42 37.53
C THR I 631 -61.05 79.89 38.87
N ALA I 632 -60.44 79.45 39.97
CA ALA I 632 -60.86 79.93 41.28
C ALA I 632 -60.67 81.44 41.40
N ALA I 633 -59.53 81.94 40.90
CA ALA I 633 -59.28 83.38 40.96
C ALA I 633 -60.31 84.15 40.13
N ILE I 634 -60.64 83.65 38.95
CA ILE I 634 -61.61 84.32 38.10
C ILE I 634 -62.98 84.33 38.74
N ASP I 635 -63.37 83.21 39.37
CA ASP I 635 -64.65 83.19 40.06
C ASP I 635 -64.68 84.19 41.22
N SER I 636 -63.56 84.31 41.94
CA SER I 636 -63.49 85.32 42.99
C SER I 636 -63.68 86.72 42.41
N VAL I 637 -62.98 87.02 41.31
CA VAL I 637 -63.12 88.34 40.69
C VAL I 637 -64.56 88.59 40.31
N VAL I 638 -65.19 87.62 39.63
CA VAL I 638 -66.57 87.79 39.18
C VAL I 638 -67.48 88.06 40.37
N SER I 639 -67.32 87.30 41.45
CA SER I 639 -68.15 87.53 42.62
C SER I 639 -67.91 88.91 43.21
N GLN I 640 -66.73 89.49 43.03
CA GLN I 640 -66.43 90.77 43.65
C GLN I 640 -66.85 91.98 42.81
N ILE I 641 -67.11 91.80 41.52
CA ILE I 641 -67.45 92.91 40.64
C ILE I 641 -68.97 93.03 40.53
N GLU I 642 -69.43 94.17 40.04
CA GLU I 642 -70.85 94.40 39.86
C GLU I 642 -71.34 93.80 38.55
N LYS I 643 -72.65 93.65 38.44
CA LYS I 643 -73.26 93.13 37.23
C LYS I 643 -72.88 94.00 36.04
N GLY I 644 -72.50 93.37 34.94
CA GLY I 644 -72.15 94.08 33.73
C GLY I 644 -70.70 94.49 33.61
N SER I 645 -69.90 94.32 34.66
CA SER I 645 -68.49 94.69 34.58
C SER I 645 -67.71 93.61 33.86
N THR I 646 -66.51 93.97 33.40
CA THR I 646 -65.65 93.06 32.66
C THR I 646 -64.21 93.31 33.05
N PHE I 647 -63.35 92.38 32.65
CA PHE I 647 -61.92 92.48 32.92
C PHE I 647 -61.21 91.56 31.95
N GLY I 648 -59.89 91.72 31.87
CA GLY I 648 -59.07 90.94 30.97
C GLY I 648 -58.13 90.01 31.70
N ILE I 649 -57.39 89.24 30.90
CA ILE I 649 -56.42 88.27 31.41
C ILE I 649 -55.12 88.45 30.62
N ASN I 650 -54.00 88.39 31.32
CA ASN I 650 -52.68 88.54 30.73
C ASN I 650 -51.94 87.21 30.79
N LEU I 651 -51.48 86.72 29.64
CA LEU I 651 -50.75 85.47 29.55
C LEU I 651 -49.37 85.72 28.95
N ILE I 652 -48.37 85.05 29.49
CA ILE I 652 -46.99 85.22 29.06
C ILE I 652 -46.71 84.23 27.96
N TYR I 653 -46.10 84.69 26.87
CA TYR I 653 -45.90 83.84 25.70
C TYR I 653 -44.62 83.03 25.77
N VAL I 654 -43.78 83.19 26.80
CA VAL I 654 -42.50 82.49 26.78
C VAL I 654 -42.65 81.07 27.32
N ASN I 655 -43.54 80.84 28.28
CA ASN I 655 -43.69 79.50 28.84
C ASN I 655 -44.84 78.79 28.14
N PRO I 656 -44.59 77.78 27.32
CA PRO I 656 -45.69 77.12 26.61
C PRO I 656 -46.69 76.42 27.51
N PHE I 657 -46.30 76.03 28.72
CA PHE I 657 -47.23 75.35 29.62
C PHE I 657 -48.36 76.28 30.06
N MET I 658 -48.01 77.52 30.41
CA MET I 658 -49.00 78.52 30.75
C MET I 658 -50.04 78.65 29.65
N LEU I 659 -49.59 78.86 28.41
CA LEU I 659 -50.50 78.95 27.29
C LEU I 659 -51.30 77.67 27.13
N GLN I 660 -50.63 76.52 27.19
CA GLN I 660 -51.27 75.25 26.90
C GLN I 660 -52.47 75.02 27.80
N TRP I 661 -52.38 75.39 29.06
CA TRP I 661 -53.56 75.25 29.91
C TRP I 661 -54.42 76.51 29.97
N GLY I 662 -53.92 77.66 29.50
CA GLY I 662 -54.66 78.90 29.64
C GLY I 662 -55.55 79.24 28.47
N ILE I 663 -55.10 78.99 27.24
CA ILE I 663 -55.93 79.25 26.07
C ILE I 663 -57.19 78.39 26.08
N PRO I 664 -57.12 77.07 26.29
CA PRO I 664 -58.36 76.30 26.44
C PRO I 664 -59.22 76.80 27.57
N LEU I 665 -58.63 77.24 28.67
CA LEU I 665 -59.42 77.75 29.78
C LEU I 665 -60.20 79.00 29.36
N ILE I 666 -59.55 79.91 28.64
CA ILE I 666 -60.24 81.12 28.20
C ILE I 666 -61.37 80.76 27.25
N LYS I 667 -61.11 79.86 26.31
CA LYS I 667 -62.16 79.44 25.39
C LYS I 667 -63.34 78.85 26.15
N GLU I 668 -63.07 77.98 27.13
CA GLU I 668 -64.13 77.34 27.88
C GLU I 668 -64.94 78.36 28.67
N LEU I 669 -64.24 79.28 29.36
CA LEU I 669 -64.94 80.28 30.16
C LEU I 669 -65.77 81.21 29.29
N ARG I 670 -65.27 81.58 28.13
CA ARG I 670 -66.06 82.43 27.23
C ARG I 670 -67.24 81.66 26.66
N SER I 671 -67.10 80.36 26.43
CA SER I 671 -68.25 79.56 26.03
C SER I 671 -69.31 79.57 27.11
N LYS I 672 -68.91 79.47 28.36
CA LYS I 672 -69.86 79.61 29.46
C LYS I 672 -70.33 81.04 29.64
N GLY I 673 -69.74 81.99 28.93
CA GLY I 673 -70.18 83.38 28.99
C GLY I 673 -69.51 84.23 30.04
N TYR I 674 -68.34 83.84 30.52
CA TYR I 674 -67.69 84.59 31.59
C TYR I 674 -67.26 85.96 31.09
N PRO I 675 -67.38 87.00 31.93
CA PRO I 675 -67.13 88.36 31.45
C PRO I 675 -65.67 88.67 31.23
N ILE I 676 -65.05 87.99 30.27
CA ILE I 676 -63.64 88.17 29.95
C ILE I 676 -63.60 88.98 28.65
N GLN I 677 -63.27 90.27 28.77
CA GLN I 677 -63.36 91.15 27.62
C GLN I 677 -62.23 90.88 26.63
N PHE I 678 -61.00 90.72 27.11
CA PHE I 678 -59.85 90.72 26.22
C PHE I 678 -58.73 89.86 26.80
N LEU I 679 -57.84 89.43 25.91
CA LEU I 679 -56.64 88.71 26.28
C LEU I 679 -55.42 89.53 25.84
N THR I 680 -54.48 89.72 26.75
CA THR I 680 -53.21 90.37 26.43
C THR I 680 -52.10 89.34 26.51
N ILE I 681 -51.31 89.25 25.44
CA ILE I 681 -50.15 88.37 25.39
C ILE I 681 -48.91 89.22 25.62
N GLY I 682 -48.23 88.97 26.73
CA GLY I 682 -46.99 89.66 27.04
C GLY I 682 -45.78 88.81 26.68
N ALA I 683 -44.61 89.45 26.75
CA ALA I 683 -43.34 88.78 26.51
C ALA I 683 -43.37 88.01 25.20
N GLY I 684 -43.59 88.73 24.10
CA GLY I 684 -43.56 88.12 22.78
C GLY I 684 -44.88 88.27 22.05
N VAL I 685 -44.81 88.25 20.73
CA VAL I 685 -45.97 88.40 19.85
C VAL I 685 -46.23 87.05 19.21
N PRO I 686 -47.46 86.53 19.25
CA PRO I 686 -47.71 85.22 18.64
C PRO I 686 -47.53 85.26 17.14
N SER I 687 -47.29 84.08 16.57
CA SER I 687 -47.24 83.94 15.12
C SER I 687 -48.62 84.19 14.52
N LEU I 688 -48.66 84.26 13.19
CA LEU I 688 -49.93 84.56 12.52
C LEU I 688 -50.96 83.46 12.78
N GLU I 689 -50.54 82.20 12.71
CA GLU I 689 -51.49 81.11 12.91
C GLU I 689 -52.06 81.12 14.32
N VAL I 690 -51.18 81.29 15.32
CA VAL I 690 -51.64 81.29 16.70
C VAL I 690 -52.55 82.50 16.96
N ALA I 691 -52.20 83.66 16.39
CA ALA I 691 -53.04 84.83 16.56
C ALA I 691 -54.41 84.62 15.93
N SER I 692 -54.44 84.03 14.73
CA SER I 692 -55.72 83.76 14.09
C SER I 692 -56.55 82.80 14.92
N GLU I 693 -55.92 81.77 15.47
CA GLU I 693 -56.63 80.84 16.33
C GLU I 693 -57.21 81.55 17.54
N TYR I 694 -56.41 82.40 18.20
CA TYR I 694 -56.92 83.18 19.33
C TYR I 694 -58.14 83.99 18.91
N ILE I 695 -57.99 84.79 17.86
CA ILE I 695 -59.04 85.72 17.45
C ILE I 695 -60.31 84.96 17.08
N GLU I 696 -60.17 83.83 16.40
CA GLU I 696 -61.33 83.10 15.91
C GLU I 696 -62.05 82.35 17.04
N THR I 697 -61.30 81.55 17.80
CA THR I 697 -61.94 80.63 18.72
C THR I 697 -62.25 81.25 20.07
N LEU I 698 -61.39 82.13 20.57
CA LEU I 698 -61.54 82.57 21.95
C LEU I 698 -62.81 83.40 22.16
N GLY I 699 -63.31 84.03 21.12
CA GLY I 699 -64.53 84.82 21.25
C GLY I 699 -64.40 85.99 22.20
N LEU I 700 -63.34 86.77 22.06
CA LEU I 700 -63.11 87.94 22.89
C LEU I 700 -63.47 89.21 22.14
N LYS I 701 -63.61 90.30 22.89
CA LYS I 701 -63.91 91.59 22.26
C LYS I 701 -62.71 92.14 21.51
N TYR I 702 -61.53 92.10 22.13
CA TYR I 702 -60.32 92.53 21.44
C TYR I 702 -59.11 91.82 22.01
N LEU I 703 -58.03 91.84 21.24
CA LEU I 703 -56.78 91.19 21.58
C LEU I 703 -55.74 92.25 21.92
N GLY I 704 -55.01 92.05 23.00
CA GLY I 704 -53.93 92.92 23.39
C GLY I 704 -52.59 92.30 23.05
N LEU I 705 -51.70 93.09 22.48
CA LEU I 705 -50.36 92.64 22.14
C LEU I 705 -49.35 93.65 22.64
N LYS I 706 -48.17 93.15 23.03
CA LYS I 706 -47.11 93.97 23.59
C LYS I 706 -45.84 93.72 22.78
N PRO I 707 -45.73 94.35 21.61
CA PRO I 707 -44.49 94.24 20.85
C PRO I 707 -43.33 94.88 21.58
N GLY I 708 -42.13 94.38 21.37
CA GLY I 708 -40.98 94.91 22.06
C GLY I 708 -40.05 95.69 21.17
N SER I 709 -40.04 95.41 19.87
CA SER I 709 -39.10 96.05 18.97
C SER I 709 -39.82 96.40 17.67
N ILE I 710 -39.05 96.85 16.68
CA ILE I 710 -39.62 97.20 15.38
C ILE I 710 -40.22 95.97 14.72
N ASP I 711 -39.48 94.85 14.75
CA ASP I 711 -39.98 93.63 14.12
C ASP I 711 -41.25 93.14 14.79
N ALA I 712 -41.33 93.23 16.11
CA ALA I 712 -42.55 92.87 16.81
C ALA I 712 -43.72 93.74 16.35
N ILE I 713 -43.47 95.04 16.17
CA ILE I 713 -44.53 95.93 15.70
C ILE I 713 -44.96 95.54 14.29
N SER I 714 -44.01 95.14 13.45
CA SER I 714 -44.39 94.67 12.12
C SER I 714 -45.25 93.41 12.20
N GLN I 715 -44.90 92.50 13.10
CA GLN I 715 -45.71 91.29 13.27
C GLN I 715 -47.11 91.65 13.74
N VAL I 716 -47.23 92.60 14.65
CA VAL I 716 -48.55 93.04 15.10
C VAL I 716 -49.34 93.63 13.94
N ILE I 717 -48.67 94.43 13.10
CA ILE I 717 -49.34 95.00 11.92
C ILE I 717 -49.85 93.89 11.00
N ASN I 718 -49.03 92.86 10.78
CA ASN I 718 -49.45 91.76 9.92
C ASN I 718 -50.66 91.05 10.51
N ILE I 719 -50.66 90.82 11.82
CA ILE I 719 -51.82 90.19 12.46
C ILE I 719 -53.06 91.06 12.24
N ALA I 720 -52.95 92.36 12.50
CA ALA I 720 -54.10 93.24 12.33
C ALA I 720 -54.57 93.26 10.89
N LYS I 721 -53.65 93.14 9.94
CA LYS I 721 -54.04 93.13 8.54
C LYS I 721 -54.79 91.85 8.18
N ALA I 722 -54.37 90.72 8.75
CA ALA I 722 -55.05 89.46 8.45
C ALA I 722 -56.48 89.45 8.92
N HIS I 723 -56.82 90.26 9.93
CA HIS I 723 -58.17 90.32 10.49
C HIS I 723 -58.60 91.78 10.56
N PRO I 724 -58.91 92.39 9.43
CA PRO I 724 -59.12 93.84 9.40
C PRO I 724 -60.27 94.33 10.28
N ASN I 725 -61.22 93.48 10.61
CA ASN I 725 -62.35 93.91 11.41
C ASN I 725 -62.14 93.75 12.91
N PHE I 726 -61.25 92.86 13.32
CA PHE I 726 -61.07 92.57 14.73
C PHE I 726 -60.20 93.65 15.39
N PRO I 727 -60.66 94.25 16.49
CA PRO I 727 -59.81 95.26 17.16
C PRO I 727 -58.57 94.64 17.78
N ILE I 728 -57.45 95.31 17.60
CA ILE I 728 -56.16 94.90 18.16
C ILE I 728 -55.62 96.05 18.98
N ALA I 729 -55.23 95.78 20.22
CA ALA I 729 -54.69 96.79 21.12
C ALA I 729 -53.17 96.66 21.12
N LEU I 730 -52.50 97.57 20.43
CA LEU I 730 -51.04 97.58 20.39
C LEU I 730 -50.55 98.31 21.64
N GLN I 731 -50.17 97.55 22.65
CA GLN I 731 -49.65 98.12 23.89
C GLN I 731 -48.14 98.29 23.73
N TRP I 732 -47.74 99.53 23.49
CA TRP I 732 -46.33 99.83 23.29
C TRP I 732 -45.66 100.31 24.55
N THR I 733 -44.51 99.73 24.86
CA THR I 733 -43.78 100.14 26.05
C THR I 733 -42.30 100.10 25.73
N GLY I 734 -41.56 101.06 26.26
CA GLY I 734 -40.14 101.10 26.04
C GLY I 734 -39.37 100.27 27.05
N GLY I 735 -38.05 100.34 26.98
CA GLY I 735 -37.21 99.62 27.91
C GLY I 735 -37.17 100.20 29.29
N ARG I 736 -37.80 101.36 29.49
CA ARG I 736 -37.78 102.08 30.75
C ARG I 736 -38.88 101.64 31.70
N GLY I 737 -39.68 100.64 31.33
CA GLY I 737 -40.74 100.16 32.20
C GLY I 737 -40.23 99.30 33.33
N GLY I 738 -41.13 98.99 34.26
CA GLY I 738 -40.79 98.12 35.36
C GLY I 738 -40.78 96.65 34.97
N GLY I 739 -40.18 95.85 35.84
CA GLY I 739 -40.15 94.41 35.61
C GLY I 739 -39.34 94.04 34.38
N HIS I 740 -39.74 92.95 33.74
CA HIS I 740 -39.10 92.52 32.50
C HIS I 740 -39.16 93.65 31.48
N HIS I 741 -38.03 93.97 30.87
CA HIS I 741 -37.95 95.10 29.97
C HIS I 741 -36.96 94.80 28.86
N SER I 742 -37.00 95.65 27.84
CA SER I 742 -36.13 95.48 26.70
C SER I 742 -35.09 96.58 26.64
N PHE I 743 -34.38 96.63 25.53
CA PHE I 743 -33.31 97.61 25.36
C PHE I 743 -33.73 98.79 24.49
N GLU I 744 -35.01 98.90 24.17
CA GLU I 744 -35.47 99.91 23.22
C GLU I 744 -35.80 101.26 23.79
N ASP I 745 -35.52 102.31 23.02
CA ASP I 745 -35.91 103.65 23.44
C ASP I 745 -37.42 103.69 23.39
N ALA I 746 -38.02 104.60 24.14
CA ALA I 746 -39.47 104.71 24.18
C ALA I 746 -40.06 105.50 23.02
N HIS I 747 -39.24 106.28 22.31
CA HIS I 747 -39.76 107.24 21.34
C HIS I 747 -39.40 106.92 19.90
N THR I 748 -38.19 106.46 19.65
CA THR I 748 -37.77 106.22 18.28
C THR I 748 -38.60 105.16 17.55
N PRO I 749 -38.92 104.05 18.22
CA PRO I 749 -39.67 103.05 17.46
C PRO I 749 -41.05 103.58 17.06
N MET I 750 -41.66 104.41 17.91
CA MET I 750 -42.95 104.99 17.60
C MET I 750 -42.84 105.99 16.46
N LEU I 751 -41.80 106.81 16.47
CA LEU I 751 -41.60 107.76 15.39
C LEU I 751 -41.40 107.04 14.05
N GLN I 752 -40.82 105.84 14.08
CA GLN I 752 -40.64 105.08 12.85
C GLN I 752 -41.93 104.43 12.38
N MET I 753 -42.73 103.89 13.29
CA MET I 753 -43.82 103.00 12.93
C MET I 753 -45.21 103.60 13.07
N TYR I 754 -45.33 104.86 13.51
CA TYR I 754 -46.65 105.43 13.76
C TYR I 754 -47.50 105.42 12.50
N SER I 755 -46.93 105.82 11.37
CA SER I 755 -47.65 105.85 10.12
C SER I 755 -48.15 104.45 9.74
N LYS I 756 -47.26 103.46 9.77
CA LYS I 756 -47.68 102.09 9.44
C LYS I 756 -48.80 101.63 10.35
N ILE I 757 -48.71 101.94 11.65
CA ILE I 757 -49.74 101.53 12.58
C ILE I 757 -51.07 102.18 12.23
N ARG I 758 -51.05 103.48 11.93
CA ARG I 758 -52.30 104.17 11.62
C ARG I 758 -52.82 103.82 10.23
N ARG I 759 -52.04 103.14 9.39
CA ARG I 759 -52.60 102.61 8.15
C ARG I 759 -53.77 101.68 8.43
N HIS I 760 -53.81 101.08 9.62
CA HIS I 760 -54.79 100.05 9.95
C HIS I 760 -55.75 100.56 11.02
N PRO I 761 -56.99 100.90 10.68
CA PRO I 761 -57.86 101.54 11.67
C PRO I 761 -58.22 100.66 12.84
N ASN I 762 -58.10 99.33 12.72
CA ASN I 762 -58.48 98.43 13.80
C ASN I 762 -57.45 98.35 14.91
N ILE I 763 -56.26 98.92 14.73
CA ILE I 763 -55.25 98.93 15.78
C ILE I 763 -55.50 100.11 16.71
N MET I 764 -55.53 99.84 18.01
CA MET I 764 -55.62 100.86 19.03
C MET I 764 -54.25 101.02 19.68
N LEU I 765 -53.75 102.26 19.72
CA LEU I 765 -52.38 102.52 20.11
C LEU I 765 -52.33 102.96 21.56
N ILE I 766 -51.74 102.13 22.41
CA ILE I 766 -51.58 102.41 23.83
C ILE I 766 -50.10 102.69 24.09
N PHE I 767 -49.83 103.69 24.91
CA PHE I 767 -48.47 104.08 25.28
C PHE I 767 -48.28 103.83 26.77
N GLY I 768 -47.20 103.15 27.12
CA GLY I 768 -46.86 102.91 28.51
C GLY I 768 -45.38 103.04 28.80
N SER I 769 -44.91 102.45 29.91
CA SER I 769 -43.51 102.50 30.30
C SER I 769 -43.05 103.93 30.61
N GLY I 770 -43.54 104.44 31.74
CA GLY I 770 -42.90 105.58 32.36
C GLY I 770 -43.84 106.68 32.78
N PHE I 771 -45.14 106.41 32.75
CA PHE I 771 -46.16 107.41 32.99
C PHE I 771 -46.74 107.25 34.39
N GLY I 772 -47.02 108.38 35.03
CA GLY I 772 -47.67 108.35 36.33
C GLY I 772 -48.63 109.49 36.60
N SER I 773 -48.91 110.34 35.62
CA SER I 773 -49.77 111.49 35.87
C SER I 773 -50.35 112.01 34.58
N ALA I 774 -51.38 112.85 34.71
CA ALA I 774 -51.97 113.51 33.56
C ALA I 774 -51.00 114.47 32.91
N ASP I 775 -50.16 115.15 33.70
CA ASP I 775 -49.23 116.11 33.12
C ASP I 775 -48.28 115.47 32.13
N ASP I 776 -47.74 114.30 32.47
CA ASP I 776 -46.75 113.67 31.62
C ASP I 776 -47.35 112.78 30.53
N THR I 777 -48.66 112.56 30.55
CA THR I 777 -49.31 111.84 29.46
C THR I 777 -50.04 112.74 28.49
N TYR I 778 -50.47 113.92 28.93
CA TYR I 778 -51.24 114.80 28.04
C TYR I 778 -50.52 115.10 26.73
N PRO I 779 -49.22 115.37 26.70
CA PRO I 779 -48.55 115.58 25.41
C PRO I 779 -48.72 114.41 24.46
N TYR I 780 -48.74 113.19 24.97
CA TYR I 780 -48.94 112.01 24.12
C TYR I 780 -50.40 111.85 23.72
N LEU I 781 -51.33 112.31 24.57
CA LEU I 781 -52.73 112.26 24.21
C LEU I 781 -53.03 113.23 23.06
N THR I 782 -52.42 114.41 23.09
CA THR I 782 -52.65 115.39 22.04
C THR I 782 -51.71 115.22 20.85
N GLY I 783 -50.70 114.36 20.95
CA GLY I 783 -49.75 114.15 19.89
C GLY I 783 -48.65 115.18 19.82
N GLU I 784 -48.65 116.17 20.72
CA GLU I 784 -47.65 117.23 20.72
C GLU I 784 -46.25 116.71 21.08
N TRP I 785 -46.14 115.47 21.56
CA TRP I 785 -44.84 114.93 21.91
C TRP I 785 -43.91 114.85 20.72
N SER I 786 -44.42 114.40 19.57
CA SER I 786 -43.57 114.15 18.42
C SER I 786 -43.06 115.43 17.77
N THR I 787 -43.61 116.59 18.11
CA THR I 787 -43.12 117.83 17.53
C THR I 787 -41.72 118.17 18.04
N LYS I 788 -41.38 117.74 19.26
CA LYS I 788 -40.05 117.99 19.78
C LYS I 788 -38.99 117.26 18.97
N PHE I 789 -39.38 116.24 18.22
CA PHE I 789 -38.50 115.51 17.31
C PHE I 789 -38.63 116.00 15.88
N ASP I 790 -39.24 117.17 15.68
CA ASP I 790 -39.47 117.72 14.34
C ASP I 790 -40.28 116.74 13.49
N TYR I 791 -41.43 116.36 14.02
CA TYR I 791 -42.39 115.48 13.38
C TYR I 791 -43.78 116.10 13.51
N PRO I 792 -44.74 115.68 12.70
CA PRO I 792 -46.12 116.11 12.90
C PRO I 792 -46.70 115.46 14.15
N PRO I 793 -47.71 116.08 14.76
CA PRO I 793 -48.29 115.49 15.98
C PRO I 793 -48.79 114.08 15.73
N MET I 794 -48.58 113.21 16.72
CA MET I 794 -48.99 111.81 16.60
C MET I 794 -49.74 111.37 17.84
N PRO I 795 -51.04 111.69 17.92
CA PRO I 795 -51.83 111.35 19.10
C PRO I 795 -51.92 109.86 19.32
N PHE I 796 -52.06 109.47 20.59
CA PHE I 796 -52.17 108.08 20.97
C PHE I 796 -53.58 107.80 21.48
N ASP I 797 -53.93 106.51 21.50
CA ASP I 797 -55.28 106.10 21.85
C ASP I 797 -55.48 105.87 23.35
N GLY I 798 -54.42 105.57 24.09
CA GLY I 798 -54.57 105.33 25.51
C GLY I 798 -53.22 105.10 26.16
N PHE I 799 -53.27 104.86 27.47
CA PHE I 799 -52.07 104.71 28.28
C PHE I 799 -52.25 103.58 29.28
N LEU I 800 -51.13 103.00 29.69
CA LEU I 800 -51.10 101.97 30.73
C LEU I 800 -50.13 102.40 31.82
N PHE I 801 -50.50 102.13 33.07
CA PHE I 801 -49.71 102.51 34.23
C PHE I 801 -49.45 101.27 35.08
N GLY I 802 -48.26 100.69 34.93
CA GLY I 802 -47.86 99.56 35.74
C GLY I 802 -47.31 99.93 37.11
N SER I 803 -46.16 100.60 37.13
CA SER I 803 -45.51 100.90 38.41
C SER I 803 -46.30 101.88 39.25
N ARG I 804 -47.08 102.76 38.60
CA ARG I 804 -47.68 103.88 39.31
C ARG I 804 -48.65 103.43 40.39
N VAL I 805 -49.24 102.24 40.24
CA VAL I 805 -50.29 101.79 41.16
C VAL I 805 -49.80 100.76 42.16
N MET I 806 -48.50 100.46 42.17
CA MET I 806 -48.01 99.41 43.07
C MET I 806 -48.13 99.81 44.53
N ILE I 807 -48.32 101.09 44.84
CA ILE I 807 -48.55 101.52 46.21
C ILE I 807 -49.99 101.96 46.38
N ALA I 808 -50.89 101.40 45.59
CA ALA I 808 -52.31 101.65 45.77
C ALA I 808 -52.81 100.91 47.01
N LYS I 809 -53.90 101.42 47.59
CA LYS I 809 -54.40 100.86 48.84
C LYS I 809 -54.87 99.43 48.67
N GLU I 810 -55.36 99.06 47.49
CA GLU I 810 -55.94 97.74 47.30
C GLU I 810 -54.95 96.70 46.81
N VAL I 811 -53.72 97.08 46.48
CA VAL I 811 -52.72 96.11 46.08
C VAL I 811 -52.16 95.41 47.31
N LYS I 812 -51.65 94.20 47.13
CA LYS I 812 -51.22 93.36 48.23
C LYS I 812 -49.77 93.56 48.63
N THR I 813 -49.11 94.59 48.12
CA THR I 813 -47.74 94.87 48.51
C THR I 813 -47.66 95.11 50.01
N SER I 814 -46.61 94.57 50.64
CA SER I 814 -46.46 94.71 52.08
C SER I 814 -46.19 96.17 52.43
N PRO I 815 -46.67 96.62 53.60
CA PRO I 815 -46.48 98.04 53.96
C PRO I 815 -45.03 98.49 53.90
N ASP I 816 -44.09 97.67 54.36
CA ASP I 816 -42.68 98.03 54.24
C ASP I 816 -42.25 98.04 52.78
N ALA I 817 -42.79 97.13 51.98
CA ALA I 817 -42.51 97.16 50.54
C ALA I 817 -43.08 98.44 49.91
N LYS I 818 -44.26 98.87 50.33
CA LYS I 818 -44.80 100.13 49.82
C LYS I 818 -43.92 101.31 50.20
N LYS I 819 -43.43 101.33 51.44
CA LYS I 819 -42.52 102.41 51.83
C LYS I 819 -41.24 102.36 51.02
N CYS I 820 -40.71 101.16 50.80
CA CYS I 820 -39.51 101.04 49.99
C CYS I 820 -39.73 101.58 48.58
N ILE I 821 -40.85 101.21 47.97
CA ILE I 821 -41.17 101.70 46.64
C ILE I 821 -41.23 103.21 46.64
N ALA I 822 -42.00 103.78 47.55
CA ALA I 822 -42.15 105.23 47.61
C ALA I 822 -40.80 105.93 47.80
N ALA I 823 -39.91 105.34 48.58
CA ALA I 823 -38.61 105.96 48.84
C ALA I 823 -37.75 106.07 47.59
N CYS I 824 -38.01 105.25 46.58
CA CYS I 824 -37.27 105.37 45.32
C CYS I 824 -37.62 106.69 44.69
N THR I 825 -36.64 107.36 44.09
CA THR I 825 -36.85 108.69 43.53
C THR I 825 -37.05 108.66 42.04
N GLY I 826 -36.63 107.57 41.40
CA GLY I 826 -36.74 107.48 39.96
C GLY I 826 -35.77 108.40 39.28
N VAL I 827 -35.80 108.35 37.94
CA VAL I 827 -34.88 109.12 37.12
C VAL I 827 -35.59 109.59 35.86
N PRO I 828 -35.14 110.70 35.29
CA PRO I 828 -35.71 111.13 34.00
C PRO I 828 -35.33 110.19 32.87
N ASP I 829 -36.10 110.29 31.78
CA ASP I 829 -35.99 109.31 30.70
C ASP I 829 -34.60 109.29 30.07
N ASP I 830 -33.91 110.42 30.02
CA ASP I 830 -32.62 110.48 29.35
C ASP I 830 -31.54 109.71 30.11
N LYS I 831 -31.82 109.25 31.33
CA LYS I 831 -30.83 108.52 32.12
C LYS I 831 -31.28 107.13 32.54
N TRP I 832 -32.47 106.68 32.12
CA TRP I 832 -32.93 105.36 32.53
C TRP I 832 -31.95 104.27 32.13
N GLU I 833 -31.17 104.48 31.06
CA GLU I 833 -30.23 103.47 30.61
C GLU I 833 -29.16 103.19 31.65
N GLN I 834 -29.00 104.06 32.65
CA GLN I 834 -28.02 103.83 33.70
C GLN I 834 -28.62 102.96 34.81
N THR I 835 -29.24 101.85 34.41
CA THR I 835 -29.62 100.78 35.33
C THR I 835 -28.95 99.47 34.96
N TYR I 836 -28.38 99.36 33.76
CA TYR I 836 -27.60 98.19 33.41
C TYR I 836 -26.30 98.10 34.18
N LYS I 837 -25.86 99.17 34.83
CA LYS I 837 -24.55 99.24 35.45
C LYS I 837 -24.61 99.47 36.95
N LYS I 838 -25.51 100.32 37.42
CA LYS I 838 -25.52 100.67 38.83
C LYS I 838 -26.91 101.18 39.20
N PRO I 839 -27.24 101.21 40.48
CA PRO I 839 -28.53 101.77 40.88
C PRO I 839 -28.66 103.23 40.46
N THR I 840 -29.85 103.60 40.01
CA THR I 840 -30.15 104.97 39.61
C THR I 840 -31.59 105.27 39.97
N GLY I 841 -31.79 106.31 40.77
CA GLY I 841 -33.11 106.60 41.28
C GLY I 841 -33.67 105.52 42.18
N GLY I 842 -32.80 104.63 42.68
CA GLY I 842 -33.23 103.52 43.51
C GLY I 842 -33.56 102.25 42.76
N ILE I 843 -33.37 102.21 41.45
CA ILE I 843 -33.67 101.03 40.66
C ILE I 843 -32.41 100.61 39.91
N VAL I 844 -32.31 99.31 39.63
CA VAL I 844 -31.19 98.72 38.91
C VAL I 844 -31.73 97.59 38.05
N THR I 845 -30.90 97.13 37.13
CA THR I 845 -31.25 96.05 36.21
C THR I 845 -30.45 94.80 36.57
N VAL I 846 -31.13 93.65 36.64
CA VAL I 846 -30.51 92.37 36.88
C VAL I 846 -31.10 91.36 35.91
N ARG I 847 -30.39 90.26 35.71
CA ARG I 847 -30.78 89.24 34.75
C ARG I 847 -31.60 88.16 35.45
N SER I 848 -32.55 87.60 34.71
CA SER I 848 -33.42 86.56 35.24
C SER I 848 -32.77 85.20 35.03
N GLU I 849 -33.53 84.13 35.29
CA GLU I 849 -33.01 82.78 35.10
C GLU I 849 -32.56 82.54 33.67
N MET I 850 -33.39 82.99 32.71
CA MET I 850 -33.08 82.82 31.30
C MET I 850 -32.17 83.92 30.76
N GLY I 851 -31.86 84.93 31.57
CA GLY I 851 -30.99 86.00 31.15
C GLY I 851 -31.67 87.26 30.68
N GLU I 852 -32.96 87.44 30.99
CA GLU I 852 -33.66 88.63 30.52
C GLU I 852 -33.54 89.77 31.52
N PRO I 853 -33.31 91.01 31.09
CA PRO I 853 -33.23 92.12 32.04
C PRO I 853 -34.55 92.31 32.79
N ILE I 854 -34.42 92.68 34.06
CA ILE I 854 -35.56 93.03 34.89
C ILE I 854 -35.20 94.28 35.68
N HIS I 855 -36.14 95.21 35.80
CA HIS I 855 -35.96 96.39 36.61
C HIS I 855 -36.49 96.11 38.01
N LYS I 856 -35.60 96.13 39.00
CA LYS I 856 -35.95 95.87 40.38
C LYS I 856 -35.38 96.96 41.28
N ILE I 857 -36.02 97.16 42.42
CA ILE I 857 -35.50 98.12 43.39
C ILE I 857 -34.17 97.61 43.92
N ALA I 858 -33.19 98.51 44.02
CA ALA I 858 -31.84 98.14 44.44
C ALA I 858 -31.81 97.92 45.95
N THR I 859 -32.39 96.79 46.36
CA THR I 859 -32.28 96.32 47.72
C THR I 859 -31.03 95.47 47.88
N ARG I 860 -30.65 95.23 49.15
CA ARG I 860 -29.46 94.41 49.40
C ARG I 860 -29.56 93.05 48.71
N GLY I 861 -30.75 92.47 48.70
CA GLY I 861 -30.93 91.21 47.99
C GLY I 861 -30.71 91.35 46.50
N VAL I 862 -31.24 92.42 45.91
CA VAL I 862 -31.04 92.65 44.48
C VAL I 862 -29.58 92.97 44.18
N MET I 863 -28.92 93.71 45.08
CA MET I 863 -27.50 94.00 44.87
C MET I 863 -26.67 92.73 44.91
N LEU I 864 -26.99 91.82 45.84
CA LEU I 864 -26.33 90.52 45.83
C LEU I 864 -26.63 89.77 44.54
N TRP I 865 -27.88 89.84 44.08
CA TRP I 865 -28.26 89.22 42.80
C TRP I 865 -27.37 89.73 41.67
N LYS I 866 -27.18 91.06 41.60
CA LYS I 866 -26.37 91.64 40.54
C LYS I 866 -24.90 91.21 40.67
N GLU I 867 -24.38 91.22 41.89
CA GLU I 867 -23.01 90.79 42.12
C GLU I 867 -22.80 89.37 41.62
N PHE I 868 -23.68 88.45 42.03
CA PHE I 868 -23.57 87.08 41.56
C PHE I 868 -23.73 87.01 40.05
N ASP I 869 -24.65 87.79 39.49
CA ASP I 869 -24.82 87.79 38.04
C ASP I 869 -23.50 88.03 37.34
N GLU I 870 -22.75 89.03 37.80
CA GLU I 870 -21.49 89.36 37.13
C GLU I 870 -20.29 88.58 37.64
N THR I 871 -20.42 87.79 38.70
CA THR I 871 -19.26 87.12 39.29
C THR I 871 -19.33 85.58 39.28
N ILE I 872 -20.52 84.98 39.31
CA ILE I 872 -20.69 83.54 39.39
C ILE I 872 -21.47 83.01 38.20
N PHE I 873 -22.63 83.62 37.92
CA PHE I 873 -23.56 83.05 36.96
C PHE I 873 -23.12 83.24 35.50
N ASN I 874 -22.18 84.14 35.26
CA ASN I 874 -21.61 84.30 33.92
C ASN I 874 -20.40 83.42 33.69
N LEU I 875 -19.98 82.64 34.69
CA LEU I 875 -18.82 81.79 34.52
C LEU I 875 -19.15 80.61 33.61
N PRO I 876 -18.16 80.09 32.89
CA PRO I 876 -18.38 78.87 32.11
C PRO I 876 -18.61 77.68 33.04
N LYS I 877 -19.16 76.62 32.45
CA LYS I 877 -19.55 75.45 33.25
C LYS I 877 -18.35 74.86 33.97
N ASN I 878 -17.22 74.73 33.28
CA ASN I 878 -16.05 74.11 33.88
C ASN I 878 -15.44 74.93 35.01
N LYS I 879 -15.86 76.18 35.19
CA LYS I 879 -15.34 77.02 36.26
C LYS I 879 -16.36 77.28 37.37
N LEU I 880 -17.62 76.91 37.17
CA LEU I 880 -18.64 77.27 38.15
C LEU I 880 -18.36 76.60 39.50
N VAL I 881 -18.18 75.28 39.49
CA VAL I 881 -18.01 74.55 40.75
C VAL I 881 -16.74 74.97 41.48
N PRO I 882 -15.58 75.08 40.83
CA PRO I 882 -14.39 75.56 41.56
C PRO I 882 -14.62 76.92 42.20
N THR I 883 -15.33 77.82 41.51
CA THR I 883 -15.59 79.14 42.09
C THR I 883 -16.49 79.04 43.31
N LEU I 884 -17.58 78.29 43.20
CA LEU I 884 -18.45 78.09 44.36
C LEU I 884 -17.66 77.53 45.54
N GLU I 885 -16.82 76.53 45.26
CA GLU I 885 -16.03 75.92 46.32
C GLU I 885 -15.06 76.92 46.95
N ALA I 886 -14.42 77.75 46.11
CA ALA I 886 -13.48 78.73 46.63
C ALA I 886 -14.19 79.79 47.46
N LYS I 887 -15.45 80.11 47.14
CA LYS I 887 -16.15 81.23 47.74
C LYS I 887 -17.28 80.78 48.67
N ARG I 888 -17.21 79.55 49.18
CA ARG I 888 -18.32 79.02 49.96
C ARG I 888 -18.62 79.90 51.16
N ASP I 889 -17.59 80.32 51.90
CA ASP I 889 -17.82 81.08 53.12
C ASP I 889 -18.42 82.44 52.80
N TYR I 890 -17.85 83.14 51.83
CA TYR I 890 -18.39 84.45 51.45
C TYR I 890 -19.81 84.33 50.93
N ILE I 891 -20.07 83.33 50.08
CA ILE I 891 -21.41 83.16 49.53
C ILE I 891 -22.41 82.87 50.64
N ILE I 892 -22.05 81.97 51.57
CA ILE I 892 -22.97 81.62 52.65
C ILE I 892 -23.25 82.84 53.52
N SER I 893 -22.22 83.62 53.84
CA SER I 893 -22.44 84.79 54.68
C SER I 893 -23.33 85.80 53.96
N ARG I 894 -23.10 86.02 52.66
CA ARG I 894 -23.96 86.93 51.91
C ARG I 894 -25.40 86.43 51.89
N LEU I 895 -25.60 85.14 51.65
CA LEU I 895 -26.96 84.60 51.63
C LEU I 895 -27.65 84.82 52.97
N ASN I 896 -26.96 84.52 54.06
CA ASN I 896 -27.60 84.64 55.37
C ASN I 896 -27.84 86.08 55.76
N ALA I 897 -27.02 87.01 55.25
CA ALA I 897 -27.16 88.40 55.66
C ALA I 897 -28.15 89.18 54.81
N ASP I 898 -28.15 88.97 53.50
CA ASP I 898 -28.72 89.96 52.58
C ASP I 898 -29.69 89.40 51.55
N PHE I 899 -30.19 88.17 51.70
CA PHE I 899 -31.03 87.58 50.68
C PHE I 899 -32.29 86.97 51.29
N GLN I 900 -33.32 86.85 50.45
CA GLN I 900 -34.60 86.27 50.85
C GLN I 900 -34.57 84.75 50.94
N LYS I 901 -33.56 84.10 50.39
CA LYS I 901 -33.39 82.64 50.48
C LYS I 901 -32.07 82.38 51.20
N PRO I 902 -32.08 82.24 52.52
CA PRO I 902 -30.84 82.08 53.26
C PRO I 902 -30.25 80.69 53.11
N TRP I 903 -29.01 80.56 53.55
CA TRP I 903 -28.34 79.27 53.63
C TRP I 903 -29.08 78.37 54.61
N PHE I 904 -29.57 77.21 54.14
CA PHE I 904 -30.39 76.38 55.00
C PHE I 904 -29.63 75.92 56.23
N ALA I 905 -28.42 75.37 56.04
CA ALA I 905 -27.67 74.75 57.13
C ALA I 905 -26.94 75.82 57.93
N THR I 906 -27.72 76.55 58.72
CA THR I 906 -27.23 77.59 59.61
C THR I 906 -27.91 77.38 60.95
N VAL I 907 -27.16 76.90 61.94
CA VAL I 907 -27.70 76.58 63.26
C VAL I 907 -27.25 77.66 64.21
N ASN I 908 -28.21 78.44 64.72
CA ASN I 908 -27.92 79.48 65.69
C ASN I 908 -26.84 80.43 65.19
N GLY I 909 -26.91 80.76 63.90
CA GLY I 909 -25.98 81.70 63.30
C GLY I 909 -24.66 81.12 62.86
N GLN I 910 -24.41 79.84 63.12
CA GLN I 910 -23.17 79.18 62.72
C GLN I 910 -23.40 78.46 61.40
N ALA I 911 -22.64 78.84 60.38
CA ALA I 911 -22.77 78.19 59.07
C ALA I 911 -22.29 76.75 59.15
N ARG I 912 -22.97 75.87 58.42
CA ARG I 912 -22.72 74.44 58.50
C ARG I 912 -22.96 73.83 57.13
N ASP I 913 -23.12 72.51 57.09
CA ASP I 913 -23.59 71.80 55.92
C ASP I 913 -24.70 70.85 56.35
N LEU I 914 -25.43 70.33 55.36
CA LEU I 914 -26.43 69.32 55.66
C LEU I 914 -25.79 68.10 56.33
N ALA I 915 -24.59 67.74 55.90
CA ALA I 915 -23.90 66.59 56.46
C ALA I 915 -23.46 66.81 57.90
N THR I 916 -23.41 68.06 58.35
CA THR I 916 -22.93 68.43 59.67
C THR I 916 -24.08 68.85 60.59
N MET I 917 -25.32 68.59 60.20
CA MET I 917 -26.49 68.91 60.99
C MET I 917 -27.10 67.63 61.57
N THR I 918 -27.71 67.76 62.73
CA THR I 918 -28.40 66.64 63.31
C THR I 918 -29.81 66.64 62.74
N TYR I 919 -30.49 65.52 62.81
CA TYR I 919 -31.87 65.44 62.34
C TYR I 919 -32.75 66.45 63.06
N GLU I 920 -32.57 66.58 64.36
CA GLU I 920 -33.36 67.53 65.12
C GLU I 920 -33.10 68.95 64.65
N GLU I 921 -31.85 69.29 64.37
CA GLU I 921 -31.50 70.62 63.89
C GLU I 921 -32.15 70.89 62.54
N VAL I 922 -32.22 69.87 61.69
CA VAL I 922 -32.87 70.03 60.39
C VAL I 922 -34.37 70.28 60.57
N ALA I 923 -35.01 69.49 61.44
CA ALA I 923 -36.45 69.66 61.65
C ALA I 923 -36.78 71.03 62.20
N LYS I 924 -36.00 71.49 63.19
CA LYS I 924 -36.24 72.81 63.76
C LYS I 924 -35.99 73.92 62.75
N ARG I 925 -34.97 73.78 61.91
CA ARG I 925 -34.71 74.78 60.89
C ARG I 925 -35.85 74.84 59.88
N LEU I 926 -36.38 73.68 59.49
CA LEU I 926 -37.53 73.68 58.59
C LEU I 926 -38.71 74.40 59.22
N VAL I 927 -38.97 74.14 60.50
CA VAL I 927 -40.09 74.81 61.16
C VAL I 927 -39.82 76.31 61.26
N GLU I 928 -38.58 76.70 61.48
CA GLU I 928 -38.25 78.10 61.63
C GLU I 928 -38.41 78.85 60.32
N LEU I 929 -38.13 78.20 59.19
CA LEU I 929 -38.15 78.88 57.91
C LEU I 929 -39.46 78.74 57.15
N MET I 930 -40.32 77.77 57.49
CA MET I 930 -41.55 77.56 56.75
C MET I 930 -42.81 77.81 57.56
N PHE I 931 -42.73 77.98 58.87
CA PHE I 931 -43.88 78.16 59.72
C PHE I 931 -43.92 79.60 60.22
N ILE I 932 -45.07 80.24 60.05
CA ILE I 932 -45.23 81.64 60.45
C ILE I 932 -45.81 81.67 61.85
N ARG I 933 -45.11 82.32 62.77
CA ARG I 933 -45.59 82.43 64.14
C ARG I 933 -46.72 83.44 64.27
N SER I 934 -46.64 84.54 63.52
CA SER I 934 -47.68 85.57 63.63
C SER I 934 -49.04 85.00 63.27
N THR I 935 -49.14 84.26 62.17
CA THR I 935 -50.38 83.65 61.75
C THR I 935 -50.58 82.25 62.33
N ASN I 936 -49.59 81.73 63.04
CA ASN I 936 -49.71 80.41 63.67
C ASN I 936 -50.01 79.32 62.64
N SER I 937 -49.51 79.49 61.43
CA SER I 937 -49.78 78.52 60.38
C SER I 937 -48.55 78.37 59.50
N TRP I 938 -48.52 77.27 58.76
CA TRP I 938 -47.57 77.10 57.68
C TRP I 938 -47.90 78.06 56.55
N PHE I 939 -46.88 78.59 55.90
CA PHE I 939 -47.13 79.52 54.81
C PHE I 939 -47.88 78.83 53.67
N ASP I 940 -47.59 77.56 53.42
CA ASP I 940 -48.40 76.80 52.49
C ASP I 940 -48.29 75.33 52.84
N VAL I 941 -49.26 74.54 52.36
CA VAL I 941 -49.41 73.18 52.82
C VAL I 941 -48.36 72.24 52.25
N THR I 942 -47.73 72.61 51.13
CA THR I 942 -46.69 71.75 50.58
C THR I 942 -45.43 71.78 51.44
N TRP I 943 -45.15 72.91 52.07
CA TRP I 943 -44.05 72.96 53.04
C TRP I 943 -44.38 72.13 54.27
N ARG I 944 -45.64 72.14 54.69
CA ARG I 944 -46.11 71.25 55.75
C ARG I 944 -45.85 69.80 55.37
N THR I 945 -46.21 69.43 54.14
CA THR I 945 -45.97 68.07 53.67
C THR I 945 -44.48 67.75 53.64
N PHE I 946 -43.65 68.72 53.24
CA PHE I 946 -42.20 68.52 53.24
C PHE I 946 -41.70 68.17 54.63
N THR I 947 -42.07 68.97 55.62
CA THR I 947 -41.61 68.72 56.98
C THR I 947 -42.12 67.39 57.50
N GLY I 948 -43.38 67.06 57.21
CA GLY I 948 -43.90 65.77 57.63
C GLY I 948 -43.19 64.60 56.98
N ASP I 949 -42.85 64.73 55.70
CA ASP I 949 -42.07 63.69 55.04
C ASP I 949 -40.73 63.51 55.73
N PHE I 950 -40.08 64.61 56.08
CA PHE I 950 -38.80 64.52 56.76
C PHE I 950 -38.94 63.80 58.10
N LEU I 951 -39.97 64.12 58.87
CA LEU I 951 -40.15 63.46 60.16
C LEU I 951 -40.46 61.98 60.01
N ARG I 952 -41.24 61.61 58.98
CA ARG I 952 -41.45 60.20 58.71
C ARG I 952 -40.15 59.49 58.39
N ARG I 953 -39.27 60.12 57.62
CA ARG I 953 -37.97 59.52 57.34
C ARG I 953 -37.13 59.41 58.61
N VAL I 954 -37.20 60.40 59.48
CA VAL I 954 -36.50 60.30 60.76
C VAL I 954 -36.93 59.05 61.50
N GLU I 955 -38.25 58.87 61.63
CA GLU I 955 -38.77 57.67 62.30
C GLU I 955 -38.27 56.40 61.61
N GLU I 956 -38.26 56.38 60.28
CA GLU I 956 -37.83 55.18 59.58
C GLU I 956 -36.37 54.90 59.86
N ARG I 957 -35.53 55.94 59.88
CA ARG I 957 -34.11 55.73 60.11
C ARG I 957 -33.85 55.19 61.51
N PHE I 958 -34.52 55.73 62.53
CA PHE I 958 -34.14 55.42 63.90
C PHE I 958 -35.05 54.39 64.57
N THR I 959 -35.92 53.73 63.83
CA THR I 959 -36.77 52.70 64.41
C THR I 959 -36.16 51.34 64.15
N LYS I 960 -36.37 50.42 65.10
CA LYS I 960 -35.77 49.09 65.02
C LYS I 960 -36.70 48.03 64.46
N SER I 961 -38.01 48.29 64.38
CA SER I 961 -38.95 47.30 63.88
C SER I 961 -40.19 48.03 63.35
N LYS I 962 -41.07 47.26 62.71
CA LYS I 962 -42.37 47.77 62.31
C LYS I 962 -43.04 48.49 63.46
N THR I 963 -43.52 49.70 63.20
CA THR I 963 -44.17 50.48 64.23
C THR I 963 -45.18 51.41 63.59
N LEU I 964 -46.10 51.91 64.41
CA LEU I 964 -47.04 52.94 63.96
C LEU I 964 -46.34 54.29 63.95
N SER I 965 -46.52 55.03 62.85
CA SER I 965 -45.98 56.36 62.77
C SER I 965 -46.58 57.25 63.85
N LEU I 966 -45.73 58.10 64.42
CA LEU I 966 -46.19 59.07 65.40
C LEU I 966 -46.79 60.31 64.76
N ILE I 967 -46.59 60.50 63.46
CA ILE I 967 -47.30 61.53 62.70
C ILE I 967 -48.30 60.82 61.79
N GLN I 968 -49.51 60.58 62.31
CA GLN I 968 -50.50 59.87 61.51
C GLN I 968 -51.10 60.76 60.43
N SER I 969 -51.38 62.01 60.76
CA SER I 969 -51.84 63.00 59.80
C SER I 969 -50.94 64.21 59.92
N TYR I 970 -50.52 64.76 58.78
CA TYR I 970 -49.66 65.94 58.82
C TYR I 970 -50.38 67.14 59.42
N SER I 971 -51.71 67.07 59.55
CA SER I 971 -52.43 68.11 60.26
C SER I 971 -51.95 68.28 61.69
N LEU I 972 -51.32 67.25 62.27
CA LEU I 972 -50.75 67.40 63.60
C LEU I 972 -49.62 68.43 63.62
N LEU I 973 -49.06 68.77 62.46
CA LEU I 973 -47.97 69.73 62.40
C LEU I 973 -48.44 71.17 62.51
N ASP I 974 -49.74 71.40 62.71
CA ASP I 974 -50.21 72.76 62.95
C ASP I 974 -49.73 73.30 64.30
N LYS I 975 -49.14 72.44 65.13
CA LYS I 975 -48.39 72.86 66.30
C LYS I 975 -47.01 72.21 66.19
N PRO I 976 -46.12 72.78 65.38
CA PRO I 976 -44.90 72.06 65.01
C PRO I 976 -44.03 71.70 66.19
N ASP I 977 -43.97 72.55 67.22
CA ASP I 977 -43.11 72.28 68.36
C ASP I 977 -43.46 70.96 69.01
N GLU I 978 -44.75 70.73 69.25
CA GLU I 978 -45.18 69.52 69.93
C GLU I 978 -44.91 68.28 69.08
N ALA I 979 -45.14 68.37 67.77
CA ALA I 979 -44.87 67.23 66.91
C ALA I 979 -43.39 66.90 66.87
N ILE I 980 -42.54 67.92 66.81
CA ILE I 980 -41.10 67.68 66.84
C ILE I 980 -40.69 67.04 68.16
N GLU I 981 -41.22 67.57 69.27
CA GLU I 981 -40.90 67.00 70.57
C GLU I 981 -41.32 65.55 70.64
N LYS I 982 -42.51 65.22 70.15
CA LYS I 982 -42.96 63.85 70.14
C LYS I 982 -42.02 62.96 69.34
N VAL I 983 -41.68 63.38 68.13
CA VAL I 983 -40.86 62.54 67.26
C VAL I 983 -39.52 62.28 67.89
N PHE I 984 -38.89 63.32 68.45
CA PHE I 984 -37.53 63.17 68.96
C PHE I 984 -37.49 62.69 70.40
N ASN I 985 -38.61 62.65 71.09
CA ASN I 985 -38.68 61.90 72.34
C ASN I 985 -38.82 60.42 72.07
N ALA I 986 -39.50 60.04 70.99
CA ALA I 986 -39.56 58.62 70.64
C ALA I 986 -38.22 58.10 70.14
N TYR I 987 -37.43 58.95 69.48
CA TYR I 987 -36.15 58.55 68.89
C TYR I 987 -35.08 59.54 69.32
N PRO I 988 -34.69 59.50 70.59
CA PRO I 988 -33.74 60.49 71.11
C PRO I 988 -32.36 60.46 70.45
N ALA I 989 -32.00 59.34 69.85
CA ALA I 989 -30.69 59.24 69.21
C ALA I 989 -30.56 60.16 68.01
N ALA I 990 -31.68 60.63 67.47
CA ALA I 990 -31.68 61.54 66.33
C ALA I 990 -31.34 62.98 66.71
N ARG I 991 -31.22 63.26 67.99
CA ARG I 991 -30.88 64.60 68.41
C ARG I 991 -29.37 64.84 68.43
N GLU I 992 -28.57 63.79 68.23
CA GLU I 992 -27.12 63.92 68.33
C GLU I 992 -26.42 63.06 67.30
N GLN I 993 -27.04 62.84 66.15
CA GLN I 993 -26.40 62.10 65.07
C GLN I 993 -26.58 62.93 63.82
N PHE I 994 -25.53 63.12 63.06
CA PHE I 994 -25.63 63.84 61.82
C PHE I 994 -26.45 63.05 60.84
N LEU I 995 -26.94 63.73 59.82
CA LEU I 995 -27.73 63.06 58.80
C LEU I 995 -26.93 61.94 58.16
N ASN I 996 -27.55 60.77 58.04
CA ASN I 996 -27.02 59.75 57.16
C ASN I 996 -26.91 60.32 55.77
N ALA I 997 -25.82 59.98 55.07
CA ALA I 997 -25.60 60.52 53.73
C ALA I 997 -26.80 60.26 52.83
N GLN I 998 -27.43 59.10 52.97
CA GLN I 998 -28.61 58.79 52.19
C GLN I 998 -29.73 59.78 52.47
N ASP I 999 -29.88 60.19 53.73
CA ASP I 999 -30.94 61.14 54.06
C ASP I 999 -30.60 62.54 53.57
N ILE I 1000 -29.32 62.89 53.48
CA ILE I 1000 -28.95 64.12 52.78
C ILE I 1000 -29.43 64.08 51.34
N ASP I 1001 -29.16 62.97 50.67
CA ASP I 1001 -29.59 62.84 49.27
C ASP I 1001 -31.11 62.92 49.18
N HIS I 1002 -31.82 62.27 50.10
CA HIS I 1002 -33.28 62.32 50.09
C HIS I 1002 -33.79 63.74 50.31
N PHE I 1003 -33.20 64.46 51.27
CA PHE I 1003 -33.60 65.83 51.53
C PHE I 1003 -33.42 66.69 50.28
N LEU I 1004 -32.25 66.60 49.64
CA LEU I 1004 -32.02 67.41 48.45
C LEU I 1004 -32.92 66.98 47.30
N SER I 1005 -33.24 65.69 47.22
CA SER I 1005 -34.18 65.22 46.20
C SER I 1005 -35.53 65.88 46.38
N MET I 1006 -36.04 65.91 47.60
CA MET I 1006 -37.36 66.48 47.80
C MET I 1006 -37.34 68.00 47.92
N CYS I 1007 -36.16 68.61 47.91
CA CYS I 1007 -36.08 70.04 47.62
C CYS I 1007 -36.31 70.34 46.15
N GLN I 1008 -36.27 69.33 45.29
CA GLN I 1008 -36.44 69.47 43.84
C GLN I 1008 -37.75 68.87 43.36
N ASN I 1009 -38.76 68.85 44.21
CA ASN I 1009 -40.04 68.23 43.88
C ASN I 1009 -40.87 69.19 43.04
N PRO I 1010 -41.23 68.85 41.80
CA PRO I 1010 -41.97 69.81 40.96
C PRO I 1010 -43.33 70.18 41.51
N MET I 1011 -44.06 69.23 42.11
CA MET I 1011 -45.40 69.49 42.63
C MET I 1011 -45.34 70.02 44.06
N GLN I 1012 -44.68 71.16 44.22
CA GLN I 1012 -44.37 71.67 45.53
C GLN I 1012 -43.84 73.09 45.36
N LYS I 1013 -44.29 73.99 46.22
CA LYS I 1013 -43.78 75.36 46.18
C LYS I 1013 -42.28 75.34 46.48
N PRO I 1014 -41.45 76.01 45.67
CA PRO I 1014 -40.01 75.95 45.90
C PRO I 1014 -39.64 76.34 47.32
N VAL I 1015 -38.69 75.59 47.89
CA VAL I 1015 -38.33 75.78 49.30
C VAL I 1015 -37.70 77.16 49.48
N PRO I 1016 -37.95 77.84 50.59
CA PRO I 1016 -37.44 79.21 50.78
C PRO I 1016 -36.03 79.28 51.36
N PHE I 1017 -35.10 78.54 50.77
CA PHE I 1017 -33.73 78.54 51.26
C PHE I 1017 -32.84 77.87 50.21
N VAL I 1018 -31.53 78.08 50.38
CA VAL I 1018 -30.52 77.45 49.53
C VAL I 1018 -29.96 76.25 50.29
N PRO I 1019 -30.17 75.02 49.83
CA PRO I 1019 -29.76 73.86 50.62
C PRO I 1019 -28.38 73.31 50.29
N VAL I 1020 -27.77 73.72 49.18
CA VAL I 1020 -26.51 73.15 48.73
C VAL I 1020 -25.91 74.08 47.68
N LEU I 1021 -24.59 74.01 47.52
CA LEU I 1021 -23.88 74.74 46.46
C LEU I 1021 -23.40 73.73 45.44
N ASP I 1022 -23.93 73.82 44.22
CA ASP I 1022 -23.59 72.87 43.17
C ASP I 1022 -23.97 73.50 41.83
N ARG I 1023 -24.04 72.69 40.78
CA ARG I 1023 -24.31 73.19 39.44
C ARG I 1023 -25.66 73.87 39.33
N ARG I 1024 -26.59 73.62 40.26
CA ARG I 1024 -27.92 74.21 40.21
C ARG I 1024 -28.08 75.37 41.21
N PHE I 1025 -26.97 76.02 41.56
CA PHE I 1025 -27.05 77.14 42.49
C PHE I 1025 -27.84 78.29 41.89
N GLU I 1026 -27.73 78.52 40.59
CA GLU I 1026 -28.50 79.60 39.97
C GLU I 1026 -29.99 79.34 40.09
N ILE I 1027 -30.41 78.10 39.84
CA ILE I 1027 -31.84 77.78 39.98
C ILE I 1027 -32.27 77.94 41.42
N PHE I 1028 -31.47 77.45 42.36
CA PHE I 1028 -31.85 77.59 43.77
C PHE I 1028 -31.95 79.05 44.17
N PHE I 1029 -31.05 79.89 43.66
CA PHE I 1029 -30.97 81.28 44.08
C PHE I 1029 -32.09 82.12 43.48
N LYS I 1030 -32.48 81.82 42.24
CA LYS I 1030 -33.35 82.72 41.48
C LYS I 1030 -34.81 82.30 41.47
N LYS I 1031 -35.12 81.01 41.55
CA LYS I 1031 -36.47 80.55 41.29
C LYS I 1031 -37.44 81.10 42.31
N ASP I 1032 -38.62 81.50 41.83
CA ASP I 1032 -39.75 81.90 42.67
C ASP I 1032 -39.36 83.04 43.61
N SER I 1033 -38.99 84.17 43.00
CA SER I 1033 -38.41 85.29 43.73
C SER I 1033 -39.36 86.47 43.90
N LEU I 1034 -40.59 86.39 43.42
CA LEU I 1034 -41.46 87.56 43.34
C LEU I 1034 -42.54 87.60 44.41
N TRP I 1035 -42.87 86.48 45.04
CA TRP I 1035 -43.97 86.48 45.99
C TRP I 1035 -43.60 87.12 47.32
N GLN I 1036 -42.30 87.15 47.67
CA GLN I 1036 -41.89 87.61 48.98
C GLN I 1036 -42.22 89.08 49.23
N SER I 1037 -42.43 89.87 48.18
CA SER I 1037 -42.71 91.29 48.38
C SER I 1037 -44.06 91.51 49.06
N GLU I 1038 -45.02 90.61 48.80
CA GLU I 1038 -46.35 90.73 49.36
C GLU I 1038 -46.56 89.92 50.63
N HIS I 1039 -45.56 89.17 51.09
CA HIS I 1039 -45.69 88.28 52.23
C HIS I 1039 -44.47 88.39 53.14
N LEU I 1040 -44.12 89.62 53.54
CA LEU I 1040 -42.92 89.81 54.35
C LEU I 1040 -42.97 89.01 55.65
N GLU I 1041 -44.16 88.59 56.10
CA GLU I 1041 -44.24 87.76 57.29
C GLU I 1041 -43.55 86.42 57.12
N ALA I 1042 -43.28 86.01 55.88
CA ALA I 1042 -42.58 84.77 55.59
C ALA I 1042 -41.13 84.99 55.20
N VAL I 1043 -40.57 86.16 55.52
CA VAL I 1043 -39.17 86.45 55.28
C VAL I 1043 -38.45 86.45 56.62
N VAL I 1044 -37.13 86.28 56.58
CA VAL I 1044 -36.38 85.90 57.77
C VAL I 1044 -36.60 86.89 58.90
N ASP I 1045 -36.41 88.18 58.63
CA ASP I 1045 -36.62 89.21 59.64
C ASP I 1045 -37.77 90.12 59.25
N GLN I 1046 -38.70 89.64 58.42
CA GLN I 1046 -39.71 90.51 57.81
C GLN I 1046 -39.04 91.65 57.08
N ASP I 1047 -37.85 91.39 56.54
CA ASP I 1047 -36.98 92.42 56.04
C ASP I 1047 -37.23 92.63 54.56
N VAL I 1048 -37.72 93.82 54.19
CA VAL I 1048 -37.96 94.12 52.79
C VAL I 1048 -36.65 94.19 52.02
N GLN I 1049 -35.56 94.62 52.67
CA GLN I 1049 -34.29 94.76 51.98
C GLN I 1049 -33.77 93.42 51.45
N ARG I 1050 -34.30 92.30 51.95
CA ARG I 1050 -33.92 91.01 51.41
C ARG I 1050 -34.69 90.63 50.16
N THR I 1051 -35.79 91.32 49.84
CA THR I 1051 -36.71 90.89 48.81
C THR I 1051 -36.46 91.65 47.51
N CYS I 1052 -37.08 91.14 46.44
CA CYS I 1052 -36.97 91.74 45.12
C CYS I 1052 -38.31 92.33 44.70
N ILE I 1053 -38.31 93.62 44.39
CA ILE I 1053 -39.52 94.37 44.05
C ILE I 1053 -39.34 94.97 42.66
N LEU I 1054 -40.16 94.53 41.72
CA LEU I 1054 -40.09 95.04 40.35
C LEU I 1054 -40.66 96.45 40.29
N HIS I 1055 -39.92 97.36 39.68
CA HIS I 1055 -40.37 98.75 39.56
C HIS I 1055 -39.62 99.46 38.47
N GLY I 1056 -40.29 100.32 37.73
CA GLY I 1056 -39.69 101.04 36.63
C GLY I 1056 -38.94 102.28 37.10
N PRO I 1057 -37.79 102.55 36.50
CA PRO I 1057 -37.00 103.70 36.96
C PRO I 1057 -37.68 105.04 36.69
N VAL I 1058 -38.20 105.24 35.48
CA VAL I 1058 -38.80 106.52 35.15
C VAL I 1058 -40.13 106.70 35.88
N ALA I 1059 -40.96 105.65 35.91
CA ALA I 1059 -42.25 105.75 36.57
C ALA I 1059 -42.13 105.95 38.06
N ALA I 1060 -40.98 105.65 38.64
CA ALA I 1060 -40.77 105.82 40.07
C ALA I 1060 -40.90 107.27 40.51
N GLN I 1061 -40.54 108.19 39.64
CA GLN I 1061 -40.62 109.62 39.97
C GLN I 1061 -41.99 110.09 40.44
N PHE I 1062 -43.07 109.48 39.95
CA PHE I 1062 -44.42 109.90 40.29
C PHE I 1062 -45.08 109.07 41.37
N THR I 1063 -44.37 108.04 41.86
CA THR I 1063 -44.91 107.13 42.87
C THR I 1063 -44.42 107.59 44.23
N LYS I 1064 -45.29 108.21 45.00
CA LYS I 1064 -44.89 108.74 46.30
C LYS I 1064 -45.94 108.56 47.35
N VAL I 1065 -47.20 108.86 47.03
CA VAL I 1065 -48.24 108.79 48.05
C VAL I 1065 -48.61 107.34 48.27
N ILE I 1066 -48.53 106.89 49.52
CA ILE I 1066 -48.74 105.50 49.88
C ILE I 1066 -50.20 105.26 50.20
N ASP I 1067 -50.71 104.11 49.76
CA ASP I 1067 -52.08 103.67 50.05
C ASP I 1067 -53.10 104.70 49.59
N GLU I 1068 -52.85 105.29 48.44
CA GLU I 1068 -53.87 106.05 47.74
C GLU I 1068 -54.78 105.06 47.00
N PRO I 1069 -56.10 105.13 47.19
CA PRO I 1069 -56.98 104.17 46.49
C PRO I 1069 -56.81 104.26 44.99
N ILE I 1070 -56.93 103.11 44.32
CA ILE I 1070 -56.73 103.05 42.88
C ILE I 1070 -57.75 103.93 42.18
N LYS I 1071 -58.98 103.96 42.71
CA LYS I 1071 -59.99 104.86 42.20
C LYS I 1071 -59.45 106.29 42.15
N SER I 1072 -58.81 106.73 43.24
CA SER I 1072 -58.29 108.10 43.28
C SER I 1072 -57.20 108.32 42.25
N ILE I 1073 -56.28 107.37 42.10
CA ILE I 1073 -55.17 107.55 41.17
C ILE I 1073 -55.69 107.67 39.73
N MET I 1074 -56.52 106.70 39.33
CA MET I 1074 -57.01 106.71 37.96
C MET I 1074 -57.93 107.92 37.71
N ASP I 1075 -58.77 108.26 38.69
CA ASP I 1075 -59.64 109.42 38.53
C ASP I 1075 -58.83 110.70 38.44
N GLY I 1076 -57.73 110.79 39.20
CA GLY I 1076 -56.89 111.97 39.10
C GLY I 1076 -56.28 112.12 37.73
N ILE I 1077 -55.77 111.02 37.16
CA ILE I 1077 -55.22 111.08 35.80
C ILE I 1077 -56.31 111.51 34.81
N HIS I 1078 -57.46 110.84 34.87
CA HIS I 1078 -58.52 111.10 33.90
C HIS I 1078 -59.05 112.52 34.04
N ASP I 1079 -59.21 113.02 35.27
CA ASP I 1079 -59.70 114.37 35.48
C ASP I 1079 -58.67 115.40 35.04
N GLY I 1080 -57.38 115.12 35.22
CA GLY I 1080 -56.38 116.01 34.67
C GLY I 1080 -56.50 116.11 33.16
N HIS I 1081 -56.66 114.96 32.50
CA HIS I 1081 -56.84 114.99 31.05
C HIS I 1081 -58.09 115.76 30.67
N ILE I 1082 -59.18 115.56 31.41
CA ILE I 1082 -60.44 116.25 31.11
C ILE I 1082 -60.28 117.74 31.25
N LYS I 1083 -59.65 118.20 32.34
CA LYS I 1083 -59.51 119.63 32.57
C LYS I 1083 -58.61 120.29 31.54
N LYS I 1084 -57.49 119.64 31.21
CA LYS I 1084 -56.60 120.21 30.19
C LYS I 1084 -57.30 120.25 28.84
N LEU I 1085 -58.02 119.19 28.47
CA LEU I 1085 -58.75 119.18 27.21
C LEU I 1085 -59.81 120.27 27.20
N LEU I 1086 -60.52 120.46 28.31
CA LEU I 1086 -61.54 121.50 28.37
C LEU I 1086 -60.92 122.86 28.13
N HIS I 1087 -59.89 123.20 28.91
CA HIS I 1087 -59.25 124.50 28.75
C HIS I 1087 -58.71 124.70 27.34
N GLN I 1088 -58.22 123.63 26.70
CA GLN I 1088 -57.55 123.81 25.42
C GLN I 1088 -58.54 123.87 24.26
N TYR I 1089 -59.45 122.90 24.17
CA TYR I 1089 -60.27 122.73 22.98
C TYR I 1089 -61.75 123.03 23.20
N TYR I 1090 -62.19 123.32 24.42
CA TYR I 1090 -63.61 123.56 24.67
C TYR I 1090 -63.86 124.89 25.38
N GLY I 1091 -62.85 125.76 25.46
CA GLY I 1091 -63.05 127.06 26.07
C GLY I 1091 -63.47 127.01 27.53
N ASP I 1092 -63.09 125.96 28.24
CA ASP I 1092 -63.41 125.83 29.67
C ASP I 1092 -64.92 125.84 29.90
N ASP I 1093 -65.67 125.34 28.92
CA ASP I 1093 -67.13 125.31 28.98
C ASP I 1093 -67.59 123.87 28.79
N GLU I 1094 -68.29 123.33 29.80
CA GLU I 1094 -68.78 121.97 29.70
C GLU I 1094 -69.96 121.87 28.75
N SER I 1095 -70.70 122.96 28.55
CA SER I 1095 -71.83 122.92 27.64
C SER I 1095 -71.40 122.62 26.21
N LYS I 1096 -70.13 122.82 25.88
CA LYS I 1096 -69.63 122.50 24.55
C LYS I 1096 -69.47 121.00 24.32
N ILE I 1097 -69.49 120.20 25.37
CA ILE I 1097 -69.22 118.77 25.25
C ILE I 1097 -70.47 118.09 24.68
N PRO I 1098 -70.37 117.36 23.58
CA PRO I 1098 -71.55 116.64 23.06
C PRO I 1098 -72.02 115.56 24.03
N ALA I 1099 -73.32 115.27 23.98
CA ALA I 1099 -73.96 114.32 24.86
C ALA I 1099 -74.55 113.16 24.07
N VAL I 1100 -74.40 111.95 24.60
CA VAL I 1100 -74.98 110.75 24.03
C VAL I 1100 -75.73 110.02 25.14
N GLU I 1101 -76.60 109.10 24.72
CA GLU I 1101 -77.29 108.26 25.69
C GLU I 1101 -76.32 107.37 26.44
N TYR I 1102 -75.39 106.74 25.72
CA TYR I 1102 -74.35 105.95 26.36
C TYR I 1102 -73.09 106.03 25.53
N PHE I 1103 -71.96 105.75 26.19
CA PHE I 1103 -70.63 105.85 25.59
C PHE I 1103 -70.04 104.45 25.52
N GLY I 1104 -69.81 103.97 24.29
CA GLY I 1104 -69.16 102.68 24.12
C GLY I 1104 -69.81 101.79 23.08
N GLY I 1105 -69.14 100.69 22.77
CA GLY I 1105 -69.67 99.72 21.82
C GLY I 1105 -69.33 99.98 20.38
N GLU I 1106 -68.51 100.99 20.07
CA GLU I 1106 -68.21 101.37 18.71
C GLU I 1106 -66.90 100.72 18.26
N SER I 1107 -66.95 100.07 17.10
CA SER I 1107 -65.76 99.39 16.60
C SER I 1107 -64.75 100.40 16.06
N PRO I 1108 -63.45 100.17 16.26
CA PRO I 1108 -62.46 101.13 15.76
C PRO I 1108 -62.46 101.27 14.25
N VAL I 1109 -62.93 100.25 13.55
CA VAL I 1109 -62.92 100.28 12.09
C VAL I 1109 -64.16 100.97 11.55
N ASP I 1123 -89.76 108.91 10.66
CA ASP I 1123 -90.37 108.36 11.86
C ASP I 1123 -91.07 107.04 11.55
N SER I 1124 -91.47 106.87 10.29
CA SER I 1124 -92.09 105.64 9.82
C SER I 1124 -91.29 105.10 8.65
N ALA I 1125 -91.08 103.78 8.64
CA ALA I 1125 -90.32 103.15 7.57
C ALA I 1125 -90.66 101.67 7.55
N VAL I 1126 -90.46 101.06 6.37
CA VAL I 1126 -90.60 99.62 6.20
C VAL I 1126 -89.34 99.11 5.51
N PHE I 1127 -88.74 98.08 6.07
CA PHE I 1127 -87.57 97.43 5.51
C PHE I 1127 -87.91 95.99 5.16
N LYS I 1128 -87.31 95.51 4.08
CA LYS I 1128 -87.59 94.17 3.57
C LYS I 1128 -86.28 93.45 3.30
N ALA I 1129 -86.26 92.16 3.61
CA ALA I 1129 -85.07 91.35 3.48
C ALA I 1129 -85.16 90.46 2.24
N THR I 1130 -83.99 90.08 1.73
CA THR I 1130 -83.89 89.14 0.62
C THR I 1130 -82.88 88.06 0.99
N SER I 1131 -82.49 87.25 0.01
CA SER I 1131 -81.47 86.24 0.25
C SER I 1131 -80.06 86.80 0.13
N SER I 1132 -79.92 88.09 -0.19
CA SER I 1132 -78.63 88.74 -0.32
C SER I 1132 -78.49 90.01 0.51
N THR I 1133 -79.49 90.36 1.31
CA THR I 1133 -79.39 91.56 2.14
C THR I 1133 -78.16 91.46 3.03
N ASP I 1134 -77.32 92.48 3.00
CA ASP I 1134 -76.16 92.51 3.86
C ASP I 1134 -76.60 92.65 5.31
N GLU I 1135 -76.11 91.75 6.16
CA GLU I 1135 -76.53 91.73 7.55
C GLU I 1135 -76.20 93.04 8.25
N GLU I 1136 -74.97 93.55 8.05
CA GLU I 1136 -74.53 94.74 8.75
C GLU I 1136 -75.39 95.95 8.39
N SER I 1137 -75.63 96.16 7.09
CA SER I 1137 -76.46 97.28 6.67
C SER I 1137 -77.89 97.11 7.17
N TRP I 1138 -78.40 95.87 7.17
CA TRP I 1138 -79.73 95.61 7.70
C TRP I 1138 -79.83 96.05 9.15
N PHE I 1139 -78.87 95.64 9.98
CA PHE I 1139 -78.92 96.00 11.38
C PHE I 1139 -78.65 97.48 11.60
N LYS I 1140 -77.81 98.10 10.77
CA LYS I 1140 -77.60 99.54 10.88
C LYS I 1140 -78.88 100.30 10.60
N ALA I 1141 -79.61 99.91 9.56
CA ALA I 1141 -80.89 100.56 9.27
C ALA I 1141 -81.87 100.34 10.41
N LEU I 1142 -81.92 99.12 10.94
CA LEU I 1142 -82.83 98.86 12.05
C LEU I 1142 -82.49 99.70 13.27
N ALA I 1143 -81.20 99.85 13.57
CA ALA I 1143 -80.79 100.59 14.76
C ALA I 1143 -81.14 102.07 14.63
N GLY I 1144 -80.95 102.65 13.47
CA GLY I 1144 -81.08 104.08 13.31
C GLY I 1144 -79.75 104.79 13.45
N SER I 1145 -79.84 106.11 13.60
CA SER I 1145 -78.66 106.96 13.73
C SER I 1145 -78.46 107.47 15.16
N GLU I 1146 -79.54 107.85 15.85
CA GLU I 1146 -79.41 108.31 17.22
C GLU I 1146 -79.01 107.17 18.13
N ILE I 1147 -78.19 107.48 19.12
CA ILE I 1147 -77.79 106.50 20.13
C ILE I 1147 -78.89 106.43 21.18
N ASN I 1148 -79.52 105.28 21.31
CA ASN I 1148 -80.62 105.09 22.25
C ASN I 1148 -80.82 103.60 22.45
N TRP I 1149 -81.94 103.23 23.08
CA TRP I 1149 -82.19 101.82 23.37
C TRP I 1149 -82.25 101.00 22.09
N ARG I 1150 -82.84 101.54 21.03
CA ARG I 1150 -82.92 100.80 19.77
C ARG I 1150 -81.54 100.59 19.17
N HIS I 1151 -80.70 101.61 19.22
CA HIS I 1151 -79.32 101.48 18.75
C HIS I 1151 -78.63 100.32 19.44
N ALA I 1152 -78.67 100.29 20.77
CA ALA I 1152 -78.04 99.22 21.52
C ALA I 1152 -78.67 97.87 21.18
N SER I 1153 -79.99 97.83 21.09
CA SER I 1153 -80.69 96.57 20.88
C SER I 1153 -80.26 95.94 19.56
N PHE I 1154 -80.11 96.75 18.51
CA PHE I 1154 -79.80 96.20 17.21
C PHE I 1154 -78.32 96.18 16.87
N LEU I 1155 -77.45 96.78 17.70
CA LEU I 1155 -76.03 96.80 17.40
C LEU I 1155 -75.15 96.16 18.48
N CYS I 1156 -75.56 96.13 19.74
CA CYS I 1156 -74.75 95.50 20.78
C CYS I 1156 -74.53 94.03 20.44
N SER I 1157 -73.27 93.60 20.53
CA SER I 1157 -72.95 92.21 20.20
C SER I 1157 -73.41 91.26 21.30
N PHE I 1158 -73.23 91.63 22.56
CA PHE I 1158 -73.61 90.81 23.69
C PHE I 1158 -74.65 91.52 24.53
N ILE I 1159 -75.40 90.72 25.29
CA ILE I 1159 -76.25 91.23 26.36
C ILE I 1159 -75.78 90.57 27.65
N THR I 1160 -76.12 91.22 28.76
CA THR I 1160 -75.66 90.80 30.08
C THR I 1160 -76.74 89.95 30.74
N GLN I 1161 -76.39 88.72 31.11
CA GLN I 1161 -77.34 87.91 31.86
C GLN I 1161 -77.22 88.36 33.31
N ASP I 1162 -77.21 87.45 34.28
CA ASP I 1162 -77.00 87.86 35.66
C ASP I 1162 -75.65 88.53 35.77
N LYS I 1163 -74.61 87.77 35.49
CA LYS I 1163 -73.26 88.33 35.49
C LYS I 1163 -72.48 87.88 34.27
N MET I 1164 -73.12 87.22 33.32
CA MET I 1164 -72.46 86.60 32.17
C MET I 1164 -72.82 87.37 30.90
N PHE I 1165 -72.10 87.04 29.84
CA PHE I 1165 -72.27 87.69 28.54
C PHE I 1165 -72.69 86.65 27.52
N VAL I 1166 -73.81 86.91 26.85
CA VAL I 1166 -74.37 86.00 25.87
C VAL I 1166 -74.72 86.81 24.62
N SER I 1167 -74.83 86.11 23.50
CA SER I 1167 -75.13 86.78 22.24
C SER I 1167 -76.45 87.53 22.35
N ASN I 1168 -76.49 88.70 21.73
CA ASN I 1168 -77.68 89.54 21.77
C ASN I 1168 -78.85 88.80 21.13
N PRO I 1169 -79.86 88.40 21.89
CA PRO I 1169 -80.98 87.67 21.28
C PRO I 1169 -81.73 88.48 20.24
N ILE I 1170 -81.81 89.79 20.40
CA ILE I 1170 -82.57 90.62 19.47
C ILE I 1170 -81.98 90.54 18.08
N ARG I 1171 -80.65 90.59 17.98
CA ARG I 1171 -80.00 90.53 16.68
C ARG I 1171 -80.28 89.20 15.99
N LYS I 1172 -80.25 88.09 16.74
CA LYS I 1172 -80.49 86.80 16.12
C LYS I 1172 -81.96 86.63 15.72
N VAL I 1173 -82.88 87.21 16.49
CA VAL I 1173 -84.29 87.13 16.12
C VAL I 1173 -84.56 87.89 14.83
N PHE I 1174 -83.85 89.00 14.59
CA PHE I 1174 -84.08 89.85 13.44
C PHE I 1174 -83.12 89.56 12.28
N LYS I 1175 -82.32 88.49 12.37
CA LYS I 1175 -81.36 88.19 11.33
C LYS I 1175 -82.06 88.10 9.98
N PRO I 1176 -81.63 88.87 8.97
CA PRO I 1176 -82.43 89.00 7.76
C PRO I 1176 -82.51 87.71 6.96
N SER I 1177 -83.71 87.44 6.44
CA SER I 1177 -83.94 86.32 5.55
C SER I 1177 -85.13 86.65 4.66
N GLN I 1178 -85.27 85.92 3.57
CA GLN I 1178 -86.33 86.20 2.60
C GLN I 1178 -87.70 86.15 3.27
N GLY I 1179 -88.51 87.17 3.01
CA GLY I 1179 -89.86 87.24 3.50
C GLY I 1179 -90.05 88.06 4.76
N MET I 1180 -88.98 88.40 5.47
CA MET I 1180 -89.10 89.20 6.68
C MET I 1180 -89.33 90.66 6.34
N VAL I 1181 -90.34 91.26 6.97
CA VAL I 1181 -90.68 92.65 6.76
C VAL I 1181 -90.67 93.35 8.11
N VAL I 1182 -89.78 94.32 8.27
CA VAL I 1182 -89.64 95.05 9.52
C VAL I 1182 -90.27 96.43 9.33
N GLU I 1183 -91.23 96.75 10.18
CA GLU I 1183 -91.93 98.03 10.15
C GLU I 1183 -91.52 98.83 11.38
N ILE I 1184 -90.94 100.00 11.16
CA ILE I 1184 -90.54 100.90 12.23
C ILE I 1184 -91.53 102.06 12.26
N SER I 1185 -92.04 102.35 13.46
CA SER I 1185 -92.94 103.47 13.66
C SER I 1185 -92.39 104.38 14.74
N ASN I 1186 -92.60 105.68 14.58
CA ASN I 1186 -92.14 106.68 15.54
C ASN I 1186 -90.63 106.58 15.74
N GLY I 1187 -89.90 106.56 14.61
CA GLY I 1187 -88.47 106.45 14.68
C GLY I 1187 -87.80 107.59 15.43
N ASN I 1188 -88.33 108.81 15.28
CA ASN I 1188 -87.63 109.97 15.84
C ASN I 1188 -87.76 110.03 17.36
N THR I 1189 -88.94 109.75 17.91
CA THR I 1189 -89.15 109.81 19.35
C THR I 1189 -88.88 108.43 19.93
N SER I 1190 -87.67 108.22 20.45
CA SER I 1190 -87.27 106.89 20.89
C SER I 1190 -88.17 106.35 22.00
N SER I 1191 -88.70 107.24 22.84
CA SER I 1191 -89.53 106.81 23.95
C SER I 1191 -90.77 106.06 23.49
N LYS I 1192 -91.18 106.26 22.25
CA LYS I 1192 -92.39 105.64 21.71
C LYS I 1192 -92.14 104.85 20.44
N THR I 1193 -90.89 104.71 20.01
CA THR I 1193 -90.60 103.90 18.83
C THR I 1193 -91.03 102.46 19.07
N VAL I 1194 -91.64 101.86 18.04
CA VAL I 1194 -92.04 100.47 18.08
C VAL I 1194 -91.54 99.81 16.80
N VAL I 1195 -90.79 98.72 16.94
CA VAL I 1195 -90.28 97.96 15.80
C VAL I 1195 -91.11 96.68 15.71
N THR I 1196 -91.77 96.50 14.57
CA THR I 1196 -92.62 95.34 14.34
C THR I 1196 -92.06 94.51 13.21
N LEU I 1197 -91.81 93.24 13.48
CA LEU I 1197 -91.36 92.29 12.48
C LEU I 1197 -92.54 91.41 12.07
N SER I 1198 -92.76 91.29 10.77
CA SER I 1198 -93.79 90.43 10.22
C SER I 1198 -93.15 89.44 9.26
N GLU I 1199 -93.61 88.20 9.32
CA GLU I 1199 -93.10 87.13 8.48
C GLU I 1199 -94.25 86.40 7.82
N PRO I 1200 -94.01 85.70 6.72
CA PRO I 1200 -95.06 84.89 6.13
C PRO I 1200 -95.38 83.70 7.01
N VAL I 1201 -96.58 83.68 7.59
CA VAL I 1201 -97.09 82.53 8.33
C VAL I 1201 -98.34 82.05 7.60
N GLN I 1202 -98.36 80.76 7.28
CA GLN I 1202 -99.53 80.14 6.65
C GLN I 1202 -99.90 80.87 5.36
N GLY I 1203 -98.88 81.29 4.61
CA GLY I 1203 -99.11 82.06 3.40
C GLY I 1203 -99.11 83.56 3.63
N GLU I 1204 -99.99 84.05 4.50
CA GLU I 1204 -100.13 85.47 4.72
C GLU I 1204 -99.05 85.99 5.68
N LEU I 1205 -98.99 87.31 5.80
CA LEU I 1205 -97.99 87.99 6.61
C LEU I 1205 -98.63 88.47 7.90
N LYS I 1206 -97.99 88.17 9.03
CA LYS I 1206 -98.52 88.51 10.34
C LYS I 1206 -97.39 88.98 11.24
N PRO I 1207 -97.71 89.75 12.29
CA PRO I 1207 -96.66 90.19 13.22
C PRO I 1207 -96.10 89.07 14.07
N THR I 1208 -94.83 88.73 13.89
CA THR I 1208 -94.22 87.69 14.70
C THR I 1208 -93.50 88.24 15.92
N VAL I 1209 -92.84 89.38 15.79
CA VAL I 1209 -92.06 89.97 16.88
C VAL I 1209 -92.30 91.46 16.91
N ILE I 1210 -92.45 92.00 18.12
CA ILE I 1210 -92.59 93.43 18.34
C ILE I 1210 -91.51 93.85 19.35
N LEU I 1211 -91.07 95.10 19.24
CA LEU I 1211 -90.03 95.63 20.10
C LEU I 1211 -90.35 97.07 20.46
N LYS I 1212 -90.43 97.35 21.76
CA LYS I 1212 -90.83 98.66 22.25
C LYS I 1212 -90.18 98.89 23.61
N LEU I 1213 -90.63 99.92 24.30
CA LEU I 1213 -90.18 100.26 25.66
C LEU I 1213 -91.33 100.09 26.63
N LEU I 1214 -91.40 98.92 27.28
CA LEU I 1214 -92.46 98.68 28.24
C LEU I 1214 -92.34 99.61 29.44
N LYS I 1215 -91.18 100.24 29.63
CA LYS I 1215 -90.99 101.26 30.64
C LYS I 1215 -89.96 102.26 30.10
N GLU I 1216 -89.49 103.13 30.99
CA GLU I 1216 -88.44 104.07 30.64
C GLU I 1216 -87.07 103.40 30.57
N ASN I 1217 -86.91 102.25 31.24
CA ASN I 1217 -85.65 101.54 31.30
C ASN I 1217 -85.76 100.09 30.89
N ILE I 1218 -86.96 99.61 30.57
CA ILE I 1218 -87.19 98.20 30.26
C ILE I 1218 -87.60 98.10 28.80
N ILE I 1219 -86.90 97.24 28.07
CA ILE I 1219 -87.24 96.90 26.69
C ILE I 1219 -88.02 95.60 26.71
N GLN I 1220 -89.18 95.59 26.05
CA GLN I 1220 -89.98 94.37 25.92
C GLN I 1220 -89.91 93.90 24.48
N MET I 1221 -89.51 92.64 24.30
CA MET I 1221 -89.57 91.96 23.01
C MET I 1221 -90.65 90.89 23.11
N GLU I 1222 -91.80 91.16 22.51
CA GLU I 1222 -92.95 90.26 22.56
C GLU I 1222 -92.86 89.33 21.35
N MET I 1223 -92.47 88.09 21.60
CA MET I 1223 -92.39 87.08 20.56
C MET I 1223 -93.74 86.38 20.45
N ILE I 1224 -94.30 86.39 19.25
CA ILE I 1224 -95.69 86.00 19.02
C ILE I 1224 -95.70 84.69 18.27
N GLU I 1225 -96.47 83.72 18.77
CA GLU I 1225 -96.77 82.50 18.05
C GLU I 1225 -98.21 82.59 17.55
N ASN I 1226 -98.39 82.44 16.24
CA ASN I 1226 -99.70 82.60 15.63
C ASN I 1226 -100.44 81.29 15.48
N ARG I 1227 -99.73 80.17 15.33
CA ARG I 1227 -100.35 78.86 15.15
C ARG I 1227 -100.70 78.31 16.53
N THR I 1228 -101.77 78.85 17.10
CA THR I 1228 -102.25 78.43 18.40
C THR I 1228 -103.41 77.47 18.23
N MET I 1229 -103.93 76.99 19.36
CA MET I 1229 -105.03 76.04 19.31
C MET I 1229 -106.35 76.74 19.00
N ASP I 1230 -106.54 77.94 19.54
CA ASP I 1230 -107.78 78.68 19.34
C ASP I 1230 -107.74 79.55 18.10
N GLY I 1231 -106.55 79.83 17.57
CA GLY I 1231 -106.36 80.76 16.48
C GLY I 1231 -105.95 82.14 16.96
N LYS I 1232 -106.29 82.49 18.20
CA LYS I 1232 -105.79 83.72 18.78
C LYS I 1232 -104.28 83.61 18.99
N PRO I 1233 -103.50 84.62 18.63
CA PRO I 1233 -102.06 84.55 18.87
C PRO I 1233 -101.72 84.61 20.35
N VAL I 1234 -100.57 84.02 20.69
CA VAL I 1234 -100.04 84.04 22.05
C VAL I 1234 -98.67 84.69 22.02
N SER I 1235 -98.41 85.57 22.98
CA SER I 1235 -97.20 86.36 23.02
C SER I 1235 -96.38 85.99 24.24
N LEU I 1236 -95.06 85.81 24.04
CA LEU I 1236 -94.11 85.61 25.11
C LEU I 1236 -93.33 86.90 25.31
N PRO I 1237 -93.63 87.70 26.34
CA PRO I 1237 -92.90 88.96 26.53
C PRO I 1237 -91.54 88.70 27.16
N LEU I 1238 -90.47 89.00 26.43
CA LEU I 1238 -89.13 88.97 26.96
C LEU I 1238 -88.74 90.38 27.39
N LEU I 1239 -88.31 90.52 28.64
CA LEU I 1239 -88.01 91.82 29.22
C LEU I 1239 -86.51 91.99 29.39
N TYR I 1240 -86.03 93.19 29.08
CA TYR I 1240 -84.63 93.53 29.22
C TYR I 1240 -84.49 94.87 29.92
N ASN I 1241 -83.37 95.03 30.63
CA ASN I 1241 -83.02 96.30 31.25
C ASN I 1241 -82.08 97.04 30.32
N PHE I 1242 -82.33 98.34 30.14
CA PHE I 1242 -81.45 99.20 29.37
C PHE I 1242 -80.77 100.15 30.36
N ASN I 1243 -79.45 100.01 30.51
CA ASN I 1243 -78.67 100.83 31.44
C ASN I 1243 -77.67 101.67 30.66
N PRO I 1244 -77.97 102.95 30.40
CA PRO I 1244 -77.02 103.77 29.64
C PRO I 1244 -75.71 104.00 30.35
N ASP I 1245 -75.65 103.79 31.67
CA ASP I 1245 -74.38 103.97 32.39
C ASP I 1245 -73.33 102.98 31.92
N ASN I 1246 -73.73 101.72 31.70
CA ASN I 1246 -72.81 100.72 31.17
C ASN I 1246 -72.87 100.77 29.65
N GLY I 1247 -71.94 101.51 29.05
CA GLY I 1247 -71.97 101.69 27.61
C GLY I 1247 -71.43 100.51 26.83
N PHE I 1248 -70.63 99.66 27.46
CA PHE I 1248 -70.12 98.47 26.77
C PHE I 1248 -71.21 97.41 26.65
N ALA I 1249 -72.13 97.36 27.61
CA ALA I 1249 -73.22 96.39 27.60
C ALA I 1249 -74.42 97.01 28.32
N PRO I 1250 -75.13 97.93 27.65
CA PRO I 1250 -76.24 98.62 28.33
C PRO I 1250 -77.47 97.76 28.51
N ILE I 1251 -77.56 96.61 27.85
CA ILE I 1251 -78.77 95.80 27.84
C ILE I 1251 -78.53 94.51 28.63
N SER I 1252 -79.36 94.24 29.61
CA SER I 1252 -79.24 93.00 30.36
C SER I 1252 -80.61 92.35 30.32
N GLU I 1253 -80.66 91.06 30.61
CA GLU I 1253 -81.93 90.36 30.60
C GLU I 1253 -82.55 90.30 31.98
N VAL I 1254 -83.86 90.48 32.05
CA VAL I 1254 -84.57 90.40 33.32
C VAL I 1254 -84.85 88.92 33.59
N MET I 1255 -84.17 88.34 34.56
CA MET I 1255 -84.30 86.90 34.79
C MET I 1255 -85.45 86.52 35.69
N GLU I 1256 -85.86 87.39 36.59
CA GLU I 1256 -86.90 87.03 37.54
C GLU I 1256 -88.21 86.75 36.82
N ASP I 1257 -88.68 85.50 36.92
CA ASP I 1257 -89.94 85.02 36.35
C ASP I 1257 -89.82 84.68 34.87
N ARG I 1258 -88.61 84.67 34.30
CA ARG I 1258 -88.47 84.31 32.90
C ARG I 1258 -89.01 82.91 32.65
N ASN I 1259 -88.66 81.98 33.54
CA ASN I 1259 -89.18 80.62 33.41
C ASN I 1259 -90.69 80.59 33.54
N GLN I 1260 -91.24 81.40 34.45
CA GLN I 1260 -92.69 81.46 34.61
C GLN I 1260 -93.37 82.00 33.36
N ARG I 1261 -92.80 83.04 32.74
CA ARG I 1261 -93.38 83.58 31.52
C ARG I 1261 -93.34 82.55 30.38
N ILE I 1262 -92.20 81.86 30.24
CA ILE I 1262 -92.10 80.84 29.20
C ILE I 1262 -93.12 79.73 29.46
N LYS I 1263 -93.27 79.32 30.72
CA LYS I 1263 -94.22 78.27 31.05
C LYS I 1263 -95.65 78.73 30.81
N GLU I 1264 -95.94 80.01 31.05
CA GLU I 1264 -97.28 80.51 30.78
C GLU I 1264 -97.59 80.45 29.29
N MET I 1265 -96.62 80.84 28.45
CA MET I 1265 -96.81 80.73 27.01
C MET I 1265 -97.06 79.29 26.61
N TYR I 1266 -96.21 78.37 27.08
CA TYR I 1266 -96.36 76.98 26.68
C TYR I 1266 -97.63 76.35 27.23
N TRP I 1267 -98.10 76.80 28.40
CA TRP I 1267 -99.37 76.35 28.93
C TRP I 1267 -100.52 76.79 28.04
N LYS I 1268 -100.49 78.04 27.58
CA LYS I 1268 -101.51 78.47 26.62
C LYS I 1268 -101.44 77.61 25.36
N LEU I 1269 -100.24 77.28 24.90
CA LEU I 1269 -100.11 76.54 23.65
C LEU I 1269 -100.57 75.09 23.79
N TRP I 1270 -100.29 74.46 24.93
CA TRP I 1270 -100.41 73.00 25.07
C TRP I 1270 -101.62 72.57 25.87
N ILE I 1271 -101.90 73.22 27.00
CA ILE I 1271 -102.89 72.75 27.95
C ILE I 1271 -104.06 73.71 27.93
N ASP I 1272 -105.27 73.16 27.78
CA ASP I 1272 -106.49 73.97 27.70
C ASP I 1272 -107.20 74.05 29.04
N GLU I 1273 -106.44 74.14 30.13
CA GLU I 1273 -106.95 74.31 31.47
C GLU I 1273 -106.45 75.62 32.05
N PRO I 1274 -107.08 76.12 33.11
CA PRO I 1274 -106.61 77.38 33.71
C PRO I 1274 -105.15 77.27 34.12
N PHE I 1275 -104.40 78.36 33.90
CA PHE I 1275 -102.99 78.37 34.26
C PHE I 1275 -102.83 78.24 35.76
N ASN I 1276 -102.08 77.22 36.18
CA ASN I 1276 -101.78 77.04 37.60
C ASN I 1276 -100.57 76.13 37.70
N LEU I 1277 -99.45 76.67 38.18
CA LEU I 1277 -98.21 75.92 38.26
C LEU I 1277 -97.95 75.31 39.64
N ASP I 1278 -98.80 75.59 40.63
CA ASP I 1278 -98.56 75.15 41.99
C ASP I 1278 -99.36 73.88 42.26
N PHE I 1279 -98.86 72.77 41.71
CA PHE I 1279 -99.39 71.45 42.01
C PHE I 1279 -98.22 70.49 42.23
N ASP I 1280 -98.49 69.41 42.95
CA ASP I 1280 -97.44 68.53 43.43
C ASP I 1280 -96.98 67.59 42.31
N PRO I 1281 -95.67 67.52 42.01
CA PRO I 1281 -95.20 66.51 41.06
C PRO I 1281 -95.41 65.08 41.53
N ARG I 1282 -95.40 64.83 42.85
CA ARG I 1282 -95.62 63.47 43.33
C ARG I 1282 -97.02 62.97 43.01
N ASP I 1283 -97.96 63.87 42.73
CA ASP I 1283 -99.35 63.47 42.54
C ASP I 1283 -99.58 62.95 41.12
N VAL I 1284 -100.77 62.38 40.92
CA VAL I 1284 -101.13 61.78 39.65
C VAL I 1284 -101.93 62.79 38.83
N ILE I 1285 -101.50 63.03 37.61
CA ILE I 1285 -102.19 63.93 36.70
C ILE I 1285 -103.22 63.13 35.91
N LYS I 1286 -104.45 63.62 35.86
CA LYS I 1286 -105.55 62.94 35.19
C LYS I 1286 -105.88 63.67 33.90
N GLY I 1287 -105.94 62.92 32.80
CA GLY I 1287 -106.20 63.48 31.50
C GLY I 1287 -107.66 63.35 31.09
N LYS I 1288 -108.08 64.27 30.23
CA LYS I 1288 -109.46 64.30 29.77
C LYS I 1288 -109.78 63.11 28.87
N ASP I 1289 -111.02 62.64 28.95
CA ASP I 1289 -111.46 61.53 28.12
C ASP I 1289 -111.33 61.87 26.64
N PHE I 1290 -110.90 60.89 25.86
CA PHE I 1290 -110.66 61.08 24.43
C PHE I 1290 -111.52 60.12 23.63
N GLU I 1291 -112.25 60.66 22.67
CA GLU I 1291 -113.10 59.88 21.78
C GLU I 1291 -112.40 59.76 20.43
N ILE I 1292 -112.03 58.53 20.06
CA ILE I 1292 -111.32 58.27 18.81
C ILE I 1292 -112.30 58.25 17.67
N THR I 1293 -111.98 58.97 16.60
CA THR I 1293 -112.84 59.09 15.43
C THR I 1293 -112.06 58.71 14.18
N ALA I 1294 -112.80 58.31 13.14
CA ALA I 1294 -112.17 57.96 11.88
C ALA I 1294 -111.40 59.14 11.29
N LYS I 1295 -111.94 60.35 11.44
CA LYS I 1295 -111.25 61.53 10.94
C LYS I 1295 -109.88 61.68 11.57
N GLU I 1296 -109.80 61.53 12.88
CA GLU I 1296 -108.53 61.71 13.58
C GLU I 1296 -107.51 60.67 13.15
N VAL I 1297 -107.94 59.42 13.03
CA VAL I 1297 -107.02 58.37 12.61
C VAL I 1297 -106.53 58.64 11.20
N TYR I 1298 -107.44 59.03 10.30
CA TYR I 1298 -107.06 59.38 8.94
C TYR I 1298 -106.01 60.49 8.93
N ASP I 1299 -106.29 61.58 9.64
CA ASP I 1299 -105.37 62.72 9.64
C ASP I 1299 -104.02 62.32 10.20
N PHE I 1300 -104.01 61.58 11.32
CA PHE I 1300 -102.74 61.19 11.92
C PHE I 1300 -101.94 60.30 10.98
N THR I 1301 -102.59 59.26 10.46
CA THR I 1301 -101.90 58.33 9.58
C THR I 1301 -101.32 59.05 8.37
N HIS I 1302 -102.04 60.03 7.83
CA HIS I 1302 -101.53 60.75 6.67
C HIS I 1302 -100.38 61.67 7.06
N ALA I 1303 -100.48 62.31 8.22
CA ALA I 1303 -99.41 63.20 8.65
C ALA I 1303 -98.11 62.44 8.87
N VAL I 1304 -98.18 61.23 9.46
CA VAL I 1304 -96.97 60.47 9.74
C VAL I 1304 -96.59 59.51 8.61
N GLY I 1305 -97.37 59.45 7.54
CA GLY I 1305 -97.04 58.58 6.43
C GLY I 1305 -97.12 57.10 6.73
N ASN I 1306 -98.19 56.68 7.42
CA ASN I 1306 -98.38 55.27 7.72
C ASN I 1306 -99.50 54.74 6.84
N ASN I 1307 -99.21 53.75 6.00
CA ASN I 1307 -100.21 53.24 5.05
C ASN I 1307 -100.66 51.83 5.37
N CYS I 1308 -100.62 51.45 6.63
CA CYS I 1308 -101.08 50.13 7.02
C CYS I 1308 -102.57 50.04 6.76
N GLU I 1309 -103.01 48.93 6.18
CA GLU I 1309 -104.42 48.81 5.83
C GLU I 1309 -105.32 48.70 7.06
N ASP I 1310 -104.78 48.32 8.22
CA ASP I 1310 -105.62 48.17 9.40
C ASP I 1310 -106.25 49.49 9.83
N PHE I 1311 -105.63 50.59 9.46
CA PHE I 1311 -106.12 51.90 9.89
C PHE I 1311 -106.93 52.60 8.81
N VAL I 1312 -107.03 52.00 7.62
CA VAL I 1312 -107.82 52.57 6.54
C VAL I 1312 -109.23 52.01 6.54
N SER I 1313 -110.23 52.88 6.55
CA SER I 1313 -111.61 52.40 6.60
C SER I 1313 -111.91 51.50 5.42
N ARG I 1314 -112.51 50.36 5.69
CA ARG I 1314 -112.84 49.36 4.68
C ARG I 1314 -114.19 48.75 5.02
N PRO I 1315 -114.88 48.19 4.03
CA PRO I 1315 -116.18 47.56 4.34
C PRO I 1315 -115.99 46.29 5.17
N ASP I 1316 -116.90 46.11 6.13
CA ASP I 1316 -116.97 44.92 6.97
C ASP I 1316 -115.84 44.82 7.98
N ARG I 1317 -115.02 45.85 8.13
CA ARG I 1317 -113.90 45.80 9.06
C ARG I 1317 -113.82 47.14 9.79
N THR I 1318 -113.89 47.09 11.12
CA THR I 1318 -113.70 48.31 11.92
C THR I 1318 -112.24 48.73 11.88
N MET I 1319 -112.02 50.04 11.82
CA MET I 1319 -110.66 50.54 11.62
C MET I 1319 -109.96 50.73 12.97
N LEU I 1320 -108.74 50.22 13.04
CA LEU I 1320 -107.91 50.34 14.22
C LEU I 1320 -107.21 51.69 14.25
N ALA I 1321 -106.74 52.08 15.43
CA ALA I 1321 -105.91 53.26 15.53
C ALA I 1321 -104.45 52.85 15.71
N PRO I 1322 -103.49 53.57 15.16
CA PRO I 1322 -102.09 53.15 15.29
C PRO I 1322 -101.58 53.31 16.72
N MET I 1323 -100.57 52.51 17.03
CA MET I 1323 -99.95 52.58 18.36
C MET I 1323 -99.48 54.01 18.65
N ASP I 1324 -98.94 54.70 17.66
CA ASP I 1324 -98.44 56.05 17.86
C ASP I 1324 -99.54 57.02 18.26
N PHE I 1325 -100.80 56.67 18.04
CA PHE I 1325 -101.91 57.52 18.46
C PHE I 1325 -101.95 57.70 19.96
N ALA I 1326 -101.23 56.87 20.72
CA ALA I 1326 -101.23 57.00 22.18
C ALA I 1326 -100.65 58.34 22.60
N ILE I 1327 -99.64 58.85 21.88
CA ILE I 1327 -99.14 60.19 22.19
C ILE I 1327 -100.21 61.23 21.95
N VAL I 1328 -100.95 61.12 20.85
CA VAL I 1328 -102.04 62.07 20.62
C VAL I 1328 -103.04 62.01 21.77
N VAL I 1329 -103.31 60.81 22.27
CA VAL I 1329 -104.29 60.67 23.33
C VAL I 1329 -103.80 61.26 24.64
N GLY I 1330 -102.55 60.96 25.03
CA GLY I 1330 -102.05 61.29 26.34
C GLY I 1330 -101.03 62.40 26.43
N TRP I 1331 -100.84 63.19 25.37
CA TRP I 1331 -99.81 64.22 25.41
C TRP I 1331 -100.12 65.26 26.47
N ARG I 1332 -101.38 65.65 26.61
CA ARG I 1332 -101.73 66.68 27.58
C ARG I 1332 -101.30 66.26 28.98
N ALA I 1333 -101.72 65.06 29.40
CA ALA I 1333 -101.37 64.59 30.73
C ALA I 1333 -99.87 64.41 30.88
N ILE I 1334 -99.22 63.85 29.85
CA ILE I 1334 -97.79 63.58 29.96
C ILE I 1334 -97.01 64.89 30.11
N ILE I 1335 -97.32 65.89 29.29
CA ILE I 1335 -96.56 67.12 29.29
C ILE I 1335 -96.93 68.03 30.45
N LYS I 1336 -98.09 67.83 31.08
CA LYS I 1336 -98.41 68.62 32.25
C LYS I 1336 -97.50 68.29 33.43
N ALA I 1337 -96.72 67.20 33.34
CA ALA I 1337 -95.86 66.80 34.45
C ALA I 1337 -94.67 67.73 34.62
N ILE I 1338 -94.13 68.28 33.52
CA ILE I 1338 -92.92 69.08 33.60
C ILE I 1338 -93.19 70.54 33.97
N PHE I 1339 -94.44 70.91 34.19
CA PHE I 1339 -94.80 72.30 34.45
C PHE I 1339 -94.61 72.76 35.89
N PRO I 1340 -94.94 71.93 36.91
CA PRO I 1340 -94.94 72.43 38.30
C PRO I 1340 -93.75 73.30 38.64
N ASN I 1341 -93.95 74.32 39.47
CA ASN I 1341 -92.86 75.23 39.80
C ASN I 1341 -91.76 74.54 40.60
N THR I 1342 -92.07 73.44 41.29
CA THR I 1342 -91.02 72.68 41.97
C THR I 1342 -90.09 72.02 40.95
N VAL I 1343 -90.63 71.51 39.85
CA VAL I 1343 -89.80 71.05 38.73
C VAL I 1343 -89.62 72.26 37.82
N ASP I 1344 -88.66 73.10 38.19
CA ASP I 1344 -88.42 74.36 37.50
C ASP I 1344 -87.41 74.15 36.38
N GLY I 1345 -87.68 74.74 35.23
CA GLY I 1345 -86.77 74.62 34.11
C GLY I 1345 -87.21 75.52 32.97
N ASP I 1346 -86.27 75.73 32.05
CA ASP I 1346 -86.50 76.55 30.85
C ASP I 1346 -87.10 75.67 29.77
N LEU I 1347 -88.38 75.89 29.45
CA LEU I 1347 -89.06 75.05 28.47
C LEU I 1347 -88.48 75.20 27.07
N LEU I 1348 -87.86 76.34 26.76
CA LEU I 1348 -87.27 76.52 25.44
C LEU I 1348 -85.98 75.71 25.30
N LYS I 1349 -85.37 75.29 26.40
CA LYS I 1349 -84.26 74.37 26.38
C LYS I 1349 -84.68 72.94 26.71
N LEU I 1350 -85.97 72.69 26.83
CA LEU I 1350 -86.46 71.34 27.08
C LEU I 1350 -86.10 70.43 25.91
N VAL I 1351 -85.59 69.25 26.23
CA VAL I 1351 -85.19 68.26 25.22
C VAL I 1351 -85.94 66.97 25.51
N HIS I 1352 -86.55 66.40 24.47
CA HIS I 1352 -87.23 65.11 24.57
C HIS I 1352 -86.21 64.02 24.32
N LEU I 1353 -85.89 63.26 25.36
CA LEU I 1353 -84.82 62.27 25.23
C LEU I 1353 -85.29 60.98 24.60
N SER I 1354 -86.49 60.52 24.94
CA SER I 1354 -86.95 59.23 24.44
C SER I 1354 -88.43 59.07 24.76
N ASN I 1355 -89.06 58.17 24.01
CA ASN I 1355 -90.47 57.85 24.18
C ASN I 1355 -90.65 56.36 23.99
N GLY I 1356 -91.66 55.80 24.65
CA GLY I 1356 -91.89 54.37 24.56
C GLY I 1356 -93.36 54.04 24.68
N TYR I 1357 -93.76 52.98 23.99
CA TYR I 1357 -95.09 52.39 24.09
C TYR I 1357 -94.95 50.96 24.57
N LYS I 1358 -95.96 50.50 25.30
CA LYS I 1358 -95.90 49.14 25.86
C LYS I 1358 -97.33 48.65 26.04
N MET I 1359 -97.76 47.75 25.16
CA MET I 1359 -99.07 47.15 25.29
C MET I 1359 -99.11 46.25 26.51
N ILE I 1360 -100.21 46.33 27.25
CA ILE I 1360 -100.39 45.47 28.42
C ILE I 1360 -100.83 44.09 27.95
N PRO I 1361 -100.18 43.01 28.40
CA PRO I 1361 -100.49 41.68 27.85
C PRO I 1361 -101.97 41.36 27.93
N GLY I 1362 -102.51 40.85 26.83
CA GLY I 1362 -103.93 40.54 26.75
C GLY I 1362 -104.81 41.72 26.43
N ALA I 1363 -104.24 42.89 26.18
CA ALA I 1363 -105.00 44.08 25.79
C ALA I 1363 -104.97 44.21 24.27
N LYS I 1364 -106.11 44.54 23.70
CA LYS I 1364 -106.24 44.69 22.27
C LYS I 1364 -105.79 46.09 21.83
N PRO I 1365 -105.45 46.25 20.56
CA PRO I 1365 -105.08 47.58 20.08
C PRO I 1365 -106.25 48.54 20.14
N LEU I 1366 -105.92 49.84 20.13
CA LEU I 1366 -106.95 50.86 20.07
C LEU I 1366 -107.72 50.74 18.77
N GLN I 1367 -109.00 51.11 18.81
CA GLN I 1367 -109.85 51.06 17.63
C GLN I 1367 -110.75 52.28 17.61
N VAL I 1368 -111.10 52.73 16.41
CA VAL I 1368 -112.03 53.83 16.27
C VAL I 1368 -113.31 53.49 17.02
N GLY I 1369 -113.89 54.48 17.68
CA GLY I 1369 -115.04 54.28 18.53
C GLY I 1369 -114.71 54.12 20.00
N ASP I 1370 -113.44 53.92 20.34
CA ASP I 1370 -113.05 53.78 21.73
C ASP I 1370 -113.07 55.14 22.44
N VAL I 1371 -113.37 55.10 23.73
CA VAL I 1371 -113.18 56.24 24.62
C VAL I 1371 -112.04 55.89 25.56
N VAL I 1372 -111.00 56.71 25.55
CA VAL I 1372 -109.79 56.42 26.30
C VAL I 1372 -109.65 57.42 27.43
N SER I 1373 -109.12 56.93 28.55
CA SER I 1373 -108.78 57.76 29.69
C SER I 1373 -107.28 57.67 29.93
N THR I 1374 -106.67 58.81 30.23
CA THR I 1374 -105.25 58.90 30.47
C THR I 1374 -104.98 59.33 31.89
N THR I 1375 -103.98 58.71 32.51
CA THR I 1375 -103.45 59.13 33.80
C THR I 1375 -101.93 59.18 33.68
N ALA I 1376 -101.32 60.15 34.34
CA ALA I 1376 -99.87 60.34 34.25
C ALA I 1376 -99.29 60.60 35.63
N VAL I 1377 -98.11 60.04 35.86
CA VAL I 1377 -97.35 60.25 37.08
C VAL I 1377 -95.89 60.42 36.70
N ILE I 1378 -95.18 61.25 37.47
CA ILE I 1378 -93.73 61.38 37.33
C ILE I 1378 -93.10 60.18 38.02
N GLU I 1379 -92.35 59.38 37.26
CA GLU I 1379 -91.62 58.28 37.86
C GLU I 1379 -90.42 58.78 38.64
N SER I 1380 -89.66 59.70 38.04
CA SER I 1380 -88.42 60.18 38.64
C SER I 1380 -88.09 61.55 38.08
N VAL I 1381 -87.61 62.43 38.95
CA VAL I 1381 -87.03 63.70 38.55
C VAL I 1381 -85.75 63.89 39.35
N VAL I 1382 -84.61 63.84 38.68
CA VAL I 1382 -83.32 63.92 39.34
C VAL I 1382 -82.50 65.03 38.69
N ASN I 1383 -81.66 65.67 39.50
CA ASN I 1383 -80.73 66.69 39.01
C ASN I 1383 -79.44 66.02 38.58
N GLN I 1384 -78.99 66.31 37.38
CA GLN I 1384 -77.72 65.88 36.85
C GLN I 1384 -76.85 67.08 36.51
N PRO I 1385 -75.53 66.88 36.42
CA PRO I 1385 -74.65 68.03 36.20
C PRO I 1385 -74.98 68.80 34.94
N THR I 1386 -75.45 68.12 33.89
CA THR I 1386 -75.82 68.78 32.65
C THR I 1386 -77.26 69.28 32.65
N GLY I 1387 -78.04 68.96 33.68
CA GLY I 1387 -79.41 69.45 33.77
C GLY I 1387 -80.26 68.52 34.59
N LYS I 1388 -81.57 68.63 34.38
CA LYS I 1388 -82.57 67.91 35.16
C LYS I 1388 -83.35 67.00 34.24
N ILE I 1389 -83.41 65.72 34.59
CA ILE I 1389 -84.18 64.73 33.83
C ILE I 1389 -85.49 64.49 34.55
N VAL I 1390 -86.57 64.40 33.78
CA VAL I 1390 -87.90 64.09 34.28
C VAL I 1390 -88.43 62.90 33.51
N ASP I 1391 -88.75 61.83 34.20
CA ASP I 1391 -89.28 60.61 33.60
C ASP I 1391 -90.74 60.49 33.98
N VAL I 1392 -91.61 60.40 32.97
CA VAL I 1392 -93.05 60.39 33.15
C VAL I 1392 -93.61 59.09 32.61
N VAL I 1393 -94.65 58.57 33.25
CA VAL I 1393 -95.31 57.34 32.83
C VAL I 1393 -96.80 57.62 32.70
N GLY I 1394 -97.34 57.41 31.51
CA GLY I 1394 -98.75 57.57 31.25
C GLY I 1394 -99.41 56.22 31.08
N THR I 1395 -100.65 56.11 31.53
CA THR I 1395 -101.41 54.86 31.42
C THR I 1395 -102.73 55.18 30.71
N LEU I 1396 -102.92 54.59 29.54
CA LEU I 1396 -104.15 54.75 28.77
C LEU I 1396 -105.10 53.61 29.12
N SER I 1397 -106.32 53.96 29.54
CA SER I 1397 -107.29 53.00 30.01
C SER I 1397 -108.54 53.05 29.14
N ARG I 1398 -108.97 51.89 28.67
CA ARG I 1398 -110.17 51.75 27.85
C ARG I 1398 -111.20 50.95 28.63
N ASN I 1399 -112.39 51.53 28.83
CA ASN I 1399 -113.52 50.87 29.47
C ASN I 1399 -113.26 50.56 30.94
N GLY I 1400 -112.22 51.12 31.54
CA GLY I 1400 -111.84 50.80 32.90
C GLY I 1400 -110.65 49.87 33.02
N LYS I 1401 -110.24 49.24 31.93
CA LYS I 1401 -109.04 48.41 31.94
C LYS I 1401 -107.89 49.14 31.25
N PRO I 1402 -106.66 48.99 31.73
CA PRO I 1402 -105.53 49.66 31.08
C PRO I 1402 -105.10 48.95 29.82
N VAL I 1403 -104.79 49.73 28.79
CA VAL I 1403 -104.47 49.21 27.46
C VAL I 1403 -102.98 49.22 27.19
N MET I 1404 -102.33 50.36 27.39
CA MET I 1404 -100.91 50.49 27.16
C MET I 1404 -100.35 51.52 28.12
N GLU I 1405 -99.02 51.52 28.24
CA GLU I 1405 -98.29 52.48 29.05
C GLU I 1405 -97.32 53.26 28.18
N VAL I 1406 -97.25 54.57 28.41
CA VAL I 1406 -96.36 55.45 27.67
C VAL I 1406 -95.30 55.96 28.63
N THR I 1407 -94.03 55.81 28.24
CA THR I 1407 -92.91 56.31 29.03
C THR I 1407 -92.23 57.41 28.23
N SER I 1408 -92.17 58.61 28.81
CA SER I 1408 -91.54 59.75 28.19
C SER I 1408 -90.48 60.30 29.13
N SER I 1409 -89.28 60.54 28.60
CA SER I 1409 -88.17 61.09 29.36
C SER I 1409 -87.83 62.47 28.80
N PHE I 1410 -87.87 63.49 29.65
CA PHE I 1410 -87.59 64.86 29.24
C PHE I 1410 -86.32 65.35 29.93
N PHE I 1411 -85.75 66.42 29.36
CA PHE I 1411 -84.48 66.95 29.83
C PHE I 1411 -84.55 68.48 29.86
N TYR I 1412 -84.38 69.04 31.05
CA TYR I 1412 -84.25 70.48 31.25
C TYR I 1412 -82.77 70.78 31.34
N ARG I 1413 -82.18 71.26 30.24
CA ARG I 1413 -80.76 71.59 30.27
C ARG I 1413 -80.52 72.81 31.16
N GLY I 1414 -79.47 72.75 31.96
CA GLY I 1414 -79.12 73.84 32.84
C GLY I 1414 -78.30 73.35 34.01
N ASN I 1415 -78.22 74.19 35.04
CA ASN I 1415 -77.51 73.89 36.27
C ASN I 1415 -78.51 73.99 37.42
N TYR I 1416 -78.81 72.86 38.05
CA TYR I 1416 -79.79 72.80 39.12
C TYR I 1416 -79.16 72.19 40.36
N THR I 1417 -79.57 72.71 41.53
CA THR I 1417 -79.09 72.20 42.81
C THR I 1417 -80.21 72.11 43.84
N ASP I 1418 -81.46 72.04 43.40
CA ASP I 1418 -82.60 72.00 44.31
C ASP I 1418 -82.97 70.54 44.58
N PHE I 1419 -82.03 69.84 45.22
CA PHE I 1419 -82.17 68.41 45.42
C PHE I 1419 -83.34 68.04 46.33
N GLU I 1420 -83.87 68.99 47.10
CA GLU I 1420 -85.01 68.69 47.96
C GLU I 1420 -86.28 68.43 47.16
N ASN I 1421 -86.31 68.84 45.90
CA ASN I 1421 -87.46 68.57 45.03
C ASN I 1421 -87.30 67.29 44.22
N THR I 1422 -86.14 66.65 44.28
CA THR I 1422 -85.84 65.52 43.41
C THR I 1422 -86.14 64.20 44.10
N PHE I 1423 -86.35 63.17 43.29
CA PHE I 1423 -86.58 61.81 43.76
C PHE I 1423 -86.37 60.88 42.57
N GLN I 1424 -86.39 59.58 42.84
CA GLN I 1424 -86.16 58.62 41.78
C GLN I 1424 -86.79 57.29 42.16
N LYS I 1425 -87.18 56.54 41.14
CA LYS I 1425 -87.79 55.23 41.30
C LYS I 1425 -87.24 54.30 40.23
N THR I 1426 -86.71 53.16 40.64
CA THR I 1426 -86.13 52.21 39.70
C THR I 1426 -86.62 50.81 40.03
N VAL I 1427 -87.15 50.11 39.03
CA VAL I 1427 -87.53 48.71 39.16
C VAL I 1427 -86.28 47.88 38.92
N GLU I 1428 -85.79 47.23 39.97
CA GLU I 1428 -84.54 46.52 39.85
C GLU I 1428 -84.75 45.25 39.03
N PRO I 1429 -83.69 44.74 38.40
CA PRO I 1429 -83.79 43.42 37.76
C PRO I 1429 -84.08 42.36 38.82
N VAL I 1430 -84.78 41.31 38.40
CA VAL I 1430 -85.06 40.21 39.30
C VAL I 1430 -83.76 39.46 39.58
N TYR I 1431 -83.48 39.20 40.86
CA TYR I 1431 -82.27 38.52 41.29
C TYR I 1431 -82.62 37.11 41.78
N GLN I 1432 -81.77 36.15 41.44
CA GLN I 1432 -81.97 34.76 41.79
C GLN I 1432 -80.82 34.26 42.66
N MET I 1433 -81.15 33.42 43.63
CA MET I 1433 -80.16 32.85 44.54
C MET I 1433 -80.52 31.39 44.78
N HIS I 1434 -79.54 30.50 44.61
CA HIS I 1434 -79.68 29.10 44.94
C HIS I 1434 -79.07 28.89 46.33
N ILE I 1435 -79.93 28.65 47.32
CA ILE I 1435 -79.48 28.46 48.69
C ILE I 1435 -78.92 27.05 48.83
N LYS I 1436 -77.59 26.93 48.90
CA LYS I 1436 -76.93 25.64 48.91
C LYS I 1436 -76.64 25.16 50.34
N THR I 1437 -75.86 25.94 51.09
CA THR I 1437 -75.32 25.53 52.38
C THR I 1437 -76.02 26.30 53.50
N SER I 1438 -75.79 25.85 54.73
CA SER I 1438 -76.34 26.55 55.88
C SER I 1438 -75.69 27.90 56.05
N LYS I 1439 -74.49 28.08 55.49
CA LYS I 1439 -73.85 29.39 55.52
C LYS I 1439 -74.73 30.44 54.85
N ASP I 1440 -75.26 30.11 53.66
CA ASP I 1440 -76.12 31.05 52.96
C ASP I 1440 -77.36 31.39 53.77
N ILE I 1441 -77.97 30.37 54.38
CA ILE I 1441 -79.13 30.62 55.22
C ILE I 1441 -78.77 31.57 56.35
N ALA I 1442 -77.66 31.30 57.02
CA ALA I 1442 -77.27 32.15 58.14
C ALA I 1442 -77.03 33.58 57.71
N VAL I 1443 -76.31 33.77 56.60
CA VAL I 1443 -76.03 35.12 56.13
C VAL I 1443 -77.33 35.84 55.77
N LEU I 1444 -78.23 35.17 55.06
CA LEU I 1444 -79.48 35.79 54.69
C LEU I 1444 -80.28 36.19 55.92
N ARG I 1445 -80.35 35.30 56.91
CA ARG I 1445 -81.09 35.61 58.13
C ARG I 1445 -80.42 36.72 58.93
N SER I 1446 -79.15 37.01 58.68
CA SER I 1446 -78.51 38.13 59.35
C SER I 1446 -79.02 39.47 58.84
N LYS I 1447 -79.32 39.56 57.54
CA LYS I 1447 -79.77 40.82 56.97
C LYS I 1447 -81.11 41.22 57.57
N GLU I 1448 -81.17 42.39 58.18
CA GLU I 1448 -82.40 42.83 58.82
C GLU I 1448 -83.54 42.96 57.83
N TRP I 1449 -83.25 43.29 56.57
CA TRP I 1449 -84.31 43.51 55.61
C TRP I 1449 -84.95 42.22 55.11
N PHE I 1450 -84.21 41.11 55.13
CA PHE I 1450 -84.72 39.82 54.66
C PHE I 1450 -85.72 39.29 55.67
N GLN I 1451 -87.01 39.35 55.33
CA GLN I 1451 -88.09 38.96 56.24
C GLN I 1451 -88.95 37.89 55.58
N LEU I 1452 -89.05 36.74 56.23
CA LEU I 1452 -89.90 35.65 55.78
C LEU I 1452 -91.12 35.57 56.69
N ASP I 1453 -92.29 35.40 56.09
CA ASP I 1453 -93.50 35.26 56.89
C ASP I 1453 -93.45 34.02 57.77
N ASP I 1454 -92.98 32.91 57.21
CA ASP I 1454 -92.85 31.64 57.95
C ASP I 1454 -91.42 31.54 58.46
N GLU I 1455 -91.24 31.88 59.74
CA GLU I 1455 -89.91 31.86 60.33
C GLU I 1455 -89.27 30.49 60.26
N ASP I 1456 -90.05 29.41 60.20
CA ASP I 1456 -89.52 28.06 60.14
C ASP I 1456 -89.47 27.51 58.71
N PHE I 1457 -89.46 28.40 57.71
CA PHE I 1457 -89.31 27.96 56.33
C PHE I 1457 -87.93 27.36 56.11
N ASP I 1458 -87.87 26.33 55.28
CA ASP I 1458 -86.64 25.61 54.99
C ASP I 1458 -86.04 26.16 53.69
N LEU I 1459 -85.09 27.08 53.83
CA LEU I 1459 -84.43 27.65 52.66
C LEU I 1459 -83.43 26.69 52.03
N LEU I 1460 -83.11 25.59 52.70
CA LEU I 1460 -82.02 24.73 52.24
C LEU I 1460 -82.37 24.09 50.90
N ASN I 1461 -81.43 24.18 49.95
CA ASN I 1461 -81.63 23.68 48.58
C ASN I 1461 -82.89 24.27 47.95
N LYS I 1462 -83.11 25.57 48.15
CA LYS I 1462 -84.22 26.27 47.54
C LYS I 1462 -83.70 27.38 46.63
N THR I 1463 -84.46 27.66 45.57
CA THR I 1463 -84.17 28.78 44.70
C THR I 1463 -85.10 29.93 45.07
N LEU I 1464 -84.53 31.09 45.33
CA LEU I 1464 -85.28 32.28 45.71
C LEU I 1464 -85.08 33.36 44.66
N THR I 1465 -86.14 34.11 44.39
CA THR I 1465 -86.10 35.24 43.48
C THR I 1465 -86.52 36.49 44.23
N PHE I 1466 -85.77 37.57 44.06
CA PHE I 1466 -86.08 38.85 44.67
C PHE I 1466 -86.44 39.84 43.56
N GLU I 1467 -87.64 40.41 43.65
CA GLU I 1467 -88.09 41.45 42.72
C GLU I 1467 -88.43 42.69 43.55
N THR I 1468 -87.56 43.69 43.50
CA THR I 1468 -87.61 44.83 44.40
C THR I 1468 -87.75 46.14 43.62
N GLU I 1469 -88.19 47.17 44.32
CA GLU I 1469 -88.22 48.54 43.83
C GLU I 1469 -87.54 49.45 44.82
N THR I 1470 -86.73 50.38 44.33
CA THR I 1470 -86.00 51.33 45.17
C THR I 1470 -86.57 52.72 44.94
N GLU I 1471 -87.04 53.35 46.02
CA GLU I 1471 -87.42 54.76 46.02
C GLU I 1471 -86.39 55.53 46.82
N VAL I 1472 -85.76 56.53 46.20
CA VAL I 1472 -84.76 57.33 46.88
C VAL I 1472 -85.09 58.81 46.70
N THR I 1473 -84.73 59.59 47.71
CA THR I 1473 -84.61 61.03 47.61
C THR I 1473 -83.15 61.41 47.68
N PHE I 1474 -82.84 62.65 47.35
CA PHE I 1474 -81.46 63.10 47.23
C PHE I 1474 -81.17 64.24 48.20
N LYS I 1475 -79.93 64.27 48.68
CA LYS I 1475 -79.38 65.41 49.39
C LYS I 1475 -78.41 66.20 48.54
N ASN I 1476 -77.72 65.54 47.62
CA ASN I 1476 -76.84 66.21 46.67
C ASN I 1476 -76.58 65.23 45.53
N ALA I 1477 -75.66 65.60 44.65
CA ALA I 1477 -75.41 64.78 43.47
C ALA I 1477 -74.90 63.39 43.84
N ASN I 1478 -74.14 63.28 44.93
CA ASN I 1478 -73.43 62.06 45.27
C ASN I 1478 -74.14 61.22 46.34
N ILE I 1479 -74.89 61.84 47.23
CA ILE I 1479 -75.42 61.16 48.42
C ILE I 1479 -76.94 61.16 48.37
N PHE I 1480 -77.53 60.15 48.99
CA PHE I 1480 -78.98 60.04 49.14
C PHE I 1480 -79.40 60.52 50.53
N SER I 1481 -80.61 61.05 50.60
CA SER I 1481 -81.21 61.48 51.86
C SER I 1481 -82.26 60.52 52.37
N SER I 1482 -82.58 59.48 51.61
CA SER I 1482 -83.53 58.46 52.03
C SER I 1482 -83.51 57.34 50.99
N VAL I 1483 -83.52 56.11 51.47
CA VAL I 1483 -83.49 54.94 50.59
C VAL I 1483 -84.54 53.96 51.08
N LYS I 1484 -85.33 53.44 50.16
CA LYS I 1484 -86.39 52.49 50.49
C LYS I 1484 -86.45 51.43 49.41
N CYS I 1485 -86.03 50.21 49.76
CA CYS I 1485 -86.08 49.07 48.86
C CYS I 1485 -87.10 48.09 49.42
N PHE I 1486 -88.03 47.64 48.58
CA PHE I 1486 -89.11 46.79 49.03
C PHE I 1486 -89.59 45.91 47.89
N GLY I 1487 -90.32 44.86 48.25
CA GLY I 1487 -90.87 43.95 47.28
C GLY I 1487 -91.08 42.56 47.85
N PRO I 1488 -91.62 41.67 47.04
CA PRO I 1488 -91.83 40.29 47.50
C PRO I 1488 -90.63 39.39 47.27
N ILE I 1489 -90.56 38.35 48.09
CA ILE I 1489 -89.59 37.27 47.95
C ILE I 1489 -90.36 36.01 47.57
N LYS I 1490 -89.88 35.29 46.57
CA LYS I 1490 -90.58 34.15 46.02
C LYS I 1490 -89.65 32.94 45.97
N VAL I 1491 -90.24 31.76 46.07
CA VAL I 1491 -89.51 30.50 46.05
C VAL I 1491 -90.00 29.66 44.89
N GLU I 1492 -89.06 29.06 44.17
CA GLU I 1492 -89.41 28.15 43.08
C GLU I 1492 -89.93 26.82 43.63
N LEU I 1493 -90.89 26.25 42.95
CA LEU I 1493 -91.51 24.98 43.32
C LEU I 1493 -91.06 23.88 42.39
N PRO I 1494 -91.35 22.62 42.72
CA PRO I 1494 -91.01 21.53 41.81
C PRO I 1494 -91.65 21.68 40.43
N THR I 1495 -92.79 22.36 40.33
CA THR I 1495 -93.44 22.62 39.06
C THR I 1495 -92.91 23.88 38.37
N LYS I 1496 -91.81 24.43 38.85
CA LYS I 1496 -91.19 25.65 38.31
C LYS I 1496 -92.06 26.88 38.48
N GLU I 1497 -93.14 26.80 39.26
CA GLU I 1497 -93.94 27.97 39.61
C GLU I 1497 -93.40 28.56 40.90
N THR I 1498 -93.22 29.88 40.92
CA THR I 1498 -92.66 30.58 42.07
C THR I 1498 -93.79 31.18 42.91
N VAL I 1499 -93.68 31.04 44.22
CA VAL I 1499 -94.69 31.49 45.16
C VAL I 1499 -94.06 32.41 46.18
N GLU I 1500 -94.78 33.46 46.56
CA GLU I 1500 -94.25 34.42 47.51
C GLU I 1500 -94.11 33.78 48.90
N ILE I 1501 -92.96 34.01 49.53
CA ILE I 1501 -92.71 33.51 50.87
C ILE I 1501 -92.32 34.60 51.85
N GLY I 1502 -92.14 35.84 51.40
CA GLY I 1502 -91.73 36.91 52.27
C GLY I 1502 -91.56 38.19 51.48
N ILE I 1503 -91.20 39.26 52.19
CA ILE I 1503 -91.07 40.58 51.60
C ILE I 1503 -89.68 41.13 51.93
N VAL I 1504 -89.02 41.69 50.92
CA VAL I 1504 -87.86 42.53 51.18
C VAL I 1504 -88.34 43.86 51.73
N ASP I 1505 -87.64 44.37 52.75
CA ASP I 1505 -88.07 45.61 53.40
C ASP I 1505 -86.82 46.30 53.96
N TYR I 1506 -86.31 47.26 53.21
CA TYR I 1506 -85.16 48.05 53.62
C TYR I 1506 -85.53 49.52 53.59
N GLU I 1507 -85.33 50.20 54.72
CA GLU I 1507 -85.55 51.64 54.81
C GLU I 1507 -84.38 52.27 55.54
N ALA I 1508 -83.82 53.32 54.96
CA ALA I 1508 -82.66 53.97 55.53
C ALA I 1508 -82.76 55.47 55.28
N GLY I 1509 -82.07 56.24 56.12
CA GLY I 1509 -81.97 57.67 55.93
C GLY I 1509 -80.81 58.00 55.03
N ALA I 1510 -79.98 58.96 55.43
CA ALA I 1510 -78.84 59.35 54.62
C ALA I 1510 -77.97 58.13 54.37
N SER I 1511 -77.58 57.94 53.11
CA SER I 1511 -76.79 56.79 52.71
C SER I 1511 -76.06 57.13 51.42
N HIS I 1512 -75.07 56.30 51.10
CA HIS I 1512 -74.32 56.44 49.86
C HIS I 1512 -74.71 55.40 48.82
N GLY I 1513 -75.59 54.46 49.15
CA GLY I 1513 -75.96 53.41 48.22
C GLY I 1513 -77.07 52.57 48.81
N ASN I 1514 -77.48 51.56 48.03
CA ASN I 1514 -78.48 50.60 48.46
C ASN I 1514 -77.81 49.28 48.80
N PRO I 1515 -77.77 48.86 50.06
CA PRO I 1515 -77.08 47.60 50.39
C PRO I 1515 -77.78 46.37 49.87
N VAL I 1516 -79.11 46.41 49.74
CA VAL I 1516 -79.87 45.25 49.31
C VAL I 1516 -79.47 44.85 47.89
N VAL I 1517 -79.45 45.83 46.98
CA VAL I 1517 -79.12 45.54 45.60
C VAL I 1517 -77.69 45.05 45.47
N ASP I 1518 -76.77 45.63 46.26
CA ASP I 1518 -75.39 45.18 46.21
C ASP I 1518 -75.26 43.73 46.68
N PHE I 1519 -75.95 43.38 47.77
CA PHE I 1519 -75.92 42.01 48.25
C PHE I 1519 -76.44 41.05 47.18
N LEU I 1520 -77.59 41.39 46.60
CA LEU I 1520 -78.19 40.50 45.60
C LEU I 1520 -77.31 40.39 44.36
N LYS I 1521 -76.67 41.49 43.95
CA LYS I 1521 -75.76 41.43 42.81
C LYS I 1521 -74.60 40.50 43.09
N ARG I 1522 -73.99 40.61 44.27
CA ARG I 1522 -72.79 39.85 44.54
C ARG I 1522 -73.06 38.38 44.82
N ASN I 1523 -74.19 38.06 45.44
CA ASN I 1523 -74.47 36.69 45.85
C ASN I 1523 -75.38 35.95 44.89
N GLY I 1524 -76.34 36.62 44.28
CA GLY I 1524 -77.25 36.01 43.35
C GLY I 1524 -76.80 36.17 41.91
N SER I 1525 -77.74 35.96 41.01
CA SER I 1525 -77.56 36.25 39.59
C SER I 1525 -78.81 36.97 39.12
N THR I 1526 -78.64 37.78 38.08
CA THR I 1526 -79.75 38.56 37.55
C THR I 1526 -80.42 37.80 36.42
N LEU I 1527 -81.75 37.70 36.48
CA LEU I 1527 -82.52 37.09 35.41
C LEU I 1527 -82.82 38.14 34.35
N GLU I 1528 -82.47 37.84 33.11
CA GLU I 1528 -82.69 38.75 31.99
C GLU I 1528 -83.72 38.15 31.05
N GLN I 1529 -84.81 38.89 30.82
CA GLN I 1529 -85.87 38.40 29.95
C GLN I 1529 -85.41 38.32 28.50
N LYS I 1530 -84.72 39.36 28.02
CA LYS I 1530 -84.27 39.38 26.64
C LYS I 1530 -83.17 38.35 26.43
N VAL I 1531 -83.26 37.63 25.31
CA VAL I 1531 -82.30 36.58 24.98
C VAL I 1531 -81.83 36.84 23.56
N ASN I 1532 -80.53 37.07 23.41
CA ASN I 1532 -79.97 37.45 22.12
C ASN I 1532 -79.73 36.23 21.25
N LEU I 1533 -80.08 36.36 19.97
CA LEU I 1533 -79.67 35.39 18.98
C LEU I 1533 -78.15 35.42 18.84
N GLU I 1534 -77.58 34.29 18.43
CA GLU I 1534 -76.14 34.23 18.24
C GLU I 1534 -75.67 35.14 17.12
N ASN I 1535 -76.54 35.46 16.17
CA ASN I 1535 -76.21 36.36 15.07
C ASN I 1535 -77.47 37.16 14.75
N PRO I 1536 -77.39 38.48 14.64
CA PRO I 1536 -78.56 39.25 14.22
C PRO I 1536 -78.99 38.86 12.82
N ILE I 1537 -80.30 38.94 12.58
CA ILE I 1537 -80.88 38.65 11.28
C ILE I 1537 -81.31 39.99 10.66
N PRO I 1538 -80.60 40.49 9.65
CA PRO I 1538 -81.03 41.74 9.02
C PRO I 1538 -82.40 41.58 8.36
N ILE I 1539 -83.23 42.60 8.51
CA ILE I 1539 -84.59 42.61 7.98
C ILE I 1539 -84.68 43.50 6.74
N ALA I 1540 -84.21 44.74 6.84
CA ALA I 1540 -84.27 45.66 5.71
C ALA I 1540 -83.54 46.94 6.06
N VAL I 1541 -83.09 47.64 5.02
CA VAL I 1541 -82.58 49.00 5.11
C VAL I 1541 -83.47 49.87 4.25
N LEU I 1542 -84.10 50.87 4.85
CA LEU I 1542 -85.18 51.61 4.21
C LEU I 1542 -84.84 53.09 4.15
N ASP I 1543 -85.46 53.76 3.18
CA ASP I 1543 -85.31 55.19 2.99
C ASP I 1543 -86.60 55.90 3.39
N SER I 1544 -86.43 57.04 4.07
CA SER I 1544 -87.55 57.83 4.56
C SER I 1544 -87.15 59.29 4.49
N TYR I 1545 -88.15 60.16 4.45
CA TYR I 1545 -87.91 61.60 4.30
C TYR I 1545 -88.81 62.35 5.26
N THR I 1546 -88.28 63.43 5.79
CA THR I 1546 -89.02 64.33 6.66
C THR I 1546 -89.87 65.27 5.81
N PRO I 1547 -91.06 65.65 6.29
CA PRO I 1547 -91.88 66.59 5.51
C PRO I 1547 -91.22 67.95 5.40
N SER I 1548 -91.75 68.76 4.48
CA SER I 1548 -91.22 70.10 4.29
C SER I 1548 -91.81 71.11 5.28
N THR I 1549 -92.89 70.76 5.95
CA THR I 1549 -93.46 71.59 7.00
C THR I 1549 -93.84 70.71 8.18
N ASN I 1550 -93.59 71.21 9.38
CA ASN I 1550 -93.95 70.52 10.61
C ASN I 1550 -95.36 70.86 11.08
N GLU I 1551 -96.07 71.73 10.37
CA GLU I 1551 -97.38 72.18 10.83
C GLU I 1551 -98.41 71.07 10.87
N PRO I 1552 -98.58 70.23 9.84
CA PRO I 1552 -99.63 69.20 9.90
C PRO I 1552 -99.47 68.25 11.07
N TYR I 1553 -98.25 67.81 11.36
CA TYR I 1553 -98.04 66.93 12.51
C TYR I 1553 -98.38 67.65 13.81
N ALA I 1554 -98.00 68.91 13.93
CA ALA I 1554 -98.35 69.68 15.12
C ALA I 1554 -99.86 69.75 15.27
N ARG I 1555 -100.56 70.02 14.18
CA ARG I 1555 -102.01 70.22 14.27
C ARG I 1555 -102.72 68.91 14.62
N VAL I 1556 -102.25 67.78 14.09
CA VAL I 1556 -102.90 66.52 14.39
C VAL I 1556 -102.58 66.08 15.82
N SER I 1557 -101.32 66.27 16.26
CA SER I 1557 -100.90 65.80 17.57
C SER I 1557 -101.21 66.76 18.70
N GLY I 1558 -101.50 68.02 18.40
CA GLY I 1558 -101.66 69.02 19.43
C GLY I 1558 -100.37 69.56 20.01
N ASP I 1559 -99.22 69.13 19.51
CA ASP I 1559 -97.92 69.58 19.99
C ASP I 1559 -97.56 70.86 19.24
N LEU I 1560 -97.99 71.99 19.78
CA LEU I 1560 -97.83 73.30 19.14
C LEU I 1560 -96.59 74.02 19.64
N ASN I 1561 -95.50 73.29 19.89
CA ASN I 1561 -94.26 73.91 20.29
C ASN I 1561 -93.78 74.84 19.17
N PRO I 1562 -93.57 76.13 19.43
CA PRO I 1562 -93.20 77.03 18.33
C PRO I 1562 -91.91 76.67 17.64
N ILE I 1563 -90.99 75.96 18.29
CA ILE I 1563 -89.67 75.74 17.70
C ILE I 1563 -89.78 74.96 16.39
N HIS I 1564 -90.86 74.21 16.21
CA HIS I 1564 -91.02 73.42 15.01
C HIS I 1564 -91.59 74.21 13.84
N VAL I 1565 -92.25 75.34 14.11
CA VAL I 1565 -93.00 76.04 13.06
C VAL I 1565 -92.54 77.49 12.91
N SER I 1566 -92.06 78.10 13.99
CA SER I 1566 -91.77 79.53 14.02
C SER I 1566 -90.26 79.75 13.91
N ARG I 1567 -89.84 80.44 12.86
CA ARG I 1567 -88.42 80.67 12.64
C ARG I 1567 -87.80 81.48 13.78
N HIS I 1568 -88.48 82.53 14.25
CA HIS I 1568 -87.89 83.38 15.27
C HIS I 1568 -87.73 82.64 16.59
N PHE I 1569 -88.71 81.79 16.95
CA PHE I 1569 -88.57 81.00 18.17
C PHE I 1569 -87.40 80.03 18.07
N ALA I 1570 -87.23 79.41 16.91
CA ALA I 1570 -86.14 78.44 16.74
C ALA I 1570 -84.78 79.12 16.74
N SER I 1571 -84.70 80.34 16.18
CA SER I 1571 -83.45 81.09 16.28
C SER I 1571 -83.16 81.49 17.72
N TYR I 1572 -84.19 81.96 18.44
CA TYR I 1572 -83.99 82.34 19.83
C TYR I 1572 -83.50 81.16 20.67
N ALA I 1573 -83.93 79.95 20.33
CA ALA I 1573 -83.52 78.76 21.06
C ALA I 1573 -82.19 78.21 20.60
N ASN I 1574 -81.54 78.85 19.62
CA ASN I 1574 -80.23 78.42 19.14
C ASN I 1574 -80.27 77.05 18.49
N LEU I 1575 -81.41 76.71 17.92
CA LEU I 1575 -81.57 75.46 17.18
C LEU I 1575 -81.09 75.61 15.75
N PRO I 1576 -80.74 74.51 15.09
CA PRO I 1576 -80.30 74.60 13.68
C PRO I 1576 -81.41 74.97 12.71
N GLY I 1577 -82.62 75.22 13.19
CA GLY I 1577 -83.72 75.56 12.31
C GLY I 1577 -85.03 75.16 12.97
N THR I 1578 -86.08 75.08 12.16
CA THR I 1578 -87.37 74.57 12.62
C THR I 1578 -87.30 73.05 12.51
N ILE I 1579 -86.73 72.44 13.56
CA ILE I 1579 -86.51 71.00 13.54
C ILE I 1579 -87.84 70.26 13.52
N THR I 1580 -87.88 69.15 12.80
CA THR I 1580 -89.07 68.31 12.80
C THR I 1580 -89.28 67.69 14.17
N HIS I 1581 -90.56 67.48 14.51
CA HIS I 1581 -90.90 66.83 15.77
C HIS I 1581 -90.19 65.48 15.87
N GLY I 1582 -89.61 65.21 17.05
CA GLY I 1582 -89.09 63.89 17.29
C GLY I 1582 -90.16 62.82 17.22
N MET I 1583 -91.37 63.15 17.64
CA MET I 1583 -92.43 62.15 17.64
C MET I 1583 -92.89 61.81 16.23
N PHE I 1584 -92.80 62.76 15.29
CA PHE I 1584 -93.06 62.40 13.91
C PHE I 1584 -92.06 61.36 13.43
N SER I 1585 -90.77 61.57 13.72
CA SER I 1585 -89.77 60.59 13.31
C SER I 1585 -90.02 59.24 13.95
N SER I 1586 -90.40 59.24 15.23
CA SER I 1586 -90.70 57.98 15.90
C SER I 1586 -91.85 57.26 15.21
N ALA I 1587 -92.93 57.98 14.91
CA ALA I 1587 -94.08 57.36 14.26
C ALA I 1587 -93.71 56.86 12.86
N SER I 1588 -92.93 57.62 12.12
CA SER I 1588 -92.52 57.20 10.78
C SER I 1588 -91.70 55.92 10.82
N VAL I 1589 -90.73 55.86 11.74
CA VAL I 1589 -89.91 54.66 11.83
C VAL I 1589 -90.73 53.48 12.34
N ARG I 1590 -91.68 53.72 13.25
CA ARG I 1590 -92.53 52.62 13.70
C ARG I 1590 -93.40 52.12 12.56
N ALA I 1591 -93.87 53.02 11.70
CA ALA I 1591 -94.61 52.58 10.52
C ALA I 1591 -93.76 51.69 9.64
N LEU I 1592 -92.49 52.07 9.46
CA LEU I 1592 -91.57 51.22 8.70
C LEU I 1592 -91.45 49.83 9.35
N ILE I 1593 -91.19 49.81 10.66
CA ILE I 1593 -90.97 48.53 11.34
C ILE I 1593 -92.21 47.66 11.23
N GLU I 1594 -93.38 48.26 11.45
CA GLU I 1594 -94.64 47.53 11.36
C GLU I 1594 -94.85 46.95 9.97
N ASN I 1595 -94.57 47.75 8.93
CA ASN I 1595 -94.72 47.23 7.57
C ASN I 1595 -93.79 46.05 7.33
N TRP I 1596 -92.54 46.15 7.76
CA TRP I 1596 -91.55 45.15 7.39
C TRP I 1596 -91.41 44.06 8.46
N ALA I 1597 -91.05 44.44 9.69
CA ALA I 1597 -90.81 43.45 10.72
C ALA I 1597 -92.07 42.68 11.07
N ALA I 1598 -93.23 43.35 11.06
CA ALA I 1598 -94.50 42.73 11.41
C ALA I 1598 -95.33 42.40 10.18
N ASP I 1599 -94.75 42.50 8.98
CA ASP I 1599 -95.46 42.18 7.73
C ASP I 1599 -96.79 42.91 7.65
N SER I 1600 -96.80 44.17 8.08
CA SER I 1600 -97.96 45.05 7.98
C SER I 1600 -99.16 44.53 8.77
N VAL I 1601 -98.92 43.69 9.77
CA VAL I 1601 -99.97 43.25 10.70
C VAL I 1601 -99.83 44.11 11.96
N SER I 1602 -100.76 45.04 12.15
CA SER I 1602 -100.61 46.04 13.20
C SER I 1602 -100.56 45.39 14.59
N SER I 1603 -101.47 44.45 14.86
CA SER I 1603 -101.56 43.86 16.19
C SER I 1603 -100.27 43.15 16.62
N ARG I 1604 -99.41 42.79 15.68
CA ARG I 1604 -98.19 42.07 16.03
C ARG I 1604 -97.22 42.91 16.84
N VAL I 1605 -97.30 44.24 16.75
CA VAL I 1605 -96.36 45.12 17.44
C VAL I 1605 -96.90 45.38 18.84
N ARG I 1606 -96.19 44.89 19.86
CA ARG I 1606 -96.61 45.02 21.25
C ARG I 1606 -95.81 46.05 22.03
N GLY I 1607 -94.57 46.32 21.60
CA GLY I 1607 -93.77 47.34 22.25
C GLY I 1607 -92.91 48.09 21.26
N TYR I 1608 -92.67 49.37 21.53
CA TYR I 1608 -91.81 50.18 20.66
C TYR I 1608 -91.21 51.30 21.48
N THR I 1609 -89.88 51.35 21.52
CA THR I 1609 -89.21 52.42 22.25
C THR I 1609 -88.20 53.08 21.34
N CYS I 1610 -88.05 54.39 21.45
CA CYS I 1610 -87.11 55.12 20.61
C CYS I 1610 -86.34 56.12 21.46
N GLN I 1611 -85.09 56.37 21.08
CA GLN I 1611 -84.26 57.39 21.68
C GLN I 1611 -83.91 58.41 20.61
N PHE I 1612 -84.07 59.69 20.94
CA PHE I 1612 -83.78 60.78 20.01
C PHE I 1612 -82.35 61.24 20.27
N VAL I 1613 -81.40 60.70 19.49
CA VAL I 1613 -79.99 61.00 19.75
C VAL I 1613 -79.52 62.27 19.06
N ASP I 1614 -80.25 62.78 18.07
CA ASP I 1614 -79.84 64.01 17.41
C ASP I 1614 -81.04 64.62 16.69
N MET I 1615 -80.90 65.91 16.38
CA MET I 1615 -82.00 66.66 15.78
C MET I 1615 -82.08 66.40 14.28
N VAL I 1616 -83.26 66.62 13.73
CA VAL I 1616 -83.55 66.37 12.32
C VAL I 1616 -84.27 67.58 11.75
N LEU I 1617 -83.84 68.02 10.57
CA LEU I 1617 -84.46 69.13 9.88
C LEU I 1617 -85.36 68.65 8.76
N PRO I 1618 -86.35 69.43 8.37
CA PRO I 1618 -87.25 69.00 7.28
C PRO I 1618 -86.50 68.77 5.98
N ASN I 1619 -87.12 67.97 5.12
CA ASN I 1619 -86.58 67.65 3.79
C ASN I 1619 -85.24 66.92 3.89
N THR I 1620 -85.12 66.03 4.85
CA THR I 1620 -83.91 65.25 5.06
C THR I 1620 -84.17 63.79 4.74
N ALA I 1621 -83.25 63.17 4.02
CA ALA I 1621 -83.32 61.76 3.71
C ALA I 1621 -82.78 60.95 4.89
N LEU I 1622 -83.63 60.10 5.45
CA LEU I 1622 -83.24 59.21 6.54
C LEU I 1622 -83.05 57.80 5.99
N LYS I 1623 -82.17 57.05 6.65
CA LYS I 1623 -81.87 55.67 6.29
C LYS I 1623 -81.89 54.84 7.56
N THR I 1624 -82.93 54.04 7.76
CA THR I 1624 -83.08 53.22 8.95
C THR I 1624 -82.78 51.77 8.61
N SER I 1625 -81.98 51.13 9.46
CA SER I 1625 -81.61 49.73 9.32
C SER I 1625 -82.29 48.91 10.41
N ILE I 1626 -82.96 47.83 10.02
CA ILE I 1626 -83.78 47.02 10.91
C ILE I 1626 -83.13 45.65 11.06
N GLN I 1627 -83.02 45.18 12.30
CA GLN I 1627 -82.38 43.90 12.61
C GLN I 1627 -83.19 43.16 13.64
N HIS I 1628 -83.32 41.84 13.45
CA HIS I 1628 -83.86 40.93 14.46
C HIS I 1628 -82.68 40.42 15.28
N VAL I 1629 -82.65 40.74 16.57
CA VAL I 1629 -81.49 40.50 17.41
C VAL I 1629 -81.78 39.46 18.50
N GLY I 1630 -82.99 39.42 19.03
CA GLY I 1630 -83.25 38.51 20.13
C GLY I 1630 -84.72 38.21 20.29
N MET I 1631 -85.02 37.44 21.33
CA MET I 1631 -86.38 37.11 21.69
C MET I 1631 -86.63 37.57 23.12
N ILE I 1632 -87.90 37.82 23.43
CA ILE I 1632 -88.31 38.08 24.80
C ILE I 1632 -89.72 37.58 25.01
N ASN I 1633 -89.86 36.53 25.81
CA ASN I 1633 -91.18 36.01 26.19
C ASN I 1633 -92.01 35.64 24.96
N GLY I 1634 -91.36 35.06 23.96
CA GLY I 1634 -92.04 34.64 22.75
C GLY I 1634 -92.23 35.72 21.71
N ARG I 1635 -91.65 36.90 21.90
CA ARG I 1635 -91.76 38.00 20.95
C ARG I 1635 -90.40 38.31 20.36
N LYS I 1636 -90.38 38.66 19.08
CA LYS I 1636 -89.13 39.05 18.44
C LYS I 1636 -88.67 40.41 18.96
N LEU I 1637 -87.36 40.56 19.12
CA LEU I 1637 -86.75 41.83 19.49
C LEU I 1637 -86.10 42.43 18.26
N ILE I 1638 -86.61 43.57 17.81
CA ILE I 1638 -86.08 44.28 16.65
C ILE I 1638 -85.37 45.53 17.13
N LYS I 1639 -84.13 45.70 16.71
CA LYS I 1639 -83.40 46.94 16.89
C LYS I 1639 -83.44 47.74 15.60
N PHE I 1640 -83.42 49.06 15.72
CA PHE I 1640 -83.31 49.92 14.55
C PHE I 1640 -82.40 51.10 14.86
N GLU I 1641 -81.82 51.63 13.80
CA GLU I 1641 -80.91 52.77 13.88
C GLU I 1641 -81.11 53.63 12.64
N THR I 1642 -81.42 54.90 12.83
CA THR I 1642 -81.73 55.82 11.74
C THR I 1642 -80.62 56.85 11.60
N ARG I 1643 -80.06 56.97 10.40
CA ARG I 1643 -79.03 57.94 10.10
C ARG I 1643 -79.53 58.93 9.05
N ASN I 1644 -78.91 60.11 9.04
CA ASN I 1644 -79.24 61.17 8.08
C ASN I 1644 -78.20 61.20 6.97
N GLU I 1645 -78.29 62.20 6.09
CA GLU I 1645 -77.41 62.25 4.93
C GLU I 1645 -75.94 62.23 5.35
N ASP I 1646 -75.61 63.00 6.38
CA ASP I 1646 -74.25 63.03 6.89
C ASP I 1646 -73.82 61.75 7.56
N ASP I 1647 -74.67 60.72 7.60
CA ASP I 1647 -74.31 59.43 8.19
C ASP I 1647 -74.25 59.50 9.71
N VAL I 1648 -75.03 60.39 10.31
CA VAL I 1648 -75.05 60.60 11.74
C VAL I 1648 -76.29 59.94 12.31
N VAL I 1649 -76.13 59.14 13.36
CA VAL I 1649 -77.27 58.51 13.99
C VAL I 1649 -78.18 59.59 14.56
N VAL I 1650 -79.45 59.52 14.23
CA VAL I 1650 -80.44 60.48 14.73
C VAL I 1650 -81.54 59.83 15.55
N LEU I 1651 -81.69 58.50 15.49
CA LEU I 1651 -82.78 57.84 16.19
C LEU I 1651 -82.43 56.37 16.34
N THR I 1652 -82.64 55.83 17.54
CA THR I 1652 -82.44 54.42 17.82
C THR I 1652 -83.57 53.95 18.72
N GLY I 1653 -83.74 52.64 18.79
CA GLY I 1653 -84.78 52.08 19.63
C GLY I 1653 -84.98 50.61 19.36
N GLU I 1654 -86.01 50.05 19.96
CA GLU I 1654 -86.27 48.65 19.78
C GLU I 1654 -87.75 48.38 19.71
N ALA I 1655 -88.11 47.23 19.17
CA ALA I 1655 -89.50 46.87 19.08
C ALA I 1655 -89.73 45.44 19.50
N GLU I 1656 -90.93 45.15 19.95
CA GLU I 1656 -91.29 43.78 20.33
C GLU I 1656 -92.42 43.33 19.41
N ILE I 1657 -92.11 42.39 18.51
CA ILE I 1657 -93.04 41.91 17.51
C ILE I 1657 -93.46 40.50 17.89
N GLU I 1658 -94.77 40.30 18.05
CA GLU I 1658 -95.29 38.97 18.31
C GLU I 1658 -95.05 38.05 17.11
N GLN I 1659 -94.84 36.77 17.41
CA GLN I 1659 -94.60 35.78 16.37
C GLN I 1659 -95.91 35.44 15.65
N PRO I 1660 -95.82 34.84 14.47
CA PRO I 1660 -97.04 34.35 13.81
C PRO I 1660 -97.75 33.30 14.65
N VAL I 1661 -99.08 33.29 14.54
CA VAL I 1661 -99.90 32.36 15.32
C VAL I 1661 -99.30 30.97 15.24
N THR I 1662 -99.10 30.35 16.41
CA THR I 1662 -98.32 29.13 16.54
C THR I 1662 -99.14 28.04 17.22
N THR I 1663 -98.82 26.80 16.86
CA THR I 1663 -99.36 25.61 17.50
C THR I 1663 -98.22 24.63 17.73
N PHE I 1664 -98.07 24.18 18.97
CA PHE I 1664 -97.08 23.17 19.31
C PHE I 1664 -97.77 21.82 19.40
N VAL I 1665 -97.21 20.83 18.73
CA VAL I 1665 -97.82 19.52 18.60
C VAL I 1665 -96.81 18.47 19.04
N PHE I 1666 -97.22 17.59 19.94
CA PHE I 1666 -96.31 16.67 20.63
C PHE I 1666 -96.53 15.25 20.12
N THR I 1667 -95.47 14.64 19.59
CA THR I 1667 -95.58 13.31 19.02
C THR I 1667 -95.81 12.23 20.06
N GLY I 1668 -96.52 11.19 19.67
CA GLY I 1668 -96.79 10.10 20.59
C GLY I 1668 -95.83 8.94 20.44
N GLN I 1669 -96.25 7.75 20.86
CA GLN I 1669 -95.42 6.57 20.77
C GLN I 1669 -95.15 6.21 19.31
N GLY I 1670 -93.93 5.76 19.02
CA GLY I 1670 -93.58 5.41 17.66
C GLY I 1670 -92.22 4.73 17.54
N SER I 1671 -91.36 5.23 16.66
CA SER I 1671 -90.02 4.67 16.51
C SER I 1671 -89.08 5.42 17.43
N GLN I 1672 -88.93 4.90 18.65
CA GLN I 1672 -88.04 5.49 19.63
C GLN I 1672 -86.62 5.02 19.34
N GLU I 1673 -85.74 5.95 19.00
CA GLU I 1673 -84.40 5.62 18.57
C GLU I 1673 -83.41 5.78 19.70
N GLN I 1674 -82.43 4.90 19.73
CA GLN I 1674 -81.32 5.03 20.66
C GLN I 1674 -80.67 6.40 20.49
N GLY I 1675 -80.38 7.05 21.62
CA GLY I 1675 -79.72 8.33 21.61
C GLY I 1675 -80.63 9.52 21.39
N MET I 1676 -81.94 9.33 21.44
CA MET I 1676 -82.86 10.45 21.22
C MET I 1676 -82.72 11.50 22.31
N GLY I 1677 -82.64 12.77 21.92
CA GLY I 1677 -82.56 13.86 22.88
C GLY I 1677 -81.20 14.01 23.52
N MET I 1678 -80.20 13.28 23.05
CA MET I 1678 -78.92 13.31 23.75
C MET I 1678 -78.03 14.45 23.28
N ASP I 1679 -78.14 14.90 22.03
CA ASP I 1679 -77.40 16.08 21.59
C ASP I 1679 -77.82 17.31 22.37
N LEU I 1680 -79.13 17.50 22.53
CA LEU I 1680 -79.61 18.61 23.33
C LEU I 1680 -79.17 18.44 24.75
N TYR I 1681 -79.16 17.20 25.23
CA TYR I 1681 -78.74 16.94 26.59
C TYR I 1681 -77.30 17.39 26.76
N LYS I 1682 -76.46 17.19 25.75
CA LYS I 1682 -75.07 17.60 25.84
C LYS I 1682 -74.93 19.11 25.80
N THR I 1683 -75.72 19.80 24.96
CA THR I 1683 -75.51 21.22 24.77
C THR I 1683 -76.33 22.11 25.71
N SER I 1684 -77.59 21.76 25.99
CA SER I 1684 -78.52 22.66 26.67
C SER I 1684 -78.52 22.43 28.17
N LYS I 1685 -78.56 23.53 28.93
CA LYS I 1685 -78.63 23.47 30.38
C LYS I 1685 -80.02 23.11 30.87
N ALA I 1686 -81.07 23.64 30.23
CA ALA I 1686 -82.43 23.28 30.62
C ALA I 1686 -82.71 21.81 30.34
N ALA I 1687 -82.21 21.31 29.23
CA ALA I 1687 -82.37 19.89 28.92
C ALA I 1687 -81.66 19.06 29.98
N GLN I 1688 -80.46 19.49 30.36
CA GLN I 1688 -79.71 18.78 31.39
C GLN I 1688 -80.49 18.77 32.70
N ASP I 1689 -81.09 19.89 33.08
CA ASP I 1689 -81.89 19.92 34.30
C ASP I 1689 -82.99 18.88 34.25
N VAL I 1690 -83.75 18.86 33.14
CA VAL I 1690 -84.85 17.90 33.03
C VAL I 1690 -84.34 16.47 33.13
N TRP I 1691 -83.40 16.10 32.27
CA TRP I 1691 -82.90 14.73 32.25
C TRP I 1691 -82.26 14.31 33.58
N ASN I 1692 -81.50 15.20 34.22
CA ASN I 1692 -80.82 14.83 35.45
C ASN I 1692 -81.81 14.66 36.59
N ARG I 1693 -82.80 15.55 36.71
CA ARG I 1693 -83.81 15.35 37.74
C ARG I 1693 -84.51 14.00 37.54
N ALA I 1694 -84.89 13.70 36.29
CA ALA I 1694 -85.57 12.44 36.04
C ALA I 1694 -84.67 11.24 36.34
N ASP I 1695 -83.42 11.30 35.92
CA ASP I 1695 -82.51 10.17 36.12
C ASP I 1695 -82.21 9.97 37.59
N ASN I 1696 -82.04 11.05 38.35
CA ASN I 1696 -81.84 10.92 39.78
C ASN I 1696 -83.04 10.27 40.44
N HIS I 1697 -84.25 10.70 40.07
CA HIS I 1697 -85.44 10.09 40.67
C HIS I 1697 -85.51 8.60 40.32
N PHE I 1698 -85.23 8.25 39.08
CA PHE I 1698 -85.30 6.84 38.67
C PHE I 1698 -84.25 6.00 39.41
N LYS I 1699 -83.02 6.51 39.53
CA LYS I 1699 -82.00 5.77 40.25
C LYS I 1699 -82.37 5.58 41.71
N ASP I 1700 -82.84 6.65 42.36
CA ASP I 1700 -83.16 6.54 43.78
C ASP I 1700 -84.34 5.62 44.02
N THR I 1701 -85.33 5.63 43.13
CA THR I 1701 -86.59 4.94 43.39
C THR I 1701 -86.59 3.50 42.87
N TYR I 1702 -86.05 3.26 41.68
CA TYR I 1702 -86.17 1.96 41.04
C TYR I 1702 -84.82 1.39 40.59
N GLY I 1703 -83.72 2.00 41.02
CA GLY I 1703 -82.40 1.43 40.79
C GLY I 1703 -82.03 1.28 39.33
N PHE I 1704 -82.50 2.17 38.48
CA PHE I 1704 -82.10 2.15 37.07
C PHE I 1704 -82.06 3.56 36.53
N SER I 1705 -81.17 3.81 35.58
CA SER I 1705 -81.08 5.12 34.95
C SER I 1705 -81.78 5.15 33.59
N ILE I 1706 -82.76 6.04 33.43
CA ILE I 1706 -83.41 6.19 32.14
C ILE I 1706 -82.41 6.71 31.10
N LEU I 1707 -81.48 7.58 31.51
CA LEU I 1707 -80.46 8.03 30.58
C LEU I 1707 -79.66 6.86 30.03
N ASP I 1708 -79.34 5.89 30.87
CA ASP I 1708 -78.62 4.72 30.43
C ASP I 1708 -79.41 3.92 29.40
N ILE I 1709 -80.70 3.77 29.63
CA ILE I 1709 -81.53 3.03 28.69
C ILE I 1709 -81.59 3.76 27.35
N VAL I 1710 -81.71 5.10 27.39
CA VAL I 1710 -81.75 5.86 26.14
C VAL I 1710 -80.42 5.76 25.41
N ILE I 1711 -79.30 5.85 26.13
CA ILE I 1711 -78.00 5.92 25.48
C ILE I 1711 -77.57 4.56 24.95
N ASN I 1712 -77.71 3.51 25.76
CA ASN I 1712 -77.14 2.21 25.44
C ASN I 1712 -78.15 1.17 24.99
N ASN I 1713 -79.43 1.32 25.35
CA ASN I 1713 -80.48 0.40 24.94
C ASN I 1713 -80.08 -1.06 25.22
N PRO I 1714 -80.02 -1.45 26.50
CA PRO I 1714 -79.62 -2.82 26.80
C PRO I 1714 -80.74 -3.81 26.52
N VAL I 1715 -80.36 -5.03 26.16
CA VAL I 1715 -81.34 -6.08 25.94
C VAL I 1715 -81.96 -6.51 27.26
N ASN I 1716 -81.14 -6.67 28.31
CA ASN I 1716 -81.60 -7.07 29.62
C ASN I 1716 -81.09 -6.08 30.66
N LEU I 1717 -81.86 -5.92 31.74
CA LEU I 1717 -81.50 -5.02 32.82
C LEU I 1717 -81.86 -5.64 34.15
N THR I 1718 -80.89 -5.87 35.00
CA THR I 1718 -81.11 -6.51 36.29
C THR I 1718 -81.07 -5.48 37.40
N ILE I 1719 -82.03 -5.55 38.31
CA ILE I 1719 -82.07 -4.71 39.50
C ILE I 1719 -81.71 -5.59 40.69
N HIS I 1720 -80.79 -5.11 41.52
CA HIS I 1720 -80.28 -5.87 42.66
C HIS I 1720 -80.79 -5.24 43.95
N PHE I 1721 -81.43 -6.05 44.79
CA PHE I 1721 -82.01 -5.60 46.05
C PHE I 1721 -81.10 -5.88 47.24
N GLY I 1722 -79.82 -5.55 47.15
CA GLY I 1722 -78.87 -5.80 48.24
C GLY I 1722 -78.67 -4.56 49.08
N GLY I 1723 -78.51 -4.76 50.38
CA GLY I 1723 -78.30 -3.65 51.30
C GLY I 1723 -79.58 -2.91 51.61
N GLU I 1724 -79.42 -1.82 52.37
CA GLU I 1724 -80.58 -1.03 52.78
C GLU I 1724 -81.23 -0.33 51.59
N LYS I 1725 -80.41 0.28 50.73
CA LYS I 1725 -80.96 0.91 49.53
C LYS I 1725 -81.63 -0.11 48.63
N GLY I 1726 -81.00 -1.28 48.46
CA GLY I 1726 -81.62 -2.34 47.70
C GLY I 1726 -82.97 -2.76 48.27
N LYS I 1727 -83.06 -2.85 49.59
CA LYS I 1727 -84.33 -3.23 50.21
C LYS I 1727 -85.40 -2.16 50.01
N ARG I 1728 -85.02 -0.89 50.09
CA ARG I 1728 -85.98 0.18 49.81
C ARG I 1728 -86.48 0.12 48.37
N ILE I 1729 -85.57 -0.10 47.42
CA ILE I 1729 -85.97 -0.21 46.03
C ILE I 1729 -86.89 -1.41 45.83
N ARG I 1730 -86.58 -2.53 46.48
CA ARG I 1730 -87.44 -3.70 46.38
C ARG I 1730 -88.83 -3.41 46.91
N GLU I 1731 -88.93 -2.68 48.03
CA GLU I 1731 -90.23 -2.31 48.54
C GLU I 1731 -91.00 -1.46 47.52
N ASN I 1732 -90.31 -0.51 46.90
CA ASN I 1732 -90.95 0.28 45.85
C ASN I 1732 -91.54 -0.62 44.77
N TYR I 1733 -90.76 -1.60 44.32
CA TYR I 1733 -91.26 -2.51 43.29
C TYR I 1733 -92.46 -3.30 43.80
N SER I 1734 -92.42 -3.74 45.05
CA SER I 1734 -93.47 -4.58 45.58
C SER I 1734 -94.78 -3.81 45.69
N ALA I 1735 -94.72 -2.52 46.03
CA ALA I 1735 -95.94 -1.77 46.31
C ALA I 1735 -96.85 -1.67 45.10
N MET I 1736 -96.29 -1.38 43.93
CA MET I 1736 -97.12 -1.03 42.78
C MET I 1736 -98.01 -2.20 42.36
N ILE I 1737 -99.20 -1.85 41.86
CA ILE I 1737 -100.24 -2.83 41.53
C ILE I 1737 -100.93 -2.40 40.25
N PHE I 1738 -101.75 -3.30 39.70
CA PHE I 1738 -102.59 -3.03 38.55
C PHE I 1738 -104.05 -3.30 38.94
N GLU I 1739 -104.69 -2.29 39.52
CA GLU I 1739 -106.10 -2.41 39.85
C GLU I 1739 -106.94 -2.39 38.58
N THR I 1740 -108.05 -3.14 38.60
CA THR I 1740 -108.94 -3.22 37.46
C THR I 1740 -110.36 -3.46 37.94
N ILE I 1741 -111.32 -3.19 37.07
CA ILE I 1741 -112.74 -3.35 37.37
C ILE I 1741 -113.27 -4.54 36.59
N VAL I 1742 -113.81 -5.52 37.31
CA VAL I 1742 -114.40 -6.70 36.71
C VAL I 1742 -115.86 -6.75 37.14
N ASP I 1743 -116.77 -6.64 36.18
CA ASP I 1743 -118.21 -6.71 36.45
C ASP I 1743 -118.60 -5.75 37.58
N GLY I 1744 -118.04 -4.55 37.54
CA GLY I 1744 -118.29 -3.58 38.60
C GLY I 1744 -117.70 -3.94 39.93
N LYS I 1745 -116.46 -4.45 39.96
CA LYS I 1745 -115.78 -4.79 41.20
C LYS I 1745 -114.28 -4.63 41.01
N LEU I 1746 -113.62 -4.13 42.05
CA LEU I 1746 -112.18 -3.96 42.00
C LEU I 1746 -111.47 -5.31 42.03
N LYS I 1747 -110.37 -5.41 41.27
CA LYS I 1747 -109.55 -6.62 41.20
C LYS I 1747 -108.09 -6.17 41.25
N THR I 1748 -107.55 -6.10 42.47
CA THR I 1748 -106.19 -5.60 42.69
C THR I 1748 -105.20 -6.72 42.38
N GLU I 1749 -104.60 -6.67 41.20
CA GLU I 1749 -103.48 -7.53 40.87
C GLU I 1749 -102.20 -6.91 41.45
N LYS I 1750 -101.06 -7.54 41.17
CA LYS I 1750 -99.76 -6.99 41.56
C LYS I 1750 -98.81 -7.10 40.37
N ILE I 1751 -98.25 -5.97 39.96
CA ILE I 1751 -97.17 -6.00 38.97
C ILE I 1751 -95.94 -6.54 39.66
N PHE I 1752 -95.11 -7.27 38.91
CA PHE I 1752 -93.95 -7.95 39.47
C PHE I 1752 -94.39 -8.96 40.54
N LYS I 1753 -95.12 -9.97 40.09
CA LYS I 1753 -95.46 -11.08 40.97
C LYS I 1753 -94.23 -11.89 41.33
N GLU I 1754 -93.15 -11.77 40.58
CA GLU I 1754 -91.92 -12.49 40.91
C GLU I 1754 -91.17 -11.87 42.09
N ILE I 1755 -91.49 -10.63 42.46
CA ILE I 1755 -90.74 -9.91 43.48
C ILE I 1755 -91.45 -10.07 44.81
N ASN I 1756 -90.79 -10.75 45.75
CA ASN I 1756 -91.27 -10.90 47.12
C ASN I 1756 -90.15 -10.47 48.07
N GLU I 1757 -90.43 -10.58 49.37
CA GLU I 1757 -89.47 -10.15 50.38
C GLU I 1757 -88.27 -11.06 50.49
N HIS I 1758 -88.20 -12.13 49.70
CA HIS I 1758 -87.03 -12.99 49.62
C HIS I 1758 -86.33 -12.86 48.28
N SER I 1759 -86.71 -11.90 47.46
CA SER I 1759 -86.07 -11.70 46.17
C SER I 1759 -84.82 -10.86 46.32
N THR I 1760 -83.75 -11.28 45.65
CA THR I 1760 -82.50 -10.56 45.67
C THR I 1760 -82.22 -9.78 44.40
N SER I 1761 -82.98 -10.03 43.34
CA SER I 1761 -82.85 -9.23 42.12
C SER I 1761 -84.10 -9.40 41.28
N TYR I 1762 -84.16 -8.63 40.20
CA TYR I 1762 -85.22 -8.72 39.21
C TYR I 1762 -84.65 -8.28 37.88
N THR I 1763 -85.04 -8.96 36.81
CA THR I 1763 -84.50 -8.71 35.49
C THR I 1763 -85.61 -8.26 34.56
N PHE I 1764 -85.42 -7.12 33.91
CA PHE I 1764 -86.25 -6.73 32.79
C PHE I 1764 -85.69 -7.38 31.53
N ARG I 1765 -86.59 -7.88 30.69
CA ARG I 1765 -86.19 -8.62 29.50
C ARG I 1765 -86.76 -7.96 28.26
N SER I 1766 -86.21 -8.34 27.12
CA SER I 1766 -86.64 -7.85 25.82
C SER I 1766 -85.94 -8.70 24.76
N GLU I 1767 -86.17 -8.37 23.49
CA GLU I 1767 -85.59 -9.11 22.38
C GLU I 1767 -84.38 -8.41 21.77
N LYS I 1768 -84.51 -7.11 21.47
CA LYS I 1768 -83.45 -6.36 20.82
C LYS I 1768 -83.07 -5.09 21.56
N GLY I 1769 -83.67 -4.81 22.72
CA GLY I 1769 -83.39 -3.60 23.46
C GLY I 1769 -84.60 -3.14 24.26
N LEU I 1770 -84.36 -2.73 25.50
CA LEU I 1770 -85.47 -2.36 26.39
C LEU I 1770 -86.04 -0.99 26.08
N LEU I 1771 -85.36 -0.17 25.29
CA LEU I 1771 -85.94 1.10 24.89
C LEU I 1771 -87.24 0.91 24.13
N SER I 1772 -87.45 -0.26 23.52
CA SER I 1772 -88.71 -0.56 22.87
C SER I 1772 -89.82 -0.93 23.84
N ALA I 1773 -89.46 -1.40 25.03
CA ALA I 1773 -90.46 -1.76 26.03
C ALA I 1773 -91.28 -0.56 26.40
N THR I 1774 -92.55 -0.76 26.75
CA THR I 1774 -93.46 0.34 27.01
C THR I 1774 -93.01 1.16 28.21
N GLN I 1775 -92.74 0.49 29.33
CA GLN I 1775 -92.48 1.20 30.58
C GLN I 1775 -91.24 2.09 30.48
N PHE I 1776 -90.31 1.77 29.59
CA PHE I 1776 -89.13 2.60 29.38
C PHE I 1776 -89.27 3.54 28.20
N THR I 1777 -90.07 3.18 27.19
CA THR I 1777 -90.21 4.04 26.03
C THR I 1777 -91.07 5.25 26.35
N GLN I 1778 -92.14 5.06 27.14
CA GLN I 1778 -93.02 6.19 27.46
C GLN I 1778 -92.30 7.28 28.26
N PRO I 1779 -91.68 6.99 29.40
CA PRO I 1779 -90.96 8.06 30.10
C PRO I 1779 -89.84 8.68 29.29
N ALA I 1780 -89.15 7.89 28.48
CA ALA I 1780 -88.04 8.44 27.69
C ALA I 1780 -88.55 9.44 26.67
N LEU I 1781 -89.66 9.12 25.99
CA LEU I 1781 -90.23 10.04 25.01
C LEU I 1781 -90.75 11.28 25.71
N THR I 1782 -91.43 11.10 26.83
CA THR I 1782 -91.91 12.25 27.60
C THR I 1782 -90.77 13.18 27.97
N LEU I 1783 -89.65 12.61 28.43
CA LEU I 1783 -88.51 13.43 28.81
C LEU I 1783 -87.87 14.10 27.60
N MET I 1784 -87.76 13.40 26.48
CA MET I 1784 -87.18 14.02 25.29
C MET I 1784 -87.98 15.26 24.91
N GLU I 1785 -89.30 15.12 24.87
CA GLU I 1785 -90.14 16.24 24.46
C GLU I 1785 -90.12 17.37 25.49
N LYS I 1786 -90.18 17.02 26.77
CA LYS I 1786 -90.15 18.05 27.81
C LYS I 1786 -88.82 18.80 27.79
N ALA I 1787 -87.72 18.09 27.58
CA ALA I 1787 -86.43 18.72 27.52
C ALA I 1787 -86.34 19.67 26.33
N ALA I 1788 -86.82 19.23 25.17
CA ALA I 1788 -86.79 20.09 23.99
C ALA I 1788 -87.61 21.35 24.24
N PHE I 1789 -88.79 21.21 24.83
CA PHE I 1789 -89.63 22.37 25.07
C PHE I 1789 -89.01 23.30 26.11
N GLU I 1790 -88.35 22.74 27.13
CA GLU I 1790 -87.71 23.58 28.12
C GLU I 1790 -86.56 24.36 27.50
N ASP I 1791 -85.81 23.73 26.60
CA ASP I 1791 -84.78 24.48 25.87
C ASP I 1791 -85.40 25.61 25.06
N LEU I 1792 -86.51 25.33 24.37
CA LEU I 1792 -87.17 26.40 23.61
C LEU I 1792 -87.61 27.53 24.53
N LYS I 1793 -88.16 27.19 25.69
CA LYS I 1793 -88.61 28.21 26.63
C LYS I 1793 -87.44 29.03 27.15
N SER I 1794 -86.30 28.38 27.40
CA SER I 1794 -85.14 29.08 27.93
C SER I 1794 -84.56 30.07 26.93
N LYS I 1795 -84.97 30.01 25.67
CA LYS I 1795 -84.51 30.96 24.66
C LYS I 1795 -85.57 32.00 24.31
N GLY I 1796 -86.68 32.03 25.04
CA GLY I 1796 -87.71 33.02 24.80
C GLY I 1796 -88.57 32.77 23.58
N LEU I 1797 -88.64 31.54 23.10
CA LEU I 1797 -89.25 31.24 21.81
C LEU I 1797 -90.70 30.80 21.90
N ILE I 1798 -91.32 30.82 23.07
CA ILE I 1798 -92.65 30.24 23.26
C ILE I 1798 -93.67 31.38 23.30
N PRO I 1799 -94.51 31.56 22.28
CA PRO I 1799 -95.57 32.57 22.35
C PRO I 1799 -96.50 32.30 23.53
N ALA I 1800 -96.97 33.39 24.14
CA ALA I 1800 -97.81 33.25 25.32
C ALA I 1800 -99.21 32.73 24.98
N ASP I 1801 -99.65 32.92 23.74
CA ASP I 1801 -100.97 32.47 23.30
C ASP I 1801 -100.91 31.18 22.49
N ALA I 1802 -99.77 30.49 22.48
CA ALA I 1802 -99.62 29.30 21.68
C ALA I 1802 -100.59 28.22 22.14
N THR I 1803 -101.45 27.78 21.23
CA THR I 1803 -102.29 26.61 21.46
C THR I 1803 -101.47 25.34 21.25
N PHE I 1804 -101.94 24.23 21.82
CA PHE I 1804 -101.15 23.01 21.81
C PHE I 1804 -102.04 21.78 21.90
N ALA I 1805 -101.48 20.66 21.44
CA ALA I 1805 -102.14 19.38 21.48
C ALA I 1805 -101.08 18.30 21.37
N GLY I 1806 -101.43 17.08 21.80
CA GLY I 1806 -100.50 15.97 21.72
C GLY I 1806 -101.16 14.73 21.17
N HIS I 1807 -100.44 14.00 20.32
CA HIS I 1807 -100.97 12.79 19.71
C HIS I 1807 -100.67 11.58 20.57
N SER I 1808 -101.70 11.05 21.22
CA SER I 1808 -101.52 9.92 22.15
C SER I 1808 -100.66 10.29 23.38
N LEU I 1809 -99.46 9.70 23.51
CA LEU I 1809 -98.57 10.02 24.63
C LEU I 1809 -98.21 11.49 24.65
N GLY I 1810 -98.10 12.10 23.47
CA GLY I 1810 -97.71 13.49 23.38
C GLY I 1810 -98.59 14.41 24.20
N GLU I 1811 -99.86 14.04 24.35
CA GLU I 1811 -100.78 14.90 25.07
C GLU I 1811 -100.32 15.05 26.51
N TYR I 1812 -99.91 13.95 27.11
CA TYR I 1812 -99.45 13.98 28.48
C TYR I 1812 -98.20 14.84 28.59
N ALA I 1813 -97.30 14.71 27.64
CA ALA I 1813 -96.07 15.50 27.64
C ALA I 1813 -96.38 16.97 27.41
N ALA I 1814 -97.32 17.27 26.52
CA ALA I 1814 -97.67 18.65 26.21
C ALA I 1814 -98.19 19.38 27.43
N LEU I 1815 -99.03 18.70 28.23
CA LEU I 1815 -99.53 19.32 29.44
C LEU I 1815 -98.39 19.63 30.43
N ALA I 1816 -97.43 18.73 30.58
CA ALA I 1816 -96.31 19.00 31.45
C ALA I 1816 -95.45 20.14 30.93
N SER I 1817 -95.39 20.32 29.62
CA SER I 1817 -94.48 21.31 29.04
C SER I 1817 -95.09 22.70 29.04
N LEU I 1818 -96.35 22.83 28.65
CA LEU I 1818 -97.00 24.14 28.55
C LEU I 1818 -97.87 24.48 29.74
N ALA I 1819 -98.47 23.48 30.38
CA ALA I 1819 -99.32 23.73 31.54
C ALA I 1819 -98.60 23.53 32.87
N ASP I 1820 -97.48 22.81 32.88
CA ASP I 1820 -96.72 22.57 34.10
C ASP I 1820 -97.63 22.12 35.24
N VAL I 1821 -98.40 21.06 34.97
CA VAL I 1821 -99.33 20.54 35.96
C VAL I 1821 -98.65 19.64 36.96
N MET I 1822 -97.47 19.11 36.64
CA MET I 1822 -96.77 18.21 37.54
C MET I 1822 -95.27 18.40 37.35
N SER I 1823 -94.53 18.19 38.44
CA SER I 1823 -93.09 18.30 38.39
C SER I 1823 -92.49 17.17 37.56
N ILE I 1824 -91.19 17.30 37.27
CA ILE I 1824 -90.50 16.30 36.47
C ILE I 1824 -90.56 14.94 37.13
N GLU I 1825 -90.32 14.89 38.44
CA GLU I 1825 -90.30 13.61 39.15
C GLU I 1825 -91.67 12.94 39.11
N SER I 1826 -92.73 13.71 39.31
CA SER I 1826 -94.07 13.13 39.22
C SER I 1826 -94.40 12.70 37.81
N LEU I 1827 -93.96 13.47 36.82
CA LEU I 1827 -94.27 13.16 35.42
C LEU I 1827 -93.71 11.80 35.03
N VAL I 1828 -92.41 11.58 35.26
CA VAL I 1828 -91.79 10.33 34.86
C VAL I 1828 -92.31 9.19 35.74
N GLU I 1829 -92.67 9.48 36.98
CA GLU I 1829 -93.20 8.45 37.86
C GLU I 1829 -94.52 7.90 37.34
N VAL I 1830 -95.45 8.79 36.99
CA VAL I 1830 -96.76 8.33 36.51
C VAL I 1830 -96.63 7.63 35.18
N VAL I 1831 -95.78 8.14 34.29
CA VAL I 1831 -95.62 7.52 32.98
C VAL I 1831 -95.00 6.14 33.13
N PHE I 1832 -94.07 5.96 34.07
CA PHE I 1832 -93.51 4.64 34.30
C PHE I 1832 -94.55 3.69 34.87
N TYR I 1833 -95.38 4.17 35.80
CA TYR I 1833 -96.44 3.33 36.34
C TYR I 1833 -97.41 2.91 35.25
N ARG I 1834 -97.82 3.85 34.40
CA ARG I 1834 -98.74 3.52 33.31
C ARG I 1834 -98.10 2.55 32.33
N GLY I 1835 -96.83 2.77 31.99
CA GLY I 1835 -96.18 1.88 31.06
C GLY I 1835 -96.08 0.46 31.58
N MET I 1836 -95.79 0.31 32.87
CA MET I 1836 -95.75 -1.04 33.44
C MET I 1836 -97.14 -1.66 33.47
N THR I 1837 -98.17 -0.86 33.76
CA THR I 1837 -99.53 -1.36 33.71
C THR I 1837 -99.86 -1.95 32.35
N MET I 1838 -99.44 -1.27 31.27
CA MET I 1838 -99.73 -1.78 29.94
C MET I 1838 -99.07 -3.12 29.69
N GLN I 1839 -97.84 -3.28 30.14
CA GLN I 1839 -97.17 -4.56 30.00
C GLN I 1839 -98.03 -5.68 30.56
N VAL I 1840 -98.64 -5.47 31.72
CA VAL I 1840 -99.43 -6.51 32.38
C VAL I 1840 -100.89 -6.47 31.98
N ALA I 1841 -101.30 -5.54 31.11
CA ALA I 1841 -102.68 -5.53 30.62
C ALA I 1841 -102.91 -6.62 29.60
N VAL I 1842 -101.89 -7.00 28.85
CA VAL I 1842 -101.99 -8.04 27.83
C VAL I 1842 -101.14 -9.23 28.26
N PRO I 1843 -101.59 -10.46 28.05
CA PRO I 1843 -100.71 -11.60 28.34
C PRO I 1843 -99.47 -11.54 27.45
N ARG I 1844 -98.34 -11.92 28.04
CA ARG I 1844 -97.09 -11.85 27.31
C ARG I 1844 -96.28 -13.13 27.45
N ASP I 1845 -95.04 -13.08 27.00
CA ASP I 1845 -94.13 -14.22 27.05
C ASP I 1845 -92.75 -13.71 27.44
N GLU I 1846 -91.75 -14.58 27.33
CA GLU I 1846 -90.38 -14.13 27.51
C GLU I 1846 -90.01 -13.16 26.39
N LEU I 1847 -89.16 -12.20 26.72
CA LEU I 1847 -88.72 -11.10 25.86
C LEU I 1847 -89.79 -10.03 25.74
N GLY I 1848 -90.86 -10.11 26.54
CA GLY I 1848 -91.86 -9.05 26.54
C GLY I 1848 -92.61 -8.86 25.23
N ARG I 1849 -93.45 -9.82 24.86
CA ARG I 1849 -94.26 -9.73 23.65
C ARG I 1849 -95.74 -9.81 24.01
N SER I 1850 -96.60 -9.86 23.00
CA SER I 1850 -98.04 -9.85 23.23
C SER I 1850 -98.75 -10.49 22.04
N ASN I 1851 -100.04 -10.79 22.24
CA ASN I 1851 -100.90 -11.33 21.20
C ASN I 1851 -101.58 -10.24 20.39
N TYR I 1852 -101.65 -9.02 20.91
CA TYR I 1852 -102.33 -7.93 20.23
C TYR I 1852 -101.35 -7.15 19.35
N GLY I 1853 -101.89 -6.24 18.55
CA GLY I 1853 -101.06 -5.43 17.68
C GLY I 1853 -101.84 -4.29 17.06
N MET I 1854 -101.14 -3.50 16.26
CA MET I 1854 -101.72 -2.35 15.59
C MET I 1854 -101.18 -2.23 14.17
N ILE I 1855 -102.00 -1.73 13.26
CA ILE I 1855 -101.60 -1.50 11.88
C ILE I 1855 -102.16 -0.16 11.41
N ALA I 1856 -101.42 0.52 10.55
CA ALA I 1856 -101.91 1.74 9.91
C ALA I 1856 -102.62 1.37 8.61
N ILE I 1857 -103.75 2.03 8.35
CA ILE I 1857 -104.59 1.71 7.20
C ILE I 1857 -104.75 2.96 6.36
N ASN I 1858 -104.52 2.83 5.06
CA ASN I 1858 -104.72 3.90 4.09
C ASN I 1858 -105.95 3.58 3.25
N PRO I 1859 -107.13 4.05 3.61
CA PRO I 1859 -108.34 3.67 2.85
C PRO I 1859 -108.28 4.10 1.40
N GLY I 1860 -107.47 5.10 1.07
CA GLY I 1860 -107.33 5.51 -0.32
C GLY I 1860 -106.45 4.61 -1.15
N ARG I 1861 -105.96 3.51 -0.56
CA ARG I 1861 -105.08 2.59 -1.29
C ARG I 1861 -105.79 1.31 -1.69
N VAL I 1862 -106.82 0.91 -0.96
CA VAL I 1862 -107.59 -0.26 -1.36
C VAL I 1862 -108.42 0.05 -2.59
N ALA I 1863 -109.01 1.25 -2.64
CA ALA I 1863 -109.74 1.73 -3.80
C ALA I 1863 -109.82 3.24 -3.69
N ALA I 1864 -109.83 3.92 -4.84
CA ALA I 1864 -109.91 5.38 -4.82
C ALA I 1864 -111.25 5.88 -4.31
N SER I 1865 -112.26 5.00 -4.15
CA SER I 1865 -113.59 5.40 -3.71
C SER I 1865 -113.98 4.76 -2.38
N PHE I 1866 -113.00 4.37 -1.55
CA PHE I 1866 -113.27 3.70 -0.28
C PHE I 1866 -113.28 4.74 0.84
N SER I 1867 -114.47 5.17 1.23
CA SER I 1867 -114.60 6.22 2.23
C SER I 1867 -114.27 5.67 3.62
N GLN I 1868 -113.95 6.60 4.53
CA GLN I 1868 -113.71 6.22 5.92
C GLN I 1868 -114.91 5.48 6.48
N GLU I 1869 -116.11 6.04 6.31
CA GLU I 1869 -117.30 5.41 6.83
C GLU I 1869 -117.47 4.00 6.29
N ALA I 1870 -116.91 3.73 5.11
CA ALA I 1870 -116.91 2.36 4.59
C ALA I 1870 -115.96 1.47 5.39
N LEU I 1871 -114.75 1.96 5.66
CA LEU I 1871 -113.81 1.17 6.45
C LEU I 1871 -114.35 0.97 7.86
N GLN I 1872 -114.82 2.06 8.48
CA GLN I 1872 -115.42 1.95 9.81
C GLN I 1872 -116.59 0.97 9.80
N TYR I 1873 -117.23 0.80 8.65
CA TYR I 1873 -118.28 -0.20 8.51
C TYR I 1873 -117.69 -1.60 8.41
N VAL I 1874 -116.65 -1.77 7.60
CA VAL I 1874 -116.07 -3.09 7.40
C VAL I 1874 -115.43 -3.61 8.69
N VAL I 1875 -114.61 -2.78 9.33
CA VAL I 1875 -113.97 -3.22 10.57
C VAL I 1875 -115.01 -3.51 11.64
N GLU I 1876 -116.04 -2.68 11.72
CA GLU I 1876 -117.08 -2.90 12.72
C GLU I 1876 -117.76 -4.24 12.49
N ARG I 1877 -118.09 -4.55 11.24
CA ARG I 1877 -118.73 -5.83 10.95
C ARG I 1877 -117.75 -6.99 11.09
N VAL I 1878 -116.49 -6.79 10.69
CA VAL I 1878 -115.53 -7.89 10.76
C VAL I 1878 -115.39 -8.39 12.18
N GLY I 1879 -115.27 -7.47 13.14
CA GLY I 1879 -115.27 -7.86 14.53
C GLY I 1879 -116.58 -8.49 14.94
N LYS I 1880 -117.70 -7.86 14.57
CA LYS I 1880 -119.01 -8.42 14.90
C LYS I 1880 -119.23 -9.75 14.19
N ARG I 1881 -118.90 -9.81 12.90
CA ARG I 1881 -119.04 -11.04 12.14
C ARG I 1881 -117.99 -12.09 12.50
N THR I 1882 -117.15 -11.80 13.50
CA THR I 1882 -116.14 -12.76 13.94
C THR I 1882 -116.03 -12.87 15.46
N GLY I 1883 -116.61 -11.95 16.23
CA GLY I 1883 -116.67 -12.08 17.67
C GLY I 1883 -115.39 -11.78 18.40
N TRP I 1884 -114.38 -11.24 17.73
CA TRP I 1884 -113.13 -10.87 18.37
C TRP I 1884 -113.09 -9.36 18.58
N LEU I 1885 -111.95 -8.85 19.03
CA LEU I 1885 -111.79 -7.43 19.33
C LEU I 1885 -110.92 -6.79 18.24
N VAL I 1886 -111.48 -5.78 17.59
CA VAL I 1886 -110.78 -4.99 16.59
C VAL I 1886 -111.58 -3.73 16.33
N GLU I 1887 -110.91 -2.59 16.19
CA GLU I 1887 -111.59 -1.34 15.95
C GLU I 1887 -110.59 -0.33 15.39
N ILE I 1888 -111.02 0.93 15.30
CA ILE I 1888 -110.20 2.03 14.81
C ILE I 1888 -109.84 2.89 16.00
N VAL I 1889 -108.56 3.18 16.15
CA VAL I 1889 -108.05 3.86 17.34
C VAL I 1889 -107.56 5.26 17.04
N ASN I 1890 -106.97 5.48 15.87
CA ASN I 1890 -106.40 6.79 15.52
C ASN I 1890 -106.89 7.21 14.15
N TYR I 1891 -107.70 8.26 14.11
CA TYR I 1891 -108.04 8.92 12.86
C TYR I 1891 -106.98 9.99 12.64
N ASN I 1892 -106.03 9.73 11.74
CA ASN I 1892 -104.86 10.59 11.58
C ASN I 1892 -105.00 11.55 10.40
N VAL I 1893 -105.21 11.03 9.19
CA VAL I 1893 -105.36 11.85 7.99
C VAL I 1893 -106.63 11.42 7.26
N GLU I 1894 -107.43 12.40 6.84
CA GLU I 1894 -108.71 12.12 6.21
C GLU I 1894 -108.57 11.12 5.07
N ASN I 1895 -109.32 10.03 5.16
CA ASN I 1895 -109.35 8.99 4.13
C ASN I 1895 -107.94 8.58 3.69
N GLN I 1896 -106.94 8.74 4.56
CA GLN I 1896 -105.58 8.41 4.17
C GLN I 1896 -104.81 7.68 5.25
N GLN I 1897 -105.21 7.84 6.51
CA GLN I 1897 -104.46 7.26 7.62
C GLN I 1897 -105.42 6.96 8.76
N TYR I 1898 -105.72 5.67 8.94
CA TYR I 1898 -106.45 5.21 10.11
C TYR I 1898 -105.68 4.03 10.69
N VAL I 1899 -105.63 3.95 12.01
CA VAL I 1899 -104.91 2.89 12.71
C VAL I 1899 -105.95 2.03 13.42
N ALA I 1900 -105.83 0.72 13.24
CA ALA I 1900 -106.68 -0.25 13.92
C ALA I 1900 -105.86 -1.03 14.93
N ALA I 1901 -106.47 -1.32 16.07
CA ALA I 1901 -105.84 -2.06 17.15
C ALA I 1901 -106.68 -3.29 17.49
N GLY I 1902 -106.01 -4.39 17.81
CA GLY I 1902 -106.71 -5.58 18.20
C GLY I 1902 -105.82 -6.80 18.09
N ASP I 1903 -106.47 -7.96 17.99
CA ASP I 1903 -105.75 -9.23 17.92
C ASP I 1903 -104.85 -9.26 16.70
N LEU I 1904 -103.59 -9.65 16.91
CA LEU I 1904 -102.64 -9.69 15.81
C LEU I 1904 -103.10 -10.66 14.73
N ARG I 1905 -103.84 -11.71 15.11
CA ARG I 1905 -104.48 -12.55 14.11
C ARG I 1905 -105.62 -11.80 13.41
N ALA I 1906 -106.50 -11.18 14.19
CA ALA I 1906 -107.65 -10.49 13.62
C ALA I 1906 -107.19 -9.37 12.69
N LEU I 1907 -106.20 -8.59 13.11
CA LEU I 1907 -105.65 -7.58 12.24
C LEU I 1907 -105.09 -8.20 10.96
N ASP I 1908 -104.53 -9.41 11.06
CA ASP I 1908 -103.99 -10.06 9.87
C ASP I 1908 -105.08 -10.40 8.87
N THR I 1909 -106.28 -10.74 9.36
CA THR I 1909 -107.40 -10.94 8.44
C THR I 1909 -107.84 -9.61 7.84
N VAL I 1910 -107.88 -8.56 8.66
CA VAL I 1910 -108.35 -7.26 8.18
C VAL I 1910 -107.56 -6.83 6.96
N THR I 1911 -106.24 -6.95 7.01
CA THR I 1911 -105.42 -6.61 5.85
C THR I 1911 -105.76 -7.52 4.66
N ASN I 1912 -105.94 -8.83 4.93
CA ASN I 1912 -106.26 -9.75 3.84
C ASN I 1912 -107.58 -9.39 3.19
N VAL I 1913 -108.60 -9.10 4.00
CA VAL I 1913 -109.91 -8.74 3.45
C VAL I 1913 -109.79 -7.49 2.59
N LEU I 1914 -109.19 -6.43 3.14
CA LEU I 1914 -108.99 -5.22 2.35
C LEU I 1914 -108.12 -5.51 1.12
N ASN I 1915 -107.20 -6.46 1.25
CA ASN I 1915 -106.43 -6.88 0.09
C ASN I 1915 -107.31 -7.60 -0.93
N PHE I 1916 -108.36 -8.28 -0.45
CA PHE I 1916 -109.32 -8.87 -1.37
C PHE I 1916 -110.29 -7.83 -1.92
N ILE I 1917 -110.65 -6.83 -1.10
CA ILE I 1917 -111.47 -5.73 -1.60
C ILE I 1917 -110.72 -4.97 -2.69
N LYS I 1918 -109.43 -4.71 -2.47
CA LYS I 1918 -108.64 -4.00 -3.46
C LYS I 1918 -108.40 -4.84 -4.71
N LEU I 1919 -108.66 -6.14 -4.63
CA LEU I 1919 -108.52 -7.00 -5.80
C LEU I 1919 -109.74 -6.95 -6.71
N GLN I 1920 -110.84 -6.37 -6.25
CA GLN I 1920 -112.06 -6.23 -7.03
C GLN I 1920 -112.56 -4.79 -6.92
N LYS I 1921 -113.78 -4.56 -7.41
CA LYS I 1921 -114.40 -3.23 -7.35
C LYS I 1921 -115.14 -3.04 -6.04
N ARG I 1962 -95.29 -5.72 5.44
CA ARG I 1962 -96.10 -4.62 4.93
C ARG I 1962 -97.40 -5.14 4.33
N GLY I 1963 -98.02 -4.32 3.48
CA GLY I 1963 -99.25 -4.69 2.82
C GLY I 1963 -99.63 -3.67 1.78
N PHE I 1964 -100.66 -3.99 1.01
CA PHE I 1964 -101.12 -3.09 -0.03
C PHE I 1964 -101.65 -1.79 0.59
N ALA I 1965 -102.48 -1.90 1.62
CA ALA I 1965 -103.02 -0.73 2.30
C ALA I 1965 -102.86 -0.82 3.82
N CYS I 1966 -102.09 -1.77 4.34
CA CYS I 1966 -101.94 -1.98 5.78
C CYS I 1966 -100.46 -2.17 6.09
N ILE I 1967 -99.82 -1.13 6.59
CA ILE I 1967 -98.42 -1.21 7.05
C ILE I 1967 -98.43 -1.46 8.55
N PRO I 1968 -97.54 -2.28 9.09
CA PRO I 1968 -97.56 -2.54 10.54
C PRO I 1968 -96.78 -1.51 11.34
N LEU I 1969 -97.43 -0.90 12.33
CA LEU I 1969 -96.79 0.13 13.14
C LEU I 1969 -95.90 -0.55 14.17
N VAL I 1970 -94.58 -0.51 13.94
CA VAL I 1970 -93.64 -1.08 14.89
C VAL I 1970 -93.63 -0.25 16.18
N GLY I 1971 -93.23 -0.90 17.27
CA GLY I 1971 -93.09 -0.24 18.55
C GLY I 1971 -94.32 -0.28 19.43
N ILE I 1972 -95.44 -0.83 18.97
CA ILE I 1972 -96.66 -0.93 19.75
C ILE I 1972 -96.95 -2.40 20.00
N SER I 1973 -97.34 -2.73 21.23
CA SER I 1973 -97.65 -4.12 21.59
C SER I 1973 -98.89 -4.22 22.48
N VAL I 1974 -99.73 -3.19 22.49
CA VAL I 1974 -100.97 -3.22 23.28
C VAL I 1974 -102.06 -2.50 22.50
N PRO I 1975 -103.32 -2.96 22.65
CA PRO I 1975 -104.41 -2.27 21.93
C PRO I 1975 -104.82 -0.94 22.55
N PHE I 1976 -103.96 0.05 22.41
CA PHE I 1976 -104.21 1.37 22.94
C PHE I 1976 -105.46 1.99 22.31
N HIS I 1977 -106.17 2.79 23.10
CA HIS I 1977 -107.33 3.55 22.61
C HIS I 1977 -108.46 2.62 22.17
N SER I 1978 -108.47 1.40 22.70
CA SER I 1978 -109.46 0.40 22.34
C SER I 1978 -110.40 0.14 23.50
N THR I 1979 -111.58 -0.39 23.19
CA THR I 1979 -112.53 -0.77 24.23
C THR I 1979 -112.01 -1.91 25.08
N TYR I 1980 -110.94 -2.58 24.65
CA TYR I 1980 -110.29 -3.59 25.47
C TYR I 1980 -109.84 -3.03 26.82
N LEU I 1981 -109.32 -1.80 26.84
CA LEU I 1981 -108.73 -1.21 28.03
C LEU I 1981 -109.73 -0.40 28.85
N MET I 1982 -111.02 -0.59 28.62
CA MET I 1982 -112.02 0.26 29.29
C MET I 1982 -112.00 0.05 30.80
N ASN I 1983 -111.65 -1.15 31.27
CA ASN I 1983 -111.62 -1.38 32.70
C ASN I 1983 -110.62 -0.47 33.40
N GLY I 1984 -109.41 -0.35 32.83
CA GLY I 1984 -108.38 0.45 33.48
C GLY I 1984 -108.80 1.89 33.69
N VAL I 1985 -109.69 2.40 32.84
CA VAL I 1985 -110.09 3.80 32.90
C VAL I 1985 -110.55 4.16 34.30
N LYS I 1986 -111.12 3.20 35.02
CA LYS I 1986 -111.58 3.49 36.37
C LYS I 1986 -110.40 3.63 37.32
N PRO I 1987 -109.54 2.61 37.46
CA PRO I 1987 -108.32 2.80 38.27
C PRO I 1987 -107.44 3.93 37.77
N PHE I 1988 -107.29 4.10 36.46
CA PHE I 1988 -106.43 5.14 35.94
C PHE I 1988 -106.88 6.50 36.42
N LYS I 1989 -108.20 6.75 36.38
CA LYS I 1989 -108.74 8.01 36.84
C LYS I 1989 -108.38 8.27 38.29
N SER I 1990 -108.48 7.23 39.14
CA SER I 1990 -108.12 7.38 40.54
C SER I 1990 -106.64 7.69 40.70
N PHE I 1991 -105.80 7.02 39.91
CA PHE I 1991 -104.36 7.24 40.03
C PHE I 1991 -103.96 8.64 39.60
N LEU I 1992 -104.59 9.15 38.53
CA LEU I 1992 -104.30 10.52 38.09
C LEU I 1992 -104.87 11.54 39.05
N LYS I 1993 -106.13 11.36 39.48
CA LYS I 1993 -106.72 12.28 40.44
C LYS I 1993 -105.86 12.38 41.69
N LYS I 1994 -105.13 11.31 42.01
CA LYS I 1994 -104.16 11.37 43.10
C LYS I 1994 -102.97 12.24 42.72
N ASN I 1995 -102.31 11.92 41.61
CA ASN I 1995 -101.03 12.52 41.30
C ASN I 1995 -101.16 13.95 40.76
N ILE I 1996 -102.26 14.25 40.07
CA ILE I 1996 -102.45 15.60 39.55
C ILE I 1996 -102.90 16.50 40.70
N ILE I 1997 -102.01 17.38 41.11
CA ILE I 1997 -102.27 18.26 42.24
C ILE I 1997 -103.35 19.26 41.85
N LYS I 1998 -104.27 19.53 42.78
CA LYS I 1998 -105.32 20.51 42.54
C LYS I 1998 -104.76 21.89 42.24
N GLU I 1999 -103.77 22.32 43.00
CA GLU I 1999 -103.27 23.68 42.93
C GLU I 1999 -102.28 23.89 41.79
N ASN I 2000 -101.91 22.84 41.08
CA ASN I 2000 -100.93 22.95 40.00
C ASN I 2000 -101.58 23.12 38.64
N VAL I 2001 -102.91 23.19 38.58
CA VAL I 2001 -103.63 23.33 37.32
C VAL I 2001 -104.10 24.78 37.20
N LYS I 2002 -103.57 25.49 36.21
CA LYS I 2002 -103.93 26.88 35.95
C LYS I 2002 -104.82 26.91 34.71
N VAL I 2003 -106.07 27.32 34.89
CA VAL I 2003 -106.99 27.35 33.77
C VAL I 2003 -106.47 28.26 32.67
N ALA I 2004 -105.90 29.41 33.05
CA ALA I 2004 -105.40 30.34 32.05
C ALA I 2004 -104.38 29.70 31.14
N ARG I 2005 -103.67 28.68 31.63
CA ARG I 2005 -102.72 27.98 30.79
C ARG I 2005 -103.38 26.95 29.88
N LEU I 2006 -104.64 26.59 30.14
CA LEU I 2006 -105.34 25.56 29.38
C LEU I 2006 -106.52 26.08 28.57
N ALA I 2007 -107.25 27.07 29.07
CA ALA I 2007 -108.50 27.50 28.45
C ALA I 2007 -108.24 28.02 27.04
N GLY I 2008 -108.88 27.40 26.07
CA GLY I 2008 -108.77 27.82 24.68
C GLY I 2008 -107.47 27.48 24.02
N LYS I 2009 -106.53 26.85 24.72
CA LYS I 2009 -105.25 26.47 24.16
C LYS I 2009 -105.07 24.97 24.03
N TYR I 2010 -105.53 24.22 25.03
CA TYR I 2010 -105.35 22.77 25.02
C TYR I 2010 -106.47 22.07 24.30
N ILE I 2011 -106.13 21.27 23.28
CA ILE I 2011 -107.16 20.50 22.60
C ILE I 2011 -106.97 19.02 22.92
N PRO I 2012 -107.88 18.45 23.73
CA PRO I 2012 -107.69 17.05 24.12
C PRO I 2012 -108.02 16.08 22.98
N ASN I 2013 -107.48 14.86 23.03
CA ASN I 2013 -107.79 13.86 22.01
C ASN I 2013 -109.17 13.28 22.24
N LEU I 2014 -109.63 13.30 23.50
CA LEU I 2014 -110.94 12.74 23.82
C LEU I 2014 -112.05 13.54 23.15
N THR I 2015 -111.99 14.86 23.28
CA THR I 2015 -112.84 15.78 22.51
C THR I 2015 -111.93 16.73 21.77
N ALA I 2016 -112.00 16.73 20.44
CA ALA I 2016 -111.18 17.62 19.64
C ALA I 2016 -111.78 19.03 19.67
N LYS I 2017 -111.74 19.61 20.86
CA LYS I 2017 -112.27 20.95 21.10
C LYS I 2017 -111.41 21.62 22.15
N PRO I 2018 -111.05 22.89 21.98
CA PRO I 2018 -110.20 23.55 22.97
C PRO I 2018 -110.83 23.51 24.37
N PHE I 2019 -109.97 23.27 25.36
CA PHE I 2019 -110.41 23.09 26.74
C PHE I 2019 -111.19 24.30 27.23
N GLN I 2020 -112.33 24.05 27.87
CA GLN I 2020 -113.15 25.10 28.44
C GLN I 2020 -113.88 24.55 29.66
N VAL I 2021 -113.98 25.35 30.71
CA VAL I 2021 -114.75 24.96 31.90
C VAL I 2021 -116.15 25.52 31.71
N THR I 2022 -116.96 24.77 30.96
CA THR I 2022 -118.33 25.19 30.68
C THR I 2022 -119.22 23.95 30.59
N LYS I 2023 -120.49 24.13 30.92
CA LYS I 2023 -121.45 23.02 30.89
C LYS I 2023 -121.47 22.35 29.53
N GLU I 2024 -121.27 23.12 28.46
CA GLU I 2024 -121.30 22.54 27.12
C GLU I 2024 -120.13 21.58 26.93
N TYR I 2025 -118.96 21.94 27.48
CA TYR I 2025 -117.82 21.04 27.38
C TYR I 2025 -118.04 19.77 28.18
N PHE I 2026 -118.48 19.91 29.44
CA PHE I 2026 -118.77 18.72 30.24
C PHE I 2026 -119.90 17.92 29.63
N GLN I 2027 -120.87 18.58 28.99
CA GLN I 2027 -121.94 17.84 28.33
C GLN I 2027 -121.39 16.97 27.20
N ASP I 2028 -120.50 17.54 26.39
CA ASP I 2028 -119.87 16.76 25.33
C ASP I 2028 -119.06 15.61 25.90
N VAL I 2029 -118.35 15.86 26.99
CA VAL I 2029 -117.56 14.80 27.62
C VAL I 2029 -118.47 13.66 28.06
N TYR I 2030 -119.56 13.99 28.74
CA TYR I 2030 -120.50 12.96 29.17
C TYR I 2030 -121.12 12.23 27.98
N ASP I 2031 -121.44 12.97 26.92
CA ASP I 2031 -122.11 12.36 25.77
C ASP I 2031 -121.29 11.21 25.22
N LEU I 2032 -120.00 11.44 24.93
CA LEU I 2032 -119.19 10.42 24.29
C LEU I 2032 -118.82 9.31 25.27
N THR I 2033 -118.43 9.66 26.48
CA THR I 2033 -117.97 8.69 27.48
C THR I 2033 -118.62 9.08 28.80
N GLY I 2034 -119.71 8.41 29.15
CA GLY I 2034 -120.41 8.70 30.38
C GLY I 2034 -119.52 8.56 31.59
N SER I 2035 -119.45 9.59 32.42
CA SER I 2035 -118.71 9.55 33.67
C SER I 2035 -119.55 10.17 34.78
N GLU I 2036 -119.63 9.49 35.92
CA GLU I 2036 -120.47 9.95 37.01
C GLU I 2036 -120.01 11.28 37.59
N PRO I 2037 -118.74 11.48 37.94
CA PRO I 2037 -118.34 12.80 38.44
C PRO I 2037 -118.65 13.91 37.46
N ILE I 2038 -118.51 13.63 36.16
CA ILE I 2038 -118.83 14.63 35.14
C ILE I 2038 -120.28 15.09 35.29
N LYS I 2039 -121.21 14.15 35.34
CA LYS I 2039 -122.60 14.54 35.41
C LYS I 2039 -122.99 15.08 36.78
N GLU I 2040 -122.23 14.75 37.83
CA GLU I 2040 -122.38 15.47 39.09
C GLU I 2040 -122.07 16.94 38.90
N ILE I 2041 -121.08 17.24 38.06
CA ILE I 2041 -120.82 18.62 37.67
C ILE I 2041 -121.98 19.15 36.85
N ILE I 2042 -122.48 18.35 35.91
CA ILE I 2042 -123.58 18.77 35.05
C ILE I 2042 -124.84 19.05 35.88
N ASP I 2043 -125.33 18.00 36.55
CA ASP I 2043 -126.61 18.10 37.25
C ASP I 2043 -126.58 19.14 38.38
N ASN I 2044 -125.41 19.48 38.90
CA ASN I 2044 -125.28 20.46 39.97
C ASN I 2044 -124.58 21.74 39.52
N TRP I 2045 -124.63 22.02 38.22
CA TRP I 2045 -123.86 23.15 37.69
C TRP I 2045 -124.26 24.46 38.37
N GLU I 2046 -125.57 24.68 38.52
CA GLU I 2046 -126.03 25.92 39.16
C GLU I 2046 -125.39 26.10 40.53
N LYS I 2047 -125.18 25.00 41.26
CA LYS I 2047 -124.54 25.10 42.57
C LYS I 2047 -123.10 25.57 42.44
N TYR I 2048 -122.35 25.00 41.50
CA TYR I 2048 -120.95 25.37 41.33
C TYR I 2048 -120.80 26.74 40.67
N GLU I 2049 -121.61 27.02 39.64
CA GLU I 2049 -121.49 28.31 38.97
C GLU I 2049 -121.72 29.46 39.93
N GLN I 2050 -122.72 29.35 40.79
CA GLN I 2050 -122.98 30.34 41.82
C GLN I 2050 -121.85 30.32 42.86
N MET J 1 -117.92 31.74 37.40
CA MET J 1 -117.61 30.96 38.63
C MET J 1 -116.35 31.49 39.28
N LYS J 2 -116.23 31.25 40.59
CA LYS J 2 -115.06 31.71 41.33
C LYS J 2 -113.80 31.05 40.81
N PRO J 3 -112.64 31.72 40.93
CA PRO J 3 -111.39 31.11 40.45
C PRO J 3 -111.08 29.78 41.13
N GLU J 4 -111.43 29.64 42.41
CA GLU J 4 -111.15 28.38 43.11
C GLU J 4 -112.09 27.28 42.63
N VAL J 5 -113.38 27.60 42.49
CA VAL J 5 -114.32 26.62 41.96
C VAL J 5 -113.99 26.31 40.50
N GLU J 6 -113.57 27.33 39.75
CA GLU J 6 -113.14 27.12 38.38
C GLU J 6 -111.95 26.17 38.31
N GLN J 7 -110.98 26.35 39.21
CA GLN J 7 -109.82 25.46 39.24
C GLN J 7 -110.23 24.04 39.62
N GLU J 8 -111.15 23.90 40.57
CA GLU J 8 -111.64 22.58 40.94
C GLU J 8 -112.27 21.88 39.74
N LEU J 9 -113.15 22.59 39.02
CA LEU J 9 -113.79 22.01 37.85
C LEU J 9 -112.77 21.67 36.78
N ALA J 10 -111.79 22.56 36.57
CA ALA J 10 -110.77 22.30 35.56
C ALA J 10 -109.96 21.06 35.91
N HIS J 11 -109.63 20.89 37.19
CA HIS J 11 -108.92 19.69 37.61
C HIS J 11 -109.74 18.44 37.33
N ILE J 12 -111.02 18.47 37.66
CA ILE J 12 -111.87 17.32 37.39
C ILE J 12 -111.90 17.01 35.90
N LEU J 13 -112.08 18.05 35.08
CA LEU J 13 -112.15 17.86 33.63
C LEU J 13 -110.84 17.27 33.10
N LEU J 14 -109.70 17.80 33.54
CA LEU J 14 -108.42 17.34 33.06
C LEU J 14 -108.17 15.89 33.45
N THR J 15 -108.47 15.54 34.70
CA THR J 15 -108.28 14.16 35.12
C THR J 15 -109.16 13.22 34.31
N GLU J 16 -110.42 13.61 34.09
CA GLU J 16 -111.32 12.76 33.30
C GLU J 16 -110.83 12.59 31.87
N LEU J 17 -110.38 13.69 31.25
CA LEU J 17 -109.92 13.62 29.87
C LEU J 17 -108.71 12.72 29.75
N LEU J 18 -107.73 12.90 30.64
CA LEU J 18 -106.54 12.04 30.59
C LEU J 18 -106.91 10.59 30.87
N ALA J 19 -107.80 10.34 31.83
CA ALA J 19 -108.17 8.97 32.17
C ALA J 19 -108.80 8.26 30.98
N TYR J 20 -109.76 8.90 30.33
CA TYR J 20 -110.48 8.26 29.25
C TYR J 20 -109.74 8.29 27.91
N GLN J 21 -108.71 9.09 27.76
CA GLN J 21 -108.05 9.22 26.48
C GLN J 21 -107.47 7.92 25.96
N PHE J 22 -106.79 7.17 26.82
CA PHE J 22 -106.07 6.00 26.35
C PHE J 22 -106.99 4.83 26.03
N ALA J 23 -108.26 4.91 26.42
CA ALA J 23 -109.24 3.87 26.14
C ALA J 23 -110.27 4.28 25.10
N SER J 24 -110.05 5.40 24.42
CA SER J 24 -110.95 5.92 23.40
C SER J 24 -110.13 6.40 22.22
N PRO J 25 -110.71 6.42 21.02
CA PRO J 25 -109.92 6.70 19.82
C PRO J 25 -109.38 8.13 19.79
N VAL J 26 -108.28 8.29 19.08
CA VAL J 26 -107.59 9.57 18.97
C VAL J 26 -108.10 10.29 17.74
N ARG J 27 -108.79 11.41 17.93
CA ARG J 27 -109.37 12.17 16.83
C ARG J 27 -108.40 13.25 16.36
N TRP J 28 -107.31 12.82 15.73
CA TRP J 28 -106.37 13.76 15.18
C TRP J 28 -106.95 14.55 14.01
N ILE J 29 -107.96 14.01 13.32
CA ILE J 29 -108.56 14.71 12.20
C ILE J 29 -109.20 16.01 12.68
N GLU J 30 -110.04 15.93 13.71
CA GLU J 30 -110.71 17.12 14.20
C GLU J 30 -109.72 18.10 14.79
N THR J 31 -108.67 17.60 15.45
CA THR J 31 -107.65 18.49 16.02
C THR J 31 -106.92 19.25 14.93
N GLN J 32 -106.52 18.56 13.87
CA GLN J 32 -105.87 19.24 12.75
C GLN J 32 -106.80 20.26 12.13
N ASP J 33 -108.08 19.92 11.97
CA ASP J 33 -109.04 20.91 11.50
C ASP J 33 -109.03 22.12 12.41
N VAL J 34 -109.13 21.90 13.71
CA VAL J 34 -109.26 23.01 14.65
C VAL J 34 -108.08 23.96 14.52
N PHE J 35 -106.86 23.41 14.61
CA PHE J 35 -105.70 24.28 14.67
C PHE J 35 -105.16 24.68 13.31
N LEU J 36 -105.74 24.18 12.21
CA LEU J 36 -105.37 24.68 10.90
C LEU J 36 -106.41 25.61 10.30
N LYS J 37 -107.66 25.56 10.77
CA LYS J 37 -108.73 26.38 10.21
C LYS J 37 -109.37 27.30 11.24
N ASP J 38 -109.77 26.78 12.40
CA ASP J 38 -110.49 27.62 13.34
C ASP J 38 -109.57 28.66 13.98
N PHE J 39 -108.28 28.32 14.17
CA PHE J 39 -107.30 29.29 14.61
C PHE J 39 -106.39 29.76 13.48
N ASN J 40 -106.24 28.97 12.42
CA ASN J 40 -105.22 29.22 11.42
C ASN J 40 -103.86 29.09 12.10
N THR J 41 -102.81 28.80 11.36
CA THR J 41 -101.49 28.70 12.00
C THR J 41 -100.39 28.81 10.96
N GLU J 42 -99.63 29.90 11.02
CA GLU J 42 -98.53 30.09 10.09
C GLU J 42 -97.31 29.25 10.42
N ARG J 43 -97.15 28.83 11.68
CA ARG J 43 -96.09 27.91 12.06
C ARG J 43 -96.67 26.84 12.97
N VAL J 44 -96.51 25.58 12.55
CA VAL J 44 -96.82 24.41 13.36
C VAL J 44 -95.51 23.75 13.70
N VAL J 45 -95.22 23.65 15.00
CA VAL J 45 -93.93 23.17 15.48
C VAL J 45 -94.16 21.81 16.14
N GLU J 46 -93.53 20.78 15.59
CA GLU J 46 -93.64 19.44 16.13
C GLU J 46 -92.51 19.16 17.10
N ILE J 47 -92.87 18.78 18.31
CA ILE J 47 -91.91 18.46 19.36
C ILE J 47 -91.84 16.95 19.43
N GLY J 48 -90.76 16.37 18.90
CA GLY J 48 -90.59 14.94 18.91
C GLY J 48 -89.32 14.50 18.23
N PRO J 49 -89.06 13.19 18.29
CA PRO J 49 -87.84 12.63 17.70
C PRO J 49 -87.88 12.45 16.18
N SER J 50 -89.06 12.58 15.56
CA SER J 50 -89.19 12.35 14.14
C SER J 50 -90.36 13.15 13.62
N PRO J 51 -90.41 13.41 12.30
CA PRO J 51 -91.52 14.22 11.72
C PRO J 51 -92.75 13.39 11.35
N THR J 52 -93.43 12.87 12.37
CA THR J 52 -94.66 12.10 12.14
C THR J 52 -95.86 13.03 11.98
N LEU J 53 -96.16 13.82 13.02
CA LEU J 53 -97.30 14.73 12.94
C LEU J 53 -97.04 15.84 11.94
N ALA J 54 -95.79 16.21 11.71
CA ALA J 54 -95.48 17.17 10.65
C ALA J 54 -95.91 16.63 9.29
N GLY J 55 -95.59 15.37 9.02
CA GLY J 55 -96.05 14.76 7.78
C GLY J 55 -97.56 14.67 7.71
N MET J 56 -98.19 14.33 8.83
CA MET J 56 -99.66 14.29 8.87
C MET J 56 -100.24 15.64 8.49
N ALA J 57 -99.74 16.71 9.11
CA ALA J 57 -100.28 18.04 8.85
C ALA J 57 -100.00 18.48 7.43
N GLN J 58 -98.82 18.15 6.88
CA GLN J 58 -98.53 18.50 5.51
C GLN J 58 -99.50 17.82 4.55
N ARG J 59 -99.79 16.53 4.78
CA ARG J 59 -100.77 15.86 3.94
C ARG J 59 -102.15 16.48 4.09
N THR J 60 -102.54 16.81 5.32
CA THR J 60 -103.86 17.41 5.53
C THR J 60 -103.97 18.74 4.79
N LEU J 61 -102.92 19.54 4.85
CA LEU J 61 -102.92 20.81 4.12
C LEU J 61 -102.99 20.56 2.62
N LYS J 62 -102.23 19.58 2.13
CA LYS J 62 -102.23 19.31 0.70
C LYS J 62 -103.57 18.80 0.21
N ASN J 63 -104.35 18.17 1.08
CA ASN J 63 -105.59 17.51 0.66
C ASN J 63 -106.85 18.26 1.05
N LYS J 64 -106.78 19.27 1.90
CA LYS J 64 -108.00 19.93 2.38
C LYS J 64 -107.94 21.44 2.42
N TYR J 65 -106.77 22.07 2.23
CA TYR J 65 -106.68 23.52 2.41
C TYR J 65 -105.85 24.21 1.34
N GLU J 66 -105.61 23.57 0.20
CA GLU J 66 -104.85 24.23 -0.86
C GLU J 66 -105.55 25.49 -1.34
N SER J 67 -106.83 25.38 -1.69
CA SER J 67 -107.54 26.54 -2.22
C SER J 67 -107.78 27.59 -1.15
N TYR J 68 -108.14 27.15 0.06
CA TYR J 68 -108.39 28.10 1.15
C TYR J 68 -107.10 28.83 1.53
N ASP J 69 -105.99 28.09 1.64
CA ASP J 69 -104.72 28.73 1.97
C ASP J 69 -104.29 29.71 0.88
N ALA J 70 -104.43 29.32 -0.38
CA ALA J 70 -104.06 30.21 -1.48
C ALA J 70 -104.92 31.46 -1.47
N ALA J 71 -106.23 31.30 -1.30
CA ALA J 71 -107.13 32.45 -1.34
C ALA J 71 -106.85 33.42 -0.21
N LEU J 72 -106.65 32.92 1.01
CA LEU J 72 -106.40 33.81 2.13
C LEU J 72 -104.92 34.17 2.30
N SER J 73 -104.05 33.67 1.43
CA SER J 73 -102.64 34.04 1.43
C SER J 73 -101.99 33.74 2.79
N LEU J 74 -101.95 32.46 3.12
CA LEU J 74 -101.25 31.97 4.31
C LEU J 74 -99.96 31.29 3.90
N HIS J 75 -98.85 31.73 4.47
CA HIS J 75 -97.55 31.12 4.24
C HIS J 75 -97.23 30.09 5.32
N ARG J 76 -98.09 29.09 5.45
CA ARG J 76 -97.96 28.10 6.51
C ARG J 76 -96.57 27.50 6.54
N GLU J 77 -96.12 27.14 7.73
CA GLU J 77 -94.77 26.63 7.96
C GLU J 77 -94.90 25.45 8.92
N ILE J 78 -94.63 24.25 8.41
CA ILE J 78 -94.64 23.04 9.22
C ILE J 78 -93.20 22.70 9.58
N LEU J 79 -92.88 22.78 10.87
CA LEU J 79 -91.52 22.56 11.35
C LEU J 79 -91.54 21.45 12.39
N CYS J 80 -90.54 20.57 12.31
CA CYS J 80 -90.33 19.52 13.30
C CYS J 80 -89.02 19.79 14.03
N TYR J 81 -89.05 19.65 15.36
CA TYR J 81 -87.86 19.95 16.16
C TYR J 81 -86.66 19.14 15.69
N SER J 82 -86.89 17.91 15.20
CA SER J 82 -85.77 17.04 14.88
C SER J 82 -84.98 17.55 13.68
N LYS J 83 -85.65 18.08 12.66
CA LYS J 83 -85.00 18.45 11.42
C LYS J 83 -84.96 19.94 11.14
N ASP J 84 -85.81 20.74 11.77
CA ASP J 84 -85.97 22.15 11.43
C ASP J 84 -85.44 23.07 12.52
N ALA J 85 -84.27 22.74 13.08
CA ALA J 85 -83.75 23.50 14.22
C ALA J 85 -83.53 24.97 13.86
N LYS J 86 -82.99 25.24 12.67
CA LYS J 86 -82.63 26.61 12.32
C LYS J 86 -83.85 27.53 12.31
N GLU J 87 -84.96 27.05 11.75
CA GLU J 87 -86.15 27.90 11.65
C GLU J 87 -86.85 28.02 12.99
N ILE J 88 -86.72 27.02 13.86
CA ILE J 88 -87.30 27.12 15.19
C ILE J 88 -86.53 28.12 16.05
N TYR J 89 -85.21 28.09 15.96
CA TYR J 89 -84.35 28.92 16.80
C TYR J 89 -83.93 30.23 16.15
N TYR J 90 -84.34 30.49 14.91
CA TYR J 90 -83.91 31.66 14.16
C TYR J 90 -82.38 31.74 14.12
N THR J 91 -81.77 30.66 13.66
CA THR J 91 -80.32 30.62 13.54
C THR J 91 -79.93 30.22 12.13
N PRO J 92 -80.37 30.93 11.10
CA PRO J 92 -79.93 30.61 9.75
C PRO J 92 -78.42 30.75 9.63
N ASP J 93 -77.81 29.81 8.91
CA ASP J 93 -76.38 29.84 8.72
C ASP J 93 -75.99 31.04 7.86
N PRO J 94 -74.73 31.49 7.93
CA PRO J 94 -74.28 32.69 7.22
C PRO J 94 -74.08 32.47 5.73
N GLU J 329 -19.81 12.84 -6.53
CA GLU J 329 -18.60 12.43 -5.84
C GLU J 329 -18.28 10.98 -6.13
N GLU J 330 -18.22 10.64 -7.42
CA GLU J 330 -17.89 9.27 -7.81
C GLU J 330 -16.41 8.97 -7.58
N ILE J 331 -15.53 9.93 -7.88
CA ILE J 331 -14.09 9.68 -7.75
C ILE J 331 -13.72 9.50 -6.29
N THR J 332 -14.22 10.37 -5.41
CA THR J 332 -13.90 10.26 -4.00
C THR J 332 -14.45 8.97 -3.41
N LYS J 333 -15.67 8.58 -3.81
CA LYS J 333 -16.25 7.34 -3.32
C LYS J 333 -15.43 6.14 -3.80
N ASP J 334 -15.02 6.15 -5.07
CA ASP J 334 -14.24 5.03 -5.58
C ASP J 334 -12.91 4.91 -4.85
N HIS J 335 -12.26 6.04 -4.57
CA HIS J 335 -11.02 6.00 -3.82
C HIS J 335 -11.25 5.52 -2.39
N LYS J 336 -12.31 5.99 -1.73
CA LYS J 336 -12.58 5.53 -0.38
C LYS J 336 -12.89 4.03 -0.36
N VAL J 337 -13.54 3.53 -1.40
CA VAL J 337 -13.78 2.09 -1.51
C VAL J 337 -12.47 1.33 -1.63
N LEU J 338 -11.56 1.83 -2.47
CA LEU J 338 -10.25 1.19 -2.58
C LEU J 338 -9.51 1.21 -1.24
N ALA J 339 -9.56 2.33 -0.54
CA ALA J 339 -8.94 2.42 0.78
C ALA J 339 -9.55 1.42 1.75
N ARG J 340 -10.87 1.29 1.74
CA ARG J 340 -11.54 0.35 2.63
C ARG J 340 -11.12 -1.07 2.33
N GLN J 341 -11.01 -1.42 1.06
CA GLN J 341 -10.58 -2.78 0.71
C GLN J 341 -9.14 -3.03 1.14
N GLN J 342 -8.26 -2.03 1.00
CA GLN J 342 -6.89 -2.20 1.48
C GLN J 342 -6.84 -2.37 2.99
N LEU J 343 -7.63 -1.58 3.70
CA LEU J 343 -7.71 -1.72 5.15
C LEU J 343 -8.19 -3.11 5.54
N GLN J 344 -9.21 -3.62 4.85
CA GLN J 344 -9.70 -4.97 5.13
C GLN J 344 -8.63 -6.02 4.90
N VAL J 345 -7.87 -5.90 3.80
CA VAL J 345 -6.81 -6.86 3.54
C VAL J 345 -5.79 -6.83 4.68
N LEU J 346 -5.39 -5.63 5.11
CA LEU J 346 -4.45 -5.54 6.21
C LEU J 346 -5.02 -6.15 7.49
N ALA J 347 -6.29 -5.84 7.80
CA ALA J 347 -6.89 -6.35 9.01
C ALA J 347 -6.90 -7.87 9.02
N ARG J 348 -7.22 -8.47 7.87
CA ARG J 348 -7.23 -9.93 7.78
C ARG J 348 -5.82 -10.49 7.94
N TYR J 349 -4.82 -9.81 7.36
CA TYR J 349 -3.44 -10.27 7.54
C TYR J 349 -3.04 -10.24 9.01
N LEU J 350 -3.42 -9.18 9.72
CA LEU J 350 -3.07 -9.04 11.13
C LEU J 350 -3.96 -9.87 12.06
N LYS J 351 -5.02 -10.47 11.53
CA LYS J 351 -5.93 -11.26 12.35
C LYS J 351 -6.64 -10.40 13.37
N MET J 352 -6.98 -9.18 12.99
CA MET J 352 -7.68 -8.28 13.89
C MET J 352 -9.13 -8.18 13.50
N ASP J 353 -10.01 -8.53 14.44
CA ASP J 353 -11.45 -8.49 14.18
C ASP J 353 -11.96 -7.10 14.43
N LEU J 354 -12.29 -6.39 13.36
CA LEU J 354 -12.72 -5.01 13.52
C LEU J 354 -14.10 -4.89 14.16
N ASP J 355 -14.88 -5.98 14.20
CA ASP J 355 -16.24 -5.93 14.71
C ASP J 355 -16.37 -6.52 16.11
N ASN J 356 -15.26 -6.88 16.74
CA ASN J 356 -15.30 -7.47 18.06
C ASN J 356 -15.97 -6.54 19.07
N GLY J 357 -15.60 -5.27 19.07
CA GLY J 357 -16.14 -4.33 20.04
C GLY J 357 -17.65 -4.18 19.92
N GLU J 358 -18.15 -4.07 18.70
CA GLU J 358 -19.59 -3.93 18.50
C GLU J 358 -20.33 -5.19 18.94
N ARG J 359 -19.74 -6.35 18.72
CA ARG J 359 -20.38 -7.58 19.14
C ARG J 359 -20.51 -7.61 20.64
N LYS J 360 -19.42 -7.34 21.33
CA LYS J 360 -19.45 -7.32 22.78
C LYS J 360 -20.43 -6.30 23.31
N PHE J 361 -20.50 -5.14 22.67
CA PHE J 361 -21.42 -4.10 23.10
C PHE J 361 -22.88 -4.54 22.95
N LEU J 362 -23.21 -5.20 21.85
CA LEU J 362 -24.58 -5.65 21.66
C LEU J 362 -24.96 -6.71 22.70
N LYS J 363 -24.04 -7.62 23.01
CA LYS J 363 -24.29 -8.57 24.10
C LYS J 363 -24.54 -7.85 25.42
N GLU J 364 -23.70 -6.84 25.73
CA GLU J 364 -23.85 -6.10 26.98
C GLU J 364 -25.19 -5.37 27.02
N LYS J 365 -25.62 -4.84 25.89
CA LYS J 365 -26.90 -4.14 25.84
C LYS J 365 -28.06 -5.11 26.09
N ASP J 366 -27.95 -6.34 25.58
CA ASP J 366 -28.95 -7.34 25.92
C ASP J 366 -28.98 -7.60 27.42
N THR J 367 -27.80 -7.71 28.03
CA THR J 367 -27.75 -7.92 29.48
C THR J 367 -28.40 -6.77 30.23
N VAL J 368 -28.13 -5.53 29.79
CA VAL J 368 -28.72 -4.37 30.44
C VAL J 368 -30.23 -4.42 30.35
N ALA J 369 -30.76 -4.80 29.18
CA ALA J 369 -32.22 -4.89 29.04
C ALA J 369 -32.79 -5.94 29.98
N GLU J 370 -32.12 -7.08 30.11
CA GLU J 370 -32.60 -8.12 31.03
C GLU J 370 -32.67 -7.60 32.47
N LEU J 371 -31.58 -6.99 32.94
CA LEU J 371 -31.56 -6.50 34.31
C LEU J 371 -32.59 -5.39 34.52
N GLN J 372 -32.77 -4.54 33.53
CA GLN J 372 -33.78 -3.48 33.65
C GLN J 372 -35.18 -4.07 33.71
N ALA J 373 -35.44 -5.16 32.98
CA ALA J 373 -36.75 -5.79 33.08
C ALA J 373 -36.99 -6.34 34.47
N GLN J 374 -35.97 -6.96 35.06
CA GLN J 374 -36.13 -7.46 36.44
C GLN J 374 -36.42 -6.31 37.41
N LEU J 375 -35.68 -5.21 37.30
CA LEU J 375 -35.90 -4.08 38.20
C LEU J 375 -37.28 -3.47 37.98
N ASP J 376 -37.71 -3.36 36.72
CA ASP J 376 -39.03 -2.85 36.44
C ASP J 376 -40.11 -3.73 37.04
N TYR J 377 -39.91 -5.05 37.00
CA TYR J 377 -40.89 -5.93 37.60
C TYR J 377 -40.97 -5.73 39.11
N LEU J 378 -39.81 -5.62 39.77
CA LEU J 378 -39.83 -5.39 41.21
C LEU J 378 -40.49 -4.06 41.55
N ASN J 379 -40.26 -3.04 40.74
CA ASN J 379 -40.91 -1.75 40.96
C ASN J 379 -42.41 -1.80 40.71
N ALA J 380 -42.86 -2.65 39.80
CA ALA J 380 -44.29 -2.79 39.59
C ALA J 380 -44.94 -3.60 40.70
N GLU J 381 -44.23 -4.57 41.26
CA GLU J 381 -44.78 -5.36 42.37
C GLU J 381 -44.80 -4.58 43.67
N LEU J 382 -43.74 -3.82 43.98
CA LEU J 382 -43.59 -3.17 45.28
C LEU J 382 -43.91 -1.68 45.26
N GLY J 383 -43.83 -1.03 44.12
CA GLY J 383 -44.13 0.39 44.11
C GLY J 383 -42.93 1.25 44.40
N GLU J 384 -42.94 2.47 43.88
CA GLU J 384 -41.78 3.33 44.04
C GLU J 384 -41.53 3.72 45.48
N PHE J 385 -42.58 4.00 46.23
CA PHE J 385 -42.40 4.45 47.61
C PHE J 385 -41.64 3.40 48.42
N PHE J 386 -42.06 2.15 48.35
CA PHE J 386 -41.40 1.08 49.09
C PHE J 386 -39.95 0.91 48.66
N VAL J 387 -39.72 0.80 47.36
CA VAL J 387 -38.38 0.56 46.84
C VAL J 387 -37.40 1.65 47.22
N ASN J 388 -37.80 2.90 47.06
CA ASN J 388 -36.94 4.00 47.47
C ASN J 388 -36.85 4.09 48.99
N GLY J 389 -37.87 3.65 49.72
CA GLY J 389 -37.86 3.78 51.15
C GLY J 389 -37.03 2.76 51.89
N VAL J 390 -36.71 1.63 51.27
CA VAL J 390 -35.87 0.65 51.95
C VAL J 390 -34.38 0.95 51.78
N ALA J 391 -34.04 2.13 51.26
CA ALA J 391 -32.63 2.51 51.14
C ALA J 391 -31.99 2.69 52.52
N THR J 392 -30.75 2.20 52.65
CA THR J 392 -30.07 2.25 53.95
C THR J 392 -29.72 3.68 54.35
N SER J 393 -29.64 3.90 55.66
CA SER J 393 -29.24 5.18 56.22
C SER J 393 -28.14 4.99 57.25
N PHE J 394 -28.15 3.87 57.95
CA PHE J 394 -27.21 3.71 59.02
C PHE J 394 -25.78 3.39 58.68
N SER J 395 -24.86 4.10 59.30
CA SER J 395 -23.46 3.72 59.22
C SER J 395 -22.83 4.06 60.56
N ARG J 396 -21.89 3.25 60.98
CA ARG J 396 -21.24 3.48 62.27
C ARG J 396 -20.47 4.80 62.35
N LYS J 397 -19.83 5.22 61.27
CA LYS J 397 -19.01 6.43 61.32
C LYS J 397 -19.84 7.68 61.56
N LYS J 398 -21.13 7.64 61.30
CA LYS J 398 -21.98 8.80 61.49
C LYS J 398 -22.49 8.96 62.91
N ALA J 399 -22.20 8.02 63.80
CA ALA J 399 -22.67 8.11 65.18
C ALA J 399 -22.04 9.30 65.90
N ARG J 400 -22.87 10.04 66.64
CA ARG J 400 -22.43 11.22 67.39
C ARG J 400 -22.64 10.97 68.88
N THR J 401 -21.60 11.10 69.68
CA THR J 401 -21.64 10.83 71.10
C THR J 401 -21.68 12.14 71.87
N PHE J 402 -22.50 12.18 72.90
CA PHE J 402 -22.59 13.32 73.79
C PHE J 402 -22.46 12.76 75.19
N ASP J 403 -21.42 13.11 75.92
CA ASP J 403 -21.26 12.67 77.31
C ASP J 403 -20.59 13.68 78.22
N SER J 404 -20.36 14.91 77.80
CA SER J 404 -19.57 15.86 78.60
C SER J 404 -20.47 16.73 79.47
N SER J 405 -21.24 16.07 80.35
CA SER J 405 -22.13 16.75 81.27
C SER J 405 -21.32 17.47 82.34
N TRP J 406 -20.11 17.00 82.61
CA TRP J 406 -19.21 17.68 83.54
C TRP J 406 -18.92 19.15 83.18
N ASN J 407 -19.12 19.57 81.93
CA ASN J 407 -18.91 20.94 81.46
C ASN J 407 -20.22 21.72 81.30
N TRP J 408 -21.25 21.04 80.81
CA TRP J 408 -22.51 21.71 80.59
C TRP J 408 -23.13 22.20 81.89
N ALA J 409 -22.85 21.52 82.99
CA ALA J 409 -23.39 21.97 84.26
C ALA J 409 -22.90 23.39 84.61
N LYS J 410 -21.60 23.66 84.49
CA LYS J 410 -21.10 25.00 84.77
C LYS J 410 -21.67 26.00 83.79
N GLN J 411 -21.83 25.64 82.52
CA GLN J 411 -22.45 26.56 81.56
C GLN J 411 -23.86 26.93 81.99
N SER J 412 -24.64 25.95 82.42
CA SER J 412 -26.00 26.21 82.89
C SER J 412 -25.99 27.13 84.09
N LEU J 413 -25.13 26.86 85.06
CA LEU J 413 -25.05 27.69 86.25
C LEU J 413 -24.79 29.14 85.89
N LEU J 414 -23.83 29.39 85.00
CA LEU J 414 -23.51 30.77 84.64
C LEU J 414 -24.67 31.44 83.91
N SER J 415 -25.32 30.71 83.01
CA SER J 415 -26.45 31.28 82.30
C SER J 415 -27.53 31.73 83.28
N LEU J 416 -27.84 30.87 84.25
CA LEU J 416 -28.84 31.23 85.26
C LEU J 416 -28.38 32.43 86.09
N TYR J 417 -27.12 32.43 86.51
CA TYR J 417 -26.59 33.49 87.36
C TYR J 417 -26.73 34.85 86.69
N PHE J 418 -26.31 34.95 85.43
CA PHE J 418 -26.35 36.25 84.77
C PHE J 418 -27.76 36.62 84.33
N GLU J 419 -28.60 35.65 83.98
CA GLU J 419 -30.00 36.00 83.70
C GLU J 419 -30.67 36.59 84.93
N ILE J 420 -30.38 36.06 86.11
CA ILE J 420 -30.95 36.63 87.33
C ILE J 420 -30.37 37.99 87.62
N ILE J 421 -29.06 38.16 87.42
CA ILE J 421 -28.46 39.47 87.67
C ILE J 421 -29.03 40.52 86.73
N HIS J 422 -29.39 40.14 85.52
CA HIS J 422 -29.92 41.08 84.54
C HIS J 422 -31.42 41.28 84.64
N GLY J 423 -32.08 40.61 85.59
CA GLY J 423 -33.51 40.77 85.76
C GLY J 423 -34.36 40.01 84.78
N VAL J 424 -33.74 39.19 83.91
CA VAL J 424 -34.55 38.39 82.98
C VAL J 424 -35.44 37.43 83.76
N LEU J 425 -34.89 36.78 84.78
CA LEU J 425 -35.69 35.94 85.68
C LEU J 425 -35.87 36.71 86.98
N LYS J 426 -37.11 37.14 87.23
CA LYS J 426 -37.45 37.84 88.46
C LYS J 426 -37.95 36.90 89.55
N ASN J 427 -38.48 35.73 89.18
CA ASN J 427 -39.12 34.84 90.12
C ASN J 427 -38.66 33.42 89.88
N VAL J 428 -38.80 32.60 90.91
CA VAL J 428 -38.43 31.17 90.83
C VAL J 428 -39.66 30.48 90.25
N ASP J 429 -39.77 30.54 88.92
CA ASP J 429 -40.85 29.88 88.20
C ASP J 429 -40.46 28.44 87.92
N ARG J 430 -41.33 27.72 87.20
CA ARG J 430 -41.09 26.30 86.98
C ARG J 430 -39.84 26.06 86.16
N GLU J 431 -39.54 26.93 85.19
CA GLU J 431 -38.33 26.76 84.40
C GLU J 431 -37.08 26.86 85.28
N VAL J 432 -37.08 27.79 86.23
CA VAL J 432 -35.93 27.92 87.14
C VAL J 432 -35.79 26.66 87.99
N VAL J 433 -36.90 26.15 88.51
CA VAL J 433 -36.84 24.95 89.35
C VAL J 433 -36.32 23.78 88.53
N SER J 434 -36.77 23.66 87.28
CA SER J 434 -36.30 22.58 86.41
C SER J 434 -34.80 22.72 86.15
N GLU J 435 -34.33 23.95 85.94
CA GLU J 435 -32.91 24.17 85.74
C GLU J 435 -32.11 23.76 86.98
N ALA J 436 -32.61 24.12 88.16
CA ALA J 436 -31.93 23.73 89.40
C ALA J 436 -31.92 22.22 89.58
N ILE J 437 -33.00 21.54 89.17
CA ILE J 437 -33.01 20.08 89.22
C ILE J 437 -31.95 19.51 88.29
N ASN J 438 -31.83 20.05 87.07
CA ASN J 438 -30.82 19.55 86.15
C ASN J 438 -29.42 19.84 86.66
N ILE J 439 -29.23 20.94 87.39
CA ILE J 439 -27.92 21.21 87.98
C ILE J 439 -27.62 20.23 89.11
N MET J 440 -28.61 19.96 89.96
CA MET J 440 -28.44 18.95 91.01
C MET J 440 -28.11 17.59 90.42
N ASN J 441 -28.69 17.26 89.26
CA ASN J 441 -28.41 15.98 88.62
C ASN J 441 -26.97 15.84 88.13
N ARG J 442 -26.23 16.93 88.05
CA ARG J 442 -24.84 16.89 87.62
C ARG J 442 -23.88 17.37 88.72
N SER J 443 -24.34 17.41 89.95
CA SER J 443 -23.53 17.96 91.03
C SER J 443 -22.34 17.10 91.42
N ASN J 444 -21.21 17.73 91.69
CA ASN J 444 -20.03 17.02 92.15
C ASN J 444 -19.23 18.04 92.97
N ASP J 445 -18.10 17.64 93.53
CA ASP J 445 -17.36 18.54 94.41
C ASP J 445 -16.86 19.78 93.65
N ALA J 446 -16.37 19.59 92.44
CA ALA J 446 -15.89 20.72 91.65
C ALA J 446 -17.01 21.73 91.39
N LEU J 447 -18.21 21.24 91.08
CA LEU J 447 -19.33 22.14 90.85
C LEU J 447 -19.67 22.93 92.11
N ILE J 448 -19.58 22.28 93.27
CA ILE J 448 -19.83 22.98 94.53
C ILE J 448 -18.81 24.09 94.73
N LYS J 449 -17.53 23.81 94.46
CA LYS J 449 -16.54 24.87 94.57
C LYS J 449 -16.85 26.02 93.61
N PHE J 450 -17.23 25.70 92.38
CA PHE J 450 -17.59 26.71 91.39
C PHE J 450 -18.71 27.61 91.90
N MET J 451 -19.81 27.01 92.35
CA MET J 451 -20.94 27.78 92.84
C MET J 451 -20.56 28.61 94.06
N GLU J 452 -19.82 28.01 95.00
CA GLU J 452 -19.44 28.72 96.22
C GLU J 452 -18.56 29.92 95.90
N TYR J 453 -17.61 29.75 95.00
CA TYR J 453 -16.78 30.86 94.60
C TYR J 453 -17.60 31.99 94.04
N HIS J 454 -18.49 31.68 93.12
CA HIS J 454 -19.22 32.74 92.44
C HIS J 454 -20.26 33.39 93.35
N ILE J 455 -20.75 32.72 94.39
CA ILE J 455 -21.71 33.38 95.29
C ILE J 455 -21.03 34.21 96.36
N SER J 456 -19.98 33.67 96.97
CA SER J 456 -19.23 34.44 97.97
C SER J 456 -18.67 35.71 97.37
N ASN J 457 -18.47 35.73 96.06
CA ASN J 457 -17.90 36.89 95.40
C ASN J 457 -18.95 37.76 94.74
N THR J 458 -20.22 37.55 95.05
CA THR J 458 -21.28 38.41 94.56
C THR J 458 -21.52 39.53 95.56
N ASP J 459 -21.49 40.78 95.09
CA ASP J 459 -21.62 41.95 95.95
C ASP J 459 -23.10 42.29 96.06
N GLU J 460 -23.72 41.85 97.16
CA GLU J 460 -25.15 42.04 97.33
C GLU J 460 -25.54 43.52 97.38
N THR J 461 -24.58 44.41 97.62
CA THR J 461 -24.88 45.84 97.71
C THR J 461 -25.22 46.45 96.36
N LYS J 462 -24.88 45.80 95.25
CA LYS J 462 -25.09 46.39 93.94
C LYS J 462 -26.53 46.25 93.46
N GLY J 463 -27.51 46.53 94.31
CA GLY J 463 -28.89 46.45 93.92
C GLY J 463 -29.53 45.12 94.29
N GLU J 464 -30.85 45.08 94.10
CA GLU J 464 -31.65 43.96 94.60
C GLU J 464 -31.39 42.67 93.84
N ASN J 465 -31.03 42.78 92.56
CA ASN J 465 -30.80 41.59 91.76
C ASN J 465 -29.61 40.79 92.30
N TYR J 466 -28.59 41.48 92.81
CA TYR J 466 -27.43 40.79 93.34
C TYR J 466 -27.77 40.10 94.67
N GLN J 467 -28.55 40.76 95.53
CA GLN J 467 -29.01 40.10 96.75
C GLN J 467 -29.85 38.87 96.42
N LEU J 468 -30.72 38.99 95.42
CA LEU J 468 -31.56 37.87 95.02
C LEU J 468 -30.72 36.70 94.52
N VAL J 469 -29.73 36.99 93.67
CA VAL J 469 -28.88 35.91 93.16
C VAL J 469 -28.11 35.27 94.29
N LYS J 470 -27.71 36.06 95.29
CA LYS J 470 -26.96 35.51 96.40
C LYS J 470 -27.82 34.57 97.24
N THR J 471 -29.07 34.97 97.48
CA THR J 471 -29.96 34.14 98.26
C THR J 471 -30.31 32.85 97.53
N LEU J 472 -30.66 32.96 96.25
CA LEU J 472 -31.01 31.78 95.48
C LEU J 472 -29.80 30.85 95.33
N GLY J 473 -28.61 31.42 95.17
CA GLY J 473 -27.42 30.60 95.05
C GLY J 473 -27.11 29.85 96.33
N GLU J 474 -27.32 30.50 97.46
CA GLU J 474 -27.08 29.83 98.74
C GLU J 474 -28.03 28.66 98.94
N GLN J 475 -29.29 28.82 98.54
CA GLN J 475 -30.22 27.70 98.62
C GLN J 475 -29.78 26.60 97.69
N LEU J 476 -29.43 26.96 96.45
CA LEU J 476 -29.05 25.94 95.48
C LEU J 476 -27.84 25.16 95.95
N ILE J 477 -26.85 25.85 96.52
CA ILE J 477 -25.66 25.17 97.04
C ILE J 477 -26.05 24.19 98.13
N GLU J 478 -26.92 24.61 99.04
CA GLU J 478 -27.33 23.69 100.10
C GLU J 478 -28.00 22.45 99.52
N ASN J 479 -28.88 22.64 98.54
CA ASN J 479 -29.52 21.49 97.91
C ASN J 479 -28.51 20.58 97.22
N CYS J 480 -27.55 21.17 96.49
CA CYS J 480 -26.60 20.37 95.73
C CYS J 480 -25.67 19.60 96.65
N LYS J 481 -25.34 20.14 97.82
CA LYS J 481 -24.51 19.41 98.76
C LYS J 481 -25.18 18.10 99.21
N GLN J 482 -26.52 18.07 99.26
CA GLN J 482 -27.20 16.88 99.75
C GLN J 482 -27.10 15.71 98.77
N VAL J 483 -27.04 15.99 97.47
CA VAL J 483 -27.21 14.97 96.45
C VAL J 483 -25.87 14.60 95.80
N LEU J 484 -24.76 14.83 96.48
CA LEU J 484 -23.46 14.56 95.87
C LEU J 484 -23.31 13.09 95.50
N ASP J 485 -23.67 12.19 96.41
CA ASP J 485 -23.55 10.77 96.19
C ASP J 485 -24.87 10.11 95.79
N VAL J 486 -25.88 10.91 95.46
CA VAL J 486 -27.19 10.39 95.12
C VAL J 486 -27.38 10.27 93.62
N ASP J 487 -28.11 9.25 93.18
CA ASP J 487 -28.35 9.06 91.76
C ASP J 487 -29.23 10.16 91.21
N PRO J 488 -28.94 10.61 89.98
CA PRO J 488 -29.76 11.63 89.35
C PRO J 488 -31.17 11.12 89.10
N VAL J 489 -32.13 12.03 89.10
CA VAL J 489 -33.53 11.65 89.02
C VAL J 489 -34.20 12.41 87.88
N TYR J 490 -35.20 11.75 87.29
CA TYR J 490 -36.03 12.38 86.31
C TYR J 490 -37.15 12.89 87.19
N LYS J 491 -37.47 14.16 87.09
CA LYS J 491 -38.46 14.79 87.95
C LYS J 491 -39.02 15.99 87.20
N ASP J 492 -40.23 15.83 86.67
CA ASP J 492 -40.85 16.91 85.90
C ASP J 492 -41.61 17.84 86.81
N VAL J 493 -41.33 19.13 86.69
CA VAL J 493 -41.97 20.14 87.53
C VAL J 493 -42.83 21.10 86.72
N ALA J 494 -43.02 20.83 85.43
CA ALA J 494 -43.78 21.74 84.59
C ALA J 494 -45.22 21.83 85.06
N LYS J 495 -45.88 22.93 84.78
CA LYS J 495 -47.28 23.04 85.14
C LYS J 495 -48.10 22.35 84.06
N PRO J 496 -48.93 21.38 84.46
CA PRO J 496 -49.78 20.68 83.50
C PRO J 496 -50.69 21.64 82.76
N THR J 497 -50.95 21.33 81.49
CA THR J 497 -51.76 22.19 80.63
C THR J 497 -52.88 21.39 80.01
N GLY J 498 -54.04 22.03 79.85
CA GLY J 498 -55.18 21.43 79.21
C GLY J 498 -55.47 22.09 77.88
N PRO J 499 -56.31 21.47 77.06
CA PRO J 499 -56.65 22.05 75.76
C PRO J 499 -57.60 23.22 75.91
N LYS J 500 -57.53 24.13 74.94
CA LYS J 500 -58.39 25.30 74.94
C LYS J 500 -58.54 25.81 73.51
N THR J 501 -59.76 25.81 73.02
CA THR J 501 -60.08 26.33 71.70
C THR J 501 -61.06 27.48 71.86
N ALA J 502 -60.80 28.57 71.14
CA ALA J 502 -61.64 29.76 71.19
C ALA J 502 -61.94 30.24 69.78
N ILE J 503 -63.13 30.80 69.61
CA ILE J 503 -63.58 31.30 68.31
C ILE J 503 -63.86 32.79 68.46
N ASP J 504 -63.11 33.61 67.73
CA ASP J 504 -63.21 35.05 67.86
C ASP J 504 -64.53 35.55 67.27
N LYS J 505 -64.70 36.88 67.27
CA LYS J 505 -65.91 37.47 66.72
C LYS J 505 -66.04 37.18 65.23
N ASN J 506 -64.92 37.28 64.49
CA ASN J 506 -64.88 37.04 63.06
C ASN J 506 -64.72 35.57 62.70
N GLY J 507 -64.97 34.66 63.63
CA GLY J 507 -64.82 33.25 63.35
C GLY J 507 -63.40 32.79 63.09
N ASN J 508 -62.43 33.34 63.81
CA ASN J 508 -61.05 32.85 63.76
C ASN J 508 -60.89 31.76 64.81
N ILE J 509 -60.31 30.64 64.40
CA ILE J 509 -60.12 29.49 65.29
C ILE J 509 -58.69 29.51 65.80
N THR J 510 -58.53 29.49 67.11
CA THR J 510 -57.23 29.44 67.76
C THR J 510 -57.25 28.37 68.83
N TYR J 511 -56.14 27.63 68.91
CA TYR J 511 -55.99 26.61 69.94
C TYR J 511 -54.82 26.98 70.82
N SER J 512 -55.00 26.84 72.13
CA SER J 512 -53.97 27.16 73.09
C SER J 512 -53.88 26.07 74.15
N GLU J 513 -52.69 25.94 74.74
CA GLU J 513 -52.49 24.98 75.82
C GLU J 513 -52.48 25.72 77.12
N GLU J 514 -53.65 25.99 77.67
CA GLU J 514 -53.78 26.73 78.91
C GLU J 514 -53.45 25.84 80.11
N PRO J 515 -52.86 26.40 81.16
CA PRO J 515 -52.66 25.63 82.39
C PRO J 515 -53.99 25.18 82.97
N ARG J 516 -53.99 23.99 83.57
CA ARG J 516 -55.20 23.45 84.15
C ARG J 516 -55.46 24.08 85.52
N GLU J 517 -56.74 24.34 85.79
CA GLU J 517 -57.09 25.13 86.97
C GLU J 517 -56.85 24.37 88.26
N LYS J 518 -57.23 23.09 88.30
CA LYS J 518 -57.17 22.33 89.53
C LYS J 518 -55.90 21.49 89.65
N VAL J 519 -55.21 21.24 88.55
CA VAL J 519 -54.00 20.41 88.54
C VAL J 519 -52.84 21.33 88.19
N ARG J 520 -51.99 21.61 89.16
CA ARG J 520 -50.83 22.47 88.96
C ARG J 520 -49.52 21.80 89.34
N LYS J 521 -49.54 20.51 89.66
CA LYS J 521 -48.34 19.70 89.86
C LYS J 521 -48.59 18.33 89.27
N LEU J 522 -47.51 17.56 89.11
CA LEU J 522 -47.67 16.20 88.63
C LEU J 522 -48.23 15.26 89.71
N SER J 523 -48.01 15.58 90.97
CA SER J 523 -48.56 14.78 92.05
C SER J 523 -50.07 14.91 92.03
N GLN J 524 -50.57 16.13 91.87
CA GLN J 524 -52.01 16.35 91.74
C GLN J 524 -52.55 15.66 90.50
N TYR J 525 -51.77 15.64 89.42
CA TYR J 525 -52.17 14.92 88.23
C TYR J 525 -52.33 13.43 88.50
N VAL J 526 -51.43 12.84 89.27
CA VAL J 526 -51.50 11.41 89.57
C VAL J 526 -52.72 11.13 90.43
N GLN J 527 -53.04 12.05 91.32
CA GLN J 527 -54.22 11.90 92.16
C GLN J 527 -55.46 11.96 91.29
N GLU J 528 -55.49 12.90 90.35
CA GLU J 528 -56.61 12.99 89.42
C GLU J 528 -56.77 11.70 88.63
N MET J 529 -55.66 11.16 88.11
CA MET J 529 -55.74 9.93 87.34
C MET J 529 -56.28 8.79 88.19
N ALA J 530 -55.82 8.69 89.44
CA ALA J 530 -56.27 7.61 90.30
C ALA J 530 -57.76 7.73 90.60
N LEU J 531 -58.27 8.95 90.72
CA LEU J 531 -59.69 9.11 91.02
C LEU J 531 -60.57 8.58 89.89
N GLY J 532 -60.14 8.77 88.65
CA GLY J 532 -61.02 8.42 87.56
C GLY J 532 -62.16 9.43 87.45
N GLY J 533 -63.27 8.98 86.89
CA GLY J 533 -64.41 9.84 86.71
C GLY J 533 -65.72 9.08 86.64
N PRO J 534 -66.82 9.83 86.56
CA PRO J 534 -68.13 9.16 86.41
C PRO J 534 -68.19 8.25 85.19
N ILE J 535 -67.52 8.61 84.10
CA ILE J 535 -67.61 7.82 82.89
C ILE J 535 -66.87 6.49 83.04
N THR J 536 -65.81 6.45 83.84
CA THR J 536 -65.05 5.22 84.06
C THR J 536 -65.57 4.42 85.24
N LYS J 537 -66.84 4.57 85.59
CA LYS J 537 -67.44 3.85 86.71
C LYS J 537 -68.33 2.74 86.17
N GLU J 538 -68.15 1.53 86.69
CA GLU J 538 -69.00 0.40 86.31
C GLU J 538 -70.07 0.18 87.36
N LYS J 624 -51.22 7.74 103.45
CA LYS J 624 -51.14 6.53 102.64
C LYS J 624 -50.94 6.88 101.16
N THR J 625 -50.67 5.87 100.34
CA THR J 625 -50.36 6.11 98.94
C THR J 625 -51.61 6.54 98.17
N VAL J 626 -51.37 6.96 96.92
CA VAL J 626 -52.47 7.43 96.09
C VAL J 626 -53.44 6.30 95.77
N SER J 627 -52.96 5.06 95.70
CA SER J 627 -53.82 3.94 95.34
C SER J 627 -54.90 3.68 96.40
N SER J 628 -54.74 4.22 97.61
CA SER J 628 -55.80 4.10 98.61
C SER J 628 -57.05 4.86 98.18
N THR J 629 -56.90 5.88 97.34
CA THR J 629 -58.01 6.75 96.98
C THR J 629 -58.77 6.29 95.74
N ILE J 630 -58.42 5.16 95.15
CA ILE J 630 -59.12 4.70 93.95
C ILE J 630 -60.52 4.27 94.38
N PRO J 631 -61.58 4.93 93.90
CA PRO J 631 -62.91 4.63 94.44
C PRO J 631 -63.36 3.23 94.08
N ARG J 632 -64.24 2.69 94.92
CA ARG J 632 -64.83 1.39 94.65
C ARG J 632 -65.70 1.47 93.40
N GLU J 633 -65.54 0.51 92.50
CA GLU J 633 -66.33 0.39 91.27
C GLU J 633 -66.04 1.48 90.25
N THR J 634 -64.86 2.09 90.26
CA THR J 634 -64.48 3.00 89.18
C THR J 634 -63.07 2.64 88.72
N ILE J 635 -62.86 2.78 87.41
CA ILE J 635 -61.58 2.47 86.78
C ILE J 635 -60.72 3.72 86.79
N PRO J 636 -59.46 3.63 87.24
CA PRO J 636 -58.57 4.79 87.09
C PRO J 636 -58.37 5.14 85.62
N PHE J 637 -58.08 6.41 85.37
CA PHE J 637 -57.78 6.85 84.01
C PHE J 637 -56.55 6.15 83.45
N LEU J 638 -55.58 5.83 84.30
CA LEU J 638 -54.46 4.98 83.93
C LEU J 638 -54.50 3.73 84.78
N HIS J 639 -54.38 2.56 84.15
CA HIS J 639 -54.48 1.31 84.89
C HIS J 639 -53.77 0.20 84.12
N LEU J 640 -53.49 -0.88 84.82
CA LEU J 640 -52.96 -2.10 84.24
C LEU J 640 -54.06 -3.15 84.13
N ARG J 641 -53.85 -4.10 83.23
CA ARG J 641 -54.81 -5.17 83.01
C ARG J 641 -54.17 -6.52 83.24
N LYS J 642 -55.00 -7.50 83.59
CA LYS J 642 -54.53 -8.85 83.80
C LYS J 642 -55.31 -9.76 82.88
N LYS J 643 -54.63 -10.73 82.27
CA LYS J 643 -55.31 -11.65 81.38
C LYS J 643 -56.05 -12.71 82.18
N THR J 644 -57.31 -12.93 81.84
CA THR J 644 -58.14 -13.91 82.51
C THR J 644 -57.85 -15.30 81.96
N PRO J 645 -58.31 -16.34 82.65
CA PRO J 645 -58.15 -17.70 82.10
C PRO J 645 -58.71 -17.84 80.70
N ALA J 646 -59.83 -17.17 80.40
CA ALA J 646 -60.39 -17.14 79.07
C ALA J 646 -59.54 -16.33 78.09
N GLY J 647 -58.55 -15.57 78.57
CA GLY J 647 -57.63 -14.89 77.69
C GLY J 647 -57.97 -13.47 77.34
N ASP J 648 -58.92 -12.86 78.03
CA ASP J 648 -59.24 -11.45 77.83
C ASP J 648 -58.54 -10.61 78.89
N TRP J 649 -58.11 -9.41 78.49
CA TRP J 649 -57.40 -8.52 79.40
C TRP J 649 -58.38 -7.62 80.12
N LYS J 650 -58.43 -7.73 81.43
CA LYS J 650 -59.36 -6.97 82.24
C LYS J 650 -58.60 -6.12 83.24
N TYR J 651 -59.23 -5.02 83.64
CA TYR J 651 -58.62 -4.12 84.62
C TYR J 651 -58.31 -4.86 85.91
N ASP J 652 -57.09 -4.69 86.41
CA ASP J 652 -56.65 -5.31 87.66
C ASP J 652 -56.37 -4.21 88.67
N ARG J 653 -57.02 -4.30 89.82
CA ARG J 653 -56.88 -3.27 90.85
C ARG J 653 -55.49 -3.29 91.47
N GLN J 654 -54.97 -4.47 91.80
CA GLN J 654 -53.67 -4.54 92.48
C GLN J 654 -52.53 -4.06 91.58
N LEU J 655 -52.50 -4.52 90.34
CA LEU J 655 -51.45 -4.10 89.43
C LEU J 655 -51.53 -2.60 89.15
N SER J 656 -52.75 -2.08 88.98
CA SER J 656 -52.91 -0.65 88.77
C SER J 656 -52.48 0.14 90.00
N SER J 657 -52.72 -0.41 91.18
CA SER J 657 -52.25 0.25 92.40
C SER J 657 -50.74 0.31 92.43
N LEU J 658 -50.08 -0.79 92.04
CA LEU J 658 -48.63 -0.76 91.92
C LEU J 658 -48.17 0.35 90.97
N PHE J 659 -48.79 0.39 89.78
CA PHE J 659 -48.38 1.37 88.77
C PHE J 659 -48.58 2.80 89.28
N LEU J 660 -49.73 3.07 89.89
CA LEU J 660 -50.05 4.43 90.32
C LEU J 660 -49.22 4.85 91.52
N ASP J 661 -48.89 3.93 92.43
CA ASP J 661 -47.96 4.24 93.50
C ASP J 661 -46.59 4.58 92.95
N GLY J 662 -46.12 3.81 91.95
CA GLY J 662 -44.87 4.17 91.31
C GLY J 662 -44.91 5.56 90.70
N LEU J 663 -46.01 5.91 90.06
CA LEU J 663 -46.14 7.24 89.48
C LEU J 663 -46.13 8.32 90.55
N GLU J 664 -46.77 8.06 91.68
CA GLU J 664 -46.82 9.02 92.77
C GLU J 664 -45.40 9.27 93.27
N LYS J 665 -44.66 8.21 93.53
CA LYS J 665 -43.27 8.36 93.95
C LYS J 665 -42.47 9.14 92.91
N ALA J 666 -42.66 8.83 91.63
CA ALA J 666 -41.91 9.53 90.60
C ALA J 666 -42.21 11.02 90.63
N ALA J 667 -43.46 11.40 90.86
CA ALA J 667 -43.82 12.81 90.83
C ALA J 667 -43.22 13.55 92.01
N PHE J 668 -43.13 12.90 93.15
CA PHE J 668 -42.64 13.55 94.36
C PHE J 668 -41.13 13.48 94.48
N ASN J 669 -40.57 12.28 94.53
CA ASN J 669 -39.12 12.15 94.71
C ASN J 669 -38.35 12.04 93.42
N GLY J 670 -39.01 11.89 92.28
CA GLY J 670 -38.29 11.63 91.05
C GLY J 670 -37.83 10.20 90.98
N VAL J 671 -37.32 9.79 89.84
CA VAL J 671 -36.96 8.39 89.60
C VAL J 671 -35.65 8.36 88.83
N THR J 672 -34.77 7.44 89.20
CA THR J 672 -33.45 7.33 88.57
C THR J 672 -33.46 6.21 87.53
N PHE J 673 -32.78 6.46 86.42
CA PHE J 673 -32.54 5.47 85.37
C PHE J 673 -31.05 5.20 85.22
N LYS J 674 -30.31 5.33 86.32
CA LYS J 674 -28.88 5.05 86.29
C LYS J 674 -28.64 3.60 85.88
N ASP J 675 -27.63 3.40 85.03
CA ASP J 675 -27.22 2.08 84.56
C ASP J 675 -28.25 1.40 83.67
N LYS J 676 -29.21 2.16 83.14
CA LYS J 676 -30.16 1.62 82.17
C LYS J 676 -29.70 1.97 80.76
N TYR J 677 -29.57 0.98 79.89
CA TYR J 677 -29.20 1.20 78.50
C TYR J 677 -30.49 1.11 77.70
N VAL J 678 -30.72 2.04 76.80
CA VAL J 678 -31.99 2.15 76.10
C VAL J 678 -31.74 2.48 74.64
N LEU J 679 -32.51 1.84 73.76
CA LEU J 679 -32.59 2.23 72.36
C LEU J 679 -34.00 2.75 72.09
N ILE J 680 -34.09 3.95 71.53
CA ILE J 680 -35.37 4.56 71.21
C ILE J 680 -35.35 5.03 69.77
N THR J 681 -36.41 4.71 69.04
CA THR J 681 -36.56 5.18 67.67
C THR J 681 -37.80 6.06 67.64
N GLY J 682 -37.89 6.99 66.69
CA GLY J 682 -39.04 7.87 66.58
C GLY J 682 -39.14 8.97 67.62
N ALA J 683 -38.01 9.46 68.12
CA ALA J 683 -38.00 10.49 69.16
C ALA J 683 -37.60 11.86 68.64
N GLY J 684 -38.01 12.18 67.43
CA GLY J 684 -37.71 13.49 66.88
C GLY J 684 -38.44 14.61 67.56
N LYS J 685 -38.06 15.85 67.27
CA LYS J 685 -38.69 17.01 67.89
C LYS J 685 -40.18 17.02 67.64
N GLY J 686 -40.95 17.31 68.68
CA GLY J 686 -42.39 17.35 68.57
C GLY J 686 -43.08 16.02 68.76
N SER J 687 -42.36 15.01 69.25
CA SER J 687 -42.93 13.69 69.43
C SER J 687 -43.00 13.30 70.89
N ILE J 688 -43.74 12.24 71.19
CA ILE J 688 -43.78 11.73 72.56
C ILE J 688 -42.39 11.20 72.88
N GLY J 689 -41.73 10.62 71.89
CA GLY J 689 -40.43 10.06 72.09
C GLY J 689 -39.40 11.06 72.54
N ALA J 690 -39.47 12.29 72.05
CA ALA J 690 -38.57 13.34 72.49
C ALA J 690 -38.72 13.61 73.97
N GLU J 691 -39.95 13.64 74.49
CA GLU J 691 -40.18 13.84 75.91
C GLU J 691 -39.72 12.64 76.72
N VAL J 692 -39.94 11.43 76.20
CA VAL J 692 -39.41 10.24 76.87
C VAL J 692 -37.90 10.29 76.95
N LEU J 693 -37.24 10.73 75.87
CA LEU J 693 -35.78 10.77 75.83
C LEU J 693 -35.24 11.76 76.85
N GLN J 694 -35.85 12.93 76.94
CA GLN J 694 -35.35 13.90 77.90
C GLN J 694 -35.56 13.41 79.33
N GLY J 695 -36.69 12.75 79.60
CA GLY J 695 -36.86 12.11 80.89
C GLY J 695 -35.79 11.07 81.18
N LEU J 696 -35.46 10.25 80.19
CA LEU J 696 -34.44 9.22 80.38
C LEU J 696 -33.09 9.84 80.71
N LEU J 697 -32.69 10.87 79.95
CA LEU J 697 -31.41 11.50 80.16
C LEU J 697 -31.35 12.20 81.51
N GLN J 698 -32.46 12.77 81.98
CA GLN J 698 -32.47 13.38 83.31
C GLN J 698 -32.17 12.37 84.40
N GLY J 699 -32.59 11.13 84.23
CA GLY J 699 -32.36 10.10 85.21
C GLY J 699 -31.06 9.34 85.07
N GLY J 700 -30.18 9.74 84.16
CA GLY J 700 -28.87 9.15 84.06
C GLY J 700 -28.72 8.01 83.08
N ALA J 701 -29.66 7.82 82.16
CA ALA J 701 -29.64 6.68 81.26
C ALA J 701 -28.59 6.84 80.16
N LYS J 702 -28.17 5.70 79.61
CA LYS J 702 -27.37 5.63 78.40
C LYS J 702 -28.32 5.33 77.25
N VAL J 703 -28.44 6.25 76.30
CA VAL J 703 -29.50 6.22 75.31
C VAL J 703 -28.89 6.28 73.91
N VAL J 704 -29.32 5.37 73.05
CA VAL J 704 -29.09 5.46 71.61
C VAL J 704 -30.39 5.94 70.98
N VAL J 705 -30.33 7.04 70.25
CA VAL J 705 -31.51 7.64 69.67
C VAL J 705 -31.31 7.67 68.16
N THR J 706 -32.26 7.13 67.43
CA THR J 706 -32.15 7.09 65.99
C THR J 706 -32.83 8.27 65.34
N THR J 707 -32.55 8.50 64.07
CA THR J 707 -33.21 9.57 63.34
C THR J 707 -33.25 9.25 61.86
N SER J 708 -34.34 9.57 61.23
CA SER J 708 -34.51 9.33 59.80
C SER J 708 -34.14 10.59 59.01
N ARG J 709 -33.89 11.71 59.70
CA ARG J 709 -33.49 12.96 59.03
C ARG J 709 -32.17 13.50 59.58
N PHE J 710 -31.12 12.72 59.50
CA PHE J 710 -29.84 13.13 60.05
C PHE J 710 -29.32 14.39 59.37
N SER J 711 -29.08 15.44 60.13
CA SER J 711 -28.63 16.71 59.57
C SER J 711 -27.92 17.52 60.62
N LYS J 712 -27.31 18.63 60.24
CA LYS J 712 -26.71 19.51 61.22
C LYS J 712 -27.77 19.99 62.19
N GLN J 713 -28.93 20.36 61.67
CA GLN J 713 -30.00 20.85 62.50
C GLN J 713 -30.41 19.84 63.56
N VAL J 714 -30.54 18.57 63.17
CA VAL J 714 -30.96 17.53 64.10
C VAL J 714 -29.88 17.23 65.13
N THR J 715 -28.62 17.18 64.71
CA THR J 715 -27.53 16.92 65.64
C THR J 715 -27.37 18.08 66.62
N ASP J 716 -27.58 19.30 66.18
CA ASP J 716 -27.53 20.46 67.08
C ASP J 716 -28.68 20.41 68.04
N TYR J 717 -29.87 20.04 67.57
CA TYR J 717 -31.02 19.88 68.46
C TYR J 717 -30.72 18.89 69.58
N TYR J 718 -30.14 17.74 69.25
CA TYR J 718 -29.84 16.74 70.27
C TYR J 718 -28.69 17.19 71.17
N GLN J 719 -27.73 17.91 70.64
CA GLN J 719 -26.64 18.41 71.47
C GLN J 719 -27.20 19.35 72.53
N SER J 720 -28.15 20.20 72.15
CA SER J 720 -28.75 21.12 73.10
C SER J 720 -29.61 20.37 74.10
N ILE J 721 -30.31 19.34 73.67
CA ILE J 721 -31.06 18.51 74.63
C ILE J 721 -30.12 17.92 75.66
N TYR J 722 -29.01 17.33 75.21
CA TYR J 722 -28.07 16.74 76.15
C TYR J 722 -27.46 17.78 77.08
N ALA J 723 -27.11 18.94 76.55
CA ALA J 723 -26.52 19.98 77.37
C ALA J 723 -27.51 20.46 78.42
N LYS J 724 -28.79 20.38 78.12
CA LYS J 724 -29.80 20.83 79.08
C LYS J 724 -30.14 19.75 80.11
N TYR J 725 -30.31 18.50 79.68
CA TYR J 725 -30.89 17.47 80.53
C TYR J 725 -29.95 16.33 80.89
N GLY J 726 -28.81 16.21 80.23
CA GLY J 726 -27.94 15.07 80.47
C GLY J 726 -27.33 15.04 81.85
N ALA J 727 -27.80 14.15 82.71
CA ALA J 727 -27.31 14.05 84.07
C ALA J 727 -25.97 13.32 84.12
N LYS J 728 -25.35 13.37 85.29
CA LYS J 728 -24.10 12.65 85.49
C LYS J 728 -24.21 11.19 85.14
N GLY J 729 -23.24 10.68 84.40
CA GLY J 729 -23.24 9.30 84.00
C GLY J 729 -24.11 8.99 82.79
N SER J 730 -24.85 9.95 82.28
CA SER J 730 -25.71 9.72 81.12
C SER J 730 -24.93 9.93 79.82
N THR J 731 -25.34 9.20 78.79
CA THR J 731 -24.75 9.31 77.46
C THR J 731 -25.87 9.33 76.43
N LEU J 732 -25.65 10.06 75.36
CA LEU J 732 -26.58 10.09 74.23
C LEU J 732 -25.81 9.78 72.96
N ILE J 733 -26.25 8.79 72.21
CA ILE J 733 -25.67 8.41 70.93
C ILE J 733 -26.74 8.64 69.88
N VAL J 734 -26.45 9.49 68.90
CA VAL J 734 -27.38 9.81 67.81
C VAL J 734 -26.87 9.13 66.54
N VAL J 735 -27.70 8.28 65.96
CA VAL J 735 -27.33 7.59 64.72
C VAL J 735 -28.39 7.80 63.65
N PRO J 736 -28.02 7.90 62.38
CA PRO J 736 -29.02 7.83 61.32
C PRO J 736 -29.58 6.42 61.20
N PHE J 737 -30.85 6.33 60.86
CA PHE J 737 -31.51 5.03 60.88
C PHE J 737 -32.74 5.08 59.99
N ASN J 738 -32.92 4.05 59.19
CA ASN J 738 -34.15 3.82 58.46
C ASN J 738 -34.75 2.53 59.02
N GLN J 739 -35.73 2.66 59.91
CA GLN J 739 -36.40 1.49 60.45
C GLN J 739 -37.09 0.68 59.36
N GLY J 740 -37.34 1.27 58.19
CA GLY J 740 -37.90 0.55 57.06
C GLY J 740 -36.94 -0.39 56.35
N SER J 741 -35.66 -0.38 56.69
CA SER J 741 -34.66 -1.22 56.06
C SER J 741 -34.21 -2.29 57.04
N LYS J 742 -34.34 -3.55 56.65
CA LYS J 742 -33.94 -4.64 57.54
C LYS J 742 -32.42 -4.69 57.72
N GLN J 743 -31.66 -4.29 56.70
CA GLN J 743 -30.21 -4.19 56.85
C GLN J 743 -29.83 -3.12 57.86
N ASP J 744 -30.56 -2.00 57.87
CA ASP J 744 -30.31 -0.98 58.87
C ASP J 744 -30.58 -1.51 60.28
N VAL J 745 -31.68 -2.25 60.45
CA VAL J 745 -32.02 -2.79 61.77
C VAL J 745 -30.92 -3.73 62.25
N GLU J 746 -30.49 -4.61 61.38
CA GLU J 746 -29.49 -5.58 61.76
C GLU J 746 -28.15 -4.90 62.06
N ALA J 747 -27.76 -3.95 61.22
CA ALA J 747 -26.51 -3.23 61.45
C ALA J 747 -26.55 -2.37 62.73
N LEU J 748 -27.70 -1.78 63.04
CA LEU J 748 -27.80 -0.98 64.26
C LEU J 748 -27.64 -1.84 65.50
N ILE J 749 -28.33 -2.98 65.54
CA ILE J 749 -28.21 -3.83 66.73
C ILE J 749 -26.80 -4.41 66.82
N GLU J 750 -26.24 -4.81 65.69
CA GLU J 750 -24.88 -5.30 65.68
C GLU J 750 -23.92 -4.22 66.20
N PHE J 751 -24.11 -2.97 65.79
CA PHE J 751 -23.28 -1.87 66.27
C PHE J 751 -23.43 -1.70 67.78
N ILE J 752 -24.66 -1.79 68.29
CA ILE J 752 -24.87 -1.62 69.72
C ILE J 752 -24.14 -2.70 70.50
N TYR J 753 -24.17 -3.93 70.05
CA TYR J 753 -23.57 -5.03 70.81
C TYR J 753 -22.08 -5.33 70.52
N ASP J 754 -21.54 -4.81 69.42
CA ASP J 754 -20.15 -5.05 69.09
C ASP J 754 -19.22 -4.41 70.10
N THR J 755 -18.10 -5.04 70.35
CA THR J 755 -17.10 -4.45 71.24
C THR J 755 -16.55 -3.17 70.69
N GLU J 756 -16.04 -2.34 71.56
CA GLU J 756 -15.50 -1.06 71.15
C GLU J 756 -14.26 -1.20 70.27
N LYS J 757 -13.47 -2.23 70.50
CA LYS J 757 -12.30 -2.48 69.68
C LYS J 757 -12.76 -2.81 68.30
N ASN J 758 -13.94 -3.39 68.21
CA ASN J 758 -14.53 -3.73 66.92
C ASN J 758 -15.34 -2.58 66.33
N GLY J 759 -15.35 -1.42 66.97
CA GLY J 759 -16.07 -0.28 66.45
C GLY J 759 -17.50 -0.14 66.93
N GLY J 760 -17.96 -1.00 67.84
CA GLY J 760 -19.29 -0.89 68.40
C GLY J 760 -19.28 -0.16 69.73
N LEU J 761 -20.44 -0.20 70.39
CA LEU J 761 -20.60 0.46 71.68
C LEU J 761 -20.27 -0.44 72.86
N GLY J 762 -20.35 -1.74 72.69
CA GLY J 762 -20.13 -2.66 73.80
C GLY J 762 -21.26 -2.66 74.81
N TRP J 763 -22.47 -2.30 74.38
CA TRP J 763 -23.60 -2.22 75.29
C TRP J 763 -24.42 -3.49 75.28
N ASP J 764 -25.32 -3.60 76.26
CA ASP J 764 -26.29 -4.69 76.34
C ASP J 764 -27.54 -3.91 76.71
N LEU J 765 -28.62 -3.98 75.94
CA LEU J 765 -29.78 -3.13 76.13
C LEU J 765 -30.67 -3.60 77.28
N ASP J 766 -31.20 -2.65 78.02
CA ASP J 766 -32.14 -2.95 79.09
C ASP J 766 -33.55 -2.57 78.64
N ALA J 767 -33.68 -1.85 77.54
CA ALA J 767 -34.99 -1.43 77.04
C ALA J 767 -34.98 -1.00 75.58
N ILE J 768 -36.04 -1.31 74.85
CA ILE J 768 -36.20 -0.91 73.45
C ILE J 768 -37.53 -0.18 73.35
N ILE J 769 -37.51 0.99 72.72
CA ILE J 769 -38.71 1.83 72.64
C ILE J 769 -38.93 2.16 71.18
N PRO J 770 -39.51 1.27 70.39
CA PRO J 770 -39.61 1.46 68.93
C PRO J 770 -40.84 2.27 68.51
N PHE J 771 -40.74 3.58 68.64
CA PHE J 771 -41.88 4.44 68.34
C PHE J 771 -41.89 5.04 66.93
N ALA J 772 -40.89 4.71 66.11
CA ALA J 772 -40.87 5.23 64.74
C ALA J 772 -42.15 4.88 64.01
N ALA J 773 -42.67 5.82 63.24
CA ALA J 773 -43.88 5.60 62.47
C ALA J 773 -43.96 6.62 61.35
N ILE J 774 -44.81 6.38 60.35
CA ILE J 774 -45.01 7.35 59.29
C ILE J 774 -46.50 7.54 59.08
N PRO J 775 -46.91 8.76 58.74
CA PRO J 775 -48.34 9.05 58.64
C PRO J 775 -49.08 8.48 57.43
N GLU J 776 -50.27 7.95 57.65
CA GLU J 776 -51.11 7.45 56.56
C GLU J 776 -52.45 8.18 56.70
N GLN J 777 -52.72 9.12 55.81
CA GLN J 777 -53.95 9.91 55.86
C GLN J 777 -54.72 9.76 54.57
N GLY J 778 -56.02 9.57 54.67
CA GLY J 778 -56.85 9.45 53.47
C GLY J 778 -56.65 8.16 52.72
N ILE J 779 -55.98 7.19 53.32
CA ILE J 779 -55.77 5.90 52.67
C ILE J 779 -56.81 4.94 53.19
N GLU J 780 -57.85 4.75 52.43
CA GLU J 780 -58.89 3.81 52.81
C GLU J 780 -58.53 2.43 52.26
N LEU J 781 -59.42 1.46 52.44
CA LEU J 781 -59.11 0.08 52.05
C LEU J 781 -58.65 -0.02 50.60
N GLU J 782 -59.31 0.68 49.69
CA GLU J 782 -58.99 0.53 48.27
C GLU J 782 -57.76 1.31 47.85
N HIS J 783 -57.26 2.20 48.69
CA HIS J 783 -56.06 2.95 48.37
C HIS J 783 -54.79 2.29 48.90
N ILE J 784 -54.91 1.21 49.64
CA ILE J 784 -53.75 0.57 50.24
C ILE J 784 -52.78 0.15 49.15
N ASP J 785 -51.58 0.71 49.18
CA ASP J 785 -50.63 0.58 48.09
C ASP J 785 -49.23 0.61 48.69
N SER J 786 -48.26 1.00 47.87
CA SER J 786 -46.85 0.95 48.24
C SER J 786 -46.58 1.62 49.58
N LYS J 787 -47.07 2.84 49.76
CA LYS J 787 -46.78 3.57 51.00
C LYS J 787 -47.31 2.83 52.21
N SER J 788 -48.53 2.30 52.13
CA SER J 788 -49.08 1.60 53.28
C SER J 788 -48.29 0.32 53.58
N GLU J 789 -47.83 -0.37 52.55
CA GLU J 789 -47.02 -1.56 52.78
C GLU J 789 -45.70 -1.21 53.45
N PHE J 790 -45.07 -0.12 53.03
CA PHE J 790 -43.83 0.32 53.65
C PHE J 790 -44.05 0.75 55.10
N ALA J 791 -45.12 1.50 55.36
CA ALA J 791 -45.44 1.87 56.73
C ALA J 791 -45.67 0.64 57.59
N HIS J 792 -46.36 -0.37 57.04
CA HIS J 792 -46.55 -1.61 57.76
C HIS J 792 -45.22 -2.26 58.08
N ARG J 793 -44.29 -2.26 57.12
CA ARG J 793 -42.96 -2.79 57.39
C ARG J 793 -42.33 -2.10 58.60
N ILE J 794 -42.29 -0.76 58.56
CA ILE J 794 -41.66 0.00 59.64
C ILE J 794 -42.30 -0.34 60.98
N MET J 795 -43.62 -0.30 61.04
CA MET J 795 -44.31 -0.26 62.32
C MET J 795 -44.65 -1.63 62.87
N LEU J 796 -44.34 -2.68 62.13
CA LEU J 796 -44.57 -3.99 62.67
C LEU J 796 -43.53 -4.99 62.30
N THR J 797 -43.18 -5.10 61.03
CA THR J 797 -42.36 -6.23 60.64
C THR J 797 -40.94 -6.04 61.14
N ASN J 798 -40.41 -4.83 60.94
CA ASN J 798 -39.06 -4.55 61.35
C ASN J 798 -38.96 -4.31 62.85
N ILE J 799 -40.06 -4.03 63.53
CA ILE J 799 -40.06 -4.08 65.00
C ILE J 799 -39.88 -5.52 65.47
N LEU J 800 -40.53 -6.46 64.84
CA LEU J 800 -40.32 -7.86 65.19
C LEU J 800 -38.89 -8.27 64.85
N ARG J 801 -38.37 -7.81 63.73
CA ARG J 801 -36.97 -8.08 63.37
C ARG J 801 -35.99 -7.47 64.40
N MET J 802 -36.28 -6.28 64.89
CA MET J 802 -35.41 -5.66 65.88
C MET J 802 -35.41 -6.46 67.18
N MET J 803 -36.59 -6.89 67.62
CA MET J 803 -36.66 -7.79 68.78
C MET J 803 -35.84 -9.05 68.52
N GLY J 804 -35.99 -9.66 67.35
CA GLY J 804 -35.25 -10.86 67.02
C GLY J 804 -33.75 -10.64 67.03
N CYS J 805 -33.29 -9.53 66.48
CA CYS J 805 -31.86 -9.21 66.45
C CYS J 805 -31.32 -9.06 67.87
N VAL J 806 -32.06 -8.41 68.75
CA VAL J 806 -31.60 -8.28 70.12
C VAL J 806 -31.56 -9.65 70.80
N LYS J 807 -32.56 -10.49 70.52
CA LYS J 807 -32.57 -11.82 71.09
C LYS J 807 -31.35 -12.63 70.66
N LYS J 808 -31.00 -12.53 69.38
CA LYS J 808 -29.84 -13.27 68.87
C LYS J 808 -28.53 -12.74 69.46
N GLN J 809 -28.39 -11.43 69.61
CA GLN J 809 -27.18 -10.89 70.18
C GLN J 809 -27.04 -11.34 71.63
N LYS J 810 -28.11 -11.27 72.39
CA LYS J 810 -28.06 -11.67 73.78
C LYS J 810 -27.77 -13.17 73.93
N SER J 811 -28.34 -14.00 73.06
CA SER J 811 -28.12 -15.43 73.19
C SER J 811 -26.75 -15.86 72.70
N ALA J 812 -26.21 -15.21 71.67
CA ALA J 812 -24.87 -15.54 71.22
C ALA J 812 -23.85 -15.33 72.32
N ARG J 813 -24.17 -14.49 73.29
CA ARG J 813 -23.26 -14.21 74.39
C ARG J 813 -23.73 -14.89 75.66
N GLY J 814 -24.69 -15.78 75.56
CA GLY J 814 -25.16 -16.52 76.71
C GLY J 814 -25.80 -15.68 77.79
N ILE J 815 -26.31 -14.50 77.44
CA ILE J 815 -26.95 -13.62 78.40
C ILE J 815 -28.38 -14.07 78.64
N GLU J 816 -28.67 -14.59 79.82
CA GLU J 816 -29.99 -15.10 80.14
C GLU J 816 -30.67 -14.39 81.29
N THR J 817 -29.99 -13.46 81.96
CA THR J 817 -30.50 -12.86 83.18
C THR J 817 -30.57 -11.35 83.07
N ARG J 818 -30.41 -10.81 81.88
CA ARG J 818 -30.51 -9.38 81.66
C ARG J 818 -31.48 -9.10 80.53
N PRO J 819 -32.78 -9.27 80.77
CA PRO J 819 -33.76 -9.09 79.69
C PRO J 819 -34.01 -7.62 79.28
N ALA J 820 -34.27 -7.36 78.00
CA ALA J 820 -34.58 -6.02 77.52
C ALA J 820 -36.09 -5.84 77.51
N GLN J 821 -36.56 -4.82 78.22
CA GLN J 821 -37.98 -4.51 78.23
C GLN J 821 -38.39 -3.77 76.97
N VAL J 822 -39.29 -4.35 76.22
CA VAL J 822 -39.78 -3.73 74.99
C VAL J 822 -41.08 -3.00 75.31
N ILE J 823 -41.10 -1.70 75.06
CA ILE J 823 -42.25 -0.86 75.32
C ILE J 823 -42.98 -0.69 73.98
N LEU J 824 -44.03 -1.45 73.80
CA LEU J 824 -44.71 -1.46 72.50
C LEU J 824 -45.70 -0.31 72.40
N PRO J 825 -45.63 0.53 71.37
CA PRO J 825 -46.63 1.60 71.24
C PRO J 825 -47.91 1.07 70.65
N MET J 826 -48.89 0.81 71.50
CA MET J 826 -50.15 0.22 71.05
C MET J 826 -51.25 1.25 70.95
N SER J 827 -52.28 0.94 70.19
CA SER J 827 -53.37 1.87 69.99
C SER J 827 -54.67 1.31 70.54
N PRO J 828 -55.53 2.19 71.07
CA PRO J 828 -56.81 1.73 71.59
C PRO J 828 -57.91 1.65 70.54
N ASN J 829 -57.67 2.13 69.33
CA ASN J 829 -58.69 2.22 68.29
C ASN J 829 -58.19 1.49 67.06
N HIS J 830 -58.73 0.30 66.82
CA HIS J 830 -58.33 -0.48 65.67
C HIS J 830 -59.39 -0.39 64.60
N GLY J 831 -59.14 0.40 63.57
CA GLY J 831 -60.06 0.56 62.47
C GLY J 831 -61.24 1.47 62.74
N THR J 832 -61.27 2.15 63.88
CA THR J 832 -62.45 2.89 64.30
C THR J 832 -62.60 4.20 63.54
N PHE J 833 -61.51 4.78 63.05
CA PHE J 833 -61.59 6.05 62.34
C PHE J 833 -61.52 5.90 60.84
N GLY J 834 -60.80 4.91 60.34
CA GLY J 834 -60.68 4.70 58.91
C GLY J 834 -59.72 5.69 58.28
N GLY J 835 -59.38 5.41 57.03
CA GLY J 835 -58.54 6.30 56.26
C GLY J 835 -57.08 6.31 56.62
N ASP J 836 -56.61 5.36 57.42
CA ASP J 836 -55.23 5.35 57.90
C ASP J 836 -54.42 4.18 57.33
N GLY J 837 -54.77 3.70 56.14
CA GLY J 837 -53.95 2.70 55.49
C GLY J 837 -53.92 1.40 56.28
N MET J 838 -52.72 0.98 56.68
CA MET J 838 -52.53 -0.23 57.45
C MET J 838 -52.08 0.07 58.88
N TYR J 839 -52.29 1.28 59.35
CA TYR J 839 -51.93 1.62 60.73
C TYR J 839 -52.58 0.71 61.73
N SER J 840 -53.87 0.52 61.61
CA SER J 840 -54.59 -0.27 62.61
C SER J 840 -54.20 -1.74 62.53
N GLU J 841 -53.91 -2.25 61.33
CA GLU J 841 -53.41 -3.61 61.19
C GLU J 841 -52.09 -3.79 61.93
N SER J 842 -51.14 -2.88 61.70
CA SER J 842 -49.86 -2.91 62.41
C SER J 842 -50.08 -2.91 63.93
N LYS J 843 -50.86 -1.96 64.42
CA LYS J 843 -51.04 -1.81 65.86
C LYS J 843 -51.68 -3.04 66.47
N LEU J 844 -52.71 -3.56 65.84
CA LEU J 844 -53.37 -4.75 66.36
C LEU J 844 -52.45 -5.97 66.30
N SER J 845 -51.61 -6.07 65.27
CA SER J 845 -50.71 -7.19 65.16
C SER J 845 -49.68 -7.27 66.29
N LEU J 846 -49.26 -6.12 66.82
CA LEU J 846 -48.29 -6.10 67.91
C LEU J 846 -48.81 -6.87 69.10
N GLU J 847 -50.13 -6.97 69.24
CA GLU J 847 -50.66 -7.63 70.43
C GLU J 847 -50.41 -9.15 70.51
N THR J 848 -49.98 -9.78 69.43
CA THR J 848 -49.65 -11.20 69.47
C THR J 848 -48.49 -11.47 70.41
N LEU J 849 -47.63 -10.48 70.62
CA LEU J 849 -46.44 -10.66 71.44
C LEU J 849 -46.74 -11.00 72.89
N PHE J 850 -47.89 -10.61 73.39
CA PHE J 850 -48.28 -10.96 74.74
C PHE J 850 -48.29 -12.46 74.90
N ASN J 851 -48.77 -13.16 73.88
CA ASN J 851 -48.86 -14.63 73.93
C ASN J 851 -47.60 -15.31 73.43
N ARG J 852 -46.92 -14.74 72.43
CA ARG J 852 -45.70 -15.34 71.93
C ARG J 852 -44.57 -15.33 72.97
N TRP J 853 -44.66 -14.46 73.95
CA TRP J 853 -43.66 -14.42 75.01
C TRP J 853 -43.73 -15.72 75.75
N HIS J 854 -44.94 -16.21 76.00
CA HIS J 854 -45.12 -17.48 76.66
C HIS J 854 -44.94 -18.71 75.79
N SER J 855 -45.19 -18.60 74.48
CA SER J 855 -45.18 -19.79 73.64
C SER J 855 -43.86 -20.07 72.94
N GLU J 856 -42.90 -19.16 73.02
CA GLU J 856 -41.64 -19.37 72.32
C GLU J 856 -40.45 -19.45 73.28
N SER J 857 -39.24 -19.20 72.78
CA SER J 857 -38.05 -19.34 73.61
C SER J 857 -37.19 -18.08 73.76
N TRP J 858 -37.82 -16.91 73.76
CA TRP J 858 -37.07 -15.66 73.85
C TRP J 858 -37.43 -14.88 75.10
N ALA J 859 -38.19 -15.45 76.01
CA ALA J 859 -38.65 -14.72 77.19
C ALA J 859 -37.54 -14.31 78.17
N ASN J 860 -36.40 -14.98 78.17
CA ASN J 860 -35.28 -14.60 79.03
C ASN J 860 -34.48 -13.43 78.46
N GLN J 861 -34.62 -13.15 77.17
CA GLN J 861 -33.89 -12.06 76.55
C GLN J 861 -34.76 -10.83 76.35
N LEU J 862 -36.08 -10.97 76.35
CA LEU J 862 -36.97 -9.86 76.11
C LEU J 862 -38.21 -9.99 76.98
N THR J 863 -38.71 -8.85 77.43
CA THR J 863 -39.94 -8.80 78.17
C THR J 863 -40.87 -7.91 77.37
N VAL J 864 -42.16 -7.97 77.61
CA VAL J 864 -43.17 -7.27 76.83
C VAL J 864 -43.94 -6.34 77.75
N CYS J 865 -43.96 -5.06 77.42
CA CYS J 865 -44.75 -4.07 78.14
C CYS J 865 -45.59 -3.32 77.09
N GLY J 866 -46.87 -3.66 77.02
CA GLY J 866 -47.74 -3.02 76.06
C GLY J 866 -48.33 -1.74 76.63
N ALA J 867 -48.12 -0.63 75.94
CA ALA J 867 -48.64 0.66 76.36
C ALA J 867 -49.71 1.08 75.36
N ILE J 868 -50.96 1.09 75.80
CA ILE J 868 -52.07 1.56 74.98
C ILE J 868 -52.12 3.07 75.16
N ILE J 869 -51.54 3.79 74.20
CA ILE J 869 -51.41 5.24 74.32
C ILE J 869 -52.66 6.01 73.99
N GLY J 870 -53.04 6.92 74.86
CA GLY J 870 -54.27 7.68 74.68
C GLY J 870 -54.15 8.92 73.84
N TRP J 871 -55.23 9.69 73.76
CA TRP J 871 -55.25 10.92 72.99
C TRP J 871 -54.16 11.87 73.45
N THR J 872 -53.13 12.06 72.64
CA THR J 872 -51.99 12.88 73.03
C THR J 872 -51.94 14.09 72.11
N ARG J 873 -52.23 15.26 72.65
CA ARG J 873 -52.25 16.47 71.83
C ARG J 873 -50.88 16.94 71.40
N GLY J 874 -50.69 17.25 70.12
CA GLY J 874 -49.44 17.84 69.66
C GLY J 874 -48.48 17.03 68.81
N THR J 875 -48.82 15.79 68.48
CA THR J 875 -47.86 14.95 67.74
C THR J 875 -48.08 14.96 66.25
N GLY J 876 -47.22 14.28 65.51
CA GLY J 876 -47.38 14.18 64.07
C GLY J 876 -48.54 13.25 63.78
N LEU J 877 -48.94 12.47 64.77
CA LEU J 877 -50.04 11.52 64.58
C LEU J 877 -51.37 12.07 65.05
N MET J 878 -51.37 13.16 65.81
CA MET J 878 -52.64 13.65 66.35
C MET J 878 -52.83 15.17 66.32
N SER J 879 -51.83 15.90 65.84
CA SER J 879 -51.90 17.36 65.85
C SER J 879 -53.19 17.94 65.25
N ALA J 880 -53.65 17.37 64.15
CA ALA J 880 -54.86 17.88 63.49
C ALA J 880 -56.13 17.83 64.33
N ASN J 881 -56.08 17.27 65.53
CA ASN J 881 -57.27 17.12 66.36
C ASN J 881 -57.22 17.94 67.64
N ASN J 882 -56.25 18.84 67.79
CA ASN J 882 -56.17 19.62 69.02
C ASN J 882 -57.45 20.41 69.26
N ILE J 883 -58.18 20.78 68.20
CA ILE J 883 -59.28 21.72 68.33
C ILE J 883 -60.53 21.11 68.96
N ILE J 884 -60.66 19.79 68.97
CA ILE J 884 -61.82 19.14 69.59
C ILE J 884 -61.49 18.52 70.94
N ALA J 885 -60.25 18.67 71.40
CA ALA J 885 -59.84 18.05 72.66
C ALA J 885 -60.67 18.57 73.82
N GLU J 886 -61.03 19.86 73.79
CA GLU J 886 -61.81 20.44 74.89
C GLU J 886 -63.19 19.80 75.00
N GLY J 887 -63.89 19.62 73.87
CA GLY J 887 -65.18 18.96 73.92
C GLY J 887 -65.08 17.51 74.32
N ILE J 888 -64.06 16.82 73.80
CA ILE J 888 -63.82 15.44 74.22
C ILE J 888 -63.69 15.38 75.73
N GLU J 889 -62.92 16.31 76.30
CA GLU J 889 -62.78 16.34 77.76
C GLU J 889 -64.09 16.67 78.44
N LYS J 890 -64.91 17.54 77.84
CA LYS J 890 -66.22 17.83 78.40
C LYS J 890 -67.02 16.56 78.57
N MET J 891 -66.78 15.56 77.71
CA MET J 891 -67.44 14.28 77.95
C MET J 891 -66.97 13.57 79.23
N GLY J 892 -66.03 14.13 79.98
CA GLY J 892 -65.51 13.47 81.15
C GLY J 892 -64.29 12.61 80.91
N VAL J 893 -63.65 12.76 79.76
CA VAL J 893 -62.49 11.98 79.38
C VAL J 893 -61.26 12.87 79.47
N ARG J 894 -60.09 12.26 79.55
CA ARG J 894 -58.84 12.98 79.71
C ARG J 894 -57.98 12.83 78.46
N THR J 895 -57.59 13.95 77.87
CA THR J 895 -56.53 13.99 76.88
C THR J 895 -55.21 14.35 77.55
N PHE J 896 -54.11 14.03 76.90
CA PHE J 896 -52.79 14.16 77.49
C PHE J 896 -51.89 15.05 76.65
N SER J 897 -51.11 15.90 77.32
CA SER J 897 -49.98 16.52 76.66
C SER J 897 -48.87 15.49 76.48
N GLN J 898 -47.95 15.78 75.55
CA GLN J 898 -46.85 14.88 75.29
C GLN J 898 -45.98 14.70 76.54
N LYS J 899 -45.86 15.74 77.35
CA LYS J 899 -45.11 15.62 78.58
C LYS J 899 -45.79 14.68 79.54
N GLU J 900 -47.12 14.75 79.65
CA GLU J 900 -47.87 13.84 80.51
C GLU J 900 -47.77 12.41 80.02
N MET J 901 -47.90 12.18 78.71
CA MET J 901 -47.80 10.82 78.20
C MET J 901 -46.40 10.26 78.40
N ALA J 902 -45.37 11.10 78.22
CA ALA J 902 -44.01 10.64 78.48
C ALA J 902 -43.83 10.26 79.94
N PHE J 903 -44.42 11.02 80.84
CA PHE J 903 -44.36 10.68 82.27
C PHE J 903 -45.07 9.36 82.50
N ASN J 904 -46.22 9.13 81.86
CA ASN J 904 -46.92 7.86 81.98
C ASN J 904 -46.02 6.71 81.51
N LEU J 905 -45.38 6.87 80.37
CA LEU J 905 -44.55 5.80 79.81
C LEU J 905 -43.34 5.54 80.68
N LEU J 906 -42.65 6.60 81.11
CA LEU J 906 -41.51 6.43 82.00
C LEU J 906 -41.92 5.75 83.30
N GLY J 907 -43.19 5.87 83.69
CA GLY J 907 -43.71 5.06 84.77
C GLY J 907 -43.53 3.56 84.55
N LEU J 908 -43.45 3.12 83.31
CA LEU J 908 -43.26 1.69 83.02
C LEU J 908 -41.81 1.26 83.09
N LEU J 909 -40.89 2.17 83.39
CA LEU J 909 -39.48 1.81 83.48
C LEU J 909 -39.00 1.81 84.93
N THR J 910 -39.91 2.02 85.88
CA THR J 910 -39.53 1.95 87.28
C THR J 910 -39.19 0.51 87.64
N PRO J 911 -38.43 0.30 88.72
CA PRO J 911 -38.03 -1.07 89.08
C PRO J 911 -39.21 -2.00 89.30
N GLU J 912 -40.31 -1.51 89.87
CA GLU J 912 -41.44 -2.38 90.20
C GLU J 912 -42.13 -2.89 88.94
N VAL J 913 -42.41 -2.00 87.99
CA VAL J 913 -43.01 -2.44 86.73
C VAL J 913 -42.02 -3.30 85.94
N VAL J 914 -40.74 -3.01 86.04
CA VAL J 914 -39.75 -3.82 85.34
C VAL J 914 -39.76 -5.25 85.87
N GLU J 915 -39.82 -5.42 87.19
CA GLU J 915 -39.93 -6.75 87.76
C GLU J 915 -41.24 -7.41 87.37
N LEU J 916 -42.32 -6.64 87.38
CA LEU J 916 -43.61 -7.17 86.94
C LEU J 916 -43.53 -7.73 85.52
N CYS J 917 -42.92 -6.99 84.61
CA CYS J 917 -42.78 -7.45 83.23
C CYS J 917 -41.95 -8.72 83.16
N GLN J 918 -40.94 -8.86 84.01
CA GLN J 918 -40.15 -10.07 84.01
C GLN J 918 -40.98 -11.25 84.51
N LYS J 919 -42.03 -10.98 85.27
CA LYS J 919 -42.91 -12.06 85.71
C LYS J 919 -43.81 -12.53 84.58
N SER J 920 -44.43 -11.59 83.88
CA SER J 920 -45.28 -11.91 82.74
C SER J 920 -45.61 -10.59 82.05
N PRO J 921 -45.98 -10.65 80.77
CA PRO J 921 -46.22 -9.39 80.05
C PRO J 921 -47.27 -8.52 80.74
N VAL J 922 -46.98 -7.22 80.72
CA VAL J 922 -47.88 -6.27 81.32
C VAL J 922 -48.55 -5.46 80.24
N MET J 923 -49.80 -5.09 80.46
CA MET J 923 -50.54 -4.28 79.52
C MET J 923 -51.00 -3.04 80.26
N ALA J 924 -50.52 -1.89 79.82
CA ALA J 924 -50.82 -0.62 80.47
C ALA J 924 -51.81 0.15 79.61
N ASP J 925 -52.93 0.53 80.21
CA ASP J 925 -53.96 1.33 79.56
C ASP J 925 -53.74 2.79 79.95
N LEU J 926 -53.19 3.57 79.03
CA LEU J 926 -52.94 4.99 79.24
C LEU J 926 -53.91 5.83 78.43
N ASN J 927 -55.16 5.39 78.35
CA ASN J 927 -56.15 5.97 77.45
C ASN J 927 -57.06 7.00 78.11
N GLY J 928 -56.99 7.18 79.43
CA GLY J 928 -57.77 8.23 80.07
C GLY J 928 -59.28 8.09 79.90
N GLY J 929 -59.78 6.87 79.87
CA GLY J 929 -61.20 6.64 79.78
C GLY J 929 -61.82 6.90 78.42
N LEU J 930 -61.02 7.13 77.38
CA LEU J 930 -61.60 7.40 76.07
C LEU J 930 -62.39 6.21 75.54
N GLN J 931 -62.02 4.99 75.96
CA GLN J 931 -62.74 3.81 75.49
C GLN J 931 -64.20 3.79 75.93
N PHE J 932 -64.57 4.61 76.90
CA PHE J 932 -65.93 4.62 77.40
C PHE J 932 -66.85 5.55 76.63
N VAL J 933 -66.33 6.32 75.69
CA VAL J 933 -67.15 7.16 74.83
C VAL J 933 -67.66 6.30 73.69
N PRO J 934 -68.98 6.13 73.51
CA PRO J 934 -69.47 5.32 72.40
C PRO J 934 -69.51 6.08 71.08
N GLU J 935 -69.39 5.32 69.99
CA GLU J 935 -69.39 5.87 68.64
C GLU J 935 -68.41 7.03 68.53
N LEU J 936 -67.14 6.72 68.78
CA LEU J 936 -66.14 7.77 68.92
C LEU J 936 -65.95 8.54 67.62
N LYS J 937 -65.93 7.84 66.49
CA LYS J 937 -65.72 8.51 65.22
C LYS J 937 -66.81 9.55 64.97
N GLU J 938 -68.08 9.17 65.14
CA GLU J 938 -69.17 10.10 64.91
C GLU J 938 -69.14 11.25 65.92
N PHE J 939 -68.84 10.95 67.17
CA PHE J 939 -68.75 12.01 68.18
C PHE J 939 -67.71 13.05 67.80
N THR J 940 -66.51 12.60 67.41
CA THR J 940 -65.45 13.55 67.09
C THR J 940 -65.77 14.30 65.80
N ALA J 941 -66.37 13.62 64.82
CA ALA J 941 -66.79 14.32 63.60
C ALA J 941 -67.82 15.39 63.91
N LYS J 942 -68.75 15.09 64.82
CA LYS J 942 -69.75 16.09 65.20
C LYS J 942 -69.11 17.31 65.85
N LEU J 943 -68.15 17.08 66.76
CA LEU J 943 -67.44 18.18 67.37
C LEU J 943 -66.74 19.02 66.32
N ARG J 944 -66.07 18.36 65.39
CA ARG J 944 -65.30 19.08 64.39
C ARG J 944 -66.22 19.90 63.48
N LYS J 945 -67.35 19.33 63.07
CA LYS J 945 -68.25 20.06 62.19
C LYS J 945 -68.92 21.21 62.94
N GLU J 946 -69.21 21.03 64.22
CA GLU J 946 -69.76 22.12 65.00
C GLU J 946 -68.81 23.30 64.94
N LEU J 947 -67.54 23.06 65.22
CA LEU J 947 -66.56 24.14 65.23
C LEU J 947 -66.38 24.77 63.88
N VAL J 948 -66.26 23.95 62.85
CA VAL J 948 -66.05 24.49 61.51
C VAL J 948 -67.24 25.34 61.09
N GLU J 949 -68.43 24.88 61.40
CA GLU J 949 -69.61 25.63 61.00
C GLU J 949 -69.64 26.97 61.73
N THR J 950 -69.44 26.95 63.04
CA THR J 950 -69.48 28.20 63.78
C THR J 950 -68.46 29.18 63.19
N SER J 951 -67.25 28.72 62.93
CA SER J 951 -66.22 29.60 62.37
C SER J 951 -66.66 30.18 61.03
N GLU J 952 -67.12 29.32 60.11
CA GLU J 952 -67.46 29.78 58.77
C GLU J 952 -68.65 30.72 58.80
N VAL J 953 -69.67 30.40 59.58
CA VAL J 953 -70.83 31.27 59.66
C VAL J 953 -70.40 32.64 60.14
N ARG J 954 -69.68 32.68 61.25
CA ARG J 954 -69.29 33.97 61.80
C ARG J 954 -68.46 34.76 60.80
N LYS J 955 -67.51 34.12 60.12
CA LYS J 955 -66.70 34.83 59.16
C LYS J 955 -67.55 35.41 58.04
N ALA J 956 -68.47 34.61 57.49
CA ALA J 956 -69.28 35.07 56.37
C ALA J 956 -70.18 36.22 56.78
N VAL J 957 -70.83 36.09 57.94
CA VAL J 957 -71.70 37.15 58.42
C VAL J 957 -70.90 38.44 58.63
N SER J 958 -69.72 38.33 59.23
CA SER J 958 -68.92 39.52 59.48
C SER J 958 -68.51 40.19 58.16
N ILE J 959 -68.10 39.40 57.17
CA ILE J 959 -67.74 39.98 55.88
C ILE J 959 -68.92 40.72 55.28
N GLU J 960 -70.11 40.11 55.33
CA GLU J 960 -71.26 40.73 54.70
C GLU J 960 -71.66 42.01 55.42
N THR J 961 -71.60 42.00 56.76
CA THR J 961 -71.92 43.21 57.52
C THR J 961 -70.93 44.33 57.20
N ALA J 962 -69.65 43.98 57.10
CA ALA J 962 -68.65 44.99 56.74
C ALA J 962 -68.91 45.57 55.36
N LEU J 963 -69.24 44.71 54.39
CA LEU J 963 -69.48 45.20 53.05
C LEU J 963 -70.71 46.09 52.99
N GLU J 964 -71.77 45.72 53.72
CA GLU J 964 -72.95 46.57 53.78
C GLU J 964 -72.62 47.92 54.40
N HIS J 965 -71.82 47.93 55.47
CA HIS J 965 -71.41 49.20 56.06
C HIS J 965 -70.63 50.03 55.06
N LYS J 966 -69.73 49.39 54.33
CA LYS J 966 -68.86 50.10 53.39
C LYS J 966 -69.64 50.66 52.21
N VAL J 967 -70.78 50.05 51.85
CA VAL J 967 -71.58 50.59 50.76
C VAL J 967 -72.56 51.65 51.25
N VAL J 968 -73.13 51.47 52.44
CA VAL J 968 -74.10 52.44 52.95
C VAL J 968 -73.41 53.73 53.35
N ASN J 969 -72.27 53.65 54.02
CA ASN J 969 -71.59 54.82 54.53
C ASN J 969 -70.42 55.28 53.67
N GLY J 970 -70.04 54.51 52.66
CA GLY J 970 -69.00 54.93 51.76
C GLY J 970 -67.62 54.91 52.41
N ASN J 971 -66.65 55.46 51.69
CA ASN J 971 -65.27 55.48 52.16
C ASN J 971 -65.02 56.62 53.15
N GLN J 979 -54.00 52.91 59.28
CA GLN J 979 -52.85 53.53 59.93
C GLN J 979 -51.62 53.43 59.04
N VAL J 980 -50.82 54.49 59.03
CA VAL J 980 -49.57 54.50 58.28
C VAL J 980 -48.50 53.78 59.11
N GLU J 981 -47.85 52.80 58.49
CA GLU J 981 -46.85 51.97 59.14
C GLU J 981 -45.47 52.38 58.65
N ILE J 982 -44.48 52.33 59.53
CA ILE J 982 -43.12 52.76 59.23
C ILE J 982 -42.20 51.56 59.20
N GLN J 983 -41.44 51.42 58.12
CA GLN J 983 -40.52 50.30 57.93
C GLN J 983 -39.15 50.71 58.45
N PRO J 984 -38.44 49.84 59.17
CA PRO J 984 -37.07 50.18 59.58
C PRO J 984 -36.15 50.37 58.37
N ARG J 985 -35.24 51.34 58.48
CA ARG J 985 -34.14 51.52 57.56
C ARG J 985 -32.83 51.31 58.30
N ALA J 986 -31.91 50.58 57.67
CA ALA J 986 -30.65 50.25 58.33
C ALA J 986 -29.87 51.52 58.66
N ASN J 987 -29.39 51.60 59.89
CA ASN J 987 -28.59 52.74 60.37
C ASN J 987 -27.31 52.18 60.97
N ILE J 988 -26.32 51.91 60.12
CA ILE J 988 -25.09 51.27 60.59
C ILE J 988 -24.26 52.19 61.47
N GLN J 989 -23.91 51.71 62.66
CA GLN J 989 -23.14 52.50 63.60
C GLN J 989 -21.69 52.08 63.64
N LEU J 990 -20.82 52.96 64.11
CA LEU J 990 -19.40 52.64 64.21
C LEU J 990 -19.11 51.93 65.52
N ASP J 991 -19.99 52.05 66.51
CA ASP J 991 -19.83 51.35 67.78
C ASP J 991 -18.60 51.78 68.58
N PHE J 992 -18.48 53.07 68.85
CA PHE J 992 -17.39 53.54 69.69
C PHE J 992 -17.73 53.15 71.12
N PRO J 993 -16.72 52.94 71.96
CA PRO J 993 -16.97 52.57 73.36
C PRO J 993 -17.80 53.60 74.09
N GLU J 994 -18.72 53.15 74.95
CA GLU J 994 -19.50 54.07 75.75
C GLU J 994 -18.65 54.66 76.86
N LEU J 995 -18.77 55.95 77.09
CA LEU J 995 -18.00 56.63 78.14
C LEU J 995 -18.88 57.05 79.29
N LYS J 996 -18.60 56.54 80.48
CA LYS J 996 -19.45 56.82 81.63
C LYS J 996 -19.19 58.18 82.27
N PRO J 997 -20.00 58.55 83.26
CA PRO J 997 -19.70 59.79 83.97
C PRO J 997 -18.46 59.57 84.80
N TYR J 998 -17.70 60.63 85.07
CA TYR J 998 -16.44 60.47 85.79
C TYR J 998 -16.63 59.81 87.15
N LYS J 999 -17.82 59.90 87.72
CA LYS J 999 -18.09 59.35 89.03
C LYS J 999 -18.03 57.83 89.00
N GLN J 1000 -18.75 57.21 88.07
CA GLN J 1000 -18.72 55.75 87.96
C GLN J 1000 -17.34 55.25 87.57
N VAL J 1001 -16.73 55.89 86.56
CA VAL J 1001 -15.45 55.43 86.09
C VAL J 1001 -14.43 55.55 87.22
N LYS J 1002 -14.54 56.58 88.04
CA LYS J 1002 -13.71 56.69 89.23
C LYS J 1002 -13.99 55.57 90.21
N GLN J 1003 -15.24 55.13 90.30
CA GLN J 1003 -15.55 54.03 91.20
C GLN J 1003 -14.83 52.74 90.78
N ILE J 1004 -14.63 52.49 89.49
CA ILE J 1004 -14.06 51.18 89.07
C ILE J 1004 -12.61 50.90 89.46
N ALA J 1005 -11.74 51.89 89.38
CA ALA J 1005 -10.33 51.66 89.64
C ALA J 1005 -9.94 52.26 90.97
N PRO J 1006 -8.92 51.70 91.62
CA PRO J 1006 -8.48 52.21 92.92
C PRO J 1006 -8.31 53.73 92.92
N ALA J 1007 -8.64 54.37 94.03
CA ALA J 1007 -8.48 55.82 94.13
C ALA J 1007 -7.02 56.25 94.04
N GLU J 1008 -6.09 55.38 94.40
CA GLU J 1008 -4.67 55.72 94.37
C GLU J 1008 -4.08 55.73 92.97
N LEU J 1009 -4.84 55.28 91.96
CA LEU J 1009 -4.30 55.20 90.61
C LEU J 1009 -4.12 56.56 89.97
N GLU J 1010 -4.82 57.58 90.44
CA GLU J 1010 -4.75 58.89 89.80
C GLU J 1010 -3.36 59.50 89.95
N GLY J 1011 -2.73 59.79 88.82
CA GLY J 1011 -1.40 60.37 88.82
C GLY J 1011 -0.30 59.41 89.16
N LEU J 1012 -0.59 58.11 89.27
CA LEU J 1012 0.42 57.12 89.53
C LEU J 1012 1.05 56.59 88.25
N LEU J 1013 0.31 56.63 87.15
CA LEU J 1013 0.79 56.05 85.93
C LEU J 1013 1.34 57.02 84.91
N ASP J 1014 2.44 56.67 84.27
CA ASP J 1014 3.00 57.45 83.18
C ASP J 1014 2.24 57.07 81.91
N LEU J 1015 1.31 57.93 81.50
CA LEU J 1015 0.42 57.60 80.40
C LEU J 1015 1.14 57.57 79.06
N GLU J 1016 2.38 58.05 78.98
CA GLU J 1016 3.17 57.81 77.78
C GLU J 1016 3.64 56.38 77.68
N ARG J 1017 3.56 55.62 78.76
CA ARG J 1017 4.00 54.23 78.79
C ARG J 1017 2.85 53.24 78.81
N VAL J 1018 1.64 53.72 78.62
CA VAL J 1018 0.48 52.85 78.60
C VAL J 1018 -0.01 52.74 77.16
N ILE J 1019 -0.05 51.54 76.62
CA ILE J 1019 -0.45 51.33 75.24
C ILE J 1019 -1.92 50.97 75.15
N VAL J 1020 -2.66 51.61 74.28
CA VAL J 1020 -4.08 51.36 74.10
C VAL J 1020 -4.38 51.07 72.64
N VAL J 1021 -5.47 50.35 72.40
CA VAL J 1021 -5.99 50.08 71.07
C VAL J 1021 -7.08 51.12 70.79
N THR J 1022 -6.89 51.93 69.74
CA THR J 1022 -7.84 52.97 69.39
C THR J 1022 -8.65 52.66 68.14
N GLY J 1023 -8.39 51.55 67.48
CA GLY J 1023 -9.19 51.17 66.34
C GLY J 1023 -8.78 49.79 65.86
N PHE J 1024 -9.68 49.11 65.17
CA PHE J 1024 -9.41 47.78 64.67
C PHE J 1024 -10.33 47.45 63.52
N ALA J 1025 -9.96 46.49 62.71
CA ALA J 1025 -10.75 46.14 61.56
C ALA J 1025 -10.31 44.81 61.06
N GLU J 1026 -11.08 44.20 60.18
CA GLU J 1026 -10.66 42.97 59.58
C GLU J 1026 -11.36 42.65 58.30
N VAL J 1027 -10.70 41.92 57.43
CA VAL J 1027 -11.33 41.38 56.24
C VAL J 1027 -11.25 39.87 56.35
N GLY J 1028 -12.40 39.21 56.40
CA GLY J 1028 -12.42 37.78 56.62
C GLY J 1028 -13.60 37.08 56.00
N PRO J 1029 -13.77 35.79 56.30
CA PRO J 1029 -14.88 35.01 55.71
C PRO J 1029 -16.27 35.51 56.08
N TRP J 1030 -16.43 36.23 57.16
CA TRP J 1030 -17.74 36.78 57.53
C TRP J 1030 -17.79 38.28 57.34
N GLY J 1031 -17.03 38.81 56.40
CA GLY J 1031 -17.02 40.22 56.10
C GLY J 1031 -16.15 41.01 57.04
N SER J 1032 -16.65 42.15 57.47
CA SER J 1032 -15.92 43.02 58.37
C SER J 1032 -15.92 42.52 59.80
N ALA J 1033 -15.42 43.33 60.71
CA ALA J 1033 -15.42 42.98 62.13
C ALA J 1033 -16.82 43.14 62.71
N ARG J 1034 -17.59 44.08 62.19
CA ARG J 1034 -18.97 44.25 62.64
C ARG J 1034 -19.84 43.04 62.30
N THR J 1035 -19.80 42.60 61.06
CA THR J 1035 -20.63 41.47 60.64
C THR J 1035 -20.11 40.16 61.21
N ARG J 1036 -18.79 40.00 61.29
CA ARG J 1036 -18.22 38.82 61.91
C ARG J 1036 -18.63 38.73 63.37
N TRP J 1037 -18.65 39.85 64.07
CA TRP J 1037 -19.03 39.83 65.47
C TRP J 1037 -20.51 39.50 65.62
N GLU J 1038 -21.35 40.07 64.77
CA GLU J 1038 -22.76 39.71 64.83
C GLU J 1038 -22.94 38.20 64.67
N MET J 1039 -22.27 37.63 63.67
CA MET J 1039 -22.37 36.20 63.46
C MET J 1039 -21.80 35.41 64.64
N GLU J 1040 -20.68 35.86 65.21
CA GLU J 1040 -20.02 35.16 66.30
C GLU J 1040 -20.85 35.18 67.57
N ALA J 1041 -21.36 36.35 67.95
CA ALA J 1041 -22.03 36.49 69.23
C ALA J 1041 -23.50 36.06 69.16
N PHE J 1042 -24.19 36.43 68.08
CA PHE J 1042 -25.64 36.18 68.02
C PHE J 1042 -26.11 35.13 67.02
N GLY J 1043 -25.23 34.63 66.17
CA GLY J 1043 -25.58 33.58 65.25
C GLY J 1043 -26.40 33.99 64.04
N GLU J 1044 -26.76 35.26 63.92
CA GLU J 1044 -27.52 35.69 62.76
C GLU J 1044 -27.43 37.21 62.64
N PHE J 1045 -27.77 37.71 61.46
CA PHE J 1045 -27.54 39.11 61.13
C PHE J 1045 -28.74 39.98 61.50
N SER J 1046 -28.46 41.12 62.11
CA SER J 1046 -29.45 42.17 62.26
C SER J 1046 -29.72 42.82 60.90
N LEU J 1047 -30.57 43.84 60.89
CA LEU J 1047 -30.83 44.58 59.65
C LEU J 1047 -29.58 45.31 59.18
N GLU J 1048 -28.89 45.98 60.09
CA GLU J 1048 -27.66 46.66 59.73
C GLU J 1048 -26.61 45.65 59.26
N GLY J 1049 -26.49 44.50 59.91
CA GLY J 1049 -25.57 43.49 59.45
C GLY J 1049 -25.95 42.92 58.10
N CYS J 1050 -27.24 42.67 57.87
CA CYS J 1050 -27.66 42.13 56.59
C CYS J 1050 -27.38 43.12 55.47
N VAL J 1051 -27.68 44.40 55.69
CA VAL J 1051 -27.41 45.41 54.66
C VAL J 1051 -25.91 45.52 54.41
N GLU J 1052 -25.10 45.47 55.47
CA GLU J 1052 -23.66 45.56 55.27
C GLU J 1052 -23.14 44.35 54.50
N MET J 1053 -23.63 43.15 54.81
CA MET J 1053 -23.19 41.97 54.08
C MET J 1053 -23.63 42.03 52.62
N ALA J 1054 -24.85 42.49 52.37
CA ALA J 1054 -25.33 42.61 51.00
C ALA J 1054 -24.49 43.60 50.21
N TRP J 1055 -24.15 44.72 50.81
CA TRP J 1055 -23.29 45.71 50.16
C TRP J 1055 -21.86 45.19 49.96
N ILE J 1056 -21.31 44.47 50.93
CA ILE J 1056 -19.98 43.90 50.78
C ILE J 1056 -19.94 42.92 49.62
N MET J 1057 -20.94 42.05 49.54
CA MET J 1057 -20.96 41.01 48.52
C MET J 1057 -21.40 41.52 47.16
N GLY J 1058 -21.74 42.80 47.03
CA GLY J 1058 -22.15 43.35 45.77
C GLY J 1058 -23.56 43.02 45.35
N PHE J 1059 -24.40 42.52 46.26
CA PHE J 1059 -25.79 42.25 45.92
C PHE J 1059 -26.56 43.55 45.68
N ILE J 1060 -26.27 44.58 46.47
CA ILE J 1060 -26.99 45.84 46.40
C ILE J 1060 -26.00 46.98 46.19
N SER J 1061 -26.50 48.05 45.61
CA SER J 1061 -25.68 49.22 45.39
C SER J 1061 -26.57 50.42 45.59
N TYR J 1062 -26.00 51.55 45.90
CA TYR J 1062 -26.75 52.76 46.15
C TYR J 1062 -27.04 53.50 44.85
N HIS J 1063 -28.21 54.11 44.78
CA HIS J 1063 -28.62 54.90 43.62
C HIS J 1063 -29.20 56.22 44.09
N ASN J 1064 -28.89 57.28 43.36
CA ASN J 1064 -29.46 58.60 43.64
C ASN J 1064 -29.70 59.29 42.30
N GLY J 1065 -30.95 59.28 41.85
CA GLY J 1065 -31.30 59.92 40.60
C GLY J 1065 -32.61 59.37 40.07
N ASN J 1066 -32.84 59.61 38.78
CA ASN J 1066 -34.04 59.11 38.14
C ASN J 1066 -33.88 57.63 37.82
N LEU J 1067 -34.88 56.84 38.19
CA LEU J 1067 -34.88 55.41 37.95
C LEU J 1067 -36.24 55.05 37.38
N LYS J 1068 -36.26 54.64 36.10
CA LYS J 1068 -37.50 54.45 35.35
C LYS J 1068 -38.29 55.75 35.31
N GLY J 1069 -37.60 56.85 35.12
CA GLY J 1069 -38.23 58.17 35.10
C GLY J 1069 -38.37 58.80 36.47
N ARG J 1070 -38.99 58.10 37.40
CA ARG J 1070 -39.20 58.66 38.72
C ARG J 1070 -37.87 58.80 39.47
N PRO J 1071 -37.71 59.84 40.29
CA PRO J 1071 -36.50 59.93 41.11
C PRO J 1071 -36.47 58.85 42.18
N TYR J 1072 -35.27 58.39 42.51
CA TYR J 1072 -35.08 57.37 43.53
C TYR J 1072 -33.80 57.63 44.31
N THR J 1073 -33.88 57.45 45.62
CA THR J 1073 -32.73 57.53 46.51
C THR J 1073 -32.79 56.32 47.43
N GLY J 1074 -31.85 55.39 47.26
CA GLY J 1074 -31.82 54.22 48.09
C GLY J 1074 -31.08 53.08 47.41
N TRP J 1075 -31.27 51.89 47.97
CA TRP J 1075 -30.59 50.69 47.48
C TRP J 1075 -31.32 50.14 46.26
N VAL J 1076 -30.55 49.69 45.28
CA VAL J 1076 -31.08 48.94 44.14
C VAL J 1076 -30.32 47.63 44.05
N ASP J 1077 -30.98 46.61 43.51
CA ASP J 1077 -30.30 45.37 43.19
C ASP J 1077 -29.22 45.64 42.16
N SER J 1078 -28.01 45.16 42.42
CA SER J 1078 -26.88 45.51 41.57
C SER J 1078 -27.06 44.99 40.15
N LYS J 1079 -27.66 43.82 40.00
CA LYS J 1079 -27.81 43.22 38.68
C LYS J 1079 -28.98 43.84 37.92
N THR J 1080 -30.20 43.72 38.46
CA THR J 1080 -31.39 44.20 37.76
C THR J 1080 -31.61 45.70 37.89
N LYS J 1081 -30.99 46.35 38.87
CA LYS J 1081 -31.16 47.77 39.17
C LYS J 1081 -32.55 48.10 39.69
N GLU J 1082 -33.33 47.11 40.10
CA GLU J 1082 -34.63 47.39 40.68
C GLU J 1082 -34.49 47.89 42.11
N PRO J 1083 -35.36 48.82 42.55
CA PRO J 1083 -35.27 49.32 43.92
C PRO J 1083 -35.43 48.19 44.94
N VAL J 1084 -34.71 48.32 46.04
CA VAL J 1084 -34.79 47.38 47.16
C VAL J 1084 -34.95 48.19 48.44
N ASP J 1085 -35.98 47.87 49.21
CA ASP J 1085 -36.14 48.44 50.53
C ASP J 1085 -35.27 47.70 51.53
N ASP J 1086 -34.83 48.43 52.56
CA ASP J 1086 -33.99 47.81 53.59
C ASP J 1086 -34.70 46.63 54.22
N LYS J 1087 -36.01 46.76 54.48
CA LYS J 1087 -36.75 45.68 55.11
C LYS J 1087 -36.75 44.42 54.26
N ASP J 1088 -36.61 44.55 52.94
CA ASP J 1088 -36.67 43.42 52.03
C ASP J 1088 -35.31 42.78 51.79
N VAL J 1089 -34.23 43.36 52.31
CA VAL J 1089 -32.90 42.84 52.03
C VAL J 1089 -32.76 41.44 52.59
N LYS J 1090 -33.22 41.20 53.80
CA LYS J 1090 -33.16 39.87 54.37
C LYS J 1090 -33.84 38.83 53.49
N ALA J 1091 -35.10 39.08 53.12
CA ALA J 1091 -35.84 38.14 52.32
C ALA J 1091 -35.20 37.92 50.96
N LYS J 1092 -34.76 38.99 50.33
CA LYS J 1092 -34.16 38.88 49.01
C LYS J 1092 -32.84 38.13 49.03
N TYR J 1093 -32.00 38.37 50.04
CA TYR J 1093 -30.59 38.04 49.92
C TYR J 1093 -30.03 37.15 51.01
N GLU J 1094 -30.54 37.23 52.23
CA GLU J 1094 -29.97 36.49 53.34
C GLU J 1094 -29.55 35.07 53.01
N THR J 1095 -30.38 34.32 52.31
CA THR J 1095 -30.06 32.93 52.02
C THR J 1095 -28.81 32.81 51.18
N SER J 1096 -28.67 33.66 50.18
CA SER J 1096 -27.47 33.65 49.34
C SER J 1096 -26.26 34.22 50.09
N ILE J 1097 -26.47 35.21 50.95
CA ILE J 1097 -25.39 35.73 51.78
C ILE J 1097 -24.81 34.62 52.64
N LEU J 1098 -25.68 33.86 53.31
CA LEU J 1098 -25.21 32.79 54.18
C LEU J 1098 -24.61 31.65 53.38
N GLU J 1099 -25.10 31.38 52.17
CA GLU J 1099 -24.54 30.31 51.38
C GLU J 1099 -23.15 30.61 50.86
N HIS J 1100 -22.80 31.88 50.72
CA HIS J 1100 -21.52 32.28 50.15
C HIS J 1100 -20.67 33.06 51.14
N SER J 1101 -20.75 32.70 52.42
CA SER J 1101 -19.96 33.32 53.48
C SER J 1101 -19.43 32.23 54.39
N GLY J 1102 -18.36 32.52 55.13
CA GLY J 1102 -17.81 31.56 56.07
C GLY J 1102 -17.21 30.29 55.49
N ILE J 1103 -17.06 29.26 56.31
CA ILE J 1103 -16.48 28.00 55.86
C ILE J 1103 -17.42 27.32 54.90
N ARG J 1104 -16.94 27.02 53.71
CA ARG J 1104 -17.79 26.44 52.69
C ARG J 1104 -16.95 25.78 51.63
N LEU J 1105 -17.58 25.09 50.71
CA LEU J 1105 -16.86 24.48 49.62
C LEU J 1105 -16.03 25.51 48.86
N ILE J 1106 -14.83 25.12 48.47
CA ILE J 1106 -13.94 26.02 47.76
C ILE J 1106 -14.55 26.38 46.42
N GLU J 1107 -14.58 27.69 46.12
CA GLU J 1107 -15.17 28.19 44.89
C GLU J 1107 -14.07 28.53 43.90
N PRO J 1108 -13.89 27.76 42.82
CA PRO J 1108 -12.73 27.98 41.94
C PRO J 1108 -12.62 29.39 41.39
N GLU J 1109 -13.74 30.06 41.17
CA GLU J 1109 -13.69 31.40 40.61
C GLU J 1109 -12.96 32.39 41.53
N LEU J 1110 -12.86 32.08 42.81
CA LEU J 1110 -12.18 32.96 43.75
C LEU J 1110 -10.69 32.68 43.82
N PHE J 1111 -10.23 31.61 43.20
CA PHE J 1111 -8.84 31.21 43.27
C PHE J 1111 -8.30 30.85 41.90
N ASN J 1112 -8.52 31.72 40.92
CA ASN J 1112 -7.96 31.53 39.58
C ASN J 1112 -8.24 30.17 39.01
N GLY J 1113 -9.47 29.70 39.14
CA GLY J 1113 -9.86 28.44 38.58
C GLY J 1113 -9.45 27.22 39.36
N TYR J 1114 -8.84 27.38 40.53
CA TYR J 1114 -8.39 26.24 41.31
C TYR J 1114 -9.56 25.35 41.69
N ASN J 1115 -9.49 24.07 41.36
CA ASN J 1115 -10.51 23.14 41.72
C ASN J 1115 -9.81 21.96 42.36
N PRO J 1116 -10.04 21.77 43.66
CA PRO J 1116 -9.38 20.65 44.35
C PRO J 1116 -9.83 19.28 43.86
N GLU J 1117 -10.96 19.19 43.17
CA GLU J 1117 -11.40 17.90 42.64
C GLU J 1117 -10.64 17.52 41.37
N LYS J 1118 -10.09 18.49 40.66
CA LYS J 1118 -9.29 18.22 39.46
C LYS J 1118 -8.05 19.08 39.55
N LYS J 1119 -7.00 18.57 40.16
CA LYS J 1119 -5.77 19.32 40.38
C LYS J 1119 -4.77 18.99 39.29
N GLU J 1120 -4.33 20.00 38.55
CA GLU J 1120 -3.45 19.74 37.42
C GLU J 1120 -2.02 19.38 37.77
N MET J 1121 -1.50 18.36 37.13
CA MET J 1121 -0.14 17.96 37.30
C MET J 1121 0.45 17.73 35.91
N ILE J 1122 1.75 17.55 35.85
CA ILE J 1122 2.48 17.30 34.63
C ILE J 1122 3.33 16.04 34.80
N GLN J 1123 3.30 15.16 33.81
CA GLN J 1123 4.06 13.91 33.86
C GLN J 1123 5.05 13.84 32.70
N GLU J 1124 6.31 13.56 33.00
CA GLU J 1124 7.32 13.47 31.95
C GLU J 1124 7.21 12.14 31.23
N VAL J 1125 7.11 12.18 29.92
CA VAL J 1125 7.03 10.97 29.12
C VAL J 1125 8.06 11.03 28.00
N ILE J 1126 8.83 9.96 27.81
CA ILE J 1126 9.75 9.93 26.68
C ILE J 1126 8.98 9.54 25.43
N VAL J 1127 9.12 10.36 24.39
CA VAL J 1127 8.46 10.08 23.12
C VAL J 1127 8.97 8.76 22.55
N GLU J 1128 8.04 7.89 22.16
CA GLU J 1128 8.39 6.61 21.57
C GLU J 1128 8.49 6.67 20.06
N GLU J 1129 7.73 7.56 19.42
CA GLU J 1129 7.77 7.73 17.97
C GLU J 1129 7.72 9.22 17.65
N ASP J 1130 8.34 9.59 16.52
CA ASP J 1130 8.33 10.97 16.07
C ASP J 1130 6.92 11.54 16.12
N LEU J 1131 6.84 12.81 16.50
CA LEU J 1131 5.58 13.53 16.48
C LEU J 1131 5.30 14.07 15.08
N GLU J 1132 4.08 14.53 14.89
CA GLU J 1132 3.76 15.27 13.68
C GLU J 1132 4.35 16.67 13.78
N PRO J 1133 4.97 17.18 12.72
CA PRO J 1133 5.53 18.53 12.77
C PRO J 1133 4.48 19.57 13.08
N PHE J 1134 4.88 20.59 13.84
CA PHE J 1134 4.03 21.74 14.13
C PHE J 1134 4.82 23.02 13.88
N GLU J 1135 4.11 24.09 13.58
CA GLU J 1135 4.76 25.33 13.18
C GLU J 1135 5.06 26.19 14.40
N ALA J 1136 6.06 27.06 14.25
CA ALA J 1136 6.46 27.96 15.33
C ALA J 1136 7.33 29.05 14.72
N SER J 1137 7.41 30.17 15.44
CA SER J 1137 8.28 31.26 15.01
C SER J 1137 9.73 30.85 15.15
N LYS J 1138 10.61 31.61 14.48
CA LYS J 1138 12.01 31.26 14.44
C LYS J 1138 12.63 31.24 15.84
N GLU J 1139 12.33 32.24 16.66
CA GLU J 1139 12.86 32.28 18.02
C GLU J 1139 12.38 31.08 18.83
N THR J 1140 11.08 30.77 18.76
CA THR J 1140 10.57 29.61 19.47
C THR J 1140 11.24 28.34 18.99
N ALA J 1141 11.39 28.20 17.67
CA ALA J 1141 11.98 26.99 17.14
C ALA J 1141 13.42 26.83 17.62
N GLU J 1142 14.16 27.93 17.67
CA GLU J 1142 15.53 27.87 18.16
C GLU J 1142 15.56 27.49 19.64
N GLN J 1143 14.59 27.97 20.42
CA GLN J 1143 14.52 27.56 21.82
C GLN J 1143 14.27 26.05 21.95
N PHE J 1144 13.38 25.52 21.13
CA PHE J 1144 13.16 24.08 21.12
C PHE J 1144 14.42 23.33 20.75
N LYS J 1145 15.13 23.80 19.72
CA LYS J 1145 16.37 23.15 19.31
C LYS J 1145 17.42 23.20 20.41
N HIS J 1146 17.54 24.35 21.07
CA HIS J 1146 18.48 24.49 22.17
C HIS J 1146 18.16 23.49 23.28
N GLN J 1147 16.87 23.34 23.61
CA GLN J 1147 16.49 22.39 24.65
C GLN J 1147 16.83 20.96 24.25
N HIS J 1148 16.41 20.53 23.07
CA HIS J 1148 16.38 19.12 22.72
C HIS J 1148 17.60 18.64 21.95
N GLY J 1149 18.40 19.54 21.41
CA GLY J 1149 19.58 19.11 20.69
C GLY J 1149 19.19 18.34 19.45
N ASP J 1150 19.71 17.12 19.32
CA ASP J 1150 19.47 16.33 18.11
C ASP J 1150 18.16 15.56 18.15
N LYS J 1151 17.43 15.58 19.27
CA LYS J 1151 16.13 14.92 19.34
C LYS J 1151 15.00 15.80 18.81
N VAL J 1152 15.33 16.87 18.08
CA VAL J 1152 14.33 17.68 17.40
C VAL J 1152 14.96 18.17 16.11
N ASP J 1153 14.12 18.33 15.09
CA ASP J 1153 14.53 18.89 13.81
C ASP J 1153 13.70 20.13 13.53
N ILE J 1154 14.36 21.24 13.23
CA ILE J 1154 13.70 22.49 12.88
C ILE J 1154 14.16 22.90 11.49
N PHE J 1155 13.21 23.27 10.65
CA PHE J 1155 13.52 23.67 9.28
C PHE J 1155 12.71 24.90 8.92
N GLU J 1156 13.40 25.90 8.40
CA GLU J 1156 12.70 27.09 7.92
C GLU J 1156 11.73 26.71 6.81
N ILE J 1157 10.59 27.39 6.78
CA ILE J 1157 9.64 27.25 5.69
C ILE J 1157 9.90 28.41 4.72
N PRO J 1158 10.36 28.14 3.50
CA PRO J 1158 10.80 29.25 2.65
C PRO J 1158 9.72 30.27 2.38
N GLU J 1159 8.46 29.83 2.25
CA GLU J 1159 7.40 30.75 1.85
C GLU J 1159 7.18 31.83 2.90
N THR J 1160 7.06 31.45 4.17
CA THR J 1160 6.56 32.34 5.20
C THR J 1160 7.62 32.81 6.19
N GLY J 1161 8.70 32.07 6.37
CA GLY J 1161 9.69 32.40 7.37
C GLY J 1161 9.48 31.73 8.71
N GLU J 1162 8.33 31.11 8.93
CA GLU J 1162 8.13 30.29 10.13
C GLU J 1162 8.99 29.03 10.02
N TYR J 1163 8.89 28.20 11.04
CA TYR J 1163 9.67 26.98 11.13
C TYR J 1163 8.77 25.82 11.46
N SER J 1164 9.17 24.64 11.03
CA SER J 1164 8.50 23.40 11.40
C SER J 1164 9.31 22.73 12.50
N VAL J 1165 8.63 22.23 13.53
CA VAL J 1165 9.28 21.61 14.67
C VAL J 1165 8.84 20.16 14.71
N LYS J 1166 9.81 19.25 14.66
CA LYS J 1166 9.53 17.83 14.64
C LYS J 1166 10.33 17.18 15.76
N LEU J 1167 9.64 16.81 16.84
CA LEU J 1167 10.27 16.03 17.89
C LEU J 1167 10.50 14.60 17.40
N LEU J 1168 11.60 14.01 17.86
CA LEU J 1168 12.02 12.70 17.39
C LEU J 1168 11.97 11.69 18.53
N LYS J 1169 12.22 10.44 18.21
CA LYS J 1169 12.25 9.40 19.22
C LYS J 1169 13.25 9.75 20.31
N GLY J 1170 12.87 9.50 21.56
CA GLY J 1170 13.71 9.78 22.69
C GLY J 1170 13.58 11.16 23.26
N ALA J 1171 12.82 12.04 22.62
CA ALA J 1171 12.61 13.38 23.14
C ALA J 1171 11.68 13.35 24.36
N THR J 1172 11.91 14.28 25.28
CA THR J 1172 11.12 14.38 26.50
C THR J 1172 9.91 15.27 26.27
N LEU J 1173 8.78 14.85 26.85
CA LEU J 1173 7.54 15.60 26.77
C LEU J 1173 6.86 15.57 28.13
N TYR J 1174 5.92 16.47 28.32
CA TYR J 1174 5.15 16.56 29.56
C TYR J 1174 3.67 16.49 29.23
N ILE J 1175 2.98 15.51 29.82
CA ILE J 1175 1.57 15.27 29.55
C ILE J 1175 0.77 15.68 30.78
N PRO J 1176 -0.14 16.63 30.68
CA PRO J 1176 -0.97 16.98 31.83
C PRO J 1176 -1.79 15.80 32.32
N LYS J 1177 -1.89 15.68 33.64
CA LYS J 1177 -2.76 14.71 34.29
C LYS J 1177 -3.41 15.41 35.48
N ALA J 1178 -4.52 14.86 35.93
CA ALA J 1178 -5.32 15.49 36.96
C ALA J 1178 -5.39 14.60 38.19
N LEU J 1179 -5.47 15.25 39.35
CA LEU J 1179 -5.47 14.57 40.63
C LEU J 1179 -6.67 15.02 41.44
N ARG J 1180 -7.19 14.12 42.25
CA ARG J 1180 -8.27 14.44 43.17
C ARG J 1180 -7.67 14.71 44.54
N PHE J 1181 -7.88 15.92 45.05
CA PHE J 1181 -7.40 16.29 46.36
C PHE J 1181 -8.58 16.21 47.31
N ASP J 1182 -8.34 15.88 48.56
CA ASP J 1182 -9.40 15.64 49.53
C ASP J 1182 -9.60 16.79 50.52
N ARG J 1183 -9.09 17.99 50.20
CA ARG J 1183 -9.37 19.18 51.01
C ARG J 1183 -10.27 20.00 50.10
N LEU J 1184 -11.55 20.11 50.41
CA LEU J 1184 -12.54 20.71 49.54
C LEU J 1184 -13.21 21.94 50.14
N VAL J 1185 -12.91 22.29 51.38
CA VAL J 1185 -13.62 23.32 52.12
C VAL J 1185 -12.61 24.30 52.70
N ALA J 1186 -12.97 25.58 52.70
CA ALA J 1186 -12.10 26.59 53.29
C ALA J 1186 -12.94 27.77 53.74
N GLY J 1187 -12.42 28.50 54.71
CA GLY J 1187 -12.99 29.78 55.08
C GLY J 1187 -12.61 30.84 54.08
N GLN J 1188 -13.56 31.28 53.26
CA GLN J 1188 -13.28 32.19 52.16
C GLN J 1188 -13.96 33.52 52.38
N ILE J 1189 -13.30 34.58 51.93
CA ILE J 1189 -13.91 35.91 51.99
C ILE J 1189 -15.19 35.88 51.17
N PRO J 1190 -16.27 36.54 51.61
CA PRO J 1190 -17.57 36.33 50.98
C PRO J 1190 -17.55 36.55 49.46
N THR J 1191 -18.20 35.65 48.75
CA THR J 1191 -18.28 35.75 47.30
C THR J 1191 -18.88 37.09 46.90
N GLY J 1192 -18.22 37.77 45.97
CA GLY J 1192 -18.61 39.10 45.57
C GLY J 1192 -17.80 40.20 46.20
N TRP J 1193 -17.04 39.90 47.25
CA TRP J 1193 -16.17 40.89 47.85
C TRP J 1193 -15.28 41.47 46.77
N ASN J 1194 -15.15 42.78 46.74
CA ASN J 1194 -14.37 43.43 45.69
C ASN J 1194 -13.78 44.72 46.21
N ALA J 1195 -12.48 44.90 46.02
CA ALA J 1195 -11.81 46.09 46.51
C ALA J 1195 -12.33 47.35 45.85
N LYS J 1196 -12.88 47.25 44.64
CA LYS J 1196 -13.49 48.42 44.02
C LYS J 1196 -14.66 48.96 44.84
N THR J 1197 -15.37 48.10 45.55
CA THR J 1197 -16.49 48.54 46.40
C THR J 1197 -16.00 49.48 47.49
N TYR J 1198 -14.79 49.25 47.99
CA TYR J 1198 -14.20 50.10 49.01
C TYR J 1198 -13.53 51.34 48.43
N GLY J 1199 -13.34 51.40 47.12
CA GLY J 1199 -12.78 52.58 46.49
C GLY J 1199 -11.38 52.45 45.94
N ILE J 1200 -10.85 51.24 45.82
CA ILE J 1200 -9.48 51.05 45.35
C ILE J 1200 -9.50 50.96 43.83
N SER J 1201 -8.73 51.85 43.20
CA SER J 1201 -8.67 51.92 41.74
C SER J 1201 -8.08 50.64 41.15
N ASP J 1202 -8.41 50.40 39.89
CA ASP J 1202 -8.01 49.14 39.27
C ASP J 1202 -6.56 49.11 38.80
N ASP J 1203 -5.87 50.25 38.73
CA ASP J 1203 -4.43 50.19 38.52
C ASP J 1203 -3.74 49.55 39.71
N ILE J 1204 -4.15 49.91 40.93
CA ILE J 1204 -3.66 49.23 42.11
C ILE J 1204 -4.06 47.76 42.07
N ILE J 1205 -5.32 47.48 41.74
CA ILE J 1205 -5.80 46.10 41.79
C ILE J 1205 -5.01 45.23 40.84
N SER J 1206 -4.69 45.74 39.66
CA SER J 1206 -3.89 44.99 38.71
C SER J 1206 -2.41 44.98 39.07
N GLN J 1207 -1.96 45.87 39.95
CA GLN J 1207 -0.56 45.86 40.32
C GLN J 1207 -0.26 44.84 41.43
N VAL J 1208 -1.03 44.83 42.51
CA VAL J 1208 -0.62 44.19 43.75
C VAL J 1208 -1.20 42.78 43.87
N ASP J 1209 -0.67 42.02 44.82
CA ASP J 1209 -1.20 40.70 45.13
C ASP J 1209 -2.49 40.93 45.92
N PRO J 1210 -3.45 40.00 45.78
CA PRO J 1210 -4.74 40.12 46.49
C PRO J 1210 -4.64 40.34 48.00
N ILE J 1211 -3.71 39.68 48.67
CA ILE J 1211 -3.52 39.87 50.11
C ILE J 1211 -3.35 41.35 50.42
N THR J 1212 -2.67 42.07 49.51
CA THR J 1212 -2.44 43.49 49.72
C THR J 1212 -3.76 44.26 49.71
N LEU J 1213 -4.70 43.87 48.88
CA LEU J 1213 -6.01 44.52 48.90
C LEU J 1213 -6.72 44.25 50.24
N PHE J 1214 -6.59 43.06 50.80
CA PHE J 1214 -7.19 42.78 52.10
C PHE J 1214 -6.58 43.69 53.14
N VAL J 1215 -5.27 43.87 53.09
CA VAL J 1215 -4.60 44.73 54.07
C VAL J 1215 -5.01 46.18 53.87
N LEU J 1216 -5.08 46.66 52.63
CA LEU J 1216 -5.40 48.08 52.40
C LEU J 1216 -6.79 48.41 52.94
N VAL J 1217 -7.77 47.55 52.64
CA VAL J 1217 -9.11 47.76 53.19
C VAL J 1217 -9.07 47.70 54.70
N SER J 1218 -8.33 46.75 55.29
CA SER J 1218 -8.32 46.61 56.74
C SER J 1218 -7.71 47.81 57.42
N VAL J 1219 -6.63 48.35 56.87
CA VAL J 1219 -5.98 49.53 57.46
C VAL J 1219 -6.92 50.74 57.38
N VAL J 1220 -7.56 50.94 56.22
CA VAL J 1220 -8.51 52.05 56.10
C VAL J 1220 -9.64 51.91 57.11
N GLU J 1221 -10.23 50.72 57.21
CA GLU J 1221 -11.30 50.53 58.17
C GLU J 1221 -10.83 50.70 59.61
N ALA J 1222 -9.64 50.21 59.93
CA ALA J 1222 -9.12 50.37 61.28
C ALA J 1222 -9.00 51.84 61.64
N PHE J 1223 -8.56 52.66 60.69
CA PHE J 1223 -8.48 54.09 60.96
C PHE J 1223 -9.88 54.71 61.10
N ILE J 1224 -10.85 54.24 60.32
CA ILE J 1224 -12.23 54.70 60.55
C ILE J 1224 -12.69 54.35 61.96
N ALA J 1225 -12.42 53.12 62.42
CA ALA J 1225 -12.77 52.72 63.81
C ALA J 1225 -12.05 53.57 64.84
N SER J 1226 -10.93 54.18 64.48
CA SER J 1226 -10.26 55.11 65.37
C SER J 1226 -10.80 56.53 65.23
N GLY J 1227 -11.74 56.76 64.34
CA GLY J 1227 -12.23 58.11 64.08
C GLY J 1227 -11.29 58.96 63.27
N ILE J 1228 -10.28 58.38 62.65
CA ILE J 1228 -9.30 59.11 61.85
C ILE J 1228 -9.64 58.81 60.40
N THR J 1229 -10.28 59.77 59.72
CA THR J 1229 -10.69 59.59 58.33
C THR J 1229 -9.58 60.05 57.39
N ASP J 1230 -8.80 61.05 57.77
CA ASP J 1230 -7.63 61.46 57.01
C ASP J 1230 -6.38 61.13 57.81
N PRO J 1231 -5.54 60.18 57.39
CA PRO J 1231 -4.38 59.83 58.21
C PRO J 1231 -3.41 60.98 58.45
N TYR J 1232 -3.37 61.99 57.57
CA TYR J 1232 -2.47 63.12 57.75
C TYR J 1232 -2.78 63.89 59.02
N GLU J 1233 -3.99 63.74 59.55
CA GLU J 1233 -4.30 64.37 60.83
C GLU J 1233 -3.34 63.91 61.92
N MET J 1234 -2.77 62.72 61.76
CA MET J 1234 -1.81 62.24 62.76
C MET J 1234 -0.64 63.20 62.89
N TYR J 1235 -0.22 63.82 61.79
CA TYR J 1235 0.95 64.68 61.79
C TYR J 1235 0.67 66.06 62.37
N LYS J 1236 -0.52 66.31 62.88
CA LYS J 1236 -0.78 67.55 63.59
C LYS J 1236 -0.34 67.34 65.03
N TYR J 1237 -0.16 66.08 65.46
CA TYR J 1237 0.20 65.76 66.83
C TYR J 1237 1.58 65.14 66.98
N VAL J 1238 2.04 64.47 65.95
CA VAL J 1238 3.32 63.80 66.01
C VAL J 1238 4.15 64.06 64.78
N HIS J 1239 5.46 63.87 64.88
CA HIS J 1239 6.33 64.02 63.73
C HIS J 1239 6.17 62.85 62.78
N VAL J 1240 6.57 63.03 61.52
CA VAL J 1240 6.45 61.97 60.52
C VAL J 1240 7.37 60.78 60.81
N SER J 1241 8.31 60.90 61.71
CA SER J 1241 9.15 59.77 62.08
C SER J 1241 8.55 58.93 63.20
N GLU J 1242 7.33 59.26 63.66
CA GLU J 1242 6.72 58.61 64.82
C GLU J 1242 5.45 57.81 64.56
N VAL J 1243 5.25 57.40 63.33
CA VAL J 1243 4.12 56.54 63.00
C VAL J 1243 4.69 55.26 62.40
N GLY J 1244 4.50 54.14 63.10
CA GLY J 1244 5.09 52.89 62.68
C GLY J 1244 4.11 51.93 62.04
N ASN J 1245 4.64 50.89 61.43
CA ASN J 1245 3.81 49.81 60.92
C ASN J 1245 4.57 48.55 61.32
N CYS J 1246 4.01 47.77 62.22
CA CYS J 1246 4.66 46.54 62.69
C CYS J 1246 3.90 45.28 62.28
N SER J 1247 2.91 45.42 61.41
CA SER J 1247 2.11 44.27 60.97
C SER J 1247 2.92 43.31 60.10
N GLY J 1248 2.54 42.03 60.05
CA GLY J 1248 3.30 41.06 59.29
C GLY J 1248 2.47 39.95 58.72
N SER J 1249 3.14 38.92 58.22
CA SER J 1249 2.48 37.85 57.49
C SER J 1249 3.27 36.56 57.66
N GLY J 1250 2.57 35.43 57.59
CA GLY J 1250 3.23 34.15 57.59
C GLY J 1250 3.95 33.86 56.28
N MET J 1251 3.32 34.22 55.17
CA MET J 1251 3.81 33.84 53.85
C MET J 1251 3.78 34.95 52.81
N GLY J 1252 3.10 36.07 53.06
CA GLY J 1252 3.12 37.15 52.09
C GLY J 1252 2.32 36.84 50.83
N GLY J 1253 2.76 37.40 49.71
CA GLY J 1253 2.03 37.35 48.47
C GLY J 1253 2.17 36.04 47.72
N VAL J 1254 1.50 34.99 48.19
CA VAL J 1254 1.72 33.66 47.66
C VAL J 1254 1.28 33.56 46.19
N SER J 1255 0.36 34.40 45.78
CA SER J 1255 -0.07 34.39 44.38
C SER J 1255 1.06 34.92 43.48
N ALA J 1256 1.82 35.89 43.95
CA ALA J 1256 2.98 36.36 43.20
C ALA J 1256 4.03 35.26 43.14
N LEU J 1257 4.17 34.48 44.22
CA LEU J 1257 5.08 33.35 44.22
C LEU J 1257 4.67 32.32 43.19
N ARG J 1258 3.38 32.03 43.10
CA ARG J 1258 2.90 31.13 42.06
C ARG J 1258 3.26 31.68 40.68
N GLY J 1259 3.07 32.97 40.47
CA GLY J 1259 3.48 33.60 39.23
C GLY J 1259 4.91 33.21 38.89
N MET J 1260 5.84 33.56 39.79
CA MET J 1260 7.26 33.37 39.52
C MET J 1260 7.62 31.91 39.30
N PHE J 1261 7.08 31.01 40.13
CA PHE J 1261 7.54 29.63 40.11
C PHE J 1261 6.82 28.76 39.10
N LYS J 1262 5.57 29.06 38.76
CA LYS J 1262 4.81 28.24 37.82
C LYS J 1262 4.41 28.99 36.57
N ASP J 1263 3.77 30.16 36.69
CA ASP J 1263 3.28 30.81 35.48
C ASP J 1263 4.43 31.17 34.56
N ARG J 1264 5.55 31.62 35.11
CA ARG J 1264 6.71 31.94 34.31
C ARG J 1264 7.29 30.68 33.68
N PHE J 1265 7.29 29.58 34.41
CA PHE J 1265 7.82 28.33 33.89
C PHE J 1265 7.04 27.84 32.68
N LYS J 1266 5.77 28.22 32.57
CA LYS J 1266 4.95 27.86 31.43
C LYS J 1266 4.83 28.98 30.41
N ASP J 1267 5.65 30.01 30.55
CA ASP J 1267 5.63 31.14 29.62
C ASP J 1267 4.30 31.82 29.53
N GLU J 1268 3.62 31.96 30.67
CA GLU J 1268 2.37 32.69 30.69
C GLU J 1268 2.76 34.15 30.81
N PRO J 1269 1.84 35.08 30.51
CA PRO J 1269 2.17 36.48 30.74
C PRO J 1269 2.20 36.80 32.23
N VAL J 1270 3.35 37.21 32.74
CA VAL J 1270 3.49 37.57 34.13
C VAL J 1270 4.11 38.97 34.18
N GLN J 1271 3.54 39.86 34.99
CA GLN J 1271 4.07 41.22 35.07
C GLN J 1271 5.55 41.19 35.43
N ASN J 1272 6.32 42.14 34.91
CA ASN J 1272 7.77 42.10 35.11
C ASN J 1272 8.26 42.31 36.54
N ASP J 1273 7.49 43.03 37.35
CA ASP J 1273 7.89 43.29 38.73
C ASP J 1273 7.17 42.37 39.72
N ILE J 1274 6.71 41.23 39.25
CA ILE J 1274 5.99 40.30 40.11
C ILE J 1274 6.74 39.99 41.40
N LEU J 1275 8.06 39.91 41.35
CA LEU J 1275 8.84 39.55 42.53
C LEU J 1275 8.64 40.48 43.72
N GLN J 1276 8.58 41.78 43.47
CA GLN J 1276 8.37 42.70 44.57
C GLN J 1276 7.03 42.46 45.27
N GLU J 1277 6.02 42.04 44.51
CA GLU J 1277 4.69 41.84 45.07
C GLU J 1277 4.57 40.61 45.96
N SER J 1278 5.59 39.76 46.02
CA SER J 1278 5.55 38.58 46.87
C SER J 1278 6.10 38.82 48.26
N PHE J 1279 6.90 39.87 48.46
CA PHE J 1279 7.55 40.05 49.76
C PHE J 1279 6.57 40.27 50.90
N ILE J 1280 6.87 39.68 52.03
CA ILE J 1280 5.99 39.82 53.18
C ILE J 1280 5.87 41.28 53.59
N ASN J 1281 6.92 42.06 53.38
CA ASN J 1281 6.90 43.48 53.77
C ASN J 1281 6.35 44.43 52.69
N THR J 1282 6.05 43.92 51.51
CA THR J 1282 5.47 44.76 50.45
C THR J 1282 4.07 45.24 50.80
N MET J 1283 3.28 44.46 51.52
CA MET J 1283 1.95 44.92 51.94
C MET J 1283 2.05 46.20 52.75
N SER J 1284 2.97 46.23 53.70
CA SER J 1284 3.18 47.42 54.51
C SER J 1284 3.80 48.55 53.67
N ALA J 1285 4.57 48.20 52.66
CA ALA J 1285 5.14 49.22 51.81
C ALA J 1285 4.03 49.92 51.04
N TRP J 1286 3.06 49.16 50.55
CA TRP J 1286 1.95 49.77 49.82
C TRP J 1286 1.05 50.58 50.75
N VAL J 1287 0.86 50.10 51.98
CA VAL J 1287 0.07 50.88 52.93
C VAL J 1287 0.68 52.26 53.13
N ASN J 1288 2.00 52.31 53.33
CA ASN J 1288 2.68 53.60 53.46
C ASN J 1288 2.65 54.40 52.17
N MET J 1289 2.80 53.74 51.02
CA MET J 1289 2.90 54.48 49.76
C MET J 1289 1.56 55.02 49.28
N LEU J 1290 0.44 54.50 49.78
CA LEU J 1290 -0.87 54.93 49.32
C LEU J 1290 -1.67 55.68 50.36
N LEU J 1291 -1.43 55.47 51.66
CA LEU J 1291 -2.26 56.07 52.69
C LEU J 1291 -1.49 56.90 53.70
N ILE J 1292 -0.41 56.38 54.26
CA ILE J 1292 0.15 56.90 55.50
C ILE J 1292 1.24 57.94 55.23
N SER J 1293 2.19 57.62 54.36
CA SER J 1293 3.30 58.53 54.04
C SER J 1293 4.12 58.89 55.27
N SER J 1294 4.38 57.92 56.14
CA SER J 1294 5.24 58.17 57.28
C SER J 1294 6.68 57.78 56.97
N SER J 1295 7.58 58.25 57.82
CA SER J 1295 8.95 57.79 57.84
C SER J 1295 9.30 57.24 59.22
N GLY J 1296 8.37 56.45 59.77
CA GLY J 1296 8.54 55.85 61.07
C GLY J 1296 9.14 54.47 60.97
N PRO J 1297 9.24 53.77 62.09
CA PRO J 1297 9.77 52.40 62.07
C PRO J 1297 8.92 51.48 61.20
N ILE J 1298 9.55 50.49 60.58
CA ILE J 1298 8.83 49.50 59.79
C ILE J 1298 9.43 48.15 60.12
N LYS J 1299 8.83 47.45 61.07
CA LYS J 1299 9.35 46.15 61.47
C LYS J 1299 8.32 45.09 61.12
N THR J 1300 8.55 44.30 60.07
CA THR J 1300 7.58 43.31 59.64
C THR J 1300 7.91 41.92 60.20
N PRO J 1301 7.10 41.43 61.15
CA PRO J 1301 7.35 40.09 61.69
C PRO J 1301 6.87 39.00 60.75
N VAL J 1302 7.45 37.83 60.93
CA VAL J 1302 7.00 36.59 60.29
C VAL J 1302 6.96 35.54 61.38
N GLY J 1303 5.76 35.14 61.77
CA GLY J 1303 5.61 34.24 62.91
C GLY J 1303 4.63 33.12 62.67
N ALA J 1304 4.54 32.65 61.42
CA ALA J 1304 3.56 31.66 61.02
C ALA J 1304 2.18 32.01 61.59
N CYS J 1305 1.62 31.16 62.46
CA CYS J 1305 0.27 31.37 62.96
C CYS J 1305 0.22 32.27 64.19
N ALA J 1306 1.37 32.68 64.74
CA ALA J 1306 1.43 33.64 65.83
C ALA J 1306 1.89 35.01 65.37
N THR J 1307 1.77 35.31 64.07
CA THR J 1307 2.28 36.55 63.52
C THR J 1307 1.64 37.77 64.16
N SER J 1308 0.32 37.74 64.33
CA SER J 1308 -0.38 38.91 64.85
C SER J 1308 0.04 39.23 66.27
N VAL J 1309 0.22 38.20 67.10
CA VAL J 1309 0.64 38.44 68.48
C VAL J 1309 2.07 38.95 68.51
N GLU J 1310 2.95 38.38 67.69
CA GLU J 1310 4.30 38.91 67.57
C GLU J 1310 4.26 40.38 67.13
N SER J 1311 3.35 40.70 66.22
CA SER J 1311 3.22 42.06 65.72
C SER J 1311 2.84 43.01 66.84
N VAL J 1312 1.88 42.60 67.69
CA VAL J 1312 1.52 43.43 68.83
C VAL J 1312 2.72 43.63 69.75
N ASP J 1313 3.45 42.55 70.03
CA ASP J 1313 4.61 42.64 70.91
C ASP J 1313 5.61 43.66 70.37
N ILE J 1314 5.89 43.60 69.08
CA ILE J 1314 6.85 44.51 68.46
C ILE J 1314 6.35 45.94 68.50
N GLY J 1315 5.07 46.17 68.17
CA GLY J 1315 4.55 47.52 68.17
C GLY J 1315 4.59 48.14 69.56
N VAL J 1316 4.30 47.35 70.58
CA VAL J 1316 4.35 47.85 71.92
C VAL J 1316 5.79 48.18 72.30
N GLU J 1317 6.73 47.32 71.92
CA GLU J 1317 8.13 47.58 72.22
C GLU J 1317 8.60 48.85 71.50
N THR J 1318 8.17 49.04 70.26
CA THR J 1318 8.54 50.22 69.50
C THR J 1318 8.02 51.49 70.15
N ILE J 1319 6.77 51.51 70.57
CA ILE J 1319 6.21 52.69 71.23
C ILE J 1319 6.89 52.94 72.58
N LEU J 1320 7.11 51.91 73.37
CA LEU J 1320 7.72 52.10 74.67
C LEU J 1320 9.22 52.45 74.58
N SER J 1321 9.86 52.14 73.46
CA SER J 1321 11.24 52.53 73.25
C SER J 1321 11.37 53.99 72.81
N GLY J 1322 10.25 54.66 72.59
CA GLY J 1322 10.28 56.04 72.16
C GLY J 1322 10.52 56.24 70.66
N LYS J 1323 10.50 55.18 69.88
CA LYS J 1323 10.72 55.32 68.45
C LYS J 1323 9.45 55.67 67.69
N ALA J 1324 8.29 55.40 68.26
CA ALA J 1324 7.02 55.77 67.64
C ALA J 1324 5.99 56.08 68.71
N ARG J 1325 4.95 56.81 68.37
CA ARG J 1325 3.86 57.08 69.30
C ARG J 1325 2.57 56.43 68.79
N ILE J 1326 2.56 56.00 67.54
CA ILE J 1326 1.42 55.31 66.94
C ILE J 1326 1.96 54.17 66.11
N CYS J 1327 1.29 53.03 66.15
CA CYS J 1327 1.70 51.90 65.33
C CYS J 1327 0.50 51.18 64.74
N ILE J 1328 0.67 50.68 63.52
CA ILE J 1328 -0.26 49.76 62.88
C ILE J 1328 0.24 48.35 63.15
N VAL J 1329 -0.55 47.54 63.83
CA VAL J 1329 -0.19 46.16 64.10
C VAL J 1329 -1.27 45.26 63.50
N GLY J 1330 -0.93 43.99 63.35
CA GLY J 1330 -1.86 43.02 62.84
C GLY J 1330 -1.19 42.00 61.95
N GLY J 1331 -2.00 41.28 61.20
CA GLY J 1331 -1.53 40.16 60.42
C GLY J 1331 -2.47 39.84 59.28
N TYR J 1332 -1.93 39.07 58.34
CA TYR J 1332 -2.67 38.74 57.15
C TYR J 1332 -2.02 37.57 56.42
N ASP J 1333 -2.80 36.78 55.70
CA ASP J 1333 -2.36 35.68 54.88
C ASP J 1333 -3.46 35.29 53.92
N ASP J 1334 -3.05 34.70 52.82
CA ASP J 1334 -4.00 34.28 51.82
C ASP J 1334 -4.12 32.79 51.74
N PHE J 1335 -5.04 32.31 50.94
CA PHE J 1335 -5.27 30.90 50.71
C PHE J 1335 -5.10 30.63 49.22
N GLN J 1336 -4.25 29.66 48.89
CA GLN J 1336 -4.02 29.31 47.51
C GLN J 1336 -3.79 27.82 47.40
N GLU J 1337 -3.88 27.29 46.19
CA GLU J 1337 -3.74 25.85 45.98
C GLU J 1337 -2.54 25.16 46.57
N GLU J 1338 -1.34 25.69 46.34
CA GLU J 1338 -0.15 24.97 46.77
C GLU J 1338 -0.09 24.85 48.29
N GLY J 1339 -0.39 25.94 49.00
CA GLY J 1339 -0.37 25.88 50.45
C GLY J 1339 -1.38 24.88 51.00
N SER J 1340 -2.56 24.80 50.40
CA SER J 1340 -3.56 23.82 50.83
C SER J 1340 -3.04 22.40 50.64
N PHE J 1341 -2.52 22.10 49.46
CA PHE J 1341 -1.95 20.79 49.22
C PHE J 1341 -0.88 20.47 50.25
N GLU J 1342 0.01 21.41 50.51
CA GLU J 1342 1.12 21.09 51.41
C GLU J 1342 0.63 20.90 52.84
N PHE J 1343 -0.36 21.67 53.26
CA PHE J 1343 -0.92 21.48 54.59
C PHE J 1343 -1.59 20.10 54.68
N GLY J 1344 -2.18 19.63 53.59
CA GLY J 1344 -2.79 18.32 53.56
C GLY J 1344 -1.74 17.24 53.60
N ASN J 1345 -0.61 17.44 52.93
CA ASN J 1345 0.49 16.48 52.98
C ASN J 1345 1.05 16.35 54.38
N MET J 1346 1.15 17.47 55.11
CA MET J 1346 1.56 17.42 56.50
C MET J 1346 0.46 16.93 57.42
N LYS J 1347 -0.76 16.75 56.91
CA LYS J 1347 -1.90 16.28 57.71
C LYS J 1347 -2.23 17.26 58.82
N ALA J 1348 -2.05 18.54 58.56
CA ALA J 1348 -2.44 19.56 59.52
C ALA J 1348 -3.91 19.94 59.42
N THR J 1349 -4.45 19.90 58.22
CA THR J 1349 -5.84 20.27 57.99
C THR J 1349 -6.76 19.06 58.00
N SER J 1350 -8.04 19.29 58.22
CA SER J 1350 -9.02 18.20 58.22
C SER J 1350 -9.26 17.61 56.82
N ASN J 1351 -9.25 16.30 56.71
CA ASN J 1351 -9.57 15.65 55.44
C ASN J 1351 -11.06 15.78 55.23
N THR J 1352 -11.48 16.38 54.14
CA THR J 1352 -12.90 16.62 53.89
C THR J 1352 -13.66 15.33 53.52
N LEU J 1353 -13.05 14.41 52.78
CA LEU J 1353 -13.74 13.17 52.47
C LEU J 1353 -14.04 12.38 53.74
N GLU J 1354 -13.07 12.36 54.67
CA GLU J 1354 -13.30 11.73 55.96
C GLU J 1354 -14.40 12.44 56.74
N GLU J 1355 -14.48 13.76 56.67
CA GLU J 1355 -15.52 14.51 57.36
C GLU J 1355 -16.87 14.15 56.79
N PHE J 1356 -16.97 14.04 55.48
CA PHE J 1356 -18.22 13.61 54.87
C PHE J 1356 -18.59 12.22 55.34
N GLU J 1357 -17.62 11.31 55.43
CA GLU J 1357 -17.90 9.96 55.89
C GLU J 1357 -18.51 9.96 57.29
N HIS J 1358 -18.24 10.99 58.09
CA HIS J 1358 -18.79 11.12 59.42
C HIS J 1358 -20.04 11.98 59.47
N GLY J 1359 -20.58 12.34 58.31
CA GLY J 1359 -21.80 13.12 58.25
C GLY J 1359 -21.65 14.60 58.53
N ARG J 1360 -20.43 15.10 58.58
CA ARG J 1360 -20.19 16.50 58.88
C ARG J 1360 -20.35 17.40 57.67
N THR J 1361 -21.10 18.49 57.82
CA THR J 1361 -21.21 19.49 56.78
C THR J 1361 -20.11 20.52 56.94
N PRO J 1362 -19.88 21.36 55.91
CA PRO J 1362 -18.75 22.31 56.00
C PRO J 1362 -18.80 23.20 57.25
N ALA J 1363 -19.99 23.61 57.69
CA ALA J 1363 -20.13 24.46 58.88
C ALA J 1363 -19.89 23.77 60.22
N GLU J 1364 -19.54 22.49 60.23
CA GLU J 1364 -19.21 21.82 61.49
C GLU J 1364 -17.82 21.19 61.44
N MET J 1365 -17.03 21.49 60.43
CA MET J 1365 -15.72 20.88 60.31
C MET J 1365 -14.70 21.54 61.24
N SER J 1366 -14.95 22.77 61.65
CA SER J 1366 -14.08 23.45 62.61
C SER J 1366 -14.74 23.35 63.97
N ARG J 1367 -14.27 22.44 64.79
CA ARG J 1367 -14.88 22.20 66.10
C ARG J 1367 -13.78 22.13 67.16
N PRO J 1368 -13.24 23.27 67.58
CA PRO J 1368 -12.18 23.26 68.59
C PRO J 1368 -12.61 22.59 69.88
N ALA J 1369 -11.70 21.82 70.46
CA ALA J 1369 -11.80 21.24 71.80
C ALA J 1369 -12.78 20.08 71.91
N THR J 1370 -13.30 19.55 70.80
CA THR J 1370 -14.25 18.46 70.86
C THR J 1370 -13.55 17.11 70.71
N THR J 1371 -14.27 16.05 71.08
CA THR J 1371 -13.70 14.71 71.07
C THR J 1371 -13.21 14.32 69.69
N THR J 1372 -13.95 14.69 68.65
CA THR J 1372 -13.70 14.19 67.31
C THR J 1372 -12.85 15.12 66.44
N ARG J 1373 -12.39 16.25 66.98
CA ARG J 1373 -11.60 17.18 66.18
C ARG J 1373 -10.41 16.47 65.56
N ASN J 1374 -10.12 16.78 64.30
CA ASN J 1374 -9.05 16.12 63.57
C ASN J 1374 -8.46 16.97 62.44
N GLY J 1375 -8.01 18.18 62.75
CA GLY J 1375 -7.41 19.02 61.73
C GLY J 1375 -8.05 20.37 61.63
N PHE J 1376 -7.26 21.37 61.27
CA PHE J 1376 -7.79 22.73 61.21
C PHE J 1376 -8.37 23.09 59.87
N MET J 1377 -9.23 24.09 59.86
CA MET J 1377 -9.85 24.55 58.63
C MET J 1377 -9.10 25.76 58.16
N GLU J 1378 -8.65 25.80 56.93
CA GLU J 1378 -7.86 26.90 56.39
C GLU J 1378 -8.77 28.05 55.99
N ALA J 1379 -8.32 29.27 56.25
CA ALA J 1379 -9.08 30.47 55.93
C ALA J 1379 -8.15 31.50 55.30
N GLN J 1380 -8.66 32.70 55.13
CA GLN J 1380 -7.89 33.79 54.56
C GLN J 1380 -8.41 35.13 55.03
N GLY J 1381 -7.57 36.15 55.05
CA GLY J 1381 -7.99 37.51 55.34
C GLY J 1381 -6.93 38.26 56.10
N ALA J 1382 -7.33 39.39 56.66
CA ALA J 1382 -6.44 40.29 57.37
C ALA J 1382 -7.13 40.84 58.60
N GLY J 1383 -6.33 41.14 59.62
CA GLY J 1383 -6.79 41.90 60.76
C GLY J 1383 -5.79 42.97 61.16
N ILE J 1384 -6.26 44.17 61.45
CA ILE J 1384 -5.42 45.30 61.76
C ILE J 1384 -5.91 45.98 63.03
N GLN J 1385 -4.98 46.44 63.85
CA GLN J 1385 -5.30 47.33 64.96
C GLN J 1385 -4.38 48.55 64.92
N ILE J 1386 -4.90 49.67 65.41
CA ILE J 1386 -4.12 50.87 65.67
C ILE J 1386 -3.83 50.93 67.17
N ILE J 1387 -2.57 51.00 67.53
CA ILE J 1387 -2.18 51.18 68.93
C ILE J 1387 -1.41 52.48 69.06
N MET J 1388 -1.42 53.04 70.26
CA MET J 1388 -0.72 54.31 70.49
C MET J 1388 -0.60 54.55 71.99
N GLN J 1389 0.20 55.53 72.35
CA GLN J 1389 0.36 55.90 73.74
C GLN J 1389 -0.94 56.45 74.25
N ALA J 1390 -1.30 56.08 75.46
CA ALA J 1390 -2.57 56.53 76.04
C ALA J 1390 -2.62 58.04 76.14
N ASP J 1391 -1.50 58.67 76.45
CA ASP J 1391 -1.44 60.13 76.53
C ASP J 1391 -1.82 60.78 75.20
N LEU J 1392 -1.24 60.29 74.10
CA LEU J 1392 -1.58 60.82 72.79
C LEU J 1392 -3.03 60.52 72.44
N ALA J 1393 -3.54 59.34 72.81
CA ALA J 1393 -4.93 59.01 72.52
C ALA J 1393 -5.88 59.96 73.24
N LEU J 1394 -5.55 60.34 74.46
CA LEU J 1394 -6.39 61.27 75.18
C LEU J 1394 -6.34 62.60 74.47
N LYS J 1395 -5.14 63.05 74.14
CA LYS J 1395 -4.98 64.36 73.52
C LYS J 1395 -5.74 64.43 72.19
N MET J 1396 -5.67 63.38 71.38
CA MET J 1396 -6.32 63.37 70.08
C MET J 1396 -7.83 63.20 70.18
N GLY J 1397 -8.33 62.68 71.30
CA GLY J 1397 -9.74 62.36 71.39
C GLY J 1397 -10.19 61.22 70.50
N VAL J 1398 -9.38 60.17 70.37
CA VAL J 1398 -9.79 58.98 69.63
C VAL J 1398 -10.39 57.99 70.61
N PRO J 1399 -11.28 57.11 70.17
CA PRO J 1399 -11.84 56.11 71.08
C PRO J 1399 -10.77 55.14 71.56
N ILE J 1400 -10.89 54.71 72.81
CA ILE J 1400 -9.99 53.74 73.39
C ILE J 1400 -10.76 52.45 73.66
N TYR J 1401 -10.44 51.38 72.96
CA TYR J 1401 -11.17 50.13 73.07
C TYR J 1401 -10.57 49.17 74.10
N GLY J 1402 -9.31 49.35 74.50
CA GLY J 1402 -8.71 48.50 75.50
C GLY J 1402 -7.26 48.86 75.69
N ILE J 1403 -6.71 48.44 76.82
CA ILE J 1403 -5.32 48.70 77.13
C ILE J 1403 -4.54 47.44 76.87
N VAL J 1404 -3.44 47.54 76.13
CA VAL J 1404 -2.59 46.38 75.93
C VAL J 1404 -1.69 46.28 77.15
N ALA J 1405 -2.07 45.46 78.12
CA ALA J 1405 -1.34 45.36 79.37
C ALA J 1405 -0.10 44.52 79.27
N MET J 1406 -0.09 43.56 78.37
CA MET J 1406 1.08 42.70 78.19
C MET J 1406 1.13 42.02 76.85
N ALA J 1407 2.33 41.83 76.33
CA ALA J 1407 2.50 41.06 75.11
C ALA J 1407 3.87 40.41 75.16
N ALA J 1408 3.92 39.13 74.83
CA ALA J 1408 5.16 38.38 74.92
C ALA J 1408 5.22 37.24 73.94
N THR J 1409 6.42 36.83 73.55
CA THR J 1409 6.63 35.67 72.70
C THR J 1409 7.59 34.72 73.39
N ALA J 1410 7.59 33.47 72.95
CA ALA J 1410 8.44 32.46 73.55
C ALA J 1410 8.65 31.24 72.69
N THR J 1411 9.87 30.76 72.55
CA THR J 1411 10.19 29.48 71.91
C THR J 1411 10.16 28.38 72.96
N ASP J 1412 10.31 27.14 72.49
CA ASP J 1412 10.19 26.00 73.40
C ASP J 1412 11.49 25.36 73.85
N LYS J 1413 12.02 24.40 73.09
CA LYS J 1413 13.20 23.67 73.53
C LYS J 1413 13.75 22.77 72.45
N ILE J 1414 14.79 22.01 72.79
CA ILE J 1414 15.36 21.06 71.82
C ILE J 1414 14.28 20.10 71.36
N GLY J 1415 14.22 19.87 70.04
CA GLY J 1415 13.25 18.96 69.48
C GLY J 1415 13.55 18.69 68.03
N ARG J 1416 12.72 17.88 67.38
CA ARG J 1416 12.88 17.61 65.95
C ARG J 1416 11.59 17.79 65.17
N SER J 1417 10.56 18.34 65.79
CA SER J 1417 9.27 18.54 65.11
C SER J 1417 9.01 20.03 65.03
N VAL J 1418 9.14 20.59 63.82
CA VAL J 1418 8.90 22.03 63.64
C VAL J 1418 7.46 22.40 63.95
N PRO J 1419 6.46 21.61 63.51
CA PRO J 1419 5.08 22.04 63.75
C PRO J 1419 4.53 21.76 65.16
N ALA J 1420 5.23 21.00 66.00
CA ALA J 1420 4.70 20.65 67.31
C ALA J 1420 4.59 21.89 68.19
N PRO J 1421 3.42 22.14 68.80
CA PRO J 1421 3.32 23.27 69.74
C PRO J 1421 3.91 22.94 71.11
N GLY J 1422 4.46 23.92 71.80
CA GLY J 1422 5.09 23.70 73.09
C GLY J 1422 4.59 24.60 74.19
N LYS J 1423 5.22 24.53 75.36
CA LYS J 1423 4.76 25.29 76.51
C LYS J 1423 5.69 26.41 76.99
N GLY J 1424 6.54 26.91 76.10
CA GLY J 1424 7.42 28.03 76.43
C GLY J 1424 6.70 29.28 76.90
N ILE J 1425 5.51 29.56 76.37
CA ILE J 1425 4.75 30.75 76.75
C ILE J 1425 4.37 30.71 78.22
N LEU J 1426 4.46 29.53 78.82
CA LEU J 1426 4.18 29.43 80.25
C LEU J 1426 5.08 30.33 81.08
N THR J 1427 6.24 30.70 80.56
CA THR J 1427 7.18 31.58 81.26
C THR J 1427 6.59 32.92 81.63
N THR J 1428 5.53 33.32 80.94
CA THR J 1428 4.83 34.55 81.27
C THR J 1428 4.31 34.56 82.70
N ALA J 1429 4.14 33.39 83.30
CA ALA J 1429 3.63 33.26 84.65
C ALA J 1429 4.73 32.99 85.68
N ARG J 1430 5.98 33.03 85.25
CA ARG J 1430 7.10 32.71 86.15
C ARG J 1430 7.12 33.55 87.40
N GLU J 1431 7.35 32.91 88.53
CA GLU J 1431 7.25 33.59 89.81
C GLU J 1431 7.95 32.74 90.85
N HIS J 1432 8.78 33.37 91.66
CA HIS J 1432 9.55 32.67 92.69
C HIS J 1432 8.74 32.66 93.98
N HIS J 1433 8.46 31.47 94.50
CA HIS J 1433 7.62 31.30 95.68
C HIS J 1433 8.37 30.72 96.87
N SER J 1434 9.68 30.55 96.76
CA SER J 1434 10.44 29.91 97.84
C SER J 1434 10.21 30.65 99.13
N SER J 1435 9.93 31.94 99.04
CA SER J 1435 9.69 32.75 100.21
C SER J 1435 8.46 33.59 99.97
N VAL J 1436 7.33 33.17 100.55
CA VAL J 1436 6.08 33.89 100.35
C VAL J 1436 5.30 34.00 101.65
N LYS J 1437 5.99 33.83 102.79
CA LYS J 1437 5.30 33.85 104.08
C LYS J 1437 4.66 35.21 104.34
N TYR J 1438 5.38 36.28 104.05
CA TYR J 1438 4.88 37.64 104.23
C TYR J 1438 4.73 38.32 102.87
N ALA J 1439 3.73 39.19 102.77
CA ALA J 1439 3.41 39.86 101.52
C ALA J 1439 4.43 40.94 101.19
N SER J 1440 4.68 41.11 99.89
CA SER J 1440 5.54 42.19 99.43
C SER J 1440 4.74 43.49 99.37
N PRO J 1441 5.21 44.56 100.02
CA PRO J 1441 4.54 45.86 99.85
C PRO J 1441 4.54 46.33 98.41
N ASN J 1442 5.48 45.86 97.59
CA ASN J 1442 5.53 46.28 96.20
C ASN J 1442 4.22 45.98 95.47
N LEU J 1443 3.52 44.93 95.88
CA LEU J 1443 2.26 44.57 95.25
C LEU J 1443 1.10 45.44 95.73
N ASN J 1444 1.28 46.21 96.79
CA ASN J 1444 0.22 47.05 97.33
C ASN J 1444 0.28 48.44 96.71
N MET J 1445 -0.81 48.87 96.08
CA MET J 1445 -0.80 50.14 95.36
C MET J 1445 -0.78 51.33 96.31
N LYS J 1446 -1.38 51.20 97.49
CA LYS J 1446 -1.33 52.30 98.45
C LYS J 1446 0.11 52.60 98.86
N TYR J 1447 0.95 51.58 98.91
CA TYR J 1447 2.34 51.79 99.30
C TYR J 1447 3.13 52.42 98.16
N ARG J 1448 2.87 52.02 96.92
CA ARG J 1448 3.55 52.60 95.79
C ARG J 1448 3.17 54.08 95.64
N LYS J 1449 1.91 54.42 95.88
CA LYS J 1449 1.48 55.81 95.76
C LYS J 1449 2.14 56.70 96.81
N ARG J 1450 2.44 56.17 97.99
CA ARG J 1450 3.12 56.96 99.00
C ARG J 1450 4.54 57.33 98.54
N GLN J 1451 5.25 56.38 97.95
CA GLN J 1451 6.60 56.67 97.46
C GLN J 1451 6.57 57.70 96.36
N LEU J 1452 5.60 57.61 95.45
CA LEU J 1452 5.51 58.56 94.35
C LEU J 1452 5.31 59.99 94.88
N VAL J 1453 4.44 60.15 95.88
CA VAL J 1453 4.19 61.48 96.41
C VAL J 1453 5.42 62.03 97.13
N THR J 1454 6.14 61.18 97.84
CA THR J 1454 7.40 61.59 98.44
C THR J 1454 8.39 62.05 97.37
N ARG J 1455 8.59 61.21 96.34
CA ARG J 1455 9.52 61.56 95.29
C ARG J 1455 9.09 62.83 94.55
N GLU J 1456 7.78 63.04 94.41
CA GLU J 1456 7.29 64.22 93.71
C GLU J 1456 7.65 65.50 94.46
N ALA J 1457 7.61 65.46 95.79
CA ALA J 1457 8.04 66.62 96.57
C ALA J 1457 9.50 66.93 96.34
N GLN J 1458 10.35 65.90 96.30
CA GLN J 1458 11.77 66.13 96.09
C GLN J 1458 12.05 66.79 94.75
N ILE J 1459 11.24 66.49 93.73
CA ILE J 1459 11.50 67.04 92.41
C ILE J 1459 11.25 68.54 92.39
N LYS J 1460 10.12 68.98 92.94
CA LYS J 1460 9.82 70.40 92.95
C LYS J 1460 10.84 71.18 93.79
N ASP J 1461 11.44 70.51 94.78
CA ASP J 1461 12.60 71.10 95.44
C ASP J 1461 13.74 71.28 94.45
N TRP J 1462 14.02 70.24 93.65
CA TRP J 1462 15.07 70.33 92.65
C TRP J 1462 14.78 71.43 91.65
N VAL J 1463 13.51 71.62 91.29
CA VAL J 1463 13.14 72.63 90.32
C VAL J 1463 13.49 74.02 90.83
N GLU J 1464 13.20 74.29 92.10
CA GLU J 1464 13.40 75.64 92.61
C GLU J 1464 14.89 76.00 92.69
N ASN J 1465 15.76 75.02 92.93
CA ASN J 1465 17.19 75.29 92.94
C ASN J 1465 17.68 75.65 91.54
N GLU J 1466 17.33 74.85 90.54
CA GLU J 1466 17.82 75.11 89.20
C GLU J 1466 17.23 76.40 88.62
N LEU J 1467 16.02 76.77 89.03
CA LEU J 1467 15.45 78.04 88.56
C LEU J 1467 16.24 79.22 89.10
N GLU J 1468 16.51 79.22 90.41
CA GLU J 1468 17.22 80.34 91.00
C GLU J 1468 18.66 80.43 90.52
N ALA J 1469 19.30 79.29 90.27
CA ALA J 1469 20.64 79.30 89.71
C ALA J 1469 20.65 79.93 88.33
N LEU J 1470 19.63 79.64 87.52
CA LEU J 1470 19.51 80.28 86.22
C LEU J 1470 19.34 81.78 86.36
N LYS J 1471 18.51 82.22 87.33
CA LYS J 1471 18.29 83.64 87.53
C LYS J 1471 19.61 84.38 87.72
N LEU J 1472 20.58 83.75 88.39
CA LEU J 1472 21.89 84.35 88.59
C LEU J 1472 22.75 84.25 87.33
N GLU J 1473 22.62 83.16 86.58
CA GLU J 1473 23.30 83.05 85.29
C GLU J 1473 22.87 84.14 84.33
N ALA J 1474 21.71 84.75 84.57
CA ALA J 1474 21.22 85.84 83.73
C ALA J 1474 21.85 87.16 84.17
N GLN J 1482 18.45 89.38 77.98
CA GLN J 1482 18.18 88.34 78.97
C GLN J 1482 16.98 87.49 78.55
N ASN J 1483 16.09 88.07 77.73
CA ASN J 1483 14.87 87.37 77.36
C ASN J 1483 15.18 86.07 76.62
N GLU J 1484 16.02 86.14 75.60
CA GLU J 1484 16.36 84.93 74.85
C GLU J 1484 17.06 83.91 75.74
N PHE J 1485 17.99 84.36 76.58
CA PHE J 1485 18.71 83.44 77.45
C PHE J 1485 17.76 82.73 78.41
N LEU J 1486 16.80 83.47 78.97
CA LEU J 1486 15.93 82.89 79.99
C LEU J 1486 14.94 81.89 79.38
N LEU J 1487 14.33 82.25 78.25
CA LEU J 1487 13.35 81.36 77.64
C LEU J 1487 13.99 80.04 77.22
N GLU J 1488 15.21 80.08 76.67
CA GLU J 1488 15.83 78.83 76.21
C GLU J 1488 16.22 77.95 77.39
N ARG J 1489 16.80 78.55 78.44
CA ARG J 1489 17.20 77.77 79.60
C ARG J 1489 15.99 77.32 80.41
N THR J 1490 14.97 78.17 80.53
CA THR J 1490 13.78 77.80 81.31
C THR J 1490 13.07 76.59 80.70
N ARG J 1491 12.94 76.56 79.37
CA ARG J 1491 12.30 75.42 78.74
C ARG J 1491 12.99 74.12 79.11
N GLU J 1492 14.32 74.16 79.23
CA GLU J 1492 15.08 72.93 79.50
C GLU J 1492 14.90 72.45 80.94
N ILE J 1493 14.95 73.37 81.91
CA ILE J 1493 14.83 72.97 83.30
C ILE J 1493 13.45 72.34 83.55
N HIS J 1494 12.39 72.95 83.02
CA HIS J 1494 11.08 72.35 83.20
C HIS J 1494 10.96 71.04 82.44
N ASN J 1495 11.64 70.92 81.30
CA ASN J 1495 11.66 69.65 80.60
C ASN J 1495 12.40 68.60 81.43
N GLU J 1496 13.47 68.99 82.11
CA GLU J 1496 14.15 68.07 83.01
C GLU J 1496 13.23 67.64 84.15
N ALA J 1497 12.45 68.58 84.69
CA ALA J 1497 11.57 68.27 85.80
C ALA J 1497 10.47 67.30 85.38
N GLU J 1498 9.92 67.47 84.19
CA GLU J 1498 8.92 66.51 83.71
C GLU J 1498 9.53 65.13 83.58
N SER J 1499 10.78 65.05 83.12
CA SER J 1499 11.44 63.76 82.97
C SER J 1499 11.59 63.05 84.31
N GLN J 1500 11.92 63.79 85.37
CA GLN J 1500 12.06 63.17 86.68
C GLN J 1500 10.72 62.69 87.20
N LEU J 1501 9.65 63.46 87.01
CA LEU J 1501 8.33 63.02 87.40
C LEU J 1501 7.93 61.74 86.66
N ARG J 1502 8.10 61.74 85.35
CA ARG J 1502 7.71 60.57 84.58
C ARG J 1502 8.56 59.36 84.94
N ALA J 1503 9.83 59.55 85.25
CA ALA J 1503 10.65 58.44 85.70
C ALA J 1503 10.15 57.91 87.04
N ALA J 1504 9.72 58.79 87.93
CA ALA J 1504 9.14 58.36 89.18
C ALA J 1504 7.86 57.57 88.96
N GLN J 1505 7.01 58.02 88.04
CA GLN J 1505 5.76 57.31 87.75
C GLN J 1505 6.05 55.96 87.12
N GLN J 1506 7.06 55.88 86.27
CA GLN J 1506 7.44 54.60 85.69
C GLN J 1506 7.97 53.66 86.77
N GLN J 1507 8.64 54.20 87.78
CA GLN J 1507 9.18 53.37 88.86
C GLN J 1507 8.07 52.75 89.68
N TRP J 1508 7.11 53.56 90.14
CA TRP J 1508 6.11 53.10 91.09
C TRP J 1508 4.78 52.74 90.46
N GLY J 1509 4.48 53.18 89.26
CA GLY J 1509 3.19 52.89 88.68
C GLY J 1509 3.21 51.90 87.54
N ASN J 1510 4.17 52.00 86.63
CA ASN J 1510 4.16 51.18 85.43
C ASN J 1510 5.05 49.94 85.53
N ASP J 1511 6.21 50.07 86.16
CA ASP J 1511 7.25 49.04 86.11
C ASP J 1511 7.67 48.59 87.50
N PHE J 1512 6.83 48.78 88.51
CA PHE J 1512 7.24 48.46 89.87
C PHE J 1512 7.64 47.01 90.08
N TYR J 1513 7.27 46.12 89.19
CA TYR J 1513 7.48 44.70 89.37
C TYR J 1513 8.53 44.09 88.46
N LYS J 1514 9.06 44.86 87.51
CA LYS J 1514 9.99 44.29 86.52
C LYS J 1514 11.25 43.73 87.17
N ARG J 1515 11.67 44.29 88.30
CA ARG J 1515 12.85 43.81 89.02
C ARG J 1515 12.50 42.81 90.11
N ASP J 1516 11.23 42.46 90.29
CA ASP J 1516 10.82 41.68 91.44
C ASP J 1516 10.57 40.24 91.00
N PRO J 1517 11.44 39.29 91.33
CA PRO J 1517 11.21 37.90 90.88
C PRO J 1517 9.99 37.26 91.49
N ARG J 1518 9.44 37.83 92.56
CA ARG J 1518 8.24 37.30 93.19
C ARG J 1518 6.95 37.79 92.55
N ILE J 1519 7.04 38.52 91.43
CA ILE J 1519 5.87 38.98 90.71
C ILE J 1519 6.02 38.53 89.27
N ALA J 1520 5.13 37.65 88.82
CA ALA J 1520 5.16 37.22 87.43
C ALA J 1520 4.76 38.38 86.51
N PRO J 1521 5.28 38.41 85.28
CA PRO J 1521 4.85 39.46 84.34
C PRO J 1521 3.34 39.57 84.16
N LEU J 1522 2.63 38.44 84.07
CA LEU J 1522 1.17 38.45 83.95
C LEU J 1522 0.53 39.14 85.15
N ARG J 1523 0.92 38.71 86.36
CA ARG J 1523 0.37 39.30 87.57
C ARG J 1523 0.67 40.80 87.64
N GLY J 1524 1.89 41.19 87.30
CA GLY J 1524 2.24 42.61 87.36
C GLY J 1524 1.47 43.43 86.35
N ALA J 1525 1.30 42.88 85.14
CA ALA J 1525 0.50 43.57 84.13
C ALA J 1525 -0.89 43.87 84.66
N LEU J 1526 -1.51 42.91 85.34
CA LEU J 1526 -2.84 43.17 85.89
C LEU J 1526 -2.78 44.11 87.09
N ALA J 1527 -1.83 43.89 88.00
CA ALA J 1527 -1.75 44.68 89.22
C ALA J 1527 -1.44 46.14 88.96
N THR J 1528 -0.92 46.47 87.78
CA THR J 1528 -0.69 47.86 87.45
C THR J 1528 -1.98 48.65 87.59
N TYR J 1529 -3.11 48.04 87.24
CA TYR J 1529 -4.38 48.73 87.31
C TYR J 1529 -5.24 48.27 88.48
N GLY J 1530 -4.65 47.60 89.44
CA GLY J 1530 -5.41 47.16 90.60
C GLY J 1530 -6.18 45.87 90.42
N LEU J 1531 -6.03 45.19 89.30
CA LEU J 1531 -6.68 43.91 89.09
C LEU J 1531 -5.83 42.78 89.65
N THR J 1532 -6.46 41.63 89.85
CA THR J 1532 -5.80 40.43 90.35
C THR J 1532 -5.97 39.31 89.35
N ILE J 1533 -5.27 38.20 89.60
CA ILE J 1533 -5.32 37.06 88.70
C ILE J 1533 -6.75 36.57 88.51
N ASP J 1534 -7.60 36.71 89.51
CA ASP J 1534 -9.00 36.32 89.39
C ASP J 1534 -9.83 37.23 88.49
N ASP J 1535 -9.32 38.40 88.14
CA ASP J 1535 -10.04 39.32 87.26
C ASP J 1535 -9.93 39.00 85.76
N LEU J 1536 -9.02 38.11 85.38
CA LEU J 1536 -8.86 37.73 83.98
C LEU J 1536 -9.98 36.77 83.60
N GLY J 1537 -11.02 37.29 82.98
CA GLY J 1537 -12.25 36.54 82.82
C GLY J 1537 -12.33 35.61 81.64
N VAL J 1538 -11.66 35.97 80.55
CA VAL J 1538 -11.79 35.25 79.29
C VAL J 1538 -10.40 34.94 78.75
N ALA J 1539 -10.23 33.73 78.25
CA ALA J 1539 -9.04 33.33 77.50
C ALA J 1539 -9.49 33.00 76.09
N SER J 1540 -9.05 33.79 75.13
CA SER J 1540 -9.32 33.49 73.73
C SER J 1540 -8.26 32.51 73.24
N PHE J 1541 -8.67 31.28 73.00
CA PHE J 1541 -7.71 30.25 72.63
C PHE J 1541 -7.37 30.21 71.18
N HIS J 1542 -6.10 30.00 70.88
CA HIS J 1542 -5.72 29.77 69.50
C HIS J 1542 -6.66 28.75 68.87
N GLY J 1543 -7.18 27.82 69.72
CA GLY J 1543 -8.23 26.89 69.31
C GLY J 1543 -8.28 26.58 67.87
N THR J 1544 -7.47 25.64 67.42
CA THR J 1544 -7.35 25.38 66.00
C THR J 1544 -8.10 24.13 65.54
N SER J 1545 -8.61 23.34 66.48
CA SER J 1545 -9.31 22.10 66.15
C SER J 1545 -8.36 20.98 65.74
N THR J 1546 -7.13 21.04 66.23
CA THR J 1546 -6.20 19.96 66.03
C THR J 1546 -6.09 19.33 67.40
N LYS J 1547 -5.78 18.05 67.45
CA LYS J 1547 -5.67 17.34 68.71
C LYS J 1547 -4.58 17.92 69.59
N ALA J 1548 -3.36 18.00 69.09
CA ALA J 1548 -2.23 18.48 69.90
C ALA J 1548 -2.36 19.91 70.38
N ASN J 1549 -2.80 20.82 69.52
CA ASN J 1549 -2.89 22.21 69.90
C ASN J 1549 -3.88 22.41 71.00
N ASP J 1550 -5.10 21.91 70.83
CA ASP J 1550 -6.12 22.22 71.82
C ASP J 1550 -5.74 21.65 73.18
N LYS J 1551 -5.17 20.44 73.21
CA LYS J 1551 -4.72 19.90 74.49
C LYS J 1551 -3.56 20.74 75.06
N ASN J 1552 -2.54 20.99 74.25
CA ASN J 1552 -1.38 21.76 74.69
C ASN J 1552 -1.78 23.10 75.26
N GLU J 1553 -2.62 23.82 74.55
CA GLU J 1553 -3.02 25.14 75.00
C GLU J 1553 -3.85 25.12 76.27
N SER J 1554 -4.79 24.19 76.38
CA SER J 1554 -5.54 24.09 77.63
C SER J 1554 -4.60 23.82 78.79
N ALA J 1555 -3.68 22.87 78.64
CA ALA J 1555 -2.74 22.56 79.70
C ALA J 1555 -1.90 23.77 80.09
N THR J 1556 -1.45 24.54 79.09
CA THR J 1556 -0.65 25.71 79.35
C THR J 1556 -1.41 26.74 80.17
N ILE J 1557 -2.61 27.11 79.70
CA ILE J 1557 -3.41 28.10 80.44
C ILE J 1557 -3.72 27.59 81.85
N ASN J 1558 -3.98 26.31 81.98
CA ASN J 1558 -4.30 25.73 83.29
C ASN J 1558 -3.12 25.86 84.25
N GLU J 1559 -1.91 25.56 83.80
CA GLU J 1559 -0.73 25.69 84.64
C GLU J 1559 -0.46 27.13 84.97
N MET J 1560 -0.61 28.03 84.01
CA MET J 1560 -0.49 29.45 84.32
C MET J 1560 -1.38 29.82 85.49
N MET J 1561 -2.65 29.42 85.43
CA MET J 1561 -3.58 29.77 86.51
C MET J 1561 -3.20 29.07 87.81
N LYS J 1562 -2.81 27.81 87.75
CA LYS J 1562 -2.43 27.08 88.96
C LYS J 1562 -1.27 27.78 89.68
N HIS J 1563 -0.20 28.07 88.94
CA HIS J 1563 0.99 28.65 89.56
C HIS J 1563 0.70 30.01 90.17
N LEU J 1564 -0.19 30.79 89.56
CA LEU J 1564 -0.47 32.14 90.01
C LEU J 1564 -1.55 32.21 91.07
N GLY J 1565 -1.97 31.08 91.62
CA GLY J 1565 -2.94 31.08 92.71
C GLY J 1565 -4.31 31.60 92.33
N ARG J 1566 -4.79 31.25 91.15
CA ARG J 1566 -6.19 31.51 90.81
C ARG J 1566 -7.09 30.73 91.78
N SER J 1567 -8.20 31.36 92.17
CA SER J 1567 -9.11 30.74 93.12
C SER J 1567 -9.75 29.49 92.52
N GLU J 1568 -9.75 28.41 93.28
CA GLU J 1568 -10.49 27.24 92.85
C GLU J 1568 -11.98 27.55 92.79
N GLY J 1569 -12.65 26.95 91.81
CA GLY J 1569 -14.01 27.31 91.51
C GLY J 1569 -14.16 28.49 90.59
N ASN J 1570 -13.06 29.09 90.13
CA ASN J 1570 -13.09 30.29 89.30
C ASN J 1570 -12.30 30.02 88.03
N PRO J 1571 -12.86 29.22 87.12
CA PRO J 1571 -12.17 28.95 85.86
C PRO J 1571 -12.32 30.11 84.88
N VAL J 1572 -11.37 30.17 83.96
CA VAL J 1572 -11.42 31.14 82.88
C VAL J 1572 -12.32 30.58 81.78
N ILE J 1573 -13.06 31.47 81.13
CA ILE J 1573 -14.01 31.06 80.10
C ILE J 1573 -13.30 31.08 78.75
N GLY J 1574 -13.21 29.92 78.12
CA GLY J 1574 -12.53 29.80 76.85
C GLY J 1574 -13.39 30.29 75.70
N VAL J 1575 -12.74 30.94 74.75
CA VAL J 1575 -13.38 31.38 73.51
C VAL J 1575 -12.58 30.83 72.35
N PHE J 1576 -13.26 30.27 71.38
CA PHE J 1576 -12.61 29.63 70.26
C PHE J 1576 -13.21 30.15 68.96
N GLN J 1577 -12.88 31.38 68.61
CA GLN J 1577 -13.44 32.02 67.41
C GLN J 1577 -13.26 31.26 66.09
N LYS J 1578 -12.24 30.42 65.98
CA LYS J 1578 -11.97 29.73 64.73
C LYS J 1578 -13.05 28.72 64.38
N PHE J 1579 -13.89 28.31 65.34
CA PHE J 1579 -15.01 27.45 64.97
C PHE J 1579 -15.81 28.06 63.83
N LEU J 1580 -15.93 29.38 63.81
CA LEU J 1580 -16.69 30.08 62.80
C LEU J 1580 -15.88 30.56 61.60
N THR J 1581 -14.67 31.05 61.81
CA THR J 1581 -13.90 31.62 60.71
C THR J 1581 -12.85 30.75 60.10
N GLY J 1582 -12.52 29.62 60.70
CA GLY J 1582 -11.39 28.86 60.24
C GLY J 1582 -10.07 29.53 60.61
N HIS J 1583 -8.98 28.92 60.16
CA HIS J 1583 -7.65 29.34 60.59
C HIS J 1583 -6.96 30.14 59.49
N PRO J 1584 -6.85 31.45 59.59
CA PRO J 1584 -5.92 32.16 58.72
C PRO J 1584 -4.52 31.99 59.31
N LYS J 1585 -3.53 31.99 58.44
CA LYS J 1585 -2.20 31.57 58.87
C LYS J 1585 -1.31 32.75 59.25
N GLY J 1586 -1.78 33.61 60.14
CA GLY J 1586 -1.05 34.82 60.41
C GLY J 1586 -1.95 35.99 60.76
N ALA J 1587 -3.17 35.99 60.24
CA ALA J 1587 -4.20 36.89 60.72
C ALA J 1587 -4.94 36.36 61.95
N ALA J 1588 -4.62 35.15 62.41
CA ALA J 1588 -5.42 34.51 63.45
C ALA J 1588 -5.43 35.33 64.73
N GLY J 1589 -4.26 35.71 65.22
CA GLY J 1589 -4.19 36.49 66.44
C GLY J 1589 -4.85 37.84 66.31
N ALA J 1590 -4.81 38.45 65.13
CA ALA J 1590 -5.45 39.73 64.93
C ALA J 1590 -6.98 39.62 64.99
N TRP J 1591 -7.53 38.56 64.42
CA TRP J 1591 -8.97 38.32 64.51
C TRP J 1591 -9.33 38.08 65.97
N MET J 1592 -8.50 37.34 66.69
CA MET J 1592 -8.75 37.13 68.11
C MET J 1592 -8.67 38.42 68.90
N MET J 1593 -7.71 39.29 68.58
CA MET J 1593 -7.57 40.55 69.28
C MET J 1593 -8.81 41.42 69.08
N ASN J 1594 -9.33 41.42 67.85
CA ASN J 1594 -10.56 42.14 67.56
C ASN J 1594 -11.74 41.55 68.36
N GLY J 1595 -11.86 40.23 68.35
CA GLY J 1595 -12.90 39.59 69.15
C GLY J 1595 -12.77 39.94 70.63
N ALA J 1596 -11.56 39.99 71.14
CA ALA J 1596 -11.34 40.28 72.55
C ALA J 1596 -11.75 41.70 72.90
N LEU J 1597 -11.44 42.66 72.03
CA LEU J 1597 -11.88 44.02 72.27
C LEU J 1597 -13.40 44.11 72.23
N GLN J 1598 -14.04 43.43 71.29
CA GLN J 1598 -15.49 43.42 71.21
C GLN J 1598 -16.07 42.81 72.49
N ILE J 1599 -15.49 41.73 72.99
CA ILE J 1599 -15.92 41.13 74.25
C ILE J 1599 -15.82 42.13 75.39
N LEU J 1600 -14.66 42.78 75.50
CA LEU J 1600 -14.47 43.72 76.59
C LEU J 1600 -15.52 44.82 76.56
N ASN J 1601 -15.80 45.41 75.41
CA ASN J 1601 -16.68 46.59 75.38
C ASN J 1601 -18.18 46.27 75.38
N SER J 1602 -18.54 45.01 75.18
CA SER J 1602 -19.94 44.60 75.21
C SER J 1602 -20.24 43.77 76.42
N GLY J 1603 -19.25 43.10 76.97
CA GLY J 1603 -19.52 42.18 78.05
C GLY J 1603 -20.08 40.83 77.61
N ILE J 1604 -20.21 40.60 76.31
CA ILE J 1604 -20.82 39.39 75.76
C ILE J 1604 -19.70 38.42 75.40
N ILE J 1605 -19.84 37.17 75.85
CA ILE J 1605 -18.83 36.14 75.64
C ILE J 1605 -19.40 35.11 74.66
N PRO J 1606 -18.95 35.08 73.41
CA PRO J 1606 -19.55 34.16 72.43
C PRO J 1606 -19.26 32.70 72.76
N GLY J 1607 -20.23 31.84 72.46
CA GLY J 1607 -20.07 30.42 72.66
C GLY J 1607 -19.58 29.70 71.41
N ASN J 1608 -18.81 28.65 71.64
CA ASN J 1608 -18.34 27.76 70.57
C ASN J 1608 -19.51 26.88 70.15
N ARG J 1609 -20.24 27.29 69.11
CA ARG J 1609 -21.44 26.56 68.71
C ARG J 1609 -21.13 25.20 68.07
N ASN J 1610 -19.89 24.95 67.71
CA ASN J 1610 -19.49 23.65 67.19
C ASN J 1610 -18.93 22.74 68.28
N ALA J 1611 -18.93 23.20 69.53
CA ALA J 1611 -18.49 22.36 70.64
C ALA J 1611 -19.60 21.38 71.02
N ASP J 1612 -19.82 20.37 70.20
CA ASP J 1612 -20.88 19.41 70.47
C ASP J 1612 -20.55 18.53 71.68
N ASN J 1613 -19.33 18.02 71.73
CA ASN J 1613 -18.94 17.18 72.86
C ASN J 1613 -17.52 17.54 73.26
N VAL J 1614 -17.37 18.19 74.42
CA VAL J 1614 -16.04 18.58 74.88
C VAL J 1614 -15.24 17.33 75.19
N ASP J 1615 -14.02 17.27 74.65
CA ASP J 1615 -13.14 16.13 74.84
C ASP J 1615 -12.95 15.83 76.32
N LYS J 1616 -13.01 14.53 76.66
CA LYS J 1616 -12.93 14.11 78.06
C LYS J 1616 -11.56 14.38 78.67
N ILE J 1617 -10.50 14.34 77.86
CA ILE J 1617 -9.15 14.59 78.35
C ILE J 1617 -8.99 16.00 78.92
N LEU J 1618 -9.84 16.95 78.50
CA LEU J 1618 -9.76 18.31 78.98
C LEU J 1618 -10.44 18.52 80.32
N GLU J 1619 -11.16 17.53 80.82
CA GLU J 1619 -11.79 17.65 82.12
C GLU J 1619 -10.75 17.83 83.23
N GLN J 1620 -9.53 17.32 83.02
CA GLN J 1620 -8.48 17.43 84.01
C GLN J 1620 -8.05 18.87 84.26
N PHE J 1621 -8.32 19.77 83.32
CA PHE J 1621 -7.95 21.18 83.46
C PHE J 1621 -9.07 21.95 84.13
N GLU J 1622 -9.06 21.97 85.45
CA GLU J 1622 -10.13 22.60 86.21
C GLU J 1622 -10.28 24.12 86.10
N TYR J 1623 -9.28 24.81 85.60
CA TYR J 1623 -9.34 26.26 85.53
C TYR J 1623 -9.85 26.77 84.18
N VAL J 1624 -10.29 25.87 83.30
CA VAL J 1624 -10.78 26.23 81.98
C VAL J 1624 -12.21 25.73 81.83
N LEU J 1625 -13.08 26.60 81.32
CA LEU J 1625 -14.47 26.27 81.01
C LEU J 1625 -14.70 26.43 79.52
N TYR J 1626 -15.45 25.50 78.92
CA TYR J 1626 -15.69 25.46 77.48
C TYR J 1626 -17.17 25.65 77.20
N PRO J 1627 -17.63 26.88 77.04
CA PRO J 1627 -19.06 27.10 76.76
C PRO J 1627 -19.42 26.81 75.31
N SER J 1628 -20.67 26.46 75.09
CA SER J 1628 -21.14 26.20 73.72
C SER J 1628 -22.12 27.29 73.26
N LYS J 1629 -22.49 28.20 74.15
CA LYS J 1629 -23.44 29.24 73.78
C LYS J 1629 -23.03 30.57 74.41
N THR J 1630 -23.52 31.64 73.80
CA THR J 1630 -23.13 32.99 74.19
C THR J 1630 -23.64 33.30 75.60
N LEU J 1631 -22.82 34.03 76.35
CA LEU J 1631 -23.15 34.46 77.70
C LEU J 1631 -23.12 35.97 77.77
N LYS J 1632 -24.19 36.56 78.29
CA LYS J 1632 -24.26 37.99 78.54
C LYS J 1632 -23.88 38.21 80.01
N THR J 1633 -22.68 38.71 80.24
CA THR J 1633 -22.22 38.96 81.59
C THR J 1633 -22.47 40.41 81.97
N ASP J 1634 -22.22 40.73 83.24
CA ASP J 1634 -22.25 42.11 83.69
C ASP J 1634 -20.87 42.77 83.64
N GLY J 1635 -19.97 42.25 82.81
CA GLY J 1635 -18.68 42.88 82.67
C GLY J 1635 -17.45 41.99 82.60
N VAL J 1636 -16.69 42.10 81.51
CA VAL J 1636 -15.42 41.38 81.40
C VAL J 1636 -14.33 42.39 81.64
N ARG J 1637 -13.43 42.12 82.58
CA ARG J 1637 -12.38 43.09 82.92
C ARG J 1637 -11.04 42.89 82.21
N ALA J 1638 -10.74 41.66 81.78
CA ALA J 1638 -9.50 41.40 81.06
C ALA J 1638 -9.66 40.15 80.23
N VAL J 1639 -8.99 40.11 79.08
CA VAL J 1639 -9.00 38.96 78.19
C VAL J 1639 -7.56 38.56 77.88
N SER J 1640 -7.31 37.25 77.86
CA SER J 1640 -6.06 36.68 77.42
C SER J 1640 -6.16 36.22 75.98
N ILE J 1641 -5.10 36.41 75.21
CA ILE J 1641 -5.02 35.97 73.82
C ILE J 1641 -3.74 35.17 73.69
N THR J 1642 -3.84 33.92 73.23
CA THR J 1642 -2.66 33.09 73.04
C THR J 1642 -2.66 32.55 71.62
N SER J 1643 -1.46 32.34 71.08
CA SER J 1643 -1.34 31.74 69.76
C SER J 1643 -0.07 30.92 69.71
N PHE J 1644 -0.10 29.89 68.88
CA PHE J 1644 1.03 28.99 68.77
C PHE J 1644 1.27 28.77 67.30
N GLY J 1645 2.44 29.14 66.81
CA GLY J 1645 2.74 29.01 65.41
C GLY J 1645 3.78 28.00 65.09
N PHE J 1646 3.74 27.43 63.90
CA PHE J 1646 4.78 26.52 63.49
C PHE J 1646 6.14 27.15 63.77
N GLY J 1647 7.13 26.33 64.08
CA GLY J 1647 8.45 26.83 64.40
C GLY J 1647 8.58 27.37 65.79
N GLN J 1648 7.91 26.74 66.75
CA GLN J 1648 7.95 27.14 68.16
C GLN J 1648 7.60 28.61 68.42
N LYS J 1649 6.67 29.16 67.66
CA LYS J 1649 6.26 30.54 67.87
C LYS J 1649 5.09 30.57 68.84
N GLY J 1650 5.37 30.83 70.10
CA GLY J 1650 4.34 30.97 71.10
C GLY J 1650 4.21 32.44 71.45
N GLY J 1651 3.02 32.89 71.75
CA GLY J 1651 2.76 34.27 72.09
C GLY J 1651 1.55 34.42 72.99
N GLN J 1652 1.57 35.47 73.80
CA GLN J 1652 0.43 35.81 74.64
C GLN J 1652 0.30 37.33 74.73
N ALA J 1653 -0.95 37.80 74.76
CA ALA J 1653 -1.26 39.19 75.02
C ALA J 1653 -2.39 39.26 76.04
N ILE J 1654 -2.40 40.32 76.83
CA ILE J 1654 -3.45 40.59 77.81
C ILE J 1654 -4.02 41.96 77.51
N VAL J 1655 -5.33 42.03 77.33
CA VAL J 1655 -6.03 43.28 77.05
C VAL J 1655 -6.96 43.55 78.21
N VAL J 1656 -6.90 44.75 78.74
CA VAL J 1656 -7.65 45.14 79.92
C VAL J 1656 -8.73 46.14 79.52
N HIS J 1657 -9.84 46.13 80.24
CA HIS J 1657 -10.96 47.02 79.94
C HIS J 1657 -10.55 48.48 79.94
N PRO J 1658 -10.95 49.22 78.90
CA PRO J 1658 -10.50 50.61 78.78
C PRO J 1658 -10.88 51.54 79.93
N ASP J 1659 -11.90 51.20 80.71
CA ASP J 1659 -12.35 52.08 81.76
C ASP J 1659 -11.34 52.19 82.90
N TYR J 1660 -10.45 51.22 83.03
CA TYR J 1660 -9.38 51.32 84.04
C TYR J 1660 -8.38 52.43 83.74
N LEU J 1661 -8.25 52.80 82.47
CA LEU J 1661 -7.38 53.92 82.12
C LEU J 1661 -7.85 55.21 82.77
N TYR J 1662 -9.15 55.48 82.68
CA TYR J 1662 -9.68 56.76 83.17
C TYR J 1662 -9.49 57.04 84.64
N GLY J 1663 -9.35 56.01 85.46
CA GLY J 1663 -9.03 56.24 86.85
C GLY J 1663 -7.71 56.94 87.08
N ALA J 1664 -6.86 57.00 86.04
CA ALA J 1664 -5.53 57.57 86.16
C ALA J 1664 -5.49 59.08 85.92
N ILE J 1665 -6.58 59.69 85.50
CA ILE J 1665 -6.58 61.08 85.09
C ILE J 1665 -7.59 61.87 85.93
N THR J 1666 -7.48 63.19 85.88
CA THR J 1666 -8.40 64.06 86.61
C THR J 1666 -9.74 64.17 85.88
N GLU J 1667 -10.71 64.74 86.59
CA GLU J 1667 -12.05 64.89 86.03
C GLU J 1667 -12.06 65.84 84.84
N ASP J 1668 -11.33 66.97 84.92
CA ASP J 1668 -11.33 67.93 83.82
C ASP J 1668 -10.73 67.32 82.56
N ARG J 1669 -9.64 66.58 82.71
CA ARG J 1669 -9.03 65.93 81.56
C ARG J 1669 -9.95 64.89 80.98
N TYR J 1670 -10.64 64.15 81.83
CA TYR J 1670 -11.58 63.14 81.35
C TYR J 1670 -12.73 63.79 80.57
N ASN J 1671 -13.28 64.87 81.11
CA ASN J 1671 -14.40 65.52 80.46
C ASN J 1671 -14.03 66.14 79.11
N GLU J 1672 -12.84 66.71 79.03
CA GLU J 1672 -12.40 67.26 77.76
C GLU J 1672 -12.18 66.14 76.75
N TYR J 1673 -11.69 64.99 77.20
CA TYR J 1673 -11.51 63.85 76.33
C TYR J 1673 -12.87 63.42 75.83
N VAL J 1674 -13.86 63.34 76.70
CA VAL J 1674 -15.17 62.85 76.31
C VAL J 1674 -15.76 63.74 75.23
N ALA J 1675 -15.67 65.06 75.41
CA ALA J 1675 -16.19 65.99 74.40
C ALA J 1675 -15.49 65.80 73.06
N LYS J 1676 -14.17 65.69 73.08
CA LYS J 1676 -13.42 65.52 71.85
C LYS J 1676 -13.81 64.22 71.15
N VAL J 1677 -13.97 63.15 71.91
CA VAL J 1677 -14.31 61.86 71.31
C VAL J 1677 -15.68 61.92 70.67
N SER J 1678 -16.63 62.54 71.33
CA SER J 1678 -18.00 62.63 70.80
C SER J 1678 -18.01 63.36 69.46
N ALA J 1679 -17.30 64.47 69.39
CA ALA J 1679 -17.21 65.21 68.13
C ALA J 1679 -16.56 64.35 67.04
N ARG J 1680 -15.47 63.69 67.38
CA ARG J 1680 -14.78 62.84 66.41
C ARG J 1680 -15.68 61.72 65.92
N GLU J 1681 -16.47 61.14 66.81
CA GLU J 1681 -17.35 60.04 66.42
C GLU J 1681 -18.42 60.50 65.44
N LYS J 1682 -18.96 61.69 65.63
CA LYS J 1682 -19.96 62.20 64.70
C LYS J 1682 -19.35 62.44 63.33
N SER J 1683 -18.15 63.01 63.28
CA SER J 1683 -17.48 63.15 61.99
C SER J 1683 -17.20 61.80 61.35
N ALA J 1684 -16.84 60.80 62.16
CA ALA J 1684 -16.52 59.49 61.60
C ALA J 1684 -17.76 58.84 61.00
N TYR J 1685 -18.91 59.03 61.61
CA TYR J 1685 -20.16 58.49 61.08
C TYR J 1685 -20.48 59.13 59.74
N LYS J 1686 -20.38 60.45 59.69
CA LYS J 1686 -20.61 61.15 58.43
C LYS J 1686 -19.71 60.60 57.33
N PHE J 1687 -18.41 60.48 57.60
CA PHE J 1687 -17.47 59.97 56.61
C PHE J 1687 -17.77 58.55 56.24
N PHE J 1688 -18.10 57.72 57.21
CA PHE J 1688 -18.30 56.32 56.93
C PHE J 1688 -19.46 56.13 55.96
N HIS J 1689 -20.58 56.82 56.20
CA HIS J 1689 -21.74 56.56 55.35
C HIS J 1689 -21.57 57.17 53.96
N ASN J 1690 -20.98 58.37 53.88
CA ASN J 1690 -20.64 58.90 52.56
C ASN J 1690 -19.76 57.91 51.79
N GLY J 1691 -18.67 57.46 52.42
CA GLY J 1691 -17.76 56.55 51.75
C GLY J 1691 -18.40 55.24 51.37
N MET J 1692 -19.33 54.75 52.19
CA MET J 1692 -19.99 53.49 51.89
C MET J 1692 -20.86 53.62 50.66
N ILE J 1693 -21.73 54.63 50.61
CA ILE J 1693 -22.69 54.67 49.51
C ILE J 1693 -22.03 55.10 48.21
N TYR J 1694 -20.93 55.85 48.27
CA TYR J 1694 -20.28 56.29 47.05
C TYR J 1694 -19.03 55.48 46.71
N ASN J 1695 -18.82 54.36 47.39
CA ASN J 1695 -17.67 53.51 47.13
C ASN J 1695 -16.36 54.27 47.18
N LYS J 1696 -16.18 55.08 48.20
CA LYS J 1696 -14.94 55.84 48.36
C LYS J 1696 -14.51 55.90 49.82
N LEU J 1697 -14.68 54.79 50.55
CA LEU J 1697 -14.08 54.70 51.88
C LEU J 1697 -12.56 54.77 51.78
N PHE J 1698 -11.98 54.05 50.84
CA PHE J 1698 -10.55 54.12 50.53
C PHE J 1698 -10.33 55.26 49.54
N VAL J 1699 -9.49 56.20 49.91
CA VAL J 1699 -9.13 57.29 49.02
C VAL J 1699 -7.62 57.35 48.99
N SER J 1700 -7.02 57.05 47.86
CA SER J 1700 -5.58 57.00 47.73
C SER J 1700 -5.00 58.40 47.77
N LYS J 1701 -3.90 58.56 48.49
CA LYS J 1701 -3.22 59.84 48.56
C LYS J 1701 -2.36 60.00 47.31
N GLU J 1702 -2.42 61.16 46.69
CA GLU J 1702 -1.64 61.44 45.49
C GLU J 1702 -0.31 62.09 45.80
N HIS J 1703 -0.24 62.98 46.80
CA HIS J 1703 1.00 63.61 47.20
C HIS J 1703 1.23 63.45 48.70
N ALA J 1704 2.49 63.46 49.08
CA ALA J 1704 2.86 63.50 50.48
C ALA J 1704 2.40 64.82 51.10
N PRO J 1705 2.42 64.91 52.45
CA PRO J 1705 2.05 66.17 53.09
C PRO J 1705 3.08 67.29 52.85
N TYR J 1706 4.25 66.98 52.33
CA TYR J 1706 5.29 67.96 52.02
C TYR J 1706 5.63 67.85 50.55
N THR J 1707 6.11 68.95 49.98
CA THR J 1707 6.61 68.90 48.62
C THR J 1707 8.02 68.30 48.61
N ASP J 1708 8.47 67.90 47.43
CA ASP J 1708 9.83 67.40 47.30
C ASP J 1708 10.85 68.42 47.77
N GLU J 1709 10.51 69.71 47.70
CA GLU J 1709 11.44 70.76 48.11
C GLU J 1709 11.56 70.84 49.63
N LEU J 1710 10.49 70.53 50.36
CA LEU J 1710 10.48 70.66 51.80
C LEU J 1710 10.74 69.34 52.53
N GLU J 1711 10.90 68.24 51.80
CA GLU J 1711 10.87 66.92 52.44
C GLU J 1711 12.01 66.76 53.44
N GLU J 1712 13.24 67.10 53.05
CA GLU J 1712 14.37 66.95 53.96
C GLU J 1712 14.25 67.89 55.15
N ASP J 1713 13.78 69.12 54.92
CA ASP J 1713 13.51 70.03 56.03
C ASP J 1713 12.54 69.41 57.02
N VAL J 1714 11.47 68.80 56.53
CA VAL J 1714 10.49 68.16 57.41
C VAL J 1714 11.15 67.02 58.18
N TYR J 1715 11.93 66.19 57.49
CA TYR J 1715 12.60 65.07 58.14
C TYR J 1715 13.52 65.54 59.27
N LEU J 1716 14.16 66.69 59.10
CA LEU J 1716 15.18 67.12 60.06
C LEU J 1716 14.65 68.02 61.16
N ASP J 1717 13.35 68.35 61.16
CA ASP J 1717 12.77 69.20 62.19
C ASP J 1717 11.78 68.40 63.03
N PRO J 1718 12.18 67.98 64.24
CA PRO J 1718 11.30 67.12 65.04
C PRO J 1718 9.96 67.78 65.46
N LEU J 1719 9.91 69.10 65.46
CA LEU J 1719 8.69 69.82 65.83
C LEU J 1719 7.86 70.23 64.63
N ALA J 1720 8.23 69.81 63.43
CA ALA J 1720 7.44 70.10 62.25
C ALA J 1720 6.07 69.42 62.30
N ARG J 1721 5.00 70.17 62.08
CA ARG J 1721 3.65 69.64 62.12
C ARG J 1721 2.86 70.21 60.96
N VAL J 1722 1.93 69.45 60.43
CA VAL J 1722 1.14 69.91 59.31
C VAL J 1722 0.10 70.88 59.78
N SER J 1723 -0.61 71.50 58.83
CA SER J 1723 -1.64 72.47 59.17
C SER J 1723 -2.58 72.54 57.99
N LYS J 1724 -3.78 73.06 58.20
CA LYS J 1724 -4.75 73.06 57.12
C LYS J 1724 -4.38 74.11 56.07
N ASP J 1725 -4.30 73.67 54.83
CA ASP J 1725 -3.94 74.55 53.72
C ASP J 1725 -5.16 75.38 53.33
N LYS J 1726 -5.01 76.72 53.37
CA LYS J 1726 -6.14 77.61 53.13
C LYS J 1726 -6.75 77.37 51.76
N LYS J 1727 -5.93 77.36 50.72
CA LYS J 1727 -6.45 77.20 49.36
C LYS J 1727 -7.07 75.82 49.17
N SER J 1728 -6.26 74.77 49.26
CA SER J 1728 -6.72 73.42 48.96
C SER J 1728 -7.53 72.80 50.09
N GLY J 1729 -7.49 73.38 51.29
CA GLY J 1729 -8.20 72.78 52.41
C GLY J 1729 -7.73 71.39 52.75
N SER J 1730 -6.42 71.15 52.62
CA SER J 1730 -5.84 69.84 52.91
C SER J 1730 -4.65 69.97 53.83
N LEU J 1731 -4.40 68.96 54.63
CA LEU J 1731 -3.29 69.01 55.58
C LEU J 1731 -1.96 68.91 54.87
N THR J 1732 -1.08 69.87 55.13
CA THR J 1732 0.20 69.90 54.47
C THR J 1732 1.21 70.59 55.34
N PHE J 1733 2.49 70.36 55.08
CA PHE J 1733 3.52 71.06 55.83
C PHE J 1733 3.74 72.44 55.21
N ASN J 1734 3.92 73.42 56.08
CA ASN J 1734 4.06 74.82 55.67
C ASN J 1734 5.46 75.29 56.00
N SER J 1735 6.10 75.95 55.04
CA SER J 1735 7.49 76.35 55.20
C SER J 1735 7.71 77.24 56.41
N LYS J 1736 6.75 78.11 56.71
CA LYS J 1736 6.88 78.98 57.87
C LYS J 1736 6.80 78.23 59.19
N ASN J 1737 6.36 76.97 59.16
CA ASN J 1737 6.27 76.17 60.38
C ASN J 1737 7.41 75.17 60.54
N ILE J 1738 8.49 75.34 59.79
CA ILE J 1738 9.62 74.41 59.84
C ILE J 1738 10.83 75.14 60.41
N GLN J 1739 11.38 74.60 61.50
CA GLN J 1739 12.48 75.22 62.23
C GLN J 1739 12.11 76.63 62.71
N SER J 1740 10.93 76.74 63.30
CA SER J 1740 10.39 78.02 63.75
C SER J 1740 10.44 78.13 65.26
N LYS J 1741 10.63 79.36 65.74
CA LYS J 1741 10.66 79.60 67.18
C LYS J 1741 9.32 79.28 67.83
N ASP J 1742 8.22 79.39 67.07
CA ASP J 1742 6.90 79.15 67.64
C ASP J 1742 6.73 77.70 68.09
N SER J 1743 7.20 76.76 67.28
CA SER J 1743 7.08 75.35 67.61
C SER J 1743 7.82 75.01 68.90
N TYR J 1744 9.00 75.58 69.07
CA TYR J 1744 9.82 75.31 70.25
C TYR J 1744 9.20 75.93 71.50
N MET K 1 -40.01 8.71 -120.98
CA MET K 1 -39.61 7.27 -121.09
C MET K 1 -40.34 6.45 -120.02
N LYS K 2 -40.50 5.15 -120.27
CA LYS K 2 -41.18 4.28 -119.34
C LYS K 2 -40.41 4.20 -118.02
N PRO K 3 -41.10 3.95 -116.90
CA PRO K 3 -40.38 3.86 -115.62
C PRO K 3 -39.33 2.77 -115.61
N GLU K 4 -39.57 1.66 -116.30
CA GLU K 4 -38.58 0.59 -116.33
C GLU K 4 -37.37 0.98 -117.17
N VAL K 5 -37.61 1.56 -118.34
CA VAL K 5 -36.51 2.04 -119.17
C VAL K 5 -35.78 3.17 -118.48
N GLU K 6 -36.54 4.03 -117.79
CA GLU K 6 -35.93 5.10 -117.02
C GLU K 6 -35.03 4.55 -115.93
N GLN K 7 -35.48 3.50 -115.23
CA GLN K 7 -34.66 2.89 -114.20
C GLN K 7 -33.41 2.26 -114.80
N GLU K 8 -33.54 1.60 -115.95
CA GLU K 8 -32.38 1.03 -116.63
C GLU K 8 -31.36 2.10 -116.95
N LEU K 9 -31.81 3.21 -117.54
CA LEU K 9 -30.90 4.30 -117.87
C LEU K 9 -30.27 4.90 -116.62
N ALA K 10 -31.06 5.05 -115.56
CA ALA K 10 -30.53 5.61 -114.32
C ALA K 10 -29.46 4.70 -113.73
N HIS K 11 -29.67 3.39 -113.78
CA HIS K 11 -28.67 2.45 -113.31
C HIS K 11 -27.38 2.58 -114.10
N ILE K 12 -27.50 2.66 -115.43
CA ILE K 12 -26.30 2.81 -116.25
C ILE K 12 -25.57 4.09 -115.88
N LEU K 13 -26.31 5.19 -115.75
CA LEU K 13 -25.70 6.48 -115.43
C LEU K 13 -25.00 6.44 -114.08
N LEU K 14 -25.66 5.85 -113.07
CA LEU K 14 -25.07 5.79 -111.74
C LEU K 14 -23.82 4.94 -111.72
N THR K 15 -23.84 3.78 -112.38
CA THR K 15 -22.66 2.94 -112.42
C THR K 15 -21.51 3.67 -113.11
N GLU K 16 -21.79 4.35 -114.22
CA GLU K 16 -20.74 5.08 -114.92
C GLU K 16 -20.16 6.19 -114.07
N LEU K 17 -21.03 6.95 -113.39
CA LEU K 17 -20.56 8.05 -112.58
C LEU K 17 -19.67 7.56 -111.45
N LEU K 18 -20.12 6.52 -110.75
CA LEU K 18 -19.30 5.97 -109.66
C LEU K 18 -18.00 5.41 -110.19
N ALA K 19 -18.04 4.72 -111.34
CA ALA K 19 -16.82 4.12 -111.88
C ALA K 19 -15.79 5.18 -112.20
N TYR K 20 -16.19 6.24 -112.90
CA TYR K 20 -15.24 7.24 -113.33
C TYR K 20 -14.89 8.26 -112.26
N GLN K 21 -15.62 8.33 -111.17
CA GLN K 21 -15.36 9.35 -110.17
C GLN K 21 -13.99 9.28 -109.56
N PHE K 22 -13.53 8.09 -109.21
CA PHE K 22 -12.28 7.98 -108.48
C PHE K 22 -11.06 8.20 -109.36
N ALA K 23 -11.23 8.22 -110.68
CA ALA K 23 -10.14 8.46 -111.62
C ALA K 23 -10.23 9.83 -112.28
N SER K 24 -11.09 10.70 -111.81
CA SER K 24 -11.26 12.04 -112.34
C SER K 24 -11.38 13.03 -111.19
N PRO K 25 -11.04 14.29 -111.42
CA PRO K 25 -10.96 15.24 -110.31
C PRO K 25 -12.32 15.53 -109.67
N VAL K 26 -12.28 15.90 -108.41
CA VAL K 26 -13.47 16.18 -107.63
C VAL K 26 -13.78 17.67 -107.72
N ARG K 27 -14.91 18.00 -108.35
CA ARG K 27 -15.29 19.41 -108.54
C ARG K 27 -16.20 19.86 -107.42
N TRP K 28 -15.61 20.00 -106.23
CA TRP K 28 -16.36 20.51 -105.10
C TRP K 28 -16.75 21.97 -105.28
N ILE K 29 -16.02 22.73 -106.09
CA ILE K 29 -16.36 24.14 -106.32
C ILE K 29 -17.73 24.25 -106.95
N GLU K 30 -17.94 23.52 -108.05
CA GLU K 30 -19.22 23.61 -108.74
C GLU K 30 -20.35 23.07 -107.88
N THR K 31 -20.08 22.03 -107.09
CA THR K 31 -21.10 21.48 -106.22
C THR K 31 -21.52 22.48 -105.15
N GLN K 32 -20.55 23.13 -104.52
CA GLN K 32 -20.87 24.16 -103.55
C GLN K 32 -21.66 25.30 -104.19
N ASP K 33 -21.25 25.71 -105.40
CA ASP K 33 -22.06 26.70 -106.12
C ASP K 33 -23.49 26.22 -106.27
N VAL K 34 -23.66 24.98 -106.73
CA VAL K 34 -25.00 24.50 -107.05
C VAL K 34 -25.88 24.54 -105.80
N PHE K 35 -25.40 23.97 -104.70
CA PHE K 35 -26.26 23.82 -103.54
C PHE K 35 -26.24 25.02 -102.62
N LEU K 36 -25.43 26.04 -102.90
CA LEU K 36 -25.51 27.29 -102.16
C LEU K 36 -26.22 28.40 -102.91
N LYS K 37 -26.29 28.32 -104.25
CA LYS K 37 -26.90 29.36 -105.05
C LYS K 37 -28.08 28.87 -105.88
N ASP K 38 -27.91 27.78 -106.63
CA ASP K 38 -28.99 27.37 -107.51
C ASP K 38 -30.18 26.82 -106.73
N PHE K 39 -29.94 26.19 -105.59
CA PHE K 39 -31.00 25.78 -104.68
C PHE K 39 -31.13 26.69 -103.46
N ASN K 40 -30.06 27.39 -103.09
CA ASN K 40 -30.00 28.08 -101.80
C ASN K 40 -30.11 27.04 -100.71
N THR K 41 -29.62 27.32 -99.52
CA THR K 41 -29.73 26.35 -98.45
C THR K 41 -29.55 27.00 -97.10
N GLU K 42 -30.61 27.05 -96.30
CA GLU K 42 -30.53 27.64 -94.97
C GLU K 42 -29.83 26.74 -93.96
N ARG K 43 -29.81 25.42 -94.19
CA ARG K 43 -29.05 24.51 -93.34
C ARG K 43 -28.30 23.53 -94.22
N VAL K 44 -26.98 23.51 -94.05
CA VAL K 44 -26.11 22.52 -94.66
C VAL K 44 -25.59 21.63 -93.55
N VAL K 45 -25.88 20.34 -93.63
CA VAL K 45 -25.58 19.39 -92.57
C VAL K 45 -24.48 18.47 -93.07
N GLU K 46 -23.34 18.49 -92.39
CA GLU K 46 -22.22 17.65 -92.75
C GLU K 46 -22.26 16.36 -91.95
N ILE K 47 -22.24 15.24 -92.66
CA ILE K 47 -22.27 13.91 -92.05
C ILE K 47 -20.84 13.39 -92.12
N GLY K 48 -20.16 13.40 -90.98
CA GLY K 48 -18.79 12.93 -90.92
C GLY K 48 -18.17 13.06 -89.56
N PRO K 49 -16.94 12.56 -89.41
CA PRO K 49 -16.26 12.59 -88.12
C PRO K 49 -15.63 13.93 -87.76
N SER K 50 -15.55 14.86 -88.71
CA SER K 50 -14.91 16.14 -88.45
C SER K 50 -15.51 17.19 -89.38
N PRO K 51 -15.36 18.49 -89.04
CA PRO K 51 -15.94 19.56 -89.88
C PRO K 51 -15.04 20.01 -91.02
N THR K 52 -14.83 19.12 -91.99
CA THR K 52 -14.02 19.45 -93.16
C THR K 52 -14.84 20.21 -94.20
N LEU K 53 -15.89 19.58 -94.71
CA LEU K 53 -16.73 20.24 -95.71
C LEU K 53 -17.50 21.40 -95.12
N ALA K 54 -17.79 21.36 -93.82
CA ALA K 54 -18.40 22.52 -93.17
C ALA K 54 -17.47 23.73 -93.24
N GLY K 55 -16.19 23.53 -92.95
CA GLY K 55 -15.23 24.60 -93.09
C GLY K 55 -15.11 25.08 -94.53
N MET K 56 -15.11 24.14 -95.47
CA MET K 56 -15.07 24.51 -96.88
C MET K 56 -16.23 25.41 -97.24
N ALA K 57 -17.44 25.01 -96.85
CA ALA K 57 -18.63 25.78 -97.19
C ALA K 57 -18.64 27.14 -96.50
N GLN K 58 -18.18 27.19 -95.25
CA GLN K 58 -18.10 28.47 -94.56
C GLN K 58 -17.16 29.43 -95.28
N ARG K 59 -15.99 28.93 -95.71
CA ARG K 59 -15.08 29.78 -96.47
C ARG K 59 -15.71 30.22 -97.79
N THR K 60 -16.37 29.30 -98.48
CA THR K 60 -16.99 29.67 -99.76
C THR K 60 -18.04 30.75 -99.57
N LEU K 61 -18.86 30.63 -98.52
CA LEU K 61 -19.84 31.66 -98.22
C LEU K 61 -19.16 32.99 -97.89
N LYS K 62 -18.08 32.94 -97.10
CA LYS K 62 -17.39 34.17 -96.72
C LYS K 62 -16.76 34.85 -97.91
N ASN K 63 -16.40 34.09 -98.95
CA ASN K 63 -15.63 34.63 -100.06
C ASN K 63 -16.43 34.86 -101.33
N LYS K 64 -17.66 34.34 -101.42
CA LYS K 64 -18.41 34.45 -102.67
C LYS K 64 -19.87 34.84 -102.51
N TYR K 65 -20.44 34.86 -101.30
CA TYR K 65 -21.87 35.09 -101.15
C TYR K 65 -22.22 36.02 -99.99
N GLU K 66 -21.26 36.81 -99.51
CA GLU K 66 -21.58 37.75 -98.43
C GLU K 66 -22.64 38.76 -98.88
N SER K 67 -22.42 39.40 -100.02
CA SER K 67 -23.36 40.43 -100.46
C SER K 67 -24.68 39.83 -100.92
N TYR K 68 -24.62 38.70 -101.62
CA TYR K 68 -25.84 38.05 -102.09
C TYR K 68 -26.67 37.54 -100.91
N ASP K 69 -26.02 36.92 -99.93
CA ASP K 69 -26.73 36.43 -98.75
C ASP K 69 -27.35 37.59 -97.98
N ALA K 70 -26.60 38.67 -97.79
CA ALA K 70 -27.13 39.82 -97.06
C ALA K 70 -28.32 40.42 -97.80
N ALA K 71 -28.20 40.58 -99.12
CA ALA K 71 -29.27 41.21 -99.89
C ALA K 71 -30.54 40.39 -99.86
N LEU K 72 -30.42 39.08 -100.04
CA LEU K 72 -31.61 38.22 -100.04
C LEU K 72 -32.02 37.76 -98.65
N SER K 73 -31.30 38.16 -97.61
CA SER K 73 -31.67 37.86 -96.23
C SER K 73 -31.80 36.35 -96.00
N LEU K 74 -30.67 35.66 -96.15
CA LEU K 74 -30.57 34.23 -95.84
C LEU K 74 -29.81 34.04 -94.55
N HIS K 75 -30.42 33.33 -93.61
CA HIS K 75 -29.77 33.00 -92.34
C HIS K 75 -29.12 31.63 -92.41
N ARG K 76 -28.19 31.46 -93.34
CA ARG K 76 -27.57 30.16 -93.59
C ARG K 76 -27.02 29.57 -92.29
N GLU K 77 -27.04 28.24 -92.23
CA GLU K 77 -26.64 27.51 -91.04
C GLU K 77 -25.78 26.33 -91.51
N ILE K 78 -24.50 26.36 -91.20
CA ILE K 78 -23.59 25.28 -91.52
C ILE K 78 -23.38 24.45 -90.28
N LEU K 79 -23.85 23.20 -90.31
CA LEU K 79 -23.79 22.31 -89.17
C LEU K 79 -23.04 21.04 -89.55
N CYS K 80 -22.20 20.57 -88.63
CA CYS K 80 -21.49 19.30 -88.78
C CYS K 80 -21.98 18.34 -87.72
N TYR K 81 -22.24 17.10 -88.12
CA TYR K 81 -22.78 16.12 -87.18
C TYR K 81 -21.88 15.96 -85.96
N SER K 82 -20.56 16.11 -86.13
CA SER K 82 -19.65 15.84 -85.03
C SER K 82 -19.79 16.85 -83.90
N LYS K 83 -19.99 18.13 -84.24
CA LYS K 83 -19.97 19.20 -83.24
C LYS K 83 -21.32 19.86 -83.00
N ASP K 84 -22.26 19.77 -83.94
CA ASP K 84 -23.50 20.54 -83.90
C ASP K 84 -24.71 19.64 -83.62
N ALA K 85 -24.57 18.71 -82.67
CA ALA K 85 -25.64 17.74 -82.44
C ALA K 85 -26.94 18.43 -82.03
N LYS K 86 -26.86 19.43 -81.16
CA LYS K 86 -28.07 20.05 -80.61
C LYS K 86 -28.91 20.67 -81.71
N GLU K 87 -28.28 21.36 -82.66
CA GLU K 87 -29.05 22.03 -83.70
C GLU K 87 -29.56 21.05 -84.74
N ILE K 88 -28.86 19.92 -84.93
CA ILE K 88 -29.35 18.90 -85.85
C ILE K 88 -30.57 18.19 -85.28
N TYR K 89 -30.54 17.89 -83.98
CA TYR K 89 -31.59 17.11 -83.34
C TYR K 89 -32.65 17.97 -82.65
N TYR K 90 -32.51 19.29 -82.68
CA TYR K 90 -33.41 20.18 -81.97
C TYR K 90 -33.50 19.81 -80.49
N THR K 91 -32.34 19.74 -79.86
CA THR K 91 -32.29 19.43 -78.44
C THR K 91 -31.48 20.49 -77.71
N PRO K 92 -31.85 21.76 -77.79
CA PRO K 92 -31.14 22.78 -77.02
C PRO K 92 -31.26 22.51 -75.53
N ASP K 93 -30.15 22.71 -74.81
CA ASP K 93 -30.15 22.48 -73.38
C ASP K 93 -31.05 23.50 -72.70
N PRO K 94 -31.50 23.21 -71.47
CA PRO K 94 -32.45 24.07 -70.76
C PRO K 94 -31.80 25.31 -70.16
N GLU K 329 -10.06 15.34 -16.24
CA GLU K 329 -9.90 14.24 -15.29
C GLU K 329 -8.42 13.99 -15.01
N GLU K 330 -7.71 15.05 -14.63
CA GLU K 330 -6.30 14.93 -14.30
C GLU K 330 -6.10 14.21 -12.97
N ILE K 331 -6.94 14.50 -11.97
CA ILE K 331 -6.77 13.90 -10.65
C ILE K 331 -7.02 12.40 -10.71
N THR K 332 -8.12 12.00 -11.36
CA THR K 332 -8.44 10.58 -11.46
C THR K 332 -7.36 9.84 -12.25
N LYS K 333 -6.87 10.43 -13.33
CA LYS K 333 -5.81 9.79 -14.10
C LYS K 333 -4.54 9.66 -13.29
N ASP K 334 -4.17 10.69 -12.54
CA ASP K 334 -2.96 10.62 -11.74
C ASP K 334 -3.08 9.54 -10.68
N HIS K 335 -4.26 9.43 -10.04
CA HIS K 335 -4.45 8.37 -9.07
C HIS K 335 -4.42 7.00 -9.71
N LYS K 336 -5.05 6.83 -10.88
CA LYS K 336 -5.00 5.53 -11.54
C LYS K 336 -3.58 5.18 -11.95
N VAL K 337 -2.78 6.17 -12.33
CA VAL K 337 -1.38 5.92 -12.64
C VAL K 337 -0.63 5.44 -11.41
N LEU K 338 -0.87 6.09 -10.27
CA LEU K 338 -0.24 5.63 -9.03
C LEU K 338 -0.66 4.20 -8.68
N ALA K 339 -1.95 3.89 -8.85
CA ALA K 339 -2.43 2.54 -8.59
C ALA K 339 -1.75 1.53 -9.53
N ARG K 340 -1.61 1.89 -10.81
CA ARG K 340 -0.98 0.99 -11.76
C ARG K 340 0.47 0.73 -11.37
N GLN K 341 1.19 1.76 -10.95
CA GLN K 341 2.57 1.57 -10.54
C GLN K 341 2.67 0.69 -9.30
N GLN K 342 1.76 0.86 -8.34
CA GLN K 342 1.76 -0.02 -7.17
C GLN K 342 1.45 -1.47 -7.54
N LEU K 343 0.50 -1.67 -8.46
CA LEU K 343 0.20 -3.01 -8.94
C LEU K 343 1.42 -3.63 -9.62
N GLN K 344 2.13 -2.85 -10.44
CA GLN K 344 3.33 -3.36 -11.09
C GLN K 344 4.40 -3.75 -10.07
N VAL K 345 4.59 -2.93 -9.03
CA VAL K 345 5.58 -3.27 -8.01
C VAL K 345 5.20 -4.59 -7.35
N LEU K 346 3.92 -4.75 -7.01
CA LEU K 346 3.51 -6.01 -6.39
C LEU K 346 3.70 -7.18 -7.35
N ALA K 347 3.33 -7.01 -8.62
CA ALA K 347 3.46 -8.11 -9.57
C ALA K 347 4.91 -8.54 -9.70
N ARG K 348 5.83 -7.57 -9.73
CA ARG K 348 7.25 -7.91 -9.81
C ARG K 348 7.72 -8.62 -8.55
N TYR K 349 7.24 -8.18 -7.38
CA TYR K 349 7.60 -8.87 -6.15
C TYR K 349 7.13 -10.32 -6.16
N LEU K 350 5.92 -10.56 -6.65
CA LEU K 350 5.36 -11.91 -6.69
C LEU K 350 5.88 -12.74 -7.85
N LYS K 351 6.63 -12.13 -8.77
CA LYS K 351 7.15 -12.84 -9.94
C LYS K 351 6.03 -13.33 -10.83
N MET K 352 4.98 -12.53 -10.96
CA MET K 352 3.87 -12.89 -11.80
C MET K 352 3.90 -12.09 -13.09
N ASP K 353 3.97 -12.79 -14.22
CA ASP K 353 4.03 -12.13 -15.52
C ASP K 353 2.63 -11.82 -15.98
N LEU K 354 2.28 -10.55 -15.95
CA LEU K 354 0.91 -10.17 -16.30
C LEU K 354 0.63 -10.32 -17.78
N ASP K 355 1.66 -10.44 -18.62
CA ASP K 355 1.49 -10.52 -20.07
C ASP K 355 1.63 -11.93 -20.62
N ASN K 356 1.77 -12.92 -19.75
CA ASN K 356 1.94 -14.28 -20.21
C ASN K 356 0.76 -14.75 -21.06
N GLY K 357 -0.46 -14.49 -20.61
CA GLY K 357 -1.63 -14.95 -21.33
C GLY K 357 -1.73 -14.37 -22.73
N GLU K 358 -1.46 -13.07 -22.86
CA GLU K 358 -1.51 -12.44 -24.17
C GLU K 358 -0.44 -13.00 -25.11
N ARG K 359 0.73 -13.30 -24.57
CA ARG K 359 1.79 -13.85 -25.38
C ARG K 359 1.38 -15.20 -25.92
N LYS K 360 0.89 -16.06 -25.05
CA LYS K 360 0.45 -17.38 -25.48
C LYS K 360 -0.68 -17.27 -26.49
N PHE K 361 -1.60 -16.34 -26.29
CA PHE K 361 -2.71 -16.17 -27.22
C PHE K 361 -2.22 -15.75 -28.60
N LEU K 362 -1.25 -14.83 -28.67
CA LEU K 362 -0.75 -14.41 -29.97
C LEU K 362 -0.05 -15.55 -30.69
N LYS K 363 0.72 -16.36 -29.96
CA LYS K 363 1.30 -17.55 -30.58
C LYS K 363 0.21 -18.48 -31.12
N GLU K 364 -0.84 -18.71 -30.33
CA GLU K 364 -1.92 -19.60 -30.77
C GLU K 364 -2.61 -19.04 -32.00
N LYS K 365 -2.77 -17.73 -32.06
CA LYS K 365 -3.41 -17.13 -33.23
C LYS K 365 -2.55 -17.29 -34.47
N ASP K 366 -1.23 -17.21 -34.32
CA ASP K 366 -0.36 -17.52 -35.45
C ASP K 366 -0.55 -18.96 -35.91
N THR K 367 -0.65 -19.90 -34.97
CA THR K 367 -0.87 -21.30 -35.33
C THR K 367 -2.20 -21.47 -36.07
N VAL K 368 -3.24 -20.78 -35.61
CA VAL K 368 -4.54 -20.86 -36.25
C VAL K 368 -4.45 -20.36 -37.69
N ALA K 369 -3.72 -19.26 -37.90
CA ALA K 369 -3.59 -18.74 -39.26
C ALA K 369 -2.85 -19.73 -40.16
N GLU K 370 -1.82 -20.39 -39.63
CA GLU K 370 -1.09 -21.38 -40.42
C GLU K 370 -2.02 -22.52 -40.85
N LEU K 371 -2.75 -23.09 -39.89
CA LEU K 371 -3.63 -24.21 -40.21
C LEU K 371 -4.73 -23.79 -41.18
N GLN K 372 -5.26 -22.57 -41.01
CA GLN K 372 -6.28 -22.10 -41.92
C GLN K 372 -5.72 -21.92 -43.33
N ALA K 373 -4.47 -21.49 -43.46
CA ALA K 373 -3.87 -21.39 -44.79
C ALA K 373 -3.76 -22.75 -45.44
N GLN K 374 -3.35 -23.77 -44.68
CA GLN K 374 -3.29 -25.11 -45.24
C GLN K 374 -4.67 -25.59 -45.71
N LEU K 375 -5.69 -25.39 -44.89
CA LEU K 375 -7.04 -25.83 -45.27
C LEU K 375 -7.54 -25.04 -46.48
N ASP K 376 -7.26 -23.75 -46.54
CA ASP K 376 -7.65 -22.95 -47.69
C ASP K 376 -6.98 -23.46 -48.94
N TYR K 377 -5.71 -23.86 -48.84
CA TYR K 377 -5.03 -24.38 -50.02
C TYR K 377 -5.68 -25.68 -50.49
N LEU K 378 -5.99 -26.58 -49.56
CA LEU K 378 -6.63 -27.83 -49.96
C LEU K 378 -8.00 -27.56 -50.58
N ASN K 379 -8.74 -26.59 -50.07
CA ASN K 379 -10.02 -26.25 -50.66
C ASN K 379 -9.88 -25.60 -52.03
N ALA K 380 -8.79 -24.88 -52.26
CA ALA K 380 -8.58 -24.32 -53.60
C ALA K 380 -8.13 -25.39 -54.58
N GLU K 381 -7.38 -26.39 -54.13
CA GLU K 381 -6.96 -27.45 -55.02
C GLU K 381 -8.09 -28.42 -55.34
N LEU K 382 -8.91 -28.78 -54.35
CA LEU K 382 -9.92 -29.82 -54.52
C LEU K 382 -11.33 -29.30 -54.72
N GLY K 383 -11.63 -28.09 -54.27
CA GLY K 383 -12.97 -27.58 -54.45
C GLY K 383 -13.89 -27.94 -53.32
N GLU K 384 -14.90 -27.11 -53.09
CA GLU K 384 -15.79 -27.33 -51.96
C GLU K 384 -16.59 -28.61 -52.09
N PHE K 385 -17.07 -28.91 -53.29
CA PHE K 385 -17.91 -30.10 -53.46
C PHE K 385 -17.16 -31.36 -53.04
N PHE K 386 -15.93 -31.54 -53.51
CA PHE K 386 -15.14 -32.72 -53.16
C PHE K 386 -14.87 -32.78 -51.65
N VAL K 387 -14.38 -31.69 -51.09
CA VAL K 387 -14.00 -31.66 -49.67
C VAL K 387 -15.18 -31.99 -48.77
N ASN K 388 -16.32 -31.35 -49.02
CA ASN K 388 -17.50 -31.66 -48.23
C ASN K 388 -18.04 -33.05 -48.55
N GLY K 389 -17.83 -33.54 -49.75
CA GLY K 389 -18.38 -34.82 -50.14
C GLY K 389 -17.64 -36.03 -49.63
N VAL K 390 -16.38 -35.89 -49.23
CA VAL K 390 -15.65 -37.03 -48.68
C VAL K 390 -15.90 -37.21 -47.18
N ALA K 391 -16.88 -36.50 -46.63
CA ALA K 391 -17.22 -36.68 -45.22
C ALA K 391 -17.81 -38.07 -44.97
N THR K 392 -17.40 -38.69 -43.86
CA THR K 392 -17.84 -40.05 -43.56
C THR K 392 -19.33 -40.10 -43.23
N SER K 393 -19.93 -41.26 -43.50
CA SER K 393 -21.33 -41.52 -43.18
C SER K 393 -21.47 -42.84 -42.42
N PHE K 394 -20.61 -43.78 -42.70
CA PHE K 394 -20.79 -45.08 -42.11
C PHE K 394 -20.40 -45.26 -40.67
N SER K 395 -21.26 -45.90 -39.91
CA SER K 395 -20.90 -46.33 -38.57
C SER K 395 -21.63 -47.63 -38.31
N ARG K 396 -21.00 -48.52 -37.59
CA ARG K 396 -21.60 -49.82 -37.31
C ARG K 396 -22.90 -49.74 -36.50
N LYS K 397 -22.98 -48.82 -35.55
CA LYS K 397 -24.16 -48.75 -34.70
C LYS K 397 -25.42 -48.37 -35.46
N LYS K 398 -25.28 -47.77 -36.64
CA LYS K 398 -26.44 -47.35 -37.40
C LYS K 398 -27.01 -48.47 -38.28
N ALA K 399 -26.38 -49.64 -38.32
CA ALA K 399 -26.87 -50.73 -39.15
C ALA K 399 -28.23 -51.24 -38.64
N ARG K 400 -29.15 -51.45 -39.59
CA ARG K 400 -30.50 -51.94 -39.29
C ARG K 400 -30.70 -53.30 -39.92
N THR K 401 -31.07 -54.29 -39.14
CA THR K 401 -31.24 -55.66 -39.60
C THR K 401 -32.72 -55.97 -39.74
N PHE K 402 -33.05 -56.68 -40.82
CA PHE K 402 -34.41 -57.12 -41.06
C PHE K 402 -34.30 -58.61 -41.37
N ASP K 403 -34.86 -59.47 -40.53
CA ASP K 403 -34.85 -60.91 -40.81
C ASP K 403 -36.11 -61.65 -40.34
N SER K 404 -37.15 -60.97 -39.91
CA SER K 404 -38.30 -61.65 -39.30
C SER K 404 -39.39 -61.93 -40.35
N SER K 405 -39.00 -62.71 -41.37
CA SER K 405 -39.92 -63.11 -42.43
C SER K 405 -40.93 -64.09 -41.90
N TRP K 406 -40.58 -64.82 -40.85
CA TRP K 406 -41.51 -65.74 -40.19
C TRP K 406 -42.82 -65.07 -39.71
N ASN K 407 -42.84 -63.75 -39.52
CA ASN K 407 -44.01 -62.98 -39.09
C ASN K 407 -44.69 -62.24 -40.24
N TRP K 408 -43.89 -61.70 -41.14
CA TRP K 408 -44.44 -60.94 -42.24
C TRP K 408 -45.30 -61.81 -43.15
N ALA K 409 -44.98 -63.09 -43.24
CA ALA K 409 -45.77 -63.96 -44.08
C ALA K 409 -47.25 -64.01 -43.60
N LYS K 410 -47.48 -64.20 -42.31
CA LYS K 410 -48.85 -64.22 -41.81
C LYS K 410 -49.50 -62.85 -42.00
N GLN K 411 -48.78 -61.76 -41.82
CA GLN K 411 -49.37 -60.43 -42.09
C GLN K 411 -49.84 -60.32 -43.53
N SER K 412 -49.01 -60.77 -44.47
CA SER K 412 -49.38 -60.73 -45.88
C SER K 412 -50.62 -61.58 -46.14
N LEU K 413 -50.66 -62.78 -45.60
CA LEU K 413 -51.81 -63.66 -45.81
C LEU K 413 -53.09 -62.99 -45.34
N LEU K 414 -53.07 -62.38 -44.15
CA LEU K 414 -54.29 -61.74 -43.65
C LEU K 414 -54.69 -60.55 -44.50
N SER K 415 -53.72 -59.75 -44.94
CA SER K 415 -54.05 -58.60 -45.78
C SER K 415 -54.75 -59.06 -47.05
N LEU K 416 -54.23 -60.12 -47.69
CA LEU K 416 -54.85 -60.65 -48.89
C LEU K 416 -56.24 -61.19 -48.59
N TYR K 417 -56.38 -61.93 -47.50
CA TYR K 417 -57.65 -62.55 -47.15
C TYR K 417 -58.76 -61.51 -47.00
N PHE K 418 -58.48 -60.45 -46.25
CA PHE K 418 -59.52 -59.46 -46.00
C PHE K 418 -59.73 -58.55 -47.20
N GLU K 419 -58.69 -58.27 -47.98
CA GLU K 419 -58.92 -57.52 -49.21
C GLU K 419 -59.85 -58.27 -50.16
N ILE K 420 -59.69 -59.60 -50.24
CA ILE K 420 -60.59 -60.37 -51.09
C ILE K 420 -62.00 -60.41 -50.51
N ILE K 421 -62.11 -60.56 -49.18
CA ILE K 421 -63.43 -60.58 -48.58
C ILE K 421 -64.15 -59.26 -48.79
N HIS K 422 -63.42 -58.16 -48.84
CA HIS K 422 -64.02 -56.84 -48.99
C HIS K 422 -64.22 -56.44 -50.45
N GLY K 423 -63.87 -57.32 -51.40
CA GLY K 423 -64.05 -57.01 -52.80
C GLY K 423 -63.01 -56.09 -53.39
N VAL K 424 -61.99 -55.71 -52.63
CA VAL K 424 -60.94 -54.87 -53.20
C VAL K 424 -60.24 -55.60 -54.34
N LEU K 425 -59.93 -56.87 -54.16
CA LEU K 425 -59.38 -57.71 -55.21
C LEU K 425 -60.50 -58.63 -55.70
N LYS K 426 -60.97 -58.38 -56.92
CA LYS K 426 -62.00 -59.20 -57.55
C LYS K 426 -61.42 -60.33 -58.38
N ASN K 427 -60.20 -60.17 -58.87
CA ASN K 427 -59.61 -61.12 -59.82
C ASN K 427 -58.18 -61.43 -59.41
N VAL K 428 -57.71 -62.57 -59.90
CA VAL K 428 -56.34 -63.00 -59.63
C VAL K 428 -55.47 -62.32 -60.69
N ASP K 429 -55.14 -61.07 -60.42
CA ASP K 429 -54.30 -60.30 -61.32
C ASP K 429 -52.83 -60.56 -60.97
N ARG K 430 -51.93 -59.87 -61.66
CA ARG K 430 -50.51 -60.15 -61.47
C ARG K 430 -50.05 -59.82 -60.06
N GLU K 431 -50.59 -58.77 -59.44
CA GLU K 431 -50.21 -58.45 -58.07
C GLU K 431 -50.58 -59.58 -57.12
N VAL K 432 -51.75 -60.17 -57.30
CA VAL K 432 -52.15 -61.29 -56.45
C VAL K 432 -51.21 -62.47 -56.64
N VAL K 433 -50.87 -62.79 -57.89
CA VAL K 433 -49.97 -63.90 -58.15
C VAL K 433 -48.61 -63.65 -57.52
N SER K 434 -48.13 -62.41 -57.61
CA SER K 434 -46.86 -62.06 -56.99
C SER K 434 -46.92 -62.21 -55.48
N GLU K 435 -48.03 -61.79 -54.88
CA GLU K 435 -48.20 -61.97 -53.45
C GLU K 435 -48.19 -63.44 -53.05
N ALA K 436 -48.88 -64.28 -53.83
CA ALA K 436 -48.88 -65.71 -53.55
C ALA K 436 -47.49 -66.31 -53.71
N ILE K 437 -46.71 -65.82 -54.67
CA ILE K 437 -45.33 -66.29 -54.81
C ILE K 437 -44.53 -65.91 -53.58
N ASN K 438 -44.68 -64.67 -53.10
CA ASN K 438 -43.95 -64.26 -51.90
C ASN K 438 -44.38 -65.05 -50.67
N ILE K 439 -45.65 -65.46 -50.62
CA ILE K 439 -46.10 -66.29 -49.50
C ILE K 439 -45.51 -67.69 -49.60
N MET K 440 -45.49 -68.26 -50.81
CA MET K 440 -44.84 -69.56 -51.00
C MET K 440 -43.37 -69.51 -50.61
N ASN K 441 -42.70 -68.38 -50.88
CA ASN K 441 -41.29 -68.24 -50.54
C ASN K 441 -41.03 -68.25 -49.04
N ARG K 442 -42.06 -68.07 -48.23
CA ARG K 442 -41.90 -68.09 -46.77
C ARG K 442 -42.71 -69.22 -46.13
N SER K 443 -43.11 -70.21 -46.90
CA SER K 443 -43.96 -71.27 -46.38
C SER K 443 -43.27 -72.21 -45.41
N ASN K 444 -43.97 -72.60 -44.36
CA ASN K 444 -43.44 -73.57 -43.40
C ASN K 444 -44.66 -74.25 -42.79
N ASP K 445 -44.47 -75.20 -41.90
CA ASP K 445 -45.60 -75.95 -41.36
C ASP K 445 -46.56 -75.05 -40.59
N ALA K 446 -46.03 -74.12 -39.79
CA ALA K 446 -46.88 -73.23 -39.03
C ALA K 446 -47.74 -72.37 -39.95
N LEU K 447 -47.18 -71.90 -41.06
CA LEU K 447 -47.96 -71.11 -41.99
C LEU K 447 -49.07 -71.93 -42.62
N ILE K 448 -48.80 -73.20 -42.89
CA ILE K 448 -49.84 -74.08 -43.43
C ILE K 448 -50.97 -74.23 -42.43
N LYS K 449 -50.64 -74.42 -41.15
CA LYS K 449 -51.70 -74.51 -40.14
C LYS K 449 -52.51 -73.22 -40.09
N PHE K 450 -51.82 -72.07 -40.14
CA PHE K 450 -52.49 -70.77 -40.13
C PHE K 450 -53.50 -70.66 -41.29
N MET K 451 -53.04 -70.93 -42.51
CA MET K 451 -53.91 -70.82 -43.68
C MET K 451 -55.07 -71.82 -43.59
N GLU K 452 -54.77 -73.06 -43.18
CA GLU K 452 -55.83 -74.06 -43.10
C GLU K 452 -56.88 -73.69 -42.08
N TYR K 453 -56.46 -73.19 -40.92
CA TYR K 453 -57.42 -72.74 -39.94
C TYR K 453 -58.33 -71.67 -40.48
N HIS K 454 -57.74 -70.66 -41.11
CA HIS K 454 -58.54 -69.53 -41.55
C HIS K 454 -59.42 -69.87 -42.74
N ILE K 455 -59.08 -70.87 -43.55
CA ILE K 455 -59.97 -71.23 -44.67
C ILE K 455 -61.09 -72.17 -44.25
N SER K 456 -60.77 -73.18 -43.46
CA SER K 456 -61.80 -74.08 -42.96
C SER K 456 -62.85 -73.31 -42.17
N ASN K 457 -62.48 -72.18 -41.60
CA ASN K 457 -63.40 -71.41 -40.79
C ASN K 457 -64.02 -70.25 -41.55
N THR K 458 -63.90 -70.23 -42.88
CA THR K 458 -64.57 -69.23 -43.69
C THR K 458 -65.93 -69.76 -44.10
N ASP K 459 -66.97 -68.97 -43.86
CA ASP K 459 -68.35 -69.37 -44.13
C ASP K 459 -68.69 -68.97 -45.56
N GLU K 460 -68.59 -69.92 -46.49
CA GLU K 460 -68.81 -69.61 -47.89
C GLU K 460 -70.23 -69.13 -48.17
N THR K 461 -71.16 -69.35 -47.25
CA THR K 461 -72.54 -68.94 -47.46
C THR K 461 -72.73 -67.43 -47.36
N LYS K 462 -71.78 -66.71 -46.78
CA LYS K 462 -71.95 -65.28 -46.58
C LYS K 462 -71.66 -64.46 -47.84
N GLY K 463 -72.17 -64.89 -48.98
CA GLY K 463 -71.95 -64.16 -50.21
C GLY K 463 -70.79 -64.70 -51.03
N GLU K 464 -70.68 -64.16 -52.24
CA GLU K 464 -69.75 -64.71 -53.22
C GLU K 464 -68.30 -64.45 -52.85
N ASN K 465 -68.02 -63.35 -52.16
CA ASN K 465 -66.64 -63.03 -51.80
C ASN K 465 -66.06 -64.09 -50.87
N TYR K 466 -66.88 -64.64 -49.98
CA TYR K 466 -66.39 -65.68 -49.07
C TYR K 466 -66.13 -66.98 -49.81
N GLN K 467 -67.00 -67.37 -50.74
CA GLN K 467 -66.73 -68.53 -51.57
C GLN K 467 -65.45 -68.34 -52.38
N LEU K 468 -65.26 -67.15 -52.93
CA LEU K 468 -64.05 -66.87 -53.71
C LEU K 468 -62.81 -66.99 -52.85
N VAL K 469 -62.83 -66.41 -51.64
CA VAL K 469 -61.67 -66.50 -50.78
C VAL K 469 -61.41 -67.95 -50.39
N LYS K 470 -62.45 -68.74 -50.22
CA LYS K 470 -62.27 -70.12 -49.85
C LYS K 470 -61.62 -70.91 -50.99
N THR K 471 -62.04 -70.67 -52.21
CA THR K 471 -61.48 -71.37 -53.34
C THR K 471 -60.03 -70.97 -53.57
N LEU K 472 -59.74 -69.67 -53.55
CA LEU K 472 -58.39 -69.21 -53.75
C LEU K 472 -57.47 -69.68 -52.63
N GLY K 473 -57.98 -69.72 -51.40
CA GLY K 473 -57.18 -70.18 -50.29
C GLY K 473 -56.85 -71.66 -50.39
N GLU K 474 -57.80 -72.45 -50.86
CA GLU K 474 -57.55 -73.86 -51.04
C GLU K 474 -56.48 -74.12 -52.09
N GLN K 475 -56.49 -73.35 -53.17
CA GLN K 475 -55.44 -73.48 -54.16
C GLN K 475 -54.12 -73.06 -53.57
N LEU K 476 -54.09 -71.94 -52.86
CA LEU K 476 -52.84 -71.46 -52.31
C LEU K 476 -52.24 -72.45 -51.33
N ILE K 477 -53.09 -73.06 -50.50
CA ILE K 477 -52.61 -74.06 -49.55
C ILE K 477 -51.99 -75.23 -50.29
N GLU K 478 -52.66 -75.70 -51.35
CA GLU K 478 -52.09 -76.82 -52.11
C GLU K 478 -50.72 -76.45 -52.67
N ASN K 479 -50.60 -75.25 -53.24
CA ASN K 479 -49.30 -74.83 -53.76
C ASN K 479 -48.25 -74.74 -52.66
N CYS K 480 -48.61 -74.19 -51.51
CA CYS K 480 -47.63 -73.99 -50.44
C CYS K 480 -47.17 -75.32 -49.86
N LYS K 481 -48.05 -76.32 -49.83
CA LYS K 481 -47.63 -77.64 -49.35
C LYS K 481 -46.51 -78.22 -50.21
N GLN K 482 -46.48 -77.90 -51.51
CA GLN K 482 -45.48 -78.50 -52.39
C GLN K 482 -44.08 -77.97 -52.11
N VAL K 483 -43.96 -76.73 -51.67
CA VAL K 483 -42.68 -76.04 -51.62
C VAL K 483 -42.15 -75.93 -50.20
N LEU K 484 -42.58 -76.80 -49.29
CA LEU K 484 -42.16 -76.69 -47.90
C LEU K 484 -40.65 -76.82 -47.76
N ASP K 485 -40.06 -77.80 -48.44
CA ASP K 485 -38.62 -78.05 -48.36
C ASP K 485 -37.87 -77.50 -49.56
N VAL K 486 -38.53 -76.69 -50.38
CA VAL K 486 -37.90 -76.15 -51.58
C VAL K 486 -37.34 -74.76 -51.35
N ASP K 487 -36.23 -74.44 -52.00
CA ASP K 487 -35.63 -73.13 -51.86
C ASP K 487 -36.50 -72.06 -52.46
N PRO K 488 -36.56 -70.88 -51.81
CA PRO K 488 -37.35 -69.77 -52.36
C PRO K 488 -36.76 -69.30 -53.67
N VAL K 489 -37.62 -68.77 -54.53
CA VAL K 489 -37.22 -68.39 -55.88
C VAL K 489 -37.58 -66.94 -56.15
N TYR K 490 -36.78 -66.31 -56.99
CA TYR K 490 -37.09 -64.99 -57.47
C TYR K 490 -37.81 -65.33 -58.75
N LYS K 491 -38.99 -64.78 -58.93
CA LYS K 491 -39.84 -65.11 -60.07
C LYS K 491 -40.76 -63.91 -60.30
N ASP K 492 -40.43 -63.12 -61.33
CA ASP K 492 -41.22 -61.93 -61.64
C ASP K 492 -42.38 -62.28 -62.54
N VAL K 493 -43.57 -61.88 -62.15
CA VAL K 493 -44.78 -62.17 -62.92
C VAL K 493 -45.44 -60.91 -63.45
N ALA K 494 -44.80 -59.75 -63.28
CA ALA K 494 -45.41 -58.50 -63.72
C ALA K 494 -45.61 -58.50 -65.23
N LYS K 495 -46.58 -57.73 -65.70
CA LYS K 495 -46.78 -57.62 -67.14
C LYS K 495 -45.77 -56.60 -67.67
N PRO K 496 -44.96 -57.01 -68.65
CA PRO K 496 -43.99 -56.10 -69.25
C PRO K 496 -44.68 -54.89 -69.85
N THR K 497 -44.01 -53.74 -69.77
CA THR K 497 -44.55 -52.48 -70.24
C THR K 497 -43.59 -51.81 -71.20
N GLY K 498 -44.15 -51.16 -72.22
CA GLY K 498 -43.37 -50.42 -73.18
C GLY K 498 -43.60 -48.93 -73.05
N PRO K 499 -42.75 -48.13 -73.67
CA PRO K 499 -42.92 -46.68 -73.59
C PRO K 499 -44.07 -46.19 -74.46
N LYS K 500 -44.65 -45.06 -74.05
CA LYS K 500 -45.76 -44.48 -74.79
C LYS K 500 -45.81 -42.99 -74.50
N THR K 501 -45.65 -42.18 -75.55
CA THR K 501 -45.75 -40.74 -75.44
C THR K 501 -46.88 -40.27 -76.33
N ALA K 502 -47.71 -39.37 -75.81
CA ALA K 502 -48.85 -38.84 -76.53
C ALA K 502 -48.88 -37.33 -76.40
N ILE K 503 -49.36 -36.66 -77.45
CA ILE K 503 -49.45 -35.21 -77.50
C ILE K 503 -50.91 -34.83 -77.68
N ASP K 504 -51.48 -34.14 -76.71
CA ASP K 504 -52.89 -33.81 -76.72
C ASP K 504 -53.18 -32.76 -77.79
N LYS K 505 -54.44 -32.33 -77.85
CA LYS K 505 -54.83 -31.31 -78.82
C LYS K 505 -54.11 -29.99 -78.56
N ASN K 506 -54.00 -29.62 -77.28
CA ASN K 506 -53.35 -28.38 -76.85
C ASN K 506 -51.83 -28.52 -76.72
N GLY K 507 -51.24 -29.57 -77.28
CA GLY K 507 -49.81 -29.76 -77.17
C GLY K 507 -49.33 -30.06 -75.76
N ASN K 508 -50.07 -30.84 -74.98
CA ASN K 508 -49.60 -31.32 -73.70
C ASN K 508 -48.87 -32.64 -73.91
N ILE K 509 -47.69 -32.76 -73.32
CA ILE K 509 -46.86 -33.95 -73.47
C ILE K 509 -47.04 -34.83 -72.24
N THR K 510 -47.42 -36.08 -72.45
CA THR K 510 -47.59 -37.05 -71.39
C THR K 510 -46.87 -38.34 -71.78
N TYR K 511 -46.20 -38.94 -70.79
CA TYR K 511 -45.55 -40.22 -71.01
C TYR K 511 -46.17 -41.26 -70.11
N SER K 512 -46.44 -42.43 -70.65
CA SER K 512 -47.04 -43.52 -69.91
C SER K 512 -46.31 -44.82 -70.19
N GLU K 513 -46.37 -45.74 -69.23
CA GLU K 513 -45.77 -47.06 -69.40
C GLU K 513 -46.89 -48.04 -69.69
N GLU K 514 -47.29 -48.12 -70.95
CA GLU K 514 -48.36 -49.01 -71.37
C GLU K 514 -47.87 -50.46 -71.45
N PRO K 515 -48.72 -51.43 -71.12
CA PRO K 515 -48.36 -52.83 -71.33
C PRO K 515 -48.08 -53.11 -72.80
N ARG K 516 -47.13 -54.00 -73.05
CA ARG K 516 -46.77 -54.35 -74.43
C ARG K 516 -47.77 -55.34 -75.01
N GLU K 517 -48.09 -55.15 -76.29
CA GLU K 517 -49.19 -55.89 -76.88
C GLU K 517 -48.85 -57.36 -77.08
N LYS K 518 -47.64 -57.66 -77.54
CA LYS K 518 -47.27 -59.02 -77.88
C LYS K 518 -46.54 -59.74 -76.75
N VAL K 519 -45.96 -59.00 -75.81
CA VAL K 519 -45.20 -59.57 -74.71
C VAL K 519 -45.98 -59.32 -73.42
N ARG K 520 -46.54 -60.37 -72.86
CA ARG K 520 -47.31 -60.27 -71.63
C ARG K 520 -46.80 -61.18 -70.53
N LYS K 521 -45.67 -61.85 -70.74
CA LYS K 521 -44.98 -62.60 -69.70
C LYS K 521 -43.48 -62.39 -69.87
N LEU K 522 -42.71 -62.77 -68.86
CA LEU K 522 -41.27 -62.68 -68.98
C LEU K 522 -40.69 -63.78 -69.87
N SER K 523 -41.38 -64.90 -69.99
CA SER K 523 -40.94 -65.97 -70.88
C SER K 523 -41.03 -65.47 -72.32
N GLN K 524 -42.13 -64.84 -72.66
CA GLN K 524 -42.29 -64.24 -73.98
C GLN K 524 -41.26 -63.15 -74.21
N TYR K 525 -40.93 -62.40 -73.17
CA TYR K 525 -39.87 -61.40 -73.27
C TYR K 525 -38.53 -62.03 -73.61
N VAL K 526 -38.21 -63.16 -73.00
CA VAL K 526 -36.93 -63.82 -73.26
C VAL K 526 -36.91 -64.35 -74.68
N GLN K 527 -38.05 -64.80 -75.18
CA GLN K 527 -38.14 -65.27 -76.55
C GLN K 527 -37.93 -64.11 -77.49
N GLU K 528 -38.54 -62.98 -77.20
CA GLU K 528 -38.34 -61.78 -78.00
C GLU K 528 -36.86 -61.37 -78.03
N MET K 529 -36.22 -61.38 -76.86
CA MET K 529 -34.81 -61.01 -76.82
C MET K 529 -33.98 -61.96 -77.67
N ALA K 530 -34.25 -63.26 -77.57
CA ALA K 530 -33.46 -64.23 -78.32
C ALA K 530 -33.65 -64.05 -79.82
N LEU K 531 -34.84 -63.65 -80.25
CA LEU K 531 -35.07 -63.48 -81.68
C LEU K 531 -34.23 -62.34 -82.25
N GLY K 532 -34.04 -61.28 -81.48
CA GLY K 532 -33.36 -60.13 -82.06
C GLY K 532 -34.28 -59.42 -83.04
N GLY K 533 -33.67 -58.72 -83.98
CA GLY K 533 -34.43 -57.98 -84.96
C GLY K 533 -33.67 -57.76 -86.25
N PRO K 534 -34.34 -57.16 -87.23
CA PRO K 534 -33.64 -56.84 -88.49
C PRO K 534 -32.42 -55.97 -88.29
N ILE K 535 -32.45 -55.06 -87.31
CA ILE K 535 -31.32 -54.16 -87.12
C ILE K 535 -30.11 -54.89 -86.55
N THR K 536 -30.31 -55.93 -85.75
CA THR K 536 -29.22 -56.70 -85.19
C THR K 536 -28.79 -57.87 -86.07
N LYS K 537 -29.03 -57.79 -87.37
CA LYS K 537 -28.67 -58.84 -88.30
C LYS K 537 -27.43 -58.41 -89.09
N GLU K 538 -26.44 -59.29 -89.15
CA GLU K 538 -25.24 -59.03 -89.95
C GLU K 538 -25.33 -59.75 -91.29
N LYS K 624 -37.57 -77.64 -77.11
CA LYS K 624 -36.17 -77.27 -76.89
C LYS K 624 -36.08 -75.88 -76.26
N THR K 625 -34.87 -75.50 -75.86
CA THR K 625 -34.68 -74.24 -75.15
C THR K 625 -34.85 -73.06 -76.09
N VAL K 626 -34.88 -71.87 -75.50
CA VAL K 626 -35.06 -70.65 -76.29
C VAL K 626 -33.89 -70.42 -77.22
N SER K 627 -32.69 -70.85 -76.82
CA SER K 627 -31.50 -70.59 -77.64
C SER K 627 -31.55 -71.32 -78.97
N SER K 628 -32.43 -72.32 -79.12
CA SER K 628 -32.59 -72.97 -80.42
C SER K 628 -33.19 -72.00 -81.44
N THR K 629 -33.90 -70.98 -81.00
CA THR K 629 -34.62 -70.09 -81.89
C THR K 629 -33.80 -68.86 -82.32
N ILE K 630 -32.55 -68.75 -81.89
CA ILE K 630 -31.74 -67.59 -82.27
C ILE K 630 -31.45 -67.69 -83.76
N PRO K 631 -31.92 -66.77 -84.59
CA PRO K 631 -31.78 -66.97 -86.04
C PRO K 631 -30.32 -66.92 -86.48
N ARG K 632 -30.05 -67.59 -87.60
CA ARG K 632 -28.72 -67.56 -88.18
C ARG K 632 -28.42 -66.14 -88.66
N GLU K 633 -27.23 -65.64 -88.34
CA GLU K 633 -26.74 -64.32 -88.76
C GLU K 633 -27.49 -63.16 -88.11
N THR K 634 -28.08 -63.32 -86.95
CA THR K 634 -28.63 -62.19 -86.21
C THR K 634 -28.17 -62.27 -84.76
N ILE K 635 -27.91 -61.11 -84.19
CA ILE K 635 -27.44 -60.97 -82.81
C ILE K 635 -28.66 -60.88 -81.90
N PRO K 636 -28.73 -61.66 -80.83
CA PRO K 636 -29.79 -61.45 -79.84
C PRO K 636 -29.69 -60.07 -79.21
N PHE K 637 -30.84 -59.55 -78.78
CA PHE K 637 -30.85 -58.26 -78.09
C PHE K 637 -30.03 -58.31 -76.80
N LEU K 638 -29.98 -59.46 -76.13
CA LEU K 638 -29.08 -59.69 -75.01
C LEU K 638 -28.13 -60.81 -75.39
N HIS K 639 -26.84 -60.61 -75.18
CA HIS K 639 -25.86 -61.62 -75.57
C HIS K 639 -24.59 -61.43 -74.77
N LEU K 640 -23.76 -62.47 -74.77
CA LEU K 640 -22.44 -62.45 -74.19
C LEU K 640 -21.39 -62.34 -75.29
N ARG K 641 -20.21 -61.85 -74.92
CA ARG K 641 -19.12 -61.67 -75.85
C ARG K 641 -17.90 -62.46 -75.40
N LYS K 642 -17.06 -62.83 -76.37
CA LYS K 642 -15.84 -63.54 -76.07
C LYS K 642 -14.69 -62.74 -76.63
N LYS K 643 -13.59 -62.66 -75.88
CA LYS K 643 -12.44 -61.92 -76.36
C LYS K 643 -11.65 -62.74 -77.37
N THR K 644 -11.33 -62.13 -78.50
CA THR K 644 -10.58 -62.79 -79.55
C THR K 644 -9.10 -62.77 -79.22
N PRO K 645 -8.31 -63.58 -79.93
CA PRO K 645 -6.85 -63.50 -79.72
C PRO K 645 -6.29 -62.10 -79.89
N ALA K 646 -6.82 -61.33 -80.82
CA ALA K 646 -6.45 -59.93 -80.98
C ALA K 646 -6.94 -59.05 -79.84
N GLY K 647 -7.82 -59.55 -78.98
CA GLY K 647 -8.21 -58.81 -77.80
C GLY K 647 -9.47 -57.98 -77.93
N ASP K 648 -10.25 -58.16 -78.98
CA ASP K 648 -11.53 -57.49 -79.13
C ASP K 648 -12.65 -58.41 -78.68
N TRP K 649 -13.68 -57.82 -78.08
CA TRP K 649 -14.81 -58.60 -77.58
C TRP K 649 -15.87 -58.72 -78.65
N LYS K 650 -16.15 -59.94 -79.06
CA LYS K 650 -17.12 -60.20 -80.13
C LYS K 650 -18.24 -61.08 -79.61
N TYR K 651 -19.40 -60.95 -80.24
CA TYR K 651 -20.55 -61.75 -79.86
C TYR K 651 -20.24 -63.24 -79.99
N ASP K 652 -20.55 -63.99 -78.94
CA ASP K 652 -20.35 -65.43 -78.90
C ASP K 652 -21.69 -66.13 -78.84
N ARG K 653 -21.95 -67.02 -79.79
CA ARG K 653 -23.24 -67.70 -79.86
C ARG K 653 -23.42 -68.67 -78.69
N GLN K 654 -22.41 -69.47 -78.38
CA GLN K 654 -22.55 -70.48 -77.33
C GLN K 654 -22.75 -69.84 -75.95
N LEU K 655 -21.94 -68.84 -75.61
CA LEU K 655 -22.10 -68.18 -74.32
C LEU K 655 -23.44 -67.49 -74.22
N SER K 656 -23.88 -66.83 -75.29
CA SER K 656 -25.17 -66.17 -75.28
C SER K 656 -26.29 -67.20 -75.15
N SER K 657 -26.13 -68.37 -75.75
CA SER K 657 -27.12 -69.43 -75.60
C SER K 657 -27.20 -69.86 -74.14
N LEU K 658 -26.05 -70.01 -73.49
CA LEU K 658 -26.06 -70.31 -72.05
C LEU K 658 -26.83 -69.24 -71.29
N PHE K 659 -26.52 -67.98 -71.54
CA PHE K 659 -27.16 -66.89 -70.80
C PHE K 659 -28.67 -66.88 -71.02
N LEU K 660 -29.09 -67.04 -72.28
CA LEU K 660 -30.51 -66.95 -72.60
C LEU K 660 -31.28 -68.15 -72.09
N ASP K 661 -30.67 -69.35 -72.11
CA ASP K 661 -31.31 -70.50 -71.49
C ASP K 661 -31.48 -70.30 -69.99
N GLY K 662 -30.46 -69.74 -69.32
CA GLY K 662 -30.62 -69.40 -67.93
C GLY K 662 -31.77 -68.44 -67.69
N LEU K 663 -31.89 -67.43 -68.55
CA LEU K 663 -33.00 -66.48 -68.41
C LEU K 663 -34.34 -67.16 -68.62
N GLU K 664 -34.42 -68.07 -69.56
CA GLU K 664 -35.66 -68.78 -69.83
C GLU K 664 -36.07 -69.58 -68.60
N LYS K 665 -35.14 -70.33 -68.04
CA LYS K 665 -35.42 -71.07 -66.81
C LYS K 665 -35.87 -70.12 -65.70
N ALA K 666 -35.19 -68.98 -65.55
CA ALA K 666 -35.57 -68.05 -64.50
C ALA K 666 -37.00 -67.56 -64.69
N ALA K 667 -37.40 -67.31 -65.92
CA ALA K 667 -38.74 -66.77 -66.15
C ALA K 667 -39.81 -67.80 -65.86
N PHE K 668 -39.52 -69.07 -66.12
CA PHE K 668 -40.51 -70.12 -65.94
C PHE K 668 -40.50 -70.68 -64.52
N ASN K 669 -39.38 -71.24 -64.09
CA ASN K 669 -39.33 -71.85 -62.78
C ASN K 669 -38.85 -70.92 -61.67
N GLY K 670 -38.37 -69.73 -62.01
CA GLY K 670 -37.75 -68.89 -61.00
C GLY K 670 -36.37 -69.38 -60.64
N VAL K 671 -35.63 -68.60 -59.87
CA VAL K 671 -34.24 -68.89 -59.56
C VAL K 671 -33.99 -68.57 -58.09
N THR K 672 -33.24 -69.42 -57.41
CA THR K 672 -32.96 -69.26 -56.00
C THR K 672 -31.58 -68.62 -55.80
N PHE K 673 -31.50 -67.73 -54.82
CA PHE K 673 -30.25 -67.13 -54.38
C PHE K 673 -29.96 -67.50 -52.93
N LYS K 674 -30.42 -68.67 -52.51
CA LYS K 674 -30.16 -69.14 -51.16
C LYS K 674 -28.66 -69.25 -50.91
N ASP K 675 -28.22 -68.82 -49.73
CA ASP K 675 -26.83 -68.89 -49.30
C ASP K 675 -25.91 -67.96 -50.09
N LYS K 676 -26.46 -66.99 -50.81
CA LYS K 676 -25.65 -65.99 -51.49
C LYS K 676 -25.57 -64.74 -50.65
N TYR K 677 -24.36 -64.26 -50.35
CA TYR K 677 -24.16 -63.04 -49.59
C TYR K 677 -23.83 -61.97 -50.61
N VAL K 678 -24.44 -60.81 -50.52
CA VAL K 678 -24.33 -59.77 -51.53
C VAL K 678 -24.20 -58.41 -50.87
N LEU K 679 -23.33 -57.57 -51.40
CA LEU K 679 -23.28 -56.16 -51.07
C LEU K 679 -23.67 -55.37 -52.30
N ILE K 680 -24.65 -54.48 -52.14
CA ILE K 680 -25.13 -53.64 -53.24
C ILE K 680 -25.15 -52.19 -52.78
N THR K 681 -24.61 -51.31 -53.63
CA THR K 681 -24.65 -49.89 -53.35
C THR K 681 -25.47 -49.25 -54.47
N GLY K 682 -26.06 -48.09 -54.22
CA GLY K 682 -26.86 -47.41 -55.22
C GLY K 682 -28.22 -48.01 -55.53
N ALA K 683 -28.85 -48.65 -54.55
CA ALA K 683 -30.14 -49.31 -54.76
C ALA K 683 -31.30 -48.55 -54.12
N GLY K 684 -31.24 -47.23 -54.15
CA GLY K 684 -32.32 -46.44 -53.62
C GLY K 684 -33.61 -46.53 -54.43
N LYS K 685 -34.69 -46.00 -53.89
CA LYS K 685 -35.97 -46.06 -54.58
C LYS K 685 -35.90 -45.41 -55.94
N GLY K 686 -36.48 -46.05 -56.94
CA GLY K 686 -36.46 -45.53 -58.29
C GLY K 686 -35.24 -45.89 -59.10
N SER K 687 -34.44 -46.83 -58.63
CA SER K 687 -33.22 -47.22 -59.31
C SER K 687 -33.27 -48.65 -59.82
N ILE K 688 -32.34 -49.01 -60.69
CA ILE K 688 -32.26 -50.40 -61.13
C ILE K 688 -31.87 -51.24 -59.94
N GLY K 689 -31.03 -50.70 -59.08
CA GLY K 689 -30.57 -51.41 -57.92
C GLY K 689 -31.68 -51.83 -56.99
N ALA K 690 -32.70 -51.00 -56.84
CA ALA K 690 -33.84 -51.35 -56.00
C ALA K 690 -34.55 -52.60 -56.55
N GLU K 691 -34.71 -52.69 -57.86
CA GLU K 691 -35.33 -53.88 -58.47
C GLU K 691 -34.42 -55.10 -58.33
N VAL K 692 -33.12 -54.92 -58.48
CA VAL K 692 -32.18 -56.03 -58.27
C VAL K 692 -32.27 -56.51 -56.82
N LEU K 693 -32.37 -55.59 -55.87
CA LEU K 693 -32.42 -55.95 -54.46
C LEU K 693 -33.68 -56.74 -54.13
N GLN K 694 -34.82 -56.32 -54.66
CA GLN K 694 -36.03 -57.06 -54.39
C GLN K 694 -35.98 -58.45 -55.01
N GLY K 695 -35.43 -58.56 -56.22
CA GLY K 695 -35.21 -59.89 -56.78
C GLY K 695 -34.30 -60.75 -55.91
N LEU K 696 -33.22 -60.18 -55.39
CA LEU K 696 -32.31 -60.95 -54.54
C LEU K 696 -33.02 -61.45 -53.29
N LEU K 697 -33.77 -60.57 -52.63
CA LEU K 697 -34.46 -60.95 -51.40
C LEU K 697 -35.54 -62.00 -51.66
N GLN K 698 -36.21 -61.94 -52.81
CA GLN K 698 -37.19 -62.97 -53.15
C GLN K 698 -36.55 -64.35 -53.24
N GLY K 699 -35.31 -64.43 -53.69
CA GLY K 699 -34.62 -65.69 -53.81
C GLY K 699 -33.88 -66.16 -52.59
N GLY K 700 -33.99 -65.47 -51.46
CA GLY K 700 -33.41 -65.92 -50.22
C GLY K 700 -32.03 -65.39 -49.89
N ALA K 701 -31.56 -64.34 -50.55
CA ALA K 701 -30.21 -63.85 -50.36
C ALA K 701 -30.04 -63.10 -49.04
N LYS K 702 -28.80 -63.04 -48.58
CA LYS K 702 -28.39 -62.18 -47.49
C LYS K 702 -27.74 -60.95 -48.09
N VAL K 703 -28.34 -59.78 -47.87
CA VAL K 703 -27.99 -58.59 -48.62
C VAL K 703 -27.65 -57.47 -47.66
N VAL K 704 -26.52 -56.82 -47.89
CA VAL K 704 -26.18 -55.54 -47.26
C VAL K 704 -26.44 -54.46 -48.30
N VAL K 705 -27.27 -53.49 -47.97
CA VAL K 705 -27.65 -52.43 -48.89
C VAL K 705 -27.24 -51.11 -48.28
N THR K 706 -26.50 -50.33 -49.03
CA THR K 706 -26.02 -49.06 -48.53
C THR K 706 -26.95 -47.93 -48.91
N THR K 707 -26.79 -46.78 -48.27
CA THR K 707 -27.59 -45.61 -48.62
C THR K 707 -26.85 -44.35 -48.26
N SER K 708 -26.95 -43.36 -49.13
CA SER K 708 -26.29 -42.09 -48.91
C SER K 708 -27.27 -41.11 -48.25
N ARG K 709 -28.53 -41.48 -48.11
CA ARG K 709 -29.54 -40.63 -47.45
C ARG K 709 -30.24 -41.34 -46.30
N PHE K 710 -29.47 -41.80 -45.34
CA PHE K 710 -30.04 -42.55 -44.22
C PHE K 710 -31.05 -41.71 -43.44
N SER K 711 -32.29 -42.17 -43.35
CA SER K 711 -33.33 -41.42 -42.66
C SER K 711 -34.44 -42.35 -42.22
N LYS K 712 -35.39 -41.86 -41.44
CA LYS K 712 -36.53 -42.67 -41.07
C LYS K 712 -37.26 -43.11 -42.33
N GLN K 713 -37.44 -42.20 -43.26
CA GLN K 713 -38.15 -42.53 -44.48
C GLN K 713 -37.49 -43.65 -45.24
N VAL K 714 -36.17 -43.62 -45.35
CA VAL K 714 -35.45 -44.65 -46.09
C VAL K 714 -35.46 -46.00 -45.36
N THR K 715 -35.32 -45.99 -44.05
CA THR K 715 -35.36 -47.22 -43.27
C THR K 715 -36.76 -47.84 -43.30
N ASP K 716 -37.80 -47.02 -43.30
CA ASP K 716 -39.16 -47.51 -43.41
C ASP K 716 -39.39 -48.08 -44.79
N TYR K 717 -38.88 -47.42 -45.81
CA TYR K 717 -38.98 -47.95 -47.17
C TYR K 717 -38.38 -49.34 -47.27
N TYR K 718 -37.19 -49.54 -46.72
CA TYR K 718 -36.54 -50.85 -46.79
C TYR K 718 -37.26 -51.86 -45.90
N GLN K 719 -37.79 -51.46 -44.77
CA GLN K 719 -38.54 -52.37 -43.93
C GLN K 719 -39.74 -52.92 -44.68
N SER K 720 -40.41 -52.05 -45.43
CA SER K 720 -41.57 -52.47 -46.19
C SER K 720 -41.15 -53.37 -47.34
N ILE K 721 -40.02 -53.08 -47.98
CA ILE K 721 -39.52 -53.96 -49.02
C ILE K 721 -39.26 -55.36 -48.45
N TYR K 722 -38.58 -55.43 -47.30
CA TYR K 722 -38.31 -56.73 -46.70
C TYR K 722 -39.58 -57.45 -46.31
N ALA K 723 -40.55 -56.73 -45.74
CA ALA K 723 -41.78 -57.35 -45.32
C ALA K 723 -42.54 -57.89 -46.52
N LYS K 724 -42.36 -57.27 -47.67
CA LYS K 724 -43.06 -57.73 -48.86
C LYS K 724 -42.33 -58.88 -49.56
N TYR K 725 -41.01 -58.80 -49.70
CA TYR K 725 -40.28 -59.71 -50.57
C TYR K 725 -39.31 -60.64 -49.85
N GLY K 726 -39.01 -60.40 -48.58
CA GLY K 726 -38.00 -61.19 -47.90
C GLY K 726 -38.40 -62.64 -47.70
N ALA K 727 -37.79 -63.54 -48.45
CA ALA K 727 -38.12 -64.96 -48.37
C ALA K 727 -37.45 -65.60 -47.15
N LYS K 728 -37.84 -66.83 -46.89
CA LYS K 728 -37.24 -67.57 -45.79
C LYS K 728 -35.74 -67.66 -45.90
N GLY K 729 -35.05 -67.40 -44.80
CA GLY K 729 -33.61 -67.42 -44.80
C GLY K 729 -32.94 -66.17 -45.32
N SER K 730 -33.69 -65.20 -45.82
CA SER K 730 -33.12 -63.97 -46.34
C SER K 730 -32.94 -62.94 -45.22
N THR K 731 -31.94 -62.09 -45.38
CA THR K 731 -31.64 -61.02 -44.44
C THR K 731 -31.34 -59.76 -45.23
N LEU K 732 -31.74 -58.62 -44.68
CA LEU K 732 -31.40 -57.32 -45.24
C LEU K 732 -30.75 -56.47 -44.17
N ILE K 733 -29.57 -55.95 -44.47
CA ILE K 733 -28.85 -55.04 -43.58
C ILE K 733 -28.73 -53.71 -44.30
N VAL K 734 -29.25 -52.65 -43.68
CA VAL K 734 -29.22 -51.31 -44.25
C VAL K 734 -28.20 -50.49 -43.47
N VAL K 735 -27.20 -49.95 -44.17
CA VAL K 735 -26.18 -49.13 -43.52
C VAL K 735 -26.06 -47.79 -44.22
N PRO K 736 -25.78 -46.71 -43.51
CA PRO K 736 -25.38 -45.47 -44.18
C PRO K 736 -23.99 -45.62 -44.78
N PHE K 737 -23.78 -44.97 -45.92
CA PHE K 737 -22.55 -45.17 -46.66
C PHE K 737 -22.32 -43.99 -47.58
N ASN K 738 -21.09 -43.50 -47.61
CA ASN K 738 -20.64 -42.55 -48.61
C ASN K 738 -19.56 -43.26 -49.42
N GLN K 739 -19.95 -43.77 -50.60
CA GLN K 739 -18.97 -44.40 -51.48
C GLN K 739 -17.87 -43.44 -51.90
N GLY K 740 -18.07 -42.13 -51.76
CA GLY K 740 -17.05 -41.14 -52.04
C GLY K 740 -15.96 -41.04 -51.00
N SER K 741 -16.08 -41.72 -49.87
CA SER K 741 -15.11 -41.66 -48.80
C SER K 741 -14.38 -43.01 -48.72
N LYS K 742 -13.05 -42.97 -48.83
CA LYS K 742 -12.30 -44.22 -48.77
C LYS K 742 -12.32 -44.82 -47.37
N GLN K 743 -12.40 -44.00 -46.33
CA GLN K 743 -12.55 -44.53 -44.98
C GLN K 743 -13.88 -45.24 -44.82
N ASP K 744 -14.94 -44.72 -45.43
CA ASP K 744 -16.23 -45.41 -45.40
C ASP K 744 -16.13 -46.77 -46.08
N VAL K 745 -15.47 -46.84 -47.23
CA VAL K 745 -15.34 -48.10 -47.96
C VAL K 745 -14.59 -49.12 -47.11
N GLU K 746 -13.50 -48.71 -46.53
CA GLU K 746 -12.71 -49.61 -45.74
C GLU K 746 -13.46 -50.07 -44.49
N ALA K 747 -14.11 -49.15 -43.82
CA ALA K 747 -14.89 -49.50 -42.64
C ALA K 747 -16.09 -50.41 -42.96
N LEU K 748 -16.73 -50.20 -44.10
CA LEU K 748 -17.87 -51.05 -44.47
C LEU K 748 -17.41 -52.48 -44.73
N ILE K 749 -16.33 -52.66 -45.49
CA ILE K 749 -15.87 -54.02 -45.76
C ILE K 749 -15.35 -54.67 -44.48
N GLU K 750 -14.64 -53.92 -43.67
CA GLU K 750 -14.20 -54.43 -42.38
C GLU K 750 -15.40 -54.88 -41.53
N PHE K 751 -16.46 -54.09 -41.51
CA PHE K 751 -17.67 -54.44 -40.77
C PHE K 751 -18.28 -55.72 -41.32
N ILE K 752 -18.32 -55.86 -42.64
CA ILE K 752 -18.91 -57.06 -43.22
C ILE K 752 -18.13 -58.30 -42.82
N TYR K 753 -16.81 -58.24 -42.81
CA TYR K 753 -16.00 -59.41 -42.53
C TYR K 753 -15.63 -59.66 -41.05
N ASP K 754 -15.81 -58.66 -40.19
CA ASP K 754 -15.50 -58.83 -38.78
C ASP K 754 -16.43 -59.83 -38.12
N THR K 755 -15.92 -60.57 -37.16
CA THR K 755 -16.75 -61.50 -36.41
C THR K 755 -17.81 -60.78 -35.64
N GLU K 756 -18.88 -61.48 -35.32
CA GLU K 756 -19.98 -60.89 -34.59
C GLU K 756 -19.60 -60.48 -33.17
N LYS K 757 -18.69 -61.22 -32.56
CA LYS K 757 -18.23 -60.88 -31.23
C LYS K 757 -17.51 -59.58 -31.32
N ASN K 758 -16.90 -59.33 -32.46
CA ASN K 758 -16.19 -58.08 -32.69
C ASN K 758 -17.10 -56.98 -33.22
N GLY K 759 -18.40 -57.21 -33.32
CA GLY K 759 -19.33 -56.22 -33.78
C GLY K 759 -19.57 -56.20 -35.28
N GLY K 760 -19.03 -57.15 -36.03
CA GLY K 760 -19.28 -57.25 -37.45
C GLY K 760 -20.37 -58.26 -37.77
N LEU K 761 -20.52 -58.54 -39.05
CA LEU K 761 -21.53 -59.47 -39.53
C LEU K 761 -21.03 -60.91 -39.59
N GLY K 762 -19.73 -61.11 -39.72
CA GLY K 762 -19.18 -62.45 -39.88
C GLY K 762 -19.48 -63.05 -41.24
N TRP K 763 -19.68 -62.21 -42.25
CA TRP K 763 -20.02 -62.68 -43.59
C TRP K 763 -18.78 -62.82 -44.47
N ASP K 764 -18.96 -63.49 -45.61
CA ASP K 764 -17.93 -63.60 -46.64
C ASP K 764 -18.77 -63.35 -47.89
N LEU K 765 -18.46 -62.36 -48.71
CA LEU K 765 -19.32 -61.94 -49.81
C LEU K 765 -19.20 -62.89 -51.01
N ASP K 766 -20.33 -63.13 -51.66
CA ASP K 766 -20.33 -63.93 -52.87
C ASP K 766 -20.55 -63.02 -54.08
N ALA K 767 -20.91 -61.76 -53.85
CA ALA K 767 -21.15 -60.81 -54.92
C ALA K 767 -21.12 -59.35 -54.49
N ILE K 768 -20.60 -58.47 -55.32
CA ILE K 768 -20.56 -57.04 -55.06
C ILE K 768 -21.22 -56.35 -56.25
N ILE K 769 -22.14 -55.45 -55.98
CA ILE K 769 -22.90 -54.79 -57.04
C ILE K 769 -22.78 -53.29 -56.82
N PRO K 770 -21.69 -52.66 -57.22
CA PRO K 770 -21.43 -51.24 -56.89
C PRO K 770 -22.06 -50.27 -57.90
N PHE K 771 -23.36 -50.05 -57.75
CA PHE K 771 -24.07 -49.20 -58.69
C PHE K 771 -24.24 -47.73 -58.26
N ALA K 772 -23.69 -47.35 -57.11
CA ALA K 772 -23.78 -45.96 -56.68
C ALA K 772 -23.20 -45.02 -57.73
N ALA K 773 -23.86 -43.90 -57.94
CA ALA K 773 -23.41 -42.92 -58.91
C ALA K 773 -24.05 -41.58 -58.60
N ILE K 774 -23.51 -40.51 -59.15
CA ILE K 774 -24.12 -39.19 -58.97
C ILE K 774 -24.22 -38.52 -60.33
N PRO K 775 -25.28 -37.74 -60.54
CA PRO K 775 -25.51 -37.14 -61.87
C PRO K 775 -24.60 -35.99 -62.28
N GLU K 776 -24.14 -36.01 -63.52
CA GLU K 776 -23.34 -34.92 -64.07
C GLU K 776 -24.05 -34.45 -65.32
N GLN K 777 -24.68 -33.28 -65.27
CA GLN K 777 -25.43 -32.76 -66.40
C GLN K 777 -24.90 -31.39 -66.80
N GLY K 778 -24.74 -31.17 -68.09
CA GLY K 778 -24.25 -29.88 -68.56
C GLY K 778 -22.79 -29.61 -68.25
N ILE K 779 -22.05 -30.64 -67.84
CA ILE K 779 -20.64 -30.48 -67.56
C ILE K 779 -19.87 -30.94 -68.77
N GLU K 780 -19.45 -29.99 -69.58
CA GLU K 780 -18.64 -30.32 -70.75
C GLU K 780 -17.16 -30.33 -70.35
N LEU K 781 -16.28 -30.51 -71.32
CA LEU K 781 -14.85 -30.64 -71.03
C LEU K 781 -14.33 -29.48 -70.20
N GLU K 782 -14.72 -28.25 -70.52
CA GLU K 782 -14.15 -27.10 -69.83
C GLU K 782 -14.80 -26.82 -68.47
N HIS K 783 -15.90 -27.49 -68.16
CA HIS K 783 -16.53 -27.31 -66.87
C HIS K 783 -16.09 -28.36 -65.85
N ILE K 784 -15.25 -29.31 -66.25
CA ILE K 784 -14.85 -30.38 -65.35
C ILE K 784 -14.13 -29.78 -64.15
N ASP K 785 -14.69 -29.99 -62.97
CA ASP K 785 -14.25 -29.30 -61.77
C ASP K 785 -14.48 -30.25 -60.59
N SER K 786 -14.62 -29.66 -59.40
CA SER K 786 -14.69 -30.41 -58.16
C SER K 786 -15.74 -31.52 -58.22
N LYS K 787 -16.96 -31.20 -58.65
CA LYS K 787 -18.02 -32.19 -58.66
C LYS K 787 -17.67 -33.37 -59.55
N SER K 788 -17.12 -33.10 -60.74
CA SER K 788 -16.79 -34.20 -61.64
C SER K 788 -15.68 -35.06 -61.06
N GLU K 789 -14.71 -34.46 -60.38
CA GLU K 789 -13.65 -35.23 -59.76
C GLU K 789 -14.20 -36.12 -58.65
N PHE K 790 -15.13 -35.61 -57.85
CA PHE K 790 -15.75 -36.40 -56.80
C PHE K 790 -16.59 -37.54 -57.38
N ALA K 791 -17.37 -37.25 -58.42
CA ALA K 791 -18.13 -38.31 -59.09
C ALA K 791 -17.20 -39.39 -59.64
N HIS K 792 -16.07 -38.97 -60.21
CA HIS K 792 -15.09 -39.95 -60.69
C HIS K 792 -14.58 -40.80 -59.55
N ARG K 793 -14.31 -40.19 -58.40
CA ARG K 793 -13.89 -40.97 -57.24
C ARG K 793 -14.94 -42.04 -56.91
N ILE K 794 -16.19 -41.65 -56.77
CA ILE K 794 -17.25 -42.59 -56.41
C ILE K 794 -17.32 -43.72 -57.41
N MET K 795 -17.36 -43.39 -58.70
CA MET K 795 -17.77 -44.35 -59.70
C MET K 795 -16.61 -45.16 -60.29
N LEU K 796 -15.41 -44.87 -59.87
CA LEU K 796 -14.32 -45.67 -60.34
C LEU K 796 -13.25 -45.92 -59.30
N THR K 797 -12.78 -44.89 -58.63
CA THR K 797 -11.59 -45.11 -57.81
C THR K 797 -11.95 -45.90 -56.58
N ASN K 798 -13.04 -45.53 -55.93
CA ASN K 798 -13.45 -46.22 -54.72
C ASN K 798 -14.12 -47.54 -55.03
N ILE K 799 -14.58 -47.76 -56.26
CA ILE K 799 -14.97 -49.12 -56.65
C ILE K 799 -13.74 -50.02 -56.72
N LEU K 800 -12.64 -49.52 -57.25
CA LEU K 800 -11.42 -50.31 -57.24
C LEU K 800 -10.94 -50.52 -55.80
N ARG K 801 -11.05 -49.51 -54.97
CA ARG K 801 -10.70 -49.68 -53.55
C ARG K 801 -11.60 -50.71 -52.83
N MET K 802 -12.89 -50.73 -53.17
CA MET K 802 -13.77 -51.71 -52.56
C MET K 802 -13.40 -53.13 -52.98
N MET K 803 -13.11 -53.32 -54.27
CA MET K 803 -12.60 -54.62 -54.71
C MET K 803 -11.33 -54.98 -53.96
N GLY K 804 -10.40 -54.04 -53.82
CA GLY K 804 -9.17 -54.30 -53.10
C GLY K 804 -9.39 -54.68 -51.67
N CYS K 805 -10.29 -53.99 -50.98
CA CYS K 805 -10.60 -54.28 -49.59
C CYS K 805 -11.18 -55.69 -49.44
N VAL K 806 -12.05 -56.08 -50.35
CA VAL K 806 -12.59 -57.43 -50.28
C VAL K 806 -11.49 -58.45 -50.52
N LYS K 807 -10.59 -58.17 -51.47
CA LYS K 807 -9.48 -59.07 -51.75
C LYS K 807 -8.60 -59.25 -50.51
N LYS K 808 -8.31 -58.15 -49.81
CA LYS K 808 -7.48 -58.24 -48.62
C LYS K 808 -8.18 -58.99 -47.49
N GLN K 809 -9.46 -58.80 -47.30
CA GLN K 809 -10.17 -59.51 -46.25
C GLN K 809 -10.17 -60.99 -46.54
N LYS K 810 -10.46 -61.36 -47.79
CA LYS K 810 -10.48 -62.77 -48.15
C LYS K 810 -9.11 -63.41 -48.01
N SER K 811 -8.05 -62.70 -48.38
CA SER K 811 -6.72 -63.30 -48.32
C SER K 811 -6.18 -63.37 -46.90
N ALA K 812 -6.49 -62.39 -46.06
CA ALA K 812 -6.07 -62.45 -44.66
C ALA K 812 -6.61 -63.69 -43.98
N ARG K 813 -7.69 -64.24 -44.49
CA ARG K 813 -8.30 -65.43 -43.91
C ARG K 813 -8.04 -66.65 -44.75
N GLY K 814 -7.13 -66.55 -45.71
CA GLY K 814 -6.76 -67.67 -46.54
C GLY K 814 -7.88 -68.23 -47.39
N ILE K 815 -8.89 -67.43 -47.69
CA ILE K 815 -10.01 -67.86 -48.51
C ILE K 815 -9.64 -67.81 -49.98
N GLU K 816 -9.49 -68.96 -50.62
CA GLU K 816 -9.08 -69.01 -52.02
C GLU K 816 -10.10 -69.66 -52.93
N THR K 817 -11.18 -70.21 -52.38
CA THR K 817 -12.11 -71.00 -53.16
C THR K 817 -13.54 -70.45 -53.09
N ARG K 818 -13.69 -69.24 -52.57
CA ARG K 818 -15.00 -68.61 -52.50
C ARG K 818 -14.92 -67.21 -53.10
N PRO K 819 -14.80 -67.12 -54.42
CA PRO K 819 -14.65 -65.79 -55.05
C PRO K 819 -15.92 -64.92 -55.07
N ALA K 820 -15.78 -63.60 -54.94
CA ALA K 820 -16.91 -62.69 -55.01
C ALA K 820 -17.06 -62.19 -56.44
N GLN K 821 -18.23 -62.41 -57.01
CA GLN K 821 -18.53 -61.92 -58.35
C GLN K 821 -18.85 -60.45 -58.34
N VAL K 822 -18.06 -59.67 -59.04
CA VAL K 822 -18.29 -58.23 -59.13
C VAL K 822 -19.05 -57.94 -60.40
N ILE K 823 -20.22 -57.33 -60.26
CA ILE K 823 -21.10 -56.99 -61.37
C ILE K 823 -20.85 -55.52 -61.68
N LEU K 824 -20.05 -55.25 -62.69
CA LEU K 824 -19.64 -53.89 -62.99
C LEU K 824 -20.71 -53.19 -63.83
N PRO K 825 -21.21 -52.02 -63.42
CA PRO K 825 -22.17 -51.31 -64.25
C PRO K 825 -21.47 -50.55 -65.37
N MET K 826 -21.46 -51.12 -66.56
CA MET K 826 -20.75 -50.52 -67.68
C MET K 826 -21.69 -49.81 -68.63
N SER K 827 -21.15 -48.92 -69.43
CA SER K 827 -21.97 -48.15 -70.35
C SER K 827 -21.59 -48.45 -71.78
N PRO K 828 -22.58 -48.44 -72.69
CA PRO K 828 -22.28 -48.67 -74.10
C PRO K 828 -21.86 -47.42 -74.87
N ASN K 829 -21.97 -46.25 -74.26
CA ASN K 829 -21.74 -44.99 -74.96
C ASN K 829 -20.69 -44.21 -74.18
N HIS K 830 -19.47 -44.18 -74.73
CA HIS K 830 -18.38 -43.47 -74.08
C HIS K 830 -18.13 -42.16 -74.80
N GLY K 831 -18.59 -41.07 -74.21
CA GLY K 831 -18.40 -39.75 -74.78
C GLY K 831 -19.34 -39.39 -75.92
N THR K 832 -20.33 -40.24 -76.20
CA THR K 832 -21.15 -40.07 -77.39
C THR K 832 -22.16 -38.95 -77.23
N PHE K 833 -22.59 -38.65 -76.02
CA PHE K 833 -23.59 -37.61 -75.81
C PHE K 833 -22.99 -36.30 -75.34
N GLY K 834 -21.91 -36.34 -74.57
CA GLY K 834 -21.29 -35.13 -74.07
C GLY K 834 -22.06 -34.54 -72.92
N GLY K 835 -21.42 -33.58 -72.26
CA GLY K 835 -22.05 -32.86 -71.19
C GLY K 835 -22.18 -33.60 -69.88
N ASP K 836 -21.52 -34.74 -69.72
CA ASP K 836 -21.67 -35.57 -68.53
C ASP K 836 -20.40 -35.62 -67.69
N GLY K 837 -19.59 -34.57 -67.72
CA GLY K 837 -18.44 -34.51 -66.83
C GLY K 837 -17.44 -35.60 -67.12
N MET K 838 -17.17 -36.44 -66.11
CA MET K 838 -16.25 -37.55 -66.23
C MET K 838 -16.96 -38.90 -66.18
N TYR K 839 -18.26 -38.92 -66.41
CA TYR K 839 -19.00 -40.17 -66.42
C TYR K 839 -18.42 -41.18 -67.39
N SER K 840 -18.19 -40.75 -68.62
CA SER K 840 -17.72 -41.68 -69.63
C SER K 840 -16.30 -42.14 -69.34
N GLU K 841 -15.46 -41.28 -68.79
CA GLU K 841 -14.12 -41.69 -68.36
C GLU K 841 -14.18 -42.79 -67.31
N SER K 842 -15.00 -42.59 -66.27
CA SER K 842 -15.20 -43.62 -65.25
C SER K 842 -15.65 -44.94 -65.87
N LYS K 843 -16.70 -44.89 -66.68
CA LYS K 843 -17.25 -46.11 -67.25
C LYS K 843 -16.27 -46.85 -68.12
N LEU K 844 -15.56 -46.12 -68.97
CA LEU K 844 -14.57 -46.76 -69.83
C LEU K 844 -13.41 -47.30 -69.03
N SER K 845 -13.02 -46.64 -67.95
CA SER K 845 -11.91 -47.12 -67.14
C SER K 845 -12.20 -48.48 -66.47
N LEU K 846 -13.46 -48.74 -66.13
CA LEU K 846 -13.81 -50.01 -65.50
C LEU K 846 -13.42 -51.17 -66.39
N GLU K 847 -13.36 -50.94 -67.69
CA GLU K 847 -13.07 -52.08 -68.58
C GLU K 847 -11.65 -52.65 -68.47
N THR K 848 -10.74 -51.97 -67.81
CA THR K 848 -9.39 -52.52 -67.61
C THR K 848 -9.43 -53.79 -66.78
N LEU K 849 -10.44 -53.94 -65.93
CA LEU K 849 -10.53 -55.08 -65.03
C LEU K 849 -10.63 -56.42 -65.75
N PHE K 850 -11.14 -56.43 -66.96
CA PHE K 850 -11.21 -57.65 -67.73
C PHE K 850 -9.82 -58.23 -67.90
N ASN K 851 -8.84 -57.37 -68.13
CA ASN K 851 -7.46 -57.81 -68.34
C ASN K 851 -6.67 -57.91 -67.04
N ARG K 852 -6.92 -57.03 -66.08
CA ARG K 852 -6.21 -57.10 -64.81
C ARG K 852 -6.55 -58.36 -64.02
N TRP K 853 -7.68 -58.98 -64.30
CA TRP K 853 -8.05 -60.22 -63.64
C TRP K 853 -7.01 -61.25 -64.00
N HIS K 854 -6.61 -61.28 -65.27
CA HIS K 854 -5.59 -62.20 -65.72
C HIS K 854 -4.16 -61.80 -65.40
N SER K 855 -3.87 -60.50 -65.27
CA SER K 855 -2.48 -60.09 -65.12
C SER K 855 -2.02 -59.91 -63.67
N GLU K 856 -2.92 -59.99 -62.70
CA GLU K 856 -2.54 -59.77 -61.32
C GLU K 856 -2.76 -61.01 -60.46
N SER K 857 -2.86 -60.83 -59.14
CA SER K 857 -2.99 -61.97 -58.23
C SER K 857 -4.25 -61.99 -57.37
N TRP K 858 -5.35 -61.47 -57.87
CA TRP K 858 -6.59 -61.41 -57.10
C TRP K 858 -7.70 -62.22 -57.72
N ALA K 859 -7.42 -62.99 -58.76
CA ALA K 859 -8.46 -63.73 -59.45
C ALA K 859 -9.17 -64.82 -58.64
N ASN K 860 -8.53 -65.35 -57.59
CA ASN K 860 -9.17 -66.35 -56.73
C ASN K 860 -10.13 -65.71 -55.72
N GLN K 861 -9.99 -64.41 -55.48
CA GLN K 861 -10.87 -63.74 -54.53
C GLN K 861 -11.98 -62.95 -55.22
N LEU K 862 -11.81 -62.62 -56.49
CA LEU K 862 -12.81 -61.82 -57.20
C LEU K 862 -12.92 -62.30 -58.63
N THR K 863 -14.14 -62.24 -59.15
CA THR K 863 -14.38 -62.55 -60.53
C THR K 863 -14.98 -61.29 -61.14
N VAL K 864 -14.99 -61.17 -62.45
CA VAL K 864 -15.41 -59.95 -63.14
C VAL K 864 -16.56 -60.31 -64.06
N CYS K 865 -17.69 -59.64 -63.89
CA CYS K 865 -18.84 -59.77 -64.78
C CYS K 865 -19.22 -58.37 -65.24
N GLY K 866 -18.88 -58.04 -66.47
CA GLY K 866 -19.19 -56.73 -67.00
C GLY K 866 -20.56 -56.71 -67.62
N ALA K 867 -21.42 -55.82 -67.15
CA ALA K 867 -22.78 -55.67 -67.67
C ALA K 867 -22.85 -54.34 -68.38
N ILE K 868 -23.00 -54.38 -69.70
CA ILE K 868 -23.18 -53.18 -70.50
C ILE K 868 -24.67 -52.88 -70.48
N ILE K 869 -25.09 -51.96 -69.61
CA ILE K 869 -26.52 -51.70 -69.41
C ILE K 869 -27.13 -50.81 -70.48
N GLY K 870 -28.26 -51.24 -71.02
CA GLY K 870 -28.91 -50.50 -72.08
C GLY K 870 -29.84 -49.42 -71.64
N TRP K 871 -30.54 -48.82 -72.60
CA TRP K 871 -31.48 -47.74 -72.30
C TRP K 871 -32.54 -48.21 -71.32
N THR K 872 -32.49 -47.70 -70.10
CA THR K 872 -33.41 -48.15 -69.06
C THR K 872 -34.29 -46.98 -68.65
N ARG K 873 -35.56 -47.05 -69.00
CA ARG K 873 -36.48 -45.95 -68.70
C ARG K 873 -36.81 -45.81 -67.23
N GLY K 874 -36.72 -44.60 -66.68
CA GLY K 874 -37.16 -44.37 -65.31
C GLY K 874 -36.15 -44.10 -64.22
N THR K 875 -34.87 -44.06 -64.54
CA THR K 875 -33.86 -43.91 -63.49
C THR K 875 -33.43 -42.47 -63.28
N GLY K 876 -32.56 -42.25 -62.29
CA GLY K 876 -32.03 -40.92 -62.07
C GLY K 876 -31.06 -40.57 -63.16
N LEU K 877 -30.59 -41.60 -63.88
CA LEU K 877 -29.62 -41.39 -64.94
C LEU K 877 -30.27 -41.26 -66.31
N MET K 878 -31.53 -41.63 -66.45
CA MET K 878 -32.14 -41.64 -67.77
C MET K 878 -33.59 -41.12 -67.83
N SER K 879 -34.15 -40.76 -66.69
CA SER K 879 -35.54 -40.32 -66.65
C SER K 879 -35.90 -39.24 -67.67
N ALA K 880 -35.02 -38.27 -67.86
CA ALA K 880 -35.30 -37.17 -68.79
C ALA K 880 -35.49 -37.59 -70.25
N ASN K 881 -35.32 -38.87 -70.57
CA ASN K 881 -35.41 -39.31 -71.95
C ASN K 881 -36.57 -40.27 -72.19
N ASN K 882 -37.48 -40.43 -71.24
CA ASN K 882 -38.60 -41.34 -71.45
C ASN K 882 -39.41 -40.96 -72.69
N ILE K 883 -39.43 -39.69 -73.06
CA ILE K 883 -40.36 -39.23 -74.09
C ILE K 883 -39.95 -39.62 -75.50
N ILE K 884 -38.69 -39.97 -75.73
CA ILE K 884 -38.25 -40.39 -77.06
C ILE K 884 -38.05 -41.90 -77.15
N ALA K 885 -38.36 -42.63 -76.08
CA ALA K 885 -38.14 -44.07 -76.08
C ALA K 885 -38.97 -44.75 -77.16
N GLU K 886 -40.19 -44.24 -77.41
CA GLU K 886 -41.06 -44.86 -78.41
C GLU K 886 -40.46 -44.75 -79.81
N GLY K 887 -39.95 -43.57 -80.18
CA GLY K 887 -39.32 -43.44 -81.49
C GLY K 887 -38.05 -44.25 -81.60
N ILE K 888 -37.25 -44.27 -80.54
CA ILE K 888 -36.07 -45.11 -80.53
C ILE K 888 -36.46 -46.56 -80.82
N GLU K 889 -37.52 -47.03 -80.18
CA GLU K 889 -37.98 -48.38 -80.44
C GLU K 889 -38.49 -48.54 -81.86
N LYS K 890 -39.13 -47.50 -82.41
CA LYS K 890 -39.55 -47.56 -83.80
C LYS K 890 -38.38 -47.85 -84.72
N MET K 891 -37.18 -47.43 -84.32
CA MET K 891 -36.02 -47.83 -85.11
C MET K 891 -35.73 -49.32 -85.07
N GLY K 892 -36.50 -50.12 -84.33
CA GLY K 892 -36.23 -51.54 -84.21
C GLY K 892 -35.34 -51.91 -83.04
N VAL K 893 -35.16 -51.00 -82.10
CA VAL K 893 -34.31 -51.22 -80.94
C VAL K 893 -35.21 -51.39 -79.72
N ARG K 894 -34.65 -51.97 -78.66
CA ARG K 894 -35.41 -52.27 -77.46
C ARG K 894 -34.90 -51.42 -76.30
N THR K 895 -35.80 -50.67 -75.68
CA THR K 895 -35.56 -50.05 -74.38
C THR K 895 -36.13 -50.93 -73.28
N PHE K 896 -35.63 -50.75 -72.07
CA PHE K 896 -35.94 -51.63 -70.96
C PHE K 896 -36.56 -50.85 -69.80
N SER K 897 -37.57 -51.44 -69.18
CA SER K 897 -37.98 -50.99 -67.86
C SER K 897 -36.97 -51.45 -66.82
N GLN K 898 -36.98 -50.77 -65.67
CA GLN K 898 -36.05 -51.12 -64.60
C GLN K 898 -36.26 -52.55 -64.13
N LYS K 899 -37.49 -53.03 -64.16
CA LYS K 899 -37.77 -54.40 -63.78
C LYS K 899 -37.13 -55.36 -64.78
N GLU K 900 -37.23 -55.06 -66.07
CA GLU K 900 -36.60 -55.88 -67.10
C GLU K 900 -35.08 -55.88 -66.98
N MET K 901 -34.48 -54.71 -66.75
CA MET K 901 -33.03 -54.67 -66.61
C MET K 901 -32.58 -55.40 -65.37
N ALA K 902 -33.33 -55.30 -64.27
CA ALA K 902 -32.98 -56.06 -63.08
C ALA K 902 -33.06 -57.56 -63.35
N PHE K 903 -34.05 -57.99 -64.10
CA PHE K 903 -34.15 -59.41 -64.46
C PHE K 903 -32.94 -59.80 -65.30
N ASN K 904 -32.53 -58.95 -66.24
CA ASN K 904 -31.34 -59.23 -67.04
C ASN K 904 -30.11 -59.39 -66.14
N LEU K 905 -29.94 -58.48 -65.19
CA LEU K 905 -28.76 -58.52 -64.33
C LEU K 905 -28.79 -59.74 -63.42
N LEU K 906 -29.92 -60.02 -62.81
CA LEU K 906 -30.05 -61.20 -61.97
C LEU K 906 -29.79 -62.47 -62.77
N GLY K 907 -29.99 -62.43 -64.08
CA GLY K 907 -29.53 -63.50 -64.94
C GLY K 907 -28.04 -63.79 -64.83
N LEU K 908 -27.25 -62.80 -64.43
CA LEU K 908 -25.81 -63.00 -64.28
C LEU K 908 -25.44 -63.61 -62.93
N LEU K 909 -26.40 -63.88 -62.06
CA LEU K 909 -26.10 -64.48 -60.78
C LEU K 909 -26.54 -65.93 -60.71
N THR K 910 -27.01 -66.48 -61.82
CA THR K 910 -27.37 -67.89 -61.86
C THR K 910 -26.11 -68.74 -61.74
N PRO K 911 -26.25 -70.01 -61.33
CA PRO K 911 -25.03 -70.83 -61.15
C PRO K 911 -24.20 -70.96 -62.40
N GLU K 912 -24.83 -71.04 -63.58
CA GLU K 912 -24.09 -71.27 -64.82
C GLU K 912 -23.21 -70.06 -65.17
N VAL K 913 -23.78 -68.85 -65.11
CA VAL K 913 -22.98 -67.66 -65.36
C VAL K 913 -21.93 -67.47 -64.27
N VAL K 914 -22.25 -67.84 -63.04
CA VAL K 914 -21.29 -67.72 -61.96
C VAL K 914 -20.08 -68.62 -62.23
N GLU K 915 -20.31 -69.85 -62.66
CA GLU K 915 -19.20 -70.73 -63.02
C GLU K 915 -18.43 -70.18 -64.21
N LEU K 916 -19.16 -69.66 -65.20
CA LEU K 916 -18.51 -69.05 -66.36
C LEU K 916 -17.56 -67.93 -65.92
N CYS K 917 -18.00 -67.06 -65.03
CA CYS K 917 -17.15 -65.98 -64.56
C CYS K 917 -15.92 -66.51 -63.83
N GLN K 918 -16.06 -67.61 -63.10
CA GLN K 918 -14.91 -68.19 -62.44
C GLN K 918 -13.93 -68.76 -63.46
N LYS K 919 -14.40 -69.08 -64.66
CA LYS K 919 -13.48 -69.53 -65.70
C LYS K 919 -12.69 -68.38 -66.28
N SER K 920 -13.37 -67.29 -66.62
CA SER K 920 -12.72 -66.10 -67.14
C SER K 920 -13.77 -65.00 -67.17
N PRO K 921 -13.32 -63.74 -67.18
CA PRO K 921 -14.31 -62.65 -67.11
C PRO K 921 -15.33 -62.73 -68.24
N VAL K 922 -16.57 -62.41 -67.86
CA VAL K 922 -17.64 -62.43 -68.83
C VAL K 922 -18.09 -61.01 -69.11
N MET K 923 -18.49 -60.76 -70.34
CA MET K 923 -18.98 -59.45 -70.73
C MET K 923 -20.37 -59.64 -71.28
N ALA K 924 -21.35 -59.04 -70.61
CA ALA K 924 -22.75 -59.18 -70.99
C ALA K 924 -23.22 -57.89 -71.64
N ASP K 925 -23.74 -58.01 -72.85
CA ASP K 925 -24.31 -56.89 -73.60
C ASP K 925 -25.82 -56.89 -73.39
N LEU K 926 -26.29 -55.99 -72.54
CA LEU K 926 -27.71 -55.83 -72.25
C LEU K 926 -28.26 -54.57 -72.91
N ASN K 927 -27.80 -54.27 -74.12
CA ASN K 927 -28.07 -53.01 -74.78
C ASN K 927 -29.25 -53.04 -75.75
N GLY K 928 -29.81 -54.22 -76.04
CA GLY K 928 -31.00 -54.27 -76.88
C GLY K 928 -30.80 -53.74 -78.28
N GLY K 929 -29.61 -53.90 -78.86
CA GLY K 929 -29.35 -53.48 -80.20
C GLY K 929 -29.18 -51.99 -80.41
N LEU K 930 -29.11 -51.21 -79.33
CA LEU K 930 -28.97 -49.77 -79.50
C LEU K 930 -27.66 -49.40 -80.20
N GLN K 931 -26.63 -50.24 -80.07
CA GLN K 931 -25.35 -49.95 -80.70
C GLN K 931 -25.45 -49.94 -82.22
N PHE K 932 -26.51 -50.48 -82.79
CA PHE K 932 -26.65 -50.54 -84.23
C PHE K 932 -27.30 -49.31 -84.83
N VAL K 933 -27.76 -48.38 -84.01
CA VAL K 933 -28.30 -47.11 -84.50
C VAL K 933 -27.13 -46.16 -84.73
N PRO K 934 -26.91 -45.68 -85.95
CA PRO K 934 -25.79 -44.76 -86.19
C PRO K 934 -26.12 -43.33 -85.81
N GLU K 935 -25.08 -42.59 -85.45
CA GLU K 935 -25.20 -41.18 -85.03
C GLU K 935 -26.28 -41.03 -83.98
N LEU K 936 -26.08 -41.71 -82.85
CA LEU K 936 -27.13 -41.82 -81.85
C LEU K 936 -27.48 -40.47 -81.24
N LYS K 937 -26.47 -39.65 -80.98
CA LYS K 937 -26.74 -38.35 -80.38
C LYS K 937 -27.65 -37.51 -81.27
N GLU K 938 -27.32 -37.41 -82.55
CA GLU K 938 -28.13 -36.62 -83.47
C GLU K 938 -29.52 -37.22 -83.64
N PHE K 939 -29.62 -38.54 -83.72
CA PHE K 939 -30.92 -39.17 -83.83
C PHE K 939 -31.81 -38.83 -82.65
N THR K 940 -31.28 -38.95 -81.43
CA THR K 940 -32.12 -38.68 -80.26
C THR K 940 -32.44 -37.19 -80.15
N ALA K 941 -31.50 -36.32 -80.51
CA ALA K 941 -31.79 -34.89 -80.52
C ALA K 941 -32.89 -34.57 -81.53
N LYS K 942 -32.88 -35.22 -82.68
CA LYS K 942 -33.92 -34.99 -83.67
C LYS K 942 -35.28 -35.42 -83.15
N LEU K 943 -35.35 -36.59 -82.49
CA LEU K 943 -36.59 -37.03 -81.89
C LEU K 943 -37.08 -36.03 -80.88
N ARG K 944 -36.19 -35.57 -80.02
CA ARG K 944 -36.59 -34.65 -78.96
C ARG K 944 -37.10 -33.33 -79.52
N LYS K 945 -36.41 -32.80 -80.54
CA LYS K 945 -36.84 -31.53 -81.11
C LYS K 945 -38.15 -31.69 -81.86
N GLU K 946 -38.36 -32.83 -82.51
CA GLU K 946 -39.62 -33.07 -83.17
C GLU K 946 -40.75 -32.95 -82.17
N LEU K 947 -40.61 -33.63 -81.03
CA LEU K 947 -41.66 -33.62 -80.03
C LEU K 947 -41.85 -32.24 -79.44
N VAL K 948 -40.77 -31.57 -79.10
CA VAL K 948 -40.89 -30.26 -78.48
C VAL K 948 -41.56 -29.28 -79.43
N GLU K 949 -41.20 -29.35 -80.71
CA GLU K 949 -41.78 -28.44 -81.67
C GLU K 949 -43.27 -28.71 -81.79
N THR K 950 -43.65 -29.97 -81.97
CA THR K 950 -45.06 -30.27 -82.11
C THR K 950 -45.84 -29.74 -80.91
N SER K 951 -45.33 -29.99 -79.71
CA SER K 951 -46.02 -29.52 -78.50
C SER K 951 -46.16 -28.00 -78.52
N GLU K 952 -45.07 -27.28 -78.76
CA GLU K 952 -45.11 -25.83 -78.69
C GLU K 952 -46.01 -25.23 -79.77
N VAL K 953 -45.90 -25.74 -80.98
CA VAL K 953 -46.75 -25.24 -82.05
C VAL K 953 -48.20 -25.40 -81.66
N ARG K 954 -48.58 -26.61 -81.27
CA ARG K 954 -49.99 -26.86 -80.96
C ARG K 954 -50.45 -25.95 -79.83
N LYS K 955 -49.65 -25.80 -78.78
CA LYS K 955 -50.05 -24.93 -77.68
C LYS K 955 -50.26 -23.50 -78.16
N ALA K 956 -49.32 -22.97 -78.93
CA ALA K 956 -49.42 -21.58 -79.37
C ALA K 956 -50.63 -21.37 -80.26
N VAL K 957 -50.84 -22.28 -81.22
CA VAL K 957 -51.99 -22.15 -82.10
C VAL K 957 -53.28 -22.20 -81.30
N SER K 958 -53.37 -23.12 -80.34
CA SER K 958 -54.60 -23.23 -79.55
C SER K 958 -54.85 -21.96 -78.75
N ILE K 959 -53.80 -21.40 -78.14
CA ILE K 959 -53.98 -20.16 -77.40
C ILE K 959 -54.48 -19.06 -78.31
N GLU K 960 -53.91 -18.94 -79.50
CA GLU K 960 -54.31 -17.84 -80.39
C GLU K 960 -55.74 -18.03 -80.88
N THR K 961 -56.12 -19.27 -81.19
CA THR K 961 -57.50 -19.52 -81.61
C THR K 961 -58.48 -19.19 -80.49
N ALA K 962 -58.13 -19.56 -79.25
CA ALA K 962 -59.00 -19.24 -78.14
C ALA K 962 -59.14 -17.73 -77.96
N LEU K 963 -58.03 -17.00 -78.07
CA LEU K 963 -58.10 -15.56 -77.90
C LEU K 963 -58.92 -14.90 -79.00
N GLU K 964 -58.77 -15.38 -80.23
CA GLU K 964 -59.58 -14.85 -81.33
C GLU K 964 -61.05 -15.12 -81.07
N HIS K 965 -61.39 -16.32 -80.61
CA HIS K 965 -62.79 -16.61 -80.29
C HIS K 965 -63.30 -15.67 -79.19
N LYS K 966 -62.48 -15.44 -78.17
CA LYS K 966 -62.89 -14.63 -77.04
C LYS K 966 -63.06 -13.17 -77.41
N VAL K 967 -62.36 -12.70 -78.44
CA VAL K 967 -62.53 -11.32 -78.87
C VAL K 967 -63.68 -11.18 -79.87
N VAL K 968 -63.85 -12.16 -80.76
CA VAL K 968 -64.92 -12.06 -81.76
C VAL K 968 -66.28 -12.26 -81.11
N ASN K 969 -66.41 -13.22 -80.21
CA ASN K 969 -67.70 -13.54 -79.61
C ASN K 969 -67.89 -12.95 -78.23
N GLY K 970 -66.86 -12.36 -77.63
CA GLY K 970 -67.00 -11.71 -76.35
C GLY K 970 -67.20 -12.70 -75.23
N ASN K 971 -67.51 -12.16 -74.05
CA ASN K 971 -67.69 -12.99 -72.85
C ASN K 971 -69.08 -13.62 -72.81
N GLN K 979 -67.50 -23.45 -64.21
CA GLN K 979 -68.29 -24.19 -63.24
C GLN K 979 -67.96 -23.77 -61.82
N VAL K 980 -68.98 -23.69 -60.98
CA VAL K 980 -68.78 -23.36 -59.57
C VAL K 980 -68.35 -24.61 -58.83
N GLU K 981 -67.24 -24.53 -58.11
CA GLU K 981 -66.66 -25.65 -57.39
C GLU K 981 -66.91 -25.46 -55.90
N ILE K 982 -67.14 -26.57 -55.20
CA ILE K 982 -67.47 -26.56 -53.79
C ILE K 982 -66.32 -27.15 -52.99
N GLN K 983 -65.88 -26.42 -51.96
CA GLN K 983 -64.78 -26.83 -51.12
C GLN K 983 -65.33 -27.59 -49.92
N PRO K 984 -64.72 -28.69 -49.49
CA PRO K 984 -65.18 -29.35 -48.26
C PRO K 984 -65.02 -28.46 -47.04
N ARG K 985 -65.99 -28.55 -46.14
CA ARG K 985 -65.90 -27.95 -44.81
C ARG K 985 -65.93 -29.08 -43.77
N ALA K 986 -65.06 -28.98 -42.78
CA ALA K 986 -64.97 -30.03 -41.77
C ALA K 986 -66.27 -30.19 -41.03
N ASN K 987 -66.74 -31.43 -40.90
CA ASN K 987 -67.97 -31.76 -40.18
C ASN K 987 -67.62 -32.85 -39.16
N ILE K 988 -67.12 -32.43 -38.00
CA ILE K 988 -66.67 -33.39 -36.99
C ILE K 988 -67.82 -34.17 -36.38
N GLN K 989 -67.73 -35.49 -36.41
CA GLN K 989 -68.78 -36.34 -35.87
C GLN K 989 -68.40 -36.92 -34.52
N LEU K 990 -69.38 -37.34 -33.75
CA LEU K 990 -69.13 -37.93 -32.44
C LEU K 990 -68.84 -39.42 -32.58
N ASP K 991 -69.25 -40.03 -33.68
CA ASP K 991 -68.96 -41.44 -33.93
C ASP K 991 -69.62 -42.40 -32.95
N PHE K 992 -70.93 -42.31 -32.81
CA PHE K 992 -71.64 -43.26 -31.97
C PHE K 992 -71.69 -44.58 -32.72
N PRO K 993 -71.76 -45.70 -32.00
CA PRO K 993 -71.82 -47.01 -32.64
C PRO K 993 -73.01 -47.13 -33.58
N GLU K 994 -72.83 -47.79 -34.72
CA GLU K 994 -73.94 -48.03 -35.63
C GLU K 994 -74.83 -49.11 -35.07
N LEU K 995 -76.14 -48.92 -35.16
CA LEU K 995 -77.10 -49.90 -34.66
C LEU K 995 -77.84 -50.59 -35.79
N LYS K 996 -77.71 -51.90 -35.89
CA LYS K 996 -78.30 -52.63 -36.99
C LYS K 996 -79.79 -52.90 -36.82
N PRO K 997 -80.43 -53.46 -37.85
CA PRO K 997 -81.83 -53.83 -37.65
C PRO K 997 -81.90 -55.01 -36.71
N TYR K 998 -82.99 -55.17 -35.99
CA TYR K 998 -83.07 -56.23 -35.00
C TYR K 998 -82.84 -57.61 -35.60
N LYS K 999 -83.08 -57.76 -36.89
CA LYS K 999 -82.93 -59.05 -37.55
C LYS K 999 -81.48 -59.48 -37.60
N GLN K 1000 -80.61 -58.61 -38.08
CA GLN K 1000 -79.19 -58.92 -38.13
C GLN K 1000 -78.60 -59.10 -36.73
N VAL K 1001 -78.92 -58.18 -35.83
CA VAL K 1001 -78.36 -58.25 -34.49
C VAL K 1001 -78.81 -59.53 -33.82
N LYS K 1002 -80.05 -59.95 -34.09
CA LYS K 1002 -80.51 -61.24 -33.60
C LYS K 1002 -79.74 -62.38 -34.23
N GLN K 1003 -79.32 -62.24 -35.48
CA GLN K 1003 -78.54 -63.30 -36.11
C GLN K 1003 -77.20 -63.48 -35.40
N ILE K 1004 -76.57 -62.44 -34.87
CA ILE K 1004 -75.20 -62.60 -34.31
C ILE K 1004 -75.07 -63.45 -33.05
N ALA K 1005 -75.99 -63.33 -32.11
CA ALA K 1005 -75.88 -64.04 -30.85
C ALA K 1005 -76.86 -65.19 -30.81
N PRO K 1006 -76.52 -66.25 -30.05
CA PRO K 1006 -77.41 -67.40 -29.95
C PRO K 1006 -78.85 -67.02 -29.67
N ALA K 1007 -79.80 -67.75 -30.25
CA ALA K 1007 -81.21 -67.48 -30.02
C ALA K 1007 -81.61 -67.68 -28.57
N GLU K 1008 -80.90 -68.54 -27.83
CA GLU K 1008 -81.23 -68.81 -26.44
C GLU K 1008 -80.82 -67.69 -25.49
N LEU K 1009 -80.10 -66.68 -25.97
CA LEU K 1009 -79.62 -65.64 -25.08
C LEU K 1009 -80.72 -64.71 -24.63
N GLU K 1010 -81.83 -64.63 -25.36
CA GLU K 1010 -82.90 -63.70 -25.02
C GLU K 1010 -83.53 -64.06 -23.68
N GLY K 1011 -83.49 -63.12 -22.74
CA GLY K 1011 -84.05 -63.34 -21.43
C GLY K 1011 -83.25 -64.24 -20.53
N LEU K 1012 -82.05 -64.62 -20.94
CA LEU K 1012 -81.19 -65.44 -20.11
C LEU K 1012 -80.30 -64.60 -19.20
N LEU K 1013 -80.01 -63.38 -19.61
CA LEU K 1013 -79.10 -62.56 -18.85
C LEU K 1013 -79.73 -61.50 -17.97
N ASP K 1014 -79.21 -61.34 -16.77
CA ASP K 1014 -79.64 -60.28 -15.86
C ASP K 1014 -78.90 -59.01 -16.26
N LEU K 1015 -79.58 -58.13 -16.99
CA LEU K 1015 -78.92 -56.96 -17.56
C LEU K 1015 -78.51 -55.94 -16.51
N GLU K 1016 -78.95 -56.10 -15.26
CA GLU K 1016 -78.39 -55.29 -14.19
C GLU K 1016 -76.99 -55.75 -13.81
N ARG K 1017 -76.58 -56.94 -14.25
CA ARG K 1017 -75.28 -57.48 -13.94
C ARG K 1017 -74.32 -57.45 -15.12
N VAL K 1018 -74.71 -56.81 -16.19
CA VAL K 1018 -73.85 -56.69 -17.37
C VAL K 1018 -73.31 -55.28 -17.43
N ILE K 1019 -72.01 -55.12 -17.41
CA ILE K 1019 -71.39 -53.80 -17.43
C ILE K 1019 -70.99 -53.41 -18.85
N VAL K 1020 -71.35 -52.22 -19.26
CA VAL K 1020 -71.04 -51.72 -20.59
C VAL K 1020 -70.33 -50.37 -20.49
N VAL K 1021 -69.56 -50.06 -21.53
CA VAL K 1021 -68.90 -48.76 -21.68
C VAL K 1021 -69.78 -47.90 -22.56
N THR K 1022 -70.25 -46.77 -22.03
CA THR K 1022 -71.13 -45.88 -22.77
C THR K 1022 -70.46 -44.60 -23.23
N GLY K 1023 -69.21 -44.38 -22.88
CA GLY K 1023 -68.48 -43.21 -23.35
C GLY K 1023 -67.04 -43.29 -22.94
N PHE K 1024 -66.17 -42.60 -23.66
CA PHE K 1024 -64.75 -42.61 -23.36
C PHE K 1024 -64.09 -41.39 -23.95
N ALA K 1025 -62.93 -41.03 -23.44
CA ALA K 1025 -62.24 -39.85 -23.90
C ALA K 1025 -60.82 -39.91 -23.44
N GLU K 1026 -59.97 -39.06 -23.97
CA GLU K 1026 -58.63 -39.00 -23.50
C GLU K 1026 -57.92 -37.71 -23.84
N VAL K 1027 -56.98 -37.32 -23.03
CA VAL K 1027 -56.11 -36.20 -23.35
C VAL K 1027 -54.70 -36.77 -23.41
N GLY K 1028 -54.07 -36.68 -24.57
CA GLY K 1028 -52.77 -37.28 -24.76
C GLY K 1028 -51.90 -36.57 -25.78
N PRO K 1029 -50.75 -37.18 -26.10
CA PRO K 1029 -49.83 -36.55 -27.06
C PRO K 1029 -50.39 -36.34 -28.46
N TRP K 1030 -51.41 -37.08 -28.87
CA TRP K 1030 -52.02 -36.87 -30.18
C TRP K 1030 -53.40 -36.27 -30.07
N GLY K 1031 -53.63 -35.46 -29.04
CA GLY K 1031 -54.88 -34.79 -28.85
C GLY K 1031 -55.93 -35.66 -28.21
N SER K 1032 -57.14 -35.58 -28.72
CA SER K 1032 -58.24 -36.37 -28.21
C SER K 1032 -58.20 -37.82 -28.65
N ALA K 1033 -59.25 -38.56 -28.35
CA ALA K 1033 -59.33 -39.95 -28.77
C ALA K 1033 -59.65 -40.04 -30.26
N ARG K 1034 -60.38 -39.08 -30.79
CA ARG K 1034 -60.66 -39.04 -32.22
C ARG K 1034 -59.40 -38.82 -33.05
N THR K 1035 -58.59 -37.82 -32.70
CA THR K 1035 -57.38 -37.54 -33.46
C THR K 1035 -56.31 -38.59 -33.22
N ARG K 1036 -56.20 -39.08 -31.99
CA ARG K 1036 -55.26 -40.16 -31.70
C ARG K 1036 -55.61 -41.40 -32.50
N TRP K 1037 -56.89 -41.71 -32.64
CA TRP K 1037 -57.28 -42.88 -33.39
C TRP K 1037 -56.99 -42.70 -34.87
N GLU K 1038 -57.27 -41.52 -35.40
CA GLU K 1038 -56.92 -41.27 -36.79
C GLU K 1038 -55.44 -41.50 -37.03
N MET K 1039 -54.60 -40.95 -36.15
CA MET K 1039 -53.17 -41.14 -36.29
C MET K 1039 -52.78 -42.62 -36.14
N GLU K 1040 -53.40 -43.31 -35.19
CA GLU K 1040 -53.06 -44.71 -34.91
C GLU K 1040 -53.45 -45.62 -36.06
N ALA K 1041 -54.67 -45.49 -36.55
CA ALA K 1041 -55.18 -46.42 -37.55
C ALA K 1041 -54.73 -46.06 -38.97
N PHE K 1042 -54.75 -44.78 -39.31
CA PHE K 1042 -54.47 -44.37 -40.70
C PHE K 1042 -53.17 -43.64 -40.94
N GLY K 1043 -52.46 -43.25 -39.89
CA GLY K 1043 -51.17 -42.62 -40.05
C GLY K 1043 -51.20 -41.17 -40.48
N GLU K 1044 -52.37 -40.58 -40.70
CA GLU K 1044 -52.42 -39.17 -41.07
C GLU K 1044 -53.83 -38.66 -40.84
N PHE K 1045 -53.96 -37.34 -40.81
CA PHE K 1045 -55.20 -36.70 -40.40
C PHE K 1045 -56.12 -36.44 -41.58
N SER K 1046 -57.39 -36.75 -41.39
CA SER K 1046 -58.43 -36.30 -42.31
C SER K 1046 -58.63 -34.79 -42.15
N LEU K 1047 -59.61 -34.25 -42.88
CA LEU K 1047 -59.93 -32.83 -42.74
C LEU K 1047 -60.51 -32.55 -41.35
N GLU K 1048 -61.43 -33.37 -40.89
CA GLU K 1048 -61.98 -33.20 -39.55
C GLU K 1048 -60.90 -33.36 -38.50
N GLY K 1049 -59.99 -34.32 -38.66
CA GLY K 1049 -58.90 -34.46 -37.72
C GLY K 1049 -57.94 -33.29 -37.75
N CYS K 1050 -57.63 -32.78 -38.94
CA CYS K 1050 -56.72 -31.64 -39.02
C CYS K 1050 -57.34 -30.40 -38.38
N VAL K 1051 -58.62 -30.15 -38.63
CA VAL K 1051 -59.28 -29.01 -38.02
C VAL K 1051 -59.34 -29.17 -36.50
N GLU K 1052 -59.62 -30.38 -36.01
CA GLU K 1052 -59.65 -30.59 -34.58
C GLU K 1052 -58.27 -30.38 -33.96
N MET K 1053 -57.22 -30.87 -34.60
CA MET K 1053 -55.88 -30.67 -34.05
C MET K 1053 -55.50 -29.19 -34.07
N ALA K 1054 -55.85 -28.48 -35.14
CA ALA K 1054 -55.56 -27.06 -35.22
C ALA K 1054 -56.27 -26.30 -34.12
N TRP K 1055 -57.53 -26.62 -33.88
CA TRP K 1055 -58.29 -25.98 -32.81
C TRP K 1055 -57.74 -26.35 -31.42
N ILE K 1056 -57.35 -27.61 -31.22
CA ILE K 1056 -56.78 -28.01 -29.93
C ILE K 1056 -55.50 -27.24 -29.65
N MET K 1057 -54.63 -27.15 -30.65
CA MET K 1057 -53.34 -26.51 -30.46
C MET K 1057 -53.42 -24.99 -30.47
N GLY K 1058 -54.60 -24.41 -30.66
CA GLY K 1058 -54.74 -22.97 -30.67
C GLY K 1058 -54.27 -22.28 -31.93
N PHE K 1059 -54.07 -23.02 -33.03
CA PHE K 1059 -53.69 -22.38 -34.28
C PHE K 1059 -54.84 -21.59 -34.86
N ILE K 1060 -56.07 -22.08 -34.72
CA ILE K 1060 -57.25 -21.46 -35.29
C ILE K 1060 -58.27 -21.21 -34.20
N SER K 1061 -59.12 -20.23 -34.44
CA SER K 1061 -60.18 -19.92 -33.51
C SER K 1061 -61.37 -19.51 -34.33
N TYR K 1062 -62.56 -19.63 -33.78
CA TYR K 1062 -63.78 -19.29 -34.48
C TYR K 1062 -64.09 -17.81 -34.34
N HIS K 1063 -64.65 -17.23 -35.40
CA HIS K 1063 -65.04 -15.83 -35.42
C HIS K 1063 -66.43 -15.71 -36.00
N ASN K 1064 -67.24 -14.83 -35.43
CA ASN K 1064 -68.57 -14.54 -35.95
C ASN K 1064 -68.83 -13.04 -35.76
N GLY K 1065 -68.67 -12.29 -36.83
CA GLY K 1065 -68.91 -10.85 -36.77
C GLY K 1065 -68.20 -10.16 -37.92
N ASN K 1066 -68.05 -8.85 -37.77
CA ASN K 1066 -67.36 -8.05 -38.79
C ASN K 1066 -65.86 -8.23 -38.65
N LEU K 1067 -65.21 -8.51 -39.78
CA LEU K 1067 -63.76 -8.72 -39.82
C LEU K 1067 -63.23 -7.89 -40.98
N LYS K 1068 -62.46 -6.85 -40.67
CA LYS K 1068 -62.04 -5.87 -41.68
C LYS K 1068 -63.26 -5.22 -42.33
N GLY K 1069 -64.26 -4.93 -41.53
CA GLY K 1069 -65.50 -4.36 -42.03
C GLY K 1069 -66.52 -5.38 -42.50
N ARG K 1070 -66.11 -6.25 -43.40
CA ARG K 1070 -67.04 -7.25 -43.92
C ARG K 1070 -67.42 -8.26 -42.84
N PRO K 1071 -68.65 -8.76 -42.85
CA PRO K 1071 -69.01 -9.83 -41.91
C PRO K 1071 -68.29 -11.13 -42.25
N TYR K 1072 -67.95 -11.91 -41.22
CA TYR K 1072 -67.29 -13.19 -41.40
C TYR K 1072 -67.79 -14.19 -40.37
N THR K 1073 -68.01 -15.41 -40.83
CA THR K 1073 -68.37 -16.54 -39.97
C THR K 1073 -67.47 -17.70 -40.36
N GLY K 1074 -66.56 -18.08 -39.48
CA GLY K 1074 -65.68 -19.20 -39.77
C GLY K 1074 -64.41 -19.11 -38.95
N TRP K 1075 -63.43 -19.92 -39.37
CA TRP K 1075 -62.16 -20.00 -38.69
C TRP K 1075 -61.25 -18.84 -39.09
N VAL K 1076 -60.53 -18.30 -38.11
CA VAL K 1076 -59.48 -17.33 -38.35
C VAL K 1076 -58.21 -17.84 -37.70
N ASP K 1077 -57.07 -17.45 -38.26
CA ASP K 1077 -55.80 -17.71 -37.62
C ASP K 1077 -55.76 -16.99 -36.27
N SER K 1078 -55.39 -17.73 -35.22
CA SER K 1078 -55.49 -17.16 -33.87
C SER K 1078 -54.58 -15.96 -33.71
N LYS K 1079 -53.40 -16.00 -34.32
CA LYS K 1079 -52.43 -14.91 -34.14
C LYS K 1079 -52.79 -13.71 -35.01
N THR K 1080 -52.82 -13.89 -36.34
CA THR K 1080 -53.05 -12.77 -37.24
C THR K 1080 -54.51 -12.40 -37.39
N LYS K 1081 -55.43 -13.27 -37.00
CA LYS K 1081 -56.88 -13.09 -37.14
C LYS K 1081 -57.33 -13.08 -38.60
N GLU K 1082 -56.51 -13.52 -39.53
CA GLU K 1082 -56.93 -13.60 -40.92
C GLU K 1082 -57.84 -14.79 -41.15
N PRO K 1083 -58.84 -14.68 -42.02
CA PRO K 1083 -59.72 -15.82 -42.29
C PRO K 1083 -58.95 -17.02 -42.81
N VAL K 1084 -59.41 -18.21 -42.41
CA VAL K 1084 -58.85 -19.47 -42.87
C VAL K 1084 -59.99 -20.36 -43.31
N ASP K 1085 -59.90 -20.86 -44.54
CA ASP K 1085 -60.84 -21.86 -45.01
C ASP K 1085 -60.45 -23.24 -44.51
N ASP K 1086 -61.45 -24.09 -44.32
CA ASP K 1086 -61.17 -25.45 -43.85
C ASP K 1086 -60.23 -26.16 -44.80
N LYS K 1087 -60.42 -25.98 -46.10
CA LYS K 1087 -59.57 -26.66 -47.07
C LYS K 1087 -58.11 -26.25 -46.92
N ASP K 1088 -57.84 -25.05 -46.42
CA ASP K 1088 -56.49 -24.53 -46.30
C ASP K 1088 -55.82 -24.88 -44.98
N VAL K 1089 -56.55 -25.49 -44.05
CA VAL K 1089 -55.99 -25.77 -42.74
C VAL K 1089 -54.81 -26.73 -42.86
N LYS K 1090 -54.94 -27.77 -43.66
CA LYS K 1090 -53.84 -28.69 -43.84
C LYS K 1090 -52.57 -27.99 -44.34
N ALA K 1091 -52.70 -27.23 -45.42
CA ALA K 1091 -51.54 -26.55 -45.98
C ALA K 1091 -50.95 -25.55 -45.01
N LYS K 1092 -51.79 -24.80 -44.33
CA LYS K 1092 -51.28 -23.79 -43.40
C LYS K 1092 -50.59 -24.41 -42.20
N TYR K 1093 -51.14 -25.50 -41.66
CA TYR K 1093 -50.80 -25.89 -40.29
C TYR K 1093 -50.29 -27.31 -40.12
N GLU K 1094 -50.72 -28.25 -40.95
CA GLU K 1094 -50.35 -29.64 -40.77
C GLU K 1094 -48.90 -29.87 -40.37
N THR K 1095 -47.96 -29.20 -41.04
CA THR K 1095 -46.56 -29.45 -40.76
C THR K 1095 -46.21 -29.06 -39.33
N SER K 1096 -46.73 -27.93 -38.85
CA SER K 1096 -46.49 -27.52 -37.47
C SER K 1096 -47.25 -28.39 -36.48
N ILE K 1097 -48.45 -28.83 -36.84
CA ILE K 1097 -49.21 -29.73 -36.00
C ILE K 1097 -48.42 -31.01 -35.77
N LEU K 1098 -47.89 -31.60 -36.84
CA LEU K 1098 -47.12 -32.83 -36.71
C LEU K 1098 -45.80 -32.61 -36.00
N GLU K 1099 -45.18 -31.44 -36.15
CA GLU K 1099 -43.93 -31.18 -35.49
C GLU K 1099 -44.08 -31.03 -33.97
N HIS K 1100 -45.26 -30.63 -33.51
CA HIS K 1100 -45.47 -30.36 -32.10
C HIS K 1100 -46.53 -31.27 -31.50
N SER K 1101 -46.58 -32.52 -31.95
CA SER K 1101 -47.49 -33.54 -31.44
C SER K 1101 -46.72 -34.84 -31.27
N GLY K 1102 -47.22 -35.74 -30.43
CA GLY K 1102 -46.60 -37.03 -30.23
C GLY K 1102 -45.23 -37.03 -29.59
N ILE K 1103 -44.49 -38.13 -29.75
CA ILE K 1103 -43.16 -38.25 -29.15
C ILE K 1103 -42.21 -37.30 -29.84
N ARG K 1104 -41.57 -36.44 -29.08
CA ARG K 1104 -40.71 -35.43 -29.65
C ARG K 1104 -39.77 -34.89 -28.60
N LEU K 1105 -38.83 -34.06 -29.02
CA LEU K 1105 -37.93 -33.45 -28.06
C LEU K 1105 -38.70 -32.70 -26.97
N ILE K 1106 -38.23 -32.80 -25.75
CA ILE K 1106 -38.89 -32.15 -24.63
C ILE K 1106 -38.83 -30.64 -24.82
N GLU K 1107 -39.98 -29.98 -24.67
CA GLU K 1107 -40.09 -28.55 -24.86
C GLU K 1107 -40.13 -27.85 -23.50
N PRO K 1108 -39.07 -27.15 -23.09
CA PRO K 1108 -39.04 -26.61 -21.71
C PRO K 1108 -40.22 -25.73 -21.37
N GLU K 1109 -40.80 -25.02 -22.32
CA GLU K 1109 -41.91 -24.13 -22.02
C GLU K 1109 -43.13 -24.89 -21.50
N LEU K 1110 -43.21 -26.19 -21.78
CA LEU K 1110 -44.35 -26.98 -21.33
C LEU K 1110 -44.12 -27.56 -19.94
N PHE K 1111 -42.90 -27.42 -19.41
CA PHE K 1111 -42.57 -28.01 -18.11
C PHE K 1111 -41.83 -27.00 -17.25
N ASN K 1112 -42.36 -25.79 -17.14
CA ASN K 1112 -41.78 -24.79 -16.24
C ASN K 1112 -40.31 -24.57 -16.44
N GLY K 1113 -39.90 -24.49 -17.70
CA GLY K 1113 -38.51 -24.23 -18.01
C GLY K 1113 -37.58 -25.42 -17.92
N TYR K 1114 -38.09 -26.60 -17.65
CA TYR K 1114 -37.24 -27.77 -17.51
C TYR K 1114 -36.49 -28.05 -18.81
N ASN K 1115 -35.17 -28.13 -18.75
CA ASN K 1115 -34.37 -28.44 -19.90
C ASN K 1115 -33.46 -29.56 -19.49
N PRO K 1116 -33.66 -30.75 -20.08
CA PRO K 1116 -32.80 -31.88 -19.72
C PRO K 1116 -31.34 -31.70 -20.11
N GLU K 1117 -31.04 -30.78 -21.03
CA GLU K 1117 -29.64 -30.54 -21.38
C GLU K 1117 -28.90 -29.71 -20.34
N LYS K 1118 -29.63 -28.92 -19.54
CA LYS K 1118 -29.03 -28.15 -18.46
C LYS K 1118 -29.90 -28.33 -17.23
N LYS K 1119 -29.61 -29.34 -16.44
CA LYS K 1119 -30.39 -29.67 -15.26
C LYS K 1119 -29.77 -29.06 -14.03
N GLU K 1120 -30.51 -28.21 -13.33
CA GLU K 1120 -29.93 -27.51 -12.19
C GLU K 1120 -29.72 -28.34 -10.95
N MET K 1121 -28.56 -28.20 -10.36
CA MET K 1121 -28.23 -28.86 -9.11
C MET K 1121 -27.62 -27.82 -8.19
N ILE K 1122 -27.45 -28.20 -6.93
CA ILE K 1122 -26.85 -27.35 -5.91
C ILE K 1122 -25.71 -28.12 -5.26
N GLN K 1123 -24.58 -27.46 -5.06
CA GLN K 1123 -23.41 -28.08 -4.44
C GLN K 1123 -23.01 -27.33 -3.18
N GLU K 1124 -22.85 -28.05 -2.07
CA GLU K 1124 -22.45 -27.40 -0.83
C GLU K 1124 -20.97 -27.10 -0.83
N VAL K 1125 -20.62 -25.85 -0.56
CA VAL K 1125 -19.22 -25.46 -0.49
C VAL K 1125 -18.96 -24.71 0.80
N ILE K 1126 -17.89 -25.06 1.50
CA ILE K 1126 -17.54 -24.30 2.70
C ILE K 1126 -16.79 -23.05 2.27
N VAL K 1127 -17.25 -21.91 2.76
CA VAL K 1127 -16.59 -20.64 2.46
C VAL K 1127 -15.18 -20.64 3.01
N GLU K 1128 -14.23 -20.28 2.16
CA GLU K 1128 -12.83 -20.20 2.57
C GLU K 1128 -12.44 -18.83 3.09
N GLU K 1129 -13.10 -17.77 2.60
CA GLU K 1129 -12.83 -16.41 3.04
C GLU K 1129 -14.15 -15.67 3.20
N ASP K 1130 -14.17 -14.72 4.13
CA ASP K 1130 -15.35 -13.91 4.35
C ASP K 1130 -15.90 -13.39 3.03
N LEU K 1131 -17.22 -13.33 2.94
CA LEU K 1131 -17.89 -12.75 1.79
C LEU K 1131 -17.98 -11.24 1.95
N GLU K 1132 -18.35 -10.58 0.86
CA GLU K 1132 -18.69 -9.17 0.95
C GLU K 1132 -20.07 -9.02 1.59
N PRO K 1133 -20.24 -8.08 2.52
CA PRO K 1133 -21.56 -7.90 3.15
C PRO K 1133 -22.63 -7.59 2.12
N PHE K 1134 -23.83 -8.09 2.37
CA PHE K 1134 -25.01 -7.79 1.57
C PHE K 1134 -26.16 -7.43 2.49
N GLU K 1135 -27.09 -6.63 1.97
CA GLU K 1135 -28.15 -6.10 2.79
C GLU K 1135 -29.35 -7.05 2.81
N ALA K 1136 -30.14 -6.95 3.86
CA ALA K 1136 -31.32 -7.78 4.03
C ALA K 1136 -32.20 -7.16 5.10
N SER K 1137 -33.48 -7.51 5.06
CA SER K 1137 -34.40 -7.06 6.09
C SER K 1137 -34.08 -7.72 7.42
N LYS K 1138 -34.61 -7.14 8.50
CA LYS K 1138 -34.28 -7.61 9.83
C LYS K 1138 -34.68 -9.07 10.04
N GLU K 1139 -35.89 -9.44 9.58
CA GLU K 1139 -36.33 -10.83 9.73
C GLU K 1139 -35.42 -11.77 8.95
N THR K 1140 -35.09 -11.43 7.71
CA THR K 1140 -34.19 -12.26 6.93
C THR K 1140 -32.84 -12.38 7.62
N ALA K 1141 -32.31 -11.27 8.11
CA ALA K 1141 -31.00 -11.30 8.74
C ALA K 1141 -31.02 -12.19 9.97
N GLU K 1142 -32.10 -12.13 10.75
CA GLU K 1142 -32.19 -12.99 11.92
C GLU K 1142 -32.27 -14.45 11.51
N GLN K 1143 -32.95 -14.75 10.40
CA GLN K 1143 -32.98 -16.14 9.91
C GLN K 1143 -31.58 -16.62 9.54
N PHE K 1144 -30.81 -15.76 8.87
CA PHE K 1144 -29.42 -16.11 8.55
C PHE K 1144 -28.61 -16.36 9.81
N LYS K 1145 -28.76 -15.48 10.80
CA LYS K 1145 -28.03 -15.64 12.06
C LYS K 1145 -28.43 -16.93 12.76
N HIS K 1146 -29.73 -17.24 12.79
CA HIS K 1146 -30.19 -18.48 13.39
C HIS K 1146 -29.57 -19.68 12.70
N GLN K 1147 -29.51 -19.66 11.37
CA GLN K 1147 -28.91 -20.77 10.64
C GLN K 1147 -27.43 -20.93 10.97
N HIS K 1148 -26.66 -19.84 10.85
CA HIS K 1148 -25.21 -19.93 10.82
C HIS K 1148 -24.54 -19.71 12.17
N GLY K 1149 -25.26 -19.19 13.16
CA GLY K 1149 -24.64 -18.99 14.46
C GLY K 1149 -23.53 -17.96 14.37
N ASP K 1150 -22.33 -18.34 14.81
CA ASP K 1150 -21.23 -17.40 14.86
C ASP K 1150 -20.48 -17.29 13.53
N LYS K 1151 -20.82 -18.09 12.53
CA LYS K 1151 -20.20 -17.98 11.21
C LYS K 1151 -20.86 -16.91 10.34
N VAL K 1152 -21.67 -16.04 10.93
CA VAL K 1152 -22.23 -14.90 10.22
C VAL K 1152 -22.32 -13.75 11.22
N ASP K 1153 -22.16 -12.53 10.71
CA ASP K 1153 -22.32 -11.32 11.50
C ASP K 1153 -23.40 -10.46 10.88
N ILE K 1154 -24.38 -10.07 11.67
CA ILE K 1154 -25.47 -9.20 11.23
C ILE K 1154 -25.45 -7.94 12.08
N PHE K 1155 -25.55 -6.79 11.44
CA PHE K 1155 -25.51 -5.52 12.14
C PHE K 1155 -26.58 -4.61 11.55
N GLU K 1156 -27.38 -4.02 12.43
CA GLU K 1156 -28.37 -3.05 11.98
C GLU K 1156 -27.67 -1.88 11.34
N ILE K 1157 -28.29 -1.32 10.30
CA ILE K 1157 -27.82 -0.09 9.67
C ILE K 1157 -28.63 1.05 10.28
N PRO K 1158 -28.02 1.96 11.04
CA PRO K 1158 -28.83 2.93 11.78
C PRO K 1158 -29.72 3.79 10.89
N GLU K 1159 -29.24 4.13 9.70
CA GLU K 1159 -29.99 5.06 8.85
C GLU K 1159 -31.33 4.49 8.43
N THR K 1160 -31.34 3.25 7.95
CA THR K 1160 -32.49 2.71 7.24
C THR K 1160 -33.25 1.64 8.02
N GLY K 1161 -32.61 0.94 8.94
CA GLY K 1161 -33.23 -0.16 9.64
C GLY K 1161 -33.00 -1.52 9.01
N GLU K 1162 -32.45 -1.57 7.80
CA GLU K 1162 -32.03 -2.84 7.23
C GLU K 1162 -30.81 -3.35 7.99
N TYR K 1163 -30.31 -4.49 7.55
CA TYR K 1163 -29.19 -5.15 8.19
C TYR K 1163 -28.16 -5.53 7.13
N SER K 1164 -26.91 -5.59 7.55
CA SER K 1164 -25.84 -6.10 6.72
C SER K 1164 -25.54 -7.52 7.15
N VAL K 1165 -25.36 -8.41 6.18
CA VAL K 1165 -25.11 -9.82 6.43
C VAL K 1165 -23.74 -10.15 5.90
N LYS K 1166 -22.86 -10.64 6.77
CA LYS K 1166 -21.49 -10.95 6.40
C LYS K 1166 -21.21 -12.40 6.82
N LEU K 1167 -21.16 -13.29 5.83
CA LEU K 1167 -20.74 -14.65 6.07
C LEU K 1167 -19.24 -14.69 6.32
N LEU K 1168 -18.82 -15.59 7.20
CA LEU K 1168 -17.44 -15.67 7.66
C LEU K 1168 -16.82 -16.99 7.21
N LYS K 1169 -15.52 -17.12 7.45
CA LYS K 1169 -14.83 -18.36 7.12
C LYS K 1169 -15.50 -19.54 7.81
N GLY K 1170 -15.63 -20.64 7.07
CA GLY K 1170 -16.24 -21.83 7.59
C GLY K 1170 -17.75 -21.91 7.41
N ALA K 1171 -18.38 -20.85 6.92
CA ALA K 1171 -19.82 -20.89 6.68
C ALA K 1171 -20.14 -21.74 5.44
N THR K 1172 -21.31 -22.38 5.48
CA THR K 1172 -21.75 -23.25 4.40
C THR K 1172 -22.51 -22.44 3.36
N LEU K 1173 -22.28 -22.75 2.09
CA LEU K 1173 -22.95 -22.11 0.98
C LEU K 1173 -23.31 -23.17 -0.05
N TYR K 1174 -24.23 -22.82 -0.95
CA TYR K 1174 -24.67 -23.70 -2.01
C TYR K 1174 -24.48 -23.00 -3.34
N ILE K 1175 -23.72 -23.61 -4.24
CA ILE K 1175 -23.38 -23.04 -5.53
C ILE K 1175 -24.14 -23.82 -6.60
N PRO K 1176 -25.01 -23.19 -7.39
CA PRO K 1176 -25.68 -23.91 -8.48
C PRO K 1176 -24.67 -24.46 -9.48
N LYS K 1177 -24.95 -25.67 -9.96
CA LYS K 1177 -24.22 -26.30 -11.03
C LYS K 1177 -25.23 -27.00 -11.94
N ALA K 1178 -24.83 -27.25 -13.17
CA ALA K 1178 -25.72 -27.78 -14.18
C ALA K 1178 -25.24 -29.14 -14.64
N LEU K 1179 -26.21 -29.99 -14.99
CA LEU K 1179 -25.94 -31.36 -15.39
C LEU K 1179 -26.60 -31.62 -16.73
N ARG K 1180 -25.97 -32.47 -17.53
CA ARG K 1180 -26.54 -32.91 -18.79
C ARG K 1180 -27.21 -34.27 -18.57
N PHE K 1181 -28.52 -34.31 -18.83
CA PHE K 1181 -29.26 -35.55 -18.69
C PHE K 1181 -29.46 -36.10 -20.10
N ASP K 1182 -29.51 -37.41 -20.24
CA ASP K 1182 -29.56 -38.05 -21.54
C ASP K 1182 -30.94 -38.57 -21.92
N ARG K 1183 -32.00 -38.08 -21.25
CA ARG K 1183 -33.38 -38.39 -21.66
C ARG K 1183 -33.88 -37.07 -22.21
N LEU K 1184 -34.06 -36.96 -23.51
CA LEU K 1184 -34.38 -35.70 -24.18
C LEU K 1184 -35.71 -35.70 -24.90
N VAL K 1185 -36.41 -36.83 -24.93
CA VAL K 1185 -37.61 -37.00 -25.73
C VAL K 1185 -38.73 -37.53 -24.85
N ALA K 1186 -39.95 -37.07 -25.09
CA ALA K 1186 -41.09 -37.56 -24.36
C ALA K 1186 -42.35 -37.39 -25.20
N GLY K 1187 -43.34 -38.22 -24.91
CA GLY K 1187 -44.66 -38.02 -25.47
C GLY K 1187 -45.39 -36.90 -24.75
N GLN K 1188 -45.55 -35.76 -25.40
CA GLN K 1188 -46.09 -34.58 -24.76
C GLN K 1188 -47.43 -34.20 -25.38
N ILE K 1189 -48.30 -33.67 -24.54
CA ILE K 1189 -49.58 -33.17 -25.04
C ILE K 1189 -49.30 -32.06 -26.04
N PRO K 1190 -50.05 -31.96 -27.15
CA PRO K 1190 -49.65 -31.06 -28.24
C PRO K 1190 -49.41 -29.63 -27.78
N THR K 1191 -48.32 -29.05 -28.27
CA THR K 1191 -47.99 -27.67 -27.95
C THR K 1191 -49.14 -26.75 -28.31
N GLY K 1192 -49.51 -25.89 -27.37
CA GLY K 1192 -50.66 -25.03 -27.54
C GLY K 1192 -51.92 -25.52 -26.86
N TRP K 1193 -51.95 -26.78 -26.44
CA TRP K 1193 -53.08 -27.30 -25.69
C TRP K 1193 -53.32 -26.40 -24.50
N ASN K 1194 -54.57 -26.02 -24.27
CA ASN K 1194 -54.89 -25.10 -23.19
C ASN K 1194 -56.28 -25.37 -22.67
N ALA K 1195 -56.40 -25.53 -21.36
CA ALA K 1195 -57.69 -25.82 -20.76
C ALA K 1195 -58.71 -24.70 -20.99
N LYS K 1196 -58.24 -23.47 -21.19
CA LYS K 1196 -59.16 -22.38 -21.51
C LYS K 1196 -59.91 -22.65 -22.81
N THR K 1197 -59.29 -23.35 -23.75
CA THR K 1197 -59.95 -23.66 -25.03
C THR K 1197 -61.17 -24.54 -24.80
N TYR K 1198 -61.11 -25.41 -23.79
CA TYR K 1198 -62.23 -26.26 -23.45
C TYR K 1198 -63.26 -25.57 -22.56
N GLY K 1199 -62.93 -24.40 -22.02
CA GLY K 1199 -63.87 -23.64 -21.21
C GLY K 1199 -63.61 -23.59 -19.72
N ILE K 1200 -62.42 -23.98 -19.27
CA ILE K 1200 -62.11 -24.00 -17.85
C ILE K 1200 -61.58 -22.63 -17.44
N SER K 1201 -62.25 -22.01 -16.47
CA SER K 1201 -61.88 -20.68 -16.00
C SER K 1201 -60.50 -20.68 -15.37
N ASP K 1202 -59.88 -19.50 -15.35
CA ASP K 1202 -58.50 -19.41 -14.89
C ASP K 1202 -58.36 -19.41 -13.37
N ASP K 1203 -59.43 -19.19 -12.61
CA ASP K 1203 -59.32 -19.44 -11.17
C ASP K 1203 -59.07 -20.92 -10.89
N ILE K 1204 -59.78 -21.80 -11.60
CA ILE K 1204 -59.48 -23.23 -11.51
C ILE K 1204 -58.06 -23.50 -11.99
N ILE K 1205 -57.69 -22.92 -13.13
CA ILE K 1205 -56.38 -23.22 -13.71
C ILE K 1205 -55.27 -22.84 -12.74
N SER K 1206 -55.41 -21.70 -12.08
CA SER K 1206 -54.41 -21.28 -11.10
C SER K 1206 -54.53 -22.03 -9.78
N GLN K 1207 -55.66 -22.70 -9.53
CA GLN K 1207 -55.78 -23.46 -8.29
C GLN K 1207 -55.14 -24.84 -8.39
N VAL K 1208 -55.44 -25.60 -9.43
CA VAL K 1208 -55.20 -27.04 -9.43
C VAL K 1208 -53.88 -27.39 -10.12
N ASP K 1209 -53.45 -28.63 -9.92
CA ASP K 1209 -52.28 -29.15 -10.60
C ASP K 1209 -52.70 -29.44 -12.05
N PRO K 1210 -51.77 -29.30 -13.01
CA PRO K 1210 -52.07 -29.54 -14.43
C PRO K 1210 -52.74 -30.88 -14.74
N ILE K 1211 -52.32 -31.96 -14.07
CA ILE K 1211 -52.94 -33.27 -14.27
C ILE K 1211 -54.44 -33.18 -14.08
N THR K 1212 -54.86 -32.34 -13.13
CA THR K 1212 -56.29 -32.17 -12.87
C THR K 1212 -57.01 -31.57 -14.07
N LEU K 1213 -56.37 -30.66 -14.77
CA LEU K 1213 -56.97 -30.12 -15.99
C LEU K 1213 -57.11 -31.21 -17.05
N PHE K 1214 -56.14 -32.10 -17.16
CA PHE K 1214 -56.26 -33.20 -18.13
C PHE K 1214 -57.45 -34.07 -17.77
N VAL K 1215 -57.62 -34.35 -16.48
CA VAL K 1215 -58.74 -35.17 -16.04
C VAL K 1215 -60.07 -34.46 -16.27
N LEU K 1216 -60.15 -33.16 -15.97
CA LEU K 1216 -61.43 -32.46 -16.10
C LEU K 1216 -61.88 -32.45 -17.55
N VAL K 1217 -60.97 -32.16 -18.47
CA VAL K 1217 -61.30 -32.21 -19.89
C VAL K 1217 -61.71 -33.62 -20.28
N SER K 1218 -60.98 -34.64 -19.80
CA SER K 1218 -61.27 -36.02 -20.21
C SER K 1218 -62.65 -36.46 -19.73
N VAL K 1219 -63.01 -36.12 -18.49
CA VAL K 1219 -64.31 -36.49 -17.95
C VAL K 1219 -65.43 -35.81 -18.74
N VAL K 1220 -65.27 -34.51 -19.02
CA VAL K 1220 -66.28 -33.81 -19.80
C VAL K 1220 -66.43 -34.45 -21.18
N GLU K 1221 -65.33 -34.72 -21.86
CA GLU K 1221 -65.41 -35.34 -23.17
C GLU K 1221 -66.02 -36.74 -23.11
N ALA K 1222 -65.65 -37.51 -22.09
CA ALA K 1222 -66.22 -38.85 -21.95
C ALA K 1222 -67.73 -38.79 -21.82
N PHE K 1223 -68.24 -37.80 -21.08
CA PHE K 1223 -69.68 -37.66 -20.98
C PHE K 1223 -70.29 -37.22 -22.31
N ILE K 1224 -69.61 -36.36 -23.06
CA ILE K 1224 -70.09 -36.04 -24.40
C ILE K 1224 -70.18 -37.31 -25.26
N ALA K 1225 -69.14 -38.16 -25.23
CA ALA K 1225 -69.16 -39.44 -25.97
C ALA K 1225 -70.29 -40.34 -25.51
N SER K 1226 -70.78 -40.16 -24.29
CA SER K 1226 -71.94 -40.89 -23.82
C SER K 1226 -73.24 -40.20 -24.19
N GLY K 1227 -73.19 -39.04 -24.84
CA GLY K 1227 -74.39 -38.29 -25.13
C GLY K 1227 -74.99 -37.56 -23.95
N ILE K 1228 -74.25 -37.46 -22.85
CA ILE K 1228 -74.72 -36.80 -21.63
C ILE K 1228 -74.01 -35.45 -21.58
N THR K 1229 -74.71 -34.38 -21.94
CA THR K 1229 -74.12 -33.04 -21.95
C THR K 1229 -74.29 -32.37 -20.60
N ASP K 1230 -75.36 -32.65 -19.88
CA ASP K 1230 -75.55 -32.16 -18.52
C ASP K 1230 -75.49 -33.36 -17.58
N PRO K 1231 -74.47 -33.48 -16.73
CA PRO K 1231 -74.39 -34.67 -15.86
C PRO K 1231 -75.57 -34.82 -14.91
N TYR K 1232 -76.27 -33.75 -14.56
CA TYR K 1232 -77.41 -33.84 -13.66
C TYR K 1232 -78.53 -34.69 -14.25
N GLU K 1233 -78.52 -34.88 -15.57
CA GLU K 1233 -79.50 -35.76 -16.18
C GLU K 1233 -79.40 -37.16 -15.59
N MET K 1234 -78.22 -37.54 -15.08
CA MET K 1234 -78.08 -38.85 -14.47
C MET K 1234 -79.04 -39.04 -13.32
N TYR K 1235 -79.31 -37.97 -12.57
CA TYR K 1235 -80.15 -38.06 -11.39
C TYR K 1235 -81.65 -38.11 -11.71
N LYS K 1236 -82.01 -38.16 -12.98
CA LYS K 1236 -83.39 -38.38 -13.32
C LYS K 1236 -83.63 -39.89 -13.32
N TYR K 1237 -82.57 -40.69 -13.36
CA TYR K 1237 -82.67 -42.14 -13.42
C TYR K 1237 -82.14 -42.85 -12.19
N VAL K 1238 -81.19 -42.23 -11.50
CA VAL K 1238 -80.59 -42.85 -10.35
C VAL K 1238 -80.49 -41.89 -9.19
N HIS K 1239 -80.35 -42.41 -7.98
CA HIS K 1239 -80.16 -41.57 -6.81
C HIS K 1239 -78.75 -40.99 -6.79
N VAL K 1240 -78.56 -39.90 -6.05
CA VAL K 1240 -77.25 -39.27 -5.96
C VAL K 1240 -76.22 -40.12 -5.25
N SER K 1241 -76.61 -41.19 -4.58
CA SER K 1241 -75.65 -42.08 -3.98
C SER K 1241 -75.17 -43.18 -4.93
N GLU K 1242 -75.60 -43.16 -6.19
CA GLU K 1242 -75.32 -44.24 -7.14
C GLU K 1242 -74.46 -43.86 -8.34
N VAL K 1243 -73.71 -42.80 -8.23
CA VAL K 1243 -72.77 -42.43 -9.29
C VAL K 1243 -71.38 -42.41 -8.67
N GLY K 1244 -70.52 -43.31 -9.12
CA GLY K 1244 -69.21 -43.46 -8.53
C GLY K 1244 -68.09 -42.87 -9.37
N ASN K 1245 -66.92 -42.77 -8.76
CA ASN K 1245 -65.74 -42.38 -9.50
C ASN K 1245 -64.65 -43.33 -8.98
N CYS K 1246 -64.17 -44.22 -9.82
CA CYS K 1246 -63.14 -45.17 -9.42
C CYS K 1246 -61.82 -44.95 -10.13
N SER K 1247 -61.67 -43.84 -10.83
CA SER K 1247 -60.44 -43.54 -11.56
C SER K 1247 -59.27 -43.25 -10.60
N GLY K 1248 -58.03 -43.46 -11.04
CA GLY K 1248 -56.89 -43.27 -10.18
C GLY K 1248 -55.64 -42.83 -10.91
N SER K 1249 -54.51 -42.86 -10.21
CA SER K 1249 -53.27 -42.32 -10.72
C SER K 1249 -52.10 -43.07 -10.09
N GLY K 1250 -51.00 -43.13 -10.84
CA GLY K 1250 -49.79 -43.70 -10.29
C GLY K 1250 -49.13 -42.77 -9.27
N MET K 1251 -49.13 -41.47 -9.55
CA MET K 1251 -48.38 -40.52 -8.73
C MET K 1251 -49.14 -39.25 -8.39
N GLY K 1252 -50.27 -38.96 -9.03
CA GLY K 1252 -51.00 -37.76 -8.66
C GLY K 1252 -50.32 -36.48 -9.10
N GLY K 1253 -50.54 -35.42 -8.33
CA GLY K 1253 -50.11 -34.08 -8.70
C GLY K 1253 -48.64 -33.83 -8.45
N VAL K 1254 -47.76 -34.37 -9.30
CA VAL K 1254 -46.33 -34.33 -9.04
C VAL K 1254 -45.80 -32.89 -9.05
N SER K 1255 -46.47 -32.00 -9.77
CA SER K 1255 -46.04 -30.60 -9.79
C SER K 1255 -46.29 -29.95 -8.43
N ALA K 1256 -47.37 -30.32 -7.75
CA ALA K 1256 -47.61 -29.83 -6.39
C ALA K 1256 -46.55 -30.40 -5.46
N LEU K 1257 -46.13 -31.64 -5.68
CA LEU K 1257 -45.06 -32.24 -4.89
C LEU K 1257 -43.76 -31.47 -5.07
N ARG K 1258 -43.45 -31.10 -6.31
CA ARG K 1258 -42.28 -30.27 -6.55
C ARG K 1258 -42.39 -28.97 -5.78
N GLY K 1259 -43.56 -28.34 -5.82
CA GLY K 1259 -43.79 -27.15 -5.02
C GLY K 1259 -43.34 -27.35 -3.59
N MET K 1260 -43.95 -28.33 -2.92
CA MET K 1260 -43.71 -28.55 -1.50
C MET K 1260 -42.25 -28.88 -1.21
N PHE K 1261 -41.63 -29.74 -2.01
CA PHE K 1261 -40.32 -30.25 -1.67
C PHE K 1261 -39.17 -29.37 -2.15
N LYS K 1262 -39.34 -28.62 -3.23
CA LYS K 1262 -38.28 -27.79 -3.76
C LYS K 1262 -38.62 -26.30 -3.73
N ASP K 1263 -39.75 -25.90 -4.29
CA ASP K 1263 -40.02 -24.46 -4.39
C ASP K 1263 -40.10 -23.85 -3.00
N ARG K 1264 -40.71 -24.55 -2.06
CA ARG K 1264 -40.79 -24.04 -0.69
C ARG K 1264 -39.41 -24.00 -0.05
N PHE K 1265 -38.56 -25.00 -0.34
CA PHE K 1265 -37.22 -25.03 0.23
C PHE K 1265 -36.38 -23.84 -0.23
N LYS K 1266 -36.70 -23.25 -1.38
CA LYS K 1266 -36.01 -22.09 -1.90
C LYS K 1266 -36.77 -20.80 -1.63
N ASP K 1267 -37.80 -20.87 -0.82
CA ASP K 1267 -38.61 -19.70 -0.48
C ASP K 1267 -39.21 -19.03 -1.70
N GLU K 1268 -39.68 -19.83 -2.64
CA GLU K 1268 -40.37 -19.29 -3.79
C GLU K 1268 -41.81 -19.09 -3.34
N PRO K 1269 -42.59 -18.28 -4.08
CA PRO K 1269 -43.99 -18.18 -3.72
C PRO K 1269 -44.74 -19.46 -4.08
N VAL K 1270 -45.31 -20.14 -3.08
CA VAL K 1270 -46.07 -21.34 -3.32
C VAL K 1270 -47.43 -21.16 -2.64
N GLN K 1271 -48.51 -21.48 -3.32
CA GLN K 1271 -49.84 -21.31 -2.74
C GLN K 1271 -49.93 -22.06 -1.43
N ASN K 1272 -50.70 -21.55 -0.48
CA ASN K 1272 -50.73 -22.16 0.85
C ASN K 1272 -51.36 -23.54 0.94
N ASP K 1273 -52.28 -23.86 0.03
CA ASP K 1273 -52.95 -25.16 0.06
C ASP K 1273 -52.36 -26.11 -0.97
N ILE K 1274 -51.12 -25.89 -1.37
CA ILE K 1274 -50.47 -26.73 -2.36
C ILE K 1274 -50.58 -28.21 -2.02
N LEU K 1275 -50.50 -28.56 -0.76
CA LEU K 1275 -50.51 -29.97 -0.35
C LEU K 1275 -51.76 -30.73 -0.81
N GLN K 1276 -52.92 -30.12 -0.69
CA GLN K 1276 -54.14 -30.79 -1.14
C GLN K 1276 -54.09 -31.11 -2.64
N GLU K 1277 -53.45 -30.26 -3.43
CA GLU K 1277 -53.41 -30.45 -4.88
C GLU K 1277 -52.50 -31.58 -5.32
N SER K 1278 -51.72 -32.17 -4.42
CA SER K 1278 -50.85 -33.27 -4.79
C SER K 1278 -51.51 -34.64 -4.62
N PHE K 1279 -52.57 -34.74 -3.83
CA PHE K 1279 -53.14 -36.06 -3.55
C PHE K 1279 -53.68 -36.75 -4.80
N ILE K 1280 -53.45 -38.06 -4.87
CA ILE K 1280 -53.91 -38.80 -6.02
C ILE K 1280 -55.43 -38.73 -6.14
N ASN K 1281 -56.12 -38.61 -5.01
CA ASN K 1281 -57.59 -38.54 -5.04
C ASN K 1281 -58.17 -37.14 -5.19
N THR K 1282 -57.34 -36.12 -5.20
CA THR K 1282 -57.81 -34.75 -5.40
C THR K 1282 -58.36 -34.52 -6.80
N MET K 1283 -57.82 -35.19 -7.81
CA MET K 1283 -58.36 -35.05 -9.17
C MET K 1283 -59.82 -35.45 -9.19
N SER K 1284 -60.15 -36.57 -8.57
CA SER K 1284 -61.53 -37.03 -8.52
C SER K 1284 -62.36 -36.12 -7.60
N ALA K 1285 -61.74 -35.52 -6.61
CA ALA K 1285 -62.46 -34.60 -5.75
C ALA K 1285 -62.89 -33.38 -6.55
N TRP K 1286 -62.02 -32.87 -7.40
CA TRP K 1286 -62.36 -31.72 -8.23
C TRP K 1286 -63.40 -32.08 -9.27
N VAL K 1287 -63.31 -33.27 -9.84
CA VAL K 1287 -64.33 -33.71 -10.80
C VAL K 1287 -65.70 -33.66 -10.17
N ASN K 1288 -65.84 -34.20 -8.95
CA ASN K 1288 -67.10 -34.15 -8.25
C ASN K 1288 -67.49 -32.72 -7.86
N MET K 1289 -66.53 -31.90 -7.44
CA MET K 1289 -66.84 -30.57 -6.94
C MET K 1289 -67.22 -29.59 -8.05
N LEU K 1290 -66.84 -29.88 -9.29
CA LEU K 1290 -67.10 -28.96 -10.40
C LEU K 1290 -68.12 -29.46 -11.40
N LEU K 1291 -68.31 -30.78 -11.54
CA LEU K 1291 -69.19 -31.32 -12.59
C LEU K 1291 -70.30 -32.22 -12.06
N ILE K 1292 -69.96 -33.19 -11.21
CA ILE K 1292 -70.84 -34.33 -10.99
C ILE K 1292 -71.76 -34.10 -9.78
N SER K 1293 -71.21 -33.67 -8.66
CA SER K 1293 -71.99 -33.43 -7.45
C SER K 1293 -72.72 -34.68 -6.97
N SER K 1294 -72.06 -35.83 -7.03
CA SER K 1294 -72.65 -37.05 -6.52
C SER K 1294 -72.21 -37.29 -5.08
N SER K 1295 -72.90 -38.18 -4.41
CA SER K 1295 -72.48 -38.73 -3.13
C SER K 1295 -72.38 -40.25 -3.23
N GLY K 1296 -71.78 -40.72 -4.32
CA GLY K 1296 -71.60 -42.13 -4.56
C GLY K 1296 -70.25 -42.60 -4.06
N PRO K 1297 -69.92 -43.86 -4.33
CA PRO K 1297 -68.61 -44.38 -3.92
C PRO K 1297 -67.46 -43.61 -4.57
N ILE K 1298 -66.35 -43.51 -3.87
CA ILE K 1298 -65.17 -42.87 -4.40
C ILE K 1298 -63.98 -43.73 -4.02
N LYS K 1299 -63.57 -44.62 -4.91
CA LYS K 1299 -62.47 -45.52 -4.62
C LYS K 1299 -61.34 -45.20 -5.59
N THR K 1300 -60.28 -44.55 -5.13
CA THR K 1300 -59.18 -44.16 -6.01
C THR K 1300 -58.03 -45.17 -5.96
N PRO K 1301 -57.85 -45.95 -7.03
CA PRO K 1301 -56.72 -46.90 -7.05
C PRO K 1301 -55.40 -46.21 -7.33
N VAL K 1302 -54.33 -46.89 -6.91
CA VAL K 1302 -52.96 -46.52 -7.25
C VAL K 1302 -52.28 -47.81 -7.67
N GLY K 1303 -52.00 -47.95 -8.95
CA GLY K 1303 -51.49 -49.19 -9.47
C GLY K 1303 -50.34 -49.02 -10.44
N ALA K 1304 -49.51 -47.99 -10.21
CA ALA K 1304 -48.43 -47.65 -11.12
C ALA K 1304 -48.92 -47.66 -12.57
N CYS K 1305 -48.36 -48.54 -13.41
CA CYS K 1305 -48.70 -48.55 -14.82
C CYS K 1305 -49.93 -49.39 -15.14
N ALA K 1306 -50.49 -50.11 -14.17
CA ALA K 1306 -51.73 -50.85 -14.34
C ALA K 1306 -52.92 -50.16 -13.67
N THR K 1307 -52.80 -48.87 -13.40
CA THR K 1307 -53.82 -48.14 -12.66
C THR K 1307 -55.17 -48.19 -13.38
N SER K 1308 -55.18 -47.98 -14.68
CA SER K 1308 -56.44 -47.92 -15.41
C SER K 1308 -57.18 -49.24 -15.38
N VAL K 1309 -56.45 -50.35 -15.51
CA VAL K 1309 -57.09 -51.66 -15.48
C VAL K 1309 -57.60 -51.95 -14.07
N GLU K 1310 -56.82 -51.62 -13.05
CA GLU K 1310 -57.31 -51.73 -11.68
C GLU K 1310 -58.58 -50.91 -11.49
N SER K 1311 -58.60 -49.72 -12.08
CA SER K 1311 -59.76 -48.83 -11.97
C SER K 1311 -60.99 -49.48 -12.58
N VAL K 1312 -60.85 -50.08 -13.75
CA VAL K 1312 -61.97 -50.79 -14.36
C VAL K 1312 -62.44 -51.92 -13.45
N ASP K 1313 -61.51 -52.69 -12.91
CA ASP K 1313 -61.88 -53.80 -12.02
C ASP K 1313 -62.70 -53.30 -10.85
N ILE K 1314 -62.25 -52.22 -10.22
CA ILE K 1314 -62.95 -51.67 -9.06
C ILE K 1314 -64.33 -51.14 -9.46
N GLY K 1315 -64.42 -50.41 -10.56
CA GLY K 1315 -65.71 -49.88 -10.97
C GLY K 1315 -66.72 -50.97 -11.28
N VAL K 1316 -66.27 -52.05 -11.89
CA VAL K 1316 -67.14 -53.16 -12.17
C VAL K 1316 -67.58 -53.82 -10.87
N GLU K 1317 -66.66 -53.99 -9.93
CA GLU K 1317 -67.03 -54.58 -8.65
C GLU K 1317 -68.02 -53.69 -7.91
N THR K 1318 -67.84 -52.38 -7.97
CA THR K 1318 -68.74 -51.44 -7.31
C THR K 1318 -70.14 -51.53 -7.89
N ILE K 1319 -70.27 -51.55 -9.21
CA ILE K 1319 -71.58 -51.65 -9.84
C ILE K 1319 -72.23 -53.01 -9.54
N LEU K 1320 -71.48 -54.09 -9.63
CA LEU K 1320 -72.05 -55.40 -9.39
C LEU K 1320 -72.39 -55.63 -7.90
N SER K 1321 -71.75 -54.89 -7.00
CA SER K 1321 -72.09 -54.99 -5.59
C SER K 1321 -73.35 -54.19 -5.24
N GLY K 1322 -73.91 -53.47 -6.20
CA GLY K 1322 -75.11 -52.69 -5.94
C GLY K 1322 -74.86 -51.34 -5.30
N LYS K 1323 -73.60 -50.93 -5.17
CA LYS K 1323 -73.31 -49.64 -4.56
C LYS K 1323 -73.40 -48.48 -5.53
N ALA K 1324 -73.31 -48.75 -6.83
CA ALA K 1324 -73.47 -47.71 -7.84
C ALA K 1324 -74.06 -48.31 -9.10
N ARG K 1325 -74.65 -47.48 -9.94
CA ARG K 1325 -75.16 -47.95 -11.23
C ARG K 1325 -74.38 -47.30 -12.37
N ILE K 1326 -73.60 -46.28 -12.08
CA ILE K 1326 -72.75 -45.60 -13.06
C ILE K 1326 -71.41 -45.34 -12.38
N CYS K 1327 -70.33 -45.50 -13.13
CA CYS K 1327 -69.01 -45.20 -12.59
C CYS K 1327 -68.13 -44.52 -13.63
N ILE K 1328 -67.30 -43.60 -13.17
CA ILE K 1328 -66.23 -43.02 -13.95
C ILE K 1328 -64.96 -43.81 -13.64
N VAL K 1329 -64.38 -44.44 -14.66
CA VAL K 1329 -63.14 -45.20 -14.49
C VAL K 1329 -62.09 -44.60 -15.42
N GLY K 1330 -60.84 -44.92 -15.15
CA GLY K 1330 -59.75 -44.48 -15.98
C GLY K 1330 -58.53 -44.14 -15.15
N GLY K 1331 -57.60 -43.43 -15.78
CA GLY K 1331 -56.31 -43.17 -15.19
C GLY K 1331 -55.65 -41.96 -15.80
N TYR K 1332 -54.64 -41.48 -15.09
CA TYR K 1332 -53.96 -40.27 -15.49
C TYR K 1332 -52.64 -40.13 -14.75
N ASP K 1333 -51.66 -39.49 -15.36
CA ASP K 1333 -50.36 -39.18 -14.78
C ASP K 1333 -49.70 -38.09 -15.61
N ASP K 1334 -48.81 -37.37 -14.96
CA ASP K 1334 -48.10 -36.31 -15.62
C ASP K 1334 -46.66 -36.64 -15.83
N PHE K 1335 -45.95 -35.78 -16.52
CA PHE K 1335 -44.52 -35.91 -16.78
C PHE K 1335 -43.82 -34.68 -16.23
N GLN K 1336 -42.82 -34.90 -15.39
CA GLN K 1336 -42.07 -33.80 -14.82
C GLN K 1336 -40.62 -34.20 -14.67
N GLU K 1337 -39.75 -33.22 -14.46
CA GLU K 1337 -38.32 -33.48 -14.38
C GLU K 1337 -37.85 -34.57 -13.44
N GLU K 1338 -38.30 -34.54 -12.21
CA GLU K 1338 -37.76 -35.48 -11.23
C GLU K 1338 -38.10 -36.92 -11.59
N GLY K 1339 -39.34 -37.17 -12.00
CA GLY K 1339 -39.72 -38.52 -12.39
C GLY K 1339 -38.91 -39.03 -13.58
N SER K 1340 -38.66 -38.17 -14.56
CA SER K 1340 -37.83 -38.55 -15.70
C SER K 1340 -36.43 -38.94 -15.26
N PHE K 1341 -35.79 -38.10 -14.45
CA PHE K 1341 -34.47 -38.42 -13.94
C PHE K 1341 -34.48 -39.75 -13.21
N GLU K 1342 -35.48 -39.98 -12.36
CA GLU K 1342 -35.44 -41.21 -11.58
C GLU K 1342 -35.68 -42.43 -12.46
N PHE K 1343 -36.53 -42.31 -13.46
CA PHE K 1343 -36.74 -43.42 -14.39
C PHE K 1343 -35.44 -43.70 -15.15
N GLY K 1344 -34.66 -42.67 -15.44
CA GLY K 1344 -33.40 -42.86 -16.12
C GLY K 1344 -32.39 -43.51 -15.21
N ASN K 1345 -32.39 -43.15 -13.93
CA ASN K 1345 -31.51 -43.79 -12.95
C ASN K 1345 -31.81 -45.27 -12.82
N MET K 1346 -33.09 -45.64 -12.83
CA MET K 1346 -33.47 -47.04 -12.83
C MET K 1346 -33.25 -47.71 -14.19
N LYS K 1347 -32.92 -46.94 -15.22
CA LYS K 1347 -32.70 -47.50 -16.57
C LYS K 1347 -33.96 -48.12 -17.12
N ALA K 1348 -35.11 -47.58 -16.79
CA ALA K 1348 -36.37 -48.04 -17.34
C ALA K 1348 -36.68 -47.42 -18.70
N THR K 1349 -36.28 -46.19 -18.89
CA THR K 1349 -36.54 -45.48 -20.13
C THR K 1349 -35.38 -45.57 -21.10
N SER K 1350 -35.65 -45.34 -22.38
CA SER K 1350 -34.60 -45.36 -23.39
C SER K 1350 -33.63 -44.19 -23.28
N ASN K 1351 -32.33 -44.47 -23.33
CA ASN K 1351 -31.33 -43.40 -23.34
C ASN K 1351 -31.37 -42.74 -24.70
N THR K 1352 -31.61 -41.45 -24.75
CA THR K 1352 -31.74 -40.76 -26.03
C THR K 1352 -30.41 -40.57 -26.75
N LEU K 1353 -29.32 -40.33 -26.03
CA LEU K 1353 -28.02 -40.22 -26.69
C LEU K 1353 -27.65 -41.52 -27.38
N GLU K 1354 -27.91 -42.64 -26.72
CA GLU K 1354 -27.69 -43.94 -27.34
C GLU K 1354 -28.59 -44.14 -28.57
N GLU K 1355 -29.83 -43.67 -28.51
CA GLU K 1355 -30.73 -43.79 -29.65
C GLU K 1355 -30.21 -42.98 -30.82
N PHE K 1356 -29.71 -41.79 -30.56
CA PHE K 1356 -29.10 -41.00 -31.62
C PHE K 1356 -27.91 -41.73 -32.21
N GLU K 1357 -27.08 -42.36 -31.36
CA GLU K 1357 -25.94 -43.07 -31.87
C GLU K 1357 -26.34 -44.18 -32.84
N HIS K 1358 -27.56 -44.69 -32.72
CA HIS K 1358 -28.08 -45.72 -33.61
C HIS K 1358 -28.90 -45.15 -34.76
N GLY K 1359 -28.89 -43.84 -34.93
CA GLY K 1359 -29.60 -43.20 -36.02
C GLY K 1359 -31.10 -43.08 -35.84
N ARG K 1360 -31.60 -43.32 -34.65
CA ARG K 1360 -33.03 -43.26 -34.41
C ARG K 1360 -33.54 -41.86 -34.17
N THR K 1361 -34.60 -41.47 -34.84
CA THR K 1361 -35.26 -40.19 -34.58
C THR K 1361 -36.30 -40.36 -33.49
N PRO K 1362 -36.79 -39.25 -32.92
CA PRO K 1362 -37.74 -39.37 -31.80
C PRO K 1362 -38.97 -40.24 -32.13
N ALA K 1363 -39.47 -40.19 -33.35
CA ALA K 1363 -40.62 -40.98 -33.76
C ALA K 1363 -40.38 -42.48 -33.96
N GLU K 1364 -39.16 -42.97 -33.71
CA GLU K 1364 -38.90 -44.40 -33.78
C GLU K 1364 -38.30 -44.93 -32.48
N MET K 1365 -38.29 -44.15 -31.43
CA MET K 1365 -37.69 -44.59 -30.19
C MET K 1365 -38.61 -45.53 -29.42
N SER K 1366 -39.92 -45.48 -29.68
CA SER K 1366 -40.85 -46.42 -29.07
C SER K 1366 -41.15 -47.50 -30.08
N ARG K 1367 -40.53 -48.64 -29.92
CA ARG K 1367 -40.69 -49.74 -30.88
C ARG K 1367 -40.96 -51.04 -30.14
N PRO K 1368 -42.17 -51.25 -29.66
CA PRO K 1368 -42.48 -52.48 -28.91
C PRO K 1368 -42.21 -53.73 -29.73
N ALA K 1369 -41.67 -54.75 -29.08
CA ALA K 1369 -41.51 -56.11 -29.59
C ALA K 1369 -40.42 -56.26 -30.65
N THR K 1370 -39.59 -55.25 -30.87
CA THR K 1370 -38.54 -55.34 -31.89
C THR K 1370 -37.22 -55.79 -31.27
N THR K 1371 -36.31 -56.24 -32.14
CA THR K 1371 -35.03 -56.78 -31.69
C THR K 1371 -34.26 -55.77 -30.86
N THR K 1372 -34.29 -54.50 -31.25
CA THR K 1372 -33.41 -53.49 -30.68
C THR K 1372 -34.06 -52.68 -29.57
N ARG K 1373 -35.30 -52.96 -29.19
CA ARG K 1373 -35.97 -52.20 -28.13
C ARG K 1373 -35.11 -52.18 -26.88
N ASN K 1374 -35.04 -51.01 -26.23
CA ASN K 1374 -34.21 -50.86 -25.04
C ASN K 1374 -34.69 -49.74 -24.12
N GLY K 1375 -35.94 -49.79 -23.68
CA GLY K 1375 -36.44 -48.80 -22.75
C GLY K 1375 -37.70 -48.13 -23.24
N PHE K 1376 -38.56 -47.74 -22.31
CA PHE K 1376 -39.83 -47.15 -22.70
C PHE K 1376 -39.76 -45.65 -22.85
N MET K 1377 -40.70 -45.10 -23.61
CA MET K 1377 -40.76 -43.67 -23.83
C MET K 1377 -41.80 -43.10 -22.89
N GLU K 1378 -41.47 -42.11 -22.11
CA GLU K 1378 -42.37 -41.52 -21.13
C GLU K 1378 -43.34 -40.57 -21.81
N ALA K 1379 -44.59 -40.57 -21.35
CA ALA K 1379 -45.62 -39.72 -21.91
C ALA K 1379 -46.43 -39.11 -20.76
N GLN K 1380 -47.52 -38.45 -21.12
CA GLN K 1380 -48.40 -37.85 -20.14
C GLN K 1380 -49.82 -37.75 -20.67
N GLY K 1381 -50.81 -37.70 -19.80
CA GLY K 1381 -52.18 -37.46 -20.17
C GLY K 1381 -53.14 -38.24 -19.31
N ALA K 1382 -54.39 -38.31 -19.77
CA ALA K 1382 -55.46 -38.94 -19.04
C ALA K 1382 -56.34 -39.72 -20.01
N GLY K 1383 -56.94 -40.80 -19.51
CA GLY K 1383 -58.00 -41.49 -20.20
C GLY K 1383 -59.15 -41.83 -19.28
N ILE K 1384 -60.37 -41.61 -19.72
CA ILE K 1384 -61.57 -41.80 -18.91
C ILE K 1384 -62.58 -42.63 -19.68
N GLN K 1385 -63.28 -43.51 -18.99
CA GLN K 1385 -64.45 -44.18 -19.53
C GLN K 1385 -65.61 -44.06 -18.55
N ILE K 1386 -66.82 -44.03 -19.10
CA ILE K 1386 -68.05 -44.14 -18.33
C ILE K 1386 -68.57 -45.57 -18.47
N ILE K 1387 -68.76 -46.25 -17.35
CA ILE K 1387 -69.35 -47.59 -17.36
C ILE K 1387 -70.65 -47.55 -16.56
N MET K 1388 -71.53 -48.48 -16.86
CA MET K 1388 -72.81 -48.53 -16.16
C MET K 1388 -73.49 -49.86 -16.44
N GLN K 1389 -74.55 -50.14 -15.69
CA GLN K 1389 -75.32 -51.34 -15.91
C GLN K 1389 -75.98 -51.28 -17.25
N ALA K 1390 -75.98 -52.39 -17.96
CA ALA K 1390 -76.56 -52.44 -19.30
C ALA K 1390 -78.05 -52.06 -19.26
N ASP K 1391 -78.75 -52.48 -18.22
CA ASP K 1391 -80.16 -52.16 -18.09
C ASP K 1391 -80.38 -50.65 -18.03
N LEU K 1392 -79.60 -49.96 -17.21
CA LEU K 1392 -79.70 -48.51 -17.13
C LEU K 1392 -79.31 -47.86 -18.45
N ALA K 1393 -78.28 -48.40 -19.12
CA ALA K 1393 -77.86 -47.82 -20.40
C ALA K 1393 -78.97 -47.93 -21.44
N LEU K 1394 -79.70 -49.03 -21.44
CA LEU K 1394 -80.79 -49.17 -22.36
C LEU K 1394 -81.85 -48.17 -22.02
N LYS K 1395 -82.19 -48.08 -20.75
CA LYS K 1395 -83.26 -47.18 -20.33
C LYS K 1395 -82.93 -45.72 -20.67
N MET K 1396 -81.68 -45.31 -20.47
CA MET K 1396 -81.28 -43.94 -20.74
C MET K 1396 -81.12 -43.65 -22.22
N GLY K 1397 -80.95 -44.67 -23.05
CA GLY K 1397 -80.66 -44.44 -24.45
C GLY K 1397 -79.30 -43.83 -24.72
N VAL K 1398 -78.27 -44.25 -23.99
CA VAL K 1398 -76.91 -43.80 -24.25
C VAL K 1398 -76.25 -44.81 -25.19
N PRO K 1399 -75.26 -44.41 -25.98
CA PRO K 1399 -74.58 -45.37 -26.85
C PRO K 1399 -73.81 -46.39 -26.02
N ILE K 1400 -73.77 -47.63 -26.52
CA ILE K 1400 -73.02 -48.69 -25.87
C ILE K 1400 -71.87 -49.09 -26.80
N TYR K 1401 -70.64 -48.85 -26.36
CA TYR K 1401 -69.47 -49.11 -27.19
C TYR K 1401 -68.87 -50.50 -26.98
N GLY K 1402 -69.18 -51.16 -25.87
CA GLY K 1402 -68.66 -52.49 -25.63
C GLY K 1402 -69.09 -52.99 -24.26
N ILE K 1403 -69.03 -54.30 -24.08
CA ILE K 1403 -69.38 -54.91 -22.82
C ILE K 1403 -68.11 -55.25 -22.09
N VAL K 1404 -68.01 -54.87 -20.83
CA VAL K 1404 -66.85 -55.25 -20.03
C VAL K 1404 -67.13 -56.66 -19.53
N ALA K 1405 -66.63 -57.67 -20.22
CA ALA K 1405 -66.92 -59.04 -19.88
C ALA K 1405 -66.10 -59.56 -18.71
N MET K 1406 -64.91 -59.01 -18.53
CA MET K 1406 -64.06 -59.44 -17.43
C MET K 1406 -63.02 -58.41 -17.04
N ALA K 1407 -62.68 -58.34 -15.77
CA ALA K 1407 -61.59 -57.49 -15.33
C ALA K 1407 -60.99 -58.12 -14.08
N ALA K 1408 -59.67 -58.21 -14.04
CA ALA K 1408 -59.01 -58.85 -12.93
C ALA K 1408 -57.62 -58.31 -12.68
N THR K 1409 -57.13 -58.41 -11.45
CA THR K 1409 -55.77 -58.02 -11.11
C THR K 1409 -55.09 -59.21 -10.43
N ALA K 1410 -53.76 -59.17 -10.42
CA ALA K 1410 -52.99 -60.25 -9.85
C ALA K 1410 -51.56 -59.88 -9.49
N THR K 1411 -51.08 -60.24 -8.32
CA THR K 1411 -49.68 -60.12 -7.93
C THR K 1411 -48.93 -61.38 -8.33
N ASP K 1412 -47.62 -61.36 -8.15
CA ASP K 1412 -46.80 -62.47 -8.60
C ASP K 1412 -46.33 -63.44 -7.53
N LYS K 1413 -45.20 -63.17 -6.89
CA LYS K 1413 -44.64 -64.12 -5.93
C LYS K 1413 -43.46 -63.57 -5.18
N ILE K 1414 -42.86 -64.38 -4.32
CA ILE K 1414 -41.68 -63.94 -3.57
C ILE K 1414 -40.61 -63.48 -4.55
N GLY K 1415 -40.00 -62.34 -4.26
CA GLY K 1415 -38.94 -61.81 -5.10
C GLY K 1415 -38.25 -60.65 -4.43
N ARG K 1416 -37.29 -60.04 -5.12
CA ARG K 1416 -36.60 -58.86 -4.59
C ARG K 1416 -36.53 -57.72 -5.59
N SER K 1417 -37.21 -57.84 -6.72
CA SER K 1417 -37.19 -56.80 -7.74
C SER K 1417 -38.60 -56.21 -7.87
N VAL K 1418 -38.77 -54.99 -7.36
CA VAL K 1418 -40.09 -54.34 -7.44
C VAL K 1418 -40.52 -54.11 -8.88
N PRO K 1419 -39.62 -53.65 -9.76
CA PRO K 1419 -40.08 -53.34 -11.12
C PRO K 1419 -40.23 -54.56 -12.07
N ALA K 1420 -39.77 -55.74 -11.69
CA ALA K 1420 -39.80 -56.89 -12.58
C ALA K 1420 -41.25 -57.31 -12.83
N PRO K 1421 -41.66 -57.46 -14.11
CA PRO K 1421 -43.01 -57.96 -14.37
C PRO K 1421 -43.11 -59.47 -14.21
N GLY K 1422 -44.27 -59.97 -13.81
CA GLY K 1422 -44.44 -61.40 -13.58
C GLY K 1422 -45.62 -62.01 -14.28
N LYS K 1423 -45.92 -63.27 -14.01
CA LYS K 1423 -46.99 -63.97 -14.72
C LYS K 1423 -48.19 -64.35 -13.87
N GLY K 1424 -48.42 -63.64 -12.77
CA GLY K 1424 -49.60 -63.88 -11.95
C GLY K 1424 -50.92 -63.73 -12.67
N ILE K 1425 -51.01 -62.83 -13.64
CA ILE K 1425 -52.25 -62.61 -14.38
C ILE K 1425 -52.65 -63.86 -15.15
N LEU K 1426 -51.71 -64.77 -15.33
CA LEU K 1426 -52.03 -66.03 -16.00
C LEU K 1426 -53.15 -66.79 -15.30
N THR K 1427 -53.37 -66.54 -14.02
CA THR K 1427 -54.43 -67.20 -13.25
C THR K 1427 -55.82 -66.97 -13.82
N THR K 1428 -55.97 -65.92 -14.61
CA THR K 1428 -57.23 -65.66 -15.27
C THR K 1428 -57.67 -66.82 -16.17
N ALA K 1429 -56.72 -67.66 -16.59
CA ALA K 1429 -57.00 -68.79 -17.46
C ALA K 1429 -57.06 -70.11 -16.71
N ARG K 1430 -56.98 -70.08 -15.39
CA ARG K 1430 -56.95 -71.31 -14.59
C ARG K 1430 -58.13 -72.21 -14.85
N GLU K 1431 -57.86 -73.49 -15.00
CA GLU K 1431 -58.89 -74.44 -15.40
C GLU K 1431 -58.40 -75.84 -15.07
N HIS K 1432 -59.26 -76.64 -14.45
CA HIS K 1432 -58.90 -77.98 -14.06
C HIS K 1432 -59.27 -78.95 -15.18
N HIS K 1433 -58.28 -79.68 -15.69
CA HIS K 1433 -58.46 -80.57 -16.83
C HIS K 1433 -58.27 -82.04 -16.48
N SER K 1434 -58.09 -82.37 -15.21
CA SER K 1434 -57.82 -83.75 -14.83
C SER K 1434 -58.90 -84.65 -15.36
N SER K 1435 -60.10 -84.10 -15.50
CA SER K 1435 -61.22 -84.88 -15.98
C SER K 1435 -61.93 -84.08 -17.04
N VAL K 1436 -61.68 -84.39 -18.31
CA VAL K 1436 -62.31 -83.65 -19.41
C VAL K 1436 -62.78 -84.59 -20.50
N LYS K 1437 -62.97 -85.86 -20.18
CA LYS K 1437 -63.36 -86.84 -21.19
C LYS K 1437 -64.73 -86.51 -21.77
N TYR K 1438 -65.68 -86.14 -20.92
CA TYR K 1438 -67.02 -85.77 -21.35
C TYR K 1438 -67.26 -84.29 -21.07
N ALA K 1439 -68.05 -83.66 -21.93
CA ALA K 1439 -68.31 -82.23 -21.84
C ALA K 1439 -69.27 -81.90 -20.70
N SER K 1440 -69.04 -80.76 -20.09
CA SER K 1440 -69.94 -80.26 -19.05
C SER K 1440 -71.16 -79.61 -19.70
N PRO K 1441 -72.37 -80.02 -19.35
CA PRO K 1441 -73.56 -79.29 -19.86
C PRO K 1441 -73.58 -77.84 -19.43
N ASN K 1442 -72.91 -77.50 -18.33
CA ASN K 1442 -72.89 -76.12 -17.87
C ASN K 1442 -72.37 -75.18 -18.94
N LEU K 1443 -71.47 -75.65 -19.80
CA LEU K 1443 -70.93 -74.82 -20.87
C LEU K 1443 -71.89 -74.68 -22.05
N ASN K 1444 -72.95 -75.46 -22.10
CA ASN K 1444 -73.90 -75.41 -23.21
C ASN K 1444 -75.05 -74.47 -22.88
N MET K 1445 -75.24 -73.46 -23.72
CA MET K 1445 -76.24 -72.44 -23.41
C MET K 1445 -77.66 -72.97 -23.57
N LYS K 1446 -77.89 -73.91 -24.47
CA LYS K 1446 -79.23 -74.49 -24.61
C LYS K 1446 -79.66 -75.18 -23.34
N TYR K 1447 -78.70 -75.76 -22.61
CA TYR K 1447 -79.03 -76.45 -21.37
C TYR K 1447 -79.31 -75.46 -20.25
N ARG K 1448 -78.55 -74.37 -20.19
CA ARG K 1448 -78.78 -73.37 -19.18
C ARG K 1448 -80.13 -72.69 -19.40
N LYS K 1449 -80.53 -72.45 -20.65
CA LYS K 1449 -81.80 -71.81 -20.91
C LYS K 1449 -82.98 -72.70 -20.52
N ARG K 1450 -82.82 -74.03 -20.60
CA ARG K 1450 -83.89 -74.91 -20.15
C ARG K 1450 -84.12 -74.78 -18.66
N GLN K 1451 -83.04 -74.73 -17.87
CA GLN K 1451 -83.19 -74.59 -16.42
C GLN K 1451 -83.86 -73.27 -16.07
N LEU K 1452 -83.48 -72.19 -16.75
CA LEU K 1452 -84.06 -70.89 -16.46
C LEU K 1452 -85.57 -70.89 -16.70
N VAL K 1453 -86.02 -71.51 -17.79
CA VAL K 1453 -87.45 -71.55 -18.09
C VAL K 1453 -88.20 -72.39 -17.06
N THR K 1454 -87.60 -73.50 -16.63
CA THR K 1454 -88.18 -74.28 -15.55
C THR K 1454 -88.31 -73.46 -14.29
N ARG K 1455 -87.22 -72.82 -13.87
CA ARG K 1455 -87.25 -72.02 -12.65
C ARG K 1455 -88.23 -70.86 -12.78
N GLU K 1456 -88.39 -70.29 -13.98
CA GLU K 1456 -89.30 -69.17 -14.16
C GLU K 1456 -90.74 -69.59 -13.94
N ALA K 1457 -91.10 -70.81 -14.33
CA ALA K 1457 -92.45 -71.30 -14.06
C ALA K 1457 -92.69 -71.42 -12.57
N GLN K 1458 -91.70 -71.92 -11.83
CA GLN K 1458 -91.88 -72.08 -10.38
C GLN K 1458 -92.11 -70.74 -9.71
N ILE K 1459 -91.52 -69.66 -10.22
CA ILE K 1459 -91.64 -68.38 -9.56
C ILE K 1459 -93.07 -67.85 -9.69
N LYS K 1460 -93.63 -67.91 -10.89
CA LYS K 1460 -95.00 -67.40 -11.07
C LYS K 1460 -96.00 -68.25 -10.27
N ASP K 1461 -95.67 -69.51 -10.01
CA ASP K 1461 -96.43 -70.28 -9.04
C ASP K 1461 -96.33 -69.66 -7.66
N TRP K 1462 -95.11 -69.30 -7.26
CA TRP K 1462 -94.91 -68.67 -5.96
C TRP K 1462 -95.65 -67.34 -5.89
N VAL K 1463 -95.71 -66.61 -7.00
CA VAL K 1463 -96.38 -65.32 -6.99
C VAL K 1463 -97.86 -65.48 -6.71
N GLU K 1464 -98.50 -66.49 -7.31
CA GLU K 1464 -99.95 -66.62 -7.15
C GLU K 1464 -100.32 -67.02 -5.73
N ASN K 1465 -99.47 -67.77 -5.04
CA ASN K 1465 -99.76 -68.10 -3.65
C ASN K 1465 -99.68 -66.86 -2.76
N GLU K 1466 -98.62 -66.08 -2.88
CA GLU K 1466 -98.46 -64.92 -2.02
C GLU K 1466 -99.52 -63.86 -2.32
N LEU K 1467 -99.98 -63.77 -3.58
CA LEU K 1467 -101.04 -62.82 -3.90
C LEU K 1467 -102.35 -63.19 -3.21
N GLU K 1468 -102.74 -64.46 -3.32
CA GLU K 1468 -104.00 -64.88 -2.71
C GLU K 1468 -103.95 -64.81 -1.19
N ALA K 1469 -102.79 -65.12 -0.59
CA ALA K 1469 -102.66 -64.99 0.86
C ALA K 1469 -102.86 -63.54 1.29
N LEU K 1470 -102.32 -62.59 0.51
CA LEU K 1470 -102.53 -61.18 0.81
C LEU K 1470 -104.01 -60.83 0.71
N LYS K 1471 -104.70 -61.36 -0.31
CA LYS K 1471 -106.13 -61.08 -0.48
C LYS K 1471 -106.91 -61.40 0.79
N LEU K 1472 -106.52 -62.48 1.48
CA LEU K 1472 -107.16 -62.86 2.73
C LEU K 1472 -106.70 -61.99 3.89
N GLU K 1473 -105.43 -61.58 3.90
CA GLU K 1473 -104.96 -60.63 4.90
C GLU K 1473 -105.71 -59.30 4.82
N ALA K 1474 -106.33 -59.02 3.70
CA ALA K 1474 -107.12 -57.80 3.54
C ALA K 1474 -108.52 -58.00 4.12
N GLN K 1482 -108.76 -50.72 2.73
CA GLN K 1482 -108.06 -51.84 2.13
C GLN K 1482 -107.11 -51.37 1.03
N ASN K 1483 -107.41 -50.21 0.46
CA ASN K 1483 -106.61 -49.71 -0.67
C ASN K 1483 -105.16 -49.50 -0.28
N GLU K 1484 -104.92 -48.79 0.84
CA GLU K 1484 -103.56 -48.55 1.27
C GLU K 1484 -102.85 -49.86 1.62
N PHE K 1485 -103.54 -50.76 2.32
CA PHE K 1485 -102.93 -52.03 2.70
C PHE K 1485 -102.53 -52.84 1.47
N LEU K 1486 -103.40 -52.87 0.45
CA LEU K 1486 -103.13 -53.72 -0.71
C LEU K 1486 -101.99 -53.17 -1.56
N LEU K 1487 -101.99 -51.85 -1.81
CA LEU K 1487 -100.94 -51.27 -2.64
C LEU K 1487 -99.56 -51.45 -2.02
N GLU K 1488 -99.45 -51.28 -0.70
CA GLU K 1488 -98.14 -51.40 -0.07
C GLU K 1488 -97.66 -52.85 -0.08
N ARG K 1489 -98.54 -53.79 0.23
CA ARG K 1489 -98.14 -55.20 0.23
C ARG K 1489 -97.93 -55.72 -1.18
N THR K 1490 -98.77 -55.29 -2.13
CA THR K 1490 -98.64 -55.77 -3.50
C THR K 1490 -97.30 -55.37 -4.11
N ARG K 1491 -96.87 -54.13 -3.87
CA ARG K 1491 -95.58 -53.69 -4.40
C ARG K 1491 -94.46 -54.61 -3.93
N GLU K 1492 -94.55 -55.09 -2.69
CA GLU K 1492 -93.47 -55.90 -2.13
C GLU K 1492 -93.44 -57.29 -2.73
N ILE K 1493 -94.61 -57.94 -2.87
CA ILE K 1493 -94.63 -59.29 -3.42
C ILE K 1493 -94.09 -59.31 -4.84
N HIS K 1494 -94.50 -58.35 -5.68
CA HIS K 1494 -93.97 -58.30 -7.03
C HIS K 1494 -92.49 -57.96 -7.03
N ASN K 1495 -92.05 -57.13 -6.08
CA ASN K 1495 -90.62 -56.88 -5.94
C ASN K 1495 -89.87 -58.15 -5.55
N GLU K 1496 -90.48 -58.96 -4.69
CA GLU K 1496 -89.86 -60.25 -4.35
C GLU K 1496 -89.79 -61.15 -5.58
N ALA K 1497 -90.84 -61.15 -6.40
CA ALA K 1497 -90.85 -62.00 -7.58
C ALA K 1497 -89.79 -61.59 -8.59
N GLU K 1498 -89.59 -60.28 -8.78
CA GLU K 1498 -88.53 -59.84 -9.67
C GLU K 1498 -87.17 -60.30 -9.15
N SER K 1499 -86.97 -60.26 -7.83
CA SER K 1499 -85.70 -60.68 -7.26
C SER K 1499 -85.42 -62.15 -7.54
N GLN K 1500 -86.46 -63.00 -7.45
CA GLN K 1500 -86.25 -64.41 -7.73
C GLN K 1500 -85.93 -64.65 -9.19
N LEU K 1501 -86.60 -63.94 -10.10
CA LEU K 1501 -86.27 -64.05 -11.52
C LEU K 1501 -84.84 -63.63 -11.78
N ARG K 1502 -84.44 -62.49 -11.26
CA ARG K 1502 -83.09 -62.00 -11.51
C ARG K 1502 -82.06 -62.93 -10.89
N ALA K 1503 -82.35 -63.52 -9.74
CA ALA K 1503 -81.42 -64.48 -9.16
C ALA K 1503 -81.31 -65.72 -10.04
N ALA K 1504 -82.42 -66.16 -10.64
CA ALA K 1504 -82.37 -67.26 -11.57
C ALA K 1504 -81.53 -66.92 -12.80
N GLN K 1505 -81.68 -65.71 -13.33
CA GLN K 1505 -80.91 -65.29 -14.49
C GLN K 1505 -79.44 -65.19 -14.15
N GLN K 1506 -79.11 -64.72 -12.95
CA GLN K 1506 -77.73 -64.67 -12.51
C GLN K 1506 -77.16 -66.07 -12.38
N GLN K 1507 -77.98 -67.04 -11.97
CA GLN K 1507 -77.51 -68.40 -11.81
C GLN K 1507 -77.15 -69.03 -13.16
N TRP K 1508 -78.06 -68.93 -14.14
CA TRP K 1508 -77.88 -69.66 -15.39
C TRP K 1508 -77.34 -68.80 -16.53
N GLY K 1509 -77.39 -67.49 -16.45
CA GLY K 1509 -76.92 -66.67 -17.54
C GLY K 1509 -75.64 -65.92 -17.28
N ASN K 1510 -75.49 -65.34 -16.10
CA ASN K 1510 -74.34 -64.48 -15.84
C ASN K 1510 -73.20 -65.19 -15.11
N ASP K 1511 -73.52 -66.06 -14.16
CA ASP K 1511 -72.54 -66.60 -13.23
C ASP K 1511 -72.52 -68.13 -13.24
N PHE K 1512 -72.99 -68.74 -14.30
CA PHE K 1512 -73.10 -70.20 -14.32
C PHE K 1512 -71.80 -70.92 -14.10
N TYR K 1513 -70.67 -70.26 -14.27
CA TYR K 1513 -69.36 -70.90 -14.24
C TYR K 1513 -68.54 -70.54 -13.01
N LYS K 1514 -68.99 -69.60 -12.18
CA LYS K 1514 -68.17 -69.13 -11.07
C LYS K 1514 -67.83 -70.25 -10.09
N ARG K 1515 -68.72 -71.24 -9.95
CA ARG K 1515 -68.49 -72.36 -9.06
C ARG K 1515 -67.85 -73.56 -9.76
N ASP K 1516 -67.56 -73.45 -11.05
CA ASP K 1516 -67.14 -74.61 -11.83
C ASP K 1516 -65.64 -74.56 -12.05
N PRO K 1517 -64.83 -75.38 -11.37
CA PRO K 1517 -63.38 -75.31 -11.57
C PRO K 1517 -62.93 -75.70 -12.97
N ARG K 1518 -63.79 -76.35 -13.75
CA ARG K 1518 -63.44 -76.75 -15.11
C ARG K 1518 -63.72 -75.65 -16.12
N ILE K 1519 -64.07 -74.44 -15.68
CA ILE K 1519 -64.29 -73.31 -16.57
C ILE K 1519 -63.44 -72.16 -16.06
N ALA K 1520 -62.45 -71.76 -16.84
CA ALA K 1520 -61.63 -70.61 -16.47
C ALA K 1520 -62.45 -69.34 -16.51
N PRO K 1521 -62.12 -68.34 -15.67
CA PRO K 1521 -62.83 -67.07 -15.75
C PRO K 1521 -62.87 -66.44 -17.13
N LEU K 1522 -61.75 -66.48 -17.87
CA LEU K 1522 -61.71 -65.94 -19.23
C LEU K 1522 -62.71 -66.66 -20.14
N ARG K 1523 -62.68 -67.99 -20.12
CA ARG K 1523 -63.60 -68.76 -20.94
C ARG K 1523 -65.05 -68.50 -20.56
N GLY K 1524 -65.34 -68.43 -19.27
CA GLY K 1524 -66.71 -68.16 -18.84
C GLY K 1524 -67.18 -66.79 -19.25
N ALA K 1525 -66.31 -65.79 -19.12
CA ALA K 1525 -66.64 -64.44 -19.55
C ALA K 1525 -67.08 -64.43 -21.00
N LEU K 1526 -66.35 -65.16 -21.86
CA LEU K 1526 -66.75 -65.21 -23.26
C LEU K 1526 -68.00 -66.05 -23.48
N ALA K 1527 -68.08 -67.21 -22.83
CA ALA K 1527 -69.19 -68.13 -23.03
C ALA K 1527 -70.52 -67.55 -22.56
N THR K 1528 -70.48 -66.54 -21.71
CA THR K 1528 -71.71 -65.90 -21.29
C THR K 1528 -72.49 -65.42 -22.50
N TYR K 1529 -71.80 -64.96 -23.54
CA TYR K 1529 -72.46 -64.46 -24.73
C TYR K 1529 -72.36 -65.40 -25.90
N GLY K 1530 -72.01 -66.65 -25.66
CA GLY K 1530 -71.92 -67.62 -26.73
C GLY K 1530 -70.63 -67.62 -27.52
N LEU K 1531 -69.66 -66.82 -27.12
CA LEU K 1531 -68.36 -66.82 -27.78
C LEU K 1531 -67.46 -67.90 -27.20
N THR K 1532 -66.41 -68.23 -27.94
CA THR K 1532 -65.42 -69.23 -27.54
C THR K 1532 -64.05 -68.59 -27.50
N ILE K 1533 -63.09 -69.35 -26.99
CA ILE K 1533 -61.72 -68.83 -26.87
C ILE K 1533 -61.19 -68.39 -28.23
N ASP K 1534 -61.62 -69.03 -29.31
CA ASP K 1534 -61.17 -68.63 -30.65
C ASP K 1534 -61.77 -67.30 -31.12
N ASP K 1535 -62.78 -66.78 -30.45
CA ASP K 1535 -63.39 -65.51 -30.83
C ASP K 1535 -62.64 -64.26 -30.32
N LEU K 1536 -61.69 -64.44 -29.42
CA LEU K 1536 -60.91 -63.31 -28.91
C LEU K 1536 -59.87 -62.92 -29.94
N GLY K 1537 -60.17 -61.91 -30.74
CA GLY K 1537 -59.39 -61.64 -31.94
C GLY K 1537 -58.15 -60.79 -31.73
N VAL K 1538 -58.18 -59.89 -30.78
CA VAL K 1538 -57.11 -58.90 -30.60
C VAL K 1538 -56.68 -58.90 -29.15
N ALA K 1539 -55.38 -58.83 -28.94
CA ALA K 1539 -54.78 -58.62 -27.62
C ALA K 1539 -54.04 -57.29 -27.68
N SER K 1540 -54.51 -56.31 -26.94
CA SER K 1540 -53.81 -55.04 -26.83
C SER K 1540 -52.74 -55.18 -25.75
N PHE K 1541 -51.49 -55.20 -26.17
CA PHE K 1541 -50.41 -55.43 -25.23
C PHE K 1541 -49.94 -54.22 -24.50
N HIS K 1542 -49.67 -54.36 -23.23
CA HIS K 1542 -49.04 -53.28 -22.49
C HIS K 1542 -47.87 -52.72 -23.30
N GLY K 1543 -47.23 -53.61 -24.09
CA GLY K 1543 -46.20 -53.22 -25.06
C GLY K 1543 -45.48 -51.98 -24.72
N THR K 1544 -44.46 -52.07 -23.89
CA THR K 1544 -43.79 -50.88 -23.40
C THR K 1544 -42.45 -50.61 -24.09
N SER K 1545 -41.96 -51.54 -24.90
CA SER K 1545 -40.68 -51.41 -25.57
C SER K 1545 -39.49 -51.63 -24.63
N THR K 1546 -39.72 -52.41 -23.58
CA THR K 1546 -38.64 -52.80 -22.72
C THR K 1546 -38.44 -54.26 -23.03
N LYS K 1547 -37.24 -54.77 -22.85
CA LYS K 1547 -36.94 -56.16 -23.14
C LYS K 1547 -37.77 -57.12 -22.30
N ALA K 1548 -37.71 -56.98 -20.98
CA ALA K 1548 -38.43 -57.90 -20.08
C ALA K 1548 -39.94 -57.88 -20.24
N ASN K 1549 -40.54 -56.72 -20.36
CA ASN K 1549 -41.98 -56.63 -20.44
C ASN K 1549 -42.49 -57.29 -21.69
N ASP K 1550 -41.95 -56.93 -22.84
CA ASP K 1550 -42.52 -57.47 -24.08
C ASP K 1550 -42.38 -58.99 -24.13
N LYS K 1551 -41.24 -59.52 -23.67
CA LYS K 1551 -41.12 -60.97 -23.64
C LYS K 1551 -42.09 -61.59 -22.62
N ASN K 1552 -42.11 -61.07 -21.41
CA ASN K 1552 -42.99 -61.57 -20.36
C ASN K 1552 -44.43 -61.60 -20.80
N GLU K 1553 -44.90 -60.50 -21.36
CA GLU K 1553 -46.30 -60.41 -21.77
C GLU K 1553 -46.64 -61.34 -22.91
N SER K 1554 -45.77 -61.44 -23.91
CA SER K 1554 -46.03 -62.40 -24.98
C SER K 1554 -46.13 -63.81 -24.43
N ALA K 1555 -45.21 -64.20 -23.58
CA ALA K 1555 -45.23 -65.53 -22.99
C ALA K 1555 -46.51 -65.77 -22.20
N THR K 1556 -46.95 -64.77 -21.44
CA THR K 1556 -48.16 -64.90 -20.65
C THR K 1556 -49.38 -65.12 -21.54
N ILE K 1557 -49.58 -64.27 -22.53
CA ILE K 1557 -50.73 -64.41 -23.42
C ILE K 1557 -50.66 -65.76 -24.15
N ASN K 1558 -49.47 -66.19 -24.53
CA ASN K 1558 -49.31 -67.45 -25.23
C ASN K 1558 -49.73 -68.63 -24.37
N GLU K 1559 -49.33 -68.65 -23.11
CA GLU K 1559 -49.71 -69.72 -22.19
C GLU K 1559 -51.20 -69.68 -21.93
N MET K 1560 -51.76 -68.50 -21.73
CA MET K 1560 -53.21 -68.40 -21.59
C MET K 1560 -53.90 -69.12 -22.75
N MET K 1561 -53.49 -68.82 -23.98
CA MET K 1561 -54.12 -69.44 -25.14
C MET K 1561 -53.86 -70.94 -25.18
N LYS K 1562 -52.63 -71.35 -24.89
CA LYS K 1562 -52.32 -72.78 -24.91
C LYS K 1562 -53.20 -73.56 -23.95
N HIS K 1563 -53.28 -73.11 -22.70
CA HIS K 1563 -54.02 -73.84 -21.69
C HIS K 1563 -55.50 -73.93 -22.04
N LEU K 1564 -56.06 -72.89 -22.66
CA LEU K 1564 -57.48 -72.84 -22.95
C LEU K 1564 -57.85 -73.47 -24.29
N GLY K 1565 -56.92 -74.19 -24.91
CA GLY K 1565 -57.24 -74.90 -26.15
C GLY K 1565 -57.60 -74.02 -27.31
N ARG K 1566 -56.91 -72.89 -27.47
CA ARG K 1566 -57.04 -72.12 -28.69
C ARG K 1566 -56.58 -72.96 -29.89
N SER K 1567 -57.28 -72.82 -31.01
CA SER K 1567 -56.96 -73.61 -32.19
C SER K 1567 -55.58 -73.24 -32.73
N GLU K 1568 -54.78 -74.25 -33.03
CA GLU K 1568 -53.51 -73.99 -33.71
C GLU K 1568 -53.78 -73.40 -35.09
N GLY K 1569 -52.91 -72.49 -35.50
CA GLY K 1569 -53.14 -71.73 -36.70
C GLY K 1569 -54.00 -70.50 -36.51
N ASN K 1570 -54.45 -70.23 -35.28
CA ASN K 1570 -55.34 -69.12 -34.99
C ASN K 1570 -54.71 -68.26 -33.90
N PRO K 1571 -53.68 -67.49 -34.24
CA PRO K 1571 -53.06 -66.62 -33.26
C PRO K 1571 -53.87 -65.36 -33.03
N VAL K 1572 -53.66 -64.77 -31.87
CA VAL K 1572 -54.25 -63.48 -31.55
C VAL K 1572 -53.39 -62.38 -32.14
N ILE K 1573 -54.02 -61.31 -32.61
CA ILE K 1573 -53.33 -60.22 -33.27
C ILE K 1573 -52.96 -59.18 -32.21
N GLY K 1574 -51.66 -58.98 -32.03
CA GLY K 1574 -51.18 -58.04 -31.04
C GLY K 1574 -51.30 -56.61 -31.51
N VAL K 1575 -51.64 -55.72 -30.58
CA VAL K 1575 -51.69 -54.29 -30.82
C VAL K 1575 -50.81 -53.62 -29.77
N PHE K 1576 -49.98 -52.69 -30.20
CA PHE K 1576 -49.05 -52.04 -29.31
C PHE K 1576 -49.15 -50.54 -29.49
N GLN K 1577 -50.23 -49.94 -28.99
CA GLN K 1577 -50.47 -48.51 -29.15
C GLN K 1577 -49.35 -47.58 -28.66
N LYS K 1578 -48.55 -48.01 -27.72
CA LYS K 1578 -47.50 -47.15 -27.17
C LYS K 1578 -46.43 -46.80 -28.19
N PHE K 1579 -46.31 -47.55 -29.28
CA PHE K 1579 -45.37 -47.15 -30.31
C PHE K 1579 -45.60 -45.70 -30.72
N LEU K 1580 -46.85 -45.27 -30.73
CA LEU K 1580 -47.21 -43.93 -31.13
C LEU K 1580 -47.31 -42.92 -29.99
N THR K 1581 -47.86 -43.33 -28.84
CA THR K 1581 -48.09 -42.37 -27.77
C THR K 1581 -47.09 -42.36 -26.64
N GLY K 1582 -46.19 -43.34 -26.59
CA GLY K 1582 -45.34 -43.46 -25.42
C GLY K 1582 -46.11 -43.97 -24.22
N HIS K 1583 -45.41 -44.05 -23.09
CA HIS K 1583 -45.94 -44.71 -21.91
C HIS K 1583 -46.39 -43.67 -20.88
N PRO K 1584 -47.69 -43.41 -20.71
CA PRO K 1584 -48.12 -42.69 -19.52
C PRO K 1584 -48.13 -43.67 -18.36
N LYS K 1585 -47.88 -43.16 -17.17
CA LYS K 1585 -47.63 -44.05 -16.04
C LYS K 1585 -48.88 -44.31 -15.22
N GLY K 1586 -49.96 -44.74 -15.84
CA GLY K 1586 -51.21 -44.85 -15.12
C GLY K 1586 -52.41 -44.58 -15.99
N ALA K 1587 -52.25 -43.76 -17.03
CA ALA K 1587 -53.24 -43.63 -18.07
C ALA K 1587 -53.09 -44.69 -19.17
N ALA K 1588 -52.08 -45.55 -19.07
CA ALA K 1588 -51.76 -46.47 -20.18
C ALA K 1588 -52.94 -47.40 -20.49
N GLY K 1589 -53.45 -48.07 -19.47
CA GLY K 1589 -54.55 -48.98 -19.68
C GLY K 1589 -55.81 -48.29 -20.17
N ALA K 1590 -56.03 -47.04 -19.76
CA ALA K 1590 -57.20 -46.30 -20.23
C ALA K 1590 -57.08 -45.96 -21.72
N TRP K 1591 -55.90 -45.58 -22.16
CA TRP K 1591 -55.67 -45.33 -23.59
C TRP K 1591 -55.88 -46.62 -24.36
N MET K 1592 -55.39 -47.74 -23.83
CA MET K 1592 -55.61 -49.02 -24.47
C MET K 1592 -57.08 -49.39 -24.51
N MET K 1593 -57.82 -49.12 -23.44
CA MET K 1593 -59.24 -49.44 -23.41
C MET K 1593 -59.99 -48.65 -24.48
N ASN K 1594 -59.63 -47.38 -24.63
CA ASN K 1594 -60.21 -46.54 -25.68
C ASN K 1594 -59.87 -47.11 -27.06
N GLY K 1595 -58.61 -47.46 -27.29
CA GLY K 1595 -58.23 -48.08 -28.53
C GLY K 1595 -59.00 -49.35 -28.81
N ALA K 1596 -59.22 -50.16 -27.77
CA ALA K 1596 -59.91 -51.43 -27.94
C ALA K 1596 -61.37 -51.22 -28.32
N LEU K 1597 -62.02 -50.24 -27.71
CA LEU K 1597 -63.40 -49.94 -28.10
C LEU K 1597 -63.46 -49.43 -29.55
N GLN K 1598 -62.50 -48.59 -29.95
CA GLN K 1598 -62.47 -48.11 -31.32
C GLN K 1598 -62.26 -49.29 -32.28
N ILE K 1599 -61.37 -50.22 -31.93
CA ILE K 1599 -61.16 -51.42 -32.74
C ILE K 1599 -62.46 -52.20 -32.88
N LEU K 1600 -63.14 -52.44 -31.76
CA LEU K 1600 -64.36 -53.22 -31.80
C LEU K 1600 -65.40 -52.58 -32.71
N ASN K 1601 -65.61 -51.27 -32.63
CA ASN K 1601 -66.71 -50.66 -33.38
C ASN K 1601 -66.39 -50.33 -34.83
N SER K 1602 -65.13 -50.41 -35.21
CA SER K 1602 -64.72 -50.15 -36.59
C SER K 1602 -64.28 -51.40 -37.28
N GLY K 1603 -63.82 -52.39 -36.54
CA GLY K 1603 -63.25 -53.56 -37.16
C GLY K 1603 -61.84 -53.39 -37.66
N ILE K 1604 -61.24 -52.23 -37.46
CA ILE K 1604 -59.91 -51.91 -37.98
C ILE K 1604 -58.89 -52.18 -36.88
N ILE K 1605 -57.83 -52.91 -37.23
CA ILE K 1605 -56.79 -53.30 -36.28
C ILE K 1605 -55.52 -52.54 -36.63
N PRO K 1606 -55.12 -51.53 -35.86
CA PRO K 1606 -53.93 -50.74 -36.23
C PRO K 1606 -52.64 -51.54 -36.15
N GLY K 1607 -51.73 -51.23 -37.06
CA GLY K 1607 -50.43 -51.86 -37.07
C GLY K 1607 -49.38 -51.08 -36.30
N ASN K 1608 -48.45 -51.81 -35.70
CA ASN K 1608 -47.28 -51.23 -35.03
C ASN K 1608 -46.30 -50.76 -36.10
N ARG K 1609 -46.39 -49.49 -36.48
CA ARG K 1609 -45.55 -48.98 -37.57
C ARG K 1609 -44.07 -48.88 -37.20
N ASN K 1610 -43.73 -48.98 -35.92
CA ASN K 1610 -42.34 -49.00 -35.50
C ASN K 1610 -41.81 -50.41 -35.33
N ALA K 1611 -42.62 -51.42 -35.64
CA ALA K 1611 -42.15 -52.81 -35.58
C ALA K 1611 -41.32 -53.11 -36.83
N ASP K 1612 -40.11 -52.60 -36.88
CA ASP K 1612 -39.26 -52.82 -38.05
C ASP K 1612 -38.79 -54.27 -38.14
N ASN K 1613 -38.32 -54.82 -37.02
CA ASN K 1613 -37.87 -56.20 -37.01
C ASN K 1613 -38.35 -56.87 -35.74
N VAL K 1614 -39.31 -57.77 -35.86
CA VAL K 1614 -39.83 -58.48 -34.70
C VAL K 1614 -38.74 -59.35 -34.10
N ASP K 1615 -38.54 -59.22 -32.79
CA ASP K 1615 -37.51 -59.98 -32.09
C ASP K 1615 -37.67 -61.48 -32.34
N LYS K 1616 -36.55 -62.14 -32.58
CA LYS K 1616 -36.55 -63.57 -32.92
C LYS K 1616 -37.01 -64.43 -31.75
N ILE K 1617 -36.74 -64.00 -30.51
CA ILE K 1617 -37.15 -64.77 -29.34
C ILE K 1617 -38.67 -64.91 -29.25
N LEU K 1618 -39.43 -64.02 -29.87
CA LEU K 1618 -40.88 -64.09 -29.84
C LEU K 1618 -41.47 -65.07 -30.84
N GLU K 1619 -40.65 -65.60 -31.74
CA GLU K 1619 -41.16 -66.57 -32.69
C GLU K 1619 -41.66 -67.83 -31.99
N GLN K 1620 -41.14 -68.13 -30.80
CA GLN K 1620 -41.55 -69.31 -30.05
C GLN K 1620 -43.01 -69.24 -29.62
N PHE K 1621 -43.59 -68.04 -29.54
CA PHE K 1621 -44.97 -67.87 -29.12
C PHE K 1621 -45.89 -67.95 -30.32
N GLU K 1622 -46.30 -69.15 -30.67
CA GLU K 1622 -47.13 -69.36 -31.86
C GLU K 1622 -48.53 -68.77 -31.86
N TYR K 1623 -49.05 -68.40 -30.71
CA TYR K 1623 -50.42 -67.90 -30.65
C TYR K 1623 -50.49 -66.38 -30.72
N VAL K 1624 -49.38 -65.70 -30.97
CA VAL K 1624 -49.31 -64.25 -31.05
C VAL K 1624 -48.79 -63.85 -32.43
N LEU K 1625 -49.45 -62.89 -33.04
CA LEU K 1625 -49.02 -62.31 -34.31
C LEU K 1625 -48.73 -60.82 -34.11
N TYR K 1626 -47.65 -60.34 -34.73
CA TYR K 1626 -47.19 -58.96 -34.56
C TYR K 1626 -47.27 -58.23 -35.90
N PRO K 1627 -48.39 -57.59 -36.21
CA PRO K 1627 -48.49 -56.87 -37.48
C PRO K 1627 -47.78 -55.53 -37.43
N SER K 1628 -47.36 -55.06 -38.61
CA SER K 1628 -46.71 -53.76 -38.69
C SER K 1628 -47.59 -52.75 -39.43
N LYS K 1629 -48.73 -53.19 -39.95
CA LYS K 1629 -49.60 -52.28 -40.68
C LYS K 1629 -51.05 -52.59 -40.38
N THR K 1630 -51.89 -51.58 -40.59
CA THR K 1630 -53.30 -51.67 -40.23
C THR K 1630 -54.01 -52.71 -41.07
N LEU K 1631 -54.95 -53.43 -40.46
CA LEU K 1631 -55.75 -54.44 -41.11
C LEU K 1631 -57.22 -54.07 -40.99
N LYS K 1632 -57.92 -54.07 -42.11
CA LYS K 1632 -59.36 -53.87 -42.15
C LYS K 1632 -60.00 -55.24 -42.17
N THR K 1633 -60.56 -55.66 -41.04
CA THR K 1633 -61.22 -56.96 -40.97
C THR K 1633 -62.71 -56.81 -41.20
N ASP K 1634 -63.39 -57.94 -41.28
CA ASP K 1634 -64.84 -57.95 -41.34
C ASP K 1634 -65.48 -58.11 -39.95
N GLY K 1635 -64.75 -57.77 -38.90
CA GLY K 1635 -65.31 -57.82 -37.57
C GLY K 1635 -64.47 -58.36 -36.45
N VAL K 1636 -64.25 -57.56 -35.41
CA VAL K 1636 -63.54 -58.03 -34.22
C VAL K 1636 -64.61 -58.26 -33.16
N ARG K 1637 -64.63 -59.45 -32.58
CA ARG K 1637 -65.67 -59.78 -31.60
C ARG K 1637 -65.27 -59.59 -30.13
N ALA K 1638 -63.98 -59.63 -29.81
CA ALA K 1638 -63.54 -59.41 -28.45
C ALA K 1638 -62.09 -58.96 -28.46
N VAL K 1639 -61.73 -58.12 -27.51
CA VAL K 1639 -60.36 -57.63 -27.35
C VAL K 1639 -59.90 -57.88 -25.92
N SER K 1640 -58.66 -58.30 -25.77
CA SER K 1640 -58.00 -58.42 -24.48
C SER K 1640 -57.12 -57.20 -24.23
N ILE K 1641 -57.09 -56.75 -22.99
CA ILE K 1641 -56.24 -55.64 -22.56
C ILE K 1641 -55.46 -56.11 -21.34
N THR K 1642 -54.14 -56.02 -21.42
CA THR K 1642 -53.30 -56.42 -20.30
C THR K 1642 -52.36 -55.28 -19.94
N SER K 1643 -52.01 -55.19 -18.67
CA SER K 1643 -51.05 -54.20 -18.22
C SER K 1643 -50.27 -54.76 -17.04
N PHE K 1644 -49.03 -54.29 -16.92
CA PHE K 1644 -48.16 -54.77 -15.87
C PHE K 1644 -47.51 -53.55 -15.25
N GLY K 1645 -47.73 -53.34 -13.97
CA GLY K 1645 -47.21 -52.17 -13.31
C GLY K 1645 -46.16 -52.49 -12.30
N PHE K 1646 -45.26 -51.54 -12.06
CA PHE K 1646 -44.27 -51.72 -11.01
C PHE K 1646 -44.97 -52.19 -9.73
N GLY K 1647 -44.29 -52.98 -8.93
CA GLY K 1647 -44.89 -53.51 -7.72
C GLY K 1647 -45.82 -54.67 -7.95
N GLN K 1648 -45.48 -55.54 -8.90
CA GLN K 1648 -46.30 -56.72 -9.23
C GLN K 1648 -47.77 -56.43 -9.51
N LYS K 1649 -48.06 -55.32 -10.16
CA LYS K 1649 -49.44 -54.98 -10.50
C LYS K 1649 -49.74 -55.53 -11.89
N GLY K 1650 -50.36 -56.69 -11.94
CA GLY K 1650 -50.78 -57.27 -13.20
C GLY K 1650 -52.29 -57.13 -13.32
N GLY K 1651 -52.79 -56.93 -14.52
CA GLY K 1651 -54.22 -56.77 -14.75
C GLY K 1651 -54.61 -57.21 -16.14
N GLN K 1652 -55.86 -57.64 -16.27
CA GLN K 1652 -56.42 -58.00 -17.57
C GLN K 1652 -57.88 -57.59 -17.61
N ALA K 1653 -58.33 -57.14 -18.78
CA ALA K 1653 -59.72 -56.88 -19.04
C ALA K 1653 -60.09 -57.46 -20.41
N ILE K 1654 -61.33 -57.88 -20.55
CA ILE K 1654 -61.87 -58.39 -21.81
C ILE K 1654 -63.09 -57.56 -22.18
N VAL K 1655 -63.08 -56.99 -23.37
CA VAL K 1655 -64.17 -56.19 -23.87
C VAL K 1655 -64.78 -56.91 -25.07
N VAL K 1656 -66.08 -57.06 -25.07
CA VAL K 1656 -66.80 -57.81 -26.08
C VAL K 1656 -67.62 -56.84 -26.93
N HIS K 1657 -67.81 -57.19 -28.21
CA HIS K 1657 -68.55 -56.33 -29.12
C HIS K 1657 -69.95 -56.04 -28.61
N PRO K 1658 -70.34 -54.76 -28.66
CA PRO K 1658 -71.65 -54.38 -28.09
C PRO K 1658 -72.87 -55.04 -28.70
N ASP K 1659 -72.77 -55.56 -29.93
CA ASP K 1659 -73.92 -56.15 -30.57
C ASP K 1659 -74.37 -57.44 -29.91
N TYR K 1660 -73.49 -58.10 -29.17
CA TYR K 1660 -73.89 -59.30 -28.42
C TYR K 1660 -74.87 -58.99 -27.29
N LEU K 1661 -74.86 -57.75 -26.79
CA LEU K 1661 -75.82 -57.36 -25.78
C LEU K 1661 -77.25 -57.46 -26.32
N TYR K 1662 -77.47 -56.93 -27.51
CA TYR K 1662 -78.83 -56.83 -28.07
C TYR K 1662 -79.53 -58.17 -28.27
N GLY K 1663 -78.79 -59.24 -28.43
CA GLY K 1663 -79.43 -60.54 -28.50
C GLY K 1663 -80.17 -60.92 -27.24
N ALA K 1664 -79.94 -60.21 -26.14
CA ALA K 1664 -80.55 -60.53 -24.86
C ALA K 1664 -81.91 -59.89 -24.63
N ILE K 1665 -82.36 -59.01 -25.53
CA ILE K 1665 -83.57 -58.23 -25.30
C ILE K 1665 -84.54 -58.49 -26.44
N THR K 1666 -85.79 -58.09 -26.23
CA THR K 1666 -86.83 -58.25 -27.24
C THR K 1666 -86.71 -57.17 -28.31
N GLU K 1667 -87.45 -57.37 -29.41
CA GLU K 1667 -87.41 -56.43 -30.52
C GLU K 1667 -87.96 -55.06 -30.13
N ASP K 1668 -89.07 -55.03 -29.37
CA ASP K 1668 -89.66 -53.75 -29.00
C ASP K 1668 -88.71 -52.94 -28.13
N ARG K 1669 -88.06 -53.60 -27.18
CA ARG K 1669 -87.11 -52.92 -26.31
C ARG K 1669 -85.94 -52.41 -27.12
N TYR K 1670 -85.47 -53.21 -28.07
CA TYR K 1670 -84.36 -52.79 -28.91
C TYR K 1670 -84.72 -51.57 -29.74
N ASN K 1671 -85.91 -51.58 -30.34
CA ASN K 1671 -86.33 -50.48 -31.20
C ASN K 1671 -86.51 -49.19 -30.42
N GLU K 1672 -87.05 -49.29 -29.21
CA GLU K 1672 -87.20 -48.09 -28.40
C GLU K 1672 -85.83 -47.55 -27.99
N TYR K 1673 -84.88 -48.44 -27.74
CA TYR K 1673 -83.53 -48.02 -27.41
C TYR K 1673 -82.96 -47.30 -28.60
N VAL K 1674 -83.12 -47.85 -29.79
CA VAL K 1674 -82.53 -47.25 -30.98
C VAL K 1674 -83.05 -45.82 -31.18
N ALA K 1675 -84.36 -45.65 -31.04
CA ALA K 1675 -84.94 -44.31 -31.20
C ALA K 1675 -84.37 -43.34 -30.16
N LYS K 1676 -84.29 -43.77 -28.92
CA LYS K 1676 -83.77 -42.90 -27.88
C LYS K 1676 -82.32 -42.52 -28.15
N VAL K 1677 -81.52 -43.49 -28.59
CA VAL K 1677 -80.11 -43.22 -28.84
C VAL K 1677 -79.95 -42.22 -29.97
N SER K 1678 -80.73 -42.37 -31.03
CA SER K 1678 -80.64 -41.47 -32.18
C SER K 1678 -80.94 -40.03 -31.77
N ALA K 1679 -81.99 -39.84 -30.99
CA ALA K 1679 -82.32 -38.51 -30.50
C ALA K 1679 -81.19 -37.94 -29.64
N ARG K 1680 -80.66 -38.77 -28.74
CA ARG K 1680 -79.58 -38.32 -27.88
C ARG K 1680 -78.35 -37.94 -28.68
N GLU K 1681 -78.05 -38.69 -29.73
CA GLU K 1681 -76.88 -38.41 -30.54
C GLU K 1681 -77.01 -37.07 -31.26
N LYS K 1682 -78.20 -36.75 -31.74
CA LYS K 1682 -78.40 -35.45 -32.40
C LYS K 1682 -78.22 -34.31 -31.42
N SER K 1683 -78.76 -34.45 -30.22
CA SER K 1683 -78.52 -33.42 -29.21
C SER K 1683 -77.04 -33.30 -28.87
N ALA K 1684 -76.34 -34.43 -28.81
CA ALA K 1684 -74.93 -34.40 -28.46
C ALA K 1684 -74.11 -33.67 -29.51
N TYR K 1685 -74.46 -33.85 -30.78
CA TYR K 1685 -73.77 -33.17 -31.86
C TYR K 1685 -73.98 -31.67 -31.76
N LYS K 1686 -75.22 -31.27 -31.55
CA LYS K 1686 -75.52 -29.85 -31.37
C LYS K 1686 -74.67 -29.25 -30.25
N PHE K 1687 -74.65 -29.92 -29.09
CA PHE K 1687 -73.89 -29.42 -27.95
C PHE K 1687 -72.41 -29.41 -28.24
N PHE K 1688 -71.91 -30.44 -28.89
CA PHE K 1688 -70.49 -30.52 -29.11
C PHE K 1688 -70.00 -29.37 -29.97
N HIS K 1689 -70.72 -29.06 -31.05
CA HIS K 1689 -70.22 -28.03 -31.95
C HIS K 1689 -70.38 -26.64 -31.35
N ASN K 1690 -71.50 -26.38 -30.68
CA ASN K 1690 -71.61 -25.12 -29.94
C ASN K 1690 -70.46 -24.96 -28.96
N GLY K 1691 -70.22 -25.97 -28.13
CA GLY K 1691 -69.18 -25.89 -27.13
C GLY K 1691 -67.80 -25.73 -27.75
N MET K 1692 -67.57 -26.36 -28.90
CA MET K 1692 -66.27 -26.26 -29.53
C MET K 1692 -66.00 -24.85 -30.02
N ILE K 1693 -66.95 -24.26 -30.76
CA ILE K 1693 -66.64 -22.97 -31.38
C ILE K 1693 -66.68 -21.85 -30.35
N TYR K 1694 -67.43 -22.00 -29.27
CA TYR K 1694 -67.49 -20.95 -28.27
C TYR K 1694 -66.63 -21.23 -27.04
N ASN K 1695 -65.77 -22.24 -27.11
CA ASN K 1695 -64.88 -22.57 -26.00
C ASN K 1695 -65.65 -22.77 -24.70
N LYS K 1696 -66.74 -23.52 -24.75
CA LYS K 1696 -67.52 -23.80 -23.55
C LYS K 1696 -68.01 -25.24 -23.54
N LEU K 1697 -67.18 -26.17 -23.98
CA LEU K 1697 -67.49 -27.58 -23.78
C LEU K 1697 -67.55 -27.91 -22.30
N PHE K 1698 -66.57 -27.42 -21.53
CA PHE K 1698 -66.58 -27.54 -20.08
C PHE K 1698 -67.37 -26.37 -19.50
N VAL K 1699 -68.40 -26.67 -18.73
CA VAL K 1699 -69.17 -25.64 -18.07
C VAL K 1699 -69.24 -26.03 -16.60
N SER K 1700 -68.62 -25.25 -15.74
CA SER K 1700 -68.55 -25.56 -14.33
C SER K 1700 -69.91 -25.36 -13.67
N LYS K 1701 -70.29 -26.30 -12.81
CA LYS K 1701 -71.53 -26.18 -12.07
C LYS K 1701 -71.33 -25.23 -10.90
N GLU K 1702 -72.26 -24.31 -10.70
CA GLU K 1702 -72.18 -23.36 -9.61
C GLU K 1702 -72.91 -23.83 -8.36
N HIS K 1703 -74.04 -24.52 -8.51
CA HIS K 1703 -74.78 -25.05 -7.38
C HIS K 1703 -75.07 -26.53 -7.60
N ALA K 1704 -75.21 -27.25 -6.49
CA ALA K 1704 -75.68 -28.62 -6.50
C ALA K 1704 -77.11 -28.67 -7.03
N PRO K 1705 -77.61 -29.87 -7.37
CA PRO K 1705 -78.99 -30.00 -7.81
C PRO K 1705 -80.01 -29.74 -6.68
N TYR K 1706 -79.57 -29.70 -5.43
CA TYR K 1706 -80.42 -29.42 -4.28
C TYR K 1706 -79.88 -28.21 -3.55
N THR K 1707 -80.77 -27.51 -2.85
CA THR K 1707 -80.32 -26.43 -2.00
C THR K 1707 -79.76 -27.00 -0.70
N ASP K 1708 -79.05 -26.16 0.03
CA ASP K 1708 -78.54 -26.57 1.33
C ASP K 1708 -79.67 -27.01 2.25
N GLU K 1709 -80.87 -26.46 2.05
CA GLU K 1709 -82.00 -26.81 2.91
C GLU K 1709 -82.54 -28.20 2.60
N LEU K 1710 -82.45 -28.65 1.36
CA LEU K 1710 -82.99 -29.94 0.95
C LEU K 1710 -81.96 -31.05 0.91
N GLU K 1711 -80.68 -30.75 1.18
CA GLU K 1711 -79.62 -31.70 0.88
C GLU K 1711 -79.79 -32.99 1.68
N GLU K 1712 -80.01 -32.88 2.99
CA GLU K 1712 -80.15 -34.09 3.81
C GLU K 1712 -81.40 -34.87 3.43
N ASP K 1713 -82.50 -34.17 3.14
CA ASP K 1713 -83.69 -34.84 2.64
C ASP K 1713 -83.39 -35.66 1.39
N VAL K 1714 -82.65 -35.07 0.45
CA VAL K 1714 -82.28 -35.78 -0.77
C VAL K 1714 -81.43 -37.00 -0.44
N TYR K 1715 -80.44 -36.83 0.44
CA TYR K 1715 -79.58 -37.95 0.82
C TYR K 1715 -80.37 -39.10 1.43
N LEU K 1716 -81.44 -38.80 2.17
CA LEU K 1716 -82.13 -39.83 2.91
C LEU K 1716 -83.32 -40.44 2.15
N ASP K 1717 -83.61 -39.97 0.95
CA ASP K 1717 -84.73 -40.49 0.17
C ASP K 1717 -84.20 -41.23 -1.07
N PRO K 1718 -84.16 -42.56 -1.05
CA PRO K 1718 -83.57 -43.28 -2.19
C PRO K 1718 -84.31 -43.09 -3.52
N LEU K 1719 -85.57 -42.70 -3.49
CA LEU K 1719 -86.35 -42.49 -4.70
C LEU K 1719 -86.37 -41.03 -5.14
N ALA K 1720 -85.62 -40.17 -4.48
CA ALA K 1720 -85.54 -38.77 -4.89
C ALA K 1720 -84.89 -38.62 -6.27
N ARG K 1721 -85.53 -37.90 -7.18
CA ARG K 1721 -85.02 -37.70 -8.52
C ARG K 1721 -85.20 -36.26 -8.91
N VAL K 1722 -84.30 -35.73 -9.71
CA VAL K 1722 -84.40 -34.34 -10.13
C VAL K 1722 -85.46 -34.19 -11.19
N SER K 1723 -85.75 -32.95 -11.55
CA SER K 1723 -86.77 -32.68 -12.56
C SER K 1723 -86.48 -31.31 -13.13
N LYS K 1724 -87.03 -31.01 -14.30
CA LYS K 1724 -86.70 -29.75 -14.94
C LYS K 1724 -87.38 -28.60 -14.21
N ASP K 1725 -86.59 -27.59 -13.82
CA ASP K 1725 -87.11 -26.44 -13.11
C ASP K 1725 -87.78 -25.49 -14.10
N LYS K 1726 -89.05 -25.20 -13.88
CA LYS K 1726 -89.82 -24.39 -14.83
C LYS K 1726 -89.18 -23.03 -15.05
N LYS K 1727 -88.88 -22.31 -13.98
CA LYS K 1727 -88.31 -20.97 -14.11
C LYS K 1727 -86.93 -21.02 -14.76
N SER K 1728 -85.96 -21.64 -14.08
CA SER K 1728 -84.58 -21.62 -14.54
C SER K 1728 -84.31 -22.60 -15.68
N GLY K 1729 -85.22 -23.55 -15.92
CA GLY K 1729 -84.98 -24.54 -16.95
C GLY K 1729 -83.75 -25.39 -16.70
N SER K 1730 -83.50 -25.71 -15.43
CA SER K 1730 -82.35 -26.51 -15.06
C SER K 1730 -82.77 -27.66 -14.16
N LEU K 1731 -82.03 -28.76 -14.21
CA LEU K 1731 -82.38 -29.92 -13.41
C LEU K 1731 -82.09 -29.68 -11.95
N THR K 1732 -83.09 -29.89 -11.11
CA THR K 1732 -82.94 -29.65 -9.69
C THR K 1732 -83.87 -30.53 -8.91
N PHE K 1733 -83.58 -30.73 -7.64
CA PHE K 1733 -84.49 -31.50 -6.80
C PHE K 1733 -85.62 -30.62 -6.32
N ASN K 1734 -86.83 -31.17 -6.32
CA ASN K 1734 -88.03 -30.43 -5.96
C ASN K 1734 -88.61 -30.99 -4.67
N SER K 1735 -88.97 -30.11 -3.75
CA SER K 1735 -89.40 -30.54 -2.42
C SER K 1735 -90.61 -31.45 -2.49
N LYS K 1736 -91.53 -31.20 -3.42
CA LYS K 1736 -92.71 -32.05 -3.56
C LYS K 1736 -92.38 -33.45 -4.06
N ASN K 1737 -91.16 -33.66 -4.57
CA ASN K 1737 -90.76 -34.98 -5.05
C ASN K 1737 -89.87 -35.73 -4.07
N ILE K 1738 -89.82 -35.32 -2.81
CA ILE K 1738 -88.97 -35.95 -1.81
C ILE K 1738 -89.85 -36.61 -0.76
N GLN K 1739 -89.66 -37.91 -0.58
CA GLN K 1739 -90.47 -38.72 0.33
C GLN K 1739 -91.95 -38.65 -0.06
N SER K 1740 -92.23 -38.81 -1.35
CA SER K 1740 -93.58 -38.69 -1.90
C SER K 1740 -94.13 -40.06 -2.25
N LYS K 1741 -95.45 -40.20 -2.12
CA LYS K 1741 -96.11 -41.46 -2.47
C LYS K 1741 -95.99 -41.75 -3.96
N ASP K 1742 -95.85 -40.72 -4.79
CA ASP K 1742 -95.77 -40.93 -6.23
C ASP K 1742 -94.52 -41.71 -6.62
N SER K 1743 -93.39 -41.37 -6.02
CA SER K 1743 -92.14 -42.06 -6.33
C SER K 1743 -92.21 -43.54 -6.00
N TYR K 1744 -92.82 -43.88 -4.87
CA TYR K 1744 -92.92 -45.25 -4.44
C TYR K 1744 -93.87 -46.04 -5.33
N SER L 5 -83.20 88.69 -58.95
CA SER L 5 -82.22 87.61 -58.94
C SER L 5 -82.09 87.01 -57.55
N THR L 6 -81.35 85.91 -57.44
CA THR L 6 -81.19 85.23 -56.16
C THR L 6 -79.84 84.53 -56.13
N ARG L 7 -78.89 85.11 -55.38
CA ARG L 7 -77.62 84.44 -55.17
C ARG L 7 -77.81 83.24 -54.25
N PRO L 8 -77.07 82.15 -54.45
CA PRO L 8 -77.27 80.95 -53.62
C PRO L 8 -76.33 80.91 -52.42
N LEU L 9 -76.72 80.06 -51.47
CA LEU L 9 -75.91 79.77 -50.29
C LEU L 9 -76.16 78.33 -49.87
N THR L 10 -75.26 77.81 -49.04
CA THR L 10 -75.28 76.39 -48.67
C THR L 10 -75.33 76.25 -47.14
N LEU L 11 -76.52 75.98 -46.61
CA LEU L 11 -76.62 75.49 -45.24
C LEU L 11 -76.01 74.10 -45.19
N SER L 12 -74.87 73.97 -44.52
CA SER L 12 -74.09 72.74 -44.55
C SER L 12 -73.83 72.26 -43.13
N HIS L 13 -73.75 70.94 -42.99
CA HIS L 13 -73.41 70.30 -41.71
C HIS L 13 -72.43 69.18 -42.03
N GLY L 14 -71.14 69.51 -42.04
CA GLY L 14 -70.13 68.51 -42.31
C GLY L 14 -70.38 67.83 -43.64
N SER L 15 -70.37 66.49 -43.64
CA SER L 15 -70.50 65.75 -44.88
C SER L 15 -71.79 66.12 -45.62
N LEU L 16 -72.93 66.03 -44.92
CA LEU L 16 -74.20 66.39 -45.53
C LEU L 16 -74.35 67.90 -45.58
N GLU L 17 -74.88 68.40 -46.68
CA GLU L 17 -75.11 69.84 -46.83
C GLU L 17 -76.21 70.06 -47.85
N HIS L 18 -76.84 71.22 -47.76
CA HIS L 18 -77.95 71.60 -48.63
C HIS L 18 -77.74 73.01 -49.14
N VAL L 19 -78.21 73.26 -50.37
CA VAL L 19 -78.02 74.53 -51.05
C VAL L 19 -79.36 75.25 -51.11
N LEU L 20 -79.36 76.53 -50.74
CA LEU L 20 -80.53 77.38 -50.80
C LEU L 20 -80.27 78.55 -51.73
N LEU L 21 -81.31 78.96 -52.45
CA LEU L 21 -81.23 80.03 -53.44
C LEU L 21 -82.03 81.22 -52.91
N VAL L 22 -81.39 82.04 -52.11
CA VAL L 22 -82.06 83.19 -51.49
C VAL L 22 -82.10 84.33 -52.49
N PRO L 23 -83.13 85.18 -52.47
CA PRO L 23 -83.09 86.37 -53.32
C PRO L 23 -81.93 87.27 -52.94
N THR L 24 -81.42 88.01 -53.92
CA THR L 24 -80.32 88.92 -53.66
C THR L 24 -80.70 90.01 -52.66
N ALA L 25 -81.98 90.36 -52.57
CA ALA L 25 -82.39 91.48 -51.72
C ALA L 25 -82.07 91.20 -50.24
N SER L 26 -82.35 89.99 -49.77
CA SER L 26 -82.16 89.63 -48.38
C SER L 26 -80.99 88.67 -48.20
N PHE L 27 -80.02 88.72 -49.11
CA PHE L 27 -78.89 87.79 -49.01
C PHE L 27 -78.10 88.03 -47.74
N PHE L 28 -77.93 89.29 -47.34
CA PHE L 28 -77.15 89.54 -46.13
C PHE L 28 -77.87 89.05 -44.87
N ILE L 29 -79.20 89.23 -44.82
CA ILE L 29 -79.94 88.71 -43.67
C ILE L 29 -79.83 87.19 -43.63
N ALA L 30 -79.98 86.56 -44.80
CA ALA L 30 -79.85 85.11 -44.87
C ALA L 30 -78.46 84.67 -44.44
N SER L 31 -77.43 85.39 -44.86
CA SER L 31 -76.06 84.99 -44.55
C SER L 31 -75.76 85.15 -43.07
N GLN L 32 -76.23 86.23 -42.44
CA GLN L 32 -76.00 86.37 -41.01
C GLN L 32 -76.73 85.28 -40.24
N LEU L 33 -77.97 84.98 -40.63
CA LEU L 33 -78.69 83.90 -39.96
C LEU L 33 -77.99 82.58 -40.17
N GLN L 34 -77.45 82.36 -41.37
CA GLN L 34 -76.69 81.15 -41.65
C GLN L 34 -75.48 81.06 -40.73
N GLU L 35 -74.72 82.14 -40.59
CA GLU L 35 -73.54 82.11 -39.73
C GLU L 35 -73.92 81.80 -38.29
N GLN L 36 -74.97 82.45 -37.79
CA GLN L 36 -75.46 82.11 -36.46
C GLN L 36 -75.80 80.64 -36.37
N PHE L 37 -76.43 80.09 -37.41
CA PHE L 37 -76.85 78.69 -37.40
C PHE L 37 -75.64 77.75 -37.35
N ASN L 38 -74.61 78.03 -38.15
CA ASN L 38 -73.37 77.25 -38.01
C ASN L 38 -72.77 77.43 -36.62
N LYS L 39 -72.96 78.59 -36.02
CA LYS L 39 -72.39 78.82 -34.69
C LYS L 39 -73.09 77.96 -33.64
N ILE L 40 -74.40 77.79 -33.77
CA ILE L 40 -75.13 76.96 -32.81
C ILE L 40 -75.22 75.50 -33.21
N LEU L 41 -74.56 75.08 -34.30
CA LEU L 41 -74.68 73.70 -34.76
C LEU L 41 -73.38 72.94 -34.48
N PRO L 42 -73.43 71.78 -33.82
CA PRO L 42 -72.21 71.11 -33.36
C PRO L 42 -71.43 70.42 -34.48
N GLU L 43 -70.16 70.17 -34.24
CA GLU L 43 -69.33 69.55 -35.25
C GLU L 43 -69.92 68.24 -35.73
N PRO L 44 -69.75 67.93 -37.02
CA PRO L 44 -70.26 66.67 -37.55
C PRO L 44 -69.47 65.49 -37.04
N THR L 45 -70.07 64.32 -37.03
CA THR L 45 -69.40 63.11 -36.59
C THR L 45 -69.61 62.00 -37.61
N GLU L 46 -68.69 61.03 -37.60
CA GLU L 46 -68.83 59.90 -38.50
C GLU L 46 -70.12 59.17 -38.19
N GLY L 47 -70.86 58.83 -39.24
CA GLY L 47 -72.13 58.14 -39.08
C GLY L 47 -73.25 58.99 -38.52
N PHE L 48 -72.96 60.20 -38.04
CA PHE L 48 -73.97 61.08 -37.45
C PHE L 48 -74.86 60.32 -36.45
N ALA L 49 -74.29 59.30 -35.82
CA ALA L 49 -75.04 58.51 -34.85
C ALA L 49 -75.29 59.25 -33.55
N ALA L 50 -74.69 60.43 -33.36
CA ALA L 50 -74.87 61.19 -32.13
C ALA L 50 -76.13 62.05 -32.23
N ASP L 51 -76.44 62.74 -31.14
CA ASP L 51 -77.61 63.60 -31.06
C ASP L 51 -77.21 65.05 -31.32
N ASP L 52 -78.20 65.89 -31.58
CA ASP L 52 -78.04 67.31 -31.84
C ASP L 52 -77.34 67.59 -33.17
N GLU L 53 -77.24 66.59 -34.03
CA GLU L 53 -76.61 66.75 -35.34
C GLU L 53 -77.51 66.09 -36.38
N PRO L 54 -77.91 66.80 -37.44
CA PRO L 54 -78.71 66.18 -38.48
C PRO L 54 -78.00 64.98 -39.10
N THR L 55 -78.80 64.09 -39.68
CA THR L 55 -78.27 62.96 -40.43
C THR L 55 -78.61 63.04 -41.92
N THR L 56 -79.60 63.82 -42.30
CA THR L 56 -80.01 63.98 -43.69
C THR L 56 -80.28 65.45 -43.96
N PRO L 57 -80.20 65.88 -45.23
CA PRO L 57 -80.42 67.30 -45.52
C PRO L 57 -81.78 67.81 -45.07
N ALA L 58 -82.81 66.97 -45.10
CA ALA L 58 -84.12 67.39 -44.59
C ALA L 58 -84.02 67.82 -43.13
N GLU L 59 -83.29 67.04 -42.33
CA GLU L 59 -83.12 67.39 -40.92
C GLU L 59 -82.40 68.73 -40.78
N LEU L 60 -81.38 68.96 -41.59
CA LEU L 60 -80.63 70.22 -41.51
C LEU L 60 -81.52 71.40 -41.85
N VAL L 61 -82.30 71.28 -42.93
CA VAL L 61 -83.18 72.37 -43.30
C VAL L 61 -84.21 72.62 -42.22
N GLY L 62 -84.77 71.55 -41.64
CA GLY L 62 -85.74 71.72 -40.57
C GLY L 62 -85.14 72.39 -39.35
N LYS L 63 -83.88 72.05 -39.04
CA LYS L 63 -83.22 72.66 -37.90
C LYS L 63 -82.97 74.14 -38.14
N PHE L 64 -82.54 74.50 -39.35
CA PHE L 64 -82.40 75.92 -39.68
C PHE L 64 -83.76 76.61 -39.57
N LEU L 65 -84.81 75.93 -40.00
CA LEU L 65 -86.14 76.49 -39.95
C LEU L 65 -86.56 76.77 -38.52
N GLY L 66 -86.32 75.81 -37.63
CA GLY L 66 -86.64 76.01 -36.23
C GLY L 66 -85.82 77.12 -35.60
N TYR L 67 -84.54 77.21 -35.98
CA TYR L 67 -83.72 78.30 -35.47
C TYR L 67 -84.27 79.66 -35.89
N VAL L 68 -84.64 79.79 -37.17
CA VAL L 68 -85.19 81.06 -37.65
C VAL L 68 -86.51 81.35 -36.94
N SER L 69 -87.32 80.31 -36.70
CA SER L 69 -88.57 80.51 -35.98
C SER L 69 -88.30 81.01 -34.56
N SER L 70 -87.26 80.49 -33.92
CA SER L 70 -86.91 80.95 -32.59
C SER L 70 -86.56 82.43 -32.59
N LEU L 71 -85.84 82.90 -33.62
CA LEU L 71 -85.58 84.31 -33.76
C LEU L 71 -86.79 85.06 -34.29
N VAL L 72 -87.59 84.42 -35.13
CA VAL L 72 -88.80 85.06 -35.64
C VAL L 72 -89.78 85.25 -34.48
N GLU L 73 -90.35 86.43 -34.38
CA GLU L 73 -91.30 86.73 -33.32
C GLU L 73 -92.40 87.65 -33.86
N PRO L 74 -93.64 87.17 -34.01
CA PRO L 74 -94.71 88.05 -34.49
C PRO L 74 -94.96 89.22 -33.55
N GLY L 78 -90.38 90.34 -37.66
CA GLY L 78 -90.43 91.05 -38.93
C GLY L 78 -89.12 91.00 -39.68
N GLN L 79 -88.01 91.06 -38.94
CA GLN L 79 -86.70 91.05 -39.57
C GLN L 79 -86.51 89.82 -40.43
N PHE L 80 -86.50 88.64 -39.81
CA PHE L 80 -86.20 87.39 -40.50
C PHE L 80 -87.43 86.70 -41.06
N ASP L 81 -88.57 87.39 -41.10
CA ASP L 81 -89.80 86.75 -41.56
C ASP L 81 -89.69 86.33 -43.03
N GLN L 82 -89.16 87.19 -43.88
CA GLN L 82 -89.14 86.89 -45.31
C GLN L 82 -88.25 85.69 -45.60
N VAL L 83 -87.08 85.63 -44.97
CA VAL L 83 -86.22 84.46 -45.16
C VAL L 83 -86.88 83.23 -44.57
N LEU L 84 -87.59 83.39 -43.44
CA LEU L 84 -88.32 82.26 -42.89
C LEU L 84 -89.26 81.68 -43.93
N ASN L 85 -90.07 82.55 -44.55
CA ASN L 85 -91.01 82.07 -45.56
C ASN L 85 -90.28 81.46 -46.75
N LEU L 86 -89.19 82.09 -47.19
CA LEU L 86 -88.48 81.59 -48.36
C LEU L 86 -87.94 80.19 -48.13
N CYS L 87 -87.26 79.98 -47.00
CA CYS L 87 -86.72 78.67 -46.72
C CYS L 87 -87.81 77.67 -46.36
N LEU L 88 -88.92 78.14 -45.76
CA LEU L 88 -90.08 77.28 -45.57
C LEU L 88 -90.55 76.73 -46.90
N THR L 89 -90.70 77.60 -47.89
CA THR L 89 -91.18 77.16 -49.20
C THR L 89 -90.16 76.25 -49.87
N GLU L 90 -88.87 76.56 -49.76
CA GLU L 90 -87.86 75.70 -50.38
C GLU L 90 -87.89 74.31 -49.77
N PHE L 91 -87.96 74.23 -48.44
CA PHE L 91 -88.03 72.93 -47.76
C PHE L 91 -89.28 72.17 -48.18
N GLU L 92 -90.42 72.85 -48.23
CA GLU L 92 -91.65 72.19 -48.64
C GLU L 92 -91.54 71.66 -50.07
N ASN L 93 -91.01 72.46 -50.98
CA ASN L 93 -91.01 72.08 -52.39
C ASN L 93 -89.99 71.00 -52.69
N CYS L 94 -88.91 70.93 -51.92
CA CYS L 94 -87.91 69.89 -52.19
C CYS L 94 -88.24 68.60 -51.44
N TYR L 95 -88.67 68.70 -50.19
CA TYR L 95 -88.83 67.52 -49.35
C TYR L 95 -90.29 67.14 -49.11
N LEU L 96 -91.21 68.10 -49.08
CA LEU L 96 -92.64 67.80 -48.93
C LEU L 96 -93.30 67.90 -50.29
N GLU L 97 -93.19 66.83 -51.06
CA GLU L 97 -93.74 66.79 -52.41
C GLU L 97 -95.25 66.71 -52.36
N GLY L 98 -95.91 67.80 -51.96
CA GLY L 98 -97.35 67.78 -51.84
C GLY L 98 -97.83 66.71 -50.88
N ASN L 99 -97.10 66.48 -49.79
CA ASN L 99 -97.42 65.44 -48.83
C ASN L 99 -97.26 66.01 -47.43
N ASP L 100 -97.94 65.39 -46.47
CA ASP L 100 -97.93 65.87 -45.10
C ASP L 100 -96.56 65.68 -44.46
N ILE L 101 -96.26 66.52 -43.47
CA ILE L 101 -94.97 66.44 -42.79
C ILE L 101 -94.79 65.08 -42.14
N HIS L 102 -95.87 64.50 -41.63
CA HIS L 102 -95.78 63.20 -40.99
C HIS L 102 -95.37 62.13 -42.00
N ALA L 103 -95.82 62.25 -43.25
CA ALA L 103 -95.35 61.34 -44.28
C ALA L 103 -93.84 61.45 -44.47
N LEU L 104 -93.32 62.68 -44.48
CA LEU L 104 -91.88 62.86 -44.60
C LEU L 104 -91.14 62.26 -43.43
N ALA L 105 -91.65 62.47 -42.20
CA ALA L 105 -90.99 61.90 -41.03
C ALA L 105 -90.98 60.38 -41.10
N ALA L 106 -92.10 59.78 -41.49
CA ALA L 106 -92.17 58.33 -41.63
C ALA L 106 -91.19 57.85 -42.69
N LYS L 107 -91.08 58.57 -43.80
CA LYS L 107 -90.11 58.20 -44.82
C LYS L 107 -88.70 58.23 -44.26
N LEU L 108 -88.37 59.30 -43.53
CA LEU L 108 -87.02 59.43 -42.98
C LEU L 108 -86.72 58.30 -42.01
N LEU L 109 -87.69 57.93 -41.19
CA LEU L 109 -87.49 56.80 -40.28
C LEU L 109 -87.28 55.51 -41.05
N GLN L 110 -88.19 55.19 -41.98
CA GLN L 110 -88.20 53.88 -42.60
C GLN L 110 -86.99 53.68 -43.49
N GLU L 111 -86.72 54.64 -44.37
CA GLU L 111 -85.68 54.44 -45.38
C GLU L 111 -84.33 54.93 -44.88
N ASN L 112 -84.24 56.20 -44.51
CA ASN L 112 -82.99 56.74 -43.99
C ASN L 112 -82.76 56.25 -42.57
N ASP L 113 -81.51 56.37 -42.11
CA ASP L 113 -81.12 55.95 -40.76
C ASP L 113 -81.22 57.15 -39.82
N THR L 114 -82.45 57.57 -39.57
CA THR L 114 -82.76 58.66 -38.65
C THR L 114 -83.46 58.11 -37.42
N THR L 115 -83.14 58.70 -36.26
CA THR L 115 -83.76 58.30 -35.01
C THR L 115 -85.15 58.91 -34.88
N LEU L 116 -86.01 58.21 -34.16
CA LEU L 116 -87.37 58.68 -33.96
C LEU L 116 -87.37 60.07 -33.33
N VAL L 117 -86.43 60.32 -32.42
CA VAL L 117 -86.36 61.61 -31.75
C VAL L 117 -86.05 62.71 -32.76
N LYS L 118 -85.12 62.45 -33.68
CA LYS L 118 -84.79 63.45 -34.69
C LYS L 118 -85.98 63.75 -35.58
N THR L 119 -86.74 62.72 -35.95
CA THR L 119 -87.93 62.94 -36.78
C THR L 119 -88.96 63.77 -36.03
N LYS L 120 -89.18 63.48 -34.74
CA LYS L 120 -90.08 64.31 -33.96
C LYS L 120 -89.61 65.74 -33.90
N GLU L 121 -88.30 65.95 -33.76
CA GLU L 121 -87.76 67.30 -33.73
C GLU L 121 -87.99 68.01 -35.07
N LEU L 122 -87.83 67.29 -36.18
CA LEU L 122 -88.09 67.87 -37.48
C LEU L 122 -89.55 68.28 -37.62
N ILE L 123 -90.46 67.41 -37.17
CA ILE L 123 -91.88 67.73 -37.20
C ILE L 123 -92.14 68.99 -36.38
N LYS L 124 -91.56 69.04 -35.18
CA LYS L 124 -91.73 70.21 -34.32
C LYS L 124 -91.27 71.48 -35.00
N ASN L 125 -90.05 71.45 -35.55
CA ASN L 125 -89.52 72.63 -36.22
C ASN L 125 -90.45 73.07 -37.35
N TYR L 126 -90.81 72.15 -38.24
CA TYR L 126 -91.60 72.52 -39.40
C TYR L 126 -92.95 73.08 -38.99
N ILE L 127 -93.62 72.43 -38.02
CA ILE L 127 -94.97 72.86 -37.67
C ILE L 127 -94.94 74.20 -36.95
N THR L 128 -93.99 74.37 -36.03
CA THR L 128 -93.90 75.63 -35.31
C THR L 128 -93.54 76.77 -36.27
N ALA L 129 -92.69 76.50 -37.26
CA ALA L 129 -92.37 77.51 -38.26
C ALA L 129 -93.61 77.85 -39.09
N ARG L 130 -94.34 76.82 -39.54
CA ARG L 130 -95.54 77.07 -40.33
C ARG L 130 -96.50 77.98 -39.59
N ILE L 131 -96.71 77.72 -38.29
CA ILE L 131 -97.61 78.60 -37.55
C ILE L 131 -97.00 79.98 -37.39
N MET L 132 -95.70 80.05 -37.11
CA MET L 132 -95.07 81.35 -36.86
C MET L 132 -95.04 82.22 -38.11
N ALA L 133 -95.10 81.61 -39.29
CA ALA L 133 -95.01 82.35 -40.55
C ALA L 133 -96.38 82.74 -41.10
N LYS L 134 -97.41 82.78 -40.25
CA LYS L 134 -98.75 83.16 -40.67
C LYS L 134 -99.24 82.27 -41.81
N ARG L 135 -98.87 81.00 -41.77
CA ARG L 135 -99.30 80.00 -42.75
C ARG L 135 -99.93 78.83 -42.00
N PRO L 136 -101.04 79.06 -41.32
CA PRO L 136 -101.70 77.97 -40.60
C PRO L 136 -102.19 76.88 -41.53
N PHE L 137 -102.82 75.86 -40.98
CA PHE L 137 -103.29 74.75 -41.80
C PHE L 137 -104.78 74.90 -42.06
N ASP L 138 -105.24 76.13 -42.22
CA ASP L 138 -106.66 76.40 -42.45
C ASP L 138 -107.17 75.66 -43.68
N LYS L 139 -106.40 75.66 -44.77
CA LYS L 139 -106.80 74.93 -45.95
C LYS L 139 -106.97 73.45 -45.64
N LYS L 140 -108.10 72.88 -46.05
CA LYS L 140 -108.38 71.48 -45.78
C LYS L 140 -107.38 70.60 -46.51
N SER L 141 -107.02 69.48 -45.87
CA SER L 141 -106.11 68.52 -46.45
C SER L 141 -106.84 67.68 -47.48
N ASN L 142 -106.05 66.95 -48.28
CA ASN L 142 -106.57 65.96 -49.22
C ASN L 142 -106.01 64.58 -48.88
N SER L 143 -105.98 64.25 -47.59
CA SER L 143 -105.54 62.94 -47.17
C SER L 143 -106.37 61.86 -47.83
N ALA L 144 -105.71 60.79 -48.27
CA ALA L 144 -106.42 59.74 -48.98
C ALA L 144 -107.53 59.14 -48.14
N LEU L 145 -107.29 58.96 -46.84
CA LEU L 145 -108.27 58.32 -45.98
C LEU L 145 -109.56 59.12 -45.91
N PHE L 146 -109.46 60.42 -45.63
CA PHE L 146 -110.67 61.21 -45.49
C PHE L 146 -111.34 61.46 -46.84
N ARG L 147 -110.56 61.52 -47.92
CA ARG L 147 -111.17 61.55 -49.25
C ARG L 147 -112.01 60.30 -49.47
N ALA L 148 -111.46 59.14 -49.12
CA ALA L 148 -112.22 57.90 -49.28
C ALA L 148 -113.48 57.92 -48.44
N VAL L 149 -113.38 58.42 -47.20
CA VAL L 149 -114.56 58.49 -46.35
C VAL L 149 -115.63 59.37 -47.00
N GLY L 150 -115.22 60.54 -47.48
CA GLY L 150 -116.18 61.42 -48.13
C GLY L 150 -116.83 60.78 -49.34
N GLU L 151 -116.04 60.06 -50.14
CA GLU L 151 -116.57 59.39 -51.33
C GLU L 151 -117.44 58.18 -50.99
N GLY L 152 -117.51 57.80 -49.71
CA GLY L 152 -118.24 56.61 -49.31
C GLY L 152 -117.44 55.33 -49.34
N ASN L 153 -116.16 55.40 -49.70
CA ASN L 153 -115.35 54.19 -49.81
C ASN L 153 -115.00 53.62 -48.45
N ALA L 154 -114.95 54.44 -47.40
CA ALA L 154 -114.49 54.02 -46.09
C ALA L 154 -115.40 54.55 -44.99
N GLN L 155 -115.42 53.82 -43.87
CA GLN L 155 -116.18 54.20 -42.68
C GLN L 155 -115.23 54.28 -41.51
N LEU L 156 -115.33 55.35 -40.72
CA LEU L 156 -114.42 55.60 -39.62
C LEU L 156 -115.17 55.59 -38.30
N VAL L 157 -114.61 54.89 -37.32
CA VAL L 157 -115.09 54.91 -35.94
C VAL L 157 -113.89 55.21 -35.04
N ALA L 158 -114.07 56.11 -34.08
CA ALA L 158 -113.00 56.52 -33.19
C ALA L 158 -113.19 55.86 -31.83
N ILE L 159 -112.09 55.31 -31.30
CA ILE L 159 -112.11 54.63 -30.02
C ILE L 159 -111.08 55.29 -29.11
N PHE L 160 -111.40 55.35 -27.82
CA PHE L 160 -110.54 55.97 -26.81
C PHE L 160 -110.26 54.95 -25.71
N GLY L 161 -108.99 54.77 -25.39
CA GLY L 161 -108.58 53.83 -24.37
C GLY L 161 -108.80 54.39 -22.98
N GLY L 162 -108.15 53.75 -22.00
CA GLY L 162 -108.25 54.16 -20.62
C GLY L 162 -107.08 53.73 -19.78
N GLN L 163 -107.33 53.37 -18.53
CA GLN L 163 -106.26 52.94 -17.65
C GLN L 163 -105.74 51.57 -18.05
N GLY L 164 -104.49 51.30 -17.68
CA GLY L 164 -103.89 50.00 -17.82
C GLY L 164 -103.02 49.82 -19.04
N ASN L 165 -103.13 50.71 -20.03
CA ASN L 165 -102.40 50.52 -21.28
C ASN L 165 -100.89 50.63 -21.06
N THR L 166 -100.46 51.55 -20.20
CA THR L 166 -99.04 51.78 -19.98
C THR L 166 -98.84 52.36 -18.59
N ASP L 167 -97.61 52.28 -18.11
CA ASP L 167 -97.23 52.76 -16.80
C ASP L 167 -96.62 54.15 -16.82
N ASP L 168 -96.47 54.76 -18.00
CA ASP L 168 -95.67 55.97 -18.13
C ASP L 168 -96.37 56.97 -19.05
N TYR L 169 -97.69 57.05 -18.95
CA TYR L 169 -98.49 57.86 -19.86
C TYR L 169 -98.08 59.33 -19.83
N PHE L 170 -97.63 59.83 -18.68
CA PHE L 170 -97.24 61.22 -18.61
C PHE L 170 -96.13 61.53 -19.60
N GLU L 171 -95.35 60.52 -20.00
CA GLU L 171 -94.37 60.73 -21.05
C GLU L 171 -95.04 61.04 -22.38
N GLU L 172 -96.14 60.35 -22.68
CA GLU L 172 -96.89 60.67 -23.88
C GLU L 172 -97.45 62.08 -23.81
N LEU L 173 -97.96 62.48 -22.64
CA LEU L 173 -98.41 63.87 -22.50
C LEU L 173 -97.26 64.84 -22.72
N ARG L 174 -96.08 64.51 -22.20
CA ARG L 174 -94.92 65.37 -22.36
C ARG L 174 -94.54 65.54 -23.83
N ASP L 175 -94.49 64.43 -24.57
CA ASP L 175 -94.14 64.52 -25.99
C ASP L 175 -95.19 65.31 -26.76
N LEU L 176 -96.47 65.05 -26.47
CA LEU L 176 -97.54 65.76 -27.15
C LEU L 176 -97.48 67.26 -26.85
N TYR L 177 -96.97 67.62 -25.67
CA TYR L 177 -96.79 69.02 -25.32
C TYR L 177 -95.58 69.63 -26.05
N GLN L 178 -94.48 68.88 -26.09
CA GLN L 178 -93.24 69.43 -26.64
C GLN L 178 -93.32 69.57 -28.15
N THR L 179 -93.70 68.50 -28.85
CA THR L 179 -93.68 68.53 -30.31
C THR L 179 -94.78 69.45 -30.86
N TYR L 180 -95.99 69.35 -30.32
CA TYR L 180 -97.13 70.11 -30.81
C TYR L 180 -97.49 71.27 -29.90
N HIS L 181 -96.50 71.86 -29.24
CA HIS L 181 -96.76 72.95 -28.32
C HIS L 181 -97.65 74.00 -28.97
N VAL L 182 -97.38 74.33 -30.23
CA VAL L 182 -98.10 75.40 -30.90
C VAL L 182 -99.52 74.99 -31.30
N LEU L 183 -99.87 73.72 -31.20
CA LEU L 183 -101.23 73.26 -31.53
C LEU L 183 -102.08 72.93 -30.32
N VAL L 184 -101.47 72.46 -29.23
CA VAL L 184 -102.22 72.02 -28.07
C VAL L 184 -101.83 72.78 -26.80
N GLY L 185 -101.05 73.85 -26.93
CA GLY L 185 -100.67 74.61 -25.75
C GLY L 185 -101.88 75.21 -25.06
N ASP L 186 -102.78 75.82 -25.84
CA ASP L 186 -103.98 76.40 -25.24
C ASP L 186 -104.84 75.32 -24.60
N LEU L 187 -105.00 74.19 -25.26
CA LEU L 187 -105.79 73.09 -24.69
C LEU L 187 -105.22 72.65 -23.35
N ILE L 188 -103.91 72.42 -23.29
CA ILE L 188 -103.31 71.92 -22.06
C ILE L 188 -103.37 72.99 -20.98
N LYS L 189 -103.14 74.25 -21.32
CA LYS L 189 -103.18 75.32 -20.33
C LYS L 189 -104.59 75.46 -19.76
N PHE L 190 -105.60 75.42 -20.62
CA PHE L 190 -106.98 75.45 -20.14
C PHE L 190 -107.27 74.26 -19.24
N SER L 191 -106.74 73.09 -19.59
CA SER L 191 -106.94 71.90 -18.77
C SER L 191 -106.32 72.09 -17.39
N ALA L 192 -105.10 72.59 -17.33
CA ALA L 192 -104.45 72.82 -16.04
C ALA L 192 -105.23 73.83 -15.21
N GLU L 193 -105.67 74.92 -15.85
CA GLU L 193 -106.38 75.97 -15.11
C GLU L 193 -107.69 75.45 -14.53
N THR L 194 -108.48 74.75 -15.35
CA THR L 194 -109.73 74.20 -14.86
C THR L 194 -109.51 73.12 -13.81
N LEU L 195 -108.45 72.32 -13.95
CA LEU L 195 -108.16 71.31 -12.93
C LEU L 195 -107.82 71.98 -11.61
N SER L 196 -106.99 73.03 -11.63
CA SER L 196 -106.64 73.72 -10.41
C SER L 196 -107.87 74.36 -9.78
N GLU L 197 -108.74 74.95 -10.59
CA GLU L 197 -109.97 75.54 -10.06
C GLU L 197 -110.86 74.47 -9.42
N LEU L 198 -110.98 73.32 -10.07
CA LEU L 198 -111.78 72.24 -9.49
C LEU L 198 -111.18 71.76 -8.17
N ILE L 199 -109.85 71.66 -8.12
CA ILE L 199 -109.19 71.27 -6.87
C ILE L 199 -109.53 72.26 -5.78
N ARG L 200 -109.39 73.54 -6.07
CA ARG L 200 -109.63 74.57 -5.06
C ARG L 200 -111.07 74.57 -4.60
N THR L 201 -112.01 74.41 -5.53
CA THR L 201 -113.43 74.44 -5.17
C THR L 201 -113.89 73.15 -4.50
N THR L 202 -113.31 72.02 -4.89
CA THR L 202 -113.69 70.74 -4.29
C THR L 202 -113.23 70.69 -2.84
N LEU L 203 -114.04 70.04 -2.00
CA LEU L 203 -113.83 70.10 -0.56
C LEU L 203 -112.51 69.45 -0.15
N ASP L 204 -112.28 68.21 -0.55
CA ASP L 204 -111.14 67.44 -0.07
C ASP L 204 -110.14 67.10 -1.16
N ALA L 205 -110.19 67.81 -2.28
CA ALA L 205 -109.29 67.49 -3.39
C ALA L 205 -107.84 67.58 -2.95
N GLU L 206 -107.45 68.72 -2.37
CA GLU L 206 -106.05 68.90 -1.96
C GLU L 206 -105.60 67.81 -1.01
N LYS L 207 -106.52 67.25 -0.21
CA LYS L 207 -106.15 66.14 0.65
C LYS L 207 -105.65 64.96 -0.17
N VAL L 208 -106.35 64.66 -1.27
CA VAL L 208 -105.91 63.59 -2.17
C VAL L 208 -104.66 64.02 -2.92
N PHE L 209 -104.67 65.22 -3.48
CA PHE L 209 -103.55 65.73 -4.26
C PHE L 209 -102.48 66.23 -3.28
N THR L 210 -101.74 65.27 -2.73
CA THR L 210 -100.70 65.62 -1.75
C THR L 210 -99.58 66.43 -2.39
N GLN L 211 -99.19 66.09 -3.61
CA GLN L 211 -98.07 66.75 -4.27
C GLN L 211 -98.52 67.80 -5.29
N GLY L 212 -99.82 68.11 -5.33
CA GLY L 212 -100.32 69.13 -6.23
C GLY L 212 -100.59 68.61 -7.63
N LEU L 213 -101.18 69.48 -8.44
CA LEU L 213 -101.54 69.15 -9.82
C LEU L 213 -101.13 70.28 -10.75
N ASN L 214 -99.87 70.71 -10.62
CA ASN L 214 -99.30 71.74 -11.50
C ASN L 214 -98.67 71.05 -12.71
N ILE L 215 -99.52 70.66 -13.66
CA ILE L 215 -99.04 69.89 -14.80
C ILE L 215 -98.13 70.74 -15.67
N LEU L 216 -98.41 72.04 -15.78
CA LEU L 216 -97.54 72.92 -16.57
C LEU L 216 -96.13 72.94 -15.99
N GLU L 217 -96.01 73.02 -14.67
CA GLU L 217 -94.70 72.99 -14.04
C GLU L 217 -93.98 71.68 -14.33
N TRP L 218 -94.69 70.56 -14.24
CA TRP L 218 -94.05 69.26 -14.49
C TRP L 218 -93.58 69.15 -15.94
N LEU L 219 -94.42 69.57 -16.88
CA LEU L 219 -94.03 69.51 -18.27
C LEU L 219 -92.83 70.41 -18.54
N GLU L 220 -92.80 71.58 -17.91
CA GLU L 220 -91.67 72.49 -18.12
C GLU L 220 -90.37 71.90 -17.58
N ASN L 221 -90.41 71.35 -16.36
CA ASN L 221 -89.22 70.83 -15.69
C ASN L 221 -89.41 69.36 -15.35
N PRO L 222 -88.90 68.45 -16.18
CA PRO L 222 -89.00 67.02 -15.82
C PRO L 222 -88.32 66.69 -14.52
N SER L 223 -87.31 67.47 -14.13
CA SER L 223 -86.55 67.15 -12.92
C SER L 223 -87.43 67.22 -11.68
N ASN L 224 -88.38 68.14 -11.66
CA ASN L 224 -89.30 68.31 -10.53
C ASN L 224 -90.69 67.78 -10.84
N THR L 225 -90.79 66.71 -11.62
CA THR L 225 -92.04 66.01 -11.83
C THR L 225 -92.19 64.90 -10.79
N PRO L 226 -93.34 64.78 -10.12
CA PRO L 226 -93.51 63.72 -9.12
C PRO L 226 -93.16 62.35 -9.69
N ASP L 227 -93.02 61.39 -8.78
CA ASP L 227 -92.61 60.05 -9.18
C ASP L 227 -93.76 59.33 -9.90
N LYS L 228 -93.42 58.18 -10.47
CA LYS L 228 -94.37 57.48 -11.33
C LYS L 228 -95.61 57.06 -10.55
N ASP L 229 -95.44 56.58 -9.32
CA ASP L 229 -96.57 56.05 -8.57
C ASP L 229 -97.59 57.14 -8.25
N TYR L 230 -97.12 58.35 -7.91
CA TYR L 230 -98.06 59.43 -7.63
C TYR L 230 -98.79 59.87 -8.88
N LEU L 231 -98.09 59.91 -10.02
CA LEU L 231 -98.75 60.21 -11.28
C LEU L 231 -99.82 59.18 -11.60
N LEU L 232 -99.53 57.91 -11.32
CA LEU L 232 -100.42 56.83 -11.70
C LEU L 232 -101.67 56.80 -10.83
N SER L 233 -101.65 57.43 -9.66
CA SER L 233 -102.85 57.48 -8.83
C SER L 233 -104.01 58.09 -9.60
N ILE L 234 -105.17 57.44 -9.52
CA ILE L 234 -106.27 57.76 -10.43
C ILE L 234 -106.70 59.22 -10.35
N PRO L 235 -106.71 59.88 -9.19
CA PRO L 235 -107.09 61.30 -9.19
C PRO L 235 -106.23 62.14 -10.11
N ILE L 236 -105.00 61.70 -10.37
CA ILE L 236 -104.16 62.34 -11.37
C ILE L 236 -104.42 61.76 -12.76
N SER L 237 -104.35 60.43 -12.90
CA SER L 237 -104.25 59.84 -14.23
C SER L 237 -105.58 59.87 -14.98
N CYS L 238 -106.71 59.95 -14.30
CA CYS L 238 -107.98 59.99 -15.02
C CYS L 238 -108.09 61.25 -15.85
N PRO L 239 -108.14 62.46 -15.26
CA PRO L 239 -108.18 63.67 -16.09
C PRO L 239 -106.98 63.82 -17.00
N LEU L 240 -105.79 63.38 -16.59
CA LEU L 240 -104.63 63.52 -17.47
C LEU L 240 -104.78 62.68 -18.72
N ILE L 241 -105.29 61.45 -18.60
CA ILE L 241 -105.49 60.62 -19.77
C ILE L 241 -106.59 61.22 -20.65
N GLY L 242 -107.63 61.78 -20.03
CA GLY L 242 -108.62 62.50 -20.81
C GLY L 242 -108.01 63.65 -21.61
N VAL L 243 -107.12 64.41 -20.98
CA VAL L 243 -106.47 65.52 -21.65
C VAL L 243 -105.60 65.01 -22.79
N ILE L 244 -104.88 63.91 -22.57
CA ILE L 244 -104.04 63.34 -23.62
C ILE L 244 -104.89 63.00 -24.85
N GLN L 245 -106.03 62.35 -24.60
CA GLN L 245 -106.90 61.97 -25.71
C GLN L 245 -107.46 63.19 -26.42
N LEU L 246 -107.88 64.20 -25.66
CA LEU L 246 -108.41 65.41 -26.28
C LEU L 246 -107.34 66.12 -27.10
N ALA L 247 -106.10 66.13 -26.60
CA ALA L 247 -105.01 66.78 -27.32
C ALA L 247 -104.70 66.05 -28.63
N HIS L 248 -104.72 64.71 -28.60
CA HIS L 248 -104.50 63.97 -29.84
C HIS L 248 -105.62 64.23 -30.83
N TYR L 249 -106.87 64.28 -30.36
CA TYR L 249 -107.98 64.63 -31.23
C TYR L 249 -107.77 66.02 -31.84
N VAL L 250 -107.27 66.95 -31.04
CA VAL L 250 -107.06 68.31 -31.52
C VAL L 250 -106.00 68.35 -32.61
N VAL L 251 -104.88 67.67 -32.41
CA VAL L 251 -103.81 67.70 -33.40
C VAL L 251 -104.33 67.16 -34.73
N THR L 252 -104.99 66.02 -34.70
CA THR L 252 -105.52 65.45 -35.91
C THR L 252 -106.36 66.46 -36.64
N ALA L 253 -107.33 67.05 -35.95
CA ALA L 253 -108.22 68.02 -36.58
C ALA L 253 -107.43 69.18 -37.14
N LYS L 254 -106.57 69.75 -36.32
CA LYS L 254 -105.79 70.91 -36.75
C LYS L 254 -104.95 70.62 -37.98
N LEU L 255 -104.24 69.49 -38.00
CA LEU L 255 -103.39 69.15 -39.12
C LEU L 255 -104.21 68.94 -40.37
N LEU L 256 -105.41 68.37 -40.22
CA LEU L 256 -106.27 68.12 -41.36
C LEU L 256 -107.00 69.37 -41.75
N GLY L 257 -106.68 70.49 -41.10
CA GLY L 257 -107.32 71.74 -41.41
C GLY L 257 -108.81 71.62 -41.21
N PHE L 258 -109.21 70.89 -40.17
CA PHE L 258 -110.62 70.71 -39.88
C PHE L 258 -111.01 71.17 -38.51
N THR L 259 -112.25 71.55 -38.35
CA THR L 259 -112.75 71.87 -37.02
C THR L 259 -113.15 70.58 -36.31
N PRO L 260 -113.25 70.60 -34.98
CA PRO L 260 -113.69 69.38 -34.28
C PRO L 260 -115.03 68.87 -34.80
N GLY L 261 -115.94 69.78 -35.13
CA GLY L 261 -117.23 69.37 -35.67
C GLY L 261 -117.10 68.64 -36.99
N GLU L 262 -116.24 69.14 -37.89
CA GLU L 262 -116.08 68.48 -39.19
C GLU L 262 -115.47 67.09 -39.02
N LEU L 263 -114.43 66.98 -38.20
CA LEU L 263 -113.80 65.68 -37.98
C LEU L 263 -114.80 64.71 -37.37
N ARG L 264 -115.61 65.17 -36.41
CA ARG L 264 -116.61 64.29 -35.83
C ARG L 264 -117.67 63.91 -36.87
N SER L 265 -118.01 64.83 -37.78
CA SER L 265 -118.97 64.50 -38.82
C SER L 265 -118.42 63.45 -39.76
N TYR L 266 -117.10 63.41 -39.95
CA TYR L 266 -116.50 62.35 -40.76
C TYR L 266 -116.58 60.98 -40.11
N LEU L 267 -116.97 60.88 -38.83
CA LEU L 267 -116.94 59.62 -38.12
C LEU L 267 -118.30 58.95 -38.13
N LYS L 268 -118.32 57.64 -38.35
CA LYS L 268 -119.56 56.88 -38.30
C LYS L 268 -120.04 56.70 -36.86
N GLY L 269 -119.12 56.73 -35.91
CA GLY L 269 -119.48 56.59 -34.51
C GLY L 269 -118.24 56.67 -33.65
N ALA L 270 -118.46 56.57 -32.34
CA ALA L 270 -117.36 56.67 -31.40
C ALA L 270 -117.71 55.86 -30.16
N THR L 271 -116.67 55.46 -29.42
CA THR L 271 -116.87 54.73 -28.18
C THR L 271 -115.53 54.72 -27.45
N GLY L 272 -115.54 54.19 -26.23
CA GLY L 272 -114.36 54.24 -25.39
C GLY L 272 -114.30 53.05 -24.47
N HIS L 273 -113.08 52.74 -24.03
CA HIS L 273 -112.80 51.58 -23.20
C HIS L 273 -112.73 52.04 -21.74
N SER L 274 -113.84 51.85 -21.02
CA SER L 274 -113.94 52.30 -19.63
C SER L 274 -113.89 53.82 -19.54
N GLN L 275 -112.75 54.37 -19.12
CA GLN L 275 -112.64 55.81 -18.93
C GLN L 275 -112.74 56.55 -20.26
N GLY L 276 -112.37 55.90 -21.36
CA GLY L 276 -112.38 56.56 -22.66
C GLY L 276 -113.77 56.93 -23.15
N LEU L 277 -114.81 56.33 -22.57
CA LEU L 277 -116.17 56.63 -23.00
C LEU L 277 -116.51 58.10 -22.77
N VAL L 278 -115.98 58.69 -21.70
CA VAL L 278 -116.24 60.10 -21.43
C VAL L 278 -115.65 60.96 -22.54
N THR L 279 -114.40 60.67 -22.92
CA THR L 279 -113.80 61.40 -24.05
C THR L 279 -114.61 61.19 -25.31
N ALA L 280 -115.12 59.98 -25.51
CA ALA L 280 -115.89 59.70 -26.73
C ALA L 280 -117.13 60.59 -26.79
N VAL L 281 -117.89 60.65 -25.71
CA VAL L 281 -119.11 61.45 -25.73
C VAL L 281 -118.77 62.94 -25.82
N ALA L 282 -117.71 63.37 -25.14
CA ALA L 282 -117.31 64.77 -25.21
C ALA L 282 -116.92 65.16 -26.63
N ILE L 283 -116.15 64.32 -27.31
CA ILE L 283 -115.80 64.57 -28.70
C ILE L 283 -117.05 64.62 -29.56
N ALA L 284 -117.97 63.69 -29.33
CA ALA L 284 -119.23 63.71 -30.07
C ALA L 284 -119.99 65.00 -29.82
N GLU L 285 -119.71 65.69 -28.72
CA GLU L 285 -120.39 66.96 -28.42
C GLU L 285 -119.88 68.13 -29.27
N THR L 286 -118.63 68.09 -29.68
CA THR L 286 -117.98 69.27 -30.24
C THR L 286 -118.66 69.75 -31.51
N ASP L 287 -118.66 71.06 -31.72
CA ASP L 287 -119.20 71.65 -32.95
C ASP L 287 -118.22 72.58 -33.64
N SER L 288 -117.51 73.42 -32.90
CA SER L 288 -116.54 74.34 -33.48
C SER L 288 -115.48 74.66 -32.43
N TRP L 289 -114.44 75.38 -32.84
CA TRP L 289 -113.34 75.64 -31.93
C TRP L 289 -113.72 76.48 -30.72
N GLU L 290 -114.82 77.23 -30.80
CA GLU L 290 -115.26 77.99 -29.63
C GLU L 290 -115.85 77.07 -28.57
N SER L 291 -116.75 76.17 -28.96
CA SER L 291 -117.39 75.26 -28.01
C SER L 291 -116.50 74.08 -27.63
N PHE L 292 -115.34 73.93 -28.27
CA PHE L 292 -114.48 72.81 -27.92
C PHE L 292 -114.00 72.91 -26.48
N PHE L 293 -113.66 74.10 -26.01
CA PHE L 293 -113.25 74.23 -24.61
C PHE L 293 -114.40 73.90 -23.66
N VAL L 294 -115.63 74.24 -24.03
CA VAL L 294 -116.78 73.83 -23.22
C VAL L 294 -116.83 72.31 -23.10
N SER L 295 -116.72 71.62 -24.23
CA SER L 295 -116.74 70.16 -24.21
C SER L 295 -115.58 69.61 -23.38
N VAL L 296 -114.40 70.21 -23.53
CA VAL L 296 -113.22 69.76 -22.80
C VAL L 296 -113.42 69.92 -21.31
N ARG L 297 -113.98 71.05 -20.89
CA ARG L 297 -114.25 71.26 -19.47
C ARG L 297 -115.22 70.20 -18.96
N LYS L 298 -116.29 69.93 -19.71
CA LYS L 298 -117.21 68.86 -19.31
C LYS L 298 -116.47 67.54 -19.08
N ALA L 299 -115.65 67.14 -20.06
CA ALA L 299 -115.00 65.84 -19.98
C ALA L 299 -114.04 65.77 -18.80
N ILE L 300 -113.15 66.76 -18.68
CA ILE L 300 -112.13 66.67 -17.64
C ILE L 300 -112.75 66.89 -16.27
N THR L 301 -113.87 67.62 -16.17
CA THR L 301 -114.58 67.68 -14.91
C THR L 301 -115.07 66.29 -14.50
N VAL L 302 -115.71 65.59 -15.43
CA VAL L 302 -116.21 64.26 -15.12
C VAL L 302 -115.05 63.35 -14.69
N LEU L 303 -113.95 63.38 -15.43
CA LEU L 303 -112.82 62.51 -15.11
C LEU L 303 -112.19 62.89 -13.78
N PHE L 304 -112.02 64.18 -13.51
CA PHE L 304 -111.45 64.62 -12.24
C PHE L 304 -112.29 64.11 -11.08
N PHE L 305 -113.60 64.22 -11.18
CA PHE L 305 -114.44 63.79 -10.07
C PHE L 305 -114.49 62.26 -9.98
N ILE L 306 -114.46 61.55 -11.11
CA ILE L 306 -114.34 60.10 -11.05
C ILE L 306 -113.08 59.72 -10.29
N GLY L 307 -111.94 60.30 -10.66
CA GLY L 307 -110.71 59.98 -9.97
C GLY L 307 -110.79 60.27 -8.49
N VAL L 308 -111.30 61.45 -8.14
CA VAL L 308 -111.30 61.86 -6.73
C VAL L 308 -112.19 60.93 -5.91
N ARG L 309 -113.44 60.72 -6.35
CA ARG L 309 -114.36 59.94 -5.54
C ARG L 309 -113.99 58.46 -5.53
N CYS L 310 -113.49 57.94 -6.66
CA CYS L 310 -113.11 56.54 -6.69
C CYS L 310 -111.83 56.28 -5.90
N TYR L 311 -110.96 57.27 -5.76
CA TYR L 311 -109.82 57.11 -4.88
C TYR L 311 -110.24 57.22 -3.43
N GLU L 312 -111.19 58.11 -3.12
CA GLU L 312 -111.68 58.21 -1.75
C GLU L 312 -112.39 56.94 -1.32
N ALA L 313 -113.16 56.33 -2.23
CA ALA L 313 -113.92 55.14 -1.86
C ALA L 313 -113.00 53.98 -1.52
N TYR L 314 -111.98 53.72 -2.34
CA TYR L 314 -111.07 52.61 -2.14
C TYR L 314 -109.63 53.06 -2.34
N PRO L 315 -109.07 53.81 -1.38
CA PRO L 315 -107.67 54.24 -1.50
C PRO L 315 -106.71 53.07 -1.38
N ASN L 316 -105.57 53.21 -2.04
CA ASN L 316 -104.58 52.15 -2.03
C ASN L 316 -103.81 52.13 -0.72
N THR L 317 -103.44 50.93 -0.28
CA THR L 317 -102.72 50.73 0.96
C THR L 317 -101.55 49.79 0.70
N SER L 318 -100.53 49.90 1.56
CA SER L 318 -99.32 49.12 1.37
C SER L 318 -99.61 47.63 1.46
N LEU L 319 -98.92 46.86 0.65
CA LEU L 319 -98.99 45.41 0.70
C LEU L 319 -97.84 44.85 1.52
N PRO L 320 -98.06 43.76 2.24
CA PRO L 320 -96.96 43.14 3.00
C PRO L 320 -95.78 42.84 2.09
N PRO L 321 -94.56 43.19 2.51
CA PRO L 321 -93.40 42.96 1.63
C PRO L 321 -93.19 41.49 1.29
N SER L 322 -93.63 40.57 2.14
CA SER L 322 -93.47 39.16 1.81
C SER L 322 -94.21 38.82 0.53
N ILE L 323 -95.42 39.36 0.36
CA ILE L 323 -96.19 39.12 -0.85
C ILE L 323 -95.51 39.74 -2.06
N LEU L 324 -94.97 40.95 -1.91
CA LEU L 324 -94.23 41.56 -3.00
C LEU L 324 -93.07 40.67 -3.42
N GLU L 325 -92.31 40.17 -2.45
CA GLU L 325 -91.16 39.32 -2.77
C GLU L 325 -91.61 38.04 -3.45
N ASP L 326 -92.67 37.40 -2.93
CA ASP L 326 -93.17 36.17 -3.54
C ASP L 326 -93.61 36.41 -4.98
N SER L 327 -94.30 37.52 -5.22
CA SER L 327 -94.76 37.82 -6.58
C SER L 327 -93.60 38.10 -7.51
N LEU L 328 -92.58 38.84 -7.07
CA LEU L 328 -91.45 39.12 -7.94
C LEU L 328 -90.67 37.85 -8.24
N GLU L 329 -90.48 36.98 -7.24
CA GLU L 329 -89.63 35.81 -7.43
C GLU L 329 -90.19 34.82 -8.42
N ASN L 330 -91.46 34.94 -8.79
CA ASN L 330 -92.08 34.03 -9.75
C ASN L 330 -92.45 34.76 -11.03
N ASN L 331 -91.54 35.60 -11.52
CA ASN L 331 -91.71 36.26 -12.81
C ASN L 331 -93.07 36.93 -12.92
N GLU L 332 -93.58 37.40 -11.80
CA GLU L 332 -94.87 38.07 -11.72
C GLU L 332 -94.61 39.54 -11.43
N GLY L 333 -95.61 40.38 -11.72
CA GLY L 333 -95.49 41.80 -11.53
C GLY L 333 -95.84 42.23 -10.11
N VAL L 334 -95.83 43.54 -9.91
CA VAL L 334 -96.26 44.10 -8.63
C VAL L 334 -97.79 43.99 -8.55
N PRO L 335 -98.33 43.45 -7.46
CA PRO L 335 -99.80 43.36 -7.35
C PRO L 335 -100.45 44.73 -7.44
N SER L 336 -101.66 44.73 -8.00
CA SER L 336 -102.45 45.92 -8.20
C SER L 336 -103.92 45.51 -8.21
N PRO L 337 -104.86 46.45 -8.29
CA PRO L 337 -106.28 46.09 -8.26
C PRO L 337 -106.85 45.56 -9.57
N MET L 338 -106.03 45.20 -10.55
CA MET L 338 -106.54 44.66 -11.81
C MET L 338 -105.55 43.65 -12.37
N LEU L 339 -106.02 42.42 -12.59
CA LEU L 339 -105.19 41.34 -13.07
C LEU L 339 -105.60 40.95 -14.49
N SER L 340 -104.63 40.88 -15.39
CA SER L 340 -104.86 40.50 -16.77
C SER L 340 -104.53 39.03 -16.97
N ILE L 341 -105.50 38.26 -17.47
CA ILE L 341 -105.34 36.83 -17.70
C ILE L 341 -105.58 36.56 -19.17
N SER L 342 -104.59 35.99 -19.84
CA SER L 342 -104.64 35.78 -21.28
C SER L 342 -104.60 34.29 -21.59
N ASN L 343 -105.25 33.92 -22.71
CA ASN L 343 -105.26 32.55 -23.22
C ASN L 343 -106.13 31.63 -22.36
N LEU L 344 -107.30 32.13 -21.98
CA LEU L 344 -108.25 31.32 -21.20
C LEU L 344 -109.66 31.84 -21.48
N THR L 345 -110.60 30.91 -21.57
CA THR L 345 -111.98 31.32 -21.85
C THR L 345 -112.59 32.00 -20.64
N GLN L 346 -113.64 32.78 -20.90
CA GLN L 346 -114.35 33.44 -19.80
C GLN L 346 -114.87 32.41 -18.81
N GLU L 347 -115.31 31.25 -19.29
CA GLU L 347 -115.82 30.23 -18.38
C GLU L 347 -114.74 29.75 -17.42
N GLN L 348 -113.52 29.49 -17.92
CA GLN L 348 -112.46 29.01 -17.06
C GLN L 348 -112.08 30.05 -16.02
N VAL L 349 -111.91 31.30 -16.46
CA VAL L 349 -111.55 32.37 -15.53
C VAL L 349 -112.64 32.55 -14.50
N GLN L 350 -113.91 32.46 -14.91
CA GLN L 350 -115.00 32.56 -13.96
C GLN L 350 -114.96 31.42 -12.97
N ASP L 351 -114.58 30.22 -13.44
CA ASP L 351 -114.45 29.08 -12.55
C ASP L 351 -113.41 29.35 -11.46
N TYR L 352 -112.24 29.82 -11.87
CA TYR L 352 -111.19 30.12 -10.90
C TYR L 352 -111.63 31.24 -9.97
N VAL L 353 -112.31 32.25 -10.51
CA VAL L 353 -112.78 33.36 -9.70
C VAL L 353 -113.76 32.87 -8.65
N ASN L 354 -114.68 31.99 -9.04
CA ASN L 354 -115.63 31.44 -8.09
C ASN L 354 -114.93 30.63 -7.01
N LYS L 355 -113.99 29.78 -7.41
CA LYS L 355 -113.23 29.01 -6.44
C LYS L 355 -112.58 29.91 -5.41
N THR L 356 -111.89 30.95 -5.88
CA THR L 356 -111.24 31.89 -4.95
C THR L 356 -112.27 32.60 -4.09
N ASN L 357 -113.37 33.05 -4.68
CA ASN L 357 -114.33 33.88 -3.97
C ASN L 357 -115.09 33.10 -2.91
N SER L 358 -115.18 31.78 -3.03
CA SER L 358 -115.86 31.01 -2.00
C SER L 358 -115.18 31.13 -0.65
N HIS L 359 -113.86 31.24 -0.63
CA HIS L 359 -113.09 31.31 0.61
C HIS L 359 -113.01 32.70 1.20
N LEU L 360 -113.54 33.72 0.52
CA LEU L 360 -113.34 35.11 0.90
C LEU L 360 -114.64 35.73 1.36
N PRO L 361 -114.58 36.76 2.20
CA PRO L 361 -115.79 37.48 2.61
C PRO L 361 -116.31 38.36 1.49
N ALA L 362 -117.51 38.90 1.71
CA ALA L 362 -118.20 39.63 0.65
C ALA L 362 -117.41 40.86 0.21
N GLY L 363 -116.82 41.58 1.16
CA GLY L 363 -116.15 42.83 0.85
C GLY L 363 -114.84 42.68 0.12
N LYS L 364 -114.26 41.47 0.11
CA LYS L 364 -112.97 41.24 -0.52
C LYS L 364 -113.08 40.41 -1.79
N GLN L 365 -114.29 40.13 -2.26
CA GLN L 365 -114.47 39.29 -3.44
C GLN L 365 -113.97 39.99 -4.69
N VAL L 366 -113.55 39.20 -5.67
CA VAL L 366 -113.05 39.70 -6.94
C VAL L 366 -114.09 39.40 -8.02
N GLU L 367 -113.87 39.96 -9.21
CA GLU L 367 -114.78 39.74 -10.32
C GLU L 367 -114.09 40.12 -11.62
N ILE L 368 -114.64 39.62 -12.72
CA ILE L 368 -114.14 39.97 -14.05
C ILE L 368 -114.64 41.37 -14.40
N SER L 369 -113.70 42.25 -14.73
CA SER L 369 -114.01 43.64 -15.08
C SER L 369 -114.03 43.86 -16.58
N LEU L 370 -112.93 43.55 -17.27
CA LEU L 370 -112.81 43.76 -18.71
C LEU L 370 -112.86 42.42 -19.43
N VAL L 371 -113.86 42.24 -20.27
CA VAL L 371 -113.88 41.12 -21.22
C VAL L 371 -113.31 41.69 -22.51
N ASN L 372 -112.00 41.63 -22.66
CA ASN L 372 -111.35 42.23 -23.81
C ASN L 372 -111.48 41.39 -25.07
N GLY L 373 -111.44 40.07 -24.93
CA GLY L 373 -111.55 39.19 -26.08
C GLY L 373 -112.00 37.81 -25.64
N ALA L 374 -111.94 36.88 -26.58
CA ALA L 374 -112.29 35.50 -26.27
C ALA L 374 -111.33 34.92 -25.23
N LYS L 375 -110.04 35.20 -25.37
CA LYS L 375 -109.00 34.69 -24.49
C LYS L 375 -108.37 35.79 -23.65
N ASN L 376 -108.95 36.99 -23.63
CA ASN L 376 -108.34 38.14 -22.97
C ASN L 376 -109.33 38.68 -21.95
N LEU L 377 -109.01 38.51 -20.67
CA LEU L 377 -109.90 38.91 -19.59
C LEU L 377 -109.11 39.62 -18.52
N VAL L 378 -109.80 40.46 -17.75
CA VAL L 378 -109.20 41.21 -16.66
C VAL L 378 -110.10 41.09 -15.44
N VAL L 379 -109.47 40.86 -14.29
CA VAL L 379 -110.18 40.66 -13.02
C VAL L 379 -109.80 41.81 -12.10
N SER L 380 -110.81 42.47 -11.54
CA SER L 380 -110.61 43.60 -10.66
C SER L 380 -111.04 43.24 -9.24
N GLY L 381 -110.24 43.69 -8.27
CA GLY L 381 -110.52 43.44 -6.88
C GLY L 381 -109.36 43.91 -6.03
N PRO L 382 -109.40 43.65 -4.73
CA PRO L 382 -108.30 44.02 -3.86
C PRO L 382 -107.01 43.35 -4.28
N PRO L 383 -105.86 44.02 -4.19
CA PRO L 383 -104.61 43.37 -4.59
C PRO L 383 -104.33 42.08 -3.83
N GLN L 384 -104.72 41.98 -2.56
CA GLN L 384 -104.53 40.74 -1.81
C GLN L 384 -105.32 39.59 -2.43
N SER L 385 -106.60 39.84 -2.74
CA SER L 385 -107.43 38.80 -3.35
C SER L 385 -106.90 38.40 -4.71
N LEU L 386 -106.47 39.37 -5.51
CA LEU L 386 -105.89 39.05 -6.81
C LEU L 386 -104.61 38.24 -6.65
N TYR L 387 -103.83 38.53 -5.61
CA TYR L 387 -102.64 37.72 -5.34
C TYR L 387 -103.01 36.28 -5.01
N GLY L 388 -104.05 36.10 -4.21
CA GLY L 388 -104.51 34.74 -3.92
C GLY L 388 -104.97 34.01 -5.17
N LEU L 389 -105.73 34.70 -6.02
CA LEU L 389 -106.12 34.14 -7.30
C LEU L 389 -104.90 33.76 -8.13
N ASN L 390 -103.87 34.60 -8.11
CA ASN L 390 -102.64 34.29 -8.83
C ASN L 390 -101.99 33.04 -8.29
N LEU L 391 -101.99 32.87 -6.98
CA LEU L 391 -101.44 31.64 -6.39
C LEU L 391 -102.17 30.43 -6.93
N THR L 392 -103.50 30.48 -6.92
CA THR L 392 -104.28 29.39 -7.49
C THR L 392 -103.90 29.15 -8.95
N LEU L 393 -103.78 30.22 -9.72
CA LEU L 393 -103.53 30.08 -11.15
C LEU L 393 -102.18 29.45 -11.42
N ARG L 394 -101.14 29.89 -10.72
CA ARG L 394 -99.82 29.32 -10.93
C ARG L 394 -99.72 27.91 -10.34
N LYS L 395 -100.63 27.54 -9.45
CA LYS L 395 -100.73 26.14 -9.07
C LYS L 395 -101.37 25.28 -10.15
N ALA L 396 -101.88 25.89 -11.23
CA ALA L 396 -102.59 25.16 -12.28
C ALA L 396 -102.07 25.52 -13.67
N LYS L 397 -100.87 26.08 -13.77
CA LYS L 397 -100.26 26.49 -15.03
C LYS L 397 -99.00 25.70 -15.28
N ALA L 398 -98.80 25.28 -16.53
CA ALA L 398 -97.56 24.59 -16.89
C ALA L 398 -96.45 25.60 -17.14
N PRO L 399 -95.20 25.21 -16.91
CA PRO L 399 -94.08 26.10 -17.29
C PRO L 399 -94.11 26.42 -18.77
N SER L 400 -93.72 27.64 -19.10
CA SER L 400 -93.63 28.02 -20.51
C SER L 400 -92.63 27.14 -21.25
N GLY L 401 -91.50 26.84 -20.63
CA GLY L 401 -90.49 26.01 -21.25
C GLY L 401 -90.75 24.52 -21.05
N LEU L 402 -92.00 24.11 -21.23
CA LEU L 402 -92.37 22.70 -21.20
C LEU L 402 -92.72 22.25 -22.61
N ASP L 403 -92.12 21.14 -23.04
CA ASP L 403 -92.37 20.61 -24.36
C ASP L 403 -93.46 19.54 -24.28
N GLN L 404 -94.55 19.76 -25.02
CA GLN L 404 -95.68 18.83 -25.03
C GLN L 404 -95.98 18.37 -26.45
N SER L 405 -95.02 18.46 -27.36
CA SER L 405 -95.24 18.03 -28.73
C SER L 405 -95.45 16.52 -28.84
N ARG L 406 -94.97 15.75 -27.87
CA ARG L 406 -95.09 14.31 -27.89
C ARG L 406 -96.26 13.80 -27.05
N ILE L 407 -97.09 14.70 -26.52
CA ILE L 407 -98.23 14.32 -25.69
C ILE L 407 -99.50 14.56 -26.50
N PRO L 408 -100.52 13.71 -26.39
CA PRO L 408 -101.76 13.96 -27.15
C PRO L 408 -102.37 15.30 -26.80
N PHE L 409 -102.95 15.95 -27.80
CA PHE L 409 -103.53 17.27 -27.61
C PHE L 409 -104.58 17.33 -26.53
N SER L 410 -105.47 16.34 -26.49
CA SER L 410 -106.56 16.38 -25.52
C SER L 410 -106.04 16.40 -24.09
N GLU L 411 -104.97 15.64 -23.82
CA GLU L 411 -104.43 15.52 -22.47
C GLU L 411 -103.43 16.61 -22.11
N ARG L 412 -103.11 17.49 -23.04
CA ARG L 412 -102.10 18.50 -22.77
C ARG L 412 -102.51 19.45 -21.66
N LYS L 413 -101.59 19.77 -20.77
CA LYS L 413 -101.84 20.72 -19.69
C LYS L 413 -101.91 22.13 -20.26
N LEU L 414 -103.02 22.81 -20.02
CA LEU L 414 -103.24 24.12 -20.62
C LEU L 414 -102.22 25.14 -20.12
N LYS L 415 -101.71 25.93 -21.06
CA LYS L 415 -100.75 26.99 -20.77
C LYS L 415 -101.44 28.34 -20.92
N PHE L 416 -101.07 29.29 -20.07
CA PHE L 416 -101.64 30.61 -20.13
C PHE L 416 -100.70 31.56 -19.39
N SER L 417 -101.07 32.84 -19.39
CA SER L 417 -100.23 33.88 -18.81
C SER L 417 -101.11 34.83 -17.99
N ASN L 418 -100.47 35.50 -17.05
CA ASN L 418 -101.17 36.46 -16.20
C ASN L 418 -100.19 37.54 -15.76
N ARG L 419 -100.72 38.74 -15.58
CA ARG L 419 -99.93 39.87 -15.14
C ARG L 419 -100.84 40.94 -14.56
N PHE L 420 -100.26 41.82 -13.76
CA PHE L 420 -100.99 42.91 -13.12
C PHE L 420 -100.87 44.15 -13.98
N LEU L 421 -102.00 44.80 -14.23
CA LEU L 421 -101.99 45.98 -15.08
C LEU L 421 -101.43 47.20 -14.33
N PRO L 422 -100.81 48.16 -15.06
CA PRO L 422 -100.30 49.36 -14.39
C PRO L 422 -101.43 50.31 -14.03
N VAL L 423 -102.22 49.96 -13.03
CA VAL L 423 -103.35 50.76 -12.58
C VAL L 423 -103.32 50.79 -11.05
N ALA L 424 -104.14 51.66 -10.48
CA ALA L 424 -104.18 51.82 -9.03
C ALA L 424 -105.59 51.93 -8.49
N SER L 425 -106.57 51.30 -9.11
CA SER L 425 -107.93 51.30 -8.57
C SER L 425 -108.71 50.18 -9.23
N PRO L 426 -109.61 49.52 -8.50
CA PRO L 426 -110.43 48.45 -9.09
C PRO L 426 -111.64 49.01 -9.84
N PHE L 427 -111.41 49.39 -11.10
CA PHE L 427 -112.52 49.88 -11.91
C PHE L 427 -113.49 48.74 -12.22
N HIS L 428 -114.74 49.10 -12.47
CA HIS L 428 -115.80 48.13 -12.75
C HIS L 428 -115.89 47.08 -11.66
N SER L 429 -115.85 47.52 -10.40
CA SER L 429 -115.87 46.60 -9.27
C SER L 429 -116.86 47.10 -8.22
N HIS L 430 -117.34 46.15 -7.42
CA HIS L 430 -118.26 46.48 -6.34
C HIS L 430 -117.66 47.46 -5.34
N LEU L 431 -116.33 47.52 -5.25
CA LEU L 431 -115.68 48.38 -4.28
C LEU L 431 -115.94 49.86 -4.56
N LEU L 432 -115.93 50.25 -5.83
CA LEU L 432 -116.16 51.65 -6.18
C LEU L 432 -117.64 51.99 -6.25
N VAL L 433 -118.53 51.04 -6.00
CA VAL L 433 -119.96 51.30 -6.11
C VAL L 433 -120.40 52.46 -5.23
N PRO L 434 -119.93 52.60 -3.98
CA PRO L 434 -120.42 53.71 -3.15
C PRO L 434 -120.14 55.08 -3.72
N ALA L 435 -119.20 55.22 -4.66
CA ALA L 435 -118.86 56.52 -5.22
C ALA L 435 -119.81 56.97 -6.32
N SER L 436 -120.67 56.07 -6.83
CA SER L 436 -121.54 56.44 -7.95
C SER L 436 -122.48 57.56 -7.57
N ASP L 437 -123.15 57.44 -6.43
CA ASP L 437 -124.08 58.47 -6.00
C ASP L 437 -123.35 59.78 -5.75
N LEU L 438 -122.16 59.72 -5.15
CA LEU L 438 -121.38 60.94 -4.93
C LEU L 438 -121.06 61.63 -6.25
N ILE L 439 -120.60 60.86 -7.24
CA ILE L 439 -120.25 61.44 -8.54
C ILE L 439 -121.47 62.07 -9.18
N ASN L 440 -122.60 61.36 -9.16
CA ASN L 440 -123.81 61.88 -9.78
C ASN L 440 -124.26 63.16 -9.09
N LYS L 441 -124.19 63.19 -7.77
CA LYS L 441 -124.61 64.37 -7.01
C LYS L 441 -123.67 65.55 -7.24
N ASP L 442 -122.39 65.27 -7.47
CA ASP L 442 -121.42 66.32 -7.73
C ASP L 442 -121.52 66.90 -9.15
N LEU L 443 -121.77 66.06 -10.15
CA LEU L 443 -121.79 66.55 -11.52
C LEU L 443 -122.94 67.52 -11.74
N VAL L 444 -124.08 67.29 -11.10
CA VAL L 444 -125.20 68.21 -11.25
C VAL L 444 -124.85 69.58 -10.68
N LYS L 445 -124.05 69.61 -9.61
CA LYS L 445 -123.61 70.88 -9.07
C LYS L 445 -122.58 71.55 -9.97
N ASN L 446 -121.64 70.78 -10.52
CA ASN L 446 -120.61 71.34 -11.37
C ASN L 446 -121.12 71.75 -12.74
N ASN L 447 -122.38 71.44 -13.06
CA ASN L 447 -123.01 71.85 -14.31
C ASN L 447 -122.52 71.05 -15.50
N VAL L 448 -122.18 69.77 -15.29
CA VAL L 448 -121.82 68.86 -16.36
C VAL L 448 -123.00 67.97 -16.66
N SER L 449 -123.43 67.95 -17.92
CA SER L 449 -124.52 67.10 -18.36
C SER L 449 -124.41 66.90 -19.87
N PHE L 450 -124.77 65.71 -20.33
CA PHE L 450 -124.76 65.38 -21.75
C PHE L 450 -126.18 65.17 -22.21
N ASN L 451 -126.60 65.93 -23.23
CA ASN L 451 -127.93 65.80 -23.80
C ASN L 451 -127.87 64.95 -25.06
N ALA L 452 -128.88 64.10 -25.25
CA ALA L 452 -128.91 63.22 -26.41
C ALA L 452 -128.95 64.03 -27.70
N LYS L 453 -129.66 65.16 -27.69
CA LYS L 453 -129.72 66.01 -28.89
C LYS L 453 -128.35 66.55 -29.26
N ASP L 454 -127.55 66.92 -28.25
CA ASP L 454 -126.22 67.45 -28.53
C ASP L 454 -125.34 66.40 -29.20
N ILE L 455 -125.38 65.16 -28.73
CA ILE L 455 -124.64 64.09 -29.38
C ILE L 455 -125.24 63.83 -30.75
N GLN L 456 -124.40 63.80 -31.78
CA GLN L 456 -124.88 63.64 -33.15
C GLN L 456 -124.21 62.49 -33.89
N ILE L 457 -123.47 61.63 -33.20
CA ILE L 457 -123.01 60.38 -33.78
C ILE L 457 -123.28 59.27 -32.77
N PRO L 458 -123.50 58.02 -33.20
CA PRO L 458 -123.71 56.94 -32.23
C PRO L 458 -122.52 56.79 -31.30
N VAL L 459 -122.80 56.76 -29.99
CA VAL L 459 -121.81 56.43 -28.98
C VAL L 459 -122.28 55.16 -28.28
N TYR L 460 -121.48 54.11 -28.36
CA TYR L 460 -121.93 52.78 -27.98
C TYR L 460 -121.61 52.52 -26.51
N ASP L 461 -122.64 52.14 -25.76
CA ASP L 461 -122.47 51.75 -24.37
C ASP L 461 -121.52 50.56 -24.27
N THR L 462 -120.67 50.58 -23.24
CA THR L 462 -119.64 49.55 -23.09
C THR L 462 -120.16 48.27 -22.45
N PHE L 463 -121.36 48.27 -21.89
CA PHE L 463 -121.90 47.06 -21.29
C PHE L 463 -122.66 46.22 -22.31
N ASP L 464 -123.47 46.86 -23.16
CA ASP L 464 -124.30 46.15 -24.13
C ASP L 464 -124.06 46.62 -25.56
N GLY L 465 -123.14 47.54 -25.78
CA GLY L 465 -122.88 48.03 -27.12
C GLY L 465 -124.03 48.81 -27.73
N SER L 466 -125.06 49.10 -26.94
CA SER L 466 -126.18 49.87 -27.46
C SER L 466 -125.77 51.33 -27.65
N ASP L 467 -126.52 52.02 -28.49
CA ASP L 467 -126.27 53.43 -28.72
C ASP L 467 -126.71 54.24 -27.51
N LEU L 468 -125.82 55.11 -27.02
CA LEU L 468 -126.12 55.90 -25.84
C LEU L 468 -127.15 56.97 -26.13
N ARG L 469 -127.25 57.42 -27.38
CA ARG L 469 -128.19 58.48 -27.72
C ARG L 469 -129.63 58.05 -27.47
N VAL L 470 -129.92 56.75 -27.54
CA VAL L 470 -131.27 56.25 -27.30
C VAL L 470 -131.51 55.91 -25.83
N LEU L 471 -130.50 56.09 -24.97
CA LEU L 471 -130.69 55.83 -23.55
C LEU L 471 -131.79 56.72 -22.99
N SER L 472 -132.64 56.12 -22.15
CA SER L 472 -133.79 56.85 -21.62
C SER L 472 -133.41 57.80 -20.49
N GLY L 473 -132.43 57.43 -19.67
CA GLY L 473 -132.05 58.21 -18.52
C GLY L 473 -130.93 59.18 -18.81
N SER L 474 -130.12 59.47 -17.78
CA SER L 474 -129.01 60.39 -17.91
C SER L 474 -127.81 59.67 -18.51
N ILE L 475 -127.26 60.23 -19.59
CA ILE L 475 -126.09 59.62 -20.22
C ILE L 475 -124.89 59.68 -19.29
N SER L 476 -124.75 60.76 -18.53
CA SER L 476 -123.63 60.86 -17.59
C SER L 476 -123.73 59.79 -16.52
N GLU L 477 -124.94 59.54 -16.01
CA GLU L 477 -125.11 58.48 -15.01
C GLU L 477 -124.71 57.13 -15.58
N ARG L 478 -125.13 56.84 -16.82
CA ARG L 478 -124.77 55.58 -17.45
C ARG L 478 -123.27 55.48 -17.67
N ILE L 479 -122.63 56.58 -18.06
CA ILE L 479 -121.20 56.54 -18.30
C ILE L 479 -120.45 56.26 -17.01
N VAL L 480 -120.83 56.92 -15.92
CA VAL L 480 -120.15 56.68 -14.66
C VAL L 480 -120.42 55.27 -14.16
N ASP L 481 -121.66 54.78 -14.32
CA ASP L 481 -121.97 53.41 -13.94
C ASP L 481 -121.13 52.42 -14.71
N CYS L 482 -120.99 52.64 -16.03
CA CYS L 482 -120.17 51.76 -16.84
C CYS L 482 -118.72 51.79 -16.41
N ILE L 483 -118.22 52.96 -16.03
CA ILE L 483 -116.81 53.07 -15.69
C ILE L 483 -116.53 52.39 -14.35
N ILE L 484 -117.37 52.63 -13.35
CA ILE L 484 -117.02 52.22 -12.00
C ILE L 484 -117.63 50.87 -11.62
N ARG L 485 -118.77 50.53 -12.20
CA ARG L 485 -119.53 49.35 -11.76
C ARG L 485 -119.60 48.25 -12.81
N LEU L 486 -120.11 48.55 -14.00
CA LEU L 486 -120.39 47.48 -14.94
C LEU L 486 -119.13 47.03 -15.66
N PRO L 487 -119.06 45.75 -16.04
CA PRO L 487 -117.90 45.28 -16.80
C PRO L 487 -117.94 45.75 -18.25
N VAL L 488 -116.76 45.79 -18.86
CA VAL L 488 -116.63 46.18 -20.26
C VAL L 488 -116.66 44.92 -21.11
N LYS L 489 -117.66 44.83 -21.98
CA LYS L 489 -117.75 43.75 -22.96
C LYS L 489 -117.27 44.34 -24.29
N TRP L 490 -115.96 44.35 -24.49
CA TRP L 490 -115.38 45.06 -25.62
C TRP L 490 -115.85 44.48 -26.95
N GLU L 491 -115.89 43.15 -27.05
CA GLU L 491 -116.34 42.53 -28.30
C GLU L 491 -117.78 42.91 -28.60
N THR L 492 -118.62 42.96 -27.57
CA THR L 492 -119.99 43.43 -27.74
C THR L 492 -120.03 44.89 -28.20
N THR L 493 -119.20 45.74 -27.61
CA THR L 493 -119.19 47.15 -28.00
C THR L 493 -118.76 47.35 -29.44
N THR L 494 -117.81 46.54 -29.90
CA THR L 494 -117.16 46.75 -31.18
C THR L 494 -117.92 46.13 -32.35
N GLN L 495 -119.11 45.58 -32.13
CA GLN L 495 -119.83 44.87 -33.19
C GLN L 495 -120.17 45.76 -34.38
N PHE L 496 -119.97 47.07 -34.29
CA PHE L 496 -120.26 47.95 -35.42
C PHE L 496 -119.48 47.51 -36.66
N LYS L 497 -119.98 47.92 -37.82
CA LYS L 497 -119.33 47.64 -39.10
C LYS L 497 -118.60 48.91 -39.56
N ALA L 498 -117.28 48.82 -39.71
CA ALA L 498 -116.49 49.95 -40.18
C ALA L 498 -115.27 49.41 -40.90
N THR L 499 -114.68 50.25 -41.74
CA THR L 499 -113.47 49.89 -42.47
C THR L 499 -112.20 50.32 -41.74
N HIS L 500 -112.24 51.46 -41.07
CA HIS L 500 -111.08 52.00 -40.38
C HIS L 500 -111.47 52.40 -38.96
N ILE L 501 -110.53 52.21 -38.05
CA ILE L 501 -110.73 52.54 -36.64
C ILE L 501 -109.54 53.37 -36.20
N LEU L 502 -109.81 54.56 -35.67
CA LEU L 502 -108.76 55.46 -35.21
C LEU L 502 -108.62 55.33 -33.70
N ASP L 503 -107.40 55.05 -33.24
CA ASP L 503 -107.11 54.88 -31.82
C ASP L 503 -106.39 56.13 -31.33
N PHE L 504 -107.12 56.97 -30.60
CA PHE L 504 -106.53 58.14 -29.96
C PHE L 504 -105.98 57.83 -28.57
N GLY L 505 -106.44 56.75 -27.94
CA GLY L 505 -106.11 56.48 -26.56
C GLY L 505 -104.62 56.32 -26.33
N PRO L 506 -104.20 56.38 -25.07
CA PRO L 506 -102.78 56.21 -24.76
C PRO L 506 -102.30 54.80 -25.06
N GLY L 507 -100.99 54.58 -24.90
CA GLY L 507 -100.40 53.27 -25.04
C GLY L 507 -99.71 53.03 -26.37
N GLY L 508 -100.02 53.82 -27.40
CA GLY L 508 -99.43 53.59 -28.70
C GLY L 508 -99.63 52.17 -29.17
N ALA L 509 -98.54 51.51 -29.55
CA ALA L 509 -98.63 50.13 -30.03
C ALA L 509 -99.11 49.16 -28.97
N SER L 510 -99.08 49.56 -27.69
CA SER L 510 -99.58 48.73 -26.61
C SER L 510 -100.98 49.14 -26.15
N GLY L 511 -101.65 50.00 -26.90
CA GLY L 511 -102.94 50.53 -26.50
C GLY L 511 -104.10 49.69 -26.98
N LEU L 512 -105.28 50.29 -26.92
CA LEU L 512 -106.52 49.59 -27.27
C LEU L 512 -106.63 49.28 -28.75
N GLY L 513 -105.97 50.06 -29.61
CA GLY L 513 -106.07 49.83 -31.03
C GLY L 513 -105.53 48.48 -31.44
N VAL L 514 -104.36 48.10 -30.89
CA VAL L 514 -103.77 46.82 -31.25
C VAL L 514 -104.63 45.68 -30.74
N LEU L 515 -105.18 45.80 -29.53
CA LEU L 515 -106.10 44.78 -29.04
C LEU L 515 -107.29 44.63 -29.99
N THR L 516 -107.88 45.75 -30.39
CA THR L 516 -109.04 45.69 -31.26
C THR L 516 -108.67 45.10 -32.61
N HIS L 517 -107.46 45.38 -33.08
CA HIS L 517 -106.99 44.79 -34.34
C HIS L 517 -106.88 43.29 -34.22
N ARG L 518 -106.31 42.80 -33.13
CA ARG L 518 -106.20 41.36 -32.94
C ARG L 518 -107.58 40.71 -32.85
N ASN L 519 -108.50 41.36 -32.16
CA ASN L 519 -109.87 40.84 -32.07
C ASN L 519 -110.52 40.76 -33.44
N LYS L 520 -110.24 41.73 -34.31
CA LYS L 520 -110.99 41.92 -35.54
C LYS L 520 -110.22 41.47 -36.77
N ASP L 521 -109.11 40.74 -36.58
CA ASP L 521 -108.27 40.34 -37.69
C ASP L 521 -109.06 39.50 -38.69
N GLY L 522 -108.84 39.75 -39.98
CA GLY L 522 -109.51 38.97 -41.01
C GLY L 522 -110.93 39.36 -41.34
N THR L 523 -111.41 40.47 -40.79
CA THR L 523 -112.76 40.93 -41.08
C THR L 523 -112.78 42.17 -41.97
N GLY L 524 -111.65 42.55 -42.53
CA GLY L 524 -111.59 43.76 -43.34
C GLY L 524 -111.71 45.05 -42.55
N VAL L 525 -111.07 45.14 -41.39
CA VAL L 525 -111.07 46.36 -40.59
C VAL L 525 -109.62 46.77 -40.35
N ARG L 526 -109.33 48.05 -40.54
CA ARG L 526 -108.01 48.61 -40.39
C ARG L 526 -107.96 49.50 -39.15
N VAL L 527 -106.94 49.32 -38.32
CA VAL L 527 -106.76 50.10 -37.10
C VAL L 527 -105.58 51.05 -37.32
N ILE L 528 -105.80 52.33 -37.05
CA ILE L 528 -104.77 53.35 -37.09
C ILE L 528 -104.62 53.92 -35.69
N VAL L 529 -103.40 53.92 -35.17
CA VAL L 529 -103.10 54.48 -33.86
C VAL L 529 -102.64 55.92 -34.08
N ALA L 530 -103.55 56.87 -33.89
CA ALA L 530 -103.26 58.27 -34.18
C ALA L 530 -102.31 58.91 -33.18
N GLY L 531 -102.04 58.25 -32.06
CA GLY L 531 -101.28 58.87 -31.00
C GLY L 531 -99.78 58.82 -31.19
N THR L 532 -99.28 57.93 -32.04
CA THR L 532 -97.84 57.71 -32.15
C THR L 532 -97.42 57.64 -33.61
N LEU L 533 -96.14 57.94 -33.82
CA LEU L 533 -95.48 57.89 -35.12
C LEU L 533 -94.48 56.74 -35.09
N ASP L 534 -94.62 55.80 -36.02
CA ASP L 534 -93.71 54.66 -36.04
C ASP L 534 -93.92 53.88 -37.34
N ILE L 535 -93.12 52.82 -37.48
CA ILE L 535 -93.20 51.91 -38.63
C ILE L 535 -93.49 50.52 -38.12
N ASN L 536 -94.53 49.91 -38.69
CA ASN L 536 -94.89 48.54 -38.37
C ASN L 536 -94.28 47.62 -39.42
N PRO L 537 -93.30 46.78 -39.07
CA PRO L 537 -92.80 45.82 -40.08
C PRO L 537 -93.91 44.94 -40.64
N ASP L 538 -94.81 44.46 -39.80
CA ASP L 538 -95.90 43.63 -40.29
C ASP L 538 -96.84 44.43 -41.19
N ASP L 539 -96.97 45.73 -40.94
CA ASP L 539 -97.83 46.60 -41.73
C ASP L 539 -99.30 46.24 -41.59
N ASP L 540 -99.65 45.47 -40.56
CA ASP L 540 -101.03 45.04 -40.39
C ASP L 540 -101.92 46.15 -39.82
N TYR L 541 -101.33 47.19 -39.22
CA TYR L 541 -102.09 48.31 -38.70
C TYR L 541 -101.28 49.59 -38.87
N GLY L 542 -101.99 50.72 -38.99
CA GLY L 542 -101.35 51.97 -39.32
C GLY L 542 -100.86 52.73 -38.12
N PHE L 543 -100.18 53.84 -38.42
CA PHE L 543 -99.68 54.75 -37.39
C PHE L 543 -100.15 56.16 -37.70
N LYS L 544 -99.63 57.16 -36.99
CA LYS L 544 -100.16 58.52 -37.12
C LYS L 544 -100.06 59.02 -38.56
N GLN L 545 -99.01 58.62 -39.28
CA GLN L 545 -98.80 59.14 -40.63
C GLN L 545 -99.93 58.76 -41.56
N GLU L 546 -100.46 57.55 -41.42
CA GLU L 546 -101.47 57.07 -42.36
C GLU L 546 -102.70 57.96 -42.37
N ILE L 547 -102.96 58.69 -41.29
CA ILE L 547 -104.13 59.55 -41.25
C ILE L 547 -103.98 60.76 -42.16
N PHE L 548 -102.75 61.16 -42.46
CA PHE L 548 -102.49 62.38 -43.22
C PHE L 548 -101.91 62.11 -44.60
N ASP L 549 -101.46 60.90 -44.90
CA ASP L 549 -100.88 60.60 -46.19
C ASP L 549 -101.88 60.91 -47.30
N VAL L 550 -101.36 61.47 -48.40
CA VAL L 550 -102.20 61.85 -49.52
C VAL L 550 -102.12 60.86 -50.67
N THR L 551 -101.09 60.02 -50.71
CA THR L 551 -100.95 59.03 -51.78
C THR L 551 -101.88 57.85 -51.50
N SER L 552 -101.73 56.78 -52.26
CA SER L 552 -102.45 55.55 -51.92
C SER L 552 -102.03 55.02 -50.57
N ASN L 553 -100.83 55.35 -50.11
CA ASN L 553 -100.34 54.88 -48.82
C ASN L 553 -101.22 55.35 -47.67
N GLY L 554 -102.04 56.38 -47.89
CA GLY L 554 -103.01 56.79 -46.90
C GLY L 554 -104.26 55.95 -46.87
N LEU L 555 -104.50 55.15 -47.90
CA LEU L 555 -105.66 54.26 -47.97
C LEU L 555 -105.17 52.82 -48.03
N LYS L 556 -105.11 52.18 -46.88
CA LYS L 556 -104.73 50.78 -46.77
C LYS L 556 -105.93 50.00 -46.25
N LYS L 557 -106.28 48.92 -46.95
CA LYS L 557 -107.37 48.04 -46.56
C LYS L 557 -106.80 46.76 -45.99
N ASN L 558 -107.33 46.31 -44.86
CA ASN L 558 -106.86 45.08 -44.26
C ASN L 558 -107.57 43.94 -44.95
N PRO L 559 -106.96 42.75 -44.93
CA PRO L 559 -107.56 41.65 -45.68
C PRO L 559 -108.85 41.09 -45.12
N ASN L 560 -109.84 40.87 -45.97
CA ASN L 560 -111.06 40.20 -45.56
C ASN L 560 -111.02 38.81 -46.17
N TRP L 561 -110.74 37.81 -45.35
CA TRP L 561 -110.48 36.47 -45.88
C TRP L 561 -111.67 35.92 -46.65
N LEU L 562 -112.88 36.11 -46.11
CA LEU L 562 -114.06 35.57 -46.77
C LEU L 562 -114.18 36.08 -48.20
N GLU L 563 -113.69 37.29 -48.47
CA GLU L 563 -113.77 37.88 -49.80
C GLU L 563 -112.54 37.64 -50.64
N GLU L 564 -111.34 37.72 -50.06
CA GLU L 564 -110.13 37.53 -50.84
C GLU L 564 -110.01 36.09 -51.34
N TYR L 565 -110.27 35.12 -50.46
CA TYR L 565 -110.09 33.70 -50.77
C TYR L 565 -111.41 33.00 -51.02
N HIS L 566 -112.42 33.75 -51.45
CA HIS L 566 -113.72 33.17 -51.75
C HIS L 566 -113.60 32.18 -52.89
N PRO L 567 -114.08 30.94 -52.73
CA PRO L 567 -114.12 30.03 -53.88
C PRO L 567 -115.02 30.55 -54.98
N LYS L 568 -114.66 30.23 -56.22
CA LYS L 568 -115.41 30.66 -57.38
C LYS L 568 -115.50 29.51 -58.36
N LEU L 569 -116.39 29.65 -59.33
CA LEU L 569 -116.56 28.70 -60.41
C LEU L 569 -116.11 29.33 -61.73
N ILE L 570 -115.49 28.52 -62.57
CA ILE L 570 -115.01 28.97 -63.88
C ILE L 570 -115.06 27.78 -64.83
N LYS L 571 -115.19 28.06 -66.12
CA LYS L 571 -115.18 27.01 -67.13
C LYS L 571 -114.28 27.43 -68.29
N ASN L 572 -113.80 26.42 -69.01
CA ASN L 572 -112.94 26.63 -70.16
C ASN L 572 -113.77 26.52 -71.44
N LYS L 573 -113.11 26.58 -72.59
CA LYS L 573 -113.82 26.55 -73.87
C LYS L 573 -114.65 25.29 -74.01
N SER L 574 -114.10 24.13 -73.64
CA SER L 574 -114.83 22.88 -73.76
C SER L 574 -116.13 22.89 -72.98
N GLY L 575 -116.24 23.75 -71.97
CA GLY L 575 -117.39 23.76 -71.10
C GLY L 575 -117.19 23.07 -69.77
N LYS L 576 -116.00 22.55 -69.50
CA LYS L 576 -115.74 21.88 -68.23
C LYS L 576 -115.73 22.89 -67.09
N ILE L 577 -116.53 22.61 -66.06
CA ILE L 577 -116.56 23.45 -64.87
C ILE L 577 -115.37 23.14 -63.99
N PHE L 578 -114.79 24.17 -63.40
CA PHE L 578 -113.67 24.04 -62.48
C PHE L 578 -113.99 24.82 -61.21
N VAL L 579 -113.59 24.28 -60.07
CA VAL L 579 -113.68 25.02 -58.81
C VAL L 579 -112.45 25.92 -58.74
N GLU L 580 -112.66 27.22 -58.92
CA GLU L 580 -111.56 28.17 -59.01
C GLU L 580 -111.01 28.45 -57.62
N THR L 581 -109.70 28.24 -57.46
CA THR L 581 -109.01 28.50 -56.21
C THR L 581 -107.58 28.88 -56.55
N LYS L 582 -106.86 29.39 -55.54
CA LYS L 582 -105.46 29.72 -55.74
C LYS L 582 -104.68 28.52 -56.27
N PHE L 583 -104.78 27.39 -55.59
CA PHE L 583 -104.11 26.17 -56.04
C PHE L 583 -104.63 25.74 -57.40
N SER L 584 -105.96 25.73 -57.57
CA SER L 584 -106.54 25.32 -58.84
C SER L 584 -106.15 26.28 -59.95
N LYS L 585 -106.10 27.58 -59.65
CA LYS L 585 -105.67 28.55 -60.64
C LYS L 585 -104.24 28.29 -61.08
N LEU L 586 -103.39 27.86 -60.15
CA LEU L 586 -102.00 27.58 -60.50
C LEU L 586 -101.89 26.33 -61.37
N ILE L 587 -102.52 25.23 -60.96
CA ILE L 587 -102.26 23.95 -61.62
C ILE L 587 -103.23 23.63 -62.75
N GLY L 588 -104.30 24.40 -62.92
CA GLY L 588 -105.22 24.13 -64.01
C GLY L 588 -105.98 22.84 -63.90
N ARG L 589 -106.15 22.32 -62.69
CA ARG L 589 -106.89 21.11 -62.41
C ARG L 589 -107.66 21.32 -61.13
N PRO L 590 -108.67 20.49 -60.85
CA PRO L 590 -109.47 20.67 -59.64
C PRO L 590 -108.59 20.63 -58.40
N PRO L 591 -108.89 21.44 -57.39
CA PRO L 591 -107.97 21.58 -56.26
C PRO L 591 -108.02 20.40 -55.30
N LEU L 592 -107.87 19.19 -55.82
CA LEU L 592 -107.90 17.97 -55.03
C LEU L 592 -106.72 17.11 -55.44
N LEU L 593 -105.94 16.68 -54.45
CA LEU L 593 -104.76 15.89 -54.73
C LEU L 593 -104.75 14.64 -53.86
N VAL L 594 -104.13 13.59 -54.39
CA VAL L 594 -103.87 12.36 -53.65
C VAL L 594 -102.44 12.44 -53.14
N PRO L 595 -102.20 12.44 -51.83
CA PRO L 595 -100.84 12.60 -51.33
C PRO L 595 -99.98 11.38 -51.54
N GLY L 596 -98.66 11.59 -51.45
CA GLY L 596 -97.72 10.50 -51.55
C GLY L 596 -97.90 9.48 -50.44
N MET L 597 -98.29 8.26 -50.78
CA MET L 597 -98.52 7.24 -49.77
C MET L 597 -97.72 5.96 -49.99
N THR L 598 -96.80 5.66 -49.11
CA THR L 598 -96.07 4.41 -49.20
C THR L 598 -96.80 3.42 -48.31
N PRO L 599 -97.57 2.51 -48.91
CA PRO L 599 -97.31 1.85 -50.18
C PRO L 599 -98.34 2.13 -51.28
N CYS L 600 -99.45 2.82 -50.97
CA CYS L 600 -100.52 3.00 -51.96
C CYS L 600 -100.12 3.71 -53.27
N THR L 601 -99.32 4.77 -53.19
CA THR L 601 -98.98 5.53 -54.40
C THR L 601 -97.61 5.12 -54.92
N VAL L 602 -96.99 4.10 -54.33
CA VAL L 602 -95.74 3.59 -54.87
C VAL L 602 -95.96 2.99 -56.25
N SER L 603 -97.16 2.53 -56.53
CA SER L 603 -97.43 1.83 -57.77
C SER L 603 -97.52 2.81 -58.93
N PRO L 604 -96.72 2.64 -59.99
CA PRO L 604 -96.91 3.49 -61.17
C PRO L 604 -98.28 3.39 -61.80
N ASP L 605 -98.93 2.23 -61.76
CA ASP L 605 -100.23 2.10 -62.40
C ASP L 605 -101.28 3.00 -61.73
N PHE L 606 -101.25 3.08 -60.40
CA PHE L 606 -102.23 3.93 -59.72
C PHE L 606 -101.91 5.41 -59.92
N VAL L 607 -100.64 5.78 -59.92
CA VAL L 607 -100.26 7.14 -60.24
C VAL L 607 -100.76 7.52 -61.62
N ALA L 608 -100.59 6.61 -62.59
CA ALA L 608 -101.05 6.88 -63.95
C ALA L 608 -102.56 6.99 -64.01
N ALA L 609 -103.28 6.11 -63.32
CA ALA L 609 -104.74 6.16 -63.36
C ALA L 609 -105.27 7.43 -62.71
N THR L 610 -104.61 7.91 -61.66
CA THR L 610 -105.04 9.15 -61.03
C THR L 610 -104.71 10.35 -61.91
N THR L 611 -103.52 10.37 -62.50
CA THR L 611 -103.16 11.48 -63.39
C THR L 611 -104.11 11.55 -64.57
N ASN L 612 -104.40 10.39 -65.18
CA ASN L 612 -105.25 10.36 -66.37
C ASN L 612 -106.70 10.69 -66.05
N ALA L 613 -107.11 10.54 -64.79
CA ALA L 613 -108.42 11.00 -64.36
C ALA L 613 -108.50 12.51 -64.25
N GLY L 614 -107.37 13.21 -64.35
CA GLY L 614 -107.36 14.66 -64.28
C GLY L 614 -107.07 15.23 -62.92
N TYR L 615 -106.44 14.46 -62.03
CA TYR L 615 -106.21 14.89 -60.66
C TYR L 615 -104.75 14.71 -60.30
N THR L 616 -104.30 15.49 -59.32
CA THR L 616 -102.91 15.48 -58.90
C THR L 616 -102.63 14.30 -57.99
N ILE L 617 -101.44 13.72 -58.14
CA ILE L 617 -100.98 12.64 -57.28
C ILE L 617 -99.46 12.70 -57.18
N GLU L 618 -98.93 12.19 -56.07
CA GLU L 618 -97.51 12.19 -55.81
C GLU L 618 -96.99 10.76 -55.78
N LEU L 619 -95.98 10.48 -56.60
CA LEU L 619 -95.33 9.17 -56.55
C LEU L 619 -94.55 9.05 -55.24
N ALA L 620 -94.79 7.97 -54.51
CA ALA L 620 -94.23 7.81 -53.17
C ALA L 620 -92.80 7.30 -53.28
N GLY L 621 -91.85 8.11 -52.80
CA GLY L 621 -90.46 7.67 -52.77
C GLY L 621 -90.17 6.64 -51.70
N GLY L 622 -91.08 6.44 -50.74
CA GLY L 622 -90.86 5.48 -49.68
C GLY L 622 -90.82 4.04 -50.15
N GLY L 623 -91.34 3.76 -51.33
CA GLY L 623 -91.32 2.43 -51.90
C GLY L 623 -90.17 2.13 -52.83
N TYR L 624 -89.17 2.99 -52.90
CA TYR L 624 -88.01 2.79 -53.75
C TYR L 624 -86.75 3.04 -52.94
N PHE L 625 -85.69 2.31 -53.26
CA PHE L 625 -84.46 2.34 -52.48
C PHE L 625 -83.23 2.75 -53.27
N SER L 626 -83.40 3.07 -54.54
CA SER L 626 -82.29 3.51 -55.37
C SER L 626 -82.78 4.44 -56.45
N ALA L 627 -81.88 5.22 -57.02
CA ALA L 627 -82.26 6.07 -58.13
C ALA L 627 -82.70 5.25 -59.33
N ALA L 628 -82.16 4.04 -59.50
CA ALA L 628 -82.50 3.21 -60.65
C ALA L 628 -83.93 2.69 -60.57
N GLY L 629 -84.33 2.22 -59.39
CA GLY L 629 -85.69 1.71 -59.21
C GLY L 629 -86.73 2.78 -59.38
N MET L 630 -86.51 3.95 -58.77
CA MET L 630 -87.41 5.07 -58.95
C MET L 630 -87.43 5.54 -60.39
N THR L 631 -86.28 5.52 -61.07
CA THR L 631 -86.24 5.93 -62.47
C THR L 631 -87.09 5.00 -63.33
N ALA L 632 -87.00 3.69 -63.08
CA ALA L 632 -87.85 2.76 -63.81
C ALA L 632 -89.32 3.03 -63.54
N ALA L 633 -89.67 3.30 -62.28
CA ALA L 633 -91.07 3.58 -61.96
C ALA L 633 -91.55 4.86 -62.65
N ILE L 634 -90.71 5.90 -62.68
CA ILE L 634 -91.08 7.15 -63.33
C ILE L 634 -91.26 6.95 -64.82
N ASP L 635 -90.38 6.17 -65.45
CA ASP L 635 -90.55 5.89 -66.86
C ASP L 635 -91.84 5.13 -67.13
N SER L 636 -92.18 4.18 -66.26
CA SER L 636 -93.47 3.51 -66.41
C SER L 636 -94.63 4.49 -66.32
N VAL L 637 -94.59 5.38 -65.34
CA VAL L 637 -95.67 6.37 -65.19
C VAL L 637 -95.78 7.21 -66.46
N VAL L 638 -94.64 7.71 -66.93
CA VAL L 638 -94.66 8.57 -68.12
C VAL L 638 -95.25 7.82 -69.30
N SER L 639 -94.85 6.57 -69.50
CA SER L 639 -95.42 5.81 -70.60
C SER L 639 -96.92 5.60 -70.43
N GLN L 640 -97.41 5.59 -69.20
CA GLN L 640 -98.83 5.31 -69.00
C GLN L 640 -99.73 6.54 -69.08
N ILE L 641 -99.17 7.75 -68.99
CA ILE L 641 -99.97 8.98 -68.98
C ILE L 641 -100.02 9.54 -70.39
N GLU L 642 -100.97 10.45 -70.62
CA GLU L 642 -101.12 11.09 -71.92
C GLU L 642 -100.15 12.25 -72.07
N LYS L 643 -99.96 12.67 -73.31
CA LYS L 643 -99.09 13.81 -73.59
C LYS L 643 -99.58 15.04 -72.83
N GLY L 644 -98.65 15.75 -72.20
CA GLY L 644 -98.96 16.96 -71.49
C GLY L 644 -99.35 16.78 -70.04
N SER L 645 -99.51 15.54 -69.58
CA SER L 645 -99.85 15.32 -68.19
C SER L 645 -98.60 15.44 -67.30
N THR L 646 -98.83 15.63 -66.01
CA THR L 646 -97.76 15.79 -65.05
C THR L 646 -98.13 15.09 -63.76
N PHE L 647 -97.13 14.94 -62.89
CA PHE L 647 -97.34 14.32 -61.59
C PHE L 647 -96.17 14.75 -60.71
N GLY L 648 -96.31 14.49 -59.41
CA GLY L 648 -95.31 14.84 -58.43
C GLY L 648 -94.65 13.64 -57.79
N ILE L 649 -93.68 13.93 -56.93
CA ILE L 649 -92.93 12.92 -56.20
C ILE L 649 -92.87 13.31 -54.74
N ASN L 650 -93.04 12.33 -53.86
CA ASN L 650 -93.02 12.55 -52.42
C ASN L 650 -91.78 11.88 -51.83
N LEU L 651 -90.98 12.67 -51.11
CA LEU L 651 -89.77 12.18 -50.47
C LEU L 651 -89.85 12.41 -48.97
N ILE L 652 -89.37 11.43 -48.21
CA ILE L 652 -89.43 11.48 -46.75
C ILE L 652 -88.15 12.12 -46.25
N TYR L 653 -88.28 13.08 -45.35
CA TYR L 653 -87.12 13.83 -44.88
C TYR L 653 -86.38 13.17 -43.73
N VAL L 654 -86.86 12.04 -43.20
CA VAL L 654 -86.19 11.49 -42.03
C VAL L 654 -85.00 10.63 -42.41
N ASN L 655 -85.05 9.94 -43.55
CA ASN L 655 -83.95 9.09 -43.96
C ASN L 655 -83.05 9.85 -44.92
N PRO L 656 -81.83 10.23 -44.52
CA PRO L 656 -80.97 11.02 -45.43
C PRO L 656 -80.57 10.27 -46.68
N PHE L 657 -80.56 8.94 -46.67
CA PHE L 657 -80.17 8.19 -47.87
C PHE L 657 -81.17 8.39 -49.00
N MET L 658 -82.46 8.31 -48.68
CA MET L 658 -83.52 8.58 -49.65
C MET L 658 -83.29 9.91 -50.32
N LEU L 659 -83.13 10.98 -49.52
CA LEU L 659 -82.87 12.30 -50.10
C LEU L 659 -81.58 12.30 -50.90
N GLN L 660 -80.52 11.71 -50.36
CA GLN L 660 -79.21 11.80 -50.99
C GLN L 660 -79.24 11.27 -52.41
N TRP L 661 -79.98 10.18 -52.65
CA TRP L 661 -80.09 9.70 -54.02
C TRP L 661 -81.30 10.26 -54.76
N GLY L 662 -82.25 10.88 -54.08
CA GLY L 662 -83.48 11.33 -54.72
C GLY L 662 -83.44 12.75 -55.24
N ILE L 663 -82.84 13.66 -54.47
CA ILE L 663 -82.73 15.05 -54.93
C ILE L 663 -81.90 15.15 -56.20
N PRO L 664 -80.70 14.55 -56.29
CA PRO L 664 -80.00 14.55 -57.58
C PRO L 664 -80.80 13.91 -58.69
N LEU L 665 -81.55 12.85 -58.38
CA LEU L 665 -82.37 12.22 -59.42
C LEU L 665 -83.41 13.18 -59.96
N ILE L 666 -84.08 13.92 -59.06
CA ILE L 666 -85.09 14.87 -59.52
C ILE L 666 -84.45 15.96 -60.36
N LYS L 667 -83.31 16.49 -59.91
CA LYS L 667 -82.63 17.51 -60.71
C LYS L 667 -82.28 16.98 -62.08
N GLU L 668 -81.74 15.76 -62.15
CA GLU L 668 -81.35 15.18 -63.43
C GLU L 668 -82.55 15.00 -64.35
N LEU L 669 -83.63 14.44 -63.81
CA LEU L 669 -84.81 14.18 -64.62
C LEU L 669 -85.44 15.48 -65.11
N ARG L 670 -85.46 16.52 -64.27
CA ARG L 670 -85.98 17.80 -64.72
C ARG L 670 -85.07 18.44 -65.75
N SER L 671 -83.75 18.23 -65.65
CA SER L 671 -82.85 18.69 -66.70
C SER L 671 -83.17 18.02 -68.02
N LYS L 672 -83.46 16.71 -67.99
CA LYS L 672 -83.91 16.03 -69.19
C LYS L 672 -85.33 16.41 -69.58
N GLY L 673 -86.04 17.18 -68.75
CA GLY L 673 -87.36 17.64 -69.09
C GLY L 673 -88.50 16.74 -68.68
N TYR L 674 -88.28 15.84 -67.72
CA TYR L 674 -89.32 14.90 -67.33
C TYR L 674 -90.50 15.63 -66.68
N PRO L 675 -91.73 15.20 -66.95
CA PRO L 675 -92.90 15.97 -66.49
C PRO L 675 -93.14 15.83 -64.99
N ILE L 676 -92.21 16.33 -64.19
CA ILE L 676 -92.30 16.28 -62.73
C ILE L 676 -92.68 17.69 -62.28
N GLN L 677 -93.95 17.86 -61.90
CA GLN L 677 -94.47 19.19 -61.59
C GLN L 677 -93.92 19.70 -60.27
N PHE L 678 -93.93 18.86 -59.23
CA PHE L 678 -93.67 19.34 -57.89
C PHE L 678 -93.05 18.25 -57.04
N LEU L 679 -92.38 18.67 -55.98
CA LEU L 679 -91.82 17.78 -54.97
C LEU L 679 -92.48 18.08 -53.63
N THR L 680 -92.94 17.03 -52.95
CA THR L 680 -93.49 17.15 -51.61
C THR L 680 -92.54 16.47 -50.63
N ILE L 681 -92.15 17.19 -49.59
CA ILE L 681 -91.30 16.64 -48.54
C ILE L 681 -92.19 16.33 -47.34
N GLY L 682 -92.30 15.04 -47.01
CA GLY L 682 -93.05 14.61 -45.86
C GLY L 682 -92.16 14.35 -44.66
N ALA L 683 -92.80 14.13 -43.52
CA ALA L 683 -92.11 13.80 -42.28
C ALA L 683 -90.98 14.78 -42.01
N GLY L 684 -91.33 16.05 -41.86
CA GLY L 684 -90.36 17.08 -41.51
C GLY L 684 -90.28 18.16 -42.56
N VAL L 685 -89.87 19.35 -42.13
CA VAL L 685 -89.73 20.51 -42.99
C VAL L 685 -88.25 20.79 -43.16
N PRO L 686 -87.75 20.95 -44.39
CA PRO L 686 -86.31 21.20 -44.56
C PRO L 686 -85.90 22.55 -43.97
N SER L 687 -84.62 22.64 -43.67
CA SER L 687 -84.05 23.92 -43.23
C SER L 687 -84.10 24.94 -44.37
N LEU L 688 -83.77 26.19 -44.04
CA LEU L 688 -83.83 27.23 -45.04
C LEU L 688 -82.85 26.98 -46.18
N GLU L 689 -81.64 26.56 -45.86
CA GLU L 689 -80.64 26.34 -46.91
C GLU L 689 -81.06 25.21 -47.84
N VAL L 690 -81.53 24.11 -47.26
CA VAL L 690 -81.94 22.98 -48.08
C VAL L 690 -83.16 23.34 -48.93
N ALA L 691 -84.10 24.08 -48.36
CA ALA L 691 -85.26 24.51 -49.13
C ALA L 691 -84.86 25.43 -50.27
N SER L 692 -83.94 26.36 -50.02
CA SER L 692 -83.47 27.24 -51.09
C SER L 692 -82.78 26.44 -52.18
N GLU L 693 -81.98 25.45 -51.80
CA GLU L 693 -81.34 24.61 -52.80
C GLU L 693 -82.38 23.87 -53.63
N TYR L 694 -83.38 23.29 -52.98
CA TYR L 694 -84.45 22.62 -53.73
C TYR L 694 -85.09 23.58 -54.72
N ILE L 695 -85.54 24.74 -54.22
CA ILE L 695 -86.30 25.67 -55.05
C ILE L 695 -85.45 26.16 -56.22
N GLU L 696 -84.16 26.41 -55.99
CA GLU L 696 -83.32 26.98 -57.02
C GLU L 696 -82.93 25.95 -58.06
N THR L 697 -82.41 24.80 -57.62
CA THR L 697 -81.78 23.87 -58.56
C THR L 697 -82.78 22.91 -59.18
N LEU L 698 -83.78 22.46 -58.42
CA LEU L 698 -84.60 21.37 -58.93
C LEU L 698 -85.44 21.78 -60.14
N GLY L 699 -85.73 23.07 -60.29
CA GLY L 699 -86.50 23.51 -61.43
C GLY L 699 -87.90 22.95 -61.48
N LEU L 700 -88.62 22.99 -60.37
CA LEU L 700 -90.00 22.51 -60.29
C LEU L 700 -90.97 23.68 -60.34
N LYS L 701 -92.24 23.35 -60.59
CA LYS L 701 -93.27 24.37 -60.61
C LYS L 701 -93.59 24.87 -59.21
N TYR L 702 -93.75 23.96 -58.25
CA TYR L 702 -93.98 24.37 -56.88
C TYR L 702 -93.48 23.30 -55.93
N LEU L 703 -93.29 23.70 -54.68
CA LEU L 703 -92.79 22.84 -53.61
C LEU L 703 -93.91 22.54 -52.64
N GLY L 704 -94.04 21.28 -52.26
CA GLY L 704 -95.02 20.88 -51.26
C GLY L 704 -94.32 20.61 -49.93
N LEU L 705 -94.92 21.12 -48.87
CA LEU L 705 -94.41 20.92 -47.52
C LEU L 705 -95.53 20.46 -46.62
N LYS L 706 -95.18 19.63 -45.64
CA LYS L 706 -96.15 19.03 -44.71
C LYS L 706 -95.68 19.34 -43.28
N PRO L 707 -95.93 20.56 -42.81
CA PRO L 707 -95.62 20.87 -41.41
C PRO L 707 -96.47 20.05 -40.47
N GLY L 708 -95.93 19.76 -39.29
CA GLY L 708 -96.67 18.95 -38.34
C GLY L 708 -97.15 19.72 -37.14
N SER L 709 -96.51 20.83 -36.81
CA SER L 709 -96.85 21.58 -35.60
C SER L 709 -96.79 23.07 -35.90
N ILE L 710 -96.94 23.89 -34.86
CA ILE L 710 -96.88 25.34 -35.02
C ILE L 710 -95.50 25.76 -35.50
N ASP L 711 -94.45 25.20 -34.89
CA ASP L 711 -93.09 25.56 -35.28
C ASP L 711 -92.80 25.17 -36.72
N ALA L 712 -93.29 24.01 -37.15
CA ALA L 712 -93.13 23.62 -38.54
C ALA L 712 -93.81 24.61 -39.47
N ILE L 713 -95.00 25.09 -39.09
CA ILE L 713 -95.70 26.08 -39.91
C ILE L 713 -94.89 27.37 -39.97
N SER L 714 -94.28 27.77 -38.85
CA SER L 714 -93.43 28.95 -38.87
C SER L 714 -92.25 28.76 -39.81
N GLN L 715 -91.65 27.57 -39.80
CA GLN L 715 -90.54 27.29 -40.71
C GLN L 715 -90.99 27.38 -42.16
N VAL L 716 -92.18 26.85 -42.45
CA VAL L 716 -92.71 26.95 -43.81
C VAL L 716 -92.92 28.40 -44.20
N ILE L 717 -93.44 29.21 -43.28
CA ILE L 717 -93.62 30.63 -43.55
C ILE L 717 -92.29 31.30 -43.85
N ASN L 718 -91.25 30.96 -43.08
CA ASN L 718 -89.94 31.55 -43.34
C ASN L 718 -89.43 31.17 -44.71
N ILE L 719 -89.58 29.89 -45.09
CA ILE L 719 -89.17 29.47 -46.42
C ILE L 719 -89.90 30.27 -47.49
N ALA L 720 -91.23 30.37 -47.35
CA ALA L 720 -92.01 31.11 -48.34
C ALA L 720 -91.60 32.57 -48.41
N LYS L 721 -91.21 33.14 -47.26
CA LYS L 721 -90.78 34.54 -47.24
C LYS L 721 -89.45 34.70 -47.96
N ALA L 722 -88.53 33.74 -47.80
CA ALA L 722 -87.24 33.84 -48.45
C ALA L 722 -87.35 33.81 -49.96
N HIS L 723 -88.43 33.23 -50.51
CA HIS L 723 -88.63 33.12 -51.95
C HIS L 723 -90.04 33.59 -52.27
N PRO L 724 -90.28 34.90 -52.20
CA PRO L 724 -91.66 35.40 -52.30
C PRO L 724 -92.36 35.07 -53.60
N ASN L 725 -91.63 34.79 -54.68
CA ASN L 725 -92.28 34.51 -55.95
C ASN L 725 -92.57 33.04 -56.17
N PHE L 726 -91.85 32.15 -55.49
CA PHE L 726 -92.01 30.71 -55.73
C PHE L 726 -93.24 30.18 -55.01
N PRO L 727 -94.14 29.48 -55.70
CA PRO L 727 -95.32 28.92 -55.01
C PRO L 727 -94.91 27.82 -54.04
N ILE L 728 -95.52 27.85 -52.85
CA ILE L 728 -95.31 26.87 -51.81
C ILE L 728 -96.67 26.29 -51.43
N ALA L 729 -96.77 24.96 -51.43
CA ALA L 729 -98.02 24.28 -51.08
C ALA L 729 -97.90 23.81 -49.63
N LEU L 730 -98.57 24.50 -48.73
CA LEU L 730 -98.60 24.13 -47.32
C LEU L 730 -99.67 23.06 -47.15
N GLN L 731 -99.24 21.80 -47.11
CA GLN L 731 -100.17 20.68 -46.92
C GLN L 731 -100.30 20.45 -45.42
N TRP L 732 -101.42 20.92 -44.86
CA TRP L 732 -101.65 20.78 -43.44
C TRP L 732 -102.50 19.57 -43.12
N THR L 733 -102.06 18.80 -42.15
CA THR L 733 -102.80 17.62 -41.73
C THR L 733 -102.69 17.48 -40.24
N GLY L 734 -103.78 17.06 -39.60
CA GLY L 734 -103.77 16.86 -38.18
C GLY L 734 -103.29 15.49 -37.78
N GLY L 735 -103.34 15.18 -36.49
CA GLY L 735 -102.94 13.89 -36.00
C GLY L 735 -103.92 12.78 -36.30
N ARG L 736 -105.08 13.12 -36.87
CA ARG L 736 -106.14 12.17 -37.14
C ARG L 736 -105.98 11.49 -38.50
N GLY L 737 -104.91 11.76 -39.23
CA GLY L 737 -104.71 11.14 -40.52
C GLY L 737 -104.21 9.71 -40.41
N GLY L 738 -104.18 9.03 -41.56
CA GLY L 738 -103.69 7.67 -41.59
C GLY L 738 -102.18 7.60 -41.59
N GLY L 739 -101.66 6.41 -41.31
CA GLY L 739 -100.23 6.20 -41.33
C GLY L 739 -99.53 6.98 -40.24
N HIS L 740 -98.28 7.36 -40.53
CA HIS L 740 -97.52 8.19 -39.60
C HIS L 740 -98.29 9.47 -39.30
N HIS L 741 -98.42 9.79 -38.02
CA HIS L 741 -99.24 10.92 -37.61
C HIS L 741 -98.63 11.56 -36.37
N SER L 742 -99.15 12.75 -36.07
CA SER L 742 -98.65 13.50 -34.93
C SER L 742 -99.68 13.57 -33.85
N PHE L 743 -99.43 14.39 -32.85
CA PHE L 743 -100.32 14.53 -31.70
C PHE L 743 -101.17 15.79 -31.78
N GLU L 744 -101.17 16.47 -32.91
CA GLU L 744 -101.85 17.76 -33.00
C GLU L 744 -103.31 17.72 -33.37
N ASP L 745 -104.09 18.65 -32.82
CA ASP L 745 -105.48 18.77 -33.21
C ASP L 745 -105.49 19.26 -34.64
N ALA L 746 -106.58 19.00 -35.36
CA ALA L 746 -106.66 19.41 -36.75
C ALA L 746 -107.07 20.87 -36.93
N HIS L 747 -107.61 21.51 -35.91
CA HIS L 747 -108.23 22.82 -36.06
C HIS L 747 -107.50 23.95 -35.35
N THR L 748 -107.00 23.69 -34.14
CA THR L 748 -106.38 24.77 -33.38
C THR L 748 -105.14 25.36 -34.06
N PRO L 749 -104.27 24.52 -34.63
CA PRO L 749 -103.09 25.14 -35.21
C PRO L 749 -103.45 26.05 -36.38
N MET L 750 -104.49 25.68 -37.13
CA MET L 750 -104.93 26.51 -38.25
C MET L 750 -105.55 27.81 -37.75
N LEU L 751 -106.34 27.74 -36.70
CA LEU L 751 -106.93 28.94 -36.15
C LEU L 751 -105.85 29.89 -35.63
N GLN L 752 -104.72 29.37 -35.17
CA GLN L 752 -103.63 30.21 -34.70
C GLN L 752 -102.86 30.83 -35.87
N MET L 753 -102.60 30.06 -36.93
CA MET L 753 -101.63 30.45 -37.94
C MET L 753 -102.24 30.89 -39.27
N TYR L 754 -103.56 30.88 -39.41
CA TYR L 754 -104.16 31.20 -40.70
C TYR L 754 -103.77 32.59 -41.17
N SER L 755 -103.82 33.57 -40.27
CA SER L 755 -103.46 34.93 -40.63
C SER L 755 -102.01 35.02 -41.10
N LYS L 756 -101.08 34.46 -40.33
CA LYS L 756 -99.68 34.48 -40.74
C LYS L 756 -99.51 33.83 -42.10
N ILE L 757 -100.19 32.71 -42.34
CA ILE L 757 -100.05 32.03 -43.62
C ILE L 757 -100.56 32.92 -44.75
N ARG L 758 -101.71 33.56 -44.56
CA ARG L 758 -102.25 34.41 -45.61
C ARG L 758 -101.51 35.73 -45.76
N ARG L 759 -100.61 36.07 -44.82
CA ARG L 759 -99.73 37.20 -45.05
C ARG L 759 -98.92 37.02 -46.33
N HIS L 760 -98.70 35.78 -46.74
CA HIS L 760 -97.79 35.45 -47.84
C HIS L 760 -98.59 34.90 -49.02
N PRO L 761 -98.81 35.66 -50.09
CA PRO L 761 -99.70 35.19 -51.15
C PRO L 761 -99.20 33.97 -51.90
N ASN L 762 -97.90 33.66 -51.84
CA ASN L 762 -97.36 32.53 -52.57
C ASN L 762 -97.62 31.18 -51.89
N ILE L 763 -98.13 31.18 -50.66
CA ILE L 763 -98.46 29.94 -49.98
C ILE L 763 -99.86 29.50 -50.39
N MET L 764 -99.99 28.24 -50.80
CA MET L 764 -101.27 27.63 -51.10
C MET L 764 -101.63 26.70 -49.96
N LEU L 765 -102.82 26.87 -49.39
CA LEU L 765 -103.22 26.20 -48.16
C LEU L 765 -104.07 24.98 -48.49
N ILE L 766 -103.53 23.80 -48.21
CA ILE L 766 -104.23 22.54 -48.42
C ILE L 766 -104.58 21.96 -47.07
N PHE L 767 -105.80 21.42 -46.96
CA PHE L 767 -106.28 20.81 -45.73
C PHE L 767 -106.50 19.32 -45.98
N GLY L 768 -105.96 18.48 -45.09
CA GLY L 768 -106.16 17.05 -45.17
C GLY L 768 -106.38 16.40 -43.81
N SER L 769 -106.16 15.09 -43.72
CA SER L 769 -106.33 14.34 -42.47
C SER L 769 -107.80 14.34 -42.02
N GLY L 770 -108.61 13.59 -42.76
CA GLY L 770 -109.89 13.18 -42.24
C GLY L 770 -111.06 13.38 -43.17
N PHE L 771 -110.77 13.69 -44.43
CA PHE L 771 -111.79 14.06 -45.40
C PHE L 771 -112.05 12.91 -46.35
N GLY L 772 -113.32 12.71 -46.71
CA GLY L 772 -113.66 11.71 -47.70
C GLY L 772 -114.82 12.06 -48.60
N SER L 773 -115.34 13.29 -48.55
CA SER L 773 -116.50 13.63 -49.35
C SER L 773 -116.60 15.13 -49.51
N ALA L 774 -117.42 15.54 -50.48
CA ALA L 774 -117.71 16.96 -50.68
C ALA L 774 -118.45 17.56 -49.49
N ASP L 775 -119.33 16.80 -48.85
CA ASP L 775 -120.10 17.32 -47.74
C ASP L 775 -119.19 17.78 -46.60
N ASP L 776 -118.19 16.98 -46.27
CA ASP L 776 -117.34 17.29 -45.12
C ASP L 776 -116.17 18.20 -45.46
N THR L 777 -115.95 18.50 -46.74
CA THR L 777 -114.92 19.47 -47.11
C THR L 777 -115.49 20.82 -47.48
N TYR L 778 -116.75 20.88 -47.93
CA TYR L 778 -117.31 22.16 -48.35
C TYR L 778 -117.22 23.24 -47.28
N PRO L 779 -117.48 22.98 -46.00
CA PRO L 779 -117.30 24.03 -44.99
C PRO L 779 -115.89 24.60 -44.97
N TYR L 780 -114.87 23.79 -45.23
CA TYR L 780 -113.51 24.29 -45.27
C TYR L 780 -113.21 25.02 -46.57
N LEU L 781 -113.88 24.64 -47.66
CA LEU L 781 -113.73 25.37 -48.91
C LEU L 781 -114.31 26.77 -48.81
N THR L 782 -115.45 26.92 -48.15
CA THR L 782 -116.06 28.23 -47.99
C THR L 782 -115.56 28.99 -46.78
N GLY L 783 -114.77 28.36 -45.91
CA GLY L 783 -114.28 29.01 -44.72
C GLY L 783 -115.25 29.05 -43.57
N GLU L 784 -116.47 28.52 -43.74
CA GLU L 784 -117.48 28.53 -42.71
C GLU L 784 -117.12 27.65 -41.51
N TRP L 785 -116.07 26.84 -41.62
CA TRP L 785 -115.68 25.97 -40.51
C TRP L 785 -115.27 26.78 -39.30
N SER L 786 -114.49 27.84 -39.51
CA SER L 786 -113.92 28.58 -38.39
C SER L 786 -114.94 29.40 -37.63
N THR L 787 -116.16 29.57 -38.17
CA THR L 787 -117.17 30.32 -37.44
C THR L 787 -117.66 29.55 -36.22
N LYS L 788 -117.61 28.22 -36.26
CA LYS L 788 -118.02 27.44 -35.10
C LYS L 788 -117.10 27.67 -33.92
N PHE L 789 -115.89 28.17 -34.16
CA PHE L 789 -114.95 28.54 -33.12
C PHE L 789 -114.98 30.03 -32.81
N ASP L 790 -116.03 30.72 -33.26
CA ASP L 790 -116.15 32.17 -33.07
C ASP L 790 -114.96 32.88 -33.69
N TYR L 791 -114.74 32.63 -34.97
CA TYR L 791 -113.71 33.23 -35.77
C TYR L 791 -114.31 33.68 -37.09
N PRO L 792 -113.65 34.59 -37.82
CA PRO L 792 -114.10 34.91 -39.16
C PRO L 792 -113.86 33.75 -40.12
N PRO L 793 -114.62 33.66 -41.21
CA PRO L 793 -114.41 32.55 -42.14
C PRO L 793 -112.98 32.51 -42.66
N MET L 794 -112.44 31.29 -42.79
CA MET L 794 -111.07 31.12 -43.25
C MET L 794 -111.02 30.07 -44.35
N PRO L 795 -111.33 30.47 -45.59
CA PRO L 795 -111.35 29.51 -46.71
C PRO L 795 -109.98 28.90 -46.95
N PHE L 796 -109.99 27.68 -47.47
CA PHE L 796 -108.77 26.95 -47.79
C PHE L 796 -108.64 26.81 -49.30
N ASP L 797 -107.41 26.52 -49.74
CA ASP L 797 -107.11 26.46 -51.16
C ASP L 797 -107.33 25.10 -51.77
N GLY L 798 -107.28 24.02 -50.99
CA GLY L 798 -107.47 22.70 -51.54
C GLY L 798 -107.45 21.65 -50.45
N PHE L 799 -107.63 20.40 -50.87
CA PHE L 799 -107.73 19.27 -49.96
C PHE L 799 -106.96 18.09 -50.50
N LEU L 800 -106.52 17.22 -49.57
CA LEU L 800 -105.87 15.97 -49.91
C LEU L 800 -106.61 14.82 -49.25
N PHE L 801 -106.72 13.71 -49.98
CA PHE L 801 -107.44 12.52 -49.51
C PHE L 801 -106.51 11.32 -49.57
N GLY L 802 -105.94 10.95 -48.44
CA GLY L 802 -105.09 9.76 -48.37
C GLY L 802 -105.86 8.47 -48.19
N SER L 803 -106.53 8.30 -47.05
CA SER L 803 -107.19 7.04 -46.75
C SER L 803 -108.38 6.79 -47.67
N ARG L 804 -109.01 7.85 -48.17
CA ARG L 804 -110.29 7.69 -48.86
C ARG L 804 -110.16 6.85 -50.13
N VAL L 805 -108.97 6.81 -50.74
CA VAL L 805 -108.80 6.15 -52.02
C VAL L 805 -108.13 4.79 -51.91
N MET L 806 -107.86 4.32 -50.69
CA MET L 806 -107.14 3.07 -50.55
C MET L 806 -107.95 1.87 -51.04
N ILE L 807 -109.27 2.03 -51.21
CA ILE L 807 -110.08 0.96 -51.78
C ILE L 807 -110.54 1.35 -53.18
N ALA L 808 -109.74 2.17 -53.86
CA ALA L 808 -110.02 2.47 -55.25
C ALA L 808 -109.67 1.27 -56.12
N LYS L 809 -110.33 1.20 -57.29
CA LYS L 809 -110.16 0.04 -58.16
C LYS L 809 -108.73 -0.09 -58.68
N GLU L 810 -108.02 1.03 -58.84
CA GLU L 810 -106.70 1.00 -59.44
C GLU L 810 -105.57 0.85 -58.44
N VAL L 811 -105.86 0.90 -57.14
CA VAL L 811 -104.82 0.71 -56.14
C VAL L 811 -104.54 -0.77 -55.99
N LYS L 812 -103.32 -1.10 -55.53
CA LYS L 812 -102.85 -2.48 -55.51
C LYS L 812 -103.18 -3.20 -54.20
N THR L 813 -104.02 -2.62 -53.36
CA THR L 813 -104.41 -3.29 -52.13
C THR L 813 -105.09 -4.62 -52.45
N SER L 814 -104.78 -5.65 -51.67
CA SER L 814 -105.35 -6.95 -51.90
C SER L 814 -106.85 -6.94 -51.65
N PRO L 815 -107.63 -7.74 -52.38
CA PRO L 815 -109.09 -7.71 -52.19
C PRO L 815 -109.52 -7.95 -50.75
N ASP L 816 -108.88 -8.88 -50.04
CA ASP L 816 -109.19 -9.06 -48.63
C ASP L 816 -108.78 -7.85 -47.82
N ALA L 817 -107.66 -7.22 -48.18
CA ALA L 817 -107.28 -5.97 -47.52
C ALA L 817 -108.30 -4.87 -47.78
N LYS L 818 -108.83 -4.80 -49.00
CA LYS L 818 -109.87 -3.81 -49.29
C LYS L 818 -111.11 -4.07 -48.46
N LYS L 819 -111.52 -5.33 -48.34
CA LYS L 819 -112.66 -5.64 -47.49
C LYS L 819 -112.40 -5.28 -46.05
N CYS L 820 -111.19 -5.57 -45.56
CA CYS L 820 -110.85 -5.21 -44.19
C CYS L 820 -110.94 -3.70 -43.98
N ILE L 821 -110.40 -2.93 -44.91
CA ILE L 821 -110.46 -1.49 -44.81
C ILE L 821 -111.91 -1.03 -44.75
N ALA L 822 -112.71 -1.49 -45.70
CA ALA L 822 -114.11 -1.08 -45.75
C ALA L 822 -114.85 -1.44 -44.46
N ALA L 823 -114.53 -2.57 -43.87
CA ALA L 823 -115.22 -3.00 -42.66
C ALA L 823 -114.97 -2.07 -41.47
N CYS L 824 -113.87 -1.31 -41.50
CA CYS L 824 -113.62 -0.34 -40.45
C CYS L 824 -114.69 0.73 -40.51
N THR L 825 -115.16 1.17 -39.35
CA THR L 825 -116.26 2.13 -39.30
C THR L 825 -115.78 3.56 -39.08
N GLY L 826 -114.57 3.69 -38.59
CA GLY L 826 -114.04 5.01 -38.30
C GLY L 826 -114.73 5.63 -37.10
N VAL L 827 -114.28 6.84 -36.78
CA VAL L 827 -114.79 7.55 -35.60
C VAL L 827 -114.85 9.04 -35.90
N PRO L 828 -115.75 9.76 -35.24
CA PRO L 828 -115.77 11.22 -35.39
C PRO L 828 -114.53 11.87 -34.79
N ASP L 829 -114.30 13.12 -35.20
CA ASP L 829 -113.04 13.79 -34.88
C ASP L 829 -112.85 13.96 -33.38
N ASP L 830 -113.93 14.14 -32.63
CA ASP L 830 -113.79 14.39 -31.19
C ASP L 830 -113.30 13.18 -30.43
N LYS L 831 -113.21 12.01 -31.06
CA LYS L 831 -112.77 10.80 -30.39
C LYS L 831 -111.57 10.14 -31.05
N TRP L 832 -111.00 10.73 -32.09
CA TRP L 832 -109.85 10.11 -32.75
C TRP L 832 -108.70 9.88 -31.77
N GLU L 833 -108.60 10.69 -30.73
CA GLU L 833 -107.52 10.54 -29.77
C GLU L 833 -107.57 9.20 -29.05
N GLN L 834 -108.70 8.50 -29.11
CA GLN L 834 -108.80 7.19 -28.48
C GLN L 834 -108.28 6.10 -29.42
N THR L 835 -107.10 6.31 -29.99
CA THR L 835 -106.36 5.28 -30.68
C THR L 835 -105.01 5.04 -30.04
N TYR L 836 -104.55 5.94 -29.18
CA TYR L 836 -103.34 5.71 -28.42
C TYR L 836 -103.49 4.61 -27.38
N LYS L 837 -104.72 4.21 -27.07
CA LYS L 837 -104.97 3.28 -25.98
C LYS L 837 -105.65 1.99 -26.42
N LYS L 838 -106.59 2.05 -27.35
CA LYS L 838 -107.35 0.87 -27.74
C LYS L 838 -107.93 1.08 -29.13
N PRO L 839 -108.34 0.02 -29.81
CA PRO L 839 -108.98 0.19 -31.11
C PRO L 839 -110.23 1.02 -31.01
N THR L 840 -110.44 1.89 -32.00
CA THR L 840 -111.62 2.74 -32.07
C THR L 840 -112.00 2.89 -33.53
N GLY L 841 -113.23 2.52 -33.86
CA GLY L 841 -113.64 2.52 -35.25
C GLY L 841 -112.87 1.54 -36.10
N GLY L 842 -112.18 0.57 -35.49
CA GLY L 842 -111.37 -0.37 -36.22
C GLY L 842 -109.92 0.03 -36.41
N ILE L 843 -109.49 1.16 -35.87
CA ILE L 843 -108.13 1.64 -36.02
C ILE L 843 -107.53 1.83 -34.64
N VAL L 844 -106.21 1.69 -34.57
CA VAL L 844 -105.45 1.86 -33.33
C VAL L 844 -104.09 2.47 -33.70
N THR L 845 -103.39 2.96 -32.68
CA THR L 845 -102.08 3.56 -32.85
C THR L 845 -101.01 2.65 -32.28
N VAL L 846 -99.93 2.46 -33.03
CA VAL L 846 -98.78 1.68 -32.58
C VAL L 846 -97.53 2.45 -32.96
N ARG L 847 -96.42 2.11 -32.31
CA ARG L 847 -95.16 2.81 -32.50
C ARG L 847 -94.33 2.09 -33.55
N SER L 848 -93.56 2.88 -34.30
CA SER L 848 -92.71 2.34 -35.36
C SER L 848 -91.35 1.95 -34.78
N GLU L 849 -90.41 1.63 -35.66
CA GLU L 849 -89.07 1.25 -35.20
C GLU L 849 -88.42 2.38 -34.40
N MET L 850 -88.55 3.61 -34.89
CA MET L 850 -87.97 4.76 -34.21
C MET L 850 -88.87 5.31 -33.12
N GLY L 851 -90.07 4.78 -32.97
CA GLY L 851 -90.98 5.23 -31.93
C GLY L 851 -92.05 6.21 -32.37
N GLU L 852 -92.29 6.36 -33.67
CA GLU L 852 -93.28 7.32 -34.14
C GLU L 852 -94.67 6.69 -34.20
N PRO L 853 -95.72 7.39 -33.77
CA PRO L 853 -97.07 6.82 -33.89
C PRO L 853 -97.46 6.56 -35.33
N ILE L 854 -98.19 5.47 -35.54
CA ILE L 854 -98.77 5.14 -36.83
C ILE L 854 -100.18 4.67 -36.61
N HIS L 855 -101.09 5.11 -37.47
CA HIS L 855 -102.48 4.65 -37.45
C HIS L 855 -102.62 3.45 -38.36
N LYS L 856 -102.94 2.29 -37.78
CA LYS L 856 -103.10 1.06 -38.52
C LYS L 856 -104.40 0.39 -38.13
N ILE L 857 -104.94 -0.41 -39.05
CA ILE L 857 -106.14 -1.17 -38.75
C ILE L 857 -105.83 -2.19 -37.65
N ALA L 858 -106.73 -2.30 -36.69
CA ALA L 858 -106.53 -3.17 -35.53
C ALA L 858 -106.76 -4.63 -35.94
N THR L 859 -105.80 -5.16 -36.68
CA THR L 859 -105.76 -6.58 -37.00
C THR L 859 -105.01 -7.32 -35.89
N ARG L 860 -105.15 -8.65 -35.90
CA ARG L 860 -104.48 -9.46 -34.89
C ARG L 860 -102.97 -9.19 -34.90
N GLY L 861 -102.39 -9.02 -36.09
CA GLY L 861 -100.98 -8.68 -36.16
C GLY L 861 -100.68 -7.34 -35.52
N VAL L 862 -101.52 -6.33 -35.78
CA VAL L 862 -101.29 -5.03 -35.18
C VAL L 862 -101.54 -5.07 -33.68
N MET L 863 -102.52 -5.87 -33.24
CA MET L 863 -102.75 -6.00 -31.80
C MET L 863 -101.56 -6.64 -31.11
N LEU L 864 -100.97 -7.67 -31.73
CA LEU L 864 -99.73 -8.22 -31.20
C LEU L 864 -98.62 -7.17 -31.19
N TRP L 865 -98.55 -6.37 -32.24
CA TRP L 865 -97.57 -5.28 -32.29
C TRP L 865 -97.73 -4.35 -31.11
N LYS L 866 -98.97 -3.95 -30.81
CA LYS L 866 -99.23 -3.05 -29.68
C LYS L 866 -98.87 -3.70 -28.36
N GLU L 867 -99.25 -4.97 -28.19
CA GLU L 867 -98.93 -5.69 -26.97
C GLU L 867 -97.42 -5.71 -26.74
N PHE L 868 -96.66 -6.09 -27.76
CA PHE L 868 -95.21 -6.11 -27.62
C PHE L 868 -94.69 -4.70 -27.37
N ASP L 869 -95.25 -3.70 -28.04
CA ASP L 869 -94.82 -2.32 -27.80
C ASP L 869 -94.86 -2.00 -26.32
N GLU L 870 -95.96 -2.34 -25.66
CA GLU L 870 -96.09 -1.99 -24.25
C GLU L 870 -95.52 -3.03 -23.28
N THR L 871 -95.08 -4.18 -23.77
CA THR L 871 -94.62 -5.24 -22.86
C THR L 871 -93.16 -5.66 -23.05
N ILE L 872 -92.58 -5.52 -24.24
CA ILE L 872 -91.22 -5.95 -24.53
C ILE L 872 -90.35 -4.80 -25.00
N PHE L 873 -90.83 -4.03 -25.97
CA PHE L 873 -89.99 -3.05 -26.64
C PHE L 873 -89.75 -1.80 -25.81
N ASN L 874 -90.54 -1.59 -24.76
CA ASN L 874 -90.31 -0.48 -23.85
C ASN L 874 -89.41 -0.88 -22.68
N LEU L 875 -88.97 -2.12 -22.62
CA LEU L 875 -88.12 -2.55 -21.52
C LEU L 875 -86.71 -1.97 -21.68
N PRO L 876 -86.02 -1.73 -20.57
CA PRO L 876 -84.62 -1.32 -20.66
C PRO L 876 -83.76 -2.44 -21.22
N LYS L 877 -82.55 -2.06 -21.66
CA LYS L 877 -81.68 -3.01 -22.34
C LYS L 877 -81.34 -4.19 -21.43
N ASN L 878 -81.03 -3.92 -20.16
CA ASN L 878 -80.63 -4.98 -19.25
C ASN L 878 -81.75 -5.94 -18.93
N LYS L 879 -83.00 -5.64 -19.29
CA LYS L 879 -84.12 -6.52 -19.03
C LYS L 879 -84.69 -7.16 -20.28
N LEU L 880 -84.28 -6.73 -21.46
CA LEU L 880 -84.89 -7.23 -22.69
C LEU L 880 -84.66 -8.72 -22.84
N VAL L 881 -83.40 -9.16 -22.77
CA VAL L 881 -83.09 -10.57 -23.00
C VAL L 881 -83.72 -11.47 -21.96
N PRO L 882 -83.62 -11.19 -20.65
CA PRO L 882 -84.33 -12.04 -19.69
C PRO L 882 -85.81 -12.17 -19.99
N THR L 883 -86.46 -11.08 -20.41
CA THR L 883 -87.88 -11.16 -20.71
C THR L 883 -88.14 -12.04 -21.92
N LEU L 884 -87.38 -11.86 -23.00
CA LEU L 884 -87.53 -12.72 -24.16
C LEU L 884 -87.35 -14.18 -23.77
N GLU L 885 -86.32 -14.46 -22.97
CA GLU L 885 -86.07 -15.84 -22.54
C GLU L 885 -87.22 -16.39 -21.71
N ALA L 886 -87.77 -15.56 -20.81
CA ALA L 886 -88.88 -16.02 -19.99
C ALA L 886 -90.12 -16.27 -20.81
N LYS L 887 -90.31 -15.54 -21.90
CA LYS L 887 -91.55 -15.56 -22.66
C LYS L 887 -91.39 -16.22 -24.02
N ARG L 888 -90.36 -17.06 -24.20
CA ARG L 888 -90.08 -17.61 -25.52
C ARG L 888 -91.28 -18.37 -26.07
N ASP L 889 -91.90 -19.20 -25.25
CA ASP L 889 -92.99 -20.03 -25.76
C ASP L 889 -94.20 -19.18 -26.15
N TYR L 890 -94.58 -18.25 -25.27
CA TYR L 890 -95.70 -17.38 -25.58
C TYR L 890 -95.42 -16.53 -26.81
N ILE L 891 -94.21 -15.97 -26.90
CA ILE L 891 -93.87 -15.13 -28.05
C ILE L 891 -93.90 -15.94 -29.33
N ILE L 892 -93.34 -17.15 -29.32
CA ILE L 892 -93.31 -17.97 -30.52
C ILE L 892 -94.73 -18.33 -30.94
N SER L 893 -95.58 -18.72 -29.99
CA SER L 893 -96.94 -19.07 -30.34
C SER L 893 -97.69 -17.87 -30.92
N ARG L 894 -97.51 -16.69 -30.32
CA ARG L 894 -98.13 -15.49 -30.87
C ARG L 894 -97.64 -15.21 -32.29
N LEU L 895 -96.34 -15.30 -32.51
CA LEU L 895 -95.80 -15.05 -33.84
C LEU L 895 -96.41 -16.00 -34.86
N ASN L 896 -96.45 -17.29 -34.53
CA ASN L 896 -96.94 -18.27 -35.49
C ASN L 896 -98.44 -18.13 -35.71
N ALA L 897 -99.17 -17.65 -34.72
CA ALA L 897 -100.62 -17.58 -34.87
C ALA L 897 -101.10 -16.30 -35.53
N ASP L 898 -100.51 -15.15 -35.18
CA ASP L 898 -101.17 -13.87 -35.40
C ASP L 898 -100.32 -12.81 -36.08
N PHE L 899 -99.19 -13.17 -36.69
CA PHE L 899 -98.30 -12.16 -37.27
C PHE L 899 -97.89 -12.53 -38.68
N GLN L 900 -97.51 -11.50 -39.44
CA GLN L 900 -97.07 -11.67 -40.82
C GLN L 900 -95.65 -12.19 -40.95
N LYS L 901 -94.87 -12.17 -39.85
CA LYS L 901 -93.51 -12.72 -39.83
C LYS L 901 -93.49 -13.83 -38.79
N PRO L 902 -93.75 -15.07 -39.18
CA PRO L 902 -93.83 -16.15 -38.20
C PRO L 902 -92.45 -16.59 -37.70
N TRP L 903 -92.48 -17.38 -36.63
CA TRP L 903 -91.28 -18.01 -36.11
C TRP L 903 -90.72 -18.96 -37.16
N PHE L 904 -89.46 -18.73 -37.58
CA PHE L 904 -88.91 -19.52 -38.68
C PHE L 904 -88.85 -21.00 -38.31
N ALA L 905 -88.28 -21.33 -37.15
CA ALA L 905 -88.02 -22.71 -36.77
C ALA L 905 -89.30 -23.34 -36.22
N THR L 906 -90.21 -23.62 -37.13
CA THR L 906 -91.48 -24.29 -36.82
C THR L 906 -91.68 -25.37 -37.87
N VAL L 907 -91.52 -26.63 -37.45
CA VAL L 907 -91.59 -27.76 -38.36
C VAL L 907 -92.92 -28.47 -38.11
N ASN L 908 -93.79 -28.43 -39.12
CA ASN L 908 -95.09 -29.11 -39.04
C ASN L 908 -95.85 -28.67 -37.79
N GLY L 909 -95.79 -27.39 -37.47
CA GLY L 909 -96.52 -26.83 -36.35
C GLY L 909 -95.84 -26.97 -35.00
N GLN L 910 -94.70 -27.65 -34.93
CA GLN L 910 -93.98 -27.83 -33.68
C GLN L 910 -92.89 -26.77 -33.58
N ALA L 911 -92.95 -25.94 -32.55
CA ALA L 911 -91.95 -24.90 -32.36
C ALA L 911 -90.59 -25.52 -32.03
N ARG L 912 -89.54 -24.92 -32.55
CA ARG L 912 -88.20 -25.48 -32.42
C ARG L 912 -87.21 -24.31 -32.33
N ASP L 913 -85.94 -24.62 -32.57
CA ASP L 913 -84.90 -23.63 -32.75
C ASP L 913 -84.11 -23.98 -33.99
N LEU L 914 -83.31 -23.01 -34.46
CA LEU L 914 -82.42 -23.29 -35.58
C LEU L 914 -81.47 -24.43 -35.25
N ALA L 915 -81.01 -24.49 -34.00
CA ALA L 915 -80.08 -25.54 -33.58
C ALA L 915 -80.73 -26.91 -33.54
N THR L 916 -82.06 -26.97 -33.52
CA THR L 916 -82.80 -28.22 -33.40
C THR L 916 -83.47 -28.61 -34.72
N MET L 917 -83.09 -27.97 -35.82
CA MET L 917 -83.62 -28.27 -37.14
C MET L 917 -82.56 -28.99 -37.97
N THR L 918 -83.02 -29.84 -38.87
CA THR L 918 -82.11 -30.49 -39.78
C THR L 918 -81.93 -29.58 -40.97
N TYR L 919 -80.87 -29.77 -41.73
CA TYR L 919 -80.63 -28.97 -42.92
C TYR L 919 -81.81 -29.07 -43.90
N GLU L 920 -82.33 -30.27 -44.07
CA GLU L 920 -83.44 -30.48 -44.96
C GLU L 920 -84.66 -29.71 -44.48
N GLU L 921 -84.91 -29.71 -43.18
CA GLU L 921 -86.05 -28.98 -42.62
C GLU L 921 -85.89 -27.49 -42.86
N VAL L 922 -84.68 -26.98 -42.76
CA VAL L 922 -84.43 -25.57 -43.01
C VAL L 922 -84.69 -25.23 -44.47
N ALA L 923 -84.20 -26.06 -45.39
CA ALA L 923 -84.41 -25.81 -46.81
C ALA L 923 -85.89 -25.82 -47.18
N LYS L 924 -86.62 -26.80 -46.67
CA LYS L 924 -88.05 -26.89 -46.96
C LYS L 924 -88.80 -25.72 -46.36
N ARG L 925 -88.43 -25.28 -45.16
CA ARG L 925 -89.08 -24.13 -44.56
C ARG L 925 -88.83 -22.87 -45.37
N LEU L 926 -87.60 -22.69 -45.85
CA LEU L 926 -87.32 -21.55 -46.70
C LEU L 926 -88.18 -21.57 -47.95
N VAL L 927 -88.30 -22.74 -48.58
CA VAL L 927 -89.14 -22.84 -49.78
C VAL L 927 -90.59 -22.56 -49.44
N GLU L 928 -91.05 -23.01 -48.28
CA GLU L 928 -92.45 -22.83 -47.91
C GLU L 928 -92.77 -21.36 -47.64
N LEU L 929 -91.81 -20.61 -47.10
CA LEU L 929 -92.08 -19.23 -46.72
C LEU L 929 -91.70 -18.20 -47.78
N MET L 930 -90.87 -18.56 -48.77
CA MET L 930 -90.43 -17.59 -49.75
C MET L 930 -90.89 -17.88 -51.17
N PHE L 931 -91.45 -19.06 -51.43
CA PHE L 931 -91.86 -19.46 -52.77
C PHE L 931 -93.37 -19.49 -52.84
N ILE L 932 -93.92 -18.82 -53.84
CA ILE L 932 -95.37 -18.74 -54.01
C ILE L 932 -95.82 -19.84 -54.95
N ARG L 933 -96.73 -20.69 -54.48
CA ARG L 933 -97.22 -21.78 -55.31
C ARG L 933 -98.21 -21.28 -56.36
N SER L 934 -99.04 -20.30 -56.00
CA SER L 934 -100.04 -19.80 -56.94
C SER L 934 -99.37 -19.26 -58.20
N THR L 935 -98.35 -18.44 -58.03
CA THR L 935 -97.62 -17.88 -59.15
C THR L 935 -96.46 -18.74 -59.61
N ASN L 936 -96.18 -19.83 -58.89
CA ASN L 936 -95.11 -20.75 -59.28
C ASN L 936 -93.76 -20.04 -59.36
N SER L 937 -93.56 -19.03 -58.53
CA SER L 937 -92.33 -18.27 -58.57
C SER L 937 -91.93 -17.85 -57.16
N TRP L 938 -90.66 -17.52 -57.01
CA TRP L 938 -90.20 -16.85 -55.81
C TRP L 938 -90.76 -15.44 -55.76
N PHE L 939 -91.10 -14.99 -54.55
CA PHE L 939 -91.65 -13.65 -54.41
C PHE L 939 -90.65 -12.61 -54.88
N ASP L 940 -89.36 -12.82 -54.62
CA ASP L 940 -88.35 -11.96 -55.20
C ASP L 940 -87.04 -12.74 -55.31
N VAL L 941 -86.15 -12.24 -56.15
CA VAL L 941 -84.97 -13.02 -56.54
C VAL L 941 -83.93 -13.06 -55.43
N THR L 942 -83.95 -12.12 -54.49
CA THR L 942 -82.97 -12.16 -53.41
C THR L 942 -83.28 -13.29 -52.44
N TRP L 943 -84.56 -13.63 -52.25
CA TRP L 943 -84.90 -14.81 -51.47
C TRP L 943 -84.47 -16.09 -52.19
N ARG L 944 -84.60 -16.09 -53.51
CA ARG L 944 -84.05 -17.19 -54.32
C ARG L 944 -82.55 -17.34 -54.07
N THR L 945 -81.83 -16.22 -54.10
CA THR L 945 -80.40 -16.25 -53.84
C THR L 945 -80.11 -16.74 -52.43
N PHE L 946 -80.91 -16.32 -51.46
CA PHE L 946 -80.74 -16.79 -50.08
C PHE L 946 -80.82 -18.32 -50.01
N THR L 947 -81.89 -18.88 -50.58
CA THR L 947 -82.06 -20.33 -50.53
C THR L 947 -80.93 -21.05 -51.27
N GLY L 948 -80.51 -20.52 -52.42
CA GLY L 948 -79.40 -21.12 -53.14
C GLY L 948 -78.10 -21.07 -52.36
N ASP L 949 -77.85 -19.96 -51.67
CA ASP L 949 -76.67 -19.87 -50.81
C ASP L 949 -76.71 -20.94 -49.73
N PHE L 950 -77.89 -21.13 -49.13
CA PHE L 950 -78.01 -22.15 -48.09
C PHE L 950 -77.72 -23.54 -48.64
N LEU L 951 -78.25 -23.85 -49.82
CA LEU L 951 -78.00 -25.18 -50.40
C LEU L 951 -76.53 -25.37 -50.76
N ARG L 952 -75.87 -24.32 -51.25
CA ARG L 952 -74.44 -24.42 -51.50
C ARG L 952 -73.68 -24.71 -50.20
N ARG L 953 -74.07 -24.07 -49.10
CA ARG L 953 -73.43 -24.35 -47.83
C ARG L 953 -73.70 -25.79 -47.38
N VAL L 954 -74.91 -26.28 -47.62
CA VAL L 954 -75.21 -27.68 -47.31
C VAL L 954 -74.22 -28.59 -48.02
N GLU L 955 -74.07 -28.39 -49.33
CA GLU L 955 -73.13 -29.19 -50.09
C GLU L 955 -71.72 -29.07 -49.53
N GLU L 956 -71.30 -27.88 -49.15
CA GLU L 956 -69.96 -27.69 -48.64
C GLU L 956 -69.77 -28.45 -47.33
N ARG L 957 -70.78 -28.41 -46.46
CA ARG L 957 -70.69 -29.09 -45.18
C ARG L 957 -70.59 -30.59 -45.35
N PHE L 958 -71.40 -31.18 -46.24
CA PHE L 958 -71.51 -32.62 -46.29
C PHE L 958 -70.71 -33.28 -47.40
N THR L 959 -69.86 -32.55 -48.09
CA THR L 959 -69.04 -33.12 -49.14
C THR L 959 -67.66 -33.47 -48.59
N LYS L 960 -67.07 -34.53 -49.11
CA LYS L 960 -65.79 -35.01 -48.61
C LYS L 960 -64.60 -34.53 -49.43
N SER L 961 -64.80 -34.03 -50.65
CA SER L 961 -63.70 -33.59 -51.49
C SER L 961 -64.22 -32.54 -52.46
N LYS L 962 -63.29 -31.92 -53.19
CA LYS L 962 -63.63 -31.03 -54.28
C LYS L 962 -64.66 -31.69 -55.19
N THR L 963 -65.72 -30.95 -55.50
CA THR L 963 -66.78 -31.50 -56.34
C THR L 963 -67.46 -30.35 -57.06
N LEU L 964 -68.17 -30.69 -58.14
CA LEU L 964 -69.01 -29.72 -58.83
C LEU L 964 -70.29 -29.51 -58.06
N SER L 965 -70.67 -28.24 -57.88
CA SER L 965 -71.93 -27.94 -57.23
C SER L 965 -73.09 -28.50 -58.04
N LEU L 966 -74.09 -29.03 -57.33
CA LEU L 966 -75.30 -29.51 -57.96
C LEU L 966 -76.29 -28.39 -58.27
N ILE L 967 -76.07 -27.19 -57.71
CA ILE L 967 -76.82 -26.01 -58.10
C ILE L 967 -75.86 -25.10 -58.86
N GLN L 968 -75.78 -25.29 -60.18
CA GLN L 968 -74.85 -24.49 -60.96
C GLN L 968 -75.37 -23.07 -61.17
N SER L 969 -76.66 -22.94 -61.44
CA SER L 969 -77.31 -21.64 -61.53
C SER L 969 -78.52 -21.66 -60.61
N TYR L 970 -78.71 -20.57 -59.86
CA TYR L 970 -79.86 -20.51 -58.97
C TYR L 970 -81.16 -20.51 -59.73
N SER L 971 -81.12 -20.28 -61.04
CA SER L 971 -82.32 -20.40 -61.86
C SER L 971 -82.91 -21.81 -61.78
N LEU L 972 -82.12 -22.80 -61.41
CA LEU L 972 -82.66 -24.14 -61.22
C LEU L 972 -83.66 -24.19 -60.06
N LEU L 973 -83.64 -23.19 -59.19
CA LEU L 973 -84.56 -23.18 -58.05
C LEU L 973 -85.96 -22.73 -58.43
N ASP L 974 -86.23 -22.46 -59.70
CA ASP L 974 -87.58 -22.17 -60.13
C ASP L 974 -88.50 -23.37 -59.99
N LYS L 975 -87.95 -24.55 -59.74
CA LYS L 975 -88.70 -25.72 -59.30
C LYS L 975 -88.06 -26.20 -58.00
N PRO L 976 -88.38 -25.54 -56.88
CA PRO L 976 -87.59 -25.77 -55.65
C PRO L 976 -87.62 -27.20 -55.18
N ASP L 977 -88.73 -27.90 -55.34
CA ASP L 977 -88.83 -29.27 -54.85
C ASP L 977 -87.75 -30.15 -55.46
N GLU L 978 -87.59 -30.06 -56.79
CA GLU L 978 -86.63 -30.92 -57.47
C GLU L 978 -85.20 -30.57 -57.08
N ALA L 979 -84.89 -29.29 -56.93
CA ALA L 979 -83.55 -28.89 -56.52
C ALA L 979 -83.24 -29.39 -55.11
N ILE L 980 -84.21 -29.29 -54.20
CA ILE L 980 -84.00 -29.78 -52.85
C ILE L 980 -83.80 -31.29 -52.87
N GLU L 981 -84.62 -32.00 -53.65
CA GLU L 981 -84.48 -33.45 -53.75
C GLU L 981 -83.10 -33.81 -54.27
N LYS L 982 -82.64 -33.11 -55.29
CA LYS L 982 -81.31 -33.38 -55.84
C LYS L 982 -80.24 -33.18 -54.76
N VAL L 983 -80.28 -32.03 -54.08
CA VAL L 983 -79.22 -31.72 -53.12
C VAL L 983 -79.18 -32.76 -52.02
N PHE L 984 -80.35 -33.14 -51.50
CA PHE L 984 -80.37 -34.05 -50.35
C PHE L 984 -80.35 -35.52 -50.73
N ASN L 985 -80.50 -35.84 -52.02
CA ASN L 985 -80.15 -37.17 -52.48
C ASN L 985 -78.65 -37.32 -52.66
N ALA L 986 -77.96 -36.24 -53.03
CA ALA L 986 -76.51 -36.31 -53.10
C ALA L 986 -75.88 -36.40 -51.71
N TYR L 987 -76.50 -35.77 -50.71
CA TYR L 987 -75.96 -35.71 -49.35
C TYR L 987 -77.04 -36.12 -48.36
N PRO L 988 -77.39 -37.41 -48.35
CA PRO L 988 -78.50 -37.87 -47.51
C PRO L 988 -78.29 -37.67 -46.01
N ALA L 989 -77.05 -37.55 -45.57
CA ALA L 989 -76.78 -37.37 -44.15
C ALA L 989 -77.30 -36.04 -43.63
N ALA L 990 -77.58 -35.08 -44.52
CA ALA L 990 -78.11 -33.79 -44.14
C ALA L 990 -79.59 -33.82 -43.81
N ARG L 991 -80.26 -34.94 -44.03
CA ARG L 991 -81.66 -35.02 -43.72
C ARG L 991 -81.90 -35.41 -42.26
N GLU L 992 -80.87 -35.76 -41.51
CA GLU L 992 -81.03 -36.22 -40.15
C GLU L 992 -79.91 -35.73 -39.25
N GLN L 993 -79.35 -34.57 -39.55
CA GLN L 993 -78.34 -33.98 -38.69
C GLN L 993 -78.75 -32.54 -38.46
N PHE L 994 -78.72 -32.10 -37.22
CA PHE L 994 -79.04 -30.73 -36.93
C PHE L 994 -77.98 -29.83 -37.49
N LEU L 995 -78.31 -28.56 -37.63
CA LEU L 995 -77.36 -27.60 -38.16
C LEU L 995 -76.12 -27.57 -37.29
N ASN L 996 -74.96 -27.63 -37.94
CA ASN L 996 -73.72 -27.27 -37.28
C ASN L 996 -73.85 -25.85 -36.73
N ALA L 997 -73.34 -25.62 -35.52
CA ALA L 997 -73.45 -24.31 -34.91
C ALA L 997 -72.93 -23.21 -35.82
N GLN L 998 -71.85 -23.50 -36.56
CA GLN L 998 -71.30 -22.54 -37.49
C GLN L 998 -72.32 -22.19 -38.58
N ASP L 999 -73.08 -23.17 -39.03
CA ASP L 999 -74.07 -22.90 -40.06
C ASP L 999 -75.27 -22.14 -39.50
N ILE L 1000 -75.60 -22.33 -38.23
CA ILE L 1000 -76.57 -21.45 -37.58
C ILE L 1000 -76.09 -20.01 -37.65
N ASP L 1001 -74.83 -19.78 -37.27
CA ASP L 1001 -74.30 -18.42 -37.32
C ASP L 1001 -74.32 -17.87 -38.74
N HIS L 1002 -73.97 -18.70 -39.73
CA HIS L 1002 -74.00 -18.26 -41.12
C HIS L 1002 -75.41 -17.92 -41.57
N PHE L 1003 -76.39 -18.74 -41.21
CA PHE L 1003 -77.77 -18.47 -41.57
C PHE L 1003 -78.22 -17.14 -40.98
N LEU L 1004 -77.96 -16.91 -39.70
CA LEU L 1004 -78.39 -15.67 -39.09
C LEU L 1004 -77.62 -14.47 -39.67
N SER L 1005 -76.36 -14.67 -40.04
CA SER L 1005 -75.60 -13.62 -40.69
C SER L 1005 -76.26 -13.20 -42.00
N MET L 1006 -76.65 -14.18 -42.82
CA MET L 1006 -77.24 -13.80 -44.10
C MET L 1006 -78.72 -13.48 -44.00
N CYS L 1007 -79.32 -13.63 -42.82
CA CYS L 1007 -80.60 -12.98 -42.54
C CYS L 1007 -80.44 -11.48 -42.35
N GLN L 1008 -79.22 -11.00 -42.14
CA GLN L 1008 -78.93 -9.60 -41.89
C GLN L 1008 -78.18 -8.94 -43.05
N ASN L 1009 -78.40 -9.44 -44.26
CA ASN L 1009 -77.70 -8.95 -45.44
C ASN L 1009 -78.36 -7.67 -45.94
N PRO L 1010 -77.66 -6.53 -45.96
CA PRO L 1010 -78.32 -5.28 -46.37
C PRO L 1010 -78.82 -5.29 -47.80
N MET L 1011 -78.09 -5.90 -48.74
CA MET L 1011 -78.48 -5.91 -50.14
C MET L 1011 -79.40 -7.09 -50.44
N GLN L 1012 -80.54 -7.09 -49.76
CA GLN L 1012 -81.44 -8.23 -49.79
C GLN L 1012 -82.74 -7.82 -49.14
N LYS L 1013 -83.85 -8.22 -49.74
CA LYS L 1013 -85.14 -7.93 -49.14
C LYS L 1013 -85.24 -8.62 -47.78
N PRO L 1014 -85.65 -7.94 -46.72
CA PRO L 1014 -85.67 -8.58 -45.39
C PRO L 1014 -86.47 -9.87 -45.40
N VAL L 1015 -85.94 -10.87 -44.72
CA VAL L 1015 -86.55 -12.22 -44.75
C VAL L 1015 -87.93 -12.16 -44.10
N PRO L 1016 -88.91 -12.90 -44.59
CA PRO L 1016 -90.28 -12.83 -44.06
C PRO L 1016 -90.53 -13.74 -42.85
N PHE L 1017 -89.66 -13.68 -41.86
CA PHE L 1017 -89.81 -14.52 -40.68
C PHE L 1017 -88.89 -14.01 -39.58
N VAL L 1018 -89.14 -14.47 -38.37
CA VAL L 1018 -88.31 -14.18 -37.21
C VAL L 1018 -87.39 -15.37 -36.96
N PRO L 1019 -86.08 -15.24 -37.14
CA PRO L 1019 -85.21 -16.42 -37.04
C PRO L 1019 -84.60 -16.68 -35.67
N VAL L 1020 -84.68 -15.71 -34.75
CA VAL L 1020 -84.00 -15.83 -33.45
C VAL L 1020 -84.59 -14.78 -32.52
N LEU L 1021 -84.51 -15.02 -31.22
CA LEU L 1021 -84.88 -14.06 -30.20
C LEU L 1021 -83.62 -13.55 -29.53
N ASP L 1022 -83.33 -12.26 -29.70
CA ASP L 1022 -82.13 -11.66 -29.15
C ASP L 1022 -82.32 -10.16 -29.09
N ARG L 1023 -81.22 -9.41 -28.92
CA ARG L 1023 -81.31 -7.96 -28.77
C ARG L 1023 -81.92 -7.27 -29.99
N ARG L 1024 -81.94 -7.94 -31.15
CA ARG L 1024 -82.47 -7.34 -32.38
C ARG L 1024 -83.87 -7.87 -32.72
N PHE L 1025 -84.61 -8.32 -31.71
CA PHE L 1025 -85.96 -8.82 -31.96
C PHE L 1025 -86.87 -7.72 -32.47
N GLU L 1026 -86.70 -6.49 -31.98
CA GLU L 1026 -87.53 -5.40 -32.46
C GLU L 1026 -87.30 -5.16 -33.95
N ILE L 1027 -86.05 -5.16 -34.38
CA ILE L 1027 -85.75 -4.98 -35.79
C ILE L 1027 -86.34 -6.12 -36.61
N PHE L 1028 -86.17 -7.36 -36.13
CA PHE L 1028 -86.71 -8.49 -36.87
C PHE L 1028 -88.22 -8.41 -36.98
N PHE L 1029 -88.87 -7.96 -35.90
CA PHE L 1029 -90.33 -7.96 -35.84
C PHE L 1029 -90.94 -6.84 -36.68
N LYS L 1030 -90.29 -5.68 -36.74
CA LYS L 1030 -90.90 -4.49 -37.30
C LYS L 1030 -90.48 -4.19 -38.73
N LYS L 1031 -89.27 -4.54 -39.13
CA LYS L 1031 -88.74 -4.05 -40.40
C LYS L 1031 -89.56 -4.55 -41.58
N ASP L 1032 -89.78 -3.64 -42.54
CA ASP L 1032 -90.41 -3.99 -43.82
C ASP L 1032 -91.77 -4.63 -43.62
N SER L 1033 -92.67 -3.85 -43.02
CA SER L 1033 -93.97 -4.35 -42.58
C SER L 1033 -95.13 -3.91 -43.45
N LEU L 1034 -94.89 -3.12 -44.50
CA LEU L 1034 -95.98 -2.47 -45.23
C LEU L 1034 -96.33 -3.13 -46.55
N TRP L 1035 -95.44 -3.94 -47.12
CA TRP L 1035 -95.71 -4.50 -48.45
C TRP L 1035 -96.72 -5.63 -48.40
N GLN L 1036 -96.86 -6.30 -47.25
CA GLN L 1036 -97.70 -7.49 -47.19
C GLN L 1036 -99.18 -7.20 -47.47
N SER L 1037 -99.62 -5.95 -47.32
CA SER L 1037 -101.03 -5.64 -47.55
C SER L 1037 -101.42 -5.82 -49.01
N GLU L 1038 -100.48 -5.57 -49.91
CA GLU L 1038 -100.74 -5.65 -51.35
C GLU L 1038 -100.34 -7.00 -51.95
N HIS L 1039 -99.78 -7.91 -51.17
CA HIS L 1039 -99.27 -9.18 -51.69
C HIS L 1039 -99.65 -10.32 -50.76
N LEU L 1040 -100.94 -10.44 -50.45
CA LEU L 1040 -101.38 -11.47 -49.51
C LEU L 1040 -101.01 -12.87 -49.97
N GLU L 1041 -100.73 -13.06 -51.25
CA GLU L 1041 -100.30 -14.37 -51.73
C GLU L 1041 -98.97 -14.79 -51.12
N ALA L 1042 -98.21 -13.86 -50.55
CA ALA L 1042 -96.94 -14.15 -49.89
C ALA L 1042 -97.07 -14.15 -48.38
N VAL L 1043 -98.28 -14.27 -47.84
CA VAL L 1043 -98.50 -14.35 -46.41
C VAL L 1043 -98.92 -15.79 -46.10
N VAL L 1044 -98.75 -16.17 -44.83
CA VAL L 1044 -98.74 -17.60 -44.47
C VAL L 1044 -100.03 -18.28 -44.92
N ASP L 1045 -101.18 -17.71 -44.57
CA ASP L 1045 -102.47 -18.27 -44.98
C ASP L 1045 -103.21 -17.32 -45.90
N GLN L 1046 -102.49 -16.44 -46.59
CA GLN L 1046 -103.12 -15.35 -47.33
C GLN L 1046 -104.01 -14.54 -46.40
N ASP L 1047 -103.60 -14.46 -45.14
CA ASP L 1047 -104.46 -13.95 -44.08
C ASP L 1047 -104.21 -12.46 -43.89
N VAL L 1048 -105.23 -11.66 -44.17
CA VAL L 1048 -105.10 -10.22 -43.99
C VAL L 1048 -104.95 -9.87 -42.52
N GLN L 1049 -105.56 -10.65 -41.63
CA GLN L 1049 -105.51 -10.34 -40.21
C GLN L 1049 -104.09 -10.39 -39.67
N ARG L 1050 -103.16 -11.01 -40.40
CA ARG L 1050 -101.76 -11.01 -39.98
C ARG L 1050 -101.03 -9.75 -40.40
N THR L 1051 -101.58 -8.95 -41.31
CA THR L 1051 -100.85 -7.86 -41.94
C THR L 1051 -101.17 -6.53 -41.28
N CYS L 1052 -100.38 -5.52 -41.63
CA CYS L 1052 -100.55 -4.18 -41.10
C CYS L 1052 -100.99 -3.25 -42.24
N ILE L 1053 -102.12 -2.58 -42.05
CA ILE L 1053 -102.72 -1.71 -43.06
C ILE L 1053 -102.88 -0.32 -42.46
N LEU L 1054 -102.16 0.65 -43.02
CA LEU L 1054 -102.25 2.02 -42.54
C LEU L 1054 -103.56 2.65 -42.96
N HIS L 1055 -104.27 3.27 -42.01
CA HIS L 1055 -105.55 3.90 -42.31
C HIS L 1055 -105.90 4.90 -41.23
N GLY L 1056 -106.51 6.01 -41.61
CA GLY L 1056 -106.88 7.04 -40.68
C GLY L 1056 -108.20 6.75 -40.00
N PRO L 1057 -108.31 7.05 -38.71
CA PRO L 1057 -109.55 6.75 -37.98
C PRO L 1057 -110.73 7.56 -38.47
N VAL L 1058 -110.55 8.88 -38.62
CA VAL L 1058 -111.67 9.73 -39.02
C VAL L 1058 -112.04 9.49 -40.48
N ALA L 1059 -111.04 9.39 -41.35
CA ALA L 1059 -111.32 9.20 -42.77
C ALA L 1059 -111.96 7.85 -43.05
N ALA L 1060 -111.85 6.90 -42.13
CA ALA L 1060 -112.44 5.58 -42.31
C ALA L 1060 -113.95 5.64 -42.45
N GLN L 1061 -114.59 6.61 -41.79
CA GLN L 1061 -116.04 6.74 -41.85
C GLN L 1061 -116.61 6.83 -43.27
N PHE L 1062 -115.88 7.41 -44.21
CA PHE L 1062 -116.37 7.61 -45.57
C PHE L 1062 -115.88 6.56 -46.55
N THR L 1063 -115.05 5.62 -46.09
CA THR L 1063 -114.49 4.59 -46.96
C THR L 1063 -115.32 3.35 -46.83
N LYS L 1064 -116.14 3.06 -47.83
CA LYS L 1064 -117.04 1.92 -47.76
C LYS L 1064 -117.16 1.20 -49.08
N VAL L 1065 -117.34 1.94 -50.16
CA VAL L 1065 -117.57 1.30 -51.46
C VAL L 1065 -116.24 0.77 -51.98
N ILE L 1066 -116.19 -0.53 -52.28
CA ILE L 1066 -114.96 -1.19 -52.68
C ILE L 1066 -114.81 -1.13 -54.19
N ASP L 1067 -113.58 -0.91 -54.64
CA ASP L 1067 -113.22 -0.92 -56.06
C ASP L 1067 -114.06 0.09 -56.84
N GLU L 1068 -114.29 1.24 -56.23
CA GLU L 1068 -114.78 2.40 -56.98
C GLU L 1068 -113.62 3.05 -57.71
N PRO L 1069 -113.71 3.27 -59.02
CA PRO L 1069 -112.59 3.88 -59.73
C PRO L 1069 -112.23 5.24 -59.15
N ILE L 1070 -110.92 5.54 -59.16
CA ILE L 1070 -110.44 6.78 -58.58
C ILE L 1070 -111.05 7.97 -59.30
N LYS L 1071 -111.23 7.85 -60.62
CA LYS L 1071 -111.93 8.87 -61.39
C LYS L 1071 -113.28 9.17 -60.74
N SER L 1072 -114.04 8.12 -60.41
CA SER L 1072 -115.36 8.32 -59.82
C SER L 1072 -115.28 9.02 -58.47
N ILE L 1073 -114.33 8.62 -57.62
CA ILE L 1073 -114.25 9.20 -56.28
C ILE L 1073 -113.92 10.69 -56.38
N MET L 1074 -112.88 11.03 -57.12
CA MET L 1074 -112.48 12.42 -57.23
C MET L 1074 -113.54 13.25 -57.94
N ASP L 1075 -114.15 12.71 -58.99
CA ASP L 1075 -115.20 13.42 -59.70
C ASP L 1075 -116.40 13.65 -58.79
N GLY L 1076 -116.73 12.66 -57.95
CA GLY L 1076 -117.83 12.86 -57.02
C GLY L 1076 -117.56 13.98 -56.06
N ILE L 1077 -116.36 14.04 -55.50
CA ILE L 1077 -116.03 15.14 -54.60
C ILE L 1077 -116.11 16.48 -55.32
N HIS L 1078 -115.49 16.57 -56.49
CA HIS L 1078 -115.44 17.83 -57.22
C HIS L 1078 -116.83 18.27 -57.67
N ASP L 1079 -117.65 17.32 -58.12
CA ASP L 1079 -119.00 17.66 -58.54
C ASP L 1079 -119.88 18.07 -57.36
N GLY L 1080 -119.68 17.46 -56.20
CA GLY L 1080 -120.37 17.94 -55.02
C GLY L 1080 -120.02 19.37 -54.71
N HIS L 1081 -118.73 19.68 -54.77
CA HIS L 1081 -118.32 21.07 -54.53
C HIS L 1081 -118.93 22.00 -55.58
N ILE L 1082 -118.94 21.57 -56.84
CA ILE L 1082 -119.48 22.41 -57.91
C ILE L 1082 -120.97 22.67 -57.68
N LYS L 1083 -121.72 21.62 -57.34
CA LYS L 1083 -123.16 21.78 -57.17
C LYS L 1083 -123.49 22.66 -55.97
N LYS L 1084 -122.80 22.45 -54.85
CA LYS L 1084 -123.04 23.30 -53.68
C LYS L 1084 -122.68 24.75 -53.98
N LEU L 1085 -121.54 24.98 -54.64
CA LEU L 1085 -121.16 26.34 -55.00
C LEU L 1085 -122.17 26.96 -55.93
N LEU L 1086 -122.68 26.20 -56.89
CA LEU L 1086 -123.66 26.74 -57.81
C LEU L 1086 -124.92 27.18 -57.06
N HIS L 1087 -125.48 26.28 -56.26
CA HIS L 1087 -126.69 26.61 -55.51
C HIS L 1087 -126.45 27.81 -54.59
N GLN L 1088 -125.25 27.93 -54.01
CA GLN L 1088 -125.04 28.96 -53.01
C GLN L 1088 -124.75 30.32 -53.63
N TYR L 1089 -123.78 30.39 -54.55
CA TYR L 1089 -123.26 31.66 -55.02
C TYR L 1089 -123.58 31.98 -56.47
N TYR L 1090 -124.23 31.06 -57.21
CA TYR L 1090 -124.52 31.31 -58.62
C TYR L 1090 -125.99 31.12 -58.95
N GLY L 1091 -126.86 31.00 -57.96
CA GLY L 1091 -128.29 30.88 -58.22
C GLY L 1091 -128.66 29.66 -59.02
N ASP L 1092 -127.87 28.59 -58.94
CA ASP L 1092 -128.17 27.34 -59.64
C ASP L 1092 -128.23 27.57 -61.16
N ASP L 1093 -127.46 28.54 -61.64
CA ASP L 1093 -127.42 28.88 -63.06
C ASP L 1093 -125.99 28.77 -63.55
N GLU L 1094 -125.78 27.89 -64.55
CA GLU L 1094 -124.43 27.74 -65.09
C GLU L 1094 -124.03 28.91 -65.96
N SER L 1095 -125.01 29.62 -66.54
CA SER L 1095 -124.69 30.78 -67.37
C SER L 1095 -123.98 31.87 -66.59
N LYS L 1096 -124.09 31.85 -65.25
CA LYS L 1096 -123.39 32.84 -64.44
C LYS L 1096 -121.90 32.57 -64.33
N ILE L 1097 -121.45 31.38 -64.70
CA ILE L 1097 -120.04 31.01 -64.52
C ILE L 1097 -119.21 31.68 -65.61
N PRO L 1098 -118.19 32.45 -65.26
CA PRO L 1098 -117.34 33.05 -66.30
C PRO L 1098 -116.58 31.99 -67.10
N ALA L 1099 -116.27 32.33 -68.35
CA ALA L 1099 -115.62 31.42 -69.28
C ALA L 1099 -114.28 31.98 -69.71
N VAL L 1100 -113.29 31.10 -69.80
CA VAL L 1100 -111.97 31.45 -70.29
C VAL L 1100 -111.59 30.44 -71.37
N GLU L 1101 -110.57 30.81 -72.16
CA GLU L 1101 -110.04 29.88 -73.15
C GLU L 1101 -109.43 28.65 -72.49
N TYR L 1102 -108.63 28.85 -71.45
CA TYR L 1102 -108.08 27.75 -70.69
C TYR L 1102 -107.92 28.17 -69.24
N PHE L 1103 -107.86 27.17 -68.36
CA PHE L 1103 -107.80 27.37 -66.92
C PHE L 1103 -106.45 26.86 -66.43
N GLY L 1104 -105.63 27.76 -65.91
CA GLY L 1104 -104.36 27.37 -65.34
C GLY L 1104 -103.19 28.25 -65.74
N GLY L 1105 -102.04 28.04 -65.10
CA GLY L 1105 -100.84 28.76 -65.40
C GLY L 1105 -100.66 30.07 -64.66
N GLU L 1106 -101.54 30.40 -63.73
CA GLU L 1106 -101.51 31.67 -63.02
C GLU L 1106 -100.77 31.52 -61.70
N SER L 1107 -99.80 32.40 -61.46
CA SER L 1107 -99.01 32.33 -60.24
C SER L 1107 -99.83 32.81 -59.05
N PRO L 1108 -99.69 32.20 -57.88
CA PRO L 1108 -100.47 32.65 -56.72
C PRO L 1108 -100.15 34.06 -56.29
N VAL L 1109 -98.96 34.56 -56.63
CA VAL L 1109 -98.55 35.88 -56.21
C VAL L 1109 -99.04 36.94 -57.20
N ASP L 1123 -106.05 47.36 -80.89
CA ASP L 1123 -105.86 46.27 -81.85
C ASP L 1123 -104.51 46.38 -82.54
N SER L 1124 -103.97 47.59 -82.58
CA SER L 1124 -102.64 47.85 -83.13
C SER L 1124 -101.79 48.53 -82.07
N ALA L 1125 -100.54 48.11 -81.97
CA ALA L 1125 -99.61 48.68 -81.00
C ALA L 1125 -98.19 48.38 -81.43
N VAL L 1126 -97.26 49.21 -80.95
CA VAL L 1126 -95.84 49.00 -81.15
C VAL L 1126 -95.16 49.13 -79.79
N PHE L 1127 -94.35 48.12 -79.45
CA PHE L 1127 -93.58 48.12 -78.22
C PHE L 1127 -92.10 48.14 -78.55
N LYS L 1128 -91.31 48.80 -77.72
CA LYS L 1128 -89.88 48.96 -77.95
C LYS L 1128 -89.13 48.64 -76.67
N ALA L 1129 -88.00 47.96 -76.83
CA ALA L 1129 -87.19 47.51 -75.71
C ALA L 1129 -85.97 48.41 -75.53
N THR L 1130 -85.48 48.43 -74.29
CA THR L 1130 -84.25 49.15 -73.96
C THR L 1130 -83.34 48.21 -73.17
N SER L 1131 -82.28 48.76 -72.59
CA SER L 1131 -81.40 47.96 -71.74
C SER L 1131 -81.92 47.83 -70.32
N SER L 1132 -83.06 48.46 -70.01
CA SER L 1132 -83.65 48.39 -68.67
C SER L 1132 -85.11 47.95 -68.69
N THR L 1133 -85.68 47.62 -69.84
CA THR L 1133 -87.07 47.17 -69.88
C THR L 1133 -87.26 45.97 -68.97
N ASP L 1134 -88.23 46.06 -68.08
CA ASP L 1134 -88.52 44.95 -67.19
C ASP L 1134 -89.09 43.78 -68.00
N GLU L 1135 -88.48 42.61 -67.84
CA GLU L 1135 -88.88 41.46 -68.63
C GLU L 1135 -90.35 41.11 -68.40
N GLU L 1136 -90.78 41.09 -67.14
CA GLU L 1136 -92.14 40.66 -66.82
C GLU L 1136 -93.17 41.59 -67.45
N SER L 1137 -92.98 42.90 -67.31
CA SER L 1137 -93.92 43.84 -67.91
C SER L 1137 -93.89 43.75 -69.43
N TRP L 1138 -92.69 43.54 -70.00
CA TRP L 1138 -92.59 43.36 -71.44
C TRP L 1138 -93.44 42.19 -71.92
N PHE L 1139 -93.31 41.05 -71.25
CA PHE L 1139 -94.07 39.87 -71.65
C PHE L 1139 -95.55 40.03 -71.36
N LYS L 1140 -95.90 40.73 -70.28
CA LYS L 1140 -97.31 40.99 -69.99
C LYS L 1140 -97.94 41.82 -71.10
N ALA L 1141 -97.25 42.87 -71.53
CA ALA L 1141 -97.76 43.69 -72.62
C ALA L 1141 -97.88 42.86 -73.90
N LEU L 1142 -96.88 42.03 -74.19
CA LEU L 1142 -96.94 41.21 -75.39
C LEU L 1142 -98.12 40.24 -75.33
N ALA L 1143 -98.36 39.65 -74.16
CA ALA L 1143 -99.43 38.66 -74.04
C ALA L 1143 -100.79 39.29 -74.24
N GLY L 1144 -101.01 40.47 -73.69
CA GLY L 1144 -102.32 41.07 -73.67
C GLY L 1144 -103.05 40.76 -72.38
N SER L 1145 -104.36 41.03 -72.41
CA SER L 1145 -105.24 40.82 -71.26
C SER L 1145 -106.14 39.61 -71.42
N GLU L 1146 -106.70 39.39 -72.60
CA GLU L 1146 -107.55 38.24 -72.84
C GLU L 1146 -106.72 36.96 -72.79
N ILE L 1147 -107.34 35.91 -72.25
CA ILE L 1147 -106.70 34.60 -72.22
C ILE L 1147 -106.95 33.92 -73.57
N ASN L 1148 -105.86 33.65 -74.30
CA ASN L 1148 -105.96 33.06 -75.62
C ASN L 1148 -104.59 32.50 -75.98
N TRP L 1149 -104.41 32.13 -77.25
CA TRP L 1149 -103.15 31.54 -77.68
C TRP L 1149 -101.98 32.48 -77.44
N ARG L 1150 -102.18 33.78 -77.67
CA ARG L 1150 -101.11 34.74 -77.46
C ARG L 1150 -100.73 34.83 -75.98
N HIS L 1151 -101.73 34.83 -75.11
CA HIS L 1151 -101.50 34.83 -73.68
C HIS L 1151 -100.59 33.67 -73.29
N ALA L 1152 -100.96 32.47 -73.71
CA ALA L 1152 -100.16 31.29 -73.39
C ALA L 1152 -98.78 31.39 -73.99
N SER L 1153 -98.70 31.83 -75.24
CA SER L 1153 -97.41 31.87 -75.94
C SER L 1153 -96.42 32.77 -75.21
N PHE L 1154 -96.89 33.91 -74.72
CA PHE L 1154 -95.97 34.86 -74.10
C PHE L 1154 -95.88 34.73 -72.58
N LEU L 1155 -96.71 33.91 -71.95
CA LEU L 1155 -96.65 33.78 -70.49
C LEU L 1155 -96.37 32.36 -69.99
N CYS L 1156 -96.72 31.32 -70.74
CA CYS L 1156 -96.44 29.96 -70.30
C CYS L 1156 -94.94 29.77 -70.10
N SER L 1157 -94.57 29.20 -68.95
CA SER L 1157 -93.15 29.01 -68.66
C SER L 1157 -92.55 27.87 -69.47
N PHE L 1158 -93.30 26.78 -69.63
CA PHE L 1158 -92.85 25.62 -70.36
C PHE L 1158 -93.76 25.35 -71.55
N ILE L 1159 -93.22 24.63 -72.53
CA ILE L 1159 -94.00 24.04 -73.59
C ILE L 1159 -93.77 22.55 -73.55
N THR L 1160 -94.72 21.82 -74.13
CA THR L 1160 -94.72 20.36 -74.09
C THR L 1160 -94.08 19.81 -75.37
N GLN L 1161 -93.03 19.03 -75.23
CA GLN L 1161 -92.46 18.37 -76.40
C GLN L 1161 -93.32 17.14 -76.66
N ASP L 1162 -92.75 16.00 -76.98
CA ASP L 1162 -93.55 14.79 -77.14
C ASP L 1162 -94.23 14.50 -75.82
N LYS L 1163 -93.45 14.23 -74.80
CA LYS L 1163 -94.00 14.01 -73.46
C LYS L 1163 -93.20 14.78 -72.41
N MET L 1164 -92.28 15.64 -72.81
CA MET L 1164 -91.37 16.32 -71.92
C MET L 1164 -91.72 17.80 -71.84
N PHE L 1165 -91.09 18.48 -70.89
CA PHE L 1165 -91.32 19.89 -70.65
C PHE L 1165 -90.02 20.65 -70.85
N VAL L 1166 -90.06 21.66 -71.71
CA VAL L 1166 -88.89 22.45 -72.04
C VAL L 1166 -89.29 23.92 -71.98
N SER L 1167 -88.29 24.78 -71.83
CA SER L 1167 -88.54 26.20 -71.71
C SER L 1167 -89.28 26.70 -72.95
N ASN L 1168 -90.20 27.61 -72.74
CA ASN L 1168 -91.00 28.16 -73.82
C ASN L 1168 -90.10 28.88 -74.82
N PRO L 1169 -89.93 28.35 -76.04
CA PRO L 1169 -89.04 29.02 -76.99
C PRO L 1169 -89.49 30.42 -77.36
N ILE L 1170 -90.79 30.66 -77.38
CA ILE L 1170 -91.30 31.97 -77.79
C ILE L 1170 -90.81 33.06 -76.84
N ARG L 1171 -90.85 32.78 -75.54
CA ARG L 1171 -90.40 33.77 -74.57
C ARG L 1171 -88.93 34.09 -74.75
N LYS L 1172 -88.10 33.08 -75.01
CA LYS L 1172 -86.67 33.35 -75.16
C LYS L 1172 -86.38 34.07 -76.47
N VAL L 1173 -87.15 33.80 -77.52
CA VAL L 1173 -86.94 34.52 -78.78
C VAL L 1173 -87.28 36.00 -78.61
N PHE L 1174 -88.28 36.32 -77.78
CA PHE L 1174 -88.74 37.69 -77.62
C PHE L 1174 -88.14 38.38 -76.41
N LYS L 1175 -87.16 37.78 -75.75
CA LYS L 1175 -86.56 38.36 -74.57
C LYS L 1175 -86.07 39.78 -74.88
N PRO L 1176 -86.51 40.79 -74.12
CA PRO L 1176 -86.26 42.18 -74.54
C PRO L 1176 -84.79 42.55 -74.50
N SER L 1177 -84.37 43.30 -75.52
CA SER L 1177 -83.03 43.85 -75.58
C SER L 1177 -83.07 45.09 -76.45
N GLN L 1178 -82.03 45.92 -76.34
CA GLN L 1178 -82.00 47.18 -77.06
C GLN L 1178 -82.14 46.95 -78.56
N GLY L 1179 -83.03 47.72 -79.19
CA GLY L 1179 -83.22 47.67 -80.62
C GLY L 1179 -84.38 46.82 -81.08
N MET L 1180 -84.93 45.96 -80.23
CA MET L 1180 -86.04 45.12 -80.62
C MET L 1180 -87.33 45.91 -80.63
N VAL L 1181 -88.08 45.80 -81.72
CA VAL L 1181 -89.35 46.50 -81.91
C VAL L 1181 -90.42 45.45 -82.21
N VAL L 1182 -91.40 45.34 -81.33
CA VAL L 1182 -92.48 44.37 -81.49
C VAL L 1182 -93.73 45.11 -81.93
N GLU L 1183 -94.28 44.71 -83.07
CA GLU L 1183 -95.47 45.30 -83.64
C GLU L 1183 -96.61 44.29 -83.54
N ILE L 1184 -97.67 44.67 -82.83
CA ILE L 1184 -98.85 43.84 -82.67
C ILE L 1184 -99.95 44.43 -83.54
N SER L 1185 -100.59 43.57 -84.34
CA SER L 1185 -101.71 43.97 -85.17
C SER L 1185 -102.90 43.07 -84.87
N ASN L 1186 -104.09 43.65 -84.95
CA ASN L 1186 -105.33 42.93 -84.69
C ASN L 1186 -105.32 42.29 -83.30
N GLY L 1187 -104.99 43.11 -82.30
CA GLY L 1187 -104.90 42.60 -80.94
C GLY L 1187 -106.23 42.06 -80.43
N ASN L 1188 -107.34 42.69 -80.80
CA ASN L 1188 -108.63 42.33 -80.21
C ASN L 1188 -109.13 40.99 -80.74
N THR L 1189 -109.02 40.75 -82.05
CA THR L 1189 -109.50 39.50 -82.65
C THR L 1189 -108.35 38.50 -82.65
N SER L 1190 -108.33 37.62 -81.65
CA SER L 1190 -107.19 36.71 -81.48
C SER L 1190 -107.00 35.82 -82.70
N SER L 1191 -108.09 35.45 -83.37
CA SER L 1191 -108.00 34.54 -84.50
C SER L 1191 -107.13 35.09 -85.62
N LYS L 1192 -106.94 36.42 -85.65
CA LYS L 1192 -106.18 37.07 -86.71
C LYS L 1192 -105.05 37.94 -86.18
N THR L 1193 -104.80 37.93 -84.87
CA THR L 1193 -103.68 38.69 -84.32
C THR L 1193 -102.37 38.18 -84.91
N VAL L 1194 -101.48 39.11 -85.25
CA VAL L 1194 -100.15 38.80 -85.76
C VAL L 1194 -99.16 39.64 -84.97
N VAL L 1195 -98.17 38.98 -84.37
CA VAL L 1195 -97.11 39.65 -83.63
C VAL L 1195 -95.86 39.61 -84.49
N THR L 1196 -95.33 40.78 -84.81
CA THR L 1196 -94.16 40.90 -85.66
C THR L 1196 -93.02 41.53 -84.86
N LEU L 1197 -91.90 40.85 -84.80
CA LEU L 1197 -90.70 41.36 -84.16
C LEU L 1197 -89.72 41.81 -85.24
N SER L 1198 -89.22 43.03 -85.09
CA SER L 1198 -88.22 43.58 -86.00
C SER L 1198 -87.00 43.98 -85.20
N GLU L 1199 -85.82 43.72 -85.74
CA GLU L 1199 -84.56 44.02 -85.10
C GLU L 1199 -83.66 44.74 -86.08
N PRO L 1200 -82.66 45.47 -85.59
CA PRO L 1200 -81.70 46.08 -86.50
C PRO L 1200 -80.81 45.02 -87.14
N VAL L 1201 -80.96 44.83 -88.45
CA VAL L 1201 -80.08 43.98 -89.23
C VAL L 1201 -79.38 44.85 -90.26
N GLN L 1202 -78.05 44.78 -90.28
CA GLN L 1202 -77.28 45.51 -91.28
C GLN L 1202 -77.58 47.01 -91.23
N GLY L 1203 -77.77 47.53 -90.01
CA GLY L 1203 -78.14 48.91 -89.83
C GLY L 1203 -79.64 49.13 -89.78
N GLU L 1204 -80.34 48.74 -90.84
CA GLU L 1204 -81.78 49.00 -90.92
C GLU L 1204 -82.56 47.96 -90.13
N LEU L 1205 -83.87 48.20 -90.00
CA LEU L 1205 -84.77 47.38 -89.21
C LEU L 1205 -85.60 46.51 -90.14
N LYS L 1206 -85.66 45.21 -89.85
CA LYS L 1206 -86.36 44.28 -90.71
C LYS L 1206 -87.10 43.26 -89.84
N PRO L 1207 -88.14 42.61 -90.37
CA PRO L 1207 -88.85 41.60 -89.59
C PRO L 1207 -88.03 40.33 -89.39
N THR L 1208 -87.68 40.03 -88.14
CA THR L 1208 -86.92 38.82 -87.86
C THR L 1208 -87.83 37.65 -87.46
N VAL L 1209 -88.89 37.92 -86.71
CA VAL L 1209 -89.79 36.87 -86.22
C VAL L 1209 -91.22 37.34 -86.35
N ILE L 1210 -92.09 36.43 -86.77
CA ILE L 1210 -93.52 36.68 -86.87
C ILE L 1210 -94.23 35.58 -86.09
N LEU L 1211 -95.40 35.91 -85.54
CA LEU L 1211 -96.17 34.97 -84.74
C LEU L 1211 -97.65 35.15 -85.04
N LYS L 1212 -98.30 34.07 -85.45
CA LYS L 1212 -99.69 34.12 -85.88
C LYS L 1212 -100.32 32.76 -85.62
N LEU L 1213 -101.52 32.54 -86.17
CA LEU L 1213 -102.24 31.28 -86.07
C LEU L 1213 -102.35 30.67 -87.46
N LEU L 1214 -101.43 29.76 -87.79
CA LEU L 1214 -101.48 29.11 -89.10
C LEU L 1214 -102.73 28.25 -89.24
N LYS L 1215 -103.40 27.93 -88.14
CA LYS L 1215 -104.68 27.26 -88.16
C LYS L 1215 -105.49 27.73 -86.96
N GLU L 1216 -106.58 27.03 -86.68
CA GLU L 1216 -107.39 27.32 -85.51
C GLU L 1216 -106.74 26.80 -84.23
N ASN L 1217 -105.85 25.82 -84.35
CA ASN L 1217 -105.21 25.20 -83.20
C ASN L 1217 -103.70 25.19 -83.31
N ILE L 1218 -103.12 25.68 -84.40
CA ILE L 1218 -101.69 25.62 -84.64
C ILE L 1218 -101.14 27.04 -84.65
N ILE L 1219 -100.12 27.27 -83.82
CA ILE L 1219 -99.39 28.53 -83.80
C ILE L 1219 -98.13 28.36 -84.64
N GLN L 1220 -97.91 29.29 -85.57
CA GLN L 1220 -96.70 29.28 -86.39
C GLN L 1220 -95.81 30.44 -85.97
N MET L 1221 -94.57 30.14 -85.63
CA MET L 1221 -93.54 31.13 -85.37
C MET L 1221 -92.54 31.04 -86.52
N GLU L 1222 -92.60 31.99 -87.44
CA GLU L 1222 -91.74 32.02 -88.61
C GLU L 1222 -90.49 32.82 -88.28
N MET L 1223 -89.39 32.12 -88.05
CA MET L 1223 -88.11 32.76 -87.76
C MET L 1223 -87.41 33.06 -89.08
N ILE L 1224 -87.04 34.32 -89.29
CA ILE L 1224 -86.59 34.81 -90.57
C ILE L 1224 -85.11 35.11 -90.48
N GLU L 1225 -84.34 34.60 -91.43
CA GLU L 1225 -82.94 34.99 -91.61
C GLU L 1225 -82.86 35.88 -92.84
N ASN L 1226 -82.34 37.09 -92.66
CA ASN L 1226 -82.29 38.06 -93.74
C ASN L 1226 -80.98 38.04 -94.50
N ARG L 1227 -79.88 37.65 -93.86
CA ARG L 1227 -78.57 37.60 -94.50
C ARG L 1227 -78.44 36.29 -95.26
N THR L 1228 -79.11 36.23 -96.41
CA THR L 1228 -79.10 35.06 -97.26
C THR L 1228 -78.12 35.26 -98.40
N MET L 1229 -77.99 34.23 -99.24
CA MET L 1229 -77.05 34.33 -100.35
C MET L 1229 -77.61 35.19 -101.48
N ASP L 1230 -78.91 35.11 -101.72
CA ASP L 1230 -79.55 35.85 -102.80
C ASP L 1230 -80.02 37.22 -102.35
N GLY L 1231 -80.14 37.45 -101.04
CA GLY L 1231 -80.70 38.65 -100.49
C GLY L 1231 -82.17 38.51 -100.13
N LYS L 1232 -82.86 37.57 -100.77
CA LYS L 1232 -84.22 37.25 -100.36
C LYS L 1232 -84.19 36.59 -98.98
N PRO L 1233 -85.07 36.99 -98.06
CA PRO L 1233 -85.08 36.35 -96.74
C PRO L 1233 -85.59 34.92 -96.82
N VAL L 1234 -85.14 34.10 -95.88
CA VAL L 1234 -85.57 32.71 -95.74
C VAL L 1234 -86.19 32.53 -94.37
N SER L 1235 -87.32 31.84 -94.32
CA SER L 1235 -88.10 31.69 -93.11
C SER L 1235 -88.13 30.23 -92.68
N LEU L 1236 -87.92 29.99 -91.39
CA LEU L 1236 -88.04 28.67 -90.78
C LEU L 1236 -89.36 28.65 -90.00
N PRO L 1237 -90.41 28.01 -90.50
CA PRO L 1237 -91.68 27.99 -89.76
C PRO L 1237 -91.64 26.95 -88.66
N LEU L 1238 -91.74 27.41 -87.41
CA LEU L 1238 -91.88 26.53 -86.27
C LEU L 1238 -93.35 26.43 -85.91
N LEU L 1239 -93.86 25.21 -85.84
CA LEU L 1239 -95.27 24.96 -85.62
C LEU L 1239 -95.51 24.44 -84.21
N TYR L 1240 -96.57 24.92 -83.57
CA TYR L 1240 -96.95 24.49 -82.24
C TYR L 1240 -98.44 24.19 -82.21
N ASN L 1241 -98.82 23.29 -81.32
CA ASN L 1241 -100.21 22.98 -81.06
C ASN L 1241 -100.67 23.77 -79.84
N PHE L 1242 -101.83 24.38 -79.94
CA PHE L 1242 -102.45 25.09 -78.82
C PHE L 1242 -103.66 24.27 -78.37
N ASN L 1243 -103.58 23.71 -77.16
CA ASN L 1243 -104.64 22.87 -76.61
C ASN L 1243 -105.23 23.55 -75.38
N PRO L 1244 -106.37 24.23 -75.49
CA PRO L 1244 -106.94 24.89 -74.31
C PRO L 1244 -107.39 23.93 -73.23
N ASP L 1245 -107.59 22.65 -73.55
CA ASP L 1245 -107.98 21.69 -72.53
C ASP L 1245 -106.91 21.53 -71.47
N ASN L 1246 -105.64 21.49 -71.88
CA ASN L 1246 -104.54 21.40 -70.93
C ASN L 1246 -104.13 22.83 -70.57
N GLY L 1247 -104.67 23.32 -69.45
CA GLY L 1247 -104.41 24.70 -69.06
C GLY L 1247 -103.06 24.91 -68.43
N PHE L 1248 -102.44 23.87 -67.88
CA PHE L 1248 -101.11 24.02 -67.31
C PHE L 1248 -100.05 24.12 -68.39
N ALA L 1249 -100.28 23.50 -69.54
CA ALA L 1249 -99.34 23.53 -70.66
C ALA L 1249 -100.13 23.41 -71.96
N PRO L 1250 -100.80 24.48 -72.38
CA PRO L 1250 -101.64 24.37 -73.58
C PRO L 1250 -100.86 24.32 -74.89
N ILE L 1251 -99.56 24.61 -74.87
CA ILE L 1251 -98.77 24.74 -76.08
C ILE L 1251 -97.78 23.58 -76.16
N SER L 1252 -97.81 22.84 -77.26
CA SER L 1252 -96.85 21.77 -77.44
C SER L 1252 -96.20 21.99 -78.79
N GLU L 1253 -95.06 21.37 -79.01
CA GLU L 1253 -94.36 21.54 -80.27
C GLU L 1253 -94.71 20.44 -81.25
N VAL L 1254 -94.90 20.81 -82.52
CA VAL L 1254 -95.18 19.83 -83.56
C VAL L 1254 -93.85 19.24 -84.01
N MET L 1255 -93.59 17.99 -83.66
CA MET L 1255 -92.29 17.40 -83.96
C MET L 1255 -92.17 16.79 -85.34
N GLU L 1256 -93.28 16.33 -85.91
CA GLU L 1256 -93.19 15.66 -87.20
C GLU L 1256 -92.70 16.62 -88.28
N ASP L 1257 -91.54 16.30 -88.85
CA ASP L 1257 -90.88 17.04 -89.93
C ASP L 1257 -90.12 18.26 -89.44
N ARG L 1258 -89.96 18.43 -88.13
CA ARG L 1258 -89.20 19.57 -87.62
C ARG L 1258 -87.78 19.54 -88.18
N ASN L 1259 -87.16 18.37 -88.16
CA ASN L 1259 -85.82 18.24 -88.72
C ASN L 1259 -85.82 18.54 -90.21
N GLN L 1260 -86.85 18.10 -90.93
CA GLN L 1260 -86.93 18.39 -92.35
C GLN L 1260 -87.07 19.88 -92.61
N ARG L 1261 -87.89 20.59 -91.82
CA ARG L 1261 -88.02 22.03 -91.99
C ARG L 1261 -86.72 22.74 -91.73
N ILE L 1262 -86.02 22.38 -90.64
CA ILE L 1262 -84.73 22.98 -90.34
C ILE L 1262 -83.75 22.72 -91.47
N LYS L 1263 -83.73 21.49 -91.98
CA LYS L 1263 -82.82 21.16 -93.07
C LYS L 1263 -83.17 21.92 -94.33
N GLU L 1264 -84.45 22.15 -94.59
CA GLU L 1264 -84.83 22.94 -95.76
C GLU L 1264 -84.33 24.35 -95.65
N MET L 1265 -84.47 24.96 -94.47
CA MET L 1265 -83.92 26.29 -94.26
C MET L 1265 -82.42 26.32 -94.49
N TYR L 1266 -81.69 25.38 -93.88
CA TYR L 1266 -80.25 25.39 -94.01
C TYR L 1266 -79.81 25.07 -95.44
N TRP L 1267 -80.57 24.26 -96.16
CA TRP L 1267 -80.28 24.01 -97.56
C TRP L 1267 -80.43 25.28 -98.38
N LYS L 1268 -81.48 26.05 -98.14
CA LYS L 1268 -81.59 27.35 -98.81
C LYS L 1268 -80.41 28.24 -98.47
N LEU L 1269 -79.96 28.21 -97.21
CA LEU L 1269 -78.88 29.10 -96.79
C LEU L 1269 -77.53 28.69 -97.39
N TRP L 1270 -77.27 27.38 -97.48
CA TRP L 1270 -75.93 26.87 -97.74
C TRP L 1270 -75.73 26.36 -99.16
N ILE L 1271 -76.68 25.60 -99.68
CA ILE L 1271 -76.52 24.87 -100.93
C ILE L 1271 -77.41 25.50 -101.98
N ASP L 1272 -76.84 25.84 -103.13
CA ASP L 1272 -77.56 26.48 -104.21
C ASP L 1272 -78.04 25.49 -105.27
N GLU L 1273 -78.44 24.30 -104.83
CA GLU L 1273 -79.00 23.27 -105.69
C GLU L 1273 -80.43 22.98 -105.27
N PRO L 1274 -81.22 22.33 -106.12
CA PRO L 1274 -82.60 22.02 -105.73
C PRO L 1274 -82.64 21.19 -104.46
N PHE L 1275 -83.62 21.49 -103.61
CA PHE L 1275 -83.76 20.76 -102.35
C PHE L 1275 -84.08 19.31 -102.62
N ASN L 1276 -83.24 18.42 -102.10
CA ASN L 1276 -83.49 16.98 -102.21
C ASN L 1276 -82.67 16.27 -101.15
N LEU L 1277 -83.35 15.68 -100.18
CA LEU L 1277 -82.67 15.03 -99.06
C LEU L 1277 -82.50 13.53 -99.25
N ASP L 1278 -83.05 12.95 -100.31
CA ASP L 1278 -83.04 11.50 -100.48
C ASP L 1278 -81.90 11.12 -101.41
N PHE L 1279 -80.68 11.15 -100.87
CA PHE L 1279 -79.50 10.65 -101.55
C PHE L 1279 -78.67 9.84 -100.57
N ASP L 1280 -77.84 8.95 -101.11
CA ASP L 1280 -77.15 7.96 -100.29
C ASP L 1280 -75.93 8.57 -99.61
N PRO L 1281 -75.80 8.45 -98.28
CA PRO L 1281 -74.55 8.90 -97.64
C PRO L 1281 -73.33 8.11 -98.08
N ARG L 1282 -73.48 6.84 -98.45
CA ARG L 1282 -72.33 6.07 -98.90
C ARG L 1282 -71.73 6.62 -100.20
N ASP L 1283 -72.49 7.40 -100.95
CA ASP L 1283 -72.04 7.86 -102.25
C ASP L 1283 -71.12 9.06 -102.13
N VAL L 1284 -70.50 9.42 -103.25
CA VAL L 1284 -69.54 10.52 -103.29
C VAL L 1284 -70.26 11.79 -103.76
N ILE L 1285 -70.12 12.85 -102.99
CA ILE L 1285 -70.70 14.14 -103.33
C ILE L 1285 -69.70 14.92 -104.16
N LYS L 1286 -70.15 15.46 -105.29
CA LYS L 1286 -69.27 16.19 -106.20
C LYS L 1286 -69.58 17.68 -106.11
N GLY L 1287 -68.54 18.47 -105.92
CA GLY L 1287 -68.68 19.90 -105.77
C GLY L 1287 -68.42 20.65 -107.06
N LYS L 1288 -69.03 21.83 -107.16
CA LYS L 1288 -68.91 22.65 -108.35
C LYS L 1288 -67.50 23.22 -108.50
N ASP L 1289 -67.07 23.37 -109.75
CA ASP L 1289 -65.75 23.93 -110.01
C ASP L 1289 -65.65 25.34 -109.46
N PHE L 1290 -64.47 25.66 -108.90
CA PHE L 1290 -64.23 26.95 -108.26
C PHE L 1290 -63.06 27.65 -108.94
N GLU L 1291 -63.28 28.89 -109.35
CA GLU L 1291 -62.26 29.73 -109.96
C GLU L 1291 -61.75 30.71 -108.92
N ILE L 1292 -60.48 30.59 -108.56
CA ILE L 1292 -59.87 31.45 -107.55
C ILE L 1292 -59.50 32.78 -108.19
N THR L 1293 -59.87 33.88 -107.52
CA THR L 1293 -59.62 35.22 -108.01
C THR L 1293 -58.90 36.03 -106.94
N ALA L 1294 -58.20 37.08 -107.40
CA ALA L 1294 -57.49 37.94 -106.48
C ALA L 1294 -58.45 38.60 -105.49
N LYS L 1295 -59.65 38.96 -105.96
CA LYS L 1295 -60.64 39.57 -105.07
C LYS L 1295 -60.97 38.65 -103.92
N GLU L 1296 -61.23 37.38 -104.22
CA GLU L 1296 -61.64 36.44 -103.18
C GLU L 1296 -60.52 36.23 -102.16
N VAL L 1297 -59.29 36.10 -102.63
CA VAL L 1297 -58.17 35.92 -101.71
C VAL L 1297 -58.01 37.15 -100.83
N TYR L 1298 -58.10 38.34 -101.43
CA TYR L 1298 -58.04 39.58 -100.66
C TYR L 1298 -59.11 39.62 -99.57
N ASP L 1299 -60.36 39.36 -99.96
CA ASP L 1299 -61.45 39.42 -98.99
C ASP L 1299 -61.25 38.41 -97.87
N PHE L 1300 -60.89 37.17 -98.23
CA PHE L 1300 -60.71 36.14 -97.21
C PHE L 1300 -59.59 36.53 -96.25
N THR L 1301 -58.44 36.88 -96.81
CA THR L 1301 -57.29 37.21 -95.98
C THR L 1301 -57.63 38.36 -95.03
N HIS L 1302 -58.39 39.34 -95.50
CA HIS L 1302 -58.74 40.47 -94.63
C HIS L 1302 -59.75 40.06 -93.58
N ALA L 1303 -60.70 39.20 -93.94
CA ALA L 1303 -61.69 38.76 -92.97
C ALA L 1303 -61.04 37.97 -91.84
N VAL L 1304 -60.08 37.11 -92.16
CA VAL L 1304 -59.44 36.28 -91.13
C VAL L 1304 -58.19 36.92 -90.53
N GLY L 1305 -57.81 38.11 -90.99
CA GLY L 1305 -56.65 38.78 -90.42
C GLY L 1305 -55.33 38.10 -90.70
N ASN L 1306 -55.12 37.65 -91.94
CA ASN L 1306 -53.85 37.02 -92.32
C ASN L 1306 -53.08 38.00 -93.19
N ASN L 1307 -51.88 38.39 -92.74
CA ASN L 1307 -51.11 39.40 -93.47
C ASN L 1307 -49.84 38.83 -94.09
N CYS L 1308 -49.86 37.55 -94.44
CA CYS L 1308 -48.71 36.95 -95.08
C CYS L 1308 -48.53 37.58 -96.45
N GLU L 1309 -47.30 37.93 -96.79
CA GLU L 1309 -47.06 38.61 -98.05
C GLU L 1309 -47.31 37.72 -99.26
N ASP L 1310 -47.30 36.40 -99.10
CA ASP L 1310 -47.49 35.51 -100.23
C ASP L 1310 -48.86 35.68 -100.86
N PHE L 1311 -49.82 36.16 -100.09
CA PHE L 1311 -51.19 36.28 -100.58
C PHE L 1311 -51.53 37.70 -101.00
N VAL L 1312 -50.60 38.64 -100.82
CA VAL L 1312 -50.82 40.03 -101.22
C VAL L 1312 -50.26 40.26 -102.62
N SER L 1313 -51.09 40.79 -103.52
CA SER L 1313 -50.63 41.00 -104.89
C SER L 1313 -49.40 41.91 -104.91
N ARG L 1314 -48.40 41.51 -105.66
CA ARG L 1314 -47.14 42.24 -105.76
C ARG L 1314 -46.64 42.13 -107.19
N PRO L 1315 -45.80 43.06 -107.63
CA PRO L 1315 -45.27 42.97 -109.00
C PRO L 1315 -44.32 41.81 -109.14
N ASP L 1316 -44.42 41.12 -110.28
CA ASP L 1316 -43.53 40.04 -110.69
C ASP L 1316 -43.74 38.76 -109.89
N ARG L 1317 -44.78 38.69 -109.06
CA ARG L 1317 -45.04 37.50 -108.25
C ARG L 1317 -46.53 37.19 -108.28
N THR L 1318 -46.88 35.99 -108.72
CA THR L 1318 -48.27 35.56 -108.67
C THR L 1318 -48.68 35.31 -107.22
N MET L 1319 -49.92 35.67 -106.89
CA MET L 1319 -50.36 35.60 -105.51
C MET L 1319 -50.94 34.23 -105.20
N LEU L 1320 -50.50 33.67 -104.09
CA LEU L 1320 -50.98 32.38 -103.62
C LEU L 1320 -52.28 32.55 -102.84
N ALA L 1321 -53.01 31.46 -102.70
CA ALA L 1321 -54.18 31.46 -101.82
C ALA L 1321 -53.85 30.76 -100.51
N PRO L 1322 -54.39 31.20 -99.39
CA PRO L 1322 -54.05 30.55 -98.12
C PRO L 1322 -54.62 29.15 -98.02
N MET L 1323 -53.97 28.34 -97.19
CA MET L 1323 -54.44 26.99 -96.95
C MET L 1323 -55.89 26.98 -96.49
N ASP L 1324 -56.26 27.95 -95.64
CA ASP L 1324 -57.62 28.00 -95.11
C ASP L 1324 -58.65 28.23 -96.21
N PHE L 1325 -58.23 28.69 -97.38
CA PHE L 1325 -59.16 28.87 -98.49
C PHE L 1325 -59.78 27.55 -98.94
N ALA L 1326 -59.22 26.42 -98.52
CA ALA L 1326 -59.78 25.13 -98.91
C ALA L 1326 -61.20 24.96 -98.37
N ILE L 1327 -61.48 25.48 -97.18
CA ILE L 1327 -62.85 25.43 -96.68
C ILE L 1327 -63.77 26.26 -97.56
N VAL L 1328 -63.32 27.45 -97.97
CA VAL L 1328 -64.15 28.25 -98.87
C VAL L 1328 -64.42 27.46 -100.15
N VAL L 1329 -63.42 26.73 -100.64
CA VAL L 1329 -63.58 26.01 -101.90
C VAL L 1329 -64.55 24.84 -101.73
N GLY L 1330 -64.38 24.06 -100.67
CA GLY L 1330 -65.10 22.80 -100.53
C GLY L 1330 -66.20 22.74 -99.50
N TRP L 1331 -66.64 23.88 -98.96
CA TRP L 1331 -67.65 23.86 -97.92
C TRP L 1331 -68.96 23.28 -98.42
N ARG L 1332 -69.35 23.62 -99.64
CA ARG L 1332 -70.63 23.13 -100.16
C ARG L 1332 -70.64 21.61 -100.17
N ALA L 1333 -69.63 21.00 -100.79
CA ALA L 1333 -69.56 19.54 -100.85
C ALA L 1333 -69.47 18.94 -99.46
N ILE L 1334 -68.63 19.52 -98.60
CA ILE L 1334 -68.42 18.94 -97.28
C ILE L 1334 -69.72 18.95 -96.48
N ILE L 1335 -70.42 20.09 -96.48
CA ILE L 1335 -71.62 20.22 -95.66
C ILE L 1335 -72.82 19.52 -96.26
N LYS L 1336 -72.81 19.23 -97.57
CA LYS L 1336 -73.91 18.47 -98.13
C LYS L 1336 -73.95 17.04 -97.62
N ALA L 1337 -72.91 16.59 -96.92
CA ALA L 1337 -72.86 15.22 -96.44
C ALA L 1337 -73.81 14.99 -95.26
N ILE L 1338 -74.02 15.99 -94.41
CA ILE L 1338 -74.82 15.81 -93.21
C ILE L 1338 -76.31 15.96 -93.46
N PHE L 1339 -76.72 16.22 -94.70
CA PHE L 1339 -78.12 16.49 -95.00
C PHE L 1339 -78.99 15.25 -95.20
N PRO L 1340 -78.50 14.18 -95.85
CA PRO L 1340 -79.39 13.05 -96.20
C PRO L 1340 -80.33 12.66 -95.08
N ASN L 1341 -81.55 12.24 -95.43
CA ASN L 1341 -82.53 11.89 -94.41
C ASN L 1341 -82.13 10.65 -93.63
N THR L 1342 -81.27 9.80 -94.20
CA THR L 1342 -80.77 8.65 -93.43
C THR L 1342 -79.84 9.12 -92.32
N VAL L 1343 -79.03 10.14 -92.57
CA VAL L 1343 -78.26 10.79 -91.49
C VAL L 1343 -79.15 11.92 -90.98
N ASP L 1344 -80.08 11.56 -90.11
CA ASP L 1344 -81.07 12.48 -89.58
C ASP L 1344 -80.54 13.15 -88.32
N GLY L 1345 -80.77 14.45 -88.21
CA GLY L 1345 -80.34 15.19 -87.05
C GLY L 1345 -80.84 16.61 -87.08
N ASP L 1346 -80.78 17.25 -85.91
CA ASP L 1346 -81.20 18.64 -85.75
C ASP L 1346 -80.03 19.54 -86.09
N LEU L 1347 -80.13 20.26 -87.21
CA LEU L 1347 -79.03 21.11 -87.65
C LEU L 1347 -78.77 22.27 -86.70
N LEU L 1348 -79.77 22.71 -85.94
CA LEU L 1348 -79.56 23.78 -84.99
C LEU L 1348 -78.76 23.32 -83.77
N LYS L 1349 -78.69 22.01 -83.53
CA LYS L 1349 -77.81 21.45 -82.52
C LYS L 1349 -76.55 20.85 -83.12
N LEU L 1350 -76.33 21.05 -84.42
CA LEU L 1350 -75.10 20.56 -85.05
C LEU L 1350 -73.90 21.27 -84.45
N VAL L 1351 -72.86 20.49 -84.14
CA VAL L 1351 -71.63 21.01 -83.55
C VAL L 1351 -70.47 20.59 -84.44
N HIS L 1352 -69.61 21.55 -84.78
CA HIS L 1352 -68.41 21.29 -85.56
C HIS L 1352 -67.30 20.91 -84.59
N LEU L 1353 -66.88 19.64 -84.62
CA LEU L 1353 -65.93 19.17 -83.64
C LEU L 1353 -64.49 19.50 -84.02
N SER L 1354 -64.15 19.41 -85.29
CA SER L 1354 -62.77 19.62 -85.69
C SER L 1354 -62.68 19.71 -87.20
N ASN L 1355 -61.59 20.31 -87.67
CA ASN L 1355 -61.32 20.48 -89.09
C ASN L 1355 -59.83 20.26 -89.32
N GLY L 1356 -59.49 19.79 -90.51
CA GLY L 1356 -58.09 19.53 -90.82
C GLY L 1356 -57.79 19.73 -92.29
N TYR L 1357 -56.57 20.18 -92.55
CA TYR L 1357 -56.03 20.30 -93.89
C TYR L 1357 -54.81 19.40 -94.00
N LYS L 1358 -54.56 18.89 -95.20
CA LYS L 1358 -53.45 17.98 -95.40
C LYS L 1358 -53.01 18.07 -96.85
N MET L 1359 -51.88 18.74 -97.08
CA MET L 1359 -51.33 18.82 -98.43
C MET L 1359 -50.84 17.45 -98.87
N ILE L 1360 -51.12 17.12 -100.12
CA ILE L 1360 -50.65 15.85 -100.68
C ILE L 1360 -49.18 16.01 -101.08
N PRO L 1361 -48.29 15.10 -100.67
CA PRO L 1361 -46.85 15.31 -100.90
C PRO L 1361 -46.56 15.56 -102.37
N GLY L 1362 -45.73 16.58 -102.62
CA GLY L 1362 -45.40 16.97 -103.97
C GLY L 1362 -46.42 17.85 -104.64
N ALA L 1363 -47.47 18.25 -103.94
CA ALA L 1363 -48.47 19.17 -104.47
C ALA L 1363 -48.15 20.59 -104.02
N LYS L 1364 -48.28 21.53 -104.94
CA LYS L 1364 -48.00 22.93 -104.64
C LYS L 1364 -49.21 23.59 -104.00
N PRO L 1365 -48.99 24.71 -103.31
CA PRO L 1365 -50.12 25.43 -102.71
C PRO L 1365 -51.04 25.99 -103.79
N LEU L 1366 -52.27 26.27 -103.37
CA LEU L 1366 -53.23 26.92 -104.26
C LEU L 1366 -52.71 28.30 -104.65
N GLN L 1367 -53.06 28.72 -105.87
CA GLN L 1367 -52.65 30.03 -106.36
C GLN L 1367 -53.80 30.66 -107.13
N VAL L 1368 -53.86 31.99 -107.09
CA VAL L 1368 -54.86 32.71 -107.87
C VAL L 1368 -54.75 32.27 -109.32
N GLY L 1369 -55.88 32.14 -109.98
CA GLY L 1369 -55.93 31.63 -111.32
C GLY L 1369 -56.21 30.15 -111.43
N ASP L 1370 -56.14 29.41 -110.33
CA ASP L 1370 -56.43 27.98 -110.35
C ASP L 1370 -57.93 27.74 -110.46
N VAL L 1371 -58.27 26.63 -111.10
CA VAL L 1371 -59.63 26.09 -111.10
C VAL L 1371 -59.60 24.81 -110.29
N VAL L 1372 -60.38 24.76 -109.22
CA VAL L 1372 -60.35 23.65 -108.28
C VAL L 1372 -61.64 22.85 -108.40
N SER L 1373 -61.52 21.55 -108.23
CA SER L 1373 -62.65 20.64 -108.16
C SER L 1373 -62.65 19.96 -106.80
N THR L 1374 -63.84 19.85 -106.21
CA THR L 1374 -64.01 19.25 -104.90
C THR L 1374 -64.86 17.99 -105.02
N THR L 1375 -64.46 16.97 -104.27
CA THR L 1375 -65.24 15.76 -104.09
C THR L 1375 -65.27 15.45 -102.60
N ALA L 1376 -66.40 14.95 -102.12
CA ALA L 1376 -66.59 14.68 -100.71
C ALA L 1376 -67.24 13.32 -100.51
N VAL L 1377 -66.79 12.61 -99.47
CA VAL L 1377 -67.37 11.34 -99.06
C VAL L 1377 -67.44 11.31 -97.55
N ILE L 1378 -68.46 10.65 -97.03
CA ILE L 1378 -68.55 10.40 -95.60
C ILE L 1378 -67.62 9.25 -95.26
N GLU L 1379 -66.65 9.49 -94.39
CA GLU L 1379 -65.78 8.42 -93.94
C GLU L 1379 -66.52 7.52 -92.97
N SER L 1380 -67.22 8.11 -92.01
CA SER L 1380 -67.87 7.34 -90.95
C SER L 1380 -69.03 8.16 -90.39
N VAL L 1381 -70.13 7.48 -90.09
CA VAL L 1381 -71.22 8.04 -89.34
C VAL L 1381 -71.65 7.00 -88.32
N VAL L 1382 -71.43 7.28 -87.04
CA VAL L 1382 -71.72 6.32 -85.98
C VAL L 1382 -72.59 7.00 -84.94
N ASN L 1383 -73.46 6.21 -84.31
CA ASN L 1383 -74.29 6.68 -83.21
C ASN L 1383 -73.54 6.51 -81.90
N GLN L 1384 -73.47 7.57 -81.12
CA GLN L 1384 -72.90 7.57 -79.79
C GLN L 1384 -73.97 7.96 -78.77
N PRO L 1385 -73.76 7.61 -77.49
CA PRO L 1385 -74.81 7.90 -76.50
C PRO L 1385 -75.17 9.37 -76.40
N THR L 1386 -74.21 10.26 -76.61
CA THR L 1386 -74.46 11.69 -76.59
C THR L 1386 -74.91 12.24 -77.93
N GLY L 1387 -74.91 11.45 -78.99
CA GLY L 1387 -75.38 11.89 -80.28
C GLY L 1387 -74.72 11.12 -81.39
N LYS L 1388 -74.75 11.71 -82.59
CA LYS L 1388 -74.29 11.08 -83.80
C LYS L 1388 -73.14 11.89 -84.38
N ILE L 1389 -72.02 11.22 -84.63
CA ILE L 1389 -70.83 11.83 -85.22
C ILE L 1389 -70.80 11.49 -86.70
N VAL L 1390 -70.48 12.48 -87.52
CA VAL L 1390 -70.32 12.30 -88.96
C VAL L 1390 -68.94 12.82 -89.34
N ASP L 1391 -68.12 11.96 -89.92
CA ASP L 1391 -66.77 12.31 -90.35
C ASP L 1391 -66.75 12.36 -91.87
N VAL L 1392 -66.35 13.50 -92.41
CA VAL L 1392 -66.39 13.74 -93.86
C VAL L 1392 -64.97 14.02 -94.34
N VAL L 1393 -64.66 13.58 -95.55
CA VAL L 1393 -63.35 13.80 -96.15
C VAL L 1393 -63.56 14.43 -97.53
N GLY L 1394 -63.00 15.61 -97.73
CA GLY L 1394 -63.06 16.31 -99.00
C GLY L 1394 -61.70 16.25 -99.68
N THR L 1395 -61.72 16.17 -101.01
CA THR L 1395 -60.49 16.13 -101.80
C THR L 1395 -60.56 17.23 -102.84
N LEU L 1396 -59.65 18.19 -102.75
CA LEU L 1396 -59.56 19.28 -103.71
C LEU L 1396 -58.56 18.91 -104.79
N SER L 1397 -59.01 18.98 -106.04
CA SER L 1397 -58.22 18.55 -107.19
C SER L 1397 -57.99 19.72 -108.13
N ARG L 1398 -56.73 19.93 -108.50
CA ARG L 1398 -56.35 20.98 -109.43
C ARG L 1398 -55.81 20.33 -110.70
N ASN L 1399 -56.39 20.67 -111.84
CA ASN L 1399 -55.96 20.21 -113.15
C ASN L 1399 -56.11 18.70 -113.34
N GLY L 1400 -56.82 18.02 -112.46
CA GLY L 1400 -56.93 16.58 -112.49
C GLY L 1400 -56.09 15.85 -111.46
N LYS L 1401 -55.17 16.55 -110.81
CA LYS L 1401 -54.40 15.97 -109.73
C LYS L 1401 -54.91 16.47 -108.39
N PRO L 1402 -54.92 15.64 -107.34
CA PRO L 1402 -55.37 16.11 -106.04
C PRO L 1402 -54.31 16.93 -105.33
N VAL L 1403 -54.77 18.00 -104.68
CA VAL L 1403 -53.88 18.98 -104.05
C VAL L 1403 -53.83 18.80 -102.54
N MET L 1404 -54.98 18.77 -101.90
CA MET L 1404 -55.05 18.60 -100.46
C MET L 1404 -56.33 17.86 -100.11
N GLU L 1405 -56.38 17.38 -98.87
CA GLU L 1405 -57.55 16.70 -98.33
C GLU L 1405 -58.04 17.44 -97.10
N VAL L 1406 -59.36 17.60 -96.99
CA VAL L 1406 -60.00 18.27 -95.88
C VAL L 1406 -60.78 17.24 -95.09
N THR L 1407 -60.54 17.19 -93.79
CA THR L 1407 -61.26 16.30 -92.88
C THR L 1407 -62.09 17.15 -91.93
N SER L 1408 -63.40 16.94 -91.94
CA SER L 1408 -64.32 17.66 -91.07
C SER L 1408 -65.13 16.66 -90.28
N SER L 1409 -65.21 16.86 -88.97
CA SER L 1409 -65.99 16.01 -88.08
C SER L 1409 -67.13 16.83 -87.49
N PHE L 1410 -68.35 16.36 -87.69
CA PHE L 1410 -69.55 17.04 -87.21
C PHE L 1410 -70.25 16.20 -86.15
N PHE L 1411 -71.10 16.86 -85.36
CA PHE L 1411 -71.77 16.23 -84.24
C PHE L 1411 -73.23 16.65 -84.20
N TYR L 1412 -74.12 15.68 -84.33
CA TYR L 1412 -75.56 15.88 -84.15
C TYR L 1412 -75.89 15.46 -82.72
N ARG L 1413 -76.03 16.42 -81.82
CA ARG L 1413 -76.36 16.09 -80.45
C ARG L 1413 -77.80 15.57 -80.38
N GLY L 1414 -77.99 14.51 -79.59
CA GLY L 1414 -79.30 13.93 -79.43
C GLY L 1414 -79.18 12.48 -79.00
N ASN L 1415 -80.30 11.76 -79.15
CA ASN L 1415 -80.38 10.34 -78.83
C ASN L 1415 -80.81 9.61 -80.09
N TYR L 1416 -79.92 8.79 -80.64
CA TYR L 1416 -80.17 8.08 -81.88
C TYR L 1416 -79.97 6.59 -81.67
N THR L 1417 -80.80 5.79 -82.34
CA THR L 1417 -80.70 4.34 -82.27
C THR L 1417 -80.92 3.69 -83.63
N ASP L 1418 -80.70 4.43 -84.72
CA ASP L 1418 -80.91 3.91 -86.07
C ASP L 1418 -79.60 3.34 -86.61
N PHE L 1419 -79.14 2.29 -85.94
CA PHE L 1419 -77.82 1.73 -86.23
C PHE L 1419 -77.73 1.13 -87.62
N GLU L 1420 -78.86 0.86 -88.28
CA GLU L 1420 -78.80 0.31 -89.63
C GLU L 1420 -78.31 1.33 -90.64
N ASN L 1421 -78.31 2.61 -90.30
CA ASN L 1421 -77.80 3.64 -91.18
C ASN L 1421 -76.34 3.97 -90.89
N THR L 1422 -75.75 3.40 -89.85
CA THR L 1422 -74.42 3.79 -89.41
C THR L 1422 -73.36 2.86 -89.98
N PHE L 1423 -72.14 3.37 -90.04
CA PHE L 1423 -70.98 2.62 -90.47
C PHE L 1423 -69.74 3.37 -90.02
N GLN L 1424 -68.58 2.75 -90.22
CA GLN L 1424 -67.35 3.37 -89.77
C GLN L 1424 -66.19 2.83 -90.58
N LYS L 1425 -65.15 3.65 -90.71
CA LYS L 1425 -63.95 3.30 -91.45
C LYS L 1425 -62.75 3.86 -90.70
N THR L 1426 -61.79 3.01 -90.37
CA THR L 1426 -60.60 3.42 -89.64
C THR L 1426 -59.37 2.85 -90.30
N VAL L 1427 -58.40 3.71 -90.58
CA VAL L 1427 -57.10 3.30 -91.10
C VAL L 1427 -56.25 2.92 -89.89
N GLU L 1428 -55.95 1.64 -89.76
CA GLU L 1428 -55.23 1.18 -88.58
C GLU L 1428 -53.78 1.62 -88.64
N PRO L 1429 -53.12 1.75 -87.49
CA PRO L 1429 -51.67 1.97 -87.52
C PRO L 1429 -50.97 0.80 -88.16
N VAL L 1430 -49.83 1.07 -88.80
CA VAL L 1430 -49.04 0.01 -89.39
C VAL L 1430 -48.43 -0.83 -88.27
N TYR L 1431 -48.56 -2.15 -88.39
CA TYR L 1431 -48.05 -3.09 -87.40
C TYR L 1431 -46.86 -3.84 -87.97
N GLN L 1432 -45.86 -4.06 -87.13
CA GLN L 1432 -44.63 -4.72 -87.52
C GLN L 1432 -44.43 -5.99 -86.69
N MET L 1433 -43.91 -7.02 -87.35
CA MET L 1433 -43.65 -8.30 -86.70
C MET L 1433 -42.32 -8.85 -87.21
N HIS L 1434 -41.43 -9.22 -86.29
CA HIS L 1434 -40.19 -9.89 -86.62
C HIS L 1434 -40.40 -11.39 -86.44
N ILE L 1435 -40.46 -12.12 -87.54
CA ILE L 1435 -40.70 -13.56 -87.51
C ILE L 1435 -39.39 -14.25 -87.12
N LYS L 1436 -39.33 -14.72 -85.88
CA LYS L 1436 -38.10 -15.31 -85.34
C LYS L 1436 -38.07 -16.83 -85.49
N THR L 1437 -39.04 -17.50 -84.89
CA THR L 1437 -39.06 -18.95 -84.76
C THR L 1437 -40.11 -19.56 -85.68
N SER L 1438 -40.06 -20.88 -85.83
CA SER L 1438 -41.06 -21.58 -86.63
C SER L 1438 -42.41 -21.52 -85.95
N LYS L 1439 -42.42 -21.31 -84.64
CA LYS L 1439 -43.69 -21.13 -83.93
C LYS L 1439 -44.48 -19.97 -84.52
N ASP L 1440 -43.80 -18.83 -84.73
CA ASP L 1440 -44.49 -17.66 -85.28
C ASP L 1440 -45.03 -17.96 -86.66
N ILE L 1441 -44.23 -18.63 -87.50
CA ILE L 1441 -44.71 -18.99 -88.83
C ILE L 1441 -45.96 -19.85 -88.72
N ALA L 1442 -45.91 -20.86 -87.86
CA ALA L 1442 -47.06 -21.76 -87.73
C ALA L 1442 -48.30 -21.01 -87.28
N VAL L 1443 -48.16 -20.16 -86.27
CA VAL L 1443 -49.32 -19.41 -85.77
C VAL L 1443 -49.88 -18.51 -86.86
N LEU L 1444 -49.01 -17.79 -87.57
CA LEU L 1444 -49.49 -16.91 -88.63
C LEU L 1444 -50.21 -17.70 -89.71
N ARG L 1445 -49.66 -18.84 -90.11
CA ARG L 1445 -50.31 -19.65 -91.13
C ARG L 1445 -51.62 -20.26 -90.63
N SER L 1446 -51.83 -20.31 -89.32
CA SER L 1446 -53.11 -20.78 -88.81
C SER L 1446 -54.23 -19.78 -89.06
N LYS L 1447 -53.93 -18.48 -88.98
CA LYS L 1447 -54.96 -17.46 -89.16
C LYS L 1447 -55.50 -17.52 -90.58
N GLU L 1448 -56.80 -17.71 -90.72
CA GLU L 1448 -57.39 -17.83 -92.04
C GLU L 1448 -57.20 -16.56 -92.86
N TRP L 1449 -57.16 -15.40 -92.21
CA TRP L 1449 -57.07 -14.15 -92.94
C TRP L 1449 -55.67 -13.89 -93.51
N PHE L 1450 -54.63 -14.44 -92.89
CA PHE L 1450 -53.26 -14.22 -93.34
C PHE L 1450 -53.04 -15.02 -94.63
N GLN L 1451 -52.98 -14.32 -95.76
CA GLN L 1451 -52.86 -14.95 -97.06
C GLN L 1451 -51.64 -14.42 -97.78
N LEU L 1452 -50.73 -15.32 -98.15
CA LEU L 1452 -49.54 -14.97 -98.92
C LEU L 1452 -49.71 -15.48 -100.34
N ASP L 1453 -49.37 -14.65 -101.32
CA ASP L 1453 -49.47 -15.07 -102.71
C ASP L 1453 -48.54 -16.25 -102.99
N ASP L 1454 -47.31 -16.20 -102.47
CA ASP L 1454 -46.33 -17.27 -102.65
C ASP L 1454 -46.41 -18.18 -101.42
N GLU L 1455 -47.11 -19.30 -101.58
CA GLU L 1455 -47.28 -20.23 -100.48
C GLU L 1455 -45.96 -20.75 -99.93
N ASP L 1456 -44.90 -20.78 -100.75
CA ASP L 1456 -43.61 -21.26 -100.33
C ASP L 1456 -42.66 -20.12 -99.92
N PHE L 1457 -43.20 -18.96 -99.57
CA PHE L 1457 -42.37 -17.87 -99.08
C PHE L 1457 -41.75 -18.23 -97.73
N ASP L 1458 -40.52 -17.79 -97.53
CA ASP L 1458 -39.76 -18.09 -96.32
C ASP L 1458 -39.91 -16.92 -95.35
N LEU L 1459 -40.84 -17.05 -94.41
CA LEU L 1459 -41.04 -16.00 -93.41
C LEU L 1459 -39.95 -15.99 -92.35
N LEU L 1460 -39.11 -17.01 -92.30
CA LEU L 1460 -38.16 -17.15 -91.20
C LEU L 1460 -37.15 -16.01 -91.20
N ASN L 1461 -36.97 -15.38 -90.04
CA ASN L 1461 -36.08 -14.22 -89.89
C ASN L 1461 -36.44 -13.11 -90.88
N LYS L 1462 -37.73 -12.86 -91.05
CA LYS L 1462 -38.21 -11.78 -91.90
C LYS L 1462 -39.00 -10.78 -91.06
N THR L 1463 -38.94 -9.52 -91.48
CA THR L 1463 -39.77 -8.47 -90.88
C THR L 1463 -40.95 -8.20 -91.80
N LEU L 1464 -42.15 -8.29 -91.22
CA LEU L 1464 -43.39 -8.07 -91.96
C LEU L 1464 -44.10 -6.85 -91.40
N THR L 1465 -44.73 -6.09 -92.28
CA THR L 1465 -45.53 -4.94 -91.91
C THR L 1465 -46.95 -5.15 -92.43
N PHE L 1466 -47.94 -4.89 -91.59
CA PHE L 1466 -49.34 -4.99 -91.97
C PHE L 1466 -49.95 -3.60 -91.93
N GLU L 1467 -50.51 -3.16 -93.05
CA GLU L 1467 -51.22 -1.89 -93.15
C GLU L 1467 -52.63 -2.19 -93.61
N THR L 1468 -53.59 -2.11 -92.68
CA THR L 1468 -54.95 -2.58 -92.90
C THR L 1468 -55.96 -1.45 -92.72
N GLU L 1469 -57.16 -1.68 -93.27
CA GLU L 1469 -58.30 -0.82 -93.06
C GLU L 1469 -59.49 -1.66 -92.61
N THR L 1470 -60.23 -1.16 -91.62
CA THR L 1470 -61.39 -1.86 -91.10
C THR L 1470 -62.66 -1.11 -91.47
N GLU L 1471 -63.57 -1.77 -92.17
CA GLU L 1471 -64.91 -1.25 -92.44
C GLU L 1471 -65.90 -2.06 -91.62
N VAL L 1472 -66.67 -1.38 -90.77
CA VAL L 1472 -67.65 -2.05 -89.94
C VAL L 1472 -69.01 -1.37 -90.08
N THR L 1473 -70.06 -2.17 -89.96
CA THR L 1473 -71.41 -1.69 -89.72
C THR L 1473 -71.80 -2.07 -88.30
N PHE L 1474 -72.90 -1.51 -87.82
CA PHE L 1474 -73.30 -1.66 -86.44
C PHE L 1474 -74.68 -2.30 -86.34
N LYS L 1475 -74.87 -3.08 -85.28
CA LYS L 1475 -76.18 -3.55 -84.87
C LYS L 1475 -76.69 -2.83 -83.65
N ASN L 1476 -75.80 -2.38 -82.79
CA ASN L 1476 -76.16 -1.57 -81.63
C ASN L 1476 -74.89 -0.88 -81.14
N ALA L 1477 -74.98 -0.23 -79.98
CA ALA L 1477 -73.86 0.54 -79.47
C ALA L 1477 -72.65 -0.35 -79.20
N ASN L 1478 -72.88 -1.59 -78.77
CA ASN L 1478 -71.82 -2.46 -78.29
C ASN L 1478 -71.34 -3.47 -79.31
N ILE L 1479 -72.18 -3.90 -80.25
CA ILE L 1479 -71.88 -5.02 -81.13
C ILE L 1479 -71.84 -4.54 -82.57
N PHE L 1480 -71.06 -5.24 -83.38
CA PHE L 1480 -70.99 -4.99 -84.81
C PHE L 1480 -71.84 -6.00 -85.57
N SER L 1481 -72.37 -5.56 -86.72
CA SER L 1481 -73.14 -6.42 -87.60
C SER L 1481 -72.36 -6.86 -88.82
N SER L 1482 -71.14 -6.37 -89.00
CA SER L 1482 -70.28 -6.78 -90.10
C SER L 1482 -68.91 -6.16 -89.87
N VAL L 1483 -67.86 -6.95 -90.10
CA VAL L 1483 -66.50 -6.50 -89.91
C VAL L 1483 -65.69 -6.93 -91.13
N LYS L 1484 -64.90 -6.01 -91.67
CA LYS L 1484 -64.08 -6.28 -92.85
C LYS L 1484 -62.75 -5.59 -92.69
N CYS L 1485 -61.70 -6.38 -92.46
CA CYS L 1485 -60.34 -5.87 -92.35
C CYS L 1485 -59.57 -6.37 -93.57
N PHE L 1486 -58.87 -5.47 -94.25
CA PHE L 1486 -58.18 -5.82 -95.48
C PHE L 1486 -56.99 -4.91 -95.68
N GLY L 1487 -56.09 -5.33 -96.56
CA GLY L 1487 -54.93 -4.54 -96.89
C GLY L 1487 -53.77 -5.40 -97.34
N PRO L 1488 -52.65 -4.76 -97.71
CA PRO L 1488 -51.49 -5.51 -98.15
C PRO L 1488 -50.57 -5.92 -96.99
N ILE L 1489 -49.83 -6.99 -97.23
CA ILE L 1489 -48.76 -7.45 -96.34
C ILE L 1489 -47.44 -7.25 -97.07
N LYS L 1490 -46.46 -6.67 -96.38
CA LYS L 1490 -45.20 -6.31 -96.99
C LYS L 1490 -44.04 -6.87 -96.17
N VAL L 1491 -42.93 -7.13 -96.85
CA VAL L 1491 -41.73 -7.69 -96.24
C VAL L 1491 -40.57 -6.73 -96.45
N GLU L 1492 -39.80 -6.51 -95.40
CA GLU L 1492 -38.60 -5.68 -95.49
C GLU L 1492 -37.50 -6.41 -96.25
N LEU L 1493 -36.73 -5.68 -97.02
CA LEU L 1493 -35.63 -6.21 -97.81
C LEU L 1493 -34.31 -5.81 -97.20
N PRO L 1494 -33.20 -6.40 -97.67
CA PRO L 1494 -31.89 -5.96 -97.18
C PRO L 1494 -31.62 -4.49 -97.39
N THR L 1495 -32.23 -3.87 -98.41
CA THR L 1495 -32.09 -2.44 -98.66
C THR L 1495 -33.08 -1.61 -97.87
N LYS L 1496 -33.78 -2.21 -96.91
CA LYS L 1496 -34.77 -1.53 -96.07
C LYS L 1496 -36.00 -1.08 -96.86
N GLU L 1497 -36.14 -1.51 -98.11
CA GLU L 1497 -37.34 -1.27 -98.89
C GLU L 1497 -38.31 -2.43 -98.70
N THR L 1498 -39.57 -2.11 -98.42
CA THR L 1498 -40.59 -3.12 -98.16
C THR L 1498 -41.39 -3.39 -99.42
N VAL L 1499 -41.66 -4.66 -99.69
CA VAL L 1499 -42.35 -5.11 -100.89
C VAL L 1499 -43.54 -5.96 -100.49
N GLU L 1500 -44.65 -5.79 -101.21
CA GLU L 1500 -45.86 -6.54 -100.90
C GLU L 1500 -45.66 -8.01 -101.19
N ILE L 1501 -46.08 -8.86 -100.24
CA ILE L 1501 -46.00 -10.31 -100.41
C ILE L 1501 -47.35 -10.99 -100.24
N GLY L 1502 -48.39 -10.28 -99.84
CA GLY L 1502 -49.68 -10.89 -99.61
C GLY L 1502 -50.67 -9.84 -99.14
N ILE L 1503 -51.90 -10.29 -98.92
CA ILE L 1503 -52.99 -9.40 -98.52
C ILE L 1503 -53.63 -9.94 -97.24
N VAL L 1504 -53.87 -9.04 -96.28
CA VAL L 1504 -54.77 -9.37 -95.18
C VAL L 1504 -56.20 -9.36 -95.70
N ASP L 1505 -56.99 -10.33 -95.27
CA ASP L 1505 -58.36 -10.45 -95.77
C ASP L 1505 -59.21 -11.12 -94.68
N TYR L 1506 -59.91 -10.31 -93.91
CA TYR L 1506 -60.80 -10.78 -92.86
C TYR L 1506 -62.19 -10.22 -93.10
N GLU L 1507 -63.17 -11.11 -93.17
CA GLU L 1507 -64.57 -10.71 -93.30
C GLU L 1507 -65.40 -11.54 -92.34
N ALA L 1508 -66.24 -10.86 -91.57
CA ALA L 1508 -67.06 -11.52 -90.56
C ALA L 1508 -68.40 -10.84 -90.48
N GLY L 1509 -69.39 -11.58 -89.99
CA GLY L 1509 -70.70 -11.03 -89.74
C GLY L 1509 -70.77 -10.44 -88.35
N ALA L 1510 -71.82 -10.77 -87.61
CA ALA L 1510 -71.96 -10.25 -86.25
C ALA L 1510 -70.73 -10.60 -85.43
N SER L 1511 -70.18 -9.61 -84.73
CA SER L 1511 -68.97 -9.81 -83.94
C SER L 1511 -68.91 -8.75 -82.87
N HIS L 1512 -68.04 -8.98 -81.89
CA HIS L 1512 -67.81 -8.02 -80.82
C HIS L 1512 -66.50 -7.26 -80.98
N GLY L 1513 -65.70 -7.58 -81.99
CA GLY L 1513 -64.42 -6.94 -82.16
C GLY L 1513 -63.77 -7.39 -83.45
N ASN L 1514 -62.58 -6.86 -83.70
CA ASN L 1514 -61.78 -7.23 -84.86
C ASN L 1514 -60.63 -8.12 -84.39
N PRO L 1515 -60.60 -9.41 -84.75
CA PRO L 1515 -59.52 -10.27 -84.26
C PRO L 1515 -58.17 -9.95 -84.88
N VAL L 1516 -58.15 -9.44 -86.12
CA VAL L 1516 -56.91 -9.16 -86.81
C VAL L 1516 -56.11 -8.10 -86.07
N VAL L 1517 -56.76 -6.99 -85.72
CA VAL L 1517 -56.09 -5.90 -85.05
C VAL L 1517 -55.60 -6.34 -83.68
N ASP L 1518 -56.39 -7.15 -82.97
CA ASP L 1518 -55.96 -7.64 -81.66
C ASP L 1518 -54.72 -8.51 -81.78
N PHE L 1519 -54.71 -9.42 -82.77
CA PHE L 1519 -53.54 -10.26 -82.97
C PHE L 1519 -52.31 -9.42 -83.26
N LEU L 1520 -52.44 -8.44 -84.16
CA LEU L 1520 -51.29 -7.62 -84.52
C LEU L 1520 -50.82 -6.77 -83.36
N LYS L 1521 -51.75 -6.27 -82.54
CA LYS L 1521 -51.36 -5.50 -81.37
C LYS L 1521 -50.58 -6.36 -80.38
N ARG L 1522 -51.05 -7.58 -80.14
CA ARG L 1522 -50.41 -8.39 -79.10
C ARG L 1522 -49.09 -8.99 -79.55
N ASN L 1523 -48.96 -9.31 -80.84
CA ASN L 1523 -47.77 -10.01 -81.31
C ASN L 1523 -46.76 -9.09 -81.98
N GLY L 1524 -47.21 -8.06 -82.68
CA GLY L 1524 -46.34 -7.12 -83.34
C GLY L 1524 -46.07 -5.90 -82.49
N SER L 1525 -45.59 -4.87 -83.16
CA SER L 1525 -45.43 -3.54 -82.59
C SER L 1525 -45.97 -2.54 -83.58
N THR L 1526 -46.45 -1.41 -83.08
CA THR L 1526 -47.02 -0.38 -83.94
C THR L 1526 -45.95 0.63 -84.33
N LEU L 1527 -45.84 0.92 -85.62
CA LEU L 1527 -44.95 1.94 -86.11
C LEU L 1527 -45.62 3.30 -86.03
N GLU L 1528 -44.98 4.25 -85.38
CA GLU L 1528 -45.51 5.59 -85.21
C GLU L 1528 -44.64 6.57 -85.99
N GLN L 1529 -45.26 7.31 -86.91
CA GLN L 1529 -44.53 8.28 -87.72
C GLN L 1529 -44.02 9.43 -86.88
N LYS L 1530 -44.88 9.97 -86.01
CA LYS L 1530 -44.50 11.11 -85.19
C LYS L 1530 -43.47 10.71 -84.16
N VAL L 1531 -42.44 11.53 -84.00
CA VAL L 1531 -41.36 11.27 -83.06
C VAL L 1531 -41.19 12.49 -82.19
N ASN L 1532 -41.38 12.33 -80.89
CA ASN L 1532 -41.37 13.46 -79.97
C ASN L 1532 -39.94 13.83 -79.59
N LEU L 1533 -39.68 15.14 -79.57
CA LEU L 1533 -38.46 15.65 -78.96
C LEU L 1533 -38.47 15.34 -77.47
N GLU L 1534 -37.28 15.23 -76.90
CA GLU L 1534 -37.18 14.97 -75.46
C GLU L 1534 -37.72 16.14 -74.64
N ASN L 1535 -37.73 17.35 -75.19
CA ASN L 1535 -38.27 18.51 -74.50
C ASN L 1535 -38.91 19.39 -75.56
N PRO L 1536 -40.15 19.86 -75.35
CA PRO L 1536 -40.74 20.79 -76.31
C PRO L 1536 -39.95 22.09 -76.36
N ILE L 1537 -39.94 22.70 -77.53
CA ILE L 1537 -39.27 23.98 -77.77
C ILE L 1537 -40.36 25.04 -77.89
N PRO L 1538 -40.54 25.91 -76.89
CA PRO L 1538 -41.54 26.98 -77.05
C PRO L 1538 -41.17 27.92 -78.19
N ILE L 1539 -42.18 28.31 -78.96
CA ILE L 1539 -42.02 29.19 -80.10
C ILE L 1539 -42.50 30.61 -79.79
N ALA L 1540 -43.71 30.74 -79.27
CA ALA L 1540 -44.25 32.05 -78.94
C ALA L 1540 -45.59 31.89 -78.25
N VAL L 1541 -45.96 32.92 -77.47
CA VAL L 1541 -47.29 33.08 -76.91
C VAL L 1541 -47.85 34.38 -77.46
N LEU L 1542 -48.98 34.30 -78.16
CA LEU L 1542 -49.48 35.40 -78.96
C LEU L 1542 -50.88 35.79 -78.53
N ASP L 1543 -51.22 37.04 -78.78
CA ASP L 1543 -52.53 37.59 -78.48
C ASP L 1543 -53.32 37.79 -79.78
N SER L 1544 -54.60 37.45 -79.73
CA SER L 1544 -55.49 37.57 -80.87
C SER L 1544 -56.87 37.92 -80.36
N TYR L 1545 -57.68 38.51 -81.25
CA TYR L 1545 -59.00 38.98 -80.87
C TYR L 1545 -60.01 38.59 -81.94
N THR L 1546 -61.20 38.25 -81.50
CA THR L 1546 -62.31 37.94 -82.38
C THR L 1546 -62.94 39.22 -82.89
N PRO L 1547 -63.43 39.25 -84.13
CA PRO L 1547 -64.08 40.46 -84.64
C PRO L 1547 -65.36 40.76 -83.87
N SER L 1548 -65.86 41.99 -84.06
CA SER L 1548 -67.09 42.40 -83.41
C SER L 1548 -68.33 41.95 -84.16
N THR L 1549 -68.18 41.55 -85.42
CA THR L 1549 -69.28 40.98 -86.19
C THR L 1549 -68.79 39.76 -86.94
N ASN L 1550 -69.64 38.74 -87.01
CA ASN L 1550 -69.33 37.53 -87.74
C ASN L 1550 -69.78 37.59 -89.19
N GLU L 1551 -70.39 38.70 -89.61
CA GLU L 1551 -70.94 38.77 -90.96
C GLU L 1551 -69.87 38.72 -92.04
N PRO L 1552 -68.76 39.47 -91.98
CA PRO L 1552 -67.79 39.41 -93.08
C PRO L 1552 -67.23 38.02 -93.32
N TYR L 1553 -66.91 37.28 -92.25
CA TYR L 1553 -66.42 35.92 -92.45
C TYR L 1553 -67.49 35.04 -93.08
N ALA L 1554 -68.74 35.18 -92.65
CA ALA L 1554 -69.82 34.42 -93.26
C ALA L 1554 -69.92 34.73 -94.75
N ARG L 1555 -69.84 36.01 -95.11
CA ARG L 1555 -70.03 36.39 -96.49
C ARG L 1555 -68.88 35.90 -97.36
N VAL L 1556 -67.65 35.93 -96.85
CA VAL L 1556 -66.53 35.46 -97.65
C VAL L 1556 -66.55 33.94 -97.77
N SER L 1557 -66.86 33.24 -96.68
CA SER L 1557 -66.80 31.78 -96.68
C SER L 1557 -68.06 31.11 -97.21
N GLY L 1558 -69.18 31.84 -97.30
CA GLY L 1558 -70.43 31.23 -97.68
C GLY L 1558 -71.14 30.49 -96.55
N ASP L 1559 -70.59 30.49 -95.35
CA ASP L 1559 -71.18 29.82 -94.21
C ASP L 1559 -72.18 30.77 -93.57
N LEU L 1560 -73.42 30.71 -94.03
CA LEU L 1560 -74.47 31.64 -93.61
C LEU L 1560 -75.33 31.04 -92.50
N ASN L 1561 -74.72 30.29 -91.59
CA ASN L 1561 -75.44 29.75 -90.45
C ASN L 1561 -76.00 30.90 -89.62
N PRO L 1562 -77.31 30.96 -89.40
CA PRO L 1562 -77.85 32.13 -88.67
C PRO L 1562 -77.31 32.29 -87.26
N ILE L 1563 -76.84 31.23 -86.62
CA ILE L 1563 -76.47 31.33 -85.22
C ILE L 1563 -75.34 32.33 -85.02
N HIS L 1564 -74.56 32.59 -86.06
CA HIS L 1564 -73.44 33.50 -85.93
C HIS L 1564 -73.84 34.96 -86.10
N VAL L 1565 -74.99 35.23 -86.71
CA VAL L 1565 -75.34 36.59 -87.09
C VAL L 1565 -76.69 37.03 -86.51
N SER L 1566 -77.60 36.07 -86.30
CA SER L 1566 -78.97 36.38 -85.92
C SER L 1566 -79.18 36.11 -84.43
N ARG L 1567 -79.53 37.16 -83.69
CA ARG L 1567 -79.69 37.01 -82.24
C ARG L 1567 -80.82 36.03 -81.90
N HIS L 1568 -81.94 36.11 -82.62
CA HIS L 1568 -83.06 35.25 -82.26
C HIS L 1568 -82.75 33.78 -82.54
N PHE L 1569 -82.04 33.49 -83.63
CA PHE L 1569 -81.66 32.11 -83.89
C PHE L 1569 -80.70 31.58 -82.83
N ALA L 1570 -79.76 32.41 -82.38
CA ALA L 1570 -78.81 31.98 -81.37
C ALA L 1570 -79.49 31.78 -80.02
N SER L 1571 -80.47 32.62 -79.69
CA SER L 1571 -81.24 32.39 -78.46
C SER L 1571 -82.05 31.11 -78.56
N TYR L 1572 -82.70 30.89 -79.70
CA TYR L 1572 -83.48 29.66 -79.87
C TYR L 1572 -82.61 28.43 -79.71
N ALA L 1573 -81.35 28.49 -80.12
CA ALA L 1573 -80.43 27.37 -80.02
C ALA L 1573 -79.79 27.25 -78.65
N ASN L 1574 -80.12 28.14 -77.72
CA ASN L 1574 -79.58 28.08 -76.36
C ASN L 1574 -78.08 28.30 -76.33
N LEU L 1575 -77.56 29.05 -77.27
CA LEU L 1575 -76.15 29.40 -77.33
C LEU L 1575 -75.88 30.62 -76.46
N PRO L 1576 -74.63 30.81 -76.02
CA PRO L 1576 -74.31 31.99 -75.21
C PRO L 1576 -74.35 33.30 -75.97
N GLY L 1577 -74.73 33.29 -77.25
CA GLY L 1577 -74.77 34.49 -78.03
C GLY L 1577 -74.56 34.15 -79.49
N THR L 1578 -74.25 35.18 -80.29
CA THR L 1578 -73.87 34.96 -81.68
C THR L 1578 -72.39 34.60 -81.70
N ILE L 1579 -72.12 33.31 -81.49
CA ILE L 1579 -70.75 32.85 -81.38
C ILE L 1579 -70.03 33.03 -82.71
N THR L 1580 -68.75 33.38 -82.62
CA THR L 1580 -67.94 33.49 -83.82
C THR L 1580 -67.75 32.12 -84.46
N HIS L 1581 -67.62 32.11 -85.79
CA HIS L 1581 -67.38 30.86 -86.51
C HIS L 1581 -66.14 30.18 -85.97
N GLY L 1582 -66.23 28.87 -85.76
CA GLY L 1582 -65.05 28.11 -85.42
C GLY L 1582 -63.99 28.17 -86.50
N MET L 1583 -64.42 28.23 -87.76
CA MET L 1583 -63.45 28.24 -88.85
C MET L 1583 -62.71 29.57 -88.91
N PHE L 1584 -63.33 30.67 -88.50
CA PHE L 1584 -62.57 31.91 -88.39
C PHE L 1584 -61.45 31.76 -87.38
N SER L 1585 -61.76 31.18 -86.22
CA SER L 1585 -60.71 31.00 -85.21
C SER L 1585 -59.61 30.09 -85.73
N SER L 1586 -59.98 29.04 -86.45
CA SER L 1586 -58.98 28.14 -87.01
C SER L 1586 -58.06 28.88 -87.98
N ALA L 1587 -58.66 29.68 -88.88
CA ALA L 1587 -57.85 30.43 -89.84
C ALA L 1587 -56.95 31.45 -89.14
N SER L 1588 -57.48 32.12 -88.13
CA SER L 1588 -56.69 33.12 -87.41
C SER L 1588 -55.49 32.46 -86.72
N VAL L 1589 -55.71 31.33 -86.05
CA VAL L 1589 -54.60 30.68 -85.38
C VAL L 1589 -53.62 30.10 -86.39
N ARG L 1590 -54.10 29.62 -87.54
CA ARG L 1590 -53.18 29.13 -88.55
C ARG L 1590 -52.35 30.27 -89.12
N ALA L 1591 -52.95 31.45 -89.26
CA ALA L 1591 -52.17 32.62 -89.68
C ALA L 1591 -51.07 32.92 -88.67
N LEU L 1592 -51.39 32.83 -87.38
CA LEU L 1592 -50.36 33.01 -86.36
C LEU L 1592 -49.24 31.98 -86.52
N ILE L 1593 -49.60 30.70 -86.64
CA ILE L 1593 -48.59 29.65 -86.71
C ILE L 1593 -47.72 29.85 -87.94
N GLU L 1594 -48.34 30.16 -89.07
CA GLU L 1594 -47.60 30.39 -90.30
C GLU L 1594 -46.63 31.56 -90.16
N ASN L 1595 -47.09 32.66 -89.55
CA ASN L 1595 -46.19 33.80 -89.36
C ASN L 1595 -45.00 33.42 -88.49
N TRP L 1596 -45.24 32.69 -87.40
CA TRP L 1596 -44.18 32.44 -86.42
C TRP L 1596 -43.46 31.12 -86.67
N ALA L 1597 -44.20 30.01 -86.63
CA ALA L 1597 -43.56 28.70 -86.76
C ALA L 1597 -42.92 28.53 -88.13
N ALA L 1598 -43.54 29.05 -89.17
CA ALA L 1598 -43.02 28.93 -90.54
C ALA L 1598 -42.33 30.19 -91.02
N ASP L 1599 -42.09 31.16 -90.13
CA ASP L 1599 -41.40 32.40 -90.49
C ASP L 1599 -42.07 33.07 -91.69
N SER L 1600 -43.39 33.03 -91.71
CA SER L 1600 -44.18 33.71 -92.74
C SER L 1600 -43.91 33.18 -94.14
N VAL L 1601 -43.41 31.96 -94.25
CA VAL L 1601 -43.26 31.29 -95.55
C VAL L 1601 -44.44 30.35 -95.70
N SER L 1602 -45.38 30.71 -96.58
CA SER L 1602 -46.65 29.98 -96.64
C SER L 1602 -46.45 28.53 -97.03
N SER L 1603 -45.61 28.26 -98.04
CA SER L 1603 -45.45 26.90 -98.54
C SER L 1603 -44.92 25.95 -97.48
N ARG L 1604 -44.30 26.45 -96.42
CA ARG L 1604 -43.74 25.57 -95.41
C ARG L 1604 -44.80 24.79 -94.65
N VAL L 1605 -46.03 25.27 -94.59
CA VAL L 1605 -47.09 24.63 -93.82
C VAL L 1605 -47.75 23.59 -94.70
N ARG L 1606 -47.59 22.31 -94.34
CA ARG L 1606 -48.13 21.21 -95.12
C ARG L 1606 -49.35 20.56 -94.49
N GLY L 1607 -49.50 20.67 -93.16
CA GLY L 1607 -50.67 20.15 -92.49
C GLY L 1607 -51.11 21.01 -91.34
N TYR L 1608 -52.41 21.08 -91.09
CA TYR L 1608 -52.93 21.85 -89.97
C TYR L 1608 -54.25 21.26 -89.53
N THR L 1609 -54.33 20.86 -88.28
CA THR L 1609 -55.58 20.32 -87.76
C THR L 1609 -55.94 21.04 -86.48
N CYS L 1610 -57.23 21.27 -86.27
CA CYS L 1610 -57.70 21.98 -85.09
C CYS L 1610 -58.90 21.28 -84.51
N GLN L 1611 -59.04 21.34 -83.19
CA GLN L 1611 -60.22 20.84 -82.48
C GLN L 1611 -60.87 22.01 -81.77
N PHE L 1612 -62.19 22.13 -81.93
CA PHE L 1612 -62.96 23.21 -81.31
C PHE L 1612 -63.48 22.70 -79.97
N VAL L 1613 -62.75 22.98 -78.89
CA VAL L 1613 -63.14 22.43 -77.59
C VAL L 1613 -64.15 23.29 -76.85
N ASP L 1614 -64.32 24.55 -77.24
CA ASP L 1614 -65.31 25.40 -76.58
C ASP L 1614 -65.67 26.57 -77.48
N MET L 1615 -66.81 27.19 -77.17
CA MET L 1615 -67.34 28.26 -78.00
C MET L 1615 -66.63 29.58 -77.67
N VAL L 1616 -66.67 30.49 -78.64
CA VAL L 1616 -66.01 31.78 -78.55
C VAL L 1616 -66.98 32.86 -78.99
N LEU L 1617 -67.05 33.94 -78.22
CA LEU L 1617 -67.91 35.07 -78.54
C LEU L 1617 -67.08 36.21 -79.13
N PRO L 1618 -67.71 37.09 -79.92
CA PRO L 1618 -66.97 38.20 -80.51
C PRO L 1618 -66.38 39.13 -79.44
N ASN L 1619 -65.34 39.85 -79.87
CA ASN L 1619 -64.65 40.82 -79.01
C ASN L 1619 -64.00 40.13 -77.80
N THR L 1620 -63.44 38.95 -78.02
CA THR L 1620 -62.77 38.20 -76.97
C THR L 1620 -61.28 38.15 -77.24
N ALA L 1621 -60.49 38.36 -76.21
CA ALA L 1621 -59.04 38.26 -76.30
C ALA L 1621 -58.63 36.80 -76.16
N LEU L 1622 -57.97 36.28 -77.19
CA LEU L 1622 -57.46 34.92 -77.18
C LEU L 1622 -55.95 34.95 -76.97
N LYS L 1623 -55.43 33.89 -76.35
CA LYS L 1623 -54.02 33.73 -76.07
C LYS L 1623 -53.61 32.33 -76.49
N THR L 1624 -52.89 32.22 -77.61
CA THR L 1624 -52.45 30.94 -78.14
C THR L 1624 -50.97 30.74 -77.86
N SER L 1625 -50.62 29.55 -77.38
CA SER L 1625 -49.24 29.17 -77.09
C SER L 1625 -48.79 28.13 -78.11
N ILE L 1626 -47.63 28.37 -78.72
CA ILE L 1626 -47.11 27.55 -79.81
C ILE L 1626 -45.86 26.84 -79.34
N GLN L 1627 -45.77 25.54 -79.61
CA GLN L 1627 -44.67 24.71 -79.18
C GLN L 1627 -44.24 23.77 -80.29
N HIS L 1628 -42.94 23.61 -80.46
CA HIS L 1628 -42.36 22.58 -81.32
C HIS L 1628 -42.12 21.34 -80.46
N VAL L 1629 -42.82 20.25 -80.77
CA VAL L 1629 -42.85 19.07 -79.90
C VAL L 1629 -42.18 17.87 -80.55
N GLY L 1630 -42.29 17.71 -81.86
CA GLY L 1630 -41.74 16.52 -82.48
C GLY L 1630 -41.48 16.71 -83.96
N MET L 1631 -41.05 15.62 -84.58
CA MET L 1631 -40.82 15.57 -86.02
C MET L 1631 -41.69 14.48 -86.63
N ILE L 1632 -42.00 14.64 -87.90
CA ILE L 1632 -42.66 13.58 -88.65
C ILE L 1632 -42.22 13.64 -90.10
N ASN L 1633 -41.45 12.65 -90.54
CA ASN L 1633 -41.06 12.53 -91.94
C ASN L 1633 -40.33 13.79 -92.42
N GLY L 1634 -39.49 14.35 -91.56
CA GLY L 1634 -38.72 15.52 -91.92
C GLY L 1634 -39.43 16.84 -91.74
N ARG L 1635 -40.62 16.84 -91.14
CA ARG L 1635 -41.40 18.05 -90.91
C ARG L 1635 -41.53 18.29 -89.41
N LYS L 1636 -41.47 19.57 -89.01
CA LYS L 1636 -41.68 19.90 -87.62
C LYS L 1636 -43.14 19.68 -87.22
N LEU L 1637 -43.34 19.21 -86.00
CA LEU L 1637 -44.67 19.07 -85.43
C LEU L 1637 -44.90 20.17 -84.40
N ILE L 1638 -45.85 21.06 -84.69
CA ILE L 1638 -46.17 22.17 -83.81
C ILE L 1638 -47.52 21.89 -83.18
N LYS L 1639 -47.57 21.97 -81.84
CA LYS L 1639 -48.83 21.96 -81.11
C LYS L 1639 -49.19 23.38 -80.73
N PHE L 1640 -50.50 23.65 -80.64
CA PHE L 1640 -50.97 24.93 -80.16
C PHE L 1640 -52.19 24.73 -79.28
N GLU L 1641 -52.40 25.70 -78.39
CA GLU L 1641 -53.52 25.67 -77.46
C GLU L 1641 -53.96 27.11 -77.25
N THR L 1642 -55.23 27.40 -77.50
CA THR L 1642 -55.77 28.75 -77.42
C THR L 1642 -56.73 28.85 -76.25
N ARG L 1643 -56.49 29.83 -75.37
CA ARG L 1643 -57.35 30.09 -74.23
C ARG L 1643 -57.98 31.47 -74.34
N ASN L 1644 -59.10 31.65 -73.66
CA ASN L 1644 -59.82 32.92 -73.63
C ASN L 1644 -59.54 33.65 -72.32
N GLU L 1645 -60.23 34.77 -72.10
CA GLU L 1645 -59.94 35.59 -70.92
C GLU L 1645 -60.07 34.79 -69.65
N ASP L 1646 -61.12 33.98 -69.55
CA ASP L 1646 -61.32 33.13 -68.39
C ASP L 1646 -60.29 32.04 -68.26
N ASP L 1647 -59.31 31.93 -69.16
CA ASP L 1647 -58.27 30.92 -69.07
C ASP L 1647 -58.78 29.54 -69.44
N VAL L 1648 -59.79 29.47 -70.28
CA VAL L 1648 -60.43 28.22 -70.68
C VAL L 1648 -59.95 27.87 -72.08
N VAL L 1649 -59.51 26.63 -72.25
CA VAL L 1649 -59.08 26.20 -73.58
C VAL L 1649 -60.27 26.24 -74.52
N VAL L 1650 -60.09 26.90 -75.67
CA VAL L 1650 -61.13 26.99 -76.67
C VAL L 1650 -60.74 26.37 -77.99
N LEU L 1651 -59.46 26.09 -78.23
CA LEU L 1651 -59.02 25.57 -79.51
C LEU L 1651 -57.66 24.91 -79.33
N THR L 1652 -57.51 23.71 -79.90
CA THR L 1652 -56.25 22.99 -79.89
C THR L 1652 -56.06 22.36 -81.26
N GLY L 1653 -54.82 21.97 -81.54
CA GLY L 1653 -54.53 21.34 -82.80
C GLY L 1653 -53.04 21.21 -83.03
N GLU L 1654 -52.67 20.80 -84.23
CA GLU L 1654 -51.27 20.63 -84.54
C GLU L 1654 -50.98 21.05 -85.95
N ALA L 1655 -49.72 21.31 -86.23
CA ALA L 1655 -49.33 21.69 -87.57
C ALA L 1655 -48.09 20.95 -88.00
N GLU L 1656 -47.93 20.79 -89.30
CA GLU L 1656 -46.74 20.16 -89.86
C GLU L 1656 -46.01 21.19 -90.71
N ILE L 1657 -44.86 21.65 -90.23
CA ILE L 1657 -44.08 22.69 -90.90
C ILE L 1657 -42.84 22.06 -91.51
N GLU L 1658 -42.69 22.23 -92.82
CA GLU L 1658 -41.48 21.76 -93.48
C GLU L 1658 -40.26 22.52 -92.99
N GLN L 1659 -39.12 21.82 -92.97
CA GLN L 1659 -37.88 22.42 -92.53
C GLN L 1659 -37.33 23.35 -93.60
N PRO L 1660 -36.40 24.23 -93.24
CA PRO L 1660 -35.72 25.04 -94.25
C PRO L 1660 -34.96 24.17 -95.24
N VAL L 1661 -34.90 24.65 -96.49
CA VAL L 1661 -34.24 23.91 -97.56
C VAL L 1661 -32.89 23.39 -97.07
N THR L 1662 -32.65 22.09 -97.26
CA THR L 1662 -31.53 21.40 -96.63
C THR L 1662 -30.69 20.70 -97.68
N THR L 1663 -29.39 20.58 -97.37
CA THR L 1663 -28.45 19.80 -98.15
C THR L 1663 -27.60 18.99 -97.20
N PHE L 1664 -27.54 17.68 -97.41
CA PHE L 1664 -26.69 16.79 -96.64
C PHE L 1664 -25.42 16.53 -97.44
N VAL L 1665 -24.28 16.69 -96.78
CA VAL L 1665 -22.98 16.61 -97.44
C VAL L 1665 -22.12 15.62 -96.66
N PHE L 1666 -21.54 14.65 -97.37
CA PHE L 1666 -20.88 13.50 -96.76
C PHE L 1666 -19.37 13.62 -96.93
N THR L 1667 -18.65 13.61 -95.81
CA THR L 1667 -17.21 13.79 -95.85
C THR L 1667 -16.49 12.60 -96.44
N GLY L 1668 -15.35 12.85 -97.09
CA GLY L 1668 -14.59 11.77 -97.69
C GLY L 1668 -13.45 11.29 -96.81
N GLN L 1669 -12.44 10.70 -97.42
CA GLN L 1669 -11.29 10.19 -96.68
C GLN L 1669 -10.51 11.35 -96.05
N GLY L 1670 -10.01 11.13 -94.85
CA GLY L 1670 -9.28 12.17 -94.15
C GLY L 1670 -8.61 11.70 -92.87
N SER L 1671 -8.83 12.40 -91.76
CA SER L 1671 -8.27 12.00 -90.48
C SER L 1671 -9.27 11.09 -89.78
N GLN L 1672 -9.14 9.79 -90.01
CA GLN L 1672 -10.02 8.82 -89.38
C GLN L 1672 -9.50 8.54 -87.97
N GLU L 1673 -10.29 8.87 -86.97
CA GLU L 1673 -9.86 8.78 -85.59
C GLU L 1673 -10.37 7.51 -84.95
N GLN L 1674 -9.55 6.94 -84.07
CA GLN L 1674 -9.97 5.82 -83.27
C GLN L 1674 -11.23 6.17 -82.49
N GLY L 1675 -12.19 5.26 -82.47
CA GLY L 1675 -13.42 5.45 -81.74
C GLY L 1675 -14.48 6.25 -82.46
N MET L 1676 -14.30 6.53 -83.76
CA MET L 1676 -15.28 7.31 -84.48
C MET L 1676 -16.61 6.57 -84.58
N GLY L 1677 -17.71 7.28 -84.31
CA GLY L 1677 -19.03 6.70 -84.40
C GLY L 1677 -19.39 5.76 -83.27
N MET L 1678 -18.58 5.70 -82.24
CA MET L 1678 -18.81 4.71 -81.20
C MET L 1678 -19.78 5.20 -80.13
N ASP L 1679 -19.83 6.51 -79.87
CA ASP L 1679 -20.83 7.03 -78.94
C ASP L 1679 -22.23 6.80 -79.48
N LEU L 1680 -22.45 7.09 -80.75
CA LEU L 1680 -23.75 6.82 -81.36
C LEU L 1680 -24.00 5.33 -81.33
N TYR L 1681 -22.96 4.54 -81.56
CA TYR L 1681 -23.12 3.11 -81.54
C TYR L 1681 -23.64 2.66 -80.18
N LYS L 1682 -23.15 3.30 -79.11
CA LYS L 1682 -23.57 2.93 -77.77
C LYS L 1682 -25.02 3.37 -77.52
N THR L 1683 -25.41 4.55 -77.99
CA THR L 1683 -26.72 5.08 -77.64
C THR L 1683 -27.83 4.71 -78.61
N SER L 1684 -27.56 4.71 -79.92
CA SER L 1684 -28.60 4.62 -80.93
C SER L 1684 -28.84 3.18 -81.37
N LYS L 1685 -30.11 2.82 -81.53
CA LYS L 1685 -30.49 1.49 -82.00
C LYS L 1685 -30.28 1.33 -83.51
N ALA L 1686 -30.57 2.37 -84.29
CA ALA L 1686 -30.33 2.31 -85.73
C ALA L 1686 -28.84 2.21 -86.03
N ALA L 1687 -28.03 2.94 -85.28
CA ALA L 1687 -26.60 2.86 -85.45
C ALA L 1687 -26.14 1.45 -85.13
N GLN L 1688 -26.67 0.88 -84.05
CA GLN L 1688 -26.31 -0.47 -83.67
C GLN L 1688 -26.68 -1.46 -84.78
N ASP L 1689 -27.85 -1.30 -85.37
CA ASP L 1689 -28.23 -2.18 -86.47
C ASP L 1689 -27.21 -2.11 -87.59
N VAL L 1690 -26.84 -0.90 -88.01
CA VAL L 1690 -25.89 -0.75 -89.11
C VAL L 1690 -24.56 -1.41 -88.75
N TRP L 1691 -23.96 -1.00 -87.64
CA TRP L 1691 -22.66 -1.52 -87.26
C TRP L 1691 -22.66 -3.04 -87.04
N ASN L 1692 -23.71 -3.59 -86.43
CA ASN L 1692 -23.72 -5.01 -86.14
C ASN L 1692 -23.90 -5.82 -87.42
N ARG L 1693 -24.76 -5.38 -88.33
CA ARG L 1693 -24.86 -6.09 -89.60
C ARG L 1693 -23.51 -6.10 -90.31
N ALA L 1694 -22.85 -4.94 -90.36
CA ALA L 1694 -21.56 -4.87 -91.04
C ALA L 1694 -20.52 -5.76 -90.35
N ASP L 1695 -20.46 -5.71 -89.02
CA ASP L 1695 -19.46 -6.48 -88.29
C ASP L 1695 -19.70 -7.97 -88.43
N ASN L 1696 -20.97 -8.40 -88.40
CA ASN L 1696 -21.27 -9.81 -88.60
C ASN L 1696 -20.83 -10.25 -89.99
N HIS L 1697 -21.12 -9.45 -91.01
CA HIS L 1697 -20.70 -9.82 -92.35
C HIS L 1697 -19.18 -9.92 -92.45
N PHE L 1698 -18.47 -8.96 -91.85
CA PHE L 1698 -17.01 -8.98 -91.91
C PHE L 1698 -16.43 -10.19 -91.18
N LYS L 1699 -16.98 -10.50 -90.01
CA LYS L 1699 -16.50 -11.67 -89.26
C LYS L 1699 -16.74 -12.94 -90.05
N ASP L 1700 -17.94 -13.11 -90.60
CA ASP L 1700 -18.26 -14.34 -91.30
C ASP L 1700 -17.44 -14.49 -92.57
N THR L 1701 -17.18 -13.38 -93.28
CA THR L 1701 -16.58 -13.48 -94.60
C THR L 1701 -15.05 -13.41 -94.56
N TYR L 1702 -14.47 -12.54 -93.74
CA TYR L 1702 -13.04 -12.30 -93.76
C TYR L 1702 -12.38 -12.45 -92.39
N GLY L 1703 -13.11 -12.98 -91.41
CA GLY L 1703 -12.51 -13.30 -90.13
C GLY L 1703 -11.93 -12.12 -89.37
N PHE L 1704 -12.53 -10.95 -89.52
CA PHE L 1704 -12.09 -9.79 -88.77
C PHE L 1704 -13.29 -8.90 -88.46
N SER L 1705 -13.24 -8.21 -87.34
CA SER L 1705 -14.31 -7.27 -86.98
C SER L 1705 -13.92 -5.83 -87.27
N ILE L 1706 -14.71 -5.15 -88.09
CA ILE L 1706 -14.46 -3.73 -88.34
C ILE L 1706 -14.66 -2.92 -87.06
N LEU L 1707 -15.62 -3.31 -86.22
CA LEU L 1707 -15.80 -2.62 -84.95
C LEU L 1707 -14.52 -2.69 -84.12
N ASP L 1708 -13.85 -3.83 -84.12
CA ASP L 1708 -12.60 -3.97 -83.40
C ASP L 1708 -11.52 -3.03 -83.93
N ILE L 1709 -11.44 -2.92 -85.24
CA ILE L 1709 -10.45 -2.03 -85.83
C ILE L 1709 -10.75 -0.58 -85.47
N VAL L 1710 -12.02 -0.19 -85.49
CA VAL L 1710 -12.38 1.17 -85.13
C VAL L 1710 -12.08 1.44 -83.65
N ILE L 1711 -12.39 0.48 -82.78
CA ILE L 1711 -12.29 0.72 -81.35
C ILE L 1711 -10.84 0.69 -80.88
N ASN L 1712 -10.07 -0.31 -81.32
CA ASN L 1712 -8.74 -0.56 -80.79
C ASN L 1712 -7.61 -0.16 -81.72
N ASN L 1713 -7.85 -0.07 -83.02
CA ASN L 1713 -6.83 0.33 -83.98
C ASN L 1713 -5.53 -0.46 -83.79
N PRO L 1714 -5.53 -1.75 -84.10
CA PRO L 1714 -4.32 -2.55 -83.91
C PRO L 1714 -3.27 -2.25 -84.98
N VAL L 1715 -2.01 -2.39 -84.60
CA VAL L 1715 -0.93 -2.21 -85.57
C VAL L 1715 -0.91 -3.37 -86.56
N ASN L 1716 -1.07 -4.58 -86.07
CA ASN L 1716 -1.08 -5.78 -86.90
C ASN L 1716 -2.34 -6.58 -86.62
N LEU L 1717 -2.80 -7.30 -87.64
CA LEU L 1717 -4.00 -8.14 -87.54
C LEU L 1717 -3.79 -9.43 -88.30
N THR L 1718 -3.83 -10.56 -87.62
CA THR L 1718 -3.60 -11.85 -88.24
C THR L 1718 -4.92 -12.59 -88.42
N ILE L 1719 -5.12 -13.16 -89.60
CA ILE L 1719 -6.27 -13.99 -89.91
C ILE L 1719 -5.79 -15.44 -89.95
N HIS L 1720 -6.50 -16.32 -89.27
CA HIS L 1720 -6.13 -17.72 -89.16
C HIS L 1720 -7.10 -18.58 -89.95
N PHE L 1721 -6.57 -19.40 -90.85
CA PHE L 1721 -7.37 -20.25 -91.73
C PHE L 1721 -7.47 -21.69 -91.21
N GLY L 1722 -7.77 -21.88 -89.92
CA GLY L 1722 -7.86 -23.21 -89.34
C GLY L 1722 -9.30 -23.68 -89.28
N GLY L 1723 -9.50 -24.96 -89.52
CA GLY L 1723 -10.83 -25.55 -89.48
C GLY L 1723 -11.62 -25.26 -90.74
N GLU L 1724 -12.89 -25.68 -90.72
CA GLU L 1724 -13.75 -25.49 -91.88
C GLU L 1724 -14.06 -24.02 -92.12
N LYS L 1725 -14.39 -23.28 -91.05
CA LYS L 1725 -14.63 -21.85 -91.19
C LYS L 1725 -13.38 -21.14 -91.67
N GLY L 1726 -12.22 -21.50 -91.11
CA GLY L 1726 -10.98 -20.93 -91.57
C GLY L 1726 -10.73 -21.18 -93.05
N LYS L 1727 -11.03 -22.39 -93.51
CA LYS L 1727 -10.84 -22.71 -94.93
C LYS L 1727 -11.79 -21.90 -95.81
N ARG L 1728 -13.03 -21.72 -95.37
CA ARG L 1728 -13.95 -20.88 -96.15
C ARG L 1728 -13.46 -19.44 -96.22
N ILE L 1729 -12.98 -18.90 -95.11
CA ILE L 1729 -12.45 -17.54 -95.12
C ILE L 1729 -11.24 -17.44 -96.04
N ARG L 1730 -10.37 -18.45 -96.00
CA ARG L 1730 -9.22 -18.44 -96.88
C ARG L 1730 -9.64 -18.45 -98.34
N GLU L 1731 -10.66 -19.24 -98.68
CA GLU L 1731 -11.16 -19.23 -100.06
C GLU L 1731 -11.64 -17.83 -100.44
N ASN L 1732 -12.38 -17.19 -99.54
CA ASN L 1732 -12.82 -15.81 -99.80
C ASN L 1732 -11.62 -14.93 -100.14
N TYR L 1733 -10.57 -15.02 -99.33
CA TYR L 1733 -9.39 -14.20 -99.60
C TYR L 1733 -8.76 -14.54 -100.94
N SER L 1734 -8.72 -15.83 -101.28
CA SER L 1734 -8.07 -16.25 -102.51
C SER L 1734 -8.81 -15.75 -103.74
N ALA L 1735 -10.14 -15.71 -103.67
CA ALA L 1735 -10.93 -15.41 -104.87
C ALA L 1735 -10.65 -14.00 -105.39
N MET L 1736 -10.58 -13.01 -104.51
CA MET L 1736 -10.57 -11.63 -104.96
C MET L 1736 -9.32 -11.32 -105.79
N ILE L 1737 -9.48 -10.42 -106.76
CA ILE L 1737 -8.44 -10.11 -107.74
C ILE L 1737 -8.46 -8.62 -108.02
N PHE L 1738 -7.43 -8.14 -108.72
CA PHE L 1738 -7.35 -6.76 -109.18
C PHE L 1738 -7.18 -6.79 -110.70
N GLU L 1739 -8.31 -6.84 -111.41
CA GLU L 1739 -8.28 -6.78 -112.86
C GLU L 1739 -7.89 -5.37 -113.32
N THR L 1740 -7.19 -5.29 -114.44
CA THR L 1740 -6.76 -4.00 -114.97
C THR L 1740 -6.64 -4.11 -116.49
N ILE L 1741 -6.64 -2.96 -117.15
CA ILE L 1741 -6.57 -2.88 -118.60
C ILE L 1741 -5.19 -2.36 -118.99
N VAL L 1742 -4.46 -3.15 -119.77
CA VAL L 1742 -3.14 -2.77 -120.26
C VAL L 1742 -3.20 -2.77 -121.79
N ASP L 1743 -3.01 -1.60 -122.39
CA ASP L 1743 -3.01 -1.45 -123.84
C ASP L 1743 -4.25 -2.09 -124.46
N GLY L 1744 -5.41 -1.87 -123.82
CA GLY L 1744 -6.64 -2.48 -124.27
C GLY L 1744 -6.70 -3.98 -124.11
N LYS L 1745 -6.23 -4.51 -122.97
CA LYS L 1745 -6.28 -5.93 -122.69
C LYS L 1745 -6.40 -6.15 -121.19
N LEU L 1746 -7.20 -7.14 -120.80
CA LEU L 1746 -7.36 -7.45 -119.38
C LEU L 1746 -6.09 -8.07 -118.82
N LYS L 1747 -5.79 -7.71 -117.57
CA LYS L 1747 -4.62 -8.23 -116.85
C LYS L 1747 -5.08 -8.57 -115.44
N THR L 1748 -5.52 -9.81 -115.24
CA THR L 1748 -6.07 -10.26 -113.97
C THR L 1748 -4.92 -10.59 -113.01
N GLU L 1749 -4.62 -9.67 -112.12
CA GLU L 1749 -3.72 -9.94 -111.01
C GLU L 1749 -4.50 -10.64 -109.90
N LYS L 1750 -3.84 -10.90 -108.77
CA LYS L 1750 -4.48 -11.47 -107.59
C LYS L 1750 -4.04 -10.70 -106.37
N ILE L 1751 -5.00 -10.15 -105.63
CA ILE L 1751 -4.69 -9.57 -104.33
C ILE L 1751 -4.40 -10.70 -103.37
N PHE L 1752 -3.49 -10.46 -102.43
CA PHE L 1752 -3.02 -11.51 -101.52
C PHE L 1752 -2.37 -12.64 -102.32
N LYS L 1753 -1.26 -12.32 -102.96
CA LYS L 1753 -0.46 -13.34 -103.62
C LYS L 1753 0.19 -14.27 -102.61
N GLU L 1754 0.28 -13.86 -101.34
CA GLU L 1754 0.86 -14.72 -100.31
C GLU L 1754 -0.09 -15.82 -99.88
N ILE L 1755 -1.38 -15.71 -100.20
CA ILE L 1755 -2.38 -16.65 -99.70
C ILE L 1755 -2.62 -17.72 -100.76
N ASN L 1756 -2.25 -18.96 -100.44
CA ASN L 1756 -2.53 -20.11 -101.29
C ASN L 1756 -3.22 -21.17 -100.46
N GLU L 1757 -3.50 -22.32 -101.08
CA GLU L 1757 -4.22 -23.39 -100.41
C GLU L 1757 -3.40 -24.10 -99.35
N HIS L 1758 -2.14 -23.70 -99.16
CA HIS L 1758 -1.32 -24.21 -98.08
C HIS L 1758 -1.06 -23.15 -97.01
N SER L 1759 -1.72 -22.01 -97.09
CA SER L 1759 -1.52 -20.96 -96.11
C SER L 1759 -2.39 -21.22 -94.88
N THR L 1760 -1.81 -21.02 -93.71
CA THR L 1760 -2.52 -21.21 -92.46
C THR L 1760 -2.88 -19.89 -91.78
N SER L 1761 -2.32 -18.77 -92.24
CA SER L 1761 -2.71 -17.47 -91.72
C SER L 1761 -2.30 -16.38 -92.69
N TYR L 1762 -2.71 -15.17 -92.39
CA TYR L 1762 -2.31 -13.99 -93.14
C TYR L 1762 -2.34 -12.80 -92.19
N THR L 1763 -1.37 -11.91 -92.33
CA THR L 1763 -1.22 -10.78 -91.43
C THR L 1763 -1.36 -9.50 -92.20
N PHE L 1764 -2.25 -8.62 -91.75
CA PHE L 1764 -2.30 -7.24 -92.21
C PHE L 1764 -1.31 -6.44 -91.37
N ARG L 1765 -0.57 -5.57 -92.03
CA ARG L 1765 0.49 -4.81 -91.38
C ARG L 1765 0.23 -3.31 -91.54
N SER L 1766 0.93 -2.55 -90.72
CA SER L 1766 0.86 -1.09 -90.73
C SER L 1766 1.99 -0.57 -89.84
N GLU L 1767 2.05 0.75 -89.68
CA GLU L 1767 3.07 1.38 -88.87
C GLU L 1767 2.56 1.80 -87.50
N LYS L 1768 1.42 2.48 -87.44
CA LYS L 1768 0.89 2.99 -86.19
C LYS L 1768 -0.55 2.58 -85.94
N GLY L 1769 -1.15 1.77 -86.81
CA GLY L 1769 -2.54 1.37 -86.66
C GLY L 1769 -3.19 1.10 -88.00
N LEU L 1770 -3.96 0.03 -88.09
CA LEU L 1770 -4.56 -0.37 -89.36
C LEU L 1770 -5.78 0.47 -89.73
N LEU L 1771 -6.32 1.24 -88.80
CA LEU L 1771 -7.41 2.14 -89.14
C LEU L 1771 -7.00 3.15 -90.20
N SER L 1772 -5.69 3.42 -90.32
CA SER L 1772 -5.19 4.31 -91.37
C SER L 1772 -5.11 3.62 -92.72
N ALA L 1773 -5.03 2.29 -92.74
CA ALA L 1773 -4.97 1.56 -94.00
C ALA L 1773 -6.23 1.81 -94.81
N THR L 1774 -6.10 1.79 -96.14
CA THR L 1774 -7.23 2.14 -96.99
C THR L 1774 -8.38 1.14 -96.83
N GLN L 1775 -8.07 -0.15 -96.94
CA GLN L 1775 -9.12 -1.16 -96.97
C GLN L 1775 -9.95 -1.17 -95.70
N PHE L 1776 -9.40 -0.71 -94.59
CA PHE L 1776 -10.14 -0.62 -93.33
C PHE L 1776 -10.69 0.77 -93.07
N THR L 1777 -10.03 1.81 -93.59
CA THR L 1777 -10.51 3.17 -93.34
C THR L 1777 -11.75 3.46 -94.17
N GLN L 1778 -11.79 3.01 -95.42
CA GLN L 1778 -12.95 3.29 -96.27
C GLN L 1778 -14.23 2.67 -95.72
N PRO L 1779 -14.30 1.36 -95.45
CA PRO L 1779 -15.55 0.82 -94.89
C PRO L 1779 -15.91 1.43 -93.55
N ALA L 1780 -14.93 1.74 -92.70
CA ALA L 1780 -15.22 2.30 -91.40
C ALA L 1780 -15.88 3.68 -91.52
N LEU L 1781 -15.35 4.51 -92.42
CA LEU L 1781 -15.93 5.83 -92.63
C LEU L 1781 -17.32 5.71 -93.23
N THR L 1782 -17.47 4.83 -94.21
CA THR L 1782 -18.79 4.60 -94.79
C THR L 1782 -19.80 4.19 -93.73
N LEU L 1783 -19.41 3.30 -92.82
CA LEU L 1783 -20.32 2.85 -91.77
C LEU L 1783 -20.61 3.98 -90.79
N MET L 1784 -19.61 4.76 -90.41
CA MET L 1784 -19.85 5.86 -89.49
C MET L 1784 -20.90 6.80 -90.06
N GLU L 1785 -20.75 7.17 -91.33
CA GLU L 1785 -21.68 8.12 -91.94
C GLU L 1785 -23.06 7.49 -92.11
N LYS L 1786 -23.12 6.23 -92.56
CA LYS L 1786 -24.41 5.57 -92.73
C LYS L 1786 -25.13 5.43 -91.40
N ALA L 1787 -24.41 5.11 -90.34
CA ALA L 1787 -25.02 4.97 -89.04
C ALA L 1787 -25.56 6.30 -88.55
N ALA L 1788 -24.79 7.37 -88.72
CA ALA L 1788 -25.27 8.69 -88.32
C ALA L 1788 -26.53 9.06 -89.07
N PHE L 1789 -26.55 8.83 -90.38
CA PHE L 1789 -27.73 9.17 -91.16
C PHE L 1789 -28.93 8.32 -90.78
N GLU L 1790 -28.71 7.03 -90.49
CA GLU L 1790 -29.82 6.18 -90.07
C GLU L 1790 -30.38 6.65 -88.74
N ASP L 1791 -29.53 7.08 -87.82
CA ASP L 1791 -30.04 7.66 -86.57
C ASP L 1791 -30.87 8.91 -86.86
N LEU L 1792 -30.38 9.78 -87.75
CA LEU L 1792 -31.16 10.97 -88.10
C LEU L 1792 -32.52 10.58 -88.69
N LYS L 1793 -32.53 9.58 -89.56
CA LYS L 1793 -33.78 9.14 -90.18
C LYS L 1793 -34.73 8.57 -89.14
N SER L 1794 -34.20 7.83 -88.16
CA SER L 1794 -35.04 7.21 -87.15
C SER L 1794 -35.69 8.24 -86.24
N LYS L 1795 -35.26 9.50 -86.30
CA LYS L 1795 -35.86 10.56 -85.51
C LYS L 1795 -36.74 11.49 -86.34
N GLY L 1796 -36.98 11.15 -87.61
CA GLY L 1796 -37.84 11.95 -88.45
C GLY L 1796 -37.23 13.24 -88.96
N LEU L 1797 -35.90 13.35 -88.98
CA LEU L 1797 -35.23 14.61 -89.24
C LEU L 1797 -34.81 14.80 -90.68
N ILE L 1798 -35.17 13.93 -91.61
CA ILE L 1798 -34.67 13.97 -92.98
C ILE L 1798 -35.76 14.55 -93.88
N PRO L 1799 -35.60 15.77 -94.39
CA PRO L 1799 -36.58 16.29 -95.35
C PRO L 1799 -36.66 15.41 -96.58
N ALA L 1800 -37.88 15.30 -97.12
CA ALA L 1800 -38.09 14.42 -98.27
C ALA L 1800 -37.48 14.98 -99.54
N ASP L 1801 -37.28 16.30 -99.62
CA ASP L 1801 -36.71 16.94 -100.79
C ASP L 1801 -35.23 17.30 -100.60
N ALA L 1802 -34.59 16.79 -99.56
CA ALA L 1802 -33.21 17.14 -99.28
C ALA L 1802 -32.30 16.67 -100.41
N THR L 1803 -31.59 17.62 -101.02
CA THR L 1803 -30.55 17.32 -101.97
C THR L 1803 -29.28 16.91 -101.23
N PHE L 1804 -28.39 16.20 -101.92
CA PHE L 1804 -27.23 15.63 -101.24
C PHE L 1804 -26.07 15.44 -102.21
N ALA L 1805 -24.88 15.39 -101.63
CA ALA L 1805 -23.64 15.17 -102.38
C ALA L 1805 -22.59 14.64 -101.41
N GLY L 1806 -21.56 14.02 -101.95
CA GLY L 1806 -20.49 13.49 -101.12
C GLY L 1806 -19.13 13.83 -101.69
N HIS L 1807 -18.20 14.19 -100.83
CA HIS L 1807 -16.85 14.54 -101.25
C HIS L 1807 -15.96 13.32 -101.29
N SER L 1808 -15.63 12.87 -102.51
CA SER L 1808 -14.83 11.64 -102.67
C SER L 1808 -15.56 10.38 -102.15
N LEU L 1809 -15.05 9.76 -101.09
CA LEU L 1809 -15.70 8.56 -100.51
C LEU L 1809 -17.11 8.88 -100.06
N GLY L 1810 -17.34 10.09 -99.59
CA GLY L 1810 -18.66 10.46 -99.10
C GLY L 1810 -19.75 10.23 -100.10
N GLU L 1811 -19.44 10.35 -101.37
CA GLU L 1811 -20.46 10.20 -102.40
C GLU L 1811 -21.04 8.81 -102.34
N TYR L 1812 -20.17 7.82 -102.19
CA TYR L 1812 -20.62 6.44 -102.13
C TYR L 1812 -21.49 6.23 -100.90
N ALA L 1813 -21.09 6.80 -99.78
CA ALA L 1813 -21.85 6.68 -98.56
C ALA L 1813 -23.20 7.40 -98.66
N ALA L 1814 -23.20 8.56 -99.30
CA ALA L 1814 -24.42 9.36 -99.45
C ALA L 1814 -25.47 8.59 -100.24
N LEU L 1815 -25.05 7.92 -101.30
CA LEU L 1815 -25.99 7.12 -102.08
C LEU L 1815 -26.60 5.99 -101.24
N ALA L 1816 -25.79 5.32 -100.42
CA ALA L 1816 -26.33 4.27 -99.58
C ALA L 1816 -27.28 4.84 -98.52
N SER L 1817 -27.05 6.07 -98.08
CA SER L 1817 -27.83 6.62 -96.98
C SER L 1817 -29.16 7.20 -97.46
N LEU L 1818 -29.15 7.96 -98.56
CA LEU L 1818 -30.36 8.61 -99.04
C LEU L 1818 -31.02 7.87 -100.19
N ALA L 1819 -30.26 7.16 -101.02
CA ALA L 1819 -30.84 6.43 -102.14
C ALA L 1819 -31.05 4.96 -101.83
N ASP L 1820 -30.38 4.41 -100.81
CA ASP L 1820 -30.52 3.00 -100.43
C ASP L 1820 -30.41 2.10 -101.65
N VAL L 1821 -29.32 2.27 -102.40
CA VAL L 1821 -29.11 1.47 -103.60
C VAL L 1821 -28.55 0.10 -103.29
N MET L 1822 -27.97 -0.10 -102.11
CA MET L 1822 -27.38 -1.38 -101.75
C MET L 1822 -27.52 -1.59 -100.24
N SER L 1823 -27.66 -2.85 -99.85
CA SER L 1823 -27.77 -3.19 -98.46
C SER L 1823 -26.44 -2.93 -97.73
N ILE L 1824 -26.50 -3.00 -96.40
CA ILE L 1824 -25.31 -2.75 -95.58
C ILE L 1824 -24.21 -3.73 -95.93
N GLU L 1825 -24.56 -5.01 -96.06
CA GLU L 1825 -23.54 -6.03 -96.34
C GLU L 1825 -22.88 -5.80 -97.68
N SER L 1826 -23.66 -5.45 -98.71
CA SER L 1826 -23.08 -5.16 -100.01
C SER L 1826 -22.24 -3.89 -99.97
N LEU L 1827 -22.68 -2.88 -99.21
CA LEU L 1827 -21.96 -1.62 -99.15
C LEU L 1827 -20.55 -1.82 -98.60
N VAL L 1828 -20.43 -2.46 -97.44
CA VAL L 1828 -19.12 -2.63 -96.83
C VAL L 1828 -18.29 -3.61 -97.65
N GLU L 1829 -18.94 -4.56 -98.32
CA GLU L 1829 -18.20 -5.52 -99.15
C GLU L 1829 -17.51 -4.82 -100.31
N VAL L 1830 -18.24 -3.98 -101.04
CA VAL L 1830 -17.65 -3.30 -102.19
C VAL L 1830 -16.57 -2.32 -101.75
N VAL L 1831 -16.82 -1.60 -100.65
CA VAL L 1831 -15.83 -0.63 -100.19
C VAL L 1831 -14.56 -1.34 -99.73
N PHE L 1832 -14.70 -2.51 -99.12
CA PHE L 1832 -13.51 -3.28 -98.73
C PHE L 1832 -12.76 -3.77 -99.97
N TYR L 1833 -13.48 -4.24 -100.97
CA TYR L 1833 -12.83 -4.67 -102.21
C TYR L 1833 -12.09 -3.52 -102.87
N ARG L 1834 -12.73 -2.35 -102.95
CA ARG L 1834 -12.08 -1.21 -103.56
C ARG L 1834 -10.87 -0.76 -102.75
N GLY L 1835 -10.99 -0.75 -101.43
CA GLY L 1835 -9.88 -0.34 -100.61
C GLY L 1835 -8.67 -1.25 -100.77
N MET L 1836 -8.91 -2.57 -100.86
CA MET L 1836 -7.81 -3.49 -101.08
C MET L 1836 -7.20 -3.28 -102.45
N THR L 1837 -8.04 -3.02 -103.46
CA THR L 1837 -7.53 -2.73 -104.79
C THR L 1837 -6.56 -1.57 -104.77
N MET L 1838 -6.89 -0.52 -104.03
CA MET L 1838 -6.01 0.64 -103.98
C MET L 1838 -4.66 0.29 -103.37
N GLN L 1839 -4.65 -0.51 -102.32
CA GLN L 1839 -3.40 -0.94 -101.74
C GLN L 1839 -2.47 -1.54 -102.80
N VAL L 1840 -3.02 -2.37 -103.69
CA VAL L 1840 -2.22 -3.04 -104.70
C VAL L 1840 -2.12 -2.25 -106.00
N ALA L 1841 -2.74 -1.07 -106.07
CA ALA L 1841 -2.59 -0.23 -107.25
C ALA L 1841 -1.24 0.46 -107.29
N VAL L 1842 -0.66 0.75 -106.12
CA VAL L 1842 0.63 1.42 -106.02
C VAL L 1842 1.63 0.43 -105.41
N PRO L 1843 2.87 0.38 -105.87
CA PRO L 1843 3.87 -0.45 -105.19
C PRO L 1843 4.06 0.02 -103.76
N ARG L 1844 4.23 -0.94 -102.86
CA ARG L 1844 4.37 -0.62 -101.46
C ARG L 1844 5.53 -1.34 -100.82
N ASP L 1845 5.61 -1.28 -99.49
CA ASP L 1845 6.67 -1.91 -98.73
C ASP L 1845 6.05 -2.51 -97.48
N GLU L 1846 6.89 -2.96 -96.55
CA GLU L 1846 6.40 -3.38 -95.25
C GLU L 1846 5.80 -2.18 -94.52
N LEU L 1847 4.77 -2.45 -93.72
CA LEU L 1847 3.98 -1.47 -92.98
C LEU L 1847 3.00 -0.75 -93.90
N GLY L 1848 2.86 -1.19 -95.15
CA GLY L 1848 1.85 -0.60 -96.03
C GLY L 1848 2.07 0.86 -96.38
N ARG L 1849 3.11 1.16 -97.14
CA ARG L 1849 3.40 2.53 -97.58
C ARG L 1849 3.38 2.59 -99.10
N SER L 1850 3.73 3.76 -99.65
CA SER L 1850 3.69 3.95 -101.10
C SER L 1850 4.65 5.06 -101.49
N ASN L 1851 4.90 5.16 -102.80
CA ASN L 1851 5.73 6.19 -103.38
C ASN L 1851 4.95 7.45 -103.73
N TYR L 1852 3.62 7.35 -103.86
CA TYR L 1852 2.79 8.47 -104.23
C TYR L 1852 2.30 9.22 -103.00
N GLY L 1853 1.68 10.38 -103.22
CA GLY L 1853 1.16 11.17 -102.13
C GLY L 1853 0.26 12.28 -102.62
N MET L 1854 -0.26 13.05 -101.66
CA MET L 1854 -1.15 14.15 -101.96
C MET L 1854 -0.86 15.33 -101.03
N ILE L 1855 -1.05 16.55 -101.53
CA ILE L 1855 -0.87 17.76 -100.75
C ILE L 1855 -2.00 18.73 -101.06
N ALA L 1856 -2.40 19.51 -100.07
CA ALA L 1856 -3.36 20.58 -100.26
C ALA L 1856 -2.62 21.86 -100.61
N ILE L 1857 -3.15 22.61 -101.56
CA ILE L 1857 -2.50 23.81 -102.08
C ILE L 1857 -3.44 25.00 -101.91
N ASN L 1858 -2.93 26.07 -101.34
CA ASN L 1858 -3.67 27.32 -101.18
C ASN L 1858 -3.10 28.34 -102.15
N PRO L 1859 -3.64 28.50 -103.36
CA PRO L 1859 -3.03 29.42 -104.33
C PRO L 1859 -3.01 30.86 -103.85
N GLY L 1860 -3.88 31.22 -102.90
CA GLY L 1860 -3.86 32.56 -102.35
C GLY L 1860 -2.76 32.81 -101.34
N ARG L 1861 -1.89 31.82 -101.11
CA ARG L 1861 -0.81 31.97 -100.15
C ARG L 1861 0.54 32.16 -100.80
N VAL L 1862 0.72 31.67 -102.03
CA VAL L 1862 1.96 31.92 -102.74
C VAL L 1862 2.05 33.38 -103.17
N ALA L 1863 0.93 33.93 -103.63
CA ALA L 1863 0.82 35.34 -103.97
C ALA L 1863 -0.66 35.70 -103.98
N ALA L 1864 -0.97 36.94 -103.62
CA ALA L 1864 -2.36 37.37 -103.59
C ALA L 1864 -2.98 37.43 -104.99
N SER L 1865 -2.17 37.33 -106.05
CA SER L 1865 -2.66 37.41 -107.41
C SER L 1865 -2.44 36.13 -108.21
N PHE L 1866 -2.34 34.99 -107.53
CA PHE L 1866 -2.07 33.70 -108.19
C PHE L 1866 -3.40 32.99 -108.42
N SER L 1867 -3.91 33.09 -109.64
CA SER L 1867 -5.20 32.51 -109.97
C SER L 1867 -5.10 30.99 -110.07
N GLN L 1868 -6.26 30.34 -109.95
CA GLN L 1868 -6.32 28.90 -110.13
C GLN L 1868 -5.75 28.51 -111.49
N GLU L 1869 -6.23 29.17 -112.55
CA GLU L 1869 -5.76 28.85 -113.89
C GLU L 1869 -4.26 29.00 -114.00
N ALA L 1870 -3.65 29.84 -113.16
CA ALA L 1870 -2.20 29.90 -113.11
C ALA L 1870 -1.60 28.65 -112.50
N LEU L 1871 -2.15 28.19 -111.37
CA LEU L 1871 -1.65 26.97 -110.75
C LEU L 1871 -1.88 25.78 -111.66
N GLN L 1872 -3.09 25.67 -112.22
CA GLN L 1872 -3.37 24.59 -113.17
C GLN L 1872 -2.43 24.65 -114.36
N TYR L 1873 -1.91 25.84 -114.67
CA TYR L 1873 -0.90 25.99 -115.71
C TYR L 1873 0.46 25.50 -115.22
N VAL L 1874 0.85 25.88 -114.00
CA VAL L 1874 2.16 25.52 -113.49
C VAL L 1874 2.27 24.02 -113.28
N VAL L 1875 1.27 23.43 -112.61
CA VAL L 1875 1.31 21.99 -112.36
C VAL L 1875 1.29 21.23 -113.68
N GLU L 1876 0.47 21.69 -114.63
CA GLU L 1876 0.40 21.01 -115.92
C GLU L 1876 1.76 21.03 -116.61
N ARG L 1877 2.43 22.17 -116.60
CA ARG L 1877 3.75 22.26 -117.23
C ARG L 1877 4.80 21.50 -116.42
N VAL L 1878 4.72 21.57 -115.08
CA VAL L 1878 5.74 20.92 -114.25
C VAL L 1878 5.78 19.43 -114.56
N GLY L 1879 4.62 18.80 -114.64
CA GLY L 1879 4.58 17.40 -115.05
C GLY L 1879 5.09 17.22 -116.48
N LYS L 1880 4.60 18.06 -117.39
CA LYS L 1880 5.05 17.97 -118.78
C LYS L 1880 6.53 18.30 -118.90
N ARG L 1881 6.97 19.37 -118.23
CA ARG L 1881 8.38 19.74 -118.24
C ARG L 1881 9.24 18.81 -117.41
N THR L 1882 8.68 17.75 -116.86
CA THR L 1882 9.44 16.77 -116.09
C THR L 1882 9.09 15.33 -116.41
N GLY L 1883 8.00 15.06 -117.10
CA GLY L 1883 7.70 13.72 -117.57
C GLY L 1883 7.16 12.77 -116.52
N TRP L 1884 6.84 13.25 -115.32
CA TRP L 1884 6.29 12.42 -114.28
C TRP L 1884 4.79 12.65 -114.19
N LEU L 1885 4.15 12.06 -113.19
CA LEU L 1885 2.70 12.15 -113.01
C LEU L 1885 2.40 13.08 -111.83
N VAL L 1886 1.64 14.13 -112.11
CA VAL L 1886 1.18 15.07 -111.10
C VAL L 1886 0.05 15.90 -111.71
N GLU L 1887 -0.99 16.17 -110.93
CA GLU L 1887 -2.13 16.94 -111.44
C GLU L 1887 -2.92 17.45 -110.25
N ILE L 1888 -4.08 18.03 -110.54
CA ILE L 1888 -5.00 18.56 -109.54
C ILE L 1888 -6.19 17.62 -109.46
N VAL L 1889 -6.53 17.20 -108.25
CA VAL L 1889 -7.53 16.15 -108.04
C VAL L 1889 -8.79 16.70 -107.38
N ASN L 1890 -8.66 17.65 -106.47
CA ASN L 1890 -9.81 18.19 -105.75
C ASN L 1890 -9.79 19.71 -105.80
N TYR L 1891 -10.77 20.29 -106.50
CA TYR L 1891 -11.03 21.72 -106.42
C TYR L 1891 -12.01 21.93 -105.26
N ASN L 1892 -11.49 22.39 -104.13
CA ASN L 1892 -12.28 22.45 -102.90
C ASN L 1892 -12.84 23.85 -102.64
N VAL L 1893 -11.98 24.86 -102.54
CA VAL L 1893 -12.41 26.24 -102.30
C VAL L 1893 -11.77 27.14 -103.33
N GLU L 1894 -12.57 28.04 -103.91
CA GLU L 1894 -12.10 28.91 -104.99
C GLU L 1894 -10.80 29.61 -104.61
N ASN L 1895 -9.78 29.43 -105.44
CA ASN L 1895 -8.47 30.08 -105.25
C ASN L 1895 -7.98 29.96 -103.82
N GLN L 1896 -8.40 28.93 -103.09
CA GLN L 1896 -7.98 28.81 -101.70
C GLN L 1896 -7.61 27.38 -101.31
N GLN L 1897 -8.14 26.39 -102.03
CA GLN L 1897 -7.92 24.99 -101.66
C GLN L 1897 -7.96 24.14 -102.92
N TYR L 1898 -6.79 23.68 -103.36
CA TYR L 1898 -6.68 22.70 -104.40
C TYR L 1898 -5.74 21.61 -103.92
N VAL L 1899 -6.07 20.36 -104.24
CA VAL L 1899 -5.28 19.21 -103.83
C VAL L 1899 -4.64 18.61 -105.08
N ALA L 1900 -3.34 18.36 -105.01
CA ALA L 1900 -2.61 17.71 -106.09
C ALA L 1900 -2.17 16.32 -105.64
N ALA L 1901 -2.24 15.36 -106.57
CA ALA L 1901 -1.85 13.98 -106.31
C ALA L 1901 -0.76 13.57 -107.30
N GLY L 1902 0.17 12.76 -106.83
CA GLY L 1902 1.21 12.25 -107.70
C GLY L 1902 2.40 11.76 -106.90
N ASP L 1903 3.54 11.70 -107.58
CA ASP L 1903 4.76 11.19 -106.97
C ASP L 1903 5.15 12.04 -105.77
N LEU L 1904 5.44 11.37 -104.65
CA LEU L 1904 5.80 12.10 -103.44
C LEU L 1904 7.05 12.93 -103.65
N ARG L 1905 7.93 12.50 -104.55
CA ARG L 1905 9.05 13.36 -104.95
C ARG L 1905 8.56 14.53 -105.79
N ALA L 1906 7.74 14.24 -106.80
CA ALA L 1906 7.27 15.30 -107.69
C ALA L 1906 6.47 16.34 -106.92
N LEU L 1907 5.59 15.90 -106.02
CA LEU L 1907 4.88 16.84 -105.18
C LEU L 1907 5.84 17.65 -104.33
N ASP L 1908 6.96 17.06 -103.92
CA ASP L 1908 7.93 17.80 -103.11
C ASP L 1908 8.56 18.93 -103.92
N THR L 1909 8.76 18.73 -105.22
CA THR L 1909 9.23 19.83 -106.06
C THR L 1909 8.15 20.88 -106.21
N VAL L 1910 6.91 20.46 -106.40
CA VAL L 1910 5.81 21.40 -106.63
C VAL L 1910 5.76 22.42 -105.50
N THR L 1911 5.84 21.95 -104.25
CA THR L 1911 5.86 22.89 -103.14
C THR L 1911 7.08 23.80 -103.19
N ASN L 1912 8.25 23.24 -103.52
CA ASN L 1912 9.46 24.04 -103.60
C ASN L 1912 9.32 25.13 -104.66
N VAL L 1913 8.82 24.77 -105.84
CA VAL L 1913 8.65 25.74 -106.91
C VAL L 1913 7.72 26.86 -106.47
N LEU L 1914 6.54 26.49 -105.97
CA LEU L 1914 5.62 27.51 -105.47
C LEU L 1914 6.24 28.29 -104.32
N ASN L 1915 7.10 27.64 -103.54
CA ASN L 1915 7.84 28.36 -102.51
C ASN L 1915 8.83 29.33 -103.14
N PHE L 1916 9.35 29.00 -104.32
CA PHE L 1916 10.21 29.94 -105.03
C PHE L 1916 9.39 31.02 -105.72
N ILE L 1917 8.20 30.66 -106.22
CA ILE L 1917 7.31 31.67 -106.79
C ILE L 1917 6.90 32.67 -105.72
N LYS L 1918 6.56 32.18 -104.53
CA LYS L 1918 6.17 33.07 -103.45
C LYS L 1918 7.34 33.89 -102.93
N LEU L 1919 8.57 33.53 -103.30
CA LEU L 1919 9.73 34.31 -102.90
C LEU L 1919 9.97 35.50 -103.82
N GLN L 1920 9.28 35.55 -104.96
CA GLN L 1920 9.40 36.66 -105.90
C GLN L 1920 8.00 37.12 -106.30
N LYS L 1921 7.94 37.98 -107.31
CA LYS L 1921 6.67 38.48 -107.82
C LYS L 1921 6.10 37.55 -108.88
N ARG L 1962 5.00 20.62 -93.24
CA ARG L 1962 4.11 21.62 -93.79
C ARG L 1962 4.80 22.41 -94.91
N GLY L 1963 4.28 23.60 -95.20
CA GLY L 1963 4.85 24.44 -96.23
C GLY L 1963 4.19 25.79 -96.23
N PHE L 1964 4.75 26.70 -97.03
CA PHE L 1964 4.18 28.05 -97.12
C PHE L 1964 2.77 28.01 -97.69
N ALA L 1965 2.59 27.27 -98.78
CA ALA L 1965 1.27 27.13 -99.40
C ALA L 1965 0.89 25.68 -99.68
N CYS L 1966 1.65 24.71 -99.15
CA CYS L 1966 1.42 23.30 -99.42
C CYS L 1966 1.49 22.52 -98.11
N ILE L 1967 0.33 22.18 -97.55
CA ILE L 1967 0.26 21.35 -96.34
C ILE L 1967 0.04 19.91 -96.79
N PRO L 1968 0.66 18.91 -96.14
CA PRO L 1968 0.47 17.52 -96.59
C PRO L 1968 -0.75 16.87 -95.98
N LEU L 1969 -1.63 16.33 -96.82
CA LEU L 1969 -2.86 15.70 -96.37
C LEU L 1969 -2.54 14.30 -95.84
N VAL L 1970 -2.52 14.16 -94.52
CA VAL L 1970 -2.26 12.86 -93.93
C VAL L 1970 -3.44 11.91 -94.21
N GLY L 1971 -3.15 10.61 -94.17
CA GLY L 1971 -4.16 9.59 -94.35
C GLY L 1971 -4.37 9.12 -95.77
N ILE L 1972 -3.69 9.71 -96.74
CA ILE L 1972 -3.82 9.32 -98.14
C ILE L 1972 -2.48 8.75 -98.61
N SER L 1973 -2.53 7.64 -99.34
CA SER L 1973 -1.31 7.00 -99.84
C SER L 1973 -1.46 6.51 -101.28
N VAL L 1974 -2.44 7.03 -102.02
CA VAL L 1974 -2.64 6.67 -103.42
C VAL L 1974 -3.06 7.89 -104.21
N PRO L 1975 -2.66 7.98 -105.49
CA PRO L 1975 -3.09 9.15 -106.27
C PRO L 1975 -4.54 9.08 -106.75
N PHE L 1976 -5.45 9.27 -105.81
CA PHE L 1976 -6.88 9.23 -106.10
C PHE L 1976 -7.25 10.33 -107.08
N HIS L 1977 -8.26 10.05 -107.91
CA HIS L 1977 -8.81 11.04 -108.83
C HIS L 1977 -7.78 11.50 -109.85
N SER L 1978 -6.78 10.67 -110.11
CA SER L 1978 -5.70 11.00 -111.03
C SER L 1978 -5.79 10.13 -112.27
N THR L 1979 -5.17 10.60 -113.35
CA THR L 1979 -5.12 9.81 -114.58
C THR L 1979 -4.29 8.54 -114.40
N TYR L 1980 -3.53 8.44 -113.30
CA TYR L 1980 -2.81 7.21 -113.00
C TYR L 1980 -3.75 6.02 -112.89
N LEU L 1981 -4.94 6.21 -112.30
CA LEU L 1981 -5.86 5.12 -112.02
C LEU L 1981 -6.87 4.89 -113.15
N MET L 1982 -6.61 5.42 -114.34
CA MET L 1982 -7.60 5.33 -115.41
C MET L 1982 -7.86 3.90 -115.84
N ASN L 1983 -6.85 3.02 -115.72
CA ASN L 1983 -7.06 1.62 -116.10
C ASN L 1983 -8.15 0.98 -115.26
N GLY L 1984 -8.12 1.18 -113.95
CA GLY L 1984 -9.07 0.52 -113.08
C GLY L 1984 -10.51 0.85 -113.43
N VAL L 1985 -10.73 2.04 -114.01
CA VAL L 1985 -12.08 2.51 -114.31
C VAL L 1985 -12.83 1.46 -115.10
N LYS L 1986 -12.13 0.69 -115.91
CA LYS L 1986 -12.79 -0.33 -116.71
C LYS L 1986 -13.24 -1.49 -115.83
N PRO L 1987 -12.31 -2.17 -115.12
CA PRO L 1987 -12.76 -3.19 -114.17
C PRO L 1987 -13.69 -2.67 -113.10
N PHE L 1988 -13.46 -1.46 -112.58
CA PHE L 1988 -14.32 -0.93 -111.53
C PHE L 1988 -15.76 -0.84 -112.01
N LYS L 1989 -15.96 -0.37 -113.23
CA LYS L 1989 -17.29 -0.27 -113.78
C LYS L 1989 -17.98 -1.62 -113.82
N SER L 1990 -17.24 -2.66 -114.22
CA SER L 1990 -17.80 -4.01 -114.26
C SER L 1990 -18.16 -4.49 -112.86
N PHE L 1991 -17.30 -4.20 -111.88
CA PHE L 1991 -17.55 -4.65 -110.53
C PHE L 1991 -18.77 -3.96 -109.93
N LEU L 1992 -18.94 -2.67 -110.18
CA LEU L 1992 -20.11 -1.95 -109.70
C LEU L 1992 -21.37 -2.38 -110.43
N LYS L 1993 -21.31 -2.46 -111.76
CA LYS L 1993 -22.46 -2.90 -112.53
C LYS L 1993 -22.94 -4.25 -112.05
N LYS L 1994 -22.03 -5.07 -111.51
CA LYS L 1994 -22.42 -6.32 -110.88
C LYS L 1994 -23.15 -6.07 -109.57
N ASN L 1995 -22.52 -5.33 -108.66
CA ASN L 1995 -23.02 -5.25 -107.29
C ASN L 1995 -24.22 -4.31 -107.18
N ILE L 1996 -24.29 -3.27 -108.00
CA ILE L 1996 -25.41 -2.35 -107.95
C ILE L 1996 -26.61 -3.01 -108.62
N ILE L 1997 -27.60 -3.39 -107.82
CA ILE L 1997 -28.76 -4.09 -108.32
C ILE L 1997 -29.60 -3.14 -109.18
N LYS L 1998 -30.12 -3.65 -110.28
CA LYS L 1998 -30.96 -2.85 -111.17
C LYS L 1998 -32.19 -2.33 -110.44
N GLU L 1999 -32.85 -3.19 -109.66
CA GLU L 1999 -34.13 -2.87 -109.06
C GLU L 1999 -34.01 -2.05 -107.79
N ASN L 2000 -32.80 -1.81 -107.30
CA ASN L 2000 -32.59 -1.07 -106.07
C ASN L 2000 -32.34 0.41 -106.31
N VAL L 2001 -32.37 0.86 -107.55
CA VAL L 2001 -32.12 2.25 -107.89
C VAL L 2001 -33.47 2.91 -108.20
N LYS L 2002 -33.85 3.88 -107.37
CA LYS L 2002 -35.10 4.61 -107.54
C LYS L 2002 -34.75 6.01 -108.04
N VAL L 2003 -35.17 6.32 -109.26
CA VAL L 2003 -34.86 7.63 -109.83
C VAL L 2003 -35.40 8.75 -108.96
N ALA L 2004 -36.62 8.56 -108.43
CA ALA L 2004 -37.23 9.61 -107.62
C ALA L 2004 -36.35 9.96 -106.42
N ARG L 2005 -35.53 9.02 -105.97
CA ARG L 2005 -34.62 9.31 -104.86
C ARG L 2005 -33.36 10.03 -105.32
N LEU L 2006 -33.08 10.05 -106.62
CA LEU L 2006 -31.87 10.65 -107.16
C LEU L 2006 -32.11 11.87 -108.03
N ALA L 2007 -33.20 11.90 -108.80
CA ALA L 2007 -33.40 12.96 -109.78
C ALA L 2007 -33.48 14.32 -109.12
N GLY L 2008 -32.59 15.22 -109.52
CA GLY L 2008 -32.59 16.57 -108.99
C GLY L 2008 -32.07 16.72 -107.59
N LYS L 2009 -31.70 15.62 -106.93
CA LYS L 2009 -31.18 15.65 -105.57
C LYS L 2009 -29.71 15.29 -105.48
N TYR L 2010 -29.29 14.28 -106.25
CA TYR L 2010 -27.91 13.83 -106.18
C TYR L 2010 -27.01 14.61 -107.10
N ILE L 2011 -25.95 15.20 -106.56
CA ILE L 2011 -24.99 15.90 -107.41
C ILE L 2011 -23.67 15.13 -107.44
N PRO L 2012 -23.37 14.48 -108.57
CA PRO L 2012 -22.15 13.66 -108.60
C PRO L 2012 -20.87 14.53 -108.66
N ASN L 2013 -19.74 13.97 -108.25
CA ASN L 2013 -18.48 14.70 -108.34
C ASN L 2013 -17.97 14.72 -109.77
N LEU L 2014 -18.35 13.71 -110.56
CA LEU L 2014 -17.90 13.63 -111.94
C LEU L 2014 -18.45 14.78 -112.77
N THR L 2015 -19.75 15.04 -112.64
CA THR L 2015 -20.39 16.24 -113.18
C THR L 2015 -21.10 16.93 -112.04
N ALA L 2016 -20.69 18.17 -111.73
CA ALA L 2016 -21.31 18.92 -110.65
C ALA L 2016 -22.65 19.47 -111.14
N LYS L 2017 -23.58 18.55 -111.39
CA LYS L 2017 -24.90 18.87 -111.86
C LYS L 2017 -25.87 17.85 -111.28
N PRO L 2018 -27.05 18.27 -110.79
CA PRO L 2018 -27.98 17.30 -110.21
C PRO L 2018 -28.34 16.20 -111.19
N PHE L 2019 -28.43 14.98 -110.67
CA PHE L 2019 -28.65 13.80 -111.48
C PHE L 2019 -29.95 13.92 -112.27
N GLN L 2020 -29.89 13.60 -113.56
CA GLN L 2020 -31.06 13.61 -114.43
C GLN L 2020 -30.88 12.56 -115.51
N VAL L 2021 -31.95 11.85 -115.82
CA VAL L 2021 -31.92 10.86 -116.92
C VAL L 2021 -32.38 11.60 -118.17
N THR L 2022 -31.44 12.30 -118.79
CA THR L 2022 -31.73 13.07 -120.00
C THR L 2022 -30.52 13.04 -120.91
N LYS L 2023 -30.78 13.17 -122.22
CA LYS L 2023 -29.69 13.14 -123.20
C LYS L 2023 -28.65 14.20 -122.90
N GLU L 2024 -29.07 15.34 -122.35
CA GLU L 2024 -28.12 16.40 -122.06
C GLU L 2024 -27.16 15.96 -120.95
N TYR L 2025 -27.67 15.23 -119.97
CA TYR L 2025 -26.81 14.74 -118.90
C TYR L 2025 -25.83 13.70 -119.43
N PHE L 2026 -26.33 12.72 -120.19
CA PHE L 2026 -25.43 11.73 -120.78
C PHE L 2026 -24.47 12.38 -121.76
N GLN L 2027 -24.89 13.43 -122.45
CA GLN L 2027 -23.98 14.13 -123.35
C GLN L 2027 -22.82 14.74 -122.57
N ASP L 2028 -23.13 15.40 -121.46
CA ASP L 2028 -22.08 15.97 -120.62
C ASP L 2028 -21.16 14.88 -120.09
N VAL L 2029 -21.73 13.75 -119.69
CA VAL L 2029 -20.91 12.64 -119.19
C VAL L 2029 -19.95 12.17 -120.26
N TYR L 2030 -20.46 11.96 -121.48
CA TYR L 2030 -19.59 11.54 -122.57
C TYR L 2030 -18.54 12.59 -122.89
N ASP L 2031 -18.92 13.87 -122.86
CA ASP L 2031 -17.99 14.93 -123.21
C ASP L 2031 -16.73 14.86 -122.36
N LEU L 2032 -16.88 14.83 -121.03
CA LEU L 2032 -15.73 14.88 -120.15
C LEU L 2032 -14.96 13.57 -120.15
N THR L 2033 -15.66 12.45 -120.08
CA THR L 2033 -15.05 11.13 -119.99
C THR L 2033 -15.80 10.21 -120.95
N GLY L 2034 -15.24 10.02 -122.14
CA GLY L 2034 -15.89 9.17 -123.13
C GLY L 2034 -16.12 7.77 -122.61
N SER L 2035 -17.35 7.29 -122.72
CA SER L 2035 -17.70 5.93 -122.35
C SER L 2035 -18.61 5.34 -123.41
N GLU L 2036 -18.29 4.13 -123.85
CA GLU L 2036 -19.05 3.49 -124.93
C GLU L 2036 -20.50 3.22 -124.54
N PRO L 2037 -20.80 2.59 -123.41
CA PRO L 2037 -22.22 2.40 -123.07
C PRO L 2037 -22.98 3.71 -123.01
N ILE L 2038 -22.33 4.77 -122.55
CA ILE L 2038 -22.98 6.08 -122.50
C ILE L 2038 -23.44 6.50 -123.88
N LYS L 2039 -22.55 6.44 -124.86
CA LYS L 2039 -22.93 6.89 -126.19
C LYS L 2039 -23.85 5.90 -126.90
N GLU L 2040 -23.86 4.63 -126.48
CA GLU L 2040 -24.91 3.73 -126.93
C GLU L 2040 -26.27 4.25 -126.47
N ILE L 2041 -26.32 4.81 -125.26
CA ILE L 2041 -27.52 5.50 -124.81
C ILE L 2041 -27.77 6.73 -125.65
N ILE L 2042 -26.71 7.49 -125.93
CA ILE L 2042 -26.86 8.73 -126.72
C ILE L 2042 -27.34 8.40 -128.12
N ASP L 2043 -26.55 7.63 -128.87
CA ASP L 2043 -26.84 7.38 -130.27
C ASP L 2043 -28.16 6.65 -130.49
N ASN L 2044 -28.66 5.94 -129.47
CA ASN L 2044 -29.91 5.20 -129.58
C ASN L 2044 -31.00 5.78 -128.69
N TRP L 2045 -30.88 7.07 -128.35
CA TRP L 2045 -31.81 7.65 -127.39
C TRP L 2045 -33.26 7.53 -127.86
N GLU L 2046 -33.51 7.82 -129.14
CA GLU L 2046 -34.87 7.73 -129.66
C GLU L 2046 -35.46 6.35 -129.42
N LYS L 2047 -34.63 5.30 -129.49
CA LYS L 2047 -35.12 3.96 -129.24
C LYS L 2047 -35.55 3.79 -127.79
N TYR L 2048 -34.73 4.27 -126.86
CA TYR L 2048 -35.05 4.14 -125.44
C TYR L 2048 -36.16 5.09 -125.01
N GLU L 2049 -36.12 6.34 -125.47
CA GLU L 2049 -37.15 7.30 -125.08
C GLU L 2049 -38.53 6.81 -125.49
N GLN L 2050 -38.66 6.28 -126.70
CA GLN L 2050 -39.92 5.70 -127.15
C GLN L 2050 -40.22 4.44 -126.36
N1 FMN M . -11.40 -100.89 36.93
C2 FMN M . -11.02 -99.68 37.43
O2 FMN M . -9.83 -99.38 37.47
N3 FMN M . -11.95 -98.77 37.89
C4 FMN M . -13.29 -99.11 37.83
O4 FMN M . -14.14 -98.32 38.24
C4A FMN M . -13.69 -100.34 37.33
N5 FMN M . -15.01 -100.65 37.29
C5A FMN M . -15.41 -101.87 36.79
C6 FMN M . -16.76 -102.18 36.76
C7 FMN M . -17.18 -103.40 36.28
C7M FMN M . -18.65 -103.69 36.25
C8 FMN M . -16.24 -104.31 35.81
C8M FMN M . -16.67 -105.64 35.27
C9 FMN M . -14.90 -104.00 35.84
C9A FMN M . -14.47 -102.78 36.33
N10 FMN M . -13.12 -102.46 36.37
C10 FMN M . -12.73 -101.23 36.88
C1' FMN M . -12.08 -103.43 35.88
C2' FMN M . -11.76 -104.44 36.97
O2' FMN M . -11.05 -103.79 38.00
C3' FMN M . -10.89 -105.59 36.47
O3' FMN M . -9.73 -105.09 35.85
C4' FMN M . -11.65 -106.46 35.48
O4' FMN M . -13.00 -106.56 35.86
C5' FMN M . -11.03 -107.85 35.43
O5' FMN M . -11.47 -108.50 34.27
P FMN M . -12.66 -109.57 34.30
O1P FMN M . -13.94 -108.79 34.37
O2P FMN M . -12.62 -110.37 33.04
O3P FMN M . -12.56 -110.46 35.50
C3 PKZ N . -82.07 -44.36 43.85
C1 PKZ N . -82.51 -42.52 45.51
C10 PKZ N . -79.28 -47.09 38.20
C8 PKZ N . -80.53 -45.98 40.17
C7 PKZ N . -79.49 -45.18 40.99
C5 PKZ N . -79.72 -45.42 43.58
C11 PKZ N . -79.76 -45.91 37.32
C13 PKZ N . -80.72 -45.26 34.96
C16 PKZ N . -77.90 -45.18 32.47
C15 PKZ N . -79.08 -45.90 33.08
C14 PKZ N . -80.22 -44.99 33.53
O3A PKZ N . -80.67 -42.52 58.71
P2A PKZ N . -80.52 -42.98 57.31
O4A PKZ N . -79.44 -43.84 56.82
O5A PKZ N . -81.97 -43.38 56.72
O6A PKZ N . -80.09 -41.38 56.52
CBP PKZ N . -79.25 -41.15 54.21
CCP PKZ N . -79.02 -41.09 55.80
CDP PKZ N . -78.31 -40.21 53.47
CEP PKZ N . -78.91 -42.57 53.75
CAP PKZ N . -80.78 -40.85 53.87
OAP PKZ N . -81.62 -41.78 54.46
C9P PKZ N . -81.28 -39.42 54.34
O9P PKZ N . -81.60 -39.13 55.46
N8P PKZ N . -81.33 -38.37 53.40
C7P PKZ N . -80.97 -38.52 51.97
C6P PKZ N . -82.06 -39.06 51.00
C5P PKZ N . -82.08 -38.41 49.61
O5P PKZ N . -81.76 -37.26 49.45
N4P PKZ N . -82.47 -39.21 48.47
C3P PKZ N . -82.53 -38.71 47.09
C2P PKZ N . -81.73 -39.57 46.08
S1P PKZ N . -81.58 -41.35 46.63
O1 PKZ N . -83.51 -42.17 44.99
C2 PKZ N . -81.96 -43.92 45.30
C4 PKZ N . -81.25 -45.60 43.53
C6 PKZ N . -79.00 -45.85 42.29
C9 PKZ N . -80.03 -47.29 39.52
C12 PKZ N . -79.82 -46.20 35.80
PA NDP O . -53.94 -24.81 53.43
O1A NDP O . -52.85 -25.82 53.19
O2A NDP O . -53.73 -23.66 54.37
O5B NDP O . -54.37 -24.22 52.01
C5B NDP O . -53.75 -23.05 51.47
C4B NDP O . -53.83 -23.21 49.97
O4B NDP O . -53.44 -22.01 49.31
C3B NDP O . -52.88 -24.28 49.47
O3B NDP O . -53.55 -25.55 49.38
C2B NDP O . -52.44 -23.78 48.12
O2B NDP O . -53.09 -24.53 47.11
C1B NDP O . -52.86 -22.32 48.05
N9A NDP O . -51.73 -21.40 47.84
C8A NDP O . -50.54 -21.45 48.47
N7A NDP O . -49.74 -20.43 48.04
C5A NDP O . -50.43 -19.73 47.12
C6A NDP O . -50.20 -18.54 46.28
N6A NDP O . -49.03 -17.87 46.30
N1A NDP O . -51.19 -18.16 45.46
C2A NDP O . -52.37 -18.79 45.40
N3A NDP O . -52.66 -19.87 46.14
C4A NDP O . -51.74 -20.38 47.00
O3 NDP O . -55.27 -25.62 53.84
PN NDP O . -56.39 -24.98 54.79
O1N NDP O . -57.72 -25.58 54.40
O2N NDP O . -55.91 -25.09 56.21
O5D NDP O . -56.41 -23.43 54.37
C5D NDP O . -57.49 -22.57 54.71
C4D NDP O . -57.48 -21.22 55.40
O4D NDP O . -58.11 -21.28 56.68
C3D NDP O . -56.05 -20.74 55.64
O3D NDP O . -55.93 -19.37 55.27
C2D NDP O . -55.83 -20.95 57.11
O2D NDP O . -54.91 -20.00 57.65
C1D NDP O . -57.22 -20.83 57.70
N1N NDP O . -57.37 -21.63 58.92
C2N NDP O . -57.23 -22.96 58.86
C3N NDP O . -57.37 -23.74 60.00
C7N NDP O . -57.21 -25.25 59.93
O7N NDP O . -57.72 -25.93 60.79
N7N NDP O . -56.52 -25.80 58.93
C4N NDP O . -57.67 -23.13 61.34
C5N NDP O . -57.80 -21.68 61.27
C6N NDP O . -57.64 -21.00 60.06
P2B NDP O . -52.48 -24.81 45.66
O1X NDP O . -51.03 -25.12 45.90
O2X NDP O . -53.28 -26.00 45.21
O3X NDP O . -52.76 -23.55 44.90
N1 FMN P . 64.39 -15.51 85.37
C2 FMN P . 64.52 -15.48 84.01
O2 FMN P . 64.46 -16.54 83.37
N3 FMN P . 64.72 -14.30 83.33
C4 FMN P . 64.77 -13.13 84.06
O4 FMN P . 64.95 -12.07 83.48
C4A FMN P . 64.65 -13.15 85.43
N5 FMN P . 64.72 -11.97 86.13
C5A FMN P . 64.59 -11.98 87.49
C6 FMN P . 64.67 -10.78 88.18
C7 FMN P . 64.55 -10.77 89.57
C7M FMN P . 64.64 -9.45 90.27
C8 FMN P . 64.36 -11.96 90.25
C8M FMN P . 64.23 -11.98 91.74
C9 FMN P . 64.29 -13.15 89.56
C9A FMN P . 64.40 -13.18 88.17
N10 FMN P . 64.33 -14.37 87.48
C10 FMN P . 64.46 -14.34 86.10
C1' FMN P . 64.12 -15.68 88.17
C2' FMN P . 65.45 -16.20 88.70
O2' FMN P . 66.25 -16.61 87.62
C3' FMN P . 65.29 -17.38 89.64
O3' FMN P . 64.53 -18.39 89.02
C4' FMN P . 64.61 -17.00 90.94
O4' FMN P . 65.02 -15.71 91.33
C5' FMN P . 64.95 -17.99 92.04
O5' FMN P . 64.02 -17.84 93.08
P FMN P . 64.38 -17.01 94.39
O1P FMN P . 64.23 -15.56 94.04
O2P FMN P . 63.39 -17.38 95.47
O3P FMN P . 65.78 -17.28 94.86
C3 PKZ Q . 55.70 68.78 52.86
C1 PKZ Q . 56.78 69.85 50.86
C10 PKZ Q . 51.04 64.91 56.09
C8 PKZ Q . 52.63 66.58 54.90
C7 PKZ Q . 53.17 65.87 53.63
C5 PKZ Q . 55.73 66.22 53.21
C11 PKZ Q . 49.87 65.64 55.40
C13 PKZ Q . 47.44 66.57 55.73
C16 PKZ Q . 44.99 63.72 55.52
C15 PKZ Q . 45.79 64.69 56.35
C14 PKZ Q . 45.99 66.07 55.74
O3A PKZ Q . 69.41 69.08 46.65
P2A PKZ Q . 68.19 68.70 47.42
O4A PKZ Q . 67.96 67.38 48.01
O5A PKZ Q . 67.76 69.93 48.38
O6A PKZ Q . 66.98 68.70 46.05
CBP PKZ Q . 64.68 67.78 46.23
CCP PKZ Q . 66.19 67.70 45.66
CDP PKZ Q . 63.69 67.10 45.29
CEP PKZ Q . 64.65 67.01 47.55
CAP PKZ Q . 64.29 69.31 46.51
OAP PKZ Q . 65.14 69.89 47.43
C9P PKZ Q . 64.34 70.23 45.21
O9P PKZ Q . 65.34 70.70 44.74
N8P PKZ Q . 63.14 70.52 44.53
C7P PKZ Q . 61.80 70.02 44.95
C6P PKZ Q . 61.05 70.84 46.04
C5P PKZ Q . 59.53 70.94 45.83
O5P PKZ Q . 59.04 70.95 44.74
N4P PKZ Q . 58.67 71.00 47.00
C3P PKZ Q . 57.21 71.10 46.94
C2P PKZ Q . 56.47 70.00 47.76
S1P PKZ Q . 57.50 69.38 49.20
O1 PKZ Q . 56.20 70.87 50.97
C2 PKZ Q . 56.98 68.92 52.02
C4 PKZ Q . 55.75 67.62 53.84
C6 PKZ Q . 54.61 65.31 53.74
C9 PKZ Q . 52.39 65.66 56.12
C12 PKZ Q . 48.50 65.51 56.10
PA NDP R . 58.95 48.30 23.97
O1A NDP R . 59.00 46.93 24.63
O2A NDP R . 59.53 48.49 22.59
O5B NDP R . 57.42 48.77 23.95
C5B NDP R . 56.58 48.47 22.86
C4B NDP R . 55.18 48.38 23.43
O4B NDP R . 54.20 48.32 22.40
C3B NDP R . 54.99 47.14 24.27
O3B NDP R . 55.28 47.40 25.64
C2B NDP R . 53.55 46.75 24.05
O2B NDP R . 52.82 47.09 25.22
C1B NDP R . 53.08 47.57 22.87
N9A NDP R . 52.59 46.74 21.75
C8A NDP R . 53.19 45.64 21.25
N7A NDP R . 52.48 45.15 20.22
C5A NDP R . 51.41 45.94 20.04
C6A NDP R . 50.26 45.99 19.11
N6A NDP R . 50.09 45.07 18.14
N1A NDP R . 49.38 47.00 19.27
C2A NDP R . 49.52 47.94 20.23
N3A NDP R . 50.54 47.95 21.09
C4A NDP R . 51.50 47.00 21.04
O3 NDP R . 59.60 49.35 24.99
PN NDP R . 60.34 50.68 24.48
O1N NDP R . 60.15 51.74 25.52
O2N NDP R . 61.73 50.30 24.04
O5D NDP R . 59.49 51.11 23.20
C5D NDP R . 59.59 52.41 22.63
C4D NDP R . 59.85 52.85 21.20
O4D NDP R . 61.12 53.53 21.10
C3D NDP R . 59.92 51.65 20.28
O3D NDP R . 59.19 51.89 19.08
C2D NDP R . 61.39 51.48 19.99
O2D NDP R . 61.63 50.92 18.70
C1D NDP R . 61.94 52.88 20.13
N1N NDP R . 63.34 52.89 20.57
C2N NDP R . 63.67 52.37 21.75
C3N NDP R . 64.99 52.35 22.20
C7N NDP R . 65.34 51.77 23.54
O7N NDP R . 66.37 52.12 24.07
N7N NDP R . 64.54 50.87 24.12
C4N NDP R . 66.10 52.92 21.35
C5N NDP R . 65.61 53.45 20.09
C6N NDP R . 64.26 53.42 19.75
P2B NDP R . 51.49 46.31 25.69
O1X NDP R . 51.79 44.86 25.47
O2X NDP R . 51.41 46.70 27.14
O3X NDP R . 50.41 46.90 24.82
N1 FMN S . 85.45 -59.62 -28.60
C2 FMN S . 84.13 -59.84 -28.28
O2 FMN S . 83.82 -60.13 -27.13
N3 FMN S . 83.14 -59.73 -29.24
C4 FMN S . 83.49 -59.39 -30.52
O4 FMN S . 82.64 -59.30 -31.39
C4A FMN S . 84.83 -59.18 -30.84
N5 FMN S . 85.15 -58.85 -32.14
C5A FMN S . 86.47 -58.63 -32.47
C6 FMN S . 86.79 -58.31 -33.78
C7 FMN S . 88.10 -58.10 -34.14
C7M FMN S . 88.41 -57.74 -35.57
C8 FMN S . 89.11 -58.20 -33.18
C8M FMN S . 90.55 -57.97 -33.53
C9 FMN S . 88.79 -58.53 -31.88
C9A FMN S . 87.47 -58.75 -31.51
N10 FMN S . 87.13 -59.08 -30.20
C10 FMN S . 85.81 -59.29 -29.89
C1' FMN S . 88.18 -59.21 -29.14
C2' FMN S . 88.82 -60.59 -29.21
O2' FMN S . 87.89 -61.54 -28.78
C3' FMN S . 90.07 -60.70 -28.33
O3' FMN S . 89.76 -60.32 -27.01
C4' FMN S . 91.20 -59.85 -28.85
O4' FMN S . 91.19 -59.83 -30.25
C5' FMN S . 92.53 -60.37 -28.35
O5' FMN S . 93.50 -59.37 -28.49
P FMN S . 94.52 -59.37 -29.72
O1P FMN S . 93.78 -58.84 -30.91
O2P FMN S . 95.67 -58.46 -29.39
O3P FMN S . 95.03 -60.75 -30.02
C3 PKZ T . 30.29 -29.41 -94.03
C1 PKZ T . 28.06 -30.27 -94.80
C10 PKZ T . 34.55 -25.84 -90.01
C8 PKZ T . 32.92 -26.95 -91.67
C7 PKZ T . 31.90 -27.77 -90.84
C5 PKZ T . 31.35 -30.14 -91.80
C11 PKZ T . 33.69 -24.56 -90.13
C13 PKZ T . 33.78 -21.94 -90.36
C16 PKZ T . 34.42 -20.44 -86.97
C15 PKZ T . 34.94 -20.86 -88.32
C14 PKZ T . 33.95 -20.69 -89.47
O3A PKZ T . 24.10 -42.86 -96.68
P2A PKZ T . 24.96 -41.75 -96.18
O4A PKZ T . 25.90 -41.86 -95.07
O5A PKZ T . 25.53 -40.91 -97.45
O6A PKZ T . 23.66 -40.69 -95.44
CBP PKZ T . 24.12 -38.75 -93.97
CCP PKZ T . 23.58 -40.26 -94.18
CDP PKZ T . 23.42 -38.08 -92.79
CEP PKZ T . 25.61 -38.84 -93.62
CAP PKZ T . 23.95 -37.92 -95.31
OAP PKZ T . 24.66 -38.49 -96.35
C9P PKZ T . 22.45 -37.80 -95.82
O9P PKZ T . 21.84 -38.65 -96.42
N8P PKZ T . 21.73 -36.61 -95.54
C7P PKZ T . 22.28 -35.45 -94.80
C6P PKZ T . 23.11 -34.41 -95.62
C5P PKZ T . 22.90 -32.95 -95.20
O5P PKZ T . 21.85 -32.57 -94.78
N4P PKZ T . 24.01 -32.03 -95.33
C3P PKZ T . 23.94 -30.61 -94.96
C2P PKZ T . 25.05 -30.16 -93.98
S1P PKZ T . 26.59 -31.22 -94.12
O1 PKZ T . 27.88 -29.41 -95.57
C2 PKZ T . 29.44 -30.64 -94.31
C4 PKZ T . 31.56 -29.71 -93.27
C6 PKZ T . 32.15 -29.29 -90.78
C9 PKZ T . 34.35 -26.89 -91.10
C12 PKZ T . 34.42 -23.23 -89.79
PA NDP U . 8.44 -40.56 -68.30
O1A NDP U . 9.45 -40.95 -67.26
O2A NDP U . 7.05 -41.16 -68.27
O5B NDP U . 8.30 -38.96 -68.27
C5B NDP U . 7.34 -38.32 -67.44
C4B NDP U . 7.94 -36.97 -67.11
O4B NDP U . 6.98 -36.14 -66.47
C3B NDP U . 9.10 -37.09 -66.15
O3B NDP U . 10.35 -37.19 -66.85
C2B NDP U . 9.01 -35.85 -65.31
O2B NDP U . 10.05 -34.95 -65.71
C1B NDP U . 7.66 -35.24 -65.59
N9A NDP U . 6.82 -35.10 -64.38
C8A NDP U . 6.65 -36.03 -63.41
N7A NDP U . 5.80 -35.57 -62.47
C5A NDP U . 5.43 -34.33 -62.82
C6A NDP U . 4.54 -33.29 -62.27
N6A NDP U . 3.88 -33.46 -61.11
N1A NDP U . 4.42 -32.15 -62.98
C2A NDP U . 5.06 -31.93 -64.14
N3A NDP U . 5.88 -32.84 -64.68
C4A NDP U . 6.09 -34.03 -64.09
O3 NDP U . 9.10 -40.79 -69.74
PN NDP U . 8.22 -41.16 -71.04
O1N NDP U . 8.93 -40.59 -72.24
O2N NDP U . 7.89 -42.62 -70.98
O5D NDP U . 6.87 -40.32 -70.82
C5D NDP U . 5.96 -40.08 -71.89
C4D NDP U . 4.46 -40.31 -71.97
O4D NDP U . 4.16 -41.32 -72.93
C3D NDP U . 3.92 -40.79 -70.64
O3D NDP U . 2.71 -40.11 -70.31
C2D NDP U . 3.68 -42.27 -70.83
O2D NDP U . 2.60 -42.75 -70.04
C1D NDP U . 3.40 -42.38 -72.33
N1N NDP U . 3.81 -43.68 -72.86
C2N NDP U . 5.09 -44.05 -72.82
C3N NDP U . 5.50 -45.28 -73.32
C7N NDP U . 6.95 -45.68 -73.26
O7N NDP U . 7.35 -46.53 -74.04
N7N NDP U . 7.77 -45.14 -72.36
C4N NDP U . 4.51 -46.24 -73.94
C5N NDP U . 3.16 -45.71 -73.92
C6N NDP U . 2.86 -44.46 -73.39
P2B NDP U . 10.74 -33.88 -64.75
O1X NDP U . 10.93 -34.61 -63.44
O2X NDP U . 12.01 -33.59 -65.47
O3X NDP U . 9.75 -32.75 -64.71
N1 FMN V . 4.64 72.83 -79.68
C2 FMN V . 4.55 72.83 -78.31
O2 FMN V . 3.45 72.92 -77.77
N3 FMN V . 5.68 72.75 -77.53
C4 FMN V . 6.91 72.64 -78.15
O4 FMN V . 7.93 72.57 -77.47
C4A FMN V . 7.01 72.64 -79.52
N5 FMN V . 8.24 72.54 -80.12
C5A FMN V . 8.34 72.53 -81.48
C6 FMN V . 9.59 72.43 -82.06
C7 FMN V . 9.72 72.43 -83.43
C7M FMN V . 11.10 72.32 -84.03
C8 FMN V . 8.59 72.51 -84.24
C8M FMN V . 8.69 72.52 -85.73
C9 FMN V . 7.33 72.61 -83.65
C9A FMN V . 7.20 72.62 -82.27
N10 FMN V . 5.96 72.72 -81.68
C10 FMN V . 5.86 72.73 -80.30
C1' FMN V . 4.70 72.82 -82.50
C2' FMN V . 4.48 74.25 -82.94
O2' FMN V . 4.12 75.03 -81.82
C3' FMN V . 3.38 74.40 -83.98
O3' FMN V . 2.20 73.80 -83.52
C4' FMN V . 3.77 73.76 -85.30
O4' FMN V . 5.14 73.95 -85.54
C5' FMN V . 2.97 74.37 -86.44
O5' FMN V . 3.04 73.52 -87.55
P FMN V . 4.04 73.82 -88.76
O1P FMN V . 5.41 73.38 -88.31
O2P FMN V . 3.62 73.01 -89.95
O3P FMN V . 4.08 75.27 -89.10
C3 PKZ W . 82.45 45.93 -41.46
C1 PKZ W . 83.50 46.62 -39.30
C10 PKZ W . 78.13 42.35 -45.44
C8 PKZ W . 79.94 43.48 -43.97
C7 PKZ W . 79.22 44.06 -42.73
C5 PKZ W . 79.98 46.46 -42.01
C11 PKZ W . 78.58 41.01 -44.81
C13 PKZ W . 79.09 38.47 -45.30
C16 PKZ W . 75.84 36.59 -45.56
C15 PKZ W . 77.01 37.27 -46.24
C14 PKZ W . 78.33 37.14 -45.49
O3A PKZ W . 84.59 58.78 -33.95
P2A PKZ W . 84.08 57.73 -34.87
O4A PKZ W . 85.30 57.16 -35.77
O5A PKZ W . 82.80 57.80 -35.59
O6A PKZ W . 83.73 56.43 -33.62
CBP PKZ W . 82.43 54.37 -34.10
CCP PKZ W . 82.57 55.82 -33.40
CDP PKZ W . 81.50 53.46 -33.32
CEP PKZ W . 81.80 54.58 -35.48
CAP PKZ W . 83.88 53.71 -34.29
OAP PKZ W . 84.69 54.51 -35.07
C9P PKZ W . 84.66 53.50 -32.93
O9P PKZ W . 85.27 54.34 -32.32
N8P PKZ W . 84.68 52.21 -32.34
C7P PKZ W . 83.98 51.03 -32.93
C6P PKZ W . 84.76 50.23 -34.02
C5P PKZ W . 84.56 48.70 -33.96
O5P PKZ W . 84.39 48.13 -32.91
N4P PKZ W . 84.58 47.95 -35.20
C3P PKZ W . 84.41 46.48 -35.26
C2P PKZ W . 83.28 46.04 -36.24
S1P PKZ W . 83.01 47.29 -37.62
O1 PKZ W . 84.40 45.85 -39.38
C2 PKZ W . 82.72 47.08 -40.51
C4 PKZ W . 81.41 46.27 -42.53
C6 PKZ W . 78.93 45.57 -42.73
C9 PKZ W . 79.12 43.52 -45.28
C12 PKZ W . 78.27 39.74 -45.64
PA NDP X . 60.16 50.61 -14.15
O1A NDP X . 58.91 50.96 -14.90
O2A NDP X . 60.33 51.02 -12.72
O5B NDP X . 60.36 49.02 -14.25
C5B NDP X . 59.81 48.16 -13.26
C4B NDP X . 59.53 46.85 -13.97
O4B NDP X . 59.18 45.82 -13.06
C3B NDP X . 58.35 46.98 -14.93
O3B NDP X . 58.79 47.32 -16.24
C2B NDP X . 57.70 45.62 -14.88
O2B NDP X . 58.01 44.93 -16.08
C1B NDP X . 58.31 44.90 -13.69
N9A NDP X . 57.29 44.50 -12.68
C8A NDP X . 56.28 45.24 -12.23
N7A NDP X . 55.57 44.56 -11.31
C5A NDP X . 56.13 43.35 -11.16
C6A NDP X . 55.89 42.13 -10.36
N6A NDP X . 54.86 42.06 -9.48
N1A NDP X . 56.73 41.11 -10.53
C2A NDP X . 57.77 41.14 -11.38
N3A NDP X . 58.04 42.20 -12.14
C4A NDP X . 57.28 43.32 -12.08
O3 NDP X . 61.42 51.13 -15.01
PN NDP X . 62.80 51.57 -14.33
O1N NDP X . 63.91 51.26 -15.30
O2N NDP X . 62.63 52.96 -13.79
O5D NDP X . 62.95 50.55 -13.10
C5D NDP X . 64.19 50.35 -12.42
C4D NDP X . 64.52 50.42 -10.94
O4D NDP X . 65.40 51.51 -10.67
C3D NDP X . 63.27 50.64 -10.12
O3D NDP X . 63.26 49.77 -9.00
C2D NDP X . 63.34 52.09 -9.71
O2D NDP X . 62.70 52.32 -8.44
C1D NDP X . 64.83 52.38 -9.69
N1N NDP X . 65.12 53.78 -9.98
C2N NDP X . 64.79 54.29 -11.17
C3N NDP X . 65.06 55.62 -11.48
C7N NDP X . 64.67 56.17 -12.82
O7N NDP X . 65.25 57.17 -13.23
N7N NDP X . 63.71 55.61 -13.55
C4N NDP X . 65.72 56.53 -10.48
C5N NDP X . 66.03 55.84 -9.23
C6N NDP X . 65.72 54.51 -9.03
P2B NDP X . 57.06 43.81 -16.74
O1X NDP X . 55.66 44.37 -16.60
O2X NDP X . 57.57 43.78 -18.15
O3X NDP X . 57.35 42.57 -15.93
N1 FMN Y . -45.85 92.50 31.87
C2 FMN Y . -46.26 91.29 31.41
O2 FMN Y . -46.49 91.13 30.21
N3 FMN Y . -46.43 90.22 32.28
C4 FMN Y . -46.15 90.40 33.61
O4 FMN Y . -46.30 89.47 34.39
C4A FMN Y . -45.75 91.64 34.08
N5 FMN Y . -45.48 91.80 35.41
C5A FMN Y . -45.06 93.01 35.89
C6 FMN Y . -44.82 93.16 37.24
C7 FMN Y . -44.41 94.38 37.75
C7M FMN Y . -44.15 94.49 39.21
C8 FMN Y . -44.25 95.45 36.88
C8M FMN Y . -43.80 96.79 37.39
C9 FMN Y . -44.50 95.31 35.53
C9A FMN Y . -44.91 94.09 35.02
N10 FMN Y . -45.17 93.93 33.67
C10 FMN Y . -45.58 92.69 33.21
C1' FMN Y . -45.00 95.07 32.71
C2' FMN Y . -46.25 95.94 32.73
O2' FMN Y . -47.31 95.24 32.12
C3' FMN Y . -46.05 97.25 31.97
O3' FMN Y . -45.60 96.99 30.66
C4' FMN Y . -45.06 98.16 32.65
O4' FMN Y . -45.18 98.05 34.05
C5' FMN Y . -45.29 99.61 32.24
O5' FMN Y . -44.14 100.35 32.57
P FMN Y . -44.08 101.25 33.88
O1P FMN Y . -43.81 100.33 35.04
O2P FMN Y . -42.95 102.23 33.74
O3P FMN Y . -45.38 101.98 34.11
C3 PKZ Z . -32.51 27.57 93.86
C1 PKZ Z . -33.83 25.49 94.33
C10 PKZ Z . -27.86 31.40 90.56
C8 PKZ Z . -29.40 29.88 91.97
C7 PKZ Z . -30.30 29.10 90.98
C5 PKZ Z . -32.82 28.93 91.70
C11 PKZ Z . -26.77 30.31 90.72
C13 PKZ Z . -24.20 29.89 91.15
C16 PKZ Z . -22.30 30.51 87.97
C15 PKZ Z . -22.76 30.99 89.33
C14 PKZ Z . -22.87 29.89 90.39
O3A PKZ Z . -47.04 23.81 94.80
P2A PKZ Z . -45.76 24.49 94.48
O4A PKZ Z . -44.95 24.79 95.85
O5A PKZ Z . -45.59 25.53 93.45
O6A PKZ Z . -44.88 23.08 93.70
CBP PKZ Z . -42.76 23.29 92.44
CCP PKZ Z . -44.35 23.03 92.48
CDP PKZ Z . -42.10 22.57 91.26
CEP PKZ Z . -42.54 24.79 92.23
CAP PKZ Z . -42.09 22.86 93.82
OAP PKZ Z . -42.63 23.57 94.88
C9P PKZ Z . -42.30 21.33 94.19
O9P PKZ Z . -43.29 20.84 94.66
N8P PKZ Z . -41.24 20.41 93.94
C7P PKZ Z . -39.93 20.81 93.35
C6P PKZ Z . -38.85 21.36 94.33
C5P PKZ Z . -37.41 20.91 94.01
O5P PKZ Z . -37.18 19.84 93.52
N4P PKZ Z . -36.32 21.81 94.32
C3P PKZ Z . -34.91 21.51 94.07
C2P PKZ Z . -34.18 22.60 93.23
S1P PKZ Z . -34.96 24.29 93.43
O1 PKZ Z . -33.08 25.09 95.16
C2 PKZ Z . -33.89 26.96 93.95
C4 PKZ Z . -32.50 28.94 93.19
C6 PKZ Z . -31.75 29.64 90.81
C9 PKZ Z . -29.03 31.32 91.54
C12 PKZ Z . -25.31 30.80 90.55
PA NDP AA . -44.83 10.35 65.31
O1A NDP AA . -44.93 11.49 64.34
O2A NDP AA . -45.66 9.10 65.09
O5B NDP AA . -43.30 9.92 65.39
C5B NDP AA . -42.76 8.92 64.54
C4B NDP AA . -41.29 9.28 64.37
O4B NDP AA . -40.58 8.25 63.71
C3B NDP AA . -41.12 10.52 63.52
O3B NDP AA . -41.05 11.69 64.33
C2B NDP AA . -39.82 10.26 62.78
O2B NDP AA . -38.81 11.08 63.35
C1B NDP AA . -39.50 8.80 62.97
N9A NDP AA . -39.40 8.06 61.70
C8A NDP AA . -40.24 8.14 60.65
N7A NDP AA . -39.85 7.32 59.66
C5A NDP AA . -38.75 6.67 60.08
C6A NDP AA . -37.83 5.65 59.53
N6A NDP AA . -38.00 5.12 58.30
N1A NDP AA . -36.79 5.27 60.31
C2A NDP AA . -36.59 5.77 61.54
N3A NDP AA . -37.38 6.69 62.09
C4A NDP AA . -38.46 7.17 61.42
O3 NDP AA . -45.08 10.92 66.78
PN NDP AA . -45.73 10.03 67.95
O1N NDP AA . -45.16 10.51 69.26
O2N NDP AA . -47.21 9.99 67.74
O5D NDP AA . -45.12 8.57 67.68
C5D NDP AA . -45.15 7.54 68.66
C4D NDP AA . -45.67 6.10 68.57
O4D NDP AA . -46.80 5.92 69.43
C3D NDP AA . -46.10 5.78 67.16
O3D NDP AA . -45.61 4.51 66.78
C2D NDP AA . -47.61 5.80 67.22
O2D NDP AA . -48.19 4.90 66.28
C1D NDP AA . -47.91 5.44 68.67
N1N NDP AA . -49.17 6.02 69.13
C2N NDP AA . -49.29 7.36 69.18
C3N NDP AA . -50.47 7.95 69.62
C7N NDP AA . -50.60 9.44 69.67
O7N NDP AA . -51.43 9.94 70.40
N7N NDP AA . -49.83 10.22 68.90
C4N NDP AA . -51.65 7.10 70.06
C5N NDP AA . -51.37 5.68 69.96
C6N NDP AA . -50.15 5.21 69.50
P2B NDP AA . -37.54 11.63 62.55
O1X NDP AA . -38.08 12.07 61.21
O2X NDP AA . -37.09 12.77 63.42
O3X NDP AA . -36.60 10.46 62.50
C3 PKZ BA . -53.87 -68.51 -55.05
C1 PKZ BA . -52.01 -69.15 -56.60
C10 PKZ BA . -56.60 -65.73 -49.40
C8 PKZ BA . -55.54 -67.01 -51.38
C7 PKZ BA . -54.51 -66.07 -52.03
C5 PKZ BA . -54.52 -66.04 -54.65
C11 PKZ BA . -55.62 -66.49 -48.48
C13 PKZ BA . -55.37 -67.75 -46.18
C16 PKZ BA . -55.05 -65.20 -43.42
C15 PKZ BA . -55.90 -66.17 -44.21
C14 PKZ BA . -55.17 -67.42 -44.69
O3A PKZ BA . -50.38 -66.30 -69.52
P2A PKZ BA . -50.94 -66.18 -68.15
O4A PKZ BA . -51.66 -67.57 -67.73
O5A PKZ BA . -51.64 -64.99 -67.63
O6A PKZ BA . -49.39 -66.12 -67.20
CBP PKZ BA . -49.23 -65.52 -64.80
CCP PKZ BA . -48.97 -65.18 -66.35
CDP PKZ BA . -48.21 -64.83 -63.90
CEP PKZ BA . -50.60 -64.96 -64.42
CAP PKZ BA . -49.24 -67.11 -64.58
OAP PKZ BA . -50.23 -67.70 -65.33
C9P PKZ BA . -47.88 -67.81 -64.99
O9P PKZ BA . -47.55 -68.10 -66.10
N8P PKZ BA . -46.95 -68.16 -63.98
C7P PKZ BA . -47.18 -67.88 -62.53
C6P PKZ BA . -48.00 -68.93 -61.72
C5P PKZ BA . -47.49 -69.17 -60.29
O5P PKZ BA . -46.33 -69.09 -60.01
N4P PKZ BA . -48.46 -69.50 -59.26
C3P PKZ BA . -48.12 -69.76 -57.86
C2P PKZ BA . -48.91 -68.90 -56.85
S1P PKZ BA . -50.57 -68.37 -57.52
O1 PKZ BA . -51.88 -70.25 -56.14
C2 PKZ BA . -53.29 -68.37 -56.45
C4 PKZ BA . -54.98 -67.51 -54.76
C6 PKZ BA . -54.94 -65.35 -53.33
C9 PKZ BA . -56.80 -66.31 -50.80
C12 PKZ BA . -56.05 -66.62 -47.00
PA NDP CA . -28.77 -43.87 -60.25
O1A NDP CA . -29.58 -42.63 -59.98
O2A NDP CA . -27.52 -43.80 -61.07
O5B NDP CA . -28.41 -44.52 -58.83
C5B NDP CA . -27.21 -44.17 -58.15
C4B NDP CA . -27.52 -44.34 -56.67
O4B NDP CA . -26.34 -44.23 -55.88
C3B NDP CA . -28.45 -43.25 -56.17
O3B NDP CA . -29.81 -43.67 -56.25
C2B NDP CA . -28.01 -43.01 -54.75
O2B NDP CA . -28.97 -43.59 -53.88
C1B NDP CA . -26.66 -43.71 -54.60
N9A NDP CA . -25.58 -42.79 -54.21
C8A NDP CA . -25.35 -41.57 -54.72
N7A NDP CA . -24.26 -41.01 -54.14
C5A NDP CA . -23.78 -41.89 -53.24
C6A NDP CA . -22.65 -41.95 -52.28
N6A NDP CA . -21.79 -40.93 -52.15
N1A NDP CA . -22.53 -43.06 -51.54
C2A NDP CA . -23.37 -44.11 -51.64
N3A NDP CA . -24.41 -44.12 -52.49
C4A NDP CA . -24.66 -43.07 -53.30
O3 NDP CA . -29.75 -44.99 -60.86
PN NDP CA . -29.24 -46.12 -61.86
O1N NDP CA . -30.10 -47.35 -61.64
O2N NDP CA . -29.12 -45.52 -63.23
O5D NDP CA . -27.78 -46.47 -61.31
C5D NDP CA . -27.09 -47.66 -61.68
C4D NDP CA . -25.70 -47.85 -62.26
O4D NDP CA . -25.76 -48.35 -63.60
C3D NDP CA . -24.96 -46.52 -62.31
O3D NDP CA . -23.62 -46.68 -61.83
C2D NDP CA . -24.97 -46.14 -63.77
O2D NDP CA . -23.83 -45.38 -64.14
C1D NDP CA . -25.05 -47.48 -64.49
N1N NDP CA . -25.74 -47.38 -65.77
C2N NDP CA . -27.02 -47.00 -65.80
C3N NDP CA . -27.71 -46.89 -67.01
C7N NDP CA . -29.14 -46.46 -67.04
O7N NDP CA . -29.83 -46.77 -68.01
N7N NDP CA . -29.67 -45.77 -66.04
C4N NDP CA . -27.02 -47.20 -68.32
C5N NDP CA . -25.63 -47.59 -68.15
C6N NDP CA . -25.06 -47.67 -66.88
P2B NDP CA . -29.26 -43.06 -52.40
O1X NDP CA . -29.28 -41.56 -52.53
O2X NDP CA . -30.62 -43.66 -52.13
O3X NDP CA . -28.15 -43.63 -51.57
N1 FMN DA . -97.24 10.69 -45.90
C2 FMN DA . -95.92 10.88 -46.25
O2 FMN DA . -95.41 12.00 -46.15
N3 FMN DA . -95.17 9.84 -46.73
C4 FMN DA . -95.74 8.59 -46.83
O4 FMN DA . -95.08 7.65 -47.25
C4A FMN DA . -97.06 8.39 -46.47
N5 FMN DA . -97.62 7.14 -46.59
C5A FMN DA . -98.92 6.94 -46.22
C6 FMN DA . -99.46 5.67 -46.36
C7 FMN DA . -100.78 5.45 -46.00
C7M FMN DA . -101.34 4.07 -46.15
C8 FMN DA . -101.56 6.50 -45.53
C8M FMN DA . -103.00 6.29 -45.13
C9 FMN DA . -101.01 7.76 -45.41
C9A FMN DA . -99.69 8.00 -45.75
N10 FMN DA . -99.13 9.26 -45.64
C10 FMN DA . -97.82 9.45 -45.99
C1' FMN DA . -99.94 10.43 -45.12
C2' FMN DA . -100.76 11.01 -46.25
O2' FMN DA . -99.91 11.67 -47.16
C3' FMN DA . -101.79 12.03 -45.77
O3' FMN DA . -101.15 13.03 -44.99
C4' FMN DA . -102.88 11.38 -44.93
O4' FMN DA . -103.18 10.11 -45.45
C5' FMN DA . -104.13 12.24 -44.93
O5' FMN DA . -104.95 11.84 -43.88
P FMN DA . -106.20 10.88 -44.11
O1P FMN DA . -105.67 9.48 -44.23
O2P FMN DA . -107.12 10.96 -42.92
O3P FMN DA . -106.95 11.24 -45.36
#